data_9D49
#
_entry.id   9D49
#
_cell.length_a   1.00
_cell.length_b   1.00
_cell.length_c   1.00
_cell.angle_alpha   90.00
_cell.angle_beta   90.00
_cell.angle_gamma   90.00
#
_symmetry.space_group_name_H-M   'P 1'
#
loop_
_entity.id
_entity.type
_entity.pdbx_description
1 polymer 'Fatty acid synthase subunit beta'
2 polymer 'Fatty acid synthase subunit alpha'
3 non-polymer 'FLAVIN MONONUCLEOTIDE'
4 non-polymer Palmitoyl-CoA
5 water water
#
loop_
_entity_poly.entity_id
_entity_poly.type
_entity_poly.pdbx_seq_one_letter_code
_entity_poly.pdbx_strand_id
1 'polypeptide(L)'
;MDAYSTRPLTLSHGSLEHVLLVPTASFFIASQLQEQFNKILPEPTEGFAADDEPTTPAELVGKFLGYVSSLVEPSKVGQF
DQVLNLCLTEFENCYLEGNDIHALAAKLLQENDTTLVKTKELIKNYITARIMAKRPFDKKSNSALFRAVGEGNAQLVAIF
GGQGNTDDYFEELRDLYQTYHVLVGDLIKFSAETLSELIRTTLDAEKVFTQGLNILEWLENPSNTPDKDYLLSIPISCPL
IGVIQLAHYVVTAKLLGFTPGELRSYLKGATGHSQGLVTAVAIAETDSWESFFVSVRKAITVLFFIGVRCYEAYPNTSLP
PSILEDSLENNEGVPSPMLSISNLTQEQVQDYVNKTNSHLPAGKQVEISLVNGAKNLVVSGPPQSLYGLNLTLRKAKAPS
GLDQSRIPFSERKLKFSNRFLPVASPFHSHLLVPASDLINKDLVKNNVSFNAKDIQIPVYDTFDGSDLRVLSGSISERIV
DCIIRLPVKWETTTQFKATHILDFGPGGASGLGVLTHRNKDGTGVRVIVAGTLDINPDDDYGFKQEIFDVTSNGLKKNPN
WLEEYHPKLIKNKSGKIFVETKFSKLIGRPPLLVPGMTPCTVSPDFVAATTNAGYTIELAGGGYFSAAGMTAAIDSVVSQ
IEKGSTFGINLIYVNPFMLQWGIPLIKELRSKGYPIQFLTIGAGVPSLEVASEYIETLGLKYLGLKPGSIDAISQVINIA
KAHPNFPIALQWTGGRGGGHHSFEDAHTPMLQMYSKIRRHPNIMLIFGSGFGSADDTYPYLTGEWSTKFDYPPMPFDGFL
FGSRVMIAKEVKTSPDAKKCIAACTGVPDDKWEQTYKKPTGGIVTVRSEMGEPIHKIATRGVMLWKEFDETIFNLPKNKL
VPTLEAKRDYIISRLNADFQKPWFATVNGQARDLATMTYEEVAKRLVELMFIRSTNSWFDVTWRTFTGDFLRRVEERFTK
SKTLSLIQSYSLLDKPDEAIEKVFNAYPAAREQFLNAQDIDHFLSMCQNPMQKPVPFVPVLDRRFEIFFKKDSLWQSEHL
EAVVDQDVQRTCILHGPVAAQFTKVIDEPIKSIMDGIHDGHIKKLLHQYYGDDESKIPAVEYFGGESPVDVQSQVDSSSV
SEDSAVFKATSSTDEESWFKALAGSEINWRHASFLCSFITQDKMFVSNPIRKVFKPSQGMVVEISNGNTSSKTVVTLSEP
VQGELKPTVILKLLKENIIQMEMIENRTMDGKPVSLPLLYNFNPDNGFAPISEVMEDRNQRIKEMYWKLWIDEPFNLDFD
PRDVIKGKDFEITAKEVYDFTHAVGNNCEDFVSRPDRTMLAPMDFAIVVGWRAIIKAIFPNTVDGDLLKLVHLSNGYKMI
PGAKPLQVGDVVSTTAVIESVVNQPTGKIVDVVGTLSRNGKPVMEVTSSFFYRGNYTDFENTFQKTVEPVYQMHIKTSKD
IAVLRSKEWFQLDDEDFDLLNKTLTFETETEVTFKNANIFSSVKCFGPIKVELPTKETVEIGIVDYEAGASHGNPVVDFL
KRNGSTLEQKVNLENPIPIAVLDSYTPSTNEPYARVSGDLNPIHVSRHFASYANLPGTITHGMFSSASVRALIENWAADS
VSSRVRGYTCQFVDMVLPNTALKTSIQHVGMINGRKLIKFETRNEDDVVVLTGEAEIEQPVTTFVFTGQGSQEQGMGMDL
YKTSKAAQDVWNRADNHFKDTYGFSILDIVINNPVNLTIHFGGEKGKRIRENYSAMIFETIVDGKLKTEKIFKEINEHST
SYTFRSEKGLLSATQFTQPALTLMEKAAFEDLKSKGLIPADATFAGHSLGEYAALASLADVMSIESLVEVVFYRGMTMQV
AVPRDELGRSNYGMIAINPGRVAASFSQEALQYVVERVGKRTGWLVEIVNYNVENQQYVAAGDLRALDTVTNVLNFIKLQ
KIDIIELQKSLSLEEVEGHLFEIIDEASKKSAVKPRPLKLERGFACIPLVGISVPFHSTYLMNGVKPFKSFLKKNIIKEN
VKVARLAGKYIPNLTAKPFQVTKEYFQDVYDLTGSEPIKEIIDNWEKYEQS
;
A,E,I,M,Q,U
2 'polypeptide(L)'
;MKPEVEQELAHILLTELLAYQFASPVRWIETQDVFLKDFNTERVVEIGPSPTLAGMAQRTLKNKYESYDAALSLHREILC
YSKDAKEIYYTPDPSELAAKEEPAKEEAPAPTPAASAPAPAAAAPAPVAAAAPAAAAAEIADEPVKASLLLHVLVAHKLK
KSLDSIPMSKTIKDLVGGKSTVQNEILGDLGKEFGTTPEKPEETPLEELAETFQDTFSGALGKQSSSLLSRLISSKMPGG
FTITVARKYLQTRWGLPSGRQDGVLLVALSNEPAARLGSEADAKAFLDSMAQKYASIVGVDLSSAASASGAAGAGAAAGA
AMIDAGALEEITKDHKVLARQQLQVLARYLKMDLDNGERKFLKEKDTVAELQAQLDYLNAELGEFFVNGVATSFSRKKAR
TFDSSWNWAKQSLLSLYFEIIHGVLKNVDREVVSEAINIMNRSNDALIKFMEYHISNTDETKGENYQLVKTLGEQLIENC
KQVLDVDPVYKDVAKPTGPKTAIDKNGNITYSEEPREKVRKLSQYVQEMALGGPITKESQPTIEEDLTRVYKAISAQADK
QDISSSTRVEFEKLYSDLMKFLESSKEIDPSQTTQLAGMDVEDALDKDSTKEVASLPNKSTISKTVSSTIPRETIPFLHL
RKKTPAGDWKYDRQLSSLFLDGLEKAAFNGVTFKDKYVLITGAGKGSIGAEVLQGLLQGGAKVVVTTSRFSKQVTDYYQS
IYAKYGAKGSTLIVVPFNQGSKQDVEALIEFIYDTEKNGGLGWDLDAIIPFAAIPEQGIELEHIDSKSEFAHRIMLTNIL
RMMGCVKKQKSARGIETRPAQVILPMSPNHGTFGGDGMYSESKLSLETLFNRWHSESWANQLTVCGAIIGWTRGTGLMSA
NNIIAEGIEKMGVRTFSQKEMAFNLLGLLTPEVVELCQKSPVMADLNGGLQFVPELKEFTAKLRKELVETSEVRKAVSIE
TALEHKVVNGNSADAAYAQVEIQPRANIQLDFPELKPYKQVKQIAPAELEGLLDLERVIVVTGFAEVGPWGSARTRWEME
AFGEFSLEGCVEMAWIMGFISYHNGNLKGRPYTGWVDSKTKEPVDDKDVKAKYETSILEHSGIRLIEPELFNGYNPEKKE
MIQEVIVEEDLEPFEASKETAEQFKHQHGDKVDIFEIPETGEYSVKLLKGATLYIPKALRFDRLVAGQIPTGWNAKTYGI
SDDIISQVDPITLFVLVSVVEAFIASGITDPYEMYKYVHVSEVGNCSGSGMGGVSALRGMFKDRFKDEPVQNDILQESFI
NTMSAWVNMLLISSSGPIKTPVGACATSVESVDIGVETILSGKARICIVGGYDDFQEEGSFEFGNMKATSNTLEEFEHGR
TPAEMSRPATTTRNGFMEAQGAGIQIIMQADLALKMGVPIYGIVAMAATATDKIGRSVPAPGKGILTTAREHHSSVKYAS
PNLNMKYRKRQLVTREAQIKDWVENELEALKLEAEEIPSEDQNEFLLERTREIHNEAESQLRAAQQQWGNDFYKRDPRIA
PLRGALATYGLTIDDLGVASFHGTSTKANDKNESATINEMMKHLGRSEGNPVIGVFQKFLTGHPKGAAGAWMMNGALQIL
NSGIIPGNRNADNVDKILEQFEYVLYPSKTLKTDGVRAVSITSFGFGQKGGQAIVVHPDYLYGAITEDRYNEYVAKVSAR
EKSAYKFFHNGMIYNKLFVSKEHAPYTDELEEDVYLDPLARVSKDKKSGSLTFNSKNIQSKDSYINANTIETAKMIENMT
KEKVSNGGVGVDVELITSINVENDTFIERNFTPQEIEYCSAQPSVQSSFAGTWSAKEAVFKSLGVKSLGGGAALKDIEIV
RVNKNAPAVELHGNAKKAAEEAGVTDVKVSISHDDLQAVAVAVSTKK
;
B,F,J,N,R,V
#
loop_
_chem_comp.id
_chem_comp.type
_chem_comp.name
_chem_comp.formula
FMN non-polymer 'FLAVIN MONONUCLEOTIDE' 'C17 H21 N4 O9 P'
PKZ non-polymer Palmitoyl-CoA 'C37 H66 N7 O17 P3 S'
#
# COMPACT_ATOMS: atom_id res chain seq x y z
N SER A 5 49.44 -0.26 124.01
CA SER A 5 49.67 -0.04 122.59
C SER A 5 48.69 -0.84 121.73
N THR A 6 47.97 -0.14 120.87
CA THR A 6 47.01 -0.74 119.94
C THR A 6 47.24 -0.15 118.55
N ARG A 7 46.73 -0.84 117.54
CA ARG A 7 46.93 -0.39 116.18
C ARG A 7 45.78 -0.82 115.29
N PRO A 8 45.57 -0.14 114.16
CA PRO A 8 44.40 -0.43 113.32
C PRO A 8 44.53 -1.74 112.57
N LEU A 9 43.37 -2.34 112.30
CA LEU A 9 43.23 -3.54 111.49
C LEU A 9 42.02 -3.28 110.61
N THR A 10 42.24 -3.06 109.31
CA THR A 10 41.17 -2.67 108.40
C THR A 10 40.61 -3.91 107.73
N LEU A 11 39.30 -4.11 107.82
CA LEU A 11 38.59 -5.12 107.07
C LEU A 11 37.45 -4.48 106.29
N SER A 12 37.36 -4.82 105.00
CA SER A 12 36.38 -4.21 104.11
C SER A 12 35.83 -5.28 103.19
N HIS A 13 34.62 -5.04 102.69
CA HIS A 13 33.98 -5.89 101.68
C HIS A 13 33.33 -4.92 100.69
N GLY A 14 34.09 -4.55 99.66
CA GLY A 14 33.64 -3.53 98.73
C GLY A 14 33.88 -2.14 99.26
N SER A 15 32.94 -1.22 99.00
CA SER A 15 33.10 0.16 99.45
C SER A 15 33.15 0.25 100.97
N LEU A 16 32.26 -0.47 101.65
CA LEU A 16 32.18 -0.40 103.10
C LEU A 16 33.44 -0.97 103.74
N GLU A 17 33.82 -0.39 104.89
CA GLU A 17 35.04 -0.79 105.57
C GLU A 17 34.89 -0.52 107.06
N HIS A 18 35.77 -1.15 107.84
CA HIS A 18 35.77 -1.01 109.29
C HIS A 18 37.19 -1.22 109.80
N VAL A 19 37.47 -0.69 110.99
CA VAL A 19 38.79 -0.73 111.58
C VAL A 19 38.68 -1.17 113.03
N LEU A 20 39.49 -2.15 113.42
CA LEU A 20 39.59 -2.64 114.79
C LEU A 20 40.93 -2.22 115.38
N LEU A 21 40.90 -1.56 116.53
CA LEU A 21 42.12 -1.09 117.18
C LEU A 21 42.64 -2.18 118.12
N VAL A 22 43.08 -3.27 117.50
CA VAL A 22 43.49 -4.46 118.28
C VAL A 22 44.80 -4.18 118.99
N PRO A 23 45.06 -4.75 120.17
CA PRO A 23 46.38 -4.59 120.79
C PRO A 23 47.46 -5.30 119.99
N THR A 24 48.70 -4.81 120.16
CA THR A 24 49.84 -5.40 119.47
C THR A 24 50.12 -6.82 119.93
N ALA A 25 49.70 -7.19 121.15
CA ALA A 25 49.99 -8.54 121.65
C ALA A 25 49.34 -9.60 120.79
N SER A 26 48.11 -9.37 120.34
CA SER A 26 47.36 -10.30 119.51
C SER A 26 47.15 -9.77 118.09
N PHE A 27 48.01 -8.84 117.65
CA PHE A 27 47.87 -8.35 116.29
C PHE A 27 48.09 -9.46 115.27
N PHE A 28 49.06 -10.34 115.53
CA PHE A 28 49.34 -11.40 114.57
C PHE A 28 48.16 -12.36 114.43
N ILE A 29 47.57 -12.79 115.54
CA ILE A 29 46.45 -13.71 115.47
C ILE A 29 45.25 -13.02 114.82
N ALA A 30 45.05 -11.74 115.14
CA ALA A 30 43.97 -10.98 114.51
C ALA A 30 44.19 -10.87 113.01
N SER A 31 45.44 -10.64 112.58
CA SER A 31 45.72 -10.46 111.16
C SER A 31 45.55 -11.76 110.39
N GLN A 32 45.99 -12.88 110.95
CA GLN A 32 45.79 -14.14 110.24
C GLN A 32 44.31 -14.48 110.17
N LEU A 33 43.56 -14.21 111.25
CA LEU A 33 42.12 -14.41 111.20
C LEU A 33 41.49 -13.54 110.13
N GLN A 34 41.94 -12.28 110.01
CA GLN A 34 41.49 -11.42 108.94
C GLN A 34 41.77 -12.03 107.57
N GLU A 35 42.98 -12.55 107.38
CA GLU A 35 43.35 -13.07 106.07
C GLU A 35 42.47 -14.24 105.68
N GLN A 36 42.34 -15.24 106.57
CA GLN A 36 41.51 -16.38 106.22
C GLN A 36 40.02 -16.01 106.18
N PHE A 37 39.60 -14.99 106.94
CA PHE A 37 38.22 -14.53 106.86
C PHE A 37 37.93 -13.92 105.49
N ASN A 38 38.86 -13.09 104.97
CA ASN A 38 38.69 -12.55 103.63
C ASN A 38 38.71 -13.66 102.58
N LYS A 39 39.56 -14.67 102.79
CA LYS A 39 39.57 -15.82 101.88
C LYS A 39 38.22 -16.51 101.87
N ILE A 40 37.62 -16.70 103.05
CA ILE A 40 36.32 -17.36 103.13
C ILE A 40 35.23 -16.49 102.53
N LEU A 41 35.32 -15.18 102.72
CA LEU A 41 34.23 -14.28 102.31
C LEU A 41 34.06 -14.30 100.80
N PRO A 42 32.83 -14.29 100.28
CA PRO A 42 32.65 -14.18 98.83
C PRO A 42 33.02 -12.80 98.32
N GLU A 43 33.29 -12.74 97.01
CA GLU A 43 33.77 -11.51 96.42
C GLU A 43 32.67 -10.45 96.42
N PRO A 44 33.01 -9.17 96.55
CA PRO A 44 31.98 -8.13 96.54
C PRO A 44 31.27 -8.04 95.20
N THR A 45 30.06 -7.48 95.25
CA THR A 45 29.25 -7.20 94.07
C THR A 45 28.64 -5.83 94.22
N GLU A 46 28.24 -5.24 93.09
CA GLU A 46 27.67 -3.91 93.12
C GLU A 46 26.30 -3.93 93.81
N GLY A 47 26.14 -3.06 94.81
CA GLY A 47 24.92 -2.99 95.57
C GLY A 47 24.81 -3.97 96.71
N PHE A 48 25.69 -4.97 96.77
CA PHE A 48 25.66 -5.98 97.82
C PHE A 48 24.34 -6.73 97.85
N ALA A 49 23.74 -6.89 96.66
CA ALA A 49 22.43 -7.53 96.56
C ALA A 49 22.51 -9.04 96.64
N ALA A 50 23.68 -9.63 96.44
CA ALA A 50 23.81 -11.08 96.53
C ALA A 50 23.67 -11.55 97.97
N ASP A 51 23.14 -12.75 98.13
CA ASP A 51 22.93 -13.31 99.45
C ASP A 51 24.26 -13.76 100.06
N ASP A 52 24.24 -13.93 101.39
CA ASP A 52 25.37 -14.46 102.13
C ASP A 52 26.59 -13.54 102.07
N GLU A 53 26.37 -12.23 101.94
CA GLU A 53 27.43 -11.25 101.99
C GLU A 53 26.96 -10.05 102.80
N PRO A 54 27.88 -9.28 103.39
CA PRO A 54 27.45 -8.06 104.09
C PRO A 54 26.99 -6.98 103.13
N THR A 55 26.17 -6.08 103.65
CA THR A 55 25.73 -4.89 102.93
C THR A 55 26.18 -3.59 103.56
N THR A 56 26.43 -3.57 104.87
CA THR A 56 26.82 -2.38 105.60
C THR A 56 28.00 -2.76 106.49
N PRO A 57 28.77 -1.77 106.98
CA PRO A 57 29.92 -2.12 107.83
C PRO A 57 29.50 -2.86 109.08
N ALA A 58 28.33 -2.55 109.64
CA ALA A 58 27.81 -3.29 110.79
C ALA A 58 27.61 -4.76 110.44
N GLU A 59 27.01 -5.02 109.27
CA GLU A 59 26.82 -6.41 108.85
C GLU A 59 28.14 -7.12 108.67
N LEU A 60 29.13 -6.44 108.10
CA LEU A 60 30.43 -7.06 107.88
C LEU A 60 31.09 -7.42 109.22
N VAL A 61 31.06 -6.49 110.19
CA VAL A 61 31.71 -6.80 111.45
C VAL A 61 30.98 -7.95 112.11
N GLY A 62 29.65 -7.94 112.07
CA GLY A 62 28.89 -9.00 112.71
C GLY A 62 29.17 -10.35 112.08
N LYS A 63 29.33 -10.38 110.76
CA LYS A 63 29.74 -11.61 110.10
C LYS A 63 31.09 -12.08 110.62
N PHE A 64 32.02 -11.16 110.82
CA PHE A 64 33.32 -11.55 111.37
C PHE A 64 33.18 -12.10 112.79
N LEU A 65 32.32 -11.46 113.61
CA LEU A 65 32.04 -12.00 114.94
C LEU A 65 31.50 -13.42 114.87
N GLY A 66 30.50 -13.65 114.03
CA GLY A 66 29.92 -14.98 113.95
C GLY A 66 30.94 -16.02 113.49
N TYR A 67 31.79 -15.63 112.54
CA TYR A 67 32.81 -16.53 112.02
C TYR A 67 33.83 -16.88 113.10
N VAL A 68 34.30 -15.88 113.85
CA VAL A 68 35.26 -16.15 114.92
C VAL A 68 34.62 -16.96 116.03
N SER A 69 33.34 -16.69 116.32
CA SER A 69 32.63 -17.46 117.34
C SER A 69 32.51 -18.93 116.92
N SER A 70 32.23 -19.18 115.64
CA SER A 70 32.19 -20.55 115.16
C SER A 70 33.55 -21.22 115.29
N LEU A 71 34.63 -20.49 114.99
CA LEU A 71 35.97 -21.06 115.16
C LEU A 71 36.35 -21.27 116.62
N VAL A 72 35.77 -20.53 117.55
CA VAL A 72 36.05 -20.67 118.98
C VAL A 72 35.29 -21.89 119.49
N GLU A 73 35.95 -22.71 120.30
CA GLU A 73 35.38 -23.93 120.86
C GLU A 73 35.62 -23.94 122.37
N PRO A 74 34.69 -23.39 123.16
CA PRO A 74 34.87 -23.43 124.62
C PRO A 74 34.91 -24.84 125.18
N GLY A 78 40.41 -20.75 124.03
CA GLY A 78 41.52 -19.90 124.44
C GLY A 78 42.39 -19.43 123.28
N GLN A 79 42.27 -20.10 122.14
CA GLN A 79 43.11 -19.75 120.99
C GLN A 79 42.79 -18.35 120.48
N PHE A 80 41.50 -18.05 120.26
CA PHE A 80 41.06 -16.77 119.71
C PHE A 80 40.09 -16.07 120.65
N ASP A 81 40.09 -16.44 121.94
CA ASP A 81 39.15 -15.86 122.88
C ASP A 81 39.42 -14.37 123.08
N GLN A 82 40.69 -13.98 123.20
CA GLN A 82 41.01 -12.59 123.45
C GLN A 82 40.58 -11.72 122.28
N VAL A 83 40.89 -12.14 121.06
CA VAL A 83 40.53 -11.34 119.88
C VAL A 83 39.01 -11.32 119.72
N LEU A 84 38.35 -12.44 120.00
CA LEU A 84 36.89 -12.43 119.95
C LEU A 84 36.31 -11.43 120.93
N ASN A 85 36.81 -11.42 122.17
CA ASN A 85 36.33 -10.47 123.16
C ASN A 85 36.59 -9.04 122.73
N LEU A 86 37.80 -8.77 122.21
CA LEU A 86 38.15 -7.41 121.83
C LEU A 86 37.25 -6.89 120.73
N CYS A 87 37.11 -7.66 119.64
CA CYS A 87 36.33 -7.17 118.52
C CYS A 87 34.83 -7.18 118.83
N LEU A 88 34.38 -8.09 119.70
CA LEU A 88 33.00 -8.04 120.18
C LEU A 88 32.74 -6.77 120.98
N THR A 89 33.67 -6.40 121.86
CA THR A 89 33.52 -5.16 122.61
C THR A 89 33.53 -3.95 121.68
N GLU A 90 34.38 -3.98 120.64
CA GLU A 90 34.39 -2.88 119.69
C GLU A 90 33.05 -2.77 118.98
N PHE A 91 32.50 -3.92 118.55
CA PHE A 91 31.20 -3.91 117.88
C PHE A 91 30.12 -3.35 118.79
N GLU A 92 30.10 -3.79 120.07
CA GLU A 92 29.10 -3.27 120.99
C GLU A 92 29.25 -1.77 121.19
N ASN A 93 30.48 -1.31 121.39
CA ASN A 93 30.69 0.12 121.65
C ASN A 93 30.28 0.96 120.45
N CYS A 94 30.62 0.51 119.23
CA CYS A 94 30.39 1.34 118.07
C CYS A 94 28.93 1.32 117.65
N TYR A 95 28.26 0.17 117.76
CA TYR A 95 26.90 0.01 117.26
C TYR A 95 25.83 -0.18 118.34
N LEU A 96 26.17 -0.82 119.47
CA LEU A 96 25.22 -0.98 120.57
C LEU A 96 25.50 0.13 121.58
N GLU A 97 24.92 1.30 121.31
CA GLU A 97 25.07 2.46 122.20
C GLU A 97 24.10 2.34 123.38
N GLY A 98 24.31 1.29 124.17
CA GLY A 98 23.45 0.98 125.28
C GLY A 98 22.19 0.21 124.92
N ASN A 99 21.92 0.03 123.63
CA ASN A 99 20.71 -0.63 123.16
C ASN A 99 20.99 -2.10 122.85
N ASP A 100 19.91 -2.85 122.68
CA ASP A 100 20.00 -4.28 122.43
C ASP A 100 20.25 -4.55 120.95
N ILE A 101 20.55 -5.81 120.64
CA ILE A 101 20.87 -6.20 119.28
C ILE A 101 19.68 -6.01 118.37
N HIS A 102 18.47 -6.25 118.87
CA HIS A 102 17.29 -6.22 118.01
C HIS A 102 16.90 -4.81 117.61
N ALA A 103 17.13 -3.83 118.48
CA ALA A 103 16.92 -2.44 118.08
C ALA A 103 17.84 -2.05 116.94
N LEU A 104 19.11 -2.45 117.04
CA LEU A 104 20.05 -2.23 115.94
C LEU A 104 19.59 -2.94 114.68
N ALA A 105 19.10 -4.17 114.82
CA ALA A 105 18.64 -4.92 113.67
C ALA A 105 17.48 -4.21 112.97
N ALA A 106 16.53 -3.70 113.76
CA ALA A 106 15.44 -2.93 113.19
C ALA A 106 15.95 -1.68 112.51
N LYS A 107 16.95 -1.02 113.10
CA LYS A 107 17.50 0.19 112.49
C LYS A 107 18.12 -0.12 111.13
N LEU A 108 18.90 -1.21 111.03
CA LEU A 108 19.44 -1.61 109.73
C LEU A 108 18.33 -1.97 108.76
N LEU A 109 17.29 -2.67 109.22
CA LEU A 109 16.21 -3.07 108.32
C LEU A 109 15.50 -1.84 107.75
N GLN A 110 15.26 -0.83 108.58
CA GLN A 110 14.50 0.32 108.13
C GLN A 110 15.37 1.31 107.38
N GLU A 111 16.38 1.87 108.05
CA GLU A 111 17.20 2.92 107.43
C GLU A 111 18.09 2.34 106.33
N ASN A 112 18.79 1.26 106.61
CA ASN A 112 19.76 0.70 105.68
C ASN A 112 19.11 -0.31 104.75
N ASP A 113 19.81 -0.61 103.65
CA ASP A 113 19.34 -1.57 102.65
C ASP A 113 19.75 -2.98 103.06
N THR A 114 19.11 -3.46 104.12
CA THR A 114 19.37 -4.79 104.67
C THR A 114 18.13 -5.65 104.52
N THR A 115 18.33 -6.93 104.21
CA THR A 115 17.25 -7.87 104.05
C THR A 115 17.00 -8.63 105.35
N LEU A 116 15.87 -9.34 105.40
CA LEU A 116 15.50 -10.08 106.59
C LEU A 116 16.50 -11.18 106.91
N VAL A 117 16.96 -11.91 105.88
CA VAL A 117 17.91 -12.99 106.12
C VAL A 117 19.22 -12.43 106.65
N LYS A 118 19.69 -11.32 106.07
CA LYS A 118 20.92 -10.70 106.54
C LYS A 118 20.77 -10.20 107.97
N THR A 119 19.62 -9.61 108.30
CA THR A 119 19.41 -9.14 109.67
C THR A 119 19.40 -10.30 110.66
N LYS A 120 18.71 -11.39 110.30
CA LYS A 120 18.66 -12.56 111.17
C LYS A 120 20.06 -13.15 111.36
N GLU A 121 20.84 -13.20 110.29
CA GLU A 121 22.19 -13.77 110.38
C GLU A 121 23.11 -12.87 111.20
N LEU A 122 22.93 -11.55 111.11
CA LEU A 122 23.67 -10.64 111.99
C LEU A 122 23.31 -10.88 113.45
N ILE A 123 22.02 -11.03 113.74
CA ILE A 123 21.58 -11.29 115.11
C ILE A 123 22.17 -12.60 115.61
N LYS A 124 22.15 -13.63 114.77
CA LYS A 124 22.71 -14.93 115.13
C LYS A 124 24.20 -14.79 115.45
N ASN A 125 24.94 -14.10 114.59
CA ASN A 125 26.37 -13.95 114.80
C ASN A 125 26.65 -13.25 116.13
N TYR A 126 25.93 -12.16 116.40
CA TYR A 126 26.18 -11.43 117.63
C TYR A 126 25.86 -12.27 118.85
N ILE A 127 24.71 -12.96 118.85
CA ILE A 127 24.32 -13.73 120.03
C ILE A 127 25.26 -14.90 120.24
N THR A 128 25.63 -15.58 119.15
CA THR A 128 26.57 -16.70 119.26
C THR A 128 27.91 -16.24 119.81
N ALA A 129 28.42 -15.11 119.31
CA ALA A 129 29.68 -14.59 119.83
C ALA A 129 29.54 -14.24 121.31
N ARG A 130 28.43 -13.62 121.69
CA ARG A 130 28.23 -13.23 123.09
C ARG A 130 28.26 -14.44 124.01
N ILE A 131 27.55 -15.52 123.64
CA ILE A 131 27.54 -16.70 124.50
C ILE A 131 28.89 -17.40 124.47
N MET A 132 29.50 -17.52 123.30
CA MET A 132 30.73 -18.29 123.18
C MET A 132 31.88 -17.61 123.92
N ALA A 133 31.92 -16.28 123.92
CA ALA A 133 33.03 -15.57 124.56
C ALA A 133 32.78 -15.33 126.04
N LYS A 134 32.31 -16.37 126.74
CA LYS A 134 32.07 -16.31 128.19
C LYS A 134 31.35 -15.04 128.61
N ARG A 135 30.40 -14.58 127.80
CA ARG A 135 29.71 -13.31 128.01
C ARG A 135 28.21 -13.53 127.85
N PRO A 136 27.60 -14.27 128.78
CA PRO A 136 26.15 -14.49 128.68
C PRO A 136 25.37 -13.21 128.95
N PHE A 137 24.04 -13.30 128.88
CA PHE A 137 23.16 -12.17 129.15
C PHE A 137 22.69 -12.14 130.60
N ASP A 138 23.53 -12.62 131.53
CA ASP A 138 23.15 -12.65 132.94
C ASP A 138 22.88 -11.25 133.47
N LYS A 139 23.55 -10.23 132.93
CA LYS A 139 23.29 -8.86 133.34
C LYS A 139 21.85 -8.49 133.01
N LYS A 140 21.16 -7.89 133.97
CA LYS A 140 19.77 -7.52 133.78
C LYS A 140 19.67 -6.43 132.72
N SER A 141 18.72 -6.58 131.79
CA SER A 141 18.53 -5.60 130.75
C SER A 141 17.81 -4.37 131.30
N ASN A 142 18.00 -3.24 130.62
CA ASN A 142 17.39 -1.97 130.97
C ASN A 142 16.39 -1.54 129.91
N SER A 143 15.61 -2.49 129.41
CA SER A 143 14.60 -2.18 128.40
C SER A 143 13.57 -1.21 128.96
N ALA A 144 13.13 -0.28 128.12
CA ALA A 144 12.20 0.75 128.56
C ALA A 144 10.87 0.14 129.00
N LEU A 145 10.38 -0.85 128.25
CA LEU A 145 9.11 -1.48 128.59
C LEU A 145 9.16 -2.11 129.98
N PHE A 146 10.23 -2.87 130.26
CA PHE A 146 10.30 -3.56 131.54
C PHE A 146 10.67 -2.61 132.68
N ARG A 147 11.38 -1.51 132.38
CA ARG A 147 11.57 -0.49 133.40
C ARG A 147 10.23 0.15 133.78
N ALA A 148 9.39 0.43 132.77
CA ALA A 148 8.05 0.95 133.04
C ALA A 148 7.23 -0.04 133.83
N VAL A 149 7.38 -1.34 133.54
CA VAL A 149 6.69 -2.36 134.31
C VAL A 149 7.17 -2.36 135.75
N GLY A 150 8.48 -2.26 135.96
CA GLY A 150 9.02 -2.25 137.31
C GLY A 150 8.50 -1.08 138.12
N GLU A 151 8.42 0.10 137.51
CA GLU A 151 7.89 1.27 138.20
C GLU A 151 6.37 1.35 138.13
N GLY A 152 5.71 0.40 137.48
CA GLY A 152 4.26 0.37 137.44
C GLY A 152 3.62 1.21 136.38
N ASN A 153 4.39 1.77 135.44
CA ASN A 153 3.83 2.63 134.42
C ASN A 153 3.17 1.85 133.28
N ALA A 154 3.45 0.55 133.16
CA ALA A 154 2.87 -0.28 132.12
C ALA A 154 2.52 -1.65 132.69
N GLN A 155 1.52 -2.28 132.09
CA GLN A 155 1.06 -3.61 132.47
C GLN A 155 1.22 -4.54 131.26
N LEU A 156 1.69 -5.76 131.52
CA LEU A 156 2.01 -6.72 130.47
C LEU A 156 1.12 -7.94 130.56
N VAL A 157 0.50 -8.30 129.44
CA VAL A 157 -0.26 -9.55 129.34
C VAL A 157 0.27 -10.33 128.15
N ALA A 158 0.74 -11.54 128.41
CA ALA A 158 1.24 -12.41 127.35
C ALA A 158 0.07 -13.16 126.72
N ILE A 159 0.05 -13.21 125.40
CA ILE A 159 -0.93 -14.00 124.65
C ILE A 159 -0.16 -14.96 123.75
N PHE A 160 -0.56 -16.23 123.79
CA PHE A 160 0.07 -17.29 123.01
C PHE A 160 -0.91 -17.78 121.96
N GLY A 161 -0.44 -17.88 120.72
CA GLY A 161 -1.29 -18.26 119.61
C GLY A 161 -1.57 -19.75 119.58
N GLY A 162 -2.19 -20.16 118.49
CA GLY A 162 -2.55 -21.55 118.28
C GLY A 162 -2.63 -21.89 116.82
N GLN A 163 -3.65 -22.66 116.45
CA GLN A 163 -3.80 -23.11 115.08
C GLN A 163 -4.44 -22.02 114.21
N GLY A 164 -4.20 -22.14 112.90
CA GLY A 164 -4.82 -21.27 111.92
C GLY A 164 -4.12 -19.95 111.69
N ASN A 165 -3.07 -19.64 112.46
CA ASN A 165 -2.38 -18.37 112.27
C ASN A 165 -1.57 -18.35 110.98
N THR A 166 -0.94 -19.47 110.64
CA THR A 166 -0.13 -19.55 109.43
C THR A 166 -0.08 -21.00 108.96
N ASP A 167 0.21 -21.17 107.67
CA ASP A 167 0.35 -22.49 107.08
C ASP A 167 1.79 -22.99 107.06
N ASP A 168 2.75 -22.16 107.50
CA ASP A 168 4.17 -22.48 107.43
C ASP A 168 4.85 -22.14 108.75
N TYR A 169 4.24 -22.59 109.85
CA TYR A 169 4.82 -22.38 111.18
C TYR A 169 6.17 -23.06 111.31
N PHE A 170 6.43 -24.12 110.53
CA PHE A 170 7.68 -24.83 110.69
C PHE A 170 8.86 -24.01 110.18
N GLU A 171 8.64 -23.14 109.19
CA GLU A 171 9.70 -22.22 108.80
C GLU A 171 10.04 -21.27 109.94
N GLU A 172 9.05 -20.89 110.74
CA GLU A 172 9.32 -20.03 111.89
C GLU A 172 10.07 -20.80 112.97
N LEU A 173 9.72 -22.07 113.17
CA LEU A 173 10.54 -22.91 114.06
C LEU A 173 11.96 -23.02 113.54
N ARG A 174 12.11 -23.18 112.23
CA ARG A 174 13.43 -23.33 111.63
C ARG A 174 14.26 -22.06 111.82
N ASP A 175 13.63 -20.91 111.61
CA ASP A 175 14.36 -19.65 111.80
C ASP A 175 14.70 -19.43 113.27
N LEU A 176 13.84 -19.86 114.20
CA LEU A 176 14.22 -19.82 115.61
C LEU A 176 15.44 -20.69 115.88
N TYR A 177 15.40 -21.96 115.46
CA TYR A 177 16.51 -22.86 115.70
C TYR A 177 17.79 -22.36 115.05
N GLN A 178 17.69 -21.71 113.90
CA GLN A 178 18.87 -21.22 113.21
C GLN A 178 19.39 -19.95 113.87
N THR A 179 18.57 -18.90 113.90
CA THR A 179 19.04 -17.60 114.38
C THR A 179 19.44 -17.65 115.85
N TYR A 180 18.64 -18.31 116.69
CA TYR A 180 18.86 -18.39 118.12
C TYR A 180 19.27 -19.79 118.54
N HIS A 181 20.13 -20.42 117.73
CA HIS A 181 20.55 -21.79 117.99
C HIS A 181 21.15 -21.92 119.38
N VAL A 182 22.06 -21.01 119.74
CA VAL A 182 22.75 -21.13 121.01
C VAL A 182 21.80 -20.91 122.18
N LEU A 183 20.74 -20.12 121.96
CA LEU A 183 19.81 -19.81 123.04
C LEU A 183 18.79 -20.93 123.23
N VAL A 184 18.00 -21.23 122.20
CA VAL A 184 16.90 -22.19 122.30
C VAL A 184 17.33 -23.59 121.86
N GLY A 185 18.63 -23.84 121.71
CA GLY A 185 19.06 -25.17 121.31
C GLY A 185 18.77 -26.20 122.38
N ASP A 186 19.03 -25.86 123.64
CA ASP A 186 18.70 -26.76 124.74
C ASP A 186 17.21 -27.02 124.79
N LEU A 187 16.40 -25.98 124.62
CA LEU A 187 14.95 -26.16 124.63
C LEU A 187 14.49 -27.09 123.52
N ILE A 188 14.99 -26.87 122.30
CA ILE A 188 14.52 -27.65 121.17
C ILE A 188 15.01 -29.09 121.29
N LYS A 189 16.24 -29.30 121.75
CA LYS A 189 16.72 -30.66 121.98
C LYS A 189 15.90 -31.37 123.05
N PHE A 190 15.59 -30.67 124.15
CA PHE A 190 14.77 -31.26 125.20
C PHE A 190 13.39 -31.63 124.67
N SER A 191 12.78 -30.73 123.89
CA SER A 191 11.46 -31.01 123.34
C SER A 191 11.51 -32.20 122.39
N ALA A 192 12.55 -32.28 121.57
CA ALA A 192 12.67 -33.41 120.64
C ALA A 192 12.80 -34.72 121.40
N GLU A 193 13.65 -34.76 122.42
CA GLU A 193 13.86 -36.03 123.13
C GLU A 193 12.62 -36.43 123.91
N THR A 194 11.93 -35.46 124.55
CA THR A 194 10.73 -35.83 125.30
C THR A 194 9.60 -36.23 124.36
N LEU A 195 9.51 -35.60 123.19
CA LEU A 195 8.52 -36.02 122.21
C LEU A 195 8.79 -37.44 121.71
N SER A 196 10.07 -37.75 121.46
CA SER A 196 10.42 -39.10 121.04
C SER A 196 10.09 -40.11 122.14
N GLU A 197 10.39 -39.76 123.40
CA GLU A 197 10.06 -40.65 124.51
C GLU A 197 8.56 -40.85 124.63
N LEU A 198 7.77 -39.79 124.45
CA LEU A 198 6.31 -39.92 124.52
C LEU A 198 5.79 -40.80 123.40
N ILE A 199 6.32 -40.65 122.18
CA ILE A 199 5.91 -41.52 121.09
C ILE A 199 6.26 -42.96 121.40
N ARG A 200 7.47 -43.20 121.92
CA ARG A 200 7.89 -44.56 122.23
C ARG A 200 7.01 -45.19 123.30
N THR A 201 6.66 -44.42 124.33
CA THR A 201 5.88 -44.97 125.44
C THR A 201 4.41 -45.14 125.05
N THR A 202 3.89 -44.22 124.25
CA THR A 202 2.49 -44.31 123.84
C THR A 202 2.26 -45.55 122.98
N LEU A 203 1.11 -46.18 123.16
CA LEU A 203 0.84 -47.47 122.53
C LEU A 203 0.78 -47.36 121.01
N ASP A 204 0.07 -46.36 120.50
CA ASP A 204 -0.26 -46.26 119.08
C ASP A 204 0.24 -44.97 118.44
N ALA A 205 1.18 -44.28 119.08
CA ALA A 205 1.65 -43.01 118.52
C ALA A 205 2.42 -43.23 117.22
N GLU A 206 3.17 -44.33 117.12
CA GLU A 206 3.94 -44.57 115.90
C GLU A 206 3.02 -44.68 114.69
N LYS A 207 1.82 -45.23 114.88
CA LYS A 207 0.88 -45.33 113.77
C LYS A 207 0.44 -43.96 113.28
N VAL A 208 0.19 -43.04 114.20
CA VAL A 208 -0.20 -41.68 113.80
C VAL A 208 0.96 -40.96 113.15
N PHE A 209 2.17 -41.16 113.67
CA PHE A 209 3.37 -40.49 113.15
C PHE A 209 4.00 -41.37 112.08
N THR A 210 3.50 -41.24 110.86
CA THR A 210 4.01 -42.07 109.76
C THR A 210 5.45 -41.72 109.43
N GLN A 211 5.78 -40.43 109.36
CA GLN A 211 7.11 -39.98 109.00
C GLN A 211 7.98 -39.64 110.21
N GLY A 212 7.54 -40.02 111.42
CA GLY A 212 8.33 -39.76 112.60
C GLY A 212 8.23 -38.31 113.05
N LEU A 213 8.92 -38.03 114.15
CA LEU A 213 8.90 -36.72 114.80
C LEU A 213 10.31 -36.29 115.19
N ASN A 214 11.24 -36.39 114.24
CA ASN A 214 12.65 -36.04 114.50
C ASN A 214 12.84 -34.57 114.14
N ILE A 215 12.53 -33.70 115.11
CA ILE A 215 12.65 -32.26 114.88
C ILE A 215 14.09 -31.88 114.60
N LEU A 216 15.03 -32.46 115.33
CA LEU A 216 16.43 -32.10 115.15
C LEU A 216 16.92 -32.48 113.74
N GLU A 217 16.57 -33.68 113.28
CA GLU A 217 16.95 -34.06 111.92
C GLU A 217 16.31 -33.15 110.89
N TRP A 218 15.02 -32.83 111.07
CA TRP A 218 14.35 -31.96 110.10
C TRP A 218 15.00 -30.59 110.06
N LEU A 219 15.38 -30.06 111.22
CA LEU A 219 16.00 -28.74 111.27
C LEU A 219 17.40 -28.76 110.67
N GLU A 220 18.19 -29.79 110.99
CA GLU A 220 19.54 -29.88 110.47
C GLU A 220 19.56 -30.04 108.96
N ASN A 221 18.63 -30.85 108.41
CA ASN A 221 18.55 -31.10 106.97
C ASN A 221 17.18 -30.65 106.48
N PRO A 222 17.03 -29.39 106.08
CA PRO A 222 15.76 -28.96 105.48
C PRO A 222 15.40 -29.69 104.19
N SER A 223 16.39 -30.29 103.52
CA SER A 223 16.11 -30.96 102.25
C SER A 223 15.13 -32.12 102.44
N ASN A 224 15.33 -32.91 103.49
CA ASN A 224 14.51 -34.09 103.76
C ASN A 224 13.44 -33.83 104.80
N THR A 225 13.00 -32.59 104.96
CA THR A 225 11.92 -32.29 105.88
C THR A 225 10.60 -32.82 105.32
N PRO A 226 9.62 -33.15 106.18
CA PRO A 226 8.34 -33.62 105.66
C PRO A 226 7.60 -32.53 104.90
N ASP A 227 6.53 -32.95 104.21
CA ASP A 227 5.73 -32.01 103.44
C ASP A 227 4.87 -31.16 104.38
N LYS A 228 4.38 -30.04 103.82
CA LYS A 228 3.71 -29.05 104.65
C LYS A 228 2.39 -29.59 105.20
N ASP A 229 1.70 -30.45 104.47
CA ASP A 229 0.47 -31.02 104.99
C ASP A 229 0.75 -31.90 106.21
N TYR A 230 1.77 -32.75 106.13
CA TYR A 230 2.12 -33.57 107.28
C TYR A 230 2.56 -32.71 108.45
N LEU A 231 3.34 -31.65 108.18
CA LEU A 231 3.74 -30.76 109.26
C LEU A 231 2.54 -30.07 109.89
N LEU A 232 1.57 -29.66 109.08
CA LEU A 232 0.39 -28.96 109.57
C LEU A 232 -0.60 -29.88 110.26
N SER A 233 -0.48 -31.20 110.06
CA SER A 233 -1.31 -32.14 110.81
C SER A 233 -1.13 -31.91 112.31
N ILE A 234 -2.24 -32.01 113.05
CA ILE A 234 -2.23 -31.58 114.45
C ILE A 234 -1.27 -32.38 115.33
N PRO A 235 -1.02 -33.69 115.11
CA PRO A 235 -0.03 -34.35 115.97
C PRO A 235 1.35 -33.73 115.87
N ILE A 236 1.67 -33.09 114.75
CA ILE A 236 2.89 -32.32 114.62
C ILE A 236 2.65 -30.86 115.03
N SER A 237 1.57 -30.26 114.55
CA SER A 237 1.37 -28.83 114.70
C SER A 237 1.26 -28.41 116.15
N CYS A 238 0.54 -29.20 116.97
CA CYS A 238 0.35 -28.82 118.37
C CYS A 238 1.66 -28.77 119.14
N PRO A 239 2.40 -29.88 119.30
CA PRO A 239 3.66 -29.79 120.06
C PRO A 239 4.67 -28.84 119.44
N LEU A 240 4.73 -28.77 118.11
CA LEU A 240 5.70 -27.89 117.47
C LEU A 240 5.33 -26.42 117.67
N ILE A 241 4.05 -26.08 117.61
CA ILE A 241 3.65 -24.71 117.89
C ILE A 241 3.94 -24.36 119.34
N GLY A 242 3.71 -25.31 120.25
CA GLY A 242 4.08 -25.08 121.64
C GLY A 242 5.57 -24.84 121.81
N VAL A 243 6.39 -25.64 121.11
CA VAL A 243 7.84 -25.47 121.17
C VAL A 243 8.23 -24.11 120.61
N ILE A 244 7.56 -23.66 119.56
CA ILE A 244 7.87 -22.36 118.98
C ILE A 244 7.57 -21.25 119.98
N GLN A 245 6.41 -21.33 120.63
CA GLN A 245 6.05 -20.32 121.62
C GLN A 245 7.03 -20.32 122.78
N LEU A 246 7.41 -21.50 123.25
CA LEU A 246 8.38 -21.60 124.33
C LEU A 246 9.74 -21.07 123.90
N ALA A 247 10.11 -21.27 122.63
CA ALA A 247 11.36 -20.73 122.12
C ALA A 247 11.33 -19.21 122.10
N HIS A 248 10.19 -18.63 121.71
CA HIS A 248 10.06 -17.17 121.76
C HIS A 248 10.21 -16.68 123.19
N TYR A 249 9.56 -17.37 124.14
CA TYR A 249 9.66 -16.98 125.54
C TYR A 249 11.09 -17.08 126.03
N VAL A 250 11.80 -18.14 125.65
CA VAL A 250 13.18 -18.34 126.08
C VAL A 250 14.06 -17.24 125.50
N VAL A 251 13.89 -16.93 124.22
CA VAL A 251 14.70 -15.90 123.59
C VAL A 251 14.47 -14.56 124.28
N THR A 252 13.20 -14.22 124.53
CA THR A 252 12.90 -12.97 125.20
C THR A 252 13.55 -12.92 126.58
N ALA A 253 13.34 -13.96 127.39
CA ALA A 253 13.86 -13.95 128.76
C ALA A 253 15.38 -13.90 128.77
N LYS A 254 16.04 -14.68 127.91
CA LYS A 254 17.50 -14.70 127.91
C LYS A 254 18.08 -13.38 127.42
N LEU A 255 17.54 -12.84 126.32
CA LEU A 255 18.08 -11.59 125.80
C LEU A 255 17.86 -10.44 126.77
N LEU A 256 16.75 -10.46 127.51
CA LEU A 256 16.53 -9.43 128.52
C LEU A 256 17.21 -9.74 129.84
N GLY A 257 17.76 -10.94 130.01
CA GLY A 257 18.44 -11.29 131.24
C GLY A 257 17.54 -11.75 132.36
N PHE A 258 16.22 -11.77 132.16
CA PHE A 258 15.31 -12.29 133.17
C PHE A 258 15.28 -13.81 133.13
N THR A 259 15.13 -14.42 134.30
CA THR A 259 14.75 -15.81 134.37
C THR A 259 13.28 -15.95 133.94
N PRO A 260 12.84 -17.15 133.55
CA PRO A 260 11.43 -17.31 133.20
C PRO A 260 10.50 -16.89 134.32
N GLY A 261 10.84 -17.21 135.56
CA GLY A 261 10.01 -16.80 136.68
C GLY A 261 9.96 -15.29 136.84
N GLU A 262 11.11 -14.62 136.68
CA GLU A 262 11.14 -13.16 136.81
C GLU A 262 10.32 -12.50 135.70
N LEU A 263 10.47 -12.98 134.46
CA LEU A 263 9.69 -12.43 133.36
C LEU A 263 8.20 -12.65 133.59
N ARG A 264 7.83 -13.84 134.07
CA ARG A 264 6.43 -14.13 134.35
C ARG A 264 5.90 -13.21 135.44
N SER A 265 6.69 -12.99 136.49
CA SER A 265 6.26 -12.09 137.56
C SER A 265 6.08 -10.68 137.04
N TYR A 266 6.95 -10.24 136.13
CA TYR A 266 6.76 -8.93 135.52
C TYR A 266 5.50 -8.87 134.68
N LEU A 267 5.15 -9.97 134.00
CA LEU A 267 3.90 -10.01 133.26
C LEU A 267 2.72 -9.81 134.20
N LYS A 268 1.78 -8.94 133.81
CA LYS A 268 0.55 -8.78 134.58
C LYS A 268 -0.40 -9.95 134.39
N GLY A 269 -0.37 -10.60 133.24
CA GLY A 269 -1.26 -11.74 133.03
C GLY A 269 -0.78 -12.58 131.86
N ALA A 270 -1.50 -13.69 131.64
CA ALA A 270 -1.18 -14.59 130.56
C ALA A 270 -2.47 -15.21 130.04
N THR A 271 -2.45 -15.61 128.78
CA THR A 271 -3.57 -16.31 128.17
C THR A 271 -3.15 -16.78 126.78
N GLY A 272 -4.09 -17.44 126.09
CA GLY A 272 -3.79 -17.93 124.76
C GLY A 272 -5.05 -18.23 123.99
N HIS A 273 -4.89 -18.25 122.67
CA HIS A 273 -5.98 -18.56 121.75
C HIS A 273 -6.01 -20.07 121.54
N SER A 274 -6.95 -20.74 122.19
CA SER A 274 -7.11 -22.18 122.09
C SER A 274 -5.83 -22.91 122.54
N GLN A 275 -4.95 -23.26 121.59
CA GLN A 275 -3.78 -24.05 121.93
C GLN A 275 -2.82 -23.31 122.86
N GLY A 276 -2.71 -21.99 122.70
CA GLY A 276 -1.73 -21.24 123.47
C GLY A 276 -2.01 -21.17 124.95
N LEU A 277 -3.20 -21.61 125.37
CA LEU A 277 -3.50 -21.63 126.81
C LEU A 277 -2.56 -22.59 127.54
N VAL A 278 -2.18 -23.70 126.89
CA VAL A 278 -1.24 -24.63 127.50
C VAL A 278 0.09 -23.92 127.76
N THR A 279 0.59 -23.21 126.76
CA THR A 279 1.85 -22.49 126.92
C THR A 279 1.74 -21.40 127.97
N ALA A 280 0.61 -20.70 128.01
CA ALA A 280 0.42 -19.65 129.01
C ALA A 280 0.47 -20.22 130.42
N VAL A 281 -0.23 -21.33 130.65
CA VAL A 281 -0.22 -21.93 131.98
C VAL A 281 1.15 -22.51 132.31
N ALA A 282 1.86 -23.05 131.31
CA ALA A 282 3.21 -23.54 131.56
C ALA A 282 4.14 -22.39 131.96
N ILE A 283 4.05 -21.26 131.27
CA ILE A 283 4.86 -20.10 131.62
C ILE A 283 4.50 -19.62 133.03
N ALA A 284 3.21 -19.61 133.36
CA ALA A 284 2.82 -19.26 134.72
C ALA A 284 3.38 -20.25 135.72
N GLU A 285 3.53 -21.52 135.32
CA GLU A 285 4.12 -22.54 136.18
C GLU A 285 5.61 -22.32 136.40
N THR A 286 6.32 -21.82 135.40
CA THR A 286 7.77 -21.67 135.47
C THR A 286 8.19 -20.83 136.68
N ASP A 287 9.28 -21.26 137.32
CA ASP A 287 9.82 -20.58 138.49
C ASP A 287 11.28 -20.20 138.28
N SER A 288 12.04 -21.08 137.64
CA SER A 288 13.46 -20.85 137.40
C SER A 288 13.89 -21.66 136.19
N TRP A 289 15.14 -21.47 135.78
CA TRP A 289 15.65 -22.18 134.61
C TRP A 289 15.68 -23.69 134.86
N GLU A 290 15.96 -24.11 136.09
CA GLU A 290 16.00 -25.53 136.39
C GLU A 290 14.64 -26.19 136.21
N SER A 291 13.60 -25.60 136.80
CA SER A 291 12.23 -26.10 136.65
C SER A 291 11.59 -25.65 135.34
N PHE A 292 12.27 -24.81 134.56
CA PHE A 292 11.72 -24.41 133.28
C PHE A 292 11.59 -25.61 132.36
N PHE A 293 12.54 -26.54 132.40
CA PHE A 293 12.42 -27.74 131.60
C PHE A 293 11.28 -28.62 132.09
N VAL A 294 10.99 -28.62 133.39
CA VAL A 294 9.83 -29.34 133.88
C VAL A 294 8.56 -28.76 133.28
N SER A 295 8.45 -27.43 133.31
CA SER A 295 7.27 -26.78 132.73
C SER A 295 7.17 -27.05 131.23
N VAL A 296 8.30 -27.01 130.53
CA VAL A 296 8.32 -27.28 129.10
C VAL A 296 7.87 -28.72 128.84
N ARG A 297 8.36 -29.66 129.65
CA ARG A 297 7.96 -31.05 129.49
C ARG A 297 6.46 -31.20 129.66
N LYS A 298 5.89 -30.55 130.68
CA LYS A 298 4.45 -30.63 130.88
C LYS A 298 3.69 -30.04 129.70
N ALA A 299 4.14 -28.90 129.19
CA ALA A 299 3.46 -28.26 128.06
C ALA A 299 3.52 -29.14 126.81
N ILE A 300 4.70 -29.64 126.49
CA ILE A 300 4.85 -30.47 125.29
C ILE A 300 4.05 -31.76 125.44
N THR A 301 4.05 -32.34 126.64
CA THR A 301 3.27 -33.56 126.85
C THR A 301 1.79 -33.30 126.62
N VAL A 302 1.27 -32.21 127.19
CA VAL A 302 -0.15 -31.90 127.02
C VAL A 302 -0.49 -31.68 125.55
N LEU A 303 0.33 -30.88 124.87
CA LEU A 303 0.04 -30.56 123.47
C LEU A 303 0.15 -31.80 122.60
N PHE A 304 1.18 -32.62 122.81
CA PHE A 304 1.34 -33.85 122.05
C PHE A 304 0.15 -34.77 122.26
N PHE A 305 -0.31 -34.90 123.51
CA PHE A 305 -1.38 -35.85 123.77
C PHE A 305 -2.71 -35.36 123.20
N ILE A 306 -3.00 -34.06 123.34
CA ILE A 306 -4.25 -33.57 122.76
C ILE A 306 -4.20 -33.69 121.25
N GLY A 307 -3.05 -33.42 120.63
CA GLY A 307 -2.96 -33.57 119.20
C GLY A 307 -3.18 -35.00 118.75
N VAL A 308 -2.53 -35.95 119.44
CA VAL A 308 -2.64 -37.36 119.05
C VAL A 308 -4.07 -37.84 119.24
N ARG A 309 -4.68 -37.55 120.39
CA ARG A 309 -6.02 -38.05 120.66
C ARG A 309 -7.05 -37.38 119.76
N CYS A 310 -6.90 -36.08 119.47
CA CYS A 310 -7.82 -35.42 118.57
C CYS A 310 -7.69 -35.98 117.15
N TYR A 311 -6.47 -36.25 116.71
CA TYR A 311 -6.29 -36.84 115.39
C TYR A 311 -6.90 -38.24 115.34
N GLU A 312 -6.72 -39.03 116.40
CA GLU A 312 -7.32 -40.36 116.43
C GLU A 312 -8.83 -40.28 116.43
N ALA A 313 -9.40 -39.30 117.13
CA ALA A 313 -10.85 -39.17 117.19
C ALA A 313 -11.43 -38.74 115.85
N TYR A 314 -10.83 -37.74 115.22
CA TYR A 314 -11.29 -37.23 113.92
C TYR A 314 -10.10 -37.04 112.99
N PRO A 315 -9.54 -38.12 112.47
CA PRO A 315 -8.43 -37.98 111.52
C PRO A 315 -8.89 -37.38 110.20
N ASN A 316 -7.97 -36.69 109.54
CA ASN A 316 -8.28 -36.05 108.27
C ASN A 316 -8.47 -37.10 107.19
N THR A 317 -9.26 -36.75 106.17
CA THR A 317 -9.53 -37.63 105.04
C THR A 317 -9.50 -36.81 103.77
N SER A 318 -9.13 -37.47 102.67
CA SER A 318 -9.12 -36.80 101.37
C SER A 318 -10.55 -36.51 100.94
N LEU A 319 -10.76 -35.28 100.45
CA LEU A 319 -12.06 -34.81 100.01
C LEU A 319 -12.20 -35.02 98.51
N PRO A 320 -13.43 -35.02 97.98
CA PRO A 320 -13.59 -35.21 96.53
C PRO A 320 -12.86 -34.14 95.75
N PRO A 321 -12.16 -34.52 94.67
CA PRO A 321 -11.55 -33.50 93.83
C PRO A 321 -12.58 -32.60 93.16
N SER A 322 -13.83 -33.04 93.03
CA SER A 322 -14.87 -32.14 92.54
C SER A 322 -15.06 -30.97 93.49
N ILE A 323 -15.16 -31.27 94.79
CA ILE A 323 -15.30 -30.20 95.79
C ILE A 323 -14.04 -29.34 95.82
N LEU A 324 -12.87 -29.99 95.76
CA LEU A 324 -11.62 -29.22 95.76
C LEU A 324 -11.54 -28.29 94.56
N GLU A 325 -11.92 -28.79 93.38
CA GLU A 325 -11.88 -27.98 92.17
C GLU A 325 -12.87 -26.84 92.24
N ASP A 326 -14.07 -27.08 92.78
CA ASP A 326 -15.03 -25.99 92.93
C ASP A 326 -14.49 -24.93 93.87
N SER A 327 -13.91 -25.35 94.99
CA SER A 327 -13.36 -24.38 95.95
C SER A 327 -12.24 -23.56 95.33
N LEU A 328 -11.35 -24.21 94.59
CA LEU A 328 -10.23 -23.47 93.99
C LEU A 328 -10.72 -22.57 92.86
N GLU A 329 -11.70 -23.03 92.07
CA GLU A 329 -12.19 -22.25 90.94
C GLU A 329 -12.95 -21.02 91.43
N ASN A 330 -13.64 -21.12 92.56
CA ASN A 330 -14.45 -20.03 93.07
C ASN A 330 -13.67 -19.13 94.04
N ASN A 331 -12.37 -19.00 93.83
CA ASN A 331 -11.52 -18.10 94.62
C ASN A 331 -11.63 -18.41 96.11
N GLU A 332 -11.55 -19.69 96.45
CA GLU A 332 -11.57 -20.16 97.83
C GLU A 332 -10.37 -21.06 98.06
N GLY A 333 -9.94 -21.15 99.32
CA GLY A 333 -8.80 -21.97 99.67
C GLY A 333 -9.17 -23.45 99.69
N VAL A 334 -8.18 -24.26 100.02
CA VAL A 334 -8.45 -25.69 100.17
C VAL A 334 -9.39 -25.89 101.35
N PRO A 335 -10.43 -26.73 101.23
CA PRO A 335 -11.29 -26.95 102.40
C PRO A 335 -10.51 -27.53 103.56
N SER A 336 -10.88 -27.12 104.77
CA SER A 336 -10.25 -27.54 106.00
C SER A 336 -11.33 -27.59 107.09
N PRO A 337 -11.06 -28.26 108.20
CA PRO A 337 -12.10 -28.37 109.25
C PRO A 337 -12.43 -27.07 109.94
N MET A 338 -11.74 -25.96 109.65
CA MET A 338 -12.00 -24.67 110.28
C MET A 338 -12.09 -23.60 109.20
N LEU A 339 -13.20 -22.88 109.18
CA LEU A 339 -13.46 -21.82 108.22
C LEU A 339 -13.65 -20.50 108.95
N SER A 340 -12.80 -19.52 108.66
CA SER A 340 -12.86 -18.21 109.28
C SER A 340 -13.71 -17.28 108.40
N ILE A 341 -14.69 -16.63 109.03
CA ILE A 341 -15.61 -15.71 108.37
C ILE A 341 -15.40 -14.34 109.00
N SER A 342 -15.16 -13.33 108.16
CA SER A 342 -14.90 -11.97 108.62
C SER A 342 -15.94 -11.04 108.00
N ASN A 343 -16.18 -9.93 108.71
CA ASN A 343 -17.13 -8.90 108.28
C ASN A 343 -18.56 -9.43 108.34
N LEU A 344 -18.83 -10.40 109.21
CA LEU A 344 -20.18 -10.88 109.48
C LEU A 344 -20.39 -10.97 110.98
N THR A 345 -21.57 -10.54 111.43
CA THR A 345 -21.87 -10.55 112.85
C THR A 345 -22.17 -11.97 113.34
N GLN A 346 -22.10 -12.13 114.66
CA GLN A 346 -22.30 -13.45 115.26
C GLN A 346 -23.70 -13.96 114.98
N GLU A 347 -24.71 -13.07 115.04
CA GLU A 347 -26.08 -13.52 114.80
C GLU A 347 -26.24 -14.08 113.40
N GLN A 348 -25.65 -13.41 112.40
CA GLN A 348 -25.79 -13.87 111.02
C GLN A 348 -25.01 -15.17 110.81
N VAL A 349 -23.79 -15.24 111.33
CA VAL A 349 -23.01 -16.48 111.19
C VAL A 349 -23.74 -17.63 111.88
N GLN A 350 -24.32 -17.38 113.04
CA GLN A 350 -25.05 -18.43 113.76
C GLN A 350 -26.29 -18.85 113.00
N ASP A 351 -26.97 -17.91 112.34
CA ASP A 351 -28.14 -18.27 111.55
C ASP A 351 -27.73 -19.17 110.38
N TYR A 352 -26.64 -18.81 109.69
CA TYR A 352 -26.18 -19.67 108.60
C TYR A 352 -25.79 -21.05 109.12
N VAL A 353 -25.10 -21.10 110.27
CA VAL A 353 -24.72 -22.37 110.87
C VAL A 353 -25.95 -23.18 111.24
N ASN A 354 -27.00 -22.50 111.73
CA ASN A 354 -28.23 -23.19 112.10
C ASN A 354 -28.90 -23.81 110.88
N LYS A 355 -28.94 -23.07 109.77
CA LYS A 355 -29.50 -23.63 108.55
C LYS A 355 -28.71 -24.86 108.10
N THR A 356 -27.37 -24.73 108.08
CA THR A 356 -26.53 -25.84 107.64
C THR A 356 -26.69 -27.05 108.56
N ASN A 357 -26.76 -26.82 109.87
CA ASN A 357 -26.94 -27.92 110.82
C ASN A 357 -28.30 -28.58 110.64
N SER A 358 -29.35 -27.78 110.45
CA SER A 358 -30.68 -28.34 110.25
C SER A 358 -30.71 -29.23 109.01
N HIS A 359 -29.96 -28.85 107.98
CA HIS A 359 -29.97 -29.61 106.73
C HIS A 359 -28.87 -30.68 106.68
N LEU A 360 -28.01 -30.75 107.68
CA LEU A 360 -27.01 -31.80 107.81
C LEU A 360 -27.44 -32.78 108.88
N PRO A 361 -26.86 -33.98 108.91
CA PRO A 361 -27.16 -34.95 109.98
C PRO A 361 -26.42 -34.61 111.26
N ALA A 362 -26.84 -35.27 112.34
CA ALA A 362 -26.35 -34.93 113.67
C ALA A 362 -24.84 -35.14 113.79
N GLY A 363 -24.30 -36.13 113.09
CA GLY A 363 -22.88 -36.40 113.18
C GLY A 363 -21.99 -35.42 112.44
N LYS A 364 -22.54 -34.68 111.48
CA LYS A 364 -21.76 -33.79 110.62
C LYS A 364 -22.09 -32.32 110.87
N GLN A 365 -22.71 -31.99 112.01
CA GLN A 365 -23.08 -30.61 112.27
C GLN A 365 -21.84 -29.74 112.48
N VAL A 366 -22.00 -28.46 112.16
CA VAL A 366 -20.96 -27.46 112.35
C VAL A 366 -21.40 -26.52 113.46
N GLU A 367 -20.41 -25.90 114.10
CA GLU A 367 -20.69 -24.93 115.15
C GLU A 367 -19.56 -23.89 115.18
N ILE A 368 -19.87 -22.73 115.74
CA ILE A 368 -18.88 -21.67 115.87
C ILE A 368 -17.84 -22.08 116.89
N SER A 369 -16.57 -21.99 116.50
CA SER A 369 -15.45 -22.41 117.33
C SER A 369 -14.73 -21.24 117.98
N LEU A 370 -14.24 -20.29 117.18
CA LEU A 370 -13.50 -19.14 117.67
C LEU A 370 -14.33 -17.89 117.41
N VAL A 371 -14.78 -17.25 118.47
CA VAL A 371 -15.41 -15.92 118.36
C VAL A 371 -14.27 -14.92 118.47
N ASN A 372 -13.61 -14.67 117.35
CA ASN A 372 -12.42 -13.82 117.35
C ASN A 372 -12.78 -12.36 117.58
N GLY A 373 -13.95 -11.92 117.14
CA GLY A 373 -14.34 -10.55 117.30
C GLY A 373 -15.81 -10.37 117.00
N ALA A 374 -16.24 -9.11 117.02
CA ALA A 374 -17.62 -8.81 116.68
C ALA A 374 -17.94 -9.21 115.24
N LYS A 375 -17.01 -8.93 114.32
CA LYS A 375 -17.16 -9.26 112.91
C LYS A 375 -16.09 -10.26 112.46
N ASN A 376 -15.73 -11.20 113.32
CA ASN A 376 -14.70 -12.17 113.00
C ASN A 376 -14.97 -13.44 113.81
N LEU A 377 -15.38 -14.50 113.13
CA LEU A 377 -15.71 -15.76 113.78
C LEU A 377 -15.06 -16.89 112.99
N VAL A 378 -15.05 -18.07 113.60
CA VAL A 378 -14.55 -19.28 112.94
C VAL A 378 -15.51 -20.43 113.25
N VAL A 379 -15.91 -21.15 112.21
CA VAL A 379 -16.80 -22.31 112.32
C VAL A 379 -15.95 -23.56 112.13
N SER A 380 -16.11 -24.52 113.03
CA SER A 380 -15.36 -25.77 112.98
C SER A 380 -16.31 -26.93 112.74
N GLY A 381 -15.82 -27.95 112.05
CA GLY A 381 -16.59 -29.12 111.74
C GLY A 381 -15.98 -29.91 110.60
N PRO A 382 -16.74 -30.83 110.02
CA PRO A 382 -16.23 -31.59 108.87
C PRO A 382 -15.89 -30.67 107.71
N PRO A 383 -14.81 -30.93 106.96
CA PRO A 383 -14.58 -30.13 105.75
C PRO A 383 -15.75 -30.14 104.78
N GLN A 384 -16.46 -31.27 104.66
CA GLN A 384 -17.64 -31.31 103.81
C GLN A 384 -18.70 -30.33 104.29
N SER A 385 -18.99 -30.34 105.60
CA SER A 385 -20.00 -29.44 106.15
C SER A 385 -19.56 -27.99 105.98
N LEU A 386 -18.28 -27.70 106.20
CA LEU A 386 -17.81 -26.33 106.04
C LEU A 386 -17.85 -25.89 104.58
N TYR A 387 -17.61 -26.82 103.65
CA TYR A 387 -17.74 -26.49 102.24
C TYR A 387 -19.20 -26.19 101.89
N GLY A 388 -20.13 -26.93 102.46
CA GLY A 388 -21.54 -26.62 102.24
C GLY A 388 -21.92 -25.27 102.81
N LEU A 389 -21.43 -24.95 104.01
CA LEU A 389 -21.65 -23.63 104.58
C LEU A 389 -21.04 -22.56 103.69
N ASN A 390 -19.86 -22.83 103.12
CA ASN A 390 -19.24 -21.89 102.20
C ASN A 390 -20.09 -21.70 100.96
N LEU A 391 -20.70 -22.77 100.45
CA LEU A 391 -21.60 -22.64 99.31
C LEU A 391 -22.79 -21.74 99.65
N THR A 392 -23.38 -21.95 100.82
CA THR A 392 -24.50 -21.10 101.23
C THR A 392 -24.06 -19.64 101.38
N LEU A 393 -22.90 -19.42 101.99
CA LEU A 393 -22.39 -18.06 102.16
C LEU A 393 -22.08 -17.41 100.82
N ARG A 394 -21.57 -18.18 99.87
CA ARG A 394 -21.33 -17.65 98.52
C ARG A 394 -22.63 -17.28 97.84
N LYS A 395 -23.66 -18.11 98.00
CA LYS A 395 -24.97 -17.76 97.46
C LYS A 395 -25.50 -16.48 98.09
N ALA A 396 -25.23 -16.26 99.37
CA ALA A 396 -25.69 -15.08 100.08
C ALA A 396 -24.70 -13.91 100.02
N LYS A 397 -23.60 -14.05 99.30
CA LYS A 397 -22.52 -13.06 99.27
C LYS A 397 -22.52 -12.33 97.94
N ALA A 398 -22.37 -11.01 98.00
CA ALA A 398 -22.27 -10.21 96.79
C ALA A 398 -20.85 -10.26 96.23
N PRO A 399 -20.67 -9.93 94.94
CA PRO A 399 -19.32 -9.92 94.38
C PRO A 399 -18.43 -8.90 95.09
N SER A 400 -17.15 -9.26 95.24
CA SER A 400 -16.21 -8.35 95.88
C SER A 400 -16.02 -7.08 95.05
N GLY A 401 -16.00 -7.22 93.73
CA GLY A 401 -15.78 -6.08 92.84
C GLY A 401 -17.07 -5.42 92.41
N LEU A 402 -18.05 -5.35 93.30
CA LEU A 402 -19.33 -4.70 93.02
C LEU A 402 -19.31 -3.28 93.58
N ASP A 403 -19.73 -2.33 92.76
CA ASP A 403 -19.84 -0.93 93.16
C ASP A 403 -21.25 -0.70 93.70
N GLN A 404 -21.36 -0.44 95.01
CA GLN A 404 -22.63 -0.24 95.67
C GLN A 404 -22.79 1.18 96.20
N SER A 405 -22.02 2.12 95.65
CA SER A 405 -22.09 3.49 96.13
C SER A 405 -23.42 4.15 95.78
N ARG A 406 -24.07 3.72 94.71
CA ARG A 406 -25.30 4.34 94.25
C ARG A 406 -26.56 3.71 94.85
N ILE A 407 -26.42 2.66 95.65
CA ILE A 407 -27.56 1.99 96.27
C ILE A 407 -27.68 2.49 97.71
N PRO A 408 -28.87 2.63 98.28
CA PRO A 408 -28.97 3.04 99.68
C PRO A 408 -28.35 1.99 100.60
N PHE A 409 -27.84 2.47 101.74
CA PHE A 409 -27.08 1.60 102.65
C PHE A 409 -27.94 0.45 103.16
N SER A 410 -29.21 0.73 103.48
CA SER A 410 -30.09 -0.33 103.98
C SER A 410 -30.30 -1.41 102.92
N GLU A 411 -30.40 -1.02 101.65
CA GLU A 411 -30.68 -1.96 100.57
C GLU A 411 -29.41 -2.65 100.05
N ARG A 412 -28.24 -2.33 100.59
CA ARG A 412 -27.01 -2.91 100.07
C ARG A 412 -26.86 -4.36 100.49
N LYS A 413 -26.41 -5.19 99.55
CA LYS A 413 -26.11 -6.58 99.87
C LYS A 413 -24.87 -6.64 100.75
N LEU A 414 -24.95 -7.41 101.83
CA LEU A 414 -23.84 -7.53 102.76
C LEU A 414 -22.71 -8.34 102.13
N LYS A 415 -21.51 -7.78 102.15
CA LYS A 415 -20.32 -8.41 101.58
C LYS A 415 -19.38 -8.81 102.70
N PHE A 416 -18.79 -10.00 102.58
CA PHE A 416 -17.91 -10.53 103.61
C PHE A 416 -16.92 -11.48 102.95
N SER A 417 -15.87 -11.82 103.70
CA SER A 417 -14.81 -12.70 103.23
C SER A 417 -14.73 -13.93 104.12
N ASN A 418 -14.73 -15.10 103.48
CA ASN A 418 -14.56 -16.37 104.18
C ASN A 418 -13.37 -17.11 103.58
N ARG A 419 -12.56 -17.72 104.46
CA ARG A 419 -11.41 -18.47 104.00
C ARG A 419 -11.14 -19.62 104.97
N PHE A 420 -10.62 -20.72 104.45
CA PHE A 420 -10.33 -21.89 105.26
C PHE A 420 -8.99 -21.70 105.95
N LEU A 421 -8.96 -21.87 107.26
CA LEU A 421 -7.74 -21.65 108.01
C LEU A 421 -6.76 -22.81 107.79
N PRO A 422 -5.45 -22.57 107.94
CA PRO A 422 -4.50 -23.71 107.89
C PRO A 422 -4.58 -24.56 109.15
N VAL A 423 -5.62 -25.38 109.24
CA VAL A 423 -5.80 -26.31 110.35
C VAL A 423 -6.15 -27.67 109.77
N ALA A 424 -5.85 -28.72 110.53
CA ALA A 424 -6.03 -30.09 110.09
C ALA A 424 -7.10 -30.85 110.85
N SER A 425 -7.58 -30.33 111.97
CA SER A 425 -8.66 -30.95 112.73
C SER A 425 -9.66 -29.88 113.15
N PRO A 426 -10.93 -30.27 113.37
CA PRO A 426 -11.96 -29.28 113.78
C PRO A 426 -11.95 -28.98 115.28
N PHE A 427 -11.09 -28.05 115.68
CA PHE A 427 -10.97 -27.71 117.08
C PHE A 427 -12.24 -27.04 117.60
N HIS A 428 -12.51 -27.25 118.89
CA HIS A 428 -13.70 -26.71 119.54
C HIS A 428 -14.98 -27.19 118.86
N SER A 429 -15.02 -28.50 118.57
CA SER A 429 -16.15 -29.12 117.91
C SER A 429 -16.59 -30.34 118.71
N HIS A 430 -17.85 -30.74 118.48
CA HIS A 430 -18.38 -31.97 119.06
C HIS A 430 -17.59 -33.20 118.60
N LEU A 431 -16.92 -33.11 117.45
CA LEU A 431 -16.21 -34.27 116.91
C LEU A 431 -15.06 -34.70 117.81
N LEU A 432 -14.45 -33.76 118.53
CA LEU A 432 -13.34 -34.05 119.41
C LEU A 432 -13.77 -34.35 120.84
N VAL A 433 -15.07 -34.39 121.11
CA VAL A 433 -15.54 -34.71 122.46
C VAL A 433 -15.00 -36.05 122.96
N PRO A 434 -15.08 -37.15 122.21
CA PRO A 434 -14.63 -38.42 122.79
C PRO A 434 -13.15 -38.46 123.12
N ALA A 435 -12.35 -37.59 122.51
CA ALA A 435 -10.94 -37.51 122.85
C ALA A 435 -10.70 -36.85 124.20
N SER A 436 -11.69 -36.11 124.72
CA SER A 436 -11.51 -35.41 125.98
C SER A 436 -11.30 -36.38 127.14
N ASP A 437 -12.13 -37.43 127.20
CA ASP A 437 -11.98 -38.40 128.28
C ASP A 437 -10.65 -39.14 128.17
N LEU A 438 -10.24 -39.49 126.95
CA LEU A 438 -8.95 -40.15 126.76
C LEU A 438 -7.80 -39.26 127.22
N ILE A 439 -7.86 -37.96 126.85
CA ILE A 439 -6.82 -37.04 127.26
C ILE A 439 -6.79 -36.92 128.78
N ASN A 440 -7.96 -36.81 129.41
CA ASN A 440 -8.02 -36.68 130.87
C ASN A 440 -7.45 -37.92 131.55
N LYS A 441 -7.79 -39.11 131.03
CA LYS A 441 -7.30 -40.35 131.64
C LYS A 441 -5.83 -40.61 131.37
N ASP A 442 -5.27 -40.03 130.31
CA ASP A 442 -3.87 -40.27 129.97
C ASP A 442 -2.92 -39.21 130.51
N LEU A 443 -3.40 -37.99 130.76
CA LEU A 443 -2.52 -36.98 131.35
C LEU A 443 -2.11 -37.37 132.77
N VAL A 444 -3.01 -38.02 133.50
CA VAL A 444 -2.65 -38.49 134.84
C VAL A 444 -1.60 -39.60 134.75
N LYS A 445 -1.71 -40.45 133.73
CA LYS A 445 -0.69 -41.47 133.52
C LYS A 445 0.65 -40.84 133.18
N ASN A 446 0.64 -39.82 132.33
CA ASN A 446 1.87 -39.10 132.00
C ASN A 446 2.36 -38.22 133.15
N ASN A 447 1.56 -38.04 134.20
CA ASN A 447 1.94 -37.26 135.38
C ASN A 447 2.17 -35.79 135.01
N VAL A 448 1.12 -35.20 134.44
CA VAL A 448 1.13 -33.79 134.04
C VAL A 448 -0.14 -33.15 134.59
N SER A 449 0.02 -32.26 135.57
CA SER A 449 -1.12 -31.56 136.15
C SER A 449 -0.69 -30.16 136.54
N PHE A 450 -1.61 -29.21 136.46
CA PHE A 450 -1.37 -27.82 136.82
C PHE A 450 -2.15 -27.48 138.09
N ASN A 451 -1.47 -26.84 139.03
CA ASN A 451 -2.04 -26.49 140.32
C ASN A 451 -2.21 -24.98 140.42
N ALA A 452 -3.35 -24.55 140.96
CA ALA A 452 -3.61 -23.12 141.11
C ALA A 452 -2.58 -22.48 142.04
N LYS A 453 -2.21 -23.17 143.11
CA LYS A 453 -1.22 -22.62 144.04
C LYS A 453 0.14 -22.44 143.34
N ASP A 454 0.54 -23.41 142.52
CA ASP A 454 1.80 -23.27 141.80
C ASP A 454 1.73 -22.16 140.77
N ILE A 455 0.57 -21.99 140.13
CA ILE A 455 0.36 -20.85 139.24
C ILE A 455 0.33 -19.58 140.09
N GLN A 456 1.09 -18.57 139.67
CA GLN A 456 1.20 -17.31 140.43
C GLN A 456 0.90 -16.08 139.59
N ILE A 457 0.33 -16.24 138.40
CA ILE A 457 -0.26 -15.12 137.67
C ILE A 457 -1.60 -15.54 137.09
N PRO A 458 -2.53 -14.61 136.93
CA PRO A 458 -3.84 -14.98 136.41
C PRO A 458 -3.74 -15.49 134.98
N VAL A 459 -4.49 -16.55 134.69
CA VAL A 459 -4.63 -17.08 133.35
C VAL A 459 -6.11 -17.11 133.02
N TYR A 460 -6.49 -16.46 131.91
CA TYR A 460 -7.89 -16.26 131.59
C TYR A 460 -8.41 -17.41 130.74
N ASP A 461 -9.45 -18.08 131.23
CA ASP A 461 -10.06 -19.18 130.51
C ASP A 461 -10.61 -18.69 129.17
N THR A 462 -10.31 -19.44 128.10
CA THR A 462 -10.68 -19.00 126.76
C THR A 462 -12.18 -18.90 126.57
N PHE A 463 -12.96 -19.65 127.35
CA PHE A 463 -14.41 -19.66 127.15
C PHE A 463 -15.07 -18.45 127.79
N ASP A 464 -14.96 -18.32 129.12
CA ASP A 464 -15.65 -17.27 129.85
C ASP A 464 -14.73 -16.15 130.35
N GLY A 465 -13.41 -16.30 130.20
CA GLY A 465 -12.48 -15.29 130.66
C GLY A 465 -12.15 -15.34 132.13
N SER A 466 -12.76 -16.25 132.88
CA SER A 466 -12.47 -16.36 134.31
C SER A 466 -11.04 -16.85 134.52
N ASP A 467 -10.47 -16.49 135.67
CA ASP A 467 -9.15 -16.95 136.01
C ASP A 467 -9.15 -18.45 136.29
N LEU A 468 -8.10 -19.14 135.83
CA LEU A 468 -8.00 -20.57 136.04
C LEU A 468 -7.57 -20.92 137.46
N ARG A 469 -6.97 -19.98 138.19
CA ARG A 469 -6.56 -20.27 139.57
C ARG A 469 -7.77 -20.57 140.45
N VAL A 470 -8.84 -19.78 140.32
CA VAL A 470 -10.00 -19.92 141.19
C VAL A 470 -10.93 -21.05 140.77
N LEU A 471 -10.58 -21.81 139.73
CA LEU A 471 -11.44 -22.89 139.28
C LEU A 471 -11.37 -24.07 140.24
N SER A 472 -12.53 -24.53 140.70
CA SER A 472 -12.56 -25.67 141.61
C SER A 472 -12.07 -26.95 140.93
N GLY A 473 -12.43 -27.13 139.67
CA GLY A 473 -12.06 -28.33 138.95
C GLY A 473 -10.61 -28.33 138.52
N SER A 474 -10.25 -29.38 137.77
CA SER A 474 -8.88 -29.53 137.31
C SER A 474 -8.57 -28.55 136.20
N ILE A 475 -7.46 -27.83 136.34
CA ILE A 475 -7.06 -26.85 135.33
C ILE A 475 -6.71 -27.55 134.03
N SER A 476 -6.04 -28.70 134.10
CA SER A 476 -5.72 -29.44 132.89
C SER A 476 -6.98 -29.87 132.15
N GLU A 477 -7.97 -30.36 132.90
CA GLU A 477 -9.24 -30.74 132.26
C GLU A 477 -9.92 -29.53 131.65
N ARG A 478 -9.90 -28.39 132.33
CA ARG A 478 -10.53 -27.19 131.77
C ARG A 478 -9.82 -26.76 130.49
N ILE A 479 -8.49 -26.83 130.48
CA ILE A 479 -7.73 -26.45 129.28
C ILE A 479 -8.07 -27.39 128.13
N VAL A 480 -8.14 -28.70 128.41
CA VAL A 480 -8.46 -29.66 127.36
C VAL A 480 -9.86 -29.41 126.81
N ASP A 481 -10.82 -29.18 127.70
CA ASP A 481 -12.18 -28.87 127.27
C ASP A 481 -12.23 -27.59 126.45
N CYS A 482 -11.44 -26.59 126.84
CA CYS A 482 -11.37 -25.36 126.07
C CYS A 482 -10.83 -25.61 124.67
N ILE A 483 -9.79 -26.43 124.56
CA ILE A 483 -9.13 -26.60 123.26
C ILE A 483 -9.99 -27.46 122.34
N ILE A 484 -10.63 -28.51 122.86
CA ILE A 484 -11.29 -29.49 122.01
C ILE A 484 -12.80 -29.29 121.93
N ARG A 485 -13.46 -28.84 123.00
CA ARG A 485 -14.91 -28.81 123.09
C ARG A 485 -15.48 -27.40 123.10
N LEU A 486 -15.05 -26.54 124.06
CA LEU A 486 -15.69 -25.26 124.21
C LEU A 486 -15.15 -24.25 123.20
N PRO A 487 -15.92 -23.23 122.83
CA PRO A 487 -15.42 -22.21 121.90
C PRO A 487 -14.49 -21.22 122.60
N VAL A 488 -13.84 -20.40 121.79
CA VAL A 488 -12.89 -19.40 122.26
C VAL A 488 -13.55 -18.04 122.08
N LYS A 489 -13.99 -17.44 123.18
CA LYS A 489 -14.58 -16.10 123.17
C LYS A 489 -13.46 -15.10 123.47
N TRP A 490 -12.73 -14.74 122.41
CA TRP A 490 -11.53 -13.92 122.59
C TRP A 490 -11.87 -12.54 123.11
N GLU A 491 -12.98 -11.95 122.66
CA GLU A 491 -13.41 -10.67 123.20
C GLU A 491 -13.70 -10.77 124.69
N THR A 492 -14.37 -11.84 125.11
CA THR A 492 -14.68 -12.02 126.52
C THR A 492 -13.39 -12.18 127.33
N THR A 493 -12.41 -12.90 126.80
CA THR A 493 -11.15 -13.08 127.52
C THR A 493 -10.28 -11.83 127.52
N THR A 494 -10.47 -10.94 126.54
CA THR A 494 -9.65 -9.74 126.40
C THR A 494 -10.20 -8.58 127.26
N GLN A 495 -11.03 -8.88 128.25
CA GLN A 495 -11.55 -7.85 129.14
C GLN A 495 -10.54 -7.41 130.20
N PHE A 496 -9.38 -8.05 130.29
CA PHE A 496 -8.37 -7.63 131.24
C PHE A 496 -7.88 -6.23 130.88
N LYS A 497 -7.55 -5.44 131.90
CA LYS A 497 -7.01 -4.10 131.73
C LYS A 497 -5.50 -4.18 131.69
N ALA A 498 -4.92 -3.82 130.54
CA ALA A 498 -3.47 -3.84 130.38
C ALA A 498 -3.08 -2.84 129.31
N THR A 499 -1.87 -2.28 129.46
CA THR A 499 -1.34 -1.31 128.52
C THR A 499 -0.56 -1.96 127.38
N HIS A 500 0.07 -3.11 127.62
CA HIS A 500 0.86 -3.79 126.61
C HIS A 500 0.55 -5.28 126.61
N ILE A 501 0.47 -5.83 125.41
CA ILE A 501 0.20 -7.25 125.18
C ILE A 501 1.36 -7.80 124.38
N LEU A 502 1.84 -8.98 124.77
CA LEU A 502 3.01 -9.61 124.15
C LEU A 502 2.58 -10.90 123.46
N ASP A 503 2.60 -10.91 122.14
CA ASP A 503 2.15 -12.04 121.35
C ASP A 503 3.32 -12.94 121.01
N PHE A 504 3.31 -14.16 121.54
CA PHE A 504 4.35 -15.14 121.25
C PHE A 504 3.90 -16.20 120.25
N GLY A 505 2.70 -16.07 119.68
CA GLY A 505 2.15 -17.10 118.82
C GLY A 505 2.79 -17.12 117.45
N PRO A 506 2.43 -18.11 116.66
CA PRO A 506 2.91 -18.19 115.28
C PRO A 506 2.18 -17.20 114.38
N GLY A 507 2.75 -17.01 113.19
CA GLY A 507 2.19 -16.17 112.16
C GLY A 507 2.73 -14.76 112.13
N GLY A 508 3.33 -14.29 113.22
CA GLY A 508 3.87 -12.94 113.27
C GLY A 508 2.81 -11.88 113.00
N ALA A 509 2.92 -11.21 111.84
CA ALA A 509 1.92 -10.24 111.46
C ALA A 509 0.56 -10.88 111.23
N SER A 510 0.54 -12.13 110.77
CA SER A 510 -0.69 -12.88 110.59
C SER A 510 -1.10 -13.64 111.84
N GLY A 511 -0.38 -13.47 112.94
CA GLY A 511 -0.64 -14.21 114.16
C GLY A 511 -1.70 -13.58 115.02
N LEU A 512 -1.74 -14.02 116.28
CA LEU A 512 -2.76 -13.58 117.22
C LEU A 512 -2.55 -12.12 117.65
N GLY A 513 -1.32 -11.61 117.58
CA GLY A 513 -1.08 -10.26 118.08
C GLY A 513 -1.79 -9.20 117.29
N VAL A 514 -1.73 -9.27 115.96
CA VAL A 514 -2.37 -8.26 115.13
C VAL A 514 -3.89 -8.36 115.25
N LEU A 515 -4.41 -9.58 115.40
CA LEU A 515 -5.85 -9.75 115.60
C LEU A 515 -6.30 -9.12 116.91
N THR A 516 -5.53 -9.34 117.98
CA THR A 516 -5.84 -8.72 119.25
C THR A 516 -5.74 -7.20 119.15
N HIS A 517 -4.76 -6.70 118.41
CA HIS A 517 -4.64 -5.26 118.21
C HIS A 517 -5.86 -4.70 117.50
N ARG A 518 -6.35 -5.40 116.47
CA ARG A 518 -7.56 -4.94 115.79
C ARG A 518 -8.74 -4.95 116.75
N ASN A 519 -8.86 -6.00 117.57
CA ASN A 519 -9.97 -6.09 118.50
C ASN A 519 -9.95 -4.96 119.52
N LYS A 520 -8.77 -4.63 120.04
CA LYS A 520 -8.62 -3.66 121.12
C LYS A 520 -8.12 -2.30 120.63
N ASP A 521 -8.23 -2.02 119.34
CA ASP A 521 -7.75 -0.76 118.81
C ASP A 521 -8.54 0.41 119.38
N GLY A 522 -7.83 1.49 119.70
CA GLY A 522 -8.44 2.68 120.23
C GLY A 522 -8.63 2.71 121.73
N THR A 523 -8.35 1.61 122.43
CA THR A 523 -8.43 1.55 123.87
C THR A 523 -7.10 1.87 124.54
N GLY A 524 -6.09 2.25 123.77
CA GLY A 524 -4.80 2.60 124.34
C GLY A 524 -3.94 1.41 124.71
N VAL A 525 -4.21 0.24 124.14
CA VAL A 525 -3.48 -0.99 124.44
C VAL A 525 -2.55 -1.28 123.28
N ARG A 526 -1.25 -1.28 123.55
CA ARG A 526 -0.23 -1.61 122.57
C ARG A 526 -0.09 -3.12 122.48
N VAL A 527 0.23 -3.60 121.28
CA VAL A 527 0.46 -5.02 121.03
C VAL A 527 1.82 -5.17 120.35
N ILE A 528 2.66 -6.05 120.90
CA ILE A 528 4.00 -6.30 120.40
C ILE A 528 4.12 -7.78 120.11
N VAL A 529 4.50 -8.12 118.88
CA VAL A 529 4.66 -9.50 118.46
C VAL A 529 6.14 -9.86 118.57
N ALA A 530 6.44 -10.90 119.35
CA ALA A 530 7.80 -11.35 119.56
C ALA A 530 8.21 -12.48 118.60
N GLY A 531 7.31 -12.89 117.72
CA GLY A 531 7.57 -14.04 116.88
C GLY A 531 8.39 -13.75 115.63
N THR A 532 8.52 -12.47 115.27
CA THR A 532 9.25 -12.10 114.07
C THR A 532 9.88 -10.73 114.27
N LEU A 533 10.92 -10.47 113.48
CA LEU A 533 11.64 -9.20 113.49
C LEU A 533 11.33 -8.47 112.20
N ASP A 534 10.60 -7.36 112.31
CA ASP A 534 10.20 -6.58 111.14
C ASP A 534 9.79 -5.19 111.64
N ILE A 535 9.42 -4.33 110.70
CA ILE A 535 8.94 -2.98 111.00
C ILE A 535 7.52 -2.83 110.46
N ASN A 536 6.67 -2.18 111.24
CA ASN A 536 5.30 -1.91 110.85
C ASN A 536 5.21 -0.48 110.34
N PRO A 537 4.99 -0.23 109.04
CA PRO A 537 4.92 1.18 108.59
C PRO A 537 3.82 1.99 109.27
N ASP A 538 2.67 1.38 109.54
CA ASP A 538 1.63 2.09 110.27
C ASP A 538 2.03 2.33 111.71
N ASP A 539 2.88 1.47 112.28
CA ASP A 539 3.35 1.58 113.65
C ASP A 539 2.23 1.42 114.67
N ASP A 540 1.09 0.84 114.27
CA ASP A 540 -0.01 0.65 115.20
C ASP A 540 0.15 -0.59 116.07
N TYR A 541 1.13 -1.45 115.78
CA TYR A 541 1.49 -2.54 116.67
C TYR A 541 3.00 -2.72 116.63
N GLY A 542 3.55 -3.17 117.75
CA GLY A 542 4.98 -3.30 117.88
C GLY A 542 5.52 -4.57 117.25
N PHE A 543 6.82 -4.77 117.44
CA PHE A 543 7.52 -5.93 116.90
C PHE A 543 8.59 -6.35 117.91
N LYS A 544 9.36 -7.38 117.54
CA LYS A 544 10.32 -7.98 118.47
C LYS A 544 11.34 -6.97 118.95
N GLN A 545 11.70 -5.99 118.11
CA GLN A 545 12.70 -5.00 118.51
C GLN A 545 12.17 -4.09 119.63
N GLU A 546 10.87 -3.84 119.65
CA GLU A 546 10.31 -2.94 120.66
C GLU A 546 10.42 -3.53 122.05
N ILE A 547 10.50 -4.86 122.15
CA ILE A 547 10.67 -5.50 123.45
C ILE A 547 12.03 -5.16 124.04
N PHE A 548 13.08 -5.29 123.22
CA PHE A 548 14.46 -5.17 123.69
C PHE A 548 15.01 -3.76 123.56
N ASP A 549 14.29 -2.84 122.93
CA ASP A 549 14.77 -1.46 122.84
C ASP A 549 14.84 -0.84 124.22
N VAL A 550 15.84 0.01 124.43
CA VAL A 550 16.11 0.61 125.73
C VAL A 550 15.69 2.09 125.72
N THR A 551 15.65 2.69 124.53
CA THR A 551 15.34 4.11 124.41
C THR A 551 13.83 4.32 124.53
N SER A 552 13.38 5.54 124.29
CA SER A 552 11.95 5.82 124.31
C SER A 552 11.20 5.13 123.18
N ASN A 553 11.91 4.68 122.14
CA ASN A 553 11.25 3.97 121.05
C ASN A 553 10.64 2.65 121.55
N GLY A 554 11.27 2.03 122.54
CA GLY A 554 10.72 0.80 123.09
C GLY A 554 9.39 1.02 123.78
N LEU A 555 9.28 2.12 124.54
CA LEU A 555 8.05 2.45 125.25
C LEU A 555 7.13 3.22 124.31
N LYS A 556 6.22 2.48 123.68
CA LYS A 556 5.17 3.06 122.84
C LYS A 556 3.82 2.75 123.47
N LYS A 557 3.04 3.80 123.72
CA LYS A 557 1.68 3.67 124.21
C LYS A 557 0.73 3.92 123.05
N ASN A 558 -0.13 2.96 122.77
CA ASN A 558 -1.06 3.12 121.66
C ASN A 558 -2.04 4.24 121.98
N PRO A 559 -2.59 4.92 120.99
CA PRO A 559 -3.49 6.05 121.28
C PRO A 559 -4.76 5.59 121.95
N ASN A 560 -5.16 6.31 123.00
CA ASN A 560 -6.44 6.12 123.67
C ASN A 560 -7.35 7.27 123.23
N TRP A 561 -8.35 6.95 122.42
CA TRP A 561 -9.21 7.98 121.85
C TRP A 561 -9.98 8.72 122.93
N LEU A 562 -10.44 8.00 123.95
CA LEU A 562 -11.21 8.64 125.02
C LEU A 562 -10.39 9.71 125.73
N GLU A 563 -9.10 9.45 125.95
CA GLU A 563 -8.24 10.36 126.69
C GLU A 563 -7.48 11.31 125.77
N GLU A 564 -6.93 10.80 124.67
CA GLU A 564 -6.14 11.64 123.78
C GLU A 564 -7.00 12.73 123.15
N TYR A 565 -8.15 12.35 122.59
CA TYR A 565 -9.09 13.29 122.00
C TYR A 565 -10.23 13.63 122.96
N HIS A 566 -9.90 13.70 124.24
CA HIS A 566 -10.89 14.02 125.26
C HIS A 566 -11.34 15.48 125.10
N PRO A 567 -12.63 15.75 124.96
CA PRO A 567 -13.08 17.15 125.03
C PRO A 567 -12.89 17.69 126.45
N LYS A 568 -12.60 18.98 126.54
CA LYS A 568 -12.40 19.61 127.84
C LYS A 568 -13.01 21.00 127.79
N LEU A 569 -12.90 21.72 128.90
CA LEU A 569 -13.35 23.10 129.00
C LEU A 569 -12.16 24.01 129.29
N ILE A 570 -12.19 25.21 128.73
CA ILE A 570 -11.16 26.22 128.96
C ILE A 570 -11.85 27.57 129.04
N LYS A 571 -11.13 28.57 129.54
CA LYS A 571 -11.67 29.92 129.62
C LYS A 571 -10.55 30.92 129.39
N ASN A 572 -10.94 32.12 128.97
CA ASN A 572 -10.01 33.22 128.71
C ASN A 572 -10.13 34.25 129.83
N LYS A 573 -9.43 35.38 129.68
CA LYS A 573 -9.48 36.43 130.69
C LYS A 573 -10.90 36.97 130.85
N SER A 574 -11.62 37.14 129.75
CA SER A 574 -12.99 37.64 129.80
C SER A 574 -13.94 36.67 130.50
N GLY A 575 -13.53 35.42 130.73
CA GLY A 575 -14.37 34.44 131.39
C GLY A 575 -15.23 33.60 130.47
N LYS A 576 -15.20 33.86 129.17
CA LYS A 576 -15.99 33.06 128.24
C LYS A 576 -15.51 31.63 128.22
N ILE A 577 -16.44 30.70 128.46
CA ILE A 577 -16.11 29.28 128.52
C ILE A 577 -16.14 28.72 127.10
N PHE A 578 -15.02 28.13 126.69
CA PHE A 578 -14.86 27.50 125.39
C PHE A 578 -14.74 25.99 125.58
N VAL A 579 -15.32 25.24 124.65
CA VAL A 579 -15.17 23.79 124.64
C VAL A 579 -13.82 23.48 123.99
N GLU A 580 -12.81 23.25 124.82
CA GLU A 580 -11.47 22.96 124.32
C GLU A 580 -11.49 21.61 123.61
N THR A 581 -11.37 21.67 122.29
CA THR A 581 -11.33 20.51 121.41
C THR A 581 -10.45 20.90 120.24
N LYS A 582 -9.86 19.91 119.57
CA LYS A 582 -8.77 20.17 118.61
C LYS A 582 -9.15 21.26 117.60
N PHE A 583 -10.33 21.15 116.99
CA PHE A 583 -10.78 22.17 116.05
C PHE A 583 -10.93 23.53 116.72
N SER A 584 -11.51 23.54 117.93
CA SER A 584 -11.67 24.79 118.66
C SER A 584 -10.33 25.42 119.01
N LYS A 585 -9.35 24.59 119.38
CA LYS A 585 -8.02 25.08 119.71
C LYS A 585 -7.38 25.71 118.48
N LEU A 586 -7.54 25.10 117.32
CA LEU A 586 -6.98 25.67 116.10
C LEU A 586 -7.65 26.99 115.75
N ILE A 587 -8.98 27.03 115.76
CA ILE A 587 -9.70 28.20 115.24
C ILE A 587 -9.92 29.30 116.27
N GLY A 588 -9.62 29.04 117.54
CA GLY A 588 -9.87 30.05 118.57
C GLY A 588 -11.34 30.39 118.72
N ARG A 589 -12.23 29.42 118.53
CA ARG A 589 -13.66 29.65 118.61
C ARG A 589 -14.32 28.33 118.97
N PRO A 590 -15.60 28.35 119.32
CA PRO A 590 -16.27 27.11 119.71
C PRO A 590 -16.27 26.12 118.56
N PRO A 591 -16.30 24.79 118.87
CA PRO A 591 -16.18 23.77 117.83
C PRO A 591 -17.50 23.49 117.09
N LEU A 592 -18.20 24.55 116.72
CA LEU A 592 -19.44 24.49 115.97
C LEU A 592 -19.31 25.41 114.77
N LEU A 593 -19.78 24.96 113.61
CA LEU A 593 -19.66 25.74 112.39
C LEU A 593 -20.92 25.59 111.56
N VAL A 594 -21.23 26.63 110.79
CA VAL A 594 -22.34 26.62 109.84
C VAL A 594 -21.74 26.31 108.47
N PRO A 595 -22.01 25.14 107.89
CA PRO A 595 -21.35 24.79 106.63
C PRO A 595 -21.91 25.61 105.48
N GLY A 596 -21.15 25.64 104.39
CA GLY A 596 -21.60 26.34 103.19
C GLY A 596 -22.88 25.76 102.67
N MET A 597 -23.90 26.62 102.55
CA MET A 597 -25.25 26.19 102.16
C MET A 597 -25.76 27.10 101.06
N THR A 598 -25.98 26.54 99.88
CA THR A 598 -26.64 27.28 98.81
C THR A 598 -28.14 27.07 98.92
N PRO A 599 -28.95 28.14 99.03
CA PRO A 599 -28.67 29.59 99.05
C PRO A 599 -28.54 30.20 100.44
N CYS A 600 -28.48 29.42 101.52
CA CYS A 600 -28.61 29.98 102.87
C CYS A 600 -27.39 30.82 103.24
N THR A 601 -26.20 30.23 103.16
CA THR A 601 -24.99 30.98 103.49
C THR A 601 -24.53 31.86 102.35
N VAL A 602 -25.22 31.85 101.20
CA VAL A 602 -24.91 32.77 100.12
C VAL A 602 -25.06 34.21 100.60
N SER A 603 -26.06 34.47 101.41
CA SER A 603 -26.33 35.82 101.87
C SER A 603 -25.15 36.37 102.65
N PRO A 604 -24.56 37.51 102.25
CA PRO A 604 -23.52 38.11 103.10
C PRO A 604 -24.01 38.45 104.49
N ASP A 605 -25.29 38.82 104.63
CA ASP A 605 -25.81 39.21 105.94
C ASP A 605 -25.76 38.05 106.92
N PHE A 606 -26.16 36.85 106.48
CA PHE A 606 -26.16 35.71 107.39
C PHE A 606 -24.75 35.29 107.78
N VAL A 607 -23.83 35.30 106.82
CA VAL A 607 -22.44 34.97 107.11
C VAL A 607 -21.86 35.95 108.11
N ALA A 608 -22.10 37.25 107.88
CA ALA A 608 -21.61 38.27 108.81
C ALA A 608 -22.24 38.10 110.18
N ALA A 609 -23.54 37.79 110.24
CA ALA A 609 -24.20 37.63 111.52
C ALA A 609 -23.64 36.46 112.29
N THR A 610 -23.39 35.33 111.62
CA THR A 610 -22.80 34.18 112.30
C THR A 610 -21.41 34.50 112.79
N THR A 611 -20.60 35.18 111.95
CA THR A 611 -19.26 35.53 112.36
C THR A 611 -19.26 36.47 113.56
N ASN A 612 -20.18 37.44 113.57
CA ASN A 612 -20.32 38.33 114.73
C ASN A 612 -20.77 37.56 115.96
N ALA A 613 -21.67 36.59 115.79
CA ALA A 613 -22.03 35.69 116.87
C ALA A 613 -20.83 34.91 117.40
N GLY A 614 -19.82 34.70 116.57
CA GLY A 614 -18.60 34.06 117.02
C GLY A 614 -18.51 32.59 116.70
N TYR A 615 -19.07 32.18 115.56
CA TYR A 615 -19.13 30.79 115.17
C TYR A 615 -18.71 30.70 113.71
N THR A 616 -17.92 29.67 113.39
CA THR A 616 -17.39 29.52 112.05
C THR A 616 -18.52 29.37 111.04
N ILE A 617 -18.36 29.99 109.88
CA ILE A 617 -19.35 29.91 108.82
C ILE A 617 -18.63 30.03 107.48
N GLU A 618 -19.18 29.35 106.48
CA GLU A 618 -18.64 29.30 105.13
C GLU A 618 -19.58 30.05 104.19
N LEU A 619 -19.04 31.06 103.50
CA LEU A 619 -19.77 31.74 102.44
C LEU A 619 -19.80 30.78 101.25
N ALA A 620 -20.99 30.29 100.91
CA ALA A 620 -21.13 29.36 99.80
C ALA A 620 -21.05 30.09 98.48
N GLY A 621 -20.24 29.58 97.56
CA GLY A 621 -20.15 30.15 96.23
C GLY A 621 -21.27 29.75 95.29
N GLY A 622 -22.17 28.85 95.72
CA GLY A 622 -23.17 28.31 94.81
C GLY A 622 -24.08 29.37 94.24
N GLY A 623 -24.40 30.39 95.04
CA GLY A 623 -25.20 31.49 94.54
C GLY A 623 -24.43 32.56 93.79
N TYR A 624 -23.13 32.38 93.64
CA TYR A 624 -22.29 33.30 92.87
C TYR A 624 -21.71 32.57 91.66
N PHE A 625 -21.86 33.20 90.49
CA PHE A 625 -21.42 32.63 89.23
C PHE A 625 -20.28 33.43 88.61
N SER A 626 -19.73 34.40 89.33
CA SER A 626 -18.66 35.23 88.80
C SER A 626 -17.76 35.68 89.94
N ALA A 627 -16.47 35.84 89.61
CA ALA A 627 -15.51 36.31 90.59
C ALA A 627 -15.88 37.70 91.09
N ALA A 628 -16.41 38.56 90.22
CA ALA A 628 -16.84 39.88 90.65
C ALA A 628 -17.97 39.79 91.66
N GLY A 629 -18.95 38.92 91.42
CA GLY A 629 -20.04 38.76 92.37
C GLY A 629 -19.57 38.24 93.71
N MET A 630 -18.71 37.22 93.69
CA MET A 630 -18.21 36.68 94.95
C MET A 630 -17.34 37.70 95.67
N THR A 631 -16.57 38.50 94.92
CA THR A 631 -15.76 39.54 95.56
C THR A 631 -16.64 40.60 96.21
N ALA A 632 -17.73 40.99 95.55
CA ALA A 632 -18.65 41.93 96.15
C ALA A 632 -19.26 41.37 97.42
N ALA A 633 -19.64 40.08 97.40
CA ALA A 633 -20.19 39.46 98.59
C ALA A 633 -19.16 39.40 99.72
N ILE A 634 -17.91 39.07 99.40
CA ILE A 634 -16.86 39.00 100.41
C ILE A 634 -16.60 40.37 101.00
N ASP A 635 -16.58 41.40 100.16
CA ASP A 635 -16.40 42.76 100.66
C ASP A 635 -17.55 43.17 101.57
N SER A 636 -18.77 42.78 101.21
CA SER A 636 -19.91 43.06 102.08
C SER A 636 -19.76 42.36 103.43
N VAL A 637 -19.34 41.09 103.41
CA VAL A 637 -19.13 40.37 104.66
C VAL A 637 -18.06 41.05 105.50
N VAL A 638 -16.97 41.46 104.86
CA VAL A 638 -15.88 42.10 105.59
C VAL A 638 -16.35 43.41 106.22
N SER A 639 -17.13 44.19 105.47
CA SER A 639 -17.65 45.44 106.02
C SER A 639 -18.60 45.17 107.19
N GLN A 640 -19.40 44.12 107.10
CA GLN A 640 -20.39 43.83 108.13
C GLN A 640 -19.78 43.22 109.40
N ILE A 641 -18.68 42.48 109.30
CA ILE A 641 -18.09 41.83 110.46
C ILE A 641 -17.22 42.83 111.20
N GLU A 642 -16.85 42.45 112.43
CA GLU A 642 -16.02 43.30 113.28
C GLU A 642 -14.55 43.11 112.94
N LYS A 643 -13.70 43.90 113.60
CA LYS A 643 -12.27 43.84 113.36
C LYS A 643 -11.70 42.53 113.89
N GLY A 644 -10.83 41.92 113.09
CA GLY A 644 -10.21 40.66 113.46
C GLY A 644 -11.04 39.44 113.19
N SER A 645 -12.28 39.60 112.74
CA SER A 645 -13.16 38.49 112.47
C SER A 645 -12.71 37.72 111.23
N THR A 646 -13.25 36.51 111.07
CA THR A 646 -12.86 35.63 109.98
C THR A 646 -14.03 34.75 109.58
N PHE A 647 -13.97 34.26 108.34
CA PHE A 647 -14.97 33.36 107.79
C PHE A 647 -14.32 32.55 106.69
N GLY A 648 -14.94 31.42 106.34
CA GLY A 648 -14.46 30.57 105.28
C GLY A 648 -15.26 30.73 103.99
N ILE A 649 -14.80 30.05 102.96
CA ILE A 649 -15.48 30.02 101.67
C ILE A 649 -15.69 28.57 101.28
N ASN A 650 -16.88 28.26 100.77
CA ASN A 650 -17.24 26.90 100.38
C ASN A 650 -17.41 26.83 98.86
N LEU A 651 -16.79 25.81 98.26
CA LEU A 651 -16.85 25.60 96.83
C LEU A 651 -17.21 24.15 96.53
N ILE A 652 -17.92 23.98 95.41
CA ILE A 652 -18.37 22.67 94.94
C ILE A 652 -17.35 22.16 93.94
N TYR A 653 -16.95 20.90 94.07
CA TYR A 653 -15.94 20.31 93.20
C TYR A 653 -16.52 19.71 91.93
N VAL A 654 -17.85 19.56 91.82
CA VAL A 654 -18.43 18.90 90.66
C VAL A 654 -18.42 19.78 89.41
N ASN A 655 -18.38 21.11 89.57
CA ASN A 655 -18.38 22.03 88.43
C ASN A 655 -17.00 22.64 88.28
N PRO A 656 -16.21 22.26 87.25
CA PRO A 656 -14.88 22.85 87.10
C PRO A 656 -14.88 24.36 86.91
N PHE A 657 -15.94 24.92 86.33
CA PHE A 657 -15.99 26.36 86.13
C PHE A 657 -15.94 27.10 87.47
N MET A 658 -16.68 26.57 88.44
CA MET A 658 -16.70 27.14 89.79
C MET A 658 -15.28 27.22 90.34
N LEU A 659 -14.55 26.11 90.27
CA LEU A 659 -13.18 26.11 90.77
C LEU A 659 -12.30 27.07 89.98
N GLN A 660 -12.47 27.12 88.65
CA GLN A 660 -11.56 27.91 87.84
C GLN A 660 -11.70 29.39 88.18
N TRP A 661 -12.92 29.86 88.43
CA TRP A 661 -13.09 31.26 88.80
C TRP A 661 -12.94 31.51 90.30
N GLY A 662 -13.02 30.49 91.14
CA GLY A 662 -12.96 30.69 92.58
C GLY A 662 -11.58 30.56 93.19
N ILE A 663 -10.83 29.53 92.79
CA ILE A 663 -9.51 29.31 93.40
C ILE A 663 -8.57 30.47 93.09
N PRO A 664 -8.45 30.97 91.85
CA PRO A 664 -7.67 32.20 91.66
C PRO A 664 -8.19 33.37 92.46
N LEU A 665 -9.51 33.50 92.61
CA LEU A 665 -10.06 34.58 93.41
C LEU A 665 -9.64 34.44 94.87
N ILE A 666 -9.68 33.22 95.41
CA ILE A 666 -9.27 33.02 96.79
C ILE A 666 -7.79 33.35 96.95
N LYS A 667 -6.97 32.92 96.00
CA LYS A 667 -5.54 33.24 96.06
C LYS A 667 -5.31 34.74 96.02
N GLU A 668 -6.02 35.45 95.14
CA GLU A 668 -5.85 36.89 95.04
C GLU A 668 -6.31 37.60 96.31
N LEU A 669 -7.45 37.19 96.86
CA LEU A 669 -7.94 37.82 98.08
C LEU A 669 -7.02 37.55 99.26
N ARG A 670 -6.46 36.34 99.33
CA ARG A 670 -5.50 36.04 100.39
C ARG A 670 -4.20 36.83 100.18
N SER A 671 -3.80 37.06 98.94
CA SER A 671 -2.66 37.94 98.68
C SER A 671 -2.94 39.35 99.19
N LYS A 672 -4.13 39.87 98.92
CA LYS A 672 -4.54 41.14 99.49
C LYS A 672 -4.71 41.09 101.01
N GLY A 673 -4.80 39.89 101.58
CA GLY A 673 -4.90 39.74 103.03
C GLY A 673 -6.32 39.61 103.55
N TYR A 674 -7.23 39.06 102.75
CA TYR A 674 -8.62 38.99 103.16
C TYR A 674 -8.80 37.95 104.25
N PRO A 675 -9.79 38.14 105.14
CA PRO A 675 -9.97 37.17 106.25
C PRO A 675 -10.69 35.90 105.81
N ILE A 676 -10.06 35.18 104.89
CA ILE A 676 -10.57 33.89 104.42
C ILE A 676 -9.81 32.84 105.23
N GLN A 677 -10.41 32.44 106.36
CA GLN A 677 -9.74 31.51 107.25
C GLN A 677 -9.51 30.16 106.58
N PHE A 678 -10.47 29.71 105.78
CA PHE A 678 -10.38 28.38 105.21
C PHE A 678 -11.23 28.27 103.96
N LEU A 679 -10.91 27.24 103.16
CA LEU A 679 -11.68 26.86 102.00
C LEU A 679 -12.21 25.45 102.21
N THR A 680 -13.52 25.29 102.11
CA THR A 680 -14.17 23.99 102.20
C THR A 680 -14.51 23.53 100.78
N ILE A 681 -14.21 22.27 100.50
CA ILE A 681 -14.52 21.65 99.21
C ILE A 681 -15.57 20.57 99.46
N GLY A 682 -16.74 20.75 98.84
CA GLY A 682 -17.85 19.83 98.99
C GLY A 682 -18.16 19.11 97.67
N ALA A 683 -18.95 18.05 97.80
CA ALA A 683 -19.38 17.26 96.65
C ALA A 683 -18.18 16.71 95.88
N GLY A 684 -17.15 16.27 96.62
CA GLY A 684 -15.97 15.68 96.01
C GLY A 684 -14.70 16.05 96.73
N VAL A 685 -13.77 15.11 96.80
CA VAL A 685 -12.45 15.35 97.40
C VAL A 685 -11.47 15.62 96.27
N PRO A 686 -10.74 16.75 96.29
CA PRO A 686 -9.76 16.99 95.23
C PRO A 686 -8.66 15.94 95.22
N SER A 687 -8.08 15.72 94.05
CA SER A 687 -6.94 14.83 93.94
C SER A 687 -5.77 15.36 94.77
N LEU A 688 -4.73 14.54 94.88
CA LEU A 688 -3.58 14.93 95.70
C LEU A 688 -2.92 16.20 95.15
N GLU A 689 -2.74 16.26 93.82
CA GLU A 689 -2.10 17.42 93.23
C GLU A 689 -2.92 18.69 93.43
N VAL A 690 -4.24 18.59 93.21
CA VAL A 690 -5.10 19.76 93.35
C VAL A 690 -5.14 20.23 94.81
N ALA A 691 -5.23 19.28 95.73
CA ALA A 691 -5.23 19.63 97.15
C ALA A 691 -3.92 20.27 97.56
N SER A 692 -2.80 19.75 97.06
CA SER A 692 -1.51 20.36 97.35
C SER A 692 -1.43 21.76 96.79
N GLU A 693 -1.95 21.98 95.58
CA GLU A 693 -1.93 23.31 95.00
C GLU A 693 -2.76 24.27 95.84
N TYR A 694 -3.94 23.84 96.29
CA TYR A 694 -4.74 24.70 97.16
C TYR A 694 -3.98 25.03 98.43
N ILE A 695 -3.44 24.01 99.10
CA ILE A 695 -2.78 24.18 100.39
C ILE A 695 -1.60 25.13 100.26
N GLU A 696 -0.83 25.00 99.19
CA GLU A 696 0.36 25.84 99.03
C GLU A 696 -0.01 27.25 98.57
N THR A 697 -0.74 27.37 97.47
CA THR A 697 -0.99 28.67 96.86
C THR A 697 -1.90 29.54 97.73
N LEU A 698 -3.03 28.98 98.19
CA LEU A 698 -4.02 29.83 98.84
C LEU A 698 -3.52 30.39 100.16
N GLY A 699 -2.65 29.65 100.84
CA GLY A 699 -2.14 30.14 102.12
C GLY A 699 -3.23 30.31 103.16
N LEU A 700 -4.12 29.34 103.27
CA LEU A 700 -5.21 29.39 104.23
C LEU A 700 -4.77 28.80 105.56
N LYS A 701 -5.54 29.07 106.61
CA LYS A 701 -5.25 28.49 107.91
C LYS A 701 -5.45 26.98 107.90
N TYR A 702 -6.53 26.51 107.28
CA TYR A 702 -6.78 25.08 107.16
C TYR A 702 -7.69 24.84 105.96
N LEU A 703 -7.70 23.60 105.49
CA LEU A 703 -8.48 23.20 104.34
C LEU A 703 -9.57 22.22 104.76
N GLY A 704 -10.83 22.56 104.49
CA GLY A 704 -11.95 21.69 104.79
C GLY A 704 -12.29 20.82 103.59
N LEU A 705 -12.54 19.55 103.85
CA LEU A 705 -12.94 18.60 102.82
C LEU A 705 -14.13 17.82 103.32
N LYS A 706 -15.13 17.63 102.43
CA LYS A 706 -16.35 16.92 102.78
C LYS A 706 -16.40 15.59 102.04
N PRO A 707 -15.66 14.58 102.54
CA PRO A 707 -15.73 13.27 101.91
C PRO A 707 -17.09 12.62 102.08
N GLY A 708 -17.44 11.77 101.12
CA GLY A 708 -18.74 11.12 101.13
C GLY A 708 -18.70 9.66 101.53
N SER A 709 -17.65 8.95 101.15
CA SER A 709 -17.58 7.50 101.32
C SER A 709 -16.18 7.11 101.79
N ILE A 710 -15.93 5.80 101.83
CA ILE A 710 -14.64 5.29 102.30
C ILE A 710 -13.52 5.76 101.39
N ASP A 711 -13.74 5.74 100.07
CA ASP A 711 -12.72 6.21 99.14
C ASP A 711 -12.41 7.69 99.36
N ALA A 712 -13.45 8.49 99.58
CA ALA A 712 -13.24 9.92 99.83
C ALA A 712 -12.47 10.13 101.13
N ILE A 713 -12.80 9.37 102.17
CA ILE A 713 -12.08 9.50 103.44
C ILE A 713 -10.63 9.08 103.26
N SER A 714 -10.39 8.04 102.45
CA SER A 714 -9.02 7.62 102.17
C SER A 714 -8.26 8.71 101.42
N GLN A 715 -8.92 9.39 100.48
CA GLN A 715 -8.27 10.48 99.77
C GLN A 715 -7.94 11.63 100.72
N VAL A 716 -8.86 11.94 101.65
CA VAL A 716 -8.58 12.99 102.64
C VAL A 716 -7.39 12.59 103.51
N ILE A 717 -7.33 11.31 103.91
CA ILE A 717 -6.21 10.84 104.69
C ILE A 717 -4.92 10.95 103.90
N ASN A 718 -4.96 10.65 102.61
CA ASN A 718 -3.78 10.77 101.77
C ASN A 718 -3.32 12.22 101.67
N ILE A 719 -4.26 13.15 101.54
CA ILE A 719 -3.91 14.57 101.50
C ILE A 719 -3.28 15.00 102.81
N ALA A 720 -3.85 14.55 103.94
CA ALA A 720 -3.26 14.87 105.23
C ALA A 720 -1.86 14.29 105.37
N LYS A 721 -1.65 13.07 104.88
CA LYS A 721 -0.33 12.46 104.90
C LYS A 721 0.65 13.27 104.05
N ALA A 722 0.20 13.74 102.89
CA ALA A 722 1.07 14.53 102.01
C ALA A 722 1.41 15.88 102.64
N HIS A 723 0.51 16.43 103.44
CA HIS A 723 0.72 17.71 104.12
C HIS A 723 0.46 17.55 105.60
N PRO A 724 1.35 16.85 106.33
CA PRO A 724 1.09 16.60 107.75
C PRO A 724 1.07 17.87 108.59
N ASN A 725 1.77 18.92 108.14
CA ASN A 725 1.79 20.16 108.91
C ASN A 725 0.51 20.96 108.72
N PHE A 726 -0.10 20.88 107.55
CA PHE A 726 -1.23 21.72 107.23
C PHE A 726 -2.51 21.15 107.85
N PRO A 727 -3.31 21.93 108.58
CA PRO A 727 -4.53 21.37 109.17
C PRO A 727 -5.61 21.12 108.12
N ILE A 728 -6.20 19.92 108.20
CA ILE A 728 -7.28 19.50 107.30
C ILE A 728 -8.50 19.20 108.15
N ALA A 729 -9.63 19.80 107.80
CA ALA A 729 -10.89 19.58 108.49
C ALA A 729 -11.74 18.61 107.68
N LEU A 730 -11.76 17.35 108.11
CA LEU A 730 -12.61 16.33 107.52
C LEU A 730 -14.01 16.55 108.08
N GLN A 731 -14.88 17.17 107.27
CA GLN A 731 -16.27 17.43 107.66
C GLN A 731 -17.12 16.27 107.16
N TRP A 732 -17.12 15.19 107.95
CA TRP A 732 -17.89 14.01 107.61
C TRP A 732 -19.38 14.29 107.76
N THR A 733 -20.14 13.93 106.73
CA THR A 733 -21.59 14.05 106.75
C THR A 733 -22.18 12.82 106.07
N GLY A 734 -23.07 12.13 106.78
CA GLY A 734 -23.73 10.96 106.23
C GLY A 734 -24.80 11.33 105.22
N GLY A 735 -25.38 10.29 104.64
CA GLY A 735 -26.47 10.50 103.69
C GLY A 735 -27.70 11.14 104.30
N ARG A 736 -27.86 11.02 105.62
CA ARG A 736 -28.99 11.63 106.31
C ARG A 736 -28.94 13.15 106.33
N GLY A 737 -27.81 13.75 105.95
CA GLY A 737 -27.72 15.19 105.95
C GLY A 737 -28.57 15.82 104.88
N GLY A 738 -28.91 17.09 105.11
CA GLY A 738 -29.75 17.80 104.17
C GLY A 738 -29.01 18.19 102.91
N GLY A 739 -29.77 18.77 101.98
CA GLY A 739 -29.20 19.17 100.72
C GLY A 739 -28.72 17.98 99.92
N HIS A 740 -27.67 18.21 99.14
CA HIS A 740 -27.02 17.10 98.45
C HIS A 740 -26.49 16.11 99.48
N HIS A 741 -26.67 14.82 99.20
CA HIS A 741 -26.27 13.79 100.15
C HIS A 741 -25.89 12.53 99.40
N SER A 742 -25.11 11.69 100.06
CA SER A 742 -24.67 10.41 99.55
C SER A 742 -25.58 9.30 100.08
N PHE A 743 -25.28 8.07 99.69
CA PHE A 743 -26.01 6.91 100.16
C PHE A 743 -25.38 6.27 101.40
N GLU A 744 -24.25 6.78 101.86
CA GLU A 744 -23.53 6.16 102.96
C GLU A 744 -24.20 6.48 104.29
N ASP A 745 -24.13 5.52 105.22
CA ASP A 745 -24.62 5.75 106.57
C ASP A 745 -23.71 6.75 107.28
N ALA A 746 -24.29 7.47 108.25
CA ALA A 746 -23.53 8.45 109.01
C ALA A 746 -22.58 7.83 110.01
N HIS A 747 -22.85 6.61 110.47
CA HIS A 747 -22.13 6.01 111.59
C HIS A 747 -21.10 4.98 111.16
N THR A 748 -21.49 3.98 110.38
CA THR A 748 -20.57 2.88 110.07
C THR A 748 -19.29 3.34 109.39
N PRO A 749 -19.30 4.25 108.39
CA PRO A 749 -18.01 4.64 107.79
C PRO A 749 -17.05 5.26 108.79
N MET A 750 -17.59 6.01 109.76
CA MET A 750 -16.75 6.53 110.83
C MET A 750 -16.18 5.39 111.67
N LEU A 751 -16.99 4.37 111.95
CA LEU A 751 -16.50 3.23 112.71
C LEU A 751 -15.35 2.55 111.98
N GLN A 752 -15.42 2.50 110.65
CA GLN A 752 -14.33 1.85 109.90
C GLN A 752 -13.09 2.74 109.86
N MET A 753 -13.25 4.03 109.63
CA MET A 753 -12.14 4.90 109.23
C MET A 753 -11.63 5.80 110.36
N TYR A 754 -12.18 5.69 111.57
CA TYR A 754 -11.76 6.60 112.64
C TYR A 754 -10.30 6.38 113.02
N SER A 755 -9.88 5.12 113.14
CA SER A 755 -8.50 4.84 113.51
C SER A 755 -7.53 5.41 112.48
N LYS A 756 -7.82 5.21 111.19
CA LYS A 756 -6.96 5.76 110.15
C LYS A 756 -6.95 7.28 110.20
N ILE A 757 -8.11 7.89 110.46
CA ILE A 757 -8.19 9.35 110.51
C ILE A 757 -7.35 9.89 111.66
N ARG A 758 -7.50 9.29 112.84
CA ARG A 758 -6.73 9.73 114.00
C ARG A 758 -5.27 9.32 113.93
N ARG A 759 -4.90 8.46 112.98
CA ARG A 759 -3.49 8.17 112.76
C ARG A 759 -2.73 9.43 112.32
N HIS A 760 -3.44 10.42 111.79
CA HIS A 760 -2.85 11.69 111.36
C HIS A 760 -3.35 12.81 112.28
N PRO A 761 -2.51 13.41 113.12
CA PRO A 761 -3.03 14.40 114.07
C PRO A 761 -3.56 15.67 113.43
N ASN A 762 -3.21 15.95 112.17
CA ASN A 762 -3.61 17.20 111.53
C ASN A 762 -5.01 17.14 110.94
N ILE A 763 -5.71 16.00 111.05
CA ILE A 763 -7.09 15.88 110.59
C ILE A 763 -8.03 16.14 111.76
N MET A 764 -8.97 17.06 111.56
CA MET A 764 -10.03 17.34 112.53
C MET A 764 -11.32 16.69 112.06
N LEU A 765 -11.92 15.87 112.90
CA LEU A 765 -13.15 15.17 112.57
C LEU A 765 -14.33 16.03 113.00
N ILE A 766 -15.13 16.46 112.03
CA ILE A 766 -16.34 17.24 112.29
C ILE A 766 -17.53 16.42 111.83
N PHE A 767 -18.49 16.22 112.72
CA PHE A 767 -19.64 15.35 112.47
C PHE A 767 -20.88 16.21 112.27
N GLY A 768 -21.52 16.07 111.13
CA GLY A 768 -22.76 16.75 110.81
C GLY A 768 -23.84 15.75 110.44
N SER A 769 -24.71 16.17 109.52
CA SER A 769 -25.74 15.32 108.95
C SER A 769 -26.68 14.77 110.02
N GLY A 770 -27.48 15.67 110.59
CA GLY A 770 -28.56 15.27 111.46
C GLY A 770 -28.44 15.79 112.88
N PHE A 771 -27.78 16.92 113.06
CA PHE A 771 -27.55 17.52 114.36
C PHE A 771 -28.24 18.88 114.42
N GLY A 772 -28.97 19.12 115.52
CA GLY A 772 -29.64 20.39 115.71
C GLY A 772 -29.70 20.86 117.16
N SER A 773 -28.96 20.20 118.06
CA SER A 773 -29.01 20.55 119.46
C SER A 773 -27.75 20.01 120.14
N ALA A 774 -27.57 20.43 121.40
CA ALA A 774 -26.46 19.92 122.19
C ALA A 774 -26.71 18.51 122.70
N ASP A 775 -27.98 18.15 122.95
CA ASP A 775 -28.28 16.86 123.53
C ASP A 775 -27.85 15.72 122.62
N ASP A 776 -28.13 15.84 121.32
CA ASP A 776 -27.81 14.78 120.37
C ASP A 776 -26.38 14.83 119.86
N THR A 777 -25.64 15.90 120.14
CA THR A 777 -24.23 16.00 119.76
C THR A 777 -23.29 15.69 120.91
N TYR A 778 -23.73 15.81 122.16
CA TYR A 778 -22.86 15.51 123.28
C TYR A 778 -22.33 14.08 123.26
N PRO A 779 -23.12 13.05 122.92
CA PRO A 779 -22.50 11.71 122.79
C PRO A 779 -21.39 11.66 121.76
N TYR A 780 -21.53 12.44 120.68
CA TYR A 780 -20.48 12.46 119.66
C TYR A 780 -19.28 13.27 120.13
N LEU A 781 -19.52 14.32 120.93
CA LEU A 781 -18.42 15.07 121.51
C LEU A 781 -17.61 14.21 122.46
N THR A 782 -18.28 13.54 123.40
CA THR A 782 -17.62 12.66 124.35
C THR A 782 -17.17 11.35 123.74
N GLY A 783 -17.72 10.97 122.59
CA GLY A 783 -17.36 9.72 121.95
C GLY A 783 -18.15 8.52 122.41
N GLU A 784 -19.02 8.66 123.41
CA GLU A 784 -19.77 7.52 123.93
C GLU A 784 -20.82 7.01 122.96
N TRP A 785 -21.02 7.67 121.82
CA TRP A 785 -21.95 7.17 120.82
C TRP A 785 -21.56 5.79 120.33
N SER A 786 -20.26 5.46 120.35
CA SER A 786 -19.78 4.17 119.88
C SER A 786 -19.88 3.07 120.94
N THR A 787 -20.09 3.42 122.21
CA THR A 787 -20.18 2.39 123.24
C THR A 787 -21.38 1.49 123.02
N LYS A 788 -22.47 2.06 122.49
CA LYS A 788 -23.63 1.25 122.15
C LYS A 788 -23.38 0.36 120.94
N PHE A 789 -22.33 0.64 120.16
CA PHE A 789 -22.05 -0.07 118.92
C PHE A 789 -20.94 -1.10 119.08
N ASP A 790 -20.61 -1.50 120.31
CA ASP A 790 -19.53 -2.46 120.57
C ASP A 790 -18.19 -1.92 120.08
N TYR A 791 -17.94 -0.64 120.29
CA TYR A 791 -16.71 0.04 119.93
C TYR A 791 -16.25 0.90 121.09
N PRO A 792 -14.97 1.26 121.13
CA PRO A 792 -14.51 2.16 122.19
C PRO A 792 -14.97 3.58 121.92
N PRO A 793 -14.83 4.49 122.89
CA PRO A 793 -15.28 5.87 122.68
C PRO A 793 -14.57 6.52 121.50
N MET A 794 -15.31 7.36 120.77
CA MET A 794 -14.85 7.94 119.51
C MET A 794 -15.15 9.44 119.54
N PRO A 795 -14.38 10.23 120.27
CA PRO A 795 -14.62 11.67 120.31
C PRO A 795 -14.42 12.31 118.94
N PHE A 796 -15.22 13.33 118.67
CA PHE A 796 -15.15 14.10 117.44
C PHE A 796 -14.74 15.53 117.74
N ASP A 797 -14.01 16.13 116.80
CA ASP A 797 -13.39 17.42 117.04
C ASP A 797 -14.33 18.60 116.81
N GLY A 798 -15.49 18.39 116.21
CA GLY A 798 -16.42 19.47 115.99
C GLY A 798 -17.71 18.96 115.39
N PHE A 799 -18.62 19.89 115.15
CA PHE A 799 -19.91 19.59 114.55
C PHE A 799 -20.29 20.70 113.60
N LEU A 800 -21.14 20.36 112.63
CA LEU A 800 -21.69 21.32 111.70
C LEU A 800 -23.20 21.14 111.63
N PHE A 801 -23.94 22.25 111.78
CA PHE A 801 -25.40 22.25 111.81
C PHE A 801 -25.89 23.01 110.58
N GLY A 802 -26.19 22.27 109.52
CA GLY A 802 -26.69 22.87 108.31
C GLY A 802 -28.17 23.19 108.36
N SER A 803 -29.00 22.15 108.48
CA SER A 803 -30.45 22.36 108.40
C SER A 803 -31.02 22.99 109.67
N ARG A 804 -30.32 22.89 110.80
CA ARG A 804 -30.84 23.45 112.04
C ARG A 804 -30.96 24.97 111.97
N VAL A 805 -30.07 25.62 111.22
CA VAL A 805 -30.02 27.08 111.18
C VAL A 805 -30.75 27.65 109.97
N MET A 806 -31.53 26.83 109.26
CA MET A 806 -32.20 27.30 108.06
C MET A 806 -33.36 28.24 108.38
N ILE A 807 -33.85 28.22 109.62
CA ILE A 807 -34.92 29.10 110.05
C ILE A 807 -34.43 30.16 111.03
N ALA A 808 -33.15 30.52 110.96
CA ALA A 808 -32.62 31.55 111.85
C ALA A 808 -33.20 32.91 111.49
N LYS A 809 -33.06 33.85 112.42
CA LYS A 809 -33.57 35.20 112.19
C LYS A 809 -32.84 35.87 111.02
N GLU A 810 -31.52 35.66 110.93
CA GLU A 810 -30.70 36.39 109.98
C GLU A 810 -30.63 35.72 108.61
N VAL A 811 -31.16 34.52 108.44
CA VAL A 811 -31.14 33.87 107.14
C VAL A 811 -32.20 34.50 106.25
N LYS A 812 -31.90 34.58 104.95
CA LYS A 812 -32.78 35.23 103.99
C LYS A 812 -33.97 34.36 103.57
N THR A 813 -34.13 33.17 104.15
CA THR A 813 -35.28 32.34 103.86
C THR A 813 -36.57 33.10 104.17
N SER A 814 -37.56 32.95 103.28
CA SER A 814 -38.80 33.69 103.43
C SER A 814 -39.56 33.19 104.66
N PRO A 815 -40.46 34.01 105.21
CA PRO A 815 -41.24 33.54 106.38
C PRO A 815 -42.05 32.29 106.11
N ASP A 816 -42.67 32.17 104.93
CA ASP A 816 -43.45 30.98 104.63
C ASP A 816 -42.55 29.76 104.48
N ALA A 817 -41.37 29.93 103.88
CA ALA A 817 -40.41 28.84 103.80
C ALA A 817 -39.96 28.40 105.20
N LYS A 818 -39.74 29.37 106.09
CA LYS A 818 -39.39 29.04 107.47
C LYS A 818 -40.51 28.28 108.15
N LYS A 819 -41.76 28.70 107.92
CA LYS A 819 -42.90 28.00 108.50
C LYS A 819 -42.97 26.57 107.99
N CYS A 820 -42.71 26.37 106.69
CA CYS A 820 -42.71 25.01 106.15
C CYS A 820 -41.59 24.18 106.76
N ILE A 821 -40.40 24.77 106.90
CA ILE A 821 -39.27 24.04 107.50
C ILE A 821 -39.60 23.62 108.92
N ALA A 822 -40.18 24.54 109.70
CA ALA A 822 -40.59 24.19 111.06
C ALA A 822 -41.69 23.14 111.05
N ALA A 823 -42.57 23.17 110.05
CA ALA A 823 -43.64 22.18 109.96
C ALA A 823 -43.09 20.79 109.70
N CYS A 824 -41.96 20.69 108.99
CA CYS A 824 -41.32 19.39 108.83
C CYS A 824 -40.97 18.81 110.20
N THR A 825 -41.66 17.72 110.57
CA THR A 825 -41.46 17.13 111.89
C THR A 825 -40.18 16.31 111.99
N GLY A 826 -39.58 15.94 110.86
CA GLY A 826 -38.36 15.17 110.89
C GLY A 826 -38.61 13.69 111.11
N VAL A 827 -37.52 12.95 111.15
CA VAL A 827 -37.57 11.49 111.27
C VAL A 827 -36.30 11.02 111.97
N PRO A 828 -36.34 10.01 112.84
CA PRO A 828 -35.10 9.54 113.47
C PRO A 828 -34.10 9.01 112.44
N ASP A 829 -32.89 8.75 112.92
CA ASP A 829 -31.80 8.35 112.04
C ASP A 829 -32.08 7.01 111.38
N ASP A 830 -32.57 6.03 112.13
CA ASP A 830 -32.74 4.68 111.59
C ASP A 830 -33.77 4.63 110.47
N LYS A 831 -34.63 5.65 110.36
CA LYS A 831 -35.66 5.70 109.32
C LYS A 831 -35.35 6.74 108.24
N TRP A 832 -34.13 7.29 108.22
CA TRP A 832 -33.81 8.29 107.21
C TRP A 832 -33.80 7.68 105.81
N GLU A 833 -33.47 6.39 105.70
CA GLU A 833 -33.38 5.75 104.40
C GLU A 833 -34.70 5.76 103.65
N GLN A 834 -35.83 5.85 104.37
CA GLN A 834 -37.13 5.87 103.72
C GLN A 834 -37.47 7.26 103.20
N THR A 835 -36.60 7.80 102.34
CA THR A 835 -36.86 9.05 101.64
C THR A 835 -36.68 8.94 100.14
N TYR A 836 -36.02 7.90 99.64
CA TYR A 836 -35.93 7.68 98.21
C TYR A 836 -37.23 7.13 97.64
N LYS A 837 -38.09 6.53 98.48
CA LYS A 837 -39.34 5.93 98.02
C LYS A 837 -40.52 6.85 98.27
N LYS A 838 -40.71 7.30 99.50
CA LYS A 838 -41.82 8.16 99.89
C LYS A 838 -41.34 9.20 100.88
N PRO A 839 -42.03 10.34 100.99
CA PRO A 839 -41.67 11.31 102.02
C PRO A 839 -41.82 10.73 103.42
N THR A 840 -40.89 11.10 104.30
CA THR A 840 -40.96 10.76 105.72
C THR A 840 -40.41 11.94 106.51
N GLY A 841 -41.21 12.42 107.46
CA GLY A 841 -40.84 13.60 108.22
C GLY A 841 -40.99 14.89 107.44
N GLY A 842 -41.68 14.86 106.30
CA GLY A 842 -41.81 16.03 105.45
C GLY A 842 -40.67 16.24 104.48
N ILE A 843 -39.70 15.33 104.44
CA ILE A 843 -38.54 15.45 103.57
C ILE A 843 -38.46 14.21 102.68
N VAL A 844 -38.22 14.42 101.39
CA VAL A 844 -38.10 13.36 100.41
C VAL A 844 -36.86 13.62 99.56
N THR A 845 -36.34 12.56 98.96
CA THR A 845 -35.17 12.64 98.10
C THR A 845 -35.61 12.80 96.64
N VAL A 846 -34.90 13.68 95.92
CA VAL A 846 -35.09 13.89 94.50
C VAL A 846 -33.72 13.79 93.84
N ARG A 847 -33.73 13.81 92.51
CA ARG A 847 -32.50 13.68 91.72
C ARG A 847 -32.19 15.00 91.02
N SER A 848 -30.93 15.39 91.06
CA SER A 848 -30.50 16.66 90.49
C SER A 848 -30.34 16.52 88.97
N GLU A 849 -29.77 17.55 88.33
CA GLU A 849 -29.50 17.48 86.91
C GLU A 849 -28.52 16.37 86.59
N MET A 850 -27.55 16.14 87.46
CA MET A 850 -26.55 15.10 87.27
C MET A 850 -26.98 13.77 87.87
N GLY A 851 -28.18 13.69 88.44
CA GLY A 851 -28.65 12.48 89.06
C GLY A 851 -28.26 12.29 90.50
N GLU A 852 -27.59 13.26 91.11
CA GLU A 852 -27.19 13.12 92.50
C GLU A 852 -28.41 13.26 93.41
N PRO A 853 -28.49 12.51 94.51
CA PRO A 853 -29.62 12.71 95.43
C PRO A 853 -29.55 14.07 96.12
N ILE A 854 -30.73 14.64 96.36
CA ILE A 854 -30.88 15.86 97.14
C ILE A 854 -32.09 15.67 98.05
N HIS A 855 -31.92 15.96 99.34
CA HIS A 855 -33.04 15.95 100.27
C HIS A 855 -33.74 17.30 100.21
N LYS A 856 -35.06 17.29 100.03
CA LYS A 856 -35.84 18.52 99.97
C LYS A 856 -37.14 18.30 100.72
N ILE A 857 -37.77 19.41 101.12
CA ILE A 857 -39.05 19.32 101.81
C ILE A 857 -40.11 18.80 100.84
N ALA A 858 -41.00 17.96 101.36
CA ALA A 858 -42.04 17.34 100.54
C ALA A 858 -43.14 18.35 100.23
N THR A 859 -42.77 19.34 99.42
CA THR A 859 -43.69 20.33 98.89
C THR A 859 -44.34 19.77 97.62
N ARG A 860 -45.36 20.50 97.13
CA ARG A 860 -45.98 20.08 95.88
C ARG A 860 -44.99 20.14 94.73
N GLY A 861 -44.16 21.17 94.70
CA GLY A 861 -43.13 21.25 93.66
C GLY A 861 -42.14 20.10 93.75
N VAL A 862 -41.74 19.73 94.97
CA VAL A 862 -40.78 18.64 95.14
C VAL A 862 -41.42 17.31 94.77
N MET A 863 -42.70 17.12 95.10
CA MET A 863 -43.38 15.90 94.70
C MET A 863 -43.52 15.82 93.19
N LEU A 864 -43.78 16.95 92.53
CA LEU A 864 -43.78 16.95 91.07
C LEU A 864 -42.39 16.62 90.52
N TRP A 865 -41.35 17.18 91.16
CA TRP A 865 -39.97 16.84 90.79
C TRP A 865 -39.75 15.34 90.87
N LYS A 866 -40.19 14.72 91.96
CA LYS A 866 -39.99 13.28 92.14
C LYS A 866 -40.79 12.50 91.11
N GLU A 867 -42.03 12.92 90.83
CA GLU A 867 -42.85 12.23 89.85
C GLU A 867 -42.20 12.28 88.47
N PHE A 868 -41.68 13.45 88.08
CA PHE A 868 -41.02 13.55 86.79
C PHE A 868 -39.71 12.77 86.78
N ASP A 869 -39.03 12.70 87.93
CA ASP A 869 -37.83 11.87 88.01
C ASP A 869 -38.17 10.41 87.78
N GLU A 870 -39.29 9.95 88.32
CA GLU A 870 -39.64 8.55 88.26
C GLU A 870 -40.43 8.16 87.01
N THR A 871 -40.92 9.13 86.23
CA THR A 871 -41.74 8.82 85.06
C THR A 871 -41.27 9.44 83.75
N ILE A 872 -40.45 10.49 83.76
CA ILE A 872 -40.08 11.21 82.55
C ILE A 872 -38.56 11.26 82.40
N PHE A 873 -37.87 11.69 83.45
CA PHE A 873 -36.43 11.88 83.35
C PHE A 873 -35.69 10.55 83.30
N ASN A 874 -36.25 9.52 83.90
CA ASN A 874 -35.60 8.21 83.89
C ASN A 874 -35.68 7.53 82.52
N LEU A 875 -36.54 8.03 81.63
CA LEU A 875 -36.71 7.39 80.34
C LEU A 875 -35.50 7.66 79.45
N PRO A 876 -35.26 6.81 78.45
CA PRO A 876 -34.17 7.08 77.51
C PRO A 876 -34.48 8.26 76.60
N LYS A 877 -33.47 8.66 75.82
CA LYS A 877 -33.60 9.82 74.97
C LYS A 877 -34.69 9.62 73.92
N ASN A 878 -34.76 8.43 73.33
CA ASN A 878 -35.75 8.18 72.28
C ASN A 878 -37.16 8.19 72.85
N LYS A 879 -37.34 7.71 74.08
CA LYS A 879 -38.65 7.69 74.71
C LYS A 879 -39.03 9.01 75.36
N LEU A 880 -38.08 9.92 75.55
CA LEU A 880 -38.39 11.16 76.26
C LEU A 880 -39.37 12.03 75.48
N VAL A 881 -39.13 12.24 74.19
CA VAL A 881 -39.90 13.21 73.42
C VAL A 881 -41.31 12.70 73.17
N PRO A 882 -41.51 11.45 72.73
CA PRO A 882 -42.90 10.96 72.61
C PRO A 882 -43.66 11.02 73.92
N THR A 883 -43.01 10.73 75.05
CA THR A 883 -43.68 10.80 76.34
C THR A 883 -44.11 12.23 76.65
N LEU A 884 -43.24 13.20 76.38
CA LEU A 884 -43.60 14.60 76.62
C LEU A 884 -44.77 15.00 75.72
N GLU A 885 -44.74 14.57 74.45
CA GLU A 885 -45.86 14.86 73.55
C GLU A 885 -47.16 14.27 74.08
N ALA A 886 -47.10 13.03 74.57
CA ALA A 886 -48.31 12.35 75.03
C ALA A 886 -48.85 12.99 76.31
N LYS A 887 -47.98 13.33 77.25
CA LYS A 887 -48.38 13.87 78.54
C LYS A 887 -48.19 15.39 78.61
N ARG A 888 -48.26 16.06 77.46
CA ARG A 888 -48.11 17.51 77.43
C ARG A 888 -49.14 18.20 78.32
N ASP A 889 -50.41 17.82 78.19
CA ASP A 889 -51.46 18.49 78.97
C ASP A 889 -51.27 18.28 80.46
N TYR A 890 -50.99 17.04 80.87
CA TYR A 890 -50.79 16.75 82.29
C TYR A 890 -49.59 17.51 82.83
N ILE A 891 -48.49 17.52 82.08
CA ILE A 891 -47.28 18.22 82.52
C ILE A 891 -47.56 19.70 82.66
N ILE A 892 -48.27 20.29 81.70
CA ILE A 892 -48.55 21.72 81.75
C ILE A 892 -49.42 22.04 82.97
N SER A 893 -50.45 21.23 83.20
CA SER A 893 -51.33 21.47 84.35
C SER A 893 -50.55 21.37 85.65
N ARG A 894 -49.70 20.35 85.77
CA ARG A 894 -48.92 20.18 86.99
C ARG A 894 -47.93 21.32 87.19
N LEU A 895 -47.27 21.78 86.12
CA LEU A 895 -46.36 22.90 86.24
C LEU A 895 -47.09 24.17 86.66
N ASN A 896 -48.26 24.41 86.09
CA ASN A 896 -49.00 25.63 86.43
C ASN A 896 -49.59 25.57 87.82
N ALA A 897 -49.87 24.37 88.34
CA ALA A 897 -50.54 24.23 89.62
C ALA A 897 -49.60 24.04 90.79
N ASP A 898 -48.44 23.41 90.60
CA ASP A 898 -47.66 22.88 91.71
C ASP A 898 -46.17 23.23 91.68
N PHE A 899 -45.68 23.94 90.67
CA PHE A 899 -44.25 24.14 90.49
C PHE A 899 -43.90 25.62 90.44
N GLN A 900 -42.69 25.93 90.93
CA GLN A 900 -42.16 27.28 90.94
C GLN A 900 -41.93 27.85 89.55
N LYS A 901 -41.78 27.00 88.54
CA LYS A 901 -41.59 27.41 87.14
C LYS A 901 -42.85 27.02 86.38
N PRO A 902 -43.85 27.89 86.31
CA PRO A 902 -45.09 27.53 85.60
C PRO A 902 -44.84 27.39 84.11
N TRP A 903 -45.76 26.68 83.46
CA TRP A 903 -45.80 26.66 82.01
C TRP A 903 -45.96 28.09 81.50
N PHE A 904 -45.03 28.54 80.66
CA PHE A 904 -45.04 29.93 80.23
C PHE A 904 -46.29 30.27 79.45
N ALA A 905 -46.61 29.46 78.44
CA ALA A 905 -47.74 29.77 77.55
C ALA A 905 -49.04 29.46 78.26
N THR A 906 -49.42 30.36 79.17
CA THR A 906 -50.65 30.26 79.94
C THR A 906 -51.25 31.64 80.07
N VAL A 907 -52.45 31.83 79.50
CA VAL A 907 -53.15 33.11 79.51
C VAL A 907 -54.47 32.92 80.23
N ASN A 908 -54.69 33.72 81.27
CA ASN A 908 -55.91 33.65 82.08
C ASN A 908 -56.13 32.25 82.65
N GLY A 909 -55.04 31.57 82.99
CA GLY A 909 -55.13 30.22 83.52
C GLY A 909 -55.40 29.15 82.49
N GLN A 910 -55.42 29.48 81.21
CA GLN A 910 -55.71 28.53 80.14
C GLN A 910 -54.41 28.15 79.46
N ALA A 911 -54.12 26.85 79.42
CA ALA A 911 -52.89 26.37 78.81
C ALA A 911 -52.87 26.73 77.33
N ARG A 912 -51.71 27.20 76.86
CA ARG A 912 -51.52 27.61 75.48
C ARG A 912 -50.13 27.13 75.06
N ASP A 913 -49.68 27.61 73.90
CA ASP A 913 -48.33 27.38 73.42
C ASP A 913 -47.76 28.70 72.95
N LEU A 914 -46.43 28.77 72.86
CA LEU A 914 -45.78 29.98 72.36
C LEU A 914 -46.27 30.32 70.97
N ALA A 915 -46.62 29.32 70.17
CA ALA A 915 -47.18 29.55 68.85
C ALA A 915 -48.63 30.00 68.90
N THR A 916 -49.40 29.56 69.89
CA THR A 916 -50.81 29.91 70.02
C THR A 916 -51.01 31.07 71.00
N MET A 917 -49.94 31.80 71.31
CA MET A 917 -50.00 32.99 72.14
C MET A 917 -49.51 34.20 71.37
N THR A 918 -50.15 35.34 71.60
CA THR A 918 -49.85 36.58 70.89
C THR A 918 -48.66 37.30 71.52
N TYR A 919 -48.16 38.31 70.81
CA TYR A 919 -47.03 39.08 71.30
C TYR A 919 -47.37 39.82 72.58
N GLU A 920 -48.55 40.46 72.63
CA GLU A 920 -48.96 41.15 73.83
C GLU A 920 -49.10 40.18 74.99
N GLU A 921 -49.66 39.00 74.73
CA GLU A 921 -49.80 38.00 75.79
C GLU A 921 -48.44 37.53 76.28
N VAL A 922 -47.48 37.36 75.37
CA VAL A 922 -46.13 36.95 75.78
C VAL A 922 -45.48 38.03 76.63
N ALA A 923 -45.60 39.29 76.22
CA ALA A 923 -45.00 40.38 76.99
C ALA A 923 -45.65 40.49 78.37
N LYS A 924 -46.98 40.39 78.43
CA LYS A 924 -47.67 40.46 79.71
C LYS A 924 -47.27 39.28 80.60
N ARG A 925 -47.14 38.09 80.03
CA ARG A 925 -46.71 36.94 80.81
C ARG A 925 -45.29 37.12 81.33
N LEU A 926 -44.40 37.66 80.51
CA LEU A 926 -43.04 37.93 80.95
C LEU A 926 -43.04 38.92 82.11
N VAL A 927 -43.83 39.99 82.00
CA VAL A 927 -43.92 40.94 83.11
C VAL A 927 -44.47 40.27 84.35
N GLU A 928 -45.50 39.44 84.20
CA GLU A 928 -46.11 38.77 85.34
C GLU A 928 -45.11 37.86 86.05
N LEU A 929 -44.31 37.11 85.28
CA LEU A 929 -43.43 36.11 85.86
C LEU A 929 -42.05 36.62 86.21
N MET A 930 -41.67 37.83 85.78
CA MET A 930 -40.33 38.36 86.03
C MET A 930 -40.34 39.64 86.84
N PHE A 931 -41.33 40.51 86.65
CA PHE A 931 -41.44 41.77 87.38
C PHE A 931 -42.27 41.56 88.64
N ILE A 932 -41.74 42.00 89.77
CA ILE A 932 -42.38 41.80 91.07
C ILE A 932 -43.15 43.07 91.41
N ARG A 933 -44.45 42.92 91.67
CA ARG A 933 -45.29 44.08 91.93
C ARG A 933 -45.08 44.61 93.35
N SER A 934 -44.79 43.72 94.31
CA SER A 934 -44.66 44.15 95.70
C SER A 934 -43.51 45.13 95.87
N THR A 935 -42.35 44.82 95.30
CA THR A 935 -41.21 45.74 95.34
C THR A 935 -41.21 46.72 94.17
N ASN A 936 -42.14 46.57 93.23
CA ASN A 936 -42.28 47.51 92.12
C ASN A 936 -41.02 47.60 91.27
N SER A 937 -40.31 46.48 91.13
CA SER A 937 -39.08 46.45 90.36
C SER A 937 -38.87 45.05 89.82
N TRP A 938 -38.10 44.96 88.74
CA TRP A 938 -37.76 43.67 88.17
C TRP A 938 -36.93 42.87 89.17
N PHE A 939 -37.18 41.56 89.21
CA PHE A 939 -36.42 40.71 90.12
C PHE A 939 -34.96 40.65 89.72
N ASP A 940 -34.67 40.69 88.42
CA ASP A 940 -33.31 40.60 87.95
C ASP A 940 -33.12 41.46 86.70
N VAL A 941 -31.93 42.07 86.61
CA VAL A 941 -31.60 42.92 85.48
C VAL A 941 -31.54 42.12 84.19
N THR A 942 -31.09 40.87 84.25
CA THR A 942 -31.07 40.05 83.04
C THR A 942 -32.49 39.72 82.59
N TRP A 943 -33.41 39.58 83.54
CA TRP A 943 -34.82 39.39 83.17
C TRP A 943 -35.39 40.65 82.53
N ARG A 944 -35.04 41.83 83.06
CA ARG A 944 -35.46 43.06 82.42
C ARG A 944 -34.91 43.15 81.00
N THR A 945 -33.64 42.77 80.83
CA THR A 945 -33.05 42.77 79.49
C THR A 945 -33.76 41.78 78.57
N PHE A 946 -34.15 40.63 79.11
CA PHE A 946 -34.90 39.65 78.33
C PHE A 946 -36.21 40.26 77.81
N THR A 947 -36.98 40.86 78.72
CA THR A 947 -38.26 41.44 78.31
C THR A 947 -38.06 42.59 77.34
N GLY A 948 -37.04 43.41 77.56
CA GLY A 948 -36.79 44.52 76.65
C GLY A 948 -36.36 44.04 75.27
N ASP A 949 -35.54 42.99 75.21
CA ASP A 949 -35.17 42.42 73.93
C ASP A 949 -36.39 41.83 73.22
N PHE A 950 -37.30 41.21 73.97
CA PHE A 950 -38.52 40.72 73.35
C PHE A 950 -39.33 41.87 72.75
N LEU A 951 -39.48 42.96 73.50
CA LEU A 951 -40.23 44.10 73.01
C LEU A 951 -39.55 44.72 71.79
N ARG A 952 -38.22 44.78 71.80
CA ARG A 952 -37.49 45.27 70.63
C ARG A 952 -37.74 44.37 69.43
N ARG A 953 -37.77 43.05 69.64
CA ARG A 953 -38.07 42.13 68.55
C ARG A 953 -39.49 42.33 68.03
N VAL A 954 -40.43 42.61 68.94
CA VAL A 954 -41.81 42.89 68.52
C VAL A 954 -41.86 44.14 67.66
N GLU A 955 -41.15 45.18 68.08
CA GLU A 955 -41.08 46.41 67.29
C GLU A 955 -40.47 46.15 65.93
N GLU A 956 -39.40 45.34 65.88
CA GLU A 956 -38.78 45.00 64.60
C GLU A 956 -39.76 44.24 63.71
N ARG A 957 -40.51 43.32 64.29
CA ARG A 957 -41.42 42.50 63.50
C ARG A 957 -42.56 43.33 62.93
N PHE A 958 -43.09 44.26 63.72
CA PHE A 958 -44.32 44.96 63.36
C PHE A 958 -44.08 46.39 62.87
N THR A 959 -42.83 46.82 62.72
CA THR A 959 -42.50 48.10 62.11
C THR A 959 -42.34 47.91 60.62
N LYS A 960 -42.84 48.88 59.85
CA LYS A 960 -42.81 48.79 58.40
C LYS A 960 -41.56 49.41 57.79
N SER A 961 -40.73 50.08 58.58
CA SER A 961 -39.58 50.80 58.03
C SER A 961 -38.69 51.26 59.18
N LYS A 962 -37.66 52.02 58.84
CA LYS A 962 -36.78 52.64 59.81
C LYS A 962 -37.58 53.46 60.81
N THR A 963 -37.30 53.29 62.10
CA THR A 963 -37.92 54.14 63.11
C THR A 963 -37.14 54.02 64.41
N LEU A 964 -37.25 55.06 65.23
CA LEU A 964 -36.65 55.06 66.55
C LEU A 964 -37.31 53.99 67.42
N SER A 965 -36.50 53.28 68.19
CA SER A 965 -37.04 52.29 69.12
C SER A 965 -37.86 52.98 70.20
N LEU A 966 -39.03 52.41 70.51
CA LEU A 966 -39.87 52.95 71.57
C LEU A 966 -39.27 52.73 72.94
N ILE A 967 -38.35 51.78 73.08
CA ILE A 967 -37.63 51.53 74.32
C ILE A 967 -36.16 51.81 74.01
N GLN A 968 -35.73 53.05 74.23
CA GLN A 968 -34.34 53.41 73.98
C GLN A 968 -33.42 52.85 75.06
N SER A 969 -33.89 52.84 76.30
CA SER A 969 -33.16 52.27 77.42
C SER A 969 -34.08 51.34 78.19
N TYR A 970 -33.51 50.23 78.69
CA TYR A 970 -34.29 49.28 79.46
C TYR A 970 -34.74 49.85 80.80
N SER A 971 -34.15 50.96 81.26
CA SER A 971 -34.61 51.60 82.47
C SER A 971 -36.06 52.06 82.36
N LEU A 972 -36.56 52.27 81.14
CA LEU A 972 -37.96 52.60 80.94
C LEU A 972 -38.89 51.47 81.38
N LEU A 973 -38.37 50.24 81.47
CA LEU A 973 -39.20 49.10 81.87
C LEU A 973 -39.49 49.05 83.35
N ASP A 974 -39.01 50.02 84.15
CA ASP A 974 -39.36 50.04 85.56
C ASP A 974 -40.87 50.20 85.74
N LYS A 975 -41.56 50.75 84.74
CA LYS A 975 -43.01 50.77 84.68
C LYS A 975 -43.43 49.88 83.51
N PRO A 976 -43.33 48.56 83.67
CA PRO A 976 -43.53 47.66 82.52
C PRO A 976 -44.91 47.73 81.91
N ASP A 977 -45.95 47.97 82.70
CA ASP A 977 -47.29 48.11 82.13
C ASP A 977 -47.35 49.27 81.17
N GLU A 978 -46.78 50.41 81.57
CA GLU A 978 -46.75 51.58 80.68
C GLU A 978 -45.89 51.32 79.46
N ALA A 979 -44.74 50.65 79.64
CA ALA A 979 -43.88 50.36 78.49
C ALA A 979 -44.59 49.45 77.49
N ILE A 980 -45.25 48.40 77.97
CA ILE A 980 -45.99 47.50 77.09
C ILE A 980 -47.12 48.25 76.41
N GLU A 981 -47.84 49.09 77.15
CA GLU A 981 -48.92 49.86 76.55
C GLU A 981 -48.41 50.74 75.44
N LYS A 982 -47.27 51.40 75.66
CA LYS A 982 -46.70 52.27 74.64
C LYS A 982 -46.30 51.48 73.40
N VAL A 983 -45.61 50.35 73.60
CA VAL A 983 -45.12 49.58 72.46
C VAL A 983 -46.28 49.02 71.65
N PHE A 984 -47.28 48.46 72.32
CA PHE A 984 -48.38 47.83 71.60
C PHE A 984 -49.46 48.83 71.20
N ASN A 985 -49.36 50.09 71.62
CA ASN A 985 -50.13 51.15 70.96
C ASN A 985 -49.41 51.64 69.71
N ALA A 986 -48.08 51.64 69.72
CA ALA A 986 -47.34 51.97 68.51
C ALA A 986 -47.51 50.91 67.44
N TYR A 987 -47.65 49.64 67.86
CA TYR A 987 -47.90 48.53 66.94
C TYR A 987 -49.14 47.77 67.42
N PRO A 988 -50.34 48.32 67.18
CA PRO A 988 -51.56 47.63 67.64
C PRO A 988 -51.78 46.29 66.97
N ALA A 989 -51.19 46.05 65.79
CA ALA A 989 -51.40 44.79 65.10
C ALA A 989 -50.89 43.60 65.90
N ALA A 990 -49.94 43.82 66.81
CA ALA A 990 -49.34 42.72 67.58
C ALA A 990 -50.22 42.25 68.73
N ARG A 991 -51.28 42.98 69.07
CA ARG A 991 -52.14 42.56 70.17
C ARG A 991 -53.00 41.35 69.83
N GLU A 992 -53.31 41.13 68.55
CA GLU A 992 -54.16 40.03 68.10
C GLU A 992 -53.45 39.25 67.00
N GLN A 993 -52.22 38.84 67.28
CA GLN A 993 -51.35 38.25 66.26
C GLN A 993 -50.47 37.22 66.95
N PHE A 994 -50.68 35.95 66.62
CA PHE A 994 -49.90 34.88 67.25
C PHE A 994 -48.42 35.06 66.98
N LEU A 995 -47.60 34.52 67.87
CA LEU A 995 -46.16 34.70 67.76
C LEU A 995 -45.65 34.05 66.49
N ASN A 996 -44.89 34.82 65.70
CA ASN A 996 -44.25 34.30 64.51
C ASN A 996 -43.33 33.16 64.91
N ALA A 997 -43.19 32.17 64.01
CA ALA A 997 -42.37 31.00 64.33
C ALA A 997 -40.90 31.39 64.50
N GLN A 998 -40.43 32.34 63.69
CA GLN A 998 -39.08 32.88 63.90
C GLN A 998 -38.96 33.50 65.28
N ASP A 999 -40.00 34.21 65.71
CA ASP A 999 -39.95 34.85 67.03
C ASP A 999 -40.00 33.81 68.14
N ILE A 1000 -40.70 32.70 67.92
CA ILE A 1000 -40.69 31.61 68.90
C ILE A 1000 -39.29 31.04 69.03
N ASP A 1001 -38.63 30.81 67.90
CA ASP A 1001 -37.27 30.28 67.93
C ASP A 1001 -36.32 31.26 68.62
N HIS A 1002 -36.47 32.56 68.34
CA HIS A 1002 -35.67 33.56 69.01
C HIS A 1002 -35.93 33.57 70.51
N PHE A 1003 -37.20 33.46 70.90
CA PHE A 1003 -37.57 33.44 72.31
C PHE A 1003 -36.93 32.27 73.02
N LEU A 1004 -36.95 31.09 72.40
CA LEU A 1004 -36.30 29.93 72.99
C LEU A 1004 -34.80 30.12 73.07
N SER A 1005 -34.20 30.73 72.05
CA SER A 1005 -32.76 30.96 72.08
C SER A 1005 -32.36 31.87 73.23
N MET A 1006 -33.07 32.99 73.41
CA MET A 1006 -32.71 33.89 74.49
C MET A 1006 -33.24 33.41 75.84
N CYS A 1007 -34.08 32.38 75.86
CA CYS A 1007 -34.28 31.62 77.10
C CYS A 1007 -33.05 30.76 77.41
N GLN A 1008 -32.41 30.23 76.37
CA GLN A 1008 -31.20 29.43 76.52
C GLN A 1008 -29.93 30.28 76.63
N ASN A 1009 -30.04 31.59 76.56
CA ASN A 1009 -28.86 32.47 76.63
C ASN A 1009 -28.07 32.20 77.91
N PRO A 1010 -26.76 31.88 77.83
CA PRO A 1010 -26.03 31.60 79.08
C PRO A 1010 -25.82 32.83 79.95
N MET A 1011 -25.46 33.96 79.34
CA MET A 1011 -25.22 35.19 80.10
C MET A 1011 -26.56 35.84 80.47
N GLN A 1012 -27.30 35.13 81.31
CA GLN A 1012 -28.66 35.50 81.67
C GLN A 1012 -29.12 34.59 82.79
N LYS A 1013 -29.88 35.14 83.73
CA LYS A 1013 -30.44 34.32 84.78
C LYS A 1013 -31.45 33.35 84.15
N PRO A 1014 -31.44 32.06 84.53
CA PRO A 1014 -32.41 31.13 83.94
C PRO A 1014 -33.85 31.58 84.19
N VAL A 1015 -34.65 31.50 83.13
CA VAL A 1015 -35.99 32.09 83.15
C VAL A 1015 -36.86 31.33 84.15
N PRO A 1016 -37.82 31.99 84.83
CA PRO A 1016 -38.64 31.32 85.85
C PRO A 1016 -39.87 30.64 85.26
N PHE A 1017 -39.68 29.85 84.21
CA PHE A 1017 -40.79 29.13 83.59
C PHE A 1017 -40.23 28.12 82.61
N VAL A 1018 -41.10 27.24 82.14
CA VAL A 1018 -40.77 26.26 81.10
C VAL A 1018 -41.31 26.79 79.78
N PRO A 1019 -40.47 27.17 78.82
CA PRO A 1019 -41.02 27.72 77.57
C PRO A 1019 -41.59 26.65 76.64
N VAL A 1020 -40.98 25.46 76.58
CA VAL A 1020 -41.44 24.41 75.70
C VAL A 1020 -41.03 23.07 76.30
N LEU A 1021 -41.79 22.02 75.95
CA LEU A 1021 -41.50 20.66 76.39
C LEU A 1021 -40.74 19.94 75.27
N ASP A 1022 -39.45 19.72 75.48
CA ASP A 1022 -38.62 19.01 74.51
C ASP A 1022 -37.48 18.34 75.27
N ARG A 1023 -36.44 17.93 74.53
CA ARG A 1023 -35.32 17.21 75.13
C ARG A 1023 -34.71 17.97 76.29
N ARG A 1024 -34.63 19.30 76.17
CA ARG A 1024 -34.08 20.16 77.23
C ARG A 1024 -35.10 20.47 78.33
N PHE A 1025 -36.22 19.72 78.38
CA PHE A 1025 -37.22 19.97 79.41
C PHE A 1025 -36.65 19.73 80.80
N GLU A 1026 -35.81 18.70 80.95
CA GLU A 1026 -35.20 18.46 82.25
C GLU A 1026 -34.33 19.64 82.66
N ILE A 1027 -33.58 20.21 81.71
CA ILE A 1027 -32.74 21.37 82.02
C ILE A 1027 -33.60 22.53 82.49
N PHE A 1028 -34.66 22.84 81.73
CA PHE A 1028 -35.53 23.95 82.11
C PHE A 1028 -36.20 23.69 83.45
N PHE A 1029 -36.58 22.45 83.72
CA PHE A 1029 -37.33 22.11 84.92
C PHE A 1029 -36.45 22.20 86.16
N LYS A 1030 -35.21 21.70 86.07
CA LYS A 1030 -34.37 21.54 87.25
C LYS A 1030 -33.44 22.72 87.50
N LYS A 1031 -32.98 23.40 86.45
CA LYS A 1031 -31.97 24.43 86.64
C LYS A 1031 -32.53 25.62 87.42
N ASP A 1032 -31.70 26.17 88.32
CA ASP A 1032 -32.06 27.36 89.09
C ASP A 1032 -33.31 27.13 89.94
N SER A 1033 -33.18 26.17 90.87
CA SER A 1033 -34.30 25.74 91.71
C SER A 1033 -34.11 26.10 93.18
N LEU A 1034 -33.07 26.86 93.50
CA LEU A 1034 -32.69 27.13 94.89
C LEU A 1034 -33.10 28.51 95.39
N TRP A 1035 -32.94 29.55 94.57
CA TRP A 1035 -33.21 30.91 95.01
C TRP A 1035 -34.68 31.15 95.34
N GLN A 1036 -35.58 30.33 94.78
CA GLN A 1036 -37.00 30.55 95.01
C GLN A 1036 -37.39 30.39 96.47
N SER A 1037 -36.64 29.59 97.23
CA SER A 1037 -36.94 29.43 98.65
C SER A 1037 -36.81 30.74 99.40
N GLU A 1038 -35.76 31.50 99.13
CA GLU A 1038 -35.52 32.78 99.79
C GLU A 1038 -36.18 33.96 99.08
N HIS A 1039 -36.71 33.75 97.87
CA HIS A 1039 -37.33 34.83 97.10
C HIS A 1039 -38.75 34.44 96.69
N LEU A 1040 -39.56 34.04 97.67
CA LEU A 1040 -40.95 33.67 97.39
C LEU A 1040 -41.75 34.80 96.75
N GLU A 1041 -41.31 36.06 96.92
CA GLU A 1041 -42.01 37.16 96.26
C GLU A 1041 -42.00 37.03 94.75
N ALA A 1042 -41.06 36.28 94.18
CA ALA A 1042 -40.96 36.04 92.75
C ALA A 1042 -41.56 34.69 92.35
N VAL A 1043 -42.63 34.28 93.03
CA VAL A 1043 -43.32 33.02 92.74
C VAL A 1043 -44.77 33.37 92.41
N VAL A 1044 -45.43 32.43 91.71
CA VAL A 1044 -46.73 32.71 91.11
C VAL A 1044 -47.73 33.17 92.16
N ASP A 1045 -47.85 32.41 93.25
CA ASP A 1045 -48.77 32.74 94.34
C ASP A 1045 -48.02 33.01 95.64
N GLN A 1046 -46.71 33.24 95.57
CA GLN A 1046 -45.88 33.38 96.78
C GLN A 1046 -46.06 32.17 97.69
N ASP A 1047 -46.22 31.00 97.08
CA ASP A 1047 -46.56 29.77 97.79
C ASP A 1047 -45.30 28.93 97.96
N VAL A 1048 -45.01 28.55 99.20
CA VAL A 1048 -43.86 27.69 99.47
C VAL A 1048 -44.01 26.35 98.78
N GLN A 1049 -45.25 25.89 98.59
CA GLN A 1049 -45.47 24.54 98.05
C GLN A 1049 -44.96 24.45 96.62
N ARG A 1050 -44.94 25.56 95.89
CA ARG A 1050 -44.39 25.55 94.54
C ARG A 1050 -42.87 25.40 94.56
N THR A 1051 -42.22 26.07 95.52
CA THR A 1051 -40.78 26.05 95.59
C THR A 1051 -40.29 24.81 96.31
N CYS A 1052 -39.01 24.49 96.10
CA CYS A 1052 -38.37 23.33 96.70
C CYS A 1052 -37.29 23.80 97.67
N ILE A 1053 -37.39 23.33 98.92
CA ILE A 1053 -36.51 23.75 100.00
C ILE A 1053 -35.66 22.56 100.41
N LEU A 1054 -34.35 22.72 100.31
CA LEU A 1054 -33.39 21.69 100.67
C LEU A 1054 -33.32 21.59 102.19
N HIS A 1055 -33.37 20.37 102.73
CA HIS A 1055 -33.43 20.20 104.17
C HIS A 1055 -33.00 18.78 104.53
N GLY A 1056 -32.75 18.56 105.82
CA GLY A 1056 -32.30 17.29 106.32
C GLY A 1056 -33.38 16.53 107.06
N PRO A 1057 -33.68 15.28 106.65
CA PRO A 1057 -34.75 14.54 107.34
C PRO A 1057 -34.48 14.31 108.82
N VAL A 1058 -33.23 14.05 109.20
CA VAL A 1058 -32.89 13.80 110.59
C VAL A 1058 -32.70 15.09 111.36
N ALA A 1059 -32.09 16.10 110.72
CA ALA A 1059 -31.90 17.39 111.38
C ALA A 1059 -33.20 18.16 111.55
N ALA A 1060 -34.25 17.79 110.82
CA ALA A 1060 -35.53 18.48 110.95
C ALA A 1060 -36.21 18.22 112.29
N GLN A 1061 -35.78 17.20 113.03
CA GLN A 1061 -36.39 16.90 114.31
C GLN A 1061 -36.21 18.04 115.31
N PHE A 1062 -35.10 18.77 115.24
CA PHE A 1062 -34.78 19.82 116.18
C PHE A 1062 -35.05 21.21 115.63
N THR A 1063 -35.63 21.31 114.43
CA THR A 1063 -35.89 22.59 113.77
C THR A 1063 -37.34 22.96 114.00
N LYS A 1064 -37.60 23.56 115.16
CA LYS A 1064 -38.96 23.88 115.60
C LYS A 1064 -39.21 25.38 115.72
N VAL A 1065 -38.40 26.08 116.51
CA VAL A 1065 -38.69 27.48 116.82
C VAL A 1065 -38.22 28.34 115.66
N ILE A 1066 -39.10 29.21 115.17
CA ILE A 1066 -38.83 30.02 113.99
C ILE A 1066 -38.26 31.37 114.40
N ASP A 1067 -37.38 31.91 113.56
CA ASP A 1067 -36.80 33.24 113.74
C ASP A 1067 -35.97 33.35 115.02
N GLU A 1068 -35.38 32.23 115.45
CA GLU A 1068 -34.39 32.27 116.52
C GLU A 1068 -33.05 32.69 115.95
N PRO A 1069 -32.40 33.73 116.45
CA PRO A 1069 -31.16 34.18 115.81
C PRO A 1069 -30.07 33.13 115.90
N ILE A 1070 -29.17 33.15 114.90
CA ILE A 1070 -28.06 32.20 114.87
C ILE A 1070 -27.23 32.31 116.14
N LYS A 1071 -27.06 33.54 116.64
CA LYS A 1071 -26.38 33.74 117.91
C LYS A 1071 -27.05 32.92 119.01
N SER A 1072 -28.37 33.03 119.12
CA SER A 1072 -29.07 32.30 120.18
C SER A 1072 -28.96 30.80 120.00
N ILE A 1073 -29.12 30.30 118.77
CA ILE A 1073 -29.10 28.86 118.54
C ILE A 1073 -27.72 28.30 118.90
N MET A 1074 -26.67 28.91 118.35
CA MET A 1074 -25.32 28.39 118.57
C MET A 1074 -24.89 28.55 120.01
N ASP A 1075 -25.26 29.68 120.65
CA ASP A 1075 -24.96 29.84 122.06
C ASP A 1075 -25.69 28.80 122.90
N GLY A 1076 -26.94 28.48 122.55
CA GLY A 1076 -27.65 27.45 123.27
C GLY A 1076 -26.95 26.11 123.17
N ILE A 1077 -26.53 25.74 121.96
CA ILE A 1077 -25.81 24.47 121.79
C ILE A 1077 -24.50 24.48 122.58
N HIS A 1078 -23.77 25.59 122.52
CA HIS A 1078 -22.48 25.68 123.19
C HIS A 1078 -22.65 25.61 124.71
N ASP A 1079 -23.64 26.31 125.26
CA ASP A 1079 -23.86 26.26 126.69
C ASP A 1079 -24.38 24.90 127.13
N GLY A 1080 -25.15 24.22 126.28
CA GLY A 1080 -25.54 22.86 126.60
C GLY A 1080 -24.33 21.94 126.71
N HIS A 1081 -23.43 22.02 125.73
CA HIS A 1081 -22.21 21.23 125.80
C HIS A 1081 -21.38 21.60 127.02
N ILE A 1082 -21.25 22.89 127.31
CA ILE A 1082 -20.45 23.33 128.44
C ILE A 1082 -21.04 22.82 129.75
N LYS A 1083 -22.37 22.92 129.90
CA LYS A 1083 -23.01 22.48 131.12
C LYS A 1083 -22.84 20.98 131.31
N LYS A 1084 -23.04 20.20 130.24
CA LYS A 1084 -22.89 18.76 130.37
C LYS A 1084 -21.45 18.37 130.69
N LEU A 1085 -20.48 19.00 130.03
CA LEU A 1085 -19.07 18.72 130.33
C LEU A 1085 -18.73 19.11 131.76
N LEU A 1086 -19.25 20.24 132.23
CA LEU A 1086 -18.98 20.68 133.60
C LEU A 1086 -19.58 19.69 134.60
N HIS A 1087 -20.81 19.23 134.35
CA HIS A 1087 -21.44 18.28 135.24
C HIS A 1087 -20.66 16.97 135.27
N GLN A 1088 -20.20 16.49 134.11
CA GLN A 1088 -19.64 15.16 134.05
C GLN A 1088 -18.17 15.14 134.47
N TYR A 1089 -17.32 15.91 133.81
CA TYR A 1089 -15.87 15.82 134.02
C TYR A 1089 -15.28 16.98 134.81
N TYR A 1090 -16.10 17.83 135.42
CA TYR A 1090 -15.58 18.87 136.31
C TYR A 1090 -16.37 18.94 137.61
N GLY A 1091 -17.60 18.43 137.63
CA GLY A 1091 -18.38 18.39 138.84
C GLY A 1091 -19.12 19.68 139.14
N ASP A 1092 -19.58 20.37 138.08
CA ASP A 1092 -20.34 21.61 138.22
C ASP A 1092 -19.56 22.65 139.01
N ASP A 1093 -18.34 22.90 138.55
CA ASP A 1093 -17.45 23.87 139.19
C ASP A 1093 -16.62 24.53 138.10
N GLU A 1094 -16.93 25.79 137.78
CA GLU A 1094 -16.18 26.50 136.76
C GLU A 1094 -14.76 26.82 137.19
N SER A 1095 -14.47 26.81 138.48
CA SER A 1095 -13.11 27.07 138.95
C SER A 1095 -12.16 25.96 138.50
N LYS A 1096 -12.68 24.75 138.26
CA LYS A 1096 -11.83 23.67 137.77
C LYS A 1096 -11.41 23.88 136.32
N ILE A 1097 -12.04 24.80 135.60
CA ILE A 1097 -11.70 25.01 134.19
C ILE A 1097 -10.35 25.72 134.10
N PRO A 1098 -9.37 25.18 133.36
CA PRO A 1098 -8.11 25.92 133.18
C PRO A 1098 -8.34 27.24 132.47
N ALA A 1099 -7.51 28.23 132.81
CA ALA A 1099 -7.59 29.57 132.25
C ALA A 1099 -6.30 29.88 131.49
N VAL A 1100 -6.46 30.52 130.32
CA VAL A 1100 -5.35 30.99 129.52
C VAL A 1100 -5.64 32.44 129.14
N GLU A 1101 -4.57 33.16 128.78
CA GLU A 1101 -4.75 34.57 128.41
C GLU A 1101 -5.59 34.70 127.14
N TYR A 1102 -5.33 33.86 126.14
CA TYR A 1102 -6.15 33.79 124.94
C TYR A 1102 -6.23 32.34 124.48
N PHE A 1103 -7.35 32.00 123.84
CA PHE A 1103 -7.63 30.64 123.41
C PHE A 1103 -7.74 30.60 121.89
N GLY A 1104 -6.74 30.02 121.25
CA GLY A 1104 -6.76 29.87 119.81
C GLY A 1104 -5.36 29.81 119.25
N GLY A 1105 -5.29 29.55 117.94
CA GLY A 1105 -4.03 29.57 117.23
C GLY A 1105 -3.13 28.39 117.47
N GLU A 1106 -3.59 27.37 118.19
CA GLU A 1106 -2.77 26.20 118.50
C GLU A 1106 -2.98 25.15 117.41
N SER A 1107 -1.90 24.83 116.70
CA SER A 1107 -1.98 23.89 115.60
C SER A 1107 -2.34 22.50 116.11
N PRO A 1108 -3.10 21.71 115.34
CA PRO A 1108 -3.40 20.34 115.79
C PRO A 1108 -2.17 19.46 115.91
N VAL A 1109 -1.09 19.77 115.20
CA VAL A 1109 0.10 18.92 115.18
C VAL A 1109 0.98 19.25 116.37
N GLU A 1122 12.20 30.17 132.40
CA GLU A 1122 13.39 30.93 132.74
C GLU A 1122 13.08 32.42 132.71
N ASP A 1123 13.29 33.09 133.86
CA ASP A 1123 13.00 34.52 133.94
C ASP A 1123 13.93 35.32 133.03
N SER A 1124 15.22 34.98 133.02
CA SER A 1124 16.23 35.68 132.22
C SER A 1124 16.89 34.65 131.31
N ALA A 1125 16.63 34.76 130.01
CA ALA A 1125 17.11 33.78 129.03
C ALA A 1125 17.86 34.49 127.91
N VAL A 1126 18.86 33.81 127.35
CA VAL A 1126 19.62 34.30 126.21
C VAL A 1126 19.65 33.20 125.17
N PHE A 1127 19.09 33.48 123.99
CA PHE A 1127 19.05 32.54 122.88
C PHE A 1127 19.92 33.08 121.75
N LYS A 1128 20.56 32.18 121.02
CA LYS A 1128 21.42 32.52 119.90
C LYS A 1128 20.99 31.73 118.67
N ALA A 1129 20.83 32.43 117.55
CA ALA A 1129 20.40 31.81 116.30
C ALA A 1129 21.62 31.50 115.44
N THR A 1130 21.66 30.29 114.90
CA THR A 1130 22.72 29.83 114.02
C THR A 1130 22.15 29.49 112.66
N SER A 1131 23.02 29.10 111.73
CA SER A 1131 22.57 28.70 110.40
C SER A 1131 21.70 27.45 110.47
N SER A 1132 22.08 26.48 111.29
CA SER A 1132 21.39 25.20 111.38
C SER A 1132 20.26 25.19 112.39
N THR A 1133 20.02 26.28 113.11
CA THR A 1133 18.97 26.30 114.11
C THR A 1133 17.60 26.11 113.46
N ASP A 1134 16.76 25.32 114.12
CA ASP A 1134 15.43 25.06 113.60
C ASP A 1134 14.50 26.23 113.94
N GLU A 1135 13.81 26.74 112.91
CA GLU A 1135 13.02 27.94 113.07
C GLU A 1135 11.84 27.71 114.01
N GLU A 1136 11.18 26.56 113.90
CA GLU A 1136 10.02 26.28 114.76
C GLU A 1136 10.45 26.19 116.22
N SER A 1137 11.56 25.49 116.49
CA SER A 1137 12.06 25.40 117.86
C SER A 1137 12.48 26.77 118.37
N TRP A 1138 13.10 27.57 117.51
CA TRP A 1138 13.51 28.91 117.89
C TRP A 1138 12.31 29.75 118.31
N PHE A 1139 11.25 29.71 117.52
CA PHE A 1139 10.07 30.50 117.83
C PHE A 1139 9.35 29.96 119.07
N LYS A 1140 9.33 28.64 119.24
CA LYS A 1140 8.74 28.08 120.45
C LYS A 1140 9.50 28.54 121.70
N ALA A 1141 10.84 28.53 121.62
CA ALA A 1141 11.65 28.97 122.75
C ALA A 1141 11.43 30.44 123.06
N LEU A 1142 11.37 31.27 122.01
CA LEU A 1142 11.12 32.70 122.24
C LEU A 1142 9.73 32.93 122.83
N ALA A 1143 8.73 32.18 122.35
CA ALA A 1143 7.37 32.33 122.86
C ALA A 1143 7.29 31.93 124.33
N GLY A 1144 7.92 30.83 124.70
CA GLY A 1144 7.85 30.34 126.06
C GLY A 1144 6.65 29.45 126.30
N SER A 1145 6.59 28.90 127.51
CA SER A 1145 5.54 27.95 127.85
C SER A 1145 4.22 28.64 128.17
N GLU A 1146 4.25 29.71 128.96
CA GLU A 1146 3.03 30.34 129.42
C GLU A 1146 2.39 31.14 128.29
N ILE A 1147 1.06 31.09 128.23
CA ILE A 1147 0.30 31.72 127.16
C ILE A 1147 0.15 33.20 127.49
N ASN A 1148 0.59 34.06 126.58
CA ASN A 1148 0.54 35.50 126.81
C ASN A 1148 0.80 36.23 125.49
N TRP A 1149 0.97 37.55 125.58
CA TRP A 1149 1.25 38.36 124.40
C TRP A 1149 2.53 37.90 123.72
N ARG A 1150 3.53 37.48 124.49
CA ARG A 1150 4.76 36.97 123.89
C ARG A 1150 4.49 35.69 123.10
N HIS A 1151 3.68 34.81 123.67
CA HIS A 1151 3.27 33.59 122.97
C HIS A 1151 2.60 33.94 121.64
N ALA A 1152 1.65 34.87 121.68
CA ALA A 1152 0.96 35.26 120.45
C ALA A 1152 1.92 35.88 119.46
N SER A 1153 2.82 36.75 119.93
CA SER A 1153 3.74 37.44 119.04
C SER A 1153 4.65 36.46 118.32
N PHE A 1154 5.14 35.45 119.02
CA PHE A 1154 6.13 34.54 118.48
C PHE A 1154 5.56 33.24 117.94
N LEU A 1155 4.23 33.06 117.97
CA LEU A 1155 3.63 31.85 117.39
C LEU A 1155 2.44 32.14 116.48
N CYS A 1156 1.76 33.27 116.68
CA CYS A 1156 0.63 33.58 115.81
C CYS A 1156 1.13 33.88 114.40
N SER A 1157 0.58 33.17 113.42
CA SER A 1157 1.10 33.24 112.06
C SER A 1157 0.67 34.53 111.37
N PHE A 1158 -0.48 35.09 111.74
CA PHE A 1158 -1.03 36.27 111.10
C PHE A 1158 -1.39 37.31 112.16
N ILE A 1159 -1.28 38.58 111.76
CA ILE A 1159 -1.74 39.69 112.57
C ILE A 1159 -2.88 40.39 111.82
N THR A 1160 -3.65 41.18 112.57
CA THR A 1160 -4.84 41.83 112.04
C THR A 1160 -4.49 43.26 111.64
N GLN A 1161 -4.66 43.57 110.37
CA GLN A 1161 -4.54 44.94 109.87
C GLN A 1161 -5.84 45.67 110.20
N ASP A 1162 -6.09 46.81 109.54
CA ASP A 1162 -7.30 47.58 109.80
C ASP A 1162 -8.54 46.70 109.75
N LYS A 1163 -8.65 45.86 108.72
CA LYS A 1163 -9.61 44.76 108.75
C LYS A 1163 -9.07 43.50 108.08
N MET A 1164 -7.77 43.46 107.79
CA MET A 1164 -7.20 42.46 106.90
C MET A 1164 -6.20 41.62 107.69
N PHE A 1165 -5.82 40.47 107.11
CA PHE A 1165 -4.90 39.53 107.73
C PHE A 1165 -3.61 39.48 106.93
N VAL A 1166 -2.48 39.67 107.62
CA VAL A 1166 -1.16 39.69 107.00
C VAL A 1166 -0.22 38.86 107.87
N SER A 1167 0.92 38.49 107.30
CA SER A 1167 1.93 37.74 108.03
C SER A 1167 2.35 38.47 109.30
N ASN A 1168 2.96 37.74 110.22
CA ASN A 1168 3.32 38.31 111.51
C ASN A 1168 4.64 39.06 111.41
N PRO A 1169 4.66 40.39 111.53
CA PRO A 1169 5.94 41.10 111.44
C PRO A 1169 6.92 40.72 112.52
N ILE A 1170 6.42 40.37 113.72
CA ILE A 1170 7.33 39.95 114.78
C ILE A 1170 8.07 38.68 114.37
N ARG A 1171 7.35 37.71 113.80
CA ARG A 1171 8.01 36.49 113.35
C ARG A 1171 8.97 36.78 112.20
N LYS A 1172 8.56 37.62 111.25
CA LYS A 1172 9.44 37.94 110.13
C LYS A 1172 10.72 38.61 110.61
N VAL A 1173 10.60 39.51 111.59
CA VAL A 1173 11.77 40.21 112.11
C VAL A 1173 12.66 39.27 112.90
N PHE A 1174 12.07 38.44 113.77
CA PHE A 1174 12.81 37.52 114.61
C PHE A 1174 13.10 36.19 113.93
N LYS A 1175 12.98 36.13 112.60
CA LYS A 1175 13.39 34.95 111.87
C LYS A 1175 14.86 34.63 112.18
N PRO A 1176 15.19 33.40 112.58
CA PRO A 1176 16.56 33.15 113.03
C PRO A 1176 17.58 33.26 111.90
N SER A 1177 18.79 33.68 112.27
CA SER A 1177 19.90 33.76 111.35
C SER A 1177 21.17 33.86 112.17
N GLN A 1178 22.30 33.58 111.53
CA GLN A 1178 23.57 33.62 112.24
C GLN A 1178 23.86 35.02 112.77
N GLY A 1179 24.26 35.10 114.03
CA GLY A 1179 24.60 36.35 114.67
C GLY A 1179 23.52 36.99 115.50
N MET A 1180 22.30 36.47 115.47
CA MET A 1180 21.21 37.05 116.24
C MET A 1180 21.22 36.52 117.67
N VAL A 1181 21.13 37.44 118.63
CA VAL A 1181 21.10 37.10 120.05
C VAL A 1181 19.87 37.77 120.66
N VAL A 1182 18.99 36.96 121.26
CA VAL A 1182 17.75 37.44 121.84
C VAL A 1182 17.82 37.26 123.35
N GLU A 1183 17.65 38.36 124.08
CA GLU A 1183 17.71 38.37 125.54
C GLU A 1183 16.30 38.66 126.04
N ILE A 1184 15.72 37.70 126.74
CA ILE A 1184 14.37 37.82 127.31
C ILE A 1184 14.53 38.04 128.81
N SER A 1185 14.02 39.17 129.29
CA SER A 1185 14.11 39.56 130.69
C SER A 1185 12.72 39.61 131.28
N ASN A 1186 12.60 39.10 132.51
CA ASN A 1186 11.32 39.03 133.23
C ASN A 1186 10.31 38.20 132.43
N GLY A 1187 10.76 37.05 131.94
CA GLY A 1187 9.89 36.18 131.18
C GLY A 1187 8.72 35.67 131.99
N ASN A 1188 8.93 35.42 133.28
CA ASN A 1188 7.85 34.93 134.13
C ASN A 1188 6.71 35.95 134.22
N THR A 1189 7.05 37.22 134.38
CA THR A 1189 6.05 38.29 134.46
C THR A 1189 5.76 38.79 133.05
N SER A 1190 4.55 38.50 132.56
CA SER A 1190 4.19 38.92 131.21
C SER A 1190 4.16 40.43 131.08
N SER A 1191 3.67 41.13 132.12
CA SER A 1191 3.55 42.57 132.06
C SER A 1191 4.92 43.24 131.89
N LYS A 1192 5.93 42.76 132.61
CA LYS A 1192 7.26 43.35 132.59
C LYS A 1192 8.22 42.61 131.66
N THR A 1193 7.75 41.62 130.90
CA THR A 1193 8.63 40.88 130.02
C THR A 1193 9.13 41.78 128.89
N VAL A 1194 10.42 41.68 128.57
CA VAL A 1194 11.03 42.46 127.50
C VAL A 1194 11.95 41.55 126.70
N VAL A 1195 11.83 41.60 125.39
CA VAL A 1195 12.62 40.77 124.48
C VAL A 1195 13.48 41.68 123.62
N THR A 1196 14.80 41.55 123.74
CA THR A 1196 15.74 42.40 123.02
C THR A 1196 16.56 41.56 122.05
N LEU A 1197 16.38 41.82 120.76
CA LEU A 1197 17.14 41.17 119.71
C LEU A 1197 18.28 42.08 119.27
N SER A 1198 19.49 41.53 119.27
CA SER A 1198 20.70 42.22 118.87
C SER A 1198 21.37 41.46 117.74
N GLU A 1199 21.95 42.21 116.80
CA GLU A 1199 22.66 41.67 115.65
C GLU A 1199 23.98 42.40 115.50
N PRO A 1200 24.96 41.81 114.79
CA PRO A 1200 26.22 42.52 114.56
C PRO A 1200 26.02 43.75 113.69
N VAL A 1201 26.28 44.93 114.25
CA VAL A 1201 26.19 46.20 113.53
C VAL A 1201 27.54 46.88 113.64
N GLN A 1202 28.15 47.15 112.48
CA GLN A 1202 29.48 47.76 112.42
C GLN A 1202 30.49 46.92 113.21
N GLY A 1203 30.38 45.60 113.08
CA GLY A 1203 31.25 44.69 113.80
C GLY A 1203 30.73 44.34 115.18
N GLU A 1204 30.53 45.35 116.02
CA GLU A 1204 30.08 45.11 117.38
C GLU A 1204 28.60 44.71 117.39
N LEU A 1205 28.16 44.21 118.54
CA LEU A 1205 26.78 43.78 118.74
C LEU A 1205 26.02 44.88 119.47
N LYS A 1206 24.91 45.32 118.88
CA LYS A 1206 24.08 46.37 119.44
C LYS A 1206 22.62 45.95 119.39
N PRO A 1207 21.76 46.48 120.26
CA PRO A 1207 20.34 46.16 120.17
C PRO A 1207 19.75 46.60 118.83
N THR A 1208 18.87 45.77 118.29
CA THR A 1208 18.22 46.03 117.01
C THR A 1208 16.71 46.03 117.10
N VAL A 1209 16.12 45.24 117.99
CA VAL A 1209 14.67 45.24 118.19
C VAL A 1209 14.40 45.08 119.68
N ILE A 1210 13.37 45.77 120.17
CA ILE A 1210 12.92 45.64 121.55
C ILE A 1210 11.41 45.46 121.54
N LEU A 1211 10.94 44.34 122.08
CA LEU A 1211 9.52 44.01 122.13
C LEU A 1211 9.08 44.03 123.59
N LYS A 1212 8.05 44.81 123.88
CA LYS A 1212 7.55 44.95 125.24
C LYS A 1212 6.09 45.37 125.18
N LEU A 1213 5.53 45.73 126.35
CA LEU A 1213 4.17 46.23 126.46
C LEU A 1213 4.22 47.70 126.85
N LEU A 1214 4.03 48.59 125.87
CA LEU A 1214 3.91 50.01 126.18
C LEU A 1214 2.69 50.27 127.05
N LYS A 1215 1.58 49.63 126.73
CA LYS A 1215 0.33 49.78 127.46
C LYS A 1215 -0.15 48.39 127.86
N GLU A 1216 -1.18 48.31 128.72
CA GLU A 1216 -1.68 47.00 129.11
C GLU A 1216 -2.29 46.24 127.94
N ASN A 1217 -2.73 46.94 126.89
CA ASN A 1217 -3.34 46.32 125.72
C ASN A 1217 -2.55 46.56 124.45
N ILE A 1218 -1.34 47.10 124.54
CA ILE A 1218 -0.54 47.47 123.37
C ILE A 1218 0.81 46.77 123.46
N ILE A 1219 1.23 46.17 122.35
CA ILE A 1219 2.55 45.57 122.20
C ILE A 1219 3.39 46.51 121.35
N GLN A 1220 4.52 46.95 121.89
CA GLN A 1220 5.42 47.87 121.20
C GLN A 1220 6.65 47.11 120.74
N MET A 1221 6.97 47.22 119.45
CA MET A 1221 8.16 46.64 118.84
C MET A 1221 9.00 47.80 118.32
N GLU A 1222 9.88 48.33 119.16
CA GLU A 1222 10.80 49.40 118.77
C GLU A 1222 11.91 48.78 117.94
N MET A 1223 11.93 49.06 116.64
CA MET A 1223 13.00 48.61 115.76
C MET A 1223 14.03 49.72 115.65
N ILE A 1224 15.20 49.49 116.24
CA ILE A 1224 16.25 50.50 116.37
C ILE A 1224 17.17 50.41 115.17
N GLU A 1225 17.54 51.57 114.62
CA GLU A 1225 18.51 51.68 113.54
C GLU A 1225 19.74 52.37 114.11
N ASN A 1226 20.79 51.59 114.35
CA ASN A 1226 22.00 52.13 114.96
C ASN A 1226 22.82 52.96 113.97
N ARG A 1227 22.59 52.81 112.67
CA ARG A 1227 23.30 53.58 111.66
C ARG A 1227 22.53 54.87 111.41
N THR A 1228 23.03 55.98 111.95
CA THR A 1228 22.37 57.27 111.88
C THR A 1228 23.38 58.34 111.51
N MET A 1229 22.88 59.55 111.27
CA MET A 1229 23.77 60.65 110.90
C MET A 1229 24.69 61.03 112.06
N ASP A 1230 24.11 61.23 113.24
CA ASP A 1230 24.88 61.61 114.42
C ASP A 1230 25.31 60.42 115.26
N GLY A 1231 24.96 59.20 114.86
CA GLY A 1231 25.35 58.00 115.57
C GLY A 1231 24.42 57.61 116.71
N LYS A 1232 23.54 58.50 117.14
CA LYS A 1232 22.59 58.15 118.19
C LYS A 1232 21.53 57.22 117.62
N PRO A 1233 21.15 56.15 118.31
CA PRO A 1233 20.16 55.23 117.75
C PRO A 1233 18.81 55.90 117.59
N VAL A 1234 18.09 55.49 116.54
CA VAL A 1234 16.74 55.96 116.25
C VAL A 1234 15.83 54.74 116.18
N SER A 1235 14.72 54.78 116.92
CA SER A 1235 13.82 53.64 117.06
C SER A 1235 12.48 53.95 116.41
N LEU A 1236 11.90 52.93 115.78
CA LEU A 1236 10.59 53.01 115.16
C LEU A 1236 9.59 52.26 116.01
N PRO A 1237 8.82 52.93 116.89
CA PRO A 1237 7.87 52.20 117.74
C PRO A 1237 6.68 51.70 116.94
N LEU A 1238 6.65 50.39 116.68
CA LEU A 1238 5.54 49.74 116.00
C LEU A 1238 4.57 49.24 117.06
N LEU A 1239 3.39 49.83 117.12
CA LEU A 1239 2.40 49.51 118.14
C LEU A 1239 1.42 48.47 117.59
N TYR A 1240 1.16 47.45 118.40
CA TYR A 1240 0.18 46.42 118.08
C TYR A 1240 -0.76 46.25 119.25
N ASN A 1241 -2.06 46.35 118.99
CA ASN A 1241 -3.07 46.09 120.02
C ASN A 1241 -3.15 44.59 120.28
N PHE A 1242 -3.27 44.23 121.56
CA PHE A 1242 -3.39 42.83 121.98
C PHE A 1242 -4.79 42.62 122.55
N ASN A 1243 -5.57 41.77 121.89
CA ASN A 1243 -6.95 41.49 122.25
C ASN A 1243 -7.05 40.01 122.65
N PRO A 1244 -7.03 39.67 123.94
CA PRO A 1244 -7.17 38.25 124.31
C PRO A 1244 -8.52 37.67 123.92
N ASP A 1245 -9.55 38.49 123.76
CA ASP A 1245 -10.87 37.97 123.39
C ASP A 1245 -10.84 37.30 122.02
N ASN A 1246 -10.13 37.90 121.06
CA ASN A 1246 -9.96 37.31 119.72
C ASN A 1246 -8.73 36.42 119.77
N GLY A 1247 -8.95 35.16 120.16
CA GLY A 1247 -7.84 34.24 120.34
C GLY A 1247 -7.19 33.78 119.05
N PHE A 1248 -7.92 33.82 117.93
CA PHE A 1248 -7.34 33.40 116.67
C PHE A 1248 -6.27 34.39 116.19
N ALA A 1249 -6.58 35.67 116.26
CA ALA A 1249 -5.67 36.75 115.83
C ALA A 1249 -5.64 37.83 116.89
N PRO A 1250 -5.07 37.52 118.07
CA PRO A 1250 -5.08 38.52 119.15
C PRO A 1250 -4.30 39.78 118.83
N ILE A 1251 -3.28 39.71 117.98
CA ILE A 1251 -2.41 40.84 117.71
C ILE A 1251 -2.90 41.56 116.46
N SER A 1252 -3.12 42.87 116.57
CA SER A 1252 -3.62 43.69 115.48
C SER A 1252 -2.73 44.91 115.29
N GLU A 1253 -2.33 45.16 114.05
CA GLU A 1253 -1.53 46.35 113.76
C GLU A 1253 -2.34 47.61 114.08
N VAL A 1254 -1.67 48.59 114.70
CA VAL A 1254 -2.29 49.88 114.98
C VAL A 1254 -1.98 50.77 113.77
N MET A 1255 -2.96 50.86 112.85
CA MET A 1255 -2.77 51.63 111.64
C MET A 1255 -2.75 53.13 111.89
N GLU A 1256 -3.29 53.59 113.01
CA GLU A 1256 -3.35 55.02 113.29
C GLU A 1256 -1.96 55.51 113.66
N ASP A 1257 -1.53 56.58 113.00
CA ASP A 1257 -0.23 57.23 113.18
C ASP A 1257 0.93 56.34 112.72
N ARG A 1258 0.67 55.21 112.06
CA ARG A 1258 1.74 54.33 111.64
C ARG A 1258 2.62 54.99 110.59
N ASN A 1259 1.99 55.55 109.54
CA ASN A 1259 2.76 56.26 108.52
C ASN A 1259 3.47 57.47 109.11
N GLN A 1260 2.83 58.15 110.06
CA GLN A 1260 3.47 59.29 110.70
C GLN A 1260 4.72 58.88 111.46
N ARG A 1261 4.66 57.75 112.18
CA ARG A 1261 5.82 57.29 112.93
C ARG A 1261 6.93 56.83 111.99
N ILE A 1262 6.57 56.13 110.91
CA ILE A 1262 7.59 55.72 109.94
C ILE A 1262 8.25 56.94 109.32
N LYS A 1263 7.45 57.95 108.96
CA LYS A 1263 8.00 59.17 108.40
C LYS A 1263 8.88 59.90 109.40
N GLU A 1264 8.51 59.89 110.67
CA GLU A 1264 9.34 60.55 111.68
C GLU A 1264 10.69 59.84 111.82
N MET A 1265 10.68 58.51 111.82
CA MET A 1265 11.95 57.79 111.88
C MET A 1265 12.80 58.07 110.66
N TYR A 1266 12.19 58.06 109.47
CA TYR A 1266 12.96 58.34 108.27
C TYR A 1266 13.44 59.77 108.23
N TRP A 1267 12.67 60.69 108.80
CA TRP A 1267 13.11 62.08 108.90
C TRP A 1267 14.34 62.19 109.80
N LYS A 1268 14.31 61.51 110.95
CA LYS A 1268 15.47 61.51 111.82
C LYS A 1268 16.69 60.90 111.11
N LEU A 1269 16.47 59.89 110.27
CA LEU A 1269 17.58 59.26 109.58
C LEU A 1269 18.15 60.15 108.48
N TRP A 1270 17.28 60.75 107.67
CA TRP A 1270 17.70 61.47 106.46
C TRP A 1270 17.90 62.96 106.71
N ILE A 1271 16.86 63.64 107.16
CA ILE A 1271 16.85 65.09 107.26
C ILE A 1271 17.37 65.49 108.64
N ASP A 1272 18.11 66.61 108.68
CA ASP A 1272 18.74 67.10 109.90
C ASP A 1272 18.12 68.44 110.31
N GLU A 1273 16.80 68.53 110.25
CA GLU A 1273 16.03 69.70 110.57
C GLU A 1273 14.89 69.30 111.50
N PRO A 1274 14.26 70.26 112.19
CA PRO A 1274 13.16 69.90 113.08
C PRO A 1274 12.04 69.19 112.33
N PHE A 1275 11.46 68.19 112.98
CA PHE A 1275 10.42 67.38 112.37
C PHE A 1275 9.15 68.21 112.21
N ASN A 1276 8.78 68.48 110.95
CA ASN A 1276 7.58 69.27 110.66
C ASN A 1276 7.04 68.76 109.32
N LEU A 1277 6.00 67.94 109.38
CA LEU A 1277 5.39 67.36 108.19
C LEU A 1277 4.31 68.24 107.58
N ASP A 1278 3.89 69.30 108.26
CA ASP A 1278 2.78 70.14 107.82
C ASP A 1278 3.35 71.29 106.98
N PHE A 1279 3.52 71.05 105.69
CA PHE A 1279 3.88 72.10 104.75
C PHE A 1279 3.37 71.73 103.38
N ASP A 1280 3.12 72.76 102.57
CA ASP A 1280 2.44 72.57 101.29
C ASP A 1280 3.36 71.82 100.33
N PRO A 1281 2.92 70.69 99.73
CA PRO A 1281 3.75 70.07 98.70
C PRO A 1281 3.96 70.96 97.49
N ARG A 1282 3.02 71.85 97.18
CA ARG A 1282 3.19 72.74 96.04
C ARG A 1282 4.35 73.69 96.26
N ASP A 1283 4.55 74.14 97.50
CA ASP A 1283 5.65 75.04 97.81
C ASP A 1283 6.98 74.37 97.53
N VAL A 1284 7.96 75.18 97.13
CA VAL A 1284 9.26 74.64 96.75
C VAL A 1284 10.11 74.42 97.98
N ILE A 1285 10.87 73.32 97.98
CA ILE A 1285 11.76 72.95 99.08
C ILE A 1285 13.15 73.48 98.76
N LYS A 1286 13.77 74.17 99.72
CA LYS A 1286 15.09 74.74 99.56
C LYS A 1286 16.04 74.05 100.52
N GLY A 1287 16.94 73.21 100.01
CA GLY A 1287 17.89 72.54 100.86
C GLY A 1287 19.03 73.44 101.27
N LYS A 1288 19.77 72.97 102.28
CA LYS A 1288 20.89 73.74 102.81
C LYS A 1288 22.03 73.76 101.80
N ASP A 1289 22.79 74.86 101.82
CA ASP A 1289 23.97 74.95 100.98
C ASP A 1289 24.96 73.85 101.32
N PHE A 1290 25.61 73.31 100.30
CA PHE A 1290 26.54 72.20 100.45
C PHE A 1290 27.84 72.54 99.75
N GLU A 1291 28.96 72.23 100.41
CA GLU A 1291 30.30 72.51 99.92
C GLU A 1291 30.92 71.21 99.45
N ILE A 1292 31.30 71.16 98.18
CA ILE A 1292 31.98 69.99 97.64
C ILE A 1292 33.42 70.00 98.13
N THR A 1293 33.86 68.88 98.69
CA THR A 1293 35.19 68.74 99.26
C THR A 1293 35.92 67.57 98.61
N ALA A 1294 37.25 67.68 98.60
CA ALA A 1294 38.06 66.63 98.00
C ALA A 1294 37.84 65.30 98.71
N LYS A 1295 37.75 65.33 100.05
CA LYS A 1295 37.50 64.11 100.80
C LYS A 1295 36.16 63.50 100.40
N GLU A 1296 35.12 64.32 100.30
CA GLU A 1296 33.79 63.79 99.97
C GLU A 1296 33.78 63.18 98.58
N VAL A 1297 34.40 63.84 97.61
CA VAL A 1297 34.45 63.29 96.26
C VAL A 1297 35.27 61.99 96.24
N TYR A 1298 36.35 61.95 97.02
CA TYR A 1298 37.16 60.75 97.14
C TYR A 1298 36.33 59.58 97.65
N ASP A 1299 35.62 59.77 98.76
CA ASP A 1299 34.83 58.68 99.32
C ASP A 1299 33.72 58.26 98.38
N PHE A 1300 33.05 59.23 97.73
CA PHE A 1300 31.98 58.86 96.82
C PHE A 1300 32.51 58.06 95.64
N THR A 1301 33.62 58.50 95.06
CA THR A 1301 34.17 57.82 93.89
C THR A 1301 34.60 56.40 94.25
N HIS A 1302 35.29 56.22 95.37
CA HIS A 1302 35.77 54.90 95.74
C HIS A 1302 34.72 54.04 96.44
N ALA A 1303 33.56 54.60 96.76
CA ALA A 1303 32.43 53.79 97.21
C ALA A 1303 31.58 53.32 96.03
N VAL A 1304 31.39 54.18 95.04
CA VAL A 1304 30.61 53.80 93.85
C VAL A 1304 31.42 52.86 92.96
N GLY A 1305 32.71 53.14 92.78
CA GLY A 1305 33.54 52.43 91.84
C GLY A 1305 33.88 53.28 90.63
N ASN A 1306 34.04 54.58 90.85
CA ASN A 1306 34.40 55.52 89.80
C ASN A 1306 35.91 55.67 89.77
N ASN A 1307 36.54 55.14 88.73
CA ASN A 1307 37.99 55.19 88.56
C ASN A 1307 38.41 56.23 87.51
N CYS A 1308 37.51 57.13 87.12
CA CYS A 1308 37.85 58.13 86.14
C CYS A 1308 38.87 59.12 86.71
N GLU A 1309 39.87 59.46 85.90
CA GLU A 1309 40.92 60.37 86.34
C GLU A 1309 40.42 61.78 86.60
N ASP A 1310 39.27 62.16 86.04
CA ASP A 1310 38.78 63.52 86.23
C ASP A 1310 38.41 63.79 87.68
N PHE A 1311 37.97 62.76 88.40
CA PHE A 1311 37.57 62.92 89.79
C PHE A 1311 38.68 62.65 90.78
N VAL A 1312 39.81 62.10 90.33
CA VAL A 1312 40.95 61.81 91.20
C VAL A 1312 41.85 63.03 91.19
N SER A 1313 42.30 63.43 92.38
CA SER A 1313 43.20 64.58 92.50
C SER A 1313 44.48 64.31 91.73
N ARG A 1314 44.89 65.29 90.92
CA ARG A 1314 46.12 65.22 90.15
C ARG A 1314 46.82 66.57 90.24
N PRO A 1315 48.14 66.60 90.15
CA PRO A 1315 48.85 67.87 90.28
C PRO A 1315 48.58 68.81 89.11
N ASP A 1316 48.55 70.11 89.41
CA ASP A 1316 48.38 71.14 88.39
C ASP A 1316 47.12 70.91 87.56
N ARG A 1317 46.03 70.52 88.23
CA ARG A 1317 44.78 70.26 87.54
C ARG A 1317 43.67 70.18 88.58
N THR A 1318 42.56 70.88 88.31
CA THR A 1318 41.43 70.88 89.23
C THR A 1318 40.69 69.55 89.18
N MET A 1319 40.08 69.20 90.31
CA MET A 1319 39.41 67.92 90.49
C MET A 1319 37.91 68.11 90.29
N LEU A 1320 37.33 67.39 89.33
CA LEU A 1320 35.90 67.46 89.09
C LEU A 1320 35.16 66.52 90.04
N ALA A 1321 33.85 66.72 90.15
CA ALA A 1321 32.97 65.88 90.93
C ALA A 1321 32.05 65.08 90.00
N PRO A 1322 31.72 63.84 90.32
CA PRO A 1322 30.93 63.03 89.40
C PRO A 1322 29.51 63.57 89.26
N MET A 1323 28.91 63.28 88.10
CA MET A 1323 27.53 63.66 87.86
C MET A 1323 26.60 63.00 88.88
N ASP A 1324 26.95 61.80 89.35
CA ASP A 1324 26.20 61.13 90.39
C ASP A 1324 26.23 61.86 91.72
N PHE A 1325 27.15 62.80 91.91
CA PHE A 1325 27.23 63.55 93.15
C PHE A 1325 26.06 64.49 93.34
N ALA A 1326 25.24 64.71 92.31
CA ALA A 1326 24.09 65.60 92.46
C ALA A 1326 23.08 65.06 93.46
N ILE A 1327 22.86 63.74 93.47
CA ILE A 1327 21.94 63.16 94.44
C ILE A 1327 22.51 63.30 95.85
N VAL A 1328 23.84 63.19 95.99
CA VAL A 1328 24.46 63.44 97.29
C VAL A 1328 24.22 64.87 97.73
N VAL A 1329 24.35 65.81 96.79
CA VAL A 1329 24.14 67.22 97.12
C VAL A 1329 22.70 67.47 97.55
N GLY A 1330 21.74 66.93 96.80
CA GLY A 1330 20.35 67.31 96.97
C GLY A 1330 19.41 66.21 97.45
N TRP A 1331 19.93 65.23 98.19
CA TRP A 1331 19.04 64.20 98.74
C TRP A 1331 18.10 64.79 99.78
N ARG A 1332 18.61 65.68 100.63
CA ARG A 1332 17.78 66.26 101.69
C ARG A 1332 16.61 67.05 101.10
N ALA A 1333 16.79 67.65 99.94
CA ALA A 1333 15.71 68.40 99.30
C ALA A 1333 14.82 67.50 98.45
N ILE A 1334 15.41 66.55 97.72
CA ILE A 1334 14.63 65.69 96.85
C ILE A 1334 13.74 64.76 97.67
N ILE A 1335 14.31 64.14 98.70
CA ILE A 1335 13.55 63.15 99.46
C ILE A 1335 12.54 63.80 100.39
N LYS A 1336 12.75 65.06 100.76
CA LYS A 1336 11.77 65.79 101.57
C LYS A 1336 10.46 66.02 100.83
N ALA A 1337 10.44 65.84 99.51
CA ALA A 1337 9.23 66.08 98.73
C ALA A 1337 8.15 65.04 99.00
N ILE A 1338 8.54 63.79 99.28
CA ILE A 1338 7.57 62.72 99.49
C ILE A 1338 7.07 62.63 100.92
N PHE A 1339 7.51 63.52 101.80
CA PHE A 1339 7.18 63.47 103.22
C PHE A 1339 5.82 64.04 103.63
N PRO A 1340 5.35 65.16 103.06
CA PRO A 1340 4.17 65.84 103.62
C PRO A 1340 2.97 64.93 103.85
N ASN A 1341 2.12 65.33 104.80
CA ASN A 1341 0.95 64.52 105.14
C ASN A 1341 -0.02 64.43 103.98
N THR A 1342 -0.07 65.46 103.13
CA THR A 1342 -0.92 65.40 101.94
C THR A 1342 -0.50 64.26 101.03
N VAL A 1343 0.81 64.09 100.83
CA VAL A 1343 1.34 62.93 100.09
C VAL A 1343 1.61 61.86 101.14
N ASP A 1344 0.55 61.12 101.48
CA ASP A 1344 0.61 60.12 102.54
C ASP A 1344 0.92 58.75 101.94
N GLY A 1345 1.78 58.00 102.62
CA GLY A 1345 2.10 56.66 102.20
C GLY A 1345 3.13 56.05 103.12
N ASP A 1346 3.33 54.75 102.95
CA ASP A 1346 4.26 53.99 103.77
C ASP A 1346 5.66 54.12 103.22
N LEU A 1347 6.54 54.78 103.97
CA LEU A 1347 7.89 55.02 103.48
C LEU A 1347 8.73 53.75 103.50
N LEU A 1348 8.36 52.77 104.35
CA LEU A 1348 9.06 51.49 104.32
C LEU A 1348 8.72 50.70 103.04
N LYS A 1349 7.57 50.98 102.44
CA LYS A 1349 7.18 50.38 101.18
C LYS A 1349 7.50 51.26 99.97
N LEU A 1350 8.26 52.33 100.17
CA LEU A 1350 8.64 53.18 99.04
C LEU A 1350 9.52 52.42 98.07
N VAL A 1351 9.28 52.62 96.78
CA VAL A 1351 10.08 52.05 95.71
C VAL A 1351 10.59 53.20 94.85
N HIS A 1352 11.91 53.27 94.67
CA HIS A 1352 12.49 54.26 93.78
C HIS A 1352 12.35 53.73 92.36
N LEU A 1353 11.38 54.26 91.61
CA LEU A 1353 11.14 53.77 90.26
C LEU A 1353 12.28 54.15 89.33
N SER A 1354 12.67 55.42 89.35
CA SER A 1354 13.65 55.91 88.40
C SER A 1354 14.29 57.18 88.93
N ASN A 1355 15.45 57.50 88.37
CA ASN A 1355 16.13 58.74 88.64
C ASN A 1355 16.73 59.23 87.33
N GLY A 1356 17.23 60.46 87.36
CA GLY A 1356 17.88 60.99 86.17
C GLY A 1356 18.54 62.32 86.46
N TYR A 1357 19.55 62.60 85.66
CA TYR A 1357 20.29 63.85 85.72
C TYR A 1357 20.29 64.50 84.34
N LYS A 1358 20.21 65.82 84.32
CA LYS A 1358 20.19 66.60 83.09
C LYS A 1358 21.07 67.81 83.31
N MET A 1359 22.22 67.85 82.63
CA MET A 1359 23.11 68.99 82.72
C MET A 1359 22.58 70.09 81.81
N ILE A 1360 22.33 71.26 82.39
CA ILE A 1360 21.82 72.39 81.61
C ILE A 1360 22.89 72.84 80.63
N PRO A 1361 22.57 73.10 79.36
CA PRO A 1361 23.61 73.54 78.42
C PRO A 1361 24.27 74.84 78.88
N GLY A 1362 25.57 74.94 78.62
CA GLY A 1362 26.34 76.08 79.06
C GLY A 1362 26.80 76.03 80.49
N ALA A 1363 26.52 74.95 81.21
CA ALA A 1363 26.92 74.78 82.60
C ALA A 1363 28.06 73.78 82.67
N LYS A 1364 29.13 74.16 83.36
CA LYS A 1364 30.27 73.28 83.52
C LYS A 1364 29.94 72.17 84.52
N PRO A 1365 30.63 71.03 84.46
CA PRO A 1365 30.38 69.98 85.46
C PRO A 1365 30.80 70.42 86.85
N LEU A 1366 30.26 69.72 87.84
CA LEU A 1366 30.55 70.05 89.24
C LEU A 1366 32.04 69.89 89.53
N GLN A 1367 32.57 70.82 90.31
CA GLN A 1367 33.98 70.86 90.66
C GLN A 1367 34.13 70.83 92.18
N VAL A 1368 35.33 70.48 92.63
CA VAL A 1368 35.62 70.49 94.06
C VAL A 1368 35.76 71.92 94.53
N GLY A 1369 35.12 72.24 95.65
CA GLY A 1369 35.19 73.55 96.27
C GLY A 1369 34.03 74.46 95.98
N ASP A 1370 33.25 74.20 94.93
CA ASP A 1370 32.12 75.06 94.62
C ASP A 1370 30.97 74.81 95.58
N VAL A 1371 30.15 75.85 95.77
CA VAL A 1371 28.99 75.80 96.64
C VAL A 1371 27.75 75.62 95.76
N VAL A 1372 26.99 74.57 96.04
CA VAL A 1372 25.82 74.19 95.23
C VAL A 1372 24.59 74.31 96.10
N SER A 1373 23.58 75.01 95.58
CA SER A 1373 22.29 75.16 96.24
C SER A 1373 21.28 74.26 95.54
N THR A 1374 20.50 73.51 96.34
CA THR A 1374 19.55 72.55 95.80
C THR A 1374 18.13 73.02 96.10
N THR A 1375 17.26 72.92 95.09
CA THR A 1375 15.88 73.38 95.18
C THR A 1375 14.97 72.34 94.55
N ALA A 1376 14.19 71.66 95.37
CA ALA A 1376 13.32 70.57 94.93
C ALA A 1376 11.89 71.07 94.78
N VAL A 1377 11.17 70.46 93.85
CA VAL A 1377 9.75 70.74 93.62
C VAL A 1377 9.08 69.46 93.15
N ILE A 1378 7.89 69.19 93.67
CA ILE A 1378 7.15 68.00 93.27
C ILE A 1378 6.63 68.24 91.85
N GLU A 1379 7.22 67.55 90.87
CA GLU A 1379 6.74 67.67 89.50
C GLU A 1379 5.30 67.15 89.39
N SER A 1380 5.04 65.98 89.95
CA SER A 1380 3.71 65.38 89.78
C SER A 1380 3.45 64.24 90.75
N VAL A 1381 2.40 64.37 91.57
CA VAL A 1381 1.98 63.31 92.49
C VAL A 1381 0.61 62.82 92.05
N VAL A 1382 0.50 61.52 91.75
CA VAL A 1382 -0.72 60.94 91.22
C VAL A 1382 -1.00 59.61 91.91
N ASN A 1383 -2.29 59.25 91.95
CA ASN A 1383 -2.77 58.04 92.59
C ASN A 1383 -3.17 57.05 91.50
N GLN A 1384 -2.24 56.19 91.11
CA GLN A 1384 -2.53 55.08 90.23
C GLN A 1384 -3.07 53.91 91.05
N PRO A 1385 -3.77 52.97 90.41
CA PRO A 1385 -4.40 51.88 91.19
C PRO A 1385 -3.41 51.08 92.03
N THR A 1386 -2.17 50.94 91.57
CA THR A 1386 -1.18 50.18 92.31
C THR A 1386 -0.49 50.99 93.41
N GLY A 1387 -0.72 52.29 93.49
CA GLY A 1387 -0.07 53.11 94.50
C GLY A 1387 0.05 54.54 94.02
N LYS A 1388 0.84 55.31 94.75
CA LYS A 1388 1.01 56.73 94.50
C LYS A 1388 2.40 57.00 93.95
N ILE A 1389 2.46 57.58 92.74
CA ILE A 1389 3.72 57.93 92.10
C ILE A 1389 3.98 59.41 92.31
N VAL A 1390 5.16 59.74 92.84
CA VAL A 1390 5.58 61.10 93.13
C VAL A 1390 6.84 61.38 92.33
N ASP A 1391 6.76 62.34 91.41
CA ASP A 1391 7.89 62.77 90.59
C ASP A 1391 8.37 64.11 91.09
N VAL A 1392 9.66 64.18 91.42
CA VAL A 1392 10.30 65.35 92.01
C VAL A 1392 11.39 65.81 91.05
N VAL A 1393 11.62 67.13 91.02
CA VAL A 1393 12.67 67.73 90.21
C VAL A 1393 13.47 68.65 91.12
N GLY A 1394 14.77 68.39 91.23
CA GLY A 1394 15.67 69.16 92.06
C GLY A 1394 16.71 69.87 91.22
N THR A 1395 16.68 71.19 91.24
CA THR A 1395 17.62 72.03 90.51
C THR A 1395 18.82 72.32 91.39
N LEU A 1396 20.01 72.00 90.89
CA LEU A 1396 21.27 72.34 91.53
C LEU A 1396 21.84 73.55 90.81
N SER A 1397 22.11 74.60 91.58
CA SER A 1397 22.58 75.88 91.06
C SER A 1397 23.89 76.26 91.72
N ARG A 1398 24.77 76.91 90.96
CA ARG A 1398 26.10 77.30 91.41
C ARG A 1398 26.33 78.77 91.07
N ASN A 1399 26.73 79.54 92.08
CA ASN A 1399 26.96 80.98 91.91
C ASN A 1399 25.72 81.66 91.34
N GLY A 1400 24.56 81.22 91.78
CA GLY A 1400 23.28 81.74 91.32
C GLY A 1400 22.75 81.08 90.06
N LYS A 1401 23.63 80.80 89.11
CA LYS A 1401 23.18 80.19 87.86
C LYS A 1401 22.79 78.73 88.10
N PRO A 1402 21.88 78.18 87.29
CA PRO A 1402 21.48 76.79 87.49
C PRO A 1402 22.42 75.82 86.78
N VAL A 1403 22.84 74.77 87.48
CA VAL A 1403 23.81 73.82 86.95
C VAL A 1403 23.13 72.62 86.32
N MET A 1404 22.16 72.02 87.01
CA MET A 1404 21.57 70.79 86.49
C MET A 1404 20.23 70.53 87.16
N GLU A 1405 19.50 69.57 86.60
CA GLU A 1405 18.20 69.15 87.10
C GLU A 1405 18.22 67.65 87.35
N VAL A 1406 17.76 67.24 88.53
CA VAL A 1406 17.73 65.83 88.93
C VAL A 1406 16.27 65.42 89.10
N THR A 1407 15.81 64.49 88.28
CA THR A 1407 14.46 63.95 88.35
C THR A 1407 14.50 62.69 89.18
N SER A 1408 13.51 62.53 90.05
CA SER A 1408 13.42 61.36 90.93
C SER A 1408 11.96 60.92 91.03
N SER A 1409 11.67 59.67 90.65
CA SER A 1409 10.34 59.12 90.71
C SER A 1409 10.28 58.10 91.83
N PHE A 1410 9.39 58.32 92.78
CA PHE A 1410 9.17 57.42 93.90
C PHE A 1410 7.75 56.86 93.82
N PHE A 1411 7.53 55.74 94.49
CA PHE A 1411 6.27 55.00 94.41
C PHE A 1411 5.92 54.49 95.79
N TYR A 1412 4.92 55.10 96.41
CA TYR A 1412 4.31 54.58 97.63
C TYR A 1412 3.39 53.45 97.21
N ARG A 1413 3.82 52.21 97.44
CA ARG A 1413 3.01 51.05 97.08
C ARG A 1413 1.88 50.88 98.08
N GLY A 1414 0.66 50.83 97.58
CA GLY A 1414 -0.51 50.72 98.42
C GLY A 1414 -1.75 51.18 97.68
N ASN A 1415 -2.77 51.55 98.45
CA ASN A 1415 -4.04 52.02 97.92
C ASN A 1415 -4.31 53.40 98.48
N TYR A 1416 -4.51 54.37 97.59
CA TYR A 1416 -4.74 55.76 97.97
C TYR A 1416 -5.86 56.34 97.13
N THR A 1417 -6.68 57.19 97.78
CA THR A 1417 -7.82 57.82 97.11
C THR A 1417 -7.90 59.31 97.42
N ASP A 1418 -6.84 59.91 97.94
CA ASP A 1418 -6.83 61.34 98.25
C ASP A 1418 -6.48 62.14 96.99
N PHE A 1419 -7.38 62.05 96.01
CA PHE A 1419 -7.17 62.73 94.74
C PHE A 1419 -7.16 64.25 94.89
N GLU A 1420 -7.72 64.78 95.98
CA GLU A 1420 -7.71 66.22 96.17
C GLU A 1420 -6.29 66.76 96.30
N ASN A 1421 -5.36 65.94 96.79
CA ASN A 1421 -3.97 66.34 96.97
C ASN A 1421 -3.09 65.94 95.79
N THR A 1422 -3.66 65.32 94.76
CA THR A 1422 -2.90 64.87 93.60
C THR A 1422 -2.89 65.96 92.54
N PHE A 1423 -1.74 66.11 91.88
CA PHE A 1423 -1.59 67.01 90.75
C PHE A 1423 -0.53 66.44 89.83
N GLN A 1424 -0.53 66.90 88.58
CA GLN A 1424 0.44 66.42 87.62
C GLN A 1424 0.80 67.52 86.63
N LYS A 1425 2.09 67.83 86.56
CA LYS A 1425 2.68 68.69 85.54
C LYS A 1425 3.36 67.79 84.51
N THR A 1426 3.10 68.03 83.24
CA THR A 1426 3.75 67.28 82.17
C THR A 1426 4.06 68.20 81.01
N VAL A 1427 5.28 68.14 80.52
CA VAL A 1427 5.71 68.91 79.36
C VAL A 1427 5.35 68.10 78.12
N GLU A 1428 4.29 68.52 77.42
CA GLU A 1428 3.85 67.76 76.27
C GLU A 1428 4.91 67.83 75.17
N PRO A 1429 4.98 66.83 74.30
CA PRO A 1429 5.97 66.87 73.22
C PRO A 1429 5.71 68.04 72.27
N VAL A 1430 6.78 68.54 71.68
CA VAL A 1430 6.67 69.68 70.78
C VAL A 1430 5.90 69.26 69.54
N TYR A 1431 4.83 70.00 69.23
CA TYR A 1431 3.98 69.69 68.09
C TYR A 1431 4.21 70.70 66.98
N GLN A 1432 4.12 70.24 65.73
CA GLN A 1432 4.33 71.09 64.57
C GLN A 1432 3.14 70.96 63.63
N MET A 1433 2.67 72.11 63.13
CA MET A 1433 1.56 72.17 62.19
C MET A 1433 1.95 73.04 61.02
N HIS A 1434 1.75 72.54 59.80
CA HIS A 1434 1.96 73.30 58.58
C HIS A 1434 0.62 73.80 58.09
N ILE A 1435 0.45 75.12 58.02
CA ILE A 1435 -0.79 75.72 57.60
C ILE A 1435 -0.79 75.78 56.07
N LYS A 1436 -1.59 74.92 55.45
CA LYS A 1436 -1.64 74.80 54.00
C LYS A 1436 -2.79 75.59 53.38
N THR A 1437 -3.93 75.68 54.06
CA THR A 1437 -5.12 76.31 53.52
C THR A 1437 -5.76 77.17 54.59
N SER A 1438 -6.73 77.99 54.17
CA SER A 1438 -7.45 78.83 55.10
C SER A 1438 -8.36 78.03 56.03
N LYS A 1439 -8.68 76.79 55.68
CA LYS A 1439 -9.46 75.94 56.57
C LYS A 1439 -8.72 75.71 57.88
N ASP A 1440 -7.41 75.46 57.80
CA ASP A 1440 -6.61 75.30 59.01
C ASP A 1440 -6.60 76.56 59.85
N ILE A 1441 -6.51 77.73 59.20
CA ILE A 1441 -6.52 78.99 59.94
C ILE A 1441 -7.86 79.17 60.64
N ALA A 1442 -8.95 78.88 59.94
CA ALA A 1442 -10.28 79.01 60.56
C ALA A 1442 -10.42 78.06 61.74
N VAL A 1443 -9.92 76.82 61.60
CA VAL A 1443 -9.98 75.86 62.70
C VAL A 1443 -9.18 76.37 63.89
N LEU A 1444 -7.98 76.90 63.65
CA LEU A 1444 -7.17 77.42 64.74
C LEU A 1444 -7.85 78.60 65.43
N ARG A 1445 -8.41 79.52 64.65
CA ARG A 1445 -9.04 80.69 65.23
C ARG A 1445 -10.32 80.33 65.97
N SER A 1446 -10.96 79.22 65.60
CA SER A 1446 -12.14 78.77 66.34
C SER A 1446 -11.81 78.25 67.73
N LYS A 1447 -10.54 78.01 68.03
CA LYS A 1447 -10.11 77.52 69.33
C LYS A 1447 -9.88 78.69 70.27
N GLU A 1448 -10.56 78.67 71.42
CA GLU A 1448 -10.38 79.73 72.40
C GLU A 1448 -8.94 79.76 72.92
N TRP A 1449 -8.36 78.58 73.17
CA TRP A 1449 -7.03 78.52 73.77
C TRP A 1449 -5.96 79.07 72.85
N PHE A 1450 -6.17 79.02 71.54
CA PHE A 1450 -5.20 79.51 70.56
C PHE A 1450 -5.32 81.03 70.49
N GLN A 1451 -4.35 81.74 71.06
CA GLN A 1451 -4.36 83.20 71.08
C GLN A 1451 -3.08 83.70 70.45
N LEU A 1452 -3.15 84.83 69.76
CA LEU A 1452 -2.00 85.45 69.11
C LEU A 1452 -1.86 86.89 69.58
N ASP A 1453 -0.63 87.34 69.75
CA ASP A 1453 -0.40 88.75 70.09
C ASP A 1453 -0.86 89.64 68.95
N ASP A 1454 -0.56 89.26 67.72
CA ASP A 1454 -0.99 89.97 66.51
C ASP A 1454 -2.11 89.14 65.89
N GLU A 1455 -3.35 89.57 66.13
CA GLU A 1455 -4.50 88.82 65.63
C GLU A 1455 -4.53 88.77 64.11
N ASP A 1456 -3.95 89.77 63.45
CA ASP A 1456 -3.91 89.84 62.00
C ASP A 1456 -2.69 89.13 61.41
N PHE A 1457 -1.94 88.39 62.23
CA PHE A 1457 -0.79 87.66 61.73
C PHE A 1457 -1.20 86.66 60.65
N ASP A 1458 -0.46 86.68 59.54
CA ASP A 1458 -0.78 85.82 58.40
C ASP A 1458 -0.24 84.42 58.67
N LEU A 1459 -1.14 83.49 58.96
CA LEU A 1459 -0.75 82.11 59.27
C LEU A 1459 -0.64 81.22 58.04
N LEU A 1460 -1.10 81.68 56.88
CA LEU A 1460 -1.06 80.84 55.69
C LEU A 1460 0.37 80.59 55.25
N ASN A 1461 0.63 79.35 54.79
CA ASN A 1461 1.95 78.96 54.31
C ASN A 1461 3.02 79.18 55.38
N LYS A 1462 2.69 78.82 56.62
CA LYS A 1462 3.58 78.99 57.75
C LYS A 1462 3.56 77.74 58.63
N THR A 1463 4.66 77.51 59.33
CA THR A 1463 4.80 76.38 60.23
C THR A 1463 4.76 76.87 61.68
N LEU A 1464 3.82 76.33 62.44
CA LEU A 1464 3.61 76.69 63.83
C LEU A 1464 4.12 75.57 64.73
N THR A 1465 4.86 75.95 65.76
CA THR A 1465 5.38 75.03 66.76
C THR A 1465 4.73 75.34 68.10
N PHE A 1466 4.18 74.31 68.74
CA PHE A 1466 3.51 74.39 70.02
C PHE A 1466 4.34 73.63 71.05
N GLU A 1467 4.72 74.32 72.13
CA GLU A 1467 5.43 73.73 73.25
C GLU A 1467 4.56 74.00 74.48
N THR A 1468 3.77 73.00 74.87
CA THR A 1468 2.74 73.17 75.88
C THR A 1468 3.10 72.42 77.15
N GLU A 1469 2.69 72.97 78.29
CA GLU A 1469 2.81 72.34 79.59
C GLU A 1469 1.39 72.16 80.14
N THR A 1470 1.10 70.94 80.61
CA THR A 1470 -0.23 70.59 81.09
C THR A 1470 -0.18 70.37 82.60
N GLU A 1471 -1.00 71.12 83.32
CA GLU A 1471 -1.25 70.93 84.75
C GLU A 1471 -2.65 70.37 84.93
N VAL A 1472 -2.73 69.16 85.47
CA VAL A 1472 -4.02 68.50 85.71
C VAL A 1472 -4.14 68.17 87.19
N THR A 1473 -5.23 68.60 87.80
CA THR A 1473 -5.60 68.22 89.15
C THR A 1473 -6.73 67.20 89.06
N PHE A 1474 -6.54 66.07 89.74
CA PHE A 1474 -7.41 64.91 89.57
C PHE A 1474 -8.59 65.01 90.52
N LYS A 1475 -9.79 64.68 90.01
CA LYS A 1475 -10.94 64.50 90.88
C LYS A 1475 -11.06 63.05 91.32
N ASN A 1476 -10.81 62.12 90.39
CA ASN A 1476 -10.76 60.69 90.71
C ASN A 1476 -9.72 60.07 89.78
N ALA A 1477 -9.72 58.73 89.72
CA ALA A 1477 -8.70 58.03 88.94
C ALA A 1477 -8.76 58.38 87.47
N ASN A 1478 -9.95 58.73 86.96
CA ASN A 1478 -10.17 58.92 85.53
C ASN A 1478 -10.39 60.38 85.14
N ILE A 1479 -11.25 61.09 85.86
CA ILE A 1479 -11.68 62.43 85.47
C ILE A 1479 -10.82 63.46 86.20
N PHE A 1480 -10.19 64.35 85.43
CA PHE A 1480 -9.42 65.43 86.02
C PHE A 1480 -10.34 66.47 86.63
N SER A 1481 -9.99 66.95 87.82
CA SER A 1481 -10.79 68.00 88.45
C SER A 1481 -10.60 69.32 87.74
N SER A 1482 -9.41 69.56 87.22
CA SER A 1482 -9.13 70.77 86.46
C SER A 1482 -7.99 70.50 85.50
N VAL A 1483 -8.07 71.05 84.29
CA VAL A 1483 -7.06 70.87 83.25
C VAL A 1483 -6.64 72.25 82.75
N LYS A 1484 -5.34 72.50 82.77
CA LYS A 1484 -4.77 73.73 82.24
C LYS A 1484 -3.65 73.35 81.28
N CYS A 1485 -3.59 74.01 80.14
CA CYS A 1485 -2.56 73.74 79.13
C CYS A 1485 -2.05 75.08 78.63
N PHE A 1486 -0.80 75.40 78.94
CA PHE A 1486 -0.27 76.74 78.71
C PHE A 1486 1.09 76.63 78.05
N GLY A 1487 1.38 77.58 77.16
CA GLY A 1487 2.69 77.63 76.54
C GLY A 1487 2.79 78.61 75.40
N PRO A 1488 4.00 78.80 74.86
CA PRO A 1488 4.17 79.68 73.70
C PRO A 1488 3.93 78.95 72.39
N ILE A 1489 3.37 79.70 71.44
CA ILE A 1489 3.21 79.27 70.06
C ILE A 1489 4.15 80.12 69.23
N LYS A 1490 5.03 79.47 68.46
CA LYS A 1490 6.02 80.18 67.68
C LYS A 1490 5.92 79.77 66.22
N VAL A 1491 6.41 80.62 65.35
CA VAL A 1491 6.36 80.42 63.91
C VAL A 1491 7.78 80.26 63.39
N GLU A 1492 7.93 79.40 62.38
CA GLU A 1492 9.21 79.16 61.74
C GLU A 1492 9.47 80.26 60.71
N LEU A 1493 10.50 81.07 60.96
CA LEU A 1493 10.89 82.11 60.04
C LEU A 1493 11.62 81.49 58.85
N PRO A 1494 11.88 82.27 57.80
CA PRO A 1494 12.63 81.72 56.65
C PRO A 1494 14.01 81.22 57.01
N THR A 1495 14.59 81.70 58.11
CA THR A 1495 15.90 81.25 58.56
C THR A 1495 15.84 80.02 59.46
N LYS A 1496 14.73 79.27 59.44
CA LYS A 1496 14.56 78.09 60.28
C LYS A 1496 14.70 78.44 61.76
N GLU A 1497 14.27 79.64 62.13
CA GLU A 1497 14.30 80.11 63.50
C GLU A 1497 12.87 80.25 64.00
N THR A 1498 12.58 79.66 65.15
CA THR A 1498 11.24 79.69 65.72
C THR A 1498 11.13 80.92 66.63
N VAL A 1499 10.19 81.80 66.31
CA VAL A 1499 9.99 83.04 67.05
C VAL A 1499 8.56 83.08 67.55
N GLU A 1500 8.38 83.44 68.82
CA GLU A 1500 7.06 83.44 69.43
C GLU A 1500 6.14 84.43 68.73
N ILE A 1501 4.94 83.97 68.37
CA ILE A 1501 3.90 84.83 67.83
C ILE A 1501 2.59 84.73 68.59
N GLY A 1502 2.44 83.79 69.52
CA GLY A 1502 1.20 83.67 70.27
C GLY A 1502 1.39 82.82 71.50
N ILE A 1503 0.28 82.56 72.18
CA ILE A 1503 0.27 81.69 73.34
C ILE A 1503 -0.93 80.76 73.24
N VAL A 1504 -0.72 79.51 73.64
CA VAL A 1504 -1.80 78.58 73.93
C VAL A 1504 -2.12 78.72 75.42
N ASP A 1505 -3.38 78.96 75.73
CA ASP A 1505 -3.85 79.17 77.09
C ASP A 1505 -5.22 78.52 77.23
N TYR A 1506 -5.24 77.25 77.63
CA TYR A 1506 -6.46 76.49 77.85
C TYR A 1506 -6.67 76.34 79.34
N GLU A 1507 -7.89 76.64 79.80
CA GLU A 1507 -8.26 76.50 81.20
C GLU A 1507 -9.64 75.85 81.25
N ALA A 1508 -9.78 74.81 82.07
CA ALA A 1508 -11.06 74.13 82.16
C ALA A 1508 -11.17 73.44 83.52
N GLY A 1509 -12.40 73.27 83.97
CA GLY A 1509 -12.68 72.56 85.20
C GLY A 1509 -12.70 71.06 84.98
N ALA A 1510 -13.74 70.40 85.47
CA ALA A 1510 -13.83 68.95 85.34
C ALA A 1510 -13.83 68.55 83.87
N SER A 1511 -12.88 67.69 83.49
CA SER A 1511 -12.77 67.23 82.12
C SER A 1511 -12.14 65.85 82.11
N HIS A 1512 -12.38 65.13 81.01
CA HIS A 1512 -11.82 63.80 80.81
C HIS A 1512 -10.47 63.80 80.09
N GLY A 1513 -10.03 64.96 79.60
CA GLY A 1513 -8.77 65.02 78.87
C GLY A 1513 -8.45 66.45 78.52
N ASN A 1514 -7.29 66.61 77.88
CA ASN A 1514 -6.84 67.92 77.43
C ASN A 1514 -7.10 68.05 75.94
N PRO A 1515 -8.06 68.86 75.50
CA PRO A 1515 -8.36 68.91 74.06
C PRO A 1515 -7.22 69.46 73.22
N VAL A 1516 -6.35 70.28 73.81
CA VAL A 1516 -5.26 70.88 73.04
C VAL A 1516 -4.33 69.79 72.52
N VAL A 1517 -3.95 68.87 73.40
CA VAL A 1517 -3.02 67.82 73.01
C VAL A 1517 -3.66 66.89 71.99
N ASP A 1518 -4.95 66.58 72.16
CA ASP A 1518 -5.63 65.74 71.19
C ASP A 1518 -5.69 66.41 69.82
N PHE A 1519 -6.03 67.69 69.78
CA PHE A 1519 -6.09 68.42 68.52
C PHE A 1519 -4.72 68.45 67.85
N LEU A 1520 -3.67 68.74 68.62
CA LEU A 1520 -2.34 68.83 68.05
C LEU A 1520 -1.85 67.47 67.55
N LYS A 1521 -2.12 66.41 68.31
CA LYS A 1521 -1.73 65.07 67.85
C LYS A 1521 -2.47 64.70 66.57
N ARG A 1522 -3.77 65.01 66.49
CA ARG A 1522 -4.54 64.63 65.32
C ARG A 1522 -4.11 65.41 64.09
N ASN A 1523 -3.86 66.71 64.23
CA ASN A 1523 -3.60 67.57 63.08
C ASN A 1523 -2.12 67.72 62.79
N GLY A 1524 -1.33 68.21 63.75
CA GLY A 1524 0.09 68.42 63.54
C GLY A 1524 0.90 67.15 63.69
N SER A 1525 2.21 67.34 63.69
CA SER A 1525 3.18 66.25 63.80
C SER A 1525 4.01 66.45 65.06
N THR A 1526 4.41 65.34 65.67
CA THR A 1526 5.23 65.37 66.87
C THR A 1526 6.69 65.54 66.48
N LEU A 1527 7.36 66.51 67.11
CA LEU A 1527 8.79 66.73 66.89
C LEU A 1527 9.56 66.03 68.01
N GLU A 1528 10.20 64.91 67.68
CA GLU A 1528 10.99 64.15 68.62
C GLU A 1528 12.45 64.57 68.49
N GLN A 1529 13.02 65.11 69.56
CA GLN A 1529 14.42 65.50 69.53
C GLN A 1529 15.33 64.30 69.34
N LYS A 1530 15.02 63.20 70.02
CA LYS A 1530 15.82 61.98 69.87
C LYS A 1530 15.59 61.38 68.50
N VAL A 1531 16.68 61.14 67.77
CA VAL A 1531 16.64 60.55 66.44
C VAL A 1531 17.40 59.24 66.48
N ASN A 1532 16.69 58.14 66.32
CA ASN A 1532 17.31 56.82 66.35
C ASN A 1532 18.16 56.60 65.11
N LEU A 1533 19.23 55.84 65.26
CA LEU A 1533 20.08 55.51 64.13
C LEU A 1533 19.43 54.43 63.28
N GLU A 1534 20.06 54.13 62.13
CA GLU A 1534 19.54 53.09 61.27
C GLU A 1534 19.59 51.73 61.95
N ASN A 1535 20.68 51.44 62.63
CA ASN A 1535 20.82 50.25 63.46
C ASN A 1535 21.53 50.63 64.75
N PRO A 1536 21.27 49.94 65.86
CA PRO A 1536 22.04 50.22 67.08
C PRO A 1536 23.49 49.81 66.91
N ILE A 1537 24.36 50.51 67.64
CA ILE A 1537 25.80 50.24 67.62
C ILE A 1537 26.19 49.73 69.01
N PRO A 1538 26.37 48.43 69.21
CA PRO A 1538 26.80 47.97 70.54
C PRO A 1538 28.20 48.47 70.86
N ILE A 1539 28.37 48.95 72.09
CA ILE A 1539 29.64 49.49 72.55
C ILE A 1539 30.42 48.45 73.35
N ALA A 1540 29.84 47.95 74.43
CA ALA A 1540 30.53 46.93 75.23
C ALA A 1540 29.54 46.31 76.20
N VAL A 1541 29.85 45.08 76.60
CA VAL A 1541 29.15 44.38 77.68
C VAL A 1541 30.12 44.32 78.85
N LEU A 1542 29.68 44.83 80.00
CA LEU A 1542 30.55 45.05 81.15
C LEU A 1542 29.97 44.37 82.38
N ASP A 1543 30.85 43.96 83.29
CA ASP A 1543 30.48 43.28 84.52
C ASP A 1543 30.79 44.17 85.72
N SER A 1544 29.81 44.28 86.63
CA SER A 1544 29.97 45.03 87.86
C SER A 1544 29.58 44.14 89.03
N TYR A 1545 30.43 44.08 90.05
CA TYR A 1545 30.17 43.26 91.22
C TYR A 1545 29.72 44.16 92.36
N THR A 1546 28.49 43.95 92.82
CA THR A 1546 27.91 44.80 93.85
C THR A 1546 28.55 44.48 95.21
N PRO A 1547 28.92 45.48 96.01
CA PRO A 1547 29.63 45.18 97.26
C PRO A 1547 28.76 44.46 98.26
N SER A 1548 29.43 43.73 99.16
CA SER A 1548 28.72 43.00 100.20
C SER A 1548 27.97 43.95 101.13
N THR A 1549 28.59 45.07 101.49
CA THR A 1549 28.07 45.99 102.49
C THR A 1549 27.66 47.30 101.83
N ASN A 1550 26.48 47.80 102.18
CA ASN A 1550 25.99 49.08 101.69
C ASN A 1550 26.25 50.23 102.66
N GLU A 1551 26.93 49.98 103.78
CA GLU A 1551 27.21 51.04 104.74
C GLU A 1551 28.06 52.17 104.16
N PRO A 1552 29.17 51.92 103.45
CA PRO A 1552 29.94 53.06 102.94
C PRO A 1552 29.16 53.92 101.95
N TYR A 1553 28.42 53.29 101.04
CA TYR A 1553 27.62 54.07 100.10
C TYR A 1553 26.52 54.84 100.83
N ALA A 1554 25.89 54.20 101.82
CA ALA A 1554 24.85 54.90 102.58
C ALA A 1554 25.41 56.12 103.27
N ARG A 1555 26.59 55.99 103.89
CA ARG A 1555 27.17 57.12 104.61
C ARG A 1555 27.61 58.22 103.64
N VAL A 1556 28.18 57.85 102.50
CA VAL A 1556 28.68 58.87 101.58
C VAL A 1556 27.52 59.61 100.91
N SER A 1557 26.46 58.89 100.54
CA SER A 1557 25.33 59.51 99.87
C SER A 1557 24.33 60.14 100.81
N GLY A 1558 24.41 59.86 102.11
CA GLY A 1558 23.43 60.36 103.05
C GLY A 1558 22.14 59.59 103.06
N ASP A 1559 22.00 58.56 102.21
CA ASP A 1559 20.80 57.73 102.16
C ASP A 1559 20.95 56.63 103.20
N LEU A 1560 20.44 56.90 104.41
CA LEU A 1560 20.50 55.94 105.51
C LEU A 1560 19.23 55.12 105.61
N ASN A 1561 18.63 54.78 104.47
CA ASN A 1561 17.43 53.96 104.46
C ASN A 1561 17.72 52.64 105.15
N PRO A 1562 16.99 52.26 106.20
CA PRO A 1562 17.33 51.01 106.91
C PRO A 1562 17.22 49.76 106.06
N ILE A 1563 16.47 49.79 104.97
CA ILE A 1563 16.25 48.55 104.20
C ILE A 1563 17.56 48.08 103.57
N HIS A 1564 18.47 49.01 103.29
CA HIS A 1564 19.72 48.66 102.62
C HIS A 1564 20.82 48.21 103.57
N VAL A 1565 20.67 48.40 104.87
CA VAL A 1565 21.74 48.13 105.83
C VAL A 1565 21.30 47.22 106.97
N SER A 1566 20.02 47.13 107.30
CA SER A 1566 19.51 46.37 108.43
C SER A 1566 18.72 45.18 107.94
N ARG A 1567 19.07 43.99 108.45
CA ARG A 1567 18.34 42.78 108.08
C ARG A 1567 16.90 42.84 108.59
N HIS A 1568 16.69 43.29 109.82
CA HIS A 1568 15.34 43.26 110.40
C HIS A 1568 14.41 44.22 109.68
N PHE A 1569 14.90 45.40 109.31
CA PHE A 1569 14.06 46.35 108.59
C PHE A 1569 13.69 45.81 107.21
N ALA A 1570 14.63 45.19 106.51
CA ALA A 1570 14.31 44.59 105.21
C ALA A 1570 13.30 43.47 105.36
N SER A 1571 13.45 42.63 106.39
CA SER A 1571 12.48 41.56 106.62
C SER A 1571 11.10 42.13 106.91
N TYR A 1572 11.04 43.20 107.71
CA TYR A 1572 9.76 43.84 107.98
C TYR A 1572 9.16 44.45 106.71
N ALA A 1573 10.00 44.95 105.81
CA ALA A 1573 9.57 45.49 104.54
C ALA A 1573 9.33 44.41 103.49
N ASN A 1574 9.54 43.14 103.83
CA ASN A 1574 9.27 42.01 102.94
C ASN A 1574 10.18 41.98 101.73
N LEU A 1575 11.37 42.56 101.84
CA LEU A 1575 12.35 42.51 100.78
C LEU A 1575 13.15 41.21 100.85
N PRO A 1576 13.75 40.77 99.74
CA PRO A 1576 14.55 39.53 99.80
C PRO A 1576 15.74 39.63 100.72
N GLY A 1577 16.20 40.84 101.06
CA GLY A 1577 17.32 40.99 101.97
C GLY A 1577 17.69 42.46 102.07
N THR A 1578 18.92 42.71 102.51
CA THR A 1578 19.46 44.07 102.54
C THR A 1578 19.83 44.48 101.12
N ILE A 1579 18.78 44.78 100.35
CA ILE A 1579 18.98 45.14 98.94
C ILE A 1579 19.86 46.36 98.84
N THR A 1580 20.69 46.39 97.81
CA THR A 1580 21.65 47.49 97.66
C THR A 1580 20.97 48.70 97.04
N HIS A 1581 21.61 49.84 97.21
CA HIS A 1581 21.02 51.10 96.77
C HIS A 1581 20.84 51.11 95.26
N GLY A 1582 19.61 51.38 94.82
CA GLY A 1582 19.38 51.62 93.41
C GLY A 1582 20.20 52.80 92.92
N MET A 1583 20.38 53.80 93.77
CA MET A 1583 21.28 54.90 93.45
C MET A 1583 22.73 54.43 93.30
N PHE A 1584 23.18 53.49 94.13
CA PHE A 1584 24.51 52.93 93.92
C PHE A 1584 24.60 52.24 92.57
N SER A 1585 23.58 51.44 92.23
CA SER A 1585 23.61 50.75 90.94
C SER A 1585 23.64 51.74 89.78
N SER A 1586 22.82 52.79 89.87
CA SER A 1586 22.80 53.80 88.81
C SER A 1586 24.14 54.50 88.70
N ALA A 1587 24.76 54.81 89.84
CA ALA A 1587 26.04 55.52 89.79
C ALA A 1587 27.16 54.62 89.25
N SER A 1588 27.15 53.34 89.62
CA SER A 1588 28.13 52.42 89.07
C SER A 1588 27.95 52.28 87.56
N VAL A 1589 26.71 52.16 87.11
CA VAL A 1589 26.47 52.06 85.66
C VAL A 1589 26.90 53.33 84.96
N ARG A 1590 26.62 54.49 85.55
CA ARG A 1590 27.02 55.75 84.93
C ARG A 1590 28.54 55.86 84.89
N ALA A 1591 29.22 55.36 85.91
CA ALA A 1591 30.68 55.30 85.85
C ALA A 1591 31.13 54.46 84.67
N LEU A 1592 30.48 53.33 84.44
CA LEU A 1592 30.84 52.49 83.29
C LEU A 1592 30.57 53.22 81.98
N ILE A 1593 29.44 53.92 81.87
CA ILE A 1593 29.11 54.62 80.62
C ILE A 1593 30.09 55.75 80.37
N GLU A 1594 30.41 56.52 81.40
CA GLU A 1594 31.35 57.62 81.19
C GLU A 1594 32.75 57.08 80.89
N ASN A 1595 33.08 55.90 81.39
CA ASN A 1595 34.36 55.29 81.04
C ASN A 1595 34.37 54.84 79.58
N TRP A 1596 33.32 54.17 79.14
CA TRP A 1596 33.32 53.49 77.84
C TRP A 1596 32.72 54.32 76.72
N ALA A 1597 31.44 54.69 76.85
CA ALA A 1597 30.79 55.48 75.81
C ALA A 1597 31.43 56.86 75.67
N ALA A 1598 31.81 57.47 76.80
CA ALA A 1598 32.35 58.82 76.80
C ALA A 1598 33.88 58.86 76.86
N ASP A 1599 34.55 57.70 76.77
CA ASP A 1599 36.01 57.66 76.73
C ASP A 1599 36.62 58.23 78.01
N SER A 1600 35.95 58.02 79.14
CA SER A 1600 36.43 58.48 80.45
C SER A 1600 36.62 59.99 80.47
N VAL A 1601 35.62 60.70 79.93
CA VAL A 1601 35.57 62.15 79.96
C VAL A 1601 34.33 62.56 80.74
N SER A 1602 34.53 63.21 81.89
CA SER A 1602 33.40 63.56 82.74
C SER A 1602 32.50 64.60 82.07
N SER A 1603 33.10 65.66 81.50
CA SER A 1603 32.33 66.72 80.88
C SER A 1603 31.48 66.21 79.71
N ARG A 1604 31.91 65.14 79.06
CA ARG A 1604 31.23 64.62 77.88
C ARG A 1604 29.88 63.99 78.19
N VAL A 1605 29.55 63.73 79.45
CA VAL A 1605 28.28 63.15 79.85
C VAL A 1605 27.43 64.27 80.43
N ARG A 1606 26.28 64.54 79.80
CA ARG A 1606 25.41 65.65 80.17
C ARG A 1606 24.06 65.19 80.69
N GLY A 1607 23.53 64.10 80.17
CA GLY A 1607 22.27 63.54 80.66
C GLY A 1607 22.43 62.07 80.97
N TYR A 1608 21.72 61.60 81.98
CA TYR A 1608 21.75 60.18 82.34
C TYR A 1608 20.50 59.85 83.12
N THR A 1609 19.57 59.13 82.50
CA THR A 1609 18.36 58.68 83.16
C THR A 1609 18.42 57.17 83.34
N CYS A 1610 18.04 56.73 84.54
CA CYS A 1610 18.10 55.34 84.94
C CYS A 1610 16.75 54.95 85.54
N GLN A 1611 16.37 53.69 85.35
CA GLN A 1611 15.13 53.14 85.87
C GLN A 1611 15.43 51.82 86.57
N PHE A 1612 14.94 51.71 87.81
CA PHE A 1612 15.20 50.56 88.67
C PHE A 1612 14.01 49.61 88.56
N VAL A 1613 14.06 48.76 87.53
CA VAL A 1613 12.94 47.85 87.27
C VAL A 1613 12.85 46.79 88.38
N ASP A 1614 13.98 46.36 88.92
CA ASP A 1614 14.00 45.31 89.93
C ASP A 1614 15.09 45.59 90.95
N MET A 1615 14.94 44.97 92.12
CA MET A 1615 15.89 45.15 93.21
C MET A 1615 17.19 44.41 92.92
N VAL A 1616 18.24 44.80 93.62
CA VAL A 1616 19.57 44.23 93.49
C VAL A 1616 20.09 43.88 94.87
N LEU A 1617 20.58 42.64 95.03
CA LEU A 1617 21.09 42.16 96.30
C LEU A 1617 22.61 42.30 96.37
N PRO A 1618 23.19 42.36 97.58
CA PRO A 1618 24.66 42.49 97.67
C PRO A 1618 25.37 41.26 97.11
N ASN A 1619 26.59 41.49 96.65
CA ASN A 1619 27.44 40.42 96.11
C ASN A 1619 26.76 39.74 94.92
N THR A 1620 26.44 40.54 93.90
CA THR A 1620 25.81 40.05 92.69
C THR A 1620 26.56 40.60 91.48
N ALA A 1621 26.58 39.79 90.42
CA ALA A 1621 27.23 40.15 89.17
C ALA A 1621 26.19 40.77 88.25
N LEU A 1622 26.44 42.01 87.83
CA LEU A 1622 25.53 42.77 86.99
C LEU A 1622 26.17 42.94 85.62
N LYS A 1623 25.51 42.42 84.59
CA LYS A 1623 25.99 42.50 83.22
C LYS A 1623 25.24 43.60 82.51
N THR A 1624 25.94 44.68 82.15
CA THR A 1624 25.36 45.84 81.51
C THR A 1624 25.80 45.90 80.05
N SER A 1625 24.83 45.92 79.15
CA SER A 1625 25.09 46.04 77.73
C SER A 1625 24.85 47.48 77.29
N ILE A 1626 25.90 48.12 76.79
CA ILE A 1626 25.85 49.51 76.34
C ILE A 1626 25.61 49.50 74.84
N GLN A 1627 24.64 50.28 74.37
CA GLN A 1627 24.36 50.41 72.95
C GLN A 1627 24.21 51.89 72.64
N HIS A 1628 24.60 52.28 71.44
CA HIS A 1628 24.38 53.64 70.94
C HIS A 1628 23.25 53.57 69.92
N VAL A 1629 22.10 54.16 70.26
CA VAL A 1629 20.86 53.92 69.55
C VAL A 1629 20.44 55.13 68.72
N GLY A 1630 20.72 56.34 69.19
CA GLY A 1630 20.25 57.53 68.51
C GLY A 1630 21.04 58.76 68.91
N MET A 1631 20.62 59.89 68.36
CA MET A 1631 21.22 61.18 68.63
C MET A 1631 20.15 62.17 69.07
N ILE A 1632 20.54 63.10 69.93
CA ILE A 1632 19.64 64.15 70.42
C ILE A 1632 20.43 65.45 70.50
N ASN A 1633 20.18 66.37 69.58
CA ASN A 1633 20.83 67.69 69.56
C ASN A 1633 22.36 67.54 69.54
N GLY A 1634 22.84 66.61 68.74
CA GLY A 1634 24.28 66.39 68.63
C GLY A 1634 24.88 65.54 69.72
N ARG A 1635 24.07 65.02 70.64
CA ARG A 1635 24.54 64.15 71.72
C ARG A 1635 24.16 62.71 71.42
N LYS A 1636 25.14 61.82 71.48
CA LYS A 1636 24.89 60.40 71.31
C LYS A 1636 23.94 59.91 72.40
N LEU A 1637 22.89 59.20 71.99
CA LEU A 1637 21.92 58.62 72.91
C LEU A 1637 22.30 57.15 73.11
N ILE A 1638 22.79 56.84 74.30
CA ILE A 1638 23.29 55.50 74.65
C ILE A 1638 22.29 54.84 75.57
N LYS A 1639 21.74 53.71 75.15
CA LYS A 1639 20.89 52.89 75.99
C LYS A 1639 21.75 51.92 76.78
N PHE A 1640 21.32 51.62 78.01
CA PHE A 1640 21.93 50.57 78.81
C PHE A 1640 20.84 49.73 79.44
N GLU A 1641 21.12 48.44 79.59
CA GLU A 1641 20.17 47.46 80.14
C GLU A 1641 21.00 46.49 80.97
N THR A 1642 20.94 46.64 82.29
CA THR A 1642 21.65 45.77 83.21
C THR A 1642 20.81 44.56 83.56
N ARG A 1643 21.48 43.41 83.69
CA ARG A 1643 20.84 42.15 84.05
C ARG A 1643 21.61 41.50 85.18
N ASN A 1644 20.90 40.79 86.06
CA ASN A 1644 21.53 40.14 87.19
C ASN A 1644 22.07 38.78 86.75
N GLU A 1645 22.51 37.97 87.71
CA GLU A 1645 23.03 36.64 87.40
C GLU A 1645 21.93 35.75 86.81
N ASP A 1646 20.68 35.99 87.17
CA ASP A 1646 19.56 35.19 86.69
C ASP A 1646 19.04 35.67 85.33
N ASP A 1647 19.79 36.51 84.62
CA ASP A 1647 19.39 37.01 83.30
C ASP A 1647 18.11 37.83 83.39
N VAL A 1648 17.89 38.46 84.54
CA VAL A 1648 16.70 39.28 84.79
C VAL A 1648 17.14 40.73 84.78
N VAL A 1649 16.44 41.56 84.01
CA VAL A 1649 16.79 42.97 83.93
C VAL A 1649 16.52 43.64 85.27
N VAL A 1650 17.54 44.32 85.80
CA VAL A 1650 17.44 45.02 87.08
C VAL A 1650 17.64 46.52 86.94
N LEU A 1651 18.02 47.00 85.76
CA LEU A 1651 18.28 48.42 85.55
C LEU A 1651 18.16 48.69 84.06
N THR A 1652 17.66 49.86 83.70
CA THR A 1652 17.61 50.21 82.28
C THR A 1652 17.45 51.70 82.13
N GLY A 1653 18.07 52.27 81.11
CA GLY A 1653 17.94 53.70 80.92
C GLY A 1653 18.71 54.22 79.73
N GLU A 1654 18.84 55.54 79.70
CA GLU A 1654 19.43 56.29 78.60
C GLU A 1654 20.54 57.19 79.15
N ALA A 1655 21.44 57.61 78.27
CA ALA A 1655 22.48 58.58 78.58
C ALA A 1655 22.72 59.42 77.35
N GLU A 1656 23.12 60.67 77.56
CA GLU A 1656 23.39 61.62 76.48
C GLU A 1656 24.86 62.03 76.57
N ILE A 1657 25.67 61.46 75.69
CA ILE A 1657 27.11 61.65 75.68
C ILE A 1657 27.45 62.65 74.57
N GLU A 1658 28.08 63.75 74.94
CA GLU A 1658 28.48 64.72 73.92
C GLU A 1658 29.46 64.07 72.95
N GLN A 1659 29.36 64.47 71.69
CA GLN A 1659 30.33 64.01 70.71
C GLN A 1659 31.68 64.68 70.99
N PRO A 1660 32.76 64.12 70.46
CA PRO A 1660 34.06 64.81 70.58
C PRO A 1660 34.00 66.20 69.99
N VAL A 1661 35.00 67.01 70.33
CA VAL A 1661 35.04 68.40 69.86
C VAL A 1661 34.99 68.39 68.35
N THR A 1662 33.96 69.02 67.78
CA THR A 1662 33.65 68.95 66.36
C THR A 1662 33.81 70.31 65.71
N THR A 1663 34.38 70.30 64.51
CA THR A 1663 34.42 71.46 63.64
C THR A 1663 33.79 71.09 62.31
N PHE A 1664 33.10 72.06 61.72
CA PHE A 1664 32.49 71.90 60.40
C PHE A 1664 33.18 72.87 59.44
N VAL A 1665 33.98 72.32 58.53
CA VAL A 1665 34.71 73.11 57.55
C VAL A 1665 34.02 72.95 56.20
N PHE A 1666 33.58 74.07 55.63
CA PHE A 1666 32.76 74.08 54.43
C PHE A 1666 33.61 74.44 53.21
N THR A 1667 33.61 73.54 52.23
CA THR A 1667 34.45 73.68 51.04
C THR A 1667 33.99 74.87 50.20
N GLY A 1668 34.94 75.47 49.49
CA GLY A 1668 34.66 76.49 48.50
C GLY A 1668 35.18 76.14 47.12
N GLN A 1669 36.23 75.31 47.07
CA GLN A 1669 36.91 74.96 45.84
C GLN A 1669 36.74 73.48 45.53
N GLY A 1670 35.52 72.98 45.71
CA GLY A 1670 35.22 71.60 45.42
C GLY A 1670 35.04 71.35 43.92
N SER A 1671 34.76 70.10 43.59
CA SER A 1671 34.57 69.70 42.21
C SER A 1671 33.15 70.01 41.76
N GLN A 1672 33.04 70.62 40.59
CA GLN A 1672 31.74 70.95 39.99
C GLN A 1672 31.24 69.83 39.09
N GLU A 1673 31.21 68.62 39.62
CA GLU A 1673 30.77 67.46 38.86
C GLU A 1673 29.24 67.39 38.81
N GLN A 1674 28.73 66.75 37.77
CA GLN A 1674 27.30 66.60 37.61
C GLN A 1674 26.72 65.70 38.70
N GLY A 1675 25.46 65.94 39.03
CA GLY A 1675 24.80 65.17 40.07
C GLY A 1675 25.36 65.41 41.45
N MET A 1676 25.69 66.65 41.77
CA MET A 1676 26.27 67.00 43.06
C MET A 1676 25.17 67.12 44.10
N GLY A 1677 25.26 66.32 45.15
CA GLY A 1677 24.26 66.29 46.20
C GLY A 1677 22.95 65.64 45.81
N MET A 1678 22.89 65.00 44.65
CA MET A 1678 21.62 64.44 44.18
C MET A 1678 21.21 63.22 44.97
N ASP A 1679 22.16 62.40 45.44
CA ASP A 1679 21.79 61.26 46.27
C ASP A 1679 21.11 61.73 47.55
N LEU A 1680 21.67 62.76 48.19
CA LEU A 1680 21.02 63.33 49.36
C LEU A 1680 19.69 63.97 49.00
N TYR A 1681 19.59 64.56 47.80
CA TYR A 1681 18.33 65.13 47.38
C TYR A 1681 17.26 64.05 47.26
N LYS A 1682 17.63 62.87 46.75
CA LYS A 1682 16.68 61.77 46.66
C LYS A 1682 16.28 61.27 48.03
N THR A 1683 17.26 61.02 48.91
CA THR A 1683 16.97 60.39 50.19
C THR A 1683 16.46 61.37 51.25
N SER A 1684 17.29 62.32 51.65
CA SER A 1684 17.00 63.14 52.82
C SER A 1684 15.85 64.10 52.54
N LYS A 1685 14.94 64.22 53.51
CA LYS A 1685 13.79 65.12 53.34
C LYS A 1685 14.20 66.57 53.54
N ALA A 1686 15.14 66.84 54.47
CA ALA A 1686 15.62 68.20 54.66
C ALA A 1686 16.36 68.70 53.43
N ALA A 1687 17.15 67.84 52.80
CA ALA A 1687 17.81 68.21 51.55
C ALA A 1687 16.79 68.49 50.46
N GLN A 1688 15.73 67.67 50.38
CA GLN A 1688 14.65 67.95 49.44
C GLN A 1688 14.07 69.33 49.68
N ASP A 1689 13.76 69.64 50.95
CA ASP A 1689 13.13 70.93 51.25
C ASP A 1689 14.04 72.08 50.86
N VAL A 1690 15.33 71.97 51.18
CA VAL A 1690 16.25 73.09 50.93
C VAL A 1690 16.46 73.28 49.43
N TRP A 1691 16.65 72.17 48.70
CA TRP A 1691 16.85 72.27 47.26
C TRP A 1691 15.59 72.79 46.58
N ASN A 1692 14.42 72.36 47.03
CA ASN A 1692 13.18 72.85 46.45
C ASN A 1692 13.00 74.34 46.71
N ARG A 1693 13.31 74.80 47.92
CA ARG A 1693 13.21 76.23 48.20
C ARG A 1693 14.14 77.02 47.31
N ALA A 1694 15.39 76.56 47.17
CA ALA A 1694 16.34 77.26 46.31
C ALA A 1694 15.87 77.28 44.86
N ASP A 1695 15.40 76.13 44.35
CA ASP A 1695 14.96 76.06 42.97
C ASP A 1695 13.74 76.94 42.73
N ASN A 1696 12.79 76.95 43.67
CA ASN A 1696 11.62 77.80 43.53
C ASN A 1696 12.01 79.27 43.51
N HIS A 1697 12.92 79.68 44.40
CA HIS A 1697 13.35 81.07 44.41
C HIS A 1697 14.06 81.43 43.10
N PHE A 1698 14.91 80.54 42.61
CA PHE A 1698 15.62 80.83 41.37
C PHE A 1698 14.66 80.92 40.20
N LYS A 1699 13.67 80.03 40.14
CA LYS A 1699 12.66 80.10 39.08
C LYS A 1699 11.88 81.40 39.15
N ASP A 1700 11.48 81.80 40.36
CA ASP A 1700 10.70 83.03 40.50
C ASP A 1700 11.52 84.25 40.11
N THR A 1701 12.79 84.30 40.54
CA THR A 1701 13.58 85.52 40.37
C THR A 1701 14.21 85.60 38.99
N TYR A 1702 14.99 84.58 38.60
CA TYR A 1702 15.75 84.60 37.36
C TYR A 1702 15.27 83.57 36.34
N GLY A 1703 14.23 82.80 36.66
CA GLY A 1703 13.65 81.90 35.68
C GLY A 1703 14.54 80.78 35.22
N PHE A 1704 15.35 80.21 36.11
CA PHE A 1704 16.11 79.00 35.83
C PHE A 1704 16.10 78.10 37.04
N SER A 1705 16.36 76.82 36.80
CA SER A 1705 16.31 75.78 37.82
C SER A 1705 17.73 75.34 38.16
N ILE A 1706 18.18 75.66 39.37
CA ILE A 1706 19.50 75.21 39.80
C ILE A 1706 19.51 73.69 39.91
N LEU A 1707 18.38 73.09 40.32
CA LEU A 1707 18.30 71.63 40.33
C LEU A 1707 18.49 71.06 38.93
N ASP A 1708 17.85 71.66 37.93
CA ASP A 1708 18.03 71.19 36.56
C ASP A 1708 19.47 71.36 36.11
N ILE A 1709 20.10 72.48 36.46
CA ILE A 1709 21.48 72.72 36.07
C ILE A 1709 22.39 71.67 36.71
N VAL A 1710 22.18 71.37 37.98
CA VAL A 1710 23.01 70.37 38.65
C VAL A 1710 22.79 68.99 38.04
N ILE A 1711 21.53 68.65 37.74
CA ILE A 1711 21.21 67.31 37.27
C ILE A 1711 21.78 67.08 35.86
N ASN A 1712 21.56 68.03 34.95
CA ASN A 1712 21.84 67.83 33.54
C ASN A 1712 23.15 68.47 33.08
N ASN A 1713 23.50 69.63 33.65
CA ASN A 1713 24.68 70.38 33.27
C ASN A 1713 24.62 70.76 31.79
N PRO A 1714 23.62 71.54 31.38
CA PRO A 1714 23.54 71.93 29.97
C PRO A 1714 24.69 72.85 29.59
N VAL A 1715 25.12 72.75 28.34
CA VAL A 1715 26.18 73.62 27.85
C VAL A 1715 25.69 75.06 27.78
N ASN A 1716 24.45 75.26 27.32
CA ASN A 1716 23.84 76.57 27.20
C ASN A 1716 22.45 76.54 27.83
N LEU A 1717 22.01 77.69 28.30
CA LEU A 1717 20.72 77.83 28.96
C LEU A 1717 20.11 79.17 28.58
N THR A 1718 18.97 79.13 27.89
CA THR A 1718 18.29 80.32 27.42
C THR A 1718 17.14 80.65 28.35
N ILE A 1719 17.13 81.88 28.85
CA ILE A 1719 16.04 82.40 29.69
C ILE A 1719 15.23 83.34 28.81
N HIS A 1720 13.92 83.15 28.81
CA HIS A 1720 13.03 83.89 27.92
C HIS A 1720 12.16 84.83 28.73
N PHE A 1721 11.87 85.99 28.15
CA PHE A 1721 11.18 87.08 28.83
C PHE A 1721 9.82 87.36 28.21
N GLY A 1722 9.07 86.33 27.86
CA GLY A 1722 7.72 86.50 27.34
C GLY A 1722 6.68 86.44 28.43
N GLY A 1723 5.65 87.27 28.29
CA GLY A 1723 4.57 87.31 29.25
C GLY A 1723 4.94 88.12 30.48
N GLU A 1724 3.98 88.17 31.42
CA GLU A 1724 4.18 88.93 32.65
C GLU A 1724 5.32 88.34 33.48
N LYS A 1725 5.36 87.02 33.62
CA LYS A 1725 6.43 86.39 34.37
C LYS A 1725 7.78 86.63 33.71
N GLY A 1726 7.82 86.55 32.38
CA GLY A 1726 9.06 86.82 31.67
C GLY A 1726 9.53 88.25 31.85
N LYS A 1727 8.60 89.21 31.81
CA LYS A 1727 8.98 90.60 32.04
C LYS A 1727 9.48 90.80 33.46
N ARG A 1728 8.86 90.14 34.44
CA ARG A 1728 9.34 90.24 35.81
C ARG A 1728 10.76 89.69 35.93
N ILE A 1729 11.02 88.54 35.30
CA ILE A 1729 12.36 87.97 35.33
C ILE A 1729 13.35 88.89 34.63
N ARG A 1730 12.92 89.53 33.53
CA ARG A 1730 13.81 90.44 32.82
C ARG A 1730 14.18 91.64 33.67
N GLU A 1731 13.20 92.21 34.37
CA GLU A 1731 13.52 93.33 35.25
C GLU A 1731 14.39 92.89 36.42
N ASN A 1732 14.20 91.65 36.89
CA ASN A 1732 15.09 91.11 37.91
C ASN A 1732 16.52 91.02 37.39
N TYR A 1733 16.68 90.58 36.15
CA TYR A 1733 18.01 90.49 35.55
C TYR A 1733 18.63 91.87 35.39
N SER A 1734 17.83 92.86 34.99
CA SER A 1734 18.35 94.21 34.78
C SER A 1734 18.66 94.92 36.08
N ALA A 1735 17.94 94.63 37.16
CA ALA A 1735 18.12 95.37 38.40
C ALA A 1735 19.51 95.17 38.98
N MET A 1736 20.01 93.93 38.98
CA MET A 1736 21.26 93.63 39.65
C MET A 1736 22.43 94.28 38.92
N ILE A 1737 23.29 94.94 39.70
CA ILE A 1737 24.36 95.77 39.17
C ILE A 1737 25.57 95.66 40.08
N PHE A 1738 26.76 95.62 39.49
CA PHE A 1738 28.01 95.56 40.23
C PHE A 1738 28.53 96.98 40.39
N GLU A 1739 28.52 97.48 41.63
CA GLU A 1739 28.93 98.84 41.94
C GLU A 1739 30.36 98.85 42.45
N THR A 1740 31.11 99.88 42.06
CA THR A 1740 32.51 100.02 42.38
C THR A 1740 32.79 101.45 42.84
N ILE A 1741 33.82 101.62 43.67
CA ILE A 1741 34.18 102.91 44.22
C ILE A 1741 35.52 103.31 43.60
N VAL A 1742 35.50 104.31 42.73
CA VAL A 1742 36.70 104.83 42.09
C VAL A 1742 36.76 106.33 42.32
N ASP A 1743 37.87 106.79 42.89
CA ASP A 1743 38.05 108.21 43.21
C ASP A 1743 36.93 108.71 44.13
N GLY A 1744 36.48 107.83 45.01
CA GLY A 1744 35.36 108.18 45.88
C GLY A 1744 34.08 108.44 45.12
N LYS A 1745 33.89 107.77 43.99
CA LYS A 1745 32.68 107.91 43.18
C LYS A 1745 32.09 106.53 42.91
N LEU A 1746 30.77 106.44 42.99
CA LEU A 1746 30.04 105.18 42.92
C LEU A 1746 29.71 104.88 41.46
N LYS A 1747 30.66 104.26 40.76
CA LYS A 1747 30.40 103.85 39.39
C LYS A 1747 29.61 102.54 39.36
N THR A 1748 28.70 102.44 38.40
CA THR A 1748 27.80 101.30 38.26
C THR A 1748 28.14 100.56 36.98
N GLU A 1749 28.30 99.24 37.08
CA GLU A 1749 28.53 98.37 35.94
C GLU A 1749 27.36 97.41 35.87
N LYS A 1750 26.60 97.46 34.77
CA LYS A 1750 25.41 96.65 34.63
C LYS A 1750 25.80 95.24 34.21
N ILE A 1751 25.48 94.26 35.05
CA ILE A 1751 25.64 92.86 34.68
C ILE A 1751 24.59 92.51 33.64
N PHE A 1752 24.92 91.55 32.77
CA PHE A 1752 24.06 91.18 31.65
C PHE A 1752 23.84 92.37 30.71
N LYS A 1753 24.93 92.76 30.06
CA LYS A 1753 24.89 93.89 29.13
C LYS A 1753 23.85 93.67 28.04
N GLU A 1754 23.71 92.44 27.57
CA GLU A 1754 22.73 92.13 26.51
C GLU A 1754 21.35 91.85 27.09
N ILE A 1755 20.87 92.75 27.94
CA ILE A 1755 19.51 92.70 28.46
C ILE A 1755 19.02 94.14 28.58
N ASN A 1756 17.83 94.40 28.07
CA ASN A 1756 17.24 95.72 28.09
C ASN A 1756 15.73 95.56 27.96
N GLU A 1757 15.02 96.68 27.88
CA GLU A 1757 13.56 96.63 27.83
C GLU A 1757 13.08 95.87 26.59
N HIS A 1758 13.82 95.95 25.49
CA HIS A 1758 13.45 95.27 24.26
C HIS A 1758 14.03 93.87 24.14
N SER A 1759 14.81 93.42 25.13
CA SER A 1759 15.40 92.09 25.05
C SER A 1759 14.35 91.01 25.33
N THR A 1760 14.30 90.02 24.46
CA THR A 1760 13.35 88.92 24.58
C THR A 1760 13.95 87.68 25.25
N SER A 1761 15.27 87.57 25.31
CA SER A 1761 15.88 86.43 25.97
C SER A 1761 17.34 86.73 26.26
N TYR A 1762 17.92 85.89 27.12
CA TYR A 1762 19.34 85.92 27.44
C TYR A 1762 19.86 84.50 27.56
N THR A 1763 20.99 84.23 26.92
CA THR A 1763 21.58 82.88 26.92
C THR A 1763 22.86 82.89 27.72
N PHE A 1764 22.95 81.97 28.68
CA PHE A 1764 24.20 81.73 29.41
C PHE A 1764 25.12 80.89 28.56
N ARG A 1765 26.34 81.39 28.36
CA ARG A 1765 27.32 80.75 27.48
C ARG A 1765 28.40 80.08 28.32
N SER A 1766 28.75 78.85 27.96
CA SER A 1766 29.82 78.12 28.63
C SER A 1766 30.54 77.26 27.61
N GLU A 1767 31.80 76.96 27.92
CA GLU A 1767 32.63 76.16 27.02
C GLU A 1767 32.24 74.69 27.07
N LYS A 1768 32.36 74.07 28.24
CA LYS A 1768 32.07 72.66 28.43
C LYS A 1768 30.72 72.42 29.09
N GLY A 1769 30.40 73.18 30.14
CA GLY A 1769 29.12 73.04 30.80
C GLY A 1769 28.87 74.24 31.70
N LEU A 1770 27.58 74.48 31.96
CA LEU A 1770 27.21 75.60 32.80
C LEU A 1770 27.50 75.32 34.28
N LEU A 1771 27.49 74.05 34.67
CA LEU A 1771 27.79 73.72 36.06
C LEU A 1771 29.23 74.06 36.42
N SER A 1772 30.11 74.20 35.41
CA SER A 1772 31.46 74.67 35.67
C SER A 1772 31.53 76.18 35.83
N ALA A 1773 30.52 76.91 35.36
CA ALA A 1773 30.52 78.35 35.49
C ALA A 1773 30.37 78.76 36.96
N THR A 1774 31.11 79.82 37.33
CA THR A 1774 31.09 80.26 38.73
C THR A 1774 29.70 80.71 39.15
N GLN A 1775 28.93 81.28 38.21
CA GLN A 1775 27.61 81.78 38.55
C GLN A 1775 26.68 80.66 39.00
N PHE A 1776 26.87 79.45 38.46
CA PHE A 1776 26.07 78.29 38.82
C PHE A 1776 26.82 77.28 39.68
N THR A 1777 28.15 77.26 39.59
CA THR A 1777 28.92 76.36 40.45
C THR A 1777 28.78 76.76 41.92
N GLN A 1778 28.90 78.04 42.21
CA GLN A 1778 28.87 78.48 43.60
C GLN A 1778 27.50 78.29 44.25
N PRO A 1779 26.37 78.68 43.63
CA PRO A 1779 25.09 78.32 44.23
C PRO A 1779 24.91 76.84 44.43
N ALA A 1780 25.37 76.02 43.48
CA ALA A 1780 25.24 74.57 43.63
C ALA A 1780 26.04 74.06 44.81
N LEU A 1781 27.27 74.56 44.97
CA LEU A 1781 28.10 74.13 46.10
C LEU A 1781 27.49 74.56 47.43
N THR A 1782 27.04 75.82 47.50
CA THR A 1782 26.43 76.29 48.74
C THR A 1782 25.18 75.49 49.07
N LEU A 1783 24.37 75.19 48.07
CA LEU A 1783 23.14 74.46 48.31
C LEU A 1783 23.41 73.02 48.72
N MET A 1784 24.39 72.36 48.09
CA MET A 1784 24.69 71.00 48.48
C MET A 1784 25.24 70.95 49.90
N GLU A 1785 26.08 71.91 50.26
CA GLU A 1785 26.63 71.92 51.61
C GLU A 1785 25.55 72.21 52.64
N LYS A 1786 24.68 73.18 52.35
CA LYS A 1786 23.59 73.48 53.27
C LYS A 1786 22.62 72.31 53.38
N ALA A 1787 22.38 71.59 52.28
CA ALA A 1787 21.51 70.42 52.33
C ALA A 1787 22.14 69.32 53.17
N ALA A 1788 23.44 69.09 53.01
CA ALA A 1788 24.13 68.11 53.84
C ALA A 1788 24.02 68.48 55.31
N PHE A 1789 24.24 69.75 55.63
CA PHE A 1789 24.16 70.15 57.03
C PHE A 1789 22.74 70.04 57.58
N GLU A 1790 21.74 70.37 56.76
CA GLU A 1790 20.36 70.27 57.22
C GLU A 1790 19.96 68.81 57.44
N ASP A 1791 20.44 67.90 56.58
CA ASP A 1791 20.22 66.48 56.83
C ASP A 1791 20.90 66.05 58.12
N LEU A 1792 22.13 66.52 58.36
CA LEU A 1792 22.81 66.18 59.61
C LEU A 1792 22.03 66.71 60.82
N LYS A 1793 21.51 67.93 60.71
CA LYS A 1793 20.76 68.51 61.83
C LYS A 1793 19.46 67.76 62.07
N SER A 1794 18.77 67.35 60.99
CA SER A 1794 17.58 66.54 61.15
C SER A 1794 17.91 65.19 61.79
N LYS A 1795 19.08 64.65 61.48
CA LYS A 1795 19.54 63.43 62.13
C LYS A 1795 20.08 63.66 63.54
N GLY A 1796 20.26 64.91 63.94
CA GLY A 1796 20.72 65.21 65.29
C GLY A 1796 22.21 65.04 65.50
N LEU A 1797 23.00 65.23 64.44
CA LEU A 1797 24.44 64.97 64.47
C LEU A 1797 25.26 66.26 64.62
N ILE A 1798 24.63 67.35 65.03
CA ILE A 1798 25.29 68.65 65.13
C ILE A 1798 25.48 69.00 66.60
N PRO A 1799 26.69 68.94 67.16
CA PRO A 1799 26.87 69.37 68.55
C PRO A 1799 26.54 70.85 68.70
N ALA A 1800 25.97 71.20 69.85
CA ALA A 1800 25.60 72.59 70.11
C ALA A 1800 26.84 73.48 70.16
N ASP A 1801 27.92 72.99 70.75
CA ASP A 1801 29.15 73.75 70.90
C ASP A 1801 30.13 73.57 69.74
N ALA A 1802 29.73 72.86 68.69
CA ALA A 1802 30.63 72.63 67.57
C ALA A 1802 31.01 73.94 66.91
N THR A 1803 32.26 74.03 66.46
CA THR A 1803 32.76 75.20 65.77
C THR A 1803 32.61 75.02 64.26
N PHE A 1804 32.84 76.10 63.50
CA PHE A 1804 32.70 75.99 62.06
C PHE A 1804 33.50 77.07 61.37
N ALA A 1805 33.96 76.75 60.17
CA ALA A 1805 34.71 77.63 59.30
C ALA A 1805 34.37 77.30 57.85
N GLY A 1806 34.76 78.18 56.95
CA GLY A 1806 34.47 77.96 55.54
C GLY A 1806 35.45 78.63 54.61
N HIS A 1807 35.80 77.93 53.54
CA HIS A 1807 36.73 78.43 52.54
C HIS A 1807 35.93 79.15 51.44
N SER A 1808 36.24 80.42 51.22
CA SER A 1808 35.61 81.23 50.18
C SER A 1808 34.10 81.25 50.46
N LEU A 1809 33.25 80.90 49.51
CA LEU A 1809 31.80 80.91 49.77
C LEU A 1809 31.37 79.76 50.67
N GLY A 1810 32.28 78.83 50.97
CA GLY A 1810 32.03 77.90 52.05
C GLY A 1810 31.76 78.62 53.36
N GLU A 1811 32.37 79.79 53.54
CA GLU A 1811 32.06 80.61 54.72
C GLU A 1811 30.60 81.02 54.73
N TYR A 1812 30.09 81.46 53.57
CA TYR A 1812 28.68 81.84 53.48
C TYR A 1812 27.78 80.64 53.77
N ALA A 1813 28.13 79.48 53.22
CA ALA A 1813 27.38 78.27 53.52
C ALA A 1813 27.42 77.97 55.01
N ALA A 1814 28.57 78.15 55.65
CA ALA A 1814 28.69 77.88 57.07
C ALA A 1814 27.83 78.83 57.89
N LEU A 1815 27.82 80.12 57.54
CA LEU A 1815 26.96 81.06 58.26
C LEU A 1815 25.49 80.70 58.10
N ALA A 1816 25.07 80.39 56.87
CA ALA A 1816 23.68 80.01 56.65
C ALA A 1816 23.34 78.67 57.29
N SER A 1817 24.33 77.83 57.57
CA SER A 1817 24.10 76.49 58.10
C SER A 1817 24.08 76.46 59.62
N LEU A 1818 25.18 76.86 60.26
CA LEU A 1818 25.29 76.76 61.71
C LEU A 1818 24.58 77.91 62.41
N ALA A 1819 24.74 79.13 61.90
CA ALA A 1819 24.18 80.31 62.54
C ALA A 1819 22.82 80.72 62.00
N ASP A 1820 22.48 80.31 60.77
CA ASP A 1820 21.20 80.67 60.14
C ASP A 1820 21.03 82.18 60.11
N VAL A 1821 22.10 82.91 59.80
CA VAL A 1821 22.03 84.37 59.75
C VAL A 1821 21.11 84.83 58.63
N MET A 1822 20.99 84.03 57.57
CA MET A 1822 20.12 84.34 56.44
C MET A 1822 19.44 83.07 55.96
N SER A 1823 18.29 83.25 55.33
CA SER A 1823 17.50 82.12 54.85
C SER A 1823 18.09 81.59 53.54
N ILE A 1824 17.45 80.57 53.00
CA ILE A 1824 17.92 79.99 51.74
C ILE A 1824 17.70 80.97 50.60
N GLU A 1825 16.59 81.70 50.63
CA GLU A 1825 16.29 82.66 49.59
C GLU A 1825 17.35 83.76 49.54
N SER A 1826 17.79 84.24 50.70
CA SER A 1826 18.84 85.25 50.73
C SER A 1826 20.20 84.66 50.40
N LEU A 1827 20.47 83.43 50.85
CA LEU A 1827 21.75 82.80 50.59
C LEU A 1827 21.96 82.60 49.09
N VAL A 1828 20.93 82.12 48.39
CA VAL A 1828 21.08 81.90 46.95
C VAL A 1828 21.25 83.23 46.23
N GLU A 1829 20.54 84.27 46.66
CA GLU A 1829 20.71 85.58 46.05
C GLU A 1829 22.13 86.07 46.22
N VAL A 1830 22.67 86.00 47.43
CA VAL A 1830 24.02 86.50 47.68
C VAL A 1830 25.04 85.70 46.87
N VAL A 1831 24.91 84.37 46.87
CA VAL A 1831 25.89 83.54 46.18
C VAL A 1831 25.81 83.76 44.68
N PHE A 1832 24.60 83.83 44.13
CA PHE A 1832 24.43 84.05 42.70
C PHE A 1832 24.96 85.42 42.29
N TYR A 1833 24.69 86.45 43.10
CA TYR A 1833 25.21 87.78 42.79
C TYR A 1833 26.73 87.79 42.83
N ARG A 1834 27.32 87.13 43.83
CA ARG A 1834 28.77 87.06 43.91
C ARG A 1834 29.36 86.35 42.70
N GLY A 1835 28.71 85.26 42.27
CA GLY A 1835 29.19 84.54 41.09
C GLY A 1835 29.07 85.36 39.82
N MET A 1836 27.97 86.10 39.69
CA MET A 1836 27.76 86.88 38.47
C MET A 1836 28.63 88.13 38.44
N THR A 1837 29.00 88.66 39.60
CA THR A 1837 29.91 89.82 39.64
C THR A 1837 31.27 89.46 39.06
N MET A 1838 31.64 88.19 39.08
CA MET A 1838 32.93 87.78 38.53
C MET A 1838 32.96 87.92 37.01
N GLN A 1839 31.79 88.02 36.36
CA GLN A 1839 31.79 88.18 34.90
C GLN A 1839 32.17 89.61 34.53
N VAL A 1840 31.93 90.58 35.41
CA VAL A 1840 32.17 91.98 35.12
C VAL A 1840 33.26 92.59 36.00
N ALA A 1841 33.81 91.85 36.97
CA ALA A 1841 34.76 92.43 37.89
C ALA A 1841 36.12 92.68 37.24
N VAL A 1842 36.43 92.01 36.14
CA VAL A 1842 37.67 92.21 35.42
C VAL A 1842 37.36 92.47 33.95
N PRO A 1843 38.17 93.25 33.24
CA PRO A 1843 37.94 93.40 31.79
C PRO A 1843 38.15 92.09 31.07
N ARG A 1844 37.35 91.87 30.03
CA ARG A 1844 37.41 90.65 29.23
C ARG A 1844 37.32 91.02 27.77
N ASP A 1845 37.97 90.20 26.93
CA ASP A 1845 37.92 90.41 25.49
C ASP A 1845 36.55 89.96 24.96
N GLU A 1846 36.42 90.00 23.62
CA GLU A 1846 35.14 89.61 23.01
C GLU A 1846 34.84 88.14 23.25
N LEU A 1847 35.86 87.30 23.38
CA LEU A 1847 35.67 85.87 23.58
C LEU A 1847 35.50 85.49 25.04
N GLY A 1848 35.56 86.44 25.97
CA GLY A 1848 35.29 86.19 27.36
C GLY A 1848 36.47 85.76 28.20
N ARG A 1849 37.64 85.54 27.60
CA ARG A 1849 38.82 85.14 28.35
C ARG A 1849 39.46 86.35 29.00
N SER A 1850 39.68 86.29 30.30
CA SER A 1850 40.21 87.39 31.07
C SER A 1850 41.73 87.29 31.21
N ASN A 1851 42.33 88.42 31.59
CA ASN A 1851 43.78 88.50 31.74
C ASN A 1851 44.24 88.00 33.11
N TYR A 1852 43.37 87.99 34.11
CA TYR A 1852 43.73 87.60 35.46
C TYR A 1852 43.55 86.09 35.67
N GLY A 1853 44.02 85.62 36.81
CA GLY A 1853 43.94 84.21 37.13
C GLY A 1853 44.60 83.89 38.45
N MET A 1854 44.74 82.59 38.70
CA MET A 1854 45.32 82.06 39.93
C MET A 1854 46.17 80.83 39.64
N ILE A 1855 47.27 80.72 40.39
CA ILE A 1855 48.09 79.51 40.42
C ILE A 1855 48.16 79.03 41.86
N ALA A 1856 48.48 77.74 42.01
CA ALA A 1856 48.70 77.11 43.31
C ALA A 1856 50.17 76.78 43.44
N ILE A 1857 50.83 77.41 44.41
CA ILE A 1857 52.27 77.28 44.63
C ILE A 1857 52.50 76.23 45.70
N ASN A 1858 53.56 75.43 45.51
CA ASN A 1858 53.96 74.37 46.43
C ASN A 1858 55.43 74.61 46.80
N PRO A 1859 55.72 75.35 47.88
CA PRO A 1859 57.13 75.61 48.23
C PRO A 1859 57.93 74.34 48.49
N GLY A 1860 57.29 73.28 48.97
CA GLY A 1860 58.01 72.04 49.22
C GLY A 1860 58.62 71.46 47.97
N ARG A 1861 57.91 71.56 46.84
CA ARG A 1861 58.45 71.06 45.58
C ARG A 1861 59.60 71.95 45.09
N VAL A 1862 59.52 73.25 45.34
CA VAL A 1862 60.60 74.14 44.94
C VAL A 1862 61.87 73.80 45.73
N ALA A 1863 61.73 73.69 47.05
CA ALA A 1863 62.87 73.35 47.88
C ALA A 1863 62.38 72.87 49.24
N ALA A 1864 63.23 72.13 49.94
CA ALA A 1864 62.89 71.63 51.26
C ALA A 1864 62.96 72.70 52.35
N SER A 1865 63.65 73.81 52.10
CA SER A 1865 63.78 74.89 53.08
C SER A 1865 63.15 76.18 52.55
N PHE A 1866 62.11 76.06 51.73
CA PHE A 1866 61.39 77.22 51.19
C PHE A 1866 60.25 77.54 52.15
N SER A 1867 60.41 78.63 52.90
CA SER A 1867 59.43 78.99 53.92
C SER A 1867 58.33 79.85 53.32
N GLN A 1868 57.22 79.96 54.06
CA GLN A 1868 56.14 80.83 53.64
C GLN A 1868 56.61 82.28 53.57
N GLU A 1869 57.50 82.67 54.50
CA GLU A 1869 58.07 84.01 54.43
C GLU A 1869 58.88 84.20 53.18
N ALA A 1870 59.63 83.18 52.76
CA ALA A 1870 60.41 83.28 51.53
C ALA A 1870 59.50 83.42 50.32
N LEU A 1871 58.43 82.62 50.24
CA LEU A 1871 57.52 82.73 49.11
C LEU A 1871 56.81 84.07 49.10
N GLN A 1872 56.42 84.56 50.27
CA GLN A 1872 55.77 85.86 50.36
C GLN A 1872 56.72 86.97 49.93
N TYR A 1873 57.99 86.88 50.34
CA TYR A 1873 59.00 87.83 49.90
C TYR A 1873 59.14 87.82 48.38
N VAL A 1874 59.24 86.62 47.79
CA VAL A 1874 59.34 86.52 46.34
C VAL A 1874 58.13 87.16 45.69
N VAL A 1875 56.93 86.91 46.25
CA VAL A 1875 55.71 87.43 45.64
C VAL A 1875 55.68 88.96 45.68
N GLU A 1876 55.96 89.55 46.85
CA GLU A 1876 55.92 91.02 46.91
C GLU A 1876 56.98 91.62 46.00
N ARG A 1877 58.19 91.06 45.99
CA ARG A 1877 59.25 91.66 45.17
C ARG A 1877 58.91 91.52 43.70
N VAL A 1878 58.36 90.39 43.27
CA VAL A 1878 57.92 90.24 41.89
C VAL A 1878 56.88 91.29 41.55
N GLY A 1879 55.85 91.42 42.39
CA GLY A 1879 54.80 92.36 42.12
C GLY A 1879 55.29 93.80 42.04
N LYS A 1880 56.12 94.20 43.00
CA LYS A 1880 56.57 95.59 43.05
C LYS A 1880 57.55 95.89 41.92
N ARG A 1881 58.49 94.98 41.65
CA ARG A 1881 59.45 95.21 40.58
C ARG A 1881 58.77 95.25 39.23
N THR A 1882 57.85 94.31 38.96
CA THR A 1882 57.22 94.25 37.66
C THR A 1882 56.12 95.29 37.49
N GLY A 1883 55.58 95.82 38.59
CA GLY A 1883 54.54 96.83 38.54
C GLY A 1883 53.14 96.27 38.43
N TRP A 1884 52.98 95.00 38.10
CA TRP A 1884 51.67 94.39 37.95
C TRP A 1884 51.12 93.98 39.31
N LEU A 1885 49.97 93.33 39.31
CA LEU A 1885 49.29 92.91 40.53
C LEU A 1885 49.45 91.41 40.71
N VAL A 1886 49.97 91.02 41.87
CA VAL A 1886 50.11 89.62 42.23
C VAL A 1886 50.24 89.53 43.74
N GLU A 1887 49.50 88.61 44.35
CA GLU A 1887 49.63 88.42 45.78
C GLU A 1887 49.00 87.10 46.19
N ILE A 1888 49.39 86.63 47.37
CA ILE A 1888 48.86 85.38 47.91
C ILE A 1888 47.43 85.62 48.40
N VAL A 1889 46.53 84.75 47.97
CA VAL A 1889 45.12 84.87 48.27
C VAL A 1889 44.66 83.81 49.27
N ASN A 1890 45.20 82.60 49.17
CA ASN A 1890 44.88 81.52 50.10
C ASN A 1890 46.16 80.94 50.67
N TYR A 1891 46.26 80.93 52.00
CA TYR A 1891 47.29 80.19 52.72
C TYR A 1891 46.64 78.90 53.18
N ASN A 1892 46.87 77.81 52.44
CA ASN A 1892 46.15 76.55 52.68
C ASN A 1892 46.91 75.61 53.61
N VAL A 1893 48.13 75.24 53.25
CA VAL A 1893 48.96 74.35 54.04
C VAL A 1893 50.32 74.99 54.23
N GLU A 1894 50.89 74.84 55.43
CA GLU A 1894 52.16 75.47 55.76
C GLU A 1894 53.28 74.96 54.85
N ASN A 1895 53.83 75.87 54.05
CA ASN A 1895 54.99 75.59 53.20
C ASN A 1895 54.75 74.46 52.21
N GLN A 1896 53.48 74.10 51.94
CA GLN A 1896 53.20 73.01 51.03
C GLN A 1896 52.06 73.33 50.06
N GLN A 1897 51.20 74.29 50.41
CA GLN A 1897 50.07 74.61 49.55
C GLN A 1897 49.64 76.06 49.76
N TYR A 1898 49.80 76.86 48.72
CA TYR A 1898 49.38 78.25 48.73
C TYR A 1898 48.73 78.55 47.39
N VAL A 1899 48.02 79.67 47.32
CA VAL A 1899 47.40 80.14 46.09
C VAL A 1899 47.80 81.60 45.89
N ALA A 1900 48.28 81.92 44.69
CA ALA A 1900 48.58 83.29 44.30
C ALA A 1900 47.61 83.71 43.19
N ALA A 1901 47.16 84.95 43.26
CA ALA A 1901 46.23 85.50 42.28
C ALA A 1901 46.75 86.83 41.76
N GLY A 1902 46.40 87.11 40.52
CA GLY A 1902 46.78 88.36 39.90
C GLY A 1902 46.67 88.25 38.40
N ASP A 1903 47.35 89.15 37.69
CA ASP A 1903 47.41 89.04 36.24
C ASP A 1903 48.01 87.68 35.88
N LEU A 1904 47.35 86.98 34.96
CA LEU A 1904 47.88 85.68 34.52
C LEU A 1904 49.29 85.83 33.96
N ARG A 1905 49.56 86.96 33.30
CA ARG A 1905 50.90 87.24 32.83
C ARG A 1905 51.88 87.35 33.98
N ALA A 1906 51.49 88.02 35.08
CA ALA A 1906 52.37 88.11 36.24
C ALA A 1906 52.53 86.77 36.92
N LEU A 1907 51.48 85.95 36.93
CA LEU A 1907 51.56 84.60 37.45
C LEU A 1907 52.56 83.78 36.66
N ASP A 1908 52.64 84.03 35.35
CA ASP A 1908 53.65 83.37 34.54
C ASP A 1908 55.06 83.76 35.00
N THR A 1909 55.29 85.05 35.30
CA THR A 1909 56.60 85.46 35.78
C THR A 1909 56.91 84.84 37.14
N VAL A 1910 55.91 84.76 38.02
CA VAL A 1910 56.13 84.14 39.32
C VAL A 1910 56.49 82.67 39.14
N THR A 1911 55.78 81.97 38.25
CA THR A 1911 56.09 80.57 37.98
C THR A 1911 57.50 80.42 37.43
N ASN A 1912 57.91 81.30 36.53
CA ASN A 1912 59.26 81.22 35.98
C ASN A 1912 60.31 81.51 37.04
N VAL A 1913 60.04 82.47 37.93
CA VAL A 1913 60.97 82.80 39.00
C VAL A 1913 61.15 81.60 39.93
N LEU A 1914 60.04 80.98 40.33
CA LEU A 1914 60.14 79.81 41.19
C LEU A 1914 60.77 78.63 40.46
N ASN A 1915 60.58 78.53 39.14
CA ASN A 1915 61.27 77.50 38.38
C ASN A 1915 62.77 77.73 38.39
N PHE A 1916 63.19 78.98 38.24
CA PHE A 1916 64.60 79.32 38.35
C PHE A 1916 65.15 78.93 39.71
N ILE A 1917 64.42 79.27 40.77
CA ILE A 1917 64.87 78.97 42.14
C ILE A 1917 64.97 77.46 42.34
N LYS A 1918 63.99 76.71 41.83
CA LYS A 1918 64.01 75.27 41.96
C LYS A 1918 65.19 74.65 41.20
N LEU A 1919 65.34 75.03 39.93
CA LEU A 1919 66.37 74.42 39.09
C LEU A 1919 67.76 74.73 39.64
N GLN A 1920 68.04 75.98 39.99
CA GLN A 1920 69.28 76.34 40.65
C GLN A 1920 69.15 76.08 42.15
N LYS A 1921 70.22 76.38 42.88
CA LYS A 1921 70.26 76.20 44.33
C LYS A 1921 69.84 77.46 45.08
N ILE A 1922 69.40 78.50 44.39
CA ILE A 1922 69.04 79.76 45.04
C ILE A 1922 67.85 79.54 45.97
N GLU A 1934 70.00 94.00 51.00
CA GLU A 1934 69.87 94.72 49.73
C GLU A 1934 70.44 93.89 48.59
N GLU A 1935 71.52 93.15 48.86
CA GLU A 1935 72.10 92.30 47.85
C GLU A 1935 71.13 91.21 47.42
N VAL A 1936 70.44 90.59 48.38
CA VAL A 1936 69.44 89.58 48.04
C VAL A 1936 68.32 90.22 47.24
N GLU A 1937 67.92 91.44 47.60
CA GLU A 1937 66.85 92.12 46.88
C GLU A 1937 67.24 92.36 45.43
N GLY A 1938 68.48 92.83 45.19
CA GLY A 1938 68.92 93.05 43.82
C GLY A 1938 69.06 91.76 43.04
N HIS A 1939 69.58 90.72 43.68
CA HIS A 1939 69.73 89.43 43.00
C HIS A 1939 68.37 88.87 42.60
N LEU A 1940 67.37 89.04 43.46
CA LEU A 1940 66.01 88.61 43.10
C LEU A 1940 65.41 89.52 42.03
N PHE A 1941 65.73 90.82 42.08
CA PHE A 1941 65.19 91.74 41.08
C PHE A 1941 65.70 91.39 39.69
N GLU A 1942 66.94 90.92 39.59
CA GLU A 1942 67.45 90.47 38.29
C GLU A 1942 66.60 89.35 37.72
N ILE A 1943 66.29 88.34 38.55
CA ILE A 1943 65.43 87.24 38.10
C ILE A 1943 64.04 87.76 37.75
N ILE A 1944 63.55 88.73 38.53
CA ILE A 1944 62.22 89.29 38.29
C ILE A 1944 62.17 89.97 36.93
N ASP A 1945 63.20 90.76 36.60
CA ASP A 1945 63.24 91.41 35.30
C ASP A 1945 63.33 90.39 34.18
N GLU A 1946 64.17 89.35 34.37
CA GLU A 1946 64.27 88.30 33.35
C GLU A 1946 62.92 87.67 33.07
N ALA A 1947 62.22 87.23 34.12
CA ALA A 1947 60.91 86.62 33.95
C ALA A 1947 59.89 87.61 33.38
N SER A 1948 59.92 88.87 33.83
CA SER A 1948 58.96 89.85 33.37
C SER A 1948 59.08 90.09 31.88
N LYS A 1949 60.30 90.23 31.38
CA LYS A 1949 60.51 90.43 29.94
C LYS A 1949 60.49 89.13 29.15
N LYS A 1950 60.51 87.98 29.82
CA LYS A 1950 60.30 86.71 29.12
C LYS A 1950 58.83 86.39 28.93
N SER A 1951 57.96 86.79 29.86
CA SER A 1951 56.54 86.44 29.79
C SER A 1951 55.68 87.47 29.08
N ALA A 1952 56.02 88.76 29.18
CA ALA A 1952 55.14 89.80 28.67
C ALA A 1952 55.00 89.75 27.15
N VAL A 1953 55.91 89.10 26.44
CA VAL A 1953 55.85 89.07 24.98
C VAL A 1953 54.63 88.33 24.47
N LYS A 1954 54.06 87.42 25.27
CA LYS A 1954 52.94 86.62 24.82
C LYS A 1954 51.68 87.48 24.73
N PRO A 1955 50.66 87.00 24.01
CA PRO A 1955 49.39 87.75 23.95
C PRO A 1955 48.77 87.89 25.33
N ARG A 1956 47.95 88.94 25.48
CA ARG A 1956 47.35 89.24 26.79
C ARG A 1956 46.53 88.09 27.36
N PRO A 1957 45.62 87.42 26.61
CA PRO A 1957 44.90 86.26 27.14
C PRO A 1957 45.70 84.96 27.01
N LEU A 1958 46.90 84.94 27.58
CA LEU A 1958 47.78 83.78 27.48
C LEU A 1958 47.26 82.66 28.37
N LYS A 1959 48.00 81.55 28.37
CA LYS A 1959 47.72 80.40 29.22
C LYS A 1959 48.90 80.21 30.16
N LEU A 1960 48.62 80.19 31.46
CA LEU A 1960 49.66 80.01 32.46
C LEU A 1960 50.15 78.56 32.43
N GLU A 1961 51.42 78.37 32.11
CA GLU A 1961 51.99 77.03 32.03
C GLU A 1961 52.26 76.50 33.43
N ARG A 1962 52.01 75.20 33.62
CA ARG A 1962 52.26 74.58 34.91
C ARG A 1962 53.75 74.38 35.10
N GLY A 1963 54.26 74.80 36.26
CA GLY A 1963 55.66 74.64 36.61
C GLY A 1963 55.90 73.37 37.41
N PHE A 1964 57.15 73.22 37.84
CA PHE A 1964 57.51 72.09 38.70
C PHE A 1964 56.79 72.17 40.05
N ALA A 1965 56.40 73.37 40.48
CA ALA A 1965 55.70 73.55 41.74
C ALA A 1965 54.44 74.40 41.64
N CYS A 1966 54.13 74.95 40.47
CA CYS A 1966 52.96 75.80 40.29
C CYS A 1966 51.92 75.07 39.44
N ILE A 1967 50.68 75.11 39.91
CA ILE A 1967 49.56 74.44 39.26
C ILE A 1967 48.49 75.49 38.97
N PRO A 1968 48.32 75.93 37.71
CA PRO A 1968 47.27 76.91 37.42
C PRO A 1968 45.89 76.34 37.72
N LEU A 1969 45.00 77.20 38.21
CA LEU A 1969 43.66 76.77 38.57
C LEU A 1969 42.75 76.91 37.35
N VAL A 1970 42.15 75.81 36.93
CA VAL A 1970 41.32 75.78 35.73
C VAL A 1970 39.98 76.44 36.04
N GLY A 1971 39.54 77.32 35.14
CA GLY A 1971 38.24 77.95 35.24
C GLY A 1971 38.20 79.21 36.08
N ILE A 1972 39.27 79.53 36.79
CA ILE A 1972 39.34 80.74 37.62
C ILE A 1972 39.89 81.86 36.74
N SER A 1973 39.21 83.01 36.75
CA SER A 1973 39.55 84.12 35.88
C SER A 1973 39.51 85.49 36.55
N VAL A 1974 39.26 85.55 37.85
CA VAL A 1974 39.20 86.82 38.58
C VAL A 1974 40.09 86.71 39.81
N PRO A 1975 40.81 87.78 40.23
CA PRO A 1975 41.58 87.66 41.48
C PRO A 1975 40.72 87.97 42.70
N PHE A 1976 39.93 87.00 43.14
CA PHE A 1976 39.19 87.16 44.38
C PHE A 1976 40.08 86.81 45.56
N HIS A 1977 39.66 87.27 46.75
CA HIS A 1977 40.50 87.23 47.94
C HIS A 1977 41.81 87.98 47.72
N SER A 1978 41.72 89.12 47.04
CA SER A 1978 42.88 89.92 46.69
C SER A 1978 42.55 91.40 46.87
N THR A 1979 43.60 92.22 46.89
CA THR A 1979 43.43 93.66 47.01
C THR A 1979 42.78 94.27 45.77
N TYR A 1980 42.69 93.53 44.67
CA TYR A 1980 42.11 94.09 43.45
C TYR A 1980 40.66 94.50 43.66
N LEU A 1981 39.87 93.66 44.33
CA LEU A 1981 38.47 93.96 44.60
C LEU A 1981 38.29 94.66 45.95
N MET A 1982 39.10 95.69 46.19
CA MET A 1982 38.95 96.53 47.37
C MET A 1982 37.96 97.67 47.14
N ASN A 1983 37.92 98.21 45.92
CA ASN A 1983 36.99 99.29 45.62
C ASN A 1983 35.54 98.85 45.78
N GLY A 1984 35.23 97.62 45.40
CA GLY A 1984 33.88 97.12 45.44
C GLY A 1984 33.39 96.62 46.78
N VAL A 1985 34.17 96.80 47.84
CA VAL A 1985 33.77 96.29 49.16
C VAL A 1985 32.57 97.06 49.68
N LYS A 1986 32.62 98.40 49.62
CA LYS A 1986 31.57 99.21 50.22
C LYS A 1986 30.20 98.96 49.59
N PRO A 1987 30.02 99.03 48.26
CA PRO A 1987 28.70 98.67 47.70
C PRO A 1987 28.32 97.23 47.97
N PHE A 1988 29.27 96.31 47.87
CA PHE A 1988 28.98 94.91 48.18
C PHE A 1988 28.60 94.76 49.65
N LYS A 1989 29.20 95.56 50.53
CA LYS A 1989 28.81 95.55 51.93
C LYS A 1989 27.36 95.99 52.10
N SER A 1990 26.93 97.00 51.34
CA SER A 1990 25.53 97.42 51.41
C SER A 1990 24.61 96.33 50.90
N PHE A 1991 25.00 95.64 49.82
CA PHE A 1991 24.21 94.52 49.32
C PHE A 1991 24.08 93.43 50.38
N LEU A 1992 25.18 93.13 51.05
CA LEU A 1992 25.15 92.11 52.11
C LEU A 1992 24.28 92.57 53.28
N LYS A 1993 24.32 93.86 53.62
CA LYS A 1993 23.46 94.36 54.69
C LYS A 1993 21.99 94.25 54.31
N LYS A 1994 21.67 94.48 53.03
CA LYS A 1994 20.31 94.27 52.57
C LYS A 1994 19.91 92.81 52.70
N ASN A 1995 20.81 91.89 52.34
CA ASN A 1995 20.45 90.47 52.33
C ASN A 1995 20.40 89.88 53.74
N ILE A 1996 21.28 90.34 54.64
CA ILE A 1996 21.41 89.78 55.98
C ILE A 1996 20.78 90.74 56.98
N ILE A 1997 19.76 90.26 57.69
CA ILE A 1997 18.97 91.09 58.59
C ILE A 1997 19.64 91.06 59.96
N LYS A 1998 19.59 92.20 60.66
CA LYS A 1998 20.20 92.28 61.98
C LYS A 1998 19.56 91.32 62.96
N GLU A 1999 18.22 91.24 62.96
CA GLU A 1999 17.51 90.40 63.91
C GLU A 1999 17.87 88.93 63.73
N ASN A 2000 18.21 88.52 62.50
CA ASN A 2000 18.52 87.13 62.25
C ASN A 2000 19.92 86.73 62.70
N VAL A 2001 20.75 87.69 63.09
CA VAL A 2001 22.11 87.39 63.55
C VAL A 2001 22.02 86.99 65.02
N LYS A 2002 22.57 85.82 65.34
CA LYS A 2002 22.53 85.26 66.68
C LYS A 2002 23.94 85.23 67.27
N VAL A 2003 24.16 86.04 68.31
CA VAL A 2003 25.48 86.16 68.90
C VAL A 2003 25.88 84.85 69.58
N ALA A 2004 24.92 84.17 70.21
CA ALA A 2004 25.23 82.88 70.82
C ALA A 2004 25.67 81.88 69.77
N ARG A 2005 25.03 81.89 68.60
CA ARG A 2005 25.35 80.95 67.54
C ARG A 2005 26.67 81.28 66.86
N LEU A 2006 27.08 82.55 66.83
CA LEU A 2006 28.31 82.95 66.18
C LEU A 2006 29.52 82.93 67.09
N ALA A 2007 29.38 83.36 68.35
CA ALA A 2007 30.52 83.59 69.20
C ALA A 2007 31.19 82.28 69.60
N GLY A 2008 32.51 82.24 69.48
CA GLY A 2008 33.29 81.09 69.86
C GLY A 2008 33.21 79.92 68.90
N LYS A 2009 32.44 80.03 67.83
CA LYS A 2009 32.24 78.96 66.87
C LYS A 2009 32.61 79.34 65.45
N TYR A 2010 32.55 80.62 65.10
CA TYR A 2010 32.81 81.11 63.76
C TYR A 2010 34.24 81.63 63.67
N ILE A 2011 34.97 81.15 62.67
CA ILE A 2011 36.36 81.57 62.43
C ILE A 2011 36.40 82.26 61.08
N PRO A 2012 36.25 83.59 61.02
CA PRO A 2012 36.25 84.27 59.71
C PRO A 2012 37.59 84.14 59.01
N ASN A 2013 37.53 84.17 57.67
CA ASN A 2013 38.76 84.16 56.88
C ASN A 2013 39.53 85.46 57.01
N LEU A 2014 38.83 86.59 57.13
CA LEU A 2014 39.52 87.86 57.33
C LEU A 2014 40.32 87.84 58.64
N THR A 2015 39.68 87.44 59.73
CA THR A 2015 40.32 87.32 61.04
C THR A 2015 40.16 85.87 61.45
N ALA A 2016 41.23 85.09 61.29
CA ALA A 2016 41.19 83.65 61.57
C ALA A 2016 41.31 83.40 63.08
N LYS A 2017 40.35 83.92 63.82
CA LYS A 2017 40.22 83.75 65.25
C LYS A 2017 38.76 83.46 65.56
N PRO A 2018 38.48 82.84 66.71
CA PRO A 2018 37.10 82.75 67.20
C PRO A 2018 36.36 84.06 67.04
N PHE A 2019 35.16 83.99 66.49
CA PHE A 2019 34.29 85.15 66.45
C PHE A 2019 33.99 85.61 67.87
N GLN A 2020 34.36 86.85 68.19
CA GLN A 2020 34.06 87.44 69.49
C GLN A 2020 33.69 88.90 69.29
N VAL A 2021 32.64 89.34 69.99
CA VAL A 2021 32.22 90.74 69.96
C VAL A 2021 33.01 91.44 71.06
N THR A 2022 34.24 91.82 70.74
CA THR A 2022 35.13 92.46 71.70
C THR A 2022 35.91 93.57 71.02
N LYS A 2023 36.33 94.54 71.83
CA LYS A 2023 37.14 95.65 71.32
C LYS A 2023 38.42 95.14 70.67
N GLU A 2024 39.01 94.09 71.24
CA GLU A 2024 40.21 93.50 70.64
C GLU A 2024 39.92 92.96 69.24
N TYR A 2025 38.78 92.29 69.08
CA TYR A 2025 38.41 91.76 67.76
C TYR A 2025 38.17 92.89 66.77
N PHE A 2026 37.43 93.91 67.18
CA PHE A 2026 37.14 95.02 66.28
C PHE A 2026 38.42 95.75 65.89
N GLN A 2027 39.36 95.89 66.83
CA GLN A 2027 40.64 96.50 66.49
C GLN A 2027 41.42 95.61 65.53
N ASP A 2028 41.39 94.30 65.74
CA ASP A 2028 42.09 93.38 64.85
C ASP A 2028 41.53 93.42 63.43
N VAL A 2029 40.24 93.74 63.29
CA VAL A 2029 39.66 93.86 61.94
C VAL A 2029 40.40 94.93 61.14
N TYR A 2030 40.63 96.09 61.76
CA TYR A 2030 41.36 97.16 61.06
C TYR A 2030 42.80 96.76 60.76
N ASP A 2031 43.42 95.96 61.63
CA ASP A 2031 44.82 95.58 61.41
C ASP A 2031 45.01 94.88 60.07
N LEU A 2032 43.96 94.26 59.53
CA LEU A 2032 44.00 93.68 58.19
C LEU A 2032 43.36 94.60 57.16
N THR A 2033 42.16 95.10 57.44
CA THR A 2033 41.44 95.95 56.48
C THR A 2033 40.73 97.07 57.22
N GLY A 2034 41.10 98.31 56.92
CA GLY A 2034 40.51 99.47 57.56
C GLY A 2034 39.12 99.77 57.03
N SER A 2035 38.19 100.00 57.95
CA SER A 2035 36.82 100.34 57.62
C SER A 2035 36.30 101.39 58.60
N GLU A 2036 35.70 102.45 58.06
CA GLU A 2036 35.22 103.55 58.90
C GLU A 2036 34.20 103.10 59.95
N PRO A 2037 33.24 102.22 59.65
CA PRO A 2037 32.37 101.73 60.72
C PRO A 2037 33.12 101.06 61.86
N ILE A 2038 34.21 100.35 61.58
CA ILE A 2038 34.98 99.73 62.64
C ILE A 2038 35.57 100.80 63.55
N LYS A 2039 36.09 101.88 62.97
CA LYS A 2039 36.60 102.97 63.79
C LYS A 2039 35.48 103.63 64.59
N GLU A 2040 34.31 103.78 64.00
CA GLU A 2040 33.19 104.34 64.75
C GLU A 2040 32.87 103.48 65.97
N ILE A 2041 32.81 102.16 65.77
CA ILE A 2041 32.50 101.26 66.88
C ILE A 2041 33.60 101.31 67.93
N ILE A 2042 34.87 101.29 67.51
CA ILE A 2042 35.97 101.30 68.47
C ILE A 2042 35.97 102.59 69.27
N ASP A 2043 35.78 103.72 68.61
CA ASP A 2043 35.78 105.01 69.29
C ASP A 2043 34.61 105.11 70.26
N ASN A 2044 33.43 104.66 69.86
CA ASN A 2044 32.24 104.72 70.70
C ASN A 2044 31.99 103.42 71.45
N TRP A 2045 33.04 102.63 71.70
CA TRP A 2045 32.86 101.36 72.38
C TRP A 2045 32.35 101.56 73.81
N GLU A 2046 32.81 102.61 74.47
CA GLU A 2046 32.33 102.87 75.84
C GLU A 2046 30.83 103.13 75.84
N LYS A 2047 30.33 103.87 74.85
CA LYS A 2047 28.90 104.10 74.75
C LYS A 2047 28.14 102.79 74.52
N TYR A 2048 28.67 101.93 73.64
CA TYR A 2048 28.01 100.66 73.35
C TYR A 2048 28.08 99.71 74.54
N GLU A 2049 29.16 99.76 75.31
CA GLU A 2049 29.28 98.88 76.47
C GLU A 2049 28.17 99.17 77.49
N GLN A 2050 27.87 100.44 77.72
CA GLN A 2050 26.83 100.81 78.67
C GLN A 2050 25.47 100.33 78.18
N MET B 1 26.93 94.34 78.46
CA MET B 1 26.38 94.84 77.18
C MET B 1 24.96 94.35 76.97
N LYS B 2 24.08 95.24 76.53
CA LYS B 2 22.69 94.88 76.30
C LYS B 2 22.61 93.83 75.18
N PRO B 3 21.68 92.87 75.27
CA PRO B 3 21.60 91.88 74.19
C PRO B 3 21.34 92.48 72.81
N GLU B 4 20.49 93.52 72.72
CA GLU B 4 20.21 94.11 71.42
C GLU B 4 21.43 94.83 70.87
N VAL B 5 22.16 95.55 71.72
CA VAL B 5 23.39 96.20 71.28
C VAL B 5 24.41 95.16 70.85
N GLU B 6 24.53 94.07 71.61
CA GLU B 6 25.47 93.01 71.24
C GLU B 6 25.09 92.42 69.89
N GLN B 7 23.81 92.21 69.65
CA GLN B 7 23.36 91.68 68.36
C GLN B 7 23.69 92.66 67.23
N GLU B 8 23.47 93.95 67.47
CA GLU B 8 23.78 94.95 66.43
C GLU B 8 25.27 94.94 66.10
N LEU B 9 26.13 94.94 67.12
CA LEU B 9 27.56 94.91 66.87
C LEU B 9 27.98 93.63 66.17
N ALA B 10 27.41 92.49 66.58
CA ALA B 10 27.74 91.23 65.92
C ALA B 10 27.34 91.25 64.46
N HIS B 11 26.15 91.77 64.15
CA HIS B 11 25.72 91.86 62.77
C HIS B 11 26.63 92.78 61.96
N ILE B 12 27.01 93.92 62.52
CA ILE B 12 27.90 94.83 61.81
C ILE B 12 29.24 94.16 61.53
N LEU B 13 29.80 93.50 62.54
CA LEU B 13 31.09 92.84 62.36
C LEU B 13 31.00 91.71 61.35
N LEU B 14 29.90 90.95 61.39
CA LEU B 14 29.74 89.85 60.43
C LEU B 14 29.63 90.39 59.01
N THR B 15 28.87 91.46 58.81
CA THR B 15 28.76 92.05 57.49
C THR B 15 30.12 92.56 57.01
N GLU B 16 30.89 93.19 57.90
CA GLU B 16 32.21 93.67 57.52
C GLU B 16 33.14 92.52 57.15
N LEU B 17 33.12 91.45 57.96
CA LEU B 17 33.97 90.30 57.65
C LEU B 17 33.60 89.70 56.31
N LEU B 18 32.31 89.50 56.05
CA LEU B 18 31.88 88.93 54.78
C LEU B 18 32.23 89.85 53.61
N ALA B 19 32.09 91.16 53.81
CA ALA B 19 32.37 92.11 52.72
C ALA B 19 33.85 92.10 52.35
N TYR B 20 34.73 92.17 53.36
CA TYR B 20 36.16 92.21 53.11
C TYR B 20 36.79 90.84 52.89
N GLN B 21 36.01 89.76 53.02
CA GLN B 21 36.54 88.42 52.80
C GLN B 21 37.10 88.28 51.39
N PHE B 22 36.37 88.74 50.38
CA PHE B 22 36.82 88.61 49.00
C PHE B 22 37.86 89.65 48.62
N ALA B 23 37.98 90.73 49.38
CA ALA B 23 39.02 91.73 49.17
C ALA B 23 40.27 91.48 49.99
N SER B 24 40.28 90.43 50.81
CA SER B 24 41.42 90.09 51.64
C SER B 24 41.72 88.61 51.44
N PRO B 25 42.94 88.17 51.74
CA PRO B 25 43.25 86.75 51.62
C PRO B 25 42.65 85.96 52.77
N VAL B 26 42.36 84.69 52.50
CA VAL B 26 41.82 83.79 53.51
C VAL B 26 42.99 83.15 54.25
N ARG B 27 42.98 83.25 55.58
CA ARG B 27 44.08 82.81 56.43
C ARG B 27 43.75 81.43 56.97
N TRP B 28 43.71 80.45 56.06
CA TRP B 28 43.35 79.10 56.45
C TRP B 28 44.43 78.41 57.26
N ILE B 29 45.69 78.87 57.17
CA ILE B 29 46.72 78.36 58.08
C ILE B 29 46.34 78.71 59.52
N GLU B 30 46.01 79.97 59.76
CA GLU B 30 45.59 80.39 61.09
C GLU B 30 44.31 79.69 61.51
N THR B 31 43.37 79.50 60.56
CA THR B 31 42.12 78.82 60.90
C THR B 31 42.39 77.38 61.33
N GLN B 32 43.27 76.68 60.61
CA GLN B 32 43.60 75.31 60.97
C GLN B 32 44.32 75.25 62.30
N ASP B 33 45.29 76.15 62.52
CA ASP B 33 45.96 76.20 63.81
C ASP B 33 44.97 76.43 64.94
N VAL B 34 43.98 77.30 64.71
CA VAL B 34 42.96 77.58 65.71
C VAL B 34 42.15 76.34 66.01
N PHE B 35 41.50 75.77 65.00
CA PHE B 35 40.56 74.69 65.30
C PHE B 35 41.24 73.35 65.54
N LEU B 36 42.56 73.25 65.38
CA LEU B 36 43.29 72.03 65.70
C LEU B 36 44.08 72.12 66.99
N LYS B 37 44.79 73.22 67.23
CA LYS B 37 45.62 73.35 68.42
C LYS B 37 44.87 74.02 69.57
N ASP B 38 44.19 75.13 69.30
CA ASP B 38 43.54 75.88 70.37
C ASP B 38 42.33 75.14 70.91
N PHE B 39 41.53 74.55 70.02
CA PHE B 39 40.32 73.83 70.42
C PHE B 39 40.52 72.33 70.53
N ASN B 40 41.65 71.80 70.07
CA ASN B 40 41.95 70.37 70.16
C ASN B 40 40.83 69.54 69.54
N THR B 41 40.43 69.93 68.34
CA THR B 41 39.32 69.27 67.67
C THR B 41 39.64 67.79 67.46
N GLU B 42 38.79 66.93 68.02
CA GLU B 42 38.99 65.49 67.94
C GLU B 42 38.40 64.88 66.67
N ARG B 43 37.31 65.44 66.15
CA ARG B 43 36.75 65.02 64.87
C ARG B 43 36.51 66.24 64.01
N VAL B 44 37.02 66.20 62.79
CA VAL B 44 36.84 67.26 61.80
C VAL B 44 35.84 66.72 60.79
N VAL B 45 34.80 67.51 60.50
CA VAL B 45 33.77 67.14 59.53
C VAL B 45 33.83 68.16 58.39
N GLU B 46 34.00 67.66 57.16
CA GLU B 46 34.12 68.49 55.98
C GLU B 46 32.87 68.33 55.13
N ILE B 47 32.15 69.44 54.92
CA ILE B 47 30.93 69.44 54.14
C ILE B 47 31.28 69.91 52.74
N GLY B 48 31.16 69.01 51.76
CA GLY B 48 31.46 69.33 50.39
C GLY B 48 31.40 68.12 49.48
N PRO B 49 31.60 68.33 48.19
CA PRO B 49 31.51 67.22 47.23
C PRO B 49 32.78 66.39 47.17
N SER B 50 33.92 66.99 47.48
CA SER B 50 35.21 66.35 47.45
C SER B 50 35.96 66.66 48.73
N PRO B 51 36.94 65.83 49.12
CA PRO B 51 37.64 66.07 50.40
C PRO B 51 38.80 67.05 50.27
N THR B 52 38.52 68.24 49.73
CA THR B 52 39.57 69.23 49.58
C THR B 52 40.05 69.74 50.93
N LEU B 53 39.16 70.36 51.70
CA LEU B 53 39.54 70.86 53.02
C LEU B 53 39.92 69.72 53.96
N ALA B 54 39.27 68.56 53.81
CA ALA B 54 39.63 67.41 54.63
C ALA B 54 41.08 67.00 54.37
N GLY B 55 41.46 66.87 53.10
CA GLY B 55 42.83 66.52 52.77
C GLY B 55 43.82 67.59 53.23
N MET B 56 43.44 68.86 53.09
CA MET B 56 44.30 69.93 53.59
C MET B 56 44.52 69.80 55.09
N ALA B 57 43.46 69.45 55.83
CA ALA B 57 43.60 69.25 57.26
C ALA B 57 44.50 68.06 57.58
N GLN B 58 44.34 66.95 56.83
CA GLN B 58 45.20 65.79 57.07
C GLN B 58 46.67 66.15 56.82
N ARG B 59 46.93 66.87 55.74
CA ARG B 59 48.31 67.24 55.42
C ARG B 59 48.88 68.22 56.44
N THR B 60 48.05 69.14 56.92
CA THR B 60 48.49 70.04 57.98
C THR B 60 48.85 69.27 59.24
N LEU B 61 48.02 68.28 59.60
CA LEU B 61 48.31 67.48 60.78
C LEU B 61 49.59 66.68 60.60
N LYS B 62 49.78 66.09 59.42
CA LYS B 62 51.00 65.33 59.17
C LYS B 62 52.23 66.22 59.25
N ASN B 63 52.14 67.44 58.70
CA ASN B 63 53.31 68.32 58.67
C ASN B 63 53.63 68.88 60.04
N LYS B 64 52.60 69.30 60.80
CA LYS B 64 52.80 70.07 62.01
C LYS B 64 52.37 69.33 63.28
N TYR B 65 51.12 68.86 63.33
CA TYR B 65 50.55 68.27 64.54
C TYR B 65 50.63 66.75 64.44
N GLU B 66 51.84 66.22 64.65
CA GLU B 66 52.05 64.77 64.73
C GLU B 66 52.46 64.35 66.14
N SER B 67 53.57 64.89 66.65
CA SER B 67 53.96 64.58 68.01
C SER B 67 53.01 65.22 69.02
N TYR B 68 52.38 66.34 68.65
CA TYR B 68 51.39 66.96 69.51
C TYR B 68 50.19 66.03 69.71
N ASP B 69 49.66 65.50 68.61
CA ASP B 69 48.57 64.54 68.69
C ASP B 69 48.99 63.28 69.43
N ALA B 70 50.21 62.80 69.17
CA ALA B 70 50.69 61.61 69.87
C ALA B 70 50.75 61.85 71.38
N ALA B 71 51.36 62.96 71.79
CA ALA B 71 51.56 63.22 73.21
C ALA B 71 50.23 63.41 73.94
N LEU B 72 49.30 64.16 73.34
CA LEU B 72 48.02 64.40 73.97
C LEU B 72 47.00 63.29 73.70
N SER B 73 47.37 62.27 72.93
CA SER B 73 46.48 61.13 72.67
C SER B 73 45.20 61.58 71.96
N LEU B 74 45.30 62.65 71.18
CA LEU B 74 44.16 63.18 70.44
C LEU B 74 43.95 62.32 69.20
N HIS B 75 42.85 61.57 69.18
CA HIS B 75 42.49 60.76 68.01
C HIS B 75 41.80 61.68 67.02
N ARG B 76 42.61 62.35 66.19
CA ARG B 76 42.09 63.29 65.21
C ARG B 76 41.51 62.51 64.05
N GLU B 77 40.18 62.47 63.98
CA GLU B 77 39.46 61.75 62.93
C GLU B 77 38.98 62.77 61.91
N ILE B 78 39.59 62.76 60.73
CA ILE B 78 39.19 63.65 59.65
C ILE B 78 38.17 62.91 58.77
N LEU B 79 36.98 63.50 58.64
CA LEU B 79 35.87 62.89 57.94
C LEU B 79 35.38 63.86 56.86
N CYS B 80 35.17 63.33 55.66
CA CYS B 80 34.59 64.08 54.56
C CYS B 80 33.20 63.54 54.27
N TYR B 81 32.27 64.44 53.96
CA TYR B 81 30.89 64.04 53.76
C TYR B 81 30.74 63.11 52.56
N SER B 82 31.54 63.32 51.51
CA SER B 82 31.39 62.54 50.30
C SER B 82 31.72 61.06 50.53
N LYS B 83 32.81 60.78 51.26
CA LYS B 83 33.31 59.42 51.40
C LYS B 83 33.10 58.85 52.79
N ASP B 84 33.21 59.65 53.84
CA ASP B 84 33.10 59.19 55.23
C ASP B 84 31.71 59.43 55.79
N ALA B 85 30.70 59.30 54.93
CA ALA B 85 29.32 59.53 55.35
C ALA B 85 28.91 58.53 56.42
N LYS B 86 29.38 57.29 56.34
CA LYS B 86 29.07 56.32 57.38
C LYS B 86 29.62 56.76 58.73
N GLU B 87 30.87 57.25 58.75
CA GLU B 87 31.45 57.71 60.00
C GLU B 87 30.70 58.92 60.55
N ILE B 88 30.27 59.82 59.66
CA ILE B 88 29.55 61.00 60.14
C ILE B 88 28.18 60.62 60.67
N TYR B 89 27.47 59.72 59.98
CA TYR B 89 26.11 59.36 60.34
C TYR B 89 26.03 58.28 61.42
N TYR B 90 27.16 57.70 61.82
CA TYR B 90 27.17 56.58 62.77
C TYR B 90 26.35 55.41 62.21
N THR B 91 26.80 54.91 61.08
CA THR B 91 26.20 53.74 60.41
C THR B 91 27.31 52.77 60.06
N PRO B 92 27.94 52.16 61.06
CA PRO B 92 29.04 51.23 60.77
C PRO B 92 28.54 50.02 59.98
N ASP B 93 29.41 49.50 59.12
CA ASP B 93 29.06 48.34 58.32
C ASP B 93 29.00 47.11 59.22
N PRO B 94 27.88 46.36 59.24
CA PRO B 94 27.87 45.18 60.12
C PRO B 94 28.66 44.01 59.54
N GLU B 329 12.67 4.85 19.95
CA GLU B 329 11.55 4.97 19.03
C GLU B 329 12.01 5.09 17.59
N GLU B 330 13.19 4.52 17.31
CA GLU B 330 13.72 4.58 15.95
C GLU B 330 12.82 3.81 14.98
N ILE B 331 12.31 2.65 15.41
CA ILE B 331 11.48 1.83 14.53
C ILE B 331 10.15 2.51 14.25
N THR B 332 9.53 3.12 15.27
CA THR B 332 8.27 3.81 15.03
C THR B 332 8.49 5.05 14.19
N LYS B 333 9.62 5.72 14.37
CA LYS B 333 9.94 6.86 13.50
C LYS B 333 10.10 6.40 12.05
N ASP B 334 10.76 5.25 11.84
CA ASP B 334 10.93 4.74 10.49
C ASP B 334 9.59 4.40 9.86
N HIS B 335 8.69 3.78 10.63
CA HIS B 335 7.35 3.52 10.12
C HIS B 335 6.58 4.80 9.82
N LYS B 336 6.69 5.81 10.67
CA LYS B 336 5.99 7.05 10.40
C LYS B 336 6.52 7.70 9.13
N VAL B 337 7.84 7.62 8.92
CA VAL B 337 8.43 8.13 7.69
C VAL B 337 7.91 7.36 6.48
N LEU B 338 7.85 6.03 6.58
CA LEU B 338 7.34 5.21 5.48
C LEU B 338 5.89 5.57 5.16
N ALA B 339 5.06 5.71 6.19
CA ALA B 339 3.66 6.03 5.97
C ALA B 339 3.50 7.41 5.35
N ARG B 340 4.30 8.38 5.80
CA ARG B 340 4.30 9.70 5.15
C ARG B 340 4.68 9.60 3.69
N GLN B 341 5.69 8.80 3.36
CA GLN B 341 6.09 8.67 1.96
C GLN B 341 4.97 8.03 1.13
N GLN B 342 4.33 7.00 1.65
CA GLN B 342 3.22 6.37 0.92
C GLN B 342 2.06 7.35 0.75
N LEU B 343 1.77 8.13 1.79
CA LEU B 343 0.71 9.13 1.71
C LEU B 343 1.04 10.17 0.64
N GLN B 344 2.28 10.63 0.59
CA GLN B 344 2.67 11.62 -0.41
C GLN B 344 2.58 11.03 -1.82
N VAL B 345 2.98 9.77 -1.99
CA VAL B 345 2.84 9.12 -3.29
C VAL B 345 1.37 9.07 -3.70
N LEU B 346 0.48 8.69 -2.78
CA LEU B 346 -0.93 8.61 -3.11
C LEU B 346 -1.51 9.97 -3.42
N ALA B 347 -1.12 11.00 -2.67
CA ALA B 347 -1.59 12.35 -2.93
C ALA B 347 -1.11 12.82 -4.30
N ARG B 348 0.14 12.55 -4.64
CA ARG B 348 0.66 12.91 -5.95
C ARG B 348 -0.12 12.21 -7.05
N TYR B 349 -0.43 10.92 -6.86
CA TYR B 349 -1.22 10.21 -7.86
C TYR B 349 -2.60 10.82 -8.00
N LEU B 350 -3.24 11.14 -6.89
CA LEU B 350 -4.57 11.74 -6.88
C LEU B 350 -4.58 13.20 -7.31
N LYS B 351 -3.41 13.80 -7.52
CA LYS B 351 -3.31 15.23 -7.83
C LYS B 351 -3.92 16.05 -6.71
N MET B 352 -3.69 15.60 -5.47
CA MET B 352 -4.19 16.26 -4.28
C MET B 352 -3.08 17.16 -3.73
N ASP B 353 -3.45 18.39 -3.38
CA ASP B 353 -2.51 19.36 -2.84
C ASP B 353 -2.74 19.46 -1.34
N LEU B 354 -1.89 18.80 -0.56
CA LEU B 354 -2.04 18.83 0.89
C LEU B 354 -1.76 20.22 1.46
N ASP B 355 -0.87 20.99 0.83
CA ASP B 355 -0.49 22.30 1.32
C ASP B 355 -1.41 23.42 0.82
N ASN B 356 -2.42 23.11 0.00
CA ASN B 356 -3.27 24.15 -0.53
C ASN B 356 -4.04 24.86 0.57
N GLY B 357 -4.56 24.11 1.53
CA GLY B 357 -5.29 24.72 2.64
C GLY B 357 -4.39 25.63 3.46
N GLU B 358 -3.17 25.19 3.75
CA GLU B 358 -2.24 26.04 4.48
C GLU B 358 -1.90 27.29 3.69
N ARG B 359 -1.74 27.17 2.37
CA ARG B 359 -1.46 28.33 1.55
C ARG B 359 -2.59 29.35 1.62
N LYS B 360 -3.82 28.87 1.46
CA LYS B 360 -4.98 29.76 1.55
C LYS B 360 -5.07 30.39 2.93
N PHE B 361 -4.79 29.62 3.97
CA PHE B 361 -4.80 30.16 5.32
C PHE B 361 -3.76 31.26 5.49
N LEU B 362 -2.56 31.06 4.95
CA LEU B 362 -1.51 32.07 5.11
C LEU B 362 -1.86 33.35 4.35
N LYS B 363 -2.41 33.21 3.14
CA LYS B 363 -2.86 34.39 2.41
C LYS B 363 -3.95 35.13 3.17
N GLU B 364 -4.92 34.39 3.72
CA GLU B 364 -6.00 35.02 4.45
C GLU B 364 -5.49 35.65 5.74
N LYS B 365 -4.46 35.06 6.35
CA LYS B 365 -3.86 35.65 7.54
C LYS B 365 -3.17 36.97 7.21
N ASP B 366 -2.49 37.02 6.06
CA ASP B 366 -1.91 38.28 5.61
C ASP B 366 -3.00 39.32 5.36
N THR B 367 -4.11 38.90 4.77
CA THR B 367 -5.22 39.82 4.55
C THR B 367 -5.80 40.34 5.86
N VAL B 368 -5.93 39.44 6.85
CA VAL B 368 -6.38 39.87 8.17
C VAL B 368 -5.38 40.87 8.76
N ALA B 369 -4.09 40.61 8.59
CA ALA B 369 -3.08 41.51 9.13
C ALA B 369 -3.20 42.90 8.51
N GLU B 370 -3.38 42.97 7.19
CA GLU B 370 -3.42 44.29 6.56
C GLU B 370 -4.72 45.02 6.84
N LEU B 371 -5.86 44.30 6.87
CA LEU B 371 -7.11 44.94 7.26
C LEU B 371 -7.07 45.41 8.70
N GLN B 372 -6.47 44.61 9.58
CA GLN B 372 -6.32 45.04 10.97
C GLN B 372 -5.39 46.23 11.08
N ALA B 373 -4.35 46.29 10.25
CA ALA B 373 -3.49 47.46 10.24
C ALA B 373 -4.26 48.70 9.84
N GLN B 374 -5.12 48.57 8.82
CA GLN B 374 -5.98 49.70 8.45
C GLN B 374 -6.88 50.12 9.60
N LEU B 375 -7.45 49.12 10.30
CA LEU B 375 -8.35 49.44 11.41
C LEU B 375 -7.62 50.10 12.56
N ASP B 376 -6.40 49.63 12.88
CA ASP B 376 -5.64 50.28 13.95
C ASP B 376 -5.19 51.67 13.54
N TYR B 377 -4.93 51.89 12.26
CA TYR B 377 -4.62 53.25 11.83
C TYR B 377 -5.84 54.15 12.04
N LEU B 378 -7.02 53.71 11.60
CA LEU B 378 -8.21 54.52 11.78
C LEU B 378 -8.53 54.71 13.26
N ASN B 379 -8.21 53.72 14.10
CA ASN B 379 -8.46 53.85 15.52
C ASN B 379 -7.48 54.81 16.18
N ALA B 380 -6.20 54.73 15.82
CA ALA B 380 -5.23 55.70 16.34
C ALA B 380 -5.55 57.09 15.84
N GLU B 381 -6.22 57.19 14.69
CA GLU B 381 -6.51 58.50 14.11
C GLU B 381 -7.75 59.12 14.72
N LEU B 382 -8.90 58.48 14.57
CA LEU B 382 -10.14 59.04 15.10
C LEU B 382 -10.22 58.87 16.62
N GLY B 383 -9.76 57.73 17.12
CA GLY B 383 -9.75 57.41 18.52
C GLY B 383 -10.78 56.36 18.88
N GLU B 384 -10.55 55.70 20.02
CA GLU B 384 -11.46 54.66 20.47
C GLU B 384 -12.86 55.22 20.69
N PHE B 385 -12.96 56.39 21.32
CA PHE B 385 -14.26 56.98 21.60
C PHE B 385 -15.01 57.28 20.32
N PHE B 386 -14.36 57.92 19.35
CA PHE B 386 -15.03 58.28 18.10
C PHE B 386 -15.49 57.04 17.35
N VAL B 387 -14.60 56.05 17.19
CA VAL B 387 -14.94 54.85 16.42
C VAL B 387 -16.06 54.09 17.11
N ASN B 388 -16.00 53.95 18.43
CA ASN B 388 -17.06 53.25 19.14
C ASN B 388 -18.37 54.01 19.08
N GLY B 389 -18.31 55.34 19.16
CA GLY B 389 -19.50 56.16 19.20
C GLY B 389 -20.15 56.43 17.87
N VAL B 390 -19.48 56.19 16.75
CA VAL B 390 -20.13 56.30 15.44
C VAL B 390 -20.94 55.05 15.11
N ALA B 391 -21.03 54.09 16.03
CA ALA B 391 -21.81 52.89 15.80
C ALA B 391 -23.28 53.24 15.56
N THR B 392 -23.86 52.61 14.54
CA THR B 392 -25.26 52.86 14.21
C THR B 392 -26.16 52.36 15.32
N SER B 393 -27.20 53.15 15.63
CA SER B 393 -28.17 52.82 16.64
C SER B 393 -29.61 52.85 16.14
N PHE B 394 -29.89 53.50 15.03
CA PHE B 394 -31.25 53.65 14.54
C PHE B 394 -31.67 52.47 13.68
N SER B 395 -32.91 52.04 13.85
CA SER B 395 -33.55 51.08 12.95
C SER B 395 -35.03 51.36 12.94
N ARG B 396 -35.64 51.21 11.75
CA ARG B 396 -37.06 51.52 11.61
C ARG B 396 -37.91 50.59 12.47
N LYS B 397 -37.55 49.30 12.53
CA LYS B 397 -38.34 48.35 13.30
C LYS B 397 -38.36 48.68 14.78
N LYS B 398 -37.37 49.43 15.27
CA LYS B 398 -37.23 49.72 16.69
C LYS B 398 -37.98 50.97 17.13
N ALA B 399 -38.68 51.64 16.22
CA ALA B 399 -39.44 52.83 16.59
C ALA B 399 -40.70 52.45 17.34
N ARG B 400 -41.04 53.26 18.34
CA ARG B 400 -42.20 53.06 19.20
C ARG B 400 -43.15 54.23 19.02
N THR B 401 -44.40 53.92 18.67
CA THR B 401 -45.42 54.93 18.45
C THR B 401 -46.37 54.97 19.64
N PHE B 402 -46.75 56.18 20.04
CA PHE B 402 -47.74 56.40 21.10
C PHE B 402 -48.77 57.37 20.54
N ASP B 403 -50.02 56.90 20.39
CA ASP B 403 -51.11 57.75 19.94
C ASP B 403 -52.42 57.53 20.69
N SER B 404 -52.45 56.73 21.76
CA SER B 404 -53.71 56.37 22.40
C SER B 404 -54.06 57.34 23.52
N SER B 405 -54.05 58.62 23.18
CA SER B 405 -54.48 59.66 24.10
C SER B 405 -55.94 59.49 24.49
N TRP B 406 -56.77 58.95 23.60
CA TRP B 406 -58.16 58.65 23.93
C TRP B 406 -58.26 57.72 25.14
N ASN B 407 -57.32 56.78 25.25
CA ASN B 407 -57.30 55.89 26.41
C ASN B 407 -56.67 56.55 27.62
N TRP B 408 -55.55 57.25 27.41
CA TRP B 408 -54.84 57.81 28.55
C TRP B 408 -55.62 58.93 29.21
N ALA B 409 -56.55 59.57 28.48
CA ALA B 409 -57.38 60.59 29.09
C ALA B 409 -58.26 59.98 30.18
N LYS B 410 -58.95 58.87 29.85
CA LYS B 410 -59.77 58.20 30.85
C LYS B 410 -58.93 57.66 31.99
N GLN B 411 -57.74 57.12 31.67
CA GLN B 411 -56.86 56.63 32.73
C GLN B 411 -56.51 57.75 33.71
N SER B 412 -56.10 58.90 33.18
CA SER B 412 -55.75 60.02 34.04
C SER B 412 -56.95 60.51 34.84
N LEU B 413 -58.13 60.53 34.21
CA LEU B 413 -59.33 60.95 34.91
C LEU B 413 -59.63 60.05 36.10
N LEU B 414 -59.55 58.73 35.90
CA LEU B 414 -59.80 57.82 37.00
C LEU B 414 -58.75 57.96 38.09
N SER B 415 -57.48 58.13 37.70
CA SER B 415 -56.44 58.32 38.70
C SER B 415 -56.72 59.54 39.56
N LEU B 416 -57.05 60.67 38.93
CA LEU B 416 -57.34 61.89 39.67
C LEU B 416 -58.59 61.72 40.54
N TYR B 417 -59.63 61.09 40.00
CA TYR B 417 -60.87 60.86 40.73
C TYR B 417 -60.61 60.06 42.00
N PHE B 418 -59.90 58.94 41.88
CA PHE B 418 -59.64 58.10 43.04
C PHE B 418 -58.69 58.77 44.02
N GLU B 419 -57.72 59.53 43.50
CA GLU B 419 -56.82 60.25 44.40
C GLU B 419 -57.58 61.26 45.25
N ILE B 420 -58.49 62.01 44.63
CA ILE B 420 -59.29 62.98 45.37
C ILE B 420 -60.19 62.27 46.37
N ILE B 421 -60.79 61.15 45.97
CA ILE B 421 -61.67 60.42 46.88
C ILE B 421 -60.88 59.90 48.08
N HIS B 422 -59.69 59.35 47.84
CA HIS B 422 -58.89 58.77 48.91
C HIS B 422 -58.16 59.80 49.74
N GLY B 423 -58.11 61.05 49.30
CA GLY B 423 -57.46 62.10 50.07
C GLY B 423 -56.00 62.29 49.78
N VAL B 424 -55.52 61.82 48.64
CA VAL B 424 -54.17 62.17 48.21
C VAL B 424 -54.11 63.66 47.87
N LEU B 425 -55.15 64.17 47.21
CA LEU B 425 -55.25 65.57 46.80
C LEU B 425 -56.44 66.19 47.53
N LYS B 426 -56.16 66.98 48.56
CA LYS B 426 -57.19 67.71 49.29
C LYS B 426 -57.51 69.06 48.67
N ASN B 427 -56.59 69.64 47.90
CA ASN B 427 -56.75 70.97 47.35
C ASN B 427 -56.40 70.94 45.87
N VAL B 428 -56.90 71.94 45.15
CA VAL B 428 -56.64 72.07 43.72
C VAL B 428 -55.30 72.77 43.58
N ASP B 429 -54.23 71.98 43.63
CA ASP B 429 -52.88 72.51 43.49
C ASP B 429 -52.50 72.55 42.01
N ARG B 430 -51.33 73.14 41.73
CA ARG B 430 -50.95 73.35 40.33
C ARG B 430 -50.77 72.04 39.59
N GLU B 431 -50.44 70.96 40.30
CA GLU B 431 -50.36 69.66 39.64
C GLU B 431 -51.74 69.16 39.22
N VAL B 432 -52.74 69.37 40.08
CA VAL B 432 -54.11 69.01 39.72
C VAL B 432 -54.60 69.87 38.57
N VAL B 433 -54.22 71.16 38.57
CA VAL B 433 -54.62 72.04 37.48
C VAL B 433 -53.97 71.59 36.17
N SER B 434 -52.71 71.18 36.22
CA SER B 434 -52.03 70.69 35.03
C SER B 434 -52.67 69.41 34.51
N GLU B 435 -53.02 68.49 35.42
CA GLU B 435 -53.68 67.26 34.99
C GLU B 435 -55.06 67.57 34.39
N ALA B 436 -55.77 68.52 34.98
CA ALA B 436 -57.04 68.96 34.39
C ALA B 436 -56.82 69.53 33.00
N ILE B 437 -55.76 70.32 32.81
CA ILE B 437 -55.49 70.89 31.50
C ILE B 437 -55.21 69.78 30.49
N ASN B 438 -54.48 68.74 30.91
CA ASN B 438 -54.24 67.61 30.02
C ASN B 438 -55.53 66.90 29.65
N ILE B 439 -56.43 66.73 30.63
CA ILE B 439 -57.71 66.08 30.36
C ILE B 439 -58.52 66.90 29.37
N MET B 440 -58.57 68.22 29.57
CA MET B 440 -59.24 69.10 28.59
C MET B 440 -58.58 69.00 27.22
N ASN B 441 -57.26 68.91 27.18
CA ASN B 441 -56.58 68.80 25.89
C ASN B 441 -56.98 67.52 25.17
N ARG B 442 -57.20 66.44 25.91
CA ARG B 442 -57.62 65.16 25.34
C ARG B 442 -59.13 64.98 25.32
N SER B 443 -59.89 66.02 25.66
CA SER B 443 -61.34 65.90 25.79
C SER B 443 -62.02 65.60 24.46
N ASN B 444 -63.06 64.77 24.53
CA ASN B 444 -63.97 64.55 23.41
C ASN B 444 -65.31 64.12 23.99
N ASP B 445 -66.27 63.81 23.12
CA ASP B 445 -67.62 63.51 23.58
C ASP B 445 -67.67 62.25 24.44
N ALA B 446 -66.90 61.22 24.05
CA ALA B 446 -66.85 60.01 24.85
C ALA B 446 -66.29 60.30 26.24
N LEU B 447 -65.26 61.14 26.32
CA LEU B 447 -64.70 61.50 27.62
C LEU B 447 -65.71 62.30 28.43
N ILE B 448 -66.46 63.18 27.78
CA ILE B 448 -67.47 63.96 28.50
C ILE B 448 -68.51 63.02 29.10
N LYS B 449 -68.94 62.03 28.34
CA LYS B 449 -69.88 61.04 28.87
C LYS B 449 -69.26 60.26 30.02
N PHE B 450 -67.98 59.90 29.89
CA PHE B 450 -67.28 59.18 30.95
C PHE B 450 -67.29 59.96 32.26
N MET B 451 -66.84 61.21 32.20
CA MET B 451 -66.81 62.05 33.39
C MET B 451 -68.21 62.34 33.92
N GLU B 452 -69.17 62.56 33.02
CA GLU B 452 -70.53 62.83 33.46
C GLU B 452 -71.10 61.64 34.23
N TYR B 453 -70.89 60.43 33.73
CA TYR B 453 -71.34 59.25 34.47
C TYR B 453 -70.64 59.16 35.81
N HIS B 454 -69.31 59.28 35.82
CA HIS B 454 -68.58 59.05 37.06
C HIS B 454 -68.87 60.11 38.12
N ILE B 455 -69.30 61.30 37.71
CA ILE B 455 -69.62 62.35 38.68
C ILE B 455 -71.09 62.31 39.08
N SER B 456 -72.00 61.95 38.17
CA SER B 456 -73.40 61.82 38.56
C SER B 456 -73.60 60.59 39.44
N ASN B 457 -72.80 59.54 39.24
CA ASN B 457 -72.89 58.36 40.07
C ASN B 457 -72.21 58.56 41.42
N THR B 458 -71.41 59.61 41.58
CA THR B 458 -70.77 59.88 42.85
C THR B 458 -71.80 60.28 43.88
N ASP B 459 -71.66 59.72 45.09
CA ASP B 459 -72.56 60.01 46.20
C ASP B 459 -71.88 61.00 47.13
N GLU B 460 -72.29 62.27 47.05
CA GLU B 460 -71.64 63.31 47.83
C GLU B 460 -71.82 63.13 49.33
N THR B 461 -72.83 62.37 49.76
CA THR B 461 -73.11 62.21 51.18
C THR B 461 -72.10 61.33 51.89
N LYS B 462 -71.18 60.69 51.17
CA LYS B 462 -70.17 59.82 51.78
C LYS B 462 -68.93 60.64 52.20
N GLY B 463 -69.18 61.65 53.02
CA GLY B 463 -68.11 62.49 53.52
C GLY B 463 -67.78 63.62 52.58
N GLU B 464 -66.92 64.52 53.08
CA GLU B 464 -66.60 65.73 52.34
C GLU B 464 -65.76 65.45 51.10
N ASN B 465 -65.01 64.34 51.09
CA ASN B 465 -64.17 64.04 49.93
C ASN B 465 -65.02 63.76 48.70
N TYR B 466 -66.15 63.07 48.86
CA TYR B 466 -67.01 62.78 47.73
C TYR B 466 -67.70 64.04 47.22
N GLN B 467 -68.11 64.93 48.14
CA GLN B 467 -68.66 66.20 47.70
C GLN B 467 -67.62 67.00 46.94
N LEU B 468 -66.37 66.99 47.43
CA LEU B 468 -65.31 67.74 46.76
C LEU B 468 -65.05 67.19 45.36
N VAL B 469 -64.96 65.87 45.22
CA VAL B 469 -64.68 65.31 43.91
C VAL B 469 -65.87 65.56 42.98
N LYS B 470 -67.09 65.55 43.51
CA LYS B 470 -68.25 65.84 42.68
C LYS B 470 -68.21 67.27 42.17
N THR B 471 -67.91 68.24 43.04
CA THR B 471 -67.84 69.63 42.60
C THR B 471 -66.71 69.85 41.60
N LEU B 472 -65.53 69.29 41.89
CA LEU B 472 -64.41 69.47 40.98
C LEU B 472 -64.67 68.80 39.64
N GLY B 473 -65.32 67.63 39.64
CA GLY B 473 -65.67 66.99 38.40
C GLY B 473 -66.71 67.75 37.61
N GLU B 474 -67.66 68.38 38.30
CA GLU B 474 -68.61 69.23 37.59
C GLU B 474 -67.90 70.41 36.93
N GLN B 475 -66.96 71.03 37.64
CA GLN B 475 -66.18 72.11 37.05
C GLN B 475 -65.38 71.61 35.84
N LEU B 476 -64.77 70.45 35.95
CA LEU B 476 -63.96 69.93 34.86
C LEU B 476 -64.84 69.55 33.66
N ILE B 477 -66.04 69.03 33.91
CA ILE B 477 -66.96 68.73 32.82
C ILE B 477 -67.33 70.02 32.10
N GLU B 478 -67.63 71.08 32.87
CA GLU B 478 -67.96 72.36 32.25
C GLU B 478 -66.79 72.87 31.42
N ASN B 479 -65.57 72.76 31.94
CA ASN B 479 -64.40 73.24 31.21
C ASN B 479 -64.17 72.44 29.94
N CYS B 480 -64.35 71.11 29.99
CA CYS B 480 -64.08 70.27 28.84
C CYS B 480 -65.14 70.44 27.76
N LYS B 481 -66.38 70.71 28.15
CA LYS B 481 -67.43 70.94 27.18
C LYS B 481 -67.12 72.16 26.30
N GLN B 482 -66.52 73.19 26.86
CA GLN B 482 -66.13 74.35 26.07
C GLN B 482 -65.08 74.01 25.02
N VAL B 483 -64.12 73.15 25.38
CA VAL B 483 -62.99 72.86 24.51
C VAL B 483 -63.14 71.50 23.83
N LEU B 484 -64.37 70.99 23.73
CA LEU B 484 -64.61 69.84 22.87
C LEU B 484 -64.06 70.06 21.46
N ASP B 485 -64.34 71.23 20.88
CA ASP B 485 -63.87 71.58 19.55
C ASP B 485 -62.64 72.46 19.55
N VAL B 486 -62.34 73.14 20.65
CA VAL B 486 -61.16 74.00 20.71
C VAL B 486 -59.91 73.12 20.64
N ASP B 487 -58.84 73.70 20.12
CA ASP B 487 -57.66 72.91 19.83
C ASP B 487 -56.84 72.69 21.09
N PRO B 488 -56.07 71.61 21.16
CA PRO B 488 -55.25 71.38 22.35
C PRO B 488 -54.12 72.40 22.42
N VAL B 489 -53.92 72.95 23.62
CA VAL B 489 -52.99 74.04 23.84
C VAL B 489 -52.01 73.64 24.93
N TYR B 490 -50.76 74.05 24.75
CA TYR B 490 -49.73 73.89 25.78
C TYR B 490 -49.87 75.04 26.78
N LYS B 491 -50.30 74.72 28.00
CA LYS B 491 -50.46 75.69 29.06
C LYS B 491 -49.71 75.19 30.28
N ASP B 492 -48.71 75.94 30.72
CA ASP B 492 -47.90 75.59 31.87
C ASP B 492 -48.42 76.34 33.08
N VAL B 493 -48.79 75.59 34.12
CA VAL B 493 -49.38 76.14 35.35
C VAL B 493 -48.53 75.88 36.57
N ALA B 494 -47.34 75.29 36.42
CA ALA B 494 -46.48 75.05 37.56
C ALA B 494 -46.01 76.38 38.14
N LYS B 495 -45.86 76.42 39.45
CA LYS B 495 -45.37 77.62 40.11
C LYS B 495 -43.91 77.84 39.72
N PRO B 496 -43.52 79.01 39.20
CA PRO B 496 -42.10 79.25 38.96
C PRO B 496 -41.29 79.16 40.24
N THR B 497 -40.13 78.53 40.14
CA THR B 497 -39.26 78.29 41.28
C THR B 497 -37.88 78.85 40.99
N GLY B 498 -37.35 79.61 41.95
CA GLY B 498 -36.02 80.15 41.84
C GLY B 498 -35.02 79.31 42.57
N PRO B 499 -33.73 79.61 42.43
CA PRO B 499 -32.71 78.86 43.17
C PRO B 499 -32.64 79.29 44.62
N LYS B 500 -32.21 78.35 45.46
CA LYS B 500 -32.12 78.60 46.90
C LYS B 500 -31.03 77.70 47.45
N THR B 501 -29.93 78.30 47.92
CA THR B 501 -28.82 77.56 48.51
C THR B 501 -28.63 78.02 49.95
N ALA B 502 -28.58 77.05 50.86
CA ALA B 502 -28.40 77.30 52.28
C ALA B 502 -27.22 76.49 52.79
N ILE B 503 -26.45 77.11 53.68
CA ILE B 503 -25.30 76.47 54.34
C ILE B 503 -25.70 76.19 55.78
N ASP B 504 -25.68 74.91 56.16
CA ASP B 504 -26.00 74.54 57.53
C ASP B 504 -24.88 74.97 58.46
N LYS B 505 -25.16 74.90 59.77
CA LYS B 505 -24.14 75.24 60.76
C LYS B 505 -22.94 74.33 60.66
N ASN B 506 -23.14 73.08 60.25
CA ASN B 506 -22.05 72.11 60.07
C ASN B 506 -21.49 72.13 58.65
N GLY B 507 -21.69 73.22 57.92
CA GLY B 507 -21.15 73.33 56.57
C GLY B 507 -21.75 72.35 55.58
N ASN B 508 -23.07 72.16 55.63
CA ASN B 508 -23.79 71.31 54.69
C ASN B 508 -24.50 72.18 53.67
N ILE B 509 -24.22 71.94 52.39
CA ILE B 509 -24.83 72.69 51.30
C ILE B 509 -26.10 71.98 50.88
N THR B 510 -27.23 72.70 50.93
CA THR B 510 -28.52 72.17 50.48
C THR B 510 -29.07 73.13 49.44
N TYR B 511 -29.45 72.58 48.29
CA TYR B 511 -30.07 73.35 47.22
C TYR B 511 -31.51 72.91 47.05
N SER B 512 -32.43 73.87 47.00
CA SER B 512 -33.85 73.60 46.84
C SER B 512 -34.43 74.57 45.83
N GLU B 513 -35.45 74.10 45.10
CA GLU B 513 -36.16 74.91 44.12
C GLU B 513 -37.40 75.53 44.78
N GLU B 514 -37.15 76.49 45.66
CA GLU B 514 -38.25 77.10 46.38
C GLU B 514 -39.05 78.04 45.47
N PRO B 515 -40.36 78.17 45.68
CA PRO B 515 -41.15 79.05 44.80
C PRO B 515 -40.73 80.49 44.94
N ARG B 516 -40.79 81.22 43.83
CA ARG B 516 -40.45 82.64 43.83
C ARG B 516 -41.56 83.43 44.50
N GLU B 517 -41.17 84.32 45.42
CA GLU B 517 -42.17 85.11 46.13
C GLU B 517 -42.81 86.15 45.21
N LYS B 518 -42.01 86.77 44.34
CA LYS B 518 -42.55 87.83 43.48
C LYS B 518 -43.36 87.24 42.32
N VAL B 519 -42.93 86.11 41.78
CA VAL B 519 -43.53 85.50 40.60
C VAL B 519 -44.18 84.18 41.01
N ARG B 520 -45.45 84.00 40.64
CA ARG B 520 -46.17 82.78 40.94
C ARG B 520 -47.00 82.26 39.78
N LYS B 521 -46.94 82.88 38.61
CA LYS B 521 -47.64 82.43 37.42
C LYS B 521 -46.74 82.60 36.22
N LEU B 522 -47.10 81.93 35.12
CA LEU B 522 -46.34 82.10 33.88
C LEU B 522 -46.56 83.49 33.30
N SER B 523 -47.76 84.06 33.48
CA SER B 523 -47.98 85.43 33.06
C SER B 523 -47.09 86.39 33.83
N GLN B 524 -46.96 86.19 35.14
CA GLN B 524 -46.06 87.00 35.93
C GLN B 524 -44.61 86.78 35.54
N TYR B 525 -44.25 85.54 35.17
CA TYR B 525 -42.93 85.27 34.65
C TYR B 525 -42.65 86.11 33.40
N VAL B 526 -43.60 86.13 32.47
CA VAL B 526 -43.41 86.89 31.24
C VAL B 526 -43.35 88.39 31.55
N GLN B 527 -44.15 88.84 32.52
CA GLN B 527 -44.10 90.25 32.91
C GLN B 527 -42.73 90.62 33.49
N GLU B 528 -42.20 89.77 34.37
CA GLU B 528 -40.85 89.99 34.88
C GLU B 528 -39.83 89.97 33.75
N MET B 529 -40.03 89.09 32.78
CA MET B 529 -39.09 88.95 31.67
C MET B 529 -39.04 90.25 30.87
N ALA B 530 -40.22 90.81 30.58
CA ALA B 530 -40.30 92.08 29.88
C ALA B 530 -39.70 93.20 30.71
N LEU B 531 -39.97 93.21 32.02
CA LEU B 531 -39.47 94.29 32.87
C LEU B 531 -37.95 94.30 32.91
N GLY B 532 -37.33 93.13 33.03
CA GLY B 532 -35.89 93.10 33.18
C GLY B 532 -35.45 93.46 34.59
N GLY B 533 -34.28 94.08 34.68
CA GLY B 533 -33.74 94.48 35.96
C GLY B 533 -32.81 95.66 35.84
N PRO B 534 -32.23 96.11 36.96
CA PRO B 534 -31.25 97.21 36.87
C PRO B 534 -30.05 96.88 36.01
N ILE B 535 -29.58 95.63 36.04
CA ILE B 535 -28.37 95.28 35.31
C ILE B 535 -28.59 95.35 33.80
N THR B 536 -29.77 94.92 33.34
CA THR B 536 -30.01 94.86 31.90
C THR B 536 -30.19 96.24 31.28
N LYS B 537 -30.36 97.27 32.09
CA LYS B 537 -30.48 98.63 31.57
C LYS B 537 -29.15 99.07 30.97
N GLU B 538 -29.22 99.91 29.94
CA GLU B 538 -28.05 100.45 29.28
C GLU B 538 -28.21 101.97 29.16
N SER B 539 -27.07 102.65 29.09
CA SER B 539 -27.07 104.11 28.96
C SER B 539 -27.66 104.52 27.62
N SER B 623 -56.02 94.33 27.68
CA SER B 623 -56.15 95.55 26.91
C SER B 623 -54.79 95.97 26.34
N LYS B 624 -53.78 95.97 27.21
CA LYS B 624 -52.42 96.34 26.85
C LYS B 624 -51.52 95.12 26.98
N THR B 625 -50.72 94.86 25.96
CA THR B 625 -49.83 93.70 25.97
C THR B 625 -48.70 93.89 26.98
N VAL B 626 -48.03 92.78 27.29
CA VAL B 626 -46.89 92.84 28.19
C VAL B 626 -45.77 93.66 27.59
N SER B 627 -45.70 93.73 26.26
CA SER B 627 -44.69 94.54 25.60
C SER B 627 -44.80 96.00 25.99
N SER B 628 -46.02 96.49 26.24
CA SER B 628 -46.19 97.87 26.67
C SER B 628 -45.50 98.15 28.01
N THR B 629 -45.44 97.16 28.89
CA THR B 629 -44.85 97.33 30.21
C THR B 629 -43.33 97.30 30.21
N ILE B 630 -42.70 97.09 29.05
CA ILE B 630 -41.25 97.09 28.98
C ILE B 630 -40.73 98.49 29.36
N PRO B 631 -39.72 98.61 30.23
CA PRO B 631 -39.15 99.94 30.47
C PRO B 631 -38.43 100.48 29.25
N ARG B 632 -38.36 101.80 29.17
CA ARG B 632 -37.64 102.45 28.09
C ARG B 632 -36.13 102.34 28.32
N GLU B 633 -35.38 102.10 27.24
CA GLU B 633 -33.92 102.02 27.29
C GLU B 633 -33.49 100.88 28.21
N THR B 634 -34.06 99.70 28.00
CA THR B 634 -33.70 98.51 28.76
C THR B 634 -33.79 97.29 27.85
N ILE B 635 -33.05 96.25 28.21
CA ILE B 635 -32.97 95.01 27.45
C ILE B 635 -33.76 93.95 28.23
N PRO B 636 -34.88 93.44 27.70
CA PRO B 636 -35.59 92.38 28.42
C PRO B 636 -34.73 91.13 28.59
N PHE B 637 -35.04 90.36 29.63
CA PHE B 637 -34.31 89.12 29.90
C PHE B 637 -34.42 88.16 28.72
N LEU B 638 -35.61 88.04 28.14
CA LEU B 638 -35.83 87.31 26.90
C LEU B 638 -36.13 88.32 25.81
N HIS B 639 -35.39 88.25 24.71
CA HIS B 639 -35.64 89.17 23.61
C HIS B 639 -35.22 88.51 22.31
N LEU B 640 -35.51 89.18 21.20
CA LEU B 640 -35.07 88.76 19.89
C LEU B 640 -34.13 89.82 19.32
N ARG B 641 -33.02 89.37 18.74
CA ARG B 641 -32.03 90.25 18.16
C ARG B 641 -32.24 90.36 16.65
N LYS B 642 -31.94 91.54 16.12
CA LYS B 642 -31.99 91.81 14.69
C LYS B 642 -30.59 92.07 14.17
N LYS B 643 -30.28 91.50 13.01
CA LYS B 643 -28.97 91.67 12.41
C LYS B 643 -28.88 93.07 11.81
N THR B 644 -27.92 93.86 12.30
CA THR B 644 -27.71 95.20 11.78
C THR B 644 -27.08 95.13 10.40
N PRO B 645 -27.12 96.22 9.63
CA PRO B 645 -26.46 96.21 8.31
C PRO B 645 -24.98 95.91 8.40
N ALA B 646 -24.33 96.26 9.51
CA ALA B 646 -22.92 95.94 9.71
C ALA B 646 -22.68 94.45 9.95
N GLY B 647 -23.74 93.66 10.15
CA GLY B 647 -23.61 92.23 10.36
C GLY B 647 -23.69 91.78 11.80
N ASP B 648 -23.88 92.68 12.75
CA ASP B 648 -23.95 92.35 14.16
C ASP B 648 -25.40 92.25 14.61
N TRP B 649 -25.65 91.35 15.55
CA TRP B 649 -26.99 91.11 16.06
C TRP B 649 -27.21 91.92 17.33
N LYS B 650 -28.21 92.81 17.29
CA LYS B 650 -28.52 93.71 18.39
C LYS B 650 -29.97 93.52 18.80
N TYR B 651 -30.25 93.84 20.06
CA TYR B 651 -31.61 93.79 20.57
C TYR B 651 -32.53 94.67 19.73
N ASP B 652 -33.70 94.14 19.39
CA ASP B 652 -34.68 94.84 18.58
C ASP B 652 -36.01 94.94 19.31
N ARG B 653 -36.51 96.16 19.44
CA ARG B 653 -37.75 96.39 20.17
C ARG B 653 -38.92 95.64 19.53
N GLN B 654 -39.05 95.73 18.20
CA GLN B 654 -40.21 95.12 17.54
C GLN B 654 -40.23 93.61 17.71
N LEU B 655 -39.10 92.96 17.39
CA LEU B 655 -39.05 91.50 17.50
C LEU B 655 -39.18 91.05 18.96
N SER B 656 -38.53 91.76 19.88
CA SER B 656 -38.65 91.40 21.29
C SER B 656 -40.09 91.53 21.77
N SER B 657 -40.77 92.61 21.38
CA SER B 657 -42.16 92.79 21.77
C SER B 657 -43.04 91.70 21.18
N LEU B 658 -42.78 91.32 19.93
CA LEU B 658 -43.52 90.23 19.32
C LEU B 658 -43.34 88.93 20.10
N PHE B 659 -42.09 88.60 20.45
CA PHE B 659 -41.81 87.39 21.20
C PHE B 659 -42.46 87.42 22.58
N LEU B 660 -42.39 88.57 23.27
CA LEU B 660 -42.99 88.68 24.59
C LEU B 660 -44.51 88.58 24.53
N ASP B 661 -45.12 89.17 23.51
CA ASP B 661 -46.57 89.05 23.35
C ASP B 661 -46.96 87.60 23.09
N GLY B 662 -46.20 86.91 22.25
CA GLY B 662 -46.45 85.50 22.04
C GLY B 662 -46.33 84.69 23.33
N LEU B 663 -45.33 85.01 24.14
CA LEU B 663 -45.17 84.32 25.42
C LEU B 663 -46.34 84.62 26.35
N GLU B 664 -46.82 85.87 26.36
CA GLU B 664 -47.96 86.22 27.19
C GLU B 664 -49.20 85.45 26.77
N LYS B 665 -49.43 85.35 25.46
CA LYS B 665 -50.57 84.59 24.97
C LYS B 665 -50.43 83.11 25.31
N ALA B 666 -49.22 82.56 25.18
CA ALA B 666 -49.01 81.16 25.54
C ALA B 666 -49.19 80.92 27.03
N ALA B 667 -48.87 81.93 27.85
CA ALA B 667 -49.02 81.78 29.29
C ALA B 667 -50.48 81.84 29.71
N PHE B 668 -51.25 82.75 29.10
CA PHE B 668 -52.64 82.95 29.52
C PHE B 668 -53.60 82.01 28.78
N ASN B 669 -53.63 82.08 27.46
CA ASN B 669 -54.57 81.27 26.69
C ASN B 669 -54.01 79.88 26.39
N GLY B 670 -52.70 79.72 26.38
CA GLY B 670 -52.08 78.51 25.91
C GLY B 670 -51.78 78.57 24.42
N VAL B 671 -50.82 77.75 23.99
CA VAL B 671 -50.37 77.72 22.60
C VAL B 671 -50.59 76.32 22.06
N THR B 672 -51.28 76.23 20.92
CA THR B 672 -51.51 74.96 20.25
C THR B 672 -50.39 74.66 19.28
N PHE B 673 -50.12 73.37 19.09
CA PHE B 673 -49.15 72.89 18.12
C PHE B 673 -49.76 71.82 17.24
N LYS B 674 -51.04 71.98 16.86
CA LYS B 674 -51.65 71.06 15.93
C LYS B 674 -50.98 71.15 14.56
N ASP B 675 -51.01 70.04 13.84
CA ASP B 675 -50.47 69.97 12.48
C ASP B 675 -49.01 70.42 12.44
N LYS B 676 -48.33 70.27 13.57
CA LYS B 676 -46.92 70.62 13.71
C LYS B 676 -46.16 69.34 13.95
N TYR B 677 -45.32 68.98 12.98
CA TYR B 677 -44.48 67.80 13.07
C TYR B 677 -43.08 68.23 13.46
N VAL B 678 -42.64 67.76 14.62
CA VAL B 678 -41.38 68.16 15.23
C VAL B 678 -40.47 66.95 15.30
N LEU B 679 -39.17 67.18 15.10
CA LEU B 679 -38.14 66.18 15.36
C LEU B 679 -37.22 66.74 16.43
N ILE B 680 -37.21 66.11 17.60
CA ILE B 680 -36.42 66.58 18.74
C ILE B 680 -35.41 65.50 19.11
N THR B 681 -34.16 65.92 19.26
CA THR B 681 -33.09 65.06 19.73
C THR B 681 -32.57 65.58 21.05
N GLY B 682 -32.02 64.68 21.86
CA GLY B 682 -31.55 65.07 23.18
C GLY B 682 -32.65 65.50 24.13
N ALA B 683 -33.75 64.75 24.17
CA ALA B 683 -34.87 65.04 25.06
C ALA B 683 -35.04 63.98 26.14
N GLY B 684 -33.92 63.49 26.68
CA GLY B 684 -34.01 62.51 27.75
C GLY B 684 -34.50 63.11 29.05
N LYS B 685 -34.79 62.25 30.01
CA LYS B 685 -35.28 62.70 31.30
C LYS B 685 -34.27 63.62 31.97
N GLY B 686 -34.77 64.69 32.57
CA GLY B 686 -33.93 65.63 33.27
C GLY B 686 -33.25 66.66 32.39
N SER B 687 -33.73 66.86 31.17
CA SER B 687 -33.15 67.81 30.24
C SER B 687 -34.20 68.80 29.78
N ILE B 688 -33.73 69.84 29.09
CA ILE B 688 -34.62 70.85 28.55
C ILE B 688 -35.45 70.26 27.42
N GLY B 689 -34.87 69.34 26.64
CA GLY B 689 -35.60 68.72 25.57
C GLY B 689 -36.80 67.93 26.06
N ALA B 690 -36.69 67.32 27.24
CA ALA B 690 -37.83 66.60 27.79
C ALA B 690 -38.99 67.54 28.09
N GLU B 691 -38.69 68.69 28.68
CA GLU B 691 -39.74 69.67 28.97
C GLU B 691 -40.34 70.22 27.69
N VAL B 692 -39.50 70.48 26.68
CA VAL B 692 -40.01 70.95 25.39
C VAL B 692 -40.89 69.89 24.75
N LEU B 693 -40.51 68.62 24.87
CA LEU B 693 -41.33 67.54 24.34
C LEU B 693 -42.66 67.46 25.07
N GLN B 694 -42.65 67.62 26.39
CA GLN B 694 -43.91 67.64 27.14
C GLN B 694 -44.80 68.76 26.66
N GLY B 695 -44.23 69.94 26.44
CA GLY B 695 -45.03 71.05 25.94
C GLY B 695 -45.59 70.79 24.55
N LEU B 696 -44.77 70.22 23.67
CA LEU B 696 -45.25 69.89 22.33
C LEU B 696 -46.39 68.88 22.37
N LEU B 697 -46.25 67.85 23.21
CA LEU B 697 -47.29 66.85 23.35
C LEU B 697 -48.56 67.48 23.92
N GLN B 698 -48.41 68.39 24.88
CA GLN B 698 -49.57 69.13 25.38
C GLN B 698 -50.25 69.91 24.27
N GLY B 699 -49.48 70.59 23.44
CA GLY B 699 -50.02 71.38 22.35
C GLY B 699 -50.57 70.58 21.19
N GLY B 700 -50.29 69.29 21.14
CA GLY B 700 -50.87 68.43 20.12
C GLY B 700 -49.95 68.10 18.97
N ALA B 701 -48.66 68.35 19.10
CA ALA B 701 -47.73 68.16 18.00
C ALA B 701 -47.42 66.67 17.80
N LYS B 702 -47.04 66.34 16.57
CA LYS B 702 -46.52 65.02 16.24
C LYS B 702 -45.00 65.06 16.38
N VAL B 703 -44.48 64.51 17.46
CA VAL B 703 -43.09 64.66 17.84
C VAL B 703 -42.37 63.33 17.63
N VAL B 704 -41.26 63.36 16.90
CA VAL B 704 -40.34 62.24 16.80
C VAL B 704 -39.20 62.57 17.77
N VAL B 705 -39.18 61.88 18.88
CA VAL B 705 -38.13 62.04 19.88
C VAL B 705 -37.09 60.96 19.65
N THR B 706 -35.83 61.37 19.61
CA THR B 706 -34.71 60.49 19.36
C THR B 706 -33.91 60.30 20.64
N THR B 707 -33.60 59.05 20.98
CA THR B 707 -32.90 58.71 22.22
C THR B 707 -31.69 57.85 21.92
N SER B 708 -30.58 58.14 22.61
CA SER B 708 -29.36 57.36 22.51
C SER B 708 -29.26 56.29 23.59
N ARG B 709 -30.24 56.20 24.49
CA ARG B 709 -30.28 55.21 25.56
C ARG B 709 -31.51 54.35 25.44
N PHE B 710 -31.83 53.93 24.21
CA PHE B 710 -33.06 53.18 23.96
C PHE B 710 -33.07 51.89 24.77
N SER B 711 -34.05 51.77 25.65
CA SER B 711 -34.19 50.61 26.53
C SER B 711 -35.60 50.62 27.10
N LYS B 712 -35.90 49.61 27.91
CA LYS B 712 -37.23 49.53 28.51
C LYS B 712 -37.49 50.71 29.43
N GLN B 713 -36.47 51.13 30.18
CA GLN B 713 -36.65 52.28 31.08
C GLN B 713 -37.01 53.53 30.29
N VAL B 714 -36.28 53.80 29.22
CA VAL B 714 -36.53 55.01 28.44
C VAL B 714 -37.88 54.94 27.75
N THR B 715 -38.23 53.78 27.18
CA THR B 715 -39.51 53.66 26.49
C THR B 715 -40.67 53.78 27.47
N ASP B 716 -40.53 53.21 28.67
CA ASP B 716 -41.56 53.37 29.69
C ASP B 716 -41.68 54.82 30.13
N TYR B 717 -40.54 55.51 30.26
CA TYR B 717 -40.57 56.93 30.61
C TYR B 717 -41.33 57.73 29.56
N TYR B 718 -41.04 57.49 28.27
CA TYR B 718 -41.72 58.24 27.23
C TYR B 718 -43.19 57.86 27.14
N GLN B 719 -43.52 56.60 27.43
CA GLN B 719 -44.93 56.22 27.46
C GLN B 719 -45.66 56.93 28.59
N SER B 720 -45.02 57.04 29.76
CA SER B 720 -45.65 57.77 30.86
C SER B 720 -45.81 59.25 30.50
N ILE B 721 -44.81 59.82 29.84
CA ILE B 721 -44.89 61.22 29.43
C ILE B 721 -46.05 61.40 28.47
N TYR B 722 -46.22 60.49 27.52
CA TYR B 722 -47.32 60.62 26.57
C TYR B 722 -48.66 60.38 27.25
N ALA B 723 -48.73 59.42 28.16
CA ALA B 723 -49.99 59.15 28.85
C ALA B 723 -50.38 60.34 29.72
N LYS B 724 -49.41 61.12 30.17
CA LYS B 724 -49.71 62.29 30.98
C LYS B 724 -50.05 63.52 30.15
N TYR B 725 -49.30 63.78 29.07
CA TYR B 725 -49.39 65.05 28.36
C TYR B 725 -49.92 64.97 26.94
N GLY B 726 -49.77 63.83 26.25
CA GLY B 726 -50.14 63.74 24.85
C GLY B 726 -51.58 64.09 24.59
N ALA B 727 -51.79 65.26 23.98
CA ALA B 727 -53.14 65.75 23.72
C ALA B 727 -53.75 64.99 22.55
N LYS B 728 -55.03 65.27 22.31
CA LYS B 728 -55.72 64.68 21.17
C LYS B 728 -55.02 65.09 19.88
N GLY B 729 -54.74 64.11 19.03
CA GLY B 729 -54.07 64.36 17.78
C GLY B 729 -52.56 64.31 17.83
N SER B 730 -51.96 64.17 19.01
CA SER B 730 -50.52 64.10 19.14
C SER B 730 -50.06 62.65 18.97
N THR B 731 -48.86 62.48 18.43
CA THR B 731 -48.23 61.18 18.29
C THR B 731 -46.77 61.30 18.68
N LEU B 732 -46.32 60.44 19.57
CA LEU B 732 -44.93 60.41 20.00
C LEU B 732 -44.23 59.20 19.39
N ILE B 733 -43.20 59.46 18.58
CA ILE B 733 -42.40 58.41 17.96
C ILE B 733 -41.04 58.42 18.63
N VAL B 734 -40.83 57.48 19.55
CA VAL B 734 -39.54 57.31 20.23
C VAL B 734 -38.71 56.38 19.36
N VAL B 735 -37.54 56.86 18.93
CA VAL B 735 -36.66 56.03 18.10
C VAL B 735 -35.26 56.00 18.70
N PRO B 736 -34.57 54.87 18.58
CA PRO B 736 -33.14 54.87 18.91
C PRO B 736 -32.38 55.65 17.86
N PHE B 737 -31.35 56.34 18.29
CA PHE B 737 -30.69 57.27 17.39
C PHE B 737 -29.33 57.66 17.94
N ASN B 738 -28.33 57.61 17.06
CA ASN B 738 -26.99 58.07 17.36
C ASN B 738 -26.75 59.31 16.50
N GLN B 739 -26.88 60.49 17.09
CA GLN B 739 -26.63 61.71 16.33
C GLN B 739 -25.16 61.84 15.93
N GLY B 740 -24.27 61.06 16.52
CA GLY B 740 -22.88 61.06 16.12
C GLY B 740 -22.56 60.25 14.90
N SER B 741 -23.55 59.62 14.27
CA SER B 741 -23.34 58.81 13.08
C SER B 741 -24.23 59.31 11.94
N LYS B 742 -23.59 59.75 10.86
CA LYS B 742 -24.34 60.30 9.73
C LYS B 742 -25.24 59.26 9.09
N GLN B 743 -24.89 57.97 9.21
CA GLN B 743 -25.79 56.94 8.74
C GLN B 743 -27.09 56.95 9.52
N ASP B 744 -27.01 57.13 10.85
CA ASP B 744 -28.23 57.25 11.63
C ASP B 744 -28.99 58.52 11.25
N VAL B 745 -28.26 59.62 11.01
CA VAL B 745 -28.95 60.86 10.64
C VAL B 745 -29.73 60.66 9.35
N GLU B 746 -29.08 60.12 8.32
CA GLU B 746 -29.73 59.90 7.04
C GLU B 746 -30.87 58.90 7.18
N ALA B 747 -30.66 57.82 7.95
CA ALA B 747 -31.69 56.81 8.11
C ALA B 747 -32.90 57.37 8.83
N LEU B 748 -32.69 58.18 9.86
CA LEU B 748 -33.80 58.78 10.58
C LEU B 748 -34.58 59.73 9.70
N ILE B 749 -33.89 60.58 8.94
CA ILE B 749 -34.62 61.52 8.08
C ILE B 749 -35.36 60.78 6.99
N GLU B 750 -34.74 59.75 6.42
CA GLU B 750 -35.42 58.93 5.43
C GLU B 750 -36.64 58.24 6.03
N PHE B 751 -36.52 57.74 7.26
CA PHE B 751 -37.64 57.08 7.92
C PHE B 751 -38.77 58.07 8.18
N ILE B 752 -38.44 59.29 8.59
CA ILE B 752 -39.45 60.29 8.86
C ILE B 752 -40.19 60.66 7.58
N TYR B 753 -39.46 60.79 6.47
CA TYR B 753 -40.05 61.30 5.25
C TYR B 753 -40.60 60.23 4.31
N ASP B 754 -40.29 58.96 4.55
CA ASP B 754 -40.78 57.90 3.67
C ASP B 754 -42.28 57.72 3.89
N THR B 755 -42.95 57.20 2.87
CA THR B 755 -44.37 56.92 3.00
C THR B 755 -44.58 55.77 3.99
N GLU B 756 -45.83 55.64 4.45
CA GLU B 756 -46.12 54.61 5.44
C GLU B 756 -46.11 53.22 4.79
N LYS B 757 -46.42 53.17 3.49
CA LYS B 757 -46.32 51.89 2.78
C LYS B 757 -44.88 51.41 2.66
N ASN B 758 -43.92 52.34 2.64
CA ASN B 758 -42.50 52.00 2.57
C ASN B 758 -41.91 51.67 3.93
N GLY B 759 -42.71 51.69 5.00
CA GLY B 759 -42.22 51.44 6.33
C GLY B 759 -41.79 52.67 7.10
N GLY B 760 -42.00 53.86 6.56
CA GLY B 760 -41.66 55.10 7.22
C GLY B 760 -42.82 55.67 8.00
N LEU B 761 -42.82 57.00 8.13
CA LEU B 761 -43.90 57.72 8.80
C LEU B 761 -44.75 58.56 7.85
N GLY B 762 -44.23 58.93 6.69
CA GLY B 762 -44.97 59.81 5.80
C GLY B 762 -45.16 61.19 6.40
N TRP B 763 -44.19 61.66 7.17
CA TRP B 763 -44.26 62.94 7.87
C TRP B 763 -43.36 63.95 7.16
N ASP B 764 -43.77 65.22 7.22
CA ASP B 764 -42.97 66.33 6.77
C ASP B 764 -42.72 67.23 7.97
N LEU B 765 -41.44 67.44 8.30
CA LEU B 765 -41.10 68.10 9.55
C LEU B 765 -41.45 69.58 9.50
N ASP B 766 -42.15 70.05 10.52
CA ASP B 766 -42.42 71.47 10.70
C ASP B 766 -41.41 72.14 11.62
N ALA B 767 -40.74 71.39 12.48
CA ALA B 767 -39.73 71.97 13.35
C ALA B 767 -38.67 70.91 13.65
N ILE B 768 -37.44 71.38 13.88
CA ILE B 768 -36.33 70.53 14.26
C ILE B 768 -35.67 71.14 15.48
N ILE B 769 -35.44 70.33 16.51
CA ILE B 769 -34.89 70.76 17.79
C ILE B 769 -33.71 69.83 18.07
N PRO B 770 -32.53 70.08 17.51
CA PRO B 770 -31.40 69.16 17.70
C PRO B 770 -30.60 69.49 18.96
N PHE B 771 -31.18 69.14 20.11
CA PHE B 771 -30.58 69.42 21.40
C PHE B 771 -29.68 68.29 21.90
N ALA B 772 -29.43 67.28 21.08
CA ALA B 772 -28.55 66.19 21.49
C ALA B 772 -27.12 66.70 21.64
N ALA B 773 -26.49 66.32 22.75
CA ALA B 773 -25.11 66.69 23.04
C ALA B 773 -24.62 65.75 24.12
N ILE B 774 -23.31 65.51 24.12
CA ILE B 774 -22.67 64.73 25.18
C ILE B 774 -21.85 65.70 26.04
N PRO B 775 -21.80 65.52 27.36
CA PRO B 775 -21.10 66.51 28.18
C PRO B 775 -19.59 66.41 28.04
N GLU B 776 -18.92 67.50 28.41
CA GLU B 776 -17.46 67.59 28.36
C GLU B 776 -16.99 68.38 29.58
N GLN B 777 -16.28 67.73 30.48
CA GLN B 777 -15.72 68.38 31.67
C GLN B 777 -14.21 68.22 31.67
N GLY B 778 -13.52 69.29 32.04
CA GLY B 778 -12.08 69.23 32.23
C GLY B 778 -11.31 68.84 30.98
N ILE B 779 -11.82 69.24 29.82
CA ILE B 779 -11.15 68.98 28.54
C ILE B 779 -10.74 70.35 28.00
N GLU B 780 -9.52 70.76 28.29
CA GLU B 780 -9.00 72.03 27.84
C GLU B 780 -8.49 71.88 26.41
N LEU B 781 -7.77 72.90 25.92
CA LEU B 781 -7.21 72.83 24.57
C LEU B 781 -6.25 71.66 24.42
N GLU B 782 -5.36 71.47 25.40
CA GLU B 782 -4.40 70.38 25.32
C GLU B 782 -5.06 69.01 25.38
N HIS B 783 -6.27 68.92 25.91
CA HIS B 783 -6.96 67.65 26.11
C HIS B 783 -7.96 67.33 25.01
N ILE B 784 -8.09 68.16 23.98
CA ILE B 784 -9.01 67.87 22.89
C ILE B 784 -8.59 66.58 22.22
N ASP B 785 -9.53 65.64 22.14
CA ASP B 785 -9.21 64.25 21.80
C ASP B 785 -10.40 63.65 21.06
N SER B 786 -10.44 62.31 21.03
CA SER B 786 -11.49 61.59 20.33
C SER B 786 -12.87 61.98 20.85
N LYS B 787 -13.04 62.05 22.16
CA LYS B 787 -14.34 62.41 22.72
C LYS B 787 -14.75 63.81 22.29
N SER B 788 -13.81 64.74 22.29
CA SER B 788 -14.12 66.11 21.89
C SER B 788 -14.50 66.17 20.42
N GLU B 789 -13.77 65.46 19.57
CA GLU B 789 -14.11 65.47 18.15
C GLU B 789 -15.46 64.81 17.90
N PHE B 790 -15.76 63.73 18.62
CA PHE B 790 -17.05 63.07 18.47
C PHE B 790 -18.19 63.97 18.93
N ALA B 791 -18.00 64.65 20.07
CA ALA B 791 -19.00 65.59 20.54
C ALA B 791 -19.20 66.72 19.54
N HIS B 792 -18.11 67.22 18.96
CA HIS B 792 -18.23 68.24 17.94
C HIS B 792 -19.00 67.73 16.74
N ARG B 793 -18.74 66.49 16.33
CA ARG B 793 -19.50 65.90 15.24
C ARG B 793 -21.00 65.92 15.57
N ILE B 794 -21.36 65.39 16.74
CA ILE B 794 -22.75 65.32 17.15
C ILE B 794 -23.39 66.71 17.11
N MET B 795 -22.70 67.70 17.66
CA MET B 795 -23.34 68.97 17.97
C MET B 795 -23.22 70.01 16.86
N LEU B 796 -22.32 69.83 15.90
CA LEU B 796 -22.21 70.70 14.73
C LEU B 796 -22.38 69.94 13.42
N THR B 797 -21.55 68.92 13.20
CA THR B 797 -21.46 68.31 11.88
C THR B 797 -22.72 67.54 11.55
N ASN B 798 -23.17 66.71 12.48
CA ASN B 798 -24.34 65.88 12.19
C ASN B 798 -25.62 66.69 12.31
N ILE B 799 -25.62 67.78 13.07
CA ILE B 799 -26.74 68.71 13.00
C ILE B 799 -26.85 69.30 11.61
N LEU B 800 -25.72 69.78 11.06
CA LEU B 800 -25.75 70.34 9.71
C LEU B 800 -26.14 69.28 8.69
N ARG B 801 -25.66 68.05 8.87
CA ARG B 801 -26.06 66.96 7.99
C ARG B 801 -27.55 66.69 8.10
N MET B 802 -28.11 66.81 9.31
CA MET B 802 -29.54 66.55 9.50
C MET B 802 -30.38 67.60 8.79
N MET B 803 -30.02 68.88 8.93
CA MET B 803 -30.74 69.91 8.19
C MET B 803 -30.54 69.74 6.68
N GLY B 804 -29.34 69.33 6.26
CA GLY B 804 -29.14 69.05 4.85
C GLY B 804 -30.01 67.91 4.36
N CYS B 805 -30.17 66.87 5.16
CA CYS B 805 -31.02 65.74 4.79
C CYS B 805 -32.48 66.16 4.69
N VAL B 806 -32.93 67.00 5.63
CA VAL B 806 -34.30 67.49 5.55
C VAL B 806 -34.50 68.35 4.31
N LYS B 807 -33.51 69.19 4.00
CA LYS B 807 -33.56 69.97 2.77
C LYS B 807 -33.64 69.06 1.55
N LYS B 808 -32.85 67.99 1.54
CA LYS B 808 -32.85 67.08 0.39
C LYS B 808 -34.20 66.39 0.24
N GLN B 809 -34.78 65.93 1.35
CA GLN B 809 -36.08 65.28 1.27
C GLN B 809 -37.15 66.24 0.77
N LYS B 810 -37.18 67.46 1.31
CA LYS B 810 -38.18 68.43 0.88
C LYS B 810 -38.00 68.79 -0.60
N SER B 811 -36.75 68.96 -1.04
CA SER B 811 -36.51 69.30 -2.44
C SER B 811 -36.89 68.15 -3.35
N ALA B 812 -36.59 66.91 -2.95
CA ALA B 812 -36.96 65.75 -3.76
C ALA B 812 -38.47 65.64 -3.88
N ARG B 813 -39.19 65.95 -2.81
CA ARG B 813 -40.65 65.95 -2.83
C ARG B 813 -41.24 67.25 -3.34
N GLY B 814 -40.41 68.22 -3.74
CA GLY B 814 -40.88 69.46 -4.31
C GLY B 814 -41.63 70.33 -3.33
N ILE B 815 -41.14 70.39 -2.09
CA ILE B 815 -41.76 71.15 -1.03
C ILE B 815 -40.98 72.46 -0.87
N GLU B 816 -41.66 73.58 -1.12
CA GLU B 816 -41.04 74.90 -1.02
C GLU B 816 -41.75 75.75 0.03
N THR B 817 -43.03 75.49 0.26
CA THR B 817 -43.87 76.33 1.10
C THR B 817 -44.10 75.75 2.49
N ARG B 818 -43.35 74.74 2.89
CA ARG B 818 -43.43 74.16 4.24
C ARG B 818 -42.03 74.04 4.81
N PRO B 819 -41.42 75.15 5.21
CA PRO B 819 -40.10 75.08 5.83
C PRO B 819 -40.16 74.44 7.20
N ALA B 820 -39.06 73.76 7.55
CA ALA B 820 -38.86 73.22 8.89
C ALA B 820 -38.10 74.25 9.71
N GLN B 821 -38.60 74.54 10.91
CA GLN B 821 -37.96 75.52 11.79
C GLN B 821 -36.92 74.80 12.63
N VAL B 822 -35.64 75.02 12.31
CA VAL B 822 -34.54 74.45 13.06
C VAL B 822 -34.27 75.36 14.25
N ILE B 823 -34.62 74.88 15.44
CA ILE B 823 -34.41 75.63 16.68
C ILE B 823 -33.02 75.23 17.19
N LEU B 824 -32.03 76.03 16.85
CA LEU B 824 -30.65 75.69 17.17
C LEU B 824 -30.35 76.01 18.63
N PRO B 825 -29.77 75.07 19.41
CA PRO B 825 -29.33 75.41 20.77
C PRO B 825 -27.99 76.13 20.74
N MET B 826 -28.01 77.42 21.09
CA MET B 826 -26.83 78.26 21.04
C MET B 826 -26.44 78.64 22.47
N SER B 827 -25.14 78.80 22.67
CA SER B 827 -24.59 79.17 23.97
C SER B 827 -24.28 80.65 24.00
N PRO B 828 -24.71 81.41 25.00
CA PRO B 828 -24.27 82.82 25.07
C PRO B 828 -22.78 82.95 25.24
N ASN B 829 -22.14 81.96 25.86
CA ASN B 829 -20.72 82.00 26.18
C ASN B 829 -19.98 81.02 25.29
N HIS B 830 -18.95 81.52 24.60
CA HIS B 830 -18.12 80.72 23.69
C HIS B 830 -16.70 80.76 24.22
N GLY B 831 -16.34 79.77 25.04
CA GLY B 831 -15.03 79.69 25.63
C GLY B 831 -14.86 80.47 26.92
N THR B 832 -15.95 81.01 27.48
CA THR B 832 -15.82 81.79 28.72
C THR B 832 -15.39 80.91 29.88
N PHE B 833 -15.96 79.69 29.97
CA PHE B 833 -15.64 78.80 31.08
C PHE B 833 -14.43 77.93 30.75
N GLY B 834 -14.32 77.49 29.50
CA GLY B 834 -13.23 76.64 29.09
C GLY B 834 -13.33 75.25 29.70
N GLY B 835 -12.37 74.41 29.32
CA GLY B 835 -12.36 73.04 29.82
C GLY B 835 -13.59 72.26 29.44
N ASP B 836 -14.22 72.61 28.31
CA ASP B 836 -15.42 71.94 27.82
C ASP B 836 -15.22 71.38 26.43
N GLY B 837 -13.97 71.07 26.07
CA GLY B 837 -13.71 70.44 24.78
C GLY B 837 -14.08 71.35 23.64
N MET B 838 -14.93 70.83 22.74
CA MET B 838 -15.34 71.52 21.53
C MET B 838 -16.74 72.10 21.65
N TYR B 839 -17.27 72.22 22.88
CA TYR B 839 -18.61 72.74 23.06
C TYR B 839 -18.75 74.15 22.49
N SER B 840 -17.82 75.03 22.88
CA SER B 840 -17.87 76.40 22.39
C SER B 840 -17.70 76.44 20.88
N GLU B 841 -16.81 75.61 20.34
CA GLU B 841 -16.60 75.58 18.90
C GLU B 841 -17.89 75.20 18.17
N SER B 842 -18.58 74.16 18.64
CA SER B 842 -19.81 73.74 18.00
C SER B 842 -20.88 74.83 18.10
N LYS B 843 -21.05 75.40 19.29
CA LYS B 843 -22.08 76.41 19.48
C LYS B 843 -21.82 77.64 18.64
N LEU B 844 -20.55 78.05 18.54
CA LEU B 844 -20.22 79.25 17.78
C LEU B 844 -20.30 78.99 16.28
N SER B 845 -19.92 77.79 15.83
CA SER B 845 -20.01 77.47 14.42
C SER B 845 -21.45 77.29 13.98
N LEU B 846 -22.36 77.00 14.91
CA LEU B 846 -23.77 76.97 14.55
C LEU B 846 -24.31 78.34 14.16
N GLU B 847 -23.58 79.42 14.45
CA GLU B 847 -24.04 80.75 14.10
C GLU B 847 -23.84 81.08 12.63
N THR B 848 -23.11 80.25 11.89
CA THR B 848 -22.96 80.46 10.45
C THR B 848 -24.27 80.24 9.70
N LEU B 849 -25.24 79.57 10.31
CA LEU B 849 -26.45 79.20 9.58
C LEU B 849 -27.31 80.43 9.29
N PHE B 850 -27.19 81.47 10.11
CA PHE B 850 -27.93 82.70 9.85
C PHE B 850 -27.53 83.32 8.52
N ASN B 851 -26.23 83.32 8.23
CA ASN B 851 -25.77 83.84 6.93
C ASN B 851 -25.97 82.82 5.82
N ARG B 852 -25.78 81.53 6.12
CA ARG B 852 -25.96 80.51 5.10
C ARG B 852 -27.40 80.47 4.60
N TRP B 853 -28.36 80.82 5.46
CA TRP B 853 -29.75 80.84 5.06
C TRP B 853 -29.96 81.81 3.90
N HIS B 854 -29.37 82.99 3.98
CA HIS B 854 -29.46 83.96 2.89
C HIS B 854 -28.59 83.57 1.71
N SER B 855 -27.40 83.03 1.96
CA SER B 855 -26.41 82.84 0.91
C SER B 855 -26.55 81.54 0.15
N GLU B 856 -27.44 80.64 0.58
CA GLU B 856 -27.57 79.31 -0.01
C GLU B 856 -29.01 79.10 -0.48
N SER B 857 -29.26 77.92 -1.03
CA SER B 857 -30.52 77.59 -1.69
C SER B 857 -31.40 76.65 -0.87
N TRP B 858 -31.34 76.75 0.46
CA TRP B 858 -32.19 75.96 1.35
C TRP B 858 -33.06 76.83 2.25
N ALA B 859 -33.22 78.11 1.90
CA ALA B 859 -34.03 79.00 2.71
C ALA B 859 -35.49 78.57 2.71
N ASN B 860 -36.00 78.09 1.57
CA ASN B 860 -37.40 77.71 1.48
C ASN B 860 -37.69 76.39 2.17
N GLN B 861 -36.68 75.56 2.42
CA GLN B 861 -36.87 74.28 3.08
C GLN B 861 -36.65 74.35 4.58
N LEU B 862 -35.82 75.28 5.05
CA LEU B 862 -35.52 75.41 6.47
C LEU B 862 -35.50 76.88 6.87
N THR B 863 -35.81 77.12 8.14
CA THR B 863 -35.74 78.45 8.73
C THR B 863 -34.96 78.36 10.03
N VAL B 864 -33.99 79.24 10.21
CA VAL B 864 -33.06 79.17 11.33
C VAL B 864 -33.58 80.00 12.49
N CYS B 865 -33.68 79.37 13.66
CA CYS B 865 -34.13 80.02 14.88
C CYS B 865 -33.11 79.67 15.96
N GLY B 866 -32.11 80.53 16.15
CA GLY B 866 -31.10 80.24 17.14
C GLY B 866 -31.52 80.70 18.51
N ALA B 867 -31.87 79.77 19.39
CA ALA B 867 -32.21 80.08 20.76
C ALA B 867 -30.94 80.04 21.60
N ILE B 868 -30.49 81.20 22.03
CA ILE B 868 -29.34 81.33 22.92
C ILE B 868 -29.90 81.00 24.30
N ILE B 869 -29.67 79.76 24.73
CA ILE B 869 -30.22 79.28 25.99
C ILE B 869 -29.37 79.81 27.14
N GLY B 870 -30.03 80.39 28.13
CA GLY B 870 -29.35 80.93 29.29
C GLY B 870 -29.08 79.88 30.33
N TRP B 871 -28.71 80.34 31.52
CA TRP B 871 -28.42 79.44 32.62
C TRP B 871 -29.69 78.71 33.04
N THR B 872 -29.69 77.39 32.86
CA THR B 872 -30.83 76.54 33.17
C THR B 872 -30.46 75.63 34.33
N ARG B 873 -31.37 75.49 35.28
CA ARG B 873 -31.13 74.70 36.49
C ARG B 873 -31.74 73.32 36.31
N GLY B 874 -30.90 72.29 36.35
CA GLY B 874 -31.37 70.92 36.18
C GLY B 874 -31.78 70.29 37.49
N ALA B 880 -23.42 71.54 41.63
CA ALA B 880 -22.25 72.04 40.93
C ALA B 880 -22.56 73.36 40.25
N ASN B 881 -23.51 73.34 39.32
CA ASN B 881 -23.92 74.52 38.56
C ASN B 881 -25.26 75.06 39.04
N ASN B 882 -25.74 74.61 40.20
CA ASN B 882 -27.00 75.07 40.77
C ASN B 882 -26.76 75.84 42.05
N ILE B 883 -25.72 75.46 42.80
CA ILE B 883 -25.51 76.00 44.14
C ILE B 883 -25.24 77.50 44.07
N ILE B 884 -24.67 77.98 42.97
CA ILE B 884 -24.32 79.40 42.83
C ILE B 884 -25.35 80.19 42.03
N ALA B 885 -26.46 79.56 41.61
CA ALA B 885 -27.48 80.29 40.88
C ALA B 885 -28.10 81.39 41.72
N GLU B 886 -28.30 81.14 43.01
CA GLU B 886 -28.82 82.18 43.90
C GLU B 886 -27.87 83.37 43.96
N GLY B 887 -26.58 83.12 44.14
CA GLY B 887 -25.62 84.21 44.18
C GLY B 887 -25.55 84.97 42.88
N ILE B 888 -25.75 84.28 41.75
CA ILE B 888 -25.78 84.97 40.47
C ILE B 888 -26.98 85.90 40.34
N GLU B 889 -28.12 85.55 40.93
CA GLU B 889 -29.32 86.36 40.80
C GLU B 889 -29.32 87.61 41.68
N LYS B 890 -28.40 87.72 42.64
CA LYS B 890 -28.38 88.88 43.52
C LYS B 890 -28.01 90.17 42.80
N MET B 891 -27.44 90.08 41.59
CA MET B 891 -27.03 91.26 40.84
C MET B 891 -28.01 91.62 39.73
N GLY B 892 -29.21 91.06 39.74
CA GLY B 892 -30.21 91.32 38.72
C GLY B 892 -30.21 90.32 37.58
N VAL B 893 -29.18 89.49 37.46
CA VAL B 893 -29.20 88.43 36.47
C VAL B 893 -30.36 87.48 36.78
N ARG B 894 -30.92 86.89 35.73
CA ARG B 894 -32.07 86.02 35.84
C ARG B 894 -31.71 84.61 35.41
N THR B 895 -32.03 83.63 36.24
CA THR B 895 -31.74 82.23 35.98
C THR B 895 -33.05 81.47 35.80
N PHE B 896 -33.05 80.52 34.88
CA PHE B 896 -34.25 79.81 34.47
C PHE B 896 -34.20 78.37 34.94
N SER B 897 -35.38 77.78 35.13
CA SER B 897 -35.52 76.36 35.36
C SER B 897 -35.70 75.66 34.02
N GLN B 898 -35.76 74.33 34.05
CA GLN B 898 -35.97 73.58 32.82
C GLN B 898 -37.36 73.87 32.25
N LYS B 899 -38.36 73.98 33.12
CA LYS B 899 -39.71 74.30 32.66
C LYS B 899 -39.77 75.70 32.06
N GLU B 900 -39.15 76.68 32.72
CA GLU B 900 -39.15 78.04 32.18
C GLU B 900 -38.41 78.11 30.85
N MET B 901 -37.27 77.42 30.75
CA MET B 901 -36.52 77.40 29.50
C MET B 901 -37.31 76.74 28.39
N ALA B 902 -38.02 75.65 28.71
CA ALA B 902 -38.86 75.00 27.71
C ALA B 902 -40.01 75.89 27.28
N PHE B 903 -40.59 76.65 28.23
CA PHE B 903 -41.62 77.61 27.87
C PHE B 903 -41.07 78.67 26.92
N ASN B 904 -39.86 79.17 27.19
CA ASN B 904 -39.25 80.14 26.31
C ASN B 904 -39.00 79.55 24.92
N LEU B 905 -38.51 78.31 24.86
CA LEU B 905 -38.22 77.68 23.58
C LEU B 905 -39.50 77.40 22.80
N LEU B 906 -40.57 77.02 23.50
CA LEU B 906 -41.85 76.78 22.84
C LEU B 906 -42.51 78.08 22.41
N GLY B 907 -42.15 79.19 23.06
CA GLY B 907 -42.60 80.48 22.58
C GLY B 907 -42.08 80.80 21.19
N LEU B 908 -40.96 80.18 20.81
CA LEU B 908 -40.41 80.36 19.48
C LEU B 908 -41.10 79.49 18.43
N LEU B 909 -41.99 78.58 18.85
CA LEU B 909 -42.79 77.78 17.93
C LEU B 909 -44.18 78.35 17.72
N THR B 910 -44.48 79.52 18.28
CA THR B 910 -45.78 80.13 18.05
C THR B 910 -45.92 80.49 16.56
N PRO B 911 -47.16 80.60 16.06
CA PRO B 911 -47.30 80.90 14.63
C PRO B 911 -46.63 82.18 14.19
N GLU B 912 -46.65 83.21 15.04
CA GLU B 912 -46.10 84.50 14.63
C GLU B 912 -44.57 84.46 14.60
N VAL B 913 -43.96 83.80 15.58
CA VAL B 913 -42.50 83.63 15.53
C VAL B 913 -42.12 82.71 14.37
N VAL B 914 -42.95 81.73 14.05
CA VAL B 914 -42.68 80.88 12.89
C VAL B 914 -42.69 81.71 11.61
N GLU B 915 -43.67 82.60 11.48
CA GLU B 915 -43.73 83.47 10.32
C GLU B 915 -42.55 84.42 10.29
N LEU B 916 -42.11 84.89 11.45
CA LEU B 916 -40.93 85.74 11.53
C LEU B 916 -39.68 84.98 11.04
N CYS B 917 -39.53 83.72 11.47
CA CYS B 917 -38.42 82.91 11.02
C CYS B 917 -38.48 82.69 9.51
N GLN B 918 -39.68 82.49 8.98
CA GLN B 918 -39.82 82.32 7.54
C GLN B 918 -39.45 83.60 6.79
N LYS B 919 -39.77 84.76 7.38
CA LYS B 919 -39.35 86.02 6.79
C LYS B 919 -37.82 86.13 6.77
N SER B 920 -37.18 85.84 7.90
CA SER B 920 -35.73 85.89 7.99
C SER B 920 -35.31 85.15 9.25
N PRO B 921 -34.10 84.59 9.28
CA PRO B 921 -33.67 83.82 10.46
C PRO B 921 -33.59 84.71 11.68
N VAL B 922 -33.94 84.14 12.84
CA VAL B 922 -34.08 84.91 14.06
C VAL B 922 -33.15 84.36 15.14
N MET B 923 -32.45 85.28 15.79
CA MET B 923 -31.72 85.02 17.03
C MET B 923 -32.66 85.39 18.17
N ALA B 924 -32.98 84.42 19.02
CA ALA B 924 -33.66 84.68 20.27
C ALA B 924 -32.63 84.57 21.38
N ASP B 925 -32.46 85.64 22.14
CA ASP B 925 -31.58 85.64 23.31
C ASP B 925 -32.46 85.38 24.52
N LEU B 926 -32.35 84.18 25.08
CA LEU B 926 -33.04 83.81 26.31
C LEU B 926 -32.05 83.70 27.46
N ASN B 927 -31.03 84.57 27.45
CA ASN B 927 -29.90 84.44 28.37
C ASN B 927 -30.24 84.93 29.77
N GLY B 928 -31.25 85.76 29.93
CA GLY B 928 -31.60 86.25 31.25
C GLY B 928 -30.72 87.36 31.74
N GLY B 929 -30.04 88.08 30.84
CA GLY B 929 -29.14 89.14 31.25
C GLY B 929 -27.79 88.66 31.74
N LEU B 930 -27.46 87.40 31.51
CA LEU B 930 -26.17 86.86 31.96
C LEU B 930 -25.00 87.54 31.25
N GLN B 931 -25.20 88.11 30.06
CA GLN B 931 -24.09 88.70 29.34
C GLN B 931 -23.65 90.03 29.93
N PHE B 932 -24.49 90.65 30.76
CA PHE B 932 -24.19 92.00 31.23
C PHE B 932 -23.20 92.00 32.39
N VAL B 933 -23.08 90.88 33.11
CA VAL B 933 -22.09 90.82 34.18
C VAL B 933 -20.69 90.80 33.59
N PRO B 934 -19.73 91.61 34.07
CA PRO B 934 -18.37 91.52 33.54
C PRO B 934 -17.61 90.37 34.16
N GLU B 935 -16.82 89.69 33.32
CA GLU B 935 -16.00 88.55 33.75
C GLU B 935 -16.87 87.48 34.41
N LEU B 936 -17.79 86.94 33.62
CA LEU B 936 -18.75 85.97 34.14
C LEU B 936 -18.05 84.72 34.64
N LYS B 937 -17.04 84.24 33.91
CA LYS B 937 -16.32 83.04 34.35
C LYS B 937 -15.65 83.28 35.70
N GLU B 938 -14.95 84.39 35.84
CA GLU B 938 -14.25 84.66 37.10
C GLU B 938 -15.22 84.87 38.24
N PHE B 939 -16.34 85.55 37.98
CA PHE B 939 -17.31 85.79 39.05
C PHE B 939 -18.00 84.49 39.47
N THR B 940 -18.29 83.62 38.50
CA THR B 940 -18.83 82.30 38.82
C THR B 940 -17.84 81.50 39.65
N ALA B 941 -16.56 81.53 39.28
CA ALA B 941 -15.55 80.84 40.07
C ALA B 941 -15.47 81.41 41.47
N LYS B 942 -15.58 82.74 41.59
CA LYS B 942 -15.55 83.38 42.91
C LYS B 942 -16.74 82.94 43.76
N LEU B 943 -17.93 82.89 43.18
CA LEU B 943 -19.10 82.44 43.92
C LEU B 943 -18.91 81.01 44.41
N ARG B 944 -18.48 80.12 43.52
CA ARG B 944 -18.28 78.73 43.91
C ARG B 944 -17.19 78.62 44.97
N LYS B 945 -16.13 79.41 44.84
CA LYS B 945 -15.03 79.38 45.81
C LYS B 945 -15.51 79.84 47.18
N GLU B 946 -16.28 80.92 47.24
CA GLU B 946 -16.75 81.41 48.52
C GLU B 946 -17.70 80.40 49.17
N LEU B 947 -18.58 79.80 48.36
CA LEU B 947 -19.52 78.82 48.90
C LEU B 947 -18.78 77.60 49.44
N VAL B 948 -17.86 77.06 48.64
CA VAL B 948 -17.11 75.88 49.05
C VAL B 948 -16.29 76.20 50.30
N GLU B 949 -15.61 77.35 50.32
CA GLU B 949 -14.77 77.68 51.45
C GLU B 949 -15.60 77.81 52.73
N THR B 950 -16.76 78.46 52.64
CA THR B 950 -17.63 78.54 53.80
C THR B 950 -18.06 77.15 54.25
N SER B 951 -18.40 76.27 53.31
CA SER B 951 -18.86 74.93 53.67
C SER B 951 -17.76 74.14 54.38
N GLU B 952 -16.55 74.10 53.80
CA GLU B 952 -15.47 73.34 54.43
C GLU B 952 -15.07 73.95 55.77
N VAL B 953 -15.04 75.28 55.86
CA VAL B 953 -14.66 75.91 57.13
C VAL B 953 -15.67 75.55 58.21
N ARG B 954 -16.96 75.64 57.89
CA ARG B 954 -17.97 75.31 58.89
C ARG B 954 -17.91 73.84 59.26
N LYS B 955 -17.71 72.95 58.28
CA LYS B 955 -17.65 71.52 58.59
C LYS B 955 -16.45 71.20 59.46
N ALA B 956 -15.29 71.77 59.15
CA ALA B 956 -14.09 71.52 59.95
C ALA B 956 -14.25 72.07 61.37
N VAL B 957 -14.80 73.29 61.49
CA VAL B 957 -14.99 73.87 62.82
C VAL B 957 -15.97 73.03 63.63
N SER B 958 -17.05 72.55 62.99
CA SER B 958 -18.01 71.72 63.69
C SER B 958 -17.39 70.41 64.14
N ILE B 959 -16.59 69.78 63.27
CA ILE B 959 -15.95 68.53 63.63
C ILE B 959 -15.00 68.73 64.79
N GLU B 960 -14.21 69.81 64.76
CA GLU B 960 -13.24 70.04 65.82
C GLU B 960 -13.93 70.40 67.13
N THR B 961 -15.01 71.18 67.05
CA THR B 961 -15.79 71.47 68.27
C THR B 961 -16.37 70.18 68.84
N ALA B 962 -16.88 69.30 67.98
CA ALA B 962 -17.41 68.03 68.46
C ALA B 962 -16.33 67.20 69.13
N LEU B 963 -15.15 67.13 68.52
CA LEU B 963 -14.06 66.34 69.11
C LEU B 963 -13.60 66.94 70.43
N GLU B 964 -13.53 68.27 70.52
CA GLU B 964 -13.18 68.92 71.77
C GLU B 964 -14.22 68.62 72.84
N HIS B 965 -15.51 68.67 72.48
CA HIS B 965 -16.56 68.33 73.44
C HIS B 965 -16.43 66.89 73.90
N LYS B 966 -16.18 65.96 72.97
CA LYS B 966 -16.11 64.55 73.34
C LYS B 966 -14.91 64.27 74.24
N VAL B 967 -13.76 64.87 73.95
CA VAL B 967 -12.60 64.64 74.80
C VAL B 967 -12.79 65.30 76.16
N VAL B 968 -13.41 66.48 76.20
CA VAL B 968 -13.60 67.18 77.47
C VAL B 968 -14.58 66.42 78.36
N ASN B 969 -15.72 66.01 77.81
CA ASN B 969 -16.79 65.42 78.58
C ASN B 969 -16.84 63.90 78.49
N GLY B 970 -15.80 63.26 77.97
CA GLY B 970 -15.84 61.82 77.86
C GLY B 970 -16.82 61.36 76.80
N ASN B 971 -17.09 60.06 76.81
CA ASN B 971 -18.03 59.46 75.87
C ASN B 971 -19.44 59.47 76.44
N GLN B 979 -29.09 56.63 70.24
CA GLN B 979 -30.42 56.05 70.10
C GLN B 979 -30.37 54.77 69.29
N VAL B 980 -30.83 53.68 69.90
CA VAL B 980 -30.85 52.40 69.19
C VAL B 980 -31.91 52.47 68.09
N GLU B 981 -31.53 52.06 66.88
CA GLU B 981 -32.43 52.04 65.74
C GLU B 981 -32.96 50.63 65.53
N ILE B 982 -34.24 50.53 65.19
CA ILE B 982 -34.92 49.26 64.99
C ILE B 982 -35.20 49.09 63.50
N GLN B 983 -34.78 47.96 62.95
CA GLN B 983 -34.90 47.68 61.53
C GLN B 983 -36.11 46.79 61.26
N PRO B 984 -36.77 46.96 60.12
CA PRO B 984 -37.96 46.13 59.84
C PRO B 984 -37.60 44.67 59.66
N ARG B 985 -38.53 43.81 60.04
CA ARG B 985 -38.39 42.37 59.89
C ARG B 985 -39.62 41.83 59.17
N ALA B 986 -39.40 40.89 58.26
CA ALA B 986 -40.47 40.40 57.41
C ALA B 986 -41.54 39.70 58.25
N ASN B 987 -42.78 40.13 58.07
CA ASN B 987 -43.94 39.54 58.74
C ASN B 987 -44.98 39.27 57.65
N ILE B 988 -44.85 38.12 57.00
CA ILE B 988 -45.70 37.79 55.86
C ILE B 988 -47.10 37.47 56.34
N GLN B 989 -48.09 38.15 55.76
CA GLN B 989 -49.49 37.99 56.13
C GLN B 989 -50.21 37.18 55.06
N LEU B 990 -51.14 36.34 55.50
CA LEU B 990 -51.95 35.55 54.56
C LEU B 990 -52.93 36.41 53.79
N ASP B 991 -53.17 37.65 54.20
CA ASP B 991 -54.05 38.57 53.48
C ASP B 991 -55.47 38.03 53.40
N PHE B 992 -56.00 37.62 54.55
CA PHE B 992 -57.39 37.23 54.62
C PHE B 992 -58.26 38.45 54.34
N PRO B 993 -59.49 38.25 53.85
CA PRO B 993 -60.34 39.41 53.56
C PRO B 993 -60.65 40.20 54.83
N GLU B 994 -60.76 41.52 54.66
CA GLU B 994 -61.12 42.39 55.76
C GLU B 994 -62.60 42.20 56.08
N LEU B 995 -62.90 41.87 57.33
CA LEU B 995 -64.27 41.67 57.79
C LEU B 995 -64.73 42.94 58.49
N LYS B 996 -65.53 43.73 57.79
CA LYS B 996 -66.03 44.97 58.34
C LYS B 996 -67.11 44.71 59.38
N PRO B 997 -67.42 45.69 60.23
CA PRO B 997 -68.53 45.52 61.17
C PRO B 997 -69.84 45.26 60.45
N TYR B 998 -70.78 44.68 61.20
CA TYR B 998 -72.02 44.19 60.58
C TYR B 998 -72.84 45.34 60.01
N LYS B 999 -72.92 46.48 60.71
CA LYS B 999 -73.71 47.58 60.18
C LYS B 999 -73.11 48.08 58.86
N GLN B 1000 -71.78 48.18 58.78
CA GLN B 1000 -71.16 48.64 57.54
C GLN B 1000 -71.37 47.64 56.42
N VAL B 1001 -71.25 46.34 56.72
CA VAL B 1001 -71.41 45.34 55.67
C VAL B 1001 -72.86 45.21 55.26
N LYS B 1002 -73.80 45.59 56.14
CA LYS B 1002 -75.21 45.52 55.81
C LYS B 1002 -75.67 46.75 55.04
N GLN B 1003 -75.00 47.89 55.24
CA GLN B 1003 -75.39 49.11 54.53
C GLN B 1003 -75.26 48.93 53.03
N ILE B 1004 -74.15 48.33 52.58
CA ILE B 1004 -73.90 48.24 51.14
C ILE B 1004 -74.87 47.25 50.48
N ALA B 1005 -75.14 46.13 51.13
CA ALA B 1005 -76.03 45.15 50.55
C ALA B 1005 -77.49 45.59 50.69
N PRO B 1006 -78.38 45.10 49.83
CA PRO B 1006 -79.81 45.45 50.01
C PRO B 1006 -80.36 44.89 51.31
N ALA B 1007 -81.33 45.61 51.87
CA ALA B 1007 -81.96 45.17 53.11
C ALA B 1007 -82.78 43.90 52.92
N GLU B 1008 -83.22 43.62 51.70
CA GLU B 1008 -84.06 42.46 51.42
C GLU B 1008 -83.25 41.20 51.12
N LEU B 1009 -81.92 41.28 51.11
CA LEU B 1009 -81.10 40.10 50.88
C LEU B 1009 -81.07 39.16 52.08
N GLU B 1010 -81.38 39.66 53.27
CA GLU B 1010 -81.32 38.84 54.48
C GLU B 1010 -82.36 37.74 54.42
N GLY B 1011 -81.92 36.49 54.35
CA GLY B 1011 -82.81 35.36 54.27
C GLY B 1011 -83.33 35.07 52.88
N LEU B 1012 -82.93 35.85 51.87
CA LEU B 1012 -83.47 35.66 50.52
C LEU B 1012 -82.69 34.60 49.76
N LEU B 1013 -81.37 34.56 49.94
CA LEU B 1013 -80.52 33.67 49.17
C LEU B 1013 -80.36 32.32 49.86
N ASP B 1014 -80.25 31.28 49.05
CA ASP B 1014 -79.91 29.95 49.56
C ASP B 1014 -78.39 29.85 49.60
N LEU B 1015 -77.82 29.99 50.80
CA LEU B 1015 -76.38 30.05 50.93
C LEU B 1015 -75.73 28.75 50.49
N GLU B 1016 -76.46 27.64 50.55
CA GLU B 1016 -75.90 26.40 50.02
C GLU B 1016 -75.89 26.39 48.50
N ARG B 1017 -76.69 27.25 47.87
CA ARG B 1017 -76.63 27.46 46.43
C ARG B 1017 -75.73 28.62 46.05
N VAL B 1018 -75.20 29.37 47.01
CA VAL B 1018 -74.22 30.41 46.76
C VAL B 1018 -72.83 29.82 46.87
N ILE B 1019 -72.00 30.05 45.85
CA ILE B 1019 -70.64 29.51 45.80
C ILE B 1019 -69.66 30.63 46.14
N VAL B 1020 -68.74 30.34 47.05
CA VAL B 1020 -67.78 31.31 47.56
C VAL B 1020 -66.37 30.75 47.38
N VAL B 1021 -65.46 31.58 46.87
CA VAL B 1021 -64.05 31.22 46.80
C VAL B 1021 -63.47 31.40 48.20
N THR B 1022 -63.24 30.30 48.91
CA THR B 1022 -62.75 30.42 50.28
C THR B 1022 -61.23 30.44 50.33
N GLY B 1023 -60.57 29.89 49.32
CA GLY B 1023 -59.12 29.95 49.27
C GLY B 1023 -58.63 30.03 47.84
N PHE B 1024 -57.40 30.48 47.68
CA PHE B 1024 -56.78 30.49 46.36
C PHE B 1024 -55.27 30.55 46.53
N ALA B 1025 -54.56 30.07 45.51
CA ALA B 1025 -53.11 30.14 45.49
C ALA B 1025 -52.65 29.84 44.08
N GLU B 1026 -51.37 30.08 43.83
CA GLU B 1026 -50.81 29.80 42.52
C GLU B 1026 -49.32 29.59 42.66
N VAL B 1027 -48.75 28.93 41.65
CA VAL B 1027 -47.33 28.85 41.43
C VAL B 1027 -47.09 29.34 40.01
N GLY B 1028 -46.28 30.39 39.86
CA GLY B 1028 -46.11 31.01 38.57
C GLY B 1028 -44.76 31.69 38.45
N PRO B 1029 -44.58 32.49 37.39
CA PRO B 1029 -43.29 33.17 37.19
C PRO B 1029 -42.91 34.14 38.30
N TRP B 1030 -43.86 34.55 39.14
CA TRP B 1030 -43.56 35.48 40.22
C TRP B 1030 -43.89 34.84 41.57
N GLY B 1031 -43.61 33.55 41.69
CA GLY B 1031 -43.82 32.87 42.95
C GLY B 1031 -45.28 32.65 43.25
N SER B 1032 -45.66 32.96 44.49
CA SER B 1032 -47.00 32.69 44.99
C SER B 1032 -47.96 33.79 44.55
N ALA B 1033 -49.22 33.64 44.94
CA ALA B 1033 -50.22 34.66 44.64
C ALA B 1033 -49.86 35.99 45.29
N ARG B 1034 -49.31 35.95 46.50
CA ARG B 1034 -48.94 37.19 47.19
C ARG B 1034 -47.86 37.95 46.42
N THR B 1035 -46.77 37.26 46.07
CA THR B 1035 -45.69 37.94 45.36
C THR B 1035 -46.13 38.40 43.98
N ARG B 1036 -46.92 37.56 43.28
CA ARG B 1036 -47.41 37.95 41.97
C ARG B 1036 -48.30 39.18 42.08
N TRP B 1037 -49.15 39.23 43.11
CA TRP B 1037 -50.01 40.40 43.30
C TRP B 1037 -49.20 41.64 43.60
N GLU B 1038 -48.16 41.51 44.42
CA GLU B 1038 -47.33 42.67 44.71
C GLU B 1038 -46.67 43.19 43.45
N MET B 1039 -46.11 42.30 42.63
CA MET B 1039 -45.49 42.73 41.39
C MET B 1039 -46.51 43.34 40.43
N GLU B 1040 -47.71 42.75 40.37
CA GLU B 1040 -48.74 43.28 39.49
C GLU B 1040 -49.17 44.69 39.90
N ALA B 1041 -49.53 44.86 41.17
CA ALA B 1041 -50.14 46.11 41.62
C ALA B 1041 -49.09 47.20 41.78
N PHE B 1042 -48.05 46.93 42.55
CA PHE B 1042 -47.09 47.97 42.93
C PHE B 1042 -45.85 47.99 42.06
N GLY B 1043 -45.63 46.95 41.25
CA GLY B 1043 -44.50 46.92 40.35
C GLY B 1043 -43.19 46.58 41.01
N GLU B 1044 -43.17 46.37 42.32
CA GLU B 1044 -41.95 46.01 43.03
C GLU B 1044 -42.34 45.24 44.28
N PHE B 1045 -41.38 44.52 44.83
CA PHE B 1045 -41.60 43.72 46.02
C PHE B 1045 -41.35 44.56 47.27
N SER B 1046 -42.26 44.47 48.23
CA SER B 1046 -42.04 45.04 49.55
C SER B 1046 -41.05 44.15 50.30
N LEU B 1047 -40.83 44.44 51.58
CA LEU B 1047 -39.93 43.60 52.37
C LEU B 1047 -40.48 42.17 52.47
N GLU B 1048 -41.77 42.04 52.77
CA GLU B 1048 -42.36 40.71 52.89
C GLU B 1048 -42.33 39.98 51.57
N GLY B 1049 -42.66 40.66 50.47
CA GLY B 1049 -42.64 40.02 49.18
C GLY B 1049 -41.25 39.59 48.76
N CYS B 1050 -40.25 40.44 49.01
CA CYS B 1050 -38.88 40.10 48.64
C CYS B 1050 -38.35 38.95 49.47
N VAL B 1051 -38.67 38.94 50.77
CA VAL B 1051 -38.24 37.82 51.61
C VAL B 1051 -38.93 36.53 51.17
N GLU B 1052 -40.21 36.61 50.84
CA GLU B 1052 -40.92 35.43 50.36
C GLU B 1052 -40.32 34.93 49.05
N MET B 1053 -39.97 35.85 48.14
CA MET B 1053 -39.37 35.43 46.88
C MET B 1053 -38.00 34.81 47.09
N ALA B 1054 -37.20 35.37 48.00
CA ALA B 1054 -35.90 34.79 48.29
C ALA B 1054 -36.05 33.40 48.88
N TRP B 1055 -37.01 33.22 49.79
CA TRP B 1055 -37.27 31.89 50.34
C TRP B 1055 -37.73 30.92 49.25
N ILE B 1056 -38.62 31.38 48.37
CA ILE B 1056 -39.14 30.53 47.30
C ILE B 1056 -38.01 30.08 46.39
N MET B 1057 -37.13 31.00 46.01
CA MET B 1057 -36.03 30.67 45.13
C MET B 1057 -34.83 30.08 45.85
N GLY B 1058 -34.90 29.93 47.17
CA GLY B 1058 -33.82 29.31 47.89
C GLY B 1058 -32.62 30.19 48.13
N PHE B 1059 -32.72 31.48 47.85
CA PHE B 1059 -31.62 32.39 48.14
C PHE B 1059 -31.30 32.41 49.62
N ILE B 1060 -32.34 32.51 50.46
CA ILE B 1060 -32.20 32.53 51.90
C ILE B 1060 -32.86 31.28 52.47
N SER B 1061 -32.16 30.60 53.36
CA SER B 1061 -32.70 29.48 54.11
C SER B 1061 -32.80 29.90 55.58
N TYR B 1062 -33.72 29.28 56.29
CA TYR B 1062 -33.85 29.58 57.71
C TYR B 1062 -32.87 28.76 58.53
N HIS B 1063 -32.30 29.38 59.56
CA HIS B 1063 -31.40 28.70 60.47
C HIS B 1063 -31.83 28.97 61.90
N ASN B 1064 -31.71 27.95 62.76
CA ASN B 1064 -31.98 28.09 64.18
C ASN B 1064 -31.00 27.21 64.92
N GLY B 1065 -30.07 27.83 65.64
CA GLY B 1065 -29.06 27.12 66.41
C GLY B 1065 -27.74 27.85 66.34
N ASN B 1066 -26.70 27.16 66.79
CA ASN B 1066 -25.37 27.76 66.78
C ASN B 1066 -24.88 27.94 65.34
N LEU B 1067 -24.28 29.09 65.09
CA LEU B 1067 -23.75 29.42 63.77
C LEU B 1067 -22.51 30.29 63.96
N LYS B 1068 -21.35 29.76 63.58
CA LYS B 1068 -20.07 30.45 63.80
C LYS B 1068 -19.89 30.79 65.28
N GLY B 1069 -20.18 29.83 66.14
CA GLY B 1069 -20.03 30.01 67.58
C GLY B 1069 -21.25 30.64 68.22
N ARG B 1070 -21.51 31.91 67.89
CA ARG B 1070 -22.63 32.60 68.50
C ARG B 1070 -23.95 31.98 68.04
N PRO B 1071 -25.00 32.04 68.87
CA PRO B 1071 -26.29 31.47 68.45
C PRO B 1071 -27.07 32.46 67.60
N TYR B 1072 -27.52 32.00 66.43
CA TYR B 1072 -28.26 32.82 65.49
C TYR B 1072 -29.58 32.15 65.16
N THR B 1073 -30.62 32.97 65.00
CA THR B 1073 -31.96 32.52 64.65
C THR B 1073 -32.53 33.48 63.61
N GLY B 1074 -32.62 33.03 62.37
CA GLY B 1074 -33.15 33.85 61.31
C GLY B 1074 -32.73 33.33 59.95
N TRP B 1075 -32.87 34.20 58.96
CA TRP B 1075 -32.49 33.84 57.59
C TRP B 1075 -30.98 33.83 57.44
N VAL B 1076 -30.49 32.88 56.62
CA VAL B 1076 -29.09 32.82 56.24
C VAL B 1076 -29.04 32.56 54.74
N ASP B 1077 -27.94 33.00 54.13
CA ASP B 1077 -27.71 32.68 52.72
C ASP B 1077 -27.62 31.16 52.56
N SER B 1078 -28.35 30.63 51.58
CA SER B 1078 -28.43 29.18 51.43
C SER B 1078 -27.06 28.59 51.08
N LYS B 1079 -26.31 29.26 50.20
CA LYS B 1079 -25.00 28.78 49.80
C LYS B 1079 -23.93 29.05 50.87
N THR B 1080 -23.69 30.33 51.18
CA THR B 1080 -22.60 30.67 52.08
C THR B 1080 -22.94 30.46 53.55
N LYS B 1081 -24.22 30.30 53.89
CA LYS B 1081 -24.68 30.06 55.25
C LYS B 1081 -24.42 31.24 56.18
N GLU B 1082 -24.03 32.40 55.63
CA GLU B 1082 -23.80 33.56 56.47
C GLU B 1082 -25.12 34.20 56.86
N PRO B 1083 -25.23 34.76 58.08
CA PRO B 1083 -26.48 35.42 58.46
C PRO B 1083 -26.82 36.57 57.52
N VAL B 1084 -28.10 36.68 57.18
CA VAL B 1084 -28.61 37.77 56.36
C VAL B 1084 -29.83 38.34 57.06
N ASP B 1085 -29.87 39.66 57.22
CA ASP B 1085 -30.99 40.33 57.85
C ASP B 1085 -32.03 40.68 56.81
N ASP B 1086 -33.29 40.78 57.27
CA ASP B 1086 -34.38 41.13 56.37
C ASP B 1086 -34.13 42.46 55.69
N LYS B 1087 -33.51 43.40 56.39
CA LYS B 1087 -33.13 44.68 55.78
C LYS B 1087 -32.21 44.45 54.58
N ASP B 1088 -31.28 43.49 54.70
CA ASP B 1088 -30.30 43.23 53.65
C ASP B 1088 -30.81 42.26 52.59
N VAL B 1089 -31.94 41.60 52.81
CA VAL B 1089 -32.44 40.64 51.83
C VAL B 1089 -32.70 41.35 50.51
N LYS B 1090 -33.35 42.52 50.55
CA LYS B 1090 -33.60 43.25 49.32
C LYS B 1090 -32.30 43.67 48.65
N ALA B 1091 -31.42 44.34 49.40
CA ALA B 1091 -30.18 44.83 48.83
C ALA B 1091 -29.30 43.72 48.27
N LYS B 1092 -29.45 42.49 48.77
CA LYS B 1092 -28.61 41.38 48.34
C LYS B 1092 -29.24 40.51 47.26
N TYR B 1093 -30.58 40.48 47.14
CA TYR B 1093 -31.25 39.53 46.25
C TYR B 1093 -32.28 40.16 45.33
N GLU B 1094 -32.48 41.48 45.35
CA GLU B 1094 -33.49 42.07 44.47
C GLU B 1094 -33.11 41.88 43.02
N THR B 1095 -31.84 42.12 42.69
CA THR B 1095 -31.40 41.97 41.31
C THR B 1095 -31.55 40.53 40.85
N SER B 1096 -31.17 39.57 41.70
CA SER B 1096 -31.29 38.17 41.32
C SER B 1096 -32.75 37.76 41.15
N ILE B 1097 -33.62 38.21 42.06
CA ILE B 1097 -35.04 37.87 41.97
C ILE B 1097 -35.64 38.44 40.69
N LEU B 1098 -35.34 39.70 40.39
CA LEU B 1098 -35.88 40.32 39.17
C LEU B 1098 -35.33 39.65 37.92
N GLU B 1099 -34.05 39.25 37.95
CA GLU B 1099 -33.44 38.66 36.77
C GLU B 1099 -33.92 37.23 36.53
N HIS B 1100 -34.27 36.51 37.60
CA HIS B 1100 -34.71 35.12 37.50
C HIS B 1100 -36.15 34.97 37.99
N SER B 1101 -36.99 35.97 37.72
CA SER B 1101 -38.42 35.85 37.92
C SER B 1101 -39.14 36.44 36.73
N GLY B 1102 -40.36 35.97 36.49
CA GLY B 1102 -41.18 36.53 35.44
C GLY B 1102 -40.80 36.03 34.06
N ILE B 1103 -41.24 36.78 33.05
CA ILE B 1103 -40.93 36.46 31.66
C ILE B 1103 -39.47 36.78 31.40
N ARG B 1104 -38.72 35.79 30.91
CA ARG B 1104 -37.28 35.93 30.75
C ARG B 1104 -36.81 34.85 29.78
N LEU B 1105 -35.54 34.95 29.40
CA LEU B 1105 -34.96 33.96 28.49
C LEU B 1105 -35.08 32.57 29.08
N ILE B 1106 -35.41 31.60 28.22
CA ILE B 1106 -35.59 30.22 28.69
C ILE B 1106 -34.29 29.72 29.29
N GLU B 1107 -34.39 29.13 30.48
CA GLU B 1107 -33.24 28.64 31.20
C GLU B 1107 -33.17 27.12 31.03
N PRO B 1108 -32.18 26.57 30.31
CA PRO B 1108 -32.17 25.11 30.09
C PRO B 1108 -32.10 24.30 31.37
N GLU B 1109 -31.54 24.86 32.44
CA GLU B 1109 -31.42 24.12 33.69
C GLU B 1109 -32.79 23.85 34.30
N LEU B 1110 -33.79 24.66 33.96
CA LEU B 1110 -35.14 24.46 34.42
C LEU B 1110 -35.97 23.56 33.51
N PHE B 1111 -35.44 23.20 32.34
CA PHE B 1111 -36.16 22.37 31.37
C PHE B 1111 -35.25 21.28 30.81
N ASN B 1112 -34.33 20.80 31.66
CA ASN B 1112 -33.52 19.63 31.35
C ASN B 1112 -32.57 19.91 30.18
N GLY B 1113 -31.82 21.01 30.30
CA GLY B 1113 -30.85 21.35 29.27
C GLY B 1113 -31.49 21.65 27.93
N TYR B 1114 -32.72 22.15 27.94
CA TYR B 1114 -33.38 22.55 26.71
C TYR B 1114 -32.93 23.96 26.35
N ASN B 1115 -32.15 24.07 25.27
CA ASN B 1115 -31.70 25.34 24.76
C ASN B 1115 -32.45 25.65 23.47
N PRO B 1116 -33.37 26.62 23.45
CA PRO B 1116 -34.06 26.91 22.18
C PRO B 1116 -33.11 27.37 21.08
N GLU B 1117 -31.97 27.96 21.44
CA GLU B 1117 -30.98 28.32 20.43
C GLU B 1117 -30.31 27.09 19.82
N LYS B 1118 -30.36 25.95 20.51
CA LYS B 1118 -29.74 24.70 20.04
C LYS B 1118 -30.73 23.58 20.34
N LYS B 1119 -31.63 23.31 19.41
CA LYS B 1119 -32.69 22.33 19.57
C LYS B 1119 -32.32 21.05 18.85
N GLU B 1120 -32.22 19.95 19.60
CA GLU B 1120 -31.77 18.69 19.06
C GLU B 1120 -32.82 18.08 18.12
N MET B 1121 -32.35 17.63 16.96
CA MET B 1121 -33.12 16.83 16.02
C MET B 1121 -32.21 15.73 15.51
N ILE B 1122 -32.77 14.75 14.81
CA ILE B 1122 -31.99 13.69 14.18
C ILE B 1122 -32.41 13.58 12.72
N GLN B 1123 -31.43 13.32 11.85
CA GLN B 1123 -31.63 13.23 10.42
C GLN B 1123 -31.39 11.80 9.98
N GLU B 1124 -32.34 11.24 9.26
CA GLU B 1124 -32.18 9.94 8.61
C GLU B 1124 -31.28 10.09 7.39
N VAL B 1125 -30.23 9.28 7.31
CA VAL B 1125 -29.40 9.19 6.13
C VAL B 1125 -29.17 7.72 5.83
N ILE B 1126 -28.84 7.44 4.57
CA ILE B 1126 -28.51 6.09 4.12
C ILE B 1126 -27.00 5.92 4.23
N VAL B 1127 -26.56 4.89 4.94
CA VAL B 1127 -25.14 4.63 5.11
C VAL B 1127 -24.51 4.31 3.77
N GLU B 1128 -23.35 4.91 3.50
CA GLU B 1128 -22.64 4.73 2.24
C GLU B 1128 -21.40 3.85 2.34
N GLU B 1129 -20.90 3.60 3.54
CA GLU B 1129 -19.83 2.61 3.71
C GLU B 1129 -20.08 1.83 4.99
N ASP B 1130 -19.49 0.64 5.06
CA ASP B 1130 -19.60 -0.17 6.27
C ASP B 1130 -18.89 0.53 7.42
N LEU B 1131 -19.65 0.95 8.42
CA LEU B 1131 -19.05 1.51 9.62
C LEU B 1131 -18.19 0.47 10.32
N GLU B 1132 -17.27 0.95 11.15
CA GLU B 1132 -16.40 0.04 11.87
C GLU B 1132 -17.20 -0.71 12.94
N PRO B 1133 -16.80 -1.93 13.29
CA PRO B 1133 -17.48 -2.63 14.39
C PRO B 1133 -17.35 -1.85 15.69
N PHE B 1134 -18.39 -1.95 16.52
CA PHE B 1134 -18.35 -1.43 17.88
C PHE B 1134 -18.88 -2.50 18.84
N GLU B 1135 -18.15 -2.69 19.93
CA GLU B 1135 -18.55 -3.68 20.92
C GLU B 1135 -19.93 -3.35 21.48
N ALA B 1136 -20.76 -4.37 21.59
CA ALA B 1136 -22.12 -4.21 22.10
C ALA B 1136 -22.51 -5.48 22.84
N SER B 1137 -23.50 -5.35 23.72
CA SER B 1137 -23.99 -6.50 24.45
C SER B 1137 -24.66 -7.48 23.50
N LYS B 1138 -24.87 -8.71 23.97
CA LYS B 1138 -25.50 -9.72 23.15
C LYS B 1138 -26.92 -9.31 22.77
N GLU B 1139 -27.71 -8.90 23.75
CA GLU B 1139 -29.09 -8.51 23.48
C GLU B 1139 -29.15 -7.27 22.59
N THR B 1140 -28.27 -6.29 22.84
CA THR B 1140 -28.25 -5.10 22.00
C THR B 1140 -27.89 -5.43 20.56
N ALA B 1141 -26.92 -6.35 20.37
CA ALA B 1141 -26.57 -6.78 19.03
C ALA B 1141 -27.73 -7.49 18.35
N GLU B 1142 -28.44 -8.34 19.08
CA GLU B 1142 -29.60 -9.01 18.49
C GLU B 1142 -30.67 -7.98 18.10
N GLN B 1143 -30.86 -6.95 18.91
CA GLN B 1143 -31.82 -5.90 18.57
C GLN B 1143 -31.39 -5.16 17.30
N PHE B 1144 -30.09 -4.86 17.18
CA PHE B 1144 -29.61 -4.20 15.98
C PHE B 1144 -29.81 -5.08 14.75
N LYS B 1145 -29.56 -6.38 14.88
CA LYS B 1145 -29.76 -7.29 13.76
C LYS B 1145 -31.23 -7.40 13.39
N HIS B 1146 -32.11 -7.45 14.40
CA HIS B 1146 -33.54 -7.48 14.13
C HIS B 1146 -33.97 -6.23 13.38
N GLN B 1147 -33.41 -5.08 13.74
CA GLN B 1147 -33.75 -3.86 13.01
C GLN B 1147 -33.25 -3.89 11.58
N HIS B 1148 -31.93 -4.01 11.40
CA HIS B 1148 -31.32 -3.76 10.10
C HIS B 1148 -31.34 -4.96 9.18
N GLY B 1149 -31.77 -6.12 9.65
CA GLY B 1149 -31.83 -7.28 8.77
C GLY B 1149 -30.45 -7.65 8.28
N ASP B 1150 -30.29 -7.64 6.96
CA ASP B 1150 -29.02 -7.97 6.33
C ASP B 1150 -28.10 -6.77 6.16
N LYS B 1151 -28.50 -5.60 6.65
CA LYS B 1151 -27.69 -4.39 6.55
C LYS B 1151 -26.79 -4.19 7.76
N VAL B 1152 -26.77 -5.13 8.70
CA VAL B 1152 -25.81 -5.13 9.80
C VAL B 1152 -25.34 -6.56 9.99
N ASP B 1153 -24.16 -6.70 10.60
CA ASP B 1153 -23.62 -8.00 10.93
C ASP B 1153 -23.18 -8.00 12.39
N ILE B 1154 -23.59 -9.04 13.12
CA ILE B 1154 -23.26 -9.17 14.53
C ILE B 1154 -22.39 -10.43 14.68
N PHE B 1155 -21.27 -10.29 15.39
CA PHE B 1155 -20.37 -11.41 15.61
C PHE B 1155 -19.91 -11.44 17.06
N GLU B 1156 -20.03 -12.61 17.69
CA GLU B 1156 -19.57 -12.78 19.05
C GLU B 1156 -18.05 -12.69 19.13
N ILE B 1157 -17.56 -12.15 20.24
CA ILE B 1157 -16.14 -12.10 20.56
C ILE B 1157 -15.85 -13.23 21.54
N PRO B 1158 -15.15 -14.29 21.15
CA PRO B 1158 -14.92 -15.40 22.09
C PRO B 1158 -14.10 -14.99 23.31
N GLU B 1159 -13.32 -13.92 23.21
CA GLU B 1159 -12.48 -13.51 24.34
C GLU B 1159 -13.33 -13.12 25.55
N THR B 1160 -14.41 -12.39 25.33
CA THR B 1160 -15.24 -11.85 26.42
C THR B 1160 -16.72 -12.16 26.28
N GLY B 1161 -17.16 -12.74 25.16
CA GLY B 1161 -18.56 -13.07 24.98
C GLY B 1161 -19.45 -11.92 24.55
N GLU B 1162 -18.89 -10.72 24.38
CA GLU B 1162 -19.65 -9.59 23.87
C GLU B 1162 -19.91 -9.77 22.38
N TYR B 1163 -20.52 -8.77 21.75
CA TYR B 1163 -20.84 -8.80 20.33
C TYR B 1163 -20.32 -7.54 19.67
N SER B 1164 -19.81 -7.70 18.45
CA SER B 1164 -19.41 -6.60 17.60
C SER B 1164 -20.46 -6.40 16.52
N VAL B 1165 -20.91 -5.17 16.36
CA VAL B 1165 -21.97 -4.79 15.43
C VAL B 1165 -21.35 -3.95 14.32
N LYS B 1166 -21.44 -4.43 13.09
CA LYS B 1166 -20.84 -3.79 11.92
C LYS B 1166 -21.95 -3.45 10.95
N LEU B 1167 -22.30 -2.17 10.87
CA LEU B 1167 -23.27 -1.72 9.89
C LEU B 1167 -22.64 -1.77 8.50
N LEU B 1168 -23.47 -2.03 7.49
CA LEU B 1168 -23.04 -2.17 6.11
C LEU B 1168 -23.58 -1.01 5.28
N LYS B 1169 -23.16 -0.97 4.02
CA LYS B 1169 -23.65 0.03 3.09
C LYS B 1169 -25.16 -0.13 2.91
N GLY B 1170 -25.85 1.01 2.84
CA GLY B 1170 -27.29 1.01 2.71
C GLY B 1170 -28.05 1.04 4.02
N ALA B 1171 -27.37 0.89 5.15
CA ALA B 1171 -28.05 0.87 6.43
C ALA B 1171 -28.63 2.25 6.75
N THR B 1172 -29.59 2.28 7.65
CA THR B 1172 -30.25 3.51 8.06
C THR B 1172 -29.57 4.03 9.32
N LEU B 1173 -29.31 5.33 9.36
CA LEU B 1173 -28.56 5.95 10.43
C LEU B 1173 -29.23 7.27 10.80
N TYR B 1174 -29.20 7.60 12.09
CA TYR B 1174 -29.71 8.86 12.60
C TYR B 1174 -28.54 9.67 13.17
N ILE B 1175 -28.30 10.83 12.59
CA ILE B 1175 -27.25 11.74 13.04
C ILE B 1175 -27.94 12.92 13.73
N PRO B 1176 -27.58 13.27 14.96
CA PRO B 1176 -28.17 14.46 15.57
C PRO B 1176 -27.85 15.72 14.79
N LYS B 1177 -28.83 16.62 14.72
CA LYS B 1177 -28.62 17.96 14.18
C LYS B 1177 -29.36 18.95 15.06
N ALA B 1178 -28.93 20.20 15.01
CA ALA B 1178 -29.41 21.24 15.90
C ALA B 1178 -30.19 22.28 15.10
N LEU B 1179 -31.33 22.70 15.64
CA LEU B 1179 -32.19 23.69 15.02
C LEU B 1179 -32.21 24.95 15.88
N ARG B 1180 -31.95 26.09 15.24
CA ARG B 1180 -32.03 27.38 15.90
C ARG B 1180 -33.49 27.82 15.92
N PHE B 1181 -34.10 27.80 17.11
CA PHE B 1181 -35.50 28.13 17.29
C PHE B 1181 -35.63 29.54 17.82
N ASP B 1182 -36.66 30.25 17.37
CA ASP B 1182 -36.78 31.70 17.57
C ASP B 1182 -37.68 32.08 18.73
N ARG B 1183 -38.12 31.13 19.55
CA ARG B 1183 -38.87 31.44 20.78
C ARG B 1183 -37.91 31.17 21.95
N LEU B 1184 -37.22 32.22 22.39
CA LEU B 1184 -36.19 32.11 23.41
C LEU B 1184 -36.65 32.54 24.80
N VAL B 1185 -37.80 33.20 24.89
CA VAL B 1185 -38.28 33.78 26.14
C VAL B 1185 -39.58 33.08 26.52
N ALA B 1186 -39.71 32.73 27.80
CA ALA B 1186 -40.89 32.08 28.33
C ALA B 1186 -41.14 32.55 29.75
N GLY B 1187 -42.40 32.46 30.18
CA GLY B 1187 -42.74 32.82 31.54
C GLY B 1187 -42.45 31.65 32.47
N GLN B 1188 -41.33 31.72 33.18
CA GLN B 1188 -40.81 30.60 33.94
C GLN B 1188 -40.90 30.88 35.43
N ILE B 1189 -41.24 29.84 36.17
CA ILE B 1189 -41.29 29.89 37.64
C ILE B 1189 -39.91 30.32 38.10
N PRO B 1190 -39.78 31.11 39.17
CA PRO B 1190 -38.46 31.66 39.50
C PRO B 1190 -37.40 30.58 39.70
N THR B 1191 -36.21 30.86 39.19
CA THR B 1191 -35.12 29.89 39.30
C THR B 1191 -34.80 29.64 40.76
N GLY B 1192 -34.57 28.36 41.08
CA GLY B 1192 -34.42 27.93 42.45
C GLY B 1192 -35.70 27.48 43.11
N TRP B 1193 -36.84 27.62 42.42
CA TRP B 1193 -38.07 27.01 42.93
C TRP B 1193 -37.89 25.52 43.06
N ASN B 1194 -38.19 24.99 44.25
CA ASN B 1194 -38.07 23.58 44.52
C ASN B 1194 -39.23 23.13 45.39
N ALA B 1195 -39.75 21.94 45.09
CA ALA B 1195 -40.83 21.38 45.89
C ALA B 1195 -40.36 21.03 47.30
N LYS B 1196 -39.08 20.71 47.45
CA LYS B 1196 -38.53 20.46 48.78
C LYS B 1196 -38.65 21.70 49.66
N THR B 1197 -38.60 22.89 49.07
CA THR B 1197 -38.75 24.11 49.85
C THR B 1197 -40.13 24.17 50.50
N TYR B 1198 -41.16 23.72 49.79
CA TYR B 1198 -42.51 23.63 50.33
C TYR B 1198 -42.74 22.37 51.15
N GLY B 1199 -41.82 21.40 51.07
CA GLY B 1199 -41.87 20.23 51.92
C GLY B 1199 -42.24 18.94 51.25
N ILE B 1200 -42.33 18.92 49.92
CA ILE B 1200 -42.64 17.69 49.20
C ILE B 1200 -41.40 16.80 49.20
N SER B 1201 -41.62 15.51 49.44
CA SER B 1201 -40.50 14.59 49.61
C SER B 1201 -39.81 14.31 48.29
N ASP B 1202 -38.53 13.92 48.38
CA ASP B 1202 -37.74 13.63 47.20
C ASP B 1202 -38.32 12.44 46.44
N ASP B 1203 -38.88 11.46 47.17
CA ASP B 1203 -39.51 10.33 46.49
C ASP B 1203 -40.71 10.77 45.68
N ILE B 1204 -41.54 11.66 46.22
CA ILE B 1204 -42.65 12.21 45.44
C ILE B 1204 -42.13 12.98 44.24
N ILE B 1205 -41.05 13.76 44.43
CA ILE B 1205 -40.50 14.54 43.33
C ILE B 1205 -40.03 13.63 42.20
N SER B 1206 -39.37 12.53 42.56
CA SER B 1206 -38.94 11.58 41.54
C SER B 1206 -40.13 10.91 40.86
N GLN B 1207 -41.18 10.60 41.63
CA GLN B 1207 -42.30 9.87 41.08
C GLN B 1207 -43.12 10.72 40.11
N VAL B 1208 -43.45 11.94 40.51
CA VAL B 1208 -44.45 12.74 39.81
C VAL B 1208 -43.76 13.76 38.91
N ASP B 1209 -44.56 14.39 38.06
CA ASP B 1209 -44.05 15.39 37.13
C ASP B 1209 -43.92 16.76 37.80
N PRO B 1210 -43.14 17.67 37.21
CA PRO B 1210 -43.07 19.03 37.76
C PRO B 1210 -44.41 19.73 37.78
N ILE B 1211 -45.27 19.47 36.81
CA ILE B 1211 -46.62 20.03 36.85
C ILE B 1211 -47.35 19.54 38.10
N THR B 1212 -47.22 18.25 38.41
CA THR B 1212 -47.87 17.72 39.59
C THR B 1212 -47.31 18.36 40.86
N LEU B 1213 -46.01 18.63 40.88
CA LEU B 1213 -45.43 19.33 42.04
C LEU B 1213 -46.00 20.74 42.17
N PHE B 1214 -46.12 21.45 41.05
CA PHE B 1214 -46.70 22.79 41.07
C PHE B 1214 -48.13 22.72 41.61
N VAL B 1215 -48.89 21.71 41.19
CA VAL B 1215 -50.28 21.59 41.61
C VAL B 1215 -50.37 21.25 43.09
N LEU B 1216 -49.48 20.38 43.58
CA LEU B 1216 -49.48 20.06 45.00
C LEU B 1216 -49.19 21.30 45.83
N VAL B 1217 -48.19 22.08 45.42
CA VAL B 1217 -47.87 23.30 46.15
C VAL B 1217 -49.04 24.28 46.09
N SER B 1218 -49.67 24.40 44.93
CA SER B 1218 -50.78 25.33 44.78
C SER B 1218 -51.97 24.91 45.64
N VAL B 1219 -52.24 23.60 45.72
CA VAL B 1219 -53.35 23.12 46.54
C VAL B 1219 -53.06 23.38 48.01
N VAL B 1220 -51.83 23.10 48.45
CA VAL B 1220 -51.48 23.34 49.85
C VAL B 1220 -51.61 24.83 50.18
N GLU B 1221 -51.09 25.69 49.30
CA GLU B 1221 -51.17 27.12 49.55
C GLU B 1221 -52.61 27.63 49.49
N ALA B 1222 -53.43 27.05 48.62
CA ALA B 1222 -54.82 27.44 48.54
C ALA B 1222 -55.56 27.06 49.83
N PHE B 1223 -55.27 25.88 50.37
CA PHE B 1223 -55.89 25.50 51.64
C PHE B 1223 -55.38 26.37 52.77
N ILE B 1224 -54.10 26.76 52.73
CA ILE B 1224 -53.58 27.67 53.75
C ILE B 1224 -54.29 29.02 53.67
N ALA B 1225 -54.51 29.52 52.45
CA ALA B 1225 -55.26 30.75 52.27
C ALA B 1225 -56.70 30.60 52.74
N SER B 1226 -57.27 29.41 52.57
CA SER B 1226 -58.57 29.10 53.13
C SER B 1226 -58.53 28.87 54.63
N GLY B 1227 -57.35 28.85 55.24
CA GLY B 1227 -57.24 28.62 56.66
C GLY B 1227 -57.31 27.17 57.07
N ILE B 1228 -57.47 26.26 56.11
CA ILE B 1228 -57.60 24.84 56.39
C ILE B 1228 -56.17 24.30 56.44
N THR B 1229 -55.57 24.35 57.62
CA THR B 1229 -54.20 23.85 57.78
C THR B 1229 -54.16 22.33 57.63
N ASP B 1230 -55.14 21.65 58.22
CA ASP B 1230 -55.29 20.21 58.07
C ASP B 1230 -56.40 19.94 57.07
N PRO B 1231 -56.15 19.32 55.92
CA PRO B 1231 -57.26 19.05 54.99
C PRO B 1231 -58.35 18.18 55.59
N TYR B 1232 -58.03 17.33 56.56
CA TYR B 1232 -59.06 16.51 57.19
C TYR B 1232 -60.02 17.33 58.04
N GLU B 1233 -59.71 18.60 58.31
CA GLU B 1233 -60.66 19.45 59.03
C GLU B 1233 -61.96 19.59 58.27
N MET B 1234 -61.93 19.47 56.95
CA MET B 1234 -63.15 19.51 56.15
C MET B 1234 -64.09 18.39 56.55
N TYR B 1235 -63.54 17.21 56.86
CA TYR B 1235 -64.39 16.06 57.15
C TYR B 1235 -65.10 16.17 58.49
N LYS B 1236 -64.74 17.16 59.31
CA LYS B 1236 -65.56 17.46 60.49
C LYS B 1236 -66.91 18.04 60.09
N TYR B 1237 -66.99 18.66 58.91
CA TYR B 1237 -68.18 19.36 58.46
C TYR B 1237 -68.89 18.71 57.29
N VAL B 1238 -68.17 17.98 56.44
CA VAL B 1238 -68.76 17.33 55.26
C VAL B 1238 -68.30 15.88 55.21
N HIS B 1239 -69.05 15.09 54.45
CA HIS B 1239 -68.64 13.70 54.21
C HIS B 1239 -67.47 13.67 53.24
N VAL B 1240 -66.71 12.57 53.31
CA VAL B 1240 -65.58 12.40 52.39
C VAL B 1240 -66.07 12.40 50.94
N SER B 1241 -67.31 11.97 50.72
CA SER B 1241 -67.91 12.01 49.40
C SER B 1241 -68.31 13.42 48.96
N GLU B 1242 -68.23 14.40 49.85
CA GLU B 1242 -68.73 15.74 49.57
C GLU B 1242 -67.61 16.73 49.23
N VAL B 1243 -66.36 16.27 49.09
CA VAL B 1243 -65.24 17.11 48.73
C VAL B 1243 -64.68 16.62 47.40
N GLY B 1244 -64.76 17.47 46.38
CA GLY B 1244 -64.36 17.10 45.04
C GLY B 1244 -63.15 17.90 44.57
N ASN B 1245 -62.59 17.46 43.45
CA ASN B 1245 -61.49 18.15 42.81
C ASN B 1245 -61.77 18.20 41.32
N CYS B 1246 -62.16 19.38 40.83
CA CYS B 1246 -62.59 19.56 39.45
C CYS B 1246 -61.60 20.39 38.64
N SER B 1247 -60.35 20.50 39.09
CA SER B 1247 -59.33 21.20 38.33
C SER B 1247 -58.75 20.29 37.26
N GLY B 1248 -58.03 20.90 36.32
CA GLY B 1248 -57.46 20.12 35.23
C GLY B 1248 -56.34 20.86 34.52
N SER B 1249 -56.02 20.37 33.34
CA SER B 1249 -54.93 20.89 32.52
C SER B 1249 -55.35 20.90 31.06
N GLY B 1250 -54.71 21.79 30.30
CA GLY B 1250 -54.89 21.78 28.86
C GLY B 1250 -54.08 20.69 28.17
N MET B 1251 -52.90 20.38 28.70
CA MET B 1251 -52.00 19.40 28.10
C MET B 1251 -51.47 18.37 29.10
N GLY B 1252 -51.53 18.62 30.40
CA GLY B 1252 -51.17 17.63 31.39
C GLY B 1252 -49.68 17.47 31.60
N GLY B 1253 -49.26 16.25 31.89
CA GLY B 1253 -47.86 15.96 32.16
C GLY B 1253 -47.04 15.88 30.89
N VAL B 1254 -46.77 17.04 30.28
CA VAL B 1254 -46.02 17.06 29.03
C VAL B 1254 -44.62 16.50 29.23
N SER B 1255 -44.07 16.64 30.43
CA SER B 1255 -42.77 16.00 30.71
C SER B 1255 -42.87 14.49 30.60
N ALA B 1256 -43.94 13.91 31.13
CA ALA B 1256 -44.13 12.46 31.03
C ALA B 1256 -44.44 12.04 29.61
N LEU B 1257 -45.18 12.87 28.87
CA LEU B 1257 -45.41 12.58 27.46
C LEU B 1257 -44.10 12.58 26.68
N ARG B 1258 -43.25 13.58 26.92
CA ARG B 1258 -41.94 13.61 26.28
C ARG B 1258 -41.13 12.38 26.66
N GLY B 1259 -41.17 12.00 27.94
CA GLY B 1259 -40.54 10.76 28.35
C GLY B 1259 -40.98 9.60 27.50
N MET B 1260 -42.27 9.30 27.50
CA MET B 1260 -42.79 8.11 26.81
C MET B 1260 -42.52 8.17 25.31
N PHE B 1261 -42.62 9.35 24.69
CA PHE B 1261 -42.52 9.44 23.24
C PHE B 1261 -41.10 9.55 22.73
N LYS B 1262 -40.19 10.17 23.48
CA LYS B 1262 -38.82 10.43 23.02
C LYS B 1262 -37.78 9.67 23.83
N ASP B 1263 -37.83 9.75 25.16
CA ASP B 1263 -36.80 9.08 25.97
C ASP B 1263 -36.90 7.57 25.82
N ARG B 1264 -38.12 7.04 25.78
CA ARG B 1264 -38.30 5.61 25.54
C ARG B 1264 -37.85 5.23 24.14
N PHE B 1265 -38.14 6.10 23.16
CA PHE B 1265 -37.68 5.85 21.80
C PHE B 1265 -36.15 5.82 21.73
N LYS B 1266 -35.50 6.64 22.54
CA LYS B 1266 -34.05 6.69 22.63
C LYS B 1266 -33.48 5.70 23.63
N ASP B 1267 -34.31 4.92 24.30
CA ASP B 1267 -33.89 3.92 25.28
C ASP B 1267 -33.21 4.53 26.49
N GLU B 1268 -33.51 5.78 26.80
CA GLU B 1268 -33.01 6.38 28.03
C GLU B 1268 -33.76 5.83 29.23
N PRO B 1269 -33.17 5.90 30.43
CA PRO B 1269 -33.89 5.40 31.62
C PRO B 1269 -35.15 6.20 31.91
N VAL B 1270 -36.31 5.56 31.77
CA VAL B 1270 -37.60 6.17 32.03
C VAL B 1270 -38.39 5.24 32.95
N GLN B 1271 -39.07 5.82 33.92
CA GLN B 1271 -39.85 5.03 34.86
C GLN B 1271 -40.98 4.31 34.13
N ASN B 1272 -41.37 3.15 34.66
CA ASN B 1272 -42.37 2.32 33.99
C ASN B 1272 -43.79 2.89 34.12
N ASP B 1273 -43.99 3.89 34.97
CA ASP B 1273 -45.31 4.48 35.22
C ASP B 1273 -45.40 5.90 34.68
N ILE B 1274 -44.59 6.20 33.68
CA ILE B 1274 -44.66 7.50 33.03
C ILE B 1274 -46.03 7.68 32.35
N LEU B 1275 -46.70 6.58 32.01
CA LEU B 1275 -48.03 6.66 31.42
C LEU B 1275 -49.01 7.30 32.40
N GLN B 1276 -49.09 6.76 33.63
CA GLN B 1276 -50.00 7.37 34.58
C GLN B 1276 -49.51 8.75 35.00
N GLU B 1277 -48.20 9.01 34.92
CA GLU B 1277 -47.75 10.36 35.25
C GLU B 1277 -48.07 11.37 34.15
N SER B 1278 -48.40 10.90 32.94
CA SER B 1278 -48.72 11.81 31.85
C SER B 1278 -50.18 12.27 31.83
N PHE B 1279 -51.08 11.60 32.53
CA PHE B 1279 -52.50 11.94 32.41
C PHE B 1279 -52.77 13.32 32.99
N ILE B 1280 -53.81 13.96 32.45
CA ILE B 1280 -54.22 15.28 32.94
C ILE B 1280 -54.86 15.16 34.32
N ASN B 1281 -55.54 14.04 34.58
CA ASN B 1281 -56.16 13.79 35.87
C ASN B 1281 -55.20 13.20 36.89
N THR B 1282 -53.94 12.96 36.51
CA THR B 1282 -52.98 12.44 37.47
C THR B 1282 -52.64 13.48 38.53
N MET B 1283 -52.59 14.75 38.14
CA MET B 1283 -52.33 15.80 39.13
C MET B 1283 -53.42 15.82 40.19
N SER B 1284 -54.68 15.74 39.77
CA SER B 1284 -55.78 15.69 40.72
C SER B 1284 -55.73 14.43 41.56
N ALA B 1285 -55.36 13.30 40.95
CA ALA B 1285 -55.23 12.06 41.71
C ALA B 1285 -54.18 12.19 42.80
N TRP B 1286 -53.01 12.76 42.46
CA TRP B 1286 -51.95 12.92 43.44
C TRP B 1286 -52.36 13.91 44.53
N VAL B 1287 -53.09 14.97 44.16
CA VAL B 1287 -53.59 15.88 45.17
C VAL B 1287 -54.50 15.15 46.15
N ASN B 1288 -55.47 14.41 45.62
CA ASN B 1288 -56.45 13.75 46.47
C ASN B 1288 -55.78 12.71 47.35
N MET B 1289 -54.80 11.99 46.82
CA MET B 1289 -54.19 10.88 47.53
C MET B 1289 -52.85 11.22 48.17
N LEU B 1290 -52.51 12.51 48.25
CA LEU B 1290 -51.45 12.98 49.13
C LEU B 1290 -51.95 13.91 50.21
N LEU B 1291 -53.08 14.60 49.98
CA LEU B 1291 -53.55 15.62 50.90
C LEU B 1291 -55.00 15.43 51.34
N ILE B 1292 -55.89 15.03 50.44
CA ILE B 1292 -57.33 15.21 50.70
C ILE B 1292 -57.94 13.92 51.25
N SER B 1293 -57.74 12.80 50.56
CA SER B 1293 -58.36 11.51 50.88
C SER B 1293 -59.86 11.52 50.64
N SER B 1294 -60.38 12.54 49.96
CA SER B 1294 -61.79 12.63 49.70
C SER B 1294 -62.20 11.55 48.70
N SER B 1295 -63.43 11.06 48.88
CA SER B 1295 -64.06 10.19 47.90
C SER B 1295 -65.19 10.93 47.18
N GLY B 1296 -65.00 12.24 47.00
CA GLY B 1296 -65.98 13.05 46.32
C GLY B 1296 -65.77 13.09 44.84
N PRO B 1297 -66.62 13.85 44.15
CA PRO B 1297 -66.57 13.87 42.69
C PRO B 1297 -65.24 14.39 42.19
N ILE B 1298 -64.72 13.71 41.16
CA ILE B 1298 -63.47 14.07 40.51
C ILE B 1298 -63.79 14.28 39.04
N LYS B 1299 -63.66 15.52 38.56
CA LYS B 1299 -64.08 15.88 37.22
C LYS B 1299 -62.99 16.75 36.61
N THR B 1300 -62.03 16.12 35.94
CA THR B 1300 -60.86 16.81 35.43
C THR B 1300 -61.17 17.39 34.05
N PRO B 1301 -61.19 18.71 33.86
CA PRO B 1301 -61.49 19.26 32.53
C PRO B 1301 -60.26 19.53 31.68
N VAL B 1302 -60.50 19.63 30.38
CA VAL B 1302 -59.52 20.11 29.40
C VAL B 1302 -60.20 21.23 28.63
N GLY B 1303 -59.54 22.38 28.54
CA GLY B 1303 -60.11 23.54 27.88
C GLY B 1303 -59.07 24.39 27.17
N ALA B 1304 -57.89 23.82 26.95
CA ALA B 1304 -56.74 24.57 26.44
C ALA B 1304 -56.49 25.72 27.41
N CYS B 1305 -56.66 26.97 27.02
CA CYS B 1305 -56.41 28.08 27.93
C CYS B 1305 -57.58 28.39 28.84
N ALA B 1306 -58.76 27.84 28.59
CA ALA B 1306 -59.95 28.12 29.38
C ALA B 1306 -60.28 27.00 30.36
N THR B 1307 -59.36 26.07 30.60
CA THR B 1307 -59.69 24.95 31.48
C THR B 1307 -59.93 25.41 32.91
N SER B 1308 -59.39 26.57 33.29
CA SER B 1308 -59.60 27.03 34.67
C SER B 1308 -61.01 27.58 34.87
N VAL B 1309 -61.49 28.36 33.91
CA VAL B 1309 -62.90 28.77 33.94
C VAL B 1309 -63.79 27.56 33.80
N GLU B 1310 -63.38 26.59 32.99
CA GLU B 1310 -64.09 25.32 32.88
C GLU B 1310 -64.16 24.59 34.21
N SER B 1311 -63.05 24.55 34.94
CA SER B 1311 -63.03 23.90 36.25
C SER B 1311 -63.90 24.64 37.24
N VAL B 1312 -63.88 25.96 37.20
CA VAL B 1312 -64.75 26.74 38.09
C VAL B 1312 -66.20 26.44 37.78
N ASP B 1313 -66.55 26.36 36.49
CA ASP B 1313 -67.93 26.05 36.12
C ASP B 1313 -68.32 24.65 36.57
N ILE B 1314 -67.45 23.67 36.34
CA ILE B 1314 -67.77 22.29 36.71
C ILE B 1314 -67.89 22.15 38.23
N GLY B 1315 -66.99 22.80 38.97
CA GLY B 1315 -67.06 22.74 40.42
C GLY B 1315 -68.29 23.44 40.97
N VAL B 1316 -68.65 24.59 40.37
CA VAL B 1316 -69.87 25.27 40.76
C VAL B 1316 -71.06 24.36 40.55
N GLU B 1317 -71.14 23.72 39.39
CA GLU B 1317 -72.26 22.83 39.11
C GLU B 1317 -72.27 21.64 40.05
N THR B 1318 -71.09 21.11 40.38
CA THR B 1318 -71.02 20.02 41.34
C THR B 1318 -71.58 20.44 42.69
N ILE B 1319 -71.23 21.65 43.15
CA ILE B 1319 -71.71 22.10 44.45
C ILE B 1319 -73.21 22.37 44.41
N LEU B 1320 -73.70 23.00 43.34
CA LEU B 1320 -75.14 23.24 43.23
C LEU B 1320 -75.92 21.94 43.16
N SER B 1321 -75.39 20.93 42.45
CA SER B 1321 -76.02 19.63 42.41
C SER B 1321 -75.97 18.93 43.75
N GLY B 1322 -74.98 19.25 44.59
CA GLY B 1322 -74.88 18.68 45.92
C GLY B 1322 -74.07 17.43 46.02
N LYS B 1323 -73.44 16.98 44.93
CA LYS B 1323 -72.53 15.84 45.03
C LYS B 1323 -71.24 16.24 45.75
N ALA B 1324 -70.92 17.53 45.73
CA ALA B 1324 -69.85 18.09 46.53
C ALA B 1324 -70.38 19.29 47.31
N ARG B 1325 -69.68 19.61 48.39
CA ARG B 1325 -69.87 20.86 49.11
C ARG B 1325 -68.61 21.70 49.12
N ILE B 1326 -67.45 21.06 49.00
CA ILE B 1326 -66.16 21.73 48.83
C ILE B 1326 -65.58 21.22 47.53
N CYS B 1327 -64.98 22.12 46.75
CA CYS B 1327 -64.42 21.75 45.46
C CYS B 1327 -63.12 22.50 45.23
N ILE B 1328 -62.13 21.74 44.78
CA ILE B 1328 -60.82 22.26 44.39
C ILE B 1328 -60.86 22.48 42.88
N VAL B 1329 -61.03 23.73 42.47
CA VAL B 1329 -61.07 24.10 41.06
C VAL B 1329 -59.74 24.77 40.73
N GLY B 1330 -59.52 24.99 39.44
CA GLY B 1330 -58.33 25.65 38.99
C GLY B 1330 -57.79 24.98 37.73
N GLY B 1331 -56.58 25.37 37.38
CA GLY B 1331 -55.96 24.85 36.17
C GLY B 1331 -54.46 24.88 36.25
N TYR B 1332 -53.84 24.00 35.48
CA TYR B 1332 -52.39 23.87 35.53
C TYR B 1332 -51.86 23.44 34.17
N ASP B 1333 -50.66 23.89 33.83
CA ASP B 1333 -49.94 23.40 32.67
C ASP B 1333 -48.47 23.74 32.81
N ASP B 1334 -47.66 23.07 32.00
CA ASP B 1334 -46.21 23.17 32.05
C ASP B 1334 -45.66 23.65 30.72
N PHE B 1335 -44.48 24.27 30.79
CA PHE B 1335 -43.75 24.70 29.61
C PHE B 1335 -42.69 23.67 29.29
N GLN B 1336 -42.63 23.25 28.03
CA GLN B 1336 -41.64 22.26 27.62
C GLN B 1336 -41.23 22.53 26.17
N GLU B 1337 -40.16 21.85 25.77
CA GLU B 1337 -39.55 22.07 24.47
C GLU B 1337 -40.56 21.84 23.35
N GLU B 1338 -41.27 20.71 23.39
CA GLU B 1338 -42.09 20.33 22.24
C GLU B 1338 -43.33 21.21 22.14
N GLY B 1339 -43.98 21.48 23.27
CA GLY B 1339 -45.11 22.39 23.26
C GLY B 1339 -44.72 23.77 22.76
N SER B 1340 -43.58 24.28 23.24
CA SER B 1340 -43.08 25.56 22.76
C SER B 1340 -42.85 25.53 21.26
N PHE B 1341 -42.27 24.45 20.75
CA PHE B 1341 -41.96 24.38 19.32
C PHE B 1341 -43.22 24.33 18.48
N GLU B 1342 -44.24 23.60 18.93
CA GLU B 1342 -45.47 23.52 18.14
C GLU B 1342 -46.22 24.84 18.17
N PHE B 1343 -46.21 25.54 19.30
CA PHE B 1343 -46.80 26.87 19.33
C PHE B 1343 -46.07 27.80 18.38
N GLY B 1344 -44.74 27.69 18.33
CA GLY B 1344 -43.98 28.46 17.35
C GLY B 1344 -44.35 28.11 15.92
N ASN B 1345 -44.55 26.82 15.65
CA ASN B 1345 -44.97 26.42 14.31
C ASN B 1345 -46.30 27.05 13.95
N MET B 1346 -47.23 27.09 14.88
CA MET B 1346 -48.52 27.75 14.62
C MET B 1346 -48.39 29.25 14.46
N LYS B 1347 -47.35 29.85 15.03
CA LYS B 1347 -47.15 31.30 15.08
C LYS B 1347 -48.07 31.95 16.10
N ALA B 1348 -48.57 31.15 17.05
CA ALA B 1348 -49.39 31.67 18.12
C ALA B 1348 -48.55 32.42 19.15
N THR B 1349 -47.35 31.90 19.43
CA THR B 1349 -46.43 32.59 20.31
C THR B 1349 -45.70 33.70 19.55
N SER B 1350 -45.13 34.64 20.29
CA SER B 1350 -44.42 35.75 19.70
C SER B 1350 -43.02 35.32 19.31
N ASN B 1351 -42.56 35.78 18.14
CA ASN B 1351 -41.22 35.49 17.67
C ASN B 1351 -40.21 36.35 18.42
N THR B 1352 -39.37 35.70 19.23
CA THR B 1352 -38.45 36.44 20.08
C THR B 1352 -37.39 37.17 19.26
N LEU B 1353 -36.99 36.59 18.13
CA LEU B 1353 -36.04 37.28 17.27
C LEU B 1353 -36.65 38.56 16.69
N GLU B 1354 -37.91 38.50 16.30
CA GLU B 1354 -38.59 39.71 15.83
C GLU B 1354 -38.74 40.72 16.96
N GLU B 1355 -38.99 40.25 18.18
CA GLU B 1355 -39.07 41.17 19.32
C GLU B 1355 -37.73 41.85 19.56
N PHE B 1356 -36.64 41.10 19.48
CA PHE B 1356 -35.31 41.70 19.61
C PHE B 1356 -35.05 42.69 18.48
N GLU B 1357 -35.49 42.36 17.26
CA GLU B 1357 -35.37 43.30 16.16
C GLU B 1357 -36.10 44.60 16.46
N HIS B 1358 -37.28 44.51 17.08
CA HIS B 1358 -38.04 45.68 17.48
C HIS B 1358 -37.54 46.29 18.78
N GLY B 1359 -36.52 45.71 19.40
CA GLY B 1359 -35.93 46.28 20.59
C GLY B 1359 -36.74 46.04 21.85
N ARG B 1360 -37.50 44.94 21.89
CA ARG B 1360 -38.35 44.61 23.01
C ARG B 1360 -37.59 43.68 23.95
N THR B 1361 -37.58 44.01 25.22
CA THR B 1361 -36.95 43.15 26.21
C THR B 1361 -37.90 42.04 26.64
N PRO B 1362 -37.37 40.98 27.27
CA PRO B 1362 -38.25 39.89 27.75
C PRO B 1362 -39.39 40.38 28.63
N ALA B 1363 -39.14 41.38 29.46
CA ALA B 1363 -40.20 41.87 30.34
C ALA B 1363 -41.36 42.47 29.56
N GLU B 1364 -41.09 43.05 28.38
CA GLU B 1364 -42.10 43.73 27.59
C GLU B 1364 -42.50 42.96 26.34
N MET B 1365 -42.09 41.69 26.21
CA MET B 1365 -42.63 40.88 25.12
C MET B 1365 -44.15 40.80 25.18
N SER B 1366 -44.71 40.55 26.36
CA SER B 1366 -46.14 40.32 26.52
C SER B 1366 -46.82 41.67 26.75
N ARG B 1367 -47.53 42.15 25.73
CA ARG B 1367 -48.17 43.47 25.74
C ARG B 1367 -49.59 43.34 25.21
N PRO B 1368 -50.52 42.85 26.04
CA PRO B 1368 -51.90 42.72 25.59
C PRO B 1368 -52.53 44.06 25.24
N ALA B 1369 -53.39 44.04 24.22
CA ALA B 1369 -54.15 45.21 23.80
C ALA B 1369 -53.23 46.35 23.38
N THR B 1370 -52.33 46.05 22.45
CA THR B 1370 -51.38 47.02 21.93
C THR B 1370 -51.29 46.86 20.42
N THR B 1371 -50.84 47.92 19.75
CA THR B 1371 -50.71 47.88 18.30
C THR B 1371 -49.70 46.84 17.83
N THR B 1372 -48.63 46.61 18.60
CA THR B 1372 -47.50 45.81 18.16
C THR B 1372 -47.52 44.38 18.69
N ARG B 1373 -48.62 43.96 19.32
CA ARG B 1373 -48.69 42.59 19.82
C ARG B 1373 -48.69 41.61 18.65
N ASN B 1374 -47.81 40.61 18.71
CA ASN B 1374 -47.64 39.65 17.61
C ASN B 1374 -47.45 38.24 18.15
N GLY B 1375 -48.26 37.85 19.13
CA GLY B 1375 -48.23 36.49 19.65
C GLY B 1375 -48.15 36.44 21.16
N PHE B 1376 -48.63 35.36 21.76
CA PHE B 1376 -48.69 35.26 23.21
C PHE B 1376 -47.37 34.79 23.79
N MET B 1377 -47.19 35.08 25.07
CA MET B 1377 -45.97 34.75 25.79
C MET B 1377 -46.25 33.49 26.61
N GLU B 1378 -45.65 32.38 26.21
CA GLU B 1378 -45.92 31.11 26.87
C GLU B 1378 -45.36 31.11 28.28
N ALA B 1379 -46.11 30.52 29.20
CA ALA B 1379 -45.72 30.47 30.61
C ALA B 1379 -46.09 29.09 31.17
N GLN B 1380 -45.73 28.89 32.44
CA GLN B 1380 -45.97 27.63 33.11
C GLN B 1380 -46.38 27.90 34.55
N GLY B 1381 -47.04 26.92 35.14
CA GLY B 1381 -47.42 26.98 36.54
C GLY B 1381 -48.81 26.45 36.75
N ALA B 1382 -49.32 26.70 37.95
CA ALA B 1382 -50.62 26.20 38.37
C ALA B 1382 -51.35 27.28 39.14
N GLY B 1383 -52.67 27.18 39.16
CA GLY B 1383 -53.50 28.07 39.93
C GLY B 1383 -54.69 27.31 40.47
N ILE B 1384 -54.90 27.36 41.79
CA ILE B 1384 -55.90 26.53 42.47
C ILE B 1384 -56.76 27.42 43.33
N GLN B 1385 -58.05 27.10 43.39
CA GLN B 1385 -59.01 27.78 44.25
C GLN B 1385 -59.85 26.75 44.99
N ILE B 1386 -60.04 27.00 46.27
CA ILE B 1386 -60.95 26.23 47.12
C ILE B 1386 -62.27 26.99 47.15
N ILE B 1387 -63.28 26.44 46.48
CA ILE B 1387 -64.63 26.99 46.50
C ILE B 1387 -65.48 26.07 47.36
N MET B 1388 -66.57 26.59 47.88
CA MET B 1388 -67.51 25.77 48.62
C MET B 1388 -68.82 26.51 48.75
N GLN B 1389 -69.80 25.86 49.37
CA GLN B 1389 -71.06 26.52 49.66
C GLN B 1389 -70.84 27.68 50.62
N ALA B 1390 -71.63 28.73 50.46
CA ALA B 1390 -71.55 29.86 51.38
C ALA B 1390 -71.97 29.45 52.78
N ASP B 1391 -73.01 28.61 52.90
CA ASP B 1391 -73.41 28.11 54.20
C ASP B 1391 -72.29 27.33 54.86
N LEU B 1392 -71.64 26.45 54.10
CA LEU B 1392 -70.54 25.66 54.67
C LEU B 1392 -69.36 26.55 55.03
N ALA B 1393 -69.06 27.56 54.20
CA ALA B 1393 -67.96 28.45 54.49
C ALA B 1393 -68.22 29.23 55.78
N LEU B 1394 -69.45 29.72 55.96
CA LEU B 1394 -69.79 30.42 57.18
C LEU B 1394 -69.71 29.50 58.39
N LYS B 1395 -70.19 28.27 58.26
CA LYS B 1395 -70.13 27.34 59.38
C LYS B 1395 -68.68 26.98 59.72
N MET B 1396 -67.84 26.80 58.70
CA MET B 1396 -66.44 26.48 58.91
C MET B 1396 -65.64 27.66 59.42
N GLY B 1397 -66.12 28.88 59.21
CA GLY B 1397 -65.34 30.05 59.57
C GLY B 1397 -64.09 30.20 58.74
N VAL B 1398 -64.21 30.00 57.43
CA VAL B 1398 -63.08 30.15 56.51
C VAL B 1398 -63.21 31.52 55.85
N PRO B 1399 -62.12 32.15 55.43
CA PRO B 1399 -62.23 33.43 54.72
C PRO B 1399 -62.99 33.24 53.42
N ILE B 1400 -63.71 34.28 53.01
CA ILE B 1400 -64.45 34.30 51.76
C ILE B 1400 -63.90 35.44 50.94
N TYR B 1401 -63.16 35.12 49.89
CA TYR B 1401 -62.52 36.10 49.03
C TYR B 1401 -63.42 36.60 47.92
N GLY B 1402 -64.49 35.88 47.60
CA GLY B 1402 -65.37 36.28 46.53
C GLY B 1402 -66.52 35.31 46.42
N ILE B 1403 -67.49 35.69 45.58
CA ILE B 1403 -68.67 34.89 45.31
C ILE B 1403 -68.67 34.58 43.82
N VAL B 1404 -68.69 33.30 43.47
CA VAL B 1404 -68.74 32.90 42.06
C VAL B 1404 -70.20 33.02 41.65
N ALA B 1405 -70.56 34.23 41.23
CA ALA B 1405 -71.96 34.52 40.90
C ALA B 1405 -72.37 33.81 39.60
N MET B 1406 -71.48 33.77 38.62
CA MET B 1406 -71.76 33.14 37.34
C MET B 1406 -70.52 32.41 36.88
N ALA B 1407 -70.71 31.32 36.16
CA ALA B 1407 -69.62 30.60 35.52
C ALA B 1407 -70.21 29.81 34.36
N ALA B 1408 -69.72 30.07 33.15
CA ALA B 1408 -70.29 29.48 31.96
C ALA B 1408 -69.21 29.23 30.93
N THR B 1409 -69.46 28.26 30.06
CA THR B 1409 -68.59 27.94 28.94
C THR B 1409 -69.41 27.96 27.66
N ALA B 1410 -68.71 28.07 26.53
CA ALA B 1410 -69.39 28.21 25.25
C ALA B 1410 -68.45 27.80 24.12
N THR B 1411 -69.06 27.43 23.00
CA THR B 1411 -68.40 27.21 21.73
C THR B 1411 -68.80 28.33 20.78
N ASP B 1412 -68.09 28.44 19.65
CA ASP B 1412 -68.30 29.60 18.79
C ASP B 1412 -69.30 29.31 17.67
N LYS B 1413 -68.90 28.50 16.70
CA LYS B 1413 -69.71 28.27 15.51
C LYS B 1413 -69.01 27.28 14.59
N ILE B 1414 -69.60 27.01 13.42
CA ILE B 1414 -68.99 26.10 12.46
C ILE B 1414 -67.93 26.83 11.64
N GLY B 1415 -66.75 26.23 11.60
CA GLY B 1415 -65.60 26.79 10.91
C GLY B 1415 -64.56 25.71 10.75
N ARG B 1416 -63.37 26.11 10.29
CA ARG B 1416 -62.27 25.19 10.06
C ARG B 1416 -60.97 25.61 10.75
N SER B 1417 -61.06 26.33 11.87
CA SER B 1417 -59.88 26.79 12.60
C SER B 1417 -60.07 26.53 14.09
N VAL B 1418 -59.33 25.56 14.63
CA VAL B 1418 -59.39 25.28 16.06
C VAL B 1418 -58.95 26.49 16.89
N PRO B 1419 -57.79 27.11 16.66
CA PRO B 1419 -57.34 28.20 17.53
C PRO B 1419 -58.03 29.53 17.27
N ALA B 1420 -58.89 29.64 16.27
CA ALA B 1420 -59.58 30.88 16.01
C ALA B 1420 -60.56 31.17 17.15
N PRO B 1421 -60.46 32.30 17.84
CA PRO B 1421 -61.46 32.61 18.87
C PRO B 1421 -62.77 33.06 18.25
N GLY B 1422 -63.80 33.15 19.10
CA GLY B 1422 -65.09 33.56 18.64
C GLY B 1422 -65.96 34.18 19.71
N LYS B 1423 -67.17 34.59 19.33
CA LYS B 1423 -68.10 35.28 20.21
C LYS B 1423 -68.99 34.31 20.99
N GLY B 1424 -68.54 33.06 21.14
CA GLY B 1424 -69.39 32.04 21.74
C GLY B 1424 -69.87 32.40 23.14
N ILE B 1425 -68.98 32.98 23.95
CA ILE B 1425 -69.34 33.33 25.32
C ILE B 1425 -70.21 34.57 25.39
N LEU B 1426 -70.53 35.18 24.25
CA LEU B 1426 -71.49 36.28 24.23
C LEU B 1426 -72.89 35.83 24.64
N THR B 1427 -73.16 34.53 24.59
CA THR B 1427 -74.46 34.02 25.02
C THR B 1427 -74.71 34.20 26.51
N THR B 1428 -73.66 34.42 27.30
CA THR B 1428 -73.85 34.64 28.74
C THR B 1428 -74.59 35.94 29.02
N ALA B 1429 -74.67 36.84 28.05
CA ALA B 1429 -75.44 38.07 28.16
C ALA B 1429 -76.71 38.03 27.33
N ARG B 1430 -77.17 36.84 26.95
CA ARG B 1430 -78.32 36.73 26.06
C ARG B 1430 -79.59 37.18 26.78
N GLU B 1431 -80.32 38.08 26.14
CA GLU B 1431 -81.50 38.69 26.73
C GLU B 1431 -82.49 39.00 25.62
N HIS B 1432 -83.77 38.97 25.98
CA HIS B 1432 -84.85 39.26 25.04
C HIS B 1432 -85.43 40.63 25.37
N HIS B 1433 -85.56 41.47 24.34
CA HIS B 1433 -85.97 42.86 24.51
C HIS B 1433 -87.09 43.24 23.55
N SER B 1434 -87.90 42.26 23.11
CA SER B 1434 -89.01 42.58 22.24
C SER B 1434 -90.04 43.45 22.97
N SER B 1435 -90.32 43.13 24.23
CA SER B 1435 -91.32 43.82 25.04
C SER B 1435 -90.68 44.16 26.38
N VAL B 1436 -90.07 45.34 26.46
CA VAL B 1436 -89.42 45.81 27.68
C VAL B 1436 -89.95 47.19 28.04
N LYS B 1437 -91.21 47.47 27.66
CA LYS B 1437 -91.79 48.77 27.96
C LYS B 1437 -91.94 48.98 29.46
N TYR B 1438 -92.07 47.90 30.23
CA TYR B 1438 -92.25 47.97 31.67
C TYR B 1438 -91.30 47.00 32.36
N ALA B 1439 -90.83 47.39 33.54
CA ALA B 1439 -89.88 46.57 34.27
C ALA B 1439 -90.52 45.28 34.76
N SER B 1440 -89.77 44.19 34.69
CA SER B 1440 -90.25 42.93 35.22
C SER B 1440 -90.31 43.01 36.75
N PRO B 1441 -91.45 42.69 37.38
CA PRO B 1441 -91.44 42.59 38.84
C PRO B 1441 -90.48 41.54 39.36
N ASN B 1442 -90.18 40.51 38.55
CA ASN B 1442 -89.28 39.45 38.99
C ASN B 1442 -87.87 39.97 39.23
N LEU B 1443 -87.48 41.05 38.56
CA LEU B 1443 -86.16 41.64 38.75
C LEU B 1443 -86.09 42.58 39.95
N ASN B 1444 -87.21 42.89 40.59
CA ASN B 1444 -87.23 43.73 41.77
C ASN B 1444 -87.07 42.87 43.02
N MET B 1445 -86.10 43.24 43.86
CA MET B 1445 -85.78 42.41 45.02
C MET B 1445 -86.87 42.45 46.08
N LYS B 1446 -87.54 43.59 46.25
CA LYS B 1446 -88.63 43.67 47.23
C LYS B 1446 -89.75 42.70 46.88
N TYR B 1447 -90.10 42.62 45.60
CA TYR B 1447 -91.13 41.69 45.15
C TYR B 1447 -90.74 40.26 45.50
N ARG B 1448 -89.50 39.88 45.19
CA ARG B 1448 -89.06 38.51 45.44
C ARG B 1448 -89.07 38.20 46.93
N LYS B 1449 -88.68 39.16 47.76
CA LYS B 1449 -88.75 38.94 49.21
C LYS B 1449 -90.19 38.79 49.68
N ARG B 1450 -91.12 39.53 49.06
CA ARG B 1450 -92.53 39.35 49.39
C ARG B 1450 -92.99 37.93 49.07
N GLN B 1451 -92.64 37.43 47.88
CA GLN B 1451 -93.00 36.06 47.54
C GLN B 1451 -92.37 35.08 48.51
N LEU B 1452 -91.11 35.34 48.89
CA LEU B 1452 -90.44 34.44 49.82
C LEU B 1452 -91.13 34.38 51.16
N VAL B 1453 -91.51 35.53 51.72
CA VAL B 1453 -92.14 35.52 53.04
C VAL B 1453 -93.51 34.85 52.96
N THR B 1454 -94.22 35.05 51.86
CA THR B 1454 -95.47 34.30 51.66
C THR B 1454 -95.18 32.80 51.66
N ARG B 1455 -94.09 32.40 51.01
CA ARG B 1455 -93.76 30.97 50.94
C ARG B 1455 -93.38 30.43 52.30
N GLU B 1456 -92.69 31.24 53.13
CA GLU B 1456 -92.39 30.79 54.49
C GLU B 1456 -93.65 30.63 55.31
N ALA B 1457 -94.62 31.54 55.15
CA ALA B 1457 -95.90 31.37 55.83
C ALA B 1457 -96.55 30.04 55.43
N GLN B 1458 -96.57 29.77 54.12
CA GLN B 1458 -97.15 28.50 53.65
C GLN B 1458 -96.36 27.31 54.19
N ILE B 1459 -95.04 27.43 54.26
CA ILE B 1459 -94.19 26.33 54.71
C ILE B 1459 -94.45 26.02 56.17
N LYS B 1460 -94.57 27.06 57.01
CA LYS B 1460 -94.84 26.80 58.42
C LYS B 1460 -96.25 26.23 58.61
N ASP B 1461 -97.21 26.67 57.79
CA ASP B 1461 -98.54 26.06 57.84
C ASP B 1461 -98.45 24.57 57.50
N TRP B 1462 -97.70 24.23 56.45
CA TRP B 1462 -97.53 22.83 56.09
C TRP B 1462 -96.84 22.06 57.22
N VAL B 1463 -95.84 22.69 57.85
CA VAL B 1463 -95.11 22.01 58.92
C VAL B 1463 -96.03 21.70 60.09
N GLU B 1464 -96.85 22.66 60.50
CA GLU B 1464 -97.73 22.40 61.64
C GLU B 1464 -98.84 21.41 61.29
N ASN B 1465 -99.32 21.43 60.03
CA ASN B 1465 -100.26 20.39 59.60
C ASN B 1465 -99.62 19.00 59.71
N GLU B 1466 -98.41 18.85 59.17
CA GLU B 1466 -97.75 17.55 59.23
C GLU B 1466 -97.41 17.17 60.67
N LEU B 1467 -97.14 18.15 61.53
CA LEU B 1467 -96.87 17.86 62.93
C LEU B 1467 -98.12 17.33 63.63
N GLU B 1468 -99.29 17.92 63.35
CA GLU B 1468 -100.50 17.40 63.96
C GLU B 1468 -100.84 16.01 63.42
N ALA B 1469 -100.56 15.78 62.13
CA ALA B 1469 -100.73 14.44 61.57
C ALA B 1469 -99.81 13.43 62.27
N LEU B 1470 -98.56 13.84 62.51
CA LEU B 1470 -97.63 12.96 63.23
C LEU B 1470 -98.10 12.72 64.66
N LYS B 1471 -98.69 13.74 65.29
CA LYS B 1471 -99.24 13.55 66.63
C LYS B 1471 -100.36 12.52 66.62
N LEU B 1472 -101.25 12.59 65.63
CA LEU B 1472 -102.30 11.58 65.52
C LEU B 1472 -101.71 10.20 65.30
N GLU B 1473 -100.68 10.10 64.44
CA GLU B 1473 -100.04 8.80 64.22
C GLU B 1473 -99.39 8.27 65.49
N ALA B 1474 -98.80 9.16 66.28
CA ALA B 1474 -98.18 8.73 67.55
C ALA B 1474 -99.24 8.32 68.56
N GLU B 1475 -100.41 8.94 68.51
CA GLU B 1475 -101.52 8.48 69.33
C GLU B 1475 -101.96 7.08 68.89
N GLU B 1476 -101.97 6.83 67.58
CA GLU B 1476 -102.38 5.52 67.08
C GLU B 1476 -101.38 4.43 67.47
N ILE B 1477 -100.08 4.69 67.27
CA ILE B 1477 -99.05 3.69 67.50
C ILE B 1477 -98.98 3.35 68.99
N PRO B 1478 -98.64 2.12 69.38
CA PRO B 1478 -98.45 1.84 70.81
C PRO B 1478 -97.34 2.69 71.42
N SER B 1479 -97.52 3.03 72.70
CA SER B 1479 -96.60 3.90 73.40
C SER B 1479 -95.25 3.25 73.72
N GLU B 1480 -95.12 1.94 73.51
CA GLU B 1480 -93.89 1.25 73.87
C GLU B 1480 -92.70 1.78 73.06
N ASP B 1481 -92.87 1.91 71.74
CA ASP B 1481 -91.83 2.37 70.84
C ASP B 1481 -92.16 3.76 70.29
N GLN B 1482 -92.73 4.61 71.13
CA GLN B 1482 -93.16 5.93 70.68
C GLN B 1482 -91.98 6.91 70.54
N ASN B 1483 -90.98 6.80 71.41
CA ASN B 1483 -89.89 7.77 71.40
C ASN B 1483 -89.08 7.70 70.11
N GLU B 1484 -88.69 6.50 69.70
CA GLU B 1484 -87.91 6.35 68.47
C GLU B 1484 -88.72 6.81 67.26
N PHE B 1485 -90.01 6.45 67.22
CA PHE B 1485 -90.88 6.89 66.13
C PHE B 1485 -90.94 8.41 66.08
N LEU B 1486 -91.15 9.05 67.22
CA LEU B 1486 -91.25 10.51 67.25
C LEU B 1486 -89.96 11.16 66.83
N LEU B 1487 -88.82 10.64 67.29
CA LEU B 1487 -87.53 11.21 66.92
C LEU B 1487 -87.30 11.08 65.41
N GLU B 1488 -87.55 9.90 64.86
CA GLU B 1488 -87.35 9.69 63.43
C GLU B 1488 -88.25 10.61 62.61
N ARG B 1489 -89.52 10.70 62.97
CA ARG B 1489 -90.45 11.50 62.20
C ARG B 1489 -90.20 13.00 62.38
N THR B 1490 -89.73 13.40 63.56
CA THR B 1490 -89.38 14.81 63.77
C THR B 1490 -88.17 15.20 62.93
N ARG B 1491 -87.15 14.33 62.88
CA ARG B 1491 -86.01 14.62 62.02
C ARG B 1491 -86.44 14.66 60.56
N GLU B 1492 -87.34 13.75 60.16
CA GLU B 1492 -87.83 13.74 58.78
C GLU B 1492 -88.57 15.03 58.45
N ILE B 1493 -89.44 15.49 59.36
CA ILE B 1493 -90.22 16.69 59.10
C ILE B 1493 -89.30 17.91 59.09
N HIS B 1494 -88.29 17.92 59.96
CA HIS B 1494 -87.34 19.03 59.95
C HIS B 1494 -86.57 19.08 58.64
N ASN B 1495 -86.14 17.91 58.15
CA ASN B 1495 -85.47 17.87 56.86
C ASN B 1495 -86.39 18.34 55.75
N GLU B 1496 -87.65 17.92 55.78
CA GLU B 1496 -88.60 18.34 54.75
C GLU B 1496 -88.83 19.85 54.78
N ALA B 1497 -88.98 20.41 55.98
CA ALA B 1497 -89.20 21.85 56.11
C ALA B 1497 -87.98 22.63 55.64
N GLU B 1498 -86.78 22.17 56.00
CA GLU B 1498 -85.57 22.82 55.52
C GLU B 1498 -85.47 22.74 54.01
N SER B 1499 -85.80 21.58 53.44
CA SER B 1499 -85.77 21.43 52.00
C SER B 1499 -86.73 22.39 51.33
N GLN B 1500 -87.93 22.53 51.90
CA GLN B 1500 -88.94 23.41 51.30
C GLN B 1500 -88.51 24.87 51.39
N LEU B 1501 -87.94 25.27 52.53
CA LEU B 1501 -87.47 26.65 52.67
C LEU B 1501 -86.32 26.93 51.69
N ARG B 1502 -85.38 26.00 51.56
CA ARG B 1502 -84.28 26.21 50.63
C ARG B 1502 -84.76 26.22 49.20
N ALA B 1503 -85.81 25.44 48.89
CA ALA B 1503 -86.39 25.48 47.55
C ALA B 1503 -87.01 26.84 47.27
N ALA B 1504 -87.74 27.39 48.24
CA ALA B 1504 -88.31 28.73 48.06
C ALA B 1504 -87.21 29.77 47.90
N GLN B 1505 -86.14 29.65 48.70
CA GLN B 1505 -85.05 30.61 48.61
C GLN B 1505 -84.32 30.49 47.28
N GLN B 1506 -84.19 29.26 46.75
CA GLN B 1506 -83.62 29.08 45.43
C GLN B 1506 -84.52 29.69 44.36
N GLN B 1507 -85.84 29.55 44.52
CA GLN B 1507 -86.76 30.02 43.49
C GLN B 1507 -86.81 31.54 43.44
N TRP B 1508 -86.76 32.20 44.61
CA TRP B 1508 -86.94 33.65 44.67
C TRP B 1508 -85.66 34.43 44.92
N GLY B 1509 -84.54 33.79 45.24
CA GLY B 1509 -83.33 34.48 45.59
C GLY B 1509 -82.13 34.14 44.72
N ASN B 1510 -82.07 32.92 44.20
CA ASN B 1510 -80.93 32.43 43.44
C ASN B 1510 -81.28 32.20 41.98
N ASP B 1511 -82.33 31.42 41.70
CA ASP B 1511 -82.70 31.03 40.34
C ASP B 1511 -83.96 31.73 39.87
N PHE B 1512 -84.18 32.97 40.33
CA PHE B 1512 -85.36 33.72 39.89
C PHE B 1512 -85.30 34.06 38.41
N TYR B 1513 -84.12 33.99 37.80
CA TYR B 1513 -83.90 34.43 36.42
C TYR B 1513 -83.64 33.28 35.46
N LYS B 1514 -83.51 32.05 35.94
CA LYS B 1514 -83.26 30.93 35.05
C LYS B 1514 -84.40 30.76 34.06
N ARG B 1515 -85.64 30.99 34.51
CA ARG B 1515 -86.81 30.84 33.65
C ARG B 1515 -87.12 32.09 32.84
N ASP B 1516 -86.80 33.27 33.36
CA ASP B 1516 -87.14 34.51 32.69
C ASP B 1516 -86.21 34.72 31.50
N PRO B 1517 -86.71 34.76 30.26
CA PRO B 1517 -85.83 35.08 29.13
C PRO B 1517 -85.47 36.55 29.04
N ARG B 1518 -86.17 37.42 29.76
CA ARG B 1518 -85.88 38.84 29.73
C ARG B 1518 -84.72 39.22 30.62
N ILE B 1519 -84.17 38.28 31.39
CA ILE B 1519 -83.02 38.50 32.26
C ILE B 1519 -81.90 37.61 31.76
N ALA B 1520 -80.76 38.22 31.43
CA ALA B 1520 -79.63 37.44 30.97
C ALA B 1520 -79.00 36.68 32.12
N PRO B 1521 -78.23 35.63 31.84
CA PRO B 1521 -77.48 34.98 32.94
C PRO B 1521 -76.58 35.94 33.67
N LEU B 1522 -75.90 36.83 32.95
CA LEU B 1522 -75.00 37.79 33.58
C LEU B 1522 -75.77 38.78 34.44
N ARG B 1523 -76.85 39.36 33.90
CA ARG B 1523 -77.64 40.32 34.66
C ARG B 1523 -78.27 39.66 35.88
N GLY B 1524 -78.75 38.43 35.73
CA GLY B 1524 -79.35 37.74 36.86
C GLY B 1524 -78.34 37.40 37.93
N ALA B 1525 -77.14 36.96 37.53
CA ALA B 1525 -76.10 36.69 38.51
C ALA B 1525 -75.73 37.95 39.28
N LEU B 1526 -75.64 39.09 38.57
CA LEU B 1526 -75.37 40.34 39.27
C LEU B 1526 -76.52 40.72 40.20
N ALA B 1527 -77.76 40.61 39.72
CA ALA B 1527 -78.91 41.07 40.49
C ALA B 1527 -79.25 40.14 41.64
N THR B 1528 -78.70 38.93 41.68
CA THR B 1528 -78.89 38.06 42.82
C THR B 1528 -78.45 38.73 44.11
N TYR B 1529 -77.39 39.53 44.04
CA TYR B 1529 -76.83 40.22 45.20
C TYR B 1529 -77.13 41.71 45.19
N GLY B 1530 -78.14 42.14 44.43
CA GLY B 1530 -78.51 43.53 44.38
C GLY B 1530 -77.67 44.38 43.45
N LEU B 1531 -76.69 43.80 42.78
CA LEU B 1531 -75.86 44.55 41.86
C LEU B 1531 -76.56 44.71 40.51
N THR B 1532 -76.03 45.62 39.70
CA THR B 1532 -76.50 45.87 38.36
C THR B 1532 -75.35 45.69 37.37
N ILE B 1533 -75.68 45.83 36.09
CA ILE B 1533 -74.66 45.69 35.05
C ILE B 1533 -73.54 46.70 35.30
N ASP B 1534 -73.90 47.93 35.65
CA ASP B 1534 -72.93 48.97 35.91
C ASP B 1534 -72.03 48.66 37.08
N ASP B 1535 -72.44 47.75 37.97
CA ASP B 1535 -71.60 47.38 39.10
C ASP B 1535 -70.48 46.42 38.71
N LEU B 1536 -70.47 45.92 37.47
CA LEU B 1536 -69.37 45.09 36.99
C LEU B 1536 -68.23 46.00 36.52
N GLY B 1537 -67.43 46.44 37.48
CA GLY B 1537 -66.47 47.50 37.22
C GLY B 1537 -65.14 47.06 36.66
N VAL B 1538 -64.81 45.77 36.69
CA VAL B 1538 -63.50 45.28 36.26
C VAL B 1538 -63.71 44.03 35.43
N ALA B 1539 -62.90 43.87 34.39
CA ALA B 1539 -62.94 42.69 33.53
C ALA B 1539 -61.54 42.15 33.39
N SER B 1540 -61.28 41.00 34.01
CA SER B 1540 -60.01 40.31 33.84
C SER B 1540 -60.02 39.66 32.45
N PHE B 1541 -59.42 40.37 31.51
CA PHE B 1541 -59.33 39.90 30.13
C PHE B 1541 -58.39 38.71 30.05
N HIS B 1542 -58.69 37.81 29.11
CA HIS B 1542 -57.72 36.79 28.74
C HIS B 1542 -56.38 37.42 28.40
N GLY B 1543 -56.37 38.42 27.53
CA GLY B 1543 -55.20 39.24 27.30
C GLY B 1543 -53.99 38.45 26.83
N THR B 1544 -54.18 37.59 25.83
CA THR B 1544 -53.10 36.74 25.37
C THR B 1544 -52.01 37.49 24.64
N SER B 1545 -52.22 38.76 24.29
CA SER B 1545 -51.26 39.54 23.50
C SER B 1545 -51.16 39.00 22.08
N THR B 1546 -52.30 38.61 21.51
CA THR B 1546 -52.41 38.25 20.12
C THR B 1546 -53.52 39.07 19.48
N LYS B 1547 -53.34 39.36 18.19
CA LYS B 1547 -54.24 40.28 17.50
C LYS B 1547 -55.68 39.78 17.55
N ALA B 1548 -55.91 38.57 17.06
CA ALA B 1548 -57.27 38.05 16.95
C ALA B 1548 -57.92 37.91 18.32
N ASN B 1549 -57.18 37.36 19.29
CA ASN B 1549 -57.76 37.12 20.61
C ASN B 1549 -58.12 38.43 21.28
N ASP B 1550 -57.21 39.40 21.26
CA ASP B 1550 -57.49 40.66 21.95
C ASP B 1550 -58.65 41.42 21.29
N LYS B 1551 -58.65 41.50 19.95
CA LYS B 1551 -59.75 42.18 19.28
C LYS B 1551 -61.07 41.47 19.55
N ASN B 1552 -61.09 40.14 19.44
CA ASN B 1552 -62.32 39.39 19.64
C ASN B 1552 -62.83 39.54 21.07
N GLU B 1553 -61.94 39.50 22.05
CA GLU B 1553 -62.37 39.60 23.44
C GLU B 1553 -62.88 41.00 23.76
N SER B 1554 -62.21 42.03 23.27
CA SER B 1554 -62.71 43.38 23.48
C SER B 1554 -64.07 43.55 22.84
N ALA B 1555 -64.25 43.01 21.63
CA ALA B 1555 -65.55 43.08 20.97
C ALA B 1555 -66.61 42.32 21.77
N THR B 1556 -66.25 41.16 22.31
CA THR B 1556 -67.22 40.37 23.08
C THR B 1556 -67.66 41.13 24.33
N ILE B 1557 -66.70 41.68 25.08
CA ILE B 1557 -67.05 42.43 26.28
C ILE B 1557 -67.88 43.65 25.93
N ASN B 1558 -67.52 44.33 24.83
CA ASN B 1558 -68.29 45.49 24.41
C ASN B 1558 -69.72 45.10 24.05
N GLU B 1559 -69.90 43.95 23.39
CA GLU B 1559 -71.24 43.53 23.01
C GLU B 1559 -72.06 43.13 24.22
N MET B 1560 -71.45 42.43 25.18
CA MET B 1560 -72.14 42.16 26.44
C MET B 1560 -72.58 43.47 27.09
N MET B 1561 -71.68 44.45 27.13
CA MET B 1561 -71.97 45.69 27.84
C MET B 1561 -73.07 46.46 27.12
N LYS B 1562 -73.05 46.46 25.79
CA LYS B 1562 -74.11 47.10 25.01
C LYS B 1562 -75.46 46.42 25.26
N HIS B 1563 -75.51 45.09 25.09
CA HIS B 1563 -76.79 44.40 25.16
C HIS B 1563 -77.39 44.47 26.56
N LEU B 1564 -76.55 44.37 27.60
CA LEU B 1564 -77.05 44.42 28.97
C LEU B 1564 -77.36 45.85 29.43
N GLY B 1565 -77.37 46.81 28.52
CA GLY B 1565 -77.83 48.15 28.85
C GLY B 1565 -76.96 48.88 29.84
N ARG B 1566 -75.64 48.70 29.74
CA ARG B 1566 -74.72 49.43 30.59
C ARG B 1566 -74.76 50.91 30.25
N SER B 1567 -74.63 51.75 31.28
CA SER B 1567 -74.67 53.19 31.07
C SER B 1567 -73.48 53.63 30.22
N GLU B 1568 -73.75 54.52 29.27
CA GLU B 1568 -72.68 55.11 28.48
C GLU B 1568 -71.79 55.95 29.37
N GLY B 1569 -70.49 55.91 29.11
CA GLY B 1569 -69.52 56.53 29.98
C GLY B 1569 -69.16 55.71 31.21
N ASN B 1570 -69.47 54.42 31.22
CA ASN B 1570 -69.10 53.52 32.31
C ASN B 1570 -68.39 52.31 31.74
N PRO B 1571 -67.22 52.50 31.15
CA PRO B 1571 -66.47 51.36 30.64
C PRO B 1571 -66.00 50.46 31.76
N VAL B 1572 -66.00 49.16 31.46
CA VAL B 1572 -65.38 48.18 32.35
C VAL B 1572 -63.87 48.33 32.23
N ILE B 1573 -63.19 48.34 33.37
CA ILE B 1573 -61.75 48.51 33.41
C ILE B 1573 -61.12 47.16 33.15
N GLY B 1574 -60.39 47.03 32.04
CA GLY B 1574 -59.82 45.75 31.68
C GLY B 1574 -58.47 45.52 32.34
N VAL B 1575 -58.35 44.36 32.95
CA VAL B 1575 -57.12 43.93 33.62
C VAL B 1575 -56.49 42.84 32.77
N PHE B 1576 -55.27 43.09 32.31
CA PHE B 1576 -54.51 42.14 31.51
C PHE B 1576 -53.35 41.67 32.39
N GLN B 1577 -53.43 40.43 32.86
CA GLN B 1577 -52.44 39.88 33.77
C GLN B 1577 -51.33 39.14 33.05
N LYS B 1578 -51.53 38.75 31.80
CA LYS B 1578 -50.52 37.98 31.08
C LYS B 1578 -49.37 38.86 30.60
N PHE B 1579 -49.48 40.18 30.73
CA PHE B 1579 -48.33 41.04 30.47
C PHE B 1579 -47.18 40.76 31.43
N LEU B 1580 -47.49 40.26 32.62
CA LEU B 1580 -46.52 40.01 33.68
C LEU B 1580 -46.24 38.54 33.90
N THR B 1581 -47.27 37.73 34.01
CA THR B 1581 -47.15 36.30 34.28
C THR B 1581 -47.07 35.46 33.01
N GLY B 1582 -47.25 36.05 31.84
CA GLY B 1582 -47.28 35.28 30.62
C GLY B 1582 -48.57 34.48 30.50
N HIS B 1583 -48.57 33.57 29.55
CA HIS B 1583 -49.76 32.79 29.18
C HIS B 1583 -49.49 31.32 29.45
N PRO B 1584 -49.99 30.78 30.56
CA PRO B 1584 -49.99 29.32 30.73
C PRO B 1584 -51.17 28.70 30.00
N LYS B 1585 -51.00 27.45 29.59
CA LYS B 1585 -51.98 26.77 28.75
C LYS B 1585 -53.01 26.05 29.62
N GLY B 1586 -53.62 26.80 30.53
CA GLY B 1586 -54.65 26.25 31.38
C GLY B 1586 -54.65 26.76 32.81
N ALA B 1587 -53.50 27.21 33.30
CA ALA B 1587 -53.49 27.96 34.55
C ALA B 1587 -53.89 29.41 34.35
N ALA B 1588 -54.22 29.79 33.11
CA ALA B 1588 -54.48 31.20 32.81
C ALA B 1588 -55.70 31.70 33.54
N GLY B 1589 -56.83 31.02 33.39
CA GLY B 1589 -58.04 31.47 34.04
C GLY B 1589 -57.94 31.38 35.55
N ALA B 1590 -57.11 30.47 36.05
CA ALA B 1590 -56.93 30.36 37.49
C ALA B 1590 -56.13 31.53 38.04
N TRP B 1591 -55.06 31.91 37.34
CA TRP B 1591 -54.31 33.09 37.75
C TRP B 1591 -55.16 34.35 37.66
N MET B 1592 -55.95 34.47 36.60
CA MET B 1592 -56.86 35.61 36.48
C MET B 1592 -57.94 35.57 37.56
N MET B 1593 -58.37 34.39 37.98
CA MET B 1593 -59.32 34.29 39.09
C MET B 1593 -58.69 34.76 40.38
N ASN B 1594 -57.45 34.35 40.64
CA ASN B 1594 -56.73 34.81 41.82
C ASN B 1594 -56.56 36.32 41.80
N GLY B 1595 -56.18 36.87 40.64
CA GLY B 1595 -56.04 38.30 40.52
C GLY B 1595 -57.35 39.03 40.70
N ALA B 1596 -58.44 38.46 40.18
CA ALA B 1596 -59.75 39.09 40.35
C ALA B 1596 -60.16 39.10 41.81
N LEU B 1597 -59.92 38.00 42.54
CA LEU B 1597 -60.22 37.98 43.95
C LEU B 1597 -59.40 39.00 44.71
N GLN B 1598 -58.11 39.12 44.37
CA GLN B 1598 -57.27 40.11 45.03
C GLN B 1598 -57.72 41.53 44.70
N ILE B 1599 -58.13 41.77 43.46
CA ILE B 1599 -58.68 43.07 43.08
C ILE B 1599 -59.92 43.37 43.90
N LEU B 1600 -60.80 42.39 44.05
CA LEU B 1600 -62.02 42.60 44.83
C LEU B 1600 -61.69 42.95 46.27
N ASN B 1601 -60.75 42.22 46.88
CA ASN B 1601 -60.51 42.40 48.30
C ASN B 1601 -59.71 43.66 48.58
N SER B 1602 -58.81 44.05 47.68
CA SER B 1602 -57.97 45.22 47.90
C SER B 1602 -58.52 46.50 47.30
N GLY B 1603 -59.50 46.42 46.42
CA GLY B 1603 -59.97 47.60 45.72
C GLY B 1603 -58.94 48.19 44.79
N ILE B 1604 -57.93 47.41 44.40
CA ILE B 1604 -56.82 47.87 43.58
C ILE B 1604 -56.89 47.15 42.24
N ILE B 1605 -56.84 47.92 41.16
CA ILE B 1605 -56.91 47.42 39.80
C ILE B 1605 -55.52 47.55 39.19
N PRO B 1606 -54.75 46.47 39.02
CA PRO B 1606 -53.43 46.61 38.39
C PRO B 1606 -53.55 47.08 36.95
N GLY B 1607 -52.54 47.84 36.52
CA GLY B 1607 -52.48 48.33 35.17
C GLY B 1607 -51.52 47.52 34.31
N ASN B 1608 -51.86 47.42 33.03
CA ASN B 1608 -51.03 46.70 32.06
C ASN B 1608 -49.83 47.59 31.75
N ARG B 1609 -48.75 47.41 32.52
CA ARG B 1609 -47.60 48.28 32.38
C ARG B 1609 -46.92 48.10 31.02
N ASN B 1610 -47.16 46.99 30.34
CA ASN B 1610 -46.66 46.79 28.99
C ASN B 1610 -47.56 47.42 27.93
N ALA B 1611 -48.67 48.03 28.32
CA ALA B 1611 -49.57 48.68 27.37
C ALA B 1611 -48.90 49.97 26.91
N ASP B 1612 -47.90 49.81 26.04
CA ASP B 1612 -47.15 50.96 25.56
C ASP B 1612 -48.06 51.90 24.78
N ASN B 1613 -48.91 51.35 23.92
CA ASN B 1613 -49.83 52.13 23.10
C ASN B 1613 -51.01 51.25 22.76
N VAL B 1614 -52.18 51.58 23.29
CA VAL B 1614 -53.37 50.78 23.06
C VAL B 1614 -53.71 50.81 21.57
N ASP B 1615 -54.16 49.68 21.05
CA ASP B 1615 -54.47 49.58 19.64
C ASP B 1615 -55.61 50.52 19.28
N LYS B 1616 -55.45 51.24 18.16
CA LYS B 1616 -56.49 52.13 17.68
C LYS B 1616 -57.76 51.36 17.34
N ILE B 1617 -57.63 50.10 16.93
CA ILE B 1617 -58.80 49.30 16.59
C ILE B 1617 -59.66 49.04 17.81
N LEU B 1618 -59.10 49.19 19.02
CA LEU B 1618 -59.85 48.98 20.25
C LEU B 1618 -60.57 50.23 20.73
N GLU B 1619 -60.43 51.36 20.04
CA GLU B 1619 -61.13 52.56 20.46
C GLU B 1619 -62.63 52.46 20.20
N GLN B 1620 -63.04 51.69 19.20
CA GLN B 1620 -64.46 51.54 18.91
C GLN B 1620 -65.22 50.93 20.08
N PHE B 1621 -64.56 50.14 20.91
CA PHE B 1621 -65.20 49.50 22.07
C PHE B 1621 -65.23 50.52 23.21
N GLU B 1622 -66.26 51.37 23.17
CA GLU B 1622 -66.36 52.45 24.15
C GLU B 1622 -66.59 51.94 25.56
N TYR B 1623 -67.04 50.70 25.71
CA TYR B 1623 -67.35 50.13 27.02
C TYR B 1623 -66.15 49.42 27.65
N VAL B 1624 -64.96 49.55 27.07
CA VAL B 1624 -63.75 48.92 27.60
C VAL B 1624 -62.71 50.00 27.81
N LEU B 1625 -62.04 49.96 28.96
CA LEU B 1625 -60.92 50.83 29.27
C LEU B 1625 -59.67 49.97 29.45
N TYR B 1626 -58.53 50.52 29.05
CA TYR B 1626 -57.26 49.78 29.02
C TYR B 1626 -56.21 50.54 29.84
N PRO B 1627 -56.28 50.47 31.17
CA PRO B 1627 -55.29 51.19 31.98
C PRO B 1627 -53.90 50.63 31.81
N SER B 1628 -52.91 51.51 32.01
CA SER B 1628 -51.50 51.13 31.99
C SER B 1628 -50.84 51.21 33.35
N LYS B 1629 -51.46 51.87 34.32
CA LYS B 1629 -50.92 51.98 35.68
C LYS B 1629 -52.00 51.58 36.68
N THR B 1630 -51.55 51.14 37.85
CA THR B 1630 -52.46 50.65 38.87
C THR B 1630 -53.38 51.77 39.36
N LEU B 1631 -54.61 51.40 39.68
CA LEU B 1631 -55.63 52.32 40.18
C LEU B 1631 -56.09 51.89 41.55
N LYS B 1632 -56.03 52.80 42.51
CA LYS B 1632 -56.51 52.56 43.87
C LYS B 1632 -57.99 52.92 43.91
N THR B 1633 -58.82 52.01 43.46
CA THR B 1633 -60.27 52.22 43.48
C THR B 1633 -60.77 52.27 44.92
N ASP B 1634 -61.89 52.95 45.11
CA ASP B 1634 -62.59 52.98 46.39
C ASP B 1634 -63.52 51.79 46.58
N GLY B 1635 -63.32 50.72 45.81
CA GLY B 1635 -64.13 49.51 45.94
C GLY B 1635 -64.50 48.91 44.60
N VAL B 1636 -64.28 47.61 44.45
CA VAL B 1636 -64.70 46.84 43.29
C VAL B 1636 -65.83 45.92 43.72
N ARG B 1637 -66.96 46.00 43.03
CA ARG B 1637 -68.13 45.19 43.37
C ARG B 1637 -68.04 43.81 42.73
N ALA B 1638 -67.82 43.77 41.41
CA ALA B 1638 -67.78 42.51 40.66
C ALA B 1638 -66.67 42.57 39.63
N VAL B 1639 -66.18 41.38 39.27
CA VAL B 1639 -65.10 41.21 38.30
C VAL B 1639 -65.50 40.12 37.31
N SER B 1640 -65.30 40.39 36.03
CA SER B 1640 -65.64 39.46 34.96
C SER B 1640 -64.38 38.86 34.36
N ILE B 1641 -64.15 37.58 34.60
CA ILE B 1641 -62.96 36.88 34.14
C ILE B 1641 -63.34 36.15 32.86
N THR B 1642 -62.66 36.47 31.75
CA THR B 1642 -62.98 35.86 30.46
C THR B 1642 -61.76 35.15 29.88
N SER B 1643 -61.95 33.89 29.50
CA SER B 1643 -60.91 33.07 28.90
C SER B 1643 -61.38 32.50 27.56
N PHE B 1644 -60.43 32.30 26.65
CA PHE B 1644 -60.72 31.77 25.32
C PHE B 1644 -59.61 30.78 24.97
N GLY B 1645 -59.86 29.50 25.22
CA GLY B 1645 -58.93 28.46 24.85
C GLY B 1645 -59.17 27.92 23.46
N PHE B 1646 -58.13 27.28 22.93
CA PHE B 1646 -58.23 26.62 21.64
C PHE B 1646 -59.36 25.59 21.66
N GLY B 1647 -59.92 25.31 20.49
CA GLY B 1647 -61.09 24.47 20.41
C GLY B 1647 -62.37 25.19 20.74
N GLN B 1648 -62.41 26.51 20.51
CA GLN B 1648 -63.60 27.31 20.74
C GLN B 1648 -64.02 27.27 22.20
N LYS B 1649 -63.05 27.15 23.10
CA LYS B 1649 -63.33 27.00 24.53
C LYS B 1649 -63.47 28.38 25.14
N GLY B 1650 -64.60 29.03 24.86
CA GLY B 1650 -64.92 30.31 25.47
C GLY B 1650 -65.44 30.07 26.87
N GLY B 1651 -65.12 30.97 27.78
CA GLY B 1651 -65.55 30.83 29.16
C GLY B 1651 -65.58 32.17 29.86
N GLN B 1652 -66.59 32.35 30.70
CA GLN B 1652 -66.72 33.55 31.51
C GLN B 1652 -67.06 33.16 32.95
N ALA B 1653 -66.55 33.94 33.88
CA ALA B 1653 -66.87 33.82 35.29
C ALA B 1653 -67.09 35.21 35.86
N ILE B 1654 -67.90 35.29 36.90
CA ILE B 1654 -68.18 36.55 37.59
C ILE B 1654 -67.90 36.34 39.07
N VAL B 1655 -67.05 37.19 39.63
CA VAL B 1655 -66.68 37.14 41.04
C VAL B 1655 -67.23 38.40 41.68
N VAL B 1656 -68.18 38.25 42.59
CA VAL B 1656 -68.78 39.37 43.31
C VAL B 1656 -68.02 39.54 44.61
N HIS B 1657 -68.02 40.77 45.13
CA HIS B 1657 -67.31 41.05 46.37
C HIS B 1657 -67.89 40.20 47.50
N PRO B 1658 -67.05 39.64 48.39
CA PRO B 1658 -67.60 38.80 49.45
C PRO B 1658 -68.54 39.53 50.40
N ASP B 1659 -68.44 40.85 50.50
CA ASP B 1659 -69.24 41.59 51.49
C ASP B 1659 -70.71 41.61 51.11
N TYR B 1660 -71.04 41.32 49.85
CA TYR B 1660 -72.44 41.22 49.48
C TYR B 1660 -73.07 39.93 49.97
N LEU B 1661 -72.24 38.94 50.34
CA LEU B 1661 -72.76 37.74 50.97
C LEU B 1661 -73.21 38.02 52.40
N TYR B 1662 -72.41 38.78 53.15
CA TYR B 1662 -72.66 38.96 54.57
C TYR B 1662 -73.92 39.75 54.85
N GLY B 1663 -74.44 40.46 53.85
CA GLY B 1663 -75.74 41.09 53.99
C GLY B 1663 -76.91 40.14 53.92
N ALA B 1664 -76.66 38.87 53.58
CA ALA B 1664 -77.70 37.86 53.50
C ALA B 1664 -77.85 37.07 54.80
N ILE B 1665 -77.07 37.38 55.83
CA ILE B 1665 -77.12 36.65 57.10
C ILE B 1665 -77.45 37.60 58.24
N THR B 1666 -77.71 37.05 59.41
CA THR B 1666 -78.08 37.83 60.59
C THR B 1666 -76.82 38.39 61.27
N GLU B 1667 -77.06 39.29 62.23
CA GLU B 1667 -75.94 39.90 62.95
C GLU B 1667 -75.20 38.85 63.77
N ASP B 1668 -75.93 37.99 64.49
CA ASP B 1668 -75.27 36.99 65.33
C ASP B 1668 -74.48 35.99 64.49
N ARG B 1669 -75.08 35.55 63.38
CA ARG B 1669 -74.38 34.61 62.50
C ARG B 1669 -73.11 35.24 61.95
N TYR B 1670 -73.18 36.50 61.53
CA TYR B 1670 -72.01 37.19 61.03
C TYR B 1670 -70.95 37.35 62.12
N ASN B 1671 -71.37 37.66 63.34
CA ASN B 1671 -70.40 37.85 64.42
C ASN B 1671 -69.67 36.55 64.75
N GLU B 1672 -70.40 35.44 64.82
CA GLU B 1672 -69.74 34.17 65.11
C GLU B 1672 -68.85 33.75 63.94
N TYR B 1673 -69.28 34.04 62.70
CA TYR B 1673 -68.43 33.77 61.55
C TYR B 1673 -67.14 34.58 61.64
N VAL B 1674 -67.24 35.86 62.01
CA VAL B 1674 -66.05 36.70 62.11
C VAL B 1674 -65.12 36.19 63.19
N ALA B 1675 -65.66 35.77 64.33
CA ALA B 1675 -64.83 35.23 65.40
C ALA B 1675 -64.11 33.96 64.93
N LYS B 1676 -64.83 33.07 64.26
CA LYS B 1676 -64.22 31.84 63.77
C LYS B 1676 -63.15 32.15 62.74
N VAL B 1677 -63.38 33.13 61.87
CA VAL B 1677 -62.40 33.48 60.85
C VAL B 1677 -61.16 34.08 61.49
N SER B 1678 -61.33 34.89 62.55
CA SER B 1678 -60.17 35.45 63.24
C SER B 1678 -59.32 34.35 63.85
N ALA B 1679 -59.98 33.41 64.56
CA ALA B 1679 -59.24 32.31 65.14
C ALA B 1679 -58.54 31.47 64.08
N ARG B 1680 -59.24 31.19 62.98
CA ARG B 1680 -58.66 30.40 61.91
C ARG B 1680 -57.52 31.13 61.23
N GLU B 1681 -57.63 32.45 61.09
CA GLU B 1681 -56.54 33.21 60.48
C GLU B 1681 -55.30 33.17 61.36
N LYS B 1682 -55.47 33.27 62.67
CA LYS B 1682 -54.32 33.15 63.55
C LYS B 1682 -53.69 31.76 63.45
N SER B 1683 -54.52 30.72 63.44
CA SER B 1683 -53.99 29.36 63.32
C SER B 1683 -53.27 29.17 62.00
N ALA B 1684 -53.85 29.68 60.91
CA ALA B 1684 -53.24 29.56 59.59
C ALA B 1684 -51.95 30.35 59.52
N TYR B 1685 -51.89 31.51 60.19
CA TYR B 1685 -50.66 32.28 60.22
C TYR B 1685 -49.54 31.50 60.88
N LYS B 1686 -49.81 30.93 62.06
CA LYS B 1686 -48.74 30.19 62.74
C LYS B 1686 -48.34 28.96 61.92
N PHE B 1687 -49.32 28.26 61.34
CA PHE B 1687 -49.00 27.11 60.51
C PHE B 1687 -48.14 27.52 59.31
N PHE B 1688 -48.53 28.59 58.63
CA PHE B 1688 -47.83 29.00 57.43
C PHE B 1688 -46.39 29.41 57.75
N HIS B 1689 -46.19 30.16 58.83
CA HIS B 1689 -44.84 30.62 59.14
C HIS B 1689 -43.97 29.46 59.61
N ASN B 1690 -44.52 28.56 60.44
CA ASN B 1690 -43.78 27.38 60.84
C ASN B 1690 -43.37 26.55 59.61
N GLY B 1691 -44.33 26.28 58.72
CA GLY B 1691 -44.03 25.48 57.55
C GLY B 1691 -43.07 26.18 56.60
N MET B 1692 -43.14 27.51 56.54
CA MET B 1692 -42.19 28.23 55.70
C MET B 1692 -40.78 28.08 56.22
N ILE B 1693 -40.58 28.32 57.52
CA ILE B 1693 -39.21 28.32 58.02
C ILE B 1693 -38.65 26.91 58.02
N TYR B 1694 -39.47 25.90 58.33
CA TYR B 1694 -39.01 24.53 58.41
C TYR B 1694 -39.22 23.73 57.13
N ASN B 1695 -39.67 24.38 56.05
CA ASN B 1695 -39.85 23.73 54.76
C ASN B 1695 -40.78 22.52 54.87
N LYS B 1696 -41.90 22.72 55.55
CA LYS B 1696 -42.90 21.68 55.76
C LYS B 1696 -44.30 22.24 55.61
N LEU B 1697 -44.51 23.11 54.61
CA LEU B 1697 -45.86 23.53 54.27
C LEU B 1697 -46.67 22.38 53.71
N PHE B 1698 -46.06 21.58 52.84
CA PHE B 1698 -46.68 20.37 52.32
C PHE B 1698 -46.42 19.24 53.30
N VAL B 1699 -47.46 18.79 53.97
CA VAL B 1699 -47.39 17.65 54.88
C VAL B 1699 -48.14 16.50 54.21
N SER B 1700 -47.40 15.56 53.63
CA SER B 1700 -48.02 14.40 53.05
C SER B 1700 -48.70 13.56 54.13
N LYS B 1701 -49.90 13.10 53.84
CA LYS B 1701 -50.61 12.19 54.73
C LYS B 1701 -50.10 10.78 54.51
N GLU B 1702 -49.60 10.15 55.58
CA GLU B 1702 -49.15 8.77 55.46
C GLU B 1702 -50.34 7.82 55.45
N HIS B 1703 -51.43 8.18 56.12
CA HIS B 1703 -52.60 7.32 56.25
C HIS B 1703 -53.87 8.12 55.98
N ALA B 1704 -54.88 7.42 55.49
CA ALA B 1704 -56.20 8.00 55.28
C ALA B 1704 -56.86 8.27 56.63
N PRO B 1705 -57.89 9.12 56.68
CA PRO B 1705 -58.53 9.39 57.98
C PRO B 1705 -59.34 8.22 58.50
N TYR B 1706 -59.49 7.15 57.72
CA TYR B 1706 -60.18 5.94 58.15
C TYR B 1706 -59.27 4.74 57.89
N THR B 1707 -59.40 3.72 58.74
CA THR B 1707 -58.65 2.49 58.52
C THR B 1707 -59.26 1.69 57.38
N ASP B 1708 -58.51 0.70 56.91
CA ASP B 1708 -58.99 -0.14 55.82
C ASP B 1708 -60.25 -0.89 56.21
N GLU B 1709 -60.33 -1.36 57.45
CA GLU B 1709 -61.51 -2.09 57.90
C GLU B 1709 -62.72 -1.16 58.01
N LEU B 1710 -62.50 0.11 58.34
CA LEU B 1710 -63.57 1.07 58.51
C LEU B 1710 -63.82 1.92 57.27
N GLU B 1711 -63.04 1.71 56.20
CA GLU B 1711 -63.22 2.50 54.98
C GLU B 1711 -64.62 2.32 54.40
N GLU B 1712 -65.07 1.08 54.30
CA GLU B 1712 -66.39 0.80 53.73
C GLU B 1712 -67.49 1.43 54.57
N ASP B 1713 -67.38 1.33 55.90
CA ASP B 1713 -68.39 1.91 56.77
C ASP B 1713 -68.43 3.43 56.64
N VAL B 1714 -67.26 4.06 56.55
CA VAL B 1714 -67.23 5.51 56.38
C VAL B 1714 -67.83 5.91 55.05
N TYR B 1715 -67.53 5.16 53.99
CA TYR B 1715 -68.14 5.45 52.69
C TYR B 1715 -69.65 5.31 52.75
N LEU B 1716 -70.15 4.28 53.42
CA LEU B 1716 -71.57 4.01 53.43
C LEU B 1716 -72.36 4.88 54.39
N ASP B 1717 -71.70 5.52 55.37
CA ASP B 1717 -72.38 6.41 56.29
C ASP B 1717 -72.27 7.84 55.80
N PRO B 1718 -73.36 8.50 55.38
CA PRO B 1718 -73.23 9.89 54.92
C PRO B 1718 -72.99 10.88 56.04
N LEU B 1719 -73.35 10.54 57.27
CA LEU B 1719 -73.19 11.41 58.41
C LEU B 1719 -71.91 11.17 59.19
N ALA B 1720 -71.05 10.28 58.71
CA ALA B 1720 -69.78 10.04 59.39
C ALA B 1720 -68.88 11.25 59.26
N ARG B 1721 -68.36 11.71 60.40
CA ARG B 1721 -67.47 12.86 60.45
C ARG B 1721 -66.26 12.50 61.28
N VAL B 1722 -65.12 13.10 60.94
CA VAL B 1722 -63.88 12.83 61.66
C VAL B 1722 -63.93 13.55 63.00
N SER B 1723 -63.17 13.01 63.95
CA SER B 1723 -62.98 13.61 65.26
C SER B 1723 -61.51 13.55 65.61
N LYS B 1724 -61.11 14.39 66.56
CA LYS B 1724 -59.71 14.40 67.00
C LYS B 1724 -59.45 13.21 67.91
N ASP B 1725 -58.57 12.31 67.47
CA ASP B 1725 -58.21 11.16 68.30
C ASP B 1725 -57.43 11.62 69.52
N LYS B 1726 -57.82 11.13 70.69
CA LYS B 1726 -57.16 11.56 71.92
C LYS B 1726 -55.70 11.12 71.95
N LYS B 1727 -55.40 9.95 71.38
CA LYS B 1727 -54.04 9.42 71.44
C LYS B 1727 -53.16 10.05 70.35
N SER B 1728 -53.51 9.85 69.08
CA SER B 1728 -52.67 10.34 68.00
C SER B 1728 -52.78 11.86 67.86
N GLY B 1729 -53.93 12.42 68.20
CA GLY B 1729 -54.16 13.85 68.08
C GLY B 1729 -54.63 14.30 66.71
N SER B 1730 -54.59 13.43 65.72
CA SER B 1730 -55.01 13.76 64.37
C SER B 1730 -56.51 13.52 64.19
N LEU B 1731 -57.04 14.06 63.10
CA LEU B 1731 -58.46 13.91 62.78
C LEU B 1731 -58.66 12.60 62.05
N THR B 1732 -59.43 11.69 62.65
CA THR B 1732 -59.67 10.38 62.06
C THR B 1732 -61.12 10.00 62.29
N PHE B 1733 -61.58 8.99 61.53
CA PHE B 1733 -62.93 8.48 61.70
C PHE B 1733 -62.97 7.45 62.83
N ASN B 1734 -64.07 7.45 63.57
CA ASN B 1734 -64.25 6.60 64.73
C ASN B 1734 -65.47 5.72 64.55
N SER B 1735 -65.33 4.44 64.90
CA SER B 1735 -66.44 3.51 64.78
C SER B 1735 -67.62 3.93 65.64
N LYS B 1736 -67.33 4.51 66.82
CA LYS B 1736 -68.40 5.01 67.67
C LYS B 1736 -69.18 6.13 67.00
N ASN B 1737 -68.51 6.90 66.13
CA ASN B 1737 -69.14 8.01 65.43
C ASN B 1737 -69.71 7.60 64.08
N ILE B 1738 -69.42 6.39 63.60
CA ILE B 1738 -69.95 5.90 62.32
C ILE B 1738 -71.25 5.15 62.60
N GLN B 1739 -72.29 5.50 61.84
CA GLN B 1739 -73.61 4.87 61.96
C GLN B 1739 -74.15 4.97 63.39
N SER B 1740 -74.04 6.15 63.98
CA SER B 1740 -74.49 6.40 65.34
C SER B 1740 -75.75 7.25 65.34
N LYS B 1741 -76.64 6.98 66.29
CA LYS B 1741 -77.87 7.76 66.41
C LYS B 1741 -77.59 9.20 66.82
N ASP B 1742 -76.43 9.47 67.43
CA ASP B 1742 -76.10 10.84 67.80
C ASP B 1742 -75.98 11.73 66.57
N SER B 1743 -75.40 11.21 65.49
CA SER B 1743 -75.26 12.00 64.27
C SER B 1743 -76.63 12.37 63.70
N TYR B 1744 -77.57 11.43 63.74
CA TYR B 1744 -78.90 11.65 63.19
C TYR B 1744 -79.88 12.06 64.28
N SER C 5 54.08 -22.91 119.90
CA SER C 5 53.07 -22.19 119.12
C SER C 5 53.50 -22.08 117.65
N THR C 6 52.63 -22.55 116.77
CA THR C 6 52.85 -22.50 115.33
C THR C 6 51.59 -21.96 114.65
N ARG C 7 51.72 -21.56 113.40
CA ARG C 7 50.60 -20.99 112.69
C ARG C 7 50.74 -21.18 111.19
N PRO C 8 49.64 -21.14 110.44
CA PRO C 8 49.70 -21.44 109.00
C PRO C 8 50.38 -20.34 108.21
N LEU C 9 50.98 -20.76 107.09
CA LEU C 9 51.57 -19.87 106.09
C LEU C 9 51.15 -20.44 104.74
N THR C 10 50.21 -19.77 104.07
CA THR C 10 49.65 -20.28 102.83
C THR C 10 50.46 -19.81 101.65
N LEU C 11 50.92 -20.75 100.83
CA LEU C 11 51.64 -20.46 99.60
C LEU C 11 51.00 -21.22 98.46
N SER C 12 50.68 -20.51 97.38
CA SER C 12 49.89 -21.07 96.30
C SER C 12 50.37 -20.49 94.97
N HIS C 13 50.06 -21.22 93.90
CA HIS C 13 50.34 -20.78 92.53
C HIS C 13 49.15 -21.24 91.68
N GLY C 14 48.15 -20.38 91.56
CA GLY C 14 46.93 -20.75 90.87
C GLY C 14 46.00 -21.55 91.77
N SER C 15 45.35 -22.57 91.21
CA SER C 15 44.42 -23.37 91.99
C SER C 15 45.12 -24.11 93.12
N LEU C 16 46.28 -24.70 92.83
CA LEU C 16 46.98 -25.49 93.83
C LEU C 16 47.51 -24.60 94.95
N GLU C 17 47.58 -25.17 96.16
CA GLU C 17 48.01 -24.41 97.32
C GLU C 17 48.61 -25.36 98.35
N HIS C 18 49.31 -24.78 99.32
CA HIS C 18 49.93 -25.53 100.40
C HIS C 18 50.01 -24.63 101.62
N VAL C 19 50.14 -25.24 102.80
CA VAL C 19 50.21 -24.51 104.06
C VAL C 19 51.37 -25.06 104.88
N LEU C 20 52.20 -24.14 105.38
CA LEU C 20 53.35 -24.47 106.22
C LEU C 20 53.06 -24.01 107.63
N LEU C 21 53.12 -24.94 108.60
CA LEU C 21 52.83 -24.61 109.99
C LEU C 21 54.11 -24.15 110.68
N VAL C 22 54.54 -22.96 110.30
CA VAL C 22 55.82 -22.43 110.80
C VAL C 22 55.66 -21.97 112.24
N PRO C 23 56.69 -22.05 113.08
CA PRO C 23 56.59 -21.46 114.42
C PRO C 23 56.52 -19.95 114.37
N THR C 24 55.97 -19.37 115.44
CA THR C 24 55.85 -17.92 115.53
C THR C 24 57.21 -17.24 115.63
N ALA C 25 58.24 -17.94 116.12
CA ALA C 25 59.55 -17.31 116.29
C ALA C 25 60.12 -16.86 114.96
N SER C 26 59.99 -17.68 113.92
CA SER C 26 60.50 -17.38 112.58
C SER C 26 59.37 -17.08 111.59
N PHE C 27 58.20 -16.68 112.09
CA PHE C 27 57.10 -16.36 111.19
C PHE C 27 57.44 -15.17 110.31
N PHE C 28 58.11 -14.16 110.87
CA PHE C 28 58.41 -12.96 110.09
C PHE C 28 59.36 -13.26 108.94
N ILE C 29 60.43 -14.01 109.22
CA ILE C 29 61.38 -14.34 108.16
C ILE C 29 60.72 -15.27 107.15
N ALA C 30 59.88 -16.20 107.62
CA ALA C 30 59.16 -17.07 106.70
C ALA C 30 58.23 -16.26 105.80
N SER C 31 57.54 -15.27 106.36
CA SER C 31 56.61 -14.47 105.57
C SER C 31 57.32 -13.60 104.55
N GLN C 32 58.45 -13.00 104.93
CA GLN C 32 59.17 -12.19 103.95
C GLN C 32 59.74 -13.07 102.85
N LEU C 33 60.25 -14.26 103.21
CA LEU C 33 60.71 -15.20 102.20
C LEU C 33 59.57 -15.58 101.26
N GLN C 34 58.37 -15.81 101.81
CA GLN C 34 57.21 -16.10 100.99
C GLN C 34 56.91 -14.94 100.04
N GLU C 35 56.97 -13.71 100.54
CA GLU C 35 56.63 -12.56 99.71
C GLU C 35 57.59 -12.44 98.53
N GLN C 36 58.90 -12.49 98.81
CA GLN C 36 59.85 -12.37 97.70
C GLN C 36 59.83 -13.60 96.81
N PHE C 37 59.48 -14.77 97.36
CA PHE C 37 59.31 -15.96 96.52
C PHE C 37 58.16 -15.78 95.54
N ASN C 38 57.04 -15.24 96.02
CA ASN C 38 55.91 -14.98 95.13
C ASN C 38 56.27 -13.93 94.09
N LYS C 39 57.04 -12.91 94.50
CA LYS C 39 57.50 -11.91 93.53
C LYS C 39 58.36 -12.56 92.45
N ILE C 40 59.26 -13.47 92.84
CA ILE C 40 60.14 -14.11 91.87
C ILE C 40 59.35 -15.05 90.97
N LEU C 41 58.36 -15.75 91.54
CA LEU C 41 57.68 -16.81 90.81
C LEU C 41 56.87 -16.23 89.65
N PRO C 42 56.85 -16.88 88.49
CA PRO C 42 56.04 -16.36 87.38
C PRO C 42 54.55 -16.51 87.63
N GLU C 43 53.77 -15.75 86.87
CA GLU C 43 52.33 -15.70 87.09
C GLU C 43 51.69 -17.03 86.68
N PRO C 44 50.62 -17.45 87.36
CA PRO C 44 49.94 -18.69 86.96
C PRO C 44 49.34 -18.60 85.58
N THR C 45 49.21 -19.77 84.95
CA THR C 45 48.54 -19.93 83.67
C THR C 45 47.61 -21.14 83.76
N GLU C 46 46.63 -21.18 82.87
CA GLU C 46 45.66 -22.26 82.88
C GLU C 46 46.34 -23.57 82.48
N GLY C 47 46.19 -24.59 83.31
CA GLY C 47 46.80 -25.89 83.07
C GLY C 47 48.23 -26.02 83.55
N PHE C 48 48.89 -24.91 83.89
CA PHE C 48 50.28 -24.94 84.34
C PHE C 48 51.19 -25.56 83.28
N ALA C 49 50.84 -25.36 82.01
CA ALA C 49 51.59 -25.95 80.91
C ALA C 49 52.87 -25.18 80.59
N ALA C 50 53.00 -23.94 81.07
CA ALA C 50 54.21 -23.17 80.81
C ALA C 50 55.37 -23.73 81.62
N ASP C 51 56.57 -23.60 81.06
CA ASP C 51 57.76 -24.12 81.71
C ASP C 51 58.18 -23.23 82.87
N ASP C 52 59.04 -23.77 83.73
CA ASP C 52 59.63 -23.05 84.85
C ASP C 52 58.56 -22.60 85.86
N GLU C 53 57.49 -23.36 86.00
CA GLU C 53 56.47 -23.10 87.00
C GLU C 53 55.98 -24.42 87.58
N PRO C 54 55.40 -24.40 88.78
CA PRO C 54 54.88 -25.66 89.34
C PRO C 54 53.57 -26.06 88.67
N THR C 55 53.25 -27.36 88.80
CA THR C 55 51.99 -27.91 88.35
C THR C 55 51.17 -28.53 89.47
N THR C 56 51.81 -28.97 90.55
CA THR C 56 51.16 -29.64 91.67
C THR C 56 51.73 -29.03 92.94
N PRO C 57 51.04 -29.15 94.07
CA PRO C 57 51.58 -28.56 95.31
C PRO C 57 52.90 -29.17 95.74
N ALA C 58 53.15 -30.46 95.47
CA ALA C 58 54.48 -31.01 95.69
C ALA C 58 55.52 -30.26 94.87
N GLU C 59 55.22 -29.95 93.62
CA GLU C 59 56.15 -29.20 92.79
C GLU C 59 56.36 -27.80 93.34
N LEU C 60 55.29 -27.15 93.79
CA LEU C 60 55.41 -25.79 94.31
C LEU C 60 56.29 -25.75 95.55
N VAL C 61 56.07 -26.69 96.47
CA VAL C 61 56.93 -26.75 97.65
C VAL C 61 58.35 -27.10 97.24
N GLY C 62 58.52 -27.94 96.22
CA GLY C 62 59.85 -28.21 95.72
C GLY C 62 60.56 -26.96 95.26
N LYS C 63 59.86 -26.12 94.50
CA LYS C 63 60.46 -24.87 94.06
C LYS C 63 60.81 -23.99 95.25
N PHE C 64 59.94 -23.94 96.26
CA PHE C 64 60.23 -23.09 97.41
C PHE C 64 61.47 -23.58 98.15
N LEU C 65 61.58 -24.89 98.39
CA LEU C 65 62.76 -25.41 99.07
C LEU C 65 64.02 -25.17 98.26
N GLY C 66 63.95 -25.38 96.94
CA GLY C 66 65.12 -25.10 96.11
C GLY C 66 65.54 -23.65 96.17
N TYR C 67 64.56 -22.74 96.14
CA TYR C 67 64.85 -21.32 96.19
C TYR C 67 65.49 -20.93 97.53
N VAL C 68 64.95 -21.45 98.63
CA VAL C 68 65.51 -21.14 99.94
C VAL C 68 66.91 -21.75 100.07
N SER C 69 67.11 -22.94 99.51
CA SER C 69 68.44 -23.56 99.54
C SER C 69 69.44 -22.73 98.76
N SER C 70 69.03 -22.19 97.61
CA SER C 70 69.91 -21.32 96.85
C SER C 70 70.26 -20.07 97.63
N LEU C 71 69.28 -19.47 98.32
CA LEU C 71 69.54 -18.28 99.12
C LEU C 71 70.34 -18.58 100.40
N VAL C 72 70.37 -19.83 100.86
CA VAL C 72 71.17 -20.22 102.02
C VAL C 72 72.60 -20.43 101.56
N GLU C 73 73.56 -19.92 102.35
CA GLU C 73 74.98 -20.00 102.03
C GLU C 73 75.73 -20.53 103.26
N PRO C 74 75.90 -21.86 103.36
CA PRO C 74 76.67 -22.38 104.51
C PRO C 74 78.12 -21.91 104.51
N GLY C 78 72.86 -19.48 108.39
CA GLY C 78 72.13 -19.27 109.62
C GLY C 78 70.98 -18.30 109.49
N GLN C 79 71.01 -17.47 108.44
CA GLN C 79 69.96 -16.48 108.27
C GLN C 79 68.60 -17.13 108.06
N PHE C 80 68.53 -18.17 107.23
CA PHE C 80 67.27 -18.85 106.91
C PHE C 80 67.40 -20.36 107.12
N ASP C 81 68.39 -20.79 107.90
CA ASP C 81 68.59 -22.22 108.11
C ASP C 81 67.42 -22.85 108.85
N GLN C 82 66.89 -22.16 109.86
CA GLN C 82 65.79 -22.73 110.64
C GLN C 82 64.55 -22.89 109.78
N VAL C 83 64.20 -21.85 109.02
CA VAL C 83 63.01 -21.94 108.17
C VAL C 83 63.21 -22.99 107.10
N LEU C 84 64.43 -23.09 106.55
CA LEU C 84 64.70 -24.11 105.56
C LEU C 84 64.50 -25.50 106.14
N ASN C 85 65.04 -25.75 107.33
CA ASN C 85 64.87 -27.05 107.97
C ASN C 85 63.40 -27.34 108.23
N LEU C 86 62.66 -26.35 108.71
CA LEU C 86 61.25 -26.56 109.03
C LEU C 86 60.45 -26.93 107.78
N CYS C 87 60.58 -26.13 106.72
CA CYS C 87 59.81 -26.42 105.50
C CYS C 87 60.29 -27.71 104.84
N LEU C 88 61.58 -28.02 104.94
CA LEU C 88 62.06 -29.29 104.39
C LEU C 88 61.49 -30.47 105.14
N THR C 89 61.43 -30.39 106.48
CA THR C 89 60.81 -31.45 107.25
C THR C 89 59.34 -31.59 106.93
N GLU C 90 58.64 -30.46 106.74
CA GLU C 90 57.23 -30.53 106.37
C GLU C 90 57.05 -31.22 105.03
N PHE C 91 57.89 -30.86 104.04
CA PHE C 91 57.81 -31.50 102.73
C PHE C 91 58.07 -33.00 102.84
N GLU C 92 59.09 -33.38 103.60
CA GLU C 92 59.40 -34.80 103.75
C GLU C 92 58.25 -35.55 104.41
N ASN C 93 57.69 -34.99 105.48
CA ASN C 93 56.59 -35.66 106.16
C ASN C 93 55.36 -35.78 105.28
N CYS C 94 55.04 -34.74 104.52
CA CYS C 94 53.80 -34.74 103.76
C CYS C 94 53.91 -35.61 102.51
N TYR C 95 55.06 -35.58 101.83
CA TYR C 95 55.21 -36.25 100.54
C TYR C 95 56.17 -37.45 100.57
N LEU C 96 57.20 -37.42 101.41
CA LEU C 96 58.11 -38.57 101.54
C LEU C 96 57.67 -39.40 102.74
N GLU C 97 56.68 -40.26 102.50
CA GLU C 97 56.15 -41.13 103.54
C GLU C 97 57.06 -42.35 103.71
N GLY C 98 58.30 -42.08 104.13
CA GLY C 98 59.31 -43.09 104.27
C GLY C 98 60.02 -43.46 102.99
N ASN C 99 59.58 -42.93 101.85
CA ASN C 99 60.14 -43.27 100.55
C ASN C 99 61.14 -42.20 100.11
N ASP C 100 61.91 -42.55 99.07
CA ASP C 100 62.93 -41.66 98.54
C ASP C 100 62.32 -40.65 97.57
N ILE C 101 63.14 -39.67 97.20
CA ILE C 101 62.67 -38.59 96.34
C ILE C 101 62.29 -39.12 94.96
N HIS C 102 63.02 -40.11 94.46
CA HIS C 102 62.82 -40.55 93.09
C HIS C 102 61.51 -41.35 92.94
N ALA C 103 61.12 -42.11 93.96
CA ALA C 103 59.83 -42.77 93.90
C ALA C 103 58.70 -41.74 93.83
N LEU C 104 58.81 -40.68 94.64
CA LEU C 104 57.81 -39.61 94.60
C LEU C 104 57.81 -38.97 93.21
N ALA C 105 59.00 -38.76 92.64
CA ALA C 105 59.12 -38.13 91.33
C ALA C 105 58.43 -38.97 90.26
N ALA C 106 58.62 -40.29 90.30
CA ALA C 106 57.93 -41.17 89.37
C ALA C 106 56.43 -41.10 89.58
N LYS C 107 55.99 -40.96 90.84
CA LYS C 107 54.57 -40.84 91.12
C LYS C 107 53.99 -39.57 90.49
N LEU C 108 54.70 -38.45 90.60
CA LEU C 108 54.25 -37.24 89.93
C LEU C 108 54.24 -37.42 88.42
N LEU C 109 55.25 -38.09 87.87
CA LEU C 109 55.30 -38.28 86.43
C LEU C 109 54.08 -39.04 85.93
N GLN C 110 53.73 -40.15 86.60
CA GLN C 110 52.66 -40.98 86.10
C GLN C 110 51.29 -40.43 86.51
N GLU C 111 51.02 -40.38 87.82
CA GLU C 111 49.68 -40.01 88.28
C GLU C 111 49.34 -38.56 87.97
N ASN C 112 50.27 -37.65 88.20
CA ASN C 112 50.05 -36.22 87.98
C ASN C 112 50.58 -35.80 86.60
N ASP C 113 50.13 -34.63 86.16
CA ASP C 113 50.53 -34.07 84.86
C ASP C 113 51.81 -33.26 85.05
N THR C 114 52.91 -33.98 85.25
CA THR C 114 54.23 -33.40 85.44
C THR C 114 55.14 -33.81 84.29
N THR C 115 55.98 -32.87 83.85
CA THR C 115 56.91 -33.11 82.77
C THR C 115 58.28 -33.54 83.33
N LEU C 116 59.13 -34.03 82.43
CA LEU C 116 60.44 -34.51 82.85
C LEU C 116 61.29 -33.38 83.42
N VAL C 117 61.27 -32.20 82.78
CA VAL C 117 62.08 -31.09 83.28
C VAL C 117 61.60 -30.66 84.65
N LYS C 118 60.27 -30.59 84.85
CA LYS C 118 59.74 -30.22 86.15
C LYS C 118 60.10 -31.25 87.20
N THR C 119 60.05 -32.53 86.86
CA THR C 119 60.42 -33.58 87.81
C THR C 119 61.89 -33.48 88.17
N LYS C 120 62.75 -33.25 87.17
CA LYS C 120 64.18 -33.13 87.44
C LYS C 120 64.48 -31.93 88.32
N GLU C 121 63.82 -30.80 88.06
CA GLU C 121 64.08 -29.61 88.87
C GLU C 121 63.53 -29.77 90.27
N LEU C 122 62.42 -30.50 90.42
CA LEU C 122 61.94 -30.85 91.77
C LEU C 122 62.98 -31.69 92.52
N ILE C 123 63.53 -32.71 91.85
CA ILE C 123 64.54 -33.55 92.48
C ILE C 123 65.76 -32.71 92.87
N LYS C 124 66.18 -31.82 91.96
CA LYS C 124 67.33 -30.95 92.23
C LYS C 124 67.05 -30.08 93.45
N ASN C 125 65.87 -29.49 93.52
CA ASN C 125 65.55 -28.61 94.64
C ASN C 125 65.58 -29.38 95.95
N TYR C 126 64.98 -30.57 95.97
CA TYR C 126 64.96 -31.34 97.21
C TYR C 126 66.36 -31.73 97.65
N ILE C 127 67.18 -32.24 96.72
CA ILE C 127 68.51 -32.70 97.10
C ILE C 127 69.39 -31.53 97.53
N THR C 128 69.29 -30.41 96.81
CA THR C 128 70.06 -29.22 97.18
C THR C 128 69.67 -28.74 98.56
N ALA C 129 68.37 -28.69 98.86
CA ALA C 129 67.93 -28.29 100.19
C ALA C 129 68.47 -29.25 101.25
N ARG C 130 68.40 -30.56 100.96
CA ARG C 130 68.87 -31.55 101.92
C ARG C 130 70.34 -31.34 102.25
N ILE C 131 71.19 -31.15 101.23
CA ILE C 131 72.60 -31.00 101.51
C ILE C 131 72.88 -29.65 102.16
N MET C 132 72.25 -28.59 101.68
CA MET C 132 72.57 -27.25 102.18
C MET C 132 72.14 -27.09 103.64
N ALA C 133 71.03 -27.72 104.03
CA ALA C 133 70.53 -27.54 105.39
C ALA C 133 71.16 -28.55 106.35
N LYS C 134 72.48 -28.73 106.28
CA LYS C 134 73.23 -29.63 107.14
C LYS C 134 72.54 -30.99 107.33
N ARG C 135 71.92 -31.49 106.26
CA ARG C 135 71.14 -32.74 106.30
C ARG C 135 71.57 -33.63 105.15
N PRO C 136 72.80 -34.15 105.20
CA PRO C 136 73.24 -35.05 104.13
C PRO C 136 72.51 -36.38 104.18
N PHE C 137 72.86 -37.30 103.27
CA PHE C 137 72.26 -38.62 103.20
C PHE C 137 73.11 -39.66 103.94
N ASP C 138 73.77 -39.26 105.03
CA ASP C 138 74.61 -40.18 105.78
C ASP C 138 73.80 -41.34 106.34
N LYS C 139 72.54 -41.10 106.68
CA LYS C 139 71.69 -42.18 107.17
C LYS C 139 71.53 -43.24 106.09
N LYS C 140 71.70 -44.50 106.49
CA LYS C 140 71.57 -45.60 105.55
C LYS C 140 70.14 -45.70 105.05
N SER C 141 69.98 -45.88 103.75
CA SER C 141 68.66 -46.01 103.16
C SER C 141 68.09 -47.40 103.45
N ASN C 142 66.77 -47.49 103.38
CA ASN C 142 66.04 -48.73 103.57
C ASN C 142 65.33 -49.16 102.28
N SER C 143 66.04 -49.03 101.16
CA SER C 143 65.47 -49.43 99.88
C SER C 143 65.18 -50.92 99.86
N ALA C 144 64.06 -51.29 99.24
CA ALA C 144 63.65 -52.68 99.22
C ALA C 144 64.67 -53.57 98.50
N LEU C 145 65.21 -53.07 97.38
CA LEU C 145 66.18 -53.85 96.62
C LEU C 145 67.40 -54.19 97.47
N PHE C 146 67.97 -53.18 98.14
CA PHE C 146 69.19 -53.42 98.90
C PHE C 146 68.91 -54.14 100.21
N ARG C 147 67.70 -54.02 100.76
CA ARG C 147 67.32 -54.87 101.88
C ARG C 147 67.27 -56.33 101.46
N ALA C 148 66.68 -56.59 100.29
CA ALA C 148 66.68 -57.96 99.76
C ALA C 148 68.09 -58.46 99.51
N VAL C 149 68.97 -57.58 99.03
CA VAL C 149 70.37 -57.96 98.85
C VAL C 149 71.02 -58.30 100.18
N GLY C 150 70.77 -57.48 101.20
CA GLY C 150 71.36 -57.74 102.51
C GLY C 150 70.92 -59.07 103.09
N GLU C 151 69.63 -59.40 102.93
CA GLU C 151 69.14 -60.68 103.41
C GLU C 151 69.32 -61.81 102.39
N GLY C 152 69.94 -61.54 101.25
CA GLY C 152 70.26 -62.57 100.28
C GLY C 152 69.16 -62.93 99.31
N ASN C 153 68.05 -62.18 99.30
CA ASN C 153 66.94 -62.51 98.42
C ASN C 153 67.17 -62.07 96.99
N ALA C 154 68.16 -61.21 96.73
CA ALA C 154 68.45 -60.74 95.38
C ALA C 154 69.95 -60.59 95.22
N GLN C 155 70.41 -60.76 93.98
CA GLN C 155 71.81 -60.57 93.60
C GLN C 155 71.89 -59.45 92.58
N LEU C 156 72.89 -58.59 92.72
CA LEU C 156 73.03 -57.38 91.91
C LEU C 156 74.28 -57.45 91.06
N VAL C 157 74.12 -57.19 89.77
CA VAL C 157 75.26 -57.09 88.86
C VAL C 157 75.17 -55.75 88.15
N ALA C 158 76.22 -54.93 88.29
CA ALA C 158 76.30 -53.65 87.62
C ALA C 158 76.82 -53.83 86.21
N ILE C 159 76.18 -53.19 85.24
CA ILE C 159 76.64 -53.16 83.86
C ILE C 159 76.81 -51.70 83.46
N PHE C 160 77.97 -51.39 82.88
CA PHE C 160 78.30 -50.04 82.44
C PHE C 160 78.37 -50.01 80.93
N GLY C 161 77.72 -49.02 80.34
CA GLY C 161 77.63 -48.92 78.90
C GLY C 161 78.89 -48.38 78.26
N GLY C 162 78.80 -48.10 76.97
CA GLY C 162 79.92 -47.60 76.20
C GLY C 162 79.45 -46.79 75.03
N GLN C 163 80.09 -47.02 73.88
CA GLN C 163 79.78 -46.25 72.68
C GLN C 163 78.58 -46.83 71.96
N GLY C 164 77.92 -45.98 71.16
CA GLY C 164 76.83 -46.40 70.31
C GLY C 164 75.48 -46.42 70.98
N ASN C 165 75.41 -46.20 72.29
CA ASN C 165 74.12 -46.22 72.97
C ASN C 165 73.26 -45.02 72.55
N THR C 166 73.87 -43.85 72.41
CA THR C 166 73.15 -42.65 72.04
C THR C 166 74.11 -41.70 71.35
N ASP C 167 73.56 -40.86 70.48
CA ASP C 167 74.32 -39.82 69.81
C ASP C 167 74.44 -38.53 70.63
N ASP C 168 73.76 -38.46 71.78
CA ASP C 168 73.61 -37.22 72.54
C ASP C 168 73.84 -37.47 74.02
N TYR C 169 74.94 -38.17 74.34
CA TYR C 169 75.30 -38.44 75.72
C TYR C 169 75.62 -37.17 76.51
N PHE C 170 75.98 -36.09 75.82
CA PHE C 170 76.40 -34.91 76.56
C PHE C 170 75.23 -34.21 77.24
N GLU C 171 74.02 -34.35 76.70
CA GLU C 171 72.86 -33.86 77.45
C GLU C 171 72.59 -34.71 78.68
N GLU C 172 72.91 -36.01 78.66
CA GLU C 172 72.85 -36.77 79.90
C GLU C 172 73.85 -36.23 80.92
N LEU C 173 75.08 -35.93 80.46
CA LEU C 173 76.06 -35.34 81.36
C LEU C 173 75.57 -33.98 81.89
N ARG C 174 74.98 -33.18 81.01
CA ARG C 174 74.49 -31.85 81.39
C ARG C 174 73.38 -31.97 82.42
N ASP C 175 72.43 -32.88 82.20
CA ASP C 175 71.35 -33.07 83.16
C ASP C 175 71.85 -33.64 84.48
N LEU C 176 72.89 -34.48 84.45
CA LEU C 176 73.49 -34.91 85.70
C LEU C 176 74.10 -33.73 86.45
N TYR C 177 74.94 -32.94 85.78
CA TYR C 177 75.58 -31.80 86.44
C TYR C 177 74.56 -30.78 86.92
N GLN C 178 73.41 -30.68 86.25
CA GLN C 178 72.39 -29.72 86.65
C GLN C 178 71.55 -30.27 87.79
N THR C 179 70.88 -31.40 87.58
CA THR C 179 69.96 -31.93 88.57
C THR C 179 70.68 -32.33 89.85
N TYR C 180 71.85 -32.96 89.72
CA TYR C 180 72.61 -33.45 90.86
C TYR C 180 73.90 -32.66 91.01
N HIS C 181 73.82 -31.35 90.82
CA HIS C 181 75.00 -30.49 90.93
C HIS C 181 75.67 -30.67 92.28
N VAL C 182 74.88 -30.63 93.35
CA VAL C 182 75.46 -30.67 94.69
C VAL C 182 76.09 -32.03 94.98
N LEU C 183 75.56 -33.09 94.36
CA LEU C 183 76.07 -34.44 94.62
C LEU C 183 77.32 -34.73 93.81
N VAL C 184 77.23 -34.64 92.49
CA VAL C 184 78.34 -35.01 91.60
C VAL C 184 79.18 -33.81 91.19
N GLY C 185 79.02 -32.67 91.87
CA GLY C 185 79.81 -31.51 91.50
C GLY C 185 81.30 -31.73 91.73
N ASP C 186 81.65 -32.31 92.88
CA ASP C 186 83.04 -32.63 93.16
C ASP C 186 83.58 -33.62 92.13
N LEU C 187 82.77 -34.63 91.77
CA LEU C 187 83.23 -35.61 90.80
C LEU C 187 83.51 -34.97 89.45
N ILE C 188 82.58 -34.15 88.95
CA ILE C 188 82.76 -33.56 87.63
C ILE C 188 83.90 -32.55 87.65
N LYS C 189 84.04 -31.79 88.74
CA LYS C 189 85.16 -30.85 88.84
C LYS C 189 86.49 -31.60 88.85
N PHE C 190 86.58 -32.68 89.61
CA PHE C 190 87.80 -33.47 89.64
C PHE C 190 88.10 -34.08 88.28
N SER C 191 87.07 -34.59 87.59
CA SER C 191 87.28 -35.16 86.27
C SER C 191 87.76 -34.11 85.29
N ALA C 192 87.18 -32.91 85.33
CA ALA C 192 87.63 -31.84 84.46
C ALA C 192 89.07 -31.46 84.75
N GLU C 193 89.43 -31.32 86.03
CA GLU C 193 90.78 -30.90 86.38
C GLU C 193 91.81 -31.96 85.98
N THR C 194 91.51 -33.25 86.21
CA THR C 194 92.47 -34.28 85.86
C THR C 194 92.55 -34.45 84.35
N LEU C 195 91.44 -34.27 83.63
CA LEU C 195 91.49 -34.32 82.18
C LEU C 195 92.33 -33.19 81.62
N SER C 196 92.19 -31.98 82.18
CA SER C 196 93.01 -30.87 81.75
C SER C 196 94.48 -31.13 82.04
N GLU C 197 94.79 -31.68 83.22
CA GLU C 197 96.17 -32.00 83.54
C GLU C 197 96.74 -33.04 82.59
N LEU C 198 95.93 -34.06 82.25
CA LEU C 198 96.39 -35.08 81.32
C LEU C 198 96.64 -34.50 79.93
N ILE C 199 95.76 -33.61 79.48
CA ILE C 199 95.98 -32.97 78.19
C ILE C 199 97.26 -32.15 78.21
N ARG C 200 97.47 -31.41 79.30
CA ARG C 200 98.67 -30.58 79.41
C ARG C 200 99.93 -31.43 79.42
N THR C 201 99.93 -32.54 80.15
CA THR C 201 101.12 -33.36 80.29
C THR C 201 101.38 -34.17 79.03
N THR C 202 100.33 -34.62 78.35
CA THR C 202 100.49 -35.41 77.14
C THR C 202 101.13 -34.55 76.04
N LEU C 203 101.99 -35.18 75.24
CA LEU C 203 102.78 -34.42 74.27
C LEU C 203 101.91 -33.81 73.19
N ASP C 204 100.99 -34.59 72.62
CA ASP C 204 100.24 -34.20 71.43
C ASP C 204 98.73 -34.17 71.66
N ALA C 205 98.29 -34.13 72.92
CA ALA C 205 96.86 -34.14 73.19
C ALA C 205 96.19 -32.85 72.70
N GLU C 206 96.88 -31.72 72.81
CA GLU C 206 96.29 -30.45 72.38
C GLU C 206 95.94 -30.49 70.90
N LYS C 207 96.75 -31.18 70.10
CA LYS C 207 96.46 -31.28 68.67
C LYS C 207 95.16 -32.04 68.42
N VAL C 208 94.93 -33.12 69.17
CA VAL C 208 93.69 -33.87 69.02
C VAL C 208 92.50 -33.06 69.51
N PHE C 209 92.68 -32.34 70.62
CA PHE C 209 91.60 -31.54 71.22
C PHE C 209 91.65 -30.14 70.62
N THR C 210 91.03 -30.00 69.45
CA THR C 210 91.02 -28.71 68.77
C THR C 210 90.24 -27.67 69.57
N GLN C 211 89.09 -28.05 70.12
CA GLN C 211 88.22 -27.14 70.86
C GLN C 211 88.38 -27.27 72.37
N GLY C 212 89.39 -27.99 72.84
CA GLY C 212 89.62 -28.13 74.27
C GLY C 212 88.65 -29.09 74.91
N LEU C 213 88.84 -29.26 76.22
CA LEU C 213 88.04 -30.16 77.05
C LEU C 213 87.64 -29.48 78.35
N ASN C 214 87.15 -28.24 78.24
CA ASN C 214 86.67 -27.49 79.40
C ASN C 214 85.22 -27.90 79.67
N ILE C 215 85.08 -29.05 80.33
CA ILE C 215 83.76 -29.60 80.61
C ILE C 215 82.96 -28.66 81.49
N LEU C 216 83.59 -28.09 82.52
CA LEU C 216 82.88 -27.17 83.40
C LEU C 216 82.36 -25.97 82.64
N GLU C 217 83.18 -25.40 81.76
CA GLU C 217 82.74 -24.23 81.00
C GLU C 217 81.61 -24.60 80.06
N TRP C 218 81.69 -25.76 79.40
CA TRP C 218 80.60 -26.21 78.53
C TRP C 218 79.31 -26.39 79.32
N LEU C 219 79.40 -27.00 80.51
CA LEU C 219 78.21 -27.22 81.32
C LEU C 219 77.60 -25.92 81.80
N GLU C 220 78.46 -24.99 82.24
CA GLU C 220 77.96 -23.71 82.73
C GLU C 220 77.30 -22.91 81.61
N ASN C 221 77.87 -22.93 80.41
CA ASN C 221 77.36 -22.16 79.27
C ASN C 221 77.01 -23.12 78.13
N PRO C 222 75.78 -23.65 78.10
CA PRO C 222 75.40 -24.52 76.97
C PRO C 222 75.38 -23.80 75.64
N SER C 223 75.30 -22.47 75.63
CA SER C 223 75.21 -21.74 74.36
C SER C 223 76.44 -21.96 73.50
N ASN C 224 77.62 -21.98 74.12
CA ASN C 224 78.89 -22.09 73.42
C ASN C 224 79.45 -23.51 73.40
N THR C 225 78.63 -24.51 73.71
CA THR C 225 79.13 -25.88 73.78
C THR C 225 79.56 -26.33 72.39
N PRO C 226 80.52 -27.26 72.29
CA PRO C 226 80.94 -27.72 70.97
C PRO C 226 79.82 -28.46 70.24
N ASP C 227 80.04 -28.66 68.95
CA ASP C 227 79.06 -29.35 68.13
C ASP C 227 79.01 -30.84 68.49
N LYS C 228 77.90 -31.47 68.13
CA LYS C 228 77.66 -32.85 68.55
C LYS C 228 78.67 -33.81 67.94
N ASP C 229 79.17 -33.52 66.74
CA ASP C 229 80.18 -34.40 66.14
C ASP C 229 81.48 -34.35 66.92
N TYR C 230 81.92 -33.15 67.29
CA TYR C 230 83.13 -33.04 68.11
C TYR C 230 82.93 -33.70 69.47
N LEU C 231 81.75 -33.52 70.08
CA LEU C 231 81.48 -34.17 71.34
C LEU C 231 81.51 -35.69 71.21
N LEU C 232 80.96 -36.22 70.10
CA LEU C 232 80.89 -37.64 69.89
C LEU C 232 82.22 -38.24 69.47
N SER C 233 83.18 -37.42 69.04
CA SER C 233 84.52 -37.93 68.76
C SER C 233 85.09 -38.62 70.00
N ILE C 234 85.79 -39.73 69.79
CA ILE C 234 86.15 -40.60 70.91
C ILE C 234 87.07 -39.94 71.94
N PRO C 235 87.97 -39.00 71.59
CA PRO C 235 88.75 -38.37 72.67
C PRO C 235 87.88 -37.64 73.68
N ILE C 236 86.71 -37.16 73.25
CA ILE C 236 85.73 -36.60 74.18
C ILE C 236 84.81 -37.69 74.71
N SER C 237 84.29 -38.54 73.82
CA SER C 237 83.22 -39.46 74.19
C SER C 237 83.65 -40.45 75.27
N CYS C 238 84.87 -40.99 75.16
CA CYS C 238 85.31 -41.99 76.13
C CYS C 238 85.40 -41.43 77.54
N PRO C 239 86.24 -40.43 77.83
CA PRO C 239 86.29 -39.92 79.20
C PRO C 239 84.96 -39.34 79.68
N LEU C 240 84.19 -38.71 78.79
CA LEU C 240 82.94 -38.10 79.23
C LEU C 240 81.89 -39.16 79.54
N ILE C 241 81.86 -40.25 78.75
CA ILE C 241 80.96 -41.35 79.08
C ILE C 241 81.37 -41.99 80.40
N GLY C 242 82.69 -42.09 80.64
CA GLY C 242 83.15 -42.54 81.94
C GLY C 242 82.68 -41.64 83.07
N VAL C 243 82.74 -40.32 82.86
CA VAL C 243 82.27 -39.38 83.87
C VAL C 243 80.77 -39.56 84.10
N ILE C 244 80.02 -39.79 83.03
CA ILE C 244 78.57 -39.98 83.18
C ILE C 244 78.28 -41.22 84.02
N GLN C 245 78.98 -42.32 83.71
CA GLN C 245 78.76 -43.54 84.48
C GLN C 245 79.15 -43.37 85.94
N LEU C 246 80.30 -42.71 86.18
CA LEU C 246 80.73 -42.49 87.55
C LEU C 246 79.76 -41.56 88.29
N ALA C 247 79.18 -40.59 87.58
CA ALA C 247 78.20 -39.71 88.19
C ALA C 247 76.94 -40.47 88.56
N HIS C 248 76.50 -41.39 87.70
CA HIS C 248 75.35 -42.23 88.04
C HIS C 248 75.66 -43.06 89.28
N TYR C 249 76.85 -43.64 89.33
CA TYR C 249 77.24 -44.43 90.49
C TYR C 249 77.27 -43.58 91.77
N VAL C 250 77.82 -42.36 91.66
CA VAL C 250 77.90 -41.47 92.82
C VAL C 250 76.52 -41.08 93.29
N VAL C 251 75.63 -40.74 92.36
CA VAL C 251 74.27 -40.35 92.73
C VAL C 251 73.57 -41.51 93.44
N THR C 252 73.70 -42.71 92.87
CA THR C 252 73.10 -43.89 93.50
C THR C 252 73.63 -44.09 94.91
N ALA C 253 74.95 -44.11 95.07
CA ALA C 253 75.55 -44.38 96.38
C ALA C 253 75.17 -43.31 97.39
N LYS C 254 75.21 -42.03 96.99
CA LYS C 254 74.91 -40.96 97.94
C LYS C 254 73.45 -40.95 98.32
N LEU C 255 72.54 -41.10 97.36
CA LEU C 255 71.12 -41.08 97.68
C LEU C 255 70.73 -42.28 98.53
N LEU C 256 71.40 -43.42 98.34
CA LEU C 256 71.15 -44.57 99.20
C LEU C 256 71.93 -44.53 100.50
N GLY C 257 72.88 -43.60 100.65
CA GLY C 257 73.66 -43.51 101.86
C GLY C 257 74.82 -44.46 101.97
N PHE C 258 75.05 -45.31 100.96
CA PHE C 258 76.19 -46.21 100.97
C PHE C 258 77.42 -45.48 100.46
N THR C 259 78.57 -45.84 101.01
CA THR C 259 79.83 -45.47 100.41
C THR C 259 80.03 -46.28 99.13
N PRO C 260 80.91 -45.84 98.23
CA PRO C 260 81.15 -46.65 97.02
C PRO C 260 81.60 -48.07 97.35
N GLY C 261 82.42 -48.23 98.39
CA GLY C 261 82.83 -49.57 98.77
C GLY C 261 81.68 -50.43 99.26
N GLU C 262 80.80 -49.87 100.09
CA GLU C 262 79.64 -50.64 100.56
C GLU C 262 78.71 -50.99 99.40
N LEU C 263 78.46 -50.05 98.50
CA LEU C 263 77.60 -50.35 97.35
C LEU C 263 78.22 -51.45 96.48
N ARG C 264 79.53 -51.38 96.26
CA ARG C 264 80.21 -52.43 95.50
C ARG C 264 80.10 -53.77 96.20
N SER C 265 80.29 -53.80 97.53
CA SER C 265 80.19 -55.05 98.25
C SER C 265 78.78 -55.62 98.15
N TYR C 266 77.76 -54.76 98.17
CA TYR C 266 76.40 -55.24 97.97
C TYR C 266 76.19 -55.78 96.56
N LEU C 267 76.85 -55.18 95.57
CA LEU C 267 76.78 -55.73 94.21
C LEU C 267 77.36 -57.13 94.16
N LYS C 268 76.65 -58.05 93.51
CA LYS C 268 77.17 -59.39 93.30
C LYS C 268 78.25 -59.43 92.23
N GLY C 269 78.18 -58.53 91.24
CA GLY C 269 79.20 -58.52 90.21
C GLY C 269 79.19 -57.20 89.46
N ALA C 270 80.14 -57.07 88.54
CA ALA C 270 80.27 -55.88 87.72
C ALA C 270 80.80 -56.26 86.36
N THR C 271 80.46 -55.45 85.36
CA THR C 271 80.97 -55.64 84.01
C THR C 271 80.54 -54.43 83.17
N GLY C 272 80.91 -54.47 81.90
CA GLY C 272 80.55 -53.38 81.00
C GLY C 272 80.68 -53.78 79.56
N HIS C 273 79.98 -53.04 78.71
CA HIS C 273 79.98 -53.23 77.27
C HIS C 273 81.13 -52.42 76.69
N SER C 274 82.22 -53.09 76.35
CA SER C 274 83.39 -52.43 75.77
C SER C 274 83.95 -51.37 76.72
N GLN C 275 83.56 -50.11 76.53
CA GLN C 275 84.14 -49.01 77.30
C GLN C 275 83.80 -49.13 78.79
N GLY C 276 82.61 -49.64 79.11
CA GLY C 276 82.17 -49.67 80.49
C GLY C 276 82.97 -50.61 81.38
N LEU C 277 83.81 -51.46 80.79
CA LEU C 277 84.63 -52.34 81.60
C LEU C 277 85.61 -51.54 82.47
N VAL C 278 86.09 -50.41 81.95
CA VAL C 278 86.98 -49.55 82.74
C VAL C 278 86.24 -49.05 83.97
N THR C 279 85.02 -48.55 83.79
CA THR C 279 84.24 -48.05 84.92
C THR C 279 83.92 -49.17 85.90
N ALA C 280 83.60 -50.37 85.39
CA ALA C 280 83.30 -51.48 86.28
C ALA C 280 84.50 -51.85 87.13
N VAL C 281 85.69 -51.92 86.52
CA VAL C 281 86.89 -52.26 87.28
C VAL C 281 87.23 -51.15 88.26
N ALA C 282 87.00 -49.89 87.87
CA ALA C 282 87.24 -48.78 88.80
C ALA C 282 86.32 -48.86 90.00
N ILE C 283 85.03 -49.13 89.76
CA ILE C 283 84.08 -49.27 90.86
C ILE C 283 84.49 -50.42 91.77
N ALA C 284 84.94 -51.53 91.18
CA ALA C 284 85.44 -52.63 92.00
C ALA C 284 86.67 -52.21 92.79
N GLU C 285 87.47 -51.29 92.23
CA GLU C 285 88.64 -50.76 92.91
C GLU C 285 88.26 -49.89 94.11
N THR C 286 87.16 -49.14 94.01
CA THR C 286 86.78 -48.21 95.07
C THR C 286 86.69 -48.90 96.43
N ASP C 287 87.08 -48.16 97.47
CA ASP C 287 87.00 -48.65 98.85
C ASP C 287 86.26 -47.68 99.75
N SER C 288 86.47 -46.39 99.54
CA SER C 288 85.84 -45.35 100.35
C SER C 288 85.81 -44.07 99.53
N TRP C 289 85.14 -43.05 100.09
CA TRP C 289 85.02 -41.78 99.38
C TRP C 289 86.37 -41.12 99.21
N GLU C 290 87.30 -41.36 100.14
CA GLU C 290 88.64 -40.79 100.02
C GLU C 290 89.38 -41.37 98.82
N SER C 291 89.42 -42.70 98.72
CA SER C 291 90.04 -43.37 97.59
C SER C 291 89.14 -43.44 96.36
N PHE C 292 87.89 -42.97 96.49
CA PHE C 292 87.00 -42.96 95.33
C PHE C 292 87.54 -42.04 94.25
N PHE C 293 88.12 -40.90 94.65
CA PHE C 293 88.72 -40.01 93.66
C PHE C 293 89.96 -40.64 93.03
N VAL C 294 90.70 -41.48 93.78
CA VAL C 294 91.82 -42.19 93.17
C VAL C 294 91.30 -43.14 92.08
N SER C 295 90.25 -43.89 92.40
CA SER C 295 89.67 -44.79 91.41
C SER C 295 89.13 -44.03 90.21
N VAL C 296 88.48 -42.89 90.45
CA VAL C 296 87.96 -42.07 89.37
C VAL C 296 89.10 -41.55 88.50
N ARG C 297 90.19 -41.13 89.13
CA ARG C 297 91.34 -40.65 88.37
C ARG C 297 91.89 -41.75 87.48
N LYS C 298 92.00 -42.97 88.01
CA LYS C 298 92.48 -44.07 87.18
C LYS C 298 91.54 -44.34 86.01
N ALA C 299 90.23 -44.35 86.28
CA ALA C 299 89.26 -44.64 85.22
C ALA C 299 89.30 -43.58 84.13
N ILE C 300 89.29 -42.31 84.51
CA ILE C 300 89.30 -41.22 83.53
C ILE C 300 90.62 -41.20 82.77
N THR C 301 91.73 -41.48 83.46
CA THR C 301 93.02 -41.54 82.76
C THR C 301 93.01 -42.65 81.71
N VAL C 302 92.51 -43.83 82.06
CA VAL C 302 92.49 -44.94 81.11
C VAL C 302 91.60 -44.59 79.92
N LEU C 303 90.41 -44.07 80.19
CA LEU C 303 89.48 -43.77 79.10
C LEU C 303 90.03 -42.67 78.20
N PHE C 304 90.59 -41.62 78.80
CA PHE C 304 91.18 -40.53 78.02
C PHE C 304 92.31 -41.05 77.14
N PHE C 305 93.17 -41.91 77.69
CA PHE C 305 94.34 -42.35 76.92
C PHE C 305 93.91 -43.29 75.79
N ILE C 306 92.97 -44.21 76.06
CA ILE C 306 92.53 -45.08 74.98
C ILE C 306 91.84 -44.27 73.90
N GLY C 307 91.03 -43.28 74.28
CA GLY C 307 90.40 -42.43 73.28
C GLY C 307 91.40 -41.69 72.43
N VAL C 308 92.40 -41.08 73.08
CA VAL C 308 93.39 -40.29 72.34
C VAL C 308 94.19 -41.17 71.41
N ARG C 309 94.67 -42.32 71.91
CA ARG C 309 95.51 -43.18 71.08
C ARG C 309 94.72 -43.83 69.97
N CYS C 310 93.47 -44.22 70.23
CA CYS C 310 92.64 -44.79 69.16
C CYS C 310 92.35 -43.74 68.09
N TYR C 311 92.07 -42.51 68.49
CA TYR C 311 91.84 -41.46 67.51
C TYR C 311 93.10 -41.18 66.69
N GLU C 312 94.26 -41.18 67.34
CA GLU C 312 95.51 -40.96 66.62
C GLU C 312 95.78 -42.10 65.65
N ALA C 313 95.46 -43.34 66.05
CA ALA C 313 95.71 -44.48 65.19
C ALA C 313 94.78 -44.46 63.98
N TYR C 314 93.48 -44.21 64.19
CA TYR C 314 92.50 -44.17 63.11
C TYR C 314 91.61 -42.95 63.28
N PRO C 315 92.12 -41.76 62.95
CA PRO C 315 91.27 -40.56 63.01
C PRO C 315 90.17 -40.59 61.97
N ASN C 316 89.04 -39.97 62.33
CA ASN C 316 87.92 -39.90 61.40
C ASN C 316 88.26 -38.99 60.24
N THR C 317 87.65 -39.27 59.08
CA THR C 317 87.86 -38.50 57.87
C THR C 317 86.52 -38.28 57.18
N SER C 318 86.39 -37.14 56.51
CA SER C 318 85.16 -36.85 55.80
C SER C 318 84.98 -37.82 54.63
N LEU C 319 83.77 -38.35 54.50
CA LEU C 319 83.43 -39.32 53.46
C LEU C 319 82.83 -38.59 52.27
N PRO C 320 82.82 -39.21 51.08
CA PRO C 320 82.30 -38.51 49.91
C PRO C 320 80.84 -38.15 50.09
N PRO C 321 80.44 -36.95 49.69
CA PRO C 321 79.01 -36.61 49.74
C PRO C 321 78.16 -37.50 48.85
N SER C 322 78.73 -38.13 47.82
CA SER C 322 77.96 -39.10 47.04
C SER C 322 77.54 -40.26 47.92
N ILE C 323 78.47 -40.81 48.69
CA ILE C 323 78.13 -41.91 49.60
C ILE C 323 77.16 -41.42 50.67
N LEU C 324 77.38 -40.22 51.20
CA LEU C 324 76.45 -39.70 52.21
C LEU C 324 75.04 -39.55 51.62
N GLU C 325 74.95 -39.02 50.41
CA GLU C 325 73.64 -38.81 49.79
C GLU C 325 72.96 -40.14 49.53
N ASP C 326 73.72 -41.14 49.07
CA ASP C 326 73.13 -42.47 48.86
C ASP C 326 72.60 -43.04 50.17
N SER C 327 73.40 -42.97 51.23
CA SER C 327 73.00 -43.52 52.52
C SER C 327 71.75 -42.83 53.04
N LEU C 328 71.71 -41.50 52.95
CA LEU C 328 70.55 -40.75 53.44
C LEU C 328 69.31 -41.00 52.57
N GLU C 329 69.50 -41.15 51.26
CA GLU C 329 68.35 -41.38 50.38
C GLU C 329 67.77 -42.77 50.56
N ASN C 330 68.60 -43.75 50.92
CA ASN C 330 68.15 -45.12 51.09
C ASN C 330 67.74 -45.42 52.52
N ASN C 331 67.24 -44.40 53.24
CA ASN C 331 66.70 -44.57 54.60
C ASN C 331 67.74 -45.19 55.53
N GLU C 332 68.98 -44.73 55.41
CA GLU C 332 70.09 -45.17 56.24
C GLU C 332 70.69 -43.95 56.93
N GLY C 333 71.32 -44.19 58.09
CA GLY C 333 71.94 -43.13 58.84
C GLY C 333 73.23 -42.67 58.20
N VAL C 334 73.86 -41.70 58.86
CA VAL C 334 75.18 -41.25 58.38
C VAL C 334 76.16 -42.41 58.53
N PRO C 335 77.03 -42.69 57.56
CA PRO C 335 78.02 -43.75 57.78
C PRO C 335 78.92 -43.45 58.96
N SER C 336 79.30 -44.50 59.68
CA SER C 336 80.14 -44.41 60.85
C SER C 336 80.96 -45.70 60.92
N PRO C 337 82.05 -45.71 61.70
CA PRO C 337 82.91 -46.90 61.72
C PRO C 337 82.27 -48.12 62.37
N MET C 338 81.05 -48.03 62.90
CA MET C 338 80.39 -49.16 63.55
C MET C 338 78.95 -49.24 63.04
N LEU C 339 78.59 -50.39 62.49
CA LEU C 339 77.27 -50.65 61.93
C LEU C 339 76.61 -51.79 62.70
N SER C 340 75.46 -51.52 63.31
CA SER C 340 74.71 -52.50 64.06
C SER C 340 73.67 -53.15 63.15
N ILE C 341 73.66 -54.48 63.14
CA ILE C 341 72.76 -55.28 62.33
C ILE C 341 71.90 -56.12 63.28
N SER C 342 70.58 -56.04 63.11
CA SER C 342 69.64 -56.75 63.96
C SER C 342 68.78 -57.67 63.10
N ASN C 343 68.29 -58.74 63.73
CA ASN C 343 67.44 -59.73 63.08
C ASN C 343 68.24 -60.55 62.06
N LEU C 344 69.55 -60.66 62.25
CA LEU C 344 70.40 -61.54 61.44
C LEU C 344 71.32 -62.28 62.38
N THR C 345 71.47 -63.59 62.17
CA THR C 345 72.29 -64.37 63.09
C THR C 345 73.77 -64.28 62.71
N GLN C 346 74.60 -64.82 63.62
CA GLN C 346 76.04 -64.64 63.50
C GLN C 346 76.58 -65.29 62.24
N GLU C 347 76.06 -66.46 61.86
CA GLU C 347 76.60 -67.15 60.70
C GLU C 347 76.43 -66.34 59.43
N GLN C 348 75.23 -65.78 59.21
CA GLN C 348 75.01 -65.02 57.98
C GLN C 348 75.69 -63.65 58.04
N VAL C 349 75.71 -63.01 59.21
CA VAL C 349 76.45 -61.75 59.32
C VAL C 349 77.93 -61.99 59.02
N GLN C 350 78.49 -63.08 59.54
CA GLN C 350 79.88 -63.41 59.27
C GLN C 350 80.09 -63.74 57.80
N ASP C 351 79.12 -64.38 57.16
CA ASP C 351 79.25 -64.67 55.74
C ASP C 351 79.30 -63.38 54.92
N TYR C 352 78.41 -62.43 55.23
CA TYR C 352 78.45 -61.14 54.52
C TYR C 352 79.77 -60.43 54.78
N VAL C 353 80.25 -60.46 56.03
CA VAL C 353 81.52 -59.83 56.35
C VAL C 353 82.66 -60.51 55.59
N ASN C 354 82.58 -61.83 55.43
CA ASN C 354 83.62 -62.55 54.70
C ASN C 354 83.63 -62.17 53.23
N LYS C 355 82.45 -62.03 52.63
CA LYS C 355 82.40 -61.59 51.23
C LYS C 355 83.00 -60.20 51.08
N THR C 356 82.61 -59.28 51.96
CA THR C 356 83.13 -57.92 51.90
C THR C 356 84.64 -57.91 52.12
N ASN C 357 85.13 -58.73 53.05
CA ASN C 357 86.56 -58.81 53.31
C ASN C 357 87.31 -59.36 52.10
N SER C 358 86.74 -60.39 51.45
CA SER C 358 87.38 -60.95 50.27
C SER C 358 87.48 -59.92 49.16
N HIS C 359 86.47 -59.06 49.03
CA HIS C 359 86.48 -58.05 47.97
C HIS C 359 87.10 -56.71 48.40
N LEU C 360 87.54 -56.59 49.64
CA LEU C 360 88.25 -55.42 50.13
C LEU C 360 89.71 -55.76 50.35
N PRO C 361 90.59 -54.76 50.39
CA PRO C 361 92.01 -55.02 50.67
C PRO C 361 92.25 -55.23 52.17
N ALA C 362 93.45 -55.72 52.48
CA ALA C 362 93.77 -56.15 53.84
C ALA C 362 93.66 -55.00 54.84
N GLY C 363 94.01 -53.79 54.42
CA GLY C 363 93.96 -52.66 55.33
C GLY C 363 92.56 -52.15 55.65
N LYS C 364 91.58 -52.46 54.79
CA LYS C 364 90.23 -51.92 54.92
C LYS C 364 89.22 -53.01 55.31
N GLN C 365 89.68 -54.13 55.84
CA GLN C 365 88.77 -55.23 56.16
C GLN C 365 87.87 -54.85 57.33
N VAL C 366 86.70 -55.49 57.36
CA VAL C 366 85.72 -55.32 58.43
C VAL C 366 85.60 -56.63 59.19
N GLU C 367 85.21 -56.52 60.46
CA GLU C 367 85.01 -57.69 61.29
C GLU C 367 83.94 -57.38 62.32
N ILE C 368 83.33 -58.44 62.85
CA ILE C 368 82.30 -58.29 63.87
C ILE C 368 82.94 -57.81 65.16
N SER C 369 82.38 -56.75 65.73
CA SER C 369 82.90 -56.11 66.94
C SER C 369 82.12 -56.48 68.19
N LEU C 370 80.82 -56.23 68.20
CA LEU C 370 79.96 -56.48 69.35
C LEU C 370 78.96 -57.57 68.98
N VAL C 371 79.09 -58.73 69.61
CA VAL C 371 78.07 -59.79 69.48
C VAL C 371 77.07 -59.51 70.59
N ASN C 372 76.13 -58.60 70.29
CA ASN C 372 75.17 -58.17 71.31
C ASN C 372 74.18 -59.27 71.64
N GLY C 373 73.82 -60.10 70.68
CA GLY C 373 72.86 -61.15 70.93
C GLY C 373 72.86 -62.15 69.79
N ALA C 374 71.93 -63.10 69.87
CA ALA C 374 71.81 -64.09 68.81
C ALA C 374 71.47 -63.44 67.49
N LYS C 375 70.54 -62.48 67.50
CA LYS C 375 70.10 -61.75 66.31
C LYS C 375 70.45 -60.27 66.41
N ASN C 376 71.61 -59.95 66.99
CA ASN C 376 72.01 -58.56 67.18
C ASN C 376 73.53 -58.52 67.24
N LEU C 377 74.16 -57.98 66.19
CA LEU C 377 75.60 -57.93 66.10
C LEU C 377 76.01 -56.54 65.63
N VAL C 378 77.31 -56.27 65.70
CA VAL C 378 77.87 -55.00 65.24
C VAL C 378 79.17 -55.30 64.50
N VAL C 379 79.34 -54.66 63.34
CA VAL C 379 80.54 -54.79 62.53
C VAL C 379 81.29 -53.46 62.59
N SER C 380 82.58 -53.53 62.87
CA SER C 380 83.41 -52.34 62.98
C SER C 380 84.47 -52.35 61.88
N GLY C 381 84.83 -51.16 61.42
CA GLY C 381 85.81 -51.00 60.38
C GLY C 381 85.74 -49.62 59.75
N PRO C 382 86.40 -49.45 58.61
CA PRO C 382 86.32 -48.16 57.91
C PRO C 382 84.88 -47.84 57.52
N PRO C 383 84.47 -46.56 57.60
CA PRO C 383 83.11 -46.23 57.13
C PRO C 383 82.86 -46.59 55.68
N GLN C 384 83.88 -46.50 54.81
CA GLN C 384 83.72 -46.94 53.43
C GLN C 384 83.41 -48.43 53.35
N SER C 385 84.17 -49.24 54.10
CA SER C 385 83.93 -50.68 54.11
C SER C 385 82.55 -51.00 54.66
N LEU C 386 82.14 -50.30 55.72
CA LEU C 386 80.82 -50.56 56.28
C LEU C 386 79.71 -50.11 55.34
N TYR C 387 79.95 -49.04 54.58
CA TYR C 387 78.96 -48.63 53.57
C TYR C 387 78.84 -49.67 52.48
N GLY C 388 79.97 -50.27 52.07
CA GLY C 388 79.90 -51.34 51.09
C GLY C 388 79.16 -52.56 51.63
N LEU C 389 79.42 -52.92 52.89
CA LEU C 389 78.67 -54.00 53.52
C LEU C 389 77.18 -53.66 53.58
N ASN C 390 76.87 -52.39 53.85
CA ASN C 390 75.48 -51.97 53.89
C ASN C 390 74.83 -52.09 52.52
N LEU C 391 75.57 -51.75 51.46
CA LEU C 391 75.04 -51.92 50.11
C LEU C 391 74.75 -53.39 49.82
N THR C 392 75.68 -54.27 50.20
CA THR C 392 75.43 -55.71 50.00
C THR C 392 74.21 -56.17 50.79
N LEU C 393 74.09 -55.72 52.04
CA LEU C 393 72.96 -56.12 52.86
C LEU C 393 71.65 -55.59 52.29
N ARG C 394 71.67 -54.37 51.75
CA ARG C 394 70.47 -53.82 51.10
C ARG C 394 70.10 -54.64 49.88
N LYS C 395 71.10 -55.04 49.09
CA LYS C 395 70.82 -55.91 47.94
C LYS C 395 70.20 -57.23 48.39
N ALA C 396 70.64 -57.73 49.54
CA ALA C 396 70.12 -58.99 50.08
C ALA C 396 68.91 -58.82 51.00
N LYS C 397 68.41 -57.60 51.16
CA LYS C 397 67.35 -57.29 52.11
C LYS C 397 66.04 -57.00 51.38
N ALA C 398 64.95 -57.57 51.89
CA ALA C 398 63.63 -57.32 51.32
C ALA C 398 63.08 -55.99 51.83
N PRO C 399 62.10 -55.41 51.12
CA PRO C 399 61.50 -54.17 51.61
C PRO C 399 60.84 -54.35 52.97
N SER C 400 60.94 -53.32 53.81
CA SER C 400 60.31 -53.38 55.13
C SER C 400 58.79 -53.47 55.01
N GLY C 401 58.22 -52.76 54.04
CA GLY C 401 56.78 -52.75 53.86
C GLY C 401 56.28 -53.81 52.89
N LEU C 402 56.90 -54.99 52.92
CA LEU C 402 56.50 -56.11 52.08
C LEU C 402 55.61 -57.05 52.89
N ASP C 403 54.49 -57.45 52.29
CA ASP C 403 53.56 -58.39 52.90
C ASP C 403 53.95 -59.79 52.42
N GLN C 404 54.44 -60.62 53.34
CA GLN C 404 54.89 -61.97 53.05
C GLN C 404 54.03 -63.03 53.72
N SER C 405 52.81 -62.66 54.10
CA SER C 405 51.93 -63.62 54.77
C SER C 405 51.49 -64.74 53.83
N ARG C 406 51.47 -64.49 52.52
CA ARG C 406 50.99 -65.45 51.55
C ARG C 406 52.08 -66.36 50.99
N ILE C 407 53.34 -66.15 51.37
CA ILE C 407 54.46 -66.95 50.88
C ILE C 407 54.82 -67.96 51.96
N PRO C 408 55.25 -69.19 51.62
CA PRO C 408 55.68 -70.12 52.66
C PRO C 408 56.89 -69.59 53.42
N PHE C 409 56.98 -69.99 54.69
CA PHE C 409 58.01 -69.44 55.58
C PHE C 409 59.41 -69.74 55.06
N SER C 410 59.63 -70.95 54.54
CA SER C 410 60.96 -71.30 54.03
C SER C 410 61.33 -70.42 52.84
N GLU C 411 60.35 -70.09 51.99
CA GLU C 411 60.62 -69.30 50.79
C GLU C 411 60.63 -67.80 51.05
N ARG C 412 60.39 -67.36 52.28
CA ARG C 412 60.33 -65.94 52.56
C ARG C 412 61.72 -65.32 52.54
N LYS C 413 61.83 -64.14 51.92
CA LYS C 413 63.07 -63.38 51.96
C LYS C 413 63.31 -62.87 53.37
N LEU C 414 64.53 -63.04 53.85
CA LEU C 414 64.85 -62.63 55.22
C LEU C 414 64.97 -61.12 55.29
N LYS C 415 64.26 -60.51 56.24
CA LYS C 415 64.22 -59.07 56.42
C LYS C 415 64.92 -58.71 57.72
N PHE C 416 65.66 -57.60 57.71
CA PHE C 416 66.44 -57.18 58.86
C PHE C 416 66.65 -55.68 58.80
N SER C 417 67.17 -55.13 59.89
CA SER C 417 67.43 -53.70 60.02
C SER C 417 68.90 -53.47 60.36
N ASN C 418 69.56 -52.61 59.59
CA ASN C 418 70.93 -52.21 59.84
C ASN C 418 70.99 -50.70 59.97
N ARG C 419 71.73 -50.22 60.97
CA ARG C 419 71.88 -48.79 61.18
C ARG C 419 73.27 -48.51 61.72
N PHE C 420 73.80 -47.33 61.37
CA PHE C 420 75.12 -46.92 61.82
C PHE C 420 75.01 -46.35 63.23
N LEU C 421 75.82 -46.88 64.14
CA LEU C 421 75.74 -46.43 65.52
C LEU C 421 76.38 -45.05 65.66
N PRO C 422 75.99 -44.29 66.70
CA PRO C 422 76.72 -43.04 66.97
C PRO C 422 78.09 -43.31 67.58
N VAL C 423 79.05 -43.65 66.73
CA VAL C 423 80.44 -43.86 67.15
C VAL C 423 81.33 -43.17 66.13
N ALA C 424 82.53 -42.78 66.58
CA ALA C 424 83.47 -42.04 65.76
C ALA C 424 84.73 -42.80 65.40
N SER C 425 84.98 -43.95 66.03
CA SER C 425 86.12 -44.79 65.70
C SER C 425 85.67 -46.25 65.65
N PRO C 426 86.36 -47.10 64.87
CA PRO C 426 85.97 -48.52 64.78
C PRO C 426 86.51 -49.37 65.92
N PHE C 427 85.78 -49.38 67.02
CA PHE C 427 86.21 -50.14 68.19
C PHE C 427 86.20 -51.63 67.92
N HIS C 428 87.10 -52.35 68.59
CA HIS C 428 87.25 -53.79 68.42
C HIS C 428 87.57 -54.15 66.97
N SER C 429 88.49 -53.38 66.37
CA SER C 429 88.94 -53.60 65.01
C SER C 429 90.45 -53.70 64.98
N HIS C 430 90.97 -54.29 63.91
CA HIS C 430 92.41 -54.34 63.70
C HIS C 430 92.98 -52.97 63.34
N LEU C 431 92.13 -51.98 63.06
CA LEU C 431 92.61 -50.62 62.83
C LEU C 431 93.19 -50.01 64.10
N LEU C 432 92.68 -50.41 65.27
CA LEU C 432 93.15 -49.87 66.55
C LEU C 432 94.23 -50.71 67.19
N VAL C 433 94.71 -51.76 66.52
CA VAL C 433 95.77 -52.59 67.09
C VAL C 433 97.02 -51.78 67.44
N PRO C 434 97.57 -50.93 66.55
CA PRO C 434 98.83 -50.26 66.92
C PRO C 434 98.70 -49.33 68.11
N ALA C 435 97.49 -48.88 68.43
CA ALA C 435 97.29 -48.05 69.62
C ALA C 435 97.40 -48.85 70.90
N SER C 436 97.28 -50.18 70.83
CA SER C 436 97.31 -50.99 72.04
C SER C 436 98.67 -50.91 72.72
N ASP C 437 99.75 -51.03 71.95
CA ASP C 437 101.08 -50.94 72.53
C ASP C 437 101.35 -49.56 73.11
N LEU C 438 100.90 -48.51 72.42
CA LEU C 438 101.07 -47.16 72.95
C LEU C 438 100.31 -46.98 74.26
N ILE C 439 99.07 -47.48 74.32
CA ILE C 439 98.30 -47.38 75.55
C ILE C 439 98.99 -48.14 76.68
N ASN C 440 99.49 -49.34 76.39
CA ASN C 440 100.15 -50.13 77.42
C ASN C 440 101.41 -49.44 77.93
N LYS C 441 102.19 -48.85 77.01
CA LYS C 441 103.41 -48.15 77.43
C LYS C 441 103.13 -46.84 78.12
N ASP C 442 101.95 -46.24 77.90
CA ASP C 442 101.65 -44.94 78.47
C ASP C 442 100.89 -45.03 79.79
N LEU C 443 100.13 -46.11 80.01
CA LEU C 443 99.42 -46.23 81.28
C LEU C 443 100.39 -46.41 82.44
N VAL C 444 101.51 -47.08 82.19
CA VAL C 444 102.52 -47.23 83.24
C VAL C 444 103.17 -45.88 83.55
N LYS C 445 103.37 -45.06 82.52
CA LYS C 445 103.89 -43.70 82.74
C LYS C 445 102.90 -42.88 83.54
N ASN C 446 101.61 -42.98 83.22
CA ASN C 446 100.57 -42.29 83.98
C ASN C 446 100.34 -42.92 85.36
N ASN C 447 100.91 -44.09 85.63
CA ASN C 447 100.80 -44.74 86.93
C ASN C 447 99.35 -45.13 87.22
N VAL C 448 98.79 -45.92 86.30
CA VAL C 448 97.42 -46.42 86.41
C VAL C 448 97.46 -47.92 86.15
N SER C 449 97.20 -48.71 87.18
CA SER C 449 97.17 -50.16 87.06
C SER C 449 96.12 -50.72 88.00
N PHE C 450 95.50 -51.83 87.60
CA PHE C 450 94.47 -52.50 88.38
C PHE C 450 95.02 -53.84 88.88
N ASN C 451 94.85 -54.11 90.16
CA ASN C 451 95.35 -55.32 90.80
C ASN C 451 94.19 -56.22 91.19
N ALA C 452 94.37 -57.53 90.94
CA ALA C 452 93.33 -58.48 91.28
C ALA C 452 93.04 -58.49 92.78
N LYS C 453 94.10 -58.39 93.60
CA LYS C 453 93.90 -58.37 95.05
C LYS C 453 93.09 -57.14 95.46
N ASP C 454 93.36 -55.99 94.86
CA ASP C 454 92.59 -54.79 95.18
C ASP C 454 91.15 -54.94 94.72
N ILE C 455 90.93 -55.57 93.58
CA ILE C 455 89.57 -55.86 93.13
C ILE C 455 88.98 -56.91 94.07
N GLN C 456 87.78 -56.62 94.58
CA GLN C 456 87.11 -57.50 95.54
C GLN C 456 85.72 -57.93 95.09
N ILE C 457 85.35 -57.69 93.84
CA ILE C 457 84.18 -58.32 93.24
C ILE C 457 84.53 -58.81 91.85
N PRO C 458 83.87 -59.88 91.39
CA PRO C 458 84.20 -60.41 90.06
C PRO C 458 83.87 -59.40 88.97
N VAL C 459 84.76 -59.32 87.99
CA VAL C 459 84.54 -58.50 86.80
C VAL C 459 84.71 -59.41 85.59
N TYR C 460 83.68 -59.47 84.74
CA TYR C 460 83.64 -60.43 83.66
C TYR C 460 84.24 -59.82 82.40
N ASP C 461 85.27 -60.49 81.87
CA ASP C 461 85.92 -60.04 80.65
C ASP C 461 84.92 -60.05 79.49
N THR C 462 84.93 -58.95 78.71
CA THR C 462 83.95 -58.81 77.64
C THR C 462 84.10 -59.89 76.57
N PHE C 463 85.29 -60.46 76.44
CA PHE C 463 85.53 -61.42 75.35
C PHE C 463 85.02 -62.81 75.73
N ASP C 464 85.59 -63.42 76.76
CA ASP C 464 85.26 -64.79 77.14
C ASP C 464 84.40 -64.89 78.38
N GLY C 465 84.15 -63.78 79.08
CA GLY C 465 83.34 -63.80 80.28
C GLY C 465 84.09 -64.23 81.53
N SER C 466 85.36 -64.60 81.42
CA SER C 466 86.12 -65.01 82.58
C SER C 466 86.35 -63.83 83.52
N ASP C 467 86.52 -64.15 84.80
CA ASP C 467 86.79 -63.12 85.79
C ASP C 467 88.17 -62.51 85.56
N LEU C 468 88.26 -61.19 85.72
CA LEU C 468 89.54 -60.51 85.54
C LEU C 468 90.47 -60.69 86.73
N ARG C 469 89.95 -61.07 87.90
CA ARG C 469 90.81 -61.30 89.06
C ARG C 469 91.78 -62.45 88.81
N VAL C 470 91.29 -63.56 88.24
CA VAL C 470 92.11 -64.75 88.07
C VAL C 470 93.03 -64.67 86.86
N LEU C 471 93.03 -63.55 86.13
CA LEU C 471 93.89 -63.44 84.95
C LEU C 471 95.34 -63.26 85.35
N SER C 472 96.22 -64.11 84.81
CA SER C 472 97.64 -64.01 85.12
C SER C 472 98.23 -62.70 84.58
N GLY C 473 97.81 -62.29 83.39
CA GLY C 473 98.35 -61.10 82.77
C GLY C 473 97.82 -59.83 83.41
N SER C 474 98.25 -58.70 82.84
CA SER C 474 97.85 -57.40 83.37
C SER C 474 96.39 -57.12 83.06
N ILE C 475 95.64 -56.76 84.10
CA ILE C 475 94.22 -56.47 83.92
C ILE C 475 94.05 -55.25 83.02
N SER C 476 94.86 -54.22 83.22
CA SER C 476 94.75 -53.02 82.38
C SER C 476 94.99 -53.36 80.91
N GLU C 477 95.99 -54.19 80.63
CA GLU C 477 96.23 -54.63 79.26
C GLU C 477 95.05 -55.41 78.73
N ARG C 478 94.45 -56.28 79.55
CA ARG C 478 93.31 -57.05 79.08
C ARG C 478 92.12 -56.15 78.75
N ILE C 479 91.86 -55.14 79.59
CA ILE C 479 90.77 -54.19 79.30
C ILE C 479 91.06 -53.42 78.01
N VAL C 480 92.31 -53.00 77.82
CA VAL C 480 92.66 -52.25 76.62
C VAL C 480 92.45 -53.13 75.39
N ASP C 481 92.91 -54.37 75.45
CA ASP C 481 92.73 -55.29 74.33
C ASP C 481 91.25 -55.56 74.08
N CYS C 482 90.46 -55.68 75.14
CA CYS C 482 89.03 -55.88 74.98
C CYS C 482 88.39 -54.70 74.27
N ILE C 483 88.79 -53.48 74.63
CA ILE C 483 88.12 -52.30 74.08
C ILE C 483 88.53 -52.08 72.63
N ILE C 484 89.81 -52.26 72.31
CA ILE C 484 90.34 -51.86 71.01
C ILE C 484 90.45 -53.01 70.02
N ARG C 485 90.78 -54.22 70.47
CA ARG C 485 91.11 -55.34 69.60
C ARG C 485 90.07 -56.44 69.62
N LEU C 486 89.78 -57.01 70.82
CA LEU C 486 88.92 -58.19 70.86
C LEU C 486 87.45 -57.79 70.77
N PRO C 487 86.58 -58.68 70.29
CA PRO C 487 85.14 -58.35 70.24
C PRO C 487 84.49 -58.50 71.61
N VAL C 488 83.24 -58.04 71.67
CA VAL C 488 82.45 -58.08 72.89
C VAL C 488 81.38 -59.14 72.69
N LYS C 489 81.54 -60.28 73.38
CA LYS C 489 80.55 -61.36 73.36
C LYS C 489 79.66 -61.16 74.58
N TRP C 490 78.65 -60.31 74.42
CA TRP C 490 77.81 -59.92 75.55
C TRP C 490 77.02 -61.11 76.09
N GLU C 491 76.57 -62.00 75.21
CA GLU C 491 75.92 -63.22 75.67
C GLU C 491 76.89 -64.08 76.47
N THR C 492 78.14 -64.18 76.01
CA THR C 492 79.12 -65.00 76.71
C THR C 492 79.52 -64.38 78.03
N THR C 493 79.28 -63.08 78.21
CA THR C 493 79.54 -62.43 79.49
C THR C 493 78.31 -62.43 80.41
N THR C 494 77.11 -62.56 79.84
CA THR C 494 75.88 -62.49 80.60
C THR C 494 75.49 -63.86 81.18
N GLN C 495 76.44 -64.78 81.31
CA GLN C 495 76.14 -66.09 81.89
C GLN C 495 76.09 -66.06 83.41
N PHE C 496 76.46 -64.94 84.04
CA PHE C 496 76.36 -64.84 85.49
C PHE C 496 74.90 -64.98 85.93
N LYS C 497 74.70 -65.62 87.07
CA LYS C 497 73.37 -65.82 87.62
C LYS C 497 73.08 -64.69 88.60
N ALA C 498 72.08 -63.86 88.27
CA ALA C 498 71.70 -62.75 89.12
C ALA C 498 70.25 -62.41 88.85
N THR C 499 69.58 -61.89 89.88
CA THR C 499 68.17 -61.50 89.77
C THR C 499 67.99 -60.07 89.30
N HIS C 500 68.93 -59.17 89.60
CA HIS C 500 68.82 -57.77 89.23
C HIS C 500 70.13 -57.28 88.64
N ILE C 501 69.99 -56.48 87.58
CA ILE C 501 71.10 -55.86 86.88
C ILE C 501 70.90 -54.35 86.91
N LEU C 502 71.95 -53.62 87.23
CA LEU C 502 71.91 -52.16 87.31
C LEU C 502 72.71 -51.56 86.16
N ASP C 503 72.02 -50.90 85.23
CA ASP C 503 72.64 -50.30 84.07
C ASP C 503 72.96 -48.84 84.34
N PHE C 504 74.25 -48.51 84.38
CA PHE C 504 74.70 -47.14 84.58
C PHE C 504 75.16 -46.48 83.29
N GLY C 505 74.99 -47.12 82.15
CA GLY C 505 75.53 -46.61 80.91
C GLY C 505 74.69 -45.50 80.35
N PRO C 506 75.18 -44.90 79.26
CA PRO C 506 74.42 -43.86 78.57
C PRO C 506 73.30 -44.45 77.73
N GLY C 507 72.39 -43.57 77.32
CA GLY C 507 71.30 -43.92 76.45
C GLY C 507 69.99 -44.20 77.16
N GLY C 508 70.03 -44.52 78.45
CA GLY C 508 68.83 -44.81 79.20
C GLY C 508 68.04 -45.97 78.61
N ALA C 509 66.87 -45.66 78.05
CA ALA C 509 66.06 -46.69 77.39
C ALA C 509 66.78 -47.24 76.17
N SER C 510 67.57 -46.42 75.48
CA SER C 510 68.35 -46.86 74.34
C SER C 510 69.72 -47.38 74.74
N GLY C 511 70.00 -47.48 76.03
CA GLY C 511 71.32 -47.87 76.51
C GLY C 511 71.48 -49.38 76.60
N LEU C 512 72.48 -49.78 77.39
CA LEU C 512 72.82 -51.19 77.54
C LEU C 512 71.80 -51.96 78.37
N GLY C 513 71.07 -51.28 79.25
CA GLY C 513 70.17 -51.98 80.15
C GLY C 513 69.02 -52.66 79.41
N VAL C 514 68.38 -51.93 78.50
CA VAL C 514 67.26 -52.51 77.77
C VAL C 514 67.73 -53.62 76.85
N LEU C 515 68.93 -53.48 76.27
CA LEU C 515 69.47 -54.53 75.43
C LEU C 515 69.74 -55.80 76.24
N THR C 516 70.31 -55.63 77.44
CA THR C 516 70.54 -56.78 78.30
C THR C 516 69.21 -57.41 78.72
N HIS C 517 68.20 -56.58 78.98
CA HIS C 517 66.88 -57.10 79.31
C HIS C 517 66.32 -57.94 78.17
N ARG C 518 66.45 -57.45 76.93
CA ARG C 518 65.99 -58.24 75.79
C ARG C 518 66.75 -59.55 75.69
N ASN C 519 68.07 -59.51 75.90
CA ASN C 519 68.86 -60.73 75.80
C ASN C 519 68.46 -61.75 76.86
N LYS C 520 68.23 -61.30 78.09
CA LYS C 520 67.95 -62.19 79.21
C LYS C 520 66.47 -62.26 79.57
N ASP C 521 65.59 -61.86 78.66
CA ASP C 521 64.16 -61.87 78.95
C ASP C 521 63.66 -63.29 79.15
N GLY C 522 62.79 -63.46 80.14
CA GLY C 522 62.20 -64.75 80.44
C GLY C 522 63.00 -65.61 81.40
N THR C 523 64.21 -65.20 81.77
CA THR C 523 65.02 -65.91 82.73
C THR C 523 64.81 -65.41 84.16
N GLY C 524 63.87 -64.50 84.38
CA GLY C 524 63.61 -64.00 85.70
C GLY C 524 64.60 -62.97 86.20
N VAL C 525 65.32 -62.32 85.29
CA VAL C 525 66.34 -61.33 85.65
C VAL C 525 65.77 -59.95 85.35
N ARG C 526 65.65 -59.13 86.39
CA ARG C 526 65.20 -57.76 86.26
C ARG C 526 66.37 -56.87 85.86
N VAL C 527 66.08 -55.83 85.07
CA VAL C 527 67.07 -54.86 84.66
C VAL C 527 66.54 -53.47 85.00
N ILE C 528 67.35 -52.68 85.70
CA ILE C 528 67.00 -51.34 86.15
C ILE C 528 68.04 -50.38 85.63
N VAL C 529 67.60 -49.35 84.90
CA VAL C 529 68.50 -48.36 84.34
C VAL C 529 68.53 -47.16 85.29
N ALA C 530 69.72 -46.80 85.75
CA ALA C 530 69.91 -45.69 86.66
C ALA C 530 70.26 -44.39 85.94
N GLY C 531 70.34 -44.41 84.61
CA GLY C 531 70.80 -43.24 83.88
C GLY C 531 69.73 -42.20 83.62
N THR C 532 68.46 -42.57 83.76
CA THR C 532 67.37 -41.64 83.50
C THR C 532 66.21 -41.95 84.43
N LEU C 533 65.41 -40.92 84.69
CA LEU C 533 64.20 -41.02 85.51
C LEU C 533 63.01 -41.01 84.58
N ASP C 534 62.34 -42.16 84.45
CA ASP C 534 61.20 -42.30 83.55
C ASP C 534 60.42 -43.53 84.01
N ILE C 535 59.30 -43.80 83.32
CA ILE C 535 58.47 -44.95 83.59
C ILE C 535 58.40 -45.80 82.32
N ASN C 536 58.31 -47.11 82.50
CA ASN C 536 58.14 -48.03 81.40
C ASN C 536 56.70 -48.55 81.41
N PRO C 537 55.84 -48.21 80.43
CA PRO C 537 54.48 -48.75 80.47
C PRO C 537 54.42 -50.26 80.46
N ASP C 538 55.32 -50.92 79.73
CA ASP C 538 55.37 -52.38 79.76
C ASP C 538 55.82 -52.89 81.12
N ASP C 539 56.65 -52.12 81.82
CA ASP C 539 57.16 -52.49 83.15
C ASP C 539 58.07 -53.71 83.11
N ASP C 540 58.58 -54.07 81.93
CA ASP C 540 59.47 -55.22 81.82
C ASP C 540 60.91 -54.90 82.21
N TYR C 541 61.26 -53.64 82.41
CA TYR C 541 62.53 -53.25 82.98
C TYR C 541 62.33 -52.05 83.87
N GLY C 542 63.16 -51.93 84.90
CA GLY C 542 63.02 -50.88 85.88
C GLY C 542 63.61 -49.56 85.43
N PHE C 543 63.58 -48.60 86.33
CA PHE C 543 64.12 -47.27 86.09
C PHE C 543 64.76 -46.77 87.38
N LYS C 544 65.25 -45.52 87.35
CA LYS C 544 66.02 -44.99 88.47
C LYS C 544 65.20 -44.99 89.76
N GLN C 545 63.88 -44.79 89.67
CA GLN C 545 63.06 -44.75 90.87
C GLN C 545 63.00 -46.10 91.57
N GLU C 546 63.08 -47.20 90.80
CA GLU C 546 62.99 -48.52 91.39
C GLU C 546 64.17 -48.81 92.32
N ILE C 547 65.32 -48.18 92.06
CA ILE C 547 66.48 -48.40 92.91
C ILE C 547 66.24 -47.82 94.31
N PHE C 548 65.70 -46.62 94.36
CA PHE C 548 65.55 -45.89 95.62
C PHE C 548 64.19 -46.11 96.28
N ASP C 549 63.26 -46.79 95.62
CA ASP C 549 61.97 -47.06 96.24
C ASP C 549 62.16 -47.98 97.45
N VAL C 550 61.34 -47.76 98.47
CA VAL C 550 61.45 -48.48 99.74
C VAL C 550 60.32 -49.49 99.87
N THR C 551 59.21 -49.26 99.17
CA THR C 551 58.05 -50.12 99.27
C THR C 551 58.27 -51.38 98.44
N SER C 552 57.22 -52.20 98.31
CA SER C 552 57.31 -53.40 97.48
C SER C 552 57.48 -53.07 96.00
N ASN C 553 57.17 -51.83 95.60
CA ASN C 553 57.35 -51.45 94.21
C ASN C 553 58.82 -51.50 93.80
N GLY C 554 59.72 -51.21 94.75
CA GLY C 554 61.14 -51.28 94.43
C GLY C 554 61.61 -52.69 94.15
N LEU C 555 61.12 -53.66 94.92
CA LEU C 555 61.51 -55.06 94.76
C LEU C 555 60.60 -55.70 93.72
N LYS C 556 61.02 -55.61 92.46
CA LYS C 556 60.35 -56.25 91.34
C LYS C 556 61.22 -57.38 90.81
N LYS C 557 60.64 -58.58 90.74
CA LYS C 557 61.29 -59.74 90.15
C LYS C 557 60.68 -59.97 88.78
N ASN C 558 61.52 -60.02 87.76
CA ASN C 558 61.02 -60.25 86.41
C ASN C 558 60.47 -61.67 86.31
N PRO C 559 59.50 -61.93 85.43
CA PRO C 559 58.91 -63.27 85.38
C PRO C 559 59.92 -64.30 84.90
N ASN C 560 59.92 -65.45 85.56
CA ASN C 560 60.71 -66.61 85.15
C ASN C 560 59.72 -67.62 84.56
N TRP C 561 59.80 -67.81 83.24
CA TRP C 561 58.83 -68.68 82.57
C TRP C 561 58.96 -70.12 83.02
N LEU C 562 60.19 -70.58 83.28
CA LEU C 562 60.39 -71.96 83.71
C LEU C 562 59.71 -72.23 85.04
N GLU C 563 59.72 -71.25 85.95
CA GLU C 563 59.17 -71.43 87.28
C GLU C 563 57.74 -70.91 87.38
N GLU C 564 57.48 -69.72 86.83
CA GLU C 564 56.14 -69.13 86.94
C GLU C 564 55.09 -69.99 86.23
N TYR C 565 55.38 -70.39 84.99
CA TYR C 565 54.49 -71.25 84.22
C TYR C 565 54.95 -72.70 84.26
N HIS C 566 55.48 -73.13 85.40
CA HIS C 566 55.95 -74.49 85.57
C HIS C 566 54.78 -75.47 85.56
N PRO C 567 54.76 -76.48 84.67
CA PRO C 567 53.75 -77.54 84.83
C PRO C 567 54.00 -78.34 86.09
N LYS C 568 52.92 -78.83 86.68
CA LYS C 568 53.03 -79.59 87.93
C LYS C 568 51.98 -80.69 87.90
N LEU C 569 51.92 -81.47 88.98
CA LEU C 569 50.93 -82.52 89.14
C LEU C 569 50.08 -82.24 90.36
N ILE C 570 48.80 -82.59 90.28
CA ILE C 570 47.87 -82.45 91.39
C ILE C 570 46.95 -83.66 91.37
N LYS C 571 46.25 -83.88 92.48
CA LYS C 571 45.28 -84.97 92.56
C LYS C 571 44.09 -84.54 93.39
N ASN C 572 42.96 -85.18 93.15
CA ASN C 572 41.72 -84.94 93.87
C ASN C 572 41.49 -86.04 94.90
N LYS C 573 40.32 -86.03 95.54
CA LYS C 573 40.00 -87.06 96.52
C LYS C 573 39.96 -88.44 95.87
N SER C 574 39.40 -88.54 94.66
CA SER C 574 39.31 -89.81 93.97
C SER C 574 40.67 -90.38 93.57
N GLY C 575 41.74 -89.56 93.64
CA GLY C 575 43.06 -90.02 93.30
C GLY C 575 43.46 -89.80 91.87
N LYS C 576 42.58 -89.28 91.02
CA LYS C 576 42.93 -89.03 89.64
C LYS C 576 44.02 -87.96 89.56
N ILE C 577 45.08 -88.26 88.82
CA ILE C 577 46.22 -87.36 88.69
C ILE C 577 45.96 -86.42 87.51
N PHE C 578 45.96 -85.12 87.78
CA PHE C 578 45.79 -84.08 86.78
C PHE C 578 47.11 -83.36 86.59
N VAL C 579 47.40 -82.99 85.35
CA VAL C 579 48.56 -82.16 85.04
C VAL C 579 48.18 -80.72 85.36
N GLU C 580 48.53 -80.27 86.56
CA GLU C 580 48.20 -78.92 87.00
C GLU C 580 48.93 -77.92 86.11
N THR C 581 48.15 -77.13 85.38
CA THR C 581 48.62 -76.13 84.44
C THR C 581 47.63 -74.98 84.53
N LYS C 582 47.92 -73.86 83.86
CA LYS C 582 46.99 -72.74 83.89
C LYS C 582 45.64 -73.11 83.26
N PHE C 583 45.68 -73.65 82.04
CA PHE C 583 44.45 -74.04 81.35
C PHE C 583 43.74 -75.16 82.10
N SER C 584 44.49 -76.15 82.57
CA SER C 584 43.89 -77.25 83.32
C SER C 584 43.26 -76.75 84.62
N LYS C 585 43.91 -75.81 85.29
CA LYS C 585 43.35 -75.24 86.51
C LYS C 585 42.05 -74.50 86.22
N LEU C 586 42.01 -73.74 85.12
CA LEU C 586 40.79 -73.02 84.78
C LEU C 586 39.65 -73.98 84.47
N ILE C 587 39.91 -75.00 83.65
CA ILE C 587 38.83 -75.86 83.16
C ILE C 587 38.52 -77.05 84.04
N GLY C 588 39.34 -77.31 85.06
CA GLY C 588 39.11 -78.47 85.91
C GLY C 588 39.21 -79.79 85.17
N ARG C 589 40.07 -79.86 84.16
CA ARG C 589 40.24 -81.05 83.35
C ARG C 589 41.66 -81.07 82.82
N PRO C 590 42.10 -82.18 82.24
CA PRO C 590 43.46 -82.24 81.73
C PRO C 590 43.69 -81.21 80.65
N PRO C 591 44.94 -80.71 80.48
CA PRO C 591 45.22 -79.63 79.53
C PRO C 591 45.35 -80.10 78.08
N LEU C 592 44.42 -80.96 77.66
CA LEU C 592 44.36 -81.49 76.30
C LEU C 592 42.94 -81.27 75.80
N LEU C 593 42.81 -80.85 74.55
CA LEU C 593 41.50 -80.57 73.99
C LEU C 593 41.46 -81.01 72.53
N VAL C 594 40.26 -81.34 72.07
CA VAL C 594 40.02 -81.69 70.67
C VAL C 594 39.44 -80.45 69.99
N PRO C 595 40.18 -79.79 69.10
CA PRO C 595 39.66 -78.55 68.52
C PRO C 595 38.52 -78.82 67.57
N GLY C 596 37.73 -77.77 67.31
CA GLY C 596 36.63 -77.87 66.37
C GLY C 596 37.12 -78.29 65.01
N MET C 597 36.57 -79.39 64.48
CA MET C 597 37.08 -80.01 63.27
C MET C 597 35.90 -80.37 62.37
N THR C 598 35.74 -79.61 61.29
CA THR C 598 34.71 -79.94 60.31
C THR C 598 35.25 -80.98 59.33
N PRO C 599 34.59 -82.15 59.17
CA PRO C 599 33.33 -82.65 59.74
C PRO C 599 33.51 -83.55 60.96
N CYS C 600 34.70 -83.63 61.56
CA CYS C 600 34.95 -84.64 62.58
C CYS C 600 34.18 -84.34 63.86
N THR C 601 34.40 -83.15 64.44
CA THR C 601 33.69 -82.78 65.66
C THR C 601 32.28 -82.31 65.39
N VAL C 602 31.85 -82.27 64.13
CA VAL C 602 30.46 -81.96 63.82
C VAL C 602 29.53 -82.99 64.45
N SER C 603 29.96 -84.26 64.47
CA SER C 603 29.13 -85.32 64.99
C SER C 603 28.82 -85.10 66.47
N PRO C 604 27.56 -85.05 66.88
CA PRO C 604 27.28 -85.01 68.32
C PRO C 604 27.83 -86.20 69.08
N ASP C 605 27.87 -87.38 68.44
CA ASP C 605 28.34 -88.57 69.13
C ASP C 605 29.80 -88.45 69.55
N PHE C 606 30.65 -87.94 68.65
CA PHE C 606 32.08 -87.82 68.98
C PHE C 606 32.30 -86.77 70.06
N VAL C 607 31.60 -85.65 69.98
CA VAL C 607 31.73 -84.60 70.99
C VAL C 607 31.30 -85.14 72.35
N ALA C 608 30.17 -85.85 72.39
CA ALA C 608 29.71 -86.44 73.65
C ALA C 608 30.70 -87.47 74.16
N ALA C 609 31.28 -88.28 73.27
CA ALA C 609 32.23 -89.30 73.70
C ALA C 609 33.47 -88.67 74.29
N THR C 610 34.01 -87.62 73.66
CA THR C 610 35.18 -86.95 74.21
C THR C 610 34.86 -86.31 75.55
N THR C 611 33.70 -85.66 75.66
CA THR C 611 33.32 -85.03 76.92
C THR C 611 33.18 -86.07 78.03
N ASN C 612 32.58 -87.22 77.71
CA ASN C 612 32.49 -88.30 78.69
C ASN C 612 33.86 -88.84 79.06
N ALA C 613 34.77 -88.92 78.09
CA ALA C 613 36.15 -89.26 78.38
C ALA C 613 36.82 -88.24 79.29
N GLY C 614 36.32 -87.01 79.32
CA GLY C 614 36.83 -86.03 80.25
C GLY C 614 37.85 -85.09 79.68
N TYR C 615 37.77 -84.82 78.38
CA TYR C 615 38.70 -83.95 77.69
C TYR C 615 37.92 -82.91 76.89
N THR C 616 38.41 -81.69 76.91
CA THR C 616 37.70 -80.59 76.26
C THR C 616 37.55 -80.85 74.76
N ILE C 617 36.40 -80.49 74.22
CA ILE C 617 36.12 -80.67 72.79
C ILE C 617 35.17 -79.57 72.34
N GLU C 618 35.34 -79.15 71.09
CA GLU C 618 34.55 -78.10 70.48
C GLU C 618 33.65 -78.71 69.42
N LEU C 619 32.35 -78.48 69.55
CA LEU C 619 31.37 -78.82 68.52
C LEU C 619 31.55 -77.80 67.39
N ALA C 620 32.00 -78.28 66.24
CA ALA C 620 32.24 -77.39 65.11
C ALA C 620 30.93 -77.03 64.42
N GLY C 621 30.72 -75.75 64.16
CA GLY C 621 29.57 -75.29 63.42
C GLY C 621 29.70 -75.42 61.91
N GLY C 622 30.83 -75.91 61.41
CA GLY C 622 31.03 -75.96 59.97
C GLY C 622 30.03 -76.84 59.27
N GLY C 623 29.68 -77.97 59.89
CA GLY C 623 28.69 -78.86 59.32
C GLY C 623 27.25 -78.49 59.58
N TYR C 624 27.02 -77.38 60.28
CA TYR C 624 25.68 -76.88 60.55
C TYR C 624 25.52 -75.52 59.87
N PHE C 625 24.43 -75.38 59.11
CA PHE C 625 24.16 -74.16 58.36
C PHE C 625 22.93 -73.42 58.88
N SER C 626 22.36 -73.84 60.00
CA SER C 626 21.17 -73.22 60.55
C SER C 626 21.20 -73.33 62.07
N ALA C 627 20.62 -72.32 62.72
CA ALA C 627 20.53 -72.33 64.16
C ALA C 627 19.72 -73.53 64.66
N ALA C 628 18.68 -73.91 63.91
CA ALA C 628 17.90 -75.09 64.31
C ALA C 628 18.76 -76.34 64.28
N GLY C 629 19.57 -76.51 63.22
CA GLY C 629 20.43 -77.68 63.15
C GLY C 629 21.46 -77.71 64.26
N MET C 630 22.10 -76.58 64.52
CA MET C 630 23.09 -76.54 65.60
C MET C 630 22.43 -76.76 66.95
N THR C 631 21.22 -76.24 67.15
CA THR C 631 20.51 -76.47 68.41
C THR C 631 20.17 -77.93 68.59
N ALA C 632 19.75 -78.60 67.51
CA ALA C 632 19.47 -80.03 67.59
C ALA C 632 20.75 -80.79 67.95
N ALA C 633 21.87 -80.44 67.32
CA ALA C 633 23.13 -81.09 67.65
C ALA C 633 23.52 -80.86 69.11
N ILE C 634 23.36 -79.63 69.59
CA ILE C 634 23.73 -79.32 70.96
C ILE C 634 22.83 -80.08 71.93
N ASP C 635 21.53 -80.17 71.63
CA ASP C 635 20.64 -80.95 72.49
C ASP C 635 21.03 -82.41 72.49
N SER C 636 21.43 -82.95 71.34
CA SER C 636 21.90 -84.33 71.30
C SER C 636 23.14 -84.51 72.16
N VAL C 637 24.09 -83.57 72.10
CA VAL C 637 25.28 -83.66 72.91
C VAL C 637 24.93 -83.61 74.39
N VAL C 638 24.01 -82.71 74.75
CA VAL C 638 23.62 -82.57 76.16
C VAL C 638 22.96 -83.84 76.65
N SER C 639 22.10 -84.44 75.83
CA SER C 639 21.45 -85.69 76.23
C SER C 639 22.47 -86.81 76.37
N GLN C 640 23.49 -86.84 75.50
CA GLN C 640 24.48 -87.91 75.53
C GLN C 640 25.49 -87.78 76.66
N ILE C 641 25.85 -86.58 77.07
CA ILE C 641 26.86 -86.38 78.09
C ILE C 641 26.24 -86.60 79.47
N GLU C 642 27.10 -86.70 80.48
CA GLU C 642 26.66 -86.90 81.85
C GLU C 642 26.32 -85.57 82.51
N LYS C 643 25.76 -85.65 83.71
CA LYS C 643 25.39 -84.45 84.45
C LYS C 643 26.63 -83.65 84.83
N GLY C 644 26.54 -82.33 84.66
CA GLY C 644 27.64 -81.46 84.99
C GLY C 644 28.72 -81.36 83.94
N SER C 645 28.60 -82.10 82.84
CA SER C 645 29.61 -82.09 81.79
C SER C 645 29.48 -80.81 80.96
N THR C 646 30.52 -80.53 80.18
CA THR C 646 30.60 -79.30 79.41
C THR C 646 31.38 -79.53 78.13
N PHE C 647 31.15 -78.64 77.16
CA PHE C 647 31.83 -78.67 75.87
C PHE C 647 31.79 -77.27 75.30
N GLY C 648 32.66 -77.02 74.31
CA GLY C 648 32.71 -75.73 73.64
C GLY C 648 32.06 -75.79 72.27
N ILE C 649 31.99 -74.62 71.64
CA ILE C 649 31.48 -74.48 70.27
C ILE C 649 32.52 -73.73 69.45
N ASN C 650 32.75 -74.19 68.22
CA ASN C 650 33.74 -73.61 67.34
C ASN C 650 33.05 -72.97 66.14
N LEU C 651 33.45 -71.75 65.81
CA LEU C 651 32.90 -71.00 64.69
C LEU C 651 34.03 -70.42 63.86
N ILE C 652 33.75 -70.30 62.56
CA ILE C 652 34.70 -69.76 61.58
C ILE C 652 34.38 -68.28 61.38
N TYR C 653 35.41 -67.44 61.41
CA TYR C 653 35.23 -66.01 61.28
C TYR C 653 35.20 -65.52 59.84
N VAL C 654 35.50 -66.39 58.86
CA VAL C 654 35.57 -65.93 57.47
C VAL C 654 34.19 -65.81 56.83
N ASN C 655 33.17 -66.48 57.36
CA ASN C 655 31.82 -66.40 56.82
C ASN C 655 30.93 -65.60 57.77
N PRO C 656 30.54 -64.36 57.45
CA PRO C 656 29.70 -63.60 58.39
C PRO C 656 28.36 -64.24 58.68
N PHE C 657 27.81 -65.03 57.74
CA PHE C 657 26.53 -65.68 57.99
C PHE C 657 26.61 -66.66 59.16
N MET C 658 27.73 -67.39 59.24
CA MET C 658 27.93 -68.31 60.36
C MET C 658 27.85 -67.57 61.67
N LEU C 659 28.58 -66.45 61.79
CA LEU C 659 28.54 -65.68 63.02
C LEU C 659 27.15 -65.14 63.28
N GLN C 660 26.47 -64.66 62.23
CA GLN C 660 25.18 -64.02 62.40
C GLN C 660 24.15 -65.00 62.96
N TRP C 661 24.16 -66.26 62.50
CA TRP C 661 23.22 -67.23 63.05
C TRP C 661 23.76 -67.95 64.29
N GLY C 662 25.06 -67.89 64.57
CA GLY C 662 25.63 -68.64 65.67
C GLY C 662 25.77 -67.88 66.97
N ILE C 663 26.28 -66.65 66.90
CA ILE C 663 26.49 -65.88 68.13
C ILE C 663 25.18 -65.59 68.85
N PRO C 664 24.11 -65.15 68.16
CA PRO C 664 22.81 -65.06 68.86
C PRO C 664 22.36 -66.39 69.42
N LEU C 665 22.61 -67.49 68.70
CA LEU C 665 22.24 -68.81 69.22
C LEU C 665 23.01 -69.14 70.49
N ILE C 666 24.31 -68.83 70.51
CA ILE C 666 25.11 -69.10 71.70
C ILE C 666 24.61 -68.25 72.86
N LYS C 667 24.31 -66.98 72.61
CA LYS C 667 23.77 -66.13 73.67
C LYS C 667 22.45 -66.68 74.20
N GLU C 668 21.57 -67.12 73.30
CA GLU C 668 20.28 -67.66 73.72
C GLU C 668 20.47 -68.93 74.55
N LEU C 669 21.32 -69.84 74.08
CA LEU C 669 21.53 -71.10 74.80
C LEU C 669 22.16 -70.84 76.16
N ARG C 670 23.09 -69.89 76.24
CA ARG C 670 23.66 -69.55 77.54
C ARG C 670 22.63 -68.89 78.44
N SER C 671 21.68 -68.15 77.87
CA SER C 671 20.57 -67.64 78.67
C SER C 671 19.75 -68.79 79.24
N LYS C 672 19.47 -69.81 78.43
CA LYS C 672 18.80 -71.00 78.95
C LYS C 672 19.69 -71.81 79.88
N GLY C 673 20.99 -71.52 79.92
CA GLY C 673 21.90 -72.21 80.81
C GLY C 673 22.57 -73.43 80.23
N TYR C 674 22.70 -73.51 78.91
CA TYR C 674 23.27 -74.70 78.30
C TYR C 674 24.75 -74.82 78.66
N PRO C 675 25.28 -76.06 78.70
CA PRO C 675 26.69 -76.23 79.10
C PRO C 675 27.66 -75.91 77.96
N ILE C 676 27.67 -74.65 77.55
CA ILE C 676 28.60 -74.16 76.53
C ILE C 676 29.72 -73.48 77.31
N GLN C 677 30.79 -74.24 77.58
CA GLN C 677 31.88 -73.71 78.39
C GLN C 677 32.58 -72.54 77.68
N PHE C 678 32.76 -72.65 76.36
CA PHE C 678 33.54 -71.65 75.66
C PHE C 678 33.17 -71.62 74.19
N LEU C 679 33.55 -70.52 73.55
CA LEU C 679 33.43 -70.33 72.11
C LEU C 679 34.81 -70.11 71.54
N THR C 680 35.17 -70.93 70.55
CA THR C 680 36.43 -70.81 69.83
C THR C 680 36.16 -70.15 68.49
N ILE C 681 36.99 -69.18 68.12
CA ILE C 681 36.91 -68.50 66.84
C ILE C 681 38.15 -68.87 66.05
N GLY C 682 37.94 -69.51 64.89
CA GLY C 682 39.02 -69.93 64.03
C GLY C 682 39.00 -69.18 62.70
N ALA C 683 40.11 -69.28 61.99
CA ALA C 683 40.27 -68.65 60.67
C ALA C 683 40.05 -67.15 60.76
N GLY C 684 40.58 -66.54 61.82
CA GLY C 684 40.48 -65.10 62.00
C GLY C 684 40.27 -64.69 63.44
N VAL C 685 40.88 -63.58 63.85
CA VAL C 685 40.72 -63.03 65.19
C VAL C 685 39.68 -61.92 65.10
N PRO C 686 38.61 -61.94 65.90
CA PRO C 686 37.64 -60.84 65.85
C PRO C 686 38.27 -59.52 66.27
N SER C 687 37.72 -58.43 65.75
CA SER C 687 38.15 -57.11 66.16
C SER C 687 37.89 -56.92 67.66
N LEU C 688 38.40 -55.81 68.19
CA LEU C 688 38.25 -55.54 69.62
C LEU C 688 36.78 -55.43 70.01
N GLU C 689 36.00 -54.70 69.21
CA GLU C 689 34.59 -54.51 69.53
C GLU C 689 33.83 -55.84 69.47
N VAL C 690 34.08 -56.64 68.44
CA VAL C 690 33.37 -57.91 68.30
C VAL C 690 33.76 -58.86 69.43
N ALA C 691 35.05 -58.90 69.78
CA ALA C 691 35.49 -59.76 70.87
C ALA C 691 34.89 -59.31 72.20
N SER C 692 34.82 -58.00 72.43
CA SER C 692 34.19 -57.50 73.64
C SER C 692 32.72 -57.87 73.69
N GLU C 693 32.03 -57.77 72.55
CA GLU C 693 30.62 -58.14 72.52
C GLU C 693 30.45 -59.62 72.83
N TYR C 694 31.29 -60.48 72.26
CA TYR C 694 31.21 -61.89 72.59
C TYR C 694 31.44 -62.12 74.08
N ILE C 695 32.50 -61.52 74.63
CA ILE C 695 32.88 -61.76 76.02
C ILE C 695 31.75 -61.31 76.96
N GLU C 696 31.15 -60.16 76.69
CA GLU C 696 30.10 -59.65 77.56
C GLU C 696 28.79 -60.42 77.36
N THR C 697 28.28 -60.45 76.13
CA THR C 697 26.94 -60.98 75.89
C THR C 697 26.88 -62.49 76.14
N LEU C 698 27.82 -63.25 75.59
CA LEU C 698 27.69 -64.70 75.64
C LEU C 698 27.83 -65.23 77.06
N GLY C 699 28.59 -64.55 77.91
CA GLY C 699 28.75 -65.01 79.27
C GLY C 699 29.38 -66.38 79.37
N LEU C 700 30.43 -66.63 78.58
CA LEU C 700 31.11 -67.90 78.58
C LEU C 700 32.20 -67.92 79.66
N LYS C 701 32.68 -69.11 79.97
CA LYS C 701 33.78 -69.23 80.93
C LYS C 701 35.05 -68.61 80.37
N TYR C 702 35.35 -68.87 79.10
CA TYR C 702 36.53 -68.29 78.47
C TYR C 702 36.32 -68.28 76.96
N LEU C 703 37.11 -67.46 76.27
CA LEU C 703 37.00 -67.29 74.83
C LEU C 703 38.26 -67.81 74.16
N GLY C 704 38.10 -68.77 73.25
CA GLY C 704 39.22 -69.29 72.48
C GLY C 704 39.38 -68.55 71.17
N LEU C 705 40.63 -68.22 70.85
CA LEU C 705 40.96 -67.56 69.60
C LEU C 705 42.13 -68.29 68.96
N LYS C 706 42.03 -68.50 67.64
CA LYS C 706 43.07 -69.21 66.89
C LYS C 706 43.80 -68.23 65.99
N PRO C 707 44.72 -67.44 66.53
CA PRO C 707 45.50 -66.53 65.68
C PRO C 707 46.41 -67.29 64.73
N GLY C 708 46.68 -66.67 63.58
CA GLY C 708 47.50 -67.29 62.57
C GLY C 708 48.91 -66.74 62.50
N SER C 709 49.09 -65.44 62.70
CA SER C 709 50.37 -64.78 62.47
C SER C 709 50.63 -63.78 63.59
N ILE C 710 51.67 -62.97 63.42
CA ILE C 710 52.06 -62.01 64.44
C ILE C 710 50.94 -60.99 64.65
N ASP C 711 50.32 -60.52 63.57
CA ASP C 711 49.23 -59.56 63.71
C ASP C 711 48.06 -60.17 64.47
N ALA C 712 47.73 -61.43 64.18
CA ALA C 712 46.65 -62.09 64.89
C ALA C 712 46.98 -62.26 66.37
N ILE C 713 48.22 -62.62 66.68
CA ILE C 713 48.62 -62.76 68.08
C ILE C 713 48.57 -61.40 68.78
N SER C 714 48.94 -60.34 68.07
CA SER C 714 48.84 -59.00 68.63
C SER C 714 47.39 -58.62 68.91
N GLN C 715 46.49 -58.99 68.00
CA GLN C 715 45.06 -58.73 68.22
C GLN C 715 44.55 -59.50 69.42
N VAL C 716 44.97 -60.75 69.58
CA VAL C 716 44.57 -61.53 70.76
C VAL C 716 45.09 -60.87 72.03
N ILE C 717 46.34 -60.40 72.00
CA ILE C 717 46.91 -59.72 73.15
C ILE C 717 46.12 -58.45 73.46
N ASN C 718 45.70 -57.73 72.42
CA ASN C 718 44.92 -56.51 72.63
C ASN C 718 43.56 -56.85 73.26
N ILE C 719 42.93 -57.94 72.81
CA ILE C 719 41.66 -58.35 73.40
C ILE C 719 41.85 -58.72 74.87
N ALA C 720 42.94 -59.44 75.17
CA ALA C 720 43.22 -59.80 76.56
C ALA C 720 43.46 -58.55 77.40
N LYS C 721 44.17 -57.57 76.85
CA LYS C 721 44.39 -56.32 77.56
C LYS C 721 43.07 -55.60 77.81
N ALA C 722 42.18 -55.60 76.83
CA ALA C 722 40.88 -54.94 76.99
C ALA C 722 40.03 -55.65 78.04
N HIS C 723 40.18 -56.96 78.17
CA HIS C 723 39.43 -57.75 79.14
C HIS C 723 40.40 -58.58 79.97
N PRO C 724 41.14 -57.93 80.88
CA PRO C 724 42.15 -58.68 81.65
C PRO C 724 41.56 -59.73 82.57
N ASN C 725 40.30 -59.56 82.99
CA ASN C 725 39.70 -60.54 83.90
C ASN C 725 39.22 -61.78 83.15
N PHE C 726 38.80 -61.62 81.91
CA PHE C 726 38.19 -62.72 81.17
C PHE C 726 39.27 -63.62 80.58
N PRO C 727 39.23 -64.95 80.82
CA PRO C 727 40.27 -65.81 80.24
C PRO C 727 40.14 -65.95 78.73
N ILE C 728 41.27 -65.84 78.06
CA ILE C 728 41.38 -65.98 76.61
C ILE C 728 42.34 -67.13 76.32
N ALA C 729 41.86 -68.12 75.58
CA ALA C 729 42.67 -69.28 75.21
C ALA C 729 43.25 -69.04 73.82
N LEU C 730 44.53 -68.68 73.77
CA LEU C 730 45.24 -68.50 72.51
C LEU C 730 45.65 -69.88 72.02
N GLN C 731 44.88 -70.42 71.07
CA GLN C 731 45.15 -71.74 70.51
C GLN C 731 46.05 -71.57 69.30
N TRP C 732 47.33 -71.38 69.56
CA TRP C 732 48.29 -71.18 68.49
C TRP C 732 48.49 -72.46 67.72
N THR C 733 48.42 -72.36 66.39
CA THR C 733 48.65 -73.49 65.50
C THR C 733 49.45 -73.00 64.31
N GLY C 734 50.57 -73.66 64.04
CA GLY C 734 51.40 -73.32 62.90
C GLY C 734 50.78 -73.78 61.60
N GLY C 735 51.46 -73.45 60.51
CA GLY C 735 51.02 -73.87 59.19
C GLY C 735 51.05 -75.38 59.00
N ARG C 736 51.83 -76.09 59.81
CA ARG C 736 51.95 -77.53 59.70
C ARG C 736 50.69 -78.28 60.16
N GLY C 737 49.73 -77.58 60.75
CA GLY C 737 48.52 -78.24 61.18
C GLY C 737 47.64 -78.68 60.02
N GLY C 738 46.75 -79.62 60.29
CA GLY C 738 45.83 -80.10 59.30
C GLY C 738 44.71 -79.12 59.02
N GLY C 739 43.88 -79.48 58.04
CA GLY C 739 42.79 -78.62 57.67
C GLY C 739 43.28 -77.31 57.09
N HIS C 740 42.50 -76.25 57.28
CA HIS C 740 42.95 -74.92 56.91
C HIS C 740 44.18 -74.56 57.72
N HIS C 741 45.16 -73.95 57.06
CA HIS C 741 46.41 -73.62 57.72
C HIS C 741 46.99 -72.37 57.08
N SER C 742 47.86 -71.70 57.84
CA SER C 742 48.57 -70.52 57.39
C SER C 742 49.95 -70.90 56.89
N PHE C 743 50.71 -69.90 56.47
CA PHE C 743 52.08 -70.10 56.00
C PHE C 743 53.11 -69.90 57.10
N GLU C 744 52.69 -69.54 58.30
CA GLU C 744 53.63 -69.22 59.36
C GLU C 744 54.20 -70.48 59.98
N ASP C 745 55.46 -70.40 60.39
CA ASP C 745 56.09 -71.51 61.09
C ASP C 745 55.46 -71.68 62.46
N ALA C 746 55.50 -72.91 62.97
CA ALA C 746 54.92 -73.19 64.28
C ALA C 746 55.74 -72.67 65.44
N HIS C 747 57.02 -72.35 65.23
CA HIS C 747 57.96 -72.07 66.31
C HIS C 747 58.35 -70.61 66.40
N THR C 748 58.88 -70.03 65.31
CA THR C 748 59.39 -68.66 65.38
C THR C 748 58.34 -67.64 65.84
N PRO C 749 57.07 -67.68 65.41
CA PRO C 749 56.11 -66.72 65.97
C PRO C 749 55.97 -66.85 67.47
N MET C 750 56.03 -68.07 68.00
CA MET C 750 55.95 -68.25 69.45
C MET C 750 57.19 -67.68 70.12
N LEU C 751 58.37 -67.91 69.55
CA LEU C 751 59.58 -67.35 70.13
C LEU C 751 59.51 -65.83 70.15
N GLN C 752 58.88 -65.23 69.13
CA GLN C 752 58.77 -63.78 69.08
C GLN C 752 57.77 -63.25 70.09
N MET C 753 56.60 -63.89 70.21
CA MET C 753 55.46 -63.31 70.90
C MET C 753 55.19 -63.91 72.27
N TYR C 754 56.03 -64.84 72.74
CA TYR C 754 55.74 -65.49 74.02
C TYR C 754 55.82 -64.50 75.17
N SER C 755 56.82 -63.62 75.17
CA SER C 755 56.94 -62.65 76.25
C SER C 755 55.72 -61.73 76.31
N LYS C 756 55.28 -61.24 75.14
CA LYS C 756 54.09 -60.39 75.11
C LYS C 756 52.86 -61.15 75.57
N ILE C 757 52.75 -62.42 75.17
CA ILE C 757 51.59 -63.22 75.56
C ILE C 757 51.56 -63.42 77.07
N ARG C 758 52.70 -63.80 77.65
CA ARG C 758 52.77 -64.00 79.09
C ARG C 758 52.76 -62.70 79.88
N ARG C 759 52.88 -61.55 79.20
CA ARG C 759 52.71 -60.28 79.88
C ARG C 759 51.29 -60.14 80.43
N HIS C 760 50.33 -60.87 79.87
CA HIS C 760 48.94 -60.87 80.32
C HIS C 760 48.61 -62.21 80.95
N PRO C 761 48.37 -62.30 82.26
CA PRO C 761 48.15 -63.63 82.86
C PRO C 761 46.87 -64.32 82.40
N ASN C 762 45.92 -63.58 81.83
CA ASN C 762 44.65 -64.18 81.45
C ASN C 762 44.70 -64.86 80.08
N ILE C 763 45.83 -64.81 79.38
CA ILE C 763 46.01 -65.54 78.13
C ILE C 763 46.60 -66.91 78.45
N MET C 764 45.94 -67.95 77.98
CA MET C 764 46.38 -69.33 78.15
C MET C 764 46.87 -69.85 76.80
N LEU C 765 48.14 -70.26 76.75
CA LEU C 765 48.78 -70.66 75.51
C LEU C 765 48.55 -72.15 75.28
N ILE C 766 47.96 -72.49 74.14
CA ILE C 766 47.73 -73.87 73.74
C ILE C 766 48.44 -74.09 72.42
N PHE C 767 49.24 -75.16 72.35
CA PHE C 767 50.09 -75.45 71.19
C PHE C 767 49.57 -76.69 70.48
N GLY C 768 49.23 -76.54 69.20
CA GLY C 768 48.79 -77.64 68.36
C GLY C 768 49.64 -77.75 67.11
N SER C 769 49.00 -78.15 66.02
CA SER C 769 49.63 -78.22 64.71
C SER C 769 50.85 -79.14 64.71
N GLY C 770 50.58 -80.44 64.86
CA GLY C 770 51.60 -81.45 64.67
C GLY C 770 51.89 -82.28 65.89
N PHE C 771 50.89 -82.45 66.76
CA PHE C 771 51.03 -83.20 68.00
C PHE C 771 50.09 -84.39 67.98
N GLY C 772 50.61 -85.56 68.35
CA GLY C 772 49.80 -86.75 68.42
C GLY C 772 50.19 -87.72 69.53
N SER C 773 51.02 -87.27 70.47
CA SER C 773 51.49 -88.15 71.53
C SER C 773 52.02 -87.30 72.68
N ALA C 774 52.30 -87.98 73.81
CA ALA C 774 52.90 -87.30 74.95
C ALA C 774 54.39 -87.05 74.74
N ASP C 775 55.07 -87.93 73.99
CA ASP C 775 56.52 -87.80 73.85
C ASP C 775 56.90 -86.51 73.14
N ASP C 776 56.16 -86.14 72.10
CA ASP C 776 56.48 -84.94 71.33
C ASP C 776 55.84 -83.68 71.90
N THR C 777 55.01 -83.78 72.93
CA THR C 777 54.42 -82.62 73.59
C THR C 777 55.04 -82.31 74.94
N TYR C 778 55.69 -83.29 75.57
CA TYR C 778 56.35 -83.03 76.84
C TYR C 778 57.38 -81.91 76.76
N PRO C 779 58.23 -81.81 75.73
CA PRO C 779 59.13 -80.65 75.65
C PRO C 779 58.40 -79.33 75.64
N TYR C 780 57.22 -79.28 75.02
CA TYR C 780 56.43 -78.06 74.98
C TYR C 780 55.75 -77.81 76.31
N LEU C 781 55.35 -78.87 77.00
CA LEU C 781 54.79 -78.73 78.35
C LEU C 781 55.84 -78.15 79.30
N THR C 782 57.01 -78.76 79.35
CA THR C 782 58.09 -78.29 80.20
C THR C 782 58.78 -77.03 79.68
N GLY C 783 58.59 -76.71 78.40
CA GLY C 783 59.20 -75.55 77.81
C GLY C 783 60.62 -75.74 77.32
N GLU C 784 61.19 -76.94 77.48
CA GLU C 784 62.57 -77.18 77.07
C GLU C 784 62.73 -77.20 75.55
N TRP C 785 61.63 -77.14 74.80
CA TRP C 785 61.74 -77.10 73.34
C TRP C 785 62.55 -75.89 72.87
N SER C 786 62.54 -74.80 73.64
CA SER C 786 63.26 -73.59 73.27
C SER C 786 64.73 -73.62 73.66
N THR C 787 65.15 -74.55 74.51
CA THR C 787 66.55 -74.60 74.90
C THR C 787 67.44 -74.94 73.71
N LYS C 788 66.94 -75.75 72.78
CA LYS C 788 67.68 -76.04 71.56
C LYS C 788 67.73 -74.84 70.62
N PHE C 789 66.86 -73.85 70.82
CA PHE C 789 66.73 -72.71 69.94
C PHE C 789 67.40 -71.46 70.49
N ASP C 790 68.32 -71.62 71.45
CA ASP C 790 69.02 -70.48 72.06
C ASP C 790 68.04 -69.53 72.74
N TYR C 791 67.03 -70.08 73.39
CA TYR C 791 66.03 -69.32 74.13
C TYR C 791 65.82 -69.98 75.49
N PRO C 792 65.28 -69.24 76.46
CA PRO C 792 64.98 -69.85 77.76
C PRO C 792 63.77 -70.75 77.67
N PRO C 793 63.49 -71.55 78.69
CA PRO C 793 62.33 -72.45 78.63
C PRO C 793 61.04 -71.69 78.43
N MET C 794 60.13 -72.29 77.68
CA MET C 794 58.88 -71.66 77.25
C MET C 794 57.72 -72.63 77.48
N PRO C 795 57.29 -72.81 78.73
CA PRO C 795 56.17 -73.73 78.97
C PRO C 795 54.89 -73.25 78.32
N PHE C 796 54.07 -74.21 77.89
CA PHE C 796 52.77 -73.94 77.28
C PHE C 796 51.67 -74.51 78.14
N ASP C 797 50.53 -73.82 78.14
CA ASP C 797 49.46 -74.14 79.08
C ASP C 797 48.59 -75.30 78.63
N GLY C 798 48.67 -75.71 77.38
CA GLY C 798 47.85 -76.82 76.92
C GLY C 798 48.23 -77.20 75.51
N PHE C 799 47.55 -78.22 75.00
CA PHE C 799 47.76 -78.70 73.64
C PHE C 799 46.43 -79.11 73.04
N LEU C 800 46.39 -79.09 71.70
CA LEU C 800 45.23 -79.53 70.94
C LEU C 800 45.68 -80.51 69.87
N PHE C 801 45.04 -81.67 69.82
CA PHE C 801 45.39 -82.75 68.90
C PHE C 801 44.26 -82.90 67.89
N GLY C 802 44.41 -82.21 66.76
CA GLY C 802 43.40 -82.28 65.73
C GLY C 802 43.46 -83.56 64.91
N SER C 803 44.54 -83.74 64.14
CA SER C 803 44.61 -84.87 63.22
C SER C 803 44.83 -86.20 63.94
N ARG C 804 45.33 -86.17 65.17
CA ARG C 804 45.60 -87.42 65.88
C ARG C 804 44.32 -88.19 66.19
N VAL C 805 43.21 -87.49 66.41
CA VAL C 805 41.96 -88.12 66.83
C VAL C 805 41.02 -88.37 65.65
N MET C 806 41.52 -88.22 64.42
CA MET C 806 40.64 -88.38 63.26
C MET C 806 40.30 -89.85 62.99
N ILE C 807 41.08 -90.78 63.54
CA ILE C 807 40.82 -92.20 63.37
C ILE C 807 40.37 -92.83 64.68
N ALA C 808 39.75 -92.05 65.56
CA ALA C 808 39.25 -92.60 66.82
C ALA C 808 38.07 -93.53 66.56
N LYS C 809 37.73 -94.31 67.57
CA LYS C 809 36.60 -95.24 67.45
C LYS C 809 35.30 -94.47 67.28
N GLU C 810 35.14 -93.37 68.00
CA GLU C 810 33.86 -92.67 68.06
C GLU C 810 33.69 -91.61 66.97
N VAL C 811 34.72 -91.34 66.17
CA VAL C 811 34.57 -90.39 65.08
C VAL C 811 33.82 -91.05 63.92
N LYS C 812 33.01 -90.25 63.23
CA LYS C 812 32.16 -90.77 62.16
C LYS C 812 32.91 -91.00 60.86
N THR C 813 34.23 -90.81 60.83
CA THR C 813 35.01 -91.10 59.63
C THR C 813 34.82 -92.56 59.23
N SER C 814 34.70 -92.79 57.93
CA SER C 814 34.44 -94.13 57.43
C SER C 814 35.65 -95.03 57.69
N PRO C 815 35.44 -96.36 57.77
CA PRO C 815 36.59 -97.24 57.99
C PRO C 815 37.67 -97.12 56.91
N ASP C 816 37.27 -96.98 55.65
CA ASP C 816 38.26 -96.84 54.59
C ASP C 816 39.03 -95.52 54.73
N ALA C 817 38.33 -94.44 55.08
CA ALA C 817 39.00 -93.17 55.30
C ALA C 817 39.97 -93.26 56.48
N LYS C 818 39.59 -93.98 57.52
CA LYS C 818 40.51 -94.21 58.63
C LYS C 818 41.73 -95.00 58.18
N LYS C 819 41.52 -96.01 57.34
CA LYS C 819 42.66 -96.76 56.81
C LYS C 819 43.59 -95.86 56.00
N CYS C 820 43.02 -94.97 55.19
CA CYS C 820 43.84 -94.03 54.43
C CYS C 820 44.62 -93.10 55.35
N ILE C 821 43.96 -92.58 56.38
CA ILE C 821 44.61 -91.69 57.33
C ILE C 821 45.77 -92.39 58.02
N ALA C 822 45.55 -93.63 58.44
CA ALA C 822 46.64 -94.41 59.04
C ALA C 822 47.73 -94.70 58.02
N ALA C 823 47.37 -94.86 56.76
CA ALA C 823 48.36 -95.12 55.72
C ALA C 823 49.26 -93.92 55.50
N CYS C 824 48.74 -92.71 55.70
CA CYS C 824 49.60 -91.53 55.65
C CYS C 824 50.71 -91.64 56.67
N THR C 825 51.96 -91.70 56.18
CA THR C 825 53.10 -91.90 57.07
C THR C 825 53.55 -90.62 57.76
N GLY C 826 53.10 -89.46 57.30
CA GLY C 826 53.50 -88.21 57.91
C GLY C 826 54.89 -87.78 57.48
N VAL C 827 55.29 -86.62 57.99
CA VAL C 827 56.58 -86.03 57.65
C VAL C 827 57.06 -85.20 58.83
N PRO C 828 58.37 -85.15 59.14
CA PRO C 828 58.82 -84.31 60.25
C PRO C 828 58.51 -82.85 60.02
N ASP C 829 58.72 -82.05 61.07
CA ASP C 829 58.35 -80.65 61.04
C ASP C 829 59.17 -79.88 60.00
N ASP C 830 60.49 -80.12 59.95
CA ASP C 830 61.35 -79.32 59.09
C ASP C 830 61.01 -79.49 57.61
N LYS C 831 60.31 -80.56 57.24
CA LYS C 831 59.94 -80.82 55.86
C LYS C 831 58.45 -80.58 55.59
N TRP C 832 57.71 -80.01 56.54
CA TRP C 832 56.29 -79.79 56.30
C TRP C 832 56.05 -78.80 55.16
N GLU C 833 56.99 -77.88 54.93
CA GLU C 833 56.83 -76.89 53.89
C GLU C 833 56.75 -77.52 52.50
N GLN C 834 57.24 -78.75 52.34
CA GLN C 834 57.21 -79.42 51.05
C GLN C 834 55.86 -80.07 50.79
N THR C 835 54.79 -79.29 50.90
CA THR C 835 53.44 -79.76 50.62
C THR C 835 52.68 -78.87 49.66
N TYR C 836 53.11 -77.61 49.46
CA TYR C 836 52.51 -76.78 48.43
C TYR C 836 52.96 -77.18 47.04
N LYS C 837 54.10 -77.87 46.93
CA LYS C 837 54.65 -78.27 45.64
C LYS C 837 54.25 -79.69 45.27
N LYS C 838 54.54 -80.65 46.14
CA LYS C 838 54.28 -82.06 45.91
C LYS C 838 53.84 -82.72 47.20
N PRO C 839 53.12 -83.84 47.14
CA PRO C 839 52.78 -84.55 48.38
C PRO C 839 54.02 -85.06 49.10
N THR C 840 53.98 -84.97 50.43
CA THR C 840 55.01 -85.53 51.29
C THR C 840 54.34 -86.09 52.54
N GLY C 841 54.61 -87.36 52.83
CA GLY C 841 53.94 -88.03 53.93
C GLY C 841 52.51 -88.40 53.64
N GLY C 842 52.09 -88.34 52.38
CA GLY C 842 50.72 -88.60 52.00
C GLY C 842 49.78 -87.42 52.13
N ILE C 843 50.29 -86.24 52.47
CA ILE C 843 49.48 -85.03 52.65
C ILE C 843 50.04 -83.96 51.72
N VAL C 844 49.15 -83.27 51.02
CA VAL C 844 49.49 -82.19 50.11
C VAL C 844 48.57 -81.01 50.39
N THR C 845 49.03 -79.82 50.01
CA THR C 845 48.25 -78.61 50.18
C THR C 845 47.48 -78.29 48.90
N VAL C 846 46.22 -77.92 49.07
CA VAL C 846 45.38 -77.45 47.98
C VAL C 846 44.78 -76.11 48.40
N ARG C 847 44.08 -75.47 47.47
CA ARG C 847 43.50 -74.15 47.69
C ARG C 847 41.98 -74.26 47.76
N SER C 848 41.40 -73.52 48.71
CA SER C 848 39.96 -73.54 48.93
C SER C 848 39.25 -72.66 47.91
N GLU C 849 37.97 -72.41 48.13
CA GLU C 849 37.24 -71.51 47.24
C GLU C 849 37.76 -70.08 47.37
N MET C 850 38.05 -69.65 48.59
CA MET C 850 38.65 -68.35 48.83
C MET C 850 40.14 -68.31 48.51
N GLY C 851 40.74 -69.46 48.22
CA GLY C 851 42.17 -69.54 47.96
C GLY C 851 43.03 -69.83 49.17
N GLU C 852 42.43 -70.05 50.33
CA GLU C 852 43.21 -70.34 51.52
C GLU C 852 43.85 -71.72 51.39
N PRO C 853 45.05 -71.94 51.93
CA PRO C 853 45.62 -73.30 51.91
C PRO C 853 44.84 -74.25 52.81
N ILE C 854 44.75 -75.50 52.38
CA ILE C 854 44.18 -76.58 53.17
C ILE C 854 45.06 -77.81 52.96
N HIS C 855 45.45 -78.45 54.06
CA HIS C 855 46.17 -79.71 53.98
C HIS C 855 45.16 -80.85 53.85
N LYS C 856 45.36 -81.70 52.85
CA LYS C 856 44.49 -82.84 52.62
C LYS C 856 45.34 -84.05 52.29
N ILE C 857 44.77 -85.25 52.50
CA ILE C 857 45.49 -86.46 52.14
C ILE C 857 45.65 -86.50 50.62
N ALA C 858 46.81 -86.99 50.17
CA ALA C 858 47.14 -87.03 48.75
C ALA C 858 46.38 -88.18 48.09
N THR C 859 45.07 -87.99 47.99
CA THR C 859 44.18 -88.91 47.29
C THR C 859 44.15 -88.54 45.81
N ARG C 860 43.51 -89.40 45.01
CA ARG C 860 43.33 -89.07 43.60
C ARG C 860 42.46 -87.83 43.44
N GLY C 861 41.41 -87.71 44.24
CA GLY C 861 40.58 -86.52 44.19
C GLY C 861 41.34 -85.27 44.60
N VAL C 862 42.18 -85.37 45.64
CA VAL C 862 42.95 -84.22 46.08
C VAL C 862 44.00 -83.84 45.03
N MET C 863 44.59 -84.84 44.37
CA MET C 863 45.56 -84.54 43.33
C MET C 863 44.88 -83.89 42.13
N LEU C 864 43.65 -84.32 41.81
CA LEU C 864 42.88 -83.63 40.78
C LEU C 864 42.58 -82.19 41.20
N TRP C 865 42.23 -82.01 42.47
CA TRP C 865 42.03 -80.67 43.02
C TRP C 865 43.26 -79.81 42.81
N LYS C 866 44.43 -80.35 43.13
CA LYS C 866 45.67 -79.59 42.98
C LYS C 866 45.97 -79.30 41.52
N GLU C 867 45.75 -80.27 40.64
CA GLU C 867 46.00 -80.05 39.22
C GLU C 867 45.10 -78.97 38.66
N PHE C 868 43.82 -78.98 39.04
CA PHE C 868 42.92 -77.92 38.59
C PHE C 868 43.29 -76.58 39.23
N ASP C 869 43.79 -76.60 40.45
CA ASP C 869 44.25 -75.36 41.07
C ASP C 869 45.41 -74.76 40.29
N GLU C 870 46.32 -75.61 39.82
CA GLU C 870 47.53 -75.17 39.15
C GLU C 870 47.36 -74.96 37.64
N THR C 871 46.26 -75.41 37.05
CA THR C 871 46.08 -75.32 35.60
C THR C 871 44.79 -74.64 35.15
N ILE C 872 43.75 -74.57 35.97
CA ILE C 872 42.45 -74.07 35.55
C ILE C 872 42.00 -72.92 36.44
N PHE C 873 42.00 -73.14 37.75
CA PHE C 873 41.46 -72.14 38.66
C PHE C 873 42.37 -70.91 38.75
N ASN C 874 43.68 -71.10 38.55
CA ASN C 874 44.58 -69.96 38.61
C ASN C 874 44.44 -69.03 37.41
N LEU C 875 43.78 -69.48 36.34
CA LEU C 875 43.69 -68.67 35.14
C LEU C 875 42.75 -67.48 35.37
N PRO C 876 42.89 -66.42 34.58
CA PRO C 876 41.94 -65.31 34.69
C PRO C 876 40.56 -65.70 34.15
N LYS C 877 39.61 -64.79 34.37
CA LYS C 877 38.22 -65.09 34.01
C LYS C 877 38.07 -65.26 32.50
N ASN C 878 38.76 -64.42 31.71
CA ASN C 878 38.65 -64.54 30.26
C ASN C 878 39.26 -65.84 29.75
N LYS C 879 40.31 -66.32 30.41
CA LYS C 879 40.94 -67.57 30.02
C LYS C 879 40.22 -68.80 30.56
N LEU C 880 39.37 -68.65 31.58
CA LEU C 880 38.78 -69.81 32.22
C LEU C 880 37.86 -70.59 31.27
N VAL C 881 36.98 -69.89 30.56
CA VAL C 881 35.93 -70.55 29.78
C VAL C 881 36.52 -71.20 28.54
N PRO C 882 37.38 -70.53 27.75
CA PRO C 882 38.01 -71.25 26.64
C PRO C 882 38.82 -72.45 27.07
N THR C 883 39.49 -72.36 28.23
CA THR C 883 40.26 -73.50 28.71
C THR C 883 39.35 -74.66 29.05
N LEU C 884 38.21 -74.39 29.69
CA LEU C 884 37.26 -75.46 30.00
C LEU C 884 36.70 -76.07 28.72
N GLU C 885 36.41 -75.24 27.72
CA GLU C 885 35.95 -75.79 26.43
C GLU C 885 37.01 -76.69 25.81
N ALA C 886 38.27 -76.25 25.85
CA ALA C 886 39.33 -77.03 25.22
C ALA C 886 39.58 -78.34 25.95
N LYS C 887 39.57 -78.32 27.28
CA LYS C 887 39.87 -79.50 28.10
C LYS C 887 38.61 -80.13 28.67
N ARG C 888 37.48 -79.97 27.99
CA ARG C 888 36.23 -80.57 28.45
C ARG C 888 36.35 -82.08 28.62
N ASP C 889 36.92 -82.76 27.62
CA ASP C 889 36.97 -84.21 27.66
C ASP C 889 37.90 -84.70 28.78
N TYR C 890 39.07 -84.07 28.90
CA TYR C 890 40.00 -84.46 29.95
C TYR C 890 39.41 -84.20 31.33
N ILE C 891 38.76 -83.05 31.51
CA ILE C 891 38.15 -82.73 32.80
C ILE C 891 37.06 -83.73 33.13
N ILE C 892 36.24 -84.09 32.14
CA ILE C 892 35.15 -85.03 32.38
C ILE C 892 35.71 -86.38 32.78
N SER C 893 36.74 -86.86 32.05
CA SER C 893 37.32 -88.15 32.37
C SER C 893 37.91 -88.15 33.78
N ARG C 894 38.61 -87.07 34.14
CA ARG C 894 39.23 -87.01 35.46
C ARG C 894 38.18 -86.95 36.56
N LEU C 895 37.10 -86.18 36.34
CA LEU C 895 36.03 -86.13 37.34
C LEU C 895 35.38 -87.48 37.51
N ASN C 896 35.13 -88.19 36.40
CA ASN C 896 34.46 -89.48 36.48
C ASN C 896 35.36 -90.56 37.07
N ALA C 897 36.68 -90.41 36.92
CA ALA C 897 37.61 -91.44 37.37
C ALA C 897 38.14 -91.22 38.78
N ASP C 898 38.34 -89.98 39.21
CA ASP C 898 39.18 -89.69 40.35
C ASP C 898 38.58 -88.76 41.39
N PHE C 899 37.34 -88.27 41.20
CA PHE C 899 36.78 -87.23 42.05
C PHE C 899 35.45 -87.67 42.65
N GLN C 900 35.19 -87.16 43.85
CA GLN C 900 33.96 -87.44 44.59
C GLN C 900 32.71 -86.89 43.91
N LYS C 901 32.86 -85.88 43.06
CA LYS C 901 31.76 -85.29 42.31
C LYS C 901 31.94 -85.65 40.85
N PRO C 902 31.42 -86.79 40.39
CA PRO C 902 31.63 -87.17 38.99
C PRO C 902 30.91 -86.23 38.05
N TRP C 903 31.37 -86.22 36.81
CA TRP C 903 30.64 -85.53 35.75
C TRP C 903 29.25 -86.12 35.65
N PHE C 904 28.23 -85.27 35.78
CA PHE C 904 26.86 -85.76 35.88
C PHE C 904 26.44 -86.48 34.60
N ALA C 905 26.69 -85.87 33.44
CA ALA C 905 26.26 -86.43 32.17
C ALA C 905 27.19 -87.58 31.77
N THR C 906 27.01 -88.70 32.45
CA THR C 906 27.75 -89.93 32.17
C THR C 906 26.78 -91.09 32.25
N VAL C 907 26.49 -91.72 31.11
CA VAL C 907 25.55 -92.82 31.02
C VAL C 907 26.33 -94.06 30.59
N ASN C 908 26.26 -95.10 31.42
CA ASN C 908 26.97 -96.35 31.17
C ASN C 908 28.47 -96.13 31.06
N GLY C 909 28.99 -95.13 31.79
CA GLY C 909 30.40 -94.81 31.75
C GLY C 909 30.83 -94.02 30.54
N GLN C 910 29.90 -93.58 29.69
CA GLN C 910 30.20 -92.82 28.48
C GLN C 910 29.90 -91.36 28.74
N ALA C 911 30.90 -90.50 28.55
CA ALA C 911 30.72 -89.08 28.78
C ALA C 911 29.65 -88.52 27.84
N ARG C 912 28.76 -87.71 28.39
CA ARG C 912 27.66 -87.11 27.65
C ARG C 912 27.55 -85.66 28.09
N ASP C 913 26.45 -85.02 27.71
CA ASP C 913 26.10 -83.69 28.18
C ASP C 913 24.63 -83.70 28.59
N LEU C 914 24.26 -82.73 29.41
CA LEU C 914 22.86 -82.60 29.81
C LEU C 914 21.95 -82.48 28.60
N ALA C 915 22.45 -81.83 27.53
CA ALA C 915 21.68 -81.72 26.31
C ALA C 915 21.64 -83.01 25.51
N THR C 916 22.69 -83.83 25.60
CA THR C 916 22.75 -85.10 24.90
C THR C 916 22.32 -86.28 25.78
N MET C 917 21.63 -85.98 26.88
CA MET C 917 21.09 -86.98 27.79
C MET C 917 19.57 -86.93 27.75
N THR C 918 18.94 -88.09 27.92
CA THR C 918 17.49 -88.18 27.95
C THR C 918 16.96 -88.01 29.38
N TYR C 919 15.65 -87.76 29.47
CA TYR C 919 15.04 -87.54 30.78
C TYR C 919 15.15 -88.77 31.67
N GLU C 920 14.90 -89.96 31.11
CA GLU C 920 15.06 -91.17 31.89
C GLU C 920 16.49 -91.35 32.33
N GLU C 921 17.45 -91.06 31.45
CA GLU C 921 18.85 -91.15 31.82
C GLU C 921 19.20 -90.17 32.94
N VAL C 922 18.65 -88.96 32.87
CA VAL C 922 18.94 -87.97 33.90
C VAL C 922 18.35 -88.41 35.23
N ALA C 923 17.11 -88.91 35.22
CA ALA C 923 16.49 -89.38 36.46
C ALA C 923 17.26 -90.55 37.04
N LYS C 924 17.66 -91.50 36.20
CA LYS C 924 18.43 -92.65 36.68
C LYS C 924 19.77 -92.21 37.25
N ARG C 925 20.43 -91.26 36.59
CA ARG C 925 21.70 -90.75 37.10
C ARG C 925 21.51 -90.05 38.44
N LEU C 926 20.43 -89.27 38.58
CA LEU C 926 20.16 -88.63 39.85
C LEU C 926 19.95 -89.67 40.95
N VAL C 927 19.16 -90.71 40.67
CA VAL C 927 18.95 -91.75 41.68
C VAL C 927 20.26 -92.43 42.02
N GLU C 928 21.08 -92.71 41.00
CA GLU C 928 22.36 -93.38 41.24
C GLU C 928 23.26 -92.54 42.13
N LEU C 929 23.33 -91.23 41.89
CA LEU C 929 24.27 -90.37 42.60
C LEU C 929 23.73 -89.81 43.90
N MET C 930 22.42 -89.92 44.18
CA MET C 930 21.84 -89.32 45.36
C MET C 930 21.22 -90.34 46.31
N PHE C 931 20.65 -91.43 45.78
CA PHE C 931 20.01 -92.44 46.59
C PHE C 931 21.01 -93.56 46.89
N ILE C 932 21.12 -93.91 48.17
CA ILE C 932 22.08 -94.90 48.63
C ILE C 932 21.38 -96.25 48.70
N ARG C 933 21.91 -97.22 47.94
CA ARG C 933 21.29 -98.54 47.90
C ARG C 933 21.54 -99.31 49.19
N SER C 934 22.72 -99.14 49.80
CA SER C 934 23.02 -99.88 51.02
C SER C 934 22.07 -99.51 52.15
N THR C 935 21.80 -98.23 52.34
CA THR C 935 20.83 -97.78 53.33
C THR C 935 19.40 -97.79 52.83
N ASN C 936 19.19 -97.97 51.53
CA ASN C 936 17.85 -98.02 50.93
C ASN C 936 17.08 -96.74 51.21
N SER C 937 17.78 -95.60 51.25
CA SER C 937 17.13 -94.32 51.50
C SER C 937 17.97 -93.22 50.86
N TRP C 938 17.31 -92.10 50.58
CA TRP C 938 18.00 -90.94 50.04
C TRP C 938 19.00 -90.42 51.06
N PHE C 939 20.16 -89.99 50.58
CA PHE C 939 21.17 -89.45 51.49
C PHE C 939 20.68 -88.16 52.13
N ASP C 940 19.95 -87.33 51.38
CA ASP C 940 19.44 -86.06 51.90
C ASP C 940 18.03 -85.82 51.38
N VAL C 941 17.19 -85.26 52.26
CA VAL C 941 15.83 -84.91 51.89
C VAL C 941 15.83 -83.83 50.82
N THR C 942 16.79 -82.91 50.86
CA THR C 942 16.89 -81.90 49.81
C THR C 942 17.19 -82.57 48.47
N TRP C 943 18.02 -83.61 48.47
CA TRP C 943 18.29 -84.34 47.24
C TRP C 943 17.06 -85.08 46.74
N ARG C 944 16.29 -85.68 47.66
CA ARG C 944 15.03 -86.30 47.26
C ARG C 944 14.11 -85.27 46.64
N THR C 945 14.04 -84.07 47.23
CA THR C 945 13.23 -83.00 46.66
C THR C 945 13.73 -82.59 45.29
N PHE C 946 15.05 -82.55 45.11
CA PHE C 946 15.64 -82.26 43.81
C PHE C 946 15.14 -83.25 42.77
N THR C 947 15.27 -84.54 43.06
CA THR C 947 14.88 -85.55 42.09
C THR C 947 13.37 -85.52 41.83
N GLY C 948 12.57 -85.30 42.88
CA GLY C 948 11.14 -85.23 42.70
C GLY C 948 10.71 -84.02 41.88
N ASP C 949 11.38 -82.89 42.08
CA ASP C 949 11.10 -81.71 41.27
C ASP C 949 11.47 -81.95 39.81
N PHE C 950 12.59 -82.64 39.57
CA PHE C 950 12.93 -82.98 38.20
C PHE C 950 11.88 -83.87 37.57
N LEU C 951 11.39 -84.87 38.32
CA LEU C 951 10.35 -85.75 37.78
C LEU C 951 9.06 -84.98 37.53
N ARG C 952 8.72 -84.05 38.43
CA ARG C 952 7.54 -83.22 38.21
C ARG C 952 7.70 -82.38 36.94
N ARG C 953 8.90 -81.86 36.71
CA ARG C 953 9.15 -81.11 35.49
C ARG C 953 9.03 -82.00 34.26
N VAL C 954 9.51 -83.24 34.35
CA VAL C 954 9.35 -84.18 33.24
C VAL C 954 7.88 -84.41 32.93
N GLU C 955 7.09 -84.62 33.99
CA GLU C 955 5.65 -84.83 33.82
C GLU C 955 5.00 -83.60 33.19
N GLU C 956 5.39 -82.40 33.64
CA GLU C 956 4.88 -81.18 33.04
C GLU C 956 5.24 -81.09 31.56
N ARG C 957 6.48 -81.45 31.22
CA ARG C 957 6.93 -81.34 29.84
C ARG C 957 6.18 -82.30 28.93
N PHE C 958 5.94 -83.54 29.40
CA PHE C 958 5.43 -84.60 28.54
C PHE C 958 3.95 -84.89 28.75
N THR C 959 3.26 -84.14 29.60
CA THR C 959 1.81 -84.24 29.73
C THR C 959 1.15 -83.32 28.70
N LYS C 960 0.08 -83.80 28.09
CA LYS C 960 -0.60 -83.06 27.04
C LYS C 960 -1.71 -82.15 27.55
N SER C 961 -2.08 -82.25 28.81
CA SER C 961 -3.24 -81.52 29.32
C SER C 961 -3.25 -81.64 30.84
N LYS C 962 -4.33 -81.17 31.45
CA LYS C 962 -4.51 -81.29 32.89
C LYS C 962 -4.43 -82.75 33.33
N THR C 963 -3.69 -83.02 34.39
CA THR C 963 -3.68 -84.35 34.98
C THR C 963 -3.10 -84.26 36.38
N LEU C 964 -3.53 -85.20 37.22
CA LEU C 964 -2.95 -85.31 38.56
C LEU C 964 -1.48 -85.65 38.46
N SER C 965 -0.69 -85.09 39.39
CA SER C 965 0.73 -85.39 39.41
C SER C 965 0.94 -86.87 39.63
N LEU C 966 1.91 -87.43 38.90
CA LEU C 966 2.23 -88.85 39.02
C LEU C 966 3.02 -89.14 40.30
N ILE C 967 3.54 -88.11 40.96
CA ILE C 967 4.21 -88.21 42.25
C ILE C 967 3.57 -87.16 43.15
N GLN C 968 2.56 -87.56 43.93
CA GLN C 968 1.86 -86.60 44.78
C GLN C 968 2.72 -86.19 45.96
N SER C 969 3.44 -87.12 46.57
CA SER C 969 4.31 -86.84 47.69
C SER C 969 5.71 -87.38 47.41
N TYR C 970 6.72 -86.64 47.86
CA TYR C 970 8.10 -87.07 47.68
C TYR C 970 8.43 -88.33 48.46
N SER C 971 7.63 -88.67 49.48
CA SER C 971 7.85 -89.91 50.22
C SER C 971 7.74 -91.13 49.32
N LEU C 972 7.03 -91.03 48.19
CA LEU C 972 6.95 -92.13 47.25
C LEU C 972 8.31 -92.45 46.63
N LEU C 973 9.25 -91.51 46.68
CA LEU C 973 10.57 -91.73 46.11
C LEU C 973 11.46 -92.62 46.96
N ASP C 974 10.96 -93.13 48.10
CA ASP C 974 11.75 -94.08 48.88
C ASP C 974 12.04 -95.34 48.07
N LYS C 975 11.21 -95.63 47.07
CA LYS C 975 11.48 -96.67 46.08
C LYS C 975 11.70 -95.96 44.74
N PRO C 976 12.85 -95.32 44.56
CA PRO C 976 13.04 -94.47 43.37
C PRO C 976 12.98 -95.24 42.07
N ASP C 977 13.42 -96.49 42.04
CA ASP C 977 13.31 -97.27 40.82
C ASP C 977 11.85 -97.43 40.42
N GLU C 978 10.99 -97.76 41.39
CA GLU C 978 9.56 -97.89 41.10
C GLU C 978 8.96 -96.55 40.69
N ALA C 979 9.34 -95.47 41.35
CA ALA C 979 8.80 -94.16 40.98
C ALA C 979 9.20 -93.78 39.56
N ILE C 980 10.46 -93.98 39.20
CA ILE C 980 10.94 -93.68 37.85
C ILE C 980 10.21 -94.56 36.84
N GLU C 981 10.08 -95.85 37.14
CA GLU C 981 9.37 -96.75 36.24
C GLU C 981 7.95 -96.26 36.01
N LYS C 982 7.26 -95.86 37.07
CA LYS C 982 5.85 -95.53 36.95
C LYS C 982 5.67 -94.22 36.19
N VAL C 983 6.50 -93.22 36.49
CA VAL C 983 6.36 -91.93 35.82
C VAL C 983 6.75 -92.03 34.34
N PHE C 984 7.82 -92.77 34.03
CA PHE C 984 8.23 -92.90 32.64
C PHE C 984 7.43 -93.95 31.89
N ASN C 985 6.60 -94.73 32.58
CA ASN C 985 5.55 -95.47 31.90
C ASN C 985 4.35 -94.60 31.60
N ALA C 986 4.04 -93.66 32.50
CA ALA C 986 2.99 -92.69 32.22
C ALA C 986 3.36 -91.79 31.04
N TYR C 987 4.66 -91.48 30.90
CA TYR C 987 5.16 -90.64 29.81
C TYR C 987 6.30 -91.37 29.10
N PRO C 988 5.98 -92.40 28.31
CA PRO C 988 7.05 -93.18 27.66
C PRO C 988 7.86 -92.38 26.65
N ALA C 989 7.33 -91.27 26.14
CA ALA C 989 8.06 -90.49 25.16
C ALA C 989 9.35 -89.93 25.72
N ALA C 990 9.43 -89.73 27.03
CA ALA C 990 10.60 -89.14 27.66
C ALA C 990 11.77 -90.11 27.77
N ARG C 991 11.55 -91.40 27.57
CA ARG C 991 12.64 -92.37 27.65
C ARG C 991 13.66 -92.24 26.53
N GLU C 992 13.25 -91.75 25.37
CA GLU C 992 14.08 -91.64 24.18
C GLU C 992 14.03 -90.22 23.63
N GLN C 993 14.27 -89.25 24.49
CA GLN C 993 14.06 -87.84 24.17
C GLN C 993 15.07 -87.01 24.95
N PHE C 994 15.99 -86.37 24.23
CA PHE C 994 17.00 -85.56 24.89
C PHE C 994 16.35 -84.45 25.69
N LEU C 995 17.07 -83.97 26.71
CA LEU C 995 16.54 -82.92 27.56
C LEU C 995 16.26 -81.66 26.77
N ASN C 996 15.07 -81.10 26.97
CA ASN C 996 14.76 -79.79 26.42
C ASN C 996 15.72 -78.77 27.01
N ALA C 997 16.07 -77.76 26.20
CA ALA C 997 17.03 -76.76 26.65
C ALA C 997 16.49 -75.97 27.84
N GLN C 998 15.19 -75.69 27.83
CA GLN C 998 14.57 -75.08 29.01
C GLN C 998 14.74 -75.96 30.23
N ASP C 999 14.59 -77.27 30.05
CA ASP C 999 14.74 -78.20 31.17
C ASP C 999 16.19 -78.25 31.65
N ILE C 1000 17.15 -78.10 30.73
CA ILE C 1000 18.56 -78.03 31.13
C ILE C 1000 18.80 -76.80 31.99
N ASP C 1001 18.26 -75.66 31.56
CA ASP C 1001 18.43 -74.43 32.33
C ASP C 1001 17.77 -74.57 33.70
N HIS C 1002 16.58 -75.18 33.75
CA HIS C 1002 15.92 -75.41 35.04
C HIS C 1002 16.75 -76.34 35.93
N PHE C 1003 17.33 -77.39 35.33
CA PHE C 1003 18.17 -78.31 36.08
C PHE C 1003 19.37 -77.59 36.68
N LEU C 1004 20.00 -76.72 35.90
CA LEU C 1004 21.14 -75.95 36.42
C LEU C 1004 20.70 -74.99 37.51
N SER C 1005 19.56 -74.33 37.33
CA SER C 1005 19.08 -73.39 38.34
C SER C 1005 18.81 -74.10 39.66
N MET C 1006 18.12 -75.24 39.61
CA MET C 1006 17.80 -75.96 40.83
C MET C 1006 18.98 -76.79 41.34
N CYS C 1007 20.07 -76.88 40.56
CA CYS C 1007 21.35 -77.26 41.13
C CYS C 1007 21.98 -76.11 41.90
N GLN C 1008 21.76 -74.88 41.45
CA GLN C 1008 22.23 -73.67 42.12
C GLN C 1008 21.31 -73.22 43.26
N ASN C 1009 20.20 -73.92 43.48
CA ASN C 1009 19.27 -73.53 44.54
C ASN C 1009 19.99 -73.43 45.89
N PRO C 1010 19.92 -72.29 46.59
CA PRO C 1010 20.68 -72.21 47.86
C PRO C 1010 20.07 -73.06 48.97
N MET C 1011 18.75 -73.10 49.07
CA MET C 1011 18.08 -73.88 50.12
C MET C 1011 18.04 -75.34 49.71
N GLN C 1012 19.24 -75.92 49.63
CA GLN C 1012 19.43 -77.27 49.13
C GLN C 1012 20.87 -77.68 49.37
N LYS C 1013 21.07 -78.95 49.69
CA LYS C 1013 22.44 -79.44 49.82
C LYS C 1013 23.11 -79.40 48.45
N PRO C 1014 24.36 -78.93 48.34
CA PRO C 1014 25.02 -78.91 47.03
C PRO C 1014 25.07 -80.29 46.40
N VAL C 1015 24.77 -80.34 45.11
CA VAL C 1015 24.61 -81.63 44.43
C VAL C 1015 25.95 -82.35 44.37
N PRO C 1016 25.99 -83.70 44.43
CA PRO C 1016 27.26 -84.43 44.42
C PRO C 1016 27.78 -84.73 43.02
N PHE C 1017 27.77 -83.72 42.16
CA PHE C 1017 28.28 -83.88 40.80
C PHE C 1017 28.48 -82.50 40.19
N VAL C 1018 29.17 -82.48 39.05
CA VAL C 1018 29.37 -81.27 38.27
C VAL C 1018 28.36 -81.30 37.11
N PRO C 1019 27.37 -80.41 37.08
CA PRO C 1019 26.40 -80.47 35.98
C PRO C 1019 26.93 -79.92 34.67
N VAL C 1020 27.73 -78.86 34.71
CA VAL C 1020 28.24 -78.24 33.50
C VAL C 1020 29.57 -77.55 33.80
N LEU C 1021 30.43 -77.45 32.79
CA LEU C 1021 31.72 -76.78 32.91
C LEU C 1021 31.59 -75.35 32.40
N ASP C 1022 31.61 -74.39 33.33
CA ASP C 1022 31.50 -72.98 32.98
C ASP C 1022 32.21 -72.17 34.05
N ARG C 1023 31.93 -70.86 34.09
CA ARG C 1023 32.58 -69.97 35.04
C ARG C 1023 32.37 -70.42 36.49
N ARG C 1024 31.27 -71.12 36.76
CA ARG C 1024 30.95 -71.60 38.10
C ARG C 1024 31.49 -73.01 38.35
N PHE C 1025 32.37 -73.49 37.47
CA PHE C 1025 32.92 -74.83 37.62
C PHE C 1025 33.73 -74.95 38.90
N GLU C 1026 34.46 -73.89 39.28
CA GLU C 1026 35.21 -73.94 40.53
C GLU C 1026 34.28 -74.10 41.71
N ILE C 1027 33.15 -73.38 41.69
CA ILE C 1027 32.17 -73.50 42.77
C ILE C 1027 31.64 -74.93 42.85
N PHE C 1028 31.21 -75.48 41.71
CA PHE C 1028 30.68 -76.84 41.71
C PHE C 1028 31.74 -77.85 42.15
N PHE C 1029 33.00 -77.60 41.78
CA PHE C 1029 34.06 -78.55 42.06
C PHE C 1029 34.46 -78.54 43.53
N LYS C 1030 34.51 -77.36 44.13
CA LYS C 1030 35.08 -77.23 45.47
C LYS C 1030 34.04 -77.23 46.58
N LYS C 1031 32.83 -76.74 46.33
CA LYS C 1031 31.86 -76.59 47.40
C LYS C 1031 31.39 -77.95 47.91
N ASP C 1032 31.24 -78.04 49.23
CA ASP C 1032 30.70 -79.24 49.89
C ASP C 1032 31.62 -80.45 49.65
N SER C 1033 32.88 -80.31 50.05
CA SER C 1033 33.91 -81.32 49.80
C SER C 1033 34.33 -82.05 51.07
N LEU C 1034 33.65 -81.85 52.19
CA LEU C 1034 34.08 -82.37 53.49
C LEU C 1034 33.29 -83.58 53.96
N TRP C 1035 31.97 -83.58 53.79
CA TRP C 1035 31.14 -84.67 54.30
C TRP C 1035 31.43 -86.01 53.64
N GLN C 1036 32.02 -85.99 52.44
CA GLN C 1036 32.28 -87.24 51.73
C GLN C 1036 33.25 -88.14 52.47
N SER C 1037 34.14 -87.56 53.29
CA SER C 1037 35.08 -88.37 54.06
C SER C 1037 34.35 -89.30 55.02
N GLU C 1038 33.34 -88.78 55.72
CA GLU C 1038 32.59 -89.56 56.70
C GLU C 1038 31.39 -90.28 56.09
N HIS C 1039 31.04 -89.98 54.84
CA HIS C 1039 29.89 -90.60 54.19
C HIS C 1039 30.29 -91.24 52.87
N LEU C 1040 31.31 -92.12 52.92
CA LEU C 1040 31.78 -92.80 51.72
C LEU C 1040 30.68 -93.63 51.06
N GLU C 1041 29.64 -94.02 51.80
CA GLU C 1041 28.54 -94.76 51.19
C GLU C 1041 27.84 -93.97 50.09
N ALA C 1042 27.97 -92.64 50.10
CA ALA C 1042 27.40 -91.77 49.08
C ALA C 1042 28.43 -91.35 48.04
N VAL C 1043 29.36 -92.25 47.70
CA VAL C 1043 30.40 -92.00 46.72
C VAL C 1043 30.27 -93.06 45.62
N VAL C 1044 30.82 -92.76 44.45
CA VAL C 1044 30.55 -93.57 43.26
C VAL C 1044 30.96 -95.02 43.49
N ASP C 1045 32.19 -95.24 43.98
CA ASP C 1045 32.69 -96.58 44.25
C ASP C 1045 33.00 -96.78 45.73
N GLN C 1046 32.50 -95.90 46.59
CA GLN C 1046 32.81 -95.93 48.02
C GLN C 1046 34.32 -95.90 48.24
N ASP C 1047 35.00 -95.14 47.39
CA ASP C 1047 36.45 -95.10 47.35
C ASP C 1047 36.96 -93.82 48.00
N VAL C 1048 37.92 -93.96 48.92
CA VAL C 1048 38.51 -92.79 49.56
C VAL C 1048 39.26 -91.94 48.55
N GLN C 1049 39.84 -92.58 47.52
CA GLN C 1049 40.68 -91.85 46.58
C GLN C 1049 39.88 -90.76 45.86
N ARG C 1050 38.56 -90.95 45.74
CA ARG C 1050 37.72 -89.91 45.16
C ARG C 1050 37.52 -88.76 46.15
N THR C 1051 37.37 -89.07 47.43
CA THR C 1051 37.10 -88.06 48.44
C THR C 1051 38.40 -87.42 48.92
N CYS C 1052 38.26 -86.25 49.55
CA CYS C 1052 39.37 -85.51 50.09
C CYS C 1052 39.25 -85.41 51.60
N ILE C 1053 40.30 -85.83 52.31
CA ILE C 1053 40.30 -85.90 53.76
C ILE C 1053 41.34 -84.92 54.27
N LEU C 1054 40.91 -84.00 55.13
CA LEU C 1054 41.82 -83.02 55.70
C LEU C 1054 42.67 -83.69 56.77
N HIS C 1055 43.97 -83.42 56.76
CA HIS C 1055 44.88 -84.03 57.71
C HIS C 1055 46.13 -83.18 57.84
N GLY C 1056 46.89 -83.43 58.91
CA GLY C 1056 48.09 -82.68 59.18
C GLY C 1056 49.34 -83.44 58.78
N PRO C 1057 50.21 -82.85 57.94
CA PRO C 1057 51.42 -83.60 57.52
C PRO C 1057 52.32 -83.99 58.67
N VAL C 1058 52.45 -83.15 59.69
CA VAL C 1058 53.31 -83.45 60.83
C VAL C 1058 52.59 -84.33 61.86
N ALA C 1059 51.30 -84.07 62.08
CA ALA C 1059 50.54 -84.87 63.03
C ALA C 1059 50.27 -86.28 62.52
N ALA C 1060 50.41 -86.52 61.22
CA ALA C 1060 50.19 -87.85 60.68
C ALA C 1060 51.25 -88.85 61.09
N GLN C 1061 52.39 -88.39 61.62
CA GLN C 1061 53.44 -89.31 62.05
C GLN C 1061 52.98 -90.21 63.19
N PHE C 1062 52.09 -89.72 64.06
CA PHE C 1062 51.64 -90.45 65.23
C PHE C 1062 50.26 -91.07 65.04
N THR C 1063 49.69 -90.98 63.85
CA THR C 1063 48.35 -91.47 63.56
C THR C 1063 48.48 -92.84 62.89
N LYS C 1064 48.66 -93.86 63.70
CA LYS C 1064 48.92 -95.22 63.22
C LYS C 1064 47.80 -96.19 63.56
N VAL C 1065 47.45 -96.33 64.83
CA VAL C 1065 46.52 -97.38 65.25
C VAL C 1065 45.11 -96.90 64.97
N ILE C 1066 44.32 -97.74 64.30
CA ILE C 1066 42.97 -97.39 63.86
C ILE C 1066 41.97 -97.84 64.90
N ASP C 1067 40.88 -97.07 65.03
CA ASP C 1067 39.76 -97.40 65.90
C ASP C 1067 40.16 -97.46 67.37
N GLU C 1068 41.17 -96.68 67.77
CA GLU C 1068 41.47 -96.48 69.17
C GLU C 1068 40.54 -95.43 69.74
N PRO C 1069 39.78 -95.71 70.80
CA PRO C 1069 38.81 -94.72 71.26
C PRO C 1069 39.49 -93.46 71.76
N ILE C 1070 38.77 -92.34 71.64
CA ILE C 1070 39.32 -91.05 72.07
C ILE C 1070 39.68 -91.12 73.55
N LYS C 1071 38.86 -91.83 74.34
CA LYS C 1071 39.20 -92.03 75.74
C LYS C 1071 40.59 -92.63 75.88
N SER C 1072 40.87 -93.70 75.14
CA SER C 1072 42.18 -94.34 75.24
C SER C 1072 43.29 -93.43 74.76
N ILE C 1073 43.09 -92.71 73.65
CA ILE C 1073 44.16 -91.88 73.10
C ILE C 1073 44.52 -90.77 74.07
N MET C 1074 43.52 -90.03 74.54
CA MET C 1074 43.80 -88.90 75.42
C MET C 1074 44.26 -89.37 76.80
N ASP C 1075 43.73 -90.49 77.29
CA ASP C 1075 44.26 -91.04 78.53
C ASP C 1075 45.71 -91.45 78.39
N GLY C 1076 46.08 -92.03 77.24
CA GLY C 1076 47.47 -92.39 77.02
C GLY C 1076 48.38 -91.16 77.02
N ILE C 1077 47.96 -90.10 76.34
CA ILE C 1077 48.77 -88.88 76.32
C ILE C 1077 48.89 -88.30 77.72
N HIS C 1078 47.77 -88.25 78.46
CA HIS C 1078 47.78 -87.68 79.80
C HIS C 1078 48.65 -88.49 80.74
N ASP C 1079 48.56 -89.83 80.67
CA ASP C 1079 49.38 -90.66 81.54
C ASP C 1079 50.85 -90.58 81.15
N GLY C 1080 51.16 -90.41 79.87
CA GLY C 1080 52.54 -90.18 79.49
C GLY C 1080 53.08 -88.91 80.09
N HIS C 1081 52.31 -87.82 79.99
CA HIS C 1081 52.74 -86.57 80.62
C HIS C 1081 52.90 -86.73 82.12
N ILE C 1082 51.95 -87.42 82.77
CA ILE C 1082 52.01 -87.59 84.22
C ILE C 1082 53.24 -88.41 84.60
N LYS C 1083 53.51 -89.49 83.88
CA LYS C 1083 54.66 -90.32 84.21
C LYS C 1083 55.97 -89.56 84.03
N LYS C 1084 56.08 -88.80 82.93
CA LYS C 1084 57.31 -88.05 82.71
C LYS C 1084 57.49 -86.96 83.76
N LEU C 1085 56.42 -86.24 84.10
CA LEU C 1085 56.51 -85.22 85.14
C LEU C 1085 56.86 -85.84 86.49
N LEU C 1086 56.27 -87.00 86.80
CA LEU C 1086 56.56 -87.66 88.06
C LEU C 1086 58.02 -88.10 88.13
N HIS C 1087 58.54 -88.65 87.03
CA HIS C 1087 59.94 -89.06 86.99
C HIS C 1087 60.86 -87.86 87.15
N GLN C 1088 60.54 -86.75 86.49
CA GLN C 1088 61.48 -85.64 86.42
C GLN C 1088 61.42 -84.76 87.66
N TYR C 1089 60.25 -84.19 87.97
CA TYR C 1089 60.15 -83.19 89.04
C TYR C 1089 59.46 -83.71 90.30
N TYR C 1090 59.27 -85.03 90.44
CA TYR C 1090 58.75 -85.58 91.69
C TYR C 1090 59.55 -86.82 92.12
N GLY C 1091 60.24 -87.46 91.18
CA GLY C 1091 61.09 -88.58 91.52
C GLY C 1091 60.34 -89.91 91.60
N ASP C 1092 59.32 -90.07 90.77
CA ASP C 1092 58.53 -91.30 90.70
C ASP C 1092 57.92 -91.62 92.07
N ASP C 1093 57.17 -90.65 92.59
CA ASP C 1093 56.53 -90.79 93.89
C ASP C 1093 55.25 -89.98 93.87
N GLU C 1094 54.11 -90.67 93.81
CA GLU C 1094 52.82 -89.97 93.75
C GLU C 1094 52.49 -89.28 95.06
N SER C 1095 53.10 -89.69 96.17
CA SER C 1095 52.83 -89.03 97.45
C SER C 1095 53.31 -87.58 97.43
N LYS C 1096 54.29 -87.26 96.60
CA LYS C 1096 54.76 -85.88 96.48
C LYS C 1096 53.73 -84.98 95.81
N ILE C 1097 52.74 -85.54 95.15
CA ILE C 1097 51.75 -84.72 94.44
C ILE C 1097 50.84 -84.04 95.45
N PRO C 1098 50.67 -82.72 95.41
CA PRO C 1098 49.68 -82.08 96.30
C PRO C 1098 48.28 -82.57 96.01
N ALA C 1099 47.45 -82.62 97.06
CA ALA C 1099 46.08 -83.07 96.98
C ALA C 1099 45.14 -81.94 97.36
N VAL C 1100 44.05 -81.80 96.59
CA VAL C 1100 42.99 -80.83 96.87
C VAL C 1100 41.67 -81.57 96.81
N GLU C 1101 40.65 -80.99 97.44
CA GLU C 1101 39.34 -81.63 97.44
C GLU C 1101 38.76 -81.71 96.03
N TYR C 1102 38.90 -80.63 95.26
CA TYR C 1102 38.49 -80.61 93.86
C TYR C 1102 39.45 -79.74 93.07
N PHE C 1103 39.70 -80.11 91.82
CA PHE C 1103 40.66 -79.42 90.95
C PHE C 1103 39.91 -78.78 89.80
N GLY C 1104 39.84 -77.46 89.82
CA GLY C 1104 39.19 -76.72 88.75
C GLY C 1104 38.64 -75.41 89.26
N GLY C 1105 38.21 -74.58 88.31
CA GLY C 1105 37.57 -73.32 88.63
C GLY C 1105 38.50 -72.21 89.03
N GLU C 1106 39.82 -72.43 88.97
CA GLU C 1106 40.79 -71.41 89.36
C GLU C 1106 41.07 -70.51 88.16
N SER C 1107 40.69 -69.24 88.29
CA SER C 1107 40.88 -68.31 87.19
C SER C 1107 42.38 -68.10 86.94
N PRO C 1108 42.81 -67.92 85.69
CA PRO C 1108 44.24 -67.69 85.44
C PRO C 1108 44.75 -66.39 86.03
N VAL C 1109 43.88 -65.43 86.32
CA VAL C 1109 44.30 -64.14 86.86
C VAL C 1109 44.44 -64.25 88.37
N GLU C 1122 41.33 -68.99 110.06
CA GLU C 1122 40.62 -68.68 111.30
C GLU C 1122 39.45 -69.63 111.50
N ASP C 1123 39.46 -70.35 112.62
CA ASP C 1123 38.39 -71.30 112.89
C ASP C 1123 37.06 -70.59 113.08
N SER C 1124 37.05 -69.48 113.82
CA SER C 1124 35.85 -68.72 114.09
C SER C 1124 36.07 -67.30 113.60
N ALA C 1125 35.36 -66.91 112.53
CA ALA C 1125 35.56 -65.63 111.88
C ALA C 1125 34.23 -64.89 111.77
N VAL C 1126 34.30 -63.56 111.83
CA VAL C 1126 33.15 -62.69 111.65
C VAL C 1126 33.51 -61.65 110.61
N PHE C 1127 32.75 -61.61 109.53
CA PHE C 1127 32.95 -60.66 108.44
C PHE C 1127 31.74 -59.76 108.35
N LYS C 1128 31.98 -58.49 108.01
CA LYS C 1128 30.91 -57.51 107.85
C LYS C 1128 31.03 -56.85 106.48
N ALA C 1129 29.90 -56.74 105.78
CA ALA C 1129 29.86 -56.16 104.45
C ALA C 1129 29.40 -54.72 104.55
N THR C 1130 30.10 -53.83 103.86
CA THR C 1130 29.79 -52.41 103.80
C THR C 1130 29.49 -52.02 102.36
N SER C 1131 29.15 -50.75 102.16
CA SER C 1131 28.87 -50.26 100.82
C SER C 1131 30.11 -50.30 99.95
N SER C 1132 31.27 -49.97 100.51
CA SER C 1132 32.52 -49.88 99.76
C SER C 1132 33.30 -51.18 99.75
N THR C 1133 32.82 -52.23 100.41
CA THR C 1133 33.56 -53.49 100.45
C THR C 1133 33.69 -54.08 99.05
N ASP C 1134 34.86 -54.61 98.74
CA ASP C 1134 35.11 -55.20 97.44
C ASP C 1134 34.51 -56.60 97.39
N GLU C 1135 33.70 -56.86 96.37
CA GLU C 1135 32.97 -58.12 96.30
C GLU C 1135 33.90 -59.31 96.15
N GLU C 1136 34.93 -59.18 95.31
CA GLU C 1136 35.85 -60.29 95.10
C GLU C 1136 36.60 -60.63 96.39
N SER C 1137 37.08 -59.61 97.10
CA SER C 1137 37.77 -59.86 98.36
C SER C 1137 36.82 -60.46 99.39
N TRP C 1138 35.57 -59.98 99.41
CA TRP C 1138 34.56 -60.53 100.32
C TRP C 1138 34.35 -62.02 100.06
N PHE C 1139 34.20 -62.39 98.79
CA PHE C 1139 33.96 -63.79 98.46
C PHE C 1139 35.20 -64.65 98.74
N LYS C 1140 36.40 -64.12 98.47
CA LYS C 1140 37.61 -64.85 98.81
C LYS C 1140 37.70 -65.10 100.31
N ALA C 1141 37.40 -64.07 101.11
CA ALA C 1141 37.45 -64.23 102.56
C ALA C 1141 36.43 -65.25 103.04
N LEU C 1142 35.22 -65.21 102.50
CA LEU C 1142 34.22 -66.20 102.89
C LEU C 1142 34.63 -67.60 102.47
N ALA C 1143 35.23 -67.74 101.28
CA ALA C 1143 35.64 -69.05 100.79
C ALA C 1143 36.75 -69.63 101.67
N GLY C 1144 37.73 -68.81 102.04
CA GLY C 1144 38.85 -69.28 102.83
C GLY C 1144 39.97 -69.84 101.96
N SER C 1145 41.05 -70.23 102.65
CA SER C 1145 42.24 -70.70 101.95
C SER C 1145 42.10 -72.14 101.49
N GLU C 1146 41.60 -73.02 102.35
CA GLU C 1146 41.53 -74.43 102.02
C GLU C 1146 40.51 -74.67 100.91
N ILE C 1147 40.84 -75.60 100.01
CA ILE C 1147 39.93 -75.97 98.92
C ILE C 1147 38.93 -76.98 99.49
N ASN C 1148 37.65 -76.64 99.43
CA ASN C 1148 36.61 -77.48 100.00
C ASN C 1148 35.25 -77.02 99.46
N TRP C 1149 34.18 -77.58 100.05
CA TRP C 1149 32.83 -77.22 99.61
C TRP C 1149 32.57 -75.74 99.82
N ARG C 1150 33.09 -75.16 100.90
CA ARG C 1150 32.93 -73.73 101.13
C ARG C 1150 33.64 -72.93 100.03
N HIS C 1151 34.83 -73.37 99.64
CA HIS C 1151 35.55 -72.74 98.55
C HIS C 1151 34.74 -72.78 97.27
N ALA C 1152 34.20 -73.94 96.93
CA ALA C 1152 33.38 -74.06 95.72
C ALA C 1152 32.14 -73.19 95.82
N SER C 1153 31.48 -73.18 96.98
CA SER C 1153 30.25 -72.42 97.14
C SER C 1153 30.48 -70.93 96.94
N PHE C 1154 31.58 -70.41 97.48
CA PHE C 1154 31.82 -68.98 97.48
C PHE C 1154 32.74 -68.50 96.37
N LEU C 1155 33.20 -69.38 95.48
CA LEU C 1155 34.03 -68.95 94.36
C LEU C 1155 33.58 -69.52 93.02
N CYS C 1156 32.90 -70.67 93.02
CA CYS C 1156 32.43 -71.23 91.76
C CYS C 1156 31.35 -70.33 91.18
N SER C 1157 31.54 -69.92 89.92
CA SER C 1157 30.65 -68.93 89.31
C SER C 1157 29.31 -69.54 88.92
N PHE C 1158 29.29 -70.83 88.57
CA PHE C 1158 28.10 -71.50 88.10
C PHE C 1158 27.87 -72.77 88.90
N ILE C 1159 26.59 -73.13 89.05
CA ILE C 1159 26.19 -74.41 89.62
C ILE C 1159 25.49 -75.21 88.53
N THR C 1160 25.41 -76.51 88.75
CA THR C 1160 24.84 -77.44 87.79
C THR C 1160 23.39 -77.73 88.13
N GLN C 1161 22.50 -77.40 87.21
CA GLN C 1161 21.09 -77.77 87.33
C GLN C 1161 20.96 -79.24 86.93
N ASP C 1162 19.75 -79.69 86.61
CA ASP C 1162 19.54 -81.08 86.22
C ASP C 1162 20.53 -81.50 85.13
N LYS C 1163 20.67 -80.68 84.08
CA LYS C 1163 21.76 -80.83 83.14
C LYS C 1163 22.30 -79.49 82.64
N MET C 1164 21.92 -78.39 83.28
CA MET C 1164 22.20 -77.05 82.77
C MET C 1164 23.10 -76.30 83.76
N PHE C 1165 23.65 -75.18 83.30
CA PHE C 1165 24.54 -74.35 84.08
C PHE C 1165 23.89 -73.00 84.34
N VAL C 1166 23.81 -72.62 85.62
CA VAL C 1166 23.19 -71.37 86.04
C VAL C 1166 24.12 -70.70 87.05
N SER C 1167 23.89 -69.41 87.27
CA SER C 1167 24.70 -68.66 88.22
C SER C 1167 24.63 -69.28 89.60
N ASN C 1168 25.57 -68.90 90.45
CA ASN C 1168 25.69 -69.54 91.76
C ASN C 1168 24.73 -68.89 92.74
N PRO C 1169 23.68 -69.59 93.21
CA PRO C 1169 22.77 -68.95 94.18
C PRO C 1169 23.45 -68.59 95.48
N ILE C 1170 24.47 -69.34 95.90
CA ILE C 1170 25.18 -68.98 97.13
C ILE C 1170 25.84 -67.62 96.97
N ARG C 1171 26.51 -67.40 95.84
CA ARG C 1171 27.13 -66.10 95.60
C ARG C 1171 26.09 -65.00 95.49
N LYS C 1172 24.98 -65.26 94.78
CA LYS C 1172 23.94 -64.24 94.65
C LYS C 1172 23.37 -63.86 96.00
N VAL C 1173 23.15 -64.84 96.87
CA VAL C 1173 22.58 -64.57 98.18
C VAL C 1173 23.59 -63.84 99.07
N PHE C 1174 24.84 -64.30 99.06
CA PHE C 1174 25.89 -63.72 99.89
C PHE C 1174 26.57 -62.53 99.23
N LYS C 1175 25.97 -61.95 98.20
CA LYS C 1175 26.48 -60.72 97.62
C LYS C 1175 26.57 -59.65 98.70
N PRO C 1176 27.72 -58.98 98.87
CA PRO C 1176 27.87 -58.07 100.02
C PRO C 1176 26.98 -56.85 99.89
N SER C 1177 26.52 -56.36 101.05
CA SER C 1177 25.76 -55.13 101.13
C SER C 1177 25.81 -54.67 102.59
N GLN C 1178 25.47 -53.40 102.80
CA GLN C 1178 25.55 -52.84 104.15
C GLN C 1178 24.61 -53.57 105.09
N GLY C 1179 25.11 -53.90 106.28
CA GLY C 1179 24.33 -54.56 107.30
C GLY C 1179 24.48 -56.07 107.35
N MET C 1180 25.17 -56.68 106.38
CA MET C 1180 25.32 -58.12 106.36
C MET C 1180 26.50 -58.54 107.24
N VAL C 1181 26.26 -59.51 108.12
CA VAL C 1181 27.28 -60.06 109.02
C VAL C 1181 27.31 -61.56 108.84
N VAL C 1182 28.47 -62.09 108.48
CA VAL C 1182 28.66 -63.52 108.23
C VAL C 1182 29.57 -64.09 109.30
N GLU C 1183 29.05 -65.07 110.05
CA GLU C 1183 29.79 -65.77 111.08
C GLU C 1183 30.13 -67.17 110.57
N ILE C 1184 31.43 -67.46 110.45
CA ILE C 1184 31.91 -68.77 110.04
C ILE C 1184 32.44 -69.47 111.29
N SER C 1185 31.91 -70.65 111.57
CA SER C 1185 32.31 -71.45 112.72
C SER C 1185 32.86 -72.78 112.24
N ASN C 1186 33.93 -73.23 112.91
CA ASN C 1186 34.62 -74.46 112.54
C ASN C 1186 35.14 -74.39 111.10
N GLY C 1187 35.75 -73.24 110.76
CA GLY C 1187 36.27 -73.07 109.41
C GLY C 1187 37.36 -74.06 109.07
N ASN C 1188 38.19 -74.41 110.06
CA ASN C 1188 39.27 -75.36 109.81
C ASN C 1188 38.73 -76.73 109.41
N THR C 1189 37.69 -77.19 110.09
CA THR C 1189 37.07 -78.49 109.79
C THR C 1189 35.99 -78.27 108.75
N SER C 1190 36.22 -78.77 107.54
CA SER C 1190 35.25 -78.59 106.46
C SER C 1190 33.94 -79.30 106.77
N SER C 1191 34.01 -80.48 107.38
CA SER C 1191 32.80 -81.25 107.67
C SER C 1191 31.89 -80.49 108.62
N LYS C 1192 32.45 -79.86 109.65
CA LYS C 1192 31.68 -79.16 110.67
C LYS C 1192 31.58 -77.66 110.41
N THR C 1193 32.11 -77.16 109.29
CA THR C 1193 32.05 -75.74 109.02
C THR C 1193 30.61 -75.29 108.80
N VAL C 1194 30.26 -74.15 109.38
CA VAL C 1194 28.92 -73.58 109.24
C VAL C 1194 29.05 -72.08 109.01
N VAL C 1195 28.34 -71.55 108.02
CA VAL C 1195 28.38 -70.14 107.66
C VAL C 1195 26.99 -69.56 107.85
N THR C 1196 26.87 -68.60 108.76
CA THR C 1196 25.58 -67.99 109.10
C THR C 1196 25.60 -66.52 108.72
N LEU C 1197 24.74 -66.15 107.78
CA LEU C 1197 24.58 -64.77 107.34
C LEU C 1197 23.36 -64.17 108.02
N SER C 1198 23.56 -63.02 108.65
CA SER C 1198 22.52 -62.29 109.36
C SER C 1198 22.42 -60.88 108.78
N GLU C 1199 21.20 -60.37 108.71
CA GLU C 1199 20.90 -59.04 108.20
C GLU C 1199 19.92 -58.36 109.14
N PRO C 1200 19.82 -57.02 109.09
CA PRO C 1200 18.84 -56.33 109.95
C PRO C 1200 17.41 -56.67 109.55
N VAL C 1201 16.69 -57.36 110.43
CA VAL C 1201 15.30 -57.75 110.20
C VAL C 1201 14.47 -57.16 111.33
N GLN C 1202 13.52 -56.30 110.99
CA GLN C 1202 12.68 -55.62 111.97
C GLN C 1202 13.54 -54.84 112.96
N GLY C 1203 14.60 -54.21 112.44
CA GLY C 1203 15.51 -53.46 113.26
C GLY C 1203 16.64 -54.30 113.82
N GLU C 1204 16.30 -55.34 114.56
CA GLU C 1204 17.32 -56.20 115.17
C GLU C 1204 17.98 -57.08 114.11
N LEU C 1205 19.10 -57.69 114.50
CA LEU C 1205 19.87 -58.56 113.63
C LEU C 1205 19.51 -60.01 113.95
N LYS C 1206 19.06 -60.75 112.94
CA LYS C 1206 18.66 -62.14 113.08
C LYS C 1206 19.30 -62.97 111.97
N PRO C 1207 19.48 -64.28 112.19
CA PRO C 1207 20.01 -65.11 111.10
C PRO C 1207 19.08 -65.10 109.89
N THR C 1208 19.69 -65.09 108.71
CA THR C 1208 18.95 -65.09 107.45
C THR C 1208 19.32 -66.25 106.54
N VAL C 1209 20.58 -66.71 106.57
CA VAL C 1209 21.01 -67.86 105.78
C VAL C 1209 21.95 -68.69 106.64
N ILE C 1210 21.85 -70.02 106.51
CA ILE C 1210 22.75 -70.95 107.18
C ILE C 1210 23.22 -71.98 106.15
N LEU C 1211 24.52 -71.99 105.89
CA LEU C 1211 25.13 -72.89 104.92
C LEU C 1211 25.98 -73.92 105.67
N LYS C 1212 25.70 -75.20 105.43
CA LYS C 1212 26.43 -76.27 106.09
C LYS C 1212 26.35 -77.51 105.21
N LEU C 1213 26.79 -78.65 105.78
CA LEU C 1213 26.73 -79.94 105.11
C LEU C 1213 25.69 -80.80 105.83
N LEU C 1214 24.50 -80.92 105.25
CA LEU C 1214 23.52 -81.86 105.78
C LEU C 1214 24.02 -83.29 105.68
N LYS C 1215 24.66 -83.63 104.56
CA LYS C 1215 25.23 -84.94 104.32
C LYS C 1215 26.68 -84.78 103.89
N GLU C 1216 27.40 -85.89 103.80
CA GLU C 1216 28.79 -85.84 103.38
C GLU C 1216 28.94 -85.35 101.95
N ASN C 1217 27.91 -85.50 101.13
CA ASN C 1217 27.94 -85.08 99.73
C ASN C 1217 26.88 -84.03 99.41
N ILE C 1218 26.23 -83.44 100.40
CA ILE C 1218 25.13 -82.51 100.21
C ILE C 1218 25.45 -81.21 100.95
N ILE C 1219 25.31 -80.09 100.26
CA ILE C 1219 25.44 -78.75 100.84
C ILE C 1219 24.03 -78.21 101.03
N GLN C 1220 23.69 -77.87 102.27
CA GLN C 1220 22.39 -77.35 102.62
C GLN C 1220 22.50 -75.85 102.90
N MET C 1221 21.67 -75.06 102.23
CA MET C 1221 21.57 -73.62 102.43
C MET C 1221 20.17 -73.30 102.92
N GLU C 1222 19.97 -73.33 104.24
CA GLU C 1222 18.69 -73.00 104.84
C GLU C 1222 18.52 -71.48 104.78
N MET C 1223 17.55 -71.03 103.98
CA MET C 1223 17.25 -69.61 103.87
C MET C 1223 16.06 -69.30 104.77
N ILE C 1224 16.34 -68.66 105.90
CA ILE C 1224 15.35 -68.45 106.95
C ILE C 1224 14.61 -67.15 106.67
N GLU C 1225 13.28 -67.19 106.86
CA GLU C 1225 12.43 -66.01 106.75
C GLU C 1225 11.89 -65.72 108.15
N ASN C 1226 12.45 -64.69 108.79
CA ASN C 1226 12.04 -64.35 110.15
C ASN C 1226 10.67 -63.69 110.21
N ARG C 1227 10.19 -63.17 109.09
CA ARG C 1227 8.87 -62.55 109.01
C ARG C 1227 7.83 -63.63 108.71
N THR C 1228 7.02 -63.96 109.70
CA THR C 1228 6.06 -65.05 109.58
C THR C 1228 4.72 -64.62 110.19
N MET C 1229 3.80 -65.59 110.27
CA MET C 1229 2.50 -65.32 110.85
C MET C 1229 2.55 -65.40 112.37
N ASP C 1230 3.14 -66.47 112.90
CA ASP C 1230 3.26 -66.67 114.33
C ASP C 1230 4.60 -66.18 114.88
N GLY C 1231 5.48 -65.64 114.04
CA GLY C 1231 6.77 -65.13 114.47
C GLY C 1231 7.87 -66.15 114.53
N LYS C 1232 7.55 -67.44 114.49
CA LYS C 1232 8.59 -68.46 114.52
C LYS C 1232 9.26 -68.54 113.15
N PRO C 1233 10.60 -68.57 113.08
CA PRO C 1233 11.25 -68.56 111.77
C PRO C 1233 10.95 -69.82 110.97
N VAL C 1234 10.93 -69.68 109.65
CA VAL C 1234 10.72 -70.79 108.72
C VAL C 1234 11.89 -70.81 107.76
N SER C 1235 12.48 -71.98 107.57
CA SER C 1235 13.69 -72.13 106.76
C SER C 1235 13.40 -72.95 105.51
N LEU C 1236 13.99 -72.52 104.39
CA LEU C 1236 13.88 -73.21 103.12
C LEU C 1236 15.16 -73.99 102.86
N PRO C 1237 15.24 -75.28 103.18
CA PRO C 1237 16.49 -76.03 102.96
C PRO C 1237 16.73 -76.28 101.48
N LEU C 1238 17.69 -75.55 100.92
CA LEU C 1238 18.11 -75.73 99.54
C LEU C 1238 19.30 -76.68 99.51
N LEU C 1239 19.10 -77.87 98.96
CA LEU C 1239 20.11 -78.91 98.95
C LEU C 1239 20.90 -78.87 97.65
N TYR C 1240 22.22 -78.92 97.76
CA TYR C 1240 23.11 -78.97 96.60
C TYR C 1240 24.07 -80.13 96.77
N ASN C 1241 24.14 -81.00 95.77
CA ASN C 1241 25.12 -82.08 95.75
C ASN C 1241 26.51 -81.51 95.49
N PHE C 1242 27.49 -82.03 96.22
CA PHE C 1242 28.89 -81.63 96.06
C PHE C 1242 29.67 -82.82 95.50
N ASN C 1243 30.18 -82.66 94.29
CA ASN C 1243 30.91 -83.71 93.57
C ASN C 1243 32.35 -83.26 93.38
N PRO C 1244 33.31 -83.69 94.22
CA PRO C 1244 34.70 -83.27 94.00
C PRO C 1244 35.29 -83.75 92.69
N ASP C 1245 34.74 -84.84 92.11
CA ASP C 1245 35.29 -85.35 90.86
C ASP C 1245 35.12 -84.34 89.73
N ASN C 1246 33.98 -83.68 89.66
CA ASN C 1246 33.73 -82.63 88.67
C ASN C 1246 34.22 -81.32 89.25
N GLY C 1247 35.51 -81.03 89.06
CA GLY C 1247 36.11 -79.84 89.65
C GLY C 1247 35.66 -78.54 89.03
N PHE C 1248 35.19 -78.57 87.78
CA PHE C 1248 34.74 -77.34 87.13
C PHE C 1248 33.44 -76.84 87.75
N ALA C 1249 32.48 -77.74 87.97
CA ALA C 1249 31.18 -77.41 88.55
C ALA C 1249 30.85 -78.43 89.63
N PRO C 1250 31.59 -78.41 90.75
CA PRO C 1250 31.34 -79.39 91.80
C PRO C 1250 29.96 -79.31 92.40
N ILE C 1251 29.35 -78.13 92.46
CA ILE C 1251 28.08 -77.93 93.14
C ILE C 1251 26.96 -78.03 92.12
N SER C 1252 25.97 -78.87 92.43
CA SER C 1252 24.84 -79.10 91.54
C SER C 1252 23.54 -78.98 92.33
N GLU C 1253 22.58 -78.23 91.77
CA GLU C 1253 21.28 -78.11 92.42
C GLU C 1253 20.58 -79.46 92.47
N VAL C 1254 19.96 -79.75 93.62
CA VAL C 1254 19.16 -80.97 93.78
C VAL C 1254 17.74 -80.60 93.37
N MET C 1255 17.37 -80.95 92.14
CA MET C 1255 16.07 -80.60 91.61
C MET C 1255 14.95 -81.45 92.20
N GLU C 1256 15.25 -82.63 92.71
CA GLU C 1256 14.24 -83.49 93.28
C GLU C 1256 13.73 -82.90 94.59
N ASP C 1257 12.41 -82.75 94.69
CA ASP C 1257 11.72 -82.21 95.86
C ASP C 1257 11.94 -80.72 96.05
N ARG C 1258 12.58 -80.03 95.09
CA ARG C 1258 12.87 -78.61 95.25
C ARG C 1258 11.58 -77.80 95.25
N ASN C 1259 10.70 -78.04 94.27
CA ASN C 1259 9.42 -77.35 94.24
C ASN C 1259 8.59 -77.71 95.46
N GLN C 1260 8.66 -78.96 95.91
CA GLN C 1260 7.91 -79.36 97.10
C GLN C 1260 8.39 -78.59 98.33
N ARG C 1261 9.70 -78.44 98.48
CA ARG C 1261 10.24 -77.71 99.64
C ARG C 1261 9.88 -76.23 99.56
N ILE C 1262 9.96 -75.64 98.37
CA ILE C 1262 9.59 -74.23 98.22
C ILE C 1262 8.11 -74.05 98.56
N LYS C 1263 7.26 -74.97 98.08
CA LYS C 1263 5.84 -74.90 98.38
C LYS C 1263 5.58 -75.09 99.86
N GLU C 1264 6.34 -75.97 100.52
CA GLU C 1264 6.15 -76.15 101.96
C GLU C 1264 6.50 -74.88 102.72
N MET C 1265 7.60 -74.23 102.35
CA MET C 1265 7.95 -72.97 103.01
C MET C 1265 6.88 -71.91 102.77
N TYR C 1266 6.41 -71.79 101.52
CA TYR C 1266 5.38 -70.79 101.24
C TYR C 1266 4.07 -71.12 101.94
N TRP C 1267 3.76 -72.41 102.10
CA TRP C 1267 2.58 -72.81 102.85
C TRP C 1267 2.70 -72.42 104.31
N LYS C 1268 3.87 -72.64 104.90
CA LYS C 1268 4.08 -72.22 106.28
C LYS C 1268 3.94 -70.71 106.41
N LEU C 1269 4.38 -69.96 105.39
CA LEU C 1269 4.30 -68.51 105.46
C LEU C 1269 2.88 -68.00 105.29
N TRP C 1270 2.13 -68.57 104.34
CA TRP C 1270 0.82 -68.03 103.95
C TRP C 1270 -0.33 -68.73 104.67
N ILE C 1271 -0.42 -70.05 104.54
CA ILE C 1271 -1.59 -70.81 104.93
C ILE C 1271 -1.39 -71.33 106.35
N ASP C 1272 -2.49 -71.39 107.11
CA ASP C 1272 -2.47 -71.71 108.54
C ASP C 1272 -3.21 -73.01 108.81
N GLU C 1273 -2.98 -74.02 107.97
CA GLU C 1273 -3.57 -75.34 108.09
C GLU C 1273 -2.49 -76.38 107.86
N PRO C 1274 -2.75 -77.64 108.23
CA PRO C 1274 -1.74 -78.68 108.03
C PRO C 1274 -1.33 -78.81 106.57
N PHE C 1275 -0.05 -79.07 106.35
CA PHE C 1275 0.50 -79.13 105.00
C PHE C 1275 -0.01 -80.38 104.30
N ASN C 1276 -0.77 -80.19 103.22
CA ASN C 1276 -1.30 -81.30 102.44
C ASN C 1276 -1.45 -80.81 101.01
N LEU C 1277 -0.50 -81.19 100.16
CA LEU C 1277 -0.50 -80.79 98.75
C LEU C 1277 -1.29 -81.75 97.86
N ASP C 1278 -1.78 -82.86 98.40
CA ASP C 1278 -2.46 -83.88 97.61
C ASP C 1278 -3.96 -83.60 97.71
N PHE C 1279 -4.46 -82.73 96.83
CA PHE C 1279 -5.89 -82.51 96.71
C PHE C 1279 -6.20 -82.04 95.29
N ASP C 1280 -7.40 -82.36 94.83
CA ASP C 1280 -7.74 -82.14 93.44
C ASP C 1280 -7.82 -80.65 93.13
N PRO C 1281 -7.11 -80.14 92.11
CA PRO C 1281 -7.31 -78.74 91.74
C PRO C 1281 -8.73 -78.44 91.27
N ARG C 1282 -9.41 -79.43 90.68
CA ARG C 1282 -10.78 -79.20 90.23
C ARG C 1282 -11.71 -78.92 91.41
N ASP C 1283 -11.47 -79.58 92.54
CA ASP C 1283 -12.29 -79.37 93.72
C ASP C 1283 -12.17 -77.92 94.19
N VAL C 1284 -13.27 -77.41 94.75
CA VAL C 1284 -13.30 -76.02 95.18
C VAL C 1284 -12.65 -75.88 96.55
N ILE C 1285 -11.91 -74.79 96.74
CA ILE C 1285 -11.23 -74.49 98.00
C ILE C 1285 -12.14 -73.59 98.82
N LYS C 1286 -12.34 -73.94 100.09
CA LYS C 1286 -13.20 -73.17 101.00
C LYS C 1286 -12.32 -72.61 102.11
N GLY C 1287 -12.10 -71.29 102.09
CA GLY C 1287 -11.28 -70.67 103.12
C GLY C 1287 -12.04 -70.49 104.41
N LYS C 1288 -11.29 -70.15 105.46
CA LYS C 1288 -11.87 -69.94 106.77
C LYS C 1288 -12.69 -68.65 106.79
N ASP C 1289 -13.74 -68.64 107.62
CA ASP C 1289 -14.53 -67.44 107.80
C ASP C 1289 -13.66 -66.33 108.36
N PHE C 1290 -13.88 -65.11 107.86
CA PHE C 1290 -13.11 -63.94 108.26
C PHE C 1290 -14.05 -62.85 108.75
N GLU C 1291 -13.66 -62.21 109.85
CA GLU C 1291 -14.43 -61.15 110.47
C GLU C 1291 -13.72 -59.83 110.20
N ILE C 1292 -14.42 -58.91 109.53
CA ILE C 1292 -13.87 -57.58 109.27
C ILE C 1292 -13.94 -56.79 110.57
N THR C 1293 -12.81 -56.19 110.95
CA THR C 1293 -12.70 -55.44 112.20
C THR C 1293 -12.21 -54.03 111.89
N ALA C 1294 -12.59 -53.10 112.77
CA ALA C 1294 -12.20 -51.71 112.60
C ALA C 1294 -10.68 -51.56 112.59
N LYS C 1295 -9.98 -52.28 113.47
CA LYS C 1295 -8.53 -52.23 113.48
C LYS C 1295 -7.95 -52.72 112.17
N GLU C 1296 -8.47 -53.82 111.64
CA GLU C 1296 -7.93 -54.36 110.39
C GLU C 1296 -8.16 -53.40 109.23
N VAL C 1297 -9.35 -52.82 109.13
CA VAL C 1297 -9.64 -51.87 108.05
C VAL C 1297 -8.77 -50.63 108.21
N TYR C 1298 -8.59 -50.17 109.45
CA TYR C 1298 -7.75 -49.00 109.71
C TYR C 1298 -6.33 -49.26 109.23
N ASP C 1299 -5.77 -50.41 109.61
CA ASP C 1299 -4.40 -50.76 109.24
C ASP C 1299 -4.27 -50.88 107.73
N PHE C 1300 -5.22 -51.56 107.08
CA PHE C 1300 -5.14 -51.74 105.63
C PHE C 1300 -5.21 -50.41 104.91
N THR C 1301 -6.13 -49.54 105.32
CA THR C 1301 -6.27 -48.25 104.66
C THR C 1301 -4.99 -47.43 104.81
N HIS C 1302 -4.42 -47.38 106.01
CA HIS C 1302 -3.22 -46.57 106.20
C HIS C 1302 -1.94 -47.24 105.75
N ALA C 1303 -1.96 -48.54 105.44
CA ALA C 1303 -0.83 -49.18 104.80
C ALA C 1303 -0.87 -48.98 103.29
N VAL C 1304 -2.06 -49.05 102.69
CA VAL C 1304 -2.19 -48.85 101.26
C VAL C 1304 -2.03 -47.37 100.91
N GLY C 1305 -2.60 -46.49 101.72
CA GLY C 1305 -2.67 -45.07 101.40
C GLY C 1305 -4.06 -44.66 101.00
N ASN C 1306 -5.07 -45.25 101.63
CA ASN C 1306 -6.47 -44.96 101.32
C ASN C 1306 -6.99 -43.94 102.33
N ASN C 1307 -7.23 -42.72 101.86
CA ASN C 1307 -7.71 -41.62 102.69
C ASN C 1307 -9.20 -41.35 102.51
N CYS C 1308 -9.94 -42.28 101.91
CA CYS C 1308 -11.37 -42.06 101.70
C CYS C 1308 -12.12 -42.06 103.03
N GLU C 1309 -13.06 -41.13 103.15
CA GLU C 1309 -13.82 -41.01 104.40
C GLU C 1309 -14.72 -42.20 104.67
N ASP C 1310 -15.10 -42.95 103.63
CA ASP C 1310 -16.01 -44.08 103.83
C ASP C 1310 -15.37 -45.16 104.68
N PHE C 1311 -14.04 -45.30 104.61
CA PHE C 1311 -13.34 -46.34 105.36
C PHE C 1311 -12.84 -45.85 106.72
N VAL C 1312 -12.92 -44.56 107.00
CA VAL C 1312 -12.46 -43.99 108.26
C VAL C 1312 -13.64 -43.95 109.22
N SER C 1313 -13.38 -44.28 110.48
CA SER C 1313 -14.43 -44.24 111.50
C SER C 1313 -14.96 -42.83 111.66
N ARG C 1314 -16.28 -42.68 111.66
CA ARG C 1314 -16.94 -41.41 111.87
C ARG C 1314 -18.14 -41.63 112.76
N PRO C 1315 -18.53 -40.62 113.55
CA PRO C 1315 -19.68 -40.80 114.45
C PRO C 1315 -20.99 -40.90 113.69
N ASP C 1316 -21.90 -41.71 114.23
CA ASP C 1316 -23.26 -41.83 113.70
C ASP C 1316 -23.23 -42.25 112.22
N ARG C 1317 -22.33 -43.16 111.89
CA ARG C 1317 -22.18 -43.63 110.51
C ARG C 1317 -21.34 -44.89 110.49
N THR C 1318 -21.82 -45.90 109.78
CA THR C 1318 -21.09 -47.17 109.69
C THR C 1318 -19.86 -47.03 108.81
N MET C 1319 -18.86 -47.87 109.10
CA MET C 1319 -17.57 -47.82 108.43
C MET C 1319 -17.52 -48.91 107.36
N LEU C 1320 -17.29 -48.49 106.11
CA LEU C 1320 -17.16 -49.45 105.03
C LEU C 1320 -15.72 -49.96 104.95
N ALA C 1321 -15.54 -51.07 104.24
CA ALA C 1321 -14.23 -51.65 103.99
C ALA C 1321 -13.86 -51.49 102.52
N PRO C 1322 -12.58 -51.29 102.20
CA PRO C 1322 -12.22 -51.08 100.79
C PRO C 1322 -12.42 -52.34 99.96
N MET C 1323 -12.65 -52.13 98.67
CA MET C 1323 -12.80 -53.27 97.76
C MET C 1323 -11.51 -54.07 97.68
N ASP C 1324 -10.37 -53.42 97.90
CA ASP C 1324 -9.09 -54.13 97.96
C ASP C 1324 -8.99 -55.05 99.17
N PHE C 1325 -9.87 -54.92 100.15
CA PHE C 1325 -9.88 -55.82 101.29
C PHE C 1325 -10.28 -57.24 100.93
N ALA C 1326 -10.82 -57.44 99.72
CA ALA C 1326 -11.21 -58.78 99.31
C ALA C 1326 -10.02 -59.72 99.21
N ILE C 1327 -8.89 -59.23 98.71
CA ILE C 1327 -7.71 -60.07 98.64
C ILE C 1327 -7.21 -60.39 100.05
N VAL C 1328 -7.33 -59.44 100.98
CA VAL C 1328 -6.98 -59.72 102.37
C VAL C 1328 -7.87 -60.82 102.92
N VAL C 1329 -9.17 -60.75 102.62
CA VAL C 1329 -10.11 -61.74 103.13
C VAL C 1329 -9.80 -63.12 102.56
N GLY C 1330 -9.55 -63.20 101.25
CA GLY C 1330 -9.50 -64.47 100.56
C GLY C 1330 -8.14 -64.85 99.97
N TRP C 1331 -7.05 -64.35 100.56
CA TRP C 1331 -5.74 -64.75 100.09
C TRP C 1331 -5.47 -66.22 100.37
N ARG C 1332 -5.89 -66.69 101.55
CA ARG C 1332 -5.65 -68.08 101.92
C ARG C 1332 -6.34 -69.04 100.96
N ALA C 1333 -7.48 -68.65 100.41
CA ALA C 1333 -8.20 -69.48 99.46
C ALA C 1333 -7.70 -69.29 98.03
N ILE C 1334 -7.42 -68.04 97.64
CA ILE C 1334 -6.99 -67.79 96.28
C ILE C 1334 -5.61 -68.37 96.03
N ILE C 1335 -4.67 -68.14 96.95
CA ILE C 1335 -3.29 -68.57 96.73
C ILE C 1335 -3.15 -70.08 96.89
N LYS C 1336 -4.03 -70.72 97.65
CA LYS C 1336 -4.00 -72.17 97.80
C LYS C 1336 -4.31 -72.88 96.48
N ALA C 1337 -4.84 -72.18 95.48
CA ALA C 1337 -5.18 -72.80 94.22
C ALA C 1337 -3.94 -73.19 93.41
N ILE C 1338 -2.85 -72.42 93.52
CA ILE C 1338 -1.65 -72.69 92.73
C ILE C 1338 -0.72 -73.69 93.40
N PHE C 1339 -1.08 -74.23 94.57
CA PHE C 1339 -0.22 -75.12 95.34
C PHE C 1339 -0.20 -76.58 94.89
N PRO C 1340 -1.34 -77.21 94.50
CA PRO C 1340 -1.36 -78.66 94.32
C PRO C 1340 -0.23 -79.21 93.46
N ASN C 1341 0.15 -80.46 93.74
CA ASN C 1341 1.23 -81.10 93.00
C ASN C 1341 0.90 -81.21 91.51
N THR C 1342 -0.38 -81.35 91.17
CA THR C 1342 -0.76 -81.40 89.77
C THR C 1342 -0.39 -80.10 89.07
N VAL C 1343 -0.64 -78.96 89.70
CA VAL C 1343 -0.18 -77.66 89.19
C VAL C 1343 1.20 -77.44 89.80
N ASP C 1344 2.20 -78.01 89.15
CA ASP C 1344 3.56 -77.99 89.67
C ASP C 1344 4.33 -76.81 89.07
N GLY C 1345 5.11 -76.15 89.90
CA GLY C 1345 5.93 -75.04 89.45
C GLY C 1345 6.70 -74.46 90.61
N ASP C 1346 7.60 -73.54 90.26
CA ASP C 1346 8.47 -72.90 91.24
C ASP C 1346 7.79 -71.65 91.78
N LEU C 1347 7.46 -71.67 93.07
CA LEU C 1347 6.72 -70.55 93.65
C LEU C 1347 7.61 -69.33 93.83
N LEU C 1348 8.93 -69.52 93.97
CA LEU C 1348 9.82 -68.37 94.03
C LEU C 1348 9.88 -67.62 92.70
N LYS C 1349 9.60 -68.31 91.60
CA LYS C 1349 9.54 -67.70 90.28
C LYS C 1349 8.12 -67.32 89.87
N LEU C 1350 7.15 -67.42 90.79
CA LEU C 1350 5.78 -67.03 90.48
C LEU C 1350 5.72 -65.55 90.14
N VAL C 1351 4.89 -65.22 89.16
CA VAL C 1351 4.64 -63.83 88.76
C VAL C 1351 3.14 -63.62 88.79
N HIS C 1352 2.69 -62.62 89.54
CA HIS C 1352 1.29 -62.24 89.57
C HIS C 1352 1.02 -61.41 88.33
N LEU C 1353 0.39 -62.01 87.31
CA LEU C 1353 0.14 -61.29 86.07
C LEU C 1353 -0.90 -60.21 86.27
N SER C 1354 -2.02 -60.55 86.91
CA SER C 1354 -3.14 -59.62 87.01
C SER C 1354 -4.03 -60.03 88.18
N ASN C 1355 -4.80 -59.06 88.65
CA ASN C 1355 -5.82 -59.29 89.64
C ASN C 1355 -7.05 -58.49 89.23
N GLY C 1356 -8.16 -58.74 89.91
CA GLY C 1356 -9.36 -57.96 89.62
C GLY C 1356 -10.47 -58.30 90.59
N TYR C 1357 -11.36 -57.34 90.77
CA TYR C 1357 -12.53 -57.48 91.61
C TYR C 1357 -13.77 -57.12 90.80
N LYS C 1358 -14.86 -57.83 91.10
CA LYS C 1358 -16.14 -57.63 90.42
C LYS C 1358 -17.22 -57.68 91.48
N MET C 1359 -17.85 -56.54 91.76
CA MET C 1359 -18.98 -56.48 92.67
C MET C 1359 -20.21 -57.03 91.97
N ILE C 1360 -20.83 -58.03 92.58
CA ILE C 1360 -22.06 -58.58 92.00
C ILE C 1360 -23.18 -57.56 92.13
N PRO C 1361 -23.99 -57.31 91.09
CA PRO C 1361 -25.06 -56.31 91.22
C PRO C 1361 -26.04 -56.70 92.33
N GLY C 1362 -26.52 -55.68 93.04
CA GLY C 1362 -27.39 -55.88 94.17
C GLY C 1362 -26.68 -56.19 95.47
N ALA C 1363 -25.35 -56.22 95.48
CA ALA C 1363 -24.57 -56.49 96.68
C ALA C 1363 -23.96 -55.19 97.19
N LYS C 1364 -24.15 -54.92 98.47
CA LYS C 1364 -23.59 -53.73 99.08
C LYS C 1364 -22.08 -53.90 99.27
N PRO C 1365 -21.33 -52.81 99.38
CA PRO C 1365 -19.90 -52.94 99.63
C PRO C 1365 -19.63 -53.51 101.01
N LEU C 1366 -18.42 -54.05 101.18
CA LEU C 1366 -18.03 -54.67 102.44
C LEU C 1366 -18.07 -53.64 103.57
N GLN C 1367 -18.55 -54.09 104.72
CA GLN C 1367 -18.67 -53.24 105.91
C GLN C 1367 -17.90 -53.86 107.06
N VAL C 1368 -17.65 -53.04 108.08
CA VAL C 1368 -16.99 -53.54 109.28
C VAL C 1368 -17.98 -54.35 110.10
N GLY C 1369 -17.52 -55.51 110.57
CA GLY C 1369 -18.32 -56.38 111.42
C GLY C 1369 -18.97 -57.54 110.70
N ASP C 1370 -19.10 -57.48 109.38
CA ASP C 1370 -19.72 -58.57 108.64
C ASP C 1370 -18.77 -59.75 108.52
N VAL C 1371 -19.35 -60.95 108.40
CA VAL C 1371 -18.61 -62.19 108.25
C VAL C 1371 -18.64 -62.60 106.78
N VAL C 1372 -17.46 -62.73 106.18
CA VAL C 1372 -17.32 -63.01 104.76
C VAL C 1372 -16.69 -64.39 104.59
N SER C 1373 -17.32 -65.24 103.78
CA SER C 1373 -16.81 -66.56 103.45
C SER C 1373 -16.21 -66.51 102.04
N THR C 1374 -15.02 -67.09 101.88
CA THR C 1374 -14.30 -67.06 100.63
C THR C 1374 -14.21 -68.46 100.04
N THR C 1375 -14.46 -68.56 98.74
CA THR C 1375 -14.50 -69.84 98.04
C THR C 1375 -13.79 -69.70 96.70
N ALA C 1376 -12.62 -70.31 96.60
CA ALA C 1376 -11.77 -70.20 95.41
C ALA C 1376 -11.93 -71.42 94.52
N VAL C 1377 -11.76 -71.20 93.22
CA VAL C 1377 -11.80 -72.28 92.24
C VAL C 1377 -10.84 -71.91 91.10
N ILE C 1378 -10.11 -72.91 90.60
CA ILE C 1378 -9.16 -72.67 89.50
C ILE C 1378 -9.98 -72.50 88.23
N GLU C 1379 -10.07 -71.26 87.73
CA GLU C 1379 -10.76 -71.02 86.47
C GLU C 1379 -10.08 -71.76 85.33
N SER C 1380 -8.75 -71.63 85.24
CA SER C 1380 -8.05 -72.21 84.09
C SER C 1380 -6.55 -72.32 84.30
N VAL C 1381 -6.01 -73.53 84.24
CA VAL C 1381 -4.56 -73.76 84.32
C VAL C 1381 -4.09 -74.31 82.99
N VAL C 1382 -3.15 -73.61 82.35
CA VAL C 1382 -2.69 -73.96 81.02
C VAL C 1382 -1.18 -73.84 80.95
N ASN C 1383 -0.58 -74.61 80.04
CA ASN C 1383 0.87 -74.66 79.84
C ASN C 1383 1.21 -73.94 78.53
N GLN C 1384 1.51 -72.65 78.63
CA GLN C 1384 2.04 -71.90 77.50
C GLN C 1384 3.55 -72.12 77.41
N PRO C 1385 4.15 -71.86 76.25
CA PRO C 1385 5.59 -72.17 76.11
C PRO C 1385 6.48 -71.44 77.11
N THR C 1386 6.07 -70.24 77.55
CA THR C 1386 6.86 -69.49 78.51
C THR C 1386 6.62 -69.90 79.95
N GLY C 1387 5.62 -70.73 80.22
CA GLY C 1387 5.33 -71.13 81.58
C GLY C 1387 3.87 -71.54 81.73
N LYS C 1388 3.45 -71.73 82.97
CA LYS C 1388 2.12 -72.18 83.29
C LYS C 1388 1.31 -71.03 83.87
N ILE C 1389 0.18 -70.71 83.23
CA ILE C 1389 -0.72 -69.65 83.68
C ILE C 1389 -1.89 -70.30 84.42
N VAL C 1390 -2.13 -69.84 85.64
CA VAL C 1390 -3.20 -70.34 86.50
C VAL C 1390 -4.12 -69.18 86.84
N ASP C 1391 -5.37 -69.27 86.39
CA ASP C 1391 -6.39 -68.26 86.65
C ASP C 1391 -7.35 -68.82 87.70
N VAL C 1392 -7.53 -68.06 88.77
CA VAL C 1392 -8.33 -68.45 89.93
C VAL C 1392 -9.44 -67.43 90.09
N VAL C 1393 -10.59 -67.88 90.58
CA VAL C 1393 -11.75 -67.04 90.86
C VAL C 1393 -12.20 -67.35 92.28
N GLY C 1394 -12.20 -66.33 93.14
CA GLY C 1394 -12.60 -66.46 94.53
C GLY C 1394 -13.85 -65.63 94.80
N THR C 1395 -14.93 -66.32 95.15
CA THR C 1395 -16.20 -65.68 95.46
C THR C 1395 -16.23 -65.37 96.95
N LEU C 1396 -16.49 -64.11 97.28
CA LEU C 1396 -16.72 -63.67 98.65
C LEU C 1396 -18.22 -63.51 98.85
N SER C 1397 -18.75 -64.19 99.86
CA SER C 1397 -20.18 -64.24 100.15
C SER C 1397 -20.42 -63.79 101.58
N ARG C 1398 -21.55 -63.11 101.79
CA ARG C 1398 -21.93 -62.54 103.07
C ARG C 1398 -23.35 -62.93 103.40
N ASN C 1399 -23.56 -63.54 104.57
CA ASN C 1399 -24.88 -63.98 105.00
C ASN C 1399 -25.49 -64.94 103.98
N GLY C 1400 -24.65 -65.77 103.38
CA GLY C 1400 -25.07 -66.71 102.35
C GLY C 1400 -25.05 -66.13 100.94
N LYS C 1401 -25.47 -64.88 100.80
CA LYS C 1401 -25.51 -64.27 99.48
C LYS C 1401 -24.08 -64.01 98.98
N PRO C 1402 -23.86 -64.02 97.66
CA PRO C 1402 -22.52 -63.75 97.14
C PRO C 1402 -22.27 -62.26 96.99
N VAL C 1403 -21.14 -61.77 97.49
CA VAL C 1403 -20.83 -60.35 97.48
C VAL C 1403 -20.02 -59.96 96.27
N MET C 1404 -18.94 -60.68 95.96
CA MET C 1404 -18.11 -60.30 94.84
C MET C 1404 -17.30 -61.49 94.35
N GLU C 1405 -16.64 -61.30 93.21
CA GLU C 1405 -15.74 -62.28 92.62
C GLU C 1405 -14.39 -61.63 92.39
N VAL C 1406 -13.32 -62.31 92.83
CA VAL C 1406 -11.96 -61.82 92.70
C VAL C 1406 -11.21 -62.76 91.77
N THR C 1407 -10.76 -62.24 90.64
CA THR C 1407 -9.99 -62.99 89.67
C THR C 1407 -8.51 -62.72 89.91
N SER C 1408 -7.69 -63.78 89.86
CA SER C 1408 -6.26 -63.68 90.08
C SER C 1408 -5.53 -64.58 89.10
N SER C 1409 -4.62 -64.00 88.32
CA SER C 1409 -3.85 -64.74 87.33
C SER C 1409 -2.40 -64.82 87.79
N PHE C 1410 -1.90 -66.03 87.93
CA PHE C 1410 -0.52 -66.28 88.34
C PHE C 1410 0.21 -67.00 87.21
N PHE C 1411 1.53 -66.92 87.24
CA PHE C 1411 2.38 -67.43 86.17
C PHE C 1411 3.58 -68.11 86.80
N TYR C 1412 3.61 -69.44 86.74
CA TYR C 1412 4.79 -70.22 87.08
C TYR C 1412 5.72 -70.16 85.87
N ARG C 1413 6.78 -69.36 85.98
CA ARG C 1413 7.73 -69.20 84.88
C ARG C 1413 8.62 -70.42 84.79
N GLY C 1414 8.65 -71.04 83.62
CA GLY C 1414 9.45 -72.23 83.41
C GLY C 1414 8.94 -73.00 82.21
N ASN C 1415 9.30 -74.28 82.18
CA ASN C 1415 8.90 -75.20 81.12
C ASN C 1415 8.11 -76.34 81.72
N TYR C 1416 6.89 -76.54 81.23
CA TYR C 1416 5.99 -77.56 81.74
C TYR C 1416 5.32 -78.28 80.58
N THR C 1417 5.11 -79.59 80.75
CA THR C 1417 4.49 -80.42 79.73
C THR C 1417 3.43 -81.36 80.30
N ASP C 1418 2.97 -81.11 81.53
CA ASP C 1418 1.95 -81.96 82.15
C ASP C 1418 0.56 -81.50 81.71
N PHE C 1419 0.32 -81.64 80.40
CA PHE C 1419 -0.94 -81.23 79.83
C PHE C 1419 -2.12 -82.03 80.35
N GLU C 1420 -1.88 -83.22 80.92
CA GLU C 1420 -2.98 -84.01 81.47
C GLU C 1420 -3.66 -83.29 82.62
N ASN C 1421 -2.93 -82.44 83.35
CA ASN C 1421 -3.46 -81.69 84.47
C ASN C 1421 -3.91 -80.28 84.09
N THR C 1422 -3.84 -79.92 82.82
CA THR C 1422 -4.22 -78.59 82.35
C THR C 1422 -5.67 -78.60 81.89
N PHE C 1423 -6.39 -77.53 82.23
CA PHE C 1423 -7.75 -77.34 81.78
C PHE C 1423 -8.00 -75.84 81.67
N GLN C 1424 -9.03 -75.47 80.92
CA GLN C 1424 -9.35 -74.06 80.75
C GLN C 1424 -10.85 -73.87 80.57
N LYS C 1425 -11.43 -73.06 81.45
CA LYS C 1425 -12.79 -72.57 81.34
C LYS C 1425 -12.73 -71.14 80.82
N THR C 1426 -13.55 -70.84 79.81
CA THR C 1426 -13.61 -69.49 79.28
C THR C 1426 -15.05 -69.16 78.89
N VAL C 1427 -15.52 -68.00 79.34
CA VAL C 1427 -16.86 -67.53 79.00
C VAL C 1427 -16.75 -66.80 77.68
N GLU C 1428 -17.23 -67.42 76.60
CA GLU C 1428 -17.10 -66.83 75.28
C GLU C 1428 -17.96 -65.55 75.22
N PRO C 1429 -17.61 -64.60 74.35
CA PRO C 1429 -18.43 -63.40 74.25
C PRO C 1429 -19.81 -63.72 73.72
N VAL C 1430 -20.78 -62.92 74.15
CA VAL C 1430 -22.18 -63.14 73.75
C VAL C 1430 -22.31 -62.90 72.25
N TYR C 1431 -22.83 -63.90 71.54
CA TYR C 1431 -22.98 -63.82 70.10
C TYR C 1431 -24.44 -63.62 69.73
N GLN C 1432 -24.68 -62.91 68.64
CA GLN C 1432 -26.03 -62.59 68.18
C GLN C 1432 -26.17 -62.95 66.70
N MET C 1433 -27.26 -63.64 66.37
CA MET C 1433 -27.59 -64.01 65.00
C MET C 1433 -29.00 -63.57 64.67
N HIS C 1434 -29.17 -62.88 63.54
CA HIS C 1434 -30.47 -62.51 63.03
C HIS C 1434 -30.84 -63.50 61.94
N ILE C 1435 -31.93 -64.25 62.16
CA ILE C 1435 -32.37 -65.27 61.22
C ILE C 1435 -33.23 -64.57 60.17
N LYS C 1436 -32.68 -64.42 58.97
CA LYS C 1436 -33.34 -63.70 57.88
C LYS C 1436 -34.08 -64.63 56.92
N THR C 1437 -33.55 -65.83 56.69
CA THR C 1437 -34.09 -66.75 55.70
C THR C 1437 -34.11 -68.16 56.29
N SER C 1438 -34.77 -69.07 55.57
CA SER C 1438 -34.82 -70.46 55.99
C SER C 1438 -33.48 -71.16 55.83
N LYS C 1439 -32.56 -70.60 55.04
CA LYS C 1439 -31.23 -71.18 54.93
C LYS C 1439 -30.51 -71.15 56.27
N ASP C 1440 -30.63 -70.04 57.00
CA ASP C 1440 -30.02 -69.95 58.33
C ASP C 1440 -30.64 -70.96 59.28
N ILE C 1441 -31.96 -71.14 59.19
CA ILE C 1441 -32.63 -72.12 60.05
C ILE C 1441 -32.12 -73.53 59.75
N ALA C 1442 -32.00 -73.86 58.47
CA ALA C 1442 -31.49 -75.18 58.09
C ALA C 1442 -30.06 -75.37 58.58
N VAL C 1443 -29.23 -74.34 58.45
CA VAL C 1443 -27.86 -74.42 58.92
C VAL C 1443 -27.83 -74.67 60.43
N LEU C 1444 -28.65 -73.94 61.17
CA LEU C 1444 -28.69 -74.13 62.63
C LEU C 1444 -29.17 -75.53 62.99
N ARG C 1445 -30.21 -76.01 62.33
CA ARG C 1445 -30.74 -77.34 62.65
C ARG C 1445 -29.77 -78.44 62.25
N SER C 1446 -28.91 -78.19 61.26
CA SER C 1446 -27.90 -79.18 60.89
C SER C 1446 -26.82 -79.34 61.95
N LYS C 1447 -26.74 -78.44 62.92
CA LYS C 1447 -25.74 -78.52 63.98
C LYS C 1447 -26.27 -79.38 65.12
N GLU C 1448 -25.50 -80.41 65.49
CA GLU C 1448 -25.90 -81.27 66.59
C GLU C 1448 -25.96 -80.49 67.90
N TRP C 1449 -25.00 -79.60 68.12
CA TRP C 1449 -24.91 -78.89 69.39
C TRP C 1449 -26.08 -77.94 69.59
N PHE C 1450 -26.68 -77.45 68.52
CA PHE C 1450 -27.80 -76.51 68.58
C PHE C 1450 -29.07 -77.30 68.87
N GLN C 1451 -29.55 -77.25 70.13
CA GLN C 1451 -30.74 -77.97 70.53
C GLN C 1451 -31.76 -76.98 71.06
N LEU C 1452 -33.04 -77.27 70.84
CA LEU C 1452 -34.13 -76.42 71.31
C LEU C 1452 -35.11 -77.26 72.13
N ASP C 1453 -35.65 -76.65 73.19
CA ASP C 1453 -36.70 -77.35 73.95
C ASP C 1453 -37.93 -77.56 73.09
N ASP C 1454 -38.31 -76.57 72.30
CA ASP C 1454 -39.43 -76.63 71.37
C ASP C 1454 -38.86 -76.75 69.97
N GLU C 1455 -38.81 -77.98 69.45
CA GLU C 1455 -38.20 -78.20 68.14
C GLU C 1455 -38.96 -77.48 67.03
N ASP C 1456 -40.26 -77.27 67.21
CA ASP C 1456 -41.08 -76.60 66.21
C ASP C 1456 -41.11 -75.09 66.37
N PHE C 1457 -40.23 -74.53 67.20
CA PHE C 1457 -40.20 -73.08 67.38
C PHE C 1457 -39.83 -72.39 66.07
N ASP C 1458 -40.56 -71.33 65.75
CA ASP C 1458 -40.35 -70.59 64.51
C ASP C 1458 -39.17 -69.63 64.69
N LEU C 1459 -38.03 -69.99 64.11
CA LEU C 1459 -36.82 -69.19 64.21
C LEU C 1459 -36.75 -68.08 63.16
N LEU C 1460 -37.61 -68.11 62.15
CA LEU C 1460 -37.55 -67.10 61.10
C LEU C 1460 -37.89 -65.73 61.65
N ASN C 1461 -37.15 -64.72 61.19
CA ASN C 1461 -37.35 -63.34 61.63
C ASN C 1461 -37.20 -63.21 63.14
N LYS C 1462 -36.19 -63.87 63.70
CA LYS C 1462 -35.92 -63.84 65.13
C LYS C 1462 -34.44 -63.59 65.35
N THR C 1463 -34.12 -62.99 66.49
CA THR C 1463 -32.73 -62.75 66.90
C THR C 1463 -32.38 -63.70 68.03
N LEU C 1464 -31.37 -64.53 67.79
CA LEU C 1464 -30.89 -65.52 68.76
C LEU C 1464 -29.62 -65.00 69.42
N THR C 1465 -29.56 -65.14 70.73
CA THR C 1465 -28.40 -64.78 71.53
C THR C 1465 -27.82 -66.05 72.14
N PHE C 1466 -26.51 -66.23 71.96
CA PHE C 1466 -25.77 -67.38 72.45
C PHE C 1466 -24.77 -66.91 73.49
N GLU C 1467 -24.87 -67.48 74.70
CA GLU C 1467 -23.98 -67.19 75.82
C GLU C 1467 -23.35 -68.52 76.20
N THR C 1468 -22.16 -68.78 75.69
CA THR C 1468 -21.54 -70.11 75.77
C THR C 1468 -20.32 -70.08 76.69
N GLU C 1469 -20.10 -71.21 77.37
CA GLU C 1469 -18.93 -71.43 78.20
C GLU C 1469 -18.18 -72.62 77.63
N THR C 1470 -16.87 -72.47 77.43
CA THR C 1470 -16.04 -73.50 76.82
C THR C 1470 -15.09 -74.07 77.85
N GLU C 1471 -15.15 -75.39 78.04
CA GLU C 1471 -14.21 -76.15 78.85
C GLU C 1471 -13.34 -76.98 77.92
N VAL C 1472 -12.04 -76.70 77.92
CA VAL C 1472 -11.10 -77.42 77.07
C VAL C 1472 -10.03 -78.06 77.94
N THR C 1473 -9.83 -79.36 77.77
CA THR C 1473 -8.73 -80.09 78.38
C THR C 1473 -7.69 -80.36 77.30
N PHE C 1474 -6.44 -80.01 77.59
CA PHE C 1474 -5.38 -79.99 76.59
C PHE C 1474 -4.71 -81.36 76.52
N LYS C 1475 -4.44 -81.82 75.31
CA LYS C 1475 -3.58 -82.98 75.11
C LYS C 1475 -2.12 -82.56 74.95
N ASN C 1476 -1.89 -81.48 74.20
CA ASN C 1476 -0.57 -80.87 74.08
C ASN C 1476 -0.76 -79.37 73.90
N ALA C 1477 0.30 -78.69 73.48
CA ALA C 1477 0.25 -77.24 73.40
C ALA C 1477 -0.79 -76.75 72.39
N ASN C 1478 -1.10 -77.56 71.38
CA ASN C 1478 -1.95 -77.14 70.27
C ASN C 1478 -3.30 -77.84 70.25
N ILE C 1479 -3.33 -79.16 70.36
CA ILE C 1479 -4.56 -79.94 70.19
C ILE C 1479 -5.19 -80.17 71.55
N PHE C 1480 -6.46 -79.78 71.69
CA PHE C 1480 -7.20 -80.03 72.91
C PHE C 1480 -7.54 -81.51 73.04
N SER C 1481 -7.41 -82.05 74.25
CA SER C 1481 -7.77 -83.45 74.47
C SER C 1481 -9.28 -83.62 74.45
N SER C 1482 -10.01 -82.60 74.91
CA SER C 1482 -11.47 -82.64 74.88
C SER C 1482 -11.99 -81.20 74.89
N VAL C 1483 -13.04 -80.96 74.12
CA VAL C 1483 -13.65 -79.65 74.00
C VAL C 1483 -15.14 -79.77 74.29
N LYS C 1484 -15.62 -78.96 75.23
CA LYS C 1484 -17.04 -78.89 75.56
C LYS C 1484 -17.46 -77.44 75.51
N CYS C 1485 -18.64 -77.19 74.95
CA CYS C 1485 -19.16 -75.82 74.84
C CYS C 1485 -20.64 -75.86 75.18
N PHE C 1486 -21.01 -75.26 76.30
CA PHE C 1486 -22.35 -75.40 76.85
C PHE C 1486 -22.91 -74.03 77.22
N GLY C 1487 -24.20 -73.85 77.00
CA GLY C 1487 -24.85 -72.63 77.40
C GLY C 1487 -26.28 -72.50 76.94
N PRO C 1488 -26.98 -71.47 77.39
CA PRO C 1488 -28.35 -71.23 76.93
C PRO C 1488 -28.39 -70.41 75.65
N ILE C 1489 -29.38 -70.74 74.82
CA ILE C 1489 -29.70 -70.00 73.61
C ILE C 1489 -31.04 -69.34 73.86
N LYS C 1490 -31.11 -68.03 73.70
CA LYS C 1490 -32.33 -67.28 73.99
C LYS C 1490 -32.74 -66.47 72.78
N VAL C 1491 -34.03 -66.18 72.70
CA VAL C 1491 -34.60 -65.42 71.60
C VAL C 1491 -35.00 -64.04 72.13
N GLU C 1492 -34.86 -63.04 71.27
CA GLU C 1492 -35.21 -61.66 71.58
C GLU C 1492 -36.69 -61.46 71.32
N LEU C 1493 -37.46 -61.25 72.38
CA LEU C 1493 -38.88 -61.03 72.29
C LEU C 1493 -39.16 -59.64 71.74
N PRO C 1494 -40.42 -59.34 71.39
CA PRO C 1494 -40.73 -57.97 70.93
C PRO C 1494 -40.41 -56.89 71.94
N THR C 1495 -40.40 -57.22 73.24
CA THR C 1495 -40.09 -56.26 74.29
C THR C 1495 -38.59 -56.13 74.57
N LYS C 1496 -37.73 -56.54 73.63
CA LYS C 1496 -36.28 -56.47 73.81
C LYS C 1496 -35.84 -57.25 75.05
N GLU C 1497 -36.53 -58.36 75.31
CA GLU C 1497 -36.22 -59.24 76.43
C GLU C 1497 -35.76 -60.58 75.88
N THR C 1498 -34.61 -61.04 76.35
CA THR C 1498 -34.04 -62.31 75.88
C THR C 1498 -34.54 -63.43 76.79
N VAL C 1499 -35.27 -64.38 76.21
CA VAL C 1499 -35.85 -65.49 76.96
C VAL C 1499 -35.31 -66.79 76.39
N GLU C 1500 -34.90 -67.69 77.28
CA GLU C 1500 -34.29 -68.95 76.85
C GLU C 1500 -35.27 -69.78 76.04
N ILE C 1501 -34.80 -70.26 74.88
CA ILE C 1501 -35.58 -71.17 74.05
C ILE C 1501 -34.84 -72.46 73.74
N GLY C 1502 -33.53 -72.54 73.99
CA GLY C 1502 -32.78 -73.74 73.69
C GLY C 1502 -31.48 -73.77 74.45
N ILE C 1503 -30.67 -74.78 74.14
CA ILE C 1503 -29.33 -74.91 74.71
C ILE C 1503 -28.36 -75.27 73.59
N VAL C 1504 -27.17 -74.70 73.68
CA VAL C 1504 -26.02 -75.17 72.93
C VAL C 1504 -25.29 -76.16 73.80
N ASP C 1505 -25.05 -77.36 73.27
CA ASP C 1505 -24.40 -78.45 74.02
C ASP C 1505 -23.50 -79.18 73.03
N TYR C 1506 -22.24 -78.77 72.95
CA TYR C 1506 -21.24 -79.39 72.10
C TYR C 1506 -20.29 -80.19 72.99
N GLU C 1507 -20.02 -81.43 72.60
CA GLU C 1507 -19.13 -82.31 73.34
C GLU C 1507 -18.28 -83.07 72.33
N ALA C 1508 -16.96 -82.99 72.48
CA ALA C 1508 -16.08 -83.65 71.53
C ALA C 1508 -14.78 -84.02 72.22
N GLY C 1509 -14.13 -85.05 71.70
CA GLY C 1509 -12.84 -85.49 72.20
C GLY C 1509 -11.71 -84.67 71.61
N ALA C 1510 -10.68 -85.34 71.11
CA ALA C 1510 -9.54 -84.64 70.55
C ALA C 1510 -9.96 -83.75 69.39
N SER C 1511 -9.63 -82.46 69.49
CA SER C 1511 -10.00 -81.50 68.47
C SER C 1511 -9.00 -80.35 68.48
N HIS C 1512 -8.90 -79.66 67.34
CA HIS C 1512 -8.03 -78.52 67.19
C HIS C 1512 -8.70 -77.19 67.55
N GLY C 1513 -9.99 -77.20 67.83
CA GLY C 1513 -10.69 -75.96 68.15
C GLY C 1513 -12.13 -76.26 68.50
N ASN C 1514 -12.85 -75.19 68.83
CA ASN C 1514 -14.27 -75.29 69.15
C ASN C 1514 -15.09 -74.84 67.95
N PRO C 1515 -15.80 -75.72 67.25
CA PRO C 1515 -16.54 -75.27 66.07
C PRO C 1515 -17.67 -74.32 66.38
N VAL C 1516 -18.24 -74.38 67.59
CA VAL C 1516 -19.37 -73.51 67.91
C VAL C 1516 -18.94 -72.05 67.86
N VAL C 1517 -17.81 -71.74 68.49
CA VAL C 1517 -17.35 -70.35 68.52
C VAL C 1517 -16.98 -69.88 67.13
N ASP C 1518 -16.35 -70.74 66.33
CA ASP C 1518 -16.00 -70.36 64.96
C ASP C 1518 -17.24 -70.08 64.13
N PHE C 1519 -18.25 -70.94 64.23
CA PHE C 1519 -19.50 -70.73 63.51
C PHE C 1519 -20.17 -69.43 63.93
N LEU C 1520 -20.23 -69.19 65.24
CA LEU C 1520 -20.90 -67.98 65.73
C LEU C 1520 -20.14 -66.73 65.31
N LYS C 1521 -18.80 -66.76 65.37
CA LYS C 1521 -18.02 -65.61 64.93
C LYS C 1521 -18.21 -65.35 63.45
N ARG C 1522 -18.22 -66.41 62.64
CA ARG C 1522 -18.34 -66.22 61.19
C ARG C 1522 -19.72 -65.70 60.80
N ASN C 1523 -20.78 -66.22 61.42
CA ASN C 1523 -22.14 -65.90 61.02
C ASN C 1523 -22.73 -64.73 61.80
N GLY C 1524 -22.79 -64.84 63.12
CA GLY C 1524 -23.37 -63.79 63.95
C GLY C 1524 -22.42 -62.64 64.20
N SER C 1525 -22.87 -61.77 65.10
CA SER C 1525 -22.11 -60.59 65.51
C SER C 1525 -21.82 -60.70 67.00
N THR C 1526 -20.69 -60.14 67.41
CA THR C 1526 -20.28 -60.16 68.82
C THR C 1526 -20.96 -59.00 69.55
N LEU C 1527 -21.58 -59.31 70.69
CA LEU C 1527 -22.21 -58.30 71.53
C LEU C 1527 -21.21 -57.91 72.62
N GLU C 1528 -20.63 -56.72 72.50
CA GLU C 1528 -19.68 -56.20 73.48
C GLU C 1528 -20.43 -55.31 74.45
N GLN C 1529 -20.39 -55.67 75.74
CA GLN C 1529 -21.03 -54.84 76.75
C GLN C 1529 -20.34 -53.49 76.87
N LYS C 1530 -19.01 -53.49 76.84
CA LYS C 1530 -18.26 -52.24 76.92
C LYS C 1530 -18.44 -51.46 75.62
N VAL C 1531 -18.82 -50.19 75.74
CA VAL C 1531 -19.02 -49.31 74.60
C VAL C 1531 -18.09 -48.11 74.77
N ASN C 1532 -17.11 -47.99 73.88
CA ASN C 1532 -16.16 -46.90 73.96
C ASN C 1532 -16.81 -45.58 73.55
N LEU C 1533 -16.34 -44.50 74.15
CA LEU C 1533 -16.80 -43.17 73.78
C LEU C 1533 -16.16 -42.74 72.46
N GLU C 1534 -16.65 -41.64 71.90
CA GLU C 1534 -16.07 -41.14 70.66
C GLU C 1534 -14.62 -40.75 70.85
N ASN C 1535 -14.29 -40.16 72.00
CA ASN C 1535 -12.91 -39.84 72.37
C ASN C 1535 -12.75 -40.15 73.85
N PRO C 1536 -11.53 -40.48 74.30
CA PRO C 1536 -11.31 -40.61 75.74
C PRO C 1536 -11.41 -39.27 76.45
N ILE C 1537 -11.79 -39.32 77.72
CA ILE C 1537 -11.89 -38.13 78.56
C ILE C 1537 -10.83 -38.26 79.65
N PRO C 1538 -9.68 -37.58 79.55
CA PRO C 1538 -8.70 -37.67 80.63
C PRO C 1538 -9.22 -37.05 81.91
N ILE C 1539 -9.07 -37.76 83.02
CA ILE C 1539 -9.55 -37.32 84.32
C ILE C 1539 -8.45 -36.62 85.09
N ALA C 1540 -7.33 -37.30 85.34
CA ALA C 1540 -6.24 -36.69 86.08
C ALA C 1540 -4.99 -37.55 85.97
N VAL C 1541 -3.84 -36.90 86.11
CA VAL C 1541 -2.55 -37.57 86.23
C VAL C 1541 -2.10 -37.40 87.67
N LEU C 1542 -1.82 -38.51 88.34
CA LEU C 1542 -1.58 -38.53 89.79
C LEU C 1542 -0.26 -39.21 90.08
N ASP C 1543 0.35 -38.85 91.21
CA ASP C 1543 1.63 -39.38 91.64
C ASP C 1543 1.46 -40.15 92.94
N SER C 1544 2.03 -41.35 92.99
CA SER C 1544 2.01 -42.21 94.17
C SER C 1544 3.43 -42.64 94.49
N TYR C 1545 3.84 -42.51 95.75
CA TYR C 1545 5.18 -42.86 96.16
C TYR C 1545 5.16 -44.17 96.92
N THR C 1546 5.83 -45.19 96.38
CA THR C 1546 5.87 -46.49 97.02
C THR C 1546 6.64 -46.40 98.34
N PRO C 1547 6.18 -47.06 99.41
CA PRO C 1547 6.90 -46.98 100.68
C PRO C 1547 8.22 -47.70 100.63
N SER C 1548 9.14 -47.29 101.52
CA SER C 1548 10.44 -47.93 101.61
C SER C 1548 10.30 -49.39 102.03
N THR C 1549 9.42 -49.67 102.98
CA THR C 1549 9.28 -50.99 103.58
C THR C 1549 7.94 -51.61 103.19
N ASN C 1550 7.97 -52.88 102.81
CA ASN C 1550 6.76 -53.64 102.49
C ASN C 1550 6.25 -54.46 103.66
N GLU C 1551 6.90 -54.37 104.83
CA GLU C 1551 6.46 -55.13 105.99
C GLU C 1551 5.04 -54.80 106.43
N PRO C 1552 4.62 -53.52 106.57
CA PRO C 1552 3.24 -53.28 107.02
C PRO C 1552 2.19 -53.81 106.06
N TYR C 1553 2.39 -53.60 104.76
CA TYR C 1553 1.43 -54.14 103.79
C TYR C 1553 1.43 -55.66 103.81
N ALA C 1554 2.61 -56.28 103.94
CA ALA C 1554 2.66 -57.74 103.99
C ALA C 1554 1.89 -58.26 105.19
N ARG C 1555 2.07 -57.65 106.36
CA ARG C 1555 1.37 -58.12 107.55
C ARG C 1555 -0.13 -57.89 107.43
N VAL C 1556 -0.53 -56.73 106.91
CA VAL C 1556 -1.96 -56.41 106.88
C VAL C 1556 -2.69 -57.28 105.86
N SER C 1557 -2.05 -57.56 104.72
CA SER C 1557 -2.67 -58.36 103.68
C SER C 1557 -2.48 -59.86 103.88
N GLY C 1558 -1.58 -60.28 104.77
CA GLY C 1558 -1.30 -61.68 104.92
C GLY C 1558 -0.37 -62.25 103.87
N ASP C 1559 0.07 -61.44 102.91
CA ASP C 1559 0.97 -61.89 101.86
C ASP C 1559 2.40 -61.72 102.38
N LEU C 1560 2.93 -62.79 102.98
CA LEU C 1560 4.28 -62.80 103.52
C LEU C 1560 5.29 -63.37 102.54
N ASN C 1561 5.10 -63.10 101.25
CA ASN C 1561 6.03 -63.58 100.25
C ASN C 1561 7.43 -63.04 100.55
N PRO C 1562 8.44 -63.89 100.71
CA PRO C 1562 9.77 -63.37 101.10
C PRO C 1562 10.39 -62.43 100.07
N ILE C 1563 9.96 -62.48 98.81
CA ILE C 1563 10.62 -61.67 97.80
C ILE C 1563 10.39 -60.18 98.05
N HIS C 1564 9.27 -59.84 98.71
CA HIS C 1564 8.94 -58.44 98.94
C HIS C 1564 9.57 -57.87 100.20
N VAL C 1565 10.11 -58.70 101.10
CA VAL C 1565 10.60 -58.24 102.39
C VAL C 1565 12.03 -58.64 102.68
N SER C 1566 12.56 -59.70 102.06
CA SER C 1566 13.88 -60.22 102.33
C SER C 1566 14.79 -59.97 101.13
N ARG C 1567 15.95 -59.38 101.40
CA ARG C 1567 16.92 -59.16 100.33
C ARG C 1567 17.45 -60.47 99.78
N HIS C 1568 17.77 -61.43 100.65
CA HIS C 1568 18.38 -62.68 100.20
C HIS C 1568 17.42 -63.48 99.33
N PHE C 1569 16.14 -63.53 99.69
CA PHE C 1569 15.18 -64.28 98.88
C PHE C 1569 15.00 -63.64 97.51
N ALA C 1570 14.94 -62.30 97.46
CA ALA C 1570 14.84 -61.63 96.17
C ALA C 1570 16.08 -61.87 95.32
N SER C 1571 17.26 -61.83 95.93
CA SER C 1571 18.48 -62.11 95.19
C SER C 1571 18.48 -63.53 94.64
N TYR C 1572 18.04 -64.49 95.45
CA TYR C 1572 17.91 -65.86 94.98
C TYR C 1572 16.89 -65.98 93.86
N ALA C 1573 15.82 -65.20 93.90
CA ALA C 1573 14.81 -65.20 92.86
C ALA C 1573 15.19 -64.33 91.66
N ASN C 1574 16.37 -63.71 91.69
CA ASN C 1574 16.91 -62.94 90.57
C ASN C 1574 16.11 -61.67 90.30
N LEU C 1575 15.44 -61.15 91.31
CA LEU C 1575 14.70 -59.91 91.18
C LEU C 1575 15.64 -58.72 91.40
N PRO C 1576 15.30 -57.53 90.88
CA PRO C 1576 16.17 -56.36 91.12
C PRO C 1576 16.29 -55.98 92.58
N GLY C 1577 15.36 -56.42 93.43
CA GLY C 1577 15.44 -56.10 94.84
C GLY C 1577 14.19 -56.57 95.55
N THR C 1578 13.95 -56.01 96.74
CA THR C 1578 12.75 -56.29 97.50
C THR C 1578 11.58 -55.54 96.86
N ILE C 1579 11.13 -56.07 95.72
CA ILE C 1579 10.07 -55.43 94.95
C ILE C 1579 8.81 -55.30 95.79
N THR C 1580 8.13 -54.17 95.67
CA THR C 1580 6.91 -53.95 96.42
C THR C 1580 5.80 -54.85 95.90
N HIS C 1581 4.77 -55.01 96.74
CA HIS C 1581 3.65 -55.87 96.37
C HIS C 1581 2.90 -55.30 95.18
N GLY C 1582 2.72 -56.15 94.16
CA GLY C 1582 1.85 -55.77 93.06
C GLY C 1582 0.44 -55.48 93.55
N MET C 1583 -0.03 -56.24 94.54
CA MET C 1583 -1.33 -55.95 95.13
C MET C 1583 -1.34 -54.62 95.86
N PHE C 1584 -0.22 -54.23 96.48
CA PHE C 1584 -0.14 -52.89 97.05
C PHE C 1584 -0.29 -51.85 95.97
N SER C 1585 0.41 -52.03 94.85
CA SER C 1585 0.32 -51.06 93.76
C SER C 1585 -1.11 -50.98 93.24
N SER C 1586 -1.77 -52.13 93.08
CA SER C 1586 -3.15 -52.15 92.61
C SER C 1586 -4.07 -51.45 93.59
N ALA C 1587 -3.88 -51.69 94.89
CA ALA C 1587 -4.76 -51.09 95.89
C ALA C 1587 -4.55 -49.58 95.98
N SER C 1588 -3.29 -49.12 95.88
CA SER C 1588 -3.03 -47.69 95.87
C SER C 1588 -3.67 -47.04 94.65
N VAL C 1589 -3.52 -47.66 93.48
CA VAL C 1589 -4.14 -47.11 92.28
C VAL C 1589 -5.66 -47.09 92.42
N ARG C 1590 -6.24 -48.15 92.97
CA ARG C 1590 -7.69 -48.19 93.15
C ARG C 1590 -8.14 -47.11 94.11
N ALA C 1591 -7.37 -46.85 95.15
CA ALA C 1591 -7.68 -45.73 96.04
C ALA C 1591 -7.69 -44.43 95.25
N LEU C 1592 -6.73 -44.25 94.36
CA LEU C 1592 -6.70 -43.04 93.54
C LEU C 1592 -7.92 -42.95 92.62
N ILE C 1593 -8.31 -44.06 92.00
CA ILE C 1593 -9.46 -44.03 91.10
C ILE C 1593 -10.74 -43.75 91.87
N GLU C 1594 -10.91 -44.39 93.04
CA GLU C 1594 -12.11 -44.12 93.81
C GLU C 1594 -12.12 -42.70 94.34
N ASN C 1595 -10.95 -42.11 94.56
CA ASN C 1595 -10.90 -40.72 94.98
C ASN C 1595 -11.27 -39.78 93.85
N TRP C 1596 -10.76 -40.03 92.65
CA TRP C 1596 -10.84 -39.07 91.55
C TRP C 1596 -11.98 -39.37 90.58
N ALA C 1597 -11.98 -40.56 89.98
CA ALA C 1597 -13.04 -40.92 89.05
C ALA C 1597 -14.39 -41.04 89.76
N ALA C 1598 -14.38 -41.58 90.98
CA ALA C 1598 -15.60 -41.82 91.73
C ALA C 1598 -15.87 -40.77 92.81
N ASP C 1599 -15.07 -39.71 92.89
CA ASP C 1599 -15.27 -38.63 93.84
C ASP C 1599 -15.30 -39.14 95.28
N SER C 1600 -14.44 -40.11 95.58
CA SER C 1600 -14.27 -40.65 96.93
C SER C 1600 -15.58 -41.24 97.46
N VAL C 1601 -16.26 -41.97 96.58
CA VAL C 1601 -17.46 -42.73 96.95
C VAL C 1601 -17.11 -44.21 96.79
N SER C 1602 -17.08 -44.92 97.92
CA SER C 1602 -16.68 -46.33 97.89
C SER C 1602 -17.67 -47.17 97.09
N SER C 1603 -18.97 -47.01 97.37
CA SER C 1603 -19.97 -47.83 96.70
C SER C 1603 -20.01 -47.59 95.19
N ARG C 1604 -19.53 -46.44 94.73
CA ARG C 1604 -19.59 -46.10 93.32
C ARG C 1604 -18.61 -46.91 92.47
N VAL C 1605 -17.66 -47.61 93.09
CA VAL C 1605 -16.72 -48.47 92.38
C VAL C 1605 -17.20 -49.91 92.54
N ARG C 1606 -17.47 -50.57 91.42
CA ARG C 1606 -18.02 -51.93 91.41
C ARG C 1606 -17.10 -52.95 90.78
N GLY C 1607 -16.34 -52.58 89.77
CA GLY C 1607 -15.36 -53.46 89.15
C GLY C 1607 -14.01 -52.76 89.07
N TYR C 1608 -12.95 -53.54 89.20
CA TYR C 1608 -11.60 -52.98 89.09
C TYR C 1608 -10.64 -54.10 88.75
N THR C 1609 -10.15 -54.12 87.52
CA THR C 1609 -9.17 -55.11 87.08
C THR C 1609 -7.85 -54.39 86.84
N CYS C 1610 -6.77 -55.01 87.30
CA CYS C 1610 -5.42 -54.48 87.22
C CYS C 1610 -4.50 -55.56 86.67
N GLN C 1611 -3.49 -55.15 85.91
CA GLN C 1611 -2.48 -56.04 85.35
C GLN C 1611 -1.11 -55.49 85.68
N PHE C 1612 -0.27 -56.37 86.24
CA PHE C 1612 1.08 -56.03 86.69
C PHE C 1612 2.06 -56.38 85.58
N VAL C 1613 2.21 -55.44 84.64
CA VAL C 1613 3.05 -55.70 83.48
C VAL C 1613 4.52 -55.77 83.89
N ASP C 1614 4.94 -54.94 84.85
CA ASP C 1614 6.33 -54.88 85.26
C ASP C 1614 6.42 -54.68 86.77
N MET C 1615 7.57 -55.04 87.32
CA MET C 1615 7.80 -54.97 88.75
C MET C 1615 8.00 -53.52 89.19
N VAL C 1616 7.78 -53.30 90.48
CA VAL C 1616 7.91 -51.98 91.10
C VAL C 1616 8.78 -52.11 92.34
N LEU C 1617 9.77 -51.22 92.47
CA LEU C 1617 10.69 -51.24 93.59
C LEU C 1617 10.24 -50.27 94.68
N PRO C 1618 10.70 -50.45 95.91
CA PRO C 1618 10.32 -49.48 96.97
C PRO C 1618 10.92 -48.11 96.70
N ASN C 1619 10.23 -47.09 97.23
CA ASN C 1619 10.66 -45.70 97.11
C ASN C 1619 10.78 -45.29 95.63
N THR C 1620 9.66 -45.43 94.92
CA THR C 1620 9.58 -45.05 93.52
C THR C 1620 8.33 -44.21 93.29
N ALA C 1621 8.44 -43.29 92.34
CA ALA C 1621 7.35 -42.40 91.97
C ALA C 1621 6.58 -43.03 90.81
N LEU C 1622 5.29 -43.25 91.02
CA LEU C 1622 4.42 -43.89 90.04
C LEU C 1622 3.42 -42.85 89.54
N LYS C 1623 3.47 -42.56 88.24
CA LYS C 1623 2.59 -41.60 87.60
C LYS C 1623 1.47 -42.37 86.91
N THR C 1624 0.25 -42.21 87.42
CA THR C 1624 -0.92 -42.91 86.90
C THR C 1624 -1.81 -41.92 86.16
N SER C 1625 -2.11 -42.23 84.90
CA SER C 1625 -3.00 -41.41 84.08
C SER C 1625 -4.37 -42.06 84.02
N ILE C 1626 -5.38 -41.38 84.53
CA ILE C 1626 -6.75 -41.87 84.56
C ILE C 1626 -7.47 -41.33 83.34
N GLN C 1627 -8.14 -42.20 82.60
CA GLN C 1627 -8.94 -41.79 81.45
C GLN C 1627 -10.30 -42.47 81.55
N HIS C 1628 -11.33 -41.83 81.01
CA HIS C 1628 -12.66 -42.42 80.90
C HIS C 1628 -12.89 -42.73 79.42
N VAL C 1629 -12.93 -44.01 79.08
CA VAL C 1629 -12.84 -44.46 77.70
C VAL C 1629 -14.18 -44.96 77.17
N GLY C 1630 -15.01 -45.55 78.04
CA GLY C 1630 -16.24 -46.14 77.56
C GLY C 1630 -17.21 -46.37 78.70
N MET C 1631 -18.35 -46.95 78.36
CA MET C 1631 -19.40 -47.28 79.32
C MET C 1631 -19.74 -48.75 79.19
N ILE C 1632 -20.10 -49.36 80.33
CA ILE C 1632 -20.53 -50.75 80.38
C ILE C 1632 -21.72 -50.83 81.32
N ASN C 1633 -22.91 -51.07 80.75
CA ASN C 1633 -24.13 -51.29 81.53
C ASN C 1633 -24.40 -50.09 82.45
N GLY C 1634 -24.16 -48.89 81.94
CA GLY C 1634 -24.35 -47.69 82.72
C GLY C 1634 -23.21 -47.33 83.64
N ARG C 1635 -22.12 -48.08 83.63
CA ARG C 1635 -20.95 -47.82 84.47
C ARG C 1635 -19.83 -47.25 83.61
N LYS C 1636 -19.30 -46.10 84.04
CA LYS C 1636 -18.15 -45.50 83.38
C LYS C 1636 -16.98 -46.47 83.40
N LEU C 1637 -16.37 -46.69 82.23
CA LEU C 1637 -15.21 -47.56 82.10
C LEU C 1637 -13.97 -46.68 82.07
N ILE C 1638 -13.21 -46.70 83.17
CA ILE C 1638 -12.04 -45.86 83.36
C ILE C 1638 -10.79 -46.72 83.18
N LYS C 1639 -9.94 -46.34 82.25
CA LYS C 1639 -8.62 -46.95 82.07
C LYS C 1639 -7.60 -46.23 82.94
N PHE C 1640 -6.63 -46.99 83.43
CA PHE C 1640 -5.48 -46.44 84.12
C PHE C 1640 -4.23 -47.12 83.61
N GLU C 1641 -3.15 -46.34 83.49
CA GLU C 1641 -1.85 -46.82 83.00
C GLU C 1641 -0.81 -46.13 83.87
N THR C 1642 -0.23 -46.89 84.80
CA THR C 1642 0.81 -46.38 85.67
C THR C 1642 2.19 -46.55 85.04
N ARG C 1643 3.05 -45.57 85.25
CA ARG C 1643 4.41 -45.58 84.74
C ARG C 1643 5.37 -45.23 85.87
N ASN C 1644 6.56 -45.82 85.83
CA ASN C 1644 7.56 -45.57 86.86
C ASN C 1644 8.34 -44.30 86.52
N GLU C 1645 9.41 -44.04 87.28
CA GLU C 1645 10.23 -42.86 87.02
C GLU C 1645 10.89 -42.93 85.65
N ASP C 1646 11.15 -44.14 85.14
CA ASP C 1646 11.81 -44.33 83.85
C ASP C 1646 10.83 -44.31 82.69
N ASP C 1647 9.59 -43.84 82.90
CA ASP C 1647 8.59 -43.76 81.85
C ASP C 1647 8.25 -45.14 81.29
N VAL C 1648 8.35 -46.15 82.16
CA VAL C 1648 8.06 -47.54 81.81
C VAL C 1648 6.76 -47.94 82.47
N VAL C 1649 5.83 -48.49 81.70
CA VAL C 1649 4.54 -48.89 82.24
C VAL C 1649 4.75 -50.05 83.20
N VAL C 1650 4.25 -49.89 84.43
CA VAL C 1650 4.35 -50.93 85.46
C VAL C 1650 2.99 -51.45 85.90
N LEU C 1651 1.89 -50.85 85.44
CA LEU C 1651 0.56 -51.26 85.85
C LEU C 1651 -0.42 -50.76 84.79
N THR C 1652 -1.45 -51.55 84.53
CA THR C 1652 -2.47 -51.08 83.59
C THR C 1652 -3.75 -51.87 83.79
N GLY C 1653 -4.88 -51.18 83.69
CA GLY C 1653 -6.13 -51.88 83.89
C GLY C 1653 -7.35 -51.00 83.67
N GLU C 1654 -8.50 -51.58 84.04
CA GLU C 1654 -9.81 -50.98 83.86
C GLU C 1654 -10.49 -50.87 85.21
N ALA C 1655 -11.50 -50.00 85.28
CA ALA C 1655 -12.35 -49.85 86.45
C ALA C 1655 -13.75 -49.49 85.99
N GLU C 1656 -14.75 -49.92 86.74
CA GLU C 1656 -16.15 -49.68 86.41
C GLU C 1656 -16.76 -48.85 87.53
N ILE C 1657 -16.93 -47.56 87.28
CA ILE C 1657 -17.41 -46.60 88.26
C ILE C 1657 -18.87 -46.31 87.96
N GLU C 1658 -19.74 -46.56 88.93
CA GLU C 1658 -21.15 -46.24 88.75
C GLU C 1658 -21.33 -44.75 88.51
N GLN C 1659 -22.28 -44.41 87.65
CA GLN C 1659 -22.61 -43.01 87.48
C GLN C 1659 -23.32 -42.50 88.73
N PRO C 1660 -23.38 -41.19 88.92
CA PRO C 1660 -24.15 -40.65 90.05
C PRO C 1660 -25.60 -41.10 89.97
N VAL C 1661 -26.32 -40.94 91.09
CA VAL C 1661 -27.71 -41.37 91.16
C VAL C 1661 -28.48 -40.68 90.04
N THR C 1662 -29.06 -41.48 89.15
CA THR C 1662 -29.67 -40.99 87.93
C THR C 1662 -31.17 -41.25 87.93
N THR C 1663 -31.91 -40.26 87.45
CA THR C 1663 -33.34 -40.39 87.19
C THR C 1663 -33.59 -40.02 85.74
N PHE C 1664 -34.55 -40.71 85.13
CA PHE C 1664 -34.96 -40.44 83.76
C PHE C 1664 -36.41 -39.96 83.79
N VAL C 1665 -36.60 -38.67 83.50
CA VAL C 1665 -37.92 -38.05 83.49
C VAL C 1665 -38.34 -37.86 82.04
N PHE C 1666 -39.48 -38.43 81.68
CA PHE C 1666 -39.95 -38.45 80.30
C PHE C 1666 -41.06 -37.43 80.09
N THR C 1667 -40.81 -36.48 79.20
CA THR C 1667 -41.74 -35.38 78.95
C THR C 1667 -43.03 -35.90 78.34
N GLY C 1668 -44.13 -35.18 78.61
CA GLY C 1668 -45.41 -35.46 78.00
C GLY C 1668 -45.99 -34.28 77.24
N GLN C 1669 -45.59 -33.06 77.62
CA GLN C 1669 -46.09 -31.83 77.04
C GLN C 1669 -44.97 -31.07 76.33
N GLY C 1670 -44.15 -31.80 75.57
CA GLY C 1670 -43.12 -31.18 74.78
C GLY C 1670 -43.66 -30.53 73.53
N SER C 1671 -42.76 -29.87 72.80
CA SER C 1671 -43.14 -29.17 71.58
C SER C 1671 -43.38 -30.19 70.47
N GLN C 1672 -44.43 -29.95 69.69
CA GLN C 1672 -44.74 -30.76 68.51
C GLN C 1672 -44.12 -30.15 67.25
N GLU C 1673 -42.82 -29.87 67.31
CA GLU C 1673 -42.14 -29.26 66.18
C GLU C 1673 -41.81 -30.32 65.12
N GLN C 1674 -41.72 -29.87 63.88
CA GLN C 1674 -41.38 -30.77 62.78
C GLN C 1674 -39.94 -31.26 62.92
N GLY C 1675 -39.69 -32.46 62.42
CA GLY C 1675 -38.37 -33.05 62.53
C GLY C 1675 -37.96 -33.39 63.95
N MET C 1676 -38.88 -33.94 64.74
CA MET C 1676 -38.60 -34.29 66.12
C MET C 1676 -37.90 -35.64 66.14
N GLY C 1677 -36.70 -35.68 66.72
CA GLY C 1677 -35.94 -36.90 66.80
C GLY C 1677 -35.32 -37.35 65.50
N MET C 1678 -35.39 -36.53 64.45
CA MET C 1678 -34.91 -36.97 63.15
C MET C 1678 -33.39 -37.04 63.10
N ASP C 1679 -32.69 -36.17 63.82
CA ASP C 1679 -31.23 -36.28 63.84
C ASP C 1679 -30.80 -37.60 64.45
N LEU C 1680 -31.44 -38.00 65.54
CA LEU C 1680 -31.16 -39.31 66.11
C LEU C 1680 -31.58 -40.43 65.17
N TYR C 1681 -32.67 -40.22 64.42
CA TYR C 1681 -33.09 -41.24 63.46
C TYR C 1681 -32.03 -41.42 62.39
N LYS C 1682 -31.42 -40.33 61.92
CA LYS C 1682 -30.35 -40.45 60.94
C LYS C 1682 -29.12 -41.13 61.54
N THR C 1683 -28.70 -40.73 62.74
CA THR C 1683 -27.44 -41.22 63.28
C THR C 1683 -27.57 -42.59 63.96
N SER C 1684 -28.34 -42.67 65.04
CA SER C 1684 -28.35 -43.85 65.89
C SER C 1684 -29.03 -45.02 65.19
N LYS C 1685 -28.44 -46.20 65.33
CA LYS C 1685 -29.04 -47.41 64.74
C LYS C 1685 -30.22 -47.90 65.57
N ALA C 1686 -30.13 -47.80 66.90
CA ALA C 1686 -31.25 -48.20 67.75
C ALA C 1686 -32.46 -47.32 67.52
N ALA C 1687 -32.24 -46.01 67.34
CA ALA C 1687 -33.33 -45.11 67.01
C ALA C 1687 -33.95 -45.48 65.68
N GLN C 1688 -33.12 -45.83 64.70
CA GLN C 1688 -33.63 -46.31 63.41
C GLN C 1688 -34.52 -47.53 63.61
N ASP C 1689 -34.07 -48.49 64.41
CA ASP C 1689 -34.86 -49.71 64.62
C ASP C 1689 -36.20 -49.39 65.27
N VAL C 1690 -36.19 -48.54 66.30
CA VAL C 1690 -37.43 -48.20 67.00
C VAL C 1690 -38.40 -47.50 66.05
N TRP C 1691 -37.91 -46.48 65.35
CA TRP C 1691 -38.77 -45.72 64.45
C TRP C 1691 -39.29 -46.58 63.31
N ASN C 1692 -38.43 -47.46 62.76
CA ASN C 1692 -38.86 -48.32 61.67
C ASN C 1692 -39.92 -49.31 62.13
N ARG C 1693 -39.74 -49.90 63.32
CA ARG C 1693 -40.76 -50.81 63.83
C ARG C 1693 -42.09 -50.09 64.02
N ALA C 1694 -42.04 -48.88 64.59
CA ALA C 1694 -43.27 -48.12 64.78
C ALA C 1694 -43.93 -47.78 63.45
N ASP C 1695 -43.14 -47.33 62.47
CA ASP C 1695 -43.70 -46.96 61.18
C ASP C 1695 -44.28 -48.16 60.46
N ASN C 1696 -43.60 -49.31 60.52
CA ASN C 1696 -44.12 -50.51 59.89
C ASN C 1696 -45.42 -50.94 60.53
N HIS C 1697 -45.51 -50.89 61.86
CA HIS C 1697 -46.74 -51.27 62.53
C HIS C 1697 -47.88 -50.32 62.17
N PHE C 1698 -47.59 -49.01 62.12
CA PHE C 1698 -48.62 -48.06 61.77
C PHE C 1698 -49.09 -48.25 60.34
N LYS C 1699 -48.16 -48.51 59.42
CA LYS C 1699 -48.54 -48.78 58.04
C LYS C 1699 -49.41 -50.03 57.93
N ASP C 1700 -49.04 -51.09 58.65
CA ASP C 1700 -49.81 -52.32 58.59
C ASP C 1700 -51.21 -52.14 59.17
N THR C 1701 -51.32 -51.43 60.30
CA THR C 1701 -52.56 -51.36 61.04
C THR C 1701 -53.49 -50.27 60.50
N TYR C 1702 -53.02 -49.03 60.45
CA TYR C 1702 -53.82 -47.88 60.08
C TYR C 1702 -53.41 -47.25 58.76
N GLY C 1703 -52.41 -47.79 58.08
CA GLY C 1703 -52.05 -47.31 56.77
C GLY C 1703 -51.54 -45.89 56.71
N PHE C 1704 -50.79 -45.44 57.72
CA PHE C 1704 -50.09 -44.17 57.67
C PHE C 1704 -48.71 -44.32 58.28
N SER C 1705 -47.84 -43.39 57.92
CA SER C 1705 -46.44 -43.41 58.33
C SER C 1705 -46.20 -42.32 59.37
N ILE C 1706 -45.93 -42.72 60.61
CA ILE C 1706 -45.61 -41.75 61.64
C ILE C 1706 -44.31 -41.03 61.31
N LEU C 1707 -43.36 -41.75 60.69
CA LEU C 1707 -42.14 -41.10 60.25
C LEU C 1707 -42.43 -40.01 59.24
N ASP C 1708 -43.31 -40.29 58.27
CA ASP C 1708 -43.67 -39.28 57.29
C ASP C 1708 -44.37 -38.10 57.95
N ILE C 1709 -45.26 -38.38 58.91
CA ILE C 1709 -45.96 -37.30 59.61
C ILE C 1709 -44.96 -36.42 60.36
N VAL C 1710 -43.99 -37.03 61.03
CA VAL C 1710 -43.00 -36.24 61.78
C VAL C 1710 -42.15 -35.44 60.81
N ILE C 1711 -41.74 -36.05 59.70
CA ILE C 1711 -40.80 -35.39 58.79
C ILE C 1711 -41.46 -34.20 58.10
N ASN C 1712 -42.68 -34.39 57.57
CA ASN C 1712 -43.30 -33.39 56.70
C ASN C 1712 -44.37 -32.56 57.40
N ASN C 1713 -45.10 -33.14 58.35
CA ASN C 1713 -46.18 -32.47 59.06
C ASN C 1713 -47.24 -32.01 58.08
N PRO C 1714 -47.87 -32.92 57.34
CA PRO C 1714 -48.93 -32.50 56.40
C PRO C 1714 -50.13 -31.94 57.13
N VAL C 1715 -50.78 -30.96 56.50
CA VAL C 1715 -51.99 -30.38 57.08
C VAL C 1715 -53.10 -31.42 57.10
N ASN C 1716 -53.24 -32.19 56.02
CA ASN C 1716 -54.25 -33.23 55.91
C ASN C 1716 -53.60 -34.51 55.43
N LEU C 1717 -54.19 -35.63 55.82
CA LEU C 1717 -53.70 -36.96 55.48
C LEU C 1717 -54.89 -37.86 55.17
N THR C 1718 -54.95 -38.37 53.95
CA THR C 1718 -56.05 -39.22 53.50
C THR C 1718 -55.58 -40.67 53.49
N ILE C 1719 -56.31 -41.52 54.19
CA ILE C 1719 -56.07 -42.96 54.22
C ILE C 1719 -57.13 -43.59 53.33
N HIS C 1720 -56.71 -44.43 52.40
CA HIS C 1720 -57.60 -45.02 51.42
C HIS C 1720 -57.76 -46.51 51.67
N PHE C 1721 -58.95 -47.03 51.40
CA PHE C 1721 -59.33 -48.38 51.74
C PHE C 1721 -59.58 -49.24 50.50
N GLY C 1722 -58.74 -49.10 49.48
CA GLY C 1722 -58.86 -49.92 48.29
C GLY C 1722 -58.00 -51.17 48.37
N GLY C 1723 -58.50 -52.25 47.79
CA GLY C 1723 -57.80 -53.52 47.81
C GLY C 1723 -57.97 -54.24 49.14
N GLU C 1724 -57.37 -55.42 49.22
CA GLU C 1724 -57.46 -56.21 50.44
C GLU C 1724 -56.76 -55.52 51.60
N LYS C 1725 -55.60 -54.93 51.35
CA LYS C 1725 -54.89 -54.20 52.40
C LYS C 1725 -55.72 -53.01 52.86
N GLY C 1726 -56.35 -52.30 51.92
CA GLY C 1726 -57.20 -51.18 52.30
C GLY C 1726 -58.39 -51.63 53.12
N LYS C 1727 -59.01 -52.75 52.76
CA LYS C 1727 -60.12 -53.27 53.54
C LYS C 1727 -59.67 -53.66 54.94
N ARG C 1728 -58.48 -54.27 55.06
CA ARG C 1728 -57.97 -54.62 56.38
C ARG C 1728 -57.73 -53.37 57.22
N ILE C 1729 -57.15 -52.34 56.62
CA ILE C 1729 -56.94 -51.09 57.36
C ILE C 1729 -58.27 -50.47 57.76
N ARG C 1730 -59.27 -50.54 56.88
CA ARG C 1730 -60.59 -50.01 57.20
C ARG C 1730 -61.21 -50.74 58.39
N GLU C 1731 -61.09 -52.07 58.40
CA GLU C 1731 -61.62 -52.83 59.53
C GLU C 1731 -60.86 -52.51 60.80
N ASN C 1732 -59.55 -52.27 60.70
CA ASN C 1732 -58.78 -51.83 61.86
C ASN C 1732 -59.29 -50.49 62.38
N TYR C 1733 -59.60 -49.57 61.47
CA TYR C 1733 -60.13 -48.27 61.87
C TYR C 1733 -61.48 -48.41 62.54
N SER C 1734 -62.33 -49.30 62.02
CA SER C 1734 -63.66 -49.48 62.58
C SER C 1734 -63.64 -50.21 63.91
N ALA C 1735 -62.67 -51.10 64.13
CA ALA C 1735 -62.68 -51.93 65.33
C ALA C 1735 -62.53 -51.10 66.59
N MET C 1736 -61.62 -50.13 66.58
CA MET C 1736 -61.31 -49.41 67.81
C MET C 1736 -62.48 -48.53 68.25
N ILE C 1737 -62.83 -48.65 69.52
CA ILE C 1737 -64.03 -48.02 70.08
C ILE C 1737 -63.72 -47.53 71.48
N PHE C 1738 -64.21 -46.34 71.81
CA PHE C 1738 -64.07 -45.77 73.13
C PHE C 1738 -65.27 -46.18 73.97
N GLU C 1739 -65.04 -47.02 74.97
CA GLU C 1739 -66.10 -47.53 75.83
C GLU C 1739 -66.14 -46.74 77.12
N THR C 1740 -67.35 -46.50 77.61
CA THR C 1740 -67.59 -45.69 78.79
C THR C 1740 -68.61 -46.39 79.68
N ILE C 1741 -68.55 -46.12 80.98
CA ILE C 1741 -69.39 -46.75 81.98
C ILE C 1741 -70.34 -45.68 82.50
N VAL C 1742 -71.63 -45.79 82.15
CA VAL C 1742 -72.65 -44.86 82.62
C VAL C 1742 -73.78 -45.68 83.23
N ASP C 1743 -74.10 -45.38 84.49
CA ASP C 1743 -75.13 -46.12 85.23
C ASP C 1743 -74.81 -47.61 85.26
N GLY C 1744 -73.52 -47.94 85.37
CA GLY C 1744 -73.10 -49.32 85.33
C GLY C 1744 -73.43 -50.00 84.02
N LYS C 1745 -73.42 -49.25 82.93
CA LYS C 1745 -73.72 -49.77 81.60
C LYS C 1745 -72.59 -49.42 80.65
N LEU C 1746 -72.19 -50.39 79.83
CA LEU C 1746 -71.02 -50.27 78.97
C LEU C 1746 -71.45 -49.67 77.63
N LYS C 1747 -71.54 -48.35 77.59
CA LYS C 1747 -71.86 -47.68 76.35
C LYS C 1747 -70.63 -47.61 75.45
N THR C 1748 -70.84 -47.75 74.15
CA THR C 1748 -69.78 -47.78 73.16
C THR C 1748 -69.90 -46.55 72.28
N GLU C 1749 -68.77 -45.87 72.06
CA GLU C 1749 -68.69 -44.72 71.17
C GLU C 1749 -67.68 -45.07 70.09
N LYS C 1750 -68.14 -45.11 68.84
CA LYS C 1750 -67.29 -45.52 67.74
C LYS C 1750 -66.42 -44.35 67.29
N ILE C 1751 -65.11 -44.49 67.44
CA ILE C 1751 -64.20 -43.51 66.88
C ILE C 1751 -64.24 -43.62 65.36
N PHE C 1752 -63.97 -42.50 64.68
CA PHE C 1752 -64.10 -42.41 63.23
C PHE C 1752 -65.55 -42.70 62.80
N LYS C 1753 -66.43 -41.76 63.16
CA LYS C 1753 -67.83 -41.84 62.72
C LYS C 1753 -67.94 -42.05 61.21
N GLU C 1754 -67.12 -41.34 60.44
CA GLU C 1754 -67.21 -41.39 58.98
C GLU C 1754 -66.38 -42.53 58.41
N ILE C 1755 -66.58 -43.73 58.95
CA ILE C 1755 -65.98 -44.95 58.43
C ILE C 1755 -66.98 -46.08 58.61
N ASN C 1756 -67.20 -46.83 57.54
CA ASN C 1756 -68.17 -47.93 57.55
C ASN C 1756 -67.79 -48.88 56.43
N GLU C 1757 -68.63 -49.89 56.21
CA GLU C 1757 -68.32 -50.91 55.20
C GLU C 1757 -68.20 -50.29 53.81
N HIS C 1758 -68.99 -49.25 53.54
CA HIS C 1758 -68.98 -48.60 52.24
C HIS C 1758 -68.00 -47.43 52.15
N SER C 1759 -67.28 -47.13 53.23
CA SER C 1759 -66.35 -46.01 53.21
C SER C 1759 -65.10 -46.36 52.41
N THR C 1760 -64.71 -45.48 51.50
CA THR C 1760 -63.55 -45.68 50.65
C THR C 1760 -62.31 -44.95 51.15
N SER C 1761 -62.46 -43.95 52.02
CA SER C 1761 -61.31 -43.26 52.57
C SER C 1761 -61.72 -42.47 53.80
N TYR C 1762 -60.72 -42.11 54.59
CA TYR C 1762 -60.88 -41.24 55.74
C TYR C 1762 -59.76 -40.22 55.77
N THR C 1763 -60.11 -38.95 55.99
CA THR C 1763 -59.15 -37.86 56.00
C THR C 1763 -59.01 -37.30 57.40
N PHE C 1764 -57.77 -37.24 57.89
CA PHE C 1764 -57.47 -36.55 59.14
C PHE C 1764 -57.43 -35.05 58.90
N ARG C 1765 -58.20 -34.31 59.69
CA ARG C 1765 -58.34 -32.87 59.52
C ARG C 1765 -57.59 -32.16 60.63
N SER C 1766 -56.80 -31.15 60.25
CA SER C 1766 -56.08 -30.33 61.22
C SER C 1766 -56.06 -28.90 60.74
N GLU C 1767 -55.91 -27.98 61.69
CA GLU C 1767 -55.91 -26.56 61.37
C GLU C 1767 -54.58 -26.13 60.75
N LYS C 1768 -53.48 -26.32 61.49
CA LYS C 1768 -52.15 -25.94 61.05
C LYS C 1768 -51.31 -27.11 60.58
N GLY C 1769 -51.33 -28.21 61.33
CA GLY C 1769 -50.59 -29.40 60.93
C GLY C 1769 -51.07 -30.60 61.72
N LEU C 1770 -50.86 -31.77 61.14
CA LEU C 1770 -51.28 -33.00 61.82
C LEU C 1770 -50.34 -33.36 62.96
N LEU C 1771 -49.08 -32.92 62.89
CA LEU C 1771 -48.14 -33.21 63.97
C LEU C 1771 -48.54 -32.48 65.24
N SER C 1772 -49.37 -31.44 65.14
CA SER C 1772 -49.88 -30.77 66.34
C SER C 1772 -51.08 -31.51 66.94
N ALA C 1773 -51.71 -32.41 66.19
CA ALA C 1773 -52.86 -33.14 66.69
C ALA C 1773 -52.44 -34.10 67.80
N THR C 1774 -53.33 -34.28 68.78
CA THR C 1774 -53.02 -35.17 69.89
C THR C 1774 -52.86 -36.61 69.40
N GLN C 1775 -53.58 -36.97 68.34
CA GLN C 1775 -53.54 -38.34 67.84
C GLN C 1775 -52.15 -38.70 67.33
N PHE C 1776 -51.46 -37.74 66.71
CA PHE C 1776 -50.14 -37.99 66.12
C PHE C 1776 -48.99 -37.40 66.92
N THR C 1777 -49.22 -36.35 67.71
CA THR C 1777 -48.13 -35.76 68.46
C THR C 1777 -47.71 -36.67 69.61
N GLN C 1778 -48.65 -37.43 70.16
CA GLN C 1778 -48.32 -38.31 71.29
C GLN C 1778 -47.59 -39.56 70.85
N PRO C 1779 -48.01 -40.28 69.80
CA PRO C 1779 -47.12 -41.35 69.29
C PRO C 1779 -45.76 -40.85 68.89
N ALA C 1780 -45.67 -39.67 68.26
CA ALA C 1780 -44.37 -39.14 67.87
C ALA C 1780 -43.50 -38.84 69.08
N LEU C 1781 -44.09 -38.23 70.11
CA LEU C 1781 -43.33 -37.94 71.33
C LEU C 1781 -42.87 -39.22 72.01
N THR C 1782 -43.76 -40.20 72.13
CA THR C 1782 -43.39 -41.46 72.75
C THR C 1782 -42.28 -42.14 71.96
N LEU C 1783 -42.36 -42.08 70.63
CA LEU C 1783 -41.37 -42.76 69.81
C LEU C 1783 -40.02 -42.06 69.87
N MET C 1784 -40.01 -40.73 69.85
CA MET C 1784 -38.73 -40.04 69.93
C MET C 1784 -38.08 -40.29 71.29
N GLU C 1785 -38.88 -40.30 72.36
CA GLU C 1785 -38.31 -40.57 73.68
C GLU C 1785 -37.80 -41.99 73.79
N LYS C 1786 -38.56 -42.96 73.29
CA LYS C 1786 -38.12 -44.36 73.31
C LYS C 1786 -36.87 -44.54 72.47
N ALA C 1787 -36.80 -43.88 71.31
CA ALA C 1787 -35.61 -43.98 70.47
C ALA C 1787 -34.40 -43.37 71.15
N ALA C 1788 -34.58 -42.22 71.81
CA ALA C 1788 -33.48 -41.62 72.55
C ALA C 1788 -33.00 -42.55 73.66
N PHE C 1789 -33.91 -43.15 74.39
CA PHE C 1789 -33.50 -44.06 75.46
C PHE C 1789 -32.81 -45.30 74.90
N GLU C 1790 -33.29 -45.82 73.76
CA GLU C 1790 -32.65 -46.99 73.18
C GLU C 1790 -31.25 -46.65 72.67
N ASP C 1791 -31.06 -45.44 72.13
CA ASP C 1791 -29.71 -45.02 71.77
C ASP C 1791 -28.82 -44.92 73.01
N LEU C 1792 -29.36 -44.37 74.11
CA LEU C 1792 -28.58 -44.30 75.34
C LEU C 1792 -28.21 -45.70 75.82
N LYS C 1793 -29.15 -46.64 75.76
CA LYS C 1793 -28.88 -48.00 76.22
C LYS C 1793 -27.85 -48.69 75.33
N SER C 1794 -27.92 -48.45 74.01
CA SER C 1794 -26.91 -49.00 73.12
C SER C 1794 -25.54 -48.41 73.42
N LYS C 1795 -25.50 -47.14 73.81
CA LYS C 1795 -24.25 -46.52 74.23
C LYS C 1795 -23.84 -46.91 75.65
N GLY C 1796 -24.71 -47.60 76.39
CA GLY C 1796 -24.36 -48.06 77.73
C GLY C 1796 -24.43 -46.98 78.79
N LEU C 1797 -25.33 -46.00 78.63
CA LEU C 1797 -25.42 -44.85 79.51
C LEU C 1797 -26.56 -44.96 80.51
N ILE C 1798 -27.14 -46.15 80.67
CA ILE C 1798 -28.29 -46.35 81.54
C ILE C 1798 -27.84 -47.08 82.81
N PRO C 1799 -27.76 -46.44 83.97
CA PRO C 1799 -27.44 -47.20 85.19
C PRO C 1799 -28.50 -48.25 85.49
N ALA C 1800 -28.05 -49.39 86.03
CA ALA C 1800 -28.98 -50.45 86.35
C ALA C 1800 -29.96 -50.02 87.43
N ASP C 1801 -29.50 -49.26 88.42
CA ASP C 1801 -30.31 -48.81 89.53
C ASP C 1801 -30.96 -47.45 89.29
N ALA C 1802 -30.83 -46.89 88.09
CA ALA C 1802 -31.41 -45.58 87.81
C ALA C 1802 -32.93 -45.64 87.94
N THR C 1803 -33.50 -44.56 88.46
CA THR C 1803 -34.94 -44.45 88.63
C THR C 1803 -35.54 -43.75 87.42
N PHE C 1804 -36.87 -43.74 87.34
CA PHE C 1804 -37.51 -43.11 86.19
C PHE C 1804 -38.93 -42.71 86.53
N ALA C 1805 -39.38 -41.63 85.89
CA ALA C 1805 -40.73 -41.12 86.01
C ALA C 1805 -41.13 -40.53 84.66
N GLY C 1806 -42.42 -40.28 84.50
CA GLY C 1806 -42.91 -39.72 83.26
C GLY C 1806 -44.17 -38.90 83.42
N HIS C 1807 -44.21 -37.77 82.74
CA HIS C 1807 -45.37 -36.87 82.80
C HIS C 1807 -46.35 -37.23 81.70
N SER C 1808 -47.59 -37.52 82.07
CA SER C 1808 -48.67 -37.86 81.14
C SER C 1808 -48.24 -39.12 80.38
N LEU C 1809 -48.27 -39.13 79.05
CA LEU C 1809 -47.86 -40.33 78.30
C LEU C 1809 -46.34 -40.53 78.35
N GLY C 1810 -45.60 -39.55 78.88
CA GLY C 1810 -44.22 -39.79 79.22
C GLY C 1810 -44.05 -40.96 80.16
N GLU C 1811 -45.06 -41.19 81.02
CA GLU C 1811 -45.03 -42.37 81.88
C GLU C 1811 -45.07 -43.65 81.06
N TYR C 1812 -45.93 -43.70 80.04
CA TYR C 1812 -45.99 -44.86 79.17
C TYR C 1812 -44.67 -45.07 78.45
N ALA C 1813 -44.08 -43.97 77.96
CA ALA C 1813 -42.78 -44.06 77.32
C ALA C 1813 -41.73 -44.59 78.29
N ALA C 1814 -41.78 -44.15 79.54
CA ALA C 1814 -40.82 -44.60 80.55
C ALA C 1814 -40.98 -46.08 80.83
N LEU C 1815 -42.22 -46.56 80.93
CA LEU C 1815 -42.44 -47.98 81.14
C LEU C 1815 -41.91 -48.80 79.97
N ALA C 1816 -42.19 -48.36 78.74
CA ALA C 1816 -41.69 -49.09 77.58
C ALA C 1816 -40.19 -48.97 77.43
N SER C 1817 -39.57 -47.97 78.06
CA SER C 1817 -38.13 -47.73 77.92
C SER C 1817 -37.31 -48.45 78.98
N LEU C 1818 -37.56 -48.15 80.26
CA LEU C 1818 -36.74 -48.70 81.33
C LEU C 1818 -37.16 -50.12 81.70
N ALA C 1819 -38.47 -50.36 81.81
CA ALA C 1819 -38.97 -51.66 82.24
C ALA C 1819 -39.27 -52.60 81.09
N ASP C 1820 -39.50 -52.09 79.88
CA ASP C 1820 -39.84 -52.90 78.72
C ASP C 1820 -41.08 -53.76 79.00
N VAL C 1821 -42.08 -53.16 79.66
CA VAL C 1821 -43.30 -53.89 79.97
C VAL C 1821 -44.06 -54.25 78.71
N MET C 1822 -43.89 -53.47 77.64
CA MET C 1822 -44.53 -53.74 76.37
C MET C 1822 -43.59 -53.33 75.23
N SER C 1823 -43.85 -53.90 74.06
CA SER C 1823 -43.00 -53.68 72.91
C SER C 1823 -43.35 -52.36 72.22
N ILE C 1824 -42.61 -52.05 71.15
CA ILE C 1824 -42.92 -50.86 70.35
C ILE C 1824 -44.31 -50.97 69.74
N GLU C 1825 -44.65 -52.17 69.25
CA GLU C 1825 -45.93 -52.35 68.56
C GLU C 1825 -47.10 -52.11 69.51
N SER C 1826 -46.99 -52.58 70.75
CA SER C 1826 -48.07 -52.34 71.72
C SER C 1826 -48.04 -50.91 72.24
N LEU C 1827 -46.84 -50.33 72.41
CA LEU C 1827 -46.75 -48.96 72.87
C LEU C 1827 -47.41 -48.00 71.90
N VAL C 1828 -47.14 -48.17 70.60
CA VAL C 1828 -47.75 -47.28 69.61
C VAL C 1828 -49.26 -47.47 69.59
N GLU C 1829 -49.73 -48.71 69.72
CA GLU C 1829 -51.17 -48.94 69.76
C GLU C 1829 -51.81 -48.22 70.93
N VAL C 1830 -51.23 -48.37 72.13
CA VAL C 1830 -51.82 -47.75 73.31
C VAL C 1830 -51.81 -46.23 73.19
N VAL C 1831 -50.68 -45.67 72.76
CA VAL C 1831 -50.56 -44.22 72.67
C VAL C 1831 -51.49 -43.66 71.61
N PHE C 1832 -51.56 -44.33 70.45
CA PHE C 1832 -52.44 -43.88 69.38
C PHE C 1832 -53.90 -43.97 69.80
N TYR C 1833 -54.28 -45.05 70.47
CA TYR C 1833 -55.66 -45.18 70.94
C TYR C 1833 -55.99 -44.09 71.95
N ARG C 1834 -55.05 -43.78 72.85
CA ARG C 1834 -55.28 -42.70 73.80
C ARG C 1834 -55.44 -41.37 73.08
N GLY C 1835 -54.65 -41.13 72.03
CA GLY C 1835 -54.79 -39.90 71.29
C GLY C 1835 -56.12 -39.79 70.56
N MET C 1836 -56.55 -40.89 69.92
CA MET C 1836 -57.85 -40.90 69.27
C MET C 1836 -59.00 -40.74 70.25
N THR C 1837 -58.88 -41.30 71.45
CA THR C 1837 -59.99 -41.24 72.39
C THR C 1837 -60.30 -39.80 72.80
N MET C 1838 -59.33 -38.89 72.68
CA MET C 1838 -59.60 -37.49 72.98
C MET C 1838 -60.45 -36.83 71.91
N GLN C 1839 -60.59 -37.46 70.73
CA GLN C 1839 -61.48 -36.93 69.71
C GLN C 1839 -62.94 -37.13 70.06
N VAL C 1840 -63.25 -38.16 70.85
CA VAL C 1840 -64.62 -38.52 71.18
C VAL C 1840 -64.91 -38.46 72.68
N ALA C 1841 -63.92 -38.14 73.52
CA ALA C 1841 -64.13 -38.17 74.96
C ALA C 1841 -64.99 -37.02 75.45
N VAL C 1842 -65.09 -35.94 74.68
CA VAL C 1842 -65.91 -34.79 75.04
C VAL C 1842 -66.81 -34.44 73.87
N PRO C 1843 -68.00 -33.88 74.09
CA PRO C 1843 -68.82 -33.44 72.97
C PRO C 1843 -68.15 -32.29 72.23
N ARG C 1844 -68.34 -32.28 70.92
CA ARG C 1844 -67.77 -31.26 70.05
C ARG C 1844 -68.82 -30.80 69.05
N ASP C 1845 -68.72 -29.53 68.65
CA ASP C 1845 -69.63 -28.99 67.67
C ASP C 1845 -69.24 -29.49 66.28
N GLU C 1846 -69.92 -28.97 65.25
CA GLU C 1846 -69.64 -29.40 63.88
C GLU C 1846 -68.23 -29.02 63.45
N LEU C 1847 -67.70 -27.92 63.97
CA LEU C 1847 -66.37 -27.45 63.61
C LEU C 1847 -65.27 -28.09 64.43
N GLY C 1848 -65.59 -28.96 65.38
CA GLY C 1848 -64.60 -29.71 66.12
C GLY C 1848 -64.07 -29.03 67.38
N ARG C 1849 -64.46 -27.79 67.65
CA ARG C 1849 -64.00 -27.09 68.84
C ARG C 1849 -64.82 -27.52 70.05
N SER C 1850 -64.14 -27.92 71.11
CA SER C 1850 -64.77 -28.47 72.31
C SER C 1850 -64.94 -27.39 73.37
N ASN C 1851 -65.84 -27.66 74.32
CA ASN C 1851 -66.14 -26.71 75.39
C ASN C 1851 -65.15 -26.80 76.54
N TYR C 1852 -64.36 -27.87 76.63
CA TYR C 1852 -63.42 -28.06 77.73
C TYR C 1852 -62.04 -27.52 77.36
N GLY C 1853 -61.15 -27.48 78.35
CA GLY C 1853 -59.83 -26.94 78.13
C GLY C 1853 -59.00 -26.99 79.40
N MET C 1854 -57.79 -26.41 79.29
CA MET C 1854 -56.82 -26.37 80.37
C MET C 1854 -56.11 -25.03 80.39
N ILE C 1855 -55.87 -24.54 81.62
CA ILE C 1855 -55.04 -23.36 81.85
C ILE C 1855 -53.90 -23.74 82.79
N ALA C 1856 -52.84 -22.94 82.75
CA ALA C 1856 -51.69 -23.08 83.63
C ALA C 1856 -51.68 -21.89 84.58
N ILE C 1857 -51.85 -22.16 85.86
CA ILE C 1857 -51.91 -21.14 86.90
C ILE C 1857 -50.52 -20.97 87.51
N ASN C 1858 -50.20 -19.73 87.89
CA ASN C 1858 -48.93 -19.36 88.50
C ASN C 1858 -49.24 -18.57 89.78
N PRO C 1859 -49.39 -19.23 90.93
CA PRO C 1859 -49.74 -18.49 92.15
C PRO C 1859 -48.75 -17.39 92.52
N GLY C 1860 -47.46 -17.59 92.22
CA GLY C 1860 -46.47 -16.58 92.54
C GLY C 1860 -46.73 -15.26 91.84
N ARG C 1861 -47.23 -15.32 90.61
CA ARG C 1861 -47.55 -14.08 89.90
C ARG C 1861 -48.76 -13.39 90.50
N VAL C 1862 -49.73 -14.16 90.99
CA VAL C 1862 -50.88 -13.55 91.65
C VAL C 1862 -50.46 -12.86 92.94
N ALA C 1863 -49.70 -13.57 93.77
CA ALA C 1863 -49.25 -13.01 95.03
C ALA C 1863 -48.05 -13.82 95.52
N ALA C 1864 -47.27 -13.19 96.41
CA ALA C 1864 -46.10 -13.84 96.98
C ALA C 1864 -46.43 -14.82 98.09
N SER C 1865 -47.64 -14.75 98.66
CA SER C 1865 -48.07 -15.64 99.73
C SER C 1865 -49.27 -16.49 99.31
N PHE C 1866 -49.38 -16.80 98.02
CA PHE C 1866 -50.44 -17.65 97.50
C PHE C 1866 -49.97 -19.09 97.54
N SER C 1867 -50.49 -19.86 98.49
CA SER C 1867 -50.06 -21.23 98.67
C SER C 1867 -50.87 -22.17 97.78
N GLN C 1868 -50.32 -23.37 97.58
CA GLN C 1868 -51.04 -24.38 96.82
C GLN C 1868 -52.36 -24.72 97.49
N GLU C 1869 -52.39 -24.71 98.82
CA GLU C 1869 -53.64 -24.93 99.53
C GLU C 1869 -54.65 -23.84 99.21
N ALA C 1870 -54.19 -22.59 99.15
CA ALA C 1870 -55.08 -21.49 98.79
C ALA C 1870 -55.63 -21.66 97.37
N LEU C 1871 -54.76 -22.05 96.43
CA LEU C 1871 -55.22 -22.22 95.06
C LEU C 1871 -56.20 -23.38 94.95
N GLN C 1872 -55.94 -24.48 95.67
CA GLN C 1872 -56.89 -25.59 95.68
C GLN C 1872 -58.21 -25.18 96.30
N TYR C 1873 -58.17 -24.38 97.37
CA TYR C 1873 -59.39 -23.88 97.97
C TYR C 1873 -60.19 -23.06 96.97
N VAL C 1874 -59.51 -22.16 96.25
CA VAL C 1874 -60.19 -21.36 95.24
C VAL C 1874 -60.79 -22.26 94.16
N VAL C 1875 -60.03 -23.25 93.70
CA VAL C 1875 -60.50 -24.12 92.62
C VAL C 1875 -61.73 -24.90 93.06
N GLU C 1876 -61.67 -25.53 94.24
CA GLU C 1876 -62.80 -26.32 94.71
C GLU C 1876 -64.03 -25.45 94.94
N ARG C 1877 -63.85 -24.28 95.55
CA ARG C 1877 -65.01 -23.43 95.81
C ARG C 1877 -65.62 -22.91 94.51
N VAL C 1878 -64.77 -22.55 93.54
CA VAL C 1878 -65.28 -22.14 92.24
C VAL C 1878 -66.10 -23.25 91.62
N GLY C 1879 -65.54 -24.46 91.59
CA GLY C 1879 -66.25 -25.58 90.98
C GLY C 1879 -67.57 -25.88 91.65
N LYS C 1880 -67.57 -25.94 92.98
CA LYS C 1880 -68.80 -26.31 93.69
C LYS C 1880 -69.85 -25.21 93.60
N ARG C 1881 -69.44 -23.95 93.74
CA ARG C 1881 -70.39 -22.85 93.67
C ARG C 1881 -70.99 -22.72 92.27
N THR C 1882 -70.15 -22.79 91.24
CA THR C 1882 -70.64 -22.60 89.88
C THR C 1882 -71.33 -23.84 89.33
N GLY C 1883 -71.09 -25.00 89.92
CA GLY C 1883 -71.73 -26.23 89.49
C GLY C 1883 -71.04 -26.92 88.33
N TRP C 1884 -70.11 -26.25 87.65
CA TRP C 1884 -69.40 -26.82 86.52
C TRP C 1884 -68.24 -27.68 87.02
N LEU C 1885 -67.45 -28.19 86.08
CA LEU C 1885 -66.31 -29.05 86.38
C LEU C 1885 -65.02 -28.28 86.21
N VAL C 1886 -64.20 -28.24 87.25
CA VAL C 1886 -62.89 -27.62 87.20
C VAL C 1886 -62.06 -28.20 88.33
N GLU C 1887 -60.82 -28.60 88.02
CA GLU C 1887 -59.96 -29.10 89.08
C GLU C 1887 -58.51 -29.12 88.60
N ILE C 1888 -57.60 -29.14 89.57
CA ILE C 1888 -56.19 -29.18 89.26
C ILE C 1888 -55.83 -30.58 88.76
N VAL C 1889 -55.12 -30.62 87.64
CA VAL C 1889 -54.76 -31.86 86.97
C VAL C 1889 -53.26 -32.14 87.08
N ASN C 1890 -52.43 -31.10 86.97
CA ASN C 1890 -50.98 -31.22 87.13
C ASN C 1890 -50.53 -30.28 88.23
N TYR C 1891 -49.87 -30.83 89.23
CA TYR C 1891 -49.11 -30.07 90.21
C TYR C 1891 -47.67 -30.10 89.73
N ASN C 1892 -47.23 -29.02 89.09
CA ASN C 1892 -45.92 -29.00 88.43
C ASN C 1892 -44.80 -28.48 89.34
N VAL C 1893 -44.94 -27.24 89.81
CA VAL C 1893 -43.93 -26.61 90.66
C VAL C 1893 -44.65 -26.01 91.86
N GLU C 1894 -44.00 -26.10 93.02
CA GLU C 1894 -44.62 -25.64 94.26
C GLU C 1894 -44.93 -24.14 94.22
N ASN C 1895 -46.22 -23.82 94.25
CA ASN C 1895 -46.70 -22.44 94.32
C ASN C 1895 -46.24 -21.59 93.14
N GLN C 1896 -45.81 -22.19 92.04
CA GLN C 1896 -45.36 -21.39 90.90
C GLN C 1896 -45.86 -21.94 89.56
N GLN C 1897 -46.24 -23.22 89.50
CA GLN C 1897 -46.72 -23.80 88.26
C GLN C 1897 -47.71 -24.91 88.56
N TYR C 1898 -48.96 -24.71 88.12
CA TYR C 1898 -50.01 -25.70 88.25
C TYR C 1898 -50.81 -25.68 86.95
N VAL C 1899 -51.61 -26.73 86.75
CA VAL C 1899 -52.51 -26.81 85.60
C VAL C 1899 -53.89 -27.18 86.10
N ALA C 1900 -54.90 -26.45 85.63
CA ALA C 1900 -56.29 -26.75 85.92
C ALA C 1900 -56.99 -27.12 84.62
N ALA C 1901 -57.90 -28.09 84.71
CA ALA C 1901 -58.66 -28.58 83.58
C ALA C 1901 -60.14 -28.57 83.92
N GLY C 1902 -60.96 -28.36 82.89
CA GLY C 1902 -62.39 -28.38 83.05
C GLY C 1902 -63.07 -27.64 81.91
N ASP C 1903 -64.33 -27.30 82.12
CA ASP C 1903 -65.05 -26.51 81.13
C ASP C 1903 -64.31 -25.22 80.89
N LEU C 1904 -63.99 -24.95 79.62
CA LEU C 1904 -63.25 -23.74 79.27
C LEU C 1904 -63.94 -22.50 79.79
N ARG C 1905 -65.27 -22.50 79.80
CA ARG C 1905 -66.04 -21.43 80.41
C ARG C 1905 -65.73 -21.32 81.90
N ALA C 1906 -65.64 -22.46 82.61
CA ALA C 1906 -65.30 -22.43 84.03
C ALA C 1906 -63.87 -21.95 84.26
N LEU C 1907 -62.96 -22.34 83.37
CA LEU C 1907 -61.59 -21.85 83.45
C LEU C 1907 -61.53 -20.35 83.27
N ASP C 1908 -62.43 -19.79 82.45
CA ASP C 1908 -62.53 -18.34 82.35
C ASP C 1908 -62.91 -17.71 83.69
N THR C 1909 -63.86 -18.32 84.41
CA THR C 1909 -64.23 -17.80 85.72
C THR C 1909 -63.07 -17.92 86.70
N VAL C 1910 -62.34 -19.02 86.65
CA VAL C 1910 -61.19 -19.19 87.55
C VAL C 1910 -60.14 -18.12 87.26
N THR C 1911 -59.88 -17.87 85.97
CA THR C 1911 -58.93 -16.83 85.60
C THR C 1911 -59.40 -15.46 86.09
N ASN C 1912 -60.69 -15.18 85.95
CA ASN C 1912 -61.23 -13.90 86.43
C ASN C 1912 -61.11 -13.78 87.94
N VAL C 1913 -61.36 -14.87 88.66
CA VAL C 1913 -61.28 -14.84 90.13
C VAL C 1913 -59.84 -14.58 90.56
N LEU C 1914 -58.88 -15.27 89.94
CA LEU C 1914 -57.49 -15.04 90.28
C LEU C 1914 -57.04 -13.65 89.86
N ASN C 1915 -57.58 -13.11 88.77
CA ASN C 1915 -57.30 -11.72 88.41
C ASN C 1915 -57.82 -10.77 89.46
N PHE C 1916 -59.02 -11.04 89.99
CA PHE C 1916 -59.56 -10.24 91.07
C PHE C 1916 -58.63 -10.27 92.28
N ILE C 1917 -58.19 -11.46 92.67
CA ILE C 1917 -57.33 -11.60 93.85
C ILE C 1917 -56.00 -10.89 93.62
N LYS C 1918 -55.46 -11.00 92.40
CA LYS C 1918 -54.19 -10.33 92.10
C LYS C 1918 -54.33 -8.82 92.13
N LEU C 1919 -55.34 -8.29 91.43
CA LEU C 1919 -55.49 -6.84 91.33
C LEU C 1919 -55.77 -6.22 92.69
N GLN C 1920 -56.67 -6.81 93.47
CA GLN C 1920 -56.90 -6.39 94.84
C GLN C 1920 -55.89 -7.06 95.77
N LYS C 1921 -56.00 -6.79 97.06
CA LYS C 1921 -55.13 -7.36 98.07
C LYS C 1921 -55.68 -8.65 98.67
N ILE C 1922 -56.81 -9.15 98.19
CA ILE C 1922 -57.42 -10.35 98.74
C ILE C 1922 -56.50 -11.55 98.53
N GLU C 1934 -66.30 -19.47 107.56
CA GLU C 1934 -67.53 -19.29 106.79
C GLU C 1934 -67.54 -17.93 106.11
N GLU C 1935 -67.01 -16.91 106.80
CA GLU C 1935 -66.95 -15.58 106.22
C GLU C 1935 -66.06 -15.57 104.98
N VAL C 1936 -64.90 -16.24 105.05
CA VAL C 1936 -64.03 -16.34 103.88
C VAL C 1936 -64.73 -17.07 102.75
N GLU C 1937 -65.47 -18.14 103.08
CA GLU C 1937 -66.19 -18.90 102.07
C GLU C 1937 -67.22 -18.03 101.37
N GLY C 1938 -68.00 -17.26 102.13
CA GLY C 1938 -68.98 -16.39 101.51
C GLY C 1938 -68.36 -15.28 100.69
N HIS C 1939 -67.27 -14.69 101.19
CA HIS C 1939 -66.61 -13.63 100.44
C HIS C 1939 -66.06 -14.15 99.13
N LEU C 1940 -65.52 -15.38 99.13
CA LEU C 1940 -65.06 -15.99 97.89
C LEU C 1940 -66.23 -16.36 96.99
N PHE C 1941 -67.35 -16.80 97.57
CA PHE C 1941 -68.50 -17.18 96.76
C PHE C 1941 -69.06 -15.97 96.02
N GLU C 1942 -68.99 -14.78 96.64
CA GLU C 1942 -69.42 -13.58 95.94
C GLU C 1942 -68.60 -13.37 94.66
N ILE C 1943 -67.28 -13.50 94.76
CA ILE C 1943 -66.41 -13.36 93.60
C ILE C 1943 -66.73 -14.45 92.59
N ILE C 1944 -67.00 -15.66 93.08
CA ILE C 1944 -67.30 -16.79 92.19
C ILE C 1944 -68.57 -16.52 91.39
N ASP C 1945 -69.61 -16.01 92.05
CA ASP C 1945 -70.84 -15.68 91.33
C ASP C 1945 -70.60 -14.57 90.31
N GLU C 1946 -69.83 -13.55 90.70
CA GLU C 1946 -69.52 -12.46 89.76
C GLU C 1946 -68.85 -13.01 88.51
N ALA C 1947 -67.79 -13.80 88.69
CA ALA C 1947 -67.08 -14.37 87.54
C ALA C 1947 -67.96 -15.33 86.74
N SER C 1948 -68.78 -16.13 87.43
CA SER C 1948 -69.62 -17.11 86.75
C SER C 1948 -70.61 -16.42 85.83
N LYS C 1949 -71.26 -15.36 86.31
CA LYS C 1949 -72.22 -14.63 85.50
C LYS C 1949 -71.57 -13.63 84.56
N LYS C 1950 -70.27 -13.37 84.72
CA LYS C 1950 -69.53 -12.58 83.74
C LYS C 1950 -69.06 -13.41 82.55
N SER C 1951 -68.70 -14.68 82.77
CA SER C 1951 -68.14 -15.50 81.71
C SER C 1951 -69.18 -16.29 80.93
N ALA C 1952 -70.27 -16.72 81.57
CA ALA C 1952 -71.21 -17.63 80.92
C ALA C 1952 -71.93 -16.99 79.74
N VAL C 1953 -71.96 -15.66 79.66
CA VAL C 1953 -72.68 -14.99 78.58
C VAL C 1953 -72.06 -15.27 77.22
N LYS C 1954 -70.78 -15.61 77.17
CA LYS C 1954 -70.10 -15.83 75.90
C LYS C 1954 -70.59 -17.13 75.25
N PRO C 1955 -70.35 -17.31 73.95
CA PRO C 1955 -70.72 -18.57 73.30
C PRO C 1955 -70.00 -19.74 73.93
N ARG C 1956 -70.58 -20.93 73.77
CA ARG C 1956 -70.02 -22.14 74.38
C ARG C 1956 -68.59 -22.44 73.94
N PRO C 1957 -68.24 -22.40 72.62
CA PRO C 1957 -66.85 -22.61 72.21
C PRO C 1957 -66.03 -21.32 72.27
N LEU C 1958 -65.99 -20.70 73.45
CA LEU C 1958 -65.29 -19.44 73.63
C LEU C 1958 -63.77 -19.66 73.60
N LYS C 1959 -63.04 -18.55 73.73
CA LYS C 1959 -61.59 -18.56 73.82
C LYS C 1959 -61.18 -18.06 75.20
N LEU C 1960 -60.33 -18.82 75.87
CA LEU C 1960 -59.91 -18.47 77.23
C LEU C 1960 -58.84 -17.41 77.17
N GLU C 1961 -59.14 -16.22 77.70
CA GLU C 1961 -58.19 -15.13 77.69
C GLU C 1961 -57.08 -15.39 78.72
N ARG C 1962 -55.86 -15.05 78.35
CA ARG C 1962 -54.74 -15.20 79.26
C ARG C 1962 -54.78 -14.12 80.33
N GLY C 1963 -54.70 -14.53 81.59
CA GLY C 1963 -54.71 -13.61 82.71
C GLY C 1963 -53.30 -13.16 83.08
N PHE C 1964 -53.23 -12.40 84.18
CA PHE C 1964 -51.94 -11.99 84.70
C PHE C 1964 -51.11 -13.17 85.18
N ALA C 1965 -51.75 -14.29 85.52
CA ALA C 1965 -51.06 -15.48 85.99
C ALA C 1965 -51.55 -16.77 85.34
N CYS C 1966 -52.60 -16.73 84.52
CA CYS C 1966 -53.15 -17.90 83.87
C CYS C 1966 -52.78 -17.90 82.40
N ILE C 1967 -52.25 -19.02 81.93
CA ILE C 1967 -51.82 -19.19 80.55
C ILE C 1967 -52.60 -20.37 79.96
N PRO C 1968 -53.58 -20.12 79.08
CA PRO C 1968 -54.29 -21.25 78.48
C PRO C 1968 -53.35 -22.10 77.63
N LEU C 1969 -53.58 -23.42 77.64
CA LEU C 1969 -52.73 -24.34 76.90
C LEU C 1969 -53.30 -24.53 75.49
N VAL C 1970 -52.52 -24.15 74.49
CA VAL C 1970 -52.96 -24.21 73.11
C VAL C 1970 -53.01 -25.66 72.65
N GLY C 1971 -54.09 -26.02 71.97
CA GLY C 1971 -54.24 -27.33 71.38
C GLY C 1971 -54.86 -28.39 72.28
N ILE C 1972 -55.10 -28.07 73.55
CA ILE C 1972 -55.71 -29.00 74.49
C ILE C 1972 -57.21 -28.73 74.50
N SER C 1973 -58.01 -29.79 74.38
CA SER C 1973 -59.46 -29.67 74.29
C SER C 1973 -60.21 -30.69 75.12
N VAL C 1974 -59.52 -31.51 75.92
CA VAL C 1974 -60.16 -32.52 76.75
C VAL C 1974 -59.60 -32.38 78.16
N PRO C 1975 -60.40 -32.58 79.24
CA PRO C 1975 -59.82 -32.54 80.59
C PRO C 1975 -59.27 -33.89 81.01
N PHE C 1976 -58.09 -34.23 80.52
CA PHE C 1976 -57.43 -35.44 80.98
C PHE C 1976 -56.75 -35.20 82.32
N HIS C 1977 -56.38 -36.29 82.99
CA HIS C 1977 -55.88 -36.24 84.36
C HIS C 1977 -56.91 -35.58 85.28
N SER C 1978 -58.19 -35.87 85.05
CA SER C 1978 -59.28 -35.26 85.79
C SER C 1978 -60.33 -36.31 86.12
N THR C 1979 -61.22 -35.95 87.04
CA THR C 1979 -62.33 -36.82 87.41
C THR C 1979 -63.29 -37.05 86.27
N TYR C 1980 -63.26 -36.20 85.23
CA TYR C 1980 -64.21 -36.32 84.13
C TYR C 1980 -64.08 -37.68 83.43
N LEU C 1981 -62.84 -38.13 83.20
CA LEU C 1981 -62.61 -39.41 82.55
C LEU C 1981 -62.49 -40.55 83.56
N MET C 1982 -63.44 -40.62 84.49
CA MET C 1982 -63.51 -41.72 85.45
C MET C 1982 -64.39 -42.86 84.97
N ASN C 1983 -65.47 -42.54 84.27
CA ASN C 1983 -66.35 -43.58 83.74
C ASN C 1983 -65.60 -44.49 82.78
N GLY C 1984 -64.65 -43.95 82.02
CA GLY C 1984 -63.92 -44.71 81.03
C GLY C 1984 -62.71 -45.47 81.53
N VAL C 1985 -62.48 -45.49 82.84
CA VAL C 1985 -61.30 -46.16 83.38
C VAL C 1985 -61.38 -47.66 83.17
N LYS C 1986 -62.52 -48.25 83.53
CA LYS C 1986 -62.64 -49.71 83.49
C LYS C 1986 -62.45 -50.27 82.08
N PRO C 1987 -63.17 -49.80 81.05
CA PRO C 1987 -62.87 -50.31 79.69
C PRO C 1987 -61.45 -50.01 79.25
N PHE C 1988 -60.94 -48.81 79.54
CA PHE C 1988 -59.57 -48.49 79.20
C PHE C 1988 -58.60 -49.39 79.95
N LYS C 1989 -58.94 -49.77 81.18
CA LYS C 1989 -58.12 -50.73 81.91
C LYS C 1989 -58.08 -52.07 81.20
N SER C 1990 -59.21 -52.52 80.66
CA SER C 1990 -59.23 -53.78 79.91
C SER C 1990 -58.39 -53.67 78.64
N PHE C 1991 -58.46 -52.52 77.96
CA PHE C 1991 -57.64 -52.32 76.78
C PHE C 1991 -56.15 -52.35 77.13
N LEU C 1992 -55.79 -51.73 78.26
CA LEU C 1992 -54.40 -51.77 78.72
C LEU C 1992 -53.97 -53.19 79.08
N LYS C 1993 -54.88 -53.95 79.70
CA LYS C 1993 -54.54 -55.34 80.04
C LYS C 1993 -54.32 -56.17 78.78
N LYS C 1994 -55.11 -55.91 77.74
CA LYS C 1994 -54.88 -56.59 76.47
C LYS C 1994 -53.53 -56.21 75.89
N ASN C 1995 -53.15 -54.94 75.97
CA ASN C 1995 -51.90 -54.50 75.34
C ASN C 1995 -50.68 -54.91 76.16
N ILE C 1996 -50.80 -54.96 77.48
CA ILE C 1996 -49.67 -55.22 78.36
C ILE C 1996 -49.82 -56.63 78.92
N ILE C 1997 -48.82 -57.48 78.65
CA ILE C 1997 -48.86 -58.89 79.01
C ILE C 1997 -48.24 -59.05 80.39
N LYS C 1998 -48.81 -59.97 81.18
CA LYS C 1998 -48.33 -60.17 82.55
C LYS C 1998 -46.88 -60.66 82.55
N GLU C 1999 -46.54 -61.57 81.65
CA GLU C 1999 -45.18 -62.11 81.62
C GLU C 1999 -44.15 -61.03 81.33
N ASN C 2000 -44.52 -60.02 80.54
CA ASN C 2000 -43.58 -58.97 80.18
C ASN C 2000 -43.33 -57.98 81.31
N VAL C 2001 -44.11 -58.04 82.40
CA VAL C 2001 -43.91 -57.14 83.53
C VAL C 2001 -42.82 -57.71 84.41
N LYS C 2002 -41.81 -56.89 84.70
CA LYS C 2002 -40.64 -57.30 85.48
C LYS C 2002 -40.60 -56.54 86.79
N VAL C 2003 -40.77 -57.26 87.90
CA VAL C 2003 -40.83 -56.63 89.22
C VAL C 2003 -39.49 -56.03 89.57
N ALA C 2004 -38.39 -56.69 89.19
CA ALA C 2004 -37.07 -56.13 89.47
C ALA C 2004 -36.88 -54.80 88.76
N ARG C 2005 -37.33 -54.70 87.50
CA ARG C 2005 -37.16 -53.49 86.73
C ARG C 2005 -38.13 -52.38 87.12
N LEU C 2006 -39.26 -52.73 87.74
CA LEU C 2006 -40.23 -51.73 88.18
C LEU C 2006 -40.01 -51.26 89.62
N ALA C 2007 -39.66 -52.17 90.53
CA ALA C 2007 -39.65 -51.85 91.95
C ALA C 2007 -38.50 -50.90 92.29
N GLY C 2008 -38.82 -49.86 93.06
CA GLY C 2008 -37.83 -48.92 93.51
C GLY C 2008 -37.34 -47.94 92.47
N LYS C 2009 -37.82 -48.06 91.23
CA LYS C 2009 -37.39 -47.19 90.14
C LYS C 2009 -38.53 -46.45 89.48
N TYR C 2010 -39.76 -46.95 89.55
CA TYR C 2010 -40.92 -46.36 88.91
C TYR C 2010 -41.70 -45.53 89.92
N ILE C 2011 -41.97 -44.28 89.55
CA ILE C 2011 -42.74 -43.36 90.39
C ILE C 2011 -44.04 -43.03 89.66
N PRO C 2012 -45.14 -43.76 89.91
CA PRO C 2012 -46.38 -43.48 89.17
C PRO C 2012 -46.92 -42.09 89.49
N ASN C 2013 -47.62 -41.52 88.51
CA ASN C 2013 -48.30 -40.24 88.73
C ASN C 2013 -49.47 -40.38 89.69
N LEU C 2014 -50.20 -41.51 89.62
CA LEU C 2014 -51.28 -41.74 90.57
C LEU C 2014 -50.76 -41.76 92.00
N THR C 2015 -49.72 -42.55 92.26
CA THR C 2015 -49.08 -42.65 93.57
C THR C 2015 -47.64 -42.22 93.36
N ALA C 2016 -47.32 -40.98 93.72
CA ALA C 2016 -45.97 -40.43 93.51
C ALA C 2016 -45.01 -40.93 94.60
N LYS C 2017 -44.83 -42.25 94.61
CA LYS C 2017 -43.88 -42.95 95.47
C LYS C 2017 -43.16 -44.01 94.64
N PRO C 2018 -41.99 -44.46 95.10
CA PRO C 2018 -41.37 -45.65 94.50
C PRO C 2018 -42.37 -46.78 94.31
N PHE C 2019 -42.37 -47.37 93.12
CA PHE C 2019 -43.18 -48.55 92.86
C PHE C 2019 -42.75 -49.66 93.81
N GLN C 2020 -43.68 -50.16 94.61
CA GLN C 2020 -43.42 -51.28 95.51
C GLN C 2020 -44.65 -52.17 95.54
N VAL C 2021 -44.42 -53.48 95.49
CA VAL C 2021 -45.50 -54.47 95.58
C VAL C 2021 -45.68 -54.77 97.06
N THR C 2022 -46.44 -53.91 97.74
CA THR C 2022 -46.65 -54.02 99.18
C THR C 2022 -48.09 -53.68 99.50
N LYS C 2023 -48.56 -54.24 100.63
CA LYS C 2023 -49.91 -53.94 101.09
C LYS C 2023 -50.10 -52.46 101.33
N GLU C 2024 -49.07 -51.78 101.85
CA GLU C 2024 -49.16 -50.34 102.05
C GLU C 2024 -49.38 -49.63 100.72
N TYR C 2025 -48.65 -50.02 99.68
CA TYR C 2025 -48.81 -49.39 98.38
C TYR C 2025 -50.20 -49.64 97.81
N PHE C 2026 -50.67 -50.89 97.87
CA PHE C 2026 -51.98 -51.23 97.34
C PHE C 2026 -53.08 -50.47 98.08
N GLN C 2027 -52.93 -50.33 99.41
CA GLN C 2027 -53.89 -49.52 100.16
C GLN C 2027 -53.82 -48.07 99.73
N ASP C 2028 -52.61 -47.56 99.47
CA ASP C 2028 -52.47 -46.17 99.04
C ASP C 2028 -53.14 -45.93 97.69
N VAL C 2029 -53.23 -46.96 96.83
CA VAL C 2029 -53.94 -46.79 95.56
C VAL C 2029 -55.38 -46.37 95.82
N TYR C 2030 -56.07 -47.07 96.71
CA TYR C 2030 -57.46 -46.73 97.00
C TYR C 2030 -57.59 -45.36 97.65
N ASP C 2031 -56.59 -44.91 98.40
CA ASP C 2031 -56.68 -43.61 99.06
C ASP C 2031 -56.86 -42.48 98.03
N LEU C 2032 -56.41 -42.69 96.79
CA LEU C 2032 -56.64 -41.74 95.72
C LEU C 2032 -57.80 -42.15 94.81
N THR C 2033 -57.81 -43.39 94.34
CA THR C 2033 -58.84 -43.87 93.42
C THR C 2033 -59.23 -45.29 93.78
N GLY C 2034 -60.51 -45.49 94.10
CA GLY C 2034 -61.01 -46.79 94.48
C GLY C 2034 -61.17 -47.71 93.29
N SER C 2035 -60.74 -48.95 93.44
CA SER C 2035 -60.88 -49.97 92.41
C SER C 2035 -61.11 -51.33 93.06
N GLU C 2036 -62.13 -52.04 92.60
CA GLU C 2036 -62.49 -53.32 93.20
C GLU C 2036 -61.36 -54.34 93.18
N PRO C 2037 -60.58 -54.47 92.10
CA PRO C 2037 -59.42 -55.39 92.17
C PRO C 2037 -58.45 -55.05 93.27
N ILE C 2038 -58.25 -53.76 93.57
CA ILE C 2038 -57.35 -53.39 94.66
C ILE C 2038 -57.89 -53.93 95.99
N LYS C 2039 -59.20 -53.81 96.21
CA LYS C 2039 -59.77 -54.38 97.42
C LYS C 2039 -59.64 -55.89 97.44
N GLU C 2040 -59.80 -56.53 96.29
CA GLU C 2040 -59.62 -57.98 96.25
C GLU C 2040 -58.21 -58.35 96.68
N ILE C 2041 -57.20 -57.65 96.14
CA ILE C 2041 -55.81 -57.96 96.49
C ILE C 2041 -55.55 -57.68 97.97
N ILE C 2042 -56.05 -56.55 98.47
CA ILE C 2042 -55.80 -56.19 99.87
C ILE C 2042 -56.46 -57.21 100.80
N ASP C 2043 -57.71 -57.59 100.50
CA ASP C 2043 -58.41 -58.53 101.36
C ASP C 2043 -57.77 -59.91 101.34
N ASN C 2044 -57.33 -60.37 100.17
CA ASN C 2044 -56.68 -61.67 100.03
C ASN C 2044 -55.16 -61.56 100.05
N TRP C 2045 -54.61 -60.51 100.67
CA TRP C 2045 -53.16 -60.33 100.67
C TRP C 2045 -52.46 -61.49 101.39
N GLU C 2046 -53.06 -62.01 102.46
CA GLU C 2046 -52.45 -63.13 103.16
C GLU C 2046 -52.34 -64.35 102.26
N LYS C 2047 -53.36 -64.61 101.45
CA LYS C 2047 -53.30 -65.73 100.52
C LYS C 2047 -52.21 -65.51 99.47
N TYR C 2048 -52.09 -64.29 98.95
CA TYR C 2048 -51.06 -64.01 97.96
C TYR C 2048 -49.66 -64.07 98.58
N GLU C 2049 -49.53 -63.68 99.85
CA GLU C 2049 -48.22 -63.72 100.50
C GLU C 2049 -47.69 -65.15 100.58
N GLN C 2050 -48.56 -66.11 100.90
CA GLN C 2050 -48.16 -67.50 101.00
C GLN C 2050 -47.71 -68.03 99.64
N MET D 1 -42.77 -64.32 99.28
CA MET D 1 -43.79 -64.32 98.19
C MET D 1 -43.21 -64.95 96.92
N LYS D 2 -44.02 -65.77 96.25
CA LYS D 2 -43.54 -66.47 95.07
C LYS D 2 -43.25 -65.47 93.95
N PRO D 3 -42.21 -65.72 93.12
CA PRO D 3 -41.93 -64.76 92.04
C PRO D 3 -43.09 -64.58 91.07
N GLU D 4 -43.83 -65.65 90.76
CA GLU D 4 -44.92 -65.51 89.79
C GLU D 4 -46.09 -64.74 90.39
N VAL D 5 -46.40 -64.97 91.66
CA VAL D 5 -47.44 -64.17 92.31
C VAL D 5 -47.02 -62.72 92.40
N GLU D 6 -45.73 -62.47 92.69
CA GLU D 6 -45.24 -61.10 92.73
C GLU D 6 -45.38 -60.45 91.36
N GLN D 7 -45.05 -61.17 90.29
CA GLN D 7 -45.20 -60.63 88.95
C GLN D 7 -46.65 -60.33 88.63
N GLU D 8 -47.56 -61.23 89.00
CA GLU D 8 -48.98 -61.01 88.75
C GLU D 8 -49.47 -59.76 89.47
N LEU D 9 -49.10 -59.63 90.74
CA LEU D 9 -49.54 -58.46 91.52
C LEU D 9 -48.95 -57.18 90.95
N ALA D 10 -47.67 -57.21 90.55
CA ALA D 10 -47.05 -56.03 89.97
C ALA D 10 -47.73 -55.64 88.67
N HIS D 11 -48.07 -56.63 87.84
CA HIS D 11 -48.75 -56.34 86.58
C HIS D 11 -50.12 -55.71 86.84
N ILE D 12 -50.88 -56.29 87.78
CA ILE D 12 -52.19 -55.74 88.09
C ILE D 12 -52.06 -54.30 88.59
N LEU D 13 -51.10 -54.07 89.49
CA LEU D 13 -50.88 -52.72 90.01
C LEU D 13 -50.50 -51.76 88.91
N LEU D 14 -49.63 -52.19 87.98
CA LEU D 14 -49.20 -51.32 86.90
C LEU D 14 -50.36 -50.96 85.98
N THR D 15 -51.19 -51.95 85.63
CA THR D 15 -52.35 -51.65 84.79
C THR D 15 -53.31 -50.71 85.50
N GLU D 16 -53.52 -50.91 86.80
CA GLU D 16 -54.41 -50.01 87.53
C GLU D 16 -53.86 -48.59 87.56
N LEU D 17 -52.56 -48.44 87.83
CA LEU D 17 -51.96 -47.12 87.85
C LEU D 17 -52.07 -46.43 86.50
N LEU D 18 -51.77 -47.16 85.42
CA LEU D 18 -51.86 -46.59 84.09
C LEU D 18 -53.31 -46.22 83.74
N ALA D 19 -54.26 -47.06 84.14
CA ALA D 19 -55.66 -46.78 83.83
C ALA D 19 -56.15 -45.53 84.54
N TYR D 20 -55.83 -45.39 85.82
CA TYR D 20 -56.30 -44.25 86.60
C TYR D 20 -55.43 -43.01 86.46
N GLN D 21 -54.30 -43.11 85.75
CA GLN D 21 -53.45 -41.94 85.52
C GLN D 21 -54.23 -40.79 84.89
N PHE D 22 -54.97 -41.07 83.82
CA PHE D 22 -55.72 -40.03 83.12
C PHE D 22 -57.00 -39.64 83.84
N ALA D 23 -57.49 -40.46 84.77
CA ALA D 23 -58.65 -40.13 85.57
C ALA D 23 -58.30 -39.46 86.88
N SER D 24 -57.01 -39.31 87.19
CA SER D 24 -56.56 -38.68 88.42
C SER D 24 -55.53 -37.63 88.08
N PRO D 25 -55.29 -36.66 88.95
CA PRO D 25 -54.21 -35.70 88.70
C PRO D 25 -52.84 -36.34 88.86
N VAL D 26 -51.87 -35.80 88.14
CA VAL D 26 -50.48 -36.23 88.26
C VAL D 26 -49.82 -35.42 89.35
N ARG D 27 -49.20 -36.11 90.31
CA ARG D 27 -48.61 -35.49 91.50
C ARG D 27 -47.11 -35.31 91.27
N TRP D 28 -46.78 -34.43 90.33
CA TRP D 28 -45.38 -34.21 89.99
C TRP D 28 -44.63 -33.48 91.09
N ILE D 29 -45.31 -32.74 91.96
CA ILE D 29 -44.64 -32.17 93.13
C ILE D 29 -44.10 -33.30 94.00
N GLU D 30 -44.94 -34.28 94.29
CA GLU D 30 -44.50 -35.41 95.10
C GLU D 30 -43.43 -36.22 94.36
N THR D 31 -43.57 -36.37 93.03
CA THR D 31 -42.56 -37.09 92.28
C THR D 31 -41.20 -36.40 92.36
N GLN D 32 -41.19 -35.07 92.23
CA GLN D 32 -39.94 -34.33 92.33
C GLN D 32 -39.36 -34.40 93.72
N ASP D 33 -40.21 -34.26 94.74
CA ASP D 33 -39.75 -34.41 96.12
C ASP D 33 -39.13 -35.78 96.32
N VAL D 34 -39.73 -36.82 95.76
CA VAL D 34 -39.22 -38.18 95.88
C VAL D 34 -37.84 -38.29 95.24
N PHE D 35 -37.75 -37.97 93.95
CA PHE D 35 -36.50 -38.26 93.25
C PHE D 35 -35.43 -37.21 93.48
N LEU D 36 -35.71 -36.14 94.23
CA LEU D 36 -34.69 -35.17 94.59
C LEU D 36 -34.28 -35.27 96.06
N LYS D 37 -35.22 -35.44 96.98
CA LYS D 37 -34.91 -35.46 98.41
C LYS D 37 -34.73 -36.88 98.94
N ASP D 38 -35.60 -37.80 98.54
CA ASP D 38 -35.54 -39.16 99.09
C ASP D 38 -34.40 -39.95 98.47
N PHE D 39 -34.10 -39.73 97.19
CA PHE D 39 -33.06 -40.43 96.48
C PHE D 39 -31.78 -39.62 96.31
N ASN D 40 -31.82 -38.31 96.58
CA ASN D 40 -30.66 -37.44 96.43
C ASN D 40 -30.06 -37.55 95.03
N THR D 41 -30.93 -37.45 94.03
CA THR D 41 -30.50 -37.61 92.64
C THR D 41 -29.45 -36.58 92.29
N GLU D 42 -28.28 -37.06 91.87
CA GLU D 42 -27.17 -36.19 91.54
C GLU D 42 -27.21 -35.70 90.09
N ARG D 43 -27.73 -36.51 89.17
CA ARG D 43 -27.91 -36.10 87.79
C ARG D 43 -29.31 -36.48 87.35
N VAL D 44 -30.03 -35.50 86.81
CA VAL D 44 -31.37 -35.69 86.26
C VAL D 44 -31.23 -35.67 84.76
N VAL D 45 -31.82 -36.66 84.08
CA VAL D 45 -31.79 -36.76 82.63
C VAL D 45 -33.22 -36.67 82.13
N GLU D 46 -33.48 -35.71 81.25
CA GLU D 46 -34.81 -35.45 80.71
C GLU D 46 -34.86 -35.89 79.26
N ILE D 47 -35.66 -36.92 78.98
CA ILE D 47 -35.81 -37.44 77.62
C ILE D 47 -37.00 -36.75 77.00
N GLY D 48 -36.76 -35.89 76.02
CA GLY D 48 -37.82 -35.17 75.35
C GLY D 48 -37.31 -34.22 74.30
N PRO D 49 -38.23 -33.56 73.59
CA PRO D 49 -37.84 -32.64 72.53
C PRO D 49 -37.41 -31.28 73.06
N SER D 50 -38.02 -30.88 74.17
CA SER D 50 -37.82 -29.57 74.78
C SER D 50 -37.53 -29.77 76.27
N PRO D 51 -36.90 -28.79 76.92
CA PRO D 51 -36.50 -28.99 78.33
C PRO D 51 -37.61 -28.61 79.31
N THR D 52 -38.81 -29.17 79.09
CA THR D 52 -39.94 -28.84 79.95
C THR D 52 -39.73 -29.37 81.36
N LEU D 53 -39.61 -30.70 81.49
CA LEU D 53 -39.41 -31.29 82.82
C LEU D 53 -38.06 -30.87 83.39
N ALA D 54 -37.06 -30.65 82.54
CA ALA D 54 -35.76 -30.20 83.03
C ALA D 54 -35.87 -28.82 83.67
N GLY D 55 -36.54 -27.89 83.00
CA GLY D 55 -36.76 -26.58 83.60
C GLY D 55 -37.61 -26.66 84.85
N MET D 56 -38.60 -27.54 84.84
CA MET D 56 -39.43 -27.73 86.03
C MET D 56 -38.57 -28.18 87.22
N ALA D 57 -37.67 -29.14 86.99
CA ALA D 57 -36.79 -29.60 88.05
C ALA D 57 -35.84 -28.49 88.51
N GLN D 58 -35.29 -27.72 87.56
CA GLN D 58 -34.41 -26.62 87.92
C GLN D 58 -35.13 -25.61 88.81
N ARG D 59 -36.36 -25.26 88.43
CA ARG D 59 -37.11 -24.27 89.18
C ARG D 59 -37.54 -24.81 90.54
N THR D 60 -37.90 -26.10 90.62
CA THR D 60 -38.19 -26.71 91.91
C THR D 60 -36.97 -26.68 92.81
N LEU D 61 -35.80 -26.98 92.26
CA LEU D 61 -34.58 -26.94 93.07
C LEU D 61 -34.28 -25.52 93.54
N LYS D 62 -34.45 -24.53 92.66
CA LYS D 62 -34.20 -23.16 93.06
C LYS D 62 -35.16 -22.71 94.15
N ASN D 63 -36.43 -23.12 94.06
CA ASN D 63 -37.40 -22.69 95.05
C ASN D 63 -37.20 -23.39 96.38
N LYS D 64 -36.96 -24.70 96.36
CA LYS D 64 -37.02 -25.53 97.57
C LYS D 64 -35.66 -26.08 97.98
N TYR D 65 -34.96 -26.77 97.08
CA TYR D 65 -33.71 -27.45 97.42
C TYR D 65 -32.53 -26.59 96.98
N GLU D 66 -32.26 -25.55 97.76
CA GLU D 66 -31.08 -24.71 97.57
C GLU D 66 -30.10 -24.89 98.72
N SER D 67 -30.53 -24.61 99.95
CA SER D 67 -29.66 -24.83 101.10
C SER D 67 -29.45 -26.32 101.35
N TYR D 68 -30.43 -27.14 100.99
CA TYR D 68 -30.26 -28.59 101.13
C TYR D 68 -29.12 -29.08 100.25
N ASP D 69 -29.14 -28.69 98.96
CA ASP D 69 -28.07 -29.05 98.05
C ASP D 69 -26.74 -28.47 98.50
N ALA D 70 -26.75 -27.22 98.97
CA ALA D 70 -25.50 -26.62 99.46
C ALA D 70 -24.93 -27.40 100.63
N ALA D 71 -25.76 -27.68 101.64
CA ALA D 71 -25.28 -28.32 102.85
C ALA D 71 -24.78 -29.73 102.58
N LEU D 72 -25.52 -30.51 101.78
CA LEU D 72 -25.12 -31.87 101.47
C LEU D 72 -24.18 -31.97 100.28
N SER D 73 -23.77 -30.85 99.68
CA SER D 73 -22.77 -30.83 98.62
C SER D 73 -23.22 -31.65 97.41
N LEU D 74 -24.53 -31.70 97.18
CA LEU D 74 -25.10 -32.44 96.06
C LEU D 74 -24.99 -31.57 94.81
N HIS D 75 -24.15 -31.99 93.87
CA HIS D 75 -24.01 -31.31 92.59
C HIS D 75 -25.15 -31.80 91.69
N ARG D 76 -26.31 -31.15 91.81
CA ARG D 76 -27.49 -31.53 91.03
C ARG D 76 -27.31 -31.02 89.62
N GLU D 77 -27.00 -31.93 88.70
CA GLU D 77 -26.79 -31.60 87.29
C GLU D 77 -28.07 -31.94 86.55
N ILE D 78 -28.79 -30.92 86.08
CA ILE D 78 -30.01 -31.12 85.32
C ILE D 78 -29.67 -31.10 83.84
N LEU D 79 -29.95 -32.19 83.13
CA LEU D 79 -29.59 -32.37 81.74
C LEU D 79 -30.84 -32.66 80.93
N CYS D 80 -30.96 -32.02 79.78
CA CYS D 80 -32.02 -32.27 78.83
C CYS D 80 -31.43 -32.87 77.56
N TYR D 81 -32.13 -33.85 76.99
CA TYR D 81 -31.61 -34.56 75.83
C TYR D 81 -31.43 -33.62 74.64
N SER D 82 -32.35 -32.67 74.48
CA SER D 82 -32.30 -31.80 73.31
C SER D 82 -31.04 -30.93 73.30
N LYS D 83 -30.69 -30.33 74.43
CA LYS D 83 -29.57 -29.41 74.50
C LYS D 83 -28.33 -30.00 75.15
N ASP D 84 -28.48 -30.80 76.20
CA ASP D 84 -27.36 -31.34 76.97
C ASP D 84 -26.98 -32.75 76.52
N ALA D 85 -27.10 -33.01 75.22
CA ALA D 85 -26.75 -34.32 74.70
C ALA D 85 -25.27 -34.61 74.91
N LYS D 86 -24.41 -33.60 74.81
CA LYS D 86 -22.99 -33.81 75.05
C LYS D 86 -22.74 -34.29 76.47
N GLU D 87 -23.37 -33.63 77.45
CA GLU D 87 -23.20 -34.04 78.84
C GLU D 87 -23.75 -35.44 79.08
N ILE D 88 -24.89 -35.75 78.46
CA ILE D 88 -25.48 -37.07 78.66
C ILE D 88 -24.61 -38.15 78.05
N TYR D 89 -24.06 -37.90 76.86
CA TYR D 89 -23.28 -38.88 76.12
C TYR D 89 -21.82 -38.93 76.54
N TYR D 90 -21.36 -38.02 77.40
CA TYR D 90 -19.97 -37.94 77.79
C TYR D 90 -19.08 -37.72 76.56
N THR D 91 -19.35 -36.60 75.88
CA THR D 91 -18.59 -36.18 74.70
C THR D 91 -18.23 -34.71 74.86
N PRO D 92 -17.37 -34.40 75.81
CA PRO D 92 -17.01 -32.99 76.04
C PRO D 92 -16.30 -32.40 74.84
N ASP D 93 -16.50 -31.10 74.63
CA ASP D 93 -15.88 -30.40 73.52
C ASP D 93 -14.39 -30.26 73.78
N PRO D 94 -13.50 -30.71 72.87
CA PRO D 94 -12.07 -30.53 73.17
C PRO D 94 -11.60 -29.10 72.93
N GLU D 329 3.61 -2.66 23.72
CA GLU D 329 3.29 -3.11 22.38
C GLU D 329 2.36 -2.13 21.68
N GLU D 330 2.42 -0.86 22.08
CA GLU D 330 1.56 0.14 21.45
C GLU D 330 1.90 0.32 19.98
N ILE D 331 3.19 0.33 19.64
CA ILE D 331 3.59 0.55 18.25
C ILE D 331 3.17 -0.63 17.38
N THR D 332 3.36 -1.87 17.86
CA THR D 332 2.94 -3.01 17.08
C THR D 332 1.43 -3.06 16.96
N LYS D 333 0.71 -2.65 18.00
CA LYS D 333 -0.74 -2.56 17.91
C LYS D 333 -1.15 -1.54 16.85
N ASP D 334 -0.47 -0.39 16.81
CA ASP D 334 -0.79 0.63 15.81
C ASP D 334 -0.53 0.10 14.41
N HIS D 335 0.58 -0.61 14.21
CA HIS D 335 0.84 -1.23 12.91
C HIS D 335 -0.22 -2.27 12.54
N LYS D 336 -0.65 -3.08 13.51
CA LYS D 336 -1.68 -4.06 13.20
C LYS D 336 -2.99 -3.38 12.81
N VAL D 337 -3.34 -2.30 13.50
CA VAL D 337 -4.53 -1.54 13.14
C VAL D 337 -4.40 -0.94 11.75
N LEU D 338 -3.23 -0.40 11.42
CA LEU D 338 -3.02 0.16 10.09
C LEU D 338 -3.17 -0.91 9.02
N ALA D 339 -2.55 -2.07 9.23
CA ALA D 339 -2.65 -3.15 8.25
C ALA D 339 -4.08 -3.64 8.11
N ARG D 340 -4.81 -3.70 9.22
CA ARG D 340 -6.23 -4.06 9.16
C ARG D 340 -7.01 -3.06 8.31
N GLN D 341 -6.77 -1.76 8.51
CA GLN D 341 -7.50 -0.77 7.72
C GLN D 341 -7.15 -0.88 6.24
N GLN D 342 -5.87 -1.11 5.92
CA GLN D 342 -5.49 -1.24 4.52
C GLN D 342 -6.13 -2.49 3.90
N LEU D 343 -6.16 -3.59 4.66
CA LEU D 343 -6.82 -4.80 4.19
C LEU D 343 -8.30 -4.56 3.94
N GLN D 344 -8.95 -3.83 4.84
CA GLN D 344 -10.37 -3.55 4.67
C GLN D 344 -10.60 -2.68 3.44
N VAL D 345 -9.74 -1.69 3.21
CA VAL D 345 -9.86 -0.86 2.01
C VAL D 345 -9.73 -1.70 0.76
N LEU D 346 -8.73 -2.60 0.74
CA LEU D 346 -8.54 -3.45 -0.44
C LEU D 346 -9.72 -4.38 -0.66
N ALA D 347 -10.26 -4.95 0.43
CA ALA D 347 -11.42 -5.81 0.30
C ALA D 347 -12.62 -5.05 -0.23
N ARG D 348 -12.84 -3.83 0.26
CA ARG D 348 -13.93 -3.01 -0.23
C ARG D 348 -13.75 -2.70 -1.72
N TYR D 349 -12.53 -2.39 -2.13
CA TYR D 349 -12.28 -2.14 -3.55
C TYR D 349 -12.56 -3.39 -4.38
N LEU D 350 -12.12 -4.55 -3.90
CA LEU D 350 -12.33 -5.82 -4.59
C LEU D 350 -13.76 -6.31 -4.50
N LYS D 351 -14.62 -5.64 -3.74
CA LYS D 351 -16.00 -6.09 -3.53
C LYS D 351 -16.01 -7.47 -2.90
N MET D 352 -15.19 -7.64 -1.88
CA MET D 352 -14.97 -8.92 -1.22
C MET D 352 -15.59 -8.86 0.17
N ASP D 353 -16.38 -9.87 0.51
CA ASP D 353 -17.06 -9.94 1.79
C ASP D 353 -16.28 -10.89 2.69
N LEU D 354 -15.48 -10.32 3.60
CA LEU D 354 -14.69 -11.14 4.51
C LEU D 354 -15.57 -11.89 5.48
N ASP D 355 -16.76 -11.36 5.78
CA ASP D 355 -17.67 -11.97 6.74
C ASP D 355 -18.63 -12.97 6.11
N ASN D 356 -18.56 -13.17 4.79
CA ASN D 356 -19.51 -14.06 4.13
C ASN D 356 -19.35 -15.50 4.61
N GLY D 357 -18.11 -15.98 4.73
CA GLY D 357 -17.89 -17.32 5.21
C GLY D 357 -18.39 -17.51 6.63
N GLU D 358 -18.12 -16.54 7.50
CA GLU D 358 -18.61 -16.62 8.87
C GLU D 358 -20.13 -16.62 8.92
N ARG D 359 -20.77 -15.80 8.08
CA ARG D 359 -22.23 -15.77 8.08
C ARG D 359 -22.81 -17.09 7.62
N LYS D 360 -22.25 -17.66 6.56
CA LYS D 360 -22.70 -18.97 6.10
C LYS D 360 -22.49 -20.03 7.18
N PHE D 361 -21.37 -19.93 7.89
CA PHE D 361 -21.10 -20.88 8.97
C PHE D 361 -22.13 -20.76 10.09
N LEU D 362 -22.50 -19.53 10.47
CA LEU D 362 -23.49 -19.37 11.53
C LEU D 362 -24.86 -19.86 11.08
N LYS D 363 -25.23 -19.61 9.82
CA LYS D 363 -26.48 -20.18 9.31
C LYS D 363 -26.46 -21.70 9.39
N GLU D 364 -25.38 -22.33 8.92
CA GLU D 364 -25.32 -23.78 8.94
C GLU D 364 -25.27 -24.31 10.37
N LYS D 365 -24.69 -23.54 11.29
CA LYS D 365 -24.68 -23.95 12.68
C LYS D 365 -26.07 -23.93 13.27
N ASP D 366 -26.88 -22.92 12.91
CA ASP D 366 -28.28 -22.93 13.32
C ASP D 366 -29.02 -24.12 12.72
N THR D 367 -28.73 -24.44 11.45
CA THR D 367 -29.35 -25.61 10.83
C THR D 367 -28.95 -26.89 11.54
N VAL D 368 -27.68 -27.02 11.91
CA VAL D 368 -27.23 -28.18 12.69
C VAL D 368 -27.98 -28.23 14.01
N ALA D 369 -28.14 -27.08 14.67
CA ALA D 369 -28.82 -27.05 15.95
C ALA D 369 -30.27 -27.51 15.83
N GLU D 370 -30.97 -27.06 14.78
CA GLU D 370 -32.39 -27.41 14.67
C GLU D 370 -32.56 -28.87 14.22
N LEU D 371 -31.71 -29.36 13.32
CA LEU D 371 -31.77 -30.77 12.94
C LEU D 371 -31.42 -31.66 14.14
N GLN D 372 -30.44 -31.24 14.93
CA GLN D 372 -30.10 -32.00 16.13
C GLN D 372 -31.23 -31.96 17.13
N ALA D 373 -31.94 -30.83 17.23
CA ALA D 373 -33.11 -30.76 18.10
C ALA D 373 -34.17 -31.76 17.65
N GLN D 374 -34.40 -31.85 16.35
CA GLN D 374 -35.34 -32.85 15.83
C GLN D 374 -34.87 -34.26 16.18
N LEU D 375 -33.58 -34.52 16.03
CA LEU D 375 -33.06 -35.85 16.31
C LEU D 375 -33.16 -36.20 17.79
N ASP D 376 -32.85 -35.25 18.68
CA ASP D 376 -32.99 -35.53 20.10
C ASP D 376 -34.45 -35.68 20.50
N TYR D 377 -35.37 -34.98 19.82
CA TYR D 377 -36.78 -35.22 20.08
C TYR D 377 -37.16 -36.64 19.68
N LEU D 378 -36.75 -37.07 18.49
CA LEU D 378 -37.07 -38.43 18.05
C LEU D 378 -36.43 -39.46 18.97
N ASN D 379 -35.25 -39.14 19.51
CA ASN D 379 -34.58 -40.07 20.43
C ASN D 379 -35.28 -40.12 21.78
N ALA D 380 -35.69 -38.97 22.31
CA ALA D 380 -36.45 -38.96 23.56
C ALA D 380 -37.80 -39.65 23.36
N GLU D 381 -38.31 -39.64 22.14
CA GLU D 381 -39.63 -40.20 21.86
C GLU D 381 -39.56 -41.72 21.69
N LEU D 382 -38.82 -42.18 20.68
CA LEU D 382 -38.74 -43.61 20.41
C LEU D 382 -37.81 -44.31 21.39
N GLY D 383 -36.70 -43.66 21.74
CA GLY D 383 -35.72 -44.16 22.66
C GLY D 383 -34.42 -44.53 21.94
N GLU D 384 -33.35 -44.61 22.74
CA GLU D 384 -32.04 -44.95 22.17
C GLU D 384 -32.06 -46.36 21.59
N PHE D 385 -32.67 -47.31 22.29
CA PHE D 385 -32.71 -48.69 21.80
C PHE D 385 -33.47 -48.79 20.49
N PHE D 386 -34.65 -48.17 20.40
CA PHE D 386 -35.44 -48.26 19.18
C PHE D 386 -34.71 -47.61 18.01
N VAL D 387 -34.19 -46.40 18.20
CA VAL D 387 -33.55 -45.68 17.12
C VAL D 387 -32.30 -46.41 16.66
N ASN D 388 -31.52 -46.93 17.60
CA ASN D 388 -30.32 -47.68 17.23
C ASN D 388 -30.68 -48.98 16.52
N GLY D 389 -31.72 -49.68 17.00
CA GLY D 389 -32.08 -50.97 16.48
C GLY D 389 -32.85 -50.95 15.19
N VAL D 390 -33.39 -49.82 14.77
CA VAL D 390 -34.01 -49.72 13.45
C VAL D 390 -32.98 -49.55 12.34
N ALA D 391 -31.68 -49.58 12.67
CA ALA D 391 -30.65 -49.43 11.66
C ALA D 391 -30.74 -50.54 10.63
N THR D 392 -30.66 -50.16 9.35
CA THR D 392 -30.76 -51.14 8.28
C THR D 392 -29.57 -52.09 8.31
N SER D 393 -29.85 -53.37 8.08
CA SER D 393 -28.83 -54.40 8.08
C SER D 393 -28.79 -55.23 6.80
N PHE D 394 -29.86 -55.23 6.00
CA PHE D 394 -29.93 -56.08 4.82
C PHE D 394 -29.30 -55.40 3.61
N SER D 395 -28.63 -56.20 2.79
CA SER D 395 -28.15 -55.76 1.48
C SER D 395 -28.06 -56.97 0.58
N ARG D 396 -28.41 -56.79 -0.69
CA ARG D 396 -28.41 -57.92 -1.63
C ARG D 396 -27.01 -58.49 -1.82
N LYS D 397 -26.01 -57.62 -1.88
CA LYS D 397 -24.64 -58.08 -2.12
C LYS D 397 -24.15 -58.97 -0.98
N LYS D 398 -24.74 -58.85 0.21
CA LYS D 398 -24.28 -59.56 1.38
C LYS D 398 -24.92 -60.94 1.55
N ALA D 399 -25.83 -61.33 0.65
CA ALA D 399 -26.45 -62.64 0.73
C ALA D 399 -25.47 -63.74 0.33
N ARG D 400 -25.52 -64.85 1.07
CA ARG D 400 -24.66 -65.99 0.85
C ARG D 400 -25.51 -67.19 0.43
N THR D 401 -25.18 -67.78 -0.71
CA THR D 401 -25.91 -68.91 -1.25
C THR D 401 -25.12 -70.19 -1.01
N PHE D 402 -25.83 -71.25 -0.65
CA PHE D 402 -25.25 -72.58 -0.48
C PHE D 402 -26.11 -73.56 -1.28
N ASP D 403 -25.52 -74.16 -2.32
CA ASP D 403 -26.22 -75.15 -3.13
C ASP D 403 -25.35 -76.34 -3.53
N SER D 404 -24.13 -76.46 -3.01
CA SER D 404 -23.20 -77.51 -3.45
C SER D 404 -23.35 -78.78 -2.61
N SER D 405 -24.60 -79.22 -2.47
CA SER D 405 -24.88 -80.48 -1.80
C SER D 405 -24.25 -81.66 -2.52
N TRP D 406 -24.09 -81.56 -3.85
CA TRP D 406 -23.40 -82.60 -4.59
C TRP D 406 -21.98 -82.81 -4.07
N ASN D 407 -21.34 -81.72 -3.63
CA ASN D 407 -19.99 -81.84 -3.06
C ASN D 407 -20.04 -82.27 -1.60
N TRP D 408 -20.97 -81.69 -0.84
CA TRP D 408 -21.00 -81.98 0.59
C TRP D 408 -21.42 -83.43 0.86
N ALA D 409 -22.13 -84.06 -0.07
CA ALA D 409 -22.45 -85.48 0.08
C ALA D 409 -21.18 -86.32 0.11
N LYS D 410 -20.30 -86.11 -0.87
CA LYS D 410 -19.04 -86.84 -0.91
C LYS D 410 -18.18 -86.52 0.31
N GLN D 411 -18.16 -85.24 0.72
CA GLN D 411 -17.40 -84.86 1.90
C GLN D 411 -17.89 -85.63 3.13
N SER D 412 -19.20 -85.66 3.34
CA SER D 412 -19.76 -86.36 4.49
C SER D 412 -19.50 -87.85 4.41
N LEU D 413 -19.58 -88.42 3.22
CA LEU D 413 -19.32 -89.85 3.05
C LEU D 413 -17.88 -90.18 3.44
N LEU D 414 -16.92 -89.37 2.97
CA LEU D 414 -15.53 -89.63 3.35
C LEU D 414 -15.32 -89.45 4.84
N SER D 415 -15.93 -88.42 5.43
CA SER D 415 -15.79 -88.21 6.87
C SER D 415 -16.28 -89.43 7.64
N LEU D 416 -17.47 -89.93 7.29
CA LEU D 416 -18.03 -91.09 7.98
C LEU D 416 -17.17 -92.34 7.73
N TYR D 417 -16.71 -92.52 6.50
CA TYR D 417 -15.87 -93.67 6.16
C TYR D 417 -14.60 -93.69 7.01
N PHE D 418 -13.88 -92.57 7.05
CA PHE D 418 -12.65 -92.52 7.82
C PHE D 418 -12.92 -92.61 9.31
N GLU D 419 -14.03 -92.04 9.78
CA GLU D 419 -14.37 -92.14 11.19
C GLU D 419 -14.58 -93.59 11.60
N ILE D 420 -15.32 -94.34 10.78
CA ILE D 420 -15.56 -95.74 11.08
C ILE D 420 -14.26 -96.52 11.01
N ILE D 421 -13.41 -96.24 10.02
CA ILE D 421 -12.16 -96.97 9.90
C ILE D 421 -11.26 -96.70 11.10
N HIS D 422 -11.21 -95.45 11.56
CA HIS D 422 -10.33 -95.08 12.66
C HIS D 422 -10.91 -95.44 14.02
N GLY D 423 -12.19 -95.79 14.11
CA GLY D 423 -12.76 -96.18 15.37
C GLY D 423 -13.39 -95.05 16.16
N VAL D 424 -13.69 -93.93 15.52
CA VAL D 424 -14.53 -92.93 16.17
C VAL D 424 -15.94 -93.47 16.36
N LEU D 425 -16.41 -94.27 15.41
CA LEU D 425 -17.77 -94.80 15.40
C LEU D 425 -17.69 -96.33 15.33
N LYS D 426 -17.75 -96.99 16.48
CA LYS D 426 -17.82 -98.45 16.52
C LYS D 426 -19.19 -99.00 16.17
N ASN D 427 -20.26 -98.27 16.48
CA ASN D 427 -21.62 -98.78 16.32
C ASN D 427 -22.43 -97.80 15.49
N VAL D 428 -23.53 -98.31 14.93
CA VAL D 428 -24.45 -97.51 14.12
C VAL D 428 -25.39 -96.82 15.10
N ASP D 429 -24.97 -95.66 15.60
CA ASP D 429 -25.79 -94.89 16.51
C ASP D 429 -26.67 -93.92 15.73
N ARG D 430 -27.55 -93.22 16.44
CA ARG D 430 -28.54 -92.38 15.77
C ARG D 430 -27.89 -91.25 14.99
N GLU D 431 -26.69 -90.82 15.39
CA GLU D 431 -25.98 -89.81 14.62
C GLU D 431 -25.50 -90.38 13.30
N VAL D 432 -25.00 -91.61 13.32
CA VAL D 432 -24.60 -92.27 12.07
C VAL D 432 -25.81 -92.50 11.18
N VAL D 433 -26.96 -92.85 11.78
CA VAL D 433 -28.16 -93.06 10.98
C VAL D 433 -28.62 -91.75 10.35
N SER D 434 -28.52 -90.64 11.11
CA SER D 434 -28.88 -89.35 10.55
C SER D 434 -27.95 -88.95 9.40
N GLU D 435 -26.65 -89.20 9.57
CA GLU D 435 -25.72 -88.89 8.49
C GLU D 435 -25.99 -89.76 7.26
N ALA D 436 -26.35 -91.02 7.49
CA ALA D 436 -26.73 -91.90 6.39
C ALA D 436 -27.97 -91.36 5.68
N ILE D 437 -28.94 -90.85 6.44
CA ILE D 437 -30.14 -90.29 5.84
C ILE D 437 -29.79 -89.06 5.00
N ASN D 438 -28.88 -88.23 5.50
CA ASN D 438 -28.46 -87.06 4.73
C ASN D 438 -27.77 -87.48 3.44
N ILE D 439 -26.92 -88.50 3.49
CA ILE D 439 -26.25 -88.99 2.30
C ILE D 439 -27.28 -89.53 1.31
N MET D 440 -28.27 -90.27 1.81
CA MET D 440 -29.35 -90.75 0.95
C MET D 440 -30.09 -89.58 0.31
N ASN D 441 -30.34 -88.53 1.08
CA ASN D 441 -31.07 -87.38 0.56
C ASN D 441 -30.29 -86.69 -0.55
N ARG D 442 -28.96 -86.67 -0.44
CA ARG D 442 -28.10 -86.09 -1.47
C ARG D 442 -27.66 -87.11 -2.52
N SER D 443 -28.17 -88.34 -2.47
CA SER D 443 -27.71 -89.40 -3.35
C SER D 443 -28.01 -89.11 -4.82
N ASN D 444 -27.08 -89.50 -5.68
CA ASN D 444 -27.27 -89.52 -7.13
C ASN D 444 -26.32 -90.56 -7.69
N ASP D 445 -26.32 -90.69 -9.03
CA ASP D 445 -25.55 -91.75 -9.67
C ASP D 445 -24.05 -91.58 -9.44
N ALA D 446 -23.56 -90.34 -9.54
CA ALA D 446 -22.15 -90.09 -9.28
C ALA D 446 -21.78 -90.47 -7.86
N LEU D 447 -22.65 -90.14 -6.90
CA LEU D 447 -22.40 -90.53 -5.52
C LEU D 447 -22.39 -92.05 -5.38
N ILE D 448 -23.32 -92.73 -6.04
CA ILE D 448 -23.36 -94.20 -5.95
C ILE D 448 -22.04 -94.77 -6.46
N LYS D 449 -21.53 -94.23 -7.56
CA LYS D 449 -20.23 -94.68 -8.06
C LYS D 449 -19.12 -94.40 -7.05
N PHE D 450 -19.18 -93.23 -6.40
CA PHE D 450 -18.18 -92.86 -5.40
C PHE D 450 -18.13 -93.88 -4.27
N MET D 451 -19.29 -94.17 -3.66
CA MET D 451 -19.32 -95.13 -2.55
C MET D 451 -19.02 -96.55 -3.03
N GLU D 452 -19.48 -96.90 -4.23
CA GLU D 452 -19.17 -98.23 -4.75
C GLU D 452 -17.68 -98.43 -4.89
N TYR D 453 -16.97 -97.44 -5.45
CA TYR D 453 -15.52 -97.54 -5.52
C TYR D 453 -14.91 -97.62 -4.13
N HIS D 454 -15.28 -96.70 -3.24
CA HIS D 454 -14.60 -96.65 -1.95
C HIS D 454 -14.87 -97.87 -1.09
N ILE D 455 -15.96 -98.60 -1.33
CA ILE D 455 -16.24 -99.81 -0.57
C ILE D 455 -15.67 -101.05 -1.24
N SER D 456 -15.71 -101.12 -2.57
CA SER D 456 -15.09 -102.26 -3.26
C SER D 456 -13.58 -102.23 -3.11
N ASN D 457 -13.00 -101.03 -3.01
CA ASN D 457 -11.56 -100.92 -2.83
C ASN D 457 -11.14 -101.19 -1.38
N THR D 458 -12.07 -101.14 -0.45
CA THR D 458 -11.74 -101.40 0.95
C THR D 458 -11.31 -102.85 1.12
N ASP D 459 -10.20 -103.04 1.84
CA ASP D 459 -9.67 -104.36 2.13
C ASP D 459 -10.21 -104.81 3.48
N GLU D 460 -11.19 -105.72 3.45
CA GLU D 460 -11.86 -106.13 4.67
C GLU D 460 -10.94 -106.90 5.61
N THR D 461 -9.82 -107.43 5.11
CA THR D 461 -8.93 -108.24 5.93
C THR D 461 -8.07 -107.42 6.89
N LYS D 462 -8.11 -106.09 6.79
CA LYS D 462 -7.28 -105.23 7.64
C LYS D 462 -8.01 -104.93 8.97
N GLY D 463 -8.35 -106.00 9.67
CA GLY D 463 -9.01 -105.87 10.95
C GLY D 463 -10.52 -105.74 10.84
N GLU D 464 -11.17 -105.80 12.00
CA GLU D 464 -12.63 -105.81 12.03
C GLU D 464 -13.22 -104.47 11.63
N ASN D 465 -12.46 -103.37 11.81
CA ASN D 465 -12.98 -102.07 11.43
C ASN D 465 -13.22 -101.97 9.93
N TYR D 466 -12.34 -102.56 9.13
CA TYR D 466 -12.52 -102.52 7.68
C TYR D 466 -13.67 -103.41 7.26
N GLN D 467 -13.85 -104.55 7.91
CA GLN D 467 -15.02 -105.38 7.64
C GLN D 467 -16.30 -104.60 7.96
N LEU D 468 -16.31 -103.90 9.09
CA LEU D 468 -17.49 -103.15 9.49
C LEU D 468 -17.81 -102.03 8.51
N VAL D 469 -16.79 -101.27 8.12
CA VAL D 469 -17.04 -100.16 7.19
C VAL D 469 -17.49 -100.71 5.84
N LYS D 470 -16.93 -101.85 5.42
CA LYS D 470 -17.37 -102.44 4.16
C LYS D 470 -18.83 -102.86 4.22
N THR D 471 -19.24 -103.53 5.30
CA THR D 471 -20.63 -103.97 5.40
C THR D 471 -21.58 -102.79 5.49
N LEU D 472 -21.25 -101.78 6.31
CA LEU D 472 -22.11 -100.62 6.43
C LEU D 472 -22.18 -99.86 5.11
N GLY D 473 -21.07 -99.77 4.39
CA GLY D 473 -21.10 -99.13 3.09
C GLY D 473 -21.94 -99.88 2.08
N GLU D 474 -21.90 -101.21 2.11
CA GLU D 474 -22.76 -101.98 1.21
C GLU D 474 -24.24 -101.72 1.54
N GLN D 475 -24.58 -101.69 2.83
CA GLN D 475 -25.95 -101.38 3.21
C GLN D 475 -26.36 -99.99 2.74
N LEU D 476 -25.45 -99.01 2.89
CA LEU D 476 -25.78 -97.65 2.50
C LEU D 476 -25.89 -97.51 0.98
N ILE D 477 -25.06 -98.26 0.24
CA ILE D 477 -25.19 -98.29 -1.22
C ILE D 477 -26.55 -98.83 -1.61
N GLU D 478 -26.97 -99.93 -0.98
CA GLU D 478 -28.28 -100.50 -1.30
C GLU D 478 -29.39 -99.49 -0.98
N ASN D 479 -29.28 -98.80 0.16
CA ASN D 479 -30.29 -97.82 0.53
C ASN D 479 -30.32 -96.66 -0.45
N CYS D 480 -29.17 -96.17 -0.88
CA CYS D 480 -29.12 -95.00 -1.74
C CYS D 480 -29.58 -95.33 -3.16
N LYS D 481 -29.31 -96.54 -3.62
CA LYS D 481 -29.80 -96.95 -4.93
C LYS D 481 -31.32 -96.91 -5.00
N GLN D 482 -32.00 -97.28 -3.92
CA GLN D 482 -33.46 -97.20 -3.89
C GLN D 482 -33.96 -95.78 -4.03
N VAL D 483 -33.29 -94.82 -3.39
CA VAL D 483 -33.75 -93.44 -3.34
C VAL D 483 -32.97 -92.55 -4.32
N LEU D 484 -32.36 -93.15 -5.34
CA LEU D 484 -31.77 -92.35 -6.42
C LEU D 484 -32.78 -91.37 -6.99
N ASP D 485 -34.00 -91.83 -7.28
CA ASP D 485 -35.04 -91.00 -7.85
C ASP D 485 -36.06 -90.52 -6.83
N VAL D 486 -36.06 -91.05 -5.62
CA VAL D 486 -37.02 -90.63 -4.61
C VAL D 486 -36.65 -89.24 -4.11
N ASP D 487 -37.68 -88.44 -3.79
CA ASP D 487 -37.45 -87.09 -3.35
C ASP D 487 -36.78 -87.09 -1.97
N PRO D 488 -35.93 -86.11 -1.67
CA PRO D 488 -35.34 -86.03 -0.33
C PRO D 488 -36.42 -85.79 0.72
N VAL D 489 -36.25 -86.42 1.88
CA VAL D 489 -37.24 -86.40 2.95
C VAL D 489 -36.56 -86.02 4.25
N TYR D 490 -37.24 -85.19 5.03
CA TYR D 490 -36.80 -84.86 6.38
C TYR D 490 -37.20 -86.00 7.31
N LYS D 491 -36.22 -86.72 7.83
CA LYS D 491 -36.44 -87.82 8.75
C LYS D 491 -35.54 -87.63 9.96
N ASP D 492 -36.16 -87.45 11.12
CA ASP D 492 -35.44 -87.26 12.37
C ASP D 492 -35.32 -88.59 13.09
N VAL D 493 -34.08 -88.98 13.38
CA VAL D 493 -33.79 -90.26 14.02
C VAL D 493 -33.11 -90.11 15.37
N ALA D 494 -32.96 -88.89 15.87
CA ALA D 494 -32.36 -88.69 17.18
C ALA D 494 -33.26 -89.28 18.26
N LYS D 495 -32.62 -89.83 19.29
CA LYS D 495 -33.36 -90.36 20.42
C LYS D 495 -34.07 -89.21 21.13
N PRO D 496 -35.39 -89.25 21.33
CA PRO D 496 -36.03 -88.21 22.14
C PRO D 496 -35.47 -88.20 23.56
N THR D 497 -35.24 -86.98 24.08
CA THR D 497 -34.64 -86.78 25.39
C THR D 497 -35.57 -85.94 26.23
N GLY D 498 -35.79 -86.37 27.47
CA GLY D 498 -36.58 -85.62 28.42
C GLY D 498 -35.71 -84.78 29.33
N PRO D 499 -36.33 -83.97 30.17
CA PRO D 499 -35.56 -83.18 31.12
C PRO D 499 -35.15 -83.99 32.34
N LYS D 500 -33.96 -83.70 32.85
CA LYS D 500 -33.45 -84.40 34.02
C LYS D 500 -32.68 -83.39 34.87
N THR D 501 -33.19 -83.09 36.06
CA THR D 501 -32.54 -82.21 37.01
C THR D 501 -32.22 -82.98 38.27
N ALA D 502 -30.96 -82.93 38.69
CA ALA D 502 -30.48 -83.61 39.88
C ALA D 502 -29.79 -82.60 40.80
N ILE D 503 -30.03 -82.75 42.10
CA ILE D 503 -29.42 -81.92 43.13
C ILE D 503 -28.37 -82.76 43.83
N ASP D 504 -27.12 -82.31 43.80
CA ASP D 504 -26.05 -83.02 44.46
C ASP D 504 -26.15 -82.86 45.97
N LYS D 505 -25.35 -83.66 46.69
CA LYS D 505 -25.33 -83.57 48.15
C LYS D 505 -24.88 -82.20 48.62
N ASN D 506 -24.01 -81.53 47.84
CA ASN D 506 -23.52 -80.20 48.15
C ASN D 506 -24.39 -79.11 47.52
N GLY D 507 -25.63 -79.44 47.17
CA GLY D 507 -26.53 -78.45 46.60
C GLY D 507 -26.10 -77.94 45.24
N ASN D 508 -25.65 -78.82 44.36
CA ASN D 508 -25.28 -78.47 42.99
C ASN D 508 -26.39 -78.92 42.05
N ILE D 509 -26.90 -77.98 41.26
CA ILE D 509 -27.96 -78.27 40.30
C ILE D 509 -27.31 -78.67 38.99
N THR D 510 -27.66 -79.86 38.49
CA THR D 510 -27.16 -80.36 37.22
C THR D 510 -28.35 -80.72 36.35
N TYR D 511 -28.42 -80.12 35.16
CA TYR D 511 -29.45 -80.41 34.19
C TYR D 511 -28.85 -81.20 33.03
N SER D 512 -29.51 -82.28 32.65
CA SER D 512 -29.06 -83.11 31.54
C SER D 512 -30.26 -83.51 30.69
N GLU D 513 -30.01 -83.77 29.42
CA GLU D 513 -31.05 -84.24 28.50
C GLU D 513 -30.93 -85.76 28.34
N GLU D 514 -31.37 -86.47 29.37
CA GLU D 514 -31.26 -87.91 29.35
C GLU D 514 -32.32 -88.51 28.43
N PRO D 515 -32.01 -89.63 27.74
CA PRO D 515 -33.02 -90.23 26.86
C PRO D 515 -34.24 -90.70 27.63
N ARG D 516 -35.40 -90.56 27.02
CA ARG D 516 -36.65 -91.00 27.62
C ARG D 516 -36.72 -92.52 27.59
N GLU D 517 -37.06 -93.12 28.74
CA GLU D 517 -37.13 -94.57 28.82
C GLU D 517 -38.32 -95.11 28.04
N LYS D 518 -39.47 -94.42 28.12
CA LYS D 518 -40.67 -94.91 27.45
C LYS D 518 -40.61 -94.67 25.95
N VAL D 519 -40.04 -93.54 25.53
CA VAL D 519 -40.02 -93.12 24.13
C VAL D 519 -38.58 -93.13 23.64
N ARG D 520 -38.35 -93.78 22.50
CA ARG D 520 -37.01 -93.85 21.91
C ARG D 520 -37.01 -93.62 20.40
N LYS D 521 -38.15 -93.33 19.79
CA LYS D 521 -38.24 -93.07 18.36
C LYS D 521 -39.21 -91.91 18.13
N LEU D 522 -39.16 -91.34 16.94
CA LEU D 522 -40.10 -90.27 16.60
C LEU D 522 -41.50 -90.83 16.43
N SER D 523 -41.62 -92.06 15.93
CA SER D 523 -42.94 -92.70 15.87
C SER D 523 -43.51 -92.90 17.26
N GLN D 524 -42.68 -93.34 18.20
CA GLN D 524 -43.14 -93.48 19.58
C GLN D 524 -43.48 -92.11 20.19
N TYR D 525 -42.74 -91.07 19.82
CA TYR D 525 -43.07 -89.73 20.27
C TYR D 525 -44.46 -89.32 19.77
N VAL D 526 -44.75 -89.58 18.50
CA VAL D 526 -46.06 -89.25 17.96
C VAL D 526 -47.15 -90.08 18.63
N GLN D 527 -46.85 -91.35 18.92
CA GLN D 527 -47.82 -92.19 19.62
C GLN D 527 -48.13 -91.63 21.01
N GLU D 528 -47.09 -91.24 21.75
CA GLU D 528 -47.31 -90.64 23.06
C GLU D 528 -48.10 -89.34 22.93
N MET D 529 -47.81 -88.57 21.89
CA MET D 529 -48.51 -87.30 21.69
C MET D 529 -49.99 -87.55 21.47
N ALA D 530 -50.32 -88.55 20.66
CA ALA D 530 -51.73 -88.91 20.44
C ALA D 530 -52.37 -89.42 21.72
N LEU D 531 -51.66 -90.25 22.49
CA LEU D 531 -52.23 -90.81 23.71
C LEU D 531 -52.54 -89.71 24.73
N GLY D 532 -51.63 -88.75 24.89
CA GLY D 532 -51.82 -87.75 25.91
C GLY D 532 -51.47 -88.28 27.29
N GLY D 533 -52.19 -87.78 28.30
CA GLY D 533 -51.98 -88.19 29.66
C GLY D 533 -53.23 -88.03 30.51
N PRO D 534 -53.13 -88.36 31.80
CA PRO D 534 -54.30 -88.16 32.67
C PRO D 534 -54.74 -86.71 32.76
N ILE D 535 -53.81 -85.77 32.74
CA ILE D 535 -54.15 -84.36 32.94
C ILE D 535 -54.94 -83.84 31.75
N THR D 536 -54.57 -84.25 30.53
CA THR D 536 -55.22 -83.72 29.34
C THR D 536 -56.64 -84.24 29.16
N LYS D 537 -57.03 -85.28 29.91
CA LYS D 537 -58.38 -85.80 29.83
C LYS D 537 -59.37 -84.78 30.39
N GLU D 538 -60.60 -84.82 29.90
CA GLU D 538 -61.66 -83.91 30.33
C GLU D 538 -62.94 -84.70 30.56
N SER D 539 -63.79 -84.14 31.41
CA SER D 539 -65.07 -84.77 31.72
C SER D 539 -66.00 -84.75 30.51
N SER D 623 -51.34 -100.43 9.34
CA SER D 623 -52.73 -100.75 9.02
C SER D 623 -53.67 -99.72 9.64
N LYS D 624 -53.42 -99.37 10.90
CA LYS D 624 -54.21 -98.39 11.63
C LYS D 624 -53.34 -97.19 11.97
N THR D 625 -53.84 -95.99 11.69
CA THR D 625 -53.08 -94.78 11.94
C THR D 625 -52.97 -94.51 13.43
N VAL D 626 -52.05 -93.62 13.78
CA VAL D 626 -51.85 -93.27 15.19
C VAL D 626 -53.08 -92.58 15.75
N SER D 627 -53.87 -91.92 14.90
CA SER D 627 -55.09 -91.27 15.38
C SER D 627 -56.09 -92.28 15.92
N SER D 628 -56.05 -93.52 15.43
CA SER D 628 -56.91 -94.55 15.98
C SER D 628 -56.59 -94.84 17.44
N THR D 629 -55.34 -94.65 17.86
CA THR D 629 -54.92 -94.95 19.22
C THR D 629 -55.23 -93.83 20.20
N ILE D 630 -55.79 -92.72 19.73
CA ILE D 630 -56.16 -91.63 20.63
C ILE D 630 -57.21 -92.12 21.62
N PRO D 631 -57.07 -91.88 22.93
CA PRO D 631 -58.16 -92.22 23.85
C PRO D 631 -59.39 -91.37 23.58
N ARG D 632 -60.55 -91.93 23.91
CA ARG D 632 -61.80 -91.21 23.78
C ARG D 632 -61.92 -90.15 24.87
N GLU D 633 -62.44 -88.98 24.50
CA GLU D 633 -62.68 -87.89 25.44
C GLU D 633 -61.36 -87.39 26.06
N THR D 634 -60.32 -87.30 25.23
CA THR D 634 -59.02 -86.80 25.66
C THR D 634 -58.50 -85.82 24.62
N ILE D 635 -57.61 -84.94 25.08
CA ILE D 635 -56.99 -83.90 24.25
C ILE D 635 -55.55 -84.33 24.00
N PRO D 636 -55.14 -84.62 22.76
CA PRO D 636 -53.73 -84.95 22.53
C PRO D 636 -52.82 -83.78 22.86
N PHE D 637 -51.57 -84.13 23.17
CA PHE D 637 -50.58 -83.10 23.51
C PHE D 637 -50.39 -82.14 22.34
N LEU D 638 -50.29 -82.67 21.13
CA LEU D 638 -50.29 -81.87 19.90
C LEU D 638 -51.63 -82.07 19.22
N HIS D 639 -52.32 -80.97 18.93
CA HIS D 639 -53.60 -81.08 18.24
C HIS D 639 -53.81 -79.83 17.41
N LEU D 640 -54.87 -79.85 16.60
CA LEU D 640 -55.31 -78.69 15.84
C LEU D 640 -56.68 -78.27 16.35
N ARG D 641 -56.89 -76.97 16.46
CA ARG D 641 -58.13 -76.40 16.94
C ARG D 641 -58.97 -75.88 15.79
N LYS D 642 -60.28 -75.99 15.93
CA LYS D 642 -61.23 -75.48 14.97
C LYS D 642 -62.03 -74.35 15.60
N LYS D 643 -62.22 -73.28 14.84
CA LYS D 643 -62.98 -72.13 15.33
C LYS D 643 -64.46 -72.48 15.35
N THR D 644 -65.08 -72.38 16.53
CA THR D 644 -66.49 -72.64 16.66
C THR D 644 -67.29 -71.48 16.05
N PRO D 645 -68.58 -71.69 15.77
CA PRO D 645 -69.39 -70.57 15.27
C PRO D 645 -69.43 -69.39 16.21
N ALA D 646 -69.30 -69.62 17.52
CA ALA D 646 -69.23 -68.54 18.49
C ALA D 646 -67.94 -67.74 18.38
N GLY D 647 -66.94 -68.21 17.64
CA GLY D 647 -65.68 -67.51 17.46
C GLY D 647 -64.54 -68.02 18.31
N ASP D 648 -64.75 -69.04 19.13
CA ASP D 648 -63.72 -69.59 19.99
C ASP D 648 -63.10 -70.82 19.36
N TRP D 649 -61.82 -71.03 19.62
CA TRP D 649 -61.06 -72.14 19.06
C TRP D 649 -61.07 -73.30 20.05
N LYS D 650 -61.52 -74.47 19.58
CA LYS D 650 -61.62 -75.66 20.40
C LYS D 650 -60.94 -76.81 19.69
N TYR D 651 -60.50 -77.78 20.49
CA TYR D 651 -59.89 -78.99 19.95
C TYR D 651 -60.85 -79.68 18.99
N ASP D 652 -60.33 -80.13 17.85
CA ASP D 652 -61.12 -80.78 16.82
C ASP D 652 -60.52 -82.15 16.51
N ARG D 653 -61.36 -83.18 16.62
CA ARG D 653 -60.90 -84.55 16.39
C ARG D 653 -60.36 -84.72 14.98
N GLN D 654 -61.08 -84.24 13.98
CA GLN D 654 -60.68 -84.48 12.60
C GLN D 654 -59.35 -83.81 12.27
N LEU D 655 -59.22 -82.52 12.60
CA LEU D 655 -57.99 -81.81 12.30
C LEU D 655 -56.82 -82.37 13.12
N SER D 656 -57.07 -82.69 14.39
CA SER D 656 -56.01 -83.27 15.21
C SER D 656 -55.56 -84.61 14.65
N SER D 657 -56.50 -85.45 14.22
CA SER D 657 -56.15 -86.74 13.64
C SER D 657 -55.35 -86.56 12.36
N LEU D 658 -55.76 -85.59 11.53
CA LEU D 658 -55.00 -85.32 10.31
C LEU D 658 -53.57 -84.90 10.62
N PHE D 659 -53.41 -84.01 11.61
CA PHE D 659 -52.07 -83.55 11.98
C PHE D 659 -51.23 -84.68 12.55
N LEU D 660 -51.82 -85.51 13.41
CA LEU D 660 -51.07 -86.62 13.99
C LEU D 660 -50.71 -87.67 12.94
N ASP D 661 -51.60 -87.90 11.97
CA ASP D 661 -51.27 -88.81 10.88
C ASP D 661 -50.12 -88.25 10.05
N GLY D 662 -50.15 -86.94 9.78
CA GLY D 662 -49.02 -86.33 9.08
C GLY D 662 -47.73 -86.48 9.85
N LEU D 663 -47.78 -86.30 11.17
CA LEU D 663 -46.59 -86.48 11.99
C LEU D 663 -46.11 -87.92 11.96
N GLU D 664 -47.04 -88.87 12.01
CA GLU D 664 -46.65 -90.29 11.95
C GLU D 664 -45.97 -90.60 10.62
N LYS D 665 -46.52 -90.10 9.52
CA LYS D 665 -45.90 -90.33 8.22
C LYS D 665 -44.52 -89.66 8.15
N ALA D 666 -44.39 -88.45 8.69
CA ALA D 666 -43.10 -87.78 8.70
C ALA D 666 -42.10 -88.52 9.57
N ALA D 667 -42.56 -89.17 10.63
CA ALA D 667 -41.66 -89.90 11.52
C ALA D 667 -41.19 -91.19 10.88
N PHE D 668 -42.09 -91.91 10.20
CA PHE D 668 -41.75 -93.23 9.67
C PHE D 668 -41.16 -93.14 8.27
N ASN D 669 -41.90 -92.55 7.32
CA ASN D 669 -41.42 -92.47 5.94
C ASN D 669 -40.55 -91.24 5.70
N GLY D 670 -40.73 -90.18 6.48
CA GLY D 670 -40.08 -88.91 6.22
C GLY D 670 -40.93 -88.02 5.35
N VAL D 671 -40.74 -86.71 5.49
CA VAL D 671 -41.53 -85.71 4.79
C VAL D 671 -40.60 -84.91 3.89
N THR D 672 -40.97 -84.78 2.62
CA THR D 672 -40.21 -84.02 1.65
C THR D 672 -40.69 -82.58 1.60
N PHE D 673 -39.79 -81.68 1.23
CA PHE D 673 -40.09 -80.27 1.01
C PHE D 673 -39.52 -79.82 -0.32
N LYS D 674 -39.56 -80.69 -1.33
CA LYS D 674 -39.15 -80.31 -2.67
C LYS D 674 -40.08 -79.23 -3.23
N ASP D 675 -39.49 -78.32 -3.99
CA ASP D 675 -40.23 -77.23 -4.63
C ASP D 675 -40.97 -76.39 -3.58
N LYS D 676 -40.41 -76.31 -2.38
CA LYS D 676 -40.96 -75.51 -1.29
C LYS D 676 -39.96 -74.41 -0.97
N TYR D 677 -40.38 -73.17 -1.15
CA TYR D 677 -39.56 -72.00 -0.87
C TYR D 677 -40.01 -71.39 0.45
N VAL D 678 -39.10 -71.33 1.41
CA VAL D 678 -39.40 -70.91 2.77
C VAL D 678 -38.56 -69.68 3.08
N LEU D 679 -39.13 -68.76 3.84
CA LEU D 679 -38.41 -67.62 4.40
C LEU D 679 -38.49 -67.72 5.92
N ILE D 680 -37.36 -68.01 6.57
CA ILE D 680 -37.33 -68.22 8.01
C ILE D 680 -36.46 -67.13 8.64
N THR D 681 -37.00 -66.49 9.67
CA THR D 681 -36.25 -65.52 10.46
C THR D 681 -36.11 -66.05 11.87
N GLY D 682 -35.08 -65.59 12.57
CA GLY D 682 -34.81 -66.06 13.91
C GLY D 682 -34.43 -67.52 13.98
N ALA D 683 -33.52 -67.97 13.10
CA ALA D 683 -33.06 -69.35 13.07
C ALA D 683 -31.57 -69.47 13.42
N GLY D 684 -31.11 -68.71 14.40
CA GLY D 684 -29.73 -68.82 14.82
C GLY D 684 -29.48 -70.08 15.63
N LYS D 685 -28.20 -70.32 15.93
CA LYS D 685 -27.83 -71.50 16.68
C LYS D 685 -28.52 -71.51 18.04
N GLY D 686 -28.95 -72.71 18.45
CA GLY D 686 -29.59 -72.86 19.74
C GLY D 686 -31.02 -72.40 19.80
N SER D 687 -31.73 -72.36 18.67
CA SER D 687 -33.10 -71.92 18.60
C SER D 687 -33.94 -72.95 17.86
N ILE D 688 -35.26 -72.82 18.01
CA ILE D 688 -36.17 -73.71 17.30
C ILE D 688 -36.09 -73.45 15.80
N GLY D 689 -35.84 -72.20 15.41
CA GLY D 689 -35.70 -71.89 14.00
C GLY D 689 -34.56 -72.61 13.34
N ALA D 690 -33.45 -72.80 14.07
CA ALA D 690 -32.32 -73.55 13.52
C ALA D 690 -32.69 -75.00 13.25
N GLU D 691 -33.41 -75.63 14.17
CA GLU D 691 -33.84 -77.01 13.96
C GLU D 691 -34.84 -77.11 12.80
N VAL D 692 -35.75 -76.13 12.72
CA VAL D 692 -36.70 -76.11 11.61
C VAL D 692 -35.96 -75.93 10.28
N LEU D 693 -34.93 -75.08 10.27
CA LEU D 693 -34.13 -74.91 9.06
C LEU D 693 -33.41 -76.18 8.69
N GLN D 694 -32.86 -76.89 9.67
CA GLN D 694 -32.20 -78.16 9.39
C GLN D 694 -33.18 -79.15 8.78
N GLY D 695 -34.40 -79.21 9.32
CA GLY D 695 -35.40 -80.10 8.76
C GLY D 695 -35.79 -79.73 7.35
N LEU D 696 -35.96 -78.43 7.09
CA LEU D 696 -36.29 -77.98 5.74
C LEU D 696 -35.19 -78.34 4.76
N LEU D 697 -33.94 -78.12 5.16
CA LEU D 697 -32.80 -78.47 4.30
C LEU D 697 -32.75 -79.97 4.06
N GLN D 698 -33.03 -80.77 5.09
CA GLN D 698 -33.12 -82.22 4.90
C GLN D 698 -34.18 -82.57 3.88
N GLY D 699 -35.36 -81.98 3.99
CA GLY D 699 -36.45 -82.24 3.08
C GLY D 699 -36.24 -81.74 1.68
N GLY D 700 -35.31 -80.81 1.47
CA GLY D 700 -34.97 -80.34 0.15
C GLY D 700 -35.50 -78.97 -0.19
N ALA D 701 -35.91 -78.19 0.80
CA ALA D 701 -36.51 -76.89 0.56
C ALA D 701 -35.47 -75.85 0.19
N LYS D 702 -35.92 -74.81 -0.48
CA LYS D 702 -35.12 -73.62 -0.73
C LYS D 702 -35.44 -72.60 0.37
N VAL D 703 -34.52 -72.45 1.32
CA VAL D 703 -34.77 -71.68 2.53
C VAL D 703 -33.94 -70.40 2.48
N VAL D 704 -34.59 -69.27 2.72
CA VAL D 704 -33.91 -68.00 2.93
C VAL D 704 -33.92 -67.79 4.44
N VAL D 705 -32.78 -67.98 5.06
CA VAL D 705 -32.61 -67.76 6.47
C VAL D 705 -32.06 -66.36 6.69
N THR D 706 -32.71 -65.62 7.57
CA THR D 706 -32.36 -64.24 7.88
C THR D 706 -31.71 -64.19 9.26
N THR D 707 -30.58 -63.49 9.35
CA THR D 707 -29.82 -63.41 10.60
C THR D 707 -29.51 -61.95 10.93
N SER D 708 -29.62 -61.61 12.21
CA SER D 708 -29.28 -60.28 12.70
C SER D 708 -27.85 -60.21 13.24
N ARG D 709 -27.10 -61.30 13.22
CA ARG D 709 -25.73 -61.36 13.69
C ARG D 709 -24.80 -61.79 12.56
N PHE D 710 -25.00 -61.22 11.38
CA PHE D 710 -24.25 -61.63 10.20
C PHE D 710 -22.76 -61.41 10.42
N SER D 711 -21.99 -62.49 10.36
CA SER D 711 -20.55 -62.45 10.59
C SER D 711 -19.96 -63.75 10.07
N LYS D 712 -18.64 -63.86 10.14
CA LYS D 712 -17.98 -65.07 9.67
C LYS D 712 -18.41 -66.28 10.49
N GLN D 713 -18.58 -66.11 11.80
CA GLN D 713 -19.02 -67.21 12.64
C GLN D 713 -20.39 -67.72 12.20
N VAL D 714 -21.33 -66.81 11.99
CA VAL D 714 -22.68 -67.21 11.61
C VAL D 714 -22.69 -67.84 10.22
N THR D 715 -21.95 -67.26 9.28
CA THR D 715 -21.93 -67.81 7.93
C THR D 715 -21.28 -69.19 7.91
N ASP D 716 -20.22 -69.38 8.70
CA ASP D 716 -19.61 -70.69 8.82
C ASP D 716 -20.56 -71.69 9.46
N TYR D 717 -21.32 -71.25 10.46
CA TYR D 717 -22.32 -72.12 11.07
C TYR D 717 -23.35 -72.57 10.05
N TYR D 718 -23.86 -71.64 9.25
CA TYR D 718 -24.88 -72.00 8.28
C TYR D 718 -24.29 -72.85 7.15
N GLN D 719 -23.03 -72.61 6.79
CA GLN D 719 -22.39 -73.48 5.81
C GLN D 719 -22.24 -74.89 6.35
N SER D 720 -21.86 -75.04 7.62
CA SER D 720 -21.77 -76.37 8.20
C SER D 720 -23.13 -77.04 8.25
N ILE D 721 -24.17 -76.28 8.59
CA ILE D 721 -25.53 -76.82 8.62
C ILE D 721 -25.93 -77.31 7.24
N TYR D 722 -25.60 -76.54 6.21
CA TYR D 722 -25.96 -76.95 4.86
C TYR D 722 -25.13 -78.14 4.40
N ALA D 723 -23.83 -78.15 4.72
CA ALA D 723 -22.99 -79.26 4.33
C ALA D 723 -23.44 -80.55 5.01
N LYS D 724 -24.06 -80.44 6.18
CA LYS D 724 -24.54 -81.62 6.88
C LYS D 724 -25.92 -82.07 6.39
N TYR D 725 -26.86 -81.13 6.23
CA TYR D 725 -28.26 -81.48 6.02
C TYR D 725 -28.82 -81.13 4.65
N GLY D 726 -28.25 -80.17 3.92
CA GLY D 726 -28.79 -79.73 2.65
C GLY D 726 -28.92 -80.83 1.63
N ALA D 727 -30.15 -81.26 1.39
CA ALA D 727 -30.43 -82.34 0.48
C ALA D 727 -30.28 -81.87 -0.97
N LYS D 728 -30.36 -82.83 -1.89
CA LYS D 728 -30.31 -82.50 -3.30
C LYS D 728 -31.45 -81.57 -3.68
N GLY D 729 -31.12 -80.48 -4.37
CA GLY D 729 -32.10 -79.50 -4.77
C GLY D 729 -32.39 -78.42 -3.75
N SER D 730 -31.76 -78.48 -2.58
CA SER D 730 -31.96 -77.46 -1.55
C SER D 730 -30.97 -76.32 -1.76
N THR D 731 -31.39 -75.11 -1.42
CA THR D 731 -30.54 -73.93 -1.48
C THR D 731 -30.76 -73.12 -0.21
N LEU D 732 -29.68 -72.81 0.49
CA LEU D 732 -29.73 -71.99 1.69
C LEU D 732 -29.20 -70.59 1.37
N ILE D 733 -30.05 -69.59 1.55
CA ILE D 733 -29.70 -68.19 1.34
C ILE D 733 -29.63 -67.52 2.70
N VAL D 734 -28.43 -67.32 3.22
CA VAL D 734 -28.20 -66.62 4.48
C VAL D 734 -28.08 -65.15 4.16
N VAL D 735 -28.96 -64.33 4.75
CA VAL D 735 -28.91 -62.88 4.50
C VAL D 735 -28.86 -62.14 5.82
N PRO D 736 -28.12 -61.02 5.86
CA PRO D 736 -28.24 -60.14 7.01
C PRO D 736 -29.59 -59.45 6.98
N PHE D 737 -30.16 -59.25 8.16
CA PHE D 737 -31.54 -58.79 8.19
C PHE D 737 -31.88 -58.26 9.57
N ASN D 738 -32.58 -57.14 9.59
CA ASN D 738 -33.09 -56.54 10.80
C ASN D 738 -34.61 -56.54 10.70
N GLN D 739 -35.25 -57.52 11.34
CA GLN D 739 -36.71 -57.57 11.33
C GLN D 739 -37.32 -56.38 12.05
N GLY D 740 -36.54 -55.64 12.82
CA GLY D 740 -37.02 -54.45 13.47
C GLY D 740 -37.06 -53.22 12.59
N SER D 741 -36.68 -53.32 11.31
CA SER D 741 -36.73 -52.19 10.40
C SER D 741 -37.54 -52.56 9.16
N LYS D 742 -38.60 -51.79 8.92
CA LYS D 742 -39.48 -52.07 7.78
C LYS D 742 -38.74 -51.90 6.46
N GLN D 743 -37.71 -51.07 6.44
CA GLN D 743 -36.89 -50.96 5.23
C GLN D 743 -36.20 -52.27 4.93
N ASP D 744 -35.65 -52.93 5.96
CA ASP D 744 -35.09 -54.25 5.75
C ASP D 744 -36.15 -55.25 5.34
N VAL D 745 -37.34 -55.15 5.92
CA VAL D 745 -38.41 -56.09 5.56
C VAL D 745 -38.75 -55.95 4.08
N GLU D 746 -38.98 -54.72 3.63
CA GLU D 746 -39.31 -54.48 2.23
C GLU D 746 -38.17 -54.88 1.32
N ALA D 747 -36.93 -54.56 1.71
CA ALA D 747 -35.78 -54.90 0.88
C ALA D 747 -35.61 -56.39 0.75
N LEU D 748 -35.80 -57.14 1.85
CA LEU D 748 -35.68 -58.59 1.79
C LEU D 748 -36.76 -59.20 0.91
N ILE D 749 -38.00 -58.74 1.06
CA ILE D 749 -39.08 -59.34 0.27
C ILE D 749 -38.87 -59.00 -1.21
N GLU D 750 -38.44 -57.77 -1.51
CA GLU D 750 -38.12 -57.41 -2.88
C GLU D 750 -36.98 -58.26 -3.41
N PHE D 751 -35.94 -58.49 -2.61
CA PHE D 751 -34.82 -59.30 -3.04
C PHE D 751 -35.26 -60.73 -3.33
N ILE D 752 -36.13 -61.29 -2.48
CA ILE D 752 -36.59 -62.65 -2.68
C ILE D 752 -37.40 -62.76 -3.97
N TYR D 753 -38.27 -61.78 -4.23
CA TYR D 753 -39.22 -61.89 -5.33
C TYR D 753 -38.69 -61.37 -6.65
N ASP D 754 -37.65 -60.54 -6.65
CA ASP D 754 -37.13 -59.96 -7.88
C ASP D 754 -36.41 -61.02 -8.71
N THR D 755 -36.40 -60.81 -10.02
CA THR D 755 -35.77 -61.75 -10.92
C THR D 755 -34.26 -61.78 -10.69
N GLU D 756 -33.65 -62.92 -11.05
CA GLU D 756 -32.20 -63.06 -10.90
C GLU D 756 -31.46 -62.04 -11.75
N LYS D 757 -32.04 -61.65 -12.88
CA LYS D 757 -31.42 -60.62 -13.72
C LYS D 757 -31.35 -59.29 -13.00
N ASN D 758 -32.34 -58.98 -12.16
CA ASN D 758 -32.37 -57.74 -11.40
C ASN D 758 -31.58 -57.82 -10.11
N GLY D 759 -30.82 -58.89 -9.90
CA GLY D 759 -30.05 -59.06 -8.68
C GLY D 759 -30.79 -59.71 -7.54
N GLY D 760 -32.00 -60.20 -7.77
CA GLY D 760 -32.77 -60.88 -6.75
C GLY D 760 -32.57 -62.38 -6.77
N LEU D 761 -33.58 -63.10 -6.28
CA LEU D 761 -33.59 -64.56 -6.31
C LEU D 761 -34.60 -65.14 -7.28
N GLY D 762 -35.62 -64.38 -7.68
CA GLY D 762 -36.65 -64.92 -8.55
C GLY D 762 -37.42 -66.05 -7.91
N TRP D 763 -37.65 -65.96 -6.60
CA TRP D 763 -38.33 -67.00 -5.84
C TRP D 763 -39.72 -66.53 -5.45
N ASP D 764 -40.63 -67.48 -5.31
CA ASP D 764 -41.97 -67.23 -4.79
C ASP D 764 -42.11 -68.03 -3.51
N LEU D 765 -42.37 -67.35 -2.39
CA LEU D 765 -42.34 -68.01 -1.10
C LEU D 765 -43.52 -68.96 -0.94
N ASP D 766 -43.22 -70.20 -0.57
CA ASP D 766 -44.25 -71.17 -0.19
C ASP D 766 -44.58 -71.12 1.30
N ALA D 767 -43.64 -70.72 2.14
CA ALA D 767 -43.88 -70.65 3.57
C ALA D 767 -43.08 -69.51 4.17
N ILE D 768 -43.61 -68.94 5.25
CA ILE D 768 -42.93 -67.91 6.02
C ILE D 768 -42.95 -68.34 7.48
N ILE D 769 -41.79 -68.28 8.11
CA ILE D 769 -41.60 -68.69 9.50
C ILE D 769 -40.93 -67.53 10.21
N PRO D 770 -41.68 -66.52 10.66
CA PRO D 770 -41.07 -65.34 11.27
C PRO D 770 -40.84 -65.52 12.77
N PHE D 771 -39.83 -66.31 13.11
CA PHE D 771 -39.51 -66.64 14.49
C PHE D 771 -38.51 -65.66 15.11
N ALA D 772 -38.13 -64.61 14.39
CA ALA D 772 -37.21 -63.62 14.94
C ALA D 772 -37.85 -62.92 16.12
N ALA D 773 -37.09 -62.82 17.21
CA ALA D 773 -37.55 -62.13 18.41
C ALA D 773 -36.33 -61.83 19.27
N ILE D 774 -36.40 -60.72 20.00
CA ILE D 774 -35.38 -60.37 20.98
C ILE D 774 -35.94 -60.69 22.37
N PRO D 775 -35.14 -61.18 23.31
CA PRO D 775 -35.70 -61.57 24.60
C PRO D 775 -35.97 -60.37 25.49
N GLU D 776 -36.79 -60.60 26.52
CA GLU D 776 -37.17 -59.56 27.48
C GLU D 776 -37.31 -60.21 28.85
N GLN D 777 -36.49 -59.76 29.80
CA GLN D 777 -36.58 -60.20 31.18
C GLN D 777 -36.78 -59.01 32.10
N GLY D 778 -37.62 -59.19 33.12
CA GLY D 778 -37.79 -58.18 34.14
C GLY D 778 -38.28 -56.85 33.62
N ILE D 779 -39.14 -56.87 32.61
CA ILE D 779 -39.74 -55.66 32.05
C ILE D 779 -41.24 -55.78 32.32
N GLU D 780 -41.69 -55.24 33.44
CA GLU D 780 -43.08 -55.25 33.82
C GLU D 780 -43.81 -54.15 33.07
N LEU D 781 -45.07 -53.88 33.46
CA LEU D 781 -45.83 -52.81 32.85
C LEU D 781 -45.14 -51.46 33.03
N GLU D 782 -44.66 -51.17 34.24
CA GLU D 782 -44.04 -49.88 34.50
C GLU D 782 -42.71 -49.72 33.78
N HIS D 783 -42.07 -50.82 33.37
CA HIS D 783 -40.78 -50.79 32.71
C HIS D 783 -40.87 -50.87 31.19
N ILE D 784 -42.08 -50.85 30.61
CA ILE D 784 -42.20 -50.87 29.16
C ILE D 784 -41.57 -49.60 28.59
N ASP D 785 -40.65 -49.78 27.65
CA ASP D 785 -39.76 -48.71 27.23
C ASP D 785 -39.39 -48.92 25.77
N SER D 786 -38.30 -48.27 25.36
CA SER D 786 -37.85 -48.36 23.97
C SER D 786 -37.59 -49.79 23.54
N LYS D 787 -36.93 -50.58 24.39
CA LYS D 787 -36.64 -51.96 24.04
C LYS D 787 -37.92 -52.75 23.85
N SER D 788 -38.91 -52.54 24.72
CA SER D 788 -40.18 -53.25 24.59
C SER D 788 -40.90 -52.85 23.31
N GLU D 789 -40.89 -51.55 22.98
CA GLU D 789 -41.56 -51.12 21.76
C GLU D 789 -40.85 -51.66 20.52
N PHE D 790 -39.53 -51.69 20.53
CA PHE D 790 -38.78 -52.25 19.42
C PHE D 790 -39.04 -53.74 19.27
N ALA D 791 -39.06 -54.47 20.39
CA ALA D 791 -39.38 -55.89 20.36
C ALA D 791 -40.78 -56.11 19.83
N HIS D 792 -41.74 -55.28 20.25
CA HIS D 792 -43.09 -55.40 19.74
C HIS D 792 -43.12 -55.15 18.23
N ARG D 793 -42.36 -54.17 17.75
CA ARG D 793 -42.27 -53.95 16.33
C ARG D 793 -41.79 -55.21 15.62
N ILE D 794 -40.67 -55.77 16.08
CA ILE D 794 -40.09 -56.97 15.47
C ILE D 794 -41.12 -58.10 15.46
N MET D 795 -41.74 -58.36 16.60
CA MET D 795 -42.54 -59.57 16.77
C MET D 795 -43.95 -59.46 16.20
N LEU D 796 -44.50 -58.26 16.06
CA LEU D 796 -45.85 -58.08 15.55
C LEU D 796 -45.89 -57.20 14.29
N THR D 797 -45.36 -55.98 14.38
CA THR D 797 -45.66 -54.99 13.35
C THR D 797 -44.89 -55.29 12.08
N ASN D 798 -43.61 -55.66 12.22
CA ASN D 798 -42.83 -55.96 11.05
C ASN D 798 -43.15 -57.35 10.51
N ILE D 799 -43.66 -58.25 11.34
CA ILE D 799 -44.21 -59.49 10.80
C ILE D 799 -45.41 -59.20 9.92
N LEU D 800 -46.31 -58.34 10.38
CA LEU D 800 -47.47 -57.98 9.56
C LEU D 800 -47.04 -57.23 8.31
N ARG D 801 -46.03 -56.38 8.42
CA ARG D 801 -45.52 -55.69 7.24
C ARG D 801 -44.88 -56.67 6.26
N MET D 802 -44.18 -57.68 6.76
CA MET D 802 -43.58 -58.68 5.90
C MET D 802 -44.65 -59.49 5.18
N MET D 803 -45.70 -59.88 5.89
CA MET D 803 -46.82 -60.55 5.24
C MET D 803 -47.45 -59.66 4.18
N GLY D 804 -47.62 -58.38 4.49
CA GLY D 804 -48.17 -57.45 3.51
C GLY D 804 -47.28 -57.29 2.30
N CYS D 805 -45.96 -57.28 2.51
CA CYS D 805 -45.02 -57.18 1.40
C CYS D 805 -45.11 -58.40 0.50
N VAL D 806 -45.20 -59.59 1.09
CA VAL D 806 -45.35 -60.81 0.30
C VAL D 806 -46.67 -60.76 -0.48
N LYS D 807 -47.74 -60.30 0.18
CA LYS D 807 -49.02 -60.14 -0.50
C LYS D 807 -48.89 -59.18 -1.68
N LYS D 808 -48.21 -58.06 -1.48
CA LYS D 808 -48.06 -57.08 -2.55
C LYS D 808 -47.26 -57.65 -3.71
N GLN D 809 -46.19 -58.38 -3.43
CA GLN D 809 -45.40 -58.98 -4.51
C GLN D 809 -46.23 -60.00 -5.30
N LYS D 810 -46.95 -60.87 -4.59
CA LYS D 810 -47.76 -61.87 -5.27
C LYS D 810 -48.86 -61.22 -6.09
N SER D 811 -49.50 -60.18 -5.56
CA SER D 811 -50.56 -59.49 -6.29
C SER D 811 -50.00 -58.78 -7.52
N ALA D 812 -48.83 -58.15 -7.38
CA ALA D 812 -48.21 -57.49 -8.52
C ALA D 812 -47.87 -58.49 -9.61
N ARG D 813 -47.43 -59.68 -9.22
CA ARG D 813 -47.15 -60.73 -10.19
C ARG D 813 -48.39 -61.54 -10.56
N GLY D 814 -49.55 -61.19 -10.03
CA GLY D 814 -50.79 -61.85 -10.39
C GLY D 814 -50.85 -63.29 -9.95
N ILE D 815 -50.33 -63.56 -8.75
CA ILE D 815 -50.27 -64.92 -8.20
C ILE D 815 -51.41 -65.08 -7.22
N GLU D 816 -52.32 -66.02 -7.52
CA GLU D 816 -53.48 -66.27 -6.68
C GLU D 816 -53.47 -67.70 -6.15
N THR D 817 -52.86 -68.62 -6.90
CA THR D 817 -52.92 -70.04 -6.61
C THR D 817 -51.66 -70.58 -5.95
N ARG D 818 -50.76 -69.72 -5.49
CA ARG D 818 -49.56 -70.12 -4.77
C ARG D 818 -49.50 -69.31 -3.48
N PRO D 819 -50.33 -69.64 -2.49
CA PRO D 819 -50.25 -68.94 -1.22
C PRO D 819 -48.99 -69.32 -0.44
N ALA D 820 -48.52 -68.36 0.35
CA ALA D 820 -47.43 -68.57 1.28
C ALA D 820 -48.02 -68.89 2.65
N GLN D 821 -47.57 -69.99 3.25
CA GLN D 821 -48.07 -70.42 4.54
C GLN D 821 -47.24 -69.75 5.63
N VAL D 822 -47.83 -68.77 6.29
CA VAL D 822 -47.16 -68.07 7.39
C VAL D 822 -47.36 -68.90 8.65
N ILE D 823 -46.28 -69.48 9.16
CA ILE D 823 -46.31 -70.25 10.39
C ILE D 823 -46.01 -69.27 11.53
N LEU D 824 -47.07 -68.76 12.14
CA LEU D 824 -46.90 -67.73 13.15
C LEU D 824 -46.50 -68.36 14.48
N PRO D 825 -45.41 -67.89 15.12
CA PRO D 825 -45.09 -68.36 16.48
C PRO D 825 -46.01 -67.71 17.49
N MET D 826 -46.77 -68.53 18.20
CA MET D 826 -47.75 -68.05 19.16
C MET D 826 -47.45 -68.63 20.54
N SER D 827 -47.74 -67.85 21.56
CA SER D 827 -47.52 -68.23 22.94
C SER D 827 -48.82 -68.75 23.54
N PRO D 828 -48.86 -69.92 24.17
CA PRO D 828 -50.08 -70.30 24.89
C PRO D 828 -50.42 -69.36 26.02
N ASN D 829 -49.40 -68.75 26.62
CA ASN D 829 -49.56 -67.88 27.78
C ASN D 829 -49.38 -66.43 27.38
N HIS D 830 -50.40 -65.62 27.63
CA HIS D 830 -50.39 -64.19 27.31
C HIS D 830 -50.44 -63.43 28.62
N GLY D 831 -49.27 -63.08 29.16
CA GLY D 831 -49.18 -62.37 30.41
C GLY D 831 -49.22 -63.23 31.65
N THR D 832 -49.15 -64.56 31.51
CA THR D 832 -49.18 -65.43 32.68
C THR D 832 -47.94 -65.24 33.53
N PHE D 833 -46.77 -65.11 32.90
CA PHE D 833 -45.53 -64.95 33.65
C PHE D 833 -45.26 -63.47 33.96
N GLY D 834 -45.57 -62.58 33.03
CA GLY D 834 -45.32 -61.18 33.21
C GLY D 834 -43.84 -60.85 33.18
N GLY D 835 -43.55 -59.57 33.30
CA GLY D 835 -42.16 -59.12 33.28
C GLY D 835 -41.44 -59.44 31.99
N ASP D 836 -42.17 -59.52 30.88
CA ASP D 836 -41.61 -59.85 29.58
C ASP D 836 -41.89 -58.76 28.55
N GLY D 837 -42.08 -57.53 29.01
CA GLY D 837 -42.31 -56.43 28.09
C GLY D 837 -43.59 -56.60 27.32
N MET D 838 -43.48 -56.51 25.99
CA MET D 838 -44.61 -56.63 25.08
C MET D 838 -44.64 -57.98 24.37
N TYR D 839 -43.94 -58.98 24.89
CA TYR D 839 -43.95 -60.30 24.27
C TYR D 839 -45.36 -60.86 24.20
N SER D 840 -46.09 -60.80 25.32
CA SER D 840 -47.45 -61.29 25.35
C SER D 840 -48.35 -60.47 24.42
N GLU D 841 -48.16 -59.16 24.39
CA GLU D 841 -48.95 -58.31 23.51
C GLU D 841 -48.76 -58.69 22.06
N SER D 842 -47.50 -58.89 21.64
CA SER D 842 -47.24 -59.28 20.26
C SER D 842 -47.84 -60.64 19.94
N LYS D 843 -47.62 -61.62 20.82
CA LYS D 843 -48.12 -62.96 20.56
C LYS D 843 -49.64 -62.98 20.49
N LEU D 844 -50.30 -62.20 21.35
CA LEU D 844 -51.75 -62.19 21.36
C LEU D 844 -52.33 -61.38 20.20
N SER D 845 -51.64 -60.32 19.78
CA SER D 845 -52.12 -59.57 18.63
C SER D 845 -51.88 -60.31 17.33
N LEU D 846 -50.99 -61.31 17.33
CA LEU D 846 -50.82 -62.13 16.15
C LEU D 846 -52.04 -63.01 15.86
N GLU D 847 -52.95 -63.18 16.83
CA GLU D 847 -54.12 -64.01 16.61
C GLU D 847 -55.24 -63.28 15.86
N THR D 848 -55.08 -61.99 15.59
CA THR D 848 -56.04 -61.30 14.73
C THR D 848 -55.96 -61.78 13.28
N LEU D 849 -54.88 -62.44 12.90
CA LEU D 849 -54.68 -62.82 11.51
C LEU D 849 -55.66 -63.90 11.08
N PHE D 850 -56.13 -64.72 12.01
CA PHE D 850 -57.12 -65.74 11.69
C PHE D 850 -58.39 -65.11 11.15
N ASN D 851 -58.82 -64.01 11.77
CA ASN D 851 -60.03 -63.32 11.30
C ASN D 851 -59.72 -62.41 10.12
N ARG D 852 -58.55 -61.78 10.11
CA ARG D 852 -58.18 -60.92 8.99
C ARG D 852 -58.10 -61.71 7.69
N TRP D 853 -57.73 -62.99 7.78
CA TRP D 853 -57.67 -63.84 6.60
C TRP D 853 -59.02 -63.91 5.90
N HIS D 854 -60.09 -64.07 6.68
CA HIS D 854 -61.44 -64.09 6.12
C HIS D 854 -61.93 -62.70 5.75
N SER D 855 -61.59 -61.68 6.53
CA SER D 855 -62.20 -60.37 6.39
C SER D 855 -61.49 -59.47 5.39
N GLU D 856 -60.31 -59.86 4.89
CA GLU D 856 -59.55 -59.03 3.97
C GLU D 856 -59.25 -59.81 2.70
N SER D 857 -58.57 -59.15 1.76
CA SER D 857 -58.38 -59.65 0.41
C SER D 857 -56.97 -60.18 0.18
N TRP D 858 -56.36 -60.83 1.18
CA TRP D 858 -55.06 -61.47 1.04
C TRP D 858 -55.13 -62.96 1.35
N ALA D 859 -56.32 -63.55 1.34
CA ALA D 859 -56.46 -64.97 1.63
C ALA D 859 -55.77 -65.81 0.56
N ASN D 860 -55.88 -65.40 -0.71
CA ASN D 860 -55.31 -66.18 -1.79
C ASN D 860 -53.79 -66.07 -1.87
N GLN D 861 -53.21 -65.05 -1.23
CA GLN D 861 -51.76 -64.87 -1.25
C GLN D 861 -51.08 -65.45 -0.03
N LEU D 862 -51.78 -65.50 1.11
CA LEU D 862 -51.19 -66.03 2.34
C LEU D 862 -52.21 -66.91 3.04
N THR D 863 -51.69 -67.88 3.79
CA THR D 863 -52.50 -68.77 4.62
C THR D 863 -51.91 -68.79 6.02
N VAL D 864 -52.76 -68.59 7.02
CA VAL D 864 -52.31 -68.41 8.39
C VAL D 864 -52.28 -69.76 9.10
N CYS D 865 -51.15 -70.07 9.74
CA CYS D 865 -50.96 -71.29 10.50
C CYS D 865 -50.35 -70.89 11.84
N GLY D 866 -51.18 -70.65 12.83
CA GLY D 866 -50.68 -70.26 14.13
C GLY D 866 -50.23 -71.44 14.94
N ALA D 867 -48.92 -71.62 15.09
CA ALA D 867 -48.38 -72.70 15.91
C ALA D 867 -48.16 -72.15 17.31
N ILE D 868 -48.95 -72.66 18.27
CA ILE D 868 -48.82 -72.30 19.67
C ILE D 868 -47.72 -73.20 20.20
N ILE D 869 -46.52 -72.64 20.30
CA ILE D 869 -45.35 -73.42 20.69
C ILE D 869 -45.36 -73.60 22.21
N GLY D 870 -45.16 -74.82 22.66
CA GLY D 870 -45.19 -75.16 24.06
C GLY D 870 -43.85 -74.97 24.74
N TRP D 871 -43.76 -75.53 25.94
CA TRP D 871 -42.52 -75.47 26.71
C TRP D 871 -41.40 -76.19 25.96
N THR D 872 -40.45 -75.41 25.45
CA THR D 872 -39.34 -75.92 24.66
C THR D 872 -38.07 -75.78 25.48
N ARG D 873 -37.21 -76.80 25.43
CA ARG D 873 -35.97 -76.82 26.19
C ARG D 873 -34.79 -76.49 25.28
N GLY D 874 -34.08 -75.42 25.59
CA GLY D 874 -32.94 -75.00 24.82
C GLY D 874 -31.65 -75.68 25.26
N ALA D 880 -32.31 -72.13 34.00
CA ALA D 880 -33.33 -71.18 34.46
C ALA D 880 -34.72 -71.72 34.20
N ASN D 881 -35.01 -71.97 32.92
CA ASN D 881 -36.30 -72.49 32.49
C ASN D 881 -36.27 -73.99 32.29
N ASN D 882 -35.15 -74.64 32.59
CA ASN D 882 -34.95 -76.06 32.29
C ASN D 882 -34.97 -76.87 33.58
N ILE D 883 -34.47 -76.27 34.66
CA ILE D 883 -34.29 -77.01 35.91
C ILE D 883 -35.64 -77.49 36.45
N ILE D 884 -36.73 -76.79 36.10
CA ILE D 884 -38.07 -77.16 36.56
C ILE D 884 -38.85 -77.97 35.52
N ALA D 885 -38.23 -78.30 34.38
CA ALA D 885 -38.94 -79.06 33.35
C ALA D 885 -39.31 -80.45 33.84
N GLU D 886 -38.43 -81.08 34.64
CA GLU D 886 -38.79 -82.35 35.25
C GLU D 886 -40.03 -82.22 36.12
N GLY D 887 -40.02 -81.25 37.04
CA GLY D 887 -41.13 -81.09 37.96
C GLY D 887 -42.43 -80.75 37.26
N ILE D 888 -42.36 -80.03 36.14
CA ILE D 888 -43.57 -79.77 35.36
C ILE D 888 -44.13 -81.05 34.76
N GLU D 889 -43.28 -81.99 34.33
CA GLU D 889 -43.75 -83.21 33.69
C GLU D 889 -44.30 -84.25 34.66
N LYS D 890 -44.05 -84.10 35.97
CA LYS D 890 -44.57 -85.09 36.92
C LYS D 890 -46.08 -85.09 37.01
N MET D 891 -46.75 -84.05 36.50
CA MET D 891 -48.22 -83.97 36.56
C MET D 891 -48.87 -84.29 35.22
N GLY D 892 -48.16 -84.95 34.31
CA GLY D 892 -48.70 -85.32 33.03
C GLY D 892 -48.43 -84.33 31.91
N VAL D 893 -47.99 -83.12 32.25
CA VAL D 893 -47.64 -82.14 31.22
C VAL D 893 -46.46 -82.66 30.42
N ARG D 894 -46.41 -82.27 29.14
CA ARG D 894 -45.34 -82.67 28.23
C ARG D 894 -44.49 -81.45 27.90
N THR D 895 -43.17 -81.59 28.07
CA THR D 895 -42.20 -80.57 27.71
C THR D 895 -41.37 -81.07 26.54
N PHE D 896 -41.19 -80.21 25.54
CA PHE D 896 -40.56 -80.57 24.29
C PHE D 896 -39.13 -80.06 24.23
N SER D 897 -38.32 -80.73 23.43
CA SER D 897 -36.99 -80.26 23.10
C SER D 897 -37.06 -79.42 21.83
N GLN D 898 -35.93 -78.81 21.46
CA GLN D 898 -35.90 -78.01 20.24
C GLN D 898 -36.14 -78.89 19.03
N LYS D 899 -35.55 -80.09 19.01
CA LYS D 899 -35.77 -81.01 17.90
C LYS D 899 -37.22 -81.45 17.82
N GLU D 900 -37.83 -81.79 18.97
CA GLU D 900 -39.22 -82.21 18.97
C GLU D 900 -40.14 -81.09 18.52
N MET D 901 -39.91 -79.88 19.00
CA MET D 901 -40.74 -78.75 18.60
C MET D 901 -40.56 -78.44 17.12
N ALA D 902 -39.34 -78.57 16.60
CA ALA D 902 -39.12 -78.38 15.17
C ALA D 902 -39.83 -79.45 14.36
N PHE D 903 -39.83 -80.69 14.85
CA PHE D 903 -40.59 -81.75 14.18
C PHE D 903 -42.07 -81.42 14.15
N ASN D 904 -42.60 -80.93 15.28
CA ASN D 904 -44.00 -80.53 15.32
C ASN D 904 -44.29 -79.41 14.33
N LEU D 905 -43.41 -78.42 14.26
CA LEU D 905 -43.61 -77.29 13.36
C LEU D 905 -43.51 -77.70 11.90
N LEU D 906 -42.57 -78.60 11.58
CA LEU D 906 -42.44 -79.09 10.22
C LEU D 906 -43.61 -80.00 9.85
N GLY D 907 -44.25 -80.62 10.83
CA GLY D 907 -45.47 -81.36 10.56
C GLY D 907 -46.58 -80.47 10.02
N LEU D 908 -46.52 -79.18 10.32
CA LEU D 908 -47.48 -78.23 9.79
C LEU D 908 -47.18 -77.83 8.35
N LEU D 909 -46.02 -78.21 7.81
CA LEU D 909 -45.67 -77.97 6.42
C LEU D 909 -45.94 -79.15 5.52
N THR D 910 -46.55 -80.22 6.04
CA THR D 910 -46.88 -81.35 5.20
C THR D 910 -47.91 -80.93 4.16
N PRO D 911 -48.00 -81.65 3.04
CA PRO D 911 -48.97 -81.24 2.00
C PRO D 911 -50.40 -81.18 2.49
N GLU D 912 -50.79 -82.10 3.39
CA GLU D 912 -52.18 -82.12 3.84
C GLU D 912 -52.46 -80.96 4.79
N VAL D 913 -51.52 -80.61 5.66
CA VAL D 913 -51.72 -79.45 6.51
C VAL D 913 -51.66 -78.17 5.70
N VAL D 914 -50.83 -78.14 4.65
CA VAL D 914 -50.81 -76.97 3.76
C VAL D 914 -52.16 -76.81 3.08
N GLU D 915 -52.73 -77.92 2.59
CA GLU D 915 -54.05 -77.87 1.98
C GLU D 915 -55.11 -77.45 2.97
N LEU D 916 -54.98 -77.89 4.22
CA LEU D 916 -55.90 -77.46 5.27
C LEU D 916 -55.82 -75.97 5.52
N CYS D 917 -54.59 -75.43 5.57
CA CYS D 917 -54.41 -73.99 5.75
C CYS D 917 -54.99 -73.22 4.59
N GLN D 918 -54.84 -73.74 3.37
CA GLN D 918 -55.43 -73.08 2.21
C GLN D 918 -56.96 -73.10 2.30
N LYS D 919 -57.53 -74.20 2.79
CA LYS D 919 -58.97 -74.24 3.00
C LYS D 919 -59.41 -73.18 4.01
N SER D 920 -58.71 -73.10 5.14
CA SER D 920 -59.03 -72.13 6.18
C SER D 920 -57.85 -72.05 7.13
N PRO D 921 -57.62 -70.89 7.76
CA PRO D 921 -56.47 -70.76 8.65
C PRO D 921 -56.56 -71.72 9.82
N VAL D 922 -55.40 -72.26 10.21
CA VAL D 922 -55.36 -73.31 11.22
C VAL D 922 -54.61 -72.81 12.45
N MET D 923 -55.01 -73.37 13.60
CA MET D 923 -54.41 -73.06 14.90
C MET D 923 -53.93 -74.37 15.49
N ALA D 924 -52.63 -74.65 15.34
CA ALA D 924 -52.04 -75.84 15.93
C ALA D 924 -51.65 -75.52 17.35
N ASP D 925 -52.10 -76.35 18.29
CA ASP D 925 -51.68 -76.27 19.69
C ASP D 925 -50.63 -77.34 19.91
N LEU D 926 -49.36 -76.92 20.02
CA LEU D 926 -48.25 -77.80 20.36
C LEU D 926 -47.82 -77.57 21.79
N ASN D 927 -48.78 -77.29 22.68
CA ASN D 927 -48.46 -76.83 24.02
C ASN D 927 -48.11 -77.99 24.96
N GLY D 928 -48.42 -79.21 24.59
CA GLY D 928 -48.09 -80.35 25.45
C GLY D 928 -48.97 -80.46 26.68
N GLY D 929 -50.16 -79.89 26.64
CA GLY D 929 -51.03 -79.95 27.81
C GLY D 929 -50.68 -78.97 28.91
N LEU D 930 -49.82 -77.99 28.62
CA LEU D 930 -49.45 -77.00 29.63
C LEU D 930 -50.63 -76.15 30.08
N GLN D 931 -51.64 -75.98 29.23
CA GLN D 931 -52.76 -75.12 29.59
C GLN D 931 -53.63 -75.71 30.68
N PHE D 932 -53.54 -77.03 30.91
CA PHE D 932 -54.46 -77.68 31.83
C PHE D 932 -54.06 -77.50 33.28
N VAL D 933 -52.79 -77.21 33.55
CA VAL D 933 -52.39 -76.99 34.95
C VAL D 933 -52.98 -75.68 35.44
N PRO D 934 -53.59 -75.64 36.63
CA PRO D 934 -54.13 -74.36 37.13
C PRO D 934 -53.03 -73.52 37.76
N GLU D 935 -53.08 -72.21 37.48
CA GLU D 935 -52.11 -71.25 38.01
C GLU D 935 -50.69 -71.66 37.62
N LEU D 936 -50.46 -71.69 36.31
CA LEU D 936 -49.19 -72.19 35.79
C LEU D 936 -48.03 -71.31 36.24
N LYS D 937 -48.21 -70.00 36.24
CA LYS D 937 -47.16 -69.09 36.70
C LYS D 937 -46.79 -69.37 38.15
N GLU D 938 -47.80 -69.47 39.02
CA GLU D 938 -47.54 -69.70 40.43
C GLU D 938 -46.90 -71.07 40.65
N PHE D 939 -47.36 -72.10 39.94
CA PHE D 939 -46.79 -73.42 40.12
C PHE D 939 -45.35 -73.48 39.63
N THR D 940 -45.05 -72.82 38.50
CA THR D 940 -43.68 -72.74 38.03
C THR D 940 -42.79 -72.01 39.04
N ALA D 941 -43.30 -70.91 39.60
CA ALA D 941 -42.53 -70.20 40.62
C ALA D 941 -42.29 -71.08 41.83
N LYS D 942 -43.30 -71.87 42.22
CA LYS D 942 -43.14 -72.78 43.35
C LYS D 942 -42.08 -73.83 43.06
N LEU D 943 -42.08 -74.40 41.86
CA LEU D 943 -41.06 -75.39 41.51
C LEU D 943 -39.67 -74.79 41.56
N ARG D 944 -39.49 -73.62 40.96
CA ARG D 944 -38.18 -72.97 40.97
C ARG D 944 -37.76 -72.63 42.40
N LYS D 945 -38.70 -72.14 43.21
CA LYS D 945 -38.39 -71.80 44.59
C LYS D 945 -37.97 -73.05 45.36
N GLU D 946 -38.67 -74.17 45.18
CA GLU D 946 -38.32 -75.40 45.88
C GLU D 946 -36.92 -75.87 45.48
N LEU D 947 -36.65 -75.90 44.17
CA LEU D 947 -35.34 -76.36 43.73
C LEU D 947 -34.23 -75.44 44.25
N VAL D 948 -34.43 -74.14 44.14
CA VAL D 948 -33.41 -73.19 44.59
C VAL D 948 -33.20 -73.33 46.09
N GLU D 949 -34.29 -73.41 46.87
CA GLU D 949 -34.16 -73.49 48.31
C GLU D 949 -33.42 -74.76 48.72
N THR D 950 -33.75 -75.89 48.09
CA THR D 950 -33.02 -77.12 48.37
C THR D 950 -31.55 -76.97 48.03
N SER D 951 -31.23 -76.34 46.90
CA SER D 951 -29.84 -76.19 46.49
C SER D 951 -29.07 -75.33 47.50
N GLU D 952 -29.60 -74.16 47.86
CA GLU D 952 -28.89 -73.29 48.79
C GLU D 952 -28.78 -73.93 50.17
N VAL D 953 -29.84 -74.60 50.64
CA VAL D 953 -29.78 -75.24 51.95
C VAL D 953 -28.70 -76.31 51.96
N ARG D 954 -28.66 -77.15 50.92
CA ARG D 954 -27.64 -78.19 50.87
C ARG D 954 -26.24 -77.60 50.77
N LYS D 955 -26.07 -76.55 49.96
CA LYS D 955 -24.74 -75.94 49.83
C LYS D 955 -24.29 -75.32 51.14
N ALA D 956 -25.18 -74.60 51.83
CA ALA D 956 -24.81 -73.99 53.11
C ALA D 956 -24.50 -75.06 54.15
N VAL D 957 -25.31 -76.12 54.22
CA VAL D 957 -25.06 -77.17 55.19
C VAL D 957 -23.74 -77.86 54.90
N SER D 958 -23.44 -78.11 53.62
CA SER D 958 -22.18 -78.74 53.27
C SER D 958 -20.99 -77.84 53.63
N ILE D 959 -21.12 -76.54 53.35
CA ILE D 959 -20.03 -75.62 53.68
C ILE D 959 -19.80 -75.58 55.19
N GLU D 960 -20.88 -75.53 55.97
CA GLU D 960 -20.73 -75.46 57.42
C GLU D 960 -20.19 -76.76 57.98
N THR D 961 -20.62 -77.90 57.44
CA THR D 961 -20.08 -79.17 57.87
C THR D 961 -18.59 -79.25 57.55
N ALA D 962 -18.20 -78.77 56.36
CA ALA D 962 -16.79 -78.76 56.00
C ALA D 962 -15.98 -77.88 56.95
N LEU D 963 -16.49 -76.69 57.27
CA LEU D 963 -15.76 -75.81 58.17
C LEU D 963 -15.67 -76.39 59.57
N GLU D 964 -16.75 -77.02 60.04
CA GLU D 964 -16.69 -77.70 61.34
C GLU D 964 -15.67 -78.82 61.34
N HIS D 965 -15.62 -79.61 60.26
CA HIS D 965 -14.63 -80.66 60.16
C HIS D 965 -13.22 -80.09 60.18
N LYS D 966 -12.99 -79.01 59.43
CA LYS D 966 -11.65 -78.45 59.33
C LYS D 966 -11.20 -77.87 60.67
N VAL D 967 -12.10 -77.17 61.39
CA VAL D 967 -11.71 -76.62 62.68
C VAL D 967 -11.50 -77.73 63.70
N VAL D 968 -12.35 -78.77 63.67
CA VAL D 968 -12.22 -79.85 64.64
C VAL D 968 -10.92 -80.61 64.43
N ASN D 969 -10.63 -81.01 63.20
CA ASN D 969 -9.49 -81.87 62.90
C ASN D 969 -8.28 -81.11 62.35
N GLY D 970 -8.26 -79.79 62.47
CA GLY D 970 -7.11 -79.06 61.98
C GLY D 970 -7.07 -79.05 60.46
N ASN D 971 -5.94 -78.62 59.93
CA ASN D 971 -5.72 -78.56 58.48
C ASN D 971 -5.14 -79.87 57.98
N GLN D 979 -3.87 -82.53 46.56
CA GLN D 979 -3.19 -83.18 45.44
C GLN D 979 -2.54 -82.13 44.54
N VAL D 980 -1.23 -82.22 44.39
CA VAL D 980 -0.51 -81.26 43.53
C VAL D 980 -0.90 -81.51 42.08
N GLU D 981 -1.26 -80.44 41.38
CA GLU D 981 -1.75 -80.53 40.01
C GLU D 981 -0.65 -80.10 39.05
N ILE D 982 -0.44 -80.89 38.00
CA ILE D 982 0.63 -80.67 37.03
C ILE D 982 0.04 -80.06 35.78
N GLN D 983 0.76 -79.14 35.20
CA GLN D 983 0.33 -78.29 34.11
C GLN D 983 1.12 -78.63 32.84
N PRO D 984 0.50 -78.61 31.66
CA PRO D 984 1.26 -78.92 30.45
C PRO D 984 2.29 -77.83 30.16
N ARG D 985 3.40 -78.25 29.56
CA ARG D 985 4.48 -77.36 29.18
C ARG D 985 4.85 -77.65 27.73
N ALA D 986 5.13 -76.59 26.98
CA ALA D 986 5.32 -76.71 25.54
C ALA D 986 6.56 -77.54 25.24
N ASN D 987 6.38 -78.61 24.47
CA ASN D 987 7.46 -79.48 24.02
C ASN D 987 7.32 -79.57 22.51
N ILE D 988 7.93 -78.62 21.80
CA ILE D 988 7.77 -78.51 20.37
C ILE D 988 8.60 -79.59 19.68
N GLN D 989 7.95 -80.39 18.85
CA GLN D 989 8.58 -81.50 18.15
C GLN D 989 8.84 -81.12 16.70
N LEU D 990 9.95 -81.61 16.15
CA LEU D 990 10.28 -81.36 14.76
C LEU D 990 9.39 -82.13 13.80
N ASP D 991 8.66 -83.14 14.28
CA ASP D 991 7.71 -83.88 13.46
C ASP D 991 8.41 -84.62 12.32
N PHE D 992 9.48 -85.33 12.67
CA PHE D 992 10.14 -86.19 11.70
C PHE D 992 9.18 -87.30 11.29
N PRO D 993 9.33 -87.84 10.08
CA PRO D 993 8.41 -88.91 9.65
C PRO D 993 8.49 -90.12 10.56
N GLU D 994 7.34 -90.75 10.78
CA GLU D 994 7.29 -91.98 11.55
C GLU D 994 7.98 -93.08 10.76
N LEU D 995 8.93 -93.76 11.40
CA LEU D 995 9.64 -94.88 10.79
C LEU D 995 9.05 -96.17 11.35
N LYS D 996 8.23 -96.82 10.53
CA LYS D 996 7.58 -98.05 10.93
C LYS D 996 8.56 -99.22 10.89
N PRO D 997 8.23 -100.33 11.55
CA PRO D 997 9.08 -101.53 11.44
C PRO D 997 9.24 -101.97 9.99
N TYR D 998 10.31 -102.72 9.75
CA TYR D 998 10.65 -103.09 8.38
C TYR D 998 9.60 -103.99 7.75
N LYS D 999 9.06 -104.94 8.50
CA LYS D 999 8.02 -105.80 7.94
C LYS D 999 6.80 -104.97 7.56
N GLN D 1000 6.41 -104.00 8.39
CA GLN D 1000 5.26 -103.17 8.08
C GLN D 1000 5.52 -102.30 6.85
N VAL D 1001 6.72 -101.74 6.74
CA VAL D 1001 7.01 -100.87 5.60
C VAL D 1001 7.20 -101.70 4.32
N LYS D 1002 7.56 -102.97 4.47
CA LYS D 1002 7.75 -103.82 3.30
C LYS D 1002 6.44 -104.40 2.81
N GLN D 1003 5.46 -104.57 3.70
CA GLN D 1003 4.17 -105.12 3.29
C GLN D 1003 3.49 -104.22 2.27
N ILE D 1004 3.51 -102.91 2.49
CA ILE D 1004 2.77 -102.00 1.62
C ILE D 1004 3.45 -101.91 0.25
N ALA D 1005 4.78 -101.84 0.22
CA ALA D 1005 5.47 -101.71 -1.06
C ALA D 1005 5.51 -103.05 -1.78
N PRO D 1006 5.69 -103.06 -3.10
CA PRO D 1006 5.80 -104.34 -3.81
C PRO D 1006 7.06 -105.09 -3.40
N ALA D 1007 6.96 -106.42 -3.43
CA ALA D 1007 8.11 -107.26 -3.10
C ALA D 1007 9.23 -107.13 -4.13
N GLU D 1008 8.91 -106.76 -5.36
CA GLU D 1008 9.90 -106.65 -6.43
C GLU D 1008 10.61 -105.31 -6.45
N LEU D 1009 10.24 -104.38 -5.57
CA LEU D 1009 10.92 -103.10 -5.52
C LEU D 1009 12.31 -103.20 -4.90
N GLU D 1010 12.58 -104.26 -4.15
CA GLU D 1010 13.87 -104.40 -3.46
C GLU D 1010 14.99 -104.56 -4.47
N GLY D 1011 15.85 -103.54 -4.56
CA GLY D 1011 16.95 -103.55 -5.51
C GLY D 1011 16.59 -103.13 -6.91
N LEU D 1012 15.34 -102.72 -7.15
CA LEU D 1012 14.91 -102.39 -8.50
C LEU D 1012 15.25 -100.94 -8.86
N LEU D 1013 15.07 -100.03 -7.91
CA LEU D 1013 15.27 -98.61 -8.19
C LEU D 1013 16.72 -98.20 -7.99
N ASP D 1014 17.15 -97.21 -8.76
CA ASP D 1014 18.44 -96.56 -8.56
C ASP D 1014 18.22 -95.45 -7.54
N LEU D 1015 18.61 -95.70 -6.30
CA LEU D 1015 18.37 -94.73 -5.24
C LEU D 1015 19.12 -93.44 -5.49
N GLU D 1016 20.24 -93.50 -6.22
CA GLU D 1016 20.90 -92.28 -6.65
C GLU D 1016 20.01 -91.47 -7.58
N ARG D 1017 19.10 -92.13 -8.30
CA ARG D 1017 18.19 -91.46 -9.21
C ARG D 1017 16.83 -91.17 -8.59
N VAL D 1018 16.57 -91.66 -7.38
CA VAL D 1018 15.36 -91.34 -6.64
C VAL D 1018 15.59 -90.07 -5.83
N ILE D 1019 14.71 -89.08 -5.99
CA ILE D 1019 14.81 -87.80 -5.28
C ILE D 1019 13.86 -87.83 -4.10
N VAL D 1020 14.36 -87.41 -2.93
CA VAL D 1020 13.60 -87.43 -1.69
C VAL D 1020 13.67 -86.04 -1.06
N VAL D 1021 12.53 -85.55 -0.58
CA VAL D 1021 12.49 -84.30 0.17
C VAL D 1021 12.91 -84.63 1.59
N THR D 1022 14.17 -84.32 1.94
CA THR D 1022 14.65 -84.65 3.27
C THR D 1022 14.33 -83.58 4.29
N GLY D 1023 14.16 -82.33 3.84
CA GLY D 1023 13.78 -81.26 4.75
C GLY D 1023 12.84 -80.30 4.08
N PHE D 1024 12.11 -79.56 4.91
CA PHE D 1024 11.27 -78.48 4.39
C PHE D 1024 10.98 -77.51 5.51
N ALA D 1025 10.69 -76.27 5.11
CA ALA D 1025 10.30 -75.23 6.05
C ALA D 1025 9.74 -74.06 5.26
N GLU D 1026 9.13 -73.13 5.99
CA GLU D 1026 8.58 -71.95 5.35
C GLU D 1026 8.47 -70.84 6.37
N VAL D 1027 8.37 -69.62 5.85
CA VAL D 1027 8.01 -68.44 6.61
C VAL D 1027 6.83 -67.82 5.90
N GLY D 1028 5.71 -67.67 6.59
CA GLY D 1028 4.48 -67.22 5.98
C GLY D 1028 3.55 -66.56 6.95
N PRO D 1029 2.30 -66.31 6.53
CA PRO D 1029 1.36 -65.60 7.40
C PRO D 1029 1.04 -66.32 8.70
N TRP D 1030 1.33 -67.61 8.80
CA TRP D 1030 1.06 -68.37 10.01
C TRP D 1030 2.36 -68.93 10.59
N GLY D 1031 3.43 -68.14 10.50
CA GLY D 1031 4.68 -68.55 11.09
C GLY D 1031 5.35 -69.65 10.28
N SER D 1032 5.86 -70.65 11.01
CA SER D 1032 6.64 -71.72 10.41
C SER D 1032 5.71 -72.74 9.76
N ALA D 1033 6.30 -73.77 9.16
CA ALA D 1033 5.51 -74.84 8.56
C ALA D 1033 4.69 -75.56 9.61
N ARG D 1034 5.23 -75.72 10.83
CA ARG D 1034 4.50 -76.39 11.89
C ARG D 1034 3.23 -75.64 12.26
N THR D 1035 3.36 -74.34 12.54
CA THR D 1035 2.20 -73.55 12.94
C THR D 1035 1.20 -73.42 11.80
N ARG D 1036 1.70 -73.23 10.58
CA ARG D 1036 0.80 -73.16 9.43
C ARG D 1036 0.03 -74.46 9.27
N TRP D 1037 0.71 -75.60 9.45
CA TRP D 1037 0.04 -76.89 9.35
C TRP D 1037 -1.00 -77.06 10.44
N GLU D 1038 -0.69 -76.63 11.66
CA GLU D 1038 -1.68 -76.73 12.73
C GLU D 1038 -2.93 -75.93 12.40
N MET D 1039 -2.74 -74.68 11.94
CA MET D 1039 -3.89 -73.86 11.59
C MET D 1039 -4.66 -74.46 10.41
N GLU D 1040 -3.94 -75.03 9.43
CA GLU D 1040 -4.60 -75.65 8.30
C GLU D 1040 -5.43 -76.85 8.72
N ALA D 1041 -4.82 -77.78 9.45
CA ALA D 1041 -5.46 -79.06 9.71
C ALA D 1041 -6.53 -78.94 10.80
N PHE D 1042 -6.16 -78.40 11.96
CA PHE D 1042 -7.08 -78.38 13.09
C PHE D 1042 -7.78 -77.04 13.28
N GLY D 1043 -7.36 -76.01 12.56
CA GLY D 1043 -8.04 -74.72 12.63
C GLY D 1043 -7.71 -73.90 13.86
N GLU D 1044 -6.93 -74.44 14.79
CA GLU D 1044 -6.54 -73.73 15.99
C GLU D 1044 -5.18 -74.23 16.41
N PHE D 1045 -4.50 -73.44 17.24
CA PHE D 1045 -3.17 -73.76 17.71
C PHE D 1045 -3.25 -74.59 18.98
N SER D 1046 -2.47 -75.66 19.04
CA SER D 1046 -2.29 -76.42 20.26
C SER D 1046 -1.38 -75.63 21.19
N LEU D 1047 -0.98 -76.22 22.32
CA LEU D 1047 -0.07 -75.52 23.22
C LEU D 1047 1.27 -75.25 22.55
N GLU D 1048 1.83 -76.26 21.88
CA GLU D 1048 3.11 -76.09 21.22
C GLU D 1048 3.01 -75.07 20.09
N GLY D 1049 1.94 -75.13 19.30
CA GLY D 1049 1.78 -74.19 18.22
C GLY D 1049 1.61 -72.76 18.71
N CYS D 1050 0.82 -72.57 19.76
CA CYS D 1050 0.61 -71.24 20.29
C CYS D 1050 1.87 -70.67 20.90
N VAL D 1051 2.63 -71.51 21.61
CA VAL D 1051 3.89 -71.04 22.19
C VAL D 1051 4.88 -70.70 21.08
N GLU D 1052 4.94 -71.53 20.04
CA GLU D 1052 5.82 -71.22 18.92
C GLU D 1052 5.41 -69.93 18.23
N MET D 1053 4.11 -69.69 18.08
CA MET D 1053 3.65 -68.45 17.45
C MET D 1053 3.98 -67.25 18.32
N ALA D 1054 3.81 -67.37 19.63
CA ALA D 1054 4.17 -66.26 20.52
C ALA D 1054 5.65 -65.97 20.44
N TRP D 1055 6.48 -67.02 20.40
CA TRP D 1055 7.92 -66.83 20.27
C TRP D 1055 8.27 -66.18 18.93
N ILE D 1056 7.62 -66.62 17.85
CA ILE D 1056 7.87 -66.06 16.53
C ILE D 1056 7.51 -64.58 16.51
N MET D 1057 6.36 -64.24 17.08
CA MET D 1057 5.86 -62.87 17.08
C MET D 1057 6.48 -62.03 18.17
N GLY D 1058 7.36 -62.60 19.01
CA GLY D 1058 8.02 -61.83 20.03
C GLY D 1058 7.17 -61.53 21.25
N PHE D 1059 5.99 -62.14 21.36
CA PHE D 1059 5.16 -61.91 22.54
C PHE D 1059 5.84 -62.40 23.80
N ILE D 1060 6.45 -63.58 23.72
CA ILE D 1060 7.15 -64.19 24.85
C ILE D 1060 8.61 -64.35 24.47
N SER D 1061 9.50 -63.93 25.37
CA SER D 1061 10.93 -64.14 25.24
C SER D 1061 11.37 -65.12 26.32
N TYR D 1062 12.45 -65.82 26.07
CA TYR D 1062 12.99 -66.73 27.07
C TYR D 1062 13.86 -65.97 28.06
N HIS D 1063 13.76 -66.36 29.33
CA HIS D 1063 14.58 -65.78 30.39
C HIS D 1063 15.16 -66.90 31.23
N ASN D 1064 16.43 -66.74 31.61
CA ASN D 1064 17.11 -67.68 32.48
C ASN D 1064 18.03 -66.89 33.41
N GLY D 1065 17.70 -66.88 34.69
CA GLY D 1065 18.47 -66.17 35.68
C GLY D 1065 17.54 -65.53 36.69
N ASN D 1066 18.11 -64.66 37.52
CA ASN D 1066 17.33 -63.97 38.53
C ASN D 1066 16.33 -63.03 37.89
N LEU D 1067 15.11 -63.01 38.44
CA LEU D 1067 14.04 -62.16 37.92
C LEU D 1067 13.15 -61.78 39.10
N LYS D 1068 13.13 -60.49 39.45
CA LYS D 1068 12.40 -60.01 40.61
C LYS D 1068 12.86 -60.74 41.87
N GLY D 1069 14.17 -60.91 42.01
CA GLY D 1069 14.74 -61.57 43.17
C GLY D 1069 14.82 -63.07 43.02
N ARG D 1070 13.67 -63.73 42.96
CA ARG D 1070 13.64 -65.17 42.87
C ARG D 1070 14.20 -65.61 41.50
N PRO D 1071 14.80 -66.80 41.43
CA PRO D 1071 15.34 -67.27 40.14
C PRO D 1071 14.23 -67.90 39.29
N TYR D 1072 14.12 -67.44 38.05
CA TYR D 1072 13.11 -67.93 37.13
C TYR D 1072 13.76 -68.41 35.84
N THR D 1073 13.24 -69.50 35.30
CA THR D 1073 13.72 -70.09 34.05
C THR D 1073 12.49 -70.47 33.22
N GLY D 1074 12.24 -69.73 32.15
CA GLY D 1074 11.09 -70.00 31.31
C GLY D 1074 10.75 -68.79 30.47
N TRP D 1075 9.54 -68.84 29.91
CA TRP D 1075 9.06 -67.75 29.07
C TRP D 1075 8.65 -66.56 29.92
N VAL D 1076 8.92 -65.36 29.41
CA VAL D 1076 8.48 -64.11 30.01
C VAL D 1076 7.93 -63.23 28.91
N ASP D 1077 7.02 -62.34 29.30
CA ASP D 1077 6.52 -61.35 28.35
C ASP D 1077 7.66 -60.47 27.87
N SER D 1078 7.73 -60.25 26.55
CA SER D 1078 8.83 -59.48 25.99
C SER D 1078 8.83 -58.05 26.49
N LYS D 1079 7.65 -57.44 26.61
CA LYS D 1079 7.55 -56.05 27.04
C LYS D 1079 7.65 -55.92 28.56
N THR D 1080 6.74 -56.55 29.29
CA THR D 1080 6.68 -56.37 30.74
C THR D 1080 7.69 -57.23 31.48
N LYS D 1081 8.27 -58.25 30.83
CA LYS D 1081 9.27 -59.13 31.42
C LYS D 1081 8.71 -59.97 32.56
N GLU D 1082 7.39 -59.98 32.77
CA GLU D 1082 6.82 -60.76 33.84
C GLU D 1082 6.78 -62.24 33.43
N PRO D 1083 6.96 -63.17 34.37
CA PRO D 1083 6.89 -64.59 34.01
C PRO D 1083 5.53 -64.96 33.44
N VAL D 1084 5.54 -65.78 32.40
CA VAL D 1084 4.33 -66.30 31.78
C VAL D 1084 4.50 -67.81 31.62
N ASP D 1085 3.52 -68.56 32.09
CA ASP D 1085 3.55 -70.01 31.98
C ASP D 1085 2.93 -70.44 30.66
N ASP D 1086 3.36 -71.61 30.18
CA ASP D 1086 2.85 -72.12 28.91
C ASP D 1086 1.34 -72.29 28.96
N LYS D 1087 0.79 -72.67 30.12
CA LYS D 1087 -0.66 -72.67 30.30
C LYS D 1087 -1.26 -71.32 29.92
N ASP D 1088 -0.68 -70.24 30.44
CA ASP D 1088 -1.22 -68.90 30.26
C ASP D 1088 -0.86 -68.28 28.93
N VAL D 1089 0.07 -68.89 28.16
CA VAL D 1089 0.45 -68.30 26.88
C VAL D 1089 -0.76 -68.22 25.97
N LYS D 1090 -1.56 -69.28 25.91
CA LYS D 1090 -2.75 -69.26 25.06
C LYS D 1090 -3.74 -68.20 25.55
N ALA D 1091 -4.09 -68.24 26.83
CA ALA D 1091 -5.07 -67.30 27.36
C ALA D 1091 -4.62 -65.86 27.23
N LYS D 1092 -3.32 -65.60 27.16
CA LYS D 1092 -2.80 -64.24 27.09
C LYS D 1092 -2.48 -63.75 25.69
N TYR D 1093 -2.27 -64.66 24.72
CA TYR D 1093 -1.80 -64.24 23.40
C TYR D 1093 -2.56 -64.86 22.24
N GLU D 1094 -3.58 -65.68 22.49
CA GLU D 1094 -4.31 -66.28 21.38
C GLU D 1094 -5.01 -65.22 20.54
N THR D 1095 -5.65 -64.26 21.20
CA THR D 1095 -6.34 -63.21 20.47
C THR D 1095 -5.36 -62.39 19.65
N SER D 1096 -4.21 -62.03 20.23
CA SER D 1096 -3.23 -61.24 19.51
C SER D 1096 -2.66 -62.01 18.32
N ILE D 1097 -2.35 -63.29 18.51
CA ILE D 1097 -1.81 -64.11 17.44
C ILE D 1097 -2.81 -64.23 16.30
N LEU D 1098 -4.08 -64.51 16.63
CA LEU D 1098 -5.09 -64.63 15.59
C LEU D 1098 -5.32 -63.30 14.88
N GLU D 1099 -5.27 -62.19 15.62
CA GLU D 1099 -5.54 -60.89 15.02
C GLU D 1099 -4.39 -60.42 14.13
N HIS D 1100 -3.15 -60.82 14.46
CA HIS D 1100 -1.97 -60.41 13.72
C HIS D 1100 -1.27 -61.60 13.09
N SER D 1101 -2.04 -62.59 12.64
CA SER D 1101 -1.51 -63.65 11.81
C SER D 1101 -2.48 -63.90 10.66
N GLY D 1102 -1.95 -64.46 9.57
CA GLY D 1102 -2.79 -64.84 8.46
C GLY D 1102 -3.19 -63.66 7.59
N ILE D 1103 -4.25 -63.86 6.82
CA ILE D 1103 -4.77 -62.82 5.94
C ILE D 1103 -5.50 -61.79 6.81
N ARG D 1104 -5.12 -60.53 6.66
CA ARG D 1104 -5.62 -59.47 7.51
C ARG D 1104 -5.32 -58.14 6.84
N LEU D 1105 -5.84 -57.06 7.43
CA LEU D 1105 -5.61 -55.73 6.88
C LEU D 1105 -4.12 -55.43 6.83
N ILE D 1106 -3.70 -54.79 5.73
CA ILE D 1106 -2.29 -54.47 5.56
C ILE D 1106 -1.84 -53.55 6.68
N GLU D 1107 -0.70 -53.91 7.30
CA GLU D 1107 -0.16 -53.17 8.42
C GLU D 1107 0.97 -52.28 7.92
N PRO D 1108 0.83 -50.95 7.91
CA PRO D 1108 1.92 -50.11 7.37
C PRO D 1108 3.23 -50.26 8.11
N GLU D 1109 3.19 -50.64 9.39
CA GLU D 1109 4.42 -50.79 10.16
C GLU D 1109 5.25 -51.96 9.64
N LEU D 1110 4.61 -52.92 8.96
CA LEU D 1110 5.33 -54.04 8.36
C LEU D 1110 5.77 -53.76 6.92
N PHE D 1111 5.36 -52.63 6.34
CA PHE D 1111 5.69 -52.29 4.96
C PHE D 1111 6.10 -50.83 4.85
N ASN D 1112 6.75 -50.32 5.90
CA ASN D 1112 7.37 -49.00 5.87
C ASN D 1112 6.33 -47.90 5.74
N GLY D 1113 5.33 -47.93 6.61
CA GLY D 1113 4.30 -46.90 6.59
C GLY D 1113 3.50 -46.88 5.32
N TYR D 1114 3.33 -48.05 4.68
CA TYR D 1114 2.50 -48.16 3.49
C TYR D 1114 1.06 -48.35 3.92
N ASN D 1115 0.23 -47.34 3.68
CA ASN D 1115 -1.20 -47.39 3.99
C ASN D 1115 -1.96 -47.48 2.67
N PRO D 1116 -2.58 -48.61 2.32
CA PRO D 1116 -3.33 -48.64 1.05
C PRO D 1116 -4.48 -47.64 1.01
N GLU D 1117 -5.05 -47.28 2.16
CA GLU D 1117 -6.07 -46.25 2.20
C GLU D 1117 -5.51 -44.87 1.87
N LYS D 1118 -4.20 -44.69 2.00
CA LYS D 1118 -3.54 -43.41 1.72
C LYS D 1118 -2.24 -43.73 0.98
N LYS D 1119 -2.32 -43.81 -0.34
CA LYS D 1119 -1.19 -44.19 -1.19
C LYS D 1119 -0.57 -42.94 -1.79
N GLU D 1120 0.71 -42.73 -1.52
CA GLU D 1120 1.39 -41.51 -1.95
C GLU D 1120 1.61 -41.49 -3.46
N MET D 1121 1.26 -40.38 -4.08
CA MET D 1121 1.58 -40.08 -5.46
C MET D 1121 2.03 -38.63 -5.52
N ILE D 1122 2.57 -38.22 -6.66
CA ILE D 1122 2.94 -36.82 -6.90
C ILE D 1122 2.37 -36.39 -8.23
N GLN D 1123 1.96 -35.13 -8.32
CA GLN D 1123 1.35 -34.55 -9.50
C GLN D 1123 2.26 -33.47 -10.06
N GLU D 1124 2.51 -33.52 -11.36
CA GLU D 1124 3.20 -32.45 -12.07
C GLU D 1124 2.23 -31.30 -12.28
N VAL D 1125 2.64 -30.10 -11.84
CA VAL D 1125 1.92 -28.87 -12.15
C VAL D 1125 2.94 -27.85 -12.65
N ILE D 1126 2.46 -26.89 -13.41
CA ILE D 1126 3.28 -25.78 -13.89
C ILE D 1126 3.17 -24.65 -12.89
N VAL D 1127 4.31 -24.19 -12.37
CA VAL D 1127 4.32 -23.09 -11.41
C VAL D 1127 3.76 -21.83 -12.05
N GLU D 1128 2.89 -21.13 -11.33
CA GLU D 1128 2.23 -19.93 -11.83
C GLU D 1128 2.82 -18.63 -11.28
N GLU D 1129 3.55 -18.68 -10.17
CA GLU D 1129 4.24 -17.51 -9.65
C GLU D 1129 5.61 -17.89 -9.12
N ASP D 1130 6.46 -16.90 -8.94
CA ASP D 1130 7.76 -17.15 -8.34
C ASP D 1130 7.57 -17.54 -6.88
N LEU D 1131 7.88 -18.80 -6.55
CA LEU D 1131 7.88 -19.21 -5.16
C LEU D 1131 8.93 -18.43 -4.38
N GLU D 1132 8.73 -18.33 -3.07
CA GLU D 1132 9.67 -17.59 -2.25
C GLU D 1132 11.00 -18.33 -2.19
N PRO D 1133 12.12 -17.62 -2.00
CA PRO D 1133 13.40 -18.31 -1.86
C PRO D 1133 13.43 -19.20 -0.64
N PHE D 1134 14.17 -20.30 -0.74
CA PHE D 1134 14.45 -21.16 0.39
C PHE D 1134 15.93 -21.48 0.43
N GLU D 1135 16.51 -21.40 1.62
CA GLU D 1135 17.94 -21.68 1.78
C GLU D 1135 18.25 -23.10 1.35
N ALA D 1136 19.35 -23.26 0.62
CA ALA D 1136 19.77 -24.57 0.14
C ALA D 1136 21.29 -24.58 0.06
N SER D 1137 21.85 -25.79 0.06
CA SER D 1137 23.29 -25.94 -0.06
C SER D 1137 23.75 -25.47 -1.44
N LYS D 1138 25.07 -25.28 -1.57
CA LYS D 1138 25.62 -24.85 -2.85
C LYS D 1138 25.39 -25.90 -3.93
N GLU D 1139 25.73 -27.16 -3.64
CA GLU D 1139 25.55 -28.21 -4.63
C GLU D 1139 24.07 -28.44 -4.94
N THR D 1140 23.23 -28.38 -3.91
CA THR D 1140 21.79 -28.53 -4.12
C THR D 1140 21.25 -27.44 -5.02
N ALA D 1141 21.67 -26.19 -4.78
CA ALA D 1141 21.24 -25.08 -5.63
C ALA D 1141 21.74 -25.25 -7.05
N GLU D 1142 22.98 -25.71 -7.22
CA GLU D 1142 23.49 -25.96 -8.56
C GLU D 1142 22.68 -27.03 -9.27
N GLN D 1143 22.30 -28.08 -8.55
CA GLN D 1143 21.45 -29.12 -9.14
C GLN D 1143 20.09 -28.57 -9.55
N PHE D 1144 19.50 -27.73 -8.70
CA PHE D 1144 18.22 -27.12 -9.06
C PHE D 1144 18.36 -26.25 -10.30
N LYS D 1145 19.44 -25.48 -10.39
CA LYS D 1145 19.66 -24.64 -11.56
C LYS D 1145 19.87 -25.48 -12.81
N HIS D 1146 20.62 -26.57 -12.68
CA HIS D 1146 20.82 -27.47 -13.81
C HIS D 1146 19.50 -28.04 -14.30
N GLN D 1147 18.62 -28.39 -13.37
CA GLN D 1147 17.32 -28.92 -13.76
C GLN D 1147 16.47 -27.86 -14.46
N HIS D 1148 16.20 -26.76 -13.76
CA HIS D 1148 15.18 -25.82 -14.21
C HIS D 1148 15.68 -24.80 -15.22
N GLY D 1149 16.99 -24.75 -15.49
CA GLY D 1149 17.50 -23.81 -16.47
C GLY D 1149 17.23 -22.39 -16.02
N ASP D 1150 16.52 -21.64 -16.87
CA ASP D 1150 16.18 -20.25 -16.59
C ASP D 1150 14.92 -20.09 -15.77
N LYS D 1151 14.28 -21.19 -15.35
CA LYS D 1151 13.07 -21.13 -14.56
C LYS D 1151 13.33 -21.16 -13.06
N VAL D 1152 14.60 -21.12 -12.65
CA VAL D 1152 14.96 -20.95 -11.24
C VAL D 1152 16.13 -19.98 -11.18
N ASP D 1153 16.24 -19.31 -10.04
CA ASP D 1153 17.31 -18.37 -9.78
C ASP D 1153 18.00 -18.75 -8.48
N ILE D 1154 19.32 -18.94 -8.53
CA ILE D 1154 20.10 -19.36 -7.38
C ILE D 1154 21.08 -18.24 -7.06
N PHE D 1155 21.10 -17.81 -5.79
CA PHE D 1155 21.97 -16.73 -5.36
C PHE D 1155 22.65 -17.08 -4.05
N GLU D 1156 23.97 -16.88 -4.01
CA GLU D 1156 24.72 -17.13 -2.79
C GLU D 1156 24.36 -16.09 -1.73
N ILE D 1157 24.38 -16.54 -0.47
CA ILE D 1157 24.16 -15.68 0.69
C ILE D 1157 25.54 -15.37 1.27
N PRO D 1158 26.05 -14.13 1.16
CA PRO D 1158 27.40 -13.86 1.69
C PRO D 1158 27.52 -14.05 3.19
N GLU D 1159 26.41 -13.98 3.93
CA GLU D 1159 26.48 -14.09 5.38
C GLU D 1159 27.00 -15.46 5.81
N THR D 1160 26.52 -16.53 5.15
CA THR D 1160 26.82 -17.90 5.53
C THR D 1160 27.35 -18.77 4.40
N GLY D 1161 27.33 -18.28 3.16
CA GLY D 1161 27.80 -19.04 2.03
C GLY D 1161 26.82 -20.05 1.47
N GLU D 1162 25.62 -20.13 2.03
CA GLU D 1162 24.58 -21.01 1.50
C GLU D 1162 24.04 -20.41 0.21
N TYR D 1163 23.00 -21.05 -0.34
CA TYR D 1163 22.36 -20.58 -1.56
C TYR D 1163 20.86 -20.50 -1.36
N SER D 1164 20.25 -19.47 -1.94
CA SER D 1164 18.81 -19.29 -1.96
C SER D 1164 18.30 -19.65 -3.35
N VAL D 1165 17.31 -20.53 -3.40
CA VAL D 1165 16.74 -21.04 -4.64
C VAL D 1165 15.34 -20.46 -4.78
N LYS D 1166 15.10 -19.73 -5.87
CA LYS D 1166 13.85 -19.04 -6.12
C LYS D 1166 13.30 -19.58 -7.43
N LEU D 1167 12.30 -20.45 -7.35
CA LEU D 1167 11.61 -20.90 -8.56
C LEU D 1167 10.80 -19.74 -9.14
N LEU D 1168 10.79 -19.64 -10.47
CA LEU D 1168 10.09 -18.61 -11.20
C LEU D 1168 8.80 -19.18 -11.78
N LYS D 1169 8.01 -18.30 -12.40
CA LYS D 1169 6.79 -18.72 -13.08
C LYS D 1169 7.14 -19.67 -14.22
N GLY D 1170 6.30 -20.68 -14.41
CA GLY D 1170 6.49 -21.67 -15.44
C GLY D 1170 7.35 -22.86 -15.04
N ALA D 1171 7.95 -22.84 -13.86
CA ALA D 1171 8.78 -23.95 -13.42
C ALA D 1171 7.91 -25.18 -13.18
N THR D 1172 8.56 -26.34 -13.15
CA THR D 1172 7.90 -27.61 -12.91
C THR D 1172 7.96 -27.95 -11.44
N LEU D 1173 6.85 -28.43 -10.89
CA LEU D 1173 6.71 -28.70 -9.48
C LEU D 1173 5.99 -30.03 -9.30
N TYR D 1174 6.36 -30.75 -8.25
CA TYR D 1174 5.70 -31.99 -7.87
C TYR D 1174 5.09 -31.82 -6.48
N ILE D 1175 3.77 -31.92 -6.40
CA ILE D 1175 3.03 -31.82 -5.15
C ILE D 1175 2.55 -33.23 -4.81
N PRO D 1176 2.81 -33.75 -3.61
CA PRO D 1176 2.27 -35.06 -3.25
C PRO D 1176 0.75 -35.07 -3.26
N LYS D 1177 0.18 -36.18 -3.71
CA LYS D 1177 -1.25 -36.44 -3.58
C LYS D 1177 -1.44 -37.89 -3.16
N ALA D 1178 -2.61 -38.16 -2.58
CA ALA D 1178 -2.90 -39.44 -1.96
C ALA D 1178 -4.00 -40.14 -2.73
N LEU D 1179 -3.82 -41.44 -2.97
CA LEU D 1179 -4.77 -42.26 -3.71
C LEU D 1179 -5.36 -43.31 -2.78
N ARG D 1180 -6.68 -43.37 -2.74
CA ARG D 1180 -7.39 -44.37 -1.96
C ARG D 1180 -7.43 -45.67 -2.77
N PHE D 1181 -6.69 -46.67 -2.32
CA PHE D 1181 -6.55 -47.93 -3.02
C PHE D 1181 -7.40 -48.99 -2.33
N ASP D 1182 -8.01 -49.86 -3.13
CA ASP D 1182 -9.07 -50.76 -2.67
C ASP D 1182 -8.60 -52.18 -2.37
N ARG D 1183 -7.28 -52.41 -2.26
CA ARG D 1183 -6.74 -53.69 -1.80
C ARG D 1183 -6.11 -53.42 -0.43
N LEU D 1184 -6.91 -53.64 0.63
CA LEU D 1184 -6.50 -53.31 1.98
C LEU D 1184 -6.02 -54.53 2.78
N VAL D 1185 -6.29 -55.74 2.29
CA VAL D 1185 -6.02 -56.97 3.02
C VAL D 1185 -4.99 -57.77 2.26
N ALA D 1186 -3.99 -58.29 2.97
CA ALA D 1186 -2.94 -59.09 2.37
C ALA D 1186 -2.50 -60.16 3.36
N GLY D 1187 -1.98 -61.26 2.84
CA GLY D 1187 -1.45 -62.32 3.69
C GLY D 1187 -0.08 -61.93 4.18
N GLN D 1188 0.03 -61.53 5.44
CA GLN D 1188 1.24 -60.95 5.99
C GLN D 1188 1.81 -61.87 7.05
N ILE D 1189 3.14 -61.94 7.09
CA ILE D 1189 3.87 -62.70 8.10
C ILE D 1189 3.44 -62.11 9.44
N PRO D 1190 3.32 -62.91 10.51
CA PRO D 1190 2.76 -62.38 11.76
C PRO D 1190 3.52 -61.17 12.28
N THR D 1191 2.78 -60.20 12.80
CA THR D 1191 3.40 -58.99 13.31
C THR D 1191 4.31 -59.34 14.48
N GLY D 1192 5.47 -58.69 14.51
CA GLY D 1192 6.51 -59.02 15.46
C GLY D 1192 7.51 -60.04 14.96
N TRP D 1193 7.27 -60.65 13.80
CA TRP D 1193 8.27 -61.50 13.19
C TRP D 1193 9.54 -60.70 12.94
N ASN D 1194 10.65 -61.18 13.50
CA ASN D 1194 11.93 -60.50 13.38
C ASN D 1194 13.00 -61.54 13.10
N ALA D 1195 13.94 -61.18 12.24
CA ALA D 1195 15.04 -62.10 11.94
C ALA D 1195 15.98 -62.25 13.14
N LYS D 1196 16.06 -61.23 14.00
CA LYS D 1196 16.85 -61.35 15.21
C LYS D 1196 16.32 -62.47 16.11
N THR D 1197 15.02 -62.74 16.07
CA THR D 1197 14.46 -63.83 16.85
C THR D 1197 15.04 -65.16 16.40
N TYR D 1198 15.24 -65.34 15.11
CA TYR D 1198 15.88 -66.54 14.59
C TYR D 1198 17.40 -66.48 14.66
N GLY D 1199 17.97 -65.31 14.94
CA GLY D 1199 19.39 -65.18 15.18
C GLY D 1199 20.19 -64.50 14.11
N ILE D 1200 19.55 -63.92 13.11
CA ILE D 1200 20.26 -63.21 12.04
C ILE D 1200 20.72 -61.87 12.59
N SER D 1201 21.97 -61.52 12.31
CA SER D 1201 22.58 -60.35 12.92
C SER D 1201 22.00 -59.07 12.32
N ASP D 1202 22.11 -57.99 13.10
CA ASP D 1202 21.57 -56.71 12.68
C ASP D 1202 22.27 -56.19 11.44
N ASP D 1203 23.56 -56.48 11.30
CA ASP D 1203 24.28 -56.05 10.10
C ASP D 1203 23.74 -56.76 8.87
N ILE D 1204 23.46 -58.05 8.98
CA ILE D 1204 22.84 -58.78 7.87
C ILE D 1204 21.46 -58.21 7.58
N ILE D 1205 20.70 -57.89 8.62
CA ILE D 1205 19.35 -57.35 8.42
C ILE D 1205 19.42 -56.03 7.67
N SER D 1206 20.37 -55.17 8.04
CA SER D 1206 20.52 -53.90 7.34
C SER D 1206 20.99 -54.12 5.90
N GLN D 1207 21.86 -55.09 5.69
CA GLN D 1207 22.43 -55.29 4.36
C GLN D 1207 21.41 -55.85 3.38
N VAL D 1208 20.67 -56.88 3.79
CA VAL D 1208 19.85 -57.66 2.86
C VAL D 1208 18.40 -57.21 2.97
N ASP D 1209 17.59 -57.68 2.02
CA ASP D 1209 16.18 -57.35 1.97
C ASP D 1209 15.37 -58.25 2.90
N PRO D 1210 14.15 -57.84 3.24
CA PRO D 1210 13.29 -58.72 4.05
C PRO D 1210 13.02 -60.05 3.40
N ILE D 1211 12.91 -60.10 2.07
CA ILE D 1211 12.77 -61.38 1.38
C ILE D 1211 13.98 -62.25 1.65
N THR D 1212 15.19 -61.67 1.60
CA THR D 1212 16.38 -62.45 1.88
C THR D 1212 16.38 -62.98 3.30
N LEU D 1213 15.88 -62.17 4.25
CA LEU D 1213 15.78 -62.66 5.62
C LEU D 1213 14.80 -63.81 5.73
N PHE D 1214 13.66 -63.70 5.05
CA PHE D 1214 12.70 -64.80 5.03
C PHE D 1214 13.34 -66.06 4.48
N VAL D 1215 14.12 -65.93 3.42
CA VAL D 1215 14.75 -67.09 2.79
C VAL D 1215 15.81 -67.70 3.70
N LEU D 1216 16.58 -66.85 4.39
CA LEU D 1216 17.59 -67.37 5.29
C LEU D 1216 16.94 -68.15 6.42
N VAL D 1217 15.87 -67.61 7.00
CA VAL D 1217 15.16 -68.32 8.06
C VAL D 1217 14.58 -69.62 7.53
N SER D 1218 13.98 -69.58 6.34
CA SER D 1218 13.38 -70.79 5.78
C SER D 1218 14.43 -71.85 5.49
N VAL D 1219 15.61 -71.45 5.01
CA VAL D 1219 16.67 -72.41 4.74
C VAL D 1219 17.17 -73.03 6.04
N VAL D 1220 17.35 -72.21 7.08
CA VAL D 1220 17.82 -72.75 8.36
C VAL D 1220 16.79 -73.72 8.92
N GLU D 1221 15.51 -73.35 8.88
CA GLU D 1221 14.47 -74.24 9.40
C GLU D 1221 14.34 -75.49 8.55
N ALA D 1222 14.55 -75.39 7.24
CA ALA D 1222 14.50 -76.57 6.38
C ALA D 1222 15.64 -77.53 6.71
N PHE D 1223 16.84 -76.99 6.98
CA PHE D 1223 17.94 -77.86 7.36
C PHE D 1223 17.70 -78.47 8.73
N ILE D 1224 17.09 -77.72 9.65
CA ILE D 1224 16.74 -78.27 10.95
C ILE D 1224 15.74 -79.41 10.79
N ALA D 1225 14.75 -79.22 9.92
CA ALA D 1225 13.79 -80.29 9.62
C ALA D 1225 14.48 -81.50 9.00
N SER D 1226 15.50 -81.27 8.17
CA SER D 1226 16.34 -82.34 7.66
C SER D 1226 17.30 -82.89 8.69
N GLY D 1227 17.35 -82.30 9.89
CA GLY D 1227 18.24 -82.76 10.92
C GLY D 1227 19.67 -82.30 10.75
N ILE D 1228 19.96 -81.50 9.72
CA ILE D 1228 21.31 -81.04 9.44
C ILE D 1228 21.48 -79.75 10.26
N THR D 1229 21.91 -79.92 11.51
CA THR D 1229 22.13 -78.75 12.37
C THR D 1229 23.29 -77.91 11.85
N ASP D 1230 24.37 -78.58 11.43
CA ASP D 1230 25.52 -77.91 10.84
C ASP D 1230 25.48 -78.10 9.34
N PRO D 1231 25.33 -77.06 8.52
CA PRO D 1231 25.30 -77.29 7.07
C PRO D 1231 26.57 -77.92 6.52
N TYR D 1232 27.70 -77.77 7.21
CA TYR D 1232 28.93 -78.42 6.75
C TYR D 1232 28.91 -79.93 6.97
N GLU D 1233 27.93 -80.45 7.73
CA GLU D 1233 27.81 -81.89 7.87
C GLU D 1233 27.57 -82.56 6.52
N MET D 1234 26.98 -81.84 5.57
CA MET D 1234 26.77 -82.39 4.24
C MET D 1234 28.09 -82.69 3.55
N TYR D 1235 29.12 -81.87 3.80
CA TYR D 1235 30.40 -82.06 3.14
C TYR D 1235 31.15 -83.27 3.68
N LYS D 1236 30.69 -83.88 4.77
CA LYS D 1236 31.23 -85.17 5.17
C LYS D 1236 30.84 -86.26 4.19
N TYR D 1237 29.79 -86.04 3.40
CA TYR D 1237 29.23 -87.05 2.51
C TYR D 1237 29.31 -86.67 1.04
N VAL D 1238 29.30 -85.39 0.70
CA VAL D 1238 29.34 -84.95 -0.69
C VAL D 1238 30.41 -83.87 -0.83
N HIS D 1239 30.85 -83.67 -2.07
CA HIS D 1239 31.79 -82.60 -2.36
C HIS D 1239 31.06 -81.25 -2.31
N VAL D 1240 31.86 -80.20 -2.11
CA VAL D 1240 31.29 -78.85 -2.07
C VAL D 1240 30.61 -78.52 -3.39
N SER D 1241 31.09 -79.11 -4.49
CA SER D 1241 30.47 -78.92 -5.79
C SER D 1241 29.18 -79.71 -5.96
N GLU D 1242 28.83 -80.58 -5.02
CA GLU D 1242 27.68 -81.45 -5.15
C GLU D 1242 26.46 -80.95 -4.37
N VAL D 1243 26.50 -79.73 -3.84
CA VAL D 1243 25.39 -79.13 -3.12
C VAL D 1243 24.98 -77.86 -3.85
N GLY D 1244 23.77 -77.86 -4.39
CA GLY D 1244 23.28 -76.75 -5.20
C GLY D 1244 22.14 -76.03 -4.53
N ASN D 1245 21.79 -74.89 -5.10
CA ASN D 1245 20.64 -74.10 -4.65
C ASN D 1245 19.87 -73.65 -5.88
N CYS D 1246 18.73 -74.29 -6.11
CA CYS D 1246 17.91 -74.05 -7.29
C CYS D 1246 16.58 -73.36 -6.96
N SER D 1247 16.51 -72.67 -5.83
CA SER D 1247 15.33 -71.89 -5.48
C SER D 1247 15.38 -70.52 -6.13
N GLY D 1248 14.24 -69.85 -6.18
CA GLY D 1248 14.17 -68.54 -6.80
C GLY D 1248 12.94 -67.77 -6.38
N SER D 1249 12.69 -66.69 -7.12
CA SER D 1249 11.58 -65.79 -6.84
C SER D 1249 10.90 -65.40 -8.15
N GLY D 1250 9.62 -65.06 -8.04
CA GLY D 1250 8.92 -64.49 -9.18
C GLY D 1250 9.27 -63.05 -9.44
N MET D 1251 9.55 -62.28 -8.38
CA MET D 1251 9.86 -60.86 -8.48
C MET D 1251 11.11 -60.44 -7.73
N GLY D 1252 11.60 -61.23 -6.78
CA GLY D 1252 12.86 -60.95 -6.12
C GLY D 1252 12.77 -59.88 -5.05
N GLY D 1253 13.84 -59.10 -4.91
CA GLY D 1253 13.91 -58.08 -3.89
C GLY D 1253 13.14 -56.83 -4.27
N VAL D 1254 11.81 -56.92 -4.20
CA VAL D 1254 10.98 -55.79 -4.60
C VAL D 1254 11.23 -54.59 -3.71
N SER D 1255 11.63 -54.81 -2.45
CA SER D 1255 12.01 -53.70 -1.59
C SER D 1255 13.23 -52.97 -2.16
N ALA D 1256 14.23 -53.72 -2.62
CA ALA D 1256 15.41 -53.10 -3.21
C ALA D 1256 15.09 -52.43 -4.54
N LEU D 1257 14.19 -53.03 -5.32
CA LEU D 1257 13.74 -52.39 -6.55
C LEU D 1257 13.04 -51.07 -6.25
N ARG D 1258 12.16 -51.06 -5.26
CA ARG D 1258 11.51 -49.82 -4.86
C ARG D 1258 12.53 -48.80 -4.39
N GLY D 1259 13.52 -49.24 -3.61
CA GLY D 1259 14.61 -48.35 -3.24
C GLY D 1259 15.24 -47.69 -4.45
N MET D 1260 15.77 -48.51 -5.37
CA MET D 1260 16.54 -47.98 -6.49
C MET D 1260 15.68 -47.14 -7.42
N PHE D 1261 14.39 -47.45 -7.55
CA PHE D 1261 13.55 -46.75 -8.51
C PHE D 1261 12.86 -45.51 -7.93
N LYS D 1262 12.57 -45.48 -6.63
CA LYS D 1262 11.81 -44.40 -6.01
C LYS D 1262 12.63 -43.65 -4.97
N ASP D 1263 13.26 -44.36 -4.03
CA ASP D 1263 13.99 -43.66 -2.98
C ASP D 1263 15.19 -42.92 -3.55
N ARG D 1264 15.88 -43.54 -4.51
CA ARG D 1264 16.98 -42.85 -5.19
C ARG D 1264 16.45 -41.67 -6.00
N PHE D 1265 15.29 -41.83 -6.63
CA PHE D 1265 14.68 -40.74 -7.38
C PHE D 1265 14.34 -39.57 -6.45
N LYS D 1266 13.93 -39.87 -5.23
CA LYS D 1266 13.63 -38.87 -4.22
C LYS D 1266 14.85 -38.43 -3.43
N ASP D 1267 16.02 -39.01 -3.71
CA ASP D 1267 17.27 -38.67 -3.02
C ASP D 1267 17.26 -39.06 -1.56
N GLU D 1268 16.42 -40.03 -1.18
CA GLU D 1268 16.44 -40.55 0.17
C GLU D 1268 17.69 -41.40 0.38
N PRO D 1269 18.13 -41.59 1.63
CA PRO D 1269 19.33 -42.42 1.85
C PRO D 1269 19.11 -43.87 1.48
N VAL D 1270 19.83 -44.34 0.47
CA VAL D 1270 19.74 -45.71 -0.02
C VAL D 1270 21.15 -46.28 -0.12
N GLN D 1271 21.30 -47.54 0.27
CA GLN D 1271 22.60 -48.18 0.20
C GLN D 1271 23.06 -48.29 -1.25
N ASN D 1272 24.38 -48.21 -1.45
CA ASN D 1272 24.93 -48.19 -2.80
C ASN D 1272 24.83 -49.55 -3.50
N ASP D 1273 24.52 -50.61 -2.78
CA ASP D 1273 24.44 -51.97 -3.33
C ASP D 1273 23.01 -52.50 -3.33
N ILE D 1274 22.03 -51.59 -3.38
CA ILE D 1274 20.65 -51.99 -3.48
C ILE D 1274 20.40 -52.76 -4.77
N LEU D 1275 21.21 -52.50 -5.80
CA LEU D 1275 21.13 -53.28 -7.03
C LEU D 1275 21.45 -54.75 -6.78
N GLN D 1276 22.53 -55.02 -6.03
CA GLN D 1276 22.81 -56.41 -5.69
C GLN D 1276 21.71 -56.99 -4.82
N GLU D 1277 21.09 -56.17 -3.98
CA GLU D 1277 20.04 -56.70 -3.12
C GLU D 1277 18.73 -56.93 -3.85
N SER D 1278 18.56 -56.36 -5.05
CA SER D 1278 17.32 -56.52 -5.80
C SER D 1278 17.28 -57.79 -6.65
N PHE D 1279 18.42 -58.43 -6.96
CA PHE D 1279 18.40 -59.57 -7.86
C PHE D 1279 17.64 -60.74 -7.26
N ILE D 1280 16.99 -61.51 -8.14
CA ILE D 1280 16.25 -62.67 -7.69
C ILE D 1280 17.19 -63.75 -7.17
N ASN D 1281 18.40 -63.82 -7.71
CA ASN D 1281 19.40 -64.77 -7.26
C ASN D 1281 20.20 -64.28 -6.07
N THR D 1282 19.94 -63.06 -5.58
CA THR D 1282 20.66 -62.57 -4.42
C THR D 1282 20.32 -63.39 -3.18
N MET D 1283 19.07 -63.81 -3.04
CA MET D 1283 18.69 -64.61 -1.87
C MET D 1283 19.45 -65.93 -1.84
N SER D 1284 19.52 -66.62 -2.99
CA SER D 1284 20.28 -67.85 -3.06
C SER D 1284 21.76 -67.59 -2.80
N ALA D 1285 22.28 -66.48 -3.34
CA ALA D 1285 23.67 -66.12 -3.08
C ALA D 1285 23.92 -65.97 -1.59
N TRP D 1286 23.08 -65.19 -0.89
CA TRP D 1286 23.26 -64.96 0.53
C TRP D 1286 23.12 -66.25 1.33
N VAL D 1287 22.19 -67.11 0.93
CA VAL D 1287 22.08 -68.42 1.59
C VAL D 1287 23.39 -69.16 1.47
N ASN D 1288 23.95 -69.23 0.26
CA ASN D 1288 25.17 -69.99 0.05
C ASN D 1288 26.33 -69.39 0.84
N MET D 1289 26.41 -68.05 0.89
CA MET D 1289 27.57 -67.40 1.46
C MET D 1289 27.35 -66.96 2.91
N LEU D 1290 26.26 -67.40 3.53
CA LEU D 1290 26.07 -67.29 4.97
C LEU D 1290 25.98 -68.64 5.66
N LEU D 1291 25.53 -69.68 4.95
CA LEU D 1291 25.25 -70.97 5.59
C LEU D 1291 25.91 -72.15 4.90
N ILE D 1292 25.97 -72.18 3.57
CA ILE D 1292 26.27 -73.42 2.86
C ILE D 1292 27.75 -73.51 2.50
N SER D 1293 28.29 -72.48 1.85
CA SER D 1293 29.67 -72.45 1.34
C SER D 1293 29.87 -73.44 0.19
N SER D 1294 28.80 -73.98 -0.35
CA SER D 1294 28.90 -74.92 -1.44
C SER D 1294 29.38 -74.20 -2.70
N SER D 1295 30.11 -74.94 -3.53
CA SER D 1295 30.43 -74.49 -4.88
C SER D 1295 29.67 -75.31 -5.91
N GLY D 1296 28.48 -75.76 -5.55
CA GLY D 1296 27.67 -76.56 -6.43
C GLY D 1296 26.77 -75.71 -7.31
N PRO D 1297 25.99 -76.39 -8.14
CA PRO D 1297 25.20 -75.68 -9.15
C PRO D 1297 24.22 -74.69 -8.53
N ILE D 1298 24.10 -73.54 -9.17
CA ILE D 1298 23.21 -72.48 -8.73
C ILE D 1298 22.33 -72.12 -9.93
N LYS D 1299 21.03 -72.33 -9.80
CA LYS D 1299 20.09 -72.16 -10.90
C LYS D 1299 18.82 -71.53 -10.36
N THR D 1300 18.76 -70.20 -10.36
CA THR D 1300 17.66 -69.47 -9.76
C THR D 1300 16.53 -69.36 -10.78
N PRO D 1301 15.37 -69.99 -10.58
CA PRO D 1301 14.31 -69.88 -11.58
C PRO D 1301 13.35 -68.72 -11.30
N VAL D 1302 12.68 -68.30 -12.36
CA VAL D 1302 11.56 -67.36 -12.29
C VAL D 1302 10.38 -68.06 -12.95
N GLY D 1303 9.25 -68.11 -12.25
CA GLY D 1303 8.07 -68.77 -12.75
C GLY D 1303 6.80 -68.07 -12.35
N ALA D 1304 6.92 -66.82 -11.89
CA ALA D 1304 5.81 -66.09 -11.29
C ALA D 1304 5.30 -66.94 -10.13
N CYS D 1305 4.08 -67.44 -10.15
CA CYS D 1305 3.57 -68.25 -9.05
C CYS D 1305 4.02 -69.70 -9.12
N ALA D 1306 4.59 -70.14 -10.23
CA ALA D 1306 5.06 -71.51 -10.40
C ALA D 1306 6.57 -71.64 -10.22
N THR D 1307 7.23 -70.62 -9.67
CA THR D 1307 8.68 -70.67 -9.57
C THR D 1307 9.12 -71.78 -8.62
N SER D 1308 8.28 -72.15 -7.66
CA SER D 1308 8.66 -73.18 -6.71
C SER D 1308 8.61 -74.57 -7.34
N VAL D 1309 7.58 -74.85 -8.13
CA VAL D 1309 7.56 -76.10 -8.88
C VAL D 1309 8.68 -76.11 -9.90
N GLU D 1310 8.96 -74.95 -10.51
CA GLU D 1310 10.10 -74.83 -11.42
C GLU D 1310 11.41 -75.13 -10.70
N SER D 1311 11.54 -74.63 -9.47
CA SER D 1311 12.73 -74.89 -8.67
C SER D 1311 12.86 -76.37 -8.33
N VAL D 1312 11.75 -77.01 -7.96
CA VAL D 1312 11.79 -78.43 -7.63
C VAL D 1312 12.19 -79.22 -8.86
N ASP D 1313 11.64 -78.87 -10.03
CA ASP D 1313 11.96 -79.60 -11.25
C ASP D 1313 13.41 -79.39 -11.65
N ILE D 1314 13.91 -78.16 -11.55
CA ILE D 1314 15.31 -77.88 -11.88
C ILE D 1314 16.24 -78.61 -10.92
N GLY D 1315 15.91 -78.62 -9.62
CA GLY D 1315 16.74 -79.33 -8.67
C GLY D 1315 16.73 -80.83 -8.87
N VAL D 1316 15.56 -81.38 -9.21
CA VAL D 1316 15.49 -82.79 -9.56
C VAL D 1316 16.40 -83.09 -10.74
N GLU D 1317 16.31 -82.28 -11.80
CA GLU D 1317 17.16 -82.51 -12.96
C GLU D 1317 18.63 -82.36 -12.62
N THR D 1318 18.96 -81.42 -11.73
CA THR D 1318 20.35 -81.27 -11.31
C THR D 1318 20.84 -82.53 -10.62
N ILE D 1319 20.03 -83.09 -9.73
CA ILE D 1319 20.47 -84.28 -8.99
C ILE D 1319 20.55 -85.49 -9.92
N LEU D 1320 19.57 -85.66 -10.80
CA LEU D 1320 19.62 -86.78 -11.75
C LEU D 1320 20.81 -86.65 -12.69
N SER D 1321 21.12 -85.45 -13.15
CA SER D 1321 22.31 -85.24 -13.97
C SER D 1321 23.59 -85.45 -13.17
N GLY D 1322 23.52 -85.35 -11.84
CA GLY D 1322 24.67 -85.61 -11.01
C GLY D 1322 25.56 -84.42 -10.76
N LYS D 1323 25.21 -83.25 -11.28
CA LYS D 1323 25.95 -82.03 -10.95
C LYS D 1323 25.74 -81.66 -9.49
N ALA D 1324 24.68 -82.18 -8.87
CA ALA D 1324 24.48 -82.05 -7.43
C ALA D 1324 24.00 -83.38 -6.88
N ARG D 1325 24.15 -83.53 -5.57
CA ARG D 1325 23.53 -84.62 -4.83
C ARG D 1325 22.55 -84.13 -3.79
N ILE D 1326 22.76 -82.92 -3.28
CA ILE D 1326 21.83 -82.24 -2.39
C ILE D 1326 21.46 -80.93 -3.07
N CYS D 1327 20.19 -80.53 -2.97
CA CYS D 1327 19.76 -79.28 -3.55
C CYS D 1327 18.77 -78.58 -2.62
N ILE D 1328 18.88 -77.27 -2.60
CA ILE D 1328 17.96 -76.39 -1.89
C ILE D 1328 16.99 -75.82 -2.91
N VAL D 1329 15.78 -76.37 -2.97
CA VAL D 1329 14.75 -75.93 -3.89
C VAL D 1329 13.73 -75.13 -3.09
N GLY D 1330 12.80 -74.52 -3.81
CA GLY D 1330 11.74 -73.76 -3.19
C GLY D 1330 11.54 -72.44 -3.91
N GLY D 1331 10.78 -71.57 -3.27
CA GLY D 1331 10.48 -70.29 -3.87
C GLY D 1331 10.15 -69.25 -2.81
N TYR D 1332 10.34 -67.99 -3.19
CA TYR D 1332 10.14 -66.90 -2.25
C TYR D 1332 9.69 -65.65 -2.99
N ASP D 1333 8.88 -64.84 -2.32
CA ASP D 1333 8.51 -63.52 -2.81
C ASP D 1333 7.97 -62.71 -1.65
N ASP D 1334 7.92 -61.39 -1.87
CA ASP D 1334 7.57 -60.43 -0.84
C ASP D 1334 6.40 -59.58 -1.31
N PHE D 1335 5.65 -59.04 -0.34
CA PHE D 1335 4.54 -58.16 -0.59
C PHE D 1335 5.01 -56.72 -0.41
N GLN D 1336 4.69 -55.86 -1.38
CA GLN D 1336 5.07 -54.47 -1.30
C GLN D 1336 4.01 -53.62 -2.00
N GLU D 1337 4.13 -52.31 -1.78
CA GLU D 1337 3.13 -51.35 -2.25
C GLU D 1337 2.94 -51.43 -3.75
N GLU D 1338 4.03 -51.39 -4.51
CA GLU D 1338 3.92 -51.24 -5.96
C GLU D 1338 3.43 -52.53 -6.60
N GLY D 1339 3.92 -53.67 -6.13
CA GLY D 1339 3.40 -54.94 -6.63
C GLY D 1339 1.93 -55.11 -6.32
N SER D 1340 1.51 -54.74 -5.11
CA SER D 1340 0.10 -54.80 -4.75
C SER D 1340 -0.73 -53.90 -5.66
N PHE D 1341 -0.25 -52.68 -5.91
CA PHE D 1341 -1.01 -51.76 -6.74
C PHE D 1341 -1.09 -52.24 -8.16
N GLU D 1342 -0.05 -52.88 -8.66
CA GLU D 1342 -0.07 -53.36 -10.03
C GLU D 1342 -0.98 -54.57 -10.18
N PHE D 1343 -0.99 -55.46 -9.18
CA PHE D 1343 -1.94 -56.56 -9.23
C PHE D 1343 -3.37 -56.04 -9.17
N GLY D 1344 -3.60 -54.99 -8.38
CA GLY D 1344 -4.90 -54.34 -8.41
C GLY D 1344 -5.23 -53.76 -9.78
N ASN D 1345 -4.24 -53.17 -10.44
CA ASN D 1345 -4.45 -52.63 -11.78
C ASN D 1345 -4.83 -53.73 -12.76
N MET D 1346 -4.16 -54.87 -12.71
CA MET D 1346 -4.55 -55.99 -13.57
C MET D 1346 -5.82 -56.67 -13.11
N LYS D 1347 -6.33 -56.35 -11.92
CA LYS D 1347 -7.54 -56.93 -11.37
C LYS D 1347 -7.36 -58.42 -11.06
N ALA D 1348 -6.12 -58.86 -10.88
CA ALA D 1348 -5.89 -60.25 -10.49
C ALA D 1348 -6.20 -60.48 -9.03
N THR D 1349 -5.92 -59.48 -8.18
CA THR D 1349 -6.26 -59.58 -6.77
C THR D 1349 -7.72 -59.22 -6.55
N SER D 1350 -8.24 -59.59 -5.38
CA SER D 1350 -9.62 -59.32 -5.04
C SER D 1350 -9.78 -57.91 -4.51
N ASN D 1351 -10.87 -57.26 -4.90
CA ASN D 1351 -11.15 -55.90 -4.45
C ASN D 1351 -11.69 -55.94 -3.02
N THR D 1352 -10.92 -55.37 -2.08
CA THR D 1352 -11.28 -55.45 -0.68
C THR D 1352 -12.56 -54.67 -0.39
N LEU D 1353 -12.77 -53.55 -1.08
CA LEU D 1353 -14.01 -52.79 -0.88
C LEU D 1353 -15.22 -53.58 -1.35
N GLU D 1354 -15.11 -54.28 -2.48
CA GLU D 1354 -16.20 -55.14 -2.93
C GLU D 1354 -16.43 -56.27 -1.94
N GLU D 1355 -15.35 -56.83 -1.38
CA GLU D 1355 -15.50 -57.88 -0.39
C GLU D 1355 -16.23 -57.37 0.86
N PHE D 1356 -15.89 -56.17 1.31
CA PHE D 1356 -16.60 -55.58 2.44
C PHE D 1356 -18.07 -55.34 2.09
N GLU D 1357 -18.34 -54.88 0.87
CA GLU D 1357 -19.72 -54.75 0.42
C GLU D 1357 -20.46 -56.07 0.51
N HIS D 1358 -19.78 -57.17 0.16
CA HIS D 1358 -20.37 -58.50 0.27
C HIS D 1358 -20.30 -59.07 1.68
N GLY D 1359 -19.73 -58.33 2.62
CA GLY D 1359 -19.71 -58.76 4.02
C GLY D 1359 -18.67 -59.82 4.32
N ARG D 1360 -17.60 -59.88 3.53
CA ARG D 1360 -16.55 -60.86 3.70
C ARG D 1360 -15.49 -60.28 4.63
N THR D 1361 -15.07 -61.07 5.63
CA THR D 1361 -14.01 -60.66 6.52
C THR D 1361 -12.65 -61.01 5.91
N PRO D 1362 -11.57 -60.38 6.39
CA PRO D 1362 -10.22 -60.70 5.88
C PRO D 1362 -9.91 -62.18 5.87
N ALA D 1363 -10.35 -62.93 6.89
CA ALA D 1363 -10.06 -64.35 6.93
C ALA D 1363 -10.72 -65.10 5.78
N GLU D 1364 -11.91 -64.70 5.37
CA GLU D 1364 -12.67 -65.38 4.33
C GLU D 1364 -12.59 -64.69 2.98
N MET D 1365 -11.68 -63.73 2.80
CA MET D 1365 -11.45 -63.17 1.47
C MET D 1365 -11.03 -64.25 0.48
N SER D 1366 -10.06 -65.08 0.87
CA SER D 1366 -9.48 -66.09 -0.02
C SER D 1366 -10.34 -67.35 0.05
N ARG D 1367 -11.12 -67.61 -1.00
CA ARG D 1367 -12.06 -68.72 -1.04
C ARG D 1367 -11.91 -69.44 -2.37
N PRO D 1368 -10.87 -70.27 -2.52
CA PRO D 1368 -10.68 -71.00 -3.77
C PRO D 1368 -11.83 -71.94 -4.07
N ALA D 1369 -12.15 -72.06 -5.36
CA ALA D 1369 -13.15 -73.00 -5.85
C ALA D 1369 -14.52 -72.72 -5.23
N THR D 1370 -14.94 -71.45 -5.29
CA THR D 1370 -16.23 -71.03 -4.80
C THR D 1370 -16.91 -70.15 -5.84
N THR D 1371 -18.24 -70.10 -5.78
CA THR D 1371 -18.99 -69.31 -6.74
C THR D 1371 -18.65 -67.83 -6.69
N THR D 1372 -18.29 -67.30 -5.52
CA THR D 1372 -18.14 -65.88 -5.31
C THR D 1372 -16.69 -65.40 -5.33
N ARG D 1373 -15.74 -66.25 -5.72
CA ARG D 1373 -14.34 -65.84 -5.77
C ARG D 1373 -14.15 -64.79 -6.86
N ASN D 1374 -13.46 -63.70 -6.51
CA ASN D 1374 -13.27 -62.58 -7.45
C ASN D 1374 -11.85 -62.04 -7.35
N GLY D 1375 -10.86 -62.94 -7.32
CA GLY D 1375 -9.47 -62.53 -7.32
C GLY D 1375 -8.66 -63.17 -6.21
N PHE D 1376 -7.35 -63.23 -6.37
CA PHE D 1376 -6.51 -63.92 -5.40
C PHE D 1376 -6.10 -62.97 -4.27
N MET D 1377 -5.70 -63.58 -3.16
CA MET D 1377 -5.29 -62.85 -1.96
C MET D 1377 -3.76 -62.85 -1.94
N GLU D 1378 -3.17 -61.67 -2.15
CA GLU D 1378 -1.73 -61.57 -2.22
C GLU D 1378 -1.12 -61.81 -0.85
N ALA D 1379 -0.02 -62.56 -0.82
CA ALA D 1379 0.67 -62.90 0.41
C ALA D 1379 2.17 -62.72 0.21
N GLN D 1380 2.93 -63.02 1.25
CA GLN D 1380 4.38 -62.89 1.22
C GLN D 1380 4.98 -64.00 2.05
N GLY D 1381 6.26 -64.28 1.79
CA GLY D 1381 7.01 -65.24 2.56
C GLY D 1381 7.88 -66.09 1.65
N ALA D 1382 8.41 -67.15 2.24
CA ALA D 1382 9.33 -68.05 1.56
C ALA D 1382 8.99 -69.48 1.93
N GLY D 1383 9.37 -70.40 1.04
CA GLY D 1383 9.22 -71.81 1.30
C GLY D 1383 10.39 -72.56 0.69
N ILE D 1384 11.08 -73.36 1.51
CA ILE D 1384 12.33 -74.00 1.12
C ILE D 1384 12.23 -75.49 1.42
N GLN D 1385 12.82 -76.30 0.54
CA GLN D 1385 12.91 -77.74 0.73
C GLN D 1385 14.33 -78.18 0.41
N ILE D 1386 14.83 -79.09 1.24
CA ILE D 1386 16.11 -79.76 1.03
C ILE D 1386 15.80 -81.11 0.41
N ILE D 1387 16.16 -81.27 -0.87
CA ILE D 1387 16.00 -82.53 -1.59
C ILE D 1387 17.38 -83.12 -1.78
N MET D 1388 17.43 -84.42 -2.02
CA MET D 1388 18.70 -85.07 -2.31
C MET D 1388 18.42 -86.46 -2.86
N GLN D 1389 19.48 -87.14 -3.25
CA GLN D 1389 19.37 -88.53 -3.69
C GLN D 1389 18.87 -89.39 -2.54
N ALA D 1390 18.07 -90.40 -2.88
CA ALA D 1390 17.60 -91.33 -1.86
C ALA D 1390 18.76 -92.08 -1.22
N ASP D 1391 19.73 -92.49 -2.03
CA ASP D 1391 20.91 -93.16 -1.50
C ASP D 1391 21.65 -92.27 -0.52
N LEU D 1392 21.84 -91.00 -0.87
CA LEU D 1392 22.53 -90.09 0.01
C LEU D 1392 21.74 -89.82 1.28
N ALA D 1393 20.42 -89.69 1.16
CA ALA D 1393 19.59 -89.47 2.34
C ALA D 1393 19.69 -90.65 3.30
N LEU D 1394 19.65 -91.87 2.76
CA LEU D 1394 19.78 -93.05 3.60
C LEU D 1394 21.16 -93.11 4.25
N LYS D 1395 22.20 -92.79 3.49
CA LYS D 1395 23.56 -92.82 4.04
C LYS D 1395 23.73 -91.77 5.14
N MET D 1396 23.18 -90.57 4.93
CA MET D 1396 23.24 -89.52 5.92
C MET D 1396 22.35 -89.79 7.12
N GLY D 1397 21.34 -90.63 6.98
CA GLY D 1397 20.38 -90.82 8.05
C GLY D 1397 19.56 -89.58 8.32
N VAL D 1398 19.09 -88.93 7.27
CA VAL D 1398 18.23 -87.75 7.39
C VAL D 1398 16.77 -88.20 7.23
N PRO D 1399 15.81 -87.50 7.81
CA PRO D 1399 14.41 -87.86 7.58
C PRO D 1399 14.06 -87.70 6.11
N ILE D 1400 13.10 -88.51 5.66
CA ILE D 1400 12.61 -88.47 4.29
C ILE D 1400 11.11 -88.25 4.38
N TYR D 1401 10.66 -87.03 4.04
CA TYR D 1401 9.26 -86.67 4.13
C TYR D 1401 8.47 -87.04 2.89
N GLY D 1402 9.13 -87.33 1.77
CA GLY D 1402 8.43 -87.67 0.56
C GLY D 1402 9.42 -87.96 -0.55
N ILE D 1403 8.89 -88.48 -1.65
CA ILE D 1403 9.67 -88.80 -2.83
C ILE D 1403 9.15 -87.94 -3.97
N VAL D 1404 10.03 -87.16 -4.59
CA VAL D 1404 9.64 -86.31 -5.72
C VAL D 1404 9.64 -87.23 -6.93
N ALA D 1405 8.49 -87.88 -7.15
CA ALA D 1405 8.41 -88.88 -8.21
C ALA D 1405 8.40 -88.23 -9.59
N MET D 1406 7.73 -87.08 -9.72
CA MET D 1406 7.65 -86.36 -10.98
C MET D 1406 7.73 -84.87 -10.69
N ALA D 1407 8.34 -84.14 -11.62
CA ALA D 1407 8.37 -82.68 -11.55
C ALA D 1407 8.54 -82.17 -12.96
N ALA D 1408 7.56 -81.43 -13.46
CA ALA D 1408 7.56 -80.98 -14.84
C ALA D 1408 6.96 -79.59 -14.94
N THR D 1409 7.36 -78.88 -16.00
CA THR D 1409 6.88 -77.55 -16.30
C THR D 1409 6.41 -77.52 -17.74
N ALA D 1410 5.55 -76.54 -18.06
CA ALA D 1410 4.93 -76.48 -19.37
C ALA D 1410 4.45 -75.07 -19.67
N THR D 1411 4.27 -74.80 -20.95
CA THR D 1411 3.62 -73.61 -21.47
C THR D 1411 2.30 -74.01 -22.12
N ASP D 1412 1.46 -73.02 -22.43
CA ASP D 1412 0.11 -73.35 -22.87
C ASP D 1412 0.00 -73.39 -24.39
N LYS D 1413 0.09 -72.23 -25.05
CA LYS D 1413 -0.18 -72.11 -26.47
C LYS D 1413 0.01 -70.68 -26.94
N ILE D 1414 -0.25 -70.41 -28.22
CA ILE D 1414 -0.13 -69.06 -28.74
C ILE D 1414 -1.39 -68.27 -28.44
N GLY D 1415 -1.20 -67.10 -27.83
CA GLY D 1415 -2.27 -66.21 -27.43
C GLY D 1415 -1.66 -64.89 -27.02
N ARG D 1416 -2.52 -63.93 -26.69
CA ARG D 1416 -2.10 -62.57 -26.39
C ARG D 1416 -2.37 -62.15 -24.95
N SER D 1417 -2.56 -63.10 -24.03
CA SER D 1417 -2.82 -62.80 -22.63
C SER D 1417 -1.77 -63.50 -21.78
N VAL D 1418 -0.83 -62.72 -21.22
CA VAL D 1418 0.22 -63.29 -20.40
C VAL D 1418 -0.32 -63.98 -19.14
N PRO D 1419 -1.16 -63.33 -18.33
CA PRO D 1419 -1.64 -63.99 -17.10
C PRO D 1419 -2.73 -65.03 -17.32
N ALA D 1420 -3.18 -65.25 -18.54
CA ALA D 1420 -4.21 -66.25 -18.79
C ALA D 1420 -3.66 -67.64 -18.53
N PRO D 1421 -4.26 -68.45 -17.66
CA PRO D 1421 -3.78 -69.83 -17.49
C PRO D 1421 -4.21 -70.71 -18.66
N GLY D 1422 -3.58 -71.87 -18.73
CA GLY D 1422 -3.89 -72.81 -19.80
C GLY D 1422 -3.65 -74.25 -19.42
N LYS D 1423 -3.94 -75.16 -20.36
CA LYS D 1423 -3.85 -76.59 -20.15
C LYS D 1423 -2.46 -77.13 -20.44
N GLY D 1424 -1.44 -76.27 -20.38
CA GLY D 1424 -0.10 -76.68 -20.81
C GLY D 1424 0.42 -77.88 -20.02
N ILE D 1425 0.21 -77.88 -18.71
CA ILE D 1425 0.71 -78.98 -17.88
C ILE D 1425 -0.08 -80.26 -18.06
N LEU D 1426 -1.13 -80.25 -18.89
CA LEU D 1426 -1.84 -81.48 -19.21
C LEU D 1426 -0.96 -82.48 -19.94
N THR D 1427 0.15 -82.02 -20.54
CA THR D 1427 1.06 -82.92 -21.23
C THR D 1427 1.76 -83.89 -20.28
N THR D 1428 1.76 -83.62 -18.97
CA THR D 1428 2.36 -84.55 -18.03
C THR D 1428 1.59 -85.85 -17.94
N ALA D 1429 0.36 -85.89 -18.45
CA ALA D 1429 -0.44 -87.11 -18.52
C ALA D 1429 -0.55 -87.63 -19.95
N ARG D 1430 0.33 -87.20 -20.84
CA ARG D 1430 0.21 -87.57 -22.25
C ARG D 1430 0.48 -89.05 -22.44
N GLU D 1431 -0.44 -89.73 -23.13
CA GLU D 1431 -0.37 -91.17 -23.30
C GLU D 1431 -1.00 -91.52 -24.63
N HIS D 1432 -0.50 -92.60 -25.23
CA HIS D 1432 -0.99 -93.09 -26.51
C HIS D 1432 -1.82 -94.34 -26.27
N HIS D 1433 -3.02 -94.36 -26.86
CA HIS D 1433 -3.99 -95.42 -26.62
C HIS D 1433 -4.57 -95.97 -27.93
N SER D 1434 -3.80 -95.89 -29.02
CA SER D 1434 -4.27 -96.45 -30.28
C SER D 1434 -4.41 -97.96 -30.19
N SER D 1435 -3.43 -98.62 -29.56
CA SER D 1435 -3.38 -100.08 -29.44
C SER D 1435 -3.09 -100.42 -27.99
N VAL D 1436 -4.15 -100.59 -27.20
CA VAL D 1436 -4.04 -100.92 -25.78
C VAL D 1436 -4.88 -102.16 -25.48
N LYS D 1437 -5.04 -103.03 -26.48
CA LYS D 1437 -5.83 -104.23 -26.30
C LYS D 1437 -5.21 -105.16 -25.26
N TYR D 1438 -3.89 -105.10 -25.10
CA TYR D 1438 -3.15 -105.96 -24.18
C TYR D 1438 -2.21 -105.13 -23.33
N ALA D 1439 -2.04 -105.55 -22.08
CA ALA D 1439 -1.19 -104.81 -21.15
C ALA D 1439 0.27 -104.88 -21.58
N SER D 1440 0.97 -103.76 -21.46
CA SER D 1440 2.38 -103.74 -21.75
C SER D 1440 3.15 -104.51 -20.68
N PRO D 1441 4.02 -105.45 -21.04
CA PRO D 1441 4.84 -106.09 -20.00
C PRO D 1441 5.80 -105.14 -19.32
N ASN D 1442 6.13 -104.03 -19.98
CA ASN D 1442 7.04 -103.05 -19.38
C ASN D 1442 6.42 -102.38 -18.16
N LEU D 1443 5.09 -102.32 -18.08
CA LEU D 1443 4.42 -101.76 -16.92
C LEU D 1443 4.25 -102.77 -15.79
N ASN D 1444 4.59 -104.03 -15.99
CA ASN D 1444 4.53 -105.04 -14.95
C ASN D 1444 5.85 -105.08 -14.21
N MET D 1445 5.79 -104.97 -12.88
CA MET D 1445 7.02 -104.87 -12.09
C MET D 1445 7.78 -106.19 -12.05
N LYS D 1446 7.08 -107.32 -12.06
CA LYS D 1446 7.77 -108.61 -12.05
C LYS D 1446 8.62 -108.76 -13.32
N TYR D 1447 8.09 -108.34 -14.46
CA TYR D 1447 8.85 -108.41 -15.70
C TYR D 1447 10.13 -107.57 -15.60
N ARG D 1448 10.01 -106.34 -15.09
CA ARG D 1448 11.17 -105.47 -14.96
C ARG D 1448 12.19 -106.05 -14.01
N LYS D 1449 11.74 -106.66 -12.91
CA LYS D 1449 12.67 -107.29 -11.99
C LYS D 1449 13.37 -108.49 -12.64
N ARG D 1450 12.65 -109.25 -13.47
CA ARG D 1450 13.28 -110.34 -14.20
C ARG D 1450 14.39 -109.82 -15.11
N GLN D 1451 14.09 -108.75 -15.85
CA GLN D 1451 15.11 -108.16 -16.71
C GLN D 1451 16.30 -107.68 -15.87
N LEU D 1452 16.02 -107.09 -14.71
CA LEU D 1452 17.09 -106.58 -13.86
C LEU D 1452 17.99 -107.71 -13.36
N VAL D 1453 17.41 -108.82 -12.93
CA VAL D 1453 18.24 -109.91 -12.42
C VAL D 1453 19.06 -110.53 -13.55
N THR D 1454 18.47 -110.62 -14.75
CA THR D 1454 19.27 -111.07 -15.89
C THR D 1454 20.44 -110.12 -16.14
N ARG D 1455 20.19 -108.81 -16.05
CA ARG D 1455 21.25 -107.84 -16.26
C ARG D 1455 22.32 -107.96 -15.19
N GLU D 1456 21.92 -108.24 -13.95
CA GLU D 1456 22.90 -108.43 -12.88
C GLU D 1456 23.75 -109.67 -13.13
N ALA D 1457 23.14 -110.75 -13.61
CA ALA D 1457 23.91 -111.93 -13.99
C ALA D 1457 24.95 -111.57 -15.05
N GLN D 1458 24.52 -110.85 -16.08
CA GLN D 1458 25.46 -110.44 -17.13
C GLN D 1458 26.55 -109.53 -16.57
N ILE D 1459 26.19 -108.64 -15.65
CA ILE D 1459 27.17 -107.71 -15.10
C ILE D 1459 28.22 -108.45 -14.29
N LYS D 1460 27.80 -109.45 -13.49
CA LYS D 1460 28.79 -110.20 -12.72
C LYS D 1460 29.68 -111.04 -13.63
N ASP D 1461 29.11 -111.57 -14.72
CA ASP D 1461 29.94 -112.27 -15.70
C ASP D 1461 30.97 -111.33 -16.30
N TRP D 1462 30.55 -110.11 -16.65
CA TRP D 1462 31.49 -109.12 -17.18
C TRP D 1462 32.56 -108.77 -16.15
N VAL D 1463 32.16 -108.66 -14.88
CA VAL D 1463 33.10 -108.29 -13.84
C VAL D 1463 34.16 -109.37 -13.67
N GLU D 1464 33.76 -110.64 -13.66
CA GLU D 1464 34.76 -111.69 -13.50
C GLU D 1464 35.63 -111.82 -14.74
N ASN D 1465 35.07 -111.58 -15.93
CA ASN D 1465 35.91 -111.53 -17.14
C ASN D 1465 36.96 -110.44 -17.02
N GLU D 1466 36.54 -109.24 -16.62
CA GLU D 1466 37.49 -108.14 -16.49
C GLU D 1466 38.51 -108.41 -15.39
N LEU D 1467 38.10 -109.10 -14.32
CA LEU D 1467 39.03 -109.46 -13.26
C LEU D 1467 40.09 -110.43 -13.76
N GLU D 1468 39.69 -111.42 -14.57
CA GLU D 1468 40.69 -112.34 -15.11
C GLU D 1468 41.62 -111.62 -16.08
N ALA D 1469 41.09 -110.69 -16.87
CA ALA D 1469 41.94 -109.89 -17.74
C ALA D 1469 42.94 -109.07 -16.93
N LEU D 1470 42.48 -108.46 -15.83
CA LEU D 1470 43.37 -107.69 -14.96
C LEU D 1470 44.42 -108.60 -14.32
N LYS D 1471 44.03 -109.84 -13.99
CA LYS D 1471 45.01 -110.79 -13.46
C LYS D 1471 46.09 -111.08 -14.48
N LEU D 1472 45.71 -111.27 -15.74
CA LEU D 1472 46.72 -111.49 -16.78
C LEU D 1472 47.61 -110.27 -16.94
N GLU D 1473 47.04 -109.07 -16.89
CA GLU D 1473 47.85 -107.85 -16.99
C GLU D 1473 48.80 -107.73 -15.81
N ALA D 1474 48.35 -108.12 -14.61
CA ALA D 1474 49.23 -108.07 -13.44
C ALA D 1474 50.33 -109.12 -13.52
N GLU D 1475 50.04 -110.25 -14.15
CA GLU D 1475 51.09 -111.23 -14.43
C GLU D 1475 52.11 -110.65 -15.40
N GLU D 1476 51.64 -109.92 -16.41
CA GLU D 1476 52.55 -109.32 -17.39
C GLU D 1476 53.43 -108.25 -16.76
N ILE D 1477 52.84 -107.34 -15.99
CA ILE D 1477 53.56 -106.19 -15.43
C ILE D 1477 54.58 -106.69 -14.42
N PRO D 1478 55.73 -106.02 -14.24
CA PRO D 1478 56.66 -106.44 -13.19
C PRO D 1478 56.04 -106.35 -11.81
N SER D 1479 56.47 -107.25 -10.93
CA SER D 1479 55.92 -107.34 -9.58
C SER D 1479 56.34 -106.19 -8.68
N GLU D 1480 57.27 -105.35 -9.10
CA GLU D 1480 57.76 -104.28 -8.23
C GLU D 1480 56.64 -103.29 -7.90
N ASP D 1481 55.91 -102.84 -8.91
CA ASP D 1481 54.83 -101.88 -8.75
C ASP D 1481 53.46 -102.54 -8.98
N GLN D 1482 53.32 -103.77 -8.51
CA GLN D 1482 52.08 -104.52 -8.74
C GLN D 1482 50.95 -104.07 -7.81
N ASN D 1483 51.27 -103.69 -6.58
CA ASN D 1483 50.22 -103.38 -5.61
C ASN D 1483 49.43 -102.14 -6.03
N GLU D 1484 50.13 -101.06 -6.40
CA GLU D 1484 49.44 -99.85 -6.81
C GLU D 1484 48.62 -100.08 -8.06
N PHE D 1485 49.17 -100.82 -9.02
CA PHE D 1485 48.42 -101.15 -10.23
C PHE D 1485 47.15 -101.92 -9.91
N LEU D 1486 47.27 -102.94 -9.05
CA LEU D 1486 46.11 -103.75 -8.71
C LEU D 1486 45.06 -102.93 -7.97
N LEU D 1487 45.49 -102.06 -7.05
CA LEU D 1487 44.53 -101.22 -6.33
C LEU D 1487 43.80 -100.28 -7.28
N GLU D 1488 44.56 -99.61 -8.17
CA GLU D 1488 43.94 -98.68 -9.11
C GLU D 1488 42.95 -99.41 -10.01
N ARG D 1489 43.35 -100.55 -10.56
CA ARG D 1489 42.48 -101.26 -11.49
C ARG D 1489 41.28 -101.89 -10.78
N THR D 1490 41.46 -102.34 -9.54
CA THR D 1490 40.34 -102.88 -8.78
C THR D 1490 39.31 -101.79 -8.50
N ARG D 1491 39.78 -100.60 -8.10
CA ARG D 1491 38.85 -99.49 -7.89
C ARG D 1491 38.14 -99.12 -9.19
N GLU D 1492 38.88 -99.12 -10.31
CA GLU D 1492 38.28 -98.81 -11.59
C GLU D 1492 37.21 -99.83 -11.97
N ILE D 1493 37.50 -101.11 -11.78
CA ILE D 1493 36.54 -102.16 -12.11
C ILE D 1493 35.32 -102.09 -11.20
N HIS D 1494 35.53 -101.80 -9.92
CA HIS D 1494 34.41 -101.66 -9.01
C HIS D 1494 33.52 -100.49 -9.42
N ASN D 1495 34.14 -99.37 -9.80
CA ASN D 1495 33.36 -98.23 -10.28
C ASN D 1495 32.59 -98.58 -11.54
N GLU D 1496 33.22 -99.33 -12.45
CA GLU D 1496 32.53 -99.73 -13.68
C GLU D 1496 31.35 -100.65 -13.37
N ALA D 1497 31.54 -101.59 -12.46
CA ALA D 1497 30.46 -102.51 -12.10
C ALA D 1497 29.30 -101.77 -11.45
N GLU D 1498 29.62 -100.83 -10.55
CA GLU D 1498 28.56 -100.02 -9.94
C GLU D 1498 27.84 -99.18 -10.99
N SER D 1499 28.60 -98.60 -11.92
CA SER D 1499 28.01 -97.86 -13.04
C SER D 1499 27.02 -98.74 -13.79
N GLN D 1500 27.43 -99.97 -14.11
CA GLN D 1500 26.61 -100.84 -14.93
C GLN D 1500 25.35 -101.28 -14.18
N LEU D 1501 25.50 -101.59 -12.90
CA LEU D 1501 24.34 -102.01 -12.10
C LEU D 1501 23.35 -100.86 -11.98
N ARG D 1502 23.83 -99.65 -11.65
CA ARG D 1502 22.91 -98.52 -11.51
C ARG D 1502 22.30 -98.13 -12.85
N ALA D 1503 23.03 -98.33 -13.95
CA ALA D 1503 22.43 -98.11 -15.26
C ALA D 1503 21.30 -99.09 -15.53
N ALA D 1504 21.50 -100.36 -15.17
CA ALA D 1504 20.42 -101.34 -15.32
C ALA D 1504 19.23 -100.98 -14.45
N GLN D 1505 19.49 -100.53 -13.23
CA GLN D 1505 18.41 -100.14 -12.32
C GLN D 1505 17.67 -98.91 -12.83
N GLN D 1506 18.40 -97.98 -13.44
CA GLN D 1506 17.74 -96.84 -14.08
C GLN D 1506 16.88 -97.31 -15.25
N GLN D 1507 17.38 -98.27 -16.02
CA GLN D 1507 16.66 -98.71 -17.21
C GLN D 1507 15.37 -99.44 -16.83
N TRP D 1508 15.42 -100.29 -15.81
CA TRP D 1508 14.30 -101.17 -15.49
C TRP D 1508 13.49 -100.75 -14.26
N GLY D 1509 13.97 -99.77 -13.49
CA GLY D 1509 13.30 -99.39 -12.26
C GLY D 1509 12.88 -97.93 -12.20
N ASN D 1510 13.64 -97.06 -12.85
CA ASN D 1510 13.40 -95.62 -12.79
C ASN D 1510 12.90 -95.07 -14.12
N ASP D 1511 13.61 -95.33 -15.22
CA ASP D 1511 13.31 -94.75 -16.52
C ASP D 1511 12.77 -95.79 -17.50
N PHE D 1512 12.06 -96.79 -16.98
CA PHE D 1512 11.48 -97.81 -17.86
C PHE D 1512 10.42 -97.22 -18.79
N TYR D 1513 9.85 -96.07 -18.44
CA TYR D 1513 8.73 -95.48 -19.15
C TYR D 1513 9.11 -94.24 -19.97
N LYS D 1514 10.36 -93.78 -19.88
CA LYS D 1514 10.75 -92.57 -20.60
C LYS D 1514 10.57 -92.76 -22.10
N ARG D 1515 10.79 -93.98 -22.58
CA ARG D 1515 10.72 -94.25 -24.01
C ARG D 1515 9.34 -94.76 -24.43
N ASP D 1516 8.62 -95.44 -23.54
CA ASP D 1516 7.35 -96.04 -23.90
C ASP D 1516 6.31 -94.94 -24.07
N PRO D 1517 5.75 -94.73 -25.28
CA PRO D 1517 4.71 -93.70 -25.42
C PRO D 1517 3.37 -94.13 -24.84
N ARG D 1518 3.21 -95.42 -24.53
CA ARG D 1518 1.97 -95.90 -23.92
C ARG D 1518 1.90 -95.61 -22.43
N ILE D 1519 2.96 -95.09 -21.82
CA ILE D 1519 3.00 -94.77 -20.40
C ILE D 1519 3.22 -93.28 -20.27
N ALA D 1520 2.29 -92.59 -19.62
CA ALA D 1520 2.43 -91.16 -19.42
C ALA D 1520 3.52 -90.89 -18.39
N PRO D 1521 4.07 -89.68 -18.37
CA PRO D 1521 5.04 -89.35 -17.29
C PRO D 1521 4.46 -89.52 -15.90
N LEU D 1522 3.20 -89.12 -15.70
CA LEU D 1522 2.58 -89.24 -14.39
C LEU D 1522 2.35 -90.70 -14.02
N ARG D 1523 1.81 -91.48 -14.95
CA ARG D 1523 1.59 -92.90 -14.68
C ARG D 1523 2.90 -93.62 -14.41
N GLY D 1524 3.94 -93.29 -15.18
CA GLY D 1524 5.22 -93.93 -14.96
C GLY D 1524 5.86 -93.54 -13.63
N ALA D 1525 5.72 -92.27 -13.25
CA ALA D 1525 6.23 -91.84 -11.96
C ALA D 1525 5.53 -92.58 -10.83
N LEU D 1526 4.22 -92.75 -10.95
CA LEU D 1526 3.48 -93.51 -9.94
C LEU D 1526 3.92 -94.98 -9.95
N ALA D 1527 4.03 -95.58 -11.13
CA ALA D 1527 4.30 -97.01 -11.24
C ALA D 1527 5.74 -97.35 -10.88
N THR D 1528 6.63 -96.35 -10.82
CA THR D 1528 8.00 -96.61 -10.37
C THR D 1528 8.00 -97.24 -8.99
N TYR D 1529 7.07 -96.84 -8.12
CA TYR D 1529 6.98 -97.33 -6.76
C TYR D 1529 5.81 -98.27 -6.55
N GLY D 1530 5.29 -98.87 -7.62
CA GLY D 1530 4.19 -99.80 -7.53
C GLY D 1530 2.83 -99.17 -7.40
N LEU D 1531 2.74 -97.84 -7.43
CA LEU D 1531 1.46 -97.16 -7.32
C LEU D 1531 0.77 -97.10 -8.68
N THR D 1532 -0.51 -96.75 -8.64
CA THR D 1532 -1.34 -96.56 -9.82
C THR D 1532 -1.92 -95.16 -9.83
N ILE D 1533 -2.62 -94.82 -10.91
CA ILE D 1533 -3.28 -93.53 -11.01
C ILE D 1533 -4.22 -93.34 -9.82
N ASP D 1534 -4.97 -94.39 -9.48
CA ASP D 1534 -5.92 -94.32 -8.38
C ASP D 1534 -5.24 -94.07 -7.05
N ASP D 1535 -3.94 -94.34 -6.94
CA ASP D 1535 -3.22 -94.09 -5.70
C ASP D 1535 -2.83 -92.62 -5.53
N LEU D 1536 -3.12 -91.76 -6.51
CA LEU D 1536 -2.92 -90.32 -6.35
C LEU D 1536 -4.17 -89.73 -5.71
N GLY D 1537 -4.23 -89.84 -4.39
CA GLY D 1537 -5.45 -89.54 -3.66
C GLY D 1537 -5.67 -88.08 -3.31
N VAL D 1538 -4.65 -87.24 -3.45
CA VAL D 1538 -4.74 -85.84 -3.03
C VAL D 1538 -4.09 -84.98 -4.11
N ALA D 1539 -4.67 -83.81 -4.34
CA ALA D 1539 -4.16 -82.84 -5.32
C ALA D 1539 -4.09 -81.48 -4.66
N SER D 1540 -2.88 -81.02 -4.35
CA SER D 1540 -2.67 -79.67 -3.85
C SER D 1540 -2.84 -78.72 -5.02
N PHE D 1541 -4.06 -78.18 -5.11
CA PHE D 1541 -4.40 -77.23 -6.16
C PHE D 1541 -3.67 -75.91 -5.94
N HIS D 1542 -3.35 -75.24 -7.04
CA HIS D 1542 -2.92 -73.86 -6.95
C HIS D 1542 -3.90 -73.03 -6.14
N GLY D 1543 -5.19 -73.12 -6.48
CA GLY D 1543 -6.24 -72.54 -5.65
C GLY D 1543 -6.09 -71.05 -5.42
N THR D 1544 -5.86 -70.30 -6.48
CA THR D 1544 -5.62 -68.87 -6.34
C THR D 1544 -6.86 -68.09 -5.94
N SER D 1545 -8.05 -68.70 -5.98
CA SER D 1545 -9.31 -67.99 -5.72
C SER D 1545 -9.59 -66.97 -6.82
N THR D 1546 -9.34 -67.35 -8.06
CA THR D 1546 -9.73 -66.58 -9.23
C THR D 1546 -10.50 -67.49 -10.16
N LYS D 1547 -11.43 -66.90 -10.91
CA LYS D 1547 -12.37 -67.70 -11.69
C LYS D 1547 -11.64 -68.51 -12.75
N ALA D 1548 -10.82 -67.84 -13.56
CA ALA D 1548 -10.13 -68.51 -14.66
C ALA D 1548 -9.18 -69.58 -14.14
N ASN D 1549 -8.38 -69.23 -13.13
CA ASN D 1549 -7.39 -70.18 -12.64
C ASN D 1549 -8.06 -71.41 -12.04
N ASP D 1550 -9.09 -71.20 -11.21
CA ASP D 1550 -9.71 -72.35 -10.56
C ASP D 1550 -10.42 -73.25 -11.56
N LYS D 1551 -11.19 -72.66 -12.49
CA LYS D 1551 -11.86 -73.49 -13.49
C LYS D 1551 -10.84 -74.22 -14.36
N ASN D 1552 -9.80 -73.52 -14.80
CA ASN D 1552 -8.80 -74.13 -15.66
C ASN D 1552 -8.07 -75.26 -14.95
N GLU D 1553 -7.73 -75.07 -13.68
CA GLU D 1553 -6.99 -76.10 -12.95
C GLU D 1553 -7.86 -77.31 -12.68
N SER D 1554 -9.12 -77.09 -12.30
CA SER D 1554 -10.02 -78.23 -12.12
C SER D 1554 -10.18 -79.00 -13.42
N ALA D 1555 -10.32 -78.28 -14.54
CA ALA D 1555 -10.44 -78.95 -15.83
C ALA D 1555 -9.17 -79.71 -16.17
N THR D 1556 -8.00 -79.13 -15.89
CA THR D 1556 -6.74 -79.82 -16.18
C THR D 1556 -6.63 -81.11 -15.38
N ILE D 1557 -6.89 -81.04 -14.07
CA ILE D 1557 -6.80 -82.23 -13.24
C ILE D 1557 -7.82 -83.27 -13.69
N ASN D 1558 -9.03 -82.83 -14.03
CA ASN D 1558 -10.05 -83.76 -14.49
C ASN D 1558 -9.60 -84.46 -15.78
N GLU D 1559 -8.97 -83.72 -16.69
CA GLU D 1559 -8.51 -84.34 -17.93
C GLU D 1559 -7.35 -85.30 -17.69
N MET D 1560 -6.45 -84.97 -16.75
CA MET D 1560 -5.42 -85.96 -16.41
C MET D 1560 -6.04 -87.23 -15.87
N MET D 1561 -7.02 -87.10 -14.96
CA MET D 1561 -7.64 -88.28 -14.37
C MET D 1561 -8.42 -89.07 -15.41
N LYS D 1562 -9.09 -88.39 -16.34
CA LYS D 1562 -9.79 -89.09 -17.41
C LYS D 1562 -8.82 -89.83 -18.31
N HIS D 1563 -7.79 -89.15 -18.81
CA HIS D 1563 -6.90 -89.77 -19.79
C HIS D 1563 -6.09 -90.90 -19.17
N LEU D 1564 -5.70 -90.76 -17.90
CA LEU D 1564 -4.92 -91.81 -17.25
C LEU D 1564 -5.78 -92.95 -16.73
N GLY D 1565 -7.05 -93.02 -17.14
CA GLY D 1565 -7.88 -94.17 -16.81
C GLY D 1565 -8.14 -94.34 -15.33
N ARG D 1566 -8.31 -93.23 -14.62
CA ARG D 1566 -8.65 -93.30 -13.20
C ARG D 1566 -10.04 -93.89 -13.03
N SER D 1567 -10.20 -94.70 -11.99
CA SER D 1567 -11.47 -95.36 -11.77
C SER D 1567 -12.56 -94.33 -11.47
N GLU D 1568 -13.72 -94.52 -12.09
CA GLU D 1568 -14.86 -93.65 -11.82
C GLU D 1568 -15.34 -93.87 -10.40
N GLY D 1569 -15.71 -92.76 -9.74
CA GLY D 1569 -15.99 -92.80 -8.32
C GLY D 1569 -14.77 -92.68 -7.43
N ASN D 1570 -13.63 -92.26 -7.97
CA ASN D 1570 -12.40 -92.07 -7.20
C ASN D 1570 -11.85 -90.68 -7.47
N PRO D 1571 -12.57 -89.64 -7.08
CA PRO D 1571 -12.06 -88.28 -7.27
C PRO D 1571 -10.83 -88.02 -6.42
N VAL D 1572 -9.89 -87.27 -6.99
CA VAL D 1572 -8.76 -86.77 -6.23
C VAL D 1572 -9.27 -85.68 -5.29
N ILE D 1573 -8.84 -85.74 -4.03
CA ILE D 1573 -9.28 -84.79 -3.02
C ILE D 1573 -8.44 -83.53 -3.17
N GLY D 1574 -9.07 -82.41 -3.51
CA GLY D 1574 -8.33 -81.19 -3.75
C GLY D 1574 -8.09 -80.42 -2.47
N VAL D 1575 -6.84 -80.02 -2.29
CA VAL D 1575 -6.40 -79.24 -1.15
C VAL D 1575 -6.08 -77.83 -1.64
N PHE D 1576 -6.78 -76.85 -1.10
CA PHE D 1576 -6.58 -75.45 -1.41
C PHE D 1576 -6.01 -74.79 -0.18
N GLN D 1577 -4.71 -74.48 -0.21
CA GLN D 1577 -4.03 -73.90 0.93
C GLN D 1577 -4.05 -72.38 0.95
N LYS D 1578 -4.29 -71.74 -0.20
CA LYS D 1578 -4.27 -70.29 -0.26
C LYS D 1578 -5.49 -69.66 0.39
N PHE D 1579 -6.49 -70.45 0.76
CA PHE D 1579 -7.58 -69.92 1.57
C PHE D 1579 -7.08 -69.39 2.91
N LEU D 1580 -5.99 -69.94 3.41
CA LEU D 1580 -5.45 -69.61 4.73
C LEU D 1580 -4.18 -68.78 4.65
N THR D 1581 -3.23 -69.17 3.80
CA THR D 1581 -1.94 -68.50 3.70
C THR D 1581 -1.91 -67.43 2.62
N GLY D 1582 -2.99 -67.28 1.85
CA GLY D 1582 -2.96 -66.35 0.74
C GLY D 1582 -2.08 -66.85 -0.38
N HIS D 1583 -1.81 -65.95 -1.32
CA HIS D 1583 -1.09 -66.27 -2.55
C HIS D 1583 0.21 -65.48 -2.61
N PRO D 1584 1.35 -66.13 -2.32
CA PRO D 1584 2.64 -65.49 -2.60
C PRO D 1584 3.05 -65.72 -4.05
N LYS D 1585 3.82 -64.79 -4.58
CA LYS D 1585 4.15 -64.76 -6.00
C LYS D 1585 5.42 -65.58 -6.27
N GLY D 1586 5.41 -66.83 -5.82
CA GLY D 1586 6.56 -67.69 -6.02
C GLY D 1586 6.85 -68.63 -4.88
N ALA D 1587 6.45 -68.26 -3.66
CA ALA D 1587 6.48 -69.21 -2.55
C ALA D 1587 5.26 -70.12 -2.54
N ALA D 1588 4.36 -69.97 -3.51
CA ALA D 1588 3.09 -70.68 -3.47
C ALA D 1588 3.29 -72.18 -3.63
N GLY D 1589 4.03 -72.57 -4.66
CA GLY D 1589 4.29 -73.99 -4.86
C GLY D 1589 5.13 -74.59 -3.74
N ALA D 1590 5.99 -73.78 -3.14
CA ALA D 1590 6.81 -74.29 -2.03
C ALA D 1590 5.95 -74.54 -0.80
N TRP D 1591 5.04 -73.61 -0.48
CA TRP D 1591 4.12 -73.83 0.62
C TRP D 1591 3.22 -75.03 0.34
N MET D 1592 2.75 -75.17 -0.91
CA MET D 1592 1.92 -76.31 -1.26
C MET D 1592 2.71 -77.61 -1.17
N MET D 1593 4.01 -77.57 -1.48
CA MET D 1593 4.83 -78.77 -1.34
C MET D 1593 5.03 -79.13 0.11
N ASN D 1594 5.25 -78.13 0.97
CA ASN D 1594 5.34 -78.39 2.41
C ASN D 1594 4.03 -79.00 2.93
N GLY D 1595 2.90 -78.43 2.51
CA GLY D 1595 1.63 -78.98 2.91
C GLY D 1595 1.40 -80.39 2.39
N ALA D 1596 1.84 -80.65 1.16
CA ALA D 1596 1.70 -82.00 0.60
C ALA D 1596 2.54 -83.01 1.37
N LEU D 1597 3.76 -82.63 1.74
CA LEU D 1597 4.59 -83.52 2.55
C LEU D 1597 3.95 -83.77 3.91
N GLN D 1598 3.39 -82.73 4.52
CA GLN D 1598 2.72 -82.91 5.80
C GLN D 1598 1.48 -83.79 5.66
N ILE D 1599 0.73 -83.63 4.57
CA ILE D 1599 -0.42 -84.48 4.30
C ILE D 1599 0.02 -85.93 4.17
N LEU D 1600 1.12 -86.16 3.44
CA LEU D 1600 1.61 -87.52 3.27
C LEU D 1600 2.00 -88.13 4.60
N ASN D 1601 2.72 -87.38 5.43
CA ASN D 1601 3.27 -87.96 6.65
C ASN D 1601 2.21 -88.12 7.73
N SER D 1602 1.20 -87.25 7.76
CA SER D 1602 0.17 -87.31 8.79
C SER D 1602 -1.07 -88.08 8.36
N GLY D 1603 -1.26 -88.32 7.07
CA GLY D 1603 -2.52 -88.89 6.60
C GLY D 1603 -3.70 -87.98 6.78
N ILE D 1604 -3.47 -86.68 6.95
CA ILE D 1604 -4.50 -85.70 7.21
C ILE D 1604 -4.59 -84.77 6.02
N ILE D 1605 -5.80 -84.61 5.48
CA ILE D 1605 -6.06 -83.77 4.33
C ILE D 1605 -6.81 -82.53 4.82
N PRO D 1606 -6.16 -81.36 4.92
CA PRO D 1606 -6.88 -80.17 5.38
C PRO D 1606 -8.00 -79.79 4.42
N GLY D 1607 -9.08 -79.25 4.99
CA GLY D 1607 -10.20 -78.78 4.22
C GLY D 1607 -10.13 -77.29 3.97
N ASN D 1608 -10.69 -76.87 2.84
CA ASN D 1608 -10.78 -75.45 2.48
C ASN D 1608 -11.94 -74.87 3.28
N ARG D 1609 -11.62 -74.35 4.47
CA ARG D 1609 -12.67 -73.88 5.36
C ARG D 1609 -13.39 -72.66 4.80
N ASN D 1610 -12.77 -71.95 3.85
CA ASN D 1610 -13.44 -70.84 3.17
C ASN D 1610 -14.31 -71.31 2.01
N ALA D 1611 -14.37 -72.61 1.74
CA ALA D 1611 -15.21 -73.14 0.66
C ALA D 1611 -16.66 -73.06 1.11
N ASP D 1612 -17.19 -71.83 1.10
CA ASP D 1612 -18.57 -71.64 1.55
C ASP D 1612 -19.55 -72.37 0.66
N ASN D 1613 -19.32 -72.33 -0.66
CA ASN D 1613 -20.19 -72.98 -1.62
C ASN D 1613 -19.38 -73.23 -2.88
N VAL D 1614 -19.11 -74.51 -3.17
CA VAL D 1614 -18.32 -74.86 -4.33
C VAL D 1614 -19.06 -74.43 -5.58
N ASP D 1615 -18.31 -73.91 -6.56
CA ASP D 1615 -18.92 -73.42 -7.78
C ASP D 1615 -19.62 -74.55 -8.53
N LYS D 1616 -20.83 -74.24 -9.01
CA LYS D 1616 -21.59 -75.24 -9.76
C LYS D 1616 -20.87 -75.64 -11.04
N ILE D 1617 -20.06 -74.74 -11.60
CA ILE D 1617 -19.30 -75.06 -12.81
C ILE D 1617 -18.28 -76.15 -12.54
N LEU D 1618 -17.89 -76.34 -11.29
CA LEU D 1618 -16.92 -77.37 -10.93
C LEU D 1618 -17.54 -78.74 -10.72
N GLU D 1619 -18.86 -78.87 -10.84
CA GLU D 1619 -19.49 -80.18 -10.65
C GLU D 1619 -19.19 -81.12 -11.82
N GLN D 1620 -19.04 -80.58 -13.03
CA GLN D 1620 -18.75 -81.42 -14.19
C GLN D 1620 -17.46 -82.20 -14.01
N PHE D 1621 -16.50 -81.68 -13.25
CA PHE D 1621 -15.23 -82.37 -13.02
C PHE D 1621 -15.45 -83.42 -11.95
N GLU D 1622 -15.95 -84.58 -12.40
CA GLU D 1622 -16.30 -85.65 -11.48
C GLU D 1622 -15.10 -86.26 -10.78
N TYR D 1623 -13.90 -86.05 -11.30
CA TYR D 1623 -12.68 -86.60 -10.72
C TYR D 1623 -12.04 -85.67 -9.71
N VAL D 1624 -12.71 -84.60 -9.31
CA VAL D 1624 -12.19 -83.66 -8.32
C VAL D 1624 -13.22 -83.53 -7.19
N LEU D 1625 -12.73 -83.62 -5.96
CA LEU D 1625 -13.53 -83.35 -4.77
C LEU D 1625 -13.00 -82.10 -4.08
N TYR D 1626 -13.90 -81.34 -3.48
CA TYR D 1626 -13.58 -80.04 -2.88
C TYR D 1626 -14.02 -80.04 -1.42
N PRO D 1627 -13.27 -80.70 -0.54
CA PRO D 1627 -13.68 -80.73 0.87
C PRO D 1627 -13.60 -79.36 1.53
N SER D 1628 -14.44 -79.17 2.54
CA SER D 1628 -14.47 -77.95 3.33
C SER D 1628 -13.98 -78.15 4.76
N LYS D 1629 -13.77 -79.39 5.19
CA LYS D 1629 -13.27 -79.68 6.53
C LYS D 1629 -12.20 -80.76 6.45
N THR D 1630 -11.34 -80.78 7.46
CA THR D 1630 -10.21 -81.69 7.46
C THR D 1630 -10.67 -83.14 7.49
N LEU D 1631 -9.94 -84.00 6.79
CA LEU D 1631 -10.23 -85.42 6.72
C LEU D 1631 -9.06 -86.20 7.30
N LYS D 1632 -9.34 -87.05 8.29
CA LYS D 1632 -8.33 -87.91 8.88
C LYS D 1632 -8.27 -89.19 8.06
N THR D 1633 -7.58 -89.13 6.94
CA THR D 1633 -7.43 -90.29 6.07
C THR D 1633 -6.59 -91.35 6.75
N ASP D 1634 -6.81 -92.60 6.35
CA ASP D 1634 -6.02 -93.73 6.83
C ASP D 1634 -4.75 -93.93 6.02
N GLY D 1635 -4.26 -92.90 5.33
CA GLY D 1635 -3.05 -93.00 4.54
C GLY D 1635 -3.19 -92.31 3.19
N VAL D 1636 -2.23 -91.45 2.87
CA VAL D 1636 -2.12 -90.82 1.56
C VAL D 1636 -0.88 -91.36 0.88
N ARG D 1637 -1.05 -91.95 -0.30
CA ARG D 1637 0.06 -92.54 -1.03
C ARG D 1637 0.83 -91.49 -1.82
N ALA D 1638 0.14 -90.67 -2.59
CA ALA D 1638 0.76 -89.66 -3.44
C ALA D 1638 -0.07 -88.38 -3.44
N VAL D 1639 0.61 -87.27 -3.71
CA VAL D 1639 0.00 -85.94 -3.74
C VAL D 1639 0.48 -85.22 -5.00
N SER D 1640 -0.45 -84.59 -5.71
CA SER D 1640 -0.16 -83.88 -6.94
C SER D 1640 -0.24 -82.37 -6.71
N ILE D 1641 0.91 -81.71 -6.74
CA ILE D 1641 0.99 -80.26 -6.50
C ILE D 1641 1.00 -79.58 -7.86
N THR D 1642 -0.01 -78.74 -8.12
CA THR D 1642 -0.12 -78.06 -9.42
C THR D 1642 -0.08 -76.55 -9.23
N SER D 1643 0.79 -75.89 -10.00
CA SER D 1643 0.95 -74.44 -9.96
C SER D 1643 0.82 -73.88 -11.36
N PHE D 1644 0.31 -72.64 -11.44
CA PHE D 1644 0.10 -71.94 -12.71
C PHE D 1644 0.49 -70.48 -12.51
N GLY D 1645 1.72 -70.14 -12.88
CA GLY D 1645 2.17 -68.78 -12.81
C GLY D 1645 1.97 -68.02 -14.11
N PHE D 1646 2.03 -66.69 -13.97
CA PHE D 1646 1.91 -65.81 -15.12
C PHE D 1646 3.00 -66.13 -16.13
N GLY D 1647 2.73 -65.82 -17.40
CA GLY D 1647 3.63 -66.21 -18.46
C GLY D 1647 3.51 -67.66 -18.84
N GLN D 1648 2.33 -68.26 -18.67
CA GLN D 1648 2.08 -69.64 -19.04
C GLN D 1648 2.99 -70.60 -18.28
N LYS D 1649 3.29 -70.27 -17.03
CA LYS D 1649 4.23 -71.06 -16.24
C LYS D 1649 3.44 -72.18 -15.54
N GLY D 1650 3.03 -73.18 -16.31
CA GLY D 1650 2.35 -74.34 -15.75
C GLY D 1650 3.39 -75.28 -15.15
N GLY D 1651 3.02 -75.93 -14.06
CA GLY D 1651 3.93 -76.84 -13.40
C GLY D 1651 3.18 -77.85 -12.57
N GLN D 1652 3.70 -79.08 -12.56
CA GLN D 1652 3.16 -80.15 -11.73
C GLN D 1652 4.31 -80.87 -11.04
N ALA D 1653 4.03 -81.34 -9.83
CA ALA D 1653 4.94 -82.19 -9.09
C ALA D 1653 4.13 -83.30 -8.44
N ILE D 1654 4.77 -84.44 -8.22
CA ILE D 1654 4.15 -85.58 -7.56
C ILE D 1654 5.04 -85.98 -6.40
N VAL D 1655 4.46 -86.01 -5.20
CA VAL D 1655 5.15 -86.40 -3.99
C VAL D 1655 4.56 -87.72 -3.52
N VAL D 1656 5.37 -88.77 -3.52
CA VAL D 1656 4.94 -90.10 -3.09
C VAL D 1656 5.32 -90.26 -1.63
N HIS D 1657 4.56 -91.10 -0.93
CA HIS D 1657 4.82 -91.33 0.49
C HIS D 1657 6.23 -91.87 0.67
N PRO D 1658 6.96 -91.42 1.69
CA PRO D 1658 8.35 -91.90 1.86
C PRO D 1658 8.44 -93.40 2.12
N ASP D 1659 7.38 -94.03 2.62
CA ASP D 1659 7.47 -95.43 3.01
C ASP D 1659 7.62 -96.35 1.79
N TYR D 1660 7.23 -95.86 0.62
CA TYR D 1660 7.42 -96.66 -0.59
C TYR D 1660 8.89 -96.70 -0.99
N LEU D 1661 9.70 -95.77 -0.48
CA LEU D 1661 11.14 -95.84 -0.71
C LEU D 1661 11.75 -96.98 0.08
N TYR D 1662 11.34 -97.15 1.34
CA TYR D 1662 11.98 -98.10 2.23
C TYR D 1662 11.73 -99.54 1.82
N GLY D 1663 10.75 -99.78 0.95
CA GLY D 1663 10.59 -101.10 0.37
C GLY D 1663 11.61 -101.45 -0.70
N ALA D 1664 12.44 -100.48 -1.10
CA ALA D 1664 13.47 -100.70 -2.10
C ALA D 1664 14.83 -101.01 -1.49
N ILE D 1665 14.93 -101.18 -0.18
CA ILE D 1665 16.20 -101.45 0.49
C ILE D 1665 16.08 -102.68 1.36
N THR D 1666 17.21 -103.16 1.86
CA THR D 1666 17.27 -104.36 2.68
C THR D 1666 16.82 -104.05 4.11
N GLU D 1667 16.65 -105.11 4.90
CA GLU D 1667 16.27 -104.93 6.30
C GLU D 1667 17.39 -104.29 7.10
N ASP D 1668 18.62 -104.76 6.91
CA ASP D 1668 19.75 -104.20 7.65
C ASP D 1668 19.98 -102.74 7.29
N ARG D 1669 19.89 -102.41 6.00
CA ARG D 1669 20.07 -101.03 5.57
C ARG D 1669 18.98 -100.14 6.17
N TYR D 1670 17.74 -100.61 6.17
CA TYR D 1670 16.65 -99.85 6.77
C TYR D 1670 16.87 -99.67 8.26
N ASN D 1671 17.33 -100.71 8.95
CA ASN D 1671 17.52 -100.61 10.40
C ASN D 1671 18.62 -99.60 10.74
N GLU D 1672 19.74 -99.64 10.03
CA GLU D 1672 20.80 -98.69 10.30
C GLU D 1672 20.35 -97.27 9.94
N TYR D 1673 19.58 -97.13 8.86
CA TYR D 1673 19.03 -95.82 8.52
C TYR D 1673 18.12 -95.31 9.62
N VAL D 1674 17.28 -96.18 10.18
CA VAL D 1674 16.36 -95.78 11.24
C VAL D 1674 17.12 -95.35 12.47
N ALA D 1675 18.17 -96.10 12.83
CA ALA D 1675 18.98 -95.73 13.98
C ALA D 1675 19.64 -94.37 13.76
N LYS D 1676 20.20 -94.15 12.57
CA LYS D 1676 20.84 -92.87 12.28
C LYS D 1676 19.83 -91.74 12.33
N VAL D 1677 18.62 -91.96 11.82
CA VAL D 1677 17.59 -90.92 11.83
C VAL D 1677 17.14 -90.63 13.25
N SER D 1678 17.07 -91.65 14.11
CA SER D 1678 16.70 -91.41 15.50
C SER D 1678 17.75 -90.55 16.19
N ALA D 1679 19.02 -90.90 16.02
CA ALA D 1679 20.09 -90.10 16.62
C ALA D 1679 20.07 -88.67 16.09
N ARG D 1680 19.87 -88.52 14.78
CA ARG D 1680 19.83 -87.21 14.17
C ARG D 1680 18.63 -86.41 14.64
N GLU D 1681 17.48 -87.07 14.84
CA GLU D 1681 16.30 -86.37 15.34
C GLU D 1681 16.53 -85.85 16.75
N LYS D 1682 17.18 -86.66 17.60
CA LYS D 1682 17.50 -86.19 18.94
C LYS D 1682 18.44 -84.98 18.89
N SER D 1683 19.48 -85.08 18.05
CA SER D 1683 20.42 -83.96 17.92
C SER D 1683 19.73 -82.71 17.40
N ALA D 1684 18.87 -82.87 16.40
CA ALA D 1684 18.16 -81.74 15.82
C ALA D 1684 17.18 -81.14 16.83
N TYR D 1685 16.55 -81.98 17.65
CA TYR D 1685 15.66 -81.47 18.69
C TYR D 1685 16.41 -80.58 19.66
N LYS D 1686 17.54 -81.07 20.18
CA LYS D 1686 18.29 -80.26 21.13
C LYS D 1686 18.79 -78.98 20.48
N PHE D 1687 19.28 -79.07 19.25
CA PHE D 1687 19.73 -77.87 18.55
C PHE D 1687 18.60 -76.88 18.37
N PHE D 1688 17.43 -77.36 17.92
CA PHE D 1688 16.31 -76.47 17.64
C PHE D 1688 15.84 -75.78 18.91
N HIS D 1689 15.74 -76.51 20.02
CA HIS D 1689 15.23 -75.90 21.23
C HIS D 1689 16.24 -74.92 21.82
N ASN D 1690 17.53 -75.29 21.81
CA ASN D 1690 18.56 -74.34 22.25
C ASN D 1690 18.52 -73.07 21.42
N GLY D 1691 18.49 -73.21 20.09
CA GLY D 1691 18.47 -72.04 19.23
C GLY D 1691 17.20 -71.22 19.38
N MET D 1692 16.08 -71.89 19.64
CA MET D 1692 14.83 -71.16 19.85
C MET D 1692 14.91 -70.31 21.11
N ILE D 1693 15.35 -70.89 22.23
CA ILE D 1693 15.33 -70.13 23.47
C ILE D 1693 16.37 -69.03 23.44
N TYR D 1694 17.54 -69.28 22.83
CA TYR D 1694 18.63 -68.31 22.82
C TYR D 1694 18.67 -67.47 21.55
N ASN D 1695 17.67 -67.56 20.68
CA ASN D 1695 17.59 -66.76 19.47
C ASN D 1695 18.85 -66.91 18.61
N LYS D 1696 19.27 -68.15 18.42
CA LYS D 1696 20.46 -68.49 17.65
C LYS D 1696 20.22 -69.71 16.77
N LEU D 1697 19.01 -69.82 16.20
CA LEU D 1697 18.76 -70.87 15.22
C LEU D 1697 19.60 -70.64 13.96
N PHE D 1698 19.67 -69.39 13.51
CA PHE D 1698 20.52 -69.01 12.38
C PHE D 1698 21.91 -68.71 12.93
N VAL D 1699 22.86 -69.60 12.64
CA VAL D 1699 24.25 -69.42 13.02
C VAL D 1699 25.00 -69.08 11.73
N SER D 1700 25.33 -67.80 11.56
CA SER D 1700 26.11 -67.39 10.40
C SER D 1700 27.52 -67.96 10.50
N LYS D 1701 28.02 -68.46 9.38
CA LYS D 1701 29.38 -68.97 9.30
C LYS D 1701 30.32 -67.80 9.08
N GLU D 1702 31.28 -67.62 9.98
CA GLU D 1702 32.26 -66.55 9.80
C GLU D 1702 33.30 -66.94 8.76
N HIS D 1703 33.60 -68.24 8.65
CA HIS D 1703 34.62 -68.73 7.74
C HIS D 1703 34.08 -69.92 6.95
N ALA D 1704 34.62 -70.08 5.74
CA ALA D 1704 34.32 -71.23 4.91
C ALA D 1704 34.95 -72.48 5.50
N PRO D 1705 34.51 -73.67 5.09
CA PRO D 1705 35.10 -74.89 5.68
C PRO D 1705 36.51 -75.18 5.17
N TYR D 1706 37.04 -74.36 4.26
CA TYR D 1706 38.40 -74.48 3.79
C TYR D 1706 39.07 -73.11 3.88
N THR D 1707 40.39 -73.12 4.06
CA THR D 1707 41.14 -71.87 4.08
C THR D 1707 41.34 -71.36 2.65
N ASP D 1708 41.76 -70.10 2.56
CA ASP D 1708 41.99 -69.50 1.25
C ASP D 1708 43.09 -70.26 0.49
N GLU D 1709 44.13 -70.70 1.19
CA GLU D 1709 45.21 -71.42 0.53
C GLU D 1709 44.75 -72.80 0.07
N LEU D 1710 43.83 -73.42 0.80
CA LEU D 1710 43.34 -74.76 0.49
C LEU D 1710 42.06 -74.75 -0.32
N GLU D 1711 41.50 -73.57 -0.62
CA GLU D 1711 40.26 -73.49 -1.39
C GLU D 1711 40.42 -74.14 -2.75
N GLU D 1712 41.51 -73.84 -3.46
CA GLU D 1712 41.70 -74.38 -4.80
C GLU D 1712 41.86 -75.90 -4.75
N ASP D 1713 42.61 -76.40 -3.78
CA ASP D 1713 42.79 -77.85 -3.65
C ASP D 1713 41.47 -78.54 -3.35
N VAL D 1714 40.66 -77.95 -2.48
CA VAL D 1714 39.35 -78.54 -2.18
C VAL D 1714 38.47 -78.55 -3.41
N TYR D 1715 38.47 -77.45 -4.18
CA TYR D 1715 37.69 -77.42 -5.41
C TYR D 1715 38.16 -78.48 -6.39
N LEU D 1716 39.47 -78.65 -6.51
CA LEU D 1716 40.01 -79.56 -7.52
C LEU D 1716 39.98 -81.02 -7.09
N ASP D 1717 39.78 -81.31 -5.80
CA ASP D 1717 39.68 -82.69 -5.33
C ASP D 1717 38.22 -83.08 -5.22
N PRO D 1718 37.70 -84.02 -6.04
CA PRO D 1718 36.29 -84.38 -5.91
C PRO D 1718 36.00 -85.23 -4.68
N LEU D 1719 37.00 -85.92 -4.15
CA LEU D 1719 36.84 -86.79 -2.99
C LEU D 1719 37.16 -86.10 -1.68
N ALA D 1720 37.43 -84.81 -1.68
CA ALA D 1720 37.71 -84.11 -0.44
C ALA D 1720 36.44 -83.97 0.38
N ARG D 1721 36.53 -84.36 1.66
CA ARG D 1721 35.42 -84.29 2.59
C ARG D 1721 35.88 -83.62 3.87
N VAL D 1722 34.97 -82.92 4.53
CA VAL D 1722 35.31 -82.23 5.77
C VAL D 1722 35.42 -83.25 6.90
N SER D 1723 36.23 -82.91 7.88
CA SER D 1723 36.39 -83.70 9.10
C SER D 1723 36.31 -82.76 10.29
N LYS D 1724 36.03 -83.33 11.45
CA LYS D 1724 35.96 -82.56 12.68
C LYS D 1724 37.37 -82.20 13.13
N ASP D 1725 37.67 -80.90 13.20
CA ASP D 1725 38.96 -80.47 13.69
C ASP D 1725 39.04 -80.68 15.20
N LYS D 1726 40.13 -81.32 15.64
CA LYS D 1726 40.28 -81.63 17.06
C LYS D 1726 40.34 -80.36 17.90
N LYS D 1727 40.95 -79.29 17.37
CA LYS D 1727 41.11 -78.07 18.14
C LYS D 1727 39.85 -77.22 18.12
N SER D 1728 39.43 -76.77 16.95
CA SER D 1728 38.28 -75.88 16.86
C SER D 1728 36.97 -76.64 17.10
N GLY D 1729 36.94 -77.93 16.76
CA GLY D 1729 35.75 -78.73 16.91
C GLY D 1729 34.77 -78.64 15.75
N SER D 1730 34.97 -77.69 14.84
CA SER D 1730 34.09 -77.53 13.70
C SER D 1730 34.51 -78.42 12.54
N LEU D 1731 33.62 -78.57 11.57
CA LEU D 1731 33.88 -79.38 10.38
C LEU D 1731 34.62 -78.52 9.37
N THR D 1732 35.83 -78.93 9.02
CA THR D 1732 36.67 -78.18 8.11
C THR D 1732 37.43 -79.14 7.20
N PHE D 1733 37.97 -78.61 6.11
CA PHE D 1733 38.76 -79.42 5.20
C PHE D 1733 40.21 -79.48 5.68
N ASN D 1734 40.83 -80.65 5.51
CA ASN D 1734 42.17 -80.91 6.00
C ASN D 1734 43.08 -81.28 4.83
N SER D 1735 44.29 -80.72 4.84
CA SER D 1735 45.24 -81.01 3.78
C SER D 1735 45.58 -82.50 3.74
N LYS D 1736 45.66 -83.14 4.90
CA LYS D 1736 45.92 -84.57 4.93
C LYS D 1736 44.80 -85.36 4.26
N ASN D 1737 43.58 -84.84 4.29
CA ASN D 1737 42.43 -85.50 3.68
C ASN D 1737 42.17 -85.05 2.25
N ILE D 1738 42.87 -84.03 1.76
CA ILE D 1738 42.73 -83.56 0.38
C ILE D 1738 43.78 -84.26 -0.47
N GLN D 1739 43.33 -84.85 -1.58
CA GLN D 1739 44.20 -85.56 -2.52
C GLN D 1739 44.97 -86.67 -1.83
N SER D 1740 44.27 -87.47 -1.03
CA SER D 1740 44.86 -88.57 -0.28
C SER D 1740 44.44 -89.90 -0.89
N LYS D 1741 45.36 -90.87 -0.87
CA LYS D 1741 45.04 -92.20 -1.36
C LYS D 1741 44.00 -92.90 -0.51
N ASP D 1742 43.85 -92.50 0.76
CA ASP D 1742 42.84 -93.11 1.61
C ASP D 1742 41.43 -92.87 1.08
N SER D 1743 41.19 -91.66 0.55
CA SER D 1743 39.87 -91.35 0.00
C SER D 1743 39.56 -92.25 -1.20
N TYR D 1744 40.55 -92.49 -2.04
CA TYR D 1744 40.39 -93.33 -3.24
C TYR D 1744 40.83 -94.76 -2.97
N SER E 5 69.63 -6.48 113.70
CA SER E 5 68.80 -7.17 112.73
C SER E 5 67.86 -6.21 112.01
N THR E 6 67.94 -6.20 110.68
CA THR E 6 67.09 -5.38 109.84
C THR E 6 66.50 -6.25 108.74
N ARG E 7 65.59 -5.68 107.95
CA ARG E 7 65.02 -6.45 106.86
C ARG E 7 64.46 -5.53 105.77
N PRO E 8 64.43 -6.00 104.53
CA PRO E 8 63.86 -5.16 103.46
C PRO E 8 62.38 -4.88 103.66
N LEU E 9 61.99 -3.69 103.21
CA LEU E 9 60.58 -3.27 103.15
C LEU E 9 60.42 -2.62 101.78
N THR E 10 59.69 -3.29 100.89
CA THR E 10 59.58 -2.85 99.50
C THR E 10 58.37 -1.93 99.35
N LEU E 11 58.60 -0.74 98.80
CA LEU E 11 57.54 0.21 98.48
C LEU E 11 57.72 0.67 97.04
N SER E 12 56.64 0.57 96.26
CA SER E 12 56.71 0.82 94.83
C SER E 12 55.44 1.54 94.38
N HIS E 13 55.55 2.21 93.25
CA HIS E 13 54.42 2.86 92.59
C HIS E 13 54.62 2.66 91.09
N GLY E 14 54.05 1.58 90.56
CA GLY E 14 54.26 1.22 89.18
C GLY E 14 55.57 0.47 88.99
N SER E 15 56.26 0.73 87.86
CA SER E 15 57.51 0.04 87.59
C SER E 15 58.57 0.37 88.64
N LEU E 16 58.68 1.64 89.00
CA LEU E 16 59.71 2.07 89.94
C LEU E 16 59.43 1.49 91.33
N GLU E 17 60.51 1.23 92.07
CA GLU E 17 60.40 0.63 93.40
C GLU E 17 61.59 1.06 94.24
N HIS E 18 61.45 0.85 95.55
CA HIS E 18 62.50 1.17 96.51
C HIS E 18 62.39 0.21 97.68
N VAL E 19 63.48 0.07 98.42
CA VAL E 19 63.57 -0.86 99.54
C VAL E 19 64.18 -0.13 100.73
N LEU E 20 63.54 -0.26 101.89
CA LEU E 20 64.01 0.34 103.14
C LEU E 20 64.42 -0.78 104.08
N LEU E 21 65.67 -0.73 104.55
CA LEU E 21 66.19 -1.76 105.45
C LEU E 21 65.90 -1.38 106.89
N VAL E 22 64.61 -1.44 107.23
CA VAL E 22 64.17 -0.99 108.55
C VAL E 22 64.53 -2.04 109.60
N PRO E 23 64.81 -1.67 110.85
CA PRO E 23 65.03 -2.68 111.89
C PRO E 23 63.76 -3.45 112.22
N THR E 24 63.95 -4.64 112.78
CA THR E 24 62.83 -5.48 113.17
C THR E 24 62.03 -4.89 114.31
N ALA E 25 62.65 -4.02 115.13
CA ALA E 25 61.96 -3.49 116.31
C ALA E 25 60.73 -2.69 115.92
N SER E 26 60.84 -1.86 114.87
CA SER E 26 59.75 -1.02 114.39
C SER E 26 59.23 -1.49 113.03
N PHE E 27 59.45 -2.76 112.69
CA PHE E 27 58.99 -3.26 111.41
C PHE E 27 57.47 -3.22 111.31
N PHE E 28 56.77 -3.53 112.40
CA PHE E 28 55.31 -3.52 112.36
C PHE E 28 54.78 -2.12 112.12
N ILE E 29 55.35 -1.12 112.79
CA ILE E 29 54.94 0.27 112.57
C ILE E 29 55.24 0.67 111.13
N ALA E 30 56.43 0.31 110.63
CA ALA E 30 56.79 0.65 109.26
C ALA E 30 55.86 -0.01 108.26
N SER E 31 55.47 -1.26 108.51
CA SER E 31 54.62 -1.98 107.58
C SER E 31 53.21 -1.39 107.55
N GLN E 32 52.66 -1.06 108.73
CA GLN E 32 51.33 -0.45 108.72
C GLN E 32 51.37 0.91 108.04
N LEU E 33 52.43 1.70 108.30
CA LEU E 33 52.55 2.98 107.62
C LEU E 33 52.65 2.79 106.11
N GLN E 34 53.39 1.77 105.68
CA GLN E 34 53.48 1.45 104.26
C GLN E 34 52.10 1.12 103.70
N GLU E 35 51.33 0.32 104.41
CA GLU E 35 50.02 -0.09 103.90
C GLU E 35 49.10 1.11 103.75
N GLN E 36 49.00 1.96 104.78
CA GLN E 36 48.12 3.11 104.65
C GLN E 36 48.67 4.16 103.69
N PHE E 37 50.00 4.21 103.52
CA PHE E 37 50.58 5.08 102.50
C PHE E 37 50.18 4.63 101.11
N ASN E 38 50.22 3.32 100.85
CA ASN E 38 49.77 2.81 99.56
C ASN E 38 48.28 3.08 99.36
N LYS E 39 47.49 2.93 100.42
CA LYS E 39 46.06 3.22 100.32
C LYS E 39 45.84 4.69 99.95
N ILE E 40 46.60 5.59 100.56
CA ILE E 40 46.46 7.01 100.26
C ILE E 40 46.95 7.32 98.84
N LEU E 41 48.00 6.65 98.41
CA LEU E 41 48.65 7.00 97.15
C LEU E 41 47.72 6.71 95.97
N PRO E 42 47.69 7.57 94.96
CA PRO E 42 46.86 7.28 93.79
C PRO E 42 47.42 6.14 92.96
N GLU E 43 46.56 5.55 92.13
CA GLU E 43 46.95 4.38 91.35
C GLU E 43 47.98 4.78 90.29
N PRO E 44 48.93 3.89 89.97
CA PRO E 44 49.89 4.21 88.91
C PRO E 44 49.23 4.38 87.55
N THR E 45 49.90 5.15 86.70
CA THR E 45 49.51 5.35 85.32
C THR E 45 50.75 5.22 84.44
N GLU E 46 50.53 4.94 83.16
CA GLU E 46 51.64 4.76 82.24
C GLU E 46 52.36 6.07 82.03
N GLY E 47 53.68 6.06 82.23
CA GLY E 47 54.49 7.24 82.10
C GLY E 47 54.53 8.13 83.33
N PHE E 48 53.65 7.91 84.30
CA PHE E 48 53.60 8.72 85.52
C PHE E 48 53.36 10.19 85.19
N ALA E 49 52.62 10.45 84.11
CA ALA E 49 52.37 11.82 83.67
C ALA E 49 51.30 12.52 84.49
N ALA E 50 50.48 11.78 85.24
CA ALA E 50 49.45 12.42 86.05
C ALA E 50 50.08 13.16 87.22
N ASP E 51 49.42 14.24 87.64
CA ASP E 51 49.92 15.04 88.74
C ASP E 51 49.71 14.35 90.08
N ASP E 52 50.42 14.84 91.08
CA ASP E 52 50.28 14.35 92.46
C ASP E 52 50.64 12.88 92.60
N GLU E 53 51.57 12.39 91.78
CA GLU E 53 52.08 11.03 91.88
C GLU E 53 53.59 11.06 91.63
N PRO E 54 54.32 10.07 92.14
CA PRO E 54 55.77 10.02 91.85
C PRO E 54 56.03 9.62 90.41
N THR E 55 57.23 9.96 89.95
CA THR E 55 57.73 9.55 88.64
C THR E 55 58.99 8.70 88.70
N THR E 56 59.81 8.86 89.73
CA THR E 56 61.04 8.11 89.91
C THR E 56 61.10 7.63 91.34
N PRO E 57 61.95 6.63 91.64
CA PRO E 57 61.98 6.12 93.02
C PRO E 57 62.35 7.18 94.04
N ALA E 58 63.19 8.14 93.66
CA ALA E 58 63.52 9.25 94.55
C ALA E 58 62.26 10.04 94.90
N GLU E 59 61.43 10.35 93.89
CA GLU E 59 60.20 11.07 94.16
C GLU E 59 59.24 10.26 95.03
N LEU E 60 59.15 8.95 94.77
CA LEU E 60 58.27 8.10 95.57
C LEU E 60 58.69 8.11 97.04
N VAL E 61 59.98 7.88 97.29
CA VAL E 61 60.44 7.86 98.67
C VAL E 61 60.24 9.23 99.31
N GLY E 62 60.59 10.31 98.60
CA GLY E 62 60.42 11.64 99.16
C GLY E 62 58.97 11.94 99.52
N LYS E 63 58.04 11.47 98.68
CA LYS E 63 56.63 11.57 99.04
C LYS E 63 56.34 10.80 100.32
N PHE E 64 56.96 9.64 100.49
CA PHE E 64 56.73 8.89 101.73
C PHE E 64 57.27 9.64 102.95
N LEU E 65 58.46 10.22 102.84
CA LEU E 65 58.97 11.05 103.94
C LEU E 65 58.06 12.23 104.23
N GLY E 66 57.57 12.90 103.19
CA GLY E 66 56.66 14.02 103.43
C GLY E 66 55.39 13.60 104.13
N TYR E 67 54.84 12.46 103.72
CA TYR E 67 53.62 11.95 104.33
C TYR E 67 53.84 11.58 105.79
N VAL E 68 54.95 10.92 106.09
CA VAL E 68 55.24 10.55 107.48
C VAL E 68 55.51 11.80 108.31
N SER E 69 56.18 12.79 107.73
CA SER E 69 56.42 14.04 108.43
C SER E 69 55.11 14.74 108.77
N SER E 70 54.16 14.73 107.83
CA SER E 70 52.85 15.30 108.11
C SER E 70 52.15 14.55 109.23
N LEU E 71 52.24 13.23 109.24
CA LEU E 71 51.62 12.44 110.31
C LEU E 71 52.35 12.59 111.66
N VAL E 72 53.61 12.99 111.67
CA VAL E 72 54.36 13.22 112.90
C VAL E 72 53.98 14.59 113.45
N GLU E 73 53.78 14.65 114.77
CA GLU E 73 53.37 15.87 115.47
C GLU E 73 54.31 16.09 116.65
N PRO E 74 55.42 16.83 116.46
CA PRO E 74 56.30 17.10 117.60
C PRO E 74 55.61 17.92 118.70
N GLY E 78 56.67 10.86 118.78
CA GLY E 78 57.34 9.63 119.16
C GLY E 78 56.69 8.39 118.57
N GLN E 79 55.46 8.53 118.08
CA GLN E 79 54.75 7.38 117.53
C GLN E 79 55.46 6.81 116.31
N PHE E 80 55.94 7.68 115.42
CA PHE E 80 56.61 7.28 114.19
C PHE E 80 57.92 8.04 113.99
N ASP E 81 58.45 8.64 115.05
CA ASP E 81 59.69 9.42 114.93
C ASP E 81 60.85 8.52 114.53
N GLN E 82 60.94 7.32 115.11
CA GLN E 82 62.06 6.44 114.80
C GLN E 82 62.03 6.02 113.34
N VAL E 83 60.86 5.60 112.85
CA VAL E 83 60.76 5.18 111.46
C VAL E 83 61.03 6.35 110.53
N LEU E 84 60.55 7.55 110.91
CA LEU E 84 60.82 8.74 110.10
C LEU E 84 62.31 9.00 110.01
N ASN E 85 63.02 8.93 111.15
CA ASN E 85 64.46 9.13 111.15
C ASN E 85 65.15 8.09 110.28
N LEU E 86 64.73 6.83 110.40
CA LEU E 86 65.38 5.76 109.64
C LEU E 86 65.21 5.97 108.14
N CYS E 87 63.97 6.21 107.69
CA CYS E 87 63.75 6.38 106.26
C CYS E 87 64.38 7.67 105.74
N LEU E 88 64.39 8.72 106.55
CA LEU E 88 65.06 9.96 106.14
C LEU E 88 66.56 9.74 105.98
N THR E 89 67.18 9.02 106.91
CA THR E 89 68.60 8.72 106.79
C THR E 89 68.87 7.84 105.57
N GLU E 90 68.00 6.88 105.30
CA GLU E 90 68.16 6.05 104.12
C GLU E 90 68.10 6.90 102.86
N PHE E 91 67.13 7.81 102.79
CA PHE E 91 67.03 8.70 101.63
C PHE E 91 68.28 9.55 101.49
N GLU E 92 68.76 10.12 102.59
CA GLU E 92 69.94 10.97 102.54
C GLU E 92 71.15 10.19 102.05
N ASN E 93 71.35 8.98 102.56
CA ASN E 93 72.49 8.18 102.15
C ASN E 93 72.39 7.79 100.68
N CYS E 94 71.19 7.39 100.22
CA CYS E 94 71.07 6.84 98.88
C CYS E 94 71.14 7.94 97.82
N TYR E 95 70.48 9.08 98.06
CA TYR E 95 70.36 10.12 97.05
C TYR E 95 71.16 11.38 97.35
N LEU E 96 71.37 11.73 98.62
CA LEU E 96 72.21 12.88 98.98
C LEU E 96 73.61 12.38 99.31
N GLU E 97 74.41 12.23 98.26
CA GLU E 97 75.81 11.80 98.40
C GLU E 97 76.68 13.00 98.80
N GLY E 98 76.36 13.56 99.96
CA GLY E 98 77.03 14.74 100.47
C GLY E 98 76.51 16.05 99.93
N ASN E 99 75.56 16.02 98.99
CA ASN E 99 75.03 17.21 98.34
C ASN E 99 73.70 17.62 98.99
N ASP E 100 73.27 18.83 98.65
CA ASP E 100 72.05 19.39 99.20
C ASP E 100 70.84 18.89 98.42
N ILE E 101 69.66 19.17 98.97
CA ILE E 101 68.42 18.70 98.36
C ILE E 101 68.21 19.35 96.99
N HIS E 102 68.63 20.60 96.83
CA HIS E 102 68.31 21.32 95.59
C HIS E 102 69.16 20.82 94.42
N ALA E 103 70.40 20.39 94.68
CA ALA E 103 71.18 19.77 93.61
C ALA E 103 70.51 18.49 93.12
N LEU E 104 70.00 17.67 94.05
CA LEU E 104 69.27 16.47 93.67
C LEU E 104 68.02 16.83 92.88
N ALA E 105 67.33 17.90 93.30
CA ALA E 105 66.14 18.35 92.60
C ALA E 105 66.46 18.76 91.17
N ALA E 106 67.55 19.50 90.98
CA ALA E 106 67.95 19.89 89.63
C ALA E 106 68.33 18.67 88.81
N LYS E 107 68.98 17.69 89.42
CA LYS E 107 69.34 16.47 88.71
C LYS E 107 68.10 15.74 88.23
N LEU E 108 67.08 15.63 89.09
CA LEU E 108 65.82 15.02 88.66
C LEU E 108 65.16 15.83 87.55
N LEU E 109 65.16 17.16 87.68
CA LEU E 109 64.52 17.99 86.65
C LEU E 109 65.18 17.80 85.29
N GLN E 110 66.51 17.78 85.25
CA GLN E 110 67.19 17.71 83.95
C GLN E 110 67.26 16.26 83.44
N GLU E 111 67.93 15.39 84.20
CA GLU E 111 68.16 14.03 83.71
C GLU E 111 66.86 13.23 83.64
N ASN E 112 66.07 13.26 84.72
CA ASN E 112 64.85 12.48 84.79
C ASN E 112 63.65 13.28 84.28
N ASP E 113 62.55 12.57 84.03
CA ASP E 113 61.32 13.18 83.53
C ASP E 113 60.46 13.61 84.72
N THR E 114 60.91 14.68 85.37
CA THR E 114 60.23 15.26 86.53
C THR E 114 59.82 16.69 86.22
N THR E 115 58.61 17.05 86.65
CA THR E 115 58.08 18.38 86.45
C THR E 115 58.47 19.30 87.61
N LEU E 116 58.26 20.60 87.39
CA LEU E 116 58.59 21.58 88.42
C LEU E 116 57.75 21.36 89.67
N VAL E 117 56.47 21.06 89.51
CA VAL E 117 55.61 20.84 90.68
C VAL E 117 56.08 19.61 91.46
N LYS E 118 56.43 18.53 90.76
CA LYS E 118 56.90 17.33 91.44
C LYS E 118 58.22 17.60 92.16
N THR E 119 59.12 18.36 91.53
CA THR E 119 60.38 18.69 92.19
C THR E 119 60.14 19.56 93.43
N LYS E 120 59.25 20.54 93.32
CA LYS E 120 58.97 21.41 94.46
C LYS E 120 58.37 20.63 95.62
N GLU E 121 57.44 19.72 95.32
CA GLU E 121 56.84 18.93 96.40
C GLU E 121 57.83 17.95 96.99
N LEU E 122 58.77 17.43 96.18
CA LEU E 122 59.85 16.62 96.74
C LEU E 122 60.69 17.43 97.72
N ILE E 123 61.08 18.65 97.33
CA ILE E 123 61.87 19.51 98.21
C ILE E 123 61.09 19.81 99.48
N LYS E 124 59.79 20.09 99.33
CA LYS E 124 58.93 20.35 100.48
C LYS E 124 58.94 19.17 101.44
N ASN E 125 58.75 17.97 100.91
CA ASN E 125 58.69 16.78 101.75
C ASN E 125 60.01 16.58 102.49
N TYR E 126 61.13 16.75 101.78
CA TYR E 126 62.42 16.56 102.44
C TYR E 126 62.61 17.57 103.57
N ILE E 127 62.36 18.85 103.31
CA ILE E 127 62.65 19.86 104.32
C ILE E 127 61.71 19.70 105.51
N THR E 128 60.43 19.41 105.23
CA THR E 128 59.48 19.19 106.31
C THR E 128 59.90 18.00 107.17
N ALA E 129 60.31 16.89 106.53
CA ALA E 129 60.77 15.74 107.30
C ALA E 129 61.99 16.09 108.13
N ARG E 130 62.94 16.84 107.55
CA ARG E 130 64.15 17.19 108.29
C ARG E 130 63.82 17.98 109.54
N ILE E 131 62.96 19.00 109.41
CA ILE E 131 62.66 19.81 110.59
C ILE E 131 61.83 19.02 111.59
N MET E 132 60.84 18.26 111.11
CA MET E 132 59.94 17.56 112.02
C MET E 132 60.66 16.48 112.80
N ALA E 133 61.64 15.81 112.18
CA ALA E 133 62.33 14.71 112.85
C ALA E 133 63.52 15.22 113.65
N LYS E 134 63.34 16.31 114.41
CA LYS E 134 64.37 16.88 115.26
C LYS E 134 65.72 16.97 114.59
N ARG E 135 65.74 17.28 113.29
CA ARG E 135 66.96 17.33 112.50
C ARG E 135 66.99 18.63 111.70
N PRO E 136 67.18 19.77 112.38
CA PRO E 136 67.28 21.05 111.66
C PRO E 136 68.56 21.14 110.86
N PHE E 137 68.77 22.27 110.18
CA PHE E 137 69.96 22.51 109.38
C PHE E 137 71.02 23.28 110.15
N ASP E 138 71.11 23.05 111.46
CA ASP E 138 72.09 23.76 112.29
C ASP E 138 73.51 23.48 111.83
N LYS E 139 73.78 22.27 111.33
CA LYS E 139 75.10 21.95 110.82
C LYS E 139 75.45 22.87 109.65
N LYS E 140 76.66 23.44 109.69
CA LYS E 140 77.09 24.34 108.63
C LYS E 140 77.22 23.57 107.32
N SER E 141 76.72 24.17 106.25
CA SER E 141 76.81 23.54 104.93
C SER E 141 78.23 23.68 104.38
N ASN E 142 78.57 22.77 103.47
CA ASN E 142 79.87 22.74 102.80
C ASN E 142 79.71 23.07 101.32
N SER E 143 78.84 24.03 101.01
CA SER E 143 78.62 24.43 99.63
C SER E 143 79.92 24.97 99.02
N ALA E 144 80.15 24.64 97.75
CA ALA E 144 81.38 25.04 97.09
C ALA E 144 81.50 26.55 96.99
N LEU E 145 80.40 27.23 96.67
CA LEU E 145 80.43 28.68 96.56
C LEU E 145 80.87 29.34 97.86
N PHE E 146 80.28 28.92 98.98
CA PHE E 146 80.60 29.55 100.24
C PHE E 146 81.95 29.09 100.78
N ARG E 147 82.41 27.88 100.41
CA ARG E 147 83.78 27.50 100.73
C ARG E 147 84.78 28.39 100.00
N ALA E 148 84.52 28.66 98.72
CA ALA E 148 85.36 29.58 97.96
C ALA E 148 85.32 30.98 98.57
N VAL E 149 84.16 31.39 99.06
CA VAL E 149 84.06 32.70 99.72
C VAL E 149 84.90 32.71 100.99
N GLY E 150 84.82 31.64 101.78
CA GLY E 150 85.59 31.57 103.01
C GLY E 150 87.08 31.62 102.76
N GLU E 151 87.55 30.93 101.73
CA GLU E 151 88.96 30.97 101.38
C GLU E 151 89.32 32.17 100.50
N GLY E 152 88.35 33.02 100.16
CA GLY E 152 88.62 34.24 99.41
C GLY E 152 88.68 34.08 97.91
N ASN E 153 88.32 32.91 97.39
CA ASN E 153 88.39 32.68 95.94
C ASN E 153 87.23 33.32 95.19
N ALA E 154 86.15 33.69 95.89
CA ALA E 154 85.00 34.30 95.26
C ALA E 154 84.44 35.40 96.15
N GLN E 155 83.81 36.39 95.53
CA GLN E 155 83.15 37.50 96.23
C GLN E 155 81.67 37.48 95.86
N LEU E 156 80.82 37.72 96.86
CA LEU E 156 79.38 37.63 96.70
C LEU E 156 78.73 39.00 96.89
N VAL E 157 77.88 39.37 95.94
CA VAL E 157 77.08 40.58 96.06
C VAL E 157 75.61 40.22 95.88
N ALA E 158 74.80 40.54 96.87
CA ALA E 158 73.37 40.27 96.80
C ALA E 158 72.67 41.42 96.09
N ILE E 159 71.77 41.09 95.17
CA ILE E 159 70.94 42.06 94.48
C ILE E 159 69.48 41.67 94.70
N PHE E 160 68.66 42.65 95.10
CA PHE E 160 67.25 42.45 95.36
C PHE E 160 66.42 43.19 94.34
N GLY E 161 65.46 42.48 93.74
CA GLY E 161 64.63 43.04 92.70
C GLY E 161 63.59 44.00 93.26
N GLY E 162 62.69 44.41 92.38
CA GLY E 162 61.64 45.34 92.73
C GLY E 162 60.44 45.17 91.82
N GLN E 163 59.88 46.30 91.38
CA GLN E 163 58.70 46.28 90.55
C GLN E 163 59.07 46.02 89.09
N GLY E 164 58.10 45.51 88.34
CA GLY E 164 58.23 45.32 86.91
C GLY E 164 58.91 44.04 86.49
N ASN E 165 59.42 43.24 87.43
CA ASN E 165 60.08 41.99 87.06
C ASN E 165 59.07 40.97 86.54
N THR E 166 57.90 40.91 87.16
CA THR E 166 56.87 39.97 86.76
C THR E 166 55.51 40.54 87.12
N ASP E 167 54.49 40.08 86.40
CA ASP E 167 53.10 40.46 86.70
C ASP E 167 52.46 39.56 87.74
N ASP E 168 53.11 38.47 88.13
CA ASP E 168 52.51 37.42 88.93
C ASP E 168 53.47 37.00 90.04
N TYR E 169 53.96 37.99 90.79
CA TYR E 169 54.83 37.72 91.93
C TYR E 169 54.13 36.95 93.04
N PHE E 170 52.80 36.99 93.08
CA PHE E 170 52.11 36.37 94.21
C PHE E 170 52.14 34.86 94.13
N GLU E 171 52.19 34.28 92.93
CA GLU E 171 52.40 32.84 92.85
C GLU E 171 53.80 32.46 93.33
N GLU E 172 54.77 33.35 93.17
CA GLU E 172 56.08 33.02 93.70
C GLU E 172 56.07 33.11 95.23
N LEU E 173 55.35 34.09 95.80
CA LEU E 173 55.11 34.07 97.25
C LEU E 173 54.39 32.80 97.66
N ARG E 174 53.38 32.39 96.90
CA ARG E 174 52.59 31.22 97.23
C ARG E 174 53.44 29.95 97.22
N ASP E 175 54.29 29.82 96.20
CA ASP E 175 55.15 28.64 96.14
C ASP E 175 56.20 28.66 97.23
N LEU E 176 56.68 29.85 97.62
CA LEU E 176 57.54 29.90 98.80
C LEU E 176 56.80 29.40 100.04
N TYR E 177 55.61 29.93 100.30
CA TYR E 177 54.85 29.54 101.49
C TYR E 177 54.51 28.06 101.48
N GLN E 178 54.28 27.48 100.29
CA GLN E 178 53.94 26.06 100.22
C GLN E 178 55.18 25.19 100.35
N THR E 179 56.14 25.35 99.44
CA THR E 179 57.29 24.46 99.41
C THR E 179 58.13 24.59 100.67
N TYR E 180 58.39 25.81 101.12
CA TYR E 180 59.21 26.08 102.29
C TYR E 180 58.35 26.56 103.45
N HIS E 181 57.17 25.95 103.60
CA HIS E 181 56.25 26.32 104.67
C HIS E 181 56.93 26.27 106.03
N VAL E 182 57.61 25.16 106.31
CA VAL E 182 58.21 24.99 107.63
C VAL E 182 59.34 26.00 107.85
N LEU E 183 60.02 26.41 106.78
CA LEU E 183 61.15 27.33 106.94
C LEU E 183 60.69 28.78 107.08
N VAL E 184 59.98 29.29 106.07
CA VAL E 184 59.58 30.69 106.04
C VAL E 184 58.18 30.91 106.61
N GLY E 185 57.62 29.92 107.30
CA GLY E 185 56.31 30.10 107.89
C GLY E 185 56.32 31.17 108.98
N ASP E 186 57.33 31.14 109.85
CA ASP E 186 57.46 32.16 110.87
C ASP E 186 57.62 33.54 110.25
N LEU E 187 58.45 33.65 109.20
CA LEU E 187 58.65 34.93 108.54
C LEU E 187 57.35 35.45 107.94
N ILE E 188 56.61 34.59 107.24
CA ILE E 188 55.40 35.05 106.57
C ILE E 188 54.32 35.39 107.59
N LYS E 189 54.22 34.61 108.67
CA LYS E 189 53.25 34.94 109.72
C LYS E 189 53.60 36.26 110.38
N PHE E 190 54.89 36.49 110.67
CA PHE E 190 55.31 37.75 111.27
C PHE E 190 55.02 38.92 110.35
N SER E 191 55.31 38.76 109.06
CA SER E 191 55.04 39.83 108.10
C SER E 191 53.54 40.11 108.02
N ALA E 192 52.72 39.07 108.03
CA ALA E 192 51.28 39.26 107.99
C ALA E 192 50.79 40.03 109.21
N GLU E 193 51.24 39.63 110.41
CA GLU E 193 50.73 40.28 111.62
C GLU E 193 51.23 41.71 111.72
N THR E 194 52.49 41.98 111.34
CA THR E 194 52.98 43.35 111.43
C THR E 194 52.33 44.22 110.37
N LEU E 195 52.05 43.68 109.19
CA LEU E 195 51.32 44.43 108.17
C LEU E 195 49.91 44.76 108.63
N SER E 196 49.24 43.80 109.27
CA SER E 196 47.91 44.05 109.81
C SER E 196 47.95 45.12 110.89
N GLU E 197 48.95 45.05 111.77
CA GLU E 197 49.09 46.06 112.81
C GLU E 197 49.34 47.44 112.21
N LEU E 198 50.18 47.51 111.18
CA LEU E 198 50.45 48.79 110.53
C LEU E 198 49.19 49.34 109.88
N ILE E 199 48.40 48.49 109.22
CA ILE E 199 47.15 48.95 108.63
C ILE E 199 46.21 49.46 109.71
N ARG E 200 46.11 48.73 110.82
CA ARG E 200 45.20 49.13 111.89
C ARG E 200 45.63 50.45 112.51
N THR E 201 46.93 50.64 112.72
CA THR E 201 47.41 51.87 113.36
C THR E 201 47.35 53.05 112.40
N THR E 202 47.62 52.83 111.12
CA THR E 202 47.60 53.91 110.15
C THR E 202 46.19 54.47 110.01
N LEU E 203 46.10 55.79 109.84
CA LEU E 203 44.81 56.47 109.87
C LEU E 203 43.91 56.05 108.71
N ASP E 204 44.48 56.00 107.50
CA ASP E 204 43.69 55.84 106.27
C ASP E 204 44.11 54.61 105.47
N ALA E 205 44.83 53.67 106.08
CA ALA E 205 45.29 52.50 105.32
C ALA E 205 44.12 51.61 104.91
N GLU E 206 43.08 51.52 105.75
CA GLU E 206 41.94 50.67 105.41
C GLU E 206 41.27 51.16 104.13
N LYS E 207 41.26 52.47 103.89
CA LYS E 207 40.66 53.00 102.67
C LYS E 207 41.44 52.54 101.43
N VAL E 208 42.77 52.54 101.52
CA VAL E 208 43.58 52.08 100.39
C VAL E 208 43.42 50.58 100.19
N PHE E 209 43.34 49.82 101.29
CA PHE E 209 43.23 48.37 101.22
C PHE E 209 41.76 47.98 101.21
N THR E 210 41.17 48.01 100.02
CA THR E 210 39.75 47.69 99.88
C THR E 210 39.47 46.22 100.23
N GLN E 211 40.32 45.31 99.76
CA GLN E 211 40.14 43.88 99.97
C GLN E 211 40.98 43.34 101.12
N GLY E 212 41.59 44.21 101.92
CA GLY E 212 42.40 43.76 103.05
C GLY E 212 43.74 43.23 102.59
N LEU E 213 44.53 42.80 103.57
CA LEU E 213 45.88 42.30 103.36
C LEU E 213 46.12 41.05 104.21
N ASN E 214 45.18 40.11 104.17
CA ASN E 214 45.32 38.91 105.01
C ASN E 214 46.08 37.89 104.18
N ILE E 215 47.41 38.04 104.17
CA ILE E 215 48.27 37.20 103.34
C ILE E 215 48.10 35.74 103.70
N LEU E 216 47.92 35.44 104.99
CA LEU E 216 47.80 34.04 105.41
C LEU E 216 46.54 33.40 104.84
N GLU E 217 45.39 34.08 104.89
CA GLU E 217 44.19 33.48 104.35
C GLU E 217 44.28 33.37 102.84
N TRP E 218 44.89 34.37 102.18
CA TRP E 218 45.08 34.26 100.73
C TRP E 218 45.93 33.04 100.38
N LEU E 219 46.99 32.80 101.14
CA LEU E 219 47.86 31.66 100.86
C LEU E 219 47.15 30.34 101.16
N GLU E 220 46.44 30.27 102.28
CA GLU E 220 45.75 29.04 102.65
C GLU E 220 44.66 28.68 101.66
N ASN E 221 43.93 29.68 101.16
CA ASN E 221 42.81 29.47 100.24
C ASN E 221 43.09 30.24 98.96
N PRO E 222 43.78 29.64 97.99
CA PRO E 222 44.00 30.33 96.70
C PRO E 222 42.70 30.60 95.95
N SER E 223 41.61 29.90 96.27
CA SER E 223 40.38 30.07 95.52
C SER E 223 39.84 31.50 95.63
N ASN E 224 39.90 32.08 96.83
CA ASN E 224 39.34 33.39 97.09
C ASN E 224 40.40 34.50 97.12
N THR E 225 41.58 34.24 96.55
CA THR E 225 42.63 35.25 96.54
C THR E 225 42.18 36.46 95.71
N PRO E 226 42.69 37.65 96.00
CA PRO E 226 42.31 38.82 95.20
C PRO E 226 42.78 38.69 93.75
N ASP E 227 42.26 39.59 92.92
CA ASP E 227 42.62 39.60 91.51
C ASP E 227 44.05 40.09 91.34
N LYS E 228 44.62 39.76 90.18
CA LYS E 228 46.01 40.10 89.91
C LYS E 228 46.25 41.60 89.90
N ASP E 229 45.25 42.38 89.47
CA ASP E 229 45.43 43.83 89.46
C ASP E 229 45.54 44.38 90.87
N TYR E 230 44.66 43.94 91.77
CA TYR E 230 44.74 44.36 93.16
C TYR E 230 46.04 43.90 93.80
N LEU E 231 46.47 42.67 93.49
CA LEU E 231 47.74 42.19 94.03
C LEU E 231 48.90 43.03 93.52
N LEU E 232 48.87 43.42 92.24
CA LEU E 232 49.95 44.18 91.64
C LEU E 232 49.94 45.64 92.04
N SER E 233 48.83 46.14 92.59
CA SER E 233 48.81 47.49 93.13
C SER E 233 49.90 47.65 94.20
N ILE E 234 50.55 48.81 94.19
CA ILE E 234 51.78 48.97 94.99
C ILE E 234 51.56 48.82 96.49
N PRO E 235 50.41 49.19 97.08
CA PRO E 235 50.27 48.93 98.53
C PRO E 235 50.37 47.46 98.87
N ILE E 236 50.03 46.58 97.94
CA ILE E 236 50.26 45.15 98.11
C ILE E 236 51.64 44.76 97.60
N SER E 237 51.99 45.22 96.40
CA SER E 237 53.18 44.71 95.71
C SER E 237 54.46 45.00 96.49
N CYS E 238 54.59 46.21 97.05
CA CYS E 238 55.81 46.55 97.77
C CYS E 238 56.05 45.66 98.98
N PRO E 239 55.18 45.64 99.99
CA PRO E 239 55.45 44.77 101.15
C PRO E 239 55.51 43.29 100.78
N LEU E 240 54.70 42.84 99.83
CA LEU E 240 54.71 41.43 99.47
C LEU E 240 55.98 41.06 98.72
N ILE E 241 56.48 41.94 97.85
CA ILE E 241 57.76 41.67 97.21
C ILE E 241 58.87 41.66 98.25
N GLY E 242 58.78 42.53 99.25
CA GLY E 242 59.73 42.48 100.34
C GLY E 242 59.69 41.16 101.09
N VAL E 243 58.48 40.67 101.38
CA VAL E 243 58.32 39.40 102.06
C VAL E 243 58.91 38.28 101.22
N ILE E 244 58.74 38.36 99.90
CA ILE E 244 59.25 37.32 99.01
C ILE E 244 60.77 37.31 99.04
N GLN E 245 61.38 38.49 98.96
CA GLN E 245 62.84 38.57 99.01
C GLN E 245 63.38 38.07 100.34
N LEU E 246 62.73 38.46 101.44
CA LEU E 246 63.17 38.01 102.76
C LEU E 246 62.97 36.51 102.90
N ALA E 247 61.93 35.96 102.29
CA ALA E 247 61.73 34.51 102.31
C ALA E 247 62.84 33.80 101.55
N HIS E 248 63.25 34.34 100.41
CA HIS E 248 64.37 33.75 99.68
C HIS E 248 65.63 33.78 100.53
N TYR E 249 65.87 34.91 101.20
CA TYR E 249 67.04 35.03 102.06
C TYR E 249 66.98 34.02 103.20
N VAL E 250 65.81 33.86 103.82
CA VAL E 250 65.66 32.93 104.93
C VAL E 250 65.88 31.50 104.46
N VAL E 251 65.31 31.15 103.30
CA VAL E 251 65.48 29.79 102.78
C VAL E 251 66.95 29.51 102.52
N THR E 252 67.64 30.47 101.87
CA THR E 252 69.06 30.29 101.60
C THR E 252 69.85 30.11 102.90
N ALA E 253 69.65 31.01 103.86
CA ALA E 253 70.41 30.96 105.11
C ALA E 253 70.14 29.68 105.88
N LYS E 254 68.88 29.25 105.95
CA LYS E 254 68.55 28.07 106.72
C LYS E 254 69.06 26.80 106.05
N LEU E 255 68.85 26.68 104.74
CA LEU E 255 69.31 25.48 104.04
C LEU E 255 70.83 25.36 104.06
N LEU E 256 71.53 26.51 104.05
CA LEU E 256 72.98 26.47 104.16
C LEU E 256 73.47 26.41 105.60
N GLY E 257 72.59 26.61 106.58
CA GLY E 257 72.97 26.54 107.97
C GLY E 257 73.55 27.81 108.55
N PHE E 258 73.73 28.85 107.75
CA PHE E 258 74.19 30.13 108.26
C PHE E 258 73.02 30.90 108.86
N THR E 259 73.30 31.63 109.94
CA THR E 259 72.39 32.64 110.40
C THR E 259 72.48 33.86 109.49
N PRO E 260 71.48 34.75 109.50
CA PRO E 260 71.53 35.90 108.58
C PRO E 260 72.78 36.75 108.74
N GLY E 261 73.28 36.89 109.97
CA GLY E 261 74.49 37.67 110.16
C GLY E 261 75.70 37.07 109.46
N GLU E 262 75.89 35.75 109.59
CA GLU E 262 77.03 35.12 108.93
C GLU E 262 76.85 35.08 107.42
N LEU E 263 75.62 34.88 106.93
CA LEU E 263 75.42 34.94 105.48
C LEU E 263 75.75 36.33 104.96
N ARG E 264 75.31 37.37 105.66
CA ARG E 264 75.63 38.74 105.26
C ARG E 264 77.13 38.99 105.30
N SER E 265 77.80 38.51 106.35
CA SER E 265 79.25 38.71 106.45
C SER E 265 79.97 38.02 105.31
N TYR E 266 79.49 36.84 104.90
CA TYR E 266 80.07 36.18 103.74
C TYR E 266 79.81 36.96 102.47
N LEU E 267 78.66 37.61 102.36
CA LEU E 267 78.40 38.48 101.21
C LEU E 267 79.41 39.62 101.17
N LYS E 268 79.99 39.87 99.98
CA LYS E 268 80.87 41.01 99.81
C LYS E 268 80.10 42.32 99.75
N GLY E 269 78.87 42.31 99.24
CA GLY E 269 78.09 43.53 99.17
C GLY E 269 76.62 43.23 99.01
N ALA E 270 75.83 44.31 99.01
CA ALA E 270 74.39 44.19 98.85
C ALA E 270 73.87 45.43 98.14
N THR E 271 72.76 45.26 97.43
CA THR E 271 72.09 46.36 96.74
C THR E 271 70.75 45.86 96.20
N GLY E 272 70.04 46.76 95.54
CA GLY E 272 68.76 46.39 94.97
C GLY E 272 68.31 47.37 93.92
N HIS E 273 67.43 46.90 93.06
CA HIS E 273 66.84 47.69 91.99
C HIS E 273 65.61 48.40 92.55
N SER E 274 65.75 49.68 92.85
CA SER E 274 64.67 50.48 93.39
C SER E 274 64.16 49.90 94.71
N GLN E 275 63.11 49.09 94.67
CA GLN E 275 62.49 48.61 95.89
C GLN E 275 63.43 47.71 96.70
N GLY E 276 64.26 46.92 96.02
CA GLY E 276 65.09 45.95 96.72
C GLY E 276 66.16 46.57 97.60
N LEU E 277 66.40 47.88 97.48
CA LEU E 277 67.37 48.54 98.34
C LEU E 277 66.96 48.45 99.80
N VAL E 278 65.65 48.48 100.07
CA VAL E 278 65.17 48.32 101.44
C VAL E 278 65.56 46.95 101.98
N THR E 279 65.34 45.91 101.19
CA THR E 279 65.68 44.56 101.63
C THR E 279 67.19 44.41 101.80
N ALA E 280 67.98 45.03 100.91
CA ALA E 280 69.43 44.95 101.04
C ALA E 280 69.90 45.60 102.33
N VAL E 281 69.38 46.80 102.64
CA VAL E 281 69.75 47.45 103.89
C VAL E 281 69.25 46.64 105.07
N ALA E 282 68.13 45.95 104.91
CA ALA E 282 67.61 45.12 106.00
C ALA E 282 68.54 43.95 106.29
N ILE E 283 69.00 43.24 105.26
CA ILE E 283 69.90 42.12 105.49
C ILE E 283 71.22 42.63 106.07
N ALA E 284 71.67 43.80 105.61
CA ALA E 284 72.87 44.39 106.20
C ALA E 284 72.65 44.73 107.67
N GLU E 285 71.43 45.11 108.04
CA GLU E 285 71.07 45.35 109.42
C GLU E 285 71.06 44.07 110.25
N THR E 286 70.65 42.96 109.66
CA THR E 286 70.47 41.71 110.40
C THR E 286 71.76 41.29 111.09
N ASP E 287 71.61 40.73 112.29
CA ASP E 287 72.75 40.25 113.07
C ASP E 287 72.57 38.80 113.50
N SER E 288 71.34 38.43 113.85
CA SER E 288 71.05 37.07 114.29
C SER E 288 69.57 36.80 114.07
N TRP E 289 69.17 35.55 114.27
CA TRP E 289 67.78 35.17 114.07
C TRP E 289 66.86 35.91 115.02
N GLU E 290 67.35 36.25 116.22
CA GLU E 290 66.54 36.99 117.17
C GLU E 290 66.23 38.39 116.65
N SER E 291 67.26 39.12 116.21
CA SER E 291 67.08 40.45 115.63
C SER E 291 66.71 40.40 114.16
N PHE E 292 66.67 39.22 113.56
CA PHE E 292 66.25 39.11 112.17
C PHE E 292 64.80 39.56 112.01
N PHE E 293 63.95 39.24 112.99
CA PHE E 293 62.57 39.71 112.91
C PHE E 293 62.49 41.21 113.10
N VAL E 294 63.39 41.81 113.88
CA VAL E 294 63.43 43.26 113.98
C VAL E 294 63.76 43.87 112.61
N SER E 295 64.76 43.32 111.94
CA SER E 295 65.13 43.81 110.61
C SER E 295 63.98 43.62 109.62
N VAL E 296 63.31 42.46 109.69
CA VAL E 296 62.19 42.20 108.80
C VAL E 296 61.06 43.18 109.07
N ARG E 297 60.80 43.48 110.35
CA ARG E 297 59.77 44.44 110.69
C ARG E 297 60.09 45.81 110.11
N LYS E 298 61.36 46.23 110.23
CA LYS E 298 61.74 47.53 109.66
C LYS E 298 61.56 47.54 108.15
N ALA E 299 62.00 46.48 107.46
CA ALA E 299 61.88 46.43 106.01
C ALA E 299 60.43 46.45 105.57
N ILE E 300 59.59 45.63 106.21
CA ILE E 300 58.18 45.55 105.83
C ILE E 300 57.48 46.87 106.13
N THR E 301 57.81 47.50 107.26
CA THR E 301 57.22 48.79 107.56
C THR E 301 57.58 49.83 106.52
N VAL E 302 58.85 49.89 106.13
CA VAL E 302 59.28 50.87 105.13
C VAL E 302 58.56 50.62 103.81
N LEU E 303 58.53 49.37 103.37
CA LEU E 303 57.93 49.06 102.07
C LEU E 303 56.43 49.34 102.09
N PHE E 304 55.74 48.94 103.16
CA PHE E 304 54.32 49.17 103.25
C PHE E 304 54.00 50.67 103.27
N PHE E 305 54.80 51.45 104.00
CA PHE E 305 54.51 52.88 104.09
C PHE E 305 54.80 53.59 102.77
N ILE E 306 55.90 53.24 102.11
CA ILE E 306 56.17 53.88 100.82
C ILE E 306 55.09 53.50 99.82
N GLY E 307 54.65 52.24 99.82
CA GLY E 307 53.57 51.84 98.93
C GLY E 307 52.30 52.61 99.19
N VAL E 308 51.91 52.72 100.45
CA VAL E 308 50.66 53.41 100.79
C VAL E 308 50.75 54.88 100.41
N ARG E 309 51.85 55.54 100.76
CA ARG E 309 51.95 56.97 100.49
C ARG E 309 52.07 57.25 98.99
N CYS E 310 52.80 56.42 98.26
CA CYS E 310 52.89 56.61 96.81
C CYS E 310 51.55 56.39 96.14
N TYR E 311 50.79 55.37 96.59
CA TYR E 311 49.46 55.15 96.04
C TYR E 311 48.54 56.33 96.33
N GLU E 312 48.61 56.86 97.56
CA GLU E 312 47.79 58.01 97.91
C GLU E 312 48.17 59.23 97.09
N ALA E 313 49.47 59.41 96.83
CA ALA E 313 49.91 60.57 96.07
C ALA E 313 49.48 60.47 94.61
N TYR E 314 49.66 59.30 94.00
CA TYR E 314 49.28 59.08 92.61
C TYR E 314 48.54 57.74 92.48
N PRO E 315 47.27 57.69 92.90
CA PRO E 315 46.50 56.46 92.72
C PRO E 315 46.25 56.16 91.26
N ASN E 316 46.12 54.87 90.96
CA ASN E 316 45.84 54.45 89.59
C ASN E 316 44.41 54.82 89.22
N THR E 317 44.19 55.10 87.93
CA THR E 317 42.89 55.45 87.40
C THR E 317 42.64 54.67 86.12
N SER E 318 41.37 54.35 85.86
CA SER E 318 41.02 53.65 84.64
C SER E 318 41.28 54.53 83.43
N LEU E 319 41.90 53.96 82.41
CA LEU E 319 42.22 54.66 81.19
C LEU E 319 41.14 54.42 80.14
N PRO E 320 40.99 55.29 79.15
CA PRO E 320 39.91 55.10 78.17
C PRO E 320 40.05 53.78 77.44
N PRO E 321 38.94 53.08 77.20
CA PRO E 321 39.05 51.85 76.41
C PRO E 321 39.48 52.09 74.98
N SER E 322 39.32 53.30 74.46
CA SER E 322 39.90 53.59 73.15
C SER E 322 41.42 53.45 73.19
N ILE E 323 42.05 54.02 74.21
CA ILE E 323 43.50 53.89 74.35
C ILE E 323 43.88 52.43 74.59
N LEU E 324 43.13 51.74 75.46
CA LEU E 324 43.42 50.33 75.69
C LEU E 324 43.31 49.50 74.42
N GLU E 325 42.25 49.72 73.63
CA GLU E 325 42.04 48.94 72.42
C GLU E 325 43.12 49.23 71.40
N ASP E 326 43.53 50.50 71.26
CA ASP E 326 44.60 50.82 70.34
C ASP E 326 45.90 50.14 70.76
N SER E 327 46.22 50.20 72.05
CA SER E 327 47.44 49.56 72.54
C SER E 327 47.41 48.06 72.30
N LEU E 328 46.27 47.43 72.55
CA LEU E 328 46.17 45.99 72.36
C LEU E 328 46.23 45.63 70.88
N GLU E 329 45.58 46.42 70.02
CA GLU E 329 45.55 46.13 68.59
C GLU E 329 46.93 46.31 67.97
N ASN E 330 47.73 47.24 68.48
CA ASN E 330 49.05 47.51 67.92
C ASN E 330 50.14 46.68 68.60
N ASN E 331 49.78 45.49 69.09
CA ASN E 331 50.74 44.55 69.67
C ASN E 331 51.52 45.17 70.82
N GLU E 332 50.81 45.89 71.68
CA GLU E 332 51.36 46.51 72.88
C GLU E 332 50.59 46.03 74.09
N GLY E 333 51.25 46.04 75.25
CA GLY E 333 50.63 45.61 76.48
C GLY E 333 49.65 46.64 77.00
N VAL E 334 49.05 46.30 78.15
CA VAL E 334 48.17 47.27 78.80
C VAL E 334 48.99 48.48 79.23
N PRO E 335 48.53 49.72 79.01
CA PRO E 335 49.31 50.86 79.51
C PRO E 335 49.48 50.82 81.02
N SER E 336 50.65 51.23 81.48
CA SER E 336 51.00 51.26 82.88
C SER E 336 51.91 52.46 83.11
N PRO E 337 52.08 52.88 84.36
CA PRO E 337 52.89 54.09 84.62
C PRO E 337 54.38 53.92 84.31
N MET E 338 54.84 52.73 83.94
CA MET E 338 56.25 52.49 83.64
C MET E 338 56.36 51.74 82.32
N LEU E 339 57.11 52.30 81.38
CA LEU E 339 57.32 51.73 80.05
C LEU E 339 58.79 51.44 79.86
N SER E 340 59.13 50.18 79.64
CA SER E 340 60.50 49.76 79.41
C SER E 340 60.79 49.76 77.91
N ILE E 341 61.89 50.40 77.53
CA ILE E 341 62.33 50.52 76.14
C ILE E 341 63.70 49.85 76.04
N SER E 342 63.83 48.94 75.07
CA SER E 342 65.06 48.18 74.88
C SER E 342 65.57 48.39 73.47
N ASN E 343 66.88 48.25 73.30
CA ASN E 343 67.55 48.43 72.01
C ASN E 343 67.53 49.89 71.56
N LEU E 344 67.46 50.82 72.51
CA LEU E 344 67.58 52.25 72.23
C LEU E 344 68.51 52.85 73.26
N THR E 345 69.40 53.73 72.80
CA THR E 345 70.36 54.35 73.70
C THR E 345 69.72 55.45 74.53
N GLN E 346 70.42 55.85 75.59
CA GLN E 346 69.90 56.84 76.51
C GLN E 346 69.66 58.17 75.81
N GLU E 347 70.55 58.58 74.91
CA GLU E 347 70.39 59.86 74.24
C GLU E 347 69.10 59.90 73.42
N GLN E 348 68.82 58.83 72.69
CA GLN E 348 67.61 58.81 71.87
C GLN E 348 66.35 58.71 72.73
N VAL E 349 66.38 57.88 73.77
CA VAL E 349 65.23 57.79 74.66
C VAL E 349 64.98 59.14 75.32
N GLN E 350 66.05 59.83 75.73
CA GLN E 350 65.90 61.14 76.36
C GLN E 350 65.38 62.16 75.36
N ASP E 351 65.79 62.08 74.10
CA ASP E 351 65.26 63.00 73.10
C ASP E 351 63.77 62.79 72.89
N TYR E 352 63.33 61.54 72.81
CA TYR E 352 61.90 61.27 72.69
C TYR E 352 61.15 61.78 73.91
N VAL E 353 61.71 61.54 75.11
CA VAL E 353 61.10 62.02 76.34
C VAL E 353 61.02 63.53 76.34
N ASN E 354 62.05 64.20 75.81
CA ASN E 354 62.06 65.65 75.77
C ASN E 354 60.97 66.18 74.85
N LYS E 355 60.81 65.56 73.68
CA LYS E 355 59.72 65.96 72.78
C LYS E 355 58.37 65.79 73.46
N THR E 356 58.14 64.63 74.06
CA THR E 356 56.86 64.36 74.71
C THR E 356 56.65 65.32 75.88
N ASN E 357 57.69 65.63 76.63
CA ASN E 357 57.59 66.57 77.75
C ASN E 357 57.27 67.97 77.27
N SER E 358 57.92 68.41 76.19
CA SER E 358 57.64 69.73 75.64
C SER E 358 56.19 69.84 75.19
N HIS E 359 55.65 68.75 74.64
CA HIS E 359 54.28 68.78 74.12
C HIS E 359 53.24 68.39 75.17
N LEU E 360 53.66 67.98 76.36
CA LEU E 360 52.77 67.71 77.49
C LEU E 360 52.86 68.85 78.49
N PRO E 361 51.91 68.95 79.41
CA PRO E 361 52.00 69.97 80.46
C PRO E 361 52.96 69.57 81.57
N ALA E 362 53.16 70.50 82.51
CA ALA E 362 54.13 70.29 83.57
C ALA E 362 53.75 69.12 84.46
N GLY E 363 52.47 69.00 84.81
CA GLY E 363 52.05 67.96 85.73
C GLY E 363 52.04 66.56 85.16
N LYS E 364 51.94 66.42 83.84
CA LYS E 364 51.86 65.12 83.19
C LYS E 364 53.17 64.74 82.50
N GLN E 365 54.27 65.40 82.84
CA GLN E 365 55.53 65.14 82.17
C GLN E 365 56.07 63.77 82.55
N VAL E 366 56.86 63.20 81.64
CA VAL E 366 57.48 61.89 81.83
C VAL E 366 58.99 62.09 81.93
N GLU E 367 59.64 61.13 82.58
CA GLU E 367 61.09 61.16 82.72
C GLU E 367 61.61 59.74 82.82
N ILE E 368 62.89 59.57 82.52
CA ILE E 368 63.52 58.25 82.61
C ILE E 368 63.67 57.87 84.07
N SER E 369 63.23 56.67 84.40
CA SER E 369 63.24 56.17 85.78
C SER E 369 64.34 55.17 86.05
N LEU E 370 64.41 54.08 85.28
CA LEU E 370 65.39 53.02 85.47
C LEU E 370 66.31 53.01 84.26
N VAL E 371 67.57 53.38 84.47
CA VAL E 371 68.61 53.23 83.42
C VAL E 371 69.18 51.82 83.62
N ASN E 372 68.47 50.85 83.06
CA ASN E 372 68.85 49.46 83.27
C ASN E 372 70.14 49.09 82.55
N GLY E 373 70.41 49.72 81.41
CA GLY E 373 71.61 49.41 80.66
C GLY E 373 71.85 50.45 79.59
N ALA E 374 72.87 50.21 78.78
CA ALA E 374 73.17 51.11 77.68
C ALA E 374 72.01 51.16 76.69
N LYS E 375 71.42 49.99 76.38
CA LYS E 375 70.30 49.88 75.46
C LYS E 375 69.05 49.37 76.17
N ASN E 376 68.85 49.78 77.42
CA ASN E 376 67.71 49.31 78.21
C ASN E 376 67.39 50.39 79.23
N LEU E 377 66.26 51.06 79.05
CA LEU E 377 65.83 52.13 79.94
C LEU E 377 64.36 51.95 80.26
N VAL E 378 63.88 52.70 81.25
CA VAL E 378 62.47 52.71 81.62
C VAL E 378 62.04 54.14 81.88
N VAL E 379 60.90 54.52 81.31
CA VAL E 379 60.32 55.86 81.48
C VAL E 379 59.11 55.71 82.38
N SER E 380 59.02 56.56 83.40
CA SER E 380 57.93 56.55 84.35
C SER E 380 57.13 57.85 84.25
N GLY E 381 55.83 57.73 84.48
CA GLY E 381 54.95 58.87 84.43
C GLY E 381 53.50 58.45 84.32
N PRO E 382 52.61 59.38 83.98
CA PRO E 382 51.21 59.02 83.79
C PRO E 382 51.04 57.99 82.69
N PRO E 383 50.10 57.04 82.83
CA PRO E 383 49.89 56.10 81.71
C PRO E 383 49.48 56.79 80.42
N GLN E 384 48.74 57.89 80.48
CA GLN E 384 48.41 58.64 79.27
C GLN E 384 49.68 59.18 78.61
N SER E 385 50.57 59.78 79.39
CA SER E 385 51.81 60.32 78.84
C SER E 385 52.67 59.20 78.26
N LEU E 386 52.73 58.06 78.95
CA LEU E 386 53.53 56.95 78.43
C LEU E 386 52.90 56.38 77.16
N TYR E 387 51.58 56.38 77.07
CA TYR E 387 50.92 55.96 75.83
C TYR E 387 51.26 56.89 74.69
N GLY E 388 51.29 58.20 74.96
CA GLY E 388 51.69 59.14 73.92
C GLY E 388 53.13 58.94 73.48
N LEU E 389 54.01 58.71 74.44
CA LEU E 389 55.40 58.38 74.10
C LEU E 389 55.46 57.11 73.28
N ASN E 390 54.63 56.12 73.62
CA ASN E 390 54.59 54.88 72.86
C ASN E 390 54.11 55.13 71.44
N LEU E 391 53.14 56.02 71.26
CA LEU E 391 52.68 56.36 69.91
C LEU E 391 53.80 57.01 69.12
N THR E 392 54.54 57.93 69.72
CA THR E 392 55.66 58.55 69.03
C THR E 392 56.72 57.52 68.67
N LEU E 393 57.03 56.61 69.60
CA LEU E 393 58.03 55.58 69.34
C LEU E 393 57.57 54.64 68.24
N ARG E 394 56.27 54.32 68.21
CA ARG E 394 55.74 53.48 67.14
C ARG E 394 55.84 54.17 65.80
N LYS E 395 55.56 55.48 65.76
CA LYS E 395 55.75 56.24 64.53
C LYS E 395 57.20 56.23 64.09
N ALA E 396 58.13 56.26 65.04
CA ALA E 396 59.56 56.26 64.74
C ALA E 396 60.17 54.86 64.66
N LYS E 397 59.36 53.81 64.78
CA LYS E 397 59.84 52.43 64.85
C LYS E 397 59.51 51.70 63.56
N ALA E 398 60.48 50.93 63.05
CA ALA E 398 60.26 50.12 61.87
C ALA E 398 59.55 48.82 62.23
N PRO E 399 58.91 48.16 61.26
CA PRO E 399 58.27 46.88 61.55
C PRO E 399 59.28 45.84 62.04
N SER E 400 58.84 45.00 62.97
CA SER E 400 59.72 43.94 63.49
C SER E 400 60.05 42.93 62.39
N GLY E 401 59.09 42.64 61.52
CA GLY E 401 59.29 41.66 60.46
C GLY E 401 59.77 42.28 59.17
N LEU E 402 60.62 43.31 59.26
CA LEU E 402 61.20 43.97 58.10
C LEU E 402 62.59 43.39 57.83
N ASP E 403 62.85 43.05 56.57
CA ASP E 403 64.15 42.55 56.14
C ASP E 403 64.97 43.75 55.67
N GLN E 404 66.03 44.08 56.42
CA GLN E 404 66.89 45.22 56.12
C GLN E 404 68.30 44.79 55.75
N SER E 405 68.46 43.53 55.33
CA SER E 405 69.79 43.05 54.96
C SER E 405 70.32 43.73 53.70
N ARG E 406 69.42 44.21 52.84
CA ARG E 406 69.82 44.81 51.57
C ARG E 406 70.06 46.31 51.66
N ILE E 407 69.77 46.94 52.80
CA ILE E 407 69.93 48.38 52.96
C ILE E 407 71.26 48.63 53.66
N PRO E 408 71.99 49.70 53.36
CA PRO E 408 73.23 49.97 54.10
C PRO E 408 72.94 50.23 55.58
N PHE E 409 73.91 49.89 56.43
CA PHE E 409 73.70 49.95 57.87
C PHE E 409 73.36 51.37 58.33
N SER E 410 74.05 52.37 57.77
CA SER E 410 73.80 53.75 58.17
C SER E 410 72.37 54.17 57.83
N GLU E 411 71.86 53.71 56.69
CA GLU E 411 70.53 54.09 56.24
C GLU E 411 69.42 53.24 56.84
N ARG E 412 69.76 52.25 57.66
CA ARG E 412 68.75 51.37 58.23
C ARG E 412 67.92 52.08 59.30
N LYS E 413 66.60 51.86 59.25
CA LYS E 413 65.73 52.37 60.29
C LYS E 413 65.97 51.59 61.58
N LEU E 414 66.14 52.32 62.68
CA LEU E 414 66.42 51.68 63.95
C LEU E 414 65.16 50.99 64.49
N LYS E 415 65.29 49.72 64.85
CA LYS E 415 64.20 48.93 65.41
C LYS E 415 64.44 48.70 66.88
N PHE E 416 63.38 48.75 67.67
CA PHE E 416 63.47 48.57 69.11
C PHE E 416 62.14 48.04 69.63
N SER E 417 62.17 47.54 70.86
CA SER E 417 61.00 46.96 71.50
C SER E 417 60.66 47.74 72.77
N ASN E 418 59.40 48.16 72.88
CA ASN E 418 58.90 48.85 74.05
C ASN E 418 57.69 48.10 74.59
N ARG E 419 57.67 47.93 75.91
CA ARG E 419 56.56 47.23 76.56
C ARG E 419 56.30 47.85 77.92
N PHE E 420 55.05 47.78 78.35
CA PHE E 420 54.65 48.35 79.62
C PHE E 420 54.96 47.34 80.73
N LEU E 421 55.71 47.78 81.74
CA LEU E 421 56.09 46.86 82.80
C LEU E 421 54.88 46.56 83.70
N PRO E 422 54.87 45.41 84.38
CA PRO E 422 53.82 45.17 85.38
C PRO E 422 54.03 45.99 86.64
N VAL E 423 53.70 47.28 86.56
CA VAL E 423 53.78 48.19 87.69
C VAL E 423 52.48 48.99 87.74
N ALA E 424 52.13 49.45 88.95
CA ALA E 424 50.88 50.15 89.18
C ALA E 424 51.04 51.61 89.53
N SER E 425 52.26 52.06 89.83
CA SER E 425 52.52 53.47 90.10
C SER E 425 53.79 53.90 89.38
N PRO E 426 53.92 55.20 89.06
CA PRO E 426 55.13 55.69 88.35
C PRO E 426 56.31 55.95 89.28
N PHE E 427 57.07 54.90 89.56
CA PHE E 427 58.20 55.02 90.47
C PHE E 427 59.30 55.88 89.85
N HIS E 428 60.04 56.57 90.72
CA HIS E 428 61.13 57.46 90.31
C HIS E 428 60.60 58.57 89.40
N SER E 429 59.47 59.14 89.79
CA SER E 429 58.83 60.22 89.04
C SER E 429 58.58 61.41 89.96
N HIS E 430 58.43 62.58 89.34
CA HIS E 430 58.03 63.77 90.08
C HIS E 430 56.64 63.62 90.69
N LEU E 431 55.82 62.69 90.17
CA LEU E 431 54.48 62.51 90.70
C LEU E 431 54.49 62.02 92.15
N LEU E 432 55.52 61.28 92.53
CA LEU E 432 55.62 60.73 93.88
C LEU E 432 56.43 61.62 94.83
N VAL E 433 56.87 62.79 94.37
CA VAL E 433 57.62 63.69 95.24
C VAL E 433 56.85 64.05 96.51
N PRO E 434 55.57 64.46 96.45
CA PRO E 434 54.91 64.88 97.70
C PRO E 434 54.77 63.76 98.72
N ALA E 435 54.83 62.49 98.29
CA ALA E 435 54.82 61.38 99.23
C ALA E 435 56.12 61.24 99.99
N SER E 436 57.22 61.82 99.49
CA SER E 436 58.51 61.67 100.14
C SER E 436 58.50 62.31 101.52
N ASP E 437 57.97 63.53 101.62
CA ASP E 437 57.92 64.21 102.92
C ASP E 437 57.03 63.44 103.90
N LEU E 438 55.89 62.94 103.43
CA LEU E 438 55.01 62.16 104.29
C LEU E 438 55.72 60.92 104.79
N ILE E 439 56.42 60.21 103.90
CA ILE E 439 57.15 59.01 104.30
C ILE E 439 58.21 59.35 105.33
N ASN E 440 58.94 60.46 105.11
CA ASN E 440 60.00 60.84 106.03
C ASN E 440 59.44 61.16 107.41
N LYS E 441 58.34 61.92 107.46
CA LYS E 441 57.72 62.25 108.75
C LYS E 441 57.04 61.06 109.40
N ASP E 442 56.70 60.02 108.63
CA ASP E 442 55.98 58.88 109.19
C ASP E 442 56.88 57.74 109.61
N LEU E 443 58.05 57.57 108.98
CA LEU E 443 58.96 56.51 109.39
C LEU E 443 59.49 56.75 110.79
N VAL E 444 59.69 58.01 111.17
CA VAL E 444 60.14 58.31 112.52
C VAL E 444 59.04 57.98 113.53
N LYS E 445 57.77 58.21 113.16
CA LYS E 445 56.67 57.82 114.03
C LYS E 445 56.61 56.31 114.16
N ASN E 446 56.81 55.59 113.06
CA ASN E 446 56.85 54.13 113.11
C ASN E 446 58.12 53.59 113.76
N ASN E 447 59.10 54.45 114.03
CA ASN E 447 60.34 54.05 114.70
C ASN E 447 61.12 53.04 113.85
N VAL E 448 61.44 53.47 112.63
CA VAL E 448 62.20 52.66 111.68
C VAL E 448 63.28 53.55 111.09
N SER E 449 64.54 53.27 111.44
CA SER E 449 65.68 54.02 110.93
C SER E 449 66.86 53.08 110.77
N PHE E 450 67.69 53.36 109.77
CA PHE E 450 68.88 52.56 109.48
C PHE E 450 70.11 53.38 109.82
N ASN E 451 71.04 52.78 110.55
CA ASN E 451 72.27 53.44 110.99
C ASN E 451 73.47 52.85 110.26
N ALA E 452 74.38 53.73 109.85
CA ALA E 452 75.58 53.29 109.14
C ALA E 452 76.42 52.38 110.02
N LYS E 453 76.54 52.70 111.30
CA LYS E 453 77.32 51.85 112.20
C LYS E 453 76.70 50.46 112.32
N ASP E 454 75.36 50.38 112.39
CA ASP E 454 74.70 49.08 112.45
C ASP E 454 74.90 48.32 111.14
N ILE E 455 74.87 49.02 110.01
CA ILE E 455 75.19 48.39 108.73
C ILE E 455 76.66 48.02 108.72
N GLN E 456 76.95 46.77 108.38
CA GLN E 456 78.33 46.26 108.39
C GLN E 456 78.75 45.67 107.04
N ILE E 457 77.99 45.90 105.97
CA ILE E 457 78.45 45.62 104.62
C ILE E 457 78.06 46.78 103.72
N PRO E 458 78.84 47.03 102.67
CA PRO E 458 78.52 48.16 101.79
C PRO E 458 77.19 47.95 101.08
N VAL E 459 76.39 49.02 101.02
CA VAL E 459 75.14 49.03 100.28
C VAL E 459 75.22 50.17 99.27
N TYR E 460 75.06 49.84 98.00
CA TYR E 460 75.31 50.79 96.93
C TYR E 460 74.03 51.55 96.60
N ASP E 461 74.10 52.88 96.70
CA ASP E 461 72.96 53.73 96.41
C ASP E 461 72.56 53.57 94.94
N THR E 462 71.25 53.42 94.71
CA THR E 462 70.78 53.13 93.35
C THR E 462 71.08 54.27 92.38
N PHE E 463 71.22 55.50 92.89
CA PHE E 463 71.41 56.65 91.99
C PHE E 463 72.86 56.78 91.54
N ASP E 464 73.77 57.03 92.48
CA ASP E 464 75.17 57.28 92.14
C ASP E 464 76.09 56.11 92.42
N GLY E 465 75.60 55.03 93.03
CA GLY E 465 76.43 53.89 93.35
C GLY E 465 77.28 54.03 94.59
N SER E 466 77.23 55.18 95.27
CA SER E 466 78.01 55.38 96.48
C SER E 466 77.48 54.51 97.60
N ASP E 467 78.38 54.18 98.54
CA ASP E 467 77.98 53.39 99.69
C ASP E 467 77.06 54.22 100.59
N LEU E 468 76.04 53.57 101.15
CA LEU E 468 75.11 54.25 102.04
C LEU E 468 75.68 54.46 103.43
N ARG E 469 76.72 53.72 103.82
CA ARG E 469 77.32 53.90 105.13
C ARG E 469 77.93 55.28 105.28
N VAL E 470 78.63 55.75 104.25
CA VAL E 470 79.35 57.03 104.33
C VAL E 470 78.46 58.23 104.08
N LEU E 471 77.15 58.03 103.92
CA LEU E 471 76.25 59.15 103.67
C LEU E 471 76.00 59.93 104.96
N SER E 472 76.21 61.25 104.88
CA SER E 472 75.99 62.09 106.05
C SER E 472 74.51 62.15 106.42
N GLY E 473 73.63 62.19 105.42
CA GLY E 473 72.22 62.28 105.66
C GLY E 473 71.60 60.97 106.10
N SER E 474 70.29 60.99 106.27
CA SER E 474 69.57 59.81 106.74
C SER E 474 69.51 58.75 105.65
N ILE E 475 69.90 57.53 106.00
CA ILE E 475 69.89 56.44 105.04
C ILE E 475 68.45 56.10 104.64
N SER E 476 67.53 56.15 105.59
CA SER E 476 66.12 55.90 105.27
C SER E 476 65.59 56.92 104.29
N GLU E 477 65.91 58.20 104.51
CA GLU E 477 65.50 59.24 103.58
C GLU E 477 66.12 59.01 102.21
N ARG E 478 67.39 58.60 102.17
CA ARG E 478 68.03 58.36 100.88
C ARG E 478 67.36 57.21 100.13
N ILE E 479 67.02 56.13 100.84
CA ILE E 479 66.35 55.01 100.17
C ILE E 479 64.98 55.45 99.66
N VAL E 480 64.25 56.23 100.45
CA VAL E 480 62.94 56.69 100.03
C VAL E 480 63.06 57.56 98.78
N ASP E 481 64.02 58.49 98.79
CA ASP E 481 64.23 59.35 97.63
C ASP E 481 64.64 58.54 96.42
N CYS E 482 65.46 57.51 96.62
CA CYS E 482 65.84 56.64 95.52
C CYS E 482 64.61 55.95 94.93
N ILE E 483 63.74 55.43 95.79
CA ILE E 483 62.62 54.63 95.30
C ILE E 483 61.60 55.51 94.59
N ILE E 484 61.31 56.70 95.13
CA ILE E 484 60.19 57.50 94.67
C ILE E 484 60.61 58.62 93.71
N ARG E 485 61.77 59.24 93.91
CA ARG E 485 62.17 60.45 93.20
C ARG E 485 63.33 60.22 92.24
N LEU E 486 64.49 59.72 92.74
CA LEU E 486 65.67 59.66 91.89
C LEU E 486 65.62 58.44 90.97
N PRO E 487 66.29 58.47 89.83
CA PRO E 487 66.31 57.30 88.94
C PRO E 487 67.30 56.24 89.43
N VAL E 488 67.21 55.07 88.81
CA VAL E 488 68.05 53.93 89.16
C VAL E 488 69.06 53.78 88.03
N LYS E 489 70.32 54.11 88.30
CA LYS E 489 71.41 53.95 87.35
C LYS E 489 72.10 52.63 87.68
N TRP E 490 71.52 51.54 87.14
CA TRP E 490 71.97 50.20 87.50
C TRP E 490 73.39 49.94 87.03
N GLU E 491 73.76 50.45 85.86
CA GLU E 491 75.14 50.31 85.40
C GLU E 491 76.09 51.01 86.36
N THR E 492 75.75 52.21 86.81
CA THR E 492 76.60 52.93 87.74
C THR E 492 76.75 52.17 89.06
N THR E 493 75.65 51.57 89.54
CA THR E 493 75.71 50.82 90.78
C THR E 493 76.40 49.47 90.64
N THR E 494 76.47 48.94 89.42
CA THR E 494 77.08 47.64 89.17
C THR E 494 78.60 47.76 88.95
N GLN E 495 79.20 48.86 89.38
CA GLN E 495 80.65 49.04 89.24
C GLN E 495 81.44 48.27 90.28
N PHE E 496 80.78 47.65 91.25
CA PHE E 496 81.50 46.84 92.23
C PHE E 496 82.17 45.65 91.55
N LYS E 497 83.33 45.26 92.08
CA LYS E 497 84.07 44.10 91.57
C LYS E 497 83.66 42.88 92.38
N ALA E 498 83.06 41.90 91.72
CA ALA E 498 82.65 40.67 92.37
C ALA E 498 82.54 39.57 91.32
N THR E 499 82.75 38.33 91.76
CA THR E 499 82.68 37.18 90.88
C THR E 499 81.29 36.56 90.82
N HIS E 500 80.51 36.65 91.90
CA HIS E 500 79.18 36.05 91.95
C HIS E 500 78.18 37.05 92.51
N ILE E 501 77.02 37.09 91.87
CA ILE E 501 75.92 37.97 92.23
C ILE E 501 74.69 37.12 92.50
N LEU E 502 74.16 37.22 93.72
CA LEU E 502 73.00 36.44 94.15
C LEU E 502 71.75 37.28 94.04
N ASP E 503 70.84 36.89 93.15
CA ASP E 503 69.62 37.63 92.88
C ASP E 503 68.47 37.02 93.66
N PHE E 504 67.91 37.78 94.61
CA PHE E 504 66.78 37.33 95.41
C PHE E 504 65.46 37.94 94.97
N GLY E 505 65.44 38.67 93.85
CA GLY E 505 64.26 39.41 93.46
C GLY E 505 63.22 38.51 92.83
N PRO E 506 62.06 39.10 92.54
CA PRO E 506 61.01 38.35 91.84
C PRO E 506 61.27 38.24 90.36
N GLY E 507 60.53 37.34 89.72
CA GLY E 507 60.60 37.11 88.29
C GLY E 507 61.49 35.95 87.89
N GLY E 508 62.41 35.53 88.76
CA GLY E 508 63.32 34.45 88.43
C GLY E 508 64.13 34.71 87.19
N ALA E 509 63.84 33.98 86.11
CA ALA E 509 64.52 34.23 84.84
C ALA E 509 64.18 35.60 84.28
N SER E 510 62.98 36.10 84.56
CA SER E 510 62.57 37.44 84.13
C SER E 510 62.90 38.50 85.18
N GLY E 511 63.62 38.14 86.24
CA GLY E 511 63.91 39.06 87.31
C GLY E 511 65.16 39.88 87.06
N LEU E 512 65.68 40.43 88.16
CA LEU E 512 66.84 41.31 88.09
C LEU E 512 68.13 40.55 87.80
N GLY E 513 68.19 39.27 88.15
CA GLY E 513 69.44 38.54 88.00
C GLY E 513 69.87 38.39 86.55
N VAL E 514 68.92 37.99 85.69
CA VAL E 514 69.27 37.81 84.28
C VAL E 514 69.61 39.14 83.62
N LEU E 515 68.92 40.21 84.03
CA LEU E 515 69.24 41.53 83.50
C LEU E 515 70.65 41.95 83.90
N THR E 516 71.01 41.72 85.16
CA THR E 516 72.37 42.03 85.61
C THR E 516 73.38 41.17 84.87
N HIS E 517 73.05 39.90 84.62
CA HIS E 517 73.95 39.05 83.85
C HIS E 517 74.17 39.59 82.46
N ARG E 518 73.09 40.04 81.80
CA ARG E 518 73.25 40.63 80.48
C ARG E 518 74.12 41.88 80.53
N ASN E 519 73.91 42.72 81.56
CA ASN E 519 74.70 43.94 81.67
C ASN E 519 76.18 43.63 81.87
N LYS E 520 76.49 42.65 82.71
CA LYS E 520 77.87 42.35 83.09
C LYS E 520 78.43 41.12 82.36
N ASP E 521 77.82 40.73 81.24
CA ASP E 521 78.29 39.56 80.51
C ASP E 521 79.69 39.79 79.95
N GLY E 522 80.53 38.77 80.03
CA GLY E 522 81.87 38.82 79.51
C GLY E 522 82.91 39.39 80.46
N THR E 523 82.49 39.89 81.62
CA THR E 523 83.41 40.39 82.64
C THR E 523 83.79 39.33 83.66
N GLY E 524 83.36 38.08 83.46
CA GLY E 524 83.70 37.01 84.38
C GLY E 524 82.88 36.99 85.64
N VAL E 525 81.73 37.64 85.65
CA VAL E 525 80.86 37.71 86.82
C VAL E 525 79.69 36.78 86.62
N ARG E 526 79.59 35.78 87.49
CA ARG E 526 78.49 34.83 87.49
C ARG E 526 77.29 35.45 88.21
N VAL E 527 76.09 35.09 87.75
CA VAL E 527 74.85 35.52 88.38
C VAL E 527 74.01 34.29 88.67
N ILE E 528 73.59 34.14 89.93
CA ILE E 528 72.80 33.02 90.39
C ILE E 528 71.50 33.57 90.96
N VAL E 529 70.37 33.11 90.44
CA VAL E 529 69.05 33.54 90.88
C VAL E 529 68.54 32.52 91.90
N ALA E 530 68.22 33.00 93.10
CA ALA E 530 67.74 32.16 94.19
C ALA E 530 66.21 32.09 94.25
N GLY E 531 65.52 32.77 93.34
CA GLY E 531 64.08 32.89 93.43
C GLY E 531 63.30 31.72 92.86
N THR E 532 63.94 30.91 92.01
CA THR E 532 63.26 29.79 91.39
C THR E 532 64.25 28.65 91.18
N LEU E 533 63.70 27.44 91.10
CA LEU E 533 64.47 26.22 90.89
C LEU E 533 64.24 25.78 89.45
N ASP E 534 65.28 25.89 88.62
CA ASP E 534 65.20 25.52 87.21
C ASP E 534 66.63 25.37 86.70
N ILE E 535 66.74 24.95 85.44
CA ILE E 535 68.03 24.76 84.78
C ILE E 535 68.08 25.65 83.55
N ASN E 536 69.24 26.26 83.31
CA ASN E 536 69.44 27.15 82.19
C ASN E 536 70.18 26.38 81.11
N PRO E 537 69.58 26.06 79.96
CA PRO E 537 70.33 25.31 78.94
C PRO E 537 71.59 26.02 78.47
N ASP E 538 71.56 27.34 78.34
CA ASP E 538 72.78 28.07 77.99
C ASP E 538 73.80 28.01 79.11
N ASP E 539 73.34 27.91 80.36
CA ASP E 539 74.21 27.84 81.54
C ASP E 539 75.01 29.12 81.76
N ASP E 540 74.59 30.23 81.15
CA ASP E 540 75.29 31.49 81.33
C ASP E 540 74.91 32.20 82.62
N TYR E 541 73.89 31.74 83.33
CA TYR E 541 73.60 32.21 84.68
C TYR E 541 73.11 31.04 85.51
N GLY E 542 73.35 31.12 86.82
CA GLY E 542 73.02 30.05 87.73
C GLY E 542 71.57 30.05 88.16
N PHE E 543 71.27 29.13 89.08
CA PHE E 543 69.93 28.98 89.63
C PHE E 543 70.07 28.57 91.09
N LYS E 544 68.92 28.34 91.74
CA LYS E 544 68.91 28.08 93.18
C LYS E 544 69.77 26.88 93.54
N GLN E 545 69.83 25.87 92.68
CA GLN E 545 70.60 24.67 92.99
C GLN E 545 72.09 24.96 93.06
N GLU E 546 72.56 25.92 92.26
CA GLU E 546 73.99 26.22 92.25
C GLU E 546 74.45 26.80 93.58
N ILE E 547 73.54 27.41 94.34
CA ILE E 547 73.91 27.98 95.63
C ILE E 547 74.21 26.87 96.62
N PHE E 548 73.35 25.85 96.67
CA PHE E 548 73.43 24.79 97.65
C PHE E 548 74.26 23.60 97.18
N ASP E 549 74.69 23.57 95.93
CA ASP E 549 75.53 22.48 95.44
C ASP E 549 76.86 22.49 96.18
N VAL E 550 77.41 21.29 96.41
CA VAL E 550 78.63 21.12 97.17
C VAL E 550 79.78 20.72 96.26
N THR E 551 79.46 20.15 95.09
CA THR E 551 80.48 19.65 94.18
C THR E 551 81.05 20.83 93.38
N SER E 552 81.89 20.52 92.39
CA SER E 552 82.42 21.56 91.53
C SER E 552 81.35 22.23 90.68
N ASN E 553 80.18 21.59 90.53
CA ASN E 553 79.10 22.20 89.77
C ASN E 553 78.62 23.49 90.43
N GLY E 554 78.67 23.56 91.76
CA GLY E 554 78.26 24.78 92.44
C GLY E 554 79.17 25.95 92.15
N LEU E 555 80.49 25.71 92.12
CA LEU E 555 81.47 26.76 91.88
C LEU E 555 81.66 26.91 90.36
N LYS E 556 80.84 27.78 89.78
CA LYS E 556 80.94 28.13 88.36
C LYS E 556 81.41 29.57 88.24
N LYS E 557 82.49 29.77 87.50
CA LYS E 557 82.99 31.10 87.17
C LYS E 557 82.61 31.41 85.74
N ASN E 558 81.92 32.53 85.54
CA ASN E 558 81.52 32.90 84.19
C ASN E 558 82.76 33.27 83.38
N PRO E 559 82.73 33.12 82.05
CA PRO E 559 83.93 33.39 81.26
C PRO E 559 84.31 34.87 81.31
N ASN E 560 85.60 35.12 81.45
CA ASN E 560 86.17 36.46 81.35
C ASN E 560 86.93 36.53 80.03
N TRP E 561 86.39 37.31 79.09
CA TRP E 561 86.96 37.33 77.75
C TRP E 561 88.36 37.92 77.74
N LEU E 562 88.61 38.91 78.60
CA LEU E 562 89.94 39.52 78.66
C LEU E 562 90.99 38.50 79.08
N GLU E 563 90.66 37.62 80.02
CA GLU E 563 91.62 36.66 80.56
C GLU E 563 91.54 35.31 79.85
N GLU E 564 90.33 34.83 79.58
CA GLU E 564 90.19 33.51 78.95
C GLU E 564 90.75 33.52 77.53
N TYR E 565 90.37 34.52 76.74
CA TYR E 565 90.88 34.67 75.37
C TYR E 565 92.00 35.70 75.31
N HIS E 566 92.82 35.75 76.34
CA HIS E 566 93.93 36.69 76.41
C HIS E 566 94.98 36.32 75.38
N PRO E 567 95.38 37.23 74.48
CA PRO E 567 96.54 36.92 73.62
C PRO E 567 97.81 36.89 74.45
N LYS E 568 98.74 36.03 74.04
CA LYS E 568 99.99 35.87 74.77
C LYS E 568 101.10 35.66 73.76
N LEU E 569 102.33 35.51 74.27
CA LEU E 569 103.50 35.25 73.45
C LEU E 569 104.09 33.90 73.83
N ILE E 570 104.60 33.18 72.84
CA ILE E 570 105.28 31.91 73.07
C ILE E 570 106.47 31.84 72.13
N LYS E 571 107.37 30.91 72.38
CA LYS E 571 108.53 30.70 71.51
C LYS E 571 108.86 29.21 71.46
N ASN E 572 109.57 28.83 70.40
CA ASN E 572 109.99 27.46 70.18
C ASN E 572 111.50 27.35 70.42
N LYS E 573 112.06 26.17 70.14
CA LYS E 573 113.49 25.98 70.32
C LYS E 573 114.30 26.93 69.45
N SER E 574 113.85 27.13 68.21
CA SER E 574 114.55 28.03 67.29
C SER E 574 114.52 29.48 67.75
N GLY E 575 113.67 29.83 68.71
CA GLY E 575 113.58 31.18 69.21
C GLY E 575 112.57 32.06 68.52
N LYS E 576 111.89 31.55 67.49
CA LYS E 576 110.89 32.36 66.80
C LYS E 576 109.73 32.66 67.74
N ILE E 577 109.35 33.94 67.83
CA ILE E 577 108.29 34.38 68.72
C ILE E 577 106.97 34.29 67.97
N PHE E 578 106.03 33.53 68.54
CA PHE E 578 104.69 33.37 67.99
C PHE E 578 103.70 34.05 68.91
N VAL E 579 102.68 34.67 68.31
CA VAL E 579 101.58 35.26 69.07
C VAL E 579 100.65 34.12 69.44
N GLU E 580 100.83 33.58 70.65
CA GLU E 580 99.99 32.51 71.16
C GLU E 580 98.56 33.01 71.27
N THR E 581 97.70 32.46 70.42
CA THR E 581 96.28 32.75 70.38
C THR E 581 95.61 31.51 69.83
N LYS E 582 94.32 31.32 70.12
CA LYS E 582 93.64 30.05 69.88
C LYS E 582 93.86 29.54 68.45
N PHE E 583 93.65 30.41 67.46
CA PHE E 583 93.87 30.03 66.07
C PHE E 583 95.33 29.67 65.82
N SER E 584 96.25 30.46 66.39
CA SER E 584 97.67 30.19 66.21
C SER E 584 98.07 28.87 66.84
N LYS E 585 97.50 28.55 68.01
CA LYS E 585 97.77 27.27 68.66
C LYS E 585 97.27 26.11 67.81
N LEU E 586 96.09 26.26 67.22
CA LEU E 586 95.57 25.19 66.37
C LEU E 586 96.45 24.98 65.15
N ILE E 587 96.84 26.07 64.47
CA ILE E 587 97.51 25.94 63.18
C ILE E 587 99.03 25.88 63.27
N GLY E 588 99.60 26.09 64.46
CA GLY E 588 101.05 26.09 64.58
C GLY E 588 101.72 27.18 63.77
N ARG E 589 101.07 28.33 63.62
CA ARG E 589 101.59 29.42 62.82
C ARG E 589 101.02 30.72 63.37
N PRO E 590 101.55 31.87 62.94
CA PRO E 590 101.04 33.14 63.45
C PRO E 590 99.58 33.32 63.09
N PRO E 591 98.82 34.08 63.92
CA PRO E 591 97.36 34.20 63.72
C PRO E 591 96.96 35.21 62.65
N LEU E 592 97.66 35.17 61.52
CA LEU E 592 97.39 36.03 60.37
C LEU E 592 97.24 35.12 59.15
N LEU E 593 96.28 35.43 58.29
CA LEU E 593 96.02 34.60 57.12
C LEU E 593 95.65 35.48 55.94
N VAL E 594 95.97 35.01 54.74
CA VAL E 594 95.57 35.65 53.50
C VAL E 594 94.30 34.95 53.02
N PRO E 595 93.14 35.61 53.03
CA PRO E 595 91.90 34.92 52.65
C PRO E 595 91.86 34.68 51.16
N GLY E 596 91.02 33.73 50.76
CA GLY E 596 90.84 33.42 49.36
C GLY E 596 90.39 34.63 48.58
N MET E 597 91.14 34.99 47.55
CA MET E 597 90.91 36.22 46.79
C MET E 597 90.98 35.91 45.30
N THR E 598 89.86 36.03 44.62
CA THR E 598 89.85 35.91 43.16
C THR E 598 90.11 37.28 42.54
N PRO E 599 91.16 37.45 41.71
CA PRO E 599 92.17 36.50 41.21
C PRO E 599 93.49 36.50 41.97
N CYS E 600 93.59 37.17 43.13
CA CYS E 600 94.89 37.38 43.75
C CYS E 600 95.50 36.07 44.24
N THR E 601 94.74 35.30 45.01
CA THR E 601 95.24 34.01 45.50
C THR E 601 95.01 32.87 44.53
N VAL E 602 94.42 33.15 43.35
CA VAL E 602 94.32 32.13 42.32
C VAL E 602 95.70 31.66 41.89
N SER E 603 96.66 32.57 41.83
CA SER E 603 98.00 32.25 41.38
C SER E 603 98.63 31.22 42.30
N PRO E 604 99.09 30.06 41.79
CA PRO E 604 99.86 29.16 42.66
C PRO E 604 101.11 29.79 43.22
N ASP E 605 101.75 30.69 42.48
CA ASP E 605 103.00 31.30 42.94
C ASP E 605 102.78 32.10 44.21
N PHE E 606 101.72 32.90 44.27
CA PHE E 606 101.47 33.72 45.45
C PHE E 606 101.12 32.87 46.66
N VAL E 607 100.31 31.83 46.46
CA VAL E 607 99.94 30.93 47.55
C VAL E 607 101.19 30.24 48.09
N ALA E 608 102.03 29.74 47.18
CA ALA E 608 103.27 29.10 47.61
C ALA E 608 104.19 30.07 48.33
N ALA E 609 104.27 31.31 47.84
CA ALA E 609 105.13 32.30 48.48
C ALA E 609 104.66 32.63 49.88
N THR E 610 103.35 32.80 50.07
CA THR E 610 102.83 33.06 51.41
C THR E 610 103.06 31.87 52.33
N THR E 611 102.82 30.65 51.84
CA THR E 611 103.04 29.48 52.66
C THR E 611 104.51 29.35 53.06
N ASN E 612 105.43 29.63 52.13
CA ASN E 612 106.85 29.62 52.46
C ASN E 612 107.18 30.70 53.47
N ALA E 613 106.57 31.88 53.35
CA ALA E 613 106.70 32.92 54.36
C ALA E 613 106.21 32.46 55.73
N GLY E 614 105.29 31.50 55.77
CA GLY E 614 104.85 30.92 57.03
C GLY E 614 103.56 31.48 57.54
N TYR E 615 102.66 31.89 56.65
CA TYR E 615 101.38 32.49 56.98
C TYR E 615 100.29 31.78 56.22
N THR E 616 99.17 31.52 56.89
CA THR E 616 98.07 30.79 56.27
C THR E 616 97.55 31.52 55.05
N ILE E 617 97.19 30.76 54.02
CA ILE E 617 96.66 31.33 52.79
C ILE E 617 95.72 30.32 52.15
N GLU E 618 94.69 30.85 51.49
CA GLU E 618 93.68 30.06 50.82
C GLU E 618 93.84 30.20 49.31
N LEU E 619 94.02 29.07 48.62
CA LEU E 619 93.99 29.02 47.17
C LEU E 619 92.53 29.15 46.76
N ALA E 620 92.20 30.23 46.07
CA ALA E 620 90.82 30.48 45.69
C ALA E 620 90.44 29.69 44.45
N GLY E 621 89.27 29.06 44.48
CA GLY E 621 88.75 28.35 43.34
C GLY E 621 88.05 29.22 42.33
N GLY E 622 87.96 30.54 42.57
CA GLY E 622 87.22 31.40 41.66
C GLY E 622 87.81 31.43 40.26
N GLY E 623 89.14 31.42 40.17
CA GLY E 623 89.80 31.41 38.88
C GLY E 623 89.92 30.05 38.23
N TYR E 624 89.43 29.00 38.89
CA TYR E 624 89.45 27.65 38.34
C TYR E 624 88.02 27.18 38.13
N PHE E 625 87.73 26.71 36.91
CA PHE E 625 86.40 26.28 36.52
C PHE E 625 86.31 24.78 36.30
N SER E 626 87.38 24.03 36.62
CA SER E 626 87.39 22.59 36.42
C SER E 626 88.26 21.95 37.48
N ALA E 627 87.90 20.72 37.85
CA ALA E 627 88.69 19.97 38.81
C ALA E 627 90.10 19.74 38.31
N ALA E 628 90.26 19.55 37.00
CA ALA E 628 91.60 19.37 36.44
C ALA E 628 92.46 20.61 36.63
N GLY E 629 91.90 21.79 36.36
CA GLY E 629 92.66 23.02 36.56
C GLY E 629 92.99 23.25 38.02
N MET E 630 92.02 23.01 38.91
CA MET E 630 92.28 23.17 40.33
C MET E 630 93.35 22.19 40.80
N THR E 631 93.30 20.95 40.31
CA THR E 631 94.31 19.96 40.69
C THR E 631 95.69 20.36 40.19
N ALA E 632 95.77 20.90 38.97
CA ALA E 632 97.05 21.37 38.45
C ALA E 632 97.60 22.49 39.32
N ALA E 633 96.73 23.43 39.70
CA ALA E 633 97.17 24.52 40.56
C ALA E 633 97.64 24.00 41.92
N ILE E 634 96.91 23.04 42.49
CA ILE E 634 97.28 22.50 43.79
C ILE E 634 98.61 21.76 43.69
N ASP E 635 98.82 21.01 42.61
CA ASP E 635 100.11 20.33 42.43
C ASP E 635 101.23 21.34 42.27
N SER E 636 100.99 22.44 41.57
CA SER E 636 102.00 23.48 41.46
C SER E 636 102.33 24.07 42.83
N VAL E 637 101.31 24.33 43.64
CA VAL E 637 101.55 24.86 44.99
C VAL E 637 102.36 23.87 45.81
N VAL E 638 102.00 22.58 45.73
CA VAL E 638 102.70 21.57 46.51
C VAL E 638 104.17 21.49 46.08
N SER E 639 104.42 21.54 44.77
CA SER E 639 105.79 21.51 44.28
C SER E 639 106.57 22.73 44.74
N GLN E 640 105.92 23.89 44.77
CA GLN E 640 106.61 25.13 45.13
C GLN E 640 106.86 25.27 46.63
N ILE E 641 106.00 24.72 47.49
CA ILE E 641 106.16 24.87 48.93
C ILE E 641 107.19 23.86 49.42
N GLU E 642 107.63 24.06 50.66
CA GLU E 642 108.62 23.19 51.30
C GLU E 642 107.92 21.98 51.92
N LYS E 643 108.75 21.03 52.38
CA LYS E 643 108.22 19.83 53.01
C LYS E 643 107.51 20.17 54.30
N GLY E 644 106.34 19.56 54.51
CA GLY E 644 105.55 19.79 55.70
C GLY E 644 104.68 21.03 55.66
N SER E 645 104.78 21.83 54.62
CA SER E 645 103.98 23.04 54.50
C SER E 645 102.53 22.70 54.19
N THR E 646 101.65 23.68 54.42
CA THR E 646 100.23 23.48 54.26
C THR E 646 99.56 24.77 53.79
N PHE E 647 98.40 24.61 53.18
CA PHE E 647 97.60 25.74 52.70
C PHE E 647 96.14 25.29 52.65
N GLY E 648 95.23 26.26 52.58
CA GLY E 648 93.82 25.97 52.49
C GLY E 648 93.28 26.21 51.09
N ILE E 649 92.01 25.85 50.91
CA ILE E 649 91.29 26.08 49.66
C ILE E 649 90.03 26.86 49.98
N ASN E 650 89.69 27.81 49.11
CA ASN E 650 88.52 28.67 49.30
C ASN E 650 87.53 28.43 48.17
N LEU E 651 86.26 28.29 48.54
CA LEU E 651 85.17 28.07 47.59
C LEU E 651 84.01 29.01 47.89
N ILE E 652 83.30 29.37 46.83
CA ILE E 652 82.15 30.25 46.92
C ILE E 652 80.89 29.39 46.96
N TYR E 653 79.99 29.70 47.89
CA TYR E 653 78.77 28.93 48.07
C TYR E 653 77.63 29.35 47.15
N VAL E 654 77.76 30.47 46.45
CA VAL E 654 76.66 30.96 45.62
C VAL E 654 76.52 30.19 44.32
N ASN E 655 77.59 29.55 43.83
CA ASN E 655 77.53 28.78 42.59
C ASN E 655 77.57 27.29 42.91
N PRO E 656 76.47 26.55 42.77
CA PRO E 656 76.51 25.12 43.10
C PRO E 656 77.49 24.31 42.25
N PHE E 657 77.77 24.76 41.02
CA PHE E 657 78.72 24.03 40.18
C PHE E 657 80.10 24.01 40.80
N MET E 658 80.52 25.14 41.39
CA MET E 658 81.81 25.21 42.07
C MET E 658 81.89 24.15 43.15
N LEU E 659 80.87 24.07 44.00
CA LEU E 659 80.87 23.07 45.07
C LEU E 659 80.87 21.66 44.47
N GLN E 660 80.08 21.45 43.42
CA GLN E 660 79.92 20.11 42.87
C GLN E 660 81.25 19.58 42.33
N TRP E 661 82.04 20.43 41.68
CA TRP E 661 83.35 19.96 41.21
C TRP E 661 84.45 20.09 42.25
N GLY E 662 84.26 20.90 43.30
CA GLY E 662 85.33 21.15 44.25
C GLY E 662 85.33 20.25 45.47
N ILE E 663 84.17 20.06 46.10
CA ILE E 663 84.11 19.23 47.31
C ILE E 663 84.54 17.80 47.02
N PRO E 664 84.07 17.13 45.96
CA PRO E 664 84.64 15.81 45.64
C PRO E 664 86.13 15.87 45.38
N LEU E 665 86.61 16.94 44.73
CA LEU E 665 88.04 17.07 44.49
C LEU E 665 88.81 17.20 45.80
N ILE E 666 88.28 17.99 46.74
CA ILE E 666 88.96 18.14 48.03
C ILE E 666 88.97 16.80 48.76
N LYS E 667 87.86 16.07 48.72
CA LYS E 667 87.82 14.75 49.37
C LYS E 667 88.84 13.81 48.73
N GLU E 668 88.93 13.82 47.40
CA GLU E 668 89.88 12.93 46.72
C GLU E 668 91.32 13.30 47.04
N LEU E 669 91.63 14.60 47.04
CA LEU E 669 92.99 15.03 47.35
C LEU E 669 93.35 14.73 48.80
N ARG E 670 92.39 14.87 49.72
CA ARG E 670 92.66 14.52 51.11
C ARG E 670 92.81 13.02 51.28
N SER E 671 92.09 12.22 50.49
CA SER E 671 92.33 10.79 50.48
C SER E 671 93.74 10.48 50.01
N LYS E 672 94.21 11.17 48.96
CA LYS E 672 95.60 11.03 48.55
C LYS E 672 96.58 11.63 49.55
N GLY E 673 96.11 12.42 50.51
CA GLY E 673 96.96 12.98 51.53
C GLY E 673 97.53 14.35 51.21
N TYR E 674 96.85 15.13 50.38
CA TYR E 674 97.39 16.42 49.98
C TYR E 674 97.38 17.39 51.15
N PRO E 675 98.30 18.36 51.18
CA PRO E 675 98.36 19.29 52.33
C PRO E 675 97.30 20.37 52.24
N ILE E 676 96.03 19.95 52.31
CA ILE E 676 94.89 20.86 52.33
C ILE E 676 94.50 20.97 53.79
N GLN E 677 95.03 22.00 54.48
CA GLN E 677 94.78 22.14 55.90
C GLN E 677 93.31 22.42 56.18
N PHE E 678 92.66 23.21 55.32
CA PHE E 678 91.29 23.63 55.61
C PHE E 678 90.59 24.05 54.34
N LEU E 679 89.27 24.08 54.42
CA LEU E 679 88.39 24.57 53.37
C LEU E 679 87.60 25.75 53.93
N THR E 680 87.67 26.88 53.23
CA THR E 680 86.92 28.08 53.57
C THR E 680 85.74 28.20 52.63
N ILE E 681 84.57 28.51 53.17
CA ILE E 681 83.35 28.73 52.40
C ILE E 681 82.97 30.20 52.55
N GLY E 682 82.95 30.91 51.42
CA GLY E 682 82.61 32.32 51.39
C GLY E 682 81.31 32.56 50.64
N ALA E 683 80.78 33.77 50.84
CA ALA E 683 79.54 34.20 50.18
C ALA E 683 78.38 33.28 50.54
N GLY E 684 78.32 32.84 51.79
CA GLY E 684 77.25 31.99 52.26
C GLY E 684 77.71 30.94 53.24
N VAL E 685 76.88 30.66 54.23
CA VAL E 685 77.16 29.62 55.24
C VAL E 685 76.41 28.36 54.82
N PRO E 686 77.08 27.21 54.68
CA PRO E 686 76.34 25.99 54.32
C PRO E 686 75.34 25.60 55.40
N SER E 687 74.30 24.90 54.98
CA SER E 687 73.33 24.38 55.93
C SER E 687 74.01 23.37 56.87
N LEU E 688 73.25 22.94 57.88
CA LEU E 688 73.81 22.00 58.86
C LEU E 688 74.22 20.70 58.19
N GLU E 689 73.37 20.17 57.31
CA GLU E 689 73.69 18.90 56.65
C GLU E 689 74.92 19.02 55.77
N VAL E 690 74.99 20.10 54.98
CA VAL E 690 76.14 20.29 54.08
C VAL E 690 77.42 20.48 54.88
N ALA E 691 77.35 21.26 55.96
CA ALA E 691 78.53 21.48 56.78
C ALA E 691 78.99 20.19 57.44
N SER E 692 78.04 19.38 57.92
CA SER E 692 78.39 18.08 58.49
C SER E 692 79.04 17.19 57.44
N GLU E 693 78.50 17.20 56.22
CA GLU E 693 79.09 16.40 55.16
C GLU E 693 80.52 16.83 54.89
N TYR E 694 80.77 18.13 54.80
CA TYR E 694 82.14 18.61 54.61
C TYR E 694 83.04 18.16 55.75
N ILE E 695 82.60 18.38 56.99
CA ILE E 695 83.43 18.11 58.16
C ILE E 695 83.79 16.64 58.23
N GLU E 696 82.82 15.76 57.95
CA GLU E 696 83.08 14.33 58.04
C GLU E 696 83.89 13.83 56.86
N THR E 697 83.41 14.09 55.64
CA THR E 697 84.02 13.48 54.46
C THR E 697 85.40 14.03 54.18
N LEU E 698 85.55 15.36 54.18
CA LEU E 698 86.80 15.94 53.71
C LEU E 698 87.97 15.62 54.64
N GLY E 699 87.70 15.44 55.94
CA GLY E 699 88.76 15.14 56.87
C GLY E 699 89.81 16.22 56.96
N LEU E 700 89.36 17.48 57.04
CA LEU E 700 90.27 18.61 57.13
C LEU E 700 90.61 18.90 58.59
N LYS E 701 91.64 19.70 58.80
CA LYS E 701 91.99 20.11 60.16
C LYS E 701 90.91 21.00 60.76
N TYR E 702 90.40 21.94 59.98
CA TYR E 702 89.34 22.82 60.45
C TYR E 702 88.58 23.37 59.25
N LEU E 703 87.38 23.86 59.50
CA LEU E 703 86.51 24.39 58.45
C LEU E 703 86.31 25.89 58.65
N GLY E 704 86.66 26.68 57.65
CA GLY E 704 86.46 28.12 57.69
C GLY E 704 85.13 28.49 57.07
N LEU E 705 84.42 29.41 57.73
CA LEU E 705 83.15 29.92 57.24
C LEU E 705 83.17 31.43 57.35
N LYS E 706 82.68 32.09 56.29
CA LYS E 706 82.64 33.55 56.24
C LYS E 706 81.20 34.04 56.33
N PRO E 707 80.63 34.06 57.55
CA PRO E 707 79.27 34.58 57.70
C PRO E 707 79.21 36.07 57.42
N GLY E 708 78.05 36.52 56.96
CA GLY E 708 77.86 37.91 56.60
C GLY E 708 77.06 38.71 57.61
N SER E 709 76.04 38.10 58.21
CA SER E 709 75.08 38.81 59.06
C SER E 709 74.81 37.97 60.30
N ILE E 710 73.82 38.42 61.09
CA ILE E 710 73.48 37.73 62.33
C ILE E 710 72.98 36.32 62.05
N ASP E 711 72.16 36.16 61.00
CA ASP E 711 71.68 34.83 60.66
C ASP E 711 72.83 33.91 60.27
N ALA E 712 73.79 34.42 59.51
CA ALA E 712 74.94 33.62 59.13
C ALA E 712 75.78 33.23 60.34
N ILE E 713 75.97 34.17 61.26
CA ILE E 713 76.73 33.86 62.47
C ILE E 713 75.99 32.83 63.31
N SER E 714 74.66 32.92 63.35
CA SER E 714 73.87 31.92 64.06
C SER E 714 74.02 30.55 63.42
N GLN E 715 74.04 30.50 62.08
CA GLN E 715 74.24 29.23 61.40
C GLN E 715 75.62 28.66 61.70
N VAL E 716 76.64 29.51 61.74
CA VAL E 716 77.99 29.05 62.07
C VAL E 716 78.01 28.50 63.50
N ILE E 717 77.33 29.19 64.42
CA ILE E 717 77.25 28.71 65.80
C ILE E 717 76.53 27.37 65.85
N ASN E 718 75.48 27.20 65.05
CA ASN E 718 74.77 25.93 65.01
C ASN E 718 75.66 24.82 64.49
N ILE E 719 76.46 25.10 63.47
CA ILE E 719 77.40 24.11 62.94
C ILE E 719 78.41 23.73 64.01
N ALA E 720 78.94 24.73 64.72
CA ALA E 720 79.89 24.44 65.80
C ALA E 720 79.25 23.60 66.90
N LYS E 721 78.00 23.91 67.24
CA LYS E 721 77.28 23.11 68.23
C LYS E 721 77.10 21.68 67.74
N ALA E 722 76.78 21.50 66.47
CA ALA E 722 76.60 20.16 65.92
C ALA E 722 77.92 19.38 65.91
N HIS E 723 79.04 20.07 65.74
CA HIS E 723 80.36 19.44 65.71
C HIS E 723 81.27 20.16 66.70
N PRO E 724 81.05 19.96 68.01
CA PRO E 724 81.86 20.69 68.99
C PRO E 724 83.33 20.32 68.97
N ASN E 725 83.67 19.12 68.51
CA ASN E 725 85.07 18.70 68.49
C ASN E 725 85.81 19.32 67.32
N PHE E 726 85.13 19.56 66.20
CA PHE E 726 85.80 20.01 64.99
C PHE E 726 85.99 21.53 65.02
N PRO E 727 87.22 22.04 64.80
CA PRO E 727 87.39 23.49 64.83
C PRO E 727 86.75 24.19 63.62
N ILE E 728 86.04 25.28 63.91
CA ILE E 728 85.38 26.09 62.91
C ILE E 728 85.95 27.50 62.99
N ALA E 729 86.53 27.97 61.90
CA ALA E 729 87.12 29.31 61.84
C ALA E 729 86.07 30.28 61.29
N LEU E 730 85.45 31.04 62.19
CA LEU E 730 84.49 32.07 61.82
C LEU E 730 85.29 33.28 61.39
N GLN E 731 85.41 33.48 60.07
CA GLN E 731 86.13 34.61 59.50
C GLN E 731 85.13 35.75 59.28
N TRP E 732 84.89 36.50 60.35
CA TRP E 732 83.96 37.61 60.28
C TRP E 732 84.57 38.74 59.48
N THR E 733 83.80 39.28 58.54
CA THR E 733 84.22 40.40 57.73
C THR E 733 83.01 41.32 57.53
N GLY E 734 83.17 42.59 57.89
CA GLY E 734 82.12 43.56 57.71
C GLY E 734 81.99 43.98 56.25
N GLY E 735 80.99 44.82 56.01
CA GLY E 735 80.77 45.33 54.67
C GLY E 735 81.91 46.18 54.13
N ARG E 736 82.73 46.73 55.03
CA ARG E 736 83.85 47.57 54.63
C ARG E 736 84.97 46.79 53.94
N GLY E 737 84.92 45.46 53.93
CA GLY E 737 85.94 44.69 53.27
C GLY E 737 85.89 44.83 51.76
N GLY E 738 87.01 44.51 51.12
CA GLY E 738 87.11 44.58 49.68
C GLY E 738 86.38 43.44 49.00
N GLY E 739 86.34 43.52 47.67
CA GLY E 739 85.67 42.51 46.88
C GLY E 739 84.19 42.46 47.21
N HIS E 740 83.61 41.26 47.13
CA HIS E 740 82.23 41.07 47.54
C HIS E 740 82.09 41.40 49.00
N HIS E 741 81.00 42.09 49.35
CA HIS E 741 80.79 42.51 50.73
C HIS E 741 79.30 42.60 51.00
N SER E 742 78.95 42.55 52.28
CA SER E 742 77.58 42.68 52.74
C SER E 742 77.33 44.13 53.17
N PHE E 743 76.11 44.39 53.63
CA PHE E 743 75.72 45.71 54.11
C PHE E 743 75.90 45.87 55.61
N GLU E 744 76.39 44.84 56.30
CA GLU E 744 76.47 44.88 57.76
C GLU E 744 77.72 45.62 58.21
N ASP E 745 77.61 46.28 59.36
CA ASP E 745 78.76 46.94 59.97
C ASP E 745 79.75 45.90 60.47
N ALA E 746 81.01 46.29 60.51
CA ALA E 746 82.06 45.39 60.98
C ALA E 746 82.05 45.18 62.49
N HIS E 747 81.53 46.14 63.26
CA HIS E 747 81.66 46.15 64.71
C HIS E 747 80.41 45.68 65.43
N THR E 748 79.26 46.27 65.15
CA THR E 748 78.05 45.96 65.93
C THR E 748 77.67 44.49 65.90
N PRO E 749 77.69 43.78 64.77
CA PRO E 749 77.30 42.36 64.81
C PRO E 749 78.20 41.54 65.73
N MET E 750 79.49 41.88 65.77
CA MET E 750 80.38 41.21 66.73
C MET E 750 79.97 41.54 68.15
N LEU E 751 79.60 42.79 68.42
CA LEU E 751 79.14 43.15 69.76
C LEU E 751 77.91 42.33 70.15
N GLN E 752 77.03 42.05 69.20
CA GLN E 752 75.85 41.25 69.52
C GLN E 752 76.21 39.79 69.74
N MET E 753 77.04 39.21 68.87
CA MET E 753 77.17 37.75 68.77
C MET E 753 78.46 37.21 69.40
N TYR E 754 79.28 38.06 70.01
CA TYR E 754 80.55 37.57 70.55
C TYR E 754 80.33 36.59 71.69
N SER E 755 79.37 36.89 72.58
CA SER E 755 79.10 35.99 73.70
C SER E 755 78.64 34.63 73.21
N LYS E 756 77.74 34.61 72.22
CA LYS E 756 77.27 33.34 71.67
C LYS E 756 78.40 32.59 70.98
N ILE E 757 79.27 33.32 70.27
CA ILE E 757 80.38 32.68 69.58
C ILE E 757 81.33 32.03 70.58
N ARG E 758 81.70 32.78 71.63
CA ARG E 758 82.60 32.25 72.64
C ARG E 758 81.93 31.24 73.55
N ARG E 759 80.61 31.09 73.48
CA ARG E 759 79.95 30.01 74.21
C ARG E 759 80.41 28.64 73.69
N HIS E 760 80.93 28.59 72.46
CA HIS E 760 81.46 27.36 71.88
C HIS E 760 82.97 27.47 71.74
N PRO E 761 83.78 26.70 72.49
CA PRO E 761 85.24 26.90 72.41
C PRO E 761 85.85 26.53 71.07
N ASN E 762 85.15 25.76 70.23
CA ASN E 762 85.73 25.30 68.98
C ASN E 762 85.59 26.32 67.85
N ILE E 763 84.98 27.48 68.11
CA ILE E 763 84.89 28.54 67.12
C ILE E 763 86.06 29.49 67.32
N MET E 764 86.83 29.70 66.25
CA MET E 764 87.95 30.63 66.24
C MET E 764 87.53 31.90 65.50
N LEU E 765 87.56 33.03 66.20
CA LEU E 765 87.10 34.30 65.66
C LEU E 765 88.25 34.99 64.94
N ILE E 766 88.06 35.28 63.65
CA ILE E 766 89.05 35.97 62.84
C ILE E 766 88.41 37.24 62.30
N PHE E 767 89.03 38.38 62.54
CA PHE E 767 88.49 39.69 62.17
C PHE E 767 89.26 40.24 60.98
N GLY E 768 88.54 40.53 59.90
CA GLY E 768 89.11 41.14 58.72
C GLY E 768 88.36 42.41 58.36
N SER E 769 88.27 42.67 57.06
CA SER E 769 87.49 43.79 56.52
C SER E 769 88.00 45.13 57.05
N GLY E 770 89.21 45.49 56.60
CA GLY E 770 89.72 46.83 56.83
C GLY E 770 90.99 46.87 57.66
N PHE E 771 91.80 45.81 57.59
CA PHE E 771 93.03 45.70 58.36
C PHE E 771 94.21 45.63 57.39
N GLY E 772 95.24 46.41 57.68
CA GLY E 772 96.45 46.39 56.87
C GLY E 772 97.73 46.62 57.64
N SER E 773 97.68 46.58 58.97
CA SER E 773 98.85 46.84 59.78
C SER E 773 98.64 46.26 61.17
N ALA E 774 99.72 46.24 61.95
CA ALA E 774 99.63 45.79 63.34
C ALA E 774 98.99 46.84 64.23
N ASP E 775 99.16 48.13 63.91
CA ASP E 775 98.66 49.18 64.79
C ASP E 775 97.14 49.15 64.91
N ASP E 776 96.45 48.94 63.79
CA ASP E 776 94.99 48.94 63.79
C ASP E 776 94.39 47.58 64.14
N THR E 777 95.20 46.53 64.24
CA THR E 777 94.71 45.21 64.64
C THR E 777 95.02 44.89 66.09
N TYR E 778 96.03 45.53 66.69
CA TYR E 778 96.34 45.27 68.10
C TYR E 778 95.16 45.54 69.02
N PRO E 779 94.37 46.61 68.86
CA PRO E 779 93.18 46.74 69.72
C PRO E 779 92.21 45.58 69.59
N TYR E 780 92.11 45.00 68.40
CA TYR E 780 91.24 43.84 68.22
C TYR E 780 91.87 42.58 68.79
N LEU E 781 93.20 42.48 68.73
CA LEU E 781 93.88 41.35 69.34
C LEU E 781 93.71 41.35 70.85
N THR E 782 93.99 42.48 71.49
CA THR E 782 93.82 42.63 72.93
C THR E 782 92.36 42.75 73.35
N GLY E 783 91.46 43.08 72.42
CA GLY E 783 90.07 43.23 72.73
C GLY E 783 89.66 44.59 73.25
N GLU E 784 90.60 45.53 73.43
CA GLU E 784 90.26 46.83 73.95
C GLU E 784 89.47 47.69 72.96
N TRP E 785 89.28 47.21 71.73
CA TRP E 785 88.46 47.95 70.77
C TRP E 785 87.05 48.17 71.29
N SER E 786 86.55 47.26 72.14
CA SER E 786 85.20 47.36 72.67
C SER E 786 85.10 48.28 73.88
N THR E 787 86.23 48.64 74.51
CA THR E 787 86.16 49.50 75.69
C THR E 787 85.63 50.88 75.32
N LYS E 788 85.94 51.36 74.12
CA LYS E 788 85.39 52.62 73.66
C LYS E 788 83.90 52.53 73.35
N PHE E 789 83.38 51.31 73.21
CA PHE E 789 81.99 51.09 72.81
C PHE E 789 81.11 50.70 73.99
N ASP E 790 81.54 50.98 75.22
CA ASP E 790 80.78 50.63 76.42
C ASP E 790 80.55 49.12 76.51
N TYR E 791 81.58 48.35 76.19
CA TYR E 791 81.56 46.90 76.26
C TYR E 791 82.85 46.42 76.90
N PRO E 792 82.86 45.20 77.44
CA PRO E 792 84.10 44.65 78.00
C PRO E 792 85.06 44.26 76.89
N PRO E 793 86.32 43.96 77.22
CA PRO E 793 87.28 43.58 76.17
C PRO E 793 86.82 42.36 75.40
N MET E 794 87.12 42.35 74.10
CA MET E 794 86.65 41.31 73.17
C MET E 794 87.82 40.86 72.31
N PRO E 795 88.73 40.05 72.86
CA PRO E 795 89.84 39.57 72.05
C PRO E 795 89.37 38.70 70.90
N PHE E 796 90.10 38.77 69.78
CA PHE E 796 89.83 37.99 68.59
C PHE E 796 90.99 37.04 68.33
N ASP E 797 90.66 35.87 67.78
CA ASP E 797 91.65 34.79 67.66
C ASP E 797 92.57 34.96 66.46
N GLY E 798 92.24 35.82 65.51
CA GLY E 798 93.10 36.00 64.35
C GLY E 798 92.61 37.15 63.50
N PHE E 799 93.34 37.39 62.42
CA PHE E 799 93.00 38.44 61.47
C PHE E 799 93.30 37.97 60.07
N LEU E 800 92.60 38.56 59.10
CA LEU E 800 92.83 38.30 57.68
C LEU E 800 92.97 39.62 56.95
N PHE E 801 94.02 39.73 56.14
CA PHE E 801 94.37 40.96 55.42
C PHE E 801 94.21 40.67 53.94
N GLY E 802 93.04 40.99 53.38
CA GLY E 802 92.80 40.75 51.98
C GLY E 802 93.38 41.83 51.08
N SER E 803 92.88 43.06 51.20
CA SER E 803 93.30 44.12 50.31
C SER E 803 94.72 44.61 50.59
N ARG E 804 95.23 44.39 51.79
CA ARG E 804 96.56 44.89 52.14
C ARG E 804 97.65 44.22 51.30
N VAL E 805 97.44 42.97 50.86
CA VAL E 805 98.48 42.18 50.24
C VAL E 805 98.37 42.14 48.72
N MET E 806 97.44 42.91 48.13
CA MET E 806 97.27 42.82 46.67
C MET E 806 98.41 43.50 45.92
N ILE E 807 99.21 44.33 46.59
CA ILE E 807 100.36 44.96 45.96
C ILE E 807 101.66 44.30 46.43
N ALA E 808 101.61 43.04 46.86
CA ALA E 808 102.80 42.35 47.27
C ALA E 808 103.68 42.04 46.06
N LYS E 809 104.94 41.70 46.33
CA LYS E 809 105.86 41.37 45.26
C LYS E 809 105.42 40.11 44.51
N GLU E 810 104.93 39.11 45.25
CA GLU E 810 104.66 37.80 44.67
C GLU E 810 103.26 37.67 44.06
N VAL E 811 102.41 38.68 44.20
CA VAL E 811 101.09 38.62 43.60
C VAL E 811 101.18 38.94 42.11
N LYS E 812 100.32 38.33 41.32
CA LYS E 812 100.37 38.46 39.87
C LYS E 812 99.70 39.74 39.36
N THR E 813 99.24 40.61 40.26
CA THR E 813 98.69 41.89 39.84
C THR E 813 99.72 42.67 39.04
N SER E 814 99.26 43.32 37.96
CA SER E 814 100.18 44.01 37.08
C SER E 814 100.80 45.22 37.79
N PRO E 815 101.98 45.69 37.34
CA PRO E 815 102.56 46.87 37.99
C PRO E 815 101.67 48.09 37.96
N ASP E 816 100.99 48.34 36.85
CA ASP E 816 100.09 49.50 36.79
C ASP E 816 98.93 49.34 37.75
N ALA E 817 98.37 48.12 37.85
CA ALA E 817 97.29 47.88 38.79
C ALA E 817 97.77 48.07 40.23
N LYS E 818 99.00 47.66 40.52
CA LYS E 818 99.57 47.92 41.84
C LYS E 818 99.71 49.41 42.10
N LYS E 819 100.14 50.15 41.09
CA LYS E 819 100.25 51.60 41.23
C LYS E 819 98.88 52.22 41.52
N CYS E 820 97.86 51.77 40.82
CA CYS E 820 96.51 52.27 41.06
C CYS E 820 96.05 51.94 42.48
N ILE E 821 96.30 50.72 42.93
CA ILE E 821 95.92 50.30 44.27
C ILE E 821 96.60 51.18 45.31
N ALA E 822 97.90 51.42 45.13
CA ALA E 822 98.61 52.31 46.04
C ALA E 822 98.08 53.73 45.95
N ALA E 823 97.63 54.15 44.78
CA ALA E 823 97.08 55.49 44.62
C ALA E 823 95.78 55.66 45.38
N CYS E 824 95.00 54.58 45.53
CA CYS E 824 93.81 54.64 46.36
C CYS E 824 94.19 55.03 47.78
N THR E 825 93.73 56.20 48.22
CA THR E 825 94.10 56.71 49.55
C THR E 825 93.30 56.06 50.67
N GLY E 826 92.17 55.44 50.38
CA GLY E 826 91.35 54.82 51.40
C GLY E 826 90.50 55.81 52.14
N VAL E 827 89.71 55.29 53.08
CA VAL E 827 88.77 56.11 53.84
C VAL E 827 88.60 55.48 55.22
N PRO E 828 88.45 56.26 56.30
CA PRO E 828 88.23 55.64 57.62
C PRO E 828 86.96 54.82 57.65
N ASP E 829 86.82 54.05 58.74
CA ASP E 829 85.71 53.11 58.86
C ASP E 829 84.36 53.83 58.88
N ASP E 830 84.27 54.93 59.64
CA ASP E 830 82.97 55.58 59.82
C ASP E 830 82.42 56.15 58.52
N LYS E 831 83.26 56.33 57.50
CA LYS E 831 82.82 56.84 56.20
C LYS E 831 82.81 55.78 55.12
N TRP E 832 82.99 54.50 55.47
CA TRP E 832 83.00 53.46 54.44
C TRP E 832 81.66 53.35 53.75
N GLU E 833 80.56 53.67 54.45
CA GLU E 833 79.23 53.56 53.86
C GLU E 833 79.06 54.46 52.64
N GLN E 834 79.87 55.51 52.51
CA GLN E 834 79.77 56.44 51.39
C GLN E 834 80.47 55.87 50.16
N THR E 835 80.07 54.68 49.73
CA THR E 835 80.58 54.06 48.51
C THR E 835 79.49 53.54 47.59
N TYR E 836 78.25 53.36 48.08
CA TYR E 836 77.16 53.00 47.21
C TYR E 836 76.67 54.18 46.39
N LYS E 837 76.98 55.42 46.82
CA LYS E 837 76.52 56.62 46.14
C LYS E 837 77.60 57.21 45.25
N LYS E 838 78.78 57.49 45.83
CA LYS E 838 79.90 58.09 45.12
C LYS E 838 81.19 57.46 45.59
N PRO E 839 82.25 57.51 44.78
CA PRO E 839 83.55 57.00 45.24
C PRO E 839 84.07 57.81 46.42
N THR E 840 84.71 57.09 47.35
CA THR E 840 85.40 57.71 48.48
C THR E 840 86.66 56.91 48.77
N GLY E 841 87.80 57.59 48.79
CA GLY E 841 89.06 56.91 48.95
C GLY E 841 89.53 56.20 47.71
N GLY E 842 88.92 56.46 46.56
CA GLY E 842 89.23 55.77 45.33
C GLY E 842 88.52 54.46 45.12
N ILE E 843 87.61 54.08 46.03
CA ILE E 843 86.88 52.82 45.97
C ILE E 843 85.39 53.13 45.97
N VAL E 844 84.66 52.46 45.08
CA VAL E 844 83.22 52.62 44.95
C VAL E 844 82.58 51.23 44.88
N THR E 845 81.31 51.17 45.21
CA THR E 845 80.55 49.93 45.17
C THR E 845 79.79 49.80 43.86
N VAL E 846 79.86 48.61 43.27
CA VAL E 846 79.12 48.28 42.06
C VAL E 846 78.33 47.00 42.36
N ARG E 847 77.49 46.61 41.41
CA ARG E 847 76.64 45.44 41.56
C ARG E 847 77.07 44.35 40.59
N SER E 848 77.08 43.12 41.09
CA SER E 848 77.53 41.98 40.30
C SER E 848 76.40 41.51 39.38
N GLU E 849 76.60 40.36 38.72
CA GLU E 849 75.55 39.79 37.89
C GLU E 849 74.33 39.43 38.72
N MET E 850 74.56 38.82 39.89
CA MET E 850 73.49 38.50 40.83
C MET E 850 72.99 39.73 41.57
N GLY E 851 73.65 40.87 41.43
CA GLY E 851 73.27 42.08 42.13
C GLY E 851 73.94 42.28 43.47
N GLU E 852 74.84 41.38 43.86
CA GLU E 852 75.53 41.54 45.14
C GLU E 852 76.47 42.73 45.07
N PRO E 853 76.66 43.48 46.16
CA PRO E 853 77.65 44.57 46.13
C PRO E 853 79.07 44.03 46.01
N ILE E 854 79.90 44.79 45.30
CA ILE E 854 81.34 44.53 45.19
C ILE E 854 82.05 45.87 45.29
N HIS E 855 83.05 45.96 46.15
CA HIS E 855 83.91 47.13 46.23
C HIS E 855 84.99 47.03 45.17
N LYS E 856 85.18 48.08 44.38
CA LYS E 856 86.21 48.11 43.35
C LYS E 856 86.83 49.49 43.30
N ILE E 857 88.04 49.57 42.77
CA ILE E 857 88.70 50.85 42.62
C ILE E 857 87.91 51.71 41.63
N ALA E 858 87.84 53.01 41.90
CA ALA E 858 87.07 53.94 41.07
C ALA E 858 87.85 54.25 39.79
N THR E 859 87.97 53.22 38.96
CA THR E 859 88.54 53.34 37.62
C THR E 859 87.45 53.78 36.65
N ARG E 860 87.87 54.19 35.45
CA ARG E 860 86.90 54.58 34.44
C ARG E 860 85.95 53.44 34.10
N GLY E 861 86.49 52.23 33.99
CA GLY E 861 85.65 51.07 33.76
C GLY E 861 84.67 50.82 34.90
N VAL E 862 85.12 51.02 36.13
CA VAL E 862 84.23 50.79 37.28
C VAL E 862 83.15 51.86 37.35
N MET E 863 83.48 53.10 37.01
CA MET E 863 82.45 54.13 37.00
C MET E 863 81.47 53.92 35.86
N LEU E 864 81.94 53.39 34.73
CA LEU E 864 81.00 52.99 33.68
C LEU E 864 80.11 51.86 34.16
N TRP E 865 80.69 50.89 34.88
CA TRP E 865 79.90 49.82 35.49
C TRP E 865 78.81 50.39 36.37
N LYS E 866 79.17 51.36 37.21
CA LYS E 866 78.20 51.96 38.13
C LYS E 866 77.13 52.74 37.37
N GLU E 867 77.53 53.47 36.34
CA GLU E 867 76.56 54.22 35.54
C GLU E 867 75.56 53.28 34.87
N PHE E 868 76.05 52.18 34.29
CA PHE E 868 75.15 51.21 33.69
C PHE E 868 74.29 50.53 34.74
N ASP E 869 74.83 50.32 35.94
CA ASP E 869 74.02 49.76 37.01
C ASP E 869 72.87 50.68 37.38
N GLU E 870 73.14 51.99 37.40
CA GLU E 870 72.14 52.96 37.85
C GLU E 870 71.24 53.46 36.74
N THR E 871 71.53 53.16 35.47
CA THR E 871 70.74 53.67 34.36
C THR E 871 70.22 52.61 33.38
N ILE E 872 70.81 51.42 33.33
CA ILE E 872 70.45 50.42 32.31
C ILE E 872 70.07 49.11 32.98
N PHE E 873 70.94 48.59 33.84
CA PHE E 873 70.70 47.27 34.41
C PHE E 873 69.54 47.29 35.40
N ASN E 874 69.29 48.43 36.05
CA ASN E 874 68.19 48.51 36.99
C ASN E 874 66.83 48.54 36.30
N LEU E 875 66.79 48.79 34.99
CA LEU E 875 65.53 48.90 34.30
C LEU E 875 64.85 47.53 34.19
N PRO E 876 63.53 47.49 34.03
CA PRO E 876 62.87 46.21 33.80
C PRO E 876 63.17 45.68 32.40
N LYS E 877 62.78 44.43 32.20
CA LYS E 877 63.17 43.73 30.97
C LYS E 877 62.54 44.38 29.74
N ASN E 878 61.29 44.84 29.85
CA ASN E 878 60.65 45.51 28.73
C ASN E 878 61.36 46.81 28.38
N LYS E 879 61.87 47.53 29.39
CA LYS E 879 62.54 48.79 29.15
C LYS E 879 64.00 48.62 28.77
N LEU E 880 64.58 47.43 28.97
CA LEU E 880 66.01 47.27 28.72
C LEU E 880 66.36 47.43 27.25
N VAL E 881 65.61 46.79 26.35
CA VAL E 881 65.99 46.74 24.94
C VAL E 881 65.75 48.09 24.28
N PRO E 882 64.60 48.75 24.47
CA PRO E 882 64.46 50.10 23.91
C PRO E 882 65.52 51.07 24.41
N THR E 883 65.91 50.96 25.68
CA THR E 883 66.96 51.83 26.20
C THR E 883 68.28 51.57 25.50
N LEU E 884 68.63 50.30 25.30
CA LEU E 884 69.88 49.98 24.62
C LEU E 884 69.85 50.49 23.18
N GLU E 885 68.71 50.36 22.51
CA GLU E 885 68.58 50.89 21.16
C GLU E 885 68.76 52.42 21.15
N ALA E 886 68.16 53.11 22.12
CA ALA E 886 68.23 54.57 22.14
C ALA E 886 69.65 55.05 22.46
N LYS E 887 70.32 54.42 23.42
CA LYS E 887 71.64 54.83 23.88
C LYS E 887 72.74 53.95 23.30
N ARG E 888 72.49 53.36 22.12
CA ARG E 888 73.49 52.50 21.48
C ARG E 888 74.80 53.25 21.25
N ASP E 889 74.72 54.46 20.67
CA ASP E 889 75.94 55.19 20.35
C ASP E 889 76.72 55.55 21.61
N TYR E 890 76.01 56.05 22.63
CA TYR E 890 76.67 56.40 23.89
C TYR E 890 77.31 55.19 24.55
N ILE E 891 76.59 54.07 24.59
CA ILE E 891 77.13 52.85 25.18
C ILE E 891 78.36 52.39 24.43
N ILE E 892 78.32 52.44 23.10
CA ILE E 892 79.47 52.00 22.31
C ILE E 892 80.67 52.90 22.58
N SER E 893 80.45 54.21 22.62
CA SER E 893 81.55 55.13 22.86
C SER E 893 82.17 54.90 24.24
N ARG E 894 81.31 54.72 25.25
CA ARG E 894 81.83 54.50 26.60
C ARG E 894 82.58 53.17 26.69
N LEU E 895 82.07 52.12 26.05
CA LEU E 895 82.76 50.83 26.06
C LEU E 895 84.11 50.94 25.38
N ASN E 896 84.19 51.64 24.25
CA ASN E 896 85.44 51.74 23.52
C ASN E 896 86.43 52.65 24.23
N ALA E 897 85.96 53.60 25.02
CA ALA E 897 86.84 54.58 25.65
C ALA E 897 87.27 54.21 27.07
N ASP E 898 86.42 53.51 27.83
CA ASP E 898 86.59 53.43 29.27
C ASP E 898 86.50 52.02 29.87
N PHE E 899 86.21 51.00 29.08
CA PHE E 899 85.93 49.67 29.60
C PHE E 899 86.90 48.63 29.04
N GLN E 900 87.18 47.63 29.87
CA GLN E 900 88.07 46.53 29.51
C GLN E 900 87.54 45.68 28.37
N LYS E 901 86.23 45.68 28.14
CA LYS E 901 85.59 44.94 27.06
C LYS E 901 85.09 45.95 26.04
N PRO E 902 85.89 46.32 25.04
CA PRO E 902 85.44 47.32 24.08
C PRO E 902 84.32 46.78 23.20
N TRP E 903 83.56 47.70 22.63
CA TRP E 903 82.61 47.34 21.59
C TRP E 903 83.34 46.65 20.46
N PHE E 904 82.92 45.43 20.12
CA PHE E 904 83.67 44.62 19.17
C PHE E 904 83.70 45.27 17.80
N ALA E 905 82.55 45.71 17.31
CA ALA E 905 82.46 46.28 15.95
C ALA E 905 82.98 47.71 15.96
N THR E 906 84.31 47.81 15.99
CA THR E 906 85.01 49.10 15.95
C THR E 906 86.23 48.93 15.06
N VAL E 907 86.22 49.60 13.91
CA VAL E 907 87.29 49.51 12.92
C VAL E 907 87.92 50.89 12.79
N ASN E 908 89.23 50.96 13.03
CA ASN E 908 89.97 52.22 12.99
C ASN E 908 89.39 53.25 13.95
N GLY E 909 88.87 52.79 15.08
CA GLY E 909 88.28 53.68 16.05
C GLY E 909 86.89 54.18 15.71
N GLN E 910 86.30 53.69 14.63
CA GLN E 910 84.98 54.10 14.18
C GLN E 910 83.96 53.04 14.57
N ALA E 911 82.94 53.45 15.32
CA ALA E 911 81.92 52.50 15.75
C ALA E 911 81.21 51.90 14.55
N ARG E 912 80.98 50.59 14.61
CA ARG E 912 80.35 49.85 13.52
C ARG E 912 79.42 48.83 14.16
N ASP E 913 78.93 47.89 13.35
CA ASP E 913 78.18 46.75 13.82
C ASP E 913 78.72 45.49 13.14
N LEU E 914 78.42 44.33 13.74
CA LEU E 914 78.83 43.08 13.14
C LEU E 914 78.29 42.94 11.73
N ALA E 915 77.10 43.49 11.48
CA ALA E 915 76.52 43.47 10.15
C ALA E 915 77.19 44.46 9.21
N THR E 916 77.68 45.60 9.71
CA THR E 916 78.33 46.62 8.90
C THR E 916 79.85 46.46 8.92
N MET E 917 80.34 45.30 9.36
CA MET E 917 81.76 44.98 9.35
C MET E 917 82.02 43.81 8.41
N THR E 918 83.20 43.81 7.79
CA THR E 918 83.59 42.78 6.85
C THR E 918 84.26 41.61 7.57
N TYR E 919 84.41 40.50 6.84
CA TYR E 919 85.04 39.32 7.42
C TYR E 919 86.49 39.58 7.80
N GLU E 920 87.23 40.25 6.91
CA GLU E 920 88.61 40.58 7.22
C GLU E 920 88.70 41.50 8.42
N GLU E 921 87.78 42.48 8.50
CA GLU E 921 87.76 43.37 9.65
C GLU E 921 87.46 42.60 10.93
N VAL E 922 86.54 41.63 10.87
CA VAL E 922 86.22 40.85 12.05
C VAL E 922 87.42 40.02 12.48
N ALA E 923 88.11 39.39 11.53
CA ALA E 923 89.27 38.59 11.87
C ALA E 923 90.38 39.44 12.46
N LYS E 924 90.62 40.61 11.86
CA LYS E 924 91.63 41.52 12.40
C LYS E 924 91.27 42.00 13.79
N ARG E 925 89.99 42.29 14.02
CA ARG E 925 89.56 42.71 15.35
C ARG E 925 89.73 41.59 16.37
N LEU E 926 89.41 40.36 15.99
CA LEU E 926 89.60 39.23 16.89
C LEU E 926 91.06 39.06 17.24
N VAL E 927 91.95 39.17 16.25
CA VAL E 927 93.37 39.07 16.52
C VAL E 927 93.81 40.20 17.44
N GLU E 928 93.32 41.41 17.19
CA GLU E 928 93.70 42.56 18.00
C GLU E 928 93.29 42.37 19.45
N LEU E 929 92.07 41.87 19.68
CA LEU E 929 91.52 41.79 21.03
C LEU E 929 91.84 40.49 21.75
N MET E 930 92.38 39.48 21.08
CA MET E 930 92.66 38.19 21.71
C MET E 930 94.12 37.79 21.66
N PHE E 931 94.85 38.17 20.60
CA PHE E 931 96.25 37.83 20.46
C PHE E 931 97.10 38.96 21.04
N ILE E 932 98.05 38.60 21.90
CA ILE E 932 98.90 39.56 22.57
C ILE E 932 100.20 39.69 21.79
N ARG E 933 100.51 40.91 21.35
CA ARG E 933 101.71 41.14 20.56
C ARG E 933 102.96 41.09 21.42
N SER E 934 102.87 41.57 22.66
CA SER E 934 104.05 41.59 23.53
C SER E 934 104.55 40.18 23.80
N THR E 935 103.65 39.26 24.12
CA THR E 935 104.02 37.86 24.32
C THR E 935 104.07 37.07 23.02
N ASN E 936 103.58 37.63 21.92
CA ASN E 936 103.60 36.98 20.61
C ASN E 936 102.84 35.65 20.64
N SER E 937 101.77 35.58 21.45
CA SER E 937 100.99 34.36 21.56
C SER E 937 99.57 34.73 21.95
N TRP E 938 98.64 33.83 21.64
CA TRP E 938 97.26 34.02 22.03
C TRP E 938 97.13 34.00 23.54
N PHE E 939 96.26 34.87 24.08
CA PHE E 939 96.07 34.89 25.52
C PHE E 939 95.46 33.59 26.01
N ASP E 940 94.53 33.01 25.24
CA ASP E 940 93.89 31.77 25.63
C ASP E 940 93.70 30.88 24.41
N VAL E 941 93.91 29.58 24.64
CA VAL E 941 93.71 28.59 23.59
C VAL E 941 92.25 28.58 23.13
N THR E 942 91.32 28.85 24.04
CA THR E 942 89.92 28.94 23.64
C THR E 942 89.69 30.12 22.70
N TRP E 943 90.37 31.23 22.93
CA TRP E 943 90.26 32.37 22.02
C TRP E 943 90.90 32.05 20.67
N ARG E 944 92.02 31.33 20.68
CA ARG E 944 92.61 30.89 19.41
C ARG E 944 91.63 29.99 18.66
N THR E 945 90.96 29.08 19.38
CA THR E 945 89.96 28.22 18.75
C THR E 945 88.80 29.03 18.20
N PHE E 946 88.38 30.06 18.94
CA PHE E 946 87.32 30.94 18.46
C PHE E 946 87.71 31.57 17.13
N THR E 947 88.89 32.18 17.07
CA THR E 947 89.32 32.86 15.85
C THR E 947 89.48 31.86 14.71
N GLY E 948 90.04 30.68 15.00
CA GLY E 948 90.21 29.69 13.97
C GLY E 948 88.90 29.17 13.43
N ASP E 949 87.92 28.98 14.32
CA ASP E 949 86.59 28.56 13.87
C ASP E 949 85.93 29.64 13.03
N PHE E 950 86.12 30.91 13.40
CA PHE E 950 85.58 31.98 12.55
C PHE E 950 86.23 31.96 11.18
N LEU E 951 87.55 31.77 11.13
CA LEU E 951 88.22 31.71 9.83
C LEU E 951 87.74 30.51 9.02
N ARG E 952 87.55 29.37 9.68
CA ARG E 952 87.01 28.20 9.00
C ARG E 952 85.62 28.50 8.42
N ARG E 953 84.81 29.24 9.18
CA ARG E 953 83.50 29.64 8.68
C ARG E 953 83.62 30.57 7.48
N VAL E 954 84.63 31.45 7.50
CA VAL E 954 84.85 32.34 6.35
C VAL E 954 85.18 31.53 5.11
N GLU E 955 86.08 30.55 5.25
CA GLU E 955 86.42 29.69 4.12
C GLU E 955 85.22 28.89 3.66
N GLU E 956 84.41 28.40 4.59
CA GLU E 956 83.18 27.71 4.21
C GLU E 956 82.26 28.64 3.41
N ARG E 957 82.13 29.89 3.84
CA ARG E 957 81.21 30.81 3.21
C ARG E 957 81.67 31.19 1.81
N PHE E 958 82.98 31.38 1.63
CA PHE E 958 83.52 31.94 0.40
C PHE E 958 84.19 30.91 -0.51
N THR E 959 84.19 29.64 -0.14
CA THR E 959 84.66 28.58 -1.03
C THR E 959 83.50 28.16 -1.93
N LYS E 960 83.81 27.93 -3.21
CA LYS E 960 82.80 27.57 -4.19
C LYS E 960 82.56 26.07 -4.28
N SER E 961 83.37 25.25 -3.61
CA SER E 961 83.27 23.80 -3.72
C SER E 961 84.17 23.19 -2.65
N LYS E 962 84.29 21.87 -2.69
CA LYS E 962 85.19 21.15 -1.79
C LYS E 962 86.62 21.67 -1.93
N THR E 963 87.29 21.85 -0.80
CA THR E 963 88.71 22.19 -0.82
C THR E 963 89.29 21.93 0.56
N LEU E 964 90.60 21.69 0.58
CA LEU E 964 91.32 21.56 1.84
C LEU E 964 91.25 22.87 2.61
N SER E 965 91.08 22.76 3.93
CA SER E 965 91.11 23.95 4.77
C SER E 965 92.48 24.60 4.72
N LEU E 966 92.50 25.93 4.62
CA LEU E 966 93.76 26.65 4.66
C LEU E 966 94.35 26.67 6.06
N ILE E 967 93.55 26.40 7.09
CA ILE E 967 94.01 26.29 8.47
C ILE E 967 93.68 24.86 8.90
N GLN E 968 94.63 23.95 8.70
CA GLN E 968 94.41 22.56 9.10
C GLN E 968 94.51 22.39 10.61
N SER E 969 95.44 23.10 11.25
CA SER E 969 95.61 23.08 12.69
C SER E 969 95.62 24.51 13.21
N TYR E 970 95.01 24.70 14.38
CA TYR E 970 94.98 26.02 15.00
C TYR E 970 96.36 26.50 15.43
N SER E 971 97.34 25.60 15.53
CA SER E 971 98.71 26.01 15.86
C SER E 971 99.27 26.95 14.80
N LEU E 972 98.75 26.91 13.58
CA LEU E 972 99.18 27.85 12.55
C LEU E 972 98.83 29.29 12.90
N LEU E 973 97.89 29.50 13.83
CA LEU E 973 97.49 30.85 14.21
C LEU E 973 98.50 31.52 15.14
N ASP E 974 99.61 30.87 15.47
CA ASP E 974 100.64 31.55 16.27
C ASP E 974 101.19 32.76 15.53
N LYS E 975 101.08 32.79 14.21
CA LYS E 975 101.33 33.97 13.39
C LYS E 975 100.00 34.41 12.80
N PRO E 976 99.11 35.01 13.60
CA PRO E 976 97.75 35.29 13.11
C PRO E 976 97.71 36.24 11.94
N ASP E 977 98.64 37.21 11.86
CA ASP E 977 98.67 38.08 10.70
C ASP E 977 98.93 37.29 9.43
N GLU E 978 99.89 36.36 9.48
CA GLU E 978 100.17 35.51 8.32
C GLU E 978 98.99 34.62 7.99
N ALA E 979 98.34 34.05 9.01
CA ALA E 979 97.19 33.19 8.75
C ALA E 979 96.04 33.96 8.10
N ILE E 980 95.76 35.16 8.59
CA ILE E 980 94.71 35.99 8.01
C ILE E 980 95.07 36.38 6.59
N GLU E 981 96.34 36.75 6.36
CA GLU E 981 96.78 37.09 5.01
C GLU E 981 96.57 35.91 4.07
N LYS E 982 96.94 34.71 4.51
CA LYS E 982 96.80 33.53 3.66
C LYS E 982 95.34 33.24 3.34
N VAL E 983 94.48 33.24 4.37
CA VAL E 983 93.11 32.83 4.16
C VAL E 983 92.35 33.87 3.33
N PHE E 984 92.60 35.16 3.57
CA PHE E 984 91.90 36.18 2.81
C PHE E 984 92.57 36.49 1.48
N ASN E 985 93.76 35.95 1.21
CA ASN E 985 94.26 35.90 -0.16
C ASN E 985 93.64 34.73 -0.91
N ALA E 986 93.38 33.62 -0.22
CA ALA E 986 92.70 32.51 -0.86
C ALA E 986 91.24 32.86 -1.17
N TYR E 987 90.63 33.70 -0.34
CA TYR E 987 89.26 34.17 -0.56
C TYR E 987 89.25 35.70 -0.53
N PRO E 988 89.76 36.34 -1.60
CA PRO E 988 89.82 37.81 -1.58
C PRO E 988 88.48 38.49 -1.57
N ALA E 989 87.40 37.79 -1.95
CA ALA E 989 86.08 38.40 -1.98
C ALA E 989 85.62 38.82 -0.58
N ALA E 990 86.14 38.17 0.47
CA ALA E 990 85.70 38.44 1.83
C ALA E 990 86.31 39.72 2.41
N ARG E 991 87.36 40.27 1.81
CA ARG E 991 87.97 41.50 2.32
C ARG E 991 87.04 42.70 2.22
N GLU E 992 86.13 42.71 1.24
CA GLU E 992 85.23 43.82 0.98
C GLU E 992 83.79 43.33 0.98
N GLN E 993 83.42 42.59 2.01
CA GLN E 993 82.16 41.87 2.04
C GLN E 993 81.64 41.86 3.47
N PHE E 994 80.53 42.56 3.71
CA PHE E 994 79.96 42.60 5.05
C PHE E 994 79.59 41.20 5.50
N LEU E 995 79.53 41.01 6.82
CA LEU E 995 79.22 39.70 7.36
C LEU E 995 77.82 39.26 6.95
N ASN E 996 77.72 38.02 6.50
CA ASN E 996 76.41 37.41 6.28
C ASN E 996 75.67 37.34 7.60
N ALA E 997 74.34 37.50 7.53
CA ALA E 997 73.55 37.50 8.75
C ALA E 997 73.62 36.15 9.46
N GLN E 998 73.68 35.06 8.69
CA GLN E 998 73.92 33.74 9.27
C GLN E 998 75.24 33.72 10.02
N ASP E 999 76.27 34.35 9.44
CA ASP E 999 77.57 34.39 10.08
C ASP E 999 77.54 35.23 11.34
N ILE E 1000 76.73 36.30 11.36
CA ILE E 1000 76.59 37.10 12.57
C ILE E 1000 75.96 36.26 13.68
N ASP E 1001 74.90 35.52 13.34
CA ASP E 1001 74.26 34.66 14.32
C ASP E 1001 75.23 33.60 14.83
N HIS E 1002 76.02 33.00 13.93
CA HIS E 1002 77.01 32.02 14.34
C HIS E 1002 78.05 32.65 15.25
N PHE E 1003 78.50 33.86 14.92
CA PHE E 1003 79.48 34.56 15.74
C PHE E 1003 78.96 34.80 17.14
N LEU E 1004 77.70 35.22 17.25
CA LEU E 1004 77.08 35.40 18.56
C LEU E 1004 76.98 34.08 19.31
N SER E 1005 76.64 33.01 18.59
CA SER E 1005 76.55 31.69 19.24
C SER E 1005 77.91 31.26 19.82
N MET E 1006 78.98 31.39 19.03
CA MET E 1006 80.28 30.98 19.54
C MET E 1006 80.86 31.99 20.52
N CYS E 1007 80.28 33.20 20.59
CA CYS E 1007 80.57 34.08 21.73
C CYS E 1007 79.87 33.59 22.98
N GLN E 1008 78.69 32.99 22.83
CA GLN E 1008 77.95 32.41 23.95
C GLN E 1008 78.37 30.97 24.26
N ASN E 1009 79.34 30.42 23.53
CA ASN E 1009 79.77 29.04 23.77
C ASN E 1009 80.21 28.85 25.22
N PRO E 1010 79.66 27.89 25.98
CA PRO E 1010 80.07 27.78 27.39
C PRO E 1010 81.47 27.24 27.58
N MET E 1011 81.85 26.22 26.80
CA MET E 1011 83.19 25.62 26.91
C MET E 1011 84.19 26.51 26.16
N GLN E 1012 84.36 27.72 26.71
CA GLN E 1012 85.18 28.74 26.08
C GLN E 1012 85.34 29.88 27.08
N LYS E 1013 86.52 30.50 27.08
CA LYS E 1013 86.70 31.66 27.93
C LYS E 1013 85.81 32.80 27.41
N PRO E 1014 85.10 33.52 28.29
CA PRO E 1014 84.24 34.61 27.79
C PRO E 1014 85.04 35.64 27.01
N VAL E 1015 84.48 36.06 25.89
CA VAL E 1015 85.24 36.89 24.94
C VAL E 1015 85.49 38.26 25.55
N PRO E 1016 86.62 38.93 25.22
CA PRO E 1016 86.95 40.23 25.83
C PRO E 1016 86.34 41.42 25.09
N PHE E 1017 85.05 41.33 24.79
CA PHE E 1017 84.36 42.42 24.11
C PHE E 1017 82.86 42.18 24.20
N VAL E 1018 82.10 43.21 23.82
CA VAL E 1018 80.65 43.13 23.73
C VAL E 1018 80.30 42.98 22.25
N PRO E 1019 79.78 41.82 21.81
CA PRO E 1019 79.48 41.68 20.38
C PRO E 1019 78.22 42.41 19.95
N VAL E 1020 77.20 42.47 20.81
CA VAL E 1020 75.93 43.10 20.45
C VAL E 1020 75.26 43.60 21.72
N LEU E 1021 74.44 44.64 21.58
CA LEU E 1021 73.67 45.21 22.68
C LEU E 1021 72.26 44.63 22.62
N ASP E 1022 71.95 43.73 23.54
CA ASP E 1022 70.62 43.12 23.61
C ASP E 1022 70.37 42.73 25.07
N ARG E 1023 69.37 41.86 25.28
CA ARG E 1023 68.99 41.48 26.64
C ARG E 1023 70.15 40.89 27.42
N ARG E 1024 71.04 40.17 26.74
CA ARG E 1024 72.22 39.58 27.37
C ARG E 1024 73.39 40.57 27.48
N PHE E 1025 73.12 41.88 27.30
CA PHE E 1025 74.19 42.86 27.39
C PHE E 1025 74.79 42.90 28.78
N GLU E 1026 73.96 42.77 29.82
CA GLU E 1026 74.50 42.73 31.17
C GLU E 1026 75.43 41.54 31.36
N ILE E 1027 75.05 40.39 30.80
CA ILE E 1027 75.89 39.20 30.91
C ILE E 1027 77.23 39.45 30.24
N PHE E 1028 77.20 39.96 29.00
CA PHE E 1028 78.46 40.23 28.29
C PHE E 1028 79.29 41.28 29.01
N PHE E 1029 78.64 42.28 29.59
CA PHE E 1029 79.35 43.40 30.21
C PHE E 1029 80.03 42.96 31.50
N LYS E 1030 79.36 42.13 32.30
CA LYS E 1030 79.82 41.83 33.65
C LYS E 1030 80.62 40.54 33.74
N LYS E 1031 80.38 39.57 32.87
CA LYS E 1031 81.04 38.28 33.01
C LYS E 1031 82.54 38.41 32.77
N ASP E 1032 83.32 37.68 33.59
CA ASP E 1032 84.77 37.59 33.42
C ASP E 1032 85.43 38.96 33.50
N SER E 1033 85.29 39.60 34.66
CA SER E 1033 85.76 40.96 34.88
C SER E 1033 86.93 41.04 35.86
N LEU E 1034 87.51 39.90 36.25
CA LEU E 1034 88.51 39.86 37.30
C LEU E 1034 89.93 39.65 36.79
N TRP E 1035 90.12 38.78 35.80
CA TRP E 1035 91.46 38.46 35.31
C TRP E 1035 92.16 39.66 34.67
N GLN E 1036 91.40 40.64 34.20
CA GLN E 1036 92.00 41.78 33.51
C GLN E 1036 92.91 42.57 34.43
N SER E 1037 92.66 42.55 35.74
CA SER E 1037 93.53 43.27 36.67
C SER E 1037 94.96 42.74 36.62
N GLU E 1038 95.11 41.41 36.62
CA GLU E 1038 96.42 40.79 36.60
C GLU E 1038 96.96 40.55 35.19
N HIS E 1039 96.16 40.74 34.16
CA HIS E 1039 96.57 40.52 32.78
C HIS E 1039 96.33 41.75 31.93
N LEU E 1040 96.84 42.90 32.39
CA LEU E 1040 96.67 44.14 31.65
C LEU E 1040 97.27 44.08 30.24
N GLU E 1041 98.20 43.16 29.99
CA GLU E 1041 98.74 43.01 28.64
C GLU E 1041 97.65 42.66 27.63
N ALA E 1042 96.55 42.07 28.08
CA ALA E 1042 95.42 41.72 27.21
C ALA E 1042 94.31 42.75 27.27
N VAL E 1043 94.66 44.03 27.40
CA VAL E 1043 93.72 45.13 27.44
C VAL E 1043 94.05 46.06 26.29
N VAL E 1044 93.06 46.88 25.90
CA VAL E 1044 93.17 47.65 24.65
C VAL E 1044 94.40 48.54 24.66
N ASP E 1045 94.59 49.31 25.74
CA ASP E 1045 95.74 50.20 25.87
C ASP E 1045 96.61 49.84 27.07
N GLN E 1046 96.45 48.63 27.61
CA GLN E 1046 97.16 48.22 28.82
C GLN E 1046 96.90 49.21 29.96
N ASP E 1047 95.69 49.72 30.01
CA ASP E 1047 95.31 50.79 30.93
C ASP E 1047 94.49 50.21 32.08
N VAL E 1048 94.91 50.52 33.30
CA VAL E 1048 94.15 50.08 34.47
C VAL E 1048 92.76 50.67 34.47
N GLN E 1049 92.62 51.89 33.93
CA GLN E 1049 91.34 52.59 34.03
C GLN E 1049 90.23 51.84 33.32
N ARG E 1050 90.59 50.99 32.35
CA ARG E 1050 89.59 50.16 31.69
C ARG E 1050 89.19 48.98 32.58
N THR E 1051 90.15 48.43 33.32
CA THR E 1051 89.90 47.25 34.13
C THR E 1051 89.38 47.64 35.50
N CYS E 1052 88.74 46.69 36.17
CA CYS E 1052 88.15 46.88 37.48
C CYS E 1052 88.88 46.02 38.51
N ILE E 1053 89.35 46.66 39.58
CA ILE E 1053 90.16 46.02 40.60
C ILE E 1053 89.39 46.05 41.91
N LEU E 1054 89.16 44.88 42.50
CA LEU E 1054 88.44 44.77 43.75
C LEU E 1054 89.32 45.20 44.91
N HIS E 1055 88.82 46.09 45.76
CA HIS E 1055 89.64 46.61 46.85
C HIS E 1055 88.75 47.03 47.99
N GLY E 1056 89.36 47.16 49.18
CA GLY E 1056 88.65 47.54 50.37
C GLY E 1056 88.81 49.03 50.67
N PRO E 1057 87.69 49.77 50.81
CA PRO E 1057 87.83 51.22 51.07
C PRO E 1057 88.55 51.53 52.37
N VAL E 1058 88.36 50.71 53.40
CA VAL E 1058 89.03 50.94 54.68
C VAL E 1058 90.43 50.36 54.70
N ALA E 1059 90.61 49.19 54.09
CA ALA E 1059 91.93 48.57 54.04
C ALA E 1059 92.89 49.32 53.12
N ALA E 1060 92.38 50.17 52.24
CA ALA E 1060 93.26 50.91 51.34
C ALA E 1060 94.08 51.98 52.04
N GLN E 1061 93.72 52.33 53.28
CA GLN E 1061 94.49 53.33 54.02
C GLN E 1061 95.92 52.89 54.28
N PHE E 1062 96.14 51.59 54.44
CA PHE E 1062 97.46 51.05 54.78
C PHE E 1062 98.17 50.45 53.58
N THR E 1063 97.58 50.54 52.39
CA THR E 1063 98.14 49.95 51.18
C THR E 1063 98.87 51.04 50.40
N LYS E 1064 100.11 51.31 50.82
CA LYS E 1064 100.92 52.39 50.27
C LYS E 1064 102.14 51.90 49.51
N VAL E 1065 103.00 51.12 50.16
CA VAL E 1065 104.29 50.75 49.57
C VAL E 1065 104.06 49.59 48.60
N ILE E 1066 104.58 49.74 47.38
CA ILE E 1066 104.35 48.78 46.30
C ILE E 1066 105.48 47.78 46.27
N ASP E 1067 105.14 46.54 45.87
CA ASP E 1067 106.11 45.48 45.63
C ASP E 1067 106.85 45.05 46.90
N GLU E 1068 106.21 45.25 48.06
CA GLU E 1068 106.73 44.70 49.31
C GLU E 1068 106.32 43.24 49.42
N PRO E 1069 107.26 42.30 49.59
CA PRO E 1069 106.87 40.88 49.56
C PRO E 1069 105.93 40.53 50.70
N ILE E 1070 105.10 39.51 50.45
CA ILE E 1070 104.14 39.06 51.46
C ILE E 1070 104.87 38.65 52.73
N LYS E 1071 106.05 38.05 52.58
CA LYS E 1071 106.88 37.73 53.73
C LYS E 1071 107.16 38.98 54.56
N SER E 1072 107.60 40.06 53.89
CA SER E 1072 107.93 41.28 54.61
C SER E 1072 106.69 41.89 55.27
N ILE E 1073 105.57 41.92 54.56
CA ILE E 1073 104.36 42.55 55.11
C ILE E 1073 103.89 41.80 56.34
N MET E 1074 103.75 40.47 56.22
CA MET E 1074 103.23 39.68 57.33
C MET E 1074 104.22 39.64 58.49
N ASP E 1075 105.53 39.58 58.20
CA ASP E 1075 106.52 39.67 59.26
C ASP E 1075 106.43 41.01 59.98
N GLY E 1076 106.22 42.09 59.24
CA GLY E 1076 106.07 43.39 59.87
C GLY E 1076 104.88 43.44 60.81
N ILE E 1077 103.74 42.92 60.35
CA ILE E 1077 102.55 42.90 61.22
C ILE E 1077 102.80 42.04 62.45
N HIS E 1078 103.41 40.86 62.25
CA HIS E 1078 103.64 39.95 63.36
C HIS E 1078 104.60 40.54 64.38
N ASP E 1079 105.68 41.16 63.92
CA ASP E 1079 106.63 41.77 64.86
C ASP E 1079 106.02 42.99 65.54
N GLY E 1080 105.14 43.72 64.85
CA GLY E 1080 104.43 44.80 65.52
C GLY E 1080 103.59 44.28 66.67
N HIS E 1081 102.81 43.22 66.41
CA HIS E 1081 102.00 42.63 67.46
C HIS E 1081 102.89 42.10 68.59
N ILE E 1082 104.00 41.44 68.24
CA ILE E 1082 104.87 40.88 69.26
C ILE E 1082 105.49 41.97 70.11
N LYS E 1083 105.95 43.06 69.49
CA LYS E 1083 106.56 44.14 70.24
C LYS E 1083 105.55 44.80 71.16
N LYS E 1084 104.33 45.05 70.67
CA LYS E 1084 103.32 45.67 71.52
C LYS E 1084 102.94 44.76 72.68
N LEU E 1085 102.76 43.47 72.43
CA LEU E 1085 102.44 42.54 73.50
C LEU E 1085 103.58 42.46 74.51
N LEU E 1086 104.82 42.45 74.03
CA LEU E 1086 105.97 42.39 74.93
C LEU E 1086 106.03 43.64 75.80
N HIS E 1087 105.80 44.81 75.21
CA HIS E 1087 105.81 46.05 75.98
C HIS E 1087 104.70 46.05 77.02
N GLN E 1088 103.51 45.58 76.65
CA GLN E 1088 102.36 45.75 77.52
C GLN E 1088 102.29 44.67 78.60
N TYR E 1089 102.25 43.40 78.20
CA TYR E 1089 101.99 42.30 79.14
C TYR E 1089 103.24 41.51 79.51
N TYR E 1090 104.44 41.95 79.11
CA TYR E 1090 105.66 41.26 79.50
C TYR E 1090 106.74 42.23 79.98
N GLY E 1091 106.64 43.50 79.58
CA GLY E 1091 107.57 44.51 80.05
C GLY E 1091 108.86 44.55 79.26
N ASP E 1092 108.78 44.30 77.95
CA ASP E 1092 109.94 44.34 77.06
C ASP E 1092 111.05 43.40 77.54
N ASP E 1093 110.67 42.14 77.71
CA ASP E 1093 111.61 41.12 78.16
C ASP E 1093 111.19 39.79 77.53
N GLU E 1094 111.97 39.33 76.56
CA GLU E 1094 111.66 38.08 75.87
C GLU E 1094 111.83 36.87 76.78
N SER E 1095 112.61 36.99 77.86
CA SER E 1095 112.79 35.88 78.77
C SER E 1095 111.48 35.51 79.47
N LYS E 1096 110.55 36.46 79.58
CA LYS E 1096 109.25 36.16 80.18
C LYS E 1096 108.36 35.32 79.26
N ILE E 1097 108.74 35.16 78.00
CA ILE E 1097 107.91 34.40 77.08
C ILE E 1097 108.07 32.90 77.38
N PRO E 1098 107.00 32.15 77.62
CA PRO E 1098 107.15 30.70 77.80
C PRO E 1098 107.70 30.05 76.54
N ALA E 1099 108.48 28.99 76.75
CA ALA E 1099 109.09 28.23 75.66
C ALA E 1099 108.56 26.81 75.65
N VAL E 1100 108.28 26.30 74.45
CA VAL E 1100 107.86 24.93 74.23
C VAL E 1100 108.73 24.35 73.13
N GLU E 1101 108.80 23.01 73.08
CA GLU E 1101 109.61 22.37 72.05
C GLU E 1101 109.06 22.65 70.66
N TYR E 1102 107.74 22.58 70.49
CA TYR E 1102 107.11 22.95 69.23
C TYR E 1102 105.76 23.61 69.55
N PHE E 1103 105.36 24.53 68.70
CA PHE E 1103 104.14 25.33 68.89
C PHE E 1103 103.15 25.00 67.78
N GLY E 1104 102.07 24.33 68.13
CA GLY E 1104 101.03 24.01 67.18
C GLY E 1104 100.31 22.74 67.57
N GLY E 1105 99.29 22.42 66.78
CA GLY E 1105 98.55 21.19 66.96
C GLY E 1105 97.65 21.14 68.17
N GLU E 1106 97.49 22.25 68.89
CA GLU E 1106 96.65 22.28 70.08
C GLU E 1106 95.23 22.62 69.67
N SER E 1107 94.32 21.66 69.87
CA SER E 1107 92.94 21.87 69.46
C SER E 1107 92.31 22.97 70.33
N PRO E 1108 91.42 23.80 69.76
CA PRO E 1108 90.78 24.83 70.59
C PRO E 1108 89.92 24.29 71.70
N VAL E 1109 89.44 23.06 71.58
CA VAL E 1109 88.59 22.47 72.61
C VAL E 1109 89.45 21.96 73.76
N GLU E 1122 105.36 11.65 85.81
CA GLU E 1122 105.88 10.38 86.30
C GLU E 1122 107.00 9.88 85.40
N ASP E 1123 108.19 9.71 86.00
CA ASP E 1123 109.34 9.25 85.23
C ASP E 1123 109.13 7.84 84.68
N SER E 1124 108.60 6.95 85.52
CA SER E 1124 108.37 5.55 85.15
C SER E 1124 106.88 5.25 85.33
N ALA E 1125 106.17 5.07 84.22
CA ALA E 1125 104.73 4.87 84.24
C ALA E 1125 104.36 3.59 83.51
N VAL E 1126 103.28 2.95 83.95
CA VAL E 1126 102.73 1.77 83.30
C VAL E 1126 101.24 1.99 83.11
N PHE E 1127 100.79 1.97 81.87
CA PHE E 1127 99.40 2.16 81.50
C PHE E 1127 98.86 0.87 80.91
N LYS E 1128 97.59 0.59 81.16
CA LYS E 1128 96.93 -0.60 80.62
C LYS E 1128 95.66 -0.19 79.91
N ALA E 1129 95.44 -0.73 78.71
CA ALA E 1129 94.28 -0.40 77.89
C ALA E 1129 93.24 -1.49 78.04
N THR E 1130 91.99 -1.09 78.27
CA THR E 1130 90.86 -1.99 78.42
C THR E 1130 89.84 -1.71 77.31
N SER E 1131 88.78 -2.50 77.30
CA SER E 1131 87.72 -2.30 76.30
C SER E 1131 87.04 -0.95 76.49
N SER E 1132 86.80 -0.56 77.73
CA SER E 1132 86.06 0.67 78.03
C SER E 1132 86.96 1.89 78.18
N THR E 1133 88.27 1.74 78.04
CA THR E 1133 89.17 2.88 78.20
C THR E 1133 88.90 3.93 77.13
N ASP E 1134 88.94 5.20 77.53
CA ASP E 1134 88.70 6.30 76.60
C ASP E 1134 89.96 6.57 75.79
N GLU E 1135 89.82 6.59 74.46
CA GLU E 1135 90.97 6.70 73.59
C GLU E 1135 91.69 8.03 73.77
N GLU E 1136 90.93 9.12 73.88
CA GLU E 1136 91.55 10.43 74.01
C GLU E 1136 92.31 10.55 75.32
N SER E 1137 91.73 10.06 76.42
CA SER E 1137 92.44 10.07 77.70
C SER E 1137 93.68 9.19 77.64
N TRP E 1138 93.57 8.04 76.98
CA TRP E 1138 94.72 7.15 76.81
C TRP E 1138 95.86 7.86 76.09
N PHE E 1139 95.54 8.54 74.99
CA PHE E 1139 96.58 9.21 74.22
C PHE E 1139 97.15 10.39 74.97
N LYS E 1140 96.31 11.14 75.71
CA LYS E 1140 96.82 12.22 76.53
C LYS E 1140 97.79 11.69 77.59
N ALA E 1141 97.43 10.58 78.24
CA ALA E 1141 98.30 10.01 79.25
C ALA E 1141 99.63 9.55 78.65
N LEU E 1142 99.57 8.90 77.49
CA LEU E 1142 100.82 8.49 76.84
C LEU E 1142 101.67 9.67 76.43
N ALA E 1143 101.02 10.73 75.92
CA ALA E 1143 101.76 11.92 75.50
C ALA E 1143 102.45 12.60 76.68
N GLY E 1144 101.75 12.72 77.81
CA GLY E 1144 102.31 13.40 78.97
C GLY E 1144 102.07 14.90 78.93
N SER E 1145 102.47 15.54 80.02
CA SER E 1145 102.22 16.96 80.17
C SER E 1145 103.22 17.81 79.38
N GLU E 1146 104.50 17.46 79.44
CA GLU E 1146 105.52 18.29 78.82
C GLU E 1146 105.47 18.14 77.30
N ILE E 1147 105.70 19.25 76.59
CA ILE E 1147 105.64 19.26 75.13
C ILE E 1147 106.97 18.75 74.59
N ASN E 1148 106.91 17.72 73.77
CA ASN E 1148 108.12 17.10 73.25
C ASN E 1148 107.74 16.15 72.11
N TRP E 1149 108.73 15.38 71.64
CA TRP E 1149 108.50 14.43 70.56
C TRP E 1149 107.44 13.40 70.94
N ARG E 1150 107.42 12.99 72.21
CA ARG E 1150 106.39 12.06 72.67
C ARG E 1150 105.00 12.70 72.57
N HIS E 1151 104.91 13.98 72.96
CA HIS E 1151 103.65 14.71 72.83
C HIS E 1151 103.19 14.73 71.38
N ALA E 1152 104.10 15.08 70.47
CA ALA E 1152 103.75 15.12 69.05
C ALA E 1152 103.35 13.74 68.55
N SER E 1153 104.08 12.71 68.95
CA SER E 1153 103.80 11.36 68.46
C SER E 1153 102.42 10.90 68.89
N PHE E 1154 102.04 11.18 70.13
CA PHE E 1154 100.81 10.65 70.68
C PHE E 1154 99.64 11.62 70.63
N LEU E 1155 99.81 12.81 70.04
CA LEU E 1155 98.69 13.73 69.89
C LEU E 1155 98.57 14.33 68.49
N CYS E 1156 99.67 14.40 67.75
CA CYS E 1156 99.59 14.93 66.38
C CYS E 1156 98.78 13.97 65.51
N SER E 1157 97.73 14.50 64.89
CA SER E 1157 96.80 13.64 64.16
C SER E 1157 97.38 13.18 62.83
N PHE E 1158 98.24 13.99 62.22
CA PHE E 1158 98.79 13.70 60.90
C PHE E 1158 100.31 13.79 60.95
N ILE E 1159 100.96 12.95 60.15
CA ILE E 1159 102.40 13.00 59.95
C ILE E 1159 102.67 13.41 58.51
N THR E 1160 103.89 13.85 58.26
CA THR E 1160 104.30 14.36 56.96
C THR E 1160 105.02 13.26 56.18
N GLN E 1161 104.46 12.90 55.03
CA GLN E 1161 105.12 12.00 54.10
C GLN E 1161 106.16 12.82 53.33
N ASP E 1162 106.63 12.31 52.19
CA ASP E 1162 107.62 13.03 51.39
C ASP E 1162 107.18 14.47 51.14
N LYS E 1163 105.92 14.66 50.72
CA LYS E 1163 105.32 15.99 50.72
C LYS E 1163 103.83 15.94 51.09
N MET E 1164 103.34 14.82 51.60
CA MET E 1164 101.92 14.58 51.78
C MET E 1164 101.62 14.40 53.27
N PHE E 1165 100.33 14.49 53.61
CA PHE E 1165 99.86 14.36 54.97
C PHE E 1165 99.04 13.09 55.11
N VAL E 1166 99.43 12.23 56.05
CA VAL E 1166 98.76 10.95 56.30
C VAL E 1166 98.55 10.82 57.80
N SER E 1167 97.62 9.93 58.16
CA SER E 1167 97.30 9.71 59.57
C SER E 1167 98.54 9.31 60.35
N ASN E 1168 98.47 9.44 61.67
CA ASN E 1168 99.64 9.22 62.50
C ASN E 1168 99.83 7.72 62.75
N PRO E 1169 100.88 7.09 62.21
CA PRO E 1169 101.06 5.66 62.47
C PRO E 1169 101.28 5.35 63.93
N ILE E 1170 101.90 6.25 64.69
CA ILE E 1170 102.08 6.00 66.12
C ILE E 1170 100.74 5.89 66.81
N ARG E 1171 99.82 6.82 66.51
CA ARG E 1171 98.49 6.74 67.10
C ARG E 1171 97.75 5.50 66.66
N LYS E 1172 97.84 5.17 65.36
CA LYS E 1172 97.14 3.97 64.88
C LYS E 1172 97.67 2.72 65.58
N VAL E 1173 98.98 2.63 65.77
CA VAL E 1173 99.58 1.46 66.41
C VAL E 1173 99.21 1.41 67.88
N PHE E 1174 99.30 2.55 68.58
CA PHE E 1174 99.02 2.64 70.00
C PHE E 1174 97.55 2.85 70.30
N LYS E 1175 96.67 2.60 69.32
CA LYS E 1175 95.23 2.65 69.59
C LYS E 1175 94.90 1.68 70.72
N PRO E 1176 94.19 2.11 71.77
CA PRO E 1176 94.01 1.23 72.93
C PRO E 1176 93.13 0.03 72.61
N SER E 1177 93.43 -1.09 73.27
CA SER E 1177 92.63 -2.30 73.16
C SER E 1177 92.97 -3.18 74.35
N GLN E 1178 92.10 -4.14 74.63
CA GLN E 1178 92.30 -5.01 75.77
C GLN E 1178 93.61 -5.78 75.63
N GLY E 1179 94.39 -5.80 76.72
CA GLY E 1179 95.64 -6.52 76.76
C GLY E 1179 96.88 -5.71 76.46
N MET E 1180 96.74 -4.45 76.05
CA MET E 1180 97.90 -3.62 75.74
C MET E 1180 98.45 -2.98 77.01
N VAL E 1181 99.75 -3.10 77.22
CA VAL E 1181 100.44 -2.52 78.36
C VAL E 1181 101.58 -1.65 77.85
N VAL E 1182 101.58 -0.38 78.20
CA VAL E 1182 102.57 0.59 77.74
C VAL E 1182 103.40 1.03 78.94
N GLU E 1183 104.71 0.83 78.84
CA GLU E 1183 105.65 1.17 79.90
C GLU E 1183 106.51 2.32 79.39
N ILE E 1184 106.40 3.47 80.04
CA ILE E 1184 107.14 4.68 79.68
C ILE E 1184 108.24 4.85 80.72
N SER E 1185 109.49 4.83 80.26
CA SER E 1185 110.67 4.97 81.11
C SER E 1185 111.40 6.25 80.77
N ASN E 1186 111.84 6.96 81.81
CA ASN E 1186 112.54 8.23 81.67
C ASN E 1186 111.67 9.25 80.95
N GLY E 1187 110.42 9.34 81.40
CA GLY E 1187 109.49 10.30 80.81
C GLY E 1187 109.92 11.74 81.04
N ASN E 1188 110.51 12.03 82.19
CA ASN E 1188 110.93 13.40 82.49
C ASN E 1188 111.99 13.88 81.50
N THR E 1189 112.97 13.03 81.19
CA THR E 1189 114.02 13.36 80.23
C THR E 1189 113.55 12.94 78.84
N SER E 1190 113.22 13.94 78.00
CA SER E 1190 112.70 13.64 76.67
C SER E 1190 113.73 12.91 75.83
N SER E 1191 115.00 13.25 75.97
CA SER E 1191 116.04 12.62 75.17
C SER E 1191 116.11 11.11 75.43
N LYS E 1192 115.99 10.71 76.69
CA LYS E 1192 116.11 9.31 77.08
C LYS E 1192 114.77 8.61 77.27
N THR E 1193 113.65 9.26 76.96
CA THR E 1193 112.35 8.63 77.14
C THR E 1193 112.19 7.47 76.17
N VAL E 1194 111.63 6.37 76.66
CA VAL E 1194 111.37 5.18 75.86
C VAL E 1194 109.98 4.65 76.21
N VAL E 1195 109.18 4.37 75.18
CA VAL E 1195 107.82 3.89 75.35
C VAL E 1195 107.73 2.49 74.75
N THR E 1196 107.44 1.50 75.59
CA THR E 1196 107.38 0.11 75.17
C THR E 1196 105.97 -0.42 75.31
N LEU E 1197 105.35 -0.75 74.18
CA LEU E 1197 104.02 -1.34 74.14
C LEU E 1197 104.15 -2.85 73.99
N SER E 1198 103.48 -3.58 74.87
CA SER E 1198 103.47 -5.04 74.89
C SER E 1198 102.04 -5.54 74.81
N GLU E 1199 101.86 -6.64 74.09
CA GLU E 1199 100.56 -7.28 73.90
C GLU E 1199 100.72 -8.78 74.13
N PRO E 1200 99.61 -9.49 74.42
CA PRO E 1200 99.71 -10.94 74.57
C PRO E 1200 100.09 -11.63 73.28
N VAL E 1201 101.25 -12.26 73.24
CA VAL E 1201 101.74 -13.01 72.08
C VAL E 1201 102.01 -14.43 72.52
N GLN E 1202 101.33 -15.39 71.89
CA GLN E 1202 101.44 -16.80 72.25
C GLN E 1202 101.14 -17.01 73.73
N GLY E 1203 100.13 -16.30 74.22
CA GLY E 1203 99.73 -16.39 75.60
C GLY E 1203 100.47 -15.40 76.49
N GLU E 1204 101.80 -15.48 76.51
CA GLU E 1204 102.59 -14.60 77.36
C GLU E 1204 102.64 -13.20 76.78
N LEU E 1205 103.10 -12.26 77.60
CA LEU E 1205 103.21 -10.85 77.24
C LEU E 1205 104.65 -10.57 76.82
N LYS E 1206 104.84 -10.04 75.62
CA LYS E 1206 106.15 -9.72 75.08
C LYS E 1206 106.11 -8.32 74.48
N PRO E 1207 107.26 -7.63 74.40
CA PRO E 1207 107.27 -6.32 73.74
C PRO E 1207 106.85 -6.43 72.28
N THR E 1208 106.09 -5.45 71.82
CA THR E 1208 105.61 -5.39 70.45
C THR E 1208 105.98 -4.11 69.73
N VAL E 1209 106.10 -2.99 70.45
CA VAL E 1209 106.53 -1.73 69.85
C VAL E 1209 107.44 -1.03 70.84
N ILE E 1210 108.49 -0.38 70.32
CA ILE E 1210 109.39 0.43 71.12
C ILE E 1210 109.56 1.76 70.40
N LEU E 1211 109.25 2.86 71.09
CA LEU E 1211 109.35 4.20 70.55
C LEU E 1211 110.41 4.97 71.34
N LYS E 1212 111.40 5.51 70.64
CA LYS E 1212 112.50 6.23 71.27
C LYS E 1212 113.08 7.21 70.25
N LEU E 1213 114.22 7.81 70.62
CA LEU E 1213 114.95 8.73 69.75
C LEU E 1213 116.26 8.06 69.35
N LEU E 1214 116.30 7.53 68.13
CA LEU E 1214 117.57 7.01 67.60
C LEU E 1214 118.59 8.13 67.48
N LYS E 1215 118.16 9.30 67.00
CA LYS E 1215 119.00 10.47 66.85
C LYS E 1215 118.31 11.65 67.53
N GLU E 1216 119.03 12.76 67.64
CA GLU E 1216 118.46 13.95 68.26
C GLU E 1216 117.28 14.50 67.46
N ASN E 1217 117.20 14.19 66.17
CA ASN E 1217 116.12 14.67 65.31
C ASN E 1217 115.30 13.54 64.69
N ILE E 1218 115.51 12.30 65.12
CA ILE E 1218 114.86 11.14 64.52
C ILE E 1218 114.11 10.40 65.62
N ILE E 1219 112.85 10.07 65.35
CA ILE E 1219 112.02 9.23 66.22
C ILE E 1219 111.98 7.84 65.60
N GLN E 1220 112.43 6.84 66.35
CA GLN E 1220 112.46 5.46 65.90
C GLN E 1220 111.34 4.68 66.57
N MET E 1221 110.53 4.01 65.76
CA MET E 1221 109.46 3.13 66.24
C MET E 1221 109.78 1.72 65.75
N GLU E 1222 110.54 0.97 66.54
CA GLU E 1222 110.83 -0.43 66.24
C GLU E 1222 109.59 -1.26 66.55
N MET E 1223 108.94 -1.76 65.51
CA MET E 1223 107.83 -2.70 65.65
C MET E 1223 108.38 -4.11 65.60
N ILE E 1224 108.30 -4.81 66.72
CA ILE E 1224 108.89 -6.14 66.88
C ILE E 1224 107.85 -7.18 66.56
N GLU E 1225 108.25 -8.21 65.81
CA GLU E 1225 107.41 -9.36 65.49
C GLU E 1225 108.01 -10.57 66.21
N ASN E 1226 107.38 -10.97 67.31
CA ASN E 1226 107.89 -12.09 68.09
C ASN E 1226 107.64 -13.43 67.42
N ARG E 1227 106.71 -13.50 66.47
CA ARG E 1227 106.42 -14.72 65.73
C ARG E 1227 107.37 -14.78 64.53
N THR E 1228 108.37 -15.65 64.62
CA THR E 1228 109.42 -15.74 63.62
C THR E 1228 109.71 -17.21 63.33
N MET E 1229 110.74 -17.45 62.52
CA MET E 1229 111.09 -18.82 62.15
C MET E 1229 111.95 -19.47 63.23
N ASP E 1230 112.98 -18.78 63.68
CA ASP E 1230 113.86 -19.28 64.73
C ASP E 1230 113.45 -18.81 66.11
N GLY E 1231 112.37 -18.03 66.23
CA GLY E 1231 111.89 -17.56 67.51
C GLY E 1231 112.54 -16.28 67.99
N LYS E 1232 113.66 -15.88 67.41
CA LYS E 1232 114.30 -14.63 67.81
C LYS E 1232 113.49 -13.46 67.27
N PRO E 1233 113.20 -12.44 68.07
CA PRO E 1233 112.38 -11.33 67.57
C PRO E 1233 113.08 -10.56 66.46
N VAL E 1234 112.28 -10.07 65.52
CA VAL E 1234 112.74 -9.22 64.43
C VAL E 1234 111.99 -7.90 64.50
N SER E 1235 112.72 -6.80 64.43
CA SER E 1235 112.17 -5.46 64.61
C SER E 1235 112.25 -4.68 63.30
N LEU E 1236 111.23 -3.87 63.04
CA LEU E 1236 111.17 -3.01 61.88
C LEU E 1236 111.39 -1.57 62.32
N PRO E 1237 112.60 -1.01 62.22
CA PRO E 1237 112.82 0.36 62.67
C PRO E 1237 112.19 1.36 61.71
N LEU E 1238 111.09 1.97 62.13
CA LEU E 1238 110.40 3.01 61.37
C LEU E 1238 110.94 4.36 61.86
N LEU E 1239 111.70 5.04 61.00
CA LEU E 1239 112.34 6.29 61.37
C LEU E 1239 111.44 7.46 60.96
N TYR E 1240 111.25 8.40 61.89
CA TYR E 1240 110.50 9.62 61.64
C TYR E 1240 111.35 10.81 62.06
N ASN E 1241 111.53 11.76 61.15
CA ASN E 1241 112.22 13.00 61.49
C ASN E 1241 111.32 13.87 62.34
N PHE E 1242 111.91 14.52 63.36
CA PHE E 1242 111.19 15.41 64.25
C PHE E 1242 111.71 16.83 64.04
N ASN E 1243 110.82 17.71 63.57
CA ASN E 1243 111.17 19.10 63.25
C ASN E 1243 110.37 20.02 64.17
N PRO E 1244 110.95 20.52 65.27
CA PRO E 1244 110.17 21.43 66.13
C PRO E 1244 109.77 22.72 65.45
N ASP E 1245 110.48 23.13 64.40
CA ASP E 1245 110.13 24.37 63.71
C ASP E 1245 108.75 24.29 63.08
N ASN E 1246 108.42 23.15 62.48
CA ASN E 1246 107.08 22.94 61.90
C ASN E 1246 106.20 22.35 62.99
N GLY E 1247 105.58 23.22 63.78
CA GLY E 1247 104.80 22.78 64.91
C GLY E 1247 103.48 22.14 64.55
N PHE E 1248 102.95 22.43 63.36
CA PHE E 1248 101.69 21.82 62.94
C PHE E 1248 101.86 20.32 62.68
N ALA E 1249 102.92 19.96 61.97
CA ALA E 1249 103.23 18.56 61.62
C ALA E 1249 104.70 18.31 61.89
N PRO E 1250 105.11 18.32 63.16
CA PRO E 1250 106.55 18.15 63.44
C PRO E 1250 107.10 16.80 63.02
N ILE E 1251 106.29 15.76 62.98
CA ILE E 1251 106.76 14.40 62.70
C ILE E 1251 106.56 14.11 61.22
N SER E 1252 107.64 13.68 60.56
CA SER E 1252 107.64 13.41 59.13
C SER E 1252 108.21 12.02 58.88
N GLU E 1253 107.50 11.22 58.09
CA GLU E 1253 108.01 9.89 57.73
C GLU E 1253 109.31 10.02 56.95
N VAL E 1254 110.26 9.15 57.26
CA VAL E 1254 111.53 9.08 56.53
C VAL E 1254 111.32 8.06 55.41
N MET E 1255 111.05 8.58 54.20
CA MET E 1255 110.77 7.70 53.07
C MET E 1255 112.02 7.02 52.54
N GLU E 1256 113.20 7.59 52.77
CA GLU E 1256 114.43 6.99 52.27
C GLU E 1256 114.74 5.71 53.04
N ASP E 1257 114.96 4.63 52.29
CA ASP E 1257 115.28 3.31 52.82
C ASP E 1257 114.09 2.64 53.50
N ARG E 1258 112.89 3.23 53.44
CA ARG E 1258 111.73 2.65 54.12
C ARG E 1258 111.36 1.31 53.51
N ASN E 1259 111.24 1.26 52.18
CA ASN E 1259 110.93 0.00 51.51
C ASN E 1259 112.03 -1.02 51.74
N GLN E 1260 113.29 -0.56 51.76
CA GLN E 1260 114.40 -1.47 52.00
C GLN E 1260 114.31 -2.08 53.40
N ARG E 1261 113.97 -1.27 54.40
CA ARG E 1261 113.86 -1.80 55.77
C ARG E 1261 112.69 -2.75 55.89
N ILE E 1262 111.55 -2.41 55.28
CA ILE E 1262 110.40 -3.31 55.31
C ILE E 1262 110.74 -4.63 54.64
N LYS E 1263 111.42 -4.56 53.49
CA LYS E 1263 111.82 -5.78 52.80
C LYS E 1263 112.82 -6.58 53.62
N GLU E 1264 113.72 -5.91 54.34
CA GLU E 1264 114.66 -6.65 55.18
C GLU E 1264 113.94 -7.37 56.31
N MET E 1265 112.96 -6.72 56.93
CA MET E 1265 112.18 -7.40 57.96
C MET E 1265 111.43 -8.59 57.38
N TYR E 1266 110.79 -8.41 56.22
CA TYR E 1266 110.04 -9.50 55.62
C TYR E 1266 110.97 -10.63 55.18
N TRP E 1267 112.19 -10.29 54.75
CA TRP E 1267 113.18 -11.31 54.41
C TRP E 1267 113.56 -12.11 55.64
N LYS E 1268 113.79 -11.43 56.77
CA LYS E 1268 114.09 -12.14 58.00
C LYS E 1268 112.94 -13.04 58.40
N LEU E 1269 111.70 -12.60 58.16
CA LEU E 1269 110.55 -13.39 58.55
C LEU E 1269 110.34 -14.61 57.65
N TRP E 1270 110.48 -14.43 56.34
CA TRP E 1270 110.12 -15.45 55.37
C TRP E 1270 111.32 -16.29 54.93
N ILE E 1271 112.36 -15.65 54.42
CA ILE E 1271 113.47 -16.31 53.75
C ILE E 1271 114.57 -16.58 54.77
N ASP E 1272 115.24 -17.72 54.62
CA ASP E 1272 116.24 -18.20 55.55
C ASP E 1272 117.62 -18.23 54.89
N GLU E 1273 117.93 -17.18 54.15
CA GLU E 1273 119.19 -17.01 53.43
C GLU E 1273 119.72 -15.61 53.71
N PRO E 1274 121.00 -15.36 53.43
CA PRO E 1274 121.55 -14.02 53.67
C PRO E 1274 120.79 -12.96 52.90
N PHE E 1275 120.59 -11.81 53.53
CA PHE E 1275 119.82 -10.73 52.95
C PHE E 1275 120.58 -10.12 51.78
N ASN E 1276 120.06 -10.33 50.57
CA ASN E 1276 120.69 -9.80 49.36
C ASN E 1276 119.58 -9.46 48.38
N LEU E 1277 119.27 -8.18 48.24
CA LEU E 1277 118.22 -7.70 47.36
C LEU E 1277 118.71 -7.39 45.95
N ASP E 1278 120.01 -7.45 45.70
CA ASP E 1278 120.60 -7.08 44.42
C ASP E 1278 120.75 -8.35 43.58
N PHE E 1279 119.67 -8.72 42.89
CA PHE E 1279 119.73 -9.80 41.93
C PHE E 1279 118.67 -9.57 40.85
N ASP E 1280 118.96 -10.05 39.66
CA ASP E 1280 118.14 -9.75 38.49
C ASP E 1280 116.76 -10.39 38.63
N PRO E 1281 115.65 -9.65 38.52
CA PRO E 1281 114.34 -10.31 38.51
C PRO E 1281 114.16 -11.27 37.34
N ARG E 1282 114.82 -11.00 36.21
CA ARG E 1282 114.71 -11.89 35.06
C ARG E 1282 115.30 -13.25 35.37
N ASP E 1283 116.36 -13.29 36.16
CA ASP E 1283 117.01 -14.56 36.50
C ASP E 1283 116.07 -15.43 37.30
N VAL E 1284 116.22 -16.74 37.14
CA VAL E 1284 115.35 -17.70 37.81
C VAL E 1284 115.77 -17.85 39.27
N ILE E 1285 114.77 -18.01 40.15
CA ILE E 1285 115.00 -18.25 41.57
C ILE E 1285 114.86 -19.74 41.81
N LYS E 1286 115.85 -20.32 42.49
CA LYS E 1286 115.88 -21.75 42.79
C LYS E 1286 115.79 -21.93 44.30
N GLY E 1287 114.65 -22.41 44.79
CA GLY E 1287 114.49 -22.61 46.21
C GLY E 1287 115.18 -23.86 46.70
N LYS E 1288 115.26 -23.97 48.02
CA LYS E 1288 115.91 -25.11 48.63
C LYS E 1288 115.06 -26.37 48.46
N ASP E 1289 115.73 -27.51 48.36
CA ASP E 1289 115.03 -28.78 48.31
C ASP E 1289 114.24 -28.98 49.60
N PHE E 1290 113.03 -29.51 49.46
CA PHE E 1290 112.12 -29.69 50.58
C PHE E 1290 111.59 -31.11 50.60
N GLU E 1291 111.57 -31.71 51.78
CA GLU E 1291 111.16 -33.09 51.99
C GLU E 1291 109.77 -33.10 52.60
N ILE E 1292 108.84 -33.76 51.94
CA ILE E 1292 107.48 -33.90 52.48
C ILE E 1292 107.51 -34.94 53.59
N THR E 1293 106.96 -34.57 54.75
CA THR E 1293 106.95 -35.44 55.91
C THR E 1293 105.52 -35.64 56.40
N ALA E 1294 105.31 -36.78 57.06
CA ALA E 1294 103.99 -37.11 57.58
C ALA E 1294 103.54 -36.07 58.60
N LYS E 1295 104.45 -35.62 59.46
CA LYS E 1295 104.10 -34.60 60.44
C LYS E 1295 103.68 -33.31 59.75
N GLU E 1296 104.41 -32.89 58.71
CA GLU E 1296 104.09 -31.65 58.03
C GLU E 1296 102.73 -31.74 57.34
N VAL E 1297 102.46 -32.85 56.66
CA VAL E 1297 101.17 -33.01 56.00
C VAL E 1297 100.05 -33.05 57.03
N TYR E 1298 100.28 -33.75 58.14
CA TYR E 1298 99.30 -33.80 59.23
C TYR E 1298 98.96 -32.39 59.70
N ASP E 1299 99.99 -31.61 60.02
CA ASP E 1299 99.78 -30.26 60.53
C ASP E 1299 99.07 -29.39 59.51
N PHE E 1300 99.48 -29.47 58.23
CA PHE E 1300 98.84 -28.62 57.23
C PHE E 1300 97.38 -28.99 57.04
N THR E 1301 97.09 -30.29 56.96
CA THR E 1301 95.71 -30.72 56.74
C THR E 1301 94.81 -30.29 57.90
N HIS E 1302 95.26 -30.48 59.14
CA HIS E 1302 94.44 -30.13 60.28
C HIS E 1302 94.55 -28.66 60.70
N ALA E 1303 95.39 -27.87 60.03
CA ALA E 1303 95.36 -26.42 60.17
C ALA E 1303 94.43 -25.79 59.14
N VAL E 1304 94.42 -26.34 57.92
CA VAL E 1304 93.53 -25.81 56.88
C VAL E 1304 92.10 -26.27 57.12
N GLY E 1305 91.92 -27.52 57.54
CA GLY E 1305 90.59 -28.10 57.66
C GLY E 1305 90.33 -29.10 56.55
N ASN E 1306 91.38 -29.83 56.16
CA ASN E 1306 91.27 -30.85 55.12
C ASN E 1306 91.07 -32.21 55.78
N ASN E 1307 89.87 -32.77 55.62
CA ASN E 1307 89.50 -34.05 56.22
C ASN E 1307 89.49 -35.19 55.21
N CYS E 1308 90.11 -35.01 54.04
CA CYS E 1308 90.12 -36.06 53.03
C CYS E 1308 90.99 -37.23 53.51
N GLU E 1309 90.49 -38.45 53.26
CA GLU E 1309 91.21 -39.64 53.69
C GLU E 1309 92.52 -39.84 52.93
N ASP E 1310 92.68 -39.22 51.76
CA ASP E 1310 93.90 -39.41 50.98
C ASP E 1310 95.11 -38.83 51.70
N PHE E 1311 94.90 -37.79 52.51
CA PHE E 1311 95.99 -37.12 53.20
C PHE E 1311 96.21 -37.64 54.61
N VAL E 1312 95.33 -38.50 55.12
CA VAL E 1312 95.44 -39.05 56.46
C VAL E 1312 96.15 -40.40 56.37
N SER E 1313 97.04 -40.66 57.33
CA SER E 1313 97.74 -41.94 57.36
C SER E 1313 96.73 -43.07 57.55
N ARG E 1314 96.87 -44.11 56.72
CA ARG E 1314 96.05 -45.30 56.81
C ARG E 1314 96.95 -46.52 56.59
N PRO E 1315 96.63 -47.66 57.20
CA PRO E 1315 97.51 -48.82 57.06
C PRO E 1315 97.49 -49.37 55.64
N ASP E 1316 98.65 -49.90 55.23
CA ASP E 1316 98.79 -50.55 53.92
C ASP E 1316 98.38 -49.63 52.78
N ARG E 1317 98.74 -48.35 52.91
CA ARG E 1317 98.37 -47.36 51.89
C ARG E 1317 99.21 -46.11 52.10
N THR E 1318 99.79 -45.59 51.02
CA THR E 1318 100.62 -44.41 51.10
C THR E 1318 99.78 -43.15 51.27
N MET E 1319 100.35 -42.16 51.96
CA MET E 1319 99.68 -40.91 52.27
C MET E 1319 100.04 -39.87 51.22
N LEU E 1320 99.02 -39.30 50.58
CA LEU E 1320 99.24 -38.22 49.64
C LEU E 1320 99.31 -36.89 50.38
N ALA E 1321 99.83 -35.87 49.69
CA ALA E 1321 99.89 -34.52 50.21
C ALA E 1321 98.86 -33.64 49.50
N PRO E 1322 98.26 -32.66 50.18
CA PRO E 1322 97.24 -31.84 49.53
C PRO E 1322 97.84 -30.97 48.43
N MET E 1323 96.99 -30.65 47.45
CA MET E 1323 97.45 -29.81 46.34
C MET E 1323 97.86 -28.43 46.82
N ASP E 1324 97.26 -27.95 47.91
CA ASP E 1324 97.66 -26.68 48.49
C ASP E 1324 99.03 -26.74 49.16
N PHE E 1325 99.62 -27.92 49.33
CA PHE E 1325 100.95 -28.03 49.89
C PHE E 1325 102.03 -27.48 48.96
N ALA E 1326 101.69 -27.19 47.70
CA ALA E 1326 102.67 -26.64 46.78
C ALA E 1326 103.17 -25.28 47.26
N ILE E 1327 102.26 -24.45 47.80
CA ILE E 1327 102.68 -23.14 48.29
C ILE E 1327 103.56 -23.30 49.53
N VAL E 1328 103.28 -24.29 50.37
CA VAL E 1328 104.16 -24.57 51.51
C VAL E 1328 105.53 -24.98 51.01
N VAL E 1329 105.57 -25.77 49.94
CA VAL E 1329 106.85 -26.23 49.39
C VAL E 1329 107.64 -25.05 48.83
N GLY E 1330 106.98 -24.18 48.07
CA GLY E 1330 107.67 -23.17 47.28
C GLY E 1330 107.37 -21.73 47.62
N TRP E 1331 107.02 -21.45 48.88
CA TRP E 1331 106.81 -20.06 49.29
C TRP E 1331 108.11 -19.27 49.25
N ARG E 1332 109.21 -19.88 49.68
CA ARG E 1332 110.48 -19.17 49.72
C ARG E 1332 110.93 -18.75 48.33
N ALA E 1333 110.61 -19.54 47.30
CA ALA E 1333 110.96 -19.20 45.94
C ALA E 1333 109.95 -18.25 45.30
N ILE E 1334 108.66 -18.47 45.55
CA ILE E 1334 107.63 -17.65 44.94
C ILE E 1334 107.68 -16.23 45.50
N ILE E 1335 107.76 -16.11 46.84
CA ILE E 1335 107.70 -14.80 47.46
C ILE E 1335 108.99 -14.01 47.27
N LYS E 1336 110.11 -14.70 47.05
CA LYS E 1336 111.38 -14.03 46.77
C LYS E 1336 111.36 -13.27 45.45
N ALA E 1337 110.36 -13.54 44.58
CA ALA E 1337 110.31 -12.87 43.28
C ALA E 1337 109.94 -11.40 43.40
N ILE E 1338 109.14 -11.03 44.40
CA ILE E 1338 108.68 -9.64 44.55
C ILE E 1338 109.65 -8.79 45.35
N PHE E 1339 110.78 -9.35 45.78
CA PHE E 1339 111.73 -8.66 46.65
C PHE E 1339 112.71 -7.71 45.94
N PRO E 1340 113.26 -8.03 44.75
CA PRO E 1340 114.36 -7.25 44.20
C PRO E 1340 114.12 -5.74 44.17
N ASN E 1341 115.22 -4.98 44.30
CA ASN E 1341 115.12 -3.53 44.31
C ASN E 1341 114.53 -3.00 43.00
N THR E 1342 114.74 -3.70 41.90
CA THR E 1342 114.13 -3.30 40.64
C THR E 1342 112.62 -3.32 40.74
N VAL E 1343 112.06 -4.38 41.34
CA VAL E 1343 110.62 -4.45 41.62
C VAL E 1343 110.44 -3.85 43.02
N ASP E 1344 110.36 -2.52 43.07
CA ASP E 1344 110.29 -1.79 44.32
C ASP E 1344 108.85 -1.55 44.73
N GLY E 1345 108.58 -1.65 46.01
CA GLY E 1345 107.26 -1.40 46.53
C GLY E 1345 107.20 -1.73 48.00
N ASP E 1346 106.08 -1.35 48.61
CA ASP E 1346 105.89 -1.50 50.05
C ASP E 1346 105.26 -2.88 50.29
N LEU E 1347 105.98 -3.74 51.00
CA LEU E 1347 105.48 -5.09 51.24
C LEU E 1347 104.35 -5.10 52.27
N LEU E 1348 104.33 -4.13 53.19
CA LEU E 1348 103.23 -4.04 54.13
C LEU E 1348 101.93 -3.72 53.43
N LYS E 1349 101.99 -3.03 52.30
CA LYS E 1349 100.83 -2.74 51.46
C LYS E 1349 100.65 -3.76 50.35
N LEU E 1350 101.40 -4.86 50.36
CA LEU E 1350 101.23 -5.91 49.37
C LEU E 1350 99.85 -6.54 49.49
N VAL E 1351 99.23 -6.82 48.35
CA VAL E 1351 97.94 -7.51 48.28
C VAL E 1351 98.11 -8.72 47.38
N HIS E 1352 97.76 -9.89 47.91
CA HIS E 1352 97.77 -11.12 47.11
C HIS E 1352 96.49 -11.13 46.28
N LEU E 1353 96.60 -10.78 45.00
CA LEU E 1353 95.41 -10.73 44.15
C LEU E 1353 94.84 -12.12 43.93
N SER E 1354 95.69 -13.07 43.55
CA SER E 1354 95.22 -14.39 43.16
C SER E 1354 96.34 -15.39 43.31
N ASN E 1355 95.95 -16.65 43.42
CA ASN E 1355 96.89 -17.77 43.38
C ASN E 1355 96.26 -18.84 42.50
N GLY E 1356 97.06 -19.84 42.16
CA GLY E 1356 96.54 -20.94 41.37
C GLY E 1356 97.55 -22.05 41.24
N TYR E 1357 97.02 -23.25 41.02
CA TYR E 1357 97.79 -24.47 40.86
C TYR E 1357 97.38 -25.15 39.56
N LYS E 1358 98.37 -25.73 38.89
CA LYS E 1358 98.14 -26.44 37.63
C LYS E 1358 99.00 -27.70 37.67
N MET E 1359 98.35 -28.85 37.79
CA MET E 1359 99.05 -30.13 37.76
C MET E 1359 99.39 -30.48 36.31
N ILE E 1360 100.66 -30.73 36.04
CA ILE E 1360 101.07 -31.10 34.69
C ILE E 1360 100.51 -32.47 34.35
N PRO E 1361 99.93 -32.68 33.15
CA PRO E 1361 99.40 -34.01 32.84
C PRO E 1361 100.50 -35.07 32.87
N GLY E 1362 100.13 -36.26 33.34
CA GLY E 1362 101.06 -37.34 33.51
C GLY E 1362 101.87 -37.29 34.78
N ALA E 1363 101.62 -36.32 35.66
CA ALA E 1363 102.32 -36.18 36.93
C ALA E 1363 101.39 -36.60 38.05
N LYS E 1364 101.87 -37.49 38.92
CA LYS E 1364 101.09 -37.95 40.04
C LYS E 1364 101.00 -36.86 41.10
N PRO E 1365 99.99 -36.89 41.95
CA PRO E 1365 99.91 -35.90 43.03
C PRO E 1365 101.05 -36.07 44.03
N LEU E 1366 101.30 -35.00 44.78
CA LEU E 1366 102.38 -35.02 45.76
C LEU E 1366 102.13 -36.09 46.82
N GLN E 1367 103.21 -36.77 47.20
CA GLN E 1367 103.16 -37.87 48.16
C GLN E 1367 104.10 -37.57 49.31
N VAL E 1368 103.96 -38.34 50.39
CA VAL E 1368 104.85 -38.18 51.54
C VAL E 1368 106.17 -38.86 51.25
N GLY E 1369 107.27 -38.19 51.60
CA GLY E 1369 108.61 -38.73 51.44
C GLY E 1369 109.32 -38.27 50.19
N ASP E 1370 108.60 -37.79 49.18
CA ASP E 1370 109.24 -37.33 47.96
C ASP E 1370 109.94 -36.00 48.18
N VAL E 1371 110.98 -35.76 47.39
CA VAL E 1371 111.76 -34.53 47.43
C VAL E 1371 111.34 -33.66 46.26
N VAL E 1372 110.90 -32.45 46.56
CA VAL E 1372 110.34 -31.53 45.57
C VAL E 1372 111.26 -30.31 45.49
N SER E 1373 111.65 -29.96 44.26
CA SER E 1373 112.46 -28.78 43.99
C SER E 1373 111.57 -27.70 43.39
N THR E 1374 111.69 -26.48 43.91
CA THR E 1374 110.85 -25.36 43.50
C THR E 1374 111.68 -24.33 42.75
N THR E 1375 111.12 -23.82 41.66
CA THR E 1375 111.83 -22.93 40.74
C THR E 1375 110.88 -21.83 40.28
N ALA E 1376 111.12 -20.60 40.74
CA ALA E 1376 110.23 -19.47 40.50
C ALA E 1376 110.79 -18.56 39.43
N VAL E 1377 109.89 -18.01 38.61
CA VAL E 1377 110.21 -16.99 37.62
C VAL E 1377 109.15 -15.91 37.68
N ILE E 1378 109.56 -14.66 37.48
CA ILE E 1378 108.58 -13.57 37.40
C ILE E 1378 107.96 -13.63 36.01
N GLU E 1379 106.70 -14.08 35.95
CA GLU E 1379 106.00 -14.12 34.67
C GLU E 1379 105.85 -12.71 34.10
N SER E 1380 105.41 -11.77 34.93
CA SER E 1380 105.15 -10.42 34.41
C SER E 1380 105.01 -9.38 35.50
N VAL E 1381 105.88 -8.35 35.47
CA VAL E 1381 105.79 -7.24 36.41
C VAL E 1381 105.45 -5.98 35.61
N VAL E 1382 104.34 -5.33 35.98
CA VAL E 1382 103.82 -4.18 35.24
C VAL E 1382 103.38 -3.11 36.22
N ASN E 1383 103.40 -1.86 35.76
CA ASN E 1383 103.06 -0.68 36.55
C ASN E 1383 101.72 -0.15 36.05
N GLN E 1384 100.64 -0.66 36.63
CA GLN E 1384 99.31 -0.11 36.37
C GLN E 1384 99.10 1.14 37.22
N PRO E 1385 98.15 2.01 36.85
CA PRO E 1385 98.01 3.28 37.60
C PRO E 1385 97.75 3.08 39.08
N THR E 1386 97.06 2.02 39.48
CA THR E 1386 96.77 1.78 40.89
C THR E 1386 97.92 1.13 41.64
N GLY E 1387 98.97 0.67 40.95
CA GLY E 1387 100.07 0.03 41.62
C GLY E 1387 100.79 -0.92 40.67
N LYS E 1388 101.68 -1.72 41.24
CA LYS E 1388 102.52 -2.63 40.47
C LYS E 1388 102.04 -4.06 40.67
N ILE E 1389 101.70 -4.74 39.58
CA ILE E 1389 101.26 -6.14 39.62
C ILE E 1389 102.41 -7.02 39.18
N VAL E 1390 102.73 -8.01 40.01
CA VAL E 1390 103.82 -8.95 39.77
C VAL E 1390 103.23 -10.36 39.73
N ASP E 1391 103.33 -11.00 38.58
CA ASP E 1391 102.86 -12.37 38.38
C ASP E 1391 104.06 -13.30 38.35
N VAL E 1392 104.03 -14.31 39.22
CA VAL E 1392 105.13 -15.25 39.42
C VAL E 1392 104.61 -16.65 39.09
N VAL E 1393 105.49 -17.49 38.56
CA VAL E 1393 105.19 -18.88 38.24
C VAL E 1393 106.28 -19.73 38.87
N GLY E 1394 105.89 -20.63 39.77
CA GLY E 1394 106.81 -21.52 40.45
C GLY E 1394 106.54 -22.96 40.06
N THR E 1395 107.51 -23.57 39.40
CA THR E 1395 107.44 -24.97 38.99
C THR E 1395 107.99 -25.85 40.10
N LEU E 1396 107.17 -26.81 40.53
CA LEU E 1396 107.58 -27.84 41.47
C LEU E 1396 107.86 -29.11 40.67
N SER E 1397 109.07 -29.66 40.87
CA SER E 1397 109.55 -30.82 40.13
C SER E 1397 109.97 -31.91 41.11
N ARG E 1398 109.80 -33.15 40.69
CA ARG E 1398 110.07 -34.32 41.52
C ARG E 1398 110.87 -35.34 40.71
N ASN E 1399 112.01 -35.76 41.25
CA ASN E 1399 112.88 -36.73 40.58
C ASN E 1399 113.29 -36.22 39.20
N GLY E 1400 113.50 -34.92 39.10
CA GLY E 1400 113.85 -34.27 37.84
C GLY E 1400 112.66 -33.87 36.99
N LYS E 1401 111.59 -34.67 37.01
CA LYS E 1401 110.43 -34.36 36.19
C LYS E 1401 109.64 -33.21 36.83
N PRO E 1402 108.98 -32.38 36.00
CA PRO E 1402 108.18 -31.29 36.58
C PRO E 1402 106.81 -31.79 37.02
N VAL E 1403 106.39 -31.44 38.24
CA VAL E 1403 105.15 -31.93 38.82
C VAL E 1403 104.00 -30.96 38.59
N MET E 1404 104.21 -29.68 38.87
CA MET E 1404 103.11 -28.73 38.77
C MET E 1404 103.65 -27.31 38.68
N GLU E 1405 102.75 -26.39 38.38
CA GLU E 1405 103.06 -24.96 38.26
C GLU E 1405 102.11 -24.18 39.15
N VAL E 1406 102.66 -23.28 39.96
CA VAL E 1406 101.90 -22.46 40.89
C VAL E 1406 102.02 -21.01 40.45
N THR E 1407 100.90 -20.40 40.07
CA THR E 1407 100.85 -19.00 39.67
C THR E 1407 100.44 -18.16 40.87
N SER E 1408 101.12 -17.04 41.07
CA SER E 1408 100.84 -16.15 42.19
C SER E 1408 100.91 -14.70 41.71
N SER E 1409 99.83 -13.96 41.88
CA SER E 1409 99.75 -12.57 41.49
C SER E 1409 99.76 -11.71 42.74
N PHE E 1410 100.74 -10.82 42.84
CA PHE E 1410 100.87 -9.90 43.95
C PHE E 1410 100.72 -8.48 43.43
N PHE E 1411 100.38 -7.56 44.33
CA PHE E 1411 100.06 -6.19 43.96
C PHE E 1411 100.64 -5.25 45.00
N TYR E 1412 101.72 -4.56 44.64
CA TYR E 1412 102.25 -3.46 45.43
C TYR E 1412 101.36 -2.25 45.20
N ARG E 1413 100.52 -1.93 46.17
CA ARG E 1413 99.62 -0.79 46.05
C ARG E 1413 100.41 0.51 46.24
N GLY E 1414 100.30 1.40 45.27
CA GLY E 1414 101.03 2.65 45.31
C GLY E 1414 101.13 3.24 43.92
N ASN E 1415 102.13 4.12 43.76
CA ASN E 1415 102.40 4.79 42.50
C ASN E 1415 103.84 4.49 42.09
N TYR E 1416 104.01 3.94 40.89
CA TYR E 1416 105.32 3.55 40.38
C TYR E 1416 105.45 3.98 38.93
N THR E 1417 106.66 4.39 38.56
CA THR E 1417 106.95 4.85 37.21
C THR E 1417 108.25 4.26 36.67
N ASP E 1418 108.78 3.22 37.30
CA ASP E 1418 110.03 2.59 36.85
C ASP E 1418 109.71 1.57 35.76
N PHE E 1419 109.21 2.08 34.65
CA PHE E 1419 108.84 1.22 33.53
C PHE E 1419 110.04 0.52 32.90
N GLU E 1420 111.25 1.02 33.13
CA GLU E 1420 112.44 0.35 32.60
C GLU E 1420 112.59 -1.06 33.17
N ASN E 1421 112.10 -1.29 34.39
CA ASN E 1421 112.19 -2.57 35.06
C ASN E 1421 110.92 -3.42 34.88
N THR E 1422 109.95 -2.93 34.12
CA THR E 1422 108.69 -3.64 33.91
C THR E 1422 108.78 -4.49 32.65
N PHE E 1423 108.23 -5.70 32.71
CA PHE E 1423 108.13 -6.58 31.57
C PHE E 1423 106.89 -7.44 31.74
N GLN E 1424 106.41 -8.00 30.63
CA GLN E 1424 105.21 -8.83 30.69
C GLN E 1424 105.29 -9.94 29.65
N LYS E 1425 105.19 -11.18 30.14
CA LYS E 1425 105.02 -12.37 29.30
C LYS E 1425 103.56 -12.77 29.35
N THR E 1426 102.98 -13.05 28.20
CA THR E 1426 101.59 -13.51 28.14
C THR E 1426 101.44 -14.55 27.04
N VAL E 1427 100.81 -15.66 27.37
CA VAL E 1427 100.52 -16.71 26.41
C VAL E 1427 99.21 -16.33 25.73
N GLU E 1428 99.29 -15.88 24.48
CA GLU E 1428 98.09 -15.45 23.79
C GLU E 1428 97.19 -16.66 23.54
N PRO E 1429 95.87 -16.46 23.45
CA PRO E 1429 94.99 -17.58 23.17
C PRO E 1429 95.28 -18.18 21.79
N VAL E 1430 95.09 -19.49 21.69
CA VAL E 1430 95.39 -20.19 20.45
C VAL E 1430 94.43 -19.71 19.37
N TYR E 1431 94.97 -19.32 18.22
CA TYR E 1431 94.18 -18.79 17.12
C TYR E 1431 94.13 -19.79 15.98
N GLN E 1432 92.99 -19.84 15.28
CA GLN E 1432 92.82 -20.73 14.14
C GLN E 1432 92.39 -19.93 12.92
N MET E 1433 92.99 -20.24 11.78
CA MET E 1433 92.68 -19.61 10.52
C MET E 1433 92.46 -20.67 9.45
N HIS E 1434 91.34 -20.57 8.73
CA HIS E 1434 91.04 -21.45 7.61
C HIS E 1434 91.40 -20.72 6.34
N ILE E 1435 92.34 -21.28 5.57
CA ILE E 1435 92.80 -20.66 4.33
C ILE E 1435 91.87 -21.12 3.22
N LYS E 1436 91.01 -20.21 2.77
CA LYS E 1436 89.99 -20.52 1.77
C LYS E 1436 90.42 -20.14 0.36
N THR E 1437 91.17 -19.05 0.20
CA THR E 1437 91.53 -18.53 -1.11
C THR E 1437 93.00 -18.12 -1.09
N SER E 1438 93.52 -17.83 -2.28
CA SER E 1438 94.91 -17.38 -2.40
C SER E 1438 95.11 -15.98 -1.84
N LYS E 1439 94.03 -15.21 -1.65
CA LYS E 1439 94.16 -13.91 -1.02
C LYS E 1439 94.69 -14.05 0.41
N ASP E 1440 94.17 -15.02 1.15
CA ASP E 1440 94.66 -15.26 2.51
C ASP E 1440 96.12 -15.67 2.49
N ILE E 1441 96.52 -16.51 1.53
CA ILE E 1441 97.91 -16.92 1.43
C ILE E 1441 98.80 -15.73 1.16
N ALA E 1442 98.38 -14.85 0.24
CA ALA E 1442 99.17 -13.66 -0.05
C ALA E 1442 99.27 -12.76 1.16
N VAL E 1443 98.18 -12.60 1.90
CA VAL E 1443 98.20 -11.78 3.11
C VAL E 1443 99.18 -12.36 4.13
N LEU E 1444 99.15 -13.68 4.32
CA LEU E 1444 100.06 -14.31 5.26
C LEU E 1444 101.51 -14.13 4.82
N ARG E 1445 101.79 -14.34 3.53
CA ARG E 1445 103.18 -14.23 3.06
C ARG E 1445 103.67 -12.79 3.10
N SER E 1446 102.75 -11.81 3.03
CA SER E 1446 103.16 -10.42 3.15
C SER E 1446 103.62 -10.05 4.55
N LYS E 1447 103.36 -10.89 5.55
CA LYS E 1447 103.76 -10.62 6.92
C LYS E 1447 105.18 -11.12 7.15
N GLU E 1448 106.05 -10.23 7.63
CA GLU E 1448 107.42 -10.63 7.91
C GLU E 1448 107.48 -11.67 9.02
N TRP E 1449 106.64 -11.51 10.04
CA TRP E 1449 106.71 -12.41 11.19
C TRP E 1449 106.26 -13.83 10.85
N PHE E 1450 105.42 -13.99 9.82
CA PHE E 1450 104.93 -15.30 9.41
C PHE E 1450 106.00 -15.97 8.57
N GLN E 1451 106.72 -16.95 9.15
CA GLN E 1451 107.78 -17.65 8.47
C GLN E 1451 107.46 -19.14 8.46
N LEU E 1452 107.83 -19.82 7.38
CA LEU E 1452 107.60 -21.24 7.22
C LEU E 1452 108.93 -21.94 6.93
N ASP E 1453 109.10 -23.14 7.50
CA ASP E 1453 110.30 -23.91 7.19
C ASP E 1453 110.30 -24.32 5.72
N ASP E 1454 109.14 -24.72 5.20
CA ASP E 1454 108.97 -25.06 3.79
C ASP E 1454 108.22 -23.90 3.14
N GLU E 1455 108.97 -23.05 2.43
CA GLU E 1455 108.36 -21.86 1.83
C GLU E 1455 107.31 -22.23 0.79
N ASP E 1456 107.50 -23.35 0.10
CA ASP E 1456 106.56 -23.81 -0.92
C ASP E 1456 105.44 -24.66 -0.35
N PHE E 1457 105.23 -24.64 0.96
CA PHE E 1457 104.13 -25.39 1.56
C PHE E 1457 102.80 -24.88 1.02
N ASP E 1458 101.93 -25.80 0.63
CA ASP E 1458 100.63 -25.46 0.07
C ASP E 1458 99.68 -25.14 1.21
N LEU E 1459 99.44 -23.85 1.43
CA LEU E 1459 98.55 -23.40 2.50
C LEU E 1459 97.08 -23.39 2.10
N LEU E 1460 96.76 -23.56 0.81
CA LEU E 1460 95.38 -23.49 0.37
C LEU E 1460 94.59 -24.67 0.92
N ASN E 1461 93.36 -24.38 1.36
CA ASN E 1461 92.47 -25.40 1.93
C ASN E 1461 93.12 -26.09 3.13
N LYS E 1462 93.78 -25.29 3.99
CA LYS E 1462 94.44 -25.78 5.18
C LYS E 1462 94.03 -24.95 6.38
N THR E 1463 94.07 -25.56 7.56
CA THR E 1463 93.78 -24.88 8.81
C THR E 1463 95.08 -24.68 9.58
N LEU E 1464 95.40 -23.42 9.86
CA LEU E 1464 96.61 -23.03 10.58
C LEU E 1464 96.26 -22.68 12.02
N THR E 1465 97.02 -23.23 12.95
CA THR E 1465 96.89 -22.95 14.36
C THR E 1465 98.12 -22.19 14.84
N PHE E 1466 97.90 -21.05 15.48
CA PHE E 1466 98.94 -20.18 16.00
C PHE E 1466 98.90 -20.21 17.52
N GLU E 1467 100.02 -20.59 18.13
CA GLU E 1467 100.19 -20.59 19.59
C GLU E 1467 101.34 -19.65 19.89
N THR E 1468 101.02 -18.41 20.25
CA THR E 1468 102.00 -17.34 20.33
C THR E 1468 102.19 -16.89 21.78
N GLU E 1469 103.42 -16.49 22.08
CA GLU E 1469 103.80 -15.93 23.38
C GLU E 1469 104.32 -14.51 23.14
N THR E 1470 103.82 -13.56 23.89
CA THR E 1470 104.16 -12.15 23.72
C THR E 1470 104.96 -11.66 24.91
N GLU E 1471 106.16 -11.15 24.64
CA GLU E 1471 107.01 -10.48 25.62
C GLU E 1471 107.04 -9.00 25.30
N VAL E 1472 106.54 -8.18 26.21
CA VAL E 1472 106.50 -6.73 26.01
C VAL E 1472 107.22 -6.06 27.17
N THR E 1473 108.17 -5.18 26.83
CA THR E 1473 108.84 -4.31 27.79
C THR E 1473 108.29 -2.90 27.62
N PHE E 1474 107.85 -2.30 28.72
CA PHE E 1474 107.09 -1.06 28.69
C PHE E 1474 108.04 0.13 28.70
N LYS E 1475 107.75 1.12 27.86
CA LYS E 1475 108.42 2.42 27.97
C LYS E 1475 107.68 3.34 28.91
N ASN E 1476 106.35 3.31 28.85
CA ASN E 1476 105.50 4.04 29.79
C ASN E 1476 104.22 3.24 29.95
N ALA E 1477 103.19 3.88 30.54
CA ALA E 1477 101.96 3.17 30.84
C ALA E 1477 101.27 2.65 29.58
N ASN E 1478 101.46 3.32 28.44
CA ASN E 1478 100.73 3.03 27.22
C ASN E 1478 101.58 2.39 26.14
N ILE E 1479 102.73 2.97 25.83
CA ILE E 1479 103.55 2.55 24.70
C ILE E 1479 104.60 1.55 25.18
N PHE E 1480 104.62 0.37 24.56
CA PHE E 1480 105.62 -0.64 24.88
C PHE E 1480 106.99 -0.22 24.33
N SER E 1481 108.04 -0.40 25.14
CA SER E 1481 109.38 -0.09 24.67
C SER E 1481 109.84 -1.11 23.63
N SER E 1482 109.43 -2.37 23.79
CA SER E 1482 109.75 -3.41 22.82
C SER E 1482 108.66 -4.46 22.88
N VAL E 1483 108.30 -4.99 21.71
CA VAL E 1483 107.27 -6.02 21.59
C VAL E 1483 107.85 -7.18 20.79
N LYS E 1484 107.78 -8.38 21.36
CA LYS E 1484 108.20 -9.60 20.70
C LYS E 1484 107.06 -10.59 20.79
N CYS E 1485 106.81 -11.32 19.71
CA CYS E 1485 105.72 -12.30 19.67
C CYS E 1485 106.23 -13.52 18.90
N PHE E 1486 106.40 -14.63 19.60
CA PHE E 1486 107.09 -15.79 19.05
C PHE E 1486 106.28 -17.05 19.35
N GLY E 1487 106.33 -18.00 18.42
CA GLY E 1487 105.69 -19.27 18.64
C GLY E 1487 105.64 -20.15 17.42
N PRO E 1488 105.18 -21.38 17.57
CA PRO E 1488 105.02 -22.28 16.42
C PRO E 1488 103.69 -22.08 15.71
N ILE E 1489 103.73 -22.26 14.39
CA ILE E 1489 102.57 -22.30 13.54
C ILE E 1489 102.45 -23.71 13.02
N LYS E 1490 101.29 -24.34 13.23
CA LYS E 1490 101.09 -25.73 12.84
C LYS E 1490 99.87 -25.85 11.94
N VAL E 1491 99.89 -26.87 11.11
CA VAL E 1491 98.79 -27.15 10.18
C VAL E 1491 98.04 -28.37 10.68
N GLU E 1492 96.73 -28.35 10.45
CA GLU E 1492 95.86 -29.47 10.82
C GLU E 1492 95.89 -30.51 9.71
N LEU E 1493 96.44 -31.68 10.04
CA LEU E 1493 96.51 -32.79 9.10
C LEU E 1493 95.12 -33.41 8.93
N PRO E 1494 94.95 -34.29 7.94
CA PRO E 1494 93.64 -34.94 7.79
C PRO E 1494 93.22 -35.75 9.00
N THR E 1495 94.15 -36.18 9.85
CA THR E 1495 93.85 -36.93 11.05
C THR E 1495 93.54 -36.04 12.26
N LYS E 1496 93.20 -34.77 12.04
CA LYS E 1496 92.91 -33.83 13.12
C LYS E 1496 94.10 -33.69 14.07
N GLU E 1497 95.30 -33.81 13.52
CA GLU E 1497 96.54 -33.68 14.28
C GLU E 1497 97.28 -32.43 13.81
N THR E 1498 97.64 -31.57 14.76
CA THR E 1498 98.33 -30.32 14.45
C THR E 1498 99.83 -30.58 14.46
N VAL E 1499 100.48 -30.34 13.31
CA VAL E 1499 101.91 -30.58 13.16
C VAL E 1499 102.58 -29.28 12.74
N GLU E 1500 103.71 -28.95 13.38
CA GLU E 1500 104.39 -27.69 13.12
C GLU E 1500 104.85 -27.61 11.68
N ILE E 1501 104.56 -26.49 11.02
CA ILE E 1501 105.07 -26.20 9.69
C ILE E 1501 105.77 -24.86 9.59
N GLY E 1502 105.71 -24.02 10.62
CA GLY E 1502 106.35 -22.73 10.56
C GLY E 1502 106.50 -22.13 11.94
N ILE E 1503 107.04 -20.91 11.96
CA ILE E 1503 107.15 -20.13 13.18
C ILE E 1503 106.64 -18.72 12.92
N VAL E 1504 105.94 -18.18 13.91
CA VAL E 1504 105.68 -16.75 13.99
C VAL E 1504 106.80 -16.15 14.83
N ASP E 1505 107.47 -15.13 14.28
CA ASP E 1505 108.61 -14.47 14.93
C ASP E 1505 108.51 -12.98 14.61
N TYR E 1506 107.86 -12.23 15.49
CA TYR E 1506 107.71 -10.79 15.37
C TYR E 1506 108.61 -10.12 16.39
N GLU E 1507 109.38 -9.14 15.94
CA GLU E 1507 110.28 -8.38 16.81
C GLU E 1507 110.14 -6.91 16.44
N ALA E 1508 109.95 -6.04 17.43
CA ALA E 1508 109.79 -4.63 17.16
C ALA E 1508 110.19 -3.83 18.40
N GLY E 1509 110.65 -2.61 18.14
CA GLY E 1509 111.00 -1.69 19.21
C GLY E 1509 109.78 -1.00 19.76
N ALA E 1510 109.84 0.33 19.88
CA ALA E 1510 108.72 1.08 20.42
C ALA E 1510 107.47 0.87 19.57
N SER E 1511 106.39 0.44 20.21
CA SER E 1511 105.14 0.18 19.51
C SER E 1511 103.98 0.35 20.48
N HIS E 1512 102.79 0.60 19.92
CA HIS E 1512 101.58 0.75 20.69
C HIS E 1512 100.81 -0.56 20.87
N GLY E 1513 101.23 -1.63 20.21
CA GLY E 1513 100.53 -2.89 20.31
C GLY E 1513 101.26 -3.97 19.55
N ASN E 1514 100.72 -5.19 19.64
CA ASN E 1514 101.29 -6.33 18.93
C ASN E 1514 100.46 -6.59 17.68
N PRO E 1515 100.98 -6.33 16.48
CA PRO E 1515 100.14 -6.53 15.28
C PRO E 1515 99.75 -7.98 15.04
N VAL E 1516 100.56 -8.93 15.52
CA VAL E 1516 100.25 -10.34 15.26
C VAL E 1516 98.93 -10.72 15.90
N VAL E 1517 98.75 -10.36 17.17
CA VAL E 1517 97.51 -10.71 17.87
C VAL E 1517 96.32 -10.02 17.23
N ASP E 1518 96.48 -8.75 16.85
CA ASP E 1518 95.38 -8.03 16.22
C ASP E 1518 94.99 -8.68 14.89
N PHE E 1519 95.98 -9.04 14.07
CA PHE E 1519 95.70 -9.70 12.80
C PHE E 1519 95.00 -11.04 13.02
N LEU E 1520 95.49 -11.82 13.97
CA LEU E 1520 94.89 -13.14 14.21
C LEU E 1520 93.47 -13.00 14.75
N LYS E 1521 93.23 -12.05 15.65
CA LYS E 1521 91.89 -11.84 16.17
C LYS E 1521 90.94 -11.39 15.06
N ARG E 1522 91.40 -10.49 14.19
CA ARG E 1522 90.52 -9.98 13.14
C ARG E 1522 90.20 -11.06 12.11
N ASN E 1523 91.18 -11.86 11.71
CA ASN E 1523 91.00 -12.82 10.63
C ASN E 1523 90.59 -14.21 11.13
N GLY E 1524 91.41 -14.84 11.97
CA GLY E 1524 91.12 -16.16 12.46
C GLY E 1524 90.12 -16.15 13.59
N SER E 1525 89.94 -17.33 14.18
CA SER E 1525 89.03 -17.56 15.29
C SER E 1525 89.81 -18.01 16.51
N THR E 1526 89.31 -17.66 17.69
CA THR E 1526 89.95 -18.04 18.94
C THR E 1526 89.48 -19.44 19.34
N LEU E 1527 90.43 -20.32 19.67
CA LEU E 1527 90.11 -21.65 20.16
C LEU E 1527 90.18 -21.64 21.68
N GLU E 1528 89.02 -21.68 22.33
CA GLU E 1528 88.93 -21.71 23.78
C GLU E 1528 88.86 -23.16 24.24
N GLN E 1529 89.82 -23.57 25.05
CA GLN E 1529 89.81 -24.93 25.58
C GLN E 1529 88.60 -25.14 26.49
N LYS E 1530 88.29 -24.16 27.33
CA LYS E 1530 87.13 -24.26 28.21
C LYS E 1530 85.85 -24.15 27.40
N VAL E 1531 84.96 -25.12 27.59
CA VAL E 1531 83.67 -25.17 26.89
C VAL E 1531 82.58 -25.16 27.95
N ASN E 1532 81.80 -24.09 27.98
CA ASN E 1532 80.72 -23.97 28.96
C ASN E 1532 79.57 -24.89 28.61
N LEU E 1533 78.88 -25.37 29.64
CA LEU E 1533 77.69 -26.17 29.44
C LEU E 1533 76.51 -25.29 29.04
N GLU E 1534 75.41 -25.92 28.65
CA GLU E 1534 74.24 -25.14 28.25
C GLU E 1534 73.69 -24.36 29.44
N ASN E 1535 73.73 -24.95 30.63
CA ASN E 1535 73.37 -24.28 31.87
C ASN E 1535 74.34 -24.72 32.96
N PRO E 1536 74.58 -23.89 33.97
CA PRO E 1536 75.40 -24.36 35.09
C PRO E 1536 74.69 -25.43 35.90
N ILE E 1537 75.49 -26.28 36.54
CA ILE E 1537 74.97 -27.34 37.40
C ILE E 1537 75.41 -27.03 38.83
N PRO E 1538 74.55 -26.48 39.69
CA PRO E 1538 74.98 -26.24 41.07
C PRO E 1538 75.25 -27.55 41.79
N ILE E 1539 76.35 -27.59 42.54
CA ILE E 1539 76.76 -28.78 43.26
C ILE E 1539 76.36 -28.71 44.73
N ALA E 1540 76.79 -27.66 45.43
CA ALA E 1540 76.44 -27.51 46.84
C ALA E 1540 76.82 -26.12 47.32
N VAL E 1541 76.14 -25.67 48.36
CA VAL E 1541 76.47 -24.46 49.10
C VAL E 1541 76.99 -24.89 50.46
N LEU E 1542 78.21 -24.46 50.78
CA LEU E 1542 78.94 -24.96 51.94
C LEU E 1542 79.36 -23.81 52.83
N ASP E 1543 79.45 -24.08 54.13
CA ASP E 1543 79.84 -23.08 55.12
C ASP E 1543 81.18 -23.45 55.72
N SER E 1544 82.09 -22.47 55.80
CA SER E 1544 83.41 -22.63 56.38
C SER E 1544 83.62 -21.55 57.42
N TYR E 1545 84.05 -21.93 58.62
CA TYR E 1545 84.29 -20.99 59.69
C TYR E 1545 85.78 -20.72 59.82
N THR E 1546 86.19 -19.48 59.60
CA THR E 1546 87.59 -19.13 59.66
C THR E 1546 88.07 -19.15 61.12
N PRO E 1547 89.25 -19.71 61.41
CA PRO E 1547 89.66 -19.83 62.81
C PRO E 1547 89.96 -18.48 63.44
N SER E 1548 89.87 -18.45 64.77
CA SER E 1548 90.18 -17.23 65.51
C SER E 1548 91.64 -16.82 65.33
N THR E 1549 92.55 -17.79 65.36
CA THR E 1549 93.99 -17.53 65.34
C THR E 1549 94.57 -18.02 64.03
N ASN E 1550 95.44 -17.20 63.43
CA ASN E 1550 96.15 -17.54 62.21
C ASN E 1550 97.57 -18.06 62.48
N GLU E 1551 97.95 -18.19 63.75
CA GLU E 1551 99.30 -18.67 64.06
C GLU E 1551 99.56 -20.09 63.55
N PRO E 1552 98.68 -21.07 63.73
CA PRO E 1552 99.01 -22.42 63.22
C PRO E 1552 99.17 -22.47 61.71
N TYR E 1553 98.28 -21.81 60.98
CA TYR E 1553 98.43 -21.78 59.52
C TYR E 1553 99.70 -21.04 59.12
N ALA E 1554 100.01 -19.94 59.79
CA ALA E 1554 101.22 -19.20 59.47
C ALA E 1554 102.45 -20.07 59.67
N ARG E 1555 102.51 -20.80 60.78
CA ARG E 1555 103.68 -21.64 61.05
C ARG E 1555 103.76 -22.80 60.07
N VAL E 1556 102.62 -23.41 59.74
CA VAL E 1556 102.67 -24.59 58.88
C VAL E 1556 103.00 -24.20 57.44
N SER E 1557 102.50 -23.06 56.98
CA SER E 1557 102.76 -22.62 55.61
C SER E 1557 104.06 -21.83 55.47
N GLY E 1558 104.67 -21.41 56.57
CA GLY E 1558 105.85 -20.59 56.50
C GLY E 1558 105.59 -19.13 56.18
N ASP E 1559 104.32 -18.75 56.00
CA ASP E 1559 103.95 -17.36 55.71
C ASP E 1559 103.78 -16.65 57.05
N LEU E 1560 104.87 -16.03 57.53
CA LEU E 1560 104.86 -15.31 58.78
C LEU E 1560 104.60 -13.82 58.58
N ASN E 1561 103.76 -13.48 57.61
CA ASN E 1561 103.42 -12.08 57.36
C ASN E 1561 102.81 -11.49 58.63
N PRO E 1562 103.38 -10.41 59.18
CA PRO E 1562 102.85 -9.90 60.46
C PRO E 1562 101.42 -9.43 60.40
N ILE E 1563 100.89 -9.10 59.21
CA ILE E 1563 99.55 -8.53 59.15
C ILE E 1563 98.50 -9.53 59.61
N HIS E 1564 98.79 -10.83 59.45
CA HIS E 1564 97.81 -11.86 59.78
C HIS E 1564 97.87 -12.31 61.24
N VAL E 1565 98.90 -11.92 61.99
CA VAL E 1565 99.08 -12.41 63.36
C VAL E 1565 99.27 -11.30 64.38
N SER E 1566 99.71 -10.11 63.98
CA SER E 1566 100.01 -9.02 64.90
C SER E 1566 98.99 -7.90 64.70
N ARG E 1567 98.40 -7.47 65.80
CA ARG E 1567 97.44 -6.37 65.73
C ARG E 1567 98.12 -5.07 65.30
N HIS E 1568 99.29 -4.77 65.86
CA HIS E 1568 99.93 -3.49 65.59
C HIS E 1568 100.36 -3.38 64.13
N PHE E 1569 100.87 -4.47 63.55
CA PHE E 1569 101.27 -4.42 62.15
C PHE E 1569 100.07 -4.22 61.24
N ALA E 1570 98.95 -4.89 61.54
CA ALA E 1570 97.75 -4.69 60.74
C ALA E 1570 97.24 -3.26 60.87
N SER E 1571 97.27 -2.70 62.08
CA SER E 1571 96.84 -1.32 62.25
C SER E 1571 97.74 -0.37 61.49
N TYR E 1572 99.05 -0.61 61.50
CA TYR E 1572 99.96 0.21 60.71
C TYR E 1572 99.72 0.05 59.22
N ALA E 1573 99.32 -1.14 58.77
CA ALA E 1573 98.99 -1.38 57.38
C ALA E 1573 97.57 -0.97 57.02
N ASN E 1574 96.81 -0.42 57.98
CA ASN E 1574 95.47 0.12 57.76
C ASN E 1574 94.46 -0.96 57.39
N LEU E 1575 94.69 -2.18 57.82
CA LEU E 1575 93.75 -3.26 57.59
C LEU E 1575 92.68 -3.26 58.68
N PRO E 1576 91.51 -3.86 58.42
CA PRO E 1576 90.47 -3.90 59.47
C PRO E 1576 90.88 -4.68 60.69
N GLY E 1577 91.88 -5.55 60.58
CA GLY E 1577 92.34 -6.31 61.72
C GLY E 1577 93.38 -7.32 61.29
N THR E 1578 93.59 -8.33 62.13
CA THR E 1578 94.49 -9.44 61.81
C THR E 1578 93.78 -10.35 60.79
N ILE E 1579 93.72 -9.86 59.56
CA ILE E 1579 93.02 -10.58 58.50
C ILE E 1579 93.65 -11.95 58.30
N THR E 1580 92.81 -12.96 58.06
CA THR E 1580 93.30 -14.31 57.90
C THR E 1580 93.96 -14.48 56.54
N HIS E 1581 94.77 -15.53 56.43
CA HIS E 1581 95.52 -15.77 55.21
C HIS E 1581 94.59 -16.03 54.05
N GLY E 1582 94.74 -15.24 52.99
CA GLY E 1582 94.04 -15.53 51.76
C GLY E 1582 94.35 -16.92 51.26
N MET E 1583 95.59 -17.37 51.46
CA MET E 1583 95.94 -18.73 51.07
C MET E 1583 95.27 -19.76 51.96
N PHE E 1584 95.05 -19.44 53.24
CA PHE E 1584 94.24 -20.33 54.06
C PHE E 1584 92.83 -20.44 53.50
N SER E 1585 92.24 -19.31 53.12
CA SER E 1585 90.90 -19.34 52.55
C SER E 1585 90.87 -20.17 51.27
N SER E 1586 91.88 -19.99 50.42
CA SER E 1586 91.95 -20.76 49.18
C SER E 1586 92.09 -22.26 49.47
N ALA E 1587 92.92 -22.61 50.46
CA ALA E 1587 93.13 -24.03 50.76
C ALA E 1587 91.87 -24.65 51.37
N SER E 1588 91.18 -23.91 52.23
CA SER E 1588 89.91 -24.41 52.78
C SER E 1588 88.89 -24.62 51.67
N VAL E 1589 88.78 -23.65 50.76
CA VAL E 1589 87.82 -23.79 49.66
C VAL E 1589 88.22 -24.95 48.76
N ARG E 1590 89.53 -25.16 48.55
CA ARG E 1590 89.96 -26.28 47.72
C ARG E 1590 89.67 -27.61 48.41
N ALA E 1591 89.82 -27.65 49.72
CA ALA E 1591 89.42 -28.85 50.45
C ALA E 1591 87.93 -29.14 50.24
N LEU E 1592 87.11 -28.10 50.31
CA LEU E 1592 85.69 -28.29 50.06
C LEU E 1592 85.41 -28.76 48.63
N ILE E 1593 86.12 -28.17 47.65
CA ILE E 1593 85.92 -28.55 46.26
C ILE E 1593 86.32 -30.01 46.04
N GLU E 1594 87.48 -30.41 46.57
CA GLU E 1594 87.91 -31.78 46.38
C GLU E 1594 87.02 -32.75 47.15
N ASN E 1595 86.39 -32.29 48.23
CA ASN E 1595 85.46 -33.16 48.95
C ASN E 1595 84.18 -33.35 48.16
N TRP E 1596 83.63 -32.26 47.60
CA TRP E 1596 82.29 -32.27 47.05
C TRP E 1596 82.28 -32.49 45.53
N ALA E 1597 82.96 -31.63 44.78
CA ALA E 1597 82.98 -31.78 43.33
C ALA E 1597 83.76 -33.02 42.91
N ALA E 1598 84.85 -33.34 43.62
CA ALA E 1598 85.72 -34.44 43.26
C ALA E 1598 85.47 -35.71 44.08
N ASP E 1599 84.44 -35.73 44.92
CA ASP E 1599 84.08 -36.93 45.69
C ASP E 1599 85.19 -37.35 46.62
N SER E 1600 85.93 -36.38 47.16
CA SER E 1600 87.02 -36.62 48.11
C SER E 1600 88.10 -37.53 47.50
N VAL E 1601 88.45 -37.21 46.25
CA VAL E 1601 89.54 -37.88 45.56
C VAL E 1601 90.60 -36.83 45.26
N SER E 1602 91.78 -36.98 45.87
CA SER E 1602 92.84 -35.99 45.72
C SER E 1602 93.35 -35.93 44.29
N SER E 1603 93.64 -37.09 43.69
CA SER E 1603 94.19 -37.12 42.34
C SER E 1603 93.24 -36.55 41.31
N ARG E 1604 91.94 -36.50 41.61
CA ARG E 1604 90.94 -36.03 40.67
C ARG E 1604 90.95 -34.52 40.47
N VAL E 1605 91.66 -33.77 41.32
CA VAL E 1605 91.78 -32.32 41.21
C VAL E 1605 93.16 -32.01 40.64
N ARG E 1606 93.19 -31.39 39.46
CA ARG E 1606 94.42 -31.12 38.74
C ARG E 1606 94.72 -29.64 38.59
N GLY E 1607 93.70 -28.81 38.49
CA GLY E 1607 93.88 -27.36 38.43
C GLY E 1607 92.97 -26.69 39.43
N TYR E 1608 93.44 -25.58 40.00
CA TYR E 1608 92.63 -24.83 40.96
C TYR E 1608 93.17 -23.41 41.03
N THR E 1609 92.43 -22.45 40.47
CA THR E 1609 92.81 -21.05 40.52
C THR E 1609 91.81 -20.32 41.41
N CYS E 1610 92.34 -19.46 42.28
CA CYS E 1610 91.56 -18.71 43.26
C CYS E 1610 91.97 -17.25 43.17
N GLN E 1611 91.01 -16.36 43.42
CA GLN E 1611 91.22 -14.93 43.41
C GLN E 1611 90.67 -14.35 44.70
N PHE E 1612 91.50 -13.56 45.39
CA PHE E 1612 91.18 -12.98 46.68
C PHE E 1612 90.67 -11.56 46.44
N VAL E 1613 89.38 -11.45 46.14
CA VAL E 1613 88.80 -10.16 45.80
C VAL E 1613 88.77 -9.24 47.02
N ASP E 1614 88.53 -9.81 48.21
CA ASP E 1614 88.40 -9.03 49.42
C ASP E 1614 89.02 -9.78 50.60
N MET E 1615 89.34 -9.02 51.64
CA MET E 1615 89.98 -9.58 52.82
C MET E 1615 88.97 -10.37 53.66
N VAL E 1616 89.51 -11.26 54.50
CA VAL E 1616 88.72 -12.13 55.36
C VAL E 1616 89.25 -12.01 56.77
N LEU E 1617 88.37 -11.74 57.74
CA LEU E 1617 88.74 -11.58 59.13
C LEU E 1617 88.58 -12.89 59.89
N PRO E 1618 89.27 -13.08 61.03
CA PRO E 1618 89.10 -14.31 61.79
C PRO E 1618 87.69 -14.44 62.34
N ASN E 1619 87.27 -15.69 62.56
CA ASN E 1619 85.96 -16.00 63.11
C ASN E 1619 84.83 -15.43 62.24
N THR E 1620 84.83 -15.84 60.98
CA THR E 1620 83.82 -15.41 60.03
C THR E 1620 83.27 -16.63 59.29
N ALA E 1621 81.99 -16.55 58.94
CA ALA E 1621 81.30 -17.61 58.22
C ALA E 1621 81.38 -17.30 56.73
N LEU E 1622 81.95 -18.23 55.97
CA LEU E 1622 82.16 -18.09 54.55
C LEU E 1622 81.26 -19.07 53.82
N LYS E 1623 80.36 -18.57 53.00
CA LYS E 1623 79.42 -19.38 52.23
C LYS E 1623 79.93 -19.49 50.81
N THR E 1624 80.33 -20.69 50.42
CA THR E 1624 80.89 -20.97 49.10
C THR E 1624 79.87 -21.76 48.29
N SER E 1625 79.52 -21.23 47.12
CA SER E 1625 78.60 -21.88 46.19
C SER E 1625 79.40 -22.53 45.07
N ILE E 1626 79.30 -23.85 44.96
CA ILE E 1626 80.05 -24.61 43.96
C ILE E 1626 79.12 -24.85 42.78
N GLN E 1627 79.62 -24.58 41.58
CA GLN E 1627 78.86 -24.80 40.36
C GLN E 1627 79.77 -25.49 39.36
N HIS E 1628 79.19 -26.30 38.47
CA HIS E 1628 79.90 -26.92 37.36
C HIS E 1628 79.43 -26.23 36.09
N VAL E 1629 80.32 -25.46 35.46
CA VAL E 1629 79.95 -24.51 34.43
C VAL E 1629 80.40 -24.96 33.05
N GLY E 1630 81.49 -25.71 32.97
CA GLY E 1630 82.02 -26.08 31.67
C GLY E 1630 83.02 -27.21 31.77
N MET E 1631 83.61 -27.55 30.63
CA MET E 1631 84.57 -28.63 30.53
C MET E 1631 85.81 -28.13 29.79
N ILE E 1632 86.97 -28.68 30.15
CA ILE E 1632 88.23 -28.32 29.54
C ILE E 1632 89.07 -29.59 29.39
N ASN E 1633 89.19 -30.09 28.17
CA ASN E 1633 89.99 -31.28 27.88
C ASN E 1633 89.55 -32.48 28.73
N GLY E 1634 88.24 -32.64 28.86
CA GLY E 1634 87.70 -33.74 29.64
C GLY E 1634 87.66 -33.51 31.13
N ARG E 1635 88.04 -32.33 31.61
CA ARG E 1635 88.01 -32.00 33.03
C ARG E 1635 86.85 -31.07 33.31
N LYS E 1636 86.01 -31.44 34.27
CA LYS E 1636 84.92 -30.59 34.71
C LYS E 1636 85.47 -29.26 35.23
N LEU E 1637 84.92 -28.16 34.73
CA LEU E 1637 85.32 -26.83 35.15
C LEU E 1637 84.31 -26.34 36.19
N ILE E 1638 84.75 -26.27 37.44
CA ILE E 1638 83.90 -25.92 38.57
C ILE E 1638 84.24 -24.52 39.03
N LYS E 1639 83.25 -23.63 39.02
CA LYS E 1639 83.38 -22.29 39.58
C LYS E 1639 82.98 -22.31 41.05
N PHE E 1640 83.65 -21.45 41.84
CA PHE E 1640 83.26 -21.20 43.22
C PHE E 1640 83.30 -19.71 43.46
N GLU E 1641 82.39 -19.25 44.32
CA GLU E 1641 82.26 -17.83 44.68
C GLU E 1641 81.91 -17.81 46.17
N THR E 1642 82.91 -17.48 46.99
CA THR E 1642 82.72 -17.39 48.43
C THR E 1642 82.24 -16.00 48.82
N ARG E 1643 81.34 -15.96 49.81
CA ARG E 1643 80.79 -14.72 50.32
C ARG E 1643 80.87 -14.73 51.84
N ASN E 1644 81.14 -13.56 52.42
CA ASN E 1644 81.26 -13.44 53.86
C ASN E 1644 79.86 -13.33 54.48
N GLU E 1645 79.80 -13.04 55.78
CA GLU E 1645 78.51 -12.90 56.45
C GLU E 1645 77.70 -11.74 55.90
N ASP E 1646 78.38 -10.71 55.37
CA ASP E 1646 77.72 -9.53 54.84
C ASP E 1646 77.30 -9.69 53.38
N ASP E 1647 77.28 -10.93 52.87
CA ASP E 1647 76.88 -11.18 51.48
C ASP E 1647 77.80 -10.47 50.50
N VAL E 1648 79.08 -10.36 50.88
CA VAL E 1648 80.09 -9.69 50.06
C VAL E 1648 81.07 -10.76 49.59
N VAL E 1649 81.32 -10.80 48.28
CA VAL E 1649 82.21 -11.81 47.72
C VAL E 1649 83.63 -11.54 48.23
N VAL E 1650 84.24 -12.56 48.81
CA VAL E 1650 85.60 -12.48 49.33
C VAL E 1650 86.56 -13.44 48.62
N LEU E 1651 86.07 -14.32 47.77
CA LEU E 1651 86.90 -15.28 47.07
C LEU E 1651 86.15 -15.73 45.82
N THR E 1652 86.88 -16.00 44.75
CA THR E 1652 86.22 -16.51 43.56
C THR E 1652 87.25 -17.16 42.66
N GLY E 1653 86.87 -18.26 42.02
CA GLY E 1653 87.81 -18.92 41.15
C GLY E 1653 87.25 -20.15 40.46
N GLU E 1654 88.17 -20.86 39.81
CA GLU E 1654 87.85 -22.04 39.00
C GLU E 1654 88.64 -23.23 39.53
N ALA E 1655 88.18 -24.42 39.16
CA ALA E 1655 88.87 -25.67 39.46
C ALA E 1655 88.63 -26.63 38.31
N GLU E 1656 89.57 -27.54 38.10
CA GLU E 1656 89.50 -28.52 37.02
C GLU E 1656 89.54 -29.91 37.63
N ILE E 1657 88.37 -30.54 37.72
CA ILE E 1657 88.21 -31.83 38.36
C ILE E 1657 88.15 -32.89 37.28
N GLU E 1658 89.06 -33.86 37.32
CA GLU E 1658 89.02 -34.94 36.36
C GLU E 1658 87.71 -35.70 36.50
N GLN E 1659 87.19 -36.17 35.36
CA GLN E 1659 86.01 -37.01 35.41
C GLN E 1659 86.38 -38.37 35.99
N PRO E 1660 85.41 -39.15 36.46
CA PRO E 1660 85.70 -40.52 36.90
C PRO E 1660 86.34 -41.32 35.77
N VAL E 1661 86.94 -42.45 36.14
CA VAL E 1661 87.63 -43.29 35.16
C VAL E 1661 86.65 -43.65 34.06
N THR E 1662 86.97 -43.26 32.83
CA THR E 1662 86.07 -43.34 31.70
C THR E 1662 86.60 -44.32 30.67
N THR E 1663 85.69 -45.12 30.11
CA THR E 1663 85.97 -45.97 28.97
C THR E 1663 84.96 -45.64 27.88
N PHE E 1664 85.43 -45.71 26.63
CA PHE E 1664 84.59 -45.50 25.47
C PHE E 1664 84.52 -46.80 24.69
N VAL E 1665 83.36 -47.45 24.72
CA VAL E 1665 83.13 -48.71 24.01
C VAL E 1665 82.32 -48.41 22.77
N PHE E 1666 82.84 -48.80 21.60
CA PHE E 1666 82.25 -48.47 20.32
C PHE E 1666 81.54 -49.69 19.73
N THR E 1667 80.25 -49.52 19.47
CA THR E 1667 79.41 -50.62 18.99
C THR E 1667 79.83 -51.07 17.59
N GLY E 1668 79.59 -52.34 17.29
CA GLY E 1668 79.79 -52.88 15.96
C GLY E 1668 78.54 -53.51 15.39
N GLN E 1669 77.63 -53.96 16.26
CA GLN E 1669 76.41 -54.66 15.86
C GLN E 1669 75.18 -53.88 16.30
N GLY E 1670 75.18 -52.57 16.06
CA GLY E 1670 74.04 -51.74 16.37
C GLY E 1670 72.94 -51.88 15.32
N SER E 1671 71.86 -51.16 15.57
CA SER E 1671 70.72 -51.19 14.66
C SER E 1671 71.01 -50.33 13.44
N GLN E 1672 70.65 -50.85 12.26
CA GLN E 1672 70.77 -50.11 11.01
C GLN E 1672 69.48 -49.36 10.68
N GLU E 1673 68.98 -48.59 11.64
CA GLU E 1673 67.74 -47.85 11.44
C GLU E 1673 68.01 -46.58 10.63
N GLN E 1674 66.98 -46.15 9.92
CA GLN E 1674 67.08 -44.94 9.12
C GLN E 1674 67.27 -43.72 10.02
N GLY E 1675 67.96 -42.72 9.49
CA GLY E 1675 68.27 -41.53 10.25
C GLY E 1675 69.21 -41.76 11.42
N MET E 1676 70.27 -42.52 11.21
CA MET E 1676 71.24 -42.82 12.26
C MET E 1676 72.20 -41.65 12.38
N GLY E 1677 72.22 -41.02 13.55
CA GLY E 1677 73.09 -39.89 13.80
C GLY E 1677 72.64 -38.60 13.14
N MET E 1678 71.43 -38.56 12.57
CA MET E 1678 71.01 -37.38 11.83
C MET E 1678 70.72 -36.21 12.77
N ASP E 1679 70.21 -36.47 13.98
CA ASP E 1679 69.99 -35.37 14.91
C ASP E 1679 71.31 -34.68 15.24
N LEU E 1680 72.35 -35.47 15.51
CA LEU E 1680 73.67 -34.89 15.74
C LEU E 1680 74.19 -34.19 14.50
N TYR E 1681 73.87 -34.73 13.32
CA TYR E 1681 74.28 -34.06 12.09
C TYR E 1681 73.65 -32.69 11.97
N LYS E 1682 72.38 -32.57 12.36
CA LYS E 1682 71.71 -31.27 12.32
C LYS E 1682 72.32 -30.31 13.35
N THR E 1683 72.50 -30.76 14.59
CA THR E 1683 72.94 -29.84 15.63
C THR E 1683 74.45 -29.62 15.65
N SER E 1684 75.21 -30.66 15.92
CA SER E 1684 76.64 -30.50 16.21
C SER E 1684 77.41 -30.10 14.95
N LYS E 1685 78.31 -29.13 15.10
CA LYS E 1685 79.11 -28.67 13.97
C LYS E 1685 80.21 -29.67 13.62
N ALA E 1686 80.79 -30.31 14.64
CA ALA E 1686 81.81 -31.33 14.38
C ALA E 1686 81.22 -32.51 13.63
N ALA E 1687 80.00 -32.93 14.01
CA ALA E 1687 79.33 -33.99 13.29
C ALA E 1687 79.04 -33.59 11.85
N GLN E 1688 78.62 -32.33 11.63
CA GLN E 1688 78.46 -31.84 10.27
C GLN E 1688 79.77 -31.97 9.49
N ASP E 1689 80.88 -31.52 10.08
CA ASP E 1689 82.15 -31.56 9.36
C ASP E 1689 82.53 -33.00 9.01
N VAL E 1690 82.39 -33.92 9.97
CA VAL E 1690 82.84 -35.28 9.74
C VAL E 1690 81.96 -35.98 8.71
N TRP E 1691 80.64 -35.80 8.82
CA TRP E 1691 79.73 -36.41 7.86
C TRP E 1691 79.94 -35.82 6.47
N ASN E 1692 80.18 -34.52 6.37
CA ASN E 1692 80.42 -33.90 5.07
C ASN E 1692 81.71 -34.41 4.46
N ARG E 1693 82.77 -34.56 5.26
CA ARG E 1693 84.02 -35.09 4.74
C ARG E 1693 83.81 -36.51 4.20
N ALA E 1694 83.11 -37.35 4.97
CA ALA E 1694 82.86 -38.71 4.52
C ALA E 1694 82.03 -38.73 3.25
N ASP E 1695 80.98 -37.90 3.19
CA ASP E 1695 80.12 -37.87 2.01
C ASP E 1695 80.87 -37.37 0.79
N ASN E 1696 81.70 -36.34 0.95
CA ASN E 1696 82.49 -35.84 -0.17
C ASN E 1696 83.45 -36.90 -0.68
N HIS E 1697 84.13 -37.61 0.24
CA HIS E 1697 85.04 -38.65 -0.21
C HIS E 1697 84.30 -39.77 -0.93
N PHE E 1698 83.14 -40.17 -0.40
CA PHE E 1698 82.38 -41.23 -1.04
C PHE E 1698 81.90 -40.79 -2.42
N LYS E 1699 81.44 -39.55 -2.56
CA LYS E 1699 81.02 -39.05 -3.86
C LYS E 1699 82.18 -39.03 -4.84
N ASP E 1700 83.34 -38.56 -4.39
CA ASP E 1700 84.49 -38.48 -5.30
C ASP E 1700 84.96 -39.86 -5.72
N THR E 1701 84.99 -40.82 -4.80
CA THR E 1701 85.59 -42.11 -5.06
C THR E 1701 84.62 -43.07 -5.75
N TYR E 1702 83.46 -43.29 -5.14
CA TYR E 1702 82.49 -44.27 -5.61
C TYR E 1702 81.18 -43.65 -6.10
N GLY E 1703 81.05 -42.33 -6.05
CA GLY E 1703 79.88 -41.69 -6.62
C GLY E 1703 78.57 -41.98 -5.93
N PHE E 1704 78.57 -42.16 -4.61
CA PHE E 1704 77.35 -42.26 -3.84
C PHE E 1704 77.48 -41.46 -2.56
N SER E 1705 76.34 -41.09 -2.00
CA SER E 1705 76.26 -40.25 -0.81
C SER E 1705 75.86 -41.12 0.37
N ILE E 1706 76.79 -41.32 1.31
CA ILE E 1706 76.45 -42.07 2.52
C ILE E 1706 75.41 -41.32 3.34
N LEU E 1707 75.47 -39.99 3.32
CA LEU E 1707 74.44 -39.20 3.98
C LEU E 1707 73.08 -39.46 3.36
N ASP E 1708 73.01 -39.50 2.03
CA ASP E 1708 71.75 -39.80 1.36
C ASP E 1708 71.26 -41.20 1.72
N ILE E 1709 72.17 -42.17 1.75
CA ILE E 1709 71.80 -43.55 2.08
C ILE E 1709 71.25 -43.62 3.50
N VAL E 1710 71.90 -42.94 4.44
CA VAL E 1710 71.42 -42.96 5.82
C VAL E 1710 70.07 -42.27 5.93
N ILE E 1711 69.90 -41.14 5.23
CA ILE E 1711 68.68 -40.35 5.37
C ILE E 1711 67.49 -41.09 4.79
N ASN E 1712 67.63 -41.63 3.57
CA ASN E 1712 66.49 -42.16 2.83
C ASN E 1712 66.39 -43.67 2.86
N ASN E 1713 67.52 -44.37 2.89
CA ASN E 1713 67.57 -45.83 2.89
C ASN E 1713 66.91 -46.37 1.63
N PRO E 1714 67.42 -46.03 0.44
CA PRO E 1714 66.82 -46.56 -0.78
C PRO E 1714 67.00 -48.06 -0.89
N VAL E 1715 66.01 -48.72 -1.50
CA VAL E 1715 66.11 -50.15 -1.72
C VAL E 1715 67.21 -50.45 -2.73
N ASN E 1716 67.32 -49.65 -3.78
CA ASN E 1716 68.34 -49.81 -4.80
C ASN E 1716 69.00 -48.46 -5.06
N LEU E 1717 70.27 -48.52 -5.46
CA LEU E 1717 71.06 -47.33 -5.77
C LEU E 1717 71.91 -47.62 -6.99
N THR E 1718 71.71 -46.83 -8.04
CA THR E 1718 72.41 -47.01 -9.31
C THR E 1718 73.50 -45.96 -9.43
N ILE E 1719 74.73 -46.41 -9.65
CA ILE E 1719 75.88 -45.56 -9.90
C ILE E 1719 76.13 -45.59 -11.40
N HIS E 1720 76.28 -44.41 -12.00
CA HIS E 1720 76.44 -44.30 -13.44
C HIS E 1720 77.84 -43.82 -13.76
N PHE E 1721 78.39 -44.33 -14.86
CA PHE E 1721 79.78 -44.11 -15.25
C PHE E 1721 79.90 -43.29 -16.52
N GLY E 1722 79.09 -42.25 -16.68
CA GLY E 1722 79.16 -41.38 -17.83
C GLY E 1722 80.03 -40.17 -17.56
N GLY E 1723 80.77 -39.75 -18.59
CA GLY E 1723 81.64 -38.61 -18.47
C GLY E 1723 82.97 -38.97 -17.80
N GLU E 1724 83.81 -37.94 -17.66
CA GLU E 1724 85.12 -38.15 -17.05
C GLU E 1724 84.99 -38.58 -15.60
N LYS E 1725 84.10 -37.92 -14.84
CA LYS E 1725 83.89 -38.29 -13.45
C LYS E 1725 83.34 -39.71 -13.35
N GLY E 1726 82.42 -40.07 -14.24
CA GLY E 1726 81.89 -41.42 -14.23
C GLY E 1726 82.95 -42.47 -14.53
N LYS E 1727 83.82 -42.17 -15.49
CA LYS E 1727 84.92 -43.09 -15.79
C LYS E 1727 85.87 -43.23 -14.62
N ARG E 1728 86.16 -42.12 -13.93
CA ARG E 1728 87.01 -42.20 -12.74
C ARG E 1728 86.37 -43.05 -11.66
N ILE E 1729 85.07 -42.87 -11.43
CA ILE E 1729 84.38 -43.69 -10.44
C ILE E 1729 84.39 -45.15 -10.85
N ARG E 1730 84.21 -45.42 -12.15
CA ARG E 1730 84.22 -46.80 -12.62
C ARG E 1730 85.58 -47.46 -12.38
N GLU E 1731 86.66 -46.73 -12.68
CA GLU E 1731 87.98 -47.28 -12.43
C GLU E 1731 88.23 -47.48 -10.94
N ASN E 1732 87.69 -46.59 -10.11
CA ASN E 1732 87.77 -46.79 -8.67
C ASN E 1732 87.05 -48.07 -8.26
N TYR E 1733 85.88 -48.32 -8.84
CA TYR E 1733 85.12 -49.54 -8.54
C TYR E 1733 85.89 -50.78 -8.98
N SER E 1734 86.53 -50.71 -10.15
CA SER E 1734 87.26 -51.86 -10.67
C SER E 1734 88.56 -52.11 -9.91
N ALA E 1735 89.19 -51.07 -9.37
CA ALA E 1735 90.49 -51.24 -8.74
C ALA E 1735 90.44 -52.15 -7.53
N MET E 1736 89.42 -51.98 -6.69
CA MET E 1736 89.39 -52.70 -5.42
C MET E 1736 89.15 -54.18 -5.63
N ILE E 1737 89.96 -54.99 -4.97
CA ILE E 1737 90.00 -56.44 -5.19
C ILE E 1737 90.27 -57.12 -3.86
N PHE E 1738 89.57 -58.24 -3.63
CA PHE E 1738 89.76 -59.05 -2.44
C PHE E 1738 90.80 -60.12 -2.74
N GLU E 1739 91.96 -60.03 -2.09
CA GLU E 1739 93.06 -60.94 -2.31
C GLU E 1739 93.09 -61.99 -1.19
N THR E 1740 93.41 -63.22 -1.57
CA THR E 1740 93.40 -64.36 -0.66
C THR E 1740 94.67 -65.16 -0.89
N ILE E 1741 95.12 -65.87 0.15
CA ILE E 1741 96.35 -66.64 0.12
C ILE E 1741 95.96 -68.11 0.18
N VAL E 1742 96.10 -68.82 -0.94
CA VAL E 1742 95.79 -70.24 -1.00
C VAL E 1742 97.02 -70.96 -1.54
N ASP E 1743 97.51 -71.95 -0.77
CA ASP E 1743 98.71 -72.69 -1.13
C ASP E 1743 99.90 -71.76 -1.30
N GLY E 1744 99.93 -70.70 -0.49
CA GLY E 1744 100.98 -69.69 -0.64
C GLY E 1744 100.97 -68.99 -1.98
N LYS E 1745 99.78 -68.83 -2.56
CA LYS E 1745 99.60 -68.13 -3.83
C LYS E 1745 98.56 -67.04 -3.64
N LEU E 1746 98.84 -65.87 -4.22
CA LEU E 1746 98.03 -64.67 -4.04
C LEU E 1746 96.93 -64.65 -5.10
N LYS E 1747 95.83 -65.34 -4.81
CA LYS E 1747 94.70 -65.32 -5.73
C LYS E 1747 93.91 -64.02 -5.55
N THR E 1748 93.46 -63.47 -6.67
CA THR E 1748 92.72 -62.22 -6.68
C THR E 1748 91.27 -62.51 -7.03
N GLU E 1749 90.34 -61.90 -6.30
CA GLU E 1749 88.92 -62.00 -6.55
C GLU E 1749 88.40 -60.58 -6.74
N LYS E 1750 87.93 -60.26 -7.94
CA LYS E 1750 87.50 -58.92 -8.26
C LYS E 1750 86.12 -58.69 -7.66
N ILE E 1751 86.00 -57.69 -6.80
CA ILE E 1751 84.69 -57.26 -6.34
C ILE E 1751 83.99 -56.53 -7.48
N PHE E 1752 82.65 -56.56 -7.47
CA PHE E 1752 81.85 -56.01 -8.56
C PHE E 1752 82.16 -56.72 -9.87
N LYS E 1753 81.76 -58.00 -9.94
CA LYS E 1753 81.90 -58.78 -11.17
C LYS E 1753 81.33 -58.03 -12.36
N GLU E 1754 80.16 -57.42 -12.19
CA GLU E 1754 79.46 -56.75 -13.29
C GLU E 1754 79.94 -55.31 -13.47
N ILE E 1755 81.25 -55.13 -13.55
CA ILE E 1755 81.85 -53.83 -13.85
C ILE E 1755 83.08 -54.08 -14.70
N ASN E 1756 83.20 -53.36 -15.80
CA ASN E 1756 84.30 -53.51 -16.74
C ASN E 1756 84.42 -52.22 -17.53
N GLU E 1757 85.35 -52.21 -18.49
CA GLU E 1757 85.59 -50.99 -19.27
C GLU E 1757 84.36 -50.58 -20.04
N HIS E 1758 83.53 -51.54 -20.46
CA HIS E 1758 82.32 -51.25 -21.21
C HIS E 1758 81.09 -51.07 -20.33
N SER E 1759 81.23 -51.21 -19.01
CA SER E 1759 80.08 -51.09 -18.13
C SER E 1759 79.69 -49.62 -17.97
N THR E 1760 78.40 -49.34 -18.11
CA THR E 1760 77.87 -47.99 -18.01
C THR E 1760 77.27 -47.67 -16.65
N SER E 1761 76.92 -48.69 -15.86
CA SER E 1761 76.40 -48.44 -14.52
C SER E 1761 76.47 -49.71 -13.70
N TYR E 1762 76.35 -49.53 -12.38
CA TYR E 1762 76.28 -50.63 -11.43
C TYR E 1762 75.20 -50.32 -10.40
N THR E 1763 74.34 -51.30 -10.12
CA THR E 1763 73.23 -51.13 -9.19
C THR E 1763 73.48 -51.97 -7.94
N PHE E 1764 73.40 -51.33 -6.78
CA PHE E 1764 73.43 -52.05 -5.52
C PHE E 1764 72.05 -52.64 -5.24
N ARG E 1765 72.03 -53.95 -4.98
CA ARG E 1765 70.79 -54.70 -4.80
C ARG E 1765 70.60 -55.02 -3.32
N SER E 1766 69.40 -54.80 -2.81
CA SER E 1766 69.07 -55.15 -1.44
C SER E 1766 67.63 -55.62 -1.37
N GLU E 1767 67.33 -56.40 -0.33
CA GLU E 1767 66.00 -56.95 -0.16
C GLU E 1767 65.04 -55.89 0.38
N LYS E 1768 65.35 -55.33 1.54
CA LYS E 1768 64.51 -54.34 2.21
C LYS E 1768 65.06 -52.93 2.09
N GLY E 1769 66.36 -52.75 2.32
CA GLY E 1769 66.97 -51.45 2.18
C GLY E 1769 68.47 -51.58 2.13
N LEU E 1770 69.11 -50.58 1.52
CA LEU E 1770 70.56 -50.60 1.40
C LEU E 1770 71.24 -50.28 2.72
N LEU E 1771 70.57 -49.55 3.61
CA LEU E 1771 71.15 -49.25 4.90
C LEU E 1771 71.32 -50.49 5.75
N SER E 1772 70.56 -51.55 5.45
CA SER E 1772 70.74 -52.83 6.14
C SER E 1772 71.93 -53.61 5.61
N ALA E 1773 72.41 -53.30 4.40
CA ALA E 1773 73.54 -54.02 3.84
C ALA E 1773 74.82 -53.66 4.57
N THR E 1774 75.67 -54.67 4.80
CA THR E 1774 76.92 -54.45 5.53
C THR E 1774 77.81 -53.45 4.81
N GLN E 1775 77.72 -53.40 3.48
CA GLN E 1775 78.54 -52.47 2.70
C GLN E 1775 78.28 -51.04 3.11
N PHE E 1776 77.02 -50.69 3.37
CA PHE E 1776 76.63 -49.34 3.77
C PHE E 1776 76.30 -49.23 5.25
N THR E 1777 75.92 -50.32 5.90
CA THR E 1777 75.63 -50.26 7.32
C THR E 1777 76.90 -49.93 8.11
N GLN E 1778 77.99 -50.62 7.80
CA GLN E 1778 79.23 -50.43 8.57
C GLN E 1778 79.80 -49.04 8.40
N PRO E 1779 79.94 -48.47 7.18
CA PRO E 1779 80.35 -47.06 7.10
C PRO E 1779 79.43 -46.12 7.86
N ALA E 1780 78.12 -46.34 7.79
CA ALA E 1780 77.19 -45.46 8.51
C ALA E 1780 77.40 -45.56 10.01
N LEU E 1781 77.56 -46.77 10.53
CA LEU E 1781 77.80 -46.93 11.96
C LEU E 1781 79.11 -46.27 12.38
N THR E 1782 80.18 -46.51 11.62
CA THR E 1782 81.47 -45.91 11.95
C THR E 1782 81.38 -44.39 11.92
N LEU E 1783 80.69 -43.83 10.91
CA LEU E 1783 80.60 -42.38 10.80
C LEU E 1783 79.76 -41.79 11.92
N MET E 1784 78.66 -42.44 12.29
CA MET E 1784 77.85 -41.91 13.38
C MET E 1784 78.62 -41.96 14.69
N GLU E 1785 79.39 -43.03 14.92
CA GLU E 1785 80.15 -43.13 16.16
C GLU E 1785 81.27 -42.09 16.19
N LYS E 1786 81.99 -41.93 15.09
CA LYS E 1786 83.05 -40.92 15.03
C LYS E 1786 82.47 -39.52 15.17
N ALA E 1787 81.27 -39.28 14.62
CA ALA E 1787 80.64 -37.98 14.77
C ALA E 1787 80.24 -37.71 16.21
N ALA E 1788 79.68 -38.73 16.87
CA ALA E 1788 79.36 -38.57 18.29
C ALA E 1788 80.60 -38.26 19.09
N PHE E 1789 81.69 -38.98 18.83
CA PHE E 1789 82.92 -38.72 19.58
C PHE E 1789 83.49 -37.35 19.27
N GLU E 1790 83.43 -36.91 18.02
CA GLU E 1790 83.95 -35.59 17.67
C GLU E 1790 83.11 -34.49 18.31
N ASP E 1791 81.79 -34.68 18.40
CA ASP E 1791 80.97 -33.72 19.14
C ASP E 1791 81.34 -33.71 20.62
N LEU E 1792 81.56 -34.89 21.20
CA LEU E 1792 81.99 -34.94 22.60
C LEU E 1792 83.33 -34.22 22.79
N LYS E 1793 84.27 -34.43 21.88
CA LYS E 1793 85.57 -33.78 21.98
C LYS E 1793 85.44 -32.27 21.84
N SER E 1794 84.60 -31.82 20.91
CA SER E 1794 84.37 -30.38 20.77
C SER E 1794 83.75 -29.80 22.04
N LYS E 1795 82.89 -30.57 22.70
CA LYS E 1795 82.32 -30.16 23.98
C LYS E 1795 83.30 -30.33 25.14
N GLY E 1796 84.44 -31.00 24.91
CA GLY E 1796 85.44 -31.15 25.96
C GLY E 1796 85.13 -32.25 26.96
N LEU E 1797 84.40 -33.28 26.53
CA LEU E 1797 83.94 -34.34 27.42
C LEU E 1797 84.79 -35.61 27.32
N ILE E 1798 86.01 -35.50 26.80
CA ILE E 1798 86.88 -36.66 26.59
C ILE E 1798 88.05 -36.57 27.57
N PRO E 1799 88.11 -37.39 28.62
CA PRO E 1799 89.29 -37.36 29.49
C PRO E 1799 90.54 -37.77 28.73
N ALA E 1800 91.66 -37.15 29.08
CA ALA E 1800 92.92 -37.47 28.41
C ALA E 1800 93.33 -38.91 28.66
N ASP E 1801 93.13 -39.39 29.89
CA ASP E 1801 93.50 -40.75 30.27
C ASP E 1801 92.39 -41.76 30.05
N ALA E 1802 91.27 -41.36 29.45
CA ALA E 1802 90.18 -42.30 29.23
C ALA E 1802 90.61 -43.43 28.31
N THR E 1803 90.11 -44.63 28.61
CA THR E 1803 90.44 -45.82 27.83
C THR E 1803 89.36 -46.04 26.78
N PHE E 1804 89.59 -46.97 25.86
CA PHE E 1804 88.61 -47.21 24.81
C PHE E 1804 88.77 -48.60 24.23
N ALA E 1805 87.64 -49.15 23.79
CA ALA E 1805 87.58 -50.43 23.12
C ALA E 1805 86.48 -50.38 22.07
N GLY E 1806 86.45 -51.38 21.21
CA GLY E 1806 85.43 -51.43 20.19
C GLY E 1806 85.14 -52.83 19.71
N HIS E 1807 83.86 -53.10 19.47
CA HIS E 1807 83.42 -54.41 19.00
C HIS E 1807 83.33 -54.39 17.47
N SER E 1808 83.98 -55.35 16.82
CA SER E 1808 83.96 -55.49 15.36
C SER E 1808 84.55 -54.21 14.78
N LEU E 1809 83.88 -53.54 13.84
CA LEU E 1809 84.42 -52.30 13.29
C LEU E 1809 84.27 -51.13 14.26
N GLY E 1810 83.59 -51.34 15.38
CA GLY E 1810 83.65 -50.37 16.46
C GLY E 1810 85.08 -50.13 16.90
N GLU E 1811 85.93 -51.15 16.82
CA GLU E 1811 87.35 -50.97 17.10
C GLU E 1811 87.98 -49.98 16.13
N TYR E 1812 87.65 -50.11 14.85
CA TYR E 1812 88.18 -49.18 13.85
C TYR E 1812 87.70 -47.76 14.14
N ALA E 1813 86.42 -47.61 14.48
CA ALA E 1813 85.90 -46.31 14.85
C ALA E 1813 86.63 -45.76 16.07
N ALA E 1814 86.93 -46.62 17.04
CA ALA E 1814 87.62 -46.19 18.25
C ALA E 1814 89.03 -45.71 17.93
N LEU E 1815 89.74 -46.44 17.06
CA LEU E 1815 91.07 -45.99 16.66
C LEU E 1815 91.02 -44.64 15.95
N ALA E 1816 90.08 -44.49 15.01
CA ALA E 1816 89.96 -43.21 14.33
C ALA E 1816 89.47 -42.09 15.25
N SER E 1817 88.84 -42.43 16.37
CA SER E 1817 88.25 -41.44 17.27
C SER E 1817 89.24 -40.99 18.35
N LEU E 1818 89.71 -41.93 19.17
CA LEU E 1818 90.56 -41.56 20.31
C LEU E 1818 92.01 -41.35 19.88
N ALA E 1819 92.54 -42.25 19.05
CA ALA E 1819 93.94 -42.18 18.65
C ALA E 1819 94.17 -41.41 17.36
N ASP E 1820 93.14 -41.28 16.50
CA ASP E 1820 93.26 -40.59 15.22
C ASP E 1820 94.41 -41.19 14.39
N VAL E 1821 94.49 -42.53 14.38
CA VAL E 1821 95.55 -43.19 13.63
C VAL E 1821 95.38 -42.97 12.14
N MET E 1822 94.15 -42.75 11.68
CA MET E 1822 93.88 -42.44 10.29
C MET E 1822 92.74 -41.42 10.20
N SER E 1823 92.70 -40.73 9.08
CA SER E 1823 91.71 -39.67 8.87
C SER E 1823 90.37 -40.29 8.49
N ILE E 1824 89.38 -39.43 8.28
CA ILE E 1824 88.07 -39.89 7.85
C ILE E 1824 88.16 -40.50 6.46
N GLU E 1825 88.94 -39.88 5.57
CA GLU E 1825 89.02 -40.37 4.20
C GLU E 1825 89.55 -41.80 4.17
N SER E 1826 90.52 -42.12 5.04
CA SER E 1826 91.01 -43.48 5.13
C SER E 1826 90.05 -44.39 5.90
N LEU E 1827 89.38 -43.86 6.92
CA LEU E 1827 88.48 -44.69 7.72
C LEU E 1827 87.32 -45.21 6.88
N VAL E 1828 86.68 -44.32 6.10
CA VAL E 1828 85.59 -44.78 5.24
C VAL E 1828 86.10 -45.73 4.17
N GLU E 1829 87.30 -45.50 3.64
CA GLU E 1829 87.85 -46.45 2.67
C GLU E 1829 88.00 -47.84 3.28
N VAL E 1830 88.60 -47.92 4.47
CA VAL E 1830 88.82 -49.22 5.09
C VAL E 1830 87.48 -49.89 5.43
N VAL E 1831 86.55 -49.13 6.00
CA VAL E 1831 85.27 -49.71 6.41
C VAL E 1831 84.47 -50.17 5.20
N PHE E 1832 84.44 -49.33 4.15
CA PHE E 1832 83.72 -49.68 2.95
C PHE E 1832 84.33 -50.90 2.27
N TYR E 1833 85.66 -50.97 2.22
CA TYR E 1833 86.31 -52.14 1.63
C TYR E 1833 86.01 -53.40 2.44
N ARG E 1834 86.01 -53.28 3.77
CA ARG E 1834 85.67 -54.44 4.60
C ARG E 1834 84.24 -54.89 4.35
N GLY E 1835 83.31 -53.94 4.21
CA GLY E 1835 81.93 -54.30 3.91
C GLY E 1835 81.79 -54.96 2.55
N MET E 1836 82.50 -54.44 1.55
CA MET E 1836 82.46 -55.04 0.22
C MET E 1836 83.09 -56.43 0.18
N THR E 1837 84.15 -56.65 0.96
CA THR E 1837 84.80 -57.95 0.92
C THR E 1837 83.87 -59.06 1.43
N MET E 1838 82.83 -58.70 2.19
CA MET E 1838 81.89 -59.70 2.67
C MET E 1838 81.01 -60.22 1.53
N GLN E 1839 80.92 -59.48 0.43
CA GLN E 1839 80.13 -59.94 -0.70
C GLN E 1839 80.83 -61.05 -1.46
N VAL E 1840 82.16 -61.09 -1.42
CA VAL E 1840 82.94 -62.07 -2.16
C VAL E 1840 83.72 -63.02 -1.27
N ALA E 1841 83.66 -62.86 0.06
CA ALA E 1841 84.45 -63.71 0.94
C ALA E 1841 83.89 -65.13 1.05
N VAL E 1842 82.62 -65.32 0.71
CA VAL E 1842 81.97 -66.64 0.77
C VAL E 1842 81.35 -66.93 -0.59
N PRO E 1843 81.26 -68.18 -1.02
CA PRO E 1843 80.49 -68.48 -2.23
C PRO E 1843 79.01 -68.19 -2.01
N ARG E 1844 78.37 -67.71 -3.06
CA ARG E 1844 76.95 -67.37 -3.02
C ARG E 1844 76.27 -67.87 -4.28
N ASP E 1845 75.01 -68.25 -4.16
CA ASP E 1845 74.23 -68.70 -5.30
C ASP E 1845 73.85 -67.50 -6.16
N GLU E 1846 73.06 -67.76 -7.21
CA GLU E 1846 72.65 -66.68 -8.10
C GLU E 1846 71.78 -65.65 -7.38
N LEU E 1847 71.04 -66.07 -6.36
CA LEU E 1847 70.17 -65.17 -5.61
C LEU E 1847 70.88 -64.43 -4.50
N GLY E 1848 72.18 -64.70 -4.28
CA GLY E 1848 72.97 -63.96 -3.32
C GLY E 1848 72.94 -64.49 -1.90
N ARG E 1849 72.14 -65.52 -1.62
CA ARG E 1849 72.09 -66.09 -0.28
C ARG E 1849 73.25 -67.05 -0.07
N SER E 1850 73.98 -66.85 1.02
CA SER E 1850 75.18 -67.61 1.31
C SER E 1850 74.88 -68.78 2.26
N ASN E 1851 75.79 -69.75 2.27
CA ASN E 1851 75.63 -70.94 3.09
C ASN E 1851 76.07 -70.74 4.54
N TYR E 1852 76.85 -69.70 4.81
CA TYR E 1852 77.37 -69.44 6.14
C TYR E 1852 76.42 -68.54 6.93
N GLY E 1853 76.73 -68.35 8.21
CA GLY E 1853 75.90 -67.55 9.06
C GLY E 1853 76.40 -67.53 10.49
N MET E 1854 75.63 -66.85 11.34
CA MET E 1854 75.93 -66.71 12.77
C MET E 1854 74.67 -66.87 13.60
N ILE E 1855 74.85 -67.50 14.76
CA ILE E 1855 73.81 -67.61 15.78
C ILE E 1855 74.37 -67.05 17.10
N ALA E 1856 73.46 -66.65 17.98
CA ALA E 1856 73.80 -66.16 19.31
C ALA E 1856 73.30 -67.17 20.33
N ILE E 1857 74.21 -67.78 21.07
CA ILE E 1857 73.92 -68.81 22.05
C ILE E 1857 73.78 -68.18 23.42
N ASN E 1858 72.88 -68.72 24.23
CA ASN E 1858 72.62 -68.28 25.61
C ASN E 1858 72.72 -69.51 26.51
N PRO E 1859 73.91 -69.83 27.05
CA PRO E 1859 74.03 -71.01 27.91
C PRO E 1859 73.12 -70.98 29.12
N GLY E 1860 72.82 -69.80 29.65
CA GLY E 1860 71.91 -69.71 30.79
C GLY E 1860 70.54 -70.26 30.47
N ARG E 1861 70.05 -70.02 29.26
CA ARG E 1861 68.75 -70.56 28.86
C ARG E 1861 68.82 -72.08 28.74
N VAL E 1862 69.93 -72.61 28.22
CA VAL E 1862 70.07 -74.05 28.08
C VAL E 1862 70.08 -74.72 29.44
N ALA E 1863 70.88 -74.21 30.37
CA ALA E 1863 70.93 -74.75 31.71
C ALA E 1863 71.58 -73.74 32.64
N ALA E 1864 71.32 -73.90 33.93
CA ALA E 1864 71.88 -73.01 34.95
C ALA E 1864 73.35 -73.29 35.23
N SER E 1865 73.87 -74.47 34.87
CA SER E 1865 75.26 -74.84 35.12
C SER E 1865 76.01 -75.09 33.82
N PHE E 1866 75.58 -74.45 32.73
CA PHE E 1866 76.25 -74.58 31.44
C PHE E 1866 77.33 -73.51 31.35
N SER E 1867 78.58 -73.94 31.43
CA SER E 1867 79.71 -73.02 31.46
C SER E 1867 80.21 -72.72 30.05
N GLN E 1868 81.03 -71.66 29.96
CA GLN E 1868 81.63 -71.33 28.68
C GLN E 1868 82.55 -72.46 28.21
N GLU E 1869 83.24 -73.11 29.15
CA GLU E 1869 84.07 -74.25 28.79
C GLU E 1869 83.22 -75.38 28.21
N ALA E 1870 82.05 -75.63 28.79
CA ALA E 1870 81.18 -76.68 28.28
C ALA E 1870 80.66 -76.33 26.88
N LEU E 1871 80.25 -75.07 26.69
CA LEU E 1871 79.78 -74.67 25.35
C LEU E 1871 80.90 -74.76 24.34
N GLN E 1872 82.12 -74.37 24.72
CA GLN E 1872 83.26 -74.50 23.83
C GLN E 1872 83.53 -75.96 23.50
N TYR E 1873 83.42 -76.84 24.49
CA TYR E 1873 83.58 -78.26 24.24
C TYR E 1873 82.56 -78.76 23.24
N VAL E 1874 81.29 -78.37 23.41
CA VAL E 1874 80.25 -78.77 22.47
C VAL E 1874 80.57 -78.25 21.08
N VAL E 1875 80.99 -76.99 20.98
CA VAL E 1875 81.25 -76.39 19.67
C VAL E 1875 82.39 -77.10 18.96
N GLU E 1876 83.51 -77.29 19.66
CA GLU E 1876 84.66 -77.94 19.05
C GLU E 1876 84.35 -79.38 18.65
N ARG E 1877 83.66 -80.12 19.53
CA ARG E 1877 83.34 -81.51 19.19
C ARG E 1877 82.37 -81.59 18.02
N VAL E 1878 81.37 -80.69 17.98
CA VAL E 1878 80.46 -80.65 16.84
C VAL E 1878 81.23 -80.40 15.55
N GLY E 1879 82.09 -79.37 15.56
CA GLY E 1879 82.83 -79.04 14.36
C GLY E 1879 83.72 -80.17 13.90
N LYS E 1880 84.45 -80.78 14.83
CA LYS E 1880 85.41 -81.82 14.45
C LYS E 1880 84.69 -83.09 13.99
N ARG E 1881 83.65 -83.51 14.72
CA ARG E 1881 82.92 -84.72 14.34
C ARG E 1881 82.22 -84.55 13.02
N THR E 1882 81.56 -83.40 12.80
CA THR E 1882 80.79 -83.22 11.58
C THR E 1882 81.68 -82.85 10.39
N GLY E 1883 82.90 -82.36 10.64
CA GLY E 1883 83.82 -82.00 9.59
C GLY E 1883 83.64 -80.60 9.04
N TRP E 1884 82.52 -79.95 9.34
CA TRP E 1884 82.24 -78.61 8.84
C TRP E 1884 82.95 -77.57 9.71
N LEU E 1885 82.71 -76.29 9.41
CA LEU E 1885 83.34 -75.19 10.11
C LEU E 1885 82.33 -74.52 11.03
N VAL E 1886 82.68 -74.43 12.31
CA VAL E 1886 81.85 -73.74 13.30
C VAL E 1886 82.74 -73.40 14.48
N GLU E 1887 82.63 -72.16 14.95
CA GLU E 1887 83.39 -71.79 16.15
C GLU E 1887 82.83 -70.51 16.73
N ILE E 1888 83.16 -70.28 18.01
CA ILE E 1888 82.75 -69.07 18.69
C ILE E 1888 83.56 -67.89 18.18
N VAL E 1889 82.86 -66.81 17.84
CA VAL E 1889 83.47 -65.63 17.24
C VAL E 1889 83.44 -64.45 18.20
N ASN E 1890 82.38 -64.30 18.98
CA ASN E 1890 82.26 -63.25 19.98
C ASN E 1890 81.94 -63.89 21.33
N TYR E 1891 82.75 -63.59 22.33
CA TYR E 1891 82.43 -63.91 23.73
C TYR E 1891 81.91 -62.62 24.34
N ASN E 1892 80.60 -62.52 24.50
CA ASN E 1892 79.98 -61.26 24.88
C ASN E 1892 79.75 -61.15 26.39
N VAL E 1893 78.99 -62.07 26.96
CA VAL E 1893 78.67 -62.09 28.38
C VAL E 1893 78.94 -63.49 28.92
N GLU E 1894 79.50 -63.55 30.13
CA GLU E 1894 79.89 -64.82 30.73
C GLU E 1894 78.71 -65.77 30.89
N ASN E 1895 78.75 -66.89 30.17
CA ASN E 1895 77.77 -67.96 30.27
C ASN E 1895 76.35 -67.49 29.97
N GLN E 1896 76.17 -66.34 29.31
CA GLN E 1896 74.83 -65.85 29.03
C GLN E 1896 74.68 -65.32 27.61
N GLN E 1897 75.78 -64.95 26.95
CA GLN E 1897 75.70 -64.39 25.60
C GLN E 1897 76.99 -64.70 24.85
N TYR E 1898 76.88 -65.52 23.81
CA TYR E 1898 78.00 -65.84 22.95
C TYR E 1898 77.49 -65.83 21.51
N VAL E 1899 78.41 -65.81 20.56
CA VAL E 1899 78.08 -65.87 19.14
C VAL E 1899 78.94 -66.94 18.49
N ALA E 1900 78.32 -67.81 17.70
CA ALA E 1900 79.02 -68.81 16.91
C ALA E 1900 78.80 -68.51 15.43
N ALA E 1901 79.84 -68.72 14.63
CA ALA E 1901 79.82 -68.49 13.20
C ALA E 1901 80.32 -69.72 12.48
N GLY E 1902 79.81 -69.92 11.27
CA GLY E 1902 80.22 -71.04 10.46
C GLY E 1902 79.14 -71.36 9.45
N ASP E 1903 79.23 -72.56 8.86
CA ASP E 1903 78.20 -72.99 7.93
C ASP E 1903 76.84 -72.97 8.60
N LEU E 1904 75.88 -72.28 7.97
CA LEU E 1904 74.55 -72.18 8.56
C LEU E 1904 73.96 -73.56 8.81
N ARG E 1905 74.27 -74.51 7.93
CA ARG E 1905 73.88 -75.90 8.15
C ARG E 1905 74.51 -76.44 9.43
N ALA E 1906 75.78 -76.11 9.68
CA ALA E 1906 76.45 -76.57 10.90
C ALA E 1906 75.85 -75.91 12.14
N LEU E 1907 75.52 -74.63 12.05
CA LEU E 1907 74.88 -73.96 13.18
C LEU E 1907 73.50 -74.55 13.45
N ASP E 1908 72.84 -75.07 12.41
CA ASP E 1908 71.60 -75.80 12.65
C ASP E 1908 71.85 -77.03 13.51
N THR E 1909 72.93 -77.76 13.25
CA THR E 1909 73.26 -78.91 14.08
C THR E 1909 73.60 -78.48 15.50
N VAL E 1910 74.34 -77.38 15.64
CA VAL E 1910 74.68 -76.89 16.98
C VAL E 1910 73.42 -76.51 17.74
N THR E 1911 72.49 -75.82 17.08
CA THR E 1911 71.24 -75.46 17.71
C THR E 1911 70.45 -76.70 18.13
N ASN E 1912 70.41 -77.72 17.26
CA ASN E 1912 69.70 -78.94 17.60
C ASN E 1912 70.37 -79.66 18.78
N VAL E 1913 71.71 -79.66 18.81
CA VAL E 1913 72.42 -80.30 19.91
C VAL E 1913 72.12 -79.60 21.22
N LEU E 1914 72.20 -78.27 21.23
CA LEU E 1914 71.89 -77.54 22.44
C LEU E 1914 70.42 -77.68 22.83
N ASN E 1915 69.54 -77.84 21.84
CA ASN E 1915 68.14 -78.14 22.13
C ASN E 1915 68.00 -79.48 22.82
N PHE E 1916 68.75 -80.48 22.34
CA PHE E 1916 68.76 -81.78 22.99
C PHE E 1916 69.22 -81.67 24.44
N ILE E 1917 70.32 -80.96 24.67
CA ILE E 1917 70.86 -80.80 26.01
C ILE E 1917 69.86 -80.07 26.91
N LYS E 1918 69.23 -79.02 26.39
CA LYS E 1918 68.24 -78.29 27.17
C LYS E 1918 67.06 -79.17 27.53
N LEU E 1919 66.46 -79.83 26.54
CA LEU E 1919 65.25 -80.61 26.78
C LEU E 1919 65.51 -81.76 27.74
N GLN E 1920 66.60 -82.50 27.54
CA GLN E 1920 67.00 -83.53 28.50
C GLN E 1920 67.83 -82.90 29.61
N LYS E 1921 68.28 -83.74 30.55
CA LYS E 1921 69.08 -83.30 31.68
C LYS E 1921 70.58 -83.37 31.41
N ILE E 1922 70.99 -83.71 30.21
CA ILE E 1922 72.41 -83.85 29.88
C ILE E 1922 73.11 -82.50 30.04
N GLU E 1934 86.46 -90.02 27.80
CA GLU E 1934 86.19 -90.61 26.50
C GLU E 1934 84.70 -90.97 26.37
N GLU E 1935 84.11 -91.41 27.47
CA GLU E 1935 82.69 -91.75 27.47
C GLU E 1935 81.84 -90.52 27.15
N VAL E 1936 82.18 -89.38 27.76
CA VAL E 1936 81.45 -88.14 27.47
C VAL E 1936 81.64 -87.76 26.01
N GLU E 1937 82.86 -87.94 25.48
CA GLU E 1937 83.12 -87.60 24.09
C GLU E 1937 82.27 -88.45 23.15
N GLY E 1938 82.20 -89.76 23.40
CA GLY E 1938 81.38 -90.62 22.54
C GLY E 1938 79.90 -90.31 22.67
N HIS E 1939 79.44 -90.06 23.90
CA HIS E 1939 78.04 -89.72 24.09
C HIS E 1939 77.68 -88.45 23.34
N LEU E 1940 78.55 -87.44 23.39
CA LEU E 1940 78.31 -86.22 22.62
C LEU E 1940 78.42 -86.46 21.12
N PHE E 1941 79.31 -87.37 20.70
CA PHE E 1941 79.43 -87.68 19.29
C PHE E 1941 78.14 -88.29 18.75
N GLU E 1942 77.45 -89.08 19.57
CA GLU E 1942 76.16 -89.62 19.15
C GLU E 1942 75.18 -88.49 18.84
N ILE E 1943 75.12 -87.49 19.72
CA ILE E 1943 74.22 -86.35 19.49
C ILE E 1943 74.66 -85.59 18.25
N ILE E 1944 75.97 -85.47 18.06
CA ILE E 1944 76.49 -84.75 16.90
C ILE E 1944 76.08 -85.45 15.61
N ASP E 1945 76.19 -86.78 15.57
CA ASP E 1945 75.75 -87.51 14.39
C ASP E 1945 74.26 -87.33 14.15
N GLU E 1946 73.46 -87.42 15.22
CA GLU E 1946 72.02 -87.23 15.07
C GLU E 1946 71.70 -85.88 14.45
N ALA E 1947 72.26 -84.80 15.03
CA ALA E 1947 72.00 -83.46 14.51
C ALA E 1947 72.55 -83.27 13.10
N SER E 1948 73.75 -83.82 12.83
CA SER E 1948 74.37 -83.63 11.52
C SER E 1948 73.54 -84.27 10.42
N LYS E 1949 73.05 -85.48 10.65
CA LYS E 1949 72.24 -86.15 9.65
C LYS E 1949 70.78 -85.73 9.70
N LYS E 1950 70.36 -84.97 10.72
CA LYS E 1950 69.04 -84.35 10.71
C LYS E 1950 69.01 -83.04 9.95
N SER E 1951 70.10 -82.27 9.98
CA SER E 1951 70.12 -80.95 9.35
C SER E 1951 70.62 -80.95 7.91
N ALA E 1952 71.53 -81.85 7.54
CA ALA E 1952 72.15 -81.79 6.22
C ALA E 1952 71.16 -82.06 5.09
N VAL E 1953 70.02 -82.69 5.37
CA VAL E 1953 69.07 -83.03 4.32
C VAL E 1953 68.47 -81.78 3.68
N LYS E 1954 68.45 -80.65 4.39
CA LYS E 1954 67.81 -79.46 3.87
C LYS E 1954 68.65 -78.86 2.73
N PRO E 1955 68.06 -77.98 1.92
CA PRO E 1955 68.84 -77.32 0.86
C PRO E 1955 69.98 -76.50 1.45
N ARG E 1956 71.01 -76.29 0.64
CA ARG E 1956 72.21 -75.58 1.10
C ARG E 1956 71.91 -74.18 1.62
N PRO E 1957 71.12 -73.32 0.93
CA PRO E 1957 70.77 -72.00 1.48
C PRO E 1957 69.57 -72.06 2.42
N LEU E 1958 69.67 -72.89 3.47
CA LEU E 1958 68.58 -73.07 4.41
C LEU E 1958 68.45 -71.85 5.31
N LYS E 1959 67.48 -71.92 6.22
CA LYS E 1959 67.25 -70.90 7.23
C LYS E 1959 67.45 -71.53 8.61
N LEU E 1960 68.32 -70.92 9.42
CA LEU E 1960 68.60 -71.43 10.75
C LEU E 1960 67.43 -71.11 11.66
N GLU E 1961 66.78 -72.14 12.18
CA GLU E 1961 65.64 -71.97 13.07
C GLU E 1961 66.11 -71.56 14.46
N ARG E 1962 65.35 -70.65 15.09
CA ARG E 1962 65.69 -70.20 16.42
C ARG E 1962 65.36 -71.28 17.44
N GLY E 1963 66.32 -71.61 18.30
CA GLY E 1963 66.14 -72.58 19.35
C GLY E 1963 65.67 -71.94 20.64
N PHE E 1964 65.58 -72.77 21.69
CA PHE E 1964 65.23 -72.25 23.00
C PHE E 1964 66.31 -71.32 23.55
N ALA E 1965 67.54 -71.43 23.07
CA ALA E 1965 68.65 -70.59 23.53
C ALA E 1965 69.47 -69.99 22.40
N CYS E 1966 69.22 -70.37 21.14
CA CYS E 1966 69.96 -69.88 20.00
C CYS E 1966 69.11 -68.90 19.21
N ILE E 1967 69.68 -67.75 18.88
CA ILE E 1967 69.01 -66.69 18.15
C ILE E 1967 69.82 -66.41 16.89
N PRO E 1968 69.35 -66.81 15.70
CA PRO E 1968 70.11 -66.50 14.49
C PRO E 1968 70.19 -64.99 14.25
N LEU E 1969 71.33 -64.55 13.73
CA LEU E 1969 71.56 -63.13 13.48
C LEU E 1969 71.09 -62.78 12.07
N VAL E 1970 70.11 -61.88 11.98
CA VAL E 1970 69.53 -61.49 10.70
C VAL E 1970 70.50 -60.60 9.94
N GLY E 1971 70.67 -60.88 8.66
CA GLY E 1971 71.50 -60.06 7.79
C GLY E 1971 72.96 -60.41 7.75
N ILE E 1972 73.41 -61.35 8.59
CA ILE E 1972 74.80 -61.78 8.62
C ILE E 1972 74.92 -63.03 7.75
N SER E 1973 75.91 -63.04 6.87
CA SER E 1973 76.07 -64.11 5.89
C SER E 1973 77.51 -64.57 5.70
N VAL E 1974 78.46 -64.05 6.47
CA VAL E 1974 79.86 -64.43 6.35
C VAL E 1974 80.39 -64.76 7.74
N PRO E 1975 81.27 -65.78 7.91
CA PRO E 1975 81.83 -66.01 9.26
C PRO E 1975 83.05 -65.13 9.52
N PHE E 1976 82.80 -63.87 9.88
CA PHE E 1976 83.89 -63.00 10.29
C PHE E 1976 84.21 -63.24 11.76
N HIS E 1977 85.39 -62.77 12.17
CA HIS E 1977 85.94 -63.11 13.49
C HIS E 1977 86.06 -64.62 13.66
N SER E 1978 86.47 -65.30 12.59
CA SER E 1978 86.57 -66.75 12.56
C SER E 1978 87.84 -67.16 11.82
N THR E 1979 88.22 -68.42 11.99
CA THR E 1979 89.41 -68.93 11.31
C THR E 1979 89.22 -69.02 9.80
N TYR E 1980 87.98 -68.91 9.31
CA TYR E 1980 87.75 -69.04 7.87
C TYR E 1980 88.47 -67.94 7.10
N LEU E 1981 88.41 -66.71 7.58
CA LEU E 1981 89.09 -65.59 6.91
C LEU E 1981 90.51 -65.42 7.41
N MET E 1982 91.26 -66.52 7.45
CA MET E 1982 92.68 -66.49 7.79
C MET E 1982 93.57 -66.32 6.57
N ASN E 1983 93.12 -66.81 5.41
CA ASN E 1983 93.91 -66.69 4.19
C ASN E 1983 94.06 -65.23 3.77
N GLY E 1984 93.00 -64.44 3.93
CA GLY E 1984 93.01 -63.05 3.50
C GLY E 1984 93.62 -62.07 4.47
N VAL E 1985 94.25 -62.54 5.54
CA VAL E 1985 94.82 -61.63 6.53
C VAL E 1985 96.01 -60.88 5.94
N LYS E 1986 96.91 -61.61 5.28
CA LYS E 1986 98.12 -60.98 4.75
C LYS E 1986 97.83 -59.90 3.72
N PRO E 1987 97.05 -60.16 2.65
CA PRO E 1987 96.70 -59.06 1.74
C PRO E 1987 95.91 -57.95 2.42
N PHE E 1988 94.97 -58.32 3.29
CA PHE E 1988 94.22 -57.30 4.02
C PHE E 1988 95.15 -56.51 4.93
N LYS E 1989 96.17 -57.15 5.48
CA LYS E 1989 97.16 -56.43 6.28
C LYS E 1989 97.89 -55.40 5.43
N SER E 1990 98.23 -55.75 4.19
CA SER E 1990 98.88 -54.79 3.30
C SER E 1990 97.94 -53.63 2.98
N PHE E 1991 96.66 -53.93 2.76
CA PHE E 1991 95.68 -52.87 2.52
C PHE E 1991 95.60 -51.93 3.72
N LEU E 1992 95.60 -52.49 4.93
CA LEU E 1992 95.55 -51.67 6.13
C LEU E 1992 96.83 -50.86 6.30
N LYS E 1993 97.97 -51.42 5.93
CA LYS E 1993 99.22 -50.68 6.01
C LYS E 1993 99.22 -49.51 5.03
N LYS E 1994 98.61 -49.71 3.86
CA LYS E 1994 98.45 -48.60 2.92
C LYS E 1994 97.55 -47.52 3.51
N ASN E 1995 96.45 -47.91 4.16
CA ASN E 1995 95.49 -46.93 4.64
C ASN E 1995 95.98 -46.22 5.89
N ILE E 1996 96.70 -46.92 6.76
CA ILE E 1996 97.12 -46.38 8.05
C ILE E 1996 98.61 -46.06 7.97
N ILE E 1997 98.95 -44.79 8.17
CA ILE E 1997 100.32 -44.30 8.00
C ILE E 1997 101.04 -44.46 9.33
N LYS E 1998 102.34 -44.77 9.26
CA LYS E 1998 103.13 -44.96 10.46
C LYS E 1998 103.20 -43.67 11.28
N GLU E 1999 103.44 -42.54 10.63
CA GLU E 1999 103.61 -41.28 11.34
C GLU E 1999 102.34 -40.89 12.09
N ASN E 2000 101.17 -41.31 11.59
CA ASN E 2000 99.91 -40.95 12.23
C ASN E 2000 99.61 -41.79 13.47
N VAL E 2001 100.38 -42.84 13.72
CA VAL E 2001 100.17 -43.69 14.90
C VAL E 2001 100.83 -43.01 16.09
N LYS E 2002 100.04 -42.76 17.13
CA LYS E 2002 100.51 -42.07 18.33
C LYS E 2002 100.54 -43.04 19.51
N VAL E 2003 101.76 -43.35 19.97
CA VAL E 2003 101.94 -44.36 21.00
C VAL E 2003 101.40 -43.88 22.33
N ALA E 2004 101.52 -42.58 22.61
CA ALA E 2004 100.92 -42.04 23.83
C ALA E 2004 99.41 -42.20 23.80
N ARG E 2005 98.80 -42.00 22.63
CA ARG E 2005 97.36 -42.11 22.51
C ARG E 2005 96.87 -43.55 22.54
N LEU E 2006 97.70 -44.50 22.12
CA LEU E 2006 97.29 -45.91 22.11
C LEU E 2006 97.62 -46.64 23.41
N ALA E 2007 98.79 -46.38 23.99
CA ALA E 2007 99.28 -47.21 25.10
C ALA E 2007 98.43 -47.01 26.35
N GLY E 2008 98.05 -48.12 26.97
CA GLY E 2008 97.28 -48.09 28.20
C GLY E 2008 95.82 -47.72 28.03
N LYS E 2009 95.38 -47.42 26.81
CA LYS E 2009 94.01 -47.00 26.55
C LYS E 2009 93.29 -47.89 25.55
N TYR E 2010 94.01 -48.53 24.63
CA TYR E 2010 93.41 -49.36 23.59
C TYR E 2010 93.43 -50.82 24.04
N ILE E 2011 92.28 -51.46 23.97
CA ILE E 2011 92.13 -52.88 24.32
C ILE E 2011 91.75 -53.63 23.04
N PRO E 2012 92.71 -54.18 22.29
CA PRO E 2012 92.37 -54.88 21.06
C PRO E 2012 91.52 -56.11 21.31
N ASN E 2013 90.68 -56.45 20.33
CA ASN E 2013 89.89 -57.66 20.42
C ASN E 2013 90.76 -58.92 20.30
N LEU E 2014 91.81 -58.86 19.46
CA LEU E 2014 92.72 -59.99 19.36
C LEU E 2014 93.39 -60.28 20.69
N THR E 2015 93.93 -59.26 21.34
CA THR E 2015 94.57 -59.37 22.65
C THR E 2015 93.82 -58.41 23.57
N ALA E 2016 92.89 -58.95 24.36
CA ALA E 2016 92.05 -58.14 25.24
C ALA E 2016 92.82 -57.71 26.49
N LYS E 2017 93.88 -56.95 26.25
CA LYS E 2017 94.70 -56.36 27.29
C LYS E 2017 95.04 -54.94 26.89
N PRO E 2018 95.38 -54.08 27.84
CA PRO E 2018 95.92 -52.77 27.51
C PRO E 2018 96.94 -52.82 26.39
N PHE E 2019 96.78 -51.94 25.40
CA PHE E 2019 97.79 -51.80 24.37
C PHE E 2019 99.12 -51.40 25.01
N GLN E 2020 100.15 -52.22 24.80
CA GLN E 2020 101.49 -51.92 25.30
C GLN E 2020 102.51 -52.38 24.26
N VAL E 2021 103.51 -51.54 24.02
CA VAL E 2021 104.61 -51.88 23.11
C VAL E 2021 105.66 -52.57 23.97
N THR E 2022 105.47 -53.86 24.20
CA THR E 2022 106.35 -54.64 25.05
C THR E 2022 106.57 -56.02 24.44
N LYS E 2023 107.71 -56.62 24.78
CA LYS E 2023 108.03 -57.96 24.32
C LYS E 2023 106.97 -58.96 24.76
N GLU E 2024 106.43 -58.79 25.97
CA GLU E 2024 105.37 -59.67 26.43
C GLU E 2024 104.13 -59.55 25.55
N TYR E 2025 103.76 -58.32 25.18
CA TYR E 2025 102.61 -58.12 24.31
C TYR E 2025 102.85 -58.74 22.93
N PHE E 2026 104.02 -58.51 22.36
CA PHE E 2026 104.32 -59.05 21.04
C PHE E 2026 104.32 -60.57 21.06
N GLN E 2027 104.83 -61.17 22.15
CA GLN E 2027 104.75 -62.62 22.29
C GLN E 2027 103.30 -63.08 22.41
N ASP E 2028 102.50 -62.35 23.18
CA ASP E 2028 101.10 -62.72 23.36
C ASP E 2028 100.32 -62.68 22.04
N VAL E 2029 100.72 -61.83 21.10
CA VAL E 2029 100.03 -61.80 19.80
C VAL E 2029 100.15 -63.16 19.11
N TYR E 2030 101.36 -63.74 19.11
CA TYR E 2030 101.54 -65.07 18.50
C TYR E 2030 100.75 -66.14 19.24
N ASP E 2031 100.58 -66.02 20.56
CA ASP E 2031 99.88 -67.05 21.30
C ASP E 2031 98.45 -67.24 20.80
N LEU E 2032 97.88 -66.22 20.15
CA LEU E 2032 96.58 -66.34 19.49
C LEU E 2032 96.69 -66.56 17.99
N THR E 2033 97.51 -65.74 17.31
CA THR E 2033 97.66 -65.82 15.86
C THR E 2033 99.10 -65.59 15.48
N GLY E 2034 99.71 -66.59 14.85
CA GLY E 2034 101.11 -66.50 14.45
C GLY E 2034 101.28 -65.65 13.21
N SER E 2035 102.24 -64.72 13.27
CA SER E 2035 102.58 -63.86 12.14
C SER E 2035 104.08 -63.67 12.08
N GLU E 2036 104.64 -63.84 10.89
CA GLU E 2036 106.09 -63.75 10.71
C GLU E 2036 106.67 -62.41 11.14
N PRO E 2037 106.03 -61.26 10.85
CA PRO E 2037 106.58 -60.00 11.39
C PRO E 2037 106.66 -59.98 12.90
N ILE E 2038 105.71 -60.61 13.60
CA ILE E 2038 105.78 -60.66 15.05
C ILE E 2038 107.02 -61.43 15.49
N LYS E 2039 107.34 -62.54 14.83
CA LYS E 2039 108.56 -63.26 15.15
C LYS E 2039 109.79 -62.45 14.84
N GLU E 2040 109.76 -61.70 13.73
CA GLU E 2040 110.89 -60.83 13.42
C GLU E 2040 111.12 -59.83 14.54
N ILE E 2041 110.05 -59.18 15.01
CA ILE E 2041 110.18 -58.21 16.09
C ILE E 2041 110.66 -58.87 17.38
N ILE E 2042 110.10 -60.04 17.69
CA ILE E 2042 110.46 -60.71 18.94
C ILE E 2042 111.92 -61.12 18.93
N ASP E 2043 112.38 -61.70 17.81
CA ASP E 2043 113.76 -62.14 17.71
C ASP E 2043 114.72 -60.96 17.70
N ASN E 2044 114.30 -59.84 17.12
CA ASN E 2044 115.15 -58.65 17.00
C ASN E 2044 114.83 -57.61 18.07
N TRP E 2045 114.15 -58.01 19.14
CA TRP E 2045 113.72 -57.04 20.15
C TRP E 2045 114.89 -56.32 20.80
N GLU E 2046 116.02 -57.02 20.98
CA GLU E 2046 117.18 -56.37 21.60
C GLU E 2046 117.69 -55.24 20.73
N LYS E 2047 117.75 -55.44 19.41
CA LYS E 2047 118.21 -54.39 18.53
C LYS E 2047 117.24 -53.21 18.51
N TYR E 2048 115.94 -53.49 18.52
CA TYR E 2048 114.95 -52.41 18.57
C TYR E 2048 115.01 -51.65 19.89
N GLU E 2049 115.31 -52.35 20.99
CA GLU E 2049 115.39 -51.67 22.28
C GLU E 2049 116.50 -50.64 22.29
N GLN E 2050 117.65 -50.96 21.71
CA GLN E 2050 118.78 -50.03 21.65
C GLN E 2050 118.42 -48.81 20.81
N MET F 1 114.03 -47.14 24.67
CA MET F 1 113.57 -47.24 23.25
C MET F 1 113.37 -45.85 22.65
N LYS F 2 113.85 -45.66 21.42
CA LYS F 2 113.73 -44.37 20.77
C LYS F 2 112.26 -44.08 20.46
N PRO F 3 111.86 -42.80 20.42
CA PRO F 3 110.47 -42.50 20.04
C PRO F 3 110.09 -43.00 18.66
N GLU F 4 110.98 -42.89 17.67
CA GLU F 4 110.61 -43.30 16.31
C GLU F 4 110.54 -44.82 16.20
N VAL F 5 111.47 -45.54 16.83
CA VAL F 5 111.39 -46.99 16.84
C VAL F 5 110.14 -47.46 17.57
N GLU F 6 109.81 -46.80 18.68
CA GLU F 6 108.61 -47.16 19.44
C GLU F 6 107.36 -46.93 18.59
N GLN F 7 107.33 -45.80 17.85
CA GLN F 7 106.21 -45.53 16.97
C GLN F 7 106.10 -46.58 15.87
N GLU F 8 107.24 -46.97 15.27
CA GLU F 8 107.22 -47.98 14.23
C GLU F 8 106.67 -49.30 14.77
N LEU F 9 107.13 -49.70 15.95
CA LEU F 9 106.67 -50.95 16.54
C LEU F 9 105.19 -50.88 16.87
N ALA F 10 104.72 -49.75 17.41
CA ALA F 10 103.30 -49.59 17.71
C ALA F 10 102.46 -49.66 16.45
N HIS F 11 102.91 -49.02 15.37
CA HIS F 11 102.17 -49.07 14.11
C HIS F 11 102.10 -50.49 13.58
N ILE F 12 103.22 -51.23 13.61
CA ILE F 12 103.23 -52.60 13.13
C ILE F 12 102.27 -53.46 13.94
N LEU F 13 102.33 -53.33 15.27
CA LEU F 13 101.46 -54.14 16.12
C LEU F 13 100.00 -53.77 15.93
N LEU F 14 99.69 -52.49 15.76
CA LEU F 14 98.32 -52.07 15.51
C LEU F 14 97.80 -52.64 14.20
N THR F 15 98.62 -52.57 13.14
CA THR F 15 98.20 -53.14 11.87
C THR F 15 97.96 -54.64 11.98
N GLU F 16 98.84 -55.34 12.71
CA GLU F 16 98.66 -56.78 12.89
C GLU F 16 97.38 -57.09 13.66
N LEU F 17 97.12 -56.33 14.74
CA LEU F 17 95.90 -56.55 15.51
C LEU F 17 94.67 -56.33 14.65
N LEU F 18 94.65 -55.23 13.90
CA LEU F 18 93.50 -54.95 13.04
C LEU F 18 93.34 -56.00 11.96
N ALA F 19 94.45 -56.50 11.41
CA ALA F 19 94.37 -57.49 10.34
C ALA F 19 93.81 -58.81 10.85
N TYR F 20 94.30 -59.29 12.00
CA TYR F 20 93.86 -60.57 12.53
C TYR F 20 92.58 -60.46 13.37
N GLN F 21 92.05 -59.25 13.57
CA GLN F 21 90.81 -59.11 14.32
C GLN F 21 89.67 -59.91 13.68
N PHE F 22 89.52 -59.80 12.36
CA PHE F 22 88.44 -60.51 11.67
C PHE F 22 88.74 -61.98 11.46
N ALA F 23 90.00 -62.38 11.57
CA ALA F 23 90.39 -63.78 11.49
C ALA F 23 90.45 -64.46 12.86
N SER F 24 90.19 -63.73 13.93
CA SER F 24 90.22 -64.27 15.28
C SER F 24 88.93 -63.89 15.99
N PRO F 25 88.56 -64.59 17.06
CA PRO F 25 87.36 -64.20 17.80
C PRO F 25 87.58 -62.93 18.60
N VAL F 26 86.47 -62.30 18.98
CA VAL F 26 86.50 -61.09 19.79
C VAL F 26 86.35 -61.49 21.25
N ARG F 27 87.36 -61.17 22.06
CA ARG F 27 87.41 -61.58 23.46
C ARG F 27 86.85 -60.44 24.30
N TRP F 28 85.56 -60.17 24.10
CA TRP F 28 84.92 -59.09 24.85
C TRP F 28 84.73 -59.43 26.32
N ILE F 29 84.72 -60.72 26.68
CA ILE F 29 84.72 -61.07 28.11
C ILE F 29 85.98 -60.53 28.76
N GLU F 30 87.13 -60.82 28.16
CA GLU F 30 88.39 -60.31 28.69
C GLU F 30 88.44 -58.80 28.64
N THR F 31 87.90 -58.20 27.57
CA THR F 31 87.89 -56.74 27.49
C THR F 31 87.07 -56.12 28.62
N GLN F 32 85.91 -56.69 28.91
CA GLN F 32 85.07 -56.18 29.99
C GLN F 32 85.74 -56.41 31.35
N ASP F 33 86.32 -57.59 31.55
CA ASP F 33 87.07 -57.83 32.78
C ASP F 33 88.17 -56.81 32.96
N VAL F 34 88.87 -56.49 31.87
CA VAL F 34 89.95 -55.50 31.92
C VAL F 34 89.41 -54.14 32.33
N PHE F 35 88.48 -53.59 31.55
CA PHE F 35 88.10 -52.20 31.79
C PHE F 35 87.12 -52.04 32.94
N LEU F 36 86.65 -53.13 33.57
CA LEU F 36 85.81 -53.04 34.75
C LEU F 36 86.55 -53.37 36.04
N LYS F 37 87.37 -54.42 36.04
CA LYS F 37 88.08 -54.84 37.25
C LYS F 37 89.47 -54.23 37.35
N ASP F 38 90.24 -54.28 36.27
CA ASP F 38 91.62 -53.80 36.33
C ASP F 38 91.69 -52.28 36.42
N PHE F 39 90.84 -51.60 35.65
CA PHE F 39 90.81 -50.13 35.64
C PHE F 39 89.78 -49.55 36.59
N ASN F 40 88.87 -50.35 37.12
CA ASN F 40 87.84 -49.90 38.05
C ASN F 40 87.06 -48.73 37.44
N THR F 41 86.62 -48.93 36.19
CA THR F 41 85.93 -47.88 35.46
C THR F 41 84.67 -47.46 36.19
N GLU F 42 84.56 -46.16 36.48
CA GLU F 42 83.43 -45.62 37.20
C GLU F 42 82.29 -45.18 36.30
N ARG F 43 82.59 -44.71 35.09
CA ARG F 43 81.57 -44.37 34.09
C ARG F 43 81.95 -45.01 32.78
N VAL F 44 81.05 -45.80 32.22
CA VAL F 44 81.22 -46.45 30.93
C VAL F 44 80.39 -45.67 29.93
N VAL F 45 81.00 -45.33 28.80
CA VAL F 45 80.34 -44.56 27.74
C VAL F 45 80.30 -45.43 26.50
N GLU F 46 79.10 -45.64 25.97
CA GLU F 46 78.88 -46.49 24.80
C GLU F 46 78.46 -45.61 23.63
N ILE F 47 79.32 -45.52 22.63
CA ILE F 47 79.08 -44.73 21.44
C ILE F 47 78.44 -45.64 20.41
N GLY F 48 77.17 -45.39 20.09
CA GLY F 48 76.47 -46.18 19.11
C GLY F 48 75.01 -45.76 19.00
N PRO F 49 74.29 -46.37 18.05
CA PRO F 49 72.89 -46.01 17.84
C PRO F 49 71.94 -46.66 18.85
N SER F 50 72.34 -47.81 19.37
CA SER F 50 71.56 -48.57 20.33
C SER F 50 72.45 -48.98 21.49
N PRO F 51 71.87 -49.28 22.66
CA PRO F 51 72.71 -49.62 23.83
C PRO F 51 73.08 -51.09 23.88
N THR F 52 73.68 -51.58 22.79
CA THR F 52 74.09 -52.98 22.73
C THR F 52 75.21 -53.25 23.74
N LEU F 53 76.36 -52.61 23.54
CA LEU F 53 77.48 -52.83 24.44
C LEU F 53 77.18 -52.32 25.84
N ALA F 54 76.35 -51.29 25.96
CA ALA F 54 75.95 -50.81 27.28
C ALA F 54 75.15 -51.86 28.03
N GLY F 55 74.20 -52.50 27.34
CA GLY F 55 73.45 -53.58 27.96
C GLY F 55 74.34 -54.76 28.30
N MET F 56 75.27 -55.10 27.41
CA MET F 56 76.21 -56.19 27.71
C MET F 56 77.03 -55.88 28.96
N ALA F 57 77.50 -54.63 29.09
CA ALA F 57 78.27 -54.25 30.27
C ALA F 57 77.39 -54.31 31.53
N GLN F 58 76.15 -53.83 31.43
CA GLN F 58 75.25 -53.89 32.58
C GLN F 58 75.03 -55.33 33.02
N ARG F 59 74.79 -56.22 32.06
CA ARG F 59 74.51 -57.61 32.38
C ARG F 59 75.75 -58.30 32.93
N THR F 60 76.93 -57.98 32.40
CA THR F 60 78.17 -58.51 32.95
C THR F 60 78.38 -58.06 34.38
N LEU F 61 78.09 -56.79 34.67
CA LEU F 61 78.22 -56.30 36.04
C LEU F 61 77.23 -57.00 36.96
N LYS F 62 75.99 -57.19 36.50
CA LYS F 62 74.99 -57.86 37.33
C LYS F 62 75.40 -59.31 37.60
N ASN F 63 75.96 -59.99 36.61
CA ASN F 63 76.33 -61.38 36.79
C ASN F 63 77.56 -61.54 37.68
N LYS F 64 78.59 -60.70 37.46
CA LYS F 64 79.90 -60.90 38.05
C LYS F 64 80.28 -59.84 39.07
N TYR F 65 80.25 -58.57 38.69
CA TYR F 65 80.70 -57.48 39.56
C TYR F 65 79.50 -56.83 40.24
N GLU F 66 78.98 -57.52 41.25
CA GLU F 66 77.93 -56.98 42.12
C GLU F 66 78.46 -56.74 43.52
N SER F 67 78.94 -57.77 44.20
CA SER F 67 79.51 -57.59 45.53
C SER F 67 80.84 -56.86 45.44
N TYR F 68 81.57 -57.02 44.34
CA TYR F 68 82.80 -56.26 44.14
C TYR F 68 82.52 -54.76 44.11
N ASP F 69 81.54 -54.36 43.28
CA ASP F 69 81.15 -52.96 43.21
C ASP F 69 80.62 -52.46 44.55
N ALA F 70 79.81 -53.28 45.23
CA ALA F 70 79.29 -52.89 46.53
C ALA F 70 80.42 -52.65 47.52
N ALA F 71 81.36 -53.60 47.63
CA ALA F 71 82.41 -53.51 48.61
C ALA F 71 83.33 -52.32 48.35
N LEU F 72 83.70 -52.10 47.09
CA LEU F 72 84.58 -50.99 46.76
C LEU F 72 83.84 -49.68 46.52
N SER F 73 82.51 -49.65 46.67
CA SER F 73 81.73 -48.42 46.59
C SER F 73 81.86 -47.77 45.21
N LEU F 74 82.03 -48.59 44.18
CA LEU F 74 82.18 -48.10 42.81
C LEU F 74 80.80 -47.83 42.25
N HIS F 75 80.50 -46.57 41.98
CA HIS F 75 79.23 -46.19 41.35
C HIS F 75 79.42 -46.34 39.85
N ARG F 76 79.23 -47.56 39.35
CA ARG F 76 79.38 -47.88 37.94
C ARG F 76 78.19 -47.32 37.19
N GLU F 77 78.40 -46.22 36.48
CA GLU F 77 77.35 -45.56 35.69
C GLU F 77 77.54 -45.97 34.24
N ILE F 78 76.63 -46.79 33.74
CA ILE F 78 76.67 -47.22 32.33
C ILE F 78 75.79 -46.29 31.52
N LEU F 79 76.39 -45.61 30.54
CA LEU F 79 75.73 -44.58 29.75
C LEU F 79 75.82 -44.94 28.28
N CYS F 80 74.70 -44.82 27.58
CA CYS F 80 74.63 -44.99 26.14
C CYS F 80 74.39 -43.66 25.48
N TYR F 81 75.08 -43.42 24.36
CA TYR F 81 74.96 -42.12 23.69
C TYR F 81 73.54 -41.88 23.19
N SER F 82 72.85 -42.94 22.76
CA SER F 82 71.52 -42.77 22.18
C SER F 82 70.52 -42.26 23.21
N LYS F 83 70.53 -42.82 24.41
CA LYS F 83 69.51 -42.53 25.41
C LYS F 83 70.00 -41.69 26.58
N ASP F 84 71.24 -41.88 27.03
CA ASP F 84 71.79 -41.18 28.20
C ASP F 84 72.59 -39.96 27.79
N ALA F 85 72.20 -39.32 26.69
CA ALA F 85 72.97 -38.19 26.16
C ALA F 85 73.04 -37.05 27.16
N LYS F 86 71.98 -36.85 27.96
CA LYS F 86 72.04 -35.82 28.99
C LYS F 86 73.11 -36.13 30.01
N GLU F 87 73.21 -37.39 30.43
CA GLU F 87 74.23 -37.78 31.40
C GLU F 87 75.63 -37.59 30.80
N ILE F 88 75.80 -37.93 29.52
CA ILE F 88 77.12 -37.78 28.92
C ILE F 88 77.49 -36.30 28.78
N TYR F 89 76.54 -35.47 28.36
CA TYR F 89 76.81 -34.07 28.08
C TYR F 89 76.73 -33.18 29.32
N TYR F 90 76.35 -33.71 30.48
CA TYR F 90 76.14 -32.92 31.69
C TYR F 90 75.11 -31.82 31.43
N THR F 91 73.90 -32.26 31.08
CA THR F 91 72.76 -31.38 30.83
C THR F 91 71.57 -31.92 31.61
N PRO F 92 71.62 -31.87 32.95
CA PRO F 92 70.50 -32.39 33.75
C PRO F 92 69.24 -31.60 33.50
N ASP F 93 68.10 -32.28 33.59
CA ASP F 93 66.82 -31.64 33.40
C ASP F 93 66.50 -30.75 34.59
N PRO F 94 66.20 -29.45 34.40
CA PRO F 94 65.91 -28.64 35.58
C PRO F 94 64.50 -28.87 36.12
N GLU F 329 13.76 -7.28 18.47
CA GLU F 329 13.49 -6.66 17.17
C GLU F 329 12.55 -7.52 16.33
N GLU F 330 11.71 -8.31 17.01
CA GLU F 330 10.76 -9.15 16.28
C GLU F 330 9.76 -8.30 15.50
N ILE F 331 9.29 -7.20 16.10
CA ILE F 331 8.29 -6.36 15.44
C ILE F 331 8.89 -5.68 14.21
N THR F 332 10.12 -5.17 14.33
CA THR F 332 10.74 -4.52 13.18
C THR F 332 11.07 -5.55 12.10
N LYS F 333 11.44 -6.76 12.50
CA LYS F 333 11.65 -7.82 11.51
C LYS F 333 10.36 -8.14 10.78
N ASP F 334 9.24 -8.21 11.51
CA ASP F 334 7.96 -8.50 10.88
C ASP F 334 7.58 -7.38 9.90
N HIS F 335 7.81 -6.12 10.29
CA HIS F 335 7.54 -5.02 9.37
C HIS F 335 8.43 -5.08 8.14
N LYS F 336 9.71 -5.43 8.30
CA LYS F 336 10.59 -5.52 7.14
C LYS F 336 10.13 -6.62 6.21
N VAL F 337 9.69 -7.75 6.77
CA VAL F 337 9.16 -8.83 5.95
C VAL F 337 7.89 -8.38 5.21
N LEU F 338 7.00 -7.66 5.90
CA LEU F 338 5.79 -7.16 5.25
C LEU F 338 6.14 -6.23 4.09
N ALA F 339 7.08 -5.31 4.31
CA ALA F 339 7.46 -4.37 3.26
C ALA F 339 8.12 -5.10 2.10
N ARG F 340 8.92 -6.13 2.40
CA ARG F 340 9.48 -6.97 1.34
C ARG F 340 8.38 -7.60 0.50
N GLN F 341 7.35 -8.16 1.14
CA GLN F 341 6.27 -8.77 0.37
C GLN F 341 5.53 -7.73 -0.47
N GLN F 342 5.27 -6.55 0.08
CA GLN F 342 4.59 -5.52 -0.70
C GLN F 342 5.43 -5.08 -1.89
N LEU F 343 6.73 -4.93 -1.68
CA LEU F 343 7.64 -4.59 -2.77
C LEU F 343 7.63 -5.67 -3.85
N GLN F 344 7.64 -6.94 -3.45
CA GLN F 344 7.62 -8.02 -4.42
C GLN F 344 6.31 -8.04 -5.20
N VAL F 345 5.19 -7.79 -4.53
CA VAL F 345 3.91 -7.71 -5.22
C VAL F 345 3.93 -6.60 -6.26
N LEU F 346 4.43 -5.42 -5.87
CA LEU F 346 4.47 -4.31 -6.81
C LEU F 346 5.40 -4.61 -7.98
N ALA F 347 6.54 -5.25 -7.72
CA ALA F 347 7.45 -5.62 -8.80
C ALA F 347 6.80 -6.60 -9.76
N ARG F 348 6.09 -7.61 -9.22
CA ARG F 348 5.39 -8.56 -10.08
C ARG F 348 4.33 -7.85 -10.92
N TYR F 349 3.59 -6.91 -10.32
CA TYR F 349 2.61 -6.17 -11.08
C TYR F 349 3.26 -5.36 -12.20
N LEU F 350 4.38 -4.72 -11.90
CA LEU F 350 5.11 -3.92 -12.87
C LEU F 350 5.91 -4.76 -13.86
N LYS F 351 5.92 -6.08 -13.71
CA LYS F 351 6.72 -6.96 -14.57
C LYS F 351 8.19 -6.58 -14.47
N MET F 352 8.63 -6.34 -13.25
CA MET F 352 9.98 -5.88 -12.94
C MET F 352 10.78 -7.07 -12.42
N ASP F 353 11.98 -7.27 -12.98
CA ASP F 353 12.85 -8.37 -12.58
C ASP F 353 13.95 -7.79 -11.70
N LEU F 354 13.76 -7.89 -10.38
CA LEU F 354 14.75 -7.39 -9.44
C LEU F 354 16.07 -8.13 -9.54
N ASP F 355 16.03 -9.41 -9.93
CA ASP F 355 17.22 -10.23 -10.02
C ASP F 355 17.91 -10.13 -11.37
N ASN F 356 17.38 -9.35 -12.32
CA ASN F 356 17.98 -9.28 -13.65
C ASN F 356 19.38 -8.70 -13.59
N GLY F 357 19.56 -7.63 -12.82
CA GLY F 357 20.89 -7.04 -12.70
C GLY F 357 21.88 -7.99 -12.08
N GLU F 358 21.48 -8.71 -11.02
CA GLU F 358 22.37 -9.68 -10.40
C GLU F 358 22.72 -10.80 -11.36
N ARG F 359 21.73 -11.28 -12.13
CA ARG F 359 22.03 -12.35 -13.09
C ARG F 359 23.02 -11.88 -14.14
N LYS F 360 22.82 -10.68 -14.67
CA LYS F 360 23.77 -10.14 -15.64
C LYS F 360 25.15 -9.98 -15.01
N PHE F 361 25.20 -9.55 -13.75
CA PHE F 361 26.47 -9.40 -13.07
C PHE F 361 27.19 -10.74 -12.93
N LEU F 362 26.47 -11.79 -12.57
CA LEU F 362 27.09 -13.10 -12.44
C LEU F 362 27.57 -13.63 -13.78
N LYS F 363 26.80 -13.41 -14.85
CA LYS F 363 27.27 -13.78 -16.18
C LYS F 363 28.56 -13.06 -16.53
N GLU F 364 28.60 -11.74 -16.31
CA GLU F 364 29.80 -10.99 -16.67
C GLU F 364 30.97 -11.37 -15.76
N LYS F 365 30.69 -11.77 -14.52
CA LYS F 365 31.75 -12.23 -13.65
C LYS F 365 32.34 -13.54 -14.14
N ASP F 366 31.49 -14.45 -14.64
CA ASP F 366 32.00 -15.66 -15.26
C ASP F 366 32.83 -15.34 -16.50
N THR F 367 32.38 -14.37 -17.29
CA THR F 367 33.15 -13.96 -18.47
C THR F 367 34.50 -13.38 -18.07
N VAL F 368 34.53 -12.56 -17.02
CA VAL F 368 35.80 -12.05 -16.51
C VAL F 368 36.67 -13.21 -16.06
N ALA F 369 36.09 -14.20 -15.39
CA ALA F 369 36.87 -15.33 -14.90
C ALA F 369 37.50 -16.10 -16.05
N GLU F 370 36.75 -16.34 -17.13
CA GLU F 370 37.30 -17.14 -18.22
C GLU F 370 38.30 -16.34 -19.06
N LEU F 371 38.04 -15.05 -19.29
CA LEU F 371 39.02 -14.23 -19.98
C LEU F 371 40.30 -14.10 -19.16
N GLN F 372 40.16 -13.95 -17.84
CA GLN F 372 41.34 -13.89 -16.99
C GLN F 372 42.07 -15.23 -16.99
N ALA F 373 41.34 -16.34 -17.07
CA ALA F 373 42.00 -17.64 -17.19
C ALA F 373 42.82 -17.72 -18.46
N GLN F 374 42.27 -17.22 -19.57
CA GLN F 374 43.03 -17.17 -20.81
C GLN F 374 44.27 -16.30 -20.65
N LEU F 375 44.13 -15.15 -19.98
CA LEU F 375 45.26 -14.25 -19.81
C LEU F 375 46.34 -14.86 -18.92
N ASP F 376 45.95 -15.54 -17.84
CA ASP F 376 46.94 -16.20 -17.00
C ASP F 376 47.61 -17.36 -17.72
N TYR F 377 46.87 -18.07 -18.58
CA TYR F 377 47.53 -19.09 -19.38
C TYR F 377 48.57 -18.48 -20.30
N LEU F 378 48.21 -17.40 -21.00
CA LEU F 378 49.17 -16.78 -21.90
C LEU F 378 50.34 -16.19 -21.13
N ASN F 379 50.10 -15.72 -19.90
CA ASN F 379 51.17 -15.17 -19.08
C ASN F 379 52.10 -16.28 -18.59
N ALA F 380 51.54 -17.39 -18.11
CA ALA F 380 52.37 -18.51 -17.70
C ALA F 380 53.10 -19.09 -18.88
N GLU F 381 52.60 -18.87 -20.09
CA GLU F 381 53.20 -19.47 -21.28
C GLU F 381 54.32 -18.60 -21.83
N LEU F 382 54.01 -17.38 -22.24
CA LEU F 382 55.03 -16.50 -22.81
C LEU F 382 55.90 -15.90 -21.71
N GLY F 383 55.32 -15.62 -20.56
CA GLY F 383 56.01 -15.10 -19.40
C GLY F 383 55.67 -13.65 -19.14
N GLU F 384 55.90 -13.23 -17.90
CA GLU F 384 55.63 -11.85 -17.52
C GLU F 384 56.48 -10.90 -18.35
N PHE F 385 57.77 -11.21 -18.51
CA PHE F 385 58.65 -10.33 -19.26
C PHE F 385 58.21 -10.19 -20.71
N PHE F 386 57.90 -11.31 -21.37
CA PHE F 386 57.50 -11.25 -22.77
C PHE F 386 56.21 -10.47 -22.95
N VAL F 387 55.19 -10.79 -22.14
CA VAL F 387 53.90 -10.13 -22.28
C VAL F 387 54.02 -8.64 -22.00
N ASN F 388 54.77 -8.27 -20.96
CA ASN F 388 54.95 -6.86 -20.65
C ASN F 388 55.75 -6.15 -21.74
N GLY F 389 56.76 -6.83 -22.29
CA GLY F 389 57.65 -6.24 -23.25
C GLY F 389 57.12 -6.15 -24.65
N VAL F 390 56.07 -6.88 -25.00
CA VAL F 390 55.44 -6.75 -26.31
C VAL F 390 54.48 -5.56 -26.36
N ALA F 391 54.43 -4.75 -25.30
CA ALA F 391 53.56 -3.57 -25.29
C ALA F 391 53.95 -2.62 -26.41
N THR F 392 52.95 -2.12 -27.13
CA THR F 392 53.21 -1.21 -28.22
C THR F 392 53.76 0.12 -27.70
N SER F 393 54.74 0.65 -28.40
CA SER F 393 55.39 1.91 -28.04
C SER F 393 55.41 2.94 -29.16
N PHE F 394 55.29 2.53 -30.41
CA PHE F 394 55.37 3.46 -31.54
C PHE F 394 54.05 4.15 -31.77
N SER F 395 54.12 5.43 -32.15
CA SER F 395 52.97 6.16 -32.65
C SER F 395 53.47 7.26 -33.57
N ARG F 396 52.71 7.53 -34.63
CA ARG F 396 53.13 8.54 -35.61
C ARG F 396 53.22 9.92 -34.98
N LYS F 397 52.25 10.26 -34.13
CA LYS F 397 52.22 11.60 -33.54
C LYS F 397 53.43 11.86 -32.65
N LYS F 398 54.09 10.80 -32.18
CA LYS F 398 55.21 10.93 -31.25
C LYS F 398 56.55 11.04 -31.94
N ALA F 399 56.60 11.04 -33.26
CA ALA F 399 57.86 11.19 -33.97
C ALA F 399 58.35 12.63 -33.92
N ARG F 400 59.66 12.79 -33.75
CA ARG F 400 60.31 14.10 -33.67
C ARG F 400 61.25 14.26 -34.84
N THR F 401 61.05 15.32 -35.61
CA THR F 401 61.87 15.62 -36.77
C THR F 401 62.89 16.70 -36.42
N PHE F 402 64.12 16.53 -36.90
CA PHE F 402 65.19 17.51 -36.76
C PHE F 402 65.77 17.75 -38.14
N ASP F 403 65.60 18.97 -38.65
CA ASP F 403 66.12 19.33 -39.97
C ASP F 403 66.68 20.76 -40.03
N SER F 404 66.82 21.46 -38.91
CA SER F 404 67.25 22.86 -38.93
C SER F 404 68.77 22.98 -38.78
N SER F 405 69.47 22.22 -39.62
CA SER F 405 70.92 22.31 -39.67
C SER F 405 71.39 23.71 -40.10
N TRP F 406 70.59 24.41 -40.90
CA TRP F 406 70.90 25.79 -41.26
C TRP F 406 71.04 26.66 -40.02
N ASN F 407 70.22 26.40 -39.00
CA ASN F 407 70.31 27.15 -37.75
C ASN F 407 71.44 26.63 -36.87
N TRP F 408 71.57 25.31 -36.77
CA TRP F 408 72.56 24.75 -35.85
C TRP F 408 73.98 25.03 -36.33
N ALA F 409 74.18 25.26 -37.62
CA ALA F 409 75.50 25.64 -38.11
C ALA F 409 75.94 26.97 -37.52
N LYS F 410 75.07 27.98 -37.58
CA LYS F 410 75.38 29.28 -36.99
C LYS F 410 75.56 29.16 -35.48
N GLN F 411 74.71 28.36 -34.82
CA GLN F 411 74.86 28.17 -33.38
C GLN F 411 76.24 27.60 -33.04
N SER F 412 76.65 26.55 -33.76
CA SER F 412 77.95 25.95 -33.51
C SER F 412 79.08 26.93 -33.80
N LEU F 413 78.95 27.71 -34.87
CA LEU F 413 79.98 28.68 -35.20
C LEU F 413 80.15 29.70 -34.08
N LEU F 414 79.04 30.22 -33.56
CA LEU F 414 79.15 31.19 -32.46
C LEU F 414 79.72 30.55 -31.21
N SER F 415 79.32 29.31 -30.91
CA SER F 415 79.86 28.62 -29.75
C SER F 415 81.38 28.49 -29.86
N LEU F 416 81.87 28.03 -31.02
CA LEU F 416 83.30 27.87 -31.21
C LEU F 416 84.02 29.22 -31.18
N TYR F 417 83.42 30.23 -31.80
CA TYR F 417 84.00 31.57 -31.81
C TYR F 417 84.20 32.11 -30.41
N PHE F 418 83.15 32.06 -29.59
CA PHE F 418 83.25 32.60 -28.24
C PHE F 418 84.14 31.72 -27.37
N GLU F 419 84.16 30.41 -27.60
CA GLU F 419 85.05 29.55 -26.83
C GLU F 419 86.50 29.90 -27.09
N ILE F 420 86.86 30.10 -28.37
CA ILE F 420 88.23 30.48 -28.70
C ILE F 420 88.56 31.85 -28.12
N ILE F 421 87.61 32.80 -28.21
CA ILE F 421 87.87 34.14 -27.68
C ILE F 421 88.09 34.09 -26.18
N HIS F 422 87.27 33.33 -25.46
CA HIS F 422 87.38 33.26 -24.01
C HIS F 422 88.53 32.38 -23.55
N GLY F 423 89.12 31.60 -24.44
CA GLY F 423 90.27 30.79 -24.07
C GLY F 423 89.93 29.38 -23.62
N VAL F 424 88.72 28.91 -23.87
CA VAL F 424 88.42 27.51 -23.62
C VAL F 424 89.26 26.64 -24.54
N LEU F 425 89.41 27.05 -25.80
CA LEU F 425 90.20 26.33 -26.80
C LEU F 425 91.39 27.21 -27.17
N LYS F 426 92.58 26.81 -26.72
CA LYS F 426 93.80 27.52 -27.08
C LYS F 426 94.45 26.97 -28.34
N ASN F 427 94.20 25.70 -28.67
CA ASN F 427 94.83 25.05 -29.80
C ASN F 427 93.78 24.36 -30.64
N VAL F 428 94.13 24.07 -31.89
CA VAL F 428 93.22 23.41 -32.82
C VAL F 428 93.36 21.90 -32.55
N ASP F 429 92.59 21.42 -31.59
CA ASP F 429 92.57 20.00 -31.25
C ASP F 429 91.56 19.29 -32.13
N ARG F 430 91.53 17.95 -32.02
CA ARG F 430 90.70 17.15 -32.91
C ARG F 430 89.22 17.46 -32.70
N GLU F 431 88.83 17.93 -31.52
CA GLU F 431 87.44 18.29 -31.30
C GLU F 431 87.08 19.56 -32.08
N VAL F 432 87.99 20.54 -32.09
CA VAL F 432 87.77 21.74 -32.88
C VAL F 432 87.78 21.41 -34.36
N VAL F 433 88.65 20.46 -34.78
CA VAL F 433 88.67 20.06 -36.18
C VAL F 433 87.36 19.39 -36.57
N SER F 434 86.82 18.55 -35.67
CA SER F 434 85.54 17.90 -35.94
C SER F 434 84.41 18.91 -36.04
N GLU F 435 84.40 19.90 -35.15
CA GLU F 435 83.37 20.94 -35.21
C GLU F 435 83.51 21.74 -36.50
N ALA F 436 84.75 22.02 -36.91
CA ALA F 436 84.98 22.69 -38.18
C ALA F 436 84.44 21.85 -39.34
N ILE F 437 84.63 20.53 -39.28
CA ILE F 437 84.13 19.66 -40.34
C ILE F 437 82.60 19.71 -40.37
N ASN F 438 81.96 19.72 -39.20
CA ASN F 438 80.50 19.82 -39.17
C ASN F 438 80.02 21.13 -39.75
N ILE F 439 80.71 22.23 -39.43
CA ILE F 439 80.35 23.53 -39.98
C ILE F 439 80.51 23.52 -41.50
N MET F 440 81.61 22.92 -41.99
CA MET F 440 81.80 22.76 -43.43
C MET F 440 80.65 21.98 -44.04
N ASN F 441 80.23 20.90 -43.37
CA ASN F 441 79.18 20.05 -43.91
C ASN F 441 77.86 20.81 -43.99
N ARG F 442 77.63 21.75 -43.07
CA ARG F 442 76.43 22.57 -43.08
C ARG F 442 76.63 23.89 -43.80
N SER F 443 77.78 24.10 -44.44
CA SER F 443 78.10 25.37 -45.07
C SER F 443 77.16 25.71 -46.22
N ASN F 444 76.84 27.00 -46.34
CA ASN F 444 76.14 27.55 -47.50
C ASN F 444 76.51 29.03 -47.57
N ASP F 445 75.92 29.74 -48.54
CA ASP F 445 76.28 31.13 -48.77
C ASP F 445 75.93 32.01 -47.58
N ALA F 446 74.75 31.80 -46.99
CA ALA F 446 74.37 32.57 -45.81
C ALA F 446 75.33 32.34 -44.67
N LEU F 447 75.74 31.08 -44.47
CA LEU F 447 76.73 30.80 -43.43
C LEU F 447 78.06 31.48 -43.74
N ILE F 448 78.50 31.44 -44.99
CA ILE F 448 79.76 32.10 -45.36
C ILE F 448 79.70 33.57 -45.02
N LYS F 449 78.57 34.22 -45.33
CA LYS F 449 78.42 35.63 -44.97
C LYS F 449 78.44 35.82 -43.47
N PHE F 450 77.82 34.91 -42.73
CA PHE F 450 77.83 34.99 -41.27
C PHE F 450 79.26 34.97 -40.72
N MET F 451 80.06 33.99 -41.14
CA MET F 451 81.43 33.92 -40.62
C MET F 451 82.27 35.09 -41.14
N GLU F 452 82.04 35.51 -42.39
CA GLU F 452 82.81 36.63 -42.93
C GLU F 452 82.56 37.89 -42.10
N TYR F 453 81.31 38.16 -41.77
CA TYR F 453 81.04 39.31 -40.91
C TYR F 453 81.69 39.14 -39.55
N HIS F 454 81.48 37.98 -38.91
CA HIS F 454 81.96 37.83 -37.55
C HIS F 454 83.48 37.86 -37.45
N ILE F 455 84.19 37.51 -38.53
CA ILE F 455 85.65 37.54 -38.51
C ILE F 455 86.19 38.89 -38.94
N SER F 456 85.58 39.54 -39.94
CA SER F 456 86.03 40.87 -40.33
C SER F 456 85.75 41.89 -39.23
N ASN F 457 84.68 41.67 -38.46
CA ASN F 457 84.37 42.56 -37.35
C ASN F 457 85.25 42.31 -36.14
N THR F 458 85.92 41.16 -36.08
CA THR F 458 86.80 40.86 -34.96
C THR F 458 88.00 41.80 -34.96
N ASP F 459 88.36 42.29 -33.78
CA ASP F 459 89.49 43.20 -33.61
C ASP F 459 90.66 42.39 -33.07
N GLU F 460 91.62 42.09 -33.95
CA GLU F 460 92.75 41.25 -33.57
C GLU F 460 93.63 41.90 -32.51
N THR F 461 93.59 43.22 -32.38
CA THR F 461 94.46 43.92 -31.44
C THR F 461 94.07 43.69 -29.98
N LYS F 462 92.93 43.06 -29.71
CA LYS F 462 92.48 42.81 -28.34
C LYS F 462 93.08 41.51 -27.81
N GLY F 463 94.40 41.45 -27.81
CA GLY F 463 95.10 40.30 -27.29
C GLY F 463 95.27 39.21 -28.34
N GLU F 464 96.06 38.20 -27.96
CA GLU F 464 96.40 37.13 -28.89
C GLU F 464 95.20 36.24 -29.20
N ASN F 465 94.22 36.17 -28.29
CA ASN F 465 93.06 35.32 -28.53
C ASN F 465 92.25 35.80 -29.72
N TYR F 466 92.10 37.12 -29.86
CA TYR F 466 91.33 37.66 -30.98
C TYR F 466 92.07 37.45 -32.29
N GLN F 467 93.40 37.59 -32.29
CA GLN F 467 94.16 37.31 -33.49
C GLN F 467 94.02 35.83 -33.86
N LEU F 468 94.06 34.95 -32.86
CA LEU F 468 93.94 33.51 -33.13
C LEU F 468 92.57 33.19 -33.72
N VAL F 469 91.50 33.73 -33.14
CA VAL F 469 90.17 33.42 -33.67
C VAL F 469 90.01 34.01 -35.06
N LYS F 470 90.61 35.18 -35.32
CA LYS F 470 90.54 35.76 -36.65
C LYS F 470 91.24 34.88 -37.67
N THR F 471 92.44 34.39 -37.36
CA THR F 471 93.16 33.55 -38.30
C THR F 471 92.43 32.23 -38.53
N LEU F 472 91.95 31.60 -37.45
CA LEU F 472 91.23 30.33 -37.60
C LEU F 472 89.95 30.53 -38.38
N GLY F 473 89.25 31.65 -38.15
CA GLY F 473 88.04 31.93 -38.91
C GLY F 473 88.33 32.17 -40.37
N GLU F 474 89.43 32.84 -40.69
CA GLU F 474 89.80 33.00 -42.09
C GLU F 474 90.08 31.66 -42.75
N GLN F 475 90.80 30.78 -42.04
CA GLN F 475 91.03 29.44 -42.58
C GLN F 475 89.73 28.69 -42.80
N LEU F 476 88.81 28.79 -41.85
CA LEU F 476 87.55 28.04 -41.96
C LEU F 476 86.66 28.63 -43.05
N ILE F 477 86.71 29.95 -43.24
CA ILE F 477 85.99 30.57 -44.36
C ILE F 477 86.54 30.05 -45.68
N GLU F 478 87.86 30.00 -45.81
CA GLU F 478 88.45 29.49 -47.03
C GLU F 478 88.06 28.04 -47.27
N ASN F 479 88.03 27.23 -46.20
CA ASN F 479 87.66 25.83 -46.34
C ASN F 479 86.19 25.68 -46.72
N CYS F 480 85.31 26.47 -46.11
CA CYS F 480 83.87 26.34 -46.39
C CYS F 480 83.52 26.83 -47.78
N LYS F 481 84.22 27.86 -48.27
CA LYS F 481 83.98 28.33 -49.63
C LYS F 481 84.25 27.23 -50.66
N GLN F 482 85.25 26.39 -50.41
CA GLN F 482 85.52 25.26 -51.30
C GLN F 482 84.36 24.27 -51.33
N VAL F 483 83.76 23.98 -50.17
CA VAL F 483 82.75 22.94 -50.05
C VAL F 483 81.34 23.54 -50.01
N LEU F 484 81.16 24.76 -50.52
CA LEU F 484 79.82 25.31 -50.68
C LEU F 484 78.93 24.35 -51.48
N ASP F 485 79.43 23.84 -52.61
CA ASP F 485 78.67 22.95 -53.49
C ASP F 485 78.96 21.48 -53.26
N VAL F 486 80.06 21.14 -52.57
CA VAL F 486 80.41 19.75 -52.37
C VAL F 486 79.44 19.12 -51.36
N ASP F 487 79.11 17.85 -51.58
CA ASP F 487 78.18 17.16 -50.71
C ASP F 487 78.80 16.98 -49.32
N PRO F 488 77.99 16.96 -48.27
CA PRO F 488 78.54 16.71 -46.93
C PRO F 488 79.12 15.31 -46.83
N VAL F 489 80.20 15.20 -46.06
CA VAL F 489 80.96 13.96 -45.95
C VAL F 489 81.16 13.64 -44.48
N TYR F 490 81.07 12.35 -44.15
CA TYR F 490 81.39 11.87 -42.81
C TYR F 490 82.90 11.70 -42.72
N LYS F 491 83.55 12.55 -41.93
CA LYS F 491 84.99 12.49 -41.73
C LYS F 491 85.27 12.46 -40.24
N ASP F 492 85.85 11.37 -39.76
CA ASP F 492 86.17 11.20 -38.36
C ASP F 492 87.62 11.59 -38.13
N VAL F 493 87.84 12.54 -37.22
CA VAL F 493 89.16 13.07 -36.92
C VAL F 493 89.58 12.83 -35.49
N ALA F 494 88.80 12.11 -34.70
CA ALA F 494 89.18 11.82 -33.33
C ALA F 494 90.43 10.94 -33.30
N LYS F 495 91.29 11.19 -32.34
CA LYS F 495 92.49 10.38 -32.17
C LYS F 495 92.07 8.97 -31.80
N PRO F 496 92.50 7.93 -32.53
CA PRO F 496 92.20 6.57 -32.07
C PRO F 496 92.80 6.29 -30.70
N THR F 497 92.03 5.61 -29.86
CA THR F 497 92.40 5.31 -28.50
C THR F 497 92.34 3.82 -28.26
N GLY F 498 93.39 3.27 -27.65
CA GLY F 498 93.43 1.88 -27.30
C GLY F 498 93.04 1.66 -25.84
N PRO F 499 92.94 0.40 -25.43
CA PRO F 499 92.62 0.12 -24.02
C PRO F 499 93.86 0.25 -23.15
N LYS F 500 93.62 0.58 -21.88
CA LYS F 500 94.69 0.79 -20.92
C LYS F 500 94.16 0.49 -19.53
N THR F 501 94.68 -0.58 -18.92
CA THR F 501 94.30 -0.99 -17.57
C THR F 501 95.53 -0.94 -16.68
N ALA F 502 95.42 -0.24 -15.56
CA ALA F 502 96.48 -0.11 -14.58
C ALA F 502 95.97 -0.56 -13.22
N ILE F 503 96.83 -1.26 -12.48
CA ILE F 503 96.53 -1.73 -11.14
C ILE F 503 97.36 -0.90 -10.18
N ASP F 504 96.69 -0.17 -9.29
CA ASP F 504 97.38 0.65 -8.30
C ASP F 504 98.04 -0.25 -7.26
N LYS F 505 98.92 0.38 -6.45
CA LYS F 505 99.57 -0.37 -5.38
C LYS F 505 98.57 -0.91 -4.37
N ASN F 506 97.45 -0.22 -4.17
CA ASN F 506 96.39 -0.67 -3.28
C ASN F 506 95.34 -1.50 -4.00
N GLY F 507 95.70 -2.10 -5.14
CA GLY F 507 94.77 -2.95 -5.86
C GLY F 507 93.56 -2.25 -6.41
N ASN F 508 93.74 -1.06 -6.98
CA ASN F 508 92.66 -0.31 -7.61
C ASN F 508 92.78 -0.45 -9.12
N ILE F 509 91.70 -0.88 -9.76
CA ILE F 509 91.65 -1.06 -11.20
C ILE F 509 91.13 0.23 -11.83
N THR F 510 91.94 0.84 -12.68
CA THR F 510 91.56 2.01 -13.45
C THR F 510 91.69 1.70 -14.93
N TYR F 511 90.63 1.94 -15.70
CA TYR F 511 90.63 1.79 -17.14
C TYR F 511 90.55 3.16 -17.78
N SER F 512 91.39 3.39 -18.78
CA SER F 512 91.41 4.66 -19.50
C SER F 512 91.58 4.39 -20.99
N GLU F 513 91.03 5.29 -21.81
CA GLU F 513 91.15 5.21 -23.26
C GLU F 513 92.29 6.12 -23.73
N GLU F 514 93.51 5.69 -23.42
CA GLU F 514 94.67 6.48 -23.77
C GLU F 514 94.92 6.43 -25.28
N PRO F 515 95.40 7.52 -25.89
CA PRO F 515 95.65 7.50 -27.34
C PRO F 515 96.71 6.47 -27.71
N ARG F 516 96.50 5.84 -28.86
CA ARG F 516 97.47 4.87 -29.36
C ARG F 516 98.72 5.59 -29.84
N GLU F 517 99.88 5.08 -29.43
CA GLU F 517 101.14 5.71 -29.82
C GLU F 517 101.45 5.49 -31.29
N LYS F 518 101.16 4.28 -31.80
CA LYS F 518 101.49 3.96 -33.19
C LYS F 518 100.50 4.61 -34.15
N VAL F 519 99.23 4.67 -33.77
CA VAL F 519 98.15 5.13 -34.64
C VAL F 519 97.59 6.43 -34.06
N ARG F 520 97.50 7.46 -34.90
CA ARG F 520 96.95 8.74 -34.48
C ARG F 520 96.04 9.38 -35.51
N LYS F 521 95.69 8.69 -36.59
CA LYS F 521 94.72 9.16 -37.57
C LYS F 521 93.86 7.99 -38.03
N LEU F 522 92.75 8.31 -38.69
CA LEU F 522 91.90 7.26 -39.23
C LEU F 522 92.57 6.58 -40.42
N SER F 523 93.36 7.33 -41.19
CA SER F 523 94.14 6.72 -42.26
C SER F 523 95.14 5.72 -41.72
N GLN F 524 95.82 6.08 -40.62
CA GLN F 524 96.73 5.13 -39.99
C GLN F 524 95.97 3.95 -39.38
N TYR F 525 94.76 4.20 -38.87
CA TYR F 525 93.93 3.09 -38.40
C TYR F 525 93.66 2.09 -39.52
N VAL F 526 93.28 2.61 -40.70
CA VAL F 526 93.03 1.73 -41.84
C VAL F 526 94.30 1.04 -42.29
N GLN F 527 95.44 1.74 -42.24
CA GLN F 527 96.70 1.12 -42.61
C GLN F 527 97.05 -0.04 -41.67
N GLU F 528 96.90 0.17 -40.37
CA GLU F 528 97.11 -0.92 -39.42
C GLU F 528 96.14 -2.05 -39.68
N MET F 529 94.89 -1.72 -40.04
CA MET F 529 93.89 -2.74 -40.28
C MET F 529 94.28 -3.61 -41.45
N ALA F 530 94.76 -3.00 -42.52
CA ALA F 530 95.24 -3.75 -43.68
C ALA F 530 96.47 -4.57 -43.32
N LEU F 531 97.39 -3.99 -42.53
CA LEU F 531 98.62 -4.69 -42.20
C LEU F 531 98.34 -5.95 -41.37
N GLY F 532 97.43 -5.86 -40.41
CA GLY F 532 97.20 -6.98 -39.52
C GLY F 532 98.28 -7.12 -38.48
N GLY F 533 98.53 -8.37 -38.09
CA GLY F 533 99.53 -8.68 -37.08
C GLY F 533 100.11 -10.06 -37.26
N PRO F 534 101.02 -10.46 -36.37
CA PRO F 534 101.57 -11.82 -36.47
C PRO F 534 100.53 -12.90 -36.29
N ILE F 535 99.54 -12.67 -35.42
CA ILE F 535 98.54 -13.70 -35.14
C ILE F 535 97.66 -13.96 -36.35
N THR F 536 97.31 -12.90 -37.08
CA THR F 536 96.39 -13.06 -38.21
C THR F 536 97.04 -13.77 -39.39
N LYS F 537 98.37 -13.88 -39.40
CA LYS F 537 99.05 -14.59 -40.48
C LYS F 537 98.71 -16.07 -40.43
N GLU F 538 98.74 -16.72 -41.60
CA GLU F 538 98.45 -18.14 -41.72
C GLU F 538 99.49 -18.79 -42.62
N SER F 539 99.68 -20.08 -42.41
CA SER F 539 100.64 -20.85 -43.21
C SER F 539 100.17 -20.98 -44.65
N SER F 623 98.91 7.53 -54.50
CA SER F 623 99.34 6.80 -55.69
C SER F 623 99.01 5.32 -55.58
N LYS F 624 99.32 4.74 -54.42
CA LYS F 624 99.05 3.35 -54.13
C LYS F 624 98.06 3.25 -52.98
N THR F 625 97.03 2.42 -53.16
CA THR F 625 96.00 2.29 -52.14
C THR F 625 96.55 1.52 -50.94
N VAL F 626 95.78 1.58 -49.84
CA VAL F 626 96.16 0.84 -48.64
C VAL F 626 96.13 -0.66 -48.90
N SER F 627 95.30 -1.11 -49.85
CA SER F 627 95.25 -2.53 -50.19
C SER F 627 96.60 -3.03 -50.67
N SER F 628 97.39 -2.17 -51.33
CA SER F 628 98.71 -2.57 -51.77
C SER F 628 99.63 -2.92 -50.60
N THR F 629 99.46 -2.25 -49.46
CA THR F 629 100.31 -2.45 -48.30
C THR F 629 99.96 -3.70 -47.51
N ILE F 630 98.92 -4.43 -47.90
CA ILE F 630 98.56 -5.66 -47.20
C ILE F 630 99.71 -6.67 -47.32
N PRO F 631 100.14 -7.32 -46.25
CA PRO F 631 101.16 -8.37 -46.40
C PRO F 631 100.60 -9.58 -47.13
N ARG F 632 101.50 -10.33 -47.77
CA ARG F 632 101.11 -11.54 -48.47
C ARG F 632 100.85 -12.66 -47.48
N GLU F 633 99.81 -13.46 -47.76
CA GLU F 633 99.45 -14.60 -46.93
C GLU F 633 99.11 -14.16 -45.50
N THR F 634 98.21 -13.18 -45.40
CA THR F 634 97.77 -12.68 -44.11
C THR F 634 96.33 -12.23 -44.22
N ILE F 635 95.65 -12.20 -43.07
CA ILE F 635 94.23 -11.86 -42.98
C ILE F 635 94.14 -10.48 -42.34
N PRO F 636 93.66 -9.44 -43.04
CA PRO F 636 93.51 -8.14 -42.39
C PRO F 636 92.53 -8.20 -41.23
N PHE F 637 92.72 -7.26 -40.28
CA PHE F 637 91.82 -7.20 -39.13
C PHE F 637 90.38 -6.95 -39.57
N LEU F 638 90.18 -6.06 -40.54
CA LEU F 638 88.89 -5.86 -41.19
C LEU F 638 88.98 -6.42 -42.61
N HIS F 639 88.09 -7.33 -42.95
CA HIS F 639 88.09 -7.89 -44.29
C HIS F 639 86.66 -8.26 -44.68
N LEU F 640 86.50 -8.66 -45.94
CA LEU F 640 85.24 -9.18 -46.44
C LEU F 640 85.45 -10.64 -46.83
N ARG F 641 84.47 -11.48 -46.51
CA ARG F 641 84.53 -12.90 -46.78
C ARG F 641 83.68 -13.23 -47.99
N LYS F 642 84.16 -14.16 -48.81
CA LYS F 642 83.43 -14.64 -49.97
C LYS F 642 83.01 -16.08 -49.74
N LYS F 643 81.77 -16.39 -50.14
CA LYS F 643 81.22 -17.73 -49.96
C LYS F 643 81.83 -18.67 -51.00
N THR F 644 82.49 -19.72 -50.54
CA THR F 644 83.08 -20.68 -51.44
C THR F 644 81.99 -21.54 -52.07
N PRO F 645 82.29 -22.24 -53.17
CA PRO F 645 81.28 -23.15 -53.75
C PRO F 645 80.82 -24.21 -52.78
N ALA F 646 81.68 -24.62 -51.83
CA ALA F 646 81.29 -25.56 -50.80
C ALA F 646 80.29 -24.98 -49.80
N GLY F 647 80.08 -23.65 -49.82
CA GLY F 647 79.14 -23.01 -48.94
C GLY F 647 79.72 -22.33 -47.73
N ASP F 648 81.05 -22.35 -47.56
CA ASP F 648 81.72 -21.73 -46.43
C ASP F 648 82.25 -20.37 -46.82
N TRP F 649 82.28 -19.46 -45.85
CA TRP F 649 82.74 -18.09 -46.06
C TRP F 649 84.22 -17.99 -45.69
N LYS F 650 85.03 -17.56 -46.64
CA LYS F 650 86.48 -17.44 -46.46
C LYS F 650 86.90 -16.04 -46.83
N TYR F 651 88.02 -15.61 -46.25
CA TYR F 651 88.61 -14.31 -46.58
C TYR F 651 88.89 -14.23 -48.07
N ASP F 652 88.56 -13.10 -48.67
CA ASP F 652 88.74 -12.87 -50.09
C ASP F 652 89.56 -11.61 -50.31
N ARG F 653 90.65 -11.75 -51.07
CA ARG F 653 91.55 -10.63 -51.30
C ARG F 653 90.85 -9.49 -52.00
N GLN F 654 90.07 -9.77 -53.05
CA GLN F 654 89.46 -8.70 -53.84
C GLN F 654 88.46 -7.91 -53.01
N LEU F 655 87.53 -8.60 -52.36
CA LEU F 655 86.52 -7.91 -51.55
C LEU F 655 87.15 -7.17 -50.39
N SER F 656 88.14 -7.80 -49.72
CA SER F 656 88.81 -7.14 -48.62
C SER F 656 89.53 -5.87 -49.10
N SER F 657 90.22 -5.95 -50.24
CA SER F 657 90.91 -4.79 -50.77
C SER F 657 89.92 -3.68 -51.11
N LEU F 658 88.77 -4.05 -51.68
CA LEU F 658 87.73 -3.06 -51.96
C LEU F 658 87.28 -2.37 -50.68
N PHE F 659 87.04 -3.16 -49.63
CA PHE F 659 86.57 -2.59 -48.37
C PHE F 659 87.62 -1.68 -47.74
N LEU F 660 88.87 -2.11 -47.71
CA LEU F 660 89.91 -1.27 -47.12
C LEU F 660 90.18 -0.02 -47.96
N ASP F 661 90.06 -0.12 -49.28
CA ASP F 661 90.19 1.09 -50.10
C ASP F 661 89.06 2.06 -49.83
N GLY F 662 87.84 1.55 -49.68
CA GLY F 662 86.74 2.41 -49.31
C GLY F 662 86.96 3.06 -47.95
N LEU F 663 87.49 2.31 -47.00
CA LEU F 663 87.79 2.87 -45.68
C LEU F 663 88.87 3.94 -45.77
N GLU F 664 89.89 3.72 -46.61
CA GLU F 664 90.93 4.72 -46.79
C GLU F 664 90.36 6.00 -47.37
N LYS F 665 89.49 5.87 -48.38
CA LYS F 665 88.85 7.05 -48.96
C LYS F 665 87.98 7.75 -47.93
N ALA F 666 87.23 7.00 -47.13
CA ALA F 666 86.39 7.61 -46.11
C ALA F 666 87.22 8.29 -45.03
N ALA F 667 88.42 7.77 -44.76
CA ALA F 667 89.28 8.38 -43.75
C ALA F 667 89.90 9.67 -44.26
N PHE F 668 90.32 9.69 -45.53
CA PHE F 668 91.05 10.84 -46.05
C PHE F 668 90.13 11.88 -46.67
N ASN F 669 89.35 11.50 -47.68
CA ASN F 669 88.40 12.44 -48.28
C ASN F 669 87.14 12.61 -47.44
N GLY F 670 86.69 11.56 -46.77
CA GLY F 670 85.38 11.54 -46.16
C GLY F 670 84.36 10.89 -47.09
N VAL F 671 83.32 10.32 -46.49
CA VAL F 671 82.29 9.58 -47.22
C VAL F 671 80.97 10.29 -47.05
N THR F 672 80.29 10.57 -48.17
CA THR F 672 78.99 11.21 -48.15
C THR F 672 77.88 10.17 -48.12
N PHE F 673 76.76 10.55 -47.52
CA PHE F 673 75.55 9.73 -47.48
C PHE F 673 74.36 10.56 -47.95
N LYS F 674 74.57 11.42 -48.94
CA LYS F 674 73.47 12.17 -49.53
C LYS F 674 72.48 11.24 -50.19
N ASP F 675 71.20 11.61 -50.10
CA ASP F 675 70.12 10.86 -50.73
C ASP F 675 70.09 9.41 -50.23
N LYS F 676 70.54 9.20 -49.00
CA LYS F 676 70.57 7.89 -48.36
C LYS F 676 69.60 7.92 -47.19
N TYR F 677 68.56 7.10 -47.26
CA TYR F 677 67.57 7.00 -46.20
C TYR F 677 67.84 5.74 -45.39
N VAL F 678 68.14 5.94 -44.12
CA VAL F 678 68.56 4.87 -43.22
C VAL F 678 67.51 4.72 -42.12
N LEU F 679 67.30 3.49 -41.68
CA LEU F 679 66.50 3.20 -40.50
C LEU F 679 67.40 2.46 -39.51
N ILE F 680 67.71 3.09 -38.39
CA ILE F 680 68.61 2.53 -37.40
C ILE F 680 67.85 2.33 -36.10
N THR F 681 67.95 1.12 -35.54
CA THR F 681 67.39 0.81 -34.23
C THR F 681 68.52 0.49 -33.27
N GLY F 682 68.26 0.70 -31.99
CA GLY F 682 69.29 0.49 -30.98
C GLY F 682 70.47 1.43 -31.09
N ALA F 683 70.19 2.73 -31.25
CA ALA F 683 71.23 3.75 -31.34
C ALA F 683 71.20 4.72 -30.17
N GLY F 684 70.98 4.22 -28.96
CA GLY F 684 70.99 5.07 -27.79
C GLY F 684 72.39 5.51 -27.42
N LYS F 685 72.46 6.44 -26.47
CA LYS F 685 73.75 6.95 -26.02
C LYS F 685 74.62 5.83 -25.47
N GLY F 686 75.90 5.88 -25.81
CA GLY F 686 76.84 4.88 -25.32
C GLY F 686 76.85 3.59 -26.09
N SER F 687 76.34 3.59 -27.33
CA SER F 687 76.26 2.39 -28.13
C SER F 687 76.89 2.63 -29.49
N ILE F 688 77.08 1.54 -30.23
CA ILE F 688 77.64 1.62 -31.57
C ILE F 688 76.67 2.32 -32.50
N GLY F 689 75.37 2.10 -32.30
CA GLY F 689 74.37 2.73 -33.15
C GLY F 689 74.39 4.24 -33.05
N ALA F 690 74.70 4.77 -31.86
CA ALA F 690 74.80 6.22 -31.71
C ALA F 690 75.93 6.79 -32.56
N GLU F 691 77.09 6.12 -32.55
CA GLU F 691 78.21 6.58 -33.35
C GLU F 691 77.91 6.44 -34.85
N VAL F 692 77.26 5.34 -35.23
CA VAL F 692 76.87 5.17 -36.63
C VAL F 692 75.88 6.25 -37.04
N LEU F 693 74.95 6.60 -36.15
CA LEU F 693 73.99 7.66 -36.44
C LEU F 693 74.70 9.01 -36.58
N GLN F 694 75.67 9.28 -35.71
CA GLN F 694 76.44 10.51 -35.84
C GLN F 694 77.14 10.56 -37.19
N GLY F 695 77.74 9.44 -37.61
CA GLY F 695 78.39 9.41 -38.91
C GLY F 695 77.42 9.62 -40.06
N LEU F 696 76.25 8.99 -39.98
CA LEU F 696 75.25 9.17 -41.03
C LEU F 696 74.80 10.63 -41.10
N LEU F 697 74.55 11.25 -39.94
CA LEU F 697 74.15 12.65 -39.91
C LEU F 697 75.24 13.54 -40.48
N GLN F 698 76.50 13.24 -40.15
CA GLN F 698 77.62 13.97 -40.75
C GLN F 698 77.60 13.84 -42.27
N GLY F 699 77.43 12.62 -42.78
CA GLY F 699 77.42 12.37 -44.20
C GLY F 699 76.22 12.90 -44.94
N GLY F 700 75.16 13.27 -44.22
CA GLY F 700 74.01 13.91 -44.84
C GLY F 700 72.81 13.01 -45.03
N ALA F 701 72.76 11.88 -44.35
CA ALA F 701 71.70 10.91 -44.56
C ALA F 701 70.42 11.31 -43.83
N LYS F 702 69.30 10.84 -44.35
CA LYS F 702 68.01 10.95 -43.67
C LYS F 702 67.81 9.70 -42.81
N VAL F 703 68.03 9.85 -41.51
CA VAL F 703 68.06 8.71 -40.60
C VAL F 703 66.81 8.72 -39.74
N VAL F 704 66.13 7.57 -39.69
CA VAL F 704 65.04 7.33 -38.75
C VAL F 704 65.66 6.52 -37.62
N VAL F 705 65.88 7.16 -36.50
CA VAL F 705 66.41 6.49 -35.31
C VAL F 705 65.26 6.10 -34.41
N THR F 706 65.26 4.85 -33.99
CA THR F 706 64.20 4.30 -33.15
C THR F 706 64.74 4.10 -31.74
N THR F 707 63.96 4.54 -30.75
CA THR F 707 64.36 4.46 -29.34
C THR F 707 63.26 3.80 -28.53
N SER F 708 63.67 2.90 -27.62
CA SER F 708 62.75 2.27 -26.69
C SER F 708 62.68 3.00 -25.35
N ARG F 709 63.40 4.11 -25.19
CA ARG F 709 63.41 4.92 -23.98
C ARG F 709 62.96 6.34 -24.29
N PHE F 710 61.91 6.47 -25.08
CA PHE F 710 61.48 7.78 -25.54
C PHE F 710 61.07 8.65 -24.36
N SER F 711 61.75 9.78 -24.22
CA SER F 711 61.51 10.71 -23.11
C SER F 711 62.21 12.02 -23.45
N LYS F 712 62.06 12.99 -22.56
CA LYS F 712 62.70 14.29 -22.78
C LYS F 712 64.21 14.17 -22.82
N GLN F 713 64.77 13.31 -21.97
CA GLN F 713 66.23 13.12 -21.95
C GLN F 713 66.71 12.60 -23.30
N VAL F 714 66.06 11.57 -23.83
CA VAL F 714 66.49 10.98 -25.10
C VAL F 714 66.28 11.97 -26.24
N THR F 715 65.14 12.67 -26.26
CA THR F 715 64.88 13.61 -27.34
C THR F 715 65.88 14.77 -27.31
N ASP F 716 66.23 15.25 -26.11
CA ASP F 716 67.24 16.29 -26.00
C ASP F 716 68.60 15.78 -26.45
N TYR F 717 68.92 14.53 -26.10
CA TYR F 717 70.18 13.94 -26.56
C TYR F 717 70.25 13.89 -28.08
N TYR F 718 69.16 13.45 -28.73
CA TYR F 718 69.18 13.36 -30.18
C TYR F 718 69.17 14.75 -30.82
N GLN F 719 68.51 15.72 -30.18
CA GLN F 719 68.56 17.08 -30.69
C GLN F 719 69.98 17.62 -30.62
N SER F 720 70.69 17.36 -29.52
CA SER F 720 72.08 17.81 -29.42
C SER F 720 72.94 17.12 -30.47
N ILE F 721 72.70 15.82 -30.68
CA ILE F 721 73.47 15.08 -31.68
C ILE F 721 73.24 15.69 -33.06
N TYR F 722 71.99 16.04 -33.37
CA TYR F 722 71.71 16.63 -34.68
C TYR F 722 72.26 18.04 -34.78
N ALA F 723 72.16 18.83 -33.71
CA ALA F 723 72.69 20.18 -33.76
C ALA F 723 74.20 20.17 -33.92
N LYS F 724 74.85 19.08 -33.49
CA LYS F 724 76.30 18.99 -33.60
C LYS F 724 76.74 18.41 -34.94
N TYR F 725 76.06 17.36 -35.43
CA TYR F 725 76.55 16.62 -36.60
C TYR F 725 75.65 16.69 -37.83
N GLY F 726 74.36 16.97 -37.69
CA GLY F 726 73.46 16.96 -38.82
C GLY F 726 73.86 17.89 -39.93
N ALA F 727 74.36 17.31 -41.02
CA ALA F 727 74.85 18.09 -42.15
C ALA F 727 73.68 18.64 -42.95
N LYS F 728 74.01 19.48 -43.93
CA LYS F 728 73.00 20.02 -44.82
C LYS F 728 72.29 18.90 -45.56
N GLY F 729 70.96 18.95 -45.54
CA GLY F 729 70.16 17.94 -46.21
C GLY F 729 69.83 16.71 -45.37
N SER F 730 70.39 16.60 -44.17
CA SER F 730 70.11 15.48 -43.29
C SER F 730 68.86 15.76 -42.47
N THR F 731 68.12 14.72 -42.14
CA THR F 731 66.95 14.81 -41.28
C THR F 731 66.98 13.65 -40.31
N LEU F 732 66.83 13.94 -39.02
CA LEU F 732 66.78 12.92 -37.99
C LEU F 732 65.35 12.77 -37.49
N ILE F 733 64.78 11.58 -37.65
CA ILE F 733 63.44 11.26 -37.18
C ILE F 733 63.59 10.32 -35.99
N VAL F 734 63.45 10.86 -34.79
CA VAL F 734 63.48 10.09 -33.55
C VAL F 734 62.07 9.61 -33.29
N VAL F 735 61.87 8.29 -33.24
CA VAL F 735 60.55 7.73 -32.97
C VAL F 735 60.62 6.76 -31.81
N PRO F 736 59.56 6.71 -30.99
CA PRO F 736 59.47 5.63 -30.01
C PRO F 736 59.19 4.33 -30.73
N PHE F 737 59.75 3.25 -30.20
CA PHE F 737 59.69 2.00 -30.94
C PHE F 737 60.02 0.85 -30.02
N ASN F 738 59.24 -0.22 -30.13
CA ASN F 738 59.49 -1.47 -29.44
C ASN F 738 59.77 -2.51 -30.52
N GLN F 739 61.05 -2.82 -30.74
CA GLN F 739 61.39 -3.86 -31.70
C GLN F 739 60.90 -5.23 -31.28
N GLY F 740 60.51 -5.40 -30.02
CA GLY F 740 59.96 -6.64 -29.56
C GLY F 740 58.49 -6.87 -29.86
N SER F 741 57.84 -5.94 -30.55
CA SER F 741 56.44 -6.09 -30.93
C SER F 741 56.28 -5.92 -32.43
N LYS F 742 55.73 -6.95 -33.07
CA LYS F 742 55.55 -6.90 -34.52
C LYS F 742 54.58 -5.81 -34.93
N GLN F 743 53.65 -5.45 -34.05
CA GLN F 743 52.78 -4.32 -34.34
C GLN F 743 53.59 -3.03 -34.46
N ASP F 744 54.57 -2.83 -33.58
CA ASP F 744 55.44 -1.66 -33.73
C ASP F 744 56.27 -1.76 -34.99
N VAL F 745 56.75 -2.97 -35.32
CA VAL F 745 57.56 -3.12 -36.53
C VAL F 745 56.75 -2.73 -37.76
N GLU F 746 55.55 -3.29 -37.89
CA GLU F 746 54.68 -2.98 -39.01
C GLU F 746 54.31 -1.50 -39.03
N ALA F 747 53.97 -0.94 -37.86
CA ALA F 747 53.57 0.46 -37.80
C ALA F 747 54.72 1.38 -38.19
N LEU F 748 55.94 1.08 -37.75
CA LEU F 748 57.07 1.91 -38.10
C LEU F 748 57.37 1.84 -39.59
N ILE F 749 57.34 0.65 -40.17
CA ILE F 749 57.62 0.55 -41.60
C ILE F 749 56.53 1.24 -42.41
N GLU F 750 55.27 1.06 -42.00
CA GLU F 750 54.17 1.77 -42.65
C GLU F 750 54.35 3.28 -42.53
N PHE F 751 54.73 3.76 -41.35
CA PHE F 751 54.92 5.20 -41.16
C PHE F 751 56.04 5.73 -42.02
N ILE F 752 57.13 4.98 -42.14
CA ILE F 752 58.26 5.43 -42.96
C ILE F 752 57.84 5.49 -44.43
N TYR F 753 57.11 4.48 -44.91
CA TYR F 753 56.84 4.37 -46.33
C TYR F 753 55.58 5.10 -46.79
N ASP F 754 54.70 5.48 -45.86
CA ASP F 754 53.46 6.15 -46.23
C ASP F 754 53.73 7.59 -46.61
N THR F 755 52.87 8.14 -47.45
CA THR F 755 53.05 9.49 -47.95
C THR F 755 52.88 10.50 -46.82
N GLU F 756 53.50 11.68 -47.01
CA GLU F 756 53.39 12.74 -46.01
C GLU F 756 51.95 13.19 -45.85
N LYS F 757 51.16 13.14 -46.94
CA LYS F 757 49.76 13.51 -46.86
C LYS F 757 48.98 12.58 -45.94
N ASN F 758 49.36 11.30 -45.90
CA ASN F 758 48.70 10.31 -45.05
C ASN F 758 49.27 10.29 -43.64
N GLY F 759 50.18 11.21 -43.31
CA GLY F 759 50.78 11.26 -41.99
C GLY F 759 52.06 10.49 -41.84
N GLY F 760 52.61 9.96 -42.92
CA GLY F 760 53.87 9.24 -42.89
C GLY F 760 55.06 10.14 -43.16
N LEU F 761 56.13 9.54 -43.66
CA LEU F 761 57.31 10.27 -44.10
C LEU F 761 57.50 10.29 -45.60
N GLY F 762 56.84 9.40 -46.34
CA GLY F 762 57.06 9.33 -47.78
C GLY F 762 58.49 9.00 -48.14
N TRP F 763 59.15 8.21 -47.31
CA TRP F 763 60.55 7.85 -47.50
C TRP F 763 60.65 6.43 -48.00
N ASP F 764 61.78 6.11 -48.62
CA ASP F 764 62.11 4.76 -49.06
C ASP F 764 63.50 4.43 -48.54
N LEU F 765 63.59 3.37 -47.73
CA LEU F 765 64.81 3.10 -47.01
C LEU F 765 65.91 2.63 -47.95
N ASP F 766 67.07 3.28 -47.87
CA ASP F 766 68.27 2.83 -48.55
C ASP F 766 69.13 1.92 -47.69
N ALA F 767 69.00 1.99 -46.37
CA ALA F 767 69.76 1.13 -45.48
C ALA F 767 68.95 0.84 -44.23
N ILE F 768 69.18 -0.33 -43.65
CA ILE F 768 68.56 -0.72 -42.39
C ILE F 768 69.67 -1.23 -41.48
N ILE F 769 69.70 -0.71 -40.26
CA ILE F 769 70.72 -1.04 -39.26
C ILE F 769 69.97 -1.46 -38.00
N PRO F 770 69.52 -2.72 -37.90
CA PRO F 770 68.74 -3.15 -36.74
C PRO F 770 69.62 -3.63 -35.59
N PHE F 771 70.25 -2.67 -34.92
CA PHE F 771 71.16 -2.94 -33.83
C PHE F 771 70.48 -2.99 -32.46
N ALA F 772 69.15 -2.97 -32.43
CA ALA F 772 68.43 -3.03 -31.17
C ALA F 772 68.56 -4.41 -30.55
N ALA F 773 68.92 -4.44 -29.28
CA ALA F 773 69.05 -5.68 -28.51
C ALA F 773 68.92 -5.31 -27.04
N ILE F 774 68.50 -6.30 -26.25
CA ILE F 774 68.48 -6.14 -24.79
C ILE F 774 69.55 -7.04 -24.20
N PRO F 775 70.27 -6.62 -23.16
CA PRO F 775 71.38 -7.44 -22.66
C PRO F 775 70.88 -8.68 -21.95
N GLU F 776 71.78 -9.68 -21.86
CA GLU F 776 71.51 -10.93 -21.18
C GLU F 776 72.78 -11.36 -20.46
N GLN F 777 72.72 -11.44 -19.13
CA GLN F 777 73.84 -11.92 -18.32
C GLN F 777 73.38 -13.08 -17.46
N GLY F 778 74.25 -14.08 -17.34
CA GLY F 778 74.00 -15.19 -16.42
C GLY F 778 72.75 -15.96 -16.73
N ILE F 779 72.41 -16.11 -18.02
CA ILE F 779 71.26 -16.87 -18.46
C ILE F 779 71.81 -18.02 -19.30
N GLU F 780 72.03 -19.17 -18.66
CA GLU F 780 72.54 -20.35 -19.34
C GLU F 780 71.37 -21.10 -19.97
N LEU F 781 71.64 -22.32 -20.43
CA LEU F 781 70.59 -23.12 -21.06
C LEU F 781 69.44 -23.36 -20.10
N GLU F 782 69.73 -23.71 -18.85
CA GLU F 782 68.68 -24.00 -17.88
C GLU F 782 67.87 -22.76 -17.52
N HIS F 783 68.42 -21.56 -17.74
CA HIS F 783 67.77 -20.32 -17.36
C HIS F 783 67.04 -19.63 -18.51
N ILE F 784 67.01 -20.22 -19.70
CA ILE F 784 66.31 -19.60 -20.82
C ILE F 784 64.82 -19.51 -20.47
N ASP F 785 64.29 -18.30 -20.55
CA ASP F 785 62.99 -17.99 -19.97
C ASP F 785 62.34 -16.89 -20.81
N SER F 786 61.37 -16.19 -20.22
CA SER F 786 60.62 -15.17 -20.94
C SER F 786 61.53 -14.08 -21.46
N LYS F 787 62.47 -13.60 -20.66
CA LYS F 787 63.37 -12.55 -21.10
C LYS F 787 64.19 -13.00 -22.29
N SER F 788 64.68 -14.25 -22.26
CA SER F 788 65.48 -14.76 -23.36
C SER F 788 64.64 -14.90 -24.62
N GLU F 789 63.41 -15.38 -24.50
CA GLU F 789 62.55 -15.51 -25.68
C GLU F 789 62.22 -14.13 -26.25
N PHE F 790 61.98 -13.15 -25.38
CA PHE F 790 61.68 -11.80 -25.85
C PHE F 790 62.89 -11.17 -26.54
N ALA F 791 64.08 -11.35 -25.96
CA ALA F 791 65.30 -10.86 -26.60
C ALA F 791 65.51 -11.53 -27.95
N HIS F 792 65.26 -12.83 -28.02
CA HIS F 792 65.37 -13.52 -29.30
C HIS F 792 64.38 -12.97 -30.30
N ARG F 793 63.15 -12.68 -29.87
CA ARG F 793 62.19 -12.05 -30.76
C ARG F 793 62.74 -10.75 -31.31
N ILE F 794 63.19 -9.86 -30.42
CA ILE F 794 63.72 -8.55 -30.82
C ILE F 794 64.84 -8.72 -31.82
N MET F 795 65.76 -9.65 -31.55
CA MET F 795 67.03 -9.67 -32.25
C MET F 795 67.04 -10.55 -33.49
N LEU F 796 66.09 -11.48 -33.62
CA LEU F 796 65.96 -12.31 -34.81
C LEU F 796 64.59 -12.17 -35.47
N THR F 797 63.52 -12.43 -34.73
CA THR F 797 62.23 -12.63 -35.36
C THR F 797 61.65 -11.30 -35.84
N ASN F 798 61.75 -10.28 -35.01
CA ASN F 798 61.20 -8.98 -35.40
C ASN F 798 62.14 -8.26 -36.37
N ILE F 799 63.43 -8.58 -36.36
CA ILE F 799 64.29 -8.11 -37.43
C ILE F 799 63.83 -8.70 -38.76
N LEU F 800 63.60 -10.01 -38.80
CA LEU F 800 63.14 -10.64 -40.03
C LEU F 800 61.79 -10.08 -40.46
N ARG F 801 60.91 -9.81 -39.48
CA ARG F 801 59.63 -9.20 -39.79
C ARG F 801 59.82 -7.79 -40.36
N MET F 802 60.81 -7.06 -39.85
CA MET F 802 61.05 -5.70 -40.34
C MET F 802 61.56 -5.70 -41.77
N MET F 803 62.50 -6.60 -42.09
CA MET F 803 62.92 -6.74 -43.49
C MET F 803 61.77 -7.21 -44.37
N GLY F 804 60.93 -8.12 -43.86
CA GLY F 804 59.76 -8.53 -44.62
C GLY F 804 58.80 -7.39 -44.87
N CYS F 805 58.64 -6.51 -43.88
CA CYS F 805 57.77 -5.34 -44.04
C CYS F 805 58.31 -4.39 -45.09
N VAL F 806 59.63 -4.14 -45.06
CA VAL F 806 60.25 -3.27 -46.06
C VAL F 806 60.10 -3.89 -47.45
N LYS F 807 60.28 -5.20 -47.54
CA LYS F 807 60.07 -5.91 -48.80
C LYS F 807 58.64 -5.72 -49.30
N LYS F 808 57.67 -5.87 -48.39
CA LYS F 808 56.27 -5.74 -48.79
C LYS F 808 55.95 -4.33 -49.25
N GLN F 809 56.48 -3.32 -48.56
CA GLN F 809 56.25 -1.94 -48.98
C GLN F 809 56.85 -1.68 -50.36
N LYS F 810 58.09 -2.11 -50.56
CA LYS F 810 58.74 -1.88 -51.85
C LYS F 810 58.01 -2.60 -52.97
N SER F 811 57.59 -3.85 -52.72
CA SER F 811 56.87 -4.59 -53.75
C SER F 811 55.51 -3.97 -54.04
N ALA F 812 54.80 -3.51 -53.02
CA ALA F 812 53.51 -2.86 -53.23
C ALA F 812 53.68 -1.59 -54.05
N ARG F 813 54.75 -0.84 -53.80
CA ARG F 813 55.03 0.35 -54.59
C ARG F 813 55.79 0.05 -55.87
N GLY F 814 56.06 -1.22 -56.18
CA GLY F 814 56.67 -1.62 -57.42
C GLY F 814 58.11 -1.16 -57.56
N ILE F 815 58.88 -1.27 -56.49
CA ILE F 815 60.28 -0.84 -56.47
C ILE F 815 61.15 -2.08 -56.55
N GLU F 816 61.96 -2.15 -57.61
CA GLU F 816 62.86 -3.28 -57.82
C GLU F 816 64.31 -2.83 -57.85
N THR F 817 64.54 -1.56 -58.19
CA THR F 817 65.88 -1.05 -58.44
C THR F 817 66.42 -0.17 -57.33
N ARG F 818 65.78 -0.15 -56.16
CA ARG F 818 66.25 0.61 -55.01
C ARG F 818 66.22 -0.28 -53.76
N PRO F 819 67.12 -1.26 -53.69
CA PRO F 819 67.15 -2.13 -52.52
C PRO F 819 67.60 -1.39 -51.27
N ALA F 820 67.11 -1.87 -50.13
CA ALA F 820 67.56 -1.41 -48.82
C ALA F 820 68.66 -2.34 -48.32
N GLN F 821 69.77 -1.76 -47.87
CA GLN F 821 70.90 -2.54 -47.38
C GLN F 821 70.69 -2.80 -45.90
N VAL F 822 70.39 -4.06 -45.56
CA VAL F 822 70.24 -4.47 -44.17
C VAL F 822 71.63 -4.79 -43.64
N ILE F 823 72.15 -3.94 -42.77
CA ILE F 823 73.44 -4.15 -42.13
C ILE F 823 73.17 -4.94 -40.85
N LEU F 824 73.31 -6.25 -40.95
CA LEU F 824 72.97 -7.12 -39.84
C LEU F 824 74.10 -7.14 -38.82
N PRO F 825 73.82 -6.91 -37.53
CA PRO F 825 74.85 -7.10 -36.49
C PRO F 825 75.03 -8.58 -36.19
N MET F 826 76.23 -9.09 -36.45
CA MET F 826 76.54 -10.49 -36.24
C MET F 826 77.67 -10.63 -35.23
N SER F 827 77.64 -11.72 -34.49
CA SER F 827 78.62 -12.02 -33.47
C SER F 827 79.65 -13.00 -34.03
N PRO F 828 80.95 -12.74 -33.92
CA PRO F 828 81.91 -13.79 -34.31
C PRO F 828 81.78 -15.04 -33.47
N ASN F 829 81.36 -14.88 -32.22
CA ASN F 829 81.26 -15.98 -31.26
C ASN F 829 79.81 -16.36 -31.05
N HIS F 830 79.49 -17.63 -31.27
CA HIS F 830 78.15 -18.16 -31.09
C HIS F 830 78.20 -19.22 -30.00
N GLY F 831 77.96 -18.79 -28.76
CA GLY F 831 78.02 -19.68 -27.63
C GLY F 831 79.39 -19.86 -27.01
N THR F 832 80.38 -19.09 -27.44
CA THR F 832 81.72 -19.23 -26.88
C THR F 832 81.74 -18.85 -25.39
N PHE F 833 81.03 -17.77 -25.04
CA PHE F 833 81.02 -17.31 -23.65
C PHE F 833 79.90 -17.96 -22.85
N GLY F 834 78.74 -18.16 -23.47
CA GLY F 834 77.61 -18.74 -22.79
C GLY F 834 77.04 -17.80 -21.75
N GLY F 835 75.98 -18.26 -21.10
CA GLY F 835 75.33 -17.45 -20.08
C GLY F 835 74.77 -16.15 -20.63
N ASP F 836 74.36 -16.14 -21.90
CA ASP F 836 73.82 -14.96 -22.55
C ASP F 836 72.45 -15.26 -23.16
N GLY F 837 71.75 -16.25 -22.62
CA GLY F 837 70.42 -16.56 -23.12
C GLY F 837 70.45 -17.02 -24.56
N MET F 838 69.67 -16.34 -25.40
CA MET F 838 69.53 -16.66 -26.81
C MET F 838 70.25 -15.67 -27.71
N TYR F 839 71.22 -14.93 -27.17
CA TYR F 839 71.99 -14.00 -27.99
C TYR F 839 72.68 -14.73 -29.13
N SER F 840 73.40 -15.80 -28.81
CA SER F 840 74.10 -16.55 -29.84
C SER F 840 73.13 -17.17 -30.82
N GLU F 841 71.98 -17.64 -30.34
CA GLU F 841 70.97 -18.20 -31.23
C GLU F 841 70.49 -17.17 -32.24
N SER F 842 70.17 -15.96 -31.77
CA SER F 842 69.72 -14.91 -32.68
C SER F 842 70.81 -14.54 -33.68
N LYS F 843 72.03 -14.34 -33.19
CA LYS F 843 73.11 -13.91 -34.07
C LYS F 843 73.43 -14.97 -35.12
N LEU F 844 73.40 -16.24 -34.73
CA LEU F 844 73.72 -17.32 -35.67
C LEU F 844 72.58 -17.56 -36.64
N SER F 845 71.33 -17.43 -36.19
CA SER F 845 70.21 -17.60 -37.11
C SER F 845 70.09 -16.43 -38.07
N LEU F 846 70.70 -15.28 -37.76
CA LEU F 846 70.74 -14.20 -38.73
C LEU F 846 71.58 -14.54 -39.95
N GLU F 847 72.39 -15.59 -39.89
CA GLU F 847 73.24 -15.95 -41.04
C GLU F 847 72.48 -16.71 -42.11
N THR F 848 71.24 -17.13 -41.84
CA THR F 848 70.43 -17.74 -42.89
C THR F 848 70.08 -16.76 -44.00
N LEU F 849 70.17 -15.46 -43.73
CA LEU F 849 69.72 -14.47 -44.70
C LEU F 849 70.61 -14.45 -45.93
N PHE F 850 71.88 -14.83 -45.80
CA PHE F 850 72.76 -14.90 -46.96
C PHE F 850 72.22 -15.88 -48.00
N ASN F 851 71.77 -17.04 -47.54
CA ASN F 851 71.20 -18.03 -48.47
C ASN F 851 69.77 -17.68 -48.86
N ARG F 852 69.00 -17.12 -47.93
CA ARG F 852 67.62 -16.74 -48.23
C ARG F 852 67.57 -15.67 -49.31
N TRP F 853 68.59 -14.80 -49.36
CA TRP F 853 68.65 -13.76 -50.38
C TRP F 853 68.62 -14.38 -51.77
N HIS F 854 69.41 -15.44 -51.99
CA HIS F 854 69.40 -16.14 -53.25
C HIS F 854 68.16 -16.98 -53.45
N SER F 855 67.70 -17.66 -52.40
CA SER F 855 66.68 -18.68 -52.54
C SER F 855 65.25 -18.13 -52.56
N GLU F 856 65.06 -16.85 -52.22
CA GLU F 856 63.73 -16.27 -52.14
C GLU F 856 63.65 -15.05 -53.04
N SER F 857 62.45 -14.46 -53.11
CA SER F 857 62.12 -13.44 -54.08
C SER F 857 62.14 -12.02 -53.50
N TRP F 858 63.06 -11.75 -52.56
CA TRP F 858 63.23 -10.42 -52.00
C TRP F 858 64.64 -9.88 -52.23
N ALA F 859 65.39 -10.46 -53.17
CA ALA F 859 66.75 -9.99 -53.44
C ALA F 859 66.74 -8.57 -53.99
N ASN F 860 65.74 -8.23 -54.81
CA ASN F 860 65.71 -6.91 -55.44
C ASN F 860 65.24 -5.82 -54.49
N GLN F 861 64.60 -6.18 -53.37
CA GLN F 861 64.14 -5.20 -52.41
C GLN F 861 65.11 -5.01 -51.25
N LEU F 862 65.91 -6.03 -50.92
CA LEU F 862 66.85 -5.95 -49.82
C LEU F 862 68.18 -6.56 -50.23
N THR F 863 69.24 -6.08 -49.60
CA THR F 863 70.59 -6.62 -49.80
C THR F 863 71.21 -6.86 -48.42
N VAL F 864 71.76 -8.06 -48.22
CA VAL F 864 72.24 -8.48 -46.92
C VAL F 864 73.71 -8.12 -46.76
N CYS F 865 74.02 -7.43 -45.68
CA CYS F 865 75.40 -7.05 -45.34
C CYS F 865 75.62 -7.45 -43.89
N GLY F 866 76.13 -8.65 -43.67
CA GLY F 866 76.37 -9.10 -42.32
C GLY F 866 77.68 -8.58 -41.77
N ALA F 867 77.62 -7.61 -40.88
CA ALA F 867 78.81 -7.07 -40.24
C ALA F 867 79.06 -7.84 -38.96
N ILE F 868 80.14 -8.61 -38.93
CA ILE F 868 80.55 -9.37 -37.76
C ILE F 868 81.33 -8.38 -36.90
N ILE F 869 80.65 -7.86 -35.88
CA ILE F 869 81.25 -6.82 -35.03
C ILE F 869 82.18 -7.48 -34.03
N GLY F 870 83.39 -6.94 -33.92
CA GLY F 870 84.40 -7.48 -33.03
C GLY F 870 84.30 -6.93 -31.63
N TRP F 871 85.37 -7.15 -30.87
CA TRP F 871 85.44 -6.63 -29.50
C TRP F 871 85.40 -5.12 -29.53
N THR F 872 84.31 -4.54 -29.03
CA THR F 872 84.12 -3.10 -29.00
C THR F 872 84.11 -2.62 -27.56
N ARG F 873 84.76 -1.49 -27.31
CA ARG F 873 84.88 -0.94 -25.97
C ARG F 873 83.89 0.19 -25.77
N GLY F 874 82.99 0.03 -24.80
CA GLY F 874 81.99 1.05 -24.51
C GLY F 874 82.49 2.10 -23.54
N ALA F 880 84.25 -4.32 -16.84
CA ALA F 880 83.92 -5.73 -16.92
C ALA F 880 84.57 -6.36 -18.14
N ASN F 881 84.20 -5.86 -19.32
CA ASN F 881 84.73 -6.33 -20.59
C ASN F 881 85.82 -5.41 -21.13
N ASN F 882 86.24 -4.41 -20.35
CA ASN F 882 87.20 -3.41 -20.81
C ASN F 882 88.54 -3.59 -20.10
N ILE F 883 88.50 -4.04 -18.85
CA ILE F 883 89.72 -4.17 -18.06
C ILE F 883 90.69 -5.14 -18.71
N ILE F 884 90.17 -6.13 -19.44
CA ILE F 884 91.01 -7.14 -20.07
C ILE F 884 91.31 -6.83 -21.53
N ALA F 885 90.80 -5.72 -22.07
CA ALA F 885 91.01 -5.43 -23.49
C ALA F 885 92.49 -5.24 -23.79
N GLU F 886 93.24 -4.61 -22.87
CA GLU F 886 94.68 -4.47 -23.05
C GLU F 886 95.35 -5.85 -23.11
N GLY F 887 94.95 -6.75 -22.22
CA GLY F 887 95.53 -8.09 -22.21
C GLY F 887 95.22 -8.89 -23.46
N ILE F 888 94.02 -8.75 -24.02
CA ILE F 888 93.72 -9.42 -25.27
C ILE F 888 94.56 -8.86 -26.43
N GLU F 889 94.94 -7.59 -26.37
CA GLU F 889 95.72 -7.01 -27.46
C GLU F 889 97.19 -7.36 -27.43
N LYS F 890 97.71 -7.91 -26.32
CA LYS F 890 99.13 -8.24 -26.26
C LYS F 890 99.53 -9.37 -27.20
N MET F 891 98.56 -10.13 -27.73
CA MET F 891 98.86 -11.25 -28.62
C MET F 891 98.58 -10.94 -30.08
N GLY F 892 98.48 -9.66 -30.44
CA GLY F 892 98.22 -9.26 -31.80
C GLY F 892 96.75 -9.06 -32.14
N VAL F 893 95.84 -9.53 -31.29
CA VAL F 893 94.42 -9.28 -31.51
C VAL F 893 94.17 -7.78 -31.42
N ARG F 894 93.18 -7.32 -32.18
CA ARG F 894 92.83 -5.91 -32.24
C ARG F 894 91.46 -5.69 -31.62
N THR F 895 91.36 -4.72 -30.73
CA THR F 895 90.13 -4.32 -30.08
C THR F 895 89.76 -2.92 -30.54
N PHE F 896 88.48 -2.72 -30.83
CA PHE F 896 87.99 -1.48 -31.41
C PHE F 896 87.25 -0.65 -30.37
N SER F 897 87.20 0.65 -30.60
CA SER F 897 86.35 1.54 -29.84
C SER F 897 85.00 1.67 -30.54
N GLN F 898 84.07 2.38 -29.90
CA GLN F 898 82.77 2.58 -30.52
C GLN F 898 82.91 3.42 -31.78
N LYS F 899 83.77 4.45 -31.74
CA LYS F 899 83.99 5.27 -32.93
C LYS F 899 84.63 4.47 -34.05
N GLU F 900 85.63 3.65 -33.74
CA GLU F 900 86.28 2.84 -34.76
C GLU F 900 85.31 1.84 -35.36
N MET F 901 84.49 1.21 -34.51
CA MET F 901 83.53 0.23 -35.00
C MET F 901 82.47 0.90 -35.86
N ALA F 902 82.04 2.12 -35.49
CA ALA F 902 81.11 2.86 -36.31
C ALA F 902 81.73 3.24 -37.64
N PHE F 903 83.01 3.60 -37.64
CA PHE F 903 83.71 3.89 -38.89
C PHE F 903 83.74 2.67 -39.78
N ASN F 904 84.01 1.49 -39.20
CA ASN F 904 84.01 0.26 -39.98
C ASN F 904 82.63 -0.04 -40.54
N LEU F 905 81.59 0.16 -39.74
CA LEU F 905 80.23 -0.12 -40.20
C LEU F 905 79.81 0.86 -41.30
N LEU F 906 80.19 2.13 -41.17
CA LEU F 906 79.86 3.12 -42.18
C LEU F 906 80.67 2.91 -43.45
N GLY F 907 81.83 2.26 -43.34
CA GLY F 907 82.56 1.88 -44.53
C GLY F 907 81.80 0.90 -45.39
N LEU F 908 80.86 0.17 -44.78
CA LEU F 908 80.01 -0.76 -45.53
C LEU F 908 78.88 -0.05 -46.25
N LEU F 909 78.63 1.22 -45.95
CA LEU F 909 77.64 2.02 -46.66
C LEU F 909 78.23 2.85 -47.79
N THR F 910 79.50 2.67 -48.11
CA THR F 910 80.09 3.38 -49.23
C THR F 910 79.42 2.91 -50.53
N PRO F 911 79.44 3.72 -51.59
CA PRO F 911 78.79 3.30 -52.83
C PRO F 911 79.32 2.00 -53.39
N GLU F 912 80.63 1.76 -53.25
CA GLU F 912 81.20 0.54 -53.82
C GLU F 912 80.75 -0.70 -53.04
N VAL F 913 80.73 -0.60 -51.71
CA VAL F 913 80.24 -1.74 -50.93
C VAL F 913 78.74 -1.92 -51.12
N VAL F 914 78.00 -0.82 -51.31
CA VAL F 914 76.57 -0.94 -51.61
C VAL F 914 76.37 -1.69 -52.92
N GLU F 915 77.14 -1.33 -53.93
CA GLU F 915 77.05 -1.99 -55.23
C GLU F 915 77.45 -3.47 -55.11
N LEU F 916 78.45 -3.76 -54.28
CA LEU F 916 78.85 -5.15 -54.03
C LEU F 916 77.73 -5.92 -53.35
N CYS F 917 77.05 -5.32 -52.37
CA CYS F 917 75.93 -5.97 -51.72
C CYS F 917 74.80 -6.23 -52.71
N GLN F 918 74.55 -5.28 -53.60
CA GLN F 918 73.52 -5.48 -54.62
C GLN F 918 73.91 -6.62 -55.55
N LYS F 919 75.20 -6.75 -55.86
CA LYS F 919 75.66 -7.89 -56.65
C LYS F 919 75.38 -9.20 -55.92
N SER F 920 75.79 -9.29 -54.65
CA SER F 920 75.59 -10.50 -53.87
C SER F 920 75.74 -10.14 -52.39
N PRO F 921 75.09 -10.86 -51.49
CA PRO F 921 75.18 -10.53 -50.07
C PRO F 921 76.61 -10.67 -49.57
N VAL F 922 77.01 -9.75 -48.70
CA VAL F 922 78.39 -9.67 -48.25
C VAL F 922 78.47 -9.93 -46.75
N MET F 923 79.53 -10.61 -46.35
CA MET F 923 79.85 -10.87 -44.95
C MET F 923 81.14 -10.13 -44.62
N ALA F 924 81.01 -8.97 -43.99
CA ALA F 924 82.18 -8.22 -43.53
C ALA F 924 82.58 -8.76 -42.17
N ASP F 925 83.84 -9.16 -42.03
CA ASP F 925 84.40 -9.58 -40.75
C ASP F 925 85.19 -8.39 -40.21
N LEU F 926 84.68 -7.76 -39.16
CA LEU F 926 85.35 -6.67 -38.49
C LEU F 926 85.81 -7.10 -37.09
N ASN F 927 86.25 -8.35 -36.99
CA ASN F 927 86.50 -8.96 -35.69
C ASN F 927 87.87 -8.62 -35.12
N GLY F 928 88.77 -8.07 -35.93
CA GLY F 928 90.09 -7.71 -35.43
C GLY F 928 91.00 -8.88 -35.14
N GLY F 929 90.75 -10.02 -35.79
CA GLY F 929 91.56 -11.19 -35.54
C GLY F 929 91.25 -11.93 -34.26
N LEU F 930 90.11 -11.64 -33.64
CA LEU F 930 89.73 -12.31 -32.39
C LEU F 930 89.49 -13.80 -32.60
N GLN F 931 89.20 -14.24 -33.83
CA GLN F 931 88.91 -15.65 -34.06
C GLN F 931 90.17 -16.51 -34.02
N PHE F 932 91.35 -15.91 -34.17
CA PHE F 932 92.57 -16.69 -34.30
C PHE F 932 93.09 -17.16 -32.94
N VAL F 933 92.69 -16.52 -31.86
CA VAL F 933 93.15 -16.96 -30.54
C VAL F 933 92.46 -18.29 -30.19
N PRO F 934 93.19 -19.32 -29.76
CA PRO F 934 92.52 -20.57 -29.38
C PRO F 934 91.89 -20.48 -28.00
N GLU F 935 90.70 -21.03 -27.87
CA GLU F 935 89.95 -21.06 -26.61
C GLU F 935 89.78 -19.64 -26.07
N LEU F 936 89.08 -18.82 -26.85
CA LEU F 936 88.94 -17.40 -26.53
C LEU F 936 88.19 -17.21 -25.21
N LYS F 937 87.16 -18.01 -24.97
CA LYS F 937 86.41 -17.89 -23.72
C LYS F 937 87.30 -18.17 -22.51
N GLU F 938 88.07 -19.26 -22.57
CA GLU F 938 88.92 -19.60 -21.44
C GLU F 938 90.04 -18.58 -21.27
N PHE F 939 90.61 -18.09 -22.37
CA PHE F 939 91.66 -17.09 -22.26
C PHE F 939 91.13 -15.79 -21.66
N THR F 940 89.93 -15.38 -22.08
CA THR F 940 89.31 -14.19 -21.51
C THR F 940 89.04 -14.39 -20.01
N ALA F 941 88.53 -15.55 -19.64
CA ALA F 941 88.31 -15.84 -18.23
C ALA F 941 89.62 -15.79 -17.45
N LYS F 942 90.70 -16.32 -18.04
CA LYS F 942 91.99 -16.30 -17.38
C LYS F 942 92.50 -14.87 -17.19
N LEU F 943 92.34 -14.04 -18.21
CA LEU F 943 92.75 -12.64 -18.08
C LEU F 943 91.98 -11.95 -16.97
N ARG F 944 90.66 -12.11 -16.94
CA ARG F 944 89.86 -11.48 -15.90
C ARG F 944 90.24 -12.03 -14.53
N LYS F 945 90.47 -13.33 -14.43
CA LYS F 945 90.84 -13.93 -13.15
C LYS F 945 92.18 -13.39 -12.68
N GLU F 946 93.14 -13.24 -13.59
CA GLU F 946 94.45 -12.72 -13.21
C GLU F 946 94.34 -11.28 -12.70
N LEU F 947 93.62 -10.43 -13.45
CA LEU F 947 93.48 -9.04 -13.03
C LEU F 947 92.75 -8.94 -11.70
N VAL F 948 91.67 -9.71 -11.54
CA VAL F 948 90.87 -9.66 -10.33
C VAL F 948 91.67 -10.16 -9.13
N GLU F 949 92.41 -11.26 -9.32
CA GLU F 949 93.22 -11.80 -8.24
C GLU F 949 94.31 -10.81 -7.83
N THR F 950 94.98 -10.20 -8.80
CA THR F 950 96.00 -9.21 -8.48
C THR F 950 95.38 -8.04 -7.71
N SER F 951 94.20 -7.58 -8.13
CA SER F 951 93.58 -6.44 -7.48
C SER F 951 93.21 -6.76 -6.02
N GLU F 952 92.54 -7.89 -5.78
CA GLU F 952 92.21 -8.24 -4.40
C GLU F 952 93.45 -8.51 -3.57
N VAL F 953 94.46 -9.18 -4.12
CA VAL F 953 95.65 -9.46 -3.33
C VAL F 953 96.32 -8.16 -2.91
N ARG F 954 96.45 -7.22 -3.84
CA ARG F 954 97.06 -5.93 -3.51
C ARG F 954 96.22 -5.16 -2.50
N LYS F 955 94.89 -5.16 -2.68
CA LYS F 955 94.04 -4.44 -1.75
C LYS F 955 94.11 -5.03 -0.35
N ALA F 956 94.08 -6.35 -0.24
CA ALA F 956 94.15 -7.00 1.06
C ALA F 956 95.51 -6.74 1.72
N VAL F 957 96.59 -6.84 0.96
CA VAL F 957 97.91 -6.60 1.52
C VAL F 957 98.04 -5.15 1.98
N SER F 958 97.52 -4.21 1.18
CA SER F 958 97.58 -2.81 1.58
C SER F 958 96.77 -2.56 2.85
N ILE F 959 95.58 -3.15 2.94
CA ILE F 959 94.76 -2.96 4.14
C ILE F 959 95.46 -3.53 5.35
N GLU F 960 96.05 -4.72 5.22
CA GLU F 960 96.71 -5.34 6.37
C GLU F 960 97.96 -4.58 6.77
N THR F 961 98.72 -4.08 5.79
CA THR F 961 99.88 -3.26 6.12
C THR F 961 99.45 -1.97 6.81
N ALA F 962 98.35 -1.37 6.36
CA ALA F 962 97.85 -0.17 7.03
C ALA F 962 97.44 -0.47 8.46
N LEU F 963 96.73 -1.58 8.69
CA LEU F 963 96.31 -1.92 10.04
C LEU F 963 97.52 -2.22 10.93
N GLU F 964 98.52 -2.92 10.39
CA GLU F 964 99.73 -3.17 11.15
C GLU F 964 100.44 -1.87 11.51
N HIS F 965 100.51 -0.93 10.57
CA HIS F 965 101.11 0.36 10.85
C HIS F 965 100.34 1.09 11.94
N LYS F 966 99.00 1.09 11.85
CA LYS F 966 98.21 1.82 12.82
C LYS F 966 98.33 1.22 14.22
N VAL F 967 98.33 -0.11 14.32
CA VAL F 967 98.45 -0.73 15.64
C VAL F 967 99.86 -0.54 16.19
N VAL F 968 100.88 -0.58 15.33
CA VAL F 968 102.25 -0.43 15.81
C VAL F 968 102.50 1.01 16.28
N ASN F 969 102.09 2.00 15.49
CA ASN F 969 102.40 3.39 15.77
C ASN F 969 101.25 4.16 16.41
N GLY F 970 100.20 3.47 16.87
CA GLY F 970 99.10 4.19 17.48
C GLY F 970 98.30 4.94 16.42
N ASN F 971 97.42 5.80 16.91
CA ASN F 971 96.58 6.62 16.04
C ASN F 971 97.27 7.93 15.70
N GLN F 979 93.19 15.58 7.64
CA GLN F 979 92.99 16.93 7.12
C GLN F 979 91.51 17.31 7.16
N VAL F 980 91.20 18.42 7.84
CA VAL F 980 89.81 18.85 7.94
C VAL F 980 89.35 19.36 6.58
N GLU F 981 88.18 18.89 6.15
CA GLU F 981 87.63 19.20 4.83
C GLU F 981 86.52 20.23 5.00
N ILE F 982 86.60 21.30 4.21
CA ILE F 982 85.68 22.43 4.33
C ILE F 982 84.65 22.35 3.21
N GLN F 983 83.41 22.58 3.57
CA GLN F 983 82.25 22.42 2.74
C GLN F 983 81.78 23.79 2.23
N PRO F 984 81.24 23.89 1.02
CA PRO F 984 80.71 25.19 0.58
C PRO F 984 79.46 25.54 1.35
N ARG F 985 79.27 26.85 1.54
CA ARG F 985 78.11 27.39 2.23
C ARG F 985 77.50 28.48 1.35
N ALA F 986 76.18 28.52 1.31
CA ALA F 986 75.48 29.40 0.38
C ALA F 986 75.76 30.86 0.74
N ASN F 987 76.24 31.62 -0.23
CA ASN F 987 76.51 33.05 -0.09
C ASN F 987 75.82 33.73 -1.27
N ILE F 988 74.54 34.03 -1.12
CA ILE F 988 73.75 34.58 -2.21
C ILE F 988 74.14 36.03 -2.45
N GLN F 989 74.50 36.36 -3.69
CA GLN F 989 74.92 37.69 -4.08
C GLN F 989 73.78 38.38 -4.82
N LEU F 990 73.66 39.69 -4.61
CA LEU F 990 72.65 40.47 -5.33
C LEU F 990 72.98 40.63 -6.81
N ASP F 991 74.22 40.35 -7.21
CA ASP F 991 74.62 40.41 -8.62
C ASP F 991 74.47 41.84 -9.17
N PHE F 992 75.00 42.80 -8.42
CA PHE F 992 75.06 44.16 -8.92
C PHE F 992 75.97 44.21 -10.14
N PRO F 993 75.77 45.17 -11.05
CA PRO F 993 76.62 45.23 -12.23
C PRO F 993 78.08 45.46 -11.87
N GLU F 994 78.95 44.85 -12.65
CA GLU F 994 80.39 45.04 -12.48
C GLU F 994 80.74 46.46 -12.93
N LEU F 995 81.41 47.20 -12.06
CA LEU F 995 81.86 48.56 -12.36
C LEU F 995 83.34 48.49 -12.70
N LYS F 996 83.65 48.59 -13.99
CA LYS F 996 85.02 48.52 -14.46
C LYS F 996 85.76 49.83 -14.17
N PRO F 997 87.09 49.83 -14.21
CA PRO F 997 87.83 51.08 -14.05
C PRO F 997 87.44 52.11 -15.09
N TYR F 998 87.71 53.37 -14.77
CA TYR F 998 87.23 54.47 -15.62
C TYR F 998 87.85 54.42 -17.00
N LYS F 999 89.16 54.13 -17.09
CA LYS F 999 89.78 54.07 -18.41
C LYS F 999 89.17 52.97 -19.25
N GLN F 1000 88.91 51.81 -18.64
CA GLN F 1000 88.30 50.71 -19.37
C GLN F 1000 86.89 51.07 -19.84
N VAL F 1001 86.09 51.69 -18.97
CA VAL F 1001 84.72 52.02 -19.34
C VAL F 1001 84.68 53.17 -20.34
N LYS F 1002 85.72 54.02 -20.35
CA LYS F 1002 85.77 55.13 -21.29
C LYS F 1002 86.26 54.69 -22.66
N GLN F 1003 87.09 53.64 -22.71
CA GLN F 1003 87.60 53.17 -23.99
C GLN F 1003 86.47 52.72 -24.92
N ILE F 1004 85.51 51.98 -24.38
CA ILE F 1004 84.46 51.42 -25.22
C ILE F 1004 83.51 52.51 -25.72
N ALA F 1005 83.16 53.46 -24.86
CA ALA F 1005 82.26 54.52 -25.27
C ALA F 1005 82.98 55.56 -26.12
N PRO F 1006 82.25 56.32 -26.95
CA PRO F 1006 82.91 57.37 -27.73
C PRO F 1006 83.48 58.45 -26.84
N ALA F 1007 84.57 59.07 -27.31
CA ALA F 1007 85.18 60.16 -26.56
C ALA F 1007 84.30 61.40 -26.50
N GLU F 1008 83.41 61.58 -27.46
CA GLU F 1008 82.55 62.76 -27.51
C GLU F 1008 81.27 62.60 -26.69
N LEU F 1009 81.04 61.44 -26.07
CA LEU F 1009 79.87 61.27 -25.25
C LEU F 1009 79.95 62.06 -23.94
N GLU F 1010 81.15 62.43 -23.50
CA GLU F 1010 81.33 63.12 -22.23
C GLU F 1010 80.70 64.50 -22.31
N GLY F 1011 79.67 64.73 -21.50
CA GLY F 1011 78.97 65.98 -21.48
C GLY F 1011 77.97 66.17 -22.59
N LEU F 1012 77.80 65.19 -23.48
CA LEU F 1012 76.90 65.34 -24.62
C LEU F 1012 75.46 65.02 -24.25
N LEU F 1013 75.26 64.04 -23.39
CA LEU F 1013 73.92 63.56 -23.08
C LEU F 1013 73.34 64.27 -21.86
N ASP F 1014 72.03 64.50 -21.89
CA ASP F 1014 71.30 65.00 -20.74
C ASP F 1014 70.93 63.80 -19.86
N LEU F 1015 71.68 63.61 -18.79
CA LEU F 1015 71.49 62.45 -17.94
C LEU F 1015 70.11 62.48 -17.27
N GLU F 1016 69.55 63.66 -17.07
CA GLU F 1016 68.17 63.75 -16.63
C GLU F 1016 67.22 63.16 -17.66
N ARG F 1017 67.60 63.21 -18.95
CA ARG F 1017 66.80 62.65 -20.02
C ARG F 1017 67.21 61.22 -20.39
N VAL F 1018 68.24 60.67 -19.77
CA VAL F 1018 68.62 59.28 -19.96
C VAL F 1018 67.96 58.44 -18.87
N ILE F 1019 67.23 57.40 -19.28
CA ILE F 1019 66.53 56.50 -18.37
C ILE F 1019 67.37 55.26 -18.16
N VAL F 1020 67.55 54.87 -16.89
CA VAL F 1020 68.36 53.73 -16.53
C VAL F 1020 67.54 52.80 -15.65
N VAL F 1021 67.61 51.50 -15.92
CA VAL F 1021 66.99 50.50 -15.06
C VAL F 1021 67.94 50.29 -13.88
N THR F 1022 67.57 50.85 -12.72
CA THR F 1022 68.45 50.73 -11.56
C THR F 1022 68.15 49.49 -10.75
N GLY F 1023 66.94 48.96 -10.84
CA GLY F 1023 66.61 47.73 -10.14
C GLY F 1023 65.67 46.88 -10.96
N PHE F 1024 65.64 45.59 -10.63
CA PHE F 1024 64.67 44.70 -11.25
C PHE F 1024 64.50 43.48 -10.38
N ALA F 1025 63.35 42.84 -10.52
CA ALA F 1025 63.03 41.63 -9.79
C ALA F 1025 61.80 41.00 -10.42
N GLU F 1026 61.54 39.75 -10.04
CA GLU F 1026 60.36 39.07 -10.53
C GLU F 1026 59.98 37.96 -9.57
N VAL F 1027 58.73 37.54 -9.66
CA VAL F 1027 58.23 36.34 -9.04
C VAL F 1027 57.61 35.51 -10.15
N GLY F 1028 58.06 34.28 -10.31
CA GLY F 1028 57.64 33.46 -11.42
C GLY F 1028 57.79 31.98 -11.14
N PRO F 1029 57.63 31.16 -12.19
CA PRO F 1029 57.70 29.70 -11.99
C PRO F 1029 59.05 29.20 -11.50
N TRP F 1030 60.10 30.00 -11.57
CA TRP F 1030 61.41 29.59 -11.11
C TRP F 1030 61.90 30.54 -10.02
N GLY F 1031 60.98 30.98 -9.16
CA GLY F 1031 61.36 31.82 -8.05
C GLY F 1031 61.70 33.23 -8.48
N SER F 1032 62.80 33.74 -7.94
CA SER F 1032 63.19 35.12 -8.15
C SER F 1032 63.92 35.26 -9.48
N ALA F 1033 64.34 36.50 -9.79
CA ALA F 1033 65.09 36.74 -11.01
C ALA F 1033 66.40 35.98 -11.01
N ARG F 1034 67.06 35.89 -9.85
CA ARG F 1034 68.33 35.18 -9.76
C ARG F 1034 68.17 33.71 -10.10
N THR F 1035 67.21 33.03 -9.46
CA THR F 1035 67.01 31.60 -9.71
C THR F 1035 66.53 31.36 -11.13
N ARG F 1036 65.63 32.21 -11.63
CA ARG F 1036 65.18 32.05 -13.00
C ARG F 1036 66.33 32.22 -13.98
N TRP F 1037 67.22 33.18 -13.72
CA TRP F 1037 68.38 33.39 -14.59
C TRP F 1037 69.30 32.19 -14.54
N GLU F 1038 69.52 31.61 -13.36
CA GLU F 1038 70.39 30.44 -13.28
C GLU F 1038 69.80 29.29 -14.09
N MET F 1039 68.50 29.04 -13.94
CA MET F 1039 67.87 27.96 -14.70
C MET F 1039 67.90 28.25 -16.19
N GLU F 1040 67.72 29.51 -16.58
CA GLU F 1040 67.76 29.88 -18.00
C GLU F 1040 69.14 29.65 -18.59
N ALA F 1041 70.17 30.21 -17.96
CA ALA F 1041 71.49 30.22 -18.57
C ALA F 1041 72.19 28.87 -18.42
N PHE F 1042 72.27 28.36 -17.19
CA PHE F 1042 73.06 27.17 -16.92
C PHE F 1042 72.23 25.90 -16.93
N GLY F 1043 70.91 26.01 -16.86
CA GLY F 1043 70.05 24.85 -16.89
C GLY F 1043 69.94 24.10 -15.58
N GLU F 1044 70.72 24.47 -14.58
CA GLU F 1044 70.66 23.85 -13.26
C GLU F 1044 70.98 24.91 -12.22
N PHE F 1045 70.58 24.63 -10.99
CA PHE F 1045 70.80 25.55 -9.88
C PHE F 1045 72.17 25.29 -9.26
N SER F 1046 72.90 26.38 -9.01
CA SER F 1046 74.13 26.30 -8.23
C SER F 1046 73.75 26.10 -6.76
N LEU F 1047 74.75 26.14 -5.87
CA LEU F 1047 74.44 26.02 -4.45
C LEU F 1047 73.58 27.19 -3.98
N GLU F 1048 73.95 28.41 -4.37
CA GLU F 1048 73.19 29.58 -3.95
C GLU F 1048 71.78 29.55 -4.53
N GLY F 1049 71.66 29.19 -5.80
CA GLY F 1049 70.34 29.12 -6.41
C GLY F 1049 69.47 28.05 -5.79
N CYS F 1050 70.04 26.88 -5.50
CA CYS F 1050 69.25 25.82 -4.90
C CYS F 1050 68.82 26.18 -3.48
N VAL F 1051 69.72 26.80 -2.70
CA VAL F 1051 69.36 27.22 -1.36
C VAL F 1051 68.29 28.30 -1.40
N GLU F 1052 68.41 29.24 -2.33
CA GLU F 1052 67.39 30.27 -2.48
C GLU F 1052 66.06 29.67 -2.88
N MET F 1053 66.06 28.68 -3.77
CA MET F 1053 64.82 28.03 -4.16
C MET F 1053 64.20 27.28 -3.00
N ALA F 1054 65.02 26.59 -2.20
CA ALA F 1054 64.49 25.89 -1.04
C ALA F 1054 63.89 26.86 -0.04
N TRP F 1055 64.55 28.00 0.18
CA TRP F 1055 64.01 29.02 1.07
C TRP F 1055 62.70 29.59 0.53
N ILE F 1056 62.65 29.86 -0.79
CA ILE F 1056 61.44 30.39 -1.40
C ILE F 1056 60.30 29.40 -1.26
N MET F 1057 60.57 28.12 -1.48
CA MET F 1057 59.57 27.07 -1.43
C MET F 1057 59.29 26.59 -0.01
N GLY F 1058 59.99 27.13 0.98
CA GLY F 1058 59.74 26.73 2.35
C GLY F 1058 60.31 25.39 2.74
N PHE F 1059 61.13 24.78 1.87
CA PHE F 1059 61.74 23.50 2.22
C PHE F 1059 62.66 23.65 3.42
N ILE F 1060 63.46 24.71 3.45
CA ILE F 1060 64.38 24.98 4.53
C ILE F 1060 63.99 26.31 5.18
N SER F 1061 63.95 26.32 6.50
CA SER F 1061 63.74 27.53 7.28
C SER F 1061 64.99 27.80 8.09
N TYR F 1062 65.24 29.07 8.39
CA TYR F 1062 66.40 29.41 9.19
C TYR F 1062 66.09 29.23 10.67
N HIS F 1063 67.07 28.72 11.40
CA HIS F 1063 66.96 28.53 12.84
C HIS F 1063 68.21 29.08 13.51
N ASN F 1064 68.01 29.76 14.64
CA ASN F 1064 69.10 30.29 15.45
C ASN F 1064 68.72 30.12 16.91
N GLY F 1065 69.45 29.27 17.62
CA GLY F 1065 69.22 29.01 19.01
C GLY F 1065 69.42 27.54 19.31
N ASN F 1066 69.00 27.13 20.50
CA ASN F 1066 69.14 25.75 20.91
C ASN F 1066 68.23 24.85 20.06
N LEU F 1067 68.76 23.69 19.66
CA LEU F 1067 68.03 22.75 18.84
C LEU F 1067 68.52 21.36 19.16
N LYS F 1068 67.65 20.54 19.75
CA LYS F 1068 68.02 19.21 20.24
C LYS F 1068 69.18 19.30 21.22
N GLY F 1069 69.10 20.26 22.15
CA GLY F 1069 70.13 20.44 23.14
C GLY F 1069 71.27 21.30 22.67
N ARG F 1070 72.04 20.81 21.70
CA ARG F 1070 73.19 21.56 21.22
C ARG F 1070 72.71 22.83 20.51
N PRO F 1071 73.52 23.90 20.52
CA PRO F 1071 73.11 25.13 19.83
C PRO F 1071 73.45 25.06 18.34
N TYR F 1072 72.46 25.33 17.51
CA TYR F 1072 72.60 25.28 16.06
C TYR F 1072 72.19 26.61 15.45
N THR F 1073 72.92 27.02 14.43
CA THR F 1073 72.66 28.26 13.68
C THR F 1073 72.79 27.93 12.19
N GLY F 1074 71.67 27.90 11.49
CA GLY F 1074 71.69 27.64 10.06
C GLY F 1074 70.33 27.16 9.59
N TRP F 1075 70.34 26.62 8.37
CA TRP F 1075 69.12 26.11 7.77
C TRP F 1075 68.68 24.83 8.44
N VAL F 1076 67.36 24.66 8.58
CA VAL F 1076 66.76 23.42 9.07
C VAL F 1076 65.58 23.10 8.16
N ASP F 1077 65.26 21.82 8.09
CA ASP F 1077 64.06 21.40 7.37
C ASP F 1077 62.84 22.03 8.03
N SER F 1078 61.95 22.59 7.20
CA SER F 1078 60.80 23.30 7.75
C SER F 1078 59.87 22.36 8.52
N LYS F 1079 59.67 21.14 8.00
CA LYS F 1079 58.75 20.20 8.62
C LYS F 1079 59.41 19.45 9.78
N THR F 1080 60.50 18.73 9.50
CA THR F 1080 61.12 17.91 10.52
C THR F 1080 62.00 18.72 11.48
N LYS F 1081 62.35 19.96 11.13
CA LYS F 1081 63.17 20.83 11.97
C LYS F 1081 64.58 20.30 12.18
N GLU F 1082 64.98 19.26 11.46
CA GLU F 1082 66.32 18.73 11.61
C GLU F 1082 67.33 19.63 10.90
N PRO F 1083 68.53 19.81 11.44
CA PRO F 1083 69.53 20.63 10.75
C PRO F 1083 69.86 20.08 9.37
N VAL F 1084 70.00 20.97 8.40
CA VAL F 1084 70.37 20.62 7.04
C VAL F 1084 71.51 21.53 6.62
N ASP F 1085 72.59 20.94 6.12
CA ASP F 1085 73.74 21.69 5.64
C ASP F 1085 73.54 22.09 4.20
N ASP F 1086 74.16 23.21 3.82
CA ASP F 1086 74.04 23.70 2.45
C ASP F 1086 74.48 22.66 1.44
N LYS F 1087 75.48 21.85 1.79
CA LYS F 1087 75.87 20.75 0.90
C LYS F 1087 74.73 19.77 0.70
N ASP F 1088 74.01 19.44 1.78
CA ASP F 1088 72.89 18.50 1.67
C ASP F 1088 71.63 19.13 1.09
N VAL F 1089 71.56 20.45 0.99
CA VAL F 1089 70.34 21.08 0.49
C VAL F 1089 70.05 20.60 -0.92
N LYS F 1090 71.07 20.57 -1.78
CA LYS F 1090 70.86 20.10 -3.14
C LYS F 1090 70.45 18.62 -3.15
N ALA F 1091 71.23 17.77 -2.49
CA ALA F 1091 70.94 16.34 -2.50
C ALA F 1091 69.58 16.02 -1.90
N LYS F 1092 69.04 16.89 -1.06
CA LYS F 1092 67.77 16.63 -0.39
C LYS F 1092 66.57 17.28 -1.04
N TYR F 1093 66.76 18.37 -1.81
CA TYR F 1093 65.64 19.14 -2.33
C TYR F 1093 65.72 19.45 -3.82
N GLU F 1094 66.74 18.98 -4.53
CA GLU F 1094 66.83 19.28 -5.96
C GLU F 1094 65.67 18.65 -6.72
N THR F 1095 65.37 17.39 -6.41
CA THR F 1095 64.26 16.73 -7.09
C THR F 1095 62.95 17.43 -6.81
N SER F 1096 62.71 17.80 -5.55
CA SER F 1096 61.46 18.48 -5.20
C SER F 1096 61.35 19.83 -5.88
N ILE F 1097 62.43 20.60 -5.90
CA ILE F 1097 62.42 21.93 -6.52
C ILE F 1097 62.14 21.79 -8.02
N LEU F 1098 62.83 20.86 -8.67
CA LEU F 1098 62.62 20.67 -10.10
C LEU F 1098 61.21 20.20 -10.39
N GLU F 1099 60.67 19.30 -9.55
CA GLU F 1099 59.35 18.76 -9.80
C GLU F 1099 58.25 19.78 -9.57
N HIS F 1100 58.45 20.70 -8.63
CA HIS F 1100 57.46 21.71 -8.27
C HIS F 1100 57.96 23.11 -8.58
N SER F 1101 58.70 23.26 -9.67
CA SER F 1101 59.05 24.57 -10.20
C SER F 1101 58.89 24.55 -11.72
N GLY F 1102 58.65 25.74 -12.28
CA GLY F 1102 58.57 25.85 -13.72
C GLY F 1102 57.23 25.42 -14.28
N ILE F 1103 57.23 25.08 -15.56
CA ILE F 1103 56.04 24.61 -16.25
C ILE F 1103 55.79 23.16 -15.83
N ARG F 1104 54.59 22.89 -15.34
CA ARG F 1104 54.26 21.60 -14.77
C ARG F 1104 52.75 21.47 -14.68
N LEU F 1105 52.28 20.28 -14.32
CA LEU F 1105 50.86 20.04 -14.19
C LEU F 1105 50.25 21.00 -13.18
N ILE F 1106 49.05 21.51 -13.50
CA ILE F 1106 48.40 22.47 -12.63
C ILE F 1106 48.12 21.82 -11.29
N GLU F 1107 48.49 22.50 -10.21
CA GLU F 1107 48.34 21.97 -8.86
C GLU F 1107 47.13 22.62 -8.21
N PRO F 1108 46.05 21.88 -7.93
CA PRO F 1108 44.84 22.54 -7.39
C PRO F 1108 45.06 23.25 -6.06
N GLU F 1109 46.06 22.81 -5.29
CA GLU F 1109 46.30 23.43 -3.98
C GLU F 1109 46.78 24.86 -4.13
N LEU F 1110 47.38 25.19 -5.27
CA LEU F 1110 47.83 26.55 -5.55
C LEU F 1110 46.75 27.40 -6.21
N PHE F 1111 45.62 26.82 -6.59
CA PHE F 1111 44.53 27.54 -7.26
C PHE F 1111 43.19 27.15 -6.66
N ASN F 1112 43.19 26.88 -5.35
CA ASN F 1112 41.95 26.71 -4.59
C ASN F 1112 41.20 25.45 -5.02
N GLY F 1113 41.92 24.34 -5.11
CA GLY F 1113 41.30 23.09 -5.50
C GLY F 1113 40.77 23.11 -6.91
N TYR F 1114 41.41 23.84 -7.81
CA TYR F 1114 41.05 23.85 -9.21
C TYR F 1114 41.74 22.68 -9.90
N ASN F 1115 40.97 21.68 -10.30
CA ASN F 1115 41.46 20.53 -11.03
C ASN F 1115 41.00 20.65 -12.48
N PRO F 1116 41.87 20.94 -13.45
CA PRO F 1116 41.38 21.01 -14.84
C PRO F 1116 40.80 19.71 -15.35
N GLU F 1117 41.23 18.58 -14.79
CA GLU F 1117 40.62 17.30 -15.16
C GLU F 1117 39.20 17.17 -14.64
N LYS F 1118 38.82 17.96 -13.64
CA LYS F 1118 37.48 17.94 -13.06
C LYS F 1118 37.08 19.40 -12.82
N LYS F 1119 36.48 20.00 -13.84
CA LYS F 1119 36.11 21.42 -13.81
C LYS F 1119 34.61 21.53 -13.52
N GLU F 1120 34.28 22.22 -12.42
CA GLU F 1120 32.91 22.30 -11.96
C GLU F 1120 32.07 23.23 -12.85
N MET F 1121 30.91 22.74 -13.27
CA MET F 1121 29.89 23.53 -13.93
C MET F 1121 28.56 23.15 -13.28
N ILE F 1122 27.51 23.89 -13.63
CA ILE F 1122 26.15 23.59 -13.15
C ILE F 1122 25.20 23.59 -14.34
N GLN F 1123 24.23 22.69 -14.31
CA GLN F 1123 23.27 22.50 -15.39
C GLN F 1123 21.89 22.91 -14.89
N GLU F 1124 21.21 23.76 -15.65
CA GLU F 1124 19.82 24.09 -15.40
C GLU F 1124 18.95 22.92 -15.86
N VAL F 1125 18.08 22.45 -14.97
CA VAL F 1125 17.07 21.46 -15.31
C VAL F 1125 15.75 21.90 -14.69
N ILE F 1126 14.65 21.43 -15.29
CA ILE F 1126 13.31 21.68 -14.78
C ILE F 1126 12.95 20.55 -13.83
N VAL F 1127 12.57 20.91 -12.61
CA VAL F 1127 12.23 19.90 -11.62
C VAL F 1127 10.99 19.15 -12.07
N GLU F 1128 11.04 17.81 -12.00
CA GLU F 1128 9.96 16.95 -12.45
C GLU F 1128 9.10 16.41 -11.31
N GLU F 1129 9.58 16.43 -10.07
CA GLU F 1129 8.78 16.04 -8.92
C GLU F 1129 9.07 16.99 -7.77
N ASP F 1130 8.11 17.10 -6.86
CA ASP F 1130 8.30 17.95 -5.69
C ASP F 1130 9.38 17.36 -4.81
N LEU F 1131 10.49 18.09 -4.64
CA LEU F 1131 11.55 17.65 -3.76
C LEU F 1131 11.08 17.65 -2.32
N GLU F 1132 11.75 16.84 -1.50
CA GLU F 1132 11.36 16.73 -0.11
C GLU F 1132 11.70 18.04 0.62
N PRO F 1133 10.93 18.41 1.64
CA PRO F 1133 11.27 19.61 2.41
C PRO F 1133 12.68 19.53 2.97
N PHE F 1134 13.33 20.68 3.07
CA PHE F 1134 14.59 20.79 3.80
C PHE F 1134 14.54 22.01 4.69
N GLU F 1135 14.98 21.83 5.94
CA GLU F 1135 14.98 22.92 6.91
C GLU F 1135 15.87 24.06 6.42
N ALA F 1136 15.36 25.28 6.55
CA ALA F 1136 16.10 26.47 6.13
C ALA F 1136 15.72 27.62 7.06
N SER F 1137 16.59 28.62 7.10
CA SER F 1137 16.32 29.79 7.92
C SER F 1137 15.12 30.56 7.36
N LYS F 1138 14.61 31.48 8.17
CA LYS F 1138 13.46 32.28 7.75
C LYS F 1138 13.82 33.15 6.54
N GLU F 1139 14.96 33.85 6.62
CA GLU F 1139 15.37 34.71 5.51
C GLU F 1139 15.69 33.88 4.26
N THR F 1140 16.36 32.75 4.45
CA THR F 1140 16.69 31.90 3.30
C THR F 1140 15.42 31.37 2.63
N ALA F 1141 14.44 30.96 3.43
CA ALA F 1141 13.17 30.51 2.87
C ALA F 1141 12.47 31.64 2.13
N GLU F 1142 12.49 32.84 2.69
CA GLU F 1142 11.89 33.98 2.01
C GLU F 1142 12.58 34.25 0.67
N GLN F 1143 13.90 34.12 0.64
CA GLN F 1143 14.63 34.30 -0.62
C GLN F 1143 14.26 33.23 -1.64
N PHE F 1144 14.14 31.99 -1.18
CA PHE F 1144 13.72 30.92 -2.09
C PHE F 1144 12.33 31.18 -2.65
N LYS F 1145 11.41 31.65 -1.81
CA LYS F 1145 10.07 31.96 -2.27
C LYS F 1145 10.08 33.12 -3.25
N HIS F 1146 10.89 34.15 -2.96
CA HIS F 1146 11.00 35.27 -3.88
C HIS F 1146 11.50 34.81 -5.23
N GLN F 1147 12.46 33.88 -5.25
CA GLN F 1147 12.97 33.38 -6.52
C GLN F 1147 11.92 32.56 -7.26
N HIS F 1148 11.44 31.48 -6.66
CA HIS F 1148 10.65 30.50 -7.37
C HIS F 1148 9.17 30.85 -7.47
N GLY F 1149 8.72 31.90 -6.79
CA GLY F 1149 7.32 32.28 -6.88
C GLY F 1149 6.43 31.17 -6.35
N ASP F 1150 5.53 30.69 -7.21
CA ASP F 1150 4.60 29.64 -6.84
C ASP F 1150 5.17 28.24 -7.05
N LYS F 1151 6.42 28.12 -7.47
CA LYS F 1151 7.06 26.82 -7.69
C LYS F 1151 7.82 26.34 -6.47
N VAL F 1152 7.75 27.05 -5.35
CA VAL F 1152 8.28 26.58 -4.09
C VAL F 1152 7.25 26.94 -3.02
N ASP F 1153 7.36 26.27 -1.86
CA ASP F 1153 6.48 26.50 -0.74
C ASP F 1153 7.29 26.54 0.55
N ILE F 1154 7.12 27.60 1.32
CA ILE F 1154 7.84 27.78 2.57
C ILE F 1154 6.83 27.72 3.71
N PHE F 1155 7.12 26.90 4.71
CA PHE F 1155 6.24 26.75 5.87
C PHE F 1155 7.06 26.79 7.15
N GLU F 1156 6.63 27.64 8.08
CA GLU F 1156 7.31 27.73 9.37
C GLU F 1156 7.09 26.46 10.18
N ILE F 1157 8.12 26.07 10.92
CA ILE F 1157 8.05 24.95 11.85
C ILE F 1157 7.85 25.54 13.25
N PRO F 1158 6.67 25.39 13.87
CA PRO F 1158 6.45 26.02 15.18
C PRO F 1158 7.37 25.51 16.27
N GLU F 1159 7.93 24.31 16.12
CA GLU F 1159 8.74 23.73 17.19
C GLU F 1159 9.99 24.57 17.46
N THR F 1160 10.63 25.06 16.41
CA THR F 1160 11.88 25.80 16.53
C THR F 1160 11.90 27.12 15.76
N GLY F 1161 10.86 27.43 15.00
CA GLY F 1161 10.78 28.68 14.28
C GLY F 1161 11.51 28.71 12.95
N GLU F 1162 12.14 27.60 12.56
CA GLU F 1162 12.80 27.52 11.27
C GLU F 1162 11.75 27.44 10.16
N TYR F 1163 12.21 27.27 8.92
CA TYR F 1163 11.33 27.16 7.77
C TYR F 1163 11.69 25.93 6.95
N SER F 1164 10.67 25.28 6.40
CA SER F 1164 10.83 24.15 5.50
C SER F 1164 10.49 24.61 4.09
N VAL F 1165 11.38 24.31 3.15
CA VAL F 1165 11.28 24.74 1.76
C VAL F 1165 11.01 23.53 0.90
N LYS F 1166 9.92 23.57 0.14
CA LYS F 1166 9.44 22.44 -0.66
C LYS F 1166 9.35 22.91 -2.10
N LEU F 1167 10.31 22.52 -2.92
CA LEU F 1167 10.23 22.80 -4.34
C LEU F 1167 9.17 21.91 -4.98
N LEU F 1168 8.46 22.46 -5.96
CA LEU F 1168 7.38 21.78 -6.66
C LEU F 1168 7.82 21.40 -8.06
N LYS F 1169 6.94 20.68 -8.75
CA LYS F 1169 7.18 20.34 -10.14
C LYS F 1169 7.30 21.62 -10.98
N GLY F 1170 8.23 21.60 -11.93
CA GLY F 1170 8.47 22.74 -12.78
C GLY F 1170 9.46 23.75 -12.25
N ALA F 1171 9.92 23.60 -11.01
CA ALA F 1171 10.87 24.53 -10.44
C ALA F 1171 12.22 24.41 -11.16
N THR F 1172 13.02 25.45 -11.06
CA THR F 1172 14.34 25.50 -11.67
C THR F 1172 15.38 25.04 -10.66
N LEU F 1173 16.30 24.18 -11.11
CA LEU F 1173 17.31 23.60 -10.26
C LEU F 1173 18.65 23.62 -10.99
N TYR F 1174 19.73 23.73 -10.22
CA TYR F 1174 21.09 23.64 -10.74
C TYR F 1174 21.78 22.45 -10.11
N ILE F 1175 22.22 21.51 -10.94
CA ILE F 1175 22.96 20.33 -10.50
C ILE F 1175 24.41 20.52 -10.94
N PRO F 1176 25.40 20.36 -10.06
CA PRO F 1176 26.78 20.42 -10.50
C PRO F 1176 27.10 19.34 -11.53
N LYS F 1177 27.93 19.69 -12.50
CA LYS F 1177 28.51 18.72 -13.42
C LYS F 1177 29.97 19.09 -13.66
N ALA F 1178 30.75 18.09 -14.09
CA ALA F 1178 32.20 18.21 -14.20
C ALA F 1178 32.61 18.13 -15.65
N LEU F 1179 33.50 19.02 -16.05
CA LEU F 1179 34.02 19.07 -17.41
C LEU F 1179 35.49 18.72 -17.42
N ARG F 1180 35.85 17.75 -18.25
CA ARG F 1180 37.25 17.36 -18.44
C ARG F 1180 37.90 18.35 -19.39
N PHE F 1181 38.80 19.18 -18.87
CA PHE F 1181 39.45 20.24 -19.63
C PHE F 1181 40.86 19.81 -20.00
N ASP F 1182 41.32 20.22 -21.17
CA ASP F 1182 42.51 19.67 -21.80
C ASP F 1182 43.75 20.55 -21.64
N ARG F 1183 43.70 21.60 -20.82
CA ARG F 1183 44.88 22.40 -20.48
C ARG F 1183 45.24 22.08 -19.03
N LEU F 1184 46.13 21.10 -18.86
CA LEU F 1184 46.49 20.58 -17.55
C LEU F 1184 47.80 21.14 -17.02
N VAL F 1185 48.63 21.74 -17.87
CA VAL F 1185 49.97 22.18 -17.51
C VAL F 1185 50.02 23.70 -17.61
N ALA F 1186 50.58 24.33 -16.58
CA ALA F 1186 50.70 25.78 -16.53
C ALA F 1186 52.02 26.15 -15.84
N GLY F 1187 52.54 27.32 -16.19
CA GLY F 1187 53.72 27.82 -15.53
C GLY F 1187 53.35 28.41 -14.18
N GLN F 1188 53.66 27.68 -13.10
CA GLN F 1188 53.20 28.03 -11.77
C GLN F 1188 54.39 28.38 -10.89
N ILE F 1189 54.19 29.39 -10.05
CA ILE F 1189 55.18 29.81 -9.05
C ILE F 1189 55.47 28.57 -8.22
N PRO F 1190 56.71 28.35 -7.77
CA PRO F 1190 57.03 27.07 -7.11
C PRO F 1190 56.15 26.81 -5.89
N THR F 1191 55.76 25.55 -5.74
CA THR F 1191 54.90 25.17 -4.62
C THR F 1191 55.62 25.46 -3.31
N GLY F 1192 54.87 25.97 -2.34
CA GLY F 1192 55.45 26.44 -1.10
C GLY F 1192 55.82 27.91 -1.11
N TRP F 1193 55.72 28.58 -2.25
CA TRP F 1193 55.88 30.02 -2.28
C TRP F 1193 54.82 30.66 -1.40
N ASN F 1194 55.27 31.44 -0.43
CA ASN F 1194 54.38 32.12 0.51
C ASN F 1194 54.86 33.53 0.72
N ALA F 1195 53.91 34.46 0.79
CA ALA F 1195 54.27 35.86 1.06
C ALA F 1195 54.81 36.02 2.47
N LYS F 1196 54.40 35.17 3.40
CA LYS F 1196 54.96 35.21 4.75
C LYS F 1196 56.46 34.96 4.74
N THR F 1197 56.94 34.17 3.77
CA THR F 1197 58.38 33.92 3.66
C THR F 1197 59.13 35.21 3.37
N TYR F 1198 58.56 36.07 2.54
CA TYR F 1198 59.14 37.38 2.28
C TYR F 1198 58.79 38.42 3.34
N GLY F 1199 57.84 38.12 4.22
CA GLY F 1199 57.55 38.95 5.36
C GLY F 1199 56.26 39.75 5.28
N ILE F 1200 55.37 39.41 4.36
CA ILE F 1200 54.09 40.10 4.27
C ILE F 1200 53.15 39.54 5.32
N SER F 1201 52.45 40.42 6.03
CA SER F 1201 51.64 40.02 7.16
C SER F 1201 50.43 39.22 6.71
N ASP F 1202 49.94 38.36 7.62
CA ASP F 1202 48.79 37.53 7.30
C ASP F 1202 47.55 38.37 7.04
N ASP F 1203 47.43 39.51 7.72
CA ASP F 1203 46.30 40.40 7.47
C ASP F 1203 46.35 40.94 6.04
N ILE F 1204 47.53 41.34 5.57
CA ILE F 1204 47.67 41.78 4.19
C ILE F 1204 47.35 40.64 3.23
N ILE F 1205 47.81 39.43 3.56
CA ILE F 1205 47.56 38.28 2.69
C ILE F 1205 46.06 38.03 2.57
N SER F 1206 45.34 38.11 3.69
CA SER F 1206 43.89 37.93 3.65
C SER F 1206 43.22 39.05 2.87
N GLN F 1207 43.72 40.28 3.01
CA GLN F 1207 43.06 41.43 2.39
C GLN F 1207 43.23 41.41 0.87
N VAL F 1208 44.45 41.22 0.39
CA VAL F 1208 44.79 41.45 -1.01
C VAL F 1208 44.80 40.13 -1.77
N ASP F 1209 44.88 40.24 -3.09
CA ASP F 1209 44.89 39.08 -3.96
C ASP F 1209 46.30 38.48 -4.06
N PRO F 1210 46.40 37.22 -4.49
CA PRO F 1210 47.74 36.65 -4.72
C PRO F 1210 48.55 37.42 -5.73
N ILE F 1211 47.91 37.99 -6.75
CA ILE F 1211 48.64 38.82 -7.70
C ILE F 1211 49.23 40.02 -6.98
N THR F 1212 48.47 40.63 -6.06
CA THR F 1212 48.99 41.76 -5.30
C THR F 1212 50.17 41.33 -4.44
N LEU F 1213 50.10 40.15 -3.84
CA LEU F 1213 51.24 39.66 -3.07
C LEU F 1213 52.47 39.46 -3.93
N PHE F 1214 52.29 38.91 -5.13
CA PHE F 1214 53.41 38.74 -6.04
C PHE F 1214 54.02 40.10 -6.40
N VAL F 1215 53.16 41.09 -6.64
CA VAL F 1215 53.63 42.42 -6.98
C VAL F 1215 54.39 43.04 -5.81
N LEU F 1216 53.90 42.87 -4.59
CA LEU F 1216 54.59 43.42 -3.44
C LEU F 1216 55.97 42.80 -3.28
N VAL F 1217 56.05 41.47 -3.42
CA VAL F 1217 57.35 40.80 -3.32
C VAL F 1217 58.28 41.27 -4.43
N SER F 1218 57.73 41.41 -5.65
CA SER F 1218 58.55 41.85 -6.78
C SER F 1218 59.06 43.26 -6.58
N VAL F 1219 58.23 44.15 -6.04
CA VAL F 1219 58.66 45.53 -5.80
C VAL F 1219 59.74 45.57 -4.74
N VAL F 1220 59.56 44.82 -3.65
CA VAL F 1220 60.57 44.80 -2.60
C VAL F 1220 61.89 44.27 -3.15
N GLU F 1221 61.83 43.17 -3.91
CA GLU F 1221 63.05 42.59 -4.47
C GLU F 1221 63.69 43.53 -5.48
N ALA F 1222 62.87 44.26 -6.25
CA ALA F 1222 63.41 45.22 -7.21
C ALA F 1222 64.14 46.35 -6.51
N PHE F 1223 63.58 46.84 -5.40
CA PHE F 1223 64.27 47.88 -4.64
C PHE F 1223 65.53 47.35 -4.00
N ILE F 1224 65.51 46.09 -3.56
CA ILE F 1224 66.71 45.47 -3.01
C ILE F 1224 67.80 45.38 -4.08
N ALA F 1225 67.41 44.99 -5.29
CA ALA F 1225 68.36 44.96 -6.40
C ALA F 1225 68.87 46.35 -6.74
N SER F 1226 68.02 47.36 -6.59
CA SER F 1226 68.44 48.75 -6.71
C SER F 1226 69.23 49.24 -5.52
N GLY F 1227 69.37 48.43 -4.47
CA GLY F 1227 70.09 48.83 -3.30
C GLY F 1227 69.31 49.71 -2.36
N ILE F 1228 68.06 50.02 -2.67
CA ILE F 1228 67.23 50.91 -1.85
C ILE F 1228 66.54 50.01 -0.82
N THR F 1229 67.25 49.75 0.27
CA THR F 1229 66.68 48.92 1.34
C THR F 1229 65.46 49.61 1.96
N ASP F 1230 65.56 50.92 2.18
CA ASP F 1230 64.45 51.71 2.70
C ASP F 1230 63.84 52.50 1.56
N PRO F 1231 62.57 52.29 1.18
CA PRO F 1231 62.01 53.08 0.08
C PRO F 1231 61.97 54.57 0.34
N TYR F 1232 61.96 54.99 1.61
CA TYR F 1232 61.99 56.41 1.91
C TYR F 1232 63.35 57.03 1.61
N GLU F 1233 64.37 56.22 1.33
CA GLU F 1233 65.66 56.77 0.96
C GLU F 1233 65.58 57.56 -0.34
N MET F 1234 64.61 57.24 -1.19
CA MET F 1234 64.41 58.03 -2.40
C MET F 1234 64.05 59.47 -2.08
N TYR F 1235 63.29 59.68 -1.01
CA TYR F 1235 62.82 61.02 -0.68
C TYR F 1235 63.93 61.91 -0.15
N LYS F 1236 65.11 61.35 0.13
CA LYS F 1236 66.26 62.19 0.42
C LYS F 1236 66.74 62.92 -0.83
N TYR F 1237 66.37 62.42 -2.02
CA TYR F 1237 66.85 62.94 -3.29
C TYR F 1237 65.76 63.53 -4.17
N VAL F 1238 64.52 63.02 -4.08
CA VAL F 1238 63.42 63.48 -4.91
C VAL F 1238 62.23 63.80 -4.03
N HIS F 1239 61.33 64.63 -4.56
CA HIS F 1239 60.10 64.94 -3.85
C HIS F 1239 59.16 63.74 -3.90
N VAL F 1240 58.24 63.69 -2.95
CA VAL F 1240 57.26 62.60 -2.91
C VAL F 1240 56.45 62.56 -4.19
N SER F 1241 56.24 63.72 -4.82
CA SER F 1241 55.55 63.78 -6.11
C SER F 1241 56.40 63.30 -7.27
N GLU F 1242 57.68 63.03 -7.05
CA GLU F 1242 58.61 62.69 -8.12
C GLU F 1242 58.90 61.19 -8.22
N VAL F 1243 58.17 60.35 -7.48
CA VAL F 1243 58.30 58.90 -7.55
C VAL F 1243 56.96 58.33 -7.97
N GLY F 1244 56.93 57.65 -9.12
CA GLY F 1244 55.70 57.16 -9.69
C GLY F 1244 55.70 55.63 -9.79
N ASN F 1245 54.52 55.11 -10.10
CA ASN F 1245 54.33 53.68 -10.33
C ASN F 1245 53.49 53.51 -11.58
N CYS F 1246 54.14 53.08 -12.67
CA CYS F 1246 53.49 52.95 -13.97
C CYS F 1246 53.36 51.50 -14.41
N SER F 1247 53.42 50.56 -13.48
CA SER F 1247 53.21 49.15 -13.80
C SER F 1247 51.71 48.83 -13.84
N GLY F 1248 51.38 47.67 -14.41
CA GLY F 1248 50.00 47.28 -14.52
C GLY F 1248 49.85 45.80 -14.79
N SER F 1249 48.66 45.44 -15.27
CA SER F 1249 48.30 44.06 -15.53
C SER F 1249 47.42 43.98 -16.78
N GLY F 1250 47.44 42.82 -17.43
CA GLY F 1250 46.52 42.58 -18.52
C GLY F 1250 45.11 42.28 -18.06
N MET F 1251 44.97 41.59 -16.91
CA MET F 1251 43.67 41.19 -16.40
C MET F 1251 43.45 41.54 -14.93
N GLY F 1252 44.50 41.80 -14.15
CA GLY F 1252 44.35 42.27 -12.80
C GLY F 1252 44.05 41.18 -11.79
N GLY F 1253 43.24 41.50 -10.79
CA GLY F 1253 42.89 40.56 -9.75
C GLY F 1253 41.84 39.57 -10.19
N VAL F 1254 42.24 38.62 -11.02
CA VAL F 1254 41.28 37.63 -11.53
C VAL F 1254 40.70 36.81 -10.40
N SER F 1255 41.45 36.62 -9.32
CA SER F 1255 40.90 35.94 -8.15
C SER F 1255 39.74 36.73 -7.55
N ALA F 1256 39.89 38.05 -7.45
CA ALA F 1256 38.81 38.88 -6.92
C ALA F 1256 37.64 38.95 -7.89
N LEU F 1257 37.92 38.96 -9.20
CA LEU F 1257 36.85 38.89 -10.18
C LEU F 1257 36.07 37.60 -10.05
N ARG F 1258 36.77 36.48 -9.92
CA ARG F 1258 36.11 35.20 -9.70
C ARG F 1258 35.28 35.24 -8.43
N GLY F 1259 35.83 35.79 -7.36
CA GLY F 1259 35.06 35.98 -6.14
C GLY F 1259 33.74 36.69 -6.41
N MET F 1260 33.83 37.91 -6.94
CA MET F 1260 32.65 38.75 -7.11
C MET F 1260 31.64 38.12 -8.07
N PHE F 1261 32.11 37.42 -9.10
CA PHE F 1261 31.21 36.92 -10.13
C PHE F 1261 30.65 35.54 -9.83
N LYS F 1262 31.37 34.69 -9.09
CA LYS F 1262 30.97 33.30 -8.84
C LYS F 1262 30.73 33.02 -7.38
N ASP F 1263 31.65 33.40 -6.49
CA ASP F 1263 31.47 33.09 -5.08
C ASP F 1263 30.31 33.87 -4.50
N ARG F 1264 30.17 35.14 -4.90
CA ARG F 1264 29.01 35.91 -4.48
C ARG F 1264 27.72 35.35 -5.06
N PHE F 1265 27.78 34.89 -6.32
CA PHE F 1265 26.61 34.27 -6.93
C PHE F 1265 26.20 33.00 -6.18
N LYS F 1266 27.18 32.26 -5.68
CA LYS F 1266 26.95 31.05 -4.89
C LYS F 1266 26.75 31.34 -3.41
N ASP F 1267 26.84 32.61 -2.99
CA ASP F 1267 26.64 33.02 -1.60
C ASP F 1267 27.73 32.47 -0.68
N GLU F 1268 28.91 32.20 -1.21
CA GLU F 1268 30.04 31.83 -0.37
C GLU F 1268 30.58 33.08 0.34
N PRO F 1269 31.30 32.90 1.46
CA PRO F 1269 31.86 34.07 2.16
C PRO F 1269 32.90 34.80 1.31
N VAL F 1270 32.59 36.03 0.92
CA VAL F 1270 33.47 36.89 0.14
C VAL F 1270 33.57 38.24 0.83
N GLN F 1271 34.79 38.77 0.91
CA GLN F 1271 34.97 40.07 1.54
C GLN F 1271 34.24 41.15 0.77
N ASN F 1272 33.74 42.15 1.49
CA ASN F 1272 32.92 43.18 0.87
C ASN F 1272 33.71 44.07 -0.07
N ASP F 1273 35.04 44.09 0.03
CA ASP F 1273 35.91 44.95 -0.78
C ASP F 1273 36.63 44.17 -1.87
N ILE F 1274 36.03 43.05 -2.30
CA ILE F 1274 36.62 42.25 -3.35
C ILE F 1274 36.68 43.04 -4.66
N LEU F 1275 35.74 43.96 -4.88
CA LEU F 1275 35.75 44.75 -6.11
C LEU F 1275 36.95 45.68 -6.15
N GLN F 1276 37.23 46.40 -5.06
CA GLN F 1276 38.41 47.25 -5.08
C GLN F 1276 39.67 46.41 -5.07
N GLU F 1277 39.59 45.15 -4.64
CA GLU F 1277 40.75 44.27 -4.78
C GLU F 1277 40.90 43.72 -6.20
N SER F 1278 39.85 43.78 -7.01
CA SER F 1278 39.92 43.25 -8.37
C SER F 1278 40.52 44.23 -9.38
N PHE F 1279 40.65 45.52 -9.06
CA PHE F 1279 41.11 46.48 -10.04
C PHE F 1279 42.54 46.19 -10.46
N ILE F 1280 42.87 46.55 -11.70
CA ILE F 1280 44.24 46.37 -12.19
C ILE F 1280 45.18 47.35 -11.50
N ASN F 1281 44.68 48.52 -11.11
CA ASN F 1281 45.48 49.51 -10.40
C ASN F 1281 45.52 49.25 -8.89
N THR F 1282 44.82 48.23 -8.40
CA THR F 1282 44.86 47.94 -6.98
C THR F 1282 46.25 47.51 -6.55
N MET F 1283 46.94 46.72 -7.39
CA MET F 1283 48.30 46.30 -7.05
C MET F 1283 49.23 47.49 -6.88
N SER F 1284 49.20 48.43 -7.82
CA SER F 1284 50.04 49.61 -7.69
C SER F 1284 49.63 50.44 -6.48
N ALA F 1285 48.33 50.51 -6.21
CA ALA F 1285 47.85 51.21 -5.03
C ALA F 1285 48.44 50.60 -3.77
N TRP F 1286 48.39 49.27 -3.65
CA TRP F 1286 48.91 48.59 -2.47
C TRP F 1286 50.42 48.77 -2.35
N VAL F 1287 51.12 48.74 -3.48
CA VAL F 1287 52.56 49.00 -3.46
C VAL F 1287 52.83 50.38 -2.88
N ASN F 1288 52.13 51.38 -3.39
CA ASN F 1288 52.37 52.76 -2.94
C ASN F 1288 52.02 52.92 -1.47
N MET F 1289 50.92 52.30 -1.04
CA MET F 1289 50.40 52.53 0.30
C MET F 1289 50.81 51.45 1.28
N LEU F 1290 51.78 50.60 0.93
CA LEU F 1290 52.47 49.75 1.88
C LEU F 1290 53.97 50.04 1.93
N LEU F 1291 54.57 50.51 0.83
CA LEU F 1291 56.02 50.64 0.75
C LEU F 1291 56.51 52.03 0.38
N ILE F 1292 55.84 52.70 -0.57
CA ILE F 1292 56.45 53.86 -1.20
C ILE F 1292 56.01 55.16 -0.52
N SER F 1293 54.69 55.34 -0.36
CA SER F 1293 54.11 56.56 0.20
C SER F 1293 54.27 57.75 -0.74
N SER F 1294 54.66 57.51 -1.97
CA SER F 1294 54.86 58.59 -2.93
C SER F 1294 53.51 59.16 -3.33
N SER F 1295 53.52 60.46 -3.64
CA SER F 1295 52.38 61.12 -4.26
C SER F 1295 52.70 61.49 -5.70
N GLY F 1296 53.50 60.65 -6.36
CA GLY F 1296 53.91 60.90 -7.72
C GLY F 1296 52.97 60.27 -8.71
N PRO F 1297 53.30 60.43 -10.00
CA PRO F 1297 52.39 59.97 -11.05
C PRO F 1297 52.13 58.48 -10.97
N ILE F 1298 50.88 58.12 -11.23
CA ILE F 1298 50.42 56.74 -11.19
C ILE F 1298 49.65 56.48 -12.49
N LYS F 1299 50.17 55.54 -13.28
CA LYS F 1299 49.66 55.29 -14.63
C LYS F 1299 49.66 53.79 -14.88
N THR F 1300 48.55 53.13 -14.56
CA THR F 1300 48.46 51.68 -14.65
C THR F 1300 48.04 51.29 -16.06
N PRO F 1301 48.89 50.63 -16.86
CA PRO F 1301 48.47 50.27 -18.21
C PRO F 1301 47.87 48.88 -18.31
N VAL F 1302 47.14 48.66 -19.41
CA VAL F 1302 46.69 47.34 -19.84
C VAL F 1302 47.19 47.16 -21.26
N GLY F 1303 47.91 46.07 -21.51
CA GLY F 1303 48.40 45.77 -22.83
C GLY F 1303 48.35 44.31 -23.16
N ALA F 1304 47.57 43.55 -22.39
CA ALA F 1304 47.52 42.09 -22.49
C ALA F 1304 48.94 41.59 -22.25
N CYS F 1305 49.59 40.94 -23.20
CA CYS F 1305 50.95 40.47 -23.01
C CYS F 1305 51.99 41.57 -23.10
N ALA F 1306 51.62 42.74 -23.61
CA ALA F 1306 52.54 43.86 -23.79
C ALA F 1306 52.40 44.92 -22.71
N THR F 1307 51.76 44.59 -21.58
CA THR F 1307 51.53 45.61 -20.56
C THR F 1307 52.84 46.04 -19.91
N SER F 1308 53.87 45.20 -19.98
CA SER F 1308 55.14 45.55 -19.35
C SER F 1308 55.95 46.50 -20.22
N VAL F 1309 55.96 46.28 -21.53
CA VAL F 1309 56.56 47.26 -22.42
C VAL F 1309 55.73 48.55 -22.41
N GLU F 1310 54.41 48.43 -22.29
CA GLU F 1310 53.56 49.59 -22.02
C GLU F 1310 54.03 50.35 -20.79
N SER F 1311 54.25 49.64 -19.69
CA SER F 1311 54.65 50.27 -18.45
C SER F 1311 56.00 50.95 -18.59
N VAL F 1312 56.93 50.30 -19.30
CA VAL F 1312 58.24 50.89 -19.52
C VAL F 1312 58.11 52.16 -20.34
N ASP F 1313 57.30 52.13 -21.40
CA ASP F 1313 57.13 53.31 -22.23
C ASP F 1313 56.49 54.45 -21.45
N ILE F 1314 55.44 54.15 -20.69
CA ILE F 1314 54.76 55.17 -19.91
C ILE F 1314 55.67 55.75 -18.85
N GLY F 1315 56.47 54.90 -18.19
CA GLY F 1315 57.38 55.39 -17.18
C GLY F 1315 58.52 56.21 -17.76
N VAL F 1316 59.03 55.80 -18.91
CA VAL F 1316 60.06 56.58 -19.60
C VAL F 1316 59.51 57.96 -19.92
N GLU F 1317 58.29 58.02 -20.45
CA GLU F 1317 57.71 59.31 -20.80
C GLU F 1317 57.42 60.13 -19.56
N THR F 1318 57.02 59.49 -18.46
CA THR F 1318 56.82 60.20 -17.21
C THR F 1318 58.12 60.84 -16.74
N ILE F 1319 59.22 60.09 -16.78
CA ILE F 1319 60.49 60.62 -16.31
C ILE F 1319 60.99 61.73 -17.25
N LEU F 1320 60.85 61.52 -18.56
CA LEU F 1320 61.31 62.52 -19.51
C LEU F 1320 60.49 63.80 -19.40
N SER F 1321 59.19 63.68 -19.17
CA SER F 1321 58.37 64.86 -18.91
C SER F 1321 58.70 65.49 -17.57
N GLY F 1322 59.26 64.73 -16.65
CA GLY F 1322 59.79 65.28 -15.42
C GLY F 1322 58.81 65.31 -14.25
N LYS F 1323 57.59 64.84 -14.43
CA LYS F 1323 56.68 64.73 -13.28
C LYS F 1323 57.15 63.64 -12.34
N ALA F 1324 57.94 62.70 -12.85
CA ALA F 1324 58.63 61.71 -12.04
C ALA F 1324 60.12 61.77 -12.32
N ARG F 1325 60.90 61.32 -11.33
CA ARG F 1325 62.32 61.04 -11.53
C ARG F 1325 62.65 59.58 -11.26
N ILE F 1326 61.86 58.92 -10.42
CA ILE F 1326 61.93 57.48 -10.17
C ILE F 1326 60.59 56.89 -10.56
N CYS F 1327 60.60 55.74 -11.21
CA CYS F 1327 59.36 55.07 -11.58
C CYS F 1327 59.48 53.57 -11.37
N ILE F 1328 58.38 52.98 -10.92
CA ILE F 1328 58.23 51.55 -10.77
C ILE F 1328 57.44 51.04 -11.96
N VAL F 1329 58.13 50.45 -12.94
CA VAL F 1329 57.51 49.93 -14.14
C VAL F 1329 57.48 48.41 -14.03
N GLY F 1330 56.79 47.79 -14.96
CA GLY F 1330 56.70 46.34 -15.00
C GLY F 1330 55.27 45.90 -15.25
N GLY F 1331 55.05 44.61 -15.06
CA GLY F 1331 53.74 44.04 -15.33
C GLY F 1331 53.50 42.78 -14.52
N TYR F 1332 52.23 42.47 -14.32
CA TYR F 1332 51.87 41.33 -13.49
C TYR F 1332 50.56 40.73 -13.98
N ASP F 1333 50.40 39.44 -13.75
CA ASP F 1333 49.13 38.77 -13.97
C ASP F 1333 49.13 37.43 -13.25
N ASP F 1334 47.93 36.87 -13.09
CA ASP F 1334 47.72 35.63 -12.36
C ASP F 1334 47.12 34.58 -13.27
N PHE F 1335 47.31 33.31 -12.89
CA PHE F 1335 46.70 32.17 -13.54
C PHE F 1335 45.52 31.70 -12.72
N GLN F 1336 44.37 31.54 -13.37
CA GLN F 1336 43.17 31.08 -12.68
C GLN F 1336 42.33 30.24 -13.63
N GLU F 1337 41.35 29.56 -13.03
CA GLU F 1337 40.54 28.59 -13.75
C GLU F 1337 39.86 29.23 -14.96
N GLU F 1338 39.22 30.38 -14.77
CA GLU F 1338 38.37 30.93 -15.82
C GLU F 1338 39.19 31.52 -16.95
N GLY F 1339 40.27 32.23 -16.61
CA GLY F 1339 41.16 32.72 -17.64
C GLY F 1339 41.78 31.58 -18.45
N SER F 1340 42.22 30.53 -17.76
CA SER F 1340 42.76 29.37 -18.46
C SER F 1340 41.72 28.76 -19.38
N PHE F 1341 40.48 28.62 -18.90
CA PHE F 1341 39.45 27.99 -19.71
C PHE F 1341 39.10 28.83 -20.94
N GLU F 1342 39.07 30.15 -20.78
CA GLU F 1342 38.74 30.98 -21.93
C GLU F 1342 39.89 31.00 -22.94
N PHE F 1343 41.13 30.95 -22.47
CA PHE F 1343 42.25 30.81 -23.40
C PHE F 1343 42.16 29.48 -24.15
N GLY F 1344 41.75 28.41 -23.45
CA GLY F 1344 41.54 27.15 -24.13
C GLY F 1344 40.43 27.23 -25.15
N ASN F 1345 39.34 27.91 -24.83
CA ASN F 1345 38.27 28.14 -25.79
C ASN F 1345 38.79 28.88 -27.02
N MET F 1346 39.61 29.90 -26.79
CA MET F 1346 40.28 30.64 -27.85
C MET F 1346 41.24 29.79 -28.66
N LYS F 1347 41.72 28.68 -28.10
CA LYS F 1347 42.76 27.85 -28.70
C LYS F 1347 44.08 28.59 -28.79
N ALA F 1348 44.26 29.62 -27.97
CA ALA F 1348 45.54 30.32 -27.90
C ALA F 1348 46.57 29.51 -27.13
N THR F 1349 46.14 28.85 -26.07
CA THR F 1349 47.03 27.98 -25.31
C THR F 1349 47.18 26.63 -26.01
N SER F 1350 48.19 25.88 -25.59
CA SER F 1350 48.47 24.58 -26.19
C SER F 1350 47.61 23.51 -25.53
N ASN F 1351 47.10 22.58 -26.35
CA ASN F 1351 46.29 21.49 -25.85
C ASN F 1351 47.19 20.44 -25.20
N THR F 1352 47.07 20.28 -23.89
CA THR F 1352 47.98 19.38 -23.16
C THR F 1352 47.73 17.93 -23.53
N LEU F 1353 46.48 17.57 -23.86
CA LEU F 1353 46.22 16.20 -24.29
C LEU F 1353 46.89 15.92 -25.63
N GLU F 1354 46.86 16.88 -26.55
CA GLU F 1354 47.59 16.71 -27.81
C GLU F 1354 49.09 16.63 -27.56
N GLU F 1355 49.60 17.42 -26.61
CA GLU F 1355 51.02 17.36 -26.28
C GLU F 1355 51.39 15.98 -25.74
N PHE F 1356 50.56 15.43 -24.86
CA PHE F 1356 50.80 14.08 -24.37
C PHE F 1356 50.73 13.06 -25.50
N GLU F 1357 49.79 13.24 -26.43
CA GLU F 1357 49.74 12.36 -27.60
C GLU F 1357 51.04 12.42 -28.39
N HIS F 1358 51.62 13.60 -28.52
CA HIS F 1358 52.90 13.78 -29.19
C HIS F 1358 54.08 13.41 -28.29
N GLY F 1359 53.83 13.05 -27.04
CA GLY F 1359 54.89 12.60 -26.16
C GLY F 1359 55.70 13.73 -25.56
N ARG F 1360 55.10 14.92 -25.45
CA ARG F 1360 55.78 16.10 -24.92
C ARG F 1360 55.55 16.16 -23.42
N THR F 1361 56.62 16.37 -22.66
CA THR F 1361 56.51 16.52 -21.23
C THR F 1361 56.18 17.97 -20.88
N PRO F 1362 55.71 18.22 -19.65
CA PRO F 1362 55.41 19.60 -19.24
C PRO F 1362 56.57 20.56 -19.44
N ALA F 1363 57.80 20.10 -19.20
CA ALA F 1363 58.95 20.98 -19.36
C ALA F 1363 59.10 21.44 -20.80
N GLU F 1364 58.78 20.58 -21.77
CA GLU F 1364 58.97 20.88 -23.19
C GLU F 1364 57.68 21.24 -23.92
N MET F 1365 56.59 21.49 -23.18
CA MET F 1365 55.39 22.03 -23.83
C MET F 1365 55.70 23.34 -24.56
N SER F 1366 56.38 24.26 -23.88
CA SER F 1366 56.63 25.59 -24.43
C SER F 1366 57.90 25.54 -25.27
N ARG F 1367 57.73 25.63 -26.60
CA ARG F 1367 58.83 25.50 -27.55
C ARG F 1367 58.69 26.60 -28.60
N PRO F 1368 59.08 27.83 -28.26
CA PRO F 1368 58.98 28.92 -29.24
C PRO F 1368 59.88 28.69 -30.45
N ALA F 1369 59.39 29.13 -31.60
CA ALA F 1369 60.14 29.07 -32.86
C ALA F 1369 60.50 27.64 -33.22
N THR F 1370 59.48 26.77 -33.24
CA THR F 1370 59.66 25.37 -33.59
C THR F 1370 58.54 24.95 -34.53
N THR F 1371 58.79 23.89 -35.30
CA THR F 1371 57.80 23.39 -36.24
C THR F 1371 56.52 22.94 -35.55
N THR F 1372 56.62 22.39 -34.34
CA THR F 1372 55.50 21.72 -33.69
C THR F 1372 54.81 22.59 -32.63
N ARG F 1373 55.14 23.88 -32.56
CA ARG F 1373 54.47 24.74 -31.59
C ARG F 1373 53.00 24.90 -31.96
N ASN F 1374 52.13 24.66 -30.98
CA ASN F 1374 50.69 24.68 -31.21
C ASN F 1374 49.96 25.33 -30.05
N GLY F 1375 50.48 26.46 -29.55
CA GLY F 1375 49.83 27.18 -28.47
C GLY F 1375 50.80 27.67 -27.42
N PHE F 1376 50.48 28.79 -26.76
CA PHE F 1376 51.36 29.32 -25.74
C PHE F 1376 51.11 28.64 -24.40
N MET F 1377 52.13 28.66 -23.56
CA MET F 1377 52.10 28.02 -22.25
C MET F 1377 51.75 29.09 -21.22
N GLU F 1378 50.55 29.00 -20.66
CA GLU F 1378 50.10 30.03 -19.72
C GLU F 1378 50.88 29.94 -18.42
N ALA F 1379 51.19 31.10 -17.85
CA ALA F 1379 51.96 31.19 -16.61
C ALA F 1379 51.41 32.32 -15.76
N GLN F 1380 52.03 32.53 -14.61
CA GLN F 1380 51.62 33.57 -13.68
C GLN F 1380 52.84 34.13 -12.99
N GLY F 1381 52.67 35.31 -12.42
CA GLY F 1381 53.71 35.96 -11.65
C GLY F 1381 53.74 37.44 -11.96
N ALA F 1382 54.81 38.08 -11.47
CA ALA F 1382 54.99 39.51 -11.62
C ALA F 1382 56.43 39.80 -11.98
N GLY F 1383 56.64 40.96 -12.61
CA GLY F 1383 57.97 41.43 -12.93
C GLY F 1383 58.03 42.93 -12.79
N ILE F 1384 58.96 43.43 -11.99
CA ILE F 1384 59.04 44.84 -11.64
C ILE F 1384 60.44 45.34 -11.91
N GLN F 1385 60.53 46.58 -12.39
CA GLN F 1385 61.79 47.27 -12.58
C GLN F 1385 61.69 48.66 -11.99
N ILE F 1386 62.76 49.10 -11.35
CA ILE F 1386 62.92 50.46 -10.86
C ILE F 1386 63.78 51.20 -11.87
N ILE F 1387 63.19 52.16 -12.57
CA ILE F 1387 63.88 53.02 -13.51
C ILE F 1387 63.98 54.40 -12.90
N MET F 1388 64.95 55.19 -13.35
CA MET F 1388 65.05 56.57 -12.93
C MET F 1388 65.93 57.31 -13.93
N GLN F 1389 66.07 58.61 -13.72
CA GLN F 1389 67.00 59.40 -14.50
C GLN F 1389 68.42 58.91 -14.25
N ALA F 1390 69.26 59.01 -15.29
CA ALA F 1390 70.66 58.63 -15.11
C ALA F 1390 71.36 59.56 -14.13
N ASP F 1391 71.06 60.86 -14.19
CA ASP F 1391 71.63 61.81 -13.24
C ASP F 1391 71.26 61.43 -11.81
N LEU F 1392 69.99 61.13 -11.59
CA LEU F 1392 69.55 60.75 -10.25
C LEU F 1392 70.17 59.42 -9.82
N ALA F 1393 70.27 58.45 -10.74
CA ALA F 1393 70.86 57.17 -10.38
C ALA F 1393 72.31 57.34 -9.96
N LEU F 1394 73.05 58.18 -10.69
CA LEU F 1394 74.42 58.47 -10.29
C LEU F 1394 74.48 59.17 -8.94
N LYS F 1395 73.55 60.09 -8.69
CA LYS F 1395 73.57 60.84 -7.43
C LYS F 1395 73.28 59.95 -6.23
N MET F 1396 72.24 59.11 -6.34
CA MET F 1396 71.97 58.14 -5.26
C MET F 1396 72.99 57.02 -5.21
N GLY F 1397 73.79 56.83 -6.26
CA GLY F 1397 74.73 55.73 -6.24
C GLY F 1397 74.06 54.38 -6.22
N VAL F 1398 73.06 54.19 -7.07
CA VAL F 1398 72.36 52.92 -7.18
C VAL F 1398 72.95 52.17 -8.37
N PRO F 1399 72.91 50.83 -8.38
CA PRO F 1399 73.40 50.11 -9.56
C PRO F 1399 72.58 50.44 -10.78
N ILE F 1400 73.22 50.41 -11.93
CA ILE F 1400 72.58 50.66 -13.22
C ILE F 1400 72.77 49.41 -14.06
N TYR F 1401 71.68 48.68 -14.26
CA TYR F 1401 71.70 47.42 -15.00
C TYR F 1401 71.56 47.62 -16.50
N GLY F 1402 71.04 48.75 -16.94
CA GLY F 1402 70.87 49.00 -18.35
C GLY F 1402 70.29 50.38 -18.57
N ILE F 1403 70.27 50.77 -19.84
CA ILE F 1403 69.76 52.08 -20.26
C ILE F 1403 68.58 51.82 -21.18
N VAL F 1404 67.42 52.37 -20.83
CA VAL F 1404 66.22 52.22 -21.66
C VAL F 1404 66.36 53.26 -22.76
N ALA F 1405 67.04 52.86 -23.83
CA ALA F 1405 67.32 53.79 -24.92
C ALA F 1405 66.07 54.11 -25.72
N MET F 1406 65.22 53.11 -25.95
CA MET F 1406 63.99 53.28 -26.70
C MET F 1406 62.89 52.49 -26.02
N ALA F 1407 61.67 53.01 -26.09
CA ALA F 1407 60.49 52.29 -25.61
C ALA F 1407 59.29 52.83 -26.38
N ALA F 1408 58.62 51.97 -27.14
CA ALA F 1408 57.53 52.40 -27.99
C ALA F 1408 56.45 51.33 -28.03
N THR F 1409 55.23 51.77 -28.30
CA THR F 1409 54.08 50.91 -28.47
C THR F 1409 53.42 51.23 -29.81
N ALA F 1410 52.62 50.29 -30.30
CA ALA F 1410 52.02 50.44 -31.63
C ALA F 1410 50.81 49.53 -31.75
N THR F 1411 49.96 49.89 -32.71
CA THR F 1411 48.83 49.08 -33.16
C THR F 1411 49.10 48.61 -34.59
N ASP F 1412 48.28 47.68 -35.07
CA ASP F 1412 48.62 47.06 -36.35
C ASP F 1412 47.88 47.71 -37.52
N LYS F 1413 46.56 47.51 -37.60
CA LYS F 1413 45.80 47.95 -38.77
C LYS F 1413 44.33 47.59 -38.58
N ILE F 1414 43.51 47.87 -39.60
CA ILE F 1414 42.09 47.55 -39.53
C ILE F 1414 41.87 46.08 -39.90
N GLY F 1415 41.12 45.39 -39.06
CA GLY F 1415 40.87 43.96 -39.17
C GLY F 1415 39.88 43.56 -38.11
N ARG F 1416 39.45 42.30 -38.17
CA ARG F 1416 38.39 41.79 -37.30
C ARG F 1416 38.86 40.70 -36.35
N SER F 1417 40.17 40.59 -36.09
CA SER F 1417 40.72 39.58 -35.20
C SER F 1417 41.53 40.27 -34.11
N VAL F 1418 40.99 40.26 -32.88
CA VAL F 1418 41.69 40.91 -31.77
C VAL F 1418 43.01 40.22 -31.43
N PRO F 1419 43.06 38.90 -31.22
CA PRO F 1419 44.34 38.27 -30.88
C PRO F 1419 45.31 38.12 -32.03
N ALA F 1420 44.95 38.55 -33.23
CA ALA F 1420 45.86 38.45 -34.37
C ALA F 1420 47.01 39.42 -34.17
N PRO F 1421 48.27 38.98 -34.19
CA PRO F 1421 49.38 39.93 -34.13
C PRO F 1421 49.58 40.63 -35.47
N GLY F 1422 50.41 41.66 -35.44
CA GLY F 1422 50.69 42.43 -36.65
C GLY F 1422 52.03 43.10 -36.64
N LYS F 1423 52.35 43.78 -37.74
CA LYS F 1423 53.63 44.46 -37.93
C LYS F 1423 53.61 45.89 -37.39
N GLY F 1424 52.71 46.17 -36.45
CA GLY F 1424 52.52 47.55 -36.00
C GLY F 1424 53.78 48.16 -35.42
N ILE F 1425 54.53 47.38 -34.63
CA ILE F 1425 55.75 47.89 -34.01
C ILE F 1425 56.90 48.03 -35.00
N LEU F 1426 56.69 47.66 -36.26
CA LEU F 1426 57.70 47.91 -37.28
C LEU F 1426 57.94 49.39 -37.51
N THR F 1427 57.01 50.25 -37.09
CA THR F 1427 57.20 51.69 -37.24
C THR F 1427 58.33 52.23 -36.38
N THR F 1428 58.80 51.47 -35.38
CA THR F 1428 59.93 51.92 -34.58
C THR F 1428 61.22 51.97 -35.38
N ALA F 1429 61.26 51.32 -36.55
CA ALA F 1429 62.39 51.37 -37.46
C ALA F 1429 62.10 52.22 -38.69
N ARG F 1430 61.07 53.06 -38.64
CA ARG F 1430 60.67 53.82 -39.81
C ARG F 1430 61.74 54.84 -40.18
N GLU F 1431 62.12 54.83 -41.45
CA GLU F 1431 63.21 55.68 -41.93
C GLU F 1431 62.92 56.04 -43.38
N HIS F 1432 63.46 57.20 -43.79
CA HIS F 1432 63.30 57.70 -45.14
C HIS F 1432 64.64 57.58 -45.86
N HIS F 1433 64.62 56.99 -47.06
CA HIS F 1433 65.83 56.70 -47.82
C HIS F 1433 65.73 57.18 -49.26
N SER F 1434 64.92 58.22 -49.51
CA SER F 1434 64.82 58.74 -50.86
C SER F 1434 66.15 59.35 -51.31
N SER F 1435 66.81 60.10 -50.42
CA SER F 1435 68.08 60.75 -50.70
C SER F 1435 69.03 60.43 -49.56
N VAL F 1436 69.83 59.37 -49.73
CA VAL F 1436 70.81 58.95 -48.75
C VAL F 1436 72.17 58.81 -49.42
N LYS F 1437 72.40 59.61 -50.48
CA LYS F 1437 73.67 59.52 -51.20
C LYS F 1437 74.84 59.96 -50.32
N TYR F 1438 74.58 60.82 -49.33
CA TYR F 1438 75.61 61.33 -48.44
C TYR F 1438 75.15 61.21 -46.99
N ALA F 1439 76.11 60.95 -46.10
CA ALA F 1439 75.78 60.77 -44.69
C ALA F 1439 75.29 62.07 -44.08
N SER F 1440 74.30 61.95 -43.21
CA SER F 1440 73.80 63.12 -42.48
C SER F 1440 74.86 63.56 -41.46
N PRO F 1441 75.28 64.82 -41.47
CA PRO F 1441 76.15 65.29 -40.37
C PRO F 1441 75.50 65.14 -39.00
N ASN F 1442 74.17 65.20 -38.94
CA ASN F 1442 73.48 65.10 -37.66
C ASN F 1442 73.71 63.74 -36.99
N LEU F 1443 73.99 62.71 -37.77
CA LEU F 1443 74.24 61.38 -37.21
C LEU F 1443 75.69 61.18 -36.79
N ASN F 1444 76.57 62.14 -37.06
CA ASN F 1444 77.96 62.08 -36.62
C ASN F 1444 78.09 62.69 -35.24
N MET F 1445 78.73 61.96 -34.32
CA MET F 1445 78.80 62.41 -32.94
C MET F 1445 79.75 63.59 -32.78
N LYS F 1446 80.83 63.63 -33.56
CA LYS F 1446 81.76 64.76 -33.48
C LYS F 1446 81.06 66.06 -33.86
N TYR F 1447 80.26 66.02 -34.92
CA TYR F 1447 79.49 67.19 -35.33
C TYR F 1447 78.60 67.68 -34.20
N ARG F 1448 77.85 66.77 -33.59
CA ARG F 1448 76.93 67.14 -32.52
C ARG F 1448 77.67 67.71 -31.31
N LYS F 1449 78.83 67.15 -30.99
CA LYS F 1449 79.63 67.70 -29.89
C LYS F 1449 80.12 69.10 -30.22
N ARG F 1450 80.46 69.35 -31.49
CA ARG F 1450 80.83 70.71 -31.90
C ARG F 1450 79.67 71.68 -31.67
N GLN F 1451 78.46 71.27 -32.07
CA GLN F 1451 77.32 72.16 -31.88
C GLN F 1451 77.08 72.39 -30.40
N LEU F 1452 77.25 71.33 -29.60
CA LEU F 1452 77.05 71.46 -28.16
C LEU F 1452 78.02 72.46 -27.57
N VAL F 1453 79.31 72.35 -27.88
CA VAL F 1453 80.29 73.25 -27.27
C VAL F 1453 80.05 74.68 -27.72
N THR F 1454 79.62 74.88 -28.97
CA THR F 1454 79.23 76.22 -29.38
C THR F 1454 78.07 76.73 -28.53
N ARG F 1455 77.11 75.85 -28.23
CA ARG F 1455 75.98 76.26 -27.41
C ARG F 1455 76.42 76.58 -25.99
N GLU F 1456 77.39 75.84 -25.45
CA GLU F 1456 77.90 76.18 -24.12
C GLU F 1456 78.59 77.53 -24.11
N ALA F 1457 79.34 77.83 -25.18
CA ALA F 1457 79.94 79.16 -25.29
C ALA F 1457 78.87 80.25 -25.28
N GLN F 1458 77.82 80.05 -26.08
CA GLN F 1458 76.72 81.03 -26.11
C GLN F 1458 76.04 81.13 -24.75
N ILE F 1459 75.91 80.00 -24.05
CA ILE F 1459 75.21 79.99 -22.77
C ILE F 1459 76.02 80.74 -21.71
N LYS F 1460 77.35 80.54 -21.70
CA LYS F 1460 78.15 81.26 -20.71
C LYS F 1460 78.20 82.76 -21.03
N ASP F 1461 78.20 83.11 -22.32
CA ASP F 1461 78.08 84.53 -22.68
C ASP F 1461 76.76 85.10 -22.17
N TRP F 1462 75.66 84.38 -22.37
CA TRP F 1462 74.37 84.82 -21.86
C TRP F 1462 74.39 84.95 -20.34
N VAL F 1463 75.03 84.00 -19.66
CA VAL F 1463 75.07 84.02 -18.21
C VAL F 1463 75.82 85.24 -17.70
N GLU F 1464 76.97 85.57 -18.31
CA GLU F 1464 77.70 86.74 -17.83
C GLU F 1464 76.99 88.03 -18.19
N ASN F 1465 76.29 88.06 -19.33
CA ASN F 1465 75.44 89.22 -19.64
C ASN F 1465 74.36 89.41 -18.58
N GLU F 1466 73.67 88.33 -18.22
CA GLU F 1466 72.61 88.44 -17.23
C GLU F 1466 73.18 88.77 -15.85
N LEU F 1467 74.39 88.29 -15.55
CA LEU F 1467 75.02 88.63 -14.29
C LEU F 1467 75.36 90.12 -14.23
N GLU F 1468 75.84 90.69 -15.33
CA GLU F 1468 76.11 92.13 -15.32
C GLU F 1468 74.82 92.94 -15.21
N ALA F 1469 73.74 92.47 -15.86
CA ALA F 1469 72.45 93.13 -15.71
C ALA F 1469 71.97 93.06 -14.26
N LEU F 1470 72.16 91.91 -13.62
CA LEU F 1470 71.81 91.77 -12.20
C LEU F 1470 72.67 92.67 -11.32
N LYS F 1471 73.94 92.83 -11.66
CA LYS F 1471 74.79 93.74 -10.90
C LYS F 1471 74.27 95.18 -11.00
N LEU F 1472 73.84 95.58 -12.20
CA LEU F 1472 73.25 96.90 -12.35
C LEU F 1472 71.96 97.04 -11.54
N GLU F 1473 71.12 95.99 -11.55
CA GLU F 1473 69.90 96.04 -10.77
C GLU F 1473 70.20 96.11 -9.27
N ALA F 1474 71.26 95.43 -8.84
CA ALA F 1474 71.65 95.49 -7.43
C ALA F 1474 72.19 96.87 -7.07
N GLU F 1475 72.88 97.52 -8.01
CA GLU F 1475 73.27 98.90 -7.80
C GLU F 1475 72.06 99.80 -7.66
N GLU F 1476 71.02 99.54 -8.46
CA GLU F 1476 69.81 100.35 -8.40
C GLU F 1476 69.07 100.16 -7.07
N ILE F 1477 68.88 98.92 -6.66
CA ILE F 1477 68.06 98.61 -5.48
C ILE F 1477 68.77 99.11 -4.23
N PRO F 1478 68.06 99.54 -3.18
CA PRO F 1478 68.76 99.93 -1.95
C PRO F 1478 69.53 98.77 -1.34
N SER F 1479 70.65 99.11 -0.69
CA SER F 1479 71.54 98.11 -0.12
C SER F 1479 70.97 97.42 1.12
N GLU F 1480 69.85 97.92 1.65
CA GLU F 1480 69.31 97.33 2.89
C GLU F 1480 68.90 95.88 2.68
N ASP F 1481 68.18 95.60 1.60
CA ASP F 1481 67.68 94.27 1.29
C ASP F 1481 68.41 93.69 0.08
N GLN F 1482 69.70 93.96 -0.03
CA GLN F 1482 70.46 93.53 -1.20
C GLN F 1482 70.82 92.04 -1.15
N ASN F 1483 71.07 91.49 0.04
CA ASN F 1483 71.54 90.11 0.14
C ASN F 1483 70.47 89.14 -0.34
N GLU F 1484 69.24 89.29 0.12
CA GLU F 1484 68.17 88.38 -0.28
C GLU F 1484 67.90 88.49 -1.78
N PHE F 1485 67.90 89.72 -2.30
CA PHE F 1485 67.70 89.92 -3.74
C PHE F 1485 68.79 89.21 -4.54
N LEU F 1486 70.05 89.39 -4.13
CA LEU F 1486 71.16 88.76 -4.84
C LEU F 1486 71.06 87.24 -4.77
N LEU F 1487 70.71 86.70 -3.60
CA LEU F 1487 70.61 85.24 -3.48
C LEU F 1487 69.50 84.69 -4.36
N GLU F 1488 68.31 85.31 -4.32
CA GLU F 1488 67.20 84.84 -5.13
C GLU F 1488 67.55 84.90 -6.61
N ARG F 1489 68.11 86.01 -7.07
CA ARG F 1489 68.39 86.17 -8.48
C ARG F 1489 69.55 85.30 -8.93
N THR F 1490 70.55 85.09 -8.06
CA THR F 1490 71.63 84.17 -8.40
C THR F 1490 71.12 82.76 -8.56
N ARG F 1491 70.24 82.32 -7.66
CA ARG F 1491 69.64 81.00 -7.80
C ARG F 1491 68.83 80.91 -9.09
N GLU F 1492 68.09 81.97 -9.42
CA GLU F 1492 67.29 81.96 -10.64
C GLU F 1492 68.17 81.88 -11.88
N ILE F 1493 69.26 82.64 -11.91
CA ILE F 1493 70.15 82.60 -13.07
C ILE F 1493 70.84 81.25 -13.17
N HIS F 1494 71.21 80.66 -12.03
CA HIS F 1494 71.82 79.34 -12.08
C HIS F 1494 70.83 78.32 -12.63
N ASN F 1495 69.58 78.38 -12.21
CA ASN F 1495 68.56 77.49 -12.74
C ASN F 1495 68.38 77.70 -14.24
N GLU F 1496 68.34 78.95 -14.68
CA GLU F 1496 68.15 79.23 -16.10
C GLU F 1496 69.32 78.73 -16.93
N ALA F 1497 70.55 78.96 -16.45
CA ALA F 1497 71.73 78.50 -17.18
C ALA F 1497 71.75 76.98 -17.26
N GLU F 1498 71.44 76.30 -16.14
CA GLU F 1498 71.40 74.85 -16.16
C GLU F 1498 70.33 74.35 -17.13
N SER F 1499 69.16 75.00 -17.12
CA SER F 1499 68.10 74.62 -18.04
C SER F 1499 68.55 74.76 -19.49
N GLN F 1500 69.22 75.85 -19.82
CA GLN F 1500 69.68 76.05 -21.19
C GLN F 1500 70.74 75.01 -21.56
N LEU F 1501 71.65 74.69 -20.64
CA LEU F 1501 72.67 73.69 -20.93
C LEU F 1501 72.04 72.33 -21.19
N ARG F 1502 71.15 71.88 -20.31
CA ARG F 1502 70.51 70.58 -20.52
C ARG F 1502 69.59 70.61 -21.74
N ALA F 1503 69.06 71.78 -22.10
CA ALA F 1503 68.30 71.87 -23.34
C ALA F 1503 69.18 71.65 -24.55
N ALA F 1504 70.36 72.27 -24.56
CA ALA F 1504 71.32 72.03 -25.64
C ALA F 1504 71.74 70.56 -25.68
N GLN F 1505 71.96 69.98 -24.50
CA GLN F 1505 72.35 68.57 -24.44
C GLN F 1505 71.23 67.67 -24.94
N GLN F 1506 69.98 68.03 -24.67
CA GLN F 1506 68.85 67.27 -25.22
C GLN F 1506 68.80 67.42 -26.73
N GLN F 1507 69.07 68.62 -27.23
CA GLN F 1507 68.94 68.88 -28.66
C GLN F 1507 70.03 68.15 -29.45
N TRP F 1508 71.26 68.10 -28.91
CA TRP F 1508 72.39 67.56 -29.65
C TRP F 1508 72.86 66.19 -29.18
N GLY F 1509 72.36 65.69 -28.05
CA GLY F 1509 72.84 64.44 -27.50
C GLY F 1509 71.77 63.39 -27.31
N ASN F 1510 70.54 63.81 -27.04
CA ASN F 1510 69.43 62.88 -26.77
C ASN F 1510 68.41 62.88 -27.89
N ASP F 1511 67.88 64.05 -28.25
CA ASP F 1511 66.78 64.17 -29.20
C ASP F 1511 67.23 64.74 -30.54
N PHE F 1512 68.45 64.41 -30.96
CA PHE F 1512 68.94 64.89 -32.25
C PHE F 1512 68.20 64.24 -33.41
N TYR F 1513 67.46 63.15 -33.17
CA TYR F 1513 66.89 62.32 -34.22
C TYR F 1513 65.37 62.28 -34.21
N LYS F 1514 64.72 62.90 -33.23
CA LYS F 1514 63.26 62.92 -33.20
C LYS F 1514 62.72 63.59 -34.46
N ARG F 1515 63.54 64.39 -35.11
CA ARG F 1515 63.12 65.26 -36.19
C ARG F 1515 63.58 64.75 -37.55
N ASP F 1516 64.85 64.40 -37.66
CA ASP F 1516 65.44 63.97 -38.92
C ASP F 1516 64.73 62.71 -39.38
N PRO F 1517 63.86 62.77 -40.40
CA PRO F 1517 63.18 61.54 -40.83
C PRO F 1517 64.13 60.51 -41.41
N ARG F 1518 65.39 60.88 -41.69
CA ARG F 1518 66.38 59.95 -42.17
C ARG F 1518 66.94 59.06 -41.06
N ILE F 1519 66.60 59.33 -39.80
CA ILE F 1519 67.03 58.51 -38.67
C ILE F 1519 65.78 57.90 -38.04
N ALA F 1520 65.74 56.58 -37.98
CA ALA F 1520 64.62 55.91 -37.34
C ALA F 1520 64.71 56.07 -35.82
N PRO F 1521 63.60 55.88 -35.10
CA PRO F 1521 63.70 55.90 -33.63
C PRO F 1521 64.68 54.87 -33.10
N LEU F 1522 64.72 53.68 -33.69
CA LEU F 1522 65.63 52.64 -33.23
C LEU F 1522 67.09 53.03 -33.49
N ARG F 1523 67.38 53.46 -34.72
CA ARG F 1523 68.75 53.86 -35.05
C ARG F 1523 69.19 55.04 -34.21
N GLY F 1524 68.29 55.99 -33.97
CA GLY F 1524 68.65 57.14 -33.17
C GLY F 1524 68.89 56.79 -31.71
N ALA F 1525 68.06 55.91 -31.16
CA ALA F 1525 68.27 55.46 -29.79
C ALA F 1525 69.61 54.75 -29.65
N LEU F 1526 69.96 53.93 -30.65
CA LEU F 1526 71.27 53.29 -30.61
C LEU F 1526 72.39 54.32 -30.75
N ALA F 1527 72.24 55.27 -31.67
CA ALA F 1527 73.31 56.22 -31.95
C ALA F 1527 73.47 57.26 -30.86
N THR F 1528 72.50 57.39 -29.97
CA THR F 1528 72.65 58.29 -28.82
C THR F 1528 73.89 57.95 -28.02
N TYR F 1529 74.22 56.66 -27.91
CA TYR F 1529 75.36 56.19 -27.14
C TYR F 1529 76.50 55.71 -28.02
N GLY F 1530 76.55 56.14 -29.29
CA GLY F 1530 77.60 55.76 -30.20
C GLY F 1530 77.44 54.39 -30.82
N LEU F 1531 76.36 53.68 -30.51
CA LEU F 1531 76.14 52.36 -31.08
C LEU F 1531 75.53 52.47 -32.46
N THR F 1532 75.57 51.36 -33.19
CA THR F 1532 75.00 51.23 -34.52
C THR F 1532 73.97 50.11 -34.51
N ILE F 1533 73.28 49.97 -35.65
CA ILE F 1533 72.29 48.90 -35.78
C ILE F 1533 72.93 47.55 -35.52
N ASP F 1534 74.14 47.34 -36.05
CA ASP F 1534 74.86 46.09 -35.86
C ASP F 1534 75.16 45.81 -34.40
N ASP F 1535 75.17 46.84 -33.55
CA ASP F 1535 75.45 46.63 -32.13
C ASP F 1535 74.25 46.08 -31.37
N LEU F 1536 73.08 45.95 -32.01
CA LEU F 1536 71.94 45.31 -31.37
C LEU F 1536 72.05 43.81 -31.57
N GLY F 1537 72.85 43.20 -30.69
CA GLY F 1537 73.25 41.81 -30.87
C GLY F 1537 72.26 40.78 -30.37
N VAL F 1538 71.29 41.16 -29.58
CA VAL F 1538 70.35 40.22 -28.96
C VAL F 1538 68.95 40.78 -29.05
N ALA F 1539 67.98 39.89 -29.27
CA ALA F 1539 66.58 40.27 -29.34
C ALA F 1539 65.79 39.33 -28.45
N SER F 1540 65.30 39.85 -27.32
CA SER F 1540 64.41 39.09 -26.44
C SER F 1540 63.05 39.04 -27.12
N PHE F 1541 62.81 37.95 -27.84
CA PHE F 1541 61.56 37.76 -28.54
C PHE F 1541 60.43 37.54 -27.55
N HIS F 1542 59.23 37.96 -27.95
CA HIS F 1542 58.03 37.55 -27.23
C HIS F 1542 58.01 36.04 -27.06
N GLY F 1543 58.21 35.29 -28.14
CA GLY F 1543 58.42 33.87 -28.06
C GLY F 1543 57.28 33.13 -27.40
N THR F 1544 56.05 33.45 -27.79
CA THR F 1544 54.89 32.88 -27.11
C THR F 1544 54.61 31.44 -27.50
N SER F 1545 55.34 30.88 -28.48
CA SER F 1545 55.18 29.49 -28.90
C SER F 1545 53.83 29.26 -29.58
N THR F 1546 53.44 30.21 -30.42
CA THR F 1546 52.29 30.06 -31.30
C THR F 1546 52.74 30.38 -32.72
N LYS F 1547 52.09 29.72 -33.69
CA LYS F 1547 52.53 29.81 -35.07
C LYS F 1547 52.50 31.26 -35.56
N ALA F 1548 51.33 31.90 -35.44
CA ALA F 1548 51.17 33.24 -35.98
C ALA F 1548 52.09 34.22 -35.30
N ASN F 1549 52.17 34.17 -33.97
CA ASN F 1549 52.97 35.15 -33.24
C ASN F 1549 54.45 34.98 -33.55
N ASP F 1550 54.95 33.75 -33.54
CA ASP F 1550 56.38 33.55 -33.79
C ASP F 1550 56.75 33.95 -35.20
N LYS F 1551 55.94 33.56 -36.19
CA LYS F 1551 56.24 33.95 -37.57
C LYS F 1551 56.18 35.47 -37.72
N ASN F 1552 55.15 36.10 -37.17
CA ASN F 1552 55.00 37.53 -37.30
C ASN F 1552 56.14 38.28 -36.63
N GLU F 1553 56.57 37.82 -35.47
CA GLU F 1553 57.64 38.51 -34.75
C GLU F 1553 58.97 38.35 -35.45
N SER F 1554 59.27 37.14 -35.93
CA SER F 1554 60.49 36.96 -36.70
C SER F 1554 60.49 37.83 -37.94
N ALA F 1555 59.33 37.92 -38.62
CA ALA F 1555 59.24 38.79 -39.79
C ALA F 1555 59.42 40.24 -39.42
N THR F 1556 58.85 40.68 -38.28
CA THR F 1556 59.00 42.06 -37.87
C THR F 1556 60.45 42.40 -37.56
N ILE F 1557 61.15 41.53 -36.83
CA ILE F 1557 62.55 41.77 -36.53
C ILE F 1557 63.38 41.77 -37.81
N ASN F 1558 63.08 40.84 -38.71
CA ASN F 1558 63.83 40.79 -39.98
C ASN F 1558 63.60 42.05 -40.79
N GLU F 1559 62.37 42.57 -40.83
CA GLU F 1559 62.09 43.77 -41.60
C GLU F 1559 62.75 44.98 -40.96
N MET F 1560 62.74 45.08 -39.63
CA MET F 1560 63.50 46.13 -38.96
C MET F 1560 64.96 46.06 -39.34
N MET F 1561 65.54 44.85 -39.32
CA MET F 1561 66.97 44.70 -39.54
C MET F 1561 67.32 45.00 -40.99
N LYS F 1562 66.43 44.65 -41.92
CA LYS F 1562 66.61 45.00 -43.33
C LYS F 1562 66.56 46.51 -43.52
N HIS F 1563 65.51 47.16 -43.01
CA HIS F 1563 65.33 48.58 -43.29
C HIS F 1563 66.42 49.42 -42.64
N LEU F 1564 66.84 49.06 -41.43
CA LEU F 1564 67.88 49.81 -40.75
C LEU F 1564 69.28 49.49 -41.27
N GLY F 1565 69.39 48.73 -42.36
CA GLY F 1565 70.67 48.53 -43.02
C GLY F 1565 71.67 47.75 -42.20
N ARG F 1566 71.21 46.73 -41.49
CA ARG F 1566 72.11 45.87 -40.74
C ARG F 1566 73.00 45.09 -41.70
N SER F 1567 74.26 44.89 -41.30
CA SER F 1567 75.19 44.16 -42.14
C SER F 1567 74.72 42.73 -42.34
N GLU F 1568 74.77 42.27 -43.59
CA GLU F 1568 74.40 40.91 -43.91
C GLU F 1568 75.43 39.94 -43.33
N GLY F 1569 74.94 38.87 -42.73
CA GLY F 1569 75.76 37.99 -41.92
C GLY F 1569 75.87 38.39 -40.47
N ASN F 1570 75.00 39.28 -40.00
CA ASN F 1570 74.97 39.70 -38.59
C ASN F 1570 73.56 39.54 -38.04
N PRO F 1571 73.08 38.31 -37.93
CA PRO F 1571 71.76 38.10 -37.35
C PRO F 1571 71.72 38.49 -35.89
N VAL F 1572 70.57 39.02 -35.48
CA VAL F 1572 70.30 39.25 -34.07
C VAL F 1572 70.00 37.90 -33.42
N ILE F 1573 70.61 37.65 -32.28
CA ILE F 1573 70.46 36.37 -31.58
C ILE F 1573 69.16 36.44 -30.79
N GLY F 1574 68.19 35.59 -31.14
CA GLY F 1574 66.90 35.64 -30.50
C GLY F 1574 66.87 34.83 -29.22
N VAL F 1575 66.41 35.47 -28.15
CA VAL F 1575 66.26 34.85 -26.84
C VAL F 1575 64.77 34.64 -26.62
N PHE F 1576 64.39 33.38 -26.43
CA PHE F 1576 63.01 32.99 -26.13
C PHE F 1576 63.00 32.51 -24.69
N GLN F 1577 62.44 33.33 -23.79
CA GLN F 1577 62.41 33.02 -22.37
C GLN F 1577 61.17 32.25 -21.95
N LYS F 1578 60.09 32.31 -22.74
CA LYS F 1578 58.85 31.64 -22.36
C LYS F 1578 58.92 30.13 -22.52
N PHE F 1579 59.99 29.60 -23.13
CA PHE F 1579 60.19 28.16 -23.13
C PHE F 1579 60.33 27.62 -21.72
N LEU F 1580 60.82 28.43 -20.79
CA LEU F 1580 61.11 28.02 -19.42
C LEU F 1580 60.11 28.58 -18.42
N THR F 1581 59.85 29.87 -18.47
CA THR F 1581 58.96 30.54 -17.53
C THR F 1581 57.51 30.56 -17.98
N GLY F 1582 57.22 30.10 -19.19
CA GLY F 1582 55.87 30.18 -19.71
C GLY F 1582 55.49 31.60 -20.07
N HIS F 1583 54.21 31.78 -20.35
CA HIS F 1583 53.66 33.04 -20.84
C HIS F 1583 52.69 33.60 -19.79
N PRO F 1584 53.12 34.60 -19.02
CA PRO F 1584 52.16 35.35 -18.20
C PRO F 1584 51.51 36.45 -19.00
N LYS F 1585 50.27 36.77 -18.64
CA LYS F 1585 49.45 37.69 -19.43
C LYS F 1585 49.70 39.13 -19.02
N GLY F 1586 50.97 39.52 -19.01
CA GLY F 1586 51.33 40.88 -18.63
C GLY F 1586 52.63 41.00 -17.86
N ALA F 1587 53.03 39.95 -17.14
CA ALA F 1587 54.38 39.91 -16.59
C ALA F 1587 55.40 39.50 -17.65
N ALA F 1588 54.96 39.28 -18.89
CA ALA F 1588 55.85 38.74 -19.91
C ALA F 1588 56.98 39.70 -20.20
N GLY F 1589 56.66 40.88 -20.73
CA GLY F 1589 57.70 41.83 -21.10
C GLY F 1589 58.57 42.23 -19.92
N ALA F 1590 58.02 42.16 -18.71
CA ALA F 1590 58.83 42.46 -17.53
C ALA F 1590 59.86 41.37 -17.29
N TRP F 1591 59.45 40.10 -17.42
CA TRP F 1591 60.41 39.00 -17.30
C TRP F 1591 61.45 39.08 -18.41
N MET F 1592 61.04 39.44 -19.62
CA MET F 1592 62.00 39.57 -20.71
C MET F 1592 62.93 40.75 -20.51
N MET F 1593 62.46 41.83 -19.88
CA MET F 1593 63.39 42.91 -19.53
C MET F 1593 64.38 42.46 -18.46
N ASN F 1594 63.92 41.71 -17.47
CA ASN F 1594 64.84 41.20 -16.46
C ASN F 1594 65.90 40.31 -17.10
N GLY F 1595 65.45 39.41 -17.99
CA GLY F 1595 66.40 38.56 -18.69
C GLY F 1595 67.34 39.35 -19.59
N ALA F 1596 66.83 40.40 -20.24
CA ALA F 1596 67.67 41.22 -21.10
C ALA F 1596 68.73 41.96 -20.30
N LEU F 1597 68.35 42.50 -19.13
CA LEU F 1597 69.32 43.17 -18.27
C LEU F 1597 70.38 42.18 -17.80
N GLN F 1598 69.96 40.97 -17.43
CA GLN F 1598 70.92 39.97 -17.01
C GLN F 1598 71.85 39.57 -18.16
N ILE F 1599 71.29 39.45 -19.37
CA ILE F 1599 72.11 39.17 -20.55
C ILE F 1599 73.13 40.27 -20.76
N LEU F 1600 72.71 41.53 -20.62
CA LEU F 1600 73.62 42.65 -20.80
C LEU F 1600 74.74 42.61 -19.79
N ASN F 1601 74.41 42.36 -18.52
CA ASN F 1601 75.40 42.49 -17.47
C ASN F 1601 76.34 41.28 -17.44
N SER F 1602 75.85 40.10 -17.81
CA SER F 1602 76.65 38.89 -17.77
C SER F 1602 77.33 38.56 -19.09
N GLY F 1603 76.89 39.14 -20.20
CA GLY F 1603 77.39 38.75 -21.49
C GLY F 1603 76.99 37.35 -21.90
N ILE F 1604 75.96 36.79 -21.28
CA ILE F 1604 75.54 35.42 -21.49
C ILE F 1604 74.16 35.44 -22.14
N ILE F 1605 74.02 34.76 -23.26
CA ILE F 1605 72.78 34.70 -24.02
C ILE F 1605 72.17 33.31 -23.80
N PRO F 1606 71.10 33.17 -23.01
CA PRO F 1606 70.52 31.84 -22.83
C PRO F 1606 69.95 31.29 -24.12
N GLY F 1607 69.98 29.95 -24.23
CA GLY F 1607 69.45 29.27 -25.38
C GLY F 1607 68.07 28.68 -25.11
N ASN F 1608 67.27 28.61 -26.17
CA ASN F 1608 65.93 28.02 -26.09
C ASN F 1608 66.10 26.51 -26.10
N ARG F 1609 66.21 25.94 -24.90
CA ARG F 1609 66.50 24.51 -24.81
C ARG F 1609 65.35 23.66 -25.34
N ASN F 1610 64.15 24.21 -25.42
CA ASN F 1610 63.03 23.51 -26.03
C ASN F 1610 62.99 23.66 -27.55
N ALA F 1611 63.94 24.39 -28.13
CA ALA F 1611 64.00 24.55 -29.59
C ALA F 1611 64.49 23.24 -30.19
N ASP F 1612 63.60 22.25 -30.21
CA ASP F 1612 63.97 20.95 -30.73
C ASP F 1612 64.34 21.03 -32.20
N ASN F 1613 63.56 21.77 -32.98
CA ASN F 1613 63.78 21.91 -34.41
C ASN F 1613 63.19 23.24 -34.85
N VAL F 1614 64.05 24.19 -35.23
CA VAL F 1614 63.59 25.50 -35.64
C VAL F 1614 62.74 25.36 -36.90
N ASP F 1615 61.65 26.12 -36.95
CA ASP F 1615 60.73 26.02 -38.08
C ASP F 1615 61.42 26.41 -39.37
N LYS F 1616 61.19 25.60 -40.42
CA LYS F 1616 61.78 25.89 -41.72
C LYS F 1616 61.29 27.22 -42.26
N ILE F 1617 60.07 27.63 -41.90
CA ILE F 1617 59.54 28.91 -42.37
C ILE F 1617 60.38 30.07 -41.84
N LEU F 1618 61.06 29.87 -40.70
CA LEU F 1618 61.87 30.92 -40.11
C LEU F 1618 63.25 31.05 -40.75
N GLU F 1619 63.60 30.16 -41.69
CA GLU F 1619 64.91 30.27 -42.34
C GLU F 1619 64.97 31.50 -43.24
N GLN F 1620 63.83 31.94 -43.79
CA GLN F 1620 63.83 33.10 -44.67
C GLN F 1620 64.30 34.36 -43.98
N PHE F 1621 64.16 34.44 -42.66
CA PHE F 1621 64.58 35.62 -41.90
C PHE F 1621 66.06 35.49 -41.59
N GLU F 1622 66.88 35.89 -42.56
CA GLU F 1622 68.33 35.71 -42.46
C GLU F 1622 68.93 36.54 -41.34
N TYR F 1623 68.24 37.56 -40.85
CA TYR F 1623 68.74 38.45 -39.81
C TYR F 1623 68.34 38.00 -38.41
N VAL F 1624 67.81 36.79 -38.25
CA VAL F 1624 67.43 36.24 -36.96
C VAL F 1624 68.12 34.90 -36.77
N LEU F 1625 68.71 34.70 -35.59
CA LEU F 1625 69.28 33.43 -35.20
C LEU F 1625 68.49 32.87 -34.02
N TYR F 1626 68.38 31.55 -33.96
CA TYR F 1626 67.55 30.85 -32.97
C TYR F 1626 68.42 29.85 -32.22
N PRO F 1627 69.22 30.29 -31.25
CA PRO F 1627 70.06 29.34 -30.52
C PRO F 1627 69.25 28.41 -29.65
N SER F 1628 69.81 27.22 -29.41
CA SER F 1628 69.24 26.22 -28.52
C SER F 1628 70.04 26.00 -27.26
N LYS F 1629 71.28 26.49 -27.20
CA LYS F 1629 72.12 26.36 -26.01
C LYS F 1629 72.73 27.72 -25.69
N THR F 1630 73.05 27.89 -24.41
CA THR F 1630 73.56 29.17 -23.93
C THR F 1630 74.88 29.52 -24.60
N LEU F 1631 75.09 30.81 -24.83
CA LEU F 1631 76.29 31.33 -25.46
C LEU F 1631 76.99 32.29 -24.52
N LYS F 1632 78.26 32.03 -24.24
CA LYS F 1632 79.08 32.89 -23.39
C LYS F 1632 79.67 33.98 -24.29
N THR F 1633 78.84 34.96 -24.62
CA THR F 1633 79.27 36.03 -25.51
C THR F 1633 80.26 36.92 -24.77
N ASP F 1634 81.16 37.56 -25.53
CA ASP F 1634 82.20 38.41 -24.97
C ASP F 1634 81.72 39.84 -24.73
N GLY F 1635 80.42 40.04 -24.53
CA GLY F 1635 79.85 41.36 -24.35
C GLY F 1635 78.64 41.59 -25.22
N VAL F 1636 77.52 41.98 -24.62
CA VAL F 1636 76.30 42.35 -25.32
C VAL F 1636 76.12 43.86 -25.14
N ARG F 1637 76.01 44.57 -26.27
CA ARG F 1637 75.89 46.03 -26.23
C ARG F 1637 74.44 46.45 -25.99
N ALA F 1638 73.50 45.92 -26.77
CA ALA F 1638 72.10 46.28 -26.68
C ALA F 1638 71.23 45.05 -26.89
N VAL F 1639 70.04 45.12 -26.31
CA VAL F 1639 69.06 44.03 -26.37
C VAL F 1639 67.71 44.63 -26.74
N SER F 1640 67.03 44.01 -27.71
CA SER F 1640 65.73 44.46 -28.19
C SER F 1640 64.64 43.55 -27.66
N ILE F 1641 63.84 44.05 -26.73
CA ILE F 1641 62.75 43.29 -26.12
C ILE F 1641 61.50 43.61 -26.90
N THR F 1642 60.83 42.59 -27.43
CA THR F 1642 59.64 42.81 -28.25
C THR F 1642 58.47 41.98 -27.72
N SER F 1643 57.32 42.63 -27.54
CA SER F 1643 56.12 42.00 -27.01
C SER F 1643 54.94 42.30 -27.92
N PHE F 1644 53.99 41.37 -27.97
CA PHE F 1644 52.78 41.50 -28.80
C PHE F 1644 51.61 40.97 -27.98
N GLY F 1645 50.86 41.87 -27.37
CA GLY F 1645 49.66 41.50 -26.66
C GLY F 1645 48.41 41.61 -27.50
N PHE F 1646 47.37 40.91 -27.04
CA PHE F 1646 46.07 40.95 -27.69
C PHE F 1646 45.57 42.39 -27.76
N GLY F 1647 44.69 42.65 -28.71
CA GLY F 1647 44.27 44.01 -28.98
C GLY F 1647 45.30 44.82 -29.73
N GLN F 1648 46.14 44.15 -30.53
CA GLN F 1648 47.14 44.82 -31.36
C GLN F 1648 48.12 45.63 -30.52
N LYS F 1649 48.50 45.09 -29.35
CA LYS F 1649 49.39 45.81 -28.44
C LYS F 1649 50.83 45.42 -28.76
N GLY F 1650 51.37 45.96 -29.84
CA GLY F 1650 52.76 45.77 -30.19
C GLY F 1650 53.61 46.69 -29.33
N GLY F 1651 54.79 46.23 -28.96
CA GLY F 1651 55.68 47.03 -28.13
C GLY F 1651 57.11 46.60 -28.30
N GLN F 1652 58.00 47.57 -28.33
CA GLN F 1652 59.42 47.32 -28.39
C GLN F 1652 60.14 48.18 -27.37
N ALA F 1653 61.21 47.64 -26.82
CA ALA F 1653 62.10 48.36 -25.92
C ALA F 1653 63.53 47.99 -26.27
N ILE F 1654 64.44 48.92 -26.01
CA ILE F 1654 65.86 48.72 -26.26
C ILE F 1654 66.61 49.00 -24.97
N VAL F 1655 67.37 48.02 -24.51
CA VAL F 1655 68.18 48.14 -23.29
C VAL F 1655 69.63 48.13 -23.73
N VAL F 1656 70.33 49.24 -23.52
CA VAL F 1656 71.74 49.36 -23.86
C VAL F 1656 72.55 49.01 -22.62
N HIS F 1657 73.77 48.54 -22.85
CA HIS F 1657 74.64 48.17 -21.74
C HIS F 1657 74.89 49.39 -20.85
N PRO F 1658 74.87 49.23 -19.51
CA PRO F 1658 75.06 50.40 -18.65
C PRO F 1658 76.41 51.07 -18.82
N ASP F 1659 77.43 50.38 -19.32
CA ASP F 1659 78.76 50.95 -19.37
C ASP F 1659 78.84 52.08 -20.40
N TYR F 1660 77.91 52.12 -21.35
CA TYR F 1660 77.90 53.22 -22.30
C TYR F 1660 77.40 54.51 -21.65
N LEU F 1661 76.74 54.41 -20.49
CA LEU F 1661 76.38 55.60 -19.74
C LEU F 1661 77.61 56.23 -19.09
N TYR F 1662 78.48 55.40 -18.51
CA TYR F 1662 79.59 55.91 -17.72
C TYR F 1662 80.62 56.63 -18.56
N GLY F 1663 80.59 56.45 -19.88
CA GLY F 1663 81.42 57.26 -20.76
C GLY F 1663 80.93 58.67 -20.96
N ALA F 1664 79.75 58.98 -20.46
CA ALA F 1664 79.18 60.32 -20.57
C ALA F 1664 79.46 61.19 -19.35
N ILE F 1665 80.22 60.69 -18.37
CA ILE F 1665 80.51 61.44 -17.16
C ILE F 1665 82.02 61.53 -16.97
N THR F 1666 82.45 62.35 -16.00
CA THR F 1666 83.86 62.57 -15.74
C THR F 1666 84.44 61.46 -14.88
N GLU F 1667 85.76 61.48 -14.74
CA GLU F 1667 86.43 60.47 -13.93
C GLU F 1667 86.05 60.60 -12.46
N ASP F 1668 86.05 61.83 -11.93
CA ASP F 1668 85.74 62.01 -10.51
C ASP F 1668 84.29 61.64 -10.22
N ARG F 1669 83.37 62.04 -11.09
CA ARG F 1669 81.97 61.68 -10.91
C ARG F 1669 81.79 60.17 -10.94
N TYR F 1670 82.46 59.50 -11.89
CA TYR F 1670 82.37 58.04 -11.96
C TYR F 1670 82.95 57.40 -10.72
N ASN F 1671 84.06 57.92 -10.20
CA ASN F 1671 84.69 57.32 -9.02
C ASN F 1671 83.80 57.45 -7.79
N GLU F 1672 83.22 58.64 -7.59
CA GLU F 1672 82.33 58.80 -6.45
C GLU F 1672 81.07 57.95 -6.60
N TYR F 1673 80.56 57.83 -7.83
CA TYR F 1673 79.43 56.94 -8.07
C TYR F 1673 79.78 55.50 -7.75
N VAL F 1674 80.97 55.06 -8.14
CA VAL F 1674 81.39 53.68 -7.87
C VAL F 1674 81.52 53.44 -6.37
N ALA F 1675 82.09 54.41 -5.65
CA ALA F 1675 82.20 54.28 -4.20
C ALA F 1675 80.81 54.19 -3.55
N LYS F 1676 79.89 55.05 -3.98
CA LYS F 1676 78.55 55.01 -3.42
C LYS F 1676 77.86 53.69 -3.73
N VAL F 1677 78.06 53.16 -4.94
CA VAL F 1677 77.43 51.90 -5.32
C VAL F 1677 78.03 50.75 -4.52
N SER F 1678 79.34 50.79 -4.26
CA SER F 1678 79.95 49.74 -3.43
C SER F 1678 79.37 49.74 -2.03
N ALA F 1679 79.28 50.94 -1.41
CA ALA F 1679 78.70 51.03 -0.08
C ALA F 1679 77.26 50.58 -0.08
N ARG F 1680 76.49 50.99 -1.09
CA ARG F 1680 75.09 50.60 -1.17
C ARG F 1680 74.94 49.11 -1.40
N GLU F 1681 75.84 48.51 -2.17
CA GLU F 1681 75.77 47.08 -2.40
C GLU F 1681 76.03 46.32 -1.11
N LYS F 1682 77.00 46.78 -0.32
CA LYS F 1682 77.24 46.14 0.98
C LYS F 1682 76.02 46.25 1.88
N SER F 1683 75.44 47.46 1.94
CA SER F 1683 74.25 47.66 2.77
C SER F 1683 73.09 46.79 2.29
N ALA F 1684 72.90 46.71 0.97
CA ALA F 1684 71.83 45.91 0.41
C ALA F 1684 72.06 44.42 0.68
N TYR F 1685 73.31 43.98 0.62
CA TYR F 1685 73.61 42.59 0.91
C TYR F 1685 73.24 42.24 2.34
N LYS F 1686 73.66 43.07 3.31
CA LYS F 1686 73.33 42.77 4.69
C LYS F 1686 71.82 42.81 4.91
N PHE F 1687 71.14 43.80 4.32
CA PHE F 1687 69.69 43.87 4.46
C PHE F 1687 69.02 42.64 3.86
N PHE F 1688 69.45 42.23 2.66
CA PHE F 1688 68.82 41.12 1.99
C PHE F 1688 69.00 39.83 2.77
N HIS F 1689 70.20 39.59 3.29
CA HIS F 1689 70.43 38.34 4.00
C HIS F 1689 69.72 38.33 5.35
N ASN F 1690 69.73 39.45 6.06
CA ASN F 1690 68.94 39.55 7.30
C ASN F 1690 67.47 39.28 7.03
N GLY F 1691 66.90 39.94 6.02
CA GLY F 1691 65.49 39.75 5.73
C GLY F 1691 65.17 38.36 5.23
N MET F 1692 66.12 37.74 4.51
CA MET F 1692 65.90 36.38 4.06
C MET F 1692 65.84 35.42 5.25
N ILE F 1693 66.82 35.49 6.15
CA ILE F 1693 66.85 34.52 7.23
C ILE F 1693 65.69 34.74 8.19
N TYR F 1694 65.32 36.01 8.45
CA TYR F 1694 64.26 36.31 9.42
C TYR F 1694 62.90 36.53 8.77
N ASN F 1695 62.75 36.28 7.47
CA ASN F 1695 61.47 36.40 6.78
C ASN F 1695 60.88 37.81 6.94
N LYS F 1696 61.73 38.81 6.74
CA LYS F 1696 61.34 40.21 6.86
C LYS F 1696 61.95 41.05 5.75
N LEU F 1697 61.98 40.51 4.53
CA LEU F 1697 62.38 41.31 3.38
C LEU F 1697 61.35 42.40 3.11
N PHE F 1698 60.07 42.06 3.18
CA PHE F 1698 58.99 43.02 3.04
C PHE F 1698 58.73 43.62 4.42
N VAL F 1699 59.09 44.89 4.59
CA VAL F 1699 58.83 45.64 5.81
C VAL F 1699 57.72 46.63 5.49
N SER F 1700 56.50 46.32 5.92
CA SER F 1700 55.39 47.24 5.74
C SER F 1700 55.62 48.49 6.56
N LYS F 1701 55.33 49.64 5.94
CA LYS F 1701 55.43 50.92 6.63
C LYS F 1701 54.14 51.13 7.41
N GLU F 1702 54.25 51.29 8.73
CA GLU F 1702 53.07 51.57 9.53
C GLU F 1702 52.63 53.02 9.36
N HIS F 1703 53.57 53.92 9.10
CA HIS F 1703 53.28 55.35 8.98
C HIS F 1703 53.96 55.92 7.74
N ALA F 1704 53.36 56.98 7.21
CA ALA F 1704 53.93 57.73 6.11
C ALA F 1704 55.15 58.51 6.60
N PRO F 1705 56.02 58.95 5.68
CA PRO F 1705 57.20 59.71 6.13
C PRO F 1705 56.86 61.11 6.63
N TYR F 1706 55.61 61.53 6.53
CA TYR F 1706 55.15 62.81 7.05
C TYR F 1706 53.91 62.58 7.90
N THR F 1707 53.75 63.40 8.94
CA THR F 1707 52.55 63.34 9.76
C THR F 1707 51.37 63.94 9.01
N ASP F 1708 50.17 63.70 9.54
CA ASP F 1708 48.97 64.23 8.89
C ASP F 1708 48.98 65.74 8.86
N GLU F 1709 49.48 66.38 9.92
CA GLU F 1709 49.52 67.84 9.95
C GLU F 1709 50.54 68.38 8.95
N LEU F 1710 51.61 67.64 8.70
CA LEU F 1710 52.66 68.06 7.77
C LEU F 1710 52.48 67.50 6.36
N GLU F 1711 51.46 66.66 6.14
CA GLU F 1711 51.24 66.09 4.82
C GLU F 1711 51.04 67.20 3.78
N GLU F 1712 50.19 68.18 4.10
CA GLU F 1712 49.87 69.23 3.14
C GLU F 1712 51.09 70.09 2.86
N ASP F 1713 51.86 70.43 3.90
CA ASP F 1713 53.07 71.23 3.69
C ASP F 1713 54.09 70.48 2.85
N VAL F 1714 54.25 69.18 3.10
CA VAL F 1714 55.19 68.39 2.32
C VAL F 1714 54.76 68.33 0.86
N TYR F 1715 53.46 68.15 0.62
CA TYR F 1715 52.95 68.16 -0.75
C TYR F 1715 53.22 69.49 -1.43
N LEU F 1716 53.01 70.59 -0.70
CA LEU F 1716 53.11 71.91 -1.31
C LEU F 1716 54.54 72.40 -1.45
N ASP F 1717 55.50 71.80 -0.74
CA ASP F 1717 56.91 72.19 -0.86
C ASP F 1717 57.60 71.26 -1.84
N PRO F 1718 58.05 71.73 -3.02
CA PRO F 1718 58.73 70.83 -3.94
C PRO F 1718 60.12 70.42 -3.49
N LEU F 1719 60.75 71.22 -2.63
CA LEU F 1719 62.11 70.95 -2.17
C LEU F 1719 62.15 70.20 -0.84
N ALA F 1720 61.00 69.79 -0.30
CA ALA F 1720 61.00 69.03 0.94
C ALA F 1720 61.64 67.67 0.73
N ARG F 1721 62.58 67.33 1.61
CA ARG F 1721 63.26 66.04 1.57
C ARG F 1721 63.29 65.46 2.97
N VAL F 1722 63.25 64.12 3.03
CA VAL F 1722 63.25 63.44 4.32
C VAL F 1722 64.65 63.50 4.92
N SER F 1723 64.70 63.42 6.25
CA SER F 1723 65.94 63.35 6.99
C SER F 1723 65.82 62.25 8.03
N LYS F 1724 66.96 61.77 8.50
CA LYS F 1724 66.98 60.75 9.53
C LYS F 1724 66.63 61.37 10.88
N ASP F 1725 65.52 60.94 11.47
CA ASP F 1725 65.13 61.43 12.78
C ASP F 1725 66.08 60.88 13.84
N LYS F 1726 66.60 61.77 14.69
CA LYS F 1726 67.56 61.34 15.71
C LYS F 1726 66.93 60.37 16.69
N LYS F 1727 65.65 60.55 17.00
CA LYS F 1727 65.00 59.70 18.00
C LYS F 1727 64.55 58.37 17.39
N SER F 1728 63.66 58.42 16.40
CA SER F 1728 63.12 57.18 15.83
C SER F 1728 64.15 56.48 14.96
N GLY F 1729 65.05 57.24 14.33
CA GLY F 1729 66.05 56.68 13.45
C GLY F 1729 65.58 56.43 12.03
N SER F 1730 64.29 56.67 11.74
CA SER F 1730 63.75 56.46 10.41
C SER F 1730 63.80 57.76 9.61
N LEU F 1731 63.61 57.64 8.30
CA LEU F 1731 63.60 58.78 7.41
C LEU F 1731 62.20 59.39 7.41
N THR F 1732 62.09 60.63 7.89
CA THR F 1732 60.81 61.31 8.00
C THR F 1732 60.97 62.76 7.58
N PHE F 1733 59.85 63.41 7.33
CA PHE F 1733 59.87 64.83 6.98
C PHE F 1733 59.85 65.68 8.23
N ASN F 1734 60.58 66.80 8.19
CA ASN F 1734 60.75 67.69 9.33
C ASN F 1734 60.28 69.09 8.95
N SER F 1735 59.55 69.73 9.87
CA SER F 1735 59.06 71.07 9.62
C SER F 1735 60.20 72.04 9.39
N LYS F 1736 61.31 71.86 10.12
CA LYS F 1736 62.46 72.73 9.94
C LYS F 1736 63.01 72.62 8.53
N ASN F 1737 62.86 71.47 7.89
CA ASN F 1737 63.34 71.26 6.53
C ASN F 1737 62.27 71.51 5.48
N ILE F 1738 61.00 71.72 5.88
CA ILE F 1738 59.92 72.04 4.96
C ILE F 1738 59.85 73.56 4.83
N GLN F 1739 59.84 74.04 3.59
CA GLN F 1739 59.74 75.47 3.29
C GLN F 1739 60.86 76.26 3.97
N SER F 1740 62.08 75.73 3.89
CA SER F 1740 63.24 76.35 4.49
C SER F 1740 64.10 77.01 3.42
N LYS F 1741 64.73 78.12 3.77
CA LYS F 1741 65.63 78.80 2.84
C LYS F 1741 66.90 78.00 2.57
N ASP F 1742 67.25 77.06 3.46
CA ASP F 1742 68.44 76.24 3.23
C ASP F 1742 68.26 75.37 1.99
N SER F 1743 67.06 74.84 1.77
CA SER F 1743 66.81 74.01 0.61
C SER F 1743 66.99 74.80 -0.68
N TYR F 1744 66.58 76.07 -0.68
CA TYR F 1744 66.65 76.91 -1.87
C TYR F 1744 67.87 77.82 -1.82
N SER G 5 -54.59 23.05 -119.64
CA SER G 5 -54.79 22.67 -118.25
C SER G 5 -53.51 22.10 -117.65
N THR G 6 -53.08 22.68 -116.54
CA THR G 6 -51.90 22.24 -115.81
C THR G 6 -52.24 22.14 -114.33
N ARG G 7 -51.40 21.46 -113.58
CA ARG G 7 -51.65 21.29 -112.16
C ARG G 7 -50.36 21.07 -111.39
N PRO G 8 -50.36 21.33 -110.08
CA PRO G 8 -49.12 21.27 -109.32
C PRO G 8 -48.62 19.85 -109.11
N LEU G 9 -47.31 19.73 -108.96
CA LEU G 9 -46.62 18.49 -108.61
C LEU G 9 -45.56 18.89 -107.58
N THR G 10 -45.80 18.55 -106.32
CA THR G 10 -44.94 18.98 -105.24
C THR G 10 -43.82 17.96 -105.03
N LEU G 11 -42.58 18.43 -105.07
CA LEU G 11 -41.41 17.60 -104.80
C LEU G 11 -40.54 18.30 -103.77
N SER G 12 -40.18 17.58 -102.71
CA SER G 12 -39.51 18.18 -101.57
C SER G 12 -38.51 17.19 -100.99
N HIS G 13 -37.53 17.73 -100.26
CA HIS G 13 -36.54 16.94 -99.53
C HIS G 13 -36.30 17.67 -98.21
N GLY G 14 -37.06 17.29 -97.18
CA GLY G 14 -37.00 17.98 -95.92
C GLY G 14 -37.81 19.27 -95.94
N SER G 15 -37.27 20.32 -95.31
CA SER G 15 -38.00 21.59 -95.26
C SER G 15 -38.20 22.19 -96.64
N LEU G 16 -37.16 22.17 -97.46
CA LEU G 16 -37.24 22.78 -98.78
C LEU G 16 -38.21 22.01 -99.68
N GLU G 17 -38.84 22.73 -100.60
CA GLU G 17 -39.83 22.13 -101.48
C GLU G 17 -39.92 22.95 -102.77
N HIS G 18 -40.54 22.34 -103.78
CA HIS G 18 -40.75 22.98 -105.06
C HIS G 18 -42.01 22.39 -105.69
N VAL G 19 -42.58 23.13 -106.64
CA VAL G 19 -43.81 22.73 -107.31
C VAL G 19 -43.62 22.89 -108.81
N LEU G 20 -43.98 21.85 -109.56
CA LEU G 20 -43.90 21.83 -111.02
C LEU G 20 -45.32 21.85 -111.57
N LEU G 21 -45.64 22.85 -112.40
CA LEU G 21 -46.97 22.98 -112.97
C LEU G 21 -47.05 22.18 -114.27
N VAL G 22 -47.05 20.87 -114.12
CA VAL G 22 -47.01 19.97 -115.27
C VAL G 22 -48.38 19.94 -115.93
N PRO G 23 -48.47 19.77 -117.27
CA PRO G 23 -49.78 19.57 -117.88
C PRO G 23 -50.41 18.24 -117.48
N THR G 24 -51.74 18.19 -117.59
CA THR G 24 -52.47 16.97 -117.26
C THR G 24 -52.15 15.83 -118.21
N ALA G 25 -51.72 16.12 -119.44
CA ALA G 25 -51.45 15.06 -120.40
C ALA G 25 -50.35 14.14 -119.92
N SER G 26 -49.28 14.71 -119.34
CA SER G 26 -48.13 13.95 -118.85
C SER G 26 -48.08 13.94 -117.32
N PHE G 27 -49.21 14.19 -116.66
CA PHE G 27 -49.19 14.16 -115.20
C PHE G 27 -48.86 12.77 -114.67
N PHE G 28 -49.38 11.72 -115.31
CA PHE G 28 -49.15 10.38 -114.79
C PHE G 28 -47.68 10.00 -114.88
N ILE G 29 -47.04 10.26 -116.01
CA ILE G 29 -45.63 9.93 -116.16
C ILE G 29 -44.80 10.81 -115.24
N ALA G 30 -45.18 12.09 -115.09
CA ALA G 30 -44.46 12.96 -114.17
C ALA G 30 -44.58 12.45 -112.73
N SER G 31 -45.77 11.98 -112.35
CA SER G 31 -45.98 11.51 -110.98
C SER G 31 -45.20 10.23 -110.70
N GLN G 32 -45.20 9.29 -111.66
CA GLN G 32 -44.43 8.08 -111.43
C GLN G 32 -42.93 8.38 -111.38
N LEU G 33 -42.46 9.29 -112.24
CA LEU G 33 -41.07 9.71 -112.16
C LEU G 33 -40.77 10.32 -110.80
N GLN G 34 -41.68 11.15 -110.28
CA GLN G 34 -41.51 11.72 -108.96
C GLN G 34 -41.42 10.63 -107.90
N GLU G 35 -42.30 9.63 -107.98
CA GLU G 35 -42.32 8.58 -106.96
C GLU G 35 -41.00 7.81 -106.94
N GLN G 36 -40.54 7.37 -108.12
CA GLN G 36 -39.29 6.62 -108.13
C GLN G 36 -38.09 7.53 -107.84
N PHE G 37 -38.19 8.83 -108.15
CA PHE G 37 -37.14 9.76 -107.76
C PHE G 37 -37.04 9.88 -106.25
N ASN G 38 -38.19 9.98 -105.57
CA ASN G 38 -38.19 10.02 -104.12
C ASN G 38 -37.66 8.73 -103.54
N LYS G 39 -38.01 7.59 -104.15
CA LYS G 39 -37.45 6.31 -103.70
C LYS G 39 -35.93 6.29 -103.83
N ILE G 40 -35.40 6.81 -104.95
CA ILE G 40 -33.96 6.81 -105.16
C ILE G 40 -33.28 7.78 -104.20
N LEU G 41 -33.90 8.92 -103.95
CA LEU G 41 -33.24 9.99 -103.21
C LEU G 41 -33.00 9.57 -101.76
N PRO G 42 -31.85 9.91 -101.16
CA PRO G 42 -31.64 9.55 -99.76
C PRO G 42 -32.50 10.37 -98.81
N GLU G 43 -32.64 9.86 -97.60
CA GLU G 43 -33.54 10.46 -96.63
C GLU G 43 -33.00 11.82 -96.17
N PRO G 44 -33.88 12.78 -95.85
CA PRO G 44 -33.39 14.07 -95.37
C PRO G 44 -32.67 13.96 -94.03
N THR G 45 -31.77 14.91 -93.81
CA THR G 45 -31.06 15.07 -92.55
C THR G 45 -31.09 16.54 -92.15
N GLU G 46 -30.89 16.79 -90.86
CA GLU G 46 -30.92 18.16 -90.37
C GLU G 46 -29.73 18.95 -90.91
N GLY G 47 -30.01 20.09 -91.53
CA GLY G 47 -28.99 20.93 -92.11
C GLY G 47 -28.58 20.55 -93.52
N PHE G 48 -28.97 19.37 -94.00
CA PHE G 48 -28.61 18.91 -95.34
C PHE G 48 -27.10 18.84 -95.51
N ALA G 49 -26.40 18.55 -94.42
CA ALA G 49 -24.94 18.51 -94.45
C ALA G 49 -24.38 17.23 -95.06
N ALA G 50 -25.20 16.18 -95.18
CA ALA G 50 -24.73 14.95 -95.78
C ALA G 50 -24.51 15.13 -97.28
N ASP G 51 -23.55 14.39 -97.82
CA ASP G 51 -23.23 14.49 -99.24
C ASP G 51 -24.28 13.78 -100.08
N ASP G 52 -24.27 14.08 -101.37
CA ASP G 52 -25.14 13.44 -102.36
C ASP G 52 -26.62 13.70 -102.10
N GLU G 53 -26.95 14.85 -101.51
CA GLU G 53 -28.32 15.25 -101.29
C GLU G 53 -28.44 16.74 -101.56
N PRO G 54 -29.66 17.23 -101.84
CA PRO G 54 -29.83 18.67 -102.06
C PRO G 54 -29.80 19.44 -100.75
N THR G 55 -29.52 20.75 -100.87
CA THR G 55 -29.58 21.67 -99.74
C THR G 55 -30.57 22.80 -99.95
N THR G 56 -30.87 23.16 -101.18
CA THR G 56 -31.78 24.24 -101.52
C THR G 56 -32.72 23.74 -102.60
N PRO G 57 -33.89 24.38 -102.77
CA PRO G 57 -34.81 23.89 -103.82
C PRO G 57 -34.21 23.94 -105.21
N ALA G 58 -33.34 24.91 -105.48
CA ALA G 58 -32.62 24.91 -106.75
C ALA G 58 -31.79 23.63 -106.90
N GLU G 59 -31.11 23.22 -105.83
CA GLU G 59 -30.33 22.00 -105.89
C GLU G 59 -31.22 20.78 -106.08
N LEU G 60 -32.37 20.75 -105.41
CA LEU G 60 -33.28 19.61 -105.54
C LEU G 60 -33.79 19.48 -106.96
N VAL G 61 -34.23 20.59 -107.56
CA VAL G 61 -34.66 20.53 -108.95
C VAL G 61 -33.49 20.17 -109.84
N GLY G 62 -32.28 20.63 -109.52
CA GLY G 62 -31.12 20.21 -110.30
C GLY G 62 -30.94 18.71 -110.28
N LYS G 63 -31.06 18.09 -109.11
CA LYS G 63 -30.96 16.64 -109.03
C LYS G 63 -32.04 15.97 -109.85
N PHE G 64 -33.27 16.50 -109.80
CA PHE G 64 -34.35 15.88 -110.55
C PHE G 64 -34.10 15.96 -112.05
N LEU G 65 -33.68 17.12 -112.56
CA LEU G 65 -33.38 17.24 -113.98
C LEU G 65 -32.24 16.33 -114.39
N GLY G 66 -31.18 16.25 -113.58
CA GLY G 66 -30.08 15.37 -113.91
C GLY G 66 -30.52 13.91 -113.95
N TYR G 67 -31.36 13.51 -113.00
CA TYR G 67 -31.84 12.14 -112.93
C TYR G 67 -32.71 11.80 -114.16
N VAL G 68 -33.61 12.72 -114.53
CA VAL G 68 -34.45 12.48 -115.70
C VAL G 68 -33.60 12.47 -116.97
N SER G 69 -32.58 13.33 -117.03
CA SER G 69 -31.69 13.33 -118.19
C SER G 69 -30.95 12.00 -118.29
N SER G 70 -30.50 11.46 -117.16
CA SER G 70 -29.85 10.17 -117.18
C SER G 70 -30.79 9.07 -117.66
N LEU G 71 -32.05 9.10 -117.22
CA LEU G 71 -33.01 8.10 -117.67
C LEU G 71 -33.47 8.31 -119.12
N VAL G 72 -33.29 9.50 -119.69
CA VAL G 72 -33.61 9.76 -121.09
C VAL G 72 -32.46 9.25 -121.95
N GLU G 73 -32.80 8.56 -123.04
CA GLU G 73 -31.83 7.97 -123.95
C GLU G 73 -32.16 8.38 -125.38
N PRO G 74 -31.59 9.51 -125.85
CA PRO G 74 -31.86 9.89 -127.24
C PRO G 74 -31.34 8.88 -128.25
N GLY G 78 -37.92 9.74 -126.11
CA GLY G 78 -39.32 10.13 -126.27
C GLY G 78 -40.20 9.72 -125.11
N GLN G 79 -39.73 8.75 -124.32
CA GLN G 79 -40.52 8.27 -123.19
C GLN G 79 -40.78 9.37 -122.17
N PHE G 80 -39.74 10.14 -121.82
CA PHE G 80 -39.83 11.20 -120.82
C PHE G 80 -39.31 12.53 -121.36
N ASP G 81 -39.23 12.66 -122.70
CA ASP G 81 -38.69 13.88 -123.28
C ASP G 81 -39.58 15.09 -122.97
N GLN G 82 -40.90 14.92 -123.05
CA GLN G 82 -41.80 16.04 -122.81
C GLN G 82 -41.69 16.52 -121.37
N VAL G 83 -41.71 15.59 -120.42
CA VAL G 83 -41.63 15.99 -119.01
C VAL G 83 -40.27 16.60 -118.72
N LEU G 84 -39.21 16.06 -119.34
CA LEU G 84 -37.89 16.64 -119.15
C LEU G 84 -37.85 18.08 -119.66
N ASN G 85 -38.39 18.32 -120.85
CA ASN G 85 -38.42 19.67 -121.39
C ASN G 85 -39.22 20.61 -120.50
N LEU G 86 -40.38 20.14 -120.02
CA LEU G 86 -41.24 20.99 -119.19
C LEU G 86 -40.53 21.38 -117.90
N CYS G 87 -40.00 20.40 -117.17
CA CYS G 87 -39.34 20.71 -115.91
C CYS G 87 -38.06 21.50 -116.12
N LEU G 88 -37.36 21.28 -117.24
CA LEU G 88 -36.17 22.06 -117.54
C LEU G 88 -36.53 23.52 -117.81
N THR G 89 -37.60 23.74 -118.57
CA THR G 89 -38.06 25.11 -118.81
C THR G 89 -38.48 25.78 -117.51
N GLU G 90 -39.16 25.03 -116.64
CA GLU G 90 -39.56 25.60 -115.35
C GLU G 90 -38.33 26.00 -114.54
N PHE G 91 -37.33 25.13 -114.48
CA PHE G 91 -36.10 25.44 -113.75
C PHE G 91 -35.43 26.68 -114.33
N GLU G 92 -35.34 26.76 -115.66
CA GLU G 92 -34.70 27.91 -116.28
C GLU G 92 -35.46 29.19 -115.98
N ASN G 93 -36.79 29.16 -116.08
CA ASN G 93 -37.57 30.36 -115.82
C ASN G 93 -37.45 30.79 -114.37
N CYS G 94 -37.48 29.84 -113.44
CA CYS G 94 -37.52 30.20 -112.02
C CYS G 94 -36.15 30.66 -111.53
N TYR G 95 -35.08 30.01 -111.97
CA TYR G 95 -33.75 30.27 -111.45
C TYR G 95 -32.79 30.93 -112.43
N LEU G 96 -32.92 30.66 -113.73
CA LEU G 96 -32.09 31.31 -114.74
C LEU G 96 -32.88 32.48 -115.32
N GLU G 97 -32.83 33.60 -114.61
CA GLU G 97 -33.51 34.83 -115.03
C GLU G 97 -32.68 35.55 -116.08
N GLY G 98 -32.50 34.88 -117.22
CA GLY G 98 -31.67 35.38 -118.30
C GLY G 98 -30.18 35.14 -118.12
N ASN G 99 -29.76 34.62 -116.98
CA ASN G 99 -28.35 34.41 -116.68
C ASN G 99 -27.96 32.96 -116.94
N ASP G 100 -26.65 32.72 -116.95
CA ASP G 100 -26.12 31.40 -117.23
C ASP G 100 -26.10 30.55 -115.95
N ILE G 101 -25.82 29.26 -116.13
CA ILE G 101 -25.86 28.32 -115.02
C ILE G 101 -24.77 28.65 -114.00
N HIS G 102 -23.62 29.12 -114.46
CA HIS G 102 -22.49 29.31 -113.55
C HIS G 102 -22.70 30.52 -112.64
N ALA G 103 -23.34 31.57 -113.13
CA ALA G 103 -23.68 32.69 -112.26
C ALA G 103 -24.61 32.24 -111.15
N LEU G 104 -25.62 31.43 -111.48
CA LEU G 104 -26.51 30.89 -110.47
C LEU G 104 -25.74 30.03 -109.49
N ALA G 105 -24.81 29.22 -110.00
CA ALA G 105 -24.01 28.35 -109.14
C ALA G 105 -23.19 29.15 -108.15
N ALA G 106 -22.57 30.24 -108.61
CA ALA G 106 -21.84 31.11 -107.70
C ALA G 106 -22.78 31.73 -106.67
N LYS G 107 -24.00 32.07 -107.09
CA LYS G 107 -24.97 32.61 -106.15
C LYS G 107 -25.30 31.61 -105.05
N LEU G 108 -25.52 30.34 -105.42
CA LEU G 108 -25.73 29.32 -104.40
C LEU G 108 -24.50 29.16 -103.50
N LEU G 109 -23.31 29.21 -104.09
CA LEU G 109 -22.10 29.03 -103.28
C LEU G 109 -21.98 30.12 -102.23
N GLN G 110 -22.21 31.38 -102.60
CA GLN G 110 -22.01 32.47 -101.66
C GLN G 110 -23.22 32.64 -100.74
N GLU G 111 -24.39 32.95 -101.30
CA GLU G 111 -25.55 33.28 -100.47
C GLU G 111 -26.05 32.07 -99.70
N ASN G 112 -26.19 30.93 -100.37
CA ASN G 112 -26.74 29.73 -99.77
C ASN G 112 -25.63 28.84 -99.25
N ASP G 113 -26.00 27.89 -98.38
CA ASP G 113 -25.07 26.96 -97.77
C ASP G 113 -24.90 25.74 -98.68
N THR G 114 -24.21 25.98 -99.80
CA THR G 114 -23.94 24.95 -100.80
C THR G 114 -22.44 24.69 -100.87
N THR G 115 -22.09 23.43 -101.05
CA THR G 115 -20.69 23.01 -101.14
C THR G 115 -20.27 22.93 -102.61
N LEU G 116 -18.95 22.83 -102.81
CA LEU G 116 -18.42 22.79 -104.17
C LEU G 116 -18.90 21.56 -104.93
N VAL G 117 -18.93 20.40 -104.26
CA VAL G 117 -19.37 19.18 -104.94
C VAL G 117 -20.83 19.30 -105.32
N LYS G 118 -21.66 19.83 -104.42
CA LYS G 118 -23.08 20.00 -104.74
C LYS G 118 -23.26 20.98 -105.89
N THR G 119 -22.49 22.06 -105.91
CA THR G 119 -22.58 23.02 -107.00
C THR G 119 -22.17 22.39 -108.32
N LYS G 120 -21.08 21.62 -108.31
CA LYS G 120 -20.62 20.97 -109.54
C LYS G 120 -21.63 19.97 -110.05
N GLU G 121 -22.24 19.19 -109.15
CA GLU G 121 -23.22 18.21 -109.61
C GLU G 121 -24.50 18.89 -110.08
N LEU G 122 -24.86 20.04 -109.49
CA LEU G 122 -25.96 20.82 -110.01
C LEU G 122 -25.68 21.29 -111.44
N ILE G 123 -24.47 21.81 -111.67
CA ILE G 123 -24.10 22.26 -113.00
C ILE G 123 -24.12 21.10 -113.99
N LYS G 124 -23.61 19.94 -113.57
CA LYS G 124 -23.62 18.76 -114.42
C LYS G 124 -25.03 18.37 -114.78
N ASN G 125 -25.92 18.35 -113.79
CA ASN G 125 -27.30 17.95 -114.04
C ASN G 125 -27.95 18.89 -115.04
N TYR G 126 -27.77 20.20 -114.85
CA TYR G 126 -28.40 21.15 -115.76
C TYR G 126 -27.87 21.00 -117.17
N ILE G 127 -26.55 20.93 -117.33
CA ILE G 127 -25.98 20.86 -118.68
C ILE G 127 -26.36 19.54 -119.35
N THR G 128 -26.33 18.44 -118.60
CA THR G 128 -26.72 17.15 -119.15
C THR G 128 -28.17 17.17 -119.61
N ALA G 129 -29.07 17.73 -118.78
CA ALA G 129 -30.46 17.84 -119.20
C ALA G 129 -30.59 18.70 -120.45
N ARG G 130 -29.87 19.81 -120.51
CA ARG G 130 -29.94 20.70 -121.67
C ARG G 130 -29.56 19.97 -122.94
N ILE G 131 -28.44 19.24 -122.91
CA ILE G 131 -28.00 18.57 -124.13
C ILE G 131 -28.93 17.40 -124.46
N MET G 132 -29.32 16.61 -123.45
CA MET G 132 -30.10 15.41 -123.72
C MET G 132 -31.49 15.75 -124.26
N ALA G 133 -32.08 16.86 -123.79
CA ALA G 133 -33.43 17.20 -124.21
C ALA G 133 -33.42 18.04 -125.49
N LYS G 134 -32.64 17.62 -126.49
CA LYS G 134 -32.55 18.28 -127.78
C LYS G 134 -32.46 19.81 -127.65
N ARG G 135 -31.75 20.29 -126.64
CA ARG G 135 -31.66 21.72 -126.33
C ARG G 135 -30.19 22.10 -126.14
N PRO G 136 -29.39 22.04 -127.21
CA PRO G 136 -27.98 22.43 -127.09
C PRO G 136 -27.82 23.93 -126.85
N PHE G 137 -26.58 24.38 -126.74
CA PHE G 137 -26.27 25.79 -126.53
C PHE G 137 -25.98 26.52 -127.85
N ASP G 138 -26.65 26.11 -128.93
CA ASP G 138 -26.42 26.73 -130.22
C ASP G 138 -26.77 28.22 -130.21
N LYS G 139 -27.75 28.62 -129.40
CA LYS G 139 -28.09 30.02 -129.30
C LYS G 139 -26.91 30.80 -128.74
N LYS G 140 -26.59 31.91 -129.38
CA LYS G 140 -25.48 32.74 -128.93
C LYS G 140 -25.78 33.32 -127.56
N SER G 141 -24.79 33.27 -126.67
CA SER G 141 -24.96 33.82 -125.34
C SER G 141 -24.87 35.34 -125.37
N ASN G 142 -25.44 35.96 -124.34
CA ASN G 142 -25.43 37.41 -124.17
C ASN G 142 -24.63 37.81 -122.94
N SER G 143 -23.47 37.17 -122.75
CA SER G 143 -22.61 37.48 -121.62
C SER G 143 -22.13 38.91 -121.71
N ALA G 144 -22.05 39.57 -120.55
CA ALA G 144 -21.66 40.98 -120.52
C ALA G 144 -20.25 41.17 -121.03
N LEU G 145 -19.33 40.28 -120.65
CA LEU G 145 -17.94 40.40 -121.09
C LEU G 145 -17.84 40.36 -122.60
N PHE G 146 -18.49 39.39 -123.23
CA PHE G 146 -18.35 39.25 -124.68
C PHE G 146 -19.19 40.28 -125.43
N ARG G 147 -20.27 40.79 -124.82
CA ARG G 147 -20.94 41.93 -125.41
C ARG G 147 -20.04 43.17 -125.42
N ALA G 148 -19.33 43.39 -124.31
CA ALA G 148 -18.36 44.48 -124.26
C ALA G 148 -17.26 44.27 -125.30
N VAL G 149 -16.82 43.04 -125.49
CA VAL G 149 -15.83 42.75 -126.52
C VAL G 149 -16.38 43.07 -127.89
N GLY G 150 -17.61 42.66 -128.17
CA GLY G 150 -18.21 42.92 -129.46
C GLY G 150 -18.32 44.40 -129.76
N GLU G 151 -18.69 45.19 -128.77
CA GLU G 151 -18.76 46.64 -128.95
C GLU G 151 -17.44 47.34 -128.71
N GLY G 152 -16.37 46.59 -128.42
CA GLY G 152 -15.04 47.17 -128.29
C GLY G 152 -14.71 47.74 -126.93
N ASN G 153 -15.56 47.54 -125.93
CA ASN G 153 -15.31 48.12 -124.61
C ASN G 153 -14.29 47.32 -123.81
N ALA G 154 -13.96 46.10 -124.22
CA ALA G 154 -12.98 45.27 -123.52
C ALA G 154 -12.17 44.47 -124.52
N GLN G 155 -10.93 44.18 -124.15
CA GLN G 155 -10.03 43.35 -124.93
C GLN G 155 -9.68 42.10 -124.12
N LEU G 156 -9.64 40.95 -124.79
CA LEU G 156 -9.47 39.66 -124.15
C LEU G 156 -8.17 39.01 -124.58
N VAL G 157 -7.38 38.57 -123.61
CA VAL G 157 -6.16 37.81 -123.89
C VAL G 157 -6.23 36.51 -123.10
N ALA G 158 -6.14 35.38 -123.82
CA ALA G 158 -6.13 34.07 -123.17
C ALA G 158 -4.71 33.74 -122.74
N ILE G 159 -4.58 33.22 -121.52
CA ILE G 159 -3.31 32.73 -121.01
C ILE G 159 -3.50 31.29 -120.55
N PHE G 160 -2.56 30.43 -120.94
CA PHE G 160 -2.62 29.01 -120.63
C PHE G 160 -1.44 28.62 -119.76
N GLY G 161 -1.74 27.93 -118.65
CA GLY G 161 -0.73 27.54 -117.70
C GLY G 161 0.09 26.37 -118.20
N GLY G 162 0.96 25.90 -117.32
CA GLY G 162 1.85 24.79 -117.62
C GLY G 162 2.16 24.00 -116.38
N GLN G 163 3.44 23.68 -116.21
CA GLN G 163 3.88 22.88 -115.07
C GLN G 163 4.06 23.76 -113.84
N GLY G 164 3.98 23.11 -112.67
CA GLY G 164 4.25 23.77 -111.41
C GLY G 164 3.08 24.51 -110.80
N ASN G 165 1.95 24.62 -111.51
CA ASN G 165 0.80 25.33 -110.95
C ASN G 165 0.18 24.54 -109.81
N THR G 166 0.11 23.22 -109.93
CA THR G 166 -0.47 22.38 -108.90
C THR G 166 0.14 20.99 -109.00
N ASP G 167 0.15 20.29 -107.87
CA ASP G 167 0.61 18.91 -107.83
C ASP G 167 -0.48 17.90 -108.13
N ASP G 168 -1.72 18.36 -108.31
CA ASP G 168 -2.89 17.49 -108.41
C ASP G 168 -3.80 17.92 -109.56
N TYR G 169 -3.19 18.14 -110.73
CA TYR G 169 -3.96 18.54 -111.92
C TYR G 169 -4.93 17.45 -112.37
N PHE G 170 -4.68 16.20 -112.00
CA PHE G 170 -5.53 15.13 -112.51
C PHE G 170 -6.92 15.17 -111.89
N GLU G 171 -7.06 15.69 -110.67
CA GLU G 171 -8.39 15.90 -110.14
C GLU G 171 -9.12 17.01 -110.88
N GLU G 172 -8.40 18.02 -111.38
CA GLU G 172 -9.06 18.99 -112.26
C GLU G 172 -9.55 18.31 -113.53
N LEU G 173 -8.72 17.44 -114.12
CA LEU G 173 -9.17 16.69 -115.30
C LEU G 173 -10.37 15.81 -114.95
N ARG G 174 -10.35 15.17 -113.80
CA ARG G 174 -11.43 14.29 -113.38
C ARG G 174 -12.73 15.07 -113.19
N ASP G 175 -12.64 16.23 -112.53
CA ASP G 175 -13.82 17.05 -112.34
C ASP G 175 -14.34 17.62 -113.64
N LEU G 176 -13.45 17.95 -114.59
CA LEU G 176 -13.92 18.34 -115.91
C LEU G 176 -14.68 17.21 -116.59
N TYR G 177 -14.08 16.02 -116.64
CA TYR G 177 -14.74 14.88 -117.28
C TYR G 177 -16.05 14.52 -116.59
N GLN G 178 -16.14 14.74 -115.28
CA GLN G 178 -17.37 14.40 -114.56
C GLN G 178 -18.43 15.47 -114.74
N THR G 179 -18.12 16.71 -114.33
CA THR G 179 -19.11 17.77 -114.36
C THR G 179 -19.55 18.08 -115.78
N TYR G 180 -18.61 18.14 -116.73
CA TYR G 180 -18.88 18.48 -118.11
C TYR G 180 -18.67 17.29 -119.03
N HIS G 181 -19.11 16.11 -118.56
CA HIS G 181 -18.97 14.89 -119.35
C HIS G 181 -19.59 15.06 -120.73
N VAL G 182 -20.82 15.57 -120.78
CA VAL G 182 -21.52 15.65 -122.05
C VAL G 182 -20.86 16.65 -122.99
N LEU G 183 -20.23 17.69 -122.43
CA LEU G 183 -19.61 18.72 -123.27
C LEU G 183 -18.25 18.29 -123.78
N VAL G 184 -17.31 17.99 -122.88
CA VAL G 184 -15.95 17.67 -123.27
C VAL G 184 -15.73 16.17 -123.43
N GLY G 185 -16.82 15.39 -123.53
CA GLY G 185 -16.66 13.95 -123.72
C GLY G 185 -15.98 13.63 -125.04
N ASP G 186 -16.42 14.27 -126.12
CA ASP G 186 -15.79 14.05 -127.41
C ASP G 186 -14.31 14.42 -127.35
N LEU G 187 -14.00 15.54 -126.70
CA LEU G 187 -12.60 15.98 -126.62
C LEU G 187 -11.75 14.97 -125.87
N ILE G 188 -12.23 14.51 -124.70
CA ILE G 188 -11.39 13.61 -123.89
C ILE G 188 -11.27 12.25 -124.55
N LYS G 189 -12.35 11.74 -125.14
CA LYS G 189 -12.24 10.47 -125.88
C LYS G 189 -11.26 10.59 -127.05
N PHE G 190 -11.33 11.70 -127.80
CA PHE G 190 -10.41 11.89 -128.91
C PHE G 190 -8.97 12.00 -128.43
N SER G 191 -8.75 12.73 -127.33
CA SER G 191 -7.40 12.87 -126.80
C SER G 191 -6.86 11.53 -126.35
N ALA G 192 -7.68 10.72 -125.67
CA ALA G 192 -7.24 9.40 -125.25
C ALA G 192 -6.90 8.52 -126.44
N GLU G 193 -7.76 8.54 -127.48
CA GLU G 193 -7.53 7.66 -128.62
C GLU G 193 -6.27 8.08 -129.39
N THR G 194 -6.06 9.40 -129.57
CA THR G 194 -4.88 9.83 -130.31
C THR G 194 -3.61 9.61 -129.49
N LEU G 195 -3.69 9.77 -128.16
CA LEU G 195 -2.54 9.47 -127.32
C LEU G 195 -2.18 7.99 -127.37
N SER G 196 -3.19 7.12 -127.34
CA SER G 196 -2.92 5.69 -127.45
C SER G 196 -2.30 5.36 -128.81
N GLU G 197 -2.83 5.95 -129.88
CA GLU G 197 -2.26 5.70 -131.21
C GLU G 197 -0.82 6.21 -131.27
N LEU G 198 -0.54 7.35 -130.64
CA LEU G 198 0.81 7.90 -130.67
C LEU G 198 1.77 7.02 -129.88
N ILE G 199 1.34 6.50 -128.74
CA ILE G 199 2.19 5.57 -127.99
C ILE G 199 2.44 4.31 -128.82
N ARG G 200 1.40 3.80 -129.48
CA ARG G 200 1.57 2.59 -130.29
C ARG G 200 2.54 2.82 -131.43
N THR G 201 2.44 3.97 -132.11
CA THR G 201 3.29 4.23 -133.27
C THR G 201 4.72 4.56 -132.86
N THR G 202 4.88 5.26 -131.74
CA THR G 202 6.22 5.62 -131.28
C THR G 202 7.01 4.38 -130.90
N LEU G 203 8.30 4.41 -131.20
CA LEU G 203 9.13 3.21 -131.05
C LEU G 203 9.26 2.79 -129.59
N ASP G 204 9.58 3.75 -128.71
CA ASP G 204 9.95 3.46 -127.33
C ASP G 204 9.01 4.11 -126.31
N ALA G 205 7.82 4.52 -126.73
CA ALA G 205 6.91 5.19 -125.81
C ALA G 205 6.40 4.24 -124.74
N GLU G 206 6.19 2.96 -125.10
CA GLU G 206 5.69 2.01 -124.11
C GLU G 206 6.67 1.86 -122.95
N LYS G 207 7.97 1.98 -123.21
CA LYS G 207 8.96 1.87 -122.14
C LYS G 207 8.82 3.03 -121.16
N VAL G 208 8.57 4.24 -121.66
CA VAL G 208 8.39 5.40 -120.79
C VAL G 208 7.09 5.27 -120.01
N PHE G 209 6.03 4.79 -120.68
CA PHE G 209 4.72 4.68 -120.05
C PHE G 209 4.60 3.30 -119.42
N THR G 210 5.12 3.18 -118.20
CA THR G 210 5.10 1.89 -117.50
C THR G 210 3.66 1.47 -117.18
N GLN G 211 2.84 2.40 -116.71
CA GLN G 211 1.47 2.11 -116.31
C GLN G 211 0.44 2.45 -117.38
N GLY G 212 0.87 2.75 -118.60
CA GLY G 212 -0.05 3.05 -119.67
C GLY G 212 -0.58 4.47 -119.59
N LEU G 213 -1.40 4.82 -120.59
CA LEU G 213 -1.98 6.14 -120.73
C LEU G 213 -3.46 6.03 -121.07
N ASN G 214 -4.18 5.23 -120.30
CA ASN G 214 -5.62 5.02 -120.50
C ASN G 214 -6.37 6.03 -119.63
N ILE G 215 -6.53 7.23 -120.18
CA ILE G 215 -7.20 8.31 -119.46
C ILE G 215 -8.64 7.95 -119.17
N LEU G 216 -9.32 7.34 -120.15
CA LEU G 216 -10.73 7.02 -119.98
C LEU G 216 -10.92 6.01 -118.86
N GLU G 217 -10.07 4.99 -118.82
CA GLU G 217 -10.19 3.98 -117.76
C GLU G 217 -9.88 4.59 -116.40
N TRP G 218 -8.84 5.44 -116.34
CA TRP G 218 -8.53 6.11 -115.08
C TRP G 218 -9.69 6.97 -114.60
N LEU G 219 -10.33 7.70 -115.51
CA LEU G 219 -11.43 8.58 -115.13
C LEU G 219 -12.65 7.76 -114.69
N GLU G 220 -12.97 6.69 -115.44
CA GLU G 220 -14.12 5.87 -115.09
C GLU G 220 -13.94 5.19 -113.74
N ASN G 221 -12.72 4.73 -113.44
CA ASN G 221 -12.43 4.03 -112.18
C ASN G 221 -11.34 4.79 -111.43
N PRO G 222 -11.71 5.77 -110.61
CA PRO G 222 -10.69 6.46 -109.81
C PRO G 222 -9.98 5.55 -108.81
N SER G 223 -10.57 4.41 -108.45
CA SER G 223 -9.96 3.55 -107.45
C SER G 223 -8.60 3.04 -107.91
N ASN G 224 -8.48 2.70 -109.19
CA ASN G 224 -7.26 2.11 -109.75
C ASN G 224 -6.38 3.13 -110.47
N THR G 225 -6.60 4.42 -110.25
CA THR G 225 -5.84 5.43 -110.96
C THR G 225 -4.37 5.37 -110.53
N PRO G 226 -3.43 5.76 -111.39
CA PRO G 226 -2.02 5.71 -111.00
C PRO G 226 -1.72 6.67 -109.86
N ASP G 227 -0.53 6.49 -109.28
CA ASP G 227 -0.11 7.33 -108.18
C ASP G 227 0.22 8.74 -108.68
N LYS G 228 0.19 9.69 -107.74
CA LYS G 228 0.33 11.09 -108.11
C LYS G 228 1.70 11.38 -108.71
N ASP G 229 2.75 10.67 -108.28
CA ASP G 229 4.06 10.91 -108.87
C ASP G 229 4.09 10.48 -110.33
N TYR G 230 3.52 9.32 -110.64
CA TYR G 230 3.45 8.89 -112.04
C TYR G 230 2.60 9.85 -112.85
N LEU G 231 1.48 10.32 -112.29
CA LEU G 231 0.65 11.27 -113.01
C LEU G 231 1.41 12.57 -113.26
N LEU G 232 2.20 13.01 -112.29
CA LEU G 232 2.93 14.27 -112.40
C LEU G 232 4.16 14.15 -113.28
N SER G 233 4.62 12.94 -113.57
CA SER G 233 5.71 12.77 -114.53
C SER G 233 5.33 13.39 -115.86
N ILE G 234 6.32 14.04 -116.51
CA ILE G 234 6.01 14.90 -117.66
C ILE G 234 5.40 14.15 -118.84
N PRO G 235 5.72 12.86 -119.11
CA PRO G 235 5.02 12.21 -120.23
C PRO G 235 3.52 12.14 -120.03
N ILE G 236 3.06 12.12 -118.79
CA ILE G 236 1.64 12.23 -118.48
C ILE G 236 1.23 13.69 -118.34
N SER G 237 2.01 14.47 -117.59
CA SER G 237 1.58 15.81 -117.20
C SER G 237 1.38 16.72 -118.40
N CYS G 238 2.30 16.67 -119.37
CA CYS G 238 2.20 17.58 -120.52
C CYS G 238 0.93 17.35 -121.32
N PRO G 239 0.71 16.17 -121.93
CA PRO G 239 -0.52 15.98 -122.71
C PRO G 239 -1.79 16.12 -121.87
N LEU G 240 -1.76 15.69 -120.62
CA LEU G 240 -2.97 15.78 -119.79
C LEU G 240 -3.27 17.23 -119.40
N ILE G 241 -2.24 18.03 -119.13
CA ILE G 241 -2.47 19.45 -118.89
C ILE G 241 -3.00 20.11 -120.15
N GLY G 242 -2.49 19.71 -121.31
CA GLY G 242 -3.07 20.20 -122.56
C GLY G 242 -4.54 19.83 -122.69
N VAL G 243 -4.90 18.60 -122.34
CA VAL G 243 -6.29 18.18 -122.40
C VAL G 243 -7.14 19.01 -121.45
N ILE G 244 -6.61 19.29 -120.26
CA ILE G 244 -7.36 20.09 -119.29
C ILE G 244 -7.61 21.49 -119.85
N GLN G 245 -6.59 22.10 -120.43
CA GLN G 245 -6.75 23.44 -120.99
C GLN G 245 -7.74 23.43 -122.15
N LEU G 246 -7.64 22.44 -123.04
CA LEU G 246 -8.56 22.36 -124.16
C LEU G 246 -9.98 22.09 -123.68
N ALA G 247 -10.13 21.32 -122.61
CA ALA G 247 -11.46 21.09 -122.04
C ALA G 247 -12.05 22.37 -121.48
N HIS G 248 -11.22 23.18 -120.81
CA HIS G 248 -11.70 24.48 -120.32
C HIS G 248 -12.14 25.35 -121.50
N TYR G 249 -11.34 25.38 -122.56
CA TYR G 249 -11.70 26.15 -123.74
C TYR G 249 -13.01 25.66 -124.36
N VAL G 250 -13.17 24.33 -124.45
CA VAL G 250 -14.38 23.75 -125.04
C VAL G 250 -15.60 24.09 -124.18
N VAL G 251 -15.47 23.97 -122.86
CA VAL G 251 -16.59 24.27 -121.98
C VAL G 251 -16.99 25.73 -122.14
N THR G 252 -16.00 26.62 -122.14
CA THR G 252 -16.29 28.05 -122.32
C THR G 252 -17.01 28.30 -123.63
N ALA G 253 -16.46 27.79 -124.74
CA ALA G 253 -17.04 28.06 -126.05
C ALA G 253 -18.45 27.49 -126.16
N LYS G 254 -18.66 26.26 -125.67
CA LYS G 254 -19.98 25.64 -125.80
C LYS G 254 -21.00 26.33 -124.93
N LEU G 255 -20.65 26.62 -123.67
CA LEU G 255 -21.62 27.27 -122.78
C LEU G 255 -21.96 28.67 -123.27
N LEU G 256 -21.00 29.36 -123.90
CA LEU G 256 -21.31 30.67 -124.47
C LEU G 256 -21.92 30.58 -125.87
N GLY G 257 -21.95 29.39 -126.48
CA GLY G 257 -22.53 29.23 -127.79
C GLY G 257 -21.63 29.61 -128.94
N PHE G 258 -20.40 30.07 -128.67
CA PHE G 258 -19.46 30.39 -129.73
C PHE G 258 -18.77 29.14 -130.22
N THR G 259 -18.46 29.11 -131.52
CA THR G 259 -17.54 28.14 -132.05
C THR G 259 -16.12 28.48 -131.58
N PRO G 260 -15.20 27.52 -131.59
CA PRO G 260 -13.82 27.86 -131.20
C PRO G 260 -13.23 28.99 -132.02
N GLY G 261 -13.50 29.02 -133.33
CA GLY G 261 -13.00 30.11 -134.15
C GLY G 261 -13.61 31.45 -133.76
N GLU G 262 -14.91 31.47 -133.47
CA GLU G 262 -15.55 32.72 -133.07
C GLU G 262 -15.00 33.21 -131.74
N LEU G 263 -14.82 32.31 -130.77
CA LEU G 263 -14.26 32.70 -129.49
C LEU G 263 -12.83 33.23 -129.66
N ARG G 264 -12.04 32.56 -130.50
CA ARG G 264 -10.69 33.04 -130.77
C ARG G 264 -10.71 34.42 -131.40
N SER G 265 -11.61 34.65 -132.35
CA SER G 265 -11.70 35.95 -132.99
C SER G 265 -12.08 37.03 -131.98
N TYR G 266 -12.96 36.68 -131.03
CA TYR G 266 -13.30 37.63 -129.98
C TYR G 266 -12.10 37.90 -129.07
N LEU G 267 -11.26 36.89 -128.84
CA LEU G 267 -10.04 37.11 -128.06
C LEU G 267 -9.13 38.10 -128.77
N LYS G 268 -8.60 39.06 -128.03
CA LYS G 268 -7.61 39.99 -128.57
C LYS G 268 -6.25 39.33 -128.73
N GLY G 269 -5.92 38.36 -127.89
CA GLY G 269 -4.63 37.70 -128.01
C GLY G 269 -4.61 36.39 -127.26
N ALA G 270 -3.49 35.68 -127.39
CA ALA G 270 -3.33 34.39 -126.72
C ALA G 270 -1.85 34.20 -126.38
N THR G 271 -1.60 33.43 -125.33
CA THR G 271 -0.24 33.09 -124.92
C THR G 271 -0.31 32.04 -123.82
N GLY G 272 0.86 31.66 -123.34
CA GLY G 272 0.92 30.66 -122.28
C GLY G 272 2.27 30.67 -121.58
N HIS G 273 2.24 30.15 -120.36
CA HIS G 273 3.44 30.01 -119.53
C HIS G 273 4.08 28.68 -119.87
N SER G 274 5.16 28.73 -120.65
CA SER G 274 5.88 27.53 -121.06
C SER G 274 4.98 26.59 -121.85
N GLN G 275 4.37 25.60 -121.16
CA GLN G 275 3.62 24.57 -121.86
C GLN G 275 2.38 25.12 -122.54
N GLY G 276 1.75 26.13 -121.95
CA GLY G 276 0.48 26.64 -122.49
C GLY G 276 0.60 27.31 -123.84
N LEU G 277 1.83 27.60 -124.28
CA LEU G 277 2.00 28.20 -125.60
C LEU G 277 1.50 27.27 -126.70
N VAL G 278 1.63 25.96 -126.50
CA VAL G 278 1.12 24.99 -127.46
C VAL G 278 -0.40 25.13 -127.58
N THR G 279 -1.08 25.19 -126.44
CA THR G 279 -2.54 25.32 -126.46
C THR G 279 -2.96 26.66 -127.06
N ALA G 280 -2.23 27.73 -126.77
CA ALA G 280 -2.55 29.03 -127.34
C ALA G 280 -2.44 29.00 -128.87
N VAL G 281 -1.35 28.44 -129.39
CA VAL G 281 -1.22 28.34 -130.84
C VAL G 281 -2.28 27.39 -131.40
N ALA G 282 -2.68 26.39 -130.60
CA ALA G 282 -3.71 25.47 -131.06
C ALA G 282 -5.05 26.17 -131.27
N ILE G 283 -5.52 26.91 -130.26
CA ILE G 283 -6.80 27.61 -130.43
C ILE G 283 -6.68 28.67 -131.51
N ALA G 284 -5.52 29.31 -131.62
CA ALA G 284 -5.32 30.25 -132.72
C ALA G 284 -5.42 29.55 -134.06
N GLU G 285 -5.02 28.27 -134.12
CA GLU G 285 -5.20 27.45 -135.31
C GLU G 285 -6.67 27.11 -135.57
N THR G 286 -7.44 26.90 -134.50
CA THR G 286 -8.82 26.45 -134.65
C THR G 286 -9.63 27.40 -135.52
N ASP G 287 -10.54 26.82 -136.31
CA ASP G 287 -11.43 27.58 -137.19
C ASP G 287 -12.89 27.22 -136.96
N SER G 288 -13.16 25.94 -136.72
CA SER G 288 -14.52 25.47 -136.51
C SER G 288 -14.46 24.17 -135.72
N TRP G 289 -15.64 23.68 -135.34
CA TRP G 289 -15.70 22.45 -134.54
C TRP G 289 -15.16 21.27 -135.32
N GLU G 290 -15.32 21.28 -136.65
CA GLU G 290 -14.80 20.19 -137.47
C GLU G 290 -13.27 20.15 -137.42
N SER G 291 -12.63 21.28 -137.67
CA SER G 291 -11.18 21.38 -137.59
C SER G 291 -10.67 21.55 -136.16
N PHE G 292 -11.57 21.70 -135.19
CA PHE G 292 -11.13 21.81 -133.81
C PHE G 292 -10.43 20.53 -133.36
N PHE G 293 -10.92 19.37 -133.80
CA PHE G 293 -10.25 18.13 -133.46
C PHE G 293 -8.89 18.04 -134.15
N VAL G 294 -8.75 18.62 -135.34
CA VAL G 294 -7.43 18.66 -135.98
C VAL G 294 -6.46 19.48 -135.12
N SER G 295 -6.91 20.65 -134.67
CA SER G 295 -6.07 21.48 -133.82
C SER G 295 -5.74 20.78 -132.51
N VAL G 296 -6.73 20.09 -131.92
CA VAL G 296 -6.50 19.36 -130.68
C VAL G 296 -5.49 18.25 -130.91
N ARG G 297 -5.61 17.54 -132.03
CA ARG G 297 -4.67 16.48 -132.34
C ARG G 297 -3.26 17.03 -132.44
N LYS G 298 -3.08 18.18 -133.12
CA LYS G 298 -1.76 18.77 -133.22
C LYS G 298 -1.23 19.17 -131.84
N ALA G 299 -2.07 19.77 -131.00
CA ALA G 299 -1.63 20.21 -129.67
C ALA G 299 -1.21 19.03 -128.82
N ILE G 300 -2.06 17.99 -128.75
CA ILE G 300 -1.75 16.82 -127.94
C ILE G 300 -0.52 16.10 -128.49
N THR G 301 -0.37 16.04 -129.80
CA THR G 301 0.82 15.42 -130.38
C THR G 301 2.08 16.16 -129.94
N VAL G 302 2.06 17.49 -130.04
CA VAL G 302 3.24 18.27 -129.65
C VAL G 302 3.55 18.08 -128.18
N LEU G 303 2.53 18.16 -127.32
CA LEU G 303 2.76 18.05 -125.89
C LEU G 303 3.26 16.65 -125.52
N PHE G 304 2.64 15.62 -126.09
CA PHE G 304 3.08 14.25 -125.83
C PHE G 304 4.53 14.06 -126.26
N PHE G 305 4.89 14.59 -127.42
CA PHE G 305 6.23 14.32 -127.93
C PHE G 305 7.28 15.07 -127.13
N ILE G 306 7.00 16.33 -126.77
CA ILE G 306 7.97 17.06 -125.95
C ILE G 306 8.10 16.39 -124.59
N GLY G 307 6.99 15.94 -124.01
CA GLY G 307 7.08 15.25 -122.72
C GLY G 307 7.92 13.98 -122.81
N VAL G 308 7.67 13.17 -123.83
CA VAL G 308 8.39 11.90 -123.96
C VAL G 308 9.87 12.16 -124.19
N ARG G 309 10.21 13.07 -125.10
CA ARG G 309 11.61 13.30 -125.43
C ARG G 309 12.34 13.97 -124.28
N CYS G 310 11.69 14.89 -123.56
CA CYS G 310 12.33 15.51 -122.40
C CYS G 310 12.56 14.49 -121.30
N TYR G 311 11.59 13.60 -121.07
CA TYR G 311 11.78 12.56 -120.06
C TYR G 311 12.92 11.62 -120.46
N GLU G 312 12.99 11.25 -121.74
CA GLU G 312 14.08 10.40 -122.19
C GLU G 312 15.42 11.09 -122.05
N ALA G 313 15.48 12.39 -122.33
CA ALA G 313 16.74 13.12 -122.23
C ALA G 313 17.20 13.24 -120.78
N TYR G 314 16.27 13.57 -119.87
CA TYR G 314 16.58 13.72 -118.45
C TYR G 314 15.50 13.04 -117.61
N PRO G 315 15.50 11.71 -117.54
CA PRO G 315 14.53 11.03 -116.69
C PRO G 315 14.78 11.31 -115.21
N ASN G 316 13.70 11.30 -114.45
CA ASN G 316 13.80 11.51 -113.01
C ASN G 316 14.47 10.32 -112.35
N THR G 317 15.18 10.59 -111.26
CA THR G 317 15.89 9.56 -110.49
C THR G 317 15.65 9.80 -109.01
N SER G 318 15.61 8.70 -108.26
CA SER G 318 15.41 8.80 -106.83
C SER G 318 16.59 9.49 -106.16
N LEU G 319 16.29 10.43 -105.27
CA LEU G 319 17.31 11.18 -104.56
C LEU G 319 17.64 10.51 -103.24
N PRO G 320 18.80 10.83 -102.65
CA PRO G 320 19.15 10.20 -101.38
C PRO G 320 18.12 10.54 -100.31
N PRO G 321 17.72 9.55 -99.49
CA PRO G 321 16.82 9.88 -98.39
C PRO G 321 17.45 10.80 -97.36
N SER G 322 18.78 10.89 -97.31
CA SER G 322 19.40 11.89 -96.45
C SER G 322 19.03 13.30 -96.90
N ILE G 323 19.14 13.56 -98.20
CA ILE G 323 18.74 14.87 -98.73
C ILE G 323 17.25 15.08 -98.55
N LEU G 324 16.44 14.06 -98.80
CA LEU G 324 15.00 14.21 -98.60
C LEU G 324 14.68 14.53 -97.14
N GLU G 325 15.33 13.83 -96.21
CA GLU G 325 15.07 14.07 -94.79
C GLU G 325 15.48 15.48 -94.40
N ASP G 326 16.63 15.95 -94.90
CA ASP G 326 17.05 17.31 -94.59
C ASP G 326 16.05 18.32 -95.13
N SER G 327 15.60 18.15 -96.37
CA SER G 327 14.66 19.08 -96.96
C SER G 327 13.34 19.10 -96.20
N LEU G 328 12.83 17.91 -95.83
CA LEU G 328 11.57 17.85 -95.09
C LEU G 328 11.71 18.39 -93.67
N GLU G 329 12.87 18.17 -93.04
CA GLU G 329 13.06 18.65 -91.67
C GLU G 329 13.21 20.17 -91.64
N ASN G 330 13.77 20.77 -92.70
CA ASN G 330 13.99 22.20 -92.75
C ASN G 330 12.82 22.95 -93.38
N ASN G 331 11.60 22.41 -93.23
CA ASN G 331 10.37 23.07 -93.68
C ASN G 331 10.44 23.38 -95.18
N GLU G 332 10.97 22.43 -95.95
CA GLU G 332 11.06 22.53 -97.40
C GLU G 332 10.33 21.36 -98.02
N GLY G 333 9.86 21.55 -99.25
CA GLY G 333 9.15 20.51 -99.95
C GLY G 333 10.09 19.42 -100.46
N VAL G 334 9.50 18.44 -101.14
CA VAL G 334 10.33 17.41 -101.75
C VAL G 334 11.18 18.05 -102.84
N PRO G 335 12.47 17.72 -102.96
CA PRO G 335 13.25 18.29 -104.07
C PRO G 335 12.68 17.90 -105.42
N SER G 336 12.76 18.82 -106.36
CA SER G 336 12.25 18.65 -107.71
C SER G 336 13.15 19.45 -108.65
N PRO G 337 13.10 19.17 -109.95
CA PRO G 337 14.00 19.87 -110.88
C PRO G 337 13.72 21.36 -111.05
N MET G 338 12.66 21.90 -110.44
CA MET G 338 12.30 23.31 -110.56
C MET G 338 12.01 23.87 -109.18
N LEU G 339 12.73 24.92 -108.81
CA LEU G 339 12.60 25.57 -107.51
C LEU G 339 12.17 27.02 -107.72
N SER G 340 11.02 27.39 -107.16
CA SER G 340 10.49 28.74 -107.26
C SER G 340 10.93 29.55 -106.06
N ILE G 341 11.50 30.72 -106.32
CA ILE G 341 11.99 31.64 -105.31
C ILE G 341 11.18 32.93 -105.42
N SER G 342 10.65 33.39 -104.29
CA SER G 342 9.81 34.57 -104.25
C SER G 342 10.39 35.57 -103.26
N ASN G 343 10.11 36.85 -103.51
CA ASN G 343 10.60 37.95 -102.68
C ASN G 343 12.11 38.13 -102.82
N LEU G 344 12.66 37.74 -103.96
CA LEU G 344 14.07 37.97 -104.28
C LEU G 344 14.15 38.49 -105.71
N THR G 345 14.97 39.52 -105.92
CA THR G 345 15.08 40.11 -107.24
C THR G 345 15.95 39.24 -108.15
N GLN G 346 15.87 39.55 -109.45
CA GLN G 346 16.57 38.76 -110.45
C GLN G 346 18.08 38.83 -110.24
N GLU G 347 18.61 40.00 -109.88
CA GLU G 347 20.06 40.11 -109.71
C GLU G 347 20.54 39.21 -108.57
N GLN G 348 19.84 39.19 -107.45
CA GLN G 348 20.25 38.36 -106.33
C GLN G 348 20.10 36.87 -106.65
N VAL G 349 18.98 36.50 -107.27
CA VAL G 349 18.79 35.09 -107.64
C VAL G 349 19.87 34.66 -108.63
N GLN G 350 20.21 35.53 -109.58
CA GLN G 350 21.24 35.21 -110.55
C GLN G 350 22.61 35.10 -109.89
N ASP G 351 22.88 35.94 -108.89
CA ASP G 351 24.15 35.84 -108.17
C ASP G 351 24.26 34.50 -107.43
N TYR G 352 23.18 34.09 -106.76
CA TYR G 352 23.19 32.79 -106.09
C TYR G 352 23.37 31.66 -107.09
N VAL G 353 22.67 31.75 -108.23
CA VAL G 353 22.81 30.73 -109.27
C VAL G 353 24.23 30.71 -109.80
N ASN G 354 24.86 31.87 -109.92
CA ASN G 354 26.23 31.92 -110.42
C ASN G 354 27.20 31.27 -109.45
N LYS G 355 27.02 31.52 -108.14
CA LYS G 355 27.87 30.85 -107.15
C LYS G 355 27.69 29.33 -107.23
N THR G 356 26.44 28.88 -107.27
CA THR G 356 26.18 27.44 -107.34
C THR G 356 26.76 26.84 -108.62
N ASN G 357 26.64 27.56 -109.74
CA ASN G 357 27.19 27.08 -111.00
C ASN G 357 28.71 27.00 -110.95
N SER G 358 29.35 28.01 -110.34
CA SER G 358 30.80 27.99 -110.22
C SER G 358 31.27 26.80 -109.40
N HIS G 359 30.50 26.43 -108.37
CA HIS G 359 30.88 25.33 -107.51
C HIS G 359 30.31 23.98 -107.96
N LEU G 360 29.53 23.94 -109.03
CA LEU G 360 29.03 22.71 -109.62
C LEU G 360 29.74 22.45 -110.94
N PRO G 361 29.73 21.20 -111.43
CA PRO G 361 30.32 20.90 -112.73
C PRO G 361 29.40 21.30 -113.86
N ALA G 362 29.96 21.30 -115.08
CA ALA G 362 29.25 21.83 -116.25
C ALA G 362 27.97 21.07 -116.53
N GLY G 363 27.95 19.76 -116.28
CA GLY G 363 26.77 18.98 -116.56
C GLY G 363 25.63 19.17 -115.58
N LYS G 364 25.91 19.69 -114.39
CA LYS G 364 24.91 19.81 -113.33
C LYS G 364 24.57 21.27 -113.02
N GLN G 365 24.87 22.19 -113.94
CA GLN G 365 24.64 23.60 -113.68
C GLN G 365 23.14 23.89 -113.63
N VAL G 366 22.79 24.95 -112.89
CA VAL G 366 21.42 25.42 -112.77
C VAL G 366 21.33 26.79 -113.43
N GLU G 367 20.12 27.13 -113.87
CA GLU G 367 19.88 28.43 -114.50
C GLU G 367 18.43 28.82 -114.24
N ILE G 368 18.18 30.13 -114.33
CA ILE G 368 16.83 30.64 -114.15
C ILE G 368 15.96 30.22 -115.33
N SER G 369 14.79 29.66 -115.03
CA SER G 369 13.88 29.13 -116.03
C SER G 369 12.68 30.04 -116.28
N LEU G 370 11.92 30.36 -115.24
CA LEU G 370 10.72 31.18 -115.35
C LEU G 370 10.94 32.47 -114.58
N VAL G 371 10.99 33.59 -115.29
CA VAL G 371 11.01 34.91 -114.66
C VAL G 371 9.55 35.33 -114.52
N ASN G 372 8.92 34.84 -113.46
CA ASN G 372 7.49 35.08 -113.27
C ASN G 372 7.20 36.53 -112.92
N GLY G 373 8.14 37.21 -112.27
CA GLY G 373 7.93 38.59 -111.90
C GLY G 373 9.22 39.22 -111.44
N ALA G 374 9.11 40.46 -110.98
CA ALA G 374 10.28 41.16 -110.45
C ALA G 374 10.85 40.44 -109.24
N LYS G 375 9.96 39.99 -108.34
CA LYS G 375 10.34 39.30 -107.12
C LYS G 375 9.83 37.86 -107.12
N ASN G 376 9.81 37.22 -108.29
CA ASN G 376 9.29 35.86 -108.42
C ASN G 376 9.99 35.20 -109.60
N LEU G 377 10.88 34.27 -109.32
CA LEU G 377 11.67 33.59 -110.35
C LEU G 377 11.63 32.09 -110.07
N VAL G 378 12.11 31.32 -111.05
CA VAL G 378 12.20 29.87 -110.93
C VAL G 378 13.54 29.44 -111.52
N VAL G 379 14.24 28.57 -110.80
CA VAL G 379 15.51 28.00 -111.23
C VAL G 379 15.29 26.53 -111.56
N SER G 380 15.74 26.11 -112.74
CA SER G 380 15.59 24.73 -113.18
C SER G 380 16.95 24.07 -113.29
N GLY G 381 16.98 22.77 -113.06
CA GLY G 381 18.19 21.99 -113.13
C GLY G 381 18.06 20.68 -112.39
N PRO G 382 19.17 20.01 -112.15
CA PRO G 382 19.13 18.76 -111.39
C PRO G 382 18.57 18.99 -110.00
N PRO G 383 17.78 18.05 -109.46
CA PRO G 383 17.32 18.24 -108.07
C PRO G 383 18.45 18.35 -107.06
N GLN G 384 19.56 17.65 -107.29
CA GLN G 384 20.72 17.80 -106.41
C GLN G 384 21.24 19.24 -106.44
N SER G 385 21.40 19.80 -107.64
CA SER G 385 21.87 21.17 -107.76
C SER G 385 20.90 22.15 -107.12
N LEU G 386 19.61 21.92 -107.31
CA LEU G 386 18.62 22.82 -106.72
C LEU G 386 18.60 22.69 -105.20
N TYR G 387 18.85 21.49 -104.69
CA TYR G 387 18.95 21.32 -103.24
C TYR G 387 20.16 22.06 -102.69
N GLY G 388 21.28 22.03 -103.43
CA GLY G 388 22.44 22.80 -103.00
C GLY G 388 22.17 24.30 -103.01
N LEU G 389 21.49 24.77 -104.07
CA LEU G 389 21.10 26.17 -104.12
C LEU G 389 20.16 26.50 -102.96
N ASN G 390 19.27 25.58 -102.61
CA ASN G 390 18.37 25.79 -101.49
C ASN G 390 19.14 25.87 -100.18
N LEU G 391 20.17 25.05 -100.02
CA LEU G 391 21.01 25.13 -98.82
C LEU G 391 21.70 26.49 -98.73
N THR G 392 22.24 26.96 -99.86
CA THR G 392 22.87 28.28 -99.85
C THR G 392 21.85 29.37 -99.52
N LEU G 393 20.66 29.29 -100.09
CA LEU G 393 19.63 30.29 -99.82
C LEU G 393 19.19 30.25 -98.37
N ARG G 394 19.10 29.05 -97.79
CA ARG G 394 18.77 28.94 -96.38
C ARG G 394 19.85 29.55 -95.51
N LYS G 395 21.12 29.32 -95.86
CA LYS G 395 22.22 29.96 -95.13
C LYS G 395 22.12 31.48 -95.23
N ALA G 396 21.67 31.99 -96.37
CA ALA G 396 21.53 33.43 -96.57
C ALA G 396 20.16 33.98 -96.19
N LYS G 397 19.28 33.14 -95.64
CA LYS G 397 17.90 33.52 -95.35
C LYS G 397 17.68 33.66 -93.86
N ALA G 398 16.99 34.72 -93.46
CA ALA G 398 16.66 34.92 -92.05
C ALA G 398 15.43 34.09 -91.66
N PRO G 399 15.24 33.84 -90.37
CA PRO G 399 14.05 33.10 -89.94
C PRO G 399 12.77 33.82 -90.32
N SER G 400 11.76 33.05 -90.68
CA SER G 400 10.46 33.65 -91.03
C SER G 400 9.84 34.33 -89.82
N GLY G 401 9.99 33.74 -88.65
CA GLY G 401 9.41 34.30 -87.44
C GLY G 401 10.33 35.24 -86.69
N LEU G 402 11.11 36.02 -87.43
CA LEU G 402 12.02 37.00 -86.85
C LEU G 402 11.36 38.36 -86.85
N ASP G 403 11.42 39.06 -85.72
CA ASP G 403 10.89 40.42 -85.60
C ASP G 403 12.03 41.39 -85.89
N GLN G 404 11.92 42.11 -87.00
CA GLN G 404 12.95 43.05 -87.46
C GLN G 404 12.44 44.49 -87.43
N SER G 405 11.40 44.76 -86.65
CA SER G 405 10.85 46.11 -86.61
C SER G 405 11.80 47.09 -85.94
N ARG G 406 12.69 46.60 -85.07
CA ARG G 406 13.59 47.47 -84.32
C ARG G 406 14.93 47.69 -85.00
N ILE G 407 15.19 47.03 -86.13
CA ILE G 407 16.45 47.16 -86.85
C ILE G 407 16.23 48.15 -88.00
N PRO G 408 17.23 48.96 -88.38
CA PRO G 408 17.03 49.83 -89.54
C PRO G 408 16.83 49.03 -90.81
N PHE G 409 16.08 49.61 -91.75
CA PHE G 409 15.69 48.89 -92.96
C PHE G 409 16.91 48.46 -93.77
N SER G 410 17.91 49.32 -93.87
CA SER G 410 19.10 48.97 -94.64
C SER G 410 19.83 47.79 -94.01
N GLU G 411 19.86 47.72 -92.67
CA GLU G 411 20.58 46.67 -91.97
C GLU G 411 19.76 45.39 -91.82
N ARG G 412 18.52 45.35 -92.29
CA ARG G 412 17.69 44.18 -92.13
C ARG G 412 18.13 43.05 -93.04
N LYS G 413 18.13 41.84 -92.49
CA LYS G 413 18.42 40.66 -93.31
C LYS G 413 17.25 40.40 -94.26
N LEU G 414 17.57 40.19 -95.53
CA LEU G 414 16.54 39.96 -96.52
C LEU G 414 15.91 38.58 -96.31
N LYS G 415 14.58 38.56 -96.26
CA LYS G 415 13.82 37.32 -96.04
C LYS G 415 13.03 36.99 -97.30
N PHE G 416 12.97 35.71 -97.63
CA PHE G 416 12.31 35.25 -98.85
C PHE G 416 11.83 33.82 -98.62
N SER G 417 11.03 33.34 -99.58
CA SER G 417 10.48 31.99 -99.52
C SER G 417 10.84 31.24 -100.79
N ASN G 418 11.36 30.03 -100.63
CA ASN G 418 11.68 29.14 -101.74
C ASN G 418 10.95 27.82 -101.54
N ARG G 419 10.40 27.29 -102.63
CA ARG G 419 9.70 26.01 -102.58
C ARG G 419 9.87 25.29 -103.90
N PHE G 420 9.90 23.96 -103.84
CA PHE G 420 10.05 23.14 -105.03
C PHE G 420 8.70 22.97 -105.70
N LEU G 421 8.62 23.33 -106.98
CA LEU G 421 7.35 23.26 -107.68
C LEU G 421 6.98 21.80 -107.95
N PRO G 422 5.68 21.50 -108.13
CA PRO G 422 5.32 20.15 -108.59
C PRO G 422 5.65 19.94 -110.06
N VAL G 423 6.92 19.67 -110.34
CA VAL G 423 7.38 19.36 -111.69
C VAL G 423 8.31 18.17 -111.59
N ALA G 424 8.40 17.42 -112.70
CA ALA G 424 9.18 16.19 -112.75
C ALA G 424 10.41 16.27 -113.64
N SER G 425 10.53 17.31 -114.48
CA SER G 425 11.71 17.51 -115.31
C SER G 425 12.13 18.97 -115.25
N PRO G 426 13.41 19.26 -115.47
CA PRO G 426 13.89 20.66 -115.41
C PRO G 426 13.65 21.43 -116.72
N PHE G 427 12.45 21.99 -116.84
CA PHE G 427 12.10 22.72 -118.05
C PHE G 427 12.92 23.99 -118.19
N HIS G 428 13.16 24.38 -119.43
CA HIS G 428 13.97 25.57 -119.76
C HIS G 428 15.37 25.43 -119.19
N SER G 429 15.95 24.24 -119.33
CA SER G 429 17.31 23.95 -118.89
C SER G 429 18.12 23.42 -120.05
N HIS G 430 19.44 23.50 -119.90
CA HIS G 430 20.35 22.89 -120.88
C HIS G 430 20.33 21.37 -120.81
N LEU G 431 19.70 20.79 -119.79
CA LEU G 431 19.55 19.34 -119.72
C LEU G 431 18.62 18.82 -120.82
N LEU G 432 17.64 19.63 -121.23
CA LEU G 432 16.68 19.23 -122.25
C LEU G 432 17.08 19.67 -123.66
N VAL G 433 18.27 20.26 -123.83
CA VAL G 433 18.71 20.66 -125.16
C VAL G 433 18.72 19.49 -126.15
N PRO G 434 19.31 18.33 -125.84
CA PRO G 434 19.39 17.29 -126.89
C PRO G 434 18.03 16.76 -127.32
N ALA G 435 16.99 16.95 -126.50
CA ALA G 435 15.65 16.54 -126.91
C ALA G 435 15.07 17.49 -127.95
N SER G 436 15.60 18.70 -128.09
CA SER G 436 15.04 19.66 -129.04
C SER G 436 15.17 19.15 -130.47
N ASP G 437 16.35 18.65 -130.84
CA ASP G 437 16.54 18.14 -132.20
C ASP G 437 15.65 16.94 -132.47
N LEU G 438 15.51 16.04 -131.50
CA LEU G 438 14.63 14.89 -131.67
C LEU G 438 13.18 15.33 -131.85
N ILE G 439 12.73 16.30 -131.06
CA ILE G 439 11.37 16.80 -131.20
C ILE G 439 11.17 17.43 -132.57
N ASN G 440 12.13 18.23 -133.02
CA ASN G 440 12.01 18.87 -134.33
C ASN G 440 11.97 17.85 -135.44
N LYS G 441 12.82 16.82 -135.37
CA LYS G 441 12.85 15.78 -136.38
C LYS G 441 11.62 14.88 -136.33
N ASP G 442 10.93 14.82 -135.18
CA ASP G 442 9.80 13.91 -135.03
C ASP G 442 8.46 14.56 -135.28
N LEU G 443 8.34 15.88 -135.06
CA LEU G 443 7.08 16.55 -135.33
C LEU G 443 6.75 16.55 -136.81
N VAL G 444 7.78 16.61 -137.67
CA VAL G 444 7.55 16.54 -139.10
C VAL G 444 7.08 15.13 -139.49
N LYS G 445 7.61 14.11 -138.83
CA LYS G 445 7.15 12.75 -139.07
C LYS G 445 5.70 12.60 -138.64
N ASN G 446 5.34 13.16 -137.48
CA ASN G 446 3.97 13.15 -137.01
C ASN G 446 3.06 14.08 -137.81
N ASN G 447 3.62 14.93 -138.67
CA ASN G 447 2.85 15.83 -139.51
C ASN G 447 2.07 16.85 -138.67
N VAL G 448 2.82 17.59 -137.86
CA VAL G 448 2.27 18.63 -136.98
C VAL G 448 3.12 19.87 -137.17
N SER G 449 2.54 20.90 -137.78
CA SER G 449 3.23 22.17 -138.00
C SER G 449 2.23 23.30 -137.90
N PHE G 450 2.68 24.45 -137.39
CA PHE G 450 1.85 25.64 -137.24
C PHE G 450 2.31 26.69 -138.24
N ASN G 451 1.35 27.27 -138.95
CA ASN G 451 1.61 28.26 -139.99
C ASN G 451 1.13 29.63 -139.54
N ALA G 452 1.94 30.66 -139.80
CA ALA G 452 1.56 32.01 -139.42
C ALA G 452 0.30 32.45 -140.13
N LYS G 453 0.15 32.09 -141.41
CA LYS G 453 -1.06 32.47 -142.15
C LYS G 453 -2.28 31.81 -141.54
N ASP G 454 -2.17 30.54 -141.12
CA ASP G 454 -3.30 29.88 -140.48
C ASP G 454 -3.61 30.51 -139.12
N ILE G 455 -2.58 30.92 -138.39
CA ILE G 455 -2.80 31.66 -137.15
C ILE G 455 -3.36 33.03 -137.49
N GLN G 456 -4.48 33.39 -136.84
CA GLN G 456 -5.17 34.65 -137.10
C GLN G 456 -5.34 35.51 -135.86
N ILE G 457 -4.67 35.17 -134.76
CA ILE G 457 -4.54 36.10 -133.62
C ILE G 457 -3.10 36.09 -133.15
N PRO G 458 -2.64 37.21 -132.59
CA PRO G 458 -1.24 37.25 -132.14
C PRO G 458 -1.00 36.28 -131.00
N VAL G 459 0.16 35.62 -131.05
CA VAL G 459 0.62 34.74 -129.99
C VAL G 459 2.00 35.20 -129.56
N TYR G 460 2.15 35.51 -128.27
CA TYR G 460 3.35 36.15 -127.78
C TYR G 460 4.38 35.10 -127.35
N ASP G 461 5.56 35.14 -127.96
CA ASP G 461 6.62 34.22 -127.61
C ASP G 461 7.02 34.39 -126.15
N THR G 462 7.14 33.26 -125.44
CA THR G 462 7.41 33.30 -124.01
C THR G 462 8.74 33.96 -123.68
N PHE G 463 9.68 33.95 -124.62
CA PHE G 463 11.01 34.48 -124.34
C PHE G 463 11.06 36.00 -124.46
N ASP G 464 10.81 36.52 -125.67
CA ASP G 464 10.94 37.95 -125.93
C ASP G 464 9.60 38.66 -126.06
N GLY G 465 8.49 37.93 -126.06
CA GLY G 465 7.18 38.54 -126.19
C GLY G 465 6.78 38.88 -127.62
N SER G 466 7.65 38.65 -128.59
CA SER G 466 7.32 38.94 -129.98
C SER G 466 6.22 38.00 -130.47
N ASP G 467 5.47 38.49 -131.46
CA ASP G 467 4.42 37.67 -132.05
C ASP G 467 5.03 36.52 -132.83
N LEU G 468 4.40 35.34 -132.72
CA LEU G 468 4.89 34.17 -133.44
C LEU G 468 4.54 34.19 -134.92
N ARG G 469 3.54 35.00 -135.32
CA ARG G 469 3.19 35.08 -136.74
C ARG G 469 4.34 35.64 -137.57
N VAL G 470 4.99 36.70 -137.07
CA VAL G 470 6.03 37.37 -137.84
C VAL G 470 7.37 36.67 -137.78
N LEU G 471 7.46 35.52 -137.11
CA LEU G 471 8.73 34.82 -137.00
C LEU G 471 9.07 34.13 -138.31
N SER G 472 10.28 34.40 -138.82
CA SER G 472 10.71 33.78 -140.07
C SER G 472 10.87 32.28 -139.93
N GLY G 473 11.39 31.83 -138.78
CA GLY G 473 11.63 30.41 -138.56
C GLY G 473 10.36 29.65 -138.28
N SER G 474 10.53 28.35 -138.02
CA SER G 474 9.39 27.49 -137.76
C SER G 474 8.78 27.79 -136.40
N ILE G 475 7.47 28.00 -136.40
CA ILE G 475 6.77 28.29 -135.14
C ILE G 475 6.85 27.10 -134.20
N SER G 476 6.69 25.88 -134.72
CA SER G 476 6.76 24.71 -133.86
C SER G 476 8.13 24.60 -133.21
N GLU G 477 9.20 24.85 -133.98
CA GLU G 477 10.53 24.84 -133.42
C GLU G 477 10.69 25.91 -132.36
N ARG G 478 10.13 27.10 -132.59
CA ARG G 478 10.24 28.17 -131.59
C ARG G 478 9.52 27.80 -130.30
N ILE G 479 8.33 27.19 -130.41
CA ILE G 479 7.61 26.75 -129.20
C ILE G 479 8.42 25.68 -128.48
N VAL G 480 9.01 24.73 -129.21
CA VAL G 480 9.78 23.67 -128.57
C VAL G 480 10.97 24.27 -127.84
N ASP G 481 11.68 25.20 -128.50
CA ASP G 481 12.83 25.84 -127.87
C ASP G 481 12.40 26.64 -126.65
N CYS G 482 11.25 27.31 -126.73
CA CYS G 482 10.74 28.04 -125.59
C CYS G 482 10.47 27.12 -124.41
N ILE G 483 9.87 25.96 -124.67
CA ILE G 483 9.47 25.09 -123.58
C ILE G 483 10.67 24.40 -122.95
N ILE G 484 11.64 23.97 -123.76
CA ILE G 484 12.71 23.12 -123.27
C ILE G 484 14.01 23.88 -122.99
N ARG G 485 14.34 24.90 -123.79
CA ARG G 485 15.63 25.56 -123.74
C ARG G 485 15.55 26.99 -123.19
N LEU G 486 14.74 27.86 -123.82
CA LEU G 486 14.77 29.27 -123.45
C LEU G 486 13.94 29.51 -122.18
N PRO G 487 14.25 30.56 -121.42
CA PRO G 487 13.44 30.86 -120.23
C PRO G 487 12.14 31.56 -120.60
N VAL G 488 11.27 31.67 -119.60
CA VAL G 488 9.96 32.29 -119.76
C VAL G 488 10.02 33.64 -119.05
N LYS G 489 10.11 34.72 -119.84
CA LYS G 489 10.08 36.08 -119.31
C LYS G 489 8.63 36.54 -119.35
N TRP G 490 7.89 36.17 -118.30
CA TRP G 490 6.44 36.42 -118.28
C TRP G 490 6.14 37.91 -118.28
N GLU G 491 6.92 38.70 -117.54
CA GLU G 491 6.75 40.15 -117.57
C GLU G 491 6.97 40.70 -118.97
N THR G 492 8.01 40.23 -119.65
CA THR G 492 8.30 40.72 -120.99
C THR G 492 7.19 40.34 -121.97
N THR G 493 6.57 39.18 -121.78
CA THR G 493 5.47 38.76 -122.64
C THR G 493 4.16 39.46 -122.31
N THR G 494 3.99 39.89 -121.07
CA THR G 494 2.72 40.42 -120.60
C THR G 494 2.62 41.94 -120.85
N GLN G 495 3.42 42.46 -121.78
CA GLN G 495 3.34 43.87 -122.14
C GLN G 495 2.13 44.20 -123.02
N PHE G 496 1.38 43.21 -123.48
CA PHE G 496 0.19 43.49 -124.28
C PHE G 496 -0.81 44.31 -123.48
N LYS G 497 -1.51 45.21 -124.17
CA LYS G 497 -2.52 46.07 -123.55
C LYS G 497 -3.88 45.39 -123.69
N ALA G 498 -4.47 45.00 -122.56
CA ALA G 498 -5.77 44.36 -122.56
C ALA G 498 -6.44 44.61 -121.21
N THR G 499 -7.76 44.65 -121.23
CA THR G 499 -8.55 44.86 -120.02
C THR G 499 -8.87 43.58 -119.27
N HIS G 500 -9.02 42.47 -119.99
CA HIS G 500 -9.38 41.20 -119.38
C HIS G 500 -8.48 40.08 -119.90
N ILE G 501 -8.09 39.21 -118.98
CA ILE G 501 -7.25 38.05 -119.27
C ILE G 501 -8.00 36.82 -118.80
N LEU G 502 -8.04 35.79 -119.65
CA LEU G 502 -8.72 34.54 -119.35
C LEU G 502 -7.70 33.44 -119.12
N ASP G 503 -7.60 32.96 -117.89
CA ASP G 503 -6.65 31.92 -117.52
C ASP G 503 -7.32 30.55 -117.60
N PHE G 504 -6.84 29.73 -118.54
CA PHE G 504 -7.35 28.36 -118.70
C PHE G 504 -6.42 27.31 -118.11
N GLY G 505 -5.37 27.72 -117.42
CA GLY G 505 -4.37 26.78 -116.95
C GLY G 505 -4.83 26.00 -115.75
N PRO G 506 -4.00 25.04 -115.35
CA PRO G 506 -4.29 24.30 -114.12
C PRO G 506 -3.95 25.10 -112.87
N GLY G 507 -4.46 24.62 -111.74
CA GLY G 507 -4.21 25.21 -110.45
C GLY G 507 -5.28 26.16 -109.97
N GLY G 508 -6.11 26.70 -110.86
CA GLY G 508 -7.16 27.62 -110.48
C GLY G 508 -6.63 28.84 -109.76
N ALA G 509 -6.92 28.94 -108.45
CA ALA G 509 -6.38 30.04 -107.66
C ALA G 509 -4.86 29.97 -107.56
N SER G 510 -4.30 28.76 -107.59
CA SER G 510 -2.86 28.57 -107.56
C SER G 510 -2.25 28.55 -108.97
N GLY G 511 -3.05 28.80 -110.00
CA GLY G 511 -2.59 28.72 -111.37
C GLY G 511 -1.95 30.00 -111.85
N LEU G 512 -1.86 30.11 -113.18
CA LEU G 512 -1.21 31.24 -113.81
C LEU G 512 -2.04 32.53 -113.72
N GLY G 513 -3.36 32.41 -113.58
CA GLY G 513 -4.20 33.60 -113.58
C GLY G 513 -3.91 34.51 -112.41
N VAL G 514 -3.83 33.95 -111.21
CA VAL G 514 -3.58 34.76 -110.02
C VAL G 514 -2.18 35.36 -110.06
N LEU G 515 -1.22 34.62 -110.59
CA LEU G 515 0.14 35.16 -110.75
C LEU G 515 0.14 36.35 -111.70
N THR G 516 -0.56 36.22 -112.84
CA THR G 516 -0.65 37.33 -113.78
C THR G 516 -1.36 38.52 -113.16
N HIS G 517 -2.39 38.25 -112.36
CA HIS G 517 -3.09 39.32 -111.66
C HIS G 517 -2.16 40.05 -110.70
N ARG G 518 -1.34 39.32 -109.96
CA ARG G 518 -0.38 39.96 -109.08
C ARG G 518 0.62 40.80 -109.87
N ASN G 519 1.06 40.28 -111.02
CA ASN G 519 2.03 41.01 -111.83
C ASN G 519 1.43 42.31 -112.37
N LYS G 520 0.19 42.26 -112.83
CA LYS G 520 -0.48 43.42 -113.42
C LYS G 520 -1.46 44.12 -112.48
N ASP G 521 -1.30 43.95 -111.17
CA ASP G 521 -2.20 44.61 -110.23
C ASP G 521 -2.01 46.12 -110.30
N GLY G 522 -3.13 46.84 -110.35
CA GLY G 522 -3.12 48.29 -110.40
C GLY G 522 -3.06 48.89 -111.78
N THR G 523 -2.90 48.08 -112.82
CA THR G 523 -2.92 48.56 -114.20
C THR G 523 -4.31 48.51 -114.83
N GLY G 524 -5.33 48.16 -114.04
CA GLY G 524 -6.68 48.12 -114.57
C GLY G 524 -7.00 46.90 -115.39
N VAL G 525 -6.21 45.84 -115.26
CA VAL G 525 -6.38 44.62 -116.04
C VAL G 525 -7.01 43.56 -115.14
N ARG G 526 -8.20 43.11 -115.52
CA ARG G 526 -8.91 42.07 -114.80
C ARG G 526 -8.40 40.71 -115.25
N VAL G 527 -8.38 39.75 -114.33
CA VAL G 527 -7.99 38.37 -114.62
C VAL G 527 -9.10 37.45 -114.14
N ILE G 528 -9.55 36.56 -115.02
CA ILE G 528 -10.63 35.63 -114.74
C ILE G 528 -10.12 34.22 -115.01
N VAL G 529 -10.21 33.35 -114.02
CA VAL G 529 -9.75 31.96 -114.13
C VAL G 529 -10.95 31.10 -114.48
N ALA G 530 -10.86 30.39 -115.61
CA ALA G 530 -11.93 29.52 -116.08
C ALA G 530 -11.75 28.08 -115.62
N GLY G 531 -10.69 27.77 -114.87
CA GLY G 531 -10.40 26.40 -114.51
C GLY G 531 -11.17 25.87 -113.33
N THR G 532 -11.75 26.76 -112.52
CA THR G 532 -12.48 26.34 -111.34
C THR G 532 -13.63 27.30 -111.09
N LEU G 533 -14.66 26.78 -110.41
CA LEU G 533 -15.84 27.56 -110.01
C LEU G 533 -15.73 27.85 -108.53
N ASP G 534 -15.49 29.11 -108.19
CA ASP G 534 -15.32 29.53 -106.80
C ASP G 534 -15.54 31.04 -106.75
N ILE G 535 -15.50 31.58 -105.54
CA ILE G 535 -15.64 33.02 -105.30
C ILE G 535 -14.38 33.52 -104.63
N ASN G 536 -13.97 34.74 -105.00
CA ASN G 536 -12.83 35.40 -104.38
C ASN G 536 -13.35 36.45 -103.40
N PRO G 537 -13.17 36.31 -102.09
CA PRO G 537 -13.65 37.37 -101.18
C PRO G 537 -13.03 38.73 -101.45
N ASP G 538 -11.76 38.77 -101.83
CA ASP G 538 -11.14 40.04 -102.20
C ASP G 538 -11.74 40.59 -103.50
N ASP G 539 -12.17 39.71 -104.40
CA ASP G 539 -12.77 40.09 -105.67
C ASP G 539 -11.77 40.79 -106.59
N ASP G 540 -10.48 40.64 -106.33
CA ASP G 540 -9.46 41.28 -107.17
C ASP G 540 -9.18 40.49 -108.44
N TYR G 541 -9.66 39.26 -108.56
CA TYR G 541 -9.63 38.50 -109.81
C TYR G 541 -10.92 37.71 -109.94
N GLY G 542 -11.33 37.48 -111.18
CA GLY G 542 -12.58 36.82 -111.45
C GLY G 542 -12.49 35.31 -111.36
N PHE G 543 -13.61 34.66 -111.69
CA PHE G 543 -13.72 33.21 -111.66
C PHE G 543 -14.59 32.78 -112.83
N LYS G 544 -14.83 31.48 -112.93
CA LYS G 544 -15.53 30.91 -114.08
C LYS G 544 -16.92 31.52 -114.26
N GLN G 545 -17.58 31.89 -113.15
CA GLN G 545 -18.93 32.44 -113.26
C GLN G 545 -18.92 33.81 -113.93
N GLU G 546 -17.84 34.57 -113.75
CA GLU G 546 -17.78 35.92 -114.33
C GLU G 546 -17.78 35.87 -115.85
N ILE G 547 -17.28 34.79 -116.43
CA ILE G 547 -17.25 34.68 -117.88
C ILE G 547 -18.67 34.57 -118.43
N PHE G 548 -19.49 33.73 -117.80
CA PHE G 548 -20.83 33.43 -118.31
C PHE G 548 -21.91 34.33 -117.73
N ASP G 549 -21.59 35.17 -116.76
CA ASP G 549 -22.58 36.08 -116.22
C ASP G 549 -23.02 37.07 -117.29
N VAL G 550 -24.30 37.43 -117.26
CA VAL G 550 -24.91 38.29 -118.27
C VAL G 550 -25.15 39.68 -117.71
N THR G 551 -25.27 39.79 -116.39
CA THR G 551 -25.57 41.06 -115.75
C THR G 551 -24.29 41.91 -115.68
N SER G 552 -24.37 43.04 -114.97
CA SER G 552 -23.20 43.89 -114.79
C SER G 552 -22.13 43.22 -113.93
N ASN G 553 -22.50 42.16 -113.19
CA ASN G 553 -21.51 41.45 -112.39
C ASN G 553 -20.45 40.80 -113.27
N GLY G 554 -20.83 40.37 -114.48
CA GLY G 554 -19.86 39.77 -115.37
C GLY G 554 -18.82 40.76 -115.85
N LEU G 555 -19.25 41.99 -116.16
CA LEU G 555 -18.34 43.02 -116.65
C LEU G 555 -17.74 43.75 -115.46
N LYS G 556 -16.61 43.23 -114.99
CA LYS G 556 -15.83 43.83 -113.92
C LYS G 556 -14.52 44.36 -114.49
N LYS G 557 -14.25 45.65 -114.27
CA LYS G 557 -13.00 46.28 -114.65
C LYS G 557 -12.16 46.45 -113.39
N ASN G 558 -10.94 45.92 -113.41
CA ASN G 558 -10.08 46.05 -112.25
C ASN G 558 -9.68 47.52 -112.07
N PRO G 559 -9.40 47.96 -110.85
CA PRO G 559 -9.08 49.38 -110.65
C PRO G 559 -7.78 49.77 -111.35
N ASN G 560 -7.80 50.92 -112.00
CA ASN G 560 -6.61 51.54 -112.58
C ASN G 560 -6.24 52.71 -111.69
N TRP G 561 -5.12 52.58 -110.98
CA TRP G 561 -4.73 53.59 -110.01
C TRP G 561 -4.40 54.91 -110.70
N LEU G 562 -3.80 54.85 -111.89
CA LEU G 562 -3.44 56.08 -112.59
C LEU G 562 -4.68 56.89 -112.95
N GLU G 563 -5.76 56.21 -113.33
CA GLU G 563 -6.99 56.88 -113.76
C GLU G 563 -7.98 57.04 -112.61
N GLU G 564 -8.19 55.99 -111.83
CA GLU G 564 -9.19 56.05 -110.76
C GLU G 564 -8.80 57.09 -109.71
N TYR G 565 -7.55 57.07 -109.26
CA TYR G 565 -7.04 58.04 -108.30
C TYR G 565 -6.24 59.14 -108.99
N HIS G 566 -6.67 59.53 -110.17
CA HIS G 566 -6.01 60.58 -110.92
C HIS G 566 -6.17 61.93 -110.23
N PRO G 567 -5.09 62.64 -109.88
CA PRO G 567 -5.27 64.03 -109.42
C PRO G 567 -5.77 64.89 -110.57
N LYS G 568 -6.57 65.90 -110.22
CA LYS G 568 -7.13 66.79 -111.22
C LYS G 568 -7.17 68.20 -110.65
N LEU G 569 -7.68 69.13 -111.43
CA LEU G 569 -7.86 70.52 -110.99
C LEU G 569 -9.33 70.89 -111.04
N ILE G 570 -9.76 71.71 -110.09
CA ILE G 570 -11.13 72.20 -110.03
C ILE G 570 -11.07 73.65 -109.57
N LYS G 571 -12.16 74.38 -109.76
CA LYS G 571 -12.26 75.77 -109.31
C LYS G 571 -13.67 76.06 -108.82
N ASN G 572 -13.77 77.05 -107.95
CA ASN G 572 -15.04 77.49 -107.40
C ASN G 572 -15.47 78.80 -108.08
N LYS G 573 -16.55 79.41 -107.60
CA LYS G 573 -17.02 80.66 -108.17
C LYS G 573 -15.97 81.76 -108.04
N SER G 574 -15.29 81.82 -106.89
CA SER G 574 -14.28 82.84 -106.67
C SER G 574 -13.07 82.67 -107.58
N GLY G 575 -12.92 81.53 -108.26
CA GLY G 575 -11.82 81.30 -109.15
C GLY G 575 -10.62 80.64 -108.53
N LYS G 576 -10.63 80.37 -107.23
CA LYS G 576 -9.51 79.70 -106.59
C LYS G 576 -9.35 78.29 -107.14
N ILE G 577 -8.13 77.95 -107.56
CA ILE G 577 -7.85 76.65 -108.15
C ILE G 577 -7.47 75.69 -107.03
N PHE G 578 -8.23 74.60 -106.92
CA PHE G 578 -7.99 73.55 -105.97
C PHE G 578 -7.50 72.30 -106.69
N VAL G 579 -6.56 71.59 -106.06
CA VAL G 579 -6.08 70.31 -106.58
C VAL G 579 -7.12 69.27 -106.19
N GLU G 580 -8.05 68.98 -107.10
CA GLU G 580 -9.09 68.01 -106.85
C GLU G 580 -8.47 66.63 -106.63
N THR G 581 -8.64 66.12 -105.42
CA THR G 581 -8.12 64.84 -104.99
C THR G 581 -9.15 64.25 -104.04
N LYS G 582 -8.97 63.00 -103.61
CA LYS G 582 -9.93 62.40 -102.69
C LYS G 582 -9.97 63.17 -101.36
N PHE G 583 -8.80 63.36 -100.75
CA PHE G 583 -8.73 64.07 -99.48
C PHE G 583 -9.18 65.52 -99.62
N SER G 584 -8.75 66.18 -100.70
CA SER G 584 -9.16 67.56 -100.94
C SER G 584 -10.66 67.66 -101.14
N LYS G 585 -11.25 66.69 -101.85
CA LYS G 585 -12.69 66.68 -102.05
C LYS G 585 -13.42 66.51 -100.73
N LEU G 586 -12.93 65.63 -99.87
CA LEU G 586 -13.58 65.43 -98.58
C LEU G 586 -13.51 66.68 -97.72
N ILE G 587 -12.33 67.31 -97.64
CA ILE G 587 -12.14 68.41 -96.69
C ILE G 587 -12.47 69.78 -97.26
N GLY G 588 -12.73 69.89 -98.55
CA GLY G 588 -13.00 71.19 -99.15
C GLY G 588 -11.83 72.16 -99.06
N ARG G 589 -10.61 71.64 -99.12
CA ARG G 589 -9.41 72.46 -99.00
C ARG G 589 -8.29 71.76 -99.74
N PRO G 590 -7.17 72.44 -99.95
CA PRO G 590 -6.08 71.82 -100.70
C PRO G 590 -5.57 70.58 -99.98
N PRO G 591 -5.03 69.57 -100.72
CA PRO G 591 -4.61 68.30 -100.12
C PRO G 591 -3.25 68.36 -99.41
N LEU G 592 -3.03 69.42 -98.64
CA LEU G 592 -1.81 69.63 -97.87
C LEU G 592 -2.23 69.93 -96.44
N LEU G 593 -1.52 69.33 -95.48
CA LEU G 593 -1.87 69.51 -94.08
C LEU G 593 -0.59 69.61 -93.25
N VAL G 594 -0.69 70.33 -92.13
CA VAL G 594 0.38 70.43 -91.16
C VAL G 594 0.09 69.42 -90.05
N PRO G 595 0.86 68.35 -89.92
CA PRO G 595 0.53 67.34 -88.92
C PRO G 595 0.79 67.85 -87.50
N GLY G 596 0.15 67.20 -86.54
CA GLY G 596 0.35 67.55 -85.15
C GLY G 596 1.81 67.41 -84.76
N MET G 597 2.39 68.49 -84.25
CA MET G 597 3.83 68.58 -84.01
C MET G 597 4.06 69.19 -82.64
N THR G 598 4.50 68.37 -81.70
CA THR G 598 4.88 68.87 -80.39
C THR G 598 6.33 69.37 -80.42
N PRO G 599 6.61 70.64 -80.07
CA PRO G 599 5.75 71.73 -79.60
C PRO G 599 5.29 72.71 -80.68
N CYS G 600 5.47 72.42 -81.97
CA CYS G 600 5.23 73.43 -83.00
C CYS G 600 3.75 73.75 -83.14
N THR G 601 2.92 72.74 -83.37
CA THR G 601 1.49 72.98 -83.51
C THR G 601 0.79 73.09 -82.16
N VAL G 602 1.52 72.96 -81.05
CA VAL G 602 0.94 73.20 -79.74
C VAL G 602 0.43 74.64 -79.64
N SER G 603 1.15 75.58 -80.24
CA SER G 603 0.79 76.98 -80.15
C SER G 603 -0.57 77.22 -80.79
N PRO G 604 -1.55 77.81 -80.07
CA PRO G 604 -2.80 78.19 -80.74
C PRO G 604 -2.60 79.16 -81.88
N ASP G 605 -1.60 80.04 -81.77
CA ASP G 605 -1.39 81.06 -82.80
C ASP G 605 -1.03 80.43 -84.13
N PHE G 606 -0.14 79.43 -84.13
CA PHE G 606 0.28 78.80 -85.38
C PHE G 606 -0.87 78.00 -85.99
N VAL G 607 -1.63 77.30 -85.17
CA VAL G 607 -2.77 76.53 -85.68
C VAL G 607 -3.80 77.47 -86.30
N ALA G 608 -4.09 78.58 -85.62
CA ALA G 608 -5.03 79.57 -86.17
C ALA G 608 -4.50 80.17 -87.46
N ALA G 609 -3.19 80.45 -87.51
CA ALA G 609 -2.61 81.05 -88.71
C ALA G 609 -2.70 80.10 -89.90
N THR G 610 -2.40 78.81 -89.69
CA THR G 610 -2.51 77.85 -90.77
C THR G 610 -3.96 77.69 -91.22
N THR G 611 -4.89 77.63 -90.26
CA THR G 611 -6.30 77.51 -90.62
C THR G 611 -6.78 78.71 -91.41
N ASN G 612 -6.36 79.91 -91.01
CA ASN G 612 -6.70 81.11 -91.77
C ASN G 612 -6.06 81.09 -93.15
N ALA G 613 -4.84 80.57 -93.26
CA ALA G 613 -4.23 80.36 -94.56
C ALA G 613 -5.02 79.38 -95.41
N GLY G 614 -5.80 78.50 -94.79
CA GLY G 614 -6.68 77.62 -95.55
C GLY G 614 -6.11 76.25 -95.77
N TYR G 615 -5.29 75.76 -94.86
CA TYR G 615 -4.65 74.46 -94.95
C TYR G 615 -4.88 73.70 -93.66
N THR G 616 -5.15 72.42 -93.76
CA THR G 616 -5.47 71.61 -92.60
C THR G 616 -4.30 71.59 -91.63
N ILE G 617 -4.62 71.64 -90.33
CA ILE G 617 -3.60 71.60 -89.29
C ILE G 617 -4.19 70.94 -88.06
N GLU G 618 -3.32 70.23 -87.33
CA GLU G 618 -3.69 69.50 -86.13
C GLU G 618 -3.08 70.18 -84.91
N LEU G 619 -3.93 70.55 -83.96
CA LEU G 619 -3.49 71.05 -82.66
C LEU G 619 -2.97 69.84 -81.89
N ALA G 620 -1.67 69.83 -81.62
CA ALA G 620 -1.07 68.70 -80.92
C ALA G 620 -1.34 68.79 -79.42
N GLY G 621 -1.78 67.69 -78.83
CA GLY G 621 -1.99 67.60 -77.40
C GLY G 621 -0.74 67.34 -76.60
N GLY G 622 0.42 67.19 -77.25
CA GLY G 622 1.64 66.84 -76.53
C GLY G 622 2.04 67.91 -75.53
N GLY G 623 1.87 69.18 -75.88
CA GLY G 623 2.18 70.26 -74.98
C GLY G 623 1.10 70.58 -73.96
N TYR G 624 -0.01 69.86 -73.99
CA TYR G 624 -1.09 70.04 -73.03
C TYR G 624 -1.22 68.77 -72.21
N PHE G 625 -1.24 68.93 -70.88
CA PHE G 625 -1.30 67.82 -69.94
C PHE G 625 -2.61 67.77 -69.18
N SER G 626 -3.58 68.62 -69.54
CA SER G 626 -4.85 68.67 -68.84
C SER G 626 -5.94 69.09 -69.82
N ALA G 627 -7.15 68.58 -69.54
CA ALA G 627 -8.29 68.93 -70.37
C ALA G 627 -8.57 70.42 -70.31
N ALA G 628 -8.36 71.05 -69.15
CA ALA G 628 -8.55 72.49 -69.04
C ALA G 628 -7.57 73.24 -69.94
N GLY G 629 -6.31 72.82 -69.95
CA GLY G 629 -5.34 73.48 -70.81
C GLY G 629 -5.66 73.31 -72.28
N MET G 630 -6.02 72.10 -72.68
CA MET G 630 -6.35 71.89 -74.09
C MET G 630 -7.62 72.64 -74.47
N THR G 631 -8.59 72.72 -73.56
CA THR G 631 -9.80 73.49 -73.83
C THR G 631 -9.49 74.97 -74.00
N ALA G 632 -8.60 75.50 -73.16
CA ALA G 632 -8.20 76.90 -73.32
C ALA G 632 -7.52 77.12 -74.65
N ALA G 633 -6.64 76.19 -75.05
CA ALA G 633 -5.98 76.32 -76.34
C ALA G 633 -6.99 76.26 -77.48
N ILE G 634 -7.95 75.34 -77.40
CA ILE G 634 -8.95 75.21 -78.46
C ILE G 634 -9.81 76.46 -78.54
N ASP G 635 -10.19 77.02 -77.39
CA ASP G 635 -10.96 78.26 -77.39
C ASP G 635 -10.15 79.39 -78.00
N SER G 636 -8.85 79.45 -77.72
CA SER G 636 -8.01 80.47 -78.33
C SER G 636 -7.98 80.29 -79.86
N VAL G 637 -7.85 79.05 -80.32
CA VAL G 637 -7.84 78.80 -81.76
C VAL G 637 -9.17 79.22 -82.39
N VAL G 638 -10.27 78.88 -81.73
CA VAL G 638 -11.59 79.22 -82.26
C VAL G 638 -11.76 80.73 -82.34
N SER G 639 -11.31 81.45 -81.30
CA SER G 639 -11.41 82.90 -81.31
C SER G 639 -10.55 83.49 -82.43
N GLN G 640 -9.37 82.91 -82.67
CA GLN G 640 -8.45 83.45 -83.66
C GLN G 640 -8.86 83.15 -85.10
N ILE G 641 -9.50 82.01 -85.36
CA ILE G 641 -9.85 81.64 -86.73
C ILE G 641 -11.11 82.38 -87.14
N GLU G 642 -11.41 82.34 -88.43
CA GLU G 642 -12.59 82.99 -88.99
C GLU G 642 -13.81 82.09 -88.85
N LYS G 643 -14.97 82.65 -89.18
CA LYS G 643 -16.21 81.90 -89.10
C LYS G 643 -16.23 80.76 -90.11
N GLY G 644 -16.69 79.59 -89.66
CA GLY G 644 -16.76 78.42 -90.51
C GLY G 644 -15.45 77.67 -90.67
N SER G 645 -14.37 78.14 -90.07
CA SER G 645 -13.08 77.48 -90.17
C SER G 645 -13.05 76.23 -89.30
N THR G 646 -12.06 75.39 -89.55
CA THR G 646 -11.95 74.10 -88.88
C THR G 646 -10.49 73.71 -88.72
N PHE G 647 -10.24 72.81 -87.77
CA PHE G 647 -8.91 72.28 -87.50
C PHE G 647 -9.08 70.94 -86.81
N GLY G 648 -8.01 70.15 -86.82
CA GLY G 648 -8.01 68.85 -86.17
C GLY G 648 -7.26 68.88 -84.85
N ILE G 649 -7.30 67.74 -84.15
CA ILE G 649 -6.58 67.54 -82.91
C ILE G 649 -5.76 66.27 -83.03
N ASN G 650 -4.52 66.32 -82.55
CA ASN G 650 -3.59 65.19 -82.63
C ASN G 650 -3.28 64.68 -81.23
N LEU G 651 -3.36 63.35 -81.08
CA LEU G 651 -3.09 62.68 -79.80
C LEU G 651 -2.13 61.53 -80.03
N ILE G 652 -1.33 61.26 -79.00
CA ILE G 652 -0.34 60.18 -79.00
C ILE G 652 -0.97 58.97 -78.32
N TYR G 653 -0.84 57.81 -78.95
CA TYR G 653 -1.43 56.58 -78.43
C TYR G 653 -0.56 55.87 -77.40
N VAL G 654 0.70 56.28 -77.24
CA VAL G 654 1.61 55.57 -76.33
C VAL G 654 1.35 55.88 -74.87
N ASN G 655 0.72 57.02 -74.56
CA ASN G 655 0.43 57.40 -73.18
C ASN G 655 -1.07 57.27 -72.92
N PRO G 656 -1.54 56.27 -72.16
CA PRO G 656 -2.98 56.14 -71.94
C PRO G 656 -3.61 57.34 -71.23
N PHE G 657 -2.84 58.07 -70.42
CA PHE G 657 -3.39 59.22 -69.72
C PHE G 657 -3.82 60.30 -70.71
N MET G 658 -3.03 60.50 -71.77
CA MET G 658 -3.39 61.47 -72.80
C MET G 658 -4.75 61.12 -73.40
N LEU G 659 -4.93 59.86 -73.79
CA LEU G 659 -6.21 59.45 -74.35
C LEU G 659 -7.33 59.61 -73.33
N GLN G 660 -7.06 59.24 -72.07
CA GLN G 660 -8.11 59.26 -71.05
C GLN G 660 -8.65 60.67 -70.83
N TRP G 661 -7.76 61.67 -70.81
CA TRP G 661 -8.24 63.04 -70.64
C TRP G 661 -8.61 63.71 -71.97
N GLY G 662 -8.20 63.18 -73.10
CA GLY G 662 -8.43 63.85 -74.37
C GLY G 662 -9.67 63.40 -75.12
N ILE G 663 -9.88 62.07 -75.21
CA ILE G 663 -11.03 61.57 -75.96
C ILE G 663 -12.35 62.01 -75.34
N PRO G 664 -12.55 61.93 -74.02
CA PRO G 664 -13.76 62.55 -73.46
C PRO G 664 -13.86 64.03 -73.73
N LEU G 665 -12.73 64.74 -73.72
CA LEU G 665 -12.77 66.17 -74.03
C LEU G 665 -13.19 66.41 -75.46
N ILE G 666 -12.69 65.59 -76.40
CA ILE G 666 -13.09 65.75 -77.80
C ILE G 666 -14.57 65.46 -77.96
N LYS G 667 -15.06 64.41 -77.30
CA LYS G 667 -16.50 64.11 -77.36
C LYS G 667 -17.33 65.26 -76.80
N GLU G 668 -16.89 65.82 -75.66
CA GLU G 668 -17.63 66.93 -75.07
C GLU G 668 -17.64 68.14 -75.98
N LEU G 669 -16.47 68.50 -76.53
CA LEU G 669 -16.40 69.67 -77.40
C LEU G 669 -17.21 69.47 -78.67
N ARG G 670 -17.21 68.26 -79.23
CA ARG G 670 -18.06 67.98 -80.38
C ARG G 670 -19.53 68.03 -80.01
N SER G 671 -19.88 67.65 -78.79
CA SER G 671 -21.25 67.83 -78.32
C SER G 671 -21.62 69.31 -78.29
N LYS G 672 -20.71 70.16 -77.80
CA LYS G 672 -20.95 71.60 -77.86
C LYS G 672 -20.87 72.14 -79.28
N GLY G 673 -20.37 71.36 -80.24
CA GLY G 673 -20.31 71.78 -81.62
C GLY G 673 -19.03 72.44 -82.03
N TYR G 674 -17.92 72.19 -81.34
CA TYR G 674 -16.68 72.87 -81.64
C TYR G 674 -16.16 72.44 -83.02
N PRO G 675 -15.41 73.31 -83.70
CA PRO G 675 -14.94 72.96 -85.05
C PRO G 675 -13.73 72.04 -85.03
N ILE G 676 -13.93 70.83 -84.52
CA ILE G 676 -12.90 69.79 -84.49
C ILE G 676 -13.23 68.88 -85.68
N GLN G 677 -12.58 69.16 -86.82
CA GLN G 677 -12.88 68.40 -88.03
C GLN G 677 -12.47 66.94 -87.88
N PHE G 678 -11.34 66.68 -87.24
CA PHE G 678 -10.84 65.31 -87.18
C PHE G 678 -9.91 65.13 -85.99
N LEU G 679 -9.70 63.87 -85.64
CA LEU G 679 -8.75 63.45 -84.62
C LEU G 679 -7.71 62.56 -85.29
N THR G 680 -6.44 62.91 -85.12
CA THR G 680 -5.32 62.13 -85.60
C THR G 680 -4.70 61.38 -84.43
N ILE G 681 -4.41 60.10 -84.64
CA ILE G 681 -3.76 59.26 -83.65
C ILE G 681 -2.39 58.89 -84.18
N GLY G 682 -1.35 59.30 -83.45
CA GLY G 682 0.01 59.05 -83.83
C GLY G 682 0.71 58.11 -82.83
N ALA G 683 1.85 57.59 -83.26
CA ALA G 683 2.65 56.68 -82.45
C ALA G 683 1.85 55.46 -82.01
N GLY G 684 1.05 54.93 -82.93
CA GLY G 684 0.27 53.74 -82.66
C GLY G 684 -1.10 53.78 -83.31
N VAL G 685 -1.57 52.63 -83.78
CA VAL G 685 -2.90 52.49 -84.37
C VAL G 685 -3.82 51.91 -83.30
N PRO G 686 -4.95 52.56 -82.98
CA PRO G 686 -5.85 51.97 -81.97
C PRO G 686 -6.41 50.64 -82.43
N SER G 687 -6.75 49.80 -81.46
CA SER G 687 -7.40 48.54 -81.77
C SER G 687 -8.74 48.78 -82.43
N LEU G 688 -9.36 47.71 -82.92
CA LEU G 688 -10.63 47.85 -83.64
C LEU G 688 -11.70 48.44 -82.73
N GLU G 689 -11.78 47.95 -81.49
CA GLU G 689 -12.81 48.44 -80.57
C GLU G 689 -12.60 49.92 -80.25
N VAL G 690 -11.35 50.30 -79.96
CA VAL G 690 -11.07 51.69 -79.62
C VAL G 690 -11.33 52.61 -80.81
N ALA G 691 -10.94 52.18 -82.00
CA ALA G 691 -11.19 52.98 -83.19
C ALA G 691 -12.68 53.13 -83.45
N SER G 692 -13.44 52.05 -83.27
CA SER G 692 -14.88 52.12 -83.44
C SER G 692 -15.50 53.08 -82.43
N GLU G 693 -15.02 53.03 -81.18
CA GLU G 693 -15.53 53.94 -80.17
C GLU G 693 -15.25 55.39 -80.54
N TYR G 694 -14.03 55.67 -81.01
CA TYR G 694 -13.73 57.02 -81.46
C TYR G 694 -14.66 57.45 -82.59
N ILE G 695 -14.80 56.59 -83.61
CA ILE G 695 -15.57 56.93 -84.80
C ILE G 695 -17.02 57.21 -84.44
N GLU G 696 -17.60 56.38 -83.55
CA GLU G 696 -19.01 56.57 -83.19
C GLU G 696 -19.19 57.75 -82.24
N THR G 697 -18.49 57.73 -81.11
CA THR G 697 -18.75 58.71 -80.05
C THR G 697 -18.35 60.11 -80.48
N LEU G 698 -17.13 60.28 -81.02
CA LEU G 698 -16.63 61.63 -81.25
C LEU G 698 -17.44 62.34 -82.34
N GLY G 699 -17.97 61.59 -83.30
CA GLY G 699 -18.74 62.21 -84.36
C GLY G 699 -17.92 63.19 -85.18
N LEU G 700 -16.71 62.80 -85.55
CA LEU G 700 -15.83 63.65 -86.34
C LEU G 700 -16.10 63.43 -87.83
N LYS G 701 -15.60 64.36 -88.64
CA LYS G 701 -15.72 64.19 -90.09
C LYS G 701 -14.92 63.00 -90.59
N TYR G 702 -13.69 62.83 -90.09
CA TYR G 702 -12.87 61.70 -90.46
C TYR G 702 -11.84 61.46 -89.36
N LEU G 703 -11.27 60.25 -89.37
CA LEU G 703 -10.29 59.85 -88.37
C LEU G 703 -8.94 59.64 -89.02
N GLY G 704 -7.92 60.35 -88.55
CA GLY G 704 -6.57 60.20 -89.04
C GLY G 704 -5.80 59.19 -88.20
N LEU G 705 -5.09 58.30 -88.87
CA LEU G 705 -4.24 57.31 -88.21
C LEU G 705 -2.87 57.34 -88.87
N LYS G 706 -1.83 57.28 -88.04
CA LYS G 706 -0.45 57.33 -88.50
C LYS G 706 0.20 55.96 -88.29
N PRO G 707 -0.08 54.99 -89.17
CA PRO G 707 0.57 53.68 -89.04
C PRO G 707 2.06 53.77 -89.32
N GLY G 708 2.81 52.87 -88.68
CA GLY G 708 4.25 52.86 -88.81
C GLY G 708 4.78 51.77 -89.73
N SER G 709 4.18 50.59 -89.69
CA SER G 709 4.72 49.42 -90.38
C SER G 709 3.57 48.68 -91.06
N ILE G 710 3.88 47.49 -91.59
CA ILE G 710 2.88 46.70 -92.31
C ILE G 710 1.75 46.31 -91.38
N ASP G 711 2.07 45.91 -90.14
CA ASP G 711 1.02 45.55 -89.21
C ASP G 711 0.11 46.74 -88.90
N ALA G 712 0.69 47.93 -88.74
CA ALA G 712 -0.12 49.11 -88.49
C ALA G 712 -1.01 49.43 -89.69
N ILE G 713 -0.47 49.31 -90.90
CA ILE G 713 -1.28 49.56 -92.09
C ILE G 713 -2.40 48.53 -92.19
N SER G 714 -2.12 47.28 -91.82
CA SER G 714 -3.16 46.26 -91.80
C SER G 714 -4.24 46.59 -90.80
N GLN G 715 -3.85 47.11 -89.62
CA GLN G 715 -4.84 47.51 -88.63
C GLN G 715 -5.69 48.67 -89.13
N VAL G 716 -5.07 49.63 -89.82
CA VAL G 716 -5.83 50.73 -90.40
C VAL G 716 -6.82 50.21 -91.43
N ILE G 717 -6.37 49.26 -92.26
CA ILE G 717 -7.25 48.67 -93.27
C ILE G 717 -8.41 47.93 -92.59
N ASN G 718 -8.13 47.25 -91.48
CA ASN G 718 -9.19 46.56 -90.75
C ASN G 718 -10.19 47.54 -90.18
N ILE G 719 -9.72 48.67 -89.66
CA ILE G 719 -10.63 49.70 -89.14
C ILE G 719 -11.48 50.26 -90.27
N ALA G 720 -10.88 50.51 -91.43
CA ALA G 720 -11.65 51.00 -92.57
C ALA G 720 -12.69 49.98 -93.01
N LYS G 721 -12.33 48.69 -93.00
CA LYS G 721 -13.28 47.64 -93.34
C LYS G 721 -14.43 47.61 -92.34
N ALA G 722 -14.12 47.78 -91.05
CA ALA G 722 -15.16 47.78 -90.04
C ALA G 722 -16.09 48.98 -90.18
N HIS G 723 -15.57 50.11 -90.66
CA HIS G 723 -16.35 51.33 -90.85
C HIS G 723 -16.15 51.82 -92.27
N PRO G 724 -16.75 51.14 -93.26
CA PRO G 724 -16.52 51.54 -94.66
C PRO G 724 -17.07 52.91 -95.00
N ASN G 725 -18.06 53.39 -94.26
CA ASN G 725 -18.66 54.69 -94.57
C ASN G 725 -17.82 55.83 -94.00
N PHE G 726 -17.13 55.59 -92.89
CA PHE G 726 -16.42 56.67 -92.21
C PHE G 726 -15.05 56.89 -92.87
N PRO G 727 -14.70 58.12 -93.26
CA PRO G 727 -13.37 58.31 -93.87
C PRO G 727 -12.24 58.18 -92.88
N ILE G 728 -11.21 57.45 -93.30
CA ILE G 728 -10.00 57.22 -92.51
C ILE G 728 -8.82 57.77 -93.29
N ALA G 729 -8.09 58.72 -92.70
CA ALA G 729 -6.93 59.32 -93.33
C ALA G 729 -5.69 58.57 -92.87
N LEU G 730 -5.16 57.71 -93.73
CA LEU G 730 -3.93 56.97 -93.46
C LEU G 730 -2.77 57.92 -93.77
N GLN G 731 -2.21 58.52 -92.72
CA GLN G 731 -1.09 59.45 -92.86
C GLN G 731 0.20 58.66 -92.76
N TRP G 732 0.55 58.01 -93.87
CA TRP G 732 1.76 57.20 -93.91
C TRP G 732 2.99 58.10 -93.84
N THR G 733 3.91 57.75 -92.95
CA THR G 733 5.17 58.47 -92.81
C THR G 733 6.27 57.44 -92.59
N GLY G 734 7.32 57.51 -93.41
CA GLY G 734 8.45 56.62 -93.27
C GLY G 734 9.33 57.01 -92.09
N GLY G 735 10.36 56.20 -91.87
CA GLY G 735 11.31 56.49 -90.81
C GLY G 735 12.11 57.76 -91.03
N ARG G 736 12.18 58.24 -92.28
CA ARG G 736 12.92 59.45 -92.60
C ARG G 736 12.26 60.71 -92.09
N GLY G 737 11.04 60.64 -91.57
CA GLY G 737 10.39 61.82 -91.06
C GLY G 737 11.02 62.31 -89.76
N GLY G 738 10.75 63.58 -89.46
CA GLY G 738 11.27 64.18 -88.25
C GLY G 738 10.51 63.72 -87.01
N GLY G 739 10.98 64.19 -85.86
CA GLY G 739 10.34 63.80 -84.62
C GLY G 739 10.49 62.31 -84.37
N HIS G 740 9.51 61.74 -83.68
CA HIS G 740 9.47 60.30 -83.51
C HIS G 740 9.31 59.64 -84.86
N HIS G 741 10.05 58.56 -85.07
CA HIS G 741 10.03 57.88 -86.35
C HIS G 741 10.28 56.39 -86.14
N SER G 742 9.87 55.59 -87.12
CA SER G 742 10.06 54.16 -87.13
C SER G 742 11.30 53.82 -87.95
N PHE G 743 11.58 52.52 -88.05
CA PHE G 743 12.70 52.02 -88.83
C PHE G 743 12.31 51.65 -90.26
N GLU G 744 11.03 51.80 -90.63
CA GLU G 744 10.57 51.34 -91.92
C GLU G 744 10.92 52.35 -93.01
N ASP G 745 11.18 51.84 -94.21
CA ASP G 745 11.41 52.69 -95.36
C ASP G 745 10.12 53.40 -95.75
N ALA G 746 10.26 54.58 -96.36
CA ALA G 746 9.09 55.36 -96.77
C ALA G 746 8.39 54.79 -97.99
N HIS G 747 9.08 53.99 -98.82
CA HIS G 747 8.57 53.57 -100.12
C HIS G 747 8.10 52.13 -100.14
N THR G 748 8.95 51.19 -99.74
CA THR G 748 8.60 49.77 -99.89
C THR G 748 7.31 49.39 -99.17
N PRO G 749 7.01 49.86 -97.94
CA PRO G 749 5.71 49.50 -97.35
C PRO G 749 4.53 49.97 -98.20
N MET G 750 4.64 51.15 -98.81
CA MET G 750 3.58 51.62 -99.68
C MET G 750 3.47 50.75 -100.93
N LEU G 751 4.61 50.36 -101.51
CA LEU G 751 4.57 49.47 -102.66
C LEU G 751 3.88 48.15 -102.30
N GLN G 752 4.08 47.69 -101.06
CA GLN G 752 3.46 46.44 -100.64
C GLN G 752 1.96 46.60 -100.41
N MET G 753 1.55 47.68 -99.74
CA MET G 753 0.22 47.79 -99.17
C MET G 753 -0.70 48.74 -99.94
N TYR G 754 -0.27 49.30 -101.06
CA TYR G 754 -1.11 50.27 -101.77
C TYR G 754 -2.37 49.60 -102.31
N SER G 755 -2.23 48.40 -102.88
CA SER G 755 -3.40 47.70 -103.42
C SER G 755 -4.42 47.43 -102.34
N LYS G 756 -3.96 46.94 -101.18
CA LYS G 756 -4.87 46.68 -100.07
C LYS G 756 -5.51 47.97 -99.57
N ILE G 757 -4.73 49.05 -99.50
CA ILE G 757 -5.26 50.32 -99.03
C ILE G 757 -6.34 50.82 -99.97
N ARG G 758 -6.08 50.80 -101.28
CA ARG G 758 -7.05 51.26 -102.25
C ARG G 758 -8.19 50.27 -102.45
N ARG G 759 -8.10 49.06 -101.89
CA ARG G 759 -9.24 48.16 -101.91
C ARG G 759 -10.42 48.74 -101.15
N HIS G 760 -10.16 49.68 -100.22
CA HIS G 760 -11.20 50.35 -99.45
C HIS G 760 -11.28 51.81 -99.87
N PRO G 761 -12.37 52.27 -100.52
CA PRO G 761 -12.38 53.66 -101.00
C PRO G 761 -12.39 54.71 -99.90
N ASN G 762 -12.72 54.33 -98.66
CA ASN G 762 -12.82 55.31 -97.59
C ASN G 762 -11.48 55.60 -96.93
N ILE G 763 -10.41 54.93 -97.35
CA ILE G 763 -9.06 55.25 -96.87
C ILE G 763 -8.44 56.28 -97.80
N MET G 764 -7.98 57.38 -97.23
CA MET G 764 -7.32 58.45 -97.95
C MET G 764 -5.83 58.44 -97.61
N LEU G 765 -5.00 58.25 -98.63
CA LEU G 765 -3.56 58.06 -98.45
C LEU G 765 -2.87 59.42 -98.45
N ILE G 766 -2.15 59.72 -97.37
CA ILE G 766 -1.38 60.95 -97.24
C ILE G 766 0.07 60.57 -97.03
N PHE G 767 0.97 61.15 -97.82
CA PHE G 767 2.39 60.80 -97.81
C PHE G 767 3.19 61.97 -97.24
N GLY G 768 3.93 61.71 -96.18
CA GLY G 768 4.80 62.69 -95.55
C GLY G 768 6.22 62.16 -95.45
N SER G 769 6.91 62.55 -94.38
CA SER G 769 8.24 62.07 -94.06
C SER G 769 9.23 62.39 -95.19
N GLY G 770 9.53 63.68 -95.33
CA GLY G 770 10.61 64.11 -96.21
C GLY G 770 10.17 64.98 -97.36
N PHE G 771 9.09 65.72 -97.18
CA PHE G 771 8.53 66.59 -98.21
C PHE G 771 8.57 68.03 -97.73
N GLY G 772 9.04 68.92 -98.60
CA GLY G 772 9.08 70.34 -98.29
C GLY G 772 8.84 71.25 -99.47
N SER G 773 8.36 70.72 -100.58
CA SER G 773 8.15 71.52 -101.77
C SER G 773 7.19 70.79 -102.70
N ALA G 774 6.77 71.51 -103.75
CA ALA G 774 5.91 70.91 -104.77
C ALA G 774 6.70 70.02 -105.71
N ASP G 775 7.97 70.33 -105.96
CA ASP G 775 8.75 69.58 -106.94
C ASP G 775 8.91 68.12 -106.53
N ASP G 776 9.20 67.88 -105.25
CA ASP G 776 9.42 66.52 -104.77
C ASP G 776 8.14 65.80 -104.40
N THR G 777 7.00 66.49 -104.36
CA THR G 777 5.72 65.85 -104.07
C THR G 777 4.87 65.61 -105.31
N TYR G 778 5.14 66.32 -106.40
CA TYR G 778 4.38 66.08 -107.63
C TYR G 778 4.50 64.64 -108.13
N PRO G 779 5.67 63.99 -108.11
CA PRO G 779 5.70 62.57 -108.51
C PRO G 779 4.80 61.70 -107.65
N TYR G 780 4.68 62.04 -106.37
CA TYR G 780 3.80 61.27 -105.48
C TYR G 780 2.34 61.62 -105.73
N LEU G 781 2.07 62.87 -106.12
CA LEU G 781 0.70 63.24 -106.47
C LEU G 781 0.24 62.50 -107.72
N THR G 782 1.05 62.55 -108.78
CA THR G 782 0.72 61.87 -110.03
C THR G 782 0.93 60.36 -109.95
N GLY G 783 1.66 59.87 -108.94
CA GLY G 783 1.94 58.47 -108.81
C GLY G 783 3.09 57.96 -109.63
N GLU G 784 3.75 58.81 -110.41
CA GLU G 784 4.85 58.36 -111.26
C GLU G 784 6.10 58.00 -110.46
N TRP G 785 6.12 58.24 -109.15
CA TRP G 785 7.25 57.85 -108.33
C TRP G 785 7.50 56.35 -108.40
N SER G 786 6.45 55.55 -108.62
CA SER G 786 6.58 54.10 -108.68
C SER G 786 7.05 53.59 -110.04
N THR G 787 7.00 54.42 -111.09
CA THR G 787 7.43 53.96 -112.40
C THR G 787 8.92 53.63 -112.40
N LYS G 788 9.71 54.37 -111.62
CA LYS G 788 11.13 54.06 -111.50
C LYS G 788 11.37 52.79 -110.70
N PHE G 789 10.36 52.31 -109.97
CA PHE G 789 10.49 51.15 -109.08
C PHE G 789 9.90 49.89 -109.70
N ASP G 790 9.68 49.87 -111.01
CA ASP G 790 9.08 48.72 -111.69
C ASP G 790 7.69 48.42 -111.15
N TYR G 791 6.91 49.46 -110.91
CA TYR G 791 5.53 49.37 -110.43
C TYR G 791 4.67 50.31 -111.24
N PRO G 792 3.36 50.09 -111.28
CA PRO G 792 2.48 51.03 -111.97
C PRO G 792 2.31 52.31 -111.18
N PRO G 793 1.74 53.36 -111.77
CA PRO G 793 1.58 54.62 -111.02
C PRO G 793 0.76 54.43 -109.76
N MET G 794 1.13 55.17 -108.72
CA MET G 794 0.54 55.05 -107.38
C MET G 794 0.23 56.45 -106.85
N PRO G 795 -0.84 57.07 -107.35
CA PRO G 795 -1.19 58.40 -106.84
C PRO G 795 -1.55 58.37 -105.36
N PHE G 796 -1.22 59.46 -104.66
CA PHE G 796 -1.52 59.63 -103.26
C PHE G 796 -2.49 60.78 -103.07
N ASP G 797 -3.36 60.65 -102.06
CA ASP G 797 -4.46 61.58 -101.90
C ASP G 797 -4.06 62.88 -101.22
N GLY G 798 -2.90 62.95 -100.58
CA GLY G 798 -2.49 64.17 -99.92
C GLY G 798 -1.07 64.05 -99.43
N PHE G 799 -0.60 65.13 -98.81
CA PHE G 799 0.74 65.17 -98.24
C PHE G 799 0.71 65.96 -96.95
N LEU G 800 1.69 65.68 -96.09
CA LEU G 800 1.87 66.40 -94.83
C LEU G 800 3.31 66.84 -94.73
N PHE G 801 3.51 68.12 -94.45
CA PHE G 801 4.84 68.74 -94.37
C PHE G 801 5.10 69.13 -92.92
N GLY G 802 5.77 68.24 -92.19
CA GLY G 802 6.07 68.51 -90.80
C GLY G 802 7.27 69.43 -90.61
N SER G 803 8.45 68.97 -91.01
CA SER G 803 9.67 69.73 -90.74
C SER G 803 9.80 70.96 -91.64
N ARG G 804 9.11 70.98 -92.78
CA ARG G 804 9.23 72.12 -93.69
C ARG G 804 8.69 73.40 -93.07
N VAL G 805 7.67 73.30 -92.21
CA VAL G 805 7.00 74.47 -91.67
C VAL G 805 7.51 74.83 -90.27
N MET G 806 8.63 74.24 -89.85
CA MET G 806 9.13 74.51 -88.50
C MET G 806 9.77 75.89 -88.39
N ILE G 807 10.14 76.50 -89.51
CA ILE G 807 10.73 77.82 -89.52
C ILE G 807 9.76 78.85 -90.11
N ALA G 808 8.46 78.61 -90.01
CA ALA G 808 7.48 79.56 -90.52
C ALA G 808 7.47 80.82 -89.66
N LYS G 809 6.87 81.87 -90.21
CA LYS G 809 6.79 83.13 -89.46
C LYS G 809 5.95 82.97 -88.20
N GLU G 810 4.85 82.21 -88.29
CA GLU G 810 3.88 82.14 -87.20
C GLU G 810 4.18 81.06 -86.18
N VAL G 811 5.20 80.22 -86.42
CA VAL G 811 5.55 79.20 -85.43
C VAL G 811 6.33 79.85 -84.29
N LYS G 812 6.13 79.34 -83.08
CA LYS G 812 6.73 79.92 -81.88
C LYS G 812 8.18 79.53 -81.69
N THR G 813 8.78 78.81 -82.65
CA THR G 813 10.20 78.49 -82.57
C THR G 813 11.03 79.77 -82.48
N SER G 814 12.05 79.75 -81.63
CA SER G 814 12.86 80.94 -81.42
C SER G 814 13.64 81.29 -82.70
N PRO G 815 14.04 82.55 -82.86
CA PRO G 815 14.81 82.90 -84.06
C PRO G 815 16.11 82.13 -84.19
N ASP G 816 16.82 81.89 -83.08
CA ASP G 816 18.06 81.12 -83.15
C ASP G 816 17.78 79.68 -83.54
N ALA G 817 16.71 79.09 -83.00
CA ALA G 817 16.35 77.73 -83.38
C ALA G 817 15.97 77.65 -84.85
N LYS G 818 15.30 78.68 -85.36
CA LYS G 818 15.00 78.73 -86.79
C LYS G 818 16.28 78.82 -87.61
N LYS G 819 17.25 79.61 -87.15
CA LYS G 819 18.53 79.70 -87.84
C LYS G 819 19.23 78.35 -87.86
N CYS G 820 19.19 77.62 -86.74
CA CYS G 820 19.79 76.29 -86.70
C CYS G 820 19.08 75.34 -87.66
N ILE G 821 17.75 75.38 -87.68
CA ILE G 821 16.98 74.51 -88.57
C ILE G 821 17.34 74.80 -90.03
N ALA G 822 17.42 76.07 -90.38
CA ALA G 822 17.83 76.43 -91.75
C ALA G 822 19.27 76.00 -92.01
N ALA G 823 20.13 76.04 -90.99
CA ALA G 823 21.51 75.63 -91.16
C ALA G 823 21.61 74.14 -91.46
N CYS G 824 20.70 73.33 -90.93
CA CYS G 824 20.67 71.92 -91.29
C CYS G 824 20.50 71.76 -92.79
N THR G 825 21.52 71.21 -93.45
CA THR G 825 21.50 71.09 -94.90
C THR G 825 20.65 69.94 -95.40
N GLY G 826 20.32 68.98 -94.52
CA GLY G 826 19.53 67.84 -94.93
C GLY G 826 20.36 66.80 -95.64
N VAL G 827 19.69 65.71 -96.02
CA VAL G 827 20.34 64.58 -96.66
C VAL G 827 19.33 63.90 -97.59
N PRO G 828 19.73 63.38 -98.75
CA PRO G 828 18.76 62.68 -99.60
C PRO G 828 18.17 61.46 -98.91
N ASP G 829 17.14 60.90 -99.55
CA ASP G 829 16.39 59.79 -98.94
C ASP G 829 17.27 58.56 -98.78
N ASP G 830 18.06 58.22 -99.79
CA ASP G 830 18.81 56.97 -99.75
C ASP G 830 19.85 56.94 -98.63
N LYS G 831 20.22 58.10 -98.08
CA LYS G 831 21.19 58.19 -97.01
C LYS G 831 20.57 58.54 -95.67
N TRP G 832 19.23 58.54 -95.55
CA TRP G 832 18.61 58.90 -94.29
C TRP G 832 18.95 57.89 -93.20
N GLU G 833 19.20 56.63 -93.58
CA GLU G 833 19.50 55.60 -92.60
C GLU G 833 20.78 55.90 -91.82
N GLN G 834 21.66 56.75 -92.35
CA GLN G 834 22.91 57.08 -91.68
C GLN G 834 22.70 58.17 -90.65
N THR G 835 21.75 57.95 -89.73
CA THR G 835 21.50 58.87 -88.62
C THR G 835 21.47 58.19 -87.27
N TYR G 836 21.32 56.87 -87.21
CA TYR G 836 21.45 56.15 -85.95
C TYR G 836 22.90 56.02 -85.52
N LYS G 837 23.84 56.13 -86.45
CA LYS G 837 25.27 55.99 -86.16
C LYS G 837 25.93 57.35 -85.93
N LYS G 838 25.82 58.24 -86.90
CA LYS G 838 26.45 59.55 -86.86
C LYS G 838 25.52 60.59 -87.46
N PRO G 839 25.68 61.86 -87.12
CA PRO G 839 24.87 62.89 -87.76
C PRO G 839 25.15 62.97 -89.26
N THR G 840 24.07 63.20 -90.02
CA THR G 840 24.17 63.44 -91.46
C THR G 840 23.13 64.48 -91.84
N GLY G 841 23.57 65.55 -92.48
CA GLY G 841 22.69 66.65 -92.79
C GLY G 841 22.35 67.52 -91.61
N GLY G 842 23.07 67.38 -90.50
CA GLY G 842 22.78 68.10 -89.28
C GLY G 842 21.72 67.47 -88.40
N ILE G 843 21.23 66.29 -88.75
CA ILE G 843 20.18 65.60 -87.99
C ILE G 843 20.72 64.22 -87.61
N VAL G 844 20.52 63.84 -86.35
CA VAL G 844 20.94 62.55 -85.83
C VAL G 844 19.78 61.95 -85.05
N THR G 845 19.79 60.63 -84.92
CA THR G 845 18.76 59.92 -84.17
C THR G 845 19.23 59.69 -82.74
N VAL G 846 18.31 59.90 -81.80
CA VAL G 846 18.53 59.62 -80.39
C VAL G 846 17.36 58.76 -79.92
N ARG G 847 17.42 58.31 -78.68
CA ARG G 847 16.40 57.44 -78.11
C ARG G 847 15.65 58.17 -77.00
N SER G 848 14.33 57.99 -76.97
CA SER G 848 13.46 58.66 -76.03
C SER G 848 13.53 57.95 -74.67
N GLU G 849 12.60 58.31 -73.78
CA GLU G 849 12.54 57.63 -72.48
C GLU G 849 12.10 56.18 -72.66
N MET G 850 11.13 55.93 -73.53
CA MET G 850 10.71 54.58 -73.85
C MET G 850 11.70 53.87 -74.78
N GLY G 851 12.70 54.57 -75.31
CA GLY G 851 13.64 53.99 -76.23
C GLY G 851 13.26 54.13 -77.70
N GLU G 852 12.17 54.82 -78.01
CA GLU G 852 11.79 55.01 -79.40
C GLU G 852 12.78 55.93 -80.09
N PRO G 853 13.07 55.72 -81.39
CA PRO G 853 13.94 56.68 -82.08
C PRO G 853 13.26 58.03 -82.26
N ILE G 854 14.07 59.09 -82.18
CA ILE G 854 13.63 60.45 -82.47
C ILE G 854 14.73 61.13 -83.27
N HIS G 855 14.36 61.77 -84.37
CA HIS G 855 15.31 62.56 -85.15
C HIS G 855 15.38 63.96 -84.55
N LYS G 856 16.59 64.42 -84.26
CA LYS G 856 16.80 65.74 -83.70
C LYS G 856 17.99 66.39 -84.41
N ILE G 857 18.04 67.72 -84.36
CA ILE G 857 19.18 68.42 -84.93
C ILE G 857 20.43 68.08 -84.14
N ALA G 858 21.55 67.91 -84.85
CA ALA G 858 22.82 67.51 -84.23
C ALA G 858 23.42 68.71 -83.49
N THR G 859 22.77 69.08 -82.40
CA THR G 859 23.24 70.10 -81.49
C THR G 859 24.19 69.48 -80.47
N ARG G 860 24.84 70.33 -79.68
CA ARG G 860 25.68 69.83 -78.60
C ARG G 860 24.85 69.06 -77.58
N GLY G 861 23.67 69.57 -77.25
CA GLY G 861 22.80 68.84 -76.34
C GLY G 861 22.35 67.50 -76.91
N VAL G 862 22.02 67.47 -78.19
CA VAL G 862 21.59 66.21 -78.81
C VAL G 862 22.74 65.23 -78.89
N MET G 863 23.95 65.72 -79.14
CA MET G 863 25.11 64.83 -79.16
C MET G 863 25.41 64.29 -77.77
N LEU G 864 25.23 65.11 -76.74
CA LEU G 864 25.33 64.60 -75.38
C LEU G 864 24.26 63.55 -75.10
N TRP G 865 23.04 63.80 -75.58
CA TRP G 865 21.97 62.82 -75.47
C TRP G 865 22.38 61.50 -76.10
N LYS G 866 22.95 61.55 -77.30
CA LYS G 866 23.36 60.34 -77.99
C LYS G 866 24.49 59.64 -77.26
N GLU G 867 25.46 60.41 -76.76
CA GLU G 867 26.58 59.81 -76.02
C GLU G 867 26.09 59.10 -74.77
N PHE G 868 25.17 59.73 -74.03
CA PHE G 868 24.62 59.09 -72.85
C PHE G 868 23.77 57.89 -73.23
N ASP G 869 23.09 57.95 -74.38
CA ASP G 869 22.34 56.79 -74.84
C ASP G 869 23.26 55.61 -75.12
N GLU G 870 24.42 55.89 -75.70
CA GLU G 870 25.35 54.84 -76.12
C GLU G 870 26.32 54.40 -75.02
N THR G 871 26.41 55.14 -73.91
CA THR G 871 27.38 54.82 -72.86
C THR G 871 26.80 54.67 -71.46
N ILE G 872 25.62 55.21 -71.16
CA ILE G 872 25.09 55.23 -69.80
C ILE G 872 23.71 54.58 -69.78
N PHE G 873 22.81 55.07 -70.62
CA PHE G 873 21.42 54.60 -70.56
C PHE G 873 21.30 53.16 -71.04
N ASN G 874 22.18 52.73 -71.95
CA ASN G 874 22.11 51.36 -72.44
C ASN G 874 22.57 50.34 -71.40
N LEU G 875 23.23 50.79 -70.34
CA LEU G 875 23.76 49.86 -69.36
C LEU G 875 22.63 49.24 -68.54
N PRO G 876 22.85 48.08 -67.92
CA PRO G 876 21.84 47.51 -67.03
C PRO G 876 21.72 48.32 -65.74
N LYS G 877 20.71 47.97 -64.96
CA LYS G 877 20.40 48.73 -63.74
C LYS G 877 21.54 48.64 -62.73
N ASN G 878 22.14 47.45 -62.60
CA ASN G 878 23.23 47.30 -61.64
C ASN G 878 24.46 48.08 -62.08
N LYS G 879 24.69 48.18 -63.39
CA LYS G 879 25.83 48.93 -63.89
C LYS G 879 25.59 50.44 -63.94
N LEU G 880 24.33 50.88 -63.89
CA LEU G 880 24.05 52.30 -64.08
C LEU G 880 24.63 53.15 -62.96
N VAL G 881 24.43 52.75 -61.71
CA VAL G 881 24.75 53.61 -60.58
C VAL G 881 26.27 53.69 -60.39
N PRO G 882 27.02 52.57 -60.41
CA PRO G 882 28.48 52.70 -60.35
C PRO G 882 29.05 53.52 -61.49
N THR G 883 28.47 53.40 -62.70
CA THR G 883 28.96 54.19 -63.82
C THR G 883 28.73 55.68 -63.58
N LEU G 884 27.57 56.05 -63.05
CA LEU G 884 27.31 57.46 -62.74
C LEU G 884 28.26 57.96 -61.67
N GLU G 885 28.53 57.15 -60.64
CA GLU G 885 29.50 57.54 -59.63
C GLU G 885 30.87 57.76 -60.25
N ALA G 886 31.29 56.86 -61.14
CA ALA G 886 32.62 56.96 -61.71
C ALA G 886 32.74 58.19 -62.63
N LYS G 887 31.72 58.45 -63.44
CA LYS G 887 31.74 59.52 -64.43
C LYS G 887 30.93 60.74 -63.96
N ARG G 888 30.83 60.92 -62.65
CA ARG G 888 30.10 62.06 -62.11
C ARG G 888 30.67 63.38 -62.62
N ASP G 889 31.99 63.55 -62.53
CA ASP G 889 32.60 64.82 -62.93
C ASP G 889 32.41 65.09 -64.41
N TYR G 890 32.64 64.08 -65.25
CA TYR G 890 32.46 64.24 -66.69
C TYR G 890 31.02 64.57 -67.04
N ILE G 891 30.07 63.85 -66.41
CA ILE G 891 28.66 64.09 -66.68
C ILE G 891 28.28 65.51 -66.27
N ILE G 892 28.76 65.95 -65.11
CA ILE G 892 28.45 67.29 -64.63
C ILE G 892 28.99 68.34 -65.59
N SER G 893 30.24 68.17 -66.03
CA SER G 893 30.84 69.13 -66.94
C SER G 893 30.06 69.19 -68.25
N ARG G 894 29.69 68.02 -68.78
CA ARG G 894 28.97 68.00 -70.05
C ARG G 894 27.58 68.61 -69.91
N LEU G 895 26.89 68.34 -68.80
CA LEU G 895 25.58 68.94 -68.59
C LEU G 895 25.69 70.46 -68.48
N ASN G 896 26.70 70.95 -67.76
CA ASN G 896 26.85 72.39 -67.58
C ASN G 896 27.29 73.08 -68.85
N ALA G 897 28.00 72.37 -69.73
CA ALA G 897 28.56 72.98 -70.93
C ALA G 897 27.66 72.87 -72.16
N ASP G 898 26.93 71.78 -72.30
CA ASP G 898 26.34 71.41 -73.59
C ASP G 898 24.86 71.06 -73.57
N PHE G 899 24.19 71.11 -72.40
CA PHE G 899 22.83 70.61 -72.28
C PHE G 899 21.90 71.67 -71.73
N GLN G 900 20.63 71.60 -72.17
CA GLN G 900 19.59 72.51 -71.75
C GLN G 900 19.25 72.40 -70.27
N LYS G 901 19.54 71.27 -69.64
CA LYS G 901 19.31 71.04 -68.21
C LYS G 901 20.67 70.97 -67.54
N PRO G 902 21.23 72.11 -67.10
CA PRO G 902 22.55 72.06 -66.47
C PRO G 902 22.53 71.33 -65.15
N TRP G 903 23.70 70.87 -64.73
CA TRP G 903 23.85 70.34 -63.39
C TRP G 903 23.48 71.43 -62.39
N PHE G 904 22.52 71.12 -61.51
CA PHE G 904 21.97 72.15 -60.64
C PHE G 904 23.03 72.69 -59.69
N ALA G 905 23.78 71.80 -59.04
CA ALA G 905 24.77 72.22 -58.04
C ALA G 905 26.02 72.74 -58.75
N THR G 906 25.88 73.97 -59.27
CA THR G 906 26.97 74.67 -59.93
C THR G 906 26.91 76.13 -59.49
N VAL G 907 27.89 76.54 -58.69
CA VAL G 907 27.95 77.90 -58.15
C VAL G 907 29.18 78.58 -58.75
N ASN G 908 28.96 79.71 -59.43
CA ASN G 908 30.03 80.46 -60.07
C ASN G 908 30.75 79.62 -61.12
N GLY G 909 30.05 78.68 -61.73
CA GLY G 909 30.65 77.80 -62.71
C GLY G 909 31.44 76.65 -62.13
N GLN G 910 31.46 76.49 -60.81
CA GLN G 910 32.19 75.42 -60.14
C GLN G 910 31.24 74.31 -59.75
N ALA G 911 31.52 73.10 -60.21
CA ALA G 911 30.66 71.96 -59.91
C ALA G 911 30.62 71.72 -58.41
N ARG G 912 29.41 71.46 -57.91
CA ARG G 912 29.18 71.24 -56.49
C ARG G 912 28.18 70.08 -56.36
N ASP G 913 27.65 69.91 -55.16
CA ASP G 913 26.55 69.00 -54.90
C ASP G 913 25.52 69.70 -54.04
N LEU G 914 24.30 69.18 -54.04
CA LEU G 914 23.25 69.74 -53.21
C LEU G 914 23.66 69.75 -51.74
N ALA G 915 24.46 68.75 -51.34
CA ALA G 915 24.96 68.70 -49.97
C ALA G 915 26.08 69.70 -49.72
N THR G 916 26.88 70.02 -50.74
CA THR G 916 27.98 70.97 -50.61
C THR G 916 27.59 72.35 -51.11
N MET G 917 26.29 72.62 -51.19
CA MET G 917 25.76 73.92 -51.55
C MET G 917 24.99 74.51 -50.36
N THR G 918 25.04 75.82 -50.23
CA THR G 918 24.34 76.51 -49.16
C THR G 918 22.92 76.89 -49.60
N TYR G 919 22.09 77.24 -48.62
CA TYR G 919 20.70 77.58 -48.90
C TYR G 919 20.59 78.80 -49.79
N GLU G 920 21.39 79.83 -49.51
CA GLU G 920 21.38 81.01 -50.37
C GLU G 920 21.84 80.65 -51.78
N GLU G 921 22.87 79.81 -51.89
CA GLU G 921 23.32 79.39 -53.21
C GLU G 921 22.23 78.60 -53.94
N VAL G 922 21.51 77.74 -53.23
CA VAL G 922 20.44 76.97 -53.87
C VAL G 922 19.34 77.90 -54.34
N ALA G 923 18.93 78.85 -53.51
CA ALA G 923 17.88 79.78 -53.90
C ALA G 923 18.30 80.63 -55.08
N LYS G 924 19.55 81.13 -55.07
CA LYS G 924 20.04 81.92 -56.19
C LYS G 924 20.10 81.09 -57.46
N ARG G 925 20.53 79.84 -57.36
CA ARG G 925 20.55 78.96 -58.53
C ARG G 925 19.15 78.72 -59.06
N LEU G 926 18.19 78.51 -58.16
CA LEU G 926 16.81 78.32 -58.60
C LEU G 926 16.31 79.55 -59.33
N VAL G 927 16.56 80.74 -58.79
CA VAL G 927 16.12 81.96 -59.45
C VAL G 927 16.81 82.09 -60.81
N GLU G 928 18.10 81.79 -60.87
CA GLU G 928 18.84 81.88 -62.12
C GLU G 928 18.26 80.96 -63.19
N LEU G 929 17.92 79.72 -62.81
CA LEU G 929 17.50 78.72 -63.78
C LEU G 929 16.00 78.72 -64.04
N MET G 930 15.20 79.43 -63.25
CA MET G 930 13.75 79.39 -63.41
C MET G 930 13.15 80.75 -63.73
N PHE G 931 13.72 81.84 -63.21
CA PHE G 931 13.21 83.18 -63.43
C PHE G 931 13.93 83.81 -64.60
N ILE G 932 13.17 84.35 -65.55
CA ILE G 932 13.71 84.91 -66.78
C ILE G 932 13.88 86.41 -66.57
N ARG G 933 15.11 86.90 -66.73
CA ARG G 933 15.39 88.30 -66.51
C ARG G 933 14.86 89.17 -67.65
N SER G 934 14.91 88.65 -68.89
CA SER G 934 14.46 89.43 -70.03
C SER G 934 12.98 89.76 -69.92
N THR G 935 12.16 88.76 -69.55
CA THR G 935 10.73 88.98 -69.34
C THR G 935 10.40 89.49 -67.95
N ASN G 936 11.37 89.45 -67.03
CA ASN G 936 11.17 89.93 -65.65
C ASN G 936 10.04 89.18 -64.96
N SER G 937 9.89 87.89 -65.27
CA SER G 937 8.84 87.08 -64.66
C SER G 937 9.27 85.63 -64.67
N TRP G 938 8.69 84.85 -63.76
CA TRP G 938 8.95 83.43 -63.72
C TRP G 938 8.45 82.76 -64.99
N PHE G 939 9.22 81.79 -65.49
CA PHE G 939 8.81 81.09 -66.69
C PHE G 939 7.54 80.30 -66.44
N ASP G 940 7.40 79.70 -65.26
CA ASP G 940 6.24 78.91 -64.92
C ASP G 940 5.81 79.17 -63.48
N VAL G 941 4.50 79.22 -63.27
CA VAL G 941 3.95 79.40 -61.93
C VAL G 941 4.31 78.23 -61.04
N THR G 942 4.38 77.01 -61.60
CA THR G 942 4.80 75.86 -60.81
C THR G 942 6.25 76.04 -60.35
N TRP G 943 7.10 76.60 -61.20
CA TRP G 943 8.47 76.88 -60.81
C TRP G 943 8.54 77.95 -59.73
N ARG G 944 7.71 78.99 -59.84
CA ARG G 944 7.65 79.98 -58.78
C ARG G 944 7.23 79.33 -57.47
N THR G 945 6.24 78.44 -57.52
CA THR G 945 5.82 77.72 -56.32
C THR G 945 6.93 76.86 -55.76
N PHE G 946 7.70 76.22 -56.65
CA PHE G 946 8.86 75.43 -56.21
C PHE G 946 9.84 76.29 -55.42
N THR G 947 10.21 77.44 -55.99
CA THR G 947 11.19 78.29 -55.31
C THR G 947 10.63 78.84 -54.00
N GLY G 948 9.35 79.22 -54.00
CA GLY G 948 8.75 79.74 -52.78
C GLY G 948 8.65 78.68 -51.70
N ASP G 949 8.33 77.45 -52.07
CA ASP G 949 8.30 76.37 -51.10
C ASP G 949 9.69 76.08 -50.56
N PHE G 950 10.72 76.16 -51.40
CA PHE G 950 12.07 76.02 -50.90
C PHE G 950 12.41 77.11 -49.89
N LEU G 951 12.02 78.35 -50.19
CA LEU G 951 12.29 79.44 -49.26
C LEU G 951 11.51 79.25 -47.97
N ARG G 952 10.27 78.76 -48.06
CA ARG G 952 9.51 78.47 -46.86
C ARG G 952 10.20 77.40 -46.02
N ARG G 953 10.76 76.39 -46.68
CA ARG G 953 11.50 75.35 -45.96
C ARG G 953 12.74 75.92 -45.30
N VAL G 954 13.43 76.84 -45.98
CA VAL G 954 14.59 77.50 -45.38
C VAL G 954 14.18 78.26 -44.13
N GLU G 955 13.08 79.00 -44.21
CA GLU G 955 12.58 79.74 -43.06
C GLU G 955 12.22 78.80 -41.93
N GLU G 956 11.58 77.67 -42.25
CA GLU G 956 11.26 76.68 -41.22
C GLU G 956 12.52 76.15 -40.57
N ARG G 957 13.55 75.87 -41.37
CA ARG G 957 14.78 75.30 -40.84
C ARG G 957 15.50 76.27 -39.92
N PHE G 958 15.54 77.54 -40.29
CA PHE G 958 16.38 78.51 -39.59
C PHE G 958 15.61 79.44 -38.66
N THR G 959 14.30 79.25 -38.50
CA THR G 959 13.53 79.97 -37.50
C THR G 959 13.60 79.22 -36.18
N LYS G 960 13.72 79.95 -35.09
CA LYS G 960 13.88 79.36 -33.76
C LYS G 960 12.56 79.12 -33.04
N SER G 961 11.45 79.64 -33.56
CA SER G 961 10.18 79.57 -32.86
C SER G 961 9.08 79.97 -33.83
N LYS G 962 7.86 80.11 -33.31
CA LYS G 962 6.73 80.59 -34.10
C LYS G 962 7.05 81.95 -34.70
N THR G 963 6.73 82.12 -35.98
CA THR G 963 6.84 83.43 -36.60
C THR G 963 6.03 83.43 -37.89
N LEU G 964 5.58 84.62 -38.28
CA LEU G 964 4.89 84.78 -39.56
C LEU G 964 5.85 84.42 -40.70
N SER G 965 5.30 83.81 -41.74
CA SER G 965 6.12 83.48 -42.89
C SER G 965 6.67 84.76 -43.52
N LEU G 966 7.95 84.70 -43.90
CA LEU G 966 8.59 85.85 -44.52
C LEU G 966 8.12 86.05 -45.96
N ILE G 967 7.48 85.04 -46.55
CA ILE G 967 6.87 85.13 -47.87
C ILE G 967 5.43 84.66 -47.71
N GLN G 968 4.50 85.60 -47.50
CA GLN G 968 3.11 85.23 -47.29
C GLN G 968 2.45 84.74 -48.59
N SER G 969 2.75 85.39 -49.70
CA SER G 969 2.21 85.03 -51.01
C SER G 969 3.34 84.85 -51.99
N TYR G 970 3.18 83.88 -52.89
CA TYR G 970 4.19 83.64 -53.92
C TYR G 970 4.30 84.79 -54.91
N SER G 971 3.26 85.64 -55.01
CA SER G 971 3.33 86.79 -55.89
C SER G 971 4.47 87.73 -55.52
N LEU G 972 4.93 87.70 -54.26
CA LEU G 972 6.08 88.51 -53.86
C LEU G 972 7.35 88.09 -54.58
N LEU G 973 7.39 86.87 -55.12
CA LEU G 973 8.58 86.38 -55.83
C LEU G 973 8.74 87.00 -57.21
N ASP G 974 7.83 87.88 -57.64
CA ASP G 974 8.03 88.56 -58.91
C ASP G 974 9.32 89.39 -58.91
N LYS G 975 9.79 89.79 -57.72
CA LYS G 975 11.11 90.37 -57.54
C LYS G 975 11.94 89.37 -56.73
N PRO G 976 12.39 88.28 -57.36
CA PRO G 976 13.02 87.20 -56.60
C PRO G 976 14.30 87.62 -55.90
N ASP G 977 15.07 88.55 -56.49
CA ASP G 977 16.28 89.03 -55.81
C ASP G 977 15.92 89.69 -54.49
N GLU G 978 14.89 90.55 -54.50
CA GLU G 978 14.46 91.20 -53.27
C GLU G 978 13.91 90.18 -52.28
N ALA G 979 13.14 89.20 -52.75
CA ALA G 979 12.60 88.19 -51.84
C ALA G 979 13.72 87.39 -51.18
N ILE G 980 14.70 86.96 -51.97
CA ILE G 980 15.84 86.22 -51.44
C ILE G 980 16.61 87.07 -50.45
N GLU G 981 16.87 88.33 -50.80
CA GLU G 981 17.58 89.23 -49.90
C GLU G 981 16.84 89.35 -48.57
N LYS G 982 15.51 89.51 -48.63
CA LYS G 982 14.76 89.78 -47.41
C LYS G 982 14.70 88.54 -46.53
N VAL G 983 14.49 87.37 -47.13
CA VAL G 983 14.38 86.15 -46.33
C VAL G 983 15.73 85.77 -45.75
N PHE G 984 16.82 85.89 -46.53
CA PHE G 984 18.13 85.55 -46.01
C PHE G 984 18.75 86.65 -45.16
N ASN G 985 18.13 87.83 -45.11
CA ASN G 985 18.45 88.79 -44.06
C ASN G 985 17.70 88.46 -42.78
N ALA G 986 16.47 87.94 -42.90
CA ALA G 986 15.75 87.46 -41.73
C ALA G 986 16.46 86.27 -41.10
N TYR G 987 17.08 85.43 -41.92
CA TYR G 987 17.81 84.25 -41.46
C TYR G 987 19.21 84.26 -42.04
N PRO G 988 20.08 85.13 -41.54
CA PRO G 988 21.44 85.24 -42.11
C PRO G 988 22.28 83.98 -41.93
N ALA G 989 21.93 83.12 -40.97
CA ALA G 989 22.73 81.91 -40.75
C ALA G 989 22.71 81.00 -41.96
N ALA G 990 21.68 81.06 -42.79
CA ALA G 990 21.54 80.18 -43.94
C ALA G 990 22.44 80.57 -45.11
N ARG G 991 23.02 81.77 -45.10
CA ARG G 991 23.90 82.19 -46.19
C ARG G 991 25.20 81.41 -46.24
N GLU G 992 25.68 80.92 -45.09
CA GLU G 992 26.95 80.20 -44.98
C GLU G 992 26.73 78.85 -44.32
N GLN G 993 25.76 78.10 -44.83
CA GLN G 993 25.29 76.88 -44.18
C GLN G 993 24.89 75.88 -45.26
N PHE G 994 25.63 74.79 -45.37
CA PHE G 994 25.31 73.77 -46.35
C PHE G 994 23.90 73.22 -46.11
N LEU G 995 23.29 72.72 -47.18
CA LEU G 995 21.93 72.19 -47.08
C LEU G 995 21.88 71.02 -46.11
N ASN G 996 20.91 71.06 -45.21
CA ASN G 996 20.62 69.92 -44.36
C ASN G 996 20.23 68.74 -45.24
N ALA G 997 20.61 67.54 -44.79
CA ALA G 997 20.33 66.35 -45.60
C ALA G 997 18.83 66.12 -45.74
N GLN G 998 18.07 66.42 -44.70
CA GLN G 998 16.62 66.39 -44.81
C GLN G 998 16.14 67.36 -45.88
N ASP G 999 16.74 68.53 -45.94
CA ASP G 999 16.35 69.52 -46.94
C ASP G 999 16.74 69.06 -48.34
N ILE G 1000 17.84 68.33 -48.47
CA ILE G 1000 18.22 67.77 -49.77
C ILE G 1000 17.16 66.76 -50.22
N ASP G 1001 16.76 65.88 -49.31
CA ASP G 1001 15.74 64.89 -49.65
C ASP G 1001 14.43 65.57 -50.01
N HIS G 1002 14.05 66.61 -49.28
CA HIS G 1002 12.85 67.35 -49.60
C HIS G 1002 12.96 68.00 -50.97
N PHE G 1003 14.12 68.59 -51.27
CA PHE G 1003 14.35 69.23 -52.57
C PHE G 1003 14.20 68.22 -53.70
N LEU G 1004 14.75 67.03 -53.52
CA LEU G 1004 14.59 65.99 -54.55
C LEU G 1004 13.14 65.56 -54.68
N SER G 1005 12.43 65.45 -53.55
CA SER G 1005 11.03 65.06 -53.61
C SER G 1005 10.20 66.08 -54.40
N MET G 1006 10.40 67.37 -54.12
CA MET G 1006 9.63 68.39 -54.83
C MET G 1006 10.16 68.62 -56.24
N CYS G 1007 11.35 68.12 -56.55
CA CYS G 1007 11.75 68.01 -57.95
C CYS G 1007 11.00 66.88 -58.65
N GLN G 1008 10.66 65.82 -57.90
CA GLN G 1008 9.86 64.73 -58.43
C GLN G 1008 8.36 64.96 -58.31
N ASN G 1009 7.92 66.09 -57.77
CA ASN G 1009 6.50 66.37 -57.62
C ASN G 1009 5.78 66.26 -58.97
N PRO G 1010 4.75 65.43 -59.11
CA PRO G 1010 4.12 65.30 -60.44
C PRO G 1010 3.33 66.54 -60.84
N MET G 1011 2.62 67.15 -59.92
CA MET G 1011 1.80 68.33 -60.21
C MET G 1011 2.71 69.56 -60.24
N GLN G 1012 3.61 69.56 -61.22
CA GLN G 1012 4.66 70.56 -61.34
C GLN G 1012 5.35 70.37 -62.68
N LYS G 1013 5.74 71.47 -63.30
CA LYS G 1013 6.53 71.36 -64.51
C LYS G 1013 7.90 70.76 -64.17
N PRO G 1014 8.39 69.80 -64.95
CA PRO G 1014 9.71 69.22 -64.64
C PRO G 1014 10.79 70.28 -64.59
N VAL G 1015 11.66 70.19 -63.58
CA VAL G 1015 12.62 71.24 -63.31
C VAL G 1015 13.63 71.31 -64.45
N PRO G 1016 14.17 72.50 -64.79
CA PRO G 1016 15.11 72.62 -65.91
C PRO G 1016 16.57 72.36 -65.50
N PHE G 1017 16.80 71.29 -64.77
CA PHE G 1017 18.15 70.94 -64.34
C PHE G 1017 18.14 69.51 -63.82
N VAL G 1018 19.33 68.96 -63.65
CA VAL G 1018 19.53 67.63 -63.06
C VAL G 1018 19.91 67.84 -61.60
N PRO G 1019 19.07 67.45 -60.63
CA PRO G 1019 19.45 67.69 -59.24
C PRO G 1019 20.48 66.71 -58.72
N VAL G 1020 20.41 65.44 -59.13
CA VAL G 1020 21.32 64.42 -58.62
C VAL G 1020 21.46 63.34 -59.68
N LEU G 1021 22.62 62.67 -59.68
CA LEU G 1021 22.90 61.55 -60.59
C LEU G 1021 22.60 60.24 -59.88
N ASP G 1022 21.55 59.56 -60.31
CA ASP G 1022 21.16 58.29 -59.70
C ASP G 1022 20.34 57.51 -60.72
N ARG G 1023 19.63 56.48 -60.25
CA ARG G 1023 18.85 55.62 -61.14
C ARG G 1023 17.83 56.43 -61.96
N ARG G 1024 17.37 57.55 -61.42
CA ARG G 1024 16.40 58.40 -62.10
C ARG G 1024 17.07 59.47 -62.97
N PHE G 1025 18.37 59.34 -63.20
CA PHE G 1025 19.09 60.33 -64.00
C PHE G 1025 18.57 60.36 -65.43
N GLU G 1026 18.21 59.21 -65.98
CA GLU G 1026 17.65 59.19 -67.33
C GLU G 1026 16.36 59.98 -67.38
N ILE G 1027 15.51 59.82 -66.36
CA ILE G 1027 14.25 60.56 -66.32
C ILE G 1027 14.52 62.05 -66.26
N PHE G 1028 15.41 62.48 -65.35
CA PHE G 1028 15.71 63.90 -65.23
C PHE G 1028 16.33 64.44 -66.52
N PHE G 1029 17.13 63.62 -67.20
CA PHE G 1029 17.85 64.08 -68.38
C PHE G 1029 16.92 64.22 -69.58
N LYS G 1030 16.01 63.28 -69.75
CA LYS G 1030 15.21 63.20 -70.97
C LYS G 1030 13.86 63.89 -70.86
N LYS G 1031 13.24 63.90 -69.68
CA LYS G 1031 11.88 64.40 -69.57
C LYS G 1031 11.82 65.90 -69.83
N ASP G 1032 10.77 66.33 -70.54
CA ASP G 1032 10.52 67.75 -70.80
C ASP G 1032 11.65 68.38 -71.60
N SER G 1033 11.92 67.82 -72.77
CA SER G 1033 13.04 68.23 -73.61
C SER G 1033 12.59 68.97 -74.88
N LEU G 1034 11.32 69.31 -75.00
CA LEU G 1034 10.76 69.87 -76.23
C LEU G 1034 10.52 71.37 -76.18
N TRP G 1035 9.99 71.88 -75.07
CA TRP G 1035 9.64 73.30 -74.98
C TRP G 1035 10.85 74.22 -75.08
N GLN G 1036 12.05 73.71 -74.79
CA GLN G 1036 13.24 74.55 -74.81
C GLN G 1036 13.53 75.10 -76.21
N SER G 1037 13.11 74.38 -77.25
CA SER G 1037 13.34 74.87 -78.60
C SER G 1037 12.63 76.20 -78.84
N GLU G 1038 11.38 76.30 -78.41
CA GLU G 1038 10.59 77.51 -78.60
C GLU G 1038 10.75 78.52 -77.47
N HIS G 1039 11.40 78.15 -76.37
CA HIS G 1039 11.58 79.04 -75.22
C HIS G 1039 13.05 79.16 -74.86
N LEU G 1040 13.88 79.51 -75.84
CA LEU G 1040 15.32 79.67 -75.61
C LEU G 1040 15.62 80.72 -74.54
N GLU G 1041 14.70 81.65 -74.29
CA GLU G 1041 14.93 82.64 -73.24
C GLU G 1041 15.08 81.99 -71.86
N ALA G 1042 14.59 80.77 -71.69
CA ALA G 1042 14.71 80.03 -70.44
C ALA G 1042 15.84 79.01 -70.49
N VAL G 1043 16.94 79.34 -71.19
CA VAL G 1043 18.10 78.48 -71.32
C VAL G 1043 19.31 79.24 -70.77
N VAL G 1044 20.35 78.49 -70.40
CA VAL G 1044 21.46 79.05 -69.64
C VAL G 1044 22.09 80.22 -70.40
N ASP G 1045 22.41 80.01 -71.67
CA ASP G 1045 23.02 81.04 -72.51
C ASP G 1045 22.13 81.41 -73.70
N GLN G 1046 20.86 81.02 -73.66
CA GLN G 1046 19.95 81.22 -74.79
C GLN G 1046 20.53 80.61 -76.06
N ASP G 1047 21.18 79.46 -75.90
CA ASP G 1047 21.94 78.81 -76.97
C ASP G 1047 21.16 77.60 -77.47
N VAL G 1048 20.99 77.53 -78.80
CA VAL G 1048 20.32 76.38 -79.39
C VAL G 1048 21.11 75.11 -79.17
N GLN G 1049 22.43 75.21 -79.11
CA GLN G 1049 23.27 74.02 -79.00
C GLN G 1049 22.97 73.24 -77.73
N ARG G 1050 22.47 73.93 -76.69
CA ARG G 1050 22.05 73.23 -75.48
C ARG G 1050 20.72 72.51 -75.69
N THR G 1051 19.80 73.13 -76.43
CA THR G 1051 18.48 72.55 -76.63
C THR G 1051 18.49 71.55 -77.78
N CYS G 1052 17.46 70.72 -77.80
CA CYS G 1052 17.29 69.70 -78.83
C CYS G 1052 16.04 70.00 -79.64
N ILE G 1053 16.20 70.07 -80.96
CA ILE G 1053 15.14 70.45 -81.88
C ILE G 1053 14.84 69.24 -82.77
N LEU G 1054 13.60 68.79 -82.77
CA LEU G 1054 13.20 67.67 -83.61
C LEU G 1054 13.11 68.13 -85.06
N HIS G 1055 13.64 67.34 -85.98
CA HIS G 1055 13.62 67.71 -87.39
C HIS G 1055 13.79 66.46 -88.23
N GLY G 1056 13.47 66.60 -89.51
CA GLY G 1056 13.54 65.48 -90.44
C GLY G 1056 14.80 65.56 -91.30
N PRO G 1057 15.63 64.50 -91.33
CA PRO G 1057 16.85 64.56 -92.14
C PRO G 1057 16.60 64.77 -93.62
N VAL G 1058 15.53 64.20 -94.16
CA VAL G 1058 15.22 64.34 -95.58
C VAL G 1058 14.45 65.63 -95.85
N ALA G 1059 13.53 65.99 -94.96
CA ALA G 1059 12.76 67.22 -95.13
C ALA G 1059 13.60 68.46 -94.90
N ALA G 1060 14.77 68.33 -94.28
CA ALA G 1060 15.62 69.50 -94.05
C ALA G 1060 16.25 70.03 -95.32
N GLN G 1061 16.24 69.25 -96.41
CA GLN G 1061 16.81 69.72 -97.67
C GLN G 1061 16.08 70.95 -98.22
N PHE G 1062 14.77 71.06 -97.97
CA PHE G 1062 13.96 72.15 -98.50
C PHE G 1062 13.68 73.24 -97.47
N THR G 1063 14.26 73.14 -96.29
CA THR G 1063 14.02 74.08 -95.20
C THR G 1063 15.17 75.08 -95.17
N LYS G 1064 15.07 76.09 -96.03
CA LYS G 1064 16.12 77.08 -96.22
C LYS G 1064 15.72 78.48 -95.78
N VAL G 1065 14.64 79.02 -96.32
CA VAL G 1065 14.30 80.42 -96.10
C VAL G 1065 13.60 80.53 -94.75
N ILE G 1066 14.07 81.45 -93.92
CA ILE G 1066 13.59 81.61 -92.55
C ILE G 1066 12.49 82.65 -92.52
N ASP G 1067 11.53 82.45 -91.61
CA ASP G 1067 10.44 83.39 -91.37
C ASP G 1067 9.54 83.58 -92.59
N GLU G 1068 9.42 82.55 -93.43
CA GLU G 1068 8.43 82.55 -94.50
C GLU G 1068 7.09 82.13 -93.90
N PRO G 1069 6.02 82.92 -94.04
CA PRO G 1069 4.77 82.55 -93.37
C PRO G 1069 4.21 81.25 -93.92
N ILE G 1070 3.46 80.54 -93.07
CA ILE G 1070 2.84 79.29 -93.48
C ILE G 1070 1.94 79.51 -94.68
N LYS G 1071 1.26 80.66 -94.72
CA LYS G 1071 0.44 80.99 -95.87
C LYS G 1071 1.28 80.97 -97.14
N SER G 1072 2.44 81.64 -97.12
CA SER G 1072 3.29 81.69 -98.31
C SER G 1072 3.82 80.31 -98.67
N ILE G 1073 4.26 79.53 -97.68
CA ILE G 1073 4.86 78.22 -97.97
C ILE G 1073 3.83 77.30 -98.61
N MET G 1074 2.65 77.18 -97.98
CA MET G 1074 1.63 76.27 -98.49
C MET G 1074 1.04 76.77 -99.80
N ASP G 1075 0.87 78.09 -99.95
CA ASP G 1075 0.42 78.61 -101.23
C ASP G 1075 1.44 78.33 -102.33
N GLY G 1076 2.73 78.43 -102.02
CA GLY G 1076 3.74 78.10 -103.00
C GLY G 1076 3.68 76.65 -103.43
N ILE G 1077 3.54 75.73 -102.45
CA ILE G 1077 3.46 74.32 -102.80
C ILE G 1077 2.21 74.04 -103.63
N HIS G 1078 1.07 74.61 -103.22
CA HIS G 1078 -0.17 74.39 -103.93
C HIS G 1078 -0.12 74.96 -105.35
N ASP G 1079 0.46 76.15 -105.50
CA ASP G 1079 0.58 76.76 -106.82
C ASP G 1079 1.54 75.98 -107.70
N GLY G 1080 2.60 75.43 -107.13
CA GLY G 1080 3.48 74.57 -107.91
C GLY G 1080 2.76 73.34 -108.42
N HIS G 1081 2.01 72.68 -107.54
CA HIS G 1081 1.22 71.52 -107.96
C HIS G 1081 0.21 71.91 -109.05
N ILE G 1082 -0.47 73.06 -108.86
CA ILE G 1082 -1.46 73.49 -109.83
C ILE G 1082 -0.82 73.77 -111.18
N LYS G 1083 0.33 74.47 -111.17
CA LYS G 1083 0.99 74.79 -112.44
C LYS G 1083 1.46 73.54 -113.15
N LYS G 1084 2.04 72.59 -112.42
CA LYS G 1084 2.49 71.36 -113.05
C LYS G 1084 1.33 70.54 -113.59
N LEU G 1085 0.23 70.45 -112.83
CA LEU G 1085 -0.93 69.72 -113.32
C LEU G 1085 -1.53 70.40 -114.55
N LEU G 1086 -1.57 71.74 -114.54
CA LEU G 1086 -2.10 72.47 -115.69
C LEU G 1086 -1.24 72.25 -116.93
N HIS G 1087 0.09 72.29 -116.76
CA HIS G 1087 0.98 72.05 -117.87
C HIS G 1087 0.80 70.63 -118.42
N GLN G 1088 0.68 69.65 -117.53
CA GLN G 1088 0.73 68.26 -117.97
C GLN G 1088 -0.63 67.80 -118.51
N TYR G 1089 -1.68 67.84 -117.68
CA TYR G 1089 -2.95 67.21 -118.04
C TYR G 1089 -4.03 68.22 -118.43
N TYR G 1090 -3.70 69.49 -118.62
CA TYR G 1090 -4.66 70.46 -119.13
C TYR G 1090 -4.08 71.29 -120.27
N GLY G 1091 -2.76 71.42 -120.32
CA GLY G 1091 -2.11 72.12 -121.40
C GLY G 1091 -1.98 73.61 -121.18
N ASP G 1092 -1.78 74.02 -119.93
CA ASP G 1092 -1.61 75.42 -119.57
C ASP G 1092 -2.82 76.24 -120.02
N ASP G 1093 -3.99 75.83 -119.55
CA ASP G 1093 -5.24 76.49 -119.90
C ASP G 1093 -6.21 76.30 -118.74
N GLU G 1094 -6.42 77.36 -117.96
CA GLU G 1094 -7.32 77.28 -116.82
C GLU G 1094 -8.77 77.07 -117.23
N SER G 1095 -9.14 77.43 -118.46
CA SER G 1095 -10.51 77.23 -118.91
C SER G 1095 -10.87 75.75 -118.96
N LYS G 1096 -9.88 74.88 -119.13
CA LYS G 1096 -10.14 73.44 -119.12
C LYS G 1096 -10.52 72.92 -117.74
N ILE G 1097 -10.28 73.70 -116.69
CA ILE G 1097 -10.56 73.24 -115.33
C ILE G 1097 -12.08 73.22 -115.11
N PRO G 1098 -12.69 72.13 -114.67
CA PRO G 1098 -14.11 72.17 -114.35
C PRO G 1098 -14.38 73.12 -113.19
N ALA G 1099 -15.57 73.73 -113.23
CA ALA G 1099 -16.01 74.69 -112.22
C ALA G 1099 -17.25 74.16 -111.51
N VAL G 1100 -17.26 74.32 -110.18
CA VAL G 1100 -18.40 73.97 -109.35
C VAL G 1100 -18.70 75.17 -108.46
N GLU G 1101 -19.93 75.22 -107.94
CA GLU G 1101 -20.31 76.33 -107.08
C GLU G 1101 -19.50 76.33 -105.79
N TYR G 1102 -19.30 75.16 -105.19
CA TYR G 1102 -18.44 75.03 -104.02
C TYR G 1102 -17.74 73.68 -104.08
N PHE G 1103 -16.50 73.65 -103.59
CA PHE G 1103 -15.65 72.47 -103.64
C PHE G 1103 -15.42 71.95 -102.22
N GLY G 1104 -16.02 70.81 -101.91
CA GLY G 1104 -15.84 70.20 -100.61
C GLY G 1104 -17.05 69.39 -100.21
N GLY G 1105 -16.89 68.64 -99.13
CA GLY G 1105 -17.98 67.87 -98.57
C GLY G 1105 -18.29 66.58 -99.29
N GLU G 1106 -17.49 66.21 -100.29
CA GLU G 1106 -17.73 64.99 -101.06
C GLU G 1106 -17.07 63.82 -100.34
N SER G 1107 -17.88 62.87 -99.86
CA SER G 1107 -17.33 61.74 -99.14
C SER G 1107 -16.48 60.88 -100.08
N PRO G 1108 -15.39 60.29 -99.59
CA PRO G 1108 -14.58 59.42 -100.47
C PRO G 1108 -15.31 58.19 -100.95
N VAL G 1109 -16.37 57.77 -100.26
CA VAL G 1109 -17.11 56.57 -100.64
C VAL G 1109 -18.14 56.91 -101.71
N GLU G 1122 -34.21 67.01 -113.67
CA GLU G 1122 -35.63 67.29 -113.84
C GLU G 1122 -35.96 68.67 -113.26
N ASP G 1123 -36.51 69.54 -114.12
CA ASP G 1123 -36.86 70.89 -113.67
C ASP G 1123 -37.95 70.85 -112.62
N SER G 1124 -38.98 70.03 -112.84
CA SER G 1124 -40.13 69.91 -111.93
C SER G 1124 -40.23 68.46 -111.49
N ALA G 1125 -39.91 68.19 -110.23
CA ALA G 1125 -39.85 66.83 -109.69
C ALA G 1125 -40.75 66.71 -108.47
N VAL G 1126 -41.31 65.53 -108.28
CA VAL G 1126 -42.11 65.21 -107.11
C VAL G 1126 -41.58 63.91 -106.53
N PHE G 1127 -41.15 63.96 -105.27
CA PHE G 1127 -40.62 62.81 -104.55
C PHE G 1127 -41.54 62.49 -103.39
N LYS G 1128 -41.69 61.21 -103.08
CA LYS G 1128 -42.51 60.74 -101.97
C LYS G 1128 -41.69 59.83 -101.08
N ALA G 1129 -41.77 60.05 -99.77
CA ALA G 1129 -41.02 59.28 -98.79
C ALA G 1129 -41.93 58.22 -98.20
N THR G 1130 -41.42 56.99 -98.12
CA THR G 1130 -42.12 55.85 -97.55
C THR G 1130 -41.34 55.33 -96.36
N SER G 1131 -41.90 54.31 -95.70
CA SER G 1131 -41.21 53.71 -94.56
C SER G 1131 -39.91 53.05 -94.99
N SER G 1132 -39.91 52.38 -96.14
CA SER G 1132 -38.75 51.63 -96.60
C SER G 1132 -37.81 52.44 -97.47
N THR G 1133 -38.11 53.71 -97.73
CA THR G 1133 -37.25 54.52 -98.58
C THR G 1133 -35.88 54.69 -97.94
N ASP G 1134 -34.83 54.61 -98.77
CA ASP G 1134 -33.47 54.75 -98.28
C ASP G 1134 -33.15 56.23 -98.09
N GLU G 1135 -32.66 56.58 -96.89
CA GLU G 1135 -32.45 57.98 -96.56
C GLU G 1135 -31.37 58.61 -97.42
N GLU G 1136 -30.28 57.89 -97.68
CA GLU G 1136 -29.20 58.45 -98.48
C GLU G 1136 -29.66 58.70 -99.91
N SER G 1137 -30.38 57.75 -100.49
CA SER G 1137 -30.90 57.95 -101.85
C SER G 1137 -31.90 59.10 -101.88
N TRP G 1138 -32.74 59.20 -100.85
CA TRP G 1138 -33.70 60.30 -100.76
C TRP G 1138 -32.99 61.65 -100.76
N PHE G 1139 -31.94 61.76 -99.94
CA PHE G 1139 -31.23 63.04 -99.86
C PHE G 1139 -30.47 63.34 -101.14
N LYS G 1140 -29.89 62.30 -101.78
CA LYS G 1140 -29.23 62.52 -103.06
C LYS G 1140 -30.22 63.02 -104.10
N ALA G 1141 -31.41 62.41 -104.15
CA ALA G 1141 -32.42 62.82 -105.11
C ALA G 1141 -32.87 64.26 -104.85
N LEU G 1142 -33.08 64.62 -103.59
CA LEU G 1142 -33.46 65.99 -103.28
C LEU G 1142 -32.34 66.97 -103.64
N ALA G 1143 -31.09 66.59 -103.38
CA ALA G 1143 -29.97 67.46 -103.68
C ALA G 1143 -29.83 67.71 -105.17
N GLY G 1144 -29.96 66.66 -105.97
CA GLY G 1144 -29.80 66.79 -107.41
C GLY G 1144 -28.37 66.66 -107.86
N SER G 1145 -28.20 66.60 -109.18
CA SER G 1145 -26.87 66.39 -109.76
C SER G 1145 -26.00 67.63 -109.66
N GLU G 1146 -26.54 68.81 -109.96
CA GLU G 1146 -25.73 70.01 -110.02
C GLU G 1146 -25.30 70.41 -108.62
N ILE G 1147 -24.06 70.89 -108.51
CA ILE G 1147 -23.53 71.39 -107.24
C ILE G 1147 -24.03 72.81 -107.04
N ASN G 1148 -24.75 73.04 -105.96
CA ASN G 1148 -25.36 74.34 -105.70
C ASN G 1148 -25.82 74.40 -104.25
N TRP G 1149 -26.56 75.45 -103.90
CA TRP G 1149 -27.06 75.62 -102.55
C TRP G 1149 -27.96 74.46 -102.15
N ARG G 1150 -28.77 73.96 -103.10
CA ARG G 1150 -29.61 72.80 -102.81
C ARG G 1150 -28.75 71.58 -102.50
N HIS G 1151 -27.69 71.38 -103.26
CA HIS G 1151 -26.77 70.28 -103.01
C HIS G 1151 -26.18 70.39 -101.60
N ALA G 1152 -25.70 71.57 -101.23
CA ALA G 1152 -25.15 71.77 -99.90
C ALA G 1152 -26.20 71.54 -98.82
N SER G 1153 -27.42 72.04 -99.05
CA SER G 1153 -28.46 71.93 -98.04
C SER G 1153 -28.82 70.47 -97.79
N PHE G 1154 -28.90 69.66 -98.84
CA PHE G 1154 -29.39 68.31 -98.72
C PHE G 1154 -28.28 67.26 -98.63
N LEU G 1155 -27.01 67.67 -98.63
CA LEU G 1155 -25.93 66.69 -98.47
C LEU G 1155 -24.89 67.11 -97.42
N CYS G 1156 -24.75 68.40 -97.16
CA CYS G 1156 -23.79 68.82 -96.14
C CYS G 1156 -24.27 68.35 -94.76
N SER G 1157 -23.39 67.65 -94.06
CA SER G 1157 -23.78 67.02 -92.80
C SER G 1157 -23.89 68.03 -91.66
N PHE G 1158 -23.09 69.09 -91.71
CA PHE G 1158 -23.05 70.10 -90.65
C PHE G 1158 -23.24 71.48 -91.25
N ILE G 1159 -23.85 72.36 -90.45
CA ILE G 1159 -23.94 73.77 -90.77
C ILE G 1159 -23.13 74.55 -89.74
N THR G 1160 -22.81 75.80 -90.09
CA THR G 1160 -21.96 76.65 -89.27
C THR G 1160 -22.83 77.57 -88.42
N GLN G 1161 -22.71 77.46 -87.11
CA GLN G 1161 -23.33 78.40 -86.19
C GLN G 1161 -22.48 79.67 -86.17
N ASP G 1162 -22.66 80.50 -85.14
CA ASP G 1162 -21.89 81.74 -85.04
C ASP G 1162 -20.39 81.46 -85.20
N LYS G 1163 -19.87 80.45 -84.49
CA LYS G 1163 -18.54 79.93 -84.78
C LYS G 1163 -18.46 78.42 -84.59
N MET G 1164 -19.59 77.74 -84.46
CA MET G 1164 -19.63 76.33 -84.08
C MET G 1164 -20.25 75.51 -85.21
N PHE G 1165 -20.10 74.19 -85.10
CA PHE G 1165 -20.58 73.24 -86.09
C PHE G 1165 -21.67 72.38 -85.46
N VAL G 1166 -22.84 72.35 -86.11
CA VAL G 1166 -23.99 71.59 -85.64
C VAL G 1166 -24.57 70.83 -86.82
N SER G 1167 -25.41 69.84 -86.50
CA SER G 1167 -26.04 69.03 -87.53
C SER G 1167 -26.86 69.91 -88.48
N ASN G 1168 -27.19 69.36 -89.63
CA ASN G 1168 -27.85 70.15 -90.66
C ASN G 1168 -29.36 70.19 -90.40
N PRO G 1169 -29.94 71.34 -90.05
CA PRO G 1169 -31.39 71.37 -89.81
C PRO G 1169 -32.19 71.04 -91.05
N ILE G 1170 -31.70 71.36 -92.23
CA ILE G 1170 -32.41 71.01 -93.45
C ILE G 1170 -32.54 69.50 -93.57
N ARG G 1171 -31.44 68.77 -93.34
CA ARG G 1171 -31.50 67.32 -93.39
C ARG G 1171 -32.40 66.77 -92.29
N LYS G 1172 -32.30 67.31 -91.07
CA LYS G 1172 -33.13 66.82 -89.99
C LYS G 1172 -34.61 67.01 -90.30
N VAL G 1173 -34.97 68.15 -90.88
CA VAL G 1173 -36.36 68.42 -91.20
C VAL G 1173 -36.83 67.55 -92.35
N PHE G 1174 -36.02 67.42 -93.40
CA PHE G 1174 -36.36 66.65 -94.58
C PHE G 1174 -36.03 65.16 -94.44
N LYS G 1175 -35.79 64.70 -93.21
CA LYS G 1175 -35.60 63.27 -92.99
C LYS G 1175 -36.82 62.51 -93.50
N PRO G 1176 -36.66 61.49 -94.34
CA PRO G 1176 -37.83 60.86 -94.96
C PRO G 1176 -38.71 60.13 -93.95
N SER G 1177 -40.01 60.13 -94.21
CA SER G 1177 -40.97 59.38 -93.43
C SER G 1177 -42.25 59.26 -94.26
N GLN G 1178 -43.10 58.32 -93.87
CA GLN G 1178 -44.31 58.07 -94.62
C GLN G 1178 -45.19 59.32 -94.65
N GLY G 1179 -45.71 59.64 -95.83
CA GLY G 1179 -46.60 60.77 -96.01
C GLY G 1179 -45.93 62.06 -96.47
N MET G 1180 -44.60 62.11 -96.52
CA MET G 1180 -43.90 63.31 -96.94
C MET G 1180 -43.81 63.38 -98.46
N VAL G 1181 -44.19 64.52 -99.03
CA VAL G 1181 -44.14 64.76 -100.46
C VAL G 1181 -43.36 66.05 -100.70
N VAL G 1182 -42.28 65.95 -101.47
CA VAL G 1182 -41.40 67.08 -101.76
C VAL G 1182 -41.54 67.43 -103.24
N GLU G 1183 -41.94 68.67 -103.51
CA GLU G 1183 -42.06 69.21 -104.85
C GLU G 1183 -40.93 70.19 -105.09
N ILE G 1184 -40.07 69.88 -106.06
CA ILE G 1184 -38.97 70.75 -106.47
C ILE G 1184 -39.37 71.40 -107.77
N SER G 1185 -39.35 72.74 -107.80
CA SER G 1185 -39.69 73.52 -108.97
C SER G 1185 -38.49 74.35 -109.39
N ASN G 1186 -38.27 74.45 -110.70
CA ASN G 1186 -37.13 75.17 -111.26
C ASN G 1186 -35.82 74.59 -110.75
N GLY G 1187 -35.74 73.25 -110.76
CA GLY G 1187 -34.53 72.59 -110.30
C GLY G 1187 -33.31 72.93 -111.13
N ASN G 1188 -33.50 73.10 -112.45
CA ASN G 1188 -32.38 73.44 -113.31
C ASN G 1188 -31.77 74.78 -112.95
N THR G 1189 -32.62 75.78 -112.67
CA THR G 1189 -32.16 77.11 -112.29
C THR G 1189 -31.99 77.16 -110.78
N SER G 1190 -30.74 77.25 -110.32
CA SER G 1190 -30.47 77.27 -108.88
C SER G 1190 -31.07 78.50 -108.23
N SER G 1191 -31.01 79.64 -108.91
CA SER G 1191 -31.51 80.89 -108.33
C SER G 1191 -33.01 80.81 -108.06
N LYS G 1192 -33.77 80.24 -108.99
CA LYS G 1192 -35.23 80.15 -108.88
C LYS G 1192 -35.70 78.81 -108.33
N THR G 1193 -34.80 77.92 -107.92
CA THR G 1193 -35.21 76.62 -107.42
C THR G 1193 -35.94 76.79 -106.09
N VAL G 1194 -37.05 76.05 -105.93
CA VAL G 1194 -37.84 76.07 -104.71
C VAL G 1194 -38.23 74.65 -104.36
N VAL G 1195 -38.05 74.27 -103.09
CA VAL G 1195 -38.34 72.93 -102.60
C VAL G 1195 -39.42 73.04 -101.55
N THR G 1196 -40.58 72.42 -101.81
CA THR G 1196 -41.73 72.50 -100.91
C THR G 1196 -42.05 71.12 -100.38
N LEU G 1197 -41.91 70.94 -99.07
CA LEU G 1197 -42.23 69.70 -98.38
C LEU G 1197 -43.61 69.83 -97.75
N SER G 1198 -44.49 68.87 -98.06
CA SER G 1198 -45.84 68.80 -97.53
C SER G 1198 -46.03 67.48 -96.80
N GLU G 1199 -46.80 67.51 -95.72
CA GLU G 1199 -47.12 66.37 -94.91
C GLU G 1199 -48.60 66.37 -94.59
N PRO G 1200 -49.17 65.22 -94.20
CA PRO G 1200 -50.60 65.20 -93.84
C PRO G 1200 -50.87 66.02 -92.59
N VAL G 1201 -51.62 67.11 -92.72
CA VAL G 1201 -51.98 67.99 -91.61
C VAL G 1201 -53.50 68.06 -91.55
N GLN G 1202 -54.06 67.62 -90.43
CA GLN G 1202 -55.52 67.58 -90.25
C GLN G 1202 -56.16 66.73 -91.35
N GLY G 1203 -55.50 65.64 -91.70
CA GLY G 1203 -55.99 64.76 -92.74
C GLY G 1203 -55.49 65.14 -94.12
N GLU G 1204 -55.79 66.37 -94.54
CA GLU G 1204 -55.38 66.82 -95.86
C GLU G 1204 -53.89 67.11 -95.89
N LEU G 1205 -53.37 67.26 -97.11
CA LEU G 1205 -51.96 67.52 -97.35
C LEU G 1205 -51.77 69.02 -97.58
N LYS G 1206 -50.93 69.65 -96.78
CA LYS G 1206 -50.65 71.07 -96.86
C LYS G 1206 -49.15 71.31 -96.83
N PRO G 1207 -48.66 72.42 -97.38
CA PRO G 1207 -47.23 72.72 -97.29
C PRO G 1207 -46.78 72.84 -95.85
N THR G 1208 -45.58 72.32 -95.57
CA THR G 1208 -44.99 72.36 -94.24
C THR G 1208 -43.63 73.04 -94.22
N VAL G 1209 -42.84 72.93 -95.28
CA VAL G 1209 -41.54 73.59 -95.37
C VAL G 1209 -41.37 74.12 -96.78
N ILE G 1210 -40.78 75.31 -96.90
CA ILE G 1210 -40.45 75.89 -98.20
C ILE G 1210 -39.03 76.39 -98.15
N LEU G 1211 -38.16 75.81 -98.96
CA LEU G 1211 -36.74 76.14 -99.03
C LEU G 1211 -36.46 76.84 -100.35
N LYS G 1212 -35.87 78.04 -100.26
CA LYS G 1212 -35.57 78.83 -101.45
C LYS G 1212 -34.43 79.78 -101.12
N LEU G 1213 -34.16 80.70 -102.03
CA LEU G 1213 -33.13 81.74 -101.85
C LEU G 1213 -33.83 83.08 -101.70
N LEU G 1214 -33.94 83.55 -100.47
CA LEU G 1214 -34.44 84.91 -100.24
C LEU G 1214 -33.52 85.94 -100.87
N LYS G 1215 -32.21 85.74 -100.73
CA LYS G 1215 -31.20 86.62 -101.29
C LYS G 1215 -30.21 85.77 -102.10
N GLU G 1216 -29.32 86.44 -102.83
CA GLU G 1216 -28.34 85.72 -103.62
C GLU G 1216 -27.37 84.92 -102.74
N ASN G 1217 -27.20 85.30 -101.47
CA ASN G 1217 -26.31 84.62 -100.55
C ASN G 1217 -27.02 84.07 -99.32
N ILE G 1218 -28.36 84.05 -99.33
CA ILE G 1218 -29.15 83.63 -98.18
C ILE G 1218 -30.08 82.50 -98.60
N ILE G 1219 -30.11 81.43 -97.82
CA ILE G 1219 -31.04 80.32 -97.99
C ILE G 1219 -32.11 80.45 -96.93
N GLN G 1220 -33.36 80.57 -97.37
CA GLN G 1220 -34.51 80.73 -96.47
C GLN G 1220 -35.28 79.42 -96.42
N MET G 1221 -35.51 78.92 -95.21
CA MET G 1221 -36.32 77.73 -94.97
C MET G 1221 -37.53 78.14 -94.13
N GLU G 1222 -38.60 78.56 -94.80
CA GLU G 1222 -39.84 78.92 -94.14
C GLU G 1222 -40.52 77.65 -93.65
N MET G 1223 -40.57 77.47 -92.32
CA MET G 1223 -41.22 76.32 -91.71
C MET G 1223 -42.63 76.74 -91.31
N ILE G 1224 -43.63 76.28 -92.06
CA ILE G 1224 -45.00 76.73 -91.91
C ILE G 1224 -45.71 75.84 -90.91
N GLU G 1225 -46.47 76.45 -90.01
CA GLU G 1225 -47.32 75.74 -89.06
C GLU G 1225 -48.77 76.01 -89.45
N ASN G 1226 -49.42 75.01 -90.04
CA ASN G 1226 -50.78 75.18 -90.50
C ASN G 1226 -51.79 75.18 -89.36
N ARG G 1227 -51.40 74.67 -88.18
CA ARG G 1227 -52.26 74.66 -87.01
C ARG G 1227 -52.09 75.98 -86.26
N THR G 1228 -53.12 76.82 -86.31
CA THR G 1228 -53.05 78.16 -85.75
C THR G 1228 -54.35 78.48 -85.01
N MET G 1229 -54.47 79.72 -84.57
CA MET G 1229 -55.68 80.16 -83.87
C MET G 1229 -56.78 80.53 -84.87
N ASP G 1230 -56.43 81.34 -85.87
CA ASP G 1230 -57.38 81.76 -86.90
C ASP G 1230 -57.33 80.89 -88.15
N GLY G 1231 -56.48 79.87 -88.18
CA GLY G 1231 -56.38 78.98 -89.30
C GLY G 1231 -55.44 79.43 -90.40
N LYS G 1232 -55.04 80.69 -90.41
CA LYS G 1232 -54.11 81.17 -91.42
C LYS G 1232 -52.71 80.66 -91.12
N PRO G 1233 -51.98 80.12 -92.09
CA PRO G 1233 -50.65 79.55 -91.78
C PRO G 1233 -49.68 80.64 -91.33
N VAL G 1234 -48.74 80.23 -90.48
CA VAL G 1234 -47.68 81.11 -89.99
C VAL G 1234 -46.36 80.42 -90.28
N SER G 1235 -45.42 81.17 -90.86
CA SER G 1235 -44.14 80.64 -91.32
C SER G 1235 -43.00 81.21 -90.49
N LEU G 1236 -42.03 80.36 -90.17
CA LEU G 1236 -40.83 80.74 -89.44
C LEU G 1236 -39.67 80.83 -90.43
N PRO G 1237 -39.33 82.01 -90.95
CA PRO G 1237 -38.24 82.09 -91.93
C PRO G 1237 -36.89 81.91 -91.27
N LEU G 1238 -36.28 80.74 -91.49
CA LEU G 1238 -34.94 80.44 -90.99
C LEU G 1238 -33.95 80.78 -92.09
N LEU G 1239 -33.12 81.79 -91.85
CA LEU G 1239 -32.18 82.28 -92.83
C LEU G 1239 -30.82 81.64 -92.62
N TYR G 1240 -30.21 81.16 -93.71
CA TYR G 1240 -28.88 80.59 -93.68
C TYR G 1240 -28.03 81.24 -94.77
N ASN G 1241 -26.89 81.79 -94.38
CA ASN G 1241 -25.93 82.31 -95.33
C ASN G 1241 -25.29 81.18 -96.11
N PHE G 1242 -25.12 81.38 -97.42
CA PHE G 1242 -24.47 80.42 -98.30
C PHE G 1242 -23.16 81.01 -98.80
N ASN G 1243 -22.05 80.40 -98.41
CA ASN G 1243 -20.71 80.87 -98.75
C ASN G 1243 -20.03 79.83 -99.62
N PRO G 1244 -20.02 79.99 -100.95
CA PRO G 1244 -19.34 78.98 -101.78
C PRO G 1244 -17.84 78.89 -101.54
N ASP G 1245 -17.23 79.95 -101.00
CA ASP G 1245 -15.78 79.92 -100.75
C ASP G 1245 -15.43 78.86 -99.72
N ASN G 1246 -16.23 78.74 -98.66
CA ASN G 1246 -16.02 77.70 -97.65
C ASN G 1246 -16.79 76.46 -98.10
N GLY G 1247 -16.11 75.63 -98.89
CA GLY G 1247 -16.76 74.46 -99.46
C GLY G 1247 -17.06 73.36 -98.45
N PHE G 1248 -16.33 73.32 -97.34
CA PHE G 1248 -16.57 72.29 -96.34
C PHE G 1248 -17.90 72.51 -95.63
N ALA G 1249 -18.16 73.75 -95.22
CA ALA G 1249 -19.39 74.13 -94.52
C ALA G 1249 -19.95 75.40 -95.16
N PRO G 1250 -20.44 75.31 -96.40
CA PRO G 1250 -20.95 76.50 -97.06
C PRO G 1250 -22.14 77.14 -96.37
N ILE G 1251 -22.97 76.36 -95.70
CA ILE G 1251 -24.21 76.85 -95.10
C ILE G 1251 -23.96 77.21 -93.65
N SER G 1252 -24.32 78.42 -93.26
CA SER G 1252 -24.11 78.92 -91.90
C SER G 1252 -25.40 79.52 -91.37
N GLU G 1253 -25.78 79.14 -90.15
CA GLU G 1253 -26.97 79.71 -89.53
C GLU G 1253 -26.79 81.21 -89.32
N VAL G 1254 -27.85 81.96 -89.61
CA VAL G 1254 -27.87 83.41 -89.37
C VAL G 1254 -28.42 83.60 -87.96
N MET G 1255 -27.51 83.78 -86.99
CA MET G 1255 -27.91 83.90 -85.60
C MET G 1255 -28.56 85.24 -85.29
N GLU G 1256 -28.30 86.27 -86.10
CA GLU G 1256 -28.88 87.59 -85.86
C GLU G 1256 -30.37 87.55 -86.15
N ASP G 1257 -31.18 87.98 -85.18
CA ASP G 1257 -32.63 88.05 -85.26
C ASP G 1257 -33.29 86.67 -85.22
N ARG G 1258 -32.53 85.61 -84.98
CA ARG G 1258 -33.11 84.26 -84.99
C ARG G 1258 -34.08 84.08 -83.83
N ASN G 1259 -33.67 84.46 -82.63
CA ASN G 1259 -34.57 84.38 -81.48
C ASN G 1259 -35.77 85.30 -81.68
N GLN G 1260 -35.55 86.47 -82.26
CA GLN G 1260 -36.66 87.39 -82.52
C GLN G 1260 -37.68 86.77 -83.47
N ARG G 1261 -37.21 86.11 -84.53
CA ARG G 1261 -38.12 85.50 -85.49
C ARG G 1261 -38.86 84.32 -84.87
N ILE G 1262 -38.17 83.50 -84.07
CA ILE G 1262 -38.83 82.40 -83.40
C ILE G 1262 -39.89 82.93 -82.44
N LYS G 1263 -39.57 83.98 -81.70
CA LYS G 1263 -40.53 84.58 -80.78
C LYS G 1263 -41.70 85.17 -81.53
N GLU G 1264 -41.46 85.77 -82.70
CA GLU G 1264 -42.57 86.31 -83.48
C GLU G 1264 -43.51 85.21 -83.95
N MET G 1265 -42.96 84.10 -84.42
CA MET G 1265 -43.80 82.98 -84.82
C MET G 1265 -44.60 82.44 -83.64
N TYR G 1266 -43.95 82.27 -82.49
CA TYR G 1266 -44.65 81.75 -81.32
C TYR G 1266 -45.70 82.75 -80.83
N TRP G 1267 -45.43 84.05 -80.96
CA TRP G 1267 -46.42 85.05 -80.61
C TRP G 1267 -47.63 84.95 -81.51
N LYS G 1268 -47.41 84.80 -82.82
CA LYS G 1268 -48.53 84.63 -83.73
C LYS G 1268 -49.33 83.38 -83.39
N LEU G 1269 -48.64 82.32 -82.94
CA LEU G 1269 -49.35 81.08 -82.62
C LEU G 1269 -50.14 81.19 -81.32
N TRP G 1270 -49.56 81.80 -80.28
CA TRP G 1270 -50.14 81.80 -78.95
C TRP G 1270 -50.96 83.05 -78.66
N ILE G 1271 -50.36 84.21 -78.79
CA ILE G 1271 -50.92 85.46 -78.31
C ILE G 1271 -51.69 86.14 -79.43
N ASP G 1272 -52.78 86.81 -79.08
CA ASP G 1272 -53.72 87.39 -80.04
C ASP G 1272 -53.75 88.91 -79.92
N GLU G 1273 -52.58 89.51 -79.79
CA GLU G 1273 -52.41 90.96 -79.69
C GLU G 1273 -51.27 91.38 -80.59
N PRO G 1274 -51.15 92.69 -80.89
CA PRO G 1274 -50.05 93.14 -81.77
C PRO G 1274 -48.69 92.76 -81.20
N PHE G 1275 -47.78 92.41 -82.09
CA PHE G 1275 -46.46 91.95 -81.69
C PHE G 1275 -45.65 93.12 -81.14
N ASN G 1276 -45.29 93.04 -79.86
CA ASN G 1276 -44.50 94.08 -79.21
C ASN G 1276 -43.69 93.41 -78.11
N LEU G 1277 -42.41 93.17 -78.39
CA LEU G 1277 -41.51 92.52 -77.44
C LEU G 1277 -40.82 93.51 -76.50
N ASP G 1278 -41.01 94.81 -76.69
CA ASP G 1278 -40.32 95.83 -75.90
C ASP G 1278 -41.27 96.23 -74.78
N PHE G 1279 -41.22 95.48 -73.67
CA PHE G 1279 -41.92 95.86 -72.47
C PHE G 1279 -41.20 95.27 -71.26
N ASP G 1280 -41.31 95.96 -70.13
CA ASP G 1280 -40.51 95.61 -68.96
C ASP G 1280 -40.94 94.26 -68.40
N PRO G 1281 -40.03 93.30 -68.21
CA PRO G 1281 -40.43 92.06 -67.53
C PRO G 1281 -40.90 92.29 -66.11
N ARG G 1282 -40.38 93.33 -65.43
CA ARG G 1282 -40.81 93.59 -64.07
C ARG G 1282 -42.29 93.98 -64.02
N ASP G 1283 -42.75 94.70 -65.04
CA ASP G 1283 -44.15 95.11 -65.09
C ASP G 1283 -45.06 93.89 -65.17
N VAL G 1284 -46.24 94.01 -64.58
CA VAL G 1284 -47.17 92.88 -64.52
C VAL G 1284 -47.94 92.79 -65.83
N ILE G 1285 -48.19 91.55 -66.27
CA ILE G 1285 -48.92 91.27 -67.50
C ILE G 1285 -50.37 91.03 -67.13
N LYS G 1286 -51.29 91.71 -67.81
CA LYS G 1286 -52.72 91.57 -67.56
C LYS G 1286 -53.37 90.94 -68.79
N GLY G 1287 -53.80 89.69 -68.66
CA GLY G 1287 -54.43 89.01 -69.78
C GLY G 1287 -55.87 89.44 -69.97
N LYS G 1288 -56.42 89.05 -71.11
CA LYS G 1288 -57.80 89.38 -71.43
C LYS G 1288 -58.76 88.59 -70.54
N ASP G 1289 -59.92 89.20 -70.27
CA ASP G 1289 -60.96 88.51 -69.52
C ASP G 1289 -61.41 87.28 -70.28
N PHE G 1290 -61.64 86.19 -69.56
CA PHE G 1290 -62.05 84.92 -70.14
C PHE G 1290 -63.35 84.45 -69.50
N GLU G 1291 -64.25 83.96 -70.33
CA GLU G 1291 -65.55 83.47 -69.90
C GLU G 1291 -65.55 81.95 -69.99
N ILE G 1292 -65.78 81.29 -68.86
CA ILE G 1292 -65.86 79.84 -68.84
C ILE G 1292 -67.21 79.43 -69.42
N THR G 1293 -67.20 78.51 -70.38
CA THR G 1293 -68.40 78.06 -71.06
C THR G 1293 -68.51 76.56 -70.94
N ALA G 1294 -69.76 76.08 -71.01
CA ALA G 1294 -70.01 74.65 -70.91
C ALA G 1294 -69.31 73.88 -72.03
N LYS G 1295 -69.34 74.42 -73.25
CA LYS G 1295 -68.64 73.77 -74.35
C LYS G 1295 -67.14 73.67 -74.08
N GLU G 1296 -66.54 74.75 -73.60
CA GLU G 1296 -65.11 74.74 -73.34
C GLU G 1296 -64.73 73.74 -72.26
N VAL G 1297 -65.50 73.70 -71.16
CA VAL G 1297 -65.23 72.76 -70.10
C VAL G 1297 -65.42 71.33 -70.59
N TYR G 1298 -66.47 71.10 -71.38
CA TYR G 1298 -66.72 69.79 -71.97
C TYR G 1298 -65.53 69.32 -72.80
N ASP G 1299 -65.06 70.19 -73.70
CA ASP G 1299 -63.95 69.84 -74.56
C ASP G 1299 -62.69 69.60 -73.77
N PHE G 1300 -62.41 70.44 -72.77
CA PHE G 1300 -61.19 70.26 -71.99
C PHE G 1300 -61.24 68.97 -71.20
N THR G 1301 -62.37 68.67 -70.56
CA THR G 1301 -62.47 67.44 -69.78
C THR G 1301 -62.29 66.22 -70.67
N HIS G 1302 -62.94 66.20 -71.83
CA HIS G 1302 -62.86 65.02 -72.69
C HIS G 1302 -61.66 65.03 -73.63
N ALA G 1303 -60.83 66.07 -73.59
CA ALA G 1303 -59.52 66.02 -74.21
C ALA G 1303 -58.46 65.54 -73.23
N VAL G 1304 -58.57 65.96 -71.96
CA VAL G 1304 -57.61 65.53 -70.96
C VAL G 1304 -57.88 64.10 -70.53
N GLY G 1305 -59.15 63.72 -70.40
CA GLY G 1305 -59.53 62.43 -69.86
C GLY G 1305 -60.08 62.56 -68.45
N ASN G 1306 -60.82 63.64 -68.19
CA ASN G 1306 -61.41 63.90 -66.89
C ASN G 1306 -62.86 63.42 -66.90
N ASN G 1307 -63.13 62.36 -66.16
CA ASN G 1307 -64.46 61.76 -66.07
C ASN G 1307 -65.18 62.10 -64.77
N CYS G 1308 -64.71 63.10 -64.05
CA CYS G 1308 -65.34 63.47 -62.79
C CYS G 1308 -66.73 64.06 -63.04
N GLU G 1309 -67.68 63.67 -62.20
CA GLU G 1309 -69.06 64.13 -62.36
C GLU G 1309 -69.21 65.61 -62.09
N ASP G 1310 -68.28 66.22 -61.34
CA ASP G 1310 -68.42 67.64 -61.01
C ASP G 1310 -68.30 68.51 -62.24
N PHE G 1311 -67.53 68.07 -63.24
CA PHE G 1311 -67.33 68.84 -64.46
C PHE G 1311 -68.31 68.50 -65.56
N VAL G 1312 -69.10 67.44 -65.40
CA VAL G 1312 -70.07 67.02 -66.40
C VAL G 1312 -71.40 67.69 -66.09
N SER G 1313 -72.10 68.13 -67.13
CA SER G 1313 -73.40 68.75 -66.95
C SER G 1313 -74.38 67.75 -66.35
N ARG G 1314 -75.10 68.18 -65.32
CA ARG G 1314 -76.12 67.38 -64.67
C ARG G 1314 -77.31 68.26 -64.35
N PRO G 1315 -78.52 67.70 -64.32
CA PRO G 1315 -79.70 68.53 -64.05
C PRO G 1315 -79.73 69.01 -62.60
N ASP G 1316 -80.26 70.21 -62.42
CA ASP G 1316 -80.48 70.78 -61.08
C ASP G 1316 -79.17 70.82 -60.29
N ARG G 1317 -78.09 71.18 -60.96
CA ARG G 1317 -76.78 71.24 -60.32
C ARG G 1317 -75.83 72.01 -61.22
N THR G 1318 -75.08 72.94 -60.63
CA THR G 1318 -74.14 73.73 -61.39
C THR G 1318 -72.90 72.91 -61.77
N MET G 1319 -72.27 73.30 -62.87
CA MET G 1319 -71.15 72.58 -63.45
C MET G 1319 -69.86 73.29 -63.05
N LEU G 1320 -68.97 72.57 -62.36
CA LEU G 1320 -67.68 73.12 -62.01
C LEU G 1320 -66.69 72.95 -63.15
N ALA G 1321 -65.60 73.72 -63.09
CA ALA G 1321 -64.52 73.62 -64.06
C ALA G 1321 -63.28 73.03 -63.40
N PRO G 1322 -62.48 72.25 -64.13
CA PRO G 1322 -61.31 71.61 -63.48
C PRO G 1322 -60.27 72.64 -63.09
N MET G 1323 -59.50 72.29 -62.06
CA MET G 1323 -58.39 73.15 -61.64
C MET G 1323 -57.36 73.29 -62.75
N ASP G 1324 -57.23 72.28 -63.61
CA ASP G 1324 -56.36 72.36 -64.77
C ASP G 1324 -56.81 73.41 -65.78
N PHE G 1325 -58.06 73.87 -65.69
CA PHE G 1325 -58.55 74.90 -66.59
C PHE G 1325 -57.88 76.25 -66.35
N ALA G 1326 -57.14 76.41 -65.25
CA ALA G 1326 -56.47 77.66 -64.98
C ALA G 1326 -55.41 77.97 -66.04
N ILE G 1327 -54.67 76.96 -66.48
CA ILE G 1327 -53.67 77.20 -67.51
C ILE G 1327 -54.36 77.58 -68.82
N VAL G 1328 -55.52 76.98 -69.10
CA VAL G 1328 -56.28 77.38 -70.27
C VAL G 1328 -56.69 78.83 -70.17
N VAL G 1329 -57.14 79.25 -68.98
CA VAL G 1329 -57.58 80.62 -68.79
C VAL G 1329 -56.43 81.60 -68.96
N GLY G 1330 -55.28 81.28 -68.37
CA GLY G 1330 -54.19 82.24 -68.26
C GLY G 1330 -52.92 81.89 -69.00
N TRP G 1331 -53.02 81.11 -70.09
CA TRP G 1331 -51.84 80.81 -70.89
C TRP G 1331 -51.32 82.06 -71.58
N ARG G 1332 -52.22 82.90 -72.09
CA ARG G 1332 -51.79 84.11 -72.79
C ARG G 1332 -51.01 85.05 -71.88
N ALA G 1333 -51.33 85.06 -70.59
CA ALA G 1333 -50.61 85.90 -69.63
C ALA G 1333 -49.36 85.21 -69.10
N ILE G 1334 -49.44 83.92 -68.80
CA ILE G 1334 -48.30 83.21 -68.23
C ILE G 1334 -47.17 83.09 -69.25
N ILE G 1335 -47.50 82.69 -70.49
CA ILE G 1335 -46.47 82.46 -71.49
C ILE G 1335 -45.90 83.76 -72.02
N LYS G 1336 -46.64 84.86 -71.95
CA LYS G 1336 -46.12 86.16 -72.36
C LYS G 1336 -44.99 86.64 -71.48
N ALA G 1337 -44.79 86.02 -70.31
CA ALA G 1337 -43.73 86.44 -69.39
C ALA G 1337 -42.35 86.09 -69.92
N ILE G 1338 -42.21 84.99 -70.66
CA ILE G 1338 -40.91 84.55 -71.15
C ILE G 1338 -40.54 85.19 -72.49
N PHE G 1339 -41.39 86.04 -73.05
CA PHE G 1339 -41.18 86.65 -74.36
C PHE G 1339 -40.22 87.84 -74.39
N PRO G 1340 -40.21 88.75 -73.40
CA PRO G 1340 -39.47 90.02 -73.58
C PRO G 1340 -38.02 89.84 -74.01
N ASN G 1341 -37.56 90.77 -74.85
CA ASN G 1341 -36.19 90.70 -75.37
C ASN G 1341 -35.17 90.73 -74.23
N THR G 1342 -35.52 91.33 -73.09
CA THR G 1342 -34.62 91.27 -71.93
C THR G 1342 -34.43 89.83 -71.48
N VAL G 1343 -35.49 89.06 -71.43
CA VAL G 1343 -35.39 87.61 -71.15
C VAL G 1343 -35.27 86.95 -72.53
N ASP G 1344 -34.04 86.91 -73.02
CA ASP G 1344 -33.75 86.42 -74.36
C ASP G 1344 -33.42 84.93 -74.32
N GLY G 1345 -33.94 84.20 -75.30
CA GLY G 1345 -33.64 82.78 -75.40
C GLY G 1345 -34.38 82.18 -76.57
N ASP G 1346 -34.06 80.93 -76.85
CA ASP G 1346 -34.63 80.20 -77.97
C ASP G 1346 -35.90 79.50 -77.52
N LEU G 1347 -37.04 79.93 -78.06
CA LEU G 1347 -38.32 79.38 -77.64
C LEU G 1347 -38.52 77.95 -78.15
N LEU G 1348 -37.89 77.60 -79.27
CA LEU G 1348 -37.97 76.23 -79.76
C LEU G 1348 -37.25 75.27 -78.82
N LYS G 1349 -36.27 75.76 -78.07
CA LYS G 1349 -35.54 74.96 -77.10
C LYS G 1349 -36.09 75.14 -75.68
N LEU G 1350 -37.22 75.82 -75.53
CA LEU G 1350 -37.83 75.98 -74.22
C LEU G 1350 -38.24 74.63 -73.64
N VAL G 1351 -38.03 74.47 -72.34
CA VAL G 1351 -38.44 73.27 -71.61
C VAL G 1351 -39.30 73.72 -70.44
N HIS G 1352 -40.51 73.18 -70.36
CA HIS G 1352 -41.39 73.44 -69.22
C HIS G 1352 -40.93 72.55 -68.08
N LEU G 1353 -40.22 73.13 -67.11
CA LEU G 1353 -39.71 72.33 -66.00
C LEU G 1353 -40.83 71.85 -65.10
N SER G 1354 -41.72 72.75 -64.72
CA SER G 1354 -42.75 72.43 -63.73
C SER G 1354 -43.90 73.41 -63.86
N ASN G 1355 -45.05 72.98 -63.36
CA ASN G 1355 -46.22 73.82 -63.24
C ASN G 1355 -46.85 73.53 -61.89
N GLY G 1356 -47.82 74.37 -61.51
CA GLY G 1356 -48.53 74.12 -60.27
C GLY G 1356 -49.67 75.09 -60.09
N TYR G 1357 -50.66 74.64 -59.32
CA TYR G 1357 -51.83 75.43 -58.98
C TYR G 1357 -51.97 75.47 -57.47
N LYS G 1358 -52.44 76.62 -56.97
CA LYS G 1358 -52.65 76.82 -55.54
C LYS G 1358 -53.97 77.54 -55.37
N MET G 1359 -54.97 76.85 -54.82
CA MET G 1359 -56.25 77.46 -54.51
C MET G 1359 -56.10 78.33 -53.26
N ILE G 1360 -56.45 79.60 -53.38
CA ILE G 1360 -56.40 80.49 -52.21
C ILE G 1360 -57.48 80.07 -51.22
N PRO G 1361 -57.19 79.97 -49.93
CA PRO G 1361 -58.25 79.57 -48.98
C PRO G 1361 -59.41 80.54 -48.99
N GLY G 1362 -60.62 79.99 -48.84
CA GLY G 1362 -61.83 80.77 -48.92
C GLY G 1362 -62.34 81.03 -50.31
N ALA G 1363 -61.68 80.49 -51.34
CA ALA G 1363 -62.08 80.66 -52.73
C ALA G 1363 -62.71 79.38 -53.23
N LYS G 1364 -63.89 79.49 -53.82
CA LYS G 1364 -64.57 78.33 -54.37
C LYS G 1364 -63.89 77.90 -55.67
N PRO G 1365 -64.05 76.64 -56.07
CA PRO G 1365 -63.48 76.20 -57.34
C PRO G 1365 -64.15 76.89 -58.52
N LEU G 1366 -63.45 76.90 -59.65
CA LEU G 1366 -63.96 77.54 -60.85
C LEU G 1366 -65.26 76.90 -61.30
N GLN G 1367 -66.21 77.73 -61.73
CA GLN G 1367 -67.51 77.29 -62.20
C GLN G 1367 -67.75 77.76 -63.63
N VAL G 1368 -68.74 77.15 -64.27
CA VAL G 1368 -69.11 77.56 -65.61
C VAL G 1368 -69.89 78.87 -65.54
N GLY G 1369 -69.53 79.81 -66.43
CA GLY G 1369 -70.20 81.08 -66.52
C GLY G 1369 -69.51 82.24 -65.82
N ASP G 1370 -68.59 81.96 -64.90
CA ASP G 1370 -67.89 83.02 -64.21
C ASP G 1370 -66.82 83.64 -65.10
N VAL G 1371 -66.52 84.91 -64.84
CA VAL G 1371 -65.52 85.66 -65.59
C VAL G 1371 -64.25 85.72 -64.74
N VAL G 1372 -63.15 85.22 -65.30
CA VAL G 1372 -61.88 85.11 -64.58
C VAL G 1372 -60.87 86.02 -65.26
N SER G 1373 -60.20 86.85 -64.46
CA SER G 1373 -59.15 87.74 -64.92
C SER G 1373 -57.81 87.16 -64.51
N THR G 1374 -56.85 87.14 -65.44
CA THR G 1374 -55.55 86.55 -65.20
C THR G 1374 -54.47 87.63 -65.20
N THR G 1375 -53.56 87.55 -64.23
CA THR G 1375 -52.52 88.54 -64.04
C THR G 1375 -51.21 87.83 -63.73
N ALA G 1376 -50.28 87.86 -64.69
CA ALA G 1376 -49.00 87.16 -64.59
C ALA G 1376 -47.90 88.12 -64.16
N VAL G 1377 -46.91 87.58 -63.46
CA VAL G 1377 -45.73 88.34 -63.06
C VAL G 1377 -44.55 87.37 -63.00
N ILE G 1378 -43.39 87.83 -63.46
CA ILE G 1378 -42.19 87.00 -63.45
C ILE G 1378 -41.69 86.92 -62.01
N GLU G 1379 -41.88 85.76 -61.38
CA GLU G 1379 -41.37 85.57 -60.03
C GLU G 1379 -39.85 85.69 -60.01
N SER G 1380 -39.17 85.00 -60.91
CA SER G 1380 -37.71 84.99 -60.88
C SER G 1380 -37.08 84.49 -62.17
N VAL G 1381 -36.25 85.33 -62.80
CA VAL G 1381 -35.51 84.94 -64.00
C VAL G 1381 -34.03 84.95 -63.65
N VAL G 1382 -33.37 83.81 -63.82
CA VAL G 1382 -31.97 83.64 -63.43
C VAL G 1382 -31.23 82.88 -64.51
N ASN G 1383 -29.92 83.12 -64.58
CA ASN G 1383 -29.01 82.54 -65.57
C ASN G 1383 -28.15 81.48 -64.88
N GLN G 1384 -28.63 80.24 -64.89
CA GLN G 1384 -27.84 79.11 -64.44
C GLN G 1384 -26.92 78.65 -65.57
N PRO G 1385 -25.85 77.92 -65.26
CA PRO G 1385 -24.89 77.55 -66.32
C PRO G 1385 -25.51 76.76 -67.45
N THR G 1386 -26.53 75.96 -67.17
CA THR G 1386 -27.18 75.17 -68.20
C THR G 1386 -28.23 75.94 -68.99
N GLY G 1387 -28.58 77.14 -68.58
CA GLY G 1387 -29.60 77.90 -69.28
C GLY G 1387 -30.26 78.90 -68.34
N LYS G 1388 -31.33 79.51 -68.83
CA LYS G 1388 -32.06 80.54 -68.10
C LYS G 1388 -33.38 79.97 -67.59
N ILE G 1389 -33.59 80.03 -66.28
CA ILE G 1389 -34.83 79.58 -65.65
C ILE G 1389 -35.69 80.80 -65.35
N VAL G 1390 -36.94 80.75 -65.83
CA VAL G 1390 -37.91 81.82 -65.64
C VAL G 1390 -39.11 81.25 -64.91
N ASP G 1391 -39.36 81.76 -63.71
CA ASP G 1391 -40.48 81.35 -62.88
C ASP G 1391 -41.53 82.45 -62.90
N VAL G 1392 -42.75 82.09 -63.27
CA VAL G 1392 -43.86 83.02 -63.47
C VAL G 1392 -44.96 82.61 -62.50
N VAL G 1393 -45.72 83.60 -62.02
CA VAL G 1393 -46.85 83.39 -61.14
C VAL G 1393 -48.04 84.16 -61.73
N GLY G 1394 -49.11 83.44 -62.04
CA GLY G 1394 -50.31 84.02 -62.61
C GLY G 1394 -51.49 83.86 -61.65
N THR G 1395 -52.01 85.00 -61.20
CA THR G 1395 -53.15 85.03 -60.30
C THR G 1395 -54.42 85.10 -61.11
N LEU G 1396 -55.33 84.15 -60.86
CA LEU G 1396 -56.67 84.15 -61.43
C LEU G 1396 -57.63 84.68 -60.38
N SER G 1397 -58.38 85.72 -60.75
CA SER G 1397 -59.29 86.42 -59.85
C SER G 1397 -60.69 86.43 -60.44
N ARG G 1398 -61.69 86.33 -59.56
CA ARG G 1398 -63.09 86.27 -59.95
C ARG G 1398 -63.88 87.28 -59.15
N ASN G 1399 -64.62 88.14 -59.85
CA ASN G 1399 -65.42 89.18 -59.19
C ASN G 1399 -64.55 90.06 -58.30
N GLY G 1400 -63.33 90.31 -58.75
CA GLY G 1400 -62.36 91.10 -58.01
C GLY G 1400 -61.53 90.29 -57.03
N LYS G 1401 -62.15 89.34 -56.34
CA LYS G 1401 -61.43 88.53 -55.39
C LYS G 1401 -60.45 87.59 -56.11
N PRO G 1402 -59.32 87.24 -55.47
CA PRO G 1402 -58.38 86.33 -56.12
C PRO G 1402 -58.75 84.87 -55.89
N VAL G 1403 -58.78 84.08 -56.96
CA VAL G 1403 -59.22 82.69 -56.90
C VAL G 1403 -58.05 81.74 -56.67
N MET G 1404 -56.98 81.87 -57.47
CA MET G 1404 -55.87 80.95 -57.31
C MET G 1404 -54.60 81.56 -57.89
N GLU G 1405 -53.48 80.87 -57.65
CA GLU G 1405 -52.18 81.23 -58.17
C GLU G 1405 -51.60 80.05 -58.92
N VAL G 1406 -51.12 80.29 -60.14
CA VAL G 1406 -50.55 79.27 -61.00
C VAL G 1406 -49.07 79.59 -61.19
N THR G 1407 -48.21 78.70 -60.73
CA THR G 1407 -46.77 78.84 -60.88
C THR G 1407 -46.33 78.04 -62.10
N SER G 1408 -45.44 78.62 -62.91
CA SER G 1408 -44.94 77.97 -64.11
C SER G 1408 -43.45 78.25 -64.25
N SER G 1409 -42.65 77.20 -64.34
CA SER G 1409 -41.21 77.31 -64.48
C SER G 1409 -40.81 76.87 -65.88
N PHE G 1410 -40.15 77.77 -66.61
CA PHE G 1410 -39.67 77.51 -67.95
C PHE G 1410 -38.15 77.60 -67.97
N PHE G 1411 -37.55 76.97 -68.97
CA PHE G 1411 -36.10 76.85 -69.07
C PHE G 1411 -35.69 77.08 -70.51
N TYR G 1412 -35.08 78.23 -70.78
CA TYR G 1412 -34.42 78.49 -72.04
C TYR G 1412 -33.07 77.79 -72.00
N ARG G 1413 -32.96 76.67 -72.69
CA ARG G 1413 -31.72 75.90 -72.70
C ARG G 1413 -30.70 76.60 -73.59
N GLY G 1414 -29.52 76.85 -73.03
CA GLY G 1414 -28.47 77.53 -73.77
C GLY G 1414 -27.49 78.17 -72.81
N ASN G 1415 -26.76 79.15 -73.32
CA ASN G 1415 -25.76 79.90 -72.56
C ASN G 1415 -26.14 81.38 -72.57
N TYR G 1416 -26.29 81.95 -71.38
CA TYR G 1416 -26.70 83.35 -71.24
C TYR G 1416 -25.85 84.01 -70.16
N THR G 1417 -25.54 85.30 -70.40
CA THR G 1417 -24.73 86.07 -69.47
C THR G 1417 -25.30 87.45 -69.21
N ASP G 1418 -26.56 87.70 -69.56
CA ASP G 1418 -27.19 89.00 -69.36
C ASP G 1418 -27.73 89.08 -67.93
N PHE G 1419 -26.80 89.04 -66.98
CA PHE G 1419 -27.17 89.08 -65.56
C PHE G 1419 -27.82 90.39 -65.16
N GLU G 1420 -27.63 91.46 -65.96
CA GLU G 1420 -28.26 92.73 -65.63
C GLU G 1420 -29.78 92.62 -65.66
N ASN G 1421 -30.32 91.73 -66.48
CA ASN G 1421 -31.76 91.53 -66.61
C ASN G 1421 -32.28 90.40 -65.73
N THR G 1422 -31.42 89.77 -64.93
CA THR G 1422 -31.81 88.66 -64.08
C THR G 1422 -32.19 89.18 -62.69
N PHE G 1423 -33.25 88.60 -62.13
CA PHE G 1423 -33.67 88.91 -60.77
C PHE G 1423 -34.33 87.66 -60.21
N GLN G 1424 -34.43 87.60 -58.87
CA GLN G 1424 -35.04 86.46 -58.23
C GLN G 1424 -35.74 86.87 -56.94
N LYS G 1425 -37.03 86.59 -56.87
CA LYS G 1425 -37.84 86.70 -55.67
C LYS G 1425 -38.00 85.30 -55.09
N THR G 1426 -37.77 85.16 -53.78
CA THR G 1426 -37.97 83.89 -53.11
C THR G 1426 -38.53 84.11 -51.72
N VAL G 1427 -39.58 83.38 -51.38
CA VAL G 1427 -40.20 83.44 -50.06
C VAL G 1427 -39.44 82.47 -49.18
N GLU G 1428 -38.60 83.00 -48.29
CA GLU G 1428 -37.79 82.14 -47.44
C GLU G 1428 -38.69 81.37 -46.49
N PRO G 1429 -38.25 80.20 -46.02
CA PRO G 1429 -39.09 79.45 -45.07
C PRO G 1429 -39.24 80.21 -43.76
N VAL G 1430 -40.39 79.99 -43.12
CA VAL G 1430 -40.69 80.69 -41.88
C VAL G 1430 -39.72 80.22 -40.81
N TYR G 1431 -39.02 81.16 -40.17
CA TYR G 1431 -38.02 80.85 -39.16
C TYR G 1431 -38.57 81.20 -37.78
N GLN G 1432 -38.14 80.44 -36.77
CA GLN G 1432 -38.60 80.63 -35.41
C GLN G 1432 -37.41 80.69 -34.46
N MET G 1433 -37.41 81.68 -33.57
CA MET G 1433 -36.37 81.85 -32.56
C MET G 1433 -37.01 81.98 -31.20
N HIS G 1434 -36.51 81.21 -30.23
CA HIS G 1434 -36.93 81.32 -28.84
C HIS G 1434 -35.88 82.13 -28.09
N ILE G 1435 -36.27 83.28 -27.57
CA ILE G 1435 -35.36 84.17 -26.87
C ILE G 1435 -35.27 83.69 -25.42
N LYS G 1436 -34.16 83.05 -25.08
CA LYS G 1436 -33.95 82.47 -23.76
C LYS G 1436 -33.20 83.39 -22.81
N THR G 1437 -32.27 84.19 -23.31
CA THR G 1437 -31.40 85.02 -22.50
C THR G 1437 -31.27 86.40 -23.13
N SER G 1438 -30.67 87.33 -22.38
CA SER G 1438 -30.44 88.67 -22.89
C SER G 1438 -29.35 88.70 -23.96
N LYS G 1439 -28.52 87.66 -24.06
CA LYS G 1439 -27.54 87.58 -25.12
C LYS G 1439 -28.20 87.54 -26.49
N ASP G 1440 -29.27 86.75 -26.61
CA ASP G 1440 -30.02 86.71 -27.87
C ASP G 1440 -30.63 88.07 -28.20
N ILE G 1441 -31.15 88.76 -27.19
CA ILE G 1441 -31.73 90.08 -27.41
C ILE G 1441 -30.66 91.04 -27.90
N ALA G 1442 -29.49 91.01 -27.28
CA ALA G 1442 -28.40 91.89 -27.71
C ALA G 1442 -27.97 91.57 -29.14
N VAL G 1443 -27.89 90.28 -29.47
CA VAL G 1443 -27.53 89.89 -30.83
C VAL G 1443 -28.55 90.41 -31.83
N LEU G 1444 -29.84 90.27 -31.52
CA LEU G 1444 -30.88 90.75 -32.41
C LEU G 1444 -30.80 92.27 -32.57
N ARG G 1445 -30.63 92.99 -31.47
CA ARG G 1445 -30.59 94.45 -31.54
C ARG G 1445 -29.34 94.94 -32.27
N SER G 1446 -28.26 94.15 -32.26
CA SER G 1446 -27.06 94.52 -33.01
C SER G 1446 -27.25 94.43 -34.52
N LYS G 1447 -28.34 93.82 -34.98
CA LYS G 1447 -28.60 93.69 -36.41
C LYS G 1447 -29.37 94.90 -36.90
N GLU G 1448 -28.85 95.57 -37.92
CA GLU G 1448 -29.53 96.74 -38.49
C GLU G 1448 -30.88 96.34 -39.08
N TRP G 1449 -30.93 95.19 -39.75
CA TRP G 1449 -32.15 94.80 -40.44
C TRP G 1449 -33.28 94.48 -39.47
N PHE G 1450 -32.96 94.11 -38.25
CA PHE G 1450 -33.97 93.76 -37.24
C PHE G 1450 -34.50 95.05 -36.62
N GLN G 1451 -35.71 95.46 -37.03
CA GLN G 1451 -36.32 96.69 -36.53
C GLN G 1451 -37.63 96.35 -35.87
N LEU G 1452 -37.98 97.09 -34.82
CA LEU G 1452 -39.24 96.90 -34.10
C LEU G 1452 -40.00 98.21 -34.03
N ASP G 1453 -41.32 98.14 -34.14
CA ASP G 1453 -42.14 99.34 -33.97
C ASP G 1453 -42.01 99.87 -32.55
N ASP G 1454 -42.00 98.97 -31.57
CA ASP G 1454 -41.84 99.32 -30.16
C ASP G 1454 -40.44 98.88 -29.75
N GLU G 1455 -39.50 99.83 -29.73
CA GLU G 1455 -38.11 99.50 -29.43
C GLU G 1455 -37.95 98.94 -28.03
N ASP G 1456 -38.82 99.34 -27.10
CA ASP G 1456 -38.75 98.87 -25.72
C ASP G 1456 -39.52 97.58 -25.48
N PHE G 1457 -39.94 96.89 -26.55
CA PHE G 1457 -40.67 95.65 -26.38
C PHE G 1457 -39.79 94.60 -25.71
N ASP G 1458 -40.35 93.90 -24.73
CA ASP G 1458 -39.61 92.90 -23.97
C ASP G 1458 -39.55 91.61 -24.77
N LEU G 1459 -38.40 91.32 -25.36
CA LEU G 1459 -38.21 90.12 -26.17
C LEU G 1459 -37.84 88.90 -25.34
N LEU G 1460 -37.48 89.06 -24.06
CA LEU G 1460 -37.07 87.93 -23.26
C LEU G 1460 -38.24 86.97 -23.04
N ASN G 1461 -37.94 85.67 -23.11
CA ASN G 1461 -38.95 84.62 -22.93
C ASN G 1461 -40.08 84.78 -23.94
N LYS G 1462 -39.73 85.06 -25.19
CA LYS G 1462 -40.68 85.22 -26.28
C LYS G 1462 -40.21 84.43 -27.49
N THR G 1463 -41.17 84.00 -28.30
CA THR G 1463 -40.90 83.30 -29.55
C THR G 1463 -41.19 84.23 -30.71
N LEU G 1464 -40.16 84.49 -31.52
CA LEU G 1464 -40.25 85.36 -32.68
C LEU G 1464 -40.31 84.52 -33.94
N THR G 1465 -41.23 84.90 -34.83
CA THR G 1465 -41.41 84.26 -36.12
C THR G 1465 -41.06 85.26 -37.21
N PHE G 1466 -40.20 84.84 -38.13
CA PHE G 1466 -39.71 85.65 -39.23
C PHE G 1466 -40.21 85.05 -40.53
N GLU G 1467 -40.94 85.85 -41.32
CA GLU G 1467 -41.46 85.46 -42.62
C GLU G 1467 -40.89 86.45 -43.63
N THR G 1468 -39.80 86.08 -44.28
CA THR G 1468 -38.99 87.00 -45.07
C THR G 1468 -39.10 86.67 -46.55
N GLU G 1469 -39.03 87.70 -47.38
CA GLU G 1469 -38.99 87.60 -48.82
C GLU G 1469 -37.68 88.22 -49.30
N THR G 1470 -36.95 87.49 -50.14
CA THR G 1470 -35.63 87.92 -50.61
C THR G 1470 -35.70 88.25 -52.10
N GLU G 1471 -35.32 89.48 -52.43
CA GLU G 1471 -35.15 89.94 -53.80
C GLU G 1471 -33.66 90.10 -54.07
N VAL G 1472 -33.12 89.31 -55.00
CA VAL G 1472 -31.71 89.38 -55.35
C VAL G 1472 -31.58 89.66 -56.84
N THR G 1473 -30.81 90.70 -57.16
CA THR G 1473 -30.42 91.02 -58.52
C THR G 1473 -28.98 90.60 -58.71
N PHE G 1474 -28.72 89.83 -59.76
CA PHE G 1474 -27.44 89.16 -59.95
C PHE G 1474 -26.48 90.07 -60.71
N LYS G 1475 -25.23 90.10 -60.26
CA LYS G 1475 -24.17 90.73 -61.04
C LYS G 1475 -23.49 89.71 -61.95
N ASN G 1476 -23.26 88.50 -61.45
CA ASN G 1476 -22.76 87.39 -62.24
C ASN G 1476 -23.35 86.11 -61.66
N ALA G 1477 -22.79 84.97 -62.08
CA ALA G 1477 -23.36 83.68 -61.68
C ALA G 1477 -23.31 83.48 -60.17
N ASN G 1478 -22.36 84.11 -59.48
CA ASN G 1478 -22.11 83.86 -58.06
C ASN G 1478 -22.49 85.03 -57.18
N ILE G 1479 -22.03 86.24 -57.49
CA ILE G 1479 -22.18 87.40 -56.62
C ILE G 1479 -23.44 88.17 -57.03
N PHE G 1480 -24.33 88.38 -56.06
CA PHE G 1480 -25.54 89.16 -56.30
C PHE G 1480 -25.18 90.63 -56.44
N SER G 1481 -25.81 91.32 -57.40
CA SER G 1481 -25.57 92.75 -57.55
C SER G 1481 -26.24 93.53 -56.43
N SER G 1482 -27.37 93.04 -55.94
CA SER G 1482 -28.06 93.67 -54.82
C SER G 1482 -28.93 92.63 -54.13
N VAL G 1483 -28.97 92.68 -52.81
CA VAL G 1483 -29.73 91.75 -51.99
C VAL G 1483 -30.63 92.54 -51.07
N LYS G 1484 -31.93 92.24 -51.10
CA LYS G 1484 -32.92 92.85 -50.22
C LYS G 1484 -33.69 91.72 -49.56
N CYS G 1485 -33.97 91.87 -48.27
CA CYS G 1485 -34.71 90.86 -47.52
C CYS G 1485 -35.68 91.58 -46.60
N PHE G 1486 -36.97 91.45 -46.88
CA PHE G 1486 -38.00 92.25 -46.22
C PHE G 1486 -39.13 91.35 -45.75
N GLY G 1487 -39.71 91.70 -44.60
CA GLY G 1487 -40.85 90.97 -44.11
C GLY G 1487 -41.26 91.35 -42.70
N PRO G 1488 -42.38 90.83 -42.23
CA PRO G 1488 -42.80 91.08 -40.85
C PRO G 1488 -42.19 90.10 -39.86
N ILE G 1489 -41.90 90.63 -38.67
CA ILE G 1489 -41.45 89.85 -37.53
C ILE G 1489 -42.59 89.89 -36.52
N LYS G 1490 -43.05 88.71 -36.09
CA LYS G 1490 -44.19 88.63 -35.19
C LYS G 1490 -43.81 87.83 -33.95
N VAL G 1491 -44.51 88.10 -32.86
CA VAL G 1491 -44.29 87.43 -31.59
C VAL G 1491 -45.46 86.50 -31.32
N GLU G 1492 -45.15 85.37 -30.68
CA GLU G 1492 -46.15 84.37 -30.32
C GLU G 1492 -46.78 84.75 -28.99
N LEU G 1493 -48.06 85.10 -29.02
CA LEU G 1493 -48.78 85.49 -27.83
C LEU G 1493 -49.08 84.25 -26.98
N PRO G 1494 -49.57 84.44 -25.75
CA PRO G 1494 -49.94 83.27 -24.94
C PRO G 1494 -51.00 82.40 -25.59
N THR G 1495 -51.85 82.95 -26.45
CA THR G 1495 -52.90 82.20 -27.13
C THR G 1495 -52.41 81.53 -28.41
N LYS G 1496 -51.10 81.32 -28.57
CA LYS G 1496 -50.55 80.69 -29.77
C LYS G 1496 -50.94 81.46 -31.04
N GLU G 1497 -51.03 82.78 -30.92
CA GLU G 1497 -51.35 83.67 -32.01
C GLU G 1497 -50.14 84.55 -32.31
N THR G 1498 -49.73 84.58 -33.57
CA THR G 1498 -48.57 85.36 -33.98
C THR G 1498 -49.04 86.74 -34.39
N VAL G 1499 -48.55 87.77 -33.71
CA VAL G 1499 -48.94 89.15 -33.95
C VAL G 1499 -47.70 89.97 -34.30
N GLU G 1500 -47.79 90.78 -35.34
CA GLU G 1500 -46.64 91.53 -35.80
C GLU G 1500 -46.16 92.51 -34.74
N ILE G 1501 -44.86 92.49 -34.48
CA ILE G 1501 -44.21 93.45 -33.58
C ILE G 1501 -43.08 94.20 -34.23
N GLY G 1502 -42.59 93.79 -35.39
CA GLY G 1502 -41.48 94.47 -36.03
C GLY G 1502 -41.40 94.12 -37.49
N ILE G 1503 -40.35 94.62 -38.13
CA ILE G 1503 -40.05 94.31 -39.52
C ILE G 1503 -38.58 93.97 -39.66
N VAL G 1504 -38.31 92.96 -40.48
CA VAL G 1504 -36.97 92.73 -41.00
C VAL G 1504 -36.86 93.50 -42.30
N ASP G 1505 -35.82 94.34 -42.40
CA ASP G 1505 -35.60 95.18 -43.57
C ASP G 1505 -34.09 95.26 -43.81
N TYR G 1506 -33.59 94.35 -44.63
CA TYR G 1506 -32.17 94.30 -45.00
C TYR G 1506 -32.05 94.80 -46.44
N GLU G 1507 -31.09 95.69 -46.67
CA GLU G 1507 -30.84 96.26 -47.99
C GLU G 1507 -29.34 96.36 -48.18
N ALA G 1508 -28.82 95.77 -49.26
CA ALA G 1508 -27.39 95.78 -49.48
C ALA G 1508 -27.11 95.71 -50.97
N GLY G 1509 -25.96 96.25 -51.36
CA GLY G 1509 -25.52 96.19 -52.74
C GLY G 1509 -24.85 94.88 -53.06
N ALA G 1510 -23.68 94.93 -53.68
CA ALA G 1510 -22.97 93.71 -54.06
C ALA G 1510 -22.67 92.86 -52.84
N SER G 1511 -23.13 91.61 -52.88
CA SER G 1511 -22.94 90.69 -51.77
C SER G 1511 -22.92 89.27 -52.28
N HIS G 1512 -22.30 88.37 -51.51
CA HIS G 1512 -22.23 86.96 -51.84
C HIS G 1512 -23.39 86.15 -51.27
N GLY G 1513 -24.24 86.76 -50.45
CA GLY G 1513 -25.35 86.02 -49.87
C GLY G 1513 -26.20 86.96 -49.04
N ASN G 1514 -27.27 86.39 -48.48
CA ASN G 1514 -28.18 87.14 -47.62
C ASN G 1514 -27.85 86.82 -46.18
N PRO G 1515 -27.31 87.76 -45.39
CA PRO G 1515 -26.95 87.42 -44.00
C PRO G 1515 -28.16 87.11 -43.13
N VAL G 1516 -29.33 87.66 -43.44
CA VAL G 1516 -30.51 87.43 -42.61
C VAL G 1516 -30.86 85.95 -42.60
N VAL G 1517 -30.91 85.33 -43.77
CA VAL G 1517 -31.29 83.92 -43.85
C VAL G 1517 -30.24 83.06 -43.17
N ASP G 1518 -28.96 83.40 -43.34
CA ASP G 1518 -27.91 82.61 -42.69
C ASP G 1518 -28.03 82.71 -41.18
N PHE G 1519 -28.24 83.92 -40.65
CA PHE G 1519 -28.40 84.09 -39.21
C PHE G 1519 -29.59 83.32 -38.69
N LEU G 1520 -30.73 83.40 -39.39
CA LEU G 1520 -31.92 82.72 -38.93
C LEU G 1520 -31.75 81.20 -38.99
N LYS G 1521 -31.12 80.70 -40.05
CA LYS G 1521 -30.88 79.26 -40.13
C LYS G 1521 -29.95 78.79 -39.02
N ARG G 1522 -28.91 79.56 -38.73
CA ARG G 1522 -27.95 79.14 -37.71
C ARG G 1522 -28.55 79.17 -36.33
N ASN G 1523 -29.33 80.21 -36.00
CA ASN G 1523 -29.84 80.41 -34.65
C ASN G 1523 -31.22 79.79 -34.44
N GLY G 1524 -32.21 80.18 -35.24
CA GLY G 1524 -33.55 79.68 -35.08
C GLY G 1524 -33.76 78.32 -35.70
N SER G 1525 -35.03 77.92 -35.74
CA SER G 1525 -35.45 76.66 -36.31
C SER G 1525 -36.41 76.94 -37.46
N THR G 1526 -36.39 76.07 -38.47
CA THR G 1526 -37.24 76.21 -39.64
C THR G 1526 -38.62 75.63 -39.33
N LEU G 1527 -39.67 76.40 -39.63
CA LEU G 1527 -41.04 75.94 -39.46
C LEU G 1527 -41.54 75.41 -40.80
N GLU G 1528 -41.64 74.09 -40.92
CA GLU G 1528 -42.13 73.44 -42.13
C GLU G 1528 -43.62 73.17 -41.97
N GLN G 1529 -44.43 73.76 -42.86
CA GLN G 1529 -45.87 73.51 -42.82
C GLN G 1529 -46.18 72.05 -43.13
N LYS G 1530 -45.49 71.49 -44.13
CA LYS G 1530 -45.70 70.09 -44.48
C LYS G 1530 -45.12 69.19 -43.38
N VAL G 1531 -45.94 68.26 -42.90
CA VAL G 1531 -45.54 67.32 -41.85
C VAL G 1531 -45.71 65.91 -42.41
N ASN G 1532 -44.60 65.21 -42.57
CA ASN G 1532 -44.63 63.86 -43.12
C ASN G 1532 -45.20 62.88 -42.09
N LEU G 1533 -45.88 61.86 -42.59
CA LEU G 1533 -46.38 60.79 -41.73
C LEU G 1533 -45.23 59.87 -41.33
N GLU G 1534 -45.52 58.97 -40.38
CA GLU G 1534 -44.48 58.04 -39.94
C GLU G 1534 -44.07 57.11 -41.07
N ASN G 1535 -45.01 56.71 -41.92
CA ASN G 1535 -44.74 55.95 -43.12
C ASN G 1535 -45.67 56.45 -44.23
N PRO G 1536 -45.27 56.34 -45.50
CA PRO G 1536 -46.21 56.68 -46.58
C PRO G 1536 -47.35 55.68 -46.64
N ILE G 1537 -48.48 56.14 -47.15
CA ILE G 1537 -49.67 55.31 -47.34
C ILE G 1537 -49.91 55.20 -48.84
N PRO G 1538 -49.55 54.11 -49.50
CA PRO G 1538 -49.84 54.01 -50.94
C PRO G 1538 -51.34 53.94 -51.19
N ILE G 1539 -51.80 54.75 -52.14
CA ILE G 1539 -53.22 54.84 -52.48
C ILE G 1539 -53.56 53.91 -53.65
N ALA G 1540 -52.91 54.11 -54.80
CA ALA G 1540 -53.17 53.26 -55.95
C ALA G 1540 -52.10 53.49 -57.01
N VAL G 1541 -51.90 52.46 -57.84
CA VAL G 1541 -51.08 52.54 -59.03
C VAL G 1541 -52.03 52.51 -60.23
N LEU G 1542 -51.93 53.51 -61.09
CA LEU G 1542 -52.89 53.74 -62.16
C LEU G 1542 -52.18 53.85 -63.49
N ASP G 1543 -52.88 53.51 -64.56
CA ASP G 1543 -52.34 53.54 -65.93
C ASP G 1543 -53.09 54.57 -66.75
N SER G 1544 -52.35 55.40 -67.47
CA SER G 1544 -52.90 56.41 -68.37
C SER G 1544 -52.26 56.27 -69.73
N TYR G 1545 -53.06 56.25 -70.78
CA TYR G 1545 -52.56 56.09 -72.14
C TYR G 1545 -52.60 57.42 -72.86
N THR G 1546 -51.43 57.92 -73.24
CA THR G 1546 -51.35 59.19 -73.95
C THR G 1546 -52.01 59.07 -75.33
N PRO G 1547 -52.77 60.07 -75.77
CA PRO G 1547 -53.42 59.96 -77.08
C PRO G 1547 -52.42 60.03 -78.22
N SER G 1548 -52.82 59.48 -79.36
CA SER G 1548 -51.96 59.53 -80.54
C SER G 1548 -51.74 60.96 -81.01
N THR G 1549 -52.79 61.78 -80.99
CA THR G 1549 -52.76 63.13 -81.53
C THR G 1549 -52.88 64.14 -80.40
N ASN G 1550 -52.04 65.18 -80.46
CA ASN G 1550 -52.08 66.28 -79.50
C ASN G 1550 -52.88 67.48 -80.02
N GLU G 1551 -53.48 67.37 -81.20
CA GLU G 1551 -54.27 68.47 -81.74
C GLU G 1551 -55.45 68.87 -80.85
N PRO G 1552 -56.29 67.95 -80.37
CA PRO G 1552 -57.42 68.41 -79.54
C PRO G 1552 -56.99 69.10 -78.26
N TYR G 1553 -55.99 68.57 -77.56
CA TYR G 1553 -55.51 69.24 -76.36
C TYR G 1553 -54.90 70.58 -76.70
N ALA G 1554 -54.15 70.67 -77.79
CA ALA G 1554 -53.55 71.94 -78.18
C ALA G 1554 -54.63 72.98 -78.44
N ARG G 1555 -55.68 72.60 -79.16
CA ARG G 1555 -56.73 73.57 -79.47
C ARG G 1555 -57.49 73.96 -78.21
N VAL G 1556 -57.78 73.00 -77.33
CA VAL G 1556 -58.60 73.32 -76.16
C VAL G 1556 -57.83 74.17 -75.17
N SER G 1557 -56.53 73.91 -75.01
CA SER G 1557 -55.71 74.65 -74.07
C SER G 1557 -55.14 75.94 -74.65
N GLY G 1558 -55.19 76.13 -75.97
CA GLY G 1558 -54.58 77.28 -76.59
C GLY G 1558 -53.08 77.17 -76.77
N ASP G 1559 -52.47 76.07 -76.33
CA ASP G 1559 -51.04 75.86 -76.47
C ASP G 1559 -50.79 75.23 -77.83
N LEU G 1560 -50.53 76.08 -78.84
CA LEU G 1560 -50.28 75.63 -80.20
C LEU G 1560 -48.78 75.52 -80.48
N ASN G 1561 -48.01 75.08 -79.49
CA ASN G 1561 -46.59 74.90 -79.68
C ASN G 1561 -46.35 73.90 -80.81
N PRO G 1562 -45.61 74.27 -81.86
CA PRO G 1562 -45.46 73.33 -82.99
C PRO G 1562 -44.76 72.03 -82.63
N ILE G 1563 -43.99 71.98 -81.55
CA ILE G 1563 -43.23 70.78 -81.25
C ILE G 1563 -44.17 69.61 -80.93
N HIS G 1564 -45.35 69.91 -80.41
CA HIS G 1564 -46.29 68.87 -79.99
C HIS G 1564 -47.18 68.37 -81.13
N VAL G 1565 -47.24 69.07 -82.26
CA VAL G 1565 -48.17 68.72 -83.33
C VAL G 1565 -47.50 68.55 -84.69
N SER G 1566 -46.34 69.13 -84.92
CA SER G 1566 -45.66 69.11 -86.22
C SER G 1566 -44.40 68.25 -86.12
N ARG G 1567 -44.27 67.29 -87.03
CA ARG G 1567 -43.07 66.46 -87.07
C ARG G 1567 -41.84 67.30 -87.40
N HIS G 1568 -41.96 68.19 -88.39
CA HIS G 1568 -40.79 68.94 -88.84
C HIS G 1568 -40.25 69.86 -87.75
N PHE G 1569 -41.15 70.52 -87.00
CA PHE G 1569 -40.69 71.40 -85.94
C PHE G 1569 -40.02 70.61 -84.83
N ALA G 1570 -40.56 69.46 -84.46
CA ALA G 1570 -39.92 68.63 -83.45
C ALA G 1570 -38.55 68.15 -83.91
N SER G 1571 -38.45 67.75 -85.19
CA SER G 1571 -37.16 67.32 -85.71
C SER G 1571 -36.15 68.46 -85.67
N TYR G 1572 -36.58 69.67 -86.05
CA TYR G 1572 -35.71 70.83 -85.95
C TYR G 1572 -35.31 71.13 -84.51
N ALA G 1573 -36.21 70.90 -83.56
CA ALA G 1573 -35.92 71.09 -82.14
C ALA G 1573 -35.18 69.92 -81.52
N ASN G 1574 -34.88 68.88 -82.30
CA ASN G 1574 -34.08 67.74 -81.86
C ASN G 1574 -34.80 66.90 -80.82
N LEU G 1575 -36.13 66.93 -80.82
CA LEU G 1575 -36.91 66.10 -79.92
C LEU G 1575 -37.10 64.71 -80.51
N PRO G 1576 -37.38 63.70 -79.68
CA PRO G 1576 -37.62 62.36 -80.23
C PRO G 1576 -38.82 62.28 -81.15
N GLY G 1577 -39.75 63.23 -81.06
CA GLY G 1577 -40.92 63.22 -81.92
C GLY G 1577 -41.88 64.31 -81.50
N THR G 1578 -43.14 64.15 -81.93
CA THR G 1578 -44.20 65.07 -81.55
C THR G 1578 -44.61 64.76 -80.10
N ILE G 1579 -43.74 65.18 -79.18
CA ILE G 1579 -43.96 64.89 -77.77
C ILE G 1579 -45.28 65.49 -77.30
N THR G 1580 -45.99 64.73 -76.46
CA THR G 1580 -47.26 65.22 -75.96
C THR G 1580 -47.06 66.37 -74.98
N HIS G 1581 -48.13 67.11 -74.74
CA HIS G 1581 -48.05 68.27 -73.86
C HIS G 1581 -47.75 67.82 -72.42
N GLY G 1582 -46.72 68.43 -71.85
CA GLY G 1582 -46.47 68.23 -70.43
C GLY G 1582 -47.66 68.67 -69.60
N MET G 1583 -48.34 69.73 -70.02
CA MET G 1583 -49.55 70.15 -69.32
C MET G 1583 -50.66 69.12 -69.48
N PHE G 1584 -50.74 68.45 -70.63
CA PHE G 1584 -51.70 67.36 -70.75
C PHE G 1584 -51.38 66.26 -69.76
N SER G 1585 -50.11 65.89 -69.64
CA SER G 1585 -49.73 64.85 -68.69
C SER G 1585 -50.09 65.26 -67.27
N SER G 1586 -49.80 66.52 -66.92
CA SER G 1586 -50.12 67.02 -65.58
C SER G 1586 -51.62 66.99 -65.34
N ALA G 1587 -52.41 67.40 -66.34
CA ALA G 1587 -53.86 67.44 -66.15
C ALA G 1587 -54.45 66.05 -66.04
N SER G 1588 -53.95 65.10 -66.84
CA SER G 1588 -54.40 63.72 -66.73
C SER G 1588 -54.07 63.16 -65.35
N VAL G 1589 -52.85 63.40 -64.87
CA VAL G 1589 -52.48 62.91 -63.56
C VAL G 1589 -53.35 63.56 -62.48
N ARG G 1590 -53.62 64.86 -62.61
CA ARG G 1590 -54.45 65.53 -61.63
C ARG G 1590 -55.87 64.97 -61.65
N ALA G 1591 -56.38 64.64 -62.83
CA ALA G 1591 -57.67 63.97 -62.89
C ALA G 1591 -57.63 62.66 -62.12
N LEU G 1592 -56.55 61.90 -62.27
CA LEU G 1592 -56.43 60.65 -61.53
C LEU G 1592 -56.37 60.88 -60.02
N ILE G 1593 -55.62 61.90 -59.58
CA ILE G 1593 -55.52 62.17 -58.15
C ILE G 1593 -56.86 62.62 -57.59
N GLU G 1594 -57.57 63.50 -58.31
CA GLU G 1594 -58.86 63.93 -57.82
C GLU G 1594 -59.87 62.79 -57.83
N ASN G 1595 -59.70 61.81 -58.74
CA ASN G 1595 -60.59 60.66 -58.74
C ASN G 1595 -60.29 59.74 -57.55
N TRP G 1596 -59.02 59.50 -57.26
CA TRP G 1596 -58.63 58.45 -56.33
C TRP G 1596 -58.33 58.99 -54.92
N ALA G 1597 -57.37 59.91 -54.81
CA ALA G 1597 -57.05 60.47 -53.50
C ALA G 1597 -58.21 61.29 -52.95
N ALA G 1598 -58.91 62.03 -53.81
CA ALA G 1598 -59.98 62.92 -53.39
C ALA G 1598 -61.37 62.33 -53.62
N ASP G 1599 -61.47 61.07 -54.07
CA ASP G 1599 -62.76 60.39 -54.26
C ASP G 1599 -63.65 61.17 -55.23
N SER G 1600 -63.04 61.72 -56.28
CA SER G 1600 -63.76 62.41 -57.36
C SER G 1600 -64.57 63.59 -56.81
N VAL G 1601 -63.94 64.35 -55.91
CA VAL G 1601 -64.49 65.59 -55.38
C VAL G 1601 -63.58 66.72 -55.86
N SER G 1602 -64.12 67.58 -56.72
CA SER G 1602 -63.31 68.64 -57.31
C SER G 1602 -62.85 69.64 -56.25
N SER G 1603 -63.77 70.10 -55.40
CA SER G 1603 -63.42 71.10 -54.40
C SER G 1603 -62.40 70.59 -53.40
N ARG G 1604 -62.30 69.27 -53.23
CA ARG G 1604 -61.39 68.69 -52.25
C ARG G 1604 -59.92 68.81 -52.64
N VAL G 1605 -59.62 69.18 -53.89
CA VAL G 1605 -58.26 69.40 -54.35
C VAL G 1605 -58.02 70.91 -54.39
N ARG G 1606 -57.01 71.36 -53.65
CA ARG G 1606 -56.72 72.79 -53.50
C ARG G 1606 -55.35 73.18 -54.02
N GLY G 1607 -54.36 72.30 -53.91
CA GLY G 1607 -53.04 72.54 -54.47
C GLY G 1607 -52.60 71.35 -55.29
N TYR G 1608 -51.84 71.62 -56.35
CA TYR G 1608 -51.32 70.54 -57.18
C TYR G 1608 -50.12 71.06 -57.94
N THR G 1609 -48.93 70.61 -57.55
CA THR G 1609 -47.69 70.98 -58.23
C THR G 1609 -47.15 69.74 -58.94
N CYS G 1610 -46.70 69.94 -60.18
CA CYS G 1610 -46.18 68.88 -61.04
C CYS G 1610 -44.86 69.34 -61.63
N GLN G 1611 -43.96 68.40 -61.85
CA GLN G 1611 -42.66 68.65 -62.45
C GLN G 1611 -42.46 67.66 -63.59
N PHE G 1612 -42.09 68.20 -64.76
CA PHE G 1612 -41.91 67.43 -65.98
C PHE G 1612 -40.43 67.09 -66.11
N VAL G 1613 -40.03 66.00 -65.46
CA VAL G 1613 -38.62 65.63 -65.44
C VAL G 1613 -38.17 65.16 -66.82
N ASP G 1614 -39.04 64.46 -67.56
CA ASP G 1614 -38.69 63.90 -68.86
C ASP G 1614 -39.88 64.01 -69.80
N MET G 1615 -39.56 63.98 -71.09
CA MET G 1615 -40.57 64.12 -72.13
C MET G 1615 -41.41 62.85 -72.25
N VAL G 1616 -42.59 63.02 -72.83
CA VAL G 1616 -43.55 61.93 -73.02
C VAL G 1616 -44.00 61.95 -74.48
N LEU G 1617 -43.98 60.78 -75.12
CA LEU G 1617 -44.37 60.64 -76.51
C LEU G 1617 -45.82 60.20 -76.63
N PRO G 1618 -46.47 60.43 -77.78
CA PRO G 1618 -47.85 59.96 -77.94
C PRO G 1618 -47.94 58.44 -77.93
N ASN G 1619 -49.10 57.93 -77.53
CA ASN G 1619 -49.37 56.50 -77.48
C ASN G 1619 -48.37 55.78 -76.57
N THR G 1620 -48.31 56.22 -75.32
CA THR G 1620 -47.45 55.63 -74.31
C THR G 1620 -48.25 55.36 -73.05
N ALA G 1621 -47.85 54.30 -72.35
CA ALA G 1621 -48.49 53.89 -71.10
C ALA G 1621 -47.73 54.52 -69.95
N LEU G 1622 -48.44 55.29 -69.13
CA LEU G 1622 -47.87 56.01 -68.01
C LEU G 1622 -48.41 55.41 -66.72
N LYS G 1623 -47.53 54.85 -65.91
CA LYS G 1623 -47.87 54.24 -64.63
C LYS G 1623 -47.59 55.24 -63.52
N THR G 1624 -48.64 55.72 -62.87
CA THR G 1624 -48.55 56.72 -61.82
C THR G 1624 -48.84 56.06 -60.47
N SER G 1625 -47.91 56.19 -59.54
CA SER G 1625 -48.07 55.66 -58.19
C SER G 1625 -48.43 56.80 -57.24
N ILE G 1626 -49.60 56.72 -56.64
CA ILE G 1626 -50.10 57.74 -55.72
C ILE G 1626 -49.76 57.29 -54.31
N GLN G 1627 -49.18 58.20 -53.52
CA GLN G 1627 -48.87 57.93 -52.13
C GLN G 1627 -49.34 59.11 -51.31
N HIS G 1628 -49.70 58.87 -50.05
CA HIS G 1628 -50.04 59.91 -49.10
C HIS G 1628 -48.90 59.98 -48.08
N VAL G 1629 -48.12 61.05 -48.12
CA VAL G 1629 -46.84 61.11 -47.43
C VAL G 1629 -46.90 62.01 -46.19
N GLY G 1630 -47.72 63.06 -46.22
CA GLY G 1630 -47.74 63.99 -45.12
C GLY G 1630 -48.99 64.84 -45.13
N MET G 1631 -49.05 65.76 -44.17
CA MET G 1631 -50.16 66.69 -44.03
C MET G 1631 -49.62 68.11 -44.02
N ILE G 1632 -50.41 69.04 -44.56
CA ILE G 1632 -50.08 70.45 -44.57
C ILE G 1632 -51.35 71.23 -44.25
N ASN G 1633 -51.42 71.81 -43.06
CA ASN G 1633 -52.53 72.67 -42.66
C ASN G 1633 -53.86 71.93 -42.76
N GLY G 1634 -53.85 70.66 -42.37
CA GLY G 1634 -55.04 69.83 -42.45
C GLY G 1634 -55.32 69.24 -43.81
N ARG G 1635 -54.45 69.46 -44.79
CA ARG G 1635 -54.63 68.91 -46.13
C ARG G 1635 -53.66 67.76 -46.34
N LYS G 1636 -54.19 66.61 -46.76
CA LYS G 1636 -53.37 65.47 -47.11
C LYS G 1636 -52.40 65.83 -48.21
N LEU G 1637 -51.12 65.52 -48.00
CA LEU G 1637 -50.07 65.78 -48.99
C LEU G 1637 -49.81 64.47 -49.74
N ILE G 1638 -50.25 64.42 -50.99
CA ILE G 1638 -50.15 63.22 -51.81
C ILE G 1638 -49.05 63.42 -52.83
N LYS G 1639 -48.07 62.53 -52.82
CA LYS G 1639 -47.02 62.48 -53.84
C LYS G 1639 -47.48 61.60 -55.00
N PHE G 1640 -47.05 61.97 -56.21
CA PHE G 1640 -47.23 61.14 -57.39
C PHE G 1640 -45.93 61.11 -58.16
N GLU G 1641 -45.63 59.96 -58.75
CA GLU G 1641 -44.41 59.73 -59.53
C GLU G 1641 -44.84 58.87 -60.72
N THR G 1642 -44.94 59.50 -61.90
CA THR G 1642 -45.30 58.80 -63.12
C THR G 1642 -44.06 58.24 -63.80
N ARG G 1643 -44.20 57.06 -64.38
CA ARG G 1643 -43.14 56.39 -65.11
C ARG G 1643 -43.66 55.92 -66.45
N ASN G 1644 -42.79 55.92 -67.45
CA ASN G 1644 -43.19 55.51 -68.80
C ASN G 1644 -43.07 54.00 -68.92
N GLU G 1645 -43.22 53.47 -70.14
CA GLU G 1645 -43.10 52.04 -70.34
C GLU G 1645 -41.71 51.53 -70.03
N ASP G 1646 -40.69 52.37 -70.17
CA ASP G 1646 -39.30 52.00 -69.91
C ASP G 1646 -38.91 52.14 -68.44
N ASP G 1647 -39.88 52.29 -67.55
CA ASP G 1647 -39.61 52.41 -66.11
C ASP G 1647 -38.79 53.67 -65.81
N VAL G 1648 -38.97 54.71 -66.63
CA VAL G 1648 -38.27 55.97 -66.49
C VAL G 1648 -39.26 57.01 -66.00
N VAL G 1649 -38.90 57.72 -64.93
CA VAL G 1649 -39.78 58.73 -64.37
C VAL G 1649 -39.93 59.87 -65.37
N VAL G 1650 -41.18 60.20 -65.71
CA VAL G 1650 -41.48 61.29 -66.63
C VAL G 1650 -42.27 62.41 -65.98
N LEU G 1651 -42.71 62.25 -64.74
CA LEU G 1651 -43.52 63.25 -64.06
C LEU G 1651 -43.41 63.00 -62.57
N THR G 1652 -43.39 64.07 -61.78
CA THR G 1652 -43.38 63.87 -60.33
C THR G 1652 -43.86 65.14 -59.66
N GLY G 1653 -44.62 64.99 -58.58
CA GLY G 1653 -45.10 66.18 -57.90
C GLY G 1653 -45.91 65.87 -56.65
N GLU G 1654 -46.53 66.94 -56.13
CA GLU G 1654 -47.29 66.91 -54.90
C GLU G 1654 -48.71 67.40 -55.18
N ALA G 1655 -49.63 67.05 -54.29
CA ALA G 1655 -51.00 67.53 -54.33
C ALA G 1655 -51.49 67.70 -52.90
N GLU G 1656 -52.39 68.66 -52.69
CA GLU G 1656 -52.93 68.96 -51.37
C GLU G 1656 -54.44 68.72 -51.41
N ILE G 1657 -54.86 67.59 -50.87
CA ILE G 1657 -56.25 67.15 -50.91
C ILE G 1657 -56.88 67.45 -49.55
N GLU G 1658 -57.94 68.24 -49.54
CA GLU G 1658 -58.63 68.51 -48.30
C GLU G 1658 -59.16 67.21 -47.70
N GLN G 1659 -59.13 67.13 -46.37
CA GLN G 1659 -59.75 66.00 -45.71
C GLN G 1659 -61.26 66.11 -45.84
N PRO G 1660 -61.99 65.01 -45.63
CA PRO G 1660 -63.45 65.10 -45.62
C PRO G 1660 -63.93 66.08 -44.56
N VAL G 1661 -65.20 66.48 -44.67
CA VAL G 1661 -65.76 67.46 -43.75
C VAL G 1661 -65.59 66.94 -42.33
N THR G 1662 -64.86 67.69 -41.51
CA THR G 1662 -64.44 67.26 -40.19
C THR G 1662 -65.09 68.10 -39.12
N THR G 1663 -65.51 67.43 -38.04
CA THR G 1663 -65.96 68.10 -36.83
C THR G 1663 -65.14 67.57 -35.65
N PHE G 1664 -64.87 68.45 -34.71
CA PHE G 1664 -64.15 68.10 -33.48
C PHE G 1664 -65.10 68.28 -32.30
N VAL G 1665 -65.51 67.17 -31.71
CA VAL G 1665 -66.42 67.17 -30.56
C VAL G 1665 -65.60 66.87 -29.32
N PHE G 1666 -65.66 67.78 -28.35
CA PHE G 1666 -64.83 67.71 -27.15
C PHE G 1666 -65.66 67.24 -25.96
N THR G 1667 -65.24 66.13 -25.37
CA THR G 1667 -65.97 65.49 -24.28
C THR G 1667 -65.95 66.37 -23.04
N GLY G 1668 -67.00 66.23 -22.23
CA GLY G 1668 -67.07 66.87 -20.93
C GLY G 1668 -67.28 65.90 -19.79
N GLN G 1669 -67.87 64.74 -20.09
CA GLN G 1669 -68.20 63.72 -19.10
C GLN G 1669 -67.41 62.45 -19.34
N GLY G 1670 -66.12 62.60 -19.64
CA GLY G 1670 -65.25 61.46 -19.82
C GLY G 1670 -64.85 60.83 -18.49
N SER G 1671 -64.13 59.72 -18.60
CA SER G 1671 -63.67 59.00 -17.42
C SER G 1671 -62.53 59.75 -16.75
N GLN G 1672 -62.56 59.81 -15.43
CA GLN G 1672 -61.47 60.40 -14.64
C GLN G 1672 -60.47 59.33 -14.21
N GLU G 1673 -59.98 58.55 -15.17
CA GLU G 1673 -59.03 57.50 -14.87
C GLU G 1673 -57.63 58.07 -14.69
N GLN G 1674 -56.82 57.37 -13.91
CA GLN G 1674 -55.44 57.79 -13.68
C GLN G 1674 -54.63 57.67 -14.96
N GLY G 1675 -53.62 58.52 -15.09
CA GLY G 1675 -52.76 58.52 -16.26
C GLY G 1675 -53.48 58.94 -17.53
N MET G 1676 -54.32 59.97 -17.45
CA MET G 1676 -55.12 60.39 -18.58
C MET G 1676 -54.30 61.36 -19.42
N GLY G 1677 -54.07 61.01 -20.69
CA GLY G 1677 -53.24 61.80 -21.57
C GLY G 1677 -51.76 61.67 -21.34
N MET G 1678 -51.34 60.74 -20.47
CA MET G 1678 -49.93 60.65 -20.13
C MET G 1678 -49.10 60.07 -21.27
N ASP G 1679 -49.66 59.15 -22.06
CA ASP G 1679 -48.90 58.63 -23.20
C ASP G 1679 -48.58 59.76 -24.18
N LEU G 1680 -49.57 60.61 -24.46
CA LEU G 1680 -49.32 61.77 -25.30
C LEU G 1680 -48.35 62.74 -24.63
N TYR G 1681 -48.42 62.85 -23.30
CA TYR G 1681 -47.46 63.71 -22.61
C TYR G 1681 -46.04 63.20 -22.79
N LYS G 1682 -45.84 61.89 -22.75
CA LYS G 1682 -44.52 61.33 -22.98
C LYS G 1682 -44.06 61.55 -24.42
N THR G 1683 -44.93 61.28 -25.39
CA THR G 1683 -44.52 61.30 -26.79
C THR G 1683 -44.53 62.70 -27.39
N SER G 1684 -45.70 63.32 -27.49
CA SER G 1684 -45.86 64.56 -28.26
C SER G 1684 -45.18 65.72 -27.56
N LYS G 1685 -44.49 66.56 -28.34
CA LYS G 1685 -43.84 67.74 -27.79
C LYS G 1685 -44.85 68.85 -27.50
N ALA G 1686 -45.86 69.00 -28.36
CA ALA G 1686 -46.89 70.01 -28.12
C ALA G 1686 -47.68 69.69 -26.87
N ALA G 1687 -47.99 68.40 -26.66
CA ALA G 1687 -48.66 67.99 -25.42
C ALA G 1687 -47.80 68.30 -24.21
N GLN G 1688 -46.49 68.05 -24.32
CA GLN G 1688 -45.58 68.42 -23.25
C GLN G 1688 -45.66 69.91 -22.95
N ASP G 1689 -45.64 70.74 -23.98
CA ASP G 1689 -45.67 72.17 -23.77
C ASP G 1689 -46.97 72.60 -23.08
N VAL G 1690 -48.11 72.06 -23.55
CA VAL G 1690 -49.40 72.43 -22.96
C VAL G 1690 -49.44 72.02 -21.49
N TRP G 1691 -49.10 70.75 -21.21
CA TRP G 1691 -49.16 70.26 -19.85
C TRP G 1691 -48.19 71.00 -18.94
N ASN G 1692 -46.99 71.30 -19.43
CA ASN G 1692 -46.01 72.01 -18.62
C ASN G 1692 -46.46 73.42 -18.32
N ARG G 1693 -47.05 74.11 -19.30
CA ARG G 1693 -47.56 75.45 -19.03
C ARG G 1693 -48.66 75.42 -17.99
N ALA G 1694 -49.58 74.45 -18.12
CA ALA G 1694 -50.65 74.32 -17.14
C ALA G 1694 -50.11 74.02 -15.75
N ASP G 1695 -49.17 73.09 -15.65
CA ASP G 1695 -48.62 72.71 -14.36
C ASP G 1695 -47.86 73.88 -13.73
N ASN G 1696 -47.08 74.61 -14.53
CA ASN G 1696 -46.36 75.77 -14.00
C ASN G 1696 -47.32 76.82 -13.50
N HIS G 1697 -48.39 77.08 -14.25
CA HIS G 1697 -49.36 78.09 -13.79
C HIS G 1697 -50.05 77.64 -12.50
N PHE G 1698 -50.42 76.36 -12.42
CA PHE G 1698 -51.06 75.86 -11.21
C PHE G 1698 -50.13 75.94 -10.02
N LYS G 1699 -48.85 75.58 -10.22
CA LYS G 1699 -47.88 75.68 -9.13
C LYS G 1699 -47.71 77.12 -8.67
N ASP G 1700 -47.63 78.06 -9.63
CA ASP G 1700 -47.45 79.46 -9.26
C ASP G 1700 -48.67 80.00 -8.51
N THR G 1701 -49.87 79.66 -8.98
CA THR G 1701 -51.09 80.28 -8.47
C THR G 1701 -51.59 79.60 -7.20
N TYR G 1702 -51.84 78.29 -7.28
CA TYR G 1702 -52.44 77.54 -6.18
C TYR G 1702 -51.49 76.52 -5.56
N GLY G 1703 -50.25 76.43 -6.02
CA GLY G 1703 -49.28 75.58 -5.38
C GLY G 1703 -49.57 74.10 -5.43
N PHE G 1704 -50.16 73.62 -6.52
CA PHE G 1704 -50.30 72.19 -6.75
C PHE G 1704 -50.00 71.87 -8.21
N SER G 1705 -49.69 70.60 -8.45
CA SER G 1705 -49.30 70.13 -9.77
C SER G 1705 -50.42 69.28 -10.36
N ILE G 1706 -51.06 69.79 -11.41
CA ILE G 1706 -52.10 69.02 -12.09
C ILE G 1706 -51.50 67.77 -12.72
N LEU G 1707 -50.27 67.87 -13.21
CA LEU G 1707 -49.58 66.70 -13.73
C LEU G 1707 -49.41 65.63 -12.66
N ASP G 1708 -48.99 66.05 -11.45
CA ASP G 1708 -48.86 65.10 -10.36
C ASP G 1708 -50.20 64.49 -9.98
N ILE G 1709 -51.26 65.30 -9.96
CA ILE G 1709 -52.58 64.79 -9.63
C ILE G 1709 -53.03 63.76 -10.66
N VAL G 1710 -52.80 64.05 -11.95
CA VAL G 1710 -53.20 63.09 -12.98
C VAL G 1710 -52.37 61.82 -12.87
N ILE G 1711 -51.08 61.95 -12.62
CA ILE G 1711 -50.19 60.78 -12.63
C ILE G 1711 -50.50 59.85 -11.46
N ASN G 1712 -50.62 60.42 -10.25
CA ASN G 1712 -50.69 59.62 -9.04
C ASN G 1712 -52.10 59.48 -8.48
N ASN G 1713 -52.94 60.50 -8.62
CA ASN G 1713 -54.29 60.51 -8.10
C ASN G 1713 -54.27 60.34 -6.58
N PRO G 1714 -53.64 61.25 -5.84
CA PRO G 1714 -53.63 61.12 -4.39
C PRO G 1714 -55.01 61.29 -3.80
N VAL G 1715 -55.27 60.55 -2.71
CA VAL G 1715 -56.55 60.67 -2.02
C VAL G 1715 -56.69 62.06 -1.42
N ASN G 1716 -55.62 62.57 -0.80
CA ASN G 1716 -55.60 63.88 -0.19
C ASN G 1716 -54.38 64.64 -0.66
N LEU G 1717 -54.51 65.97 -0.70
CA LEU G 1717 -53.45 66.86 -1.14
C LEU G 1717 -53.43 68.09 -0.23
N THR G 1718 -52.32 68.29 0.46
CA THR G 1718 -52.16 69.41 1.38
C THR G 1718 -51.31 70.49 0.73
N ILE G 1719 -51.85 71.71 0.68
CA ILE G 1719 -51.16 72.88 0.18
C ILE G 1719 -50.75 73.70 1.40
N HIS G 1720 -49.47 74.05 1.47
CA HIS G 1720 -48.93 74.74 2.63
C HIS G 1720 -48.57 76.17 2.26
N PHE G 1721 -48.75 77.07 3.23
CA PHE G 1721 -48.63 78.51 3.02
C PHE G 1721 -47.46 79.11 3.78
N GLY G 1722 -46.33 78.43 3.80
CA GLY G 1722 -45.14 78.95 4.45
C GLY G 1722 -44.24 79.71 3.49
N GLY G 1723 -43.64 80.78 4.00
CA GLY G 1723 -42.77 81.61 3.20
C GLY G 1723 -43.53 82.59 2.32
N GLU G 1724 -42.77 83.37 1.55
CA GLU G 1724 -43.37 84.35 0.66
C GLU G 1724 -44.22 83.68 -0.40
N LYS G 1725 -43.71 82.61 -1.02
CA LYS G 1725 -44.49 81.89 -2.02
C LYS G 1725 -45.75 81.30 -1.41
N GLY G 1726 -45.64 80.75 -0.20
CA GLY G 1726 -46.82 80.21 0.46
C GLY G 1726 -47.86 81.27 0.77
N LYS G 1727 -47.41 82.44 1.22
CA LYS G 1727 -48.34 83.54 1.47
C LYS G 1727 -49.02 83.99 0.18
N ARG G 1728 -48.26 84.06 -0.92
CA ARG G 1728 -48.86 84.43 -2.19
C ARG G 1728 -49.91 83.41 -2.63
N ILE G 1729 -49.60 82.13 -2.47
CA ILE G 1729 -50.57 81.09 -2.82
C ILE G 1729 -51.80 81.19 -1.93
N ARG G 1730 -51.60 81.49 -0.65
CA ARG G 1730 -52.73 81.63 0.27
C ARG G 1730 -53.63 82.79 -0.14
N GLU G 1731 -53.02 83.92 -0.52
CA GLU G 1731 -53.83 85.05 -0.98
C GLU G 1731 -54.55 84.71 -2.27
N ASN G 1732 -53.92 83.93 -3.14
CA ASN G 1732 -54.60 83.48 -4.35
C ASN G 1732 -55.81 82.62 -4.00
N TYR G 1733 -55.66 81.73 -3.02
CA TYR G 1733 -56.77 80.89 -2.58
C TYR G 1733 -57.89 81.73 -1.99
N SER G 1734 -57.55 82.75 -1.22
CA SER G 1734 -58.56 83.59 -0.58
C SER G 1734 -59.26 84.51 -1.58
N ALA G 1735 -58.57 84.94 -2.63
CA ALA G 1735 -59.13 85.92 -3.54
C ALA G 1735 -60.37 85.40 -4.25
N MET G 1736 -60.33 84.16 -4.73
CA MET G 1736 -61.40 83.64 -5.57
C MET G 1736 -62.67 83.46 -4.76
N ILE G 1737 -63.78 83.97 -5.31
CA ILE G 1737 -65.05 84.04 -4.61
C ILE G 1737 -66.16 83.76 -5.61
N PHE G 1738 -67.17 83.00 -5.17
CA PHE G 1738 -68.34 82.71 -5.99
C PHE G 1738 -69.40 83.76 -5.67
N GLU G 1739 -69.70 84.61 -6.63
CA GLU G 1739 -70.66 85.69 -6.47
C GLU G 1739 -71.99 85.28 -7.06
N THR G 1740 -73.08 85.69 -6.39
CA THR G 1740 -74.43 85.31 -6.76
C THR G 1740 -75.32 86.55 -6.68
N ILE G 1741 -76.38 86.56 -7.48
CA ILE G 1741 -77.30 87.69 -7.58
C ILE G 1741 -78.62 87.25 -6.95
N VAL G 1742 -78.94 87.79 -5.78
CA VAL G 1742 -80.20 87.51 -5.10
C VAL G 1742 -80.90 88.83 -4.79
N ASP G 1743 -82.14 88.97 -5.25
CA ASP G 1743 -82.89 90.21 -5.09
C ASP G 1743 -82.14 91.40 -5.66
N GLY G 1744 -81.45 91.17 -6.77
CA GLY G 1744 -80.62 92.20 -7.38
C GLY G 1744 -79.52 92.67 -6.46
N LYS G 1745 -78.98 91.77 -5.64
CA LYS G 1745 -77.92 92.07 -4.70
C LYS G 1745 -76.77 91.08 -4.90
N LEU G 1746 -75.55 91.61 -4.90
CA LEU G 1746 -74.35 90.83 -5.24
C LEU G 1746 -73.80 90.20 -3.96
N LYS G 1747 -74.38 89.06 -3.59
CA LYS G 1747 -73.87 88.33 -2.43
C LYS G 1747 -72.60 87.56 -2.81
N THR G 1748 -71.67 87.51 -1.88
CA THR G 1748 -70.36 86.88 -2.08
C THR G 1748 -70.26 85.66 -1.18
N GLU G 1749 -69.81 84.53 -1.76
CA GLU G 1749 -69.59 83.30 -1.04
C GLU G 1749 -68.12 82.95 -1.22
N LYS G 1750 -67.38 82.91 -0.11
CA LYS G 1750 -65.95 82.68 -0.18
C LYS G 1750 -65.66 81.20 -0.32
N ILE G 1751 -65.07 80.80 -1.44
CA ILE G 1751 -64.59 79.43 -1.58
C ILE G 1751 -63.41 79.23 -0.64
N PHE G 1752 -63.25 77.99 -0.18
CA PHE G 1752 -62.24 77.67 0.83
C PHE G 1752 -62.51 78.43 2.13
N LYS G 1753 -63.61 78.05 2.79
CA LYS G 1753 -63.93 78.60 4.10
C LYS G 1753 -62.75 78.51 5.06
N GLU G 1754 -62.08 77.38 5.09
CA GLU G 1754 -60.98 77.15 6.03
C GLU G 1754 -59.65 77.70 5.51
N ILE G 1755 -59.67 78.96 5.08
CA ILE G 1755 -58.46 79.68 4.69
C ILE G 1755 -58.63 81.12 5.10
N ASN G 1756 -57.61 81.66 5.77
CA ASN G 1756 -57.63 83.03 6.26
C ASN G 1756 -56.19 83.48 6.45
N GLU G 1757 -56.02 84.68 7.02
CA GLU G 1757 -54.69 85.23 7.20
C GLU G 1757 -53.83 84.34 8.09
N HIS G 1758 -54.46 83.70 9.07
CA HIS G 1758 -53.73 82.83 10.01
C HIS G 1758 -53.67 81.37 9.56
N SER G 1759 -54.23 81.04 8.40
CA SER G 1759 -54.23 79.65 7.95
C SER G 1759 -52.85 79.28 7.42
N THR G 1760 -52.35 78.13 7.88
CA THR G 1760 -51.04 77.64 7.48
C THR G 1760 -51.11 76.59 6.37
N SER G 1761 -52.25 75.96 6.17
CA SER G 1761 -52.38 74.99 5.10
C SER G 1761 -53.86 74.72 4.82
N TYR G 1762 -54.11 74.14 3.65
CA TYR G 1762 -55.44 73.70 3.25
C TYR G 1762 -55.32 72.33 2.60
N THR G 1763 -56.19 71.40 3.00
CA THR G 1763 -56.17 70.04 2.49
C THR G 1763 -57.40 69.79 1.64
N PHE G 1764 -57.18 69.32 0.41
CA PHE G 1764 -58.28 68.85 -0.43
C PHE G 1764 -58.69 67.46 0.00
N ARG G 1765 -59.98 67.28 0.25
CA ARG G 1765 -60.54 66.04 0.78
C ARG G 1765 -61.30 65.34 -0.33
N SER G 1766 -61.06 64.03 -0.47
CA SER G 1766 -61.78 63.21 -1.43
C SER G 1766 -62.00 61.84 -0.85
N GLU G 1767 -63.03 61.15 -1.37
CA GLU G 1767 -63.38 59.82 -0.87
C GLU G 1767 -62.42 58.77 -1.41
N LYS G 1768 -62.35 58.63 -2.74
CA LYS G 1768 -61.51 57.65 -3.40
C LYS G 1768 -60.25 58.25 -4.00
N GLY G 1769 -60.36 59.38 -4.68
CA GLY G 1769 -59.20 60.04 -5.24
C GLY G 1769 -59.54 61.47 -5.63
N LEU G 1770 -58.49 62.29 -5.67
CA LEU G 1770 -58.70 63.69 -6.04
C LEU G 1770 -58.96 63.86 -7.52
N LEU G 1771 -58.45 62.93 -8.35
CA LEU G 1771 -58.69 63.02 -9.78
C LEU G 1771 -60.16 62.83 -10.11
N SER G 1772 -60.94 62.24 -9.20
CA SER G 1772 -62.38 62.14 -9.39
C SER G 1772 -63.12 63.41 -9.00
N ALA G 1773 -62.47 64.30 -8.26
CA ALA G 1773 -63.12 65.53 -7.84
C ALA G 1773 -63.36 66.45 -9.04
N THR G 1774 -64.46 67.20 -8.98
CA THR G 1774 -64.79 68.09 -10.10
C THR G 1774 -63.75 69.20 -10.25
N GLN G 1775 -63.14 69.61 -9.14
CA GLN G 1775 -62.17 70.69 -9.17
C GLN G 1775 -60.93 70.30 -9.97
N PHE G 1776 -60.53 69.03 -9.90
CA PHE G 1776 -59.33 68.55 -10.57
C PHE G 1776 -59.61 67.73 -11.82
N THR G 1777 -60.76 67.05 -11.90
CA THR G 1777 -61.04 66.23 -13.08
C THR G 1777 -61.32 67.10 -14.30
N GLN G 1778 -61.89 68.30 -14.08
CA GLN G 1778 -62.22 69.17 -15.21
C GLN G 1778 -61.00 69.87 -15.77
N PRO G 1779 -60.10 70.46 -14.96
CA PRO G 1779 -58.84 70.94 -15.54
C PRO G 1779 -58.06 69.84 -16.23
N ALA G 1780 -58.04 68.63 -15.67
CA ALA G 1780 -57.30 67.54 -16.30
C ALA G 1780 -57.91 67.15 -17.64
N LEU G 1781 -59.24 67.07 -17.69
CA LEU G 1781 -59.91 66.75 -18.95
C LEU G 1781 -59.67 67.83 -20.00
N THR G 1782 -59.80 69.09 -19.59
CA THR G 1782 -59.56 70.19 -20.53
C THR G 1782 -58.12 70.15 -21.03
N LEU G 1783 -57.17 69.86 -20.15
CA LEU G 1783 -55.77 69.86 -20.54
C LEU G 1783 -55.44 68.70 -21.45
N MET G 1784 -55.98 67.50 -21.18
CA MET G 1784 -55.68 66.39 -22.06
C MET G 1784 -56.29 66.62 -23.43
N GLU G 1785 -57.50 67.20 -23.48
CA GLU G 1785 -58.11 67.48 -24.78
C GLU G 1785 -57.33 68.54 -25.54
N LYS G 1786 -56.92 69.61 -24.86
CA LYS G 1786 -56.15 70.65 -25.50
C LYS G 1786 -54.79 70.12 -25.98
N ALA G 1787 -54.16 69.27 -25.17
CA ALA G 1787 -52.89 68.67 -25.58
C ALA G 1787 -53.06 67.77 -26.79
N ALA G 1788 -54.14 66.98 -26.82
CA ALA G 1788 -54.40 66.14 -27.99
C ALA G 1788 -54.61 67.00 -29.22
N PHE G 1789 -55.37 68.08 -29.11
CA PHE G 1789 -55.58 68.92 -30.27
C PHE G 1789 -54.31 69.62 -30.71
N GLU G 1790 -53.47 70.03 -29.76
CA GLU G 1790 -52.21 70.67 -30.14
C GLU G 1790 -51.28 69.68 -30.81
N ASP G 1791 -51.28 68.42 -30.37
CA ASP G 1791 -50.52 67.40 -31.08
C ASP G 1791 -51.05 67.21 -32.50
N LEU G 1792 -52.38 67.18 -32.65
CA LEU G 1792 -52.96 67.06 -33.98
C LEU G 1792 -52.56 68.24 -34.87
N LYS G 1793 -52.58 69.45 -34.30
CA LYS G 1793 -52.23 70.64 -35.08
C LYS G 1793 -50.75 70.61 -35.46
N SER G 1794 -49.88 70.17 -34.54
CA SER G 1794 -48.47 70.04 -34.88
C SER G 1794 -48.26 69.01 -35.98
N LYS G 1795 -49.07 67.96 -35.99
CA LYS G 1795 -49.04 66.96 -37.06
C LYS G 1795 -49.74 67.44 -38.33
N GLY G 1796 -50.45 68.57 -38.27
CA GLY G 1796 -51.11 69.11 -39.45
C GLY G 1796 -52.39 68.42 -39.83
N LEU G 1797 -53.12 67.90 -38.84
CA LEU G 1797 -54.32 67.10 -39.07
C LEU G 1797 -55.61 67.89 -38.84
N ILE G 1798 -55.52 69.21 -38.76
CA ILE G 1798 -56.67 70.06 -38.45
C ILE G 1798 -57.10 70.79 -39.72
N PRO G 1799 -58.21 70.44 -40.36
CA PRO G 1799 -58.66 71.22 -41.52
C PRO G 1799 -58.98 72.65 -41.12
N ALA G 1800 -58.69 73.58 -42.03
CA ALA G 1800 -58.95 74.99 -41.75
C ALA G 1800 -60.44 75.25 -41.58
N ASP G 1801 -61.27 74.58 -42.38
CA ASP G 1801 -62.72 74.77 -42.36
C ASP G 1801 -63.42 73.78 -41.43
N ALA G 1802 -62.68 72.98 -40.67
CA ALA G 1802 -63.31 72.01 -39.78
C ALA G 1802 -64.14 72.72 -38.72
N THR G 1803 -65.27 72.11 -38.37
CA THR G 1803 -66.15 72.66 -37.36
C THR G 1803 -65.84 72.04 -36.00
N PHE G 1804 -66.44 72.57 -34.95
CA PHE G 1804 -66.15 72.03 -33.63
C PHE G 1804 -67.28 72.35 -32.66
N ALA G 1805 -67.47 71.46 -31.71
CA ALA G 1805 -68.45 71.59 -30.63
C ALA G 1805 -67.87 70.96 -29.38
N GLY G 1806 -68.49 71.24 -28.24
CA GLY G 1806 -68.03 70.68 -27.00
C GLY G 1806 -69.12 70.53 -25.97
N HIS G 1807 -69.11 69.42 -25.25
CA HIS G 1807 -70.10 69.14 -24.23
C HIS G 1807 -69.59 69.62 -22.88
N SER G 1808 -70.38 70.48 -22.23
CA SER G 1808 -70.05 71.03 -20.90
C SER G 1808 -68.74 71.79 -21.04
N LEU G 1809 -67.73 71.52 -20.20
CA LEU G 1809 -66.45 72.23 -20.32
C LEU G 1809 -65.66 71.78 -21.54
N GLY G 1810 -66.11 70.72 -22.22
CA GLY G 1810 -65.58 70.43 -23.53
C GLY G 1810 -65.72 71.59 -24.49
N GLU G 1811 -66.77 72.39 -24.30
CA GLU G 1811 -66.93 73.60 -25.10
C GLU G 1811 -65.79 74.57 -24.83
N TYR G 1812 -65.43 74.76 -23.57
CA TYR G 1812 -64.31 75.63 -23.23
C TYR G 1812 -63.02 75.11 -23.83
N ALA G 1813 -62.81 73.80 -23.75
CA ALA G 1813 -61.63 73.20 -24.38
C ALA G 1813 -61.63 73.43 -25.87
N ALA G 1814 -62.79 73.32 -26.51
CA ALA G 1814 -62.89 73.53 -27.95
C ALA G 1814 -62.56 74.97 -28.32
N LEU G 1815 -63.05 75.93 -27.53
CA LEU G 1815 -62.73 77.33 -27.80
C LEU G 1815 -61.23 77.58 -27.66
N ALA G 1816 -60.62 77.05 -26.59
CA ALA G 1816 -59.19 77.24 -26.41
C ALA G 1816 -58.37 76.47 -27.45
N SER G 1817 -58.95 75.46 -28.10
CA SER G 1817 -58.24 74.62 -29.04
C SER G 1817 -58.33 75.14 -30.48
N LEU G 1818 -59.55 75.25 -31.00
CA LEU G 1818 -59.74 75.62 -32.40
C LEU G 1818 -59.63 77.12 -32.60
N ALA G 1819 -60.26 77.91 -31.73
CA ALA G 1819 -60.31 79.35 -31.89
C ALA G 1819 -59.19 80.08 -31.16
N ASP G 1820 -58.60 79.45 -30.14
CA ASP G 1820 -57.54 80.08 -29.34
C ASP G 1820 -58.02 81.42 -28.75
N VAL G 1821 -59.25 81.44 -28.26
CA VAL G 1821 -59.80 82.66 -27.68
C VAL G 1821 -59.07 83.03 -26.40
N MET G 1822 -58.51 82.04 -25.71
CA MET G 1822 -57.74 82.27 -24.50
C MET G 1822 -56.59 81.28 -24.43
N SER G 1823 -55.59 81.64 -23.62
CA SER G 1823 -54.37 80.84 -23.52
C SER G 1823 -54.58 79.69 -22.55
N ILE G 1824 -53.53 78.87 -22.38
CA ILE G 1824 -53.56 77.79 -21.41
C ILE G 1824 -53.75 78.34 -20.01
N GLU G 1825 -53.06 79.43 -19.70
CA GLU G 1825 -53.09 79.98 -18.34
C GLU G 1825 -54.49 80.45 -17.98
N SER G 1826 -55.19 81.09 -18.93
CA SER G 1826 -56.55 81.52 -18.65
C SER G 1826 -57.54 80.36 -18.70
N LEU G 1827 -57.31 79.39 -19.58
CA LEU G 1827 -58.19 78.22 -19.65
C LEU G 1827 -58.18 77.45 -18.34
N VAL G 1828 -56.99 77.22 -17.78
CA VAL G 1828 -56.91 76.48 -16.53
C VAL G 1828 -57.57 77.27 -15.40
N GLU G 1829 -57.37 78.60 -15.38
CA GLU G 1829 -58.03 79.41 -14.36
C GLU G 1829 -59.54 79.29 -14.44
N VAL G 1830 -60.10 79.43 -15.65
CA VAL G 1830 -61.55 79.39 -15.80
C VAL G 1830 -62.08 78.01 -15.40
N VAL G 1831 -61.41 76.95 -15.88
CA VAL G 1831 -61.91 75.59 -15.61
C VAL G 1831 -61.79 75.27 -14.12
N PHE G 1832 -60.67 75.64 -13.49
CA PHE G 1832 -60.49 75.38 -12.08
C PHE G 1832 -61.50 76.17 -11.25
N TYR G 1833 -61.75 77.42 -11.61
CA TYR G 1833 -62.75 78.21 -10.88
C TYR G 1833 -64.13 77.59 -11.04
N ARG G 1834 -64.47 77.14 -12.23
CA ARG G 1834 -65.76 76.49 -12.44
C ARG G 1834 -65.87 75.22 -11.60
N GLY G 1835 -64.80 74.43 -11.54
CA GLY G 1835 -64.83 73.22 -10.72
C GLY G 1835 -64.97 73.51 -9.24
N MET G 1836 -64.26 74.54 -8.76
CA MET G 1836 -64.36 74.90 -7.35
C MET G 1836 -65.71 75.52 -7.00
N THR G 1837 -66.35 76.22 -7.94
CA THR G 1837 -67.63 76.84 -7.64
C THR G 1837 -68.70 75.80 -7.36
N MET G 1838 -68.50 74.56 -7.82
CA MET G 1838 -69.46 73.49 -7.51
C MET G 1838 -69.35 73.05 -6.06
N GLN G 1839 -68.26 73.41 -5.37
CA GLN G 1839 -68.15 73.09 -3.95
C GLN G 1839 -69.05 73.97 -3.10
N VAL G 1840 -69.38 75.17 -3.58
CA VAL G 1840 -70.17 76.13 -2.82
C VAL G 1840 -71.47 76.52 -3.51
N ALA G 1841 -71.75 75.99 -4.70
CA ALA G 1841 -72.93 76.42 -5.45
C ALA G 1841 -74.22 75.86 -4.85
N VAL G 1842 -74.13 74.78 -4.06
CA VAL G 1842 -75.30 74.18 -3.43
C VAL G 1842 -75.00 74.01 -1.95
N PRO G 1843 -76.00 74.06 -1.06
CA PRO G 1843 -75.74 73.77 0.35
C PRO G 1843 -75.31 72.32 0.54
N ARG G 1844 -74.42 72.11 1.49
CA ARG G 1844 -73.90 70.78 1.80
C ARG G 1844 -73.86 70.61 3.31
N ASP G 1845 -74.04 69.37 3.76
CA ASP G 1845 -73.97 69.06 5.16
C ASP G 1845 -72.51 69.03 5.62
N GLU G 1846 -72.28 68.65 6.88
CA GLU G 1846 -70.92 68.63 7.41
C GLU G 1846 -70.06 67.61 6.68
N LEU G 1847 -70.66 66.51 6.20
CA LEU G 1847 -69.91 65.46 5.51
C LEU G 1847 -69.71 65.74 4.03
N GLY G 1848 -70.24 66.85 3.51
CA GLY G 1848 -69.99 67.26 2.14
C GLY G 1848 -70.96 66.71 1.10
N ARG G 1849 -71.89 65.84 1.50
CA ARG G 1849 -72.84 65.28 0.56
C ARG G 1849 -74.00 66.26 0.36
N SER G 1850 -74.30 66.55 -0.91
CA SER G 1850 -75.30 67.55 -1.27
C SER G 1850 -76.64 66.89 -1.57
N ASN G 1851 -77.69 67.70 -1.52
CA ASN G 1851 -79.04 67.22 -1.76
C ASN G 1851 -79.39 67.13 -3.23
N TYR G 1852 -78.62 67.76 -4.11
CA TYR G 1852 -78.91 67.77 -5.54
C TYR G 1852 -78.17 66.64 -6.25
N GLY G 1853 -78.50 66.44 -7.52
CA GLY G 1853 -77.90 65.37 -8.28
C GLY G 1853 -78.41 65.33 -9.70
N MET G 1854 -77.97 64.29 -10.43
CA MET G 1854 -78.32 64.08 -11.82
C MET G 1854 -78.56 62.61 -12.10
N ILE G 1855 -79.57 62.33 -12.93
CA ILE G 1855 -79.83 60.99 -13.45
C ILE G 1855 -79.82 61.05 -14.97
N ALA G 1856 -79.59 59.90 -15.58
CA ALA G 1856 -79.64 59.73 -17.03
C ALA G 1856 -80.84 58.87 -17.38
N ILE G 1857 -81.79 59.45 -18.09
CA ILE G 1857 -83.04 58.80 -18.47
C ILE G 1857 -82.89 58.20 -19.86
N ASN G 1858 -83.53 57.05 -20.07
CA ASN G 1858 -83.52 56.32 -21.34
C ASN G 1858 -84.97 56.02 -21.71
N PRO G 1859 -85.65 56.91 -22.45
CA PRO G 1859 -87.06 56.65 -22.77
C PRO G 1859 -87.29 55.35 -23.52
N GLY G 1860 -86.34 54.93 -24.35
CA GLY G 1860 -86.52 53.68 -25.09
C GLY G 1860 -86.67 52.48 -24.18
N ARG G 1861 -85.96 52.48 -23.06
CA ARG G 1861 -86.09 51.37 -22.12
C ARG G 1861 -87.44 51.39 -21.42
N VAL G 1862 -87.98 52.58 -21.15
CA VAL G 1862 -89.31 52.66 -20.54
C VAL G 1862 -90.36 52.15 -21.51
N ALA G 1863 -90.31 52.63 -22.76
CA ALA G 1863 -91.28 52.22 -23.76
C ALA G 1863 -90.73 52.53 -25.14
N ALA G 1864 -91.28 51.85 -26.14
CA ALA G 1864 -90.86 52.04 -27.52
C ALA G 1864 -91.45 53.30 -28.15
N SER G 1865 -92.52 53.85 -27.57
CA SER G 1865 -93.18 55.05 -28.10
C SER G 1865 -93.09 56.21 -27.12
N PHE G 1866 -92.05 56.24 -26.30
CA PHE G 1866 -91.83 57.32 -25.34
C PHE G 1866 -91.01 58.40 -26.04
N SER G 1867 -91.67 59.51 -26.37
CA SER G 1867 -91.02 60.59 -27.10
C SER G 1867 -90.35 61.56 -26.14
N GLN G 1868 -89.44 62.37 -26.69
CA GLN G 1868 -88.80 63.40 -25.90
C GLN G 1868 -89.83 64.39 -25.38
N GLU G 1869 -90.87 64.67 -26.17
CA GLU G 1869 -91.94 65.53 -25.70
C GLU G 1869 -92.65 64.92 -24.51
N ALA G 1870 -92.88 63.60 -24.55
CA ALA G 1870 -93.50 62.93 -23.41
C ALA G 1870 -92.62 63.01 -22.17
N LEU G 1871 -91.32 62.78 -22.33
CA LEU G 1871 -90.42 62.84 -21.17
C LEU G 1871 -90.35 64.25 -20.61
N GLN G 1872 -90.30 65.26 -21.48
CA GLN G 1872 -90.30 66.64 -21.01
C GLN G 1872 -91.61 66.98 -20.30
N TYR G 1873 -92.73 66.49 -20.83
CA TYR G 1873 -94.01 66.68 -20.16
C TYR G 1873 -93.99 66.09 -18.76
N VAL G 1874 -93.50 64.86 -18.63
CA VAL G 1874 -93.41 64.22 -17.32
C VAL G 1874 -92.51 65.03 -16.40
N VAL G 1875 -91.37 65.50 -16.91
CA VAL G 1875 -90.42 66.23 -16.07
C VAL G 1875 -91.04 67.52 -15.57
N GLU G 1876 -91.63 68.30 -16.48
CA GLU G 1876 -92.23 69.58 -16.08
C GLU G 1876 -93.38 69.37 -15.11
N ARG G 1877 -94.25 68.39 -15.37
CA ARG G 1877 -95.37 68.18 -14.47
C ARG G 1877 -94.90 67.69 -13.10
N VAL G 1878 -93.90 66.82 -13.07
CA VAL G 1878 -93.35 66.39 -11.79
C VAL G 1878 -92.80 67.58 -11.02
N GLY G 1879 -91.99 68.41 -11.68
CA GLY G 1879 -91.41 69.56 -11.00
C GLY G 1879 -92.46 70.52 -10.48
N LYS G 1880 -93.45 70.86 -11.31
CA LYS G 1880 -94.45 71.84 -10.91
C LYS G 1880 -95.36 71.30 -9.81
N ARG G 1881 -95.79 70.04 -9.94
CA ARG G 1881 -96.67 69.46 -8.93
C ARG G 1881 -95.96 69.30 -7.59
N THR G 1882 -94.72 68.80 -7.61
CA THR G 1882 -94.02 68.54 -6.36
C THR G 1882 -93.43 69.80 -5.75
N GLY G 1883 -93.27 70.86 -6.56
CA GLY G 1883 -92.74 72.12 -6.07
C GLY G 1883 -91.23 72.19 -6.03
N TRP G 1884 -90.54 71.07 -6.18
CA TRP G 1884 -89.09 71.05 -6.15
C TRP G 1884 -88.53 71.41 -7.52
N LEU G 1885 -87.21 71.33 -7.66
CA LEU G 1885 -86.52 71.69 -8.88
C LEU G 1885 -86.05 70.43 -9.59
N VAL G 1886 -86.45 70.28 -10.85
CA VAL G 1886 -86.01 69.17 -11.69
C VAL G 1886 -86.23 69.58 -13.14
N GLU G 1887 -85.21 69.35 -13.96
CA GLU G 1887 -85.37 69.65 -15.38
C GLU G 1887 -84.27 68.97 -16.18
N ILE G 1888 -84.54 68.81 -17.48
CA ILE G 1888 -83.57 68.20 -18.38
C ILE G 1888 -82.43 69.18 -18.63
N VAL G 1889 -81.20 68.68 -18.52
CA VAL G 1889 -80.00 69.48 -18.62
C VAL G 1889 -79.20 69.15 -19.87
N ASN G 1890 -79.13 67.87 -20.24
CA ASN G 1890 -78.47 67.43 -21.46
C ASN G 1890 -79.45 66.60 -22.27
N TYR G 1891 -79.70 67.05 -23.50
CA TYR G 1891 -80.40 66.25 -24.51
C TYR G 1891 -79.32 65.55 -25.32
N ASN G 1892 -79.09 64.27 -25.04
CA ASN G 1892 -77.95 63.56 -25.61
C ASN G 1892 -78.30 62.83 -26.90
N VAL G 1893 -79.24 61.88 -26.84
CA VAL G 1893 -79.65 61.08 -27.98
C VAL G 1893 -81.17 61.10 -28.06
N GLU G 1894 -81.71 61.16 -29.28
CA GLU G 1894 -83.14 61.28 -29.48
C GLU G 1894 -83.89 60.09 -28.90
N ASN G 1895 -84.70 60.34 -27.87
CA ASN G 1895 -85.56 59.35 -27.25
C ASN G 1895 -84.80 58.15 -26.68
N GLN G 1896 -83.48 58.27 -26.47
CA GLN G 1896 -82.71 57.13 -25.97
C GLN G 1896 -81.71 57.54 -24.88
N GLN G 1897 -81.34 58.81 -24.83
CA GLN G 1897 -80.39 59.26 -23.81
C GLN G 1897 -80.65 60.71 -23.48
N TYR G 1898 -80.99 60.97 -22.21
CA TYR G 1898 -81.20 62.31 -21.70
C TYR G 1898 -80.63 62.36 -20.30
N VAL G 1899 -80.43 63.57 -19.78
CA VAL G 1899 -79.96 63.78 -18.42
C VAL G 1899 -80.89 64.79 -17.74
N ALA G 1900 -81.34 64.47 -16.54
CA ALA G 1900 -82.12 65.38 -15.72
C ALA G 1900 -81.33 65.72 -14.46
N ALA G 1901 -81.44 66.98 -14.04
CA ALA G 1901 -80.76 67.48 -12.87
C ALA G 1901 -81.77 68.16 -11.95
N GLY G 1902 -81.47 68.11 -10.66
CA GLY G 1902 -82.30 68.76 -9.67
C GLY G 1902 -82.09 68.14 -8.31
N ASP G 1903 -83.01 68.41 -7.39
CA ASP G 1903 -82.96 67.82 -6.06
C ASP G 1903 -82.94 66.31 -6.21
N LEU G 1904 -81.92 65.67 -5.62
CA LEU G 1904 -81.80 64.21 -5.71
C LEU G 1904 -83.07 63.51 -5.24
N ARG G 1905 -83.73 64.08 -4.23
CA ARG G 1905 -85.02 63.58 -3.80
C ARG G 1905 -86.05 63.67 -4.93
N ALA G 1906 -86.07 64.78 -5.67
CA ALA G 1906 -86.99 64.93 -6.79
C ALA G 1906 -86.65 63.95 -7.91
N LEU G 1907 -85.36 63.72 -8.15
CA LEU G 1907 -84.94 62.73 -9.13
C LEU G 1907 -85.41 61.34 -8.74
N ASP G 1908 -85.46 61.05 -7.44
CA ASP G 1908 -86.04 59.79 -7.00
C ASP G 1908 -87.51 59.68 -7.40
N THR G 1909 -88.27 60.77 -7.25
CA THR G 1909 -89.67 60.75 -7.67
C THR G 1909 -89.79 60.57 -9.17
N VAL G 1910 -88.93 61.23 -9.94
CA VAL G 1910 -88.97 61.08 -11.40
C VAL G 1910 -88.67 59.64 -11.78
N THR G 1911 -87.67 59.04 -11.14
CA THR G 1911 -87.35 57.64 -11.41
C THR G 1911 -88.53 56.73 -11.06
N ASN G 1912 -89.19 56.99 -9.94
CA ASN G 1912 -90.34 56.19 -9.56
C ASN G 1912 -91.49 56.36 -10.55
N VAL G 1913 -91.71 57.58 -11.03
CA VAL G 1913 -92.78 57.83 -11.99
C VAL G 1913 -92.52 57.10 -13.30
N LEU G 1914 -91.27 57.17 -13.78
CA LEU G 1914 -90.94 56.45 -15.01
C LEU G 1914 -90.98 54.94 -14.80
N ASN G 1915 -90.64 54.47 -13.60
CA ASN G 1915 -90.80 53.05 -13.29
C ASN G 1915 -92.27 52.65 -13.34
N PHE G 1916 -93.15 53.50 -12.81
CA PHE G 1916 -94.58 53.24 -12.90
C PHE G 1916 -95.02 53.13 -14.35
N ILE G 1917 -94.60 54.09 -15.18
CA ILE G 1917 -95.01 54.10 -16.58
C ILE G 1917 -94.47 52.87 -17.30
N LYS G 1918 -93.23 52.48 -16.99
CA LYS G 1918 -92.64 51.31 -17.63
C LYS G 1918 -93.37 50.03 -17.21
N LEU G 1919 -93.56 49.83 -15.91
CA LEU G 1919 -94.16 48.59 -15.43
C LEU G 1919 -95.60 48.45 -15.92
N GLN G 1920 -96.39 49.53 -15.84
CA GLN G 1920 -97.73 49.52 -16.42
C GLN G 1920 -97.63 49.90 -17.90
N LYS G 1921 -98.79 49.98 -18.55
CA LYS G 1921 -98.89 50.34 -19.95
C LYS G 1921 -99.08 51.82 -20.18
N ILE G 1922 -99.07 52.64 -19.13
CA ILE G 1922 -99.29 54.07 -19.26
C ILE G 1922 -98.18 54.70 -20.08
N GLU G 1934 -106.60 67.72 -19.86
CA GLU G 1934 -106.70 67.91 -18.43
C GLU G 1934 -106.76 66.56 -17.71
N GLU G 1935 -107.45 65.59 -18.31
CA GLU G 1935 -107.52 64.26 -17.73
C GLU G 1935 -106.15 63.62 -17.63
N VAL G 1936 -105.35 63.74 -18.70
CA VAL G 1936 -103.99 63.21 -18.67
C VAL G 1936 -103.17 63.92 -17.59
N GLU G 1937 -103.35 65.23 -17.46
CA GLU G 1937 -102.61 65.98 -16.46
C GLU G 1937 -102.95 65.51 -15.05
N GLY G 1938 -104.24 65.31 -14.77
CA GLY G 1938 -104.63 64.82 -13.46
C GLY G 1938 -104.15 63.41 -13.18
N HIS G 1939 -104.25 62.54 -14.20
CA HIS G 1939 -103.79 61.17 -14.02
C HIS G 1939 -102.30 61.13 -13.74
N LEU G 1940 -101.51 61.97 -14.42
CA LEU G 1940 -100.09 62.06 -14.13
C LEU G 1940 -99.84 62.70 -12.77
N PHE G 1941 -100.64 63.68 -12.36
CA PHE G 1941 -100.45 64.31 -11.06
C PHE G 1941 -100.67 63.33 -9.94
N GLU G 1942 -101.60 62.38 -10.12
CA GLU G 1942 -101.78 61.35 -9.11
C GLU G 1942 -100.49 60.56 -8.89
N ILE G 1943 -99.86 60.13 -9.99
CA ILE G 1943 -98.60 59.40 -9.91
C ILE G 1943 -97.53 60.28 -9.28
N ILE G 1944 -97.54 61.57 -9.63
CA ILE G 1944 -96.55 62.50 -9.09
C ILE G 1944 -96.68 62.62 -7.58
N ASP G 1945 -97.91 62.75 -7.09
CA ASP G 1945 -98.12 62.82 -5.63
C ASP G 1945 -97.69 61.52 -4.96
N GLU G 1946 -98.02 60.38 -5.57
CA GLU G 1946 -97.61 59.10 -5.00
C GLU G 1946 -96.10 59.03 -4.85
N ALA G 1947 -95.37 59.33 -5.94
CA ALA G 1947 -93.91 59.29 -5.89
C ALA G 1947 -93.34 60.34 -4.93
N SER G 1948 -93.93 61.53 -4.90
CA SER G 1948 -93.43 62.60 -4.05
C SER G 1948 -93.51 62.22 -2.59
N LYS G 1949 -94.64 61.65 -2.17
CA LYS G 1949 -94.80 61.24 -0.78
C LYS G 1949 -94.18 59.87 -0.50
N LYS G 1950 -93.77 59.13 -1.53
CA LYS G 1950 -92.99 57.93 -1.31
C LYS G 1950 -91.51 58.21 -1.12
N SER G 1951 -90.96 59.21 -1.80
CA SER G 1951 -89.53 59.49 -1.75
C SER G 1951 -89.12 60.46 -0.65
N ALA G 1952 -89.97 61.43 -0.30
CA ALA G 1952 -89.57 62.48 0.62
C ALA G 1952 -89.30 61.98 2.03
N VAL G 1953 -89.81 60.80 2.39
CA VAL G 1953 -89.63 60.28 3.74
C VAL G 1953 -88.17 59.98 4.05
N LYS G 1954 -87.35 59.74 3.03
CA LYS G 1954 -85.96 59.38 3.25
C LYS G 1954 -85.17 60.59 3.74
N PRO G 1955 -83.99 60.36 4.32
CA PRO G 1955 -83.15 61.50 4.74
C PRO G 1955 -82.77 62.37 3.55
N ARG G 1956 -82.45 63.62 3.84
CA ARG G 1956 -82.13 64.58 2.79
C ARG G 1956 -80.95 64.16 1.91
N PRO G 1957 -79.79 63.71 2.46
CA PRO G 1957 -78.71 63.22 1.61
C PRO G 1957 -78.88 61.75 1.22
N LEU G 1958 -80.02 61.44 0.60
CA LEU G 1958 -80.33 60.06 0.22
C LEU G 1958 -79.47 59.62 -0.96
N LYS G 1959 -79.66 58.37 -1.36
CA LYS G 1959 -79.00 57.78 -2.51
C LYS G 1959 -80.06 57.47 -3.57
N LEU G 1960 -79.83 57.93 -4.80
CA LEU G 1960 -80.80 57.74 -5.87
C LEU G 1960 -80.66 56.33 -6.42
N GLU G 1961 -81.70 55.53 -6.26
CA GLU G 1961 -81.69 54.16 -6.76
C GLU G 1961 -81.81 54.14 -8.28
N ARG G 1962 -81.06 53.24 -8.90
CA ARG G 1962 -81.13 53.11 -10.35
C ARG G 1962 -82.41 52.40 -10.75
N GLY G 1963 -83.16 53.00 -11.67
CA GLY G 1963 -84.39 52.43 -12.16
C GLY G 1963 -84.17 51.52 -13.37
N PHE G 1964 -85.28 51.05 -13.93
CA PHE G 1964 -85.20 50.25 -15.15
C PHE G 1964 -84.66 51.05 -16.32
N ALA G 1965 -84.77 52.38 -16.28
CA ALA G 1965 -84.29 53.25 -17.34
C ALA G 1965 -83.50 54.45 -16.84
N CYS G 1966 -83.42 54.67 -15.54
CA CYS G 1966 -82.71 55.81 -14.97
C CYS G 1966 -81.41 55.34 -14.35
N ILE G 1967 -80.31 56.01 -14.70
CA ILE G 1967 -78.99 55.69 -14.21
C ILE G 1967 -78.44 56.93 -13.51
N PRO G 1968 -78.36 56.93 -12.17
CA PRO G 1968 -77.77 58.10 -11.49
C PRO G 1968 -76.31 58.27 -11.88
N LEU G 1969 -75.89 59.53 -11.99
CA LEU G 1969 -74.51 59.84 -12.36
C LEU G 1969 -73.65 59.94 -11.11
N VAL G 1970 -72.65 59.07 -11.01
CA VAL G 1970 -71.80 59.01 -9.83
C VAL G 1970 -70.87 60.22 -9.81
N GLY G 1971 -70.74 60.85 -8.65
CA GLY G 1971 -69.82 61.95 -8.46
C GLY G 1971 -70.37 63.32 -8.76
N ILE G 1972 -71.58 63.41 -9.30
CA ILE G 1972 -72.22 64.70 -9.60
C ILE G 1972 -73.08 65.08 -8.42
N SER G 1973 -72.94 66.33 -7.96
CA SER G 1973 -73.64 66.81 -6.78
C SER G 1973 -74.22 68.20 -6.94
N VAL G 1974 -74.15 68.80 -8.13
CA VAL G 1974 -74.68 70.14 -8.36
C VAL G 1974 -75.54 70.08 -9.63
N PRO G 1975 -76.67 70.82 -9.72
CA PRO G 1975 -77.42 70.83 -10.98
C PRO G 1975 -76.90 71.89 -11.94
N PHE G 1976 -75.79 71.57 -12.62
CA PHE G 1976 -75.31 72.48 -13.65
C PHE G 1976 -76.10 72.26 -14.94
N HIS G 1977 -75.96 73.22 -15.86
CA HIS G 1977 -76.78 73.25 -17.08
C HIS G 1977 -78.27 73.29 -16.73
N SER G 1978 -78.60 74.04 -15.68
CA SER G 1978 -79.96 74.10 -15.17
C SER G 1978 -80.31 75.54 -14.79
N THR G 1979 -81.60 75.80 -14.60
CA THR G 1979 -82.06 77.11 -14.18
C THR G 1979 -81.58 77.47 -12.78
N TYR G 1980 -81.12 76.49 -12.00
CA TYR G 1980 -80.71 76.76 -10.63
C TYR G 1980 -79.56 77.75 -10.58
N LEU G 1981 -78.57 77.59 -11.47
CA LEU G 1981 -77.43 78.49 -11.53
C LEU G 1981 -77.66 79.65 -12.49
N MET G 1982 -78.81 80.31 -12.35
CA MET G 1982 -79.12 81.51 -13.11
C MET G 1982 -78.71 82.78 -12.39
N ASN G 1983 -78.86 82.81 -11.07
CA ASN G 1983 -78.45 83.98 -10.30
C ASN G 1983 -76.96 84.28 -10.47
N GLY G 1984 -76.15 83.23 -10.61
CA GLY G 1984 -74.71 83.39 -10.71
C GLY G 1984 -74.17 83.66 -12.11
N VAL G 1985 -75.05 83.87 -13.10
CA VAL G 1985 -74.58 84.06 -14.47
C VAL G 1985 -73.85 85.39 -14.60
N LYS G 1986 -74.43 86.46 -14.07
CA LYS G 1986 -73.85 87.79 -14.26
C LYS G 1986 -72.46 87.92 -13.67
N PRO G 1987 -72.22 87.58 -12.39
CA PRO G 1987 -70.84 87.61 -11.89
C PRO G 1987 -69.91 86.66 -12.62
N PHE G 1988 -70.39 85.45 -12.94
CA PHE G 1988 -69.57 84.52 -13.71
C PHE G 1988 -69.28 85.08 -15.09
N LYS G 1989 -70.23 85.81 -15.67
CA LYS G 1989 -69.97 86.47 -16.94
C LYS G 1989 -68.85 87.49 -16.82
N SER G 1990 -68.82 88.25 -15.72
CA SER G 1990 -67.74 89.20 -15.51
C SER G 1990 -66.40 88.48 -15.35
N PHE G 1991 -66.39 87.36 -14.63
CA PHE G 1991 -65.16 86.57 -14.49
C PHE G 1991 -64.69 86.07 -15.85
N LEU G 1992 -65.61 85.61 -16.68
CA LEU G 1992 -65.26 85.16 -18.03
C LEU G 1992 -64.74 86.30 -18.88
N LYS G 1993 -65.33 87.49 -18.74
CA LYS G 1993 -64.84 88.65 -19.49
C LYS G 1993 -63.44 89.02 -19.06
N LYS G 1994 -63.15 88.90 -17.76
CA LYS G 1994 -61.78 89.14 -17.30
C LYS G 1994 -60.82 88.12 -17.89
N ASN G 1995 -61.23 86.85 -17.96
CA ASN G 1995 -60.31 85.81 -18.43
C ASN G 1995 -60.15 85.84 -19.94
N ILE G 1996 -61.19 86.21 -20.68
CA ILE G 1996 -61.20 86.16 -22.14
C ILE G 1996 -61.10 87.58 -22.66
N ILE G 1997 -60.06 87.85 -23.44
CA ILE G 1997 -59.76 89.19 -23.92
C ILE G 1997 -60.42 89.38 -25.28
N LYS G 1998 -60.93 90.58 -25.52
CA LYS G 1998 -61.63 90.85 -26.78
C LYS G 1998 -60.72 90.67 -27.98
N GLU G 1999 -59.48 91.14 -27.88
CA GLU G 1999 -58.56 91.06 -29.02
C GLU G 1999 -58.27 89.61 -29.39
N ASN G 2000 -58.27 88.70 -28.41
CA ASN G 2000 -57.98 87.30 -28.68
C ASN G 2000 -59.13 86.57 -29.36
N VAL G 2001 -60.31 87.18 -29.44
CA VAL G 2001 -61.45 86.54 -30.09
C VAL G 2001 -61.33 86.77 -31.58
N LYS G 2002 -61.38 85.69 -32.36
CA LYS G 2002 -61.23 85.72 -33.81
C LYS G 2002 -62.53 85.31 -34.49
N VAL G 2003 -63.14 86.26 -35.19
CA VAL G 2003 -64.44 86.00 -35.82
C VAL G 2003 -64.29 84.99 -36.94
N ALA G 2004 -63.19 85.02 -37.67
CA ALA G 2004 -62.97 84.04 -38.73
C ALA G 2004 -62.90 82.63 -38.15
N ARG G 2005 -62.21 82.47 -37.01
CA ARG G 2005 -62.04 81.16 -36.42
C ARG G 2005 -63.29 80.68 -35.69
N LEU G 2006 -64.19 81.59 -35.29
CA LEU G 2006 -65.42 81.20 -34.61
C LEU G 2006 -66.59 81.01 -35.55
N ALA G 2007 -66.73 81.85 -36.57
CA ALA G 2007 -67.94 81.86 -37.39
C ALA G 2007 -68.02 80.63 -38.27
N GLY G 2008 -69.20 80.00 -38.28
CA GLY G 2008 -69.45 78.84 -39.12
C GLY G 2008 -68.82 77.56 -38.64
N LYS G 2009 -68.06 77.59 -37.53
CA LYS G 2009 -67.38 76.43 -37.00
C LYS G 2009 -67.76 76.10 -35.56
N TYR G 2010 -68.22 77.08 -34.79
CA TYR G 2010 -68.55 76.91 -33.39
C TYR G 2010 -70.05 76.71 -33.24
N ILE G 2011 -70.44 75.65 -32.54
CA ILE G 2011 -71.84 75.33 -32.28
C ILE G 2011 -72.06 75.43 -30.77
N PRO G 2012 -72.48 76.58 -30.24
CA PRO G 2012 -72.67 76.69 -28.78
C PRO G 2012 -73.78 75.76 -28.29
N ASN G 2013 -73.64 75.34 -27.03
CA ASN G 2013 -74.69 74.53 -26.41
C ASN G 2013 -75.94 75.36 -26.13
N LEU G 2014 -75.77 76.63 -25.76
CA LEU G 2014 -76.92 77.50 -25.56
C LEU G 2014 -77.74 77.62 -26.84
N THR G 2015 -77.08 77.92 -27.96
CA THR G 2015 -77.71 78.03 -29.27
C THR G 2015 -77.01 77.01 -30.16
N ALA G 2016 -77.63 75.84 -30.35
CA ALA G 2016 -77.02 74.76 -31.13
C ALA G 2016 -77.16 75.03 -32.63
N LYS G 2017 -76.55 76.12 -33.06
CA LYS G 2017 -76.43 76.50 -34.46
C LYS G 2017 -75.02 76.97 -34.72
N PRO G 2018 -74.57 76.98 -35.98
CA PRO G 2018 -73.32 77.64 -36.33
C PRO G 2018 -73.20 79.02 -35.69
N PHE G 2019 -72.04 79.29 -35.09
CA PHE G 2019 -71.77 80.62 -34.56
C PHE G 2019 -71.80 81.63 -35.71
N GLN G 2020 -72.67 82.62 -35.59
CA GLN G 2020 -72.76 83.69 -36.59
C GLN G 2020 -73.02 85.01 -35.86
N VAL G 2021 -72.32 86.06 -36.28
CA VAL G 2021 -72.51 87.39 -35.72
C VAL G 2021 -73.60 88.05 -36.57
N THR G 2022 -74.86 87.75 -36.23
CA THR G 2022 -76.01 88.24 -36.97
C THR G 2022 -77.12 88.61 -36.01
N LYS G 2023 -77.97 89.53 -36.46
CA LYS G 2023 -79.12 89.95 -35.66
C LYS G 2023 -80.03 88.76 -35.34
N GLU G 2024 -80.18 87.84 -36.30
CA GLU G 2024 -80.97 86.65 -36.04
C GLU G 2024 -80.38 85.83 -34.91
N TYR G 2025 -79.06 85.65 -34.90
CA TYR G 2025 -78.42 84.88 -33.84
C TYR G 2025 -78.57 85.58 -32.49
N PHE G 2026 -78.32 86.89 -32.45
CA PHE G 2026 -78.43 87.62 -31.20
C PHE G 2026 -79.86 87.57 -30.66
N GLN G 2027 -80.85 87.66 -31.55
CA GLN G 2027 -82.23 87.51 -31.12
C GLN G 2027 -82.49 86.11 -30.59
N ASP G 2028 -81.92 85.10 -31.24
CA ASP G 2028 -82.09 83.72 -30.76
C ASP G 2028 -81.49 83.51 -29.38
N VAL G 2029 -80.46 84.26 -29.02
CA VAL G 2029 -79.91 84.14 -27.67
C VAL G 2029 -80.99 84.43 -26.63
N TYR G 2030 -81.74 85.52 -26.81
CA TYR G 2030 -82.79 85.87 -25.87
C TYR G 2030 -83.92 84.84 -25.88
N ASP G 2031 -84.17 84.19 -27.01
CA ASP G 2031 -85.26 83.21 -27.07
C ASP G 2031 -85.04 82.08 -26.06
N LEU G 2032 -83.79 81.81 -25.68
CA LEU G 2032 -83.49 80.83 -24.65
C LEU G 2032 -83.20 81.48 -23.29
N THR G 2033 -82.33 82.49 -23.26
CA THR G 2033 -81.95 83.14 -22.01
C THR G 2033 -81.83 84.64 -22.25
N GLY G 2034 -82.61 85.41 -21.50
CA GLY G 2034 -82.61 86.86 -21.63
C GLY G 2034 -81.40 87.48 -20.96
N SER G 2035 -80.78 88.44 -21.66
CA SER G 2035 -79.64 89.18 -21.14
C SER G 2035 -79.68 90.60 -21.66
N GLU G 2036 -79.55 91.57 -20.74
CA GLU G 2036 -79.66 92.98 -21.12
C GLU G 2036 -78.64 93.41 -22.18
N PRO G 2037 -77.38 92.96 -22.13
CA PRO G 2037 -76.47 93.31 -23.24
C PRO G 2037 -76.97 92.83 -24.59
N ILE G 2038 -77.63 91.68 -24.66
CA ILE G 2038 -78.17 91.20 -25.93
C ILE G 2038 -79.21 92.17 -26.46
N LYS G 2039 -80.08 92.67 -25.57
CA LYS G 2039 -81.07 93.66 -26.00
C LYS G 2039 -80.38 94.95 -26.43
N GLU G 2040 -79.32 95.34 -25.73
CA GLU G 2040 -78.58 96.53 -26.16
C GLU G 2040 -78.05 96.37 -27.59
N ILE G 2041 -77.43 95.22 -27.87
CA ILE G 2041 -76.87 94.98 -29.19
C ILE G 2041 -77.99 94.95 -30.24
N ILE G 2042 -79.09 94.26 -29.94
CA ILE G 2042 -80.18 94.14 -30.90
C ILE G 2042 -80.79 95.50 -31.19
N ASP G 2043 -81.03 96.29 -30.15
CA ASP G 2043 -81.64 97.61 -30.33
C ASP G 2043 -80.73 98.54 -31.10
N ASN G 2044 -79.43 98.53 -30.81
CA ASN G 2044 -78.46 99.38 -31.49
C ASN G 2044 -77.75 98.65 -32.63
N TRP G 2045 -78.39 97.62 -33.21
CA TRP G 2045 -77.76 96.87 -34.28
C TRP G 2045 -77.46 97.74 -35.49
N GLU G 2046 -78.35 98.67 -35.80
CA GLU G 2046 -78.11 99.56 -36.94
C GLU G 2046 -76.86 100.39 -36.73
N LYS G 2047 -76.65 100.89 -35.51
CA LYS G 2047 -75.45 101.65 -35.22
C LYS G 2047 -74.20 100.78 -35.36
N TYR G 2048 -74.25 99.53 -34.87
CA TYR G 2048 -73.11 98.65 -34.99
C TYR G 2048 -72.85 98.25 -36.44
N GLU G 2049 -73.92 98.13 -37.24
CA GLU G 2049 -73.74 97.76 -38.64
C GLU G 2049 -72.94 98.81 -39.39
N GLN G 2050 -73.21 100.08 -39.13
CA GLN G 2050 -72.51 101.17 -39.80
C GLN G 2050 -71.03 101.17 -39.41
N MET H 1 -69.84 95.74 -42.16
CA MET H 1 -69.52 95.95 -40.72
C MET H 1 -68.01 95.99 -40.52
N LYS H 2 -67.56 96.90 -39.66
CA LYS H 2 -66.13 97.08 -39.45
C LYS H 2 -65.56 95.83 -38.77
N PRO H 3 -64.32 95.44 -39.10
CA PRO H 3 -63.75 94.25 -38.44
C PRO H 3 -63.66 94.36 -36.92
N GLU H 4 -63.35 95.55 -36.40
CA GLU H 4 -63.21 95.68 -34.95
C GLU H 4 -64.57 95.61 -34.26
N VAL H 5 -65.60 96.22 -34.86
CA VAL H 5 -66.94 96.09 -34.31
C VAL H 5 -67.41 94.64 -34.37
N GLU H 6 -67.09 93.95 -35.47
CA GLU H 6 -67.44 92.54 -35.58
C GLU H 6 -66.75 91.73 -34.49
N GLN H 7 -65.47 92.01 -34.24
CA GLN H 7 -64.75 91.30 -33.18
C GLN H 7 -65.36 91.58 -31.82
N GLU H 8 -65.72 92.85 -31.55
CA GLU H 8 -66.33 93.19 -30.27
C GLU H 8 -67.64 92.44 -30.07
N LEU H 9 -68.49 92.43 -31.11
CA LEU H 9 -69.77 91.75 -31.01
C LEU H 9 -69.58 90.25 -30.83
N ALA H 10 -68.63 89.67 -31.56
CA ALA H 10 -68.37 88.24 -31.43
C ALA H 10 -67.88 87.91 -30.03
N HIS H 11 -67.00 88.73 -29.48
CA HIS H 11 -66.51 88.49 -28.12
C HIS H 11 -67.66 88.58 -27.11
N ILE H 12 -68.51 89.60 -27.24
CA ILE H 12 -69.63 89.73 -26.32
C ILE H 12 -70.54 88.52 -26.41
N LEU H 13 -70.84 88.09 -27.64
CA LEU H 13 -71.69 86.92 -27.85
C LEU H 13 -71.07 85.67 -27.25
N LEU H 14 -69.75 85.50 -27.43
CA LEU H 14 -69.08 84.32 -26.91
C LEU H 14 -69.10 84.30 -25.38
N THR H 15 -68.84 85.44 -24.75
CA THR H 15 -68.89 85.48 -23.29
C THR H 15 -70.30 85.21 -22.80
N GLU H 16 -71.32 85.74 -23.48
CA GLU H 16 -72.70 85.48 -23.07
C GLU H 16 -73.04 83.99 -23.20
N LEU H 17 -72.65 83.38 -24.32
CA LEU H 17 -72.93 81.95 -24.52
C LEU H 17 -72.25 81.12 -23.45
N LEU H 18 -70.97 81.41 -23.17
CA LEU H 18 -70.24 80.66 -22.15
C LEU H 18 -70.84 80.86 -20.77
N ALA H 19 -71.29 82.08 -20.47
CA ALA H 19 -71.86 82.36 -19.15
C ALA H 19 -73.16 81.61 -18.95
N TYR H 20 -74.03 81.61 -19.96
CA TYR H 20 -75.34 80.97 -19.83
C TYR H 20 -75.31 79.48 -20.16
N GLN H 21 -74.17 78.94 -20.59
CA GLN H 21 -74.07 77.51 -20.85
C GLN H 21 -74.45 76.69 -19.63
N PHE H 22 -73.89 77.02 -18.47
CA PHE H 22 -74.17 76.26 -17.25
C PHE H 22 -75.52 76.61 -16.64
N ALA H 23 -76.13 77.73 -17.03
CA ALA H 23 -77.46 78.09 -16.57
C ALA H 23 -78.55 77.62 -17.52
N SER H 24 -78.19 77.00 -18.64
CA SER H 24 -79.15 76.53 -19.63
C SER H 24 -78.83 75.09 -19.96
N PRO H 25 -79.78 74.34 -20.52
CA PRO H 25 -79.49 72.95 -20.89
C PRO H 25 -78.60 72.87 -22.12
N VAL H 26 -77.96 71.72 -22.28
CA VAL H 26 -77.11 71.46 -23.45
C VAL H 26 -77.98 70.82 -24.52
N ARG H 27 -78.06 71.47 -25.69
CA ARG H 27 -78.91 71.02 -26.79
C ARG H 27 -78.04 70.22 -27.76
N TRP H 28 -77.52 69.09 -27.26
CA TRP H 28 -76.66 68.26 -28.08
C TRP H 28 -77.43 67.53 -29.18
N ILE H 29 -78.74 67.35 -29.03
CA ILE H 29 -79.54 66.82 -30.15
C ILE H 29 -79.45 67.78 -31.32
N GLU H 30 -79.69 69.06 -31.07
CA GLU H 30 -79.60 70.05 -32.13
C GLU H 30 -78.18 70.16 -32.66
N THR H 31 -77.18 70.08 -31.78
CA THR H 31 -75.79 70.12 -32.23
C THR H 31 -75.48 68.96 -33.17
N GLN H 32 -75.93 67.76 -32.82
CA GLN H 32 -75.68 66.59 -33.67
C GLN H 32 -76.43 66.72 -34.99
N ASP H 33 -77.69 67.16 -34.94
CA ASP H 33 -78.45 67.40 -36.17
C ASP H 33 -77.72 68.39 -37.06
N VAL H 34 -77.16 69.44 -36.46
CA VAL H 34 -76.42 70.45 -37.23
C VAL H 34 -75.22 69.82 -37.90
N PHE H 35 -74.30 69.25 -37.11
CA PHE H 35 -73.03 68.84 -37.68
C PHE H 35 -73.11 67.50 -38.42
N LEU H 36 -74.27 66.84 -38.43
CA LEU H 36 -74.45 65.63 -39.23
C LEU H 36 -75.30 65.85 -40.47
N LYS H 37 -76.41 66.58 -40.36
CA LYS H 37 -77.33 66.77 -41.47
C LYS H 37 -77.05 68.06 -42.24
N ASP H 38 -76.79 69.16 -41.52
CA ASP H 38 -76.61 70.44 -42.20
C ASP H 38 -75.24 70.54 -42.87
N PHE H 39 -74.22 69.96 -42.25
CA PHE H 39 -72.85 70.00 -42.76
C PHE H 39 -72.44 68.71 -43.45
N ASN H 40 -73.21 67.63 -43.31
CA ASN H 40 -72.89 66.34 -43.92
C ASN H 40 -71.48 65.89 -43.54
N THR H 41 -71.20 65.95 -42.25
CA THR H 41 -69.87 65.61 -41.75
C THR H 41 -69.51 64.18 -42.12
N GLU H 42 -68.39 64.03 -42.84
CA GLU H 42 -67.95 62.73 -43.29
C GLU H 42 -67.08 62.01 -42.27
N ARG H 43 -66.30 62.74 -41.48
CA ARG H 43 -65.50 62.17 -40.41
C ARG H 43 -65.71 63.00 -39.15
N VAL H 44 -66.07 62.32 -38.07
CA VAL H 44 -66.24 62.93 -36.75
C VAL H 44 -65.03 62.53 -35.92
N VAL H 45 -64.41 63.51 -35.26
CA VAL H 45 -63.26 63.28 -34.41
C VAL H 45 -63.63 63.70 -33.01
N GLU H 46 -63.48 62.78 -32.05
CA GLU H 46 -63.88 62.99 -30.67
C GLU H 46 -62.63 63.07 -29.81
N ILE H 47 -62.34 64.25 -29.28
CA ILE H 47 -61.17 64.49 -28.45
C ILE H 47 -61.59 64.24 -27.01
N GLY H 48 -61.08 63.17 -26.41
CA GLY H 48 -61.39 62.86 -25.03
C GLY H 48 -60.74 61.56 -24.59
N PRO H 49 -60.90 61.23 -23.31
CA PRO H 49 -60.27 60.02 -22.78
C PRO H 49 -61.06 58.76 -23.09
N SER H 50 -62.38 58.91 -23.23
CA SER H 50 -63.30 57.80 -23.49
C SER H 50 -64.20 58.17 -24.65
N PRO H 51 -64.79 57.18 -25.34
CA PRO H 51 -65.58 57.49 -26.55
C PRO H 51 -67.03 57.83 -26.23
N THR H 52 -67.23 58.77 -25.31
CA THR H 52 -68.58 59.14 -24.90
C THR H 52 -69.33 59.82 -26.05
N LEU H 53 -68.82 60.97 -26.51
CA LEU H 53 -69.48 61.68 -27.59
C LEU H 53 -69.43 60.87 -28.88
N ALA H 54 -68.38 60.07 -29.06
CA ALA H 54 -68.29 59.23 -30.25
C ALA H 54 -69.41 58.19 -30.28
N GLY H 55 -69.62 57.50 -29.16
CA GLY H 55 -70.73 56.57 -29.09
C GLY H 55 -72.07 57.26 -29.22
N MET H 56 -72.18 58.46 -28.64
CA MET H 56 -73.41 59.23 -28.79
C MET H 56 -73.71 59.52 -30.26
N ALA H 57 -72.68 59.92 -31.01
CA ALA H 57 -72.86 60.19 -32.44
C ALA H 57 -73.20 58.91 -33.20
N GLN H 58 -72.53 57.80 -32.87
CA GLN H 58 -72.82 56.54 -33.54
C GLN H 58 -74.27 56.14 -33.32
N ARG H 59 -74.74 56.26 -32.08
CA ARG H 59 -76.10 55.86 -31.76
C ARG H 59 -77.11 56.80 -32.39
N THR H 60 -76.80 58.11 -32.44
CA THR H 60 -77.68 59.05 -33.14
C THR H 60 -77.77 58.70 -34.62
N LEU H 61 -76.65 58.36 -35.23
CA LEU H 61 -76.67 57.98 -36.65
C LEU H 61 -77.48 56.71 -36.86
N LYS H 62 -77.30 55.72 -35.98
CA LYS H 62 -78.05 54.47 -36.12
C LYS H 62 -79.54 54.72 -35.96
N ASN H 63 -79.94 55.59 -35.03
CA ASN H 63 -81.35 55.82 -34.77
C ASN H 63 -81.99 56.65 -35.89
N LYS H 64 -81.30 57.69 -36.36
CA LYS H 64 -81.90 58.69 -37.25
C LYS H 64 -81.30 58.69 -38.65
N TYR H 65 -79.98 58.84 -38.77
CA TYR H 65 -79.34 59.00 -40.07
C TYR H 65 -78.76 57.65 -40.52
N GLU H 66 -79.66 56.78 -40.98
CA GLU H 66 -79.27 55.50 -41.59
C GLU H 66 -79.58 55.49 -43.07
N SER H 67 -80.85 55.68 -43.45
CA SER H 67 -81.19 55.74 -44.86
C SER H 67 -80.68 57.03 -45.49
N TYR H 68 -80.55 58.09 -44.71
CA TYR H 68 -79.98 59.33 -45.23
C TYR H 68 -78.53 59.11 -45.66
N ASP H 69 -77.73 58.50 -44.77
CA ASP H 69 -76.35 58.19 -45.10
C ASP H 69 -76.27 57.21 -46.26
N ALA H 70 -77.15 56.21 -46.29
CA ALA H 70 -77.14 55.26 -47.40
C ALA H 70 -77.43 55.96 -48.71
N ALA H 71 -78.49 56.76 -48.77
CA ALA H 71 -78.90 57.38 -50.01
C ALA H 71 -77.86 58.37 -50.52
N LEU H 72 -77.30 59.19 -49.64
CA LEU H 72 -76.30 60.16 -50.05
C LEU H 72 -74.88 59.61 -50.05
N SER H 73 -74.69 58.33 -49.75
CA SER H 73 -73.39 57.67 -49.86
C SER H 73 -72.36 58.32 -48.95
N LEU H 74 -72.81 58.85 -47.81
CA LEU H 74 -71.92 59.51 -46.85
C LEU H 74 -71.28 58.44 -45.98
N HIS H 75 -69.98 58.25 -46.13
CA HIS H 75 -69.21 57.33 -45.30
C HIS H 75 -68.89 58.04 -44.00
N ARG H 76 -69.82 57.98 -43.05
CA ARG H 76 -69.67 58.65 -41.75
C ARG H 76 -68.72 57.81 -40.91
N GLU H 77 -67.49 58.30 -40.77
CA GLU H 77 -66.45 57.62 -39.99
C GLU H 77 -66.37 58.30 -38.63
N ILE H 78 -66.80 57.60 -37.59
CA ILE H 78 -66.76 58.13 -36.23
C ILE H 78 -65.47 57.65 -35.57
N LEU H 79 -64.63 58.60 -35.15
CA LEU H 79 -63.31 58.31 -34.61
C LEU H 79 -63.20 58.92 -33.22
N CYS H 80 -62.67 58.13 -32.28
CA CYS H 80 -62.36 58.58 -30.93
C CYS H 80 -60.85 58.62 -30.76
N TYR H 81 -60.37 59.66 -30.08
CA TYR H 81 -58.93 59.84 -29.93
C TYR H 81 -58.32 58.69 -29.14
N SER H 82 -59.03 58.18 -28.13
CA SER H 82 -58.47 57.15 -27.28
C SER H 82 -58.21 55.87 -28.04
N LYS H 83 -59.16 55.41 -28.87
CA LYS H 83 -59.03 54.14 -29.56
C LYS H 83 -58.67 54.27 -31.04
N ASP H 84 -59.21 55.28 -31.73
CA ASP H 84 -59.01 55.43 -33.18
C ASP H 84 -57.89 56.42 -33.49
N ALA H 85 -56.86 56.43 -32.65
CA ALA H 85 -55.73 57.33 -32.87
C ALA H 85 -55.03 57.02 -34.18
N LYS H 86 -54.95 55.73 -34.56
CA LYS H 86 -54.33 55.39 -35.83
C LYS H 86 -55.10 56.00 -36.99
N GLU H 87 -56.43 55.90 -36.98
CA GLU H 87 -57.23 56.47 -38.05
C GLU H 87 -57.10 57.99 -38.07
N ILE H 88 -57.08 58.62 -36.90
CA ILE H 88 -56.97 60.07 -36.85
C ILE H 88 -55.61 60.53 -37.36
N TYR H 89 -54.54 59.83 -36.99
CA TYR H 89 -53.18 60.21 -37.34
C TYR H 89 -52.75 59.75 -38.72
N TYR H 90 -53.56 58.92 -39.40
CA TYR H 90 -53.19 58.35 -40.70
C TYR H 90 -51.90 57.52 -40.55
N THR H 91 -52.00 56.50 -39.70
CA THR H 91 -50.89 55.57 -39.44
C THR H 91 -51.45 54.16 -39.51
N PRO H 92 -51.87 53.71 -40.69
CA PRO H 92 -52.45 52.38 -40.81
C PRO H 92 -51.43 51.29 -40.47
N ASP H 93 -51.93 50.19 -39.93
CA ASP H 93 -51.06 49.07 -39.58
C ASP H 93 -50.58 48.38 -40.84
N PRO H 94 -49.26 48.22 -41.06
CA PRO H 94 -48.84 47.53 -42.28
C PRO H 94 -49.03 46.01 -42.20
N GLU H 329 -15.11 5.86 -17.89
CA GLU H 329 -14.06 6.11 -16.91
C GLU H 329 -14.40 5.49 -15.56
N GLU H 330 -15.20 4.43 -15.58
CA GLU H 330 -15.58 3.77 -14.33
C GLU H 330 -14.36 3.15 -13.64
N ILE H 331 -13.47 2.54 -14.41
CA ILE H 331 -12.29 1.89 -13.82
C ILE H 331 -11.36 2.92 -13.22
N THR H 332 -11.12 4.03 -13.92
CA THR H 332 -10.25 5.06 -13.37
C THR H 332 -10.89 5.72 -12.15
N LYS H 333 -12.21 5.87 -12.16
CA LYS H 333 -12.89 6.37 -10.98
C LYS H 333 -12.73 5.42 -9.80
N ASP H 334 -12.83 4.11 -10.05
CA ASP H 334 -12.65 3.14 -8.98
C ASP H 334 -11.23 3.20 -8.42
N HIS H 335 -10.23 3.33 -9.30
CA HIS H 335 -8.85 3.50 -8.83
C HIS H 335 -8.69 4.78 -8.02
N LYS H 336 -9.31 5.87 -8.45
CA LYS H 336 -9.19 7.11 -7.69
C LYS H 336 -9.82 6.97 -6.31
N VAL H 337 -10.97 6.30 -6.23
CA VAL H 337 -11.60 6.05 -4.94
C VAL H 337 -10.72 5.18 -4.06
N LEU H 338 -10.12 4.13 -4.65
CA LEU H 338 -9.23 3.27 -3.87
C LEU H 338 -8.05 4.05 -3.33
N ALA H 339 -7.41 4.85 -4.18
CA ALA H 339 -6.26 5.64 -3.74
C ALA H 339 -6.67 6.63 -2.67
N ARG H 340 -7.85 7.23 -2.81
CA ARG H 340 -8.34 8.16 -1.78
C ARG H 340 -8.52 7.44 -0.45
N GLN H 341 -9.09 6.23 -0.47
CA GLN H 341 -9.27 5.48 0.77
C GLN H 341 -7.93 5.12 1.39
N GLN H 342 -6.95 4.70 0.58
CA GLN H 342 -5.65 4.37 1.14
C GLN H 342 -4.97 5.60 1.73
N LEU H 343 -5.10 6.75 1.05
CA LEU H 343 -4.56 7.99 1.58
C LEU H 343 -5.21 8.34 2.91
N GLN H 344 -6.53 8.16 3.00
CA GLN H 344 -7.23 8.44 4.26
C GLN H 344 -6.76 7.51 5.38
N VAL H 345 -6.55 6.23 5.05
CA VAL H 345 -6.04 5.29 6.05
C VAL H 345 -4.68 5.73 6.54
N LEU H 346 -3.79 6.11 5.62
CA LEU H 346 -2.45 6.52 6.02
C LEU H 346 -2.48 7.79 6.85
N ALA H 347 -3.33 8.75 6.47
CA ALA H 347 -3.45 9.97 7.26
C ALA H 347 -3.96 9.69 8.66
N ARG H 348 -4.97 8.82 8.78
CA ARG H 348 -5.48 8.45 10.09
C ARG H 348 -4.41 7.76 10.94
N TYR H 349 -3.61 6.90 10.31
CA TYR H 349 -2.51 6.27 11.04
C TYR H 349 -1.51 7.31 11.51
N LEU H 350 -1.16 8.26 10.64
CA LEU H 350 -0.22 9.32 10.96
C LEU H 350 -0.79 10.38 11.89
N LYS H 351 -2.09 10.30 12.23
CA LYS H 351 -2.75 11.30 13.06
C LYS H 351 -2.66 12.67 12.42
N MET H 352 -3.02 12.72 11.14
CA MET H 352 -2.84 13.89 10.30
C MET H 352 -4.20 14.41 9.87
N ASP H 353 -4.41 15.71 10.02
CA ASP H 353 -5.69 16.34 9.74
C ASP H 353 -5.60 17.02 8.38
N LEU H 354 -6.10 16.35 7.34
CA LEU H 354 -6.07 16.93 6.01
C LEU H 354 -6.94 18.17 5.92
N ASP H 355 -7.97 18.26 6.75
CA ASP H 355 -8.90 19.39 6.72
C ASP H 355 -8.47 20.54 7.63
N ASN H 356 -7.35 20.41 8.34
CA ASN H 356 -6.96 21.45 9.29
C ASN H 356 -6.66 22.76 8.58
N GLY H 357 -5.93 22.69 7.46
CA GLY H 357 -5.64 23.90 6.70
C GLY H 357 -6.89 24.57 6.19
N GLU H 358 -7.84 23.77 5.68
CA GLU H 358 -9.09 24.33 5.18
C GLU H 358 -9.89 24.98 6.30
N ARG H 359 -9.95 24.34 7.47
CA ARG H 359 -10.66 24.93 8.60
C ARG H 359 -10.02 26.25 9.02
N LYS H 360 -8.69 26.28 9.12
CA LYS H 360 -8.03 27.53 9.47
C LYS H 360 -8.29 28.60 8.43
N PHE H 361 -8.31 28.21 7.14
CA PHE H 361 -8.60 29.17 6.09
C PHE H 361 -10.02 29.73 6.21
N LEU H 362 -11.00 28.88 6.51
CA LEU H 362 -12.36 29.37 6.65
C LEU H 362 -12.50 30.29 7.85
N LYS H 363 -11.84 29.96 8.96
CA LYS H 363 -11.82 30.87 10.10
C LYS H 363 -11.24 32.23 9.73
N GLU H 364 -10.08 32.23 9.06
CA GLU H 364 -9.46 33.49 8.69
C GLU H 364 -10.30 34.24 7.67
N LYS H 365 -11.03 33.52 6.82
CA LYS H 365 -11.92 34.17 5.87
C LYS H 365 -13.06 34.86 6.58
N ASP H 366 -13.61 34.23 7.62
CA ASP H 366 -14.62 34.90 8.43
C ASP H 366 -14.03 36.14 9.12
N THR H 367 -12.80 36.03 9.61
CA THR H 367 -12.14 37.19 10.21
C THR H 367 -11.95 38.31 9.20
N VAL H 368 -11.55 37.97 7.98
CA VAL H 368 -11.43 38.97 6.91
C VAL H 368 -12.78 39.61 6.66
N ALA H 369 -13.84 38.80 6.63
CA ALA H 369 -15.17 39.34 6.36
C ALA H 369 -15.60 40.32 7.44
N GLU H 370 -15.35 39.99 8.71
CA GLU H 370 -15.82 40.87 9.78
C GLU H 370 -14.95 42.13 9.88
N LEU H 371 -13.64 42.01 9.69
CA LEU H 371 -12.80 43.21 9.66
C LEU H 371 -13.15 44.10 8.47
N GLN H 372 -13.44 43.49 7.33
CA GLN H 372 -13.87 44.28 6.17
C GLN H 372 -15.21 44.93 6.43
N ALA H 373 -16.11 44.26 7.13
CA ALA H 373 -17.39 44.88 7.49
C ALA H 373 -17.16 46.10 8.37
N GLN H 374 -16.24 45.98 9.33
CA GLN H 374 -15.90 47.14 10.16
C GLN H 374 -15.33 48.27 9.31
N LEU H 375 -14.47 47.94 8.35
CA LEU H 375 -13.86 48.96 7.50
C LEU H 375 -14.90 49.63 6.60
N ASP H 376 -15.81 48.86 6.03
CA ASP H 376 -16.86 49.46 5.21
C ASP H 376 -17.82 50.29 6.05
N TYR H 377 -18.04 49.91 7.31
CA TYR H 377 -18.84 50.77 8.17
C TYR H 377 -18.14 52.09 8.43
N LEU H 378 -16.84 52.05 8.73
CA LEU H 378 -16.10 53.28 8.96
C LEU H 378 -16.04 54.12 7.70
N ASN H 379 -16.00 53.48 6.53
CA ASN H 379 -16.01 54.23 5.27
C ASN H 379 -17.38 54.84 5.00
N ALA H 380 -18.45 54.12 5.30
CA ALA H 380 -19.79 54.68 5.13
C ALA H 380 -20.01 55.81 6.11
N GLU H 381 -19.33 55.78 7.26
CA GLU H 381 -19.51 56.81 8.28
C GLU H 381 -18.70 58.05 7.95
N LEU H 382 -17.38 57.93 7.90
CA LEU H 382 -16.52 59.08 7.67
C LEU H 382 -16.53 59.50 6.20
N GLY H 383 -16.52 58.53 5.31
CA GLY H 383 -16.53 58.75 3.87
C GLY H 383 -15.21 58.38 3.24
N GLU H 384 -15.24 58.17 1.93
CA GLU H 384 -14.03 57.82 1.21
C GLU H 384 -13.00 58.93 1.28
N PHE H 385 -13.44 60.18 1.11
CA PHE H 385 -12.51 61.30 1.14
C PHE H 385 -11.84 61.43 2.50
N PHE H 386 -12.63 61.37 3.59
CA PHE H 386 -12.05 61.51 4.92
C PHE H 386 -11.06 60.39 5.23
N VAL H 387 -11.47 59.14 4.96
CA VAL H 387 -10.62 58.00 5.29
C VAL H 387 -9.35 58.04 4.47
N ASN H 388 -9.45 58.37 3.19
CA ASN H 388 -8.26 58.46 2.34
C ASN H 388 -7.37 59.61 2.77
N GLY H 389 -7.95 60.75 3.12
CA GLY H 389 -7.20 61.94 3.45
C GLY H 389 -6.60 61.97 4.83
N VAL H 390 -7.02 61.09 5.73
CA VAL H 390 -6.36 60.98 7.04
C VAL H 390 -5.09 60.16 6.96
N ALA H 391 -4.68 59.73 5.77
CA ALA H 391 -3.46 58.96 5.61
C ALA H 391 -2.26 59.75 6.09
N THR H 392 -1.41 59.11 6.90
CA THR H 392 -0.23 59.78 7.43
C THR H 392 0.73 60.13 6.31
N SER H 393 1.31 61.34 6.39
CA SER H 393 2.25 61.84 5.40
C SER H 393 3.58 62.29 5.99
N PHE H 394 3.66 62.55 7.29
CA PHE H 394 4.87 63.08 7.90
C PHE H 394 5.82 61.96 8.30
N SER H 395 7.11 62.21 8.13
CA SER H 395 8.16 61.35 8.66
C SER H 395 9.41 62.19 8.88
N ARG H 396 10.12 61.90 9.97
CA ARG H 396 11.29 62.70 10.31
C ARG H 396 12.37 62.57 9.25
N LYS H 397 12.57 61.37 8.70
CA LYS H 397 13.61 61.17 7.71
C LYS H 397 13.37 61.98 6.45
N LYS H 398 12.13 62.37 6.19
CA LYS H 398 11.75 63.06 4.97
C LYS H 398 11.89 64.58 5.07
N ALA H 399 12.27 65.11 6.23
CA ALA H 399 12.44 66.55 6.38
C ALA H 399 13.70 67.02 5.65
N ARG H 400 13.58 68.18 4.99
CA ARG H 400 14.66 68.78 4.22
C ARG H 400 15.05 70.10 4.88
N THR H 401 16.33 70.25 5.18
CA THR H 401 16.85 71.44 5.84
C THR H 401 17.60 72.30 4.83
N PHE H 402 17.42 73.61 4.92
CA PHE H 402 18.13 74.58 4.10
C PHE H 402 18.72 75.63 5.03
N ASP H 403 20.05 75.70 5.10
CA ASP H 403 20.72 76.70 5.92
C ASP H 403 21.96 77.30 5.25
N SER H 404 22.23 77.00 3.98
CA SER H 404 23.46 77.44 3.33
C SER H 404 23.28 78.80 2.64
N SER H 405 22.74 79.75 3.42
CA SER H 405 22.62 81.11 2.95
C SER H 405 23.97 81.75 2.67
N TRP H 406 25.01 81.31 3.39
CA TRP H 406 26.37 81.78 3.09
C TRP H 406 26.76 81.48 1.66
N ASN H 407 26.30 80.35 1.12
CA ASN H 407 26.57 80.01 -0.27
C ASN H 407 25.62 80.72 -1.22
N TRP H 408 24.33 80.76 -0.86
CA TRP H 408 23.36 81.34 -1.78
C TRP H 408 23.55 82.84 -1.94
N ALA H 409 24.17 83.50 -0.96
CA ALA H 409 24.49 84.92 -1.11
C ALA H 409 25.44 85.14 -2.26
N LYS H 410 26.55 84.38 -2.29
CA LYS H 410 27.50 84.49 -3.38
C LYS H 410 26.87 84.09 -4.71
N GLN H 411 26.04 83.04 -4.71
CA GLN H 411 25.36 82.65 -5.94
C GLN H 411 24.51 83.79 -6.49
N SER H 412 23.70 84.41 -5.61
CA SER H 412 22.84 85.51 -6.05
C SER H 412 23.66 86.70 -6.52
N LEU H 413 24.76 86.98 -5.83
CA LEU H 413 25.62 88.10 -6.24
C LEU H 413 26.18 87.88 -7.64
N LEU H 414 26.66 86.67 -7.92
CA LEU H 414 27.18 86.39 -9.25
C LEU H 414 26.09 86.45 -10.30
N SER H 415 24.90 85.93 -9.97
CA SER H 415 23.79 85.99 -10.92
C SER H 415 23.47 87.43 -11.28
N LEU H 416 23.34 88.30 -10.26
CA LEU H 416 23.04 89.70 -10.51
C LEU H 416 24.16 90.39 -11.28
N TYR H 417 25.41 90.10 -10.92
CA TYR H 417 26.57 90.69 -11.58
C TYR H 417 26.57 90.36 -13.07
N PHE H 418 26.42 89.08 -13.40
CA PHE H 418 26.43 88.68 -14.80
C PHE H 418 25.21 89.19 -15.54
N GLU H 419 24.05 89.25 -14.85
CA GLU H 419 22.85 89.77 -15.50
C GLU H 419 23.05 91.23 -15.88
N ILE H 420 23.61 92.03 -14.98
CA ILE H 420 23.85 93.44 -15.28
C ILE H 420 24.88 93.57 -16.40
N ILE H 421 25.94 92.75 -16.37
CA ILE H 421 26.96 92.84 -17.41
C ILE H 421 26.38 92.49 -18.77
N HIS H 422 25.52 91.46 -18.82
CA HIS H 422 24.97 91.00 -20.09
C HIS H 422 23.80 91.84 -20.56
N GLY H 423 23.26 92.70 -19.72
CA GLY H 423 22.16 93.57 -20.14
C GLY H 423 20.78 93.00 -19.91
N VAL H 424 20.65 92.00 -19.05
CA VAL H 424 19.32 91.59 -18.60
C VAL H 424 18.70 92.70 -17.76
N LEU H 425 19.52 93.41 -16.99
CA LEU H 425 19.08 94.45 -16.06
C LEU H 425 19.81 95.74 -16.40
N LYS H 426 19.18 96.60 -17.20
CA LYS H 426 19.73 97.92 -17.49
C LYS H 426 19.54 98.91 -16.35
N ASN H 427 18.47 98.77 -15.56
CA ASN H 427 18.11 99.75 -14.55
C ASN H 427 17.94 99.06 -13.22
N VAL H 428 18.03 99.84 -12.15
CA VAL H 428 17.86 99.35 -10.78
C VAL H 428 16.36 99.35 -10.52
N ASP H 429 15.70 98.25 -10.89
CA ASP H 429 14.27 98.11 -10.68
C ASP H 429 14.03 97.46 -9.32
N ARG H 430 12.76 97.35 -8.94
CA ARG H 430 12.42 96.88 -7.60
C ARG H 430 12.87 95.45 -7.38
N GLU H 431 12.97 94.65 -8.44
CA GLU H 431 13.48 93.29 -8.29
C GLU H 431 14.97 93.32 -7.96
N VAL H 432 15.72 94.21 -8.60
CA VAL H 432 17.14 94.35 -8.29
C VAL H 432 17.31 94.88 -6.87
N VAL H 433 16.44 95.79 -6.44
CA VAL H 433 16.53 96.31 -5.08
C VAL H 433 16.23 95.21 -4.06
N SER H 434 15.24 94.36 -4.37
CA SER H 434 14.94 93.24 -3.48
C SER H 434 16.11 92.26 -3.40
N GLU H 435 16.75 91.98 -4.54
CA GLU H 435 17.90 91.08 -4.51
C GLU H 435 19.06 91.72 -3.74
N ALA H 436 19.24 93.03 -3.87
CA ALA H 436 20.24 93.72 -3.09
C ALA H 436 19.95 93.62 -1.60
N ILE H 437 18.67 93.74 -1.24
CA ILE H 437 18.29 93.61 0.18
C ILE H 437 18.59 92.20 0.68
N ASN H 438 18.32 91.19 -0.14
CA ASN H 438 18.62 89.81 0.26
C ASN H 438 20.12 89.62 0.45
N ILE H 439 20.92 90.17 -0.46
CA ILE H 439 22.39 90.08 -0.33
C ILE H 439 22.84 90.77 0.94
N MET H 440 22.28 91.95 1.22
CA MET H 440 22.60 92.65 2.48
C MET H 440 22.23 91.80 3.68
N ASN H 441 21.08 91.13 3.62
CA ASN H 441 20.62 90.31 4.74
C ASN H 441 21.56 89.14 4.97
N ARG H 442 22.14 88.60 3.90
CA ARG H 442 23.10 87.49 4.01
C ARG H 442 24.54 87.98 4.10
N SER H 443 24.77 89.30 4.20
CA SER H 443 26.11 89.86 4.17
C SER H 443 26.95 89.40 5.36
N ASN H 444 28.24 89.18 5.10
CA ASN H 444 29.25 88.98 6.13
C ASN H 444 30.59 89.38 5.53
N ASP H 445 31.65 89.21 6.32
CA ASP H 445 32.97 89.69 5.90
C ASP H 445 33.47 88.96 4.66
N ALA H 446 33.27 87.64 4.62
CA ALA H 446 33.67 86.88 3.43
C ALA H 446 32.93 87.37 2.20
N LEU H 447 31.63 87.63 2.35
CA LEU H 447 30.88 88.17 1.22
C LEU H 447 31.39 89.54 0.80
N ILE H 448 31.72 90.40 1.77
CA ILE H 448 32.24 91.72 1.44
C ILE H 448 33.52 91.57 0.62
N LYS H 449 34.39 90.64 1.02
CA LYS H 449 35.62 90.42 0.27
C LYS H 449 35.31 89.90 -1.13
N PHE H 450 34.30 89.04 -1.25
CA PHE H 450 33.89 88.51 -2.55
C PHE H 450 33.47 89.62 -3.49
N MET H 451 32.54 90.48 -3.05
CA MET H 451 32.08 91.57 -3.92
C MET H 451 33.18 92.60 -4.14
N GLU H 452 34.02 92.86 -3.13
CA GLU H 452 35.12 93.79 -3.33
C GLU H 452 36.05 93.31 -4.44
N TYR H 453 36.41 92.03 -4.42
CA TYR H 453 37.24 91.49 -5.50
C TYR H 453 36.52 91.61 -6.83
N HIS H 454 35.27 91.15 -6.90
CA HIS H 454 34.61 91.08 -8.20
C HIS H 454 34.33 92.46 -8.78
N ILE H 455 34.27 93.50 -7.95
CA ILE H 455 34.06 94.85 -8.46
C ILE H 455 35.37 95.56 -8.74
N SER H 456 36.40 95.36 -7.91
CA SER H 456 37.70 95.96 -8.21
C SER H 456 38.33 95.34 -9.45
N ASN H 457 38.04 94.06 -9.70
CA ASN H 457 38.56 93.40 -10.89
C ASN H 457 37.78 93.77 -12.14
N THR H 458 36.58 94.33 -11.99
CA THR H 458 35.79 94.73 -13.15
C THR H 458 36.47 95.88 -13.88
N ASP H 459 36.51 95.77 -15.21
CA ASP H 459 37.12 96.79 -16.06
C ASP H 459 36.00 97.66 -16.62
N GLU H 460 35.87 98.87 -16.08
CA GLU H 460 34.78 99.76 -16.48
C GLU H 460 34.89 100.21 -17.93
N THR H 461 36.09 100.15 -18.52
CA THR H 461 36.28 100.64 -19.88
C THR H 461 35.65 99.73 -20.93
N LYS H 462 35.16 98.54 -20.55
CA LYS H 462 34.55 97.61 -21.50
C LYS H 462 33.06 97.94 -21.69
N GLY H 463 32.80 99.17 -22.12
CA GLY H 463 31.44 99.60 -22.36
C GLY H 463 30.75 100.10 -21.11
N GLU H 464 29.56 100.68 -21.34
CA GLU H 464 28.83 101.31 -20.24
C GLU H 464 28.29 100.28 -19.25
N ASN H 465 28.06 99.04 -19.70
CA ASN H 465 27.52 98.02 -18.80
C ASN H 465 28.51 97.71 -17.68
N TYR H 466 29.80 97.65 -17.99
CA TYR H 466 30.79 97.37 -16.96
C TYR H 466 30.91 98.53 -15.98
N GLN H 467 30.86 99.76 -16.47
CA GLN H 467 30.86 100.90 -15.57
C GLN H 467 29.62 100.88 -14.67
N LEU H 468 28.48 100.52 -15.22
CA LEU H 468 27.25 100.46 -14.43
C LEU H 468 27.34 99.40 -13.34
N VAL H 469 27.81 98.20 -13.70
CA VAL H 469 27.90 97.15 -12.69
C VAL H 469 28.93 97.52 -11.64
N LYS H 470 30.01 98.20 -12.05
CA LYS H 470 31.01 98.64 -11.07
C LYS H 470 30.41 99.63 -10.08
N THR H 471 29.68 100.64 -10.58
CA THR H 471 29.08 101.63 -9.68
C THR H 471 28.04 100.99 -8.76
N LEU H 472 27.18 100.14 -9.31
CA LEU H 472 26.16 99.49 -8.50
C LEU H 472 26.79 98.58 -7.45
N GLY H 473 27.87 97.88 -7.83
CA GLY H 473 28.57 97.05 -6.88
C GLY H 473 29.23 97.84 -5.77
N GLU H 474 29.79 99.01 -6.11
CA GLU H 474 30.35 99.86 -5.07
C GLU H 474 29.27 100.31 -4.09
N GLN H 475 28.11 100.71 -4.61
CA GLN H 475 27.01 101.10 -3.75
C GLN H 475 26.58 99.93 -2.86
N LEU H 476 26.51 98.73 -3.42
CA LEU H 476 26.07 97.57 -2.64
C LEU H 476 27.12 97.18 -1.61
N ILE H 477 28.40 97.34 -1.94
CA ILE H 477 29.46 97.10 -0.95
C ILE H 477 29.30 98.07 0.22
N GLU H 478 29.07 99.34 -0.08
CA GLU H 478 28.90 100.32 0.99
C GLU H 478 27.69 99.98 1.83
N ASN H 479 26.59 99.55 1.21
CA ASN H 479 25.39 99.19 1.95
C ASN H 479 25.63 97.97 2.83
N CYS H 480 26.33 96.96 2.31
CA CYS H 480 26.53 95.72 3.06
C CYS H 480 27.51 95.91 4.22
N LYS H 481 28.51 96.78 4.03
CA LYS H 481 29.43 97.06 5.12
C LYS H 481 28.72 97.66 6.33
N GLN H 482 27.70 98.49 6.10
CA GLN H 482 26.93 99.04 7.21
C GLN H 482 26.19 97.97 7.98
N VAL H 483 25.64 96.97 7.28
CA VAL H 483 24.79 95.96 7.90
C VAL H 483 25.55 94.64 8.09
N LEU H 484 26.88 94.69 8.13
CA LEU H 484 27.65 93.52 8.51
C LEU H 484 27.18 92.94 9.84
N ASP H 485 26.97 93.81 10.84
CA ASP H 485 26.54 93.39 12.16
C ASP H 485 25.06 93.62 12.41
N VAL H 486 24.37 94.37 11.54
CA VAL H 486 22.95 94.61 11.73
C VAL H 486 22.18 93.32 11.45
N ASP H 487 21.08 93.13 12.17
CA ASP H 487 20.31 91.91 12.03
C ASP H 487 19.58 91.92 10.68
N PRO H 488 19.35 90.74 10.10
CA PRO H 488 18.60 90.71 8.83
C PRO H 488 17.17 91.15 9.05
N VAL H 489 16.64 91.89 8.07
CA VAL H 489 15.33 92.51 8.17
C VAL H 489 14.52 92.15 6.94
N TYR H 490 13.23 91.90 7.15
CA TYR H 490 12.28 91.71 6.06
C TYR H 490 11.86 93.08 5.55
N LYS H 491 12.26 93.40 4.32
CA LYS H 491 11.91 94.67 3.70
C LYS H 491 11.36 94.39 2.30
N ASP H 492 10.09 94.73 2.10
CA ASP H 492 9.42 94.52 0.82
C ASP H 492 9.49 95.80 0.00
N VAL H 493 10.05 95.69 -1.20
CA VAL H 493 10.24 96.84 -2.08
C VAL H 493 9.49 96.71 -3.39
N ALA H 494 8.67 95.67 -3.56
CA ALA H 494 7.90 95.52 -4.78
C ALA H 494 6.87 96.65 -4.89
N LYS H 495 6.64 97.09 -6.12
CA LYS H 495 5.63 98.10 -6.36
C LYS H 495 4.26 97.53 -6.02
N PRO H 496 3.47 98.17 -5.15
CA PRO H 496 2.09 97.67 -4.94
C PRO H 496 1.29 97.73 -6.23
N THR H 497 0.51 96.68 -6.46
CA THR H 497 -0.27 96.53 -7.68
C THR H 497 -1.74 96.35 -7.31
N GLY H 498 -2.61 97.07 -8.01
CA GLY H 498 -4.03 96.95 -7.82
C GLY H 498 -4.65 96.05 -8.87
N PRO H 499 -5.94 95.77 -8.74
CA PRO H 499 -6.62 94.95 -9.75
C PRO H 499 -7.02 95.77 -10.96
N LYS H 500 -6.98 95.12 -12.12
CA LYS H 500 -7.34 95.77 -13.38
C LYS H 500 -8.00 94.74 -14.28
N THR H 501 -9.28 94.93 -14.56
CA THR H 501 -10.04 94.07 -15.47
C THR H 501 -10.49 94.89 -16.66
N ALA H 502 -10.17 94.42 -17.86
CA ALA H 502 -10.55 95.07 -19.10
C ALA H 502 -11.32 94.09 -19.97
N ILE H 503 -12.37 94.60 -20.62
CA ILE H 503 -13.19 93.81 -21.54
C ILE H 503 -12.85 94.26 -22.96
N ASP H 504 -12.39 93.34 -23.78
CA ASP H 504 -12.05 93.65 -25.15
C ASP H 504 -13.32 93.88 -25.97
N LYS H 505 -13.14 94.40 -27.18
CA LYS H 505 -14.28 94.63 -28.07
C LYS H 505 -14.97 93.31 -28.42
N ASN H 506 -14.22 92.21 -28.46
CA ASN H 506 -14.77 90.89 -28.73
C ASN H 506 -15.19 90.15 -27.46
N GLY H 507 -15.40 90.88 -26.37
CA GLY H 507 -15.82 90.27 -25.12
C GLY H 507 -14.80 89.35 -24.49
N ASN H 508 -13.53 89.76 -24.48
CA ASN H 508 -12.46 89.00 -23.85
C ASN H 508 -12.10 89.66 -22.52
N ILE H 509 -12.13 88.88 -21.46
CA ILE H 509 -11.81 89.36 -20.11
C ILE H 509 -10.33 89.12 -19.88
N THR H 510 -9.58 90.20 -19.63
CA THR H 510 -8.17 90.14 -19.27
C THR H 510 -7.99 90.80 -17.92
N TYR H 511 -7.37 90.09 -16.99
CA TYR H 511 -7.04 90.60 -15.67
C TYR H 511 -5.54 90.79 -15.57
N SER H 512 -5.12 91.95 -15.08
CA SER H 512 -3.71 92.27 -14.91
C SER H 512 -3.50 92.97 -13.59
N GLU H 513 -2.30 92.78 -13.02
CA GLU H 513 -1.91 93.44 -11.76
C GLU H 513 -1.11 94.69 -12.07
N GLU H 514 -1.81 95.71 -12.55
CA GLU H 514 -1.13 96.94 -12.93
C GLU H 514 -0.71 97.73 -11.69
N PRO H 515 0.42 98.43 -11.73
CA PRO H 515 0.85 99.19 -10.55
C PRO H 515 -0.15 100.29 -10.20
N ARG H 516 -0.31 100.52 -8.90
CA ARG H 516 -1.19 101.57 -8.42
C ARG H 516 -0.58 102.94 -8.68
N GLU H 517 -1.37 103.84 -9.25
CA GLU H 517 -0.86 105.17 -9.55
C GLU H 517 -0.64 105.99 -8.28
N LYS H 518 -1.55 105.86 -7.31
CA LYS H 518 -1.45 106.66 -6.09
C LYS H 518 -0.38 106.10 -5.15
N VAL H 519 -0.24 104.78 -5.11
CA VAL H 519 0.65 104.10 -4.17
C VAL H 519 1.75 103.40 -4.96
N ARG H 520 3.00 103.65 -4.57
CA ARG H 520 4.15 103.04 -5.22
C ARG H 520 5.22 102.55 -4.26
N LYS H 521 4.99 102.61 -2.95
CA LYS H 521 5.92 102.09 -1.95
C LYS H 521 5.13 101.42 -0.84
N LEU H 522 5.83 100.62 -0.03
CA LEU H 522 5.16 100.02 1.12
C LEU H 522 4.82 101.06 2.17
N SER H 523 5.66 102.09 2.31
CA SER H 523 5.33 103.18 3.22
C SER H 523 4.06 103.90 2.76
N GLN H 524 3.94 104.14 1.45
CA GLN H 524 2.72 104.74 0.92
C GLN H 524 1.53 103.81 1.09
N TYR H 525 1.74 102.49 0.99
CA TYR H 525 0.67 101.54 1.25
C TYR H 525 0.19 101.65 2.69
N VAL H 526 1.11 101.71 3.63
CA VAL H 526 0.73 101.85 5.04
C VAL H 526 0.03 103.19 5.27
N GLN H 527 0.48 104.24 4.60
CA GLN H 527 -0.19 105.53 4.71
C GLN H 527 -1.62 105.46 4.21
N GLU H 528 -1.83 104.86 3.03
CA GLU H 528 -3.19 104.70 2.52
C GLU H 528 -4.01 103.85 3.47
N MET H 529 -3.39 102.87 4.12
CA MET H 529 -4.11 102.00 5.03
C MET H 529 -4.61 102.80 6.23
N ALA H 530 -3.74 103.67 6.77
CA ALA H 530 -4.14 104.52 7.89
C ALA H 530 -5.21 105.52 7.48
N LEU H 531 -5.05 106.14 6.31
CA LEU H 531 -6.06 107.11 5.84
C LEU H 531 -7.43 106.47 5.63
N GLY H 532 -7.48 105.28 5.05
CA GLY H 532 -8.77 104.67 4.79
C GLY H 532 -9.45 105.28 3.57
N GLY H 533 -10.77 105.37 3.64
CA GLY H 533 -11.56 105.92 2.55
C GLY H 533 -12.88 106.48 3.03
N PRO H 534 -13.68 107.01 2.10
CA PRO H 534 -15.01 107.51 2.48
C PRO H 534 -15.91 106.43 3.07
N ILE H 535 -15.82 105.21 2.57
CA ILE H 535 -16.73 104.15 3.02
C ILE H 535 -16.44 103.76 4.46
N THR H 536 -15.17 103.72 4.84
CA THR H 536 -14.80 103.26 6.17
C THR H 536 -15.16 104.27 7.26
N LYS H 537 -15.48 105.51 6.88
CA LYS H 537 -15.89 106.52 7.84
C LYS H 537 -17.23 106.15 8.45
N GLU H 538 -17.45 106.58 9.69
CA GLU H 538 -18.70 106.33 10.41
C GLU H 538 -19.17 107.60 11.07
N SER H 539 -20.48 107.66 11.31
CA SER H 539 -21.08 108.82 11.96
C SER H 539 -20.63 108.94 13.41
N SER H 623 9.32 112.15 11.97
CA SER H 623 8.99 112.96 13.15
C SER H 623 7.63 112.57 13.71
N LYS H 624 6.66 112.42 12.82
CA LYS H 624 5.29 112.04 13.18
C LYS H 624 4.97 110.70 12.56
N THR H 625 4.43 109.78 13.37
CA THR H 625 4.11 108.45 12.90
C THR H 625 2.92 108.48 11.95
N VAL H 626 2.74 107.38 11.22
CA VAL H 626 1.62 107.28 10.29
C VAL H 626 0.29 107.32 11.03
N SER H 627 0.28 106.88 12.29
CA SER H 627 -0.96 106.92 13.06
C SER H 627 -1.43 108.35 13.28
N SER H 628 -0.51 109.32 13.29
CA SER H 628 -0.91 110.72 13.39
C SER H 628 -1.74 111.16 12.19
N THR H 629 -1.51 110.55 11.03
CA THR H 629 -2.21 110.92 9.81
C THR H 629 -3.57 110.24 9.68
N ILE H 630 -3.96 109.42 10.65
CA ILE H 630 -5.28 108.80 10.62
C ILE H 630 -6.35 109.89 10.69
N PRO H 631 -7.41 109.85 9.87
CA PRO H 631 -8.50 110.82 10.05
C PRO H 631 -9.29 110.54 11.32
N ARG H 632 -9.92 111.59 11.83
CA ARG H 632 -10.75 111.46 13.02
C ARG H 632 -12.08 110.81 12.67
N GLU H 633 -12.53 109.89 13.52
CA GLU H 633 -13.84 109.25 13.37
C GLU H 633 -13.89 108.39 12.10
N THR H 634 -12.81 107.65 11.83
CA THR H 634 -12.76 106.75 10.70
C THR H 634 -12.02 105.47 11.10
N ILE H 635 -12.29 104.41 10.37
CA ILE H 635 -11.75 103.08 10.63
C ILE H 635 -10.66 102.81 9.60
N PRO H 636 -9.39 102.63 9.99
CA PRO H 636 -8.37 102.30 8.99
C PRO H 636 -8.66 100.96 8.32
N PHE H 637 -8.14 100.79 7.11
CA PHE H 637 -8.34 99.55 6.38
C PHE H 637 -7.75 98.37 7.14
N LEU H 638 -6.55 98.54 7.70
CA LEU H 638 -5.95 97.57 8.62
C LEU H 638 -6.01 98.15 10.02
N HIS H 639 -6.61 97.42 10.96
CA HIS H 639 -6.67 97.90 12.33
C HIS H 639 -6.66 96.71 13.27
N LEU H 640 -6.56 97.00 14.56
CA LEU H 640 -6.69 96.00 15.61
C LEU H 640 -7.94 96.30 16.42
N ARG H 641 -8.67 95.27 16.79
CA ARG H 641 -9.90 95.39 17.55
C ARG H 641 -9.64 95.03 19.01
N LYS H 642 -10.36 95.71 19.90
CA LYS H 642 -10.32 95.45 21.33
C LYS H 642 -11.67 94.92 21.78
N LYS H 643 -11.64 93.89 22.63
CA LYS H 643 -12.87 93.30 23.14
C LYS H 643 -13.47 94.23 24.18
N THR H 644 -14.72 94.64 23.95
CA THR H 644 -15.42 95.49 24.89
C THR H 644 -15.84 94.67 26.11
N PRO H 645 -16.18 95.34 27.22
CA PRO H 645 -16.67 94.58 28.38
C PRO H 645 -17.89 93.76 28.08
N ALA H 646 -18.72 94.19 27.13
CA ALA H 646 -19.88 93.40 26.71
C ALA H 646 -19.50 92.13 25.96
N GLY H 647 -18.24 91.98 25.56
CA GLY H 647 -17.76 90.80 24.87
C GLY H 647 -17.63 90.94 23.37
N ASP H 648 -17.92 92.11 22.80
CA ASP H 648 -17.84 92.35 21.38
C ASP H 648 -16.52 93.05 21.04
N TRP H 649 -16.01 92.75 19.86
CA TRP H 649 -14.74 93.29 19.39
C TRP H 649 -15.01 94.53 18.54
N LYS H 650 -14.39 95.64 18.92
CA LYS H 650 -14.57 96.92 18.24
C LYS H 650 -13.21 97.51 17.92
N TYR H 651 -13.19 98.35 16.88
CA TYR H 651 -11.96 99.04 16.50
C TYR H 651 -11.43 99.85 17.67
N ASP H 652 -10.11 99.79 17.88
CA ASP H 652 -9.45 100.48 18.97
C ASP H 652 -8.35 101.37 18.41
N ARG H 653 -8.42 102.66 18.77
CA ARG H 653 -7.45 103.62 18.26
C ARG H 653 -6.03 103.25 18.69
N GLN H 654 -5.84 102.91 19.96
CA GLN H 654 -4.48 102.66 20.46
C GLN H 654 -3.86 101.45 19.78
N LEU H 655 -4.58 100.33 19.77
CA LEU H 655 -4.03 99.12 19.16
C LEU H 655 -3.84 99.30 17.65
N SER H 656 -4.79 99.95 16.98
CA SER H 656 -4.64 100.19 15.55
C SER H 656 -3.43 101.08 15.27
N SER H 657 -3.24 102.13 16.07
CA SER H 657 -2.07 102.99 15.89
C SER H 657 -0.78 102.23 16.11
N LEU H 658 -0.75 101.36 17.13
CA LEU H 658 0.43 100.54 17.37
C LEU H 658 0.73 99.64 16.18
N PHE H 659 -0.31 99.00 15.64
CA PHE H 659 -0.12 98.11 14.49
C PHE H 659 0.34 98.89 13.26
N LEU H 660 -0.25 100.06 13.00
CA LEU H 660 0.14 100.84 11.84
C LEU H 660 1.56 101.39 11.99
N ASP H 661 1.95 101.76 13.21
CA ASP H 661 3.32 102.20 13.45
C ASP H 661 4.30 101.05 13.20
N GLY H 662 3.94 99.84 13.66
CA GLY H 662 4.77 98.69 13.36
C GLY H 662 4.90 98.44 11.88
N LEU H 663 3.80 98.59 11.15
CA LEU H 663 3.83 98.41 9.70
C LEU H 663 4.69 99.48 9.04
N GLU H 664 4.61 100.73 9.52
CA GLU H 664 5.43 101.80 8.96
C GLU H 664 6.91 101.51 9.18
N LYS H 665 7.26 101.06 10.39
CA LYS H 665 8.65 100.72 10.66
C LYS H 665 9.11 99.55 9.81
N ALA H 666 8.26 98.53 9.64
CA ALA H 666 8.62 97.40 8.79
C ALA H 666 8.76 97.82 7.33
N ALA H 667 7.99 98.82 6.90
CA ALA H 667 8.08 99.27 5.52
C ALA H 667 9.35 100.08 5.27
N PHE H 668 9.71 100.95 6.22
CA PHE H 668 10.83 101.86 6.02
C PHE H 668 12.16 101.23 6.45
N ASN H 669 12.26 100.83 7.71
CA ASN H 669 13.51 100.25 8.22
C ASN H 669 13.61 98.76 7.97
N GLY H 670 12.48 98.07 7.85
CA GLY H 670 12.48 96.62 7.78
C GLY H 670 12.34 96.00 9.16
N VAL H 671 11.78 94.79 9.20
CA VAL H 671 11.50 94.08 10.44
C VAL H 671 12.33 92.81 10.46
N THR H 672 13.04 92.58 11.56
CA THR H 672 13.85 91.38 11.73
C THR H 672 13.04 90.31 12.44
N PHE H 673 13.39 89.06 12.16
CA PHE H 673 12.82 87.90 12.83
C PHE H 673 13.93 86.97 13.32
N LYS H 674 15.02 87.55 13.79
CA LYS H 674 16.08 86.75 14.39
C LYS H 674 15.58 86.05 15.65
N ASP H 675 16.08 84.85 15.87
CA ASP H 675 15.74 84.05 17.05
C ASP H 675 14.24 83.83 17.14
N LYS H 676 13.57 83.80 16.00
CA LYS H 676 12.13 83.55 15.90
C LYS H 676 11.92 82.23 15.18
N TYR H 677 11.35 81.26 15.88
CA TYR H 677 11.05 79.95 15.34
C TYR H 677 9.57 79.88 15.00
N VAL H 678 9.26 79.66 13.73
CA VAL H 678 7.91 79.69 13.20
C VAL H 678 7.58 78.33 12.64
N LEU H 679 6.33 77.91 12.80
CA LEU H 679 5.78 76.73 12.14
C LEU H 679 4.63 77.17 11.25
N ILE H 680 4.82 77.10 9.94
CA ILE H 680 3.83 77.57 8.97
C ILE H 680 3.33 76.38 8.16
N THR H 681 2.01 76.25 8.07
CA THR H 681 1.38 75.26 7.23
C THR H 681 0.60 75.96 6.13
N GLY H 682 0.39 75.26 5.02
CA GLY H 682 -0.30 75.87 3.89
C GLY H 682 0.45 77.01 3.25
N ALA H 683 1.76 76.84 3.00
CA ALA H 683 2.59 77.86 2.38
C ALA H 683 3.11 77.42 1.01
N GLY H 684 2.28 76.75 0.22
CA GLY H 684 2.69 76.37 -1.11
C GLY H 684 2.75 77.54 -2.06
N LYS H 685 3.25 77.28 -3.27
CA LYS H 685 3.36 78.33 -4.27
C LYS H 685 1.99 78.92 -4.58
N GLY H 686 1.95 80.24 -4.74
CA GLY H 686 0.72 80.91 -5.09
C GLY H 686 -0.24 81.12 -3.95
N SER H 687 0.25 81.13 -2.71
CA SER H 687 -0.58 81.33 -1.52
C SER H 687 0.00 82.42 -0.66
N ILE H 688 -0.81 82.89 0.29
CA ILE H 688 -0.35 83.90 1.23
C ILE H 688 0.72 83.31 2.13
N GLY H 689 0.62 82.03 2.44
CA GLY H 689 1.62 81.40 3.29
C GLY H 689 3.00 81.43 2.66
N ALA H 690 3.07 81.29 1.33
CA ALA H 690 4.37 81.36 0.66
C ALA H 690 5.00 82.73 0.80
N GLU H 691 4.21 83.79 0.64
CA GLU H 691 4.73 85.14 0.81
C GLU H 691 5.14 85.39 2.25
N VAL H 692 4.35 84.90 3.21
CA VAL H 692 4.71 85.04 4.62
C VAL H 692 6.02 84.30 4.91
N LEU H 693 6.18 83.11 4.32
CA LEU H 693 7.42 82.37 4.48
C LEU H 693 8.60 83.11 3.89
N GLN H 694 8.42 83.72 2.72
CA GLN H 694 9.49 84.50 2.13
C GLN H 694 9.88 85.66 3.03
N GLY H 695 8.88 86.34 3.61
CA GLY H 695 9.19 87.42 4.52
C GLY H 695 9.92 86.96 5.78
N LEU H 696 9.48 85.83 6.34
CA LEU H 696 10.16 85.28 7.52
C LEU H 696 11.60 84.94 7.21
N LEU H 697 11.83 84.29 6.05
CA LEU H 697 13.19 83.95 5.65
C LEU H 697 14.03 85.20 5.44
N GLN H 698 13.44 86.25 4.85
CA GLN H 698 14.14 87.51 4.72
C GLN H 698 14.54 88.06 6.09
N GLY H 699 13.62 88.05 7.03
CA GLY H 699 13.88 88.55 8.36
C GLY H 699 14.84 87.72 9.18
N GLY H 700 15.07 86.47 8.78
CA GLY H 700 16.05 85.62 9.45
C GLY H 700 15.47 84.56 10.35
N ALA H 701 14.19 84.25 10.22
CA ALA H 701 13.53 83.31 11.11
C ALA H 701 13.89 81.88 10.76
N LYS H 702 13.74 81.00 11.75
CA LYS H 702 13.82 79.57 11.53
C LYS H 702 12.42 79.03 11.31
N VAL H 703 12.09 78.72 10.06
CA VAL H 703 10.73 78.40 9.67
C VAL H 703 10.65 76.91 9.34
N VAL H 704 9.66 76.23 9.93
CA VAL H 704 9.31 74.87 9.55
C VAL H 704 8.07 75.01 8.68
N VAL H 705 8.25 74.83 7.39
CA VAL H 705 7.16 74.87 6.43
C VAL H 705 6.69 73.45 6.18
N THR H 706 5.38 73.25 6.29
CA THR H 706 4.75 71.95 6.11
C THR H 706 4.01 71.93 4.79
N THR H 707 4.20 70.86 4.03
CA THR H 707 3.59 70.73 2.71
C THR H 707 2.89 69.39 2.58
N SER H 708 1.72 69.40 1.94
CA SER H 708 0.96 68.19 1.66
C SER H 708 1.23 67.64 0.26
N ARG H 709 2.08 68.29 -0.53
CA ARG H 709 2.44 67.86 -1.87
C ARG H 709 3.94 67.62 -1.97
N PHE H 710 4.50 66.94 -0.97
CA PHE H 710 5.94 66.75 -0.92
C PHE H 710 6.43 65.98 -2.13
N SER H 711 7.30 66.60 -2.91
CA SER H 711 7.82 66.01 -4.13
C SER H 711 9.07 66.80 -4.53
N LYS H 712 9.72 66.36 -5.61
CA LYS H 712 10.90 67.04 -6.09
C LYS H 712 10.57 68.47 -6.50
N GLN H 713 9.42 68.67 -7.15
CA GLN H 713 9.02 70.01 -7.57
C GLN H 713 8.89 70.94 -6.37
N VAL H 714 8.19 70.48 -5.32
CA VAL H 714 7.98 71.32 -4.15
C VAL H 714 9.29 71.59 -3.42
N THR H 715 10.13 70.56 -3.28
CA THR H 715 11.39 70.76 -2.58
C THR H 715 12.31 71.69 -3.36
N ASP H 716 12.32 71.59 -4.69
CA ASP H 716 13.09 72.52 -5.51
C ASP H 716 12.54 73.94 -5.39
N TYR H 717 11.21 74.07 -5.33
CA TYR H 717 10.62 75.39 -5.13
C TYR H 717 11.06 76.01 -3.81
N TYR H 718 11.03 75.22 -2.74
CA TYR H 718 11.42 75.76 -1.45
C TYR H 718 12.92 76.03 -1.38
N GLN H 719 13.72 75.22 -2.07
CA GLN H 719 15.15 75.51 -2.13
C GLN H 719 15.40 76.81 -2.87
N SER H 720 14.68 77.05 -3.97
CA SER H 720 14.85 78.31 -4.69
C SER H 720 14.42 79.48 -3.81
N ILE H 721 13.32 79.31 -3.08
CA ILE H 721 12.85 80.37 -2.19
C ILE H 721 13.91 80.68 -1.14
N TYR H 722 14.53 79.63 -0.58
CA TYR H 722 15.55 79.87 0.44
C TYR H 722 16.81 80.47 -0.16
N ALA H 723 17.21 80.00 -1.35
CA ALA H 723 18.39 80.55 -1.99
C ALA H 723 18.19 82.02 -2.34
N LYS H 724 16.95 82.43 -2.56
CA LYS H 724 16.66 83.82 -2.88
C LYS H 724 16.54 84.69 -1.63
N TYR H 725 15.81 84.22 -0.62
CA TYR H 725 15.41 85.07 0.50
C TYR H 725 16.03 84.71 1.85
N GLY H 726 16.46 83.47 2.06
CA GLY H 726 16.97 83.03 3.35
C GLY H 726 18.14 83.85 3.84
N ALA H 727 17.89 84.70 4.83
CA ALA H 727 18.90 85.57 5.37
C ALA H 727 19.86 84.78 6.25
N LYS H 728 20.93 85.47 6.68
CA LYS H 728 21.90 84.85 7.57
C LYS H 728 21.22 84.43 8.87
N GLY H 729 21.46 83.19 9.27
CA GLY H 729 20.86 82.65 10.48
C GLY H 729 19.50 82.03 10.30
N SER H 730 18.94 82.06 9.09
CA SER H 730 17.64 81.47 8.81
C SER H 730 17.81 80.00 8.44
N THR H 731 16.83 79.18 8.80
CA THR H 731 16.81 77.77 8.44
C THR H 731 15.40 77.41 8.01
N LEU H 732 15.28 76.83 6.82
CA LEU H 732 14.00 76.39 6.30
C LEU H 732 13.91 74.86 6.39
N ILE H 733 12.94 74.37 7.13
CA ILE H 733 12.69 72.94 7.29
C ILE H 733 11.41 72.61 6.55
N VAL H 734 11.54 72.04 5.36
CA VAL H 734 10.39 71.60 4.56
C VAL H 734 10.08 70.18 4.97
N VAL H 735 8.86 69.94 5.45
CA VAL H 735 8.48 68.59 5.87
C VAL H 735 7.18 68.20 5.19
N PRO H 736 7.04 66.91 4.83
CA PRO H 736 5.74 66.43 4.40
C PRO H 736 4.81 66.38 5.59
N PHE H 737 3.54 66.68 5.34
CA PHE H 737 2.64 66.87 6.47
C PHE H 737 1.21 66.82 5.99
N ASN H 738 0.37 66.13 6.75
CA ASN H 738 -1.06 66.07 6.52
C ASN H 738 -1.74 66.69 7.74
N GLN H 739 -2.12 67.97 7.63
CA GLN H 739 -2.81 68.61 8.73
C GLN H 739 -4.17 67.96 9.01
N GLY H 740 -4.69 67.16 8.09
CA GLY H 740 -5.91 66.44 8.32
C GLY H 740 -5.78 65.18 9.15
N SER H 741 -4.58 64.84 9.61
CA SER H 741 -4.38 63.67 10.45
C SER H 741 -3.69 64.07 11.75
N LYS H 742 -4.36 63.78 12.88
CA LYS H 742 -3.81 64.15 14.17
C LYS H 742 -2.51 63.41 14.46
N GLN H 743 -2.32 62.23 13.86
CA GLN H 743 -1.05 61.54 14.02
C GLN H 743 0.08 62.35 13.39
N ASP H 744 -0.16 62.93 12.20
CA ASP H 744 0.84 63.82 11.61
C ASP H 744 1.03 65.05 12.48
N VAL H 745 -0.05 65.59 13.04
CA VAL H 745 0.09 66.79 13.87
C VAL H 745 0.98 66.50 15.07
N GLU H 746 0.69 65.40 15.78
CA GLU H 746 1.49 65.03 16.95
C GLU H 746 2.92 64.73 16.55
N ALA H 747 3.11 64.00 15.44
CA ALA H 747 4.46 63.65 15.02
C ALA H 747 5.27 64.88 14.65
N LEU H 748 4.65 65.84 13.96
CA LEU H 748 5.36 67.06 13.59
C LEU H 748 5.73 67.87 14.82
N ILE H 749 4.81 68.02 15.77
CA ILE H 749 5.12 68.82 16.95
C ILE H 749 6.21 68.13 17.77
N GLU H 750 6.14 66.80 17.90
CA GLU H 750 7.18 66.05 18.56
C GLU H 750 8.52 66.21 17.85
N PHE H 751 8.52 66.16 16.51
CA PHE H 751 9.75 66.31 15.76
C PHE H 751 10.35 67.69 15.96
N ILE H 752 9.51 68.72 15.99
CA ILE H 752 10.00 70.08 16.17
C ILE H 752 10.62 70.24 17.56
N TYR H 753 9.97 69.68 18.58
CA TYR H 753 10.37 69.95 19.96
C TYR H 753 11.43 68.97 20.48
N ASP H 754 11.59 67.81 19.86
CA ASP H 754 12.55 66.83 20.35
C ASP H 754 13.97 67.29 20.08
N THR H 755 14.89 66.82 20.91
CA THR H 755 16.29 67.20 20.78
C THR H 755 16.87 66.65 19.48
N GLU H 756 17.92 67.31 19.01
CA GLU H 756 18.59 66.86 17.80
C GLU H 756 19.19 65.46 17.97
N LYS H 757 19.50 65.08 19.22
CA LYS H 757 20.07 63.76 19.45
C LYS H 757 19.01 62.68 19.28
N ASN H 758 17.75 63.00 19.55
CA ASN H 758 16.64 62.07 19.36
C ASN H 758 16.10 62.08 17.94
N GLY H 759 16.76 62.78 17.02
CA GLY H 759 16.30 62.88 15.65
C GLY H 759 15.35 64.02 15.37
N GLY H 760 15.13 64.91 16.33
CA GLY H 760 14.25 66.05 16.15
C GLY H 760 15.00 67.28 15.70
N LEU H 761 14.42 68.45 16.01
CA LEU H 761 15.05 69.73 15.72
C LEU H 761 15.53 70.47 16.96
N GLY H 762 15.00 70.14 18.14
CA GLY H 762 15.38 70.86 19.34
C GLY H 762 14.97 72.32 19.29
N TRP H 763 13.83 72.62 18.68
CA TRP H 763 13.34 73.98 18.49
C TRP H 763 12.17 74.22 19.42
N ASP H 764 12.00 75.48 19.83
CA ASP H 764 10.84 75.93 20.58
C ASP H 764 10.13 76.97 19.74
N LEU H 765 8.88 76.71 19.40
CA LEU H 765 8.17 77.55 18.44
C LEU H 765 7.86 78.91 19.03
N ASP H 766 8.24 79.97 18.31
CA ASP H 766 7.85 81.32 18.65
C ASP H 766 6.54 81.74 18.00
N ALA H 767 6.20 81.17 16.85
CA ALA H 767 4.97 81.52 16.17
C ALA H 767 4.43 80.29 15.44
N ILE H 768 3.11 80.25 15.30
CA ILE H 768 2.43 79.22 14.53
C ILE H 768 1.49 79.91 13.54
N ILE H 769 1.56 79.51 12.29
CA ILE H 769 0.77 80.09 11.21
C ILE H 769 0.08 78.93 10.50
N PRO H 770 -1.06 78.45 11.01
CA PRO H 770 -1.71 77.28 10.41
C PRO H 770 -2.66 77.66 9.28
N PHE H 771 -2.08 78.01 8.14
CA PHE H 771 -2.85 78.45 6.98
C PHE H 771 -3.22 77.31 6.05
N ALA H 772 -2.91 76.07 6.42
CA ALA H 772 -3.30 74.92 5.60
C ALA H 772 -4.81 74.81 5.51
N ALA H 773 -5.30 74.63 4.29
CA ALA H 773 -6.73 74.48 4.05
C ALA H 773 -6.90 73.90 2.65
N ILE H 774 -7.95 73.09 2.50
CA ILE H 774 -8.33 72.56 1.19
C ILE H 774 -9.52 73.38 0.70
N PRO H 775 -9.64 73.67 -0.59
CA PRO H 775 -10.74 74.53 -1.05
C PRO H 775 -12.05 73.78 -1.13
N GLU H 776 -13.14 74.53 -1.20
CA GLU H 776 -14.49 73.99 -1.27
C GLU H 776 -15.33 74.90 -2.15
N GLN H 777 -15.84 74.36 -3.26
CA GLN H 777 -16.74 75.09 -4.14
C GLN H 777 -18.04 74.31 -4.31
N GLY H 778 -19.15 75.03 -4.32
CA GLY H 778 -20.44 74.43 -4.62
C GLY H 778 -20.85 73.36 -3.64
N ILE H 779 -20.48 73.51 -2.37
CA ILE H 779 -20.87 72.58 -1.31
C ILE H 779 -21.78 73.36 -0.37
N GLU H 780 -23.08 73.30 -0.61
CA GLU H 780 -24.07 73.97 0.21
C GLU H 780 -24.32 73.14 1.47
N LEU H 781 -25.34 73.52 2.23
CA LEU H 781 -25.70 72.75 3.43
C LEU H 781 -26.06 71.32 3.09
N GLU H 782 -26.86 71.12 2.04
CA GLU H 782 -27.29 69.77 1.68
C GLU H 782 -26.15 68.93 1.13
N HIS H 783 -25.07 69.55 0.67
CA HIS H 783 -23.92 68.84 0.11
C HIS H 783 -22.78 68.64 1.10
N ILE H 784 -22.96 68.99 2.37
CA ILE H 784 -21.91 68.75 3.36
C ILE H 784 -21.70 67.26 3.50
N ASP H 785 -20.44 66.82 3.33
CA ASP H 785 -20.13 65.41 3.15
C ASP H 785 -18.74 65.14 3.72
N SER H 786 -18.15 64.02 3.29
CA SER H 786 -16.85 63.61 3.77
C SER H 786 -15.80 64.68 3.54
N LYS H 787 -15.78 65.28 2.34
CA LYS H 787 -14.78 66.30 2.05
C LYS H 787 -14.95 67.50 2.97
N SER H 788 -16.19 67.91 3.24
CA SER H 788 -16.43 69.04 4.13
C SER H 788 -15.99 68.73 5.55
N GLU H 789 -16.28 67.51 6.02
CA GLU H 789 -15.87 67.15 7.37
C GLU H 789 -14.34 67.07 7.48
N PHE H 790 -13.68 66.55 6.46
CA PHE H 790 -12.23 66.49 6.46
C PHE H 790 -11.62 67.89 6.43
N ALA H 791 -12.19 68.77 5.60
CA ALA H 791 -11.72 70.15 5.57
C ALA H 791 -11.93 70.83 6.92
N HIS H 792 -13.07 70.58 7.55
CA HIS H 792 -13.30 71.13 8.88
C HIS H 792 -12.27 70.62 9.87
N ARG H 793 -11.94 69.33 9.79
CA ARG H 793 -10.90 68.80 10.65
C ARG H 793 -9.60 69.56 10.45
N ILE H 794 -9.16 69.68 9.20
CA ILE H 794 -7.91 70.37 8.88
C ILE H 794 -7.94 71.79 9.42
N MET H 795 -9.01 72.53 9.15
CA MET H 795 -9.02 73.96 9.39
C MET H 795 -9.35 74.34 10.83
N LEU H 796 -10.02 73.48 11.60
CA LEU H 796 -10.37 73.77 12.97
C LEU H 796 -9.81 72.75 13.95
N THR H 797 -10.13 71.47 13.77
CA THR H 797 -9.90 70.50 14.83
C THR H 797 -8.43 70.17 14.95
N ASN H 798 -7.76 70.00 13.82
CA ASN H 798 -6.33 69.69 13.89
C ASN H 798 -5.50 70.92 14.17
N ILE H 799 -6.02 72.12 13.86
CA ILE H 799 -5.36 73.33 14.33
C ILE H 799 -5.40 73.38 15.86
N LEU H 800 -6.56 73.11 16.44
CA LEU H 800 -6.66 73.10 17.90
C LEU H 800 -5.81 72.00 18.50
N ARG H 801 -5.75 70.84 17.84
CA ARG H 801 -4.89 69.77 18.31
C ARG H 801 -3.42 70.16 18.23
N MET H 802 -3.03 70.87 17.18
CA MET H 802 -1.64 71.33 17.03
C MET H 802 -1.29 72.33 18.13
N MET H 803 -2.20 73.26 18.41
CA MET H 803 -1.99 74.19 19.52
C MET H 803 -1.87 73.43 20.84
N GLY H 804 -2.72 72.44 21.05
CA GLY H 804 -2.64 71.64 22.26
C GLY H 804 -1.35 70.86 22.37
N CYS H 805 -0.86 70.35 21.23
CA CYS H 805 0.41 69.63 21.22
C CYS H 805 1.56 70.56 21.59
N VAL H 806 1.56 71.77 21.04
CA VAL H 806 2.60 72.73 21.40
C VAL H 806 2.51 73.09 22.88
N LYS H 807 1.30 73.27 23.38
CA LYS H 807 1.10 73.51 24.81
C LYS H 807 1.67 72.37 25.63
N LYS H 808 1.39 71.13 25.23
CA LYS H 808 1.87 69.97 25.97
C LYS H 808 3.38 69.89 25.97
N GLN H 809 4.01 70.16 24.82
CA GLN H 809 5.47 70.13 24.77
C GLN H 809 6.07 71.20 25.66
N LYS H 810 5.54 72.43 25.59
CA LYS H 810 6.08 73.50 26.41
C LYS H 810 5.88 73.21 27.90
N SER H 811 4.72 72.67 28.27
CA SER H 811 4.47 72.36 29.67
C SER H 811 5.37 71.23 30.15
N ALA H 812 5.60 70.21 29.30
CA ALA H 812 6.49 69.13 29.68
C ALA H 812 7.91 69.64 29.88
N ARG H 813 8.34 70.59 29.05
CA ARG H 813 9.65 71.20 29.21
C ARG H 813 9.66 72.35 30.21
N GLY H 814 8.52 72.65 30.84
CA GLY H 814 8.46 73.67 31.87
C GLY H 814 8.70 75.06 31.33
N ILE H 815 8.16 75.34 30.15
CA ILE H 815 8.34 76.62 29.48
C ILE H 815 7.09 77.45 29.70
N GLU H 816 7.25 78.59 30.38
CA GLU H 816 6.15 79.48 30.69
C GLU H 816 6.35 80.85 30.05
N THR H 817 7.61 81.25 29.86
CA THR H 817 7.94 82.60 29.43
C THR H 817 8.30 82.69 27.95
N ARG H 818 8.03 81.65 27.17
CA ARG H 818 8.25 81.67 25.71
C ARG H 818 6.97 81.19 25.06
N PRO H 819 5.94 82.03 25.01
CA PRO H 819 4.71 81.65 24.32
C PRO H 819 4.91 81.62 22.81
N ALA H 820 4.14 80.75 22.16
CA ALA H 820 4.06 80.67 20.71
C ALA H 820 2.87 81.49 20.25
N GLN H 821 3.10 82.41 19.31
CA GLN H 821 2.04 83.27 18.80
C GLN H 821 1.35 82.56 17.65
N VAL H 822 0.14 82.08 17.90
CA VAL H 822 -0.65 81.42 16.86
C VAL H 822 -1.36 82.50 16.06
N ILE H 823 -0.97 82.67 14.81
CA ILE H 823 -1.60 83.63 13.90
C ILE H 823 -2.72 82.88 13.19
N LEU H 824 -3.92 82.99 13.72
CA LEU H 824 -5.04 82.23 13.20
C LEU H 824 -5.58 82.90 11.93
N PRO H 825 -5.72 82.17 10.82
CA PRO H 825 -6.40 82.72 9.64
C PRO H 825 -7.90 82.75 9.86
N MET H 826 -8.49 83.94 9.82
CA MET H 826 -9.89 84.15 10.08
C MET H 826 -10.54 84.81 8.88
N SER H 827 -11.80 84.47 8.65
CA SER H 827 -12.58 85.00 7.55
C SER H 827 -13.46 86.13 8.05
N PRO H 828 -13.47 87.32 7.44
CA PRO H 828 -14.47 88.33 7.85
C PRO H 828 -15.89 87.87 7.62
N ASN H 829 -16.10 87.03 6.61
CA ASN H 829 -17.42 86.58 6.19
C ASN H 829 -17.63 85.13 6.61
N HIS H 830 -18.67 84.89 7.40
CA HIS H 830 -19.02 83.57 7.90
C HIS H 830 -20.36 83.19 7.30
N GLY H 831 -20.32 82.52 6.15
CA GLY H 831 -21.53 82.11 5.46
C GLY H 831 -22.13 83.14 4.54
N THR H 832 -21.43 84.25 4.29
CA THR H 832 -21.97 85.28 3.41
C THR H 832 -22.09 84.77 1.97
N PHE H 833 -21.08 84.02 1.51
CA PHE H 833 -21.09 83.51 0.14
C PHE H 833 -21.80 82.17 0.05
N GLY H 834 -21.58 81.29 1.02
CA GLY H 834 -22.17 79.98 0.99
C GLY H 834 -21.52 79.08 -0.05
N GLY H 835 -21.99 77.84 -0.10
CA GLY H 835 -21.45 76.89 -1.05
C GLY H 835 -19.98 76.59 -0.84
N ASP H 836 -19.50 76.73 0.40
CA ASP H 836 -18.10 76.52 0.74
C ASP H 836 -17.94 75.46 1.83
N GLY H 837 -18.92 74.56 1.93
CA GLY H 837 -18.81 73.49 2.91
C GLY H 837 -18.80 74.01 4.33
N MET H 838 -17.77 73.63 5.08
CA MET H 838 -17.60 74.03 6.46
C MET H 838 -16.51 75.08 6.64
N TYR H 839 -16.14 75.78 5.57
CA TYR H 839 -15.11 76.82 5.68
C TYR H 839 -15.55 77.88 6.68
N SER H 840 -16.78 78.36 6.56
CA SER H 840 -17.29 79.36 7.48
C SER H 840 -17.37 78.82 8.90
N GLU H 841 -17.80 77.57 9.06
CA GLU H 841 -17.87 76.98 10.39
C GLU H 841 -16.50 76.92 11.05
N SER H 842 -15.48 76.49 10.31
CA SER H 842 -14.13 76.42 10.87
C SER H 842 -13.62 77.81 11.23
N LYS H 843 -13.77 78.77 10.32
CA LYS H 843 -13.26 80.12 10.56
C LYS H 843 -13.96 80.75 11.77
N LEU H 844 -15.27 80.55 11.89
CA LEU H 844 -16.01 81.15 12.99
C LEU H 844 -15.72 80.44 14.32
N SER H 845 -15.56 79.12 14.30
CA SER H 845 -15.25 78.41 15.53
C SER H 845 -13.81 78.67 15.98
N LEU H 846 -12.94 79.14 15.09
CA LEU H 846 -11.60 79.55 15.52
C LEU H 846 -11.63 80.76 16.43
N GLU H 847 -12.76 81.49 16.50
CA GLU H 847 -12.84 82.68 17.33
C GLU H 847 -13.07 82.35 18.80
N THR H 848 -13.36 81.09 19.14
CA THR H 848 -13.46 80.70 20.54
C THR H 848 -12.13 80.78 21.27
N LEU H 849 -11.02 80.84 20.54
CA LEU H 849 -9.72 80.80 21.17
C LEU H 849 -9.43 82.07 21.95
N PHE H 850 -10.03 83.19 21.54
CA PHE H 850 -9.85 84.43 22.28
C PHE H 850 -10.34 84.30 23.71
N ASN H 851 -11.48 83.62 23.89
CA ASN H 851 -12.01 83.43 25.24
C ASN H 851 -11.35 82.24 25.93
N ARG H 852 -11.02 81.19 25.18
CA ARG H 852 -10.35 80.05 25.77
C ARG H 852 -8.99 80.43 26.35
N TRP H 853 -8.34 81.43 25.73
CA TRP H 853 -7.05 81.90 26.24
C TRP H 853 -7.17 82.38 27.68
N HIS H 854 -8.23 83.13 27.97
CA HIS H 854 -8.46 83.59 29.34
C HIS H 854 -9.00 82.49 30.23
N SER H 855 -9.85 81.62 29.70
CA SER H 855 -10.60 80.68 30.53
C SER H 855 -9.86 79.38 30.80
N GLU H 856 -8.73 79.13 30.14
CA GLU H 856 -8.00 77.87 30.29
C GLU H 856 -6.56 78.17 30.69
N SER H 857 -5.79 77.10 30.88
CA SER H 857 -4.45 77.17 31.46
C SER H 857 -3.35 77.01 30.42
N TRP H 858 -3.55 77.54 29.21
CA TRP H 858 -2.52 77.54 28.17
C TRP H 858 -2.16 78.95 27.71
N ALA H 859 -2.51 79.96 28.50
CA ALA H 859 -2.19 81.34 28.12
C ALA H 859 -0.69 81.57 28.08
N ASN H 860 0.04 80.99 29.03
CA ASN H 860 1.48 81.21 29.10
C ASN H 860 2.24 80.46 28.01
N GLN H 861 1.63 79.45 27.40
CA GLN H 861 2.29 78.68 26.35
C GLN H 861 1.94 79.17 24.95
N LEU H 862 0.75 79.75 24.77
CA LEU H 862 0.32 80.23 23.46
C LEU H 862 -0.34 81.58 23.62
N THR H 863 -0.25 82.38 22.56
CA THR H 863 -0.92 83.68 22.47
C THR H 863 -1.68 83.75 21.17
N VAL H 864 -2.94 84.14 21.23
CA VAL H 864 -3.84 84.08 20.08
C VAL H 864 -3.80 85.42 19.34
N CYS H 865 -3.59 85.34 18.02
CA CYS H 865 -3.56 86.51 17.16
C CYS H 865 -4.44 86.18 15.95
N GLY H 866 -5.71 86.54 16.03
CA GLY H 866 -6.61 86.24 14.92
C GLY H 866 -6.51 87.28 13.84
N ALA H 867 -5.90 86.92 12.72
CA ALA H 867 -5.80 87.81 11.57
C ALA H 867 -6.98 87.55 10.66
N ILE H 868 -7.88 88.52 10.56
CA ILE H 868 -9.04 88.45 9.68
C ILE H 868 -8.52 88.90 8.33
N ILE H 869 -8.24 87.92 7.46
CA ILE H 869 -7.62 88.21 6.16
C ILE H 869 -8.71 88.69 5.22
N GLY H 870 -8.44 89.78 4.52
CA GLY H 870 -9.38 90.39 3.61
C GLY H 870 -9.31 89.80 2.22
N TRP H 871 -9.94 90.51 1.28
CA TRP H 871 -9.93 90.10 -0.10
C TRP H 871 -8.50 90.11 -0.65
N THR H 872 -7.97 88.92 -0.90
CA THR H 872 -6.60 88.74 -1.37
C THR H 872 -6.64 88.25 -2.81
N ARG H 873 -5.73 88.78 -3.64
CA ARG H 873 -5.69 88.44 -5.06
C ARG H 873 -4.55 87.47 -5.31
N GLY H 874 -4.88 86.28 -5.83
CA GLY H 874 -3.88 85.29 -6.13
C GLY H 874 -3.31 85.45 -7.53
N ALA H 880 -11.79 84.44 -11.66
CA ALA H 880 -13.03 84.12 -10.97
C ALA H 880 -13.29 85.12 -9.85
N ASN H 881 -12.35 85.19 -8.91
CA ASN H 881 -12.46 86.09 -7.77
C ASN H 881 -11.65 87.37 -7.97
N ASN H 882 -11.05 87.54 -9.15
CA ASN H 882 -10.14 88.66 -9.41
C ASN H 882 -10.79 89.65 -10.37
N ILE H 883 -11.62 89.13 -11.29
CA ILE H 883 -12.19 89.98 -12.33
C ILE H 883 -13.06 91.08 -11.73
N ILE H 884 -13.62 90.83 -10.55
CA ILE H 884 -14.47 91.81 -9.87
C ILE H 884 -13.75 92.61 -8.81
N ALA H 885 -12.44 92.39 -8.62
CA ALA H 885 -11.71 93.15 -7.61
C ALA H 885 -11.68 94.63 -7.94
N GLU H 886 -11.53 94.99 -9.22
CA GLU H 886 -11.57 96.40 -9.61
C GLU H 886 -12.92 97.01 -9.28
N GLY H 887 -14.00 96.31 -9.62
CA GLY H 887 -15.33 96.82 -9.33
C GLY H 887 -15.61 96.96 -7.85
N ILE H 888 -15.06 96.07 -7.03
CA ILE H 888 -15.21 96.19 -5.59
C ILE H 888 -14.51 97.43 -5.04
N GLU H 889 -13.37 97.81 -5.62
CA GLU H 889 -12.61 98.95 -5.11
C GLU H 889 -13.19 100.30 -5.51
N LYS H 890 -14.12 100.35 -6.46
CA LYS H 890 -14.68 101.63 -6.88
C LYS H 890 -15.51 102.30 -5.79
N MET H 891 -15.88 101.57 -4.74
CA MET H 891 -16.68 102.11 -3.64
C MET H 891 -15.85 102.38 -2.39
N GLY H 892 -14.53 102.46 -2.51
CA GLY H 892 -13.66 102.74 -1.38
C GLY H 892 -13.11 101.51 -0.69
N VAL H 893 -13.67 100.33 -0.97
CA VAL H 893 -13.14 99.09 -0.41
C VAL H 893 -11.71 98.89 -0.92
N ARG H 894 -10.90 98.22 -0.11
CA ARG H 894 -9.51 97.93 -0.44
C ARG H 894 -9.33 96.43 -0.63
N THR H 895 -8.74 96.06 -1.76
CA THR H 895 -8.40 94.68 -2.06
C THR H 895 -6.89 94.54 -2.07
N PHE H 896 -6.40 93.49 -1.41
CA PHE H 896 -4.98 93.28 -1.19
C PHE H 896 -4.44 92.23 -2.14
N SER H 897 -3.14 92.30 -2.40
CA SER H 897 -2.42 91.26 -3.11
C SER H 897 -1.85 90.28 -2.09
N GLN H 898 -1.27 89.20 -2.60
CA GLN H 898 -0.65 88.22 -1.70
C GLN H 898 0.52 88.84 -0.95
N LYS H 899 1.33 89.64 -1.65
CA LYS H 899 2.45 90.31 -1.00
C LYS H 899 1.96 91.30 0.06
N GLU H 900 0.94 92.08 -0.25
CA GLU H 900 0.41 93.05 0.71
C GLU H 900 -0.17 92.34 1.93
N MET H 901 -0.93 91.27 1.71
CA MET H 901 -1.51 90.54 2.83
C MET H 901 -0.42 89.88 3.68
N ALA H 902 0.64 89.39 3.03
CA ALA H 902 1.75 88.81 3.78
C ALA H 902 2.46 89.88 4.60
N PHE H 903 2.60 91.08 4.04
CA PHE H 903 3.18 92.19 4.80
C PHE H 903 2.33 92.52 6.01
N ASN H 904 1.00 92.54 5.82
CA ASN H 904 0.10 92.78 6.95
C ASN H 904 0.25 91.70 8.01
N LEU H 905 0.33 90.44 7.59
CA LEU H 905 0.43 89.34 8.54
C LEU H 905 1.76 89.36 9.27
N LEU H 906 2.85 89.69 8.56
CA LEU H 906 4.16 89.78 9.21
C LEU H 906 4.24 90.99 10.12
N GLY H 907 3.42 92.01 9.87
CA GLY H 907 3.34 93.12 10.81
C GLY H 907 2.82 92.69 12.18
N LEU H 908 2.08 91.58 12.22
CA LEU H 908 1.61 91.03 13.48
C LEU H 908 2.69 90.25 14.22
N LEU H 909 3.83 89.99 13.58
CA LEU H 909 4.96 89.32 14.23
C LEU H 909 6.01 90.30 14.72
N THR H 910 5.75 91.61 14.66
CA THR H 910 6.70 92.57 15.18
C THR H 910 6.81 92.40 16.69
N PRO H 911 7.92 92.84 17.30
CA PRO H 911 8.05 92.65 18.75
C PRO H 911 6.93 93.32 19.55
N GLU H 912 6.44 94.47 19.11
CA GLU H 912 5.42 95.17 19.87
C GLU H 912 4.08 94.46 19.76
N VAL H 913 3.74 93.95 18.58
CA VAL H 913 2.49 93.19 18.45
C VAL H 913 2.61 91.86 19.17
N VAL H 914 3.80 91.26 19.20
CA VAL H 914 4.00 90.04 19.97
C VAL H 914 3.78 90.31 21.45
N GLU H 915 4.34 91.42 21.94
CA GLU H 915 4.14 91.81 23.34
C GLU H 915 2.67 92.09 23.62
N LEU H 916 1.97 92.69 22.66
CA LEU H 916 0.54 92.92 22.81
C LEU H 916 -0.24 91.61 22.90
N CYS H 917 0.11 90.64 22.06
CA CYS H 917 -0.54 89.33 22.13
C CYS H 917 -0.27 88.65 23.45
N GLN H 918 0.94 88.79 23.97
CA GLN H 918 1.26 88.22 25.27
C GLN H 918 0.44 88.89 26.37
N LYS H 919 0.24 90.20 26.27
CA LYS H 919 -0.63 90.88 27.22
C LYS H 919 -2.06 90.34 27.15
N SER H 920 -2.60 90.22 25.95
CA SER H 920 -3.94 89.70 25.76
C SER H 920 -4.11 89.34 24.29
N PRO H 921 -4.97 88.36 23.98
CA PRO H 921 -5.12 87.95 22.58
C PRO H 921 -5.64 89.09 21.72
N VAL H 922 -5.14 89.17 20.49
CA VAL H 922 -5.45 90.29 19.61
C VAL H 922 -6.22 89.79 18.41
N MET H 923 -7.07 90.68 17.89
CA MET H 923 -7.88 90.44 16.70
C MET H 923 -7.54 91.52 15.70
N ALA H 924 -6.67 91.19 14.74
CA ALA H 924 -6.32 92.12 13.68
C ALA H 924 -7.34 91.99 12.57
N ASP H 925 -7.93 93.10 12.16
CA ASP H 925 -8.82 93.15 11.00
C ASP H 925 -8.01 93.71 9.84
N LEU H 926 -7.64 92.83 8.90
CA LEU H 926 -6.98 93.22 7.67
C LEU H 926 -7.95 93.14 6.50
N ASN H 927 -9.21 93.48 6.74
CA ASN H 927 -10.26 93.23 5.76
C ASN H 927 -10.33 94.30 4.68
N GLY H 928 -9.69 95.45 4.89
CA GLY H 928 -9.71 96.48 3.87
C GLY H 928 -11.03 97.21 3.75
N GLY H 929 -11.85 97.20 4.80
CA GLY H 929 -13.13 97.85 4.74
C GLY H 929 -14.20 97.08 4.00
N LEU H 930 -13.97 95.79 3.73
CA LEU H 930 -14.96 94.98 3.04
C LEU H 930 -16.24 94.81 3.83
N GLN H 931 -16.18 94.91 5.16
CA GLN H 931 -17.37 94.68 5.97
C GLN H 931 -18.38 95.81 5.83
N PHE H 932 -17.96 96.98 5.33
CA PHE H 932 -18.85 98.13 5.35
C PHE H 932 -19.83 98.11 4.18
N VAL H 933 -19.52 97.40 3.10
CA VAL H 933 -20.48 97.33 1.99
C VAL H 933 -21.70 96.52 2.43
N PRO H 934 -22.93 96.99 2.17
CA PRO H 934 -24.10 96.18 2.53
C PRO H 934 -24.38 95.11 1.50
N GLU H 935 -24.74 93.91 1.98
CA GLU H 935 -25.05 92.78 1.12
C GLU H 935 -23.87 92.46 0.19
N LEU H 936 -22.75 92.12 0.82
CA LEU H 936 -21.51 91.91 0.07
C LEU H 936 -21.64 90.75 -0.91
N LYS H 937 -22.30 89.66 -0.49
CA LYS H 937 -22.49 88.52 -1.38
C LYS H 937 -23.30 88.92 -2.62
N GLU H 938 -24.42 89.62 -2.41
CA GLU H 938 -25.25 90.01 -3.55
C GLU H 938 -24.54 91.01 -4.44
N PHE H 939 -23.80 91.94 -3.86
CA PHE H 939 -23.09 92.93 -4.66
C PHE H 939 -21.98 92.27 -5.49
N THR H 940 -21.25 91.32 -4.88
CA THR H 940 -20.25 90.56 -5.61
C THR H 940 -20.88 89.77 -6.75
N ALA H 941 -22.02 89.13 -6.49
CA ALA H 941 -22.71 88.40 -7.54
C ALA H 941 -23.14 89.34 -8.66
N LYS H 942 -23.61 90.54 -8.30
CA LYS H 942 -24.01 91.52 -9.30
C LYS H 942 -22.82 91.95 -10.16
N LEU H 943 -21.66 92.19 -9.54
CA LEU H 943 -20.47 92.57 -10.29
C LEU H 943 -20.07 91.46 -11.27
N ARG H 944 -20.02 90.23 -10.77
CA ARG H 944 -19.64 89.11 -11.65
C ARG H 944 -20.65 88.93 -12.77
N LYS H 945 -21.95 89.06 -12.45
CA LYS H 945 -22.98 88.93 -13.47
C LYS H 945 -22.84 90.02 -14.53
N GLU H 946 -22.58 91.25 -14.11
CA GLU H 946 -22.43 92.34 -15.07
C GLU H 946 -21.24 92.10 -15.99
N LEU H 947 -20.10 91.74 -15.40
CA LEU H 947 -18.90 91.50 -16.22
C LEU H 947 -19.12 90.34 -17.18
N VAL H 948 -19.70 89.24 -16.69
CA VAL H 948 -19.93 88.08 -17.53
C VAL H 948 -20.91 88.42 -18.65
N GLU H 949 -22.00 89.11 -18.32
CA GLU H 949 -23.00 89.44 -19.34
C GLU H 949 -22.41 90.35 -20.40
N THR H 950 -21.62 91.34 -20.00
CA THR H 950 -20.95 92.19 -20.99
C THR H 950 -20.04 91.37 -21.88
N SER H 951 -19.28 90.44 -21.28
CA SER H 951 -18.34 89.63 -22.06
C SER H 951 -19.08 88.76 -23.08
N GLU H 952 -20.11 88.04 -22.64
CA GLU H 952 -20.83 87.17 -23.58
C GLU H 952 -21.56 87.97 -24.64
N VAL H 953 -22.14 89.11 -24.26
CA VAL H 953 -22.85 89.93 -25.25
C VAL H 953 -21.88 90.43 -26.31
N ARG H 954 -20.71 90.93 -25.88
CA ARG H 954 -19.74 91.41 -26.84
C ARG H 954 -19.22 90.28 -27.72
N LYS H 955 -18.96 89.11 -27.13
CA LYS H 955 -18.44 88.00 -27.92
C LYS H 955 -19.47 87.54 -28.94
N ALA H 956 -20.74 87.42 -28.54
CA ALA H 956 -21.78 87.00 -29.47
C ALA H 956 -21.98 88.03 -30.58
N VAL H 957 -21.98 89.32 -30.23
CA VAL H 957 -22.15 90.35 -31.25
C VAL H 957 -20.98 90.34 -32.22
N SER H 958 -19.75 90.17 -31.71
CA SER H 958 -18.59 90.12 -32.58
C SER H 958 -18.66 88.91 -33.51
N ILE H 959 -19.05 87.75 -32.98
CA ILE H 959 -19.15 86.56 -33.80
C ILE H 959 -20.19 86.75 -34.90
N GLU H 960 -21.34 87.32 -34.54
CA GLU H 960 -22.40 87.49 -35.53
C GLU H 960 -22.02 88.53 -36.57
N THR H 961 -21.36 89.61 -36.16
CA THR H 961 -20.88 90.59 -37.12
C THR H 961 -19.85 89.98 -38.06
N ALA H 962 -18.96 89.14 -37.52
CA ALA H 962 -17.98 88.46 -38.37
C ALA H 962 -18.66 87.55 -39.37
N LEU H 963 -19.66 86.78 -38.93
CA LEU H 963 -20.35 85.88 -39.85
C LEU H 963 -21.12 86.66 -40.90
N GLU H 964 -21.76 87.77 -40.52
CA GLU H 964 -22.44 88.62 -41.49
C GLU H 964 -21.46 89.19 -42.50
N HIS H 965 -20.29 89.64 -42.04
CA HIS H 965 -19.27 90.13 -42.96
C HIS H 965 -18.83 89.04 -43.92
N LYS H 966 -18.59 87.83 -43.41
CA LYS H 966 -18.09 86.76 -44.26
C LYS H 966 -19.13 86.34 -45.29
N VAL H 967 -20.40 86.25 -44.90
CA VAL H 967 -21.43 85.86 -45.87
C VAL H 967 -21.64 86.98 -46.89
N VAL H 968 -21.60 88.24 -46.45
CA VAL H 968 -21.83 89.34 -47.37
C VAL H 968 -20.70 89.45 -48.40
N ASN H 969 -19.45 89.40 -47.94
CA ASN H 969 -18.29 89.62 -48.80
C ASN H 969 -17.60 88.33 -49.22
N GLY H 970 -18.23 87.18 -49.05
CA GLY H 970 -17.58 85.95 -49.46
C GLY H 970 -16.41 85.60 -48.55
N ASN H 971 -15.64 84.63 -49.00
CA ASN H 971 -14.45 84.19 -48.26
C ASN H 971 -13.22 85.00 -48.68
N GLN H 979 -2.81 84.39 -43.17
CA GLN H 979 -1.36 84.44 -43.13
C GLN H 979 -0.78 83.07 -42.84
N VAL H 980 0.03 82.55 -43.75
CA VAL H 980 0.64 81.23 -43.56
C VAL H 980 1.67 81.33 -42.44
N GLU H 981 1.58 80.43 -41.47
CA GLU H 981 2.43 80.43 -40.30
C GLU H 981 3.50 79.37 -40.44
N ILE H 982 4.74 79.73 -40.11
CA ILE H 982 5.90 78.86 -40.29
C ILE H 982 6.32 78.31 -38.95
N GLN H 983 6.68 77.03 -38.93
CA GLN H 983 6.96 76.26 -37.73
C GLN H 983 8.45 75.96 -37.67
N PRO H 984 9.08 75.98 -36.49
CA PRO H 984 10.50 75.65 -36.42
C PRO H 984 10.77 74.20 -36.78
N ARG H 985 11.95 73.98 -37.36
CA ARG H 985 12.40 72.66 -37.76
C ARG H 985 13.81 72.44 -37.21
N ALA H 986 14.06 71.24 -36.72
CA ALA H 986 15.31 70.96 -36.01
C ALA H 986 16.49 71.11 -36.94
N ASN H 987 17.45 71.96 -36.55
CA ASN H 987 18.69 72.18 -37.28
C ASN H 987 19.81 72.01 -36.26
N ILE H 988 20.25 70.77 -36.09
CA ILE H 988 21.23 70.43 -35.05
C ILE H 988 22.61 70.90 -35.50
N GLN H 989 23.24 71.70 -34.66
CA GLN H 989 24.55 72.27 -34.95
C GLN H 989 25.62 71.51 -34.17
N LEU H 990 26.80 71.37 -34.78
CA LEU H 990 27.92 70.71 -34.12
C LEU H 990 28.52 71.56 -33.02
N ASP H 991 28.21 72.86 -32.97
CA ASP H 991 28.68 73.74 -31.91
C ASP H 991 30.20 73.86 -31.90
N PHE H 992 30.77 74.12 -33.07
CA PHE H 992 32.18 74.39 -33.16
C PHE H 992 32.49 75.68 -32.41
N PRO H 993 33.71 75.85 -31.90
CA PRO H 993 34.02 77.08 -31.17
C PRO H 993 33.87 78.31 -32.04
N GLU H 994 33.40 79.40 -31.44
CA GLU H 994 33.30 80.66 -32.13
C GLU H 994 34.71 81.19 -32.41
N LEU H 995 34.98 81.50 -33.66
CA LEU H 995 36.26 82.07 -34.08
C LEU H 995 36.08 83.58 -34.23
N LYS H 996 36.57 84.32 -33.25
CA LYS H 996 36.45 85.77 -33.26
C LYS H 996 37.46 86.39 -34.23
N PRO H 997 37.27 87.64 -34.62
CA PRO H 997 38.26 88.32 -35.44
C PRO H 997 39.63 88.35 -34.78
N TYR H 998 40.66 88.51 -35.60
CA TYR H 998 42.02 88.40 -35.09
C TYR H 998 42.35 89.49 -34.09
N LYS H 999 41.91 90.73 -34.36
CA LYS H 999 42.18 91.80 -33.40
C LYS H 999 41.52 91.50 -32.05
N GLN H 1000 40.28 90.98 -32.08
CA GLN H 1000 39.60 90.65 -30.84
C GLN H 1000 40.30 89.53 -30.09
N VAL H 1001 40.75 88.50 -30.82
CA VAL H 1001 41.40 87.37 -30.15
C VAL H 1001 42.80 87.75 -29.69
N LYS H 1002 43.42 88.75 -30.32
CA LYS H 1002 44.76 89.18 -29.93
C LYS H 1002 44.71 90.14 -28.74
N GLN H 1003 43.61 90.89 -28.59
CA GLN H 1003 43.51 91.82 -27.48
C GLN H 1003 43.58 91.09 -26.13
N ILE H 1004 42.87 89.98 -26.02
CA ILE H 1004 42.79 89.29 -24.73
C ILE H 1004 44.12 88.64 -24.37
N ALA H 1005 44.78 88.02 -25.35
CA ALA H 1005 46.04 87.35 -25.07
C ALA H 1005 47.17 88.37 -24.95
N PRO H 1006 48.26 88.02 -24.27
CA PRO H 1006 49.40 88.95 -24.19
C PRO H 1006 50.02 89.18 -25.57
N ALA H 1007 50.56 90.38 -25.75
CA ALA H 1007 51.23 90.71 -27.00
C ALA H 1007 52.50 89.91 -27.20
N GLU H 1008 53.13 89.46 -26.11
CA GLU H 1008 54.39 88.73 -26.19
C GLU H 1008 54.20 87.24 -26.41
N LEU H 1009 52.95 86.75 -26.49
CA LEU H 1009 52.73 85.34 -26.76
C LEU H 1009 53.00 84.98 -28.22
N GLU H 1010 53.01 85.96 -29.12
CA GLU H 1010 53.17 85.71 -30.54
C GLU H 1010 54.57 85.15 -30.80
N GLY H 1011 54.64 83.87 -31.18
CA GLY H 1011 55.90 83.23 -31.45
C GLY H 1011 56.62 82.70 -30.22
N LEU H 1012 56.01 82.82 -29.03
CA LEU H 1012 56.69 82.41 -27.81
C LEU H 1012 56.53 80.93 -27.53
N LEU H 1013 55.34 80.38 -27.80
CA LEU H 1013 55.06 78.99 -27.48
C LEU H 1013 55.46 78.06 -28.61
N ASP H 1014 55.86 76.85 -28.25
CA ASP H 1014 56.06 75.78 -29.21
C ASP H 1014 54.71 75.10 -29.42
N LEU H 1015 54.07 75.43 -30.54
CA LEU H 1015 52.72 74.94 -30.78
C LEU H 1015 52.71 73.42 -30.91
N GLU H 1016 53.83 72.82 -31.32
CA GLU H 1016 53.91 71.37 -31.30
C GLU H 1016 53.93 70.83 -29.88
N ARG H 1017 54.33 71.65 -28.90
CA ARG H 1017 54.29 71.27 -27.50
C ARG H 1017 53.01 71.71 -26.80
N VAL H 1018 52.17 72.50 -27.46
CA VAL H 1018 50.86 72.88 -26.92
C VAL H 1018 49.84 71.84 -27.35
N ILE H 1019 49.10 71.29 -26.37
CA ILE H 1019 48.09 70.26 -26.61
C ILE H 1019 46.72 70.92 -26.62
N VAL H 1020 45.91 70.61 -27.63
CA VAL H 1020 44.60 71.19 -27.82
C VAL H 1020 43.58 70.08 -27.96
N VAL H 1021 42.44 70.21 -27.29
CA VAL H 1021 41.32 69.28 -27.46
C VAL H 1021 40.59 69.71 -28.73
N THR H 1022 40.82 68.98 -29.83
CA THR H 1022 40.20 69.36 -31.09
C THR H 1022 38.81 68.76 -31.24
N GLY H 1023 38.54 67.65 -30.56
CA GLY H 1023 37.22 67.06 -30.62
C GLY H 1023 36.85 66.44 -29.29
N PHE H 1024 35.55 66.27 -29.07
CA PHE H 1024 35.09 65.56 -27.89
C PHE H 1024 33.68 65.05 -28.15
N ALA H 1025 33.30 64.00 -27.43
CA ALA H 1025 31.97 63.45 -27.50
C ALA H 1025 31.80 62.48 -26.34
N GLU H 1026 30.56 62.06 -26.11
CA GLU H 1026 30.28 61.12 -25.05
C GLU H 1026 28.99 60.40 -25.37
N VAL H 1027 28.83 59.25 -24.71
CA VAL H 1027 27.58 58.52 -24.65
C VAL H 1027 27.27 58.32 -23.18
N GLY H 1028 26.12 58.80 -22.73
CA GLY H 1028 25.79 58.79 -21.33
C GLY H 1028 24.30 58.79 -21.07
N PRO H 1029 23.91 58.99 -19.82
CA PRO H 1029 22.48 58.96 -19.48
C PRO H 1029 21.64 60.00 -20.20
N TRP H 1030 22.24 61.05 -20.75
CA TRP H 1030 21.50 62.08 -21.46
C TRP H 1030 21.95 62.15 -22.91
N GLY H 1031 22.21 60.99 -23.50
CA GLY H 1031 22.57 60.95 -24.90
C GLY H 1031 23.97 61.48 -25.15
N SER H 1032 24.08 62.30 -26.19
CA SER H 1032 25.37 62.80 -26.64
C SER H 1032 25.82 63.96 -25.75
N ALA H 1033 27.01 64.48 -26.04
CA ALA H 1033 27.51 65.64 -25.30
C ALA H 1033 26.60 66.85 -25.48
N ARG H 1034 26.03 67.01 -26.68
CA ARG H 1034 25.14 68.14 -26.92
C ARG H 1034 23.91 68.09 -26.03
N THR H 1035 23.21 66.94 -26.02
CA THR H 1035 22.00 66.82 -25.22
C THR H 1035 22.31 66.88 -23.73
N ARG H 1036 23.42 66.25 -23.31
CA ARG H 1036 23.80 66.31 -21.91
C ARG H 1036 24.10 67.75 -21.51
N TRP H 1037 24.77 68.51 -22.38
CA TRP H 1037 25.05 69.91 -22.09
C TRP H 1037 23.78 70.73 -21.99
N GLU H 1038 22.83 70.47 -22.89
CA GLU H 1038 21.57 71.21 -22.81
C GLU H 1038 20.86 70.94 -21.50
N MET H 1039 20.79 69.68 -21.10
CA MET H 1039 20.14 69.35 -19.83
C MET H 1039 20.90 69.93 -18.65
N GLU H 1040 22.23 69.93 -18.71
CA GLU H 1040 23.02 70.52 -17.63
C GLU H 1040 22.79 72.02 -17.51
N ALA H 1041 22.93 72.74 -18.61
CA ALA H 1041 22.94 74.20 -18.55
C ALA H 1041 21.54 74.76 -18.39
N PHE H 1042 20.61 74.37 -19.27
CA PHE H 1042 19.29 74.97 -19.28
C PHE H 1042 18.24 74.14 -18.58
N GLY H 1043 18.55 72.90 -18.22
CA GLY H 1043 17.62 72.06 -17.49
C GLY H 1043 16.52 71.45 -18.32
N GLU H 1044 16.42 71.80 -19.60
CA GLU H 1044 15.41 71.25 -20.48
C GLU H 1044 15.99 71.22 -21.89
N PHE H 1045 15.35 70.42 -22.74
CA PHE H 1045 15.80 70.25 -24.12
C PHE H 1045 15.14 71.29 -25.01
N SER H 1046 15.93 71.91 -25.86
CA SER H 1046 15.41 72.77 -26.92
C SER H 1046 14.83 71.88 -28.02
N LEU H 1047 14.42 72.47 -29.13
CA LEU H 1047 13.89 71.67 -30.23
C LEU H 1047 14.95 70.73 -30.77
N GLU H 1048 16.16 71.25 -31.00
CA GLU H 1048 17.24 70.42 -31.53
C GLU H 1048 17.62 69.32 -30.55
N GLY H 1049 17.71 69.66 -29.26
CA GLY H 1049 18.06 68.66 -28.27
C GLY H 1049 17.00 67.59 -28.14
N CYS H 1050 15.74 67.97 -28.16
CA CYS H 1050 14.66 66.98 -28.03
C CYS H 1050 14.60 66.09 -29.26
N VAL H 1051 14.78 66.65 -30.45
CA VAL H 1051 14.78 65.84 -31.65
C VAL H 1051 15.97 64.89 -31.65
N GLU H 1052 17.13 65.37 -31.23
CA GLU H 1052 18.30 64.50 -31.13
C GLU H 1052 18.08 63.38 -30.13
N MET H 1053 17.44 63.68 -29.00
CA MET H 1053 17.18 62.65 -28.01
C MET H 1053 16.18 61.63 -28.54
N ALA H 1054 15.14 62.09 -29.24
CA ALA H 1054 14.19 61.15 -29.82
C ALA H 1054 14.86 60.25 -30.85
N TRP H 1055 15.74 60.83 -31.68
CA TRP H 1055 16.48 60.02 -32.64
C TRP H 1055 17.40 59.03 -31.95
N ILE H 1056 18.08 59.45 -30.88
CA ILE H 1056 18.97 58.57 -30.14
C ILE H 1056 18.20 57.42 -29.54
N MET H 1057 17.04 57.72 -28.94
CA MET H 1057 16.22 56.72 -28.28
C MET H 1057 15.33 55.95 -29.24
N GLY H 1058 15.39 56.26 -30.54
CA GLY H 1058 14.62 55.52 -31.51
C GLY H 1058 13.15 55.87 -31.55
N PHE H 1059 12.73 56.93 -30.84
CA PHE H 1059 11.32 57.32 -30.89
C PHE H 1059 10.92 57.73 -32.30
N ILE H 1060 11.76 58.51 -32.96
CA ILE H 1060 11.51 59.00 -34.31
C ILE H 1060 12.60 58.44 -35.22
N SER H 1061 12.18 57.89 -36.36
CA SER H 1061 13.08 57.45 -37.41
C SER H 1061 12.88 58.36 -38.62
N TYR H 1062 13.92 58.47 -39.44
CA TYR H 1062 13.80 59.27 -40.65
C TYR H 1062 13.17 58.44 -41.77
N HIS H 1063 12.31 59.10 -42.55
CA HIS H 1063 11.67 58.47 -43.69
C HIS H 1063 11.79 59.39 -44.90
N ASN H 1064 12.06 58.80 -46.05
CA ASN H 1064 12.13 59.52 -47.32
C ASN H 1064 11.55 58.63 -48.40
N GLY H 1065 10.42 59.04 -48.96
CA GLY H 1065 9.74 58.31 -49.99
C GLY H 1065 8.25 58.34 -49.78
N ASN H 1066 7.54 57.50 -50.53
CA ASN H 1066 6.09 57.44 -50.41
C ASN H 1066 5.68 56.88 -49.06
N LEU H 1067 4.66 57.49 -48.47
CA LEU H 1067 4.16 57.09 -47.16
C LEU H 1067 2.67 57.37 -47.12
N LYS H 1068 1.86 56.31 -47.06
CA LYS H 1068 0.40 56.43 -47.11
C LYS H 1068 -0.03 57.15 -48.39
N GLY H 1069 0.60 56.79 -49.51
CA GLY H 1069 0.28 57.39 -50.79
C GLY H 1069 1.06 58.65 -51.08
N ARG H 1070 0.80 59.70 -50.31
CA ARG H 1070 1.48 60.96 -50.53
C ARG H 1070 2.97 60.83 -50.21
N PRO H 1071 3.82 61.62 -50.87
CA PRO H 1071 5.26 61.53 -50.58
C PRO H 1071 5.62 62.36 -49.37
N TYR H 1072 6.31 61.75 -48.40
CA TYR H 1072 6.72 62.41 -47.17
C TYR H 1072 8.22 62.28 -46.99
N THR H 1073 8.83 63.35 -46.49
CA THR H 1073 10.26 63.40 -46.21
C THR H 1073 10.45 64.07 -44.85
N GLY H 1074 10.81 63.29 -43.85
CA GLY H 1074 11.00 63.84 -42.52
C GLY H 1074 10.96 62.74 -41.47
N TRP H 1075 10.81 63.18 -40.23
CA TRP H 1075 10.75 62.24 -39.12
C TRP H 1075 9.40 61.53 -39.08
N VAL H 1076 9.43 60.25 -38.71
CA VAL H 1076 8.22 59.46 -38.48
C VAL H 1076 8.41 58.68 -37.20
N ASP H 1077 7.30 58.36 -36.55
CA ASP H 1077 7.35 57.49 -35.38
C ASP H 1077 7.93 56.14 -35.77
N SER H 1078 8.86 55.63 -34.96
CA SER H 1078 9.52 54.38 -35.29
C SER H 1078 8.54 53.22 -35.29
N LYS H 1079 7.59 53.22 -34.36
CA LYS H 1079 6.64 52.11 -34.23
C LYS H 1079 5.48 52.26 -35.21
N THR H 1080 4.73 53.35 -35.11
CA THR H 1080 3.53 53.52 -35.93
C THR H 1080 3.84 54.02 -37.33
N LYS H 1081 5.04 54.53 -37.58
CA LYS H 1081 5.46 55.03 -38.89
C LYS H 1081 4.67 56.25 -39.35
N GLU H 1082 3.86 56.84 -38.47
CA GLU H 1082 3.09 58.01 -38.85
C GLU H 1082 3.99 59.24 -38.89
N PRO H 1083 3.75 60.18 -39.81
CA PRO H 1083 4.59 61.39 -39.84
C PRO H 1083 4.50 62.16 -38.53
N VAL H 1084 5.65 62.66 -38.07
CA VAL H 1084 5.72 63.49 -36.88
C VAL H 1084 6.55 64.72 -37.23
N ASP H 1085 6.03 65.89 -36.94
CA ASP H 1085 6.73 67.14 -37.20
C ASP H 1085 7.61 67.50 -36.01
N ASP H 1086 8.68 68.24 -36.29
CA ASP H 1086 9.60 68.65 -35.23
C ASP H 1086 8.88 69.43 -34.15
N LYS H 1087 7.89 70.24 -34.54
CA LYS H 1087 7.03 70.91 -33.57
C LYS H 1087 6.44 69.90 -32.58
N ASP H 1088 5.90 68.80 -33.10
CA ASP H 1088 5.21 67.83 -32.28
C ASP H 1088 6.14 66.83 -31.60
N VAL H 1089 7.43 66.81 -31.97
CA VAL H 1089 8.35 65.87 -31.35
C VAL H 1089 8.40 66.09 -29.85
N LYS H 1090 8.50 67.36 -29.42
CA LYS H 1090 8.53 67.66 -28.00
C LYS H 1090 7.23 67.22 -27.33
N ALA H 1091 6.10 67.69 -27.85
CA ALA H 1091 4.81 67.38 -27.23
C ALA H 1091 4.53 65.88 -27.18
N LYS H 1092 5.14 65.10 -28.07
CA LYS H 1092 4.87 63.66 -28.15
C LYS H 1092 5.89 62.81 -27.41
N TYR H 1093 7.11 63.30 -27.17
CA TYR H 1093 8.17 62.46 -26.63
C TYR H 1093 8.94 63.09 -25.47
N GLU H 1094 8.59 64.29 -25.02
CA GLU H 1094 9.32 64.90 -23.91
C GLU H 1094 9.16 64.07 -22.65
N THR H 1095 7.93 63.63 -22.36
CA THR H 1095 7.71 62.83 -21.16
C THR H 1095 8.48 61.52 -21.23
N SER H 1096 8.45 60.85 -22.39
CA SER H 1096 9.16 59.59 -22.52
C SER H 1096 10.68 59.78 -22.38
N ILE H 1097 11.21 60.83 -23.01
CA ILE H 1097 12.64 61.09 -22.94
C ILE H 1097 13.06 61.37 -21.50
N LEU H 1098 12.31 62.21 -20.80
CA LEU H 1098 12.63 62.53 -19.41
C LEU H 1098 12.51 61.30 -18.52
N GLU H 1099 11.50 60.46 -18.77
CA GLU H 1099 11.29 59.30 -17.93
C GLU H 1099 12.33 58.21 -18.17
N HIS H 1100 12.86 58.12 -19.38
CA HIS H 1100 13.85 57.10 -19.74
C HIS H 1100 15.16 57.73 -20.15
N SER H 1101 15.54 58.82 -19.48
CA SER H 1101 16.89 59.36 -19.60
C SER H 1101 17.38 59.75 -18.21
N GLY H 1102 18.71 59.81 -18.07
CA GLY H 1102 19.29 60.26 -16.82
C GLY H 1102 19.25 59.20 -15.74
N ILE H 1103 19.40 59.64 -14.49
CA ILE H 1103 19.36 58.76 -13.35
C ILE H 1103 17.93 58.34 -13.10
N ARG H 1104 17.70 57.03 -13.04
CA ARG H 1104 16.35 56.48 -12.96
C ARG H 1104 16.45 55.04 -12.48
N LEU H 1105 15.30 54.43 -12.22
CA LEU H 1105 15.27 53.05 -11.77
C LEU H 1105 15.93 52.14 -12.80
N ILE H 1106 16.71 51.17 -12.31
CA ILE H 1106 17.41 50.26 -13.21
C ILE H 1106 16.40 49.50 -14.05
N GLU H 1107 16.65 49.45 -15.36
CA GLU H 1107 15.75 48.81 -16.30
C GLU H 1107 16.32 47.46 -16.68
N PRO H 1108 15.70 46.33 -16.29
CA PRO H 1108 16.30 45.03 -16.61
C PRO H 1108 16.46 44.77 -18.10
N GLU H 1109 15.63 45.40 -18.93
CA GLU H 1109 15.71 45.19 -20.37
C GLU H 1109 17.01 45.76 -20.93
N LEU H 1110 17.61 46.73 -20.23
CA LEU H 1110 18.88 47.29 -20.63
C LEU H 1110 20.08 46.57 -20.03
N PHE H 1111 19.86 45.61 -19.12
CA PHE H 1111 20.93 44.88 -18.45
C PHE H 1111 20.60 43.39 -18.40
N ASN H 1112 19.92 42.89 -19.42
CA ASN H 1112 19.71 41.46 -19.60
C ASN H 1112 18.82 40.89 -18.50
N GLY H 1113 17.68 41.52 -18.28
CA GLY H 1113 16.75 41.04 -17.27
C GLY H 1113 17.30 41.09 -15.86
N TYR H 1114 18.18 42.05 -15.60
CA TYR H 1114 18.72 42.24 -14.25
C TYR H 1114 17.76 43.11 -13.47
N ASN H 1115 17.11 42.51 -12.48
CA ASN H 1115 16.20 43.22 -11.59
C ASN H 1115 16.84 43.34 -10.22
N PRO H 1116 17.27 44.52 -9.77
CA PRO H 1116 17.87 44.60 -8.43
C PRO H 1116 16.92 44.19 -7.32
N GLU H 1117 15.62 44.35 -7.52
CA GLU H 1117 14.65 43.87 -6.54
C GLU H 1117 14.60 42.36 -6.47
N LYS H 1118 15.08 41.67 -7.51
CA LYS H 1118 15.09 40.20 -7.57
C LYS H 1118 16.43 39.79 -8.16
N LYS H 1119 17.43 39.62 -7.30
CA LYS H 1119 18.79 39.29 -7.73
C LYS H 1119 19.03 37.80 -7.56
N GLU H 1120 19.37 37.14 -8.66
CA GLU H 1120 19.52 35.68 -8.66
C GLU H 1120 20.77 35.26 -7.90
N MET H 1121 20.60 34.28 -7.01
CA MET H 1121 21.69 33.60 -6.33
C MET H 1121 21.35 32.11 -6.34
N ILE H 1122 22.33 31.28 -5.96
CA ILE H 1122 22.09 29.85 -5.80
C ILE H 1122 22.65 29.42 -4.44
N GLN H 1123 21.99 28.45 -3.83
CA GLN H 1123 22.34 27.95 -2.50
C GLN H 1123 22.76 26.49 -2.63
N GLU H 1124 23.89 26.15 -2.02
CA GLU H 1124 24.32 24.78 -1.89
C GLU H 1124 23.53 24.10 -0.79
N VAL H 1125 22.90 22.96 -1.12
CA VAL H 1125 22.27 22.11 -0.12
C VAL H 1125 22.71 20.69 -0.39
N ILE H 1126 22.63 19.86 0.66
CA ILE H 1126 22.94 18.45 0.57
C ILE H 1126 21.64 17.69 0.29
N VAL H 1127 21.63 16.90 -0.78
CA VAL H 1127 20.43 16.15 -1.14
C VAL H 1127 20.13 15.13 -0.04
N GLU H 1128 18.86 15.05 0.34
CA GLU H 1128 18.41 14.17 1.41
C GLU H 1128 17.72 12.91 0.92
N GLU H 1129 17.17 12.94 -0.30
CA GLU H 1129 16.56 11.76 -0.90
C GLU H 1129 16.95 11.68 -2.37
N ASP H 1130 16.92 10.47 -2.91
CA ASP H 1130 17.27 10.28 -4.31
C ASP H 1130 16.26 10.99 -5.20
N LEU H 1131 16.72 11.98 -5.95
CA LEU H 1131 15.86 12.64 -6.92
C LEU H 1131 15.46 11.65 -8.01
N GLU H 1132 14.33 11.92 -8.65
CA GLU H 1132 13.87 11.04 -9.71
C GLU H 1132 14.81 11.14 -10.91
N PRO H 1133 14.92 10.09 -11.72
CA PRO H 1133 15.74 10.18 -12.92
C PRO H 1133 15.20 11.22 -13.88
N PHE H 1134 16.11 11.86 -14.62
CA PHE H 1134 15.75 12.74 -15.71
C PHE H 1134 16.60 12.41 -16.93
N GLU H 1135 15.95 12.35 -18.09
CA GLU H 1135 16.65 12.04 -19.33
C GLU H 1135 17.73 13.07 -19.60
N ALA H 1136 18.89 12.60 -20.03
CA ALA H 1136 20.02 13.47 -20.33
C ALA H 1136 20.85 12.84 -21.43
N SER H 1137 21.64 13.68 -22.11
CA SER H 1137 22.50 13.18 -23.16
C SER H 1137 23.59 12.28 -22.57
N LYS H 1138 24.26 11.54 -23.44
CA LYS H 1138 25.33 10.65 -22.98
C LYS H 1138 26.48 11.44 -22.38
N GLU H 1139 26.93 12.49 -23.09
CA GLU H 1139 28.03 13.31 -22.59
C GLU H 1139 27.62 14.04 -21.31
N THR H 1140 26.39 14.54 -21.26
CA THR H 1140 25.93 15.24 -20.06
C THR H 1140 25.87 14.29 -18.87
N ALA H 1141 25.38 13.06 -19.08
CA ALA H 1141 25.34 12.09 -18.00
C ALA H 1141 26.75 11.72 -17.54
N GLU H 1142 27.69 11.58 -18.48
CA GLU H 1142 29.06 11.30 -18.10
C GLU H 1142 29.65 12.44 -17.27
N GLN H 1143 29.35 13.69 -17.65
CA GLN H 1143 29.80 14.83 -16.87
C GLN H 1143 29.21 14.82 -15.46
N PHE H 1144 27.92 14.51 -15.35
CA PHE H 1144 27.30 14.43 -14.03
C PHE H 1144 27.95 13.34 -13.19
N LYS H 1145 28.24 12.19 -13.79
CA LYS H 1145 28.88 11.10 -13.06
C LYS H 1145 30.28 11.49 -12.63
N HIS H 1146 31.02 12.18 -13.51
CA HIS H 1146 32.36 12.64 -13.16
C HIS H 1146 32.30 13.60 -11.98
N GLN H 1147 31.30 14.47 -11.95
CA GLN H 1147 31.17 15.40 -10.83
C GLN H 1147 30.83 14.67 -9.54
N HIS H 1148 29.71 13.96 -9.51
CA HIS H 1148 29.15 13.46 -8.27
C HIS H 1148 29.75 12.13 -7.82
N GLY H 1149 30.57 11.49 -8.64
CA GLY H 1149 31.18 10.24 -8.22
C GLY H 1149 30.11 9.18 -7.98
N ASP H 1150 30.09 8.64 -6.77
CA ASP H 1150 29.13 7.62 -6.39
C ASP H 1150 27.80 8.18 -5.90
N LYS H 1151 27.63 9.50 -5.91
CA LYS H 1151 26.40 10.13 -5.46
C LYS H 1151 25.40 10.36 -6.59
N VAL H 1152 25.71 9.89 -7.80
CA VAL H 1152 24.75 9.88 -8.90
C VAL H 1152 24.88 8.55 -9.62
N ASP H 1153 23.79 8.15 -10.27
CA ASP H 1153 23.73 6.92 -11.03
C ASP H 1153 23.24 7.25 -12.44
N ILE H 1154 24.03 6.86 -13.44
CA ILE H 1154 23.71 7.14 -14.84
C ILE H 1154 23.49 5.82 -15.55
N PHE H 1155 22.36 5.69 -16.24
CA PHE H 1155 22.01 4.46 -16.94
C PHE H 1155 21.51 4.77 -18.35
N GLU H 1156 22.04 4.05 -19.33
CA GLU H 1156 21.60 4.22 -20.70
C GLU H 1156 20.17 3.69 -20.87
N ILE H 1157 19.42 4.33 -21.75
CA ILE H 1157 18.08 3.92 -22.12
C ILE H 1157 18.18 3.18 -23.46
N PRO H 1158 18.00 1.86 -23.51
CA PRO H 1158 18.16 1.17 -24.80
C PRO H 1158 17.17 1.60 -25.85
N GLU H 1159 16.01 2.15 -25.45
CA GLU H 1159 14.99 2.53 -26.43
C GLU H 1159 15.50 3.62 -27.36
N THR H 1160 16.20 4.62 -26.82
CA THR H 1160 16.63 5.79 -27.59
C THR H 1160 18.12 6.09 -27.46
N GLY H 1161 18.85 5.40 -26.59
CA GLY H 1161 20.27 5.64 -26.42
C GLY H 1161 20.63 6.82 -25.55
N GLU H 1162 19.63 7.52 -25.00
CA GLU H 1162 19.89 8.62 -24.07
C GLU H 1162 20.34 8.04 -22.72
N TYR H 1163 20.51 8.92 -21.74
CA TYR H 1163 20.92 8.52 -20.40
C TYR H 1163 19.99 9.12 -19.37
N SER H 1164 19.70 8.33 -18.34
CA SER H 1164 18.93 8.77 -17.19
C SER H 1164 19.88 9.01 -16.03
N VAL H 1165 19.78 10.19 -15.41
CA VAL H 1165 20.66 10.61 -14.33
C VAL H 1165 19.83 10.66 -13.06
N LYS H 1166 20.22 9.88 -12.05
CA LYS H 1166 19.51 9.75 -10.79
C LYS H 1166 20.45 10.17 -9.68
N LEU H 1167 20.24 11.37 -9.13
CA LEU H 1167 21.00 11.80 -7.97
C LEU H 1167 20.56 11.01 -6.74
N LEU H 1168 21.54 10.62 -5.92
CA LEU H 1168 21.31 9.84 -4.72
C LEU H 1168 21.35 10.76 -3.50
N LYS H 1169 21.06 10.18 -2.34
CA LYS H 1169 21.15 10.93 -1.10
C LYS H 1169 22.58 11.38 -0.86
N GLY H 1170 22.73 12.59 -0.32
CA GLY H 1170 24.02 13.16 -0.04
C GLY H 1170 24.64 13.93 -1.18
N ALA H 1171 24.03 13.92 -2.37
CA ALA H 1171 24.58 14.65 -3.49
C ALA H 1171 24.47 16.15 -3.25
N THR H 1172 25.26 16.91 -4.01
CA THR H 1172 25.29 18.37 -3.91
C THR H 1172 24.34 18.95 -4.95
N LEU H 1173 23.57 19.95 -4.54
CA LEU H 1173 22.55 20.56 -5.37
C LEU H 1173 22.61 22.07 -5.20
N TYR H 1174 22.29 22.78 -6.28
CA TYR H 1174 22.19 24.23 -6.28
C TYR H 1174 20.77 24.63 -6.63
N ILE H 1175 20.09 25.27 -5.69
CA ILE H 1175 18.73 25.76 -5.88
C ILE H 1175 18.81 27.28 -6.02
N PRO H 1176 18.26 27.88 -7.08
CA PRO H 1176 18.26 29.35 -7.15
C PRO H 1176 17.51 29.99 -6.00
N LYS H 1177 18.03 31.11 -5.52
CA LYS H 1177 17.34 31.96 -4.57
C LYS H 1177 17.53 33.42 -4.99
N ALA H 1178 16.61 34.26 -4.53
CA ALA H 1178 16.53 35.65 -4.96
C ALA H 1178 16.87 36.56 -3.79
N LEU H 1179 17.68 37.58 -4.05
CA LEU H 1179 18.11 38.53 -3.05
C LEU H 1179 17.56 39.91 -3.40
N ARG H 1180 16.89 40.54 -2.43
CA ARG H 1180 16.37 41.89 -2.58
C ARG H 1180 17.51 42.86 -2.34
N PHE H 1181 17.95 43.54 -3.39
CA PHE H 1181 19.08 44.45 -3.33
C PHE H 1181 18.57 45.90 -3.34
N ASP H 1182 19.24 46.75 -2.56
CA ASP H 1182 18.73 48.07 -2.23
C ASP H 1182 19.33 49.20 -3.07
N ARG H 1183 20.01 48.87 -4.17
CA ARG H 1183 20.45 49.87 -5.15
C ARG H 1183 19.61 49.66 -6.41
N LEU H 1184 18.51 50.41 -6.51
CA LEU H 1184 17.55 50.25 -7.58
C LEU H 1184 17.69 51.28 -8.68
N VAL H 1185 18.42 52.37 -8.44
CA VAL H 1185 18.52 53.50 -9.35
C VAL H 1185 19.96 53.61 -9.84
N ALA H 1186 20.13 53.80 -11.14
CA ALA H 1186 21.44 53.94 -11.75
C ALA H 1186 21.35 54.91 -12.92
N GLY H 1187 22.46 55.56 -13.22
CA GLY H 1187 22.52 56.45 -14.37
C GLY H 1187 22.67 55.63 -15.64
N GLN H 1188 21.60 55.50 -16.40
CA GLN H 1188 21.54 54.60 -17.54
C GLN H 1188 21.39 55.40 -18.82
N ILE H 1189 22.07 54.92 -19.87
CA ILE H 1189 21.98 55.49 -21.20
C ILE H 1189 20.50 55.45 -21.58
N PRO H 1190 19.96 56.42 -22.31
CA PRO H 1190 18.52 56.45 -22.54
C PRO H 1190 18.00 55.18 -23.20
N THR H 1191 16.83 54.74 -22.75
CA THR H 1191 16.24 53.53 -23.29
C THR H 1191 15.96 53.69 -24.77
N GLY H 1192 16.23 52.65 -25.54
CA GLY H 1192 16.17 52.71 -26.98
C GLY H 1192 17.47 53.09 -27.64
N TRP H 1193 18.49 53.47 -26.87
CA TRP H 1193 19.81 53.67 -27.43
C TRP H 1193 20.31 52.38 -28.07
N ASN H 1194 20.62 52.45 -29.36
CA ASN H 1194 21.07 51.30 -30.12
C ASN H 1194 22.24 51.71 -30.99
N ALA H 1195 23.23 50.82 -31.08
CA ALA H 1195 24.38 51.10 -31.93
C ALA H 1195 24.00 51.10 -33.41
N LYS H 1196 22.96 50.35 -33.78
CA LYS H 1196 22.48 50.39 -35.15
C LYS H 1196 22.01 51.77 -35.54
N THR H 1197 21.50 52.55 -34.58
CA THR H 1197 21.09 53.91 -34.87
C THR H 1197 22.26 54.76 -35.32
N TYR H 1198 23.43 54.55 -34.72
CA TYR H 1198 24.64 55.24 -35.15
C TYR H 1198 25.32 54.57 -36.33
N GLY H 1199 24.91 53.35 -36.68
CA GLY H 1199 25.37 52.69 -37.88
C GLY H 1199 26.31 51.54 -37.69
N ILE H 1200 26.49 51.06 -36.46
CA ILE H 1200 27.36 49.91 -36.21
C ILE H 1200 26.62 48.65 -36.62
N SER H 1201 27.32 47.76 -37.32
CA SER H 1201 26.68 46.59 -37.90
C SER H 1201 26.28 45.60 -36.80
N ASP H 1202 25.27 44.78 -37.13
CA ASP H 1202 24.79 43.79 -36.17
C ASP H 1202 25.87 42.77 -35.85
N ASP H 1203 26.73 42.45 -36.83
CA ASP H 1203 27.83 41.53 -36.55
C ASP H 1203 28.79 42.11 -35.53
N ILE H 1204 29.12 43.41 -35.65
CA ILE H 1204 29.96 44.06 -34.66
C ILE H 1204 29.27 44.07 -33.31
N ILE H 1205 27.96 44.32 -33.30
CA ILE H 1205 27.21 44.37 -32.03
C ILE H 1205 27.26 43.01 -31.34
N SER H 1206 27.10 41.94 -32.11
CA SER H 1206 27.17 40.60 -31.53
C SER H 1206 28.58 40.29 -31.05
N GLN H 1207 29.59 40.75 -31.79
CA GLN H 1207 30.97 40.40 -31.45
C GLN H 1207 31.44 41.11 -30.19
N VAL H 1208 31.20 42.42 -30.10
CA VAL H 1208 31.81 43.25 -29.07
C VAL H 1208 30.82 43.48 -27.93
N ASP H 1209 31.34 44.04 -26.84
CA ASP H 1209 30.53 44.33 -25.67
C ASP H 1209 29.81 45.67 -25.80
N PRO H 1210 28.76 45.88 -25.00
CA PRO H 1210 28.09 47.19 -25.02
C PRO H 1210 29.02 48.34 -24.71
N ILE H 1211 29.98 48.14 -23.81
CA ILE H 1211 30.97 49.18 -23.56
C ILE H 1211 31.74 49.51 -24.83
N THR H 1212 32.13 48.49 -25.59
CA THR H 1212 32.85 48.74 -26.83
C THR H 1212 31.97 49.50 -27.82
N LEU H 1213 30.67 49.19 -27.85
CA LEU H 1213 29.78 49.95 -28.72
C LEU H 1213 29.69 51.41 -28.29
N PHE H 1214 29.60 51.64 -26.98
CA PHE H 1214 29.59 53.01 -26.47
C PHE H 1214 30.85 53.74 -26.89
N VAL H 1215 31.99 53.07 -26.80
CA VAL H 1215 33.27 53.70 -27.14
C VAL H 1215 33.36 53.98 -28.63
N LEU H 1216 32.88 53.06 -29.46
CA LEU H 1216 32.90 53.30 -30.89
C LEU H 1216 32.04 54.49 -31.27
N VAL H 1217 30.85 54.59 -30.68
CA VAL H 1217 29.98 55.73 -30.95
C VAL H 1217 30.64 57.02 -30.46
N SER H 1218 31.24 56.98 -29.26
CA SER H 1218 31.87 58.17 -28.72
C SER H 1218 33.05 58.62 -29.57
N VAL H 1219 33.83 57.66 -30.08
CA VAL H 1219 34.97 58.01 -30.92
C VAL H 1219 34.49 58.63 -32.23
N VAL H 1220 33.45 58.04 -32.84
CA VAL H 1220 32.94 58.60 -34.09
C VAL H 1220 32.40 60.01 -33.87
N GLU H 1221 31.64 60.21 -32.79
CA GLU H 1221 31.10 61.54 -32.50
C GLU H 1221 32.20 62.52 -32.15
N ALA H 1222 33.26 62.06 -31.48
CA ALA H 1222 34.38 62.94 -31.17
C ALA H 1222 35.09 63.39 -32.43
N PHE H 1223 35.26 62.46 -33.39
CA PHE H 1223 35.88 62.85 -34.65
C PHE H 1223 34.97 63.78 -35.45
N ILE H 1224 33.67 63.57 -35.38
CA ILE H 1224 32.72 64.48 -36.04
C ILE H 1224 32.83 65.87 -35.42
N ALA H 1225 32.92 65.93 -34.09
CA ALA H 1225 33.11 67.21 -33.42
C ALA H 1225 34.43 67.86 -33.81
N SER H 1226 35.48 67.05 -34.02
CA SER H 1226 36.74 67.54 -34.57
C SER H 1226 36.66 67.84 -36.05
N GLY H 1227 35.53 67.56 -36.70
CA GLY H 1227 35.38 67.81 -38.11
C GLY H 1227 36.03 66.76 -39.00
N ILE H 1228 36.62 65.73 -38.42
CA ILE H 1228 37.31 64.68 -39.17
C ILE H 1228 36.24 63.66 -39.53
N THR H 1229 35.58 63.89 -40.67
CA THR H 1229 34.55 62.94 -41.11
C THR H 1229 35.17 61.61 -41.50
N ASP H 1230 36.30 61.65 -42.19
CA ASP H 1230 37.05 60.46 -42.57
C ASP H 1230 38.25 60.33 -41.65
N PRO H 1231 38.35 59.29 -40.81
CA PRO H 1231 39.54 59.19 -39.94
C PRO H 1231 40.85 59.11 -40.71
N TYR H 1232 40.82 58.66 -41.97
CA TYR H 1232 42.05 58.63 -42.76
C TYR H 1232 42.51 60.01 -43.19
N GLU H 1233 41.67 61.04 -43.02
CA GLU H 1233 42.09 62.40 -43.33
C GLU H 1233 43.28 62.83 -42.48
N MET H 1234 43.43 62.23 -41.30
CA MET H 1234 44.57 62.54 -40.44
C MET H 1234 45.88 62.07 -41.08
N TYR H 1235 45.84 60.97 -41.82
CA TYR H 1235 47.05 60.45 -42.43
C TYR H 1235 47.53 61.31 -43.59
N LYS H 1236 46.73 62.29 -44.04
CA LYS H 1236 47.23 63.29 -44.96
C LYS H 1236 48.24 64.21 -44.30
N TYR H 1237 48.21 64.29 -42.95
CA TYR H 1237 49.04 65.22 -42.20
C TYR H 1237 50.05 64.55 -41.28
N VAL H 1238 49.77 63.35 -40.79
CA VAL H 1238 50.65 62.65 -39.88
C VAL H 1238 50.85 61.22 -40.37
N HIS H 1239 51.91 60.59 -39.89
CA HIS H 1239 52.15 59.19 -40.20
C HIS H 1239 51.20 58.31 -39.41
N VAL H 1240 50.99 57.09 -39.91
CA VAL H 1240 50.11 56.15 -39.22
C VAL H 1240 50.64 55.86 -37.82
N SER H 1241 51.95 55.95 -37.63
CA SER H 1241 52.56 55.76 -36.33
C SER H 1241 52.37 56.97 -35.40
N GLU H 1242 51.86 58.08 -35.91
CA GLU H 1242 51.75 59.32 -35.15
C GLU H 1242 50.34 59.54 -34.58
N VAL H 1243 49.44 58.57 -34.70
CA VAL H 1243 48.08 58.66 -34.17
C VAL H 1243 47.91 57.57 -33.14
N GLY H 1244 47.67 57.97 -31.88
CA GLY H 1244 47.61 57.04 -30.77
C GLY H 1244 46.22 57.01 -30.17
N ASN H 1245 46.02 56.03 -29.29
CA ASN H 1245 44.78 55.89 -28.55
C ASN H 1245 45.14 55.56 -27.10
N CYS H 1246 45.02 56.54 -26.22
CA CYS H 1246 45.41 56.40 -24.82
C CYS H 1246 44.21 56.41 -23.87
N SER H 1247 43.03 56.07 -24.37
CA SER H 1247 41.85 55.95 -23.52
C SER H 1247 41.80 54.56 -22.87
N GLY H 1248 40.98 54.45 -21.83
CA GLY H 1248 40.87 53.19 -21.12
C GLY H 1248 39.62 53.10 -20.28
N SER H 1249 39.61 52.11 -19.40
CA SER H 1249 38.47 51.83 -18.55
C SER H 1249 38.95 51.50 -17.14
N GLY H 1250 38.09 51.76 -16.16
CA GLY H 1250 38.37 51.31 -14.81
C GLY H 1250 38.14 49.83 -14.61
N MET H 1251 37.15 49.27 -15.30
CA MET H 1251 36.80 47.86 -15.17
C MET H 1251 36.66 47.12 -16.50
N GLY H 1252 36.52 47.81 -17.62
CA GLY H 1252 36.53 47.18 -18.93
C GLY H 1252 35.23 46.50 -19.29
N GLY H 1253 35.33 45.39 -20.03
CA GLY H 1253 34.17 44.66 -20.49
C GLY H 1253 33.55 43.81 -19.40
N VAL H 1254 32.87 44.46 -18.46
CA VAL H 1254 32.28 43.73 -17.34
C VAL H 1254 31.23 42.74 -17.82
N SER H 1255 30.57 43.04 -18.95
CA SER H 1255 29.64 42.08 -19.53
C SER H 1255 30.38 40.80 -19.96
N ALA H 1256 31.54 40.95 -20.59
CA ALA H 1256 32.32 39.79 -20.99
C ALA H 1256 32.88 39.06 -19.77
N LEU H 1257 33.28 39.80 -18.74
CA LEU H 1257 33.71 39.16 -17.51
C LEU H 1257 32.60 38.34 -16.89
N ARG H 1258 31.39 38.92 -16.83
CA ARG H 1258 30.25 38.18 -16.31
C ARG H 1258 29.99 36.95 -17.17
N GLY H 1259 30.07 37.09 -18.48
CA GLY H 1259 29.96 35.92 -19.35
C GLY H 1259 30.92 34.83 -18.95
N MET H 1260 32.21 35.12 -18.96
CA MET H 1260 33.22 34.10 -18.75
C MET H 1260 33.16 33.51 -17.34
N PHE H 1261 32.74 34.31 -16.35
CA PHE H 1261 32.76 33.85 -14.97
C PHE H 1261 31.47 33.16 -14.54
N LYS H 1262 30.31 33.53 -15.11
CA LYS H 1262 29.02 33.02 -14.68
C LYS H 1262 28.31 32.24 -15.79
N ASP H 1263 28.21 32.79 -17.00
CA ASP H 1263 27.48 32.10 -18.05
C ASP H 1263 28.21 30.82 -18.46
N ARG H 1264 29.54 30.88 -18.52
CA ARG H 1264 30.31 29.67 -18.79
C ARG H 1264 30.17 28.66 -17.64
N PHE H 1265 30.13 29.16 -16.40
CA PHE H 1265 29.94 28.29 -15.25
C PHE H 1265 28.59 27.59 -15.32
N LYS H 1266 27.58 28.29 -15.82
CA LYS H 1266 26.24 27.74 -15.99
C LYS H 1266 26.07 27.03 -17.33
N ASP H 1267 27.10 27.00 -18.16
CA ASP H 1267 27.06 26.31 -19.46
C ASP H 1267 26.06 26.95 -20.42
N GLU H 1268 25.81 28.25 -20.26
CA GLU H 1268 25.01 28.99 -21.21
C GLU H 1268 25.83 29.27 -22.46
N PRO H 1269 25.18 29.52 -23.61
CA PRO H 1269 25.95 29.79 -24.83
C PRO H 1269 26.73 31.09 -24.74
N VAL H 1270 28.06 30.99 -24.75
CA VAL H 1270 28.96 32.14 -24.66
C VAL H 1270 29.97 32.02 -25.80
N GLN H 1271 30.27 33.15 -26.43
CA GLN H 1271 31.24 33.15 -27.52
C GLN H 1271 32.61 32.76 -27.01
N ASN H 1272 33.38 32.09 -27.86
CA ASN H 1272 34.68 31.57 -27.44
C ASN H 1272 35.72 32.67 -27.24
N ASP H 1273 35.45 33.89 -27.70
CA ASP H 1273 36.39 35.01 -27.61
C ASP H 1273 35.90 36.08 -26.63
N ILE H 1274 35.10 35.66 -25.66
CA ILE H 1274 34.66 36.57 -24.62
C ILE H 1274 35.85 37.07 -23.81
N LEU H 1275 36.95 36.30 -23.79
CA LEU H 1275 38.14 36.73 -23.07
C LEU H 1275 38.73 37.99 -23.69
N GLN H 1276 38.96 38.00 -25.01
CA GLN H 1276 39.46 39.23 -25.61
C GLN H 1276 38.40 40.32 -25.55
N GLU H 1277 37.12 39.96 -25.55
CA GLU H 1277 36.12 41.01 -25.44
C GLU H 1277 36.05 41.60 -24.04
N SER H 1278 36.66 40.95 -23.04
CA SER H 1278 36.65 41.46 -21.68
C SER H 1278 37.80 42.42 -21.35
N PHE H 1279 38.87 42.43 -22.15
CA PHE H 1279 40.03 43.25 -21.80
C PHE H 1279 39.68 44.74 -21.82
N ILE H 1280 40.35 45.51 -20.96
CA ILE H 1280 40.13 46.95 -20.91
C ILE H 1280 40.65 47.61 -22.19
N ASN H 1281 41.70 47.05 -22.78
CA ASN H 1281 42.26 47.56 -24.02
C ASN H 1281 41.55 47.06 -25.27
N THR H 1282 40.55 46.18 -25.10
CA THR H 1282 39.81 45.69 -26.26
C THR H 1282 39.03 46.81 -26.93
N MET H 1283 38.46 47.74 -26.15
CA MET H 1283 37.71 48.83 -26.74
C MET H 1283 38.61 49.70 -27.62
N SER H 1284 39.80 50.04 -27.12
CA SER H 1284 40.74 50.81 -27.92
C SER H 1284 41.19 50.01 -29.14
N ALA H 1285 41.39 48.72 -28.98
CA ALA H 1285 41.75 47.87 -30.11
C ALA H 1285 40.68 47.94 -31.19
N TRP H 1286 39.41 47.76 -30.80
CA TRP H 1286 38.31 47.78 -31.77
C TRP H 1286 38.18 49.15 -32.42
N VAL H 1287 38.38 50.22 -31.65
CA VAL H 1287 38.38 51.56 -32.24
C VAL H 1287 39.43 51.65 -33.33
N ASN H 1288 40.66 51.23 -33.01
CA ASN H 1288 41.75 51.34 -33.98
C ASN H 1288 41.46 50.52 -35.22
N MET H 1289 40.94 49.30 -35.05
CA MET H 1289 40.80 48.37 -36.16
C MET H 1289 39.40 48.37 -36.75
N LEU H 1290 38.56 49.33 -36.40
CA LEU H 1290 37.32 49.61 -37.13
C LEU H 1290 37.32 50.99 -37.76
N LEU H 1291 38.07 51.96 -37.21
CA LEU H 1291 37.99 53.33 -37.65
C LEU H 1291 39.33 53.97 -37.99
N ILE H 1292 40.38 53.68 -37.22
CA ILE H 1292 41.59 54.50 -37.28
C ILE H 1292 42.62 53.88 -38.21
N SER H 1293 42.97 52.62 -37.99
CA SER H 1293 44.02 51.91 -38.73
C SER H 1293 45.41 52.45 -38.39
N SER H 1294 45.52 53.27 -37.36
CA SER H 1294 46.80 53.82 -36.95
C SER H 1294 47.68 52.71 -36.39
N SER H 1295 48.97 52.84 -36.64
CA SER H 1295 49.98 52.02 -35.96
C SER H 1295 50.73 52.84 -34.93
N GLY H 1296 50.06 53.83 -34.35
CA GLY H 1296 50.67 54.70 -33.37
C GLY H 1296 50.51 54.17 -31.97
N PRO H 1297 51.01 54.94 -31.01
CA PRO H 1297 51.11 54.43 -29.64
C PRO H 1297 49.74 54.15 -29.03
N ILE H 1298 49.63 52.96 -28.43
CA ILE H 1298 48.45 52.52 -27.72
C ILE H 1298 48.84 52.34 -26.26
N LYS H 1299 48.12 53.01 -25.37
CA LYS H 1299 48.43 53.01 -23.94
C LYS H 1299 47.13 53.09 -23.17
N THR H 1300 46.57 51.95 -22.80
CA THR H 1300 45.25 51.90 -22.18
C THR H 1300 45.41 52.05 -20.67
N PRO H 1301 44.94 53.14 -20.06
CA PRO H 1301 45.12 53.28 -18.60
C PRO H 1301 43.94 52.71 -17.80
N VAL H 1302 44.25 52.39 -16.54
CA VAL H 1302 43.25 52.02 -15.54
C VAL H 1302 43.47 52.92 -14.35
N GLY H 1303 42.43 53.64 -13.94
CA GLY H 1303 42.52 54.55 -12.82
C GLY H 1303 41.25 54.60 -12.00
N ALA H 1304 40.40 53.59 -12.14
CA ALA H 1304 39.08 53.55 -11.51
C ALA H 1304 38.33 54.78 -12.02
N CYS H 1305 37.96 55.73 -11.17
CA CYS H 1305 37.21 56.90 -11.62
C CYS H 1305 38.09 57.98 -12.23
N ALA H 1306 39.41 57.89 -12.06
CA ALA H 1306 40.35 58.87 -12.61
C ALA H 1306 41.01 58.40 -13.89
N THR H 1307 40.50 57.34 -14.52
CA THR H 1307 41.16 56.80 -15.69
C THR H 1307 41.12 57.79 -16.85
N SER H 1308 40.12 58.68 -16.86
CA SER H 1308 40.01 59.63 -17.97
C SER H 1308 41.05 60.75 -17.84
N VAL H 1309 41.26 61.25 -16.63
CA VAL H 1309 42.34 62.20 -16.42
C VAL H 1309 43.68 61.51 -16.65
N GLU H 1310 43.79 60.25 -16.24
CA GLU H 1310 44.97 59.45 -16.57
C GLU H 1310 45.20 59.41 -18.08
N SER H 1311 44.13 59.15 -18.83
CA SER H 1311 44.23 59.06 -20.28
C SER H 1311 44.63 60.38 -20.90
N VAL H 1312 44.07 61.48 -20.40
CA VAL H 1312 44.43 62.79 -20.91
C VAL H 1312 45.91 63.06 -20.65
N ASP H 1313 46.39 62.72 -19.45
CA ASP H 1313 47.78 63.00 -19.11
C ASP H 1313 48.73 62.11 -19.91
N ILE H 1314 48.37 60.83 -20.08
CA ILE H 1314 49.20 59.92 -20.86
C ILE H 1314 49.23 60.36 -22.31
N GLY H 1315 48.09 60.77 -22.86
CA GLY H 1315 48.06 61.24 -24.24
C GLY H 1315 48.85 62.52 -24.42
N VAL H 1316 48.74 63.44 -23.46
CA VAL H 1316 49.54 64.66 -23.49
C VAL H 1316 51.00 64.30 -23.54
N GLU H 1317 51.44 63.42 -22.64
CA GLU H 1317 52.86 63.06 -22.60
C GLU H 1317 53.30 62.34 -23.86
N THR H 1318 52.40 61.53 -24.45
CA THR H 1318 52.71 60.91 -25.73
C THR H 1318 52.96 61.96 -26.80
N ILE H 1319 52.10 62.97 -26.87
CA ILE H 1319 52.26 64.00 -27.90
C ILE H 1319 53.51 64.81 -27.65
N LEU H 1320 53.78 65.18 -26.39
CA LEU H 1320 54.99 65.95 -26.10
C LEU H 1320 56.25 65.14 -26.39
N SER H 1321 56.24 63.84 -26.08
CA SER H 1321 57.37 63.00 -26.46
C SER H 1321 57.48 62.83 -27.96
N GLY H 1322 56.39 63.07 -28.69
CA GLY H 1322 56.42 63.00 -30.14
C GLY H 1322 56.18 61.62 -30.71
N LYS H 1323 55.91 60.62 -29.87
CA LYS H 1323 55.51 59.31 -30.38
C LYS H 1323 54.14 59.38 -31.03
N ALA H 1324 53.37 60.42 -30.73
CA ALA H 1324 52.12 60.71 -31.43
C ALA H 1324 52.03 62.20 -31.69
N ARG H 1325 51.16 62.55 -32.63
CA ARG H 1325 50.75 63.93 -32.86
C ARG H 1325 49.26 64.13 -32.64
N ILE H 1326 48.47 63.07 -32.86
CA ILE H 1326 47.05 63.04 -32.55
C ILE H 1326 46.84 61.89 -31.58
N CYS H 1327 45.97 62.08 -30.60
CA CYS H 1327 45.67 61.03 -29.64
C CYS H 1327 44.19 61.04 -29.31
N ILE H 1328 43.68 59.82 -29.11
CA ILE H 1328 42.31 59.58 -28.67
C ILE H 1328 42.37 59.27 -27.18
N VAL H 1329 42.02 60.26 -26.35
CA VAL H 1329 42.04 60.10 -24.91
C VAL H 1329 40.60 60.00 -24.45
N GLY H 1330 40.42 59.68 -23.18
CA GLY H 1330 39.10 59.59 -22.59
C GLY H 1330 39.01 58.35 -21.72
N GLY H 1331 37.77 58.03 -21.35
CA GLY H 1331 37.54 56.90 -20.47
C GLY H 1331 36.14 56.34 -20.65
N TYR H 1332 36.01 55.07 -20.31
CA TYR H 1332 34.73 54.39 -20.50
C TYR H 1332 34.54 53.32 -19.43
N ASP H 1333 33.28 53.09 -19.07
CA ASP H 1333 32.94 51.97 -18.21
C ASP H 1333 31.44 51.71 -18.33
N ASP H 1334 31.03 50.52 -17.89
CA ASP H 1334 29.67 50.05 -18.05
C ASP H 1334 29.09 49.69 -16.68
N PHE H 1335 27.76 49.72 -16.60
CA PHE H 1335 27.02 49.36 -15.40
C PHE H 1335 26.52 47.94 -15.57
N GLN H 1336 26.74 47.10 -14.55
CA GLN H 1336 26.28 45.73 -14.59
C GLN H 1336 25.93 45.27 -13.18
N GLU H 1337 25.28 44.11 -13.12
CA GLU H 1337 24.74 43.59 -11.88
C GLU H 1337 25.82 43.43 -10.82
N GLU H 1338 26.92 42.77 -11.18
CA GLU H 1338 27.90 42.38 -10.18
C GLU H 1338 28.68 43.58 -9.68
N GLY H 1339 29.05 44.48 -10.59
CA GLY H 1339 29.71 45.71 -10.17
C GLY H 1339 28.82 46.54 -9.27
N SER H 1340 27.53 46.66 -9.63
CA SER H 1340 26.60 47.37 -8.77
C SER H 1340 26.50 46.73 -7.39
N PHE H 1341 26.43 45.40 -7.35
CA PHE H 1341 26.28 44.72 -6.07
C PHE H 1341 27.52 44.88 -5.21
N GLU H 1342 28.70 44.88 -5.83
CA GLU H 1342 29.91 45.02 -5.04
C GLU H 1342 30.08 46.46 -4.54
N PHE H 1343 29.69 47.44 -5.35
CA PHE H 1343 29.70 48.82 -4.86
C PHE H 1343 28.73 48.97 -3.69
N GLY H 1344 27.57 48.31 -3.77
CA GLY H 1344 26.67 48.28 -2.62
C GLY H 1344 27.30 47.63 -1.41
N ASN H 1345 28.05 46.54 -1.63
CA ASN H 1345 28.74 45.87 -0.53
C ASN H 1345 29.75 46.79 0.14
N MET H 1346 30.54 47.52 -0.64
CA MET H 1346 31.46 48.50 -0.07
C MET H 1346 30.75 49.73 0.48
N LYS H 1347 29.46 49.90 0.18
CA LYS H 1347 28.69 51.05 0.64
C LYS H 1347 29.16 52.35 0.00
N ALA H 1348 29.83 52.27 -1.15
CA ALA H 1348 30.23 53.47 -1.86
C ALA H 1348 29.05 54.11 -2.57
N THR H 1349 28.14 53.29 -3.09
CA THR H 1349 26.93 53.81 -3.72
C THR H 1349 25.88 54.16 -2.66
N SER H 1350 24.89 54.94 -3.07
CA SER H 1350 23.83 55.37 -2.17
C SER H 1350 22.76 54.30 -2.07
N ASN H 1351 22.24 54.09 -0.87
CA ASN H 1351 21.19 53.11 -0.64
C ASN H 1351 19.85 53.67 -1.11
N THR H 1352 19.29 53.06 -2.15
CA THR H 1352 18.07 53.59 -2.76
C THR H 1352 16.88 53.48 -1.80
N LEU H 1353 16.85 52.43 -0.98
CA LEU H 1353 15.76 52.32 0.00
C LEU H 1353 15.84 53.42 1.04
N GLU H 1354 17.05 53.75 1.51
CA GLU H 1354 17.20 54.87 2.42
C GLU H 1354 16.81 56.18 1.75
N GLU H 1355 17.15 56.33 0.47
CA GLU H 1355 16.76 57.54 -0.26
C GLU H 1355 15.25 57.66 -0.35
N PHE H 1356 14.56 56.55 -0.64
CA PHE H 1356 13.11 56.56 -0.66
C PHE H 1356 12.55 56.89 0.72
N GLU H 1357 13.15 56.34 1.77
CA GLU H 1357 12.74 56.70 3.12
C GLU H 1357 12.86 58.20 3.35
N HIS H 1358 13.92 58.82 2.82
CA HIS H 1358 14.10 60.26 2.91
C HIS H 1358 13.30 61.03 1.86
N GLY H 1359 12.56 60.34 1.01
CA GLY H 1359 11.69 61.00 0.05
C GLY H 1359 12.42 61.57 -1.14
N ARG H 1360 13.58 61.01 -1.49
CA ARG H 1360 14.38 61.47 -2.61
C ARG H 1360 13.96 60.71 -3.86
N THR H 1361 13.74 61.44 -4.95
CA THR H 1361 13.42 60.82 -6.21
C THR H 1361 14.71 60.43 -6.95
N PRO H 1362 14.61 59.53 -7.94
CA PRO H 1362 15.80 59.14 -8.71
C PRO H 1362 16.59 60.32 -9.26
N ALA H 1363 15.92 61.38 -9.70
CA ALA H 1363 16.63 62.52 -10.26
C ALA H 1363 17.49 63.22 -9.21
N GLU H 1364 17.02 63.28 -7.96
CA GLU H 1364 17.72 63.98 -6.90
C GLU H 1364 18.51 63.04 -5.99
N MET H 1365 18.67 61.77 -6.37
CA MET H 1365 19.58 60.90 -5.62
C MET H 1365 20.99 61.47 -5.55
N SER H 1366 21.54 61.88 -6.70
CA SER H 1366 22.92 62.34 -6.78
C SER H 1366 22.95 63.83 -6.46
N ARG H 1367 23.48 64.16 -5.27
CA ARG H 1367 23.50 65.53 -4.75
C ARG H 1367 24.89 65.82 -4.21
N PRO H 1368 25.87 66.09 -5.08
CA PRO H 1368 27.22 66.38 -4.61
C PRO H 1368 27.27 67.65 -3.75
N ALA H 1369 28.14 67.61 -2.75
CA ALA H 1369 28.41 68.75 -1.88
C ALA H 1369 27.14 69.20 -1.16
N THR H 1370 26.45 68.25 -0.53
CA THR H 1370 25.25 68.51 0.23
C THR H 1370 25.34 67.81 1.57
N THR H 1371 24.61 68.33 2.55
CA THR H 1371 24.63 67.75 3.88
C THR H 1371 24.14 66.30 3.91
N THR H 1372 23.23 65.93 3.02
CA THR H 1372 22.54 64.65 3.08
C THR H 1372 23.08 63.63 2.08
N ARG H 1373 24.20 63.90 1.43
CA ARG H 1373 24.76 62.94 0.49
C ARG H 1373 25.24 61.70 1.23
N ASN H 1374 24.86 60.52 0.72
CA ASN H 1374 25.19 59.26 1.38
C ASN H 1374 25.61 58.20 0.36
N GLY H 1375 26.45 58.58 -0.59
CA GLY H 1375 26.98 57.65 -1.56
C GLY H 1375 26.80 58.11 -2.99
N PHE H 1376 27.61 57.59 -3.91
CA PHE H 1376 27.58 58.04 -5.29
C PHE H 1376 26.53 57.28 -6.09
N MET H 1377 26.14 57.88 -7.21
CA MET H 1377 25.13 57.33 -8.10
C MET H 1377 25.86 56.69 -9.28
N GLU H 1378 25.85 55.37 -9.34
CA GLU H 1378 26.57 54.65 -10.37
C GLU H 1378 25.93 54.89 -11.73
N ALA H 1379 26.77 55.09 -12.74
CA ALA H 1379 26.32 55.37 -14.10
C ALA H 1379 27.15 54.54 -15.07
N GLN H 1380 26.84 54.70 -16.35
CA GLN H 1380 27.54 53.98 -17.41
C GLN H 1380 27.68 54.90 -18.62
N GLY H 1381 28.63 54.55 -19.48
CA GLY H 1381 28.82 55.26 -20.72
C GLY H 1381 30.29 55.45 -21.01
N ALA H 1382 30.55 56.29 -22.00
CA ALA H 1382 31.90 56.55 -22.46
C ALA H 1382 32.06 58.04 -22.74
N GLY H 1383 33.30 58.51 -22.68
CA GLY H 1383 33.62 59.88 -23.02
C GLY H 1383 34.98 59.92 -23.71
N ILE H 1384 35.04 60.50 -24.89
CA ILE H 1384 36.23 60.47 -25.74
C ILE H 1384 36.57 61.88 -26.16
N GLN H 1385 37.86 62.17 -26.24
CA GLN H 1385 38.37 63.44 -26.72
C GLN H 1385 39.50 63.18 -27.71
N ILE H 1386 39.48 63.92 -28.81
CA ILE H 1386 40.57 63.95 -29.78
C ILE H 1386 41.45 65.14 -29.45
N ILE H 1387 42.65 64.86 -28.95
CA ILE H 1387 43.65 65.88 -28.66
C ILE H 1387 44.73 65.78 -29.71
N MET H 1388 45.47 66.86 -29.90
CA MET H 1388 46.60 66.84 -30.81
C MET H 1388 47.47 68.07 -30.56
N GLN H 1389 48.58 68.13 -31.28
CA GLN H 1389 49.43 69.30 -31.23
C GLN H 1389 48.68 70.53 -31.73
N ALA H 1390 48.96 71.68 -31.14
CA ALA H 1390 48.33 72.91 -31.60
C ALA H 1390 48.74 73.24 -33.02
N ASP H 1391 50.02 73.03 -33.35
CA ASP H 1391 50.49 73.24 -34.71
C ASP H 1391 49.74 72.36 -35.69
N LEU H 1392 49.57 71.07 -35.35
CA LEU H 1392 48.86 70.17 -36.24
C LEU H 1392 47.39 70.53 -36.34
N ALA H 1393 46.77 70.95 -35.24
CA ALA H 1393 45.37 71.35 -35.29
C ALA H 1393 45.19 72.56 -36.20
N LEU H 1394 46.09 73.53 -36.10
CA LEU H 1394 46.01 74.71 -36.97
C LEU H 1394 46.22 74.32 -38.43
N LYS H 1395 47.18 73.43 -38.69
CA LYS H 1395 47.45 73.01 -40.05
C LYS H 1395 46.26 72.24 -40.63
N MET H 1396 45.65 71.37 -39.83
CA MET H 1396 44.48 70.62 -40.28
C MET H 1396 43.24 71.48 -40.40
N GLY H 1397 43.20 72.63 -39.71
CA GLY H 1397 41.99 73.41 -39.69
C GLY H 1397 40.86 72.74 -38.96
N VAL H 1398 41.15 72.13 -37.82
CA VAL H 1398 40.14 71.47 -36.99
C VAL H 1398 39.72 72.44 -35.88
N PRO H 1399 38.51 72.34 -35.35
CA PRO H 1399 38.15 73.21 -34.22
C PRO H 1399 39.02 72.90 -33.02
N ILE H 1400 39.22 73.92 -32.19
CA ILE H 1400 40.00 73.79 -30.96
C ILE H 1400 39.10 74.24 -29.84
N TYR H 1401 38.63 73.29 -29.03
CA TYR H 1401 37.70 73.57 -27.94
C TYR H 1401 38.41 73.98 -26.65
N GLY H 1402 39.70 73.72 -26.54
CA GLY H 1402 40.42 74.05 -25.33
C GLY H 1402 41.88 73.66 -25.47
N ILE H 1403 42.66 74.10 -24.49
CA ILE H 1403 44.08 73.82 -24.42
C ILE H 1403 44.33 73.03 -23.15
N VAL H 1404 44.91 71.84 -23.28
CA VAL H 1404 45.22 71.02 -22.10
C VAL H 1404 46.53 71.57 -21.55
N ALA H 1405 46.39 72.58 -20.69
CA ALA H 1405 47.57 73.27 -20.17
C ALA H 1405 48.34 72.41 -19.18
N MET H 1406 47.63 71.66 -18.35
CA MET H 1406 48.25 70.78 -17.36
C MET H 1406 47.46 69.49 -17.29
N ALA H 1407 48.16 68.40 -17.02
CA ALA H 1407 47.53 67.11 -16.76
C ALA H 1407 48.48 66.30 -15.91
N ALA H 1408 48.02 65.88 -14.73
CA ALA H 1408 48.88 65.19 -13.79
C ALA H 1408 48.07 64.18 -13.00
N THR H 1409 48.76 63.16 -12.52
CA THR H 1409 48.19 62.13 -11.66
C THR H 1409 49.06 62.02 -10.40
N ALA H 1410 48.46 61.45 -9.35
CA ALA H 1410 49.14 61.38 -8.07
C ALA H 1410 48.54 60.27 -7.22
N THR H 1411 49.34 59.83 -6.25
CA THR H 1411 48.91 58.93 -5.19
C THR H 1411 48.91 59.70 -3.88
N ASP H 1412 48.32 59.10 -2.84
CA ASP H 1412 48.12 59.87 -1.61
C ASP H 1412 49.23 59.64 -0.59
N LYS H 1413 49.28 58.44 0.00
CA LYS H 1413 50.18 58.16 1.11
C LYS H 1413 50.03 56.72 1.56
N ILE H 1414 50.75 56.33 2.61
CA ILE H 1414 50.65 54.97 3.13
C ILE H 1414 49.46 54.87 4.07
N GLY H 1415 48.62 53.87 3.81
CA GLY H 1415 47.39 53.63 4.56
C GLY H 1415 46.83 52.30 4.12
N ARG H 1416 45.75 51.88 4.76
CA ARG H 1416 45.17 50.57 4.54
C ARG H 1416 43.76 50.61 3.96
N SER H 1417 43.36 51.73 3.34
CA SER H 1417 42.04 51.87 2.74
C SER H 1417 42.20 52.23 1.27
N VAL H 1418 41.93 51.26 0.39
CA VAL H 1418 42.07 51.50 -1.04
C VAL H 1418 41.12 52.59 -1.54
N PRO H 1419 39.82 52.56 -1.27
CA PRO H 1419 38.93 53.59 -1.80
C PRO H 1419 38.97 54.92 -1.07
N ALA H 1420 39.78 55.05 -0.02
CA ALA H 1420 39.87 56.31 0.71
C ALA H 1420 40.53 57.36 -0.16
N PRO H 1421 39.90 58.52 -0.42
CA PRO H 1421 40.59 59.57 -1.17
C PRO H 1421 41.63 60.28 -0.33
N GLY H 1422 42.49 61.02 -1.00
CA GLY H 1422 43.55 61.75 -0.32
C GLY H 1422 43.97 63.01 -1.03
N LYS H 1423 44.92 63.72 -0.43
CA LYS H 1423 45.40 65.00 -0.93
C LYS H 1423 46.55 64.84 -1.92
N GLY H 1424 46.67 63.66 -2.54
CA GLY H 1424 47.82 63.39 -3.39
C GLY H 1424 47.99 64.38 -4.53
N ILE H 1425 46.89 64.75 -5.16
CA ILE H 1425 46.95 65.68 -6.29
C ILE H 1425 47.23 67.11 -5.85
N LEU H 1426 47.32 67.36 -4.55
CA LEU H 1426 47.74 68.68 -4.07
C LEU H 1426 49.14 69.04 -4.50
N THR H 1427 49.96 68.05 -4.88
CA THR H 1427 51.31 68.32 -5.34
C THR H 1427 51.35 69.07 -6.65
N THR H 1428 50.25 69.12 -7.40
CA THR H 1428 50.21 69.89 -8.64
C THR H 1428 50.31 71.38 -8.39
N ALA H 1429 50.09 71.82 -7.14
CA ALA H 1429 50.26 73.21 -6.75
C ALA H 1429 51.51 73.42 -5.89
N ARG H 1430 52.44 72.48 -5.92
CA ARG H 1430 53.61 72.56 -5.04
C ARG H 1430 54.51 73.71 -5.45
N GLU H 1431 54.85 74.55 -4.47
CA GLU H 1431 55.62 75.75 -4.72
C GLU H 1431 56.47 76.05 -3.50
N HIS H 1432 57.62 76.67 -3.73
CA HIS H 1432 58.56 77.04 -2.69
C HIS H 1432 58.48 78.54 -2.46
N HIS H 1433 58.34 78.94 -1.19
CA HIS H 1433 58.12 80.33 -0.82
C HIS H 1433 59.05 80.78 0.29
N SER H 1434 60.23 80.15 0.41
CA SER H 1434 61.19 80.58 1.42
C SER H 1434 61.69 81.99 1.14
N SER H 1435 61.97 82.30 -0.13
CA SER H 1435 62.52 83.58 -0.55
C SER H 1435 61.69 84.08 -1.75
N VAL H 1436 60.63 84.83 -1.46
CA VAL H 1436 59.76 85.38 -2.49
C VAL H 1436 59.63 86.88 -2.29
N LYS H 1437 60.67 87.50 -1.74
CA LYS H 1437 60.63 88.94 -1.50
C LYS H 1437 60.55 89.72 -2.80
N TYR H 1438 61.05 89.16 -3.89
CA TYR H 1438 61.07 89.82 -5.19
C TYR H 1438 60.55 88.87 -6.27
N ALA H 1439 59.86 89.46 -7.24
CA ALA H 1439 59.28 88.65 -8.32
C ALA H 1439 60.37 88.00 -9.16
N SER H 1440 60.14 86.75 -9.53
CA SER H 1440 61.08 86.05 -10.40
C SER H 1440 60.95 86.62 -11.82
N PRO H 1441 62.06 87.03 -12.47
CA PRO H 1441 61.93 87.48 -13.86
C PRO H 1441 61.51 86.36 -14.80
N ASN H 1442 61.73 85.11 -14.42
CA ASN H 1442 61.33 83.99 -15.26
C ASN H 1442 59.81 83.91 -15.40
N LEU H 1443 59.07 84.43 -14.43
CA LEU H 1443 57.62 84.45 -14.50
C LEU H 1443 57.07 85.63 -15.29
N ASN H 1444 57.93 86.57 -15.69
CA ASN H 1444 57.51 87.71 -16.50
C ASN H 1444 57.62 87.35 -17.98
N MET H 1445 56.54 87.58 -18.73
CA MET H 1445 56.51 87.14 -20.13
C MET H 1445 57.41 88.00 -21.01
N LYS H 1446 57.55 89.29 -20.71
CA LYS H 1446 58.43 90.14 -21.51
C LYS H 1446 59.87 89.65 -21.42
N TYR H 1447 60.31 89.26 -20.22
CA TYR H 1447 61.65 88.74 -20.06
C TYR H 1447 61.86 87.49 -20.90
N ARG H 1448 60.90 86.57 -20.88
CA ARG H 1448 61.02 85.34 -21.64
C ARG H 1448 61.04 85.62 -23.13
N LYS H 1449 60.24 86.58 -23.60
CA LYS H 1449 60.27 86.94 -25.01
C LYS H 1449 61.61 87.57 -25.39
N ARG H 1450 62.19 88.37 -24.49
CA ARG H 1450 63.52 88.92 -24.75
C ARG H 1450 64.54 87.81 -24.92
N GLN H 1451 64.52 86.82 -24.01
CA GLN H 1451 65.43 85.69 -24.15
C GLN H 1451 65.19 84.94 -25.45
N LEU H 1452 63.91 84.79 -25.83
CA LEU H 1452 63.60 84.08 -27.06
C LEU H 1452 64.14 84.79 -28.28
N VAL H 1453 63.98 86.11 -28.34
CA VAL H 1453 64.46 86.84 -29.52
C VAL H 1453 65.98 86.82 -29.58
N THR H 1454 66.64 86.87 -28.42
CA THR H 1454 68.10 86.68 -28.42
C THR H 1454 68.47 85.30 -28.96
N ARG H 1455 67.72 84.27 -28.56
CA ARG H 1455 68.01 82.94 -29.03
C ARG H 1455 67.77 82.83 -30.54
N GLU H 1456 66.75 83.52 -31.05
CA GLU H 1456 66.51 83.53 -32.49
C GLU H 1456 67.64 84.21 -33.24
N ALA H 1457 68.17 85.31 -32.69
CA ALA H 1457 69.33 85.95 -33.29
C ALA H 1457 70.50 84.97 -33.35
N GLN H 1458 70.76 84.28 -32.25
CA GLN H 1458 71.85 83.31 -32.23
C GLN H 1458 71.60 82.18 -33.22
N ILE H 1459 70.34 81.73 -33.34
CA ILE H 1459 70.02 80.62 -34.23
C ILE H 1459 70.23 81.02 -35.68
N LYS H 1460 69.84 82.25 -36.06
CA LYS H 1460 70.05 82.66 -37.44
C LYS H 1460 71.53 82.85 -37.74
N ASP H 1461 72.29 83.36 -36.76
CA ASP H 1461 73.74 83.42 -36.95
C ASP H 1461 74.33 82.03 -37.15
N TRP H 1462 73.87 81.07 -36.37
CA TRP H 1462 74.32 79.69 -36.52
C TRP H 1462 73.94 79.14 -37.89
N VAL H 1463 72.74 79.46 -38.35
CA VAL H 1463 72.26 78.94 -39.63
C VAL H 1463 73.11 79.48 -40.77
N GLU H 1464 73.42 80.77 -40.74
CA GLU H 1464 74.25 81.31 -41.82
C GLU H 1464 75.69 80.79 -41.74
N ASN H 1465 76.20 80.56 -40.52
CA ASN H 1465 77.50 79.91 -40.41
C ASN H 1465 77.49 78.52 -41.04
N GLU H 1466 76.48 77.72 -40.72
CA GLU H 1466 76.40 76.39 -41.28
C GLU H 1466 76.18 76.43 -42.78
N LEU H 1467 75.46 77.43 -43.29
CA LEU H 1467 75.27 77.58 -44.72
C LEU H 1467 76.58 77.89 -45.42
N GLU H 1468 77.40 78.77 -44.84
CA GLU H 1468 78.69 79.05 -45.45
C GLU H 1468 79.59 77.82 -45.41
N ALA H 1469 79.53 77.05 -44.32
CA ALA H 1469 80.29 75.80 -44.27
C ALA H 1469 79.83 74.83 -45.35
N LEU H 1470 78.51 74.71 -45.55
CA LEU H 1470 77.98 73.85 -46.59
C LEU H 1470 78.39 74.34 -47.97
N LYS H 1471 78.47 75.66 -48.14
CA LYS H 1471 78.94 76.21 -49.42
C LYS H 1471 80.38 75.79 -49.67
N LEU H 1472 81.23 75.86 -48.65
CA LEU H 1472 82.61 75.41 -48.82
C LEU H 1472 82.67 73.92 -49.14
N GLU H 1473 81.85 73.11 -48.47
CA GLU H 1473 81.82 71.68 -48.79
C GLU H 1473 81.34 71.42 -50.22
N ALA H 1474 80.37 72.21 -50.69
CA ALA H 1474 79.89 72.05 -52.06
C ALA H 1474 80.94 72.50 -53.06
N GLU H 1475 81.75 73.50 -52.70
CA GLU H 1475 82.89 73.85 -53.53
C GLU H 1475 83.90 72.71 -53.59
N GLU H 1476 84.12 72.04 -52.46
CA GLU H 1476 85.08 70.93 -52.43
C GLU H 1476 84.59 69.74 -53.26
N ILE H 1477 83.32 69.36 -53.09
CA ILE H 1477 82.79 68.16 -53.73
C ILE H 1477 82.73 68.38 -55.24
N PRO H 1478 82.89 67.35 -56.07
CA PRO H 1478 82.73 67.55 -57.52
C PRO H 1478 81.33 68.02 -57.87
N SER H 1479 81.25 68.83 -58.93
CA SER H 1479 79.99 69.43 -59.36
C SER H 1479 79.03 68.43 -59.99
N GLU H 1480 79.47 67.20 -60.27
CA GLU H 1480 78.60 66.24 -60.93
C GLU H 1480 77.38 65.91 -60.08
N ASP H 1481 77.60 65.61 -58.80
CA ASP H 1481 76.53 65.24 -57.87
C ASP H 1481 76.30 66.33 -56.84
N GLN H 1482 76.40 67.59 -57.28
CA GLN H 1482 76.26 68.72 -56.36
C GLN H 1482 74.81 68.99 -55.97
N ASN H 1483 73.87 68.79 -56.89
CA ASN H 1483 72.48 69.15 -56.62
C ASN H 1483 71.89 68.30 -55.51
N GLU H 1484 72.07 66.98 -55.58
CA GLU H 1484 71.52 66.10 -54.54
C GLU H 1484 72.16 66.40 -53.19
N PHE H 1485 73.47 66.62 -53.18
CA PHE H 1485 74.16 66.96 -51.94
C PHE H 1485 73.61 68.24 -51.34
N LEU H 1486 73.45 69.27 -52.17
CA LEU H 1486 72.95 70.55 -51.67
C LEU H 1486 71.53 70.41 -51.16
N LEU H 1487 70.67 69.67 -51.86
CA LEU H 1487 69.31 69.48 -51.41
C LEU H 1487 69.26 68.75 -50.06
N GLU H 1488 70.02 67.65 -49.95
CA GLU H 1488 70.04 66.89 -48.70
C GLU H 1488 70.54 67.75 -47.54
N ARG H 1489 71.64 68.48 -47.76
CA ARG H 1489 72.21 69.26 -46.67
C ARG H 1489 71.34 70.47 -46.34
N THR H 1490 70.68 71.06 -47.34
CA THR H 1490 69.76 72.16 -47.06
C THR H 1490 68.58 71.69 -46.23
N ARG H 1491 68.01 70.52 -46.57
CA ARG H 1491 66.93 69.99 -45.76
C ARG H 1491 67.42 69.68 -44.35
N GLU H 1492 68.62 69.13 -44.22
CA GLU H 1492 69.17 68.83 -42.91
C GLU H 1492 69.35 70.11 -42.09
N ILE H 1493 69.88 71.17 -42.70
CA ILE H 1493 70.10 72.42 -41.99
C ILE H 1493 68.78 73.06 -41.61
N HIS H 1494 67.79 72.98 -42.49
CA HIS H 1494 66.47 73.53 -42.16
C HIS H 1494 65.85 72.77 -41.00
N ASN H 1495 65.96 71.45 -40.99
CA ASN H 1495 65.47 70.66 -39.86
C ASN H 1495 66.20 71.05 -38.57
N GLU H 1496 67.52 71.23 -38.64
CA GLU H 1496 68.27 71.60 -37.45
C GLU H 1496 67.86 72.98 -36.95
N ALA H 1497 67.68 73.94 -37.86
CA ALA H 1497 67.28 75.29 -37.47
C ALA H 1497 65.90 75.29 -36.82
N GLU H 1498 64.97 74.53 -37.40
CA GLU H 1498 63.65 74.39 -36.78
C GLU H 1498 63.75 73.75 -35.41
N SER H 1499 64.56 72.68 -35.31
CA SER H 1499 64.82 72.04 -34.02
C SER H 1499 65.25 73.06 -32.98
N GLN H 1500 66.23 73.87 -33.33
CA GLN H 1500 66.79 74.82 -32.38
C GLN H 1500 65.77 75.89 -32.02
N LEU H 1501 64.98 76.34 -33.00
CA LEU H 1501 63.98 77.37 -32.73
C LEU H 1501 62.89 76.89 -31.79
N ARG H 1502 62.22 75.77 -32.10
CA ARG H 1502 61.14 75.36 -31.21
C ARG H 1502 61.70 74.78 -29.92
N ALA H 1503 63.01 74.43 -29.89
CA ALA H 1503 63.65 74.13 -28.61
C ALA H 1503 63.76 75.37 -27.73
N ALA H 1504 64.17 76.50 -28.32
CA ALA H 1504 64.17 77.76 -27.57
C ALA H 1504 62.77 78.13 -27.13
N GLN H 1505 61.77 77.88 -27.99
CA GLN H 1505 60.40 78.21 -27.63
C GLN H 1505 59.90 77.31 -26.51
N GLN H 1506 60.33 76.05 -26.47
CA GLN H 1506 60.01 75.19 -25.34
C GLN H 1506 60.67 75.70 -24.07
N GLN H 1507 61.92 76.16 -24.18
CA GLN H 1507 62.65 76.60 -23.00
C GLN H 1507 62.02 77.86 -22.40
N TRP H 1508 61.61 78.81 -23.25
CA TRP H 1508 61.18 80.12 -22.77
C TRP H 1508 59.67 80.34 -22.81
N GLY H 1509 58.91 79.45 -23.44
CA GLY H 1509 57.48 79.66 -23.62
C GLY H 1509 56.61 78.56 -23.03
N ASN H 1510 57.12 77.32 -23.03
CA ASN H 1510 56.36 76.17 -22.58
C ASN H 1510 56.89 75.61 -21.27
N ASP H 1511 58.18 75.30 -21.20
CA ASP H 1511 58.78 74.64 -20.05
C ASP H 1511 59.68 75.57 -19.26
N PHE H 1512 59.36 76.87 -19.24
CA PHE H 1512 60.16 77.82 -18.48
C PHE H 1512 60.09 77.55 -16.98
N TYR H 1513 59.08 76.84 -16.52
CA TYR H 1513 58.82 76.63 -15.10
C TYR H 1513 59.10 75.21 -14.63
N LYS H 1514 59.45 74.29 -15.53
CA LYS H 1514 59.69 72.91 -15.13
C LYS H 1514 60.82 72.83 -14.13
N ARG H 1515 61.82 73.71 -14.25
CA ARG H 1515 62.98 73.69 -13.38
C ARG H 1515 62.84 74.61 -12.19
N ASP H 1516 62.08 75.70 -12.32
CA ASP H 1516 61.97 76.68 -11.26
C ASP H 1516 61.12 76.11 -10.13
N PRO H 1517 61.68 75.86 -8.93
CA PRO H 1517 60.83 75.38 -7.84
C PRO H 1517 59.93 76.45 -7.26
N ARG H 1518 60.14 77.72 -7.61
CA ARG H 1518 59.30 78.80 -7.14
C ARG H 1518 58.00 78.92 -7.93
N ILE H 1519 57.84 78.15 -9.01
CA ILE H 1519 56.62 78.17 -9.82
C ILE H 1519 56.00 76.78 -9.75
N ALA H 1520 54.76 76.70 -9.30
CA ALA H 1520 54.08 75.42 -9.23
C ALA H 1520 53.72 74.95 -10.63
N PRO H 1521 53.48 73.64 -10.81
CA PRO H 1521 53.02 73.19 -12.13
C PRO H 1521 51.73 73.86 -12.58
N LEU H 1522 50.79 74.08 -11.66
CA LEU H 1522 49.53 74.72 -12.02
C LEU H 1522 49.74 76.18 -12.39
N ARG H 1523 50.50 76.91 -11.58
CA ARG H 1523 50.78 78.31 -11.87
C ARG H 1523 51.53 78.45 -13.18
N GLY H 1524 52.49 77.57 -13.44
CA GLY H 1524 53.23 77.63 -14.68
C GLY H 1524 52.37 77.31 -15.89
N ALA H 1525 51.49 76.32 -15.77
CA ALA H 1525 50.58 76.00 -16.86
C ALA H 1525 49.67 77.19 -17.17
N LEU H 1526 49.19 77.86 -16.13
CA LEU H 1526 48.38 79.05 -16.35
C LEU H 1526 49.21 80.17 -16.99
N ALA H 1527 50.42 80.40 -16.47
CA ALA H 1527 51.24 81.53 -16.92
C ALA H 1527 51.82 81.30 -18.31
N THR H 1528 51.80 80.06 -18.81
CA THR H 1528 52.24 79.82 -20.18
C THR H 1528 51.45 80.66 -21.17
N TYR H 1529 50.16 80.87 -20.91
CA TYR H 1529 49.29 81.63 -21.78
C TYR H 1529 48.94 83.00 -21.21
N GLY H 1530 49.75 83.52 -20.30
CA GLY H 1530 49.52 84.82 -19.71
C GLY H 1530 48.47 84.85 -18.62
N LEU H 1531 47.90 83.71 -18.25
CA LEU H 1531 46.90 83.68 -17.21
C LEU H 1531 47.56 83.63 -15.83
N THR H 1532 46.74 83.85 -14.82
CA THR H 1532 47.16 83.79 -13.42
C THR H 1532 46.29 82.79 -12.68
N ILE H 1533 46.63 82.56 -11.41
CA ILE H 1533 45.83 81.67 -10.57
C ILE H 1533 44.39 82.14 -10.54
N ASP H 1534 44.19 83.46 -10.40
CA ASP H 1534 42.85 84.03 -10.35
C ASP H 1534 42.07 83.80 -11.62
N ASP H 1535 42.75 83.52 -12.74
CA ASP H 1535 42.05 83.26 -13.99
C ASP H 1535 41.50 81.84 -14.08
N LEU H 1536 41.75 80.99 -13.07
CA LEU H 1536 41.13 79.68 -13.01
C LEU H 1536 39.76 79.81 -12.33
N GLY H 1537 38.78 80.21 -13.13
CA GLY H 1537 37.49 80.60 -12.59
C GLY H 1537 36.51 79.49 -12.32
N VAL H 1538 36.76 78.29 -12.83
CA VAL H 1538 35.82 77.17 -12.73
C VAL H 1538 36.60 75.91 -12.37
N ALA H 1539 36.00 75.07 -11.54
CA ALA H 1539 36.60 73.80 -11.13
C ALA H 1539 35.56 72.71 -11.30
N SER H 1540 35.74 71.86 -12.31
CA SER H 1540 34.89 70.69 -12.50
C SER H 1540 35.30 69.68 -11.43
N PHE H 1541 34.54 69.68 -10.34
CA PHE H 1541 34.78 68.77 -9.24
C PHE H 1541 34.41 67.35 -9.65
N HIS H 1542 35.13 66.38 -9.07
CA HIS H 1542 34.69 64.99 -9.17
C HIS H 1542 33.24 64.85 -8.74
N GLY H 1543 32.89 65.39 -7.57
CA GLY H 1543 31.51 65.49 -7.16
C GLY H 1543 30.78 64.17 -7.09
N THR H 1544 31.40 63.17 -6.46
CA THR H 1544 30.80 61.85 -6.43
C THR H 1544 29.56 61.77 -5.56
N SER H 1545 29.26 62.79 -4.76
CA SER H 1545 28.14 62.75 -3.81
C SER H 1545 28.40 61.74 -2.70
N THR H 1546 29.64 61.70 -2.22
CA THR H 1546 30.00 60.93 -1.04
C THR H 1546 30.71 61.86 -0.07
N LYS H 1547 30.56 61.57 1.22
CA LYS H 1547 31.03 62.50 2.25
C LYS H 1547 32.54 62.69 2.16
N ALA H 1548 33.27 61.58 2.18
CA ALA H 1548 34.73 61.65 2.19
C ALA H 1548 35.25 62.31 0.92
N ASN H 1549 34.74 61.89 -0.23
CA ASN H 1549 35.26 62.42 -1.49
C ASN H 1549 34.98 63.91 -1.62
N ASP H 1550 33.75 64.33 -1.30
CA ASP H 1550 33.42 65.74 -1.47
C ASP H 1550 34.21 66.61 -0.51
N LYS H 1551 34.29 66.22 0.77
CA LYS H 1551 35.06 67.02 1.72
C LYS H 1551 36.53 67.06 1.33
N ASN H 1552 37.10 65.91 0.96
CA ASN H 1552 38.51 65.85 0.60
C ASN H 1552 38.80 66.70 -0.63
N GLU H 1553 37.92 66.66 -1.63
CA GLU H 1553 38.17 67.40 -2.85
C GLU H 1553 38.04 68.90 -2.62
N SER H 1554 37.03 69.31 -1.85
CA SER H 1554 36.92 70.73 -1.53
C SER H 1554 38.15 71.20 -0.76
N ALA H 1555 38.64 70.39 0.19
CA ALA H 1555 39.83 70.75 0.92
C ALA H 1555 41.04 70.84 0.00
N THR H 1556 41.16 69.89 -0.93
CA THR H 1556 42.29 69.91 -1.85
C THR H 1556 42.29 71.16 -2.72
N ILE H 1557 41.13 71.49 -3.30
CA ILE H 1557 41.04 72.69 -4.13
C ILE H 1557 41.32 73.94 -3.30
N ASN H 1558 40.78 73.98 -2.07
CA ASN H 1558 41.01 75.13 -1.21
C ASN H 1558 42.50 75.30 -0.91
N GLU H 1559 43.21 74.20 -0.70
CA GLU H 1559 44.64 74.31 -0.40
C GLU H 1559 45.43 74.69 -1.64
N MET H 1560 45.04 74.22 -2.83
CA MET H 1560 45.69 74.72 -4.03
C MET H 1560 45.50 76.22 -4.15
N MET H 1561 44.28 76.70 -3.93
CA MET H 1561 44.00 78.13 -4.07
C MET H 1561 44.74 78.95 -3.01
N LYS H 1562 44.84 78.41 -1.79
CA LYS H 1562 45.60 79.10 -0.74
C LYS H 1562 47.08 79.17 -1.09
N HIS H 1563 47.67 78.03 -1.43
CA HIS H 1563 49.13 78.00 -1.63
C HIS H 1563 49.53 78.79 -2.87
N LEU H 1564 48.70 78.77 -3.91
CA LEU H 1564 49.02 79.50 -5.13
C LEU H 1564 48.68 80.99 -5.03
N GLY H 1565 48.39 81.49 -3.83
CA GLY H 1565 48.21 82.91 -3.64
C GLY H 1565 47.04 83.48 -4.39
N ARG H 1566 45.94 82.73 -4.47
CA ARG H 1566 44.74 83.25 -5.10
C ARG H 1566 44.17 84.39 -4.27
N SER H 1567 43.66 85.41 -4.97
CA SER H 1567 43.12 86.57 -4.27
C SER H 1567 41.90 86.16 -3.45
N GLU H 1568 41.87 86.64 -2.21
CA GLU H 1568 40.73 86.39 -1.36
C GLU H 1568 39.50 87.08 -1.92
N GLY H 1569 38.35 86.42 -1.76
CA GLY H 1569 37.14 86.88 -2.41
C GLY H 1569 37.02 86.46 -3.87
N ASN H 1570 37.83 85.51 -4.32
CA ASN H 1570 37.78 84.99 -5.68
C ASN H 1570 37.68 83.47 -5.64
N PRO H 1571 36.58 82.94 -5.09
CA PRO H 1571 36.42 81.49 -5.08
C PRO H 1571 36.28 80.93 -6.49
N VAL H 1572 36.86 79.76 -6.69
CA VAL H 1572 36.63 78.99 -7.91
C VAL H 1572 35.22 78.45 -7.86
N ILE H 1573 34.50 78.59 -8.97
CA ILE H 1573 33.11 78.15 -9.07
C ILE H 1573 33.13 76.65 -9.35
N GLY H 1574 32.59 75.86 -8.42
CA GLY H 1574 32.63 74.42 -8.58
C GLY H 1574 31.47 73.90 -9.38
N VAL H 1575 31.79 73.07 -10.37
CA VAL H 1575 30.81 72.44 -11.24
C VAL H 1575 30.75 70.96 -10.88
N PHE H 1576 29.58 70.50 -10.45
CA PHE H 1576 29.34 69.10 -10.12
C PHE H 1576 28.40 68.55 -11.19
N GLN H 1577 28.94 67.72 -12.07
CA GLN H 1577 28.18 67.17 -13.18
C GLN H 1577 27.52 65.85 -12.84
N LYS H 1578 28.00 65.13 -11.82
CA LYS H 1578 27.45 63.83 -11.48
C LYS H 1578 26.09 63.92 -10.83
N PHE H 1579 25.64 65.13 -10.47
CA PHE H 1579 24.26 65.28 -10.02
C PHE H 1579 23.27 64.89 -11.11
N LEU H 1580 23.66 65.02 -12.37
CA LEU H 1580 22.80 64.78 -13.52
C LEU H 1580 23.13 63.50 -14.26
N THR H 1581 24.42 63.27 -14.54
CA THR H 1581 24.86 62.12 -15.32
C THR H 1581 25.25 60.93 -14.44
N GLY H 1582 25.24 61.07 -13.13
CA GLY H 1582 25.70 60.01 -12.28
C GLY H 1582 27.21 59.85 -12.35
N HIS H 1583 27.68 58.74 -11.79
CA HIS H 1583 29.11 58.46 -11.65
C HIS H 1583 29.47 57.21 -12.44
N PRO H 1584 30.07 57.36 -13.62
CA PRO H 1584 30.66 56.20 -14.28
C PRO H 1584 32.07 55.93 -13.76
N LYS H 1585 32.46 54.66 -13.82
CA LYS H 1585 33.70 54.21 -13.19
C LYS H 1585 34.88 54.35 -14.16
N GLY H 1586 35.04 55.55 -14.70
CA GLY H 1586 36.13 55.79 -15.63
C GLY H 1586 35.80 56.74 -16.75
N ALA H 1587 34.54 56.84 -17.12
CA ALA H 1587 34.10 57.90 -18.02
C ALA H 1587 33.87 59.21 -17.30
N ALA H 1588 34.08 59.25 -15.99
CA ALA H 1588 33.71 60.42 -15.20
C ALA H 1588 34.56 61.62 -15.57
N GLY H 1589 35.89 61.45 -15.57
CA GLY H 1589 36.75 62.54 -15.95
C GLY H 1589 36.57 62.96 -17.40
N ALA H 1590 36.21 62.02 -18.26
CA ALA H 1590 35.99 62.36 -19.66
C ALA H 1590 34.73 63.20 -19.83
N TRP H 1591 33.65 62.83 -19.12
CA TRP H 1591 32.44 63.64 -19.15
C TRP H 1591 32.70 65.02 -18.55
N MET H 1592 33.48 65.07 -17.46
CA MET H 1592 33.81 66.35 -16.86
C MET H 1592 34.68 67.19 -17.79
N MET H 1593 35.54 66.55 -18.57
CA MET H 1593 36.35 67.28 -19.54
C MET H 1593 35.49 67.84 -20.66
N ASN H 1594 34.53 67.04 -21.14
CA ASN H 1594 33.59 67.54 -22.15
C ASN H 1594 32.80 68.73 -21.60
N GLY H 1595 32.33 68.61 -20.36
CA GLY H 1595 31.61 69.71 -19.76
C GLY H 1595 32.48 70.94 -19.57
N ALA H 1596 33.75 70.73 -19.21
CA ALA H 1596 34.67 71.86 -19.04
C ALA H 1596 34.92 72.56 -20.36
N LEU H 1597 35.09 71.81 -21.44
CA LEU H 1597 35.26 72.41 -22.75
C LEU H 1597 34.01 73.19 -23.15
N GLN H 1598 32.84 72.63 -22.89
CA GLN H 1598 31.60 73.34 -23.21
C GLN H 1598 31.47 74.61 -22.37
N ILE H 1599 31.84 74.55 -21.09
CA ILE H 1599 31.83 75.72 -20.23
C ILE H 1599 32.76 76.78 -20.79
N LEU H 1600 33.95 76.38 -21.22
CA LEU H 1600 34.90 77.35 -21.78
C LEU H 1600 34.34 78.00 -23.02
N ASN H 1601 33.75 77.21 -23.92
CA ASN H 1601 33.34 77.75 -25.21
C ASN H 1601 32.06 78.57 -25.11
N SER H 1602 31.17 78.23 -24.17
CA SER H 1602 29.91 78.93 -24.03
C SER H 1602 29.93 80.03 -22.98
N GLY H 1603 30.92 80.06 -22.10
CA GLY H 1603 30.89 80.99 -21.00
C GLY H 1603 29.78 80.71 -20.00
N ILE H 1604 29.23 79.50 -20.02
CA ILE H 1604 28.10 79.13 -19.17
C ILE H 1604 28.56 78.09 -18.18
N ILE H 1605 28.31 78.34 -16.90
CA ILE H 1605 28.71 77.46 -15.81
C ILE H 1605 27.45 76.78 -15.29
N PRO H 1606 27.20 75.50 -15.59
CA PRO H 1606 25.99 74.85 -15.07
C PRO H 1606 26.00 74.78 -13.55
N GLY H 1607 24.81 74.87 -12.97
CA GLY H 1607 24.64 74.76 -11.54
C GLY H 1607 24.25 73.36 -11.13
N ASN H 1608 24.64 72.98 -9.91
CA ASN H 1608 24.28 71.70 -9.32
C ASN H 1608 22.85 71.83 -8.82
N ARG H 1609 21.89 71.49 -9.67
CA ARG H 1609 20.49 71.70 -9.33
C ARG H 1609 20.06 70.81 -8.17
N ASN H 1610 20.79 69.72 -7.91
CA ASN H 1610 20.51 68.88 -6.75
C ASN H 1610 21.15 69.41 -5.48
N ALA H 1611 21.87 70.52 -5.53
CA ALA H 1611 22.50 71.11 -4.35
C ALA H 1611 21.40 71.74 -3.51
N ASP H 1612 20.62 70.89 -2.84
CA ASP H 1612 19.52 71.38 -2.03
C ASP H 1612 20.01 72.25 -0.89
N ASN H 1613 21.11 71.84 -0.24
CA ASN H 1613 21.68 72.58 0.87
C ASN H 1613 23.14 72.20 0.98
N VAL H 1614 24.03 73.15 0.68
CA VAL H 1614 25.45 72.88 0.72
C VAL H 1614 25.86 72.55 2.14
N ASP H 1615 26.77 71.56 2.28
CA ASP H 1615 27.18 71.12 3.59
C ASP H 1615 27.87 72.24 4.35
N LYS H 1616 27.50 72.39 5.62
CA LYS H 1616 28.11 73.43 6.46
C LYS H 1616 29.61 73.21 6.60
N ILE H 1617 30.06 71.96 6.52
CA ILE H 1617 31.49 71.67 6.63
C ILE H 1617 32.26 72.25 5.46
N LEU H 1618 31.57 72.53 4.34
CA LEU H 1618 32.22 73.11 3.18
C LEU H 1618 32.32 74.63 3.23
N GLU H 1619 31.81 75.27 4.28
CA GLU H 1619 31.90 76.73 4.36
C GLU H 1619 33.33 77.18 4.66
N GLN H 1620 34.10 76.38 5.40
CA GLN H 1620 35.48 76.75 5.71
C GLN H 1620 36.31 76.94 4.45
N PHE H 1621 35.98 76.24 3.36
CA PHE H 1621 36.73 76.36 2.12
C PHE H 1621 36.25 77.62 1.40
N GLU H 1622 36.81 78.75 1.81
CA GLU H 1622 36.40 80.05 1.29
C GLU H 1622 36.71 80.21 -0.19
N TYR H 1623 37.64 79.43 -0.73
CA TYR H 1623 38.04 79.53 -2.13
C TYR H 1623 37.19 78.66 -3.05
N VAL H 1624 36.10 78.07 -2.55
CA VAL H 1624 35.21 77.23 -3.35
C VAL H 1624 33.80 77.79 -3.24
N LEU H 1625 33.14 77.93 -4.39
CA LEU H 1625 31.73 78.28 -4.46
C LEU H 1625 30.95 77.10 -5.01
N TYR H 1626 29.72 76.94 -4.54
CA TYR H 1626 28.88 75.78 -4.88
C TYR H 1626 27.55 76.28 -5.44
N PRO H 1627 27.53 76.73 -6.70
CA PRO H 1627 26.27 77.22 -7.26
C PRO H 1627 25.24 76.12 -7.43
N SER H 1628 23.97 76.52 -7.36
CA SER H 1628 22.84 75.62 -7.58
C SER H 1628 22.09 75.90 -8.87
N LYS H 1629 22.38 76.99 -9.57
CA LYS H 1629 21.73 77.32 -10.82
C LYS H 1629 22.78 77.82 -11.81
N THR H 1630 22.46 77.68 -13.09
CA THR H 1630 23.39 78.02 -14.15
C THR H 1630 23.74 79.50 -14.12
N LEU H 1631 25.00 79.80 -14.42
CA LEU H 1631 25.50 81.17 -14.46
C LEU H 1631 25.97 81.49 -15.88
N LYS H 1632 25.44 82.56 -16.44
CA LYS H 1632 25.84 83.03 -17.77
C LYS H 1632 27.04 83.96 -17.57
N THR H 1633 28.21 83.38 -17.40
CA THR H 1633 29.43 84.16 -17.22
C THR H 1633 29.77 84.89 -18.50
N ASP H 1634 30.50 86.00 -18.36
CA ASP H 1634 30.99 86.77 -19.50
C ASP H 1634 32.33 86.25 -20.01
N GLY H 1635 32.65 84.99 -19.73
CA GLY H 1635 33.90 84.39 -20.18
C GLY H 1635 34.57 83.56 -19.11
N VAL H 1636 34.94 82.33 -19.46
CA VAL H 1636 35.72 81.45 -18.59
C VAL H 1636 37.09 81.27 -19.24
N ARG H 1637 38.13 81.60 -18.50
CA ARG H 1637 39.49 81.51 -19.02
C ARG H 1637 40.04 80.09 -18.90
N ALA H 1638 39.94 79.50 -17.72
CA ALA H 1638 40.47 78.17 -17.46
C ALA H 1638 39.53 77.38 -16.56
N VAL H 1639 39.60 76.06 -16.67
CA VAL H 1639 38.76 75.14 -15.91
C VAL H 1639 39.66 74.04 -15.36
N SER H 1640 39.47 73.72 -14.08
CA SER H 1640 40.26 72.70 -13.39
C SER H 1640 39.41 71.46 -13.15
N ILE H 1641 39.72 70.38 -13.86
CA ILE H 1641 38.99 69.13 -13.77
C ILE H 1641 39.74 68.23 -12.79
N THR H 1642 39.08 67.85 -11.69
CA THR H 1642 39.72 67.02 -10.66
C THR H 1642 38.97 65.71 -10.49
N SER H 1643 39.70 64.59 -10.54
CA SER H 1643 39.15 63.26 -10.37
C SER H 1643 39.91 62.51 -9.29
N PHE H 1644 39.20 61.62 -8.60
CA PHE H 1644 39.77 60.82 -7.50
C PHE H 1644 39.19 59.41 -7.62
N GLY H 1645 39.95 58.52 -8.26
CA GLY H 1645 39.56 57.13 -8.35
C GLY H 1645 40.13 56.27 -7.24
N PHE H 1646 39.50 55.12 -7.06
CA PHE H 1646 39.94 54.13 -6.09
C PHE H 1646 41.40 53.76 -6.36
N GLY H 1647 42.08 53.33 -5.30
CA GLY H 1647 43.50 53.08 -5.41
C GLY H 1647 44.33 54.33 -5.38
N GLN H 1648 43.87 55.37 -4.68
CA GLN H 1648 44.60 56.63 -4.53
C GLN H 1648 44.89 57.27 -5.89
N LYS H 1649 43.97 57.10 -6.84
CA LYS H 1649 44.21 57.58 -8.19
C LYS H 1649 43.71 59.01 -8.31
N GLY H 1650 44.47 59.94 -7.75
CA GLY H 1650 44.17 61.36 -7.86
C GLY H 1650 44.64 61.88 -9.21
N GLY H 1651 43.91 62.84 -9.75
CA GLY H 1651 44.26 63.40 -11.04
C GLY H 1651 43.68 64.78 -11.20
N GLN H 1652 44.44 65.65 -11.86
CA GLN H 1652 43.99 66.99 -12.19
C GLN H 1652 44.34 67.31 -13.63
N ALA H 1653 43.48 68.09 -14.26
CA ALA H 1653 43.71 68.62 -15.59
C ALA H 1653 43.29 70.08 -15.60
N ILE H 1654 43.92 70.86 -16.47
CA ILE H 1654 43.59 72.27 -16.64
C ILE H 1654 43.31 72.50 -18.12
N VAL H 1655 42.12 73.02 -18.41
CA VAL H 1655 41.70 73.33 -19.78
C VAL H 1655 41.60 74.84 -19.89
N VAL H 1656 42.46 75.43 -20.73
CA VAL H 1656 42.47 76.87 -20.95
C VAL H 1656 41.61 77.17 -22.17
N HIS H 1657 41.05 78.38 -22.20
CA HIS H 1657 40.20 78.78 -23.31
C HIS H 1657 40.99 78.71 -24.62
N PRO H 1658 40.39 78.21 -25.71
CA PRO H 1658 41.16 78.10 -26.96
C PRO H 1658 41.64 79.43 -27.51
N ASP H 1659 40.99 80.55 -27.14
CA ASP H 1659 41.33 81.83 -27.76
C ASP H 1659 42.70 82.31 -27.31
N TYR H 1660 43.20 81.80 -26.18
CA TYR H 1660 44.55 82.16 -25.76
C TYR H 1660 45.60 81.51 -26.65
N LEU H 1661 45.22 80.45 -27.37
CA LEU H 1661 46.14 79.86 -28.34
C LEU H 1661 46.32 80.79 -29.54
N TYR H 1662 45.23 81.37 -30.02
CA TYR H 1662 45.28 82.13 -31.26
C TYR H 1662 46.06 83.42 -31.13
N GLY H 1663 46.33 83.86 -29.90
CA GLY H 1663 47.25 84.97 -29.71
C GLY H 1663 48.70 84.63 -29.90
N ALA H 1664 49.03 83.34 -30.07
CA ALA H 1664 50.39 82.89 -30.29
C ALA H 1664 50.74 82.73 -31.75
N ILE H 1665 49.85 83.11 -32.67
CA ILE H 1665 50.10 82.96 -34.11
C ILE H 1665 49.89 84.30 -34.81
N THR H 1666 50.28 84.35 -36.09
CA THR H 1666 50.18 85.55 -36.90
C THR H 1666 48.74 85.77 -37.36
N GLU H 1667 48.50 86.94 -37.94
CA GLU H 1667 47.18 87.24 -38.47
C GLU H 1667 46.86 86.37 -39.68
N ASP H 1668 47.82 86.23 -40.60
CA ASP H 1668 47.58 85.43 -41.80
C ASP H 1668 47.36 83.96 -41.43
N ARG H 1669 48.16 83.44 -40.50
CA ARG H 1669 47.99 82.05 -40.08
C ARG H 1669 46.62 81.85 -39.44
N TYR H 1670 46.20 82.78 -38.60
CA TYR H 1670 44.89 82.68 -37.97
C TYR H 1670 43.78 82.75 -39.01
N ASN H 1671 43.93 83.62 -40.01
CA ASN H 1671 42.87 83.77 -41.03
C ASN H 1671 42.74 82.49 -41.86
N GLU H 1672 43.86 81.91 -42.27
CA GLU H 1672 43.78 80.68 -43.05
C GLU H 1672 43.24 79.53 -42.19
N TYR H 1673 43.62 79.50 -40.90
CA TYR H 1673 43.06 78.50 -40.00
C TYR H 1673 41.55 78.67 -39.87
N VAL H 1674 41.08 79.91 -39.76
CA VAL H 1674 39.64 80.16 -39.63
C VAL H 1674 38.91 79.73 -40.89
N ALA H 1675 39.47 80.02 -42.05
CA ALA H 1675 38.85 79.60 -43.31
C ALA H 1675 38.77 78.08 -43.39
N LYS H 1676 39.86 77.40 -43.03
CA LYS H 1676 39.87 75.94 -43.06
C LYS H 1676 38.85 75.36 -42.08
N VAL H 1677 38.73 75.97 -40.90
CA VAL H 1677 37.78 75.48 -39.91
C VAL H 1677 36.35 75.71 -40.39
N SER H 1678 36.09 76.83 -41.06
CA SER H 1678 34.74 77.06 -41.59
C SER H 1678 34.38 76.01 -42.63
N ALA H 1679 35.31 75.75 -43.57
CA ALA H 1679 35.04 74.72 -44.58
C ALA H 1679 34.84 73.37 -43.93
N ARG H 1680 35.67 73.04 -42.94
CA ARG H 1680 35.56 71.75 -42.26
C ARG H 1680 34.27 71.66 -41.46
N GLU H 1681 33.82 72.75 -40.86
CA GLU H 1681 32.56 72.74 -40.11
C GLU H 1681 31.40 72.49 -41.05
N LYS H 1682 31.41 73.11 -42.23
CA LYS H 1682 30.34 72.84 -43.19
C LYS H 1682 30.36 71.38 -43.63
N SER H 1683 31.54 70.85 -43.93
CA SER H 1683 31.65 69.45 -44.33
C SER H 1683 31.18 68.52 -43.21
N ALA H 1684 31.57 68.82 -41.97
CA ALA H 1684 31.18 68.00 -40.84
C ALA H 1684 29.68 68.09 -40.60
N TYR H 1685 29.08 69.25 -40.80
CA TYR H 1685 27.64 69.38 -40.64
C TYR H 1685 26.90 68.51 -41.64
N LYS H 1686 27.29 68.57 -42.92
CA LYS H 1686 26.60 67.75 -43.90
C LYS H 1686 26.80 66.27 -43.61
N PHE H 1687 28.04 65.88 -43.24
CA PHE H 1687 28.28 64.48 -42.90
C PHE H 1687 27.44 64.05 -41.72
N PHE H 1688 27.40 64.86 -40.66
CA PHE H 1688 26.68 64.48 -39.45
C PHE H 1688 25.20 64.34 -39.72
N HIS H 1689 24.62 65.26 -40.49
CA HIS H 1689 23.18 65.18 -40.71
C HIS H 1689 22.82 64.02 -41.64
N ASN H 1690 23.62 63.80 -42.69
CA ASN H 1690 23.43 62.64 -43.54
C ASN H 1690 23.49 61.35 -42.72
N GLY H 1691 24.54 61.20 -41.91
CA GLY H 1691 24.69 59.99 -41.13
C GLY H 1691 23.62 59.84 -40.07
N MET H 1692 23.14 60.95 -39.53
CA MET H 1692 22.05 60.88 -38.55
C MET H 1692 20.79 60.35 -39.21
N ILE H 1693 20.39 60.93 -40.35
CA ILE H 1693 19.12 60.52 -40.93
C ILE H 1693 19.21 59.10 -41.47
N TYR H 1694 20.35 58.72 -42.04
CA TYR H 1694 20.50 57.41 -42.65
C TYR H 1694 21.14 56.37 -41.73
N ASN H 1695 21.34 56.69 -40.46
CA ASN H 1695 21.88 55.76 -39.48
C ASN H 1695 23.22 55.19 -39.94
N LYS H 1696 24.09 56.07 -40.41
CA LYS H 1696 25.41 55.70 -40.90
C LYS H 1696 26.47 56.69 -40.44
N LEU H 1697 26.34 57.18 -39.20
CA LEU H 1697 27.41 57.99 -38.63
C LEU H 1697 28.68 57.17 -38.46
N PHE H 1698 28.55 55.94 -37.96
CA PHE H 1698 29.66 55.02 -37.83
C PHE H 1698 29.82 54.29 -39.16
N VAL H 1699 30.87 54.63 -39.90
CA VAL H 1699 31.21 53.96 -41.15
C VAL H 1699 32.41 53.08 -40.86
N SER H 1700 32.16 51.77 -40.72
CA SER H 1700 33.26 50.84 -40.53
C SER H 1700 34.12 50.78 -41.77
N LYS H 1701 35.44 50.77 -41.57
CA LYS H 1701 36.39 50.63 -42.66
C LYS H 1701 36.53 49.16 -42.99
N GLU H 1702 36.25 48.78 -44.24
CA GLU H 1702 36.44 47.40 -44.65
C GLU H 1702 37.91 47.09 -44.88
N HIS H 1703 38.69 48.08 -45.30
CA HIS H 1703 40.10 47.90 -45.63
C HIS H 1703 40.93 48.99 -44.97
N ALA H 1704 42.18 48.64 -44.68
CA ALA H 1704 43.14 49.60 -44.17
C ALA H 1704 43.54 50.58 -45.30
N PRO H 1705 44.11 51.74 -44.96
CA PRO H 1705 44.48 52.69 -46.01
C PRO H 1705 45.68 52.25 -46.84
N TYR H 1706 46.29 51.11 -46.52
CA TYR H 1706 47.38 50.54 -47.30
C TYR H 1706 47.07 49.08 -47.57
N THR H 1707 47.57 48.57 -48.69
CA THR H 1707 47.43 47.16 -49.00
C THR H 1707 48.40 46.33 -48.17
N ASP H 1708 48.17 45.02 -48.17
CA ASP H 1708 49.03 44.13 -47.41
C ASP H 1708 50.47 44.18 -47.93
N GLU H 1709 50.64 44.28 -49.24
CA GLU H 1709 51.99 44.34 -49.81
C GLU H 1709 52.67 45.66 -49.48
N LEU H 1710 51.90 46.74 -49.36
CA LEU H 1710 52.43 48.06 -49.07
C LEU H 1710 52.43 48.39 -47.58
N GLU H 1711 51.91 47.51 -46.73
CA GLU H 1711 51.84 47.79 -45.30
C GLU H 1711 53.23 48.02 -44.71
N GLU H 1712 54.17 47.14 -45.05
CA GLU H 1712 55.53 47.27 -44.50
C GLU H 1712 56.19 48.55 -44.98
N ASP H 1713 56.03 48.89 -46.25
CA ASP H 1713 56.63 50.11 -46.76
C ASP H 1713 56.03 51.35 -46.09
N VAL H 1714 54.72 51.34 -45.88
CA VAL H 1714 54.08 52.48 -45.21
C VAL H 1714 54.59 52.59 -43.78
N TYR H 1715 54.70 51.46 -43.08
CA TYR H 1715 55.24 51.49 -41.72
C TYR H 1715 56.66 52.03 -41.70
N LEU H 1716 57.49 51.61 -42.66
CA LEU H 1716 58.89 51.98 -42.65
C LEU H 1716 59.17 53.37 -43.19
N ASP H 1717 58.21 53.98 -43.89
CA ASP H 1717 58.38 55.34 -44.40
C ASP H 1717 57.73 56.32 -43.44
N PRO H 1718 58.49 57.18 -42.75
CA PRO H 1718 57.84 58.13 -41.83
C PRO H 1718 57.12 59.26 -42.54
N LEU H 1719 57.49 59.57 -43.78
CA LEU H 1719 56.90 60.65 -44.54
C LEU H 1719 55.77 60.19 -45.46
N ALA H 1720 55.37 58.93 -45.38
CA ALA H 1720 54.27 58.44 -46.20
C ALA H 1720 52.96 59.04 -45.73
N ARG H 1721 52.19 59.61 -46.66
CA ARG H 1721 50.90 60.21 -46.36
C ARG H 1721 49.89 59.70 -47.36
N VAL H 1722 48.63 59.61 -46.93
CA VAL H 1722 47.57 59.12 -47.80
C VAL H 1722 47.20 60.21 -48.79
N SER H 1723 46.71 59.78 -49.95
CA SER H 1723 46.20 60.67 -50.98
C SER H 1723 44.87 60.12 -51.45
N LYS H 1724 44.08 60.99 -52.07
CA LYS H 1724 42.79 60.59 -52.61
C LYS H 1724 43.00 59.78 -53.89
N ASP H 1725 42.53 58.53 -53.89
CA ASP H 1725 42.62 57.72 -55.08
C ASP H 1725 41.61 58.19 -56.13
N LYS H 1726 42.08 58.39 -57.35
CA LYS H 1726 41.21 58.90 -58.40
C LYS H 1726 40.07 57.93 -58.70
N LYS H 1727 40.33 56.63 -58.61
CA LYS H 1727 39.32 55.63 -58.95
C LYS H 1727 38.35 55.41 -57.80
N SER H 1728 38.85 54.94 -56.65
CA SER H 1728 37.98 54.61 -55.53
C SER H 1728 37.46 55.88 -54.86
N GLY H 1729 38.24 56.96 -54.89
CA GLY H 1729 37.87 58.20 -54.25
C GLY H 1729 38.22 58.28 -52.77
N SER H 1730 38.63 57.17 -52.16
CA SER H 1730 38.97 57.14 -50.75
C SER H 1730 40.44 57.51 -50.56
N LEU H 1731 40.79 57.82 -49.31
CA LEU H 1731 42.16 58.17 -48.95
C LEU H 1731 42.94 56.89 -48.71
N THR H 1732 43.99 56.67 -49.50
CA THR H 1732 44.80 55.46 -49.42
C THR H 1732 46.26 55.81 -49.64
N PHE H 1733 47.12 54.88 -49.27
CA PHE H 1733 48.55 55.06 -49.49
C PHE H 1733 48.93 54.62 -50.90
N ASN H 1734 49.86 55.34 -51.50
CA ASN H 1734 50.28 55.13 -52.88
C ASN H 1734 51.77 54.82 -52.92
N SER H 1735 52.13 53.82 -53.74
CA SER H 1735 53.54 53.45 -53.88
C SER H 1735 54.36 54.63 -54.41
N LYS H 1736 53.77 55.41 -55.31
CA LYS H 1736 54.47 56.57 -55.85
C LYS H 1736 54.76 57.60 -54.75
N ASN H 1737 53.91 57.66 -53.73
CA ASN H 1737 54.08 58.59 -52.63
C ASN H 1737 54.86 58.00 -51.46
N ILE H 1738 55.14 56.70 -51.47
CA ILE H 1738 55.92 56.04 -50.42
C ILE H 1738 57.39 56.06 -50.84
N GLN H 1739 58.25 56.53 -49.93
CA GLN H 1739 59.70 56.59 -50.16
C GLN H 1739 60.02 57.40 -51.42
N SER H 1740 59.37 58.56 -51.56
CA SER H 1740 59.57 59.44 -52.70
C SER H 1740 60.38 60.66 -52.28
N LYS H 1741 61.22 61.13 -53.20
CA LYS H 1741 62.01 62.34 -52.92
C LYS H 1741 61.14 63.58 -52.82
N ASP H 1742 59.93 63.55 -53.39
CA ASP H 1742 59.03 64.69 -53.28
C ASP H 1742 58.64 64.95 -51.83
N SER H 1743 58.42 63.88 -51.07
CA SER H 1743 58.06 64.04 -49.65
C SER H 1743 59.18 64.71 -48.88
N TYR H 1744 60.42 64.33 -49.16
CA TYR H 1744 61.58 64.88 -48.47
C TYR H 1744 62.21 66.02 -49.28
N SER I 5 -49.01 0.72 -124.15
CA SER I 5 -48.39 1.47 -123.08
C SER I 5 -48.72 0.86 -121.72
N THR I 6 -47.68 0.54 -120.96
CA THR I 6 -47.80 -0.02 -119.62
C THR I 6 -46.89 0.77 -118.68
N ARG I 7 -46.99 0.48 -117.39
CA ARG I 7 -46.13 1.17 -116.44
C ARG I 7 -45.96 0.37 -115.16
N PRO I 8 -44.84 0.52 -114.46
CA PRO I 8 -44.65 -0.20 -113.19
C PRO I 8 -45.66 0.20 -112.13
N LEU I 9 -46.01 -0.77 -111.30
CA LEU I 9 -46.84 -0.57 -110.11
C LEU I 9 -46.15 -1.36 -109.01
N THR I 10 -45.55 -0.66 -108.05
CA THR I 10 -44.75 -1.30 -107.02
C THR I 10 -45.62 -1.64 -105.82
N LEU I 11 -45.58 -2.91 -105.40
CA LEU I 11 -46.26 -3.36 -104.20
C LEU I 11 -45.27 -4.14 -103.35
N SER I 12 -45.18 -3.78 -102.07
CA SER I 12 -44.17 -4.34 -101.19
C SER I 12 -44.75 -4.53 -99.80
N HIS I 13 -44.11 -5.42 -99.04
CA HIS I 13 -44.45 -5.65 -97.63
C HIS I 13 -43.12 -5.87 -96.90
N GLY I 14 -42.55 -4.79 -96.39
CA GLY I 14 -41.24 -4.85 -95.78
C GLY I 14 -40.13 -4.78 -96.81
N SER I 15 -39.05 -5.53 -96.59
CA SER I 15 -37.93 -5.51 -97.52
C SER I 15 -38.33 -6.03 -98.90
N LEU I 16 -39.10 -7.13 -98.93
CA LEU I 16 -39.49 -7.72 -100.20
C LEU I 16 -40.43 -6.81 -100.97
N GLU I 17 -40.34 -6.86 -102.29
CA GLU I 17 -41.15 -6.00 -103.15
C GLU I 17 -41.38 -6.70 -104.49
N HIS I 18 -42.35 -6.18 -105.23
CA HIS I 18 -42.68 -6.70 -106.55
C HIS I 18 -43.24 -5.56 -107.39
N VAL I 19 -43.19 -5.73 -108.71
CA VAL I 19 -43.62 -4.71 -109.66
C VAL I 19 -44.51 -5.35 -110.70
N LEU I 20 -45.67 -4.73 -110.95
CA LEU I 20 -46.64 -5.18 -111.93
C LEU I 20 -46.68 -4.18 -113.07
N LEU I 21 -46.44 -4.64 -114.30
CA LEU I 21 -46.42 -3.75 -115.47
C LEU I 21 -47.83 -3.67 -116.05
N VAL I 22 -48.70 -3.02 -115.31
CA VAL I 22 -50.11 -2.96 -115.69
C VAL I 22 -50.29 -1.96 -116.83
N PRO I 23 -51.26 -2.14 -117.73
CA PRO I 23 -51.51 -1.10 -118.75
C PRO I 23 -52.07 0.17 -118.15
N THR I 24 -51.90 1.27 -118.89
CA THR I 24 -52.41 2.56 -118.44
C THR I 24 -53.93 2.61 -118.42
N ALA I 25 -54.60 1.76 -119.21
CA ALA I 25 -56.07 1.83 -119.28
C ALA I 25 -56.71 1.55 -117.94
N SER I 26 -56.21 0.55 -117.21
CA SER I 26 -56.74 0.17 -115.90
C SER I 26 -55.77 0.51 -114.77
N PHE I 27 -54.87 1.47 -115.01
CA PHE I 27 -53.91 1.85 -113.97
C PHE I 27 -54.62 2.41 -112.75
N PHE I 28 -55.67 3.21 -112.96
CA PHE I 28 -56.37 3.81 -111.82
C PHE I 28 -57.02 2.73 -110.96
N ILE I 29 -57.68 1.76 -111.59
CA ILE I 29 -58.28 0.65 -110.86
C ILE I 29 -57.21 -0.13 -110.12
N ALA I 30 -56.09 -0.42 -110.79
CA ALA I 30 -55.01 -1.16 -110.15
C ALA I 30 -54.43 -0.39 -108.96
N SER I 31 -54.30 0.92 -109.10
CA SER I 31 -53.71 1.72 -108.02
C SER I 31 -54.64 1.80 -106.82
N GLN I 32 -55.95 1.98 -107.04
CA GLN I 32 -56.86 2.00 -105.91
C GLN I 32 -56.90 0.64 -105.22
N LEU I 33 -56.90 -0.45 -106.02
CA LEU I 33 -56.85 -1.78 -105.42
C LEU I 33 -55.58 -1.96 -104.61
N GLN I 34 -54.45 -1.47 -105.12
CA GLN I 34 -53.19 -1.52 -104.39
C GLN I 34 -53.31 -0.79 -103.07
N GLU I 35 -53.90 0.41 -103.09
CA GLU I 35 -54.01 1.21 -101.87
C GLU I 35 -54.83 0.50 -100.81
N GLN I 36 -56.03 0.01 -101.19
CA GLN I 36 -56.86 -0.66 -100.19
C GLN I 36 -56.28 -2.01 -99.81
N PHE I 37 -55.52 -2.66 -100.70
CA PHE I 37 -54.82 -3.89 -100.33
C PHE I 37 -53.76 -3.62 -99.27
N ASN I 38 -53.00 -2.54 -99.43
CA ASN I 38 -52.03 -2.18 -98.40
C ASN I 38 -52.73 -1.84 -97.10
N LYS I 39 -53.87 -1.16 -97.17
CA LYS I 39 -54.62 -0.84 -95.96
C LYS I 39 -55.07 -2.12 -95.25
N ILE I 40 -55.53 -3.11 -96.01
CA ILE I 40 -55.97 -4.38 -95.43
C ILE I 40 -54.78 -5.15 -94.86
N LEU I 41 -53.64 -5.10 -95.54
CA LEU I 41 -52.51 -5.93 -95.18
C LEU I 41 -51.96 -5.53 -93.81
N PRO I 42 -51.59 -6.49 -92.95
CA PRO I 42 -50.99 -6.12 -91.66
C PRO I 42 -49.59 -5.54 -91.85
N GLU I 43 -49.14 -4.84 -90.82
CA GLU I 43 -47.87 -4.14 -90.89
C GLU I 43 -46.71 -5.14 -90.91
N PRO I 44 -45.61 -4.81 -91.60
CA PRO I 44 -44.47 -5.74 -91.62
C PRO I 44 -43.83 -5.90 -90.26
N THR I 45 -43.17 -7.05 -90.09
CA THR I 45 -42.39 -7.36 -88.90
C THR I 45 -41.06 -7.95 -89.33
N GLU I 46 -40.07 -7.86 -88.45
CA GLU I 46 -38.75 -8.36 -88.77
C GLU I 46 -38.78 -9.88 -88.92
N GLY I 47 -38.28 -10.38 -90.04
CA GLY I 47 -38.27 -11.80 -90.34
C GLY I 47 -39.56 -12.33 -90.93
N PHE I 48 -40.64 -11.56 -90.90
CA PHE I 48 -41.93 -12.00 -91.43
C PHE I 48 -42.41 -13.26 -90.74
N ALA I 49 -42.08 -13.38 -89.45
CA ALA I 49 -42.43 -14.58 -88.70
C ALA I 49 -43.88 -14.60 -88.23
N ALA I 50 -44.55 -13.45 -88.24
CA ALA I 50 -45.95 -13.40 -87.82
C ALA I 50 -46.84 -14.08 -88.86
N ASP I 51 -47.93 -14.65 -88.40
CA ASP I 51 -48.85 -15.35 -89.28
C ASP I 51 -49.67 -14.37 -90.09
N ASP I 52 -50.29 -14.86 -91.16
CA ASP I 52 -51.20 -14.10 -91.99
C ASP I 52 -50.52 -12.93 -92.68
N GLU I 53 -49.22 -13.05 -92.97
CA GLU I 53 -48.48 -12.05 -93.71
C GLU I 53 -47.54 -12.74 -94.68
N PRO I 54 -47.16 -12.08 -95.78
CA PRO I 54 -46.19 -12.69 -96.69
C PRO I 54 -44.79 -12.76 -96.09
N THR I 55 -43.98 -13.66 -96.63
CA THR I 55 -42.57 -13.77 -96.27
C THR I 55 -41.63 -13.57 -97.45
N THR I 56 -42.06 -13.82 -98.67
CA THR I 56 -41.26 -13.64 -99.86
C THR I 56 -42.12 -12.93 -100.90
N PRO I 57 -41.50 -12.34 -101.93
CA PRO I 57 -42.31 -11.59 -102.91
C PRO I 57 -43.35 -12.46 -103.60
N ALA I 58 -43.05 -13.74 -103.80
CA ALA I 58 -44.03 -14.66 -104.39
C ALA I 58 -45.27 -14.77 -103.51
N GLU I 59 -45.08 -14.91 -102.19
CA GLU I 59 -46.24 -15.01 -101.31
C GLU I 59 -47.00 -13.69 -101.24
N LEU I 60 -46.28 -12.55 -101.30
CA LEU I 60 -46.97 -11.27 -101.31
C LEU I 60 -47.87 -11.15 -102.54
N VAL I 61 -47.33 -11.45 -103.72
CA VAL I 61 -48.15 -11.32 -104.92
C VAL I 61 -49.30 -12.30 -104.85
N GLY I 62 -49.05 -13.54 -104.42
CA GLY I 62 -50.12 -14.52 -104.35
C GLY I 62 -51.23 -14.10 -103.42
N LYS I 63 -50.87 -13.47 -102.30
CA LYS I 63 -51.89 -12.92 -101.42
C LYS I 63 -52.70 -11.84 -102.14
N PHE I 64 -52.03 -11.03 -102.97
CA PHE I 64 -52.76 -10.02 -103.74
C PHE I 64 -53.73 -10.67 -104.73
N LEU I 65 -53.30 -11.71 -105.44
CA LEU I 65 -54.22 -12.44 -106.31
C LEU I 65 -55.40 -13.00 -105.52
N GLY I 66 -55.14 -13.61 -104.37
CA GLY I 66 -56.23 -14.15 -103.59
C GLY I 66 -57.22 -13.09 -103.16
N TYR I 67 -56.71 -11.94 -102.74
CA TYR I 67 -57.57 -10.84 -102.31
C TYR I 67 -58.42 -10.31 -103.46
N VAL I 68 -57.80 -10.12 -104.63
CA VAL I 68 -58.56 -9.64 -105.78
C VAL I 68 -59.58 -10.67 -106.23
N SER I 69 -59.22 -11.95 -106.17
CA SER I 69 -60.17 -13.00 -106.52
C SER I 69 -61.36 -13.01 -105.57
N SER I 70 -61.12 -12.80 -104.28
CA SER I 70 -62.23 -12.70 -103.34
C SER I 70 -63.11 -11.51 -103.66
N LEU I 71 -62.52 -10.37 -104.02
CA LEU I 71 -63.31 -9.20 -104.37
C LEU I 71 -64.04 -9.35 -105.71
N VAL I 72 -63.58 -10.22 -106.60
CA VAL I 72 -64.23 -10.47 -107.88
C VAL I 72 -65.41 -11.41 -107.65
N GLU I 73 -66.54 -11.10 -108.29
CA GLU I 73 -67.78 -11.86 -108.15
C GLU I 73 -68.32 -12.20 -109.54
N PRO I 74 -67.92 -13.36 -110.11
CA PRO I 74 -68.47 -13.71 -111.43
C PRO I 74 -69.98 -13.91 -111.42
N GLY I 78 -66.57 -8.11 -113.74
CA GLY I 78 -66.01 -7.22 -114.75
C GLY I 78 -65.37 -5.98 -114.17
N GLN I 79 -65.66 -5.68 -112.90
CA GLN I 79 -65.11 -4.50 -112.27
C GLN I 79 -63.59 -4.56 -112.19
N PHE I 80 -63.05 -5.72 -111.82
CA PHE I 80 -61.60 -5.91 -111.68
C PHE I 80 -61.13 -7.18 -112.38
N ASP I 81 -61.93 -7.70 -113.30
CA ASP I 81 -61.54 -8.92 -114.00
C ASP I 81 -60.29 -8.72 -114.84
N GLN I 82 -60.18 -7.57 -115.51
CA GLN I 82 -59.02 -7.31 -116.35
C GLN I 82 -57.75 -7.25 -115.53
N VAL I 83 -57.79 -6.52 -114.41
CA VAL I 83 -56.58 -6.38 -113.59
C VAL I 83 -56.26 -7.72 -112.94
N LEU I 84 -57.27 -8.48 -112.56
CA LEU I 84 -57.03 -9.81 -112.02
C LEU I 84 -56.32 -10.69 -113.05
N ASN I 85 -56.81 -10.69 -114.29
CA ASN I 85 -56.17 -11.49 -115.33
C ASN I 85 -54.74 -11.03 -115.56
N LEU I 86 -54.51 -9.72 -115.58
CA LEU I 86 -53.17 -9.20 -115.84
C LEU I 86 -52.20 -9.63 -114.74
N CYS I 87 -52.57 -9.41 -113.47
CA CYS I 87 -51.67 -9.77 -112.38
C CYS I 87 -51.48 -11.28 -112.28
N LEU I 88 -52.53 -12.05 -112.57
CA LEU I 88 -52.40 -13.50 -112.57
C LEU I 88 -51.44 -13.97 -113.65
N THR I 89 -51.53 -13.39 -114.84
CA THR I 89 -50.60 -13.74 -115.91
C THR I 89 -49.18 -13.35 -115.55
N GLU I 90 -49.01 -12.18 -114.93
CA GLU I 90 -47.68 -11.77 -114.50
C GLU I 90 -47.11 -12.76 -113.50
N PHE I 91 -47.91 -13.17 -112.52
CA PHE I 91 -47.45 -14.13 -111.53
C PHE I 91 -47.07 -15.46 -112.20
N GLU I 92 -47.92 -15.93 -113.13
CA GLU I 92 -47.64 -17.19 -113.80
C GLU I 92 -46.34 -17.11 -114.59
N ASN I 93 -46.14 -16.02 -115.32
CA ASN I 93 -44.92 -15.88 -116.11
C ASN I 93 -43.68 -15.80 -115.22
N CYS I 94 -43.77 -15.05 -114.11
CA CYS I 94 -42.58 -14.80 -113.32
C CYS I 94 -42.20 -16.01 -112.48
N TYR I 95 -43.19 -16.70 -111.90
CA TYR I 95 -42.94 -17.78 -110.97
C TYR I 95 -43.29 -19.17 -111.49
N LEU I 96 -44.30 -19.29 -112.36
CA LEU I 96 -44.63 -20.57 -112.97
C LEU I 96 -43.97 -20.65 -114.35
N GLU I 97 -42.71 -21.08 -114.34
CA GLU I 97 -41.94 -21.25 -115.58
C GLU I 97 -42.31 -22.59 -116.22
N GLY I 98 -43.60 -22.71 -116.58
CA GLY I 98 -44.13 -23.92 -117.15
C GLY I 98 -44.54 -24.97 -116.14
N ASN I 99 -44.27 -24.75 -114.85
CA ASN I 99 -44.55 -25.71 -113.80
C ASN I 99 -45.86 -25.39 -113.10
N ASP I 100 -46.34 -26.36 -112.32
CA ASP I 100 -47.60 -26.21 -111.60
C ASP I 100 -47.39 -25.44 -110.30
N ILE I 101 -48.52 -25.07 -109.68
CA ILE I 101 -48.47 -24.27 -108.47
C ILE I 101 -47.81 -25.05 -107.33
N HIS I 102 -48.03 -26.36 -107.29
CA HIS I 102 -47.54 -27.14 -106.15
C HIS I 102 -46.02 -27.31 -106.16
N ALA I 103 -45.42 -27.41 -107.35
CA ALA I 103 -43.96 -27.42 -107.41
C ALA I 103 -43.39 -26.12 -106.88
N LEU I 104 -44.00 -24.99 -107.26
CA LEU I 104 -43.57 -23.70 -106.76
C LEU I 104 -43.71 -23.64 -105.24
N ALA I 105 -44.82 -24.18 -104.74
CA ALA I 105 -45.07 -24.22 -103.30
C ALA I 105 -44.00 -25.01 -102.57
N ALA I 106 -43.65 -26.18 -103.11
CA ALA I 106 -42.59 -26.98 -102.49
C ALA I 106 -41.25 -26.24 -102.54
N LYS I 107 -41.01 -25.50 -103.63
CA LYS I 107 -39.78 -24.73 -103.71
C LYS I 107 -39.71 -23.67 -102.62
N LEU I 108 -40.82 -22.95 -102.39
CA LEU I 108 -40.84 -22.01 -101.28
C LEU I 108 -40.67 -22.71 -99.94
N LEU I 109 -41.32 -23.87 -99.76
CA LEU I 109 -41.22 -24.56 -98.48
C LEU I 109 -39.79 -24.95 -98.17
N GLN I 110 -39.06 -25.49 -99.15
CA GLN I 110 -37.71 -25.97 -98.89
C GLN I 110 -36.69 -24.84 -98.93
N GLU I 111 -36.57 -24.18 -100.09
CA GLU I 111 -35.52 -23.16 -100.25
C GLU I 111 -35.80 -21.94 -99.38
N ASN I 112 -37.01 -21.41 -99.43
CA ASN I 112 -37.35 -20.19 -98.72
C ASN I 112 -37.90 -20.50 -97.34
N ASP I 113 -37.95 -19.46 -96.51
CA ASP I 113 -38.44 -19.57 -95.13
C ASP I 113 -39.96 -19.35 -95.12
N THR I 114 -40.68 -20.33 -95.65
CA THR I 114 -42.13 -20.31 -95.73
C THR I 114 -42.71 -21.46 -94.92
N THR I 115 -43.78 -21.19 -94.19
CA THR I 115 -44.44 -22.18 -93.37
C THR I 115 -45.51 -22.91 -94.17
N LEU I 116 -45.99 -24.02 -93.60
CA LEU I 116 -47.03 -24.80 -94.28
C LEU I 116 -48.30 -23.99 -94.47
N VAL I 117 -48.69 -23.22 -93.45
CA VAL I 117 -49.92 -22.43 -93.55
C VAL I 117 -49.78 -21.37 -94.65
N LYS I 118 -48.63 -20.70 -94.72
CA LYS I 118 -48.41 -19.71 -95.75
C LYS I 118 -48.42 -20.35 -97.14
N THR I 119 -47.79 -21.52 -97.27
CA THR I 119 -47.79 -22.21 -98.56
C THR I 119 -49.20 -22.60 -98.96
N LYS I 120 -49.99 -23.10 -98.01
CA LYS I 120 -51.36 -23.51 -98.32
C LYS I 120 -52.21 -22.31 -98.73
N GLU I 121 -52.06 -21.18 -98.05
CA GLU I 121 -52.86 -20.00 -98.44
C GLU I 121 -52.40 -19.47 -99.79
N LEU I 122 -51.11 -19.57 -100.10
CA LEU I 122 -50.64 -19.20 -101.43
C LEU I 122 -51.29 -20.06 -102.50
N ILE I 123 -51.32 -21.38 -102.28
CA ILE I 123 -51.95 -22.29 -103.23
C ILE I 123 -53.44 -21.95 -103.37
N LYS I 124 -54.09 -21.69 -102.24
CA LYS I 124 -55.50 -21.32 -102.22
C LYS I 124 -55.74 -20.08 -103.08
N ASN I 125 -54.92 -19.05 -102.85
CA ASN I 125 -55.09 -17.80 -103.57
C ASN I 125 -54.91 -18.01 -105.07
N TYR I 126 -53.89 -18.77 -105.46
CA TYR I 126 -53.67 -18.99 -106.89
C TYR I 126 -54.84 -19.73 -107.52
N ILE I 127 -55.31 -20.81 -106.89
CA ILE I 127 -56.36 -21.61 -107.52
C ILE I 127 -57.67 -20.82 -107.56
N THR I 128 -57.97 -20.09 -106.49
CA THR I 128 -59.18 -19.26 -106.47
C THR I 128 -59.11 -18.21 -107.56
N ALA I 129 -57.97 -17.55 -107.72
CA ALA I 129 -57.82 -16.55 -108.78
C ALA I 129 -58.00 -17.20 -110.15
N ARG I 130 -57.41 -18.37 -110.36
CA ARG I 130 -57.51 -19.04 -111.65
C ARG I 130 -58.96 -19.33 -112.01
N ILE I 131 -59.73 -19.88 -111.06
CA ILE I 131 -61.12 -20.21 -111.38
C ILE I 131 -61.95 -18.93 -111.53
N MET I 132 -61.73 -17.95 -110.65
CA MET I 132 -62.58 -16.76 -110.66
C MET I 132 -62.30 -15.88 -111.88
N ALA I 133 -61.12 -16.01 -112.48
CA ALA I 133 -60.76 -15.17 -113.62
C ALA I 133 -61.15 -15.82 -114.94
N LYS I 134 -62.15 -16.71 -114.92
CA LYS I 134 -62.58 -17.42 -116.11
C LYS I 134 -61.42 -18.17 -116.75
N ARG I 135 -60.53 -18.73 -115.91
CA ARG I 135 -59.34 -19.45 -116.36
C ARG I 135 -59.26 -20.77 -115.63
N PRO I 136 -60.16 -21.71 -115.93
CA PRO I 136 -60.09 -23.02 -115.28
C PRO I 136 -58.89 -23.83 -115.75
N PHE I 137 -58.76 -25.05 -115.24
CA PHE I 137 -57.66 -25.94 -115.60
C PHE I 137 -58.06 -26.90 -116.72
N ASP I 138 -58.91 -26.45 -117.65
CA ASP I 138 -59.34 -27.32 -118.74
C ASP I 138 -58.16 -27.75 -119.61
N LYS I 139 -57.15 -26.90 -119.75
CA LYS I 139 -55.98 -27.29 -120.52
C LYS I 139 -55.29 -28.48 -119.87
N LYS I 140 -54.94 -29.46 -120.70
CA LYS I 140 -54.32 -30.68 -120.19
C LYS I 140 -52.93 -30.35 -119.64
N SER I 141 -52.62 -30.89 -118.46
CA SER I 141 -51.32 -30.65 -117.87
C SER I 141 -50.25 -31.48 -118.58
N ASN I 142 -49.01 -31.02 -118.45
CA ASN I 142 -47.84 -31.68 -119.03
C ASN I 142 -46.93 -32.22 -117.93
N SER I 143 -47.52 -32.78 -116.88
CA SER I 143 -46.75 -33.34 -115.78
C SER I 143 -45.86 -34.48 -116.28
N ALA I 144 -44.65 -34.56 -115.74
CA ALA I 144 -43.69 -35.55 -116.19
C ALA I 144 -44.19 -36.96 -115.90
N LEU I 145 -44.79 -37.17 -114.73
CA LEU I 145 -45.29 -38.50 -114.36
C LEU I 145 -46.33 -38.97 -115.37
N PHE I 146 -47.30 -38.12 -115.70
CA PHE I 146 -48.37 -38.55 -116.59
C PHE I 146 -47.91 -38.59 -118.04
N ARG I 147 -46.90 -37.80 -118.41
CA ARG I 147 -46.30 -37.96 -119.73
C ARG I 147 -45.62 -39.32 -119.85
N ALA I 148 -44.89 -39.73 -118.81
CA ALA I 148 -44.28 -41.05 -118.79
C ALA I 148 -45.34 -42.13 -118.84
N VAL I 149 -46.47 -41.92 -118.16
CA VAL I 149 -47.56 -42.88 -118.23
C VAL I 149 -48.11 -42.97 -119.64
N GLY I 150 -48.31 -41.82 -120.28
CA GLY I 150 -48.83 -41.83 -121.65
C GLY I 150 -47.93 -42.56 -122.61
N GLU I 151 -46.62 -42.36 -122.47
CA GLU I 151 -45.66 -43.06 -123.32
C GLU I 151 -45.32 -44.46 -122.81
N GLY I 152 -45.90 -44.87 -121.68
CA GLY I 152 -45.69 -46.21 -121.18
C GLY I 152 -44.46 -46.41 -120.33
N ASN I 153 -43.74 -45.34 -119.98
CA ASN I 153 -42.53 -45.48 -119.20
C ASN I 153 -42.80 -45.71 -117.71
N ALA I 154 -44.03 -45.45 -117.25
CA ALA I 154 -44.38 -45.65 -115.85
C ALA I 154 -45.80 -46.19 -115.75
N GLN I 155 -46.05 -46.93 -114.68
CA GLN I 155 -47.38 -47.48 -114.37
C GLN I 155 -47.83 -46.93 -113.03
N LEU I 156 -49.11 -46.58 -112.94
CA LEU I 156 -49.66 -45.92 -111.76
C LEU I 156 -50.70 -46.83 -111.10
N VAL I 157 -50.57 -47.00 -109.78
CA VAL I 157 -51.56 -47.72 -109.00
C VAL I 157 -51.99 -46.80 -107.85
N ALA I 158 -53.29 -46.54 -107.77
CA ALA I 158 -53.85 -45.72 -106.70
C ALA I 158 -54.13 -46.59 -105.48
N ILE I 159 -53.73 -46.12 -104.30
CA ILE I 159 -54.03 -46.78 -103.04
C ILE I 159 -54.76 -45.78 -102.15
N PHE I 160 -55.87 -46.22 -101.58
CA PHE I 160 -56.70 -45.38 -100.71
C PHE I 160 -56.64 -45.91 -99.29
N GLY I 161 -56.37 -45.02 -98.34
CA GLY I 161 -56.23 -45.40 -96.95
C GLY I 161 -57.56 -45.68 -96.30
N GLY I 162 -57.51 -45.85 -95.00
CA GLY I 162 -58.71 -46.16 -94.21
C GLY I 162 -58.54 -45.70 -92.78
N GLN I 163 -58.96 -46.56 -91.85
CA GLN I 163 -58.90 -46.22 -90.43
C GLN I 163 -57.50 -46.46 -89.87
N GLY I 164 -57.20 -45.76 -88.79
CA GLY I 164 -55.97 -45.96 -88.06
C GLY I 164 -54.77 -45.20 -88.58
N ASN I 165 -54.90 -44.51 -89.72
CA ASN I 165 -53.78 -43.75 -90.26
C ASN I 165 -53.46 -42.55 -89.39
N THR I 166 -54.49 -41.87 -88.89
CA THR I 166 -54.30 -40.70 -88.05
C THR I 166 -55.49 -40.55 -87.13
N ASP I 167 -55.26 -39.87 -86.00
CA ASP I 167 -56.33 -39.56 -85.05
C ASP I 167 -57.06 -38.27 -85.38
N ASP I 168 -56.57 -37.51 -86.36
CA ASP I 168 -57.04 -36.14 -86.61
C ASP I 168 -57.25 -35.93 -88.11
N TYR I 169 -57.98 -36.86 -88.73
CA TYR I 169 -58.29 -36.75 -90.16
C TYR I 169 -59.17 -35.54 -90.48
N PHE I 170 -59.90 -35.02 -89.49
CA PHE I 170 -60.84 -33.96 -89.80
C PHE I 170 -60.13 -32.64 -90.10
N GLU I 171 -58.94 -32.42 -89.53
CA GLU I 171 -58.17 -31.25 -89.92
C GLU I 171 -57.69 -31.38 -91.35
N GLU I 172 -57.42 -32.60 -91.82
CA GLU I 172 -57.04 -32.74 -93.21
C GLU I 172 -58.25 -32.48 -94.12
N LEU I 173 -59.44 -32.93 -93.71
CA LEU I 173 -60.66 -32.51 -94.42
C LEU I 173 -60.82 -30.99 -94.39
N ARG I 174 -60.57 -30.38 -93.25
CA ARG I 174 -60.74 -28.93 -93.09
C ARG I 174 -59.78 -28.19 -94.00
N ASP I 175 -58.52 -28.63 -94.05
CA ASP I 175 -57.54 -27.98 -94.91
C ASP I 175 -57.86 -28.20 -96.39
N LEU I 176 -58.42 -29.36 -96.73
CA LEU I 176 -58.91 -29.52 -98.10
C LEU I 176 -60.01 -28.51 -98.41
N TYR I 177 -61.03 -28.42 -97.54
CA TYR I 177 -62.13 -27.51 -97.79
C TYR I 177 -61.68 -26.06 -97.82
N GLN I 178 -60.64 -25.71 -97.07
CA GLN I 178 -60.17 -24.33 -97.05
C GLN I 178 -59.29 -24.04 -98.26
N THR I 179 -58.19 -24.79 -98.39
CA THR I 179 -57.21 -24.51 -99.44
C THR I 179 -57.80 -24.69 -100.82
N TYR I 180 -58.54 -25.78 -101.04
CA TYR I 180 -59.12 -26.11 -102.33
C TYR I 180 -60.64 -25.92 -102.29
N HIS I 181 -61.08 -24.86 -101.61
CA HIS I 181 -62.51 -24.58 -101.49
C HIS I 181 -63.19 -24.53 -102.85
N VAL I 182 -62.60 -23.79 -103.79
CA VAL I 182 -63.23 -23.61 -105.08
C VAL I 182 -63.26 -24.92 -105.85
N LEU I 183 -62.27 -25.79 -105.64
CA LEU I 183 -62.21 -27.04 -106.39
C LEU I 183 -63.15 -28.09 -105.81
N VAL I 184 -62.97 -28.47 -104.55
CA VAL I 184 -63.72 -29.55 -103.93
C VAL I 184 -64.94 -29.04 -103.17
N GLY I 185 -65.34 -27.78 -103.39
CA GLY I 185 -66.52 -27.27 -102.72
C GLY I 185 -67.78 -27.97 -103.16
N ASP I 186 -67.92 -28.19 -104.47
CA ASP I 186 -69.07 -28.93 -104.98
C ASP I 186 -69.09 -30.35 -104.43
N LEU I 187 -67.92 -31.01 -104.39
CA LEU I 187 -67.85 -32.37 -103.87
C LEU I 187 -68.27 -32.41 -102.40
N ILE I 188 -67.74 -31.49 -101.59
CA ILE I 188 -68.03 -31.53 -100.16
C ILE I 188 -69.48 -31.17 -99.90
N LYS I 189 -70.03 -30.20 -100.64
CA LYS I 189 -71.44 -29.87 -100.49
C LYS I 189 -72.33 -31.05 -100.88
N PHE I 190 -71.99 -31.72 -101.99
CA PHE I 190 -72.77 -32.88 -102.41
C PHE I 190 -72.70 -33.99 -101.38
N SER I 191 -71.51 -34.24 -100.83
CA SER I 191 -71.37 -35.27 -99.81
C SER I 191 -72.17 -34.92 -98.57
N ALA I 192 -72.15 -33.65 -98.17
CA ALA I 192 -72.92 -33.22 -97.01
C ALA I 192 -74.41 -33.44 -97.23
N GLU I 193 -74.93 -33.02 -98.38
CA GLU I 193 -76.37 -33.13 -98.60
C GLU I 193 -76.80 -34.59 -98.74
N THR I 194 -76.00 -35.42 -99.41
CA THR I 194 -76.40 -36.82 -99.54
C THR I 194 -76.27 -37.56 -98.21
N LEU I 195 -75.28 -37.20 -97.39
CA LEU I 195 -75.20 -37.78 -96.05
C LEU I 195 -76.39 -37.38 -95.20
N SER I 196 -76.80 -36.11 -95.28
CA SER I 196 -77.98 -35.67 -94.54
C SER I 196 -79.23 -36.40 -95.02
N GLU I 197 -79.36 -36.58 -96.34
CA GLU I 197 -80.51 -37.31 -96.87
C GLU I 197 -80.51 -38.75 -96.40
N LEU I 198 -79.33 -39.39 -96.39
CA LEU I 198 -79.25 -40.77 -95.92
C LEU I 198 -79.60 -40.87 -94.44
N ILE I 199 -79.14 -39.92 -93.63
CA ILE I 199 -79.51 -39.93 -92.20
C ILE I 199 -81.01 -39.76 -92.05
N ARG I 200 -81.60 -38.84 -92.81
CA ARG I 200 -83.03 -38.58 -92.69
C ARG I 200 -83.85 -39.80 -93.12
N THR I 201 -83.43 -40.47 -94.19
CA THR I 201 -84.19 -41.61 -94.70
C THR I 201 -83.99 -42.84 -93.82
N THR I 202 -82.79 -43.03 -93.28
CA THR I 202 -82.52 -44.18 -92.43
C THR I 202 -83.35 -44.11 -91.16
N LEU I 203 -83.81 -45.28 -90.70
CA LEU I 203 -84.77 -45.32 -89.60
C LEU I 203 -84.15 -44.83 -88.30
N ASP I 204 -82.94 -45.28 -87.98
CA ASP I 204 -82.33 -45.07 -86.67
C ASP I 204 -81.00 -44.33 -86.75
N ALA I 205 -80.71 -43.67 -87.87
CA ALA I 205 -79.42 -42.99 -88.00
C ALA I 205 -79.31 -41.80 -87.05
N GLU I 206 -80.43 -41.11 -86.80
CA GLU I 206 -80.39 -39.96 -85.91
C GLU I 206 -79.94 -40.37 -84.51
N LYS I 207 -80.32 -41.58 -84.07
CA LYS I 207 -79.90 -42.05 -82.76
C LYS I 207 -78.39 -42.23 -82.69
N VAL I 208 -77.78 -42.77 -83.75
CA VAL I 208 -76.34 -42.94 -83.77
C VAL I 208 -75.64 -41.59 -83.84
N PHE I 209 -76.18 -40.67 -84.63
CA PHE I 209 -75.58 -39.34 -84.82
C PHE I 209 -76.15 -38.40 -83.78
N THR I 210 -75.54 -38.42 -82.58
CA THR I 210 -76.01 -37.58 -81.49
C THR I 210 -75.81 -36.10 -81.81
N GLN I 211 -74.64 -35.74 -82.36
CA GLN I 211 -74.30 -34.36 -82.65
C GLN I 211 -74.52 -33.99 -84.11
N GLY I 212 -75.20 -34.82 -84.88
CA GLY I 212 -75.46 -34.53 -86.27
C GLY I 212 -74.23 -34.72 -87.14
N LEU I 213 -74.42 -34.49 -88.44
CA LEU I 213 -73.38 -34.65 -89.44
C LEU I 213 -73.39 -33.47 -90.41
N ASN I 214 -73.43 -32.24 -89.87
CA ASN I 214 -73.46 -31.05 -90.72
C ASN I 214 -72.01 -30.66 -90.99
N ILE I 215 -71.41 -31.34 -91.97
CA ILE I 215 -70.01 -31.14 -92.30
C ILE I 215 -69.77 -29.69 -92.71
N LEU I 216 -70.70 -29.09 -93.44
CA LEU I 216 -70.50 -27.72 -93.90
C LEU I 216 -70.43 -26.74 -92.74
N GLU I 217 -71.33 -26.86 -91.77
CA GLU I 217 -71.27 -25.95 -90.63
C GLU I 217 -70.03 -26.20 -89.79
N TRP I 218 -69.64 -27.48 -89.63
CA TRP I 218 -68.40 -27.75 -88.89
C TRP I 218 -67.20 -27.11 -89.58
N LEU I 219 -67.15 -27.18 -90.91
CA LEU I 219 -66.03 -26.59 -91.64
C LEU I 219 -66.06 -25.07 -91.57
N GLU I 220 -67.24 -24.47 -91.73
CA GLU I 220 -67.35 -23.02 -91.70
C GLU I 220 -66.98 -22.45 -90.33
N ASN I 221 -67.40 -23.13 -89.25
CA ASN I 221 -67.16 -22.68 -87.88
C ASN I 221 -66.37 -23.76 -87.14
N PRO I 222 -65.04 -23.72 -87.20
CA PRO I 222 -64.25 -24.70 -86.43
C PRO I 222 -64.43 -24.56 -84.92
N SER I 223 -64.93 -23.41 -84.43
CA SER I 223 -65.04 -23.20 -82.99
C SER I 223 -65.98 -24.22 -82.35
N ASN I 224 -67.11 -24.50 -83.01
CA ASN I 224 -68.13 -25.38 -82.47
C ASN I 224 -68.09 -26.78 -83.06
N THR I 225 -66.96 -27.17 -83.66
CA THR I 225 -66.85 -28.50 -84.25
C THR I 225 -66.92 -29.56 -83.14
N PRO I 226 -67.41 -30.77 -83.45
CA PRO I 226 -67.47 -31.80 -82.42
C PRO I 226 -66.09 -32.20 -81.91
N ASP I 227 -66.10 -32.95 -80.81
CA ASP I 227 -64.85 -33.41 -80.22
C ASP I 227 -64.21 -34.48 -81.10
N LYS I 228 -62.91 -34.66 -80.89
CA LYS I 228 -62.14 -35.60 -81.71
C LYS I 228 -62.65 -37.03 -81.56
N ASP I 229 -63.15 -37.40 -80.38
CA ASP I 229 -63.67 -38.76 -80.20
C ASP I 229 -64.92 -38.98 -81.04
N TYR I 230 -65.85 -38.02 -81.01
CA TYR I 230 -67.04 -38.14 -81.85
C TYR I 230 -66.69 -38.15 -83.32
N LEU I 231 -65.73 -37.31 -83.72
CA LEU I 231 -65.30 -37.29 -85.12
C LEU I 231 -64.67 -38.63 -85.52
N LEU I 232 -63.89 -39.23 -84.62
CA LEU I 232 -63.22 -40.49 -84.91
C LEU I 232 -64.14 -41.68 -84.84
N SER I 233 -65.31 -41.54 -84.22
CA SER I 233 -66.30 -42.62 -84.26
C SER I 233 -66.63 -42.98 -85.70
N ILE I 234 -66.79 -44.28 -85.96
CA ILE I 234 -66.85 -44.77 -87.34
C ILE I 234 -68.04 -44.24 -88.13
N PRO I 235 -69.22 -43.95 -87.54
CA PRO I 235 -70.28 -43.36 -88.38
C PRO I 235 -69.87 -42.03 -88.98
N ILE I 236 -68.97 -41.30 -88.33
CA ILE I 236 -68.39 -40.10 -88.91
C ILE I 236 -67.15 -40.43 -89.73
N SER I 237 -66.25 -41.25 -89.16
CA SER I 237 -64.92 -41.44 -89.75
C SER I 237 -65.00 -42.06 -91.14
N CYS I 238 -65.86 -43.06 -91.32
CA CYS I 238 -65.93 -43.73 -92.62
C CYS I 238 -66.36 -42.79 -93.73
N PRO I 239 -67.57 -42.20 -93.70
CA PRO I 239 -67.94 -41.29 -94.81
C PRO I 239 -67.02 -40.09 -94.94
N LEU I 240 -66.51 -39.55 -93.83
CA LEU I 240 -65.65 -38.38 -93.93
C LEU I 240 -64.28 -38.74 -94.51
N ILE I 241 -63.74 -39.91 -94.16
CA ILE I 241 -62.51 -40.35 -94.79
C ILE I 241 -62.73 -40.58 -96.28
N GLY I 242 -63.90 -41.11 -96.64
CA GLY I 242 -64.24 -41.23 -98.05
C GLY I 242 -64.27 -39.89 -98.75
N VAL I 243 -64.89 -38.88 -98.11
CA VAL I 243 -64.95 -37.55 -98.69
C VAL I 243 -63.55 -36.99 -98.86
N ILE I 244 -62.68 -37.26 -97.90
CA ILE I 244 -61.31 -36.75 -97.97
C ILE I 244 -60.58 -37.36 -99.14
N GLN I 245 -60.70 -38.68 -99.31
CA GLN I 245 -60.04 -39.35 -100.42
C GLN I 245 -60.58 -38.85 -101.75
N LEU I 246 -61.91 -38.70 -101.85
CA LEU I 246 -62.50 -38.20 -103.09
C LEU I 246 -62.07 -36.77 -103.35
N ALA I 247 -61.91 -35.97 -102.30
CA ALA I 247 -61.42 -34.61 -102.47
C ALA I 247 -59.99 -34.59 -102.99
N HIS I 248 -59.14 -35.49 -102.49
CA HIS I 248 -57.78 -35.59 -103.02
C HIS I 248 -57.82 -35.96 -104.49
N TYR I 249 -58.67 -36.92 -104.84
CA TYR I 249 -58.78 -37.34 -106.23
C TYR I 249 -59.26 -36.18 -107.11
N VAL I 250 -60.25 -35.42 -106.62
CA VAL I 250 -60.78 -34.30 -107.38
C VAL I 250 -59.72 -33.23 -107.58
N VAL I 251 -58.97 -32.92 -106.51
CA VAL I 251 -57.93 -31.90 -106.62
C VAL I 251 -56.88 -32.34 -107.62
N THR I 252 -56.45 -33.59 -107.54
CA THR I 252 -55.46 -34.09 -108.49
C THR I 252 -55.97 -33.99 -109.92
N ALA I 253 -57.18 -34.50 -110.18
CA ALA I 253 -57.72 -34.51 -111.53
C ALA I 253 -57.91 -33.10 -112.08
N LYS I 254 -58.42 -32.18 -111.25
CA LYS I 254 -58.68 -30.83 -111.73
C LYS I 254 -57.39 -30.07 -111.97
N LEU I 255 -56.44 -30.15 -111.04
CA LEU I 255 -55.18 -29.43 -111.21
C LEU I 255 -54.40 -29.96 -112.41
N LEU I 256 -54.50 -31.27 -112.68
CA LEU I 256 -53.85 -31.82 -113.85
C LEU I 256 -54.67 -31.67 -115.13
N GLY I 257 -55.94 -31.26 -115.02
CA GLY I 257 -56.78 -31.08 -116.19
C GLY I 257 -57.44 -32.33 -116.71
N PHE I 258 -57.17 -33.50 -116.13
CA PHE I 258 -57.87 -34.72 -116.52
C PHE I 258 -59.24 -34.78 -115.86
N THR I 259 -60.20 -35.33 -116.59
CA THR I 259 -61.45 -35.73 -115.97
C THR I 259 -61.20 -37.00 -115.17
N PRO I 260 -62.10 -37.35 -114.24
CA PRO I 260 -61.88 -38.59 -113.46
C PRO I 260 -61.73 -39.82 -114.32
N GLY I 261 -62.46 -39.91 -115.43
CA GLY I 261 -62.33 -41.06 -116.31
C GLY I 261 -60.95 -41.16 -116.93
N GLU I 262 -60.42 -40.04 -117.44
CA GLU I 262 -59.08 -40.06 -118.02
C GLU I 262 -58.02 -40.34 -116.97
N LEU I 263 -58.15 -39.76 -115.77
CA LEU I 263 -57.17 -40.05 -114.73
C LEU I 263 -57.19 -41.53 -114.35
N ARG I 264 -58.39 -42.10 -114.24
CA ARG I 264 -58.50 -43.53 -113.94
C ARG I 264 -57.89 -44.36 -115.06
N SER I 265 -58.15 -44.01 -116.31
CA SER I 265 -57.60 -44.77 -117.42
C SER I 265 -56.07 -44.69 -117.42
N TYR I 266 -55.52 -43.54 -117.05
CA TYR I 266 -54.07 -43.43 -116.92
C TYR I 266 -53.56 -44.29 -115.78
N LEU I 267 -54.32 -44.42 -114.69
CA LEU I 267 -53.92 -45.32 -113.61
C LEU I 267 -53.86 -46.76 -114.12
N LYS I 268 -52.79 -47.45 -113.77
CA LYS I 268 -52.69 -48.88 -114.08
C LYS I 268 -53.58 -49.73 -113.18
N GLY I 269 -53.80 -49.31 -111.94
CA GLY I 269 -54.65 -50.09 -111.05
C GLY I 269 -55.13 -49.24 -109.89
N ALA I 270 -55.97 -49.85 -109.07
CA ALA I 270 -56.52 -49.18 -107.90
C ALA I 270 -56.74 -50.20 -106.80
N THR I 271 -56.71 -49.74 -105.56
CA THR I 271 -56.97 -50.58 -104.40
C THR I 271 -57.02 -49.69 -103.15
N GLY I 272 -57.26 -50.33 -102.02
CA GLY I 272 -57.30 -49.59 -100.77
C GLY I 272 -57.13 -50.49 -99.57
N HIS I 273 -56.72 -49.88 -98.48
CA HIS I 273 -56.53 -50.57 -97.20
C HIS I 273 -57.86 -50.56 -96.46
N SER I 274 -58.56 -51.69 -96.48
CA SER I 274 -59.84 -51.83 -95.82
C SER I 274 -60.87 -50.83 -96.38
N GLN I 275 -61.01 -49.68 -95.73
CA GLN I 275 -62.05 -48.73 -96.11
C GLN I 275 -61.82 -48.17 -97.50
N GLY I 276 -60.57 -47.96 -97.89
CA GLY I 276 -60.27 -47.30 -99.16
C GLY I 276 -60.66 -48.11 -100.38
N LEU I 277 -61.00 -49.39 -100.20
CA LEU I 277 -61.44 -50.20 -101.33
C LEU I 277 -62.72 -49.64 -101.93
N VAL I 278 -63.60 -49.07 -101.11
CA VAL I 278 -64.82 -48.44 -101.61
C VAL I 278 -64.46 -47.28 -102.53
N THR I 279 -63.53 -46.43 -102.09
CA THR I 279 -63.13 -45.29 -102.91
C THR I 279 -62.44 -45.74 -104.20
N ALA I 280 -61.63 -46.80 -104.12
CA ALA I 280 -60.97 -47.31 -105.32
C ALA I 280 -62.00 -47.81 -106.33
N VAL I 281 -62.98 -48.59 -105.88
CA VAL I 281 -64.02 -49.06 -106.78
C VAL I 281 -64.83 -47.88 -107.31
N ALA I 282 -64.98 -46.83 -106.50
CA ALA I 282 -65.71 -45.66 -106.94
C ALA I 282 -64.98 -44.94 -108.08
N ILE I 283 -63.68 -44.74 -107.94
CA ILE I 283 -62.94 -44.07 -109.02
C ILE I 283 -62.93 -44.95 -110.26
N ALA I 284 -62.85 -46.27 -110.07
CA ALA I 284 -62.94 -47.16 -111.23
C ALA I 284 -64.31 -47.05 -111.89
N GLU I 285 -65.36 -46.81 -111.11
CA GLU I 285 -66.70 -46.58 -111.63
C GLU I 285 -66.79 -45.28 -112.42
N THR I 286 -66.10 -44.24 -111.96
CA THR I 286 -66.22 -42.91 -112.55
C THR I 286 -65.92 -42.92 -114.05
N ASP I 287 -66.68 -42.12 -114.79
CA ASP I 287 -66.50 -42.01 -116.24
C ASP I 287 -66.31 -40.56 -116.67
N SER I 288 -67.03 -39.64 -116.03
CA SER I 288 -66.95 -38.23 -116.37
C SER I 288 -67.40 -37.42 -115.17
N TRP I 289 -67.23 -36.09 -115.26
CA TRP I 289 -67.61 -35.23 -114.15
C TRP I 289 -69.11 -35.29 -113.89
N GLU I 290 -69.91 -35.55 -114.92
CA GLU I 290 -71.35 -35.67 -114.73
C GLU I 290 -71.69 -36.89 -113.87
N SER I 291 -71.15 -38.05 -114.23
CA SER I 291 -71.36 -39.28 -113.46
C SER I 291 -70.40 -39.39 -112.27
N PHE I 292 -69.47 -38.45 -112.14
CA PHE I 292 -68.58 -38.47 -110.99
C PHE I 292 -69.36 -38.30 -109.69
N PHE I 293 -70.38 -37.45 -109.71
CA PHE I 293 -71.22 -37.30 -108.52
C PHE I 293 -72.04 -38.56 -108.25
N VAL I 294 -72.41 -39.29 -109.30
CA VAL I 294 -73.08 -40.58 -109.07
C VAL I 294 -72.14 -41.54 -108.36
N SER I 295 -70.89 -41.62 -108.82
CA SER I 295 -69.92 -42.49 -108.18
C SER I 295 -69.65 -42.04 -106.74
N VAL I 296 -69.55 -40.73 -106.51
CA VAL I 296 -69.33 -40.21 -105.17
C VAL I 296 -70.51 -40.56 -104.28
N ARG I 297 -71.73 -40.43 -104.80
CA ARG I 297 -72.91 -40.79 -104.03
C ARG I 297 -72.87 -42.25 -103.62
N LYS I 298 -72.51 -43.13 -104.56
CA LYS I 298 -72.43 -44.56 -104.23
C LYS I 298 -71.37 -44.81 -103.16
N ALA I 299 -70.20 -44.19 -103.30
CA ALA I 299 -69.13 -44.42 -102.33
C ALA I 299 -69.53 -43.93 -100.95
N ILE I 300 -70.09 -42.71 -100.88
CA ILE I 300 -70.47 -42.14 -99.59
C ILE I 300 -71.60 -42.95 -98.97
N THR I 301 -72.56 -43.41 -99.78
CA THR I 301 -73.62 -44.24 -99.24
C THR I 301 -73.08 -45.52 -98.65
N VAL I 302 -72.17 -46.19 -99.37
CA VAL I 302 -71.61 -47.44 -98.86
C VAL I 302 -70.86 -47.19 -97.56
N LEU I 303 -70.01 -46.17 -97.53
CA LEU I 303 -69.20 -45.91 -96.34
C LEU I 303 -70.08 -45.54 -95.15
N PHE I 304 -71.07 -44.67 -95.39
CA PHE I 304 -71.96 -44.26 -94.30
C PHE I 304 -72.75 -45.45 -93.77
N PHE I 305 -73.22 -46.34 -94.65
CA PHE I 305 -74.04 -47.45 -94.18
C PHE I 305 -73.18 -48.48 -93.43
N ILE I 306 -71.98 -48.77 -93.94
CA ILE I 306 -71.13 -49.71 -93.22
C ILE I 306 -70.74 -49.13 -91.86
N GLY I 307 -70.45 -47.83 -91.80
CA GLY I 307 -70.14 -47.22 -90.52
C GLY I 307 -71.29 -47.31 -89.54
N VAL I 308 -72.50 -46.98 -90.01
CA VAL I 308 -73.67 -46.99 -89.12
C VAL I 308 -73.94 -48.41 -88.63
N ARG I 309 -73.95 -49.39 -89.54
CA ARG I 309 -74.28 -50.75 -89.16
C ARG I 309 -73.20 -51.36 -88.27
N CYS I 310 -71.93 -51.09 -88.55
CA CYS I 310 -70.86 -51.59 -87.70
C CYS I 310 -70.94 -50.98 -86.30
N TYR I 311 -71.23 -49.67 -86.22
CA TYR I 311 -71.37 -49.05 -84.91
C TYR I 311 -72.56 -49.63 -84.15
N GLU I 312 -73.67 -49.87 -84.84
CA GLU I 312 -74.83 -50.47 -84.19
C GLU I 312 -74.53 -51.88 -83.72
N ALA I 313 -73.76 -52.64 -84.51
CA ALA I 313 -73.44 -54.02 -84.13
C ALA I 313 -72.51 -54.05 -82.92
N TYR I 314 -71.47 -53.22 -82.92
CA TYR I 314 -70.51 -53.16 -81.83
C TYR I 314 -70.23 -51.70 -81.48
N PRO I 315 -71.15 -51.03 -80.78
CA PRO I 315 -70.89 -49.66 -80.36
C PRO I 315 -69.78 -49.60 -79.32
N ASN I 316 -69.06 -48.47 -79.32
CA ASN I 316 -68.00 -48.27 -78.36
C ASN I 316 -68.58 -48.09 -76.96
N THR I 317 -67.81 -48.50 -75.95
CA THR I 317 -68.20 -48.38 -74.56
C THR I 317 -67.02 -47.87 -73.75
N SER I 318 -67.33 -47.15 -72.67
CA SER I 318 -66.27 -46.62 -71.81
C SER I 318 -65.60 -47.76 -71.06
N LEU I 319 -64.27 -47.72 -71.04
CA LEU I 319 -63.47 -48.74 -70.38
C LEU I 319 -63.13 -48.29 -68.97
N PRO I 320 -62.80 -49.20 -68.06
CA PRO I 320 -62.53 -48.78 -66.68
C PRO I 320 -61.35 -47.83 -66.62
N PRO I 321 -61.44 -46.79 -65.78
CA PRO I 321 -60.27 -45.91 -65.64
C PRO I 321 -59.07 -46.60 -65.03
N SER I 322 -59.26 -47.72 -64.33
CA SER I 322 -58.11 -48.50 -63.90
C SER I 322 -57.31 -48.99 -65.11
N ILE I 323 -58.00 -49.55 -66.11
CA ILE I 323 -57.33 -50.01 -67.31
C ILE I 323 -56.72 -48.85 -68.07
N LEU I 324 -57.47 -47.74 -68.19
CA LEU I 324 -56.92 -46.57 -68.86
C LEU I 324 -55.66 -46.05 -68.16
N GLU I 325 -55.70 -45.98 -66.83
CA GLU I 325 -54.57 -45.46 -66.07
C GLU I 325 -53.37 -46.38 -66.21
N ASP I 326 -53.57 -47.70 -66.16
CA ASP I 326 -52.45 -48.61 -66.34
C ASP I 326 -51.85 -48.48 -67.73
N SER I 327 -52.70 -48.39 -68.76
CA SER I 327 -52.21 -48.23 -70.12
C SER I 327 -51.41 -46.95 -70.27
N LEU I 328 -51.91 -45.85 -69.70
CA LEU I 328 -51.20 -44.57 -69.80
C LEU I 328 -49.90 -44.61 -69.01
N GLU I 329 -49.91 -45.22 -67.83
CA GLU I 329 -48.71 -45.25 -66.99
C GLU I 329 -47.62 -46.11 -67.61
N ASN I 330 -47.99 -47.16 -68.33
CA ASN I 330 -47.02 -48.07 -68.93
C ASN I 330 -46.65 -47.65 -70.36
N ASN I 331 -46.71 -46.35 -70.64
CA ASN I 331 -46.27 -45.79 -71.92
C ASN I 331 -47.03 -46.43 -73.09
N GLU I 332 -48.34 -46.58 -72.93
CA GLU I 332 -49.21 -47.11 -73.95
C GLU I 332 -50.33 -46.10 -74.22
N GLY I 333 -50.89 -46.15 -75.42
CA GLY I 333 -51.95 -45.24 -75.79
C GLY I 333 -53.27 -45.63 -75.16
N VAL I 334 -54.30 -44.85 -75.48
CA VAL I 334 -55.64 -45.20 -75.00
C VAL I 334 -56.05 -46.51 -75.64
N PRO I 335 -56.64 -47.47 -74.90
CA PRO I 335 -57.10 -48.70 -75.55
C PRO I 335 -58.15 -48.40 -76.62
N SER I 336 -58.09 -49.16 -77.70
CA SER I 336 -58.99 -49.03 -78.82
C SER I 336 -59.22 -50.42 -79.39
N PRO I 337 -60.26 -50.61 -80.20
CA PRO I 337 -60.55 -51.95 -80.72
C PRO I 337 -59.50 -52.51 -81.67
N MET I 338 -58.52 -51.71 -82.08
CA MET I 338 -57.48 -52.14 -83.02
C MET I 338 -56.12 -51.81 -82.45
N LEU I 339 -55.26 -52.82 -82.32
CA LEU I 339 -53.92 -52.67 -81.78
C LEU I 339 -52.91 -53.08 -82.85
N SER I 340 -52.02 -52.16 -83.23
CA SER I 340 -50.99 -52.42 -84.21
C SER I 340 -49.72 -52.85 -83.52
N ILE I 341 -49.14 -53.96 -83.99
CA ILE I 341 -47.92 -54.54 -83.44
C ILE I 341 -46.88 -54.55 -84.55
N SER I 342 -45.71 -53.98 -84.27
CA SER I 342 -44.63 -53.88 -85.25
C SER I 342 -43.40 -54.58 -84.71
N ASN I 343 -42.56 -55.04 -85.64
CA ASN I 343 -41.32 -55.74 -85.32
C ASN I 343 -41.59 -57.11 -84.71
N LEU I 344 -42.72 -57.72 -85.05
CA LEU I 344 -43.04 -59.09 -84.65
C LEU I 344 -43.60 -59.83 -85.86
N THR I 345 -43.17 -61.07 -86.03
CA THR I 345 -43.61 -61.85 -87.18
C THR I 345 -45.03 -62.36 -86.98
N GLN I 346 -45.64 -62.77 -88.09
CA GLN I 346 -47.03 -63.21 -88.06
C GLN I 346 -47.20 -64.44 -87.19
N GLU I 347 -46.26 -65.37 -87.23
CA GLU I 347 -46.37 -66.58 -86.42
C GLU I 347 -46.41 -66.24 -84.94
N GLN I 348 -45.55 -65.31 -84.50
CA GLN I 348 -45.50 -64.95 -83.08
C GLN I 348 -46.74 -64.17 -82.67
N VAL I 349 -47.18 -63.23 -83.50
CA VAL I 349 -48.40 -62.50 -83.18
C VAL I 349 -49.59 -63.45 -83.12
N GLN I 350 -49.65 -64.41 -84.04
CA GLN I 350 -50.74 -65.37 -84.04
C GLN I 350 -50.68 -66.28 -82.82
N ASP I 351 -49.47 -66.63 -82.36
CA ASP I 351 -49.37 -67.44 -81.15
C ASP I 351 -49.87 -66.69 -79.94
N TYR I 352 -49.50 -65.40 -79.82
CA TYR I 352 -50.00 -64.59 -78.72
C TYR I 352 -51.52 -64.46 -78.79
N VAL I 353 -52.05 -64.25 -79.99
CA VAL I 353 -53.49 -64.14 -80.18
C VAL I 353 -54.16 -65.46 -79.81
N ASN I 354 -53.53 -66.59 -80.13
CA ASN I 354 -54.10 -67.88 -79.80
C ASN I 354 -54.15 -68.10 -78.29
N LYS I 355 -53.09 -67.71 -77.58
CA LYS I 355 -53.12 -67.81 -76.12
C LYS I 355 -54.24 -66.94 -75.54
N THR I 356 -54.32 -65.69 -75.99
CA THR I 356 -55.35 -64.80 -75.48
C THR I 356 -56.74 -65.31 -75.82
N ASN I 357 -56.91 -65.85 -77.02
CA ASN I 357 -58.21 -66.40 -77.42
C ASN I 357 -58.59 -67.60 -76.58
N SER I 358 -57.63 -68.49 -76.32
CA SER I 358 -57.90 -69.66 -75.49
C SER I 358 -58.33 -69.24 -74.09
N HIS I 359 -57.73 -68.18 -73.57
CA HIS I 359 -58.03 -67.74 -72.21
C HIS I 359 -59.20 -66.74 -72.15
N LEU I 360 -59.71 -66.30 -73.29
CA LEU I 360 -60.89 -65.45 -73.36
C LEU I 360 -62.07 -66.28 -73.81
N PRO I 361 -63.29 -65.77 -73.63
CA PRO I 361 -64.47 -66.49 -74.12
C PRO I 361 -64.66 -66.31 -75.63
N ALA I 362 -65.67 -67.01 -76.15
CA ALA I 362 -65.91 -67.01 -77.59
C ALA I 362 -66.28 -65.62 -78.10
N GLY I 363 -67.14 -64.91 -77.36
CA GLY I 363 -67.61 -63.61 -77.82
C GLY I 363 -66.60 -62.50 -77.76
N LYS I 364 -65.58 -62.61 -76.92
CA LYS I 364 -64.58 -61.57 -76.72
C LYS I 364 -63.26 -61.92 -77.38
N GLN I 365 -63.25 -62.89 -78.29
CA GLN I 365 -62.00 -63.34 -78.89
C GLN I 365 -61.44 -62.27 -79.84
N VAL I 366 -60.12 -62.29 -79.99
CA VAL I 366 -59.40 -61.35 -80.85
C VAL I 366 -58.82 -62.14 -82.02
N GLU I 367 -58.58 -61.43 -83.12
CA GLU I 367 -57.98 -62.04 -84.29
C GLU I 367 -57.19 -60.98 -85.06
N ILE I 368 -56.25 -61.44 -85.88
CA ILE I 368 -55.46 -60.53 -86.70
C ILE I 368 -56.33 -59.97 -87.81
N SER I 369 -56.30 -58.66 -87.98
CA SER I 369 -57.13 -57.95 -88.94
C SER I 369 -56.34 -57.46 -90.15
N LEU I 370 -55.30 -56.65 -89.93
CA LEU I 370 -54.51 -56.06 -91.01
C LEU I 370 -53.12 -56.69 -90.97
N VAL I 371 -52.80 -57.50 -91.96
CA VAL I 371 -51.44 -58.02 -92.13
C VAL I 371 -50.71 -56.98 -92.98
N ASN I 372 -50.23 -55.93 -92.31
CA ASN I 372 -49.62 -54.81 -93.02
C ASN I 372 -48.27 -55.18 -93.62
N GLY I 373 -47.55 -56.10 -92.99
CA GLY I 373 -46.25 -56.49 -93.51
C GLY I 373 -45.76 -57.73 -92.81
N ALA I 374 -44.53 -58.11 -93.15
CA ALA I 374 -43.92 -59.28 -92.49
C ALA I 374 -43.77 -59.03 -91.00
N LYS I 375 -43.36 -57.83 -90.61
CA LYS I 375 -43.16 -57.45 -89.22
C LYS I 375 -44.11 -56.33 -88.82
N ASN I 376 -45.34 -56.35 -89.34
CA ASN I 376 -46.31 -55.29 -89.05
C ASN I 376 -47.70 -55.88 -89.21
N LEU I 377 -48.41 -56.04 -88.09
CA LEU I 377 -49.74 -56.62 -88.10
C LEU I 377 -50.64 -55.78 -87.21
N VAL I 378 -51.95 -56.03 -87.30
CA VAL I 378 -52.93 -55.37 -86.46
C VAL I 378 -53.94 -56.40 -86.00
N VAL I 379 -54.25 -56.38 -84.70
CA VAL I 379 -55.22 -57.28 -84.09
C VAL I 379 -56.44 -56.46 -83.72
N SER I 380 -57.62 -56.95 -84.09
CA SER I 380 -58.88 -56.29 -83.79
C SER I 380 -59.75 -57.14 -82.89
N GLY I 381 -60.53 -56.46 -82.06
CA GLY I 381 -61.41 -57.11 -81.12
C GLY I 381 -61.87 -56.14 -80.05
N PRO I 382 -62.43 -56.67 -78.96
CA PRO I 382 -62.84 -55.79 -77.86
C PRO I 382 -61.64 -55.04 -77.29
N PRO I 383 -61.81 -53.78 -76.87
CA PRO I 383 -60.68 -53.10 -76.23
C PRO I 383 -60.18 -53.81 -74.98
N GLN I 384 -61.06 -54.46 -74.22
CA GLN I 384 -60.61 -55.24 -73.07
C GLN I 384 -59.71 -56.39 -73.50
N SER I 385 -60.12 -57.12 -74.54
CA SER I 385 -59.30 -58.23 -75.03
C SER I 385 -57.96 -57.73 -75.56
N LEU I 386 -57.98 -56.60 -76.27
CA LEU I 386 -56.74 -56.06 -76.80
C LEU I 386 -55.84 -55.56 -75.67
N TYR I 387 -56.43 -55.02 -74.60
CA TYR I 387 -55.63 -54.64 -73.44
C TYR I 387 -54.99 -55.86 -72.79
N GLY I 388 -55.72 -56.97 -72.71
CA GLY I 388 -55.13 -58.18 -72.16
C GLY I 388 -54.00 -58.69 -73.03
N LEU I 389 -54.19 -58.66 -74.35
CA LEU I 389 -53.11 -59.03 -75.26
C LEU I 389 -51.92 -58.10 -75.08
N ASN I 390 -52.17 -56.80 -74.86
CA ASN I 390 -51.10 -55.85 -74.62
C ASN I 390 -50.36 -56.18 -73.32
N LEU I 391 -51.09 -56.59 -72.29
CA LEU I 391 -50.44 -57.00 -71.04
C LEU I 391 -49.54 -58.20 -71.26
N THR I 392 -50.03 -59.20 -72.01
CA THR I 392 -49.20 -60.36 -72.30
C THR I 392 -47.96 -59.97 -73.10
N LEU I 393 -48.14 -59.10 -74.10
CA LEU I 393 -47.02 -58.66 -74.92
C LEU I 393 -46.01 -57.86 -74.09
N ARG I 394 -46.49 -57.05 -73.16
CA ARG I 394 -45.60 -56.31 -72.27
C ARG I 394 -44.83 -57.26 -71.38
N LYS I 395 -45.48 -58.30 -70.87
CA LYS I 395 -44.77 -59.31 -70.09
C LYS I 395 -43.70 -60.00 -70.93
N ALA I 396 -43.97 -60.21 -72.21
CA ALA I 396 -43.04 -60.87 -73.11
C ALA I 396 -42.09 -59.92 -73.81
N LYS I 397 -42.14 -58.62 -73.51
CA LYS I 397 -41.38 -57.59 -74.20
C LYS I 397 -40.26 -57.08 -73.32
N ALA I 398 -39.08 -56.91 -73.90
CA ALA I 398 -37.94 -56.36 -73.18
C ALA I 398 -38.03 -54.84 -73.14
N PRO I 399 -37.33 -54.19 -72.20
CA PRO I 399 -37.34 -52.72 -72.16
C PRO I 399 -36.77 -52.13 -73.45
N SER I 400 -37.34 -51.00 -73.87
CA SER I 400 -36.86 -50.33 -75.06
C SER I 400 -35.44 -49.81 -74.86
N GLY I 401 -35.13 -49.33 -73.66
CA GLY I 401 -33.82 -48.78 -73.37
C GLY I 401 -32.85 -49.80 -72.81
N LEU I 402 -32.93 -51.03 -73.29
CA LEU I 402 -32.03 -52.10 -72.88
C LEU I 402 -30.90 -52.23 -73.89
N ASP I 403 -29.67 -52.31 -73.38
CA ASP I 403 -28.49 -52.50 -74.22
C ASP I 403 -28.21 -54.01 -74.31
N GLN I 404 -28.40 -54.58 -75.50
CA GLN I 404 -28.23 -56.00 -75.72
C GLN I 404 -27.06 -56.29 -76.66
N SER I 405 -26.13 -55.34 -76.78
CA SER I 405 -24.99 -55.55 -77.67
C SER I 405 -24.06 -56.63 -77.16
N ARG I 406 -24.05 -56.87 -75.84
CA ARG I 406 -23.13 -57.83 -75.24
C ARG I 406 -23.70 -59.24 -75.16
N ILE I 407 -24.97 -59.44 -75.51
CA ILE I 407 -25.62 -60.75 -75.43
C ILE I 407 -25.60 -61.37 -76.81
N PRO I 408 -25.45 -62.69 -76.96
CA PRO I 408 -25.51 -63.28 -78.30
C PRO I 408 -26.88 -63.08 -78.93
N PHE I 409 -26.91 -63.01 -80.26
CA PHE I 409 -28.13 -62.67 -80.96
C PHE I 409 -29.24 -63.68 -80.70
N SER I 410 -28.89 -64.97 -80.67
CA SER I 410 -29.90 -66.00 -80.42
C SER I 410 -30.53 -65.84 -79.04
N GLU I 411 -29.72 -65.46 -78.05
CA GLU I 411 -30.21 -65.34 -76.68
C GLU I 411 -30.86 -63.99 -76.39
N ARG I 412 -30.91 -63.09 -77.36
CA ARG I 412 -31.47 -61.77 -77.12
C ARG I 412 -32.99 -61.83 -77.01
N LYS I 413 -33.52 -61.09 -76.03
CA LYS I 413 -34.96 -60.96 -75.90
C LYS I 413 -35.50 -60.11 -77.04
N LEU I 414 -36.54 -60.60 -77.70
CA LEU I 414 -37.11 -59.88 -78.83
C LEU I 414 -37.85 -58.64 -78.35
N LYS I 415 -37.53 -57.49 -78.94
CA LYS I 415 -38.16 -56.22 -78.61
C LYS I 415 -39.06 -55.79 -79.75
N PHE I 416 -40.22 -55.22 -79.41
CA PHE I 416 -41.19 -54.80 -80.40
C PHE I 416 -42.02 -53.67 -79.83
N SER I 417 -42.73 -52.97 -80.70
CA SER I 417 -43.56 -51.83 -80.33
C SER I 417 -45.01 -52.11 -80.69
N ASN I 418 -45.90 -51.93 -79.71
CA ASN I 418 -47.33 -52.08 -79.91
C ASN I 418 -48.03 -50.80 -79.49
N ARG I 419 -48.98 -50.35 -80.31
CA ARG I 419 -49.72 -49.14 -80.00
C ARG I 419 -51.14 -49.29 -80.52
N PHE I 420 -52.08 -48.61 -79.84
CA PHE I 420 -53.49 -48.68 -80.21
C PHE I 420 -53.74 -47.68 -81.33
N LEU I 421 -54.32 -48.16 -82.44
CA LEU I 421 -54.55 -47.30 -83.57
C LEU I 421 -55.70 -46.33 -83.28
N PRO I 422 -55.75 -45.15 -83.93
CA PRO I 422 -56.93 -44.30 -83.78
C PRO I 422 -58.13 -44.84 -84.54
N VAL I 423 -58.78 -45.86 -83.97
CA VAL I 423 -59.99 -46.44 -84.53
C VAL I 423 -61.00 -46.60 -83.41
N ALA I 424 -62.28 -46.61 -83.78
CA ALA I 424 -63.37 -46.66 -82.84
C ALA I 424 -64.17 -47.95 -82.87
N SER I 425 -63.98 -48.78 -83.87
CA SER I 425 -64.64 -50.09 -83.95
C SER I 425 -63.65 -51.14 -84.38
N PRO I 426 -63.88 -52.42 -84.00
CA PRO I 426 -62.94 -53.51 -84.38
C PRO I 426 -63.17 -54.03 -85.79
N PHE I 427 -62.57 -53.36 -86.77
CA PHE I 427 -62.74 -53.76 -88.15
C PHE I 427 -62.11 -55.11 -88.43
N HIS I 428 -62.69 -55.84 -89.38
CA HIS I 428 -62.23 -57.17 -89.76
C HIS I 428 -62.26 -58.13 -88.57
N SER I 429 -63.36 -58.07 -87.82
CA SER I 429 -63.56 -58.91 -86.66
C SER I 429 -64.86 -59.68 -86.79
N HIS I 430 -64.94 -60.78 -86.05
CA HIS I 430 -66.20 -61.52 -85.94
C HIS I 430 -67.30 -60.68 -85.28
N LEU I 431 -66.92 -59.63 -84.55
CA LEU I 431 -67.91 -58.79 -83.89
C LEU I 431 -68.79 -58.06 -84.89
N LEU I 432 -68.26 -57.73 -86.07
CA LEU I 432 -69.01 -57.00 -87.09
C LEU I 432 -69.69 -57.93 -88.08
N VAL I 433 -69.61 -59.24 -87.90
CA VAL I 433 -70.28 -60.17 -88.81
C VAL I 433 -71.78 -59.90 -88.92
N PRO I 434 -72.55 -59.73 -87.83
CA PRO I 434 -73.99 -59.55 -88.01
C PRO I 434 -74.37 -58.30 -88.77
N ALA I 435 -73.48 -57.30 -88.83
CA ALA I 435 -73.75 -56.11 -89.63
C ALA I 435 -73.61 -56.37 -91.12
N SER I 436 -72.93 -57.44 -91.51
CA SER I 436 -72.72 -57.72 -92.94
C SER I 436 -74.04 -57.98 -93.65
N ASP I 437 -74.91 -58.82 -93.04
CA ASP I 437 -76.19 -59.11 -93.66
C ASP I 437 -77.06 -57.86 -93.75
N LEU I 438 -77.05 -57.04 -92.69
CA LEU I 438 -77.82 -55.80 -92.73
C LEU I 438 -77.33 -54.88 -93.83
N ILE I 439 -76.00 -54.74 -93.96
CA ILE I 439 -75.43 -53.90 -95.01
C ILE I 439 -75.83 -54.43 -96.39
N ASN I 440 -75.77 -55.75 -96.57
CA ASN I 440 -76.11 -56.32 -97.87
C ASN I 440 -77.57 -56.09 -98.21
N LYS I 441 -78.47 -56.29 -97.24
CA LYS I 441 -79.88 -56.07 -97.48
C LYS I 441 -80.23 -54.59 -97.64
N ASP I 442 -79.38 -53.69 -97.14
CA ASP I 442 -79.68 -52.26 -97.16
C ASP I 442 -79.08 -51.55 -98.36
N LEU I 443 -77.95 -52.02 -98.88
CA LEU I 443 -77.36 -51.37 -100.05
C LEU I 443 -78.26 -51.52 -101.28
N VAL I 444 -78.98 -52.64 -101.38
CA VAL I 444 -79.91 -52.80 -102.49
C VAL I 444 -81.08 -51.83 -102.34
N LYS I 445 -81.53 -51.59 -101.10
CA LYS I 445 -82.58 -50.60 -100.88
C LYS I 445 -82.08 -49.20 -101.25
N ASN I 446 -80.85 -48.88 -100.88
CA ASN I 446 -80.25 -47.60 -101.24
C ASN I 446 -79.89 -47.52 -102.72
N ASN I 447 -79.95 -48.63 -103.45
CA ASN I 447 -79.68 -48.66 -104.89
C ASN I 447 -78.22 -48.28 -105.17
N VAL I 448 -77.31 -49.04 -104.56
CA VAL I 448 -75.88 -48.85 -104.73
C VAL I 448 -75.25 -50.22 -105.00
N SER I 449 -74.79 -50.42 -106.23
CA SER I 449 -74.16 -51.66 -106.63
C SER I 449 -73.05 -51.36 -107.63
N PHE I 450 -71.99 -52.16 -107.58
CA PHE I 450 -70.85 -52.02 -108.48
C PHE I 450 -70.84 -53.20 -109.45
N ASN I 451 -70.66 -52.89 -110.74
CA ASN I 451 -70.67 -53.89 -111.80
C ASN I 451 -69.27 -54.04 -112.38
N ALA I 452 -68.87 -55.29 -112.63
CA ALA I 452 -67.55 -55.54 -113.20
C ALA I 452 -67.41 -54.90 -114.57
N LYS I 453 -68.47 -54.96 -115.39
CA LYS I 453 -68.42 -54.35 -116.71
C LYS I 453 -68.23 -52.83 -116.61
N ASP I 454 -68.92 -52.19 -115.66
CA ASP I 454 -68.74 -50.76 -115.46
C ASP I 454 -67.33 -50.44 -114.98
N ILE I 455 -66.78 -51.29 -114.11
CA ILE I 455 -65.39 -51.14 -113.69
C ILE I 455 -64.49 -51.43 -114.89
N GLN I 456 -63.56 -50.51 -115.17
CA GLN I 456 -62.67 -50.64 -116.32
C GLN I 456 -61.20 -50.59 -115.94
N ILE I 457 -60.86 -50.67 -114.65
CA ILE I 457 -59.48 -50.92 -114.23
C ILE I 457 -59.49 -51.96 -113.13
N PRO I 458 -58.40 -52.74 -113.03
CA PRO I 458 -58.37 -53.79 -112.00
C PRO I 458 -58.41 -53.19 -110.60
N VAL I 459 -59.18 -53.83 -109.73
CA VAL I 459 -59.26 -53.48 -108.32
C VAL I 459 -58.93 -54.73 -107.52
N TYR I 460 -57.89 -54.64 -106.69
CA TYR I 460 -57.35 -55.81 -106.01
C TYR I 460 -58.07 -56.02 -104.68
N ASP I 461 -58.67 -57.20 -104.51
CA ASP I 461 -59.36 -57.54 -103.28
C ASP I 461 -58.38 -57.52 -102.11
N THR I 462 -58.78 -56.91 -101.00
CA THR I 462 -57.87 -56.75 -99.88
C THR I 462 -57.46 -58.09 -99.28
N PHE I 463 -58.29 -59.12 -99.43
CA PHE I 463 -58.00 -60.39 -98.78
C PHE I 463 -56.98 -61.22 -99.58
N ASP I 464 -57.35 -61.61 -100.80
CA ASP I 464 -56.50 -62.49 -101.60
C ASP I 464 -55.75 -61.78 -102.72
N GLY I 465 -56.03 -60.51 -102.96
CA GLY I 465 -55.38 -59.77 -104.03
C GLY I 465 -55.98 -60.00 -105.40
N SER I 466 -56.99 -60.86 -105.53
CA SER I 466 -57.60 -61.11 -106.82
C SER I 466 -58.35 -59.87 -107.30
N ASP I 467 -58.48 -59.75 -108.62
CA ASP I 467 -59.23 -58.64 -109.20
C ASP I 467 -60.71 -58.79 -108.88
N LEU I 468 -61.37 -57.67 -108.58
CA LEU I 468 -62.79 -57.70 -108.27
C LEU I 468 -63.66 -57.83 -109.52
N ARG I 469 -63.12 -57.51 -110.71
CA ARG I 469 -63.90 -57.65 -111.93
C ARG I 469 -64.28 -59.10 -112.19
N VAL I 470 -63.34 -60.03 -112.00
CA VAL I 470 -63.58 -61.44 -112.31
C VAL I 470 -64.34 -62.18 -111.23
N LEU I 471 -64.78 -61.48 -110.18
CA LEU I 471 -65.51 -62.15 -109.11
C LEU I 471 -66.93 -62.46 -109.54
N SER I 472 -67.33 -63.73 -109.38
CA SER I 472 -68.68 -64.14 -109.75
C SER I 472 -69.72 -63.48 -108.84
N GLY I 473 -69.41 -63.37 -107.54
CA GLY I 473 -70.34 -62.82 -106.59
C GLY I 473 -70.43 -61.30 -106.68
N SER I 474 -71.23 -60.73 -105.79
CA SER I 474 -71.45 -59.29 -105.78
C SER I 474 -70.21 -58.56 -105.28
N ILE I 475 -69.77 -57.57 -106.06
CA ILE I 475 -68.59 -56.81 -105.68
C ILE I 475 -68.86 -55.99 -104.43
N SER I 476 -70.07 -55.44 -104.29
CA SER I 476 -70.40 -54.70 -103.08
C SER I 476 -70.36 -55.60 -101.85
N GLU I 477 -70.90 -56.81 -101.97
CA GLU I 477 -70.84 -57.75 -100.86
C GLU I 477 -69.39 -58.11 -100.55
N ARG I 478 -68.56 -58.29 -101.57
CA ARG I 478 -67.16 -58.62 -101.31
C ARG I 478 -66.44 -57.48 -100.59
N ILE I 479 -66.69 -56.23 -101.00
CA ILE I 479 -66.05 -55.11 -100.32
C ILE I 479 -66.52 -55.03 -98.87
N VAL I 480 -67.82 -55.25 -98.64
CA VAL I 480 -68.33 -55.19 -97.27
C VAL I 480 -67.70 -56.28 -96.42
N ASP I 481 -67.62 -57.50 -96.96
CA ASP I 481 -66.99 -58.59 -96.23
C ASP I 481 -65.52 -58.30 -95.96
N CYS I 482 -64.84 -57.69 -96.93
CA CYS I 482 -63.45 -57.32 -96.72
C CYS I 482 -63.32 -56.32 -95.57
N ILE I 483 -64.19 -55.31 -95.55
CA ILE I 483 -64.04 -54.25 -94.56
C ILE I 483 -64.39 -54.74 -93.16
N ILE I 484 -65.43 -55.56 -93.04
CA ILE I 484 -65.97 -55.90 -91.72
C ILE I 484 -65.52 -57.27 -91.22
N ARG I 485 -65.34 -58.26 -92.10
CA ARG I 485 -65.12 -59.64 -91.71
C ARG I 485 -63.71 -60.12 -92.04
N LEU I 486 -63.30 -60.05 -93.34
CA LEU I 486 -62.03 -60.68 -93.72
C LEU I 486 -60.85 -59.77 -93.39
N PRO I 487 -59.66 -60.33 -93.18
CA PRO I 487 -58.50 -59.50 -92.91
C PRO I 487 -57.93 -58.87 -94.18
N VAL I 488 -57.02 -57.93 -93.98
CA VAL I 488 -56.38 -57.19 -95.07
C VAL I 488 -54.95 -57.70 -95.18
N LYS I 489 -54.69 -58.49 -96.23
CA LYS I 489 -53.35 -59.00 -96.52
C LYS I 489 -52.69 -58.04 -97.51
N TRP I 490 -52.12 -56.97 -96.97
CA TRP I 490 -51.61 -55.89 -97.81
C TRP I 490 -50.44 -56.35 -98.67
N GLU I 491 -49.57 -57.21 -98.11
CA GLU I 491 -48.48 -57.75 -98.91
C GLU I 491 -49.02 -58.57 -100.07
N THR I 492 -50.05 -59.38 -99.83
CA THR I 492 -50.63 -60.17 -100.91
C THR I 492 -51.25 -59.29 -101.97
N THR I 493 -51.91 -58.21 -101.56
CA THR I 493 -52.51 -57.30 -102.53
C THR I 493 -51.50 -56.44 -103.25
N THR I 494 -50.31 -56.26 -102.68
CA THR I 494 -49.28 -55.42 -103.26
C THR I 494 -48.40 -56.21 -104.24
N GLN I 495 -48.89 -57.32 -104.76
CA GLN I 495 -48.14 -58.10 -105.72
C GLN I 495 -48.21 -57.54 -107.13
N PHE I 496 -49.01 -56.51 -107.37
CA PHE I 496 -49.06 -55.89 -108.69
C PHE I 496 -47.72 -55.26 -109.03
N LYS I 497 -47.37 -55.29 -110.30
CA LYS I 497 -46.13 -54.69 -110.80
C LYS I 497 -46.44 -53.26 -111.25
N ALA I 498 -45.82 -52.29 -110.59
CA ALA I 498 -46.01 -50.89 -110.95
C ALA I 498 -44.81 -50.10 -110.46
N THR I 499 -44.52 -49.00 -111.15
CA THR I 499 -43.41 -48.13 -110.78
C THR I 499 -43.80 -47.02 -109.82
N HIS I 500 -45.03 -46.55 -109.87
CA HIS I 500 -45.49 -45.46 -109.04
C HIS I 500 -46.84 -45.80 -108.40
N ILE I 501 -46.94 -45.49 -107.11
CA ILE I 501 -48.14 -45.73 -106.33
C ILE I 501 -48.60 -44.40 -105.73
N LEU I 502 -49.82 -44.00 -106.05
CA LEU I 502 -50.40 -42.75 -105.61
C LEU I 502 -51.30 -42.99 -104.41
N ASP I 503 -50.90 -42.45 -103.26
CA ASP I 503 -51.63 -42.65 -102.01
C ASP I 503 -52.53 -41.46 -101.73
N PHE I 504 -53.85 -41.71 -101.74
CA PHE I 504 -54.83 -40.67 -101.46
C PHE I 504 -55.41 -40.75 -100.05
N GLY I 505 -54.88 -41.62 -99.21
CA GLY I 505 -55.47 -41.86 -97.90
C GLY I 505 -55.14 -40.77 -96.92
N PRO I 506 -55.73 -40.86 -95.73
CA PRO I 506 -55.41 -39.91 -94.66
C PRO I 506 -54.11 -40.25 -93.98
N GLY I 507 -53.62 -39.27 -93.21
CA GLY I 507 -52.40 -39.39 -92.43
C GLY I 507 -51.17 -38.83 -93.12
N GLY I 508 -51.20 -38.66 -94.43
CA GLY I 508 -50.06 -38.14 -95.15
C GLY I 508 -48.81 -38.99 -94.95
N ALA I 509 -47.83 -38.45 -94.22
CA ALA I 509 -46.64 -39.22 -93.92
C ALA I 509 -46.95 -40.42 -93.03
N SER I 510 -47.95 -40.29 -92.17
CA SER I 510 -48.41 -41.39 -91.31
C SER I 510 -49.47 -42.25 -91.98
N GLY I 511 -49.77 -42.01 -93.26
CA GLY I 511 -50.84 -42.71 -93.95
C GLY I 511 -50.37 -44.01 -94.57
N LEU I 512 -51.17 -44.48 -95.51
CA LEU I 512 -50.90 -45.76 -96.17
C LEU I 512 -49.73 -45.69 -97.14
N GLY I 513 -49.41 -44.51 -97.67
CA GLY I 513 -48.37 -44.41 -98.68
C GLY I 513 -47.00 -44.76 -98.13
N VAL I 514 -46.65 -44.21 -96.98
CA VAL I 514 -45.33 -44.48 -96.41
C VAL I 514 -45.23 -45.94 -95.98
N LEU I 515 -46.32 -46.51 -95.49
CA LEU I 515 -46.31 -47.93 -95.12
C LEU I 515 -46.09 -48.80 -96.35
N THR I 516 -46.77 -48.49 -97.45
CA THR I 516 -46.57 -49.23 -98.69
C THR I 516 -45.13 -49.05 -99.19
N HIS I 517 -44.58 -47.85 -99.05
CA HIS I 517 -43.20 -47.62 -99.44
C HIS I 517 -42.25 -48.49 -98.62
N ARG I 518 -42.48 -48.58 -97.32
CA ARG I 518 -41.65 -49.46 -96.50
C ARG I 518 -41.78 -50.90 -96.94
N ASN I 519 -43.00 -51.34 -97.23
CA ASN I 519 -43.21 -52.73 -97.63
C ASN I 519 -42.51 -53.03 -98.95
N LYS I 520 -42.58 -52.11 -99.91
CA LYS I 520 -42.03 -52.33 -101.25
C LYS I 520 -40.70 -51.62 -101.48
N ASP I 521 -39.99 -51.27 -100.42
CA ASP I 521 -38.70 -50.58 -100.57
C ASP I 521 -37.68 -51.50 -101.24
N GLY I 522 -36.91 -50.93 -102.16
CA GLY I 522 -35.87 -51.65 -102.84
C GLY I 522 -36.31 -52.39 -104.08
N THR I 523 -37.60 -52.41 -104.39
CA THR I 523 -38.12 -53.02 -105.60
C THR I 523 -38.26 -52.03 -106.74
N GLY I 524 -37.81 -50.79 -106.55
CA GLY I 524 -37.89 -49.80 -107.61
C GLY I 524 -39.25 -49.15 -107.76
N VAL I 525 -40.11 -49.25 -106.74
CA VAL I 525 -41.47 -48.72 -106.80
C VAL I 525 -41.50 -47.43 -105.99
N ARG I 526 -41.79 -46.32 -106.66
CA ARG I 526 -41.94 -45.03 -106.02
C ARG I 526 -43.34 -44.91 -105.42
N VAL I 527 -43.44 -44.19 -104.31
CA VAL I 527 -44.72 -43.91 -103.66
C VAL I 527 -44.84 -42.42 -103.47
N ILE I 528 -45.95 -41.85 -103.95
CA ILE I 528 -46.23 -40.42 -103.86
C ILE I 528 -47.53 -40.25 -103.12
N VAL I 529 -47.51 -39.47 -102.04
CA VAL I 529 -48.68 -39.21 -101.22
C VAL I 529 -49.29 -37.88 -101.67
N ALA I 530 -50.56 -37.92 -102.06
CA ALA I 530 -51.28 -36.74 -102.52
C ALA I 530 -52.04 -36.03 -101.41
N GLY I 531 -52.00 -36.57 -100.19
CA GLY I 531 -52.83 -36.05 -99.12
C GLY I 531 -52.28 -34.82 -98.42
N THR I 532 -51.00 -34.52 -98.61
CA THR I 532 -50.39 -33.37 -97.95
C THR I 532 -49.28 -32.82 -98.83
N LEU I 533 -48.96 -31.55 -98.59
CA LEU I 533 -47.89 -30.84 -99.29
C LEU I 533 -46.72 -30.66 -98.32
N ASP I 534 -45.64 -31.37 -98.57
CA ASP I 534 -44.46 -31.31 -97.73
C ASP I 534 -43.28 -31.86 -98.53
N ILE I 535 -42.10 -31.83 -97.93
CA ILE I 535 -40.88 -32.34 -98.54
C ILE I 535 -40.29 -33.41 -97.63
N ASN I 536 -39.80 -34.48 -98.25
CA ASN I 536 -39.20 -35.60 -97.53
C ASN I 536 -37.69 -35.46 -97.59
N PRO I 537 -36.99 -35.18 -96.48
CA PRO I 537 -35.52 -35.03 -96.58
C PRO I 537 -34.83 -36.29 -97.10
N ASP I 538 -35.30 -37.47 -96.72
CA ASP I 538 -34.73 -38.69 -97.27
C ASP I 538 -35.04 -38.83 -98.75
N ASP I 539 -36.19 -38.29 -99.19
CA ASP I 539 -36.62 -38.34 -100.59
C ASP I 539 -36.92 -39.76 -101.06
N ASP I 540 -37.13 -40.70 -100.12
CA ASP I 540 -37.44 -42.07 -100.50
C ASP I 540 -38.90 -42.27 -100.87
N TYR I 541 -39.76 -41.28 -100.62
CA TYR I 541 -41.12 -41.29 -101.14
C TYR I 541 -41.51 -39.87 -101.53
N GLY I 542 -42.40 -39.77 -102.51
CA GLY I 542 -42.79 -38.48 -103.05
C GLY I 542 -43.85 -37.79 -102.21
N PHE I 543 -44.31 -36.66 -102.73
CA PHE I 543 -45.33 -35.85 -102.07
C PHE I 543 -46.22 -35.24 -103.14
N LYS I 544 -47.17 -34.42 -102.70
CA LYS I 544 -48.19 -33.89 -103.61
C LYS I 544 -47.57 -33.08 -104.73
N GLN I 545 -46.44 -32.41 -104.48
CA GLN I 545 -45.81 -31.61 -105.52
C GLN I 545 -45.25 -32.47 -106.64
N GLU I 546 -44.80 -33.68 -106.33
CA GLU I 546 -44.20 -34.55 -107.34
C GLU I 546 -45.22 -34.96 -108.39
N ILE I 547 -46.51 -34.97 -108.03
CA ILE I 547 -47.54 -35.35 -108.99
C ILE I 547 -47.69 -34.27 -110.06
N PHE I 548 -47.72 -33.00 -109.63
CA PHE I 548 -47.98 -31.89 -110.53
C PHE I 548 -46.72 -31.29 -111.13
N ASP I 549 -45.54 -31.72 -110.68
CA ASP I 549 -44.30 -31.20 -111.26
C ASP I 549 -44.20 -31.61 -112.73
N VAL I 550 -43.60 -30.73 -113.53
CA VAL I 550 -43.50 -30.92 -114.98
C VAL I 550 -42.06 -31.25 -115.37
N THR I 551 -41.10 -30.85 -114.54
CA THR I 551 -39.70 -31.04 -114.86
C THR I 551 -39.29 -32.48 -114.54
N SER I 552 -38.00 -32.77 -114.64
CA SER I 552 -37.50 -34.10 -114.30
C SER I 552 -37.67 -34.41 -112.82
N ASN I 553 -37.88 -33.39 -111.98
CA ASN I 553 -38.09 -33.64 -110.56
C ASN I 553 -39.37 -34.45 -110.33
N GLY I 554 -40.38 -34.25 -111.17
CA GLY I 554 -41.61 -35.01 -111.03
C GLY I 554 -41.43 -36.48 -111.29
N LEU I 555 -40.65 -36.83 -112.32
CA LEU I 555 -40.42 -38.23 -112.69
C LEU I 555 -39.24 -38.74 -111.88
N LYS I 556 -39.56 -39.31 -110.71
CA LYS I 556 -38.58 -39.95 -109.84
C LYS I 556 -38.86 -41.45 -109.81
N LYS I 557 -37.83 -42.24 -110.14
CA LYS I 557 -37.89 -43.69 -110.05
C LYS I 557 -37.12 -44.11 -108.81
N ASN I 558 -37.78 -44.86 -107.93
CA ASN I 558 -37.11 -45.31 -106.72
C ASN I 558 -36.02 -46.32 -107.08
N PRO I 559 -34.96 -46.44 -106.27
CA PRO I 559 -33.87 -47.36 -106.63
C PRO I 559 -34.34 -48.81 -106.64
N ASN I 560 -33.92 -49.54 -107.66
CA ASN I 560 -34.12 -50.98 -107.75
C ASN I 560 -32.78 -51.64 -107.49
N TRP I 561 -32.66 -52.30 -106.34
CA TRP I 561 -31.37 -52.84 -105.94
C TRP I 561 -30.91 -53.95 -106.87
N LEU I 562 -31.85 -54.75 -107.39
CA LEU I 562 -31.48 -55.83 -108.29
C LEU I 562 -30.85 -55.29 -109.56
N GLU I 563 -31.37 -54.17 -110.08
CA GLU I 563 -30.89 -53.62 -111.34
C GLU I 563 -29.83 -52.55 -111.13
N GLU I 564 -30.04 -51.66 -110.16
CA GLU I 564 -29.08 -50.57 -109.95
C GLU I 564 -27.72 -51.10 -109.50
N TYR I 565 -27.72 -51.99 -108.50
CA TYR I 565 -26.50 -52.62 -108.01
C TYR I 565 -26.31 -54.01 -108.60
N HIS I 566 -26.71 -54.18 -109.85
CA HIS I 566 -26.59 -55.44 -110.56
C HIS I 566 -25.12 -55.77 -110.77
N PRO I 567 -24.62 -56.93 -110.33
CA PRO I 567 -23.27 -57.33 -110.75
C PRO I 567 -23.27 -57.66 -112.24
N LYS I 568 -22.13 -57.39 -112.88
CA LYS I 568 -22.00 -57.61 -114.32
C LYS I 568 -20.59 -58.12 -114.60
N LEU I 569 -20.32 -58.41 -115.86
CA LEU I 569 -19.00 -58.83 -116.31
C LEU I 569 -18.43 -57.80 -117.28
N ILE I 570 -17.12 -57.61 -117.23
CA ILE I 570 -16.42 -56.71 -118.13
C ILE I 570 -15.08 -57.35 -118.48
N LYS I 571 -14.44 -56.85 -119.52
CA LYS I 571 -13.12 -57.33 -119.91
C LYS I 571 -12.29 -56.16 -120.44
N ASN I 572 -10.97 -56.33 -120.37
CA ASN I 572 -10.02 -55.34 -120.86
C ASN I 572 -9.41 -55.82 -122.18
N LYS I 573 -8.42 -55.08 -122.69
CA LYS I 573 -7.78 -55.47 -123.93
C LYS I 573 -7.10 -56.83 -123.81
N SER I 574 -6.46 -57.09 -122.66
CA SER I 574 -5.79 -58.37 -122.45
C SER I 574 -6.76 -59.54 -122.40
N GLY I 575 -8.06 -59.30 -122.26
CA GLY I 575 -9.05 -60.35 -122.22
C GLY I 575 -9.39 -60.85 -120.83
N LYS I 576 -8.74 -60.34 -119.79
CA LYS I 576 -9.05 -60.76 -118.44
C LYS I 576 -10.47 -60.35 -118.08
N ILE I 577 -11.25 -61.31 -117.58
CA ILE I 577 -12.64 -61.07 -117.22
C ILE I 577 -12.70 -60.59 -115.78
N PHE I 578 -13.28 -59.41 -115.57
CA PHE I 578 -13.47 -58.82 -114.26
C PHE I 578 -14.95 -58.82 -113.92
N VAL I 579 -15.25 -59.05 -112.64
CA VAL I 579 -16.62 -58.96 -112.15
C VAL I 579 -16.90 -57.48 -111.91
N GLU I 580 -17.49 -56.83 -112.90
CA GLU I 580 -17.84 -55.42 -112.80
C GLU I 580 -18.85 -55.23 -111.67
N THR I 581 -18.40 -54.56 -110.62
CA THR I 581 -19.18 -54.24 -109.44
C THR I 581 -18.69 -52.88 -108.97
N LYS I 582 -19.41 -52.23 -108.06
CA LYS I 582 -19.03 -50.88 -107.66
C LYS I 582 -17.61 -50.84 -107.09
N PHE I 583 -17.32 -51.74 -106.15
CA PHE I 583 -15.99 -51.80 -105.55
C PHE I 583 -14.93 -52.14 -106.60
N SER I 584 -15.24 -53.10 -107.48
CA SER I 584 -14.29 -53.49 -108.52
C SER I 584 -14.02 -52.34 -109.49
N LYS I 585 -15.05 -51.58 -109.84
CA LYS I 585 -14.87 -50.41 -110.70
C LYS I 585 -13.99 -49.38 -110.03
N LEU I 586 -14.20 -49.14 -108.73
CA LEU I 586 -13.37 -48.15 -108.04
C LEU I 586 -11.91 -48.58 -108.00
N ILE I 587 -11.66 -49.85 -107.66
CA ILE I 587 -10.28 -50.29 -107.41
C ILE I 587 -9.58 -50.84 -108.64
N GLY I 588 -10.28 -51.02 -109.75
CA GLY I 588 -9.66 -51.60 -110.94
C GLY I 588 -9.16 -53.00 -110.72
N ARG I 589 -9.84 -53.77 -109.88
CA ARG I 589 -9.42 -55.14 -109.56
C ARG I 589 -10.66 -55.92 -109.18
N PRO I 590 -10.55 -57.24 -109.09
CA PRO I 590 -11.73 -58.04 -108.76
C PRO I 590 -12.26 -57.68 -107.38
N PRO I 591 -13.59 -57.85 -107.13
CA PRO I 591 -14.21 -57.40 -105.89
C PRO I 591 -14.01 -58.35 -104.71
N LEU I 592 -12.79 -58.84 -104.55
CA LEU I 592 -12.41 -59.73 -103.46
C LEU I 592 -11.19 -59.13 -102.80
N LEU I 593 -11.14 -59.17 -101.47
CA LEU I 593 -10.03 -58.59 -100.73
C LEU I 593 -9.69 -59.46 -99.54
N VAL I 594 -8.43 -59.42 -99.14
CA VAL I 594 -7.95 -60.10 -97.94
C VAL I 594 -7.92 -59.06 -96.82
N PRO I 595 -8.78 -59.15 -95.81
CA PRO I 595 -8.81 -58.11 -94.79
C PRO I 595 -7.59 -58.19 -93.89
N GLY I 596 -7.32 -57.07 -93.21
CA GLY I 596 -6.21 -57.03 -92.28
C GLY I 596 -6.35 -58.07 -91.19
N MET I 597 -5.35 -58.91 -91.05
CA MET I 597 -5.41 -60.07 -90.14
C MET I 597 -4.11 -60.15 -89.36
N THR I 598 -4.19 -59.92 -88.06
CA THR I 598 -3.04 -60.12 -87.18
C THR I 598 -3.02 -61.58 -86.70
N PRO I 599 -1.93 -62.33 -86.94
CA PRO I 599 -0.66 -62.03 -87.60
C PRO I 599 -0.58 -62.41 -89.09
N CYS I 600 -1.68 -62.80 -89.72
CA CYS I 600 -1.60 -63.41 -91.05
C CYS I 600 -1.12 -62.40 -92.10
N THR I 601 -1.76 -61.23 -92.16
CA THR I 601 -1.35 -60.21 -93.11
C THR I 601 -0.24 -59.31 -92.58
N VAL I 602 0.24 -59.56 -91.36
CA VAL I 602 1.41 -58.83 -90.86
C VAL I 602 2.61 -59.08 -91.74
N SER I 603 2.74 -60.30 -92.25
CA SER I 603 3.89 -60.67 -93.05
C SER I 603 3.95 -59.82 -94.32
N PRO I 604 5.04 -59.10 -94.60
CA PRO I 604 5.14 -58.44 -95.91
C PRO I 604 5.07 -59.40 -97.07
N ASP I 605 5.58 -60.63 -96.90
CA ASP I 605 5.60 -61.58 -98.00
C ASP I 605 4.19 -61.94 -98.46
N PHE I 606 3.29 -62.19 -97.51
CA PHE I 606 1.92 -62.56 -97.89
C PHE I 606 1.18 -61.40 -98.54
N VAL I 607 1.37 -60.19 -98.01
CA VAL I 607 0.73 -59.02 -98.60
C VAL I 607 1.23 -58.81 -100.03
N ALA I 608 2.54 -58.92 -100.23
CA ALA I 608 3.11 -58.78 -101.56
C ALA I 608 2.61 -59.86 -102.49
N ALA I 609 2.51 -61.10 -101.99
CA ALA I 609 2.03 -62.20 -102.82
C ALA I 609 0.59 -61.98 -103.26
N THR I 610 -0.27 -61.54 -102.35
CA THR I 610 -1.66 -61.28 -102.71
C THR I 610 -1.75 -60.14 -103.71
N THR I 611 -0.97 -59.06 -103.48
CA THR I 611 -1.00 -57.94 -104.41
C THR I 611 -0.52 -58.35 -105.79
N ASN I 612 0.53 -59.18 -105.86
CA ASN I 612 0.98 -59.69 -107.14
C ASN I 612 -0.07 -60.57 -107.79
N ALA I 613 -0.77 -61.39 -106.99
CA ALA I 613 -1.91 -62.14 -107.51
C ALA I 613 -2.99 -61.24 -108.07
N GLY I 614 -3.08 -60.00 -107.60
CA GLY I 614 -4.00 -59.04 -108.17
C GLY I 614 -5.27 -58.86 -107.38
N TYR I 615 -5.19 -59.00 -106.06
CA TYR I 615 -6.34 -58.97 -105.18
C TYR I 615 -6.02 -58.07 -104.00
N THR I 616 -6.99 -57.24 -103.62
CA THR I 616 -6.77 -56.26 -102.57
C THR I 616 -6.41 -56.95 -101.27
N ILE I 617 -5.49 -56.34 -100.52
CA ILE I 617 -5.06 -56.88 -99.24
C ILE I 617 -4.62 -55.74 -98.35
N GLU I 618 -4.85 -55.91 -97.05
CA GLU I 618 -4.52 -54.92 -96.02
C GLU I 618 -3.35 -55.44 -95.19
N LEU I 619 -2.26 -54.67 -95.15
CA LEU I 619 -1.16 -54.92 -94.25
C LEU I 619 -1.62 -54.51 -92.86
N ALA I 620 -1.70 -55.48 -91.95
CA ALA I 620 -2.22 -55.20 -90.62
C ALA I 620 -1.13 -54.59 -89.73
N GLY I 621 -1.47 -53.54 -89.00
CA GLY I 621 -0.57 -52.95 -88.05
C GLY I 621 -0.51 -53.64 -86.71
N GLY I 622 -1.29 -54.71 -86.51
CA GLY I 622 -1.33 -55.36 -85.21
C GLY I 622 0.02 -55.93 -84.80
N GLY I 623 0.75 -56.49 -85.75
CA GLY I 623 2.06 -57.04 -85.47
C GLY I 623 3.19 -56.02 -85.45
N TYR I 624 2.88 -54.76 -85.70
CA TYR I 624 3.86 -53.68 -85.66
C TYR I 624 3.52 -52.72 -84.54
N PHE I 625 4.49 -52.44 -83.68
CA PHE I 625 4.31 -51.59 -82.51
C PHE I 625 5.05 -50.27 -82.63
N SER I 626 5.66 -49.99 -83.79
CA SER I 626 6.42 -48.76 -83.98
C SER I 626 6.32 -48.33 -85.44
N ALA I 627 6.37 -47.02 -85.64
CA ALA I 627 6.34 -46.48 -87.00
C ALA I 627 7.53 -46.98 -87.81
N ALA I 628 8.68 -47.16 -87.16
CA ALA I 628 9.85 -47.67 -87.88
C ALA I 628 9.60 -49.09 -88.39
N GLY I 629 9.04 -49.95 -87.54
CA GLY I 629 8.75 -51.31 -87.98
C GLY I 629 7.72 -51.35 -89.09
N MET I 630 6.66 -50.53 -88.95
CA MET I 630 5.64 -50.49 -89.99
C MET I 630 6.22 -49.96 -91.29
N THR I 631 7.10 -48.95 -91.22
CA THR I 631 7.73 -48.42 -92.43
C THR I 631 8.62 -49.46 -93.08
N ALA I 632 9.37 -50.22 -92.28
CA ALA I 632 10.20 -51.28 -92.84
C ALA I 632 9.34 -52.33 -93.55
N ALA I 633 8.22 -52.70 -92.92
CA ALA I 633 7.33 -53.67 -93.55
C ALA I 633 6.75 -53.12 -94.85
N ILE I 634 6.35 -51.85 -94.85
CA ILE I 634 5.78 -51.24 -96.06
C ILE I 634 6.82 -51.18 -97.17
N ASP I 635 8.07 -50.83 -96.81
CA ASP I 635 9.13 -50.81 -97.82
C ASP I 635 9.39 -52.20 -98.37
N SER I 636 9.33 -53.21 -97.51
CA SER I 636 9.49 -54.59 -98.00
C SER I 636 8.37 -54.95 -98.96
N VAL I 637 7.14 -54.59 -98.64
CA VAL I 637 6.00 -54.87 -99.53
C VAL I 637 6.21 -54.16 -100.86
N VAL I 638 6.62 -52.89 -100.81
CA VAL I 638 6.81 -52.12 -102.04
C VAL I 638 7.89 -52.76 -102.91
N SER I 639 8.99 -53.18 -102.28
CA SER I 639 10.07 -53.82 -103.03
C SER I 639 9.59 -55.14 -103.65
N GLN I 640 8.76 -55.89 -102.92
CA GLN I 640 8.31 -57.19 -103.41
C GLN I 640 7.25 -57.09 -104.49
N ILE I 641 6.39 -56.07 -104.48
CA ILE I 641 5.31 -55.96 -105.46
C ILE I 641 5.86 -55.40 -106.76
N GLU I 642 5.06 -55.50 -107.81
CA GLU I 642 5.43 -55.01 -109.13
C GLU I 642 5.13 -53.51 -109.24
N LYS I 643 5.58 -52.93 -110.34
CA LYS I 643 5.35 -51.50 -110.58
C LYS I 643 3.86 -51.23 -110.77
N GLY I 644 3.38 -50.16 -110.13
CA GLY I 644 1.99 -49.78 -110.22
C GLY I 644 1.07 -50.52 -109.28
N SER I 645 1.57 -51.50 -108.54
CA SER I 645 0.76 -52.26 -107.61
C SER I 645 0.40 -51.41 -106.39
N THR I 646 -0.61 -51.87 -105.66
CA THR I 646 -1.11 -51.12 -104.51
C THR I 646 -1.63 -52.08 -103.45
N PHE I 647 -1.68 -51.60 -102.21
CA PHE I 647 -2.18 -52.35 -101.08
C PHE I 647 -2.68 -51.36 -100.04
N GLY I 648 -3.50 -51.84 -99.10
CA GLY I 648 -4.01 -51.03 -98.03
C GLY I 648 -3.31 -51.31 -96.71
N ILE I 649 -3.66 -50.49 -95.71
CA ILE I 649 -3.16 -50.66 -94.35
C ILE I 649 -4.36 -50.76 -93.42
N ASN I 650 -4.27 -51.64 -92.42
CA ASN I 650 -5.34 -51.86 -91.48
C ASN I 650 -4.88 -51.48 -90.08
N LEU I 651 -5.74 -50.74 -89.37
CA LEU I 651 -5.46 -50.29 -88.01
C LEU I 651 -6.66 -50.58 -87.11
N ILE I 652 -6.37 -50.83 -85.84
CA ILE I 652 -7.38 -51.11 -84.83
C ILE I 652 -7.67 -49.82 -84.09
N TYR I 653 -8.96 -49.52 -83.91
CA TYR I 653 -9.38 -48.28 -83.27
C TYR I 653 -9.42 -48.37 -81.74
N VAL I 654 -9.29 -49.57 -81.17
CA VAL I 654 -9.42 -49.72 -79.73
C VAL I 654 -8.17 -49.25 -78.97
N ASN I 655 -7.01 -49.24 -79.62
CA ASN I 655 -5.77 -48.80 -78.98
C ASN I 655 -5.39 -47.44 -79.53
N PRO I 656 -5.51 -46.35 -78.75
CA PRO I 656 -5.14 -45.03 -79.29
C PRO I 656 -3.68 -44.91 -79.69
N PHE I 657 -2.78 -45.69 -79.06
CA PHE I 657 -1.36 -45.62 -79.41
C PHE I 657 -1.14 -46.04 -80.85
N MET I 658 -1.85 -47.09 -81.29
CA MET I 658 -1.75 -47.54 -82.68
C MET I 658 -2.09 -46.41 -83.62
N LEU I 659 -3.23 -45.75 -83.38
CA LEU I 659 -3.62 -44.64 -84.25
C LEU I 659 -2.59 -43.52 -84.19
N GLN I 660 -2.08 -43.22 -82.98
CA GLN I 660 -1.18 -42.08 -82.82
C GLN I 660 0.10 -42.28 -83.62
N TRP I 661 0.65 -43.50 -83.63
CA TRP I 661 1.86 -43.73 -84.42
C TRP I 661 1.56 -44.09 -85.88
N GLY I 662 0.34 -44.50 -86.21
CA GLY I 662 0.05 -44.96 -87.56
C GLY I 662 -0.50 -43.90 -88.49
N ILE I 663 -1.47 -43.12 -88.02
CA ILE I 663 -2.07 -42.10 -88.88
C ILE I 663 -1.05 -41.07 -89.34
N PRO I 664 -0.19 -40.51 -88.48
CA PRO I 664 0.89 -39.66 -89.00
C PRO I 664 1.80 -40.40 -89.96
N LEU I 665 2.08 -41.68 -89.71
CA LEU I 665 2.92 -42.45 -90.61
C LEU I 665 2.26 -42.61 -91.97
N ILE I 666 0.95 -42.88 -91.99
CA ILE I 666 0.24 -43.02 -93.25
C ILE I 666 0.25 -41.69 -94.00
N LYS I 667 0.02 -40.59 -93.29
CA LYS I 667 0.06 -39.27 -93.93
C LYS I 667 1.44 -39.00 -94.52
N GLU I 668 2.50 -39.32 -93.78
CA GLU I 668 3.85 -39.07 -94.26
C GLU I 668 4.19 -39.94 -95.47
N LEU I 669 3.79 -41.21 -95.43
CA LEU I 669 4.06 -42.10 -96.55
C LEU I 669 3.26 -41.68 -97.79
N ARG I 670 2.03 -41.22 -97.60
CA ARG I 670 1.26 -40.72 -98.72
C ARG I 670 1.83 -39.41 -99.27
N SER I 671 2.41 -38.59 -98.40
CA SER I 671 3.13 -37.41 -98.87
C SER I 671 4.31 -37.82 -99.73
N LYS I 672 5.06 -38.84 -99.31
CA LYS I 672 6.12 -39.39 -100.15
C LYS I 672 5.59 -40.12 -101.38
N GLY I 673 4.29 -40.42 -101.42
CA GLY I 673 3.70 -41.06 -102.58
C GLY I 673 3.66 -42.58 -102.53
N TYR I 674 3.65 -43.15 -101.34
CA TYR I 674 3.69 -44.61 -101.23
C TYR I 674 2.39 -45.21 -101.73
N PRO I 675 2.42 -46.45 -102.25
CA PRO I 675 1.18 -47.05 -102.81
C PRO I 675 0.27 -47.58 -101.72
N ILE I 676 -0.23 -46.67 -100.89
CA ILE I 676 -1.20 -47.00 -99.84
C ILE I 676 -2.56 -46.61 -100.42
N GLN I 677 -3.24 -47.60 -101.02
CA GLN I 677 -4.51 -47.33 -101.67
C GLN I 677 -5.56 -46.89 -100.66
N PHE I 678 -5.59 -47.51 -99.48
CA PHE I 678 -6.65 -47.24 -98.54
C PHE I 678 -6.21 -47.59 -97.12
N LEU I 679 -6.95 -47.04 -96.16
CA LEU I 679 -6.79 -47.34 -94.75
C LEU I 679 -8.10 -47.93 -94.25
N THR I 680 -8.02 -49.10 -93.62
CA THR I 680 -9.15 -49.77 -93.01
C THR I 680 -9.07 -49.59 -91.50
N ILE I 681 -10.20 -49.26 -90.89
CA ILE I 681 -10.31 -49.11 -89.45
C ILE I 681 -11.22 -50.21 -88.93
N GLY I 682 -10.67 -51.07 -88.07
CA GLY I 682 -11.40 -52.18 -87.49
C GLY I 682 -11.59 -52.01 -85.99
N ALA I 683 -12.51 -52.82 -85.46
CA ALA I 683 -12.81 -52.81 -84.02
C ALA I 683 -13.25 -51.44 -83.55
N GLY I 684 -14.05 -50.76 -84.38
CA GLY I 684 -14.58 -49.46 -84.02
C GLY I 684 -14.68 -48.52 -85.20
N VAL I 685 -15.72 -47.71 -85.24
CA VAL I 685 -15.92 -46.71 -86.29
C VAL I 685 -15.45 -45.36 -85.73
N PRO I 686 -14.53 -44.65 -86.39
CA PRO I 686 -14.11 -43.36 -85.87
C PRO I 686 -15.26 -42.37 -85.87
N SER I 687 -15.18 -41.39 -84.96
CA SER I 687 -16.16 -40.33 -84.92
C SER I 687 -16.11 -39.52 -86.21
N LEU I 688 -17.07 -38.60 -86.36
CA LEU I 688 -17.15 -37.81 -87.59
C LEU I 688 -15.89 -36.97 -87.77
N GLU I 689 -15.42 -36.33 -86.70
CA GLU I 689 -14.24 -35.48 -86.80
C GLU I 689 -13.00 -36.30 -87.16
N VAL I 690 -12.82 -37.44 -86.51
CA VAL I 690 -11.64 -38.27 -86.78
C VAL I 690 -11.69 -38.82 -88.21
N ALA I 691 -12.87 -39.25 -88.65
CA ALA I 691 -13.01 -39.76 -90.01
C ALA I 691 -12.74 -38.67 -91.03
N SER I 692 -13.23 -37.46 -90.78
CA SER I 692 -12.95 -36.34 -91.68
C SER I 692 -11.46 -36.05 -91.71
N GLU I 693 -10.80 -36.08 -90.55
CA GLU I 693 -9.36 -35.84 -90.51
C GLU I 693 -8.63 -36.87 -91.34
N TYR I 694 -8.99 -38.15 -91.21
CA TYR I 694 -8.35 -39.19 -92.03
C TYR I 694 -8.58 -38.92 -93.51
N ILE I 695 -9.84 -38.67 -93.88
CA ILE I 695 -10.21 -38.53 -95.30
C ILE I 695 -9.46 -37.37 -95.93
N GLU I 696 -9.36 -36.25 -95.21
CA GLU I 696 -8.70 -35.07 -95.77
C GLU I 696 -7.18 -35.22 -95.75
N THR I 697 -6.61 -35.51 -94.58
CA THR I 697 -5.16 -35.48 -94.44
C THR I 697 -4.48 -36.61 -95.21
N LEU I 698 -4.98 -37.84 -95.05
CA LEU I 698 -4.24 -38.98 -95.58
C LEU I 698 -4.23 -38.97 -97.11
N GLY I 699 -5.28 -38.44 -97.73
CA GLY I 699 -5.33 -38.41 -99.18
C GLY I 699 -5.33 -39.79 -99.80
N LEU I 700 -6.12 -40.70 -99.25
CA LEU I 700 -6.23 -42.06 -99.75
C LEU I 700 -7.29 -42.14 -100.84
N LYS I 701 -7.26 -43.25 -101.59
CA LYS I 701 -8.28 -43.46 -102.61
C LYS I 701 -9.66 -43.66 -101.97
N TYR I 702 -9.72 -44.46 -100.90
CA TYR I 702 -10.97 -44.68 -100.19
C TYR I 702 -10.66 -45.11 -98.77
N LEU I 703 -11.66 -44.99 -97.90
CA LEU I 703 -11.52 -45.32 -96.48
C LEU I 703 -12.40 -46.50 -96.14
N GLY I 704 -11.79 -47.57 -95.62
CA GLY I 704 -12.52 -48.75 -95.19
C GLY I 704 -12.86 -48.66 -93.71
N LEU I 705 -14.10 -49.03 -93.40
CA LEU I 705 -14.57 -49.04 -92.02
C LEU I 705 -15.28 -50.37 -91.77
N LYS I 706 -15.01 -50.97 -90.61
CA LYS I 706 -15.59 -52.26 -90.24
C LYS I 706 -16.58 -52.05 -89.10
N PRO I 707 -17.79 -51.59 -89.41
CA PRO I 707 -18.80 -51.44 -88.35
C PRO I 707 -19.25 -52.80 -87.82
N GLY I 708 -19.66 -52.81 -86.57
CA GLY I 708 -20.07 -54.03 -85.90
C GLY I 708 -21.56 -54.18 -85.75
N SER I 709 -22.27 -53.09 -85.47
CA SER I 709 -23.69 -53.14 -85.11
C SER I 709 -24.43 -52.02 -85.84
N ILE I 710 -25.70 -51.85 -85.49
CA ILE I 710 -26.53 -50.83 -86.14
C ILE I 710 -25.97 -49.45 -85.88
N ASP I 711 -25.52 -49.18 -84.66
CA ASP I 711 -24.95 -47.87 -84.35
C ASP I 711 -23.70 -47.62 -85.19
N ALA I 712 -22.84 -48.64 -85.34
CA ALA I 712 -21.64 -48.49 -86.14
C ALA I 712 -21.99 -48.24 -87.61
N ILE I 713 -22.99 -48.95 -88.12
CA ILE I 713 -23.40 -48.74 -89.51
C ILE I 713 -23.97 -47.34 -89.69
N SER I 714 -24.70 -46.86 -88.68
CA SER I 714 -25.22 -45.49 -88.73
C SER I 714 -24.09 -44.48 -88.73
N GLN I 715 -23.04 -44.73 -87.94
CA GLN I 715 -21.89 -43.84 -87.94
C GLN I 715 -21.18 -43.84 -89.30
N VAL I 716 -21.06 -45.02 -89.91
CA VAL I 716 -20.46 -45.09 -91.24
C VAL I 716 -21.30 -44.31 -92.26
N ILE I 717 -22.63 -44.45 -92.16
CA ILE I 717 -23.52 -43.70 -93.05
C ILE I 717 -23.35 -42.21 -92.81
N ASN I 718 -23.20 -41.79 -91.55
CA ASN I 718 -22.99 -40.38 -91.27
C ASN I 718 -21.68 -39.88 -91.86
N ILE I 719 -20.63 -40.68 -91.78
CA ILE I 719 -19.35 -40.30 -92.38
C ILE I 719 -19.49 -40.17 -93.88
N ALA I 720 -20.19 -41.11 -94.51
CA ALA I 720 -20.42 -41.03 -95.95
C ALA I 720 -21.22 -39.79 -96.32
N LYS I 721 -22.23 -39.45 -95.51
CA LYS I 721 -23.00 -38.24 -95.74
C LYS I 721 -22.13 -37.00 -95.61
N ALA I 722 -21.24 -36.99 -94.62
CA ALA I 722 -20.35 -35.84 -94.44
C ALA I 722 -19.37 -35.71 -95.58
N HIS I 723 -18.97 -36.82 -96.19
CA HIS I 723 -18.03 -36.82 -97.32
C HIS I 723 -18.62 -37.63 -98.47
N PRO I 724 -19.65 -37.09 -99.13
CA PRO I 724 -20.30 -37.85 -100.20
C PRO I 724 -19.39 -38.16 -101.37
N ASN I 725 -18.38 -37.31 -101.61
CA ASN I 725 -17.49 -37.54 -102.74
C ASN I 725 -16.47 -38.63 -102.45
N PHE I 726 -16.06 -38.77 -101.20
CA PHE I 726 -14.99 -39.71 -100.87
C PHE I 726 -15.55 -41.12 -100.74
N PRO I 727 -14.98 -42.13 -101.41
CA PRO I 727 -15.52 -43.48 -101.28
C PRO I 727 -15.22 -44.10 -99.91
N ILE I 728 -16.25 -44.71 -99.33
CA ILE I 728 -16.16 -45.38 -98.04
C ILE I 728 -16.53 -46.85 -98.25
N ALA I 729 -15.64 -47.74 -97.86
CA ALA I 729 -15.86 -49.18 -98.00
C ALA I 729 -16.37 -49.71 -96.66
N LEU I 730 -17.68 -49.93 -96.58
CA LEU I 730 -18.30 -50.53 -95.40
C LEU I 730 -18.08 -52.04 -95.49
N GLN I 731 -17.11 -52.52 -94.72
CA GLN I 731 -16.77 -53.95 -94.69
C GLN I 731 -17.57 -54.60 -93.55
N TRP I 732 -18.82 -54.92 -93.86
CA TRP I 732 -19.69 -55.53 -92.86
C TRP I 732 -19.24 -56.96 -92.59
N THR I 733 -19.14 -57.31 -91.31
CA THR I 733 -18.80 -58.67 -90.89
C THR I 733 -19.63 -59.00 -89.67
N GLY I 734 -20.35 -60.12 -89.73
CA GLY I 734 -21.14 -60.57 -88.61
C GLY I 734 -20.28 -61.19 -87.53
N GLY I 735 -20.95 -61.57 -86.43
CA GLY I 735 -20.26 -62.22 -85.34
C GLY I 735 -19.63 -63.55 -85.71
N ARG I 736 -20.12 -64.19 -86.77
CA ARG I 736 -19.61 -65.48 -87.19
C ARG I 736 -18.21 -65.41 -87.79
N GLY I 737 -17.68 -64.21 -88.02
CA GLY I 737 -16.35 -64.10 -88.56
C GLY I 737 -15.28 -64.52 -87.56
N GLY I 738 -14.11 -64.84 -88.10
CA GLY I 738 -13.00 -65.25 -87.27
C GLY I 738 -12.35 -64.08 -86.54
N GLY I 739 -11.41 -64.43 -85.68
CA GLY I 739 -10.72 -63.42 -84.89
C GLY I 739 -11.68 -62.69 -83.97
N HIS I 740 -11.40 -61.41 -83.75
CA HIS I 740 -12.32 -60.58 -82.99
C HIS I 740 -13.66 -60.50 -83.71
N HIS I 741 -14.74 -60.58 -82.95
CA HIS I 741 -16.07 -60.57 -83.54
C HIS I 741 -17.06 -59.96 -82.56
N SER I 742 -18.18 -59.50 -83.09
CA SER I 742 -19.27 -58.95 -82.30
C SER I 742 -20.32 -60.03 -82.07
N PHE I 743 -21.39 -59.65 -81.37
CA PHE I 743 -22.50 -60.55 -81.10
C PHE I 743 -23.62 -60.45 -82.12
N GLU I 744 -23.47 -59.61 -83.14
CA GLU I 744 -24.55 -59.36 -84.08
C GLU I 744 -24.59 -60.44 -85.16
N ASP I 745 -25.79 -60.74 -85.64
CA ASP I 745 -25.95 -61.67 -86.74
C ASP I 745 -25.40 -61.05 -88.02
N ALA I 746 -24.96 -61.92 -88.93
CA ALA I 746 -24.43 -61.46 -90.20
C ALA I 746 -25.50 -60.96 -91.17
N HIS I 747 -26.73 -61.43 -91.04
CA HIS I 747 -27.78 -61.19 -92.03
C HIS I 747 -28.75 -60.09 -91.63
N THR I 748 -29.36 -60.19 -90.44
CA THR I 748 -30.42 -59.26 -90.08
C THR I 748 -29.97 -57.79 -90.09
N PRO I 749 -28.80 -57.41 -89.55
CA PRO I 749 -28.44 -55.98 -89.58
C PRO I 749 -28.34 -55.44 -91.00
N MET I 750 -27.88 -56.26 -91.94
CA MET I 750 -27.88 -55.85 -93.35
C MET I 750 -29.30 -55.66 -93.84
N LEU I 751 -30.22 -56.56 -93.47
CA LEU I 751 -31.61 -56.40 -93.87
C LEU I 751 -32.19 -55.09 -93.35
N GLN I 752 -31.78 -54.67 -92.14
CA GLN I 752 -32.28 -53.40 -91.62
C GLN I 752 -31.66 -52.21 -92.34
N MET I 753 -30.34 -52.23 -92.53
CA MET I 753 -29.60 -51.02 -92.88
C MET I 753 -29.19 -50.93 -94.35
N TYR I 754 -29.59 -51.89 -95.19
CA TYR I 754 -29.17 -51.86 -96.58
C TYR I 754 -29.74 -50.66 -97.32
N SER I 755 -31.02 -50.35 -97.10
CA SER I 755 -31.63 -49.21 -97.77
C SER I 755 -30.93 -47.92 -97.39
N LYS I 756 -30.62 -47.74 -96.10
CA LYS I 756 -29.89 -46.54 -95.68
C LYS I 756 -28.50 -46.50 -96.27
N ILE I 757 -27.83 -47.66 -96.35
CA ILE I 757 -26.49 -47.71 -96.91
C ILE I 757 -26.51 -47.33 -98.38
N ARG I 758 -27.43 -47.92 -99.15
CA ARG I 758 -27.52 -47.62 -100.57
C ARG I 758 -28.13 -46.24 -100.83
N ARG I 759 -28.67 -45.57 -99.81
CA ARG I 759 -29.10 -44.19 -99.98
C ARG I 759 -27.92 -43.29 -100.31
N HIS I 760 -26.69 -43.71 -99.97
CA HIS I 760 -25.48 -42.97 -100.27
C HIS I 760 -24.66 -43.73 -101.31
N PRO I 761 -24.50 -43.24 -102.54
CA PRO I 761 -23.80 -44.04 -103.56
C PRO I 761 -22.33 -44.25 -103.28
N ASN I 762 -21.72 -43.45 -102.40
CA ASN I 762 -20.28 -43.56 -102.17
C ASN I 762 -19.92 -44.63 -101.15
N ILE I 763 -20.91 -45.32 -100.57
CA ILE I 763 -20.65 -46.44 -99.67
C ILE I 763 -20.63 -47.72 -100.50
N MET I 764 -19.56 -48.49 -100.36
CA MET I 764 -19.39 -49.78 -101.03
C MET I 764 -19.55 -50.89 -100.00
N LEU I 765 -20.51 -51.77 -100.23
CA LEU I 765 -20.86 -52.81 -99.27
C LEU I 765 -20.03 -54.05 -99.54
N ILE I 766 -19.24 -54.49 -98.55
CA ILE I 766 -18.43 -55.69 -98.65
C ILE I 766 -18.86 -56.65 -97.57
N PHE I 767 -19.21 -57.86 -97.94
CA PHE I 767 -19.75 -58.86 -97.03
C PHE I 767 -18.69 -59.93 -96.76
N GLY I 768 -18.35 -60.12 -95.49
CA GLY I 768 -17.42 -61.15 -95.07
C GLY I 768 -18.05 -62.04 -94.01
N SER I 769 -17.21 -62.50 -93.08
CA SER I 769 -17.66 -63.27 -91.92
C SER I 769 -18.37 -64.55 -92.35
N GLY I 770 -17.58 -65.48 -92.92
CA GLY I 770 -18.06 -66.83 -93.17
C GLY I 770 -18.08 -67.22 -94.63
N PHE I 771 -17.18 -66.63 -95.42
CA PHE I 771 -17.09 -66.89 -96.85
C PHE I 771 -15.74 -67.51 -97.18
N GLY I 772 -15.78 -68.58 -97.97
CA GLY I 772 -14.55 -69.23 -98.39
C GLY I 772 -14.59 -69.81 -99.79
N SER I 773 -15.62 -69.47 -100.57
CA SER I 773 -15.76 -70.03 -101.90
C SER I 773 -16.67 -69.13 -102.72
N ALA I 774 -16.73 -69.40 -104.02
CA ALA I 774 -17.63 -68.68 -104.91
C ALA I 774 -19.08 -69.14 -104.75
N ASP I 775 -19.28 -70.41 -104.41
CA ASP I 775 -20.63 -70.95 -104.35
C ASP I 775 -21.47 -70.26 -103.28
N ASP I 776 -20.87 -70.02 -102.11
CA ASP I 776 -21.61 -69.41 -101.00
C ASP I 776 -21.60 -67.89 -101.05
N THR I 777 -20.83 -67.28 -101.94
CA THR I 777 -20.83 -65.83 -102.11
C THR I 777 -21.64 -65.36 -103.31
N TYR I 778 -21.87 -66.23 -104.29
CA TYR I 778 -22.67 -65.83 -105.44
C TYR I 778 -24.06 -65.37 -105.06
N PRO I 779 -24.79 -66.01 -104.13
CA PRO I 779 -26.09 -65.45 -103.73
C PRO I 779 -25.99 -64.05 -103.17
N TYR I 780 -24.89 -63.74 -102.48
CA TYR I 780 -24.70 -62.40 -101.95
C TYR I 780 -24.28 -61.43 -103.03
N LEU I 781 -23.56 -61.92 -104.04
CA LEU I 781 -23.20 -61.07 -105.18
C LEU I 781 -24.45 -60.67 -105.97
N THR I 782 -25.27 -61.65 -106.32
CA THR I 782 -26.51 -61.41 -107.05
C THR I 782 -27.60 -60.81 -106.17
N GLY I 783 -27.48 -60.92 -104.85
CA GLY I 783 -28.47 -60.41 -103.95
C GLY I 783 -29.63 -61.34 -103.67
N GLU I 784 -29.68 -62.51 -104.30
CA GLU I 784 -30.79 -63.44 -104.10
C GLU I 784 -30.80 -64.07 -102.72
N TRP I 785 -29.76 -63.84 -101.91
CA TRP I 785 -29.75 -64.35 -100.54
C TRP I 785 -30.95 -63.83 -99.74
N SER I 786 -31.45 -62.64 -100.07
CA SER I 786 -32.57 -62.05 -99.35
C SER I 786 -33.92 -62.56 -99.84
N THR I 787 -33.99 -63.22 -101.00
CA THR I 787 -35.28 -63.71 -101.49
C THR I 787 -35.84 -64.78 -100.56
N LYS I 788 -34.96 -65.59 -99.96
CA LYS I 788 -35.43 -66.57 -98.98
C LYS I 788 -35.89 -65.92 -97.69
N PHE I 789 -35.54 -64.66 -97.45
CA PHE I 789 -35.83 -63.97 -96.21
C PHE I 789 -37.02 -63.01 -96.34
N ASP I 790 -37.84 -63.17 -97.39
CA ASP I 790 -38.98 -62.29 -97.62
C ASP I 790 -38.55 -60.84 -97.83
N TYR I 791 -37.46 -60.66 -98.57
CA TYR I 791 -36.92 -59.36 -98.90
C TYR I 791 -36.57 -59.32 -100.38
N PRO I 792 -36.46 -58.13 -100.97
CA PRO I 792 -36.04 -58.06 -102.37
C PRO I 792 -34.56 -58.34 -102.51
N PRO I 793 -34.06 -58.53 -103.73
CA PRO I 793 -32.63 -58.83 -103.90
C PRO I 793 -31.75 -57.72 -103.34
N MET I 794 -30.60 -58.14 -102.79
CA MET I 794 -29.72 -57.25 -102.03
C MET I 794 -28.28 -57.49 -102.49
N PRO I 795 -27.91 -57.04 -103.69
CA PRO I 795 -26.53 -57.24 -104.15
C PRO I 795 -25.53 -56.52 -103.26
N PHE I 796 -24.35 -57.13 -103.12
CA PHE I 796 -23.25 -56.57 -102.35
C PHE I 796 -22.08 -56.27 -103.26
N ASP I 797 -21.34 -55.22 -102.92
CA ASP I 797 -20.31 -54.70 -103.82
C ASP I 797 -19.00 -55.48 -103.75
N GLY I 798 -18.81 -56.32 -102.74
CA GLY I 798 -17.57 -57.07 -102.65
C GLY I 798 -17.65 -58.06 -101.51
N PHE I 799 -16.56 -58.81 -101.36
CA PHE I 799 -16.45 -59.80 -100.29
C PHE I 799 -15.03 -59.80 -99.76
N LEU I 800 -14.89 -60.24 -98.51
CA LEU I 800 -13.59 -60.40 -97.87
C LEU I 800 -13.52 -61.78 -97.24
N PHE I 801 -12.43 -62.50 -97.52
CA PHE I 801 -12.22 -63.88 -97.08
C PHE I 801 -11.04 -63.87 -96.11
N GLY I 802 -11.34 -63.77 -94.82
CA GLY I 802 -10.30 -63.76 -93.81
C GLY I 802 -9.77 -65.14 -93.48
N SER I 803 -10.63 -65.99 -92.91
CA SER I 803 -10.19 -67.29 -92.44
C SER I 803 -9.91 -68.26 -93.58
N ARG I 804 -10.46 -68.02 -94.77
CA ARG I 804 -10.26 -68.95 -95.88
C ARG I 804 -8.81 -69.00 -96.33
N VAL I 805 -8.06 -67.92 -96.15
CA VAL I 805 -6.73 -67.79 -96.76
C VAL I 805 -5.61 -68.03 -95.75
N MET I 806 -5.92 -68.42 -94.52
CA MET I 806 -4.85 -68.57 -93.54
C MET I 806 -4.01 -69.82 -93.78
N ILE I 807 -4.48 -70.76 -94.60
CA ILE I 807 -3.71 -71.92 -94.97
C ILE I 807 -3.15 -71.81 -96.39
N ALA I 808 -2.98 -70.58 -96.86
CA ALA I 808 -2.40 -70.37 -98.18
C ALA I 808 -0.92 -70.71 -98.17
N LYS I 809 -0.36 -70.88 -99.37
CA LYS I 809 1.07 -71.21 -99.47
C LYS I 809 1.93 -70.06 -98.95
N GLU I 810 1.54 -68.82 -99.24
CA GLU I 810 2.39 -67.67 -98.96
C GLU I 810 2.21 -67.10 -97.56
N VAL I 811 1.26 -67.61 -96.78
CA VAL I 811 1.09 -67.12 -95.41
C VAL I 811 2.13 -67.77 -94.51
N LYS I 812 2.56 -67.03 -93.48
CA LYS I 812 3.62 -67.47 -92.60
C LYS I 812 3.14 -68.43 -91.51
N THR I 813 1.87 -68.83 -91.53
CA THR I 813 1.38 -69.81 -90.58
C THR I 813 2.18 -71.10 -90.72
N SER I 814 2.49 -71.71 -89.57
CA SER I 814 3.33 -72.89 -89.57
C SER I 814 2.60 -74.06 -90.22
N PRO I 815 3.33 -75.07 -90.73
CA PRO I 815 2.64 -76.22 -91.33
C PRO I 815 1.70 -76.94 -90.38
N ASP I 816 2.09 -77.10 -89.13
CA ASP I 816 1.21 -77.75 -88.16
C ASP I 816 -0.03 -76.92 -87.90
N ALA I 817 0.14 -75.60 -87.80
CA ALA I 817 -1.02 -74.73 -87.61
C ALA I 817 -1.96 -74.81 -88.81
N LYS I 818 -1.40 -74.89 -90.01
CA LYS I 818 -2.22 -75.06 -91.20
C LYS I 818 -2.97 -76.40 -91.15
N LYS I 819 -2.29 -77.45 -90.71
CA LYS I 819 -2.96 -78.74 -90.56
C LYS I 819 -4.11 -78.66 -89.57
N CYS I 820 -3.91 -77.97 -88.45
CA CYS I 820 -4.98 -77.80 -87.48
C CYS I 820 -6.15 -77.02 -88.06
N ILE I 821 -5.84 -75.94 -88.80
CA ILE I 821 -6.89 -75.13 -89.42
C ILE I 821 -7.69 -75.98 -90.39
N ALA I 822 -7.02 -76.77 -91.22
CA ALA I 822 -7.73 -77.66 -92.13
C ALA I 822 -8.53 -78.71 -91.37
N ALA I 823 -8.03 -79.15 -90.21
CA ALA I 823 -8.75 -80.13 -89.42
C ALA I 823 -10.05 -79.56 -88.87
N CYS I 824 -10.09 -78.26 -88.59
CA CYS I 824 -11.34 -77.63 -88.18
C CYS I 824 -12.40 -77.83 -89.26
N THR I 825 -13.43 -78.61 -88.95
CA THR I 825 -14.46 -78.93 -89.92
C THR I 825 -15.44 -77.78 -90.15
N GLY I 826 -15.53 -76.83 -89.23
CA GLY I 826 -16.45 -75.73 -89.37
C GLY I 826 -17.86 -76.10 -88.98
N VAL I 827 -18.74 -75.10 -89.06
CA VAL I 827 -20.13 -75.26 -88.63
C VAL I 827 -21.00 -74.34 -89.48
N PRO I 828 -22.22 -74.72 -89.86
CA PRO I 828 -23.07 -73.80 -90.63
C PRO I 828 -23.38 -72.53 -89.86
N ASP I 829 -23.97 -71.56 -90.59
CA ASP I 829 -24.22 -70.24 -90.01
C ASP I 829 -25.20 -70.31 -88.86
N ASP I 830 -26.29 -71.08 -89.01
CA ASP I 830 -27.34 -71.08 -88.01
C ASP I 830 -26.86 -71.63 -86.67
N LYS I 831 -25.76 -72.38 -86.64
CA LYS I 831 -25.20 -72.94 -85.42
C LYS I 831 -23.95 -72.22 -84.95
N TRP I 832 -23.58 -71.09 -85.58
CA TRP I 832 -22.36 -70.40 -85.18
C TRP I 832 -22.46 -69.88 -83.75
N GLU I 833 -23.68 -69.55 -83.29
CA GLU I 833 -23.85 -69.02 -81.94
C GLU I 833 -23.39 -69.99 -80.87
N GLN I 834 -23.30 -71.29 -81.19
CA GLN I 834 -22.91 -72.29 -80.21
C GLN I 834 -21.39 -72.37 -80.08
N THR I 835 -20.76 -71.23 -79.82
CA THR I 835 -19.32 -71.16 -79.57
C THR I 835 -18.95 -70.44 -78.29
N TYR I 836 -19.86 -69.66 -77.71
CA TYR I 836 -19.60 -69.06 -76.40
C TYR I 836 -19.70 -70.08 -75.28
N LYS I 837 -20.39 -71.20 -75.51
CA LYS I 837 -20.60 -72.21 -74.49
C LYS I 837 -19.64 -73.39 -74.65
N LYS I 838 -19.61 -74.00 -75.82
CA LYS I 838 -18.77 -75.15 -76.11
C LYS I 838 -18.21 -75.03 -77.51
N PRO I 839 -17.09 -75.69 -77.81
CA PRO I 839 -16.58 -75.68 -79.19
C PRO I 839 -17.55 -76.36 -80.15
N THR I 840 -17.64 -75.80 -81.35
CA THR I 840 -18.41 -76.40 -82.44
C THR I 840 -17.65 -76.15 -83.73
N GLY I 841 -17.42 -77.22 -84.49
CA GLY I 841 -16.62 -77.12 -85.69
C GLY I 841 -15.15 -76.94 -85.44
N GLY I 842 -14.69 -77.17 -84.21
CA GLY I 842 -13.31 -76.95 -83.83
C GLY I 842 -12.96 -75.54 -83.45
N ILE I 843 -13.94 -74.63 -83.39
CA ILE I 843 -13.72 -73.23 -83.07
C ILE I 843 -14.60 -72.88 -81.87
N VAL I 844 -14.01 -72.17 -80.90
CA VAL I 844 -14.69 -71.73 -79.70
C VAL I 844 -14.37 -70.26 -79.47
N THR I 845 -15.23 -69.60 -78.71
CA THR I 845 -15.07 -68.20 -78.38
C THR I 845 -14.39 -68.05 -77.02
N VAL I 846 -13.41 -67.15 -76.96
CA VAL I 846 -12.73 -66.79 -75.73
C VAL I 846 -12.81 -65.28 -75.58
N ARG I 847 -12.33 -64.78 -74.44
CA ARG I 847 -12.39 -63.37 -74.12
C ARG I 847 -10.99 -62.78 -74.10
N SER I 848 -10.84 -61.59 -74.68
CA SER I 848 -9.54 -60.95 -74.77
C SER I 848 -9.21 -60.25 -73.45
N GLU I 849 -8.13 -59.46 -73.45
CA GLU I 849 -7.78 -58.70 -72.25
C GLU I 849 -8.87 -57.68 -71.92
N MET I 850 -9.40 -57.01 -72.93
CA MET I 850 -10.51 -56.08 -72.75
C MET I 850 -11.85 -56.80 -72.59
N GLY I 851 -11.89 -58.12 -72.73
CA GLY I 851 -13.11 -58.87 -72.64
C GLY I 851 -13.86 -59.04 -73.93
N GLU I 852 -13.34 -58.54 -75.05
CA GLU I 852 -14.03 -58.70 -76.32
C GLU I 852 -14.00 -60.16 -76.74
N PRO I 853 -15.05 -60.67 -77.41
CA PRO I 853 -14.99 -62.04 -77.90
C PRO I 853 -13.97 -62.19 -79.02
N ILE I 854 -13.33 -63.36 -79.05
CA ILE I 854 -12.43 -63.75 -80.13
C ILE I 854 -12.70 -65.22 -80.45
N HIS I 855 -12.90 -65.53 -81.72
CA HIS I 855 -13.02 -66.91 -82.16
C HIS I 855 -11.61 -67.49 -82.35
N LYS I 856 -11.38 -68.67 -81.79
CA LYS I 856 -10.10 -69.34 -81.94
C LYS I 856 -10.33 -70.84 -82.08
N ILE I 857 -9.35 -71.53 -82.66
CA ILE I 857 -9.45 -72.97 -82.79
C ILE I 857 -9.45 -73.61 -81.41
N ALA I 858 -10.24 -74.67 -81.25
CA ALA I 858 -10.37 -75.34 -79.96
C ALA I 858 -9.15 -76.21 -79.70
N THR I 859 -8.02 -75.53 -79.49
CA THR I 859 -6.78 -76.15 -79.08
C THR I 859 -6.76 -76.29 -77.57
N ARG I 860 -5.80 -77.07 -77.06
CA ARG I 860 -5.69 -77.24 -75.61
C ARG I 860 -5.43 -75.90 -74.94
N GLY I 861 -4.56 -75.08 -75.53
CA GLY I 861 -4.33 -73.75 -74.99
C GLY I 861 -5.58 -72.89 -75.00
N VAL I 862 -6.38 -72.99 -76.06
CA VAL I 862 -7.59 -72.17 -76.14
C VAL I 862 -8.63 -72.64 -75.13
N MET I 863 -8.73 -73.95 -74.91
CA MET I 863 -9.67 -74.44 -73.90
C MET I 863 -9.20 -74.08 -72.50
N LEU I 864 -7.88 -74.04 -72.27
CA LEU I 864 -7.38 -73.52 -71.01
C LEU I 864 -7.72 -72.04 -70.87
N TRP I 865 -7.57 -71.28 -71.96
CA TRP I 865 -7.98 -69.88 -71.97
C TRP I 865 -9.44 -69.74 -71.56
N LYS I 866 -10.30 -70.56 -72.13
CA LYS I 866 -11.73 -70.49 -71.83
C LYS I 866 -12.01 -70.89 -70.39
N GLU I 867 -11.33 -71.93 -69.90
CA GLU I 867 -11.53 -72.36 -68.52
C GLU I 867 -11.12 -71.25 -67.54
N PHE I 868 -9.98 -70.61 -67.79
CA PHE I 868 -9.56 -69.51 -66.94
C PHE I 868 -10.50 -68.32 -67.08
N ASP I 869 -11.06 -68.11 -68.27
CA ASP I 869 -12.04 -67.04 -68.44
C ASP I 869 -13.27 -67.30 -67.59
N GLU I 870 -13.71 -68.56 -67.53
CA GLU I 870 -14.95 -68.91 -66.85
C GLU I 870 -14.77 -69.20 -65.37
N THR I 871 -13.53 -69.34 -64.88
CA THR I 871 -13.30 -69.69 -63.47
C THR I 871 -12.37 -68.75 -62.71
N ILE I 872 -11.54 -67.95 -63.38
CA ILE I 872 -10.53 -67.14 -62.70
C ILE I 872 -10.68 -65.68 -63.09
N PHE I 873 -10.68 -65.40 -64.39
CA PHE I 873 -10.69 -64.02 -64.84
C PHE I 873 -12.02 -63.34 -64.57
N ASN I 874 -13.12 -64.10 -64.53
CA ASN I 874 -14.42 -63.52 -64.25
C ASN I 874 -14.58 -63.11 -62.79
N LEU I 875 -13.71 -63.60 -61.91
CA LEU I 875 -13.86 -63.32 -60.50
C LEU I 875 -13.54 -61.85 -60.21
N PRO I 876 -14.06 -61.30 -59.11
CA PRO I 876 -13.68 -59.93 -58.73
C PRO I 876 -12.25 -59.88 -58.22
N LYS I 877 -11.75 -58.65 -58.06
CA LYS I 877 -10.34 -58.46 -57.76
C LYS I 877 -9.99 -59.04 -56.39
N ASN I 878 -10.89 -58.90 -55.41
CA ASN I 878 -10.63 -59.46 -54.09
C ASN I 878 -10.55 -60.99 -54.14
N LYS I 879 -11.39 -61.61 -54.97
CA LYS I 879 -11.39 -63.07 -55.08
C LYS I 879 -10.29 -63.60 -55.99
N LEU I 880 -9.66 -62.75 -56.80
CA LEU I 880 -8.69 -63.25 -57.78
C LEU I 880 -7.47 -63.86 -57.10
N VAL I 881 -6.89 -63.17 -56.12
CA VAL I 881 -5.62 -63.58 -55.54
C VAL I 881 -5.80 -64.82 -54.67
N PRO I 882 -6.79 -64.88 -53.78
CA PRO I 882 -6.99 -66.14 -53.04
C PRO I 882 -7.26 -67.33 -53.96
N THR I 883 -7.98 -67.12 -55.05
CA THR I 883 -8.22 -68.22 -55.98
C THR I 883 -6.92 -68.68 -56.62
N LEU I 884 -6.07 -67.75 -57.03
CA LEU I 884 -4.79 -68.14 -57.62
C LEU I 884 -3.93 -68.89 -56.61
N GLU I 885 -3.93 -68.42 -55.36
CA GLU I 885 -3.19 -69.12 -54.31
C GLU I 885 -3.72 -70.54 -54.13
N ALA I 886 -5.05 -70.71 -54.12
CA ALA I 886 -5.63 -72.02 -53.88
C ALA I 886 -5.37 -72.97 -55.04
N LYS I 887 -5.52 -72.49 -56.27
CA LYS I 887 -5.37 -73.31 -57.48
C LYS I 887 -4.01 -73.11 -58.14
N ARG I 888 -3.00 -72.74 -57.35
CA ARG I 888 -1.66 -72.54 -57.90
C ARG I 888 -1.14 -73.79 -58.60
N ASP I 889 -1.24 -74.95 -57.93
CA ASP I 889 -0.70 -76.17 -58.51
C ASP I 889 -1.43 -76.56 -59.79
N TYR I 890 -2.75 -76.47 -59.78
CA TYR I 890 -3.54 -76.81 -60.98
C TYR I 890 -3.21 -75.86 -62.13
N ILE I 891 -3.12 -74.55 -61.84
CA ILE I 891 -2.81 -73.58 -62.87
C ILE I 891 -1.42 -73.86 -63.45
N ILE I 892 -0.45 -74.16 -62.59
CA ILE I 892 0.90 -74.41 -63.06
C ILE I 892 0.93 -75.65 -63.95
N SER I 893 0.24 -76.71 -63.53
CA SER I 893 0.22 -77.94 -64.32
C SER I 893 -0.42 -77.69 -65.68
N ARG I 894 -1.55 -76.97 -65.69
CA ARG I 894 -2.22 -76.70 -66.96
C ARG I 894 -1.36 -75.82 -67.87
N LEU I 895 -0.69 -74.81 -67.31
CA LEU I 895 0.17 -73.97 -68.12
C LEU I 895 1.32 -74.78 -68.71
N ASN I 896 1.93 -75.66 -67.92
CA ASN I 896 3.07 -76.43 -68.40
C ASN I 896 2.65 -77.49 -69.39
N ALA I 897 1.40 -77.98 -69.32
CA ALA I 897 0.95 -79.06 -70.16
C ALA I 897 0.26 -78.62 -71.44
N ASP I 898 -0.46 -77.49 -71.42
CA ASP I 898 -1.45 -77.18 -72.44
C ASP I 898 -1.35 -75.78 -73.03
N PHE I 899 -0.46 -74.91 -72.56
CA PHE I 899 -0.44 -73.52 -72.95
C PHE I 899 0.90 -73.12 -73.56
N GLN I 900 0.83 -72.17 -74.49
CA GLN I 900 2.01 -71.66 -75.19
C GLN I 900 2.96 -70.92 -74.26
N LYS I 901 2.48 -70.43 -73.11
CA LYS I 901 3.29 -69.73 -72.12
C LYS I 901 3.39 -70.64 -70.89
N PRO I 902 4.40 -71.50 -70.82
CA PRO I 902 4.49 -72.40 -69.67
C PRO I 902 4.83 -71.64 -68.40
N TRP I 903 4.51 -72.26 -67.27
CA TRP I 903 4.99 -71.76 -65.99
C TRP I 903 6.50 -71.70 -66.00
N PHE I 904 7.05 -70.53 -65.72
CA PHE I 904 8.49 -70.33 -65.88
C PHE I 904 9.28 -71.20 -64.92
N ALA I 905 8.92 -71.18 -63.63
CA ALA I 905 9.67 -71.92 -62.62
C ALA I 905 9.32 -73.40 -62.72
N THR I 906 9.91 -74.04 -63.73
CA THR I 906 9.74 -75.48 -63.96
C THR I 906 11.09 -76.05 -64.38
N VAL I 907 11.67 -76.90 -63.53
CA VAL I 907 12.98 -77.48 -63.77
C VAL I 907 12.81 -78.99 -63.88
N ASN I 908 13.25 -79.56 -65.01
CA ASN I 908 13.12 -80.99 -65.26
C ASN I 908 11.67 -81.45 -65.20
N GLY I 909 10.75 -80.58 -65.60
CA GLY I 909 9.34 -80.92 -65.55
C GLY I 909 8.70 -80.84 -64.18
N GLN I 910 9.44 -80.40 -63.17
CA GLN I 910 8.94 -80.30 -61.80
C GLN I 910 8.59 -78.85 -61.50
N ALA I 911 7.34 -78.62 -61.10
CA ALA I 911 6.89 -77.28 -60.79
C ALA I 911 7.70 -76.69 -59.63
N ARG I 912 8.09 -75.43 -59.78
CA ARG I 912 8.91 -74.74 -58.80
C ARG I 912 8.40 -73.31 -58.70
N ASP I 913 9.16 -72.45 -58.02
CA ASP I 913 8.90 -71.03 -57.97
C ASP I 913 10.21 -70.29 -58.23
N LEU I 914 10.10 -69.03 -58.63
CA LEU I 914 11.28 -68.21 -58.84
C LEU I 914 12.13 -68.16 -57.57
N ALA I 915 11.50 -68.20 -56.41
CA ALA I 915 12.22 -68.22 -55.15
C ALA I 915 12.87 -69.57 -54.86
N THR I 916 12.25 -70.67 -55.28
CA THR I 916 12.78 -72.01 -55.05
C THR I 916 13.56 -72.53 -56.25
N MET I 917 13.97 -71.63 -57.15
CA MET I 917 14.76 -71.98 -58.32
C MET I 917 16.04 -71.16 -58.34
N THR I 918 17.13 -71.81 -58.74
CA THR I 918 18.47 -71.22 -58.66
C THR I 918 18.77 -70.32 -59.87
N TYR I 919 19.88 -69.59 -59.77
CA TYR I 919 20.27 -68.68 -60.84
C TYR I 919 20.61 -69.45 -62.12
N GLU I 920 21.37 -70.53 -62.00
CA GLU I 920 21.70 -71.33 -63.17
C GLU I 920 20.44 -71.93 -63.78
N GLU I 921 19.52 -72.38 -62.93
CA GLU I 921 18.25 -72.91 -63.43
C GLU I 921 17.46 -71.83 -64.15
N VAL I 922 17.46 -70.61 -63.62
CA VAL I 922 16.75 -69.51 -64.27
C VAL I 922 17.36 -69.21 -65.64
N ALA I 923 18.70 -69.16 -65.70
CA ALA I 923 19.36 -68.87 -66.98
C ALA I 923 19.08 -69.98 -67.99
N LYS I 924 19.16 -71.23 -67.55
CA LYS I 924 18.88 -72.35 -68.45
C LYS I 924 17.43 -72.31 -68.93
N ARG I 925 16.49 -71.99 -68.03
CA ARG I 925 15.09 -71.91 -68.43
C ARG I 925 14.88 -70.78 -69.42
N LEU I 926 15.53 -69.63 -69.21
CA LEU I 926 15.40 -68.52 -70.14
C LEU I 926 15.94 -68.91 -71.51
N VAL I 927 17.09 -69.58 -71.55
CA VAL I 927 17.63 -70.04 -72.82
C VAL I 927 16.67 -71.03 -73.48
N GLU I 928 16.11 -71.94 -72.69
CA GLU I 928 15.21 -72.94 -73.24
C GLU I 928 13.97 -72.30 -73.84
N LEU I 929 13.41 -71.29 -73.18
CA LEU I 929 12.14 -70.70 -73.59
C LEU I 929 12.29 -69.53 -74.56
N MET I 930 13.50 -69.02 -74.78
CA MET I 930 13.70 -67.86 -75.64
C MET I 930 14.64 -68.11 -76.81
N PHE I 931 15.63 -68.98 -76.63
CA PHE I 931 16.59 -69.31 -77.68
C PHE I 931 16.10 -70.53 -78.44
N ILE I 932 16.09 -70.44 -79.76
CA ILE I 932 15.58 -71.50 -80.63
C ILE I 932 16.77 -72.32 -81.11
N ARG I 933 16.74 -73.63 -80.81
CA ARG I 933 17.85 -74.49 -81.18
C ARG I 933 17.84 -74.79 -82.68
N SER I 934 16.65 -74.91 -83.27
CA SER I 934 16.57 -75.24 -84.69
C SER I 934 17.19 -74.15 -85.54
N THR I 935 16.90 -72.88 -85.25
CA THR I 935 17.50 -71.76 -85.95
C THR I 935 18.85 -71.36 -85.35
N ASN I 936 19.21 -71.89 -84.19
CA ASN I 936 20.49 -71.59 -83.55
C ASN I 936 20.63 -70.09 -83.27
N SER I 937 19.53 -69.42 -82.97
CA SER I 937 19.56 -67.99 -82.69
C SER I 937 18.40 -67.63 -81.77
N TRP I 938 18.55 -66.52 -81.06
CA TRP I 938 17.48 -66.03 -80.21
C TRP I 938 16.28 -65.64 -81.06
N PHE I 939 15.09 -65.93 -80.54
CA PHE I 939 13.87 -65.57 -81.27
C PHE I 939 13.74 -64.05 -81.38
N ASP I 940 14.13 -63.32 -80.34
CA ASP I 940 14.03 -61.87 -80.34
C ASP I 940 15.23 -61.26 -79.64
N VAL I 941 15.70 -60.14 -80.21
CA VAL I 941 16.80 -59.41 -79.63
C VAL I 941 16.43 -58.90 -78.25
N THR I 942 15.16 -58.55 -78.04
CA THR I 942 14.74 -58.13 -76.71
C THR I 942 14.85 -59.27 -75.71
N TRP I 943 14.53 -60.50 -76.13
CA TRP I 943 14.71 -61.64 -75.25
C TRP I 943 16.17 -61.91 -74.96
N ARG I 944 17.04 -61.75 -75.97
CA ARG I 944 18.46 -61.87 -75.73
C ARG I 944 18.93 -60.83 -74.73
N THR I 945 18.44 -59.59 -74.85
CA THR I 945 18.78 -58.54 -73.89
C THR I 945 18.27 -58.89 -72.50
N PHE I 946 17.07 -59.47 -72.41
CA PHE I 946 16.54 -59.91 -71.12
C PHE I 946 17.48 -60.91 -70.46
N THR I 947 17.85 -61.95 -71.20
CA THR I 947 18.71 -62.99 -70.63
C THR I 947 20.09 -62.42 -70.27
N GLY I 948 20.63 -61.56 -71.12
CA GLY I 948 21.92 -60.97 -70.82
C GLY I 948 21.89 -60.06 -69.61
N ASP I 949 20.81 -59.30 -69.45
CA ASP I 949 20.66 -58.47 -68.26
C ASP I 949 20.52 -59.33 -67.01
N PHE I 950 19.80 -60.45 -67.11
CA PHE I 950 19.73 -61.34 -65.96
C PHE I 950 21.11 -61.90 -65.61
N LEU I 951 21.88 -62.28 -66.62
CA LEU I 951 23.23 -62.80 -66.34
C LEU I 951 24.11 -61.71 -65.74
N ARG I 952 23.99 -60.48 -66.24
CA ARG I 952 24.74 -59.37 -65.65
C ARG I 952 24.35 -59.18 -64.19
N ARG I 953 23.06 -59.33 -63.88
CA ARG I 953 22.62 -59.23 -62.49
C ARG I 953 23.20 -60.37 -61.65
N VAL I 954 23.30 -61.57 -62.23
CA VAL I 954 23.90 -62.69 -61.51
C VAL I 954 25.35 -62.39 -61.16
N GLU I 955 26.09 -61.88 -62.15
CA GLU I 955 27.49 -61.52 -61.91
C GLU I 955 27.59 -60.40 -60.88
N GLU I 956 26.69 -59.42 -60.93
CA GLU I 956 26.68 -58.38 -59.90
C GLU I 956 26.43 -58.97 -58.53
N ARG I 957 25.50 -59.92 -58.42
CA ARG I 957 25.14 -60.48 -57.14
C ARG I 957 26.27 -61.31 -56.55
N PHE I 958 26.98 -62.05 -57.39
CA PHE I 958 27.96 -63.04 -56.92
C PHE I 958 29.40 -62.60 -57.08
N THR I 959 29.66 -61.40 -57.59
CA THR I 959 31.01 -60.84 -57.62
C THR I 959 31.30 -60.17 -56.28
N LYS I 960 32.52 -60.37 -55.80
CA LYS I 960 32.90 -59.83 -54.49
C LYS I 960 33.48 -58.42 -54.56
N SER I 961 33.73 -57.90 -55.74
CA SER I 961 34.40 -56.61 -55.88
C SER I 961 34.29 -56.15 -57.33
N LYS I 962 34.95 -55.03 -57.63
CA LYS I 962 35.02 -54.52 -59.00
C LYS I 962 35.59 -55.58 -59.93
N THR I 963 34.97 -55.76 -61.09
CA THR I 963 35.52 -56.66 -62.09
C THR I 963 34.87 -56.39 -63.44
N LEU I 964 35.56 -56.79 -64.50
CA LEU I 964 34.99 -56.71 -65.84
C LEU I 964 33.84 -57.69 -65.99
N SER I 965 32.81 -57.28 -66.73
CA SER I 965 31.71 -58.18 -67.01
C SER I 965 32.17 -59.33 -67.90
N LEU I 966 31.70 -60.54 -67.58
CA LEU I 966 32.02 -61.69 -68.42
C LEU I 966 31.26 -61.66 -69.73
N ILE I 967 30.17 -60.89 -69.81
CA ILE I 967 29.41 -60.70 -71.04
C ILE I 967 29.50 -59.22 -71.37
N GLN I 968 30.51 -58.85 -72.16
CA GLN I 968 30.69 -57.45 -72.54
C GLN I 968 29.66 -57.02 -73.58
N SER I 969 29.35 -57.90 -74.52
CA SER I 969 28.34 -57.66 -75.54
C SER I 969 27.35 -58.81 -75.56
N TYR I 970 26.08 -58.48 -75.79
CA TYR I 970 25.05 -59.50 -75.86
C TYR I 970 25.21 -60.41 -77.06
N SER I 971 25.99 -60.00 -78.07
CA SER I 971 26.25 -60.87 -79.21
C SER I 971 26.94 -62.16 -78.80
N LEU I 972 27.63 -62.16 -77.66
CA LEU I 972 28.23 -63.39 -77.15
C LEU I 972 27.19 -64.44 -76.80
N LEU I 973 25.93 -64.04 -76.61
CA LEU I 973 24.87 -64.98 -76.26
C LEU I 973 24.38 -65.79 -77.45
N ASP I 974 24.95 -65.63 -78.64
CA ASP I 974 24.58 -66.48 -79.77
C ASP I 974 24.90 -67.94 -79.48
N LYS I 975 25.84 -68.19 -78.57
CA LYS I 975 26.09 -69.51 -78.01
C LYS I 975 25.71 -69.47 -76.54
N PRO I 976 24.41 -69.47 -76.23
CA PRO I 976 23.98 -69.25 -74.85
C PRO I 976 24.46 -70.32 -73.89
N ASP I 977 24.57 -71.57 -74.33
CA ASP I 977 25.11 -72.61 -73.47
C ASP I 977 26.53 -72.28 -73.05
N GLU I 978 27.36 -71.85 -74.00
CA GLU I 978 28.73 -71.48 -73.69
C GLU I 978 28.77 -70.26 -72.77
N ALA I 979 27.90 -69.27 -73.03
CA ALA I 979 27.89 -68.08 -72.18
C ALA I 979 27.50 -68.42 -70.75
N ILE I 980 26.48 -69.27 -70.58
CA ILE I 980 26.05 -69.68 -69.24
C ILE I 980 27.15 -70.48 -68.56
N GLU I 981 27.80 -71.38 -69.31
CA GLU I 981 28.89 -72.15 -68.74
C GLU I 981 30.00 -71.22 -68.26
N LYS I 982 30.36 -70.22 -69.06
CA LYS I 982 31.42 -69.31 -68.69
C LYS I 982 31.05 -68.51 -67.44
N VAL I 983 29.86 -67.93 -67.43
CA VAL I 983 29.49 -67.04 -66.32
C VAL I 983 29.32 -67.82 -65.03
N PHE I 984 28.71 -69.01 -65.10
CA PHE I 984 28.52 -69.79 -63.88
C PHE I 984 29.73 -70.63 -63.51
N ASN I 985 30.76 -70.68 -64.36
CA ASN I 985 32.07 -71.13 -63.90
C ASN I 985 32.82 -70.01 -63.22
N ALA I 986 32.64 -68.77 -63.68
CA ALA I 986 33.25 -67.64 -63.00
C ALA I 986 32.61 -67.40 -61.64
N TYR I 987 31.32 -67.72 -61.50
CA TYR I 987 30.60 -67.60 -60.22
C TYR I 987 29.94 -68.94 -59.92
N PRO I 988 30.73 -69.95 -59.51
CA PRO I 988 30.15 -71.28 -59.25
C PRO I 988 29.17 -71.30 -58.10
N ALA I 989 29.23 -70.31 -57.19
CA ALA I 989 28.32 -70.31 -56.05
C ALA I 989 26.86 -70.19 -56.47
N ALA I 990 26.60 -69.62 -57.64
CA ALA I 990 25.23 -69.39 -58.10
C ALA I 990 24.55 -70.65 -58.64
N ARG I 991 25.31 -71.70 -58.94
CA ARG I 991 24.71 -72.92 -59.45
C ARG I 991 23.83 -73.63 -58.44
N GLU I 992 24.11 -73.47 -57.15
CA GLU I 992 23.39 -74.13 -56.06
C GLU I 992 22.88 -73.08 -55.07
N GLN I 993 22.22 -72.06 -55.59
CA GLN I 993 21.86 -70.88 -54.80
C GLN I 993 20.52 -70.38 -55.28
N PHE I 994 19.50 -70.46 -54.42
CA PHE I 994 18.19 -69.97 -54.79
C PHE I 994 18.24 -68.48 -55.08
N LEU I 995 17.29 -68.01 -55.88
CA LEU I 995 17.27 -66.59 -56.25
C LEU I 995 17.05 -65.71 -55.04
N ASN I 996 17.85 -64.66 -54.94
CA ASN I 996 17.63 -63.62 -53.95
C ASN I 996 16.28 -62.97 -54.21
N ALA I 997 15.61 -62.56 -53.13
CA ALA I 997 14.29 -61.95 -53.28
C ALA I 997 14.37 -60.65 -54.08
N GLN I 998 15.45 -59.90 -53.88
CA GLN I 998 15.68 -58.71 -54.71
C GLN I 998 15.79 -59.10 -56.17
N ASP I 999 16.46 -60.21 -56.46
CA ASP I 999 16.61 -60.65 -57.85
C ASP I 999 15.28 -61.12 -58.41
N ILE I 1000 14.42 -61.72 -57.58
CA ILE I 1000 13.09 -62.11 -58.05
C ILE I 1000 12.29 -60.87 -58.43
N ASP I 1001 12.34 -59.85 -57.57
CA ASP I 1001 11.63 -58.61 -57.87
C ASP I 1001 12.17 -57.97 -59.15
N HIS I 1002 13.49 -57.97 -59.31
CA HIS I 1002 14.08 -57.42 -60.53
C HIS I 1002 13.65 -58.22 -61.76
N PHE I 1003 13.61 -59.55 -61.63
CA PHE I 1003 13.19 -60.41 -62.73
C PHE I 1003 11.76 -60.10 -63.14
N LEU I 1004 10.88 -59.92 -62.16
CA LEU I 1004 9.50 -59.56 -62.47
C LEU I 1004 9.43 -58.18 -63.13
N SER I 1005 10.25 -57.24 -62.66
CA SER I 1005 10.27 -55.92 -63.27
C SER I 1005 10.67 -55.98 -64.74
N MET I 1006 11.76 -56.70 -65.04
CA MET I 1006 12.19 -56.77 -66.43
C MET I 1006 11.31 -57.69 -67.26
N CYS I 1007 10.48 -58.52 -66.62
CA CYS I 1007 9.39 -59.17 -67.34
C CYS I 1007 8.29 -58.18 -67.70
N GLN I 1008 8.06 -57.19 -66.83
CA GLN I 1008 7.09 -56.12 -67.08
C GLN I 1008 7.66 -54.96 -67.88
N ASN I 1009 8.93 -55.04 -68.29
CA ASN I 1009 9.54 -53.96 -69.06
C ASN I 1009 8.74 -53.67 -70.33
N PRO I 1010 8.29 -52.43 -70.57
CA PRO I 1010 7.47 -52.20 -71.77
C PRO I 1010 8.25 -52.26 -73.07
N MET I 1011 9.45 -51.70 -73.10
CA MET I 1011 10.28 -51.71 -74.31
C MET I 1011 10.98 -53.06 -74.42
N GLN I 1012 10.15 -54.09 -74.63
CA GLN I 1012 10.60 -55.47 -74.64
C GLN I 1012 9.45 -56.34 -75.14
N LYS I 1013 9.77 -57.36 -75.91
CA LYS I 1013 8.74 -58.29 -76.32
C LYS I 1013 8.21 -59.03 -75.09
N PRO I 1014 6.89 -59.17 -74.93
CA PRO I 1014 6.38 -59.88 -73.75
C PRO I 1014 6.92 -61.30 -73.65
N VAL I 1015 7.33 -61.66 -72.46
CA VAL I 1015 8.09 -62.91 -72.27
C VAL I 1015 7.18 -64.10 -72.55
N PRO I 1016 7.71 -65.24 -73.06
CA PRO I 1016 6.87 -66.39 -73.41
C PRO I 1016 6.64 -67.34 -72.23
N PHE I 1017 6.25 -66.79 -71.09
CA PHE I 1017 5.98 -67.61 -69.92
C PHE I 1017 5.26 -66.75 -68.88
N VAL I 1018 4.74 -67.44 -67.86
CA VAL I 1018 4.12 -66.78 -66.71
C VAL I 1018 5.13 -66.80 -65.57
N PRO I 1019 5.69 -65.65 -65.15
CA PRO I 1019 6.68 -65.72 -64.08
C PRO I 1019 6.08 -65.93 -62.70
N VAL I 1020 4.90 -65.38 -62.44
CA VAL I 1020 4.28 -65.47 -61.12
C VAL I 1020 2.77 -65.37 -61.29
N LEU I 1021 2.03 -65.98 -60.35
CA LEU I 1021 0.57 -65.91 -60.32
C LEU I 1021 0.15 -64.83 -59.34
N ASP I 1022 -0.32 -63.71 -59.86
CA ASP I 1022 -0.79 -62.60 -59.02
C ASP I 1022 -1.85 -61.84 -59.81
N ARG I 1023 -2.15 -60.61 -59.36
CA ARG I 1023 -3.22 -59.83 -59.98
C ARG I 1023 -2.98 -59.63 -61.48
N ARG I 1024 -1.72 -59.50 -61.89
CA ARG I 1024 -1.36 -59.35 -63.30
C ARG I 1024 -1.29 -60.69 -64.04
N PHE I 1025 -1.83 -61.76 -63.45
CA PHE I 1025 -1.77 -63.06 -64.10
C PHE I 1025 -2.55 -63.06 -65.41
N GLU I 1026 -3.70 -62.38 -65.44
CA GLU I 1026 -4.45 -62.28 -66.69
C GLU I 1026 -3.62 -61.57 -67.76
N ILE I 1027 -2.91 -60.51 -67.37
CA ILE I 1027 -2.09 -59.79 -68.32
C ILE I 1027 -1.01 -60.71 -68.89
N PHE I 1028 -0.30 -61.41 -68.01
CA PHE I 1028 0.75 -62.31 -68.47
C PHE I 1028 0.19 -63.43 -69.33
N PHE I 1029 -0.98 -63.95 -68.96
CA PHE I 1029 -1.56 -65.09 -69.65
C PHE I 1029 -2.03 -64.71 -71.05
N LYS I 1030 -2.62 -63.53 -71.21
CA LYS I 1030 -3.28 -63.17 -72.45
C LYS I 1030 -2.42 -62.34 -73.39
N LYS I 1031 -1.45 -61.59 -72.88
CA LYS I 1031 -0.69 -60.69 -73.74
C LYS I 1031 0.17 -61.48 -74.72
N ASP I 1032 0.23 -61.00 -75.97
CA ASP I 1032 1.13 -61.55 -76.99
C ASP I 1032 0.82 -63.02 -77.26
N SER I 1033 -0.41 -63.29 -77.68
CA SER I 1033 -0.90 -64.65 -77.89
C SER I 1033 -1.11 -64.98 -79.36
N LEU I 1034 -0.64 -64.13 -80.28
CA LEU I 1034 -0.91 -64.29 -81.71
C LEU I 1034 0.27 -64.81 -82.51
N TRP I 1035 1.48 -64.33 -82.23
CA TRP I 1035 2.65 -64.70 -83.03
C TRP I 1035 2.99 -66.19 -82.92
N GLN I 1036 2.55 -66.85 -81.84
CA GLN I 1036 2.90 -68.24 -81.63
C GLN I 1036 2.33 -69.14 -82.72
N SER I 1037 1.22 -68.74 -83.34
CA SER I 1037 0.64 -69.53 -84.42
C SER I 1037 1.61 -69.67 -85.58
N GLU I 1038 2.24 -68.57 -85.99
CA GLU I 1038 3.18 -68.56 -87.11
C GLU I 1038 4.61 -68.87 -86.70
N HIS I 1039 4.91 -68.93 -85.40
CA HIS I 1039 6.26 -69.19 -84.92
C HIS I 1039 6.27 -70.38 -83.95
N LEU I 1040 5.69 -71.50 -84.39
CA LEU I 1040 5.66 -72.69 -83.55
C LEU I 1040 7.04 -73.18 -83.14
N GLU I 1041 8.09 -72.81 -83.88
CA GLU I 1041 9.44 -73.19 -83.50
C GLU I 1041 9.83 -72.63 -82.13
N ALA I 1042 9.18 -71.56 -81.68
CA ALA I 1042 9.42 -70.95 -80.37
C ALA I 1042 8.38 -71.39 -79.34
N VAL I 1043 7.93 -72.64 -79.43
CA VAL I 1043 6.97 -73.21 -78.50
C VAL I 1043 7.63 -74.43 -77.85
N VAL I 1044 7.09 -74.82 -76.68
CA VAL I 1044 7.76 -75.80 -75.83
C VAL I 1044 8.00 -77.11 -76.59
N ASP I 1045 6.96 -77.63 -77.23
CA ASP I 1045 7.06 -78.88 -78.00
C ASP I 1045 6.73 -78.66 -79.47
N GLN I 1046 6.74 -77.41 -79.94
CA GLN I 1046 6.35 -77.09 -81.30
C GLN I 1046 4.95 -77.63 -81.59
N ASP I 1047 4.08 -77.56 -80.59
CA ASP I 1047 2.75 -78.15 -80.64
C ASP I 1047 1.72 -77.05 -80.85
N VAL I 1048 0.86 -77.24 -81.87
CA VAL I 1048 -0.22 -76.29 -82.10
C VAL I 1048 -1.16 -76.23 -80.92
N GLN I 1049 -1.34 -77.35 -80.21
CA GLN I 1049 -2.34 -77.41 -79.16
C GLN I 1049 -2.03 -76.43 -78.04
N ARG I 1050 -0.77 -76.05 -77.90
CA ARG I 1050 -0.41 -75.03 -76.91
C ARG I 1050 -0.79 -73.64 -77.40
N THR I 1051 -0.64 -73.39 -78.70
CA THR I 1051 -0.89 -72.07 -79.26
C THR I 1051 -2.37 -71.92 -79.62
N CYS I 1052 -2.79 -70.67 -79.76
CA CYS I 1052 -4.17 -70.31 -80.08
C CYS I 1052 -4.22 -69.64 -81.44
N ILE I 1053 -5.07 -70.17 -82.31
CA ILE I 1053 -5.17 -69.73 -83.71
C ILE I 1053 -6.57 -69.16 -83.92
N LEU I 1054 -6.63 -67.91 -84.34
CA LEU I 1054 -7.90 -67.23 -84.58
C LEU I 1054 -8.52 -67.74 -85.88
N HIS I 1055 -9.79 -68.13 -85.83
CA HIS I 1055 -10.42 -68.70 -87.01
C HIS I 1055 -11.91 -68.44 -86.95
N GLY I 1056 -12.55 -68.58 -88.11
CA GLY I 1056 -13.98 -68.38 -88.23
C GLY I 1056 -14.75 -69.68 -88.22
N PRO I 1057 -15.72 -69.84 -87.30
CA PRO I 1057 -16.46 -71.12 -87.26
C PRO I 1057 -17.22 -71.42 -88.53
N VAL I 1058 -17.75 -70.40 -89.20
CA VAL I 1058 -18.50 -70.61 -90.44
C VAL I 1058 -17.56 -70.67 -91.65
N ALA I 1059 -16.52 -69.85 -91.66
CA ALA I 1059 -15.57 -69.86 -92.76
C ALA I 1059 -14.71 -71.12 -92.76
N ALA I 1060 -14.64 -71.85 -91.66
CA ALA I 1060 -13.84 -73.07 -91.61
C ALA I 1060 -14.42 -74.19 -92.44
N GLN I 1061 -15.68 -74.10 -92.86
CA GLN I 1061 -16.27 -75.15 -93.68
C GLN I 1061 -15.58 -75.31 -95.02
N PHE I 1062 -15.04 -74.22 -95.58
CA PHE I 1062 -14.42 -74.22 -96.89
C PHE I 1062 -12.90 -74.24 -96.82
N THR I 1063 -12.32 -74.32 -95.62
CA THR I 1063 -10.88 -74.29 -95.43
C THR I 1063 -10.38 -75.73 -95.27
N LYS I 1064 -10.19 -76.39 -96.41
CA LYS I 1064 -9.83 -77.80 -96.46
C LYS I 1064 -8.44 -78.04 -97.03
N VAL I 1065 -8.17 -77.58 -98.24
CA VAL I 1065 -6.93 -77.92 -98.94
C VAL I 1065 -5.83 -77.00 -98.43
N ILE I 1066 -4.70 -77.61 -98.04
CA ILE I 1066 -3.60 -76.89 -97.39
C ILE I 1066 -2.59 -76.47 -98.45
N ASP I 1067 -1.94 -75.34 -98.20
CA ASP I 1067 -0.81 -74.85 -99.02
C ASP I 1067 -1.25 -74.51 -100.45
N GLU I 1068 -2.52 -74.16 -100.64
CA GLU I 1068 -2.98 -73.64 -101.92
C GLU I 1068 -2.66 -72.16 -101.99
N PRO I 1069 -1.93 -71.68 -103.01
CA PRO I 1069 -1.51 -70.27 -102.98
C PRO I 1069 -2.70 -69.32 -103.04
N ILE I 1070 -2.50 -68.13 -102.48
CA ILE I 1070 -3.55 -67.11 -102.47
C ILE I 1070 -3.99 -66.80 -103.89
N LYS I 1071 -3.04 -66.79 -104.83
CA LYS I 1071 -3.36 -66.60 -106.24
C LYS I 1071 -4.38 -67.65 -106.68
N SER I 1072 -4.11 -68.93 -106.38
CA SER I 1072 -5.00 -70.00 -106.80
C SER I 1072 -6.37 -69.88 -106.14
N ILE I 1073 -6.40 -69.60 -104.84
CA ILE I 1073 -7.67 -69.53 -104.12
C ILE I 1073 -8.54 -68.41 -104.67
N MET I 1074 -7.97 -67.21 -104.77
CA MET I 1074 -8.74 -66.06 -105.22
C MET I 1074 -9.12 -66.17 -106.69
N ASP I 1075 -8.23 -66.72 -107.52
CA ASP I 1075 -8.59 -66.96 -108.91
C ASP I 1075 -9.72 -67.98 -109.01
N GLY I 1076 -9.70 -69.01 -108.17
CA GLY I 1076 -10.79 -69.96 -108.18
C GLY I 1076 -12.12 -69.31 -107.84
N ILE I 1077 -12.13 -68.47 -106.81
CA ILE I 1077 -13.37 -67.79 -106.44
C ILE I 1077 -13.81 -66.86 -107.56
N HIS I 1078 -12.87 -66.13 -108.16
CA HIS I 1078 -13.22 -65.17 -109.21
C HIS I 1078 -13.77 -65.88 -110.44
N ASP I 1079 -13.14 -66.99 -110.85
CA ASP I 1079 -13.63 -67.72 -112.01
C ASP I 1079 -14.95 -68.41 -111.72
N GLY I 1080 -15.17 -68.82 -110.46
CA GLY I 1080 -16.49 -69.34 -110.11
C GLY I 1080 -17.57 -68.28 -110.28
N HIS I 1081 -17.31 -67.07 -109.76
CA HIS I 1081 -18.26 -65.99 -109.93
C HIS I 1081 -18.47 -65.66 -111.40
N ILE I 1082 -17.37 -65.61 -112.17
CA ILE I 1082 -17.46 -65.26 -113.58
C ILE I 1082 -18.28 -66.32 -114.34
N LYS I 1083 -18.02 -67.59 -114.08
CA LYS I 1083 -18.74 -68.65 -114.77
C LYS I 1083 -20.22 -68.62 -114.42
N LYS I 1084 -20.55 -68.42 -113.15
CA LYS I 1084 -21.97 -68.38 -112.78
C LYS I 1084 -22.67 -67.17 -113.38
N LEU I 1085 -22.01 -66.01 -113.36
CA LEU I 1085 -22.60 -64.82 -113.98
C LEU I 1085 -22.77 -65.01 -115.48
N LEU I 1086 -21.78 -65.62 -116.14
CA LEU I 1086 -21.87 -65.87 -117.57
C LEU I 1086 -23.02 -66.81 -117.90
N HIS I 1087 -23.16 -67.88 -117.10
CA HIS I 1087 -24.26 -68.82 -117.33
C HIS I 1087 -25.59 -68.13 -117.13
N GLN I 1088 -25.72 -67.31 -116.08
CA GLN I 1088 -27.04 -66.81 -115.72
C GLN I 1088 -27.44 -65.60 -116.57
N TYR I 1089 -26.64 -64.53 -116.56
CA TYR I 1089 -27.05 -63.27 -117.17
C TYR I 1089 -26.34 -62.98 -118.50
N TYR I 1090 -25.60 -63.93 -119.07
CA TYR I 1090 -25.02 -63.75 -120.38
C TYR I 1090 -25.25 -64.95 -121.30
N GLY I 1091 -25.53 -66.12 -120.71
CA GLY I 1091 -25.84 -67.29 -121.49
C GLY I 1091 -24.61 -68.05 -121.98
N ASP I 1092 -23.56 -68.07 -121.17
CA ASP I 1092 -22.33 -68.79 -121.49
C ASP I 1092 -21.75 -68.32 -122.82
N ASP I 1093 -21.53 -67.02 -122.91
CA ASP I 1093 -20.98 -66.40 -124.12
C ASP I 1093 -20.15 -65.19 -123.69
N GLU I 1094 -18.83 -65.31 -123.80
CA GLU I 1094 -17.95 -64.22 -123.40
C GLU I 1094 -18.04 -63.03 -124.35
N SER I 1095 -18.52 -63.24 -125.57
CA SER I 1095 -18.67 -62.13 -126.50
C SER I 1095 -19.70 -61.12 -126.02
N LYS I 1096 -20.64 -61.55 -125.17
CA LYS I 1096 -21.62 -60.62 -124.61
C LYS I 1096 -21.02 -59.71 -123.56
N ILE I 1097 -19.79 -59.98 -123.10
CA ILE I 1097 -19.18 -59.15 -122.06
C ILE I 1097 -18.72 -57.84 -122.69
N PRO I 1098 -19.13 -56.67 -122.18
CA PRO I 1098 -18.57 -55.42 -122.71
C PRO I 1098 -17.07 -55.33 -122.50
N ALA I 1099 -16.40 -54.68 -123.44
CA ALA I 1099 -14.96 -54.50 -123.41
C ALA I 1099 -14.62 -53.02 -123.29
N VAL I 1100 -13.62 -52.72 -122.45
CA VAL I 1100 -13.09 -51.37 -122.29
C VAL I 1100 -11.58 -51.45 -122.39
N GLU I 1101 -10.95 -50.31 -122.69
CA GLU I 1101 -9.50 -50.30 -122.82
C GLU I 1101 -8.83 -50.61 -121.50
N TYR I 1102 -9.31 -50.03 -120.40
CA TYR I 1102 -8.84 -50.35 -119.06
C TYR I 1102 -10.01 -50.32 -118.10
N PHE I 1103 -9.93 -51.13 -117.06
CA PHE I 1103 -11.02 -51.30 -116.09
C PHE I 1103 -10.55 -50.83 -114.72
N GLY I 1104 -11.07 -49.71 -114.27
CA GLY I 1104 -10.75 -49.19 -112.96
C GLY I 1104 -10.87 -47.68 -112.92
N GLY I 1105 -10.65 -47.14 -111.73
CA GLY I 1105 -10.64 -45.70 -111.54
C GLY I 1105 -11.99 -45.03 -111.60
N GLU I 1106 -13.08 -45.79 -111.70
CA GLU I 1106 -14.41 -45.21 -111.78
C GLU I 1106 -14.95 -45.00 -110.37
N SER I 1107 -15.15 -43.74 -110.00
CA SER I 1107 -15.62 -43.43 -108.66
C SER I 1107 -17.04 -43.96 -108.48
N PRO I 1108 -17.40 -44.45 -107.29
CA PRO I 1108 -18.78 -44.93 -107.08
C PRO I 1108 -19.83 -43.85 -107.23
N VAL I 1109 -19.47 -42.58 -107.06
CA VAL I 1109 -20.44 -41.49 -107.17
C VAL I 1109 -20.66 -41.14 -108.64
N GLU I 1122 -17.59 -36.14 -130.31
CA GLU I 1122 -17.18 -35.14 -131.28
C GLU I 1122 -15.73 -35.36 -131.69
N ASP I 1123 -15.52 -35.56 -133.00
CA ASP I 1123 -14.17 -35.81 -133.49
C ASP I 1123 -13.28 -34.59 -133.30
N SER I 1124 -13.80 -33.40 -133.59
CA SER I 1124 -13.05 -32.15 -133.47
C SER I 1124 -13.81 -31.23 -132.53
N ALA I 1125 -13.24 -30.99 -131.35
CA ALA I 1125 -13.89 -30.22 -130.30
C ALA I 1125 -12.98 -29.09 -129.84
N VAL I 1126 -13.59 -27.98 -129.44
CA VAL I 1126 -12.88 -26.84 -128.86
C VAL I 1126 -13.57 -26.46 -127.56
N PHE I 1127 -12.83 -26.51 -126.46
CA PHE I 1127 -13.32 -26.18 -125.14
C PHE I 1127 -12.59 -24.95 -124.63
N LYS I 1128 -13.30 -24.11 -123.89
CA LYS I 1128 -12.73 -22.89 -123.32
C LYS I 1128 -13.00 -22.87 -121.81
N ALA I 1129 -11.96 -22.58 -121.04
CA ALA I 1129 -12.05 -22.55 -119.58
C ALA I 1129 -12.23 -21.11 -119.13
N THR I 1130 -13.18 -20.91 -118.22
CA THR I 1130 -13.50 -19.61 -117.65
C THR I 1130 -13.27 -19.66 -116.14
N SER I 1131 -13.47 -18.52 -115.48
CA SER I 1131 -13.33 -18.47 -114.04
C SER I 1131 -14.37 -19.34 -113.34
N SER I 1132 -15.60 -19.32 -113.83
CA SER I 1132 -16.71 -20.03 -113.21
C SER I 1132 -16.88 -21.45 -113.71
N THR I 1133 -16.06 -21.90 -114.66
CA THR I 1133 -16.21 -23.24 -115.20
C THR I 1133 -15.97 -24.29 -114.11
N ASP I 1134 -16.79 -25.33 -114.11
CA ASP I 1134 -16.66 -26.39 -113.13
C ASP I 1134 -15.53 -27.33 -113.54
N GLU I 1135 -14.60 -27.58 -112.61
CA GLU I 1135 -13.40 -28.34 -112.92
C GLU I 1135 -13.73 -29.78 -113.28
N GLU I 1136 -14.65 -30.41 -112.55
CA GLU I 1136 -15.00 -31.80 -112.83
C GLU I 1136 -15.65 -31.94 -114.19
N SER I 1137 -16.57 -31.03 -114.52
CA SER I 1137 -17.20 -31.06 -115.84
C SER I 1137 -16.17 -30.83 -116.94
N TRP I 1138 -15.24 -29.90 -116.69
CA TRP I 1138 -14.17 -29.62 -117.66
C TRP I 1138 -13.35 -30.87 -117.92
N PHE I 1139 -12.96 -31.58 -116.86
CA PHE I 1139 -12.13 -32.77 -117.04
C PHE I 1139 -12.92 -33.90 -117.69
N LYS I 1140 -14.21 -34.05 -117.34
CA LYS I 1140 -15.02 -35.04 -118.01
C LYS I 1140 -15.13 -34.76 -119.50
N ALA I 1141 -15.34 -33.49 -119.86
CA ALA I 1141 -15.44 -33.13 -121.27
C ALA I 1141 -14.13 -33.40 -122.01
N LEU I 1142 -13.00 -33.06 -121.39
CA LEU I 1142 -11.71 -33.33 -122.02
C LEU I 1142 -11.48 -34.84 -122.17
N ALA I 1143 -11.85 -35.61 -121.14
CA ALA I 1143 -11.66 -37.05 -121.20
C ALA I 1143 -12.50 -37.69 -122.29
N GLY I 1144 -13.75 -37.26 -122.43
CA GLY I 1144 -14.65 -37.84 -123.41
C GLY I 1144 -15.36 -39.06 -122.88
N SER I 1145 -16.25 -39.61 -123.73
CA SER I 1145 -17.09 -40.73 -123.33
C SER I 1145 -16.34 -42.05 -123.43
N GLU I 1146 -15.63 -42.28 -124.52
CA GLU I 1146 -14.98 -43.56 -124.75
C GLU I 1146 -13.78 -43.73 -123.82
N ILE I 1147 -13.60 -44.94 -123.32
CA ILE I 1147 -12.53 -45.24 -122.37
C ILE I 1147 -11.24 -45.46 -123.14
N ASN I 1148 -10.20 -44.70 -122.81
CA ASN I 1148 -8.94 -44.77 -123.54
C ASN I 1148 -7.87 -44.01 -122.75
N TRP I 1149 -6.70 -43.85 -123.37
CA TRP I 1149 -5.60 -43.15 -122.73
C TRP I 1149 -5.99 -41.71 -122.39
N ARG I 1150 -6.79 -41.06 -123.24
CA ARG I 1150 -7.27 -39.72 -122.93
C ARG I 1150 -8.14 -39.73 -121.68
N HIS I 1151 -9.02 -40.73 -121.58
CA HIS I 1151 -9.85 -40.88 -120.39
C HIS I 1151 -8.99 -41.02 -119.15
N ALA I 1152 -7.99 -41.89 -119.21
CA ALA I 1152 -7.10 -42.08 -118.06
C ALA I 1152 -6.35 -40.80 -117.73
N SER I 1153 -5.86 -40.10 -118.75
CA SER I 1153 -5.06 -38.90 -118.53
C SER I 1153 -5.88 -37.82 -117.84
N PHE I 1154 -7.13 -37.64 -118.26
CA PHE I 1154 -7.95 -36.54 -117.77
C PHE I 1154 -8.89 -36.94 -116.64
N LEU I 1155 -8.85 -38.19 -116.17
CA LEU I 1155 -9.68 -38.57 -115.03
C LEU I 1155 -8.93 -39.34 -113.95
N CYS I 1156 -7.84 -40.01 -114.31
CA CYS I 1156 -7.08 -40.74 -113.30
C CYS I 1156 -6.42 -39.74 -112.36
N SER I 1157 -6.69 -39.89 -111.06
CA SER I 1157 -6.23 -38.90 -110.08
C SER I 1157 -4.74 -39.02 -109.80
N PHE I 1158 -4.19 -40.23 -109.90
CA PHE I 1158 -2.80 -40.49 -109.57
C PHE I 1158 -2.11 -41.19 -110.74
N ILE I 1159 -0.83 -40.87 -110.93
CA ILE I 1159 0.01 -41.56 -111.89
C ILE I 1159 1.08 -42.34 -111.12
N THR I 1160 1.69 -43.31 -111.81
CA THR I 1160 2.67 -44.20 -111.20
C THR I 1160 4.08 -43.69 -111.50
N GLN I 1161 4.82 -43.38 -110.45
CA GLN I 1161 6.24 -43.07 -110.56
C GLN I 1161 6.99 -44.40 -110.71
N ASP I 1162 8.31 -44.38 -110.47
CA ASP I 1162 9.10 -45.61 -110.57
C ASP I 1162 8.46 -46.74 -109.78
N LYS I 1163 8.08 -46.48 -108.53
CA LYS I 1163 7.22 -47.39 -107.78
C LYS I 1163 6.22 -46.66 -106.90
N MET I 1164 6.06 -45.35 -107.07
CA MET I 1164 5.30 -44.51 -106.15
C MET I 1164 4.12 -43.90 -106.89
N PHE I 1165 3.17 -43.38 -106.10
CA PHE I 1165 1.95 -42.76 -106.61
C PHE I 1165 1.99 -41.27 -106.34
N VAL I 1166 1.82 -40.47 -107.40
CA VAL I 1166 1.83 -39.02 -107.31
C VAL I 1166 0.65 -38.49 -108.10
N SER I 1167 0.27 -37.23 -107.81
CA SER I 1167 -0.86 -36.61 -108.47
C SER I 1167 -0.66 -36.61 -109.98
N ASN I 1168 -1.75 -36.42 -110.71
CA ASN I 1168 -1.70 -36.54 -112.16
C ASN I 1168 -1.18 -35.25 -112.77
N PRO I 1169 0.02 -35.24 -113.38
CA PRO I 1169 0.51 -33.99 -113.97
C PRO I 1169 -0.37 -33.49 -115.10
N ILE I 1170 -1.01 -34.39 -115.86
CA ILE I 1170 -1.90 -33.95 -116.93
C ILE I 1170 -3.05 -33.15 -116.35
N ARG I 1171 -3.66 -33.64 -115.27
CA ARG I 1171 -4.75 -32.90 -114.64
C ARG I 1171 -4.25 -31.57 -114.07
N LYS I 1172 -3.09 -31.59 -113.41
CA LYS I 1172 -2.57 -30.36 -112.84
C LYS I 1172 -2.31 -29.32 -113.93
N VAL I 1173 -1.77 -29.75 -115.07
CA VAL I 1173 -1.47 -28.83 -116.15
C VAL I 1173 -2.76 -28.32 -116.80
N PHE I 1174 -3.71 -29.21 -117.05
CA PHE I 1174 -4.96 -28.87 -117.70
C PHE I 1174 -6.02 -28.38 -116.71
N LYS I 1175 -5.61 -28.01 -115.50
CA LYS I 1175 -6.55 -27.40 -114.56
C LYS I 1175 -7.16 -26.15 -115.20
N PRO I 1176 -8.50 -26.02 -115.23
CA PRO I 1176 -9.10 -24.92 -115.98
C PRO I 1176 -8.79 -23.56 -115.37
N SER I 1177 -8.70 -22.56 -116.24
CA SER I 1177 -8.49 -21.17 -115.82
C SER I 1177 -8.86 -20.29 -117.01
N GLN I 1178 -9.11 -19.01 -116.72
CA GLN I 1178 -9.50 -18.09 -117.76
C GLN I 1178 -8.43 -17.98 -118.83
N GLY I 1179 -8.85 -18.06 -120.09
CA GLY I 1179 -7.96 -17.94 -121.22
C GLY I 1179 -7.46 -19.24 -121.81
N MET I 1180 -7.73 -20.37 -121.18
CA MET I 1180 -7.28 -21.66 -121.70
C MET I 1180 -8.24 -22.18 -122.76
N VAL I 1181 -7.69 -22.58 -123.90
CA VAL I 1181 -8.46 -23.14 -125.00
C VAL I 1181 -7.86 -24.49 -125.37
N VAL I 1182 -8.67 -25.54 -125.31
CA VAL I 1182 -8.23 -26.91 -125.58
C VAL I 1182 -8.90 -27.39 -126.86
N GLU I 1183 -8.09 -27.79 -127.84
CA GLU I 1183 -8.57 -28.26 -129.12
C GLU I 1183 -8.24 -29.75 -129.22
N ILE I 1184 -9.28 -30.58 -129.29
CA ILE I 1184 -9.14 -32.02 -129.38
C ILE I 1184 -9.45 -32.43 -130.82
N SER I 1185 -8.47 -33.05 -131.49
CA SER I 1185 -8.58 -33.46 -132.87
C SER I 1185 -8.52 -34.98 -132.95
N ASN I 1186 -9.37 -35.55 -133.79
CA ASN I 1186 -9.45 -37.00 -133.97
C ASN I 1186 -9.79 -37.69 -132.65
N GLY I 1187 -10.78 -37.12 -131.95
CA GLY I 1187 -11.18 -37.70 -130.67
C GLY I 1187 -11.75 -39.10 -130.81
N ASN I 1188 -12.44 -39.36 -131.93
CA ASN I 1188 -13.02 -40.69 -132.12
C ASN I 1188 -11.94 -41.75 -132.20
N THR I 1189 -10.85 -41.46 -132.91
CA THR I 1189 -9.74 -42.41 -133.04
C THR I 1189 -8.75 -42.14 -131.91
N SER I 1190 -8.66 -43.07 -130.97
CA SER I 1190 -7.77 -42.89 -129.82
C SER I 1190 -6.32 -42.85 -130.25
N SER I 1191 -5.95 -43.66 -131.25
CA SER I 1191 -4.56 -43.71 -131.69
C SER I 1191 -4.10 -42.36 -132.23
N LYS I 1192 -4.95 -41.70 -133.02
CA LYS I 1192 -4.60 -40.43 -133.65
C LYS I 1192 -5.13 -39.22 -132.88
N THR I 1193 -5.72 -39.41 -131.71
CA THR I 1193 -6.26 -38.28 -130.95
C THR I 1193 -5.13 -37.38 -130.47
N VAL I 1194 -5.33 -36.07 -130.57
CA VAL I 1194 -4.35 -35.09 -130.13
C VAL I 1194 -5.08 -33.97 -129.40
N VAL I 1195 -4.57 -33.58 -128.24
CA VAL I 1195 -5.17 -32.54 -127.40
C VAL I 1195 -4.18 -31.40 -127.29
N THR I 1196 -4.55 -30.21 -127.76
CA THR I 1196 -3.67 -29.05 -127.75
C THR I 1196 -4.26 -27.96 -126.87
N LEU I 1197 -3.57 -27.63 -125.79
CA LEU I 1197 -3.95 -26.57 -124.87
C LEU I 1197 -3.14 -25.32 -125.20
N SER I 1198 -3.84 -24.21 -125.40
CA SER I 1198 -3.25 -22.92 -125.71
C SER I 1198 -3.70 -21.90 -124.67
N GLU I 1199 -2.79 -20.99 -124.34
CA GLU I 1199 -3.01 -19.93 -123.37
C GLU I 1199 -2.49 -18.62 -123.94
N PRO I 1200 -2.96 -17.47 -123.43
CA PRO I 1200 -2.43 -16.19 -123.91
C PRO I 1200 -0.97 -16.00 -123.54
N VAL I 1201 -0.09 -15.97 -124.54
CA VAL I 1201 1.33 -15.76 -124.35
C VAL I 1201 1.72 -14.52 -125.13
N GLN I 1202 2.26 -13.52 -124.43
CA GLN I 1202 2.65 -12.25 -125.03
C GLN I 1202 1.45 -11.62 -125.75
N GLY I 1203 0.28 -11.72 -125.13
CA GLY I 1203 -0.94 -11.18 -125.71
C GLY I 1203 -1.65 -12.17 -126.60
N GLU I 1204 -0.97 -12.65 -127.64
CA GLU I 1204 -1.59 -13.57 -128.57
C GLU I 1204 -1.70 -14.98 -127.96
N LEU I 1205 -2.49 -15.81 -128.63
CA LEU I 1205 -2.74 -17.19 -128.19
C LEU I 1205 -1.83 -18.13 -128.97
N LYS I 1206 -1.04 -18.92 -128.25
CA LYS I 1206 -0.12 -19.87 -128.85
C LYS I 1206 -0.26 -21.22 -128.15
N PRO I 1207 0.08 -22.31 -128.83
CA PRO I 1207 0.05 -23.62 -128.17
C PRO I 1207 0.99 -23.66 -126.98
N THR I 1208 0.54 -24.31 -125.90
CA THR I 1208 1.31 -24.45 -124.68
C THR I 1208 1.52 -25.89 -124.26
N VAL I 1209 0.58 -26.78 -124.55
CA VAL I 1209 0.73 -28.20 -124.24
C VAL I 1209 0.14 -29.00 -125.39
N ILE I 1210 0.79 -30.12 -125.73
CA ILE I 1210 0.29 -31.04 -126.74
C ILE I 1210 0.38 -32.45 -126.17
N LEU I 1211 -0.77 -33.12 -126.08
CA LEU I 1211 -0.89 -34.46 -125.55
C LEU I 1211 -1.27 -35.41 -126.67
N LYS I 1212 -0.47 -36.45 -126.87
CA LYS I 1212 -0.72 -37.42 -127.94
C LYS I 1212 -0.07 -38.74 -127.56
N LEU I 1213 -0.04 -39.66 -128.51
CA LEU I 1213 0.60 -40.97 -128.35
C LEU I 1213 1.84 -41.00 -129.24
N LEU I 1214 3.02 -40.82 -128.64
CA LEU I 1214 4.26 -41.00 -129.39
C LEU I 1214 4.40 -42.44 -129.85
N LYS I 1215 4.05 -43.39 -128.98
CA LYS I 1215 4.09 -44.82 -129.29
C LYS I 1215 2.74 -45.43 -128.93
N GLU I 1216 2.56 -46.69 -129.30
CA GLU I 1216 1.31 -47.38 -129.00
C GLU I 1216 1.09 -47.53 -127.49
N ASN I 1217 2.15 -47.49 -126.70
CA ASN I 1217 2.07 -47.65 -125.24
C ASN I 1217 2.62 -46.44 -124.48
N ILE I 1218 2.91 -45.34 -125.17
CA ILE I 1218 3.53 -44.16 -124.57
C ILE I 1218 2.64 -42.96 -124.82
N ILE I 1219 2.35 -42.19 -123.77
CA ILE I 1219 1.63 -40.93 -123.85
C ILE I 1219 2.66 -39.82 -123.73
N GLN I 1220 2.74 -38.96 -124.75
CA GLN I 1220 3.67 -37.84 -124.77
C GLN I 1220 2.92 -36.55 -124.50
N MET I 1221 3.40 -35.78 -123.52
CA MET I 1221 2.87 -34.46 -123.19
C MET I 1221 3.99 -33.46 -123.43
N GLU I 1222 4.07 -32.93 -124.65
CA GLU I 1222 5.04 -31.91 -125.00
C GLU I 1222 4.56 -30.58 -124.42
N MET I 1223 5.26 -30.09 -123.40
CA MET I 1223 4.97 -28.77 -122.85
C MET I 1223 5.87 -27.75 -123.52
N ILE I 1224 5.27 -26.86 -124.31
CA ILE I 1224 5.99 -25.91 -125.15
C ILE I 1224 6.15 -24.62 -124.37
N GLU I 1225 7.36 -24.05 -124.43
CA GLU I 1225 7.65 -22.74 -123.84
C GLU I 1225 7.91 -21.77 -124.99
N ASN I 1226 6.93 -20.92 -125.27
CA ASN I 1226 7.05 -19.98 -126.38
C ASN I 1226 8.01 -18.83 -126.06
N ARG I 1227 8.28 -18.58 -124.79
CA ARG I 1227 9.21 -17.55 -124.37
C ARG I 1227 10.62 -18.13 -124.37
N THR I 1228 11.42 -17.76 -125.38
CA THR I 1228 12.74 -18.33 -125.56
C THR I 1228 13.72 -17.21 -125.92
N MET I 1229 14.94 -17.60 -126.26
CA MET I 1229 15.97 -16.61 -126.58
C MET I 1229 15.85 -16.16 -128.04
N ASP I 1230 15.74 -17.13 -128.95
CA ASP I 1230 15.59 -16.84 -130.37
C ASP I 1230 14.13 -16.79 -130.82
N GLY I 1231 13.18 -17.00 -129.90
CA GLY I 1231 11.77 -16.94 -130.21
C GLY I 1231 11.19 -18.24 -130.73
N LYS I 1232 12.02 -19.18 -131.15
CA LYS I 1232 11.52 -20.47 -131.61
C LYS I 1232 11.03 -21.28 -130.42
N PRO I 1233 9.85 -21.90 -130.47
CA PRO I 1233 9.36 -22.64 -129.32
C PRO I 1233 10.24 -23.84 -129.00
N VAL I 1234 10.35 -24.14 -127.71
CA VAL I 1234 11.06 -25.31 -127.20
C VAL I 1234 10.08 -26.14 -126.39
N SER I 1235 10.03 -27.44 -126.68
CA SER I 1235 9.07 -28.36 -126.09
C SER I 1235 9.77 -29.35 -125.18
N LEU I 1236 9.12 -29.69 -124.07
CA LEU I 1236 9.63 -30.68 -123.12
C LEU I 1236 8.79 -31.95 -123.25
N PRO I 1237 9.24 -32.97 -124.00
CA PRO I 1237 8.43 -34.19 -124.16
C PRO I 1237 8.43 -35.01 -122.87
N LEU I 1238 7.30 -34.98 -122.17
CA LEU I 1238 7.10 -35.79 -120.97
C LEU I 1238 6.44 -37.10 -121.39
N LEU I 1239 7.17 -38.20 -121.28
CA LEU I 1239 6.68 -39.50 -121.72
C LEU I 1239 6.07 -40.24 -120.55
N TYR I 1240 4.87 -40.80 -120.77
CA TYR I 1240 4.19 -41.63 -119.80
C TYR I 1240 3.78 -42.94 -120.45
N ASN I 1241 4.16 -44.05 -119.82
CA ASN I 1241 3.73 -45.36 -120.29
C ASN I 1241 2.26 -45.56 -119.95
N PHE I 1242 1.53 -46.17 -120.88
CA PHE I 1242 0.12 -46.47 -120.70
C PHE I 1242 -0.06 -47.98 -120.67
N ASN I 1243 -0.49 -48.49 -119.51
CA ASN I 1243 -0.66 -49.93 -119.28
C ASN I 1243 -2.14 -50.21 -119.04
N PRO I 1244 -2.89 -50.66 -120.05
CA PRO I 1244 -4.32 -50.95 -119.81
C PRO I 1244 -4.54 -52.07 -118.81
N ASP I 1245 -3.57 -52.95 -118.61
CA ASP I 1245 -3.73 -54.05 -117.66
C ASP I 1245 -3.91 -53.54 -116.24
N ASN I 1246 -3.14 -52.52 -115.85
CA ASN I 1246 -3.28 -51.90 -114.54
C ASN I 1246 -4.30 -50.77 -114.67
N GLY I 1247 -5.58 -51.13 -114.49
CA GLY I 1247 -6.64 -50.16 -114.68
C GLY I 1247 -6.75 -49.12 -113.60
N PHE I 1248 -6.23 -49.40 -112.40
CA PHE I 1248 -6.29 -48.43 -111.32
C PHE I 1248 -5.39 -47.24 -111.61
N ALA I 1249 -4.16 -47.50 -112.05
CA ALA I 1249 -3.17 -46.47 -112.37
C ALA I 1249 -2.53 -46.80 -113.70
N PRO I 1250 -3.28 -46.72 -114.80
CA PRO I 1250 -2.72 -47.10 -116.10
C PRO I 1250 -1.56 -46.23 -116.54
N ILE I 1251 -1.50 -44.98 -116.12
CA ILE I 1251 -0.49 -44.05 -116.59
C ILE I 1251 0.67 -44.03 -115.60
N SER I 1252 1.88 -44.24 -116.10
CA SER I 1252 3.08 -44.30 -115.27
C SER I 1252 4.14 -43.36 -115.85
N GLU I 1253 4.72 -42.53 -115.00
CA GLU I 1253 5.79 -41.64 -115.44
C GLU I 1253 6.99 -42.47 -115.91
N VAL I 1254 7.59 -42.03 -117.02
CA VAL I 1254 8.81 -42.65 -117.55
C VAL I 1254 9.98 -41.90 -116.92
N MET I 1255 10.55 -42.50 -115.87
CA MET I 1255 11.64 -41.85 -115.15
C MET I 1255 12.94 -41.88 -115.91
N GLU I 1256 13.12 -42.82 -116.84
CA GLU I 1256 14.36 -42.93 -117.59
C GLU I 1256 14.47 -41.75 -118.56
N ASP I 1257 15.59 -41.05 -118.50
CA ASP I 1257 15.91 -39.91 -119.35
C ASP I 1257 15.07 -38.67 -118.99
N ARG I 1258 14.28 -38.71 -117.93
CA ARG I 1258 13.43 -37.57 -117.59
C ARG I 1258 14.26 -36.35 -117.21
N ASN I 1259 15.23 -36.55 -116.31
CA ASN I 1259 16.11 -35.44 -115.93
C ASN I 1259 16.92 -34.96 -117.13
N GLN I 1260 17.34 -35.89 -118.00
CA GLN I 1260 18.09 -35.50 -119.19
C GLN I 1260 17.24 -34.62 -120.11
N ARG I 1261 15.97 -34.98 -120.30
CA ARG I 1261 15.09 -34.19 -121.16
C ARG I 1261 14.81 -32.82 -120.54
N ILE I 1262 14.57 -32.78 -119.23
CA ILE I 1262 14.33 -31.50 -118.58
C ILE I 1262 15.57 -30.62 -118.69
N LYS I 1263 16.76 -31.20 -118.49
CA LYS I 1263 17.99 -30.44 -118.62
C LYS I 1263 18.20 -29.98 -120.06
N GLU I 1264 17.82 -30.79 -121.04
CA GLU I 1264 17.96 -30.35 -122.42
C GLU I 1264 17.06 -29.17 -122.73
N MET I 1265 15.83 -29.21 -122.23
CA MET I 1265 14.93 -28.06 -122.42
C MET I 1265 15.49 -26.82 -121.74
N TYR I 1266 15.99 -26.96 -120.51
CA TYR I 1266 16.53 -25.81 -119.80
C TYR I 1266 17.79 -25.30 -120.46
N TRP I 1267 18.58 -26.20 -121.06
CA TRP I 1267 19.75 -25.78 -121.82
C TRP I 1267 19.35 -24.97 -123.04
N LYS I 1268 18.33 -25.43 -123.77
CA LYS I 1268 17.84 -24.67 -124.91
C LYS I 1268 17.33 -23.30 -124.47
N LEU I 1269 16.71 -23.24 -123.29
CA LEU I 1269 16.16 -21.96 -122.83
C LEU I 1269 17.26 -21.00 -122.38
N TRP I 1270 18.24 -21.49 -121.62
CA TRP I 1270 19.23 -20.64 -120.98
C TRP I 1270 20.50 -20.49 -121.81
N ILE I 1271 21.14 -21.60 -122.12
CA ILE I 1271 22.49 -21.61 -122.71
C ILE I 1271 22.37 -21.61 -124.22
N ASP I 1272 23.30 -20.92 -124.88
CA ASP I 1272 23.29 -20.73 -126.33
C ASP I 1272 24.48 -21.41 -126.97
N GLU I 1273 24.77 -22.64 -126.53
CA GLU I 1273 25.87 -23.46 -127.01
C GLU I 1273 25.35 -24.85 -127.27
N PRO I 1274 26.09 -25.67 -128.02
CA PRO I 1274 25.63 -27.03 -128.30
C PRO I 1274 25.38 -27.82 -127.02
N PHE I 1275 24.32 -28.62 -127.03
CA PHE I 1275 23.93 -29.38 -125.84
C PHE I 1275 24.95 -30.48 -125.58
N ASN I 1276 25.69 -30.33 -124.48
CA ASN I 1276 26.71 -31.32 -124.11
C ASN I 1276 26.75 -31.36 -122.58
N LEU I 1277 26.16 -32.40 -122.01
CA LEU I 1277 26.11 -32.56 -120.56
C LEU I 1277 27.29 -33.34 -119.99
N ASP I 1278 28.15 -33.89 -120.84
CA ASP I 1278 29.27 -34.73 -120.41
C ASP I 1278 30.51 -33.84 -120.28
N PHE I 1279 30.66 -33.22 -119.12
CA PHE I 1279 31.88 -32.49 -118.81
C PHE I 1279 32.08 -32.47 -117.30
N ASP I 1280 33.34 -32.43 -116.89
CA ASP I 1280 33.67 -32.60 -115.47
C ASP I 1280 33.15 -31.42 -114.67
N PRO I 1281 32.37 -31.65 -113.60
CA PRO I 1281 32.01 -30.51 -112.73
C PRO I 1281 33.20 -29.85 -112.08
N ARG I 1282 34.28 -30.60 -111.83
CA ARG I 1282 35.46 -30.00 -111.22
C ARG I 1282 36.09 -28.97 -112.15
N ASP I 1283 36.04 -29.23 -113.46
CA ASP I 1283 36.63 -28.31 -114.41
C ASP I 1283 35.91 -26.96 -114.39
N VAL I 1284 36.66 -25.91 -114.67
CA VAL I 1284 36.12 -24.56 -114.62
C VAL I 1284 35.28 -24.29 -115.88
N ILE I 1285 34.19 -23.54 -115.69
CA ILE I 1285 33.31 -23.13 -116.78
C ILE I 1285 33.69 -21.70 -117.15
N LYS I 1286 33.91 -21.46 -118.44
CA LYS I 1286 34.29 -20.14 -118.94
C LYS I 1286 33.17 -19.63 -119.85
N GLY I 1287 32.44 -18.63 -119.38
CA GLY I 1287 31.35 -18.08 -120.18
C GLY I 1287 31.86 -17.15 -121.26
N LYS I 1288 30.96 -16.84 -122.19
CA LYS I 1288 31.30 -15.96 -123.30
C LYS I 1288 31.52 -14.54 -122.80
N ASP I 1289 32.41 -13.81 -123.48
CA ASP I 1289 32.61 -12.41 -123.18
C ASP I 1289 31.33 -11.63 -123.41
N PHE I 1290 31.05 -10.68 -122.52
CA PHE I 1290 29.82 -9.91 -122.55
C PHE I 1290 30.15 -8.42 -122.47
N GLU I 1291 29.46 -7.64 -123.30
CA GLU I 1291 29.67 -6.20 -123.40
C GLU I 1291 28.50 -5.50 -122.72
N ILE I 1292 28.81 -4.65 -121.75
CA ILE I 1292 27.79 -3.85 -121.09
C ILE I 1292 27.41 -2.71 -122.01
N THR I 1293 26.11 -2.56 -122.25
CA THR I 1293 25.59 -1.53 -123.15
C THR I 1293 24.59 -0.66 -122.39
N ALA I 1294 24.47 0.58 -122.88
CA ALA I 1294 23.55 1.53 -122.25
C ALA I 1294 22.11 1.01 -122.31
N LYS I 1295 21.72 0.43 -123.44
CA LYS I 1295 20.37 -0.13 -123.56
C LYS I 1295 20.15 -1.24 -122.54
N GLU I 1296 21.14 -2.13 -122.39
CA GLU I 1296 20.98 -3.24 -121.45
C GLU I 1296 20.88 -2.74 -120.02
N VAL I 1297 21.72 -1.77 -119.64
CA VAL I 1297 21.66 -1.24 -118.28
C VAL I 1297 20.33 -0.52 -118.05
N TYR I 1298 19.88 0.25 -119.05
CA TYR I 1298 18.58 0.92 -118.96
C TYR I 1298 17.46 -0.10 -118.73
N ASP I 1299 17.43 -1.15 -119.54
CA ASP I 1299 16.37 -2.15 -119.43
C ASP I 1299 16.43 -2.83 -118.08
N PHE I 1300 17.62 -3.22 -117.61
CA PHE I 1300 17.72 -3.91 -116.34
C PHE I 1300 17.29 -3.02 -115.19
N THR I 1301 17.74 -1.76 -115.19
CA THR I 1301 17.40 -0.85 -114.10
C THR I 1301 15.91 -0.60 -114.05
N HIS I 1302 15.27 -0.35 -115.21
CA HIS I 1302 13.84 -0.05 -115.21
C HIS I 1302 12.96 -1.29 -115.19
N ALA I 1303 13.55 -2.49 -115.27
CA ALA I 1303 12.81 -3.71 -115.03
C ALA I 1303 12.87 -4.11 -113.55
N VAL I 1304 14.02 -3.92 -112.92
CA VAL I 1304 14.15 -4.22 -111.50
C VAL I 1304 13.45 -3.18 -110.66
N GLY I 1305 13.54 -1.91 -111.04
CA GLY I 1305 13.04 -0.81 -110.23
C GLY I 1305 14.17 -0.05 -109.58
N ASN I 1306 15.30 0.07 -110.28
CA ASN I 1306 16.46 0.79 -109.78
C ASN I 1306 16.42 2.22 -110.31
N ASN I 1307 16.20 3.18 -109.42
CA ASN I 1307 16.10 4.59 -109.78
C ASN I 1307 17.33 5.38 -109.39
N CYS I 1308 18.44 4.72 -109.10
CA CYS I 1308 19.66 5.43 -108.72
C CYS I 1308 20.22 6.21 -109.90
N GLU I 1309 20.67 7.43 -109.63
CA GLU I 1309 21.20 8.28 -110.70
C GLU I 1309 22.51 7.75 -111.26
N ASP I 1310 23.22 6.89 -110.53
CA ASP I 1310 24.50 6.39 -111.02
C ASP I 1310 24.32 5.52 -112.26
N PHE I 1311 23.17 4.85 -112.37
CA PHE I 1311 22.92 3.95 -113.48
C PHE I 1311 22.17 4.62 -114.63
N VAL I 1312 21.68 5.84 -114.44
CA VAL I 1312 20.96 6.56 -115.48
C VAL I 1312 21.94 7.43 -116.24
N SER I 1313 21.78 7.49 -117.56
CA SER I 1313 22.65 8.33 -118.38
C SER I 1313 22.48 9.79 -118.00
N ARG I 1314 23.60 10.48 -117.80
CA ARG I 1314 23.61 11.90 -117.50
C ARG I 1314 24.73 12.55 -118.31
N PRO I 1315 24.59 13.82 -118.67
CA PRO I 1315 25.62 14.46 -119.50
C PRO I 1315 26.91 14.65 -118.74
N ASP I 1316 28.02 14.55 -119.46
CA ASP I 1316 29.35 14.79 -118.92
C ASP I 1316 29.63 13.90 -117.71
N ARG I 1317 29.18 12.65 -117.78
CA ARG I 1317 29.35 11.71 -116.68
C ARG I 1317 29.09 10.30 -117.18
N THR I 1318 30.00 9.39 -116.86
CA THR I 1318 29.86 8.00 -117.28
C THR I 1318 28.78 7.29 -116.47
N MET I 1319 28.13 6.32 -117.12
CA MET I 1319 27.02 5.58 -116.53
C MET I 1319 27.54 4.27 -115.95
N LEU I 1320 27.31 4.07 -114.66
CA LEU I 1320 27.68 2.81 -114.02
C LEU I 1320 26.59 1.76 -114.26
N ALA I 1321 26.95 0.51 -113.99
CA ALA I 1321 26.02 -0.61 -114.07
C ALA I 1321 25.68 -1.10 -112.66
N PRO I 1322 24.45 -1.57 -112.43
CA PRO I 1322 24.10 -2.00 -111.07
C PRO I 1322 24.87 -3.25 -110.65
N MET I 1323 25.05 -3.39 -109.34
CA MET I 1323 25.77 -4.54 -108.83
C MET I 1323 25.04 -5.85 -109.14
N ASP I 1324 23.71 -5.79 -109.27
CA ASP I 1324 22.94 -6.96 -109.66
C ASP I 1324 23.15 -7.34 -111.12
N PHE I 1325 23.81 -6.50 -111.91
CA PHE I 1325 24.10 -6.85 -113.30
C PHE I 1325 25.12 -7.98 -113.43
N ALA I 1326 25.77 -8.36 -112.34
CA ALA I 1326 26.73 -9.46 -112.41
C ALA I 1326 26.04 -10.76 -112.78
N ILE I 1327 24.84 -11.01 -112.25
CA ILE I 1327 24.13 -12.22 -112.61
C ILE I 1327 23.69 -12.19 -114.07
N VAL I 1328 23.33 -11.02 -114.57
CA VAL I 1328 23.01 -10.90 -115.99
C VAL I 1328 24.25 -11.21 -116.83
N VAL I 1329 25.41 -10.76 -116.36
CA VAL I 1329 26.65 -11.01 -117.09
C VAL I 1329 26.98 -12.49 -117.11
N GLY I 1330 26.88 -13.15 -115.95
CA GLY I 1330 27.39 -14.49 -115.78
C GLY I 1330 26.37 -15.57 -115.45
N TRP I 1331 25.13 -15.41 -115.91
CA TRP I 1331 24.14 -16.46 -115.70
C TRP I 1331 24.49 -17.71 -116.49
N ARG I 1332 24.96 -17.54 -117.73
CA ARG I 1332 25.26 -18.70 -118.56
C ARG I 1332 26.36 -19.55 -117.95
N ALA I 1333 27.32 -18.94 -117.25
CA ALA I 1333 28.39 -19.67 -116.60
C ALA I 1333 27.97 -20.22 -115.24
N ILE I 1334 27.23 -19.43 -114.46
CA ILE I 1334 26.84 -19.87 -113.13
C ILE I 1334 25.84 -21.01 -113.22
N ILE I 1335 24.82 -20.88 -114.07
CA ILE I 1335 23.77 -21.88 -114.13
C ILE I 1335 24.23 -23.14 -114.83
N LYS I 1336 25.25 -23.05 -115.70
CA LYS I 1336 25.81 -24.23 -116.33
C LYS I 1336 26.49 -25.17 -115.35
N ALA I 1337 26.75 -24.71 -114.12
CA ALA I 1337 27.44 -25.54 -113.13
C ALA I 1337 26.55 -26.67 -112.63
N ILE I 1338 25.23 -26.45 -112.54
CA ILE I 1338 24.32 -27.46 -111.99
C ILE I 1338 23.85 -28.46 -113.05
N PHE I 1339 24.31 -28.33 -114.29
CA PHE I 1339 23.84 -29.17 -115.40
C PHE I 1339 24.46 -30.56 -115.51
N PRO I 1340 25.78 -30.74 -115.25
CA PRO I 1340 26.42 -32.03 -115.59
C PRO I 1340 25.68 -33.25 -115.07
N ASN I 1341 25.81 -34.36 -115.81
CA ASN I 1341 25.15 -35.60 -115.44
C ASN I 1341 25.62 -36.10 -114.08
N THR I 1342 26.86 -35.81 -113.72
CA THR I 1342 27.34 -36.17 -112.39
C THR I 1342 26.53 -35.49 -111.30
N VAL I 1343 26.24 -34.21 -111.48
CA VAL I 1343 25.32 -33.48 -110.56
C VAL I 1343 23.93 -33.64 -111.16
N ASP I 1344 23.31 -34.77 -110.85
CA ASP I 1344 22.02 -35.12 -111.41
C ASP I 1344 20.89 -34.65 -110.51
N GLY I 1345 19.81 -34.19 -111.14
CA GLY I 1345 18.65 -33.75 -110.38
C GLY I 1345 17.65 -33.09 -111.32
N ASP I 1346 16.48 -32.80 -110.76
CA ASP I 1346 15.35 -32.27 -111.52
C ASP I 1346 15.45 -30.75 -111.47
N LEU I 1347 15.64 -30.13 -112.64
CA LEU I 1347 15.73 -28.68 -112.70
C LEU I 1347 14.39 -28.00 -112.47
N LEU I 1348 13.28 -28.66 -112.83
CA LEU I 1348 11.98 -28.09 -112.55
C LEU I 1348 11.72 -27.99 -111.06
N LYS I 1349 12.33 -28.87 -110.27
CA LYS I 1349 12.26 -28.81 -108.82
C LYS I 1349 13.45 -28.07 -108.21
N LEU I 1350 14.26 -27.41 -109.03
CA LEU I 1350 15.38 -26.62 -108.50
C LEU I 1350 14.86 -25.45 -107.67
N VAL I 1351 15.53 -25.20 -106.56
CA VAL I 1351 15.23 -24.07 -105.68
C VAL I 1351 16.49 -23.25 -105.51
N HIS I 1352 16.42 -21.96 -105.82
CA HIS I 1352 17.54 -21.05 -105.59
C HIS I 1352 17.54 -20.68 -104.11
N LEU I 1353 18.42 -21.29 -103.33
CA LEU I 1353 18.45 -21.02 -101.90
C LEU I 1353 18.92 -19.60 -101.62
N SER I 1354 20.03 -19.21 -102.24
CA SER I 1354 20.64 -17.93 -101.92
C SER I 1354 21.52 -17.49 -103.08
N ASN I 1355 21.76 -16.18 -103.11
CA ASN I 1355 22.73 -15.60 -104.03
C ASN I 1355 23.54 -14.57 -103.25
N GLY I 1356 24.61 -14.09 -103.86
CA GLY I 1356 25.40 -13.08 -103.22
C GLY I 1356 26.46 -12.53 -104.14
N TYR I 1357 26.87 -11.30 -103.86
CA TYR I 1357 27.89 -10.60 -104.60
C TYR I 1357 28.95 -10.09 -103.64
N LYS I 1358 30.20 -10.13 -104.09
CA LYS I 1358 31.34 -9.68 -103.30
C LYS I 1358 32.26 -8.92 -104.24
N MET I 1359 32.34 -7.60 -104.07
CA MET I 1359 33.24 -6.78 -104.85
C MET I 1359 34.65 -6.91 -104.28
N ILE I 1360 35.59 -7.27 -105.15
CA ILE I 1360 36.98 -7.41 -104.70
C ILE I 1360 37.54 -6.04 -104.35
N PRO I 1361 38.24 -5.87 -103.23
CA PRO I 1361 38.78 -4.54 -102.91
C PRO I 1361 39.74 -4.05 -103.98
N GLY I 1362 39.69 -2.75 -104.24
CA GLY I 1362 40.49 -2.15 -105.29
C GLY I 1362 39.90 -2.26 -106.67
N ALA I 1363 38.70 -2.82 -106.81
CA ALA I 1363 38.02 -2.97 -108.10
C ALA I 1363 36.89 -1.96 -108.18
N LYS I 1364 36.84 -1.21 -109.26
CA LYS I 1364 35.79 -0.23 -109.45
C LYS I 1364 34.48 -0.94 -109.81
N PRO I 1365 33.34 -0.30 -109.57
CA PRO I 1365 32.06 -0.92 -109.97
C PRO I 1365 31.95 -1.04 -111.48
N LEU I 1366 31.05 -1.93 -111.90
CA LEU I 1366 30.85 -2.17 -113.33
C LEU I 1366 30.38 -0.89 -114.02
N GLN I 1367 30.91 -0.66 -115.21
CA GLN I 1367 30.61 0.54 -116.00
C GLN I 1367 30.07 0.11 -117.36
N VAL I 1368 29.48 1.08 -118.07
CA VAL I 1368 28.99 0.82 -119.42
C VAL I 1368 30.16 0.81 -120.39
N GLY I 1369 30.16 -0.17 -121.29
CA GLY I 1369 31.17 -0.29 -122.33
C GLY I 1369 32.30 -1.24 -122.00
N ASP I 1370 32.49 -1.59 -120.74
CA ASP I 1370 33.56 -2.51 -120.38
C ASP I 1370 33.19 -3.94 -120.76
N VAL I 1371 34.22 -4.75 -121.02
CA VAL I 1371 34.05 -6.15 -121.39
C VAL I 1371 34.38 -6.99 -120.16
N VAL I 1372 33.42 -7.83 -119.75
CA VAL I 1372 33.51 -8.61 -118.53
C VAL I 1372 33.52 -10.08 -118.91
N SER I 1373 34.51 -10.82 -118.38
CA SER I 1373 34.62 -12.25 -118.57
C SER I 1373 34.18 -12.97 -117.30
N THR I 1374 33.34 -13.99 -117.46
CA THR I 1374 32.75 -14.71 -116.33
C THR I 1374 33.31 -16.12 -116.27
N THR I 1375 33.65 -16.57 -115.07
CA THR I 1375 34.32 -17.84 -114.86
C THR I 1375 33.75 -18.52 -113.62
N ALA I 1376 33.00 -19.61 -113.83
CA ALA I 1376 32.27 -20.28 -112.76
C ALA I 1376 32.99 -21.56 -112.33
N VAL I 1377 32.92 -21.84 -111.03
CA VAL I 1377 33.42 -23.08 -110.46
C VAL I 1377 32.39 -23.58 -109.45
N ILE I 1378 32.22 -24.89 -109.37
CA ILE I 1378 31.34 -25.47 -108.36
C ILE I 1378 32.10 -25.45 -107.04
N GLU I 1379 31.71 -24.53 -106.14
CA GLU I 1379 32.35 -24.48 -104.84
C GLU I 1379 32.12 -25.78 -104.08
N SER I 1380 30.88 -26.27 -104.05
CA SER I 1380 30.58 -27.45 -103.25
C SER I 1380 29.25 -28.08 -103.60
N VAL I 1381 29.27 -29.35 -104.01
CA VAL I 1381 28.05 -30.12 -104.28
C VAL I 1381 27.96 -31.24 -103.27
N VAL I 1382 26.87 -31.28 -102.51
CA VAL I 1382 26.70 -32.22 -101.42
C VAL I 1382 25.27 -32.77 -101.43
N ASN I 1383 25.14 -34.00 -100.93
CA ASN I 1383 23.87 -34.72 -100.88
C ASN I 1383 23.36 -34.73 -99.44
N GLN I 1384 22.55 -33.73 -99.10
CA GLN I 1384 21.85 -33.71 -97.82
C GLN I 1384 20.58 -34.55 -97.94
N PRO I 1385 20.02 -35.00 -96.80
CA PRO I 1385 18.86 -35.90 -96.88
C PRO I 1385 17.68 -35.31 -97.63
N THR I 1386 17.49 -33.99 -97.59
CA THR I 1386 16.38 -33.35 -98.28
C THR I 1386 16.66 -33.09 -99.75
N GLY I 1387 17.90 -33.27 -100.21
CA GLY I 1387 18.22 -33.00 -101.60
C GLY I 1387 19.69 -32.68 -101.75
N LYS I 1388 20.05 -32.22 -102.95
CA LYS I 1388 21.43 -31.93 -103.30
C LYS I 1388 21.64 -30.42 -103.36
N ILE I 1389 22.57 -29.91 -102.57
CA ILE I 1389 22.91 -28.49 -102.55
C ILE I 1389 24.18 -28.29 -103.37
N VAL I 1390 24.11 -27.37 -104.33
CA VAL I 1390 25.22 -27.04 -105.22
C VAL I 1390 25.55 -25.56 -105.04
N ASP I 1391 26.75 -25.28 -104.56
CA ASP I 1391 27.24 -23.93 -104.37
C ASP I 1391 28.24 -23.61 -105.45
N VAL I 1392 28.00 -22.52 -106.18
CA VAL I 1392 28.79 -22.10 -107.33
C VAL I 1392 29.37 -20.73 -107.03
N VAL I 1393 30.56 -20.47 -107.55
CA VAL I 1393 31.23 -19.18 -107.42
C VAL I 1393 31.66 -18.75 -108.82
N GLY I 1394 31.15 -17.60 -109.27
CA GLY I 1394 31.46 -17.06 -110.58
C GLY I 1394 32.23 -15.75 -110.44
N THR I 1395 33.47 -15.76 -110.91
CA THR I 1395 34.32 -14.58 -110.89
C THR I 1395 34.11 -13.80 -112.17
N LEU I 1396 33.78 -12.52 -112.02
CA LEU I 1396 33.72 -11.58 -113.12
C LEU I 1396 34.99 -10.75 -113.12
N SER I 1397 35.67 -10.72 -114.26
CA SER I 1397 36.96 -10.06 -114.43
C SER I 1397 36.87 -9.06 -115.58
N ARG I 1398 37.63 -7.97 -115.46
CA ARG I 1398 37.63 -6.88 -116.43
C ARG I 1398 39.06 -6.49 -116.74
N ASN I 1399 39.39 -6.47 -118.04
CA ASN I 1399 40.74 -6.12 -118.48
C ASN I 1399 41.78 -7.03 -117.85
N GLY I 1400 41.42 -8.29 -117.66
CA GLY I 1400 42.27 -9.28 -117.02
C GLY I 1400 42.16 -9.32 -115.51
N LYS I 1401 41.96 -8.16 -114.88
CA LYS I 1401 41.86 -8.12 -113.43
C LYS I 1401 40.52 -8.67 -112.97
N PRO I 1402 40.46 -9.31 -111.79
CA PRO I 1402 39.17 -9.80 -111.30
C PRO I 1402 38.37 -8.70 -110.64
N VAL I 1403 37.09 -8.58 -110.99
CA VAL I 1403 36.24 -7.51 -110.50
C VAL I 1403 35.43 -7.94 -109.29
N MET I 1404 34.79 -9.10 -109.36
CA MET I 1404 33.92 -9.50 -108.26
C MET I 1404 33.67 -11.00 -108.30
N GLU I 1405 33.06 -11.51 -107.24
CA GLU I 1405 32.70 -12.91 -107.10
C GLU I 1405 31.22 -13.01 -106.76
N VAL I 1406 30.50 -13.87 -107.49
CA VAL I 1406 29.07 -14.08 -107.30
C VAL I 1406 28.86 -15.51 -106.82
N THR I 1407 28.33 -15.65 -105.62
CA THR I 1407 28.03 -16.95 -105.03
C THR I 1407 26.56 -17.27 -105.28
N SER I 1408 26.28 -18.51 -105.67
CA SER I 1408 24.92 -18.95 -105.96
C SER I 1408 24.71 -20.35 -105.41
N SER I 1409 23.72 -20.51 -104.54
CA SER I 1409 23.40 -21.79 -103.95
C SER I 1409 22.08 -22.29 -104.53
N PHE I 1410 22.13 -23.47 -105.14
CA PHE I 1410 20.96 -24.11 -105.72
C PHE I 1410 20.69 -25.42 -104.99
N PHE I 1411 19.45 -25.89 -105.08
CA PHE I 1411 18.98 -27.05 -104.34
C PHE I 1411 18.13 -27.90 -105.26
N TYR I 1412 18.66 -29.05 -105.66
CA TYR I 1412 17.88 -30.09 -106.32
C TYR I 1412 17.10 -30.83 -105.25
N ARG I 1413 15.80 -30.55 -105.14
CA ARG I 1413 14.96 -31.20 -104.15
C ARG I 1413 14.69 -32.64 -104.59
N GLY I 1414 14.97 -33.58 -103.72
CA GLY I 1414 14.79 -34.99 -104.04
C GLY I 1414 15.67 -35.85 -103.15
N ASN I 1415 15.89 -37.07 -103.61
CA ASN I 1415 16.71 -38.05 -102.90
C ASN I 1415 17.86 -38.46 -103.81
N TYR I 1416 19.08 -38.29 -103.31
CA TYR I 1416 20.29 -38.60 -104.08
C TYR I 1416 21.28 -39.32 -103.19
N THR I 1417 21.99 -40.28 -103.80
CA THR I 1417 22.97 -41.09 -103.09
C THR I 1417 24.28 -41.23 -103.88
N ASP I 1418 24.50 -40.40 -104.89
CA ASP I 1418 25.72 -40.46 -105.69
C ASP I 1418 26.83 -39.65 -105.00
N PHE I 1419 27.20 -40.14 -103.82
CA PHE I 1419 28.22 -39.46 -103.03
C PHE I 1419 29.59 -39.47 -103.71
N GLU I 1420 29.81 -40.37 -104.67
CA GLU I 1420 31.09 -40.38 -105.38
C GLU I 1420 31.31 -39.09 -106.16
N ASN I 1421 30.23 -38.42 -106.57
CA ASN I 1421 30.32 -37.17 -107.32
C ASN I 1421 30.17 -35.94 -106.44
N THR I 1422 30.06 -36.12 -105.12
CA THR I 1422 29.90 -35.01 -104.19
C THR I 1422 31.25 -34.57 -103.66
N PHE I 1423 31.43 -33.26 -103.54
CA PHE I 1423 32.62 -32.68 -102.94
C PHE I 1423 32.23 -31.37 -102.29
N GLN I 1424 33.07 -30.91 -101.37
CA GLN I 1424 32.79 -29.66 -100.67
C GLN I 1424 34.08 -28.93 -100.33
N LYS I 1425 34.19 -27.70 -100.81
CA LYS I 1425 35.24 -26.76 -100.43
C LYS I 1425 34.63 -25.78 -99.44
N THR I 1426 35.32 -25.54 -98.33
CA THR I 1426 34.86 -24.57 -97.34
C THR I 1426 36.06 -23.84 -96.77
N VAL I 1427 35.97 -22.51 -96.72
CA VAL I 1427 37.01 -21.67 -96.14
C VAL I 1427 36.71 -21.57 -94.65
N GLU I 1428 37.49 -22.28 -93.84
CA GLU I 1428 37.24 -22.29 -92.42
C GLU I 1428 37.49 -20.91 -91.83
N PRO I 1429 36.82 -20.55 -90.74
CA PRO I 1429 37.07 -19.25 -90.13
C PRO I 1429 38.50 -19.13 -89.65
N VAL I 1430 39.04 -17.92 -89.73
CA VAL I 1430 40.43 -17.69 -89.35
C VAL I 1430 40.56 -17.93 -87.85
N TYR I 1431 41.53 -18.75 -87.46
CA TYR I 1431 41.74 -19.11 -86.07
C TYR I 1431 43.00 -18.45 -85.54
N GLN I 1432 43.00 -18.11 -84.25
CA GLN I 1432 44.14 -17.48 -83.61
C GLN I 1432 44.52 -18.27 -82.36
N MET I 1433 45.83 -18.46 -82.17
CA MET I 1433 46.37 -19.18 -81.01
C MET I 1433 47.50 -18.37 -80.43
N HIS I 1434 47.46 -18.14 -79.12
CA HIS I 1434 48.53 -17.47 -78.39
C HIS I 1434 49.38 -18.54 -77.72
N ILE I 1435 50.65 -18.62 -78.09
CA ILE I 1435 51.56 -19.60 -77.55
C ILE I 1435 52.13 -19.06 -76.25
N LYS I 1436 51.67 -19.58 -75.12
CA LYS I 1436 52.05 -19.11 -73.80
C LYS I 1436 53.18 -19.91 -73.19
N THR I 1437 53.22 -21.22 -73.42
CA THR I 1437 54.17 -22.12 -72.79
C THR I 1437 54.71 -23.09 -73.81
N SER I 1438 55.76 -23.82 -73.42
CA SER I 1438 56.35 -24.82 -74.31
C SER I 1438 55.44 -26.02 -74.51
N LYS I 1439 54.45 -26.21 -73.64
CA LYS I 1439 53.48 -27.28 -73.85
C LYS I 1439 52.71 -27.08 -75.16
N ASP I 1440 52.30 -25.83 -75.42
CA ASP I 1440 51.62 -25.54 -76.68
C ASP I 1440 52.52 -25.80 -77.88
N ILE I 1441 53.81 -25.43 -77.76
CA ILE I 1441 54.75 -25.66 -78.86
C ILE I 1441 54.90 -27.15 -79.11
N ALA I 1442 55.02 -27.95 -78.04
CA ALA I 1442 55.15 -29.39 -78.20
C ALA I 1442 53.89 -29.97 -78.84
N VAL I 1443 52.72 -29.50 -78.42
CA VAL I 1443 51.47 -29.97 -79.01
C VAL I 1443 51.42 -29.66 -80.50
N LEU I 1444 51.81 -28.44 -80.88
CA LEU I 1444 51.83 -28.07 -82.29
C LEU I 1444 52.81 -28.92 -83.08
N ARG I 1445 54.01 -29.13 -82.54
CA ARG I 1445 55.01 -29.90 -83.28
C ARG I 1445 54.62 -31.36 -83.37
N SER I 1446 53.82 -31.86 -82.43
CA SER I 1446 53.34 -33.24 -82.51
C SER I 1446 52.35 -33.46 -83.64
N LYS I 1447 51.82 -32.39 -84.23
CA LYS I 1447 50.86 -32.51 -85.33
C LYS I 1447 51.59 -32.60 -86.65
N GLU I 1448 51.30 -33.66 -87.42
CA GLU I 1448 51.93 -33.82 -88.73
C GLU I 1448 51.55 -32.69 -89.66
N TRP I 1449 50.28 -32.26 -89.63
CA TRP I 1449 49.81 -31.24 -90.57
C TRP I 1449 50.46 -29.88 -90.32
N PHE I 1450 50.90 -29.62 -89.09
CA PHE I 1450 51.52 -28.34 -88.73
C PHE I 1450 52.97 -28.37 -89.18
N GLN I 1451 53.28 -27.68 -90.29
CA GLN I 1451 54.63 -27.65 -90.84
C GLN I 1451 55.10 -26.21 -90.89
N LEU I 1452 56.38 -25.99 -90.65
CA LEU I 1452 56.98 -24.66 -90.69
C LEU I 1452 58.15 -24.66 -91.67
N ASP I 1453 58.31 -23.57 -92.41
CA ASP I 1453 59.47 -23.45 -93.28
C ASP I 1453 60.75 -23.40 -92.47
N ASP I 1454 60.75 -22.67 -91.36
CA ASP I 1454 61.88 -22.59 -90.43
C ASP I 1454 61.52 -23.43 -89.21
N GLU I 1455 62.05 -24.66 -89.17
CA GLU I 1455 61.71 -25.58 -88.09
C GLU I 1455 62.13 -25.04 -86.73
N ASP I 1456 63.22 -24.27 -86.68
CA ASP I 1456 63.72 -23.70 -85.44
C ASP I 1456 63.08 -22.35 -85.11
N PHE I 1457 61.97 -22.00 -85.76
CA PHE I 1457 61.29 -20.76 -85.45
C PHE I 1457 60.82 -20.76 -84.01
N ASP I 1458 61.07 -19.66 -83.30
CA ASP I 1458 60.71 -19.54 -81.89
C ASP I 1458 59.23 -19.18 -81.80
N LEU I 1459 58.40 -20.18 -81.47
CA LEU I 1459 56.97 -19.98 -81.36
C LEU I 1459 56.53 -19.46 -80.00
N LEU I 1460 57.43 -19.45 -79.01
CA LEU I 1460 57.05 -19.03 -77.67
C LEU I 1460 56.72 -17.54 -77.66
N ASN I 1461 55.66 -17.18 -76.93
CA ASN I 1461 55.21 -15.79 -76.83
C ASN I 1461 54.91 -15.21 -78.20
N LYS I 1462 54.26 -16.00 -79.05
CA LYS I 1462 53.88 -15.59 -80.40
C LYS I 1462 52.41 -15.91 -80.64
N THR I 1463 51.80 -15.13 -81.53
CA THR I 1463 50.41 -15.34 -81.94
C THR I 1463 50.40 -15.90 -83.35
N LEU I 1464 49.81 -17.09 -83.50
CA LEU I 1464 49.71 -17.78 -84.78
C LEU I 1464 48.29 -17.64 -85.31
N THR I 1465 48.19 -17.28 -86.59
CA THR I 1465 46.93 -17.18 -87.29
C THR I 1465 46.87 -18.26 -88.36
N PHE I 1466 45.80 -19.05 -88.34
CA PHE I 1466 45.57 -20.14 -89.26
C PHE I 1466 44.40 -19.78 -90.16
N GLU I 1467 44.65 -19.82 -91.48
CA GLU I 1467 43.64 -19.52 -92.50
C GLU I 1467 43.56 -20.77 -93.39
N THR I 1468 42.62 -21.66 -93.09
CA THR I 1468 42.61 -22.99 -93.66
C THR I 1468 41.42 -23.16 -94.60
N GLU I 1469 41.62 -23.96 -95.65
CA GLU I 1469 40.59 -24.34 -96.60
C GLU I 1469 40.46 -25.86 -96.55
N THR I 1470 39.22 -26.34 -96.44
CA THR I 1470 38.94 -27.76 -96.30
C THR I 1470 38.23 -28.28 -97.54
N GLU I 1471 38.82 -29.30 -98.16
CA GLU I 1471 38.21 -30.05 -99.25
C GLU I 1471 37.84 -31.44 -98.74
N VAL I 1472 36.54 -31.76 -98.77
CA VAL I 1472 36.07 -33.06 -98.31
C VAL I 1472 35.28 -33.72 -99.43
N THR I 1473 35.65 -34.95 -99.76
CA THR I 1473 34.89 -35.79 -100.68
C THR I 1473 34.16 -36.84 -99.85
N PHE I 1474 32.85 -36.95 -100.07
CA PHE I 1474 31.98 -37.74 -99.22
C PHE I 1474 31.94 -39.18 -99.69
N LYS I 1475 32.03 -40.13 -98.75
CA LYS I 1475 31.74 -41.52 -99.05
C LYS I 1475 30.27 -41.83 -98.86
N ASN I 1476 29.66 -41.26 -97.83
CA ASN I 1476 28.23 -41.34 -97.60
C ASN I 1476 27.79 -40.06 -96.89
N ALA I 1477 26.58 -40.08 -96.35
CA ALA I 1477 26.02 -38.87 -95.74
C ALA I 1477 26.85 -38.39 -94.55
N ASN I 1478 27.55 -39.31 -93.86
CA ASN I 1478 28.23 -39.00 -92.62
C ASN I 1478 29.74 -39.02 -92.74
N ILE I 1479 30.31 -40.09 -93.30
CA ILE I 1479 31.76 -40.28 -93.31
C ILE I 1479 32.32 -39.74 -94.61
N PHE I 1480 33.30 -38.84 -94.51
CA PHE I 1480 33.97 -38.31 -95.68
C PHE I 1480 34.89 -39.36 -96.28
N SER I 1481 34.88 -39.46 -97.61
CA SER I 1481 35.78 -40.40 -98.27
C SER I 1481 37.23 -39.91 -98.20
N SER I 1482 37.42 -38.59 -98.25
CA SER I 1482 38.75 -38.02 -98.13
C SER I 1482 38.61 -36.62 -97.56
N VAL I 1483 39.54 -36.24 -96.68
CA VAL I 1483 39.55 -34.94 -96.03
C VAL I 1483 40.93 -34.32 -96.23
N LYS I 1484 40.96 -33.11 -96.76
CA LYS I 1484 42.19 -32.35 -96.94
C LYS I 1484 41.97 -30.96 -96.35
N CYS I 1485 42.97 -30.46 -95.64
CA CYS I 1485 42.88 -29.14 -95.01
C CYS I 1485 44.22 -28.44 -95.21
N PHE I 1486 44.23 -27.38 -96.01
CA PHE I 1486 45.46 -26.75 -96.45
C PHE I 1486 45.37 -25.25 -96.27
N GLY I 1487 46.49 -24.62 -95.95
CA GLY I 1487 46.53 -23.19 -95.85
C GLY I 1487 47.82 -22.65 -95.25
N PRO I 1488 47.97 -21.33 -95.25
CA PRO I 1488 49.14 -20.73 -94.61
C PRO I 1488 48.93 -20.50 -93.12
N ILE I 1489 50.03 -20.64 -92.38
CA ILE I 1489 50.10 -20.30 -90.96
C ILE I 1489 51.04 -19.11 -90.86
N LYS I 1490 50.56 -18.03 -90.24
CA LYS I 1490 51.33 -16.80 -90.16
C LYS I 1490 51.46 -16.37 -88.71
N VAL I 1491 52.53 -15.64 -88.43
CA VAL I 1491 52.81 -15.14 -87.09
C VAL I 1491 52.57 -13.64 -87.07
N GLU I 1492 52.09 -13.16 -85.93
CA GLU I 1492 51.83 -11.74 -85.72
C GLU I 1492 53.13 -11.06 -85.30
N LEU I 1493 53.65 -10.19 -86.14
CA LEU I 1493 54.86 -9.44 -85.85
C LEU I 1493 54.56 -8.35 -84.83
N PRO I 1494 55.59 -7.71 -84.28
CA PRO I 1494 55.33 -6.61 -83.33
C PRO I 1494 54.53 -5.46 -83.93
N THR I 1495 54.53 -5.30 -85.25
CA THR I 1495 53.77 -4.25 -85.92
C THR I 1495 52.34 -4.66 -86.24
N LYS I 1496 51.80 -5.68 -85.57
CA LYS I 1496 50.44 -6.15 -85.82
C LYS I 1496 50.25 -6.58 -87.28
N GLU I 1497 51.31 -7.11 -87.88
CA GLU I 1497 51.32 -7.57 -89.26
C GLU I 1497 51.51 -9.08 -89.26
N THR I 1498 50.61 -9.79 -89.95
CA THR I 1498 50.67 -11.25 -90.02
C THR I 1498 51.51 -11.65 -91.21
N VAL I 1499 52.61 -12.35 -90.96
CA VAL I 1499 53.54 -12.78 -92.00
C VAL I 1499 53.64 -14.30 -91.97
N GLU I 1500 53.58 -14.92 -93.14
CA GLU I 1500 53.58 -16.37 -93.23
C GLU I 1500 54.89 -16.94 -92.69
N ILE I 1501 54.76 -17.96 -91.84
CA ILE I 1501 55.91 -18.71 -91.33
C ILE I 1501 55.77 -20.21 -91.52
N GLY I 1502 54.61 -20.71 -91.92
CA GLY I 1502 54.44 -22.13 -92.10
C GLY I 1502 53.23 -22.43 -92.95
N ILE I 1503 52.96 -23.73 -93.10
CA ILE I 1503 51.77 -24.20 -93.78
C ILE I 1503 51.11 -25.29 -92.93
N VAL I 1504 49.78 -25.27 -92.90
CA VAL I 1504 48.99 -26.40 -92.46
C VAL I 1504 48.69 -27.23 -93.70
N ASP I 1505 49.01 -28.52 -93.64
CA ASP I 1505 48.82 -29.44 -94.76
C ASP I 1505 48.38 -30.78 -94.17
N TYR I 1506 47.08 -30.98 -94.06
CA TYR I 1506 46.49 -32.22 -93.56
C TYR I 1506 45.88 -32.97 -94.73
N GLU I 1507 46.19 -34.26 -94.83
CA GLU I 1507 45.65 -35.12 -95.88
C GLU I 1507 45.25 -36.44 -95.23
N ALA I 1508 44.04 -36.92 -95.51
CA ALA I 1508 43.58 -38.16 -94.93
C ALA I 1508 42.51 -38.78 -95.82
N GLY I 1509 42.41 -40.10 -95.76
CA GLY I 1509 41.39 -40.83 -96.50
C GLY I 1509 40.08 -40.81 -95.75
N ALA I 1510 39.46 -41.98 -95.59
CA ALA I 1510 38.18 -42.06 -94.92
C ALA I 1510 38.30 -41.53 -93.49
N SER I 1511 37.45 -40.57 -93.15
CA SER I 1511 37.46 -39.97 -91.83
C SER I 1511 36.08 -39.42 -91.50
N HIS I 1512 35.82 -39.27 -90.21
CA HIS I 1512 34.56 -38.72 -89.72
C HIS I 1512 34.59 -37.21 -89.53
N GLY I 1513 35.76 -36.59 -89.67
CA GLY I 1513 35.85 -35.15 -89.45
C GLY I 1513 37.25 -34.67 -89.78
N ASN I 1514 37.41 -33.35 -89.69
CA ASN I 1514 38.70 -32.72 -89.92
C ASN I 1514 39.35 -32.41 -88.59
N PRO I 1515 40.43 -33.12 -88.18
CA PRO I 1515 40.99 -32.85 -86.85
C PRO I 1515 41.59 -31.46 -86.70
N VAL I 1516 42.03 -30.85 -87.80
CA VAL I 1516 42.65 -29.54 -87.72
C VAL I 1516 41.67 -28.51 -87.19
N VAL I 1517 40.47 -28.49 -87.75
CA VAL I 1517 39.46 -27.51 -87.33
C VAL I 1517 39.05 -27.76 -85.88
N ASP I 1518 38.90 -29.03 -85.50
CA ASP I 1518 38.54 -29.33 -84.12
C ASP I 1518 39.62 -28.86 -83.15
N PHE I 1519 40.88 -29.14 -83.47
CA PHE I 1519 41.99 -28.71 -82.63
C PHE I 1519 42.03 -27.19 -82.51
N LEU I 1520 41.89 -26.49 -83.63
CA LEU I 1520 41.95 -25.04 -83.61
C LEU I 1520 40.78 -24.45 -82.82
N LYS I 1521 39.58 -25.00 -83.00
CA LYS I 1521 38.43 -24.52 -82.25
C LYS I 1521 38.61 -24.75 -80.76
N ARG I 1522 39.13 -25.92 -80.37
CA ARG I 1522 39.28 -26.22 -78.96
C ARG I 1522 40.34 -25.35 -78.31
N ASN I 1523 41.47 -25.14 -78.98
CA ASN I 1523 42.60 -24.45 -78.39
C ASN I 1523 42.60 -22.95 -78.67
N GLY I 1524 42.64 -22.56 -79.94
CA GLY I 1524 42.67 -21.16 -80.30
C GLY I 1524 41.31 -20.50 -80.23
N SER I 1525 41.26 -19.27 -80.72
CA SER I 1525 40.06 -18.46 -80.77
C SER I 1525 39.71 -18.14 -82.21
N THR I 1526 38.42 -17.95 -82.47
CA THR I 1526 37.94 -17.63 -83.80
C THR I 1526 37.98 -16.11 -84.00
N LEU I 1527 38.59 -15.67 -85.08
CA LEU I 1527 38.62 -14.25 -85.44
C LEU I 1527 37.49 -13.97 -86.43
N GLU I 1528 36.45 -13.31 -85.96
CA GLU I 1528 35.31 -12.94 -86.77
C GLU I 1528 35.53 -11.53 -87.31
N GLN I 1529 35.56 -11.41 -88.64
CA GLN I 1529 35.72 -10.08 -89.24
C GLN I 1529 34.52 -9.20 -88.93
N LYS I 1530 33.31 -9.76 -89.01
CA LYS I 1530 32.11 -9.00 -88.69
C LYS I 1530 32.04 -8.73 -87.19
N VAL I 1531 31.86 -7.47 -86.83
CA VAL I 1531 31.77 -7.04 -85.43
C VAL I 1531 30.42 -6.37 -85.24
N ASN I 1532 29.56 -7.00 -84.46
CA ASN I 1532 28.23 -6.47 -84.20
C ASN I 1532 28.30 -5.23 -83.31
N LEU I 1533 27.37 -4.31 -83.52
CA LEU I 1533 27.30 -3.14 -82.67
C LEU I 1533 26.65 -3.49 -81.33
N GLU I 1534 26.65 -2.53 -80.42
CA GLU I 1534 26.02 -2.78 -79.12
C GLU I 1534 24.53 -3.05 -79.28
N ASN I 1535 23.87 -2.28 -80.14
CA ASN I 1535 22.47 -2.45 -80.47
C ASN I 1535 22.31 -2.24 -81.97
N PRO I 1536 21.31 -2.86 -82.61
CA PRO I 1536 21.06 -2.56 -84.02
C PRO I 1536 20.55 -1.14 -84.20
N ILE I 1537 20.81 -0.59 -85.38
CA ILE I 1537 20.34 0.75 -85.74
C ILE I 1537 19.35 0.60 -86.89
N PRO I 1538 18.04 0.64 -86.64
CA PRO I 1538 17.10 0.55 -87.76
C PRO I 1538 17.24 1.76 -88.69
N ILE I 1539 17.24 1.49 -89.99
CA ILE I 1539 17.39 2.52 -91.01
C ILE I 1539 16.05 2.93 -91.59
N ALA I 1540 15.29 1.98 -92.13
CA ALA I 1540 13.99 2.29 -92.70
C ALA I 1540 13.23 1.01 -92.98
N VAL I 1541 11.91 1.12 -93.01
CA VAL I 1541 11.01 0.05 -93.46
C VAL I 1541 10.42 0.51 -94.78
N LEU I 1542 10.59 -0.31 -95.82
CA LEU I 1542 10.27 0.08 -97.19
C LEU I 1542 9.34 -0.94 -97.82
N ASP I 1543 8.50 -0.46 -98.74
CA ASP I 1543 7.53 -1.30 -99.43
C ASP I 1543 7.89 -1.40 -100.90
N SER I 1544 7.88 -2.63 -101.42
CA SER I 1544 8.16 -2.90 -102.83
C SER I 1544 7.02 -3.74 -103.39
N TYR I 1545 6.49 -3.32 -104.54
CA TYR I 1545 5.39 -4.04 -105.18
C TYR I 1545 5.93 -4.85 -106.33
N THR I 1546 5.78 -6.18 -106.25
CA THR I 1546 6.28 -7.06 -107.28
C THR I 1546 5.42 -6.93 -108.54
N PRO I 1547 6.03 -6.87 -109.73
CA PRO I 1547 5.21 -6.65 -110.94
C PRO I 1547 4.33 -7.83 -111.26
N SER I 1548 3.26 -7.54 -112.00
CA SER I 1548 2.34 -8.60 -112.41
C SER I 1548 3.03 -9.61 -113.32
N THR I 1549 3.86 -9.13 -114.24
CA THR I 1549 4.49 -9.95 -115.27
C THR I 1549 5.98 -10.04 -115.03
N ASN I 1550 6.52 -11.25 -115.14
CA ASN I 1550 7.96 -11.50 -115.00
C ASN I 1550 8.67 -11.57 -116.35
N GLU I 1551 7.96 -11.36 -117.46
CA GLU I 1551 8.60 -11.43 -118.78
C GLU I 1551 9.72 -10.41 -118.95
N PRO I 1552 9.55 -9.12 -118.61
CA PRO I 1552 10.67 -8.18 -118.85
C PRO I 1552 11.91 -8.52 -118.04
N TYR I 1553 11.75 -8.88 -116.77
CA TYR I 1553 12.92 -9.27 -115.99
C TYR I 1553 13.54 -10.54 -116.54
N ALA I 1554 12.73 -11.51 -116.96
CA ALA I 1554 13.27 -12.73 -117.51
C ALA I 1554 14.09 -12.44 -118.77
N ARG I 1555 13.59 -11.58 -119.64
CA ARG I 1555 14.31 -11.28 -120.87
C ARG I 1555 15.58 -10.49 -120.59
N VAL I 1556 15.51 -9.55 -119.65
CA VAL I 1556 16.69 -8.70 -119.40
C VAL I 1556 17.78 -9.49 -118.69
N SER I 1557 17.41 -10.39 -117.77
CA SER I 1557 18.38 -11.17 -117.04
C SER I 1557 18.82 -12.44 -117.77
N GLY I 1558 18.11 -12.84 -118.82
CA GLY I 1558 18.42 -14.07 -119.50
C GLY I 1558 17.92 -15.32 -118.80
N ASP I 1559 17.24 -15.17 -117.65
CA ASP I 1559 16.70 -16.29 -116.90
C ASP I 1559 15.31 -16.57 -117.44
N LEU I 1560 15.22 -17.47 -118.42
CA LEU I 1560 13.96 -17.84 -119.04
C LEU I 1560 13.37 -19.09 -118.40
N ASN I 1561 13.54 -19.24 -117.09
CA ASN I 1561 12.98 -20.38 -116.39
C ASN I 1561 11.46 -20.39 -116.58
N PRO I 1562 10.87 -21.46 -117.13
CA PRO I 1562 9.43 -21.41 -117.41
C PRO I 1562 8.56 -21.25 -116.17
N ILE I 1563 9.06 -21.57 -114.98
CA ILE I 1563 8.21 -21.53 -113.80
C ILE I 1563 7.76 -20.11 -113.50
N HIS I 1564 8.56 -19.12 -113.89
CA HIS I 1564 8.26 -17.72 -113.58
C HIS I 1564 7.37 -17.04 -114.61
N VAL I 1565 7.14 -17.66 -115.77
CA VAL I 1565 6.40 -17.02 -116.85
C VAL I 1565 5.26 -17.86 -117.39
N SER I 1566 5.27 -19.18 -117.23
CA SER I 1566 4.28 -20.08 -117.79
C SER I 1566 3.45 -20.68 -116.66
N ARG I 1567 2.12 -20.58 -116.78
CA ARG I 1567 1.24 -21.17 -115.79
C ARG I 1567 1.37 -22.69 -115.76
N HIS I 1568 1.41 -23.32 -116.94
CA HIS I 1568 1.39 -24.78 -116.97
C HIS I 1568 2.67 -25.36 -116.38
N PHE I 1569 3.82 -24.74 -116.65
CA PHE I 1569 5.06 -25.24 -116.08
C PHE I 1569 5.08 -25.11 -114.56
N ALA I 1570 4.58 -23.99 -114.04
CA ALA I 1570 4.49 -23.82 -112.59
C ALA I 1570 3.56 -24.86 -111.98
N SER I 1571 2.42 -25.10 -112.63
CA SER I 1571 1.48 -26.11 -112.12
C SER I 1571 2.12 -27.49 -112.12
N TYR I 1572 2.87 -27.82 -113.18
CA TYR I 1572 3.58 -29.08 -113.22
C TYR I 1572 4.66 -29.17 -112.14
N ALA I 1573 5.30 -28.05 -111.82
CA ALA I 1573 6.29 -27.98 -110.76
C ALA I 1573 5.67 -27.84 -109.37
N ASN I 1574 4.34 -27.80 -109.28
CA ASN I 1574 3.63 -27.77 -108.01
C ASN I 1574 3.84 -26.47 -107.25
N LEU I 1575 4.14 -25.39 -107.94
CA LEU I 1575 4.30 -24.09 -107.31
C LEU I 1575 2.94 -23.41 -107.18
N PRO I 1576 2.80 -22.46 -106.24
CA PRO I 1576 1.51 -21.77 -106.11
C PRO I 1576 1.11 -20.97 -107.35
N GLY I 1577 2.05 -20.65 -108.21
CA GLY I 1577 1.73 -19.92 -109.43
C GLY I 1577 3.00 -19.57 -110.17
N THR I 1578 2.89 -18.58 -111.05
CA THR I 1578 4.05 -18.04 -111.77
C THR I 1578 4.84 -17.16 -110.80
N ILE I 1579 5.55 -17.83 -109.90
CA ILE I 1579 6.31 -17.13 -108.87
C ILE I 1579 7.34 -16.22 -109.53
N THR I 1580 7.53 -15.04 -108.95
CA THR I 1580 8.46 -14.08 -109.51
C THR I 1580 9.89 -14.49 -109.22
N HIS I 1581 10.82 -13.91 -109.97
CA HIS I 1581 12.22 -14.28 -109.85
C HIS I 1581 12.75 -13.90 -108.47
N GLY I 1582 13.31 -14.90 -107.77
CA GLY I 1582 14.01 -14.59 -106.54
C GLY I 1582 15.12 -13.61 -106.77
N MET I 1583 15.78 -13.68 -107.93
CA MET I 1583 16.82 -12.72 -108.24
C MET I 1583 16.23 -11.33 -108.50
N PHE I 1584 15.02 -11.25 -109.05
CA PHE I 1584 14.36 -9.95 -109.13
C PHE I 1584 14.13 -9.39 -107.74
N SER I 1585 13.65 -10.22 -106.82
CA SER I 1585 13.42 -9.76 -105.45
C SER I 1585 14.73 -9.28 -104.82
N SER I 1586 15.80 -10.04 -105.02
CA SER I 1586 17.11 -9.65 -104.49
C SER I 1586 17.58 -8.33 -105.08
N ALA I 1587 17.39 -8.15 -106.39
CA ALA I 1587 17.86 -6.92 -107.03
C ALA I 1587 17.03 -5.72 -106.60
N SER I 1588 15.73 -5.90 -106.43
CA SER I 1588 14.89 -4.81 -105.92
C SER I 1588 15.31 -4.43 -104.50
N VAL I 1589 15.54 -5.44 -103.66
CA VAL I 1589 15.96 -5.15 -102.29
C VAL I 1589 17.32 -4.49 -102.28
N ARG I 1590 18.22 -4.90 -103.17
CA ARG I 1590 19.53 -4.26 -103.24
C ARG I 1590 19.43 -2.83 -103.72
N ALA I 1591 18.51 -2.56 -104.64
CA ALA I 1591 18.26 -1.18 -105.05
C ALA I 1591 17.80 -0.35 -103.86
N LEU I 1592 16.91 -0.90 -103.04
CA LEU I 1592 16.47 -0.19 -101.84
C LEU I 1592 17.62 0.03 -100.87
N ILE I 1593 18.46 -0.99 -100.67
CA ILE I 1593 19.58 -0.87 -99.74
C ILE I 1593 20.55 0.20 -100.22
N GLU I 1594 20.89 0.19 -101.51
CA GLU I 1594 21.82 1.18 -102.02
C GLU I 1594 21.20 2.58 -102.01
N ASN I 1595 19.87 2.66 -102.12
CA ASN I 1595 19.23 3.97 -102.03
C ASN I 1595 19.27 4.51 -100.61
N TRP I 1596 19.02 3.65 -99.61
CA TRP I 1596 18.79 4.10 -98.25
C TRP I 1596 20.03 3.96 -97.37
N ALA I 1597 20.56 2.74 -97.22
CA ALA I 1597 21.74 2.55 -96.41
C ALA I 1597 22.96 3.24 -97.01
N ALA I 1598 23.09 3.21 -98.34
CA ALA I 1598 24.25 3.77 -99.02
C ALA I 1598 24.01 5.16 -99.59
N ASP I 1599 22.86 5.77 -99.33
CA ASP I 1599 22.59 7.15 -99.77
C ASP I 1599 22.61 7.26 -101.29
N SER I 1600 22.17 6.20 -101.98
CA SER I 1600 22.09 6.18 -103.44
C SER I 1600 23.46 6.40 -104.07
N VAL I 1601 24.46 5.71 -103.51
CA VAL I 1601 25.81 5.69 -104.05
C VAL I 1601 26.12 4.26 -104.46
N SER I 1602 26.32 4.05 -105.76
CA SER I 1602 26.54 2.69 -106.26
C SER I 1602 27.85 2.12 -105.75
N SER I 1603 28.94 2.89 -105.85
CA SER I 1603 30.25 2.40 -105.46
C SER I 1603 30.32 2.08 -103.97
N ARG I 1604 29.44 2.65 -103.16
CA ARG I 1604 29.46 2.44 -101.72
C ARG I 1604 28.98 1.06 -101.29
N VAL I 1605 28.38 0.28 -102.19
CA VAL I 1605 27.91 -1.06 -101.91
C VAL I 1605 28.90 -2.04 -102.53
N ARG I 1606 29.55 -2.84 -101.70
CA ARG I 1606 30.61 -3.76 -102.14
C ARG I 1606 30.24 -5.22 -101.97
N GLY I 1607 29.46 -5.56 -100.95
CA GLY I 1607 29.00 -6.91 -100.73
C GLY I 1607 27.49 -6.92 -100.53
N TYR I 1608 26.83 -7.97 -101.00
CA TYR I 1608 25.39 -8.09 -100.81
C TYR I 1608 25.01 -9.56 -100.96
N THR I 1609 24.68 -10.21 -99.86
CA THR I 1609 24.23 -11.59 -99.87
C THR I 1609 22.76 -11.63 -99.52
N CYS I 1610 22.00 -12.43 -100.27
CA CYS I 1610 20.57 -12.57 -100.12
C CYS I 1610 20.22 -14.04 -100.07
N GLN I 1611 19.18 -14.38 -99.31
CA GLN I 1611 18.69 -15.74 -99.16
C GLN I 1611 17.19 -15.74 -99.40
N PHE I 1612 16.76 -16.63 -100.29
CA PHE I 1612 15.37 -16.74 -100.71
C PHE I 1612 14.70 -17.83 -99.88
N VAL I 1613 14.25 -17.45 -98.69
CA VAL I 1613 13.68 -18.43 -97.77
C VAL I 1613 12.35 -18.96 -98.30
N ASP I 1614 11.57 -18.11 -98.96
CA ASP I 1614 10.25 -18.49 -99.46
C ASP I 1614 9.98 -17.84 -100.80
N MET I 1615 9.04 -18.42 -101.53
CA MET I 1615 8.70 -17.95 -102.86
C MET I 1615 7.89 -16.65 -102.78
N VAL I 1616 7.89 -15.91 -103.89
CA VAL I 1616 7.20 -14.63 -104.00
C VAL I 1616 6.34 -14.66 -105.26
N LEU I 1617 5.05 -14.32 -105.11
CA LEU I 1617 4.11 -14.32 -106.22
C LEU I 1617 4.01 -12.93 -106.84
N PRO I 1618 3.57 -12.82 -108.10
CA PRO I 1618 3.42 -11.50 -108.71
C PRO I 1618 2.34 -10.68 -108.01
N ASN I 1619 2.50 -9.35 -108.08
CA ASN I 1619 1.55 -8.41 -107.49
C ASN I 1619 1.41 -8.65 -105.99
N THR I 1620 2.54 -8.52 -105.29
CA THR I 1620 2.58 -8.68 -103.84
C THR I 1620 3.38 -7.54 -103.24
N ALA I 1621 2.97 -7.16 -102.03
CA ALA I 1621 3.62 -6.08 -101.28
C ALA I 1621 4.66 -6.69 -100.36
N LEU I 1622 5.91 -6.28 -100.53
CA LEU I 1622 7.04 -6.80 -99.78
C LEU I 1622 7.56 -5.70 -98.86
N LYS I 1623 7.52 -5.95 -97.55
CA LYS I 1623 7.97 -4.99 -96.56
C LYS I 1623 9.36 -5.41 -96.08
N THR I 1624 10.36 -4.60 -96.40
CA THR I 1624 11.75 -4.87 -96.07
C THR I 1624 12.20 -3.93 -94.97
N SER I 1625 12.68 -4.49 -93.87
CA SER I 1625 13.20 -3.72 -92.74
C SER I 1625 14.72 -3.72 -92.80
N ILE I 1626 15.31 -2.54 -92.94
CA ILE I 1626 16.75 -2.38 -93.06
C ILE I 1626 17.29 -2.05 -91.68
N GLN I 1627 18.34 -2.75 -91.25
CA GLN I 1627 18.98 -2.50 -89.97
C GLN I 1627 20.49 -2.48 -90.20
N HIS I 1628 21.19 -1.71 -89.38
CA HIS I 1628 22.65 -1.69 -89.37
C HIS I 1628 23.10 -2.37 -88.09
N VAL I 1629 23.70 -3.55 -88.21
CA VAL I 1629 23.90 -4.46 -87.09
C VAL I 1629 25.36 -4.56 -86.68
N GLY I 1630 26.28 -4.36 -87.62
CA GLY I 1630 27.69 -4.55 -87.31
C GLY I 1630 28.58 -3.93 -88.36
N MET I 1631 29.88 -4.12 -88.18
CA MET I 1631 30.90 -3.58 -89.07
C MET I 1631 31.87 -4.68 -89.44
N ILE I 1632 32.39 -4.61 -90.67
CA ILE I 1632 33.34 -5.59 -91.19
C ILE I 1632 34.39 -4.84 -92.00
N ASN I 1633 35.60 -4.71 -91.45
CA ASN I 1633 36.71 -4.07 -92.14
C ASN I 1633 36.35 -2.66 -92.59
N GLY I 1634 35.67 -1.92 -91.71
CA GLY I 1634 35.28 -0.56 -92.01
C GLY I 1634 34.03 -0.43 -92.85
N ARG I 1635 33.35 -1.53 -93.17
CA ARG I 1635 32.12 -1.50 -93.94
C ARG I 1635 30.93 -1.79 -93.04
N LYS I 1636 29.95 -0.91 -93.08
CA LYS I 1636 28.71 -1.10 -92.34
C LYS I 1636 28.04 -2.40 -92.79
N LEU I 1637 27.68 -3.25 -91.83
CA LEU I 1637 27.00 -4.51 -92.10
C LEU I 1637 25.51 -4.29 -91.88
N ILE I 1638 24.74 -4.27 -92.96
CA ILE I 1638 23.31 -3.99 -92.93
C ILE I 1638 22.55 -5.28 -93.18
N LYS I 1639 21.69 -5.65 -92.23
CA LYS I 1639 20.76 -6.76 -92.40
C LYS I 1639 19.47 -6.27 -93.02
N PHE I 1640 18.84 -7.13 -93.81
CA PHE I 1640 17.49 -6.91 -94.31
C PHE I 1640 16.69 -8.19 -94.17
N GLU I 1641 15.40 -8.03 -93.90
CA GLU I 1641 14.47 -9.15 -93.73
C GLU I 1641 13.16 -8.71 -94.39
N THR I 1642 12.90 -9.25 -95.56
CA THR I 1642 11.67 -8.94 -96.29
C THR I 1642 10.55 -9.88 -95.87
N ARG I 1643 9.34 -9.33 -95.79
CA ARG I 1643 8.16 -10.10 -95.42
C ARG I 1643 7.05 -9.80 -96.42
N ASN I 1644 6.25 -10.82 -96.73
CA ASN I 1644 5.16 -10.67 -97.69
C ASN I 1644 3.96 -10.04 -96.98
N GLU I 1645 2.81 -10.01 -97.67
CA GLU I 1645 1.60 -9.45 -97.08
C GLU I 1645 1.13 -10.26 -95.88
N ASP I 1646 1.44 -11.56 -95.85
CA ASP I 1646 1.03 -12.44 -94.77
C ASP I 1646 1.99 -12.43 -93.59
N ASP I 1647 2.89 -11.44 -93.52
CA ASP I 1647 3.84 -11.34 -92.42
C ASP I 1647 4.75 -12.56 -92.37
N VAL I 1648 5.06 -13.11 -93.54
CA VAL I 1648 5.90 -14.30 -93.68
C VAL I 1648 7.20 -13.86 -94.36
N VAL I 1649 8.33 -14.21 -93.75
CA VAL I 1649 9.62 -13.82 -94.29
C VAL I 1649 9.83 -14.54 -95.62
N VAL I 1650 10.12 -13.76 -96.66
CA VAL I 1650 10.38 -14.30 -98.00
C VAL I 1650 11.78 -14.00 -98.50
N LEU I 1651 12.56 -13.20 -97.78
CA LEU I 1651 13.90 -12.84 -98.19
C LEU I 1651 14.67 -12.40 -96.95
N THR I 1652 15.96 -12.69 -96.91
CA THR I 1652 16.75 -12.21 -95.77
C THR I 1652 18.22 -12.26 -96.14
N GLY I 1653 18.97 -11.27 -95.69
CA GLY I 1653 20.38 -11.27 -96.01
C GLY I 1653 21.13 -10.09 -95.42
N GLU I 1654 22.38 -9.97 -95.87
CA GLU I 1654 23.34 -8.98 -95.39
C GLU I 1654 23.82 -8.14 -96.56
N ALA I 1655 24.38 -6.98 -96.24
CA ALA I 1655 25.00 -6.10 -97.21
C ALA I 1655 26.16 -5.40 -96.52
N GLU I 1656 27.18 -5.02 -97.30
CA GLU I 1656 28.37 -4.37 -96.79
C GLU I 1656 28.50 -3.02 -97.49
N ILE I 1657 28.12 -1.96 -96.79
CA ILE I 1657 28.09 -0.61 -97.33
C ILE I 1657 29.33 0.13 -96.85
N GLU I 1658 30.15 0.60 -97.77
CA GLU I 1658 31.31 1.37 -97.38
C GLU I 1658 30.87 2.62 -96.63
N GLN I 1659 31.67 3.01 -95.64
CA GLN I 1659 31.41 4.25 -94.95
C GLN I 1659 31.72 5.42 -95.87
N PRO I 1660 31.20 6.61 -95.58
CA PRO I 1660 31.59 7.79 -96.37
C PRO I 1660 33.10 7.99 -96.34
N VAL I 1661 33.58 8.82 -97.26
CA VAL I 1661 35.01 9.07 -97.36
C VAL I 1661 35.52 9.56 -96.02
N THR I 1662 36.44 8.81 -95.43
CA THR I 1662 36.89 9.03 -94.05
C THR I 1662 38.35 9.47 -94.04
N THR I 1663 38.65 10.43 -93.17
CA THR I 1663 40.01 10.81 -92.87
C THR I 1663 40.21 10.72 -91.37
N PHE I 1664 41.41 10.32 -90.97
CA PHE I 1664 41.80 10.24 -89.57
C PHE I 1664 42.89 11.25 -89.31
N VAL I 1665 42.57 12.32 -88.59
CA VAL I 1665 43.52 13.38 -88.25
C VAL I 1665 43.94 13.18 -86.79
N PHE I 1666 45.24 13.07 -86.56
CA PHE I 1666 45.78 12.75 -85.25
C PHE I 1666 46.38 13.99 -84.61
N THR I 1667 45.87 14.34 -83.42
CA THR I 1667 46.29 15.55 -82.73
C THR I 1667 47.73 15.47 -82.28
N GLY I 1668 48.37 16.64 -82.18
CA GLY I 1668 49.71 16.75 -81.63
C GLY I 1668 49.79 17.72 -80.47
N GLN I 1669 48.85 18.67 -80.41
CA GLN I 1669 48.84 19.73 -79.40
C GLN I 1669 47.57 19.65 -78.57
N GLY I 1670 47.20 18.44 -78.15
CA GLY I 1670 46.05 18.27 -77.28
C GLY I 1670 46.36 18.61 -75.84
N SER I 1671 45.34 18.48 -75.00
CA SER I 1671 45.48 18.77 -73.59
C SER I 1671 46.20 17.64 -72.88
N GLN I 1672 47.13 17.99 -71.99
CA GLN I 1672 47.83 17.01 -71.16
C GLN I 1672 47.12 16.83 -69.82
N GLU I 1673 45.82 16.57 -69.87
CA GLU I 1673 45.04 16.39 -68.65
C GLU I 1673 45.27 14.99 -68.08
N GLN I 1674 45.11 14.88 -66.76
CA GLN I 1674 45.25 13.60 -66.09
C GLN I 1674 44.16 12.63 -66.54
N GLY I 1675 44.50 11.35 -66.53
CA GLY I 1675 43.57 10.32 -66.97
C GLY I 1675 43.25 10.37 -68.44
N MET I 1676 44.25 10.57 -69.28
CA MET I 1676 44.05 10.65 -70.73
C MET I 1676 43.94 9.24 -71.29
N GLY I 1677 42.81 8.93 -71.92
CA GLY I 1677 42.57 7.62 -72.48
C GLY I 1677 42.31 6.54 -71.46
N MET I 1678 42.13 6.89 -70.20
CA MET I 1678 41.98 5.86 -69.16
C MET I 1678 40.64 5.15 -69.26
N ASP I 1679 39.58 5.84 -69.67
CA ASP I 1679 38.30 5.16 -69.85
C ASP I 1679 38.42 4.07 -70.91
N LEU I 1680 39.07 4.38 -72.03
CA LEU I 1680 39.30 3.37 -73.04
C LEU I 1680 40.22 2.28 -72.53
N TYR I 1681 41.19 2.64 -71.67
CA TYR I 1681 42.05 1.62 -71.10
C TYR I 1681 41.24 0.65 -70.24
N LYS I 1682 40.26 1.15 -69.49
CA LYS I 1682 39.43 0.27 -68.69
C LYS I 1682 38.55 -0.61 -69.57
N THR I 1683 37.88 -0.03 -70.56
CA THR I 1683 36.92 -0.81 -71.34
C THR I 1683 37.56 -1.63 -72.46
N SER I 1684 38.18 -0.97 -73.44
CA SER I 1684 38.61 -1.64 -74.66
C SER I 1684 39.78 -2.58 -74.39
N LYS I 1685 39.70 -3.80 -74.94
CA LYS I 1685 40.77 -4.77 -74.76
C LYS I 1685 41.99 -4.42 -75.59
N ALA I 1686 41.79 -3.89 -76.79
CA ALA I 1686 42.91 -3.47 -77.63
C ALA I 1686 43.68 -2.32 -76.97
N ALA I 1687 42.96 -1.38 -76.36
CA ALA I 1687 43.62 -0.30 -75.63
C ALA I 1687 44.40 -0.84 -74.44
N GLN I 1688 43.83 -1.82 -73.74
CA GLN I 1688 44.58 -2.49 -72.67
C GLN I 1688 45.88 -3.07 -73.20
N ASP I 1689 45.80 -3.81 -74.31
CA ASP I 1689 46.99 -4.45 -74.85
C ASP I 1689 48.04 -3.43 -75.23
N VAL I 1690 47.64 -2.35 -75.90
CA VAL I 1690 48.61 -1.38 -76.40
C VAL I 1690 49.24 -0.61 -75.24
N TRP I 1691 48.43 -0.20 -74.27
CA TRP I 1691 48.95 0.51 -73.12
C TRP I 1691 49.87 -0.39 -72.30
N ASN I 1692 49.51 -1.66 -72.14
CA ASN I 1692 50.36 -2.58 -71.40
C ASN I 1692 51.69 -2.80 -72.11
N ARG I 1693 51.67 -2.93 -73.44
CA ARG I 1693 52.91 -3.10 -74.17
C ARG I 1693 53.80 -1.87 -74.00
N ALA I 1694 53.23 -0.69 -74.12
CA ALA I 1694 54.01 0.54 -73.93
C ALA I 1694 54.58 0.62 -72.52
N ASP I 1695 53.76 0.32 -71.51
CA ASP I 1695 54.21 0.41 -70.13
C ASP I 1695 55.30 -0.61 -69.85
N ASN I 1696 55.16 -1.83 -70.36
CA ASN I 1696 56.18 -2.84 -70.16
C ASN I 1696 57.50 -2.42 -70.81
N HIS I 1697 57.44 -1.88 -72.03
CA HIS I 1697 58.66 -1.45 -72.67
C HIS I 1697 59.32 -0.30 -71.90
N PHE I 1698 58.50 0.65 -71.43
CA PHE I 1698 59.05 1.77 -70.68
C PHE I 1698 59.68 1.30 -69.37
N LYS I 1699 59.03 0.37 -68.68
CA LYS I 1699 59.60 -0.17 -67.45
C LYS I 1699 60.92 -0.88 -67.72
N ASP I 1700 60.96 -1.69 -68.78
CA ASP I 1700 62.18 -2.43 -69.08
C ASP I 1700 63.32 -1.49 -69.46
N THR I 1701 63.04 -0.47 -70.28
CA THR I 1701 64.09 0.36 -70.84
C THR I 1701 64.52 1.47 -69.88
N TYR I 1702 63.56 2.26 -69.39
CA TYR I 1702 63.85 3.42 -68.57
C TYR I 1702 63.30 3.34 -67.15
N GLY I 1703 62.62 2.24 -66.80
CA GLY I 1703 62.23 2.03 -65.42
C GLY I 1703 61.15 2.96 -64.90
N PHE I 1704 60.27 3.44 -65.77
CA PHE I 1704 59.10 4.20 -65.34
C PHE I 1704 57.86 3.71 -66.08
N SER I 1705 56.71 3.97 -65.47
CA SER I 1705 55.43 3.52 -66.00
C SER I 1705 54.69 4.71 -66.60
N ILE I 1706 54.53 4.71 -67.92
CA ILE I 1706 53.76 5.77 -68.56
C ILE I 1706 52.31 5.70 -68.12
N LEU I 1707 51.79 4.50 -67.87
CA LEU I 1707 50.45 4.38 -67.33
C LEU I 1707 50.35 5.06 -65.97
N ASP I 1708 51.34 4.83 -65.10
CA ASP I 1708 51.33 5.47 -63.80
C ASP I 1708 51.41 6.99 -63.93
N ILE I 1709 52.26 7.47 -64.85
CA ILE I 1709 52.38 8.91 -65.05
C ILE I 1709 51.06 9.50 -65.52
N VAL I 1710 50.39 8.83 -66.46
CA VAL I 1710 49.11 9.35 -66.94
C VAL I 1710 48.07 9.32 -65.83
N ILE I 1711 48.05 8.24 -65.04
CA ILE I 1711 47.00 8.10 -64.02
C ILE I 1711 47.16 9.14 -62.92
N ASN I 1712 48.38 9.27 -62.39
CA ASN I 1712 48.61 10.06 -61.17
C ASN I 1712 49.16 11.44 -61.45
N ASN I 1713 49.98 11.60 -62.49
CA ASN I 1713 50.62 12.86 -62.83
C ASN I 1713 51.47 13.35 -61.66
N PRO I 1714 52.48 12.59 -61.26
CA PRO I 1714 53.33 13.04 -60.15
C PRO I 1714 54.14 14.27 -60.54
N VAL I 1715 54.38 15.13 -59.55
CA VAL I 1715 55.19 16.32 -59.78
C VAL I 1715 56.63 15.91 -60.08
N ASN I 1716 57.15 14.93 -59.33
CA ASN I 1716 58.50 14.43 -59.51
C ASN I 1716 58.47 12.91 -59.58
N LEU I 1717 59.43 12.35 -60.30
CA LEU I 1717 59.55 10.91 -60.47
C LEU I 1717 61.03 10.54 -60.43
N THR I 1718 61.40 9.71 -59.46
CA THR I 1718 62.78 9.30 -59.26
C THR I 1718 62.97 7.89 -59.79
N ILE I 1719 63.95 7.73 -60.68
CA ILE I 1719 64.36 6.44 -61.22
C ILE I 1719 65.63 6.05 -60.49
N HIS I 1720 65.68 4.82 -59.99
CA HIS I 1720 66.79 4.34 -59.19
C HIS I 1720 67.54 3.26 -59.96
N PHE I 1721 68.87 3.25 -59.80
CA PHE I 1721 69.76 2.40 -60.58
C PHE I 1721 70.46 1.36 -59.71
N GLY I 1722 69.73 0.75 -58.79
CA GLY I 1722 70.28 -0.30 -57.95
C GLY I 1722 69.99 -1.69 -58.51
N GLY I 1723 70.97 -2.57 -58.36
CA GLY I 1723 70.84 -3.93 -58.85
C GLY I 1723 71.13 -4.02 -60.34
N GLU I 1724 71.02 -5.25 -60.86
CA GLU I 1724 71.29 -5.49 -62.27
C GLU I 1724 70.30 -4.74 -63.15
N LYS I 1725 69.01 -4.80 -62.81
CA LYS I 1725 68.01 -4.07 -63.58
C LYS I 1725 68.25 -2.57 -63.52
N GLY I 1726 68.61 -2.06 -62.36
CA GLY I 1726 68.92 -0.65 -62.24
C GLY I 1726 70.11 -0.23 -63.07
N LYS I 1727 71.15 -1.06 -63.09
CA LYS I 1727 72.31 -0.77 -63.93
C LYS I 1727 71.94 -0.79 -65.41
N ARG I 1728 71.10 -1.75 -65.82
CA ARG I 1728 70.67 -1.79 -67.20
C ARG I 1728 69.88 -0.54 -67.58
N ILE I 1729 68.98 -0.11 -66.68
CA ILE I 1729 68.22 1.11 -66.95
C ILE I 1729 69.15 2.32 -67.01
N ARG I 1730 70.16 2.35 -66.14
CA ARG I 1730 71.10 3.48 -66.14
C ARG I 1730 71.88 3.53 -67.45
N GLU I 1731 72.32 2.37 -67.94
CA GLU I 1731 73.02 2.36 -69.21
C GLU I 1731 72.10 2.75 -70.36
N ASN I 1732 70.82 2.37 -70.28
CA ASN I 1732 69.85 2.83 -71.27
C ASN I 1732 69.72 4.34 -71.24
N TYR I 1733 69.68 4.92 -70.04
CA TYR I 1733 69.59 6.36 -69.89
C TYR I 1733 70.82 7.06 -70.47
N SER I 1734 72.00 6.48 -70.23
CA SER I 1734 73.24 7.08 -70.71
C SER I 1734 73.41 6.92 -72.21
N ALA I 1735 72.85 5.87 -72.81
CA ALA I 1735 73.09 5.59 -74.22
C ALA I 1735 72.54 6.70 -75.11
N MET I 1736 71.34 7.16 -74.82
CA MET I 1736 70.66 8.08 -75.74
C MET I 1736 71.37 9.43 -75.76
N ILE I 1737 71.59 9.95 -76.97
CA ILE I 1737 72.38 11.16 -77.18
C ILE I 1737 71.78 11.94 -78.34
N PHE I 1738 71.72 13.25 -78.18
CA PHE I 1738 71.25 14.14 -79.22
C PHE I 1738 72.43 14.59 -80.06
N GLU I 1739 72.48 14.16 -81.31
CA GLU I 1739 73.57 14.47 -82.22
C GLU I 1739 73.18 15.61 -83.14
N THR I 1740 74.14 16.49 -83.41
CA THR I 1740 73.93 17.69 -84.20
C THR I 1740 75.06 17.82 -85.20
N ILE I 1741 74.79 18.47 -86.33
CA ILE I 1741 75.74 18.63 -87.41
C ILE I 1741 76.11 20.11 -87.47
N VAL I 1742 77.32 20.44 -87.01
CA VAL I 1742 77.83 21.81 -87.04
C VAL I 1742 79.14 21.83 -87.81
N ASP I 1743 79.21 22.65 -88.86
CA ASP I 1743 80.39 22.74 -89.72
C ASP I 1743 80.73 21.36 -90.31
N GLY I 1744 79.69 20.59 -90.61
CA GLY I 1744 79.91 19.24 -91.10
C GLY I 1744 80.61 18.33 -90.11
N LYS I 1745 80.41 18.57 -88.81
CA LYS I 1745 80.98 17.76 -87.76
C LYS I 1745 79.86 17.27 -86.85
N LEU I 1746 79.96 16.00 -86.46
CA LEU I 1746 78.92 15.32 -85.70
C LEU I 1746 79.16 15.52 -84.21
N LYS I 1747 78.69 16.66 -83.70
CA LYS I 1747 78.82 16.91 -82.27
C LYS I 1747 77.74 16.15 -81.51
N THR I 1748 78.13 15.60 -80.36
CA THR I 1748 77.25 14.80 -79.52
C THR I 1748 76.93 15.58 -78.27
N GLU I 1749 75.64 15.60 -77.89
CA GLU I 1749 75.18 16.22 -76.66
C GLU I 1749 74.46 15.15 -75.86
N LYS I 1750 75.01 14.81 -74.71
CA LYS I 1750 74.47 13.74 -73.89
C LYS I 1750 73.24 14.24 -73.15
N ILE I 1751 72.11 13.58 -73.38
CA ILE I 1751 70.93 13.84 -72.58
C ILE I 1751 71.14 13.25 -71.19
N PHE I 1752 70.48 13.83 -70.19
CA PHE I 1752 70.69 13.45 -68.79
C PHE I 1752 72.14 13.69 -68.37
N LYS I 1753 72.51 14.97 -68.30
CA LYS I 1753 73.84 15.34 -67.81
C LYS I 1753 74.16 14.67 -66.48
N GLU I 1754 73.18 14.65 -65.57
CA GLU I 1754 73.39 14.12 -64.23
C GLU I 1754 73.16 12.61 -64.18
N ILE I 1755 73.79 11.88 -65.09
CA ILE I 1755 73.79 10.42 -65.07
C ILE I 1755 75.16 9.95 -65.55
N ASN I 1756 75.74 9.02 -64.80
CA ASN I 1756 77.06 8.50 -65.10
C ASN I 1756 77.19 7.14 -64.42
N GLU I 1757 78.37 6.55 -64.54
CA GLU I 1757 78.58 5.20 -63.99
C GLU I 1757 78.38 5.18 -62.48
N HIS I 1758 78.69 6.29 -61.80
CA HIS I 1758 78.53 6.38 -60.36
C HIS I 1758 77.17 6.92 -59.94
N SER I 1759 76.30 7.28 -60.87
CA SER I 1759 75.01 7.83 -60.52
C SER I 1759 74.08 6.72 -60.02
N THR I 1760 73.44 6.98 -58.88
CA THR I 1760 72.53 6.02 -58.27
C THR I 1760 71.06 6.29 -58.57
N SER I 1761 70.72 7.50 -59.02
CA SER I 1761 69.34 7.79 -59.37
C SER I 1761 69.28 9.05 -60.22
N TYR I 1762 68.13 9.24 -60.88
CA TYR I 1762 67.84 10.44 -61.65
C TYR I 1762 66.39 10.83 -61.41
N THR I 1763 66.16 12.11 -61.14
CA THR I 1763 64.83 12.62 -60.83
C THR I 1763 64.35 13.52 -61.97
N PHE I 1764 63.17 13.24 -62.48
CA PHE I 1764 62.51 14.13 -63.43
C PHE I 1764 61.86 15.29 -62.68
N ARG I 1765 62.20 16.51 -63.09
CA ARG I 1765 61.76 17.72 -62.42
C ARG I 1765 60.69 18.39 -63.26
N SER I 1766 59.60 18.81 -62.61
CA SER I 1766 58.53 19.55 -63.29
C SER I 1766 57.97 20.58 -62.33
N GLU I 1767 57.35 21.61 -62.91
CA GLU I 1767 56.78 22.69 -62.11
C GLU I 1767 55.46 22.27 -61.49
N LYS I 1768 54.48 21.91 -62.32
CA LYS I 1768 53.15 21.53 -61.89
C LYS I 1768 52.93 20.02 -61.93
N GLY I 1769 53.33 19.37 -63.01
CA GLY I 1769 53.20 17.93 -63.12
C GLY I 1769 54.05 17.41 -64.26
N LEU I 1770 54.40 16.13 -64.15
CA LEU I 1770 55.23 15.51 -65.19
C LEU I 1770 54.43 15.23 -66.45
N LEU I 1771 53.11 15.04 -66.33
CA LEU I 1771 52.30 14.80 -67.50
C LEU I 1771 52.26 16.02 -68.42
N SER I 1772 52.55 17.21 -67.87
CA SER I 1772 52.64 18.41 -68.70
C SER I 1772 53.96 18.49 -69.45
N ALA I 1773 54.99 17.77 -69.01
CA ALA I 1773 56.27 17.81 -69.69
C ALA I 1773 56.20 17.11 -71.04
N THR I 1774 56.87 17.71 -72.03
CA THR I 1774 56.84 17.14 -73.38
C THR I 1774 57.41 15.73 -73.40
N GLN I 1775 58.37 15.44 -72.50
CA GLN I 1775 58.98 14.12 -72.45
C GLN I 1775 57.94 13.03 -72.20
N PHE I 1776 56.97 13.32 -71.32
CA PHE I 1776 55.92 12.37 -70.99
C PHE I 1776 54.58 12.71 -71.63
N THR I 1777 54.34 13.99 -71.96
CA THR I 1777 53.10 14.35 -72.63
C THR I 1777 53.01 13.69 -74.00
N GLN I 1778 54.08 13.75 -74.78
CA GLN I 1778 54.03 13.24 -76.15
C GLN I 1778 53.87 11.72 -76.19
N PRO I 1779 54.62 10.92 -75.43
CA PRO I 1779 54.30 9.49 -75.38
C PRO I 1779 52.88 9.21 -74.95
N ALA I 1780 52.36 9.95 -73.97
CA ALA I 1780 50.99 9.71 -73.51
C ALA I 1780 49.98 10.02 -74.61
N LEU I 1781 50.18 11.14 -75.32
CA LEU I 1781 49.28 11.49 -76.41
C LEU I 1781 49.33 10.45 -77.52
N THR I 1782 50.55 10.04 -77.91
CA THR I 1782 50.68 9.04 -78.96
C THR I 1782 50.03 7.72 -78.56
N LEU I 1783 50.22 7.31 -77.30
CA LEU I 1783 49.66 6.05 -76.85
C LEU I 1783 48.14 6.11 -76.78
N MET I 1784 47.58 7.23 -76.31
CA MET I 1784 46.13 7.33 -76.25
C MET I 1784 45.53 7.33 -77.65
N GLU I 1785 46.19 8.00 -78.60
CA GLU I 1785 45.66 8.03 -79.96
C GLU I 1785 45.76 6.66 -80.61
N LYS I 1786 46.89 5.97 -80.44
CA LYS I 1786 47.05 4.64 -81.00
C LYS I 1786 46.07 3.67 -80.35
N ALA I 1787 45.79 3.84 -79.05
CA ALA I 1787 44.82 2.99 -78.38
C ALA I 1787 43.41 3.22 -78.91
N ALA I 1788 43.04 4.50 -79.10
CA ALA I 1788 41.75 4.80 -79.70
C ALA I 1788 41.63 4.17 -81.08
N PHE I 1789 42.67 4.29 -81.89
CA PHE I 1789 42.60 3.71 -83.23
C PHE I 1789 42.55 2.19 -83.19
N GLU I 1790 43.29 1.56 -82.27
CA GLU I 1790 43.25 0.11 -82.18
C GLU I 1790 41.89 -0.38 -81.70
N ASP I 1791 41.25 0.35 -80.80
CA ASP I 1791 39.88 0.01 -80.42
C ASP I 1791 38.94 0.16 -81.61
N LEU I 1792 39.10 1.23 -82.39
CA LEU I 1792 38.27 1.39 -83.58
C LEU I 1792 38.49 0.25 -84.56
N LYS I 1793 39.74 -0.16 -84.76
CA LYS I 1793 40.04 -1.25 -85.68
C LYS I 1793 39.46 -2.57 -85.17
N SER I 1794 39.55 -2.82 -83.87
CA SER I 1794 38.94 -4.02 -83.31
C SER I 1794 37.43 -4.00 -83.50
N LYS I 1795 36.81 -2.82 -83.40
CA LYS I 1795 35.38 -2.68 -83.68
C LYS I 1795 35.08 -2.68 -85.17
N GLY I 1796 36.09 -2.63 -86.03
CA GLY I 1796 35.86 -2.68 -87.46
C GLY I 1796 35.41 -1.37 -88.07
N LEU I 1797 35.81 -0.24 -87.47
CA LEU I 1797 35.35 1.08 -87.88
C LEU I 1797 36.39 1.82 -88.73
N ILE I 1798 37.32 1.11 -89.34
CA ILE I 1798 38.39 1.72 -90.12
C ILE I 1798 38.20 1.36 -91.59
N PRO I 1799 37.75 2.27 -92.46
CA PRO I 1799 37.68 1.94 -93.89
C PRO I 1799 39.05 1.64 -94.45
N ALA I 1800 39.09 0.68 -95.38
CA ALA I 1800 40.36 0.29 -95.99
C ALA I 1800 40.97 1.45 -96.77
N ASP I 1801 40.13 2.22 -97.47
CA ASP I 1801 40.60 3.33 -98.28
C ASP I 1801 40.64 4.66 -97.52
N ALA I 1802 40.37 4.65 -96.21
CA ALA I 1802 40.38 5.89 -95.45
C ALA I 1802 41.77 6.51 -95.46
N THR I 1803 41.79 7.83 -95.52
CA THR I 1803 43.05 8.57 -95.53
C THR I 1803 43.39 9.00 -94.11
N PHE I 1804 44.60 9.53 -93.93
CA PHE I 1804 45.00 9.93 -92.59
C PHE I 1804 46.11 10.97 -92.64
N ALA I 1805 46.11 11.83 -91.63
CA ALA I 1805 47.12 12.85 -91.45
C ALA I 1805 47.34 13.04 -89.96
N GLY I 1806 48.42 13.74 -89.62
CA GLY I 1806 48.72 13.99 -88.23
C GLY I 1806 49.52 15.24 -88.00
N HIS I 1807 49.16 15.97 -86.94
CA HIS I 1807 49.82 17.22 -86.59
C HIS I 1807 50.92 16.94 -85.59
N SER I 1808 52.14 17.38 -85.89
CA SER I 1808 53.31 17.20 -85.01
C SER I 1808 53.52 15.70 -84.83
N LEU I 1809 53.60 15.19 -83.60
CA LEU I 1809 53.78 13.76 -83.39
C LEU I 1809 52.49 12.99 -83.62
N GLY I 1810 51.38 13.69 -83.84
CA GLY I 1810 50.20 13.03 -84.34
C GLY I 1810 50.48 12.31 -85.65
N GLU I 1811 51.40 12.84 -86.45
CA GLU I 1811 51.81 12.14 -87.67
C GLU I 1811 52.45 10.81 -87.34
N TYR I 1812 53.30 10.78 -86.32
CA TYR I 1812 53.94 9.54 -85.91
C TYR I 1812 52.90 8.54 -85.43
N ALA I 1813 51.94 9.02 -84.64
CA ALA I 1813 50.84 8.17 -84.20
C ALA I 1813 50.06 7.64 -85.39
N ALA I 1814 49.83 8.48 -86.39
CA ALA I 1814 49.09 8.06 -87.58
C ALA I 1814 49.83 6.98 -88.34
N LEU I 1815 51.14 7.13 -88.51
CA LEU I 1815 51.92 6.10 -89.18
C LEU I 1815 51.88 4.79 -88.41
N ALA I 1816 52.06 4.85 -87.09
CA ALA I 1816 51.98 3.62 -86.31
C ALA I 1816 50.58 3.03 -86.27
N SER I 1817 49.55 3.83 -86.55
CA SER I 1817 48.16 3.39 -86.45
C SER I 1817 47.64 2.81 -87.76
N LEU I 1818 47.63 3.62 -88.83
CA LEU I 1818 47.05 3.18 -90.10
C LEU I 1818 48.00 2.30 -90.89
N ALA I 1819 49.27 2.70 -90.97
CA ALA I 1819 50.25 1.97 -91.77
C ALA I 1819 51.01 0.91 -90.99
N ASP I 1820 51.10 1.05 -89.66
CA ASP I 1820 51.86 0.12 -88.82
C ASP I 1820 53.30 -0.02 -89.30
N VAL I 1821 53.91 1.12 -89.64
CA VAL I 1821 55.28 1.12 -90.13
C VAL I 1821 56.24 0.67 -89.04
N MET I 1822 55.88 0.89 -87.78
CA MET I 1822 56.68 0.44 -86.64
C MET I 1822 55.75 0.00 -85.52
N SER I 1823 56.29 -0.84 -84.63
CA SER I 1823 55.52 -1.39 -83.54
C SER I 1823 55.40 -0.37 -82.41
N ILE I 1824 54.70 -0.76 -81.35
CA ILE I 1824 54.57 0.11 -80.18
C ILE I 1824 55.93 0.31 -79.53
N GLU I 1825 56.73 -0.75 -79.44
CA GLU I 1825 58.02 -0.64 -78.77
C GLU I 1825 58.90 0.40 -79.45
N SER I 1826 58.86 0.46 -80.79
CA SER I 1826 59.60 1.47 -81.52
C SER I 1826 58.92 2.83 -81.45
N LEU I 1827 57.59 2.86 -81.45
CA LEU I 1827 56.88 4.13 -81.43
C LEU I 1827 57.15 4.90 -80.15
N VAL I 1828 57.07 4.23 -79.00
CA VAL I 1828 57.36 4.91 -77.74
C VAL I 1828 58.83 5.31 -77.66
N GLU I 1829 59.73 4.49 -78.20
CA GLU I 1829 61.14 4.90 -78.23
C GLU I 1829 61.34 6.19 -79.01
N VAL I 1830 60.76 6.25 -80.21
CA VAL I 1830 60.94 7.44 -81.04
C VAL I 1830 60.30 8.66 -80.37
N VAL I 1831 59.09 8.51 -79.86
CA VAL I 1831 58.38 9.65 -79.27
C VAL I 1831 59.09 10.11 -78.01
N PHE I 1832 59.53 9.18 -77.16
CA PHE I 1832 60.24 9.54 -75.93
C PHE I 1832 61.56 10.21 -76.25
N TYR I 1833 62.30 9.71 -77.25
CA TYR I 1833 63.54 10.35 -77.63
C TYR I 1833 63.29 11.75 -78.17
N ARG I 1834 62.23 11.93 -78.96
CA ARG I 1834 61.91 13.26 -79.46
C ARG I 1834 61.58 14.21 -78.31
N GLY I 1835 60.83 13.74 -77.33
CA GLY I 1835 60.52 14.57 -76.18
C GLY I 1835 61.75 14.92 -75.36
N MET I 1836 62.67 13.95 -75.19
CA MET I 1836 63.90 14.22 -74.46
C MET I 1836 64.82 15.17 -75.21
N THR I 1837 64.85 15.10 -76.54
CA THR I 1837 65.74 15.96 -77.29
C THR I 1837 65.37 17.43 -77.13
N MET I 1838 64.12 17.71 -76.73
CA MET I 1838 63.70 19.09 -76.51
C MET I 1838 64.34 19.67 -75.26
N GLN I 1839 64.83 18.82 -74.35
CA GLN I 1839 65.49 19.32 -73.14
C GLN I 1839 66.88 19.85 -73.45
N VAL I 1840 67.52 19.33 -74.49
CA VAL I 1840 68.89 19.71 -74.85
C VAL I 1840 68.99 20.42 -76.18
N ALA I 1841 67.89 20.59 -76.92
CA ALA I 1841 67.97 21.19 -78.24
C ALA I 1841 68.21 22.69 -78.18
N VAL I 1842 67.91 23.33 -77.06
CA VAL I 1842 68.09 24.77 -76.88
C VAL I 1842 68.93 25.01 -75.63
N PRO I 1843 69.75 26.05 -75.56
CA PRO I 1843 70.40 26.38 -74.30
C PRO I 1843 69.37 26.80 -73.25
N ARG I 1844 69.65 26.42 -72.01
CA ARG I 1844 68.77 26.73 -70.89
C ARG I 1844 69.61 27.18 -69.71
N ASP I 1845 69.03 28.07 -68.90
CA ASP I 1845 69.70 28.54 -67.70
C ASP I 1845 69.67 27.46 -66.63
N GLU I 1846 70.18 27.80 -65.44
CA GLU I 1846 70.20 26.83 -64.35
C GLU I 1846 68.79 26.45 -63.91
N LEU I 1847 67.82 27.34 -64.07
CA LEU I 1847 66.45 27.07 -63.67
C LEU I 1847 65.64 26.36 -64.76
N GLY I 1848 66.23 26.09 -65.92
CA GLY I 1848 65.59 25.31 -66.96
C GLY I 1848 64.72 26.09 -67.92
N ARG I 1849 64.55 27.39 -67.71
CA ARG I 1849 63.73 28.20 -68.60
C ARG I 1849 64.55 28.61 -69.83
N SER I 1850 64.00 28.37 -71.01
CA SER I 1850 64.70 28.60 -72.26
C SER I 1850 64.32 29.95 -72.85
N ASN I 1851 65.16 30.43 -73.77
CA ASN I 1851 64.96 31.72 -74.40
C ASN I 1851 63.99 31.65 -75.59
N TYR I 1852 63.73 30.45 -76.11
CA TYR I 1852 62.87 30.30 -77.27
C TYR I 1852 61.42 30.04 -76.85
N GLY I 1853 60.53 30.01 -77.84
CA GLY I 1853 59.13 29.78 -77.56
C GLY I 1853 58.30 29.91 -78.82
N MET I 1854 56.97 29.84 -78.61
CA MET I 1854 55.99 29.91 -79.68
C MET I 1854 54.80 30.76 -79.26
N ILE I 1855 54.26 31.49 -80.25
CA ILE I 1855 53.01 32.22 -80.10
C ILE I 1855 52.07 31.79 -81.22
N ALA I 1856 50.78 32.00 -80.99
CA ALA I 1856 49.73 31.72 -81.96
C ALA I 1856 49.13 33.03 -82.42
N ILE I 1857 49.28 33.33 -83.70
CA ILE I 1857 48.81 34.59 -84.31
C ILE I 1857 47.44 34.36 -84.91
N ASN I 1858 46.59 35.39 -84.82
CA ASN I 1858 45.24 35.40 -85.39
C ASN I 1858 45.11 36.63 -86.28
N PRO I 1859 45.44 36.53 -87.57
CA PRO I 1859 45.34 37.72 -88.44
C PRO I 1859 43.95 38.32 -88.49
N GLY I 1860 42.90 37.51 -88.34
CA GLY I 1860 41.55 38.06 -88.35
C GLY I 1860 41.33 39.05 -87.22
N ARG I 1861 41.90 38.78 -86.05
CA ARG I 1861 41.79 39.72 -84.95
C ARG I 1861 42.54 41.01 -85.24
N VAL I 1862 43.70 40.90 -85.87
CA VAL I 1862 44.49 42.10 -86.17
C VAL I 1862 43.74 42.98 -87.17
N ALA I 1863 43.22 42.37 -88.24
CA ALA I 1863 42.47 43.12 -89.23
C ALA I 1863 41.66 42.15 -90.08
N ALA I 1864 40.61 42.67 -90.71
CA ALA I 1864 39.76 41.88 -91.56
C ALA I 1864 40.39 41.55 -92.91
N SER I 1865 41.41 42.31 -93.34
CA SER I 1865 42.06 42.10 -94.62
C SER I 1865 43.54 41.75 -94.44
N PHE I 1866 43.87 41.11 -93.33
CA PHE I 1866 45.25 40.67 -93.06
C PHE I 1866 45.40 39.25 -93.61
N SER I 1867 46.15 39.13 -94.69
CA SER I 1867 46.30 37.85 -95.38
C SER I 1867 47.51 37.08 -94.83
N GLN I 1868 47.55 35.79 -95.16
CA GLN I 1868 48.70 34.98 -94.77
C GLN I 1868 49.96 35.51 -95.41
N GLU I 1869 49.86 36.01 -96.65
CA GLU I 1869 51.01 36.62 -97.30
C GLU I 1869 51.51 37.83 -96.53
N ALA I 1870 50.57 38.65 -96.04
CA ALA I 1870 50.97 39.83 -95.26
C ALA I 1870 51.62 39.44 -93.95
N LEU I 1871 51.05 38.45 -93.25
CA LEU I 1871 51.66 38.00 -92.00
C LEU I 1871 53.03 37.39 -92.24
N GLN I 1872 53.19 36.64 -93.33
CA GLN I 1872 54.49 36.08 -93.68
C GLN I 1872 55.48 37.18 -93.99
N TYR I 1873 55.04 38.22 -94.72
CA TYR I 1873 55.91 39.36 -94.99
C TYR I 1873 56.38 39.99 -93.69
N VAL I 1874 55.44 40.22 -92.76
CA VAL I 1874 55.81 40.81 -91.48
C VAL I 1874 56.81 39.92 -90.74
N VAL I 1875 56.57 38.61 -90.74
CA VAL I 1875 57.43 37.70 -90.00
C VAL I 1875 58.84 37.70 -90.60
N GLU I 1876 58.94 37.56 -91.91
CA GLU I 1876 60.26 37.52 -92.56
C GLU I 1876 61.00 38.84 -92.37
N ARG I 1877 60.31 39.97 -92.53
CA ARG I 1877 60.98 41.26 -92.38
C ARG I 1877 61.42 41.48 -90.94
N VAL I 1878 60.58 41.09 -89.97
CA VAL I 1878 60.97 41.20 -88.57
C VAL I 1878 62.23 40.37 -88.32
N GLY I 1879 62.23 39.12 -88.75
CA GLY I 1879 63.38 38.26 -88.52
C GLY I 1879 64.65 38.79 -89.16
N LYS I 1880 64.56 39.23 -90.42
CA LYS I 1880 65.75 39.68 -91.12
C LYS I 1880 66.26 41.00 -90.56
N ARG I 1881 65.37 41.95 -90.29
CA ARG I 1881 65.79 43.24 -89.77
C ARG I 1881 66.38 43.09 -88.37
N THR I 1882 65.76 42.30 -87.51
CA THR I 1882 66.24 42.19 -86.14
C THR I 1882 67.42 41.24 -86.01
N GLY I 1883 67.63 40.35 -86.99
CA GLY I 1883 68.73 39.43 -86.96
C GLY I 1883 68.49 38.15 -86.18
N TRP I 1884 67.43 38.11 -85.37
CA TRP I 1884 67.10 36.94 -84.57
C TRP I 1884 66.33 35.93 -85.43
N LEU I 1885 65.93 34.83 -84.79
CA LEU I 1885 65.25 33.73 -85.47
C LEU I 1885 63.76 33.75 -85.13
N VAL I 1886 62.92 33.81 -86.15
CA VAL I 1886 61.48 33.76 -85.98
C VAL I 1886 60.87 33.34 -87.32
N GLU I 1887 59.94 32.38 -87.26
CA GLU I 1887 59.26 32.00 -88.48
C GLU I 1887 58.00 31.22 -88.16
N ILE I 1888 57.10 31.15 -89.14
CA ILE I 1888 55.86 30.40 -88.99
C ILE I 1888 56.17 28.91 -89.04
N VAL I 1889 55.64 28.17 -88.07
CA VAL I 1889 55.91 26.76 -87.92
C VAL I 1889 54.67 25.91 -88.23
N ASN I 1890 53.49 26.40 -87.88
CA ASN I 1890 52.23 25.73 -88.19
C ASN I 1890 51.31 26.71 -88.88
N TYR I 1891 50.83 26.34 -90.07
CA TYR I 1891 49.75 27.05 -90.74
C TYR I 1891 48.49 26.25 -90.44
N ASN I 1892 47.66 26.74 -89.52
CA ASN I 1892 46.54 25.96 -89.01
C ASN I 1892 45.24 26.28 -89.75
N VAL I 1893 44.81 27.54 -89.73
CA VAL I 1893 43.58 27.98 -90.37
C VAL I 1893 43.89 29.21 -91.20
N GLU I 1894 43.26 29.30 -92.37
CA GLU I 1894 43.54 30.38 -93.31
C GLU I 1894 43.22 31.75 -92.72
N ASN I 1895 44.25 32.57 -92.56
CA ASN I 1895 44.13 33.95 -92.10
C ASN I 1895 43.45 34.06 -90.73
N GLN I 1896 43.40 32.98 -89.94
CA GLN I 1896 42.73 33.06 -88.64
C GLN I 1896 43.52 32.35 -87.54
N GLN I 1897 44.40 31.42 -87.90
CA GLN I 1897 45.16 30.68 -86.90
C GLN I 1897 46.50 30.24 -87.49
N TYR I 1898 47.58 30.80 -86.94
CA TYR I 1898 48.94 30.44 -87.32
C TYR I 1898 49.75 30.34 -86.05
N VAL I 1899 50.93 29.73 -86.16
CA VAL I 1899 51.86 29.62 -85.04
C VAL I 1899 53.23 30.07 -85.53
N ALA I 1900 53.88 30.93 -84.76
CA ALA I 1900 55.26 31.34 -85.01
C ALA I 1900 56.14 30.87 -83.87
N ALA I 1901 57.35 30.45 -84.22
CA ALA I 1901 58.33 29.94 -83.27
C ALA I 1901 59.65 30.68 -83.47
N GLY I 1902 60.38 30.81 -82.38
CA GLY I 1902 61.68 31.46 -82.41
C GLY I 1902 62.03 31.97 -81.04
N ASP I 1903 63.01 32.87 -80.99
CA ASP I 1903 63.40 33.49 -79.73
C ASP I 1903 62.19 34.16 -79.11
N LEU I 1904 61.91 33.83 -77.83
CA LEU I 1904 60.78 34.44 -77.14
C LEU I 1904 60.88 35.96 -77.17
N ARG I 1905 62.09 36.49 -77.07
CA ARG I 1905 62.31 37.92 -77.23
C ARG I 1905 61.88 38.39 -78.61
N ALA I 1906 62.17 37.60 -79.65
CA ALA I 1906 61.77 37.98 -81.01
C ALA I 1906 60.26 37.92 -81.17
N LEU I 1907 59.61 36.92 -80.58
CA LEU I 1907 58.16 36.84 -80.65
C LEU I 1907 57.52 37.99 -79.89
N ASP I 1908 58.20 38.51 -78.87
CA ASP I 1908 57.71 39.73 -78.24
C ASP I 1908 57.69 40.89 -79.22
N THR I 1909 58.74 41.03 -80.03
CA THR I 1909 58.75 42.09 -81.04
C THR I 1909 57.66 41.85 -82.08
N VAL I 1910 57.47 40.61 -82.49
CA VAL I 1910 56.42 40.31 -83.47
C VAL I 1910 55.05 40.65 -82.91
N THR I 1911 54.81 40.30 -81.64
CA THR I 1911 53.54 40.65 -81.00
C THR I 1911 53.36 42.16 -80.92
N ASN I 1912 54.42 42.89 -80.57
CA ASN I 1912 54.31 44.34 -80.51
C ASN I 1912 54.06 44.94 -81.89
N VAL I 1913 54.70 44.39 -82.92
CA VAL I 1913 54.50 44.90 -84.28
C VAL I 1913 53.06 44.68 -84.72
N LEU I 1914 52.54 43.47 -84.50
CA LEU I 1914 51.15 43.20 -84.86
C LEU I 1914 50.20 44.03 -84.01
N ASN I 1915 50.57 44.33 -82.77
CA ASN I 1915 49.76 45.23 -81.94
C ASN I 1915 49.73 46.63 -82.55
N PHE I 1916 50.88 47.10 -83.04
CA PHE I 1916 50.94 48.39 -83.74
C PHE I 1916 50.02 48.39 -84.94
N ILE I 1917 50.09 47.34 -85.76
CA ILE I 1917 49.27 47.26 -86.98
C ILE I 1917 47.78 47.22 -86.61
N LYS I 1918 47.45 46.47 -85.56
CA LYS I 1918 46.06 46.39 -85.13
C LYS I 1918 45.56 47.74 -84.64
N LEU I 1919 46.30 48.37 -83.73
CA LEU I 1919 45.83 49.61 -83.11
C LEU I 1919 45.71 50.73 -84.14
N GLN I 1920 46.72 50.90 -85.01
CA GLN I 1920 46.63 51.83 -86.11
C GLN I 1920 45.92 51.16 -87.29
N LYS I 1921 45.79 51.91 -88.38
CA LYS I 1921 45.14 51.43 -89.60
C LYS I 1921 46.12 50.81 -90.59
N ILE I 1922 47.39 50.68 -90.24
CA ILE I 1922 48.39 50.15 -91.15
C ILE I 1922 48.05 48.70 -91.49
N GLU I 1934 59.55 49.28 -101.88
CA GLU I 1934 60.65 49.64 -100.99
C GLU I 1934 60.16 50.55 -99.86
N GLU I 1935 59.21 51.43 -100.19
CA GLU I 1935 58.64 52.32 -99.17
C GLU I 1935 57.94 51.52 -98.08
N VAL I 1936 57.16 50.51 -98.47
CA VAL I 1936 56.50 49.65 -97.48
C VAL I 1936 57.54 48.92 -96.65
N GLU I 1937 58.61 48.46 -97.28
CA GLU I 1937 59.66 47.74 -96.54
C GLU I 1937 60.32 48.65 -95.51
N GLY I 1938 60.64 49.88 -95.88
CA GLY I 1938 61.24 50.80 -94.92
C GLY I 1938 60.29 51.19 -93.81
N HIS I 1939 59.02 51.42 -94.16
CA HIS I 1939 58.03 51.77 -93.14
C HIS I 1939 57.88 50.63 -92.12
N LEU I 1940 57.85 49.39 -92.61
CA LEU I 1940 57.79 48.24 -91.71
C LEU I 1940 59.08 48.08 -90.91
N PHE I 1941 60.23 48.40 -91.52
CA PHE I 1941 61.50 48.29 -90.80
C PHE I 1941 61.55 49.26 -89.64
N GLU I 1942 60.93 50.44 -89.79
CA GLU I 1942 60.85 51.37 -88.66
C GLU I 1942 60.13 50.74 -87.48
N ILE I 1943 59.00 50.08 -87.74
CA ILE I 1943 58.25 49.41 -86.68
C ILE I 1943 59.09 48.29 -86.09
N ILE I 1944 59.81 47.58 -86.96
CA ILE I 1944 60.63 46.45 -86.50
C ILE I 1944 61.71 46.94 -85.55
N ASP I 1945 62.39 48.03 -85.90
CA ASP I 1945 63.42 48.58 -85.01
C ASP I 1945 62.80 49.04 -83.70
N GLU I 1946 61.64 49.71 -83.76
CA GLU I 1946 60.99 50.16 -82.54
C GLU I 1946 60.70 48.98 -81.60
N ALA I 1947 60.06 47.93 -82.14
CA ALA I 1947 59.75 46.76 -81.33
C ALA I 1947 61.01 46.05 -80.85
N SER I 1948 62.03 45.96 -81.70
CA SER I 1948 63.25 45.25 -81.34
C SER I 1948 63.94 45.92 -80.16
N LYS I 1949 64.05 47.23 -80.18
CA LYS I 1949 64.68 47.96 -79.08
C LYS I 1949 63.73 48.19 -77.91
N LYS I 1950 62.43 47.95 -78.08
CA LYS I 1950 61.52 47.95 -76.95
C LYS I 1950 61.53 46.64 -76.17
N SER I 1951 61.72 45.50 -76.85
CA SER I 1951 61.64 44.21 -76.19
C SER I 1951 62.99 43.69 -75.67
N ALA I 1952 64.10 44.02 -76.33
CA ALA I 1952 65.37 43.43 -75.97
C ALA I 1952 65.86 43.84 -74.59
N VAL I 1953 65.34 44.93 -74.04
CA VAL I 1953 65.81 45.40 -72.73
C VAL I 1953 65.47 44.42 -71.61
N LYS I 1954 64.46 43.58 -71.79
CA LYS I 1954 64.03 42.67 -70.75
C LYS I 1954 65.07 41.56 -70.55
N PRO I 1955 65.02 40.85 -69.42
CA PRO I 1955 65.94 39.72 -69.22
C PRO I 1955 65.72 38.64 -70.27
N ARG I 1956 66.76 37.86 -70.51
CA ARG I 1956 66.71 36.83 -71.55
C ARG I 1956 65.59 35.82 -71.34
N PRO I 1957 65.36 35.25 -70.13
CA PRO I 1957 64.21 34.35 -69.92
C PRO I 1957 62.93 35.12 -69.59
N LEU I 1958 62.54 36.03 -70.48
CA LEU I 1958 61.36 36.85 -70.26
C LEU I 1958 60.09 36.01 -70.44
N LYS I 1959 58.95 36.68 -70.32
CA LYS I 1959 57.64 36.08 -70.55
C LYS I 1959 56.96 36.83 -71.70
N LEU I 1960 56.53 36.08 -72.71
CA LEU I 1960 55.87 36.68 -73.87
C LEU I 1960 54.45 37.08 -73.47
N GLU I 1961 54.17 38.38 -73.54
CA GLU I 1961 52.85 38.89 -73.17
C GLU I 1961 51.85 38.63 -74.29
N ARG I 1962 50.63 38.28 -73.91
CA ARG I 1962 49.59 38.04 -74.89
C ARG I 1962 49.10 39.36 -75.48
N GLY I 1963 49.04 39.42 -76.81
CA GLY I 1963 48.55 40.59 -77.51
C GLY I 1963 47.07 40.49 -77.82
N PHE I 1964 46.57 41.48 -78.57
CA PHE I 1964 45.20 41.44 -79.01
C PHE I 1964 44.92 40.29 -79.97
N ALA I 1965 45.96 39.76 -80.63
CA ALA I 1965 45.81 38.65 -81.55
C ALA I 1965 46.84 37.54 -81.36
N CYS I 1966 47.82 37.72 -80.48
CA CYS I 1966 48.86 36.73 -80.25
C CYS I 1966 48.63 36.05 -78.91
N ILE I 1967 48.67 34.72 -78.91
CA ILE I 1967 48.44 33.90 -77.73
C ILE I 1967 49.68 33.04 -77.50
N PRO I 1968 50.51 33.36 -76.50
CA PRO I 1968 51.69 32.52 -76.26
C PRO I 1968 51.29 31.11 -75.85
N LEU I 1969 52.08 30.13 -76.31
CA LEU I 1969 51.78 28.73 -76.02
C LEU I 1969 52.47 28.32 -74.73
N VAL I 1970 51.68 27.91 -73.75
CA VAL I 1970 52.21 27.54 -72.44
C VAL I 1970 52.88 26.19 -72.53
N GLY I 1971 54.06 26.08 -71.92
CA GLY I 1971 54.78 24.83 -71.84
C GLY I 1971 55.69 24.53 -73.02
N ILE I 1972 55.67 25.34 -74.06
CA ILE I 1972 56.52 25.15 -75.24
C ILE I 1972 57.76 26.01 -75.05
N SER I 1973 58.93 25.42 -75.26
CA SER I 1973 60.20 26.10 -75.00
C SER I 1973 61.25 25.85 -76.08
N VAL I 1974 60.92 25.17 -77.17
CA VAL I 1974 61.87 24.89 -78.24
C VAL I 1974 61.21 25.26 -79.56
N PRO I 1975 61.95 25.82 -80.56
CA PRO I 1975 61.29 26.08 -81.86
C PRO I 1975 61.33 24.85 -82.77
N PHE I 1976 60.44 23.90 -82.51
CA PHE I 1976 60.30 22.76 -83.40
C PHE I 1976 59.43 23.16 -84.60
N HIS I 1977 59.52 22.35 -85.65
CA HIS I 1977 58.93 22.69 -86.96
C HIS I 1977 59.49 24.02 -87.46
N SER I 1978 60.80 24.22 -87.28
CA SER I 1978 61.47 25.45 -87.65
C SER I 1978 62.84 25.12 -88.24
N THR I 1979 63.44 26.11 -88.90
CA THR I 1979 64.75 25.92 -89.48
C THR I 1979 65.84 25.77 -88.43
N TYR I 1980 65.54 26.07 -87.16
CA TYR I 1980 66.57 25.98 -86.14
C TYR I 1980 67.07 24.56 -85.97
N LEU I 1981 66.16 23.59 -85.97
CA LEU I 1981 66.54 22.18 -85.82
C LEU I 1981 66.80 21.54 -87.18
N MET I 1982 67.60 22.20 -88.01
CA MET I 1982 68.03 21.66 -89.29
C MET I 1982 69.34 20.89 -89.18
N ASN I 1983 70.18 21.25 -88.23
CA ASN I 1983 71.45 20.56 -88.06
C ASN I 1983 71.24 19.12 -87.61
N GLY I 1984 70.27 18.89 -86.74
CA GLY I 1984 70.02 17.58 -86.17
C GLY I 1984 69.17 16.66 -87.03
N VAL I 1985 68.87 17.05 -88.27
CA VAL I 1985 68.02 16.22 -89.12
C VAL I 1985 68.75 14.93 -89.50
N LYS I 1986 70.01 15.05 -89.93
CA LYS I 1986 70.74 13.87 -90.39
C LYS I 1986 70.93 12.83 -89.30
N PRO I 1987 71.47 13.16 -88.12
CA PRO I 1987 71.52 12.13 -87.07
C PRO I 1987 70.15 11.62 -86.64
N PHE I 1988 69.18 12.52 -86.53
CA PHE I 1988 67.82 12.10 -86.20
C PHE I 1988 67.26 11.20 -87.28
N LYS I 1989 67.63 11.46 -88.54
CA LYS I 1989 67.20 10.58 -89.63
C LYS I 1989 67.79 9.18 -89.44
N SER I 1990 69.05 9.09 -89.03
CA SER I 1990 69.64 7.77 -88.77
C SER I 1990 68.94 7.07 -87.60
N PHE I 1991 68.59 7.82 -86.56
CA PHE I 1991 67.84 7.25 -85.45
C PHE I 1991 66.50 6.70 -85.92
N LEU I 1992 65.81 7.47 -86.78
CA LEU I 1992 64.53 7.01 -87.31
C LEU I 1992 64.71 5.80 -88.21
N LYS I 1993 65.79 5.75 -88.98
CA LYS I 1993 66.04 4.57 -89.81
C LYS I 1993 66.30 3.34 -88.96
N LYS I 1994 66.97 3.52 -87.82
CA LYS I 1994 67.13 2.41 -86.89
C LYS I 1994 65.79 1.95 -86.33
N ASN I 1995 64.91 2.91 -85.99
CA ASN I 1995 63.66 2.54 -85.34
C ASN I 1995 62.64 1.97 -86.34
N ILE I 1996 62.63 2.47 -87.57
CA ILE I 1996 61.64 2.09 -88.57
C ILE I 1996 62.32 1.17 -89.58
N ILE I 1997 61.80 -0.06 -89.69
CA ILE I 1997 62.41 -1.09 -90.52
C ILE I 1997 61.82 -0.97 -91.92
N LYS I 1998 62.66 -1.26 -92.93
CA LYS I 1998 62.20 -1.17 -94.31
C LYS I 1998 61.07 -2.15 -94.60
N GLU I 1999 61.23 -3.39 -94.14
CA GLU I 1999 60.23 -4.42 -94.44
C GLU I 1999 58.87 -4.08 -93.85
N ASN I 2000 58.85 -3.33 -92.74
CA ASN I 2000 57.58 -2.99 -92.10
C ASN I 2000 56.85 -1.86 -92.82
N VAL I 2001 57.48 -1.19 -93.77
CA VAL I 2001 56.83 -0.11 -94.52
C VAL I 2001 55.98 -0.73 -95.61
N LYS I 2002 54.68 -0.41 -95.61
CA LYS I 2002 53.73 -0.95 -96.56
C LYS I 2002 53.26 0.13 -97.52
N VAL I 2003 53.63 -0.03 -98.80
CA VAL I 2003 53.36 1.01 -99.79
C VAL I 2003 51.87 1.10 -100.06
N ALA I 2004 51.16 -0.02 -100.06
CA ALA I 2004 49.72 0.02 -100.24
C ALA I 2004 49.06 0.79 -99.10
N ARG I 2005 49.56 0.61 -97.88
CA ARG I 2005 48.99 1.28 -96.72
C ARG I 2005 49.33 2.76 -96.67
N LEU I 2006 50.46 3.17 -97.24
CA LEU I 2006 50.86 4.58 -97.24
C LEU I 2006 50.34 5.36 -98.44
N ALA I 2007 50.36 4.77 -99.62
CA ALA I 2007 50.11 5.53 -100.85
C ALA I 2007 48.66 5.97 -100.93
N GLY I 2008 48.45 7.24 -101.26
CA GLY I 2008 47.12 7.79 -101.43
C GLY I 2008 46.36 8.05 -100.15
N LYS I 2009 46.94 7.71 -99.00
CA LYS I 2009 46.29 7.86 -97.70
C LYS I 2009 47.05 8.73 -96.72
N TYR I 2010 48.38 8.81 -96.85
CA TYR I 2010 49.22 9.57 -95.94
C TYR I 2010 49.49 10.94 -96.54
N ILE I 2011 49.25 11.99 -95.75
CA ILE I 2011 49.50 13.38 -96.16
C ILE I 2011 50.60 13.92 -95.25
N PRO I 2012 51.87 13.85 -95.64
CA PRO I 2012 52.94 14.35 -94.75
C PRO I 2012 52.84 15.84 -94.53
N ASN I 2013 53.31 16.28 -93.36
CA ASN I 2013 53.37 17.71 -93.07
C ASN I 2013 54.43 18.41 -93.91
N LEU I 2014 55.55 17.75 -94.18
CA LEU I 2014 56.55 18.34 -95.06
C LEU I 2014 55.99 18.61 -96.45
N THR I 2015 55.35 17.62 -97.04
CA THR I 2015 54.71 17.73 -98.35
C THR I 2015 53.24 17.40 -98.13
N ALA I 2016 52.40 18.43 -98.05
CA ALA I 2016 50.98 18.25 -97.78
C ALA I 2016 50.24 17.82 -99.04
N LYS I 2017 50.63 16.65 -99.55
CA LYS I 2017 50.01 16.01 -100.68
C LYS I 2017 49.89 14.53 -100.39
N PRO I 2018 48.97 13.82 -101.05
CA PRO I 2018 48.93 12.38 -100.97
C PRO I 2018 50.31 11.76 -101.07
N PHE I 2019 50.60 10.85 -100.16
CA PHE I 2019 51.83 10.07 -100.27
C PHE I 2019 51.84 9.29 -101.57
N GLN I 2020 52.85 9.54 -102.41
CA GLN I 2020 53.02 8.82 -103.66
C GLN I 2020 54.50 8.58 -103.90
N VAL I 2021 54.84 7.37 -104.34
CA VAL I 2021 56.22 7.02 -104.67
C VAL I 2021 56.38 7.37 -106.14
N THR I 2022 56.66 8.64 -106.42
CA THR I 2022 56.78 9.13 -107.79
C THR I 2022 57.92 10.13 -107.86
N LYS I 2023 58.48 10.25 -109.07
CA LYS I 2023 59.55 11.21 -109.31
C LYS I 2023 59.10 12.63 -108.99
N GLU I 2024 57.85 12.97 -109.29
CA GLU I 2024 57.34 14.29 -108.95
C GLU I 2024 57.34 14.50 -107.44
N TYR I 2025 56.91 13.48 -106.69
CA TYR I 2025 56.92 13.60 -105.23
C TYR I 2025 58.33 13.77 -104.69
N PHE I 2026 59.26 12.94 -105.18
CA PHE I 2026 60.64 13.03 -104.72
C PHE I 2026 61.25 14.39 -105.04
N GLN I 2027 60.93 14.93 -106.21
CA GLN I 2027 61.39 16.27 -106.56
C GLN I 2027 60.77 17.31 -105.63
N ASP I 2028 59.49 17.16 -105.31
CA ASP I 2028 58.82 18.10 -104.43
C ASP I 2028 59.41 18.11 -103.03
N VAL I 2029 59.99 16.99 -102.58
CA VAL I 2029 60.64 16.99 -101.27
C VAL I 2029 61.77 18.01 -101.23
N TYR I 2030 62.62 18.02 -102.26
CA TYR I 2030 63.72 18.98 -102.31
C TYR I 2030 63.21 20.41 -102.40
N ASP I 2031 62.07 20.65 -103.05
CA ASP I 2031 61.57 22.01 -103.19
C ASP I 2031 61.31 22.66 -101.84
N LEU I 2032 61.11 21.87 -100.78
CA LEU I 2032 61.00 22.38 -99.42
C LEU I 2032 62.30 22.20 -98.63
N THR I 2033 62.87 21.00 -98.65
CA THR I 2033 64.08 20.71 -97.89
C THR I 2033 65.00 19.81 -98.70
N GLY I 2034 66.21 20.30 -98.99
CA GLY I 2034 67.17 19.55 -99.77
C GLY I 2034 67.85 18.46 -98.96
N SER I 2035 67.89 17.26 -99.54
CA SER I 2035 68.55 16.12 -98.93
C SER I 2035 69.27 15.31 -99.99
N GLU I 2036 70.52 14.97 -99.71
CA GLU I 2036 71.34 14.25 -100.69
C GLU I 2036 70.74 12.91 -101.12
N PRO I 2037 70.17 12.10 -100.22
CA PRO I 2037 69.50 10.87 -100.69
C PRO I 2037 68.37 11.14 -101.67
N ILE I 2038 67.64 12.25 -101.52
CA ILE I 2038 66.59 12.57 -102.48
C ILE I 2038 67.20 12.81 -103.85
N LYS I 2039 68.33 13.53 -103.92
CA LYS I 2039 68.98 13.73 -105.20
C LYS I 2039 69.49 12.42 -105.77
N GLU I 2040 70.02 11.55 -104.91
CA GLU I 2040 70.45 10.24 -105.39
C GLU I 2040 69.28 9.50 -106.05
N ILE I 2041 68.13 9.47 -105.38
CA ILE I 2041 66.96 8.79 -105.93
C ILE I 2041 66.51 9.45 -107.22
N ILE I 2042 66.47 10.78 -107.25
CA ILE I 2042 65.98 11.49 -108.43
C ILE I 2042 66.89 11.23 -109.62
N ASP I 2043 68.21 11.32 -109.40
CA ASP I 2043 69.16 11.11 -110.48
C ASP I 2043 69.15 9.66 -110.96
N ASN I 2044 68.92 8.72 -110.05
CA ASN I 2044 68.94 7.30 -110.38
C ASN I 2044 67.53 6.73 -110.56
N TRP I 2045 66.54 7.60 -110.78
CA TRP I 2045 65.15 7.13 -110.87
C TRP I 2045 64.96 6.14 -112.01
N GLU I 2046 65.66 6.33 -113.13
CA GLU I 2046 65.51 5.41 -114.25
C GLU I 2046 65.95 4.00 -113.86
N LYS I 2047 67.07 3.89 -113.14
CA LYS I 2047 67.53 2.57 -112.72
C LYS I 2047 66.56 1.93 -111.73
N TYR I 2048 66.01 2.73 -110.80
CA TYR I 2048 65.04 2.20 -109.86
C TYR I 2048 63.75 1.78 -110.55
N GLU I 2049 63.35 2.50 -111.60
CA GLU I 2049 62.13 2.15 -112.31
C GLU I 2049 62.24 0.77 -112.95
N GLN I 2050 63.40 0.45 -113.52
CA GLN I 2050 63.61 -0.85 -114.14
C GLN I 2050 63.56 -1.96 -113.11
N MET J 1 57.76 -0.79 -111.79
CA MET J 1 58.64 -0.80 -110.59
C MET J 1 58.42 -2.07 -109.77
N LYS J 2 59.51 -2.70 -109.35
CA LYS J 2 59.41 -3.92 -108.58
C LYS J 2 58.79 -3.64 -107.20
N PRO J 3 58.09 -4.61 -106.60
CA PRO J 3 57.56 -4.38 -105.25
C PRO J 3 58.63 -4.06 -104.21
N GLU J 4 59.78 -4.73 -104.27
CA GLU J 4 60.80 -4.51 -103.24
C GLU J 4 61.48 -3.15 -103.43
N VAL J 5 61.76 -2.78 -104.68
CA VAL J 5 62.33 -1.46 -104.93
C VAL J 5 61.33 -0.37 -104.53
N GLU J 6 60.05 -0.59 -104.82
CA GLU J 6 59.02 0.38 -104.44
C GLU J 6 58.97 0.51 -102.92
N GLN J 7 59.05 -0.62 -102.21
CA GLN J 7 59.06 -0.57 -100.74
C GLN J 7 60.27 0.17 -100.21
N GLU J 8 61.44 -0.09 -100.80
CA GLU J 8 62.66 0.60 -100.36
C GLU J 8 62.52 2.11 -100.56
N LEU J 9 62.02 2.52 -101.73
CA LEU J 9 61.85 3.93 -102.01
C LEU J 9 60.85 4.57 -101.06
N ALA J 10 59.74 3.88 -100.80
CA ALA J 10 58.74 4.40 -99.88
C ALA J 10 59.30 4.55 -98.48
N HIS J 11 60.07 3.56 -98.02
CA HIS J 11 60.67 3.65 -96.69
C HIS J 11 61.64 4.82 -96.61
N ILE J 12 62.47 5.00 -97.65
CA ILE J 12 63.43 6.11 -97.65
C ILE J 12 62.68 7.44 -97.60
N LEU J 13 61.64 7.59 -98.42
CA LEU J 13 60.91 8.85 -98.47
C LEU J 13 60.18 9.09 -97.15
N LEU J 14 59.61 8.04 -96.55
CA LEU J 14 58.93 8.21 -95.27
C LEU J 14 59.92 8.63 -94.18
N THR J 15 61.10 8.02 -94.15
CA THR J 15 62.11 8.42 -93.16
C THR J 15 62.53 9.87 -93.38
N GLU J 16 62.70 10.28 -94.63
CA GLU J 16 63.07 11.67 -94.91
C GLU J 16 61.98 12.63 -94.48
N LEU J 17 60.72 12.30 -94.78
CA LEU J 17 59.61 13.17 -94.38
C LEU J 17 59.55 13.30 -92.86
N LEU J 18 59.66 12.18 -92.15
CA LEU J 18 59.63 12.23 -90.69
C LEU J 18 60.81 13.01 -90.13
N ALA J 19 61.99 12.85 -90.75
CA ALA J 19 63.18 13.54 -90.24
C ALA J 19 63.05 15.04 -90.40
N TYR J 20 62.63 15.51 -91.58
CA TYR J 20 62.53 16.94 -91.85
C TYR J 20 61.22 17.55 -91.38
N GLN J 21 60.31 16.75 -90.83
CA GLN J 21 59.06 17.30 -90.32
C GLN J 21 59.31 18.34 -89.24
N PHE J 22 60.18 18.03 -88.27
CA PHE J 22 60.46 18.97 -87.19
C PHE J 22 61.40 20.09 -87.60
N ALA J 23 62.10 19.95 -88.72
CA ALA J 23 62.94 21.01 -89.25
C ALA J 23 62.22 21.88 -90.28
N SER J 24 60.96 21.56 -90.59
CA SER J 24 60.18 22.31 -91.56
C SER J 24 58.84 22.65 -90.94
N PRO J 25 58.14 23.66 -91.46
CA PRO J 25 56.82 23.98 -90.92
C PRO J 25 55.78 22.94 -91.31
N VAL J 26 54.68 22.92 -90.56
CA VAL J 26 53.57 22.02 -90.82
C VAL J 26 52.56 22.75 -91.70
N ARG J 27 52.31 22.21 -92.90
CA ARG J 27 51.44 22.85 -93.88
C ARG J 27 50.04 22.26 -93.74
N TRP J 28 49.43 22.51 -92.58
CA TRP J 28 48.10 21.99 -92.31
C TRP J 28 47.03 22.69 -93.15
N ILE J 29 47.29 23.90 -93.64
CA ILE J 29 46.35 24.51 -94.60
C ILE J 29 46.26 23.65 -95.84
N GLU J 30 47.41 23.29 -96.41
CA GLU J 30 47.43 22.43 -97.58
C GLU J 30 46.86 21.05 -97.26
N THR J 31 47.15 20.52 -96.06
CA THR J 31 46.60 19.22 -95.69
C THR J 31 45.07 19.26 -95.64
N GLN J 32 44.50 20.32 -95.05
CA GLN J 32 43.05 20.44 -94.98
C GLN J 32 42.44 20.63 -96.36
N ASP J 33 43.06 21.48 -97.18
CA ASP J 33 42.58 21.65 -98.55
C ASP J 33 42.60 20.33 -99.29
N VAL J 34 43.64 19.53 -99.09
CA VAL J 34 43.73 18.22 -99.72
C VAL J 34 42.58 17.32 -99.27
N PHE J 35 42.49 17.05 -97.97
CA PHE J 35 41.54 16.04 -97.53
C PHE J 35 40.10 16.54 -97.47
N LEU J 36 39.85 17.83 -97.73
CA LEU J 36 38.49 18.35 -97.80
C LEU J 36 38.02 18.60 -99.22
N LYS J 37 38.87 19.20 -100.07
CA LYS J 37 38.47 19.54 -101.43
C LYS J 37 38.84 18.45 -102.44
N ASP J 38 40.06 17.92 -102.35
CA ASP J 38 40.50 16.93 -103.33
C ASP J 38 39.83 15.59 -103.11
N PHE J 39 39.69 15.17 -101.85
CA PHE J 39 39.09 13.89 -101.52
C PHE J 39 37.61 14.00 -101.19
N ASN J 40 37.09 15.20 -100.99
CA ASN J 40 35.68 15.41 -100.68
C ASN J 40 35.27 14.59 -99.46
N THR J 41 36.08 14.69 -98.42
CA THR J 41 35.87 13.90 -97.21
C THR J 41 34.51 14.21 -96.61
N GLU J 42 33.70 13.17 -96.43
CA GLU J 42 32.34 13.32 -95.90
C GLU J 42 32.28 13.22 -94.39
N ARG J 43 33.16 12.43 -93.77
CA ARG J 43 33.27 12.33 -92.32
C ARG J 43 34.73 12.46 -91.92
N VAL J 44 35.02 13.44 -91.08
CA VAL J 44 36.36 13.67 -90.55
C VAL J 44 36.38 13.09 -89.15
N VAL J 45 37.39 12.30 -88.85
CA VAL J 45 37.55 11.67 -87.54
C VAL J 45 38.84 12.19 -86.93
N GLU J 46 38.75 12.77 -85.73
CA GLU J 46 39.87 13.36 -85.04
C GLU J 46 40.19 12.52 -83.80
N ILE J 47 41.34 11.85 -83.83
CA ILE J 47 41.78 11.01 -82.73
C ILE J 47 42.63 11.86 -81.80
N GLY J 48 42.15 12.10 -80.59
CA GLY J 48 42.86 12.89 -79.62
C GLY J 48 42.06 13.10 -78.36
N PRO J 49 42.67 13.74 -77.36
CA PRO J 49 41.97 13.98 -76.09
C PRO J 49 41.02 15.16 -76.14
N SER J 50 41.32 16.12 -76.99
CA SER J 50 40.52 17.32 -77.15
C SER J 50 40.27 17.56 -78.63
N PRO J 51 39.22 18.32 -78.99
CA PRO J 51 38.91 18.51 -80.42
C PRO J 51 39.68 19.68 -81.03
N THR J 52 41.01 19.64 -80.90
CA THR J 52 41.82 20.70 -81.49
C THR J 52 41.73 20.67 -83.01
N LEU J 53 42.16 19.57 -83.62
CA LEU J 53 42.12 19.48 -85.08
C LEU J 53 40.69 19.47 -85.59
N ALA J 54 39.77 18.91 -84.81
CA ALA J 54 38.36 18.93 -85.22
C ALA J 54 37.83 20.35 -85.30
N GLY J 55 38.13 21.17 -84.29
CA GLY J 55 37.74 22.57 -84.34
C GLY J 55 38.41 23.32 -85.47
N MET J 56 39.69 23.04 -85.71
CA MET J 56 40.38 23.66 -86.83
C MET J 56 39.72 23.31 -88.16
N ALA J 57 39.33 22.04 -88.33
CA ALA J 57 38.65 21.64 -89.56
C ALA J 57 37.29 22.31 -89.68
N GLN J 58 36.54 22.39 -88.59
CA GLN J 58 35.24 23.06 -88.62
C GLN J 58 35.40 24.52 -89.03
N ARG J 59 36.38 25.20 -88.44
CA ARG J 59 36.57 26.62 -88.72
C ARG J 59 37.06 26.83 -90.15
N THR J 60 37.92 25.93 -90.65
CA THR J 60 38.35 26.00 -92.04
C THR J 60 37.17 25.83 -92.97
N LEU J 61 36.28 24.88 -92.68
CA LEU J 61 35.10 24.69 -93.51
C LEU J 61 34.20 25.92 -93.47
N LYS J 62 34.01 26.50 -92.29
CA LYS J 62 33.16 27.69 -92.19
C LYS J 62 33.76 28.85 -92.96
N ASN J 63 35.09 29.01 -92.92
CA ASN J 63 35.72 30.13 -93.61
C ASN J 63 35.72 29.93 -95.13
N LYS J 64 36.05 28.73 -95.59
CA LYS J 64 36.34 28.48 -97.00
C LYS J 64 35.31 27.60 -97.69
N TYR J 65 35.05 26.40 -97.16
CA TYR J 65 34.18 25.43 -97.82
C TYR J 65 32.79 25.49 -97.19
N GLU J 66 32.05 26.55 -97.56
CA GLU J 66 30.64 26.69 -97.18
C GLU J 66 29.73 26.55 -98.38
N SER J 67 29.88 27.41 -99.39
CA SER J 67 29.09 27.29 -100.60
C SER J 67 29.49 26.06 -101.40
N TYR J 68 30.77 25.67 -101.31
CA TYR J 68 31.21 24.44 -101.96
C TYR J 68 30.48 23.23 -101.40
N ASP J 69 30.44 23.12 -100.07
CA ASP J 69 29.72 22.02 -99.43
C ASP J 69 28.23 22.10 -99.74
N ALA J 70 27.65 23.30 -99.73
CA ALA J 70 26.24 23.45 -100.05
C ALA J 70 25.95 22.97 -101.47
N ALA J 71 26.73 23.44 -102.44
CA ALA J 71 26.47 23.12 -103.84
C ALA J 71 26.64 21.63 -104.11
N LEU J 72 27.69 21.02 -103.58
CA LEU J 72 27.92 19.60 -103.81
C LEU J 72 27.18 18.70 -102.82
N SER J 73 26.39 19.27 -101.91
CA SER J 73 25.55 18.49 -100.99
C SER J 73 26.39 17.56 -100.12
N LEU J 74 27.62 18.00 -99.80
CA LEU J 74 28.53 17.22 -98.96
C LEU J 74 28.15 17.45 -97.50
N HIS J 75 27.66 16.39 -96.84
CA HIS J 75 27.36 16.46 -95.41
C HIS J 75 28.65 16.20 -94.66
N ARG J 76 29.43 17.25 -94.46
CA ARG J 76 30.72 17.17 -93.78
C ARG J 76 30.46 17.02 -92.28
N GLU J 77 30.65 15.80 -91.77
CA GLU J 77 30.44 15.50 -90.36
C GLU J 77 31.81 15.47 -89.69
N ILE J 78 32.09 16.46 -88.86
CA ILE J 78 33.34 16.52 -88.13
C ILE J 78 33.13 15.89 -86.76
N LEU J 79 33.90 14.85 -86.48
CA LEU J 79 33.74 14.04 -85.26
C LEU J 79 35.07 14.02 -84.51
N CYS J 80 34.98 14.22 -83.21
CA CYS J 80 36.12 14.11 -82.31
C CYS J 80 35.94 12.89 -81.42
N TYR J 81 37.03 12.15 -81.21
CA TYR J 81 36.94 10.92 -80.43
C TYR J 81 36.50 11.19 -78.99
N SER J 82 36.93 12.33 -78.43
CA SER J 82 36.64 12.60 -77.03
C SER J 82 35.16 12.78 -76.77
N LYS J 83 34.45 13.50 -77.65
CA LYS J 83 33.06 13.87 -77.41
C LYS J 83 32.08 13.16 -78.34
N ASP J 84 32.43 12.95 -79.60
CA ASP J 84 31.53 12.35 -80.59
C ASP J 84 31.74 10.85 -80.69
N ALA J 85 32.13 10.22 -79.58
CA ALA J 85 32.42 8.79 -79.60
C ALA J 85 31.22 7.97 -80.04
N LYS J 86 30.02 8.41 -79.67
CA LYS J 86 28.83 7.70 -80.12
C LYS J 86 28.70 7.74 -81.64
N GLU J 87 28.96 8.90 -82.24
CA GLU J 87 28.91 9.00 -83.70
C GLU J 87 29.97 8.13 -84.35
N ILE J 88 31.16 8.09 -83.77
CA ILE J 88 32.23 7.27 -84.37
C ILE J 88 31.89 5.78 -84.25
N TYR J 89 31.39 5.36 -83.08
CA TYR J 89 31.15 3.95 -82.83
C TYR J 89 29.80 3.46 -83.33
N TYR J 90 28.95 4.34 -83.86
CA TYR J 90 27.60 3.98 -84.28
C TYR J 90 26.82 3.41 -83.11
N THR J 91 26.66 4.22 -82.07
CA THR J 91 25.92 3.88 -80.87
C THR J 91 24.96 5.01 -80.56
N PRO J 92 23.95 5.22 -81.41
CA PRO J 92 23.00 6.31 -81.16
C PRO J 92 22.22 6.09 -79.88
N ASP J 93 21.89 7.19 -79.22
CA ASP J 93 21.12 7.12 -77.99
C ASP J 93 19.68 6.71 -78.30
N PRO J 94 19.14 5.64 -77.68
CA PRO J 94 17.75 5.30 -78.01
C PRO J 94 16.73 6.21 -77.33
N GLU J 329 -4.13 4.60 -23.33
CA GLU J 329 -3.53 3.89 -22.21
C GLU J 329 -3.01 4.86 -21.16
N GLU J 330 -3.61 6.05 -21.10
CA GLU J 330 -3.19 7.04 -20.11
C GLU J 330 -3.44 6.55 -18.69
N ILE J 331 -4.59 5.90 -18.47
CA ILE J 331 -4.93 5.44 -17.13
C ILE J 331 -3.99 4.32 -16.68
N THR J 332 -3.68 3.38 -17.58
CA THR J 332 -2.75 2.31 -17.20
C THR J 332 -1.35 2.84 -17.00
N LYS J 333 -0.96 3.85 -17.79
CA LYS J 333 0.33 4.50 -17.56
C LYS J 333 0.38 5.16 -16.20
N ASP J 334 -0.71 5.85 -15.82
CA ASP J 334 -0.75 6.50 -14.51
C ASP J 334 -0.67 5.48 -13.39
N HIS J 335 -1.38 4.35 -13.53
CA HIS J 335 -1.27 3.29 -12.54
C HIS J 335 0.14 2.71 -12.46
N LYS J 336 0.79 2.54 -13.62
CA LYS J 336 2.16 2.01 -13.60
C LYS J 336 3.10 2.98 -12.89
N VAL J 337 2.93 4.28 -13.14
CA VAL J 337 3.74 5.28 -12.43
C VAL J 337 3.47 5.23 -10.93
N LEU J 338 2.19 5.08 -10.54
CA LEU J 338 1.87 4.99 -9.12
C LEU J 338 2.54 3.78 -8.49
N ALA J 339 2.47 2.62 -9.15
CA ALA J 339 3.07 1.42 -8.61
C ALA J 339 4.58 1.54 -8.53
N ARG J 340 5.20 2.15 -9.54
CA ARG J 340 6.62 2.44 -9.49
C ARG J 340 6.97 3.30 -8.28
N GLN J 341 6.18 4.34 -8.02
CA GLN J 341 6.44 5.21 -6.88
C GLN J 341 6.31 4.45 -5.56
N GLN J 342 5.29 3.61 -5.43
CA GLN J 342 5.13 2.84 -4.21
C GLN J 342 6.27 1.86 -4.03
N LEU J 343 6.69 1.21 -5.12
CA LEU J 343 7.83 0.30 -5.07
C LEU J 343 9.09 1.02 -4.62
N GLN J 344 9.32 2.22 -5.16
CA GLN J 344 10.50 2.98 -4.78
C GLN J 344 10.45 3.37 -3.30
N VAL J 345 9.26 3.76 -2.82
CA VAL J 345 9.13 4.09 -1.40
C VAL J 345 9.47 2.88 -0.54
N LEU J 346 8.95 1.71 -0.91
CA LEU J 346 9.21 0.52 -0.12
C LEU J 346 10.69 0.15 -0.17
N ALA J 347 11.33 0.29 -1.33
CA ALA J 347 12.76 0.01 -1.44
C ALA J 347 13.57 0.95 -0.56
N ARG J 348 13.24 2.23 -0.57
CA ARG J 348 13.93 3.19 0.30
C ARG J 348 13.74 2.83 1.76
N TYR J 349 12.52 2.44 2.14
CA TYR J 349 12.30 2.03 3.53
C TYR J 349 13.13 0.80 3.88
N LEU J 350 13.20 -0.16 2.98
CA LEU J 350 13.97 -1.38 3.20
C LEU J 350 15.46 -1.20 3.03
N LYS J 351 15.91 0.00 2.64
CA LYS J 351 17.33 0.26 2.38
C LYS J 351 17.83 -0.67 1.29
N MET J 352 17.02 -0.81 0.24
CA MET J 352 17.27 -1.70 -0.88
C MET J 352 17.76 -0.89 -2.05
N ASP J 353 18.87 -1.32 -2.67
CA ASP J 353 19.46 -0.64 -3.81
C ASP J 353 19.08 -1.42 -5.06
N LEU J 354 18.03 -0.96 -5.75
CA LEU J 354 17.59 -1.63 -6.97
C LEU J 354 18.65 -1.54 -8.06
N ASP J 355 19.45 -0.49 -8.06
CA ASP J 355 20.46 -0.28 -9.09
C ASP J 355 21.80 -0.94 -8.77
N ASN J 356 21.92 -1.60 -7.61
CA ASN J 356 23.20 -2.20 -7.23
C ASN J 356 23.62 -3.28 -8.21
N GLY J 357 22.67 -4.15 -8.60
CA GLY J 357 22.99 -5.20 -9.55
C GLY J 357 23.42 -4.64 -10.89
N GLU J 358 22.71 -3.62 -11.38
CA GLU J 358 23.08 -3.00 -12.66
C GLU J 358 24.46 -2.35 -12.56
N ARG J 359 24.76 -1.68 -11.45
CA ARG J 359 26.08 -1.07 -11.30
C ARG J 359 27.18 -2.12 -11.31
N LYS J 360 26.98 -3.22 -10.58
CA LYS J 360 27.97 -4.29 -10.59
C LYS J 360 28.11 -4.87 -11.99
N PHE J 361 26.99 -5.01 -12.71
CA PHE J 361 27.05 -5.53 -14.07
C PHE J 361 27.86 -4.62 -14.98
N LEU J 362 27.66 -3.30 -14.88
CA LEU J 362 28.42 -2.38 -15.72
C LEU J 362 29.89 -2.40 -15.37
N LYS J 363 30.22 -2.50 -14.08
CA LYS J 363 31.64 -2.65 -13.69
C LYS J 363 32.25 -3.90 -14.30
N GLU J 364 31.55 -5.03 -14.19
CA GLU J 364 32.10 -6.27 -14.73
C GLU J 364 32.16 -6.24 -16.25
N LYS J 365 31.24 -5.50 -16.88
CA LYS J 365 31.29 -5.36 -18.33
C LYS J 365 32.52 -4.54 -18.74
N ASP J 366 32.85 -3.50 -17.99
CA ASP J 366 34.09 -2.77 -18.25
C ASP J 366 35.30 -3.66 -18.05
N THR J 367 35.27 -4.50 -17.01
CA THR J 367 36.38 -5.43 -16.79
C THR J 367 36.51 -6.42 -17.93
N VAL J 368 35.38 -6.93 -18.43
CA VAL J 368 35.41 -7.80 -19.60
C VAL J 368 35.99 -7.05 -20.79
N ALA J 369 35.61 -5.79 -20.97
CA ALA J 369 36.10 -5.02 -22.10
C ALA J 369 37.61 -4.84 -22.03
N GLU J 370 38.15 -4.54 -20.85
CA GLU J 370 39.59 -4.30 -20.77
C GLU J 370 40.39 -5.60 -20.85
N LEU J 371 39.89 -6.68 -20.24
CA LEU J 371 40.56 -7.98 -20.38
C LEU J 371 40.52 -8.44 -21.83
N GLN J 372 39.40 -8.23 -22.51
CA GLN J 372 39.30 -8.59 -23.92
C GLN J 372 40.22 -7.72 -24.76
N ALA J 373 40.39 -6.46 -24.38
CA ALA J 373 41.35 -5.61 -25.09
C ALA J 373 42.76 -6.15 -24.95
N GLN J 374 43.11 -6.59 -23.73
CA GLN J 374 44.42 -7.22 -23.53
C GLN J 374 44.56 -8.47 -24.40
N LEU J 375 43.51 -9.29 -24.44
CA LEU J 375 43.57 -10.52 -25.22
C LEU J 375 43.68 -10.24 -26.71
N ASP J 376 42.94 -9.25 -27.22
CA ASP J 376 43.05 -8.90 -28.64
C ASP J 376 44.42 -8.32 -28.95
N TYR J 377 45.01 -7.56 -28.01
CA TYR J 377 46.37 -7.09 -28.24
C TYR J 377 47.33 -8.27 -28.34
N LEU J 378 47.24 -9.21 -27.40
CA LEU J 378 48.14 -10.36 -27.44
C LEU J 378 47.89 -11.21 -28.69
N ASN J 379 46.65 -11.26 -29.16
CA ASN J 379 46.33 -12.02 -30.36
C ASN J 379 46.88 -11.32 -31.60
N ALA J 380 46.70 -10.01 -31.71
CA ALA J 380 47.27 -9.28 -32.83
C ALA J 380 48.78 -9.32 -32.78
N GLU J 381 49.35 -9.57 -31.61
CA GLU J 381 50.80 -9.54 -31.46
C GLU J 381 51.42 -10.89 -31.79
N LEU J 382 51.07 -11.92 -31.04
CA LEU J 382 51.64 -13.25 -31.28
C LEU J 382 50.99 -13.91 -32.49
N GLY J 383 49.71 -13.67 -32.70
CA GLY J 383 48.95 -14.17 -33.83
C GLY J 383 47.98 -15.26 -33.42
N GLU J 384 46.98 -15.46 -34.27
CA GLU J 384 45.98 -16.49 -34.00
C GLU J 384 46.62 -17.87 -33.94
N PHE J 385 47.54 -18.15 -34.87
CA PHE J 385 48.17 -19.46 -34.91
C PHE J 385 48.99 -19.70 -33.64
N PHE J 386 49.80 -18.73 -33.24
CA PHE J 386 50.65 -18.92 -32.06
C PHE J 386 49.82 -19.10 -30.81
N VAL J 387 48.82 -18.23 -30.61
CA VAL J 387 48.01 -18.29 -29.40
C VAL J 387 47.24 -19.61 -29.34
N ASN J 388 46.65 -20.02 -30.48
CA ASN J 388 45.93 -21.29 -30.50
C ASN J 388 46.86 -22.47 -30.29
N GLY J 389 48.07 -22.41 -30.87
CA GLY J 389 48.99 -23.52 -30.82
C GLY J 389 49.76 -23.66 -29.53
N VAL J 390 49.79 -22.64 -28.67
CA VAL J 390 50.41 -22.79 -27.36
C VAL J 390 49.46 -23.42 -26.35
N ALA J 391 48.32 -23.93 -26.78
CA ALA J 391 47.39 -24.59 -25.87
C ALA J 391 48.03 -25.84 -25.29
N THR J 392 47.87 -26.01 -23.98
CA THR J 392 48.44 -27.16 -23.30
C THR J 392 47.77 -28.44 -23.78
N SER J 393 48.58 -29.48 -23.98
CA SER J 393 48.10 -30.78 -24.45
C SER J 393 48.53 -31.94 -23.56
N PHE J 394 49.59 -31.79 -22.77
CA PHE J 394 50.09 -32.87 -21.95
C PHE J 394 49.33 -32.98 -20.65
N SER J 395 49.12 -34.22 -20.20
CA SER J 395 48.62 -34.49 -18.87
C SER J 395 49.11 -35.87 -18.45
N ARG J 396 49.42 -36.02 -17.15
CA ARG J 396 49.95 -37.29 -16.66
C ARG J 396 48.95 -38.41 -16.82
N LYS J 397 47.68 -38.13 -16.54
CA LYS J 397 46.65 -39.17 -16.60
C LYS J 397 46.47 -39.72 -18.00
N LYS J 398 46.88 -38.96 -19.02
CA LYS J 398 46.67 -39.34 -20.41
C LYS J 398 47.83 -40.15 -20.99
N ALA J 399 48.85 -40.45 -20.21
CA ALA J 399 49.96 -41.26 -20.70
C ALA J 399 49.56 -42.72 -20.80
N ARG J 400 50.02 -43.38 -21.86
CA ARG J 400 49.73 -44.79 -22.13
C ARG J 400 51.02 -45.57 -22.09
N THR J 401 51.06 -46.59 -21.24
CA THR J 401 52.23 -47.45 -21.09
C THR J 401 52.02 -48.74 -21.85
N PHE J 402 53.07 -49.21 -22.52
CA PHE J 402 53.09 -50.49 -23.21
C PHE J 402 54.32 -51.25 -22.76
N ASP J 403 54.12 -52.36 -22.05
CA ASP J 403 55.22 -53.18 -21.56
C ASP J 403 54.96 -54.68 -21.65
N SER J 404 53.87 -55.12 -22.29
CA SER J 404 53.52 -56.54 -22.32
C SER J 404 54.11 -57.25 -23.54
N SER J 405 55.42 -57.05 -23.71
CA SER J 405 56.15 -57.75 -24.76
C SER J 405 56.11 -59.27 -24.56
N TRP J 406 56.04 -59.72 -23.30
CA TRP J 406 55.89 -61.15 -23.04
C TRP J 406 54.65 -61.72 -23.72
N ASN J 407 53.58 -60.93 -23.78
CA ASN J 407 52.36 -61.37 -24.45
C ASN J 407 52.48 -61.19 -25.97
N TRP J 408 53.01 -60.05 -26.41
CA TRP J 408 53.04 -59.78 -27.84
C TRP J 408 53.99 -60.72 -28.57
N ALA J 409 54.98 -61.28 -27.86
CA ALA J 409 55.85 -62.28 -28.49
C ALA J 409 55.06 -63.51 -28.91
N LYS J 410 54.25 -64.05 -28.00
CA LYS J 410 53.41 -65.20 -28.32
C LYS J 410 52.41 -64.85 -29.41
N GLN J 411 51.83 -63.65 -29.33
CA GLN J 411 50.89 -63.24 -30.37
C GLN J 411 51.54 -63.24 -31.74
N SER J 412 52.73 -62.64 -31.85
CA SER J 412 53.45 -62.60 -33.12
C SER J 412 53.82 -64.00 -33.59
N LEU J 413 54.23 -64.86 -32.66
CA LEU J 413 54.59 -66.22 -33.04
C LEU J 413 53.40 -66.96 -33.64
N LEU J 414 52.23 -66.85 -33.00
CA LEU J 414 51.06 -67.51 -33.56
C LEU J 414 50.65 -66.91 -34.89
N SER J 415 50.75 -65.59 -35.02
CA SER J 415 50.43 -64.95 -36.29
C SER J 415 51.32 -65.50 -37.40
N LEU J 416 52.63 -65.54 -37.17
CA LEU J 416 53.56 -66.04 -38.18
C LEU J 416 53.33 -67.52 -38.46
N TYR J 417 53.08 -68.30 -37.41
CA TYR J 417 52.82 -69.74 -37.56
C TYR J 417 51.63 -69.99 -38.47
N PHE J 418 50.49 -69.34 -38.17
CA PHE J 418 49.30 -69.57 -38.97
C PHE J 418 49.45 -68.97 -40.36
N GLU J 419 50.19 -67.87 -40.50
CA GLU J 419 50.40 -67.28 -41.81
C GLU J 419 51.17 -68.24 -42.70
N ILE J 420 52.24 -68.85 -42.16
CA ILE J 420 53.01 -69.83 -42.93
C ILE J 420 52.15 -71.05 -43.25
N ILE J 421 51.35 -71.52 -42.28
CA ILE J 421 50.53 -72.70 -42.52
C ILE J 421 49.51 -72.43 -43.62
N HIS J 422 48.87 -71.26 -43.59
CA HIS J 422 47.85 -70.94 -44.56
C HIS J 422 48.42 -70.52 -45.91
N GLY J 423 49.71 -70.21 -45.98
CA GLY J 423 50.34 -69.89 -47.24
C GLY J 423 50.47 -68.42 -47.55
N VAL J 424 50.23 -67.55 -46.57
CA VAL J 424 50.51 -66.13 -46.77
C VAL J 424 51.99 -65.93 -47.03
N LEU J 425 52.84 -66.70 -46.35
CA LEU J 425 54.29 -66.62 -46.48
C LEU J 425 54.80 -67.97 -46.96
N LYS J 426 55.11 -68.06 -48.24
CA LYS J 426 55.74 -69.26 -48.80
C LYS J 426 57.25 -69.30 -48.55
N ASN J 427 57.90 -68.14 -48.47
CA ASN J 427 59.35 -68.07 -48.40
C ASN J 427 59.76 -67.19 -47.22
N VAL J 428 61.01 -67.35 -46.81
CA VAL J 428 61.57 -66.59 -45.69
C VAL J 428 62.06 -65.27 -46.28
N ASP J 429 61.15 -64.30 -46.38
CA ASP J 429 61.49 -62.97 -46.88
C ASP J 429 61.95 -62.10 -45.72
N ARG J 430 62.42 -60.89 -46.05
CA ARG J 430 63.01 -60.02 -45.04
C ARG J 430 61.99 -59.63 -43.98
N GLU J 431 60.70 -59.63 -44.31
CA GLU J 431 59.69 -59.33 -43.30
C GLU J 431 59.58 -60.47 -42.29
N VAL J 432 59.63 -61.71 -42.77
CA VAL J 432 59.62 -62.85 -41.86
C VAL J 432 60.89 -62.87 -41.03
N VAL J 433 62.02 -62.49 -41.63
CA VAL J 433 63.27 -62.44 -40.88
C VAL J 433 63.19 -61.38 -39.79
N SER J 434 62.60 -60.23 -40.10
CA SER J 434 62.44 -59.17 -39.10
C SER J 434 61.52 -59.61 -37.97
N GLU J 435 60.43 -60.29 -38.31
CA GLU J 435 59.53 -60.79 -37.26
C GLU J 435 60.24 -61.84 -36.41
N ALA J 436 61.05 -62.69 -37.03
CA ALA J 436 61.86 -63.65 -36.28
C ALA J 436 62.82 -62.92 -35.34
N ILE J 437 63.42 -61.83 -35.79
CA ILE J 437 64.34 -61.07 -34.95
C ILE J 437 63.58 -60.48 -33.76
N ASN J 438 62.37 -59.97 -33.99
CA ASN J 438 61.58 -59.44 -32.88
C ASN J 438 61.23 -60.53 -31.87
N ILE J 439 60.87 -61.72 -32.37
CA ILE J 439 60.57 -62.83 -31.48
C ILE J 439 61.81 -63.21 -30.67
N MET J 440 62.98 -63.25 -31.33
CA MET J 440 64.22 -63.49 -30.63
C MET J 440 64.45 -62.45 -29.54
N ASN J 441 64.19 -61.18 -29.87
CA ASN J 441 64.43 -60.10 -28.91
C ASN J 441 63.52 -60.24 -27.70
N ARG J 442 62.31 -60.76 -27.89
CA ARG J 442 61.36 -60.99 -26.80
C ARG J 442 61.46 -62.40 -26.23
N SER J 443 62.44 -63.20 -26.66
CA SER J 443 62.54 -64.59 -26.25
C SER J 443 62.81 -64.74 -24.76
N ASN J 444 62.19 -65.77 -24.16
CA ASN J 444 62.51 -66.22 -22.81
C ASN J 444 62.12 -67.69 -22.73
N ASP J 445 62.26 -68.27 -21.54
CA ASP J 445 62.03 -69.70 -21.37
C ASP J 445 60.58 -70.08 -21.65
N ALA J 446 59.64 -69.27 -21.17
CA ALA J 446 58.23 -69.53 -21.43
C ALA J 446 57.95 -69.49 -22.93
N LEU J 447 58.53 -68.52 -23.63
CA LEU J 447 58.36 -68.47 -25.07
C LEU J 447 58.96 -69.69 -25.75
N ILE J 448 60.15 -70.13 -25.31
CA ILE J 448 60.78 -71.30 -25.91
C ILE J 448 59.88 -72.50 -25.75
N LYS J 449 59.28 -72.67 -24.57
CA LYS J 449 58.35 -73.78 -24.37
C LYS J 449 57.13 -73.64 -25.28
N PHE J 450 56.64 -72.41 -25.46
CA PHE J 450 55.51 -72.17 -26.35
C PHE J 450 55.81 -72.64 -27.77
N MET J 451 56.93 -72.20 -28.33
CA MET J 451 57.25 -72.60 -29.70
C MET J 451 57.57 -74.09 -29.77
N GLU J 452 58.24 -74.63 -28.74
CA GLU J 452 58.56 -76.06 -28.76
C GLU J 452 57.28 -76.89 -28.81
N TYR J 453 56.29 -76.55 -28.00
CA TYR J 453 55.02 -77.26 -28.08
C TYR J 453 54.38 -77.09 -29.45
N HIS J 454 54.28 -75.85 -29.93
CA HIS J 454 53.54 -75.63 -31.17
C HIS J 454 54.22 -76.26 -32.38
N ILE J 455 55.53 -76.49 -32.33
CA ILE J 455 56.24 -77.12 -33.44
C ILE J 455 56.26 -78.64 -33.30
N SER J 456 56.45 -79.16 -32.08
CA SER J 456 56.41 -80.60 -31.89
C SER J 456 55.01 -81.15 -32.14
N ASN J 457 53.98 -80.35 -31.87
CA ASN J 457 52.60 -80.78 -32.12
C ASN J 457 52.23 -80.66 -33.59
N THR J 458 53.01 -79.91 -34.38
CA THR J 458 52.72 -79.77 -35.80
C THR J 458 52.94 -81.10 -36.50
N ASP J 459 52.01 -81.44 -37.40
CA ASP J 459 52.06 -82.68 -38.17
C ASP J 459 52.57 -82.34 -39.56
N GLU J 460 53.85 -82.66 -39.82
CA GLU J 460 54.47 -82.31 -41.09
C GLU J 460 53.83 -83.03 -42.27
N THR J 461 53.16 -84.16 -42.04
CA THR J 461 52.58 -84.93 -43.14
C THR J 461 51.37 -84.25 -43.77
N LYS J 462 50.86 -83.17 -43.20
CA LYS J 462 49.71 -82.47 -43.76
C LYS J 462 50.14 -81.46 -44.82
N GLY J 463 50.82 -81.96 -45.83
CA GLY J 463 51.27 -81.13 -46.93
C GLY J 463 52.60 -80.45 -46.65
N GLU J 464 53.13 -79.82 -47.70
CA GLU J 464 54.44 -79.20 -47.61
C GLU J 464 54.45 -77.99 -46.68
N ASN J 465 53.31 -77.32 -46.52
CA ASN J 465 53.27 -76.13 -45.68
C ASN J 465 53.57 -76.48 -44.23
N TYR J 466 53.04 -77.60 -43.74
CA TYR J 466 53.29 -77.99 -42.36
C TYR J 466 54.75 -78.40 -42.16
N GLN J 467 55.33 -79.09 -43.14
CA GLN J 467 56.76 -79.40 -43.04
C GLN J 467 57.59 -78.12 -43.02
N LEU J 468 57.21 -77.14 -43.85
CA LEU J 468 57.96 -75.89 -43.89
C LEU J 468 57.87 -75.15 -42.56
N VAL J 469 56.67 -75.05 -42.00
CA VAL J 469 56.53 -74.33 -40.73
C VAL J 469 57.26 -75.09 -39.63
N LYS J 470 57.27 -76.42 -39.67
CA LYS J 470 58.00 -77.19 -38.68
C LYS J 470 59.50 -76.92 -38.77
N THR J 471 60.06 -76.94 -39.97
CA THR J 471 61.48 -76.68 -40.12
C THR J 471 61.85 -75.26 -39.71
N LEU J 472 61.05 -74.28 -40.14
CA LEU J 472 61.33 -72.90 -39.77
C LEU J 472 61.20 -72.69 -38.27
N GLY J 473 60.22 -73.34 -37.65
CA GLY J 473 60.07 -73.24 -36.21
C GLY J 473 61.23 -73.88 -35.47
N GLU J 474 61.74 -75.00 -35.97
CA GLU J 474 62.91 -75.61 -35.35
C GLU J 474 64.12 -74.67 -35.45
N GLN J 475 64.30 -74.04 -36.61
CA GLN J 475 65.39 -73.07 -36.75
C GLN J 475 65.23 -71.91 -35.78
N LEU J 476 64.00 -71.41 -35.65
CA LEU J 476 63.77 -70.26 -34.78
C LEU J 476 63.91 -70.64 -33.31
N ILE J 477 63.53 -71.86 -32.95
CA ILE J 477 63.76 -72.33 -31.58
C ILE J 477 65.25 -72.38 -31.30
N GLU J 478 66.03 -72.92 -32.23
CA GLU J 478 67.47 -72.98 -32.04
C GLU J 478 68.05 -71.58 -31.89
N ASN J 479 67.57 -70.64 -32.70
CA ASN J 479 68.07 -69.27 -32.63
C ASN J 479 67.70 -68.60 -31.32
N CYS J 480 66.46 -68.80 -30.85
CA CYS J 480 66.01 -68.15 -29.62
C CYS J 480 66.69 -68.73 -28.39
N LYS J 481 66.98 -70.03 -28.41
CA LYS J 481 67.70 -70.64 -27.29
C LYS J 481 69.07 -70.01 -27.10
N GLN J 482 69.74 -69.62 -28.19
CA GLN J 482 71.01 -68.93 -28.08
C GLN J 482 70.88 -67.57 -27.39
N VAL J 483 69.82 -66.83 -27.71
CA VAL J 483 69.65 -65.46 -27.23
C VAL J 483 68.67 -65.39 -26.06
N LEU J 484 68.46 -66.50 -25.35
CA LEU J 484 67.69 -66.45 -24.12
C LEU J 484 68.25 -65.41 -23.16
N ASP J 485 69.57 -65.41 -22.95
CA ASP J 485 70.23 -64.49 -22.02
C ASP J 485 70.82 -63.27 -22.69
N VAL J 486 70.99 -63.29 -24.03
CA VAL J 486 71.59 -62.16 -24.72
C VAL J 486 70.62 -60.99 -24.74
N ASP J 487 71.16 -59.78 -24.64
CA ASP J 487 70.34 -58.59 -24.62
C ASP J 487 69.64 -58.40 -25.97
N PRO J 488 68.44 -57.80 -25.98
CA PRO J 488 67.80 -57.53 -27.27
C PRO J 488 68.60 -56.51 -28.08
N VAL J 489 68.59 -56.70 -29.40
CA VAL J 489 69.40 -55.89 -30.30
C VAL J 489 68.52 -55.37 -31.42
N TYR J 490 68.76 -54.14 -31.84
CA TYR J 490 68.11 -53.57 -33.01
C TYR J 490 68.86 -54.03 -34.25
N LYS J 491 68.24 -54.88 -35.04
CA LYS J 491 68.82 -55.40 -36.27
C LYS J 491 67.83 -55.18 -37.41
N ASP J 492 68.22 -54.35 -38.37
CA ASP J 492 67.38 -54.02 -39.52
C ASP J 492 67.77 -54.93 -40.68
N VAL J 493 66.79 -55.67 -41.19
CA VAL J 493 67.01 -56.64 -42.27
C VAL J 493 66.22 -56.29 -43.52
N ALA J 494 65.54 -55.15 -43.56
CA ALA J 494 64.81 -54.77 -44.76
C ALA J 494 65.78 -54.51 -45.91
N LYS J 495 65.36 -54.90 -47.10
CA LYS J 495 66.17 -54.64 -48.29
C LYS J 495 66.28 -53.13 -48.50
N PRO J 496 67.48 -52.55 -48.60
CA PRO J 496 67.55 -51.12 -48.94
C PRO J 496 66.92 -50.84 -50.29
N THR J 497 66.19 -49.74 -50.37
CA THR J 497 65.46 -49.35 -51.57
C THR J 497 65.87 -47.94 -51.97
N GLY J 498 66.15 -47.78 -53.27
CA GLY J 498 66.49 -46.49 -53.81
C GLY J 498 65.29 -45.83 -54.45
N PRO J 499 65.45 -44.58 -54.89
CA PRO J 499 64.35 -43.90 -55.58
C PRO J 499 64.23 -44.34 -57.02
N LYS J 500 63.02 -44.27 -57.55
CA LYS J 500 62.74 -44.70 -58.91
C LYS J 500 61.54 -43.92 -59.43
N THR J 501 61.78 -43.06 -60.42
CA THR J 501 60.73 -42.27 -61.05
C THR J 501 60.65 -42.62 -62.52
N ALA J 502 59.44 -42.97 -62.98
CA ALA J 502 59.18 -43.31 -64.36
C ALA J 502 58.09 -42.41 -64.90
N ILE J 503 58.25 -41.99 -66.16
CA ILE J 503 57.27 -41.17 -66.86
C ILE J 503 56.59 -42.05 -67.91
N ASP J 504 55.28 -42.22 -67.78
CA ASP J 504 54.54 -43.02 -68.74
C ASP J 504 54.43 -42.28 -70.08
N LYS J 505 54.01 -43.01 -71.10
CA LYS J 505 53.84 -42.41 -72.42
C LYS J 505 52.81 -41.30 -72.39
N ASN J 506 51.79 -41.41 -71.52
CA ASN J 506 50.78 -40.39 -71.36
C ASN J 506 51.15 -39.36 -70.30
N GLY J 507 52.44 -39.24 -69.98
CA GLY J 507 52.89 -38.25 -69.02
C GLY J 507 52.40 -38.48 -67.61
N ASN J 508 52.43 -39.72 -67.14
CA ASN J 508 52.06 -40.07 -65.77
C ASN J 508 53.32 -40.31 -64.96
N ILE J 509 53.46 -39.62 -63.83
CA ILE J 509 54.61 -39.74 -62.97
C ILE J 509 54.29 -40.79 -61.91
N THR J 510 55.09 -41.85 -61.87
CA THR J 510 54.99 -42.89 -60.85
C THR J 510 56.31 -42.97 -60.11
N TYR J 511 56.26 -42.92 -58.79
CA TYR J 511 57.42 -43.08 -57.93
C TYR J 511 57.30 -44.38 -57.17
N SER J 512 58.38 -45.17 -57.16
CA SER J 512 58.41 -46.44 -56.46
C SER J 512 59.73 -46.59 -55.73
N GLU J 513 59.70 -47.33 -54.63
CA GLU J 513 60.90 -47.62 -53.84
C GLU J 513 61.44 -49.00 -54.23
N GLU J 514 61.99 -49.06 -55.43
CA GLU J 514 62.50 -50.33 -55.93
C GLU J 514 63.80 -50.70 -55.21
N PRO J 515 64.04 -51.99 -54.97
CA PRO J 515 65.27 -52.38 -54.27
C PRO J 515 66.52 -52.01 -55.07
N ARG J 516 67.55 -51.61 -54.35
CA ARG J 516 68.82 -51.26 -54.97
C ARG J 516 69.51 -52.51 -55.47
N GLU J 517 69.99 -52.47 -56.72
CA GLU J 517 70.64 -53.63 -57.30
C GLU J 517 72.01 -53.87 -56.67
N LYS J 518 72.76 -52.79 -56.42
CA LYS J 518 74.11 -52.94 -55.87
C LYS J 518 74.08 -53.29 -54.40
N VAL J 519 73.13 -52.73 -53.65
CA VAL J 519 73.05 -52.86 -52.20
C VAL J 519 71.79 -53.64 -51.86
N ARG J 520 71.95 -54.69 -51.04
CA ARG J 520 70.82 -55.51 -50.62
C ARG J 520 70.87 -55.89 -49.14
N LYS J 521 71.81 -55.39 -48.37
CA LYS J 521 71.89 -55.63 -46.93
C LYS J 521 72.30 -54.34 -46.25
N LEU J 522 72.12 -54.31 -44.93
CA LEU J 522 72.55 -53.14 -44.16
C LEU J 522 74.07 -53.08 -44.09
N SER J 523 74.73 -54.24 -44.06
CA SER J 523 76.19 -54.24 -44.12
C SER J 523 76.68 -53.67 -45.45
N GLN J 524 76.03 -54.04 -46.54
CA GLN J 524 76.37 -53.47 -47.84
C GLN J 524 76.06 -51.98 -47.89
N TYR J 525 74.99 -51.55 -47.22
CA TYR J 525 74.68 -50.13 -47.12
C TYR J 525 75.81 -49.39 -46.43
N VAL J 526 76.30 -49.92 -45.31
CA VAL J 526 77.40 -49.27 -44.60
C VAL J 526 78.68 -49.30 -45.44
N GLN J 527 78.90 -50.38 -46.17
CA GLN J 527 80.07 -50.44 -47.04
C GLN J 527 80.02 -49.36 -48.12
N GLU J 528 78.86 -49.20 -48.76
CA GLU J 528 78.69 -48.14 -49.74
C GLU J 528 78.88 -46.77 -49.08
N MET J 529 78.41 -46.63 -47.85
CA MET J 529 78.50 -45.35 -47.15
C MET J 529 79.96 -44.99 -46.92
N ALA J 530 80.76 -45.97 -46.48
CA ALA J 530 82.19 -45.75 -46.30
C ALA J 530 82.87 -45.46 -47.63
N LEU J 531 82.48 -46.19 -48.68
CA LEU J 531 83.14 -46.01 -49.98
C LEU J 531 82.90 -44.61 -50.54
N GLY J 532 81.68 -44.11 -50.42
CA GLY J 532 81.36 -42.82 -51.02
C GLY J 532 81.16 -42.93 -52.53
N GLY J 533 81.52 -41.86 -53.22
CA GLY J 533 81.37 -41.78 -54.67
C GLY J 533 82.38 -40.85 -55.29
N PRO J 534 82.32 -40.69 -56.62
CA PRO J 534 83.24 -39.73 -57.26
C PRO J 534 83.04 -38.30 -56.81
N ILE J 535 81.79 -37.91 -56.53
CA ILE J 535 81.51 -36.52 -56.18
C ILE J 535 82.09 -36.18 -54.82
N THR J 536 82.03 -37.12 -53.88
CA THR J 536 82.49 -36.84 -52.51
C THR J 536 84.01 -36.74 -52.43
N LYS J 537 84.73 -37.19 -53.46
CA LYS J 537 86.18 -37.08 -53.46
C LYS J 537 86.61 -35.62 -53.55
N GLU J 538 87.77 -35.31 -52.98
CA GLU J 538 88.31 -33.96 -52.99
C GLU J 538 89.78 -34.01 -53.37
N SER J 539 90.27 -32.90 -53.92
CA SER J 539 91.66 -32.79 -54.32
C SER J 539 92.58 -32.80 -53.10
N SER J 623 87.53 -59.54 -40.05
CA SER J 623 88.95 -59.33 -39.80
C SER J 623 89.32 -57.85 -39.93
N LYS J 624 88.83 -57.22 -40.99
CA LYS J 624 89.07 -55.82 -41.27
C LYS J 624 87.74 -55.07 -41.23
N THR J 625 87.70 -53.96 -40.52
CA THR J 625 86.48 -53.18 -40.40
C THR J 625 86.15 -52.48 -41.71
N VAL J 626 84.92 -51.98 -41.80
CA VAL J 626 84.49 -51.23 -42.98
C VAL J 626 85.30 -49.95 -43.12
N SER J 627 85.80 -49.42 -42.00
CA SER J 627 86.63 -48.22 -42.06
C SER J 627 87.88 -48.43 -42.89
N SER J 628 88.42 -49.65 -42.90
CA SER J 628 89.58 -49.95 -43.72
C SER J 628 89.29 -49.80 -45.21
N THR J 629 88.05 -50.05 -45.63
CA THR J 629 87.68 -49.99 -47.03
C THR J 629 87.42 -48.57 -47.53
N ILE J 630 87.52 -47.57 -46.66
CA ILE J 630 87.33 -46.18 -47.07
C ILE J 630 88.40 -45.81 -48.09
N PRO J 631 88.08 -45.18 -49.21
CA PRO J 631 89.14 -44.71 -50.11
C PRO J 631 89.92 -43.56 -49.49
N ARG J 632 91.16 -43.42 -49.95
CA ARG J 632 92.01 -42.34 -49.47
C ARG J 632 91.59 -41.02 -50.11
N GLU J 633 91.62 -39.95 -49.32
CA GLU J 633 91.30 -38.60 -49.80
C GLU J 633 89.86 -38.55 -50.33
N THR J 634 88.92 -39.01 -49.51
CA THR J 634 87.50 -39.00 -49.85
C THR J 634 86.68 -38.82 -48.59
N ILE J 635 85.47 -38.32 -48.77
CA ILE J 635 84.54 -38.01 -47.69
C ILE J 635 83.44 -39.06 -47.72
N PRO J 636 83.29 -39.92 -46.69
CA PRO J 636 82.18 -40.88 -46.72
C PRO J 636 80.83 -40.17 -46.69
N PHE J 637 79.82 -40.86 -47.21
CA PHE J 637 78.47 -40.31 -47.23
C PHE J 637 77.99 -40.00 -45.83
N LEU J 638 78.25 -40.91 -44.88
CA LEU J 638 78.02 -40.67 -43.46
C LEU J 638 79.37 -40.50 -42.80
N HIS J 639 79.58 -39.36 -42.13
CA HIS J 639 80.84 -39.11 -41.46
C HIS J 639 80.58 -38.31 -40.20
N LEU J 640 81.61 -38.21 -39.37
CA LEU J 640 81.59 -37.34 -38.20
C LEU J 640 82.61 -36.24 -38.39
N ARG J 641 82.22 -35.02 -38.04
CA ARG J 641 83.05 -33.84 -38.21
C ARG J 641 83.67 -33.45 -36.87
N LYS J 642 84.92 -33.00 -36.94
CA LYS J 642 85.64 -32.52 -35.78
C LYS J 642 85.86 -31.02 -35.89
N LYS J 643 85.68 -30.31 -34.78
CA LYS J 643 85.83 -28.86 -34.75
C LYS J 643 87.31 -28.51 -34.77
N THR J 644 87.72 -27.77 -35.79
CA THR J 644 89.11 -27.35 -35.88
C THR J 644 89.40 -26.26 -34.85
N PRO J 645 90.68 -26.00 -34.56
CA PRO J 645 91.00 -24.91 -33.63
C PRO J 645 90.47 -23.56 -34.10
N ALA J 646 90.35 -23.36 -35.41
CA ALA J 646 89.76 -22.14 -35.95
C ALA J 646 88.26 -22.05 -35.69
N GLY J 647 87.63 -23.13 -35.24
CA GLY J 647 86.21 -23.11 -34.92
C GLY J 647 85.30 -23.70 -35.97
N ASP J 648 85.84 -24.20 -37.07
CA ASP J 648 85.06 -24.79 -38.14
C ASP J 648 85.05 -26.31 -38.02
N TRP J 649 83.96 -26.92 -38.47
CA TRP J 649 83.77 -28.35 -38.39
C TRP J 649 84.18 -28.99 -39.71
N LYS J 650 85.13 -29.92 -39.65
CA LYS J 650 85.67 -30.59 -40.83
C LYS J 650 85.58 -32.08 -40.64
N TYR J 651 85.51 -32.80 -41.77
CA TYR J 651 85.53 -34.26 -41.75
C TYR J 651 86.76 -34.76 -41.02
N ASP J 652 86.56 -35.75 -40.14
CA ASP J 652 87.63 -36.33 -39.35
C ASP J 652 87.67 -37.84 -39.55
N ARG J 653 88.85 -38.33 -39.93
CA ARG J 653 89.01 -39.75 -40.24
C ARG J 653 88.73 -40.62 -39.02
N GLN J 654 89.26 -40.25 -37.86
CA GLN J 654 89.14 -41.12 -36.69
C GLN J 654 87.68 -41.25 -36.24
N LEU J 655 87.00 -40.11 -36.06
CA LEU J 655 85.61 -40.14 -35.65
C LEU J 655 84.74 -40.81 -36.71
N SER J 656 85.03 -40.56 -37.99
CA SER J 656 84.27 -41.18 -39.05
C SER J 656 84.44 -42.69 -39.03
N SER J 657 85.67 -43.17 -38.87
CA SER J 657 85.90 -44.61 -38.80
C SER J 657 85.19 -45.21 -37.61
N LEU J 658 85.20 -44.52 -36.47
CA LEU J 658 84.47 -45.00 -35.31
C LEU J 658 82.98 -45.14 -35.62
N PHE J 659 82.41 -44.12 -36.26
CA PHE J 659 80.97 -44.15 -36.56
C PHE J 659 80.63 -45.25 -37.56
N LEU J 660 81.42 -45.40 -38.62
CA LEU J 660 81.14 -46.44 -39.61
C LEU J 660 81.37 -47.83 -39.04
N ASP J 661 82.36 -48.00 -38.14
CA ASP J 661 82.54 -49.29 -37.49
C ASP J 661 81.35 -49.62 -36.59
N GLY J 662 80.86 -48.61 -35.86
CA GLY J 662 79.65 -48.82 -35.07
C GLY J 662 78.46 -49.20 -35.93
N LEU J 663 78.33 -48.56 -37.09
CA LEU J 663 77.24 -48.90 -38.00
C LEU J 663 77.40 -50.32 -38.55
N GLU J 664 78.64 -50.73 -38.85
CA GLU J 664 78.87 -52.09 -39.32
C GLU J 664 78.49 -53.10 -38.25
N LYS J 665 78.88 -52.84 -37.01
CA LYS J 665 78.51 -53.74 -35.92
C LYS J 665 76.99 -53.78 -35.72
N ALA J 666 76.33 -52.62 -35.81
CA ALA J 666 74.88 -52.59 -35.68
C ALA J 666 74.19 -53.31 -36.83
N ALA J 667 74.81 -53.30 -38.01
CA ALA J 667 74.21 -53.98 -39.15
C ALA J 667 74.37 -55.49 -39.04
N PHE J 668 75.53 -55.96 -38.57
CA PHE J 668 75.80 -57.39 -38.58
C PHE J 668 75.38 -58.06 -37.27
N ASN J 669 75.94 -57.61 -36.13
CA ASN J 669 75.52 -58.16 -34.84
C ASN J 669 74.18 -57.62 -34.38
N GLY J 670 73.90 -56.35 -34.65
CA GLY J 670 72.78 -55.65 -34.03
C GLY J 670 73.25 -54.85 -32.83
N VAL J 671 72.51 -53.78 -32.52
CA VAL J 671 72.87 -52.86 -31.46
C VAL J 671 71.77 -52.89 -30.40
N THR J 672 72.17 -53.10 -29.15
CA THR J 672 71.24 -53.12 -28.03
C THR J 672 71.10 -51.73 -27.43
N PHE J 673 69.93 -51.46 -26.87
CA PHE J 673 69.64 -50.24 -26.14
C PHE J 673 69.06 -50.56 -24.78
N LYS J 674 69.54 -51.62 -24.14
CA LYS J 674 69.13 -51.95 -22.79
C LYS J 674 69.54 -50.85 -21.82
N ASP J 675 68.68 -50.63 -20.83
CA ASP J 675 68.93 -49.64 -19.78
C ASP J 675 69.14 -48.24 -20.37
N LYS J 676 68.52 -47.99 -21.52
CA LYS J 676 68.60 -46.71 -22.21
C LYS J 676 67.21 -46.08 -22.19
N TYR J 677 67.09 -44.94 -21.53
CA TYR J 677 65.84 -44.21 -21.45
C TYR J 677 65.88 -43.04 -22.42
N VAL J 678 64.98 -43.07 -23.40
CA VAL J 678 64.95 -42.11 -24.49
C VAL J 678 63.66 -41.31 -24.40
N LEU J 679 63.73 -40.04 -24.77
CA LEU J 679 62.56 -39.20 -24.96
C LEU J 679 62.57 -38.70 -26.39
N ILE J 680 61.61 -39.16 -27.19
CA ILE J 680 61.54 -38.83 -28.60
C ILE J 680 60.26 -38.06 -28.86
N THR J 681 60.38 -36.92 -29.54
CA THR J 681 59.24 -36.13 -29.98
C THR J 681 59.21 -36.12 -31.50
N GLY J 682 58.02 -35.92 -32.05
CA GLY J 682 57.85 -35.95 -33.49
C GLY J 682 58.12 -37.29 -34.11
N ALA J 683 57.57 -38.37 -33.55
CA ALA J 683 57.73 -39.72 -34.05
C ALA J 683 56.41 -40.31 -34.55
N GLY J 684 55.60 -39.52 -35.24
CA GLY J 684 54.36 -40.03 -35.78
C GLY J 684 54.59 -40.94 -36.97
N LYS J 685 53.52 -41.59 -37.41
CA LYS J 685 53.60 -42.48 -38.56
C LYS J 685 54.08 -41.74 -39.79
N GLY J 686 54.96 -42.38 -40.55
CA GLY J 686 55.47 -41.80 -41.77
C GLY J 686 56.60 -40.81 -41.58
N SER J 687 57.28 -40.85 -40.43
CA SER J 687 58.37 -39.92 -40.13
C SER J 687 59.61 -40.70 -39.73
N ILE J 688 60.71 -39.97 -39.65
CA ILE J 688 61.98 -40.56 -39.23
C ILE J 688 61.91 -40.98 -37.77
N GLY J 689 61.20 -40.19 -36.96
CA GLY J 689 61.09 -40.52 -35.54
C GLY J 689 60.40 -41.84 -35.30
N ALA J 690 59.42 -42.18 -36.15
CA ALA J 690 58.75 -43.47 -36.01
C ALA J 690 59.72 -44.63 -36.23
N GLU J 691 60.57 -44.52 -37.26
CA GLU J 691 61.55 -45.57 -37.52
C GLU J 691 62.59 -45.63 -36.40
N VAL J 692 63.02 -44.47 -35.90
CA VAL J 692 63.96 -44.45 -34.78
C VAL J 692 63.33 -45.08 -33.55
N LEU J 693 62.04 -44.81 -33.32
CA LEU J 693 61.33 -45.41 -32.20
C LEU J 693 61.24 -46.92 -32.35
N GLN J 694 60.95 -47.38 -33.57
CA GLN J 694 60.91 -48.82 -33.82
C GLN J 694 62.27 -49.45 -33.51
N GLY J 695 63.35 -48.79 -33.94
CA GLY J 695 64.68 -49.32 -33.64
C GLY J 695 64.99 -49.34 -32.15
N LEU J 696 64.60 -48.28 -31.44
CA LEU J 696 64.82 -48.25 -30.00
C LEU J 696 64.05 -49.36 -29.30
N LEU J 697 62.78 -49.55 -29.70
CA LEU J 697 61.97 -50.61 -29.12
C LEU J 697 62.58 -51.98 -29.41
N GLN J 698 63.08 -52.17 -30.63
CA GLN J 698 63.79 -53.41 -30.95
C GLN J 698 64.99 -53.61 -30.05
N GLY J 699 65.79 -52.57 -29.84
CA GLY J 699 66.98 -52.64 -29.02
C GLY J 699 66.71 -52.78 -27.55
N GLY J 700 65.49 -52.51 -27.10
CA GLY J 700 65.12 -52.72 -25.72
C GLY J 700 65.05 -51.46 -24.87
N ALA J 701 64.97 -50.29 -25.50
CA ALA J 701 65.01 -49.04 -24.77
C ALA J 701 63.66 -48.71 -24.16
N LYS J 702 63.69 -47.93 -23.09
CA LYS J 702 62.49 -47.35 -22.50
C LYS J 702 62.25 -45.99 -23.14
N VAL J 703 61.31 -45.92 -24.08
CA VAL J 703 61.10 -44.74 -24.91
C VAL J 703 59.82 -44.03 -24.47
N VAL J 704 59.94 -42.73 -24.24
CA VAL J 704 58.78 -41.87 -24.04
C VAL J 704 58.57 -41.17 -25.37
N VAL J 705 57.56 -41.59 -26.10
CA VAL J 705 57.20 -40.97 -27.37
C VAL J 705 56.10 -39.95 -27.13
N THR J 706 56.30 -38.75 -27.66
CA THR J 706 55.37 -37.65 -27.49
C THR J 706 54.65 -37.39 -28.80
N THR J 707 53.33 -37.26 -28.73
CA THR J 707 52.49 -37.05 -29.91
C THR J 707 51.60 -35.83 -29.73
N SER J 708 51.49 -35.02 -30.77
CA SER J 708 50.59 -33.88 -30.80
C SER J 708 49.23 -34.21 -31.40
N ARG J 709 49.01 -35.46 -31.81
CA ARG J 709 47.75 -35.91 -32.39
C ARG J 709 47.17 -37.05 -31.56
N PHE J 710 47.19 -36.90 -30.23
CA PHE J 710 46.77 -37.97 -29.35
C PHE J 710 45.32 -38.32 -29.59
N SER J 711 45.07 -39.57 -29.96
CA SER J 711 43.73 -40.06 -30.25
C SER J 711 43.78 -41.58 -30.29
N LYS J 712 42.62 -42.19 -30.54
CA LYS J 712 42.57 -43.65 -30.60
C LYS J 712 43.40 -44.18 -31.75
N GLN J 713 43.40 -43.48 -32.88
CA GLN J 713 44.19 -43.92 -34.04
C GLN J 713 45.66 -43.95 -33.68
N VAL J 714 46.17 -42.88 -33.09
CA VAL J 714 47.60 -42.81 -32.75
C VAL J 714 47.95 -43.83 -31.68
N THR J 715 47.11 -43.97 -30.66
CA THR J 715 47.40 -44.92 -29.61
C THR J 715 47.40 -46.36 -30.13
N ASP J 716 46.45 -46.68 -31.03
CA ASP J 716 46.44 -48.00 -31.64
C ASP J 716 47.67 -48.21 -32.51
N TYR J 717 48.09 -47.17 -33.23
CA TYR J 717 49.31 -47.27 -34.03
C TYR J 717 50.51 -47.58 -33.16
N TYR J 718 50.66 -46.88 -32.03
CA TYR J 718 51.80 -47.11 -31.17
C TYR J 718 51.71 -48.46 -30.48
N GLN J 719 50.49 -48.91 -30.17
CA GLN J 719 50.33 -50.25 -29.60
C GLN J 719 50.75 -51.31 -30.61
N SER J 720 50.39 -51.14 -31.88
CA SER J 720 50.81 -52.09 -32.89
C SER J 720 52.33 -52.06 -33.06
N ILE J 721 52.91 -50.87 -33.02
CA ILE J 721 54.36 -50.74 -33.14
C ILE J 721 55.04 -51.48 -31.99
N TYR J 722 54.51 -51.33 -30.78
CA TYR J 722 55.12 -52.01 -29.64
C TYR J 722 54.88 -53.51 -29.69
N ALA J 723 53.68 -53.93 -30.10
CA ALA J 723 53.42 -55.36 -30.21
C ALA J 723 54.30 -56.01 -31.26
N LYS J 724 54.74 -55.24 -32.25
CA LYS J 724 55.60 -55.78 -33.29
C LYS J 724 57.07 -55.74 -32.92
N TYR J 725 57.55 -54.65 -32.30
CA TYR J 725 58.97 -54.42 -32.13
C TYR J 725 59.45 -54.36 -30.68
N GLY J 726 58.59 -54.04 -29.71
CA GLY J 726 59.00 -53.90 -28.34
C GLY J 726 59.66 -55.13 -27.77
N ALA J 727 60.98 -55.06 -27.61
CA ALA J 727 61.75 -56.19 -27.12
C ALA J 727 61.54 -56.37 -25.62
N LYS J 728 62.11 -57.44 -25.09
CA LYS J 728 62.05 -57.70 -23.67
C LYS J 728 62.72 -56.56 -22.91
N GLY J 729 62.03 -56.04 -21.91
CA GLY J 729 62.55 -54.95 -21.10
C GLY J 729 62.27 -53.57 -21.63
N SER J 730 61.68 -53.44 -22.82
CA SER J 730 61.34 -52.14 -23.38
C SER J 730 59.97 -51.70 -22.88
N THR J 731 59.80 -50.39 -22.72
CA THR J 731 58.52 -49.81 -22.34
C THR J 731 58.29 -48.59 -23.21
N LEU J 732 57.11 -48.52 -23.83
CA LEU J 732 56.73 -47.37 -24.64
C LEU J 732 55.70 -46.53 -23.89
N ILE J 733 56.04 -45.28 -23.62
CA ILE J 733 55.15 -44.34 -22.95
C ILE J 733 54.71 -43.32 -23.99
N VAL J 734 53.49 -43.49 -24.51
CA VAL J 734 52.90 -42.55 -25.46
C VAL J 734 52.20 -41.47 -24.65
N VAL J 735 52.61 -40.22 -24.83
CA VAL J 735 51.98 -39.11 -24.10
C VAL J 735 51.54 -38.04 -25.06
N PRO J 736 50.40 -37.38 -24.78
CA PRO J 736 50.07 -36.18 -25.54
C PRO J 736 51.02 -35.07 -25.16
N PHE J 737 51.35 -34.23 -26.14
CA PHE J 737 52.40 -33.26 -25.91
C PHE J 737 52.35 -32.19 -26.97
N ASN J 738 52.48 -30.94 -26.53
CA ASN J 738 52.62 -29.80 -27.41
C ASN J 738 54.00 -29.22 -27.19
N GLN J 739 54.94 -29.52 -28.09
CA GLN J 739 56.27 -28.96 -27.96
C GLN J 739 56.28 -27.45 -28.16
N GLY J 740 55.21 -26.88 -28.66
CA GLY J 740 55.10 -25.44 -28.79
C GLY J 740 54.70 -24.71 -27.54
N SER J 741 54.50 -25.39 -26.42
CA SER J 741 54.15 -24.75 -25.16
C SER J 741 55.15 -25.16 -24.07
N LYS J 742 55.80 -24.16 -23.48
CA LYS J 742 56.80 -24.43 -22.45
C LYS J 742 56.16 -25.07 -21.23
N GLN J 743 54.88 -24.82 -20.98
CA GLN J 743 54.19 -25.51 -19.91
C GLN J 743 54.15 -27.01 -20.17
N ASP J 744 53.88 -27.42 -21.41
CA ASP J 744 53.94 -28.84 -21.73
C ASP J 744 55.36 -29.37 -21.62
N VAL J 745 56.34 -28.58 -22.04
CA VAL J 745 57.74 -29.03 -21.94
C VAL J 745 58.10 -29.31 -20.48
N GLU J 746 57.83 -28.33 -19.61
CA GLU J 746 58.13 -28.48 -18.19
C GLU J 746 57.33 -29.64 -17.58
N ALA J 747 56.05 -29.74 -17.93
CA ALA J 747 55.22 -30.80 -17.37
C ALA J 747 55.69 -32.17 -17.80
N LEU J 748 56.09 -32.32 -19.06
CA LEU J 748 56.58 -33.61 -19.53
C LEU J 748 57.89 -33.99 -18.85
N ILE J 749 58.82 -33.03 -18.73
CA ILE J 749 60.08 -33.37 -18.09
C ILE J 749 59.86 -33.70 -16.61
N GLU J 750 59.00 -32.93 -15.94
CA GLU J 750 58.65 -33.24 -14.56
C GLU J 750 58.01 -34.62 -14.45
N PHE J 751 57.12 -34.96 -15.37
CA PHE J 751 56.45 -36.26 -15.32
C PHE J 751 57.45 -37.40 -15.53
N ILE J 752 58.41 -37.20 -16.44
CA ILE J 752 59.40 -38.24 -16.70
C ILE J 752 60.28 -38.43 -15.47
N TYR J 753 60.71 -37.34 -14.84
CA TYR J 753 61.70 -37.43 -13.78
C TYR J 753 61.11 -37.65 -12.40
N ASP J 754 59.81 -37.42 -12.21
CA ASP J 754 59.20 -37.56 -10.90
C ASP J 754 58.99 -39.03 -10.56
N THR J 755 58.98 -39.32 -9.28
CA THR J 755 58.88 -40.71 -8.82
C THR J 755 57.52 -41.29 -9.16
N GLU J 756 57.47 -42.62 -9.27
CA GLU J 756 56.22 -43.30 -9.56
C GLU J 756 55.20 -43.07 -8.47
N LYS J 757 55.65 -42.92 -7.22
CA LYS J 757 54.74 -42.65 -6.12
C LYS J 757 54.04 -41.31 -6.29
N ASN J 758 54.73 -40.33 -6.88
CA ASN J 758 54.18 -39.01 -7.11
C ASN J 758 53.38 -38.93 -8.41
N GLY J 759 53.21 -40.04 -9.12
CA GLY J 759 52.49 -40.08 -10.38
C GLY J 759 53.34 -39.87 -11.61
N GLY J 760 54.66 -39.87 -11.47
CA GLY J 760 55.56 -39.75 -12.60
C GLY J 760 55.98 -41.10 -13.14
N LEU J 761 57.16 -41.12 -13.77
CA LEU J 761 57.76 -42.36 -14.25
C LEU J 761 58.99 -42.78 -13.46
N GLY J 762 59.60 -41.87 -12.71
CA GLY J 762 60.83 -42.20 -11.99
C GLY J 762 61.95 -42.59 -12.94
N TRP J 763 61.98 -42.00 -14.11
CA TRP J 763 62.97 -42.31 -15.14
C TRP J 763 63.99 -41.20 -15.21
N ASP J 764 65.17 -41.52 -15.75
CA ASP J 764 66.23 -40.56 -16.02
C ASP J 764 66.66 -40.73 -17.46
N LEU J 765 66.53 -39.66 -18.25
CA LEU J 765 66.71 -39.78 -19.68
C LEU J 765 68.17 -40.03 -20.04
N ASP J 766 68.40 -41.07 -20.83
CA ASP J 766 69.70 -41.32 -21.43
C ASP J 766 69.87 -40.69 -22.79
N ALA J 767 68.77 -40.42 -23.50
CA ALA J 767 68.84 -39.78 -24.80
C ALA J 767 67.59 -38.93 -25.01
N ILE J 768 67.76 -37.87 -25.79
CA ILE J 768 66.66 -37.00 -26.19
C ILE J 768 66.73 -36.81 -27.69
N ILE J 769 65.60 -37.02 -28.35
CA ILE J 769 65.49 -36.95 -29.81
C ILE J 769 64.34 -36.00 -30.11
N PRO J 770 64.56 -34.68 -30.09
CA PRO J 770 63.46 -33.72 -30.30
C PRO J 770 63.23 -33.43 -31.78
N PHE J 771 62.63 -34.40 -32.47
CA PHE J 771 62.38 -34.31 -33.90
C PHE J 771 61.03 -33.68 -34.22
N ALA J 772 60.33 -33.14 -33.23
CA ALA J 772 59.04 -32.52 -33.47
C ALA J 772 59.21 -31.22 -34.23
N ALA J 773 58.43 -31.08 -35.30
CA ALA J 773 58.44 -29.88 -36.13
C ALA J 773 57.10 -29.84 -36.86
N ILE J 774 56.70 -28.62 -37.24
CA ILE J 774 55.51 -28.44 -38.08
C ILE J 774 55.97 -27.97 -39.44
N PRO J 775 55.36 -28.42 -40.53
CA PRO J 775 55.88 -28.06 -41.86
C PRO J 775 55.62 -26.60 -42.20
N GLU J 776 56.40 -26.09 -43.14
CA GLU J 776 56.28 -24.72 -43.63
C GLU J 776 56.54 -24.72 -45.12
N GLN J 777 55.54 -24.35 -45.92
CA GLN J 777 55.68 -24.22 -47.36
C GLN J 777 55.28 -22.82 -47.79
N GLY J 778 56.04 -22.27 -48.73
CA GLY J 778 55.68 -20.99 -49.34
C GLY J 778 55.62 -19.84 -48.36
N ILE J 779 56.48 -19.85 -47.34
CA ILE J 779 56.56 -18.79 -46.36
C ILE J 779 57.95 -18.17 -46.51
N GLU J 780 58.06 -17.14 -47.32
CA GLU J 780 59.31 -16.45 -47.56
C GLU J 780 59.55 -15.45 -46.42
N LEU J 781 60.55 -14.58 -46.60
CA LEU J 781 60.83 -13.56 -45.60
C LEU J 781 59.63 -12.67 -45.36
N GLU J 782 58.98 -12.22 -46.44
CA GLU J 782 57.84 -11.32 -46.29
C GLU J 782 56.65 -11.99 -45.62
N HIS J 783 56.57 -13.32 -45.64
CA HIS J 783 55.43 -14.05 -45.11
C HIS J 783 55.66 -14.60 -43.71
N ILE J 784 56.80 -14.31 -43.08
CA ILE J 784 57.03 -14.79 -41.73
C ILE J 784 56.00 -14.18 -40.80
N ASP J 785 55.28 -15.04 -40.08
CA ASP J 785 54.06 -14.66 -39.39
C ASP J 785 53.92 -15.53 -38.14
N SER J 786 52.70 -15.62 -37.62
CA SER J 786 52.44 -16.37 -36.39
C SER J 786 52.84 -17.82 -36.52
N LYS J 787 52.50 -18.45 -37.65
CA LYS J 787 52.85 -19.86 -37.83
C LYS J 787 54.36 -20.05 -37.83
N SER J 788 55.09 -19.15 -38.47
CA SER J 788 56.54 -19.26 -38.51
C SER J 788 57.14 -19.07 -37.12
N GLU J 789 56.63 -18.09 -36.37
CA GLU J 789 57.15 -17.88 -35.02
C GLU J 789 56.84 -19.07 -34.13
N PHE J 790 55.66 -19.66 -34.27
CA PHE J 790 55.30 -20.83 -33.47
C PHE J 790 56.16 -22.04 -33.83
N ALA J 791 56.39 -22.25 -35.13
CA ALA J 791 57.29 -23.33 -35.55
C ALA J 791 58.69 -23.10 -35.03
N HIS J 792 59.17 -21.86 -35.07
CA HIS J 792 60.47 -21.55 -34.51
C HIS J 792 60.51 -21.86 -33.03
N ARG J 793 59.44 -21.52 -32.30
CA ARG J 793 59.40 -21.86 -30.88
C ARG J 793 59.54 -23.35 -30.69
N ILE J 794 58.71 -24.14 -31.39
CA ILE J 794 58.73 -25.60 -31.27
C ILE J 794 60.12 -26.13 -31.54
N MET J 795 60.76 -25.64 -32.60
CA MET J 795 61.94 -26.31 -33.15
C MET J 795 63.25 -25.79 -32.58
N LEU J 796 63.26 -24.60 -31.98
CA LEU J 796 64.45 -24.07 -31.33
C LEU J 796 64.21 -23.76 -29.86
N THR J 797 63.22 -22.93 -29.54
CA THR J 797 63.15 -22.34 -28.21
C THR J 797 62.68 -23.38 -27.20
N ASN J 798 61.66 -24.15 -27.57
CA ASN J 798 61.16 -25.15 -26.64
C ASN J 798 62.06 -26.37 -26.59
N ILE J 799 62.82 -26.64 -27.65
CA ILE J 799 63.88 -27.64 -27.55
C ILE J 799 64.91 -27.20 -26.52
N LEU J 800 65.35 -25.94 -26.59
CA LEU J 800 66.32 -25.45 -25.62
C LEU J 800 65.74 -25.47 -24.22
N ARG J 801 64.46 -25.14 -24.09
CA ARG J 801 63.79 -25.21 -22.79
C ARG J 801 63.73 -26.66 -22.29
N MET J 802 63.53 -27.61 -23.19
CA MET J 802 63.44 -29.01 -22.78
C MET J 802 64.78 -29.53 -22.29
N MET J 803 65.86 -29.21 -23.01
CA MET J 803 67.19 -29.56 -22.51
C MET J 803 67.49 -28.84 -21.20
N GLY J 804 67.08 -27.58 -21.07
CA GLY J 804 67.25 -26.88 -19.80
C GLY J 804 66.50 -27.54 -18.67
N CYS J 805 65.29 -28.02 -18.94
CA CYS J 805 64.50 -28.71 -17.92
C CYS J 805 65.15 -30.03 -17.51
N VAL J 806 65.66 -30.78 -18.48
CA VAL J 806 66.36 -32.02 -18.15
C VAL J 806 67.61 -31.72 -17.31
N LYS J 807 68.33 -30.66 -17.67
CA LYS J 807 69.47 -30.23 -16.89
C LYS J 807 69.05 -29.89 -15.47
N LYS J 808 67.95 -29.16 -15.31
CA LYS J 808 67.48 -28.76 -13.99
C LYS J 808 67.11 -29.99 -13.16
N GLN J 809 66.42 -30.95 -13.77
CA GLN J 809 66.05 -32.16 -13.03
C GLN J 809 67.28 -32.93 -12.59
N LYS J 810 68.24 -33.11 -13.50
CA LYS J 810 69.44 -33.86 -13.15
C LYS J 810 70.24 -33.16 -12.06
N SER J 811 70.35 -31.83 -12.15
CA SER J 811 71.09 -31.08 -11.14
C SER J 811 70.37 -31.13 -9.79
N ALA J 812 69.04 -31.04 -9.80
CA ALA J 812 68.29 -31.11 -8.55
C ALA J 812 68.47 -32.46 -7.89
N ARG J 813 68.50 -33.53 -8.69
CA ARG J 813 68.75 -34.87 -8.18
C ARG J 813 70.23 -35.18 -8.03
N GLY J 814 71.12 -34.24 -8.32
CA GLY J 814 72.53 -34.42 -8.10
C GLY J 814 73.16 -35.45 -9.00
N ILE J 815 72.78 -35.45 -10.28
CA ILE J 815 73.27 -36.40 -11.26
C ILE J 815 74.30 -35.69 -12.14
N GLU J 816 75.53 -36.20 -12.13
CA GLU J 816 76.62 -35.62 -12.91
C GLU J 816 77.16 -36.63 -13.90
N THR J 817 77.02 -37.92 -13.59
CA THR J 817 77.66 -38.99 -14.34
C THR J 817 76.71 -39.75 -15.26
N ARG J 818 75.50 -39.26 -15.48
CA ARG J 818 74.53 -39.89 -16.38
C ARG J 818 73.95 -38.83 -17.31
N PRO J 819 74.74 -38.32 -18.25
CA PRO J 819 74.23 -37.30 -19.18
C PRO J 819 73.20 -37.89 -20.13
N ALA J 820 72.30 -37.02 -20.57
CA ALA J 820 71.33 -37.33 -21.62
C ALA J 820 71.89 -36.87 -22.95
N GLN J 821 71.86 -37.74 -23.95
CA GLN J 821 72.38 -37.42 -25.27
C GLN J 821 71.25 -36.78 -26.08
N VAL J 822 71.37 -35.48 -26.33
CA VAL J 822 70.42 -34.76 -27.16
C VAL J 822 70.85 -34.95 -28.61
N ILE J 823 70.08 -35.73 -29.36
CA ILE J 823 70.33 -35.95 -30.78
C ILE J 823 69.55 -34.87 -31.53
N LEU J 824 70.24 -33.79 -31.85
CA LEU J 824 69.59 -32.64 -32.45
C LEU J 824 69.39 -32.88 -33.96
N PRO J 825 68.16 -32.69 -34.48
CA PRO J 825 67.98 -32.74 -35.93
C PRO J 825 68.45 -31.44 -36.57
N MET J 826 69.46 -31.55 -37.44
CA MET J 826 70.05 -30.39 -38.10
C MET J 826 69.90 -30.53 -39.60
N SER J 827 69.78 -29.40 -40.27
CA SER J 827 69.63 -29.33 -41.71
C SER J 827 70.96 -29.02 -42.34
N PRO J 828 71.42 -29.76 -43.35
CA PRO J 828 72.63 -29.31 -44.06
C PRO J 828 72.45 -27.97 -44.75
N ASN J 829 71.22 -27.66 -45.15
CA ASN J 829 70.90 -26.47 -45.91
C ASN J 829 70.17 -25.48 -45.01
N HIS J 830 70.71 -24.27 -44.90
CA HIS J 830 70.14 -23.19 -44.10
C HIS J 830 69.78 -22.05 -45.04
N GLY J 831 68.55 -22.06 -45.53
CA GLY J 831 68.09 -21.06 -46.46
C GLY J 831 68.38 -21.34 -47.92
N THR J 832 68.86 -22.54 -48.25
CA THR J 832 69.16 -22.86 -49.65
C THR J 832 67.89 -22.88 -50.48
N PHE J 833 66.81 -23.46 -49.94
CA PHE J 833 65.56 -23.57 -50.68
C PHE J 833 64.66 -22.36 -50.46
N GLY J 834 64.65 -21.84 -49.24
CA GLY J 834 63.80 -20.71 -48.92
C GLY J 834 62.34 -21.08 -48.93
N GLY J 835 61.50 -20.09 -48.62
CA GLY J 835 60.07 -20.32 -48.58
C GLY J 835 59.66 -21.34 -47.54
N ASP J 836 60.44 -21.46 -46.46
CA ASP J 836 60.16 -22.41 -45.38
C ASP J 836 60.06 -21.70 -44.03
N GLY J 837 59.73 -20.42 -44.06
CA GLY J 837 59.56 -19.69 -42.80
C GLY J 837 60.85 -19.59 -42.04
N MET J 838 60.82 -20.08 -40.79
CA MET J 838 61.96 -20.01 -39.88
C MET J 838 62.59 -21.39 -39.65
N TYR J 839 62.36 -22.34 -40.57
CA TYR J 839 62.98 -23.65 -40.45
C TYR J 839 64.50 -23.54 -40.43
N SER J 840 65.06 -22.82 -41.40
CA SER J 840 66.50 -22.67 -41.46
C SER J 840 67.02 -21.93 -40.25
N GLU J 841 66.28 -20.93 -39.78
CA GLU J 841 66.69 -20.21 -38.57
C GLU J 841 66.79 -21.13 -37.37
N SER J 842 65.77 -21.98 -37.16
CA SER J 842 65.80 -22.91 -36.05
C SER J 842 66.95 -23.89 -36.18
N LYS J 843 67.09 -24.49 -37.36
CA LYS J 843 68.13 -25.50 -37.56
C LYS J 843 69.52 -24.91 -37.37
N LEU J 844 69.73 -23.68 -37.85
CA LEU J 844 71.05 -23.07 -37.75
C LEU J 844 71.33 -22.58 -36.34
N SER J 845 70.31 -22.08 -35.64
CA SER J 845 70.52 -21.65 -34.25
C SER J 845 70.70 -22.84 -33.32
N LEU J 846 70.28 -24.04 -33.73
CA LEU J 846 70.59 -25.22 -32.93
C LEU J 846 72.09 -25.53 -32.91
N GLU J 847 72.88 -24.93 -33.79
CA GLU J 847 74.31 -25.21 -33.80
C GLU J 847 75.08 -24.45 -32.73
N THR J 848 74.45 -23.50 -32.04
CA THR J 848 75.09 -22.84 -30.90
C THR J 848 75.34 -23.80 -29.75
N LEU J 849 74.65 -24.93 -29.72
CA LEU J 849 74.74 -25.82 -28.57
C LEU J 849 76.11 -26.47 -28.47
N PHE J 850 76.80 -26.64 -29.60
CA PHE J 850 78.16 -27.20 -29.55
C PHE J 850 79.08 -26.32 -28.73
N ASN J 851 78.99 -25.01 -28.90
CA ASN J 851 79.83 -24.09 -28.12
C ASN J 851 79.27 -23.89 -26.72
N ARG J 852 77.93 -23.86 -26.58
CA ARG J 852 77.33 -23.69 -25.27
C ARG J 852 77.67 -24.85 -24.34
N TRP J 853 77.85 -26.04 -24.89
CA TRP J 853 78.23 -27.20 -24.10
C TRP J 853 79.53 -26.95 -23.36
N HIS J 854 80.52 -26.39 -24.06
CA HIS J 854 81.78 -26.04 -23.41
C HIS J 854 81.67 -24.81 -22.53
N SER J 855 80.92 -23.81 -22.96
CA SER J 855 80.94 -22.50 -22.31
C SER J 855 80.01 -22.39 -21.12
N GLU J 856 79.13 -23.37 -20.89
CA GLU J 856 78.16 -23.31 -19.81
C GLU J 856 78.29 -24.55 -18.93
N SER J 857 77.50 -24.57 -17.86
CA SER J 857 77.65 -25.56 -16.78
C SER J 857 76.62 -26.68 -16.87
N TRP J 858 76.25 -27.10 -18.09
CA TRP J 858 75.36 -28.24 -18.28
C TRP J 858 76.01 -29.35 -19.10
N ALA J 859 77.34 -29.35 -19.21
CA ALA J 859 78.02 -30.39 -19.97
C ALA J 859 77.85 -31.76 -19.33
N ASN J 860 77.83 -31.82 -17.99
CA ASN J 860 77.74 -33.10 -17.31
C ASN J 860 76.33 -33.66 -17.32
N GLN J 861 75.31 -32.84 -17.58
CA GLN J 861 73.94 -33.31 -17.62
C GLN J 861 73.47 -33.64 -19.03
N LEU J 862 74.04 -33.00 -20.04
CA LEU J 862 73.64 -33.24 -21.43
C LEU J 862 74.87 -33.34 -22.31
N THR J 863 74.73 -34.08 -23.41
CA THR J 863 75.77 -34.20 -24.42
C THR J 863 75.13 -33.96 -25.78
N VAL J 864 75.75 -33.09 -26.58
CA VAL J 864 75.17 -32.64 -27.84
C VAL J 864 75.64 -33.54 -28.97
N CYS J 865 74.68 -34.05 -29.74
CA CYS J 865 74.96 -34.88 -30.90
C CYS J 865 74.12 -34.31 -32.06
N GLY J 866 74.72 -33.42 -32.83
CA GLY J 866 74.00 -32.83 -33.94
C GLY J 866 74.02 -33.72 -35.16
N ALA J 867 72.90 -34.38 -35.46
CA ALA J 867 72.79 -35.21 -36.64
C ALA J 867 72.25 -34.36 -37.78
N ILE J 868 73.09 -34.12 -38.78
CA ILE J 868 72.71 -33.37 -39.97
C ILE J 868 72.03 -34.39 -40.88
N ILE J 869 70.71 -34.36 -40.89
CA ILE J 869 69.93 -35.35 -41.63
C ILE J 869 69.91 -34.94 -43.10
N GLY J 870 70.20 -35.90 -43.98
CA GLY J 870 70.25 -35.65 -45.40
C GLY J 870 68.91 -35.81 -46.08
N TRP J 871 68.95 -35.90 -47.40
CA TRP J 871 67.74 -36.09 -48.18
C TRP J 871 67.11 -37.42 -47.82
N THR J 872 65.95 -37.37 -47.17
CA THR J 872 65.23 -38.56 -46.73
C THR J 872 63.94 -38.67 -47.53
N ARG J 873 63.59 -39.89 -47.92
CA ARG J 873 62.41 -40.15 -48.74
C ARG J 873 61.29 -40.68 -47.85
N GLY J 874 60.17 -39.96 -47.82
CA GLY J 874 59.02 -40.37 -47.02
C GLY J 874 58.09 -41.30 -47.77
N ALA J 880 56.55 -35.04 -54.54
CA ALA J 880 57.03 -33.66 -54.58
C ALA J 880 58.54 -33.62 -54.46
N ASN J 881 59.06 -34.15 -53.35
CA ASN J 881 60.48 -34.21 -53.09
C ASN J 881 61.09 -35.58 -53.40
N ASN J 882 60.28 -36.51 -53.92
CA ASN J 882 60.72 -37.87 -54.17
C ASN J 882 60.92 -38.11 -55.67
N ILE J 883 60.12 -37.41 -56.48
CA ILE J 883 60.17 -37.62 -57.93
C ILE J 883 61.55 -37.30 -58.48
N ILE J 884 62.26 -36.35 -57.84
CA ILE J 884 63.58 -35.95 -58.30
C ILE J 884 64.71 -36.66 -57.56
N ALA J 885 64.40 -37.55 -56.61
CA ALA J 885 65.44 -38.22 -55.85
C ALA J 885 66.33 -39.06 -56.76
N GLU J 886 65.73 -39.72 -57.75
CA GLU J 886 66.52 -40.48 -58.71
C GLU J 886 67.48 -39.57 -59.48
N GLY J 887 66.99 -38.39 -59.90
CA GLY J 887 67.83 -37.46 -60.61
C GLY J 887 68.97 -36.91 -59.79
N ILE J 888 68.74 -36.66 -58.50
CA ILE J 888 69.83 -36.21 -57.63
C ILE J 888 70.89 -37.29 -57.48
N GLU J 889 70.52 -38.57 -57.53
CA GLU J 889 71.48 -39.64 -57.33
C GLU J 889 72.33 -39.94 -58.56
N LYS J 890 71.98 -39.43 -59.74
CA LYS J 890 72.77 -39.71 -60.92
C LYS J 890 74.15 -39.07 -60.89
N MET J 891 74.39 -38.11 -59.99
CA MET J 891 75.67 -37.43 -59.90
C MET J 891 76.50 -37.88 -58.70
N GLY J 892 76.22 -39.06 -58.15
CA GLY J 892 76.96 -39.59 -57.03
C GLY J 892 76.41 -39.24 -55.67
N VAL J 893 75.50 -38.27 -55.59
CA VAL J 893 74.87 -37.95 -54.32
C VAL J 893 74.04 -39.14 -53.86
N ARG J 894 73.93 -39.31 -52.54
CA ARG J 894 73.21 -40.41 -51.95
C ARG J 894 71.97 -39.89 -51.24
N THR J 895 70.83 -40.53 -51.52
CA THR J 895 69.56 -40.22 -50.89
C THR J 895 69.14 -41.41 -50.04
N PHE J 896 68.63 -41.12 -48.85
CA PHE J 896 68.31 -42.14 -47.86
C PHE J 896 66.81 -42.31 -47.76
N SER J 897 66.40 -43.49 -47.30
CA SER J 897 65.01 -43.76 -46.94
C SER J 897 64.84 -43.48 -45.46
N GLN J 898 63.60 -43.57 -44.99
CA GLN J 898 63.34 -43.34 -43.57
C GLN J 898 64.02 -44.41 -42.72
N LYS J 899 63.99 -45.66 -43.18
CA LYS J 899 64.65 -46.73 -42.45
C LYS J 899 66.16 -46.53 -42.41
N GLU J 900 66.77 -46.17 -43.55
CA GLU J 900 68.21 -45.94 -43.57
C GLU J 900 68.60 -44.76 -42.68
N MET J 901 67.80 -43.69 -42.72
CA MET J 901 68.09 -42.53 -41.89
C MET J 901 67.95 -42.86 -40.42
N ALA J 902 66.94 -43.67 -40.07
CA ALA J 902 66.79 -44.11 -38.69
C ALA J 902 67.96 -44.99 -38.27
N PHE J 903 68.45 -45.85 -39.16
CA PHE J 903 69.62 -46.66 -38.86
C PHE J 903 70.82 -45.78 -38.59
N ASN J 904 71.01 -44.73 -39.41
CA ASN J 904 72.12 -43.81 -39.19
C ASN J 904 71.98 -43.09 -37.86
N LEU J 905 70.77 -42.66 -37.52
CA LEU J 905 70.56 -41.94 -36.26
C LEU J 905 70.77 -42.86 -35.06
N LEU J 906 70.33 -44.11 -35.17
CA LEU J 906 70.53 -45.07 -34.08
C LEU J 906 71.98 -45.49 -33.96
N GLY J 907 72.75 -45.38 -35.05
CA GLY J 907 74.17 -45.60 -34.95
C GLY J 907 74.86 -44.59 -34.05
N LEU J 908 74.23 -43.43 -33.87
CA LEU J 908 74.76 -42.42 -32.96
C LEU J 908 74.45 -42.71 -31.51
N LEU J 909 73.57 -43.68 -31.23
CA LEU J 909 73.27 -44.11 -29.87
C LEU J 909 74.08 -45.33 -29.45
N THR J 910 75.04 -45.78 -30.26
CA THR J 910 75.88 -46.88 -29.86
C THR J 910 76.72 -46.47 -28.65
N PRO J 911 77.20 -47.42 -27.85
CA PRO J 911 77.99 -47.04 -26.67
C PRO J 911 79.23 -46.23 -27.01
N GLU J 912 79.87 -46.52 -28.13
CA GLU J 912 81.11 -45.82 -28.48
C GLU J 912 80.82 -44.38 -28.89
N VAL J 913 79.76 -44.16 -29.66
CA VAL J 913 79.39 -42.79 -30.02
C VAL J 913 78.85 -42.05 -28.80
N VAL J 914 78.18 -42.74 -27.89
CA VAL J 914 77.74 -42.11 -26.64
C VAL J 914 78.94 -41.64 -25.84
N GLU J 915 79.96 -42.50 -25.73
CA GLU J 915 81.18 -42.14 -25.01
C GLU J 915 81.89 -40.99 -25.70
N LEU J 916 81.88 -40.97 -27.03
CA LEU J 916 82.47 -39.86 -27.78
C LEU J 916 81.73 -38.55 -27.52
N CYS J 917 80.39 -38.61 -27.47
CA CYS J 917 79.60 -37.42 -27.16
C CYS J 917 79.90 -36.92 -25.74
N GLN J 918 80.06 -37.84 -24.81
CA GLN J 918 80.41 -37.45 -23.45
C GLN J 918 81.79 -36.80 -23.41
N LYS J 919 82.73 -37.31 -24.22
CA LYS J 919 84.03 -36.66 -24.33
C LYS J 919 83.89 -35.22 -24.86
N SER J 920 83.17 -35.05 -25.96
CA SER J 920 82.97 -33.74 -26.54
C SER J 920 81.77 -33.81 -27.48
N PRO J 921 81.06 -32.69 -27.69
CA PRO J 921 79.89 -32.74 -28.57
C PRO J 921 80.28 -33.10 -29.99
N VAL J 922 79.42 -33.88 -30.64
CA VAL J 922 79.75 -34.43 -31.95
C VAL J 922 78.76 -33.92 -32.98
N MET J 923 79.27 -33.68 -34.18
CA MET J 923 78.49 -33.29 -35.34
C MET J 923 78.56 -34.43 -36.36
N ALA J 924 77.53 -35.25 -36.41
CA ALA J 924 77.44 -36.29 -37.42
C ALA J 924 76.82 -35.69 -38.68
N ASP J 925 77.49 -35.83 -39.81
CA ASP J 925 76.97 -35.42 -41.10
C ASP J 925 76.47 -36.68 -41.80
N LEU J 926 75.15 -36.83 -41.89
CA LEU J 926 74.52 -37.94 -42.59
C LEU J 926 73.89 -37.46 -43.88
N ASN J 927 74.55 -36.50 -44.54
CA ASN J 927 73.95 -35.79 -45.66
C ASN J 927 74.06 -36.54 -46.98
N GLY J 928 74.90 -37.57 -47.06
CA GLY J 928 75.01 -38.34 -48.28
C GLY J 928 75.74 -37.63 -49.40
N GLY J 929 76.57 -36.65 -49.07
CA GLY J 929 77.29 -35.91 -50.09
C GLY J 929 76.47 -34.84 -50.78
N LEU J 930 75.30 -34.50 -50.24
CA LEU J 930 74.46 -33.48 -50.86
C LEU J 930 75.10 -32.11 -50.86
N GLN J 931 76.09 -31.87 -49.99
CA GLN J 931 76.71 -30.55 -49.93
C GLN J 931 77.66 -30.31 -51.09
N PHE J 932 78.11 -31.37 -51.77
CA PHE J 932 79.14 -31.20 -52.79
C PHE J 932 78.56 -30.72 -54.11
N VAL J 933 77.26 -30.90 -54.34
CA VAL J 933 76.68 -30.41 -55.58
C VAL J 933 76.63 -28.88 -55.56
N PRO J 934 77.08 -28.18 -56.60
CA PRO J 934 77.00 -26.72 -56.58
C PRO J 934 75.60 -26.24 -56.96
N GLU J 935 75.13 -25.22 -56.23
CA GLU J 935 73.82 -24.62 -56.46
C GLU J 935 72.73 -25.68 -56.37
N LEU J 936 72.63 -26.28 -55.18
CA LEU J 936 71.73 -27.40 -54.97
C LEU J 936 70.27 -26.99 -55.16
N LYS J 937 69.89 -25.80 -54.68
CA LYS J 937 68.52 -25.34 -54.85
C LYS J 937 68.17 -25.21 -56.33
N GLU J 938 69.03 -24.55 -57.10
CA GLU J 938 68.74 -24.35 -58.52
C GLU J 938 68.75 -25.67 -59.26
N PHE J 939 69.66 -26.58 -58.91
CA PHE J 939 69.70 -27.88 -59.58
C PHE J 939 68.45 -28.69 -59.29
N THR J 940 67.99 -28.67 -58.03
CA THR J 940 66.76 -29.36 -57.67
C THR J 940 65.56 -28.77 -58.41
N ALA J 941 65.51 -27.43 -58.49
CA ALA J 941 64.44 -26.80 -59.25
C ALA J 941 64.50 -27.19 -60.71
N LYS J 942 65.71 -27.31 -61.27
CA LYS J 942 65.85 -27.73 -62.66
C LYS J 942 65.36 -29.16 -62.86
N LEU J 943 65.69 -30.05 -61.93
CA LEU J 943 65.20 -31.43 -62.04
C LEU J 943 63.69 -31.48 -62.00
N ARG J 944 63.08 -30.77 -61.04
CA ARG J 944 61.63 -30.77 -60.94
C ARG J 944 61.00 -30.16 -62.19
N LYS J 945 61.59 -29.07 -62.70
CA LYS J 945 61.07 -28.43 -63.89
C LYS J 945 61.13 -29.37 -65.09
N GLU J 946 62.24 -30.10 -65.23
CA GLU J 946 62.37 -31.03 -66.34
C GLU J 946 61.32 -32.14 -66.24
N LEU J 947 61.16 -32.72 -65.05
CA LEU J 947 60.20 -33.81 -64.90
C LEU J 947 58.78 -33.30 -65.15
N VAL J 948 58.42 -32.15 -64.60
CA VAL J 948 57.07 -31.62 -64.77
C VAL J 948 56.82 -31.28 -66.23
N GLU J 949 57.80 -30.66 -66.90
CA GLU J 949 57.62 -30.30 -68.30
C GLU J 949 57.45 -31.54 -69.15
N THR J 950 58.26 -32.57 -68.92
CA THR J 950 58.12 -33.80 -69.69
C THR J 950 56.74 -34.43 -69.45
N SER J 951 56.30 -34.48 -68.20
CA SER J 951 55.01 -35.08 -67.90
C SER J 951 53.87 -34.31 -68.56
N GLU J 952 53.87 -32.98 -68.43
CA GLU J 952 52.80 -32.18 -69.02
C GLU J 952 52.81 -32.26 -70.53
N VAL J 953 53.99 -32.23 -71.15
CA VAL J 953 54.08 -32.30 -72.60
C VAL J 953 53.55 -33.64 -73.09
N ARG J 954 53.95 -34.73 -72.43
CA ARG J 954 53.48 -36.05 -72.83
C ARG J 954 51.97 -36.17 -72.65
N LYS J 955 51.44 -35.65 -71.53
CA LYS J 955 50.01 -35.75 -71.30
C LYS J 955 49.23 -34.95 -72.34
N ALA J 956 49.69 -33.74 -72.67
CA ALA J 956 49.01 -32.92 -73.67
C ALA J 956 49.07 -33.58 -75.04
N VAL J 957 50.24 -34.12 -75.41
CA VAL J 957 50.37 -34.75 -76.72
C VAL J 957 49.48 -36.00 -76.78
N SER J 958 49.42 -36.77 -75.70
CA SER J 958 48.57 -37.96 -75.69
C SER J 958 47.10 -37.57 -75.81
N ILE J 959 46.68 -36.54 -75.08
CA ILE J 959 45.28 -36.11 -75.16
C ILE J 959 44.95 -35.63 -76.56
N GLU J 960 45.84 -34.86 -77.18
CA GLU J 960 45.55 -34.34 -78.51
C GLU J 960 45.56 -35.46 -79.55
N THR J 961 46.48 -36.42 -79.42
CA THR J 961 46.47 -37.57 -80.31
C THR J 961 45.18 -38.37 -80.16
N ALA J 962 44.72 -38.54 -78.92
CA ALA J 962 43.47 -39.25 -78.69
C ALA J 962 42.30 -38.51 -79.33
N LEU J 963 42.25 -37.19 -79.16
CA LEU J 963 41.14 -36.43 -79.75
C LEU J 963 41.19 -36.47 -81.28
N GLU J 964 42.39 -36.39 -81.85
CA GLU J 964 42.52 -36.51 -83.30
C GLU J 964 42.06 -37.88 -83.78
N HIS J 965 42.42 -38.93 -83.05
CA HIS J 965 41.97 -40.27 -83.42
C HIS J 965 40.44 -40.37 -83.33
N LYS J 966 39.85 -39.83 -82.27
CA LYS J 966 38.41 -39.94 -82.10
C LYS J 966 37.66 -39.16 -83.18
N VAL J 967 38.13 -37.96 -83.52
CA VAL J 967 37.46 -37.19 -84.55
C VAL J 967 37.65 -37.83 -85.93
N VAL J 968 38.83 -38.39 -86.19
CA VAL J 968 39.09 -39.01 -87.49
C VAL J 968 38.25 -40.27 -87.67
N ASN J 969 38.24 -41.14 -86.65
CA ASN J 969 37.60 -42.45 -86.77
C ASN J 969 36.23 -42.51 -86.13
N GLY J 970 35.64 -41.37 -85.76
CA GLY J 970 34.33 -41.42 -85.14
C GLY J 970 34.42 -41.96 -83.72
N ASN J 971 33.24 -42.26 -83.17
CA ASN J 971 33.15 -42.81 -81.82
C ASN J 971 33.20 -44.33 -81.86
N GLN J 979 34.10 -51.10 -72.34
CA GLN J 979 33.80 -52.31 -71.57
C GLN J 979 32.84 -52.01 -70.44
N VAL J 980 31.67 -52.66 -70.46
CA VAL J 980 30.73 -52.51 -69.36
C VAL J 980 31.34 -53.13 -68.11
N GLU J 981 31.29 -52.39 -67.00
CA GLU J 981 31.90 -52.82 -65.75
C GLU J 981 30.80 -53.16 -64.75
N ILE J 982 31.03 -54.17 -63.93
CA ILE J 982 30.02 -54.71 -63.03
C ILE J 982 30.41 -54.42 -61.60
N GLN J 983 29.42 -54.08 -60.80
CA GLN J 983 29.55 -53.62 -59.44
C GLN J 983 29.10 -54.72 -58.47
N PRO J 984 29.71 -54.84 -57.30
CA PRO J 984 29.24 -55.84 -56.36
C PRO J 984 27.88 -55.48 -55.79
N ARG J 985 27.10 -56.51 -55.48
CA ARG J 985 25.77 -56.36 -54.90
C ARG J 985 25.68 -57.25 -53.68
N ALA J 986 25.03 -56.75 -52.64
CA ALA J 986 25.01 -57.44 -51.35
C ALA J 986 24.26 -58.76 -51.47
N ASN J 987 24.93 -59.85 -51.08
CA ASN J 987 24.36 -61.19 -51.06
C ASN J 987 24.64 -61.75 -49.67
N ILE J 988 23.76 -61.46 -48.73
CA ILE J 988 23.97 -61.83 -47.34
C ILE J 988 23.73 -63.33 -47.18
N GLN J 989 24.71 -64.03 -46.62
CA GLN J 989 24.66 -65.46 -46.41
C GLN J 989 24.37 -65.76 -44.95
N LEU J 990 23.61 -66.82 -44.70
CA LEU J 990 23.33 -67.24 -43.34
C LEU J 990 24.55 -67.84 -42.64
N ASP J 991 25.59 -68.19 -43.39
CA ASP J 991 26.82 -68.71 -42.82
C ASP J 991 26.58 -70.02 -42.07
N PHE J 992 25.88 -70.93 -42.73
CA PHE J 992 25.72 -72.26 -42.18
C PHE J 992 27.07 -72.95 -42.12
N PRO J 993 27.26 -73.90 -41.19
CA PRO J 993 28.56 -74.56 -41.10
C PRO J 993 28.92 -75.30 -42.38
N GLU J 994 30.20 -75.29 -42.70
CA GLU J 994 30.70 -76.04 -43.85
C GLU J 994 30.63 -77.52 -43.55
N LEU J 995 29.99 -78.27 -44.44
CA LEU J 995 29.87 -79.73 -44.30
C LEU J 995 30.90 -80.35 -45.23
N LYS J 996 31.98 -80.85 -44.65
CA LYS J 996 33.05 -81.46 -45.42
C LYS J 996 32.65 -82.86 -45.87
N PRO J 997 33.35 -83.43 -46.86
CA PRO J 997 33.07 -84.81 -47.26
C PRO J 997 33.24 -85.78 -46.11
N TYR J 998 32.60 -86.94 -46.24
CA TYR J 998 32.55 -87.87 -45.13
C TYR J 998 33.93 -88.40 -44.76
N LYS J 999 34.78 -88.70 -45.76
CA LYS J 999 36.11 -89.20 -45.43
C LYS J 999 36.91 -88.14 -44.68
N GLN J 1000 36.80 -86.88 -45.10
CA GLN J 1000 37.51 -85.80 -44.42
C GLN J 1000 37.02 -85.63 -42.99
N VAL J 1001 35.69 -85.67 -42.79
CA VAL J 1001 35.15 -85.45 -41.45
C VAL J 1001 35.41 -86.67 -40.56
N LYS J 1002 35.59 -87.85 -41.17
CA LYS J 1002 35.86 -89.05 -40.38
C LYS J 1002 37.33 -89.16 -40.01
N GLN J 1003 38.22 -88.59 -40.83
CA GLN J 1003 39.64 -88.66 -40.53
C GLN J 1003 39.97 -88.00 -39.20
N ILE J 1004 39.39 -86.81 -38.95
CA ILE J 1004 39.74 -86.06 -37.76
C ILE J 1004 39.19 -86.74 -36.50
N ALA J 1005 37.97 -87.26 -36.57
CA ALA J 1005 37.39 -87.90 -35.40
C ALA J 1005 37.97 -89.29 -35.20
N PRO J 1006 37.91 -89.83 -33.98
CA PRO J 1006 38.41 -91.20 -33.78
C PRO J 1006 37.56 -92.21 -34.53
N ALA J 1007 38.20 -93.30 -34.95
CA ALA J 1007 37.49 -94.36 -35.65
C ALA J 1007 36.49 -95.07 -34.76
N GLU J 1008 36.71 -95.07 -33.44
CA GLU J 1008 35.84 -95.77 -32.51
C GLU J 1008 34.64 -94.93 -32.08
N LEU J 1009 34.53 -93.68 -32.53
CA LEU J 1009 33.37 -92.88 -32.17
C LEU J 1009 32.10 -93.33 -32.87
N GLU J 1010 32.21 -94.05 -33.97
CA GLU J 1010 31.04 -94.46 -34.74
C GLU J 1010 30.20 -95.43 -33.92
N GLY J 1011 28.98 -95.03 -33.59
CA GLY J 1011 28.08 -95.85 -32.81
C GLY J 1011 28.36 -95.85 -31.31
N LEU J 1012 29.34 -95.07 -30.85
CA LEU J 1012 29.71 -95.07 -29.44
C LEU J 1012 28.84 -94.11 -28.64
N LEU J 1013 28.49 -92.97 -29.22
CA LEU J 1013 27.79 -91.92 -28.49
C LEU J 1013 26.28 -92.06 -28.65
N ASP J 1014 25.56 -91.71 -27.60
CA ASP J 1014 24.10 -91.61 -27.64
C ASP J 1014 23.76 -90.21 -28.15
N LEU J 1015 23.40 -90.13 -29.43
CA LEU J 1015 23.14 -88.84 -30.05
C LEU J 1015 21.94 -88.15 -29.41
N GLU J 1016 21.02 -88.92 -28.84
CA GLU J 1016 19.95 -88.32 -28.06
C GLU J 1016 20.51 -87.63 -26.81
N ARG J 1017 21.65 -88.10 -26.31
CA ARG J 1017 22.30 -87.50 -25.16
C ARG J 1017 23.38 -86.49 -25.54
N VAL J 1018 23.65 -86.30 -26.83
CA VAL J 1018 24.57 -85.27 -27.30
C VAL J 1018 23.77 -84.02 -27.64
N ILE J 1019 24.15 -82.88 -27.05
CA ILE J 1019 23.48 -81.60 -27.27
C ILE J 1019 24.26 -80.82 -28.31
N VAL J 1020 23.55 -80.28 -29.30
CA VAL J 1020 24.15 -79.53 -30.40
C VAL J 1020 23.47 -78.18 -30.51
N VAL J 1021 24.25 -77.12 -30.66
CA VAL J 1021 23.71 -75.79 -30.93
C VAL J 1021 23.36 -75.76 -32.42
N THR J 1022 22.07 -75.86 -32.74
CA THR J 1022 21.67 -75.87 -34.14
C THR J 1022 21.43 -74.48 -34.68
N GLY J 1023 21.10 -73.52 -33.82
CA GLY J 1023 20.93 -72.15 -34.25
C GLY J 1023 21.44 -71.19 -33.21
N PHE J 1024 21.73 -69.97 -33.66
CA PHE J 1024 22.09 -68.91 -32.73
C PHE J 1024 21.83 -67.57 -33.40
N ALA J 1025 21.65 -66.55 -32.57
CA ALA J 1025 21.44 -65.19 -33.03
C ALA J 1025 21.56 -64.26 -31.86
N GLU J 1026 21.67 -62.97 -32.15
CA GLU J 1026 21.74 -61.97 -31.10
C GLU J 1026 21.29 -60.64 -31.65
N VAL J 1027 20.91 -59.75 -30.72
CA VAL J 1027 20.68 -58.34 -30.99
C VAL J 1027 21.57 -57.59 -30.00
N GLY J 1028 22.43 -56.73 -30.50
CA GLY J 1028 23.39 -56.06 -29.68
C GLY J 1028 23.89 -54.77 -30.28
N PRO J 1029 24.94 -54.19 -29.68
CA PRO J 1029 25.44 -52.89 -30.17
C PRO J 1029 25.95 -52.90 -31.60
N TRP J 1030 26.19 -54.08 -32.18
CA TRP J 1030 26.66 -54.16 -33.55
C TRP J 1030 25.68 -54.97 -34.40
N GLY J 1031 24.39 -54.79 -34.13
CA GLY J 1031 23.38 -55.45 -34.92
C GLY J 1031 23.29 -56.93 -34.62
N SER J 1032 23.21 -57.72 -35.68
CA SER J 1032 22.99 -59.16 -35.56
C SER J 1032 24.31 -59.87 -35.26
N ALA J 1033 24.24 -61.20 -35.12
CA ALA J 1033 25.44 -61.99 -34.89
C ALA J 1033 26.41 -61.86 -36.05
N ARG J 1034 25.88 -61.81 -37.29
CA ARG J 1034 26.75 -61.69 -38.46
C ARG J 1034 27.55 -60.39 -38.43
N THR J 1035 26.87 -59.27 -38.24
CA THR J 1035 27.55 -57.98 -38.24
C THR J 1035 28.50 -57.86 -37.06
N ARG J 1036 28.07 -58.34 -35.88
CA ARG J 1036 28.95 -58.31 -34.73
C ARG J 1036 30.19 -59.15 -34.96
N TRP J 1037 30.04 -60.31 -35.60
CA TRP J 1037 31.19 -61.15 -35.90
C TRP J 1037 32.12 -60.47 -36.89
N GLU J 1038 31.57 -59.80 -37.90
CA GLU J 1038 32.43 -59.12 -38.85
C GLU J 1038 33.24 -58.02 -38.16
N MET J 1039 32.57 -57.23 -37.32
CA MET J 1039 33.29 -56.18 -36.60
C MET J 1039 34.32 -56.76 -35.64
N GLU J 1040 33.99 -57.88 -34.99
CA GLU J 1040 34.94 -58.52 -34.08
C GLU J 1040 36.18 -59.02 -34.81
N ALA J 1041 35.98 -59.81 -35.86
CA ALA J 1041 37.09 -60.51 -36.49
C ALA J 1041 37.89 -59.57 -37.40
N PHE J 1042 37.21 -58.90 -38.33
CA PHE J 1042 37.89 -58.13 -39.34
C PHE J 1042 38.02 -56.66 -38.98
N GLY J 1043 37.27 -56.18 -38.00
CA GLY J 1043 37.34 -54.80 -37.56
C GLY J 1043 36.60 -53.82 -38.45
N GLU J 1044 36.09 -54.26 -39.58
CA GLU J 1044 35.31 -53.40 -40.47
C GLU J 1044 34.23 -54.25 -41.13
N PHE J 1045 33.21 -53.58 -41.64
CA PHE J 1045 32.09 -54.24 -42.30
C PHE J 1045 32.42 -54.46 -43.77
N SER J 1046 32.13 -55.67 -44.26
CA SER J 1046 32.19 -55.95 -45.68
C SER J 1046 30.97 -55.31 -46.34
N LEU J 1047 30.76 -55.57 -47.63
CA LEU J 1047 29.59 -55.04 -48.30
C LEU J 1047 28.32 -55.61 -47.69
N GLU J 1048 28.28 -56.92 -47.47
CA GLU J 1048 27.10 -57.55 -46.90
C GLU J 1048 26.85 -57.06 -45.48
N GLY J 1049 27.91 -56.95 -44.68
CA GLY J 1049 27.75 -56.47 -43.33
C GLY J 1049 27.28 -55.03 -43.27
N CYS J 1050 27.83 -54.17 -44.13
CA CYS J 1050 27.43 -52.78 -44.13
C CYS J 1050 25.98 -52.62 -44.60
N VAL J 1051 25.59 -53.38 -45.63
CA VAL J 1051 24.20 -53.31 -46.09
C VAL J 1051 23.26 -53.83 -45.03
N GLU J 1052 23.63 -54.92 -44.34
CA GLU J 1052 22.81 -55.43 -43.26
C GLU J 1052 22.69 -54.42 -42.13
N MET J 1053 23.79 -53.74 -41.79
CA MET J 1053 23.73 -52.73 -40.74
C MET J 1053 22.86 -51.56 -41.14
N ALA J 1054 22.95 -51.13 -42.40
CA ALA J 1054 22.09 -50.04 -42.87
C ALA J 1054 20.63 -50.44 -42.82
N TRP J 1055 20.32 -51.67 -43.21
CA TRP J 1055 18.94 -52.15 -43.13
C TRP J 1055 18.47 -52.23 -41.68
N ILE J 1056 19.33 -52.72 -40.78
CA ILE J 1056 18.97 -52.82 -39.37
C ILE J 1056 18.71 -51.43 -38.80
N MET J 1057 19.54 -50.46 -39.14
CA MET J 1057 19.45 -49.11 -38.64
C MET J 1057 18.44 -48.27 -39.39
N GLY J 1058 17.81 -48.82 -40.43
CA GLY J 1058 16.80 -48.08 -41.16
C GLY J 1058 17.36 -47.05 -42.11
N PHE J 1059 18.67 -47.03 -42.33
CA PHE J 1059 19.24 -46.08 -43.29
C PHE J 1059 18.73 -46.34 -44.69
N ILE J 1060 18.66 -47.61 -45.09
CA ILE J 1060 18.18 -48.02 -46.40
C ILE J 1060 16.95 -48.88 -46.22
N SER J 1061 15.92 -48.59 -46.99
CA SER J 1061 14.70 -49.40 -47.06
C SER J 1061 14.61 -50.00 -48.46
N TYR J 1062 13.98 -51.15 -48.56
CA TYR J 1062 13.79 -51.78 -49.85
C TYR J 1062 12.60 -51.16 -50.58
N HIS J 1063 12.74 -50.98 -51.89
CA HIS J 1063 11.68 -50.46 -52.72
C HIS J 1063 11.55 -51.32 -53.97
N ASN J 1064 10.31 -51.61 -54.35
CA ASN J 1064 10.02 -52.37 -55.57
C ASN J 1064 8.79 -51.75 -56.22
N GLY J 1065 8.98 -51.15 -57.39
CA GLY J 1065 7.91 -50.52 -58.12
C GLY J 1065 8.41 -49.24 -58.77
N ASN J 1066 7.46 -48.46 -59.27
CA ASN J 1066 7.80 -47.20 -59.92
C ASN J 1066 8.36 -46.22 -58.90
N LEU J 1067 9.41 -45.50 -59.30
CA LEU J 1067 10.07 -44.54 -58.44
C LEU J 1067 10.64 -43.43 -59.31
N LYS J 1068 10.10 -42.22 -59.17
CA LYS J 1068 10.47 -41.10 -60.04
C LYS J 1068 10.26 -41.45 -61.51
N GLY J 1069 9.13 -42.08 -61.81
CA GLY J 1069 8.79 -42.46 -63.17
C GLY J 1069 9.36 -43.80 -63.56
N ARG J 1070 10.69 -43.90 -63.65
CA ARG J 1070 11.31 -45.14 -64.07
C ARG J 1070 11.10 -46.22 -63.01
N PRO J 1071 11.04 -47.49 -63.40
CA PRO J 1071 10.85 -48.56 -62.41
C PRO J 1071 12.17 -48.94 -61.76
N TYR J 1072 12.20 -48.95 -60.43
CA TYR J 1072 13.39 -49.27 -59.67
C TYR J 1072 13.10 -50.41 -58.70
N THR J 1073 14.07 -51.29 -58.54
CA THR J 1073 14.00 -52.42 -57.62
C THR J 1073 15.32 -52.51 -56.87
N GLY J 1074 15.31 -52.16 -55.59
CA GLY J 1074 16.53 -52.23 -54.80
C GLY J 1074 16.41 -51.35 -53.57
N TRP J 1075 17.56 -51.13 -52.94
CA TRP J 1075 17.62 -50.31 -51.75
C TRP J 1075 17.42 -48.84 -52.10
N VAL J 1076 16.73 -48.12 -51.22
CA VAL J 1076 16.58 -46.68 -51.33
C VAL J 1076 16.81 -46.09 -49.94
N ASP J 1077 17.24 -44.82 -49.92
CA ASP J 1077 17.37 -44.11 -48.66
C ASP J 1077 16.00 -44.01 -48.00
N SER J 1078 15.95 -44.31 -46.70
CA SER J 1078 14.66 -44.34 -46.01
C SER J 1078 14.02 -42.96 -45.97
N LYS J 1079 14.82 -41.92 -45.76
CA LYS J 1079 14.29 -40.56 -45.63
C LYS J 1079 14.03 -39.94 -47.01
N THR J 1080 15.08 -39.81 -47.83
CA THR J 1080 14.95 -39.13 -49.11
C THR J 1080 14.33 -40.01 -50.19
N LYS J 1081 14.25 -41.32 -49.98
CA LYS J 1081 13.66 -42.27 -50.93
C LYS J 1081 14.41 -42.33 -52.25
N GLU J 1082 15.61 -41.75 -52.31
CA GLU J 1082 16.38 -41.81 -53.54
C GLU J 1082 17.05 -43.17 -53.68
N PRO J 1083 17.17 -43.71 -54.90
CA PRO J 1083 17.85 -45.00 -55.06
C PRO J 1083 19.29 -44.94 -54.58
N VAL J 1084 19.71 -45.99 -53.89
CA VAL J 1084 21.08 -46.13 -53.42
C VAL J 1084 21.59 -47.50 -53.83
N ASP J 1085 22.76 -47.53 -54.47
CA ASP J 1085 23.37 -48.77 -54.89
C ASP J 1085 24.21 -49.35 -53.75
N ASP J 1086 24.33 -50.69 -53.75
CA ASP J 1086 25.11 -51.35 -52.71
C ASP J 1086 26.54 -50.84 -52.66
N LYS J 1087 27.10 -50.45 -53.81
CA LYS J 1087 28.42 -49.83 -53.81
C LYS J 1087 28.42 -48.52 -53.02
N ASP J 1088 27.37 -47.70 -53.18
CA ASP J 1088 27.30 -46.44 -52.47
C ASP J 1088 26.84 -46.59 -51.03
N VAL J 1089 26.34 -47.76 -50.63
CA VAL J 1089 25.84 -47.91 -49.26
C VAL J 1089 26.98 -47.67 -48.27
N LYS J 1090 28.16 -48.25 -48.53
CA LYS J 1090 29.28 -48.03 -47.63
C LYS J 1090 29.70 -46.56 -47.63
N ALA J 1091 29.94 -45.99 -48.80
CA ALA J 1091 30.41 -44.62 -48.88
C ALA J 1091 29.41 -43.62 -48.30
N LYS J 1092 28.13 -43.99 -48.21
CA LYS J 1092 27.10 -43.09 -47.72
C LYS J 1092 26.74 -43.30 -46.26
N TYR J 1093 26.96 -44.50 -45.71
CA TYR J 1093 26.46 -44.83 -44.37
C TYR J 1093 27.51 -45.45 -43.45
N GLU J 1094 28.75 -45.61 -43.88
CA GLU J 1094 29.75 -46.23 -43.01
C GLU J 1094 30.01 -45.35 -41.80
N THR J 1095 30.16 -44.04 -42.03
CA THR J 1095 30.41 -43.13 -40.92
C THR J 1095 29.24 -43.14 -39.94
N SER J 1096 28.01 -43.11 -40.46
CA SER J 1096 26.84 -43.10 -39.58
C SER J 1096 26.74 -44.41 -38.79
N ILE J 1097 26.96 -45.54 -39.44
CA ILE J 1097 26.88 -46.83 -38.76
C ILE J 1097 27.94 -46.91 -37.66
N LEU J 1098 29.17 -46.52 -37.98
CA LEU J 1098 30.23 -46.56 -36.98
C LEU J 1098 29.95 -45.62 -35.83
N GLU J 1099 29.41 -44.43 -36.13
CA GLU J 1099 29.17 -43.44 -35.09
C GLU J 1099 28.02 -43.84 -34.18
N HIS J 1100 27.02 -44.54 -34.71
CA HIS J 1100 25.84 -44.93 -33.96
C HIS J 1100 25.73 -46.45 -33.86
N SER J 1101 26.88 -47.12 -33.72
CA SER J 1101 26.90 -48.54 -33.38
C SER J 1101 27.98 -48.77 -32.33
N GLY J 1102 27.79 -49.84 -31.55
CA GLY J 1102 28.79 -50.21 -30.58
C GLY J 1102 28.74 -49.38 -29.31
N ILE J 1103 29.86 -49.36 -28.60
CA ILE J 1103 29.98 -48.60 -27.37
C ILE J 1103 30.14 -47.13 -27.74
N ARG J 1104 29.28 -46.28 -27.18
CA ARG J 1104 29.23 -44.88 -27.56
C ARG J 1104 28.46 -44.12 -26.49
N LEU J 1105 28.45 -42.79 -26.62
CA LEU J 1105 27.74 -41.96 -25.67
C LEU J 1105 26.26 -42.34 -25.62
N ILE J 1106 25.70 -42.37 -24.41
CA ILE J 1106 24.32 -42.75 -24.24
C ILE J 1106 23.43 -41.77 -24.99
N GLU J 1107 22.51 -42.30 -25.79
CA GLU J 1107 21.63 -41.48 -26.62
C GLU J 1107 20.26 -41.41 -25.96
N PRO J 1108 19.82 -40.26 -25.47
CA PRO J 1108 18.53 -40.21 -24.74
C PRO J 1108 17.34 -40.65 -25.58
N GLU J 1109 17.43 -40.52 -26.91
CA GLU J 1109 16.30 -40.88 -27.76
C GLU J 1109 16.05 -42.39 -27.73
N LEU J 1110 17.08 -43.18 -27.42
CA LEU J 1110 16.95 -44.62 -27.29
C LEU J 1110 16.55 -45.06 -25.89
N PHE J 1111 16.51 -44.16 -24.92
CA PHE J 1111 16.19 -44.47 -23.53
C PHE J 1111 15.23 -43.44 -22.97
N ASN J 1112 14.35 -42.92 -23.82
CA ASN J 1112 13.22 -42.10 -23.39
C ASN J 1112 13.70 -40.77 -22.82
N GLY J 1113 14.59 -40.10 -23.55
CA GLY J 1113 15.10 -38.82 -23.10
C GLY J 1113 15.90 -38.91 -21.83
N TYR J 1114 16.60 -40.02 -21.61
CA TYR J 1114 17.48 -40.17 -20.46
C TYR J 1114 18.84 -39.58 -20.82
N ASN J 1115 19.17 -38.46 -20.19
CA ASN J 1115 20.45 -37.81 -20.36
C ASN J 1115 21.27 -38.02 -19.09
N PRO J 1116 22.32 -38.85 -19.10
CA PRO J 1116 23.11 -39.01 -17.86
C PRO J 1116 23.75 -37.72 -17.38
N GLU J 1117 24.01 -36.77 -18.29
CA GLU J 1117 24.53 -35.47 -17.87
C GLU J 1117 23.47 -34.65 -17.15
N LYS J 1118 22.19 -34.98 -17.30
CA LYS J 1118 21.10 -34.27 -16.65
C LYS J 1118 20.10 -35.34 -16.17
N LYS J 1119 20.33 -35.85 -14.97
CA LYS J 1119 19.53 -36.93 -14.40
C LYS J 1119 18.51 -36.34 -13.43
N GLU J 1120 17.24 -36.59 -13.69
CA GLU J 1120 16.16 -35.99 -12.91
C GLU J 1120 16.03 -36.64 -11.54
N MET J 1121 15.99 -35.81 -10.50
CA MET J 1121 15.64 -36.22 -9.15
C MET J 1121 14.63 -35.21 -8.62
N ILE J 1122 14.07 -35.48 -7.45
CA ILE J 1122 13.16 -34.55 -6.78
C ILE J 1122 13.58 -34.41 -5.32
N GLN J 1123 13.46 -33.20 -4.79
CA GLN J 1123 13.87 -32.86 -3.44
C GLN J 1123 12.63 -32.54 -2.61
N GLU J 1124 12.53 -33.17 -1.45
CA GLU J 1124 11.52 -32.81 -0.46
C GLU J 1124 11.93 -31.51 0.22
N VAL J 1125 11.03 -30.53 0.22
CA VAL J 1125 11.20 -29.32 1.00
C VAL J 1125 9.89 -29.04 1.72
N ILE J 1126 9.98 -28.27 2.80
CA ILE J 1126 8.83 -27.85 3.57
C ILE J 1126 8.39 -26.49 3.05
N VAL J 1127 7.13 -26.39 2.63
CA VAL J 1127 6.61 -25.16 2.08
C VAL J 1127 6.64 -24.07 3.16
N GLU J 1128 7.15 -22.90 2.81
CA GLU J 1128 7.30 -21.79 3.74
C GLU J 1128 6.23 -20.73 3.59
N GLU J 1129 5.55 -20.64 2.44
CA GLU J 1129 4.44 -19.72 2.26
C GLU J 1129 3.34 -20.44 1.52
N ASP J 1130 2.12 -19.94 1.67
CA ASP J 1130 0.99 -20.53 0.97
C ASP J 1130 1.11 -20.25 -0.53
N LEU J 1131 1.26 -21.32 -1.32
CA LEU J 1131 1.25 -21.19 -2.77
C LEU J 1131 -0.12 -20.72 -3.21
N GLU J 1132 -0.19 -20.00 -4.35
CA GLU J 1132 -1.51 -19.55 -4.77
C GLU J 1132 -2.38 -20.71 -5.22
N PRO J 1133 -3.70 -20.52 -5.26
CA PRO J 1133 -4.57 -21.57 -5.79
C PRO J 1133 -4.17 -21.95 -7.21
N PHE J 1134 -4.38 -23.22 -7.54
CA PHE J 1134 -4.34 -23.65 -8.94
C PHE J 1134 -5.54 -24.53 -9.23
N GLU J 1135 -6.17 -24.30 -10.38
CA GLU J 1135 -7.37 -25.04 -10.75
C GLU J 1135 -7.03 -26.51 -10.89
N ALA J 1136 -7.90 -27.36 -10.34
CA ALA J 1136 -7.71 -28.80 -10.38
C ALA J 1136 -9.07 -29.47 -10.42
N SER J 1137 -9.09 -30.71 -10.89
CA SER J 1137 -10.34 -31.46 -10.94
C SER J 1137 -10.83 -31.75 -9.53
N LYS J 1138 -12.09 -32.18 -9.43
CA LYS J 1138 -12.67 -32.49 -8.13
C LYS J 1138 -11.94 -33.65 -7.48
N GLU J 1139 -11.72 -34.74 -8.24
CA GLU J 1139 -11.04 -35.91 -7.69
C GLU J 1139 -9.60 -35.57 -7.35
N THR J 1140 -8.93 -34.81 -8.20
CA THR J 1140 -7.54 -34.44 -7.95
C THR J 1140 -7.43 -33.59 -6.68
N ALA J 1141 -8.35 -32.65 -6.50
CA ALA J 1141 -8.36 -31.84 -5.28
C ALA J 1141 -8.63 -32.69 -4.06
N GLU J 1142 -9.55 -33.65 -4.17
CA GLU J 1142 -9.80 -34.56 -3.05
C GLU J 1142 -8.56 -35.35 -2.70
N GLN J 1143 -7.82 -35.81 -3.71
CA GLN J 1143 -6.59 -36.54 -3.46
C GLN J 1143 -5.53 -35.65 -2.78
N PHE J 1144 -5.42 -34.41 -3.23
CA PHE J 1144 -4.48 -33.49 -2.58
C PHE J 1144 -4.86 -33.26 -1.12
N LYS J 1145 -6.16 -33.12 -0.85
CA LYS J 1145 -6.60 -32.93 0.52
C LYS J 1145 -6.34 -34.17 1.37
N HIS J 1146 -6.60 -35.35 0.79
CA HIS J 1146 -6.30 -36.59 1.50
C HIS J 1146 -4.83 -36.69 1.85
N GLN J 1147 -3.96 -36.24 0.94
CA GLN J 1147 -2.53 -36.27 1.23
C GLN J 1147 -2.15 -35.27 2.31
N HIS J 1148 -2.40 -33.99 2.08
CA HIS J 1148 -1.83 -32.94 2.91
C HIS J 1148 -2.64 -32.66 4.17
N GLY J 1149 -3.82 -33.25 4.31
CA GLY J 1149 -4.60 -33.03 5.52
C GLY J 1149 -4.99 -31.57 5.64
N ASP J 1150 -4.60 -30.95 6.75
CA ASP J 1150 -4.91 -29.55 7.02
C ASP J 1150 -3.89 -28.59 6.41
N LYS J 1151 -2.89 -29.10 5.70
CA LYS J 1151 -1.87 -28.26 5.07
C LYS J 1151 -2.22 -27.88 3.64
N VAL J 1152 -3.42 -28.24 3.16
CA VAL J 1152 -3.93 -27.76 1.89
C VAL J 1152 -5.40 -27.42 2.08
N ASP J 1153 -5.91 -26.55 1.22
CA ASP J 1153 -7.30 -26.13 1.23
C ASP J 1153 -7.87 -26.26 -0.17
N ILE J 1154 -8.96 -27.02 -0.30
CA ILE J 1154 -9.63 -27.21 -1.58
C ILE J 1154 -10.97 -26.50 -1.53
N PHE J 1155 -11.27 -25.73 -2.57
CA PHE J 1155 -12.53 -25.00 -2.66
C PHE J 1155 -13.10 -25.12 -4.06
N GLU J 1156 -14.38 -25.47 -4.14
CA GLU J 1156 -15.06 -25.56 -5.42
C GLU J 1156 -15.26 -24.18 -6.02
N ILE J 1157 -15.15 -24.10 -7.34
CA ILE J 1157 -15.42 -22.89 -8.10
C ILE J 1157 -16.82 -23.03 -8.68
N PRO J 1158 -17.82 -22.28 -8.20
CA PRO J 1158 -19.19 -22.48 -8.72
C PRO J 1158 -19.35 -22.18 -10.19
N GLU J 1159 -18.46 -21.38 -10.78
CA GLU J 1159 -18.62 -21.00 -12.18
C GLU J 1159 -18.55 -22.20 -13.11
N THR J 1160 -17.62 -23.12 -12.84
CA THR J 1160 -17.39 -24.27 -13.70
C THR J 1160 -17.37 -25.61 -12.96
N GLY J 1161 -17.46 -25.61 -11.63
CA GLY J 1161 -17.47 -26.83 -10.87
C GLY J 1161 -16.11 -27.44 -10.61
N GLU J 1162 -15.03 -26.81 -11.08
CA GLU J 1162 -13.68 -27.29 -10.80
C GLU J 1162 -13.32 -27.00 -9.34
N TYR J 1163 -12.08 -27.30 -8.97
CA TYR J 1163 -11.60 -27.08 -7.61
C TYR J 1163 -10.28 -26.33 -7.65
N SER J 1164 -10.10 -25.44 -6.67
CA SER J 1164 -8.87 -24.70 -6.47
C SER J 1164 -8.17 -25.26 -5.26
N VAL J 1165 -6.88 -25.57 -5.42
CA VAL J 1165 -6.06 -26.21 -4.39
C VAL J 1165 -5.02 -25.21 -3.92
N LYS J 1166 -5.03 -24.94 -2.62
CA LYS J 1166 -4.19 -23.91 -2.00
C LYS J 1166 -3.32 -24.58 -0.95
N LEU J 1167 -2.05 -24.82 -1.28
CA LEU J 1167 -1.12 -25.33 -0.28
C LEU J 1167 -0.81 -24.24 0.74
N LEU J 1168 -0.66 -24.64 1.99
CA LEU J 1168 -0.40 -23.73 3.10
C LEU J 1168 1.05 -23.88 3.54
N LYS J 1169 1.46 -23.02 4.47
CA LYS J 1169 2.78 -23.12 5.06
C LYS J 1169 2.93 -24.47 5.77
N GLY J 1170 4.11 -25.05 5.67
CA GLY J 1170 4.39 -26.34 6.27
C GLY J 1170 4.08 -27.53 5.40
N ALA J 1171 3.45 -27.33 4.25
CA ALA J 1171 3.10 -28.43 3.37
C ALA J 1171 4.38 -29.04 2.78
N THR J 1172 4.25 -30.28 2.31
CA THR J 1172 5.35 -31.01 1.70
C THR J 1172 5.29 -30.82 0.18
N LEU J 1173 6.44 -30.55 -0.42
CA LEU J 1173 6.54 -30.26 -1.84
C LEU J 1173 7.77 -30.98 -2.40
N TYR J 1174 7.68 -31.37 -3.67
CA TYR J 1174 8.78 -31.96 -4.40
C TYR J 1174 9.14 -31.06 -5.57
N ILE J 1175 10.39 -30.61 -5.60
CA ILE J 1175 10.91 -29.78 -6.68
C ILE J 1175 11.89 -30.64 -7.47
N PRO J 1176 11.78 -30.73 -8.80
CA PRO J 1176 12.79 -31.45 -9.56
C PRO J 1176 14.18 -30.84 -9.41
N LYS J 1177 15.19 -31.71 -9.36
CA LYS J 1177 16.58 -31.29 -9.44
C LYS J 1177 17.34 -32.27 -10.33
N ALA J 1178 18.45 -31.81 -10.86
CA ALA J 1178 19.21 -32.54 -11.88
C ALA J 1178 20.56 -32.95 -11.32
N LEU J 1179 20.94 -34.19 -11.55
CA LEU J 1179 22.20 -34.75 -11.09
C LEU J 1179 23.09 -35.05 -12.28
N ARG J 1180 24.31 -34.54 -12.25
CA ARG J 1180 25.31 -34.80 -13.28
C ARG J 1180 25.93 -36.15 -12.97
N PHE J 1181 25.65 -37.15 -13.81
CA PHE J 1181 26.11 -38.52 -13.61
C PHE J 1181 27.27 -38.80 -14.55
N ASP J 1182 28.22 -39.61 -14.09
CA ASP J 1182 29.52 -39.75 -14.73
C ASP J 1182 29.65 -41.02 -15.57
N ARG J 1183 28.56 -41.74 -15.82
CA ARG J 1183 28.55 -42.88 -16.76
C ARG J 1183 27.77 -42.43 -17.98
N LEU J 1184 28.49 -41.92 -18.98
CA LEU J 1184 27.89 -41.33 -20.16
C LEU J 1184 27.91 -42.25 -21.37
N VAL J 1185 28.72 -43.31 -21.35
CA VAL J 1185 28.93 -44.18 -22.49
C VAL J 1185 28.40 -45.56 -22.15
N ALA J 1186 27.63 -46.14 -23.07
CA ALA J 1186 27.04 -47.46 -22.89
C ALA J 1186 27.02 -48.19 -24.23
N GLY J 1187 27.05 -49.52 -24.17
CA GLY J 1187 26.93 -50.32 -25.37
C GLY J 1187 25.48 -50.39 -25.79
N GLN J 1188 25.12 -49.66 -26.84
CA GLN J 1188 23.74 -49.48 -27.24
C GLN J 1188 23.52 -50.11 -28.61
N ILE J 1189 22.35 -50.73 -28.77
CA ILE J 1189 21.91 -51.30 -30.04
C ILE J 1189 21.94 -50.15 -31.04
N PRO J 1190 22.31 -50.38 -32.30
CA PRO J 1190 22.49 -49.25 -33.22
C PRO J 1190 21.25 -48.40 -33.35
N THR J 1191 21.46 -47.08 -33.41
CA THR J 1191 20.34 -46.15 -33.54
C THR J 1191 19.59 -46.43 -34.83
N GLY J 1192 18.26 -46.36 -34.75
CA GLY J 1192 17.40 -46.75 -35.83
C GLY J 1192 16.98 -48.21 -35.80
N TRP J 1193 17.52 -49.00 -34.89
CA TRP J 1193 17.02 -50.35 -34.69
C TRP J 1193 15.56 -50.30 -34.29
N ASN J 1194 14.71 -50.97 -35.06
CA ASN J 1194 13.28 -50.98 -34.82
C ASN J 1194 12.77 -52.39 -35.02
N ALA J 1195 11.84 -52.81 -34.15
CA ALA J 1195 11.25 -54.13 -34.28
C ALA J 1195 10.38 -54.21 -35.53
N LYS J 1196 9.81 -53.08 -35.97
CA LYS J 1196 9.05 -53.07 -37.21
C LYS J 1196 9.92 -53.47 -38.39
N THR J 1197 11.22 -53.17 -38.34
CA THR J 1197 12.12 -53.58 -39.41
C THR J 1197 12.18 -55.09 -39.54
N TYR J 1198 12.16 -55.80 -38.41
CA TYR J 1198 12.10 -57.26 -38.41
C TYR J 1198 10.69 -57.79 -38.57
N GLY J 1199 9.68 -56.95 -38.46
CA GLY J 1199 8.31 -57.33 -38.76
C GLY J 1199 7.40 -57.50 -37.57
N ILE J 1200 7.80 -57.03 -36.39
CA ILE J 1200 6.94 -57.13 -35.22
C ILE J 1200 5.91 -56.01 -35.27
N SER J 1201 4.65 -56.35 -34.98
CA SER J 1201 3.56 -55.42 -35.15
C SER J 1201 3.62 -54.29 -34.11
N ASP J 1202 3.06 -53.15 -34.49
CA ASP J 1202 3.07 -51.99 -33.60
C ASP J 1202 2.30 -52.28 -32.32
N ASP J 1203 1.25 -53.08 -32.40
CA ASP J 1203 0.51 -53.45 -31.20
C ASP J 1203 1.38 -54.26 -30.24
N ILE J 1204 2.17 -55.19 -30.76
CA ILE J 1204 3.10 -55.94 -29.93
C ILE J 1204 4.15 -54.99 -29.34
N ILE J 1205 4.63 -54.05 -30.14
CA ILE J 1205 5.65 -53.11 -29.67
C ILE J 1205 5.10 -52.29 -28.51
N SER J 1206 3.86 -51.83 -28.63
CA SER J 1206 3.24 -51.07 -27.55
C SER J 1206 3.02 -51.95 -26.32
N GLN J 1207 2.65 -53.22 -26.52
CA GLN J 1207 2.33 -54.08 -25.40
C GLN J 1207 3.56 -54.46 -24.59
N VAL J 1208 4.62 -54.90 -25.28
CA VAL J 1208 5.75 -55.55 -24.62
C VAL J 1208 6.88 -54.55 -24.43
N ASP J 1209 7.88 -54.95 -23.66
CA ASP J 1209 9.03 -54.12 -23.38
C ASP J 1209 10.06 -54.20 -24.52
N PRO J 1210 10.97 -53.21 -24.60
CA PRO J 1210 12.04 -53.32 -25.59
C PRO J 1210 12.89 -54.55 -25.43
N ILE J 1211 13.11 -55.00 -24.19
CA ILE J 1211 13.84 -56.25 -23.98
C ILE J 1211 13.09 -57.40 -24.63
N THR J 1212 11.77 -57.43 -24.49
CA THR J 1212 10.98 -58.48 -25.11
C THR J 1212 11.08 -58.42 -26.62
N LEU J 1213 11.09 -57.21 -27.19
CA LEU J 1213 11.27 -57.10 -28.64
C LEU J 1213 12.63 -57.62 -29.08
N PHE J 1214 13.67 -57.30 -28.32
CA PHE J 1214 15.01 -57.82 -28.64
C PHE J 1214 15.01 -59.34 -28.60
N VAL J 1215 14.34 -59.91 -27.60
CA VAL J 1215 14.29 -61.36 -27.46
C VAL J 1215 13.52 -61.99 -28.62
N LEU J 1216 12.42 -61.36 -29.04
CA LEU J 1216 11.65 -61.90 -30.16
C LEU J 1216 12.49 -61.89 -31.43
N VAL J 1217 13.19 -60.78 -31.69
CA VAL J 1217 14.04 -60.71 -32.88
C VAL J 1217 15.16 -61.75 -32.79
N SER J 1218 15.75 -61.90 -31.61
CA SER J 1218 16.83 -62.87 -31.44
C SER J 1218 16.34 -64.29 -31.66
N VAL J 1219 15.14 -64.61 -31.16
CA VAL J 1219 14.60 -65.96 -31.34
C VAL J 1219 14.31 -66.22 -32.81
N VAL J 1220 13.72 -65.25 -33.50
CA VAL J 1220 13.43 -65.43 -34.92
C VAL J 1220 14.72 -65.63 -35.70
N GLU J 1221 15.72 -64.80 -35.41
CA GLU J 1221 17.00 -64.91 -36.12
C GLU J 1221 17.71 -66.23 -35.78
N ALA J 1222 17.57 -66.70 -34.54
CA ALA J 1222 18.17 -67.97 -34.15
C ALA J 1222 17.52 -69.12 -34.89
N PHE J 1223 16.20 -69.09 -35.04
CA PHE J 1223 15.53 -70.13 -35.81
C PHE J 1223 15.89 -70.05 -37.29
N ILE J 1224 16.07 -68.84 -37.81
CA ILE J 1224 16.51 -68.69 -39.19
C ILE J 1224 17.90 -69.29 -39.37
N ALA J 1225 18.80 -69.03 -38.42
CA ALA J 1225 20.13 -69.63 -38.46
C ALA J 1225 20.06 -71.15 -38.35
N SER J 1226 19.09 -71.66 -37.58
CA SER J 1226 18.82 -73.09 -37.52
C SER J 1226 18.10 -73.60 -38.76
N GLY J 1227 17.72 -72.71 -39.68
CA GLY J 1227 17.01 -73.12 -40.87
C GLY J 1227 15.54 -73.38 -40.67
N ILE J 1228 15.03 -73.19 -39.46
CA ILE J 1228 13.62 -73.45 -39.15
C ILE J 1228 12.87 -72.16 -39.45
N THR J 1229 12.50 -71.99 -40.71
CA THR J 1229 11.75 -70.80 -41.09
C THR J 1229 10.39 -70.76 -40.42
N ASP J 1230 9.71 -71.91 -40.35
CA ASP J 1230 8.44 -72.04 -39.66
C ASP J 1230 8.67 -72.72 -38.32
N PRO J 1231 8.42 -72.08 -37.17
CA PRO J 1231 8.65 -72.78 -35.89
C PRO J 1231 7.80 -74.03 -35.72
N TYR J 1232 6.65 -74.12 -36.40
CA TYR J 1232 5.85 -75.33 -36.31
C TYR J 1232 6.49 -76.52 -37.03
N GLU J 1233 7.56 -76.28 -37.80
CA GLU J 1233 8.25 -77.39 -38.44
C GLU J 1233 8.87 -78.33 -37.41
N MET J 1234 9.16 -77.82 -36.21
CA MET J 1234 9.66 -78.68 -35.15
C MET J 1234 8.64 -79.74 -34.77
N TYR J 1235 7.35 -79.39 -34.81
CA TYR J 1235 6.31 -80.30 -34.37
C TYR J 1235 6.08 -81.44 -35.35
N LYS J 1236 6.69 -81.38 -36.54
CA LYS J 1236 6.70 -82.55 -37.41
C LYS J 1236 7.59 -83.66 -36.85
N TYR J 1237 8.50 -83.31 -35.95
CA TYR J 1237 9.49 -84.24 -35.42
C TYR J 1237 9.38 -84.48 -33.92
N VAL J 1238 8.91 -83.50 -33.15
CA VAL J 1238 8.80 -83.62 -31.70
C VAL J 1238 7.40 -83.22 -31.27
N HIS J 1239 7.01 -83.69 -30.10
CA HIS J 1239 5.73 -83.29 -29.53
C HIS J 1239 5.80 -81.85 -29.04
N VAL J 1240 4.63 -81.23 -28.92
CA VAL J 1240 4.57 -79.84 -28.44
C VAL J 1240 5.16 -79.74 -27.04
N SER J 1241 5.05 -80.81 -26.25
CA SER J 1241 5.65 -80.85 -24.93
C SER J 1241 7.16 -81.02 -24.96
N GLU J 1242 7.75 -81.26 -26.12
CA GLU J 1242 9.16 -81.58 -26.24
C GLU J 1242 10.01 -80.40 -26.71
N VAL J 1243 9.43 -79.20 -26.78
CA VAL J 1243 10.16 -77.99 -27.15
C VAL J 1243 10.05 -77.00 -26.00
N GLY J 1244 11.19 -76.66 -25.40
CA GLY J 1244 11.22 -75.80 -24.24
C GLY J 1244 11.94 -74.51 -24.52
N ASN J 1245 11.82 -73.59 -23.57
CA ASN J 1245 12.53 -72.31 -23.59
C ASN J 1245 13.10 -72.07 -22.20
N CYS J 1246 14.42 -72.20 -22.08
CA CYS J 1246 15.12 -72.08 -20.81
C CYS J 1246 16.00 -70.83 -20.75
N SER J 1247 15.71 -69.82 -21.55
CA SER J 1247 16.44 -68.56 -21.50
C SER J 1247 15.87 -67.66 -20.41
N GLY J 1248 16.62 -66.63 -20.06
CA GLY J 1248 16.18 -65.71 -19.03
C GLY J 1248 16.93 -64.40 -19.05
N SER J 1249 16.84 -63.69 -17.94
CA SER J 1249 17.43 -62.37 -17.79
C SER J 1249 17.99 -62.22 -16.39
N GLY J 1250 18.99 -61.33 -16.26
CA GLY J 1250 19.47 -60.96 -14.95
C GLY J 1250 18.54 -60.01 -14.22
N MET J 1251 17.88 -59.12 -14.95
CA MET J 1251 17.00 -58.10 -14.37
C MET J 1251 15.62 -58.02 -15.03
N GLY J 1252 15.45 -58.53 -16.25
CA GLY J 1252 14.15 -58.58 -16.87
C GLY J 1252 13.70 -57.28 -17.49
N GLY J 1253 12.40 -57.01 -17.42
CA GLY J 1253 11.82 -55.81 -18.00
C GLY J 1253 12.04 -54.59 -17.13
N VAL J 1254 13.28 -54.10 -17.12
CA VAL J 1254 13.60 -52.93 -16.29
C VAL J 1254 12.79 -51.72 -16.72
N SER J 1255 12.42 -51.64 -18.00
CA SER J 1255 11.54 -50.56 -18.44
C SER J 1255 10.19 -50.65 -17.76
N ALA J 1256 9.63 -51.86 -17.66
CA ALA J 1256 8.34 -52.02 -16.99
C ALA J 1256 8.47 -51.81 -15.49
N LEU J 1257 9.60 -52.21 -14.89
CA LEU J 1257 9.83 -51.92 -13.49
C LEU J 1257 9.89 -50.41 -13.25
N ARG J 1258 10.61 -49.68 -14.11
CA ARG J 1258 10.64 -48.24 -14.00
C ARG J 1258 9.25 -47.65 -14.15
N GLY J 1259 8.48 -48.15 -15.12
CA GLY J 1259 7.09 -47.73 -15.23
C GLY J 1259 6.34 -47.87 -13.92
N MET J 1260 6.27 -49.09 -13.39
CA MET J 1260 5.46 -49.37 -12.21
C MET J 1260 5.95 -48.60 -10.99
N PHE J 1261 7.26 -48.40 -10.86
CA PHE J 1261 7.81 -47.80 -9.65
C PHE J 1261 7.88 -46.28 -9.71
N LYS J 1262 8.04 -45.67 -10.89
CA LYS J 1262 8.23 -44.24 -11.03
C LYS J 1262 7.11 -43.58 -11.82
N ASP J 1263 6.75 -44.11 -12.99
CA ASP J 1263 5.71 -43.46 -13.78
C ASP J 1263 4.36 -43.55 -13.09
N ARG J 1264 4.07 -44.69 -12.45
CA ARG J 1264 2.84 -44.80 -11.68
C ARG J 1264 2.88 -43.88 -10.45
N PHE J 1265 4.05 -43.76 -9.83
CA PHE J 1265 4.20 -42.86 -8.69
C PHE J 1265 3.95 -41.41 -9.12
N LYS J 1266 4.36 -41.05 -10.32
CA LYS J 1266 4.14 -39.73 -10.89
C LYS J 1266 2.80 -39.60 -11.58
N ASP J 1267 2.00 -40.67 -11.63
CA ASP J 1267 0.68 -40.64 -12.25
C ASP J 1267 0.74 -40.41 -13.75
N GLU J 1268 1.85 -40.78 -14.39
CA GLU J 1268 1.94 -40.75 -15.83
C GLU J 1268 1.15 -41.93 -16.42
N PRO J 1269 0.73 -41.83 -17.69
CA PRO J 1269 0.00 -42.95 -18.29
C PRO J 1269 0.84 -44.21 -18.42
N VAL J 1270 0.47 -45.25 -17.68
CA VAL J 1270 1.15 -46.54 -17.69
C VAL J 1270 0.11 -47.62 -17.92
N GLN J 1271 0.44 -48.59 -18.77
CA GLN J 1271 -0.49 -49.68 -19.03
C GLN J 1271 -0.72 -50.50 -17.76
N ASN J 1272 -1.94 -51.01 -17.61
CA ASN J 1272 -2.30 -51.71 -16.39
C ASN J 1272 -1.56 -53.04 -16.23
N ASP J 1273 -0.98 -53.58 -17.30
CA ASP J 1273 -0.31 -54.87 -17.28
C ASP J 1273 1.21 -54.73 -17.33
N ILE J 1274 1.70 -53.58 -16.86
CA ILE J 1274 3.13 -53.34 -16.83
C ILE J 1274 3.84 -54.33 -15.90
N LEU J 1275 3.13 -54.80 -14.87
CA LEU J 1275 3.74 -55.76 -13.95
C LEU J 1275 3.99 -57.10 -14.63
N GLN J 1276 2.99 -57.62 -15.37
CA GLN J 1276 3.25 -58.87 -16.06
C GLN J 1276 4.23 -58.65 -17.21
N GLU J 1277 4.39 -57.41 -17.67
CA GLU J 1277 5.45 -57.14 -18.64
C GLU J 1277 6.83 -57.02 -18.01
N SER J 1278 6.89 -56.81 -16.69
CA SER J 1278 8.18 -56.67 -16.01
C SER J 1278 8.83 -57.99 -15.64
N PHE J 1279 8.11 -59.11 -15.66
CA PHE J 1279 8.69 -60.37 -15.21
C PHE J 1279 9.84 -60.80 -16.11
N ILE J 1280 10.79 -61.52 -15.52
CA ILE J 1280 11.93 -62.02 -16.29
C ILE J 1280 11.47 -63.12 -17.24
N ASN J 1281 10.45 -63.88 -16.86
CA ASN J 1281 9.91 -64.94 -17.69
C ASN J 1281 8.88 -64.43 -18.69
N THR J 1282 8.57 -63.14 -18.68
CA THR J 1282 7.62 -62.59 -19.64
C THR J 1282 8.17 -62.69 -21.05
N MET J 1283 9.48 -62.47 -21.23
CA MET J 1283 10.07 -62.59 -22.55
C MET J 1283 9.91 -64.00 -23.11
N SER J 1284 10.20 -65.01 -22.30
CA SER J 1284 10.02 -66.39 -22.76
C SER J 1284 8.54 -66.67 -23.02
N ALA J 1285 7.67 -66.12 -22.19
CA ALA J 1285 6.23 -66.30 -22.42
C ALA J 1285 5.82 -65.72 -23.77
N TRP J 1286 6.29 -64.51 -24.08
CA TRP J 1286 5.93 -63.88 -25.35
C TRP J 1286 6.53 -64.64 -26.53
N VAL J 1287 7.74 -65.15 -26.38
CA VAL J 1287 8.33 -65.98 -27.43
C VAL J 1287 7.44 -67.18 -27.69
N ASN J 1288 7.07 -67.90 -26.62
CA ASN J 1288 6.28 -69.11 -26.80
C ASN J 1288 4.92 -68.79 -27.39
N MET J 1289 4.30 -67.71 -26.96
CA MET J 1289 2.93 -67.41 -27.34
C MET J 1289 2.84 -66.40 -28.48
N LEU J 1290 3.95 -66.15 -29.19
CA LEU J 1290 3.93 -65.48 -30.48
C LEU J 1290 4.51 -66.34 -31.59
N LEU J 1291 5.44 -67.24 -31.27
CA LEU J 1291 6.18 -67.98 -32.30
C LEU J 1291 6.12 -69.49 -32.13
N ILE J 1292 6.23 -70.00 -30.90
CA ILE J 1292 6.53 -71.42 -30.73
C ILE J 1292 5.25 -72.24 -30.54
N SER J 1293 4.40 -71.81 -29.60
CA SER J 1293 3.15 -72.53 -29.25
C SER J 1293 3.44 -73.85 -28.53
N SER J 1294 4.69 -74.08 -28.15
CA SER J 1294 5.05 -75.31 -27.46
C SER J 1294 4.42 -75.34 -26.08
N SER J 1295 4.14 -76.55 -25.62
CA SER J 1295 3.77 -76.79 -24.24
C SER J 1295 4.88 -77.54 -23.51
N GLY J 1296 6.12 -77.27 -23.91
CA GLY J 1296 7.26 -77.94 -23.34
C GLY J 1296 7.82 -77.19 -22.14
N PRO J 1297 8.89 -77.74 -21.58
CA PRO J 1297 9.42 -77.18 -20.33
C PRO J 1297 9.87 -75.74 -20.46
N ILE J 1298 9.57 -74.97 -19.43
CA ILE J 1298 9.93 -73.57 -19.30
C ILE J 1298 10.68 -73.38 -17.99
N LYS J 1299 11.91 -72.88 -18.08
CA LYS J 1299 12.79 -72.72 -16.93
C LYS J 1299 13.58 -71.44 -17.12
N THR J 1300 13.04 -70.32 -16.64
CA THR J 1300 13.66 -69.02 -16.85
C THR J 1300 14.71 -68.80 -15.77
N PRO J 1301 16.01 -68.75 -16.09
CA PRO J 1301 17.02 -68.55 -15.05
C PRO J 1301 17.37 -67.09 -14.81
N VAL J 1302 17.90 -66.84 -13.62
CA VAL J 1302 18.52 -65.57 -13.27
C VAL J 1302 19.93 -65.89 -12.78
N GLY J 1303 20.93 -65.27 -13.39
CA GLY J 1303 22.31 -65.50 -13.01
C GLY J 1303 23.15 -64.25 -13.09
N ALA J 1304 22.50 -63.10 -13.13
CA ALA J 1304 23.17 -61.81 -13.36
C ALA J 1304 23.90 -61.93 -14.69
N CYS J 1305 25.23 -61.84 -14.74
CA CYS J 1305 25.95 -61.95 -16.00
C CYS J 1305 26.10 -63.39 -16.48
N ALA J 1306 25.85 -64.37 -15.63
CA ALA J 1306 25.99 -65.78 -15.99
C ALA J 1306 24.65 -66.43 -16.31
N THR J 1307 23.60 -65.64 -16.53
CA THR J 1307 22.28 -66.24 -16.77
C THR J 1307 22.26 -67.01 -18.07
N SER J 1308 23.12 -66.66 -19.03
CA SER J 1308 23.13 -67.36 -20.31
C SER J 1308 23.79 -68.73 -20.18
N VAL J 1309 24.89 -68.81 -19.44
CA VAL J 1309 25.48 -70.12 -19.17
C VAL J 1309 24.54 -70.95 -18.30
N GLU J 1310 23.84 -70.30 -17.36
CA GLU J 1310 22.83 -70.97 -16.57
C GLU J 1310 21.71 -71.51 -17.46
N SER J 1311 21.28 -70.71 -18.44
CA SER J 1311 20.27 -71.14 -19.39
C SER J 1311 20.74 -72.33 -20.21
N VAL J 1312 22.00 -72.29 -20.66
CA VAL J 1312 22.54 -73.41 -21.42
C VAL J 1312 22.59 -74.67 -20.57
N ASP J 1313 23.01 -74.53 -19.31
CA ASP J 1313 23.05 -75.69 -18.42
C ASP J 1313 21.66 -76.26 -18.19
N ILE J 1314 20.67 -75.38 -17.94
CA ILE J 1314 19.32 -75.85 -17.67
C ILE J 1314 18.72 -76.50 -18.92
N GLY J 1315 18.97 -75.92 -20.09
CA GLY J 1315 18.46 -76.52 -21.32
C GLY J 1315 19.12 -77.85 -21.64
N VAL J 1316 20.42 -77.93 -21.41
CA VAL J 1316 21.12 -79.20 -21.61
C VAL J 1316 20.55 -80.26 -20.70
N GLU J 1317 20.32 -79.92 -19.43
CA GLU J 1317 19.77 -80.91 -18.51
C GLU J 1317 18.33 -81.26 -18.85
N THR J 1318 17.57 -80.30 -19.36
CA THR J 1318 16.21 -80.60 -19.81
C THR J 1318 16.23 -81.60 -20.96
N ILE J 1319 17.11 -81.38 -21.94
CA ILE J 1319 17.18 -82.29 -23.08
C ILE J 1319 17.68 -83.67 -22.64
N LEU J 1320 18.70 -83.70 -21.77
CA LEU J 1320 19.24 -84.98 -21.32
C LEU J 1320 18.22 -85.75 -20.50
N SER J 1321 17.43 -85.05 -19.67
CA SER J 1321 16.35 -85.69 -18.95
C SER J 1321 15.22 -86.10 -19.88
N GLY J 1322 15.14 -85.51 -21.07
CA GLY J 1322 14.15 -85.91 -22.05
C GLY J 1322 12.82 -85.20 -21.93
N LYS J 1323 12.69 -84.25 -20.99
CA LYS J 1323 11.48 -83.45 -20.93
C LYS J 1323 11.37 -82.53 -22.13
N ALA J 1324 12.50 -82.26 -22.78
CA ALA J 1324 12.53 -81.54 -24.05
C ALA J 1324 13.47 -82.28 -25.00
N ARG J 1325 13.30 -81.99 -26.29
CA ARG J 1325 14.27 -82.36 -27.31
C ARG J 1325 14.85 -81.17 -28.02
N ILE J 1326 14.10 -80.07 -28.07
CA ILE J 1326 14.56 -78.78 -28.58
C ILE J 1326 14.44 -77.78 -27.44
N CYS J 1327 15.42 -76.91 -27.29
CA CYS J 1327 15.41 -75.93 -26.22
C CYS J 1327 15.96 -74.61 -26.73
N ILE J 1328 15.27 -73.54 -26.36
CA ILE J 1328 15.67 -72.17 -26.65
C ILE J 1328 16.39 -71.63 -25.43
N VAL J 1329 17.72 -71.61 -25.47
CA VAL J 1329 18.54 -71.14 -24.37
C VAL J 1329 19.08 -69.76 -24.75
N GLY J 1330 19.70 -69.10 -23.79
CA GLY J 1330 20.28 -67.81 -24.01
C GLY J 1330 19.94 -66.87 -22.86
N GLY J 1331 20.22 -65.59 -23.09
CA GLY J 1331 20.00 -64.59 -22.06
C GLY J 1331 19.80 -63.22 -22.65
N TYR J 1332 19.14 -62.37 -21.87
CA TYR J 1332 18.79 -61.04 -22.35
C TYR J 1332 18.77 -60.06 -21.19
N ASP J 1333 19.06 -58.80 -21.48
CA ASP J 1333 18.88 -57.73 -20.51
C ASP J 1333 18.90 -56.39 -21.25
N ASP J 1334 18.42 -55.37 -20.55
CA ASP J 1334 18.27 -54.03 -21.10
C ASP J 1334 19.11 -53.03 -20.31
N PHE J 1335 19.43 -51.93 -20.97
CA PHE J 1335 20.12 -50.81 -20.34
C PHE J 1335 19.10 -49.71 -20.04
N GLN J 1336 19.08 -49.23 -18.81
CA GLN J 1336 18.16 -48.18 -18.41
C GLN J 1336 18.82 -47.29 -17.38
N GLU J 1337 18.15 -46.15 -17.14
CA GLU J 1337 18.70 -45.11 -16.28
C GLU J 1337 19.01 -45.64 -14.89
N GLU J 1338 18.06 -46.34 -14.27
CA GLU J 1338 18.20 -46.70 -12.86
C GLU J 1338 19.23 -47.80 -12.68
N GLY J 1339 19.21 -48.81 -13.55
CA GLY J 1339 20.23 -49.83 -13.47
C GLY J 1339 21.62 -49.27 -13.70
N SER J 1340 21.76 -48.38 -14.68
CA SER J 1340 23.05 -47.73 -14.91
C SER J 1340 23.49 -46.94 -13.68
N PHE J 1341 22.56 -46.21 -13.06
CA PHE J 1341 22.92 -45.39 -11.91
C PHE J 1341 23.34 -46.24 -10.72
N GLU J 1342 22.65 -47.37 -10.51
CA GLU J 1342 23.02 -48.20 -9.37
C GLU J 1342 24.35 -48.91 -9.62
N PHE J 1343 24.63 -49.29 -10.88
CA PHE J 1343 25.96 -49.81 -11.18
C PHE J 1343 27.03 -48.75 -10.94
N GLY J 1344 26.74 -47.50 -11.28
CA GLY J 1344 27.67 -46.43 -10.98
C GLY J 1344 27.88 -46.25 -9.48
N ASN J 1345 26.80 -46.34 -8.71
CA ASN J 1345 26.92 -46.29 -7.26
C ASN J 1345 27.79 -47.42 -6.74
N MET J 1346 27.61 -48.61 -7.28
CA MET J 1346 28.43 -49.77 -7.00
C MET J 1346 29.90 -49.56 -7.38
N LYS J 1347 30.16 -48.70 -8.35
CA LYS J 1347 31.49 -48.53 -8.94
C LYS J 1347 31.90 -49.77 -9.73
N ALA J 1348 30.92 -50.58 -10.14
CA ALA J 1348 31.21 -51.71 -11.00
C ALA J 1348 31.49 -51.27 -12.43
N THR J 1349 30.73 -50.28 -12.91
CA THR J 1349 30.97 -49.74 -14.24
C THR J 1349 32.13 -48.76 -14.21
N SER J 1350 32.63 -48.43 -15.39
CA SER J 1350 33.76 -47.51 -15.52
C SER J 1350 33.28 -46.07 -15.49
N ASN J 1351 34.04 -45.21 -14.81
CA ASN J 1351 33.71 -43.80 -14.73
C ASN J 1351 34.11 -43.11 -16.03
N THR J 1352 33.13 -42.64 -16.78
CA THR J 1352 33.39 -42.07 -18.10
C THR J 1352 34.16 -40.77 -17.99
N LEU J 1353 33.94 -39.99 -16.93
CA LEU J 1353 34.71 -38.77 -16.74
C LEU J 1353 36.18 -39.08 -16.49
N GLU J 1354 36.47 -40.12 -15.70
CA GLU J 1354 37.85 -40.54 -15.52
C GLU J 1354 38.44 -41.05 -16.83
N GLU J 1355 37.65 -41.75 -17.62
CA GLU J 1355 38.13 -42.22 -18.92
C GLU J 1355 38.48 -41.05 -19.84
N PHE J 1356 37.63 -40.02 -19.87
CA PHE J 1356 37.93 -38.82 -20.63
C PHE J 1356 39.19 -38.14 -20.10
N GLU J 1357 39.36 -38.10 -18.77
CA GLU J 1357 40.58 -37.55 -18.19
C GLU J 1357 41.80 -38.31 -18.69
N HIS J 1358 41.70 -39.62 -18.80
CA HIS J 1358 42.77 -40.46 -19.33
C HIS J 1358 42.84 -40.43 -20.85
N GLY J 1359 41.91 -39.75 -21.50
CA GLY J 1359 41.95 -39.61 -22.95
C GLY J 1359 41.43 -40.82 -23.69
N ARG J 1360 40.55 -41.59 -23.06
CA ARG J 1360 39.99 -42.81 -23.65
C ARG J 1360 38.71 -42.44 -24.38
N THR J 1361 38.58 -42.92 -25.62
CA THR J 1361 37.38 -42.70 -26.38
C THR J 1361 36.34 -43.77 -26.05
N PRO J 1362 35.07 -43.53 -26.38
CA PRO J 1362 34.03 -44.54 -26.12
C PRO J 1362 34.36 -45.92 -26.67
N ALA J 1363 34.98 -45.98 -27.85
CA ALA J 1363 35.31 -47.27 -28.44
C ALA J 1363 36.29 -48.04 -27.57
N GLU J 1364 37.21 -47.35 -26.90
CA GLU J 1364 38.27 -48.00 -26.12
C GLU J 1364 38.02 -47.93 -24.61
N MET J 1365 36.82 -47.54 -24.19
CA MET J 1365 36.49 -47.65 -22.76
C MET J 1365 36.65 -49.09 -22.27
N SER J 1366 36.09 -50.05 -23.01
CA SER J 1366 36.08 -51.45 -22.58
C SER J 1366 37.37 -52.11 -23.04
N ARG J 1367 38.26 -52.39 -22.07
CA ARG J 1367 39.58 -52.94 -22.35
C ARG J 1367 39.85 -54.08 -21.37
N PRO J 1368 39.27 -55.26 -21.61
CA PRO J 1368 39.51 -56.40 -20.71
C PRO J 1368 40.97 -56.81 -20.69
N ALA J 1369 41.42 -57.24 -19.52
CA ALA J 1369 42.77 -57.77 -19.33
C ALA J 1369 43.83 -56.73 -19.68
N THR J 1370 43.70 -55.55 -19.08
CA THR J 1370 44.64 -54.46 -19.30
C THR J 1370 44.97 -53.81 -17.96
N THR J 1371 46.12 -53.15 -17.90
CA THR J 1371 46.55 -52.49 -16.67
C THR J 1371 45.57 -51.42 -16.22
N THR J 1372 44.94 -50.71 -17.16
CA THR J 1372 44.17 -49.52 -16.85
C THR J 1372 42.66 -49.77 -16.79
N ARG J 1373 42.23 -51.03 -16.81
CA ARG J 1373 40.80 -51.31 -16.72
C ARG J 1373 40.28 -50.91 -15.34
N ASN J 1374 39.20 -50.13 -15.33
CA ASN J 1374 38.65 -49.59 -14.09
C ASN J 1374 37.12 -49.61 -14.12
N GLY J 1375 36.54 -50.71 -14.58
CA GLY J 1375 35.09 -50.86 -14.60
C GLY J 1375 34.57 -51.48 -15.87
N PHE J 1376 33.44 -52.19 -15.80
CA PHE J 1376 32.89 -52.82 -16.98
C PHE J 1376 32.03 -51.82 -17.76
N MET J 1377 31.89 -52.09 -19.05
CA MET J 1377 31.15 -51.23 -19.96
C MET J 1377 29.74 -51.82 -20.10
N GLU J 1378 28.76 -51.13 -19.55
CA GLU J 1378 27.40 -51.65 -19.56
C GLU J 1378 26.84 -51.62 -20.97
N ALA J 1379 26.05 -52.64 -21.31
CA ALA J 1379 25.47 -52.78 -22.63
C ALA J 1379 24.07 -53.37 -22.51
N GLN J 1380 23.42 -53.57 -23.65
CA GLN J 1380 22.07 -54.12 -23.69
C GLN J 1380 21.92 -54.99 -24.92
N GLY J 1381 20.91 -55.83 -24.90
CA GLY J 1381 20.58 -56.68 -26.02
C GLY J 1381 20.21 -58.07 -25.54
N ALA J 1382 20.11 -58.98 -26.51
CA ALA J 1382 19.70 -60.35 -26.25
C ALA J 1382 20.58 -61.28 -27.07
N GLY J 1383 20.68 -62.52 -26.60
CA GLY J 1383 21.39 -63.57 -27.31
C GLY J 1383 20.67 -64.87 -27.12
N ILE J 1384 20.33 -65.56 -28.21
CA ILE J 1384 19.51 -66.75 -28.18
C ILE J 1384 20.21 -67.85 -28.97
N GLN J 1385 20.10 -69.07 -28.48
CA GLN J 1385 20.58 -70.26 -29.17
C GLN J 1385 19.49 -71.32 -29.16
N ILE J 1386 19.36 -72.01 -30.29
CA ILE J 1386 18.50 -73.18 -30.42
C ILE J 1386 19.39 -74.39 -30.31
N ILE J 1387 19.23 -75.14 -29.21
CA ILE J 1387 19.94 -76.39 -28.99
C ILE J 1387 18.94 -77.53 -29.13
N MET J 1388 19.44 -78.72 -29.45
CA MET J 1388 18.59 -79.90 -29.48
C MET J 1388 19.48 -81.13 -29.38
N GLN J 1389 18.84 -82.28 -29.33
CA GLN J 1389 19.57 -83.54 -29.39
C GLN J 1389 20.29 -83.66 -30.73
N ALA J 1390 21.46 -84.31 -30.71
CA ALA J 1390 22.17 -84.53 -31.96
C ALA J 1390 21.38 -85.42 -32.91
N ASP J 1391 20.74 -86.46 -32.36
CA ASP J 1391 19.90 -87.34 -33.17
C ASP J 1391 18.79 -86.53 -33.85
N LEU J 1392 18.11 -85.68 -33.09
CA LEU J 1392 17.04 -84.87 -33.66
C LEU J 1392 17.58 -83.88 -34.67
N ALA J 1393 18.73 -83.26 -34.39
CA ALA J 1393 19.29 -82.30 -35.34
C ALA J 1393 19.62 -82.98 -36.66
N LEU J 1394 20.18 -84.18 -36.60
CA LEU J 1394 20.45 -84.92 -37.82
C LEU J 1394 19.16 -85.29 -38.54
N LYS J 1395 18.12 -85.67 -37.79
CA LYS J 1395 16.87 -86.07 -38.42
C LYS J 1395 16.19 -84.90 -39.12
N MET J 1396 16.10 -83.75 -38.46
CA MET J 1396 15.56 -82.56 -39.10
C MET J 1396 16.49 -81.98 -40.15
N GLY J 1397 17.76 -82.37 -40.16
CA GLY J 1397 18.67 -81.78 -41.13
C GLY J 1397 18.88 -80.30 -40.91
N VAL J 1398 19.12 -79.89 -39.68
CA VAL J 1398 19.39 -78.50 -39.34
C VAL J 1398 20.90 -78.34 -39.22
N PRO J 1399 21.45 -77.15 -39.46
CA PRO J 1399 22.89 -76.96 -39.28
C PRO J 1399 23.27 -77.17 -37.82
N ILE J 1400 24.48 -77.66 -37.61
CA ILE J 1400 25.03 -77.88 -36.28
C ILE J 1400 26.28 -77.03 -36.17
N TYR J 1401 26.19 -75.98 -35.37
CA TYR J 1401 27.29 -75.03 -35.20
C TYR J 1401 28.29 -75.46 -34.12
N GLY J 1402 27.89 -76.34 -33.22
CA GLY J 1402 28.77 -76.78 -32.17
C GLY J 1402 28.07 -77.81 -31.30
N ILE J 1403 28.86 -78.43 -30.43
CA ILE J 1403 28.39 -79.45 -29.50
C ILE J 1403 28.60 -78.92 -28.10
N VAL J 1404 27.52 -78.84 -27.32
CA VAL J 1404 27.62 -78.39 -25.92
C VAL J 1404 28.09 -79.60 -25.14
N ALA J 1405 29.42 -79.75 -25.07
CA ALA J 1405 29.99 -80.92 -24.43
C ALA J 1405 29.85 -80.85 -22.91
N MET J 1406 30.00 -79.67 -22.34
CA MET J 1406 29.89 -79.46 -20.90
C MET J 1406 29.16 -78.16 -20.65
N ALA J 1407 28.40 -78.12 -19.57
CA ALA J 1407 27.74 -76.89 -19.12
C ALA J 1407 27.50 -77.04 -17.62
N ALA J 1408 28.11 -76.17 -16.83
CA ALA J 1408 28.04 -76.28 -15.38
C ALA J 1408 28.00 -74.89 -14.76
N THR J 1409 27.46 -74.83 -13.55
CA THR J 1409 27.37 -73.62 -12.76
C THR J 1409 27.89 -73.89 -11.36
N ALA J 1410 28.24 -72.82 -10.65
CA ALA J 1410 28.88 -72.96 -9.35
C ALA J 1410 28.72 -71.70 -8.54
N THR J 1411 28.82 -71.87 -7.22
CA THR J 1411 28.95 -70.78 -6.26
C THR J 1411 30.36 -70.78 -5.70
N ASP J 1412 30.73 -69.72 -5.00
CA ASP J 1412 32.13 -69.59 -4.59
C ASP J 1412 32.39 -70.12 -3.19
N LYS J 1413 31.89 -69.40 -2.17
CA LYS J 1413 32.22 -69.71 -0.78
C LYS J 1413 31.50 -68.75 0.15
N ILE J 1414 31.75 -68.87 1.45
CA ILE J 1414 31.12 -67.97 2.41
C ILE J 1414 31.90 -66.67 2.51
N GLY J 1415 31.19 -65.56 2.40
CA GLY J 1415 31.75 -64.23 2.36
C GLY J 1415 30.62 -63.23 2.37
N ARG J 1416 30.99 -61.95 2.48
CA ARG J 1416 30.01 -60.88 2.64
C ARG J 1416 29.97 -59.90 1.45
N SER J 1417 30.47 -60.31 0.29
CA SER J 1417 30.49 -59.45 -0.90
C SER J 1417 29.80 -60.19 -2.04
N VAL J 1418 28.62 -59.70 -2.43
CA VAL J 1418 27.87 -60.34 -3.51
C VAL J 1418 28.57 -60.21 -4.86
N PRO J 1419 28.96 -59.03 -5.33
CA PRO J 1419 29.61 -58.92 -6.63
C PRO J 1419 31.05 -59.43 -6.68
N ALA J 1420 31.59 -59.88 -5.55
CA ALA J 1420 32.94 -60.43 -5.55
C ALA J 1420 32.96 -61.73 -6.35
N PRO J 1421 33.78 -61.87 -7.39
CA PRO J 1421 33.89 -63.15 -8.07
C PRO J 1421 34.70 -64.14 -7.26
N GLY J 1422 34.64 -65.41 -7.68
CA GLY J 1422 35.36 -66.45 -6.99
C GLY J 1422 35.74 -67.61 -7.87
N LYS J 1423 36.44 -68.58 -7.29
CA LYS J 1423 36.95 -69.75 -8.00
C LYS J 1423 35.93 -70.89 -8.02
N GLY J 1424 34.65 -70.57 -7.83
CA GLY J 1424 33.65 -71.62 -7.68
C GLY J 1424 33.57 -72.55 -8.88
N ILE J 1425 33.68 -72.00 -10.09
CA ILE J 1425 33.59 -72.82 -11.29
C ILE J 1425 34.86 -73.62 -11.53
N LEU J 1426 35.87 -73.49 -10.67
CA LEU J 1426 37.05 -74.34 -10.76
C LEU J 1426 36.72 -75.80 -10.49
N THR J 1427 35.58 -76.09 -9.87
CA THR J 1427 35.18 -77.46 -9.61
C THR J 1427 34.87 -78.23 -10.89
N THR J 1428 34.66 -77.54 -12.01
CA THR J 1428 34.43 -78.24 -13.27
C THR J 1428 35.66 -79.00 -13.74
N ALA J 1429 36.84 -78.68 -13.19
CA ALA J 1429 38.07 -79.39 -13.48
C ALA J 1429 38.50 -80.28 -12.33
N ARG J 1430 37.60 -80.58 -11.39
CA ARG J 1430 37.98 -81.33 -10.21
C ARG J 1430 38.36 -82.76 -10.58
N GLU J 1431 39.52 -83.18 -10.10
CA GLU J 1431 40.08 -84.48 -10.44
C GLU J 1431 40.88 -84.99 -9.26
N HIS J 1432 40.97 -86.31 -9.16
CA HIS J 1432 41.72 -86.99 -8.11
C HIS J 1432 42.98 -87.60 -8.71
N HIS J 1433 44.12 -87.32 -8.07
CA HIS J 1433 45.43 -87.72 -8.60
C HIS J 1433 46.27 -88.41 -7.52
N SER J 1434 45.62 -89.03 -6.54
CA SER J 1434 46.39 -89.75 -5.52
C SER J 1434 47.12 -90.93 -6.13
N SER J 1435 46.46 -91.68 -7.02
CA SER J 1435 47.04 -92.86 -7.67
C SER J 1435 46.78 -92.73 -9.17
N VAL J 1436 47.75 -92.16 -9.88
CA VAL J 1436 47.67 -92.00 -11.33
C VAL J 1436 48.92 -92.58 -11.97
N LYS J 1437 49.50 -93.61 -11.34
CA LYS J 1437 50.71 -94.22 -11.87
C LYS J 1437 50.44 -94.90 -13.21
N TYR J 1438 49.21 -95.34 -13.43
CA TYR J 1438 48.83 -96.03 -14.65
C TYR J 1438 47.55 -95.44 -15.22
N ALA J 1439 47.46 -95.42 -16.55
CA ALA J 1439 46.31 -94.82 -17.21
C ALA J 1439 45.05 -95.63 -16.95
N SER J 1440 43.94 -94.93 -16.74
CA SER J 1440 42.66 -95.60 -16.58
C SER J 1440 42.23 -96.21 -17.90
N PRO J 1441 41.91 -97.51 -17.96
CA PRO J 1441 41.32 -98.05 -19.20
C PRO J 1441 40.03 -97.36 -19.57
N ASN J 1442 39.28 -96.84 -18.59
CA ASN J 1442 38.00 -96.19 -18.87
C ASN J 1442 38.18 -94.95 -19.75
N LEU J 1443 39.35 -94.31 -19.69
CA LEU J 1443 39.61 -93.13 -20.51
C LEU J 1443 40.10 -93.47 -21.91
N ASN J 1444 40.33 -94.75 -22.21
CA ASN J 1444 40.73 -95.17 -23.54
C ASN J 1444 39.48 -95.49 -24.37
N MET J 1445 39.41 -94.91 -25.57
CA MET J 1445 38.20 -95.04 -26.37
C MET J 1445 38.05 -96.45 -26.95
N LYS J 1446 39.16 -97.12 -27.29
CA LYS J 1446 39.07 -98.48 -27.80
C LYS J 1446 38.48 -99.41 -26.76
N TYR J 1447 38.89 -99.27 -25.50
CA TYR J 1447 38.33 -100.08 -24.42
C TYR J 1447 36.82 -99.88 -24.32
N ARG J 1448 36.37 -98.63 -24.33
CA ARG J 1448 34.95 -98.34 -24.21
C ARG J 1448 34.17 -98.90 -25.39
N LYS J 1449 34.74 -98.83 -26.59
CA LYS J 1449 34.07 -99.42 -27.74
C LYS J 1449 33.99 -100.94 -27.61
N ARG J 1450 35.01 -101.57 -27.03
CA ARG J 1450 34.96 -103.00 -26.78
C ARG J 1450 33.80 -103.35 -25.83
N GLN J 1451 33.69 -102.61 -24.73
CA GLN J 1451 32.58 -102.86 -23.81
C GLN J 1451 31.25 -102.62 -24.50
N LEU J 1452 31.18 -101.59 -25.34
CA LEU J 1452 29.93 -101.31 -26.04
C LEU J 1452 29.54 -102.47 -26.95
N VAL J 1453 30.47 -102.98 -27.76
CA VAL J 1453 30.11 -104.04 -28.70
C VAL J 1453 29.73 -105.31 -27.94
N THR J 1454 30.38 -105.57 -26.80
CA THR J 1454 29.94 -106.69 -25.96
C THR J 1454 28.51 -106.46 -25.50
N ARG J 1455 28.17 -105.22 -25.13
CA ARG J 1455 26.81 -104.94 -24.69
C ARG J 1455 25.81 -105.10 -25.83
N GLU J 1456 26.19 -104.72 -27.05
CA GLU J 1456 25.30 -104.95 -28.19
C GLU J 1456 25.08 -106.43 -28.43
N ALA J 1457 26.13 -107.25 -28.28
CA ALA J 1457 25.96 -108.69 -28.39
C ALA J 1457 24.96 -109.20 -27.35
N GLN J 1458 25.13 -108.76 -26.11
CA GLN J 1458 24.19 -109.18 -25.06
C GLN J 1458 22.78 -108.69 -25.36
N ILE J 1459 22.66 -107.49 -25.92
CA ILE J 1459 21.33 -106.93 -26.18
C ILE J 1459 20.64 -107.69 -27.29
N LYS J 1460 21.36 -108.07 -28.35
CA LYS J 1460 20.71 -108.83 -29.41
C LYS J 1460 20.35 -110.23 -28.93
N ASP J 1461 21.18 -110.83 -28.06
CA ASP J 1461 20.81 -112.10 -27.46
C ASP J 1461 19.52 -111.97 -26.65
N TRP J 1462 19.42 -110.89 -25.85
CA TRP J 1462 18.21 -110.65 -25.08
C TRP J 1462 17.01 -110.43 -25.99
N VAL J 1463 17.22 -109.73 -27.10
CA VAL J 1463 16.12 -109.45 -28.03
C VAL J 1463 15.60 -110.74 -28.64
N GLU J 1464 16.49 -111.63 -29.07
CA GLU J 1464 16.00 -112.87 -29.68
C GLU J 1464 15.38 -113.79 -28.64
N ASN J 1465 15.89 -113.78 -27.40
CA ASN J 1465 15.21 -114.50 -26.33
C ASN J 1465 13.80 -113.99 -26.12
N GLU J 1466 13.63 -112.67 -26.04
CA GLU J 1466 12.30 -112.12 -25.82
C GLU J 1466 11.40 -112.35 -27.03
N LEU J 1467 11.97 -112.37 -28.24
CA LEU J 1467 11.19 -112.67 -29.42
C LEU J 1467 10.68 -114.11 -29.39
N GLU J 1468 11.51 -115.05 -28.97
CA GLU J 1468 11.04 -116.44 -28.87
C GLU J 1468 9.97 -116.56 -27.79
N ALA J 1469 10.12 -115.83 -26.68
CA ALA J 1469 9.08 -115.84 -25.65
C ALA J 1469 7.77 -115.27 -26.20
N LEU J 1470 7.87 -114.19 -26.98
CA LEU J 1470 6.67 -113.60 -27.58
C LEU J 1470 6.04 -114.56 -28.59
N LYS J 1471 6.87 -115.32 -29.31
CA LYS J 1471 6.34 -116.33 -30.22
C LYS J 1471 5.57 -117.40 -29.46
N LEU J 1472 6.10 -117.85 -28.32
CA LEU J 1472 5.38 -118.82 -27.51
C LEU J 1472 4.07 -118.23 -27.00
N GLU J 1473 4.08 -116.97 -26.58
CA GLU J 1473 2.85 -116.33 -26.12
C GLU J 1473 1.84 -116.20 -27.25
N ALA J 1474 2.32 -115.95 -28.47
CA ALA J 1474 1.43 -115.87 -29.63
C ALA J 1474 0.84 -117.24 -29.96
N GLU J 1475 1.63 -118.30 -29.76
CA GLU J 1475 1.09 -119.64 -29.91
C GLU J 1475 0.00 -119.90 -28.87
N GLU J 1476 0.21 -119.41 -27.65
CA GLU J 1476 -0.78 -119.60 -26.60
C GLU J 1476 -2.08 -118.85 -26.89
N ILE J 1477 -1.97 -117.57 -27.26
CA ILE J 1477 -3.14 -116.71 -27.42
C ILE J 1477 -3.94 -117.19 -28.63
N PRO J 1478 -5.27 -117.05 -28.64
CA PRO J 1478 -6.02 -117.42 -29.85
C PRO J 1478 -5.62 -116.60 -31.06
N SER J 1479 -5.70 -117.22 -32.23
CA SER J 1479 -5.28 -116.60 -33.47
C SER J 1479 -6.21 -115.50 -33.94
N GLU J 1480 -7.39 -115.34 -33.32
CA GLU J 1480 -8.35 -114.34 -33.78
C GLU J 1480 -7.78 -112.93 -33.66
N ASP J 1481 -7.22 -112.61 -32.50
CA ASP J 1481 -6.66 -111.28 -32.23
C ASP J 1481 -5.14 -111.33 -32.14
N GLN J 1482 -4.53 -112.14 -33.01
CA GLN J 1482 -3.09 -112.33 -32.96
C GLN J 1482 -2.33 -111.15 -33.57
N ASN J 1483 -2.87 -110.52 -34.61
CA ASN J 1483 -2.13 -109.48 -35.32
C ASN J 1483 -1.88 -108.26 -34.42
N GLU J 1484 -2.93 -107.79 -33.74
CA GLU J 1484 -2.77 -106.63 -32.88
C GLU J 1484 -1.81 -106.93 -31.73
N PHE J 1485 -1.93 -108.13 -31.14
CA PHE J 1485 -1.01 -108.52 -30.08
C PHE J 1485 0.43 -108.53 -30.58
N LEU J 1486 0.67 -109.13 -31.74
CA LEU J 1486 2.02 -109.19 -32.27
C LEU J 1486 2.57 -107.79 -32.56
N LEU J 1487 1.73 -106.92 -33.13
CA LEU J 1487 2.20 -105.56 -33.44
C LEU J 1487 2.55 -104.81 -32.15
N GLU J 1488 1.67 -104.86 -31.15
CA GLU J 1488 1.95 -104.16 -29.90
C GLU J 1488 3.22 -104.69 -29.24
N ARG J 1489 3.37 -106.01 -29.17
CA ARG J 1489 4.53 -106.58 -28.50
C ARG J 1489 5.81 -106.35 -29.29
N THR J 1490 5.72 -106.38 -30.62
CA THR J 1490 6.90 -106.09 -31.43
C THR J 1490 7.36 -104.65 -31.24
N ARG J 1491 6.42 -103.71 -31.22
CA ARG J 1491 6.79 -102.32 -30.97
C ARG J 1491 7.39 -102.17 -29.58
N GLU J 1492 6.83 -102.88 -28.59
CA GLU J 1492 7.35 -102.78 -27.22
C GLU J 1492 8.77 -103.33 -27.14
N ILE J 1493 9.02 -104.47 -27.78
CA ILE J 1493 10.36 -105.06 -27.74
C ILE J 1493 11.34 -104.17 -28.50
N HIS J 1494 10.91 -103.57 -29.60
CA HIS J 1494 11.79 -102.66 -30.32
C HIS J 1494 12.16 -101.46 -29.44
N ASN J 1495 11.18 -100.90 -28.74
CA ASN J 1495 11.45 -99.80 -27.82
C ASN J 1495 12.41 -100.23 -26.72
N GLU J 1496 12.19 -101.42 -26.15
CA GLU J 1496 13.07 -101.89 -25.08
C GLU J 1496 14.49 -102.11 -25.56
N ALA J 1497 14.65 -102.73 -26.74
CA ALA J 1497 15.97 -102.95 -27.29
C ALA J 1497 16.68 -101.65 -27.59
N GLU J 1498 15.96 -100.68 -28.16
CA GLU J 1498 16.56 -99.39 -28.45
C GLU J 1498 16.98 -98.70 -27.14
N SER J 1499 16.12 -98.79 -26.12
CA SER J 1499 16.44 -98.20 -24.83
C SER J 1499 17.71 -98.81 -24.25
N GLN J 1500 17.84 -100.14 -24.33
CA GLN J 1500 19.03 -100.79 -23.80
C GLN J 1500 20.27 -100.39 -24.59
N LEU J 1501 20.15 -100.29 -25.91
CA LEU J 1501 21.31 -99.89 -26.72
C LEU J 1501 21.76 -98.49 -26.38
N ARG J 1502 20.83 -97.53 -26.32
CA ARG J 1502 21.21 -96.16 -25.98
C ARG J 1502 21.66 -96.06 -24.53
N ALA J 1503 21.20 -96.96 -23.66
CA ALA J 1503 21.71 -96.98 -22.29
C ALA J 1503 23.17 -97.42 -22.27
N ALA J 1504 23.51 -98.45 -23.04
CA ALA J 1504 24.90 -98.86 -23.15
C ALA J 1504 25.75 -97.76 -23.76
N GLN J 1505 25.22 -97.08 -24.77
CA GLN J 1505 25.95 -95.99 -25.41
C GLN J 1505 26.15 -94.82 -24.44
N GLN J 1506 25.17 -94.57 -23.58
CA GLN J 1506 25.34 -93.55 -22.54
C GLN J 1506 26.41 -93.98 -21.55
N GLN J 1507 26.41 -95.26 -21.19
CA GLN J 1507 27.34 -95.74 -20.16
C GLN J 1507 28.77 -95.70 -20.66
N TRP J 1508 29.00 -96.06 -21.93
CA TRP J 1508 30.35 -96.22 -22.46
C TRP J 1508 30.81 -95.10 -23.39
N GLY J 1509 29.90 -94.21 -23.81
CA GLY J 1509 30.24 -93.18 -24.77
C GLY J 1509 30.01 -91.77 -24.30
N ASN J 1510 29.00 -91.57 -23.45
CA ASN J 1510 28.64 -90.25 -22.96
C ASN J 1510 28.98 -90.05 -21.50
N ASP J 1511 28.50 -90.95 -20.62
CA ASP J 1511 28.64 -90.79 -19.18
C ASP J 1511 29.64 -91.77 -18.58
N PHE J 1512 30.70 -92.08 -19.32
CA PHE J 1512 31.71 -93.00 -18.82
C PHE J 1512 32.50 -92.40 -17.66
N TYR J 1513 32.42 -91.09 -17.45
CA TYR J 1513 33.25 -90.38 -16.49
C TYR J 1513 32.48 -89.77 -15.34
N LYS J 1514 31.15 -89.83 -15.35
CA LYS J 1514 30.37 -89.24 -14.26
C LYS J 1514 30.73 -89.89 -12.92
N ARG J 1515 31.03 -91.18 -12.94
CA ARG J 1515 31.27 -91.93 -11.73
C ARG J 1515 32.76 -92.04 -11.40
N ASP J 1516 33.61 -92.00 -12.40
CA ASP J 1516 35.04 -92.14 -12.17
C ASP J 1516 35.58 -90.82 -11.63
N PRO J 1517 36.11 -90.77 -10.40
CA PRO J 1517 36.63 -89.49 -9.90
C PRO J 1517 37.97 -89.10 -10.51
N ARG J 1518 38.66 -90.01 -11.18
CA ARG J 1518 39.94 -89.68 -11.81
C ARG J 1518 39.78 -88.88 -13.08
N ILE J 1519 38.56 -88.70 -13.58
CA ILE J 1519 38.28 -87.90 -14.77
C ILE J 1519 37.45 -86.71 -14.33
N ALA J 1520 37.95 -85.50 -14.61
CA ALA J 1520 37.19 -84.31 -14.29
C ALA J 1520 36.00 -84.17 -15.25
N PRO J 1521 34.99 -83.38 -14.88
CA PRO J 1521 33.92 -83.12 -15.86
C PRO J 1521 34.42 -82.52 -17.16
N LEU J 1522 35.39 -81.60 -17.07
CA LEU J 1522 35.93 -80.97 -18.27
C LEU J 1522 36.69 -81.98 -19.13
N ARG J 1523 37.58 -82.75 -18.50
CA ARG J 1523 38.34 -83.75 -19.26
C ARG J 1523 37.43 -84.80 -19.86
N GLY J 1524 36.41 -85.21 -19.12
CA GLY J 1524 35.49 -86.21 -19.64
C GLY J 1524 34.66 -85.68 -20.79
N ALA J 1525 34.19 -84.43 -20.69
CA ALA J 1525 33.46 -83.83 -21.79
C ALA J 1525 34.32 -83.74 -23.03
N LEU J 1526 35.60 -83.37 -22.87
CA LEU J 1526 36.49 -83.34 -24.03
C LEU J 1526 36.72 -84.75 -24.58
N ALA J 1527 36.95 -85.72 -23.70
CA ALA J 1527 37.30 -87.07 -24.13
C ALA J 1527 36.11 -87.83 -24.71
N THR J 1528 34.89 -87.34 -24.49
CA THR J 1528 33.73 -87.96 -25.11
C THR J 1528 33.89 -88.01 -26.63
N TYR J 1529 34.50 -86.98 -27.22
CA TYR J 1529 34.68 -86.88 -28.66
C TYR J 1529 36.12 -87.12 -29.08
N GLY J 1530 36.92 -87.78 -28.25
CA GLY J 1530 38.30 -88.07 -28.57
C GLY J 1530 39.27 -86.93 -28.36
N LEU J 1531 38.79 -85.78 -27.86
CA LEU J 1531 39.67 -84.65 -27.63
C LEU J 1531 40.37 -84.78 -26.28
N THR J 1532 41.38 -83.95 -26.09
CA THR J 1532 42.14 -83.87 -24.86
C THR J 1532 42.11 -82.45 -24.33
N ILE J 1533 42.69 -82.26 -23.14
CA ILE J 1533 42.77 -80.93 -22.55
C ILE J 1533 43.46 -79.97 -23.51
N ASP J 1534 44.54 -80.42 -24.15
CA ASP J 1534 45.28 -79.58 -25.08
C ASP J 1534 44.45 -79.16 -26.28
N ASP J 1535 43.36 -79.89 -26.57
CA ASP J 1535 42.51 -79.52 -27.70
C ASP J 1535 41.55 -78.38 -27.36
N LEU J 1536 41.52 -77.92 -26.11
CA LEU J 1536 40.72 -76.73 -25.76
C LEU J 1536 41.56 -75.49 -26.05
N GLY J 1537 41.55 -75.10 -27.32
CA GLY J 1537 42.48 -74.08 -27.80
C GLY J 1537 42.03 -72.65 -27.59
N VAL J 1538 40.77 -72.41 -27.25
CA VAL J 1538 40.24 -71.06 -27.12
C VAL J 1538 39.37 -70.99 -25.88
N ALA J 1539 39.43 -69.85 -25.19
CA ALA J 1539 38.62 -69.61 -24.00
C ALA J 1539 37.94 -68.26 -24.15
N SER J 1540 36.63 -68.27 -24.36
CA SER J 1540 35.84 -67.05 -24.39
C SER J 1540 35.69 -66.58 -22.95
N PHE J 1541 36.58 -65.67 -22.56
CA PHE J 1541 36.57 -65.13 -21.22
C PHE J 1541 35.35 -64.26 -21.01
N HIS J 1542 34.87 -64.21 -19.77
CA HIS J 1542 33.91 -63.19 -19.38
C HIS J 1542 34.38 -61.81 -19.79
N GLY J 1543 35.63 -61.47 -19.44
CA GLY J 1543 36.27 -60.27 -19.95
C GLY J 1543 35.50 -59.01 -19.65
N THR J 1544 35.04 -58.86 -18.40
CA THR J 1544 34.20 -57.73 -18.07
C THR J 1544 34.96 -56.42 -17.92
N SER J 1545 36.29 -56.45 -18.00
CA SER J 1545 37.11 -55.23 -17.91
C SER J 1545 37.06 -54.61 -16.52
N THR J 1546 37.12 -55.46 -15.50
CA THR J 1546 37.27 -55.04 -14.12
C THR J 1546 38.43 -55.81 -13.51
N LYS J 1547 39.12 -55.16 -12.56
CA LYS J 1547 40.36 -55.71 -12.03
C LYS J 1547 40.11 -57.08 -11.40
N ALA J 1548 39.16 -57.14 -10.45
CA ALA J 1548 38.93 -58.37 -9.71
C ALA J 1548 38.45 -59.49 -10.63
N ASN J 1549 37.51 -59.19 -11.51
CA ASN J 1549 36.95 -60.22 -12.37
C ASN J 1549 38.00 -60.76 -13.33
N ASP J 1550 38.75 -59.88 -13.98
CA ASP J 1550 39.73 -60.36 -14.95
C ASP J 1550 40.83 -61.16 -14.28
N LYS J 1551 41.35 -60.68 -13.14
CA LYS J 1551 42.37 -61.45 -12.44
C LYS J 1551 41.83 -62.80 -11.98
N ASN J 1552 40.63 -62.81 -11.40
CA ASN J 1552 40.05 -64.04 -10.90
C ASN J 1552 39.80 -65.04 -12.01
N GLU J 1553 39.32 -64.56 -13.16
CA GLU J 1553 39.02 -65.47 -14.26
C GLU J 1553 40.28 -66.03 -14.88
N SER J 1554 41.31 -65.18 -15.06
CA SER J 1554 42.57 -65.69 -15.56
C SER J 1554 43.15 -66.73 -14.60
N ALA J 1555 43.05 -66.48 -13.30
CA ALA J 1555 43.52 -67.45 -12.32
C ALA J 1555 42.72 -68.74 -12.38
N THR J 1556 41.41 -68.64 -12.55
CA THR J 1556 40.57 -69.84 -12.62
C THR J 1556 40.94 -70.68 -13.84
N ILE J 1557 41.09 -70.04 -15.00
CA ILE J 1557 41.47 -70.78 -16.20
C ILE J 1557 42.85 -71.39 -16.03
N ASN J 1558 43.79 -70.64 -15.47
CA ASN J 1558 45.14 -71.16 -15.27
C ASN J 1558 45.13 -72.37 -14.35
N GLU J 1559 44.33 -72.32 -13.28
CA GLU J 1559 44.27 -73.44 -12.35
C GLU J 1559 43.61 -74.64 -13.00
N MET J 1560 42.58 -74.42 -13.81
CA MET J 1560 41.98 -75.51 -14.56
C MET J 1560 43.01 -76.18 -15.46
N MET J 1561 43.78 -75.37 -16.20
CA MET J 1561 44.75 -75.94 -17.14
C MET J 1561 45.89 -76.63 -16.40
N LYS J 1562 46.27 -76.11 -15.24
CA LYS J 1562 47.27 -76.77 -14.42
C LYS J 1562 46.79 -78.12 -13.93
N HIS J 1563 45.60 -78.15 -13.31
CA HIS J 1563 45.13 -79.39 -12.71
C HIS J 1563 44.83 -80.45 -13.77
N LEU J 1564 44.28 -80.05 -14.90
CA LEU J 1564 43.97 -81.01 -15.96
C LEU J 1564 45.19 -81.43 -16.76
N GLY J 1565 46.39 -81.04 -16.33
CA GLY J 1565 47.60 -81.53 -16.96
C GLY J 1565 47.79 -81.07 -18.38
N ARG J 1566 47.45 -79.81 -18.67
CA ARG J 1566 47.68 -79.26 -19.99
C ARG J 1566 49.17 -79.15 -20.25
N SER J 1567 49.57 -79.40 -21.50
CA SER J 1567 50.98 -79.35 -21.85
C SER J 1567 51.51 -77.93 -21.68
N GLU J 1568 52.68 -77.83 -21.05
CA GLU J 1568 53.32 -76.54 -20.86
C GLU J 1568 53.80 -76.01 -22.21
N GLY J 1569 53.55 -74.71 -22.43
CA GLY J 1569 53.72 -74.12 -23.73
C GLY J 1569 52.50 -74.20 -24.62
N ASN J 1570 51.33 -74.52 -24.06
CA ASN J 1570 50.08 -74.58 -24.81
C ASN J 1570 49.02 -73.73 -24.12
N PRO J 1571 49.22 -72.41 -24.08
CA PRO J 1571 48.20 -71.55 -23.47
C PRO J 1571 46.91 -71.58 -24.26
N VAL J 1572 45.80 -71.48 -23.53
CA VAL J 1572 44.50 -71.26 -24.14
C VAL J 1572 44.43 -69.82 -24.59
N ILE J 1573 43.96 -69.60 -25.82
CA ILE J 1573 43.89 -68.27 -26.41
C ILE J 1573 42.61 -67.61 -25.89
N GLY J 1574 42.75 -66.53 -25.12
CA GLY J 1574 41.60 -65.90 -24.52
C GLY J 1574 40.95 -64.89 -25.45
N VAL J 1575 39.64 -65.05 -25.63
CA VAL J 1575 38.83 -64.16 -26.45
C VAL J 1575 38.01 -63.30 -25.50
N PHE J 1576 38.21 -61.99 -25.60
CA PHE J 1576 37.45 -61.01 -24.82
C PHE J 1576 36.55 -60.27 -25.79
N GLN J 1577 35.25 -60.58 -25.75
CA GLN J 1577 34.28 -59.98 -26.66
C GLN J 1577 33.67 -58.70 -26.14
N LYS J 1578 33.71 -58.47 -24.82
CA LYS J 1578 33.08 -57.28 -24.25
C LYS J 1578 33.87 -56.01 -24.53
N PHE J 1579 35.08 -56.12 -25.08
CA PHE J 1579 35.78 -54.93 -25.53
C PHE J 1579 35.01 -54.21 -26.63
N LEU J 1580 34.21 -54.93 -27.40
CA LEU J 1580 33.48 -54.40 -28.54
C LEU J 1580 32.00 -54.26 -28.28
N THR J 1581 31.36 -55.32 -27.78
CA THR J 1581 29.93 -55.33 -27.54
C THR J 1581 29.55 -54.83 -26.15
N GLY J 1582 30.51 -54.57 -25.28
CA GLY J 1582 30.20 -54.18 -23.93
C GLY J 1582 29.68 -55.36 -23.12
N HIS J 1583 29.18 -55.05 -21.93
CA HIS J 1583 28.74 -56.03 -20.95
C HIS J 1583 27.23 -55.90 -20.74
N PRO J 1584 26.44 -56.81 -21.32
CA PRO J 1584 25.03 -56.88 -20.95
C PRO J 1584 24.85 -57.77 -19.72
N LYS J 1585 23.82 -57.45 -18.93
CA LYS J 1585 23.64 -58.08 -17.62
C LYS J 1585 22.83 -59.37 -17.76
N GLY J 1586 23.31 -60.26 -18.63
CA GLY J 1586 22.64 -61.52 -18.85
C GLY J 1586 22.64 -62.02 -20.27
N ALA J 1587 22.74 -61.11 -21.25
CA ALA J 1587 23.01 -61.51 -22.61
C ALA J 1587 24.48 -61.81 -22.84
N ALA J 1588 25.31 -61.68 -21.79
CA ALA J 1588 26.75 -61.78 -21.96
C ALA J 1588 27.14 -63.17 -22.44
N GLY J 1589 26.88 -64.19 -21.62
CA GLY J 1589 27.28 -65.54 -22.00
C GLY J 1589 26.65 -66.01 -23.29
N ALA J 1590 25.49 -65.46 -23.64
CA ALA J 1590 24.87 -65.81 -24.91
C ALA J 1590 25.66 -65.23 -26.07
N TRP J 1591 26.09 -63.97 -25.94
CA TRP J 1591 26.93 -63.37 -26.98
C TRP J 1591 28.26 -64.11 -27.09
N MET J 1592 28.83 -64.50 -25.95
CA MET J 1592 30.09 -65.24 -25.98
C MET J 1592 29.90 -66.63 -26.56
N MET J 1593 28.74 -67.25 -26.37
CA MET J 1593 28.48 -68.53 -27.03
C MET J 1593 28.35 -68.33 -28.54
N ASN J 1594 27.68 -67.26 -28.97
CA ASN J 1594 27.58 -66.99 -30.40
C ASN J 1594 28.97 -66.77 -30.99
N GLY J 1595 29.80 -65.99 -30.32
CA GLY J 1595 31.16 -65.78 -30.78
C GLY J 1595 31.98 -67.05 -30.77
N ALA J 1596 31.78 -67.91 -29.76
CA ALA J 1596 32.51 -69.17 -29.69
C ALA J 1596 32.11 -70.10 -30.83
N LEU J 1597 30.82 -70.16 -31.15
CA LEU J 1597 30.37 -70.97 -32.28
C LEU J 1597 30.95 -70.44 -33.58
N GLN J 1598 30.96 -69.12 -33.75
CA GLN J 1598 31.55 -68.54 -34.95
C GLN J 1598 33.05 -68.82 -35.02
N ILE J 1599 33.74 -68.74 -33.89
CA ILE J 1599 35.16 -69.09 -33.85
C ILE J 1599 35.37 -70.53 -34.26
N LEU J 1600 34.53 -71.43 -33.74
CA LEU J 1600 34.65 -72.84 -34.10
C LEU J 1600 34.46 -73.06 -35.59
N ASN J 1601 33.43 -72.44 -36.16
CA ASN J 1601 33.08 -72.75 -37.54
C ASN J 1601 34.03 -72.07 -38.52
N SER J 1602 34.56 -70.89 -38.17
CA SER J 1602 35.43 -70.15 -39.07
C SER J 1602 36.91 -70.42 -38.84
N GLY J 1603 37.28 -70.98 -37.69
CA GLY J 1603 38.68 -71.14 -37.37
C GLY J 1603 39.38 -69.82 -37.11
N ILE J 1604 38.63 -68.76 -36.82
CA ILE J 1604 39.16 -67.41 -36.67
C ILE J 1604 38.94 -67.00 -35.22
N ILE J 1605 40.02 -66.57 -34.56
CA ILE J 1605 40.00 -66.15 -33.17
C ILE J 1605 40.12 -64.63 -33.14
N PRO J 1606 39.04 -63.88 -32.85
CA PRO J 1606 39.17 -62.43 -32.80
C PRO J 1606 40.10 -61.98 -31.68
N GLY J 1607 40.75 -60.84 -31.92
CA GLY J 1607 41.65 -60.25 -30.95
C GLY J 1607 41.01 -59.10 -30.20
N ASN J 1608 41.44 -58.92 -28.96
CA ASN J 1608 40.96 -57.83 -28.11
C ASN J 1608 41.67 -56.57 -28.55
N ARG J 1609 41.06 -55.85 -29.49
CA ARG J 1609 41.73 -54.69 -30.07
C ARG J 1609 41.92 -53.57 -29.06
N ASN J 1610 41.15 -53.58 -27.97
CA ASN J 1610 41.35 -52.62 -26.90
C ASN J 1610 42.42 -53.06 -25.91
N ALA J 1611 43.03 -54.22 -26.11
CA ALA J 1611 44.10 -54.70 -25.23
C ALA J 1611 45.35 -53.88 -25.51
N ASP J 1612 45.33 -52.63 -25.03
CA ASP J 1612 46.46 -51.75 -25.27
C ASP J 1612 47.73 -52.28 -24.62
N ASN J 1613 47.62 -52.78 -23.40
CA ASN J 1613 48.76 -53.30 -22.66
C ASN J 1613 48.25 -54.32 -21.66
N VAL J 1614 48.56 -55.60 -21.88
CA VAL J 1614 48.10 -56.65 -21.00
C VAL J 1614 48.68 -56.43 -19.61
N ASP J 1615 47.87 -56.66 -18.58
CA ASP J 1615 48.30 -56.43 -17.21
C ASP J 1615 49.47 -57.34 -16.86
N LYS J 1616 50.48 -56.74 -16.21
CA LYS J 1616 51.64 -57.52 -15.80
C LYS J 1616 51.26 -58.61 -14.81
N ILE J 1617 50.21 -58.39 -14.02
CA ILE J 1617 49.77 -59.39 -13.06
C ILE J 1617 49.30 -60.66 -13.78
N LEU J 1618 48.86 -60.52 -15.04
CA LEU J 1618 48.37 -61.67 -15.80
C LEU J 1618 49.49 -62.49 -16.42
N GLU J 1619 50.75 -62.05 -16.30
CA GLU J 1619 51.85 -62.84 -16.86
C GLU J 1619 52.05 -64.14 -16.10
N GLN J 1620 51.72 -64.16 -14.80
CA GLN J 1620 51.91 -65.37 -14.02
C GLN J 1620 51.09 -66.54 -14.53
N PHE J 1621 49.98 -66.28 -15.22
CA PHE J 1621 49.11 -67.33 -15.76
C PHE J 1621 49.67 -67.76 -17.10
N GLU J 1622 50.66 -68.67 -17.04
CA GLU J 1622 51.37 -69.10 -18.24
C GLU J 1622 50.47 -69.85 -19.21
N TYR J 1623 49.33 -70.35 -18.76
CA TYR J 1623 48.42 -71.12 -19.60
C TYR J 1623 47.34 -70.26 -20.26
N VAL J 1624 47.47 -68.94 -20.21
CA VAL J 1624 46.52 -68.03 -20.82
C VAL J 1624 47.29 -67.09 -21.75
N LEU J 1625 46.77 -66.91 -22.96
CA LEU J 1625 47.28 -65.94 -23.91
C LEU J 1625 46.23 -64.87 -24.15
N TYR J 1626 46.68 -63.64 -24.39
CA TYR J 1626 45.80 -62.47 -24.52
C TYR J 1626 46.08 -61.78 -25.85
N PRO J 1627 45.57 -62.30 -26.95
CA PRO J 1627 45.83 -61.67 -28.25
C PRO J 1627 45.15 -60.31 -28.36
N SER J 1628 45.75 -59.45 -29.19
CA SER J 1628 45.20 -58.14 -29.50
C SER J 1628 44.74 -58.01 -30.95
N LYS J 1629 45.11 -58.95 -31.82
CA LYS J 1629 44.67 -58.93 -33.21
C LYS J 1629 44.16 -60.32 -33.59
N THR J 1630 43.28 -60.34 -34.58
CA THR J 1630 42.64 -61.57 -34.99
C THR J 1630 43.65 -62.58 -35.51
N LEU J 1631 43.40 -63.86 -35.25
CA LEU J 1631 44.25 -64.95 -35.67
C LEU J 1631 43.48 -65.89 -36.57
N LYS J 1632 44.02 -66.13 -37.77
CA LYS J 1632 43.42 -67.06 -38.72
C LYS J 1632 43.93 -68.45 -38.39
N THR J 1633 43.37 -69.05 -37.34
CA THR J 1633 43.80 -70.36 -36.90
C THR J 1633 43.36 -71.40 -37.92
N ASP J 1634 44.12 -72.49 -38.00
CA ASP J 1634 43.86 -73.57 -38.95
C ASP J 1634 42.84 -74.58 -38.44
N GLY J 1635 41.96 -74.17 -37.53
CA GLY J 1635 40.99 -75.06 -36.92
C GLY J 1635 40.96 -74.95 -35.41
N VAL J 1636 39.77 -74.69 -34.86
CA VAL J 1636 39.55 -74.68 -33.43
C VAL J 1636 38.69 -75.89 -33.08
N ARG J 1637 39.19 -76.70 -32.15
CA ARG J 1637 38.49 -77.93 -31.77
C ARG J 1637 37.41 -77.65 -30.73
N ALA J 1638 37.76 -76.96 -29.65
CA ALA J 1638 36.85 -76.68 -28.55
C ALA J 1638 37.08 -75.27 -28.03
N VAL J 1639 36.02 -74.69 -27.47
CA VAL J 1639 36.03 -73.34 -26.92
C VAL J 1639 35.39 -73.39 -25.55
N SER J 1640 36.05 -72.75 -24.57
CA SER J 1640 35.58 -72.71 -23.19
C SER J 1640 35.00 -71.34 -22.87
N ILE J 1641 33.69 -71.25 -22.75
CA ILE J 1641 32.99 -70.00 -22.47
C ILE J 1641 32.83 -69.93 -20.96
N THR J 1642 33.31 -68.84 -20.34
CA THR J 1642 33.26 -68.72 -18.89
C THR J 1642 32.63 -67.39 -18.49
N SER J 1643 31.65 -67.44 -17.60
CA SER J 1643 30.92 -66.27 -17.12
C SER J 1643 30.91 -66.24 -15.60
N PHE J 1644 30.88 -65.02 -15.05
CA PHE J 1644 30.83 -64.82 -13.59
C PHE J 1644 29.84 -63.68 -13.33
N GLY J 1645 28.63 -64.04 -12.94
CA GLY J 1645 27.64 -63.06 -12.56
C GLY J 1645 27.61 -62.82 -11.06
N PHE J 1646 27.02 -61.68 -10.70
CA PHE J 1646 26.84 -61.33 -9.30
C PHE J 1646 26.04 -62.40 -8.59
N GLY J 1647 26.23 -62.50 -7.29
CA GLY J 1647 25.65 -63.60 -6.54
C GLY J 1647 26.43 -64.88 -6.67
N GLN J 1648 27.74 -64.80 -6.94
CA GLN J 1648 28.61 -65.97 -7.04
C GLN J 1648 28.16 -66.90 -8.16
N LYS J 1649 27.60 -66.33 -9.24
CA LYS J 1649 27.07 -67.14 -10.33
C LYS J 1649 28.19 -67.44 -11.31
N GLY J 1650 29.06 -68.38 -10.94
CA GLY J 1650 30.09 -68.87 -11.82
C GLY J 1650 29.48 -69.86 -12.79
N GLY J 1651 29.98 -69.87 -14.02
CA GLY J 1651 29.46 -70.77 -15.03
C GLY J 1651 30.47 -71.01 -16.12
N GLN J 1652 30.54 -72.27 -16.56
CA GLN J 1652 31.40 -72.65 -17.66
C GLN J 1652 30.61 -73.50 -18.65
N ALA J 1653 30.95 -73.34 -19.93
CA ALA J 1653 30.41 -74.16 -20.99
C ALA J 1653 31.54 -74.51 -21.94
N ILE J 1654 31.42 -75.65 -22.60
CA ILE J 1654 32.40 -76.12 -23.57
C ILE J 1654 31.67 -76.41 -24.86
N VAL J 1655 32.10 -75.76 -25.93
CA VAL J 1655 31.54 -75.95 -27.27
C VAL J 1655 32.60 -76.64 -28.11
N VAL J 1656 32.32 -77.87 -28.53
CA VAL J 1656 33.23 -78.64 -29.37
C VAL J 1656 32.84 -78.41 -30.82
N HIS J 1657 33.81 -78.55 -31.71
CA HIS J 1657 33.57 -78.35 -33.13
C HIS J 1657 32.50 -79.34 -33.61
N PRO J 1658 31.55 -78.91 -34.45
CA PRO J 1658 30.50 -79.84 -34.87
C PRO J 1658 31.02 -81.04 -35.65
N ASP J 1659 32.20 -80.95 -36.27
CA ASP J 1659 32.66 -82.03 -37.13
C ASP J 1659 33.01 -83.27 -36.32
N TYR J 1660 33.25 -83.12 -35.02
CA TYR J 1660 33.49 -84.30 -34.19
C TYR J 1660 32.22 -85.09 -33.94
N LEU J 1661 31.06 -84.48 -34.17
CA LEU J 1661 29.81 -85.22 -34.11
C LEU J 1661 29.66 -86.15 -35.31
N TYR J 1662 30.00 -85.66 -36.50
CA TYR J 1662 29.74 -86.40 -37.72
C TYR J 1662 30.59 -87.66 -37.83
N GLY J 1663 31.66 -87.76 -37.04
CA GLY J 1663 32.41 -89.00 -36.96
C GLY J 1663 31.72 -90.09 -36.16
N ALA J 1664 30.62 -89.77 -35.49
CA ALA J 1664 29.86 -90.73 -34.71
C ALA J 1664 28.71 -91.36 -35.50
N ILE J 1665 28.55 -91.03 -36.78
CA ILE J 1665 27.46 -91.56 -37.60
C ILE J 1665 28.03 -92.22 -38.84
N THR J 1666 27.18 -92.92 -39.58
CA THR J 1666 27.57 -93.66 -40.76
C THR J 1666 27.68 -92.74 -41.98
N GLU J 1667 28.22 -93.28 -43.06
CA GLU J 1667 28.36 -92.49 -44.28
C GLU J 1667 27.00 -92.14 -44.86
N ASP J 1668 26.09 -93.10 -44.93
CA ASP J 1668 24.77 -92.84 -45.53
C ASP J 1668 23.99 -91.84 -44.68
N ARG J 1669 24.02 -92.00 -43.37
CA ARG J 1669 23.34 -91.05 -42.49
C ARG J 1669 23.91 -89.64 -42.66
N TYR J 1670 25.24 -89.54 -42.73
CA TYR J 1670 25.86 -88.24 -42.93
C TYR J 1670 25.47 -87.64 -44.27
N ASN J 1671 25.42 -88.45 -45.32
CA ASN J 1671 25.09 -87.94 -46.64
C ASN J 1671 23.66 -87.42 -46.70
N GLU J 1672 22.71 -88.18 -46.12
CA GLU J 1672 21.34 -87.71 -46.12
C GLU J 1672 21.18 -86.48 -45.25
N TYR J 1673 21.91 -86.41 -44.13
CA TYR J 1673 21.90 -85.21 -43.31
C TYR J 1673 22.43 -84.01 -44.08
N VAL J 1674 23.51 -84.20 -44.84
CA VAL J 1674 24.09 -83.11 -45.62
C VAL J 1674 23.12 -82.63 -46.69
N ALA J 1675 22.45 -83.57 -47.35
CA ALA J 1675 21.46 -83.19 -48.36
C ALA J 1675 20.31 -82.39 -47.72
N LYS J 1676 19.81 -82.86 -46.58
CA LYS J 1676 18.74 -82.14 -45.91
C LYS J 1676 19.18 -80.76 -45.47
N VAL J 1677 20.42 -80.64 -44.99
CA VAL J 1677 20.92 -79.33 -44.56
C VAL J 1677 21.09 -78.40 -45.74
N SER J 1678 21.53 -78.93 -46.89
CA SER J 1678 21.65 -78.08 -48.08
C SER J 1678 20.28 -77.55 -48.50
N ALA J 1679 19.28 -78.43 -48.57
CA ALA J 1679 17.93 -77.99 -48.93
C ALA J 1679 17.40 -76.99 -47.93
N ARG J 1680 17.61 -77.24 -46.64
CA ARG J 1680 17.13 -76.33 -45.61
C ARG J 1680 17.88 -75.00 -45.66
N GLU J 1681 19.16 -75.00 -45.99
CA GLU J 1681 19.91 -73.76 -46.11
C GLU J 1681 19.37 -72.93 -47.26
N LYS J 1682 19.05 -73.57 -48.38
CA LYS J 1682 18.46 -72.83 -49.49
C LYS J 1682 17.11 -72.24 -49.10
N SER J 1683 16.27 -73.04 -48.44
CA SER J 1683 14.97 -72.55 -48.00
C SER J 1683 15.12 -71.40 -47.02
N ALA J 1684 16.05 -71.53 -46.08
CA ALA J 1684 16.28 -70.49 -45.08
C ALA J 1684 16.82 -69.22 -45.74
N TYR J 1685 17.67 -69.37 -46.75
CA TYR J 1685 18.18 -68.20 -47.46
C TYR J 1685 17.05 -67.43 -48.12
N LYS J 1686 16.19 -68.13 -48.86
CA LYS J 1686 15.09 -67.42 -49.52
C LYS J 1686 14.16 -66.79 -48.50
N PHE J 1687 13.85 -67.51 -47.41
CA PHE J 1687 13.00 -66.94 -46.38
C PHE J 1687 13.63 -65.70 -45.76
N PHE J 1688 14.92 -65.78 -45.41
CA PHE J 1688 15.59 -64.68 -44.75
C PHE J 1688 15.62 -63.45 -45.65
N HIS J 1689 15.94 -63.63 -46.93
CA HIS J 1689 16.04 -62.46 -47.79
C HIS J 1689 14.66 -61.87 -48.07
N ASN J 1690 13.65 -62.71 -48.31
CA ASN J 1690 12.29 -62.21 -48.46
C ASN J 1690 11.87 -61.40 -47.24
N GLY J 1691 12.05 -61.98 -46.04
CA GLY J 1691 11.65 -61.28 -44.84
C GLY J 1691 12.47 -60.02 -44.60
N MET J 1692 13.73 -60.02 -45.01
CA MET J 1692 14.54 -58.82 -44.86
C MET J 1692 14.00 -57.69 -45.72
N ILE J 1693 13.77 -57.97 -47.01
CA ILE J 1693 13.39 -56.86 -47.90
C ILE J 1693 11.98 -56.39 -47.58
N TYR J 1694 11.08 -57.31 -47.21
CA TYR J 1694 9.69 -56.95 -46.93
C TYR J 1694 9.40 -56.70 -45.45
N ASN J 1695 10.43 -56.69 -44.60
CA ASN J 1695 10.26 -56.41 -43.17
C ASN J 1695 9.26 -57.37 -42.53
N LYS J 1696 9.41 -58.66 -42.82
CA LYS J 1696 8.53 -59.71 -42.31
C LYS J 1696 9.34 -60.93 -41.89
N LEU J 1697 10.50 -60.72 -41.28
CA LEU J 1697 11.24 -61.84 -40.71
C LEU J 1697 10.48 -62.44 -39.53
N PHE J 1698 9.93 -61.58 -38.67
CA PHE J 1698 9.08 -62.01 -37.56
C PHE J 1698 7.67 -62.14 -38.09
N VAL J 1699 7.18 -63.37 -38.18
CA VAL J 1699 5.81 -63.66 -38.57
C VAL J 1699 5.07 -64.12 -37.33
N SER J 1700 4.28 -63.23 -36.74
CA SER J 1700 3.47 -63.61 -35.60
C SER J 1700 2.44 -64.66 -36.00
N LYS J 1701 2.31 -65.69 -35.18
CA LYS J 1701 1.30 -66.72 -35.40
C LYS J 1701 -0.03 -66.21 -34.85
N GLU J 1702 -1.04 -66.14 -35.71
CA GLU J 1702 -2.36 -65.73 -35.25
C GLU J 1702 -3.05 -66.85 -34.49
N HIS J 1703 -2.77 -68.10 -34.86
CA HIS J 1703 -3.41 -69.26 -34.26
C HIS J 1703 -2.37 -70.31 -33.89
N ALA J 1704 -2.71 -71.10 -32.89
CA ALA J 1704 -1.89 -72.23 -32.48
C ALA J 1704 -1.99 -73.33 -33.54
N PRO J 1705 -1.05 -74.29 -33.55
CA PRO J 1705 -1.12 -75.35 -34.56
C PRO J 1705 -2.25 -76.33 -34.32
N TYR J 1706 -2.98 -76.20 -33.22
CA TYR J 1706 -4.14 -77.03 -32.92
C TYR J 1706 -5.30 -76.13 -32.55
N THR J 1707 -6.51 -76.58 -32.89
CA THR J 1707 -7.70 -75.84 -32.50
C THR J 1707 -7.98 -76.05 -31.01
N ASP J 1708 -8.87 -75.22 -30.47
CA ASP J 1708 -9.21 -75.32 -29.05
C ASP J 1708 -9.81 -76.68 -28.72
N GLU J 1709 -10.64 -77.22 -29.61
CA GLU J 1709 -11.26 -78.50 -29.35
C GLU J 1709 -10.23 -79.64 -29.38
N LEU J 1710 -9.19 -79.50 -30.20
CA LEU J 1710 -8.15 -80.50 -30.33
C LEU J 1710 -6.93 -80.22 -29.45
N GLU J 1711 -6.92 -79.12 -28.70
CA GLU J 1711 -5.78 -78.80 -27.85
C GLU J 1711 -5.54 -79.90 -26.83
N GLU J 1712 -6.61 -80.34 -26.16
CA GLU J 1712 -6.48 -81.37 -25.13
C GLU J 1712 -6.00 -82.68 -25.71
N ASP J 1713 -6.55 -83.08 -26.87
CA ASP J 1713 -6.14 -84.33 -27.50
C ASP J 1713 -4.67 -84.27 -27.91
N VAL J 1714 -4.24 -83.13 -28.46
CA VAL J 1714 -2.84 -82.99 -28.86
C VAL J 1714 -1.93 -83.06 -27.65
N TYR J 1715 -2.32 -82.41 -26.54
CA TYR J 1715 -1.53 -82.50 -25.32
C TYR J 1715 -1.44 -83.93 -24.83
N LEU J 1716 -2.54 -84.67 -24.87
CA LEU J 1716 -2.59 -85.99 -24.30
C LEU J 1716 -1.98 -87.07 -25.20
N ASP J 1717 -1.80 -86.79 -26.49
CA ASP J 1717 -1.16 -87.74 -27.40
C ASP J 1717 0.32 -87.42 -27.53
N PRO J 1718 1.23 -88.27 -27.05
CA PRO J 1718 2.66 -87.94 -27.19
C PRO J 1718 3.18 -88.06 -28.61
N LEU J 1719 2.51 -88.86 -29.45
CA LEU J 1719 2.94 -89.09 -30.81
C LEU J 1719 2.26 -88.16 -31.82
N ALA J 1720 1.45 -87.21 -31.36
CA ALA J 1720 0.83 -86.28 -32.29
C ALA J 1720 1.87 -85.39 -32.93
N ARG J 1721 1.82 -85.28 -34.26
CA ARG J 1721 2.72 -84.45 -35.03
C ARG J 1721 1.92 -83.64 -36.02
N VAL J 1722 2.40 -82.44 -36.32
CA VAL J 1722 1.72 -81.56 -37.25
C VAL J 1722 1.93 -82.07 -38.68
N SER J 1723 0.98 -81.73 -39.54
CA SER J 1723 1.06 -82.04 -40.96
C SER J 1723 0.67 -80.80 -41.74
N LYS J 1724 1.07 -80.75 -43.00
CA LYS J 1724 0.73 -79.63 -43.86
C LYS J 1724 -0.71 -79.75 -44.29
N ASP J 1725 -1.54 -78.78 -43.91
CA ASP J 1725 -2.94 -78.77 -44.33
C ASP J 1725 -3.04 -78.47 -45.81
N LYS J 1726 -3.80 -79.29 -46.54
CA LYS J 1726 -3.92 -79.10 -47.98
C LYS J 1726 -4.57 -77.77 -48.32
N LYS J 1727 -5.52 -77.32 -47.49
CA LYS J 1727 -6.25 -76.08 -47.78
C LYS J 1727 -5.45 -74.85 -47.35
N SER J 1728 -5.16 -74.73 -46.06
CA SER J 1728 -4.49 -73.54 -45.56
C SER J 1728 -3.01 -73.53 -45.96
N GLY J 1729 -2.41 -74.71 -46.10
CA GLY J 1729 -1.01 -74.82 -46.43
C GLY J 1729 -0.07 -74.70 -45.25
N SER J 1730 -0.58 -74.43 -44.05
CA SER J 1730 0.25 -74.31 -42.86
C SER J 1730 0.33 -75.64 -42.13
N LEU J 1731 1.28 -75.73 -41.20
CA LEU J 1731 1.48 -76.94 -40.41
C LEU J 1731 0.53 -76.88 -39.22
N THR J 1732 -0.41 -77.83 -39.17
CA THR J 1732 -1.41 -77.87 -38.12
C THR J 1732 -1.62 -79.32 -37.68
N PHE J 1733 -2.26 -79.48 -36.53
CA PHE J 1733 -2.57 -80.81 -36.02
C PHE J 1733 -3.89 -81.29 -36.61
N ASN J 1734 -3.96 -82.58 -36.90
CA ASN J 1734 -5.10 -83.20 -37.54
C ASN J 1734 -5.64 -84.32 -36.65
N SER J 1735 -6.98 -84.37 -36.51
CA SER J 1735 -7.59 -85.41 -35.69
C SER J 1735 -7.26 -86.80 -36.23
N LYS J 1736 -7.18 -86.94 -37.56
CA LYS J 1736 -6.83 -88.23 -38.13
C LYS J 1736 -5.44 -88.67 -37.71
N ASN J 1737 -4.54 -87.73 -37.45
CA ASN J 1737 -3.18 -88.03 -37.02
C ASN J 1737 -3.03 -88.02 -35.50
N ILE J 1738 -4.05 -87.60 -34.76
CA ILE J 1738 -4.03 -87.62 -33.30
C ILE J 1738 -4.60 -88.97 -32.84
N GLN J 1739 -3.86 -89.65 -31.96
CA GLN J 1739 -4.29 -90.93 -31.40
C GLN J 1739 -4.56 -91.96 -32.50
N SER J 1740 -3.68 -92.01 -33.49
CA SER J 1740 -3.82 -92.91 -34.62
C SER J 1740 -2.84 -94.08 -34.48
N LYS J 1741 -3.27 -95.26 -34.94
CA LYS J 1741 -2.40 -96.43 -34.91
C LYS J 1741 -1.23 -96.30 -35.88
N ASP J 1742 -1.35 -95.44 -36.90
CA ASP J 1742 -0.24 -95.24 -37.83
C ASP J 1742 0.97 -94.65 -37.13
N SER J 1743 0.75 -93.73 -36.19
CA SER J 1743 1.87 -93.14 -35.46
C SER J 1743 2.60 -94.18 -34.64
N TYR J 1744 1.87 -95.11 -34.03
CA TYR J 1744 2.46 -96.16 -33.20
C TYR J 1744 2.66 -97.44 -34.00
N SER K 5 -69.47 5.85 -113.84
CA SER K 5 -68.37 5.25 -113.09
C SER K 5 -67.87 6.19 -111.99
N THR K 6 -67.86 5.68 -110.76
CA THR K 6 -67.40 6.41 -109.60
C THR K 6 -66.47 5.52 -108.80
N ARG K 7 -65.67 6.12 -107.92
CA ARG K 7 -64.73 5.35 -107.14
C ARG K 7 -64.44 6.02 -105.81
N PRO K 8 -63.97 5.26 -104.81
CA PRO K 8 -63.79 5.83 -103.47
C PRO K 8 -62.60 6.76 -103.39
N LEU K 9 -62.70 7.71 -102.45
CA LEU K 9 -61.65 8.64 -102.11
C LEU K 9 -61.67 8.74 -100.58
N THR K 10 -60.70 8.11 -99.93
CA THR K 10 -60.69 8.02 -98.47
C THR K 10 -59.99 9.23 -97.89
N LEU K 11 -60.67 9.94 -97.00
CA LEU K 11 -60.10 11.07 -96.28
C LEU K 11 -60.33 10.87 -94.78
N SER K 12 -59.25 10.98 -94.01
CA SER K 12 -59.30 10.65 -92.59
C SER K 12 -58.41 11.62 -91.83
N HIS K 13 -58.70 11.74 -90.53
CA HIS K 13 -57.88 12.53 -89.61
C HIS K 13 -57.86 11.74 -88.30
N GLY K 14 -56.85 10.89 -88.15
CA GLY K 14 -56.79 9.99 -87.01
C GLY K 14 -57.65 8.76 -87.21
N SER K 15 -58.29 8.30 -86.14
CA SER K 15 -59.12 7.10 -86.23
C SER K 15 -60.30 7.31 -87.17
N LEU K 16 -60.96 8.47 -87.08
CA LEU K 16 -62.14 8.73 -87.89
C LEU K 16 -61.76 8.84 -89.37
N GLU K 17 -62.69 8.43 -90.23
CA GLU K 17 -62.45 8.42 -91.66
C GLU K 17 -63.77 8.57 -92.41
N HIS K 18 -63.66 8.89 -93.69
CA HIS K 18 -64.82 9.07 -94.56
C HIS K 18 -64.39 8.74 -95.98
N VAL K 19 -65.37 8.45 -96.83
CA VAL K 19 -65.12 8.06 -98.22
C VAL K 19 -66.04 8.84 -99.14
N LEU K 20 -65.47 9.45 -100.18
CA LEU K 20 -66.20 10.19 -101.20
C LEU K 20 -66.23 9.38 -102.48
N LEU K 21 -67.42 9.05 -102.97
CA LEU K 21 -67.56 8.27 -104.20
C LEU K 21 -67.57 9.21 -105.41
N VAL K 22 -66.42 9.83 -105.64
CA VAL K 22 -66.31 10.86 -106.67
C VAL K 22 -66.33 10.19 -108.05
N PRO K 23 -66.85 10.84 -109.09
CA PRO K 23 -66.73 10.27 -110.44
C PRO K 23 -65.29 10.27 -110.92
N THR K 24 -65.01 9.36 -111.87
CA THR K 24 -63.67 9.26 -112.44
C THR K 24 -63.29 10.49 -113.25
N ALA K 25 -64.28 11.24 -113.76
CA ALA K 25 -63.96 12.41 -114.58
C ALA K 25 -63.16 13.45 -113.78
N SER K 26 -63.54 13.67 -112.53
CA SER K 26 -62.87 14.64 -111.66
C SER K 26 -62.12 13.96 -110.52
N PHE K 27 -61.75 12.69 -110.69
CA PHE K 27 -61.01 12.01 -109.63
C PHE K 27 -59.66 12.68 -109.41
N PHE K 28 -58.99 13.10 -110.47
CA PHE K 28 -57.68 13.72 -110.31
C PHE K 28 -57.77 15.04 -109.54
N ILE K 29 -58.75 15.88 -109.88
CA ILE K 29 -58.88 17.16 -109.17
C ILE K 29 -59.25 16.90 -107.72
N ALA K 30 -60.13 15.92 -107.47
CA ALA K 30 -60.49 15.57 -106.10
C ALA K 30 -59.28 15.07 -105.34
N SER K 31 -58.44 14.25 -105.98
CA SER K 31 -57.29 13.67 -105.29
C SER K 31 -56.26 14.74 -104.96
N GLN K 32 -55.98 15.66 -105.88
CA GLN K 32 -55.02 16.71 -105.56
C GLN K 32 -55.56 17.62 -104.46
N LEU K 33 -56.86 17.92 -104.50
CA LEU K 33 -57.46 18.70 -103.42
C LEU K 33 -57.32 17.97 -102.09
N GLN K 34 -57.52 16.65 -102.10
CA GLN K 34 -57.32 15.84 -100.90
C GLN K 34 -55.88 15.98 -100.41
N GLU K 35 -54.91 15.87 -101.31
CA GLU K 35 -53.52 15.89 -100.89
C GLU K 35 -53.16 17.23 -100.24
N GLN K 36 -53.50 18.34 -100.90
CA GLN K 36 -53.18 19.64 -100.30
C GLN K 36 -54.04 19.92 -99.07
N PHE K 37 -55.24 19.34 -98.99
CA PHE K 37 -56.06 19.50 -97.80
C PHE K 37 -55.43 18.79 -96.61
N ASN K 38 -54.92 17.57 -96.82
CA ASN K 38 -54.22 16.88 -95.75
C ASN K 38 -52.94 17.62 -95.36
N LYS K 39 -52.26 18.20 -96.35
CA LYS K 39 -51.08 19.01 -96.02
C LYS K 39 -51.46 20.19 -95.14
N ILE K 40 -52.57 20.86 -95.45
CA ILE K 40 -53.01 22.00 -94.66
C ILE K 40 -53.45 21.56 -93.27
N LEU K 41 -54.10 20.40 -93.18
CA LEU K 41 -54.71 19.98 -91.93
C LEU K 41 -53.63 19.73 -90.86
N PRO K 42 -53.87 20.14 -89.61
CA PRO K 42 -52.90 19.82 -88.56
C PRO K 42 -52.90 18.33 -88.24
N GLU K 43 -51.80 17.89 -87.62
CA GLU K 43 -51.62 16.47 -87.36
C GLU K 43 -52.63 15.99 -86.31
N PRO K 44 -53.08 14.74 -86.38
CA PRO K 44 -54.01 14.23 -85.36
C PRO K 44 -53.38 14.18 -83.98
N THR K 45 -54.26 14.22 -82.97
CA THR K 45 -53.88 14.07 -81.58
C THR K 45 -54.88 13.13 -80.91
N GLU K 46 -54.46 12.54 -79.79
CA GLU K 46 -55.33 11.60 -79.09
C GLU K 46 -56.52 12.34 -78.49
N GLY K 47 -57.72 11.85 -78.79
CA GLY K 47 -58.94 12.45 -78.30
C GLY K 47 -59.45 13.61 -79.14
N PHE K 48 -58.63 14.14 -80.06
CA PHE K 48 -59.02 15.27 -80.90
C PHE K 48 -59.39 16.49 -80.06
N ALA K 49 -58.75 16.63 -78.89
CA ALA K 49 -59.06 17.73 -78.00
C ALA K 49 -58.44 19.06 -78.42
N ALA K 50 -57.46 19.03 -79.32
CA ALA K 50 -56.85 20.27 -79.77
C ALA K 50 -57.81 21.05 -80.65
N ASP K 51 -57.69 22.38 -80.60
CA ASP K 51 -58.57 23.24 -81.38
C ASP K 51 -58.19 23.22 -82.85
N ASP K 52 -59.13 23.65 -83.69
CA ASP K 52 -58.90 23.80 -85.13
C ASP K 52 -58.64 22.47 -85.82
N GLU K 53 -59.21 21.38 -85.30
CA GLU K 53 -59.12 20.07 -85.93
C GLU K 53 -60.48 19.39 -85.81
N PRO K 54 -60.79 18.45 -86.71
CA PRO K 54 -62.05 17.70 -86.57
C PRO K 54 -62.00 16.75 -85.39
N THR K 55 -63.19 16.39 -84.90
CA THR K 55 -63.35 15.37 -83.87
C THR K 55 -64.16 14.17 -84.33
N THR K 56 -65.02 14.33 -85.33
CA THR K 56 -65.89 13.29 -85.83
C THR K 56 -65.83 13.33 -87.35
N PRO K 57 -66.21 12.23 -88.03
CA PRO K 57 -66.13 12.25 -89.50
C PRO K 57 -67.00 13.33 -90.12
N ALA K 58 -68.14 13.65 -89.50
CA ALA K 58 -68.97 14.76 -89.98
C ALA K 58 -68.19 16.06 -89.92
N GLU K 59 -67.50 16.32 -88.81
CA GLU K 59 -66.70 17.53 -88.69
C GLU K 59 -65.60 17.55 -89.74
N LEU K 60 -64.98 16.40 -90.00
CA LEU K 60 -63.91 16.36 -91.00
C LEU K 60 -64.44 16.70 -92.39
N VAL K 61 -65.56 16.10 -92.77
CA VAL K 61 -66.09 16.39 -94.11
C VAL K 61 -66.49 17.85 -94.19
N GLY K 62 -67.09 18.39 -93.13
CA GLY K 62 -67.49 19.78 -93.12
C GLY K 62 -66.29 20.72 -93.26
N LYS K 63 -65.19 20.40 -92.58
CA LYS K 63 -63.97 21.18 -92.75
C LYS K 63 -63.51 21.13 -94.20
N PHE K 64 -63.59 19.95 -94.83
CA PHE K 64 -63.21 19.86 -96.23
C PHE K 64 -64.12 20.73 -97.11
N LEU K 65 -65.42 20.71 -96.85
CA LEU K 65 -66.33 21.54 -97.66
C LEU K 65 -66.01 23.02 -97.49
N GLY K 66 -65.77 23.45 -96.25
CA GLY K 66 -65.44 24.86 -96.03
C GLY K 66 -64.15 25.25 -96.71
N TYR K 67 -63.15 24.36 -96.67
CA TYR K 67 -61.88 24.64 -97.31
C TYR K 67 -62.02 24.75 -98.82
N VAL K 68 -62.77 23.82 -99.42
CA VAL K 68 -62.99 23.88 -100.88
C VAL K 68 -63.81 25.11 -101.23
N SER K 69 -64.78 25.47 -100.40
CA SER K 69 -65.58 26.67 -100.66
C SER K 69 -64.71 27.92 -100.62
N SER K 70 -63.78 27.98 -99.66
CA SER K 70 -62.85 29.10 -99.61
C SER K 70 -61.99 29.16 -100.85
N LEU K 71 -61.53 28.00 -101.35
CA LEU K 71 -60.76 27.97 -102.58
C LEU K 71 -61.59 28.32 -103.82
N VAL K 72 -62.90 28.10 -103.80
CA VAL K 72 -63.78 28.42 -104.92
C VAL K 72 -64.05 29.91 -104.90
N GLU K 73 -64.00 30.53 -106.08
CA GLU K 73 -64.18 31.97 -106.25
C GLU K 73 -65.21 32.21 -107.36
N PRO K 74 -66.51 32.26 -107.02
CA PRO K 74 -67.52 32.52 -108.07
C PRO K 74 -67.33 33.89 -108.74
N GLY K 78 -65.41 27.67 -111.35
CA GLY K 78 -65.54 26.54 -112.24
C GLY K 78 -64.42 25.52 -112.11
N GLN K 79 -63.32 25.94 -111.47
CA GLN K 79 -62.18 25.03 -111.32
C GLN K 79 -62.53 23.82 -110.46
N PHE K 80 -63.10 24.05 -109.27
CA PHE K 80 -63.44 22.99 -108.33
C PHE K 80 -64.94 22.98 -108.01
N ASP K 81 -65.75 23.60 -108.86
CA ASP K 81 -67.19 23.68 -108.60
C ASP K 81 -67.84 22.31 -108.63
N GLN K 82 -67.45 21.46 -109.59
CA GLN K 82 -68.08 20.15 -109.69
C GLN K 82 -67.77 19.30 -108.47
N VAL K 83 -66.49 19.28 -108.06
CA VAL K 83 -66.11 18.48 -106.89
C VAL K 83 -66.74 19.04 -105.63
N LEU K 84 -66.84 20.37 -105.53
CA LEU K 84 -67.52 20.97 -104.39
C LEU K 84 -68.97 20.53 -104.33
N ASN K 85 -69.67 20.59 -105.46
CA ASN K 85 -71.07 20.16 -105.49
C ASN K 85 -71.19 18.69 -105.12
N LEU K 86 -70.31 17.85 -105.64
CA LEU K 86 -70.38 16.42 -105.37
C LEU K 86 -70.20 16.12 -103.89
N CYS K 87 -69.13 16.64 -103.29
CA CYS K 87 -68.88 16.36 -101.87
C CYS K 87 -69.94 16.99 -100.99
N LEU K 88 -70.45 18.17 -101.36
CA LEU K 88 -71.51 18.80 -100.58
C LEU K 88 -72.78 17.97 -100.62
N THR K 89 -73.13 17.45 -101.80
CA THR K 89 -74.30 16.59 -101.92
C THR K 89 -74.11 15.31 -101.10
N GLU K 90 -72.91 14.73 -101.13
CA GLU K 90 -72.66 13.54 -100.34
C GLU K 90 -72.82 13.84 -98.85
N PHE K 91 -72.30 14.98 -98.40
CA PHE K 91 -72.43 15.36 -97.00
C PHE K 91 -73.90 15.53 -96.62
N GLU K 92 -74.68 16.19 -97.47
CA GLU K 92 -76.09 16.36 -97.18
C GLU K 92 -76.81 15.02 -97.11
N ASN K 93 -76.54 14.13 -98.06
CA ASN K 93 -77.21 12.84 -98.08
C ASN K 93 -76.84 12.01 -96.86
N CYS K 94 -75.57 12.02 -96.46
CA CYS K 94 -75.14 11.12 -95.38
C CYS K 94 -75.55 11.66 -94.01
N TYR K 95 -75.48 12.98 -93.82
CA TYR K 95 -75.71 13.58 -92.51
C TYR K 95 -76.97 14.42 -92.40
N LEU K 96 -77.39 15.09 -93.47
CA LEU K 96 -78.63 15.86 -93.46
C LEU K 96 -79.73 14.99 -94.06
N GLU K 97 -80.31 14.13 -93.22
CA GLU K 97 -81.38 13.23 -93.63
C GLU K 97 -82.71 14.00 -93.65
N GLY K 98 -82.77 15.00 -94.52
CA GLY K 98 -83.91 15.88 -94.62
C GLY K 98 -83.94 16.99 -93.60
N ASN K 99 -83.02 17.00 -92.64
CA ASN K 99 -82.99 17.99 -91.57
C ASN K 99 -82.01 19.11 -91.91
N ASP K 100 -82.10 20.19 -91.14
CA ASP K 100 -81.26 21.36 -91.36
C ASP K 100 -79.90 21.18 -90.69
N ILE K 101 -79.00 22.10 -91.01
CA ILE K 101 -77.63 22.02 -90.49
C ILE K 101 -77.62 22.16 -88.98
N HIS K 102 -78.50 22.99 -88.42
CA HIS K 102 -78.45 23.27 -86.99
C HIS K 102 -78.93 22.10 -86.15
N ALA K 103 -79.88 21.32 -86.66
CA ALA K 103 -80.27 20.10 -85.95
C ALA K 103 -79.11 19.13 -85.88
N LEU K 104 -78.38 18.97 -86.99
CA LEU K 104 -77.18 18.14 -86.97
C LEU K 104 -76.15 18.69 -86.00
N ALA K 105 -75.98 20.01 -85.98
CA ALA K 105 -75.01 20.64 -85.08
C ALA K 105 -75.36 20.35 -83.62
N ALA K 106 -76.64 20.45 -83.29
CA ALA K 106 -77.08 20.11 -81.93
C ALA K 106 -76.84 18.65 -81.64
N LYS K 107 -77.05 17.77 -82.63
CA LYS K 107 -76.82 16.35 -82.41
C LYS K 107 -75.35 16.08 -82.11
N LEU K 108 -74.43 16.69 -82.88
CA LEU K 108 -73.01 16.53 -82.57
C LEU K 108 -72.67 17.12 -81.21
N LEU K 109 -73.24 18.26 -80.86
CA LEU K 109 -72.92 18.87 -79.57
C LEU K 109 -73.36 17.98 -78.42
N GLN K 110 -74.54 17.38 -78.52
CA GLN K 110 -75.06 16.58 -77.42
C GLN K 110 -74.46 15.18 -77.41
N GLU K 111 -74.70 14.40 -78.46
CA GLU K 111 -74.27 13.00 -78.48
C GLU K 111 -72.75 12.90 -78.60
N ASN K 112 -72.17 13.62 -79.55
CA ASN K 112 -70.74 13.50 -79.84
C ASN K 112 -69.93 14.47 -78.98
N ASP K 113 -68.63 14.21 -78.91
CA ASP K 113 -67.70 15.04 -78.13
C ASP K 113 -67.22 16.20 -79.00
N THR K 114 -68.13 17.12 -79.27
CA THR K 114 -67.86 18.30 -80.08
C THR K 114 -68.02 19.55 -79.23
N THR K 115 -67.16 20.52 -79.46
CA THR K 115 -67.17 21.78 -78.72
C THR K 115 -67.98 22.83 -79.50
N LEU K 116 -68.27 23.94 -78.80
CA LEU K 116 -69.06 25.01 -79.41
C LEU K 116 -68.33 25.62 -80.61
N VAL K 117 -67.02 25.86 -80.47
CA VAL K 117 -66.28 26.47 -81.57
C VAL K 117 -66.26 25.54 -82.78
N LYS K 118 -66.06 24.25 -82.55
CA LYS K 118 -66.05 23.29 -83.64
C LYS K 118 -67.41 23.21 -84.32
N THR K 119 -68.48 23.23 -83.52
CA THR K 119 -69.82 23.19 -84.09
C THR K 119 -70.09 24.43 -84.93
N LYS K 120 -69.71 25.60 -84.43
CA LYS K 120 -69.90 26.83 -85.18
C LYS K 120 -69.10 26.82 -86.48
N GLU K 121 -67.86 26.31 -86.43
CA GLU K 121 -67.05 26.26 -87.64
C GLU K 121 -67.62 25.27 -88.65
N LEU K 122 -68.18 24.15 -88.17
CA LEU K 122 -68.86 23.23 -89.07
C LEU K 122 -70.05 23.90 -89.75
N ILE K 123 -70.85 24.63 -88.97
CA ILE K 123 -72.00 25.34 -89.55
C ILE K 123 -71.53 26.35 -90.58
N LYS K 124 -70.46 27.09 -90.26
CA LYS K 124 -69.92 28.07 -91.20
C LYS K 124 -69.48 27.40 -92.49
N ASN K 125 -68.74 26.29 -92.37
CA ASN K 125 -68.25 25.61 -93.56
C ASN K 125 -69.40 25.15 -94.44
N TYR K 126 -70.43 24.55 -93.82
CA TYR K 126 -71.55 24.05 -94.61
C TYR K 126 -72.28 25.19 -95.31
N ILE K 127 -72.57 26.28 -94.58
CA ILE K 127 -73.33 27.37 -95.18
C ILE K 127 -72.53 28.06 -96.27
N THR K 128 -71.22 28.25 -96.04
CA THR K 128 -70.37 28.86 -97.04
C THR K 128 -70.32 28.00 -98.30
N ALA K 129 -70.17 26.69 -98.13
CA ALA K 129 -70.17 25.80 -99.29
C ALA K 129 -71.51 25.88 -100.03
N ARG K 130 -72.62 25.90 -99.29
CA ARG K 130 -73.92 25.95 -99.91
C ARG K 130 -74.08 27.19 -100.77
N ILE K 131 -73.70 28.36 -100.23
CA ILE K 131 -73.88 29.59 -100.99
C ILE K 131 -72.89 29.63 -102.15
N MET K 132 -71.64 29.24 -101.91
CA MET K 132 -70.61 29.38 -102.94
C MET K 132 -70.88 28.46 -104.13
N ALA K 133 -71.43 27.27 -103.87
CA ALA K 133 -71.66 26.31 -104.94
C ALA K 133 -73.01 26.53 -105.62
N LYS K 134 -73.34 27.78 -105.92
CA LYS K 134 -74.58 28.15 -106.61
C LYS K 134 -75.79 27.42 -106.05
N ARG K 135 -75.83 27.23 -104.73
CA ARG K 135 -76.88 26.45 -104.06
C ARG K 135 -77.41 27.25 -102.88
N PRO K 136 -78.10 28.36 -103.14
CA PRO K 136 -78.67 29.14 -102.03
C PRO K 136 -79.80 28.40 -101.33
N PHE K 137 -80.37 29.02 -100.31
CA PHE K 137 -81.50 28.44 -99.57
C PHE K 137 -82.84 28.93 -100.11
N ASP K 138 -82.92 29.18 -101.41
CA ASP K 138 -84.17 29.65 -102.01
C ASP K 138 -85.29 28.63 -101.82
N LYS K 139 -84.96 27.34 -101.80
CA LYS K 139 -85.99 26.33 -101.56
C LYS K 139 -86.60 26.53 -100.18
N LYS K 140 -87.92 26.48 -100.12
CA LYS K 140 -88.63 26.71 -98.87
C LYS K 140 -88.34 25.57 -97.90
N SER K 141 -88.04 25.91 -96.66
CA SER K 141 -87.76 24.90 -95.65
C SER K 141 -89.05 24.24 -95.19
N ASN K 142 -88.91 23.02 -94.66
CA ASN K 142 -90.01 22.22 -94.14
C ASN K 142 -89.88 22.04 -92.63
N SER K 143 -89.50 23.10 -91.93
CA SER K 143 -89.36 23.03 -90.49
C SER K 143 -90.70 22.71 -89.83
N ALA K 144 -90.65 21.88 -88.79
CA ALA K 144 -91.88 21.45 -88.13
C ALA K 144 -92.63 22.63 -87.51
N LEU K 145 -91.89 23.55 -86.88
CA LEU K 145 -92.52 24.71 -86.26
C LEU K 145 -93.29 25.54 -87.29
N PHE K 146 -92.66 25.81 -88.43
CA PHE K 146 -93.31 26.66 -89.42
C PHE K 146 -94.39 25.92 -90.20
N ARG K 147 -94.28 24.59 -90.32
CA ARG K 147 -95.39 23.82 -90.86
C ARG K 147 -96.60 23.89 -89.94
N ALA K 148 -96.36 23.77 -88.63
CA ALA K 148 -97.45 23.92 -87.66
C ALA K 148 -98.04 25.32 -87.73
N VAL K 149 -97.21 26.33 -87.94
CA VAL K 149 -97.72 27.69 -88.10
C VAL K 149 -98.59 27.79 -89.36
N GLY K 150 -98.12 27.21 -90.45
CA GLY K 150 -98.88 27.28 -91.70
C GLY K 150 -100.24 26.62 -91.57
N GLU K 151 -100.31 25.48 -90.90
CA GLU K 151 -101.59 24.83 -90.65
C GLU K 151 -102.33 25.38 -89.44
N GLY K 152 -101.76 26.36 -88.74
CA GLY K 152 -102.43 26.99 -87.63
C GLY K 152 -102.30 26.30 -86.30
N ASN K 153 -101.44 25.27 -86.20
CA ASN K 153 -101.31 24.54 -84.94
C ASN K 153 -100.45 25.27 -83.92
N ALA K 154 -99.68 26.27 -84.34
CA ALA K 154 -98.82 27.03 -83.44
C ALA K 154 -98.87 28.50 -83.81
N GLN K 155 -98.64 29.36 -82.82
CA GLN K 155 -98.61 30.81 -82.99
C GLN K 155 -97.23 31.31 -82.58
N LEU K 156 -96.69 32.26 -83.35
CA LEU K 156 -95.33 32.73 -83.19
C LEU K 156 -95.31 34.21 -82.82
N VAL K 157 -94.63 34.54 -81.74
CA VAL K 157 -94.41 35.93 -81.35
C VAL K 157 -92.91 36.15 -81.19
N ALA K 158 -92.36 37.09 -81.95
CA ALA K 158 -90.95 37.43 -81.86
C ALA K 158 -90.74 38.45 -80.74
N ILE K 159 -89.72 38.22 -79.93
CA ILE K 159 -89.31 39.16 -78.89
C ILE K 159 -87.84 39.50 -79.13
N PHE K 160 -87.54 40.80 -79.12
CA PHE K 160 -86.20 41.31 -79.34
C PHE K 160 -85.68 41.93 -78.05
N GLY K 161 -84.46 41.55 -77.67
CA GLY K 161 -83.89 42.01 -76.42
C GLY K 161 -83.39 43.43 -76.49
N GLY K 162 -82.68 43.83 -75.44
CA GLY K 162 -82.14 45.17 -75.33
C GLY K 162 -80.92 45.19 -74.46
N GLN K 163 -80.83 46.22 -73.61
CA GLN K 163 -79.68 46.39 -72.75
C GLN K 163 -79.78 45.51 -71.50
N GLY K 164 -78.62 45.24 -70.90
CA GLY K 164 -78.56 44.53 -69.65
C GLY K 164 -78.58 43.03 -69.75
N ASN K 165 -78.76 42.47 -70.96
CA ASN K 165 -78.82 41.02 -71.09
C ASN K 165 -77.44 40.39 -70.90
N THR K 166 -76.39 41.04 -71.40
CA THR K 166 -75.04 40.53 -71.26
C THR K 166 -74.06 41.69 -71.31
N ASP K 167 -72.86 41.46 -70.76
CA ASP K 167 -71.80 42.46 -70.78
C ASP K 167 -70.88 42.31 -71.99
N ASP K 168 -71.08 41.29 -72.82
CA ASP K 168 -70.18 40.97 -73.93
C ASP K 168 -70.99 40.68 -75.20
N TYR K 169 -71.93 41.56 -75.52
CA TYR K 169 -72.74 41.39 -76.72
C TYR K 169 -71.89 41.41 -77.99
N PHE K 170 -70.72 42.06 -77.94
CA PHE K 170 -69.92 42.17 -79.15
C PHE K 170 -69.33 40.82 -79.55
N GLU K 171 -69.15 39.89 -78.60
CA GLU K 171 -68.75 38.55 -78.98
C GLU K 171 -69.85 37.83 -79.74
N GLU K 172 -71.12 38.08 -79.42
CA GLU K 172 -72.19 37.52 -80.25
C GLU K 172 -72.18 38.14 -81.63
N LEU K 173 -71.94 39.45 -81.71
CA LEU K 173 -71.82 40.07 -83.04
C LEU K 173 -70.66 39.46 -83.82
N ARG K 174 -69.52 39.23 -83.14
CA ARG K 174 -68.35 38.67 -83.78
C ARG K 174 -68.62 37.25 -84.26
N ASP K 175 -69.27 36.44 -83.42
CA ASP K 175 -69.57 35.07 -83.82
C ASP K 175 -70.61 35.02 -84.94
N LEU K 176 -71.54 35.97 -84.98
CA LEU K 176 -72.44 36.06 -86.12
C LEU K 176 -71.68 36.38 -87.39
N TYR K 177 -70.85 37.43 -87.37
CA TYR K 177 -70.09 37.82 -88.55
C TYR K 177 -69.16 36.70 -89.00
N GLN K 178 -68.64 35.91 -88.07
CA GLN K 178 -67.74 34.83 -88.43
C GLN K 178 -68.52 33.63 -88.97
N THR K 179 -69.39 33.06 -88.14
CA THR K 179 -70.06 31.82 -88.50
C THR K 179 -70.96 32.00 -89.71
N TYR K 180 -71.69 33.11 -89.77
CA TYR K 180 -72.65 33.38 -90.84
C TYR K 180 -72.16 34.55 -91.69
N HIS K 181 -70.86 34.58 -91.99
CA HIS K 181 -70.29 35.67 -92.75
C HIS K 181 -70.99 35.82 -94.09
N VAL K 182 -71.20 34.71 -94.80
CA VAL K 182 -71.76 34.79 -96.15
C VAL K 182 -73.21 35.24 -96.10
N LEU K 183 -73.90 34.93 -95.00
CA LEU K 183 -75.33 35.28 -94.89
C LEU K 183 -75.52 36.74 -94.48
N VAL K 184 -75.01 37.12 -93.31
CA VAL K 184 -75.23 38.45 -92.76
C VAL K 184 -74.09 39.42 -93.07
N GLY K 185 -73.21 39.06 -94.01
CA GLY K 185 -72.14 39.97 -94.39
C GLY K 185 -72.68 41.23 -95.04
N ASP K 186 -73.64 41.08 -95.94
CA ASP K 186 -74.26 42.26 -96.56
C ASP K 186 -74.94 43.12 -95.51
N LEU K 187 -75.65 42.50 -94.56
CA LEU K 187 -76.31 43.27 -93.51
C LEU K 187 -75.31 44.03 -92.67
N ILE K 188 -74.23 43.38 -92.26
CA ILE K 188 -73.26 44.03 -91.38
C ILE K 188 -72.51 45.13 -92.12
N LYS K 189 -72.17 44.89 -93.39
CA LYS K 189 -71.53 45.93 -94.18
C LYS K 189 -72.46 47.14 -94.36
N PHE K 190 -73.74 46.87 -94.66
CA PHE K 190 -74.69 47.96 -94.81
C PHE K 190 -74.83 48.75 -93.51
N SER K 191 -74.91 48.05 -92.38
CA SER K 191 -75.04 48.72 -91.09
C SER K 191 -73.79 49.56 -90.80
N ALA K 192 -72.62 49.03 -91.10
CA ALA K 192 -71.39 49.78 -90.86
C ALA K 192 -71.35 51.04 -91.70
N GLU K 193 -71.68 50.94 -92.99
CA GLU K 193 -71.59 52.12 -93.85
C GLU K 193 -72.63 53.16 -93.47
N THR K 194 -73.85 52.73 -93.14
CA THR K 194 -74.87 53.72 -92.76
C THR K 194 -74.56 54.34 -91.41
N LEU K 195 -73.98 53.57 -90.49
CA LEU K 195 -73.55 54.15 -89.22
C LEU K 195 -72.44 55.18 -89.43
N SER K 196 -71.48 54.88 -90.31
CA SER K 196 -70.43 55.84 -90.60
C SER K 196 -71.01 57.09 -91.24
N GLU K 197 -71.96 56.93 -92.17
CA GLU K 197 -72.60 58.09 -92.79
C GLU K 197 -73.35 58.92 -91.76
N LEU K 198 -74.05 58.27 -90.83
CA LEU K 198 -74.77 59.00 -89.80
C LEU K 198 -73.82 59.77 -88.89
N ILE K 199 -72.70 59.15 -88.53
CA ILE K 199 -71.70 59.86 -87.71
C ILE K 199 -71.16 61.06 -88.48
N ARG K 200 -70.85 60.88 -89.77
CA ARG K 200 -70.31 61.96 -90.57
C ARG K 200 -71.30 63.11 -90.69
N THR K 201 -72.58 62.80 -90.92
CA THR K 201 -73.57 63.85 -91.13
C THR K 201 -73.94 64.52 -89.81
N THR K 202 -73.96 63.77 -88.71
CA THR K 202 -74.33 64.34 -87.42
C THR K 202 -73.27 65.34 -86.97
N LEU K 203 -73.73 66.42 -86.34
CA LEU K 203 -72.83 67.54 -86.03
C LEU K 203 -71.76 67.14 -85.02
N ASP K 204 -72.15 66.45 -83.95
CA ASP K 204 -71.27 66.20 -82.81
C ASP K 204 -71.08 64.71 -82.52
N ALA K 205 -71.38 63.84 -83.48
CA ALA K 205 -71.25 62.41 -83.24
C ALA K 205 -69.80 62.00 -83.06
N GLU K 206 -68.88 62.62 -83.81
CA GLU K 206 -67.48 62.27 -83.69
C GLU K 206 -66.96 62.49 -82.27
N LYS K 207 -67.47 63.52 -81.59
CA LYS K 207 -67.05 63.78 -80.22
C LYS K 207 -67.47 62.66 -79.29
N VAL K 208 -68.69 62.14 -79.46
CA VAL K 208 -69.15 61.02 -78.64
C VAL K 208 -68.36 59.76 -78.97
N PHE K 209 -68.07 59.55 -80.25
CA PHE K 209 -67.37 58.33 -80.69
C PHE K 209 -65.87 58.63 -80.70
N THR K 210 -65.24 58.47 -79.54
CA THR K 210 -63.81 58.74 -79.43
C THR K 210 -62.99 57.76 -80.24
N GLN K 211 -63.32 56.47 -80.19
CA GLN K 211 -62.57 55.44 -80.88
C GLN K 211 -63.21 55.03 -82.20
N GLY K 212 -64.16 55.80 -82.71
CA GLY K 212 -64.79 55.50 -83.98
C GLY K 212 -65.79 54.35 -83.87
N LEU K 213 -66.40 54.05 -85.00
CA LEU K 213 -67.45 53.04 -85.11
C LEU K 213 -67.22 52.16 -86.33
N ASN K 214 -66.00 51.65 -86.49
CA ASN K 214 -65.65 50.82 -87.64
C ASN K 214 -65.89 49.36 -87.26
N ILE K 215 -67.14 48.92 -87.43
CA ILE K 215 -67.52 47.55 -87.06
C ILE K 215 -66.74 46.55 -87.90
N LEU K 216 -66.60 46.81 -89.20
CA LEU K 216 -65.92 45.87 -90.07
C LEU K 216 -64.46 45.70 -89.66
N GLU K 217 -63.77 46.80 -89.37
CA GLU K 217 -62.38 46.71 -88.96
C GLU K 217 -62.26 46.00 -87.62
N TRP K 218 -63.16 46.29 -86.67
CA TRP K 218 -63.12 45.60 -85.39
C TRP K 218 -63.33 44.11 -85.56
N LEU K 219 -64.26 43.71 -86.43
CA LEU K 219 -64.54 42.30 -86.63
C LEU K 219 -63.37 41.61 -87.33
N GLU K 220 -62.80 42.25 -88.35
CA GLU K 220 -61.69 41.65 -89.08
C GLU K 220 -60.46 41.48 -88.20
N ASN K 221 -60.19 42.45 -87.32
CA ASN K 221 -59.03 42.41 -86.43
C ASN K 221 -59.51 42.48 -84.97
N PRO K 222 -59.81 41.33 -84.35
CA PRO K 222 -60.18 41.36 -82.94
C PRO K 222 -59.07 41.85 -82.02
N SER K 223 -57.82 41.81 -82.46
CA SER K 223 -56.71 42.23 -81.60
C SER K 223 -56.84 43.69 -81.21
N ASN K 224 -57.22 44.55 -82.16
CA ASN K 224 -57.32 45.98 -81.95
C ASN K 224 -58.74 46.46 -81.63
N THR K 225 -59.61 45.56 -81.20
CA THR K 225 -60.99 45.95 -80.92
C THR K 225 -61.02 46.85 -79.68
N PRO K 226 -62.00 47.75 -79.58
CA PRO K 226 -62.08 48.60 -78.38
C PRO K 226 -62.34 47.78 -77.13
N ASP K 227 -62.14 48.43 -75.99
CA ASP K 227 -62.34 47.77 -74.71
C ASP K 227 -63.84 47.61 -74.43
N LYS K 228 -64.14 46.69 -73.51
CA LYS K 228 -65.53 46.29 -73.29
C LYS K 228 -66.37 47.43 -72.74
N ASP K 229 -65.78 48.34 -71.96
CA ASP K 229 -66.56 49.47 -71.47
C ASP K 229 -66.99 50.39 -72.61
N TYR K 230 -66.06 50.69 -73.52
CA TYR K 230 -66.42 51.51 -74.68
C TYR K 230 -67.45 50.81 -75.55
N LEU K 231 -67.30 49.49 -75.74
CA LEU K 231 -68.28 48.75 -76.52
C LEU K 231 -69.65 48.79 -75.85
N LEU K 232 -69.69 48.66 -74.52
CA LEU K 232 -70.94 48.64 -73.79
C LEU K 232 -71.57 50.02 -73.65
N SER K 233 -70.82 51.08 -73.90
CA SER K 233 -71.41 52.42 -73.91
C SER K 233 -72.54 52.47 -74.93
N ILE K 234 -73.63 53.18 -74.57
CA ILE K 234 -74.86 53.09 -75.36
C ILE K 234 -74.71 53.58 -76.80
N PRO K 235 -73.87 54.58 -77.12
CA PRO K 235 -73.77 54.94 -78.55
C PRO K 235 -73.26 53.79 -79.40
N ILE K 236 -72.51 52.85 -78.81
CA ILE K 236 -72.13 51.62 -79.50
C ILE K 236 -73.16 50.53 -79.27
N SER K 237 -73.59 50.37 -78.02
CA SER K 237 -74.40 49.21 -77.65
C SER K 237 -75.74 49.19 -78.39
N CYS K 238 -76.39 50.35 -78.50
CA CYS K 238 -77.71 50.40 -79.13
C CYS K 238 -77.66 49.96 -80.59
N PRO K 239 -76.96 50.66 -81.50
CA PRO K 239 -76.95 50.21 -82.90
C PRO K 239 -76.37 48.81 -83.07
N LEU K 240 -75.36 48.45 -82.28
CA LEU K 240 -74.75 47.13 -82.45
C LEU K 240 -75.68 46.03 -81.96
N ILE K 241 -76.42 46.26 -80.88
CA ILE K 241 -77.41 45.28 -80.44
C ILE K 241 -78.52 45.15 -81.49
N GLY K 242 -78.92 46.28 -82.08
CA GLY K 242 -79.88 46.20 -83.17
C GLY K 242 -79.35 45.39 -84.34
N VAL K 243 -78.08 45.59 -84.69
CA VAL K 243 -77.47 44.84 -85.78
C VAL K 243 -77.41 43.35 -85.44
N ILE K 244 -77.14 43.02 -84.17
CA ILE K 244 -77.11 41.62 -83.76
C ILE K 244 -78.49 40.99 -83.93
N GLN K 245 -79.54 41.71 -83.49
CA GLN K 245 -80.89 41.18 -83.62
C GLN K 245 -81.27 41.01 -85.09
N LEU K 246 -80.93 42.00 -85.92
CA LEU K 246 -81.24 41.91 -87.34
C LEU K 246 -80.46 40.77 -88.00
N ALA K 247 -79.22 40.54 -87.55
CA ALA K 247 -78.44 39.42 -88.07
C ALA K 247 -79.08 38.09 -87.71
N HIS K 248 -79.57 37.97 -86.48
CA HIS K 248 -80.29 36.76 -86.10
C HIS K 248 -81.51 36.56 -86.97
N TYR K 249 -82.27 37.63 -87.20
CA TYR K 249 -83.45 37.55 -88.05
C TYR K 249 -83.08 37.14 -89.48
N VAL K 250 -82.01 37.72 -90.02
CA VAL K 250 -81.57 37.39 -91.37
C VAL K 250 -81.14 35.94 -91.47
N VAL K 251 -80.37 35.47 -90.48
CA VAL K 251 -79.92 34.08 -90.49
C VAL K 251 -81.12 33.15 -90.45
N THR K 252 -82.08 33.43 -89.57
CA THR K 252 -83.27 32.60 -89.50
C THR K 252 -84.01 32.58 -90.82
N ALA K 253 -84.30 33.76 -91.39
CA ALA K 253 -85.07 33.83 -92.62
C ALA K 253 -84.36 33.14 -93.77
N LYS K 254 -83.05 33.37 -93.91
CA LYS K 254 -82.32 32.78 -95.02
C LYS K 254 -82.21 31.27 -94.88
N LEU K 255 -81.87 30.78 -93.69
CA LEU K 255 -81.73 29.34 -93.51
C LEU K 255 -83.06 28.63 -93.70
N LEU K 256 -84.17 29.27 -93.32
CA LEU K 256 -85.48 28.67 -93.55
C LEU K 256 -86.02 28.93 -94.94
N GLY K 257 -85.37 29.80 -95.72
CA GLY K 257 -85.82 30.08 -97.07
C GLY K 257 -86.92 31.11 -97.17
N PHE K 258 -87.42 31.63 -96.05
CA PHE K 258 -88.43 32.68 -96.08
C PHE K 258 -87.77 34.02 -96.35
N THR K 259 -88.46 34.87 -97.10
CA THR K 259 -88.13 36.27 -97.15
C THR K 259 -88.47 36.91 -95.80
N PRO K 260 -87.88 38.07 -95.49
CA PRO K 260 -88.26 38.73 -94.22
C PRO K 260 -89.75 38.99 -94.11
N GLY K 261 -90.39 39.39 -95.21
CA GLY K 261 -91.82 39.62 -95.17
C GLY K 261 -92.60 38.34 -94.92
N GLU K 262 -92.20 37.24 -95.55
CA GLU K 262 -92.89 35.97 -95.35
C GLU K 262 -92.73 35.49 -93.90
N LEU K 263 -91.52 35.58 -93.36
CA LEU K 263 -91.30 35.19 -91.98
C LEU K 263 -92.12 36.07 -91.03
N ARG K 264 -92.15 37.37 -91.29
CA ARG K 264 -92.95 38.27 -90.46
C ARG K 264 -94.44 37.92 -90.54
N SER K 265 -94.94 37.61 -91.74
CA SER K 265 -96.33 37.24 -91.87
C SER K 265 -96.64 35.95 -91.11
N TYR K 266 -95.70 35.00 -91.13
CA TYR K 266 -95.89 33.78 -90.35
C TYR K 266 -95.86 34.06 -88.85
N LEU K 267 -95.08 35.05 -88.42
CA LEU K 267 -95.12 35.46 -87.01
C LEU K 267 -96.50 35.97 -86.66
N LYS K 268 -97.03 35.52 -85.51
CA LYS K 268 -98.30 36.05 -85.02
C LYS K 268 -98.14 37.44 -84.43
N GLY K 269 -96.98 37.76 -83.88
CA GLY K 269 -96.78 39.09 -83.31
C GLY K 269 -95.31 39.38 -83.13
N ALA K 270 -95.04 40.62 -82.70
CA ALA K 270 -93.67 41.05 -82.46
C ALA K 270 -93.66 42.03 -81.29
N THR K 271 -92.53 42.10 -80.62
CA THR K 271 -92.33 43.06 -79.53
C THR K 271 -90.87 43.01 -79.11
N GLY K 272 -90.54 43.82 -78.11
CA GLY K 272 -89.18 43.85 -77.62
C GLY K 272 -89.09 44.49 -76.25
N HIS K 273 -88.01 44.15 -75.55
CA HIS K 273 -87.73 44.68 -74.23
C HIS K 273 -86.94 45.98 -74.40
N SER K 274 -87.63 47.12 -74.22
CA SER K 274 -87.02 48.43 -74.35
C SER K 274 -86.43 48.63 -75.74
N GLN K 275 -85.13 48.37 -75.91
CA GLN K 275 -84.47 48.67 -77.18
C GLN K 275 -85.01 47.81 -78.32
N GLY K 276 -85.37 46.55 -78.02
CA GLY K 276 -85.79 45.64 -79.08
C GLY K 276 -87.08 46.03 -79.77
N LEU K 277 -87.82 47.00 -79.22
CA LEU K 277 -89.04 47.45 -79.89
C LEU K 277 -88.74 48.06 -81.25
N VAL K 278 -87.59 48.74 -81.37
CA VAL K 278 -87.19 49.28 -82.66
C VAL K 278 -87.01 48.17 -83.68
N THR K 279 -86.30 47.11 -83.29
CA THR K 279 -86.10 45.98 -84.19
C THR K 279 -87.41 45.29 -84.53
N ALA K 280 -88.29 45.16 -83.54
CA ALA K 280 -89.58 44.52 -83.80
C ALA K 280 -90.39 45.31 -84.82
N VAL K 281 -90.45 46.63 -84.67
CA VAL K 281 -91.21 47.44 -85.62
C VAL K 281 -90.52 47.44 -86.99
N ALA K 282 -89.20 47.41 -87.02
CA ALA K 282 -88.50 47.32 -88.30
C ALA K 282 -88.82 46.02 -89.02
N ILE K 283 -88.82 44.90 -88.28
CA ILE K 283 -89.17 43.61 -88.87
C ILE K 283 -90.62 43.64 -89.36
N ALA K 284 -91.51 44.25 -88.59
CA ALA K 284 -92.89 44.39 -89.04
C ALA K 284 -92.97 45.24 -90.31
N GLU K 285 -92.06 46.21 -90.44
CA GLU K 285 -92.00 47.05 -91.64
C GLU K 285 -91.50 46.28 -92.86
N THR K 286 -90.59 45.33 -92.65
CA THR K 286 -89.99 44.61 -93.78
C THR K 286 -91.03 43.93 -94.65
N ASP K 287 -90.81 44.01 -95.97
CA ASP K 287 -91.72 43.41 -96.95
C ASP K 287 -90.98 42.42 -97.83
N SER K 288 -89.76 42.75 -98.23
CA SER K 288 -88.97 41.89 -99.11
C SER K 288 -87.50 42.18 -98.86
N TRP K 289 -86.64 41.40 -99.52
CA TRP K 289 -85.20 41.57 -99.34
C TRP K 289 -84.74 42.94 -99.83
N GLU K 290 -85.36 43.46 -100.89
CA GLU K 290 -84.97 44.76 -101.42
C GLU K 290 -85.24 45.87 -100.40
N SER K 291 -86.45 45.91 -99.85
CA SER K 291 -86.81 46.88 -98.83
C SER K 291 -86.33 46.49 -97.44
N PHE K 292 -85.76 45.29 -97.29
CA PHE K 292 -85.21 44.90 -96.01
C PHE K 292 -84.09 45.81 -95.58
N PHE K 293 -83.25 46.24 -96.54
CA PHE K 293 -82.19 47.19 -96.21
C PHE K 293 -82.77 48.54 -95.83
N VAL K 294 -83.90 48.93 -96.41
CA VAL K 294 -84.55 50.17 -95.99
C VAL K 294 -84.98 50.07 -94.52
N SER K 295 -85.61 48.94 -94.18
CA SER K 295 -86.03 48.72 -92.79
C SER K 295 -84.83 48.69 -91.85
N VAL K 296 -83.75 48.04 -92.27
CA VAL K 296 -82.54 47.98 -91.45
C VAL K 296 -81.96 49.36 -91.26
N ARG K 297 -81.95 50.16 -92.33
CA ARG K 297 -81.45 51.53 -92.22
C ARG K 297 -82.26 52.32 -91.23
N LYS K 298 -83.58 52.21 -91.28
CA LYS K 298 -84.42 52.93 -90.32
C LYS K 298 -84.14 52.47 -88.90
N ALA K 299 -84.00 51.17 -88.69
CA ALA K 299 -83.76 50.65 -87.34
C ALA K 299 -82.42 51.15 -86.80
N ILE K 300 -81.36 51.02 -87.61
CA ILE K 300 -80.04 51.44 -87.16
C ILE K 300 -80.01 52.94 -86.93
N THR K 301 -80.68 53.72 -87.79
CA THR K 301 -80.72 55.15 -87.59
C THR K 301 -81.39 55.49 -86.26
N VAL K 302 -82.54 54.87 -85.97
CA VAL K 302 -83.25 55.17 -84.73
C VAL K 302 -82.39 54.80 -83.53
N LEU K 303 -81.80 53.60 -83.56
CA LEU K 303 -81.01 53.15 -82.42
C LEU K 303 -79.78 54.01 -82.21
N PHE K 304 -79.09 54.35 -83.30
CA PHE K 304 -77.91 55.20 -83.21
C PHE K 304 -78.28 56.57 -82.64
N PHE K 305 -79.40 57.14 -83.09
CA PHE K 305 -79.73 58.48 -82.65
C PHE K 305 -80.17 58.48 -81.19
N ILE K 306 -80.96 57.48 -80.78
CA ILE K 306 -81.36 57.45 -79.36
C ILE K 306 -80.14 57.22 -78.49
N GLY K 307 -79.21 56.36 -78.92
CA GLY K 307 -78.01 56.15 -78.14
C GLY K 307 -77.18 57.42 -78.00
N VAL K 308 -76.97 58.12 -79.12
CA VAL K 308 -76.16 59.33 -79.10
C VAL K 308 -76.80 60.40 -78.23
N ARG K 309 -78.11 60.63 -78.41
CA ARG K 309 -78.77 61.69 -77.66
C ARG K 309 -78.88 61.34 -76.18
N CYS K 310 -79.13 60.08 -75.85
CA CYS K 310 -79.17 59.68 -74.45
C CYS K 310 -77.80 59.82 -73.79
N TYR K 311 -76.74 59.46 -74.50
CA TYR K 311 -75.40 59.62 -73.96
C TYR K 311 -75.08 61.10 -73.75
N GLU K 312 -75.47 61.94 -74.71
CA GLU K 312 -75.23 63.38 -74.57
C GLU K 312 -76.02 63.95 -73.39
N ALA K 313 -77.24 63.47 -73.19
CA ALA K 313 -78.07 63.97 -72.09
C ALA K 313 -77.52 63.56 -70.75
N TYR K 314 -77.15 62.28 -70.60
CA TYR K 314 -76.62 61.75 -69.35
C TYR K 314 -75.40 60.89 -69.63
N PRO K 315 -74.26 61.50 -69.97
CA PRO K 315 -73.05 60.71 -70.19
C PRO K 315 -72.53 60.09 -68.91
N ASN K 316 -71.87 58.95 -69.06
CA ASN K 316 -71.31 58.25 -67.90
C ASN K 316 -70.14 59.03 -67.32
N THR K 317 -69.92 58.85 -66.02
CA THR K 317 -68.83 59.50 -65.31
C THR K 317 -68.18 58.49 -64.37
N SER K 318 -66.90 58.69 -64.10
CA SER K 318 -66.19 57.82 -63.18
C SER K 318 -66.70 58.03 -61.76
N LEU K 319 -66.92 56.93 -61.05
CA LEU K 319 -67.44 56.96 -59.69
C LEU K 319 -66.29 56.89 -58.71
N PRO K 320 -66.49 57.30 -57.45
CA PRO K 320 -65.39 57.25 -56.49
C PRO K 320 -64.88 55.83 -56.32
N PRO K 321 -63.56 55.65 -56.28
CA PRO K 321 -63.04 54.30 -56.00
C PRO K 321 -63.43 53.80 -54.62
N SER K 322 -63.76 54.68 -53.67
CA SER K 322 -64.29 54.22 -52.40
C SER K 322 -65.60 53.46 -52.59
N ILE K 323 -66.51 54.04 -53.38
CA ILE K 323 -67.78 53.37 -53.67
C ILE K 323 -67.53 52.10 -54.46
N LEU K 324 -66.64 52.17 -55.44
CA LEU K 324 -66.33 50.97 -56.24
C LEU K 324 -65.77 49.86 -55.35
N GLU K 325 -64.85 50.21 -54.45
CA GLU K 325 -64.25 49.22 -53.56
C GLU K 325 -65.29 48.63 -52.61
N ASP K 326 -66.18 49.46 -52.09
CA ASP K 326 -67.23 48.94 -51.21
C ASP K 326 -68.12 47.97 -51.98
N SER K 327 -68.51 48.33 -53.20
CA SER K 327 -69.36 47.46 -54.00
C SER K 327 -68.68 46.14 -54.30
N LEU K 328 -67.40 46.17 -54.66
CA LEU K 328 -66.69 44.92 -54.97
C LEU K 328 -66.45 44.10 -53.72
N GLU K 329 -66.15 44.74 -52.59
CA GLU K 329 -65.88 44.03 -51.36
C GLU K 329 -67.13 43.36 -50.82
N ASN K 330 -68.30 43.97 -51.02
CA ASN K 330 -69.55 43.46 -50.48
C ASN K 330 -70.27 42.55 -51.46
N ASN K 331 -69.51 41.84 -52.30
CA ASN K 331 -70.06 40.85 -53.24
C ASN K 331 -71.12 41.48 -54.15
N GLU K 332 -70.81 42.66 -54.68
CA GLU K 332 -71.66 43.37 -55.62
C GLU K 332 -70.87 43.72 -56.86
N GLY K 333 -71.57 43.87 -57.97
CA GLY K 333 -70.93 44.22 -59.23
C GLY K 333 -70.52 45.67 -59.27
N VAL K 334 -69.93 46.04 -60.41
CA VAL K 334 -69.57 47.45 -60.60
C VAL K 334 -70.86 48.27 -60.64
N PRO K 335 -70.95 49.42 -59.97
CA PRO K 335 -72.16 50.23 -60.08
C PRO K 335 -72.41 50.66 -61.52
N SER K 336 -73.68 50.71 -61.88
CA SER K 336 -74.13 51.09 -63.21
C SER K 336 -75.46 51.82 -63.07
N PRO K 337 -75.90 52.53 -64.10
CA PRO K 337 -77.16 53.28 -63.97
C PRO K 337 -78.40 52.42 -63.86
N MET K 338 -78.30 51.09 -63.98
CA MET K 338 -79.45 50.18 -63.90
C MET K 338 -79.12 49.04 -62.95
N LEU K 339 -79.96 48.87 -61.93
CA LEU K 339 -79.80 47.83 -60.92
C LEU K 339 -81.01 46.90 -60.96
N SER K 340 -80.76 45.62 -61.22
CA SER K 340 -81.82 44.62 -61.27
C SER K 340 -81.96 43.98 -59.89
N ILE K 341 -83.19 43.92 -59.40
CA ILE K 341 -83.53 43.35 -58.10
C ILE K 341 -84.47 42.18 -58.35
N SER K 342 -84.15 41.03 -57.77
CA SER K 342 -84.93 39.82 -57.96
C SER K 342 -85.36 39.29 -56.60
N ASN K 343 -86.50 38.59 -56.60
CA ASN K 343 -87.09 38.02 -55.38
C ASN K 343 -87.63 39.10 -54.45
N LEU K 344 -88.01 40.25 -55.00
CA LEU K 344 -88.69 41.30 -54.26
C LEU K 344 -89.84 41.80 -55.11
N THR K 345 -91.01 41.98 -54.50
CA THR K 345 -92.17 42.38 -55.28
C THR K 345 -92.20 43.90 -55.47
N GLN K 346 -93.12 44.33 -56.33
CA GLN K 346 -93.13 45.72 -56.78
C GLN K 346 -93.41 46.67 -55.62
N GLU K 347 -94.30 46.28 -54.70
CA GLU K 347 -94.66 47.20 -53.61
C GLU K 347 -93.45 47.52 -52.74
N GLN K 348 -92.67 46.51 -52.37
CA GLN K 348 -91.53 46.76 -51.50
C GLN K 348 -90.38 47.41 -52.26
N VAL K 349 -90.16 47.02 -53.52
CA VAL K 349 -89.14 47.71 -54.31
C VAL K 349 -89.49 49.18 -54.47
N GLN K 350 -90.77 49.49 -54.71
CA GLN K 350 -91.20 50.86 -54.82
C GLN K 350 -91.08 51.60 -53.50
N ASP K 351 -91.30 50.91 -52.38
CA ASP K 351 -91.13 51.55 -51.08
C ASP K 351 -89.67 51.93 -50.84
N TYR K 352 -88.75 51.02 -51.16
CA TYR K 352 -87.33 51.35 -51.04
C TYR K 352 -86.96 52.51 -51.96
N VAL K 353 -87.47 52.49 -53.19
CA VAL K 353 -87.21 53.57 -54.13
C VAL K 353 -87.76 54.89 -53.60
N ASN K 354 -88.93 54.84 -52.94
CA ASN K 354 -89.53 56.05 -52.40
C ASN K 354 -88.68 56.62 -51.27
N LYS K 355 -88.18 55.75 -50.38
CA LYS K 355 -87.29 56.21 -49.32
C LYS K 355 -86.04 56.86 -49.91
N THR K 356 -85.42 56.19 -50.89
CA THR K 356 -84.20 56.72 -51.49
C THR K 356 -84.47 58.05 -52.20
N ASN K 357 -85.59 58.16 -52.90
CA ASN K 357 -85.93 59.41 -53.58
C ASN K 357 -86.20 60.52 -52.58
N SER K 358 -86.92 60.21 -51.49
CA SER K 358 -87.18 61.22 -50.48
C SER K 358 -85.89 61.75 -49.88
N HIS K 359 -84.89 60.89 -49.72
CA HIS K 359 -83.62 61.29 -49.12
C HIS K 359 -82.60 61.77 -50.14
N LEU K 360 -82.90 61.69 -51.44
CA LEU K 360 -82.07 62.22 -52.50
C LEU K 360 -82.69 63.50 -53.04
N PRO K 361 -81.92 64.32 -53.75
CA PRO K 361 -82.48 65.52 -54.38
C PRO K 361 -83.24 65.19 -55.65
N ALA K 362 -83.99 66.18 -56.13
CA ALA K 362 -84.90 65.95 -57.26
C ALA K 362 -84.16 65.53 -58.52
N GLY K 363 -82.94 66.04 -58.72
CA GLY K 363 -82.19 65.70 -59.92
C GLY K 363 -81.57 64.32 -59.92
N LYS K 364 -81.45 63.68 -58.76
CA LYS K 364 -80.78 62.39 -58.64
C LYS K 364 -81.73 61.28 -58.22
N GLN K 365 -83.04 61.48 -58.38
CA GLN K 365 -84.01 60.49 -57.96
C GLN K 365 -83.92 59.24 -58.85
N VAL K 366 -84.28 58.10 -58.26
CA VAL K 366 -84.32 56.82 -58.95
C VAL K 366 -85.78 56.41 -59.10
N GLU K 367 -86.04 55.59 -60.12
CA GLU K 367 -87.38 55.06 -60.35
C GLU K 367 -87.27 53.69 -60.99
N ILE K 368 -88.33 52.91 -60.87
CA ILE K 368 -88.38 51.58 -61.48
C ILE K 368 -88.46 51.74 -62.99
N SER K 369 -87.58 51.04 -63.69
CA SER K 369 -87.47 51.11 -65.14
C SER K 369 -88.09 49.91 -65.84
N LEU K 370 -87.65 48.70 -65.51
CA LEU K 370 -88.13 47.48 -66.14
C LEU K 370 -88.86 46.66 -65.09
N VAL K 371 -90.17 46.50 -65.26
CA VAL K 371 -90.95 45.57 -64.42
C VAL K 371 -90.88 44.23 -65.15
N ASN K 372 -89.80 43.51 -64.91
CA ASN K 372 -89.56 42.26 -65.63
C ASN K 372 -90.53 41.16 -65.20
N GLY K 373 -90.95 41.18 -63.95
CA GLY K 373 -91.85 40.15 -63.46
C GLY K 373 -92.42 40.54 -62.12
N ALA K 374 -93.18 39.61 -61.54
CA ALA K 374 -93.75 39.85 -60.22
C ALA K 374 -92.64 40.04 -59.18
N LYS K 375 -91.60 39.22 -59.25
CA LYS K 375 -90.47 39.27 -58.32
C LYS K 375 -89.18 39.62 -59.06
N ASN K 376 -89.25 40.48 -60.07
CA ASN K 376 -88.09 40.84 -60.87
C ASN K 376 -88.31 42.23 -61.44
N LEU K 377 -87.56 43.21 -60.92
CA LEU K 377 -87.69 44.59 -61.35
C LEU K 377 -86.29 45.16 -61.60
N VAL K 378 -86.25 46.33 -62.22
CA VAL K 378 -85.01 47.05 -62.45
C VAL K 378 -85.23 48.52 -62.15
N VAL K 379 -84.33 49.11 -61.37
CA VAL K 379 -84.38 50.52 -61.01
C VAL K 379 -83.29 51.23 -61.80
N SER K 380 -83.65 52.33 -62.45
CA SER K 380 -82.72 53.12 -63.23
C SER K 380 -82.54 54.50 -62.62
N GLY K 381 -81.34 55.05 -62.78
CA GLY K 381 -81.01 56.34 -62.25
C GLY K 381 -79.50 56.54 -62.18
N PRO K 382 -79.06 57.56 -61.45
CA PRO K 382 -77.63 57.79 -61.30
C PRO K 382 -76.96 56.59 -60.63
N PRO K 383 -75.72 56.24 -61.02
CA PRO K 383 -75.05 55.15 -60.30
C PRO K 383 -74.87 55.44 -58.82
N GLN K 384 -74.66 56.69 -58.44
CA GLN K 384 -74.58 57.03 -57.02
C GLN K 384 -75.89 56.72 -56.30
N SER K 385 -77.01 57.12 -56.90
CA SER K 385 -78.32 56.86 -56.30
C SER K 385 -78.57 55.36 -56.21
N LEU K 386 -78.22 54.62 -57.26
CA LEU K 386 -78.44 53.18 -57.24
C LEU K 386 -77.53 52.51 -56.21
N TYR K 387 -76.31 53.02 -56.02
CA TYR K 387 -75.45 52.49 -54.97
C TYR K 387 -76.03 52.75 -53.59
N GLY K 388 -76.62 53.93 -53.39
CA GLY K 388 -77.29 54.18 -52.11
C GLY K 388 -78.47 53.27 -51.90
N LEU K 389 -79.27 53.04 -52.95
CA LEU K 389 -80.36 52.08 -52.85
C LEU K 389 -79.83 50.69 -52.54
N ASN K 390 -78.70 50.32 -53.14
CA ASN K 390 -78.09 49.04 -52.84
C ASN K 390 -77.65 48.95 -51.39
N LEU K 391 -77.13 50.05 -50.84
CA LEU K 391 -76.76 50.06 -49.44
C LEU K 391 -77.98 49.84 -48.55
N THR K 392 -79.09 50.52 -48.86
CA THR K 392 -80.31 50.32 -48.09
C THR K 392 -80.80 48.89 -48.20
N LEU K 393 -80.78 48.33 -49.42
CA LEU K 393 -81.23 46.96 -49.61
C LEU K 393 -80.33 45.97 -48.88
N ARG K 394 -79.03 46.23 -48.86
CA ARG K 394 -78.11 45.37 -48.11
C ARG K 394 -78.40 45.45 -46.62
N LYS K 395 -78.68 46.65 -46.11
CA LYS K 395 -79.07 46.78 -44.70
C LYS K 395 -80.34 46.00 -44.42
N ALA K 396 -81.27 45.96 -45.37
CA ALA K 396 -82.53 45.25 -45.20
C ALA K 396 -82.48 43.80 -45.68
N LYS K 397 -81.32 43.31 -46.10
CA LYS K 397 -81.18 41.98 -46.69
C LYS K 397 -80.47 41.05 -45.71
N ALA K 398 -81.00 39.83 -45.58
CA ALA K 398 -80.37 38.82 -44.74
C ALA K 398 -79.21 38.15 -45.49
N PRO K 399 -78.28 37.53 -44.77
CA PRO K 399 -77.19 36.82 -45.46
C PRO K 399 -77.72 35.70 -46.34
N SER K 400 -77.04 35.51 -47.49
CA SER K 400 -77.44 34.45 -48.39
C SER K 400 -77.24 33.07 -47.77
N GLY K 401 -76.17 32.91 -47.00
CA GLY K 401 -75.87 31.64 -46.38
C GLY K 401 -76.45 31.49 -44.99
N LEU K 402 -77.65 32.02 -44.78
CA LEU K 402 -78.35 31.93 -43.51
C LEU K 402 -79.35 30.78 -43.56
N ASP K 403 -79.34 29.95 -42.52
CA ASP K 403 -80.29 28.84 -42.40
C ASP K 403 -81.49 29.34 -41.61
N GLN K 404 -82.65 29.43 -42.27
CA GLN K 404 -83.87 29.94 -41.67
C GLN K 404 -84.94 28.86 -41.58
N SER K 405 -84.53 27.59 -41.62
CA SER K 405 -85.51 26.51 -41.57
C SER K 405 -86.18 26.41 -40.21
N ARG K 406 -85.51 26.84 -39.15
CA ARG K 406 -86.02 26.72 -37.80
C ARG K 406 -86.85 27.91 -37.34
N ILE K 407 -86.96 28.95 -38.17
CA ILE K 407 -87.72 30.15 -37.82
C ILE K 407 -89.08 30.07 -38.51
N PRO K 408 -90.16 30.56 -37.91
CA PRO K 408 -91.45 30.54 -38.62
C PRO K 408 -91.41 31.40 -39.87
N PHE K 409 -92.21 31.01 -40.86
CA PHE K 409 -92.16 31.66 -42.17
C PHE K 409 -92.48 33.15 -42.07
N SER K 410 -93.48 33.51 -41.25
CA SER K 410 -93.85 34.91 -41.11
C SER K 410 -92.71 35.74 -40.53
N GLU K 411 -91.96 35.16 -39.59
CA GLU K 411 -90.88 35.87 -38.93
C GLU K 411 -89.56 35.84 -39.71
N ARG K 412 -89.52 35.18 -40.86
CA ARG K 412 -88.28 35.06 -41.60
C ARG K 412 -87.91 36.37 -42.28
N LYS K 413 -86.63 36.72 -42.21
CA LYS K 413 -86.13 37.88 -42.92
C LYS K 413 -86.14 37.60 -44.43
N LEU K 414 -86.67 38.55 -45.19
CA LEU K 414 -86.78 38.37 -46.64
C LEU K 414 -85.41 38.49 -47.29
N LYS K 415 -85.04 37.50 -48.07
CA LYS K 415 -83.75 37.45 -48.75
C LYS K 415 -83.96 37.64 -50.24
N PHE K 416 -83.05 38.37 -50.88
CA PHE K 416 -83.17 38.69 -52.29
C PHE K 416 -81.79 38.97 -52.86
N SER K 417 -81.71 39.03 -54.18
CA SER K 417 -80.47 39.27 -54.90
C SER K 417 -80.59 40.52 -55.76
N ASN K 418 -79.62 41.42 -55.64
CA ASN K 418 -79.55 42.61 -56.47
C ASN K 418 -78.20 42.65 -57.15
N ARG K 419 -78.20 43.05 -58.43
CA ARG K 419 -76.96 43.13 -59.19
C ARG K 419 -77.10 44.23 -60.23
N PHE K 420 -75.98 44.87 -60.54
CA PHE K 420 -75.96 45.96 -61.51
C PHE K 420 -75.89 45.39 -62.91
N LEU K 421 -76.81 45.81 -63.77
CA LEU K 421 -76.87 45.25 -65.11
C LEU K 421 -75.74 45.82 -65.97
N PRO K 422 -75.28 45.07 -67.00
CA PRO K 422 -74.31 45.67 -67.93
C PRO K 422 -74.94 46.72 -68.83
N VAL K 423 -75.19 47.90 -68.27
CA VAL K 423 -75.75 49.04 -69.00
C VAL K 423 -74.91 50.26 -68.65
N ALA K 424 -74.89 51.22 -69.59
CA ALA K 424 -74.07 52.41 -69.45
C ALA K 424 -74.87 53.70 -69.28
N SER K 425 -76.17 53.67 -69.50
CA SER K 425 -77.03 54.83 -69.28
C SER K 425 -78.29 54.40 -68.54
N PRO K 426 -78.93 55.31 -67.80
CA PRO K 426 -80.17 54.97 -67.06
C PRO K 426 -81.42 55.03 -67.93
N PHE K 427 -81.69 53.93 -68.63
CA PHE K 427 -82.84 53.89 -69.52
C PHE K 427 -84.14 53.94 -68.73
N HIS K 428 -85.17 54.50 -69.36
CA HIS K 428 -86.49 54.66 -68.74
C HIS K 428 -86.40 55.47 -67.45
N SER K 429 -85.65 56.58 -67.52
CA SER K 429 -85.45 57.47 -66.40
C SER K 429 -85.78 58.90 -66.80
N HIS K 430 -86.06 59.72 -65.79
CA HIS K 430 -86.24 61.16 -66.01
C HIS K 430 -84.99 61.81 -66.57
N LEU K 431 -83.81 61.21 -66.36
CA LEU K 431 -82.56 61.83 -66.81
C LEU K 431 -82.49 61.91 -68.33
N LEU K 432 -83.13 60.98 -69.03
CA LEU K 432 -83.12 60.96 -70.49
C LEU K 432 -84.30 61.70 -71.10
N VAL K 433 -85.14 62.34 -70.29
CA VAL K 433 -86.27 63.10 -70.84
C VAL K 433 -85.82 64.16 -71.83
N PRO K 434 -84.83 65.02 -71.54
CA PRO K 434 -84.51 66.08 -72.51
C PRO K 434 -84.01 65.57 -73.84
N ALA K 435 -83.52 64.33 -73.89
CA ALA K 435 -83.11 63.75 -75.17
C ALA K 435 -84.30 63.35 -76.04
N SER K 436 -85.49 63.20 -75.44
CA SER K 436 -86.65 62.78 -76.21
C SER K 436 -87.01 63.80 -77.28
N ASP K 437 -87.05 65.08 -76.91
CA ASP K 437 -87.39 66.11 -77.89
C ASP K 437 -86.35 66.19 -79.00
N LEU K 438 -85.07 66.07 -78.64
CA LEU K 438 -84.01 66.09 -79.65
C LEU K 438 -84.16 64.91 -80.60
N ILE K 439 -84.44 63.72 -80.06
CA ILE K 439 -84.63 62.55 -80.91
C ILE K 439 -85.81 62.75 -81.84
N ASN K 440 -86.91 63.28 -81.32
CA ASN K 440 -88.10 63.49 -82.14
C ASN K 440 -87.82 64.49 -83.25
N LYS K 441 -87.13 65.59 -82.93
CA LYS K 441 -86.81 66.59 -83.93
C LYS K 441 -85.74 66.13 -84.92
N ASP K 442 -84.94 65.12 -84.57
CA ASP K 442 -83.87 64.66 -85.43
C ASP K 442 -84.26 63.49 -86.31
N LEU K 443 -85.20 62.65 -85.86
CA LEU K 443 -85.61 61.52 -86.69
C LEU K 443 -86.32 62.01 -87.95
N VAL K 444 -87.04 63.13 -87.86
CA VAL K 444 -87.69 63.68 -89.05
C VAL K 444 -86.64 64.20 -90.02
N LYS K 445 -85.56 64.79 -89.50
CA LYS K 445 -84.46 65.22 -90.36
C LYS K 445 -83.80 64.03 -91.03
N ASN K 446 -83.59 62.95 -90.27
CA ASN K 446 -83.03 61.73 -90.84
C ASN K 446 -84.01 60.98 -91.73
N ASN K 447 -85.28 61.37 -91.74
CA ASN K 447 -86.29 60.77 -92.61
C ASN K 447 -86.53 59.31 -92.24
N VAL K 448 -86.88 59.10 -90.97
CA VAL K 448 -87.16 57.77 -90.43
C VAL K 448 -88.47 57.86 -89.66
N SER K 449 -89.51 57.21 -90.19
CA SER K 449 -90.82 57.20 -89.54
C SER K 449 -91.48 55.86 -89.81
N PHE K 450 -92.27 55.39 -88.85
CA PHE K 450 -93.00 54.13 -88.96
C PHE K 450 -94.49 54.43 -89.08
N ASN K 451 -95.14 53.78 -90.04
CA ASN K 451 -96.55 53.98 -90.32
C ASN K 451 -97.34 52.73 -89.94
N ALA K 452 -98.50 52.94 -89.31
CA ALA K 452 -99.34 51.82 -88.92
C ALA K 452 -99.79 51.02 -90.12
N LYS K 453 -100.14 51.70 -91.23
CA LYS K 453 -100.56 51.00 -92.43
C LYS K 453 -99.44 50.14 -92.99
N ASP K 454 -98.21 50.65 -92.98
CA ASP K 454 -97.09 49.85 -93.46
C ASP K 454 -96.81 48.67 -92.54
N ILE K 455 -96.98 48.86 -91.23
CA ILE K 455 -96.90 47.76 -90.29
C ILE K 455 -98.09 46.83 -90.52
N GLN K 456 -97.83 45.53 -90.63
CA GLN K 456 -98.87 44.55 -90.89
C GLN K 456 -98.89 43.40 -89.90
N ILE K 457 -98.19 43.52 -88.77
CA ILE K 457 -98.40 42.62 -87.64
C ILE K 457 -98.45 43.44 -86.36
N PRO K 458 -99.18 42.96 -85.35
CA PRO K 458 -99.29 43.73 -84.11
C PRO K 458 -97.94 43.84 -83.41
N VAL K 459 -97.65 45.03 -82.90
CA VAL K 459 -96.47 45.27 -82.08
C VAL K 459 -96.95 45.85 -80.76
N TYR K 460 -96.56 45.21 -79.66
CA TYR K 460 -97.10 45.54 -78.35
C TYR K 460 -96.23 46.59 -77.68
N ASP K 461 -96.85 47.72 -77.33
CA ASP K 461 -96.14 48.79 -76.64
C ASP K 461 -95.60 48.31 -75.31
N THR K 462 -94.34 48.62 -75.04
CA THR K 462 -93.68 48.10 -73.84
C THR K 462 -94.33 48.60 -72.56
N PHE K 463 -94.99 49.76 -72.61
CA PHE K 463 -95.56 50.33 -71.39
C PHE K 463 -96.89 49.69 -71.02
N ASP K 464 -97.90 49.80 -71.89
CA ASP K 464 -99.24 49.32 -71.59
C ASP K 464 -99.61 48.05 -72.36
N GLY K 465 -98.79 47.60 -73.29
CA GLY K 465 -99.09 46.41 -74.07
C GLY K 465 -100.03 46.62 -75.23
N SER K 466 -100.52 47.84 -75.44
CA SER K 466 -101.41 48.11 -76.55
C SER K 466 -100.65 47.99 -77.87
N ASP K 467 -101.41 47.71 -78.93
CA ASP K 467 -100.81 47.62 -80.25
C ASP K 467 -100.39 49.00 -80.74
N LEU K 468 -99.24 49.08 -81.40
CA LEU K 468 -98.75 50.35 -81.92
C LEU K 468 -99.46 50.77 -83.20
N ARG K 469 -100.12 49.85 -83.89
CA ARG K 469 -100.84 50.21 -85.12
C ARG K 469 -101.98 51.17 -84.81
N VAL K 470 -102.74 50.89 -83.74
CA VAL K 470 -103.93 51.68 -83.42
C VAL K 470 -103.60 52.97 -82.68
N LEU K 471 -102.33 53.29 -82.49
CA LEU K 471 -101.96 54.51 -81.79
C LEU K 471 -102.15 55.73 -82.69
N SER K 472 -102.89 56.73 -82.18
CA SER K 472 -103.12 57.93 -82.96
C SER K 472 -101.83 58.72 -83.18
N GLY K 473 -100.96 58.76 -82.17
CA GLY K 473 -99.73 59.52 -82.26
C GLY K 473 -98.68 58.82 -83.10
N SER K 474 -97.50 59.42 -83.13
CA SER K 474 -96.40 58.89 -83.93
C SER K 474 -95.81 57.65 -83.27
N ILE K 475 -95.68 56.58 -84.05
CA ILE K 475 -95.12 55.34 -83.52
C ILE K 475 -93.66 55.54 -83.14
N SER K 476 -92.91 56.29 -83.93
CA SER K 476 -91.52 56.55 -83.59
C SER K 476 -91.40 57.30 -82.27
N GLU K 477 -92.26 58.30 -82.07
CA GLU K 477 -92.25 59.04 -80.81
C GLU K 477 -92.62 58.13 -79.65
N ARG K 478 -93.61 57.26 -79.84
CA ARG K 478 -93.99 56.34 -78.76
C ARG K 478 -92.85 55.39 -78.43
N ILE K 479 -92.14 54.89 -79.45
CA ILE K 479 -91.02 53.99 -79.21
C ILE K 479 -89.92 54.72 -78.44
N VAL K 480 -89.63 55.96 -78.84
CA VAL K 480 -88.58 56.72 -78.16
C VAL K 480 -88.96 56.97 -76.70
N ASP K 481 -90.22 57.34 -76.46
CA ASP K 481 -90.68 57.56 -75.10
C ASP K 481 -90.62 56.28 -74.30
N CYS K 482 -90.94 55.14 -74.92
CA CYS K 482 -90.85 53.87 -74.23
C CYS K 482 -89.41 53.57 -73.83
N ILE K 483 -88.47 53.83 -74.73
CA ILE K 483 -87.08 53.44 -74.47
C ILE K 483 -86.44 54.35 -73.44
N ILE K 484 -86.72 55.65 -73.50
CA ILE K 484 -85.99 56.62 -72.69
C ILE K 484 -86.76 57.05 -71.43
N ARG K 485 -88.10 57.16 -71.50
CA ARG K 485 -88.91 57.76 -70.45
C ARG K 485 -89.79 56.76 -69.73
N LEU K 486 -90.66 56.02 -70.45
CA LEU K 486 -91.63 55.19 -69.79
C LEU K 486 -91.02 53.86 -69.36
N PRO K 487 -91.55 53.20 -68.33
CA PRO K 487 -91.01 51.90 -67.93
C PRO K 487 -91.50 50.79 -68.85
N VAL K 488 -90.89 49.61 -68.68
CA VAL K 488 -91.20 48.43 -69.47
C VAL K 488 -91.95 47.47 -68.57
N LYS K 489 -93.26 47.35 -68.80
CA LYS K 489 -94.11 46.41 -68.06
C LYS K 489 -94.19 45.12 -68.88
N TRP K 490 -93.18 44.27 -68.70
CA TRP K 490 -93.05 43.09 -69.55
C TRP K 490 -94.20 42.12 -69.33
N GLU K 491 -94.66 41.97 -68.07
CA GLU K 491 -95.81 41.13 -67.81
C GLU K 491 -97.04 41.66 -68.52
N THR K 492 -97.26 42.97 -68.50
CA THR K 492 -98.40 43.56 -69.18
C THR K 492 -98.32 43.33 -70.69
N THR K 493 -97.12 43.44 -71.26
CA THR K 493 -96.96 43.23 -72.69
C THR K 493 -97.05 41.77 -73.09
N THR K 494 -96.79 40.85 -72.16
CA THR K 494 -96.78 39.42 -72.44
C THR K 494 -98.18 38.80 -72.32
N GLN K 495 -99.23 39.63 -72.36
CA GLN K 495 -100.58 39.12 -72.29
C GLN K 495 -101.07 38.53 -73.61
N PHE K 496 -100.29 38.64 -74.68
CA PHE K 496 -100.68 38.04 -75.94
C PHE K 496 -100.75 36.52 -75.80
N LYS K 497 -101.70 35.92 -76.52
CA LYS K 497 -101.87 34.46 -76.53
C LYS K 497 -101.04 33.89 -77.67
N ALA K 498 -100.03 33.10 -77.33
CA ALA K 498 -99.17 32.47 -78.33
C ALA K 498 -98.59 31.19 -77.75
N THR K 499 -98.33 30.24 -78.64
CA THR K 499 -97.75 28.96 -78.26
C THR K 499 -96.23 28.96 -78.29
N HIS K 500 -95.62 29.75 -79.17
CA HIS K 500 -94.17 29.81 -79.30
C HIS K 500 -93.70 31.26 -79.38
N ILE K 501 -92.60 31.52 -78.69
CA ILE K 501 -91.97 32.83 -78.65
C ILE K 501 -90.54 32.67 -79.14
N LEU K 502 -90.11 33.59 -80.00
CA LEU K 502 -88.80 33.55 -80.64
C LEU K 502 -87.96 34.71 -80.17
N ASP K 503 -86.92 34.43 -79.38
CA ASP K 503 -86.08 35.46 -78.79
C ASP K 503 -84.86 35.68 -79.66
N PHE K 504 -84.77 36.89 -80.24
CA PHE K 504 -83.63 37.26 -81.07
C PHE K 504 -82.65 38.16 -80.34
N GLY K 505 -82.86 38.43 -79.05
CA GLY K 505 -82.05 39.38 -78.34
C GLY K 505 -80.69 38.83 -77.99
N PRO K 506 -79.85 39.70 -77.42
CA PRO K 506 -78.54 39.25 -76.96
C PRO K 506 -78.63 38.52 -75.62
N GLY K 507 -77.53 37.87 -75.26
CA GLY K 507 -77.41 37.16 -74.01
C GLY K 507 -77.69 35.67 -74.11
N GLY K 508 -78.39 35.23 -75.14
CA GLY K 508 -78.71 33.82 -75.29
C GLY K 508 -79.47 33.27 -74.11
N ALA K 509 -78.83 32.39 -73.34
CA ALA K 509 -79.46 31.86 -72.13
C ALA K 509 -79.68 32.95 -71.10
N SER K 510 -78.82 33.96 -71.07
CA SER K 510 -78.98 35.10 -70.18
C SER K 510 -79.82 36.21 -70.79
N GLY K 511 -80.38 36.00 -71.98
CA GLY K 511 -81.11 37.02 -72.69
C GLY K 511 -82.56 37.09 -72.27
N LEU K 512 -83.35 37.75 -73.11
CA LEU K 512 -84.76 37.98 -72.83
C LEU K 512 -85.59 36.70 -72.93
N GLY K 513 -85.15 35.73 -73.72
CA GLY K 513 -85.95 34.54 -73.94
C GLY K 513 -86.16 33.73 -72.68
N VAL K 514 -85.08 33.48 -71.93
CA VAL K 514 -85.20 32.68 -70.71
C VAL K 514 -86.01 33.43 -69.67
N LEU K 515 -85.86 34.76 -69.61
CA LEU K 515 -86.66 35.54 -68.67
C LEU K 515 -88.14 35.46 -69.02
N THR K 516 -88.49 35.56 -70.31
CA THR K 516 -89.87 35.41 -70.72
C THR K 516 -90.38 34.00 -70.41
N HIS K 517 -89.53 33.00 -70.59
CA HIS K 517 -89.92 31.63 -70.26
C HIS K 517 -90.23 31.50 -68.77
N ARG K 518 -89.40 32.09 -67.92
CA ARG K 518 -89.68 32.06 -66.49
C ARG K 518 -90.98 32.77 -66.18
N ASN K 519 -91.22 33.91 -66.82
CA ASN K 519 -92.46 34.67 -66.57
C ASN K 519 -93.69 33.86 -66.97
N LYS K 520 -93.64 33.19 -68.12
CA LYS K 520 -94.79 32.50 -68.68
C LYS K 520 -94.74 30.99 -68.47
N ASP K 521 -93.92 30.52 -67.54
CA ASP K 521 -93.81 29.08 -67.30
C ASP K 521 -95.13 28.50 -66.81
N GLY K 522 -95.46 27.33 -67.32
CA GLY K 522 -96.67 26.63 -66.93
C GLY K 522 -97.92 27.00 -67.70
N THR K 523 -97.84 28.01 -68.58
CA THR K 523 -98.96 28.40 -69.42
C THR K 523 -98.94 27.71 -70.78
N GLY K 524 -98.01 26.77 -70.99
CA GLY K 524 -97.95 26.06 -72.25
C GLY K 524 -97.30 26.83 -73.37
N VAL K 525 -96.52 27.86 -73.06
CA VAL K 525 -95.87 28.70 -74.07
C VAL K 525 -94.40 28.33 -74.11
N ARG K 526 -93.97 27.82 -75.26
CA ARG K 526 -92.57 27.48 -75.51
C ARG K 526 -91.80 28.74 -75.87
N VAL K 527 -90.53 28.78 -75.47
CA VAL K 527 -89.64 29.88 -75.80
C VAL K 527 -88.38 29.30 -76.43
N ILE K 528 -88.00 29.84 -77.59
CA ILE K 528 -86.85 29.39 -78.35
C ILE K 528 -85.95 30.59 -78.60
N VAL K 529 -84.68 30.48 -78.21
CA VAL K 529 -83.71 31.54 -78.38
C VAL K 529 -82.90 31.26 -79.65
N ALA K 530 -82.92 32.22 -80.57
CA ALA K 530 -82.20 32.09 -81.84
C ALA K 530 -80.81 32.72 -81.79
N GLY K 531 -80.41 33.29 -80.65
CA GLY K 531 -79.16 34.01 -80.57
C GLY K 531 -77.93 33.14 -80.38
N THR K 532 -78.12 31.89 -79.97
CA THR K 532 -77.01 31.00 -79.72
C THR K 532 -77.41 29.56 -80.03
N LEU K 533 -76.41 28.73 -80.27
CA LEU K 533 -76.59 27.31 -80.56
C LEU K 533 -76.06 26.52 -79.36
N ASP K 534 -76.97 25.87 -78.65
CA ASP K 534 -76.62 25.09 -77.46
C ASP K 534 -77.78 24.16 -77.17
N ILE K 535 -77.61 23.34 -76.13
CA ILE K 535 -78.64 22.41 -75.66
C ILE K 535 -79.00 22.76 -74.23
N ASN K 536 -80.29 22.69 -73.93
CA ASN K 536 -80.79 22.94 -72.58
C ASN K 536 -81.05 21.61 -71.90
N PRO K 537 -80.28 21.21 -70.88
CA PRO K 537 -80.54 19.90 -70.25
C PRO K 537 -81.94 19.78 -69.66
N ASP K 538 -82.47 20.86 -69.08
CA ASP K 538 -83.84 20.84 -68.58
C ASP K 538 -84.85 20.76 -69.73
N ASP K 539 -84.48 21.30 -70.90
CA ASP K 539 -85.34 21.29 -72.08
C ASP K 539 -86.61 22.11 -71.90
N ASP K 540 -86.63 23.01 -70.91
CA ASP K 540 -87.81 23.84 -70.67
C ASP K 540 -87.86 25.05 -71.59
N TYR K 541 -86.79 25.35 -72.33
CA TYR K 541 -86.83 26.35 -73.39
C TYR K 541 -85.97 25.86 -74.54
N GLY K 542 -86.35 26.25 -75.75
CA GLY K 542 -85.67 25.78 -76.95
C GLY K 542 -84.41 26.56 -77.24
N PHE K 543 -83.81 26.25 -78.38
CA PHE K 543 -82.58 26.87 -78.83
C PHE K 543 -82.64 27.00 -80.35
N LYS K 544 -81.55 27.52 -80.93
CA LYS K 544 -81.52 27.84 -82.35
C LYS K 544 -81.81 26.62 -83.21
N GLN K 545 -81.41 25.42 -82.76
CA GLN K 545 -81.64 24.22 -83.55
C GLN K 545 -83.11 23.88 -83.66
N GLU K 546 -83.90 24.20 -82.62
CA GLU K 546 -85.31 23.86 -82.62
C GLU K 546 -86.07 24.63 -83.69
N ILE K 547 -85.54 25.78 -84.11
CA ILE K 547 -86.19 26.56 -85.15
C ILE K 547 -86.09 25.82 -86.49
N PHE K 548 -84.90 25.32 -86.81
CA PHE K 548 -84.63 24.74 -88.11
C PHE K 548 -84.84 23.23 -88.16
N ASP K 549 -85.10 22.59 -87.02
CA ASP K 549 -85.38 21.16 -87.03
C ASP K 549 -86.65 20.87 -87.81
N VAL K 550 -86.66 19.74 -88.52
CA VAL K 550 -87.76 19.37 -89.40
C VAL K 550 -88.57 18.24 -88.78
N THR K 551 -87.95 17.47 -87.90
CA THR K 551 -88.60 16.32 -87.28
C THR K 551 -89.53 16.80 -86.16
N SER K 552 -90.09 15.86 -85.40
CA SER K 552 -90.92 16.22 -84.27
C SER K 552 -90.14 16.93 -83.17
N ASN K 553 -88.81 16.80 -83.18
CA ASN K 553 -88.01 17.51 -82.18
C ASN K 553 -88.13 19.02 -82.33
N GLY K 554 -88.40 19.49 -83.56
CA GLY K 554 -88.61 20.91 -83.75
C GLY K 554 -89.89 21.41 -83.10
N LEU K 555 -90.96 20.62 -83.21
CA LEU K 555 -92.27 21.01 -82.68
C LEU K 555 -92.36 20.52 -81.24
N LYS K 556 -92.00 21.40 -80.32
CA LYS K 556 -92.09 21.16 -78.88
C LYS K 556 -93.10 22.13 -78.28
N LYS K 557 -94.09 21.59 -77.60
CA LYS K 557 -95.09 22.37 -76.86
C LYS K 557 -94.75 22.30 -75.38
N ASN K 558 -94.57 23.46 -74.76
CA ASN K 558 -94.26 23.47 -73.34
C ASN K 558 -95.46 22.96 -72.55
N PRO K 559 -95.26 22.37 -71.37
CA PRO K 559 -96.41 21.81 -70.63
C PRO K 559 -97.36 22.90 -70.17
N ASN K 560 -98.65 22.64 -70.36
CA ASN K 560 -99.72 23.49 -69.84
C ASN K 560 -100.32 22.77 -68.64
N TRP K 561 -100.08 23.30 -67.44
CA TRP K 561 -100.50 22.61 -66.22
C TRP K 561 -102.02 22.51 -66.13
N LEU K 562 -102.72 23.55 -66.59
CA LEU K 562 -104.18 23.54 -66.52
C LEU K 562 -104.76 22.39 -67.35
N GLU K 563 -104.19 22.15 -68.53
CA GLU K 563 -104.70 21.13 -69.44
C GLU K 563 -104.02 19.78 -69.24
N GLU K 564 -102.69 19.78 -69.08
CA GLU K 564 -101.97 18.52 -68.96
C GLU K 564 -102.36 17.78 -67.68
N TYR K 565 -102.36 18.47 -66.55
CA TYR K 565 -102.77 17.91 -65.27
C TYR K 565 -104.21 18.28 -64.93
N HIS K 566 -105.05 18.36 -65.94
CA HIS K 566 -106.45 18.69 -65.76
C HIS K 566 -107.17 17.57 -65.01
N PRO K 567 -107.82 17.84 -63.87
CA PRO K 567 -108.69 16.81 -63.30
C PRO K 567 -109.89 16.56 -64.19
N LYS K 568 -110.36 15.32 -64.19
CA LYS K 568 -111.50 14.95 -65.01
C LYS K 568 -112.36 13.96 -64.22
N LEU K 569 -113.44 13.50 -64.85
CA LEU K 569 -114.31 12.49 -64.26
C LEU K 569 -114.33 11.26 -65.15
N ILE K 570 -114.42 10.09 -64.53
CA ILE K 570 -114.50 8.82 -65.24
C ILE K 570 -115.47 7.93 -64.48
N LYS K 571 -115.91 6.85 -65.12
CA LYS K 571 -116.80 5.90 -64.48
C LYS K 571 -116.49 4.50 -64.97
N ASN K 572 -116.87 3.51 -64.17
CA ASN K 572 -116.67 2.10 -64.48
C ASN K 572 -118.01 1.48 -64.87
N LYS K 573 -118.02 0.16 -65.06
CA LYS K 573 -119.25 -0.54 -65.43
C LYS K 573 -120.30 -0.38 -64.33
N SER K 574 -119.89 -0.46 -63.07
CA SER K 574 -120.83 -0.32 -61.96
C SER K 574 -121.43 1.08 -61.87
N GLY K 575 -120.87 2.07 -62.59
CA GLY K 575 -121.39 3.42 -62.57
C GLY K 575 -120.77 4.32 -61.52
N LYS K 576 -119.87 3.81 -60.69
CA LYS K 576 -119.23 4.65 -59.68
C LYS K 576 -118.38 5.71 -60.35
N ILE K 577 -118.62 6.97 -59.97
CA ILE K 577 -117.90 8.10 -60.55
C ILE K 577 -116.61 8.31 -59.79
N PHE K 578 -115.50 8.27 -60.51
CA PHE K 578 -114.17 8.49 -59.96
C PHE K 578 -113.62 9.80 -60.50
N VAL K 579 -112.88 10.51 -59.65
CA VAL K 579 -112.19 11.74 -60.06
C VAL K 579 -110.90 11.30 -60.74
N GLU K 580 -110.93 11.26 -62.07
CA GLU K 580 -109.76 10.87 -62.86
C GLU K 580 -108.67 11.91 -62.67
N THR K 581 -107.63 11.54 -61.94
CA THR K 581 -106.46 12.34 -61.67
C THR K 581 -105.31 11.38 -61.53
N LYS K 582 -104.08 11.85 -61.77
CA LYS K 582 -102.93 10.95 -61.96
C LYS K 582 -102.80 9.92 -60.82
N PHE K 583 -102.87 10.40 -59.58
CA PHE K 583 -102.81 9.50 -58.44
C PHE K 583 -103.96 8.50 -58.45
N SER K 584 -105.17 8.99 -58.75
CA SER K 584 -106.33 8.11 -58.82
C SER K 584 -106.18 7.08 -59.93
N LYS K 585 -105.62 7.49 -61.06
CA LYS K 585 -105.44 6.59 -62.19
C LYS K 585 -104.48 5.47 -61.84
N LEU K 586 -103.42 5.79 -61.09
CA LEU K 586 -102.53 4.71 -60.65
C LEU K 586 -103.25 3.81 -59.66
N ILE K 587 -103.73 4.37 -58.55
CA ILE K 587 -104.21 3.55 -57.44
C ILE K 587 -105.56 2.90 -57.69
N GLY K 588 -106.26 3.27 -58.76
CA GLY K 588 -107.58 2.72 -59.01
C GLY K 588 -108.58 3.06 -57.94
N ARG K 589 -108.46 4.23 -57.34
CA ARG K 589 -109.32 4.66 -56.24
C ARG K 589 -109.37 6.17 -56.24
N PRO K 590 -110.28 6.77 -55.48
CA PRO K 590 -110.40 8.22 -55.48
C PRO K 590 -109.12 8.85 -54.97
N PRO K 591 -108.80 10.09 -55.42
CA PRO K 591 -107.52 10.73 -55.08
C PRO K 591 -107.49 11.37 -53.70
N LEU K 592 -108.01 10.65 -52.70
CA LEU K 592 -108.04 11.07 -51.32
C LEU K 592 -107.44 9.95 -50.49
N LEU K 593 -106.60 10.29 -49.52
CA LEU K 593 -105.93 9.30 -48.70
C LEU K 593 -105.87 9.77 -47.26
N VAL K 594 -105.89 8.82 -46.34
CA VAL K 594 -105.71 9.09 -44.91
C VAL K 594 -104.24 8.83 -44.59
N PRO K 595 -103.44 9.85 -44.28
CA PRO K 595 -102.02 9.61 -44.07
C PRO K 595 -101.76 8.88 -42.77
N GLY K 596 -100.56 8.31 -42.67
CA GLY K 596 -100.16 7.63 -41.45
C GLY K 596 -100.18 8.57 -40.27
N MET K 597 -100.94 8.21 -39.23
CA MET K 597 -101.15 9.07 -38.07
C MET K 597 -100.95 8.24 -36.81
N THR K 598 -99.93 8.59 -36.04
CA THR K 598 -99.75 7.99 -34.72
C THR K 598 -100.51 8.82 -33.68
N PRO K 599 -101.45 8.23 -32.92
CA PRO K 599 -101.93 6.84 -32.85
C PRO K 599 -103.19 6.54 -33.67
N CYS K 600 -103.64 7.44 -34.54
CA CYS K 600 -104.96 7.27 -35.16
C CYS K 600 -104.98 6.09 -36.12
N THR K 601 -104.06 6.09 -37.10
CA THR K 601 -104.02 4.99 -38.06
C THR K 601 -103.28 3.77 -37.52
N VAL K 602 -102.77 3.84 -36.29
CA VAL K 602 -102.16 2.67 -35.66
C VAL K 602 -103.19 1.56 -35.53
N SER K 603 -104.44 1.92 -35.23
CA SER K 603 -105.47 0.94 -35.02
C SER K 603 -105.70 0.12 -36.29
N PRO K 604 -105.59 -1.21 -36.25
CA PRO K 604 -105.97 -1.99 -37.45
C PRO K 604 -107.42 -1.78 -37.84
N ASP K 605 -108.31 -1.55 -36.88
CA ASP K 605 -109.73 -1.41 -37.20
C ASP K 605 -109.98 -0.19 -38.08
N PHE K 606 -109.34 0.94 -37.77
CA PHE K 606 -109.56 2.15 -38.57
C PHE K 606 -108.98 2.00 -39.96
N VAL K 607 -107.79 1.40 -40.07
CA VAL K 607 -107.19 1.18 -41.39
C VAL K 607 -108.07 0.27 -42.23
N ALA K 608 -108.56 -0.81 -41.63
CA ALA K 608 -109.46 -1.71 -42.35
C ALA K 608 -110.75 -1.02 -42.74
N ALA K 609 -111.29 -0.18 -41.86
CA ALA K 609 -112.53 0.52 -42.17
C ALA K 609 -112.35 1.48 -43.33
N THR K 610 -111.24 2.23 -43.35
CA THR K 610 -110.98 3.14 -44.46
C THR K 610 -110.79 2.36 -45.75
N THR K 611 -110.04 1.26 -45.70
CA THR K 611 -109.82 0.47 -46.91
C THR K 611 -111.13 -0.10 -47.44
N ASN K 612 -112.00 -0.57 -46.55
CA ASN K 612 -113.31 -1.05 -46.96
C ASN K 612 -114.16 0.08 -47.54
N ALA K 613 -114.07 1.27 -46.96
CA ALA K 613 -114.70 2.44 -47.54
C ALA K 613 -114.18 2.75 -48.94
N GLY K 614 -112.95 2.33 -49.24
CA GLY K 614 -112.42 2.48 -50.58
C GLY K 614 -111.52 3.68 -50.76
N TYR K 615 -110.76 4.02 -49.73
CA TYR K 615 -109.91 5.19 -49.72
C TYR K 615 -108.54 4.80 -49.17
N THR K 616 -107.49 5.31 -49.80
CA THR K 616 -106.14 4.94 -49.40
C THR K 616 -105.87 5.33 -47.97
N ILE K 617 -105.16 4.47 -47.24
CA ILE K 617 -104.82 4.72 -45.85
C ILE K 617 -103.50 4.03 -45.54
N GLU K 618 -102.73 4.66 -44.66
CA GLU K 618 -101.42 4.19 -44.25
C GLU K 618 -101.47 3.72 -42.81
N LEU K 619 -101.11 2.46 -42.57
CA LEU K 619 -100.94 1.93 -41.23
C LEU K 619 -99.66 2.54 -40.68
N ALA K 620 -99.80 3.39 -39.67
CA ALA K 620 -98.63 4.04 -39.09
C ALA K 620 -97.89 3.08 -38.17
N GLY K 621 -96.58 3.00 -38.32
CA GLY K 621 -95.76 2.18 -37.46
C GLY K 621 -95.43 2.82 -36.12
N GLY K 622 -95.83 4.07 -35.89
CA GLY K 622 -95.41 4.77 -34.69
C GLY K 622 -95.87 4.09 -33.41
N GLY K 623 -97.06 3.50 -33.44
CA GLY K 623 -97.55 2.76 -32.29
C GLY K 623 -97.04 1.34 -32.18
N TYR K 624 -96.22 0.90 -33.13
CA TYR K 624 -95.61 -0.43 -33.11
C TYR K 624 -94.11 -0.28 -32.96
N PHE K 625 -93.55 -1.02 -31.98
CA PHE K 625 -92.13 -0.97 -31.67
C PHE K 625 -91.41 -2.27 -32.00
N SER K 626 -92.09 -3.21 -32.64
CA SER K 626 -91.49 -4.50 -32.96
C SER K 626 -92.10 -5.03 -34.24
N ALA K 627 -91.27 -5.79 -34.98
CA ALA K 627 -91.73 -6.41 -36.22
C ALA K 627 -92.88 -7.37 -35.94
N ALA K 628 -92.84 -8.09 -34.82
CA ALA K 628 -93.94 -8.98 -34.47
C ALA K 628 -95.23 -8.21 -34.26
N GLY K 629 -95.16 -7.08 -33.56
CA GLY K 629 -96.37 -6.28 -33.34
C GLY K 629 -96.93 -5.74 -34.64
N MET K 630 -96.06 -5.20 -35.50
CA MET K 630 -96.55 -4.67 -36.77
C MET K 630 -97.09 -5.79 -37.66
N THR K 631 -96.48 -6.98 -37.61
CA THR K 631 -96.99 -8.11 -38.38
C THR K 631 -98.36 -8.52 -37.89
N ALA K 632 -98.57 -8.55 -36.57
CA ALA K 632 -99.89 -8.87 -36.04
C ALA K 632 -100.91 -7.84 -36.48
N ALA K 633 -100.54 -6.56 -36.46
CA ALA K 633 -101.45 -5.51 -36.91
C ALA K 633 -101.78 -5.67 -38.39
N ILE K 634 -100.78 -5.96 -39.21
CA ILE K 634 -100.99 -6.12 -40.64
C ILE K 634 -101.88 -7.33 -40.92
N ASP K 635 -101.67 -8.43 -40.19
CA ASP K 635 -102.53 -9.59 -40.35
C ASP K 635 -103.96 -9.27 -39.95
N SER K 636 -104.14 -8.49 -38.89
CA SER K 636 -105.49 -8.07 -38.50
C SER K 636 -106.13 -7.24 -39.59
N VAL K 637 -105.38 -6.31 -40.17
CA VAL K 637 -105.93 -5.48 -41.25
C VAL K 637 -106.31 -6.35 -42.44
N VAL K 638 -105.46 -7.31 -42.78
CA VAL K 638 -105.74 -8.18 -43.92
C VAL K 638 -107.00 -9.01 -43.67
N SER K 639 -107.14 -9.53 -42.45
CA SER K 639 -108.33 -10.30 -42.12
C SER K 639 -109.57 -9.44 -42.18
N GLN K 640 -109.48 -8.18 -41.75
CA GLN K 640 -110.64 -7.31 -41.71
C GLN K 640 -111.04 -6.77 -43.08
N ILE K 641 -110.10 -6.55 -43.99
CA ILE K 641 -110.43 -5.98 -45.29
C ILE K 641 -110.98 -7.07 -46.19
N GLU K 642 -111.56 -6.65 -47.32
CA GLU K 642 -112.15 -7.56 -48.29
C GLU K 642 -111.07 -8.09 -49.24
N LYS K 643 -111.49 -9.00 -50.12
CA LYS K 643 -110.57 -9.59 -51.07
C LYS K 643 -110.14 -8.56 -52.11
N GLY K 644 -108.84 -8.54 -52.41
CA GLY K 644 -108.28 -7.61 -53.37
C GLY K 644 -107.99 -6.23 -52.83
N SER K 645 -108.33 -5.96 -51.57
CA SER K 645 -108.11 -4.66 -50.98
C SER K 645 -106.62 -4.44 -50.72
N THR K 646 -106.26 -3.18 -50.49
CA THR K 646 -104.87 -2.81 -50.28
C THR K 646 -104.78 -1.62 -49.33
N PHE K 647 -103.60 -1.47 -48.73
CA PHE K 647 -103.31 -0.37 -47.83
C PHE K 647 -101.80 -0.15 -47.82
N GLY K 648 -101.38 1.03 -47.36
CA GLY K 648 -99.97 1.35 -47.26
C GLY K 648 -99.47 1.26 -45.83
N ILE K 649 -98.17 1.45 -45.68
CA ILE K 649 -97.51 1.49 -44.38
C ILE K 649 -96.71 2.78 -44.29
N ASN K 650 -96.78 3.45 -43.14
CA ASN K 650 -96.10 4.71 -42.91
C ASN K 650 -95.00 4.52 -41.86
N LEU K 651 -93.82 5.03 -42.17
CA LEU K 651 -92.66 4.94 -41.30
C LEU K 651 -92.02 6.31 -41.14
N ILE K 652 -91.45 6.53 -39.95
CA ILE K 652 -90.77 7.76 -39.60
C ILE K 652 -89.28 7.58 -39.85
N TYR K 653 -88.67 8.55 -40.52
CA TYR K 653 -87.26 8.46 -40.88
C TYR K 653 -86.32 8.96 -39.78
N VAL K 654 -86.83 9.62 -38.74
CA VAL K 654 -85.98 10.19 -37.73
C VAL K 654 -85.39 9.15 -36.78
N ASN K 655 -86.03 8.00 -36.63
CA ASN K 655 -85.56 6.95 -35.73
C ASN K 655 -84.99 5.79 -36.55
N PRO K 656 -83.67 5.58 -36.59
CA PRO K 656 -83.14 4.48 -37.40
C PRO K 656 -83.62 3.10 -36.97
N PHE K 657 -83.92 2.90 -35.68
CA PHE K 657 -84.41 1.60 -35.23
C PHE K 657 -85.73 1.25 -35.92
N MET K 658 -86.61 2.23 -36.06
CA MET K 658 -87.87 2.03 -36.75
C MET K 658 -87.64 1.48 -38.15
N LEU K 659 -86.76 2.13 -38.91
CA LEU K 659 -86.46 1.67 -40.25
C LEU K 659 -85.82 0.28 -40.23
N GLN K 660 -84.91 0.05 -39.27
CA GLN K 660 -84.17 -1.21 -39.28
C GLN K 660 -85.09 -2.40 -39.05
N TRP K 661 -86.10 -2.25 -38.19
CA TRP K 661 -87.05 -3.34 -38.00
C TRP K 661 -88.21 -3.31 -38.98
N GLY K 662 -88.47 -2.18 -39.64
CA GLY K 662 -89.62 -2.08 -40.53
C GLY K 662 -89.36 -2.41 -41.97
N ILE K 663 -88.27 -1.89 -42.55
CA ILE K 663 -87.99 -2.13 -43.96
C ILE K 663 -87.76 -3.60 -44.26
N PRO K 664 -86.96 -4.34 -43.47
CA PRO K 664 -86.91 -5.80 -43.69
C PRO K 664 -88.27 -6.46 -43.55
N LEU K 665 -89.09 -5.99 -42.61
CA LEU K 665 -90.43 -6.56 -42.45
C LEU K 665 -91.28 -6.30 -43.69
N ILE K 666 -91.19 -5.10 -44.25
CA ILE K 666 -91.96 -4.79 -45.45
C ILE K 666 -91.48 -5.66 -46.61
N LYS K 667 -90.17 -5.84 -46.74
CA LYS K 667 -89.64 -6.70 -47.80
C LYS K 667 -90.13 -8.13 -47.62
N GLU K 668 -90.10 -8.65 -46.39
CA GLU K 668 -90.54 -10.01 -46.15
C GLU K 668 -92.03 -10.18 -46.44
N LEU K 669 -92.85 -9.22 -46.00
CA LEU K 669 -94.29 -9.31 -46.24
C LEU K 669 -94.61 -9.20 -47.72
N ARG K 670 -93.87 -8.35 -48.45
CA ARG K 670 -94.08 -8.28 -49.90
C ARG K 670 -93.61 -9.56 -50.59
N SER K 671 -92.55 -10.20 -50.07
CA SER K 671 -92.17 -11.50 -50.60
C SER K 671 -93.27 -12.52 -50.40
N LYS K 672 -93.90 -12.52 -49.21
CA LYS K 672 -95.06 -13.36 -49.00
C LYS K 672 -96.27 -12.92 -49.81
N GLY K 673 -96.26 -11.70 -50.35
CA GLY K 673 -97.34 -11.21 -51.18
C GLY K 673 -98.37 -10.40 -50.46
N TYR K 674 -97.99 -9.70 -49.40
CA TYR K 674 -98.96 -8.97 -48.60
C TYR K 674 -99.46 -7.74 -49.35
N PRO K 675 -100.70 -7.30 -49.11
CA PRO K 675 -101.24 -6.15 -49.85
C PRO K 675 -100.74 -4.82 -49.31
N ILE K 676 -99.42 -4.63 -49.38
CA ILE K 676 -98.77 -3.38 -48.98
C ILE K 676 -98.57 -2.60 -50.27
N GLN K 677 -99.56 -1.76 -50.60
CA GLN K 677 -99.51 -1.03 -51.87
C GLN K 677 -98.33 -0.07 -51.91
N PHE K 678 -98.00 0.55 -50.78
CA PHE K 678 -96.97 1.57 -50.78
C PHE K 678 -96.40 1.75 -49.39
N LEU K 679 -95.21 2.35 -49.36
CA LEU K 679 -94.54 2.77 -48.14
C LEU K 679 -94.38 4.27 -48.17
N THR K 680 -94.88 4.94 -47.14
CA THR K 680 -94.73 6.38 -46.97
C THR K 680 -93.64 6.63 -45.95
N ILE K 681 -92.75 7.56 -46.27
CA ILE K 681 -91.68 7.96 -45.37
C ILE K 681 -91.93 9.40 -44.95
N GLY K 682 -92.12 9.61 -43.64
CA GLY K 682 -92.40 10.91 -43.08
C GLY K 682 -91.26 11.40 -42.20
N ALA K 683 -91.30 12.69 -41.90
CA ALA K 683 -90.31 13.33 -41.04
C ALA K 683 -88.89 13.15 -41.60
N GLY K 684 -88.75 13.27 -42.91
CA GLY K 684 -87.46 13.16 -43.56
C GLY K 684 -87.52 12.45 -44.89
N VAL K 685 -86.72 12.91 -45.84
CA VAL K 685 -86.62 12.29 -47.17
C VAL K 685 -85.39 11.38 -47.16
N PRO K 686 -85.51 10.10 -47.49
CA PRO K 686 -84.31 9.25 -47.53
C PRO K 686 -83.33 9.72 -48.59
N SER K 687 -82.06 9.41 -48.35
CA SER K 687 -81.03 9.71 -49.33
C SER K 687 -81.30 8.92 -50.61
N LEU K 688 -80.52 9.23 -51.66
CA LEU K 688 -80.73 8.58 -52.95
C LEU K 688 -80.51 7.08 -52.84
N GLU K 689 -79.45 6.66 -52.15
CA GLU K 689 -79.15 5.23 -52.03
C GLU K 689 -80.25 4.50 -51.26
N VAL K 690 -80.69 5.10 -50.14
CA VAL K 690 -81.72 4.46 -49.32
C VAL K 690 -83.04 4.37 -50.08
N ALA K 691 -83.40 5.45 -50.79
CA ALA K 691 -84.62 5.44 -51.58
C ALA K 691 -84.55 4.40 -52.69
N SER K 692 -83.39 4.29 -53.35
CA SER K 692 -83.23 3.28 -54.38
C SER K 692 -83.36 1.88 -53.80
N GLU K 693 -82.78 1.65 -52.62
CA GLU K 693 -82.88 0.34 -52.00
C GLU K 693 -84.33 0.02 -51.67
N TYR K 694 -85.08 0.99 -51.13
CA TYR K 694 -86.50 0.75 -50.88
C TYR K 694 -87.23 0.42 -52.17
N ILE K 695 -87.04 1.23 -53.21
CA ILE K 695 -87.77 1.07 -54.46
C ILE K 695 -87.50 -0.30 -55.07
N GLU K 696 -86.24 -0.73 -55.04
CA GLU K 696 -85.87 -1.99 -55.68
C GLU K 696 -86.30 -3.18 -54.81
N THR K 697 -85.86 -3.21 -53.55
CA THR K 697 -86.07 -4.39 -52.72
C THR K 697 -87.53 -4.59 -52.37
N LEU K 698 -88.22 -3.54 -51.91
CA LEU K 698 -89.56 -3.74 -51.37
C LEU K 698 -90.55 -4.16 -52.45
N GLY K 699 -90.32 -3.74 -53.69
CA GLY K 699 -91.23 -4.10 -54.76
C GLY K 699 -92.63 -3.58 -54.53
N LEU K 700 -92.75 -2.34 -54.08
CA LEU K 700 -94.04 -1.72 -53.85
C LEU K 700 -94.58 -1.10 -55.15
N LYS K 701 -95.87 -0.76 -55.13
CA LYS K 701 -96.46 -0.14 -56.30
C LYS K 701 -95.95 1.29 -56.48
N TYR K 702 -95.84 2.03 -55.38
CA TYR K 702 -95.27 3.37 -55.43
C TYR K 702 -94.72 3.72 -54.05
N LEU K 703 -93.85 4.73 -54.02
CA LEU K 703 -93.21 5.16 -52.78
C LEU K 703 -93.66 6.57 -52.42
N GLY K 704 -94.22 6.73 -51.24
CA GLY K 704 -94.63 8.04 -50.74
C GLY K 704 -93.53 8.68 -49.93
N LEU K 705 -93.32 9.97 -50.17
CA LEU K 705 -92.33 10.75 -49.43
C LEU K 705 -92.99 12.06 -49.00
N LYS K 706 -92.73 12.45 -47.74
CA LYS K 706 -93.31 13.66 -47.17
C LYS K 706 -92.21 14.70 -46.97
N PRO K 707 -91.80 15.39 -48.04
CA PRO K 707 -90.80 16.44 -47.88
C PRO K 707 -91.34 17.61 -47.08
N GLY K 708 -90.44 18.30 -46.39
CA GLY K 708 -90.82 19.41 -45.54
C GLY K 708 -90.50 20.78 -46.12
N SER K 709 -89.39 20.88 -46.85
CA SER K 709 -88.89 22.18 -47.31
C SER K 709 -88.39 22.03 -48.75
N ILE K 710 -87.75 23.10 -49.25
CA ILE K 710 -87.26 23.12 -50.62
C ILE K 710 -86.20 22.05 -50.83
N ASP K 711 -85.31 21.89 -49.86
CA ASP K 711 -84.27 20.86 -49.99
C ASP K 711 -84.90 19.47 -50.03
N ALA K 712 -85.92 19.23 -49.20
CA ALA K 712 -86.59 17.94 -49.21
C ALA K 712 -87.29 17.70 -50.55
N ILE K 713 -87.93 18.73 -51.09
CA ILE K 713 -88.59 18.58 -52.39
C ILE K 713 -87.55 18.31 -53.47
N SER K 714 -86.39 18.96 -53.38
CA SER K 714 -85.31 18.69 -54.33
C SER K 714 -84.82 17.26 -54.22
N GLN K 715 -84.72 16.73 -53.00
CA GLN K 715 -84.31 15.35 -52.82
C GLN K 715 -85.34 14.39 -53.42
N VAL K 716 -86.63 14.70 -53.23
CA VAL K 716 -87.68 13.87 -53.82
C VAL K 716 -87.59 13.90 -55.34
N ILE K 717 -87.33 15.08 -55.91
CA ILE K 717 -87.17 15.21 -57.35
C ILE K 717 -85.96 14.40 -57.82
N ASN K 718 -84.87 14.41 -57.04
CA ASN K 718 -83.70 13.63 -57.39
C ASN K 718 -84.00 12.14 -57.37
N ILE K 719 -84.76 11.68 -56.39
CA ILE K 719 -85.15 10.28 -56.33
C ILE K 719 -86.01 9.91 -57.52
N ALA K 720 -86.95 10.78 -57.88
CA ALA K 720 -87.79 10.52 -59.05
C ALA K 720 -86.95 10.47 -60.33
N LYS K 721 -85.97 11.37 -60.44
CA LYS K 721 -85.07 11.35 -61.59
C LYS K 721 -84.28 10.06 -61.65
N ALA K 722 -83.81 9.57 -60.48
CA ALA K 722 -83.05 8.33 -60.44
C ALA K 722 -83.92 7.14 -60.80
N HIS K 723 -85.21 7.19 -60.50
CA HIS K 723 -86.15 6.11 -60.80
C HIS K 723 -87.35 6.69 -61.54
N PRO K 724 -87.16 7.08 -62.80
CA PRO K 724 -88.27 7.71 -63.54
C PRO K 724 -89.44 6.78 -63.76
N ASN K 725 -89.22 5.47 -63.80
CA ASN K 725 -90.31 4.54 -64.03
C ASN K 725 -91.15 4.34 -62.77
N PHE K 726 -90.53 4.43 -61.60
CA PHE K 726 -91.22 4.09 -60.36
C PHE K 726 -92.04 5.28 -59.88
N PRO K 727 -93.33 5.13 -59.59
CA PRO K 727 -94.11 6.28 -59.11
C PRO K 727 -93.73 6.70 -57.70
N ILE K 728 -93.58 8.02 -57.54
CA ILE K 728 -93.24 8.62 -56.25
C ILE K 728 -94.36 9.60 -55.90
N ALA K 729 -94.96 9.40 -54.74
CA ALA K 729 -96.05 10.26 -54.25
C ALA K 729 -95.45 11.30 -53.30
N LEU K 730 -95.22 12.50 -53.83
CA LEU K 730 -94.78 13.63 -53.02
C LEU K 730 -96.00 14.14 -52.27
N GLN K 731 -96.09 13.79 -50.99
CA GLN K 731 -97.18 14.22 -50.12
C GLN K 731 -96.75 15.50 -49.42
N TRP K 732 -96.91 16.61 -50.13
CA TRP K 732 -96.53 17.91 -49.58
C TRP K 732 -97.49 18.31 -48.48
N THR K 733 -96.94 18.75 -47.35
CA THR K 733 -97.73 19.23 -46.23
C THR K 733 -97.01 20.43 -45.63
N GLY K 734 -97.70 21.56 -45.54
CA GLY K 734 -97.12 22.75 -44.96
C GLY K 734 -97.03 22.66 -43.45
N GLY K 735 -96.44 23.71 -42.86
CA GLY K 735 -96.35 23.77 -41.42
C GLY K 735 -97.70 23.85 -40.72
N ARG K 736 -98.74 24.30 -41.42
CA ARG K 736 -100.07 24.38 -40.86
C ARG K 736 -100.69 23.02 -40.59
N GLY K 737 -100.10 21.94 -41.10
CA GLY K 737 -100.66 20.63 -40.86
C GLY K 737 -100.53 20.21 -39.42
N GLY K 738 -101.39 19.27 -39.03
CA GLY K 738 -101.41 18.79 -37.67
C GLY K 738 -100.26 17.88 -37.35
N GLY K 739 -100.17 17.51 -36.08
CA GLY K 739 -99.09 16.66 -35.64
C GLY K 739 -97.74 17.33 -35.79
N HIS K 740 -96.73 16.52 -36.05
CA HIS K 740 -95.41 17.06 -36.37
C HIS K 740 -95.51 17.92 -37.61
N HIS K 741 -94.86 19.07 -37.57
CA HIS K 741 -94.95 20.02 -38.68
C HIS K 741 -93.67 20.81 -38.78
N SER K 742 -93.43 21.37 -39.96
CA SER K 742 -92.27 22.21 -40.24
C SER K 742 -92.68 23.68 -40.12
N PHE K 743 -91.71 24.56 -40.36
CA PHE K 743 -91.95 26.00 -40.34
C PHE K 743 -92.30 26.55 -41.71
N GLU K 744 -92.30 25.72 -42.75
CA GLU K 744 -92.53 26.21 -44.10
C GLU K 744 -94.01 26.49 -44.35
N ASP K 745 -94.27 27.49 -45.17
CA ASP K 745 -95.63 27.78 -45.59
C ASP K 745 -96.14 26.68 -46.51
N ALA K 746 -97.45 26.48 -46.51
CA ALA K 746 -98.07 25.46 -47.34
C ALA K 746 -98.09 25.83 -48.83
N HIS K 747 -98.10 27.12 -49.15
CA HIS K 747 -98.34 27.59 -50.51
C HIS K 747 -97.07 27.98 -51.25
N THR K 748 -96.24 28.86 -50.68
CA THR K 748 -95.10 29.38 -51.42
C THR K 748 -94.13 28.30 -51.89
N PRO K 749 -93.73 27.30 -51.08
CA PRO K 749 -92.78 26.30 -51.63
C PRO K 749 -93.34 25.56 -52.82
N MET K 750 -94.65 25.33 -52.83
CA MET K 750 -95.27 24.73 -54.01
C MET K 750 -95.16 25.67 -55.21
N LEU K 751 -95.35 26.98 -54.99
CA LEU K 751 -95.20 27.93 -56.08
C LEU K 751 -93.78 27.90 -56.64
N GLN K 752 -92.78 27.70 -55.78
CA GLN K 752 -91.41 27.62 -56.27
C GLN K 752 -91.15 26.32 -57.03
N MET K 753 -91.57 25.19 -56.47
CA MET K 753 -91.09 23.89 -56.90
C MET K 753 -92.07 23.12 -57.78
N TYR K 754 -93.23 23.70 -58.13
CA TYR K 754 -94.20 22.96 -58.92
C TYR K 754 -93.68 22.61 -60.30
N SER K 755 -93.02 23.57 -60.95
CA SER K 755 -92.49 23.31 -62.29
C SER K 755 -91.45 22.18 -62.26
N LYS K 756 -90.54 22.22 -61.28
CA LYS K 756 -89.55 21.15 -61.16
C LYS K 756 -90.22 19.82 -60.86
N ILE K 757 -91.28 19.82 -60.04
CA ILE K 757 -91.96 18.59 -59.71
C ILE K 757 -92.64 18.01 -60.95
N ARG K 758 -93.34 18.85 -61.71
CA ARG K 758 -94.02 18.39 -62.91
C ARG K 758 -93.07 18.12 -64.07
N ARG K 759 -91.80 18.51 -63.95
CA ARG K 759 -90.82 18.13 -64.96
C ARG K 759 -90.65 16.61 -65.00
N HIS K 760 -91.00 15.92 -63.92
CA HIS K 760 -90.93 14.46 -63.83
C HIS K 760 -92.33 13.88 -63.77
N PRO K 761 -92.81 13.18 -64.81
CA PRO K 761 -94.21 12.71 -64.77
C PRO K 761 -94.49 11.68 -63.70
N ASN K 762 -93.47 11.02 -63.16
CA ASN K 762 -93.69 9.96 -62.18
C ASN K 762 -93.89 10.49 -60.77
N ILE K 763 -93.78 11.80 -60.56
CA ILE K 763 -94.06 12.41 -59.26
C ILE K 763 -95.53 12.81 -59.22
N MET K 764 -96.23 12.41 -58.16
CA MET K 764 -97.61 12.81 -57.91
C MET K 764 -97.66 13.77 -56.74
N LEU K 765 -98.29 14.92 -56.96
CA LEU K 765 -98.38 15.97 -55.96
C LEU K 765 -99.67 15.78 -55.16
N ILE K 766 -99.53 15.52 -53.85
CA ILE K 766 -100.66 15.38 -52.95
C ILE K 766 -100.57 16.50 -51.92
N PHE K 767 -101.63 17.30 -51.82
CA PHE K 767 -101.64 18.48 -50.97
C PHE K 767 -102.48 18.20 -49.73
N GLY K 768 -101.86 18.34 -48.56
CA GLY K 768 -102.54 18.20 -47.29
C GLY K 768 -102.37 19.45 -46.45
N SER K 769 -102.28 19.24 -45.13
CA SER K 769 -102.00 20.32 -44.18
C SER K 769 -103.06 21.41 -44.23
N GLY K 770 -104.26 21.07 -43.79
CA GLY K 770 -105.29 22.06 -43.57
C GLY K 770 -106.53 21.87 -44.43
N PHE K 771 -106.81 20.62 -44.79
CA PHE K 771 -107.94 20.28 -45.65
C PHE K 771 -108.90 19.38 -44.88
N GLY K 772 -110.19 19.70 -44.95
CA GLY K 772 -111.20 18.90 -44.30
C GLY K 772 -112.52 18.82 -45.04
N SER K 773 -112.56 19.28 -46.29
CA SER K 773 -113.80 19.29 -47.05
C SER K 773 -113.47 19.38 -48.53
N ALA K 774 -114.50 19.20 -49.36
CA ALA K 774 -114.35 19.35 -50.80
C ALA K 774 -114.27 20.81 -51.21
N ASP K 775 -114.94 21.70 -50.47
CA ASP K 775 -115.00 23.11 -50.89
C ASP K 775 -113.61 23.74 -50.88
N ASP K 776 -112.81 23.45 -49.86
CA ASP K 776 -111.49 24.07 -49.73
C ASP K 776 -110.41 23.30 -50.49
N THR K 777 -110.70 22.12 -51.01
CA THR K 777 -109.75 21.36 -51.82
C THR K 777 -110.01 21.49 -53.32
N TYR K 778 -111.24 21.83 -53.71
CA TYR K 778 -111.54 21.98 -55.13
C TYR K 778 -110.67 23.01 -55.83
N PRO K 779 -110.37 24.18 -55.24
CA PRO K 779 -109.40 25.07 -55.90
C PRO K 779 -108.05 24.44 -56.12
N TYR K 780 -107.61 23.59 -55.20
CA TYR K 780 -106.33 22.91 -55.37
C TYR K 780 -106.43 21.78 -56.39
N LEU K 781 -107.59 21.14 -56.48
CA LEU K 781 -107.80 20.13 -57.51
C LEU K 781 -107.76 20.76 -58.90
N THR K 782 -108.52 21.83 -59.11
CA THR K 782 -108.55 22.53 -60.37
C THR K 782 -107.31 23.37 -60.61
N GLY K 783 -106.55 23.69 -59.57
CA GLY K 783 -105.36 24.50 -59.70
C GLY K 783 -105.61 26.00 -59.66
N GLU K 784 -106.86 26.44 -59.57
CA GLU K 784 -107.16 27.87 -59.58
C GLU K 784 -106.73 28.56 -58.29
N TRP K 785 -106.24 27.81 -57.30
CA TRP K 785 -105.73 28.44 -56.08
C TRP K 785 -104.59 29.40 -56.37
N SER K 786 -103.82 29.14 -57.43
CA SER K 786 -102.68 29.99 -57.78
C SER K 786 -103.07 31.21 -58.60
N THR K 787 -104.28 31.26 -59.15
CA THR K 787 -104.68 32.43 -59.93
C THR K 787 -104.74 33.68 -59.06
N LYS K 788 -105.12 33.52 -57.79
CA LYS K 788 -105.10 34.65 -56.87
C LYS K 788 -103.69 35.08 -56.50
N PHE K 789 -102.69 34.23 -56.78
CA PHE K 789 -101.32 34.47 -56.37
C PHE K 789 -100.44 34.95 -57.53
N ASP K 790 -101.06 35.43 -58.62
CA ASP K 790 -100.32 35.88 -59.80
C ASP K 790 -99.49 34.74 -60.40
N TYR K 791 -100.07 33.55 -60.46
CA TYR K 791 -99.46 32.37 -61.03
C TYR K 791 -100.48 31.66 -61.91
N PRO K 792 -100.03 30.81 -62.83
CA PRO K 792 -100.98 30.05 -63.64
C PRO K 792 -101.60 28.93 -62.83
N PRO K 793 -102.64 28.28 -63.34
CA PRO K 793 -103.28 27.19 -62.57
C PRO K 793 -102.30 26.08 -62.25
N MET K 794 -102.46 25.49 -61.06
CA MET K 794 -101.52 24.52 -60.51
C MET K 794 -102.30 23.33 -59.97
N PRO K 795 -102.82 22.46 -60.85
CA PRO K 795 -103.57 21.30 -60.37
C PRO K 795 -102.70 20.36 -59.55
N PHE K 796 -103.32 19.72 -58.56
CA PHE K 796 -102.66 18.76 -57.69
C PHE K 796 -103.29 17.40 -57.87
N ASP K 797 -102.45 16.36 -57.73
CA ASP K 797 -102.87 15.01 -58.08
C ASP K 797 -103.67 14.32 -56.98
N GLY K 798 -103.69 14.86 -55.76
CA GLY K 798 -104.44 14.24 -54.70
C GLY K 798 -104.42 15.10 -53.46
N PHE K 799 -105.09 14.62 -52.42
CA PHE K 799 -105.14 15.29 -51.14
C PHE K 799 -105.07 14.27 -50.03
N LEU K 800 -104.62 14.73 -48.86
CA LEU K 800 -104.59 13.90 -47.66
C LEU K 800 -105.22 14.68 -46.51
N PHE K 801 -106.16 14.05 -45.81
CA PHE K 801 -106.91 14.67 -44.72
C PHE K 801 -106.54 13.94 -43.43
N GLY K 802 -105.57 14.50 -42.71
CA GLY K 802 -105.14 13.91 -41.46
C GLY K 802 -106.06 14.26 -40.29
N SER K 803 -106.13 15.54 -39.95
CA SER K 803 -106.87 15.96 -38.77
C SER K 803 -108.38 15.89 -38.97
N ARG K 804 -108.85 15.93 -40.22
CA ARG K 804 -110.30 15.91 -40.47
C ARG K 804 -110.94 14.61 -40.01
N VAL K 805 -110.19 13.51 -40.05
CA VAL K 805 -110.73 12.18 -39.77
C VAL K 805 -110.41 11.72 -38.36
N MET K 806 -109.91 12.61 -37.51
CA MET K 806 -109.54 12.21 -36.15
C MET K 806 -110.77 11.93 -35.29
N ILE K 807 -111.94 12.40 -35.69
CA ILE K 807 -113.18 12.18 -34.96
C ILE K 807 -114.12 11.25 -35.71
N ALA K 808 -113.58 10.37 -36.56
CA ALA K 808 -114.42 9.44 -37.29
C ALA K 808 -115.02 8.41 -36.34
N LYS K 809 -116.05 7.70 -36.83
CA LYS K 809 -116.68 6.69 -36.00
C LYS K 809 -115.72 5.53 -35.70
N GLU K 810 -114.90 5.15 -36.68
CA GLU K 810 -114.08 3.96 -36.55
C GLU K 810 -112.71 4.23 -35.92
N VAL K 811 -112.36 5.49 -35.68
CA VAL K 811 -111.08 5.79 -35.03
C VAL K 811 -111.19 5.50 -33.54
N LYS K 812 -110.10 5.03 -32.96
CA LYS K 812 -110.07 4.61 -31.56
C LYS K 812 -109.97 5.77 -30.59
N THR K 813 -110.01 7.01 -31.08
CA THR K 813 -110.01 8.18 -30.20
C THR K 813 -111.20 8.11 -29.25
N SER K 814 -110.96 8.47 -27.99
CA SER K 814 -112.00 8.37 -26.98
C SER K 814 -113.10 9.39 -27.25
N PRO K 815 -114.31 9.15 -26.73
CA PRO K 815 -115.40 10.14 -26.96
C PRO K 815 -115.08 11.52 -26.44
N ASP K 816 -114.43 11.63 -25.27
CA ASP K 816 -114.09 12.95 -24.75
C ASP K 816 -113.02 13.63 -25.60
N ALA K 817 -112.05 12.86 -26.09
CA ALA K 817 -111.07 13.41 -27.00
C ALA K 817 -111.71 13.90 -28.29
N LYS K 818 -112.68 13.13 -28.80
CA LYS K 818 -113.42 13.57 -29.99
C LYS K 818 -114.19 14.86 -29.71
N LYS K 819 -114.82 14.94 -28.54
CA LYS K 819 -115.53 16.17 -28.19
C LYS K 819 -114.58 17.35 -28.13
N CYS K 820 -113.39 17.16 -27.56
CA CYS K 820 -112.41 18.24 -27.51
C CYS K 820 -111.98 18.65 -28.92
N ILE K 821 -111.73 17.66 -29.78
CA ILE K 821 -111.31 17.94 -31.15
C ILE K 821 -112.38 18.75 -31.87
N ALA K 822 -113.65 18.35 -31.71
CA ALA K 822 -114.73 19.12 -32.31
C ALA K 822 -114.83 20.51 -31.68
N ALA K 823 -114.53 20.63 -30.40
CA ALA K 823 -114.59 21.93 -29.73
C ALA K 823 -113.54 22.88 -30.28
N CYS K 824 -112.40 22.35 -30.73
CA CYS K 824 -111.42 23.21 -31.40
C CYS K 824 -112.05 23.88 -32.61
N THR K 825 -112.11 25.22 -32.58
CA THR K 825 -112.77 25.96 -33.65
C THR K 825 -111.89 26.13 -34.86
N GLY K 826 -110.58 25.94 -34.73
CA GLY K 826 -109.67 26.12 -35.85
C GLY K 826 -109.34 27.58 -36.10
N VAL K 827 -108.52 27.80 -37.11
CA VAL K 827 -108.05 29.13 -37.45
C VAL K 827 -107.75 29.17 -38.94
N PRO K 828 -108.01 30.26 -39.66
CA PRO K 828 -107.68 30.30 -41.09
C PRO K 828 -106.19 30.14 -41.32
N ASP K 829 -105.84 29.95 -42.60
CA ASP K 829 -104.45 29.66 -42.96
C ASP K 829 -103.53 30.82 -42.62
N ASP K 830 -103.94 32.05 -42.92
CA ASP K 830 -103.05 33.20 -42.74
C ASP K 830 -102.68 33.43 -41.29
N LYS K 831 -103.44 32.89 -40.34
CA LYS K 831 -103.18 33.05 -38.91
C LYS K 831 -102.64 31.78 -38.27
N TRP K 832 -102.27 30.76 -39.05
CA TRP K 832 -101.77 29.54 -38.45
C TRP K 832 -100.44 29.78 -37.74
N GLU K 833 -99.66 30.75 -38.20
CA GLU K 833 -98.35 31.01 -37.61
C GLU K 833 -98.46 31.40 -36.14
N GLN K 834 -99.61 31.90 -35.69
CA GLN K 834 -99.78 32.32 -34.31
C GLN K 834 -100.11 31.13 -33.41
N THR K 835 -99.27 30.09 -33.45
CA THR K 835 -99.38 28.95 -32.55
C THR K 835 -98.10 28.66 -31.80
N TYR K 836 -96.97 29.22 -32.23
CA TYR K 836 -95.73 29.08 -31.47
C TYR K 836 -95.72 29.97 -30.23
N LYS K 837 -96.52 31.03 -30.22
CA LYS K 837 -96.56 31.98 -29.10
C LYS K 837 -97.73 31.69 -28.16
N LYS K 838 -98.95 31.66 -28.69
CA LYS K 838 -100.15 31.45 -27.90
C LYS K 838 -101.10 30.53 -28.67
N PRO K 839 -102.00 29.84 -27.96
CA PRO K 839 -103.01 29.04 -28.68
C PRO K 839 -103.91 29.91 -29.54
N THR K 840 -104.26 29.37 -30.71
CA THR K 840 -105.24 30.00 -31.60
C THR K 840 -106.07 28.90 -32.25
N GLY K 841 -107.39 29.02 -32.12
CA GLY K 841 -108.27 27.98 -32.60
C GLY K 841 -108.29 26.74 -31.74
N GLY K 842 -107.75 26.82 -30.52
CA GLY K 842 -107.65 25.67 -29.65
C GLY K 842 -106.44 24.79 -29.89
N ILE K 843 -105.53 25.18 -30.78
CA ILE K 843 -104.34 24.40 -31.11
C ILE K 843 -103.12 25.28 -30.89
N VAL K 844 -102.10 24.72 -30.24
CA VAL K 844 -100.85 25.40 -29.96
C VAL K 844 -99.69 24.48 -30.33
N THR K 845 -98.53 25.08 -30.55
CA THR K 845 -97.33 24.33 -30.89
C THR K 845 -96.50 24.07 -29.65
N VAL K 846 -96.00 22.84 -29.54
CA VAL K 846 -95.08 22.43 -28.47
C VAL K 846 -93.86 21.81 -29.14
N ARG K 847 -92.86 21.49 -28.31
CA ARG K 847 -91.61 20.93 -28.79
C ARG K 847 -91.47 19.49 -28.32
N SER K 848 -91.02 18.62 -29.22
CA SER K 848 -90.91 17.20 -28.92
C SER K 848 -89.63 16.92 -28.14
N GLU K 849 -89.29 15.64 -27.97
CA GLU K 849 -88.05 15.29 -27.31
C GLU K 849 -86.85 15.78 -28.10
N MET K 850 -86.94 15.74 -29.43
CA MET K 850 -85.86 16.20 -30.29
C MET K 850 -85.97 17.69 -30.61
N GLY K 851 -86.96 18.40 -30.06
CA GLY K 851 -87.15 19.80 -30.33
C GLY K 851 -87.99 20.12 -31.54
N GLU K 852 -88.49 19.11 -32.24
CA GLU K 852 -89.30 19.38 -33.43
C GLU K 852 -90.65 19.97 -33.02
N PRO K 853 -91.22 20.90 -33.79
CA PRO K 853 -92.56 21.38 -33.46
C PRO K 853 -93.62 20.30 -33.65
N ILE K 854 -94.63 20.33 -32.78
CA ILE K 854 -95.82 19.49 -32.90
C ILE K 854 -97.03 20.35 -32.57
N HIS K 855 -98.04 20.31 -33.43
CA HIS K 855 -99.30 20.97 -33.16
C HIS K 855 -100.17 20.05 -32.30
N LYS K 856 -100.68 20.57 -31.19
CA LYS K 856 -101.54 19.81 -30.30
C LYS K 856 -102.68 20.70 -29.82
N ILE K 857 -103.75 20.06 -29.36
CA ILE K 857 -104.87 20.82 -28.84
C ILE K 857 -104.44 21.53 -27.55
N ALA K 858 -104.94 22.75 -27.37
CA ALA K 858 -104.57 23.56 -26.21
C ALA K 858 -105.31 23.06 -24.97
N THR K 859 -104.92 21.87 -24.54
CA THR K 859 -105.40 21.28 -23.30
C THR K 859 -104.54 21.77 -22.13
N ARG K 860 -104.97 21.46 -20.92
CA ARG K 860 -104.17 21.82 -19.75
C ARG K 860 -102.82 21.11 -19.78
N GLY K 861 -102.81 19.84 -20.18
CA GLY K 861 -101.55 19.12 -20.31
C GLY K 861 -100.63 19.72 -21.37
N VAL K 862 -101.21 20.13 -22.49
CA VAL K 862 -100.40 20.73 -23.55
C VAL K 862 -99.88 22.10 -23.13
N MET K 863 -100.69 22.87 -22.39
CA MET K 863 -100.22 24.15 -21.89
C MET K 863 -99.10 23.96 -20.88
N LEU K 864 -99.20 22.93 -20.03
CA LEU K 864 -98.09 22.61 -19.14
C LEU K 864 -96.85 22.21 -19.93
N TRP K 865 -97.05 21.43 -20.99
CA TRP K 865 -95.94 21.07 -21.88
C TRP K 865 -95.26 22.31 -22.42
N LYS K 866 -96.05 23.27 -22.89
CA LYS K 866 -95.49 24.50 -23.44
C LYS K 866 -94.77 25.32 -22.37
N GLU K 867 -95.36 25.39 -21.17
CA GLU K 867 -94.74 26.13 -20.08
C GLU K 867 -93.38 25.53 -19.72
N PHE K 868 -93.31 24.20 -19.62
CA PHE K 868 -92.04 23.56 -19.31
C PHE K 868 -91.07 23.70 -20.48
N ASP K 869 -91.57 23.72 -21.71
CA ASP K 869 -90.68 23.97 -22.85
C ASP K 869 -90.06 25.35 -22.77
N GLU K 870 -90.84 26.34 -22.34
CA GLU K 870 -90.39 27.72 -22.33
C GLU K 870 -89.68 28.13 -21.05
N THR K 871 -89.73 27.32 -19.99
CA THR K 871 -89.13 27.68 -18.71
C THR K 871 -88.15 26.67 -18.13
N ILE K 872 -88.19 25.40 -18.54
CA ILE K 872 -87.38 24.35 -17.92
C ILE K 872 -86.53 23.65 -18.98
N PHE K 873 -87.17 23.19 -20.04
CA PHE K 873 -86.45 22.38 -21.04
C PHE K 873 -85.49 23.24 -21.85
N ASN K 874 -85.79 24.53 -22.01
CA ASN K 874 -84.91 25.40 -22.78
C ASN K 874 -83.64 25.74 -22.01
N LEU K 875 -83.58 25.47 -20.71
CA LEU K 875 -82.43 25.84 -19.92
C LEU K 875 -81.26 24.90 -20.25
N PRO K 876 -80.02 25.34 -19.98
CA PRO K 876 -78.88 24.45 -20.19
C PRO K 876 -78.84 23.35 -19.14
N LYS K 877 -77.92 22.41 -19.35
CA LYS K 877 -77.83 21.24 -18.47
C LYS K 877 -77.48 21.65 -17.05
N ASN K 878 -76.56 22.60 -16.88
CA ASN K 878 -76.16 23.01 -15.55
C ASN K 878 -77.31 23.72 -14.81
N LYS K 879 -78.12 24.48 -15.55
CA LYS K 879 -79.24 25.19 -14.92
C LYS K 879 -80.47 24.31 -14.76
N LEU K 880 -80.53 23.14 -15.42
CA LEU K 880 -81.75 22.33 -15.35
C LEU K 880 -82.01 21.82 -13.94
N VAL K 881 -81.00 21.25 -13.29
CA VAL K 881 -81.20 20.55 -12.02
C VAL K 881 -81.50 21.54 -10.90
N PRO K 882 -80.74 22.65 -10.75
CA PRO K 882 -81.15 23.63 -9.73
C PRO K 882 -82.54 24.19 -9.94
N THR K 883 -82.95 24.40 -11.19
CA THR K 883 -84.30 24.89 -11.45
C THR K 883 -85.35 23.87 -11.02
N LEU K 884 -85.12 22.59 -11.30
CA LEU K 884 -86.05 21.56 -10.87
C LEU K 884 -86.12 21.50 -9.35
N GLU K 885 -84.97 21.61 -8.68
CA GLU K 885 -84.96 21.63 -7.23
C GLU K 885 -85.75 22.81 -6.68
N ALA K 886 -85.58 23.99 -7.29
CA ALA K 886 -86.26 25.19 -6.80
C ALA K 886 -87.76 25.11 -7.03
N LYS K 887 -88.18 24.66 -8.21
CA LYS K 887 -89.59 24.60 -8.58
C LYS K 887 -90.18 23.21 -8.43
N ARG K 888 -89.62 22.39 -7.55
CA ARG K 888 -90.13 21.04 -7.32
C ARG K 888 -91.61 21.05 -6.95
N ASP K 889 -91.99 21.90 -6.00
CA ASP K 889 -93.38 21.92 -5.53
C ASP K 889 -94.33 22.34 -6.64
N TYR K 890 -93.98 23.41 -7.36
CA TYR K 890 -94.84 23.87 -8.45
C TYR K 890 -94.95 22.82 -9.54
N ILE K 891 -93.85 22.18 -9.91
CA ILE K 891 -93.87 21.16 -10.94
C ILE K 891 -94.73 19.98 -10.51
N ILE K 892 -94.60 19.56 -9.25
CA ILE K 892 -95.40 18.44 -8.76
C ILE K 892 -96.87 18.77 -8.78
N SER K 893 -97.24 19.97 -8.32
CA SER K 893 -98.64 20.37 -8.31
C SER K 893 -99.20 20.41 -9.73
N ARG K 894 -98.43 20.97 -10.66
CA ARG K 894 -98.90 21.05 -12.03
C ARG K 894 -99.05 19.68 -12.67
N LEU K 895 -98.09 18.78 -12.41
CA LEU K 895 -98.19 17.42 -12.95
C LEU K 895 -99.41 16.70 -12.38
N ASN K 896 -99.67 16.85 -11.09
CA ASN K 896 -100.79 16.16 -10.48
C ASN K 896 -102.12 16.76 -10.90
N ALA K 897 -102.15 18.04 -11.26
CA ALA K 897 -103.40 18.72 -11.55
C ALA K 897 -103.75 18.76 -13.04
N ASP K 898 -102.76 18.75 -13.93
CA ASP K 898 -102.98 19.13 -15.32
C ASP K 898 -102.37 18.20 -16.35
N PHE K 899 -101.64 17.16 -15.96
CA PHE K 899 -100.87 16.34 -16.89
C PHE K 899 -101.28 14.88 -16.81
N GLN K 900 -101.19 14.21 -17.95
CA GLN K 900 -101.50 12.80 -18.09
C GLN K 900 -100.57 11.90 -17.29
N LYS K 901 -99.37 12.37 -16.96
CA LYS K 901 -98.40 11.63 -16.17
C LYS K 901 -98.28 12.34 -14.82
N PRO K 902 -99.09 11.97 -13.83
CA PRO K 902 -99.01 12.66 -12.54
C PRO K 902 -97.70 12.37 -11.83
N TRP K 903 -97.37 13.23 -10.88
CA TRP K 903 -96.27 12.96 -9.98
C TRP K 903 -96.57 11.67 -9.23
N PHE K 904 -95.64 10.70 -9.32
CA PHE K 904 -95.90 9.39 -8.76
C PHE K 904 -96.08 9.45 -7.25
N ALA K 905 -95.13 10.08 -6.56
CA ALA K 905 -95.14 10.09 -5.09
C ALA K 905 -96.21 11.07 -4.60
N THR K 906 -97.46 10.61 -4.69
CA THR K 906 -98.61 11.38 -4.24
C THR K 906 -99.60 10.43 -3.57
N VAL K 907 -99.84 10.65 -2.28
CA VAL K 907 -100.73 9.81 -1.48
C VAL K 907 -101.87 10.68 -0.96
N ASN K 908 -103.10 10.28 -1.26
CA ASN K 908 -104.29 11.02 -0.84
C ASN K 908 -104.25 12.47 -1.33
N GLY K 909 -103.68 12.69 -2.51
CA GLY K 909 -103.56 14.03 -3.06
C GLY K 909 -102.47 14.88 -2.45
N GLN K 910 -101.65 14.31 -1.57
CA GLN K 910 -100.58 15.05 -0.89
C GLN K 910 -99.25 14.70 -1.54
N ALA K 911 -98.55 15.73 -2.02
CA ALA K 911 -97.26 15.50 -2.67
C ALA K 911 -96.27 14.87 -1.70
N ARG K 912 -95.53 13.88 -2.19
CA ARG K 912 -94.55 13.15 -1.40
C ARG K 912 -93.34 12.90 -2.29
N ASP K 913 -92.44 12.04 -1.83
CA ASP K 913 -91.31 11.58 -2.61
C ASP K 913 -91.22 10.07 -2.47
N LEU K 914 -90.52 9.43 -3.42
CA LEU K 914 -90.32 7.99 -3.34
C LEU K 914 -89.66 7.60 -2.04
N ALA K 915 -88.80 8.46 -1.50
CA ALA K 915 -88.17 8.21 -0.21
C ALA K 915 -89.11 8.43 0.96
N THR K 916 -90.07 9.34 0.84
CA THR K 916 -91.03 9.63 1.90
C THR K 916 -92.34 8.90 1.71
N MET K 917 -92.36 7.89 0.84
CA MET K 917 -93.52 7.04 0.62
C MET K 917 -93.19 5.60 0.98
N THR K 918 -94.16 4.91 1.57
CA THR K 918 -93.99 3.55 2.05
C THR K 918 -94.18 2.55 0.90
N TYR K 919 -93.81 1.30 1.19
CA TYR K 919 -93.93 0.24 0.18
C TYR K 919 -95.39 -0.01 -0.19
N GLU K 920 -96.27 -0.06 0.81
CA GLU K 920 -97.69 -0.24 0.52
C GLU K 920 -98.24 0.92 -0.29
N GLU K 921 -97.82 2.14 0.05
CA GLU K 921 -98.28 3.30 -0.71
C GLU K 921 -97.77 3.24 -2.15
N VAL K 922 -96.53 2.82 -2.35
CA VAL K 922 -96.00 2.70 -3.71
C VAL K 922 -96.78 1.66 -4.49
N ALA K 923 -97.05 0.50 -3.88
CA ALA K 923 -97.79 -0.54 -4.59
C ALA K 923 -99.20 -0.08 -4.92
N LYS K 924 -99.87 0.58 -3.97
CA LYS K 924 -101.22 1.08 -4.21
C LYS K 924 -101.21 2.14 -5.31
N ARG K 925 -100.22 3.02 -5.32
CA ARG K 925 -100.11 4.02 -6.36
C ARG K 925 -99.88 3.37 -7.72
N LEU K 926 -99.03 2.34 -7.78
CA LEU K 926 -98.82 1.63 -9.04
C LEU K 926 -100.10 1.00 -9.54
N VAL K 927 -100.86 0.37 -8.64
CA VAL K 927 -102.14 -0.21 -9.05
C VAL K 927 -103.08 0.88 -9.54
N GLU K 928 -103.13 2.01 -8.82
CA GLU K 928 -104.02 3.09 -9.22
C GLU K 928 -103.68 3.63 -10.59
N LEU K 929 -102.40 3.79 -10.89
CA LEU K 929 -101.98 4.44 -12.12
C LEU K 929 -101.77 3.48 -13.30
N MET K 930 -101.79 2.17 -13.06
CA MET K 930 -101.55 1.18 -14.11
C MET K 930 -102.72 0.23 -14.34
N PHE K 931 -103.42 -0.15 -13.29
CA PHE K 931 -104.55 -1.07 -13.38
C PHE K 931 -105.83 -0.27 -13.60
N ILE K 932 -106.62 -0.67 -14.59
CA ILE K 932 -107.85 0.02 -14.96
C ILE K 932 -109.01 -0.68 -14.28
N ARG K 933 -109.77 0.06 -13.48
CA ARG K 933 -110.88 -0.54 -12.75
C ARG K 933 -112.07 -0.79 -13.66
N SER K 934 -112.30 0.10 -14.64
CA SER K 934 -113.44 -0.06 -15.54
C SER K 934 -113.33 -1.34 -16.34
N THR K 935 -112.15 -1.65 -16.86
CA THR K 935 -111.91 -2.90 -17.58
C THR K 935 -111.53 -4.04 -16.66
N ASN K 936 -111.24 -3.76 -15.38
CA ASN K 936 -110.89 -4.79 -14.41
C ASN K 936 -109.67 -5.58 -14.85
N SER K 937 -108.74 -4.91 -15.52
CA SER K 937 -107.52 -5.56 -16.00
C SER K 937 -106.43 -4.53 -16.12
N TRP K 938 -105.18 -5.00 -16.08
CA TRP K 938 -104.04 -4.12 -16.27
C TRP K 938 -104.06 -3.54 -17.67
N PHE K 939 -103.66 -2.27 -17.78
CA PHE K 939 -103.63 -1.64 -19.09
C PHE K 939 -102.57 -2.28 -19.98
N ASP K 940 -101.45 -2.71 -19.39
CA ASP K 940 -100.36 -3.30 -20.15
C ASP K 940 -99.69 -4.40 -19.35
N VAL K 941 -99.30 -5.45 -20.05
CA VAL K 941 -98.64 -6.59 -19.42
C VAL K 941 -97.29 -6.18 -18.85
N THR K 942 -96.59 -5.25 -19.50
CA THR K 942 -95.32 -4.79 -18.95
C THR K 942 -95.54 -4.01 -17.65
N TRP K 943 -96.66 -3.29 -17.55
CA TRP K 943 -96.98 -2.62 -16.29
C TRP K 943 -97.32 -3.63 -15.20
N ARG K 944 -98.04 -4.69 -15.56
CA ARG K 944 -98.29 -5.76 -14.59
C ARG K 944 -96.97 -6.37 -14.12
N THR K 945 -96.05 -6.60 -15.05
CA THR K 945 -94.74 -7.13 -14.69
C THR K 945 -93.98 -6.16 -13.78
N PHE K 946 -94.10 -4.86 -14.07
CA PHE K 946 -93.47 -3.85 -13.22
C PHE K 946 -93.98 -3.95 -11.79
N THR K 947 -95.30 -3.96 -11.62
CA THR K 947 -95.87 -4.02 -10.28
C THR K 947 -95.51 -5.33 -9.59
N GLY K 948 -95.54 -6.44 -10.32
CA GLY K 948 -95.18 -7.71 -9.73
C GLY K 948 -93.72 -7.76 -9.31
N ASP K 949 -92.83 -7.19 -10.11
CA ASP K 949 -91.43 -7.10 -9.73
C ASP K 949 -91.25 -6.24 -8.49
N PHE K 950 -92.02 -5.15 -8.39
CA PHE K 950 -91.94 -4.33 -7.18
C PHE K 950 -92.38 -5.13 -5.96
N LEU K 951 -93.48 -5.88 -6.08
CA LEU K 951 -93.95 -6.68 -4.95
C LEU K 951 -92.94 -7.77 -4.61
N ARG K 952 -92.31 -8.36 -5.62
CA ARG K 952 -91.26 -9.35 -5.36
C ARG K 952 -90.10 -8.71 -4.61
N ARG K 953 -89.73 -7.49 -4.99
CA ARG K 953 -88.66 -6.78 -4.28
C ARG K 953 -89.07 -6.47 -2.84
N VAL K 954 -90.33 -6.11 -2.62
CA VAL K 954 -90.82 -5.86 -1.26
C VAL K 954 -90.70 -7.13 -0.42
N GLU K 955 -91.12 -8.26 -1.00
CA GLU K 955 -91.01 -9.53 -0.31
C GLU K 955 -89.56 -9.86 0.00
N GLU K 956 -88.65 -9.62 -0.96
CA GLU K 956 -87.23 -9.85 -0.72
C GLU K 956 -86.71 -8.98 0.41
N ARG K 957 -87.14 -7.71 0.44
CA ARG K 957 -86.64 -6.78 1.44
C ARG K 957 -87.13 -7.16 2.83
N PHE K 958 -88.37 -7.58 2.96
CA PHE K 958 -89.00 -7.78 4.27
C PHE K 958 -89.10 -9.25 4.69
N THR K 959 -88.56 -10.17 3.90
CA THR K 959 -88.46 -11.57 4.31
C THR K 959 -87.17 -11.79 5.07
N LYS K 960 -87.24 -12.59 6.13
CA LYS K 960 -86.09 -12.83 6.99
C LYS K 960 -85.24 -14.02 6.56
N SER K 961 -85.70 -14.81 5.60
CA SER K 961 -85.00 -16.04 5.23
C SER K 961 -85.61 -16.56 3.93
N LYS K 962 -85.17 -17.75 3.52
CA LYS K 962 -85.73 -18.42 2.35
C LYS K 962 -87.23 -18.61 2.53
N THR K 963 -88.00 -18.32 1.47
CA THR K 963 -89.42 -18.60 1.49
C THR K 963 -89.95 -18.55 0.07
N LEU K 964 -91.07 -19.24 -0.14
CA LEU K 964 -91.76 -19.20 -1.43
C LEU K 964 -92.32 -17.81 -1.67
N SER K 965 -92.24 -17.36 -2.91
CA SER K 965 -92.81 -16.06 -3.27
C SER K 965 -94.32 -16.11 -3.17
N LEU K 966 -94.90 -15.05 -2.59
CA LEU K 966 -96.36 -14.97 -2.48
C LEU K 966 -97.01 -14.75 -3.83
N ILE K 967 -96.28 -14.23 -4.81
CA ILE K 967 -96.77 -14.05 -6.17
C ILE K 967 -95.92 -14.97 -7.04
N GLN K 968 -96.39 -16.20 -7.24
CA GLN K 968 -95.65 -17.15 -8.07
C GLN K 968 -95.77 -16.81 -9.54
N SER K 969 -96.95 -16.34 -9.96
CA SER K 969 -97.20 -15.91 -11.33
C SER K 969 -97.85 -14.53 -11.30
N TYR K 970 -97.48 -13.70 -12.27
CA TYR K 970 -98.06 -12.36 -12.36
C TYR K 970 -99.54 -12.39 -12.71
N SER K 971 -100.05 -13.53 -13.21
CA SER K 971 -101.49 -13.64 -13.47
C SER K 971 -102.31 -13.46 -12.20
N LEU K 972 -101.72 -13.70 -11.03
CA LEU K 972 -102.42 -13.46 -9.77
C LEU K 972 -102.72 -11.98 -9.57
N LEU K 973 -102.04 -11.09 -10.28
CA LEU K 973 -102.26 -9.65 -10.13
C LEU K 973 -103.52 -9.17 -10.83
N ASP K 974 -104.30 -10.05 -11.48
CA ASP K 974 -105.55 -9.63 -12.07
C ASP K 974 -106.52 -9.10 -11.00
N LYS K 975 -106.32 -9.52 -9.75
CA LYS K 975 -106.99 -8.93 -8.60
C LYS K 975 -105.93 -8.21 -7.76
N PRO K 976 -105.46 -7.05 -8.22
CA PRO K 976 -104.30 -6.42 -7.55
C PRO K 976 -104.56 -6.04 -6.11
N ASP K 977 -105.78 -5.66 -5.77
CA ASP K 977 -106.08 -5.34 -4.37
C ASP K 977 -105.85 -6.57 -3.49
N GLU K 978 -106.35 -7.73 -3.94
CA GLU K 978 -106.16 -8.95 -3.18
C GLU K 978 -104.69 -9.33 -3.12
N ALA K 979 -103.96 -9.18 -4.24
CA ALA K 979 -102.54 -9.53 -4.23
C ALA K 979 -101.75 -8.64 -3.27
N ILE K 980 -102.02 -7.33 -3.29
CA ILE K 980 -101.34 -6.41 -2.39
C ILE K 980 -101.69 -6.73 -0.94
N GLU K 981 -102.97 -7.01 -0.68
CA GLU K 981 -103.38 -7.37 0.67
C GLU K 981 -102.64 -8.60 1.15
N LYS K 982 -102.53 -9.61 0.29
CA LYS K 982 -101.83 -10.84 0.67
C LYS K 982 -100.36 -10.57 0.96
N VAL K 983 -99.69 -9.83 0.07
CA VAL K 983 -98.25 -9.60 0.24
C VAL K 983 -97.98 -8.79 1.50
N PHE K 984 -98.76 -7.73 1.73
CA PHE K 984 -98.51 -6.87 2.88
C PHE K 984 -99.15 -7.38 4.16
N ASN K 985 -99.95 -8.44 4.09
CA ASN K 985 -100.28 -9.20 5.30
C ASN K 985 -99.17 -10.19 5.63
N ALA K 986 -98.51 -10.74 4.62
CA ALA K 986 -97.37 -11.60 4.86
C ALA K 986 -96.19 -10.81 5.43
N TYR K 987 -96.04 -9.55 5.01
CA TYR K 987 -95.00 -8.66 5.52
C TYR K 987 -95.66 -7.38 6.01
N PRO K 988 -96.31 -7.41 7.18
CA PRO K 988 -96.98 -6.20 7.68
C PRO K 988 -96.03 -5.06 7.98
N ALA K 989 -94.75 -5.35 8.20
CA ALA K 989 -93.80 -4.29 8.52
C ALA K 989 -93.66 -3.29 7.39
N ALA K 990 -93.94 -3.69 6.14
CA ALA K 990 -93.78 -2.81 4.99
C ALA K 990 -94.89 -1.77 4.87
N ARG K 991 -95.99 -1.91 5.61
CA ARG K 991 -97.09 -0.96 5.51
C ARG K 991 -96.75 0.40 6.10
N GLU K 992 -95.85 0.46 7.09
CA GLU K 992 -95.48 1.69 7.78
C GLU K 992 -93.97 1.86 7.75
N GLN K 993 -93.39 1.76 6.56
CA GLN K 993 -91.94 1.73 6.40
C GLN K 993 -91.59 2.41 5.10
N PHE K 994 -90.90 3.55 5.17
CA PHE K 994 -90.55 4.29 3.98
C PHE K 994 -89.68 3.45 3.06
N LEU K 995 -89.71 3.79 1.77
CA LEU K 995 -88.99 3.00 0.79
C LEU K 995 -87.49 3.09 1.03
N ASN K 996 -86.84 1.94 1.10
CA ASN K 996 -85.40 1.88 1.23
C ASN K 996 -84.76 2.59 0.04
N ALA K 997 -83.59 3.19 0.28
CA ALA K 997 -82.94 3.95 -0.78
C ALA K 997 -82.51 3.04 -1.92
N GLN K 998 -82.04 1.83 -1.59
CA GLN K 998 -81.76 0.84 -2.62
C GLN K 998 -83.00 0.53 -3.43
N ASP K 999 -84.16 0.43 -2.75
CA ASP K 999 -85.40 0.13 -3.46
C ASP K 999 -85.83 1.30 -4.33
N ILE K 1000 -85.55 2.54 -3.90
CA ILE K 1000 -85.82 3.70 -4.74
C ILE K 1000 -84.99 3.64 -6.01
N ASP K 1001 -83.70 3.33 -5.86
CA ASP K 1001 -82.83 3.22 -7.03
C ASP K 1001 -83.30 2.11 -7.95
N HIS K 1002 -83.70 0.97 -7.40
CA HIS K 1002 -84.23 -0.12 -8.21
C HIS K 1002 -85.50 0.30 -8.93
N PHE K 1003 -86.39 1.02 -8.23
CA PHE K 1003 -87.64 1.49 -8.81
C PHE K 1003 -87.36 2.41 -10.00
N LEU K 1004 -86.40 3.32 -9.84
CA LEU K 1004 -86.04 4.20 -10.94
C LEU K 1004 -85.44 3.42 -12.10
N SER K 1005 -84.62 2.41 -11.79
CA SER K 1005 -84.02 1.61 -12.85
C SER K 1005 -85.07 0.88 -13.67
N MET K 1006 -86.03 0.23 -13.01
CA MET K 1006 -87.06 -0.49 -13.74
C MET K 1006 -88.14 0.45 -14.28
N CYS K 1007 -88.14 1.71 -13.88
CA CYS K 1007 -88.86 2.73 -14.64
C CYS K 1007 -88.15 3.06 -15.94
N GLN K 1008 -86.81 3.04 -15.91
CA GLN K 1008 -85.99 3.26 -17.10
C GLN K 1008 -85.81 2.01 -17.95
N ASN K 1009 -86.36 0.88 -17.54
CA ASN K 1009 -86.18 -0.37 -18.29
C ASN K 1009 -86.65 -0.20 -19.74
N PRO K 1010 -85.81 -0.49 -20.75
CA PRO K 1010 -86.28 -0.29 -22.13
C PRO K 1010 -87.34 -1.28 -22.56
N MET K 1011 -87.19 -2.56 -22.21
CA MET K 1011 -88.14 -3.60 -22.61
C MET K 1011 -89.35 -3.53 -21.67
N GLN K 1012 -90.07 -2.42 -21.78
CA GLN K 1012 -91.18 -2.10 -20.91
C GLN K 1012 -91.89 -0.88 -21.46
N LYS K 1013 -93.21 -0.84 -21.32
CA LYS K 1013 -93.94 0.34 -21.71
C LYS K 1013 -93.57 1.49 -20.78
N PRO K 1014 -93.32 2.70 -21.31
CA PRO K 1014 -92.98 3.81 -20.43
C PRO K 1014 -94.06 4.07 -19.38
N VAL K 1015 -93.61 4.26 -18.15
CA VAL K 1015 -94.54 4.30 -17.00
C VAL K 1015 -95.40 5.55 -17.11
N PRO K 1016 -96.68 5.52 -16.65
CA PRO K 1016 -97.57 6.67 -16.78
C PRO K 1016 -97.46 7.67 -15.62
N PHE K 1017 -96.24 8.05 -15.29
CA PHE K 1017 -96.01 9.01 -14.22
C PHE K 1017 -94.55 9.47 -14.26
N VAL K 1018 -94.27 10.51 -13.49
CA VAL K 1018 -92.91 11.03 -13.32
C VAL K 1018 -92.40 10.51 -11.98
N PRO K 1019 -91.40 9.63 -11.94
CA PRO K 1019 -90.97 9.11 -10.64
C PRO K 1019 -90.09 10.09 -9.86
N VAL K 1020 -89.26 10.87 -10.55
CA VAL K 1020 -88.36 11.81 -9.88
C VAL K 1020 -88.06 12.94 -10.84
N LEU K 1021 -87.72 14.11 -10.28
CA LEU K 1021 -87.34 15.29 -11.06
C LEU K 1021 -85.82 15.37 -11.08
N ASP K 1022 -85.23 15.08 -12.24
CA ASP K 1022 -83.78 15.14 -12.41
C ASP K 1022 -83.50 15.43 -13.88
N ARG K 1023 -82.26 15.20 -14.30
CA ARG K 1023 -81.85 15.50 -15.68
C ARG K 1023 -82.73 14.82 -16.70
N ARG K 1024 -83.17 13.59 -16.41
CA ARG K 1024 -84.06 12.84 -17.30
C ARG K 1024 -85.54 13.23 -17.14
N PHE K 1025 -85.81 14.36 -16.48
CA PHE K 1025 -87.20 14.78 -16.29
C PHE K 1025 -87.88 15.05 -17.62
N GLU K 1026 -87.17 15.65 -18.57
CA GLU K 1026 -87.76 15.88 -19.90
C GLU K 1026 -88.11 14.56 -20.56
N ILE K 1027 -87.23 13.56 -20.43
CA ILE K 1027 -87.50 12.24 -21.00
C ILE K 1027 -88.77 11.65 -20.40
N PHE K 1028 -88.86 11.67 -19.06
CA PHE K 1028 -90.06 11.13 -18.42
C PHE K 1028 -91.31 11.92 -18.80
N PHE K 1029 -91.20 13.24 -18.87
CA PHE K 1029 -92.35 14.08 -19.13
C PHE K 1029 -92.89 13.88 -20.55
N LYS K 1030 -91.99 13.74 -21.52
CA LYS K 1030 -92.39 13.76 -22.93
C LYS K 1030 -92.60 12.37 -23.53
N LYS K 1031 -91.88 11.35 -23.06
CA LYS K 1031 -91.96 10.05 -23.71
C LYS K 1031 -93.35 9.43 -23.55
N ASP K 1032 -93.84 8.83 -24.63
CA ASP K 1032 -95.10 8.07 -24.62
C ASP K 1032 -96.29 8.97 -24.27
N SER K 1033 -96.48 10.01 -25.07
CA SER K 1033 -97.50 11.03 -24.84
C SER K 1033 -98.66 10.95 -25.83
N LEU K 1034 -98.73 9.89 -26.65
CA LEU K 1034 -99.70 9.80 -27.73
C LEU K 1034 -100.86 8.87 -27.44
N TRP K 1035 -100.60 7.71 -26.83
CA TRP K 1035 -101.65 6.71 -26.62
C TRP K 1035 -102.74 7.20 -25.66
N GLN K 1036 -102.43 8.17 -24.81
CA GLN K 1036 -103.39 8.62 -23.81
C GLN K 1036 -104.63 9.23 -24.46
N SER K 1037 -104.50 9.78 -25.66
CA SER K 1037 -105.66 10.35 -26.35
C SER K 1037 -106.72 9.29 -26.62
N GLU K 1038 -106.29 8.11 -27.10
CA GLU K 1038 -107.21 7.03 -27.41
C GLU K 1038 -107.50 6.13 -26.23
N HIS K 1039 -106.76 6.26 -25.13
CA HIS K 1039 -106.93 5.41 -23.96
C HIS K 1039 -107.17 6.25 -22.70
N LEU K 1040 -108.14 7.16 -22.77
CA LEU K 1040 -108.47 8.01 -21.62
C LEU K 1040 -108.86 7.20 -20.39
N GLU K 1041 -109.29 5.95 -20.56
CA GLU K 1041 -109.60 5.11 -19.39
C GLU K 1041 -108.40 4.92 -18.49
N ALA K 1042 -107.19 5.06 -19.02
CA ALA K 1042 -105.95 4.93 -18.25
C ALA K 1042 -105.38 6.27 -17.83
N VAL K 1043 -106.25 7.23 -17.53
CA VAL K 1043 -105.86 8.58 -17.11
C VAL K 1043 -106.47 8.81 -15.72
N VAL K 1044 -105.88 9.76 -15.00
CA VAL K 1044 -106.19 9.93 -13.57
C VAL K 1044 -107.68 10.16 -13.37
N ASP K 1045 -108.25 11.13 -14.10
CA ASP K 1045 -109.66 11.44 -14.02
C ASP K 1045 -110.40 11.18 -15.32
N GLN K 1046 -109.78 10.42 -16.24
CA GLN K 1046 -110.35 10.19 -17.57
C GLN K 1046 -110.62 11.52 -18.26
N ASP K 1047 -109.77 12.50 -18.00
CA ASP K 1047 -109.95 13.86 -18.45
C ASP K 1047 -109.10 14.12 -19.69
N VAL K 1048 -109.74 14.61 -20.75
CA VAL K 1048 -109.01 14.94 -21.97
C VAL K 1048 -107.99 16.04 -21.71
N GLN K 1049 -108.28 16.93 -20.75
CA GLN K 1049 -107.40 18.09 -20.54
C GLN K 1049 -106.02 17.66 -20.07
N ARG K 1050 -105.93 16.52 -19.38
CA ARG K 1050 -104.62 16.01 -18.98
C ARG K 1050 -103.83 15.51 -20.17
N THR K 1051 -104.51 14.86 -21.11
CA THR K 1051 -103.84 14.28 -22.27
C THR K 1051 -103.62 15.33 -23.35
N CYS K 1052 -102.69 15.04 -24.25
CA CYS K 1052 -102.35 15.91 -25.35
C CYS K 1052 -102.73 15.27 -26.67
N ILE K 1053 -103.53 15.98 -27.46
CA ILE K 1053 -104.09 15.46 -28.70
C ILE K 1053 -103.48 16.24 -29.86
N LEU K 1054 -102.83 15.53 -30.77
CA LEU K 1054 -102.19 16.13 -31.93
C LEU K 1054 -103.26 16.50 -32.94
N HIS K 1055 -103.19 17.72 -33.48
CA HIS K 1055 -104.24 18.21 -34.36
C HIS K 1055 -103.70 19.34 -35.21
N GLY K 1056 -104.48 19.72 -36.23
CA GLY K 1056 -104.09 20.76 -37.15
C GLY K 1056 -104.88 22.04 -36.94
N PRO K 1057 -104.20 23.18 -36.73
CA PRO K 1057 -104.97 24.42 -36.50
C PRO K 1057 -105.85 24.83 -37.67
N VAL K 1058 -105.40 24.61 -38.90
CA VAL K 1058 -106.19 24.99 -40.07
C VAL K 1058 -107.22 23.92 -40.41
N ALA K 1059 -106.84 22.65 -40.28
CA ALA K 1059 -107.77 21.56 -40.55
C ALA K 1059 -108.88 21.46 -39.51
N ALA K 1060 -108.70 22.07 -38.33
CA ALA K 1060 -109.72 22.02 -37.31
C ALA K 1060 -110.96 22.83 -37.65
N GLN K 1061 -110.89 23.71 -38.65
CA GLN K 1061 -112.05 24.50 -39.04
C GLN K 1061 -113.20 23.64 -39.55
N PHE K 1062 -112.89 22.51 -40.19
CA PHE K 1062 -113.89 21.64 -40.79
C PHE K 1062 -114.19 20.41 -39.95
N THR K 1063 -113.61 20.31 -38.75
CA THR K 1063 -113.76 19.15 -37.89
C THR K 1063 -114.83 19.48 -36.84
N LYS K 1064 -116.09 19.31 -37.24
CA LYS K 1064 -117.23 19.68 -36.41
C LYS K 1064 -118.06 18.49 -35.98
N VAL K 1065 -118.57 17.70 -36.93
CA VAL K 1065 -119.52 16.64 -36.61
C VAL K 1065 -118.76 15.44 -36.06
N ILE K 1066 -119.19 14.92 -34.93
CA ILE K 1066 -118.50 13.86 -34.21
C ILE K 1066 -119.11 12.52 -34.62
N ASP K 1067 -118.25 11.49 -34.65
CA ASP K 1067 -118.66 10.11 -34.93
C ASP K 1067 -119.26 9.94 -36.32
N GLU K 1068 -118.82 10.76 -37.28
CA GLU K 1068 -119.16 10.55 -38.67
C GLU K 1068 -118.22 9.51 -39.26
N PRO K 1069 -118.70 8.41 -39.83
CA PRO K 1069 -117.78 7.37 -40.28
C PRO K 1069 -116.86 7.86 -41.39
N ILE K 1070 -115.67 7.26 -41.45
CA ILE K 1070 -114.69 7.63 -42.48
C ILE K 1070 -115.30 7.45 -43.86
N LYS K 1071 -116.10 6.40 -44.04
CA LYS K 1071 -116.82 6.20 -45.29
C LYS K 1071 -117.64 7.43 -45.63
N SER K 1072 -118.44 7.91 -44.67
CA SER K 1072 -119.30 9.06 -44.94
C SER K 1072 -118.47 10.32 -45.24
N ILE K 1073 -117.41 10.56 -44.46
CA ILE K 1073 -116.63 11.78 -44.65
C ILE K 1073 -115.97 11.78 -46.03
N MET K 1074 -115.28 10.69 -46.37
CA MET K 1074 -114.56 10.64 -47.63
C MET K 1074 -115.51 10.60 -48.81
N ASP K 1075 -116.64 9.91 -48.69
CA ASP K 1075 -117.64 9.94 -49.75
C ASP K 1075 -118.20 11.34 -49.93
N GLY K 1076 -118.44 12.06 -48.83
CA GLY K 1076 -118.91 13.43 -48.96
C GLY K 1076 -117.93 14.31 -49.71
N ILE K 1077 -116.64 14.19 -49.37
CA ILE K 1077 -115.63 14.98 -50.08
C ILE K 1077 -115.59 14.59 -51.56
N HIS K 1078 -115.64 13.28 -51.83
CA HIS K 1078 -115.55 12.82 -53.22
C HIS K 1078 -116.75 13.27 -54.04
N ASP K 1079 -117.96 13.18 -53.48
CA ASP K 1079 -119.14 13.64 -54.22
C ASP K 1079 -119.15 15.15 -54.37
N GLY K 1080 -118.61 15.88 -53.39
CA GLY K 1080 -118.46 17.31 -53.58
C GLY K 1080 -117.57 17.64 -54.76
N HIS K 1081 -116.41 16.98 -54.83
CA HIS K 1081 -115.51 17.19 -55.96
C HIS K 1081 -116.19 16.78 -57.27
N ILE K 1082 -116.88 15.65 -57.27
CA ILE K 1082 -117.53 15.16 -58.48
C ILE K 1082 -118.60 16.13 -58.94
N LYS K 1083 -119.42 16.63 -58.01
CA LYS K 1083 -120.49 17.55 -58.38
C LYS K 1083 -119.92 18.85 -58.93
N LYS K 1084 -118.88 19.39 -58.30
CA LYS K 1084 -118.30 20.63 -58.79
C LYS K 1084 -117.66 20.44 -60.16
N LEU K 1085 -116.94 19.32 -60.35
CA LEU K 1085 -116.35 19.06 -61.66
C LEU K 1085 -117.43 18.88 -62.72
N LEU K 1086 -118.52 18.18 -62.38
CA LEU K 1086 -119.60 17.98 -63.33
C LEU K 1086 -120.25 19.30 -63.71
N HIS K 1087 -120.48 20.17 -62.72
CA HIS K 1087 -121.08 21.47 -63.00
C HIS K 1087 -120.17 22.30 -63.89
N GLN K 1088 -118.86 22.30 -63.61
CA GLN K 1088 -117.97 23.23 -64.30
C GLN K 1088 -117.55 22.72 -65.67
N TYR K 1089 -116.95 21.53 -65.75
CA TYR K 1089 -116.35 21.07 -66.99
C TYR K 1089 -117.14 19.96 -67.68
N TYR K 1090 -118.37 19.67 -67.25
CA TYR K 1090 -119.22 18.73 -67.97
C TYR K 1090 -120.63 19.26 -68.15
N GLY K 1091 -121.03 20.22 -67.33
CA GLY K 1091 -122.34 20.85 -67.49
C GLY K 1091 -123.46 20.07 -66.85
N ASP K 1092 -123.19 19.43 -65.72
CA ASP K 1092 -124.19 18.68 -64.95
C ASP K 1092 -124.83 17.60 -65.83
N ASP K 1093 -123.98 16.75 -66.40
CA ASP K 1093 -124.43 15.67 -67.27
C ASP K 1093 -123.45 14.51 -67.11
N GLU K 1094 -123.88 13.47 -66.39
CA GLU K 1094 -123.03 12.31 -66.18
C GLU K 1094 -122.76 11.55 -67.47
N SER K 1095 -123.62 11.70 -68.48
CA SER K 1095 -123.41 11.01 -69.74
C SER K 1095 -122.13 11.49 -70.43
N LYS K 1096 -121.70 12.72 -70.15
CA LYS K 1096 -120.45 13.22 -70.72
C LYS K 1096 -119.22 12.57 -70.10
N ILE K 1097 -119.38 11.86 -68.99
CA ILE K 1097 -118.23 11.23 -68.33
C ILE K 1097 -117.78 10.04 -69.16
N PRO K 1098 -116.50 9.93 -69.55
CA PRO K 1098 -116.06 8.71 -70.23
C PRO K 1098 -116.18 7.49 -69.33
N ALA K 1099 -116.44 6.34 -69.96
CA ALA K 1099 -116.61 5.08 -69.27
C ALA K 1099 -115.53 4.10 -69.72
N VAL K 1100 -114.98 3.36 -68.75
CA VAL K 1100 -114.02 2.29 -68.99
C VAL K 1100 -114.48 1.06 -68.24
N GLU K 1101 -113.99 -0.10 -68.66
CA GLU K 1101 -114.38 -1.34 -68.00
C GLU K 1101 -113.89 -1.37 -66.56
N TYR K 1102 -112.65 -0.96 -66.33
CA TYR K 1102 -112.12 -0.81 -64.98
C TYR K 1102 -111.20 0.40 -64.94
N PHE K 1103 -111.13 1.04 -63.78
CA PHE K 1103 -110.37 2.28 -63.59
C PHE K 1103 -109.25 2.04 -62.58
N GLY K 1104 -108.03 2.00 -63.06
CA GLY K 1104 -106.87 1.84 -62.20
C GLY K 1104 -105.73 1.19 -62.93
N GLY K 1105 -104.60 1.10 -62.22
CA GLY K 1105 -103.43 0.41 -62.73
C GLY K 1105 -102.66 1.14 -63.80
N GLU K 1106 -103.01 2.39 -64.10
CA GLU K 1106 -102.34 3.15 -65.15
C GLU K 1106 -101.19 3.93 -64.54
N SER K 1107 -99.98 3.63 -64.97
CA SER K 1107 -98.80 4.27 -64.41
C SER K 1107 -98.79 5.76 -64.77
N PRO K 1108 -98.27 6.62 -63.90
CA PRO K 1108 -98.19 8.06 -64.27
C PRO K 1108 -97.26 8.34 -65.43
N VAL K 1109 -96.33 7.43 -65.73
CA VAL K 1109 -95.38 7.66 -66.81
C VAL K 1109 -96.00 7.27 -68.14
N GLU K 1122 -107.14 -3.70 -84.27
CA GLU K 1122 -107.11 -4.80 -85.24
C GLU K 1122 -107.86 -6.01 -84.67
N ASP K 1123 -108.91 -6.43 -85.38
CA ASP K 1123 -109.71 -7.56 -84.91
C ASP K 1123 -108.89 -8.84 -84.89
N SER K 1124 -108.11 -9.09 -85.93
CA SER K 1124 -107.29 -10.28 -86.06
C SER K 1124 -105.84 -9.85 -86.22
N ALA K 1125 -105.03 -10.11 -85.20
CA ALA K 1125 -103.64 -9.66 -85.17
C ALA K 1125 -102.71 -10.84 -84.90
N VAL K 1126 -101.50 -10.76 -85.46
CA VAL K 1126 -100.46 -11.75 -85.22
C VAL K 1126 -99.19 -11.00 -84.84
N PHE K 1127 -98.68 -11.29 -83.64
CA PHE K 1127 -97.47 -10.68 -83.11
C PHE K 1127 -96.40 -11.75 -82.96
N LYS K 1128 -95.15 -11.37 -83.20
CA LYS K 1128 -94.02 -12.28 -83.08
C LYS K 1128 -92.98 -11.66 -82.16
N ALA K 1129 -92.46 -12.47 -81.23
CA ALA K 1129 -91.49 -12.02 -80.25
C ALA K 1129 -90.10 -12.43 -80.70
N THR K 1130 -89.16 -11.48 -80.66
CA THR K 1130 -87.78 -11.70 -81.04
C THR K 1130 -86.89 -11.44 -79.82
N SER K 1131 -85.59 -11.66 -80.01
CA SER K 1131 -84.64 -11.40 -78.94
C SER K 1131 -84.59 -9.92 -78.58
N SER K 1132 -84.63 -9.05 -79.58
CA SER K 1132 -84.50 -7.61 -79.38
C SER K 1132 -85.83 -6.91 -79.14
N THR K 1133 -86.95 -7.63 -79.17
CA THR K 1133 -88.25 -7.00 -78.98
C THR K 1133 -88.36 -6.40 -77.59
N ASP K 1134 -88.94 -5.20 -77.52
CA ASP K 1134 -89.10 -4.51 -76.25
C ASP K 1134 -90.30 -5.09 -75.50
N GLU K 1135 -90.08 -5.48 -74.24
CA GLU K 1135 -91.11 -6.17 -73.48
C GLU K 1135 -92.30 -5.27 -73.21
N GLU K 1136 -92.06 -4.00 -72.90
CA GLU K 1136 -93.17 -3.09 -72.61
C GLU K 1136 -94.04 -2.87 -73.85
N SER K 1137 -93.40 -2.66 -75.01
CA SER K 1137 -94.17 -2.51 -76.24
C SER K 1137 -94.91 -3.79 -76.59
N TRP K 1138 -94.27 -4.93 -76.36
CA TRP K 1138 -94.92 -6.21 -76.61
C TRP K 1138 -96.19 -6.36 -75.78
N PHE K 1139 -96.09 -6.05 -74.48
CA PHE K 1139 -97.25 -6.18 -73.61
C PHE K 1139 -98.32 -5.15 -73.95
N LYS K 1140 -97.92 -3.93 -74.31
CA LYS K 1140 -98.90 -2.94 -74.74
C LYS K 1140 -99.65 -3.41 -75.99
N ALA K 1141 -98.92 -3.97 -76.95
CA ALA K 1141 -99.57 -4.45 -78.17
C ALA K 1141 -100.52 -5.60 -77.88
N LEU K 1142 -100.11 -6.54 -77.01
CA LEU K 1142 -101.00 -7.64 -76.66
C LEU K 1142 -102.23 -7.13 -75.93
N ALA K 1143 -102.05 -6.15 -75.03
CA ALA K 1143 -103.18 -5.61 -74.28
C ALA K 1143 -104.17 -4.91 -75.19
N GLY K 1144 -103.68 -4.12 -76.15
CA GLY K 1144 -104.54 -3.37 -77.04
C GLY K 1144 -104.95 -2.03 -76.45
N SER K 1145 -105.67 -1.26 -77.27
CA SER K 1145 -106.05 0.09 -76.89
C SER K 1145 -107.25 0.08 -75.93
N GLU K 1146 -108.27 -0.73 -76.22
CA GLU K 1146 -109.49 -0.71 -75.42
C GLU K 1146 -109.24 -1.32 -74.05
N ILE K 1147 -109.88 -0.74 -73.03
CA ILE K 1147 -109.71 -1.19 -71.66
C ILE K 1147 -110.67 -2.35 -71.42
N ASN K 1148 -110.12 -3.50 -71.01
CA ASN K 1148 -110.93 -4.70 -70.82
C ASN K 1148 -110.08 -5.74 -70.09
N TRP K 1149 -110.62 -6.95 -69.99
CA TRP K 1149 -109.92 -8.04 -69.31
C TRP K 1149 -108.57 -8.32 -69.96
N ARG K 1150 -108.48 -8.20 -71.28
CA ARG K 1150 -107.20 -8.39 -71.95
C ARG K 1150 -106.21 -7.32 -71.53
N HIS K 1151 -106.67 -6.07 -71.44
CA HIS K 1151 -105.83 -4.98 -70.95
C HIS K 1151 -105.31 -5.29 -69.56
N ALA K 1152 -106.20 -5.70 -68.66
CA ALA K 1152 -105.79 -6.03 -67.30
C ALA K 1152 -104.81 -7.19 -67.28
N SER K 1153 -105.08 -8.23 -68.09
CA SER K 1153 -104.23 -9.41 -68.08
C SER K 1153 -102.82 -9.08 -68.54
N PHE K 1154 -102.68 -8.24 -69.56
CA PHE K 1154 -101.39 -7.98 -70.16
C PHE K 1154 -100.73 -6.70 -69.67
N LEU K 1155 -101.34 -5.98 -68.72
CA LEU K 1155 -100.70 -4.79 -68.17
C LEU K 1155 -100.71 -4.74 -66.65
N CYS K 1156 -101.68 -5.39 -66.01
CA CYS K 1156 -101.71 -5.39 -64.56
C CYS K 1156 -100.51 -6.16 -64.01
N SER K 1157 -99.74 -5.50 -63.15
CA SER K 1157 -98.49 -6.10 -62.69
C SER K 1157 -98.71 -7.19 -61.66
N PHE K 1158 -99.80 -7.12 -60.90
CA PHE K 1158 -100.09 -8.08 -59.84
C PHE K 1158 -101.50 -8.62 -59.99
N ILE K 1159 -101.68 -9.85 -59.56
CA ILE K 1159 -103.00 -10.47 -59.47
C ILE K 1159 -103.28 -10.77 -57.99
N THR K 1160 -104.56 -11.00 -57.70
CA THR K 1160 -105.02 -11.20 -56.33
C THR K 1160 -105.14 -12.69 -56.05
N GLN K 1161 -104.39 -13.17 -55.07
CA GLN K 1161 -104.52 -14.53 -54.57
C GLN K 1161 -105.73 -14.56 -53.63
N ASP K 1162 -105.83 -15.60 -52.79
CA ASP K 1162 -106.95 -15.72 -51.87
C ASP K 1162 -107.16 -14.43 -51.08
N LYS K 1163 -106.09 -13.86 -50.55
CA LYS K 1163 -106.13 -12.49 -50.06
C LYS K 1163 -104.82 -11.74 -50.33
N MET K 1164 -103.94 -12.30 -51.16
CA MET K 1164 -102.56 -11.86 -51.26
C MET K 1164 -102.29 -11.36 -52.67
N PHE K 1165 -101.20 -10.63 -52.84
CA PHE K 1165 -100.81 -10.05 -54.12
C PHE K 1165 -99.54 -10.72 -54.62
N VAL K 1166 -99.58 -11.20 -55.86
CA VAL K 1166 -98.46 -11.90 -56.49
C VAL K 1166 -98.31 -11.38 -57.91
N SER K 1167 -97.15 -11.65 -58.50
CA SER K 1167 -96.89 -11.24 -59.88
C SER K 1167 -97.94 -11.80 -60.82
N ASN K 1168 -98.03 -11.21 -62.01
CA ASN K 1168 -99.08 -11.59 -62.95
C ASN K 1168 -98.66 -12.82 -63.73
N PRO K 1169 -99.30 -13.98 -63.54
CA PRO K 1169 -98.89 -15.17 -64.30
C PRO K 1169 -99.08 -15.00 -65.79
N ILE K 1170 -100.08 -14.24 -66.24
CA ILE K 1170 -100.26 -14.02 -67.67
C ILE K 1170 -99.04 -13.31 -68.24
N ARG K 1171 -98.57 -12.26 -67.56
CA ARG K 1171 -97.38 -11.56 -68.03
C ARG K 1171 -96.15 -12.46 -68.00
N LYS K 1172 -95.99 -13.23 -66.92
CA LYS K 1172 -94.84 -14.13 -66.84
C LYS K 1172 -94.85 -15.14 -67.96
N VAL K 1173 -96.03 -15.69 -68.28
CA VAL K 1173 -96.14 -16.69 -69.34
C VAL K 1173 -95.89 -16.06 -70.71
N PHE K 1174 -96.49 -14.89 -70.96
CA PHE K 1174 -96.38 -14.21 -72.23
C PHE K 1174 -95.16 -13.31 -72.32
N LYS K 1175 -94.18 -13.49 -71.43
CA LYS K 1175 -92.93 -12.78 -71.54
C LYS K 1175 -92.30 -13.05 -72.91
N PRO K 1176 -91.92 -12.02 -73.67
CA PRO K 1176 -91.48 -12.26 -75.05
C PRO K 1176 -90.14 -13.00 -75.10
N SER K 1177 -89.96 -13.77 -76.17
CA SER K 1177 -88.71 -14.44 -76.45
C SER K 1177 -88.76 -14.90 -77.90
N GLN K 1178 -87.61 -15.35 -78.41
CA GLN K 1178 -87.55 -15.77 -79.80
C GLN K 1178 -88.42 -17.00 -80.02
N GLY K 1179 -89.21 -16.98 -81.10
CA GLY K 1179 -90.03 -18.11 -81.49
C GLY K 1179 -91.48 -18.04 -81.04
N MET K 1180 -91.86 -17.08 -80.21
CA MET K 1180 -93.22 -16.98 -79.71
C MET K 1180 -94.09 -16.21 -80.70
N VAL K 1181 -95.25 -16.77 -81.03
CA VAL K 1181 -96.21 -16.15 -81.94
C VAL K 1181 -97.57 -16.10 -81.25
N VAL K 1182 -98.12 -14.90 -81.13
CA VAL K 1182 -99.39 -14.68 -80.44
C VAL K 1182 -100.42 -14.22 -81.47
N GLU K 1183 -101.53 -14.95 -81.55
CA GLU K 1183 -102.59 -14.68 -82.49
C GLU K 1183 -103.82 -14.25 -81.70
N ILE K 1184 -104.24 -13.00 -81.87
CA ILE K 1184 -105.37 -12.43 -81.16
C ILE K 1184 -106.53 -12.37 -82.16
N SER K 1185 -107.61 -13.07 -81.83
CA SER K 1185 -108.79 -13.16 -82.68
C SER K 1185 -109.97 -12.48 -81.98
N ASN K 1186 -110.76 -11.73 -82.75
CA ASN K 1186 -111.90 -10.99 -82.24
C ASN K 1186 -111.46 -10.01 -81.15
N GLY K 1187 -110.38 -9.28 -81.44
CA GLY K 1187 -109.87 -8.31 -80.48
C GLY K 1187 -110.84 -7.19 -80.21
N ASN K 1188 -111.62 -6.80 -81.22
CA ASN K 1188 -112.60 -5.73 -81.03
C ASN K 1188 -113.66 -6.13 -80.00
N THR K 1189 -114.14 -7.37 -80.07
CA THR K 1189 -115.15 -7.87 -79.15
C THR K 1189 -114.44 -8.48 -77.95
N SER K 1190 -114.55 -7.84 -76.79
CA SER K 1190 -113.87 -8.34 -75.59
C SER K 1190 -114.43 -9.68 -75.17
N SER K 1191 -115.74 -9.87 -75.29
CA SER K 1191 -116.37 -11.11 -74.86
C SER K 1191 -115.84 -12.31 -75.65
N LYS K 1192 -115.69 -12.15 -76.96
CA LYS K 1192 -115.24 -13.23 -77.83
C LYS K 1192 -113.75 -13.19 -78.15
N THR K 1193 -113.00 -12.28 -77.53
CA THR K 1193 -111.57 -12.17 -77.81
C THR K 1193 -110.85 -13.41 -77.31
N VAL K 1194 -109.92 -13.93 -78.12
CA VAL K 1194 -109.13 -15.10 -77.77
C VAL K 1194 -107.68 -14.85 -78.17
N VAL K 1195 -106.76 -15.12 -77.25
CA VAL K 1195 -105.33 -14.90 -77.47
C VAL K 1195 -104.63 -16.25 -77.40
N THR K 1196 -104.05 -16.68 -78.52
CA THR K 1196 -103.40 -17.98 -78.61
C THR K 1196 -101.90 -17.78 -78.82
N LEU K 1197 -101.10 -18.23 -77.85
CA LEU K 1197 -99.65 -18.18 -77.91
C LEU K 1197 -99.12 -19.55 -78.30
N SER K 1198 -98.28 -19.57 -79.35
CA SER K 1198 -97.66 -20.78 -79.86
C SER K 1198 -96.14 -20.62 -79.83
N GLU K 1199 -95.46 -21.70 -79.54
CA GLU K 1199 -94.00 -21.76 -79.49
C GLU K 1199 -93.53 -23.00 -80.23
N PRO K 1200 -92.26 -23.05 -80.66
CA PRO K 1200 -91.76 -24.26 -81.33
C PRO K 1200 -91.71 -25.44 -80.38
N VAL K 1201 -92.50 -26.48 -80.68
CA VAL K 1201 -92.53 -27.71 -79.90
C VAL K 1201 -92.20 -28.86 -80.84
N GLN K 1202 -91.14 -29.59 -80.54
CA GLN K 1202 -90.68 -30.70 -81.38
C GLN K 1202 -90.44 -30.21 -82.81
N GLY K 1203 -89.85 -29.03 -82.93
CA GLY K 1203 -89.57 -28.44 -84.23
C GLY K 1203 -90.73 -27.62 -84.76
N GLU K 1204 -91.89 -28.25 -84.91
CA GLU K 1204 -93.05 -27.56 -85.45
C GLU K 1204 -93.63 -26.59 -84.42
N LEU K 1205 -94.52 -25.71 -84.90
CA LEU K 1205 -95.17 -24.71 -84.06
C LEU K 1205 -96.56 -25.22 -83.70
N LYS K 1206 -96.85 -25.27 -82.41
CA LYS K 1206 -98.13 -25.73 -81.89
C LYS K 1206 -98.64 -24.75 -80.84
N PRO K 1207 -99.95 -24.68 -80.61
CA PRO K 1207 -100.46 -23.82 -79.54
C PRO K 1207 -99.91 -24.25 -78.19
N THR K 1208 -99.60 -23.25 -77.36
CA THR K 1208 -99.05 -23.48 -76.02
C THR K 1208 -99.89 -22.84 -74.93
N VAL K 1209 -100.53 -21.70 -75.20
CA VAL K 1209 -101.40 -21.05 -74.23
C VAL K 1209 -102.60 -20.48 -74.97
N ILE K 1210 -103.78 -20.56 -74.34
CA ILE K 1210 -104.99 -19.97 -74.87
C ILE K 1210 -105.66 -19.18 -73.76
N LEU K 1211 -105.83 -17.88 -73.97
CA LEU K 1211 -106.44 -16.98 -73.00
C LEU K 1211 -107.79 -16.50 -73.54
N LYS K 1212 -108.85 -16.71 -72.77
CA LYS K 1212 -110.19 -16.33 -73.20
C LYS K 1212 -111.04 -16.11 -71.96
N LEU K 1213 -112.35 -15.94 -72.18
CA LEU K 1213 -113.34 -15.80 -71.11
C LEU K 1213 -114.21 -17.04 -71.09
N LEU K 1214 -113.94 -17.94 -70.14
CA LEU K 1214 -114.82 -19.09 -69.94
C LEU K 1214 -116.19 -18.63 -69.50
N LYS K 1215 -116.25 -17.66 -68.60
CA LYS K 1215 -117.49 -17.11 -68.05
C LYS K 1215 -117.44 -15.60 -68.23
N GLU K 1216 -118.57 -14.93 -67.99
CA GLU K 1216 -118.57 -13.48 -68.15
C GLU K 1216 -117.67 -12.80 -67.13
N ASN K 1217 -117.39 -13.44 -65.99
CA ASN K 1217 -116.55 -12.88 -64.94
C ASN K 1217 -115.29 -13.70 -64.69
N ILE K 1218 -114.98 -14.66 -65.57
CA ILE K 1218 -113.85 -15.57 -65.37
C ILE K 1218 -112.95 -15.49 -66.60
N ILE K 1219 -111.64 -15.38 -66.37
CA ILE K 1219 -110.63 -15.43 -67.41
C ILE K 1219 -109.95 -16.79 -67.32
N GLN K 1220 -109.98 -17.54 -68.41
CA GLN K 1220 -109.39 -18.87 -68.48
C GLN K 1220 -108.11 -18.82 -69.29
N MET K 1221 -107.02 -19.31 -68.71
CA MET K 1221 -105.73 -19.43 -69.38
C MET K 1221 -105.40 -20.93 -69.45
N GLU K 1222 -105.81 -21.58 -70.53
CA GLU K 1222 -105.51 -22.99 -70.75
C GLU K 1222 -104.06 -23.08 -71.24
N MET K 1223 -103.18 -23.61 -70.38
CA MET K 1223 -101.79 -23.84 -70.75
C MET K 1223 -101.66 -25.28 -71.23
N ILE K 1224 -101.41 -25.45 -72.53
CA ILE K 1224 -101.43 -26.75 -73.18
C ILE K 1224 -100.01 -27.31 -73.17
N GLU K 1225 -99.90 -28.61 -72.86
CA GLU K 1225 -98.64 -29.34 -72.91
C GLU K 1225 -98.74 -30.34 -74.05
N ASN K 1226 -98.08 -30.04 -75.17
CA ASN K 1226 -98.17 -30.90 -76.34
C ASN K 1226 -97.38 -32.19 -76.17
N ARG K 1227 -96.43 -32.23 -75.24
CA ARG K 1227 -95.62 -33.41 -74.98
C ARG K 1227 -96.37 -34.29 -73.97
N THR K 1228 -96.99 -35.37 -74.46
CA THR K 1228 -97.80 -36.24 -73.63
C THR K 1228 -97.45 -37.69 -73.96
N MET K 1229 -98.04 -38.60 -73.18
CA MET K 1229 -97.78 -40.03 -73.38
C MET K 1229 -98.35 -40.49 -74.71
N ASP K 1230 -99.62 -40.19 -74.96
CA ASP K 1230 -100.30 -40.59 -76.19
C ASP K 1230 -100.22 -39.53 -77.29
N GLY K 1231 -99.58 -38.39 -77.04
CA GLY K 1231 -99.43 -37.35 -78.01
C GLY K 1231 -100.58 -36.37 -78.09
N LYS K 1232 -101.73 -36.70 -77.51
CA LYS K 1232 -102.85 -35.78 -77.51
C LYS K 1232 -102.55 -34.63 -76.54
N PRO K 1233 -102.82 -33.38 -76.91
CA PRO K 1233 -102.50 -32.27 -76.00
C PRO K 1233 -103.34 -32.33 -74.73
N VAL K 1234 -102.73 -31.89 -73.63
CA VAL K 1234 -103.38 -31.80 -72.33
C VAL K 1234 -103.26 -30.36 -71.85
N SER K 1235 -104.39 -29.78 -71.45
CA SER K 1235 -104.47 -28.37 -71.10
C SER K 1235 -104.77 -28.21 -69.62
N LEU K 1236 -104.17 -27.19 -69.01
CA LEU K 1236 -104.38 -26.86 -67.61
C LEU K 1236 -105.23 -25.59 -67.53
N PRO K 1237 -106.56 -25.68 -67.35
CA PRO K 1237 -107.37 -24.46 -67.30
C PRO K 1237 -107.15 -23.69 -66.01
N LEU K 1238 -106.43 -22.58 -66.11
CA LEU K 1238 -106.18 -21.69 -64.98
C LEU K 1238 -107.26 -20.60 -65.01
N LEU K 1239 -108.14 -20.62 -64.01
CA LEU K 1239 -109.27 -19.71 -63.96
C LEU K 1239 -108.90 -18.50 -63.10
N TYR K 1240 -109.20 -17.31 -63.61
CA TYR K 1240 -109.03 -16.06 -62.88
C TYR K 1240 -110.32 -15.26 -62.93
N ASN K 1241 -110.81 -14.87 -61.76
CA ASN K 1241 -111.98 -14.01 -61.70
C ASN K 1241 -111.60 -12.59 -62.10
N PHE K 1242 -112.47 -11.95 -62.88
CA PHE K 1242 -112.27 -10.58 -63.33
C PHE K 1242 -113.31 -9.69 -62.67
N ASN K 1243 -112.84 -8.74 -61.85
CA ASN K 1243 -113.69 -7.84 -61.09
C ASN K 1243 -113.43 -6.40 -61.57
N PRO K 1244 -114.25 -5.85 -62.45
CA PRO K 1244 -114.01 -4.46 -62.87
C PRO K 1244 -114.14 -3.45 -61.73
N ASP K 1245 -114.86 -3.79 -60.67
CA ASP K 1245 -115.03 -2.85 -59.56
C ASP K 1245 -113.69 -2.57 -58.88
N ASN K 1246 -112.86 -3.59 -58.70
CA ASN K 1246 -111.53 -3.43 -58.13
C ASN K 1246 -110.57 -3.14 -59.28
N GLY K 1247 -110.44 -1.85 -59.62
CA GLY K 1247 -109.64 -1.47 -60.76
C GLY K 1247 -108.16 -1.60 -60.56
N PHE K 1248 -107.69 -1.58 -59.31
CA PHE K 1248 -106.25 -1.72 -59.06
C PHE K 1248 -105.78 -3.14 -59.36
N ALA K 1249 -106.52 -4.13 -58.90
CA ALA K 1249 -106.20 -5.55 -59.10
C ALA K 1249 -107.44 -6.28 -59.55
N PRO K 1250 -107.92 -6.01 -60.77
CA PRO K 1250 -109.16 -6.66 -61.23
C PRO K 1250 -109.06 -8.17 -61.34
N ILE K 1251 -107.88 -8.71 -61.61
CA ILE K 1251 -107.71 -10.13 -61.87
C ILE K 1251 -107.31 -10.82 -60.57
N SER K 1252 -108.04 -11.87 -60.21
CA SER K 1252 -107.80 -12.61 -58.98
C SER K 1252 -107.73 -14.10 -59.27
N GLU K 1253 -106.70 -14.77 -58.76
CA GLU K 1253 -106.59 -16.21 -58.93
C GLU K 1253 -107.76 -16.91 -58.25
N VAL K 1254 -108.32 -17.91 -58.95
CA VAL K 1254 -109.38 -18.75 -58.39
C VAL K 1254 -108.68 -19.91 -57.71
N MET K 1255 -108.53 -19.82 -56.38
CA MET K 1255 -107.81 -20.84 -55.63
C MET K 1255 -108.63 -22.11 -55.45
N GLU K 1256 -109.95 -22.05 -55.62
CA GLU K 1256 -110.79 -23.22 -55.43
C GLU K 1256 -110.62 -24.17 -56.61
N ASP K 1257 -110.27 -25.42 -56.31
CA ASP K 1257 -110.04 -26.49 -57.28
C ASP K 1257 -108.74 -26.30 -58.05
N ARG K 1258 -107.89 -25.33 -57.69
CA ARG K 1258 -106.67 -25.09 -58.44
C ARG K 1258 -105.71 -26.26 -58.31
N ASN K 1259 -105.45 -26.71 -57.08
CA ASN K 1259 -104.59 -27.87 -56.88
C ASN K 1259 -105.19 -29.10 -57.53
N GLN K 1260 -106.52 -29.24 -57.49
CA GLN K 1260 -107.16 -30.38 -58.13
C GLN K 1260 -106.93 -30.37 -59.63
N ARG K 1261 -107.04 -29.20 -60.26
CA ARG K 1261 -106.85 -29.12 -61.71
C ARG K 1261 -105.38 -29.38 -62.07
N ILE K 1262 -104.45 -28.84 -61.28
CA ILE K 1262 -103.04 -29.10 -61.54
C ILE K 1262 -102.75 -30.59 -61.40
N LYS K 1263 -103.30 -31.23 -60.37
CA LYS K 1263 -103.11 -32.65 -60.18
C LYS K 1263 -103.73 -33.45 -61.30
N GLU K 1264 -104.88 -33.02 -61.81
CA GLU K 1264 -105.51 -33.73 -62.93
C GLU K 1264 -104.65 -33.64 -64.17
N MET K 1265 -104.10 -32.46 -64.46
CA MET K 1265 -103.21 -32.34 -65.62
C MET K 1265 -101.97 -33.20 -65.45
N TYR K 1266 -101.37 -33.18 -64.26
CA TYR K 1266 -100.18 -34.00 -64.04
C TYR K 1266 -100.52 -35.49 -64.08
N TRP K 1267 -101.72 -35.86 -63.65
CA TRP K 1267 -102.16 -37.24 -63.76
C TRP K 1267 -102.28 -37.66 -65.22
N LYS K 1268 -102.87 -36.80 -66.04
CA LYS K 1268 -102.96 -37.10 -67.47
C LYS K 1268 -101.57 -37.24 -68.08
N LEU K 1269 -100.61 -36.43 -67.60
CA LEU K 1269 -99.27 -36.48 -68.16
C LEU K 1269 -98.52 -37.73 -67.72
N TRP K 1270 -98.59 -38.08 -66.44
CA TRP K 1270 -97.76 -39.14 -65.87
C TRP K 1270 -98.47 -40.48 -65.86
N ILE K 1271 -99.62 -40.56 -65.21
CA ILE K 1271 -100.31 -41.81 -64.95
C ILE K 1271 -101.26 -42.10 -66.10
N ASP K 1272 -101.39 -43.37 -66.46
CA ASP K 1272 -102.21 -43.82 -67.58
C ASP K 1272 -103.39 -44.66 -67.09
N GLU K 1273 -104.03 -44.21 -66.03
CA GLU K 1273 -105.16 -44.86 -65.39
C GLU K 1273 -106.26 -43.82 -65.18
N PRO K 1274 -107.50 -44.27 -64.92
CA PRO K 1274 -108.58 -43.31 -64.70
C PRO K 1274 -108.27 -42.37 -63.55
N PHE K 1275 -108.65 -41.10 -63.71
CA PHE K 1275 -108.35 -40.08 -62.71
C PHE K 1275 -109.21 -40.31 -61.47
N ASN K 1276 -108.56 -40.66 -60.37
CA ASN K 1276 -109.26 -40.91 -59.11
C ASN K 1276 -108.31 -40.53 -57.98
N LEU K 1277 -108.52 -39.36 -57.40
CA LEU K 1277 -107.67 -38.85 -56.33
C LEU K 1277 -108.12 -39.30 -54.95
N ASP K 1278 -109.30 -39.92 -54.82
CA ASP K 1278 -109.86 -40.29 -53.54
C ASP K 1278 -109.43 -41.72 -53.20
N PHE K 1279 -108.26 -41.85 -52.59
CA PHE K 1279 -107.80 -43.13 -52.07
C PHE K 1279 -106.86 -42.90 -50.90
N ASP K 1280 -106.82 -43.85 -50.00
CA ASP K 1280 -106.11 -43.69 -48.74
C ASP K 1280 -104.59 -43.60 -48.99
N PRO K 1281 -103.89 -42.57 -48.52
CA PRO K 1281 -102.43 -42.58 -48.66
C PRO K 1281 -101.77 -43.72 -47.93
N ARG K 1282 -102.34 -44.20 -46.82
CA ARG K 1282 -101.74 -45.31 -46.10
C ARG K 1282 -101.76 -46.57 -46.95
N ASP K 1283 -102.82 -46.77 -47.73
CA ASP K 1283 -102.90 -47.95 -48.58
C ASP K 1283 -101.76 -47.98 -49.58
N VAL K 1284 -101.26 -49.18 -49.85
CA VAL K 1284 -100.10 -49.33 -50.71
C VAL K 1284 -100.52 -49.22 -52.17
N ILE K 1285 -99.67 -48.56 -52.97
CA ILE K 1285 -99.92 -48.37 -54.39
C ILE K 1285 -99.20 -49.49 -55.14
N LYS K 1286 -99.91 -50.15 -56.05
CA LYS K 1286 -99.35 -51.25 -56.83
C LYS K 1286 -99.34 -50.84 -58.30
N GLY K 1287 -98.14 -50.58 -58.83
CA GLY K 1287 -98.03 -50.19 -60.22
C GLY K 1287 -98.14 -51.37 -61.16
N LYS K 1288 -98.37 -51.05 -62.44
CA LYS K 1288 -98.52 -52.09 -63.44
C LYS K 1288 -97.20 -52.80 -63.68
N ASP K 1289 -97.30 -54.08 -64.05
CA ASP K 1289 -96.11 -54.85 -64.40
C ASP K 1289 -95.42 -54.21 -65.60
N PHE K 1290 -94.09 -54.22 -65.57
CA PHE K 1290 -93.27 -53.60 -66.61
C PHE K 1290 -92.24 -54.59 -67.10
N GLU K 1291 -92.06 -54.63 -68.42
CA GLU K 1291 -91.13 -55.54 -69.07
C GLU K 1291 -89.92 -54.76 -69.54
N ILE K 1292 -88.74 -55.14 -69.05
CA ILE K 1292 -87.50 -54.50 -69.48
C ILE K 1292 -87.17 -55.02 -70.88
N THR K 1293 -86.90 -54.09 -71.79
CA THR K 1293 -86.62 -54.41 -73.18
C THR K 1293 -85.28 -53.82 -73.58
N ALA K 1294 -84.65 -54.48 -74.55
CA ALA K 1294 -83.37 -54.02 -75.05
C ALA K 1294 -83.47 -52.60 -75.58
N LYS K 1295 -84.53 -52.31 -76.32
CA LYS K 1295 -84.72 -50.96 -76.85
C LYS K 1295 -84.84 -49.93 -75.72
N GLU K 1296 -85.63 -50.25 -74.69
CA GLU K 1296 -85.81 -49.30 -73.60
C GLU K 1296 -84.50 -49.03 -72.87
N VAL K 1297 -83.72 -50.08 -72.59
CA VAL K 1297 -82.43 -49.89 -71.94
C VAL K 1297 -81.49 -49.10 -72.85
N TYR K 1298 -81.57 -49.36 -74.16
CA TYR K 1298 -80.73 -48.68 -75.13
C TYR K 1298 -80.96 -47.17 -75.08
N ASP K 1299 -82.24 -46.77 -75.16
CA ASP K 1299 -82.58 -45.35 -75.13
C ASP K 1299 -82.24 -44.73 -73.79
N PHE K 1300 -82.52 -45.44 -72.69
CA PHE K 1300 -82.22 -44.86 -71.38
C PHE K 1300 -80.73 -44.63 -71.21
N THR K 1301 -79.91 -45.61 -71.60
CA THR K 1301 -78.48 -45.47 -71.43
C THR K 1301 -77.94 -44.30 -72.22
N HIS K 1302 -78.35 -44.14 -73.48
CA HIS K 1302 -77.80 -43.02 -74.26
C HIS K 1302 -78.58 -41.72 -74.12
N ALA K 1303 -79.68 -41.70 -73.36
CA ALA K 1303 -80.28 -40.45 -72.93
C ALA K 1303 -79.62 -39.93 -71.66
N VAL K 1304 -79.24 -40.84 -70.76
CA VAL K 1304 -78.56 -40.43 -69.53
C VAL K 1304 -77.09 -40.11 -69.80
N GLY K 1305 -76.43 -40.95 -70.61
CA GLY K 1305 -75.00 -40.85 -70.81
C GLY K 1305 -74.27 -42.00 -70.14
N ASN K 1306 -74.89 -43.18 -70.15
CA ASN K 1306 -74.31 -44.38 -69.57
C ASN K 1306 -73.59 -45.16 -70.67
N ASN K 1307 -72.26 -45.18 -70.61
CA ASN K 1307 -71.44 -45.88 -71.59
C ASN K 1307 -70.87 -47.19 -71.06
N CYS K 1308 -71.39 -47.70 -69.95
CA CYS K 1308 -70.89 -48.94 -69.39
C CYS K 1308 -71.22 -50.11 -70.31
N GLU K 1309 -70.26 -51.01 -70.48
CA GLU K 1309 -70.46 -52.16 -71.36
C GLU K 1309 -71.49 -53.14 -70.83
N ASP K 1310 -71.80 -53.08 -69.53
CA ASP K 1310 -72.76 -54.03 -68.97
C ASP K 1310 -74.15 -53.82 -69.54
N PHE K 1311 -74.49 -52.58 -69.89
CA PHE K 1311 -75.82 -52.26 -70.40
C PHE K 1311 -75.89 -52.28 -71.92
N VAL K 1312 -74.75 -52.36 -72.62
CA VAL K 1312 -74.71 -52.40 -74.07
C VAL K 1312 -74.78 -53.86 -74.50
N SER K 1313 -75.62 -54.14 -75.49
CA SER K 1313 -75.74 -55.50 -75.99
C SER K 1313 -74.41 -55.98 -76.56
N ARG K 1314 -74.00 -57.18 -76.17
CA ARG K 1314 -72.78 -57.80 -76.63
C ARG K 1314 -73.07 -59.26 -76.94
N PRO K 1315 -72.35 -59.86 -77.88
CA PRO K 1315 -72.63 -61.26 -78.23
C PRO K 1315 -72.26 -62.21 -77.10
N ASP K 1316 -73.05 -63.28 -76.99
CA ASP K 1316 -72.80 -64.34 -76.02
C ASP K 1316 -72.70 -63.79 -74.59
N ARG K 1317 -73.58 -62.85 -74.27
CA ARG K 1317 -73.58 -62.23 -72.94
C ARG K 1317 -74.89 -61.49 -72.74
N THR K 1318 -75.52 -61.70 -71.59
CA THR K 1318 -76.78 -61.04 -71.30
C THR K 1318 -76.56 -59.55 -70.99
N MET K 1319 -77.58 -58.76 -71.29
CA MET K 1319 -77.52 -57.31 -71.16
C MET K 1319 -78.19 -56.90 -69.86
N LEU K 1320 -77.45 -56.23 -68.98
CA LEU K 1320 -78.00 -55.74 -67.74
C LEU K 1320 -78.69 -54.39 -67.96
N ALA K 1321 -79.50 -54.00 -66.98
CA ALA K 1321 -80.17 -52.71 -66.97
C ALA K 1321 -79.59 -51.83 -65.86
N PRO K 1322 -79.50 -50.51 -66.08
CA PRO K 1322 -78.86 -49.66 -65.07
C PRO K 1322 -79.69 -49.58 -63.79
N MET K 1323 -79.00 -49.33 -62.68
CA MET K 1323 -79.68 -49.13 -61.41
C MET K 1323 -80.62 -47.94 -61.47
N ASP K 1324 -80.30 -46.94 -62.29
CA ASP K 1324 -81.18 -45.80 -62.50
C ASP K 1324 -82.49 -46.19 -63.19
N PHE K 1325 -82.56 -47.36 -63.80
CA PHE K 1325 -83.78 -47.80 -64.47
C PHE K 1325 -84.91 -48.11 -63.50
N ALA K 1326 -84.62 -48.16 -62.19
CA ALA K 1326 -85.67 -48.45 -61.22
C ALA K 1326 -86.71 -47.33 -61.19
N ILE K 1327 -86.28 -46.07 -61.32
CA ILE K 1327 -87.23 -44.97 -61.34
C ILE K 1327 -88.08 -45.04 -62.61
N VAL K 1328 -87.48 -45.47 -63.73
CA VAL K 1328 -88.26 -45.66 -64.95
C VAL K 1328 -89.30 -46.74 -64.73
N VAL K 1329 -88.92 -47.82 -64.05
CA VAL K 1329 -89.86 -48.91 -63.79
C VAL K 1329 -91.00 -48.44 -62.91
N GLY K 1330 -90.70 -47.71 -61.84
CA GLY K 1330 -91.67 -47.42 -60.80
C GLY K 1330 -92.05 -45.97 -60.62
N TRP K 1331 -91.94 -45.15 -61.67
CA TRP K 1331 -92.37 -43.77 -61.56
C TRP K 1331 -93.88 -43.66 -61.37
N ARG K 1332 -94.64 -44.49 -62.08
CA ARG K 1332 -96.10 -44.42 -61.98
C ARG K 1332 -96.57 -44.75 -60.57
N ALA K 1333 -95.85 -45.61 -59.85
CA ALA K 1333 -96.21 -45.96 -58.48
C ALA K 1333 -95.63 -44.97 -57.48
N ILE K 1334 -94.39 -44.54 -57.68
CA ILE K 1334 -93.76 -43.63 -56.73
C ILE K 1334 -94.44 -42.27 -56.76
N ILE K 1335 -94.67 -41.73 -57.96
CA ILE K 1335 -95.22 -40.38 -58.07
C ILE K 1335 -96.69 -40.34 -57.72
N LYS K 1336 -97.40 -41.46 -57.84
CA LYS K 1336 -98.81 -41.52 -57.45
C LYS K 1336 -99.00 -41.34 -55.95
N ALA K 1337 -97.93 -41.45 -55.16
CA ALA K 1337 -98.04 -41.32 -53.71
C ALA K 1337 -98.35 -39.90 -53.28
N ILE K 1338 -97.85 -38.89 -54.01
CA ILE K 1338 -98.03 -37.49 -53.61
C ILE K 1338 -99.33 -36.90 -54.14
N PHE K 1339 -100.16 -37.69 -54.83
CA PHE K 1339 -101.39 -37.20 -55.46
C PHE K 1339 -102.60 -37.05 -54.55
N PRO K 1340 -102.88 -37.98 -53.61
CA PRO K 1340 -104.17 -37.97 -52.91
C PRO K 1340 -104.57 -36.60 -52.34
N ASN K 1341 -105.88 -36.40 -52.19
CA ASN K 1341 -106.38 -35.12 -51.68
C ASN K 1341 -105.94 -34.89 -50.25
N THR K 1342 -105.75 -35.96 -49.47
CA THR K 1342 -105.25 -35.79 -48.11
C THR K 1342 -103.87 -35.16 -48.11
N VAL K 1343 -102.99 -35.59 -49.01
CA VAL K 1343 -101.68 -34.95 -49.21
C VAL K 1343 -101.89 -33.90 -50.29
N ASP K 1344 -102.37 -32.73 -49.85
CA ASP K 1344 -102.72 -31.65 -50.76
C ASP K 1344 -101.55 -30.69 -50.93
N GLY K 1345 -101.33 -30.24 -52.15
CA GLY K 1345 -100.28 -29.28 -52.42
C GLY K 1345 -100.22 -28.97 -53.90
N ASP K 1346 -99.45 -27.93 -54.21
CA ASP K 1346 -99.29 -27.47 -55.58
C ASP K 1346 -98.22 -28.30 -56.27
N LEU K 1347 -98.63 -29.09 -57.26
CA LEU K 1347 -97.68 -29.97 -57.94
C LEU K 1347 -96.75 -29.18 -58.86
N LEU K 1348 -97.17 -28.01 -59.32
CA LEU K 1348 -96.27 -27.16 -60.09
C LEU K 1348 -95.14 -26.62 -59.22
N LYS K 1349 -95.37 -26.50 -57.92
CA LYS K 1349 -94.35 -26.06 -56.97
C LYS K 1349 -93.65 -27.23 -56.29
N LEU K 1350 -93.86 -28.45 -56.76
CA LEU K 1350 -93.17 -29.60 -56.17
C LEU K 1350 -91.67 -29.50 -56.41
N VAL K 1351 -90.90 -29.86 -55.39
CA VAL K 1351 -89.45 -29.92 -55.46
C VAL K 1351 -89.02 -31.33 -55.08
N HIS K 1352 -88.26 -31.97 -55.95
CA HIS K 1352 -87.71 -33.29 -55.64
C HIS K 1352 -86.48 -33.06 -54.77
N LEU K 1353 -86.62 -33.29 -53.46
CA LEU K 1353 -85.51 -33.06 -52.54
C LEU K 1353 -84.40 -34.05 -52.76
N SER K 1354 -84.74 -35.34 -52.83
CA SER K 1354 -83.73 -36.38 -52.91
C SER K 1354 -84.35 -37.65 -53.48
N ASN K 1355 -83.49 -38.51 -54.01
CA ASN K 1355 -83.87 -39.84 -54.44
C ASN K 1355 -82.78 -40.79 -53.96
N GLY K 1356 -83.06 -42.08 -54.08
CA GLY K 1356 -82.06 -43.07 -53.71
C GLY K 1356 -82.51 -44.46 -54.06
N TYR K 1357 -81.53 -45.33 -54.26
CA TYR K 1357 -81.73 -46.73 -54.57
C TYR K 1357 -80.95 -47.58 -53.58
N LYS K 1358 -81.52 -48.72 -53.23
CA LYS K 1358 -80.91 -49.66 -52.29
C LYS K 1358 -81.14 -51.05 -52.85
N MET K 1359 -80.07 -51.72 -53.28
CA MET K 1359 -80.17 -53.08 -53.78
C MET K 1359 -80.21 -54.03 -52.59
N ILE K 1360 -81.26 -54.83 -52.51
CA ILE K 1360 -81.39 -55.78 -51.41
C ILE K 1360 -80.29 -56.84 -51.53
N PRO K 1361 -79.60 -57.21 -50.44
CA PRO K 1361 -78.55 -58.24 -50.57
C PRO K 1361 -79.13 -59.55 -51.07
N GLY K 1362 -78.32 -60.24 -51.88
CA GLY K 1362 -78.75 -61.48 -52.49
C GLY K 1362 -79.60 -61.32 -53.73
N ALA K 1363 -79.83 -60.10 -54.19
CA ALA K 1363 -80.61 -59.81 -55.38
C ALA K 1363 -79.68 -59.39 -56.50
N LYS K 1364 -79.83 -60.02 -57.66
CA LYS K 1364 -79.01 -59.70 -58.81
C LYS K 1364 -79.47 -58.36 -59.40
N PRO K 1365 -78.61 -57.66 -60.14
CA PRO K 1365 -79.04 -56.42 -60.79
C PRO K 1365 -80.07 -56.69 -61.87
N LEU K 1366 -80.81 -55.63 -62.21
CA LEU K 1366 -81.85 -55.75 -63.22
C LEU K 1366 -81.26 -56.17 -64.56
N GLN K 1367 -81.98 -57.05 -65.25
CA GLN K 1367 -81.56 -57.59 -66.54
C GLN K 1367 -82.63 -57.31 -67.58
N VAL K 1368 -82.23 -57.40 -68.85
CA VAL K 1368 -83.17 -57.23 -69.94
C VAL K 1368 -84.07 -58.46 -70.03
N GLY K 1369 -85.37 -58.22 -70.17
CA GLY K 1369 -86.35 -59.28 -70.34
C GLY K 1369 -87.10 -59.67 -69.08
N ASP K 1370 -86.58 -59.33 -67.91
CA ASP K 1370 -87.26 -59.69 -66.66
C ASP K 1370 -88.47 -58.79 -66.44
N VAL K 1371 -89.45 -59.32 -65.70
CA VAL K 1371 -90.67 -58.61 -65.37
C VAL K 1371 -90.54 -58.12 -63.93
N VAL K 1372 -90.68 -56.81 -63.74
CA VAL K 1372 -90.49 -56.16 -62.44
C VAL K 1372 -91.82 -55.55 -62.00
N SER K 1373 -92.23 -55.87 -60.79
CA SER K 1373 -93.44 -55.32 -60.17
C SER K 1373 -93.02 -54.25 -59.16
N THR K 1374 -93.70 -53.10 -59.21
CA THR K 1374 -93.37 -51.97 -58.37
C THR K 1374 -94.49 -51.72 -57.37
N THR K 1375 -94.12 -51.48 -56.12
CA THR K 1375 -95.07 -51.30 -55.03
C THR K 1375 -94.62 -50.13 -54.16
N ALA K 1376 -95.34 -49.03 -54.22
CA ALA K 1376 -94.99 -47.80 -53.52
C ALA K 1376 -95.80 -47.67 -52.24
N VAL K 1377 -95.19 -47.03 -51.24
CA VAL K 1377 -95.84 -46.74 -49.97
C VAL K 1377 -95.28 -45.43 -49.44
N ILE K 1378 -96.15 -44.57 -48.93
CA ILE K 1378 -95.72 -43.29 -48.36
C ILE K 1378 -95.01 -43.60 -47.05
N GLU K 1379 -93.68 -43.44 -47.04
CA GLU K 1379 -92.93 -43.63 -45.81
C GLU K 1379 -93.35 -42.61 -44.76
N SER K 1380 -93.41 -41.33 -45.14
CA SER K 1380 -93.68 -40.29 -44.15
C SER K 1380 -94.07 -38.97 -44.79
N VAL K 1381 -95.26 -38.46 -44.47
CA VAL K 1381 -95.73 -37.15 -44.94
C VAL K 1381 -95.87 -36.25 -43.73
N VAL K 1382 -95.16 -35.12 -43.74
CA VAL K 1382 -95.13 -34.20 -42.61
C VAL K 1382 -95.26 -32.77 -43.11
N ASN K 1383 -95.77 -31.90 -42.24
CA ASN K 1383 -96.00 -30.49 -42.52
C ASN K 1383 -94.96 -29.66 -41.77
N GLN K 1384 -93.82 -29.42 -42.41
CA GLN K 1384 -92.82 -28.50 -41.88
C GLN K 1384 -93.23 -27.07 -42.20
N PRO K 1385 -92.69 -26.08 -41.48
CA PRO K 1385 -93.15 -24.69 -41.71
C PRO K 1385 -92.96 -24.22 -43.15
N THR K 1386 -91.93 -24.69 -43.83
CA THR K 1386 -91.68 -24.27 -45.21
C THR K 1386 -92.52 -25.03 -46.22
N GLY K 1387 -93.24 -26.08 -45.82
CA GLY K 1387 -94.03 -26.84 -46.76
C GLY K 1387 -94.20 -28.27 -46.27
N LYS K 1388 -94.73 -29.11 -47.15
CA LYS K 1388 -95.03 -30.51 -46.83
C LYS K 1388 -94.00 -31.42 -47.49
N ILE K 1389 -93.32 -32.23 -46.69
CA ILE K 1389 -92.35 -33.21 -47.18
C ILE K 1389 -93.00 -34.58 -47.17
N VAL K 1390 -92.94 -35.26 -48.33
CA VAL K 1390 -93.51 -36.58 -48.53
C VAL K 1390 -92.40 -37.53 -48.93
N ASP K 1391 -92.13 -38.53 -48.11
CA ASP K 1391 -91.13 -39.56 -48.37
C ASP K 1391 -91.84 -40.84 -48.77
N VAL K 1392 -91.47 -41.37 -49.93
CA VAL K 1392 -92.09 -42.54 -50.53
C VAL K 1392 -91.02 -43.61 -50.67
N VAL K 1393 -91.42 -44.88 -50.56
CA VAL K 1393 -90.54 -46.02 -50.74
C VAL K 1393 -91.21 -46.97 -51.72
N GLY K 1394 -90.54 -47.25 -52.82
CA GLY K 1394 -91.05 -48.15 -53.85
C GLY K 1394 -90.17 -49.38 -53.97
N THR K 1395 -90.78 -50.54 -53.68
CA THR K 1395 -90.10 -51.81 -53.76
C THR K 1395 -90.28 -52.39 -55.15
N LEU K 1396 -89.18 -52.69 -55.82
CA LEU K 1396 -89.17 -53.40 -57.09
C LEU K 1396 -88.85 -54.85 -56.83
N SER K 1397 -89.73 -55.74 -57.29
CA SER K 1397 -89.64 -57.17 -57.06
C SER K 1397 -89.65 -57.92 -58.38
N ARG K 1398 -88.92 -59.03 -58.44
CA ARG K 1398 -88.76 -59.83 -59.64
C ARG K 1398 -89.01 -61.29 -59.31
N ASN K 1399 -89.91 -61.93 -60.05
CA ASN K 1399 -90.25 -63.33 -59.82
C ASN K 1399 -90.73 -63.55 -58.39
N GLY K 1400 -91.45 -62.57 -57.86
CA GLY K 1400 -91.95 -62.60 -56.50
C GLY K 1400 -90.99 -62.07 -55.46
N LYS K 1401 -89.70 -62.38 -55.61
CA LYS K 1401 -88.72 -61.93 -54.64
C LYS K 1401 -88.49 -60.42 -54.80
N PRO K 1402 -88.08 -59.73 -53.73
CA PRO K 1402 -87.86 -58.28 -53.84
C PRO K 1402 -86.45 -57.97 -54.33
N VAL K 1403 -86.33 -57.04 -55.28
CA VAL K 1403 -85.05 -56.72 -55.90
C VAL K 1403 -84.40 -55.50 -55.26
N MET K 1404 -85.16 -54.42 -55.08
CA MET K 1404 -84.55 -53.20 -54.57
C MET K 1404 -85.62 -52.28 -54.02
N GLU K 1405 -85.16 -51.25 -53.31
CA GLU K 1405 -86.02 -50.23 -52.71
C GLU K 1405 -85.57 -48.86 -53.19
N VAL K 1406 -86.51 -48.06 -53.66
CA VAL K 1406 -86.25 -46.72 -54.17
C VAL K 1406 -86.93 -45.72 -53.26
N THR K 1407 -86.14 -44.89 -52.61
CA THR K 1407 -86.64 -43.83 -51.73
C THR K 1407 -86.72 -42.54 -52.54
N SER K 1408 -87.81 -41.81 -52.37
CA SER K 1408 -88.03 -40.55 -53.07
C SER K 1408 -88.66 -39.53 -52.14
N SER K 1409 -87.99 -38.41 -51.94
CA SER K 1409 -88.48 -37.33 -51.08
C SER K 1409 -88.93 -36.17 -51.95
N PHE K 1410 -90.20 -35.80 -51.81
CA PHE K 1410 -90.79 -34.68 -52.53
C PHE K 1410 -91.19 -33.62 -51.52
N PHE K 1411 -91.33 -32.39 -52.00
CA PHE K 1411 -91.58 -31.24 -51.15
C PHE K 1411 -92.58 -30.32 -51.84
N TYR K 1412 -93.80 -30.31 -51.34
CA TYR K 1412 -94.81 -29.33 -51.73
C TYR K 1412 -94.48 -28.03 -51.02
N ARG K 1413 -93.94 -27.07 -51.74
CA ARG K 1413 -93.59 -25.78 -51.15
C ARG K 1413 -94.85 -24.96 -50.94
N GLY K 1414 -95.05 -24.50 -49.73
CA GLY K 1414 -96.23 -23.74 -49.38
C GLY K 1414 -96.47 -23.78 -47.89
N ASN K 1415 -97.72 -23.53 -47.51
CA ASN K 1415 -98.15 -23.52 -46.11
C ASN K 1415 -99.30 -24.51 -45.95
N TYR K 1416 -99.12 -25.47 -45.05
CA TYR K 1416 -100.10 -26.52 -44.82
C TYR K 1416 -100.27 -26.75 -43.33
N THR K 1417 -101.52 -27.02 -42.92
CA THR K 1417 -101.85 -27.23 -41.51
C THR K 1417 -102.75 -28.45 -41.31
N ASP K 1418 -102.86 -29.32 -42.32
CA ASP K 1418 -103.70 -30.52 -42.21
C ASP K 1418 -102.90 -31.64 -41.53
N PHE K 1419 -102.57 -31.39 -40.26
CA PHE K 1419 -101.78 -32.35 -39.50
C PHE K 1419 -102.53 -33.66 -39.27
N GLU K 1420 -103.86 -33.67 -39.40
CA GLU K 1420 -104.60 -34.91 -39.23
C GLU K 1420 -104.21 -35.95 -40.28
N ASN K 1421 -103.78 -35.51 -41.45
CA ASN K 1421 -103.38 -36.40 -42.54
C ASN K 1421 -101.87 -36.66 -42.55
N THR K 1422 -101.12 -36.09 -41.62
CA THR K 1422 -99.67 -36.24 -41.58
C THR K 1422 -99.30 -37.44 -40.72
N PHE K 1423 -98.30 -38.19 -41.15
CA PHE K 1423 -97.76 -39.30 -40.38
C PHE K 1423 -96.29 -39.44 -40.74
N GLN K 1424 -95.54 -40.11 -39.87
CA GLN K 1424 -94.11 -40.30 -40.12
C GLN K 1424 -93.64 -41.63 -39.56
N LYS K 1425 -93.09 -42.46 -40.43
CA LYS K 1425 -92.37 -43.67 -40.08
C LYS K 1425 -90.89 -43.38 -40.14
N THR K 1426 -90.15 -43.77 -39.11
CA THR K 1426 -88.71 -43.61 -39.10
C THR K 1426 -88.05 -44.79 -38.43
N VAL K 1427 -87.03 -45.35 -39.08
CA VAL K 1427 -86.25 -46.45 -38.52
C VAL K 1427 -85.16 -45.83 -37.66
N GLU K 1428 -85.33 -45.93 -36.34
CA GLU K 1428 -84.36 -45.33 -35.44
C GLU K 1428 -83.02 -46.06 -35.57
N PRO K 1429 -81.91 -45.38 -35.29
CA PRO K 1429 -80.61 -46.06 -35.37
C PRO K 1429 -80.51 -47.17 -34.34
N VAL K 1430 -79.74 -48.20 -34.69
CA VAL K 1430 -79.59 -49.35 -33.81
C VAL K 1430 -78.86 -48.91 -32.54
N TYR K 1431 -79.45 -49.19 -31.39
CA TYR K 1431 -78.88 -48.81 -30.11
C TYR K 1431 -78.34 -50.04 -29.39
N GLN K 1432 -77.25 -49.85 -28.66
CA GLN K 1432 -76.61 -50.93 -27.91
C GLN K 1432 -76.43 -50.53 -26.45
N MET K 1433 -76.78 -51.44 -25.55
CA MET K 1433 -76.65 -51.23 -24.12
C MET K 1433 -75.92 -52.42 -23.49
N HIS K 1434 -74.89 -52.14 -22.71
CA HIS K 1434 -74.18 -53.16 -21.96
C HIS K 1434 -74.69 -53.15 -20.53
N ILE K 1435 -75.27 -54.26 -20.09
CA ILE K 1435 -75.83 -54.37 -18.75
C ILE K 1435 -74.69 -54.75 -17.80
N LYS K 1436 -74.25 -53.79 -17.00
CA LYS K 1436 -73.12 -53.97 -16.09
C LYS K 1436 -73.55 -54.32 -14.67
N THR K 1437 -74.68 -53.77 -14.21
CA THR K 1437 -75.13 -53.95 -12.83
C THR K 1437 -76.62 -54.22 -12.82
N SER K 1438 -77.12 -54.62 -11.66
CA SER K 1438 -78.55 -54.86 -11.50
C SER K 1438 -79.36 -53.58 -11.54
N LYS K 1439 -78.73 -52.42 -11.35
CA LYS K 1439 -79.45 -51.16 -11.49
C LYS K 1439 -79.97 -50.99 -12.90
N ASP K 1440 -79.16 -51.34 -13.91
CA ASP K 1440 -79.61 -51.26 -15.30
C ASP K 1440 -80.78 -52.21 -15.55
N ILE K 1441 -80.71 -53.41 -14.98
CA ILE K 1441 -81.80 -54.37 -15.15
C ILE K 1441 -83.08 -53.82 -14.53
N ALA K 1442 -82.98 -53.24 -13.33
CA ALA K 1442 -84.16 -52.68 -12.69
C ALA K 1442 -84.73 -51.54 -13.51
N VAL K 1443 -83.86 -50.68 -14.05
CA VAL K 1443 -84.32 -49.57 -14.88
C VAL K 1443 -85.04 -50.10 -16.12
N LEU K 1444 -84.48 -51.12 -16.76
CA LEU K 1444 -85.13 -51.68 -17.94
C LEU K 1444 -86.48 -52.30 -17.60
N ARG K 1445 -86.55 -53.04 -16.50
CA ARG K 1445 -87.80 -53.70 -16.12
C ARG K 1445 -88.85 -52.68 -15.69
N SER K 1446 -88.43 -51.50 -15.21
CA SER K 1446 -89.38 -50.46 -14.86
C SER K 1446 -90.05 -49.85 -16.08
N LYS K 1447 -89.55 -50.11 -17.28
CA LYS K 1447 -90.13 -49.58 -18.50
C LYS K 1447 -91.21 -50.52 -19.01
N GLU K 1448 -92.42 -49.97 -19.21
CA GLU K 1448 -93.52 -50.77 -19.73
C GLU K 1448 -93.21 -51.28 -21.13
N TRP K 1449 -92.61 -50.44 -21.97
CA TRP K 1449 -92.38 -50.81 -23.36
C TRP K 1449 -91.38 -51.94 -23.49
N PHE K 1450 -90.47 -52.08 -22.54
CA PHE K 1450 -89.44 -53.12 -22.57
C PHE K 1450 -90.08 -54.43 -22.12
N GLN K 1451 -90.34 -55.35 -23.05
CA GLN K 1451 -90.96 -56.62 -22.76
C GLN K 1451 -90.05 -57.74 -23.25
N LEU K 1452 -90.04 -58.86 -22.52
CA LEU K 1452 -89.23 -60.02 -22.86
C LEU K 1452 -90.12 -61.24 -22.95
N ASP K 1453 -89.83 -62.12 -23.91
CA ASP K 1453 -90.56 -63.39 -23.98
C ASP K 1453 -90.29 -64.24 -22.74
N ASP K 1454 -89.04 -64.27 -22.31
CA ASP K 1454 -88.63 -64.98 -21.09
C ASP K 1454 -88.37 -63.91 -20.03
N GLU K 1455 -89.36 -63.71 -19.15
CA GLU K 1455 -89.25 -62.66 -18.14
C GLU K 1455 -88.10 -62.93 -17.17
N ASP K 1456 -87.71 -64.19 -17.00
CA ASP K 1456 -86.65 -64.58 -16.10
C ASP K 1456 -85.27 -64.60 -16.78
N PHE K 1457 -85.18 -64.12 -18.01
CA PHE K 1457 -83.90 -64.09 -18.71
C PHE K 1457 -82.89 -63.26 -17.94
N ASP K 1458 -81.67 -63.78 -17.81
CA ASP K 1458 -80.62 -63.12 -17.05
C ASP K 1458 -79.98 -62.05 -17.94
N LEU K 1459 -80.28 -60.79 -17.66
CA LEU K 1459 -79.76 -59.68 -18.44
C LEU K 1459 -78.40 -59.20 -17.97
N LEU K 1460 -77.92 -59.65 -16.81
CA LEU K 1460 -76.64 -59.16 -16.28
C LEU K 1460 -75.49 -59.63 -17.16
N ASN K 1461 -74.50 -58.76 -17.33
CA ASN K 1461 -73.31 -59.06 -18.12
C ASN K 1461 -73.67 -59.47 -19.55
N LYS K 1462 -74.64 -58.77 -20.13
CA LYS K 1462 -75.12 -59.06 -21.48
C LYS K 1462 -75.28 -57.76 -22.25
N THR K 1463 -75.17 -57.86 -23.57
CA THR K 1463 -75.30 -56.73 -24.48
C THR K 1463 -76.62 -56.83 -25.23
N LEU K 1464 -77.45 -55.80 -25.10
CA LEU K 1464 -78.77 -55.75 -25.72
C LEU K 1464 -78.72 -54.77 -26.89
N THR K 1465 -79.31 -55.19 -28.01
CA THR K 1465 -79.41 -54.38 -29.21
C THR K 1465 -80.88 -54.11 -29.48
N PHE K 1466 -81.19 -52.83 -29.68
CA PHE K 1466 -82.55 -52.34 -29.94
C PHE K 1466 -82.62 -51.81 -31.36
N GLU K 1467 -83.53 -52.35 -32.15
CA GLU K 1467 -83.79 -51.93 -33.53
C GLU K 1467 -85.25 -51.52 -33.59
N THR K 1468 -85.52 -50.23 -33.43
CA THR K 1468 -86.87 -49.73 -33.23
C THR K 1468 -87.35 -48.94 -34.44
N GLU K 1469 -88.64 -49.02 -34.70
CA GLU K 1469 -89.32 -48.23 -35.72
C GLU K 1469 -90.36 -47.36 -35.03
N THR K 1470 -90.37 -46.07 -35.35
CA THR K 1470 -91.24 -45.09 -34.71
C THR K 1470 -92.27 -44.60 -35.72
N GLU K 1471 -93.55 -44.75 -35.37
CA GLU K 1471 -94.67 -44.19 -36.10
C GLU K 1471 -95.26 -43.05 -35.27
N VAL K 1472 -95.22 -41.83 -35.81
CA VAL K 1472 -95.76 -40.67 -35.12
C VAL K 1472 -96.81 -40.01 -36.01
N THR K 1473 -98.00 -39.81 -35.46
CA THR K 1473 -99.05 -39.04 -36.09
C THR K 1473 -99.12 -37.69 -35.40
N PHE K 1474 -99.05 -36.62 -36.19
CA PHE K 1474 -98.88 -35.27 -35.67
C PHE K 1474 -100.22 -34.66 -35.34
N LYS K 1475 -100.31 -33.99 -34.18
CA LYS K 1475 -101.46 -33.16 -33.88
C LYS K 1475 -101.25 -31.73 -34.37
N ASN K 1476 -100.04 -31.21 -34.18
CA ASN K 1476 -99.65 -29.91 -34.72
C ASN K 1476 -98.17 -29.98 -35.07
N ALA K 1477 -97.57 -28.82 -35.32
CA ALA K 1477 -96.18 -28.79 -35.76
C ALA K 1477 -95.22 -29.37 -34.72
N ASN K 1478 -95.58 -29.32 -33.45
CA ASN K 1478 -94.69 -29.69 -32.36
C ASN K 1478 -95.11 -30.96 -31.64
N ILE K 1479 -96.39 -31.09 -31.29
CA ILE K 1479 -96.86 -32.17 -30.43
C ILE K 1479 -97.42 -33.28 -31.31
N PHE K 1480 -96.89 -34.50 -31.13
CA PHE K 1480 -97.41 -35.64 -31.86
C PHE K 1480 -98.76 -36.06 -31.30
N SER K 1481 -99.70 -36.36 -32.21
CA SER K 1481 -101.01 -36.82 -31.77
C SER K 1481 -100.93 -38.22 -31.19
N SER K 1482 -100.04 -39.05 -31.72
CA SER K 1482 -99.83 -40.39 -31.20
C SER K 1482 -98.42 -40.83 -31.55
N VAL K 1483 -97.78 -41.53 -30.63
CA VAL K 1483 -96.40 -42.02 -30.80
C VAL K 1483 -96.39 -43.52 -30.52
N LYS K 1484 -95.87 -44.29 -31.47
CA LYS K 1484 -95.70 -45.71 -31.32
C LYS K 1484 -94.26 -46.05 -31.66
N CYS K 1485 -93.65 -46.94 -30.88
CA CYS K 1485 -92.25 -47.33 -31.11
C CYS K 1485 -92.16 -48.83 -30.88
N PHE K 1486 -91.91 -49.58 -31.94
CA PHE K 1486 -92.01 -51.03 -31.90
C PHE K 1486 -90.78 -51.64 -32.55
N GLY K 1487 -90.36 -52.80 -32.04
CA GLY K 1487 -89.27 -53.51 -32.64
C GLY K 1487 -88.75 -54.66 -31.81
N PRO K 1488 -87.82 -55.44 -32.36
CA PRO K 1488 -87.22 -56.53 -31.59
C PRO K 1488 -86.03 -56.07 -30.76
N ILE K 1489 -85.92 -56.67 -29.58
CA ILE K 1489 -84.77 -56.51 -28.70
C ILE K 1489 -84.02 -57.84 -28.73
N LYS K 1490 -82.74 -57.80 -29.07
CA LYS K 1490 -81.94 -59.01 -29.20
C LYS K 1490 -80.73 -58.90 -28.30
N VAL K 1491 -80.14 -60.04 -27.99
CA VAL K 1491 -79.00 -60.15 -27.10
C VAL K 1491 -77.83 -60.72 -27.88
N GLU K 1492 -76.63 -60.25 -27.55
CA GLU K 1492 -75.40 -60.71 -28.17
C GLU K 1492 -74.97 -62.01 -27.50
N LEU K 1493 -74.98 -63.09 -28.27
CA LEU K 1493 -74.52 -64.38 -27.78
C LEU K 1493 -72.99 -64.39 -27.73
N PRO K 1494 -72.39 -65.41 -27.11
CA PRO K 1494 -70.92 -65.47 -27.09
C PRO K 1494 -70.30 -65.53 -28.47
N THR K 1495 -71.04 -65.97 -29.49
CA THR K 1495 -70.54 -66.02 -30.86
C THR K 1495 -70.74 -64.72 -31.62
N LYS K 1496 -70.96 -63.60 -30.92
CA LYS K 1496 -71.19 -62.30 -31.57
C LYS K 1496 -72.39 -62.36 -32.51
N GLU K 1497 -73.39 -63.16 -32.15
CA GLU K 1497 -74.62 -63.30 -32.91
C GLU K 1497 -75.77 -62.71 -32.11
N THR K 1498 -76.54 -61.82 -32.72
CA THR K 1498 -77.66 -61.17 -32.06
C THR K 1498 -78.90 -62.02 -32.26
N VAL K 1499 -79.50 -62.48 -31.16
CA VAL K 1499 -80.68 -63.34 -31.21
C VAL K 1499 -81.80 -62.66 -30.42
N GLU K 1500 -82.99 -62.65 -30.99
CA GLU K 1500 -84.11 -61.95 -30.37
C GLU K 1500 -84.46 -62.59 -29.03
N ILE K 1501 -84.60 -61.75 -28.00
CA ILE K 1501 -85.05 -62.19 -26.69
C ILE K 1501 -86.25 -61.40 -26.19
N GLY K 1502 -86.64 -60.31 -26.85
CA GLY K 1502 -87.79 -59.54 -26.39
C GLY K 1502 -88.26 -58.60 -27.47
N ILE K 1503 -89.22 -57.77 -27.09
CA ILE K 1503 -89.75 -56.74 -27.98
C ILE K 1503 -89.87 -55.44 -27.20
N VAL K 1504 -89.54 -54.34 -27.87
CA VAL K 1504 -89.92 -53.00 -27.43
C VAL K 1504 -91.26 -52.70 -28.07
N ASP K 1505 -92.24 -52.31 -27.24
CA ASP K 1505 -93.60 -52.01 -27.70
C ASP K 1505 -94.10 -50.83 -26.86
N TYR K 1506 -93.90 -49.62 -27.37
CA TYR K 1506 -94.35 -48.39 -26.73
C TYR K 1506 -95.53 -47.85 -27.53
N GLU K 1507 -96.60 -47.52 -26.83
CA GLU K 1507 -97.79 -46.92 -27.43
C GLU K 1507 -98.24 -45.77 -26.55
N ALA K 1508 -98.50 -44.61 -27.16
CA ALA K 1508 -98.92 -43.45 -26.39
C ALA K 1508 -99.71 -42.52 -27.28
N GLY K 1509 -100.61 -41.75 -26.66
CA GLY K 1509 -101.39 -40.75 -27.36
C GLY K 1509 -100.61 -39.47 -27.53
N ALA K 1510 -101.22 -38.34 -27.19
CA ALA K 1510 -100.56 -37.06 -27.34
C ALA K 1510 -99.28 -37.02 -26.52
N SER K 1511 -98.17 -36.71 -27.19
CA SER K 1511 -96.87 -36.66 -26.53
C SER K 1511 -95.97 -35.69 -27.29
N HIS K 1512 -94.95 -35.19 -26.58
CA HIS K 1512 -93.98 -34.29 -27.17
C HIS K 1512 -92.75 -35.00 -27.73
N GLY K 1513 -92.63 -36.30 -27.53
CA GLY K 1513 -91.47 -37.02 -28.03
C GLY K 1513 -91.64 -38.50 -27.76
N ASN K 1514 -90.63 -39.26 -28.21
CA ASN K 1514 -90.62 -40.70 -28.00
C ASN K 1514 -89.67 -41.02 -26.85
N PRO K 1515 -90.17 -41.45 -25.67
CA PRO K 1515 -89.24 -41.68 -24.55
C PRO K 1515 -88.27 -42.83 -24.80
N VAL K 1516 -88.62 -43.80 -25.65
CA VAL K 1516 -87.74 -44.94 -25.88
C VAL K 1516 -86.44 -44.48 -26.50
N VAL K 1517 -86.53 -43.64 -27.54
CA VAL K 1517 -85.33 -43.18 -28.22
C VAL K 1517 -84.48 -42.32 -27.29
N ASP K 1518 -85.13 -41.47 -26.49
CA ASP K 1518 -84.38 -40.64 -25.55
C ASP K 1518 -83.64 -41.49 -24.52
N PHE K 1519 -84.32 -42.49 -23.97
CA PHE K 1519 -83.70 -43.38 -22.99
C PHE K 1519 -82.52 -44.13 -23.61
N LEU K 1520 -82.71 -44.66 -24.83
CA LEU K 1520 -81.65 -45.41 -25.47
C LEU K 1520 -80.46 -44.52 -25.82
N LYS K 1521 -80.72 -43.30 -26.30
CA LYS K 1521 -79.62 -42.38 -26.60
C LYS K 1521 -78.86 -42.02 -25.33
N ARG K 1522 -79.58 -41.77 -24.23
CA ARG K 1522 -78.91 -41.35 -23.00
C ARG K 1522 -78.08 -42.49 -22.41
N ASN K 1523 -78.61 -43.71 -22.41
CA ASN K 1523 -77.98 -44.83 -21.73
C ASN K 1523 -77.07 -45.66 -22.64
N GLY K 1524 -77.62 -46.19 -23.72
CA GLY K 1524 -76.84 -47.03 -24.62
C GLY K 1524 -76.01 -46.22 -25.59
N SER K 1525 -75.47 -46.93 -26.57
CA SER K 1525 -74.60 -46.36 -27.60
C SER K 1525 -75.22 -46.59 -28.97
N THR K 1526 -75.01 -45.65 -29.88
CA THR K 1526 -75.53 -45.76 -31.23
C THR K 1526 -74.58 -46.61 -32.08
N LEU K 1527 -75.12 -47.62 -32.77
CA LEU K 1527 -74.34 -48.46 -33.66
C LEU K 1527 -74.50 -47.92 -35.08
N GLU K 1528 -73.48 -47.26 -35.59
CA GLU K 1528 -73.47 -46.74 -36.96
C GLU K 1528 -72.82 -47.76 -37.87
N GLN K 1529 -73.58 -48.25 -38.85
CA GLN K 1529 -73.03 -49.20 -39.81
C GLN K 1529 -71.94 -48.54 -40.64
N LYS K 1530 -72.14 -47.28 -41.05
CA LYS K 1530 -71.13 -46.57 -41.82
C LYS K 1530 -69.95 -46.23 -40.93
N VAL K 1531 -68.75 -46.61 -41.37
CA VAL K 1531 -67.51 -46.35 -40.64
C VAL K 1531 -66.60 -45.54 -41.54
N ASN K 1532 -66.31 -44.30 -41.13
CA ASN K 1532 -65.48 -43.42 -41.92
C ASN K 1532 -64.02 -43.82 -41.82
N LEU K 1533 -63.28 -43.58 -42.91
CA LEU K 1533 -61.86 -43.83 -42.90
C LEU K 1533 -61.13 -42.73 -42.13
N GLU K 1534 -59.84 -42.94 -41.88
CA GLU K 1534 -59.07 -41.93 -41.14
C GLU K 1534 -58.97 -40.64 -41.94
N ASN K 1535 -58.87 -40.74 -43.26
CA ASN K 1535 -58.90 -39.60 -44.16
C ASN K 1535 -59.69 -39.99 -45.41
N PRO K 1536 -60.35 -39.03 -46.06
CA PRO K 1536 -60.99 -39.35 -47.34
C PRO K 1536 -59.97 -39.66 -48.42
N ILE K 1537 -60.37 -40.48 -49.38
CA ILE K 1537 -59.53 -40.85 -50.52
C ILE K 1537 -60.17 -40.26 -51.78
N PRO K 1538 -59.69 -39.14 -52.32
CA PRO K 1538 -60.30 -38.62 -53.56
C PRO K 1538 -60.05 -39.58 -54.71
N ILE K 1539 -61.10 -39.84 -55.48
CA ILE K 1539 -61.05 -40.75 -56.62
C ILE K 1539 -60.83 -39.98 -57.92
N ALA K 1540 -61.73 -39.06 -58.26
CA ALA K 1540 -61.57 -38.29 -59.49
C ALA K 1540 -62.54 -37.12 -59.47
N VAL K 1541 -62.17 -36.07 -60.20
CA VAL K 1541 -63.04 -34.94 -60.49
C VAL K 1541 -63.43 -35.05 -61.95
N LEU K 1542 -64.73 -35.07 -62.22
CA LEU K 1542 -65.26 -35.38 -63.54
C LEU K 1542 -66.19 -34.28 -64.00
N ASP K 1543 -66.31 -34.12 -65.31
CA ASP K 1543 -67.14 -33.08 -65.93
C ASP K 1543 -68.26 -33.73 -66.72
N SER K 1544 -69.49 -33.24 -66.51
CA SER K 1544 -70.67 -33.70 -67.22
C SER K 1544 -71.36 -32.50 -67.85
N TYR K 1545 -71.68 -32.59 -69.12
CA TYR K 1545 -72.36 -31.50 -69.83
C TYR K 1545 -73.83 -31.87 -70.00
N THR K 1546 -74.70 -31.07 -69.39
CA THR K 1546 -76.13 -31.36 -69.40
C THR K 1546 -76.71 -31.05 -70.79
N PRO K 1547 -77.55 -31.93 -71.34
CA PRO K 1547 -78.02 -31.70 -72.72
C PRO K 1547 -78.92 -30.48 -72.84
N SER K 1548 -78.95 -29.92 -74.04
CA SER K 1548 -79.80 -28.76 -74.30
C SER K 1548 -81.28 -29.10 -74.11
N THR K 1549 -81.71 -30.27 -74.56
CA THR K 1549 -83.12 -30.65 -74.58
C THR K 1549 -83.35 -31.77 -73.58
N ASN K 1550 -84.43 -31.65 -72.80
CA ASN K 1550 -84.83 -32.68 -71.86
C ASN K 1550 -85.91 -33.60 -72.40
N GLU K 1551 -86.32 -33.42 -73.66
CA GLU K 1551 -87.35 -34.28 -74.25
C GLU K 1551 -86.96 -35.75 -74.28
N PRO K 1552 -85.75 -36.14 -74.73
CA PRO K 1552 -85.46 -37.59 -74.76
C PRO K 1552 -85.45 -38.23 -73.38
N TYR K 1553 -84.87 -37.57 -72.38
CA TYR K 1553 -84.89 -38.11 -71.03
C TYR K 1553 -86.33 -38.18 -70.50
N ALA K 1554 -87.12 -37.14 -70.76
CA ALA K 1554 -88.50 -37.15 -70.30
C ALA K 1554 -89.26 -38.33 -70.90
N ARG K 1555 -89.08 -38.57 -72.19
CA ARG K 1555 -89.81 -39.66 -72.84
C ARG K 1555 -89.32 -41.02 -72.35
N VAL K 1556 -88.01 -41.17 -72.15
CA VAL K 1556 -87.49 -42.48 -71.75
C VAL K 1556 -87.86 -42.79 -70.31
N SER K 1557 -87.83 -41.79 -69.42
CA SER K 1557 -88.13 -42.00 -68.01
C SER K 1557 -89.62 -41.95 -67.71
N GLY K 1558 -90.44 -41.45 -68.63
CA GLY K 1558 -91.85 -41.28 -68.36
C GLY K 1558 -92.18 -40.06 -67.54
N ASP K 1559 -91.18 -39.27 -67.15
CA ASP K 1559 -91.39 -38.05 -66.36
C ASP K 1559 -91.65 -36.92 -67.35
N LEU K 1560 -92.93 -36.69 -67.66
CA LEU K 1560 -93.33 -35.64 -68.58
C LEU K 1560 -93.70 -34.36 -67.85
N ASN K 1561 -92.99 -34.05 -66.77
CA ASN K 1561 -93.24 -32.83 -66.03
C ASN K 1561 -93.06 -31.62 -66.95
N PRO K 1562 -94.07 -30.77 -67.12
CA PRO K 1562 -93.92 -29.66 -68.08
C PRO K 1562 -92.81 -28.68 -67.74
N ILE K 1563 -92.37 -28.62 -66.48
CA ILE K 1563 -91.38 -27.61 -66.12
C ILE K 1563 -90.06 -27.86 -66.83
N HIS K 1564 -89.76 -29.12 -67.14
CA HIS K 1564 -88.48 -29.48 -67.75
C HIS K 1564 -88.47 -29.34 -69.26
N VAL K 1565 -89.62 -29.17 -69.91
CA VAL K 1565 -89.70 -29.17 -71.36
C VAL K 1565 -90.41 -27.95 -71.93
N SER K 1566 -91.26 -27.27 -71.17
CA SER K 1566 -92.06 -26.15 -71.66
C SER K 1566 -91.57 -24.87 -71.01
N ARG K 1567 -91.30 -23.85 -71.83
CA ARG K 1567 -90.89 -22.57 -71.31
C ARG K 1567 -92.00 -21.90 -70.50
N HIS K 1568 -93.23 -21.95 -71.01
CA HIS K 1568 -94.32 -21.24 -70.35
C HIS K 1568 -94.64 -21.85 -69.00
N PHE K 1569 -94.60 -23.18 -68.89
CA PHE K 1569 -94.87 -23.81 -67.60
C PHE K 1569 -93.78 -23.47 -66.59
N ALA K 1570 -92.52 -23.45 -67.01
CA ALA K 1570 -91.45 -23.07 -66.11
C ALA K 1570 -91.60 -21.62 -65.66
N SER K 1571 -91.97 -20.73 -66.59
CA SER K 1571 -92.18 -19.33 -66.23
C SER K 1571 -93.32 -19.20 -65.23
N TYR K 1572 -94.40 -19.96 -65.44
CA TYR K 1572 -95.50 -19.96 -64.48
C TYR K 1572 -95.06 -20.49 -63.12
N ALA K 1573 -94.19 -21.49 -63.10
CA ALA K 1573 -93.66 -22.05 -61.87
C ALA K 1573 -92.54 -21.21 -61.27
N ASN K 1574 -92.15 -20.11 -61.92
CA ASN K 1574 -91.15 -19.18 -61.42
C ASN K 1574 -89.75 -19.80 -61.37
N LEU K 1575 -89.49 -20.77 -62.22
CA LEU K 1575 -88.17 -21.37 -62.32
C LEU K 1575 -87.30 -20.54 -63.25
N PRO K 1576 -85.96 -20.64 -63.12
CA PRO K 1576 -85.09 -19.87 -64.02
C PRO K 1576 -85.24 -20.25 -65.48
N GLY K 1577 -85.77 -21.43 -65.77
CA GLY K 1577 -85.97 -21.85 -67.14
C GLY K 1577 -86.48 -23.27 -67.18
N THR K 1578 -86.31 -23.91 -68.34
CA THR K 1578 -86.64 -25.33 -68.49
C THR K 1578 -85.54 -26.15 -67.80
N ILE K 1579 -85.60 -26.15 -66.46
CA ILE K 1579 -84.59 -26.84 -65.68
C ILE K 1579 -84.58 -28.32 -66.03
N THR K 1580 -83.38 -28.91 -66.02
CA THR K 1580 -83.26 -30.30 -66.42
C THR K 1580 -83.64 -31.22 -65.26
N HIS K 1581 -83.93 -32.47 -65.61
CA HIS K 1581 -84.42 -33.42 -64.63
C HIS K 1581 -83.36 -33.68 -63.56
N GLY K 1582 -83.77 -33.50 -62.30
CA GLY K 1582 -82.91 -33.90 -61.20
C GLY K 1582 -82.59 -35.38 -61.28
N MET K 1583 -83.56 -36.19 -61.71
CA MET K 1583 -83.28 -37.61 -61.91
C MET K 1583 -82.28 -37.83 -63.03
N PHE K 1584 -82.31 -37.01 -64.08
CA PHE K 1584 -81.26 -37.12 -65.10
C PHE K 1584 -79.89 -36.82 -64.49
N SER K 1585 -79.81 -35.77 -63.68
CA SER K 1585 -78.53 -35.43 -63.06
C SER K 1585 -78.05 -36.56 -62.16
N SER K 1586 -78.96 -37.14 -61.38
CA SER K 1586 -78.60 -38.24 -60.50
C SER K 1586 -78.13 -39.45 -61.30
N ALA K 1587 -78.80 -39.74 -62.42
CA ALA K 1587 -78.44 -40.90 -63.21
C ALA K 1587 -77.11 -40.70 -63.92
N SER K 1588 -76.85 -39.48 -64.41
CA SER K 1588 -75.55 -39.19 -65.01
C SER K 1588 -74.44 -39.32 -63.98
N VAL K 1589 -74.67 -38.79 -62.78
CA VAL K 1589 -73.65 -38.91 -61.73
C VAL K 1589 -73.44 -40.36 -61.36
N ARG K 1590 -74.51 -41.14 -61.25
CA ARG K 1590 -74.37 -42.55 -60.92
C ARG K 1590 -73.62 -43.30 -62.02
N ALA K 1591 -73.84 -42.92 -63.28
CA ALA K 1591 -73.06 -43.49 -64.36
C ALA K 1591 -71.58 -43.20 -64.15
N LEU K 1592 -71.26 -41.96 -63.77
CA LEU K 1592 -69.86 -41.62 -63.50
C LEU K 1592 -69.29 -42.42 -62.34
N ILE K 1593 -70.06 -42.59 -61.27
CA ILE K 1593 -69.57 -43.33 -60.10
C ILE K 1593 -69.36 -44.79 -60.45
N GLU K 1594 -70.31 -45.39 -61.16
CA GLU K 1594 -70.15 -46.80 -61.52
C GLU K 1594 -69.00 -46.97 -62.50
N ASN K 1595 -68.71 -45.94 -63.30
CA ASN K 1595 -67.56 -46.02 -64.20
C ASN K 1595 -66.26 -45.94 -63.43
N TRP K 1596 -66.17 -45.03 -62.45
CA TRP K 1596 -64.90 -44.69 -61.82
C TRP K 1596 -64.68 -45.40 -60.48
N ALA K 1597 -65.58 -45.18 -59.53
CA ALA K 1597 -65.45 -45.83 -58.23
C ALA K 1597 -65.60 -47.34 -58.34
N ALA K 1598 -66.52 -47.80 -59.19
CA ALA K 1598 -66.83 -49.22 -59.33
C ALA K 1598 -66.12 -49.88 -60.52
N ASP K 1599 -65.24 -49.16 -61.20
CA ASP K 1599 -64.46 -49.74 -62.30
C ASP K 1599 -65.36 -50.23 -63.44
N SER K 1600 -66.46 -49.53 -63.66
CA SER K 1600 -67.41 -49.85 -64.74
C SER K 1600 -67.97 -51.27 -64.57
N VAL K 1601 -68.37 -51.58 -63.33
CA VAL K 1601 -69.02 -52.84 -63.01
C VAL K 1601 -70.40 -52.51 -62.45
N SER K 1602 -71.45 -52.92 -63.17
CA SER K 1602 -72.81 -52.58 -62.76
C SER K 1602 -73.17 -53.27 -61.45
N SER K 1603 -72.88 -54.56 -61.33
CA SER K 1603 -73.23 -55.31 -60.13
C SER K 1603 -72.56 -54.76 -58.88
N ARG K 1604 -71.40 -54.12 -59.04
CA ARG K 1604 -70.62 -53.64 -57.90
C ARG K 1604 -71.25 -52.45 -57.20
N VAL K 1605 -72.28 -51.83 -57.78
CA VAL K 1605 -72.98 -50.70 -57.18
C VAL K 1605 -74.31 -51.21 -56.66
N ARG K 1606 -74.52 -51.08 -55.34
CA ARG K 1606 -75.70 -51.63 -54.68
C ARG K 1606 -76.59 -50.55 -54.06
N GLY K 1607 -75.99 -49.47 -53.57
CA GLY K 1607 -76.76 -48.35 -53.02
C GLY K 1607 -76.29 -47.05 -53.66
N TYR K 1608 -77.22 -46.13 -53.83
CA TYR K 1608 -76.87 -44.83 -54.38
C TYR K 1608 -77.96 -43.84 -53.98
N THR K 1609 -77.65 -42.94 -53.05
CA THR K 1609 -78.57 -41.89 -52.62
C THR K 1609 -78.04 -40.55 -53.11
N CYS K 1610 -78.96 -39.75 -53.65
CA CYS K 1610 -78.65 -38.46 -54.24
C CYS K 1610 -79.62 -37.42 -53.68
N GLN K 1611 -79.14 -36.20 -53.52
CA GLN K 1611 -79.93 -35.08 -53.02
C GLN K 1611 -79.75 -33.91 -53.96
N PHE K 1612 -80.89 -33.35 -54.38
CA PHE K 1612 -80.94 -32.25 -55.36
C PHE K 1612 -81.04 -30.94 -54.59
N VAL K 1613 -79.89 -30.43 -54.17
CA VAL K 1613 -79.88 -29.21 -53.36
C VAL K 1613 -80.32 -28.01 -54.18
N ASP K 1614 -79.97 -27.97 -55.47
CA ASP K 1614 -80.29 -26.84 -56.33
C ASP K 1614 -80.63 -27.32 -57.73
N MET K 1615 -81.35 -26.46 -58.46
CA MET K 1615 -81.78 -26.78 -59.80
C MET K 1615 -80.60 -26.72 -60.78
N VAL K 1616 -80.78 -27.37 -61.93
CA VAL K 1616 -79.77 -27.45 -62.97
C VAL K 1616 -80.42 -27.06 -64.28
N LEU K 1617 -79.77 -26.14 -65.02
CA LEU K 1617 -80.28 -25.65 -66.29
C LEU K 1617 -79.64 -26.41 -67.46
N PRO K 1618 -80.29 -26.44 -68.63
CA PRO K 1618 -79.69 -27.14 -69.77
C PRO K 1618 -78.39 -26.47 -70.23
N ASN K 1619 -77.52 -27.28 -70.82
CA ASN K 1619 -76.25 -26.82 -71.36
C ASN K 1619 -75.39 -26.18 -70.26
N THR K 1620 -75.12 -26.97 -69.22
CA THR K 1620 -74.31 -26.54 -68.10
C THR K 1620 -73.25 -27.58 -67.81
N ALA K 1621 -72.09 -27.11 -67.35
CA ALA K 1621 -70.96 -27.96 -66.99
C ALA K 1621 -71.05 -28.26 -65.50
N LEU K 1622 -71.13 -29.55 -65.16
CA LEU K 1622 -71.26 -30.03 -63.80
C LEU K 1622 -69.97 -30.74 -63.42
N LYS K 1623 -69.30 -30.22 -62.40
CA LYS K 1623 -68.05 -30.78 -61.90
C LYS K 1623 -68.35 -31.58 -60.65
N THR K 1624 -68.16 -32.90 -60.74
CA THR K 1624 -68.46 -33.83 -59.66
C THR K 1624 -67.16 -34.36 -59.09
N SER K 1625 -66.96 -34.18 -57.78
CA SER K 1625 -65.80 -34.69 -57.07
C SER K 1625 -66.19 -35.95 -56.32
N ILE K 1626 -65.56 -37.07 -56.68
CA ILE K 1626 -65.83 -38.37 -56.07
C ILE K 1626 -64.79 -38.58 -54.97
N GLN K 1627 -65.25 -38.96 -53.78
CA GLN K 1627 -64.36 -39.25 -52.66
C GLN K 1627 -64.82 -40.57 -52.05
N HIS K 1628 -63.88 -41.34 -51.51
CA HIS K 1628 -64.17 -42.54 -50.76
C HIS K 1628 -63.93 -42.23 -49.29
N VAL K 1629 -65.02 -42.20 -48.50
CA VAL K 1629 -64.99 -41.62 -47.18
C VAL K 1629 -65.07 -42.69 -46.09
N GLY K 1630 -65.80 -43.79 -46.34
CA GLY K 1630 -65.99 -44.78 -45.31
C GLY K 1630 -66.42 -46.11 -45.90
N MET K 1631 -66.71 -47.05 -44.99
CA MET K 1631 -67.15 -48.39 -45.35
C MET K 1631 -68.43 -48.71 -44.59
N ILE K 1632 -69.29 -49.53 -45.22
CA ILE K 1632 -70.53 -49.97 -44.61
C ILE K 1632 -70.74 -51.43 -44.99
N ASN K 1633 -70.55 -52.34 -44.02
CA ASN K 1633 -70.75 -53.77 -44.24
C ASN K 1633 -69.93 -54.28 -45.41
N GLY K 1634 -68.68 -53.82 -45.50
CA GLY K 1634 -67.80 -54.25 -46.56
C GLY K 1634 -67.98 -53.52 -47.87
N ARG K 1635 -68.86 -52.52 -47.94
CA ARG K 1635 -69.09 -51.74 -49.14
C ARG K 1635 -68.45 -50.37 -48.97
N LYS K 1636 -67.62 -49.98 -49.93
CA LYS K 1636 -67.03 -48.64 -49.93
C LYS K 1636 -68.12 -47.59 -50.00
N LEU K 1637 -68.04 -46.61 -49.10
CA LEU K 1637 -68.98 -45.50 -49.05
C LEU K 1637 -68.34 -44.31 -49.77
N ILE K 1638 -68.86 -43.99 -50.95
CA ILE K 1638 -68.31 -42.96 -51.81
C ILE K 1638 -69.25 -41.75 -51.77
N LYS K 1639 -68.72 -40.62 -51.33
CA LYS K 1639 -69.44 -39.35 -51.37
C LYS K 1639 -69.20 -38.68 -52.73
N PHE K 1640 -70.22 -37.98 -53.21
CA PHE K 1640 -70.09 -37.15 -54.39
C PHE K 1640 -70.77 -35.81 -54.12
N GLU K 1641 -70.21 -34.75 -54.70
CA GLU K 1641 -70.68 -33.38 -54.52
C GLU K 1641 -70.49 -32.68 -55.87
N THR K 1642 -71.59 -32.52 -56.60
CA THR K 1642 -71.56 -31.86 -57.89
C THR K 1642 -71.74 -30.36 -57.74
N ARG K 1643 -71.03 -29.60 -58.57
CA ARG K 1643 -71.10 -28.14 -58.57
C ARG K 1643 -71.30 -27.66 -59.99
N ASN K 1644 -72.02 -26.54 -60.13
CA ASN K 1644 -72.29 -25.98 -61.44
C ASN K 1644 -71.12 -25.09 -61.87
N GLU K 1645 -71.30 -24.37 -62.98
CA GLU K 1645 -70.25 -23.47 -63.45
C GLU K 1645 -69.97 -22.35 -62.45
N ASP K 1646 -70.97 -21.96 -61.66
CA ASP K 1646 -70.83 -20.89 -60.68
C ASP K 1646 -70.26 -21.38 -59.35
N ASP K 1647 -69.70 -22.59 -59.32
CA ASP K 1647 -69.10 -23.14 -58.09
C ASP K 1647 -70.15 -23.32 -57.00
N VAL K 1648 -71.40 -23.54 -57.41
CA VAL K 1648 -72.52 -23.71 -56.49
C VAL K 1648 -72.91 -25.18 -56.51
N VAL K 1649 -73.02 -25.79 -55.32
CA VAL K 1649 -73.37 -27.20 -55.24
C VAL K 1649 -74.80 -27.39 -55.72
N VAL K 1650 -74.98 -28.30 -56.68
CA VAL K 1650 -76.30 -28.61 -57.24
C VAL K 1650 -76.71 -30.05 -56.99
N LEU K 1651 -75.83 -30.89 -56.45
CA LEU K 1651 -76.13 -32.29 -56.22
C LEU K 1651 -75.17 -32.80 -55.15
N THR K 1652 -75.64 -33.70 -54.30
CA THR K 1652 -74.73 -34.29 -53.32
C THR K 1652 -75.33 -35.57 -52.78
N GLY K 1653 -74.47 -36.55 -52.52
CA GLY K 1653 -74.99 -37.79 -51.98
C GLY K 1653 -73.91 -38.82 -51.73
N GLU K 1654 -74.38 -40.06 -51.54
CA GLU K 1654 -73.57 -41.20 -51.16
C GLU K 1654 -73.81 -42.34 -52.14
N ALA K 1655 -72.86 -43.27 -52.18
CA ALA K 1655 -72.99 -44.49 -52.97
C ALA K 1655 -72.28 -45.61 -52.21
N GLU K 1656 -72.77 -46.83 -52.38
CA GLU K 1656 -72.21 -48.00 -51.73
C GLU K 1656 -71.72 -48.97 -52.80
N ILE K 1657 -70.40 -48.99 -53.00
CA ILE K 1657 -69.77 -49.76 -54.05
C ILE K 1657 -69.17 -51.01 -53.42
N GLU K 1658 -69.60 -52.18 -53.87
CA GLU K 1658 -69.04 -53.42 -53.36
C GLU K 1658 -67.53 -53.47 -53.65
N GLN K 1659 -66.78 -54.04 -52.72
CA GLN K 1659 -65.38 -54.25 -52.95
C GLN K 1659 -65.20 -55.34 -54.01
N PRO K 1660 -64.02 -55.42 -54.63
CA PRO K 1660 -63.76 -56.54 -55.55
C PRO K 1660 -63.92 -57.88 -54.83
N VAL K 1661 -64.02 -58.94 -55.63
CA VAL K 1661 -64.22 -60.28 -55.06
C VAL K 1661 -63.09 -60.56 -54.10
N THR K 1662 -63.44 -60.81 -52.84
CA THR K 1662 -62.48 -60.91 -51.75
C THR K 1662 -62.48 -62.32 -51.18
N THR K 1663 -61.27 -62.81 -50.88
CA THR K 1663 -61.08 -64.03 -50.12
C THR K 1663 -60.22 -63.72 -48.91
N PHE K 1664 -60.52 -64.41 -47.81
CA PHE K 1664 -59.76 -64.29 -46.57
C PHE K 1664 -59.08 -65.63 -46.31
N VAL K 1665 -57.76 -65.68 -46.45
CA VAL K 1665 -56.98 -66.89 -46.24
C VAL K 1665 -56.25 -66.74 -44.91
N PHE K 1666 -56.49 -67.68 -44.00
CA PHE K 1666 -55.99 -67.61 -42.63
C PHE K 1666 -54.79 -68.54 -42.45
N THR K 1667 -53.67 -67.95 -42.06
CA THR K 1667 -52.42 -68.69 -41.93
C THR K 1667 -52.50 -69.72 -40.81
N GLY K 1668 -51.75 -70.80 -40.96
CA GLY K 1668 -51.57 -71.78 -39.91
C GLY K 1668 -50.11 -72.00 -39.55
N GLN K 1669 -49.22 -71.71 -40.48
CA GLN K 1669 -47.78 -71.95 -40.33
C GLN K 1669 -47.01 -70.64 -40.31
N GLY K 1670 -47.55 -69.64 -39.60
CA GLY K 1670 -46.90 -68.36 -39.49
C GLY K 1670 -45.75 -68.39 -38.50
N SER K 1671 -45.11 -67.23 -38.34
CA SER K 1671 -43.99 -67.09 -37.44
C SER K 1671 -44.49 -66.89 -36.01
N GLN K 1672 -43.90 -67.62 -35.07
CA GLN K 1672 -44.23 -67.50 -33.66
C GLN K 1672 -43.34 -66.48 -32.96
N GLU K 1673 -43.27 -65.27 -33.53
CA GLU K 1673 -42.43 -64.23 -32.98
C GLU K 1673 -43.12 -63.55 -31.79
N GLN K 1674 -42.31 -63.00 -30.90
CA GLN K 1674 -42.83 -62.30 -29.74
C GLN K 1674 -43.57 -61.04 -30.16
N GLY K 1675 -44.58 -60.68 -29.37
CA GLY K 1675 -45.40 -59.52 -29.68
C GLY K 1675 -46.26 -59.69 -30.90
N MET K 1676 -46.85 -60.88 -31.08
CA MET K 1676 -47.70 -61.15 -32.23
C MET K 1676 -49.06 -60.50 -32.02
N GLY K 1677 -49.43 -59.59 -32.91
CA GLY K 1677 -50.71 -58.89 -32.82
C GLY K 1677 -50.80 -57.87 -31.71
N MET K 1678 -49.67 -57.55 -31.06
CA MET K 1678 -49.73 -56.64 -29.93
C MET K 1678 -50.03 -55.21 -30.36
N ASP K 1679 -49.57 -54.79 -31.53
CA ASP K 1679 -49.90 -53.45 -32.00
C ASP K 1679 -51.41 -53.31 -32.17
N LEU K 1680 -52.05 -54.31 -32.78
CA LEU K 1680 -53.49 -54.29 -32.89
C LEU K 1680 -54.15 -54.37 -31.52
N TYR K 1681 -53.54 -55.10 -30.58
CA TYR K 1681 -54.08 -55.15 -29.23
C TYR K 1681 -54.08 -53.77 -28.59
N LYS K 1682 -53.00 -53.01 -28.80
CA LYS K 1682 -52.96 -51.65 -28.25
C LYS K 1682 -53.99 -50.74 -28.92
N THR K 1683 -54.07 -50.77 -30.25
CA THR K 1683 -54.92 -49.80 -30.95
C THR K 1683 -56.39 -50.24 -31.00
N SER K 1684 -56.68 -51.35 -31.67
CA SER K 1684 -58.06 -51.70 -31.99
C SER K 1684 -58.82 -52.12 -30.74
N LYS K 1685 -60.06 -51.65 -30.63
CA LYS K 1685 -60.89 -52.00 -29.48
C LYS K 1685 -61.44 -53.42 -29.60
N ALA K 1686 -61.78 -53.85 -30.82
CA ALA K 1686 -62.26 -55.21 -31.01
C ALA K 1686 -61.16 -56.21 -30.71
N ALA K 1687 -59.92 -55.91 -31.10
CA ALA K 1687 -58.80 -56.77 -30.76
C ALA K 1687 -58.61 -56.83 -29.26
N GLN K 1688 -58.73 -55.69 -28.57
CA GLN K 1688 -58.67 -55.69 -27.11
C GLN K 1688 -59.73 -56.61 -26.53
N ASP K 1689 -60.97 -56.50 -27.01
CA ASP K 1689 -62.06 -57.31 -26.47
C ASP K 1689 -61.77 -58.79 -26.67
N VAL K 1690 -61.34 -59.18 -27.87
CA VAL K 1690 -61.16 -60.59 -28.16
C VAL K 1690 -59.99 -61.16 -27.36
N TRP K 1691 -58.88 -60.41 -27.29
CA TRP K 1691 -57.74 -60.88 -26.54
C TRP K 1691 -58.05 -60.96 -25.06
N ASN K 1692 -58.80 -59.99 -24.53
CA ASN K 1692 -59.19 -60.03 -23.12
C ASN K 1692 -60.09 -61.21 -22.83
N ARG K 1693 -61.04 -61.50 -23.72
CA ARG K 1693 -61.90 -62.65 -23.51
C ARG K 1693 -61.10 -63.95 -23.50
N ALA K 1694 -60.17 -64.08 -24.45
CA ALA K 1694 -59.34 -65.28 -24.50
C ALA K 1694 -58.48 -65.41 -23.26
N ASP K 1695 -57.86 -64.31 -22.83
CA ASP K 1695 -56.99 -64.34 -21.65
C ASP K 1695 -57.79 -64.66 -20.40
N ASN K 1696 -58.98 -64.08 -20.25
CA ASN K 1696 -59.81 -64.37 -19.09
C ASN K 1696 -60.22 -65.84 -19.06
N HIS K 1697 -60.61 -66.39 -20.22
CA HIS K 1697 -60.97 -67.80 -20.25
C HIS K 1697 -59.79 -68.68 -19.91
N PHE K 1698 -58.61 -68.36 -20.45
CA PHE K 1698 -57.43 -69.17 -20.16
C PHE K 1698 -57.06 -69.10 -18.69
N LYS K 1699 -57.15 -67.91 -18.09
CA LYS K 1699 -56.87 -67.78 -16.66
C LYS K 1699 -57.87 -68.58 -15.84
N ASP K 1700 -59.15 -68.52 -16.19
CA ASP K 1700 -60.16 -69.25 -15.43
C ASP K 1700 -59.96 -70.75 -15.55
N THR K 1701 -59.67 -71.24 -16.75
CA THR K 1701 -59.65 -72.68 -17.02
C THR K 1701 -58.32 -73.31 -16.61
N TYR K 1702 -57.23 -72.81 -17.19
CA TYR K 1702 -55.91 -73.41 -17.00
C TYR K 1702 -54.94 -72.51 -16.23
N GLY K 1703 -55.37 -71.33 -15.79
CA GLY K 1703 -54.55 -70.51 -14.93
C GLY K 1703 -53.29 -69.97 -15.57
N PHE K 1704 -53.32 -69.63 -16.85
CA PHE K 1704 -52.23 -68.94 -17.51
C PHE K 1704 -52.76 -67.87 -18.44
N SER K 1705 -51.91 -66.90 -18.76
CA SER K 1705 -52.27 -65.76 -19.57
C SER K 1705 -51.64 -65.89 -20.95
N ILE K 1706 -52.48 -66.10 -21.96
CA ILE K 1706 -51.96 -66.15 -23.33
C ILE K 1706 -51.41 -64.79 -23.74
N LEU K 1707 -52.03 -63.71 -23.25
CA LEU K 1707 -51.48 -62.39 -23.51
C LEU K 1707 -50.08 -62.25 -22.92
N ASP K 1708 -49.88 -62.73 -21.68
CA ASP K 1708 -48.56 -62.69 -21.07
C ASP K 1708 -47.57 -63.52 -21.86
N ILE K 1709 -48.00 -64.71 -22.31
CA ILE K 1709 -47.11 -65.57 -23.07
C ILE K 1709 -46.70 -64.89 -24.38
N VAL K 1710 -47.65 -64.27 -25.06
CA VAL K 1710 -47.32 -63.59 -26.32
C VAL K 1710 -46.39 -62.41 -26.06
N ILE K 1711 -46.65 -61.65 -24.99
CA ILE K 1711 -45.89 -60.44 -24.75
C ILE K 1711 -44.45 -60.76 -24.37
N ASN K 1712 -44.26 -61.70 -23.44
CA ASN K 1712 -42.96 -61.94 -22.84
C ASN K 1712 -42.24 -63.16 -23.41
N ASN K 1713 -42.97 -64.21 -23.77
CA ASN K 1713 -42.40 -65.45 -24.28
C ASN K 1713 -41.47 -66.07 -23.24
N PRO K 1714 -41.98 -66.43 -22.07
CA PRO K 1714 -41.12 -67.04 -21.05
C PRO K 1714 -40.65 -68.41 -21.51
N VAL K 1715 -39.42 -68.77 -21.08
CA VAL K 1715 -38.90 -70.09 -21.40
C VAL K 1715 -39.69 -71.17 -20.67
N ASN K 1716 -40.04 -70.91 -19.41
CA ASN K 1716 -40.80 -71.85 -18.60
C ASN K 1716 -41.95 -71.10 -17.93
N LEU K 1717 -43.02 -71.83 -17.65
CA LEU K 1717 -44.22 -71.28 -17.04
C LEU K 1717 -44.79 -72.29 -16.05
N THR K 1718 -44.82 -71.92 -14.77
CA THR K 1718 -45.30 -72.80 -13.71
C THR K 1718 -46.72 -72.40 -13.34
N ILE K 1719 -47.63 -73.37 -13.39
CA ILE K 1719 -49.02 -73.21 -12.97
C ILE K 1719 -49.13 -73.88 -11.62
N HIS K 1720 -49.71 -73.18 -10.65
CA HIS K 1720 -49.78 -73.65 -9.28
C HIS K 1720 -51.23 -73.93 -8.91
N PHE K 1721 -51.42 -74.97 -8.09
CA PHE K 1721 -52.73 -75.49 -7.75
C PHE K 1721 -53.07 -75.31 -6.28
N GLY K 1722 -52.74 -74.15 -5.71
CA GLY K 1722 -53.07 -73.85 -4.33
C GLY K 1722 -54.41 -73.12 -4.22
N GLY K 1723 -55.16 -73.46 -3.18
CA GLY K 1723 -56.45 -72.84 -2.95
C GLY K 1723 -57.54 -73.45 -3.81
N GLU K 1724 -58.75 -72.90 -3.65
CA GLU K 1724 -59.90 -73.40 -4.39
C GLU K 1724 -59.72 -73.19 -5.89
N LYS K 1725 -59.26 -72.00 -6.29
CA LYS K 1725 -59.03 -71.72 -7.70
C LYS K 1725 -57.95 -72.65 -8.26
N GLY K 1726 -56.89 -72.88 -7.49
CA GLY K 1726 -55.85 -73.78 -7.93
C GLY K 1726 -56.34 -75.20 -8.10
N LYS K 1727 -57.18 -75.67 -7.17
CA LYS K 1727 -57.76 -77.01 -7.31
C LYS K 1727 -58.65 -77.10 -8.53
N ARG K 1728 -59.44 -76.05 -8.80
CA ARG K 1728 -60.27 -76.05 -9.99
C ARG K 1728 -59.43 -76.12 -11.25
N ILE K 1729 -58.34 -75.35 -11.30
CA ILE K 1729 -57.45 -75.39 -12.46
C ILE K 1729 -56.81 -76.78 -12.58
N ARG K 1730 -56.46 -77.39 -11.45
CA ARG K 1730 -55.85 -78.72 -11.49
C ARG K 1730 -56.82 -79.74 -12.05
N GLU K 1731 -58.08 -79.70 -11.62
CA GLU K 1731 -59.05 -80.64 -12.16
C GLU K 1731 -59.33 -80.35 -13.63
N ASN K 1732 -59.26 -79.08 -14.04
CA ASN K 1732 -59.37 -78.76 -15.46
C ASN K 1732 -58.22 -79.39 -16.25
N TYR K 1733 -57.00 -79.33 -15.70
CA TYR K 1733 -55.86 -79.93 -16.36
C TYR K 1733 -56.00 -81.45 -16.43
N SER K 1734 -56.52 -82.07 -15.38
CA SER K 1734 -56.67 -83.52 -15.35
C SER K 1734 -57.80 -84.01 -16.24
N ALA K 1735 -58.85 -83.21 -16.44
CA ALA K 1735 -60.02 -83.67 -17.18
C ALA K 1735 -59.66 -83.98 -18.64
N MET K 1736 -58.89 -83.11 -19.27
CA MET K 1736 -58.66 -83.24 -20.70
C MET K 1736 -57.80 -84.45 -21.01
N ILE K 1737 -58.25 -85.25 -21.99
CA ILE K 1737 -57.66 -86.54 -22.29
C ILE K 1737 -57.73 -86.75 -23.80
N PHE K 1738 -56.66 -87.33 -24.36
CA PHE K 1738 -56.61 -87.68 -25.77
C PHE K 1738 -57.09 -89.11 -25.94
N GLU K 1739 -58.24 -89.28 -26.58
CA GLU K 1739 -58.84 -90.59 -26.79
C GLU K 1739 -58.52 -91.07 -28.19
N THR K 1740 -58.24 -92.37 -28.31
CA THR K 1740 -57.84 -93.00 -29.55
C THR K 1740 -58.63 -94.28 -29.74
N ILE K 1741 -58.83 -94.67 -30.99
CA ILE K 1741 -59.61 -95.85 -31.36
C ILE K 1741 -58.63 -96.89 -31.89
N VAL K 1742 -58.40 -97.95 -31.13
CA VAL K 1742 -57.53 -99.04 -31.54
C VAL K 1742 -58.30 -100.36 -31.40
N ASP K 1743 -58.37 -101.11 -32.50
CA ASP K 1743 -59.12 -102.36 -32.53
C ASP K 1743 -60.58 -102.14 -32.14
N GLY K 1744 -61.11 -100.98 -32.53
CA GLY K 1744 -62.47 -100.63 -32.14
C GLY K 1744 -62.64 -100.50 -30.64
N LYS K 1745 -61.60 -100.06 -29.94
CA LYS K 1745 -61.64 -99.85 -28.50
C LYS K 1745 -61.16 -98.44 -28.18
N LEU K 1746 -61.84 -97.79 -27.24
CA LEU K 1746 -61.61 -96.39 -26.91
C LEU K 1746 -60.55 -96.30 -25.81
N LYS K 1747 -59.28 -96.30 -26.24
CA LYS K 1747 -58.20 -96.13 -25.29
C LYS K 1747 -58.03 -94.66 -24.95
N THR K 1748 -57.71 -94.39 -23.68
CA THR K 1748 -57.57 -93.04 -23.15
C THR K 1748 -56.11 -92.79 -22.78
N GLU K 1749 -55.57 -91.67 -23.25
CA GLU K 1749 -54.22 -91.23 -22.91
C GLU K 1749 -54.35 -89.90 -22.18
N LYS K 1750 -53.91 -89.87 -20.93
CA LYS K 1750 -54.06 -88.67 -20.11
C LYS K 1750 -52.96 -87.67 -20.44
N ILE K 1751 -53.35 -86.50 -20.90
CA ILE K 1751 -52.40 -85.41 -21.09
C ILE K 1751 -51.99 -84.88 -19.73
N PHE K 1752 -50.76 -84.35 -19.65
CA PHE K 1752 -50.18 -83.90 -18.38
C PHE K 1752 -50.08 -85.06 -17.39
N LYS K 1753 -49.21 -86.02 -17.74
CA LYS K 1753 -48.98 -87.18 -16.91
C LYS K 1753 -48.58 -86.79 -15.49
N GLU K 1754 -47.79 -85.73 -15.35
CA GLU K 1754 -47.34 -85.29 -14.03
C GLU K 1754 -48.35 -84.33 -13.40
N ILE K 1755 -49.60 -84.75 -13.37
CA ILE K 1755 -50.66 -84.03 -12.65
C ILE K 1755 -51.59 -85.07 -12.05
N ASN K 1756 -51.93 -84.89 -10.78
CA ASN K 1756 -52.78 -85.80 -10.05
C ASN K 1756 -53.36 -85.06 -8.87
N GLU K 1757 -54.13 -85.78 -8.04
CA GLU K 1757 -54.79 -85.13 -6.91
C GLU K 1757 -53.78 -84.53 -5.94
N HIS K 1758 -52.61 -85.14 -5.82
CA HIS K 1758 -51.57 -84.65 -4.92
C HIS K 1758 -50.61 -83.68 -5.59
N SER K 1759 -50.79 -83.39 -6.88
CA SER K 1759 -49.88 -82.48 -7.57
C SER K 1759 -50.15 -81.04 -7.17
N THR K 1760 -49.08 -80.32 -6.82
CA THR K 1760 -49.19 -78.93 -6.40
C THR K 1760 -48.88 -77.94 -7.53
N SER K 1761 -48.21 -78.37 -8.59
CA SER K 1761 -47.94 -77.48 -9.71
C SER K 1761 -47.55 -78.29 -10.93
N TYR K 1762 -47.60 -77.62 -12.08
CA TYR K 1762 -47.14 -78.18 -13.35
C TYR K 1762 -46.38 -77.10 -14.11
N THR K 1763 -45.22 -77.47 -14.64
CA THR K 1763 -44.36 -76.54 -15.36
C THR K 1763 -44.33 -76.90 -16.84
N PHE K 1764 -44.63 -75.93 -17.69
CA PHE K 1764 -44.46 -76.08 -19.13
C PHE K 1764 -43.00 -75.91 -19.49
N ARG K 1765 -42.44 -76.90 -20.19
CA ARG K 1765 -41.03 -76.94 -20.53
C ARG K 1765 -40.85 -76.62 -22.00
N SER K 1766 -39.88 -75.75 -22.30
CA SER K 1766 -39.55 -75.42 -23.67
C SER K 1766 -38.06 -75.19 -23.79
N GLU K 1767 -37.54 -75.37 -25.00
CA GLU K 1767 -36.11 -75.21 -25.25
C GLU K 1767 -35.73 -73.73 -25.30
N LYS K 1768 -36.31 -72.99 -26.23
CA LYS K 1768 -36.01 -71.58 -26.43
C LYS K 1768 -37.09 -70.67 -25.87
N GLY K 1769 -38.35 -70.97 -26.10
CA GLY K 1769 -39.44 -70.17 -25.58
C GLY K 1769 -40.74 -70.94 -25.68
N LEU K 1770 -41.69 -70.56 -24.81
CA LEU K 1770 -42.98 -71.22 -24.81
C LEU K 1770 -43.84 -70.78 -25.99
N LEU K 1771 -43.61 -69.57 -26.50
CA LEU K 1771 -44.37 -69.11 -27.65
C LEU K 1771 -44.08 -69.94 -28.89
N SER K 1772 -42.93 -70.63 -28.92
CA SER K 1772 -42.65 -71.57 -30.00
C SER K 1772 -43.37 -72.90 -29.83
N ALA K 1773 -43.83 -73.21 -28.62
CA ALA K 1773 -44.53 -74.47 -28.39
C ALA K 1773 -45.88 -74.46 -29.09
N THR K 1774 -46.25 -75.61 -29.66
CA THR K 1774 -47.49 -75.70 -30.41
C THR K 1774 -48.70 -75.43 -29.51
N GLN K 1775 -48.60 -75.81 -28.23
CA GLN K 1775 -49.73 -75.63 -27.32
C GLN K 1775 -50.06 -74.15 -27.14
N PHE K 1776 -49.05 -73.27 -27.21
CA PHE K 1776 -49.25 -71.84 -27.06
C PHE K 1776 -49.12 -71.07 -28.38
N THR K 1777 -48.35 -71.61 -29.34
CA THR K 1777 -48.25 -70.95 -30.64
C THR K 1777 -49.59 -70.94 -31.36
N GLN K 1778 -50.29 -72.07 -31.36
CA GLN K 1778 -51.54 -72.15 -32.09
C GLN K 1778 -52.64 -71.28 -31.50
N PRO K 1779 -52.89 -71.28 -30.18
CA PRO K 1779 -53.84 -70.29 -29.65
C PRO K 1779 -53.44 -68.86 -29.95
N ALA K 1780 -52.15 -68.54 -29.88
CA ALA K 1780 -51.72 -67.17 -30.16
C ALA K 1780 -52.00 -66.80 -31.61
N LEU K 1781 -51.71 -67.71 -32.54
CA LEU K 1781 -51.97 -67.44 -33.95
C LEU K 1781 -53.46 -67.28 -34.21
N THR K 1782 -54.27 -68.19 -33.67
CA THR K 1782 -55.71 -68.11 -33.86
C THR K 1782 -56.26 -66.81 -33.29
N LEU K 1783 -55.79 -66.41 -32.12
CA LEU K 1783 -56.28 -65.19 -31.49
C LEU K 1783 -55.86 -63.96 -32.26
N MET K 1784 -54.61 -63.92 -32.75
CA MET K 1784 -54.19 -62.76 -33.50
C MET K 1784 -54.99 -62.64 -34.80
N GLU K 1785 -55.23 -63.77 -35.46
CA GLU K 1785 -56.00 -63.73 -36.70
C GLU K 1785 -57.44 -63.31 -36.45
N LYS K 1786 -58.06 -63.86 -35.41
CA LYS K 1786 -59.43 -63.49 -35.07
C LYS K 1786 -59.51 -62.01 -34.66
N ALA K 1787 -58.50 -61.51 -33.95
CA ALA K 1787 -58.47 -60.11 -33.58
C ALA K 1787 -58.33 -59.21 -34.81
N ALA K 1788 -57.47 -59.60 -35.75
CA ALA K 1788 -57.36 -58.84 -36.99
C ALA K 1788 -58.68 -58.81 -37.73
N PHE K 1789 -59.35 -59.96 -37.83
CA PHE K 1789 -60.62 -59.99 -38.55
C PHE K 1789 -61.69 -59.19 -37.82
N GLU K 1790 -61.71 -59.23 -36.49
CA GLU K 1790 -62.70 -58.46 -35.74
C GLU K 1790 -62.46 -56.96 -35.89
N ASP K 1791 -61.19 -56.55 -35.91
CA ASP K 1791 -60.89 -55.15 -36.21
C ASP K 1791 -61.35 -54.77 -37.60
N LEU K 1792 -61.13 -55.64 -38.59
CA LEU K 1792 -61.60 -55.37 -39.94
C LEU K 1792 -63.11 -55.25 -39.98
N LYS K 1793 -63.81 -56.14 -39.27
CA LYS K 1793 -65.27 -56.10 -39.26
C LYS K 1793 -65.78 -54.84 -38.57
N SER K 1794 -65.14 -54.43 -37.48
CA SER K 1794 -65.51 -53.17 -36.84
C SER K 1794 -65.27 -51.99 -37.77
N LYS K 1795 -64.24 -52.06 -38.60
CA LYS K 1795 -63.99 -51.03 -39.61
C LYS K 1795 -64.88 -51.17 -40.82
N GLY K 1796 -65.63 -52.27 -40.94
CA GLY K 1796 -66.55 -52.44 -42.06
C GLY K 1796 -65.90 -52.87 -43.35
N LEU K 1797 -64.78 -53.58 -43.27
CA LEU K 1797 -63.98 -53.95 -44.43
C LEU K 1797 -64.23 -55.39 -44.89
N ILE K 1798 -65.30 -56.02 -44.40
CA ILE K 1798 -65.59 -57.43 -44.70
C ILE K 1798 -66.76 -57.49 -45.67
N PRO K 1799 -66.55 -57.83 -46.95
CA PRO K 1799 -67.71 -57.99 -47.84
C PRO K 1799 -68.60 -59.13 -47.38
N ALA K 1800 -69.91 -58.94 -47.58
CA ALA K 1800 -70.87 -59.97 -47.17
C ALA K 1800 -70.66 -61.27 -47.94
N ASP K 1801 -70.35 -61.16 -49.23
CA ASP K 1801 -70.18 -62.32 -50.10
C ASP K 1801 -68.74 -62.81 -50.16
N ALA K 1802 -67.84 -62.23 -49.36
CA ALA K 1802 -66.44 -62.64 -49.40
C ALA K 1802 -66.29 -64.10 -48.99
N THR K 1803 -65.37 -64.79 -49.66
CA THR K 1803 -65.10 -66.19 -49.36
C THR K 1803 -63.94 -66.29 -48.37
N PHE K 1804 -63.69 -67.49 -47.85
CA PHE K 1804 -62.63 -67.64 -46.87
C PHE K 1804 -62.14 -69.08 -46.83
N ALA K 1805 -60.86 -69.23 -46.53
CA ALA K 1805 -60.21 -70.51 -46.37
C ALA K 1805 -59.14 -70.39 -45.29
N GLY K 1806 -58.63 -71.52 -44.84
CA GLY K 1806 -57.63 -71.51 -43.80
C GLY K 1806 -56.70 -72.70 -43.84
N HIS K 1807 -55.43 -72.46 -43.59
CA HIS K 1807 -54.41 -73.51 -43.56
C HIS K 1807 -54.28 -74.04 -42.13
N SER K 1808 -54.49 -75.34 -41.96
CA SER K 1808 -54.35 -76.01 -40.67
C SER K 1808 -55.33 -75.34 -39.70
N LEU K 1809 -54.88 -74.86 -38.53
CA LEU K 1809 -55.80 -74.22 -37.59
C LEU K 1809 -56.23 -72.84 -38.06
N GLY K 1810 -55.60 -72.33 -39.13
CA GLY K 1810 -56.16 -71.18 -39.80
C GLY K 1810 -57.59 -71.44 -40.26
N GLU K 1811 -57.92 -72.69 -40.57
CA GLU K 1811 -59.30 -73.04 -40.88
C GLU K 1811 -60.20 -72.77 -39.70
N TYR K 1812 -59.78 -73.17 -38.50
CA TYR K 1812 -60.58 -72.93 -37.30
C TYR K 1812 -60.73 -71.43 -37.06
N ALA K 1813 -59.65 -70.68 -37.23
CA ALA K 1813 -59.73 -69.23 -37.11
C ALA K 1813 -60.73 -68.66 -38.12
N ALA K 1814 -60.72 -69.18 -39.35
CA ALA K 1814 -61.63 -68.69 -40.37
C ALA K 1814 -63.08 -68.99 -40.02
N LEU K 1815 -63.35 -70.20 -39.53
CA LEU K 1815 -64.72 -70.52 -39.12
C LEU K 1815 -65.18 -69.63 -37.98
N ALA K 1816 -64.34 -69.43 -36.97
CA ALA K 1816 -64.71 -68.57 -35.86
C ALA K 1816 -64.78 -67.10 -36.26
N SER K 1817 -64.16 -66.72 -37.38
CA SER K 1817 -64.11 -65.32 -37.81
C SER K 1817 -65.27 -64.97 -38.74
N LEU K 1818 -65.38 -65.65 -39.88
CA LEU K 1818 -66.38 -65.31 -40.87
C LEU K 1818 -67.75 -65.88 -40.52
N ALA K 1819 -67.79 -67.13 -40.06
CA ALA K 1819 -69.05 -67.81 -39.79
C ALA K 1819 -69.48 -67.71 -38.34
N ASP K 1820 -68.57 -67.46 -37.41
CA ASP K 1820 -68.88 -67.38 -35.99
C ASP K 1820 -69.58 -68.66 -35.51
N VAL K 1821 -69.10 -69.81 -35.98
CA VAL K 1821 -69.71 -71.08 -35.58
C VAL K 1821 -69.47 -71.34 -34.10
N MET K 1822 -68.37 -70.84 -33.56
CA MET K 1822 -68.02 -71.01 -32.16
C MET K 1822 -67.48 -69.71 -31.59
N SER K 1823 -67.70 -69.50 -30.30
CA SER K 1823 -67.27 -68.28 -29.64
C SER K 1823 -65.77 -68.32 -29.38
N ILE K 1824 -65.25 -67.26 -28.76
CA ILE K 1824 -63.82 -67.20 -28.46
C ILE K 1824 -63.48 -68.22 -27.38
N GLU K 1825 -64.38 -68.38 -26.39
CA GLU K 1825 -64.13 -69.33 -25.32
C GLU K 1825 -64.03 -70.75 -25.86
N SER K 1826 -64.87 -71.10 -26.83
CA SER K 1826 -64.79 -72.43 -27.42
C SER K 1826 -63.61 -72.55 -28.38
N LEU K 1827 -63.30 -71.47 -29.11
CA LEU K 1827 -62.19 -71.52 -30.05
C LEU K 1827 -60.86 -71.73 -29.33
N VAL K 1828 -60.65 -71.01 -28.23
CA VAL K 1828 -59.40 -71.19 -27.49
C VAL K 1828 -59.33 -72.60 -26.90
N GLU K 1829 -60.45 -73.12 -26.41
CA GLU K 1829 -60.45 -74.49 -25.89
C GLU K 1829 -60.06 -75.48 -26.97
N VAL K 1830 -60.69 -75.39 -28.14
CA VAL K 1830 -60.41 -76.35 -29.21
C VAL K 1830 -58.96 -76.24 -29.66
N VAL K 1831 -58.47 -75.01 -29.85
CA VAL K 1831 -57.11 -74.83 -30.35
C VAL K 1831 -56.09 -75.30 -29.31
N PHE K 1832 -56.31 -74.97 -28.04
CA PHE K 1832 -55.40 -75.40 -26.99
C PHE K 1832 -55.40 -76.92 -26.85
N TYR K 1833 -56.57 -77.55 -26.92
CA TYR K 1833 -56.64 -78.99 -26.84
C TYR K 1833 -55.91 -79.63 -28.02
N ARG K 1834 -56.10 -79.09 -29.23
CA ARG K 1834 -55.41 -79.63 -30.39
C ARG K 1834 -53.90 -79.48 -30.25
N GLY K 1835 -53.44 -78.35 -29.73
CA GLY K 1835 -52.01 -78.16 -29.54
C GLY K 1835 -51.45 -79.08 -28.48
N MET K 1836 -52.19 -79.30 -27.39
CA MET K 1836 -51.69 -80.14 -26.32
C MET K 1836 -51.74 -81.62 -26.68
N THR K 1837 -52.67 -82.02 -27.55
CA THR K 1837 -52.74 -83.41 -27.98
C THR K 1837 -51.49 -83.81 -28.77
N MET K 1838 -50.79 -82.84 -29.36
CA MET K 1838 -49.56 -83.15 -30.09
C MET K 1838 -48.45 -83.60 -29.15
N GLN K 1839 -48.56 -83.34 -27.85
CA GLN K 1839 -47.54 -83.80 -26.92
C GLN K 1839 -47.67 -85.31 -26.67
N VAL K 1840 -48.86 -85.86 -26.83
CA VAL K 1840 -49.12 -87.26 -26.54
C VAL K 1840 -49.50 -88.06 -27.77
N ALA K 1841 -49.66 -87.43 -28.93
CA ALA K 1841 -50.13 -88.15 -30.12
C ALA K 1841 -49.08 -89.09 -30.69
N VAL K 1842 -47.80 -88.87 -30.38
CA VAL K 1842 -46.72 -89.72 -30.85
C VAL K 1842 -45.87 -90.12 -29.66
N PRO K 1843 -45.24 -91.30 -29.66
CA PRO K 1843 -44.32 -91.63 -28.56
C PRO K 1843 -43.11 -90.72 -28.57
N ARG K 1844 -42.63 -90.41 -27.36
CA ARG K 1844 -41.48 -89.54 -27.19
C ARG K 1844 -40.56 -90.13 -26.13
N ASP K 1845 -39.27 -89.85 -26.27
CA ASP K 1845 -38.29 -90.32 -25.31
C ASP K 1845 -38.38 -89.47 -24.04
N GLU K 1846 -37.46 -89.73 -23.10
CA GLU K 1846 -37.46 -88.99 -21.85
C GLU K 1846 -37.17 -87.51 -22.06
N LEU K 1847 -36.40 -87.17 -23.10
CA LEU K 1847 -36.06 -85.78 -23.38
C LEU K 1847 -37.10 -85.07 -24.24
N GLY K 1848 -38.16 -85.74 -24.65
CA GLY K 1848 -39.26 -85.11 -25.35
C GLY K 1848 -39.12 -85.04 -26.85
N ARG K 1849 -37.99 -85.47 -27.41
CA ARG K 1849 -37.80 -85.44 -28.86
C ARG K 1849 -38.48 -86.65 -29.49
N SER K 1850 -39.33 -86.40 -30.48
CA SER K 1850 -40.12 -87.44 -31.12
C SER K 1850 -39.43 -87.95 -32.37
N ASN K 1851 -39.89 -89.11 -32.84
CA ASN K 1851 -39.31 -89.76 -34.01
C ASN K 1851 -39.91 -89.23 -35.30
N TYR K 1852 -41.10 -88.64 -35.24
CA TYR K 1852 -41.78 -88.16 -36.44
C TYR K 1852 -41.39 -86.72 -36.76
N GLY K 1853 -41.84 -86.25 -37.92
CA GLY K 1853 -41.53 -84.90 -38.34
C GLY K 1853 -42.07 -84.62 -39.73
N MET K 1854 -41.65 -83.47 -40.27
CA MET K 1854 -42.08 -82.98 -41.57
C MET K 1854 -40.92 -82.31 -42.30
N ILE K 1855 -40.89 -82.51 -43.62
CA ILE K 1855 -40.00 -81.78 -44.52
C ILE K 1855 -40.85 -81.08 -45.56
N ALA K 1856 -40.27 -80.05 -46.17
CA ALA K 1856 -40.88 -79.31 -47.27
C ALA K 1856 -40.10 -79.61 -48.54
N ILE K 1857 -40.77 -80.24 -49.50
CA ILE K 1857 -40.17 -80.67 -50.76
C ILE K 1857 -40.43 -79.62 -51.82
N ASN K 1858 -39.43 -79.40 -52.68
CA ASN K 1858 -39.48 -78.43 -53.77
C ASN K 1858 -39.14 -79.17 -55.06
N PRO K 1859 -40.12 -79.72 -55.79
CA PRO K 1859 -39.80 -80.45 -57.02
C PRO K 1859 -39.06 -79.62 -58.05
N GLY K 1860 -39.30 -78.31 -58.09
CA GLY K 1860 -38.61 -77.47 -59.06
C GLY K 1860 -37.11 -77.48 -58.87
N ARG K 1861 -36.67 -77.51 -57.61
CA ARG K 1861 -35.22 -77.56 -57.35
C ARG K 1861 -34.65 -78.93 -57.73
N VAL K 1862 -35.42 -79.99 -57.56
CA VAL K 1862 -34.94 -81.32 -57.95
C VAL K 1862 -34.78 -81.39 -59.46
N ALA K 1863 -35.79 -80.94 -60.20
CA ALA K 1863 -35.73 -80.94 -61.65
C ALA K 1863 -36.80 -80.03 -62.20
N ALA K 1864 -36.61 -79.59 -63.44
CA ALA K 1864 -37.56 -78.72 -64.11
C ALA K 1864 -38.81 -79.46 -64.59
N SER K 1865 -38.74 -80.78 -64.73
CA SER K 1865 -39.87 -81.59 -65.19
C SER K 1865 -40.32 -82.58 -64.11
N PHE K 1866 -40.16 -82.21 -62.85
CA PHE K 1866 -40.60 -83.04 -61.73
C PHE K 1866 -42.03 -82.64 -61.38
N SER K 1867 -42.97 -83.51 -61.72
CA SER K 1867 -44.39 -83.21 -61.52
C SER K 1867 -44.83 -83.66 -60.13
N GLN K 1868 -45.99 -83.13 -59.72
CA GLN K 1868 -46.58 -83.54 -58.45
C GLN K 1868 -46.90 -85.02 -58.46
N GLU K 1869 -47.32 -85.54 -59.61
CA GLU K 1869 -47.58 -86.97 -59.73
C GLU K 1869 -46.28 -87.74 -59.53
N ALA K 1870 -45.18 -87.25 -60.09
CA ALA K 1870 -43.88 -87.91 -59.90
C ALA K 1870 -43.49 -87.93 -58.43
N LEU K 1871 -43.63 -86.79 -57.75
CA LEU K 1871 -43.27 -86.74 -56.33
C LEU K 1871 -44.18 -87.64 -55.50
N GLN K 1872 -45.47 -87.67 -55.83
CA GLN K 1872 -46.40 -88.54 -55.11
C GLN K 1872 -46.07 -90.00 -55.33
N TYR K 1873 -45.70 -90.37 -56.57
CA TYR K 1873 -45.24 -91.72 -56.86
C TYR K 1873 -44.02 -92.08 -56.04
N VAL K 1874 -43.03 -91.20 -56.00
CA VAL K 1874 -41.83 -91.44 -55.19
C VAL K 1874 -42.22 -91.62 -53.73
N VAL K 1875 -43.14 -90.80 -53.24
CA VAL K 1875 -43.51 -90.86 -51.83
C VAL K 1875 -44.18 -92.20 -51.51
N GLU K 1876 -45.16 -92.60 -52.33
CA GLU K 1876 -45.85 -93.86 -52.04
C GLU K 1876 -44.91 -95.03 -52.15
N ARG K 1877 -44.05 -95.05 -53.17
CA ARG K 1877 -43.15 -96.18 -53.33
C ARG K 1877 -42.14 -96.24 -52.20
N VAL K 1878 -41.62 -95.08 -51.77
CA VAL K 1878 -40.71 -95.07 -50.62
C VAL K 1878 -41.41 -95.63 -49.39
N GLY K 1879 -42.62 -95.14 -49.10
CA GLY K 1879 -43.33 -95.60 -47.93
C GLY K 1879 -43.63 -97.08 -47.95
N LYS K 1880 -44.11 -97.58 -49.08
CA LYS K 1880 -44.50 -98.98 -49.17
C LYS K 1880 -43.27 -99.90 -49.15
N ARG K 1881 -42.22 -99.54 -49.89
CA ARG K 1881 -41.03 -100.38 -49.92
C ARG K 1881 -40.35 -100.41 -48.56
N THR K 1882 -40.22 -99.26 -47.90
CA THR K 1882 -39.51 -99.21 -46.62
C THR K 1882 -40.37 -99.70 -45.47
N GLY K 1883 -41.70 -99.72 -45.63
CA GLY K 1883 -42.59 -100.18 -44.60
C GLY K 1883 -42.98 -99.13 -43.58
N TRP K 1884 -42.26 -98.00 -43.54
CA TRP K 1884 -42.55 -96.95 -42.58
C TRP K 1884 -43.69 -96.07 -43.09
N LEU K 1885 -43.99 -95.01 -42.33
CA LEU K 1885 -45.08 -94.11 -42.66
C LEU K 1885 -44.52 -92.81 -43.21
N VAL K 1886 -44.97 -92.43 -44.41
CA VAL K 1886 -44.59 -91.18 -45.03
C VAL K 1886 -45.65 -90.84 -46.08
N GLU K 1887 -46.08 -89.58 -46.07
CA GLU K 1887 -47.04 -89.16 -47.09
C GLU K 1887 -47.09 -87.65 -47.15
N ILE K 1888 -47.60 -87.14 -48.28
CA ILE K 1888 -47.75 -85.70 -48.47
C ILE K 1888 -48.92 -85.21 -47.63
N VAL K 1889 -48.69 -84.15 -46.87
CA VAL K 1889 -49.68 -83.61 -45.95
C VAL K 1889 -50.23 -82.27 -46.44
N ASN K 1890 -49.37 -81.44 -47.05
CA ASN K 1890 -49.78 -80.16 -47.61
C ASN K 1890 -49.33 -80.07 -49.06
N TYR K 1891 -50.29 -79.82 -49.95
CA TYR K 1891 -50.02 -79.44 -51.33
C TYR K 1891 -50.16 -77.93 -51.39
N ASN K 1892 -49.03 -77.22 -51.35
CA ASN K 1892 -49.04 -75.76 -51.21
C ASN K 1892 -48.98 -75.05 -52.56
N VAL K 1893 -47.94 -75.32 -53.35
CA VAL K 1893 -47.76 -74.69 -54.66
C VAL K 1893 -47.50 -75.80 -55.67
N GLU K 1894 -48.04 -75.64 -56.87
CA GLU K 1894 -47.92 -76.66 -57.91
C GLU K 1894 -46.48 -76.87 -58.31
N ASN K 1895 -45.96 -78.07 -58.05
CA ASN K 1895 -44.63 -78.49 -58.45
C ASN K 1895 -43.52 -77.60 -57.90
N GLN K 1896 -43.80 -76.82 -56.85
CA GLN K 1896 -42.79 -75.92 -56.30
C GLN K 1896 -42.76 -75.94 -54.77
N GLN K 1897 -43.85 -76.34 -54.12
CA GLN K 1897 -43.89 -76.34 -52.67
C GLN K 1897 -44.87 -77.39 -52.18
N TYR K 1898 -44.34 -78.40 -51.47
CA TYR K 1898 -45.14 -79.45 -50.87
C TYR K 1898 -44.57 -79.73 -49.49
N VAL K 1899 -45.34 -80.43 -48.67
CA VAL K 1899 -44.90 -80.86 -47.35
C VAL K 1899 -45.17 -82.35 -47.22
N ALA K 1900 -44.16 -83.09 -46.78
CA ALA K 1900 -44.28 -84.51 -46.47
C ALA K 1900 -44.09 -84.70 -44.97
N ALA K 1901 -44.89 -85.61 -44.41
CA ALA K 1901 -44.84 -85.90 -42.98
C ALA K 1901 -44.74 -87.41 -42.79
N GLY K 1902 -44.09 -87.78 -41.69
CA GLY K 1902 -43.96 -89.17 -41.33
C GLY K 1902 -42.82 -89.34 -40.35
N ASP K 1903 -42.33 -90.58 -40.24
CA ASP K 1903 -41.15 -90.82 -39.42
C ASP K 1903 -40.01 -89.95 -39.93
N LEU K 1904 -39.34 -89.24 -39.02
CA LEU K 1904 -38.20 -88.41 -39.42
C LEU K 1904 -37.13 -89.25 -40.12
N ARG K 1905 -36.97 -90.49 -39.68
CA ARG K 1905 -36.05 -91.41 -40.34
C ARG K 1905 -36.48 -91.66 -41.79
N ALA K 1906 -37.78 -91.86 -42.01
CA ALA K 1906 -38.29 -92.06 -43.38
C ALA K 1906 -38.15 -90.79 -44.21
N LEU K 1907 -38.35 -89.64 -43.58
CA LEU K 1907 -38.14 -88.37 -44.26
C LEU K 1907 -36.70 -88.23 -44.70
N ASP K 1908 -35.77 -88.75 -43.90
CA ASP K 1908 -34.37 -88.77 -44.31
C ASP K 1908 -34.18 -89.60 -45.58
N THR K 1909 -34.82 -90.77 -45.66
CA THR K 1909 -34.72 -91.58 -46.87
C THR K 1909 -35.32 -90.87 -48.07
N VAL K 1910 -36.46 -90.20 -47.88
CA VAL K 1910 -37.08 -89.47 -48.98
C VAL K 1910 -36.16 -88.35 -49.45
N THR K 1911 -35.54 -87.63 -48.51
CA THR K 1911 -34.61 -86.59 -48.88
C THR K 1911 -33.42 -87.15 -49.64
N ASN K 1912 -32.90 -88.30 -49.21
CA ASN K 1912 -31.77 -88.91 -49.92
C ASN K 1912 -32.18 -89.38 -51.31
N VAL K 1913 -33.39 -89.92 -51.43
CA VAL K 1913 -33.88 -90.38 -52.74
C VAL K 1913 -33.99 -89.20 -53.70
N LEU K 1914 -34.59 -88.11 -53.23
CA LEU K 1914 -34.70 -86.92 -54.08
C LEU K 1914 -33.34 -86.32 -54.37
N ASN K 1915 -32.40 -86.43 -53.43
CA ASN K 1915 -31.04 -85.97 -53.68
C ASN K 1915 -30.40 -86.79 -54.80
N PHE K 1916 -30.60 -88.10 -54.76
CA PHE K 1916 -30.11 -88.97 -55.84
C PHE K 1916 -30.72 -88.56 -57.17
N ILE K 1917 -32.03 -88.33 -57.19
CA ILE K 1917 -32.72 -87.96 -58.44
C ILE K 1917 -32.18 -86.63 -58.95
N LYS K 1918 -31.98 -85.66 -58.06
CA LYS K 1918 -31.47 -84.37 -58.47
C LYS K 1918 -30.04 -84.49 -59.01
N LEU K 1919 -29.16 -85.15 -58.27
CA LEU K 1919 -27.76 -85.22 -58.67
C LEU K 1919 -27.60 -85.95 -59.99
N GLN K 1920 -28.25 -87.10 -60.15
CA GLN K 1920 -28.29 -87.80 -61.43
C GLN K 1920 -29.37 -87.20 -62.31
N LYS K 1921 -29.53 -87.75 -63.51
CA LYS K 1921 -30.54 -87.32 -64.46
C LYS K 1921 -31.85 -88.08 -64.35
N ILE K 1922 -31.97 -88.97 -63.36
CA ILE K 1922 -33.17 -89.79 -63.22
C ILE K 1922 -34.37 -88.90 -62.93
N GLU K 1934 -43.17 -101.50 -64.60
CA GLU K 1934 -42.58 -102.35 -63.58
C GLU K 1934 -41.08 -102.10 -63.47
N GLU K 1935 -40.44 -101.85 -64.63
CA GLU K 1935 -39.01 -101.54 -64.63
C GLU K 1935 -38.72 -100.27 -63.85
N VAL K 1936 -39.53 -99.23 -64.05
CA VAL K 1936 -39.37 -97.99 -63.29
C VAL K 1936 -39.58 -98.26 -61.81
N GLU K 1937 -40.56 -99.09 -61.47
CA GLU K 1937 -40.82 -99.41 -60.07
C GLU K 1937 -39.63 -100.09 -59.43
N GLY K 1938 -39.03 -101.07 -60.12
CA GLY K 1938 -37.87 -101.74 -59.57
C GLY K 1938 -36.65 -100.83 -59.46
N HIS K 1939 -36.45 -99.98 -60.47
CA HIS K 1939 -35.32 -99.05 -60.43
C HIS K 1939 -35.46 -98.08 -59.27
N LEU K 1940 -36.69 -97.62 -59.01
CA LEU K 1940 -36.91 -96.76 -57.86
C LEU K 1940 -36.78 -97.53 -56.55
N PHE K 1941 -37.20 -98.80 -56.54
CA PHE K 1941 -37.08 -99.60 -55.33
C PHE K 1941 -35.63 -99.80 -54.93
N GLU K 1942 -34.74 -99.92 -55.92
CA GLU K 1942 -33.32 -100.02 -55.60
C GLU K 1942 -32.84 -98.79 -54.83
N ILE K 1943 -33.20 -97.60 -55.31
CA ILE K 1943 -32.83 -96.36 -54.63
C ILE K 1943 -33.47 -96.31 -53.25
N ILE K 1944 -34.71 -96.79 -53.16
CA ILE K 1944 -35.42 -96.79 -51.88
C ILE K 1944 -34.70 -97.65 -50.86
N ASP K 1945 -34.27 -98.85 -51.27
CA ASP K 1945 -33.53 -99.72 -50.36
C ASP K 1945 -32.21 -99.09 -49.96
N GLU K 1946 -31.51 -98.49 -50.92
CA GLU K 1946 -30.24 -97.83 -50.60
C GLU K 1946 -30.44 -96.75 -49.54
N ALA K 1947 -31.41 -95.86 -49.74
CA ALA K 1947 -31.67 -94.81 -48.76
C ALA K 1947 -32.16 -95.37 -47.43
N SER K 1948 -33.01 -96.41 -47.48
CA SER K 1948 -33.55 -96.98 -46.25
C SER K 1948 -32.45 -97.55 -45.37
N LYS K 1949 -31.51 -98.28 -45.96
CA LYS K 1949 -30.42 -98.85 -45.20
C LYS K 1949 -29.28 -97.87 -44.97
N LYS K 1950 -29.29 -96.72 -45.63
CA LYS K 1950 -28.34 -95.65 -45.33
C LYS K 1950 -28.79 -94.79 -44.15
N SER K 1951 -30.09 -94.58 -43.99
CA SER K 1951 -30.60 -93.70 -42.95
C SER K 1951 -30.93 -94.39 -41.63
N ALA K 1952 -31.38 -95.65 -41.67
CA ALA K 1952 -31.87 -96.31 -40.47
C ALA K 1952 -30.77 -96.54 -39.44
N VAL K 1953 -29.50 -96.51 -39.84
CA VAL K 1953 -28.41 -96.76 -38.90
C VAL K 1953 -28.32 -95.70 -37.81
N LYS K 1954 -28.82 -94.50 -38.07
CA LYS K 1954 -28.71 -93.41 -37.11
C LYS K 1954 -29.62 -93.66 -35.91
N PRO K 1955 -29.39 -92.96 -34.79
CA PRO K 1955 -30.28 -93.11 -33.64
C PRO K 1955 -31.70 -92.68 -33.99
N ARG K 1956 -32.66 -93.22 -33.23
CA ARG K 1956 -34.07 -92.96 -33.52
C ARG K 1956 -34.44 -91.48 -33.49
N PRO K 1957 -34.04 -90.68 -32.48
CA PRO K 1957 -34.32 -89.23 -32.50
C PRO K 1957 -33.28 -88.45 -33.30
N LEU K 1958 -33.10 -88.81 -34.57
CA LEU K 1958 -32.11 -88.17 -35.41
C LEU K 1958 -32.58 -86.78 -35.81
N LYS K 1959 -31.74 -86.11 -36.60
CA LYS K 1959 -32.04 -84.79 -37.17
C LYS K 1959 -32.09 -84.92 -38.68
N LEU K 1960 -33.21 -84.51 -39.27
CA LEU K 1960 -33.36 -84.58 -40.72
C LEU K 1960 -32.50 -83.51 -41.37
N GLU K 1961 -31.55 -83.93 -42.18
CA GLU K 1961 -30.64 -83.00 -42.85
C GLU K 1961 -31.36 -82.34 -44.03
N ARG K 1962 -31.06 -81.06 -44.25
CA ARG K 1962 -31.67 -80.34 -45.36
C ARG K 1962 -30.99 -80.74 -46.67
N GLY K 1963 -31.80 -81.10 -47.66
CA GLY K 1963 -31.31 -81.46 -48.98
C GLY K 1963 -31.26 -80.27 -49.92
N PHE K 1964 -30.91 -80.56 -51.17
CA PHE K 1964 -30.90 -79.51 -52.19
C PHE K 1964 -32.31 -78.99 -52.44
N ALA K 1965 -33.34 -79.81 -52.18
CA ALA K 1965 -34.71 -79.42 -52.40
C ALA K 1965 -35.62 -79.66 -51.20
N CYS K 1966 -35.11 -80.25 -50.11
CA CYS K 1966 -35.91 -80.57 -48.94
C CYS K 1966 -35.48 -79.66 -47.79
N ILE K 1967 -36.47 -79.10 -47.10
CA ILE K 1967 -36.26 -78.17 -45.99
C ILE K 1967 -37.01 -78.72 -44.79
N PRO K 1968 -36.31 -79.29 -43.79
CA PRO K 1968 -37.04 -79.78 -42.61
C PRO K 1968 -37.72 -78.64 -41.86
N LEU K 1969 -38.89 -78.92 -41.32
CA LEU K 1969 -39.67 -77.91 -40.59
C LEU K 1969 -39.25 -77.91 -39.13
N VAL K 1970 -38.76 -76.77 -38.65
CA VAL K 1970 -38.25 -76.66 -37.29
C VAL K 1970 -39.42 -76.61 -36.31
N GLY K 1971 -39.33 -77.40 -35.25
CA GLY K 1971 -40.32 -77.39 -34.20
C GLY K 1971 -41.51 -78.31 -34.41
N ILE K 1972 -41.65 -78.89 -35.59
CA ILE K 1972 -42.74 -79.81 -35.89
C ILE K 1972 -42.28 -81.22 -35.52
N SER K 1973 -43.11 -81.94 -34.77
CA SER K 1973 -42.73 -83.25 -34.26
C SER K 1973 -43.83 -84.30 -34.36
N VAL K 1974 -44.97 -83.98 -34.96
CA VAL K 1974 -46.09 -84.92 -35.09
C VAL K 1974 -46.53 -84.93 -36.55
N PRO K 1975 -46.92 -86.08 -37.12
CA PRO K 1975 -47.45 -86.05 -38.50
C PRO K 1975 -48.94 -85.72 -38.55
N PHE K 1976 -49.26 -84.43 -38.41
CA PHE K 1976 -50.63 -84.00 -38.57
C PHE K 1976 -50.94 -83.82 -40.06
N HIS K 1977 -52.24 -83.78 -40.36
CA HIS K 1977 -52.72 -83.83 -41.74
C HIS K 1977 -52.21 -85.09 -42.45
N SER K 1978 -52.22 -86.21 -41.72
CA SER K 1978 -51.71 -87.48 -42.22
C SER K 1978 -52.63 -88.60 -41.77
N THR K 1979 -52.45 -89.77 -42.40
CA THR K 1979 -53.24 -90.94 -42.04
C THR K 1979 -52.89 -91.46 -40.65
N TYR K 1980 -51.79 -91.00 -40.07
CA TYR K 1980 -51.38 -91.50 -38.76
C TYR K 1980 -52.43 -91.21 -37.70
N LEU K 1981 -52.98 -89.99 -37.69
CA LEU K 1981 -54.01 -89.62 -36.73
C LEU K 1981 -55.41 -89.87 -37.27
N MET K 1982 -55.63 -91.07 -37.81
CA MET K 1982 -56.96 -91.50 -38.23
C MET K 1982 -57.74 -92.14 -37.11
N ASN K 1983 -57.06 -92.87 -36.22
CA ASN K 1983 -57.73 -93.52 -35.10
C ASN K 1983 -58.39 -92.49 -34.19
N GLY K 1984 -57.75 -91.35 -33.99
CA GLY K 1984 -58.25 -90.32 -33.08
C GLY K 1984 -59.31 -89.41 -33.63
N VAL K 1985 -59.80 -89.66 -34.85
CA VAL K 1985 -60.79 -88.78 -35.46
C VAL K 1985 -62.11 -88.84 -34.71
N LYS K 1986 -62.59 -90.06 -34.44
CA LYS K 1986 -63.91 -90.21 -33.83
C LYS K 1986 -64.01 -89.54 -32.46
N PRO K 1987 -63.13 -89.81 -31.49
CA PRO K 1987 -63.21 -89.07 -30.22
C PRO K 1987 -63.00 -87.57 -30.40
N PHE K 1988 -62.05 -87.18 -31.25
CA PHE K 1988 -61.86 -85.76 -31.53
C PHE K 1988 -63.10 -85.16 -32.16
N LYS K 1989 -63.80 -85.93 -32.99
CA LYS K 1989 -65.05 -85.46 -33.55
C LYS K 1989 -66.08 -85.20 -32.47
N SER K 1990 -66.15 -86.08 -31.46
CA SER K 1990 -67.07 -85.86 -30.35
C SER K 1990 -66.68 -84.61 -29.55
N PHE K 1991 -65.38 -84.39 -29.35
CA PHE K 1991 -64.93 -83.19 -28.68
C PHE K 1991 -65.33 -81.94 -29.46
N LEU K 1992 -65.19 -81.99 -30.78
CA LEU K 1992 -65.58 -80.86 -31.61
C LEU K 1992 -67.09 -80.65 -31.58
N LYS K 1993 -67.87 -81.73 -31.54
CA LYS K 1993 -69.32 -81.59 -31.44
C LYS K 1993 -69.71 -80.96 -30.11
N LYS K 1994 -69.00 -81.29 -29.04
CA LYS K 1994 -69.24 -80.63 -27.76
C LYS K 1994 -68.92 -79.15 -27.85
N ASN K 1995 -67.81 -78.80 -28.51
CA ASN K 1995 -67.39 -77.39 -28.54
C ASN K 1995 -68.24 -76.55 -29.49
N ILE K 1996 -68.67 -77.14 -30.60
CA ILE K 1996 -69.38 -76.41 -31.66
C ILE K 1996 -70.84 -76.79 -31.58
N ILE K 1997 -71.70 -75.80 -31.36
CA ILE K 1997 -73.13 -76.00 -31.12
C ILE K 1997 -73.86 -75.91 -32.45
N LYS K 1998 -74.88 -76.76 -32.62
CA LYS K 1998 -75.61 -76.82 -33.88
C LYS K 1998 -76.29 -75.49 -34.20
N GLU K 1999 -76.89 -74.86 -33.20
CA GLU K 1999 -77.64 -73.63 -33.43
C GLU K 1999 -76.72 -72.51 -33.91
N ASN K 2000 -75.45 -72.54 -33.51
CA ASN K 2000 -74.50 -71.50 -33.89
C ASN K 2000 -73.98 -71.67 -35.31
N VAL K 2001 -74.25 -72.78 -35.97
CA VAL K 2001 -73.81 -72.99 -37.35
C VAL K 2001 -74.79 -72.28 -38.28
N LYS K 2002 -74.27 -71.41 -39.13
CA LYS K 2002 -75.08 -70.61 -40.04
C LYS K 2002 -74.81 -71.04 -41.48
N VAL K 2003 -75.83 -71.63 -42.11
CA VAL K 2003 -75.67 -72.17 -43.46
C VAL K 2003 -75.44 -71.04 -44.45
N ALA K 2004 -76.12 -69.91 -44.26
CA ALA K 2004 -75.89 -68.76 -45.14
C ALA K 2004 -74.44 -68.28 -45.04
N ARG K 2005 -73.89 -68.27 -43.83
CA ARG K 2005 -72.53 -67.80 -43.63
C ARG K 2005 -71.49 -68.78 -44.13
N LEU K 2006 -71.80 -70.07 -44.15
CA LEU K 2006 -70.85 -71.09 -44.61
C LEU K 2006 -70.93 -71.39 -46.10
N ALA K 2007 -72.14 -71.45 -46.67
CA ALA K 2007 -72.32 -71.94 -48.01
C ALA K 2007 -71.73 -70.98 -49.04
N GLY K 2008 -70.97 -71.53 -49.98
CA GLY K 2008 -70.39 -70.74 -51.05
C GLY K 2008 -69.21 -69.88 -50.65
N LYS K 2009 -68.83 -69.89 -49.38
CA LYS K 2009 -67.75 -69.06 -48.86
C LYS K 2009 -66.65 -69.86 -48.18
N TYR K 2010 -66.95 -71.05 -47.66
CA TYR K 2010 -66.00 -71.86 -46.92
C TYR K 2010 -65.44 -72.93 -47.84
N ILE K 2011 -64.11 -73.03 -47.89
CA ILE K 2011 -63.42 -74.03 -48.70
C ILE K 2011 -62.66 -74.95 -47.76
N PRO K 2012 -63.24 -76.07 -47.32
CA PRO K 2012 -62.54 -76.95 -46.38
C PRO K 2012 -61.28 -77.56 -46.98
N ASN K 2013 -60.31 -77.83 -46.11
CA ASN K 2013 -59.09 -78.50 -46.56
C ASN K 2013 -59.36 -79.96 -46.94
N LEU K 2014 -60.27 -80.64 -46.24
CA LEU K 2014 -60.62 -82.00 -46.63
C LEU K 2014 -61.20 -82.03 -48.04
N THR K 2015 -62.18 -81.18 -48.31
CA THR K 2015 -62.80 -81.07 -49.63
C THR K 2015 -62.58 -79.63 -50.09
N ALA K 2016 -61.59 -79.42 -50.96
CA ALA K 2016 -61.22 -78.08 -51.40
C ALA K 2016 -62.19 -77.57 -52.47
N LYS K 2017 -63.45 -77.47 -52.08
CA LYS K 2017 -64.53 -76.96 -52.91
C LYS K 2017 -65.37 -76.01 -52.06
N PRO K 2018 -66.13 -75.12 -52.70
CA PRO K 2018 -67.16 -74.38 -51.95
C PRO K 2018 -67.97 -75.27 -51.03
N PHE K 2019 -68.12 -74.82 -49.78
CA PHE K 2019 -69.00 -75.50 -48.84
C PHE K 2019 -70.43 -75.46 -49.40
N GLN K 2020 -71.01 -76.65 -49.62
CA GLN K 2020 -72.39 -76.77 -50.06
C GLN K 2020 -73.03 -77.93 -49.35
N VAL K 2021 -74.27 -77.74 -48.89
CA VAL K 2021 -75.04 -78.81 -48.24
C VAL K 2021 -75.78 -79.53 -49.36
N THR K 2022 -75.09 -80.46 -50.02
CA THR K 2022 -75.65 -81.19 -51.14
C THR K 2022 -75.22 -82.65 -51.07
N LYS K 2023 -76.03 -83.51 -51.67
CA LYS K 2023 -75.71 -84.93 -51.75
C LYS K 2023 -74.37 -85.14 -52.44
N GLU K 2024 -74.06 -84.34 -53.46
CA GLU K 2024 -72.77 -84.45 -54.12
C GLU K 2024 -71.62 -84.15 -53.16
N TYR K 2025 -71.78 -83.11 -52.34
CA TYR K 2025 -70.73 -82.78 -51.37
C TYR K 2025 -70.57 -83.88 -50.34
N PHE K 2026 -71.68 -84.39 -49.81
CA PHE K 2026 -71.60 -85.44 -48.80
C PHE K 2026 -70.96 -86.69 -49.38
N GLN K 2027 -71.27 -87.01 -50.64
CA GLN K 2027 -70.63 -88.14 -51.29
C GLN K 2027 -69.14 -87.89 -51.48
N ASP K 2028 -68.76 -86.67 -51.87
CA ASP K 2028 -67.35 -86.34 -52.04
C ASP K 2028 -66.57 -86.45 -50.75
N VAL K 2029 -67.23 -86.23 -49.61
CA VAL K 2029 -66.54 -86.37 -48.32
C VAL K 2029 -66.02 -87.79 -48.15
N TYR K 2030 -66.84 -88.79 -48.46
CA TYR K 2030 -66.40 -90.18 -48.35
C TYR K 2030 -65.29 -90.49 -49.34
N ASP K 2031 -65.31 -89.86 -50.53
CA ASP K 2031 -64.29 -90.16 -51.54
C ASP K 2031 -62.88 -89.91 -51.02
N LEU K 2032 -62.73 -89.04 -50.01
CA LEU K 2032 -61.46 -88.82 -49.34
C LEU K 2032 -61.37 -89.59 -48.02
N THR K 2033 -62.40 -89.48 -47.17
CA THR K 2033 -62.39 -90.12 -45.87
C THR K 2033 -63.77 -90.66 -45.55
N GLY K 2034 -63.87 -91.98 -45.37
CA GLY K 2034 -65.14 -92.61 -45.07
C GLY K 2034 -65.55 -92.39 -43.64
N SER K 2035 -66.83 -92.07 -43.44
CA SER K 2035 -67.40 -91.87 -42.12
C SER K 2035 -68.84 -92.34 -42.12
N GLU K 2036 -69.19 -93.14 -41.10
CA GLU K 2036 -70.52 -93.72 -41.02
C GLU K 2036 -71.63 -92.68 -40.98
N PRO K 2037 -71.51 -91.56 -40.26
CA PRO K 2037 -72.56 -90.53 -40.35
C PRO K 2037 -72.77 -90.00 -41.77
N ILE K 2038 -71.71 -89.90 -42.57
CA ILE K 2038 -71.86 -89.46 -43.95
C ILE K 2038 -72.71 -90.45 -44.72
N LYS K 2039 -72.46 -91.75 -44.54
CA LYS K 2039 -73.29 -92.75 -45.20
C LYS K 2039 -74.73 -92.68 -44.71
N GLU K 2040 -74.93 -92.44 -43.42
CA GLU K 2040 -76.30 -92.29 -42.92
C GLU K 2040 -77.01 -91.15 -43.61
N ILE K 2041 -76.35 -89.99 -43.71
CA ILE K 2041 -76.95 -88.83 -44.35
C ILE K 2041 -77.22 -89.11 -45.83
N ILE K 2042 -76.26 -89.74 -46.52
CA ILE K 2042 -76.44 -90.01 -47.95
C ILE K 2042 -77.60 -90.97 -48.17
N ASP K 2043 -77.66 -92.04 -47.37
CA ASP K 2043 -78.72 -93.03 -47.53
C ASP K 2043 -80.08 -92.44 -47.22
N ASN K 2044 -80.18 -91.63 -46.18
CA ASN K 2044 -81.45 -91.00 -45.79
C ASN K 2044 -81.59 -89.60 -46.34
N TRP K 2045 -80.88 -89.28 -47.42
CA TRP K 2045 -80.94 -87.93 -47.98
C TRP K 2045 -82.35 -87.59 -48.44
N GLU K 2046 -83.08 -88.57 -48.97
CA GLU K 2046 -84.45 -88.31 -49.39
C GLU K 2046 -85.31 -87.92 -48.20
N LYS K 2047 -85.13 -88.58 -47.06
CA LYS K 2047 -85.85 -88.21 -45.85
C LYS K 2047 -85.51 -86.80 -45.41
N TYR K 2048 -84.23 -86.44 -45.44
CA TYR K 2048 -83.82 -85.10 -45.03
C TYR K 2048 -84.31 -84.03 -46.01
N GLU K 2049 -84.39 -84.37 -47.30
CA GLU K 2049 -84.85 -83.39 -48.29
C GLU K 2049 -86.29 -82.98 -48.01
N GLN K 2050 -87.14 -83.93 -47.65
CA GLN K 2050 -88.54 -83.63 -47.36
C GLN K 2050 -88.65 -82.74 -46.13
N MET L 1 -85.65 -77.99 -48.69
CA MET L 1 -85.14 -78.46 -47.37
C MET L 1 -85.47 -77.46 -46.27
N LYS L 2 -85.99 -77.97 -45.16
CA LYS L 2 -86.36 -77.13 -44.04
C LYS L 2 -85.10 -76.44 -43.49
N PRO L 3 -85.21 -75.17 -43.04
CA PRO L 3 -83.99 -74.50 -42.54
C PRO L 3 -83.34 -75.21 -41.37
N GLU L 4 -84.12 -75.78 -40.46
CA GLU L 4 -83.51 -76.49 -39.33
C GLU L 4 -82.79 -77.75 -39.77
N VAL L 5 -83.38 -78.50 -40.71
CA VAL L 5 -82.71 -79.69 -41.21
C VAL L 5 -81.44 -79.30 -41.96
N GLU L 6 -81.50 -78.21 -42.74
CA GLU L 6 -80.32 -77.73 -43.44
C GLU L 6 -79.23 -77.35 -42.45
N GLN L 7 -79.61 -76.67 -41.37
CA GLN L 7 -78.63 -76.30 -40.35
C GLN L 7 -78.02 -77.53 -39.69
N GLU L 8 -78.83 -78.53 -39.39
CA GLU L 8 -78.32 -79.76 -38.78
C GLU L 8 -77.32 -80.45 -39.71
N LEU L 9 -77.67 -80.55 -41.00
CA LEU L 9 -76.78 -81.20 -41.95
C LEU L 9 -75.49 -80.41 -42.12
N ALA L 10 -75.60 -79.08 -42.18
CA ALA L 10 -74.40 -78.25 -42.30
C ALA L 10 -73.50 -78.40 -41.09
N HIS L 11 -74.09 -78.43 -39.90
CA HIS L 11 -73.29 -78.61 -38.69
C HIS L 11 -72.59 -79.96 -38.69
N ILE L 12 -73.31 -81.02 -39.07
CA ILE L 12 -72.71 -82.34 -39.11
C ILE L 12 -71.54 -82.37 -40.09
N LEU L 13 -71.76 -81.81 -41.29
CA LEU L 13 -70.71 -81.79 -42.30
C LEU L 13 -69.52 -80.96 -41.84
N LEU L 14 -69.77 -79.84 -41.17
CA LEU L 14 -68.68 -79.00 -40.68
C LEU L 14 -67.87 -79.74 -39.63
N THR L 15 -68.54 -80.41 -38.69
CA THR L 15 -67.81 -81.17 -37.67
C THR L 15 -66.99 -82.28 -38.32
N GLU L 16 -67.57 -82.97 -39.31
CA GLU L 16 -66.82 -84.04 -39.98
C GLU L 16 -65.60 -83.49 -40.70
N LEU L 17 -65.77 -82.37 -41.42
CA LEU L 17 -64.64 -81.76 -42.11
C LEU L 17 -63.54 -81.37 -41.13
N LEU L 18 -63.91 -80.71 -40.03
CA LEU L 18 -62.91 -80.30 -39.05
C LEU L 18 -62.24 -81.50 -38.41
N ALA L 19 -63.00 -82.56 -38.14
CA ALA L 19 -62.43 -83.73 -37.49
C ALA L 19 -61.42 -84.44 -38.39
N TYR L 20 -61.76 -84.65 -39.66
CA TYR L 20 -60.87 -85.35 -40.57
C TYR L 20 -59.83 -84.44 -41.21
N GLN L 21 -59.88 -83.13 -40.92
CA GLN L 21 -58.87 -82.21 -41.47
C GLN L 21 -57.46 -82.62 -41.06
N PHE L 22 -57.26 -82.92 -39.78
CA PHE L 22 -55.94 -83.28 -39.30
C PHE L 22 -55.55 -84.72 -39.63
N ALA L 23 -56.52 -85.57 -39.97
CA ALA L 23 -56.25 -86.93 -40.40
C ALA L 23 -56.14 -87.05 -41.91
N SER L 24 -56.32 -85.96 -42.65
CA SER L 24 -56.25 -85.96 -44.10
C SER L 24 -55.33 -84.83 -44.53
N PRO L 25 -54.77 -84.89 -45.73
CA PRO L 25 -53.93 -83.78 -46.20
C PRO L 25 -54.78 -82.59 -46.61
N VAL L 26 -54.18 -81.40 -46.51
CA VAL L 26 -54.85 -80.17 -46.91
C VAL L 26 -54.56 -79.94 -48.39
N ARG L 27 -55.61 -79.73 -49.17
CA ARG L 27 -55.53 -79.62 -50.63
C ARG L 27 -55.53 -78.14 -50.99
N TRP L 28 -54.45 -77.46 -50.61
CA TRP L 28 -54.36 -76.03 -50.86
C TRP L 28 -54.16 -75.71 -52.34
N ILE L 29 -53.66 -76.66 -53.13
CA ILE L 29 -53.62 -76.45 -54.58
C ILE L 29 -55.04 -76.29 -55.11
N GLU L 30 -55.92 -77.21 -54.74
CA GLU L 30 -57.32 -77.13 -55.15
C GLU L 30 -57.98 -75.88 -54.58
N THR L 31 -57.66 -75.53 -53.32
CA THR L 31 -58.24 -74.33 -52.73
C THR L 31 -57.83 -73.08 -53.50
N GLN L 32 -56.56 -72.98 -53.87
CA GLN L 32 -56.09 -71.82 -54.63
C GLN L 32 -56.72 -71.79 -56.02
N ASP L 33 -56.77 -72.94 -56.69
CA ASP L 33 -57.45 -73.00 -57.98
C ASP L 33 -58.89 -72.55 -57.86
N VAL L 34 -59.57 -72.96 -56.80
CA VAL L 34 -60.97 -72.58 -56.59
C VAL L 34 -61.08 -71.08 -56.42
N PHE L 35 -60.39 -70.51 -55.44
CA PHE L 35 -60.63 -69.10 -55.13
C PHE L 35 -59.91 -68.15 -56.08
N LEU L 36 -59.08 -68.65 -57.00
CA LEU L 36 -58.45 -67.80 -58.00
C LEU L 36 -59.08 -67.92 -59.38
N LYS L 37 -59.39 -69.15 -59.83
CA LYS L 37 -59.95 -69.36 -61.16
C LYS L 37 -61.47 -69.39 -61.15
N ASP L 38 -62.07 -70.17 -60.25
CA ASP L 38 -63.52 -70.33 -60.26
C ASP L 38 -64.22 -69.06 -59.82
N PHE L 39 -63.70 -68.40 -58.78
CA PHE L 39 -64.29 -67.19 -58.25
C PHE L 39 -63.65 -65.91 -58.79
N ASN L 40 -62.52 -66.02 -59.48
CA ASN L 40 -61.84 -64.86 -60.08
C ASN L 40 -61.59 -63.78 -59.02
N THR L 41 -61.02 -64.20 -57.90
CA THR L 41 -60.78 -63.29 -56.79
C THR L 41 -59.86 -62.16 -57.22
N GLU L 42 -60.35 -60.93 -57.08
CA GLU L 42 -59.59 -59.75 -57.49
C GLU L 42 -58.65 -59.25 -56.40
N ARG L 43 -59.02 -59.40 -55.13
CA ARG L 43 -58.17 -59.06 -54.01
C ARG L 43 -58.13 -60.22 -53.03
N VAL L 44 -56.93 -60.65 -52.68
CA VAL L 44 -56.71 -61.72 -51.70
C VAL L 44 -56.21 -61.04 -50.44
N VAL L 45 -56.83 -61.38 -49.31
CA VAL L 45 -56.45 -60.83 -48.01
C VAL L 45 -55.99 -61.99 -47.14
N GLU L 46 -54.77 -61.88 -46.62
CA GLU L 46 -54.15 -62.91 -45.82
C GLU L 46 -54.01 -62.45 -44.38
N ILE L 47 -54.75 -63.10 -43.49
CA ILE L 47 -54.77 -62.76 -42.07
C ILE L 47 -53.71 -63.63 -41.38
N GLY L 48 -52.65 -63.00 -40.90
CA GLY L 48 -51.60 -63.72 -40.22
C GLY L 48 -50.43 -62.81 -39.85
N PRO L 49 -49.44 -63.36 -39.15
CA PRO L 49 -48.29 -62.55 -38.73
C PRO L 49 -47.27 -62.36 -39.84
N SER L 50 -47.18 -63.32 -40.75
CA SER L 50 -46.25 -63.29 -41.86
C SER L 50 -46.99 -63.62 -43.14
N PRO L 51 -46.45 -63.21 -44.30
CA PRO L 51 -47.18 -63.45 -45.57
C PRO L 51 -46.90 -64.83 -46.17
N THR L 52 -47.12 -65.87 -45.37
CA THR L 52 -46.91 -67.23 -45.85
C THR L 52 -47.90 -67.58 -46.95
N LEU L 53 -49.19 -67.58 -46.62
CA LEU L 53 -50.21 -67.90 -47.62
C LEU L 53 -50.25 -66.85 -48.71
N ALA L 54 -49.97 -65.59 -48.38
CA ALA L 54 -49.94 -64.55 -49.40
C ALA L 54 -48.85 -64.84 -50.43
N GLY L 55 -47.64 -65.14 -49.97
CA GLY L 55 -46.57 -65.48 -50.89
C GLY L 55 -46.86 -66.74 -51.68
N MET L 56 -47.49 -67.73 -51.03
CA MET L 56 -47.88 -68.93 -51.76
C MET L 56 -48.86 -68.60 -52.89
N ALA L 57 -49.81 -67.70 -52.61
CA ALA L 57 -50.74 -67.28 -53.65
C ALA L 57 -50.03 -66.53 -54.78
N GLN L 58 -49.08 -65.65 -54.43
CA GLN L 58 -48.35 -64.94 -55.46
C GLN L 58 -47.58 -65.90 -56.35
N ARG L 59 -46.93 -66.89 -55.74
CA ARG L 59 -46.15 -67.85 -56.51
C ARG L 59 -47.05 -68.74 -57.36
N THR L 60 -48.22 -69.11 -56.83
CA THR L 60 -49.17 -69.87 -57.63
C THR L 60 -49.64 -69.06 -58.83
N LEU L 61 -49.91 -67.78 -58.64
CA LEU L 61 -50.32 -66.93 -59.76
C LEU L 61 -49.21 -66.80 -60.79
N LYS L 62 -47.97 -66.61 -60.33
CA LYS L 62 -46.86 -66.49 -61.26
C LYS L 62 -46.66 -67.77 -62.06
N ASN L 63 -46.81 -68.93 -61.40
CA ASN L 63 -46.57 -70.20 -62.08
C ASN L 63 -47.70 -70.53 -63.05
N LYS L 64 -48.95 -70.33 -62.64
CA LYS L 64 -50.11 -70.83 -63.37
C LYS L 64 -50.97 -69.73 -63.98
N TYR L 65 -51.44 -68.79 -63.16
CA TYR L 65 -52.39 -67.77 -63.62
C TYR L 65 -51.64 -66.48 -63.92
N GLU L 66 -50.98 -66.47 -65.08
CA GLU L 66 -50.33 -65.27 -65.60
C GLU L 66 -51.01 -64.77 -66.87
N SER L 67 -51.07 -65.59 -67.91
CA SER L 67 -51.79 -65.20 -69.11
C SER L 67 -53.29 -65.15 -68.87
N TYR L 68 -53.79 -65.96 -67.93
CA TYR L 68 -55.20 -65.90 -67.57
C TYR L 68 -55.56 -64.54 -67.00
N ASP L 69 -54.77 -64.07 -66.03
CA ASP L 69 -54.99 -62.76 -65.44
C ASP L 69 -54.79 -61.67 -66.48
N ALA L 70 -53.80 -61.81 -67.36
CA ALA L 70 -53.59 -60.81 -68.40
C ALA L 70 -54.80 -60.72 -69.32
N ALA L 71 -55.28 -61.88 -69.81
CA ALA L 71 -56.37 -61.89 -70.77
C ALA L 71 -57.65 -61.34 -70.16
N LEU L 72 -57.98 -61.76 -68.94
CA LEU L 72 -59.20 -61.28 -68.31
C LEU L 72 -59.03 -59.94 -67.60
N SER L 73 -57.84 -59.36 -67.61
CA SER L 73 -57.61 -58.04 -67.02
C SER L 73 -57.90 -58.05 -65.52
N LEU L 74 -57.70 -59.21 -64.89
CA LEU L 74 -57.93 -59.36 -63.45
C LEU L 74 -56.73 -58.77 -62.72
N HIS L 75 -56.95 -57.66 -62.02
CA HIS L 75 -55.91 -57.04 -61.21
C HIS L 75 -55.88 -57.77 -59.88
N ARG L 76 -55.14 -58.87 -59.84
CA ARG L 76 -55.03 -59.71 -58.64
C ARG L 76 -54.11 -59.00 -57.65
N GLU L 77 -54.70 -58.42 -56.61
CA GLU L 77 -53.97 -57.71 -55.57
C GLU L 77 -53.86 -58.63 -54.36
N ILE L 78 -52.65 -59.13 -54.11
CA ILE L 78 -52.40 -59.97 -52.94
C ILE L 78 -51.94 -59.08 -51.80
N LEU L 79 -52.67 -59.14 -50.68
CA LEU L 79 -52.44 -58.29 -49.53
C LEU L 79 -52.27 -59.16 -48.30
N CYS L 80 -51.24 -58.85 -47.52
CA CYS L 80 -51.01 -59.51 -46.24
C CYS L 80 -51.25 -58.51 -45.11
N TYR L 81 -51.86 -58.99 -44.02
CA TYR L 81 -52.23 -58.10 -42.94
C TYR L 81 -51.01 -57.45 -42.30
N SER L 82 -49.91 -58.20 -42.19
CA SER L 82 -48.74 -57.70 -41.49
C SER L 82 -48.13 -56.49 -42.21
N LYS L 83 -48.02 -56.55 -43.54
CA LYS L 83 -47.32 -55.52 -44.30
C LYS L 83 -48.23 -54.63 -45.13
N ASP L 84 -49.31 -55.17 -45.68
CA ASP L 84 -50.22 -54.43 -46.55
C ASP L 84 -51.44 -53.93 -45.79
N ALA L 85 -51.24 -53.59 -44.52
CA ALA L 85 -52.35 -53.13 -43.69
C ALA L 85 -52.95 -51.84 -44.24
N LYS L 86 -52.12 -50.97 -44.81
CA LYS L 86 -52.64 -49.75 -45.43
C LYS L 86 -53.59 -50.07 -46.57
N GLU L 87 -53.19 -51.02 -47.43
CA GLU L 87 -54.05 -51.40 -48.55
C GLU L 87 -55.35 -52.03 -48.05
N ILE L 88 -55.27 -52.86 -47.00
CA ILE L 88 -56.48 -53.50 -46.50
C ILE L 88 -57.40 -52.48 -45.86
N TYR L 89 -56.85 -51.55 -45.08
CA TYR L 89 -57.64 -50.58 -44.34
C TYR L 89 -58.05 -49.37 -45.16
N TYR L 90 -57.57 -49.24 -46.40
CA TYR L 90 -57.82 -48.06 -47.22
C TYR L 90 -57.33 -46.81 -46.53
N THR L 91 -56.03 -46.78 -46.26
CA THR L 91 -55.34 -45.65 -45.64
C THR L 91 -54.11 -45.32 -46.47
N PRO L 92 -54.30 -44.84 -47.69
CA PRO L 92 -53.14 -44.54 -48.54
C PRO L 92 -52.28 -43.43 -47.94
N ASP L 93 -50.98 -43.52 -48.18
CA ASP L 93 -50.06 -42.51 -47.67
C ASP L 93 -50.25 -41.21 -48.44
N PRO L 94 -50.50 -40.07 -47.76
CA PRO L 94 -50.68 -38.85 -48.55
C PRO L 94 -49.36 -38.27 -49.04
N GLU L 329 -10.89 -5.37 -20.85
CA GLU L 329 -10.80 -5.20 -19.41
C GLU L 329 -9.51 -5.81 -18.86
N GLU L 330 -8.47 -5.86 -19.70
CA GLU L 330 -7.21 -6.41 -19.25
C GLU L 330 -6.61 -5.56 -18.14
N ILE L 331 -6.69 -4.24 -18.27
CA ILE L 331 -6.09 -3.36 -17.26
C ILE L 331 -6.83 -3.47 -15.93
N THR L 332 -8.16 -3.52 -15.97
CA THR L 332 -8.90 -3.66 -14.71
C THR L 332 -8.67 -5.03 -14.10
N LYS L 333 -8.51 -6.06 -14.93
CA LYS L 333 -8.16 -7.37 -14.40
C LYS L 333 -6.79 -7.35 -13.73
N ASP L 334 -5.83 -6.67 -14.34
CA ASP L 334 -4.50 -6.56 -13.75
C ASP L 334 -4.55 -5.82 -12.42
N HIS L 335 -5.34 -4.75 -12.35
CA HIS L 335 -5.53 -4.07 -11.07
C HIS L 335 -6.19 -4.95 -10.03
N LYS L 336 -7.21 -5.71 -10.42
CA LYS L 336 -7.86 -6.58 -9.45
C LYS L 336 -6.89 -7.63 -8.94
N VAL L 337 -6.04 -8.15 -9.82
CA VAL L 337 -5.02 -9.10 -9.41
C VAL L 337 -4.05 -8.45 -8.43
N LEU L 338 -3.61 -7.22 -8.73
CA LEU L 338 -2.69 -6.52 -7.84
C LEU L 338 -3.32 -6.30 -6.47
N ALA L 339 -4.57 -5.86 -6.44
CA ALA L 339 -5.24 -5.60 -5.18
C ALA L 339 -5.43 -6.88 -4.38
N ARG L 340 -5.76 -7.97 -5.06
CA ARG L 340 -5.82 -9.27 -4.40
C ARG L 340 -4.49 -9.65 -3.78
N GLN L 341 -3.39 -9.44 -4.52
CA GLN L 341 -2.08 -9.78 -3.99
C GLN L 341 -1.73 -8.94 -2.76
N GLN L 342 -2.03 -7.64 -2.81
CA GLN L 342 -1.76 -6.78 -1.66
C GLN L 342 -2.61 -7.20 -0.46
N LEU L 343 -3.88 -7.53 -0.71
CA LEU L 343 -4.77 -7.99 0.36
C LEU L 343 -4.22 -9.26 0.99
N GLN L 344 -3.75 -10.21 0.17
CA GLN L 344 -3.20 -11.44 0.71
C GLN L 344 -1.92 -11.19 1.50
N VAL L 345 -1.08 -10.27 1.03
CA VAL L 345 0.12 -9.91 1.79
C VAL L 345 -0.27 -9.36 3.16
N LEU L 346 -1.26 -8.47 3.19
CA LEU L 346 -1.68 -7.88 4.45
C LEU L 346 -2.30 -8.92 5.37
N ALA L 347 -3.10 -9.84 4.81
CA ALA L 347 -3.70 -10.90 5.61
C ALA L 347 -2.63 -11.80 6.20
N ARG L 348 -1.62 -12.16 5.41
CA ARG L 348 -0.53 -12.97 5.91
C ARG L 348 0.22 -12.25 7.02
N TYR L 349 0.45 -10.95 6.85
CA TYR L 349 1.10 -10.19 7.92
C TYR L 349 0.26 -10.19 9.19
N LEU L 350 -1.05 -9.98 9.05
CA LEU L 350 -1.95 -9.94 10.18
C LEU L 350 -2.25 -11.31 10.76
N LYS L 351 -1.76 -12.38 10.13
CA LYS L 351 -2.05 -13.74 10.56
C LYS L 351 -3.56 -14.00 10.51
N MET L 352 -4.20 -13.47 9.48
CA MET L 352 -5.63 -13.63 9.25
C MET L 352 -5.86 -14.75 8.26
N ASP L 353 -6.80 -15.64 8.58
CA ASP L 353 -7.16 -16.76 7.73
C ASP L 353 -8.47 -16.41 7.02
N LEU L 354 -8.36 -16.00 5.76
CA LEU L 354 -9.55 -15.65 4.99
C LEU L 354 -10.42 -16.87 4.72
N ASP L 355 -9.80 -18.05 4.61
CA ASP L 355 -10.52 -19.28 4.31
C ASP L 355 -11.09 -19.96 5.54
N ASN L 356 -10.86 -19.42 6.75
CA ASN L 356 -11.32 -20.09 7.96
C ASN L 356 -12.84 -20.15 8.01
N GLY L 357 -13.51 -19.06 7.65
CA GLY L 357 -14.96 -19.07 7.65
C GLY L 357 -15.53 -20.07 6.66
N GLU L 358 -14.96 -20.13 5.46
CA GLU L 358 -15.42 -21.09 4.47
C GLU L 358 -15.17 -22.52 4.94
N ARG L 359 -14.04 -22.78 5.59
CA ARG L 359 -13.77 -24.12 6.11
C ARG L 359 -14.78 -24.51 7.17
N LYS L 360 -15.07 -23.60 8.10
CA LYS L 360 -16.07 -23.89 9.12
C LYS L 360 -17.43 -24.13 8.49
N PHE L 361 -17.77 -23.33 7.48
CA PHE L 361 -19.04 -23.51 6.77
C PHE L 361 -19.11 -24.88 6.11
N LEU L 362 -18.02 -25.32 5.49
CA LEU L 362 -18.03 -26.62 4.81
C LEU L 362 -18.17 -27.76 5.82
N LYS L 363 -17.46 -27.67 6.94
CA LYS L 363 -17.63 -28.69 7.99
C LYS L 363 -19.07 -28.71 8.50
N GLU L 364 -19.64 -27.54 8.75
CA GLU L 364 -21.01 -27.48 9.26
C GLU L 364 -21.99 -27.98 8.21
N LYS L 365 -21.70 -27.75 6.93
CA LYS L 365 -22.56 -28.28 5.87
C LYS L 365 -22.51 -29.79 5.82
N ASP L 366 -21.32 -30.37 6.02
CA ASP L 366 -21.22 -31.83 6.12
C ASP L 366 -22.01 -32.35 7.33
N THR L 367 -21.94 -31.63 8.46
CA THR L 367 -22.72 -32.03 9.63
C THR L 367 -24.21 -31.96 9.35
N VAL L 368 -24.65 -30.91 8.66
CA VAL L 368 -26.06 -30.81 8.27
C VAL L 368 -26.42 -31.99 7.38
N ALA L 369 -25.54 -32.33 6.43
CA ALA L 369 -25.82 -33.45 5.53
C ALA L 369 -25.99 -34.76 6.28
N GLU L 370 -25.12 -35.02 7.27
CA GLU L 370 -25.20 -36.31 7.95
C GLU L 370 -26.37 -36.35 8.93
N LEU L 371 -26.65 -35.23 9.62
CA LEU L 371 -27.84 -35.19 10.47
C LEU L 371 -29.11 -35.32 9.65
N GLN L 372 -29.16 -34.68 8.49
CA GLN L 372 -30.31 -34.81 7.61
C GLN L 372 -30.44 -36.23 7.10
N ALA L 373 -29.31 -36.90 6.82
CA ALA L 373 -29.36 -38.30 6.41
C ALA L 373 -29.96 -39.15 7.52
N GLN L 374 -29.57 -38.90 8.76
CA GLN L 374 -30.16 -39.61 9.88
C GLN L 374 -31.67 -39.35 9.94
N LEU L 375 -32.07 -38.10 9.75
CA LEU L 375 -33.49 -37.76 9.82
C LEU L 375 -34.28 -38.41 8.69
N ASP L 376 -33.74 -38.44 7.48
CA ASP L 376 -34.43 -39.10 6.38
C ASP L 376 -34.48 -40.60 6.59
N TYR L 377 -33.46 -41.19 7.22
CA TYR L 377 -33.56 -42.59 7.55
C TYR L 377 -34.69 -42.85 8.53
N LEU L 378 -34.75 -42.04 9.60
CA LEU L 378 -35.84 -42.22 10.57
C LEU L 378 -37.19 -41.96 9.94
N ASN L 379 -37.26 -41.04 8.97
CA ASN L 379 -38.52 -40.75 8.30
C ASN L 379 -38.94 -41.87 7.36
N ALA L 380 -37.99 -42.40 6.59
CA ALA L 380 -38.30 -43.55 5.74
C ALA L 380 -38.67 -44.76 6.59
N GLU L 381 -38.17 -44.80 7.83
CA GLU L 381 -38.42 -45.96 8.68
C GLU L 381 -39.77 -45.87 9.38
N LEU L 382 -39.95 -44.84 10.21
CA LEU L 382 -41.21 -44.71 10.94
C LEU L 382 -42.32 -44.21 10.04
N GLY L 383 -42.00 -43.29 9.14
CA GLY L 383 -42.93 -42.72 8.19
C GLY L 383 -43.27 -41.28 8.52
N GLU L 384 -43.75 -40.57 7.52
CA GLU L 384 -44.11 -39.16 7.70
C GLU L 384 -45.21 -39.02 8.75
N PHE L 385 -46.23 -39.89 8.68
CA PHE L 385 -47.33 -39.79 9.62
C PHE L 385 -46.87 -40.03 11.05
N PHE L 386 -46.06 -41.06 11.28
CA PHE L 386 -45.60 -41.36 12.63
C PHE L 386 -44.76 -40.23 13.19
N VAL L 387 -43.77 -39.76 12.41
CA VAL L 387 -42.87 -38.72 12.89
C VAL L 387 -43.63 -37.43 13.15
N ASN L 388 -44.52 -37.05 12.24
CA ASN L 388 -45.30 -35.84 12.46
C ASN L 388 -46.24 -35.97 13.64
N GLY L 389 -46.86 -37.14 13.81
CA GLY L 389 -47.84 -37.36 14.85
C GLY L 389 -47.30 -37.58 16.23
N VAL L 390 -46.01 -37.90 16.37
CA VAL L 390 -45.40 -38.01 17.69
C VAL L 390 -45.00 -36.64 18.25
N ALA L 391 -45.35 -35.56 17.56
CA ALA L 391 -45.04 -34.22 18.05
C ALA L 391 -45.70 -33.98 19.39
N THR L 392 -44.93 -33.41 20.32
CA THR L 392 -45.47 -33.14 21.65
C THR L 392 -46.54 -32.06 21.58
N SER L 393 -47.63 -32.28 22.31
CA SER L 393 -48.76 -31.36 22.36
C SER L 393 -49.10 -30.89 23.76
N PHE L 394 -48.64 -31.57 24.81
CA PHE L 394 -49.02 -31.23 26.17
C PHE L 394 -48.08 -30.20 26.77
N SER L 395 -48.65 -29.27 27.52
CA SER L 395 -47.90 -28.34 28.35
C SER L 395 -48.74 -27.98 29.55
N ARG L 396 -48.09 -27.84 30.71
CA ARG L 396 -48.82 -27.55 31.94
C ARG L 396 -49.51 -26.20 31.86
N LYS L 397 -48.85 -25.20 31.27
CA LYS L 397 -49.42 -23.86 31.20
C LYS L 397 -50.69 -23.83 30.37
N LYS L 398 -50.88 -24.80 29.48
CA LYS L 398 -52.01 -24.81 28.57
C LYS L 398 -53.23 -25.52 29.14
N ALA L 399 -53.17 -26.01 30.37
CA ALA L 399 -54.32 -26.67 30.97
C ALA L 399 -55.38 -25.65 31.39
N ARG L 400 -56.64 -26.01 31.19
CA ARG L 400 -57.78 -25.17 31.51
C ARG L 400 -58.61 -25.83 32.59
N THR L 401 -58.84 -25.12 33.69
CA THR L 401 -59.59 -25.63 34.83
C THR L 401 -60.98 -25.02 34.83
N PHE L 402 -61.98 -25.84 35.14
CA PHE L 402 -63.37 -25.41 35.28
C PHE L 402 -63.87 -25.94 36.61
N ASP L 403 -64.22 -25.01 37.53
CA ASP L 403 -64.74 -25.41 38.84
C ASP L 403 -65.88 -24.52 39.33
N SER L 404 -66.38 -23.58 38.52
CA SER L 404 -67.35 -22.59 39.00
C SER L 404 -68.79 -23.07 38.77
N SER L 405 -69.04 -24.30 39.25
CA SER L 405 -70.40 -24.83 39.22
C SER L 405 -71.35 -23.99 40.06
N TRP L 406 -70.85 -23.35 41.12
CA TRP L 406 -71.68 -22.43 41.91
C TRP L 406 -72.25 -21.32 41.04
N ASN L 407 -71.48 -20.85 40.06
CA ASN L 407 -71.97 -19.81 39.15
C ASN L 407 -72.86 -20.41 38.06
N TRP L 408 -72.43 -21.54 37.49
CA TRP L 408 -73.17 -22.10 36.36
C TRP L 408 -74.54 -22.62 36.79
N ALA L 409 -74.71 -22.97 38.07
CA ALA L 409 -76.02 -23.37 38.55
C ALA L 409 -77.02 -22.23 38.43
N LYS L 410 -76.64 -21.05 38.91
CA LYS L 410 -77.50 -19.88 38.79
C LYS L 410 -77.74 -19.52 37.33
N GLN L 411 -76.70 -19.61 36.51
CA GLN L 411 -76.87 -19.32 35.08
C GLN L 411 -77.91 -20.24 34.45
N SER L 412 -77.79 -21.55 34.71
CA SER L 412 -78.74 -22.51 34.15
C SER L 412 -80.13 -22.27 34.68
N LEU L 413 -80.26 -21.93 35.96
CA LEU L 413 -81.56 -21.65 36.54
C LEU L 413 -82.24 -20.47 35.84
N LEU L 414 -81.49 -19.39 35.62
CA LEU L 414 -82.06 -18.24 34.95
C LEU L 414 -82.44 -18.57 33.51
N SER L 415 -81.57 -19.33 32.83
CA SER L 415 -81.89 -19.72 31.46
C SER L 415 -83.19 -20.50 31.40
N LEU L 416 -83.35 -21.49 32.28
CA LEU L 416 -84.57 -22.29 32.30
C LEU L 416 -85.79 -21.44 32.68
N TYR L 417 -85.62 -20.57 33.66
CA TYR L 417 -86.71 -19.69 34.10
C TYR L 417 -87.21 -18.82 32.96
N PHE L 418 -86.30 -18.16 32.26
CA PHE L 418 -86.71 -17.28 31.17
C PHE L 418 -87.23 -18.06 29.99
N GLU L 419 -86.69 -19.26 29.74
CA GLU L 419 -87.21 -20.08 28.65
C GLU L 419 -88.65 -20.47 28.91
N ILE L 420 -88.96 -20.88 30.15
CA ILE L 420 -90.32 -21.25 30.49
C ILE L 420 -91.24 -20.03 30.41
N ILE L 421 -90.76 -18.87 30.88
CA ILE L 421 -91.59 -17.67 30.84
C ILE L 421 -91.89 -17.28 29.39
N HIS L 422 -90.88 -17.33 28.52
CA HIS L 422 -91.05 -16.92 27.14
C HIS L 422 -91.75 -17.96 26.29
N GLY L 423 -91.91 -19.18 26.79
CA GLY L 423 -92.62 -20.20 26.05
C GLY L 423 -91.75 -21.05 25.14
N VAL L 424 -90.45 -21.12 25.39
CA VAL L 424 -89.63 -22.09 24.69
C VAL L 424 -89.96 -23.50 25.18
N LEU L 425 -90.20 -23.65 26.48
CA LEU L 425 -90.53 -24.93 27.09
C LEU L 425 -91.92 -24.83 27.70
N LYS L 426 -92.91 -25.39 27.02
CA LYS L 426 -94.27 -25.46 27.54
C LYS L 426 -94.49 -26.64 28.46
N ASN L 427 -93.72 -27.72 28.31
CA ASN L 427 -93.93 -28.95 29.04
C ASN L 427 -92.62 -29.38 29.68
N VAL L 428 -92.73 -30.21 30.72
CA VAL L 428 -91.57 -30.72 31.44
C VAL L 428 -91.09 -31.94 30.64
N ASP L 429 -90.26 -31.68 29.64
CA ASP L 429 -89.71 -32.74 28.81
C ASP L 429 -88.41 -33.24 29.44
N ARG L 430 -87.86 -34.31 28.86
CA ARG L 430 -86.69 -34.96 29.46
C ARG L 430 -85.49 -34.04 29.51
N GLU L 431 -85.42 -33.06 28.61
CA GLU L 431 -84.32 -32.10 28.67
C GLU L 431 -84.48 -31.16 29.86
N VAL L 432 -85.72 -30.74 30.13
CA VAL L 432 -85.97 -29.92 31.32
C VAL L 432 -85.72 -30.73 32.59
N VAL L 433 -86.06 -32.01 32.57
CA VAL L 433 -85.81 -32.87 33.74
C VAL L 433 -84.30 -33.02 33.95
N SER L 434 -83.54 -33.18 32.87
CA SER L 434 -82.09 -33.28 32.99
C SER L 434 -81.49 -31.98 33.52
N GLU L 435 -81.98 -30.83 33.05
CA GLU L 435 -81.47 -29.57 33.56
C GLU L 435 -81.82 -29.40 35.03
N ALA L 436 -83.02 -29.82 35.42
CA ALA L 436 -83.39 -29.80 36.83
C ALA L 436 -82.46 -30.69 37.64
N ILE L 437 -82.11 -31.87 37.11
CA ILE L 437 -81.21 -32.77 37.82
C ILE L 437 -79.84 -32.11 37.99
N ASN L 438 -79.37 -31.40 36.96
CA ASN L 438 -78.09 -30.70 37.09
C ASN L 438 -78.16 -29.61 38.15
N ILE L 439 -79.27 -28.88 38.18
CA ILE L 439 -79.43 -27.82 39.19
C ILE L 439 -79.44 -28.42 40.59
N MET L 440 -80.15 -29.53 40.76
CA MET L 440 -80.12 -30.24 42.04
C MET L 440 -78.71 -30.71 42.39
N ASN L 441 -77.96 -31.20 41.40
CA ASN L 441 -76.60 -31.65 41.66
C ASN L 441 -75.72 -30.51 42.14
N ARG L 442 -75.96 -29.30 41.62
CA ARG L 442 -75.21 -28.12 42.02
C ARG L 442 -75.87 -27.34 43.15
N SER L 443 -76.95 -27.87 43.73
CA SER L 443 -77.72 -27.14 44.73
C SER L 443 -76.92 -26.86 45.99
N ASN L 444 -77.15 -25.68 46.57
CA ASN L 444 -76.66 -25.33 47.90
C ASN L 444 -77.60 -24.26 48.46
N ASP L 445 -77.27 -23.77 49.66
CA ASP L 445 -78.16 -22.83 50.35
C ASP L 445 -78.31 -21.54 49.57
N ALA L 446 -77.21 -21.03 49.02
CA ALA L 446 -77.28 -19.80 48.22
C ALA L 446 -78.18 -20.00 47.00
N LEU L 447 -78.07 -21.17 46.35
CA LEU L 447 -78.93 -21.46 45.22
C LEU L 447 -80.38 -21.56 45.65
N ILE L 448 -80.64 -22.16 46.81
CA ILE L 448 -82.01 -22.25 47.30
C ILE L 448 -82.60 -20.86 47.51
N LYS L 449 -81.81 -19.96 48.11
CA LYS L 449 -82.26 -18.59 48.28
C LYS L 449 -82.50 -17.91 46.94
N PHE L 450 -81.62 -18.16 45.97
CA PHE L 450 -81.77 -17.58 44.64
C PHE L 450 -83.09 -18.01 44.00
N MET L 451 -83.35 -19.30 43.97
CA MET L 451 -84.59 -19.81 43.38
C MET L 451 -85.81 -19.36 44.18
N GLU L 452 -85.71 -19.36 45.51
CA GLU L 452 -86.84 -18.93 46.33
C GLU L 452 -87.20 -17.48 46.03
N TYR L 453 -86.20 -16.60 45.93
CA TYR L 453 -86.50 -15.22 45.57
C TYR L 453 -87.14 -15.15 44.19
N HIS L 454 -86.52 -15.80 43.20
CA HIS L 454 -87.02 -15.64 41.84
C HIS L 454 -88.41 -16.23 41.64
N ILE L 455 -88.80 -17.20 42.46
CA ILE L 455 -90.14 -17.78 42.34
C ILE L 455 -91.16 -17.03 43.19
N SER L 456 -90.77 -16.56 44.37
CA SER L 456 -91.71 -15.76 45.17
C SER L 456 -91.96 -14.41 44.52
N ASN L 457 -90.98 -13.89 43.78
CA ASN L 457 -91.15 -12.63 43.08
C ASN L 457 -91.94 -12.78 41.78
N THR L 458 -92.11 -14.02 41.31
CA THR L 458 -92.87 -14.24 40.09
C THR L 458 -94.35 -13.95 40.33
N ASP L 459 -94.96 -13.23 39.39
CA ASP L 459 -96.38 -12.89 39.45
C ASP L 459 -97.13 -13.88 38.56
N GLU L 460 -97.80 -14.85 39.19
CA GLU L 460 -98.51 -15.88 38.44
C GLU L 460 -99.66 -15.30 37.62
N THR L 461 -100.16 -14.12 37.97
CA THR L 461 -101.30 -13.54 37.27
C THR L 461 -100.96 -13.06 35.87
N LYS L 462 -99.69 -13.03 35.49
CA LYS L 462 -99.29 -12.57 34.16
C LYS L 462 -99.32 -13.72 33.15
N GLY L 463 -100.51 -14.32 33.02
CA GLY L 463 -100.71 -15.40 32.08
C GLY L 463 -100.32 -16.75 32.65
N GLU L 464 -100.65 -17.79 31.87
CA GLU L 464 -100.43 -19.15 32.34
C GLU L 464 -98.96 -19.51 32.41
N ASN L 465 -98.11 -18.84 31.62
CA ASN L 465 -96.68 -19.17 31.63
C ASN L 465 -96.05 -18.84 32.98
N TYR L 466 -96.46 -17.72 33.58
CA TYR L 466 -95.90 -17.34 34.88
C TYR L 466 -96.39 -18.27 35.98
N GLN L 467 -97.65 -18.68 35.92
CA GLN L 467 -98.13 -19.68 36.87
C GLN L 467 -97.37 -20.99 36.72
N LEU L 468 -97.11 -21.40 35.48
CA LEU L 468 -96.38 -22.64 35.23
C LEU L 468 -94.96 -22.56 35.77
N VAL L 469 -94.26 -21.46 35.50
CA VAL L 469 -92.89 -21.36 35.99
C VAL L 469 -92.88 -21.27 37.51
N LYS L 470 -93.88 -20.63 38.11
CA LYS L 470 -93.95 -20.59 39.57
C LYS L 470 -94.14 -21.99 40.16
N THR L 471 -95.05 -22.78 39.59
CA THR L 471 -95.27 -24.12 40.10
C THR L 471 -94.04 -25.00 39.91
N LEU L 472 -93.44 -24.95 38.73
CA LEU L 472 -92.26 -25.77 38.47
C LEU L 472 -91.09 -25.35 39.35
N GLY L 473 -90.93 -24.04 39.59
CA GLY L 473 -89.89 -23.59 40.48
C GLY L 473 -90.13 -24.00 41.92
N GLU L 474 -91.40 -24.02 42.35
CA GLU L 474 -91.69 -24.53 43.69
C GLU L 474 -91.32 -26.00 43.81
N GLN L 475 -91.65 -26.80 42.78
CA GLN L 475 -91.25 -28.20 42.79
C GLN L 475 -89.74 -28.35 42.82
N LEU L 476 -89.03 -27.54 42.03
CA LEU L 476 -87.58 -27.65 41.99
C LEU L 476 -86.95 -27.21 43.30
N ILE L 477 -87.51 -26.18 43.94
CA ILE L 477 -87.02 -25.77 45.26
C ILE L 477 -87.21 -26.89 46.26
N GLU L 478 -88.38 -27.54 46.25
CA GLU L 478 -88.61 -28.66 47.15
C GLU L 478 -87.60 -29.78 46.89
N ASN L 479 -87.35 -30.09 45.62
CA ASN L 479 -86.42 -31.15 45.28
C ASN L 479 -85.01 -30.81 45.73
N CYS L 480 -84.57 -29.57 45.53
CA CYS L 480 -83.21 -29.18 45.85
C CYS L 480 -82.99 -29.12 47.36
N LYS L 481 -84.03 -28.75 48.12
CA LYS L 481 -83.90 -28.74 49.56
C LYS L 481 -83.59 -30.12 50.12
N GLN L 482 -84.15 -31.18 49.54
CA GLN L 482 -83.83 -32.53 49.97
C GLN L 482 -82.36 -32.89 49.73
N VAL L 483 -81.80 -32.46 48.60
CA VAL L 483 -80.46 -32.86 48.20
C VAL L 483 -79.44 -31.75 48.48
N LEU L 484 -79.77 -30.81 49.36
CA LEU L 484 -78.75 -29.86 49.83
C LEU L 484 -77.50 -30.57 50.32
N ASP L 485 -77.67 -31.61 51.15
CA ASP L 485 -76.56 -32.36 51.70
C ASP L 485 -76.26 -33.65 50.94
N VAL L 486 -77.19 -34.13 50.12
CA VAL L 486 -76.96 -35.38 49.40
C VAL L 486 -75.90 -35.17 48.32
N ASP L 487 -75.15 -36.22 48.04
CA ASP L 487 -74.06 -36.12 47.08
C ASP L 487 -74.61 -35.98 45.66
N PRO L 488 -73.88 -35.32 44.76
CA PRO L 488 -74.35 -35.23 43.38
C PRO L 488 -74.28 -36.59 42.69
N VAL L 489 -75.31 -36.89 41.91
CA VAL L 489 -75.47 -38.20 41.30
C VAL L 489 -75.63 -38.03 39.80
N TYR L 490 -75.05 -38.95 39.04
CA TYR L 490 -75.26 -39.02 37.60
C TYR L 490 -76.56 -39.76 37.33
N LYS L 491 -77.56 -39.05 36.84
CA LYS L 491 -78.86 -39.62 36.51
C LYS L 491 -79.21 -39.22 35.08
N ASP L 492 -79.36 -40.22 34.22
CA ASP L 492 -79.69 -40.01 32.82
C ASP L 492 -81.19 -40.19 32.63
N VAL L 493 -81.84 -39.16 32.12
CA VAL L 493 -83.28 -39.14 31.92
C VAL L 493 -83.69 -39.00 30.47
N ALA L 494 -82.73 -39.00 29.54
CA ALA L 494 -83.08 -38.92 28.13
C ALA L 494 -83.84 -40.17 27.70
N LYS L 495 -84.78 -39.99 26.80
CA LYS L 495 -85.53 -41.12 26.26
C LYS L 495 -84.59 -41.99 25.45
N PRO L 496 -84.49 -43.30 25.72
CA PRO L 496 -83.70 -44.16 24.84
C PRO L 496 -84.23 -44.14 23.41
N THR L 497 -83.32 -44.09 22.46
CA THR L 497 -83.64 -44.00 21.04
C THR L 497 -82.97 -45.13 20.29
N GLY L 498 -83.75 -45.83 19.46
CA GLY L 498 -83.23 -46.88 18.63
C GLY L 498 -82.93 -46.38 17.24
N PRO L 499 -82.31 -47.23 16.41
CA PRO L 499 -82.05 -46.84 15.03
C PRO L 499 -83.30 -46.94 14.17
N LYS L 500 -83.33 -46.12 13.12
CA LYS L 500 -84.47 -46.08 12.21
C LYS L 500 -83.98 -45.64 10.84
N THR L 501 -84.03 -46.53 9.87
CA THR L 501 -83.62 -46.24 8.51
C THR L 501 -84.82 -46.39 7.58
N ALA L 502 -85.08 -45.36 6.79
CA ALA L 502 -86.18 -45.35 5.83
C ALA L 502 -85.64 -45.02 4.45
N ILE L 503 -86.19 -45.70 3.44
CA ILE L 503 -85.84 -45.47 2.05
C ILE L 503 -87.02 -44.76 1.40
N ASP L 504 -86.77 -43.57 0.86
CA ASP L 504 -87.82 -42.82 0.19
C ASP L 504 -88.15 -43.46 -1.15
N LYS L 505 -89.26 -43.00 -1.74
CA LYS L 505 -89.65 -43.53 -3.06
C LYS L 505 -88.59 -43.23 -4.11
N ASN L 506 -87.87 -42.13 -3.97
CA ASN L 506 -86.79 -41.77 -4.88
C ASN L 506 -85.43 -42.31 -4.45
N GLY L 507 -85.43 -43.36 -3.62
CA GLY L 507 -84.18 -43.96 -3.18
C GLY L 507 -83.33 -43.05 -2.31
N ASN L 508 -83.94 -42.32 -1.39
CA ASN L 508 -83.23 -41.47 -0.45
C ASN L 508 -83.18 -42.15 0.91
N ILE L 509 -81.97 -42.32 1.43
CA ILE L 509 -81.75 -42.97 2.72
C ILE L 509 -81.77 -41.89 3.80
N THR L 510 -82.66 -42.05 4.78
CA THR L 510 -82.74 -41.15 5.92
C THR L 510 -82.63 -41.98 7.19
N TYR L 511 -81.72 -41.58 8.07
CA TYR L 511 -81.53 -42.23 9.36
C TYR L 511 -81.94 -41.27 10.47
N SER L 512 -82.75 -41.75 11.40
CA SER L 512 -83.23 -40.95 12.52
C SER L 512 -83.16 -41.78 13.79
N GLU L 513 -82.92 -41.10 14.91
CA GLU L 513 -82.87 -41.74 16.22
C GLU L 513 -84.24 -41.62 16.90
N GLU L 514 -85.19 -42.38 16.38
CA GLU L 514 -86.54 -42.31 16.88
C GLU L 514 -86.63 -43.00 18.25
N PRO L 515 -87.48 -42.50 19.16
CA PRO L 515 -87.58 -43.14 20.48
C PRO L 515 -88.10 -44.57 20.38
N ARG L 516 -87.58 -45.42 21.25
CA ARG L 516 -88.00 -46.82 21.29
C ARG L 516 -89.39 -46.91 21.89
N GLU L 517 -90.27 -47.65 21.22
CA GLU L 517 -91.65 -47.79 21.71
C GLU L 517 -91.70 -48.63 22.99
N LYS L 518 -90.91 -49.70 23.04
CA LYS L 518 -90.95 -50.59 24.20
C LYS L 518 -90.25 -49.97 25.41
N VAL L 519 -89.13 -49.28 25.17
CA VAL L 519 -88.28 -48.74 26.23
C VAL L 519 -88.36 -47.22 26.19
N ARG L 520 -88.64 -46.62 27.35
CA ARG L 520 -88.72 -45.16 27.45
C ARG L 520 -88.04 -44.60 28.69
N LYS L 521 -87.37 -45.43 29.49
CA LYS L 521 -86.63 -44.98 30.65
C LYS L 521 -85.34 -45.76 30.74
N LEU L 522 -84.40 -45.26 31.56
CA LEU L 522 -83.16 -45.98 31.78
C LEU L 522 -83.40 -47.25 32.59
N SER L 523 -84.37 -47.21 33.52
CA SER L 523 -84.73 -48.42 34.24
C SER L 523 -85.28 -49.48 33.28
N GLN L 524 -86.13 -49.06 32.35
CA GLN L 524 -86.63 -49.98 31.34
C GLN L 524 -85.50 -50.48 30.43
N TYR L 525 -84.53 -49.63 30.13
CA TYR L 525 -83.37 -50.06 29.38
C TYR L 525 -82.62 -51.16 30.11
N VAL L 526 -82.40 -50.99 31.42
CA VAL L 526 -81.69 -52.01 32.19
C VAL L 526 -82.52 -53.29 32.28
N GLN L 527 -83.84 -53.15 32.38
CA GLN L 527 -84.70 -54.33 32.39
C GLN L 527 -84.59 -55.10 31.08
N GLU L 528 -84.63 -54.39 29.95
CA GLU L 528 -84.44 -55.04 28.66
C GLU L 528 -83.07 -55.69 28.58
N MET L 529 -82.05 -55.03 29.12
CA MET L 529 -80.70 -55.57 29.08
C MET L 529 -80.62 -56.88 29.83
N ALA L 530 -81.23 -56.93 31.02
CA ALA L 530 -81.26 -58.18 31.78
C ALA L 530 -82.07 -59.24 31.04
N LEU L 531 -83.19 -58.86 30.44
CA LEU L 531 -84.04 -59.83 29.76
C LEU L 531 -83.33 -60.48 28.59
N GLY L 532 -82.62 -59.68 27.79
CA GLY L 532 -82.00 -60.21 26.58
C GLY L 532 -83.01 -60.41 25.48
N GLY L 533 -82.77 -61.43 24.65
CA GLY L 533 -83.64 -61.75 23.54
C GLY L 533 -83.56 -63.21 23.15
N PRO L 534 -84.32 -63.61 22.12
CA PRO L 534 -84.24 -65.00 21.67
C PRO L 534 -82.84 -65.41 21.20
N ILE L 535 -82.11 -64.49 20.56
CA ILE L 535 -80.81 -64.85 20.00
C ILE L 535 -79.81 -65.13 21.11
N THR L 536 -79.86 -64.37 22.19
CA THR L 536 -78.86 -64.51 23.25
C THR L 536 -79.06 -65.79 24.05
N LYS L 537 -80.20 -66.45 23.93
CA LYS L 537 -80.45 -67.69 24.63
C LYS L 537 -79.53 -68.80 24.10
N GLU L 538 -79.19 -69.75 24.96
CA GLU L 538 -78.33 -70.86 24.60
C GLU L 538 -78.93 -72.16 25.13
N SER L 539 -78.58 -73.26 24.47
CA SER L 539 -79.06 -74.57 24.85
C SER L 539 -78.50 -74.98 26.21
N SER L 623 -88.41 -54.06 45.52
CA SER L 623 -88.39 -55.25 46.35
C SER L 623 -87.46 -56.30 45.76
N LYS L 624 -87.61 -56.55 44.45
CA LYS L 624 -86.80 -57.52 43.73
C LYS L 624 -85.95 -56.78 42.71
N THR L 625 -84.66 -57.12 42.67
CA THR L 625 -83.74 -56.45 41.75
C THR L 625 -84.01 -56.89 40.31
N VAL L 626 -83.47 -56.12 39.37
CA VAL L 626 -83.60 -56.45 37.97
C VAL L 626 -82.92 -57.78 37.66
N SER L 627 -81.91 -58.15 38.44
CA SER L 627 -81.24 -59.43 38.25
C SER L 627 -82.21 -60.59 38.41
N SER L 628 -83.21 -60.45 39.28
CA SER L 628 -84.20 -61.51 39.43
C SER L 628 -84.99 -61.76 38.15
N THR L 629 -85.21 -60.72 37.35
CA THR L 629 -86.00 -60.83 36.13
C THR L 629 -85.22 -61.45 34.97
N ILE L 630 -83.96 -61.76 35.16
CA ILE L 630 -83.17 -62.40 34.09
C ILE L 630 -83.80 -63.76 33.77
N PRO L 631 -83.99 -64.11 32.48
CA PRO L 631 -84.46 -65.47 32.19
C PRO L 631 -83.39 -66.51 32.51
N ARG L 632 -83.85 -67.73 32.77
CA ARG L 632 -82.94 -68.83 33.03
C ARG L 632 -82.31 -69.30 31.72
N GLU L 633 -81.02 -69.63 31.78
CA GLU L 633 -80.29 -70.16 30.62
C GLU L 633 -80.29 -69.14 29.47
N THR L 634 -79.92 -67.90 29.80
CA THR L 634 -79.83 -66.84 28.80
C THR L 634 -78.67 -65.91 29.17
N ILE L 635 -78.16 -65.21 28.16
CA ILE L 635 -77.03 -64.31 28.30
C ILE L 635 -77.57 -62.88 28.21
N PRO L 636 -77.50 -62.07 29.26
CA PRO L 636 -77.97 -60.68 29.13
C PRO L 636 -77.14 -59.90 28.12
N PHE L 637 -77.76 -58.87 27.56
CA PHE L 637 -77.07 -58.03 26.57
C PHE L 637 -75.83 -57.39 27.18
N LEU L 638 -75.93 -56.89 28.41
CA LEU L 638 -74.80 -56.43 29.19
C LEU L 638 -74.53 -57.45 30.29
N HIS L 639 -73.30 -57.91 30.40
CA HIS L 639 -72.98 -58.87 31.45
C HIS L 639 -71.50 -58.74 31.78
N LEU L 640 -71.08 -59.45 32.84
CA LEU L 640 -69.69 -59.54 33.22
C LEU L 640 -69.23 -60.98 33.07
N ARG L 641 -68.04 -61.15 32.51
CA ARG L 641 -67.48 -62.48 32.30
C ARG L 641 -66.49 -62.80 33.41
N LYS L 642 -66.43 -64.08 33.77
CA LYS L 642 -65.47 -64.61 34.73
C LYS L 642 -64.51 -65.55 34.03
N LYS L 643 -63.23 -65.45 34.39
CA LYS L 643 -62.21 -66.30 33.80
C LYS L 643 -62.32 -67.70 34.40
N THR L 644 -62.54 -68.69 33.54
CA THR L 644 -62.60 -70.06 33.99
C THR L 644 -61.20 -70.55 34.34
N PRO L 645 -61.09 -71.67 35.08
CA PRO L 645 -59.75 -72.19 35.39
C PRO L 645 -58.95 -72.53 34.15
N ALA L 646 -59.61 -72.88 33.03
CA ALA L 646 -58.91 -73.14 31.79
C ALA L 646 -58.35 -71.87 31.15
N GLY L 647 -58.71 -70.70 31.65
CA GLY L 647 -58.19 -69.44 31.13
C GLY L 647 -59.13 -68.69 30.21
N ASP L 648 -60.33 -69.21 29.95
CA ASP L 648 -61.30 -68.58 29.07
C ASP L 648 -62.30 -67.79 29.88
N TRP L 649 -62.78 -66.69 29.30
CA TRP L 649 -63.73 -65.79 29.94
C TRP L 649 -65.14 -66.16 29.52
N LYS L 650 -65.98 -66.52 30.48
CA LYS L 650 -67.34 -66.97 30.23
C LYS L 650 -68.31 -66.12 31.03
N TYR L 651 -69.55 -66.07 30.55
CA TYR L 651 -70.61 -65.38 31.27
C TYR L 651 -70.75 -65.91 32.69
N ASP L 652 -70.88 -64.99 33.65
CA ASP L 652 -71.03 -65.35 35.05
C ASP L 652 -72.30 -64.70 35.62
N ARG L 653 -73.16 -65.55 36.18
CA ARG L 653 -74.43 -65.08 36.72
C ARG L 653 -74.20 -64.07 37.84
N GLN L 654 -73.31 -64.37 38.78
CA GLN L 654 -73.12 -63.51 39.94
C GLN L 654 -72.62 -62.13 39.53
N LEU L 655 -71.53 -62.08 38.75
CA LEU L 655 -70.98 -60.80 38.36
C LEU L 655 -71.94 -60.02 37.47
N SER L 656 -72.63 -60.71 36.55
CA SER L 656 -73.58 -60.03 35.69
C SER L 656 -74.74 -59.47 36.49
N SER L 657 -75.24 -60.23 37.46
CA SER L 657 -76.32 -59.73 38.31
C SER L 657 -75.86 -58.53 39.11
N LEU L 658 -74.63 -58.57 39.62
CA LEU L 658 -74.08 -57.42 40.33
C LEU L 658 -74.04 -56.19 39.43
N PHE L 659 -73.56 -56.35 38.20
CA PHE L 659 -73.47 -55.23 37.27
C PHE L 659 -74.86 -54.70 36.93
N LEU L 660 -75.82 -55.58 36.69
CA LEU L 660 -77.17 -55.15 36.34
C LEU L 660 -77.83 -54.45 37.51
N ASP L 661 -77.62 -54.93 38.74
CA ASP L 661 -78.17 -54.25 39.91
C ASP L 661 -77.57 -52.87 40.06
N GLY L 662 -76.26 -52.76 39.85
CA GLY L 662 -75.64 -51.44 39.87
C GLY L 662 -76.21 -50.51 38.82
N LEU L 663 -76.46 -51.04 37.62
CA LEU L 663 -77.07 -50.22 36.58
C LEU L 663 -78.48 -49.80 36.95
N GLU L 664 -79.25 -50.71 37.57
CA GLU L 664 -80.60 -50.36 37.99
C GLU L 664 -80.56 -49.25 39.04
N LYS L 665 -79.65 -49.35 40.01
CA LYS L 665 -79.52 -48.30 41.01
C LYS L 665 -79.09 -46.98 40.38
N ALA L 666 -78.17 -47.03 39.42
CA ALA L 666 -77.74 -45.80 38.75
C ALA L 666 -78.86 -45.20 37.92
N ALA L 667 -79.75 -46.04 37.38
CA ALA L 667 -80.86 -45.54 36.58
C ALA L 667 -81.92 -44.89 37.45
N PHE L 668 -82.23 -45.50 38.60
CA PHE L 668 -83.32 -45.02 39.43
C PHE L 668 -82.86 -43.96 40.43
N ASN L 669 -81.91 -44.31 41.30
CA ASN L 669 -81.43 -43.37 42.31
C ASN L 669 -80.36 -42.42 41.77
N GLY L 670 -79.63 -42.83 40.75
CA GLY L 670 -78.46 -42.09 40.31
C GLY L 670 -77.20 -42.58 41.00
N VAL L 671 -76.06 -42.37 40.36
CA VAL L 671 -74.77 -42.82 40.86
C VAL L 671 -73.87 -41.61 41.06
N THR L 672 -73.30 -41.49 42.25
CA THR L 672 -72.39 -40.41 42.57
C THR L 672 -70.96 -40.81 42.24
N PHE L 673 -70.14 -39.82 41.93
CA PHE L 673 -68.72 -40.00 41.70
C PHE L 673 -67.92 -38.98 42.51
N LYS L 674 -68.40 -38.64 43.70
CA LYS L 674 -67.65 -37.76 44.58
C LYS L 674 -66.34 -38.42 44.98
N ASP L 675 -65.31 -37.58 45.12
CA ASP L 675 -63.97 -38.02 45.51
C ASP L 675 -63.44 -39.07 44.54
N LYS L 676 -63.84 -38.96 43.27
CA LYS L 676 -63.37 -39.84 42.21
C LYS L 676 -62.61 -38.99 41.21
N TYR L 677 -61.31 -39.24 41.09
CA TYR L 677 -60.45 -38.55 40.15
C TYR L 677 -60.23 -39.43 38.92
N VAL L 678 -60.69 -38.94 37.77
CA VAL L 678 -60.69 -39.70 36.53
C VAL L 678 -59.78 -38.99 35.54
N LEU L 679 -59.08 -39.77 34.72
CA LEU L 679 -58.34 -39.28 33.57
C LEU L 679 -58.91 -39.92 32.33
N ILE L 680 -59.54 -39.12 31.48
CA ILE L 680 -60.21 -39.62 30.28
C ILE L 680 -59.53 -39.02 29.05
N THR L 681 -59.19 -39.88 28.09
CA THR L 681 -58.66 -39.45 26.81
C THR L 681 -59.63 -39.86 25.71
N GLY L 682 -59.60 -39.12 24.61
CA GLY L 682 -60.53 -39.39 23.52
C GLY L 682 -61.97 -39.10 23.86
N ALA L 683 -62.24 -37.98 24.52
CA ALA L 683 -63.59 -37.57 24.89
C ALA L 683 -64.05 -36.35 24.12
N GLY L 684 -63.70 -36.26 22.83
CA GLY L 684 -64.14 -35.14 22.03
C GLY L 684 -65.64 -35.19 21.74
N LYS L 685 -66.14 -34.10 21.18
CA LYS L 685 -67.56 -34.02 20.86
C LYS L 685 -67.95 -35.11 19.88
N GLY L 686 -69.12 -35.71 20.13
CA GLY L 686 -69.62 -36.75 19.26
C GLY L 686 -69.05 -38.12 19.49
N SER L 687 -68.44 -38.37 20.65
CA SER L 687 -67.83 -39.65 20.97
C SER L 687 -68.42 -40.18 22.28
N ILE L 688 -68.12 -41.45 22.54
CA ILE L 688 -68.56 -42.08 23.79
C ILE L 688 -67.87 -41.44 24.97
N GLY L 689 -66.61 -41.04 24.80
CA GLY L 689 -65.89 -40.41 25.89
C GLY L 689 -66.53 -39.12 26.33
N ALA L 690 -67.11 -38.35 25.40
CA ALA L 690 -67.79 -37.13 25.77
C ALA L 690 -69.00 -37.41 26.67
N GLU L 691 -69.79 -38.43 26.32
CA GLU L 691 -70.93 -38.80 27.16
C GLU L 691 -70.47 -39.30 28.52
N VAL L 692 -69.41 -40.09 28.55
CA VAL L 692 -68.87 -40.58 29.82
C VAL L 692 -68.40 -39.41 30.67
N LEU L 693 -67.76 -38.42 30.03
CA LEU L 693 -67.31 -37.23 30.75
C LEU L 693 -68.49 -36.44 31.31
N GLN L 694 -69.56 -36.32 30.52
CA GLN L 694 -70.75 -35.64 31.01
C GLN L 694 -71.32 -36.36 32.23
N GLY L 695 -71.36 -37.69 32.18
CA GLY L 695 -71.84 -38.44 33.33
C GLY L 695 -70.95 -38.28 34.55
N LEU L 696 -69.63 -38.29 34.36
CA LEU L 696 -68.71 -38.10 35.48
C LEU L 696 -68.89 -36.71 36.09
N LEU L 697 -69.02 -35.69 35.25
CA LEU L 697 -69.25 -34.34 35.75
C LEU L 697 -70.56 -34.24 36.49
N GLN L 698 -71.60 -34.90 35.99
CA GLN L 698 -72.87 -34.97 36.71
C GLN L 698 -72.69 -35.60 38.09
N GLY L 699 -71.96 -36.71 38.15
CA GLY L 699 -71.74 -37.41 39.39
C GLY L 699 -70.79 -36.73 40.35
N GLY L 700 -70.08 -35.70 39.90
CA GLY L 700 -69.24 -34.92 40.78
C GLY L 700 -67.76 -35.25 40.72
N ALA L 701 -67.32 -35.99 39.72
CA ALA L 701 -65.94 -36.44 39.64
C ALA L 701 -65.02 -35.30 39.23
N LYS L 702 -63.76 -35.42 39.62
CA LYS L 702 -62.70 -34.55 39.14
C LYS L 702 -62.06 -35.18 37.92
N VAL L 703 -62.40 -34.68 36.73
CA VAL L 703 -62.03 -35.32 35.48
C VAL L 703 -60.97 -34.50 34.78
N VAL L 704 -59.88 -35.15 34.39
CA VAL L 704 -58.88 -34.57 33.51
C VAL L 704 -59.17 -35.13 32.13
N VAL L 705 -59.73 -34.29 31.27
CA VAL L 705 -60.02 -34.66 29.89
C VAL L 705 -58.89 -34.17 29.02
N THR L 706 -58.40 -35.09 28.17
CA THR L 706 -57.28 -34.81 27.30
C THR L 706 -57.79 -34.71 25.86
N THR L 707 -57.36 -33.67 25.15
CA THR L 707 -57.82 -33.41 23.80
C THR L 707 -56.62 -33.22 22.86
N SER L 708 -56.72 -33.78 21.68
CA SER L 708 -55.71 -33.63 20.64
C SER L 708 -56.02 -32.49 19.66
N ARG L 709 -57.16 -31.82 19.83
CA ARG L 709 -57.58 -30.70 18.99
C ARG L 709 -57.74 -29.44 19.82
N PHE L 710 -56.79 -29.20 20.73
CA PHE L 710 -56.90 -28.08 21.65
C PHE L 710 -56.99 -26.77 20.90
N SER L 711 -58.09 -26.06 21.07
CA SER L 711 -58.34 -24.80 20.39
C SER L 711 -59.48 -24.10 21.12
N LYS L 712 -59.83 -22.90 20.64
CA LYS L 712 -60.91 -22.15 21.26
C LYS L 712 -62.23 -22.90 21.14
N GLN L 713 -62.48 -23.54 20.00
CA GLN L 713 -63.73 -24.29 19.82
C GLN L 713 -63.83 -25.41 20.85
N VAL L 714 -62.76 -26.17 21.02
CA VAL L 714 -62.79 -27.30 21.95
C VAL L 714 -62.92 -26.81 23.38
N THR L 715 -62.18 -25.76 23.74
CA THR L 715 -62.24 -25.27 25.11
C THR L 715 -63.63 -24.69 25.41
N ASP L 716 -64.22 -23.99 24.44
CA ASP L 716 -65.58 -23.48 24.63
C ASP L 716 -66.58 -24.63 24.75
N TYR L 717 -66.39 -25.69 23.97
CA TYR L 717 -67.25 -26.86 24.08
C TYR L 717 -67.17 -27.46 25.47
N TYR L 718 -65.96 -27.64 26.00
CA TYR L 718 -65.81 -28.24 27.31
C TYR L 718 -66.32 -27.31 28.40
N GLN L 719 -66.18 -26.00 28.22
CA GLN L 719 -66.75 -25.06 29.18
C GLN L 719 -68.26 -25.15 29.19
N SER L 720 -68.88 -25.26 28.01
CA SER L 720 -70.33 -25.41 27.96
C SER L 720 -70.76 -26.72 28.61
N ILE L 721 -70.00 -27.79 28.38
CA ILE L 721 -70.31 -29.08 28.99
C ILE L 721 -70.25 -28.96 30.50
N TYR L 722 -69.22 -28.29 31.02
CA TYR L 722 -69.10 -28.13 32.47
C TYR L 722 -70.18 -27.23 33.02
N ALA L 723 -70.51 -26.14 32.31
CA ALA L 723 -71.56 -25.25 32.78
C ALA L 723 -72.90 -25.95 32.81
N LYS L 724 -73.08 -26.95 31.94
CA LYS L 724 -74.34 -27.69 31.91
C LYS L 724 -74.39 -28.80 32.95
N TYR L 725 -73.31 -29.57 33.11
CA TYR L 725 -73.36 -30.81 33.88
C TYR L 725 -72.49 -30.81 35.14
N GLY L 726 -71.43 -30.02 35.21
CA GLY L 726 -70.50 -30.08 36.33
C GLY L 726 -71.16 -29.84 37.67
N ALA L 727 -71.30 -30.91 38.44
CA ALA L 727 -71.97 -30.85 39.71
C ALA L 727 -71.08 -30.17 40.75
N LYS L 728 -71.65 -29.94 41.93
CA LYS L 728 -70.88 -29.38 43.03
C LYS L 728 -69.73 -30.30 43.38
N GLY L 729 -68.54 -29.72 43.47
CA GLY L 729 -67.34 -30.49 43.79
C GLY L 729 -66.60 -31.06 42.60
N SER L 730 -67.16 -30.96 41.40
CA SER L 730 -66.50 -31.46 40.20
C SER L 730 -65.54 -30.41 39.66
N THR L 731 -64.46 -30.87 39.04
CA THR L 731 -63.49 -30.01 38.38
C THR L 731 -63.10 -30.64 37.06
N LEU L 732 -63.19 -29.88 35.98
CA LEU L 732 -62.82 -30.34 34.66
C LEU L 732 -61.49 -29.71 34.25
N ILE L 733 -60.49 -30.53 34.00
CA ILE L 733 -59.17 -30.08 33.56
C ILE L 733 -59.01 -30.51 32.11
N VAL L 734 -59.22 -29.57 31.19
CA VAL L 734 -59.01 -29.81 29.76
C VAL L 734 -57.56 -29.53 29.45
N VAL L 735 -56.85 -30.52 28.93
CA VAL L 735 -55.43 -30.33 28.60
C VAL L 735 -55.19 -30.77 27.17
N PRO L 736 -54.27 -30.07 26.48
CA PRO L 736 -53.81 -30.60 25.19
C PRO L 736 -52.97 -31.84 25.42
N PHE L 737 -53.07 -32.79 24.50
CA PHE L 737 -52.44 -34.07 24.76
C PHE L 737 -52.34 -34.86 23.46
N ASN L 738 -51.17 -35.42 23.24
CA ASN L 738 -50.92 -36.35 22.13
C ASN L 738 -50.65 -37.71 22.74
N GLN L 739 -51.65 -38.59 22.73
CA GLN L 739 -51.45 -39.93 23.26
C GLN L 739 -50.46 -40.73 22.42
N GLY L 740 -50.12 -40.27 21.23
CA GLY L 740 -49.13 -40.93 20.42
C GLY L 740 -47.70 -40.63 20.77
N SER L 741 -47.45 -39.76 21.76
CA SER L 741 -46.11 -39.42 22.20
C SER L 741 -45.94 -39.77 23.67
N LYS L 742 -44.96 -40.65 23.95
CA LYS L 742 -44.71 -41.05 25.32
C LYS L 742 -44.24 -39.89 26.17
N GLN L 743 -43.61 -38.89 25.55
CA GLN L 743 -43.26 -37.68 26.29
C GLN L 743 -44.52 -36.99 26.80
N ASP L 744 -45.55 -36.89 25.97
CA ASP L 744 -46.81 -36.32 26.43
C ASP L 744 -47.44 -37.20 27.50
N VAL L 745 -47.36 -38.52 27.34
CA VAL L 745 -47.94 -39.41 28.35
C VAL L 745 -47.27 -39.17 29.71
N GLU L 746 -45.94 -39.20 29.72
CA GLU L 746 -45.20 -38.99 30.96
C GLU L 746 -45.46 -37.60 31.52
N ALA L 747 -45.48 -36.58 30.66
CA ALA L 747 -45.70 -35.22 31.13
C ALA L 747 -47.09 -35.06 31.72
N LEU L 748 -48.10 -35.65 31.09
CA LEU L 748 -49.46 -35.55 31.62
C LEU L 748 -49.57 -36.25 32.97
N ILE L 749 -49.00 -37.46 33.10
CA ILE L 749 -49.11 -38.17 34.36
C ILE L 749 -48.35 -37.43 35.46
N GLU L 750 -47.17 -36.90 35.12
CA GLU L 750 -46.42 -36.08 36.07
C GLU L 750 -47.22 -34.84 36.47
N PHE L 751 -47.87 -34.19 35.51
CA PHE L 751 -48.67 -33.01 35.82
C PHE L 751 -49.83 -33.36 36.73
N ILE L 752 -50.47 -34.50 36.49
CA ILE L 752 -51.61 -34.91 37.31
C ILE L 752 -51.16 -35.20 38.74
N TYR L 753 -50.03 -35.90 38.89
CA TYR L 753 -49.63 -36.38 40.21
C TYR L 753 -48.76 -35.40 40.99
N ASP L 754 -48.16 -34.42 40.34
CA ASP L 754 -47.29 -33.48 41.03
C ASP L 754 -48.11 -32.53 41.89
N THR L 755 -47.47 -31.98 42.91
CA THR L 755 -48.17 -31.12 43.85
C THR L 755 -48.56 -29.80 43.16
N GLU L 756 -49.47 -29.07 43.81
CA GLU L 756 -49.94 -27.82 43.23
C GLU L 756 -48.87 -26.74 43.34
N LYS L 757 -48.02 -26.83 44.36
CA LYS L 757 -46.91 -25.89 44.50
C LYS L 757 -45.90 -26.07 43.36
N ASN L 758 -45.76 -27.28 42.84
CA ASN L 758 -44.85 -27.57 41.75
C ASN L 758 -45.44 -27.24 40.38
N GLY L 759 -46.67 -26.74 40.33
CA GLY L 759 -47.34 -26.46 39.09
C GLY L 759 -48.21 -27.59 38.55
N GLY L 760 -48.36 -28.66 39.31
CA GLY L 760 -49.21 -29.77 38.92
C GLY L 760 -50.62 -29.63 39.42
N LEU L 761 -51.30 -30.76 39.60
CA LEU L 761 -52.64 -30.79 40.16
C LEU L 761 -52.69 -31.39 41.57
N GLY L 762 -51.71 -32.18 41.96
CA GLY L 762 -51.77 -32.85 43.25
C GLY L 762 -52.91 -33.83 43.34
N TRP L 763 -53.22 -34.50 42.24
CA TRP L 763 -54.33 -35.44 42.15
C TRP L 763 -53.79 -36.86 42.11
N ASP L 764 -54.58 -37.78 42.64
CA ASP L 764 -54.32 -39.22 42.56
C ASP L 764 -55.48 -39.85 41.82
N LEU L 765 -55.20 -40.50 40.69
CA LEU L 765 -56.26 -40.95 39.80
C LEU L 765 -57.01 -42.13 40.42
N ASP L 766 -58.34 -42.02 40.45
CA ASP L 766 -59.20 -43.14 40.80
C ASP L 766 -59.62 -43.98 39.61
N ALA L 767 -59.64 -43.41 38.41
CA ALA L 767 -60.01 -44.14 37.23
C ALA L 767 -59.27 -43.59 36.02
N ILE L 768 -59.03 -44.47 35.04
CA ILE L 768 -58.41 -44.09 33.78
C ILE L 768 -59.27 -44.66 32.66
N ILE L 769 -59.60 -43.81 31.69
CA ILE L 769 -60.48 -44.15 30.58
C ILE L 769 -59.73 -43.75 29.31
N PRO L 770 -58.81 -44.60 28.81
CA PRO L 770 -58.00 -44.23 27.63
C PRO L 770 -58.68 -44.57 26.32
N PHE L 771 -59.70 -43.78 25.98
CA PHE L 771 -60.51 -44.00 24.80
C PHE L 771 -59.97 -43.28 23.57
N ALA L 772 -58.80 -42.67 23.66
CA ALA L 772 -58.22 -41.99 22.51
C ALA L 772 -57.82 -42.99 21.44
N ALA L 773 -58.21 -42.70 20.21
CA ALA L 773 -57.88 -43.53 19.06
C ALA L 773 -58.07 -42.68 17.81
N ILE L 774 -57.32 -43.03 16.76
CA ILE L 774 -57.49 -42.38 15.46
C ILE L 774 -58.13 -43.40 14.53
N PRO L 775 -59.04 -42.99 13.63
CA PRO L 775 -59.73 -43.98 12.81
C PRO L 775 -58.84 -44.54 11.72
N GLU L 776 -59.25 -45.71 11.21
CA GLU L 776 -58.52 -46.41 10.16
C GLU L 776 -59.53 -47.05 9.22
N GLN L 777 -59.59 -46.58 7.98
CA GLN L 777 -60.48 -47.14 6.97
C GLN L 777 -59.67 -47.63 5.79
N GLY L 778 -60.04 -48.79 5.26
CA GLY L 778 -59.45 -49.29 4.04
C GLY L 778 -57.95 -49.53 4.15
N ILE L 779 -57.48 -49.92 5.33
CA ILE L 779 -56.07 -50.24 5.56
C ILE L 779 -56.03 -51.72 5.88
N GLU L 780 -55.81 -52.55 4.86
CA GLU L 780 -55.74 -53.98 5.02
C GLU L 780 -54.33 -54.36 5.46
N LEU L 781 -54.02 -55.66 5.43
CA LEU L 781 -52.69 -56.12 5.82
C LEU L 781 -51.62 -55.52 4.92
N GLU L 782 -51.83 -55.52 3.61
CA GLU L 782 -50.84 -54.97 2.69
C GLU L 782 -50.65 -53.47 2.86
N HIS L 783 -51.62 -52.77 3.45
CA HIS L 783 -51.58 -51.32 3.57
C HIS L 783 -51.11 -50.85 4.95
N ILE L 784 -50.75 -51.76 5.85
CA ILE L 784 -50.26 -51.35 7.16
C ILE L 784 -49.00 -50.51 6.98
N ASP L 785 -49.01 -49.31 7.54
CA ASP L 785 -48.01 -48.30 7.22
C ASP L 785 -47.79 -47.42 8.45
N SER L 786 -47.24 -46.23 8.21
CA SER L 786 -46.92 -45.31 9.29
C SER L 786 -48.16 -44.96 10.11
N LYS L 787 -49.27 -44.67 9.43
CA LYS L 787 -50.49 -44.31 10.17
C LYS L 787 -50.95 -45.47 11.03
N SER L 788 -50.88 -46.70 10.51
CA SER L 788 -51.31 -47.86 11.28
C SER L 788 -50.41 -48.07 12.50
N GLU L 789 -49.09 -47.93 12.32
CA GLU L 789 -48.18 -48.09 13.45
C GLU L 789 -48.40 -46.99 14.49
N PHE L 790 -48.64 -45.76 14.04
CA PHE L 790 -48.89 -44.68 14.98
C PHE L 790 -50.19 -44.89 15.74
N ALA L 791 -51.24 -45.33 15.06
CA ALA L 791 -52.50 -45.64 15.73
C ALA L 791 -52.30 -46.76 16.73
N HIS L 792 -51.54 -47.79 16.36
CA HIS L 792 -51.26 -48.87 17.29
C HIS L 792 -50.51 -48.35 18.51
N ARG L 793 -49.55 -47.45 18.30
CA ARG L 793 -48.86 -46.85 19.43
C ARG L 793 -49.84 -46.17 20.36
N ILE L 794 -50.68 -45.29 19.80
CA ILE L 794 -51.66 -44.55 20.61
C ILE L 794 -52.53 -45.51 21.40
N MET L 795 -53.02 -46.57 20.76
CA MET L 795 -54.10 -47.37 21.32
C MET L 795 -53.63 -48.56 22.14
N LEU L 796 -52.38 -48.99 22.00
CA LEU L 796 -51.81 -50.04 22.82
C LEU L 796 -50.58 -49.58 23.59
N THR L 797 -49.57 -49.08 22.88
CA THR L 797 -48.26 -48.88 23.50
C THR L 797 -48.31 -47.74 24.49
N ASN L 798 -48.89 -46.62 24.08
CA ASN L 798 -48.91 -45.46 24.97
C ASN L 798 -49.98 -45.60 26.03
N ILE L 799 -51.01 -46.40 25.80
CA ILE L 799 -51.91 -46.76 26.89
C ILE L 799 -51.15 -47.54 27.95
N LEU L 800 -50.37 -48.54 27.54
CA LEU L 800 -49.60 -49.31 28.50
C LEU L 800 -48.58 -48.44 29.21
N ARG L 801 -47.97 -47.50 28.47
CA ARG L 801 -47.04 -46.56 29.09
C ARG L 801 -47.75 -45.66 30.09
N MET L 802 -49.00 -45.29 29.79
CA MET L 802 -49.75 -44.43 30.71
C MET L 802 -50.07 -45.15 32.01
N MET L 803 -50.53 -46.40 31.92
CA MET L 803 -50.76 -47.16 33.14
C MET L 803 -49.44 -47.42 33.88
N GLY L 804 -48.36 -47.65 33.15
CA GLY L 804 -47.06 -47.78 33.80
C GLY L 804 -46.65 -46.52 34.52
N CYS L 805 -46.89 -45.36 33.93
CA CYS L 805 -46.57 -44.09 34.57
C CYS L 805 -47.40 -43.88 35.82
N VAL L 806 -48.68 -44.22 35.77
CA VAL L 806 -49.52 -44.10 36.96
C VAL L 806 -49.03 -45.04 38.05
N LYS L 807 -48.65 -46.26 37.68
CA LYS L 807 -48.07 -47.19 38.63
C LYS L 807 -46.80 -46.61 39.25
N LYS L 808 -45.94 -46.00 38.43
CA LYS L 808 -44.70 -45.45 38.94
C LYS L 808 -44.96 -44.29 39.91
N GLN L 809 -45.90 -43.41 39.57
CA GLN L 809 -46.21 -42.30 40.47
C GLN L 809 -46.76 -42.81 41.80
N LYS L 810 -47.71 -43.75 41.74
CA LYS L 810 -48.29 -44.28 42.97
C LYS L 810 -47.23 -44.98 43.82
N SER L 811 -46.35 -45.76 43.18
CA SER L 811 -45.31 -46.46 43.93
C SER L 811 -44.32 -45.48 44.54
N ALA L 812 -43.96 -44.43 43.80
CA ALA L 812 -43.04 -43.43 44.33
C ALA L 812 -43.65 -42.73 45.53
N ARG L 813 -44.96 -42.48 45.49
CA ARG L 813 -45.65 -41.87 46.62
C ARG L 813 -46.11 -42.89 47.64
N GLY L 814 -45.79 -44.17 47.46
CA GLY L 814 -46.10 -45.19 48.44
C GLY L 814 -47.59 -45.44 48.59
N ILE L 815 -48.30 -45.44 47.47
CA ILE L 815 -49.75 -45.64 47.45
C ILE L 815 -50.03 -47.07 47.04
N GLU L 816 -50.69 -47.82 47.93
CA GLU L 816 -51.03 -49.21 47.69
C GLU L 816 -52.53 -49.44 47.76
N THR L 817 -53.23 -48.62 48.54
CA THR L 817 -54.64 -48.83 48.83
C THR L 817 -55.55 -47.89 48.04
N ARG L 818 -55.04 -47.21 47.02
CA ARG L 818 -55.83 -46.37 46.12
C ARG L 818 -55.48 -46.75 44.70
N PRO L 819 -56.00 -47.88 44.22
CA PRO L 819 -55.78 -48.26 42.83
C PRO L 819 -56.59 -47.39 41.87
N ALA L 820 -56.04 -47.21 40.67
CA ALA L 820 -56.72 -46.56 39.58
C ALA L 820 -57.39 -47.61 38.71
N GLN L 821 -58.67 -47.43 38.43
CA GLN L 821 -59.42 -48.37 37.62
C GLN L 821 -59.25 -47.98 36.15
N VAL L 822 -58.47 -48.78 35.42
CA VAL L 822 -58.26 -48.55 34.00
C VAL L 822 -59.41 -49.22 33.25
N ILE L 823 -60.29 -48.40 32.67
CA ILE L 823 -61.44 -48.89 31.91
C ILE L 823 -60.96 -49.00 30.45
N LEU L 824 -60.51 -50.19 30.09
CA LEU L 824 -59.94 -50.41 28.77
C LEU L 824 -61.04 -50.51 27.72
N PRO L 825 -60.95 -49.75 26.61
CA PRO L 825 -61.90 -49.95 25.51
C PRO L 825 -61.51 -51.15 24.67
N MET L 826 -62.34 -52.18 24.71
CA MET L 826 -62.07 -53.44 24.02
C MET L 826 -63.11 -53.65 22.93
N SER L 827 -62.68 -54.29 21.85
CA SER L 827 -63.55 -54.57 20.72
C SER L 827 -64.03 -56.00 20.79
N PRO L 828 -65.33 -56.29 20.67
CA PRO L 828 -65.74 -57.70 20.58
C PRO L 828 -65.18 -58.40 19.37
N ASN L 829 -64.96 -57.68 18.29
CA ASN L 829 -64.50 -58.23 17.02
C ASN L 829 -63.04 -57.86 16.80
N HIS L 830 -62.21 -58.88 16.57
CA HIS L 830 -60.78 -58.71 16.32
C HIS L 830 -60.49 -59.23 14.93
N GLY L 831 -60.51 -58.31 13.94
CA GLY L 831 -60.27 -58.67 12.56
C GLY L 831 -61.49 -59.16 11.81
N THR L 832 -62.68 -59.08 12.40
CA THR L 832 -63.88 -59.55 11.71
C THR L 832 -64.19 -58.70 10.49
N PHE L 833 -64.03 -57.37 10.61
CA PHE L 833 -64.33 -56.47 9.51
C PHE L 833 -63.11 -56.25 8.62
N GLY L 834 -61.92 -56.24 9.21
CA GLY L 834 -60.71 -56.02 8.45
C GLY L 834 -60.65 -54.64 7.83
N GLY L 835 -59.54 -54.36 7.17
CA GLY L 835 -59.35 -53.06 6.55
C GLY L 835 -59.34 -51.93 7.56
N ASP L 836 -58.94 -52.20 8.80
CA ASP L 836 -58.91 -51.22 9.87
C ASP L 836 -57.51 -51.08 10.44
N GLY L 837 -56.48 -51.40 9.65
CA GLY L 837 -55.12 -51.22 10.11
C GLY L 837 -54.81 -52.11 11.29
N MET L 838 -54.34 -51.49 12.37
CA MET L 838 -53.92 -52.19 13.57
C MET L 838 -54.95 -52.09 14.70
N TYR L 839 -56.19 -51.72 14.37
CA TYR L 839 -57.23 -51.57 15.39
C TYR L 839 -57.43 -52.89 16.14
N SER L 840 -57.63 -53.97 15.38
CA SER L 840 -57.85 -55.26 16.01
C SER L 840 -56.64 -55.70 16.81
N GLU L 841 -55.44 -55.44 16.28
CA GLU L 841 -54.23 -55.81 17.00
C GLU L 841 -54.14 -55.10 18.35
N SER L 842 -54.41 -53.79 18.38
CA SER L 842 -54.37 -53.04 19.63
C SER L 842 -55.42 -53.55 20.60
N LYS L 843 -56.66 -53.71 20.12
CA LYS L 843 -57.74 -54.13 21.00
C LYS L 843 -57.49 -55.52 21.57
N LEU L 844 -56.97 -56.43 20.75
CA LEU L 844 -56.72 -57.79 21.21
C LEU L 844 -55.52 -57.85 22.14
N SER L 845 -54.48 -57.04 21.87
CA SER L 845 -53.32 -57.04 22.75
C SER L 845 -53.62 -56.36 24.08
N LEU L 846 -54.67 -55.54 24.14
CA LEU L 846 -55.07 -54.97 25.43
C LEU L 846 -55.61 -56.04 26.38
N GLU L 847 -55.91 -57.24 25.90
CA GLU L 847 -56.44 -58.29 26.76
C GLU L 847 -55.37 -59.00 27.56
N THR L 848 -54.08 -58.73 27.28
CA THR L 848 -53.01 -59.28 28.09
C THR L 848 -52.98 -58.69 29.50
N LEU L 849 -53.64 -57.55 29.71
CA LEU L 849 -53.56 -56.88 30.99
C LEU L 849 -54.27 -57.67 32.08
N PHE L 850 -55.28 -58.46 31.71
CA PHE L 850 -55.96 -59.29 32.68
C PHE L 850 -55.01 -60.29 33.33
N ASN L 851 -54.12 -60.90 32.54
CA ASN L 851 -53.14 -61.82 33.09
C ASN L 851 -51.96 -61.07 33.71
N ARG L 852 -51.55 -59.95 33.10
CA ARG L 852 -50.44 -59.18 33.65
C ARG L 852 -50.76 -58.65 35.04
N TRP L 853 -52.04 -58.38 35.31
CA TRP L 853 -52.44 -57.90 36.62
C TRP L 853 -52.07 -58.89 37.70
N HIS L 854 -52.32 -60.18 37.45
CA HIS L 854 -51.94 -61.22 38.41
C HIS L 854 -50.45 -61.49 38.39
N SER L 855 -49.82 -61.47 37.21
CA SER L 855 -48.46 -61.94 37.06
C SER L 855 -47.40 -60.90 37.39
N GLU L 856 -47.77 -59.63 37.54
CA GLU L 856 -46.81 -58.56 37.76
C GLU L 856 -47.17 -57.83 39.05
N SER L 857 -46.33 -56.85 39.41
CA SER L 857 -46.38 -56.19 40.71
C SER L 857 -47.03 -54.81 40.64
N TRP L 858 -48.04 -54.63 39.79
CA TRP L 858 -48.80 -53.39 39.71
C TRP L 858 -50.28 -53.60 40.02
N ALA L 859 -50.63 -54.74 40.63
CA ALA L 859 -52.02 -55.01 40.95
C ALA L 859 -52.58 -54.02 41.96
N ASN L 860 -51.77 -53.65 42.95
CA ASN L 860 -52.24 -52.74 43.99
C ASN L 860 -52.34 -51.30 43.51
N GLN L 861 -51.72 -50.96 42.38
CA GLN L 861 -51.76 -49.61 41.86
C GLN L 861 -52.82 -49.42 40.78
N LEU L 862 -53.14 -50.49 40.05
CA LEU L 862 -54.14 -50.41 38.98
C LEU L 862 -55.05 -51.62 39.04
N THR L 863 -56.27 -51.45 38.55
CA THR L 863 -57.23 -52.53 38.42
C THR L 863 -57.79 -52.49 37.01
N VAL L 864 -57.81 -53.64 36.34
CA VAL L 864 -58.17 -53.72 34.93
C VAL L 864 -59.66 -53.98 34.80
N CYS L 865 -60.34 -53.13 34.02
CA CYS L 865 -61.76 -53.27 33.75
C CYS L 865 -61.93 -53.16 32.24
N GLY L 866 -61.92 -54.29 31.55
CA GLY L 866 -62.05 -54.24 30.10
C GLY L 866 -63.49 -54.19 29.67
N ALA L 867 -63.94 -53.04 29.19
CA ALA L 867 -65.29 -52.88 28.67
C ALA L 867 -65.28 -53.20 27.18
N ILE L 868 -65.87 -54.32 26.81
CA ILE L 868 -66.04 -54.72 25.42
C ILE L 868 -67.22 -53.91 24.92
N ILE L 869 -66.92 -52.81 24.23
CA ILE L 869 -67.95 -51.88 23.77
C ILE L 869 -68.62 -52.46 22.53
N GLY L 870 -69.95 -52.46 22.53
CA GLY L 870 -70.71 -53.01 21.44
C GLY L 870 -70.99 -52.01 20.35
N TRP L 871 -71.93 -52.37 19.47
CA TRP L 871 -72.31 -51.49 18.38
C TRP L 871 -72.92 -50.20 18.92
N THR L 872 -72.19 -49.10 18.74
CA THR L 872 -72.59 -47.79 19.22
C THR L 872 -72.90 -46.90 18.05
N ARG L 873 -73.98 -46.13 18.15
CA ARG L 873 -74.43 -45.26 17.07
C ARG L 873 -74.02 -43.83 17.37
N GLY L 874 -73.21 -43.25 16.48
CA GLY L 874 -72.74 -41.88 16.65
C GLY L 874 -73.68 -40.87 16.00
N ALA L 880 -73.24 -44.60 7.44
CA ALA L 880 -72.33 -45.67 7.02
C ALA L 880 -72.52 -46.89 7.90
N ASN L 881 -72.29 -46.72 9.20
CA ASN L 881 -72.44 -47.79 10.19
C ASN L 881 -73.76 -47.70 10.93
N ASN L 882 -74.60 -46.71 10.61
CA ASN L 882 -75.85 -46.48 11.32
C ASN L 882 -77.05 -46.94 10.49
N ILE L 883 -76.92 -46.84 9.17
CA ILE L 883 -78.06 -47.13 8.29
C ILE L 883 -78.50 -48.59 8.44
N ILE L 884 -77.57 -49.47 8.83
CA ILE L 884 -77.87 -50.89 8.96
C ILE L 884 -78.08 -51.33 10.41
N ALA L 885 -78.04 -50.40 11.36
CA ALA L 885 -78.29 -50.76 12.75
C ALA L 885 -79.69 -51.31 12.94
N GLU L 886 -80.67 -50.73 12.23
CA GLU L 886 -82.04 -51.25 12.31
C GLU L 886 -82.11 -52.69 11.83
N GLY L 887 -81.49 -52.98 10.68
CA GLY L 887 -81.48 -54.34 10.16
C GLY L 887 -80.76 -55.31 11.07
N ILE L 888 -79.72 -54.85 11.76
CA ILE L 888 -79.04 -55.70 12.74
C ILE L 888 -79.95 -56.06 13.90
N GLU L 889 -80.83 -55.16 14.33
CA GLU L 889 -81.68 -55.41 15.49
C GLU L 889 -82.85 -56.31 15.22
N LYS L 890 -83.19 -56.58 13.95
CA LYS L 890 -84.34 -57.42 13.65
C LYS L 890 -84.15 -58.87 14.10
N MET L 891 -82.91 -59.29 14.39
CA MET L 891 -82.63 -60.66 14.80
C MET L 891 -82.44 -60.80 16.30
N GLY L 892 -82.80 -59.79 17.08
CA GLY L 892 -82.63 -59.80 18.51
C GLY L 892 -81.36 -59.14 19.01
N VAL L 893 -80.41 -58.87 18.13
CA VAL L 893 -79.21 -58.14 18.52
C VAL L 893 -79.62 -56.75 19.02
N ARG L 894 -78.82 -56.20 19.93
CA ARG L 894 -79.10 -54.91 20.54
C ARG L 894 -77.99 -53.93 20.18
N THR L 895 -78.37 -52.77 19.66
CA THR L 895 -77.45 -51.71 19.29
C THR L 895 -77.67 -50.53 20.23
N PHE L 896 -76.57 -49.94 20.69
CA PHE L 896 -76.60 -48.90 21.71
C PHE L 896 -76.34 -47.54 21.09
N SER L 897 -76.83 -46.50 21.76
CA SER L 897 -76.49 -45.13 21.43
C SER L 897 -75.27 -44.72 22.25
N GLN L 898 -74.77 -43.51 21.98
CA GLN L 898 -73.63 -43.02 22.74
C GLN L 898 -74.01 -42.82 24.20
N LYS L 899 -75.22 -42.31 24.46
CA LYS L 899 -75.66 -42.13 25.84
C LYS L 899 -75.83 -43.46 26.56
N GLU L 900 -76.43 -44.45 25.89
CA GLU L 900 -76.59 -45.77 26.50
C GLU L 900 -75.24 -46.41 26.77
N MET L 901 -74.31 -46.30 25.82
CA MET L 901 -72.99 -46.87 26.00
C MET L 901 -72.24 -46.19 27.13
N ALA L 902 -72.38 -44.87 27.25
CA ALA L 902 -71.75 -44.16 28.36
C ALA L 902 -72.38 -44.55 29.68
N PHE L 903 -73.68 -44.77 29.71
CA PHE L 903 -74.34 -45.25 30.92
C PHE L 903 -73.79 -46.63 31.31
N ASN L 904 -73.61 -47.51 30.33
CA ASN L 904 -73.04 -48.82 30.61
C ASN L 904 -71.62 -48.69 31.16
N LEU L 905 -70.81 -47.82 30.55
CA LEU L 905 -69.43 -47.65 31.00
C LEU L 905 -69.37 -47.04 32.39
N LEU L 906 -70.26 -46.10 32.69
CA LEU L 906 -70.28 -45.50 34.01
C LEU L 906 -70.83 -46.46 35.05
N GLY L 907 -71.61 -47.44 34.62
CA GLY L 907 -72.02 -48.50 35.55
C GLY L 907 -70.84 -49.30 36.07
N LEU L 908 -69.73 -49.29 35.32
CA LEU L 908 -68.52 -49.97 35.76
C LEU L 908 -67.70 -49.14 36.75
N LEU L 909 -68.08 -47.88 36.98
CA LEU L 909 -67.45 -47.04 37.98
C LEU L 909 -68.23 -46.99 39.29
N THR L 910 -69.29 -47.79 39.42
CA THR L 910 -70.01 -47.83 40.68
C THR L 910 -69.10 -48.39 41.78
N PRO L 911 -69.38 -48.09 43.05
CA PRO L 911 -68.50 -48.59 44.11
C PRO L 911 -68.37 -50.10 44.13
N GLU L 912 -69.45 -50.83 43.83
CA GLU L 912 -69.41 -52.28 43.94
C GLU L 912 -68.61 -52.89 42.79
N VAL L 913 -68.75 -52.34 41.58
CA VAL L 913 -67.93 -52.82 40.47
C VAL L 913 -66.47 -52.42 40.69
N VAL L 914 -66.23 -51.27 41.31
CA VAL L 914 -64.86 -50.87 41.64
C VAL L 914 -64.25 -51.88 42.61
N GLU L 915 -65.02 -52.28 43.63
CA GLU L 915 -64.53 -53.28 44.58
C GLU L 915 -64.30 -54.61 43.89
N LEU L 916 -65.17 -54.97 42.95
CA LEU L 916 -64.98 -56.20 42.17
C LEU L 916 -63.68 -56.14 41.37
N CYS L 917 -63.41 -55.01 40.73
CA CYS L 917 -62.17 -54.85 39.99
C CYS L 917 -60.95 -54.94 40.91
N GLN L 918 -61.06 -54.38 42.11
CA GLN L 918 -59.97 -54.48 43.07
C GLN L 918 -59.76 -55.92 43.50
N LYS L 919 -60.85 -56.68 43.64
CA LYS L 919 -60.72 -58.10 43.95
C LYS L 919 -59.99 -58.84 42.83
N SER L 920 -60.42 -58.62 41.59
CA SER L 920 -59.78 -59.26 40.44
C SER L 920 -60.22 -58.50 39.19
N PRO L 921 -59.40 -58.51 38.14
CA PRO L 921 -59.75 -57.76 36.93
C PRO L 921 -61.01 -58.32 36.30
N VAL L 922 -61.82 -57.43 35.72
CA VAL L 922 -63.14 -57.80 35.24
C VAL L 922 -63.27 -57.46 33.76
N MET L 923 -63.82 -58.43 33.02
CA MET L 923 -64.29 -58.24 31.65
C MET L 923 -65.77 -57.92 31.74
N ALA L 924 -66.17 -56.75 31.25
CA ALA L 924 -67.58 -56.44 31.06
C ALA L 924 -67.87 -56.53 29.57
N ASP L 925 -68.78 -57.40 29.19
CA ASP L 925 -69.24 -57.52 27.80
C ASP L 925 -70.49 -56.66 27.67
N LEU L 926 -70.36 -55.53 26.99
CA LEU L 926 -71.47 -54.64 26.68
C LEU L 926 -71.81 -54.71 25.20
N ASN L 927 -71.65 -55.90 24.62
CA ASN L 927 -71.74 -56.07 23.17
C ASN L 927 -73.17 -56.05 22.66
N GLY L 928 -74.15 -56.35 23.51
CA GLY L 928 -75.53 -56.36 23.07
C GLY L 928 -75.94 -57.61 22.33
N GLY L 929 -75.22 -58.72 22.55
CA GLY L 929 -75.52 -59.94 21.83
C GLY L 929 -75.02 -59.99 20.41
N LEU L 930 -74.15 -59.05 20.03
CA LEU L 930 -73.63 -59.02 18.67
C LEU L 930 -72.79 -60.25 18.34
N GLN L 931 -72.23 -60.92 19.34
CA GLN L 931 -71.36 -62.06 19.06
C GLN L 931 -72.15 -63.29 18.64
N PHE L 932 -73.45 -63.33 18.91
CA PHE L 932 -74.22 -64.54 18.68
C PHE L 932 -74.60 -64.70 17.22
N VAL L 933 -74.61 -63.62 16.44
CA VAL L 933 -74.92 -63.75 15.02
C VAL L 933 -73.76 -64.46 14.30
N PRO L 934 -74.02 -65.47 13.46
CA PRO L 934 -72.91 -66.08 12.73
C PRO L 934 -72.50 -65.25 11.52
N GLU L 935 -71.20 -65.15 11.30
CA GLU L 935 -70.64 -64.41 10.18
C GLU L 935 -71.12 -62.95 10.20
N LEU L 936 -70.75 -62.26 11.28
CA LEU L 936 -71.23 -60.89 11.48
C LEU L 936 -70.73 -59.96 10.38
N LYS L 937 -69.48 -60.12 9.95
CA LYS L 937 -68.96 -59.26 8.88
C LYS L 937 -69.75 -59.46 7.59
N GLU L 938 -69.98 -60.71 7.20
CA GLU L 938 -70.69 -60.99 5.96
C GLU L 938 -72.13 -60.52 6.04
N PHE L 939 -72.78 -60.71 7.20
CA PHE L 939 -74.17 -60.28 7.32
C PHE L 939 -74.27 -58.76 7.31
N THR L 940 -73.31 -58.08 7.94
CA THR L 940 -73.26 -56.62 7.89
C THR L 940 -73.09 -56.14 6.46
N ALA L 941 -72.19 -56.76 5.71
CA ALA L 941 -72.00 -56.41 4.31
C ALA L 941 -73.28 -56.66 3.52
N LYS L 942 -73.97 -57.75 3.81
CA LYS L 942 -75.23 -58.04 3.12
C LYS L 942 -76.29 -56.98 3.41
N LEU L 943 -76.39 -56.55 4.67
CA LEU L 943 -77.36 -55.50 5.00
C LEU L 943 -77.04 -54.21 4.26
N ARG L 944 -75.77 -53.80 4.29
CA ARG L 944 -75.38 -52.58 3.60
C ARG L 944 -75.62 -52.70 2.10
N LYS L 945 -75.32 -53.87 1.54
CA LYS L 945 -75.51 -54.09 0.11
C LYS L 945 -76.99 -54.00 -0.25
N GLU L 946 -77.86 -54.60 0.56
CA GLU L 946 -79.29 -54.55 0.24
C GLU L 946 -79.81 -53.12 0.32
N LEU L 947 -79.39 -52.37 1.35
CA LEU L 947 -79.85 -51.00 1.47
C LEU L 947 -79.35 -50.14 0.31
N VAL L 948 -78.06 -50.27 -0.02
CA VAL L 948 -77.49 -49.47 -1.09
C VAL L 948 -78.13 -49.82 -2.42
N GLU L 949 -78.33 -51.11 -2.68
CA GLU L 949 -78.92 -51.53 -3.94
C GLU L 949 -80.36 -51.03 -4.07
N THR L 950 -81.13 -51.13 -2.99
CA THR L 950 -82.49 -50.61 -3.02
C THR L 950 -82.49 -49.10 -3.27
N SER L 951 -81.59 -48.37 -2.61
CA SER L 951 -81.54 -46.93 -2.78
C SER L 951 -81.19 -46.55 -4.21
N GLU L 952 -80.14 -47.15 -4.76
CA GLU L 952 -79.74 -46.83 -6.13
C GLU L 952 -80.80 -47.24 -7.15
N VAL L 953 -81.42 -48.40 -6.95
CA VAL L 953 -82.45 -48.84 -7.88
C VAL L 953 -83.63 -47.87 -7.87
N ARG L 954 -84.07 -47.48 -6.66
CA ARG L 954 -85.20 -46.55 -6.58
C ARG L 954 -84.84 -45.20 -7.17
N LYS L 955 -83.62 -44.71 -6.91
CA LYS L 955 -83.22 -43.41 -7.45
C LYS L 955 -83.15 -43.44 -8.97
N ALA L 956 -82.57 -44.51 -9.54
CA ALA L 956 -82.48 -44.61 -10.98
C ALA L 956 -83.86 -44.73 -11.62
N VAL L 957 -84.74 -45.54 -11.03
CA VAL L 957 -86.08 -45.69 -11.57
C VAL L 957 -86.83 -44.37 -11.50
N SER L 958 -86.69 -43.64 -10.39
CA SER L 958 -87.37 -42.35 -10.27
C SER L 958 -86.84 -41.36 -11.30
N ILE L 959 -85.52 -41.32 -11.49
CA ILE L 959 -84.94 -40.39 -12.47
C ILE L 959 -85.44 -40.73 -13.88
N GLU L 960 -85.47 -42.02 -14.21
CA GLU L 960 -85.89 -42.40 -15.56
C GLU L 960 -87.39 -42.16 -15.76
N THR L 961 -88.19 -42.40 -14.72
CA THR L 961 -89.61 -42.09 -14.82
C THR L 961 -89.82 -40.58 -15.00
N ALA L 962 -89.04 -39.77 -14.27
CA ALA L 962 -89.13 -38.33 -14.44
C ALA L 962 -88.76 -37.90 -15.85
N LEU L 963 -87.68 -38.46 -16.39
CA LEU L 963 -87.25 -38.09 -17.74
C LEU L 963 -88.28 -38.53 -18.78
N GLU L 964 -88.86 -39.73 -18.60
CA GLU L 964 -89.92 -40.18 -19.49
C GLU L 964 -91.12 -39.24 -19.43
N HIS L 965 -91.50 -38.83 -18.22
CA HIS L 965 -92.61 -37.89 -18.08
C HIS L 965 -92.30 -36.57 -18.76
N LYS L 966 -91.08 -36.06 -18.58
CA LYS L 966 -90.74 -34.76 -19.16
C LYS L 966 -90.72 -34.82 -20.68
N VAL L 967 -90.18 -35.89 -21.25
CA VAL L 967 -90.14 -36.00 -22.71
C VAL L 967 -91.54 -36.22 -23.26
N VAL L 968 -92.37 -37.00 -22.56
CA VAL L 968 -93.72 -37.26 -23.05
C VAL L 968 -94.58 -36.00 -23.01
N ASN L 969 -94.56 -35.28 -21.89
CA ASN L 969 -95.44 -34.13 -21.68
C ASN L 969 -94.75 -32.79 -21.90
N GLY L 970 -93.56 -32.77 -22.52
CA GLY L 970 -92.90 -31.50 -22.73
C GLY L 970 -92.39 -30.92 -21.43
N ASN L 971 -91.99 -29.65 -21.51
CA ASN L 971 -91.49 -28.93 -20.34
C ASN L 971 -92.64 -28.24 -19.62
N GLN L 979 -91.57 -22.99 -9.08
CA GLN L 979 -91.90 -21.95 -8.11
C GLN L 979 -90.73 -21.00 -7.92
N VAL L 980 -90.96 -19.72 -8.18
CA VAL L 980 -89.91 -18.72 -8.00
C VAL L 980 -89.62 -18.56 -6.50
N GLU L 981 -88.36 -18.63 -6.13
CA GLU L 981 -87.94 -18.53 -4.74
C GLU L 981 -87.38 -17.14 -4.48
N ILE L 982 -87.72 -16.60 -3.32
CA ILE L 982 -87.36 -15.24 -2.95
C ILE L 982 -86.30 -15.29 -1.86
N GLN L 983 -85.23 -14.53 -2.06
CA GLN L 983 -84.07 -14.54 -1.18
C GLN L 983 -84.05 -13.29 -0.31
N PRO L 984 -83.60 -13.39 0.93
CA PRO L 984 -83.64 -12.22 1.82
C PRO L 984 -82.72 -11.11 1.35
N ARG L 985 -83.11 -9.88 1.66
CA ARG L 985 -82.33 -8.70 1.33
C ARG L 985 -82.18 -7.86 2.60
N ALA L 986 -80.99 -7.29 2.77
CA ALA L 986 -80.68 -6.60 4.01
C ALA L 986 -81.55 -5.37 4.17
N ASN L 987 -82.22 -5.26 5.32
CA ASN L 987 -83.05 -4.11 5.66
C ASN L 987 -82.62 -3.68 7.06
N ILE L 988 -81.59 -2.84 7.12
CA ILE L 988 -81.00 -2.45 8.39
C ILE L 988 -81.94 -1.47 9.09
N GLN L 989 -82.27 -1.78 10.34
CA GLN L 989 -83.19 -0.97 11.14
C GLN L 989 -82.39 -0.19 12.18
N LEU L 990 -82.83 1.04 12.45
CA LEU L 990 -82.20 1.86 13.47
C LEU L 990 -82.46 1.35 14.88
N ASP L 991 -83.41 0.45 15.07
CA ASP L 991 -83.68 -0.15 16.37
C ASP L 991 -84.09 0.91 17.39
N PHE L 992 -85.06 1.73 17.00
CA PHE L 992 -85.65 2.68 17.93
C PHE L 992 -86.38 1.90 19.02
N PRO L 993 -86.53 2.48 20.21
CA PRO L 993 -87.23 1.76 21.28
C PRO L 993 -88.68 1.45 20.90
N GLU L 994 -89.15 0.30 21.35
CA GLU L 994 -90.53 -0.09 21.13
C GLU L 994 -91.43 0.77 22.03
N LEU L 995 -92.39 1.45 21.41
CA LEU L 995 -93.33 2.30 22.14
C LEU L 995 -94.62 1.50 22.33
N LYS L 996 -94.84 1.02 23.54
CA LYS L 996 -96.03 0.23 23.84
C LYS L 996 -97.25 1.14 23.97
N PRO L 997 -98.45 0.58 23.89
CA PRO L 997 -99.65 1.40 24.11
C PRO L 997 -99.65 2.03 25.49
N TYR L 998 -100.44 3.09 25.62
CA TYR L 998 -100.39 3.90 26.84
C TYR L 998 -100.84 3.11 28.06
N LYS L 999 -101.89 2.29 27.93
CA LYS L 999 -102.33 1.52 29.08
C LYS L 999 -101.26 0.55 29.55
N GLN L 1000 -100.57 -0.11 28.61
CA GLN L 1000 -99.51 -1.04 29.00
C GLN L 1000 -98.34 -0.30 29.63
N VAL L 1001 -97.96 0.86 29.09
CA VAL L 1001 -96.82 1.58 29.64
C VAL L 1001 -97.19 2.22 30.98
N LYS L 1002 -98.48 2.47 31.22
CA LYS L 1002 -98.90 3.05 32.48
C LYS L 1002 -99.07 1.99 33.56
N GLN L 1003 -99.36 0.75 33.18
CA GLN L 1003 -99.53 -0.31 34.16
C GLN L 1003 -98.24 -0.55 34.94
N ILE L 1004 -97.11 -0.57 34.26
CA ILE L 1004 -95.85 -0.91 34.92
C ILE L 1004 -95.41 0.23 35.85
N ALA L 1005 -95.58 1.47 35.42
CA ALA L 1005 -95.16 2.59 36.25
C ALA L 1005 -96.19 2.84 37.36
N PRO L 1006 -95.79 3.47 38.47
CA PRO L 1006 -96.76 3.80 39.51
C PRO L 1006 -97.79 4.80 39.01
N ALA L 1007 -99.00 4.69 39.54
CA ALA L 1007 -100.07 5.60 39.18
C ALA L 1007 -99.80 7.03 39.64
N GLU L 1008 -98.99 7.20 40.68
CA GLU L 1008 -98.71 8.52 41.25
C GLU L 1008 -97.56 9.23 40.56
N LEU L 1009 -96.92 8.59 39.57
CA LEU L 1009 -95.83 9.26 38.86
C LEU L 1009 -96.33 10.33 37.89
N GLU L 1010 -97.60 10.28 37.49
CA GLU L 1010 -98.13 11.23 36.52
C GLU L 1010 -98.15 12.62 37.14
N GLY L 1011 -97.35 13.53 36.56
CA GLY L 1011 -97.26 14.88 37.06
C GLY L 1011 -96.35 15.06 38.25
N LEU L 1012 -95.71 13.99 38.73
CA LEU L 1012 -94.87 14.09 39.93
C LEU L 1012 -93.46 14.53 39.57
N LEU L 1013 -92.93 14.06 38.44
CA LEU L 1013 -91.54 14.33 38.08
C LEU L 1013 -91.43 15.60 37.25
N ASP L 1014 -90.33 16.32 37.44
CA ASP L 1014 -89.98 17.45 36.59
C ASP L 1014 -89.21 16.90 35.40
N LEU L 1015 -89.90 16.78 34.27
CA LEU L 1015 -89.30 16.15 33.10
C LEU L 1015 -88.11 16.96 32.59
N GLU L 1016 -88.10 18.26 32.85
CA GLU L 1016 -86.93 19.06 32.50
C GLU L 1016 -85.75 18.76 33.43
N ARG L 1017 -86.01 18.16 34.58
CA ARG L 1017 -84.96 17.66 35.46
C ARG L 1017 -84.67 16.18 35.25
N VAL L 1018 -85.46 15.48 34.44
CA VAL L 1018 -85.22 14.09 34.09
C VAL L 1018 -84.36 14.06 32.83
N ILE L 1019 -83.26 13.28 32.88
CA ILE L 1019 -82.32 13.17 31.78
C ILE L 1019 -82.56 11.86 31.06
N VAL L 1020 -82.66 11.91 29.74
CA VAL L 1020 -82.97 10.75 28.91
C VAL L 1020 -81.90 10.62 27.83
N VAL L 1021 -81.41 9.40 27.62
CA VAL L 1021 -80.50 9.12 26.51
C VAL L 1021 -81.36 9.01 25.25
N THR L 1022 -81.33 10.04 24.42
CA THR L 1022 -82.17 10.01 23.21
C THR L 1022 -81.45 9.37 22.04
N GLY L 1023 -80.12 9.38 22.04
CA GLY L 1023 -79.39 8.71 20.98
C GLY L 1023 -78.10 8.14 21.51
N PHE L 1024 -77.56 7.18 20.77
CA PHE L 1024 -76.26 6.62 21.11
C PHE L 1024 -75.66 5.97 19.87
N ALA L 1025 -74.34 5.88 19.86
CA ALA L 1025 -73.62 5.21 18.79
C ALA L 1025 -72.19 5.00 19.25
N GLU L 1026 -71.47 4.20 18.47
CA GLU L 1026 -70.07 3.94 18.78
C GLU L 1026 -69.34 3.52 17.51
N VAL L 1027 -68.03 3.65 17.58
CA VAL L 1027 -67.11 3.07 16.61
C VAL L 1027 -66.11 2.25 17.41
N GLY L 1028 -66.04 0.96 17.11
CA GLY L 1028 -65.23 0.06 17.89
C GLY L 1028 -64.76 -1.14 17.09
N PRO L 1029 -64.19 -2.14 17.77
CA PRO L 1029 -63.69 -3.32 17.06
C PRO L 1029 -64.75 -4.09 16.30
N TRP L 1030 -66.03 -3.89 16.58
CA TRP L 1030 -67.09 -4.59 15.89
C TRP L 1030 -68.01 -3.61 15.18
N GLY L 1031 -67.42 -2.55 14.61
CA GLY L 1031 -68.20 -1.60 13.85
C GLY L 1031 -69.08 -0.74 14.74
N SER L 1032 -70.33 -0.59 14.33
CA SER L 1032 -71.27 0.31 14.98
C SER L 1032 -71.87 -0.36 16.21
N ALA L 1033 -72.73 0.38 16.91
CA ALA L 1033 -73.41 -0.17 18.08
C ALA L 1033 -74.29 -1.36 17.69
N ARG L 1034 -74.92 -1.30 16.51
CA ARG L 1034 -75.77 -2.39 16.06
C ARG L 1034 -74.97 -3.68 15.88
N THR L 1035 -73.88 -3.61 15.12
CA THR L 1035 -73.07 -4.80 14.88
C THR L 1035 -72.44 -5.31 16.17
N ARG L 1036 -71.95 -4.40 17.01
CA ARG L 1036 -71.37 -4.81 18.28
C ARG L 1036 -72.41 -5.50 19.14
N TRP L 1037 -73.64 -4.98 19.17
CA TRP L 1037 -74.70 -5.60 19.95
C TRP L 1037 -75.03 -6.99 19.41
N GLU L 1038 -75.09 -7.13 18.09
CA GLU L 1038 -75.39 -8.44 17.52
C GLU L 1038 -74.31 -9.45 17.91
N MET L 1039 -73.04 -9.05 17.80
CA MET L 1039 -71.96 -9.97 18.18
C MET L 1039 -71.99 -10.27 19.67
N GLU L 1040 -72.31 -9.27 20.50
CA GLU L 1040 -72.38 -9.50 21.94
C GLU L 1040 -73.50 -10.47 22.30
N ALA L 1041 -74.70 -10.20 21.83
CA ALA L 1041 -75.87 -10.97 22.28
C ALA L 1041 -75.93 -12.33 21.61
N PHE L 1042 -75.90 -12.36 20.27
CA PHE L 1042 -76.15 -13.60 19.55
C PHE L 1042 -74.86 -14.32 19.15
N GLY L 1043 -73.71 -13.67 19.26
CA GLY L 1043 -72.45 -14.29 18.96
C GLY L 1043 -72.14 -14.41 17.48
N GLU L 1044 -73.04 -13.95 16.62
CA GLU L 1044 -72.81 -14.00 15.18
C GLU L 1044 -73.64 -12.88 14.55
N PHE L 1045 -73.29 -12.55 13.31
CA PHE L 1045 -73.97 -11.49 12.57
C PHE L 1045 -75.14 -12.07 11.80
N SER L 1046 -76.28 -11.40 11.88
CA SER L 1046 -77.43 -11.72 11.03
C SER L 1046 -77.13 -11.19 9.64
N LEU L 1047 -78.10 -11.26 8.73
CA LEU L 1047 -77.91 -10.73 7.39
C LEU L 1047 -77.65 -9.22 7.43
N GLU L 1048 -78.47 -8.50 8.20
CA GLU L 1048 -78.31 -7.05 8.30
C GLU L 1048 -76.97 -6.69 8.93
N GLY L 1049 -76.60 -7.39 10.00
CA GLY L 1049 -75.33 -7.11 10.65
C GLY L 1049 -74.14 -7.40 9.76
N CYS L 1050 -74.19 -8.51 9.03
CA CYS L 1050 -73.09 -8.87 8.15
C CYS L 1050 -72.98 -7.89 6.99
N VAL L 1051 -74.11 -7.47 6.42
CA VAL L 1051 -74.07 -6.49 5.35
C VAL L 1051 -73.54 -5.16 5.86
N GLU L 1052 -73.96 -4.75 7.06
CA GLU L 1052 -73.45 -3.52 7.64
C GLU L 1052 -71.95 -3.60 7.89
N MET L 1053 -71.47 -4.75 8.38
CA MET L 1053 -70.04 -4.91 8.61
C MET L 1053 -69.25 -4.89 7.30
N ALA L 1054 -69.77 -5.53 6.27
CA ALA L 1054 -69.11 -5.49 4.97
C ALA L 1054 -69.05 -4.07 4.43
N TRP L 1055 -70.14 -3.32 4.57
CA TRP L 1055 -70.14 -1.92 4.15
C TRP L 1055 -69.14 -1.11 4.97
N ILE L 1056 -69.10 -1.32 6.28
CA ILE L 1056 -68.18 -0.58 7.14
C ILE L 1056 -66.74 -0.86 6.74
N MET L 1057 -66.40 -2.12 6.50
CA MET L 1057 -65.04 -2.49 6.15
C MET L 1057 -64.74 -2.31 4.66
N GLY L 1058 -65.72 -1.86 3.87
CA GLY L 1058 -65.46 -1.60 2.47
C GLY L 1058 -65.42 -2.83 1.60
N PHE L 1059 -65.82 -4.00 2.12
CA PHE L 1059 -65.86 -5.19 1.29
C PHE L 1059 -66.85 -5.03 0.15
N ILE L 1060 -68.03 -4.50 0.44
CA ILE L 1060 -69.08 -4.27 -0.55
C ILE L 1060 -69.31 -2.78 -0.66
N SER L 1061 -69.37 -2.28 -1.89
CA SER L 1061 -69.75 -0.91 -2.17
C SER L 1061 -71.07 -0.92 -2.91
N TYR L 1062 -71.83 0.17 -2.79
CA TYR L 1062 -73.09 0.27 -3.50
C TYR L 1062 -72.86 0.76 -4.93
N HIS L 1063 -73.64 0.21 -5.86
CA HIS L 1063 -73.58 0.60 -7.25
C HIS L 1063 -74.98 0.83 -7.78
N ASN L 1064 -75.14 1.86 -8.61
CA ASN L 1064 -76.41 2.16 -9.25
C ASN L 1064 -76.10 2.72 -10.64
N GLY L 1065 -76.44 1.95 -11.66
CA GLY L 1065 -76.19 2.31 -13.04
C GLY L 1065 -75.84 1.08 -13.84
N ASN L 1066 -75.36 1.31 -15.06
CA ASN L 1066 -74.96 0.19 -15.89
C ASN L 1066 -73.72 -0.50 -15.31
N LEU L 1067 -73.66 -1.82 -15.51
CA LEU L 1067 -72.55 -2.62 -14.97
C LEU L 1067 -72.44 -3.87 -15.82
N LYS L 1068 -71.36 -3.97 -16.60
CA LYS L 1068 -71.20 -5.07 -17.56
C LYS L 1068 -72.38 -5.12 -18.53
N GLY L 1069 -72.78 -3.95 -19.02
CA GLY L 1069 -73.88 -3.86 -19.97
C GLY L 1069 -75.23 -3.76 -19.31
N ARG L 1070 -75.65 -4.83 -18.63
CA ARG L 1070 -76.96 -4.84 -18.01
C ARG L 1070 -77.00 -3.84 -16.85
N PRO L 1071 -78.17 -3.28 -16.55
CA PRO L 1071 -78.27 -2.32 -15.44
C PRO L 1071 -78.42 -3.04 -14.11
N TYR L 1072 -77.56 -2.70 -13.15
CA TYR L 1072 -77.56 -3.31 -11.83
C TYR L 1072 -77.69 -2.24 -10.76
N THR L 1073 -78.43 -2.57 -9.70
CA THR L 1073 -78.63 -1.67 -8.57
C THR L 1073 -78.52 -2.50 -7.30
N GLY L 1074 -77.44 -2.33 -6.56
CA GLY L 1074 -77.25 -3.06 -5.33
C GLY L 1074 -75.79 -3.05 -4.92
N TRP L 1075 -75.47 -3.98 -4.02
CA TRP L 1075 -74.10 -4.11 -3.54
C TRP L 1075 -73.21 -4.76 -4.59
N VAL L 1076 -71.97 -4.30 -4.67
CA VAL L 1076 -70.95 -4.92 -5.51
C VAL L 1076 -69.68 -5.02 -4.69
N ASP L 1077 -68.84 -6.00 -5.04
CA ASP L 1077 -67.52 -6.11 -4.43
C ASP L 1077 -66.73 -4.83 -4.72
N SER L 1078 -66.11 -4.28 -3.68
CA SER L 1078 -65.43 -2.99 -3.84
C SER L 1078 -64.24 -3.12 -4.78
N LYS L 1079 -63.48 -4.21 -4.68
CA LYS L 1079 -62.32 -4.41 -5.55
C LYS L 1079 -62.72 -4.87 -6.94
N THR L 1080 -63.37 -6.05 -7.05
CA THR L 1080 -63.66 -6.61 -8.36
C THR L 1080 -64.86 -5.97 -9.04
N LYS L 1081 -65.68 -5.23 -8.30
CA LYS L 1081 -66.86 -4.54 -8.83
C LYS L 1081 -67.92 -5.51 -9.34
N GLU L 1082 -67.79 -6.80 -9.06
CA GLU L 1082 -68.79 -7.75 -9.51
C GLU L 1082 -70.02 -7.66 -8.62
N PRO L 1083 -71.23 -7.85 -9.16
CA PRO L 1083 -72.43 -7.82 -8.30
C PRO L 1083 -72.36 -8.90 -7.23
N VAL L 1084 -72.79 -8.54 -6.02
CA VAL L 1084 -72.87 -9.46 -4.90
C VAL L 1084 -74.24 -9.30 -4.27
N ASP L 1085 -74.94 -10.41 -4.08
CA ASP L 1085 -76.26 -10.41 -3.48
C ASP L 1085 -76.13 -10.49 -1.96
N ASP L 1086 -77.14 -9.96 -1.27
CA ASP L 1086 -77.13 -10.01 0.19
C ASP L 1086 -77.07 -11.44 0.70
N LYS L 1087 -77.67 -12.39 -0.02
CA LYS L 1087 -77.55 -13.79 0.33
C LYS L 1087 -76.09 -14.23 0.33
N ASP L 1088 -75.31 -13.75 -0.65
CA ASP L 1088 -73.92 -14.15 -0.79
C ASP L 1088 -72.96 -13.31 0.04
N VAL L 1089 -73.43 -12.20 0.61
CA VAL L 1089 -72.53 -11.35 1.41
C VAL L 1089 -71.95 -12.14 2.57
N LYS L 1090 -72.79 -12.90 3.27
CA LYS L 1090 -72.29 -13.71 4.38
C LYS L 1090 -71.32 -14.76 3.89
N ALA L 1091 -71.72 -15.56 2.90
CA ALA L 1091 -70.88 -16.64 2.43
C ALA L 1091 -69.55 -16.14 1.87
N LYS L 1092 -69.50 -14.89 1.41
CA LYS L 1092 -68.28 -14.35 0.80
C LYS L 1092 -67.42 -13.54 1.76
N TYR L 1093 -67.98 -12.99 2.84
CA TYR L 1093 -67.24 -12.06 3.69
C TYR L 1093 -67.32 -12.37 5.18
N GLU L 1094 -67.99 -13.44 5.59
CA GLU L 1094 -68.07 -13.74 7.03
C GLU L 1094 -66.69 -14.04 7.59
N THR L 1095 -65.91 -14.85 6.89
CA THR L 1095 -64.58 -15.20 7.38
C THR L 1095 -63.70 -13.96 7.47
N SER L 1096 -63.75 -13.09 6.45
CA SER L 1096 -62.95 -11.87 6.47
C SER L 1096 -63.37 -10.95 7.60
N ILE L 1097 -64.69 -10.79 7.79
CA ILE L 1097 -65.18 -9.92 8.85
C ILE L 1097 -64.73 -10.44 10.22
N LEU L 1098 -64.89 -11.74 10.44
CA LEU L 1098 -64.50 -12.31 11.73
C LEU L 1098 -62.99 -12.21 11.94
N GLU L 1099 -62.21 -12.38 10.87
CA GLU L 1099 -60.76 -12.38 11.02
C GLU L 1099 -60.23 -10.97 11.23
N HIS L 1100 -60.89 -9.95 10.67
CA HIS L 1100 -60.46 -8.57 10.77
C HIS L 1100 -61.48 -7.72 11.53
N SER L 1101 -62.12 -8.32 12.54
CA SER L 1101 -62.93 -7.56 13.47
C SER L 1101 -62.63 -8.06 14.88
N GLY L 1102 -62.86 -7.16 15.85
CA GLY L 1102 -62.70 -7.55 17.24
C GLY L 1102 -61.25 -7.55 17.71
N ILE L 1103 -61.02 -8.24 18.82
CA ILE L 1103 -59.68 -8.38 19.37
C ILE L 1103 -58.90 -9.33 18.48
N ARG L 1104 -57.74 -8.89 18.01
CA ARG L 1104 -56.96 -9.64 17.05
C ARG L 1104 -55.53 -9.09 17.05
N LEU L 1105 -54.65 -9.78 16.34
CA LEU L 1105 -53.26 -9.35 16.24
C LEU L 1105 -53.18 -7.94 15.68
N ILE L 1106 -52.29 -7.14 16.26
CA ILE L 1106 -52.16 -5.74 15.83
C ILE L 1106 -51.74 -5.72 14.37
N GLU L 1107 -52.45 -4.90 13.59
CA GLU L 1107 -52.21 -4.80 12.15
C GLU L 1107 -51.43 -3.52 11.87
N PRO L 1108 -50.17 -3.60 11.44
CA PRO L 1108 -49.38 -2.35 11.26
C PRO L 1108 -49.97 -1.39 10.25
N GLU L 1109 -50.75 -1.91 9.29
CA GLU L 1109 -51.33 -1.04 8.27
C GLU L 1109 -52.36 -0.10 8.87
N LEU L 1110 -52.94 -0.47 10.02
CA LEU L 1110 -53.90 0.37 10.72
C LEU L 1110 -53.23 1.32 11.72
N PHE L 1111 -51.93 1.18 11.97
CA PHE L 1111 -51.20 1.99 12.93
C PHE L 1111 -49.88 2.45 12.35
N ASN L 1112 -49.86 2.68 11.03
CA ASN L 1112 -48.72 3.31 10.37
C ASN L 1112 -47.49 2.42 10.41
N GLY L 1113 -47.66 1.17 10.00
CA GLY L 1113 -46.53 0.25 9.98
C GLY L 1113 -45.95 -0.04 11.35
N TYR L 1114 -46.78 0.03 12.39
CA TYR L 1114 -46.35 -0.30 13.73
C TYR L 1114 -46.43 -1.81 13.90
N ASN L 1115 -45.28 -2.46 14.01
CA ASN L 1115 -45.20 -3.89 14.24
C ASN L 1115 -44.73 -4.12 15.66
N PRO L 1116 -45.57 -4.60 16.59
CA PRO L 1116 -45.07 -4.84 17.95
C PRO L 1116 -43.97 -5.87 18.01
N GLU L 1117 -43.91 -6.80 17.05
CA GLU L 1117 -42.80 -7.75 16.99
C GLU L 1117 -41.49 -7.08 16.59
N LYS L 1118 -41.55 -5.90 15.97
CA LYS L 1118 -40.37 -5.16 15.53
C LYS L 1118 -40.62 -3.68 15.85
N LYS L 1119 -40.26 -3.27 17.07
CA LYS L 1119 -40.50 -1.93 17.55
C LYS L 1119 -39.23 -1.10 17.43
N GLU L 1120 -39.30 -0.01 16.67
CA GLU L 1120 -38.12 0.80 16.39
C GLU L 1120 -37.68 1.58 17.63
N MET L 1121 -36.38 1.53 17.90
CA MET L 1121 -35.72 2.37 18.89
C MET L 1121 -34.40 2.83 18.28
N ILE L 1122 -33.75 3.79 18.92
CA ILE L 1122 -32.44 4.27 18.49
C ILE L 1122 -31.50 4.23 19.68
N GLN L 1123 -30.24 3.87 19.42
CA GLN L 1123 -29.21 3.72 20.43
C GLN L 1123 -28.16 4.79 20.21
N GLU L 1124 -27.85 5.53 21.27
CA GLU L 1124 -26.75 6.49 21.26
C GLU L 1124 -25.43 5.72 21.37
N VAL L 1125 -24.51 5.98 20.44
CA VAL L 1125 -23.16 5.46 20.52
C VAL L 1125 -22.20 6.60 20.22
N ILE L 1126 -20.97 6.45 20.68
CA ILE L 1126 -19.91 7.41 20.42
C ILE L 1126 -19.15 6.95 19.17
N VAL L 1127 -19.07 7.84 18.18
CA VAL L 1127 -18.38 7.51 16.94
C VAL L 1127 -16.92 7.25 17.22
N GLU L 1128 -16.39 6.17 16.66
CA GLU L 1128 -15.01 5.76 16.87
C GLU L 1128 -14.08 6.09 15.70
N GLU L 1129 -14.63 6.31 14.50
CA GLU L 1129 -13.83 6.73 13.36
C GLU L 1129 -14.61 7.79 12.58
N ASP L 1130 -13.86 8.60 11.82
CA ASP L 1130 -14.49 9.63 11.00
C ASP L 1130 -15.31 8.95 9.90
N LEU L 1131 -16.62 9.17 9.93
CA LEU L 1131 -17.49 8.67 8.87
C LEU L 1131 -17.15 9.37 7.57
N GLU L 1132 -17.51 8.74 6.46
CA GLU L 1132 -17.24 9.31 5.16
C GLU L 1132 -18.14 10.54 4.94
N PRO L 1133 -17.67 11.54 4.20
CA PRO L 1133 -18.54 12.69 3.90
C PRO L 1133 -19.79 12.24 3.16
N PHE L 1134 -20.89 12.93 3.43
CA PHE L 1134 -22.13 12.75 2.68
C PHE L 1134 -22.67 14.11 2.26
N GLU L 1135 -23.07 14.20 1.00
CA GLU L 1135 -23.60 15.45 0.47
C GLU L 1135 -24.85 15.85 1.25
N ALA L 1136 -24.93 17.13 1.59
CA ALA L 1136 -26.06 17.67 2.34
C ALA L 1136 -26.28 19.10 1.90
N SER L 1137 -27.49 19.59 2.13
CA SER L 1137 -27.81 20.97 1.82
C SER L 1137 -27.02 21.91 2.71
N LYS L 1138 -26.98 23.19 2.31
CA LYS L 1138 -26.23 24.18 3.10
C LYS L 1138 -26.84 24.32 4.49
N GLU L 1139 -28.17 24.48 4.57
CA GLU L 1139 -28.82 24.64 5.86
C GLU L 1139 -28.67 23.38 6.71
N THR L 1140 -28.80 22.20 6.09
CA THR L 1140 -28.66 20.96 6.84
C THR L 1140 -27.25 20.80 7.40
N ALA L 1141 -26.24 21.16 6.59
CA ALA L 1141 -24.87 21.09 7.06
C ALA L 1141 -24.62 22.07 8.20
N GLU L 1142 -25.17 23.28 8.10
CA GLU L 1142 -25.04 24.23 9.20
C GLU L 1142 -25.70 23.69 10.46
N GLN L 1143 -26.86 23.04 10.33
CA GLN L 1143 -27.49 22.44 11.50
C GLN L 1143 -26.63 21.35 12.11
N PHE L 1144 -26.02 20.52 11.27
CA PHE L 1144 -25.13 19.48 11.77
C PHE L 1144 -23.93 20.08 12.50
N LYS L 1145 -23.37 21.15 11.95
CA LYS L 1145 -22.24 21.81 12.60
C LYS L 1145 -22.65 22.44 13.92
N HIS L 1146 -23.83 23.06 13.96
CA HIS L 1146 -24.33 23.62 15.20
C HIS L 1146 -24.49 22.55 16.27
N GLN L 1147 -24.96 21.36 15.86
CA GLN L 1147 -25.09 20.28 16.83
C GLN L 1147 -23.74 19.79 17.31
N HIS L 1148 -22.90 19.31 16.40
CA HIS L 1148 -21.72 18.55 16.79
C HIS L 1148 -20.52 19.42 17.10
N GLY L 1149 -20.61 20.74 16.90
CA GLY L 1149 -19.49 21.60 17.24
C GLY L 1149 -18.26 21.25 16.43
N ASP L 1150 -17.18 20.89 17.12
CA ASP L 1150 -15.93 20.52 16.49
C ASP L 1150 -15.85 19.04 16.15
N LYS L 1151 -16.90 18.27 16.40
CA LYS L 1151 -16.94 16.85 16.09
C LYS L 1151 -17.49 16.56 14.70
N VAL L 1152 -17.78 17.59 13.91
CA VAL L 1152 -18.13 17.43 12.51
C VAL L 1152 -17.44 18.54 11.73
N ASP L 1153 -17.23 18.29 10.44
CA ASP L 1153 -16.67 19.26 9.52
C ASP L 1153 -17.58 19.39 8.31
N ILE L 1154 -17.93 20.63 7.96
CA ILE L 1154 -18.78 20.91 6.81
C ILE L 1154 -17.95 21.69 5.80
N PHE L 1155 -17.99 21.24 4.54
CA PHE L 1155 -17.24 21.91 3.48
C PHE L 1155 -18.11 22.06 2.24
N GLU L 1156 -18.14 23.26 1.68
CA GLU L 1156 -18.88 23.50 0.46
C GLU L 1156 -18.24 22.80 -0.72
N ILE L 1157 -19.07 22.38 -1.67
CA ILE L 1157 -18.62 21.80 -2.93
C ILE L 1157 -18.76 22.88 -3.99
N PRO L 1158 -17.67 23.45 -4.51
CA PRO L 1158 -17.82 24.52 -5.51
C PRO L 1158 -18.50 24.07 -6.79
N GLU L 1159 -18.48 22.77 -7.09
CA GLU L 1159 -19.09 22.30 -8.33
C GLU L 1159 -20.59 22.56 -8.36
N THR L 1160 -21.28 22.32 -7.23
CA THR L 1160 -22.73 22.42 -7.16
C THR L 1160 -23.23 23.29 -6.02
N GLY L 1161 -22.37 23.75 -5.12
CA GLY L 1161 -22.78 24.58 -4.01
C GLY L 1161 -23.37 23.84 -2.83
N GLU L 1162 -23.46 22.52 -2.89
CA GLU L 1162 -23.92 21.72 -1.77
C GLU L 1162 -22.84 21.69 -0.69
N TYR L 1163 -23.09 20.91 0.37
CA TYR L 1163 -22.15 20.77 1.47
C TYR L 1163 -21.90 19.29 1.75
N SER L 1164 -20.66 18.98 2.11
CA SER L 1164 -20.27 17.65 2.55
C SER L 1164 -20.05 17.70 4.06
N VAL L 1165 -20.68 16.77 4.76
CA VAL L 1165 -20.66 16.69 6.22
C VAL L 1165 -19.87 15.46 6.61
N LYS L 1166 -18.78 15.67 7.36
CA LYS L 1166 -17.85 14.62 7.74
C LYS L 1166 -17.82 14.56 9.26
N LEU L 1167 -18.48 13.56 9.84
CA LEU L 1167 -18.39 13.34 11.27
C LEU L 1167 -17.00 12.83 11.64
N LEU L 1168 -16.53 13.21 12.81
CA LEU L 1168 -15.22 12.85 13.30
C LEU L 1168 -15.34 11.87 14.46
N LYS L 1169 -14.20 11.37 14.91
CA LYS L 1169 -14.17 10.49 16.07
C LYS L 1169 -14.71 11.22 17.29
N GLY L 1170 -15.48 10.50 18.11
CA GLY L 1170 -16.09 11.07 19.29
C GLY L 1170 -17.46 11.66 19.08
N ALA L 1171 -17.93 11.75 17.83
CA ALA L 1171 -19.23 12.33 17.56
C ALA L 1171 -20.33 11.42 18.11
N THR L 1172 -21.52 11.98 18.26
CA THR L 1172 -22.68 11.26 18.76
C THR L 1172 -23.50 10.78 17.57
N LEU L 1173 -23.94 9.53 17.63
CA LEU L 1173 -24.65 8.89 16.54
C LEU L 1173 -25.82 8.09 17.10
N TYR L 1174 -26.91 8.04 16.36
CA TYR L 1174 -28.08 7.25 16.70
C TYR L 1174 -28.28 6.17 15.64
N ILE L 1175 -28.20 4.92 16.05
CA ILE L 1175 -28.40 3.76 15.18
C ILE L 1175 -29.76 3.16 15.53
N PRO L 1176 -30.67 2.97 14.57
CA PRO L 1176 -31.93 2.29 14.91
C PRO L 1176 -31.69 0.88 15.41
N LYS L 1177 -32.49 0.48 16.39
CA LYS L 1177 -32.54 -0.91 16.84
C LYS L 1177 -33.99 -1.29 17.07
N ALA L 1178 -34.26 -2.59 17.03
CA ALA L 1178 -35.61 -3.11 17.07
C ALA L 1178 -35.82 -3.86 18.38
N LEU L 1179 -36.98 -3.65 18.99
CA LEU L 1179 -37.35 -4.30 20.24
C LEU L 1179 -38.54 -5.22 20.01
N ARG L 1180 -38.41 -6.47 20.44
CA ARG L 1180 -39.49 -7.43 20.37
C ARG L 1180 -40.41 -7.21 21.56
N PHE L 1181 -41.60 -6.69 21.29
CA PHE L 1181 -42.58 -6.35 22.31
C PHE L 1181 -43.64 -7.43 22.38
N ASP L 1182 -44.11 -7.72 23.60
CA ASP L 1182 -44.91 -8.90 23.87
C ASP L 1182 -46.42 -8.62 23.93
N ARG L 1183 -46.87 -7.43 23.54
CA ARG L 1183 -48.29 -7.13 23.41
C ARG L 1183 -48.60 -7.03 21.92
N LEU L 1184 -49.03 -8.15 21.34
CA LEU L 1184 -49.24 -8.27 19.91
C LEU L 1184 -50.70 -8.16 19.50
N VAL L 1185 -51.63 -8.25 20.45
CA VAL L 1185 -53.06 -8.30 20.16
C VAL L 1185 -53.70 -7.05 20.77
N ALA L 1186 -54.59 -6.42 20.01
CA ALA L 1186 -55.31 -5.24 20.46
C ALA L 1186 -56.71 -5.25 19.86
N GLY L 1187 -57.63 -4.57 20.54
CA GLY L 1187 -58.97 -4.43 20.03
C GLY L 1187 -59.03 -3.33 18.99
N GLN L 1188 -59.08 -3.71 17.72
CA GLN L 1188 -58.91 -2.77 16.62
C GLN L 1188 -60.20 -2.67 15.83
N ILE L 1189 -60.51 -1.45 15.41
CA ILE L 1189 -61.66 -1.15 14.57
C ILE L 1189 -61.51 -2.01 13.32
N PRO L 1190 -62.58 -2.54 12.74
CA PRO L 1190 -62.42 -3.50 11.63
C PRO L 1190 -61.59 -2.94 10.49
N THR L 1191 -60.73 -3.78 9.94
CA THR L 1191 -59.86 -3.36 8.85
C THR L 1191 -60.71 -2.95 7.64
N GLY L 1192 -60.30 -1.87 7.00
CA GLY L 1192 -61.09 -1.26 5.95
C GLY L 1192 -62.05 -0.20 6.44
N TRP L 1193 -62.18 -0.01 7.74
CA TRP L 1193 -62.93 1.13 8.26
C TRP L 1193 -62.31 2.42 7.75
N ASN L 1194 -63.13 3.26 7.13
CA ASN L 1194 -62.66 4.51 6.56
C ASN L 1194 -63.71 5.59 6.83
N ALA L 1195 -63.23 6.79 7.14
CA ALA L 1195 -64.14 7.91 7.35
C ALA L 1195 -64.83 8.31 6.06
N LYS L 1196 -64.17 8.10 4.92
CA LYS L 1196 -64.81 8.36 3.63
C LYS L 1196 -66.05 7.51 3.44
N THR L 1197 -66.07 6.31 4.02
CA THR L 1197 -67.26 5.46 3.92
C THR L 1197 -68.46 6.12 4.59
N TYR L 1198 -68.23 6.81 5.71
CA TYR L 1198 -69.29 7.56 6.37
C TYR L 1198 -69.49 8.95 5.79
N GLY L 1199 -68.58 9.39 4.92
CA GLY L 1199 -68.77 10.63 4.18
C GLY L 1199 -67.90 11.78 4.61
N ILE L 1200 -66.93 11.56 5.48
CA ILE L 1200 -66.02 12.63 5.90
C ILE L 1200 -65.03 12.89 4.78
N SER L 1201 -64.78 14.17 4.51
CA SER L 1201 -63.98 14.56 3.37
C SER L 1201 -62.51 14.23 3.60
N ASP L 1202 -61.79 14.06 2.48
CA ASP L 1202 -60.36 13.75 2.55
C ASP L 1202 -59.58 14.87 3.20
N ASP L 1203 -60.00 16.12 2.98
CA ASP L 1203 -59.34 17.25 3.63
C ASP L 1203 -59.49 17.18 5.14
N ILE L 1204 -60.69 16.85 5.62
CA ILE L 1204 -60.88 16.67 7.05
C ILE L 1204 -60.03 15.51 7.56
N ILE L 1205 -59.96 14.43 6.79
CA ILE L 1205 -59.18 13.26 7.22
C ILE L 1205 -57.71 13.64 7.36
N SER L 1206 -57.19 14.40 6.41
CA SER L 1206 -55.80 14.84 6.50
C SER L 1206 -55.60 15.79 7.67
N GLN L 1207 -56.58 16.67 7.94
CA GLN L 1207 -56.42 17.67 8.98
C GLN L 1207 -56.45 17.05 10.37
N VAL L 1208 -57.42 16.19 10.65
CA VAL L 1208 -57.72 15.75 12.00
C VAL L 1208 -57.11 14.38 12.25
N ASP L 1209 -57.12 13.96 13.51
CA ASP L 1209 -56.60 12.67 13.91
C ASP L 1209 -57.62 11.55 13.69
N PRO L 1210 -57.15 10.30 13.65
CA PRO L 1210 -58.11 9.18 13.54
C PRO L 1210 -59.10 9.14 14.69
N ILE L 1211 -58.67 9.53 15.90
CA ILE L 1211 -59.60 9.60 17.01
C ILE L 1211 -60.70 10.61 16.71
N THR L 1212 -60.33 11.75 16.13
CA THR L 1212 -61.33 12.75 15.79
C THR L 1212 -62.29 12.22 14.72
N LEU L 1213 -61.77 11.44 13.77
CA LEU L 1213 -62.66 10.83 12.78
C LEU L 1213 -63.63 9.85 13.43
N PHE L 1214 -63.14 9.04 14.36
CA PHE L 1214 -64.02 8.11 15.07
C PHE L 1214 -65.09 8.88 15.81
N VAL L 1215 -64.72 9.99 16.43
CA VAL L 1215 -65.68 10.78 17.20
C VAL L 1215 -66.72 11.43 16.29
N LEU L 1216 -66.28 11.92 15.12
CA LEU L 1216 -67.23 12.51 14.18
C LEU L 1216 -68.23 11.47 13.71
N VAL L 1217 -67.75 10.27 13.37
CA VAL L 1217 -68.65 9.21 12.94
C VAL L 1217 -69.59 8.83 14.08
N SER L 1218 -69.08 8.73 15.30
CA SER L 1218 -69.91 8.34 16.43
C SER L 1218 -70.97 9.39 16.72
N VAL L 1219 -70.63 10.68 16.60
CA VAL L 1219 -71.60 11.74 16.83
C VAL L 1219 -72.69 11.71 15.76
N VAL L 1220 -72.29 11.53 14.49
CA VAL L 1220 -73.28 11.46 13.43
C VAL L 1220 -74.22 10.29 13.64
N GLU L 1221 -73.65 9.12 13.96
CA GLU L 1221 -74.47 7.94 14.17
C GLU L 1221 -75.36 8.07 15.40
N ALA L 1222 -74.86 8.74 16.45
CA ALA L 1222 -75.67 8.97 17.63
C ALA L 1222 -76.85 9.88 17.33
N PHE L 1223 -76.62 10.92 16.52
CA PHE L 1223 -77.73 11.78 16.12
C PHE L 1223 -78.71 11.04 15.23
N ILE L 1224 -78.21 10.16 14.36
CA ILE L 1224 -79.09 9.34 13.54
C ILE L 1224 -79.95 8.44 14.41
N ALA L 1225 -79.34 7.83 15.43
CA ALA L 1225 -80.09 7.01 16.38
C ALA L 1225 -81.11 7.85 17.15
N SER L 1226 -80.77 9.11 17.44
CA SER L 1226 -81.72 10.05 18.02
C SER L 1226 -82.74 10.55 17.01
N GLY L 1227 -82.60 10.19 15.74
CA GLY L 1227 -83.53 10.65 14.73
C GLY L 1227 -83.27 12.05 14.22
N ILE L 1228 -82.24 12.71 14.74
CA ILE L 1228 -81.93 14.08 14.36
C ILE L 1228 -81.02 13.98 13.13
N THR L 1229 -81.64 13.93 11.95
CA THR L 1229 -80.88 13.84 10.72
C THR L 1229 -80.11 15.13 10.47
N ASP L 1230 -80.76 16.26 10.68
CA ASP L 1230 -80.12 17.56 10.59
C ASP L 1230 -79.81 18.06 11.99
N PRO L 1231 -78.54 18.25 12.38
CA PRO L 1231 -78.27 18.76 13.73
C PRO L 1231 -78.91 20.11 14.02
N TYR L 1232 -79.14 20.93 12.99
CA TYR L 1232 -79.78 22.22 13.21
C TYR L 1232 -81.25 22.08 13.60
N GLU L 1233 -81.83 20.88 13.48
CA GLU L 1233 -83.20 20.68 13.92
C GLU L 1233 -83.34 20.94 15.42
N MET L 1234 -82.26 20.75 16.18
CA MET L 1234 -82.28 21.06 17.60
C MET L 1234 -82.57 22.53 17.84
N TYR L 1235 -82.04 23.41 16.98
CA TYR L 1235 -82.20 24.85 17.20
C TYR L 1235 -83.62 25.32 16.93
N LYS L 1236 -84.48 24.48 16.37
CA LYS L 1236 -85.90 24.80 16.33
C LYS L 1236 -86.52 24.77 17.73
N TYR L 1237 -85.92 24.00 18.65
CA TYR L 1237 -86.48 23.79 19.97
C TYR L 1237 -85.66 24.41 21.10
N VAL L 1238 -84.35 24.57 20.92
CA VAL L 1238 -83.49 25.14 21.95
C VAL L 1238 -82.61 26.21 21.33
N HIS L 1239 -82.07 27.07 22.19
CA HIS L 1239 -81.12 28.06 21.74
C HIS L 1239 -79.77 27.40 21.43
N VAL L 1240 -78.99 28.07 20.58
CA VAL L 1240 -77.66 27.55 20.25
C VAL L 1240 -76.80 27.45 21.50
N SER L 1241 -77.06 28.30 22.50
CA SER L 1241 -76.36 28.23 23.77
C SER L 1241 -76.83 27.07 24.65
N GLU L 1242 -77.90 26.37 24.26
CA GLU L 1242 -78.48 25.32 25.09
C GLU L 1242 -78.08 23.92 24.65
N VAL L 1243 -77.17 23.78 23.69
CA VAL L 1243 -76.68 22.48 23.23
C VAL L 1243 -75.20 22.40 23.53
N GLY L 1244 -74.82 21.45 24.38
CA GLY L 1244 -73.45 21.31 24.82
C GLY L 1244 -72.84 20.01 24.33
N ASN L 1245 -71.52 19.90 24.55
CA ASN L 1245 -70.80 18.68 24.24
C ASN L 1245 -69.80 18.45 25.37
N CYS L 1246 -70.11 17.49 26.24
CA CYS L 1246 -69.34 17.24 27.45
C CYS L 1246 -68.57 15.93 27.37
N SER L 1247 -68.33 15.40 26.17
CA SER L 1247 -67.53 14.20 26.01
C SER L 1247 -66.04 14.54 26.03
N GLY L 1248 -65.22 13.51 26.19
CA GLY L 1248 -63.79 13.71 26.25
C GLY L 1248 -63.00 12.44 26.01
N SER L 1249 -61.73 12.49 26.38
CA SER L 1249 -60.80 11.40 26.18
C SER L 1249 -59.90 11.25 27.39
N GLY L 1250 -59.38 10.04 27.57
CA GLY L 1250 -58.37 9.83 28.59
C GLY L 1250 -56.99 10.30 28.18
N MET L 1251 -56.67 10.18 26.88
CA MET L 1251 -55.36 10.54 26.36
C MET L 1251 -55.41 11.43 25.13
N GLY L 1252 -56.55 11.52 24.44
CA GLY L 1252 -56.69 12.46 23.34
C GLY L 1252 -56.06 12.03 22.04
N GLY L 1253 -55.56 12.99 21.29
CA GLY L 1253 -54.95 12.72 19.99
C GLY L 1253 -53.54 12.18 20.12
N VAL L 1254 -53.43 10.91 20.53
CA VAL L 1254 -52.12 10.31 20.75
C VAL L 1254 -51.34 10.25 19.44
N SER L 1255 -52.03 10.15 18.31
CA SER L 1255 -51.34 10.23 17.02
C SER L 1255 -50.66 11.59 16.85
N ALA L 1256 -51.36 12.66 17.21
CA ALA L 1256 -50.78 13.99 17.10
C ALA L 1256 -49.66 14.19 18.12
N LEU L 1257 -49.82 13.62 19.32
CA LEU L 1257 -48.75 13.67 20.31
C LEU L 1257 -47.50 12.96 19.78
N ARG L 1258 -47.68 11.78 19.20
CA ARG L 1258 -46.57 11.06 18.61
C ARG L 1258 -45.94 11.89 17.50
N GLY L 1259 -46.76 12.51 16.65
CA GLY L 1259 -46.23 13.43 15.66
C GLY L 1259 -45.31 14.46 16.28
N MET L 1260 -45.85 15.28 17.19
CA MET L 1260 -45.09 16.41 17.72
C MET L 1260 -43.86 15.96 18.50
N PHE L 1261 -43.92 14.80 19.17
CA PHE L 1261 -42.82 14.38 20.01
C PHE L 1261 -41.76 13.56 19.29
N LYS L 1262 -42.12 12.80 18.24
CA LYS L 1262 -41.20 11.91 17.56
C LYS L 1262 -40.97 12.30 16.11
N ASP L 1263 -42.04 12.55 15.34
CA ASP L 1263 -41.86 12.87 13.93
C ASP L 1263 -41.18 14.21 13.77
N ARG L 1264 -41.53 15.18 14.61
CA ARG L 1264 -40.85 16.47 14.59
C ARG L 1264 -39.39 16.32 15.03
N PHE L 1265 -39.15 15.47 16.02
CA PHE L 1265 -37.79 15.21 16.47
C PHE L 1265 -36.96 14.59 15.34
N LYS L 1266 -37.59 13.75 14.53
CA LYS L 1266 -36.96 13.12 13.37
C LYS L 1266 -37.01 13.97 12.11
N ASP L 1267 -37.63 15.15 12.18
CA ASP L 1267 -37.71 16.07 11.04
C ASP L 1267 -38.53 15.48 9.90
N GLU L 1268 -39.46 14.58 10.21
CA GLU L 1268 -40.39 14.10 9.21
C GLU L 1268 -41.46 15.16 8.94
N PRO L 1269 -42.10 15.11 7.75
CA PRO L 1269 -43.15 16.10 7.47
C PRO L 1269 -44.34 15.97 8.41
N VAL L 1270 -44.54 16.99 9.25
CA VAL L 1270 -45.64 17.05 10.19
C VAL L 1270 -46.34 18.39 10.02
N GLN L 1271 -47.67 18.38 10.06
CA GLN L 1271 -48.43 19.60 9.90
C GLN L 1271 -48.13 20.55 11.06
N ASN L 1272 -48.21 21.85 10.78
CA ASN L 1272 -47.89 22.86 11.79
C ASN L 1272 -48.94 22.96 12.89
N ASP L 1273 -50.08 22.26 12.75
CA ASP L 1273 -51.20 22.31 13.69
C ASP L 1273 -51.38 20.97 14.41
N ILE L 1274 -50.30 20.20 14.54
CA ILE L 1274 -50.41 18.92 15.21
C ILE L 1274 -50.75 19.09 16.70
N LEU L 1275 -50.38 20.20 17.32
CA LEU L 1275 -50.69 20.40 18.73
C LEU L 1275 -52.19 20.66 18.93
N GLN L 1276 -52.80 21.49 18.09
CA GLN L 1276 -54.25 21.64 18.21
C GLN L 1276 -54.96 20.33 17.86
N GLU L 1277 -54.36 19.49 17.02
CA GLU L 1277 -54.95 18.18 16.81
C GLU L 1277 -54.69 17.22 17.96
N SER L 1278 -53.73 17.52 18.84
CA SER L 1278 -53.42 16.66 19.97
C SER L 1278 -54.32 16.87 21.18
N PHE L 1279 -55.01 18.00 21.30
CA PHE L 1279 -55.77 18.27 22.51
C PHE L 1279 -56.93 17.29 22.65
N ILE L 1280 -57.31 17.03 23.90
CA ILE L 1280 -58.43 16.14 24.19
C ILE L 1280 -59.74 16.80 23.81
N ASN L 1281 -59.82 18.13 23.93
CA ASN L 1281 -61.01 18.88 23.56
C ASN L 1281 -61.06 19.22 22.07
N THR L 1282 -60.04 18.84 21.30
CA THR L 1282 -60.07 19.11 19.87
C THR L 1282 -61.14 18.27 19.18
N MET L 1283 -61.36 17.04 19.65
CA MET L 1283 -62.41 16.23 19.07
C MET L 1283 -63.77 16.89 19.23
N SER L 1284 -64.06 17.39 20.44
CA SER L 1284 -65.32 18.08 20.68
C SER L 1284 -65.39 19.36 19.87
N ALA L 1285 -64.27 20.07 19.73
CA ALA L 1285 -64.25 21.27 18.90
C ALA L 1285 -64.61 20.96 17.46
N TRP L 1286 -64.01 19.91 16.90
CA TRP L 1286 -64.30 19.53 15.52
C TRP L 1286 -65.74 19.07 15.38
N VAL L 1287 -66.27 18.35 16.38
CA VAL L 1287 -67.68 17.98 16.33
C VAL L 1287 -68.55 19.21 16.27
N ASN L 1288 -68.31 20.16 17.18
CA ASN L 1288 -69.16 21.34 17.24
C ASN L 1288 -69.08 22.16 15.97
N MET L 1289 -67.87 22.28 15.40
CA MET L 1289 -67.65 23.15 14.27
C MET L 1289 -67.61 22.42 12.94
N LEU L 1290 -68.05 21.15 12.90
CA LEU L 1290 -68.39 20.49 11.65
C LEU L 1290 -69.86 20.11 11.58
N LEU L 1291 -70.53 19.90 12.72
CA LEU L 1291 -71.89 19.40 12.72
C LEU L 1291 -72.87 20.26 13.52
N ILE L 1292 -72.46 20.77 14.68
CA ILE L 1292 -73.44 21.27 15.64
C ILE L 1292 -73.63 22.78 15.50
N SER L 1293 -72.54 23.55 15.52
CA SER L 1293 -72.58 25.01 15.49
C SER L 1293 -73.16 25.61 16.78
N SER L 1294 -73.30 24.79 17.81
CA SER L 1294 -73.83 25.27 19.07
C SER L 1294 -72.82 26.18 19.74
N SER L 1295 -73.34 27.17 20.46
CA SER L 1295 -72.53 27.99 21.37
C SER L 1295 -72.86 27.64 22.81
N GLY L 1296 -73.19 26.38 23.05
CA GLY L 1296 -73.53 25.93 24.37
C GLY L 1296 -72.33 25.44 25.15
N PRO L 1297 -72.58 25.00 26.38
CA PRO L 1297 -71.47 24.65 27.27
C PRO L 1297 -70.64 23.51 26.70
N ILE L 1298 -69.32 23.68 26.82
CA ILE L 1298 -68.35 22.69 26.36
C ILE L 1298 -67.47 22.35 27.56
N LYS L 1299 -67.47 21.09 27.95
CA LYS L 1299 -66.80 20.64 29.17
C LYS L 1299 -66.16 19.29 28.90
N THR L 1300 -64.89 19.30 28.49
CA THR L 1300 -64.22 18.09 28.05
C THR L 1300 -63.58 17.40 29.26
N PRO L 1301 -64.02 16.20 29.66
CA PRO L 1301 -63.42 15.55 30.83
C PRO L 1301 -62.27 14.60 30.49
N VAL L 1302 -61.45 14.35 31.50
CA VAL L 1302 -60.42 13.30 31.46
C VAL L 1302 -60.63 12.43 32.69
N GLY L 1303 -60.77 11.13 32.48
CA GLY L 1303 -61.00 10.20 33.57
C GLY L 1303 -60.31 8.86 33.36
N ALA L 1304 -59.36 8.82 32.43
CA ALA L 1304 -58.72 7.57 32.01
C ALA L 1304 -59.85 6.67 31.50
N CYS L 1305 -60.12 5.53 32.13
CA CYS L 1305 -61.17 4.64 31.66
C CYS L 1305 -62.57 5.07 32.09
N ALA L 1306 -62.68 5.98 33.05
CA ALA L 1306 -63.97 6.44 33.54
C ALA L 1306 -64.38 7.79 32.95
N THR L 1307 -63.72 8.22 31.86
CA THR L 1307 -64.02 9.54 31.31
C THR L 1307 -65.43 9.59 30.74
N SER L 1308 -65.96 8.45 30.31
CA SER L 1308 -67.30 8.45 29.72
C SER L 1308 -68.37 8.59 30.79
N VAL L 1309 -68.21 7.90 31.92
CA VAL L 1309 -69.11 8.13 33.05
C VAL L 1309 -68.95 9.56 33.57
N GLU L 1310 -67.71 10.06 33.56
CA GLU L 1310 -67.48 11.47 33.88
C GLU L 1310 -68.26 12.39 32.97
N SER L 1311 -68.23 12.11 31.66
CA SER L 1311 -68.93 12.95 30.69
C SER L 1311 -70.42 12.88 30.90
N VAL L 1312 -70.94 11.68 31.20
CA VAL L 1312 -72.37 11.54 31.46
C VAL L 1312 -72.76 12.34 32.70
N ASP L 1313 -71.93 12.29 33.74
CA ASP L 1313 -72.22 13.05 34.96
C ASP L 1313 -72.18 14.55 34.70
N ILE L 1314 -71.15 15.02 33.97
CA ILE L 1314 -71.03 16.45 33.69
C ILE L 1314 -72.17 16.92 32.81
N GLY L 1315 -72.58 16.10 31.83
CA GLY L 1315 -73.70 16.46 30.99
C GLY L 1315 -75.02 16.48 31.73
N VAL L 1316 -75.22 15.50 32.62
CA VAL L 1316 -76.42 15.48 33.44
C VAL L 1316 -76.48 16.74 34.29
N GLU L 1317 -75.34 17.14 34.85
CA GLU L 1317 -75.35 18.33 35.71
C GLU L 1317 -75.51 19.60 34.89
N THR L 1318 -74.96 19.63 33.68
CA THR L 1318 -75.18 20.77 32.80
C THR L 1318 -76.67 20.92 32.47
N ILE L 1319 -77.33 19.81 32.13
CA ILE L 1319 -78.75 19.90 31.79
C ILE L 1319 -79.57 20.26 33.02
N LEU L 1320 -79.24 19.68 34.18
CA LEU L 1320 -79.98 19.98 35.40
C LEU L 1320 -79.81 21.45 35.78
N SER L 1321 -78.62 22.01 35.60
CA SER L 1321 -78.40 23.42 35.85
C SER L 1321 -79.07 24.29 34.80
N GLY L 1322 -79.36 23.75 33.63
CA GLY L 1322 -80.03 24.50 32.59
C GLY L 1322 -79.11 25.29 31.69
N LYS L 1323 -77.79 25.19 31.89
CA LYS L 1323 -76.87 25.79 30.93
C LYS L 1323 -76.95 25.10 29.59
N ALA L 1324 -77.41 23.85 29.57
CA ALA L 1324 -77.74 23.13 28.35
C ALA L 1324 -79.09 22.47 28.52
N ARG L 1325 -79.68 22.09 27.39
CA ARG L 1325 -80.84 21.22 27.34
C ARG L 1325 -80.58 19.94 26.56
N ILE L 1326 -79.66 20.00 25.60
CA ILE L 1326 -79.18 18.85 24.87
C ILE L 1326 -77.67 18.77 25.12
N CYS L 1327 -77.16 17.56 25.31
CA CYS L 1327 -75.74 17.38 25.51
C CYS L 1327 -75.25 16.14 24.78
N ILE L 1328 -74.04 16.26 24.26
CA ILE L 1328 -73.31 15.16 23.63
C ILE L 1328 -72.29 14.65 24.63
N VAL L 1329 -72.59 13.54 25.29
CA VAL L 1329 -71.70 12.94 26.26
C VAL L 1329 -71.05 11.72 25.61
N GLY L 1330 -70.07 11.17 26.29
CA GLY L 1330 -69.40 9.98 25.81
C GLY L 1330 -67.91 10.10 26.01
N GLY L 1331 -67.19 9.17 25.40
CA GLY L 1331 -65.75 9.12 25.55
C GLY L 1331 -65.07 8.47 24.37
N TYR L 1332 -63.81 8.83 24.18
CA TYR L 1332 -63.06 8.34 23.03
C TYR L 1332 -61.59 8.22 23.38
N ASP L 1333 -60.93 7.25 22.75
CA ASP L 1333 -59.48 7.13 22.82
C ASP L 1333 -59.00 6.25 21.68
N ASP L 1334 -57.70 6.32 21.44
CA ASP L 1334 -57.06 5.63 20.31
C ASP L 1334 -55.98 4.70 20.82
N PHE L 1335 -55.69 3.67 20.02
CA PHE L 1335 -54.62 2.73 20.28
C PHE L 1335 -53.41 3.14 19.44
N GLN L 1336 -52.25 3.23 20.08
CA GLN L 1336 -51.03 3.60 19.38
C GLN L 1336 -49.84 2.90 20.01
N GLU L 1337 -48.72 2.96 19.30
CA GLU L 1337 -47.51 2.24 19.68
C GLU L 1337 -47.06 2.61 21.08
N GLU L 1338 -46.98 3.91 21.37
CA GLU L 1338 -46.36 4.35 22.61
C GLU L 1338 -47.27 4.09 23.80
N GLY L 1339 -48.57 4.34 23.65
CA GLY L 1339 -49.50 4.01 24.71
C GLY L 1339 -49.51 2.52 25.00
N SER L 1340 -49.51 1.70 23.95
CA SER L 1340 -49.44 0.25 24.14
C SER L 1340 -48.16 -0.13 24.88
N PHE L 1341 -47.03 0.45 24.50
CA PHE L 1341 -45.76 0.09 25.12
C PHE L 1341 -45.72 0.49 26.59
N GLU L 1342 -46.27 1.66 26.92
CA GLU L 1342 -46.22 2.09 28.31
C GLU L 1342 -47.19 1.28 29.16
N PHE L 1343 -48.34 0.89 28.60
CA PHE L 1343 -49.22 -0.02 29.33
C PHE L 1343 -48.52 -1.36 29.56
N GLY L 1344 -47.77 -1.84 28.57
CA GLY L 1344 -46.99 -3.06 28.78
C GLY L 1344 -45.95 -2.89 29.86
N ASN L 1345 -45.27 -1.73 29.88
CA ASN L 1345 -44.32 -1.45 30.95
C ASN L 1345 -44.99 -1.48 32.31
N MET L 1346 -46.16 -0.88 32.42
CA MET L 1346 -46.97 -0.94 33.64
C MET L 1346 -47.43 -2.34 33.98
N LYS L 1347 -47.47 -3.24 33.01
CA LYS L 1347 -48.02 -4.59 33.17
C LYS L 1347 -49.52 -4.56 33.41
N ALA L 1348 -50.18 -3.48 33.00
CA ALA L 1348 -51.64 -3.42 33.09
C ALA L 1348 -52.28 -4.25 32.00
N THR L 1349 -51.68 -4.26 30.80
CA THR L 1349 -52.19 -5.07 29.71
C THR L 1349 -51.70 -6.50 29.86
N SER L 1350 -52.38 -7.42 29.18
CA SER L 1350 -52.04 -8.83 29.23
C SER L 1350 -50.85 -9.12 28.31
N ASN L 1351 -49.95 -9.98 28.77
CA ASN L 1351 -48.80 -10.38 27.99
C ASN L 1351 -49.22 -11.39 26.93
N THR L 1352 -49.13 -11.00 25.66
CA THR L 1352 -49.64 -11.86 24.59
C THR L 1352 -48.79 -13.11 24.44
N LEU L 1353 -47.49 -13.02 24.72
CA LEU L 1353 -46.66 -14.22 24.67
C LEU L 1353 -47.06 -15.21 25.76
N GLU L 1354 -47.36 -14.71 26.96
CA GLU L 1354 -47.86 -15.59 28.01
C GLU L 1354 -49.21 -16.19 27.64
N GLU L 1355 -50.06 -15.41 26.99
CA GLU L 1355 -51.34 -15.93 26.54
C GLU L 1355 -51.16 -17.05 25.52
N PHE L 1356 -50.24 -16.86 24.57
CA PHE L 1356 -49.92 -17.92 23.62
C PHE L 1356 -49.35 -19.15 24.32
N GLU L 1357 -48.51 -18.93 25.33
CA GLU L 1357 -48.00 -20.05 26.12
C GLU L 1357 -49.14 -20.82 26.77
N HIS L 1358 -50.15 -20.12 27.27
CA HIS L 1358 -51.33 -20.75 27.84
C HIS L 1358 -52.32 -21.22 26.79
N GLY L 1359 -52.04 -20.99 25.51
CA GLY L 1359 -52.91 -21.50 24.45
C GLY L 1359 -54.15 -20.67 24.24
N ARG L 1360 -54.10 -19.39 24.57
CA ARG L 1360 -55.25 -18.50 24.45
C ARG L 1360 -55.18 -17.78 23.11
N THR L 1361 -56.29 -17.83 22.37
CA THR L 1361 -56.36 -17.13 21.11
C THR L 1361 -56.70 -15.65 21.34
N PRO L 1362 -56.46 -14.80 20.32
CA PRO L 1362 -56.81 -13.38 20.47
C PRO L 1362 -58.25 -13.14 20.89
N ALA L 1363 -59.19 -13.95 20.40
CA ALA L 1363 -60.59 -13.76 20.77
C ALA L 1363 -60.82 -13.98 22.27
N GLU L 1364 -60.02 -14.85 22.89
CA GLU L 1364 -60.21 -15.20 24.30
C GLU L 1364 -59.13 -14.62 25.21
N MET L 1365 -58.31 -13.69 24.71
CA MET L 1365 -57.40 -12.98 25.62
C MET L 1365 -58.18 -12.26 26.72
N SER L 1366 -59.24 -11.54 26.36
CA SER L 1366 -59.98 -10.72 27.30
C SER L 1366 -61.06 -11.57 27.97
N ARG L 1367 -60.85 -11.90 29.24
CA ARG L 1367 -61.72 -12.80 29.99
C ARG L 1367 -61.98 -12.20 31.36
N PRO L 1368 -62.87 -11.21 31.45
CA PRO L 1368 -63.16 -10.61 32.77
C PRO L 1368 -63.76 -11.60 33.74
N ALA L 1369 -63.40 -11.44 35.01
CA ALA L 1369 -63.96 -12.24 36.11
C ALA L 1369 -63.66 -13.73 35.91
N THR L 1370 -62.38 -14.04 35.70
CA THR L 1370 -61.93 -15.40 35.51
C THR L 1370 -60.66 -15.62 36.34
N THR L 1371 -60.39 -16.89 36.64
CA THR L 1371 -59.21 -17.21 37.42
C THR L 1371 -57.91 -16.82 36.72
N THR L 1372 -57.86 -16.90 35.40
CA THR L 1372 -56.63 -16.76 34.66
C THR L 1372 -56.44 -15.38 34.03
N ARG L 1373 -57.29 -14.41 34.38
CA ARG L 1373 -57.13 -13.06 33.84
C ARG L 1373 -55.83 -12.45 34.35
N ASN L 1374 -55.02 -11.93 33.43
CA ASN L 1374 -53.70 -11.39 33.78
C ASN L 1374 -53.42 -10.12 33.00
N GLY L 1375 -54.39 -9.22 32.92
CA GLY L 1375 -54.20 -7.92 32.29
C GLY L 1375 -55.29 -7.59 31.29
N PHE L 1376 -55.53 -6.29 31.07
CA PHE L 1376 -56.63 -5.88 30.21
C PHE L 1376 -56.21 -5.90 28.75
N MET L 1377 -57.21 -5.94 27.88
CA MET L 1377 -57.02 -6.01 26.44
C MET L 1377 -57.26 -4.62 25.89
N GLU L 1378 -56.19 -3.97 25.43
CA GLU L 1378 -56.29 -2.60 24.97
C GLU L 1378 -57.08 -2.52 23.68
N ALA L 1379 -57.91 -1.50 23.56
CA ALA L 1379 -58.76 -1.31 22.39
C ALA L 1379 -58.80 0.17 22.03
N GLN L 1380 -59.49 0.47 20.93
CA GLN L 1380 -59.61 1.84 20.44
C GLN L 1380 -61.02 2.06 19.93
N GLY L 1381 -61.39 3.34 19.86
CA GLY L 1381 -62.66 3.72 19.29
C GLY L 1381 -63.29 4.83 20.11
N ALA L 1382 -64.56 5.08 19.81
CA ALA L 1382 -65.32 6.15 20.43
C ALA L 1382 -66.71 5.67 20.74
N GLY L 1383 -67.35 6.31 21.71
CA GLY L 1383 -68.73 6.04 22.06
C GLY L 1383 -69.41 7.33 22.46
N ILE L 1384 -70.53 7.64 21.82
CA ILE L 1384 -71.20 8.93 21.98
C ILE L 1384 -72.66 8.69 22.30
N GLN L 1385 -73.22 9.53 23.18
CA GLN L 1385 -74.62 9.50 23.52
C GLN L 1385 -75.18 10.92 23.48
N ILE L 1386 -76.35 11.06 22.89
CA ILE L 1386 -77.12 12.29 22.91
C ILE L 1386 -78.13 12.19 24.04
N ILE L 1387 -77.88 12.96 25.10
CA ILE L 1387 -78.79 13.05 26.24
C ILE L 1387 -79.48 14.39 26.17
N MET L 1388 -80.65 14.50 26.79
CA MET L 1388 -81.34 15.78 26.87
C MET L 1388 -82.40 15.68 27.95
N GLN L 1389 -83.09 16.80 28.16
CA GLN L 1389 -84.22 16.80 29.09
C GLN L 1389 -85.31 15.87 28.58
N ALA L 1390 -86.03 15.25 29.51
CA ALA L 1390 -87.14 14.40 29.13
C ALA L 1390 -88.25 15.22 28.47
N ASP L 1391 -88.52 16.41 29.01
CA ASP L 1391 -89.53 17.28 28.42
C ASP L 1391 -89.14 17.66 26.99
N LEU L 1392 -87.88 18.03 26.79
CA LEU L 1392 -87.42 18.38 25.45
C LEU L 1392 -87.47 17.18 24.52
N ALA L 1393 -87.09 16.00 25.01
CA ALA L 1393 -87.13 14.81 24.17
C ALA L 1393 -88.56 14.50 23.74
N LEU L 1394 -89.51 14.62 24.65
CA LEU L 1394 -90.91 14.40 24.30
C LEU L 1394 -91.38 15.43 23.29
N LYS L 1395 -91.00 16.70 23.46
CA LYS L 1395 -91.46 17.73 22.54
C LYS L 1395 -90.84 17.53 21.15
N MET L 1396 -89.57 17.17 21.09
CA MET L 1396 -88.92 16.89 19.81
C MET L 1396 -89.42 15.60 19.19
N GLY L 1397 -89.99 14.69 19.98
CA GLY L 1397 -90.38 13.40 19.45
C GLY L 1397 -89.19 12.56 19.02
N VAL L 1398 -88.15 12.54 19.86
CA VAL L 1398 -86.96 11.72 19.59
C VAL L 1398 -87.10 10.43 20.38
N PRO L 1399 -86.49 9.32 19.95
CA PRO L 1399 -86.55 8.10 20.74
C PRO L 1399 -85.86 8.31 22.07
N ILE L 1400 -86.32 7.58 23.08
CA ILE L 1400 -85.76 7.62 24.42
C ILE L 1400 -85.34 6.20 24.76
N TYR L 1401 -84.03 5.96 24.76
CA TYR L 1401 -83.48 4.62 25.01
C TYR L 1401 -83.30 4.33 26.49
N GLY L 1402 -83.28 5.35 27.33
CA GLY L 1402 -83.08 5.13 28.75
C GLY L 1402 -83.17 6.45 29.49
N ILE L 1403 -83.19 6.33 30.81
CA ILE L 1403 -83.22 7.48 31.71
C ILE L 1403 -81.97 7.44 32.56
N VAL L 1404 -81.18 8.50 32.53
CA VAL L 1404 -79.96 8.58 33.35
C VAL L 1404 -80.44 8.99 34.73
N ALA L 1405 -80.80 7.98 35.53
CA ALA L 1405 -81.36 8.24 36.85
C ALA L 1405 -80.29 8.76 37.81
N MET L 1406 -79.10 8.20 37.74
CA MET L 1406 -77.99 8.62 38.59
C MET L 1406 -76.72 8.66 37.75
N ALA L 1407 -75.83 9.59 38.08
CA ALA L 1407 -74.51 9.65 37.48
C ALA L 1407 -73.58 10.34 38.46
N ALA L 1408 -72.58 9.62 38.95
CA ALA L 1408 -71.70 10.14 39.98
C ALA L 1408 -70.28 9.68 39.73
N THR L 1409 -69.33 10.49 40.19
CA THR L 1409 -67.91 10.18 40.18
C THR L 1409 -67.39 10.23 41.60
N ALA L 1410 -66.26 9.55 41.82
CA ALA L 1410 -65.72 9.41 43.17
C ALA L 1410 -64.23 9.10 43.10
N THR L 1411 -63.58 9.27 44.24
CA THR L 1411 -62.16 9.02 44.42
C THR L 1411 -61.96 8.04 45.57
N ASP L 1412 -60.82 7.37 45.60
CA ASP L 1412 -60.68 6.26 46.53
C ASP L 1412 -60.21 6.73 47.92
N LYS L 1413 -58.95 7.12 48.05
CA LYS L 1413 -58.36 7.43 49.34
C LYS L 1413 -56.90 7.84 49.19
N ILE L 1414 -56.22 8.10 50.30
CA ILE L 1414 -54.80 8.43 50.25
C ILE L 1414 -53.97 7.18 50.10
N GLY L 1415 -53.07 7.19 49.13
CA GLY L 1415 -52.21 6.08 48.79
C GLY L 1415 -51.07 6.57 47.93
N ARG L 1416 -50.33 5.61 47.36
CA ARG L 1416 -49.21 5.92 46.48
C ARG L 1416 -49.25 5.14 45.17
N SER L 1417 -50.42 4.70 44.72
CA SER L 1417 -50.57 3.94 43.48
C SER L 1417 -51.67 4.58 42.64
N VAL L 1418 -51.27 5.23 41.54
CA VAL L 1418 -52.26 5.84 40.65
C VAL L 1418 -53.19 4.81 40.03
N PRO L 1419 -52.70 3.73 39.41
CA PRO L 1419 -53.61 2.77 38.77
C PRO L 1419 -54.32 1.82 39.71
N ALA L 1420 -54.09 1.91 41.01
CA ALA L 1420 -54.76 1.03 41.96
C ALA L 1420 -56.23 1.43 42.06
N PRO L 1421 -57.18 0.53 41.79
CA PRO L 1421 -58.59 0.90 42.00
C PRO L 1421 -58.96 0.92 43.47
N GLY L 1422 -60.15 1.43 43.74
CA GLY L 1422 -60.62 1.52 45.11
C GLY L 1422 -62.13 1.57 45.23
N LYS L 1423 -62.61 1.63 46.48
CA LYS L 1423 -64.03 1.60 46.79
C LYS L 1423 -64.65 2.99 46.78
N GLY L 1424 -64.03 3.95 46.10
CA GLY L 1424 -64.49 5.32 46.17
C GLY L 1424 -65.93 5.50 45.74
N ILE L 1425 -66.33 4.79 44.68
CA ILE L 1425 -67.70 4.91 44.19
C ILE L 1425 -68.72 4.18 45.06
N LEU L 1426 -68.27 3.54 46.14
CA LEU L 1426 -69.20 2.97 47.10
C LEU L 1426 -70.02 4.03 47.82
N THR L 1427 -69.57 5.29 47.78
CA THR L 1427 -70.33 6.37 48.41
C THR L 1427 -71.65 6.64 47.71
N THR L 1428 -71.82 6.17 46.48
CA THR L 1428 -73.10 6.36 45.79
C THR L 1428 -74.23 5.58 46.45
N ALA L 1429 -73.91 4.60 47.30
CA ALA L 1429 -74.89 3.85 48.08
C ALA L 1429 -74.88 4.25 49.55
N ARG L 1430 -74.31 5.41 49.88
CA ARG L 1430 -74.17 5.80 51.27
C ARG L 1430 -75.52 6.09 51.89
N GLU L 1431 -75.78 5.47 53.03
CA GLU L 1431 -77.07 5.55 53.70
C GLU L 1431 -76.86 5.45 55.19
N HIS L 1432 -77.76 6.09 55.95
CA HIS L 1432 -77.71 6.09 57.40
C HIS L 1432 -78.82 5.19 57.92
N HIS L 1433 -78.46 4.28 58.83
CA HIS L 1433 -79.38 3.26 59.34
C HIS L 1433 -79.37 3.20 60.85
N SER L 1434 -79.04 4.30 61.53
CA SER L 1434 -79.07 4.31 62.99
C SER L 1434 -80.50 4.11 63.50
N SER L 1435 -81.47 4.76 62.88
CA SER L 1435 -82.88 4.69 63.28
C SER L 1435 -83.70 4.42 62.03
N VAL L 1436 -83.96 3.15 61.76
CA VAL L 1436 -84.76 2.73 60.61
C VAL L 1436 -85.88 1.80 61.08
N LYS L 1437 -86.34 2.01 62.32
CA LYS L 1437 -87.39 1.16 62.87
C LYS L 1437 -88.70 1.35 62.11
N TYR L 1438 -88.90 2.53 61.50
CA TYR L 1438 -90.11 2.84 60.76
C TYR L 1438 -89.76 3.46 59.42
N ALA L 1439 -90.58 3.16 58.41
CA ALA L 1439 -90.33 3.64 57.07
C ALA L 1439 -90.47 5.15 57.01
N SER L 1440 -89.59 5.79 56.25
CA SER L 1440 -89.68 7.22 56.04
C SER L 1440 -90.88 7.54 55.15
N PRO L 1441 -91.79 8.43 55.55
CA PRO L 1441 -92.87 8.81 54.61
C PRO L 1441 -92.34 9.45 53.34
N ASN L 1442 -91.14 10.06 53.40
CA ASN L 1442 -90.59 10.71 52.22
C ASN L 1442 -90.28 9.71 51.11
N LEU L 1443 -90.05 8.44 51.46
CA LEU L 1443 -89.79 7.42 50.47
C LEU L 1443 -91.05 6.81 49.88
N ASN L 1444 -92.23 7.16 50.41
CA ASN L 1444 -93.49 6.68 49.86
C ASN L 1444 -93.99 7.64 48.79
N MET L 1445 -94.30 7.09 47.62
CA MET L 1445 -94.68 7.94 46.49
C MET L 1445 -96.04 8.58 46.68
N LYS L 1446 -96.99 7.90 47.32
CA LYS L 1446 -98.30 8.50 47.55
C LYS L 1446 -98.18 9.75 48.43
N TYR L 1447 -97.35 9.68 49.47
CA TYR L 1447 -97.13 10.84 50.32
C TYR L 1447 -96.60 12.02 49.53
N ARG L 1448 -95.58 11.76 48.69
CA ARG L 1448 -94.98 12.84 47.91
C ARG L 1448 -95.98 13.45 46.94
N LYS L 1449 -96.83 12.61 46.33
CA LYS L 1449 -97.86 13.14 45.45
C LYS L 1449 -98.88 13.97 46.23
N ARG L 1450 -99.16 13.58 47.48
CA ARG L 1450 -100.05 14.39 48.31
C ARG L 1450 -99.47 15.77 48.56
N GLN L 1451 -98.19 15.83 48.94
CA GLN L 1451 -97.57 17.13 49.15
C GLN L 1451 -97.55 17.92 47.85
N LEU L 1452 -97.32 17.24 46.72
CA LEU L 1452 -97.29 17.93 45.44
C LEU L 1452 -98.64 18.56 45.12
N VAL L 1453 -99.73 17.82 45.30
CA VAL L 1453 -101.05 18.37 44.95
C VAL L 1453 -101.40 19.52 45.89
N THR L 1454 -101.00 19.43 47.16
CA THR L 1454 -101.16 20.59 48.04
C THR L 1454 -100.38 21.78 47.52
N ARG L 1455 -99.17 21.55 47.03
CA ARG L 1455 -98.36 22.64 46.49
C ARG L 1455 -99.00 23.24 45.25
N GLU L 1456 -99.62 22.40 44.39
CA GLU L 1456 -100.32 22.93 43.23
C GLU L 1456 -101.52 23.77 43.63
N ALA L 1457 -102.25 23.34 44.66
CA ALA L 1457 -103.35 24.16 45.16
C ALA L 1457 -102.83 25.52 45.61
N GLN L 1458 -101.75 25.52 46.39
CA GLN L 1458 -101.17 26.79 46.83
C GLN L 1458 -100.67 27.63 45.66
N ILE L 1459 -100.11 26.98 44.64
CA ILE L 1459 -99.57 27.71 43.50
C ILE L 1459 -100.70 28.38 42.72
N LYS L 1460 -101.81 27.67 42.52
CA LYS L 1460 -102.92 28.29 41.79
C LYS L 1460 -103.54 29.43 42.61
N ASP L 1461 -103.60 29.27 43.94
CA ASP L 1461 -104.06 30.38 44.76
C ASP L 1461 -103.14 31.60 44.61
N TRP L 1462 -101.83 31.36 44.61
CA TRP L 1462 -100.88 32.45 44.42
C TRP L 1462 -101.05 33.08 43.04
N VAL L 1463 -101.30 32.25 42.02
CA VAL L 1463 -101.45 32.76 40.66
C VAL L 1463 -102.66 33.67 40.56
N GLU L 1464 -103.80 33.25 41.14
CA GLU L 1464 -104.98 34.10 41.05
C GLU L 1464 -104.82 35.36 41.90
N ASN L 1465 -104.11 35.27 43.03
CA ASN L 1465 -103.79 36.49 43.79
C ASN L 1465 -102.99 37.46 42.95
N GLU L 1466 -101.93 36.98 42.30
CA GLU L 1466 -101.11 37.86 41.47
C GLU L 1466 -101.89 38.37 40.28
N LEU L 1467 -102.82 37.58 39.75
CA LEU L 1467 -103.64 38.04 38.64
C LEU L 1467 -104.56 39.17 39.06
N GLU L 1468 -105.17 39.08 40.25
CA GLU L 1468 -106.01 40.17 40.72
C GLU L 1468 -105.17 41.42 41.00
N ALA L 1469 -103.95 41.23 41.53
CA ALA L 1469 -103.05 42.37 41.72
C ALA L 1469 -102.70 43.02 40.39
N LEU L 1470 -102.44 42.21 39.37
CA LEU L 1470 -102.16 42.75 38.04
C LEU L 1470 -103.36 43.46 37.46
N LYS L 1471 -104.57 42.95 37.75
CA LYS L 1471 -105.78 43.63 37.31
C LYS L 1471 -105.90 45.00 37.94
N LEU L 1472 -105.60 45.10 39.25
CA LEU L 1472 -105.62 46.41 39.90
C LEU L 1472 -104.58 47.33 39.30
N GLU L 1473 -103.39 46.81 39.01
CA GLU L 1473 -102.35 47.63 38.38
C GLU L 1473 -102.77 48.09 37.00
N ALA L 1474 -103.48 47.24 36.26
CA ALA L 1474 -103.98 47.63 34.94
C ALA L 1474 -105.07 48.68 35.05
N GLU L 1475 -105.89 48.61 36.10
CA GLU L 1475 -106.85 49.67 36.35
C GLU L 1475 -106.13 50.98 36.64
N GLU L 1476 -105.02 50.91 37.38
CA GLU L 1476 -104.27 52.12 37.72
C GLU L 1476 -103.63 52.73 36.48
N ILE L 1477 -102.96 51.92 35.66
CA ILE L 1477 -102.19 52.42 34.51
C ILE L 1477 -103.15 52.98 33.48
N PRO L 1478 -102.77 54.01 32.71
CA PRO L 1478 -103.66 54.49 31.64
C PRO L 1478 -103.92 53.41 30.60
N SER L 1479 -105.12 53.47 30.03
CA SER L 1479 -105.56 52.46 29.06
C SER L 1479 -104.85 52.57 27.71
N GLU L 1480 -104.07 53.63 27.48
CA GLU L 1480 -103.44 53.80 26.17
C GLU L 1480 -102.46 52.67 25.88
N ASP L 1481 -101.59 52.36 26.84
CA ASP L 1481 -100.57 51.31 26.70
C ASP L 1481 -100.90 50.11 27.57
N GLN L 1482 -102.18 49.76 27.66
CA GLN L 1482 -102.61 48.68 28.53
C GLN L 1482 -102.32 47.31 27.94
N ASN L 1483 -102.42 47.15 26.61
CA ASN L 1483 -102.29 45.83 26.01
C ASN L 1483 -100.87 45.29 26.19
N GLU L 1484 -99.86 46.10 25.90
CA GLU L 1484 -98.48 45.64 26.04
C GLU L 1484 -98.17 45.32 27.50
N PHE L 1485 -98.62 46.17 28.43
CA PHE L 1485 -98.42 45.91 29.84
C PHE L 1485 -99.06 44.58 30.25
N LEU L 1486 -100.29 44.34 29.83
CA LEU L 1486 -100.98 43.11 30.19
C LEU L 1486 -100.27 41.91 29.60
N LEU L 1487 -99.82 42.00 28.35
CA LEU L 1487 -99.13 40.86 27.73
C LEU L 1487 -97.83 40.55 28.47
N GLU L 1488 -97.04 41.59 28.75
CA GLU L 1488 -95.77 41.37 29.44
C GLU L 1488 -96.01 40.76 30.82
N ARG L 1489 -96.97 41.29 31.58
CA ARG L 1489 -97.18 40.82 32.93
C ARG L 1489 -97.81 39.43 32.94
N THR L 1490 -98.66 39.12 31.97
CA THR L 1490 -99.22 37.79 31.88
C THR L 1490 -98.14 36.77 31.55
N ARG L 1491 -97.23 37.10 30.63
CA ARG L 1491 -96.12 36.21 30.35
C ARG L 1491 -95.24 36.03 31.59
N GLU L 1492 -95.01 37.11 32.33
CA GLU L 1492 -94.20 37.03 33.55
C GLU L 1492 -94.85 36.13 34.58
N ILE L 1493 -96.16 36.27 34.78
CA ILE L 1493 -96.86 35.46 35.77
C ILE L 1493 -96.90 34.00 35.33
N HIS L 1494 -97.07 33.77 34.03
CA HIS L 1494 -97.06 32.39 33.54
C HIS L 1494 -95.70 31.75 33.77
N ASN L 1495 -94.61 32.49 33.49
CA ASN L 1495 -93.28 31.97 33.75
C ASN L 1495 -93.08 31.69 35.24
N GLU L 1496 -93.55 32.60 36.10
CA GLU L 1496 -93.38 32.40 37.54
C GLU L 1496 -94.17 31.19 38.03
N ALA L 1497 -95.40 31.02 37.54
CA ALA L 1497 -96.20 29.87 37.95
C ALA L 1497 -95.58 28.58 37.47
N GLU L 1498 -95.09 28.55 36.23
CA GLU L 1498 -94.40 27.36 35.74
C GLU L 1498 -93.16 27.08 36.58
N SER L 1499 -92.40 28.11 36.92
CA SER L 1499 -91.21 27.93 37.74
C SER L 1499 -91.58 27.33 39.10
N GLN L 1500 -92.67 27.82 39.70
CA GLN L 1500 -93.07 27.33 41.01
C GLN L 1500 -93.54 25.89 40.93
N LEU L 1501 -94.29 25.54 39.88
CA LEU L 1501 -94.73 24.16 39.73
C LEU L 1501 -93.56 23.22 39.54
N ARG L 1502 -92.60 23.61 38.69
CA ARG L 1502 -91.43 22.75 38.48
C ARG L 1502 -90.58 22.68 39.74
N ALA L 1503 -90.56 23.74 40.54
CA ALA L 1503 -89.85 23.67 41.82
C ALA L 1503 -90.50 22.67 42.76
N ALA L 1504 -91.84 22.68 42.84
CA ALA L 1504 -92.54 21.69 43.66
C ALA L 1504 -92.30 20.29 43.14
N GLN L 1505 -92.32 20.11 41.82
CA GLN L 1505 -92.09 18.79 41.23
C GLN L 1505 -90.67 18.32 41.48
N GLN L 1506 -89.71 19.24 41.45
CA GLN L 1506 -88.34 18.88 41.80
C GLN L 1506 -88.24 18.49 43.26
N GLN L 1507 -88.95 19.21 44.13
CA GLN L 1507 -88.83 18.97 45.56
C GLN L 1507 -89.44 17.62 45.95
N TRP L 1508 -90.57 17.26 45.33
CA TRP L 1508 -91.31 16.06 45.73
C TRP L 1508 -91.18 14.89 44.78
N GLY L 1509 -90.60 15.07 43.60
CA GLY L 1509 -90.55 14.02 42.60
C GLY L 1509 -89.16 13.64 42.15
N ASN L 1510 -88.23 14.59 42.17
CA ASN L 1510 -86.88 14.38 41.66
C ASN L 1510 -85.84 14.42 42.77
N ASP L 1511 -85.83 15.47 43.57
CA ASP L 1511 -84.82 15.68 44.61
C ASP L 1511 -85.39 15.51 46.02
N PHE L 1512 -86.36 14.60 46.17
CA PHE L 1512 -86.93 14.34 47.48
C PHE L 1512 -85.91 13.70 48.42
N TYR L 1513 -84.82 13.14 47.88
CA TYR L 1513 -83.86 12.38 48.65
C TYR L 1513 -82.51 13.07 48.79
N LYS L 1514 -82.31 14.21 48.13
CA LYS L 1514 -81.04 14.92 48.24
C LYS L 1514 -80.77 15.33 49.68
N ARG L 1515 -81.82 15.75 50.39
CA ARG L 1515 -81.70 16.16 51.78
C ARG L 1515 -81.74 15.00 52.75
N ASP L 1516 -82.50 13.96 52.45
CA ASP L 1516 -82.68 12.86 53.40
C ASP L 1516 -81.41 12.02 53.47
N PRO L 1517 -80.75 11.91 54.63
CA PRO L 1517 -79.58 11.02 54.71
C PRO L 1517 -79.96 9.56 54.82
N ARG L 1518 -81.22 9.23 55.12
CA ARG L 1518 -81.66 7.85 55.19
C ARG L 1518 -81.87 7.23 53.81
N ILE L 1519 -81.79 8.02 52.74
CA ILE L 1519 -81.97 7.53 51.38
C ILE L 1519 -80.65 7.75 50.64
N ALA L 1520 -80.08 6.67 50.13
CA ALA L 1520 -78.83 6.77 49.39
C ALA L 1520 -79.09 7.43 48.05
N PRO L 1521 -78.05 7.98 47.40
CA PRO L 1521 -78.24 8.47 46.03
C PRO L 1521 -78.75 7.39 45.08
N LEU L 1522 -78.24 6.17 45.21
CA LEU L 1522 -78.68 5.08 44.34
C LEU L 1522 -80.13 4.72 44.61
N ARG L 1523 -80.50 4.53 45.88
CA ARG L 1523 -81.86 4.19 46.22
C ARG L 1523 -82.83 5.29 45.81
N GLY L 1524 -82.44 6.55 46.01
CA GLY L 1524 -83.30 7.64 45.62
C GLY L 1524 -83.48 7.75 44.13
N ALA L 1525 -82.40 7.55 43.36
CA ALA L 1525 -82.51 7.55 41.91
C ALA L 1525 -83.43 6.45 41.43
N LEU L 1526 -83.33 5.26 42.04
CA LEU L 1526 -84.25 4.19 41.68
C LEU L 1526 -85.69 4.53 42.05
N ALA L 1527 -85.90 5.05 43.27
CA ALA L 1527 -87.25 5.30 43.77
C ALA L 1527 -87.90 6.50 43.13
N THR L 1528 -87.14 7.34 42.42
CA THR L 1528 -87.74 8.44 41.68
C THR L 1528 -88.79 7.92 40.70
N TYR L 1529 -88.55 6.76 40.10
CA TYR L 1529 -89.43 6.16 39.12
C TYR L 1529 -90.20 4.97 39.67
N GLY L 1530 -90.30 4.85 41.00
CA GLY L 1530 -91.03 3.77 41.62
C GLY L 1530 -90.26 2.47 41.73
N LEU L 1531 -89.01 2.43 41.28
CA LEU L 1531 -88.22 1.23 41.37
C LEU L 1531 -87.59 1.09 42.76
N THR L 1532 -87.13 -0.12 43.05
CA THR L 1532 -86.44 -0.44 44.29
C THR L 1532 -85.05 -0.97 43.96
N ILE L 1533 -84.28 -1.21 45.03
CA ILE L 1533 -82.93 -1.74 44.86
C ILE L 1533 -82.99 -3.04 44.07
N ASP L 1534 -83.95 -3.91 44.40
CA ASP L 1534 -84.09 -5.18 43.72
C ASP L 1534 -84.40 -5.03 42.24
N ASP L 1535 -84.89 -3.87 41.82
CA ASP L 1535 -85.19 -3.66 40.41
C ASP L 1535 -83.94 -3.33 39.60
N LEU L 1536 -82.78 -3.17 40.24
CA LEU L 1536 -81.52 -2.99 39.51
C LEU L 1536 -80.97 -4.38 39.14
N GLY L 1537 -81.49 -4.89 38.03
CA GLY L 1537 -81.26 -6.28 37.68
C GLY L 1537 -79.97 -6.57 36.94
N VAL L 1538 -79.30 -5.57 36.39
CA VAL L 1538 -78.13 -5.77 35.56
C VAL L 1538 -77.07 -4.75 35.95
N ALA L 1539 -75.81 -5.17 35.93
CA ALA L 1539 -74.68 -4.31 36.26
C ALA L 1539 -73.64 -4.43 35.16
N SER L 1540 -73.51 -3.40 34.34
CA SER L 1540 -72.45 -3.35 33.34
C SER L 1540 -71.14 -3.06 34.06
N PHE L 1541 -70.42 -4.15 34.33
CA PHE L 1541 -69.13 -4.06 35.01
C PHE L 1541 -68.09 -3.43 34.10
N HIS L 1542 -67.16 -2.70 34.72
CA HIS L 1542 -65.96 -2.27 33.99
C HIS L 1542 -65.30 -3.45 33.32
N GLY L 1543 -65.05 -4.53 34.07
CA GLY L 1543 -64.64 -5.80 33.48
C GLY L 1543 -63.36 -5.72 32.69
N THR L 1544 -62.33 -5.11 33.27
CA THR L 1544 -61.08 -4.90 32.54
C THR L 1544 -60.28 -6.18 32.33
N SER L 1545 -60.67 -7.30 32.96
CA SER L 1545 -59.91 -8.55 32.88
C SER L 1545 -58.55 -8.41 33.57
N THR L 1546 -58.53 -7.70 34.70
CA THR L 1546 -57.37 -7.62 35.56
C THR L 1546 -57.78 -8.02 36.98
N LYS L 1547 -56.85 -8.61 37.71
CA LYS L 1547 -57.15 -9.20 39.00
C LYS L 1547 -57.70 -8.15 39.96
N ALA L 1548 -56.94 -7.08 40.18
CA ALA L 1548 -57.31 -6.07 41.16
C ALA L 1548 -58.61 -5.40 40.78
N ASN L 1549 -58.75 -5.02 39.51
CA ASN L 1549 -59.94 -4.28 39.10
C ASN L 1549 -61.19 -5.14 39.23
N ASP L 1550 -61.12 -6.39 38.76
CA ASP L 1550 -62.31 -7.23 38.81
C ASP L 1550 -62.70 -7.55 40.25
N LYS L 1551 -61.73 -7.91 41.09
CA LYS L 1551 -62.06 -8.19 42.49
C LYS L 1551 -62.61 -6.97 43.18
N ASN L 1552 -61.99 -5.80 42.98
CA ASN L 1552 -62.44 -4.58 43.63
C ASN L 1552 -63.83 -4.19 43.17
N GLU L 1553 -64.12 -4.34 41.88
CA GLU L 1553 -65.43 -3.94 41.38
C GLU L 1553 -66.51 -4.89 41.86
N SER L 1554 -66.24 -6.19 41.87
CA SER L 1554 -67.21 -7.14 42.41
C SER L 1554 -67.47 -6.85 43.88
N ALA L 1555 -66.41 -6.56 44.64
CA ALA L 1555 -66.59 -6.21 46.05
C ALA L 1555 -67.40 -4.93 46.20
N THR L 1556 -67.15 -3.94 45.35
CA THR L 1556 -67.89 -2.68 45.45
C THR L 1556 -69.37 -2.90 45.18
N ILE L 1557 -69.70 -3.61 44.10
CA ILE L 1557 -71.10 -3.87 43.79
C ILE L 1557 -71.76 -4.68 44.90
N ASN L 1558 -71.03 -5.67 45.44
CA ASN L 1558 -71.57 -6.45 46.53
C ASN L 1558 -71.84 -5.60 47.76
N GLU L 1559 -70.96 -4.64 48.05
CA GLU L 1559 -71.15 -3.79 49.22
C GLU L 1559 -72.33 -2.83 49.03
N MET L 1560 -72.47 -2.28 47.82
CA MET L 1560 -73.67 -1.49 47.53
C MET L 1560 -74.92 -2.32 47.73
N MET L 1561 -74.92 -3.56 47.21
CA MET L 1561 -76.11 -4.39 47.26
C MET L 1561 -76.43 -4.77 48.70
N LYS L 1562 -75.40 -5.04 49.51
CA LYS L 1562 -75.60 -5.32 50.93
C LYS L 1562 -76.17 -4.11 51.66
N HIS L 1563 -75.52 -2.95 51.51
CA HIS L 1563 -75.93 -1.79 52.29
C HIS L 1563 -77.31 -1.30 51.91
N LEU L 1564 -77.65 -1.36 50.62
CA LEU L 1564 -78.96 -0.90 50.17
C LEU L 1564 -80.06 -1.93 50.42
N GLY L 1565 -79.77 -2.98 51.19
CA GLY L 1565 -80.81 -3.90 51.61
C GLY L 1565 -81.43 -4.70 50.48
N ARG L 1566 -80.62 -5.10 49.51
CA ARG L 1566 -81.12 -5.95 48.44
C ARG L 1566 -81.49 -7.32 48.99
N SER L 1567 -82.55 -7.89 48.44
CA SER L 1567 -83.01 -9.19 48.90
C SER L 1567 -81.98 -10.27 48.62
N GLU L 1568 -81.76 -11.14 49.60
CA GLU L 1568 -80.88 -12.27 49.40
C GLU L 1568 -81.47 -13.20 48.34
N GLY L 1569 -80.60 -13.75 47.50
CA GLY L 1569 -81.04 -14.52 46.37
C GLY L 1569 -81.44 -13.70 45.16
N ASN L 1570 -81.07 -12.42 45.12
CA ASN L 1570 -81.33 -11.54 43.99
C ASN L 1570 -80.05 -10.89 43.53
N PRO L 1571 -79.09 -11.69 43.04
CA PRO L 1571 -77.84 -11.11 42.54
C PRO L 1571 -78.08 -10.26 41.31
N VAL L 1572 -77.34 -9.17 41.22
CA VAL L 1572 -77.30 -8.38 40.00
C VAL L 1572 -76.51 -9.17 38.96
N ILE L 1573 -77.05 -9.22 37.75
CA ILE L 1573 -76.43 -9.96 36.65
C ILE L 1573 -75.35 -9.09 36.05
N GLY L 1574 -74.09 -9.51 36.16
CA GLY L 1574 -72.99 -8.70 35.67
C GLY L 1574 -72.73 -8.92 34.20
N VAL L 1575 -72.65 -7.82 33.47
CA VAL L 1575 -72.37 -7.80 32.04
C VAL L 1575 -70.95 -7.29 31.86
N PHE L 1576 -70.10 -8.12 31.27
CA PHE L 1576 -68.72 -7.77 30.97
C PHE L 1576 -68.61 -7.65 29.46
N GLN L 1577 -68.49 -6.42 28.97
CA GLN L 1577 -68.45 -6.15 27.53
C GLN L 1577 -67.04 -6.11 26.97
N LYS L 1578 -66.03 -5.96 27.83
CA LYS L 1578 -64.66 -5.85 27.33
C LYS L 1578 -64.08 -7.21 26.94
N PHE L 1579 -64.80 -8.30 27.21
CA PHE L 1579 -64.38 -9.60 26.68
C PHE L 1579 -64.41 -9.62 25.17
N LEU L 1580 -65.26 -8.79 24.56
CA LEU L 1580 -65.48 -8.75 23.12
C LEU L 1580 -64.89 -7.52 22.46
N THR L 1581 -65.17 -6.35 23.01
CA THR L 1581 -64.72 -5.08 22.44
C THR L 1581 -63.37 -4.64 22.98
N GLY L 1582 -62.82 -5.33 23.97
CA GLY L 1582 -61.58 -4.89 24.58
C GLY L 1582 -61.80 -3.67 25.46
N HIS L 1583 -60.68 -3.08 25.88
CA HIS L 1583 -60.66 -1.97 26.83
C HIS L 1583 -60.12 -0.73 26.14
N PRO L 1584 -60.99 0.20 25.73
CA PRO L 1584 -60.51 1.52 25.33
C PRO L 1584 -60.28 2.42 26.53
N LYS L 1585 -59.37 3.37 26.38
CA LYS L 1585 -58.93 4.19 27.50
C LYS L 1585 -59.78 5.45 27.61
N GLY L 1586 -61.10 5.24 27.67
CA GLY L 1586 -62.01 6.36 27.79
C GLY L 1586 -63.31 6.20 27.04
N ALA L 1587 -63.32 5.40 25.97
CA ALA L 1587 -64.56 4.99 25.35
C ALA L 1587 -65.23 3.84 26.09
N ALA L 1588 -64.62 3.38 27.18
CA ALA L 1588 -65.11 2.18 27.85
C ALA L 1588 -66.49 2.42 28.44
N GLY L 1589 -66.64 3.47 29.24
CA GLY L 1589 -67.93 3.72 29.85
C GLY L 1589 -68.99 4.07 28.83
N ALA L 1590 -68.58 4.64 27.69
CA ALA L 1590 -69.54 4.96 26.64
C ALA L 1590 -70.04 3.69 25.95
N TRP L 1591 -69.13 2.75 25.66
CA TRP L 1591 -69.56 1.49 25.08
C TRP L 1591 -70.43 0.71 26.04
N MET L 1592 -70.08 0.71 27.33
CA MET L 1592 -70.92 0.06 28.33
C MET L 1592 -72.27 0.76 28.48
N MET L 1593 -72.30 2.08 28.30
CA MET L 1593 -73.58 2.79 28.32
C MET L 1593 -74.45 2.39 27.14
N ASN L 1594 -73.84 2.28 25.95
CA ASN L 1594 -74.59 1.83 24.78
C ASN L 1594 -75.11 0.41 24.98
N GLY L 1595 -74.26 -0.47 25.53
CA GLY L 1595 -74.70 -1.83 25.80
C GLY L 1595 -75.80 -1.89 26.84
N ALA L 1596 -75.72 -1.04 27.87
CA ALA L 1596 -76.76 -1.00 28.89
C ALA L 1596 -78.08 -0.53 28.30
N LEU L 1597 -78.04 0.48 27.43
CA LEU L 1597 -79.27 0.94 26.79
C LEU L 1597 -79.86 -0.16 25.91
N GLN L 1598 -79.01 -0.87 25.17
CA GLN L 1598 -79.50 -1.96 24.34
C GLN L 1598 -80.08 -3.09 25.18
N ILE L 1599 -79.43 -3.39 26.32
CA ILE L 1599 -79.96 -4.39 27.24
C ILE L 1599 -81.33 -3.97 27.74
N LEU L 1600 -81.48 -2.70 28.11
CA LEU L 1600 -82.76 -2.21 28.58
C LEU L 1600 -83.84 -2.35 27.52
N ASN L 1601 -83.52 -1.97 26.29
CA ASN L 1601 -84.55 -1.92 25.26
C ASN L 1601 -84.90 -3.31 24.74
N SER L 1602 -83.94 -4.23 24.72
CA SER L 1602 -84.17 -5.56 24.19
C SER L 1602 -84.53 -6.59 25.24
N GLY L 1603 -84.31 -6.30 26.52
CA GLY L 1603 -84.51 -7.30 27.55
C GLY L 1603 -83.54 -8.45 27.46
N ILE L 1604 -82.41 -8.26 26.77
CA ILE L 1604 -81.43 -9.30 26.53
C ILE L 1604 -80.15 -8.92 27.25
N ILE L 1605 -79.63 -9.85 28.04
CA ILE L 1605 -78.41 -9.67 28.82
C ILE L 1605 -77.30 -10.50 28.16
N PRO L 1606 -76.35 -9.89 27.46
CA PRO L 1606 -75.27 -10.69 26.87
C PRO L 1606 -74.43 -11.37 27.95
N GLY L 1607 -73.92 -12.55 27.61
CA GLY L 1607 -73.06 -13.30 28.50
C GLY L 1607 -71.60 -13.17 28.12
N ASN L 1608 -70.76 -13.21 29.15
CA ASN L 1608 -69.30 -13.13 28.96
C ASN L 1608 -68.85 -14.47 28.43
N ARG L 1609 -68.82 -14.60 27.10
CA ARG L 1609 -68.49 -15.89 26.49
C ARG L 1609 -67.06 -16.31 26.78
N ASN L 1610 -66.19 -15.36 27.14
CA ASN L 1610 -64.84 -15.69 27.56
C ASN L 1610 -64.75 -16.09 29.02
N ALA L 1611 -65.85 -16.07 29.75
CA ALA L 1611 -65.85 -16.47 31.16
C ALA L 1611 -65.69 -17.98 31.22
N ASP L 1612 -64.46 -18.43 30.95
CA ASP L 1612 -64.21 -19.86 30.90
C ASP L 1612 -64.41 -20.50 32.27
N ASN L 1613 -64.00 -19.81 33.33
CA ASN L 1613 -64.16 -20.31 34.69
C ASN L 1613 -64.13 -19.11 35.62
N VAL L 1614 -65.26 -18.81 36.26
CA VAL L 1614 -65.33 -17.66 37.14
C VAL L 1614 -64.39 -17.87 38.31
N ASP L 1615 -63.74 -16.79 38.73
CA ASP L 1615 -62.77 -16.87 39.83
C ASP L 1615 -63.46 -17.30 41.11
N LYS L 1616 -62.83 -18.24 41.82
CA LYS L 1616 -63.38 -18.70 43.09
C LYS L 1616 -63.43 -17.56 44.11
N ILE L 1617 -62.53 -16.59 43.99
CA ILE L 1617 -62.52 -15.47 44.92
C ILE L 1617 -63.77 -14.62 44.77
N LEU L 1618 -64.46 -14.73 43.64
CA LEU L 1618 -65.69 -13.98 43.41
C LEU L 1618 -66.93 -14.67 43.94
N GLU L 1619 -66.82 -15.88 44.49
CA GLU L 1619 -68.00 -16.56 45.02
C GLU L 1619 -68.51 -15.89 46.29
N GLN L 1620 -67.62 -15.26 47.05
CA GLN L 1620 -68.05 -14.58 48.28
C GLN L 1620 -69.06 -13.49 48.00
N PHE L 1621 -69.03 -12.88 46.82
CA PHE L 1621 -69.95 -11.81 46.45
C PHE L 1621 -71.26 -12.46 45.99
N GLU L 1622 -72.10 -12.79 46.98
CA GLU L 1622 -73.34 -13.49 46.69
C GLU L 1622 -74.32 -12.63 45.88
N TYR L 1623 -74.14 -11.31 45.88
CA TYR L 1623 -75.03 -10.40 45.19
C TYR L 1623 -74.61 -10.13 43.75
N VAL L 1624 -73.65 -10.87 43.22
CA VAL L 1624 -73.17 -10.70 41.85
C VAL L 1624 -73.26 -12.05 41.15
N LEU L 1625 -73.78 -12.05 39.92
CA LEU L 1625 -73.81 -13.21 39.07
C LEU L 1625 -72.97 -12.95 37.83
N TYR L 1626 -72.34 -14.00 37.31
CA TYR L 1626 -71.37 -13.89 36.21
C TYR L 1626 -71.80 -14.83 35.08
N PRO L 1627 -72.81 -14.46 34.29
CA PRO L 1627 -73.24 -15.33 33.20
C PRO L 1627 -72.18 -15.45 32.12
N SER L 1628 -72.20 -16.59 31.44
CA SER L 1628 -71.33 -16.87 30.30
C SER L 1628 -72.07 -16.92 28.98
N LYS L 1629 -73.40 -17.05 28.99
CA LYS L 1629 -74.20 -17.07 27.78
C LYS L 1629 -75.33 -16.06 27.91
N THR L 1630 -75.82 -15.61 26.75
CA THR L 1630 -76.85 -14.58 26.71
C THR L 1630 -78.13 -15.07 27.34
N LEU L 1631 -78.85 -14.16 27.99
CA LEU L 1631 -80.11 -14.46 28.66
C LEU L 1631 -81.21 -13.59 28.07
N LYS L 1632 -82.29 -14.22 27.63
CA LYS L 1632 -83.46 -13.51 27.10
C LYS L 1632 -84.37 -13.21 28.27
N THR L 1633 -84.06 -12.14 29.00
CA THR L 1633 -84.89 -11.73 30.13
C THR L 1633 -86.25 -11.25 29.63
N ASP L 1634 -87.24 -11.35 30.52
CA ASP L 1634 -88.58 -10.82 30.26
C ASP L 1634 -88.69 -9.34 30.59
N GLY L 1635 -87.57 -8.63 30.68
CA GLY L 1635 -87.57 -7.21 30.96
C GLY L 1635 -86.50 -6.80 31.95
N VAL L 1636 -85.70 -5.79 31.58
CA VAL L 1636 -84.70 -5.20 32.46
C VAL L 1636 -85.20 -3.81 32.85
N ARG L 1637 -85.27 -3.56 34.15
CA ARG L 1637 -85.77 -2.29 34.66
C ARG L 1637 -84.67 -1.23 34.71
N ALA L 1638 -83.54 -1.56 35.33
CA ALA L 1638 -82.44 -0.63 35.50
C ALA L 1638 -81.11 -1.35 35.31
N VAL L 1639 -80.11 -0.58 34.91
CA VAL L 1639 -78.76 -1.09 34.65
C VAL L 1639 -77.75 -0.16 35.33
N SER L 1640 -76.79 -0.76 36.03
CA SER L 1640 -75.75 -0.03 36.76
C SER L 1640 -74.42 -0.15 36.04
N ILE L 1641 -73.97 0.95 35.43
CA ILE L 1641 -72.72 0.98 34.67
C ILE L 1641 -71.64 1.50 35.60
N THR L 1642 -70.59 0.70 35.82
CA THR L 1642 -69.52 1.11 36.73
C THR L 1642 -68.18 1.10 36.02
N SER L 1643 -67.45 2.22 36.12
CA SER L 1643 -66.14 2.38 35.53
C SER L 1643 -65.13 2.80 36.60
N PHE L 1644 -63.87 2.40 36.39
CA PHE L 1644 -62.78 2.70 37.31
C PHE L 1644 -61.55 3.03 36.46
N GLY L 1645 -61.31 4.32 36.26
CA GLY L 1645 -60.13 4.77 35.55
C GLY L 1645 -58.96 5.05 36.47
N PHE L 1646 -57.77 5.05 35.86
CA PHE L 1646 -56.55 5.38 36.57
C PHE L 1646 -56.68 6.77 37.19
N GLY L 1647 -55.91 6.99 38.25
CA GLY L 1647 -56.05 8.22 39.01
C GLY L 1647 -57.24 8.20 39.94
N GLN L 1648 -57.64 7.02 40.41
CA GLN L 1648 -58.74 6.89 41.36
C GLN L 1648 -60.04 7.47 40.80
N LYS L 1649 -60.31 7.23 39.53
CA LYS L 1649 -61.48 7.81 38.86
C LYS L 1649 -62.61 6.79 38.86
N GLY L 1650 -63.26 6.65 40.01
CA GLY L 1650 -64.43 5.77 40.11
C GLY L 1650 -65.64 6.51 39.57
N GLY L 1651 -66.54 5.76 38.96
CA GLY L 1651 -67.74 6.36 38.40
C GLY L 1651 -68.84 5.34 38.28
N GLN L 1652 -70.07 5.78 38.58
CA GLN L 1652 -71.24 4.94 38.44
C GLN L 1652 -72.33 5.73 37.73
N ALA L 1653 -73.11 5.02 36.92
CA ALA L 1653 -74.29 5.56 36.28
C ALA L 1653 -75.40 4.54 36.38
N ILE L 1654 -76.64 5.02 36.39
CA ILE L 1654 -77.82 4.17 36.44
C ILE L 1654 -78.72 4.55 35.28
N VAL L 1655 -79.05 3.57 34.45
CA VAL L 1655 -79.93 3.75 33.31
C VAL L 1655 -81.22 3.00 33.59
N VAL L 1656 -82.32 3.73 33.73
CA VAL L 1656 -83.62 3.14 33.98
C VAL L 1656 -84.32 2.95 32.63
N HIS L 1657 -85.21 1.97 32.58
CA HIS L 1657 -85.92 1.69 31.34
C HIS L 1657 -86.72 2.93 30.90
N PRO L 1658 -86.74 3.26 29.60
CA PRO L 1658 -87.47 4.46 29.19
C PRO L 1658 -88.95 4.41 29.48
N ASP L 1659 -89.54 3.22 29.63
CA ASP L 1659 -90.98 3.12 29.77
C ASP L 1659 -91.45 3.63 31.13
N TYR L 1660 -90.53 3.75 32.09
CA TYR L 1660 -90.89 4.34 33.37
C TYR L 1660 -91.01 5.86 33.28
N LEU L 1661 -90.50 6.46 32.20
CA LEU L 1661 -90.74 7.87 31.95
C LEU L 1661 -92.17 8.11 31.47
N TYR L 1662 -92.66 7.26 30.58
CA TYR L 1662 -93.93 7.51 29.92
C TYR L 1662 -95.11 7.39 30.88
N GLY L 1663 -94.92 6.77 32.05
CA GLY L 1663 -95.94 6.80 33.07
C GLY L 1663 -96.06 8.11 33.80
N ALA L 1664 -95.15 9.06 33.55
CA ALA L 1664 -95.18 10.37 34.16
C ALA L 1664 -95.90 11.41 33.32
N ILE L 1665 -96.45 11.03 32.16
CA ILE L 1665 -97.13 11.97 31.26
C ILE L 1665 -98.56 11.50 31.02
N THR L 1666 -99.34 12.36 30.39
CA THR L 1666 -100.75 12.07 30.10
C THR L 1666 -100.86 11.20 28.86
N GLU L 1667 -102.08 10.70 28.63
CA GLU L 1667 -102.31 9.84 27.47
C GLU L 1667 -102.14 10.61 26.17
N ASP L 1668 -102.70 11.83 26.11
CA ASP L 1668 -102.60 12.61 24.87
C ASP L 1668 -101.16 12.99 24.57
N ARG L 1669 -100.42 13.40 25.61
CA ARG L 1669 -99.02 13.75 25.42
C ARG L 1669 -98.22 12.55 24.93
N TYR L 1670 -98.47 11.37 25.51
CA TYR L 1670 -97.78 10.16 25.08
C TYR L 1670 -98.15 9.83 23.64
N ASN L 1671 -99.42 9.97 23.26
CA ASN L 1671 -99.83 9.63 21.91
C ASN L 1671 -99.17 10.54 20.88
N GLU L 1672 -99.14 11.85 21.16
CA GLU L 1672 -98.49 12.75 20.21
C GLU L 1672 -96.99 12.50 20.17
N TYR L 1673 -96.39 12.17 21.31
CA TYR L 1673 -94.98 11.80 21.31
C TYR L 1673 -94.72 10.57 20.46
N VAL L 1674 -95.60 9.57 20.56
CA VAL L 1674 -95.43 8.34 19.79
C VAL L 1674 -95.57 8.64 18.30
N ALA L 1675 -96.54 9.47 17.93
CA ALA L 1675 -96.70 9.84 16.53
C ALA L 1675 -95.45 10.55 16.00
N LYS L 1676 -94.93 11.50 16.77
CA LYS L 1676 -93.75 12.22 16.35
C LYS L 1676 -92.55 11.29 16.23
N VAL L 1677 -92.43 10.33 17.16
CA VAL L 1677 -91.31 9.39 17.10
C VAL L 1677 -91.44 8.48 15.90
N SER L 1678 -92.65 8.07 15.55
CA SER L 1678 -92.83 7.23 14.36
C SER L 1678 -92.43 7.98 13.10
N ALA L 1679 -92.88 9.23 12.97
CA ALA L 1679 -92.50 10.02 11.81
C ALA L 1679 -91.00 10.25 11.75
N ARG L 1680 -90.40 10.55 12.90
CA ARG L 1680 -88.97 10.79 12.96
C ARG L 1680 -88.18 9.52 12.66
N GLU L 1681 -88.68 8.36 13.11
CA GLU L 1681 -88.00 7.11 12.82
C GLU L 1681 -88.02 6.81 11.33
N LYS L 1682 -89.15 7.08 10.67
CA LYS L 1682 -89.21 6.89 9.23
C LYS L 1682 -88.22 7.82 8.52
N SER L 1683 -88.20 9.10 8.93
CA SER L 1683 -87.28 10.05 8.32
C SER L 1683 -85.83 9.64 8.54
N ALA L 1684 -85.51 9.20 9.77
CA ALA L 1684 -84.16 8.76 10.08
C ALA L 1684 -83.79 7.51 9.31
N TYR L 1685 -84.74 6.61 9.10
CA TYR L 1685 -84.48 5.41 8.32
C TYR L 1685 -84.10 5.77 6.89
N LYS L 1686 -84.90 6.63 6.25
CA LYS L 1686 -84.57 7.01 4.87
C LYS L 1686 -83.24 7.75 4.81
N PHE L 1687 -82.99 8.65 5.76
CA PHE L 1687 -81.72 9.36 5.78
C PHE L 1687 -80.55 8.39 5.95
N PHE L 1688 -80.67 7.46 6.89
CA PHE L 1688 -79.58 6.54 7.18
C PHE L 1688 -79.28 5.66 5.98
N HIS L 1689 -80.32 5.15 5.32
CA HIS L 1689 -80.06 4.24 4.20
C HIS L 1689 -79.52 5.00 3.00
N ASN L 1690 -80.04 6.19 2.73
CA ASN L 1690 -79.46 7.02 1.67
C ASN L 1690 -77.99 7.32 1.94
N GLY L 1691 -77.68 7.76 3.16
CA GLY L 1691 -76.31 8.09 3.48
C GLY L 1691 -75.41 6.88 3.48
N MET L 1692 -75.94 5.71 3.85
CA MET L 1692 -75.13 4.50 3.80
C MET L 1692 -74.78 4.15 2.37
N ILE L 1693 -75.76 4.12 1.48
CA ILE L 1693 -75.48 3.67 0.12
C ILE L 1693 -74.60 4.68 -0.61
N TYR L 1694 -74.82 5.98 -0.38
CA TYR L 1694 -74.07 7.02 -1.07
C TYR L 1694 -72.88 7.54 -0.28
N ASN L 1695 -72.54 6.91 0.85
CA ASN L 1695 -71.37 7.29 1.64
C ASN L 1695 -71.41 8.77 2.02
N LYS L 1696 -72.59 9.20 2.50
CA LYS L 1696 -72.80 10.59 2.91
C LYS L 1696 -73.61 10.66 4.20
N LEU L 1697 -73.31 9.75 5.14
CA LEU L 1697 -73.92 9.87 6.46
C LEU L 1697 -73.41 11.11 7.18
N PHE L 1698 -72.11 11.38 7.09
CA PHE L 1698 -71.51 12.59 7.63
C PHE L 1698 -71.66 13.69 6.58
N VAL L 1699 -72.50 14.68 6.86
CA VAL L 1699 -72.68 15.85 6.02
C VAL L 1699 -72.07 17.03 6.75
N SER L 1700 -70.86 17.42 6.35
CA SER L 1700 -70.24 18.59 6.93
C SER L 1700 -71.05 19.83 6.59
N LYS L 1701 -71.24 20.70 7.58
CA LYS L 1701 -71.90 21.98 7.37
C LYS L 1701 -70.89 22.96 6.82
N GLU L 1702 -71.19 23.54 5.66
CA GLU L 1702 -70.30 24.55 5.10
C GLU L 1702 -70.47 25.88 5.81
N HIS L 1703 -71.68 26.16 6.31
CA HIS L 1703 -72.00 27.43 6.93
C HIS L 1703 -72.76 27.19 8.24
N ALA L 1704 -72.60 28.13 9.17
CA ALA L 1704 -73.34 28.13 10.41
C ALA L 1704 -74.81 28.47 10.14
N PRO L 1705 -75.71 28.15 11.07
CA PRO L 1705 -77.13 28.46 10.83
C PRO L 1705 -77.45 29.94 10.87
N TYR L 1706 -76.49 30.78 11.23
CA TYR L 1706 -76.64 32.23 11.24
C TYR L 1706 -75.50 32.86 10.45
N THR L 1707 -75.78 33.99 9.81
CA THR L 1707 -74.74 34.72 9.11
C THR L 1707 -73.83 35.43 10.11
N ASP L 1708 -72.68 35.90 9.61
CA ASP L 1708 -71.74 36.61 10.47
C ASP L 1708 -72.35 37.88 11.03
N GLU L 1709 -73.16 38.57 10.22
CA GLU L 1709 -73.77 39.82 10.70
C GLU L 1709 -74.85 39.54 11.74
N LEU L 1710 -75.52 38.38 11.65
CA LEU L 1710 -76.59 38.02 12.57
C LEU L 1710 -76.11 37.10 13.69
N GLU L 1711 -74.83 36.73 13.72
CA GLU L 1711 -74.31 35.86 14.76
C GLU L 1711 -74.49 36.47 16.14
N GLU L 1712 -74.11 37.74 16.29
CA GLU L 1712 -74.23 38.42 17.57
C GLU L 1712 -75.67 38.51 18.02
N ASP L 1713 -76.58 38.83 17.09
CA ASP L 1713 -77.99 38.94 17.45
C ASP L 1713 -78.55 37.60 17.90
N VAL L 1714 -78.17 36.52 17.20
CA VAL L 1714 -78.64 35.19 17.58
C VAL L 1714 -78.09 34.81 18.96
N TYR L 1715 -76.82 35.12 19.22
CA TYR L 1715 -76.25 34.84 20.54
C TYR L 1715 -76.99 35.60 21.62
N LEU L 1716 -77.31 36.88 21.36
CA LEU L 1716 -77.92 37.71 22.38
C LEU L 1716 -79.41 37.47 22.57
N ASP L 1717 -80.09 36.85 21.60
CA ASP L 1717 -81.50 36.52 21.75
C ASP L 1717 -81.66 35.11 22.26
N PRO L 1718 -82.16 34.90 23.49
CA PRO L 1718 -82.33 33.51 23.97
C PRO L 1718 -83.48 32.78 23.30
N LEU L 1719 -84.45 33.49 22.77
CA LEU L 1719 -85.61 32.89 22.13
C LEU L 1719 -85.45 32.73 20.62
N ALA L 1720 -84.29 33.07 20.07
CA ALA L 1720 -84.08 32.89 18.64
C ALA L 1720 -84.05 31.41 18.29
N ARG L 1721 -84.84 31.03 17.29
CA ARG L 1721 -84.92 29.65 16.83
C ARG L 1721 -84.79 29.64 15.31
N VAL L 1722 -84.21 28.57 14.79
CA VAL L 1722 -84.04 28.43 13.36
C VAL L 1722 -85.38 28.10 12.71
N SER L 1723 -85.50 28.46 11.44
CA SER L 1723 -86.66 28.13 10.62
C SER L 1723 -86.15 27.64 9.28
N LYS L 1724 -87.03 26.94 8.56
CA LYS L 1724 -86.67 26.44 7.24
C LYS L 1724 -86.74 27.57 6.24
N ASP L 1725 -85.60 27.88 5.61
CA ASP L 1725 -85.57 28.93 4.60
C ASP L 1725 -86.29 28.45 3.34
N LYS L 1726 -87.19 29.29 2.83
CA LYS L 1726 -87.98 28.90 1.67
C LYS L 1726 -87.09 28.69 0.44
N LYS L 1727 -86.02 29.47 0.32
CA LYS L 1727 -85.15 29.38 -0.86
C LYS L 1727 -84.15 28.24 -0.73
N SER L 1728 -83.28 28.29 0.28
CA SER L 1728 -82.25 27.28 0.42
C SER L 1728 -82.82 25.96 0.90
N GLY L 1729 -83.90 26.01 1.68
CA GLY L 1729 -84.50 24.81 2.24
C GLY L 1729 -83.88 24.32 3.53
N SER L 1730 -82.74 24.87 3.92
CA SER L 1730 -82.06 24.47 5.14
C SER L 1730 -82.57 25.28 6.34
N LEU L 1731 -82.24 24.79 7.53
CA LEU L 1731 -82.65 25.44 8.77
C LEU L 1731 -81.63 26.54 9.09
N THR L 1732 -82.09 27.79 9.13
CA THR L 1732 -81.22 28.93 9.38
C THR L 1732 -81.95 29.92 10.28
N PHE L 1733 -81.19 30.83 10.86
CA PHE L 1733 -81.78 31.88 11.68
C PHE L 1733 -82.23 33.04 10.79
N ASN L 1734 -83.34 33.66 11.18
CA ASN L 1734 -83.96 34.73 10.41
C ASN L 1734 -84.07 35.98 11.27
N SER L 1735 -83.73 37.13 10.66
CA SER L 1735 -83.79 38.40 11.39
C SER L 1735 -85.22 38.69 11.84
N LYS L 1736 -86.21 38.31 11.03
CA LYS L 1736 -87.59 38.51 11.42
C LYS L 1736 -87.94 37.69 12.66
N ASN L 1737 -87.29 36.55 12.85
CA ASN L 1737 -87.53 35.69 13.99
C ASN L 1737 -86.61 35.99 15.17
N ILE L 1738 -85.60 36.83 15.00
CA ILE L 1738 -84.70 37.21 16.07
C ILE L 1738 -85.23 38.47 16.74
N GLN L 1739 -85.33 38.45 18.06
CA GLN L 1739 -85.81 39.59 18.86
C GLN L 1739 -87.20 40.03 18.41
N SER L 1740 -88.09 39.06 18.23
CA SER L 1740 -89.45 39.32 17.78
C SER L 1740 -90.43 39.09 18.93
N LYS L 1741 -91.49 39.90 18.96
CA LYS L 1741 -92.51 39.75 19.99
C LYS L 1741 -93.28 38.46 19.84
N ASP L 1742 -93.28 37.85 18.66
CA ASP L 1742 -93.98 36.58 18.46
C ASP L 1742 -93.35 35.49 19.32
N SER L 1743 -92.02 35.48 19.43
CA SER L 1743 -91.35 34.48 20.25
C SER L 1743 -91.74 34.60 21.72
N TYR L 1744 -91.86 35.83 22.20
CA TYR L 1744 -92.18 36.10 23.60
C TYR L 1744 -93.67 36.40 23.78
N1 FMN M . -23.31 21.04 101.07
C2 FMN M . -22.38 21.39 100.11
O2 FMN M . -21.30 20.79 100.06
N3 FMN M . -22.63 22.41 99.24
C4 FMN M . -23.83 23.07 99.31
O4 FMN M . -24.08 23.98 98.52
C4A FMN M . -24.77 22.71 100.27
N5 FMN M . -25.96 23.39 100.31
C5A FMN M . -26.90 23.06 101.25
C6 FMN M . -28.08 23.77 101.27
C7 FMN M . -29.06 23.48 102.20
C7M FMN M . -30.32 24.29 102.15
C8 FMN M . -28.85 22.45 103.12
C8M FMN M . -29.87 22.07 104.15
C9 FMN M . -27.65 21.73 103.10
C9A FMN M . -26.66 22.03 102.16
N10 FMN M . -25.46 21.32 102.11
C10 FMN M . -24.51 21.68 101.16
C1' FMN M . -25.16 20.21 103.09
C2' FMN M . -24.63 20.82 104.38
O2' FMN M . -23.77 21.88 104.04
C3' FMN M . -23.85 19.86 105.29
O3' FMN M . -22.84 19.23 104.52
C4' FMN M . -24.65 18.75 105.97
O4' FMN M . -24.80 17.71 105.02
C5' FMN M . -26.01 19.19 106.51
O5' FMN M . -26.58 18.16 107.30
P FMN M . -27.87 18.47 108.19
O1P FMN M . -28.91 19.12 107.31
O2P FMN M . -28.43 17.18 108.75
O3P FMN M . -27.51 19.39 109.33
C3 PKZ N . -61.21 71.02 37.93
C1 PKZ N . -60.29 72.94 36.60
C10 PKZ N . -62.46 64.43 39.29
C8 PKZ N . -62.08 66.86 38.62
C7 PKZ N . -60.89 67.68 38.18
C5 PKZ N . -59.67 69.46 39.31
C11 PKZ N . -63.00 64.21 37.93
C13 PKZ N . -64.36 62.65 36.43
C16 PKZ N . -63.14 59.15 36.35
C15 PKZ N . -64.03 60.23 36.80
C14 PKZ N . -64.15 61.30 35.83
O3A PKZ N . -52.73 82.10 41.47
P2A PKZ N . -53.98 81.73 40.80
O4A PKZ N . -54.83 80.60 41.19
O5A PKZ N . -54.81 83.05 40.38
O6A PKZ N . -53.30 81.16 39.27
CBP PKZ N . -53.24 78.88 38.37
CCP PKZ N . -52.54 80.11 39.08
CDP PKZ N . -52.32 78.33 37.36
CEP PKZ N . -53.57 77.82 39.37
CAP PKZ N . -54.58 79.34 37.65
OAP PKZ N . -55.41 80.01 38.51
C9P PKZ N . -54.35 80.28 36.38
O9P PKZ N . -53.99 81.42 36.37
N8P PKZ N . -54.53 79.68 35.14
C7P PKZ N . -54.93 78.27 35.00
C6P PKZ N . -56.42 77.97 34.96
C5P PKZ N . -56.86 76.87 33.99
O5P PKZ N . -56.33 76.70 32.94
N4P PKZ N . -57.97 76.03 34.37
C3P PKZ N . -58.51 74.95 33.58
C2P PKZ N . -58.36 73.62 34.32
S1P PKZ N . -58.73 73.80 36.15
O1 PKZ N . -61.13 72.83 35.79
C2 PKZ N . -60.45 72.36 37.98
C4 PKZ N . -60.97 70.18 39.15
C6 PKZ N . -59.88 68.00 39.23
C9 PKZ N . -61.62 65.66 39.45
C12 PKZ N . -63.66 62.87 37.74
N1 FMN O . 40.36 -75.41 62.23
C2 FMN O . 39.39 -74.44 62.24
O2 FMN O . 39.64 -73.33 62.69
N3 FMN O . 38.13 -74.71 61.75
C4 FMN O . 37.87 -75.96 61.23
O4 FMN O . 36.75 -76.21 60.78
C4A FMN O . 38.85 -76.94 61.22
N5 FMN O . 38.56 -78.18 60.71
C5A FMN O . 39.52 -79.16 60.69
C6 FMN O . 39.19 -80.40 60.18
C7 FMN O . 40.12 -81.42 60.14
C7M FMN O . 39.68 -82.74 59.57
C8 FMN O . 41.41 -81.19 60.63
C8M FMN O . 42.47 -82.24 60.64
C9 FMN O . 41.72 -79.94 61.16
C9A FMN O . 40.79 -78.91 61.20
N10 FMN O . 41.10 -77.65 61.71
C10 FMN O . 40.11 -76.67 61.72
C1' FMN O . 42.47 -77.34 62.27
C2' FMN O . 42.49 -77.88 63.70
O2' FMN O . 41.26 -77.56 64.32
C3' FMN O . 43.62 -77.29 64.55
O3' FMN O . 43.47 -75.89 64.59
C4' FMN O . 45.03 -77.62 64.08
O4' FMN O . 45.30 -76.93 62.88
C5' FMN O . 45.25 -79.12 63.87
O5' FMN O . 46.62 -79.40 63.77
P FMN O . 47.10 -80.93 63.65
O1P FMN O . 46.33 -81.56 62.51
O2P FMN O . 48.57 -80.98 63.34
O3P FMN O . 46.82 -81.66 64.93
C3 PKZ P . -25.65 -97.59 6.76
C1 PKZ P . -28.12 -97.23 6.94
C10 PKZ P . -19.22 -95.93 5.09
C8 PKZ P . -21.66 -96.51 5.53
C7 PKZ P . -22.82 -95.84 6.22
C5 PKZ P . -23.97 -96.37 8.29
C11 PKZ P . -19.62 -95.56 3.71
C13 PKZ P . -18.83 -95.07 1.33
C16 PKZ P . -16.25 -92.43 1.10
C15 PKZ P . -16.71 -93.82 1.14
C14 PKZ P . -18.08 -93.98 0.67
O3A PKZ P . -34.79 -98.53 17.84
P2A PKZ P . -34.56 -98.95 16.45
O4A PKZ P . -33.25 -99.19 15.87
O5A PKZ P . -35.69 -100.00 15.98
O6A PKZ P . -35.04 -97.44 15.63
CBP PKZ P . -33.65 -95.85 14.41
CCP PKZ P . -34.43 -96.28 15.71
CDP PKZ P . -33.90 -94.42 14.14
CEP PKZ P . -32.18 -96.04 14.62
CAP PKZ P . -34.10 -96.72 13.15
OAP PKZ P . -34.02 -98.06 13.41
C9P PKZ P . -35.59 -96.41 12.66
O9P PKZ P . -36.62 -96.70 13.20
N8P PKZ P . -35.70 -95.65 11.50
C7P PKZ P . -34.52 -95.18 10.75
C6P PKZ P . -33.97 -96.10 9.68
C5P PKZ P . -33.47 -95.43 8.40
O5P PKZ P . -33.99 -94.45 7.95
N4P PKZ P . -32.34 -95.99 7.73
C3P PKZ P . -31.74 -95.48 6.51
C2P PKZ P . -30.29 -95.07 6.75
S1P PKZ P . -29.41 -96.30 7.86
O1 PKZ P . -28.27 -97.41 5.80
C2 PKZ P . -26.89 -97.73 7.64
C4 PKZ P . -24.38 -97.60 7.54
C6 PKZ P . -22.76 -95.76 7.71
C9 PKZ P . -20.34 -95.99 6.09
C12 PKZ P . -18.47 -95.29 2.78
N1 FMN Q . 85.94 36.83 49.52
C2 FMN Q . 85.35 35.62 49.17
O2 FMN Q . 84.64 35.03 49.98
N3 FMN Q . 85.58 35.07 47.94
C4 FMN Q . 86.37 35.74 47.03
O4 FMN Q . 86.57 35.26 45.93
C4A FMN Q . 86.95 36.95 47.38
N5 FMN Q . 87.75 37.61 46.46
C5A FMN Q . 88.33 38.80 46.79
C6 FMN Q . 89.13 39.43 45.85
C7 FMN Q . 89.74 40.64 46.13
C7M FMN Q . 90.59 41.24 45.05
C8 FMN Q . 89.55 41.22 47.38
C8M FMN Q . 90.18 42.52 47.78
C9 FMN Q . 88.75 40.59 48.32
C9A FMN Q . 88.13 39.37 48.04
N10 FMN Q . 87.32 38.72 48.98
C10 FMN Q . 86.74 37.50 48.64
C1' FMN Q . 87.09 39.30 50.35
C2' FMN Q . 88.29 38.94 51.21
O2' FMN Q . 88.65 37.61 50.93
C3' FMN Q . 88.02 39.06 52.71
O3' FMN Q . 86.91 38.24 53.04
C4' FMN Q . 87.73 40.48 53.21
O4' FMN Q . 86.48 40.92 52.72
C5' FMN Q . 88.82 41.47 52.81
O5' FMN Q . 88.68 42.65 53.56
P FMN Q . 89.75 43.84 53.37
O1P FMN Q . 89.81 44.19 51.90
O2P FMN Q . 89.32 45.05 54.16
O3P FMN Q . 91.12 43.37 53.83
C3 PKZ R . 89.69 26.10 -38.82
C1 PKZ R . 90.01 24.03 -40.19
C10 PKZ R . 86.05 30.75 -35.37
C8 PKZ R . 87.29 29.06 -36.80
C7 PKZ R . 87.34 27.55 -36.88
C5 PKZ R . 89.10 25.99 -36.31
C11 PKZ R . 85.11 30.94 -36.50
C13 PKZ R . 83.29 32.41 -37.54
C16 PKZ R . 80.43 33.10 -35.29
C15 PKZ R . 81.69 33.43 -35.95
C14 PKZ R . 81.88 32.74 -37.22
O3A PKZ R . 98.21 14.62 -37.16
P2A PKZ R . 97.78 15.65 -38.12
O4A PKZ R . 97.39 17.01 -37.74
O5A PKZ R . 98.65 15.57 -39.47
O6A PKZ R . 96.21 14.95 -38.59
CBP PKZ R . 93.96 15.77 -38.11
CCP PKZ R . 95.16 14.78 -37.82
CDP PKZ R . 92.71 15.01 -38.07
CEP PKZ R . 93.91 16.84 -37.05
CAP PKZ R . 94.11 16.47 -39.53
OAP PKZ R . 95.35 17.06 -39.67
C9P PKZ R . 93.94 15.46 -40.76
O9P PKZ R . 94.68 14.59 -41.13
N8P PKZ R . 92.72 15.56 -41.45
C7P PKZ R . 91.69 16.55 -41.08
C6P PKZ R . 91.78 17.91 -41.74
C5P PKZ R . 90.43 18.55 -42.13
O5P PKZ R . 89.51 17.90 -42.52
N4P PKZ R . 90.31 19.98 -42.03
C3P PKZ R . 89.13 20.73 -42.37
C2P PKZ R . 88.60 21.48 -41.14
S1P PKZ R . 90.00 22.20 -40.12
O1 PKZ R . 89.60 24.56 -41.15
C2 PKZ R . 90.52 24.84 -39.04
C4 PKZ R . 89.81 26.65 -37.44
C6 PKZ R . 88.04 26.85 -35.76
C9 PKZ R . 86.85 29.50 -35.41
C12 PKZ R . 84.14 32.09 -36.34
N1 FMN S . 4.35 62.94 -84.90
C2 FMN S . 3.45 62.50 -83.96
O2 FMN S . 2.77 61.51 -84.20
N3 FMN S . 3.31 63.15 -82.75
C4 FMN S . 4.09 64.25 -82.50
O4 FMN S . 3.98 64.84 -81.43
C4A FMN S . 5.00 64.71 -83.45
N5 FMN S . 5.76 65.81 -83.17
C5A FMN S . 6.66 66.27 -84.09
C6 FMN S . 7.40 67.40 -83.79
C7 FMN S . 8.33 67.91 -84.70
C7M FMN S . 9.10 69.13 -84.29
C8 FMN S . 8.49 67.27 -85.92
C8M FMN S . 9.46 67.75 -86.96
C9 FMN S . 7.73 66.15 -86.23
C9A FMN S . 6.80 65.63 -85.32
N10 FMN S . 6.04 64.50 -85.60
C10 FMN S . 5.13 64.05 -84.66
C1' FMN S . 6.17 63.78 -86.92
C2' FMN S . 5.33 64.54 -87.95
O2' FMN S . 4.11 64.91 -87.33
C3' FMN S . 5.00 63.74 -89.19
O3' FMN S . 4.32 62.55 -88.81
C4' FMN S . 6.20 63.35 -90.05
O4' FMN S . 7.00 62.40 -89.37
C5' FMN S . 7.06 64.55 -90.44
O5' FMN S . 7.95 64.20 -91.46
P FMN S . 8.93 65.31 -92.08
O1P FMN S . 9.68 65.95 -90.93
O2P FMN S . 9.91 64.67 -93.03
O3P FMN S . 8.13 66.36 -92.81
C3 PKZ T . 22.89 98.38 -5.36
C1 PKZ T . 21.36 99.12 -3.51
C10 PKZ T . 26.65 93.86 -8.85
C8 PKZ T . 25.36 95.49 -7.40
C7 PKZ T . 23.97 95.53 -6.79
C5 PKZ T . 22.04 96.91 -7.32
C11 PKZ T . 27.34 93.41 -7.62
C13 PKZ T . 29.35 92.14 -6.67
C16 PKZ T . 29.70 88.68 -7.93
C15 PKZ T . 30.03 90.10 -7.89
C14 PKZ T . 29.77 90.73 -6.60
O3A PKZ T . 10.31 105.37 -5.43
P2A PKZ T . 11.65 105.35 -4.83
O4A PKZ T . 11.88 106.65 -3.91
O5A PKZ T . 12.85 104.90 -5.52
O6A PKZ T . 11.40 104.05 -3.65
CBP PKZ T . 12.36 101.80 -3.62
CCP PKZ T . 11.15 102.78 -3.90
CDP PKZ T . 11.84 100.59 -2.96
CEP PKZ T . 13.01 101.40 -4.90
CAP PKZ T . 13.45 102.48 -2.69
OAP PKZ T . 13.86 103.70 -3.18
C9P PKZ T . 12.96 102.74 -1.19
O9P PKZ T . 12.15 103.54 -0.80
N8P PKZ T . 13.46 101.86 -0.23
C7P PKZ T . 14.43 100.79 -0.57
C6P PKZ T . 15.91 101.16 -0.52
C5P PKZ T . 16.84 100.07 0.03
O5P PKZ T . 16.50 99.34 0.91
N4P PKZ T . 18.16 99.97 -0.53
C3P PKZ T . 19.15 99.00 -0.13
C2P PKZ T . 19.52 98.09 -1.30
S1P PKZ T . 19.62 99.04 -2.91
O1 PKZ T . 22.24 99.10 -2.74
C2 PKZ T . 21.64 99.20 -4.99
C4 PKZ T . 22.93 98.01 -6.81
C6 PKZ T . 22.83 95.75 -7.74
C9 PKZ T . 25.37 94.60 -8.63
C12 PKZ T . 28.52 92.50 -7.86
N1 FMN U . -10.21 -57.95 -87.92
C2 FMN U . -9.72 -56.72 -87.53
O2 FMN U . -10.45 -55.72 -87.61
N3 FMN U . -8.44 -56.59 -87.05
C4 FMN U . -7.65 -57.71 -86.96
O4 FMN U . -6.50 -57.61 -86.52
C4A FMN U . -8.13 -58.94 -87.35
N5 FMN U . -7.31 -60.05 -87.26
C5A FMN U . -7.78 -61.28 -87.65
C6 FMN U . -6.92 -62.36 -87.54
C7 FMN U . -7.34 -63.62 -87.92
C7M FMN U . -6.35 -64.75 -87.77
C8 FMN U . -8.63 -63.80 -88.41
C8M FMN U . -9.16 -65.13 -88.85
C9 FMN U . -9.48 -62.70 -88.52
C9A FMN U . -9.07 -61.43 -88.14
N10 FMN U . -9.91 -60.32 -88.23
C10 FMN U . -9.42 -59.08 -87.84
C1' FMN U . -11.31 -60.44 -88.78
C2' FMN U . -11.22 -60.44 -90.29
O2' FMN U . -10.27 -59.47 -90.69
C3' FMN U . -12.54 -60.12 -90.99
O3' FMN U . -13.00 -58.86 -90.53
C4' FMN U . -13.64 -61.15 -90.77
O4' FMN U . -14.08 -61.12 -89.43
C5' FMN U . -13.21 -62.57 -91.15
O5' FMN U . -14.34 -63.40 -91.25
P FMN U . -14.16 -64.93 -91.70
O1P FMN U . -13.16 -65.57 -90.77
O2P FMN U . -15.48 -65.65 -91.60
O3P FMN U . -13.65 -64.99 -93.11
C3 PKZ V . 63.25 -68.76 -38.74
C1 PKZ V . 65.33 -67.36 -38.58
C10 PKZ V . 56.87 -70.61 -37.11
C8 PKZ V . 59.29 -69.94 -37.53
C7 PKZ V . 60.02 -68.65 -37.84
C5 PKZ V . 61.11 -67.88 -39.87
C11 PKZ V . 57.20 -70.63 -35.66
C13 PKZ V . 56.47 -71.39 -33.33
C16 PKZ V . 53.04 -70.33 -32.40
C15 PKZ V . 54.03 -71.29 -32.88
C14 PKZ V . 55.38 -71.02 -32.38
O3A PKZ V . 71.05 -61.83 -48.67
P2A PKZ V . 71.12 -62.76 -47.53
O4A PKZ V . 72.63 -63.34 -47.38
O5A PKZ V . 70.08 -63.72 -47.18
O6A PKZ V . 70.99 -61.59 -46.21
CBP PKZ V . 69.17 -61.27 -44.61
CCP PKZ V . 69.96 -60.84 -45.92
CDP PKZ V . 68.82 -60.06 -43.84
CEP PKZ V . 67.90 -61.97 -45.00
CAP PKZ V . 70.03 -62.25 -43.71
OAP PKZ V . 70.51 -63.32 -44.44
C9P PKZ V . 71.29 -61.54 -43.03
O9P PKZ V . 72.31 -61.17 -43.56
N8P PKZ V . 71.18 -61.27 -41.68
C7P PKZ V . 69.97 -61.64 -40.90
C6P PKZ V . 69.94 -63.01 -40.27
C5P PKZ V . 69.30 -63.10 -38.88
O5P PKZ V . 69.40 -62.24 -38.08
N4P PKZ V . 68.57 -64.29 -38.54
C3P PKZ V . 67.92 -64.54 -37.27
C2P PKZ V . 66.41 -64.71 -37.48
S1P PKZ V . 66.03 -65.71 -39.02
O1 PKZ V . 65.64 -67.86 -37.57
C2 PKZ V . 64.37 -68.04 -39.51
C4 PKZ V . 62.04 -69.01 -39.56
C6 PKZ V . 59.80 -68.09 -39.21
C9 PKZ V . 57.84 -69.85 -37.97
C12 PKZ V . 56.12 -71.21 -34.79
N1 FMN W . -97.17 12.58 -39.98
C2 FMN W . -96.13 11.68 -40.02
O2 FMN W . -95.30 11.75 -40.93
N3 FMN W . -96.01 10.69 -39.08
C4 FMN W . -96.94 10.63 -38.06
O4 FMN W . -96.84 9.76 -37.20
C4A FMN W . -97.98 11.53 -38.01
N5 FMN W . -98.90 11.45 -37.00
C5A FMN W . -99.95 12.33 -36.93
C6 FMN W . -100.85 12.20 -35.89
C7 FMN W . -101.92 13.07 -35.78
C7M FMN W . -102.86 12.87 -34.63
C8 FMN W . -102.08 14.08 -36.72
C8M FMN W . -103.22 15.06 -36.68
C9 FMN W . -101.17 14.20 -37.77
C9A FMN W . -100.08 13.33 -37.88
N10 FMN W . -99.16 13.43 -38.92
C10 FMN W . -98.11 12.53 -38.97
C1' FMN W . -99.28 14.50 -39.98
C2' FMN W . -100.27 14.00 -41.02
O2' FMN W . -100.01 12.64 -41.28
C3' FMN W . -100.18 14.76 -42.35
O3' FMN W . -98.87 14.65 -42.84
C4' FMN W . -100.55 16.24 -42.28
O4' FMN W . -99.59 16.95 -41.54
C5' FMN W . -101.94 16.46 -41.68
O5' FMN W . -102.36 17.79 -41.93
P FMN W . -103.82 18.26 -41.45
O1P FMN W . -103.95 17.94 -39.97
O2P FMN W . -103.96 19.74 -41.66
O3P FMN W . -104.88 17.52 -42.23
C3 PKZ X . -89.00 -29.13 38.24
C1 PKZ X . -88.33 -31.48 38.77
C10 PKZ X . -87.91 -22.50 36.96
C8 PKZ X . -88.22 -24.93 37.60
C7 PKZ X . -87.64 -26.25 37.14
C5 PKZ X . -88.63 -28.09 35.90
C11 PKZ X . -87.05 -22.35 38.16
C13 PKZ X . -85.94 -20.73 39.78
C16 PKZ X . -83.80 -18.17 38.16
C15 PKZ X . -85.03 -18.64 38.79
C14 PKZ X . -84.82 -19.76 39.71
O3A PKZ X . -92.10 -41.70 31.96
P2A PKZ X . -92.06 -40.99 33.26
O4A PKZ X . -92.71 -41.91 34.41
O5A PKZ X . -92.30 -39.56 33.42
O6A PKZ X . -90.31 -41.10 33.56
CBP PKZ X . -88.65 -39.31 33.58
CCP PKZ X . -89.35 -40.54 32.87
CDP PKZ X . -87.19 -39.41 33.38
CEP PKZ X . -89.13 -38.02 32.99
CAP PKZ X . -88.96 -39.29 35.14
OAP PKZ X . -90.32 -39.35 35.39
C9P PKZ X . -88.29 -40.50 35.95
O9P PKZ X . -88.57 -41.65 35.93
N8P PKZ X . -87.17 -40.15 36.72
C7P PKZ X . -86.68 -38.76 36.81
C6P PKZ X . -87.27 -37.89 37.90
C5P PKZ X . -86.29 -36.94 38.60
O5P PKZ X . -85.16 -37.24 38.80
N4P PKZ X . -86.77 -35.65 39.03
C3P PKZ X . -85.99 -34.65 39.69
C2P PKZ X . -85.92 -33.37 38.85
S1P PKZ X . -87.57 -32.99 38.04
O1 PKZ X . -88.10 -31.21 39.87
C2 PKZ X . -89.22 -30.61 37.92
C4 PKZ X . -89.47 -28.21 37.14
C6 PKZ X . -88.07 -26.74 35.79
C9 PKZ X . -88.12 -23.90 36.49
C12 PKZ X . -86.67 -20.93 38.49
#